data_9RP0
#
_entry.id   9RP0
#
_cell.length_a   62.885
_cell.length_b   98.722
_cell.length_c   105.862
_cell.angle_alpha   90.00
_cell.angle_beta   90.00
_cell.angle_gamma   90.00
#
_symmetry.space_group_name_H-M   'P 21 21 21'
#
loop_
_entity.id
_entity.type
_entity.pdbx_description
1 polymer 'Cyclooctat-9-en-7-ol synthase'
2 non-polymer 'MAGNESIUM ION'
3 non-polymer PYROPHOSPHATE
4 non-polymer 2-fluoro-3,7,18-dolabellatriene
5 non-polymer (4S)-2-METHYL-2,4-PENTANEDIOL
6 non-polymer 'CHLORIDE ION'
7 non-polymer ACETONITRILE
8 non-polymer 'NONAETHYLENE GLYCOL'
9 non-polymer 'POTASSIUM ION'
10 water water
#
_entity_poly.entity_id   1
_entity_poly.type   'polypeptide(L)'
_entity_poly.pdbx_seq_one_letter_code
;MTTGLSTAGAQDIGRSSVRPYLEECTRRFQEMFDRHVVTRPTKVELTDAELREVIDDCNAAVAPLGKTVSDERWISYVGV
VLWSQSPRHIKDMEAFKAVCVLNCVTFVWDDMDPALHDFGLFLPQLRKICEKYYGPEDAEVAYEAARAFVTSDHMFRDSP
IKAALCTTSPEQYFRFRVTDIGVDFWMKMSYPIYRHPEFTEHAKTSLAARMTTRGLTIVNDFYSYDREVSLGQITNCFRL
CDVSDETAFKEFFQARLDDMIEDIECIKAFDQLTQDVFLDLIYGNFVWTTSNKRYKTAVNDVNSRIQAAALEHHHHHH
;
_entity_poly.pdbx_strand_id   A,B
#
# COMPACT_ATOMS: atom_id res chain seq x y z
N GLY A 14 17.94 5.50 30.31
CA GLY A 14 16.69 4.82 30.59
C GLY A 14 15.99 4.30 29.36
N ARG A 15 15.68 5.19 28.42
CA ARG A 15 15.06 4.77 27.18
C ARG A 15 16.09 4.19 26.20
N SER A 16 17.32 3.99 26.65
CA SER A 16 18.40 3.47 25.83
C SER A 16 18.18 2.02 25.39
N SER A 17 17.34 1.24 26.07
CA SER A 17 17.42 -0.20 25.86
C SER A 17 16.10 -0.89 26.17
N VAL A 18 15.85 -2.00 25.46
CA VAL A 18 14.79 -2.94 25.78
C VAL A 18 15.36 -4.28 26.26
N ARG A 19 16.68 -4.34 26.54
CA ARG A 19 17.28 -5.55 27.09
C ARG A 19 16.51 -6.18 28.23
N PRO A 20 16.06 -5.46 29.27
CA PRO A 20 15.37 -6.13 30.38
C PRO A 20 14.23 -7.03 29.95
N TYR A 21 13.47 -6.63 28.92
CA TYR A 21 12.28 -7.34 28.48
C TYR A 21 12.58 -8.41 27.44
N LEU A 22 13.86 -8.66 27.14
CA LEU A 22 14.21 -9.56 26.04
C LEU A 22 13.55 -10.93 26.20
N GLU A 23 13.72 -11.57 27.36
CA GLU A 23 13.21 -12.92 27.54
C GLU A 23 11.69 -12.97 27.54
N GLU A 24 11.05 -12.07 28.31
CA GLU A 24 9.58 -12.04 28.36
C GLU A 24 8.98 -11.80 26.99
N CYS A 25 9.47 -10.79 26.27
CA CYS A 25 8.91 -10.48 24.96
C CYS A 25 9.13 -11.63 23.98
N THR A 26 10.31 -12.26 24.01
CA THR A 26 10.54 -13.40 23.15
C THR A 26 9.53 -14.50 23.43
N ARG A 27 9.38 -14.85 24.71
CA ARG A 27 8.35 -15.79 25.15
C ARG A 27 6.97 -15.42 24.60
N ARG A 28 6.58 -14.15 24.74
CA ARG A 28 5.22 -13.77 24.37
C ARG A 28 5.00 -13.83 22.86
N PHE A 29 5.96 -13.35 22.07
CA PHE A 29 5.93 -13.54 20.62
C PHE A 29 5.69 -15.00 20.27
N GLN A 30 6.49 -15.89 20.84
CA GLN A 30 6.38 -17.29 20.47
C GLN A 30 5.02 -17.86 20.87
N GLU A 31 4.53 -17.54 22.07
CA GLU A 31 3.23 -18.03 22.49
C GLU A 31 2.14 -17.56 21.54
N MET A 32 2.24 -16.31 21.09
CA MET A 32 1.26 -15.77 20.15
C MET A 32 1.26 -16.58 18.86
N PHE A 33 2.45 -16.84 18.30
CA PHE A 33 2.53 -17.65 17.08
C PHE A 33 1.98 -19.06 17.28
N ASP A 34 2.26 -19.68 18.43
CA ASP A 34 1.82 -21.07 18.62
C ASP A 34 0.31 -21.16 18.68
N ARG A 35 -0.34 -20.11 19.19
CA ARG A 35 -1.78 -20.13 19.37
C ARG A 35 -2.54 -19.66 18.14
N HIS A 36 -1.90 -18.88 17.27
CA HIS A 36 -2.58 -18.28 16.13
C HIS A 36 -2.08 -18.80 14.78
N VAL A 37 -0.78 -19.05 14.62
CA VAL A 37 -0.22 -19.58 13.39
C VAL A 37 -0.11 -21.10 13.44
N VAL A 38 0.37 -21.64 14.57
CA VAL A 38 0.42 -23.06 14.84
C VAL A 38 1.57 -23.72 14.06
N THR A 39 1.46 -23.74 12.73
CA THR A 39 2.41 -24.43 11.88
C THR A 39 3.74 -23.67 11.89
N ARG A 40 4.85 -24.38 12.14
CA ARG A 40 6.15 -23.74 12.30
C ARG A 40 6.78 -23.44 10.93
N PRO A 41 7.58 -22.36 10.81
CA PRO A 41 8.31 -22.14 9.56
C PRO A 41 9.15 -23.37 9.22
N THR A 42 9.39 -23.58 7.94
CA THR A 42 10.36 -24.58 7.52
C THR A 42 11.48 -23.92 6.74
N LYS A 43 12.72 -24.29 7.07
CA LYS A 43 13.86 -23.71 6.40
C LYS A 43 14.05 -24.38 5.05
N VAL A 44 14.47 -23.59 4.06
CA VAL A 44 14.91 -24.10 2.77
C VAL A 44 16.37 -24.53 2.91
N GLU A 45 16.67 -25.75 2.45
CA GLU A 45 18.04 -26.25 2.39
C GLU A 45 18.56 -26.14 0.97
N LEU A 46 18.98 -24.94 0.57
CA LEU A 46 19.73 -24.74 -0.67
C LEU A 46 20.90 -25.70 -0.78
N THR A 47 21.03 -26.35 -1.94
CA THR A 47 22.21 -27.15 -2.17
C THR A 47 23.45 -26.26 -2.25
N ASP A 48 24.59 -26.90 -2.53
CA ASP A 48 25.83 -26.14 -2.62
C ASP A 48 25.87 -25.31 -3.88
N ALA A 49 25.72 -25.97 -5.04
CA ALA A 49 25.65 -25.25 -6.31
C ALA A 49 24.69 -24.06 -6.21
N GLU A 50 23.55 -24.24 -5.54
CA GLU A 50 22.62 -23.13 -5.33
C GLU A 50 23.25 -22.06 -4.43
N LEU A 51 23.87 -22.47 -3.32
CA LEU A 51 24.34 -21.50 -2.34
C LEU A 51 25.53 -20.69 -2.87
N ARG A 52 26.49 -21.37 -3.50
CA ARG A 52 27.65 -20.68 -4.04
C ARG A 52 27.23 -19.71 -5.13
N GLU A 53 26.29 -20.11 -5.99
CA GLU A 53 25.78 -19.19 -7.00
C GLU A 53 25.25 -17.92 -6.35
N VAL A 54 24.54 -18.08 -5.23
CA VAL A 54 23.90 -16.93 -4.59
C VAL A 54 24.96 -15.95 -4.08
N ILE A 55 25.95 -16.45 -3.36
CA ILE A 55 26.96 -15.59 -2.77
C ILE A 55 27.82 -14.94 -3.85
N ASP A 56 28.30 -15.71 -4.83
CA ASP A 56 29.03 -15.12 -5.95
C ASP A 56 28.22 -14.01 -6.60
N ASP A 57 26.92 -14.25 -6.80
CA ASP A 57 26.03 -13.25 -7.40
C ASP A 57 25.94 -11.99 -6.53
N CYS A 58 25.84 -12.16 -5.21
CA CYS A 58 25.81 -11.01 -4.32
C CYS A 58 27.09 -10.21 -4.40
N ASN A 59 28.24 -10.90 -4.44
CA ASN A 59 29.52 -10.21 -4.48
C ASN A 59 29.69 -9.45 -5.79
N ALA A 60 29.29 -10.05 -6.91
CA ALA A 60 29.35 -9.34 -8.18
C ALA A 60 28.48 -8.10 -8.16
N ALA A 61 27.33 -8.16 -7.47
CA ALA A 61 26.38 -7.05 -7.52
C ALA A 61 26.90 -5.83 -6.75
N VAL A 62 27.53 -6.05 -5.59
CA VAL A 62 27.96 -4.92 -4.78
C VAL A 62 29.41 -4.54 -5.05
N ALA A 63 30.14 -5.33 -5.84
CA ALA A 63 31.50 -4.95 -6.16
C ALA A 63 31.61 -3.55 -6.76
N PRO A 64 30.72 -3.10 -7.65
CA PRO A 64 30.88 -1.72 -8.19
C PRO A 64 30.80 -0.64 -7.14
N LEU A 65 30.25 -0.94 -5.95
CA LEU A 65 30.22 0.02 -4.85
C LEU A 65 31.51 0.04 -4.05
N GLY A 66 32.45 -0.85 -4.36
CA GLY A 66 33.72 -0.90 -3.67
C GLY A 66 33.64 -1.08 -2.17
N LYS A 67 33.14 -2.22 -1.69
CA LYS A 67 33.18 -2.60 -0.28
C LYS A 67 33.07 -4.11 -0.16
N THR A 68 33.85 -4.67 0.76
CA THR A 68 33.86 -6.10 1.00
C THR A 68 32.71 -6.52 1.90
N VAL A 69 32.06 -7.63 1.55
CA VAL A 69 31.05 -8.24 2.39
C VAL A 69 31.44 -9.69 2.62
N SER A 70 31.57 -10.08 3.89
CA SER A 70 32.03 -11.43 4.24
C SER A 70 30.94 -12.47 4.01
N ASP A 71 31.37 -13.71 3.84
CA ASP A 71 30.44 -14.83 3.74
C ASP A 71 29.47 -14.87 4.91
N GLU A 72 29.98 -14.70 6.15
CA GLU A 72 29.08 -14.78 7.30
C GLU A 72 28.10 -13.60 7.34
N ARG A 73 28.48 -12.45 6.79
CA ARG A 73 27.52 -11.36 6.68
C ARG A 73 26.46 -11.68 5.63
N TRP A 74 26.85 -12.20 4.45
CA TRP A 74 25.86 -12.64 3.48
C TRP A 74 24.91 -13.67 4.09
N ILE A 75 25.46 -14.63 4.84
CA ILE A 75 24.63 -15.69 5.39
C ILE A 75 23.62 -15.12 6.37
N SER A 76 24.01 -14.12 7.18
CA SER A 76 23.04 -13.55 8.09
C SER A 76 21.91 -12.87 7.33
N TYR A 77 22.25 -12.14 6.26
CA TYR A 77 21.21 -11.50 5.44
C TYR A 77 20.30 -12.54 4.79
N VAL A 78 20.88 -13.59 4.22
CA VAL A 78 20.09 -14.52 3.40
C VAL A 78 19.15 -15.36 4.25
N GLY A 79 19.43 -15.50 5.55
CA GLY A 79 18.62 -16.38 6.38
C GLY A 79 17.15 -16.03 6.40
N VAL A 80 16.80 -14.75 6.23
CA VAL A 80 15.38 -14.40 6.24
C VAL A 80 14.67 -15.06 5.08
N VAL A 81 15.34 -15.16 3.92
CA VAL A 81 14.72 -15.83 2.78
C VAL A 81 14.61 -17.32 3.03
N LEU A 82 15.66 -17.92 3.62
CA LEU A 82 15.67 -19.36 3.84
C LEU A 82 14.58 -19.77 4.81
N TRP A 83 14.27 -18.91 5.80
CA TRP A 83 13.34 -19.21 6.88
C TRP A 83 11.93 -18.70 6.63
N SER A 84 11.74 -17.70 5.78
CA SER A 84 10.49 -16.97 5.75
C SER A 84 9.76 -17.07 4.42
N GLN A 85 10.19 -17.96 3.52
CA GLN A 85 9.38 -18.32 2.37
C GLN A 85 8.50 -19.49 2.80
N SER A 86 7.94 -20.22 1.84
CA SER A 86 6.95 -21.25 2.14
C SER A 86 7.33 -22.51 1.35
N PRO A 87 8.35 -23.24 1.81
CA PRO A 87 9.00 -24.23 0.92
C PRO A 87 8.08 -25.24 0.29
N ARG A 88 7.09 -25.77 1.02
CA ARG A 88 6.32 -26.85 0.45
C ARG A 88 5.41 -26.35 -0.67
N HIS A 89 5.41 -25.04 -0.94
CA HIS A 89 4.68 -24.48 -2.05
C HIS A 89 5.58 -23.93 -3.14
N ILE A 90 6.90 -24.04 -3.01
CA ILE A 90 7.80 -23.48 -4.01
C ILE A 90 7.69 -24.25 -5.32
N LYS A 91 7.60 -23.52 -6.43
CA LYS A 91 7.58 -24.10 -7.75
C LYS A 91 8.81 -23.76 -8.58
N ASP A 92 9.36 -22.56 -8.42
CA ASP A 92 10.46 -22.10 -9.26
C ASP A 92 11.63 -21.71 -8.37
N MET A 93 12.69 -22.53 -8.37
CA MET A 93 13.87 -22.27 -7.56
C MET A 93 14.77 -21.19 -8.16
N GLU A 94 14.63 -20.88 -9.45
CA GLU A 94 15.37 -19.74 -9.97
C GLU A 94 14.85 -18.44 -9.35
N ALA A 95 13.54 -18.30 -9.24
CA ALA A 95 12.96 -17.14 -8.56
C ALA A 95 13.39 -17.09 -7.09
N PHE A 96 13.42 -18.24 -6.41
CA PHE A 96 13.90 -18.28 -5.03
C PHE A 96 15.34 -17.77 -4.93
N LYS A 97 16.24 -18.28 -5.77
CA LYS A 97 17.62 -17.79 -5.75
C LYS A 97 17.66 -16.28 -6.00
N ALA A 98 16.81 -15.78 -6.89
CA ALA A 98 16.76 -14.35 -7.14
C ALA A 98 16.38 -13.57 -5.88
N VAL A 99 15.39 -14.06 -5.15
CA VAL A 99 14.98 -13.36 -3.93
C VAL A 99 16.11 -13.39 -2.91
N CYS A 100 16.86 -14.51 -2.84
CA CYS A 100 18.05 -14.55 -1.99
C CYS A 100 19.02 -13.42 -2.34
N VAL A 101 19.36 -13.30 -3.62
CA VAL A 101 20.37 -12.32 -4.04
C VAL A 101 19.85 -10.89 -3.84
N LEU A 102 18.66 -10.61 -4.33
CA LEU A 102 18.09 -9.26 -4.22
C LEU A 102 17.89 -8.86 -2.77
N ASN A 103 17.39 -9.77 -1.95
CA ASN A 103 17.28 -9.49 -0.53
C ASN A 103 18.62 -9.08 0.06
N CYS A 104 19.67 -9.84 -0.25
CA CYS A 104 20.96 -9.63 0.37
C CYS A 104 21.59 -8.33 -0.07
N VAL A 105 21.58 -8.05 -1.38
CA VAL A 105 22.33 -6.87 -1.83
C VAL A 105 21.62 -5.59 -1.40
N THR A 106 20.29 -5.60 -1.26
CA THR A 106 19.61 -4.42 -0.74
C THR A 106 19.72 -4.30 0.78
N PHE A 107 19.96 -5.42 1.49
CA PHE A 107 20.36 -5.35 2.88
C PHE A 107 21.67 -4.59 3.04
N VAL A 108 22.65 -4.86 2.16
CA VAL A 108 23.90 -4.11 2.19
C VAL A 108 23.63 -2.62 2.01
N TRP A 109 22.79 -2.29 1.03
CA TRP A 109 22.38 -0.89 0.82
C TRP A 109 21.77 -0.30 2.09
N ASP A 110 20.93 -1.08 2.79
CA ASP A 110 20.32 -0.64 4.04
C ASP A 110 21.37 -0.31 5.09
N ASP A 111 22.44 -1.11 5.14
CA ASP A 111 23.51 -0.95 6.10
C ASP A 111 24.54 0.07 5.69
N MET A 112 24.47 0.60 4.46
CA MET A 112 25.47 1.51 3.95
C MET A 112 25.16 2.94 4.35
N ASP A 113 26.11 3.58 4.98
CA ASP A 113 25.97 5.01 5.21
C ASP A 113 25.97 5.73 3.86
N PRO A 114 25.17 6.80 3.70
CA PRO A 114 24.61 7.10 2.37
C PRO A 114 25.56 7.78 1.38
N ALA A 115 26.82 8.03 1.74
CA ALA A 115 27.78 8.50 0.74
C ALA A 115 28.07 7.42 -0.29
N LEU A 116 27.93 6.15 0.10
CA LEU A 116 28.28 5.02 -0.76
C LEU A 116 27.25 4.73 -1.84
N HIS A 117 26.04 5.27 -1.75
CA HIS A 117 24.91 4.87 -2.60
C HIS A 117 25.05 5.42 -4.01
N ASP A 118 25.66 4.65 -4.92
CA ASP A 118 25.81 5.09 -6.31
C ASP A 118 24.81 4.34 -7.18
N PHE A 119 23.77 5.06 -7.58
CA PHE A 119 22.69 4.47 -8.36
C PHE A 119 23.18 4.03 -9.75
N GLY A 120 24.07 4.82 -10.37
CA GLY A 120 24.55 4.48 -11.69
C GLY A 120 25.37 3.21 -11.74
N LEU A 121 25.96 2.83 -10.62
CA LEU A 121 26.71 1.58 -10.55
C LEU A 121 25.86 0.43 -10.04
N PHE A 122 24.92 0.69 -9.12
CA PHE A 122 24.17 -0.41 -8.53
C PHE A 122 22.93 -0.77 -9.32
N LEU A 123 22.21 0.19 -9.88
CA LEU A 123 20.98 -0.16 -10.58
C LEU A 123 21.21 -1.13 -11.73
N PRO A 124 22.25 -0.98 -12.57
CA PRO A 124 22.50 -2.04 -13.59
C PRO A 124 22.72 -3.41 -12.99
N GLN A 125 23.35 -3.50 -11.81
CA GLN A 125 23.52 -4.80 -11.17
C GLN A 125 22.16 -5.43 -10.84
N LEU A 126 21.24 -4.65 -10.27
CA LEU A 126 19.91 -5.17 -9.97
C LEU A 126 19.20 -5.63 -11.23
N ARG A 127 19.28 -4.82 -12.29
CA ARG A 127 18.63 -5.16 -13.56
C ARG A 127 19.12 -6.50 -14.08
N LYS A 128 20.43 -6.73 -14.02
CA LYS A 128 20.98 -7.96 -14.59
C LYS A 128 20.66 -9.16 -13.71
N ILE A 129 20.63 -8.98 -12.38
CA ILE A 129 20.13 -10.04 -11.52
C ILE A 129 18.70 -10.39 -11.89
N CYS A 130 17.85 -9.36 -12.03
CA CYS A 130 16.44 -9.62 -12.29
C CYS A 130 16.23 -10.32 -13.62
N GLU A 131 16.99 -9.95 -14.64
CA GLU A 131 16.75 -10.55 -15.95
C GLU A 131 17.26 -11.99 -15.99
N LYS A 132 18.40 -12.26 -15.33
CA LYS A 132 18.96 -13.60 -15.34
C LYS A 132 17.99 -14.64 -14.76
N TYR A 133 17.38 -14.34 -13.60
CA TYR A 133 16.65 -15.37 -12.87
C TYR A 133 15.15 -15.43 -13.19
N TYR A 134 14.56 -14.33 -13.66
CA TYR A 134 13.14 -14.25 -13.95
C TYR A 134 12.90 -14.24 -15.46
N GLY A 135 11.65 -14.52 -15.84
CA GLY A 135 11.22 -14.30 -17.20
C GLY A 135 11.23 -12.82 -17.54
N PRO A 136 10.77 -12.49 -18.75
CA PRO A 136 10.74 -11.06 -19.14
C PRO A 136 9.73 -10.21 -18.37
N GLU A 137 8.50 -10.69 -18.16
CA GLU A 137 7.53 -9.86 -17.44
C GLU A 137 7.94 -9.70 -15.97
N ASP A 138 8.22 -10.82 -15.31
CA ASP A 138 8.50 -10.78 -13.88
C ASP A 138 9.79 -10.03 -13.58
N ALA A 139 10.76 -10.06 -14.50
CA ALA A 139 12.00 -9.31 -14.28
C ALA A 139 11.73 -7.82 -14.15
N GLU A 140 10.78 -7.31 -14.93
CA GLU A 140 10.43 -5.89 -14.84
C GLU A 140 9.79 -5.56 -13.49
N VAL A 141 8.90 -6.42 -13.01
CA VAL A 141 8.24 -6.15 -11.74
C VAL A 141 9.25 -6.22 -10.61
N ALA A 142 10.09 -7.25 -10.62
CA ALA A 142 11.10 -7.37 -9.57
C ALA A 142 12.07 -6.20 -9.59
N TYR A 143 12.50 -5.77 -10.78
CA TYR A 143 13.46 -4.65 -10.84
C TYR A 143 12.83 -3.34 -10.36
N GLU A 144 11.61 -3.05 -10.79
CA GLU A 144 10.98 -1.80 -10.32
C GLU A 144 10.84 -1.80 -8.80
N ALA A 145 10.43 -2.93 -8.22
CA ALA A 145 10.31 -3.01 -6.76
C ALA A 145 11.67 -2.81 -6.08
N ALA A 146 12.74 -3.44 -6.60
CA ALA A 146 14.07 -3.25 -6.02
C ALA A 146 14.53 -1.80 -6.14
N ARG A 147 14.35 -1.22 -7.33
CA ARG A 147 14.67 0.19 -7.56
C ARG A 147 13.91 1.10 -6.60
N ALA A 148 12.60 0.89 -6.46
CA ALA A 148 11.81 1.69 -5.53
C ALA A 148 12.32 1.56 -4.10
N PHE A 149 12.69 0.35 -3.68
CA PHE A 149 13.18 0.19 -2.32
C PHE A 149 14.48 0.97 -2.08
N VAL A 150 15.50 0.76 -2.92
CA VAL A 150 16.79 1.39 -2.65
C VAL A 150 16.67 2.90 -2.77
N THR A 151 15.87 3.37 -3.72
CA THR A 151 15.63 4.80 -3.84
C THR A 151 14.96 5.35 -2.59
N SER A 152 13.97 4.62 -2.07
CA SER A 152 13.29 5.07 -0.86
C SER A 152 14.23 5.07 0.33
N ASP A 153 15.01 3.99 0.51
CA ASP A 153 15.96 3.98 1.61
C ASP A 153 16.91 5.17 1.51
N HIS A 154 17.36 5.50 0.30
CA HIS A 154 18.29 6.61 0.15
C HIS A 154 17.59 7.95 0.39
N MET A 155 16.47 8.18 -0.30
CA MET A 155 15.91 9.53 -0.25
C MET A 155 15.34 9.83 1.12
N PHE A 156 15.15 8.83 1.97
CA PHE A 156 14.58 9.13 3.27
C PHE A 156 15.60 9.22 4.41
N ARG A 157 16.90 9.07 4.13
CA ARG A 157 17.90 9.27 5.19
C ARG A 157 17.81 10.70 5.71
N ASP A 158 17.51 10.84 7.01
CA ASP A 158 16.92 12.06 7.62
C ASP A 158 16.17 13.00 6.64
N SER A 159 15.17 12.45 5.93
CA SER A 159 14.14 13.31 5.30
C SER A 159 13.10 13.75 6.33
N PRO A 160 12.50 14.95 6.16
CA PRO A 160 11.40 15.33 7.07
C PRO A 160 10.20 14.41 7.04
N ILE A 161 9.92 13.80 5.89
CA ILE A 161 8.80 12.86 5.82
C ILE A 161 9.03 11.72 6.81
N LYS A 162 10.21 11.10 6.75
CA LYS A 162 10.51 10.06 7.74
C LYS A 162 10.38 10.63 9.14
N ALA A 163 10.81 11.88 9.35
CA ALA A 163 10.61 12.50 10.66
C ALA A 163 9.15 12.38 11.10
N ALA A 164 8.23 12.95 10.32
CA ALA A 164 6.83 13.00 10.75
C ALA A 164 6.26 11.59 10.92
N LEU A 165 6.55 10.68 9.98
CA LEU A 165 5.85 9.40 9.97
C LEU A 165 6.32 8.46 11.08
N CYS A 166 7.53 8.64 11.60
CA CYS A 166 8.01 7.74 12.65
C CYS A 166 7.82 8.31 14.04
N THR A 167 7.41 9.57 14.16
CA THR A 167 7.21 10.21 15.44
C THR A 167 5.74 10.31 15.83
N THR A 168 4.81 10.32 14.88
CA THR A 168 3.45 10.78 15.15
C THR A 168 2.58 9.74 15.86
N SER A 169 2.44 8.55 15.28
CA SER A 169 1.64 7.48 15.86
C SER A 169 2.09 6.15 15.25
N PRO A 170 1.74 5.02 15.87
CA PRO A 170 1.97 3.73 15.17
C PRO A 170 1.38 3.71 13.79
N GLU A 171 0.26 4.44 13.61
CA GLU A 171 -0.41 4.56 12.32
C GLU A 171 0.50 5.01 11.21
N GLN A 172 1.01 6.24 11.31
CA GLN A 172 1.84 6.77 10.24
C GLN A 172 3.11 5.94 10.09
N TYR A 173 3.59 5.39 11.22
CA TYR A 173 4.85 4.64 11.18
C TYR A 173 4.72 3.40 10.32
N PHE A 174 3.71 2.58 10.56
CA PHE A 174 3.56 1.35 9.80
C PHE A 174 3.26 1.63 8.34
N ARG A 175 2.58 2.74 8.06
CA ARG A 175 2.37 3.16 6.67
C ARG A 175 3.69 3.40 5.95
N PHE A 176 4.64 4.03 6.63
CA PHE A 176 5.99 4.20 6.09
C PHE A 176 6.67 2.86 5.88
N ARG A 177 6.47 1.92 6.79
CA ARG A 177 7.24 0.67 6.74
C ARG A 177 6.75 -0.31 5.68
N VAL A 178 5.54 -0.15 5.13
CA VAL A 178 5.11 -1.00 4.02
C VAL A 178 6.18 -1.03 2.93
N THR A 179 6.76 0.12 2.63
CA THR A 179 7.88 0.20 1.71
C THR A 179 9.22 0.04 2.43
N ASP A 180 9.44 0.79 3.50
CA ASP A 180 10.79 0.89 4.06
C ASP A 180 11.32 -0.42 4.65
N ILE A 181 10.46 -1.29 5.19
CA ILE A 181 10.99 -2.57 5.65
C ILE A 181 11.17 -3.55 4.50
N GLY A 182 10.87 -3.13 3.27
CA GLY A 182 11.16 -3.95 2.11
C GLY A 182 10.12 -5.01 1.79
N VAL A 183 9.00 -5.04 2.52
CA VAL A 183 8.07 -6.14 2.31
C VAL A 183 7.28 -6.01 1.01
N ASP A 184 6.94 -4.79 0.57
CA ASP A 184 6.30 -4.67 -0.73
C ASP A 184 7.23 -5.22 -1.83
N PHE A 185 8.50 -4.84 -1.75
CA PHE A 185 9.55 -5.37 -2.63
C PHE A 185 9.59 -6.91 -2.55
N TRP A 186 9.61 -7.44 -1.33
CA TRP A 186 9.64 -8.89 -1.11
C TRP A 186 8.50 -9.60 -1.85
N MET A 187 7.27 -9.11 -1.68
CA MET A 187 6.12 -9.76 -2.32
C MET A 187 6.27 -9.75 -3.83
N LYS A 188 6.68 -8.59 -4.39
CA LYS A 188 6.75 -8.42 -5.83
C LYS A 188 7.88 -9.21 -6.46
N MET A 189 8.93 -9.53 -5.71
CA MET A 189 9.93 -10.44 -6.27
C MET A 189 9.69 -11.91 -5.91
N SER A 190 8.79 -12.19 -4.97
CA SER A 190 8.55 -13.55 -4.52
C SER A 190 7.40 -14.24 -5.24
N TYR A 191 6.41 -13.51 -5.79
CA TYR A 191 5.30 -14.21 -6.41
C TYR A 191 5.73 -15.18 -7.52
N PRO A 192 6.80 -14.94 -8.31
CA PRO A 192 7.20 -15.96 -9.29
C PRO A 192 7.66 -17.27 -8.67
N ILE A 193 8.05 -17.27 -7.39
CA ILE A 193 8.41 -18.51 -6.72
C ILE A 193 7.24 -19.48 -6.73
N TYR A 194 6.03 -18.96 -6.60
CA TYR A 194 4.85 -19.78 -6.30
C TYR A 194 3.93 -20.02 -7.49
N ARG A 195 3.92 -19.14 -8.48
CA ARG A 195 3.07 -19.28 -9.68
C ARG A 195 1.60 -19.48 -9.27
N HIS A 196 1.17 -18.73 -8.27
CA HIS A 196 -0.18 -18.87 -7.75
C HIS A 196 -0.94 -17.59 -8.06
N PRO A 197 -1.86 -17.61 -9.03
CA PRO A 197 -2.41 -16.33 -9.53
C PRO A 197 -3.00 -15.43 -8.45
N GLU A 198 -3.68 -15.97 -7.43
CA GLU A 198 -4.21 -15.10 -6.39
C GLU A 198 -3.09 -14.38 -5.65
N PHE A 199 -2.07 -15.12 -5.23
CA PHE A 199 -0.93 -14.51 -4.55
C PHE A 199 -0.28 -13.45 -5.43
N THR A 200 -0.16 -13.72 -6.73
CA THR A 200 0.41 -12.75 -7.65
C THR A 200 -0.38 -11.45 -7.67
N GLU A 201 -1.71 -11.54 -7.66
CA GLU A 201 -2.51 -10.31 -7.59
C GLU A 201 -2.32 -9.57 -6.28
N HIS A 202 -2.38 -10.27 -5.14
CA HIS A 202 -2.22 -9.59 -3.87
C HIS A 202 -0.85 -8.95 -3.77
N ALA A 203 0.17 -9.59 -4.36
CA ALA A 203 1.51 -9.01 -4.42
C ALA A 203 1.53 -7.72 -5.22
N LYS A 204 0.89 -7.71 -6.39
CA LYS A 204 1.01 -6.53 -7.24
C LYS A 204 0.08 -5.39 -6.79
N THR A 205 -1.01 -5.68 -6.07
CA THR A 205 -1.79 -4.61 -5.45
C THR A 205 -1.17 -4.09 -4.16
N SER A 206 -0.16 -4.79 -3.63
CA SER A 206 0.49 -4.51 -2.35
C SER A 206 -0.41 -4.86 -1.16
N LEU A 207 -1.60 -5.42 -1.40
CA LEU A 207 -2.38 -5.91 -0.26
C LEU A 207 -1.59 -6.96 0.55
N ALA A 208 -0.83 -7.82 -0.15
CA ALA A 208 0.04 -8.79 0.53
C ALA A 208 1.00 -8.10 1.48
N ALA A 209 1.66 -7.05 1.00
CA ALA A 209 2.55 -6.30 1.87
C ALA A 209 1.79 -5.62 3.01
N ARG A 210 0.65 -5.00 2.72
CA ARG A 210 -0.07 -4.28 3.76
C ARG A 210 -0.53 -5.22 4.86
N MET A 211 -0.80 -6.48 4.53
CA MET A 211 -1.25 -7.47 5.51
C MET A 211 -0.12 -7.95 6.42
N THR A 212 1.12 -7.92 5.95
CA THR A 212 2.24 -8.55 6.67
C THR A 212 3.19 -7.54 7.31
N THR A 213 3.00 -6.24 7.04
CA THR A 213 3.93 -5.21 7.48
C THR A 213 4.06 -5.18 9.00
N ARG A 214 2.94 -5.19 9.73
CA ARG A 214 3.05 -5.01 11.17
C ARG A 214 3.72 -6.21 11.82
N GLY A 215 3.39 -7.42 11.37
CA GLY A 215 4.02 -8.60 11.95
C GLY A 215 5.52 -8.59 11.77
N LEU A 216 5.98 -8.28 10.56
CA LEU A 216 7.42 -8.19 10.32
C LEU A 216 8.04 -7.06 11.12
N THR A 217 7.40 -5.88 11.11
CA THR A 217 8.05 -4.69 11.65
C THR A 217 8.13 -4.72 13.17
N ILE A 218 7.06 -5.16 13.85
CA ILE A 218 7.09 -5.16 15.30
C ILE A 218 8.21 -6.06 15.79
N VAL A 219 8.36 -7.23 15.17
CA VAL A 219 9.43 -8.15 15.55
C VAL A 219 10.79 -7.54 15.25
N ASN A 220 10.98 -7.03 14.03
CA ASN A 220 12.27 -6.45 13.69
C ASN A 220 12.61 -5.29 14.63
N ASP A 221 11.64 -4.41 14.89
CA ASP A 221 11.89 -3.25 15.74
C ASP A 221 12.28 -3.67 17.15
N PHE A 222 11.63 -4.67 17.71
CA PHE A 222 12.00 -5.05 19.07
C PHE A 222 13.46 -5.45 19.14
N TYR A 223 13.89 -6.33 18.25
CA TYR A 223 15.23 -6.89 18.38
C TYR A 223 16.32 -6.02 17.74
N SER A 224 15.98 -5.02 16.93
CA SER A 224 16.99 -4.12 16.41
C SER A 224 16.99 -2.77 17.12
N TYR A 225 16.15 -2.61 18.15
CA TYR A 225 16.04 -1.33 18.85
C TYR A 225 17.39 -0.86 19.37
N ASP A 226 18.08 -1.70 20.14
CA ASP A 226 19.32 -1.27 20.78
C ASP A 226 20.34 -0.78 19.76
N ARG A 227 20.50 -1.51 18.64
CA ARG A 227 21.39 -1.06 17.59
C ARG A 227 20.92 0.28 17.01
N GLU A 228 19.65 0.36 16.62
CA GLU A 228 19.18 1.55 15.93
C GLU A 228 19.28 2.79 16.81
N VAL A 229 18.91 2.68 18.09
CA VAL A 229 18.91 3.85 18.97
C VAL A 229 20.34 4.34 19.21
N SER A 230 21.28 3.40 19.38
CA SER A 230 22.68 3.75 19.58
C SER A 230 23.22 4.62 18.45
N LEU A 231 22.80 4.32 17.21
CA LEU A 231 23.36 4.91 16.00
C LEU A 231 22.47 5.98 15.39
N GLY A 232 21.71 6.70 16.21
CA GLY A 232 20.80 7.73 15.76
C GLY A 232 19.83 7.34 14.67
N GLN A 233 19.27 6.14 14.72
CA GLN A 233 18.26 5.72 13.75
C GLN A 233 16.87 5.78 14.39
N ILE A 234 15.91 6.41 13.68
CA ILE A 234 14.62 6.76 14.26
C ILE A 234 13.50 5.82 13.84
N THR A 235 13.73 4.94 12.86
CA THR A 235 12.64 4.15 12.28
C THR A 235 12.45 2.86 13.10
N ASN A 236 11.66 3.00 14.16
CA ASN A 236 11.46 1.93 15.15
C ASN A 236 10.26 2.27 16.01
N CYS A 237 9.22 1.43 15.99
CA CYS A 237 7.99 1.81 16.68
C CYS A 237 8.16 1.89 18.20
N PHE A 238 9.14 1.18 18.79
CA PHE A 238 9.30 1.30 20.23
C PHE A 238 9.87 2.64 20.67
N ARG A 239 10.35 3.45 19.73
CA ARG A 239 10.73 4.82 20.07
C ARG A 239 9.51 5.68 20.37
N LEU A 240 8.31 5.22 20.00
CA LEU A 240 7.07 5.96 20.20
C LEU A 240 6.59 5.91 21.63
N CYS A 241 7.26 5.16 22.49
CA CYS A 241 6.66 4.91 23.76
C CYS A 241 7.78 4.80 24.79
N ASP A 242 7.42 4.81 26.05
CA ASP A 242 8.39 5.06 27.12
C ASP A 242 8.98 3.73 27.60
N VAL A 243 10.12 3.33 27.03
CA VAL A 243 10.72 2.10 27.50
C VAL A 243 11.43 2.28 28.84
N SER A 244 11.38 3.47 29.45
CA SER A 244 11.76 3.65 30.84
C SER A 244 10.84 2.92 31.78
N ASP A 245 9.58 2.91 31.46
CA ASP A 245 8.57 2.54 32.41
C ASP A 245 8.02 1.21 31.93
N GLU A 246 8.28 0.19 32.73
CA GLU A 246 7.89 -1.16 32.39
C GLU A 246 6.39 -1.25 32.16
N THR A 247 5.60 -0.50 32.95
CA THR A 247 4.15 -0.58 32.76
C THR A 247 3.74 0.03 31.43
N ALA A 248 4.30 1.19 31.07
CA ALA A 248 4.00 1.78 29.76
C ALA A 248 4.49 0.90 28.63
N PHE A 249 5.72 0.38 28.75
CA PHE A 249 6.23 -0.54 27.73
C PHE A 249 5.29 -1.73 27.56
N LYS A 250 4.83 -2.29 28.68
CA LYS A 250 3.94 -3.45 28.62
C LYS A 250 2.65 -3.11 27.89
N GLU A 251 2.08 -1.95 28.19
CA GLU A 251 0.87 -1.53 27.49
C GLU A 251 1.12 -1.42 26.00
N PHE A 252 2.24 -0.81 25.63
CA PHE A 252 2.55 -0.62 24.22
C PHE A 252 2.81 -1.96 23.56
N PHE A 253 3.59 -2.81 24.22
CA PHE A 253 3.92 -4.10 23.64
C PHE A 253 2.68 -4.94 23.45
N GLN A 254 1.74 -4.89 24.41
CA GLN A 254 0.49 -5.64 24.23
C GLN A 254 -0.33 -5.08 23.07
N ALA A 255 -0.35 -3.75 22.91
CA ALA A 255 -1.06 -3.18 21.77
C ALA A 255 -0.46 -3.66 20.45
N ARG A 256 0.87 -3.83 20.42
CA ARG A 256 1.51 -4.31 19.21
C ARG A 256 1.21 -5.80 18.99
N LEU A 257 1.22 -6.60 20.05
CA LEU A 257 0.81 -7.99 19.92
C LEU A 257 -0.61 -8.08 19.38
N ASP A 258 -1.50 -7.23 19.89
CA ASP A 258 -2.89 -7.28 19.45
C ASP A 258 -3.02 -6.94 17.97
N ASP A 259 -2.19 -5.99 17.50
CA ASP A 259 -2.13 -5.67 16.06
C ASP A 259 -1.72 -6.90 15.25
N MET A 260 -0.65 -7.57 15.70
CA MET A 260 -0.18 -8.76 14.99
C MET A 260 -1.27 -9.81 14.93
N ILE A 261 -1.94 -10.05 16.05
CA ILE A 261 -2.99 -11.05 16.10
C ILE A 261 -4.10 -10.69 15.13
N GLU A 262 -4.51 -9.43 15.14
CA GLU A 262 -5.56 -8.97 14.24
C GLU A 262 -5.20 -9.24 12.78
N ASP A 263 -3.98 -8.88 12.37
CA ASP A 263 -3.56 -9.17 10.99
C ASP A 263 -3.57 -10.66 10.70
N ILE A 264 -3.06 -11.47 11.63
CA ILE A 264 -2.97 -12.91 11.37
C ILE A 264 -4.35 -13.53 11.23
N GLU A 265 -5.29 -13.14 12.09
CA GLU A 265 -6.64 -13.67 11.99
C GLU A 265 -7.29 -13.27 10.66
N CYS A 266 -7.05 -12.03 10.20
CA CYS A 266 -7.57 -11.61 8.89
C CYS A 266 -6.88 -12.35 7.75
N ILE A 267 -5.58 -12.61 7.89
CA ILE A 267 -4.87 -13.35 6.86
C ILE A 267 -5.49 -14.73 6.64
N LYS A 268 -6.11 -15.30 7.68
CA LYS A 268 -6.74 -16.61 7.53
C LYS A 268 -8.03 -16.56 6.74
N ALA A 269 -8.39 -15.38 6.21
CA ALA A 269 -9.44 -15.27 5.21
C ALA A 269 -8.93 -15.49 3.80
N PHE A 270 -7.62 -15.34 3.57
CA PHE A 270 -7.15 -15.52 2.21
C PHE A 270 -7.17 -17.01 1.85
N ASP A 271 -7.00 -17.30 0.57
CA ASP A 271 -6.98 -18.69 0.13
C ASP A 271 -5.86 -19.44 0.85
N GLN A 272 -6.06 -20.75 1.02
CA GLN A 272 -5.16 -21.56 1.85
C GLN A 272 -3.69 -21.32 1.54
N LEU A 273 -3.33 -21.32 0.26
CA LEU A 273 -1.92 -21.24 -0.10
C LEU A 273 -1.37 -19.85 0.18
N THR A 274 -2.10 -18.82 -0.22
CA THR A 274 -1.67 -17.45 0.05
C THR A 274 -1.46 -17.23 1.54
N GLN A 275 -2.40 -17.69 2.37
CA GLN A 275 -2.23 -17.47 3.80
C GLN A 275 -1.01 -18.22 4.33
N ASP A 276 -0.69 -19.38 3.73
CA ASP A 276 0.54 -20.07 4.10
C ASP A 276 1.75 -19.18 3.89
N VAL A 277 1.84 -18.56 2.72
CA VAL A 277 2.98 -17.69 2.43
C VAL A 277 3.02 -16.51 3.40
N PHE A 278 1.88 -15.83 3.60
CA PHE A 278 1.87 -14.68 4.51
C PHE A 278 2.36 -15.08 5.90
N LEU A 279 1.82 -16.18 6.44
CA LEU A 279 2.10 -16.57 7.82
C LEU A 279 3.52 -17.11 7.98
N ASP A 280 4.01 -17.88 7.00
CA ASP A 280 5.41 -18.33 7.06
C ASP A 280 6.35 -17.13 7.00
N LEU A 281 5.95 -16.08 6.26
CA LEU A 281 6.78 -14.88 6.21
C LEU A 281 6.89 -14.24 7.60
N ILE A 282 5.76 -14.04 8.29
CA ILE A 282 5.79 -13.37 9.58
C ILE A 282 6.48 -14.26 10.63
N TYR A 283 6.08 -15.52 10.68
CA TYR A 283 6.63 -16.42 11.69
C TYR A 283 8.11 -16.75 11.39
N GLY A 284 8.43 -16.99 10.12
CA GLY A 284 9.82 -17.26 9.76
C GLY A 284 10.73 -16.08 10.06
N ASN A 285 10.25 -14.86 9.82
CA ASN A 285 11.05 -13.69 10.17
C ASN A 285 11.37 -13.69 11.65
N PHE A 286 10.40 -14.06 12.49
CA PHE A 286 10.64 -14.15 13.92
C PHE A 286 11.71 -15.20 14.24
N VAL A 287 11.60 -16.38 13.65
CA VAL A 287 12.58 -17.45 13.93
C VAL A 287 13.98 -16.99 13.53
N TRP A 288 14.11 -16.46 12.32
CA TRP A 288 15.40 -15.95 11.84
C TRP A 288 15.94 -14.85 12.73
N THR A 289 15.08 -13.87 13.08
CA THR A 289 15.50 -12.73 13.89
C THR A 289 16.07 -13.16 15.24
N THR A 290 15.42 -14.13 15.91
CA THR A 290 15.89 -14.56 17.22
C THR A 290 17.12 -15.46 17.15
N SER A 291 17.51 -15.94 15.98
CA SER A 291 18.68 -16.81 15.88
C SER A 291 19.87 -16.11 15.21
N ASN A 292 19.73 -14.83 14.86
CA ASN A 292 20.70 -14.10 14.05
C ASN A 292 21.46 -13.12 14.91
N LYS A 293 22.80 -13.17 14.83
CA LYS A 293 23.64 -12.29 15.62
C LYS A 293 23.43 -10.83 15.29
N ARG A 294 22.96 -10.56 14.06
CA ARG A 294 22.61 -9.20 13.68
C ARG A 294 21.66 -8.56 14.71
N TYR A 295 20.76 -9.34 15.29
CA TYR A 295 19.73 -8.83 16.18
C TYR A 295 20.00 -9.14 17.65
N LYS A 296 21.25 -9.45 17.97
CA LYS A 296 21.76 -9.42 19.34
C LYS A 296 22.78 -8.30 19.47
N THR A 297 22.93 -7.67 20.62
CA THR A 297 23.76 -6.47 20.80
C THR A 297 23.37 -5.34 19.85
N ALA A 298 24.37 -4.51 19.52
CA ALA A 298 24.19 -3.34 18.68
C ALA A 298 25.35 -3.19 17.70
N VAL A 299 26.56 -3.54 18.15
CA VAL A 299 27.77 -3.49 17.34
C VAL A 299 28.41 -4.86 17.38
N ASN A 300 28.59 -5.50 16.21
CA ASN A 300 29.22 -6.81 16.17
C ASN A 300 29.83 -7.10 14.80
N ASP A 301 29.92 -8.39 14.49
CA ASP A 301 30.51 -8.88 13.25
C ASP A 301 29.75 -8.43 12.00
N VAL A 302 28.43 -8.33 12.08
CA VAL A 302 27.60 -8.44 10.89
C VAL A 302 26.56 -7.33 10.77
N ASN A 303 26.42 -6.46 11.78
CA ASN A 303 25.48 -5.33 11.68
C ASN A 303 26.17 -3.97 11.73
N SER A 304 27.49 -3.94 11.71
CA SER A 304 28.20 -2.67 11.74
C SER A 304 27.86 -1.88 10.49
N ARG A 305 27.68 -0.57 10.65
CA ARG A 305 27.53 0.29 9.49
C ARG A 305 28.63 0.01 8.49
N ILE A 306 28.30 0.12 7.21
CA ILE A 306 29.27 -0.09 6.13
C ILE A 306 29.73 1.30 5.69
N GLN A 307 31.00 1.61 5.95
CA GLN A 307 31.52 2.95 5.70
C GLN A 307 32.81 2.91 4.88
N GLY B 9 -42.19 -7.22 6.99
CA GLY B 9 -41.34 -7.85 7.99
C GLY B 9 -40.07 -7.06 8.22
N ALA B 10 -40.24 -5.90 8.85
CA ALA B 10 -39.28 -4.81 8.72
C ALA B 10 -37.85 -5.20 9.08
N GLN B 11 -36.89 -4.75 8.28
CA GLN B 11 -35.48 -4.85 8.58
C GLN B 11 -35.03 -3.61 9.35
N ASP B 12 -33.72 -3.36 9.37
CA ASP B 12 -33.17 -2.29 10.19
C ASP B 12 -33.12 -0.98 9.39
N ILE B 13 -34.28 -0.33 9.34
CA ILE B 13 -34.36 0.98 8.68
C ILE B 13 -33.45 1.99 9.38
N GLY B 14 -33.41 1.95 10.73
CA GLY B 14 -32.63 2.95 11.45
C GLY B 14 -31.15 2.88 11.15
N ARG B 15 -30.69 1.74 10.65
CA ARG B 15 -29.31 1.61 10.22
C ARG B 15 -29.15 1.80 8.72
N SER B 16 -30.23 2.10 8.02
CA SER B 16 -30.21 2.12 6.57
C SER B 16 -29.69 3.44 5.99
N SER B 17 -29.45 4.46 6.82
CA SER B 17 -29.24 5.79 6.27
C SER B 17 -28.38 6.64 7.20
N VAL B 18 -27.54 7.50 6.62
CA VAL B 18 -26.91 8.55 7.40
C VAL B 18 -27.54 9.90 7.11
N ARG B 19 -28.68 9.90 6.41
CA ARG B 19 -29.36 11.14 6.06
C ARG B 19 -29.68 12.03 7.25
N PRO B 20 -30.10 11.52 8.41
CA PRO B 20 -30.23 12.40 9.59
C PRO B 20 -29.01 13.28 9.85
N TYR B 21 -27.79 12.75 9.70
CA TYR B 21 -26.55 13.43 10.04
C TYR B 21 -25.97 14.27 8.91
N LEU B 22 -26.66 14.35 7.78
CA LEU B 22 -26.09 14.91 6.56
C LEU B 22 -25.57 16.34 6.76
N GLU B 23 -26.41 17.23 7.30
CA GLU B 23 -25.98 18.62 7.41
C GLU B 23 -24.84 18.80 8.40
N GLU B 24 -24.95 18.16 9.57
CA GLU B 24 -23.94 18.35 10.60
C GLU B 24 -22.59 17.80 10.17
N CYS B 25 -22.57 16.62 9.55
CA CYS B 25 -21.30 16.05 9.10
C CYS B 25 -20.70 16.86 7.96
N THR B 26 -21.53 17.34 7.02
CA THR B 26 -21.01 18.17 5.95
C THR B 26 -20.33 19.40 6.52
N ARG B 27 -21.01 20.08 7.42
CA ARG B 27 -20.46 21.24 8.10
C ARG B 27 -19.14 20.90 8.80
N ARG B 28 -19.09 19.75 9.49
CA ARG B 28 -17.90 19.41 10.25
C ARG B 28 -16.73 19.06 9.33
N PHE B 29 -16.98 18.30 8.26
CA PHE B 29 -15.96 18.09 7.24
C PHE B 29 -15.38 19.41 6.77
N GLN B 30 -16.26 20.35 6.38
CA GLN B 30 -15.78 21.61 5.84
C GLN B 30 -15.00 22.40 6.87
N GLU B 31 -15.45 22.40 8.13
CA GLU B 31 -14.70 23.09 9.18
C GLU B 31 -13.30 22.50 9.29
N MET B 32 -13.21 21.17 9.18
CA MET B 32 -11.91 20.51 9.29
C MET B 32 -11.01 20.96 8.15
N PHE B 33 -11.49 20.91 6.91
CA PHE B 33 -10.66 21.36 5.79
C PHE B 33 -10.25 22.82 5.96
N ASP B 34 -11.16 23.66 6.46
CA ASP B 34 -10.85 25.09 6.62
C ASP B 34 -9.75 25.29 7.65
N ARG B 35 -9.76 24.48 8.70
CA ARG B 35 -8.76 24.62 9.75
C ARG B 35 -7.41 23.97 9.38
N HIS B 36 -7.41 22.94 8.53
CA HIS B 36 -6.18 22.19 8.26
C HIS B 36 -5.69 22.24 6.82
N VAL B 37 -6.46 22.76 5.87
CA VAL B 37 -6.03 22.84 4.48
C VAL B 37 -6.15 24.26 3.93
N VAL B 38 -7.20 24.98 4.31
CA VAL B 38 -7.34 26.41 4.06
C VAL B 38 -7.49 26.71 2.57
N THR B 39 -6.40 26.52 1.82
CA THR B 39 -6.38 26.68 0.37
C THR B 39 -7.48 25.85 -0.27
N ARG B 40 -8.32 26.50 -1.06
CA ARG B 40 -9.44 25.85 -1.67
C ARG B 40 -9.00 25.16 -2.97
N PRO B 41 -9.49 23.95 -3.25
CA PRO B 41 -9.15 23.29 -4.52
C PRO B 41 -9.61 24.12 -5.71
N THR B 42 -9.03 23.81 -6.87
CA THR B 42 -9.27 24.54 -8.12
C THR B 42 -9.79 23.58 -9.18
N LYS B 43 -10.85 23.97 -9.87
CA LYS B 43 -11.44 23.12 -10.89
C LYS B 43 -10.84 23.42 -12.25
N VAL B 44 -10.54 22.37 -13.03
CA VAL B 44 -10.17 22.58 -14.43
C VAL B 44 -11.43 22.79 -15.26
N GLU B 45 -11.42 23.83 -16.11
CA GLU B 45 -12.51 24.07 -17.05
C GLU B 45 -12.10 23.66 -18.46
N LEU B 46 -12.32 22.39 -18.82
CA LEU B 46 -12.04 21.95 -20.19
C LEU B 46 -12.95 22.68 -21.17
N THR B 47 -12.56 22.70 -22.45
CA THR B 47 -13.49 23.18 -23.48
C THR B 47 -14.40 22.02 -23.92
N ASP B 48 -15.28 22.30 -24.88
CA ASP B 48 -16.23 21.28 -25.32
C ASP B 48 -15.61 20.32 -26.33
N ALA B 49 -14.99 20.84 -27.40
CA ALA B 49 -14.20 19.95 -28.25
C ALA B 49 -13.24 19.12 -27.39
N GLU B 50 -12.61 19.76 -26.41
CA GLU B 50 -11.66 19.06 -25.54
C GLU B 50 -12.35 18.02 -24.67
N LEU B 51 -13.55 18.34 -24.19
CA LEU B 51 -14.35 17.40 -23.41
C LEU B 51 -14.82 16.24 -24.28
N ARG B 52 -15.01 16.50 -25.58
CA ARG B 52 -15.44 15.43 -26.46
C ARG B 52 -14.26 14.59 -26.91
N GLU B 53 -13.03 15.10 -26.74
CA GLU B 53 -11.90 14.19 -26.94
C GLU B 53 -11.79 13.21 -25.77
N VAL B 54 -12.18 13.65 -24.58
CA VAL B 54 -12.18 12.75 -23.43
C VAL B 54 -13.35 11.78 -23.52
N ILE B 55 -14.56 12.30 -23.81
CA ILE B 55 -15.76 11.47 -23.71
C ILE B 55 -15.84 10.47 -24.85
N ASP B 56 -15.48 10.87 -26.07
CA ASP B 56 -15.49 9.86 -27.13
C ASP B 56 -14.41 8.80 -26.90
N ASP B 57 -13.31 9.17 -26.26
CA ASP B 57 -12.35 8.17 -25.78
C ASP B 57 -13.00 7.25 -24.74
N CYS B 58 -13.80 7.81 -23.84
CA CYS B 58 -14.50 6.99 -22.84
C CYS B 58 -15.50 6.05 -23.48
N ASN B 59 -16.28 6.54 -24.44
CA ASN B 59 -17.25 5.67 -25.11
C ASN B 59 -16.54 4.60 -25.92
N ALA B 60 -15.44 4.95 -26.58
CA ALA B 60 -14.70 3.96 -27.36
C ALA B 60 -14.21 2.83 -26.46
N ALA B 61 -13.77 3.17 -25.25
CA ALA B 61 -13.23 2.18 -24.33
C ALA B 61 -14.27 1.17 -23.88
N VAL B 62 -15.44 1.65 -23.43
CA VAL B 62 -16.44 0.75 -22.88
C VAL B 62 -17.43 0.27 -23.92
N ALA B 63 -17.39 0.82 -25.13
CA ALA B 63 -18.28 0.38 -26.20
C ALA B 63 -18.21 -1.12 -26.47
N PRO B 64 -17.04 -1.75 -26.57
CA PRO B 64 -17.04 -3.21 -26.77
C PRO B 64 -17.91 -3.93 -25.76
N LEU B 65 -17.92 -3.50 -24.49
CA LEU B 65 -18.70 -4.14 -23.44
C LEU B 65 -20.20 -4.08 -23.68
N GLY B 66 -20.68 -3.18 -24.55
CA GLY B 66 -22.05 -3.22 -25.02
C GLY B 66 -23.05 -2.36 -24.28
N LYS B 67 -22.63 -1.60 -23.26
CA LYS B 67 -23.55 -0.81 -22.47
C LYS B 67 -23.35 0.67 -22.77
N THR B 68 -24.44 1.37 -23.11
CA THR B 68 -24.40 2.80 -23.34
C THR B 68 -24.27 3.55 -22.02
N VAL B 69 -23.46 4.61 -22.02
CA VAL B 69 -23.32 5.50 -20.88
C VAL B 69 -23.64 6.92 -21.36
N SER B 70 -24.54 7.60 -20.64
CA SER B 70 -24.94 8.94 -21.06
C SER B 70 -23.84 9.96 -20.78
N ASP B 71 -23.86 11.06 -21.53
CA ASP B 71 -22.95 12.16 -21.23
C ASP B 71 -23.14 12.64 -19.80
N GLU B 72 -24.39 12.71 -19.33
CA GLU B 72 -24.65 13.09 -17.95
C GLU B 72 -23.89 12.17 -16.99
N ARG B 73 -23.90 10.86 -17.26
CA ARG B 73 -23.23 9.92 -16.37
C ARG B 73 -21.71 10.06 -16.45
N TRP B 74 -21.17 10.19 -17.66
CA TRP B 74 -19.74 10.49 -17.79
C TRP B 74 -19.39 11.72 -16.98
N ILE B 75 -20.20 12.78 -17.08
CA ILE B 75 -19.97 14.01 -16.34
C ILE B 75 -19.84 13.71 -14.86
N SER B 76 -20.74 12.90 -14.31
CA SER B 76 -20.70 12.56 -12.90
C SER B 76 -19.38 11.86 -12.54
N TYR B 77 -18.89 10.99 -13.42
CA TYR B 77 -17.63 10.31 -13.15
C TYR B 77 -16.44 11.26 -13.26
N VAL B 78 -16.43 12.12 -14.28
CA VAL B 78 -15.22 12.87 -14.61
C VAL B 78 -14.95 13.99 -13.61
N GLY B 79 -15.99 14.47 -12.92
CA GLY B 79 -15.81 15.62 -12.03
C GLY B 79 -14.73 15.45 -10.99
N VAL B 80 -14.52 14.20 -10.51
CA VAL B 80 -13.51 13.99 -9.49
C VAL B 80 -12.13 14.37 -10.03
N VAL B 81 -11.87 14.09 -11.30
CA VAL B 81 -10.57 14.45 -11.87
C VAL B 81 -10.47 15.97 -12.04
N LEU B 82 -11.57 16.60 -12.50
CA LEU B 82 -11.55 18.05 -12.71
C LEU B 82 -11.33 18.81 -11.40
N TRP B 83 -11.89 18.29 -10.30
CA TRP B 83 -11.83 18.96 -9.01
C TRP B 83 -10.65 18.55 -8.13
N SER B 84 -10.09 17.37 -8.32
CA SER B 84 -9.17 16.81 -7.32
C SER B 84 -7.76 16.60 -7.84
N GLN B 85 -7.39 17.19 -8.97
CA GLN B 85 -6.00 17.27 -9.37
C GLN B 85 -5.47 18.62 -8.87
N SER B 86 -4.24 18.99 -9.23
CA SER B 86 -3.67 20.28 -8.86
C SER B 86 -3.42 21.07 -10.13
N PRO B 87 -4.42 21.82 -10.62
CA PRO B 87 -4.25 22.48 -11.94
C PRO B 87 -3.04 23.37 -12.03
N ARG B 88 -2.60 23.99 -10.94
CA ARG B 88 -1.47 24.90 -11.04
C ARG B 88 -0.17 24.19 -11.39
N HIS B 89 -0.07 22.89 -11.09
CA HIS B 89 1.15 22.12 -11.30
C HIS B 89 1.11 21.24 -12.55
N ILE B 90 0.04 21.32 -13.35
CA ILE B 90 -0.09 20.48 -14.55
C ILE B 90 0.97 20.86 -15.58
N LYS B 91 1.61 19.86 -16.19
CA LYS B 91 2.39 20.05 -17.42
C LYS B 91 2.09 19.04 -18.52
N ASP B 92 1.30 18.02 -18.25
CA ASP B 92 1.01 17.02 -19.28
C ASP B 92 -0.50 16.96 -19.37
N MET B 93 -1.08 17.83 -20.22
CA MET B 93 -2.51 17.74 -20.44
C MET B 93 -2.91 16.45 -21.15
N GLU B 94 -2.00 15.82 -21.89
CA GLU B 94 -2.28 14.48 -22.38
C GLU B 94 -2.45 13.49 -21.22
N ALA B 95 -1.51 13.47 -20.28
CA ALA B 95 -1.68 12.64 -19.08
C ALA B 95 -2.96 13.00 -18.32
N PHE B 96 -3.30 14.29 -18.27
CA PHE B 96 -4.53 14.67 -17.57
C PHE B 96 -5.75 14.03 -18.23
N LYS B 97 -5.82 14.10 -19.58
CA LYS B 97 -6.93 13.48 -20.31
C LYS B 97 -6.96 11.97 -20.12
N ALA B 98 -5.79 11.31 -20.13
CA ALA B 98 -5.74 9.89 -19.80
C ALA B 98 -6.41 9.61 -18.46
N VAL B 99 -6.09 10.42 -17.45
CA VAL B 99 -6.66 10.18 -16.13
C VAL B 99 -8.17 10.42 -16.16
N CYS B 100 -8.64 11.41 -16.92
CA CYS B 100 -10.09 11.57 -17.08
C CYS B 100 -10.71 10.31 -17.66
N VAL B 101 -10.13 9.77 -18.74
CA VAL B 101 -10.71 8.60 -19.38
C VAL B 101 -10.59 7.37 -18.47
N LEU B 102 -9.39 7.12 -17.96
CA LEU B 102 -9.15 5.92 -17.15
C LEU B 102 -10.00 5.95 -15.88
N ASN B 103 -10.05 7.09 -15.21
CA ASN B 103 -10.96 7.23 -14.09
C ASN B 103 -12.39 6.84 -14.49
N CYS B 104 -12.87 7.40 -15.61
CA CYS B 104 -14.30 7.25 -15.95
C CYS B 104 -14.63 5.82 -16.35
N VAL B 105 -13.82 5.19 -17.18
CA VAL B 105 -14.22 3.86 -17.65
C VAL B 105 -14.07 2.82 -16.54
N THR B 106 -13.13 3.01 -15.61
CA THR B 106 -13.08 2.10 -14.46
C THR B 106 -14.16 2.41 -13.44
N PHE B 107 -14.70 3.63 -13.44
CA PHE B 107 -15.89 3.92 -12.66
C PHE B 107 -17.09 3.12 -13.17
N VAL B 108 -17.24 3.02 -14.50
CA VAL B 108 -18.27 2.17 -15.09
C VAL B 108 -18.09 0.73 -14.61
N TRP B 109 -16.86 0.24 -14.66
CA TRP B 109 -16.54 -1.12 -14.20
C TRP B 109 -16.97 -1.33 -12.76
N ASP B 110 -16.71 -0.34 -11.90
CA ASP B 110 -17.12 -0.34 -10.50
C ASP B 110 -18.63 -0.48 -10.36
N ASP B 111 -19.41 0.12 -11.26
CA ASP B 111 -20.88 0.14 -11.21
C ASP B 111 -21.53 -1.03 -11.94
N MET B 112 -20.75 -1.87 -12.61
CA MET B 112 -21.30 -2.93 -13.45
C MET B 112 -21.55 -4.21 -12.67
N ASP B 113 -22.68 -4.85 -12.96
CA ASP B 113 -22.85 -6.24 -12.59
C ASP B 113 -21.67 -7.04 -13.14
N PRO B 114 -21.08 -7.94 -12.35
CA PRO B 114 -19.81 -8.57 -12.77
C PRO B 114 -19.96 -9.49 -13.97
N ALA B 115 -21.16 -9.64 -14.53
CA ALA B 115 -21.33 -10.40 -15.76
C ALA B 115 -20.68 -9.73 -16.95
N LEU B 116 -20.75 -8.40 -17.04
CA LEU B 116 -20.16 -7.62 -18.12
C LEU B 116 -18.65 -7.49 -18.01
N HIS B 117 -18.02 -8.02 -16.96
CA HIS B 117 -16.60 -7.80 -16.73
C HIS B 117 -15.76 -8.70 -17.63
N ASP B 118 -15.50 -8.25 -18.86
CA ASP B 118 -14.69 -9.00 -19.83
C ASP B 118 -13.30 -8.38 -19.94
N PHE B 119 -12.31 -9.05 -19.34
CA PHE B 119 -10.95 -8.54 -19.41
C PHE B 119 -10.40 -8.60 -20.83
N GLY B 120 -10.79 -9.63 -21.59
CA GLY B 120 -10.22 -9.79 -22.93
C GLY B 120 -10.58 -8.66 -23.87
N LEU B 121 -11.76 -8.07 -23.68
CA LEU B 121 -12.18 -6.93 -24.49
C LEU B 121 -11.78 -5.60 -23.85
N PHE B 122 -11.81 -5.55 -22.51
CA PHE B 122 -11.59 -4.27 -21.84
C PHE B 122 -10.11 -3.95 -21.65
N LEU B 123 -9.27 -4.92 -21.24
CA LEU B 123 -7.84 -4.66 -21.12
C LEU B 123 -7.23 -4.03 -22.37
N PRO B 124 -7.45 -4.55 -23.59
CA PRO B 124 -6.84 -3.90 -24.77
C PRO B 124 -7.20 -2.42 -24.89
N GLN B 125 -8.43 -2.04 -24.51
CA GLN B 125 -8.81 -0.62 -24.51
C GLN B 125 -8.00 0.19 -23.52
N LEU B 126 -7.71 -0.38 -22.34
CA LEU B 126 -6.91 0.35 -21.37
C LEU B 126 -5.49 0.59 -21.90
N ARG B 127 -4.90 -0.40 -22.57
CA ARG B 127 -3.61 -0.18 -23.20
C ARG B 127 -3.70 0.89 -24.30
N LYS B 128 -4.76 0.83 -25.12
CA LYS B 128 -4.98 1.86 -26.13
C LYS B 128 -4.91 3.25 -25.51
N ILE B 129 -5.56 3.44 -24.37
CA ILE B 129 -5.65 4.76 -23.77
C ILE B 129 -4.28 5.20 -23.27
N CYS B 130 -3.60 4.32 -22.54
CA CYS B 130 -2.34 4.71 -21.93
C CYS B 130 -1.32 5.10 -22.99
N GLU B 131 -1.52 4.61 -24.22
CA GLU B 131 -0.55 4.82 -25.30
C GLU B 131 -0.77 6.14 -26.03
N LYS B 132 -2.03 6.52 -26.23
CA LYS B 132 -2.28 7.80 -26.90
C LYS B 132 -1.76 8.96 -26.07
N TYR B 133 -1.92 8.88 -24.74
CA TYR B 133 -1.70 10.02 -23.87
C TYR B 133 -0.34 10.04 -23.15
N TYR B 134 0.30 8.89 -22.95
CA TYR B 134 1.56 8.83 -22.19
C TYR B 134 2.73 8.42 -23.09
N GLY B 135 3.92 8.89 -22.75
CA GLY B 135 5.15 8.31 -23.25
C GLY B 135 5.19 6.83 -22.92
N PRO B 136 6.04 6.07 -23.61
CA PRO B 136 5.93 4.60 -23.50
C PRO B 136 6.22 4.04 -22.12
N GLU B 137 7.06 4.69 -21.30
CA GLU B 137 7.35 4.15 -19.98
C GLU B 137 6.23 4.44 -18.98
N ASP B 138 5.72 5.68 -18.98
CA ASP B 138 4.57 6.02 -18.12
C ASP B 138 3.33 5.26 -18.54
N ALA B 139 3.20 4.99 -19.83
CA ALA B 139 2.08 4.15 -20.29
C ALA B 139 2.13 2.79 -19.62
N GLU B 140 3.33 2.31 -19.31
CA GLU B 140 3.44 1.01 -18.67
C GLU B 140 2.95 1.06 -17.23
N VAL B 141 3.36 2.10 -16.49
CA VAL B 141 2.98 2.23 -15.08
C VAL B 141 1.48 2.49 -14.95
N ALA B 142 0.92 3.30 -15.85
CA ALA B 142 -0.52 3.57 -15.79
C ALA B 142 -1.32 2.32 -16.11
N TYR B 143 -0.89 1.57 -17.12
CA TYR B 143 -1.63 0.37 -17.51
C TYR B 143 -1.61 -0.70 -16.41
N GLU B 144 -0.43 -0.96 -15.82
CA GLU B 144 -0.34 -1.93 -14.71
C GLU B 144 -1.33 -1.60 -13.60
N ALA B 145 -1.42 -0.32 -13.24
CA ALA B 145 -2.28 0.05 -12.13
C ALA B 145 -3.76 -0.04 -12.52
N ALA B 146 -4.10 0.33 -13.77
CA ALA B 146 -5.49 0.17 -14.20
C ALA B 146 -5.91 -1.29 -14.22
N ARG B 147 -5.05 -2.14 -14.80
CA ARG B 147 -5.27 -3.58 -14.77
C ARG B 147 -5.45 -4.08 -13.35
N ALA B 148 -4.55 -3.68 -12.44
CA ALA B 148 -4.63 -4.18 -11.06
C ALA B 148 -5.91 -3.70 -10.37
N PHE B 149 -6.37 -2.48 -10.68
CA PHE B 149 -7.61 -2.04 -10.07
C PHE B 149 -8.80 -2.84 -10.60
N VAL B 150 -8.92 -2.99 -11.93
CA VAL B 150 -10.12 -3.64 -12.45
C VAL B 150 -10.14 -5.12 -12.05
N THR B 151 -8.97 -5.74 -11.95
CA THR B 151 -8.89 -7.12 -11.47
C THR B 151 -9.30 -7.21 -10.00
N SER B 152 -8.84 -6.27 -9.17
CA SER B 152 -9.21 -6.24 -7.76
C SER B 152 -10.72 -6.06 -7.57
N ASP B 153 -11.31 -5.02 -8.19
CA ASP B 153 -12.73 -4.80 -8.02
C ASP B 153 -13.52 -6.06 -8.36
N HIS B 154 -13.04 -6.81 -9.33
CA HIS B 154 -13.80 -7.94 -9.87
C HIS B 154 -13.73 -9.15 -8.97
N MET B 155 -12.51 -9.59 -8.62
CA MET B 155 -12.41 -10.81 -7.83
C MET B 155 -12.93 -10.61 -6.43
N PHE B 156 -12.89 -9.38 -5.90
CA PHE B 156 -13.35 -9.17 -4.53
C PHE B 156 -14.87 -9.04 -4.43
N ARG B 157 -15.62 -9.16 -5.53
CA ARG B 157 -17.09 -9.09 -5.44
C ARG B 157 -17.61 -10.29 -4.65
N ASP B 158 -18.38 -10.03 -3.60
CA ASP B 158 -18.78 -11.10 -2.64
C ASP B 158 -17.63 -12.04 -2.28
N SER B 159 -16.45 -11.52 -1.85
CA SER B 159 -15.24 -12.31 -1.51
C SER B 159 -15.02 -12.41 0.00
N PRO B 160 -14.64 -13.60 0.47
CA PRO B 160 -14.29 -13.77 1.90
C PRO B 160 -13.28 -12.76 2.42
N ILE B 161 -12.23 -12.45 1.65
CA ILE B 161 -11.25 -11.50 2.13
C ILE B 161 -11.92 -10.15 2.34
N LYS B 162 -12.77 -9.75 1.41
CA LYS B 162 -13.44 -8.46 1.58
C LYS B 162 -14.33 -8.47 2.83
N ALA B 163 -15.05 -9.58 3.03
CA ALA B 163 -15.87 -9.75 4.23
C ALA B 163 -15.08 -9.51 5.50
N ALA B 164 -13.93 -10.20 5.64
CA ALA B 164 -13.17 -10.07 6.86
C ALA B 164 -12.57 -8.67 7.00
N LEU B 165 -12.06 -8.11 5.91
CA LEU B 165 -11.43 -6.80 6.00
C LEU B 165 -12.46 -5.69 6.23
N CYS B 166 -13.72 -5.88 5.81
CA CYS B 166 -14.75 -4.86 6.01
C CYS B 166 -15.52 -4.99 7.32
N THR B 167 -15.22 -5.99 8.12
CA THR B 167 -15.94 -6.21 9.37
C THR B 167 -15.03 -6.09 10.60
N THR B 168 -13.72 -6.24 10.44
CA THR B 168 -12.85 -6.42 11.60
C THR B 168 -12.59 -5.09 12.31
N SER B 169 -12.01 -4.12 11.62
CA SER B 169 -11.65 -2.86 12.26
C SER B 169 -11.50 -1.80 11.17
N PRO B 170 -11.46 -0.52 11.55
CA PRO B 170 -11.19 0.51 10.53
C PRO B 170 -9.83 0.35 9.87
N GLU B 171 -8.80 -0.05 10.60
CA GLU B 171 -7.48 -0.09 9.97
C GLU B 171 -7.37 -1.26 8.97
N GLN B 172 -8.03 -2.40 9.23
CA GLN B 172 -8.09 -3.44 8.19
C GLN B 172 -8.86 -2.91 6.97
N TYR B 173 -9.97 -2.24 7.23
CA TYR B 173 -10.80 -1.74 6.14
C TYR B 173 -10.02 -0.78 5.26
N PHE B 174 -9.36 0.20 5.86
CA PHE B 174 -8.62 1.18 5.05
C PHE B 174 -7.47 0.52 4.31
N ARG B 175 -6.89 -0.54 4.88
CA ARG B 175 -5.90 -1.30 4.13
C ARG B 175 -6.48 -1.86 2.84
N PHE B 176 -7.72 -2.36 2.88
CA PHE B 176 -8.37 -2.81 1.65
C PHE B 176 -8.57 -1.65 0.66
N ARG B 177 -8.88 -0.47 1.18
CA ARG B 177 -9.29 0.62 0.29
C ARG B 177 -8.12 1.31 -0.40
N VAL B 178 -6.89 1.09 0.08
CA VAL B 178 -5.75 1.65 -0.65
C VAL B 178 -5.84 1.29 -2.11
N THR B 179 -6.23 0.05 -2.40
CA THR B 179 -6.46 -0.41 -3.77
C THR B 179 -7.91 -0.21 -4.20
N ASP B 180 -8.87 -0.62 -3.37
CA ASP B 180 -10.24 -0.72 -3.85
C ASP B 180 -10.88 0.63 -4.13
N ILE B 181 -10.51 1.68 -3.40
CA ILE B 181 -11.07 2.98 -3.76
C ILE B 181 -10.34 3.57 -4.94
N GLY B 182 -9.33 2.90 -5.50
CA GLY B 182 -8.70 3.36 -6.73
C GLY B 182 -7.60 4.39 -6.58
N VAL B 183 -7.22 4.72 -5.34
CA VAL B 183 -6.28 5.83 -5.19
C VAL B 183 -4.85 5.43 -5.55
N ASP B 184 -4.44 4.19 -5.30
CA ASP B 184 -3.12 3.79 -5.78
C ASP B 184 -3.05 3.91 -7.29
N PHE B 185 -4.07 3.40 -7.97
CA PHE B 185 -4.19 3.55 -9.43
C PHE B 185 -4.13 5.02 -9.82
N TRP B 186 -4.92 5.85 -9.14
CA TRP B 186 -4.94 7.28 -9.38
C TRP B 186 -3.54 7.88 -9.34
N MET B 187 -2.78 7.59 -8.29
CA MET B 187 -1.44 8.15 -8.18
C MET B 187 -0.56 7.68 -9.32
N LYS B 188 -0.65 6.38 -9.67
CA LYS B 188 0.27 5.82 -10.64
C LYS B 188 -0.09 6.21 -12.07
N MET B 189 -1.28 6.78 -12.30
CA MET B 189 -1.58 7.36 -13.61
C MET B 189 -1.47 8.89 -13.63
N SER B 190 -1.44 9.53 -12.46
CA SER B 190 -1.40 10.99 -12.36
C SER B 190 0.01 11.57 -12.29
N TYR B 191 1.02 10.82 -11.84
CA TYR B 191 2.33 11.46 -11.74
C TYR B 191 2.86 11.97 -13.09
N PRO B 192 2.56 11.39 -14.24
CA PRO B 192 2.98 12.06 -15.49
C PRO B 192 2.39 13.46 -15.67
N ILE B 193 1.28 13.77 -15.00
CA ILE B 193 0.69 15.11 -15.12
C ILE B 193 1.66 16.18 -14.60
N TYR B 194 2.43 15.84 -13.57
CA TYR B 194 3.19 16.80 -12.79
C TYR B 194 4.70 16.78 -13.05
N ARG B 195 5.24 15.68 -13.60
CA ARG B 195 6.68 15.56 -13.89
C ARG B 195 7.51 16.04 -12.70
N HIS B 196 7.10 15.65 -11.51
CA HIS B 196 7.76 16.06 -10.29
C HIS B 196 8.44 14.83 -9.69
N PRO B 197 9.77 14.78 -9.67
CA PRO B 197 10.45 13.52 -9.32
C PRO B 197 10.06 12.95 -7.96
N GLU B 198 9.98 13.79 -6.93
CA GLU B 198 9.57 13.32 -5.61
C GLU B 198 8.16 12.73 -5.62
N PHE B 199 7.21 13.39 -6.29
CA PHE B 199 5.86 12.83 -6.31
C PHE B 199 5.82 11.54 -7.09
N THR B 200 6.56 11.47 -8.19
CA THR B 200 6.66 10.23 -8.95
C THR B 200 7.15 9.08 -8.06
N GLU B 201 8.13 9.34 -7.19
CA GLU B 201 8.58 8.25 -6.31
C GLU B 201 7.51 7.88 -5.29
N HIS B 202 6.90 8.87 -4.62
CA HIS B 202 5.84 8.56 -3.67
C HIS B 202 4.68 7.84 -4.35
N ALA B 203 4.44 8.16 -5.63
CA ALA B 203 3.41 7.45 -6.38
C ALA B 203 3.80 5.99 -6.58
N LYS B 204 5.05 5.74 -6.95
CA LYS B 204 5.41 4.38 -7.30
C LYS B 204 5.64 3.49 -6.08
N THR B 205 5.99 4.06 -4.93
CA THR B 205 6.06 3.26 -3.69
C THR B 205 4.69 3.00 -3.08
N SER B 206 3.66 3.71 -3.56
CA SER B 206 2.30 3.72 -3.00
C SER B 206 2.21 4.50 -1.69
N LEU B 207 3.29 5.11 -1.21
CA LEU B 207 3.19 5.96 -0.04
C LEU B 207 2.20 7.11 -0.28
N ALA B 208 2.17 7.63 -1.50
CA ALA B 208 1.21 8.69 -1.83
C ALA B 208 -0.21 8.23 -1.60
N ALA B 209 -0.54 7.04 -2.11
CA ALA B 209 -1.86 6.46 -1.89
C ALA B 209 -2.12 6.17 -0.41
N ARG B 210 -1.12 5.64 0.29
CA ARG B 210 -1.35 5.33 1.70
C ARG B 210 -1.64 6.59 2.51
N MET B 211 -1.05 7.74 2.14
CA MET B 211 -1.28 8.96 2.90
C MET B 211 -2.67 9.54 2.65
N THR B 212 -3.28 9.23 1.50
CA THR B 212 -4.52 9.91 1.11
C THR B 212 -5.73 9.01 1.19
N THR B 213 -5.53 7.71 1.47
CA THR B 213 -6.64 6.76 1.44
C THR B 213 -7.75 7.14 2.43
N ARG B 214 -7.40 7.45 3.68
CA ARG B 214 -8.45 7.67 4.66
C ARG B 214 -9.26 8.92 4.33
N GLY B 215 -8.59 9.99 3.95
CA GLY B 215 -9.30 11.24 3.63
C GLY B 215 -10.27 11.06 2.48
N LEU B 216 -9.85 10.34 1.43
CA LEU B 216 -10.75 10.05 0.32
C LEU B 216 -11.89 9.14 0.77
N THR B 217 -11.55 8.07 1.49
CA THR B 217 -12.50 7.00 1.74
C THR B 217 -13.57 7.42 2.74
N ILE B 218 -13.16 8.10 3.81
CA ILE B 218 -14.13 8.51 4.82
C ILE B 218 -15.19 9.41 4.21
N VAL B 219 -14.76 10.35 3.37
CA VAL B 219 -15.70 11.22 2.68
C VAL B 219 -16.57 10.42 1.73
N ASN B 220 -15.95 9.58 0.86
CA ASN B 220 -16.77 8.80 -0.05
C ASN B 220 -17.77 7.94 0.70
N ASP B 221 -17.31 7.26 1.77
CA ASP B 221 -18.19 6.34 2.49
C ASP B 221 -19.39 7.06 3.07
N PHE B 222 -19.18 8.25 3.62
CA PHE B 222 -20.30 8.94 4.26
C PHE B 222 -21.39 9.23 3.26
N TYR B 223 -21.02 9.76 2.11
CA TYR B 223 -22.00 10.20 1.13
C TYR B 223 -22.49 9.08 0.21
N SER B 224 -21.82 7.92 0.17
CA SER B 224 -22.33 6.81 -0.62
C SER B 224 -22.94 5.71 0.24
N TYR B 225 -23.01 5.93 1.56
CA TYR B 225 -23.57 4.93 2.47
C TYR B 225 -24.98 4.50 2.07
N ASP B 226 -25.88 5.47 1.84
CA ASP B 226 -27.27 5.10 1.59
C ASP B 226 -27.40 4.20 0.37
N ARG B 227 -26.72 4.55 -0.71
CA ARG B 227 -26.79 3.72 -1.91
C ARG B 227 -26.18 2.35 -1.65
N GLU B 228 -25.04 2.32 -0.96
CA GLU B 228 -24.33 1.06 -0.82
C GLU B 228 -25.09 0.07 0.07
N VAL B 229 -25.72 0.54 1.15
CA VAL B 229 -26.43 -0.48 1.93
C VAL B 229 -27.70 -0.92 1.20
N SER B 230 -28.37 -0.03 0.45
CA SER B 230 -29.55 -0.48 -0.28
C SER B 230 -29.21 -1.53 -1.33
N LEU B 231 -27.96 -1.59 -1.77
CA LEU B 231 -27.51 -2.57 -2.76
C LEU B 231 -26.79 -3.78 -2.15
N GLY B 232 -26.60 -3.80 -0.83
CA GLY B 232 -25.84 -4.87 -0.20
C GLY B 232 -24.34 -4.81 -0.40
N GLN B 233 -23.78 -3.63 -0.63
CA GLN B 233 -22.34 -3.48 -0.71
C GLN B 233 -21.78 -3.23 0.69
N ILE B 234 -20.75 -3.99 1.07
CA ILE B 234 -20.21 -3.96 2.43
C ILE B 234 -19.03 -3.03 2.57
N THR B 235 -18.51 -2.48 1.47
CA THR B 235 -17.24 -1.75 1.51
C THR B 235 -17.53 -0.30 1.89
N ASN B 236 -17.71 -0.08 3.19
CA ASN B 236 -18.05 1.24 3.72
C ASN B 236 -17.77 1.26 5.22
N CYS B 237 -16.91 2.16 5.68
CA CYS B 237 -16.50 2.10 7.08
C CYS B 237 -17.63 2.40 8.04
N PHE B 238 -18.66 3.15 7.62
CA PHE B 238 -19.72 3.40 8.59
C PHE B 238 -20.59 2.17 8.87
N ARG B 239 -20.45 1.08 8.11
CA ARG B 239 -21.08 -0.19 8.50
C ARG B 239 -20.42 -0.79 9.74
N LEU B 240 -19.26 -0.27 10.14
CA LEU B 240 -18.60 -0.71 11.36
C LEU B 240 -19.19 -0.12 12.64
N CYS B 241 -19.90 1.00 12.57
CA CYS B 241 -20.54 1.53 13.77
C CYS B 241 -22.04 1.37 13.64
N ASP B 242 -22.74 1.68 14.72
CA ASP B 242 -24.20 1.59 14.74
C ASP B 242 -24.75 2.96 14.34
N VAL B 243 -25.01 3.15 13.05
CA VAL B 243 -25.48 4.46 12.60
C VAL B 243 -26.87 4.78 13.14
N SER B 244 -27.64 3.79 13.62
CA SER B 244 -28.92 4.11 14.23
C SER B 244 -28.79 4.72 15.62
N ASP B 245 -27.61 4.66 16.21
CA ASP B 245 -27.33 5.13 17.57
C ASP B 245 -26.54 6.42 17.45
N GLU B 246 -27.20 7.55 17.68
CA GLU B 246 -26.57 8.85 17.49
C GLU B 246 -25.26 8.97 18.27
N THR B 247 -25.25 8.54 19.53
CA THR B 247 -24.05 8.61 20.34
C THR B 247 -22.91 7.81 19.72
N ALA B 248 -23.18 6.56 19.36
CA ALA B 248 -22.15 5.74 18.76
C ALA B 248 -21.69 6.30 17.43
N PHE B 249 -22.64 6.78 16.60
CA PHE B 249 -22.25 7.36 15.32
C PHE B 249 -21.32 8.54 15.53
N LYS B 250 -21.64 9.42 16.48
CA LYS B 250 -20.82 10.61 16.68
C LYS B 250 -19.41 10.26 17.10
N GLU B 251 -19.26 9.32 18.03
CA GLU B 251 -17.93 8.92 18.46
C GLU B 251 -17.14 8.36 17.29
N PHE B 252 -17.77 7.51 16.48
CA PHE B 252 -17.11 6.94 15.31
C PHE B 252 -16.73 8.06 14.32
N PHE B 253 -17.66 8.96 14.07
CA PHE B 253 -17.38 10.03 13.10
C PHE B 253 -16.23 10.91 13.56
N GLN B 254 -16.20 11.27 14.84
CA GLN B 254 -15.08 12.04 15.36
C GLN B 254 -13.77 11.26 15.25
N ALA B 255 -13.80 9.96 15.52
CA ALA B 255 -12.59 9.16 15.32
C ALA B 255 -12.12 9.25 13.87
N ARG B 256 -13.04 9.21 12.92
CA ARG B 256 -12.65 9.32 11.51
C ARG B 256 -12.14 10.71 11.17
N LEU B 257 -12.76 11.78 11.72
CA LEU B 257 -12.21 13.12 11.57
C LEU B 257 -10.79 13.18 12.08
N ASP B 258 -10.54 12.62 13.27
CA ASP B 258 -9.19 12.58 13.83
C ASP B 258 -8.21 11.91 12.87
N ASP B 259 -8.64 10.83 12.23
CA ASP B 259 -7.81 10.16 11.22
C ASP B 259 -7.42 11.10 10.10
N MET B 260 -8.41 11.78 9.53
CA MET B 260 -8.13 12.69 8.43
C MET B 260 -7.16 13.77 8.84
N ILE B 261 -7.34 14.30 10.06
CA ILE B 261 -6.52 15.39 10.56
C ILE B 261 -5.07 14.94 10.71
N GLU B 262 -4.87 13.77 11.31
CA GLU B 262 -3.51 13.30 11.49
C GLU B 262 -2.83 13.10 10.14
N ASP B 263 -3.53 12.49 9.16
CA ASP B 263 -2.96 12.33 7.83
C ASP B 263 -2.61 13.67 7.21
N ILE B 264 -3.51 14.64 7.33
CA ILE B 264 -3.26 15.94 6.71
C ILE B 264 -2.05 16.62 7.35
N GLU B 265 -1.92 16.51 8.67
CA GLU B 265 -0.76 17.11 9.35
C GLU B 265 0.55 16.44 8.92
N CYS B 266 0.55 15.11 8.73
CA CYS B 266 1.75 14.45 8.22
C CYS B 266 2.01 14.76 6.75
N ILE B 267 0.96 14.95 5.95
CA ILE B 267 1.19 15.33 4.57
C ILE B 267 1.95 16.66 4.49
N LYS B 268 1.80 17.51 5.51
CA LYS B 268 2.52 18.78 5.55
C LYS B 268 4.04 18.63 5.68
N ALA B 269 4.52 17.49 6.17
CA ALA B 269 5.96 17.23 6.15
C ALA B 269 6.49 16.97 4.74
N PHE B 270 5.63 16.59 3.79
CA PHE B 270 6.12 16.35 2.44
C PHE B 270 6.53 17.68 1.80
N ASP B 271 7.25 17.61 0.69
CA ASP B 271 7.71 18.83 0.06
C ASP B 271 6.51 19.62 -0.43
N GLN B 272 6.72 20.93 -0.65
CA GLN B 272 5.62 21.86 -0.85
C GLN B 272 4.70 21.41 -1.99
N LEU B 273 5.26 20.94 -3.10
CA LEU B 273 4.43 20.66 -4.27
C LEU B 273 3.69 19.33 -4.10
N THR B 274 4.37 18.35 -3.53
CA THR B 274 3.72 17.07 -3.25
C THR B 274 2.52 17.25 -2.33
N GLN B 275 2.67 18.03 -1.25
CA GLN B 275 1.56 18.19 -0.32
C GLN B 275 0.39 18.95 -0.97
N ASP B 276 0.69 19.91 -1.85
CA ASP B 276 -0.39 20.58 -2.58
C ASP B 276 -1.22 19.56 -3.34
N VAL B 277 -0.55 18.63 -4.04
CA VAL B 277 -1.25 17.63 -4.82
C VAL B 277 -2.07 16.70 -3.90
N PHE B 278 -1.44 16.23 -2.82
CA PHE B 278 -2.16 15.36 -1.88
C PHE B 278 -3.39 16.07 -1.30
N LEU B 279 -3.22 17.32 -0.86
CA LEU B 279 -4.32 18.00 -0.20
C LEU B 279 -5.41 18.41 -1.18
N ASP B 280 -5.04 18.80 -2.41
CA ASP B 280 -6.05 19.08 -3.43
C ASP B 280 -6.85 17.81 -3.73
N LEU B 281 -6.21 16.65 -3.69
CA LEU B 281 -6.93 15.41 -3.93
C LEU B 281 -7.98 15.17 -2.85
N ILE B 282 -7.59 15.27 -1.58
CA ILE B 282 -8.52 14.97 -0.50
C ILE B 282 -9.63 16.02 -0.46
N TYR B 283 -9.25 17.29 -0.53
CA TYR B 283 -10.24 18.35 -0.37
C TYR B 283 -11.08 18.49 -1.66
N GLY B 284 -10.45 18.33 -2.81
CA GLY B 284 -11.21 18.32 -4.05
C GLY B 284 -12.22 17.20 -4.14
N ASN B 285 -11.86 16.00 -3.64
CA ASN B 285 -12.82 14.92 -3.66
C ASN B 285 -14.04 15.28 -2.81
N PHE B 286 -13.83 16.00 -1.72
CA PHE B 286 -14.95 16.38 -0.86
C PHE B 286 -15.86 17.41 -1.57
N VAL B 287 -15.25 18.40 -2.22
CA VAL B 287 -16.08 19.38 -2.96
C VAL B 287 -16.87 18.69 -4.07
N TRP B 288 -16.20 17.82 -4.83
CA TRP B 288 -16.87 17.08 -5.90
C TRP B 288 -17.96 16.18 -5.34
N THR B 289 -17.66 15.43 -4.28
CA THR B 289 -18.63 14.48 -3.73
C THR B 289 -19.91 15.20 -3.30
N THR B 290 -19.78 16.38 -2.69
CA THR B 290 -20.95 17.08 -2.19
C THR B 290 -21.69 17.84 -3.28
N SER B 291 -21.13 17.95 -4.49
CA SER B 291 -21.74 18.71 -5.58
C SER B 291 -22.26 17.83 -6.70
N ASN B 292 -22.24 16.52 -6.52
CA ASN B 292 -22.41 15.56 -7.61
C ASN B 292 -23.68 14.78 -7.37
N LYS B 293 -24.54 14.74 -8.40
CA LYS B 293 -25.75 13.92 -8.36
C LYS B 293 -25.47 12.48 -7.93
N ARG B 294 -24.30 11.95 -8.30
CA ARG B 294 -23.88 10.60 -7.89
C ARG B 294 -24.22 10.31 -6.44
N TYR B 295 -24.07 11.29 -5.56
CA TYR B 295 -24.18 11.06 -4.13
C TYR B 295 -25.40 11.75 -3.52
N LYS B 296 -26.28 12.33 -4.34
CA LYS B 296 -27.45 13.08 -3.90
C LYS B 296 -28.73 12.25 -3.83
N THR B 297 -29.00 11.40 -4.81
CA THR B 297 -30.08 10.45 -4.67
C THR B 297 -29.43 9.08 -4.49
N ALA B 298 -30.23 8.10 -4.05
CA ALA B 298 -29.68 6.75 -3.90
C ALA B 298 -29.46 6.10 -5.25
N VAL B 299 -30.47 6.17 -6.11
CA VAL B 299 -30.48 5.47 -7.38
C VAL B 299 -30.88 6.46 -8.45
N ASN B 300 -30.09 6.55 -9.52
CA ASN B 300 -30.34 7.60 -10.50
C ASN B 300 -29.69 7.23 -11.83
N ASP B 301 -29.95 8.07 -12.84
CA ASP B 301 -29.48 7.82 -14.19
C ASP B 301 -27.96 7.90 -14.32
N VAL B 302 -27.25 8.31 -13.28
CA VAL B 302 -25.79 8.33 -13.32
C VAL B 302 -25.13 7.44 -12.28
N ASN B 303 -25.89 6.74 -11.43
CA ASN B 303 -25.26 6.05 -10.31
C ASN B 303 -25.87 4.68 -10.02
N SER B 304 -26.96 4.32 -10.69
CA SER B 304 -27.58 3.02 -10.47
C SER B 304 -26.80 1.93 -11.20
N ARG B 305 -26.86 0.72 -10.66
CA ARG B 305 -26.04 -0.37 -11.19
C ARG B 305 -26.32 -0.59 -12.68
N ILE B 306 -25.26 -0.94 -13.41
CA ILE B 306 -25.33 -1.23 -14.84
C ILE B 306 -25.40 -2.74 -15.00
N GLN B 307 -26.62 -3.26 -15.15
CA GLN B 307 -26.94 -4.65 -14.85
C GLN B 307 -27.08 -5.46 -16.12
N ALA B 308 -26.75 -6.75 -16.05
CA ALA B 308 -26.71 -7.52 -17.28
C ALA B 308 -27.00 -9.00 -17.11
N GLY A 14 18.16 4.46 30.16
CA GLY A 14 16.71 4.58 30.18
C GLY A 14 16.03 4.14 28.89
N ARG A 15 16.24 4.89 27.82
CA ARG A 15 15.75 4.51 26.51
C ARG A 15 16.84 3.88 25.65
N SER A 16 17.97 3.54 26.24
CA SER A 16 19.07 2.99 25.48
C SER A 16 18.81 1.58 24.97
N SER A 17 17.86 0.84 25.55
CA SER A 17 17.86 -0.60 25.35
C SER A 17 16.48 -1.17 25.66
N VAL A 18 16.21 -2.36 25.10
CA VAL A 18 15.08 -3.16 25.54
C VAL A 18 15.54 -4.44 26.23
N ARG A 19 16.83 -4.54 26.57
CA ARG A 19 17.36 -5.70 27.30
C ARG A 19 16.45 -6.18 28.43
N PRO A 20 15.93 -5.34 29.33
CA PRO A 20 15.15 -5.88 30.47
C PRO A 20 13.99 -6.75 30.05
N TYR A 21 13.48 -6.58 28.83
CA TYR A 21 12.28 -7.24 28.36
C TYR A 21 12.57 -8.39 27.40
N LEU A 22 13.84 -8.67 27.11
CA LEU A 22 14.16 -9.56 26.01
C LEU A 22 13.53 -10.94 26.18
N GLU A 23 13.67 -11.53 27.37
CA GLU A 23 13.16 -12.90 27.57
C GLU A 23 11.63 -12.94 27.55
N GLU A 24 10.97 -12.07 28.33
CA GLU A 24 9.51 -12.06 28.36
C GLU A 24 8.93 -11.81 26.97
N CYS A 25 9.44 -10.79 26.27
CA CYS A 25 8.91 -10.47 24.95
C CYS A 25 9.14 -11.62 23.97
N THR A 26 10.32 -12.25 24.01
CA THR A 26 10.56 -13.40 23.14
C THR A 26 9.53 -14.48 23.43
N ARG A 27 9.37 -14.83 24.71
CA ARG A 27 8.37 -15.80 25.12
C ARG A 27 6.98 -15.42 24.63
N ARG A 28 6.63 -14.13 24.75
CA ARG A 28 5.30 -13.67 24.36
C ARG A 28 5.05 -13.82 22.86
N PHE A 29 6.00 -13.35 22.03
CA PHE A 29 5.92 -13.55 20.59
C PHE A 29 5.67 -15.02 20.27
N GLN A 30 6.48 -15.91 20.84
CA GLN A 30 6.35 -17.31 20.48
C GLN A 30 4.99 -17.88 20.88
N GLU A 31 4.50 -17.55 22.08
CA GLU A 31 3.20 -18.09 22.48
C GLU A 31 2.11 -17.60 21.53
N MET A 32 2.24 -16.36 21.07
CA MET A 32 1.27 -15.80 20.14
C MET A 32 1.28 -16.58 18.84
N PHE A 33 2.47 -16.83 18.29
CA PHE A 33 2.57 -17.64 17.07
C PHE A 33 2.00 -19.03 17.25
N ASP A 34 2.28 -19.67 18.40
CA ASP A 34 1.84 -21.05 18.57
C ASP A 34 0.33 -21.13 18.67
N ARG A 35 -0.30 -20.07 19.20
CA ARG A 35 -1.74 -20.10 19.39
C ARG A 35 -2.51 -19.62 18.16
N HIS A 36 -1.87 -18.85 17.26
CA HIS A 36 -2.56 -18.26 16.12
C HIS A 36 -2.04 -18.74 14.77
N VAL A 37 -0.87 -19.38 14.72
CA VAL A 37 -0.32 -19.95 13.50
C VAL A 37 -0.03 -21.44 13.66
N VAL A 38 0.41 -21.87 14.84
CA VAL A 38 0.45 -23.27 15.27
C VAL A 38 1.48 -24.12 14.52
N THR A 39 1.83 -23.73 13.30
CA THR A 39 2.70 -24.57 12.48
C THR A 39 4.01 -23.85 12.20
N ARG A 40 5.10 -24.55 12.45
CA ARG A 40 6.44 -24.02 12.33
C ARG A 40 6.72 -23.56 10.89
N PRO A 41 7.39 -22.43 10.72
CA PRO A 41 8.08 -22.20 9.45
C PRO A 41 9.13 -23.27 9.23
N THR A 42 9.54 -23.47 7.99
CA THR A 42 10.60 -24.44 7.70
C THR A 42 11.61 -23.83 6.74
N LYS A 43 12.88 -24.24 6.89
CA LYS A 43 14.00 -23.55 6.26
C LYS A 43 14.45 -24.26 4.99
N VAL A 44 14.47 -23.51 3.89
CA VAL A 44 15.07 -23.99 2.65
C VAL A 44 16.56 -24.27 2.87
N GLU A 45 16.97 -25.51 2.67
CA GLU A 45 18.39 -25.84 2.68
C GLU A 45 18.94 -25.59 1.28
N LEU A 46 20.15 -25.07 1.20
CA LEU A 46 20.81 -24.88 -0.08
C LEU A 46 22.07 -25.71 -0.06
N THR A 47 22.37 -26.36 -1.19
CA THR A 47 23.64 -27.05 -1.27
C THR A 47 24.77 -26.03 -1.28
N ASP A 48 26.00 -26.52 -1.38
CA ASP A 48 27.10 -25.59 -1.62
C ASP A 48 26.92 -24.89 -2.96
N ALA A 49 26.57 -25.65 -4.01
CA ALA A 49 26.45 -25.07 -5.36
C ALA A 49 25.44 -23.93 -5.40
N GLU A 50 24.28 -24.11 -4.76
CA GLU A 50 23.26 -23.07 -4.82
C GLU A 50 23.67 -21.86 -4.00
N LEU A 51 24.22 -22.09 -2.80
CA LEU A 51 24.69 -20.96 -2.00
C LEU A 51 25.84 -20.25 -2.70
N ARG A 52 26.62 -20.99 -3.47
CA ARG A 52 27.72 -20.42 -4.23
C ARG A 52 27.20 -19.50 -5.32
N GLU A 53 26.22 -19.97 -6.09
CA GLU A 53 25.66 -19.12 -7.15
C GLU A 53 25.07 -17.84 -6.56
N VAL A 54 24.39 -17.96 -5.42
CA VAL A 54 23.80 -16.78 -4.78
C VAL A 54 24.87 -15.81 -4.30
N ILE A 55 25.86 -16.32 -3.56
CA ILE A 55 26.86 -15.44 -2.97
C ILE A 55 27.75 -14.84 -4.06
N ASP A 56 28.08 -15.62 -5.10
CA ASP A 56 28.80 -15.06 -6.25
C ASP A 56 28.08 -13.83 -6.80
N ASP A 57 26.78 -13.98 -7.11
CA ASP A 57 25.99 -12.88 -7.65
C ASP A 57 25.94 -11.70 -6.69
N CYS A 58 25.81 -11.96 -5.39
CA CYS A 58 25.82 -10.88 -4.39
C CYS A 58 27.12 -10.10 -4.43
N ASN A 59 28.26 -10.80 -4.40
CA ASN A 59 29.55 -10.11 -4.42
C ASN A 59 29.72 -9.32 -5.72
N ALA A 60 29.34 -9.90 -6.85
CA ALA A 60 29.42 -9.18 -8.12
C ALA A 60 28.58 -7.91 -8.08
N ALA A 61 27.44 -7.96 -7.36
CA ALA A 61 26.50 -6.84 -7.42
C ALA A 61 26.98 -5.65 -6.60
N VAL A 62 27.55 -5.90 -5.42
CA VAL A 62 27.99 -4.80 -4.57
C VAL A 62 29.46 -4.44 -4.77
N ALA A 63 30.22 -5.26 -5.48
CA ALA A 63 31.62 -4.93 -5.73
C ALA A 63 31.83 -3.52 -6.26
N PRO A 64 31.03 -3.01 -7.22
CA PRO A 64 31.30 -1.65 -7.72
C PRO A 64 31.11 -0.57 -6.68
N LEU A 65 30.52 -0.90 -5.52
CA LEU A 65 30.39 0.06 -4.44
C LEU A 65 31.61 0.09 -3.54
N GLY A 66 32.62 -0.73 -3.82
CA GLY A 66 33.86 -0.72 -3.08
C GLY A 66 33.74 -0.98 -1.59
N LYS A 67 33.12 -2.09 -1.18
CA LYS A 67 33.20 -2.59 0.19
C LYS A 67 33.09 -4.11 0.16
N THR A 68 33.90 -4.77 0.98
CA THR A 68 33.85 -6.22 1.11
C THR A 68 32.72 -6.63 2.04
N VAL A 69 31.95 -7.62 1.62
CA VAL A 69 30.95 -8.27 2.47
C VAL A 69 31.38 -9.71 2.67
N SER A 70 31.50 -10.13 3.92
CA SER A 70 32.00 -11.47 4.24
C SER A 70 30.91 -12.53 4.02
N ASP A 71 31.36 -13.78 3.89
CA ASP A 71 30.44 -14.91 3.84
C ASP A 71 29.42 -14.87 4.96
N GLU A 72 29.87 -14.70 6.21
CA GLU A 72 28.91 -14.87 7.30
C GLU A 72 27.95 -13.68 7.37
N ARG A 73 28.35 -12.52 6.87
CA ARG A 73 27.39 -11.42 6.72
C ARG A 73 26.36 -11.72 5.65
N TRP A 74 26.79 -12.25 4.49
CA TRP A 74 25.81 -12.70 3.49
C TRP A 74 24.85 -13.73 4.08
N ILE A 75 25.39 -14.66 4.89
CA ILE A 75 24.54 -15.68 5.47
C ILE A 75 23.57 -15.05 6.47
N SER A 76 24.05 -14.07 7.24
CA SER A 76 23.14 -13.39 8.16
C SER A 76 21.99 -12.71 7.40
N TYR A 77 22.29 -12.13 6.24
CA TYR A 77 21.23 -11.48 5.46
C TYR A 77 20.30 -12.51 4.83
N VAL A 78 20.86 -13.57 4.24
CA VAL A 78 20.06 -14.47 3.43
C VAL A 78 19.14 -15.34 4.27
N GLY A 79 19.43 -15.49 5.57
CA GLY A 79 18.64 -16.36 6.41
C GLY A 79 17.16 -16.03 6.41
N VAL A 80 16.80 -14.75 6.24
CA VAL A 80 15.38 -14.40 6.25
C VAL A 80 14.68 -15.05 5.08
N VAL A 81 15.34 -15.15 3.93
CA VAL A 81 14.72 -15.83 2.79
C VAL A 81 14.61 -17.32 3.04
N LEU A 82 15.66 -17.90 3.64
CA LEU A 82 15.68 -19.35 3.86
C LEU A 82 14.58 -19.76 4.82
N TRP A 83 14.27 -18.90 5.81
CA TRP A 83 13.34 -19.19 6.89
C TRP A 83 11.92 -18.69 6.65
N SER A 84 11.73 -17.71 5.78
CA SER A 84 10.46 -16.98 5.76
C SER A 84 9.70 -17.13 4.45
N GLN A 85 10.21 -17.90 3.49
CA GLN A 85 9.41 -18.26 2.34
C GLN A 85 8.53 -19.44 2.77
N SER A 86 8.00 -20.20 1.83
CA SER A 86 7.06 -21.28 2.15
C SER A 86 7.43 -22.50 1.32
N PRO A 87 8.41 -23.30 1.80
CA PRO A 87 8.99 -24.35 0.93
C PRO A 87 7.98 -25.32 0.36
N ARG A 88 6.88 -25.59 1.08
CA ARG A 88 5.87 -26.52 0.58
C ARG A 88 5.33 -26.12 -0.77
N HIS A 89 5.21 -24.81 -0.99
CA HIS A 89 4.58 -24.31 -2.19
C HIS A 89 5.57 -23.82 -3.23
N ILE A 90 6.87 -23.94 -2.99
CA ILE A 90 7.83 -23.44 -3.96
C ILE A 90 7.66 -24.16 -5.28
N LYS A 91 7.55 -23.39 -6.36
CA LYS A 91 7.63 -23.94 -7.69
C LYS A 91 8.93 -23.63 -8.40
N ASP A 92 9.37 -22.39 -8.42
CA ASP A 92 10.49 -21.96 -9.24
C ASP A 92 11.65 -21.59 -8.33
N MET A 93 12.67 -22.47 -8.26
CA MET A 93 13.82 -22.22 -7.39
C MET A 93 14.78 -21.18 -7.96
N GLU A 94 14.72 -20.90 -9.26
CA GLU A 94 15.53 -19.81 -9.78
C GLU A 94 14.97 -18.45 -9.33
N ALA A 95 13.64 -18.33 -9.26
CA ALA A 95 13.05 -17.16 -8.62
C ALA A 95 13.42 -17.09 -7.14
N PHE A 96 13.44 -18.24 -6.46
CA PHE A 96 13.88 -18.27 -5.06
C PHE A 96 15.31 -17.75 -4.92
N LYS A 97 16.23 -18.25 -5.75
CA LYS A 97 17.61 -17.78 -5.68
C LYS A 97 17.68 -16.28 -5.97
N ALA A 98 16.84 -15.79 -6.87
CA ALA A 98 16.80 -14.35 -7.13
C ALA A 98 16.41 -13.56 -5.90
N VAL A 99 15.40 -14.05 -5.16
CA VAL A 99 15.00 -13.36 -3.93
C VAL A 99 16.12 -13.41 -2.90
N CYS A 100 16.89 -14.51 -2.88
CA CYS A 100 18.07 -14.54 -2.01
C CYS A 100 19.03 -13.41 -2.35
N VAL A 101 19.39 -13.28 -3.63
CA VAL A 101 20.40 -12.30 -4.03
C VAL A 101 19.88 -10.88 -3.82
N LEU A 102 18.66 -10.62 -4.32
CA LEU A 102 18.09 -9.28 -4.20
C LEU A 102 17.88 -8.86 -2.74
N ASN A 103 17.34 -9.77 -1.92
CA ASN A 103 17.24 -9.46 -0.50
C ASN A 103 18.58 -9.09 0.09
N CYS A 104 19.62 -9.84 -0.27
CA CYS A 104 20.91 -9.65 0.36
C CYS A 104 21.56 -8.35 -0.08
N VAL A 105 21.55 -8.05 -1.38
CA VAL A 105 22.31 -6.89 -1.82
C VAL A 105 21.61 -5.60 -1.41
N THR A 106 20.28 -5.62 -1.26
CA THR A 106 19.62 -4.43 -0.72
C THR A 106 19.72 -4.34 0.79
N PHE A 107 20.00 -5.46 1.47
CA PHE A 107 20.41 -5.40 2.86
C PHE A 107 21.70 -4.61 3.01
N VAL A 108 22.70 -4.88 2.15
CA VAL A 108 23.93 -4.10 2.19
C VAL A 108 23.64 -2.61 2.01
N TRP A 109 22.78 -2.29 1.04
CA TRP A 109 22.34 -0.92 0.82
C TRP A 109 21.76 -0.32 2.10
N ASP A 110 20.88 -1.08 2.78
CA ASP A 110 20.28 -0.64 4.03
C ASP A 110 21.34 -0.26 5.06
N ASP A 111 22.42 -1.02 5.13
CA ASP A 111 23.45 -0.81 6.13
C ASP A 111 24.44 0.30 5.77
N MET A 112 24.54 0.71 4.49
CA MET A 112 25.57 1.63 4.03
C MET A 112 25.23 3.08 4.36
N ASP A 113 26.27 3.90 4.55
CA ASP A 113 26.11 5.36 4.53
C ASP A 113 25.73 5.78 3.11
N PRO A 114 24.85 6.77 2.97
CA PRO A 114 24.34 7.11 1.62
C PRO A 114 25.39 7.67 0.69
N ALA A 115 26.56 8.05 1.21
CA ALA A 115 27.68 8.42 0.34
C ALA A 115 28.03 7.29 -0.61
N LEU A 116 27.95 6.05 -0.14
CA LEU A 116 28.25 4.87 -0.95
C LEU A 116 27.14 4.53 -1.96
N HIS A 117 26.01 5.22 -1.92
CA HIS A 117 24.79 4.80 -2.64
C HIS A 117 24.84 5.23 -4.10
N ASP A 118 25.52 4.45 -4.94
CA ASP A 118 25.76 4.79 -6.35
C ASP A 118 24.70 4.14 -7.23
N PHE A 119 23.71 4.94 -7.63
CA PHE A 119 22.59 4.42 -8.43
C PHE A 119 23.06 4.01 -9.83
N GLY A 120 23.89 4.82 -10.46
CA GLY A 120 24.38 4.49 -11.80
C GLY A 120 25.17 3.19 -11.85
N LEU A 121 25.78 2.79 -10.74
CA LEU A 121 26.53 1.54 -10.72
C LEU A 121 25.73 0.38 -10.17
N PHE A 122 24.80 0.64 -9.25
CA PHE A 122 24.07 -0.43 -8.60
C PHE A 122 22.82 -0.85 -9.36
N LEU A 123 22.08 0.11 -9.91
CA LEU A 123 20.86 -0.26 -10.63
C LEU A 123 21.14 -1.20 -11.79
N PRO A 124 22.19 -1.03 -12.61
CA PRO A 124 22.50 -2.06 -13.61
C PRO A 124 22.72 -3.44 -13.02
N GLN A 125 23.33 -3.54 -11.84
CA GLN A 125 23.49 -4.84 -11.19
C GLN A 125 22.14 -5.45 -10.85
N LEU A 126 21.24 -4.68 -10.22
CA LEU A 126 19.90 -5.18 -9.94
C LEU A 126 19.22 -5.66 -11.22
N ARG A 127 19.27 -4.86 -12.28
CA ARG A 127 18.70 -5.27 -13.57
C ARG A 127 19.32 -6.58 -14.05
N LYS A 128 20.64 -6.73 -13.90
CA LYS A 128 21.32 -7.99 -14.24
C LYS A 128 20.70 -9.17 -13.51
N ILE A 129 20.58 -9.05 -12.18
CA ILE A 129 20.04 -10.14 -11.36
C ILE A 129 18.64 -10.50 -11.82
N CYS A 130 17.80 -9.49 -12.05
CA CYS A 130 16.40 -9.75 -12.36
C CYS A 130 16.25 -10.45 -13.72
N GLU A 131 16.95 -9.97 -14.74
CA GLU A 131 16.89 -10.60 -16.06
C GLU A 131 17.40 -12.04 -16.03
N LYS A 132 18.45 -12.31 -15.25
CA LYS A 132 18.99 -13.67 -15.21
C LYS A 132 17.95 -14.66 -14.71
N TYR A 133 17.30 -14.36 -13.58
CA TYR A 133 16.55 -15.37 -12.84
C TYR A 133 15.05 -15.38 -13.14
N TYR A 134 14.51 -14.30 -13.71
CA TYR A 134 13.09 -14.22 -14.02
C TYR A 134 12.88 -14.15 -15.53
N GLY A 135 11.64 -14.43 -15.96
CA GLY A 135 11.24 -14.19 -17.32
C GLY A 135 11.23 -12.71 -17.63
N PRO A 136 10.87 -12.36 -18.87
CA PRO A 136 10.93 -10.93 -19.28
C PRO A 136 10.01 -10.01 -18.48
N GLU A 137 8.73 -10.34 -18.31
CA GLU A 137 7.79 -9.50 -17.56
C GLU A 137 8.10 -9.50 -16.06
N ASP A 138 8.29 -10.69 -15.48
CA ASP A 138 8.53 -10.78 -14.04
C ASP A 138 9.78 -10.03 -13.65
N ALA A 139 10.78 -10.02 -14.53
CA ALA A 139 11.98 -9.23 -14.29
C ALA A 139 11.66 -7.75 -14.19
N GLU A 140 10.66 -7.28 -14.94
CA GLU A 140 10.28 -5.86 -14.83
C GLU A 140 9.72 -5.55 -13.45
N VAL A 141 8.79 -6.39 -12.95
CA VAL A 141 8.17 -6.13 -11.66
C VAL A 141 9.22 -6.19 -10.55
N ALA A 142 10.08 -7.21 -10.60
CA ALA A 142 11.10 -7.34 -9.56
C ALA A 142 12.06 -6.16 -9.59
N TYR A 143 12.51 -5.75 -10.78
CA TYR A 143 13.46 -4.64 -10.84
C TYR A 143 12.83 -3.33 -10.35
N GLU A 144 11.59 -3.07 -10.75
CA GLU A 144 10.96 -1.83 -10.29
C GLU A 144 10.84 -1.81 -8.77
N ALA A 145 10.42 -2.92 -8.18
CA ALA A 145 10.30 -2.98 -6.72
C ALA A 145 11.66 -2.80 -6.04
N ALA A 146 12.72 -3.42 -6.58
CA ALA A 146 14.06 -3.23 -6.03
C ALA A 146 14.52 -1.78 -6.16
N ARG A 147 14.37 -1.22 -7.36
CA ARG A 147 14.68 0.19 -7.61
C ARG A 147 13.93 1.11 -6.64
N ALA A 148 12.61 0.90 -6.50
CA ALA A 148 11.83 1.72 -5.58
C ALA A 148 12.33 1.59 -4.14
N PHE A 149 12.71 0.37 -3.71
CA PHE A 149 13.21 0.23 -2.36
C PHE A 149 14.50 1.01 -2.12
N VAL A 150 15.52 0.79 -2.95
CA VAL A 150 16.81 1.44 -2.66
C VAL A 150 16.68 2.94 -2.77
N THR A 151 15.84 3.41 -3.69
CA THR A 151 15.59 4.84 -3.81
C THR A 151 14.92 5.38 -2.54
N SER A 152 13.95 4.64 -2.02
CA SER A 152 13.27 5.06 -0.79
C SER A 152 14.23 5.09 0.39
N ASP A 153 14.99 4.00 0.58
CA ASP A 153 15.94 3.98 1.68
C ASP A 153 16.91 5.15 1.56
N HIS A 154 17.34 5.48 0.34
CA HIS A 154 18.29 6.58 0.19
C HIS A 154 17.64 7.92 0.52
N MET A 155 16.53 8.23 -0.14
CA MET A 155 16.10 9.62 -0.05
C MET A 155 15.38 9.90 1.27
N PHE A 156 15.13 8.88 2.11
CA PHE A 156 14.59 9.20 3.43
C PHE A 156 15.64 9.25 4.54
N ARG A 157 16.91 9.09 4.20
CA ARG A 157 17.97 9.17 5.22
C ARG A 157 17.93 10.53 5.91
N ASP A 158 17.83 10.50 7.23
CA ASP A 158 17.64 11.68 8.08
C ASP A 158 16.71 12.77 7.52
N SER A 159 15.55 12.37 6.90
CA SER A 159 14.58 13.25 6.20
C SER A 159 13.40 13.66 7.11
N PRO A 160 12.83 14.88 6.97
CA PRO A 160 11.73 15.28 7.88
C PRO A 160 10.43 14.50 7.62
N ILE A 161 10.23 13.98 6.42
CA ILE A 161 9.05 13.15 6.18
C ILE A 161 9.15 11.86 7.00
N LYS A 162 10.31 11.22 6.96
CA LYS A 162 10.51 10.06 7.84
C LYS A 162 10.24 10.44 9.29
N ALA A 163 10.74 11.60 9.73
CA ALA A 163 10.60 11.99 11.13
C ALA A 163 9.13 12.20 11.50
N ALA A 164 8.35 12.86 10.62
CA ALA A 164 6.94 13.01 10.94
C ALA A 164 6.25 11.65 11.03
N LEU A 165 6.52 10.77 10.06
CA LEU A 165 5.83 9.48 10.04
C LEU A 165 6.28 8.58 11.19
N CYS A 166 7.52 8.69 11.63
CA CYS A 166 7.98 7.83 12.71
C CYS A 166 7.52 8.28 14.08
N THR A 167 7.37 9.58 14.33
CA THR A 167 7.14 10.11 15.67
C THR A 167 5.66 10.28 16.01
N THR A 168 4.77 10.31 15.04
CA THR A 168 3.34 10.42 15.35
C THR A 168 2.83 9.07 15.84
N SER A 169 1.86 8.48 15.16
CA SER A 169 1.13 7.36 15.70
C SER A 169 1.76 6.08 15.20
N PRO A 170 1.42 4.94 15.81
CA PRO A 170 1.80 3.67 15.18
C PRO A 170 1.26 3.52 13.76
N GLU A 171 0.09 4.09 13.48
CA GLU A 171 -0.50 3.88 12.15
C GLU A 171 0.20 4.73 11.08
N GLN A 172 0.76 5.89 11.45
CA GLN A 172 1.62 6.61 10.50
C GLN A 172 2.92 5.85 10.26
N TYR A 173 3.49 5.32 11.32
CA TYR A 173 4.78 4.65 11.21
C TYR A 173 4.70 3.40 10.34
N PHE A 174 3.68 2.57 10.57
CA PHE A 174 3.57 1.33 9.81
C PHE A 174 3.27 1.62 8.34
N ARG A 175 2.62 2.75 8.06
CA ARG A 175 2.41 3.17 6.67
C ARG A 175 3.73 3.41 5.96
N PHE A 176 4.68 4.04 6.63
CA PHE A 176 6.02 4.20 6.09
C PHE A 176 6.71 2.84 5.88
N ARG A 177 6.52 1.92 6.81
CA ARG A 177 7.27 0.66 6.75
C ARG A 177 6.77 -0.31 5.69
N VAL A 178 5.56 -0.11 5.14
CA VAL A 178 5.11 -0.96 4.03
C VAL A 178 6.18 -1.02 2.94
N THR A 179 6.78 0.13 2.62
CA THR A 179 7.90 0.18 1.70
C THR A 179 9.23 0.05 2.44
N ASP A 180 9.42 0.80 3.52
CA ASP A 180 10.77 0.92 4.10
C ASP A 180 11.30 -0.40 4.67
N ILE A 181 10.45 -1.27 5.22
CA ILE A 181 10.99 -2.55 5.66
C ILE A 181 11.14 -3.51 4.49
N GLY A 182 10.90 -3.07 3.27
CA GLY A 182 11.17 -3.88 2.09
C GLY A 182 10.14 -4.94 1.78
N VAL A 183 9.04 -5.01 2.52
CA VAL A 183 8.10 -6.12 2.31
C VAL A 183 7.30 -5.99 1.01
N ASP A 184 6.96 -4.76 0.56
CA ASP A 184 6.32 -4.67 -0.74
C ASP A 184 7.24 -5.20 -1.82
N PHE A 185 8.51 -4.84 -1.75
CA PHE A 185 9.54 -5.36 -2.64
C PHE A 185 9.59 -6.89 -2.57
N TRP A 186 9.59 -7.44 -1.35
CA TRP A 186 9.63 -8.89 -1.14
C TRP A 186 8.50 -9.61 -1.87
N MET A 187 7.26 -9.14 -1.67
CA MET A 187 6.11 -9.79 -2.31
C MET A 187 6.26 -9.77 -3.83
N LYS A 188 6.68 -8.62 -4.38
CA LYS A 188 6.72 -8.44 -5.83
C LYS A 188 7.88 -9.21 -6.47
N MET A 189 8.92 -9.53 -5.72
CA MET A 189 9.93 -10.44 -6.27
C MET A 189 9.70 -11.90 -5.91
N SER A 190 8.80 -12.18 -4.98
CA SER A 190 8.58 -13.55 -4.54
C SER A 190 7.42 -14.24 -5.24
N TYR A 191 6.47 -13.50 -5.82
CA TYR A 191 5.34 -14.20 -6.44
C TYR A 191 5.77 -15.17 -7.54
N PRO A 192 6.85 -14.96 -8.31
CA PRO A 192 7.22 -15.99 -9.29
C PRO A 192 7.69 -17.28 -8.65
N ILE A 193 8.09 -17.27 -7.39
CA ILE A 193 8.46 -18.52 -6.71
C ILE A 193 7.29 -19.47 -6.71
N TYR A 194 6.07 -18.94 -6.54
CA TYR A 194 4.89 -19.75 -6.28
C TYR A 194 3.99 -19.92 -7.50
N ARG A 195 4.07 -19.01 -8.47
CA ARG A 195 3.24 -19.07 -9.70
C ARG A 195 1.78 -19.33 -9.39
N HIS A 196 1.27 -18.64 -8.37
CA HIS A 196 -0.11 -18.82 -7.93
C HIS A 196 -0.90 -17.55 -8.21
N PRO A 197 -1.76 -17.55 -9.22
CA PRO A 197 -2.45 -16.30 -9.62
C PRO A 197 -3.02 -15.47 -8.48
N GLU A 198 -3.67 -16.08 -7.48
CA GLU A 198 -4.23 -15.30 -6.40
C GLU A 198 -3.15 -14.51 -5.66
N PHE A 199 -2.05 -15.18 -5.29
CA PHE A 199 -0.97 -14.51 -4.58
C PHE A 199 -0.34 -13.43 -5.45
N THR A 200 -0.20 -13.68 -6.74
CA THR A 200 0.42 -12.72 -7.62
C THR A 200 -0.36 -11.40 -7.69
N GLU A 201 -1.69 -11.48 -7.69
CA GLU A 201 -2.49 -10.25 -7.64
C GLU A 201 -2.35 -9.53 -6.30
N HIS A 202 -2.41 -10.27 -5.19
CA HIS A 202 -2.25 -9.61 -3.89
C HIS A 202 -0.87 -8.97 -3.78
N ALA A 203 0.14 -9.61 -4.37
CA ALA A 203 1.47 -9.02 -4.43
C ALA A 203 1.46 -7.74 -5.25
N LYS A 204 0.81 -7.76 -6.40
CA LYS A 204 0.89 -6.61 -7.30
C LYS A 204 0.05 -5.44 -6.81
N THR A 205 -1.04 -5.69 -6.07
CA THR A 205 -1.81 -4.61 -5.44
C THR A 205 -1.17 -4.07 -4.17
N SER A 206 -0.16 -4.78 -3.63
CA SER A 206 0.46 -4.51 -2.34
C SER A 206 -0.45 -4.84 -1.15
N LEU A 207 -1.64 -5.40 -1.38
CA LEU A 207 -2.40 -5.91 -0.25
C LEU A 207 -1.58 -6.94 0.55
N ALA A 208 -0.85 -7.80 -0.16
CA ALA A 208 0.03 -8.79 0.50
C ALA A 208 1.00 -8.09 1.45
N ALA A 209 1.66 -7.04 0.97
CA ALA A 209 2.55 -6.30 1.85
C ALA A 209 1.80 -5.63 2.98
N ARG A 210 0.64 -5.05 2.69
CA ARG A 210 -0.09 -4.32 3.71
C ARG A 210 -0.53 -5.25 4.82
N MET A 211 -0.81 -6.52 4.51
CA MET A 211 -1.28 -7.48 5.51
C MET A 211 -0.15 -7.98 6.41
N THR A 212 1.10 -7.91 5.96
CA THR A 212 2.23 -8.55 6.67
C THR A 212 3.17 -7.54 7.32
N THR A 213 2.97 -6.24 7.05
CA THR A 213 3.92 -5.22 7.49
C THR A 213 4.05 -5.17 9.00
N ARG A 214 2.93 -5.17 9.73
CA ARG A 214 3.04 -4.99 11.18
C ARG A 214 3.74 -6.18 11.82
N GLY A 215 3.40 -7.40 11.39
CA GLY A 215 3.98 -8.57 12.02
C GLY A 215 5.46 -8.67 11.81
N LEU A 216 5.93 -8.24 10.63
CA LEU A 216 7.37 -8.21 10.37
C LEU A 216 8.04 -7.06 11.12
N THR A 217 7.41 -5.88 11.10
CA THR A 217 8.04 -4.68 11.65
C THR A 217 8.14 -4.73 13.17
N ILE A 218 7.07 -5.15 13.84
CA ILE A 218 7.09 -5.17 15.30
C ILE A 218 8.21 -6.08 15.79
N VAL A 219 8.36 -7.23 15.16
CA VAL A 219 9.43 -8.16 15.54
C VAL A 219 10.79 -7.55 15.23
N ASN A 220 10.97 -7.03 14.01
CA ASN A 220 12.26 -6.44 13.67
C ASN A 220 12.61 -5.31 14.62
N ASP A 221 11.63 -4.42 14.90
CA ASP A 221 11.88 -3.26 15.74
C ASP A 221 12.28 -3.67 17.15
N PHE A 222 11.65 -4.69 17.71
CA PHE A 222 12.01 -5.04 19.08
C PHE A 222 13.47 -5.45 19.16
N TYR A 223 13.90 -6.34 18.28
CA TYR A 223 15.25 -6.90 18.38
C TYR A 223 16.34 -6.03 17.75
N SER A 224 15.98 -5.04 16.93
CA SER A 224 16.99 -4.14 16.39
C SER A 224 17.00 -2.78 17.11
N TYR A 225 16.16 -2.62 18.14
CA TYR A 225 16.06 -1.35 18.85
C TYR A 225 17.43 -0.87 19.33
N ASP A 226 18.16 -1.74 20.05
CA ASP A 226 19.40 -1.29 20.68
C ASP A 226 20.40 -0.76 19.68
N ARG A 227 20.59 -1.49 18.55
CA ARG A 227 21.48 -0.99 17.49
C ARG A 227 20.98 0.33 16.94
N GLU A 228 19.69 0.37 16.56
CA GLU A 228 19.17 1.58 15.92
C GLU A 228 19.26 2.78 16.86
N VAL A 229 18.91 2.58 18.13
CA VAL A 229 19.02 3.62 19.14
C VAL A 229 20.45 4.15 19.23
N SER A 230 21.43 3.26 19.28
CA SER A 230 22.80 3.71 19.49
C SER A 230 23.27 4.63 18.36
N LEU A 231 22.75 4.44 17.14
CA LEU A 231 23.23 5.12 15.95
C LEU A 231 22.39 6.35 15.60
N GLY A 232 21.27 6.58 16.28
CA GLY A 232 20.37 7.66 15.92
C GLY A 232 19.42 7.33 14.79
N GLN A 233 19.09 6.05 14.60
CA GLN A 233 18.11 5.66 13.60
C GLN A 233 16.71 5.71 14.21
N ILE A 234 15.83 6.55 13.66
CA ILE A 234 14.55 6.80 14.30
C ILE A 234 13.46 5.85 13.85
N THR A 235 13.75 4.98 12.87
CA THR A 235 12.71 4.13 12.29
C THR A 235 12.54 2.89 13.16
N ASN A 236 11.74 3.04 14.21
CA ASN A 236 11.52 1.96 15.19
C ASN A 236 10.30 2.29 16.03
N CYS A 237 9.26 1.45 15.97
CA CYS A 237 8.03 1.82 16.66
C CYS A 237 8.18 1.88 18.18
N PHE A 238 9.19 1.21 18.76
CA PHE A 238 9.35 1.30 20.21
C PHE A 238 9.92 2.65 20.66
N ARG A 239 10.39 3.48 19.75
CA ARG A 239 10.79 4.85 20.10
C ARG A 239 9.58 5.74 20.38
N LEU A 240 8.38 5.27 20.06
CA LEU A 240 7.18 6.04 20.32
C LEU A 240 6.89 6.14 21.80
N CYS A 241 7.42 5.22 22.59
CA CYS A 241 6.95 5.04 23.93
C CYS A 241 8.15 4.94 24.85
N ASP A 242 7.89 5.03 26.14
CA ASP A 242 8.98 5.14 27.10
C ASP A 242 9.43 3.73 27.50
N VAL A 243 10.45 3.21 26.82
CA VAL A 243 10.88 1.85 27.18
C VAL A 243 11.52 1.83 28.56
N SER A 244 11.98 2.95 29.06
CA SER A 244 12.39 3.08 30.45
C SER A 244 11.24 2.91 31.42
N ASP A 245 9.99 3.07 30.98
CA ASP A 245 8.83 3.02 31.84
C ASP A 245 8.29 1.60 31.72
N GLU A 246 8.37 0.88 32.83
CA GLU A 246 7.96 -0.52 32.84
C GLU A 246 6.51 -0.68 32.45
N THR A 247 5.61 0.07 33.12
CA THR A 247 4.18 -0.11 32.86
C THR A 247 3.82 0.35 31.46
N ALA A 248 4.43 1.43 30.98
CA ALA A 248 4.09 1.93 29.65
C ALA A 248 4.62 1.00 28.58
N PHE A 249 5.81 0.42 28.79
CA PHE A 249 6.33 -0.53 27.80
C PHE A 249 5.36 -1.68 27.61
N LYS A 250 4.90 -2.29 28.72
CA LYS A 250 4.07 -3.48 28.62
C LYS A 250 2.74 -3.18 27.94
N GLU A 251 2.19 -2.00 28.20
CA GLU A 251 0.93 -1.65 27.58
C GLU A 251 1.12 -1.42 26.08
N PHE A 252 2.25 -0.82 25.70
CA PHE A 252 2.52 -0.62 24.28
C PHE A 252 2.78 -1.96 23.60
N PHE A 253 3.55 -2.83 24.27
CA PHE A 253 3.88 -4.12 23.70
C PHE A 253 2.64 -4.96 23.49
N GLN A 254 1.72 -4.95 24.46
CA GLN A 254 0.47 -5.70 24.26
C GLN A 254 -0.33 -5.10 23.11
N ALA A 255 -0.33 -3.77 22.98
CA ALA A 255 -1.01 -3.16 21.84
C ALA A 255 -0.44 -3.67 20.52
N ARG A 256 0.88 -3.85 20.46
CA ARG A 256 1.50 -4.31 19.22
C ARG A 256 1.21 -5.80 19.00
N LEU A 257 1.21 -6.61 20.07
CA LEU A 257 0.79 -7.99 19.90
C LEU A 257 -0.64 -8.07 19.38
N ASP A 258 -1.54 -7.25 19.92
CA ASP A 258 -2.91 -7.24 19.43
C ASP A 258 -2.96 -6.93 17.93
N ASP A 259 -2.13 -5.98 17.48
CA ASP A 259 -2.05 -5.66 16.05
C ASP A 259 -1.67 -6.89 15.24
N MET A 260 -0.62 -7.59 15.70
CA MET A 260 -0.17 -8.79 15.00
C MET A 260 -1.27 -9.84 14.93
N ILE A 261 -1.97 -10.04 16.05
CA ILE A 261 -3.01 -11.06 16.11
C ILE A 261 -4.12 -10.73 15.13
N GLU A 262 -4.53 -9.47 15.11
CA GLU A 262 -5.62 -9.08 14.22
C GLU A 262 -5.24 -9.30 12.76
N ASP A 263 -4.02 -8.92 12.37
CA ASP A 263 -3.57 -9.17 11.01
C ASP A 263 -3.58 -10.67 10.70
N ILE A 264 -3.01 -11.47 11.61
CA ILE A 264 -2.92 -12.91 11.35
C ILE A 264 -4.30 -13.52 11.21
N GLU A 265 -5.25 -13.14 12.07
CA GLU A 265 -6.57 -13.74 11.96
C GLU A 265 -7.28 -13.32 10.67
N CYS A 266 -7.10 -12.07 10.22
CA CYS A 266 -7.69 -11.68 8.93
C CYS A 266 -6.94 -12.33 7.76
N ILE A 267 -5.63 -12.57 7.91
CA ILE A 267 -4.90 -13.30 6.88
C ILE A 267 -5.54 -14.68 6.65
N LYS A 268 -6.18 -15.24 7.66
CA LYS A 268 -6.84 -16.55 7.57
C LYS A 268 -8.14 -16.52 6.78
N ALA A 269 -8.41 -15.41 6.07
CA ALA A 269 -9.49 -15.37 5.09
C ALA A 269 -8.98 -15.52 3.67
N PHE A 270 -7.68 -15.36 3.45
CA PHE A 270 -7.14 -15.50 2.12
C PHE A 270 -7.15 -16.98 1.72
N ASP A 271 -6.87 -17.24 0.44
CA ASP A 271 -6.81 -18.61 -0.04
C ASP A 271 -5.70 -19.35 0.71
N GLN A 272 -5.83 -20.67 0.79
CA GLN A 272 -4.96 -21.44 1.68
C GLN A 272 -3.48 -21.35 1.30
N LEU A 273 -3.15 -21.18 0.02
CA LEU A 273 -1.74 -21.03 -0.34
C LEU A 273 -1.21 -19.66 0.07
N THR A 274 -1.95 -18.62 -0.26
CA THR A 274 -1.51 -17.26 0.04
C THR A 274 -1.35 -17.08 1.54
N GLN A 275 -2.30 -17.61 2.30
CA GLN A 275 -2.22 -17.43 3.74
C GLN A 275 -1.05 -18.24 4.31
N ASP A 276 -0.71 -19.37 3.70
CA ASP A 276 0.52 -20.07 4.09
C ASP A 276 1.74 -19.18 3.88
N VAL A 277 1.85 -18.56 2.70
CA VAL A 277 2.98 -17.68 2.41
C VAL A 277 3.03 -16.49 3.37
N PHE A 278 1.88 -15.83 3.59
CA PHE A 278 1.87 -14.68 4.51
C PHE A 278 2.36 -15.08 5.90
N LEU A 279 1.80 -16.16 6.45
CA LEU A 279 2.08 -16.54 7.83
C LEU A 279 3.49 -17.10 7.97
N ASP A 280 3.96 -17.88 6.98
CA ASP A 280 5.35 -18.33 7.01
C ASP A 280 6.31 -17.16 6.97
N LEU A 281 5.95 -16.09 6.25
CA LEU A 281 6.78 -14.90 6.22
C LEU A 281 6.89 -14.27 7.60
N ILE A 282 5.77 -14.07 8.28
CA ILE A 282 5.80 -13.37 9.57
C ILE A 282 6.49 -14.25 10.62
N TYR A 283 6.08 -15.51 10.70
CA TYR A 283 6.63 -16.42 11.69
C TYR A 283 8.10 -16.75 11.38
N GLY A 284 8.41 -17.00 10.12
CA GLY A 284 9.79 -17.26 9.74
C GLY A 284 10.71 -16.09 10.04
N ASN A 285 10.23 -14.86 9.83
CA ASN A 285 11.04 -13.70 10.18
C ASN A 285 11.36 -13.69 11.67
N PHE A 286 10.38 -14.07 12.50
CA PHE A 286 10.63 -14.12 13.93
C PHE A 286 11.68 -15.18 14.26
N VAL A 287 11.56 -16.37 13.67
CA VAL A 287 12.54 -17.44 13.96
C VAL A 287 13.94 -16.99 13.56
N TRP A 288 14.07 -16.46 12.35
CA TRP A 288 15.37 -15.97 11.87
C TRP A 288 15.92 -14.85 12.73
N THR A 289 15.06 -13.86 13.06
CA THR A 289 15.49 -12.73 13.88
C THR A 289 16.06 -13.20 15.22
N THR A 290 15.43 -14.19 15.85
CA THR A 290 15.88 -14.64 17.16
C THR A 290 17.11 -15.55 17.11
N SER A 291 17.45 -16.14 15.97
CA SER A 291 18.68 -16.94 15.92
C SER A 291 19.73 -16.35 14.98
N ASN A 292 19.88 -15.02 14.96
CA ASN A 292 20.76 -14.30 14.05
C ASN A 292 21.56 -13.26 14.82
N LYS A 293 22.89 -13.35 14.73
CA LYS A 293 23.79 -12.43 15.43
C LYS A 293 23.50 -10.98 15.10
N ARG A 294 22.97 -10.71 13.91
CA ARG A 294 22.60 -9.34 13.54
C ARG A 294 21.75 -8.68 14.63
N TYR A 295 20.94 -9.45 15.33
CA TYR A 295 19.99 -8.87 16.29
C TYR A 295 20.36 -9.19 17.75
N LYS A 296 21.67 -9.31 18.06
CA LYS A 296 22.16 -9.80 19.36
C LYS A 296 22.96 -8.79 20.18
N THR A 297 23.94 -8.07 19.62
CA THR A 297 24.60 -6.96 20.32
C THR A 297 23.90 -5.64 20.00
N ALA A 298 24.73 -4.63 19.67
CA ALA A 298 24.24 -3.43 18.97
C ALA A 298 25.13 -3.11 17.77
N VAL A 299 26.42 -3.36 17.91
CA VAL A 299 27.37 -3.20 16.80
C VAL A 299 28.26 -4.44 16.81
N ASN A 300 28.29 -5.15 15.69
CA ASN A 300 29.09 -6.36 15.54
C ASN A 300 29.40 -6.51 14.05
N ASP A 301 30.00 -7.65 13.69
CA ASP A 301 30.54 -7.79 12.34
C ASP A 301 29.47 -8.15 11.30
N VAL A 302 28.24 -8.45 11.70
CA VAL A 302 27.17 -8.60 10.72
C VAL A 302 26.06 -7.57 10.88
N ASN A 303 26.35 -6.43 11.53
CA ASN A 303 25.46 -5.27 11.47
C ASN A 303 26.19 -3.94 11.66
N SER A 304 27.51 -3.91 11.49
CA SER A 304 28.25 -2.67 11.66
C SER A 304 28.04 -1.79 10.44
N ARG A 305 27.71 -0.51 10.67
CA ARG A 305 27.45 0.41 9.57
C ARG A 305 28.59 0.36 8.56
N ILE A 306 28.21 0.27 7.29
CA ILE A 306 29.17 0.25 6.18
C ILE A 306 29.38 1.71 5.79
N GLN A 307 30.43 2.32 6.31
CA GLN A 307 30.55 3.79 6.19
C GLN A 307 31.51 4.26 5.08
N GLY B 9 -42.03 -6.36 5.65
CA GLY B 9 -40.72 -6.91 5.98
C GLY B 9 -39.97 -5.94 6.87
N ALA B 10 -38.91 -6.35 7.58
CA ALA B 10 -38.22 -5.42 8.48
C ALA B 10 -36.72 -5.66 8.63
N GLN B 11 -35.89 -5.18 7.69
CA GLN B 11 -34.47 -4.93 7.96
C GLN B 11 -34.30 -3.73 8.90
N ASP B 12 -33.06 -3.47 9.31
CA ASP B 12 -32.78 -2.33 10.18
C ASP B 12 -32.86 -1.01 9.39
N ILE B 13 -34.09 -0.49 9.28
CA ILE B 13 -34.31 0.79 8.60
C ILE B 13 -33.59 1.91 9.34
N GLY B 14 -33.69 1.95 10.66
CA GLY B 14 -33.11 3.05 11.41
C GLY B 14 -31.61 3.16 11.22
N ARG B 15 -30.96 2.05 10.87
CA ARG B 15 -29.53 1.98 10.60
C ARG B 15 -29.20 2.05 9.11
N SER B 16 -30.19 2.15 8.24
CA SER B 16 -29.94 2.08 6.80
C SER B 16 -29.68 3.43 6.14
N SER B 17 -29.45 4.50 6.90
CA SER B 17 -29.27 5.80 6.29
C SER B 17 -28.47 6.72 7.21
N VAL B 18 -27.55 7.49 6.62
CA VAL B 18 -26.91 8.55 7.38
C VAL B 18 -27.61 9.89 7.16
N ARG B 19 -28.81 9.87 6.57
CA ARG B 19 -29.59 11.09 6.35
C ARG B 19 -29.67 12.00 7.56
N PRO B 20 -30.01 11.54 8.77
CA PRO B 20 -30.13 12.49 9.90
C PRO B 20 -28.91 13.37 10.07
N TYR B 21 -27.72 12.85 9.81
CA TYR B 21 -26.44 13.49 10.11
C TYR B 21 -25.88 14.29 8.95
N LEU B 22 -26.62 14.38 7.85
CA LEU B 22 -26.07 14.92 6.60
C LEU B 22 -25.56 16.36 6.78
N GLU B 23 -26.38 17.23 7.33
CA GLU B 23 -25.99 18.63 7.43
C GLU B 23 -24.83 18.82 8.40
N GLU B 24 -24.90 18.20 9.57
CA GLU B 24 -23.87 18.45 10.56
C GLU B 24 -22.53 17.84 10.14
N CYS B 25 -22.54 16.64 9.56
CA CYS B 25 -21.28 16.06 9.10
C CYS B 25 -20.67 16.85 7.96
N THR B 26 -21.50 17.34 7.04
CA THR B 26 -20.99 18.17 5.96
C THR B 26 -20.30 19.41 6.52
N ARG B 27 -20.98 20.10 7.42
CA ARG B 27 -20.42 21.26 8.10
C ARG B 27 -19.10 20.91 8.78
N ARG B 28 -19.06 19.77 9.46
CA ARG B 28 -17.88 19.41 10.23
C ARG B 28 -16.69 19.07 9.31
N PHE B 29 -16.94 18.31 8.23
CA PHE B 29 -15.91 18.11 7.21
C PHE B 29 -15.34 19.44 6.75
N GLN B 30 -16.22 20.36 6.35
CA GLN B 30 -15.76 21.63 5.80
C GLN B 30 -14.96 22.41 6.84
N GLU B 31 -15.41 22.41 8.09
CA GLU B 31 -14.67 23.11 9.14
C GLU B 31 -13.28 22.52 9.28
N MET B 32 -13.18 21.20 9.18
CA MET B 32 -11.88 20.54 9.27
C MET B 32 -10.97 20.99 8.14
N PHE B 33 -11.47 20.95 6.90
CA PHE B 33 -10.65 21.40 5.78
C PHE B 33 -10.23 22.86 5.93
N ASP B 34 -11.13 23.70 6.47
CA ASP B 34 -10.80 25.12 6.61
C ASP B 34 -9.69 25.34 7.61
N ARG B 35 -9.70 24.58 8.71
CA ARG B 35 -8.64 24.68 9.72
C ARG B 35 -7.32 24.08 9.23
N HIS B 36 -7.35 22.95 8.54
CA HIS B 36 -6.13 22.20 8.26
C HIS B 36 -5.65 22.26 6.83
N VAL B 37 -6.37 22.90 5.91
CA VAL B 37 -5.97 22.98 4.52
C VAL B 37 -6.10 24.41 3.98
N VAL B 38 -7.13 25.13 4.42
CA VAL B 38 -7.25 26.57 4.23
C VAL B 38 -7.61 26.91 2.78
N THR B 39 -6.76 26.49 1.82
CA THR B 39 -6.94 26.87 0.41
C THR B 39 -7.99 25.99 -0.27
N ARG B 40 -8.85 26.63 -1.08
CA ARG B 40 -9.86 25.89 -1.83
C ARG B 40 -9.17 25.00 -2.87
N PRO B 41 -9.77 23.87 -3.25
CA PRO B 41 -9.38 23.23 -4.52
C PRO B 41 -9.90 24.07 -5.68
N THR B 42 -9.32 23.82 -6.86
CA THR B 42 -9.59 24.62 -8.05
C THR B 42 -10.03 23.70 -9.18
N LYS B 43 -11.08 24.06 -9.89
CA LYS B 43 -11.60 23.18 -10.94
C LYS B 43 -10.84 23.37 -12.24
N VAL B 44 -10.31 22.29 -12.81
CA VAL B 44 -9.76 22.33 -14.16
C VAL B 44 -10.90 22.60 -15.14
N GLU B 45 -10.84 23.73 -15.85
CA GLU B 45 -11.79 23.98 -16.94
C GLU B 45 -11.16 23.49 -18.24
N LEU B 46 -11.72 22.42 -18.80
CA LEU B 46 -11.34 22.03 -20.15
C LEU B 46 -12.05 22.93 -21.16
N THR B 47 -11.74 22.73 -22.43
CA THR B 47 -12.54 23.28 -23.50
C THR B 47 -13.63 22.29 -23.89
N ASP B 48 -14.54 22.70 -24.77
CA ASP B 48 -15.58 21.73 -25.14
C ASP B 48 -15.02 20.67 -26.09
N ALA B 49 -13.83 20.91 -26.67
CA ALA B 49 -13.19 19.88 -27.49
C ALA B 49 -12.49 18.83 -26.64
N GLU B 50 -11.68 19.28 -25.68
CA GLU B 50 -11.10 18.35 -24.72
C GLU B 50 -12.18 17.45 -24.12
N LEU B 51 -13.29 18.05 -23.68
CA LEU B 51 -14.37 17.27 -23.10
C LEU B 51 -15.02 16.33 -24.12
N ARG B 52 -15.23 16.82 -25.36
CA ARG B 52 -15.70 15.94 -26.41
C ARG B 52 -14.75 14.75 -26.60
N GLU B 53 -13.46 15.04 -26.76
CA GLU B 53 -12.48 13.96 -26.92
C GLU B 53 -12.57 12.97 -25.76
N VAL B 54 -12.81 13.48 -24.55
CA VAL B 54 -12.84 12.63 -23.37
C VAL B 54 -14.01 11.64 -23.47
N ILE B 55 -15.22 12.15 -23.72
CA ILE B 55 -16.38 11.27 -23.79
C ILE B 55 -16.24 10.27 -24.95
N ASP B 56 -15.84 10.75 -26.13
CA ASP B 56 -15.66 9.86 -27.28
C ASP B 56 -14.81 8.63 -26.91
N ASP B 57 -13.67 8.86 -26.25
CA ASP B 57 -12.80 7.74 -25.88
C ASP B 57 -13.40 6.87 -24.79
N CYS B 58 -14.12 7.46 -23.84
CA CYS B 58 -14.80 6.65 -22.82
C CYS B 58 -15.81 5.71 -23.45
N ASN B 59 -16.60 6.22 -24.40
CA ASN B 59 -17.61 5.41 -25.06
C ASN B 59 -16.97 4.27 -25.84
N ALA B 60 -15.89 4.56 -26.57
CA ALA B 60 -15.24 3.51 -27.34
C ALA B 60 -14.76 2.39 -26.42
N ALA B 61 -14.28 2.77 -25.24
CA ALA B 61 -13.65 1.80 -24.35
C ALA B 61 -14.67 0.86 -23.72
N VAL B 62 -15.92 1.27 -23.58
CA VAL B 62 -16.89 0.42 -22.91
C VAL B 62 -17.94 -0.13 -23.85
N ALA B 63 -18.03 0.35 -25.09
CA ALA B 63 -19.03 -0.16 -26.03
C ALA B 63 -19.04 -1.69 -26.13
N PRO B 64 -17.91 -2.39 -26.25
CA PRO B 64 -18.00 -3.86 -26.35
C PRO B 64 -18.52 -4.54 -25.09
N LEU B 65 -18.76 -3.81 -23.99
CA LEU B 65 -19.40 -4.44 -22.84
C LEU B 65 -20.92 -4.33 -22.88
N GLY B 66 -21.49 -3.59 -23.84
CA GLY B 66 -22.90 -3.67 -24.16
C GLY B 66 -23.82 -2.65 -23.50
N LYS B 67 -23.29 -1.80 -22.62
CA LYS B 67 -24.10 -0.89 -21.84
C LYS B 67 -23.81 0.55 -22.24
N THR B 68 -24.84 1.26 -22.67
CA THR B 68 -24.73 2.68 -23.02
C THR B 68 -24.53 3.51 -21.76
N VAL B 69 -23.65 4.50 -21.84
CA VAL B 69 -23.42 5.46 -20.77
C VAL B 69 -23.73 6.87 -21.29
N SER B 70 -24.59 7.59 -20.59
CA SER B 70 -24.99 8.92 -21.04
C SER B 70 -23.88 9.94 -20.77
N ASP B 71 -23.93 11.06 -21.52
CA ASP B 71 -23.04 12.18 -21.22
C ASP B 71 -23.20 12.64 -19.78
N GLU B 72 -24.44 12.71 -19.28
CA GLU B 72 -24.65 13.10 -17.89
C GLU B 72 -23.87 12.19 -16.94
N ARG B 73 -23.91 10.88 -17.20
CA ARG B 73 -23.23 9.95 -16.30
C ARG B 73 -21.72 10.10 -16.42
N TRP B 74 -21.20 10.21 -17.65
CA TRP B 74 -19.77 10.45 -17.81
C TRP B 74 -19.33 11.71 -17.06
N ILE B 75 -20.13 12.77 -17.16
CA ILE B 75 -19.81 14.00 -16.45
C ILE B 75 -19.81 13.76 -14.95
N SER B 76 -20.75 12.92 -14.47
CA SER B 76 -20.78 12.54 -13.07
C SER B 76 -19.47 11.87 -12.64
N TYR B 77 -18.93 10.99 -13.48
CA TYR B 77 -17.68 10.32 -13.16
C TYR B 77 -16.49 11.27 -13.24
N VAL B 78 -16.48 12.14 -14.26
CA VAL B 78 -15.25 12.86 -14.59
C VAL B 78 -14.96 13.98 -13.61
N GLY B 79 -16.00 14.50 -12.92
CA GLY B 79 -15.81 15.65 -12.06
C GLY B 79 -14.73 15.46 -11.01
N VAL B 80 -14.54 14.22 -10.53
CA VAL B 80 -13.53 14.01 -9.49
C VAL B 80 -12.14 14.35 -10.02
N VAL B 81 -11.87 14.06 -11.30
CA VAL B 81 -10.59 14.43 -11.86
C VAL B 81 -10.49 15.94 -12.03
N LEU B 82 -11.59 16.56 -12.47
CA LEU B 82 -11.58 18.01 -12.70
C LEU B 82 -11.34 18.79 -11.41
N TRP B 83 -11.83 18.27 -10.28
CA TRP B 83 -11.75 18.98 -9.00
C TRP B 83 -10.57 18.58 -8.12
N SER B 84 -10.02 17.39 -8.30
CA SER B 84 -9.12 16.85 -7.29
C SER B 84 -7.68 16.71 -7.75
N GLN B 85 -7.36 17.10 -8.98
CA GLN B 85 -5.98 17.28 -9.37
C GLN B 85 -5.53 18.64 -8.84
N SER B 86 -4.37 19.13 -9.28
CA SER B 86 -3.85 20.39 -8.77
C SER B 86 -3.48 21.24 -9.98
N PRO B 87 -4.40 22.11 -10.43
CA PRO B 87 -4.21 22.76 -11.74
C PRO B 87 -2.94 23.58 -11.86
N ARG B 88 -2.53 24.28 -10.80
CA ARG B 88 -1.38 25.15 -10.96
C ARG B 88 -0.11 24.37 -11.28
N HIS B 89 -0.05 23.09 -10.94
CA HIS B 89 1.14 22.28 -11.16
C HIS B 89 1.04 21.37 -12.37
N ILE B 90 -0.05 21.47 -13.15
CA ILE B 90 -0.21 20.64 -14.33
C ILE B 90 0.84 21.01 -15.38
N LYS B 91 1.66 20.03 -15.78
CA LYS B 91 2.62 20.24 -16.86
C LYS B 91 2.40 19.33 -18.06
N ASP B 92 1.53 18.34 -17.96
CA ASP B 92 1.29 17.41 -19.06
C ASP B 92 -0.22 17.23 -19.20
N MET B 93 -0.85 17.98 -20.11
CA MET B 93 -2.30 17.93 -20.25
C MET B 93 -2.80 16.69 -20.98
N GLU B 94 -1.95 16.01 -21.74
CA GLU B 94 -2.36 14.73 -22.31
C GLU B 94 -2.46 13.63 -21.25
N ALA B 95 -1.54 13.64 -20.28
CA ALA B 95 -1.69 12.73 -19.14
C ALA B 95 -2.95 13.04 -18.35
N PHE B 96 -3.27 14.33 -18.19
CA PHE B 96 -4.49 14.70 -17.48
C PHE B 96 -5.71 14.11 -18.15
N LYS B 97 -5.75 14.15 -19.50
CA LYS B 97 -6.87 13.56 -20.24
C LYS B 97 -6.91 12.05 -20.09
N ALA B 98 -5.76 11.39 -20.12
CA ALA B 98 -5.72 9.95 -19.83
C ALA B 98 -6.37 9.63 -18.49
N VAL B 99 -6.06 10.43 -17.47
CA VAL B 99 -6.66 10.16 -16.15
C VAL B 99 -8.16 10.40 -16.17
N CYS B 100 -8.63 11.42 -16.93
CA CYS B 100 -10.07 11.57 -17.11
C CYS B 100 -10.68 10.31 -17.68
N VAL B 101 -10.09 9.78 -18.76
CA VAL B 101 -10.67 8.61 -19.40
C VAL B 101 -10.57 7.38 -18.49
N LEU B 102 -9.37 7.13 -17.95
CA LEU B 102 -9.16 5.92 -17.17
C LEU B 102 -10.00 5.93 -15.90
N ASN B 103 -10.05 7.06 -15.21
CA ASN B 103 -10.98 7.20 -14.09
C ASN B 103 -12.40 6.82 -14.50
N CYS B 104 -12.87 7.38 -15.63
CA CYS B 104 -14.29 7.22 -15.97
C CYS B 104 -14.64 5.80 -16.36
N VAL B 105 -13.82 5.16 -17.20
CA VAL B 105 -14.24 3.83 -17.67
C VAL B 105 -14.10 2.78 -16.56
N THR B 106 -13.14 2.93 -15.66
CA THR B 106 -13.10 2.02 -14.52
C THR B 106 -14.16 2.36 -13.47
N PHE B 107 -14.69 3.59 -13.49
CA PHE B 107 -15.88 3.87 -12.70
C PHE B 107 -17.08 3.07 -13.21
N VAL B 108 -17.24 2.98 -14.53
CA VAL B 108 -18.29 2.13 -15.10
C VAL B 108 -18.13 0.70 -14.61
N TRP B 109 -16.89 0.19 -14.68
CA TRP B 109 -16.60 -1.18 -14.21
C TRP B 109 -17.02 -1.37 -12.76
N ASP B 110 -16.76 -0.36 -11.92
CA ASP B 110 -17.16 -0.35 -10.50
C ASP B 110 -18.67 -0.47 -10.34
N ASP B 111 -19.45 0.14 -11.25
CA ASP B 111 -20.90 0.14 -11.14
C ASP B 111 -21.56 -1.07 -11.79
N MET B 112 -20.80 -1.91 -12.48
CA MET B 112 -21.40 -2.96 -13.29
C MET B 112 -21.57 -4.26 -12.51
N ASP B 113 -22.68 -4.95 -12.80
CA ASP B 113 -22.87 -6.34 -12.39
C ASP B 113 -21.63 -7.15 -12.76
N PRO B 114 -21.14 -8.01 -11.86
CA PRO B 114 -19.89 -8.72 -12.14
C PRO B 114 -20.02 -9.83 -13.18
N ALA B 115 -21.23 -10.11 -13.67
CA ALA B 115 -21.36 -10.97 -14.83
C ALA B 115 -21.11 -10.22 -16.12
N LEU B 116 -21.24 -8.89 -16.10
CA LEU B 116 -20.99 -8.01 -17.23
C LEU B 116 -19.49 -7.79 -17.47
N HIS B 117 -18.65 -8.10 -16.49
CA HIS B 117 -17.21 -7.90 -16.61
C HIS B 117 -16.68 -8.89 -17.64
N ASP B 118 -16.19 -8.37 -18.76
CA ASP B 118 -15.58 -9.21 -19.79
C ASP B 118 -14.11 -8.77 -19.94
N PHE B 119 -13.22 -9.45 -19.22
CA PHE B 119 -11.80 -9.10 -19.22
C PHE B 119 -11.21 -9.21 -20.62
N GLY B 120 -11.53 -10.30 -21.32
CA GLY B 120 -11.07 -10.46 -22.69
C GLY B 120 -11.44 -9.29 -23.58
N LEU B 121 -12.60 -8.67 -23.30
CA LEU B 121 -13.04 -7.55 -24.14
C LEU B 121 -12.53 -6.21 -23.63
N PHE B 122 -12.33 -6.08 -22.32
CA PHE B 122 -12.10 -4.75 -21.75
C PHE B 122 -10.63 -4.41 -21.55
N LEU B 123 -9.80 -5.36 -21.11
CA LEU B 123 -8.39 -5.03 -20.92
C LEU B 123 -7.69 -4.49 -22.16
N PRO B 124 -7.94 -5.00 -23.38
CA PRO B 124 -7.32 -4.37 -24.56
C PRO B 124 -7.71 -2.91 -24.77
N GLN B 125 -8.94 -2.51 -24.41
CA GLN B 125 -9.32 -1.11 -24.47
C GLN B 125 -8.48 -0.25 -23.54
N LEU B 126 -8.34 -0.68 -22.28
CA LEU B 126 -7.53 0.07 -21.33
C LEU B 126 -6.10 0.25 -21.83
N ARG B 127 -5.52 -0.79 -22.43
CA ARG B 127 -4.14 -0.69 -22.87
C ARG B 127 -4.00 0.29 -24.02
N LYS B 128 -4.99 0.32 -24.92
CA LYS B 128 -4.93 1.26 -26.04
C LYS B 128 -5.08 2.70 -25.55
N ILE B 129 -5.85 2.92 -24.48
CA ILE B 129 -5.96 4.25 -23.92
C ILE B 129 -4.62 4.70 -23.38
N CYS B 130 -3.99 3.87 -22.55
CA CYS B 130 -2.67 4.22 -22.03
C CYS B 130 -1.69 4.45 -23.16
N GLU B 131 -1.65 3.51 -24.12
CA GLU B 131 -0.83 3.61 -25.32
C GLU B 131 -0.98 4.95 -26.02
N LYS B 132 -2.17 5.56 -25.95
CA LYS B 132 -2.48 6.73 -26.77
C LYS B 132 -1.98 8.02 -26.12
N TYR B 133 -1.95 8.07 -24.79
CA TYR B 133 -1.69 9.33 -24.09
C TYR B 133 -0.38 9.37 -23.34
N TYR B 134 0.26 8.22 -23.07
CA TYR B 134 1.56 8.19 -22.42
C TYR B 134 2.60 7.58 -23.36
N GLY B 135 3.87 7.82 -23.06
CA GLY B 135 4.97 7.09 -23.67
C GLY B 135 5.15 5.73 -23.02
N PRO B 136 6.23 5.02 -23.38
CA PRO B 136 6.38 3.61 -22.89
C PRO B 136 6.40 3.43 -21.37
N GLU B 137 7.48 3.86 -20.68
CA GLU B 137 7.53 3.81 -19.21
C GLU B 137 6.20 4.22 -18.56
N ASP B 138 5.72 5.43 -18.87
CA ASP B 138 4.49 5.92 -18.22
C ASP B 138 3.30 5.03 -18.51
N ALA B 139 3.14 4.60 -19.77
CA ALA B 139 1.97 3.82 -20.13
C ALA B 139 1.99 2.43 -19.50
N GLU B 140 3.18 1.85 -19.28
CA GLU B 140 3.17 0.53 -18.66
C GLU B 140 2.82 0.64 -17.17
N VAL B 141 3.24 1.73 -16.51
CA VAL B 141 2.83 1.97 -15.13
C VAL B 141 1.32 2.17 -15.04
N ALA B 142 0.76 3.02 -15.91
CA ALA B 142 -0.66 3.33 -15.83
C ALA B 142 -1.51 2.14 -16.23
N TYR B 143 -1.07 1.37 -17.23
CA TYR B 143 -1.81 0.16 -17.60
C TYR B 143 -1.81 -0.87 -16.44
N GLU B 144 -0.64 -1.15 -15.87
CA GLU B 144 -0.58 -2.12 -14.77
C GLU B 144 -1.48 -1.72 -13.61
N ALA B 145 -1.48 -0.45 -13.27
CA ALA B 145 -2.33 0.00 -12.16
C ALA B 145 -3.81 -0.12 -12.53
N ALA B 146 -4.18 0.22 -13.79
CA ALA B 146 -5.57 0.08 -14.19
C ALA B 146 -6.00 -1.38 -14.21
N ARG B 147 -5.17 -2.25 -14.79
CA ARG B 147 -5.41 -3.70 -14.74
C ARG B 147 -5.57 -4.17 -13.31
N ALA B 148 -4.65 -3.78 -12.43
CA ALA B 148 -4.69 -4.26 -11.05
C ALA B 148 -5.94 -3.74 -10.33
N PHE B 149 -6.39 -2.52 -10.66
CA PHE B 149 -7.64 -2.06 -10.05
C PHE B 149 -8.84 -2.86 -10.58
N VAL B 150 -8.98 -3.02 -11.90
CA VAL B 150 -10.18 -3.67 -12.39
C VAL B 150 -10.18 -5.15 -12.01
N THR B 151 -9.00 -5.77 -11.94
CA THR B 151 -8.93 -7.14 -11.45
C THR B 151 -9.34 -7.23 -9.98
N SER B 152 -8.88 -6.29 -9.15
CA SER B 152 -9.27 -6.24 -7.75
C SER B 152 -10.77 -6.05 -7.58
N ASP B 153 -11.35 -5.07 -8.28
CA ASP B 153 -12.77 -4.80 -8.12
C ASP B 153 -13.60 -6.02 -8.45
N HIS B 154 -13.21 -6.75 -9.51
CA HIS B 154 -13.92 -7.97 -9.90
C HIS B 154 -13.67 -9.10 -8.93
N MET B 155 -12.41 -9.35 -8.59
CA MET B 155 -12.10 -10.58 -7.87
C MET B 155 -12.48 -10.46 -6.41
N PHE B 156 -12.69 -9.24 -5.91
CA PHE B 156 -13.20 -9.09 -4.56
C PHE B 156 -14.72 -9.02 -4.48
N ARG B 157 -15.45 -9.10 -5.60
CA ARG B 157 -16.89 -9.31 -5.49
C ARG B 157 -17.14 -10.69 -4.89
N ASP B 158 -17.73 -10.71 -3.69
CA ASP B 158 -18.01 -11.95 -2.95
C ASP B 158 -16.72 -12.70 -2.55
N SER B 159 -15.66 -11.96 -2.24
CA SER B 159 -14.44 -12.52 -1.66
C SER B 159 -14.52 -12.54 -0.13
N PRO B 160 -14.23 -13.69 0.47
CA PRO B 160 -14.06 -13.73 1.93
C PRO B 160 -13.09 -12.72 2.47
N ILE B 161 -12.04 -12.41 1.72
CA ILE B 161 -11.10 -11.39 2.15
C ILE B 161 -11.84 -10.08 2.35
N LYS B 162 -12.76 -9.75 1.44
CA LYS B 162 -13.50 -8.50 1.57
C LYS B 162 -14.39 -8.51 2.80
N ALA B 163 -15.11 -9.62 3.01
CA ALA B 163 -15.91 -9.77 4.22
C ALA B 163 -15.07 -9.55 5.47
N ALA B 164 -13.91 -10.21 5.55
CA ALA B 164 -13.09 -10.08 6.75
C ALA B 164 -12.56 -8.65 6.89
N LEU B 165 -11.95 -8.10 5.84
CA LEU B 165 -11.32 -6.79 5.95
C LEU B 165 -12.35 -5.66 6.12
N CYS B 166 -13.60 -5.88 5.71
CA CYS B 166 -14.62 -4.84 5.87
C CYS B 166 -15.51 -5.03 7.08
N THR B 167 -15.19 -5.97 7.97
CA THR B 167 -15.98 -6.15 9.18
C THR B 167 -15.12 -6.15 10.45
N THR B 168 -13.78 -6.18 10.33
CA THR B 168 -12.92 -6.36 11.50
C THR B 168 -12.68 -5.04 12.24
N SER B 169 -12.03 -4.09 11.60
CA SER B 169 -11.63 -2.85 12.25
C SER B 169 -11.44 -1.78 11.18
N PRO B 170 -11.41 -0.49 11.57
CA PRO B 170 -11.13 0.56 10.55
C PRO B 170 -9.79 0.36 9.87
N GLU B 171 -8.77 -0.08 10.61
CA GLU B 171 -7.45 -0.23 10.02
C GLU B 171 -7.42 -1.34 8.97
N GLN B 172 -8.05 -2.50 9.24
CA GLN B 172 -8.14 -3.52 8.18
C GLN B 172 -8.89 -2.98 6.97
N TYR B 173 -9.97 -2.24 7.23
CA TYR B 173 -10.79 -1.72 6.15
C TYR B 173 -10.00 -0.76 5.26
N PHE B 174 -9.34 0.22 5.86
CA PHE B 174 -8.62 1.20 5.06
C PHE B 174 -7.46 0.55 4.31
N ARG B 175 -6.89 -0.51 4.87
CA ARG B 175 -5.87 -1.24 4.13
C ARG B 175 -6.45 -1.86 2.85
N PHE B 176 -7.70 -2.34 2.89
CA PHE B 176 -8.36 -2.80 1.67
C PHE B 176 -8.56 -1.65 0.68
N ARG B 177 -8.88 -0.47 1.18
CA ARG B 177 -9.28 0.63 0.31
C ARG B 177 -8.11 1.31 -0.37
N VAL B 178 -6.87 1.07 0.09
CA VAL B 178 -5.73 1.64 -0.63
C VAL B 178 -5.81 1.29 -2.10
N THR B 179 -6.21 0.05 -2.40
CA THR B 179 -6.44 -0.39 -3.77
C THR B 179 -7.89 -0.17 -4.20
N ASP B 180 -8.83 -0.59 -3.37
CA ASP B 180 -10.21 -0.69 -3.84
C ASP B 180 -10.85 0.65 -4.14
N ILE B 181 -10.49 1.72 -3.42
CA ILE B 181 -11.05 3.01 -3.80
C ILE B 181 -10.30 3.61 -4.97
N GLY B 182 -9.32 2.92 -5.54
CA GLY B 182 -8.67 3.37 -6.74
C GLY B 182 -7.59 4.42 -6.58
N VAL B 183 -7.22 4.77 -5.35
CA VAL B 183 -6.26 5.86 -5.16
C VAL B 183 -4.84 5.45 -5.55
N ASP B 184 -4.44 4.20 -5.31
CA ASP B 184 -3.11 3.80 -5.79
C ASP B 184 -3.03 3.92 -7.30
N PHE B 185 -4.07 3.43 -7.98
CA PHE B 185 -4.18 3.55 -9.42
C PHE B 185 -4.12 5.03 -9.82
N TRP B 186 -4.91 5.86 -9.14
CA TRP B 186 -4.92 7.29 -9.37
C TRP B 186 -3.53 7.89 -9.35
N MET B 187 -2.75 7.57 -8.30
CA MET B 187 -1.43 8.17 -8.18
C MET B 187 -0.52 7.71 -9.31
N LYS B 188 -0.61 6.41 -9.67
CA LYS B 188 0.31 5.85 -10.64
C LYS B 188 -0.03 6.26 -12.07
N MET B 189 -1.25 6.78 -12.31
CA MET B 189 -1.56 7.34 -13.61
C MET B 189 -1.49 8.87 -13.64
N SER B 190 -1.47 9.52 -12.48
CA SER B 190 -1.43 10.98 -12.39
C SER B 190 -0.03 11.56 -12.32
N TYR B 191 0.99 10.79 -11.89
CA TYR B 191 2.31 11.42 -11.78
C TYR B 191 2.84 11.95 -13.11
N PRO B 192 2.55 11.37 -14.28
CA PRO B 192 2.99 12.03 -15.51
C PRO B 192 2.39 13.43 -15.71
N ILE B 193 1.35 13.80 -14.97
CA ILE B 193 0.73 15.12 -15.12
C ILE B 193 1.68 16.21 -14.61
N TYR B 194 2.42 15.92 -13.53
CA TYR B 194 3.21 16.88 -12.80
C TYR B 194 4.71 16.82 -13.11
N ARG B 195 5.21 15.65 -13.55
CA ARG B 195 6.66 15.39 -13.73
C ARG B 195 7.47 16.01 -12.61
N HIS B 196 7.05 15.73 -11.39
CA HIS B 196 7.76 16.20 -10.20
C HIS B 196 8.49 15.00 -9.60
N PRO B 197 9.80 15.08 -9.44
CA PRO B 197 10.56 13.88 -9.05
C PRO B 197 10.03 13.19 -7.81
N GLU B 198 9.97 13.91 -6.69
CA GLU B 198 9.53 13.28 -5.44
C GLU B 198 8.11 12.73 -5.53
N PHE B 199 7.20 13.47 -6.20
CA PHE B 199 5.83 12.96 -6.32
C PHE B 199 5.81 11.63 -7.07
N THR B 200 6.55 11.55 -8.17
CA THR B 200 6.67 10.32 -8.93
C THR B 200 7.13 9.17 -8.04
N GLU B 201 8.12 9.42 -7.18
CA GLU B 201 8.58 8.33 -6.31
C GLU B 201 7.52 7.95 -5.28
N HIS B 202 6.87 8.94 -4.66
CA HIS B 202 5.83 8.60 -3.69
C HIS B 202 4.67 7.86 -4.36
N ALA B 203 4.42 8.15 -5.63
CA ALA B 203 3.39 7.43 -6.36
C ALA B 203 3.80 5.97 -6.55
N LYS B 204 5.03 5.74 -6.98
CA LYS B 204 5.41 4.38 -7.31
C LYS B 204 5.61 3.48 -6.08
N THR B 205 5.98 4.04 -4.93
CA THR B 205 6.05 3.25 -3.70
C THR B 205 4.66 3.02 -3.09
N SER B 206 3.65 3.75 -3.57
CA SER B 206 2.29 3.76 -3.03
C SER B 206 2.20 4.49 -1.69
N LEU B 207 3.29 5.11 -1.21
CA LEU B 207 3.16 5.96 -0.03
C LEU B 207 2.19 7.11 -0.28
N ALA B 208 2.15 7.62 -1.51
CA ALA B 208 1.19 8.66 -1.86
C ALA B 208 -0.23 8.16 -1.63
N ALA B 209 -0.55 6.98 -2.14
CA ALA B 209 -1.86 6.38 -1.91
C ALA B 209 -2.12 6.14 -0.43
N ARG B 210 -1.13 5.62 0.29
CA ARG B 210 -1.35 5.33 1.70
C ARG B 210 -1.62 6.60 2.51
N MET B 211 -1.05 7.73 2.10
CA MET B 211 -1.27 8.97 2.85
C MET B 211 -2.67 9.54 2.62
N THR B 212 -3.29 9.24 1.47
CA THR B 212 -4.53 9.91 1.09
C THR B 212 -5.75 9.01 1.18
N THR B 213 -5.55 7.71 1.45
CA THR B 213 -6.65 6.76 1.44
C THR B 213 -7.75 7.13 2.43
N ARG B 214 -7.38 7.45 3.67
CA ARG B 214 -8.44 7.68 4.65
C ARG B 214 -9.24 8.94 4.32
N GLY B 215 -8.57 10.01 3.93
CA GLY B 215 -9.27 11.24 3.60
C GLY B 215 -10.25 11.07 2.47
N LEU B 216 -9.84 10.35 1.42
CA LEU B 216 -10.75 10.06 0.31
C LEU B 216 -11.89 9.15 0.77
N THR B 217 -11.54 8.07 1.47
CA THR B 217 -12.49 7.01 1.74
C THR B 217 -13.55 7.43 2.73
N ILE B 218 -13.16 8.11 3.80
CA ILE B 218 -14.13 8.49 4.82
C ILE B 218 -15.19 9.40 4.21
N VAL B 219 -14.77 10.34 3.37
CA VAL B 219 -15.70 11.22 2.68
C VAL B 219 -16.57 10.43 1.72
N ASN B 220 -15.95 9.60 0.86
CA ASN B 220 -16.75 8.80 -0.05
C ASN B 220 -17.76 7.95 0.69
N ASP B 221 -17.31 7.27 1.77
CA ASP B 221 -18.18 6.36 2.49
C ASP B 221 -19.39 7.08 3.08
N PHE B 222 -19.17 8.27 3.63
CA PHE B 222 -20.29 8.95 4.28
C PHE B 222 -21.38 9.24 3.26
N TYR B 223 -21.00 9.77 2.12
CA TYR B 223 -21.99 10.22 1.14
C TYR B 223 -22.48 9.11 0.22
N SER B 224 -21.83 7.94 0.20
CA SER B 224 -22.34 6.82 -0.61
C SER B 224 -22.96 5.73 0.25
N TYR B 225 -23.01 5.92 1.58
CA TYR B 225 -23.57 4.93 2.49
C TYR B 225 -24.98 4.49 2.10
N ASP B 226 -25.87 5.45 1.84
CA ASP B 226 -27.27 5.07 1.62
C ASP B 226 -27.40 4.18 0.40
N ARG B 227 -26.74 4.54 -0.70
CA ARG B 227 -26.79 3.73 -1.91
C ARG B 227 -26.19 2.35 -1.66
N GLU B 228 -25.01 2.32 -1.04
CA GLU B 228 -24.32 1.04 -0.88
C GLU B 228 -25.08 0.08 0.03
N VAL B 229 -25.67 0.57 1.13
CA VAL B 229 -26.41 -0.37 1.96
C VAL B 229 -27.69 -0.83 1.24
N SER B 230 -28.27 0.03 0.39
CA SER B 230 -29.37 -0.42 -0.47
C SER B 230 -28.92 -1.55 -1.40
N LEU B 231 -27.73 -1.45 -1.99
CA LEU B 231 -27.26 -2.41 -2.99
C LEU B 231 -26.53 -3.61 -2.38
N GLY B 232 -26.42 -3.69 -1.05
CA GLY B 232 -25.72 -4.80 -0.44
C GLY B 232 -24.21 -4.77 -0.56
N GLN B 233 -23.64 -3.57 -0.68
CA GLN B 233 -22.19 -3.45 -0.76
C GLN B 233 -21.62 -3.17 0.63
N ILE B 234 -20.69 -4.02 1.08
CA ILE B 234 -20.19 -3.94 2.44
C ILE B 234 -19.00 -3.01 2.57
N THR B 235 -18.50 -2.48 1.46
CA THR B 235 -17.23 -1.74 1.49
C THR B 235 -17.51 -0.28 1.87
N ASN B 236 -17.71 -0.06 3.18
CA ASN B 236 -18.05 1.25 3.71
C ASN B 236 -17.77 1.28 5.22
N CYS B 237 -16.91 2.18 5.68
CA CYS B 237 -16.49 2.11 7.07
C CYS B 237 -17.61 2.42 8.04
N PHE B 238 -18.66 3.14 7.61
CA PHE B 238 -19.72 3.39 8.57
C PHE B 238 -20.60 2.16 8.84
N ARG B 239 -20.43 1.06 8.08
CA ARG B 239 -21.07 -0.19 8.47
C ARG B 239 -20.42 -0.81 9.70
N LEU B 240 -19.24 -0.33 10.10
CA LEU B 240 -18.61 -0.80 11.32
C LEU B 240 -19.20 -0.21 12.59
N CYS B 241 -19.89 0.92 12.53
CA CYS B 241 -20.51 1.51 13.69
C CYS B 241 -22.01 1.32 13.58
N ASP B 242 -22.72 1.62 14.66
CA ASP B 242 -24.17 1.54 14.66
C ASP B 242 -24.70 2.93 14.32
N VAL B 243 -24.97 3.16 13.04
CA VAL B 243 -25.43 4.49 12.63
C VAL B 243 -26.82 4.79 13.17
N SER B 244 -27.54 3.80 13.72
CA SER B 244 -28.82 4.10 14.35
C SER B 244 -28.68 4.47 15.83
N ASP B 245 -27.47 4.66 16.31
CA ASP B 245 -27.20 5.09 17.68
C ASP B 245 -26.44 6.39 17.55
N GLU B 246 -27.12 7.51 17.82
CA GLU B 246 -26.51 8.80 17.56
C GLU B 246 -25.21 8.97 18.33
N THR B 247 -25.19 8.53 19.60
CA THR B 247 -23.95 8.61 20.37
C THR B 247 -22.83 7.82 19.71
N ALA B 248 -23.13 6.58 19.32
CA ALA B 248 -22.09 5.74 18.72
C ALA B 248 -21.65 6.31 17.38
N PHE B 249 -22.61 6.77 16.56
CA PHE B 249 -22.24 7.33 15.27
C PHE B 249 -21.33 8.53 15.43
N LYS B 250 -21.73 9.48 16.28
CA LYS B 250 -20.96 10.71 16.40
C LYS B 250 -19.57 10.44 16.95
N GLU B 251 -19.44 9.48 17.84
CA GLU B 251 -18.14 9.17 18.40
C GLU B 251 -17.24 8.48 17.36
N PHE B 252 -17.85 7.61 16.52
CA PHE B 252 -17.13 7.03 15.40
C PHE B 252 -16.75 8.09 14.37
N PHE B 253 -17.67 9.00 14.08
CA PHE B 253 -17.40 10.04 13.09
C PHE B 253 -16.24 10.91 13.53
N GLN B 254 -16.19 11.29 14.81
CA GLN B 254 -15.09 12.11 15.29
C GLN B 254 -13.77 11.33 15.26
N ALA B 255 -13.83 10.02 15.52
CA ALA B 255 -12.62 9.20 15.33
C ALA B 255 -12.15 9.26 13.88
N ARG B 256 -13.08 9.26 12.93
CA ARG B 256 -12.67 9.32 11.53
C ARG B 256 -12.15 10.72 11.16
N LEU B 257 -12.78 11.79 11.70
CA LEU B 257 -12.23 13.13 11.52
C LEU B 257 -10.80 13.20 12.04
N ASP B 258 -10.56 12.65 13.23
CA ASP B 258 -9.20 12.63 13.78
C ASP B 258 -8.23 11.89 12.86
N ASP B 259 -8.68 10.78 12.26
CA ASP B 259 -7.88 10.10 11.24
C ASP B 259 -7.44 11.07 10.14
N MET B 260 -8.42 11.77 9.59
CA MET B 260 -8.14 12.69 8.49
C MET B 260 -7.16 13.77 8.92
N ILE B 261 -7.36 14.31 10.13
CA ILE B 261 -6.52 15.38 10.63
C ILE B 261 -5.08 14.92 10.76
N GLU B 262 -4.89 13.75 11.37
CA GLU B 262 -3.54 13.25 11.54
C GLU B 262 -2.85 13.04 10.18
N ASP B 263 -3.58 12.49 9.20
CA ASP B 263 -3.01 12.33 7.86
C ASP B 263 -2.63 13.67 7.25
N ILE B 264 -3.54 14.64 7.33
CA ILE B 264 -3.28 15.92 6.70
C ILE B 264 -2.07 16.60 7.33
N GLU B 265 -1.96 16.55 8.66
CA GLU B 265 -0.81 17.19 9.30
C GLU B 265 0.50 16.47 8.98
N CYS B 266 0.45 15.14 8.79
CA CYS B 266 1.63 14.44 8.27
C CYS B 266 1.91 14.77 6.82
N ILE B 267 0.85 14.92 6.01
CA ILE B 267 1.06 15.34 4.62
C ILE B 267 1.86 16.64 4.55
N LYS B 268 1.70 17.53 5.55
CA LYS B 268 2.39 18.81 5.55
C LYS B 268 3.89 18.70 5.78
N ALA B 269 4.39 17.52 6.17
CA ALA B 269 5.84 17.29 6.20
C ALA B 269 6.43 17.05 4.82
N PHE B 270 5.61 16.67 3.82
CA PHE B 270 6.11 16.39 2.48
C PHE B 270 6.50 17.71 1.78
N ASP B 271 7.19 17.59 0.64
CA ASP B 271 7.63 18.78 -0.07
C ASP B 271 6.42 19.54 -0.60
N GLN B 272 6.57 20.86 -0.70
CA GLN B 272 5.45 21.75 -0.96
C GLN B 272 4.60 21.29 -2.13
N LEU B 273 5.23 20.92 -3.25
CA LEU B 273 4.44 20.52 -4.42
C LEU B 273 3.64 19.26 -4.11
N THR B 274 4.32 18.24 -3.60
CA THR B 274 3.64 16.99 -3.26
C THR B 274 2.49 17.24 -2.30
N GLN B 275 2.70 18.06 -1.26
CA GLN B 275 1.62 18.28 -0.30
C GLN B 275 0.45 19.01 -0.94
N ASP B 276 0.73 19.92 -1.89
CA ASP B 276 -0.35 20.53 -2.66
C ASP B 276 -1.20 19.46 -3.32
N VAL B 277 -0.53 18.52 -4.02
CA VAL B 277 -1.26 17.53 -4.80
C VAL B 277 -2.08 16.63 -3.88
N PHE B 278 -1.47 16.14 -2.79
CA PHE B 278 -2.21 15.30 -1.85
C PHE B 278 -3.43 16.02 -1.30
N LEU B 279 -3.26 17.27 -0.86
CA LEU B 279 -4.35 17.96 -0.17
C LEU B 279 -5.45 18.37 -1.14
N ASP B 280 -5.08 18.79 -2.36
CA ASP B 280 -6.11 19.10 -3.36
C ASP B 280 -6.89 17.84 -3.74
N LEU B 281 -6.23 16.66 -3.68
CA LEU B 281 -6.95 15.42 -3.93
C LEU B 281 -8.01 15.17 -2.87
N ILE B 282 -7.64 15.27 -1.59
CA ILE B 282 -8.58 14.99 -0.51
C ILE B 282 -9.68 16.04 -0.48
N TYR B 283 -9.29 17.30 -0.51
CA TYR B 283 -10.28 18.37 -0.39
C TYR B 283 -11.12 18.47 -1.67
N GLY B 284 -10.49 18.33 -2.83
CA GLY B 284 -11.26 18.33 -4.07
C GLY B 284 -12.26 17.20 -4.15
N ASN B 285 -11.88 16.01 -3.65
CA ASN B 285 -12.85 14.92 -3.65
C ASN B 285 -14.06 15.27 -2.81
N PHE B 286 -13.85 15.99 -1.71
CA PHE B 286 -14.97 16.39 -0.86
C PHE B 286 -15.88 17.40 -1.57
N VAL B 287 -15.27 18.38 -2.23
CA VAL B 287 -16.08 19.35 -2.99
C VAL B 287 -16.90 18.65 -4.08
N TRP B 288 -16.23 17.82 -4.88
CA TRP B 288 -16.89 17.07 -5.94
C TRP B 288 -17.99 16.18 -5.38
N THR B 289 -17.68 15.41 -4.32
CA THR B 289 -18.66 14.48 -3.76
C THR B 289 -19.92 15.21 -3.32
N THR B 290 -19.77 16.39 -2.73
CA THR B 290 -20.90 17.12 -2.20
C THR B 290 -21.66 17.88 -3.28
N SER B 291 -21.19 17.92 -4.51
CA SER B 291 -21.95 18.55 -5.59
C SER B 291 -22.66 17.58 -6.50
N ASN B 292 -22.20 16.34 -6.61
CA ASN B 292 -22.58 15.42 -7.69
C ASN B 292 -23.87 14.69 -7.34
N LYS B 293 -24.78 14.55 -8.32
CA LYS B 293 -26.01 13.77 -8.11
C LYS B 293 -25.72 12.37 -7.57
N ARG B 294 -24.59 11.80 -7.95
CA ARG B 294 -24.22 10.45 -7.56
C ARG B 294 -24.24 10.23 -6.06
N TYR B 295 -24.00 11.27 -5.27
CA TYR B 295 -23.95 11.12 -3.83
C TYR B 295 -25.09 11.83 -3.11
N LYS B 296 -26.25 11.97 -3.76
CA LYS B 296 -27.36 12.75 -3.24
C LYS B 296 -28.67 11.98 -3.11
N THR B 297 -28.85 10.88 -3.85
CA THR B 297 -29.96 9.98 -3.58
C THR B 297 -29.57 8.55 -3.94
N ALA B 298 -30.04 7.59 -3.14
CA ALA B 298 -29.63 6.19 -3.28
C ALA B 298 -29.92 5.66 -4.68
N VAL B 299 -31.17 5.73 -5.12
CA VAL B 299 -31.51 5.41 -6.50
C VAL B 299 -31.75 6.71 -7.25
N ASN B 300 -30.77 7.13 -8.03
CA ASN B 300 -31.03 8.20 -8.98
C ASN B 300 -30.58 7.74 -10.36
N ASP B 301 -30.38 8.70 -11.25
CA ASP B 301 -30.16 8.44 -12.66
C ASP B 301 -28.68 8.45 -13.03
N VAL B 302 -27.78 8.30 -12.07
CA VAL B 302 -26.35 8.30 -12.36
C VAL B 302 -25.60 7.21 -11.61
N ASN B 303 -26.20 6.63 -10.58
CA ASN B 303 -25.54 5.62 -9.77
C ASN B 303 -26.35 4.33 -9.66
N SER B 304 -27.38 4.13 -10.48
CA SER B 304 -28.18 2.92 -10.31
C SER B 304 -27.49 1.72 -10.96
N ARG B 305 -27.62 0.59 -10.28
CA ARG B 305 -26.87 -0.62 -10.61
C ARG B 305 -26.96 -0.98 -12.08
N ILE B 306 -25.80 -1.14 -12.71
CA ILE B 306 -25.76 -1.45 -14.14
C ILE B 306 -25.83 -2.96 -14.28
N GLN B 307 -26.93 -3.44 -14.87
CA GLN B 307 -27.35 -4.84 -14.86
C GLN B 307 -26.78 -5.64 -16.02
N ALA B 308 -26.81 -6.96 -15.90
CA ALA B 308 -26.44 -7.83 -17.02
C ALA B 308 -27.44 -7.72 -18.18
N GLY A 14 19.16 3.96 29.37
CA GLY A 14 17.94 4.73 29.51
C GLY A 14 16.86 4.16 28.61
N ARG A 15 16.31 4.98 27.74
CA ARG A 15 15.41 4.47 26.72
C ARG A 15 16.19 3.94 25.53
N SER A 16 17.46 3.64 25.72
CA SER A 16 18.33 3.16 24.64
C SER A 16 18.52 1.65 24.64
N SER A 17 17.73 0.90 25.41
CA SER A 17 17.83 -0.56 25.32
C SER A 17 16.54 -1.20 25.82
N VAL A 18 16.07 -2.19 25.07
CA VAL A 18 14.94 -2.99 25.50
C VAL A 18 15.42 -4.33 26.06
N ARG A 19 16.71 -4.50 26.28
CA ARG A 19 17.22 -5.81 26.67
C ARG A 19 16.70 -6.32 28.02
N PRO A 20 16.31 -5.48 28.98
CA PRO A 20 15.69 -6.06 30.20
C PRO A 20 14.28 -6.61 30.01
N TYR A 21 13.74 -6.55 28.79
CA TYR A 21 12.49 -7.21 28.44
C TYR A 21 12.71 -8.37 27.46
N LEU A 22 13.95 -8.67 27.15
CA LEU A 22 14.27 -9.56 26.04
C LEU A 22 13.63 -10.94 26.20
N GLU A 23 13.79 -11.55 27.38
CA GLU A 23 13.29 -12.90 27.57
C GLU A 23 11.76 -12.94 27.56
N GLU A 24 11.11 -12.03 28.30
CA GLU A 24 9.65 -12.02 28.38
C GLU A 24 9.02 -11.77 27.01
N CYS A 25 9.54 -10.77 26.27
CA CYS A 25 8.96 -10.48 24.97
C CYS A 25 9.18 -11.61 23.98
N THR A 26 10.37 -12.22 23.99
CA THR A 26 10.61 -13.37 23.13
C THR A 26 9.59 -14.46 23.43
N ARG A 27 9.43 -14.79 24.72
CA ARG A 27 8.44 -15.76 25.17
C ARG A 27 7.04 -15.41 24.64
N ARG A 28 6.65 -14.16 24.75
CA ARG A 28 5.27 -13.82 24.42
C ARG A 28 5.02 -13.84 22.92
N PHE A 29 5.98 -13.36 22.13
CA PHE A 29 5.91 -13.53 20.67
C PHE A 29 5.67 -14.99 20.31
N GLN A 30 6.51 -15.88 20.83
CA GLN A 30 6.39 -17.29 20.46
C GLN A 30 5.04 -17.86 20.88
N GLU A 31 4.55 -17.50 22.07
CA GLU A 31 3.25 -18.01 22.50
C GLU A 31 2.16 -17.56 21.53
N MET A 32 2.26 -16.30 21.10
CA MET A 32 1.28 -15.76 20.16
C MET A 32 1.28 -16.56 18.86
N PHE A 33 2.47 -16.82 18.31
CA PHE A 33 2.57 -17.61 17.09
C PHE A 33 2.01 -19.02 17.29
N ASP A 34 2.28 -19.64 18.44
CA ASP A 34 1.84 -21.02 18.65
C ASP A 34 0.33 -21.12 18.71
N ARG A 35 -0.32 -20.09 19.22
CA ARG A 35 -1.76 -20.19 19.40
C ARG A 35 -2.52 -19.71 18.18
N HIS A 36 -1.89 -18.90 17.32
CA HIS A 36 -2.57 -18.29 16.19
C HIS A 36 -2.02 -18.73 14.85
N VAL A 37 -1.00 -19.60 14.83
CA VAL A 37 -0.44 -20.14 13.60
C VAL A 37 -0.08 -21.62 13.75
N VAL A 38 0.44 -22.03 14.91
CA VAL A 38 0.80 -23.43 15.20
C VAL A 38 1.93 -23.93 14.31
N THR A 39 1.65 -24.14 13.01
CA THR A 39 2.65 -24.64 12.07
C THR A 39 3.98 -23.93 12.23
N ARG A 40 5.02 -24.72 12.46
CA ARG A 40 6.39 -24.22 12.47
C ARG A 40 6.79 -23.77 11.06
N PRO A 41 7.38 -22.58 10.92
CA PRO A 41 7.99 -22.24 9.62
C PRO A 41 9.06 -23.27 9.28
N THR A 42 9.52 -23.27 8.04
CA THR A 42 10.49 -24.30 7.68
C THR A 42 11.57 -23.75 6.76
N LYS A 43 12.81 -24.15 7.04
CA LYS A 43 13.97 -23.59 6.37
C LYS A 43 14.14 -24.25 5.02
N VAL A 44 14.23 -23.44 3.97
CA VAL A 44 14.62 -23.92 2.64
C VAL A 44 16.05 -24.42 2.73
N GLU A 45 16.34 -25.57 2.12
CA GLU A 45 17.70 -26.07 2.09
C GLU A 45 18.24 -25.94 0.67
N LEU A 46 19.10 -24.95 0.44
CA LEU A 46 19.85 -24.86 -0.80
C LEU A 46 20.91 -25.96 -0.87
N THR A 47 21.37 -26.23 -2.08
CA THR A 47 22.58 -27.02 -2.25
C THR A 47 23.79 -26.14 -2.02
N ASP A 48 24.92 -26.76 -1.68
CA ASP A 48 26.13 -26.00 -1.39
C ASP A 48 26.49 -25.10 -2.58
N ALA A 49 26.12 -25.52 -3.79
CA ALA A 49 26.54 -24.78 -4.98
C ALA A 49 25.45 -23.81 -5.45
N GLU A 50 24.19 -24.04 -5.08
CA GLU A 50 23.21 -22.97 -5.22
C GLU A 50 23.58 -21.80 -4.34
N LEU A 51 23.98 -22.07 -3.10
CA LEU A 51 24.31 -21.01 -2.16
C LEU A 51 25.54 -20.25 -2.65
N ARG A 52 26.50 -20.96 -3.24
CA ARG A 52 27.71 -20.28 -3.69
C ARG A 52 27.43 -19.47 -4.96
N GLU A 53 26.47 -19.92 -5.79
CA GLU A 53 26.03 -19.07 -6.90
C GLU A 53 25.34 -17.81 -6.40
N VAL A 54 24.55 -17.95 -5.32
CA VAL A 54 23.88 -16.80 -4.74
C VAL A 54 24.90 -15.81 -4.21
N ILE A 55 25.83 -16.29 -3.40
CA ILE A 55 26.80 -15.39 -2.79
C ILE A 55 27.72 -14.80 -3.84
N ASP A 56 28.07 -15.58 -4.86
CA ASP A 56 28.92 -15.03 -5.92
C ASP A 56 28.20 -13.93 -6.69
N ASP A 57 26.89 -14.10 -6.93
CA ASP A 57 26.11 -13.02 -7.54
C ASP A 57 25.98 -11.81 -6.61
N CYS A 58 25.85 -12.05 -5.30
CA CYS A 58 25.83 -10.96 -4.33
C CYS A 58 27.11 -10.14 -4.37
N ASN A 59 28.27 -10.82 -4.35
CA ASN A 59 29.52 -10.09 -4.35
C ASN A 59 29.71 -9.28 -5.63
N ALA A 60 29.34 -9.85 -6.78
CA ALA A 60 29.45 -9.14 -8.04
C ALA A 60 28.52 -7.94 -8.09
N ALA A 61 27.38 -8.03 -7.40
CA ALA A 61 26.42 -6.93 -7.44
C ALA A 61 26.91 -5.72 -6.68
N VAL A 62 27.57 -5.94 -5.54
CA VAL A 62 27.99 -4.82 -4.70
C VAL A 62 29.46 -4.47 -4.88
N ALA A 63 30.24 -5.31 -5.55
CA ALA A 63 31.65 -5.01 -5.78
C ALA A 63 31.88 -3.59 -6.28
N PRO A 64 31.13 -3.05 -7.25
CA PRO A 64 31.41 -1.68 -7.72
C PRO A 64 31.18 -0.64 -6.64
N LEU A 65 30.36 -0.91 -5.63
CA LEU A 65 30.18 0.04 -4.54
C LEU A 65 31.41 0.15 -3.65
N GLY A 66 32.30 -0.84 -3.67
CA GLY A 66 33.60 -0.70 -3.07
C GLY A 66 33.79 -1.38 -1.73
N LYS A 67 32.75 -1.98 -1.15
CA LYS A 67 32.81 -2.55 0.19
C LYS A 67 32.77 -4.07 0.12
N THR A 68 33.76 -4.70 0.72
CA THR A 68 33.77 -6.15 0.85
C THR A 68 32.73 -6.60 1.87
N VAL A 69 32.00 -7.64 1.52
CA VAL A 69 31.00 -8.25 2.40
C VAL A 69 31.43 -9.71 2.61
N SER A 70 31.53 -10.12 3.87
CA SER A 70 32.01 -11.45 4.20
C SER A 70 30.93 -12.51 3.98
N ASP A 71 31.36 -13.76 3.77
CA ASP A 71 30.44 -14.88 3.71
C ASP A 71 29.44 -14.85 4.86
N GLU A 72 29.92 -14.69 6.10
CA GLU A 72 29.00 -14.83 7.22
C GLU A 72 28.04 -13.63 7.32
N ARG A 73 28.44 -12.46 6.83
CA ARG A 73 27.47 -11.37 6.72
C ARG A 73 26.41 -11.69 5.65
N TRP A 74 26.83 -12.21 4.49
CA TRP A 74 25.85 -12.63 3.50
C TRP A 74 24.88 -13.67 4.07
N ILE A 75 25.39 -14.63 4.85
CA ILE A 75 24.52 -15.66 5.37
C ILE A 75 23.58 -15.10 6.42
N SER A 76 24.04 -14.11 7.19
CA SER A 76 23.14 -13.42 8.11
C SER A 76 21.98 -12.77 7.36
N TYR A 77 22.27 -12.10 6.23
CA TYR A 77 21.20 -11.48 5.46
C TYR A 77 20.29 -12.52 4.82
N VAL A 78 20.87 -13.58 4.26
CA VAL A 78 20.11 -14.52 3.45
C VAL A 78 19.18 -15.36 4.29
N GLY A 79 19.45 -15.48 5.60
CA GLY A 79 18.65 -16.36 6.43
C GLY A 79 17.17 -16.04 6.42
N VAL A 80 16.81 -14.76 6.24
CA VAL A 80 15.39 -14.41 6.26
C VAL A 80 14.67 -15.06 5.09
N VAL A 81 15.32 -15.16 3.93
CA VAL A 81 14.69 -15.81 2.79
C VAL A 81 14.59 -17.31 3.02
N LEU A 82 15.64 -17.89 3.62
CA LEU A 82 15.66 -19.33 3.83
C LEU A 82 14.56 -19.75 4.80
N TRP A 83 14.25 -18.90 5.78
CA TRP A 83 13.32 -19.23 6.85
C TRP A 83 11.90 -18.71 6.66
N SER A 84 11.70 -17.76 5.75
CA SER A 84 10.43 -17.03 5.73
C SER A 84 9.65 -17.17 4.44
N GLN A 85 10.12 -17.99 3.50
CA GLN A 85 9.30 -18.38 2.37
C GLN A 85 8.44 -19.57 2.83
N SER A 86 7.79 -20.28 1.90
CA SER A 86 6.94 -21.41 2.25
C SER A 86 7.37 -22.57 1.37
N PRO A 87 8.41 -23.32 1.77
CA PRO A 87 8.99 -24.32 0.85
C PRO A 87 8.00 -25.27 0.24
N ARG A 88 6.96 -25.66 0.98
CA ARG A 88 6.06 -26.67 0.44
C ARG A 88 5.28 -26.15 -0.76
N HIS A 89 5.30 -24.85 -0.99
CA HIS A 89 4.64 -24.27 -2.15
C HIS A 89 5.61 -23.82 -3.23
N ILE A 90 6.91 -23.97 -3.04
CA ILE A 90 7.85 -23.47 -4.05
C ILE A 90 7.69 -24.24 -5.36
N LYS A 91 7.62 -23.51 -6.46
CA LYS A 91 7.64 -24.10 -7.78
C LYS A 91 8.87 -23.74 -8.59
N ASP A 92 9.37 -22.50 -8.47
CA ASP A 92 10.48 -22.05 -9.29
C ASP A 92 11.64 -21.66 -8.37
N MET A 93 12.67 -22.51 -8.33
CA MET A 93 13.85 -22.22 -7.51
C MET A 93 14.77 -21.18 -8.13
N GLU A 94 14.63 -20.88 -9.42
CA GLU A 94 15.38 -19.77 -9.97
C GLU A 94 14.87 -18.44 -9.39
N ALA A 95 13.54 -18.30 -9.31
CA ALA A 95 12.97 -17.13 -8.61
C ALA A 95 13.40 -17.09 -7.14
N PHE A 96 13.46 -18.25 -6.49
CA PHE A 96 13.91 -18.29 -5.09
C PHE A 96 15.33 -17.77 -4.95
N LYS A 97 16.25 -18.25 -5.79
CA LYS A 97 17.62 -17.77 -5.74
C LYS A 97 17.68 -16.26 -5.99
N ALA A 98 16.83 -15.76 -6.90
CA ALA A 98 16.77 -14.33 -7.15
C ALA A 98 16.37 -13.55 -5.89
N VAL A 99 15.36 -14.05 -5.16
CA VAL A 99 14.97 -13.36 -3.93
C VAL A 99 16.11 -13.41 -2.92
N CYS A 100 16.86 -14.52 -2.87
CA CYS A 100 18.04 -14.56 -2.00
C CYS A 100 19.00 -13.42 -2.35
N VAL A 101 19.35 -13.31 -3.63
CA VAL A 101 20.36 -12.34 -4.05
C VAL A 101 19.86 -10.91 -3.84
N LEU A 102 18.66 -10.64 -4.33
CA LEU A 102 18.07 -9.29 -4.21
C LEU A 102 17.88 -8.87 -2.75
N ASN A 103 17.37 -9.78 -1.91
CA ASN A 103 17.24 -9.47 -0.50
C ASN A 103 18.58 -9.10 0.11
N CYS A 104 19.63 -9.84 -0.24
CA CYS A 104 20.93 -9.63 0.39
C CYS A 104 21.58 -8.33 -0.07
N VAL A 105 21.55 -8.05 -1.37
CA VAL A 105 22.32 -6.90 -1.83
C VAL A 105 21.63 -5.59 -1.43
N THR A 106 20.31 -5.59 -1.29
CA THR A 106 19.64 -4.40 -0.76
C THR A 106 19.72 -4.30 0.75
N PHE A 107 19.97 -5.42 1.43
CA PHE A 107 20.34 -5.36 2.83
C PHE A 107 21.67 -4.61 3.02
N VAL A 108 22.65 -4.88 2.15
CA VAL A 108 23.89 -4.13 2.18
C VAL A 108 23.62 -2.62 2.01
N TRP A 109 22.79 -2.28 1.03
CA TRP A 109 22.36 -0.90 0.84
C TRP A 109 21.77 -0.31 2.11
N ASP A 110 20.90 -1.08 2.78
CA ASP A 110 20.29 -0.63 4.04
C ASP A 110 21.35 -0.31 5.09
N ASP A 111 22.40 -1.12 5.17
CA ASP A 111 23.45 -0.95 6.15
C ASP A 111 24.48 0.10 5.74
N MET A 112 24.40 0.65 4.54
CA MET A 112 25.45 1.49 3.99
C MET A 112 25.33 2.93 4.41
N ASP A 113 26.49 3.54 4.63
CA ASP A 113 26.62 4.99 4.63
C ASP A 113 26.09 5.55 3.31
N PRO A 114 25.28 6.61 3.34
CA PRO A 114 24.62 7.09 2.11
C PRO A 114 25.58 7.63 1.07
N ALA A 115 26.81 7.99 1.48
CA ALA A 115 27.82 8.36 0.50
C ALA A 115 28.16 7.20 -0.43
N LEU A 116 28.01 5.97 0.03
CA LEU A 116 28.34 4.79 -0.75
C LEU A 116 27.28 4.43 -1.79
N HIS A 117 26.12 5.08 -1.77
CA HIS A 117 25.00 4.75 -2.63
C HIS A 117 25.28 5.26 -4.05
N ASP A 118 25.64 4.35 -4.96
CA ASP A 118 25.99 4.70 -6.33
C ASP A 118 24.90 4.12 -7.24
N PHE A 119 23.93 4.96 -7.59
CA PHE A 119 22.78 4.50 -8.36
C PHE A 119 23.20 4.06 -9.75
N GLY A 120 24.16 4.76 -10.38
CA GLY A 120 24.59 4.40 -11.72
C GLY A 120 25.39 3.10 -11.78
N LEU A 121 25.98 2.69 -10.67
CA LEU A 121 26.66 1.39 -10.62
C LEU A 121 25.73 0.28 -10.16
N PHE A 122 24.87 0.56 -9.20
CA PHE A 122 24.07 -0.49 -8.56
C PHE A 122 22.83 -0.87 -9.35
N LEU A 123 22.11 0.11 -9.91
CA LEU A 123 20.87 -0.23 -10.60
C LEU A 123 21.12 -1.18 -11.77
N PRO A 124 22.15 -1.00 -12.62
CA PRO A 124 22.41 -2.03 -13.65
C PRO A 124 22.67 -3.40 -13.05
N GLN A 125 23.27 -3.48 -11.86
CA GLN A 125 23.47 -4.79 -11.24
C GLN A 125 22.15 -5.44 -10.85
N LEU A 126 21.23 -4.66 -10.27
CA LEU A 126 19.90 -5.19 -9.96
C LEU A 126 19.20 -5.66 -11.24
N ARG A 127 19.34 -4.91 -12.32
CA ARG A 127 18.75 -5.33 -13.58
C ARG A 127 19.34 -6.66 -14.06
N LYS A 128 20.67 -6.80 -13.96
CA LYS A 128 21.35 -8.05 -14.31
C LYS A 128 20.76 -9.23 -13.56
N ILE A 129 20.60 -9.09 -12.24
CA ILE A 129 20.07 -10.16 -11.41
C ILE A 129 18.66 -10.51 -11.85
N CYS A 130 17.82 -9.49 -12.04
CA CYS A 130 16.43 -9.74 -12.37
C CYS A 130 16.29 -10.46 -13.71
N GLU A 131 17.07 -10.06 -14.72
CA GLU A 131 16.96 -10.69 -16.03
C GLU A 131 17.47 -12.14 -16.02
N LYS A 132 18.52 -12.41 -15.24
CA LYS A 132 19.04 -13.78 -15.19
C LYS A 132 17.99 -14.76 -14.69
N TYR A 133 17.35 -14.45 -13.56
CA TYR A 133 16.59 -15.45 -12.80
C TYR A 133 15.09 -15.46 -13.10
N TYR A 134 14.56 -14.38 -13.66
CA TYR A 134 13.13 -14.26 -13.95
C TYR A 134 12.89 -14.25 -15.45
N GLY A 135 11.65 -14.60 -15.83
CA GLY A 135 11.20 -14.39 -17.18
C GLY A 135 11.09 -12.91 -17.50
N PRO A 136 10.87 -12.60 -18.78
CA PRO A 136 10.98 -11.20 -19.22
C PRO A 136 10.05 -10.23 -18.49
N GLU A 137 8.79 -10.61 -18.23
CA GLU A 137 7.88 -9.65 -17.61
C GLU A 137 8.09 -9.61 -16.09
N ASP A 138 8.22 -10.78 -15.45
CA ASP A 138 8.50 -10.82 -14.02
C ASP A 138 9.76 -10.04 -13.67
N ALA A 139 10.75 -10.03 -14.58
CA ALA A 139 11.99 -9.31 -14.31
C ALA A 139 11.73 -7.83 -14.14
N GLU A 140 10.80 -7.27 -14.92
CA GLU A 140 10.50 -5.84 -14.79
C GLU A 140 9.80 -5.54 -13.48
N VAL A 141 8.87 -6.39 -13.06
CA VAL A 141 8.18 -6.20 -11.79
C VAL A 141 9.18 -6.26 -10.65
N ALA A 142 10.06 -7.26 -10.66
CA ALA A 142 11.06 -7.39 -9.60
C ALA A 142 12.03 -6.21 -9.61
N TYR A 143 12.49 -5.80 -10.79
CA TYR A 143 13.44 -4.69 -10.86
C TYR A 143 12.81 -3.38 -10.37
N GLU A 144 11.59 -3.09 -10.78
CA GLU A 144 10.96 -1.84 -10.34
C GLU A 144 10.86 -1.81 -8.82
N ALA A 145 10.42 -2.92 -8.21
CA ALA A 145 10.32 -2.98 -6.75
C ALA A 145 11.69 -2.79 -6.09
N ALA A 146 12.75 -3.44 -6.62
CA ALA A 146 14.09 -3.25 -6.05
C ALA A 146 14.53 -1.79 -6.18
N ARG A 147 14.40 -1.24 -7.39
CA ARG A 147 14.74 0.16 -7.64
C ARG A 147 14.01 1.09 -6.68
N ALA A 148 12.69 0.91 -6.53
CA ALA A 148 11.92 1.77 -5.65
C ALA A 148 12.36 1.62 -4.19
N PHE A 149 12.71 0.40 -3.76
CA PHE A 149 13.18 0.23 -2.39
C PHE A 149 14.49 0.98 -2.14
N VAL A 150 15.52 0.74 -2.97
CA VAL A 150 16.80 1.38 -2.71
C VAL A 150 16.67 2.89 -2.81
N THR A 151 15.83 3.34 -3.74
CA THR A 151 15.58 4.78 -3.84
C THR A 151 14.91 5.33 -2.59
N SER A 152 13.92 4.60 -2.07
CA SER A 152 13.25 5.06 -0.84
C SER A 152 14.21 5.09 0.33
N ASP A 153 14.97 4.00 0.56
CA ASP A 153 15.87 4.02 1.70
C ASP A 153 16.84 5.19 1.60
N HIS A 154 17.37 5.46 0.41
CA HIS A 154 18.30 6.56 0.26
C HIS A 154 17.60 7.89 0.54
N MET A 155 16.45 8.09 -0.10
CA MET A 155 15.82 9.40 -0.10
C MET A 155 15.30 9.77 1.27
N PHE A 156 15.01 8.80 2.14
CA PHE A 156 14.49 9.15 3.45
C PHE A 156 15.56 9.21 4.54
N ARG A 157 16.83 8.94 4.22
CA ARG A 157 17.90 9.22 5.17
C ARG A 157 17.89 10.70 5.46
N ASP A 158 18.02 11.07 6.75
CA ASP A 158 17.33 12.26 7.29
C ASP A 158 16.88 13.21 6.18
N SER A 159 15.53 13.23 5.91
CA SER A 159 14.27 13.71 5.31
C SER A 159 13.23 13.99 6.38
N PRO A 160 12.68 15.22 6.42
CA PRO A 160 11.60 15.52 7.37
C PRO A 160 10.42 14.55 7.34
N ILE A 161 10.11 13.94 6.19
CA ILE A 161 8.95 13.05 6.11
C ILE A 161 9.13 11.89 7.07
N LYS A 162 10.35 11.33 7.12
CA LYS A 162 10.61 10.22 8.02
C LYS A 162 10.31 10.61 9.47
N ALA A 163 10.84 11.76 9.91
CA ALA A 163 10.60 12.19 11.28
C ALA A 163 9.10 12.42 11.55
N ALA A 164 8.35 12.87 10.53
CA ALA A 164 6.90 12.98 10.73
C ALA A 164 6.26 11.60 10.86
N LEU A 165 6.60 10.69 9.96
CA LEU A 165 5.93 9.40 9.95
C LEU A 165 6.39 8.51 11.10
N CYS A 166 7.53 8.82 11.72
CA CYS A 166 8.09 7.96 12.76
C CYS A 166 7.85 8.46 14.18
N THR A 167 7.40 9.69 14.37
CA THR A 167 7.18 10.17 15.73
C THR A 167 5.73 10.51 16.02
N THR A 168 4.80 10.26 15.09
CA THR A 168 3.41 10.73 15.29
C THR A 168 2.53 9.67 15.92
N SER A 169 2.33 8.54 15.24
CA SER A 169 1.48 7.48 15.76
C SER A 169 1.94 6.16 15.18
N PRO A 170 1.52 5.04 15.75
CA PRO A 170 1.90 3.75 15.14
C PRO A 170 1.39 3.63 13.72
N GLU A 171 0.30 4.32 13.39
CA GLU A 171 -0.32 4.08 12.11
C GLU A 171 0.35 4.89 11.00
N GLN A 172 0.87 6.07 11.33
CA GLN A 172 1.75 6.74 10.38
C GLN A 172 3.03 5.96 10.19
N TYR A 173 3.54 5.37 11.28
CA TYR A 173 4.81 4.65 11.21
C TYR A 173 4.70 3.40 10.34
N PHE A 174 3.69 2.57 10.58
CA PHE A 174 3.57 1.33 9.81
C PHE A 174 3.28 1.62 8.34
N ARG A 175 2.64 2.76 8.06
CA ARG A 175 2.41 3.19 6.68
C ARG A 175 3.73 3.42 5.95
N PHE A 176 4.69 4.06 6.62
CA PHE A 176 6.03 4.22 6.07
C PHE A 176 6.71 2.87 5.84
N ARG A 177 6.53 1.95 6.79
CA ARG A 177 7.26 0.68 6.75
C ARG A 177 6.76 -0.29 5.69
N VAL A 178 5.55 -0.10 5.13
CA VAL A 178 5.12 -0.97 4.03
C VAL A 178 6.18 -1.02 2.94
N THR A 179 6.76 0.13 2.61
CA THR A 179 7.89 0.18 1.70
C THR A 179 9.22 0.05 2.43
N ASP A 180 9.41 0.80 3.51
CA ASP A 180 10.75 0.93 4.08
C ASP A 180 11.26 -0.39 4.68
N ILE A 181 10.40 -1.24 5.22
CA ILE A 181 10.91 -2.53 5.69
C ILE A 181 11.18 -3.48 4.53
N GLY A 182 10.83 -3.09 3.30
CA GLY A 182 11.14 -3.93 2.15
C GLY A 182 10.12 -5.00 1.84
N VAL A 183 9.00 -5.06 2.55
CA VAL A 183 8.05 -6.15 2.34
C VAL A 183 7.29 -6.01 1.02
N ASP A 184 6.97 -4.79 0.57
CA ASP A 184 6.34 -4.66 -0.74
C ASP A 184 7.25 -5.21 -1.83
N PHE A 185 8.52 -4.80 -1.79
CA PHE A 185 9.57 -5.35 -2.65
C PHE A 185 9.59 -6.88 -2.57
N TRP A 186 9.58 -7.41 -1.35
CA TRP A 186 9.63 -8.86 -1.13
C TRP A 186 8.49 -9.58 -1.85
N MET A 187 7.26 -9.09 -1.69
CA MET A 187 6.12 -9.75 -2.33
C MET A 187 6.26 -9.74 -3.84
N LYS A 188 6.66 -8.59 -4.39
CA LYS A 188 6.72 -8.41 -5.83
C LYS A 188 7.88 -9.16 -6.47
N MET A 189 8.90 -9.54 -5.71
CA MET A 189 9.92 -10.43 -6.28
C MET A 189 9.69 -11.90 -5.92
N SER A 190 8.81 -12.19 -4.98
CA SER A 190 8.56 -13.55 -4.54
C SER A 190 7.41 -14.24 -5.25
N TYR A 191 6.45 -13.50 -5.83
CA TYR A 191 5.33 -14.19 -6.44
C TYR A 191 5.76 -15.16 -7.55
N PRO A 192 6.85 -14.93 -8.32
CA PRO A 192 7.25 -15.95 -9.31
C PRO A 192 7.71 -17.25 -8.68
N ILE A 193 8.12 -17.24 -7.41
CA ILE A 193 8.48 -18.49 -6.73
C ILE A 193 7.29 -19.44 -6.76
N TYR A 194 6.09 -18.91 -6.59
CA TYR A 194 4.90 -19.70 -6.33
C TYR A 194 4.00 -19.88 -7.55
N ARG A 195 3.99 -18.94 -8.48
CA ARG A 195 3.11 -18.97 -9.66
C ARG A 195 1.68 -19.34 -9.27
N HIS A 196 1.17 -18.65 -8.27
CA HIS A 196 -0.18 -18.84 -7.74
C HIS A 196 -0.97 -17.58 -8.05
N PRO A 197 -1.86 -17.60 -9.04
CA PRO A 197 -2.47 -16.34 -9.52
C PRO A 197 -3.08 -15.47 -8.41
N GLU A 198 -3.71 -16.06 -7.40
CA GLU A 198 -4.22 -15.24 -6.29
C GLU A 198 -3.11 -14.44 -5.63
N PHE A 199 -2.03 -15.14 -5.23
CA PHE A 199 -0.93 -14.46 -4.54
C PHE A 199 -0.28 -13.40 -5.43
N THR A 200 -0.24 -13.66 -6.73
CA THR A 200 0.39 -12.72 -7.64
C THR A 200 -0.35 -11.39 -7.70
N GLU A 201 -1.70 -11.41 -7.72
CA GLU A 201 -2.41 -10.13 -7.68
C GLU A 201 -2.31 -9.47 -6.31
N HIS A 202 -2.37 -10.23 -5.22
CA HIS A 202 -2.22 -9.60 -3.91
C HIS A 202 -0.85 -8.96 -3.78
N ALA A 203 0.18 -9.59 -4.36
CA ALA A 203 1.50 -9.00 -4.40
C ALA A 203 1.50 -7.71 -5.20
N LYS A 204 0.86 -7.70 -6.36
CA LYS A 204 0.97 -6.54 -7.23
C LYS A 204 0.07 -5.40 -6.81
N THR A 205 -1.02 -5.68 -6.09
CA THR A 205 -1.79 -4.60 -5.45
C THR A 205 -1.16 -4.08 -4.18
N SER A 206 -0.14 -4.78 -3.65
CA SER A 206 0.49 -4.51 -2.37
C SER A 206 -0.42 -4.84 -1.18
N LEU A 207 -1.59 -5.40 -1.40
CA LEU A 207 -2.36 -5.89 -0.25
C LEU A 207 -1.56 -6.95 0.53
N ALA A 208 -0.83 -7.82 -0.17
CA ALA A 208 0.04 -8.80 0.50
C ALA A 208 0.99 -8.10 1.47
N ALA A 209 1.64 -7.03 1.01
CA ALA A 209 2.55 -6.32 1.88
C ALA A 209 1.81 -5.62 3.02
N ARG A 210 0.66 -5.01 2.71
CA ARG A 210 -0.07 -4.28 3.74
C ARG A 210 -0.52 -5.20 4.86
N MET A 211 -0.76 -6.48 4.54
CA MET A 211 -1.24 -7.43 5.55
C MET A 211 -0.11 -7.96 6.44
N THR A 212 1.14 -7.93 5.97
CA THR A 212 2.27 -8.54 6.68
C THR A 212 3.21 -7.52 7.30
N THR A 213 3.02 -6.22 7.02
CA THR A 213 3.95 -5.19 7.47
C THR A 213 4.08 -5.15 8.99
N ARG A 214 2.95 -5.15 9.71
CA ARG A 214 3.06 -5.00 11.16
C ARG A 214 3.74 -6.21 11.79
N GLY A 215 3.42 -7.41 11.33
CA GLY A 215 4.04 -8.59 11.89
C GLY A 215 5.55 -8.55 11.73
N LEU A 216 6.02 -8.28 10.52
CA LEU A 216 7.47 -8.18 10.31
C LEU A 216 8.07 -7.06 11.13
N THR A 217 7.43 -5.88 11.09
CA THR A 217 8.05 -4.68 11.65
C THR A 217 8.14 -4.73 13.17
N ILE A 218 7.07 -5.16 13.84
CA ILE A 218 7.09 -5.16 15.30
C ILE A 218 8.20 -6.07 15.80
N VAL A 219 8.36 -7.23 15.17
CA VAL A 219 9.42 -8.15 15.54
C VAL A 219 10.78 -7.54 15.24
N ASN A 220 10.96 -7.01 14.01
CA ASN A 220 12.26 -6.44 13.67
C ASN A 220 12.61 -5.31 14.62
N ASP A 221 11.64 -4.43 14.90
CA ASP A 221 11.89 -3.27 15.75
C ASP A 221 12.28 -3.67 17.16
N PHE A 222 11.63 -4.69 17.71
CA PHE A 222 11.99 -5.05 19.08
C PHE A 222 13.45 -5.46 19.16
N TYR A 223 13.88 -6.33 18.27
CA TYR A 223 15.23 -6.89 18.39
C TYR A 223 16.33 -6.04 17.75
N SER A 224 15.97 -5.03 16.94
CA SER A 224 16.98 -4.13 16.40
C SER A 224 16.99 -2.78 17.10
N TYR A 225 16.16 -2.63 18.15
CA TYR A 225 16.04 -1.37 18.87
C TYR A 225 17.40 -0.89 19.38
N ASP A 226 18.12 -1.75 20.10
CA ASP A 226 19.35 -1.32 20.74
C ASP A 226 20.35 -0.78 19.72
N ARG A 227 20.53 -1.50 18.60
CA ARG A 227 21.45 -1.04 17.55
C ARG A 227 20.96 0.28 16.96
N GLU A 228 19.69 0.34 16.60
CA GLU A 228 19.19 1.54 15.93
C GLU A 228 19.31 2.77 16.82
N VAL A 229 19.08 2.60 18.12
CA VAL A 229 19.23 3.71 19.05
C VAL A 229 20.69 4.14 19.18
N SER A 230 21.61 3.17 19.16
CA SER A 230 23.02 3.53 19.27
C SER A 230 23.62 4.01 17.95
N LEU A 231 22.80 4.13 16.90
CA LEU A 231 23.24 4.75 15.66
C LEU A 231 22.55 6.09 15.41
N GLY A 232 21.37 6.30 15.98
CA GLY A 232 20.56 7.46 15.69
C GLY A 232 19.47 7.22 14.68
N GLN A 233 19.07 5.96 14.48
CA GLN A 233 18.01 5.61 13.54
C GLN A 233 16.65 5.66 14.23
N ILE A 234 15.75 6.53 13.76
CA ILE A 234 14.47 6.71 14.43
C ILE A 234 13.38 5.80 13.88
N THR A 235 13.68 4.96 12.89
CA THR A 235 12.66 4.14 12.25
C THR A 235 12.46 2.87 13.09
N ASN A 236 11.70 3.02 14.17
CA ASN A 236 11.50 1.95 15.15
C ASN A 236 10.29 2.29 16.01
N CYS A 237 9.26 1.44 15.98
CA CYS A 237 8.03 1.81 16.68
C CYS A 237 8.19 1.88 18.19
N PHE A 238 9.19 1.20 18.78
CA PHE A 238 9.34 1.30 20.23
C PHE A 238 9.89 2.64 20.70
N ARG A 239 10.40 3.47 19.80
CA ARG A 239 10.70 4.86 20.15
C ARG A 239 9.44 5.66 20.37
N LEU A 240 8.27 5.07 20.21
CA LEU A 240 7.01 5.74 20.51
C LEU A 240 6.60 5.60 21.97
N CYS A 241 7.27 4.79 22.79
CA CYS A 241 6.90 4.92 24.19
C CYS A 241 8.13 4.80 25.09
N ASP A 242 7.91 5.10 26.36
CA ASP A 242 8.98 5.12 27.37
C ASP A 242 9.41 3.68 27.67
N VAL A 243 10.42 3.18 26.97
CA VAL A 243 10.87 1.82 27.27
C VAL A 243 11.58 1.76 28.62
N SER A 244 11.95 2.90 29.19
CA SER A 244 12.51 2.91 30.53
C SER A 244 11.47 2.61 31.59
N ASP A 245 10.21 2.56 31.23
CA ASP A 245 9.11 2.45 32.18
C ASP A 245 8.28 1.20 31.86
N GLU A 246 8.37 0.21 32.74
CA GLU A 246 7.85 -1.13 32.46
C GLU A 246 6.37 -1.10 32.13
N THR A 247 5.62 -0.18 32.74
CA THR A 247 4.17 -0.21 32.52
C THR A 247 3.78 0.37 31.17
N ALA A 248 4.31 1.56 30.84
CA ALA A 248 4.12 2.08 29.49
C ALA A 248 4.63 1.08 28.44
N PHE A 249 5.79 0.46 28.70
CA PHE A 249 6.29 -0.51 27.73
C PHE A 249 5.36 -1.70 27.62
N LYS A 250 4.92 -2.25 28.76
CA LYS A 250 4.03 -3.40 28.76
C LYS A 250 2.76 -3.08 28.00
N GLU A 251 2.24 -1.88 28.19
CA GLU A 251 1.02 -1.50 27.50
C GLU A 251 1.26 -1.39 26.00
N PHE A 252 2.36 -0.74 25.61
CA PHE A 252 2.65 -0.56 24.20
C PHE A 252 2.89 -1.90 23.54
N PHE A 253 3.60 -2.79 24.24
CA PHE A 253 3.92 -4.08 23.69
C PHE A 253 2.67 -4.93 23.48
N GLN A 254 1.73 -4.90 24.43
CA GLN A 254 0.47 -5.62 24.23
C GLN A 254 -0.32 -5.06 23.05
N ALA A 255 -0.36 -3.73 22.92
CA ALA A 255 -1.06 -3.16 21.77
C ALA A 255 -0.48 -3.66 20.46
N ARG A 256 0.84 -3.81 20.40
CA ARG A 256 1.49 -4.29 19.19
C ARG A 256 1.22 -5.79 18.98
N LEU A 257 1.22 -6.57 20.07
CA LEU A 257 0.77 -7.96 19.95
C LEU A 257 -0.65 -8.01 19.40
N ASP A 258 -1.54 -7.19 19.95
CA ASP A 258 -2.90 -7.15 19.45
C ASP A 258 -2.94 -6.87 17.96
N ASP A 259 -2.07 -5.95 17.49
CA ASP A 259 -2.00 -5.63 16.05
C ASP A 259 -1.63 -6.88 15.25
N MET A 260 -0.59 -7.59 15.71
CA MET A 260 -0.16 -8.79 15.00
C MET A 260 -1.28 -9.81 14.95
N ILE A 261 -1.99 -10.01 16.05
CA ILE A 261 -3.05 -11.01 16.10
C ILE A 261 -4.17 -10.63 15.15
N GLU A 262 -4.58 -9.35 15.18
CA GLU A 262 -5.60 -8.86 14.24
C GLU A 262 -5.22 -9.20 12.80
N ASP A 263 -3.99 -8.88 12.39
CA ASP A 263 -3.56 -9.16 11.03
C ASP A 263 -3.57 -10.66 10.73
N ILE A 264 -3.02 -11.47 11.63
CA ILE A 264 -2.95 -12.91 11.37
C ILE A 264 -4.35 -13.51 11.24
N GLU A 265 -5.27 -13.07 12.08
CA GLU A 265 -6.62 -13.61 12.01
C GLU A 265 -7.30 -13.26 10.69
N CYS A 266 -7.10 -12.03 10.17
CA CYS A 266 -7.65 -11.67 8.87
C CYS A 266 -6.92 -12.38 7.73
N ILE A 267 -5.61 -12.60 7.88
CA ILE A 267 -4.87 -13.35 6.86
C ILE A 267 -5.51 -14.73 6.64
N LYS A 268 -6.15 -15.29 7.67
CA LYS A 268 -6.82 -16.59 7.58
C LYS A 268 -8.10 -16.56 6.75
N ALA A 269 -8.40 -15.43 6.10
CA ALA A 269 -9.46 -15.37 5.11
C ALA A 269 -8.94 -15.53 3.70
N PHE A 270 -7.65 -15.34 3.48
CA PHE A 270 -7.13 -15.51 2.15
C PHE A 270 -7.14 -16.99 1.78
N ASP A 271 -6.93 -17.27 0.50
CA ASP A 271 -6.91 -18.66 0.04
C ASP A 271 -5.79 -19.41 0.76
N GLN A 272 -5.88 -20.74 0.75
CA GLN A 272 -4.99 -21.54 1.59
C GLN A 272 -3.52 -21.36 1.25
N LEU A 273 -3.18 -21.24 -0.03
CA LEU A 273 -1.77 -21.11 -0.37
C LEU A 273 -1.24 -19.75 0.03
N THR A 274 -1.95 -18.69 -0.35
CA THR A 274 -1.53 -17.34 -0.01
C THR A 274 -1.41 -17.19 1.50
N GLN A 275 -2.39 -17.73 2.23
CA GLN A 275 -2.37 -17.73 3.68
C GLN A 275 -1.07 -18.32 4.21
N ASP A 276 -0.63 -19.45 3.66
CA ASP A 276 0.64 -20.07 4.04
C ASP A 276 1.83 -19.12 3.83
N VAL A 277 1.93 -18.53 2.64
CA VAL A 277 3.04 -17.62 2.36
C VAL A 277 3.04 -16.46 3.35
N PHE A 278 1.88 -15.85 3.61
CA PHE A 278 1.85 -14.70 4.52
C PHE A 278 2.34 -15.11 5.90
N LEU A 279 1.82 -16.22 6.43
CA LEU A 279 2.07 -16.59 7.82
C LEU A 279 3.50 -17.12 8.01
N ASP A 280 3.99 -17.92 7.07
CA ASP A 280 5.39 -18.36 7.15
C ASP A 280 6.34 -17.17 7.03
N LEU A 281 5.94 -16.11 6.30
CA LEU A 281 6.78 -14.92 6.23
C LEU A 281 6.90 -14.26 7.60
N ILE A 282 5.77 -14.06 8.28
CA ILE A 282 5.80 -13.38 9.58
C ILE A 282 6.46 -14.25 10.63
N TYR A 283 6.06 -15.52 10.70
CA TYR A 283 6.61 -16.43 11.71
C TYR A 283 8.07 -16.77 11.40
N GLY A 284 8.39 -16.98 10.14
CA GLY A 284 9.77 -17.24 9.78
C GLY A 284 10.70 -16.07 10.07
N ASN A 285 10.22 -14.85 9.84
CA ASN A 285 11.03 -13.69 10.18
C ASN A 285 11.35 -13.69 11.68
N PHE A 286 10.38 -14.06 12.50
CA PHE A 286 10.61 -14.14 13.95
C PHE A 286 11.66 -15.20 14.27
N VAL A 287 11.56 -16.38 13.66
CA VAL A 287 12.52 -17.45 13.95
C VAL A 287 13.93 -17.00 13.56
N TRP A 288 14.06 -16.41 12.37
CA TRP A 288 15.36 -15.96 11.89
C TRP A 288 15.93 -14.82 12.73
N THR A 289 15.07 -13.84 13.08
CA THR A 289 15.50 -12.68 13.85
C THR A 289 16.12 -13.12 15.19
N THR A 290 15.48 -14.07 15.87
CA THR A 290 15.96 -14.51 17.17
C THR A 290 17.11 -15.50 17.09
N SER A 291 17.46 -15.95 15.89
CA SER A 291 18.57 -16.88 15.67
C SER A 291 19.80 -16.19 15.10
N ASN A 292 19.74 -14.88 14.87
CA ASN A 292 20.71 -14.16 14.05
C ASN A 292 21.50 -13.19 14.90
N LYS A 293 22.83 -13.30 14.83
CA LYS A 293 23.72 -12.40 15.57
C LYS A 293 23.46 -10.93 15.25
N ARG A 294 22.97 -10.65 14.05
CA ARG A 294 22.62 -9.27 13.68
C ARG A 294 21.67 -8.64 14.70
N TYR A 295 20.87 -9.45 15.38
CA TYR A 295 19.87 -8.94 16.31
C TYR A 295 20.15 -9.30 17.76
N LYS A 296 21.41 -9.16 18.21
CA LYS A 296 21.84 -9.66 19.52
C LYS A 296 22.79 -8.74 20.27
N THR A 297 23.75 -8.08 19.62
CA THR A 297 24.40 -6.93 20.23
C THR A 297 24.31 -5.71 19.31
N ALA A 298 24.08 -4.54 19.94
CA ALA A 298 23.82 -3.29 19.22
C ALA A 298 24.90 -3.02 18.17
N VAL A 299 26.15 -3.35 18.48
CA VAL A 299 27.23 -3.14 17.51
C VAL A 299 28.09 -4.38 17.50
N ASN A 300 28.03 -5.14 16.41
CA ASN A 300 28.90 -6.29 16.25
C ASN A 300 29.30 -6.40 14.78
N ASP A 301 30.13 -7.40 14.52
CA ASP A 301 30.83 -7.51 13.25
C ASP A 301 29.92 -7.78 12.06
N VAL A 302 28.66 -8.19 12.25
CA VAL A 302 27.77 -8.40 11.11
C VAL A 302 26.69 -7.32 10.98
N ASN A 303 26.46 -6.51 12.01
CA ASN A 303 25.53 -5.39 11.81
C ASN A 303 26.22 -4.03 11.92
N SER A 304 27.55 -4.01 11.88
CA SER A 304 28.29 -2.75 11.96
C SER A 304 27.94 -1.91 10.74
N ARG A 305 27.75 -0.61 10.96
CA ARG A 305 27.50 0.27 9.84
C ARG A 305 28.60 0.12 8.79
N ILE A 306 28.18 0.02 7.53
CA ILE A 306 29.09 -0.18 6.40
C ILE A 306 29.62 1.20 6.06
N GLN A 307 30.86 1.48 6.46
CA GLN A 307 31.45 2.79 6.26
C GLN A 307 32.77 2.71 5.53
N GLY B 9 -41.34 -9.55 6.50
CA GLY B 9 -40.27 -8.57 6.51
C GLY B 9 -39.85 -8.08 7.89
N ALA B 10 -38.71 -7.40 7.96
CA ALA B 10 -38.12 -7.04 9.23
C ALA B 10 -36.94 -6.09 9.08
N GLN B 11 -36.96 -5.18 8.10
CA GLN B 11 -35.73 -4.54 7.63
C GLN B 11 -35.42 -3.33 8.51
N ASP B 12 -34.12 -3.12 8.78
CA ASP B 12 -33.64 -2.16 9.77
C ASP B 12 -33.47 -0.78 9.14
N ILE B 13 -34.60 -0.09 9.02
CA ILE B 13 -34.58 1.24 8.42
C ILE B 13 -33.70 2.18 9.22
N GLY B 14 -33.56 1.95 10.53
CA GLY B 14 -32.79 2.89 11.34
C GLY B 14 -31.33 2.96 10.95
N ARG B 15 -30.70 1.80 10.78
CA ARG B 15 -29.30 1.71 10.39
C ARG B 15 -29.07 1.88 8.89
N SER B 16 -30.11 2.14 8.12
CA SER B 16 -30.00 2.11 6.68
C SER B 16 -29.54 3.43 6.08
N SER B 17 -29.40 4.49 6.88
CA SER B 17 -29.22 5.81 6.30
C SER B 17 -28.40 6.71 7.23
N VAL B 18 -27.53 7.52 6.64
CA VAL B 18 -26.89 8.60 7.40
C VAL B 18 -27.58 9.93 7.16
N ARG B 19 -28.75 9.91 6.51
CA ARG B 19 -29.47 11.14 6.22
C ARG B 19 -29.68 12.04 7.43
N PRO B 20 -30.07 11.55 8.61
CA PRO B 20 -30.18 12.44 9.78
C PRO B 20 -28.92 13.25 10.07
N TYR B 21 -27.74 12.77 9.69
CA TYR B 21 -26.47 13.41 10.03
C TYR B 21 -25.89 14.25 8.89
N LEU B 22 -26.61 14.35 7.77
CA LEU B 22 -26.04 14.93 6.56
C LEU B 22 -25.53 16.36 6.77
N GLU B 23 -26.38 17.24 7.32
CA GLU B 23 -25.99 18.64 7.41
C GLU B 23 -24.83 18.82 8.38
N GLU B 24 -24.92 18.21 9.56
CA GLU B 24 -23.90 18.47 10.56
C GLU B 24 -22.55 17.85 10.16
N CYS B 25 -22.56 16.64 9.56
CA CYS B 25 -21.31 16.05 9.11
C CYS B 25 -20.70 16.86 7.96
N THR B 26 -21.52 17.33 7.03
CA THR B 26 -21.00 18.15 5.95
C THR B 26 -20.30 19.38 6.51
N ARG B 27 -20.95 20.00 7.48
CA ARG B 27 -20.41 21.18 8.11
C ARG B 27 -19.10 20.86 8.83
N ARG B 28 -19.07 19.74 9.54
CA ARG B 28 -17.87 19.33 10.27
C ARG B 28 -16.70 19.08 9.33
N PHE B 29 -16.94 18.32 8.25
CA PHE B 29 -15.90 18.12 7.23
C PHE B 29 -15.34 19.44 6.75
N GLN B 30 -16.23 20.36 6.36
CA GLN B 30 -15.76 21.63 5.82
C GLN B 30 -14.97 22.41 6.85
N GLU B 31 -15.42 22.41 8.12
CA GLU B 31 -14.67 23.12 9.15
C GLU B 31 -13.28 22.52 9.28
N MET B 32 -13.20 21.20 9.19
CA MET B 32 -11.91 20.53 9.31
C MET B 32 -10.97 20.98 8.20
N PHE B 33 -11.44 20.93 6.93
CA PHE B 33 -10.60 21.38 5.82
C PHE B 33 -10.19 22.83 5.99
N ASP B 34 -11.14 23.68 6.42
CA ASP B 34 -10.82 25.11 6.60
C ASP B 34 -9.75 25.29 7.65
N ARG B 35 -9.78 24.48 8.71
CA ARG B 35 -8.83 24.67 9.80
C ARG B 35 -7.49 24.02 9.51
N HIS B 36 -7.44 22.97 8.70
CA HIS B 36 -6.18 22.25 8.51
C HIS B 36 -5.59 22.38 7.11
N VAL B 37 -6.38 22.61 6.08
CA VAL B 37 -5.85 22.83 4.73
C VAL B 37 -5.86 24.29 4.35
N VAL B 38 -6.99 24.97 4.57
CA VAL B 38 -7.18 26.41 4.42
C VAL B 38 -7.39 26.73 2.95
N THR B 39 -6.45 26.34 2.08
CA THR B 39 -6.54 26.73 0.67
C THR B 39 -7.55 25.89 -0.07
N ARG B 40 -8.28 26.56 -0.97
CA ARG B 40 -9.46 26.01 -1.61
C ARG B 40 -9.09 25.30 -2.91
N PRO B 41 -9.60 24.09 -3.12
CA PRO B 41 -9.34 23.39 -4.38
C PRO B 41 -9.73 24.23 -5.58
N THR B 42 -9.24 23.83 -6.74
CA THR B 42 -9.46 24.56 -7.99
C THR B 42 -9.83 23.57 -9.08
N LYS B 43 -10.78 23.93 -9.93
CA LYS B 43 -11.23 22.98 -10.95
C LYS B 43 -10.49 23.21 -12.27
N VAL B 44 -9.70 22.22 -12.67
CA VAL B 44 -9.03 22.22 -13.98
C VAL B 44 -10.05 22.48 -15.07
N GLU B 45 -9.63 23.20 -16.11
CA GLU B 45 -10.54 23.64 -17.16
C GLU B 45 -10.28 22.87 -18.45
N LEU B 46 -11.33 22.26 -18.99
CA LEU B 46 -11.26 21.54 -20.25
C LEU B 46 -11.96 22.32 -21.36
N THR B 47 -11.30 22.45 -22.51
CA THR B 47 -11.98 22.99 -23.67
C THR B 47 -13.09 22.05 -24.08
N ASP B 48 -14.12 22.64 -24.69
CA ASP B 48 -15.17 21.85 -25.32
C ASP B 48 -14.60 20.66 -26.06
N ALA B 49 -13.53 20.87 -26.84
CA ALA B 49 -12.96 19.79 -27.64
C ALA B 49 -12.43 18.65 -26.76
N GLU B 50 -11.72 18.99 -25.69
CA GLU B 50 -11.00 17.96 -24.94
C GLU B 50 -11.96 17.02 -24.22
N LEU B 51 -13.14 17.52 -23.84
CA LEU B 51 -14.06 16.75 -23.02
C LEU B 51 -14.84 15.73 -23.85
N ARG B 52 -15.37 16.16 -25.00
CA ARG B 52 -15.95 15.18 -25.91
C ARG B 52 -14.86 14.30 -26.53
N GLU B 53 -13.64 14.82 -26.63
CA GLU B 53 -12.51 13.95 -26.96
C GLU B 53 -12.30 12.89 -25.87
N VAL B 54 -12.48 13.29 -24.61
CA VAL B 54 -12.37 12.32 -23.52
C VAL B 54 -13.60 11.41 -23.51
N ILE B 55 -14.78 11.97 -23.73
CA ILE B 55 -16.01 11.18 -23.64
C ILE B 55 -16.09 10.16 -24.77
N ASP B 56 -15.62 10.51 -25.96
CA ASP B 56 -15.65 9.52 -27.04
C ASP B 56 -14.52 8.49 -26.87
N ASP B 57 -13.39 8.88 -26.26
CA ASP B 57 -12.43 7.88 -25.78
C ASP B 57 -13.08 6.96 -24.74
N CYS B 58 -13.84 7.51 -23.80
CA CYS B 58 -14.57 6.70 -22.84
C CYS B 58 -15.59 5.79 -23.51
N ASN B 59 -16.35 6.33 -24.46
CA ASN B 59 -17.34 5.50 -25.16
C ASN B 59 -16.67 4.39 -25.95
N ALA B 60 -15.54 4.70 -26.60
CA ALA B 60 -14.86 3.71 -27.41
C ALA B 60 -14.31 2.58 -26.56
N ALA B 61 -13.99 2.87 -25.30
CA ALA B 61 -13.34 1.86 -24.46
C ALA B 61 -14.36 0.96 -23.78
N VAL B 62 -15.58 1.45 -23.57
CA VAL B 62 -16.61 0.60 -22.97
C VAL B 62 -17.61 0.09 -23.99
N ALA B 63 -17.50 0.51 -25.25
CA ALA B 63 -18.29 -0.09 -26.33
C ALA B 63 -18.07 -1.59 -26.51
N PRO B 64 -16.88 -2.15 -26.29
CA PRO B 64 -16.77 -3.62 -26.33
C PRO B 64 -17.48 -4.32 -25.18
N LEU B 65 -17.91 -3.59 -24.15
CA LEU B 65 -18.60 -4.25 -23.05
C LEU B 65 -20.12 -4.25 -23.20
N GLY B 66 -20.65 -3.52 -24.18
CA GLY B 66 -22.06 -3.60 -24.53
C GLY B 66 -22.98 -2.62 -23.83
N LYS B 67 -22.44 -1.68 -23.06
CA LYS B 67 -23.29 -0.78 -22.28
C LYS B 67 -23.09 0.66 -22.75
N THR B 68 -24.20 1.37 -22.92
CA THR B 68 -24.17 2.78 -23.29
C THR B 68 -24.23 3.64 -22.05
N VAL B 69 -23.41 4.68 -22.00
CA VAL B 69 -23.33 5.58 -20.84
C VAL B 69 -23.59 7.00 -21.32
N SER B 70 -24.55 7.68 -20.70
CA SER B 70 -24.94 9.03 -21.09
C SER B 70 -23.80 10.03 -20.81
N ASP B 71 -23.82 11.15 -21.54
CA ASP B 71 -22.86 12.22 -21.27
C ASP B 71 -22.98 12.73 -19.84
N GLU B 72 -24.19 12.74 -19.31
CA GLU B 72 -24.40 13.19 -17.94
C GLU B 72 -23.68 12.27 -16.95
N ARG B 73 -23.71 10.97 -17.23
CA ARG B 73 -23.07 10.02 -16.33
C ARG B 73 -21.56 10.11 -16.45
N TRP B 74 -21.05 10.29 -17.68
CA TRP B 74 -19.62 10.51 -17.84
C TRP B 74 -19.18 11.77 -17.10
N ILE B 75 -19.95 12.86 -17.22
CA ILE B 75 -19.55 14.11 -16.60
C ILE B 75 -19.59 13.97 -15.08
N SER B 76 -20.51 13.15 -14.58
CA SER B 76 -20.52 12.82 -13.15
C SER B 76 -19.23 12.12 -12.73
N TYR B 77 -18.84 11.05 -13.43
CA TYR B 77 -17.59 10.37 -13.13
C TYR B 77 -16.41 11.31 -13.24
N VAL B 78 -16.37 12.16 -14.28
CA VAL B 78 -15.15 12.87 -14.61
C VAL B 78 -14.89 14.02 -13.64
N GLY B 79 -15.92 14.51 -12.96
CA GLY B 79 -15.74 15.66 -12.08
C GLY B 79 -14.67 15.48 -11.01
N VAL B 80 -14.45 14.25 -10.54
CA VAL B 80 -13.44 14.04 -9.50
C VAL B 80 -12.07 14.40 -10.03
N VAL B 81 -11.79 14.10 -11.30
CA VAL B 81 -10.49 14.49 -11.85
C VAL B 81 -10.41 16.00 -12.02
N LEU B 82 -11.51 16.62 -12.46
CA LEU B 82 -11.48 18.07 -12.67
C LEU B 82 -11.30 18.84 -11.37
N TRP B 83 -11.86 18.35 -10.27
CA TRP B 83 -11.77 19.03 -8.98
C TRP B 83 -10.58 18.60 -8.13
N SER B 84 -10.09 17.37 -8.28
CA SER B 84 -9.19 16.79 -7.30
C SER B 84 -7.77 16.57 -7.82
N GLN B 85 -7.41 17.16 -8.96
CA GLN B 85 -6.02 17.28 -9.31
C GLN B 85 -5.54 18.63 -8.78
N SER B 86 -4.44 19.15 -9.32
CA SER B 86 -3.76 20.29 -8.72
C SER B 86 -3.37 21.25 -9.82
N PRO B 87 -4.28 22.15 -10.25
CA PRO B 87 -4.05 22.95 -11.46
C PRO B 87 -2.75 23.74 -11.45
N ARG B 88 -2.41 24.36 -10.32
CA ARG B 88 -1.24 25.20 -10.27
C ARG B 88 0.05 24.46 -10.66
N HIS B 89 0.07 23.14 -10.48
CA HIS B 89 1.27 22.34 -10.70
C HIS B 89 1.23 21.55 -11.99
N ILE B 90 0.15 21.63 -12.77
CA ILE B 90 0.01 20.74 -13.92
C ILE B 90 1.05 21.08 -14.96
N LYS B 91 1.82 20.08 -15.38
CA LYS B 91 2.71 20.26 -16.53
C LYS B 91 2.15 19.66 -17.81
N ASP B 92 1.66 18.43 -17.76
CA ASP B 92 1.37 17.63 -18.95
C ASP B 92 -0.15 17.44 -19.04
N MET B 93 -0.79 18.17 -19.96
CA MET B 93 -2.24 18.15 -20.02
C MET B 93 -2.79 16.92 -20.72
N GLU B 94 -2.03 16.26 -21.57
CA GLU B 94 -2.63 15.08 -22.16
C GLU B 94 -2.44 13.85 -21.25
N ALA B 95 -1.56 13.93 -20.26
CA ALA B 95 -1.61 12.96 -19.15
C ALA B 95 -2.84 13.22 -18.28
N PHE B 96 -3.26 14.48 -18.17
CA PHE B 96 -4.47 14.79 -17.41
C PHE B 96 -5.68 14.18 -18.10
N LYS B 97 -5.74 14.27 -19.43
CA LYS B 97 -6.86 13.69 -20.17
C LYS B 97 -6.87 12.17 -20.06
N ALA B 98 -5.70 11.52 -20.07
CA ALA B 98 -5.64 10.09 -19.81
C ALA B 98 -6.32 9.75 -18.47
N VAL B 99 -6.03 10.53 -17.44
CA VAL B 99 -6.61 10.23 -16.13
C VAL B 99 -8.12 10.44 -16.15
N CYS B 100 -8.60 11.48 -16.87
CA CYS B 100 -10.04 11.63 -17.06
C CYS B 100 -10.65 10.37 -17.65
N VAL B 101 -10.04 9.85 -18.72
CA VAL B 101 -10.61 8.68 -19.38
C VAL B 101 -10.52 7.46 -18.47
N LEU B 102 -9.32 7.18 -17.96
CA LEU B 102 -9.10 5.96 -17.17
C LEU B 102 -9.97 5.96 -15.92
N ASN B 103 -10.03 7.09 -15.22
CA ASN B 103 -10.95 7.22 -14.09
C ASN B 103 -12.38 6.85 -14.50
N CYS B 104 -12.85 7.39 -15.62
CA CYS B 104 -14.27 7.24 -15.98
C CYS B 104 -14.61 5.81 -16.37
N VAL B 105 -13.80 5.16 -17.21
CA VAL B 105 -14.21 3.85 -17.69
C VAL B 105 -14.10 2.82 -16.57
N THR B 106 -13.16 2.98 -15.64
CA THR B 106 -13.11 2.06 -14.51
C THR B 106 -14.17 2.41 -13.45
N PHE B 107 -14.67 3.65 -13.44
CA PHE B 107 -15.89 3.94 -12.68
C PHE B 107 -17.06 3.12 -13.21
N VAL B 108 -17.20 3.02 -14.54
CA VAL B 108 -18.24 2.17 -15.12
C VAL B 108 -18.07 0.74 -14.63
N TRP B 109 -16.84 0.24 -14.68
CA TRP B 109 -16.53 -1.12 -14.21
C TRP B 109 -16.97 -1.31 -12.77
N ASP B 110 -16.74 -0.29 -11.92
CA ASP B 110 -17.14 -0.29 -10.52
C ASP B 110 -18.67 -0.38 -10.36
N ASP B 111 -19.42 0.22 -11.28
CA ASP B 111 -20.88 0.23 -11.24
C ASP B 111 -21.52 -0.92 -12.02
N MET B 112 -20.72 -1.80 -12.62
CA MET B 112 -21.27 -2.92 -13.37
C MET B 112 -21.39 -4.14 -12.48
N ASP B 113 -22.49 -4.86 -12.63
CA ASP B 113 -22.51 -6.18 -12.02
C ASP B 113 -21.57 -7.09 -12.81
N PRO B 114 -20.93 -8.05 -12.14
CA PRO B 114 -19.70 -8.65 -12.70
C PRO B 114 -19.91 -9.52 -13.92
N ALA B 115 -21.15 -9.79 -14.31
CA ALA B 115 -21.40 -10.47 -15.57
C ALA B 115 -20.83 -9.70 -16.77
N LEU B 116 -21.02 -8.39 -16.81
CA LEU B 116 -20.55 -7.57 -17.92
C LEU B 116 -19.03 -7.40 -17.95
N HIS B 117 -18.31 -7.85 -16.93
CA HIS B 117 -16.86 -7.68 -16.91
C HIS B 117 -16.23 -8.64 -17.91
N ASP B 118 -15.79 -8.13 -19.07
CA ASP B 118 -15.06 -8.92 -20.06
C ASP B 118 -13.61 -8.45 -20.07
N PHE B 119 -12.74 -9.19 -19.37
CA PHE B 119 -11.34 -8.81 -19.35
C PHE B 119 -10.74 -8.85 -20.76
N GLY B 120 -11.11 -9.86 -21.54
CA GLY B 120 -10.52 -10.03 -22.86
C GLY B 120 -10.82 -8.89 -23.81
N LEU B 121 -11.94 -8.19 -23.59
CA LEU B 121 -12.31 -7.08 -24.46
C LEU B 121 -11.96 -5.74 -23.84
N PHE B 122 -11.96 -5.66 -22.51
CA PHE B 122 -11.74 -4.36 -21.87
C PHE B 122 -10.26 -4.06 -21.60
N LEU B 123 -9.46 -5.04 -21.15
CA LEU B 123 -8.04 -4.75 -20.97
C LEU B 123 -7.37 -4.20 -22.23
N PRO B 124 -7.62 -4.71 -23.44
CA PRO B 124 -7.00 -4.10 -24.63
C PRO B 124 -7.32 -2.61 -24.80
N GLN B 125 -8.52 -2.17 -24.42
CA GLN B 125 -8.87 -0.76 -24.50
C GLN B 125 -8.11 0.07 -23.48
N LEU B 126 -7.93 -0.48 -22.27
CA LEU B 126 -7.11 0.23 -21.28
C LEU B 126 -5.70 0.45 -21.82
N ARG B 127 -5.07 -0.57 -22.38
CA ARG B 127 -3.68 -0.42 -22.80
C ARG B 127 -3.53 0.68 -23.84
N LYS B 128 -4.48 0.76 -24.79
CA LYS B 128 -4.39 1.73 -25.87
C LYS B 128 -4.60 3.14 -25.38
N ILE B 129 -5.52 3.35 -24.42
CA ILE B 129 -5.62 4.65 -23.79
C ILE B 129 -4.26 5.04 -23.23
N CYS B 130 -3.64 4.12 -22.48
CA CYS B 130 -2.38 4.40 -21.84
C CYS B 130 -1.29 4.69 -22.86
N GLU B 131 -1.30 3.96 -23.98
CA GLU B 131 -0.21 4.06 -24.95
C GLU B 131 -0.32 5.31 -25.81
N LYS B 132 -1.54 5.85 -25.99
CA LYS B 132 -1.71 7.11 -26.70
C LYS B 132 -1.21 8.28 -25.89
N TYR B 133 -1.52 8.31 -24.59
CA TYR B 133 -1.35 9.50 -23.79
C TYR B 133 -0.05 9.55 -23.01
N TYR B 134 0.61 8.41 -22.77
CA TYR B 134 1.83 8.34 -21.98
C TYR B 134 3.00 7.85 -22.84
N GLY B 135 4.21 7.92 -22.27
CA GLY B 135 5.36 7.30 -22.90
C GLY B 135 5.40 5.84 -22.50
N PRO B 136 6.06 4.97 -23.29
CA PRO B 136 5.93 3.52 -23.04
C PRO B 136 6.18 3.12 -21.59
N GLU B 137 7.31 3.56 -21.00
CA GLU B 137 7.52 3.55 -19.55
C GLU B 137 6.24 3.92 -18.78
N ASP B 138 5.83 5.19 -18.83
CA ASP B 138 4.70 5.65 -18.02
C ASP B 138 3.41 4.91 -18.36
N ALA B 139 3.25 4.47 -19.61
CA ALA B 139 2.06 3.73 -20.01
C ALA B 139 2.04 2.33 -19.41
N GLU B 140 3.20 1.74 -19.17
CA GLU B 140 3.17 0.42 -18.54
C GLU B 140 2.77 0.56 -17.06
N VAL B 141 3.17 1.65 -16.40
CA VAL B 141 2.76 1.86 -15.01
C VAL B 141 1.27 2.15 -14.91
N ALA B 142 0.75 3.02 -15.80
CA ALA B 142 -0.68 3.32 -15.76
C ALA B 142 -1.52 2.10 -16.14
N TYR B 143 -1.12 1.37 -17.19
CA TYR B 143 -1.86 0.16 -17.54
C TYR B 143 -1.86 -0.86 -16.40
N GLU B 144 -0.69 -1.16 -15.82
CA GLU B 144 -0.65 -2.13 -14.73
C GLU B 144 -1.56 -1.72 -13.58
N ALA B 145 -1.53 -0.43 -13.23
CA ALA B 145 -2.37 0.02 -12.13
C ALA B 145 -3.86 -0.09 -12.49
N ALA B 146 -4.22 0.20 -13.76
CA ALA B 146 -5.62 0.06 -14.16
C ALA B 146 -6.07 -1.39 -14.16
N ARG B 147 -5.26 -2.27 -14.74
CA ARG B 147 -5.55 -3.71 -14.72
C ARG B 147 -5.67 -4.21 -13.29
N ALA B 148 -4.73 -3.85 -12.43
CA ALA B 148 -4.79 -4.30 -11.04
C ALA B 148 -6.07 -3.81 -10.36
N PHE B 149 -6.49 -2.57 -10.63
CA PHE B 149 -7.74 -2.11 -10.03
C PHE B 149 -8.93 -2.91 -10.55
N VAL B 150 -9.07 -3.08 -11.87
CA VAL B 150 -10.29 -3.74 -12.34
C VAL B 150 -10.28 -5.22 -11.97
N THR B 151 -9.12 -5.84 -11.94
CA THR B 151 -9.04 -7.21 -11.44
C THR B 151 -9.44 -7.30 -9.97
N SER B 152 -8.98 -6.34 -9.15
CA SER B 152 -9.35 -6.30 -7.74
C SER B 152 -10.85 -6.13 -7.56
N ASP B 153 -11.44 -5.12 -8.23
CA ASP B 153 -12.88 -4.91 -8.09
C ASP B 153 -13.65 -6.16 -8.46
N HIS B 154 -13.19 -6.90 -9.48
CA HIS B 154 -13.88 -8.12 -9.91
C HIS B 154 -13.70 -9.25 -8.92
N MET B 155 -12.44 -9.64 -8.65
CA MET B 155 -12.22 -10.84 -7.84
C MET B 155 -12.72 -10.65 -6.42
N PHE B 156 -12.98 -9.40 -6.01
CA PHE B 156 -13.44 -9.20 -4.64
C PHE B 156 -14.95 -9.05 -4.50
N ARG B 157 -15.74 -9.15 -5.58
CA ARG B 157 -17.19 -9.14 -5.42
C ARG B 157 -17.63 -10.38 -4.65
N ASP B 158 -18.55 -10.22 -3.70
CA ASP B 158 -19.07 -11.37 -2.94
C ASP B 158 -17.97 -12.27 -2.36
N SER B 159 -16.80 -11.69 -2.00
CA SER B 159 -15.56 -12.41 -1.69
C SER B 159 -15.29 -12.52 -0.18
N PRO B 160 -14.68 -13.63 0.23
CA PRO B 160 -14.37 -13.83 1.67
C PRO B 160 -13.35 -12.85 2.24
N ILE B 161 -12.31 -12.51 1.49
CA ILE B 161 -11.33 -11.57 2.02
C ILE B 161 -11.98 -10.21 2.27
N LYS B 162 -12.81 -9.78 1.33
CA LYS B 162 -13.43 -8.47 1.51
C LYS B 162 -14.33 -8.45 2.75
N ALA B 163 -15.07 -9.53 2.98
CA ALA B 163 -15.87 -9.64 4.19
C ALA B 163 -15.02 -9.47 5.44
N ALA B 164 -13.87 -10.16 5.49
CA ALA B 164 -13.04 -10.06 6.69
C ALA B 164 -12.48 -8.66 6.85
N LEU B 165 -11.92 -8.07 5.78
CA LEU B 165 -11.29 -6.76 5.92
C LEU B 165 -12.33 -5.65 6.12
N CYS B 166 -13.58 -5.88 5.73
CA CYS B 166 -14.62 -4.85 5.89
C CYS B 166 -15.49 -5.05 7.11
N THR B 167 -15.16 -5.99 7.99
CA THR B 167 -15.95 -6.18 9.20
C THR B 167 -15.08 -6.25 10.45
N THR B 168 -13.75 -6.10 10.35
CA THR B 168 -12.88 -6.41 11.48
C THR B 168 -12.45 -5.16 12.25
N SER B 169 -12.13 -4.07 11.56
CA SER B 169 -11.70 -2.85 12.23
C SER B 169 -11.50 -1.78 11.17
N PRO B 170 -11.41 -0.50 11.56
CA PRO B 170 -11.13 0.53 10.55
C PRO B 170 -9.78 0.33 9.89
N GLU B 171 -8.80 -0.19 10.61
CA GLU B 171 -7.45 -0.26 10.06
C GLU B 171 -7.29 -1.47 9.13
N GLN B 172 -8.11 -2.52 9.28
CA GLN B 172 -8.17 -3.52 8.21
C GLN B 172 -8.87 -2.95 6.99
N TYR B 173 -9.96 -2.24 7.24
CA TYR B 173 -10.78 -1.72 6.15
C TYR B 173 -9.99 -0.75 5.27
N PHE B 174 -9.31 0.23 5.86
CA PHE B 174 -8.58 1.20 5.06
C PHE B 174 -7.43 0.52 4.31
N ARG B 175 -6.87 -0.54 4.88
CA ARG B 175 -5.89 -1.34 4.15
C ARG B 175 -6.48 -1.89 2.85
N PHE B 176 -7.72 -2.37 2.89
CA PHE B 176 -8.37 -2.81 1.66
C PHE B 176 -8.54 -1.66 0.67
N ARG B 177 -8.86 -0.48 1.17
CA ARG B 177 -9.26 0.61 0.28
C ARG B 177 -8.08 1.32 -0.37
N VAL B 178 -6.86 1.09 0.10
CA VAL B 178 -5.71 1.66 -0.61
C VAL B 178 -5.80 1.32 -2.08
N THR B 179 -6.23 0.08 -2.39
CA THR B 179 -6.42 -0.34 -3.77
C THR B 179 -7.88 -0.17 -4.21
N ASP B 180 -8.82 -0.55 -3.37
CA ASP B 180 -10.20 -0.65 -3.82
C ASP B 180 -10.83 0.72 -4.07
N ILE B 181 -10.45 1.75 -3.32
CA ILE B 181 -10.99 3.07 -3.65
C ILE B 181 -10.33 3.63 -4.90
N GLY B 182 -9.33 2.94 -5.47
CA GLY B 182 -8.70 3.36 -6.70
C GLY B 182 -7.58 4.37 -6.56
N VAL B 183 -7.19 4.72 -5.33
CA VAL B 183 -6.24 5.82 -5.16
C VAL B 183 -4.83 5.43 -5.55
N ASP B 184 -4.40 4.20 -5.29
CA ASP B 184 -3.08 3.82 -5.78
C ASP B 184 -3.02 3.93 -7.30
N PHE B 185 -4.05 3.43 -7.97
CA PHE B 185 -4.18 3.55 -9.41
C PHE B 185 -4.12 5.01 -9.84
N TRP B 186 -4.93 5.85 -9.19
CA TRP B 186 -4.92 7.28 -9.43
C TRP B 186 -3.53 7.88 -9.37
N MET B 187 -2.77 7.57 -8.31
CA MET B 187 -1.44 8.15 -8.18
C MET B 187 -0.53 7.68 -9.31
N LYS B 188 -0.61 6.38 -9.65
CA LYS B 188 0.30 5.82 -10.64
C LYS B 188 -0.04 6.26 -12.05
N MET B 189 -1.26 6.74 -12.29
CA MET B 189 -1.57 7.31 -13.60
C MET B 189 -1.52 8.84 -13.62
N SER B 190 -1.44 9.49 -12.45
CA SER B 190 -1.41 10.95 -12.36
C SER B 190 -0.01 11.53 -12.31
N TYR B 191 1.01 10.79 -11.88
CA TYR B 191 2.32 11.42 -11.76
C TYR B 191 2.86 11.97 -13.09
N PRO B 192 2.58 11.40 -14.26
CA PRO B 192 3.04 12.08 -15.49
C PRO B 192 2.41 13.46 -15.69
N ILE B 193 1.30 13.77 -15.01
CA ILE B 193 0.71 15.10 -15.14
C ILE B 193 1.68 16.17 -14.62
N TYR B 194 2.41 15.86 -13.57
CA TYR B 194 3.19 16.81 -12.81
C TYR B 194 4.69 16.75 -13.12
N ARG B 195 5.21 15.62 -13.60
CA ARG B 195 6.63 15.45 -13.96
C ARG B 195 7.53 15.92 -12.81
N HIS B 196 7.11 15.62 -11.59
CA HIS B 196 7.79 16.08 -10.39
C HIS B 196 8.43 14.87 -9.71
N PRO B 197 9.75 14.76 -9.69
CA PRO B 197 10.38 13.49 -9.30
C PRO B 197 9.97 12.95 -7.93
N GLU B 198 9.88 13.76 -6.88
CA GLU B 198 9.47 13.22 -5.58
C GLU B 198 8.06 12.66 -5.63
N PHE B 199 7.13 13.35 -6.30
CA PHE B 199 5.78 12.81 -6.34
C PHE B 199 5.74 11.50 -7.12
N THR B 200 6.45 11.45 -8.24
CA THR B 200 6.57 10.22 -9.01
C THR B 200 7.07 9.06 -8.15
N GLU B 201 8.04 9.33 -7.25
CA GLU B 201 8.53 8.25 -6.39
C GLU B 201 7.51 7.89 -5.31
N HIS B 202 6.88 8.89 -4.68
CA HIS B 202 5.83 8.58 -3.70
C HIS B 202 4.67 7.85 -4.36
N ALA B 203 4.39 8.18 -5.62
CA ALA B 203 3.36 7.44 -6.36
C ALA B 203 3.78 5.99 -6.56
N LYS B 204 5.03 5.77 -6.96
CA LYS B 204 5.43 4.42 -7.32
C LYS B 204 5.65 3.52 -6.11
N THR B 205 5.99 4.08 -4.94
CA THR B 205 6.05 3.27 -3.72
C THR B 205 4.68 3.02 -3.11
N SER B 206 3.64 3.73 -3.58
CA SER B 206 2.29 3.73 -3.02
C SER B 206 2.19 4.49 -1.70
N LEU B 207 3.28 5.11 -1.23
CA LEU B 207 3.16 5.97 -0.05
C LEU B 207 2.19 7.12 -0.29
N ALA B 208 2.16 7.65 -1.51
CA ALA B 208 1.19 8.69 -1.85
C ALA B 208 -0.22 8.20 -1.61
N ALA B 209 -0.54 7.02 -2.13
CA ALA B 209 -1.86 6.42 -1.92
C ALA B 209 -2.11 6.18 -0.43
N ARG B 210 -1.11 5.66 0.28
CA ARG B 210 -1.35 5.35 1.69
C ARG B 210 -1.63 6.62 2.50
N MET B 211 -1.03 7.76 2.13
CA MET B 211 -1.27 8.99 2.89
C MET B 211 -2.68 9.55 2.65
N THR B 212 -3.27 9.26 1.49
CA THR B 212 -4.51 9.92 1.10
C THR B 212 -5.72 9.02 1.19
N THR B 213 -5.53 7.72 1.47
CA THR B 213 -6.63 6.76 1.45
C THR B 213 -7.73 7.13 2.43
N ARG B 214 -7.37 7.47 3.67
CA ARG B 214 -8.43 7.68 4.66
C ARG B 214 -9.25 8.93 4.34
N GLY B 215 -8.58 10.01 3.94
CA GLY B 215 -9.29 11.24 3.62
C GLY B 215 -10.26 11.05 2.48
N LEU B 216 -9.83 10.34 1.43
CA LEU B 216 -10.75 10.04 0.33
C LEU B 216 -11.88 9.13 0.78
N THR B 217 -11.53 8.05 1.48
CA THR B 217 -12.49 6.99 1.74
C THR B 217 -13.55 7.42 2.74
N ILE B 218 -13.15 8.12 3.80
CA ILE B 218 -14.12 8.51 4.82
C ILE B 218 -15.19 9.42 4.20
N VAL B 219 -14.76 10.35 3.36
CA VAL B 219 -15.69 11.23 2.67
C VAL B 219 -16.57 10.44 1.70
N ASN B 220 -15.95 9.60 0.86
CA ASN B 220 -16.75 8.80 -0.05
C ASN B 220 -17.76 7.95 0.70
N ASP B 221 -17.31 7.27 1.77
CA ASP B 221 -18.17 6.35 2.49
C ASP B 221 -19.38 7.07 3.08
N PHE B 222 -19.16 8.27 3.63
CA PHE B 222 -20.28 8.95 4.28
C PHE B 222 -21.38 9.24 3.27
N TYR B 223 -21.00 9.76 2.12
CA TYR B 223 -22.00 10.21 1.14
C TYR B 223 -22.48 9.10 0.22
N SER B 224 -21.83 7.93 0.18
CA SER B 224 -22.34 6.83 -0.63
C SER B 224 -22.97 5.73 0.21
N TYR B 225 -23.03 5.93 1.54
CA TYR B 225 -23.57 4.92 2.45
C TYR B 225 -24.98 4.49 2.08
N ASP B 226 -25.86 5.44 1.80
CA ASP B 226 -27.26 5.08 1.58
C ASP B 226 -27.41 4.19 0.36
N ARG B 227 -26.74 4.53 -0.74
CA ARG B 227 -26.84 3.70 -1.93
C ARG B 227 -26.21 2.33 -1.69
N GLU B 228 -25.06 2.30 -1.03
CA GLU B 228 -24.34 1.04 -0.87
C GLU B 228 -25.09 0.08 0.05
N VAL B 229 -25.70 0.57 1.12
CA VAL B 229 -26.42 -0.40 1.96
C VAL B 229 -27.68 -0.88 1.25
N SER B 230 -28.30 -0.02 0.42
CA SER B 230 -29.37 -0.46 -0.49
C SER B 230 -28.95 -1.68 -1.32
N LEU B 231 -27.82 -1.58 -2.01
CA LEU B 231 -27.36 -2.59 -2.96
C LEU B 231 -26.61 -3.74 -2.29
N GLY B 232 -26.60 -3.81 -0.95
CA GLY B 232 -25.91 -4.87 -0.26
C GLY B 232 -24.40 -4.80 -0.29
N GLN B 233 -23.82 -3.66 -0.70
CA GLN B 233 -22.38 -3.53 -0.74
C GLN B 233 -21.84 -3.26 0.67
N ILE B 234 -20.77 -3.98 1.05
CA ILE B 234 -20.26 -3.92 2.42
C ILE B 234 -19.04 -3.03 2.54
N THR B 235 -18.53 -2.49 1.44
CA THR B 235 -17.27 -1.75 1.48
C THR B 235 -17.54 -0.30 1.87
N ASN B 236 -17.72 -0.08 3.18
CA ASN B 236 -18.05 1.23 3.73
C ASN B 236 -17.78 1.25 5.23
N CYS B 237 -16.93 2.17 5.69
CA CYS B 237 -16.49 2.11 7.08
C CYS B 237 -17.62 2.42 8.06
N PHE B 238 -18.66 3.15 7.65
CA PHE B 238 -19.72 3.41 8.60
C PHE B 238 -20.59 2.18 8.88
N ARG B 239 -20.42 1.08 8.14
CA ARG B 239 -21.04 -0.17 8.54
C ARG B 239 -20.40 -0.75 9.80
N LEU B 240 -19.26 -0.22 10.23
CA LEU B 240 -18.60 -0.70 11.45
C LEU B 240 -19.05 -0.01 12.73
N CYS B 241 -19.92 1.00 12.66
CA CYS B 241 -20.59 1.54 13.83
C CYS B 241 -22.09 1.41 13.63
N ASP B 242 -22.82 1.60 14.72
CA ASP B 242 -24.28 1.56 14.70
C ASP B 242 -24.77 2.97 14.34
N VAL B 243 -24.99 3.22 13.05
CA VAL B 243 -25.44 4.55 12.66
C VAL B 243 -26.84 4.87 13.19
N SER B 244 -27.59 3.87 13.69
CA SER B 244 -28.91 4.18 14.23
C SER B 244 -28.87 4.76 15.63
N ASP B 245 -27.70 4.81 16.26
CA ASP B 245 -27.51 5.35 17.61
C ASP B 245 -26.59 6.56 17.46
N GLU B 246 -27.15 7.75 17.69
CA GLU B 246 -26.45 9.00 17.39
C GLU B 246 -25.18 9.14 18.21
N THR B 247 -25.22 8.71 19.48
CA THR B 247 -24.02 8.83 20.29
C THR B 247 -22.91 7.94 19.75
N ALA B 248 -23.22 6.70 19.39
CA ALA B 248 -22.20 5.84 18.80
C ALA B 248 -21.73 6.40 17.46
N PHE B 249 -22.66 6.97 16.67
CA PHE B 249 -22.26 7.53 15.38
C PHE B 249 -21.29 8.69 15.59
N LYS B 250 -21.57 9.58 16.54
CA LYS B 250 -20.71 10.76 16.70
C LYS B 250 -19.31 10.37 17.14
N GLU B 251 -19.20 9.41 18.06
CA GLU B 251 -17.89 8.95 18.49
C GLU B 251 -17.10 8.38 17.32
N PHE B 252 -17.75 7.54 16.51
CA PHE B 252 -17.10 6.98 15.33
C PHE B 252 -16.72 8.07 14.35
N PHE B 253 -17.64 9.00 14.09
CA PHE B 253 -17.37 10.06 13.13
C PHE B 253 -16.21 10.94 13.60
N GLN B 254 -16.18 11.28 14.90
CA GLN B 254 -15.03 12.01 15.44
C GLN B 254 -13.74 11.23 15.24
N ALA B 255 -13.75 9.94 15.54
CA ALA B 255 -12.55 9.13 15.32
C ALA B 255 -12.09 9.24 13.86
N ARG B 256 -13.03 9.25 12.93
CA ARG B 256 -12.65 9.33 11.51
C ARG B 256 -12.13 10.74 11.16
N LEU B 257 -12.74 11.80 11.72
CA LEU B 257 -12.18 13.14 11.57
C LEU B 257 -10.74 13.18 12.09
N ASP B 258 -10.51 12.63 13.29
CA ASP B 258 -9.16 12.47 13.81
C ASP B 258 -8.23 11.81 12.80
N ASP B 259 -8.65 10.68 12.24
CA ASP B 259 -7.87 10.01 11.20
C ASP B 259 -7.49 11.00 10.10
N MET B 260 -8.46 11.76 9.63
CA MET B 260 -8.22 12.67 8.53
C MET B 260 -7.22 13.74 8.93
N ILE B 261 -7.39 14.30 10.14
CA ILE B 261 -6.52 15.38 10.60
C ILE B 261 -5.09 14.89 10.75
N GLU B 262 -4.93 13.72 11.36
CA GLU B 262 -3.62 13.10 11.49
C GLU B 262 -2.94 13.01 10.12
N ASP B 263 -3.63 12.46 9.11
CA ASP B 263 -3.04 12.31 7.79
C ASP B 263 -2.68 13.66 7.19
N ILE B 264 -3.61 14.60 7.24
CA ILE B 264 -3.36 15.89 6.61
C ILE B 264 -2.15 16.59 7.26
N GLU B 265 -2.10 16.61 8.59
CA GLU B 265 -0.99 17.29 9.24
C GLU B 265 0.31 16.48 9.14
N CYS B 266 0.23 15.17 8.87
CA CYS B 266 1.46 14.50 8.46
C CYS B 266 1.85 14.86 7.04
N ILE B 267 0.87 14.95 6.13
CA ILE B 267 1.12 15.30 4.74
C ILE B 267 1.90 16.62 4.60
N LYS B 268 1.77 17.53 5.58
CA LYS B 268 2.51 18.80 5.49
C LYS B 268 4.01 18.65 5.67
N ALA B 269 4.48 17.47 6.09
CA ALA B 269 5.92 17.22 6.10
C ALA B 269 6.48 16.96 4.71
N PHE B 270 5.63 16.60 3.74
CA PHE B 270 6.13 16.34 2.40
C PHE B 270 6.55 17.66 1.74
N ASP B 271 7.18 17.57 0.58
CA ASP B 271 7.67 18.76 -0.10
C ASP B 271 6.47 19.56 -0.62
N GLN B 272 6.78 20.73 -1.17
CA GLN B 272 5.74 21.71 -1.46
C GLN B 272 4.75 21.22 -2.50
N LEU B 273 5.22 20.87 -3.71
CA LEU B 273 4.31 20.38 -4.74
C LEU B 273 3.55 19.16 -4.26
N THR B 274 4.27 18.17 -3.73
CA THR B 274 3.64 16.92 -3.31
C THR B 274 2.49 17.20 -2.34
N GLN B 275 2.75 18.03 -1.32
CA GLN B 275 1.74 18.33 -0.30
C GLN B 275 0.50 18.95 -0.91
N ASP B 276 0.65 19.92 -1.81
CA ASP B 276 -0.53 20.57 -2.39
C ASP B 276 -1.28 19.57 -3.26
N VAL B 277 -0.57 18.67 -3.94
CA VAL B 277 -1.25 17.67 -4.76
C VAL B 277 -2.06 16.70 -3.89
N PHE B 278 -1.44 16.19 -2.81
CA PHE B 278 -2.18 15.32 -1.89
C PHE B 278 -3.42 16.03 -1.33
N LEU B 279 -3.26 17.28 -0.89
CA LEU B 279 -4.35 17.96 -0.23
C LEU B 279 -5.45 18.36 -1.21
N ASP B 280 -5.06 18.80 -2.42
CA ASP B 280 -6.05 19.05 -3.48
C ASP B 280 -6.88 17.81 -3.74
N LEU B 281 -6.25 16.62 -3.70
CA LEU B 281 -6.96 15.38 -3.94
C LEU B 281 -8.02 15.16 -2.87
N ILE B 282 -7.63 15.26 -1.60
CA ILE B 282 -8.58 14.99 -0.51
C ILE B 282 -9.67 16.04 -0.47
N TYR B 283 -9.29 17.30 -0.55
CA TYR B 283 -10.27 18.37 -0.43
C TYR B 283 -11.13 18.47 -1.70
N GLY B 284 -10.52 18.32 -2.86
CA GLY B 284 -11.29 18.30 -4.10
C GLY B 284 -12.28 17.16 -4.15
N ASN B 285 -11.91 15.99 -3.65
CA ASN B 285 -12.86 14.89 -3.65
C ASN B 285 -14.07 15.24 -2.81
N PHE B 286 -13.86 15.97 -1.71
CA PHE B 286 -14.99 16.37 -0.87
C PHE B 286 -15.88 17.38 -1.59
N VAL B 287 -15.29 18.33 -2.30
CA VAL B 287 -16.12 19.30 -3.05
C VAL B 287 -16.92 18.58 -4.14
N TRP B 288 -16.24 17.74 -4.93
CA TRP B 288 -16.91 16.95 -5.96
C TRP B 288 -18.02 16.10 -5.38
N THR B 289 -17.71 15.36 -4.30
CA THR B 289 -18.67 14.43 -3.73
C THR B 289 -19.95 15.16 -3.29
N THR B 290 -19.81 16.35 -2.72
CA THR B 290 -20.97 17.08 -2.24
C THR B 290 -21.71 17.78 -3.38
N SER B 291 -21.05 17.96 -4.53
CA SER B 291 -21.66 18.56 -5.70
C SER B 291 -22.54 17.60 -6.48
N ASN B 292 -22.28 16.29 -6.46
CA ASN B 292 -22.70 15.42 -7.54
C ASN B 292 -23.92 14.59 -7.20
N LYS B 293 -24.87 14.50 -8.14
CA LYS B 293 -26.09 13.75 -7.92
C LYS B 293 -25.81 12.29 -7.61
N ARG B 294 -24.64 11.79 -7.99
CA ARG B 294 -24.22 10.43 -7.64
C ARG B 294 -24.37 10.16 -6.16
N TYR B 295 -24.11 11.16 -5.32
CA TYR B 295 -24.04 10.99 -3.88
C TYR B 295 -25.18 11.67 -3.13
N LYS B 296 -26.36 11.78 -3.75
CA LYS B 296 -27.50 12.39 -3.09
C LYS B 296 -28.69 11.45 -2.94
N THR B 297 -29.58 11.38 -3.93
CA THR B 297 -30.45 10.22 -4.09
C THR B 297 -29.53 9.00 -4.12
N ALA B 298 -30.10 7.82 -3.86
CA ALA B 298 -29.25 6.63 -3.77
C ALA B 298 -29.25 5.85 -5.08
N VAL B 299 -30.40 5.78 -5.75
CA VAL B 299 -30.51 5.12 -7.04
C VAL B 299 -31.03 6.14 -8.04
N ASN B 300 -30.23 6.46 -9.04
CA ASN B 300 -30.67 7.39 -10.09
C ASN B 300 -29.82 7.16 -11.33
N ASP B 301 -30.08 7.94 -12.38
CA ASP B 301 -29.49 7.71 -13.70
C ASP B 301 -27.96 7.80 -13.70
N VAL B 302 -27.34 8.38 -12.68
CA VAL B 302 -25.88 8.45 -12.64
C VAL B 302 -25.26 7.49 -11.64
N ASN B 303 -25.98 6.99 -10.63
CA ASN B 303 -25.29 6.22 -9.60
C ASN B 303 -25.67 4.76 -9.49
N SER B 304 -26.48 4.22 -10.40
CA SER B 304 -27.09 2.92 -10.12
C SER B 304 -26.46 1.82 -10.98
N ARG B 305 -26.52 0.57 -10.48
CA ARG B 305 -25.79 -0.52 -11.11
C ARG B 305 -26.27 -0.78 -12.53
N ILE B 306 -25.31 -0.78 -13.45
CA ILE B 306 -25.50 -1.23 -14.83
C ILE B 306 -25.51 -2.75 -14.79
N GLN B 307 -26.71 -3.33 -14.60
CA GLN B 307 -26.88 -4.61 -13.91
C GLN B 307 -26.69 -5.79 -14.85
N ALA B 308 -27.69 -6.68 -14.90
CA ALA B 308 -27.67 -7.80 -15.84
C ALA B 308 -27.97 -7.34 -17.26
N GLY A 14 17.53 3.94 31.13
CA GLY A 14 16.19 4.28 30.72
C GLY A 14 15.69 3.87 29.35
N ARG A 15 15.73 4.82 28.43
CA ARG A 15 15.27 4.59 27.07
C ARG A 15 16.40 4.13 26.16
N SER A 16 17.53 3.76 26.74
CA SER A 16 18.62 3.20 25.97
C SER A 16 18.29 1.85 25.35
N SER A 17 17.44 1.01 25.97
CA SER A 17 17.49 -0.39 25.59
C SER A 17 16.25 -1.16 26.06
N VAL A 18 15.88 -2.20 25.31
CA VAL A 18 14.81 -3.11 25.69
C VAL A 18 15.37 -4.39 26.30
N ARG A 19 16.65 -4.40 26.63
CA ARG A 19 17.29 -5.55 27.29
C ARG A 19 16.50 -6.11 28.47
N PRO A 20 15.98 -5.32 29.42
CA PRO A 20 15.20 -5.91 30.51
C PRO A 20 14.03 -6.78 30.07
N TYR A 21 13.53 -6.59 28.85
CA TYR A 21 12.33 -7.25 28.37
C TYR A 21 12.62 -8.40 27.41
N LEU A 22 13.89 -8.69 27.15
CA LEU A 22 14.24 -9.63 26.07
C LEU A 22 13.54 -10.98 26.24
N GLU A 23 13.60 -11.57 27.42
CA GLU A 23 13.08 -12.91 27.60
C GLU A 23 11.56 -12.95 27.60
N GLU A 24 10.94 -12.08 28.42
CA GLU A 24 9.49 -11.94 28.44
C GLU A 24 8.94 -11.77 27.04
N CYS A 25 9.46 -10.80 26.29
CA CYS A 25 8.91 -10.49 24.99
C CYS A 25 9.13 -11.64 24.02
N THR A 26 10.31 -12.27 24.05
CA THR A 26 10.55 -13.40 23.16
C THR A 26 9.54 -14.50 23.43
N ARG A 27 9.37 -14.85 24.71
CA ARG A 27 8.36 -15.81 25.13
C ARG A 27 6.98 -15.44 24.59
N ARG A 28 6.59 -14.17 24.73
CA ARG A 28 5.22 -13.80 24.38
C ARG A 28 5.00 -13.85 22.86
N PHE A 29 5.96 -13.36 22.07
CA PHE A 29 5.89 -13.54 20.62
C PHE A 29 5.67 -15.01 20.27
N GLN A 30 6.52 -15.88 20.80
CA GLN A 30 6.41 -17.28 20.46
C GLN A 30 5.05 -17.86 20.85
N GLU A 31 4.56 -17.52 22.04
CA GLU A 31 3.25 -18.01 22.46
C GLU A 31 2.18 -17.58 21.48
N MET A 32 2.24 -16.31 21.07
CA MET A 32 1.27 -15.78 20.13
C MET A 32 1.26 -16.58 18.83
N PHE A 33 2.45 -16.85 18.28
CA PHE A 33 2.54 -17.65 17.06
C PHE A 33 1.98 -19.05 17.26
N ASP A 34 2.31 -19.69 18.40
CA ASP A 34 1.85 -21.06 18.64
C ASP A 34 0.33 -21.14 18.65
N ARG A 35 -0.33 -20.12 19.22
CA ARG A 35 -1.77 -20.17 19.36
C ARG A 35 -2.49 -19.81 18.07
N HIS A 36 -1.88 -18.99 17.22
CA HIS A 36 -2.59 -18.44 16.07
C HIS A 36 -2.09 -18.98 14.74
N VAL A 37 -0.83 -19.41 14.64
CA VAL A 37 -0.26 -19.91 13.39
C VAL A 37 0.07 -21.40 13.47
N VAL A 38 0.50 -21.87 14.64
CA VAL A 38 0.72 -23.30 14.92
C VAL A 38 1.91 -23.86 14.11
N THR A 39 1.71 -24.16 12.81
CA THR A 39 2.77 -24.81 12.03
C THR A 39 4.04 -23.95 11.99
N ARG A 40 5.17 -24.61 12.29
CA ARG A 40 6.46 -23.95 12.33
C ARG A 40 6.86 -23.47 10.93
N PRO A 41 7.62 -22.37 10.83
CA PRO A 41 8.35 -22.11 9.59
C PRO A 41 9.23 -23.30 9.29
N THR A 42 9.64 -23.42 8.04
CA THR A 42 10.56 -24.48 7.64
C THR A 42 11.58 -23.90 6.68
N LYS A 43 12.86 -24.07 7.01
CA LYS A 43 13.95 -23.42 6.30
C LYS A 43 14.05 -24.02 4.90
N VAL A 44 14.80 -23.37 4.02
CA VAL A 44 15.10 -23.91 2.70
C VAL A 44 16.57 -24.26 2.62
N GLU A 45 16.88 -25.55 2.54
CA GLU A 45 18.25 -26.05 2.50
C GLU A 45 18.74 -26.04 1.05
N LEU A 46 19.22 -24.88 0.62
CA LEU A 46 20.10 -24.80 -0.56
C LEU A 46 21.26 -25.78 -0.40
N THR A 47 21.67 -26.40 -1.51
CA THR A 47 22.91 -27.14 -1.46
C THR A 47 24.08 -26.16 -1.49
N ASP A 48 25.30 -26.71 -1.33
CA ASP A 48 26.49 -25.87 -1.45
C ASP A 48 26.56 -25.21 -2.82
N ALA A 49 26.19 -25.96 -3.89
CA ALA A 49 26.24 -25.39 -5.24
C ALA A 49 25.34 -24.16 -5.37
N GLU A 50 24.09 -24.27 -4.93
CA GLU A 50 23.21 -23.11 -4.96
C GLU A 50 23.73 -22.01 -4.04
N LEU A 51 24.27 -22.41 -2.88
CA LEU A 51 24.84 -21.45 -1.94
C LEU A 51 25.93 -20.62 -2.59
N ARG A 52 26.90 -21.31 -3.22
CA ARG A 52 27.98 -20.66 -3.96
C ARG A 52 27.44 -19.67 -4.97
N GLU A 53 26.52 -20.13 -5.83
CA GLU A 53 25.94 -19.25 -6.83
C GLU A 53 25.36 -18.01 -6.18
N VAL A 54 24.69 -18.18 -5.03
CA VAL A 54 24.02 -17.06 -4.38
C VAL A 54 25.04 -16.01 -3.93
N ILE A 55 25.99 -16.42 -3.07
CA ILE A 55 27.07 -15.54 -2.66
C ILE A 55 27.74 -14.90 -3.87
N ASP A 56 28.01 -15.72 -4.90
CA ASP A 56 28.68 -15.24 -6.11
C ASP A 56 27.99 -14.02 -6.70
N ASP A 57 26.67 -14.12 -6.93
CA ASP A 57 25.92 -13.01 -7.50
C ASP A 57 25.90 -11.80 -6.56
N CYS A 58 25.73 -12.04 -5.26
CA CYS A 58 25.74 -10.94 -4.30
C CYS A 58 27.03 -10.16 -4.37
N ASN A 59 28.17 -10.86 -4.36
CA ASN A 59 29.45 -10.18 -4.38
C ASN A 59 29.65 -9.40 -5.68
N ALA A 60 29.27 -10.00 -6.82
CA ALA A 60 29.37 -9.29 -8.09
C ALA A 60 28.48 -8.05 -8.11
N ALA A 61 27.31 -8.13 -7.45
CA ALA A 61 26.37 -7.02 -7.50
C ALA A 61 26.89 -5.81 -6.73
N VAL A 62 27.44 -6.03 -5.54
CA VAL A 62 27.90 -4.91 -4.73
C VAL A 62 29.35 -4.53 -5.02
N ALA A 63 30.07 -5.35 -5.79
CA ALA A 63 31.47 -5.03 -6.10
C ALA A 63 31.65 -3.61 -6.59
N PRO A 64 30.82 -3.07 -7.50
CA PRO A 64 31.08 -1.69 -7.97
C PRO A 64 31.10 -0.66 -6.85
N LEU A 65 30.36 -0.88 -5.77
CA LEU A 65 30.27 0.07 -4.67
C LEU A 65 31.54 0.15 -3.83
N GLY A 66 32.38 -0.88 -3.86
CA GLY A 66 33.71 -0.78 -3.32
C GLY A 66 33.96 -1.42 -1.96
N LYS A 67 32.97 -2.07 -1.35
CA LYS A 67 33.14 -2.55 0.01
C LYS A 67 32.98 -4.06 0.10
N THR A 68 33.95 -4.70 0.76
CA THR A 68 33.93 -6.13 1.07
C THR A 68 32.72 -6.50 1.89
N VAL A 69 32.10 -7.63 1.55
CA VAL A 69 31.07 -8.25 2.38
C VAL A 69 31.47 -9.71 2.61
N SER A 70 31.55 -10.12 3.87
CA SER A 70 32.01 -11.46 4.22
C SER A 70 30.94 -12.51 3.99
N ASP A 71 31.38 -13.75 3.77
CA ASP A 71 30.49 -14.91 3.72
C ASP A 71 29.45 -14.87 4.85
N GLU A 72 29.91 -14.69 6.10
CA GLU A 72 28.98 -14.85 7.20
C GLU A 72 28.06 -13.64 7.35
N ARG A 73 28.45 -12.47 6.81
CA ARG A 73 27.47 -11.38 6.72
C ARG A 73 26.43 -11.68 5.65
N TRP A 74 26.84 -12.21 4.48
CA TRP A 74 25.85 -12.63 3.49
C TRP A 74 24.88 -13.64 4.09
N ILE A 75 25.40 -14.63 4.82
CA ILE A 75 24.54 -15.67 5.37
C ILE A 75 23.59 -15.10 6.40
N SER A 76 24.06 -14.11 7.18
CA SER A 76 23.16 -13.42 8.09
C SER A 76 22.01 -12.76 7.32
N TYR A 77 22.31 -12.11 6.20
CA TYR A 77 21.25 -11.48 5.42
C TYR A 77 20.31 -12.50 4.81
N VAL A 78 20.87 -13.59 4.24
CA VAL A 78 20.09 -14.52 3.44
C VAL A 78 19.15 -15.36 4.30
N GLY A 79 19.44 -15.49 5.60
CA GLY A 79 18.64 -16.36 6.45
C GLY A 79 17.15 -16.04 6.43
N VAL A 80 16.80 -14.75 6.26
CA VAL A 80 15.38 -14.40 6.25
C VAL A 80 14.67 -15.06 5.08
N VAL A 81 15.34 -15.15 3.93
CA VAL A 81 14.72 -15.80 2.78
C VAL A 81 14.62 -17.30 3.01
N LEU A 82 15.66 -17.89 3.62
CA LEU A 82 15.65 -19.34 3.83
C LEU A 82 14.56 -19.75 4.80
N TRP A 83 14.25 -18.90 5.78
CA TRP A 83 13.31 -19.20 6.85
C TRP A 83 11.90 -18.68 6.61
N SER A 84 11.72 -17.69 5.75
CA SER A 84 10.46 -16.96 5.70
C SER A 84 9.75 -17.04 4.35
N GLN A 85 10.16 -17.94 3.47
CA GLN A 85 9.34 -18.33 2.33
C GLN A 85 8.48 -19.52 2.79
N SER A 86 7.80 -20.20 1.86
CA SER A 86 6.97 -21.36 2.19
C SER A 86 7.39 -22.53 1.31
N PRO A 87 8.38 -23.32 1.75
CA PRO A 87 8.99 -24.31 0.85
C PRO A 87 7.99 -25.27 0.25
N ARG A 88 6.93 -25.65 0.96
CA ARG A 88 6.07 -26.67 0.40
C ARG A 88 5.20 -26.12 -0.72
N HIS A 89 5.27 -24.82 -0.97
CA HIS A 89 4.63 -24.23 -2.14
C HIS A 89 5.62 -23.79 -3.22
N ILE A 90 6.93 -23.97 -3.01
CA ILE A 90 7.89 -23.50 -4.01
C ILE A 90 7.70 -24.27 -5.32
N LYS A 91 7.68 -23.54 -6.43
CA LYS A 91 7.69 -24.14 -7.75
C LYS A 91 8.91 -23.74 -8.57
N ASP A 92 9.40 -22.52 -8.41
CA ASP A 92 10.43 -21.95 -9.27
C ASP A 92 11.63 -21.61 -8.39
N MET A 93 12.63 -22.51 -8.35
CA MET A 93 13.84 -22.27 -7.58
C MET A 93 14.73 -21.17 -8.17
N GLU A 94 14.61 -20.90 -9.47
CA GLU A 94 15.31 -19.74 -10.02
C GLU A 94 14.83 -18.44 -9.37
N ALA A 95 13.52 -18.26 -9.30
CA ALA A 95 12.95 -17.13 -8.59
C ALA A 95 13.40 -17.10 -7.13
N PHE A 96 13.44 -18.25 -6.47
CA PHE A 96 13.91 -18.30 -5.08
C PHE A 96 15.34 -17.77 -4.97
N LYS A 97 16.25 -18.27 -5.83
CA LYS A 97 17.63 -17.77 -5.81
C LYS A 97 17.67 -16.27 -6.03
N ALA A 98 16.81 -15.75 -6.92
CA ALA A 98 16.76 -14.31 -7.16
C ALA A 98 16.38 -13.56 -5.88
N VAL A 99 15.38 -14.05 -5.16
CA VAL A 99 14.97 -13.39 -3.92
C VAL A 99 16.11 -13.42 -2.91
N CYS A 100 16.86 -14.53 -2.85
CA CYS A 100 18.04 -14.56 -1.99
C CYS A 100 19.00 -13.42 -2.34
N VAL A 101 19.35 -13.30 -3.62
CA VAL A 101 20.36 -12.33 -4.04
C VAL A 101 19.85 -10.90 -3.83
N LEU A 102 18.67 -10.60 -4.38
CA LEU A 102 18.09 -9.27 -4.24
C LEU A 102 17.89 -8.88 -2.78
N ASN A 103 17.40 -9.81 -1.95
CA ASN A 103 17.27 -9.52 -0.53
C ASN A 103 18.61 -9.11 0.08
N CYS A 104 19.67 -9.85 -0.25
CA CYS A 104 20.96 -9.61 0.39
C CYS A 104 21.60 -8.32 -0.08
N VAL A 105 21.58 -8.05 -1.39
CA VAL A 105 22.31 -6.88 -1.86
C VAL A 105 21.63 -5.58 -1.42
N THR A 106 20.29 -5.58 -1.32
CA THR A 106 19.62 -4.40 -0.79
C THR A 106 19.71 -4.30 0.73
N PHE A 107 19.96 -5.42 1.40
CA PHE A 107 20.34 -5.36 2.81
C PHE A 107 21.66 -4.61 2.99
N VAL A 108 22.63 -4.88 2.12
CA VAL A 108 23.89 -4.13 2.16
C VAL A 108 23.61 -2.62 1.99
N TRP A 109 22.77 -2.29 1.00
CA TRP A 109 22.37 -0.90 0.79
C TRP A 109 21.77 -0.30 2.07
N ASP A 110 20.91 -1.06 2.76
CA ASP A 110 20.32 -0.60 4.02
C ASP A 110 21.39 -0.29 5.05
N ASP A 111 22.45 -1.11 5.10
CA ASP A 111 23.55 -0.97 6.04
C ASP A 111 24.70 -0.11 5.52
N MET A 112 24.47 0.74 4.52
CA MET A 112 25.51 1.57 3.94
C MET A 112 25.23 3.03 4.21
N ASP A 113 26.28 3.76 4.57
CA ASP A 113 26.15 5.20 4.61
C ASP A 113 25.93 5.72 3.20
N PRO A 114 25.13 6.78 3.04
CA PRO A 114 24.63 7.15 1.71
C PRO A 114 25.71 7.65 0.77
N ALA A 115 26.92 7.91 1.26
CA ALA A 115 28.02 8.29 0.38
C ALA A 115 28.43 7.15 -0.55
N LEU A 116 28.17 5.90 -0.15
CA LEU A 116 28.42 4.74 -1.00
C LEU A 116 27.28 4.44 -1.99
N HIS A 117 26.20 5.21 -1.97
CA HIS A 117 24.95 4.82 -2.61
C HIS A 117 24.93 5.24 -4.08
N ASP A 118 25.62 4.49 -4.94
CA ASP A 118 25.84 4.91 -6.33
C ASP A 118 24.82 4.21 -7.24
N PHE A 119 23.79 4.96 -7.63
CA PHE A 119 22.67 4.38 -8.38
C PHE A 119 23.10 3.94 -9.78
N GLY A 120 23.91 4.76 -10.46
CA GLY A 120 24.35 4.41 -11.80
C GLY A 120 25.19 3.14 -11.85
N LEU A 121 25.86 2.81 -10.75
CA LEU A 121 26.65 1.59 -10.69
C LEU A 121 25.83 0.41 -10.14
N PHE A 122 24.82 0.67 -9.33
CA PHE A 122 24.11 -0.43 -8.69
C PHE A 122 22.84 -0.83 -9.42
N LEU A 123 22.09 0.12 -9.96
CA LEU A 123 20.84 -0.24 -10.64
C LEU A 123 21.06 -1.19 -11.81
N PRO A 124 22.06 -1.00 -12.69
CA PRO A 124 22.32 -2.04 -13.72
C PRO A 124 22.58 -3.41 -13.13
N GLN A 125 23.20 -3.49 -11.96
CA GLN A 125 23.44 -4.80 -11.34
C GLN A 125 22.13 -5.45 -10.92
N LEU A 126 21.19 -4.67 -10.36
CA LEU A 126 19.88 -5.20 -10.03
C LEU A 126 19.16 -5.69 -11.28
N ARG A 127 19.15 -4.86 -12.33
CA ARG A 127 18.49 -5.22 -13.58
C ARG A 127 18.99 -6.57 -14.11
N LYS A 128 20.31 -6.77 -14.11
CA LYS A 128 20.88 -8.01 -14.66
C LYS A 128 20.56 -9.21 -13.78
N ILE A 129 20.56 -9.02 -12.45
CA ILE A 129 20.06 -10.07 -11.57
C ILE A 129 18.63 -10.44 -11.94
N CYS A 130 17.79 -9.42 -12.13
CA CYS A 130 16.38 -9.68 -12.38
C CYS A 130 16.17 -10.39 -13.71
N GLU A 131 16.87 -9.98 -14.77
CA GLU A 131 16.59 -10.61 -16.05
C GLU A 131 17.17 -12.04 -16.12
N LYS A 132 18.26 -12.31 -15.39
CA LYS A 132 18.81 -13.66 -15.35
C LYS A 132 17.80 -14.67 -14.78
N TYR A 133 17.20 -14.35 -13.63
CA TYR A 133 16.48 -15.36 -12.85
C TYR A 133 14.98 -15.39 -13.13
N TYR A 134 14.42 -14.34 -13.71
CA TYR A 134 13.01 -14.25 -13.98
C TYR A 134 12.76 -14.23 -15.49
N GLY A 135 11.52 -14.54 -15.87
CA GLY A 135 11.09 -14.32 -17.23
C GLY A 135 10.87 -12.84 -17.50
N PRO A 136 10.34 -12.53 -18.70
CA PRO A 136 10.32 -11.12 -19.14
C PRO A 136 9.37 -10.21 -18.35
N GLU A 137 8.18 -10.66 -18.01
CA GLU A 137 7.31 -9.77 -17.25
C GLU A 137 7.76 -9.70 -15.79
N ASP A 138 8.02 -10.85 -15.16
CA ASP A 138 8.42 -10.88 -13.76
C ASP A 138 9.69 -10.06 -13.53
N ALA A 139 10.62 -10.05 -14.49
CA ALA A 139 11.87 -9.32 -14.30
C ALA A 139 11.63 -7.82 -14.16
N GLU A 140 10.73 -7.25 -14.98
CA GLU A 140 10.49 -5.81 -14.85
C GLU A 140 9.79 -5.49 -13.52
N VAL A 141 8.88 -6.35 -13.07
CA VAL A 141 8.21 -6.14 -11.80
C VAL A 141 9.21 -6.21 -10.65
N ALA A 142 10.07 -7.24 -10.66
CA ALA A 142 11.05 -7.36 -9.60
C ALA A 142 12.03 -6.20 -9.61
N TYR A 143 12.48 -5.79 -10.80
CA TYR A 143 13.43 -4.68 -10.88
C TYR A 143 12.80 -3.37 -10.39
N GLU A 144 11.57 -3.08 -10.78
CA GLU A 144 10.94 -1.85 -10.31
C GLU A 144 10.81 -1.83 -8.80
N ALA A 145 10.40 -2.96 -8.22
CA ALA A 145 10.28 -3.05 -6.76
C ALA A 145 11.64 -2.84 -6.08
N ALA A 146 12.71 -3.45 -6.61
CA ALA A 146 14.04 -3.25 -6.04
C ALA A 146 14.49 -1.80 -6.19
N ARG A 147 14.32 -1.25 -7.39
CA ARG A 147 14.64 0.15 -7.64
C ARG A 147 13.89 1.08 -6.68
N ALA A 148 12.58 0.87 -6.53
CA ALA A 148 11.81 1.71 -5.62
C ALA A 148 12.30 1.56 -4.17
N PHE A 149 12.68 0.35 -3.76
CA PHE A 149 13.16 0.17 -2.39
C PHE A 149 14.47 0.92 -2.14
N VAL A 150 15.48 0.71 -2.99
CA VAL A 150 16.78 1.35 -2.73
C VAL A 150 16.64 2.87 -2.80
N THR A 151 15.80 3.35 -3.70
CA THR A 151 15.58 4.79 -3.79
C THR A 151 14.90 5.34 -2.54
N SER A 152 13.90 4.62 -2.04
CA SER A 152 13.23 5.03 -0.82
C SER A 152 14.19 5.05 0.37
N ASP A 153 14.96 3.95 0.55
CA ASP A 153 15.91 3.93 1.65
C ASP A 153 16.85 5.12 1.57
N HIS A 154 17.30 5.46 0.35
CA HIS A 154 18.22 6.58 0.19
C HIS A 154 17.54 7.90 0.52
N MET A 155 16.38 8.15 -0.11
CA MET A 155 15.77 9.48 -0.01
C MET A 155 15.30 9.78 1.39
N PHE A 156 14.96 8.75 2.19
CA PHE A 156 14.44 9.04 3.51
C PHE A 156 15.54 9.16 4.57
N ARG A 157 16.80 8.92 4.20
CA ARG A 157 17.89 9.09 5.16
C ARG A 157 17.86 10.50 5.72
N ASP A 158 17.98 10.61 7.04
CA ASP A 158 17.35 11.67 7.86
C ASP A 158 16.71 12.82 7.06
N SER A 159 15.64 12.50 6.25
CA SER A 159 14.56 13.20 5.56
C SER A 159 13.54 13.78 6.55
N PRO A 160 13.01 14.99 6.29
CA PRO A 160 11.96 15.52 7.18
C PRO A 160 10.74 14.62 7.30
N ILE A 161 10.35 13.95 6.22
CA ILE A 161 9.09 13.20 6.23
C ILE A 161 9.22 11.95 7.11
N LYS A 162 10.41 11.36 7.15
CA LYS A 162 10.64 10.25 8.08
C LYS A 162 10.39 10.69 9.51
N ALA A 163 10.92 11.87 9.88
CA ALA A 163 10.71 12.41 11.22
C ALA A 163 9.22 12.48 11.58
N ALA A 164 8.39 12.98 10.66
CA ALA A 164 6.97 13.09 10.96
C ALA A 164 6.31 11.71 11.09
N LEU A 165 6.56 10.82 10.12
CA LEU A 165 5.86 9.53 10.13
C LEU A 165 6.35 8.64 11.28
N CYS A 166 7.54 8.85 11.79
CA CYS A 166 8.09 8.00 12.85
C CYS A 166 7.90 8.56 14.25
N THR A 167 7.35 9.75 14.42
CA THR A 167 7.17 10.26 15.77
C THR A 167 5.72 10.50 16.14
N THR A 168 4.76 10.22 15.25
CA THR A 168 3.41 10.72 15.46
C THR A 168 2.43 9.65 15.93
N SER A 169 2.44 8.46 15.33
CA SER A 169 1.54 7.41 15.77
C SER A 169 1.94 6.10 15.12
N PRO A 170 1.55 4.96 15.72
CA PRO A 170 1.75 3.67 15.04
C PRO A 170 1.16 3.61 13.63
N GLU A 171 -0.04 4.16 13.42
CA GLU A 171 -0.62 4.21 12.07
C GLU A 171 0.37 4.81 11.08
N GLN A 172 0.84 6.03 11.33
CA GLN A 172 1.68 6.69 10.35
C GLN A 172 3.00 5.95 10.18
N TYR A 173 3.52 5.39 11.27
CA TYR A 173 4.81 4.71 11.19
C TYR A 173 4.72 3.44 10.33
N PHE A 174 3.72 2.60 10.60
CA PHE A 174 3.58 1.36 9.83
C PHE A 174 3.32 1.64 8.37
N ARG A 175 2.62 2.75 8.08
CA ARG A 175 2.41 3.19 6.70
C ARG A 175 3.73 3.45 5.99
N PHE A 176 4.70 4.07 6.67
CA PHE A 176 6.04 4.24 6.11
C PHE A 176 6.73 2.90 5.89
N ARG A 177 6.52 1.94 6.81
CA ARG A 177 7.27 0.70 6.75
C ARG A 177 6.77 -0.28 5.69
N VAL A 178 5.56 -0.10 5.13
CA VAL A 178 5.13 -0.96 4.03
C VAL A 178 6.18 -1.02 2.94
N THR A 179 6.76 0.14 2.61
CA THR A 179 7.88 0.21 1.70
C THR A 179 9.21 0.04 2.44
N ASP A 180 9.40 0.76 3.54
CA ASP A 180 10.76 0.88 4.10
C ASP A 180 11.28 -0.44 4.69
N ILE A 181 10.42 -1.31 5.21
CA ILE A 181 10.97 -2.60 5.63
C ILE A 181 11.02 -3.57 4.46
N GLY A 182 10.86 -3.08 3.24
CA GLY A 182 11.10 -3.88 2.06
C GLY A 182 10.10 -4.99 1.80
N VAL A 183 8.98 -5.04 2.52
CA VAL A 183 8.06 -6.15 2.31
C VAL A 183 7.28 -6.00 1.00
N ASP A 184 6.94 -4.77 0.58
CA ASP A 184 6.32 -4.64 -0.73
C ASP A 184 7.22 -5.18 -1.82
N PHE A 185 8.50 -4.82 -1.75
CA PHE A 185 9.53 -5.36 -2.65
C PHE A 185 9.59 -6.88 -2.57
N TRP A 186 9.57 -7.41 -1.34
CA TRP A 186 9.63 -8.85 -1.12
C TRP A 186 8.50 -9.57 -1.84
N MET A 187 7.27 -9.10 -1.67
CA MET A 187 6.12 -9.75 -2.31
C MET A 187 6.27 -9.74 -3.82
N LYS A 188 6.64 -8.59 -4.38
CA LYS A 188 6.70 -8.42 -5.83
C LYS A 188 7.84 -9.21 -6.46
N MET A 189 8.89 -9.51 -5.71
CA MET A 189 9.93 -10.38 -6.25
C MET A 189 9.73 -11.86 -5.91
N SER A 190 8.82 -12.16 -4.99
CA SER A 190 8.58 -13.53 -4.55
C SER A 190 7.41 -14.22 -5.25
N TYR A 191 6.48 -13.47 -5.86
CA TYR A 191 5.34 -14.16 -6.46
C TYR A 191 5.76 -15.16 -7.55
N PRO A 192 6.84 -14.94 -8.34
CA PRO A 192 7.22 -15.98 -9.30
C PRO A 192 7.70 -17.27 -8.66
N ILE A 193 8.11 -17.25 -7.39
CA ILE A 193 8.47 -18.49 -6.71
C ILE A 193 7.30 -19.46 -6.72
N TYR A 194 6.09 -18.93 -6.58
CA TYR A 194 4.91 -19.74 -6.34
C TYR A 194 4.03 -19.93 -7.57
N ARG A 195 4.03 -18.98 -8.50
CA ARG A 195 3.18 -19.03 -9.70
C ARG A 195 1.73 -19.35 -9.32
N HIS A 196 1.23 -18.69 -8.26
CA HIS A 196 -0.11 -18.90 -7.74
C HIS A 196 -0.95 -17.66 -8.00
N PRO A 197 -1.94 -17.72 -8.89
CA PRO A 197 -2.58 -16.50 -9.40
C PRO A 197 -3.09 -15.50 -8.36
N GLU A 198 -3.75 -15.94 -7.27
CA GLU A 198 -4.25 -14.95 -6.32
C GLU A 198 -3.10 -14.28 -5.58
N PHE A 199 -2.08 -15.06 -5.19
CA PHE A 199 -0.93 -14.44 -4.53
C PHE A 199 -0.30 -13.40 -5.43
N THR A 200 -0.26 -13.66 -6.74
CA THR A 200 0.36 -12.72 -7.65
C THR A 200 -0.39 -11.39 -7.69
N GLU A 201 -1.73 -11.40 -7.73
CA GLU A 201 -2.44 -10.11 -7.65
C GLU A 201 -2.23 -9.45 -6.29
N HIS A 202 -2.35 -10.21 -5.21
CA HIS A 202 -2.19 -9.59 -3.89
C HIS A 202 -0.82 -8.95 -3.74
N ALA A 203 0.21 -9.58 -4.34
CA ALA A 203 1.53 -8.98 -4.38
C ALA A 203 1.52 -7.70 -5.18
N LYS A 204 0.86 -7.70 -6.32
CA LYS A 204 0.97 -6.56 -7.22
C LYS A 204 0.05 -5.40 -6.83
N THR A 205 -1.04 -5.67 -6.08
CA THR A 205 -1.80 -4.58 -5.47
C THR A 205 -1.16 -4.06 -4.19
N SER A 206 -0.16 -4.78 -3.66
CA SER A 206 0.49 -4.52 -2.39
C SER A 206 -0.39 -4.84 -1.18
N LEU A 207 -1.60 -5.36 -1.40
CA LEU A 207 -2.37 -5.86 -0.25
C LEU A 207 -1.57 -6.91 0.54
N ALA A 208 -0.83 -7.78 -0.17
CA ALA A 208 0.03 -8.77 0.51
C ALA A 208 1.00 -8.07 1.46
N ALA A 209 1.66 -7.02 0.98
CA ALA A 209 2.56 -6.28 1.86
C ALA A 209 1.81 -5.60 3.00
N ARG A 210 0.66 -4.99 2.70
CA ARG A 210 -0.07 -4.28 3.74
C ARG A 210 -0.51 -5.21 4.86
N MET A 211 -0.77 -6.48 4.54
CA MET A 211 -1.23 -7.46 5.53
C MET A 211 -0.11 -7.96 6.43
N THR A 212 1.15 -7.90 5.96
CA THR A 212 2.27 -8.53 6.67
C THR A 212 3.22 -7.52 7.30
N THR A 213 3.03 -6.21 7.03
CA THR A 213 3.96 -5.20 7.50
C THR A 213 4.08 -5.16 9.01
N ARG A 214 2.95 -5.15 9.72
CA ARG A 214 3.04 -5.00 11.17
C ARG A 214 3.73 -6.20 11.80
N GLY A 215 3.41 -7.40 11.31
CA GLY A 215 3.99 -8.60 11.92
C GLY A 215 5.50 -8.66 11.75
N LEU A 216 5.98 -8.26 10.56
CA LEU A 216 7.42 -8.20 10.34
C LEU A 216 8.04 -7.06 11.14
N THR A 217 7.41 -5.88 11.11
CA THR A 217 8.03 -4.69 11.64
C THR A 217 8.12 -4.72 13.17
N ILE A 218 7.06 -5.16 13.83
CA ILE A 218 7.08 -5.17 15.29
C ILE A 218 8.19 -6.07 15.80
N VAL A 219 8.36 -7.23 15.17
CA VAL A 219 9.43 -8.14 15.55
C VAL A 219 10.78 -7.54 15.24
N ASN A 220 10.96 -6.99 14.02
CA ASN A 220 12.24 -6.43 13.69
C ASN A 220 12.61 -5.29 14.63
N ASP A 221 11.64 -4.40 14.91
CA ASP A 221 11.90 -3.25 15.76
C ASP A 221 12.30 -3.66 17.17
N PHE A 222 11.63 -4.66 17.72
CA PHE A 222 12.00 -5.03 19.09
C PHE A 222 13.46 -5.43 19.16
N TYR A 223 13.88 -6.32 18.28
CA TYR A 223 15.23 -6.89 18.38
C TYR A 223 16.32 -6.03 17.75
N SER A 224 15.97 -5.01 16.96
CA SER A 224 16.99 -4.11 16.42
C SER A 224 17.00 -2.75 17.13
N TYR A 225 16.16 -2.59 18.15
CA TYR A 225 16.07 -1.30 18.84
C TYR A 225 17.41 -0.83 19.37
N ASP A 226 18.13 -1.71 20.09
CA ASP A 226 19.39 -1.30 20.71
C ASP A 226 20.37 -0.78 19.68
N ARG A 227 20.53 -1.51 18.56
CA ARG A 227 21.44 -1.04 17.49
C ARG A 227 20.95 0.28 16.91
N GLU A 228 19.68 0.32 16.51
CA GLU A 228 19.19 1.50 15.79
C GLU A 228 19.31 2.75 16.63
N VAL A 229 18.93 2.65 17.91
CA VAL A 229 19.24 3.71 18.86
C VAL A 229 20.71 4.10 18.79
N SER A 230 21.61 3.14 18.98
CA SER A 230 23.05 3.42 18.96
C SER A 230 23.49 4.24 17.75
N LEU A 231 22.82 4.07 16.60
CA LEU A 231 23.22 4.78 15.39
C LEU A 231 22.44 6.08 15.19
N GLY A 232 21.45 6.36 16.04
CA GLY A 232 20.58 7.50 15.89
C GLY A 232 19.34 7.23 15.07
N GLN A 233 19.21 6.02 14.50
CA GLN A 233 18.11 5.67 13.62
C GLN A 233 16.75 5.76 14.34
N ILE A 234 15.78 6.45 13.74
CA ILE A 234 14.50 6.66 14.40
C ILE A 234 13.39 5.78 13.84
N THR A 235 13.68 4.95 12.85
CA THR A 235 12.66 4.10 12.25
C THR A 235 12.47 2.85 13.10
N ASN A 236 11.75 3.03 14.20
CA ASN A 236 11.53 1.95 15.17
C ASN A 236 10.32 2.30 16.03
N CYS A 237 9.29 1.48 16.00
CA CYS A 237 8.06 1.85 16.69
C CYS A 237 8.20 1.90 18.21
N PHE A 238 9.18 1.19 18.80
CA PHE A 238 9.28 1.25 20.26
C PHE A 238 9.81 2.58 20.77
N ARG A 239 10.34 3.43 19.89
CA ARG A 239 10.66 4.80 20.28
C ARG A 239 9.42 5.63 20.56
N LEU A 240 8.23 5.10 20.28
CA LEU A 240 6.98 5.80 20.52
C LEU A 240 6.49 5.75 21.97
N CYS A 241 6.93 4.81 22.81
CA CYS A 241 6.66 5.09 24.22
C CYS A 241 7.92 4.93 25.04
N ASP A 242 7.73 5.15 26.33
CA ASP A 242 8.81 5.23 27.31
C ASP A 242 9.20 3.81 27.71
N VAL A 243 10.33 3.33 27.18
CA VAL A 243 10.70 1.95 27.46
C VAL A 243 11.27 1.75 28.88
N SER A 244 11.54 2.82 29.64
CA SER A 244 11.92 2.58 31.04
C SER A 244 10.76 2.64 32.00
N ASP A 245 9.55 2.71 31.48
CA ASP A 245 8.34 2.65 32.29
C ASP A 245 7.76 1.28 32.00
N GLU A 246 7.77 0.41 33.02
CA GLU A 246 7.38 -0.98 32.82
C GLU A 246 5.95 -1.09 32.34
N THR A 247 5.00 -0.51 33.09
CA THR A 247 3.61 -0.59 32.70
C THR A 247 3.40 0.04 31.33
N ALA A 248 4.11 1.13 31.04
CA ALA A 248 3.95 1.79 29.74
C ALA A 248 4.51 0.93 28.63
N PHE A 249 5.68 0.31 28.85
CA PHE A 249 6.19 -0.61 27.84
C PHE A 249 5.23 -1.77 27.62
N LYS A 250 4.69 -2.32 28.71
CA LYS A 250 3.83 -3.50 28.61
C LYS A 250 2.57 -3.18 27.86
N GLU A 251 1.98 -2.01 28.13
CA GLU A 251 0.76 -1.63 27.42
C GLU A 251 1.06 -1.41 25.94
N PHE A 252 2.21 -0.82 25.63
CA PHE A 252 2.56 -0.60 24.23
C PHE A 252 2.85 -1.93 23.53
N PHE A 253 3.62 -2.79 24.20
CA PHE A 253 3.93 -4.09 23.62
C PHE A 253 2.67 -4.91 23.45
N GLN A 254 1.75 -4.84 24.42
CA GLN A 254 0.46 -5.52 24.28
C GLN A 254 -0.31 -5.03 23.07
N ALA A 255 -0.38 -3.71 22.87
CA ALA A 255 -1.10 -3.17 21.73
C ALA A 255 -0.49 -3.67 20.42
N ARG A 256 0.84 -3.80 20.38
CA ARG A 256 1.49 -4.31 19.18
C ARG A 256 1.20 -5.80 18.99
N LEU A 257 1.20 -6.58 20.07
CA LEU A 257 0.78 -7.97 19.95
C LEU A 257 -0.61 -8.06 19.36
N ASP A 258 -1.55 -7.26 19.86
CA ASP A 258 -2.91 -7.33 19.35
C ASP A 258 -2.97 -6.96 17.88
N ASP A 259 -2.13 -6.02 17.45
CA ASP A 259 -2.01 -5.69 16.02
C ASP A 259 -1.62 -6.91 15.22
N MET A 260 -0.58 -7.62 15.69
CA MET A 260 -0.14 -8.80 14.97
C MET A 260 -1.24 -9.85 14.91
N ILE A 261 -1.95 -10.04 16.03
CA ILE A 261 -3.01 -11.03 16.08
C ILE A 261 -4.13 -10.67 15.13
N GLU A 262 -4.53 -9.40 15.11
CA GLU A 262 -5.63 -9.03 14.21
C GLU A 262 -5.24 -9.26 12.75
N ASP A 263 -4.02 -8.89 12.36
CA ASP A 263 -3.56 -9.16 11.00
C ASP A 263 -3.58 -10.66 10.69
N ILE A 264 -3.00 -11.47 11.58
CA ILE A 264 -2.96 -12.91 11.36
C ILE A 264 -4.37 -13.48 11.25
N GLU A 265 -5.28 -13.00 12.09
CA GLU A 265 -6.67 -13.42 12.01
C GLU A 265 -7.28 -13.14 10.64
N CYS A 266 -7.11 -11.92 10.11
CA CYS A 266 -7.65 -11.59 8.79
C CYS A 266 -6.90 -12.32 7.68
N ILE A 267 -5.61 -12.57 7.85
CA ILE A 267 -4.87 -13.34 6.86
C ILE A 267 -5.50 -14.72 6.64
N LYS A 268 -6.13 -15.28 7.68
CA LYS A 268 -6.80 -16.57 7.56
C LYS A 268 -8.12 -16.50 6.81
N ALA A 269 -8.39 -15.37 6.15
CA ALA A 269 -9.47 -15.31 5.18
C ALA A 269 -8.96 -15.47 3.75
N PHE A 270 -7.67 -15.35 3.53
CA PHE A 270 -7.14 -15.53 2.19
C PHE A 270 -7.14 -17.01 1.85
N ASP A 271 -6.93 -17.31 0.57
CA ASP A 271 -6.92 -18.69 0.12
C ASP A 271 -5.78 -19.45 0.81
N GLN A 272 -5.89 -20.78 0.84
CA GLN A 272 -4.99 -21.61 1.64
C GLN A 272 -3.52 -21.40 1.29
N LEU A 273 -3.17 -21.33 0.02
CA LEU A 273 -1.77 -21.13 -0.33
C LEU A 273 -1.29 -19.77 0.12
N THR A 274 -2.08 -18.73 -0.18
CA THR A 274 -1.63 -17.37 0.10
C THR A 274 -1.44 -17.16 1.59
N GLN A 275 -2.39 -17.60 2.40
CA GLN A 275 -2.23 -17.42 3.83
C GLN A 275 -1.00 -18.18 4.33
N ASP A 276 -0.66 -19.32 3.70
CA ASP A 276 0.58 -20.01 4.04
C ASP A 276 1.79 -19.10 3.84
N VAL A 277 1.92 -18.52 2.65
CA VAL A 277 3.03 -17.63 2.36
C VAL A 277 3.07 -16.47 3.35
N PHE A 278 1.92 -15.82 3.59
CA PHE A 278 1.90 -14.67 4.50
C PHE A 278 2.39 -15.08 5.88
N LEU A 279 1.79 -16.12 6.45
CA LEU A 279 2.09 -16.52 7.82
C LEU A 279 3.51 -17.07 7.97
N ASP A 280 4.01 -17.86 6.98
CA ASP A 280 5.41 -18.31 7.01
C ASP A 280 6.35 -17.11 6.98
N LEU A 281 5.98 -16.04 6.25
CA LEU A 281 6.80 -14.85 6.21
C LEU A 281 6.91 -14.21 7.59
N ILE A 282 5.78 -14.03 8.27
CA ILE A 282 5.80 -13.36 9.57
C ILE A 282 6.47 -14.24 10.62
N TYR A 283 6.08 -15.51 10.67
CA TYR A 283 6.61 -16.41 11.69
C TYR A 283 8.07 -16.77 11.40
N GLY A 284 8.39 -17.01 10.13
CA GLY A 284 9.78 -17.26 9.77
C GLY A 284 10.69 -16.08 10.07
N ASN A 285 10.20 -14.86 9.84
CA ASN A 285 11.03 -13.71 10.18
C ASN A 285 11.37 -13.69 11.67
N PHE A 286 10.41 -14.06 12.50
CA PHE A 286 10.65 -14.12 13.94
C PHE A 286 11.71 -15.18 14.27
N VAL A 287 11.60 -16.36 13.67
CA VAL A 287 12.57 -17.43 13.97
C VAL A 287 13.96 -17.01 13.55
N TRP A 288 14.08 -16.44 12.36
CA TRP A 288 15.36 -15.96 11.85
C TRP A 288 15.92 -14.83 12.73
N THR A 289 15.07 -13.85 13.09
CA THR A 289 15.51 -12.71 13.87
C THR A 289 16.11 -13.14 15.22
N THR A 290 15.50 -14.11 15.89
CA THR A 290 15.94 -14.46 17.24
C THR A 290 17.11 -15.43 17.26
N SER A 291 17.59 -15.89 16.11
CA SER A 291 18.73 -16.80 16.02
C SER A 291 19.90 -16.15 15.31
N ASN A 292 19.76 -14.91 14.88
CA ASN A 292 20.72 -14.21 14.02
C ASN A 292 21.48 -13.19 14.85
N LYS A 293 22.82 -13.27 14.78
CA LYS A 293 23.70 -12.37 15.51
C LYS A 293 23.46 -10.91 15.15
N ARG A 294 22.94 -10.67 13.95
CA ARG A 294 22.60 -9.31 13.56
C ARG A 294 21.68 -8.65 14.59
N TYR A 295 20.83 -9.44 15.23
CA TYR A 295 19.86 -8.90 16.18
C TYR A 295 20.25 -9.20 17.62
N LYS A 296 21.52 -9.52 17.84
CA LYS A 296 22.07 -9.80 19.17
C LYS A 296 22.99 -8.68 19.64
N THR A 297 23.49 -7.84 18.75
CA THR A 297 24.39 -6.78 19.17
C THR A 297 24.04 -5.49 18.44
N ALA A 298 24.56 -4.39 18.97
CA ALA A 298 24.31 -3.10 18.33
C ALA A 298 25.24 -2.91 17.13
N VAL A 299 26.53 -3.21 17.29
CA VAL A 299 27.51 -3.17 16.22
C VAL A 299 28.35 -4.44 16.33
N ASN A 300 28.31 -5.27 15.30
CA ASN A 300 29.11 -6.49 15.25
C ASN A 300 29.56 -6.70 13.82
N ASP A 301 30.05 -7.91 13.55
CA ASP A 301 30.63 -8.27 12.26
C ASP A 301 29.60 -8.36 11.14
N VAL A 302 28.33 -8.54 11.46
CA VAL A 302 27.30 -8.71 10.45
C VAL A 302 26.29 -7.58 10.43
N ASN A 303 26.44 -6.56 11.30
CA ASN A 303 25.59 -5.38 11.23
C ASN A 303 26.35 -4.08 11.43
N SER A 304 27.66 -4.05 11.20
CA SER A 304 28.39 -2.81 11.36
C SER A 304 28.19 -1.93 10.13
N ARG A 305 28.12 -0.61 10.36
CA ARG A 305 27.91 0.32 9.25
C ARG A 305 29.01 0.16 8.20
N ILE A 306 28.60 -0.12 6.98
CA ILE A 306 29.50 -0.13 5.84
C ILE A 306 29.72 1.34 5.48
N GLN A 307 30.78 1.94 6.05
CA GLN A 307 30.81 3.41 6.12
C GLN A 307 31.02 4.03 4.75
N GLY B 9 -39.45 -10.48 8.35
CA GLY B 9 -38.33 -9.62 8.02
C GLY B 9 -38.27 -8.26 8.71
N ALA B 10 -37.45 -8.21 9.76
CA ALA B 10 -37.00 -6.97 10.38
C ALA B 10 -35.74 -6.42 9.73
N GLN B 11 -35.86 -5.64 8.65
CA GLN B 11 -34.71 -4.90 8.14
C GLN B 11 -34.44 -3.71 9.07
N ASP B 12 -33.15 -3.40 9.26
CA ASP B 12 -32.75 -2.32 10.18
C ASP B 12 -32.81 -0.99 9.43
N ILE B 13 -34.04 -0.47 9.31
CA ILE B 13 -34.29 0.81 8.63
C ILE B 13 -33.57 1.94 9.32
N GLY B 14 -33.50 1.91 10.66
CA GLY B 14 -32.79 2.99 11.35
C GLY B 14 -31.30 3.00 11.05
N ARG B 15 -30.77 1.86 10.63
CA ARG B 15 -29.37 1.77 10.25
C ARG B 15 -29.18 1.88 8.74
N SER B 16 -30.24 2.10 7.98
CA SER B 16 -30.17 2.11 6.53
C SER B 16 -29.68 3.45 5.96
N SER B 17 -29.44 4.46 6.79
CA SER B 17 -29.27 5.80 6.24
C SER B 17 -28.45 6.70 7.16
N VAL B 18 -27.64 7.56 6.55
CA VAL B 18 -27.01 8.62 7.32
C VAL B 18 -27.69 9.97 7.08
N ARG B 19 -28.87 9.98 6.46
CA ARG B 19 -29.61 11.23 6.24
C ARG B 19 -29.72 12.08 7.49
N PRO B 20 -30.09 11.57 8.67
CA PRO B 20 -30.18 12.43 9.86
C PRO B 20 -28.91 13.23 10.17
N TYR B 21 -27.74 12.78 9.73
CA TYR B 21 -26.47 13.42 10.06
C TYR B 21 -25.91 14.26 8.93
N LEU B 22 -26.63 14.36 7.82
CA LEU B 22 -26.08 14.92 6.59
C LEU B 22 -25.58 16.35 6.78
N GLU B 23 -26.42 17.23 7.33
CA GLU B 23 -26.00 18.62 7.44
C GLU B 23 -24.84 18.78 8.43
N GLU B 24 -24.95 18.15 9.58
CA GLU B 24 -23.92 18.40 10.59
C GLU B 24 -22.57 17.80 10.15
N CYS B 25 -22.58 16.62 9.54
CA CYS B 25 -21.33 16.03 9.08
C CYS B 25 -20.71 16.84 7.95
N THR B 26 -21.53 17.31 7.01
CA THR B 26 -21.01 18.15 5.93
C THR B 26 -20.32 19.37 6.50
N ARG B 27 -20.98 20.01 7.45
CA ARG B 27 -20.45 21.19 8.11
C ARG B 27 -19.13 20.88 8.82
N ARG B 28 -19.08 19.75 9.54
CA ARG B 28 -17.88 19.35 10.27
C ARG B 28 -16.71 19.08 9.31
N PHE B 29 -16.97 18.31 8.24
CA PHE B 29 -15.94 18.10 7.21
C PHE B 29 -15.37 19.44 6.75
N GLN B 30 -16.25 20.35 6.33
CA GLN B 30 -15.77 21.62 5.79
C GLN B 30 -14.97 22.38 6.80
N GLU B 31 -15.41 22.39 8.07
CA GLU B 31 -14.66 23.10 9.08
C GLU B 31 -13.28 22.50 9.23
N MET B 32 -13.22 21.17 9.21
CA MET B 32 -11.92 20.49 9.30
C MET B 32 -11.01 20.95 8.18
N PHE B 33 -11.48 20.91 6.93
CA PHE B 33 -10.66 21.35 5.80
C PHE B 33 -10.24 22.80 5.96
N ASP B 34 -11.15 23.67 6.42
CA ASP B 34 -10.80 25.09 6.54
C ASP B 34 -9.72 25.30 7.58
N ARG B 35 -9.74 24.50 8.65
CA ARG B 35 -8.73 24.67 9.70
C ARG B 35 -7.41 24.01 9.33
N HIS B 36 -7.42 22.91 8.58
CA HIS B 36 -6.20 22.12 8.38
C HIS B 36 -5.66 22.13 6.95
N VAL B 37 -6.48 22.38 5.93
CA VAL B 37 -6.03 22.43 4.55
C VAL B 37 -5.93 23.84 4.03
N VAL B 38 -7.01 24.61 4.19
CA VAL B 38 -7.03 26.05 4.05
C VAL B 38 -7.30 26.41 2.58
N THR B 39 -6.40 26.02 1.68
CA THR B 39 -6.59 26.41 0.28
C THR B 39 -7.63 25.54 -0.39
N ARG B 40 -8.56 26.20 -1.08
CA ARG B 40 -9.68 25.57 -1.75
C ARG B 40 -9.18 24.73 -2.92
N PRO B 41 -9.90 23.68 -3.29
CA PRO B 41 -9.65 23.02 -4.58
C PRO B 41 -9.92 23.97 -5.74
N THR B 42 -9.33 23.63 -6.89
CA THR B 42 -9.59 24.30 -8.16
C THR B 42 -10.23 23.29 -9.09
N LYS B 43 -11.13 23.75 -9.95
CA LYS B 43 -11.71 22.88 -10.95
C LYS B 43 -11.02 23.12 -12.30
N VAL B 44 -10.33 22.10 -12.80
CA VAL B 44 -9.99 22.07 -14.23
C VAL B 44 -11.29 22.17 -15.01
N GLU B 45 -11.55 23.34 -15.59
CA GLU B 45 -12.64 23.46 -16.54
C GLU B 45 -12.06 23.19 -17.92
N LEU B 46 -12.33 21.98 -18.42
CA LEU B 46 -11.80 21.51 -19.69
C LEU B 46 -12.40 22.32 -20.81
N THR B 47 -11.53 22.87 -21.67
CA THR B 47 -11.96 23.34 -22.96
C THR B 47 -12.80 22.29 -23.66
N ASP B 48 -13.45 22.72 -24.74
CA ASP B 48 -14.23 21.79 -25.53
C ASP B 48 -13.35 20.69 -26.12
N ALA B 49 -12.18 21.05 -26.66
CA ALA B 49 -11.39 20.10 -27.43
C ALA B 49 -10.83 18.98 -26.55
N GLU B 50 -10.25 19.34 -25.40
CA GLU B 50 -9.83 18.32 -24.43
C GLU B 50 -11.00 17.45 -24.02
N LEU B 51 -12.14 18.08 -23.77
CA LEU B 51 -13.31 17.38 -23.24
C LEU B 51 -13.88 16.39 -24.24
N ARG B 52 -14.18 16.87 -25.45
CA ARG B 52 -14.78 16.00 -26.46
C ARG B 52 -13.91 14.78 -26.73
N GLU B 53 -12.60 14.97 -26.80
CA GLU B 53 -11.66 13.86 -26.94
C GLU B 53 -11.85 12.83 -25.84
N VAL B 54 -11.85 13.28 -24.58
CA VAL B 54 -11.93 12.35 -23.45
C VAL B 54 -13.20 11.50 -23.55
N ILE B 55 -14.30 12.11 -23.95
CA ILE B 55 -15.56 11.38 -23.99
C ILE B 55 -15.58 10.39 -25.15
N ASP B 56 -14.99 10.74 -26.31
CA ASP B 56 -14.75 9.75 -27.36
C ASP B 56 -14.18 8.45 -26.79
N ASP B 57 -13.04 8.52 -26.10
CA ASP B 57 -12.34 7.32 -25.67
C ASP B 57 -13.14 6.55 -24.63
N CYS B 58 -13.77 7.26 -23.69
CA CYS B 58 -14.67 6.59 -22.74
C CYS B 58 -15.69 5.73 -23.47
N ASN B 59 -16.38 6.31 -24.45
CA ASN B 59 -17.41 5.57 -25.15
C ASN B 59 -16.83 4.41 -25.92
N ALA B 60 -15.71 4.62 -26.62
CA ALA B 60 -15.11 3.53 -27.38
C ALA B 60 -14.66 2.40 -26.47
N ALA B 61 -14.26 2.73 -25.24
CA ALA B 61 -13.62 1.75 -24.38
C ALA B 61 -14.62 0.82 -23.72
N VAL B 62 -15.80 1.33 -23.37
CA VAL B 62 -16.80 0.49 -22.70
C VAL B 62 -17.77 -0.15 -23.68
N ALA B 63 -17.77 0.27 -24.94
CA ALA B 63 -18.64 -0.35 -25.95
C ALA B 63 -18.59 -1.87 -25.96
N PRO B 64 -17.43 -2.53 -25.95
CA PRO B 64 -17.44 -4.01 -25.97
C PRO B 64 -18.19 -4.65 -24.80
N LEU B 65 -18.47 -3.90 -23.71
CA LEU B 65 -19.18 -4.47 -22.58
C LEU B 65 -20.69 -4.31 -22.65
N GLY B 66 -21.23 -3.80 -23.77
CA GLY B 66 -22.64 -3.86 -24.07
C GLY B 66 -23.52 -2.79 -23.46
N LYS B 67 -22.96 -1.80 -22.77
CA LYS B 67 -23.75 -0.83 -22.04
C LYS B 67 -23.48 0.58 -22.54
N THR B 68 -24.55 1.31 -22.87
CA THR B 68 -24.48 2.72 -23.23
C THR B 68 -24.37 3.58 -21.97
N VAL B 69 -23.50 4.58 -22.00
CA VAL B 69 -23.32 5.52 -20.89
C VAL B 69 -23.65 6.92 -21.37
N SER B 70 -24.57 7.60 -20.69
CA SER B 70 -24.99 8.93 -21.10
C SER B 70 -23.90 9.97 -20.79
N ASP B 71 -23.94 11.09 -21.52
CA ASP B 71 -23.05 12.20 -21.19
C ASP B 71 -23.23 12.64 -19.74
N GLU B 72 -24.47 12.68 -19.24
CA GLU B 72 -24.70 13.04 -17.85
C GLU B 72 -23.91 12.14 -16.91
N ARG B 73 -23.88 10.83 -17.20
CA ARG B 73 -23.19 9.89 -16.32
C ARG B 73 -21.68 10.06 -16.44
N TRP B 74 -21.16 10.25 -17.67
CA TRP B 74 -19.73 10.52 -17.81
C TRP B 74 -19.34 11.78 -17.04
N ILE B 75 -20.18 12.82 -17.12
CA ILE B 75 -19.98 14.03 -16.33
C ILE B 75 -19.89 13.70 -14.85
N SER B 76 -20.81 12.85 -14.38
CA SER B 76 -20.84 12.45 -12.99
C SER B 76 -19.51 11.82 -12.56
N TYR B 77 -18.92 11.00 -13.44
CA TYR B 77 -17.66 10.34 -13.13
C TYR B 77 -16.48 11.29 -13.24
N VAL B 78 -16.46 12.13 -14.28
CA VAL B 78 -15.24 12.86 -14.61
C VAL B 78 -14.94 13.99 -13.65
N GLY B 79 -15.98 14.54 -12.98
CA GLY B 79 -15.78 15.68 -12.12
C GLY B 79 -14.73 15.48 -11.02
N VAL B 80 -14.54 14.23 -10.57
CA VAL B 80 -13.52 14.00 -9.54
C VAL B 80 -12.15 14.38 -10.05
N VAL B 81 -11.86 14.09 -11.32
CA VAL B 81 -10.55 14.45 -11.86
C VAL B 81 -10.45 15.96 -12.03
N LEU B 82 -11.54 16.58 -12.52
CA LEU B 82 -11.54 18.03 -12.71
C LEU B 82 -11.33 18.77 -11.39
N TRP B 83 -11.88 18.24 -10.30
CA TRP B 83 -11.80 18.93 -9.02
C TRP B 83 -10.64 18.52 -8.13
N SER B 84 -10.08 17.33 -8.33
CA SER B 84 -9.15 16.79 -7.33
C SER B 84 -7.73 16.63 -7.83
N GLN B 85 -7.40 17.16 -9.01
CA GLN B 85 -6.01 17.25 -9.40
C GLN B 85 -5.48 18.60 -8.92
N SER B 86 -4.28 18.98 -9.36
CA SER B 86 -3.61 20.18 -8.86
C SER B 86 -3.34 21.12 -10.04
N PRO B 87 -4.34 21.93 -10.42
CA PRO B 87 -4.19 22.70 -11.69
C PRO B 87 -2.98 23.60 -11.74
N ARG B 88 -2.53 24.13 -10.60
CA ARG B 88 -1.36 24.99 -10.68
C ARG B 88 -0.11 24.23 -11.11
N HIS B 89 -0.07 22.92 -10.88
CA HIS B 89 1.10 22.11 -11.16
C HIS B 89 0.98 21.28 -12.43
N ILE B 90 -0.10 21.41 -13.19
CA ILE B 90 -0.25 20.59 -14.39
C ILE B 90 0.79 21.00 -15.43
N LYS B 91 1.51 20.01 -15.96
CA LYS B 91 2.36 20.24 -17.11
C LYS B 91 1.98 19.41 -18.33
N ASP B 92 1.38 18.23 -18.16
CA ASP B 92 1.07 17.35 -19.30
C ASP B 92 -0.44 17.17 -19.37
N MET B 93 -1.13 17.96 -20.21
CA MET B 93 -2.57 17.79 -20.37
C MET B 93 -2.93 16.51 -21.11
N GLU B 94 -2.00 15.89 -21.86
CA GLU B 94 -2.23 14.53 -22.34
C GLU B 94 -2.48 13.58 -21.16
N ALA B 95 -1.53 13.53 -20.22
CA ALA B 95 -1.69 12.74 -19.01
C ALA B 95 -2.97 13.09 -18.25
N PHE B 96 -3.32 14.39 -18.20
CA PHE B 96 -4.53 14.77 -17.49
C PHE B 96 -5.75 14.18 -18.18
N LYS B 97 -5.81 14.28 -19.52
CA LYS B 97 -6.90 13.68 -20.28
C LYS B 97 -6.93 12.16 -20.11
N ALA B 98 -5.76 11.51 -20.12
CA ALA B 98 -5.71 10.07 -19.84
C ALA B 98 -6.37 9.75 -18.50
N VAL B 99 -6.07 10.53 -17.46
CA VAL B 99 -6.64 10.24 -16.15
C VAL B 99 -8.15 10.43 -16.17
N CYS B 100 -8.64 11.46 -16.90
CA CYS B 100 -10.09 11.60 -17.07
C CYS B 100 -10.68 10.34 -17.66
N VAL B 101 -10.09 9.83 -18.74
CA VAL B 101 -10.65 8.65 -19.39
C VAL B 101 -10.54 7.42 -18.48
N LEU B 102 -9.33 7.15 -17.98
CA LEU B 102 -9.10 5.95 -17.18
C LEU B 102 -9.96 5.98 -15.91
N ASN B 103 -10.04 7.14 -15.26
CA ASN B 103 -10.96 7.29 -14.15
C ASN B 103 -12.37 6.89 -14.53
N CYS B 104 -12.88 7.43 -15.65
CA CYS B 104 -14.29 7.25 -15.96
C CYS B 104 -14.62 5.81 -16.34
N VAL B 105 -13.79 5.17 -17.17
CA VAL B 105 -14.18 3.86 -17.65
C VAL B 105 -14.07 2.80 -16.56
N THR B 106 -13.11 2.96 -15.63
CA THR B 106 -13.08 2.02 -14.52
C THR B 106 -14.14 2.35 -13.48
N PHE B 107 -14.67 3.58 -13.49
CA PHE B 107 -15.87 3.88 -12.70
C PHE B 107 -17.08 3.10 -13.21
N VAL B 108 -17.22 2.98 -14.54
CA VAL B 108 -18.27 2.14 -15.10
C VAL B 108 -18.10 0.70 -14.63
N TRP B 109 -16.86 0.19 -14.71
CA TRP B 109 -16.55 -1.15 -14.22
C TRP B 109 -16.97 -1.33 -12.76
N ASP B 110 -16.73 -0.30 -11.94
CA ASP B 110 -17.14 -0.29 -10.54
C ASP B 110 -18.65 -0.42 -10.37
N ASP B 111 -19.43 0.22 -11.25
CA ASP B 111 -20.89 0.20 -11.19
C ASP B 111 -21.52 -0.97 -11.93
N MET B 112 -20.71 -1.86 -12.50
CA MET B 112 -21.19 -2.88 -13.41
C MET B 112 -21.49 -4.19 -12.67
N ASP B 113 -22.60 -4.82 -13.05
CA ASP B 113 -22.81 -6.21 -12.72
C ASP B 113 -21.58 -7.00 -13.18
N PRO B 114 -21.12 -7.97 -12.38
CA PRO B 114 -19.84 -8.64 -12.70
C PRO B 114 -19.89 -9.54 -13.92
N ALA B 115 -21.08 -10.00 -14.33
CA ALA B 115 -21.20 -10.81 -15.55
C ALA B 115 -20.92 -9.99 -16.80
N LEU B 116 -20.68 -8.69 -16.64
CA LEU B 116 -20.26 -7.82 -17.73
C LEU B 116 -18.76 -7.58 -17.73
N HIS B 117 -18.05 -8.08 -16.71
CA HIS B 117 -16.61 -7.85 -16.54
C HIS B 117 -15.81 -8.80 -17.43
N ASP B 118 -15.78 -8.53 -18.73
CA ASP B 118 -15.05 -9.36 -19.69
C ASP B 118 -13.67 -8.76 -19.89
N PHE B 119 -12.67 -9.38 -19.26
CA PHE B 119 -11.32 -8.84 -19.31
C PHE B 119 -10.76 -8.87 -20.73
N GLY B 120 -11.11 -9.89 -21.50
CA GLY B 120 -10.56 -10.03 -22.85
C GLY B 120 -10.93 -8.88 -23.75
N LEU B 121 -12.13 -8.34 -23.58
CA LEU B 121 -12.53 -7.20 -24.39
C LEU B 121 -11.97 -5.89 -23.84
N PHE B 122 -12.04 -5.71 -22.52
CA PHE B 122 -11.81 -4.39 -21.94
C PHE B 122 -10.33 -4.12 -21.61
N LEU B 123 -9.56 -5.13 -21.18
CA LEU B 123 -8.15 -4.89 -20.98
C LEU B 123 -7.44 -4.31 -22.20
N PRO B 124 -7.69 -4.78 -23.44
CA PRO B 124 -7.05 -4.11 -24.59
C PRO B 124 -7.50 -2.67 -24.79
N GLN B 125 -8.75 -2.35 -24.48
CA GLN B 125 -9.19 -0.95 -24.49
C GLN B 125 -8.39 -0.12 -23.49
N LEU B 126 -8.19 -0.64 -22.28
CA LEU B 126 -7.39 0.09 -21.29
C LEU B 126 -5.95 0.26 -21.78
N ARG B 127 -5.42 -0.77 -22.45
CA ARG B 127 -4.06 -0.67 -22.98
C ARG B 127 -3.99 0.34 -24.12
N LYS B 128 -5.00 0.34 -25.01
CA LYS B 128 -5.08 1.36 -26.05
C LYS B 128 -5.02 2.75 -25.46
N ILE B 129 -5.84 3.00 -24.42
CA ILE B 129 -5.90 4.33 -23.82
C ILE B 129 -4.53 4.74 -23.32
N CYS B 130 -3.86 3.83 -22.61
CA CYS B 130 -2.57 4.17 -22.03
C CYS B 130 -1.54 4.47 -23.09
N GLU B 131 -1.51 3.67 -24.17
CA GLU B 131 -0.55 3.94 -25.22
C GLU B 131 -0.88 5.23 -25.97
N LYS B 132 -2.16 5.60 -26.06
CA LYS B 132 -2.55 6.81 -26.78
C LYS B 132 -2.07 8.08 -26.08
N TYR B 133 -2.11 8.11 -24.74
CA TYR B 133 -1.86 9.34 -24.01
C TYR B 133 -0.53 9.35 -23.26
N TYR B 134 0.11 8.19 -23.03
CA TYR B 134 1.38 8.13 -22.32
C TYR B 134 2.51 7.57 -23.20
N GLY B 135 3.72 8.03 -22.93
CA GLY B 135 4.91 7.46 -23.51
C GLY B 135 5.21 6.07 -22.98
N PRO B 136 6.34 5.50 -23.42
CA PRO B 136 6.61 4.07 -23.16
C PRO B 136 6.50 3.61 -21.71
N GLU B 137 7.23 4.23 -20.79
CA GLU B 137 7.27 3.71 -19.42
C GLU B 137 6.07 4.15 -18.61
N ASP B 138 5.59 5.38 -18.81
CA ASP B 138 4.40 5.81 -18.07
C ASP B 138 3.19 4.95 -18.42
N ALA B 139 3.08 4.57 -19.69
CA ALA B 139 1.97 3.71 -20.12
C ALA B 139 2.03 2.35 -19.43
N GLU B 140 3.23 1.81 -19.23
CA GLU B 140 3.28 0.50 -18.59
C GLU B 140 2.85 0.60 -17.12
N VAL B 141 3.27 1.66 -16.42
CA VAL B 141 2.86 1.82 -15.03
C VAL B 141 1.36 2.08 -14.93
N ALA B 142 0.82 2.95 -15.80
CA ALA B 142 -0.60 3.28 -15.73
C ALA B 142 -1.48 2.08 -16.09
N TYR B 143 -1.14 1.38 -17.18
CA TYR B 143 -1.91 0.19 -17.54
C TYR B 143 -1.90 -0.86 -16.42
N GLU B 144 -0.72 -1.14 -15.85
CA GLU B 144 -0.64 -2.12 -14.77
C GLU B 144 -1.53 -1.73 -13.59
N ALA B 145 -1.50 -0.46 -13.21
CA ALA B 145 -2.37 -0.01 -12.12
C ALA B 145 -3.84 -0.13 -12.50
N ALA B 146 -4.20 0.17 -13.77
CA ALA B 146 -5.59 0.06 -14.17
C ALA B 146 -6.04 -1.40 -14.21
N ARG B 147 -5.21 -2.25 -14.79
CA ARG B 147 -5.44 -3.70 -14.77
C ARG B 147 -5.62 -4.21 -13.35
N ALA B 148 -4.70 -3.84 -12.45
CA ALA B 148 -4.78 -4.33 -11.07
C ALA B 148 -6.06 -3.85 -10.39
N PHE B 149 -6.46 -2.59 -10.62
CA PHE B 149 -7.69 -2.14 -10.00
C PHE B 149 -8.89 -2.96 -10.47
N VAL B 150 -9.11 -3.06 -11.78
CA VAL B 150 -10.33 -3.72 -12.24
C VAL B 150 -10.30 -5.20 -11.87
N THR B 151 -9.12 -5.82 -11.89
CA THR B 151 -9.02 -7.19 -11.40
C THR B 151 -9.41 -7.28 -9.93
N SER B 152 -8.92 -6.34 -9.11
CA SER B 152 -9.30 -6.30 -7.69
C SER B 152 -10.81 -6.09 -7.53
N ASP B 153 -11.38 -5.09 -8.21
CA ASP B 153 -12.81 -4.87 -8.06
C ASP B 153 -13.59 -6.12 -8.42
N HIS B 154 -13.17 -6.80 -9.50
CA HIS B 154 -13.85 -8.02 -9.92
C HIS B 154 -13.66 -9.14 -8.91
N MET B 155 -12.41 -9.40 -8.52
CA MET B 155 -12.11 -10.61 -7.76
C MET B 155 -12.63 -10.54 -6.34
N PHE B 156 -12.97 -9.34 -5.86
CA PHE B 156 -13.48 -9.24 -4.50
C PHE B 156 -14.98 -9.03 -4.42
N ARG B 157 -15.72 -9.14 -5.53
CA ARG B 157 -17.17 -9.28 -5.43
C ARG B 157 -17.49 -10.66 -4.86
N ASP B 158 -18.39 -10.73 -3.88
CA ASP B 158 -18.70 -12.01 -3.24
C ASP B 158 -17.48 -12.60 -2.52
N SER B 159 -16.59 -11.76 -1.98
CA SER B 159 -15.44 -12.54 -1.51
C SER B 159 -15.34 -12.55 0.02
N PRO B 160 -14.85 -13.66 0.58
CA PRO B 160 -14.61 -13.72 2.04
C PRO B 160 -13.51 -12.81 2.51
N ILE B 161 -12.49 -12.57 1.69
CA ILE B 161 -11.45 -11.63 2.09
C ILE B 161 -12.05 -10.25 2.30
N LYS B 162 -12.83 -9.79 1.33
CA LYS B 162 -13.45 -8.48 1.46
C LYS B 162 -14.30 -8.40 2.72
N ALA B 163 -15.05 -9.46 3.01
CA ALA B 163 -15.87 -9.49 4.21
C ALA B 163 -15.01 -9.37 5.47
N ALA B 164 -13.87 -10.06 5.50
CA ALA B 164 -13.03 -9.98 6.69
C ALA B 164 -12.41 -8.59 6.84
N LEU B 165 -11.88 -8.02 5.75
CA LEU B 165 -11.22 -6.73 5.85
C LEU B 165 -12.21 -5.59 6.07
N CYS B 166 -13.46 -5.77 5.70
CA CYS B 166 -14.42 -4.69 5.89
C CYS B 166 -15.09 -4.68 7.24
N THR B 167 -15.24 -5.86 7.86
CA THR B 167 -16.04 -6.01 9.07
C THR B 167 -15.20 -6.14 10.35
N THR B 168 -13.87 -6.08 10.26
CA THR B 168 -13.03 -6.33 11.45
C THR B 168 -12.65 -5.07 12.21
N SER B 169 -12.12 -4.05 11.52
CA SER B 169 -11.60 -2.86 12.21
C SER B 169 -11.34 -1.78 11.17
N PRO B 170 -11.32 -0.50 11.58
CA PRO B 170 -10.98 0.55 10.60
C PRO B 170 -9.62 0.34 9.94
N GLU B 171 -8.64 -0.19 10.69
CA GLU B 171 -7.32 -0.47 10.14
C GLU B 171 -7.38 -1.51 9.01
N GLN B 172 -8.09 -2.63 9.22
CA GLN B 172 -8.20 -3.63 8.14
C GLN B 172 -8.95 -3.03 6.94
N TYR B 173 -9.99 -2.25 7.23
CA TYR B 173 -10.81 -1.70 6.17
C TYR B 173 -10.01 -0.75 5.28
N PHE B 174 -9.34 0.23 5.88
CA PHE B 174 -8.60 1.20 5.07
C PHE B 174 -7.45 0.54 4.32
N ARG B 175 -6.90 -0.55 4.88
CA ARG B 175 -5.91 -1.31 4.15
C ARG B 175 -6.49 -1.89 2.86
N PHE B 176 -7.73 -2.37 2.90
CA PHE B 176 -8.39 -2.81 1.68
C PHE B 176 -8.57 -1.66 0.68
N ARG B 177 -8.88 -0.47 1.19
CA ARG B 177 -9.28 0.61 0.32
C ARG B 177 -8.10 1.30 -0.34
N VAL B 178 -6.88 1.08 0.13
CA VAL B 178 -5.73 1.65 -0.58
C VAL B 178 -5.81 1.28 -2.06
N THR B 179 -6.20 0.03 -2.35
CA THR B 179 -6.43 -0.40 -3.72
C THR B 179 -7.87 -0.19 -4.16
N ASP B 180 -8.83 -0.61 -3.34
CA ASP B 180 -10.20 -0.70 -3.81
C ASP B 180 -10.84 0.65 -4.08
N ILE B 181 -10.49 1.70 -3.34
CA ILE B 181 -11.04 2.99 -3.74
C ILE B 181 -10.35 3.52 -4.97
N GLY B 182 -9.28 2.89 -5.45
CA GLY B 182 -8.63 3.30 -6.67
C GLY B 182 -7.56 4.37 -6.54
N VAL B 183 -7.17 4.72 -5.30
CA VAL B 183 -6.23 5.83 -5.15
C VAL B 183 -4.82 5.43 -5.53
N ASP B 184 -4.41 4.19 -5.28
CA ASP B 184 -3.10 3.79 -5.78
C ASP B 184 -3.05 3.91 -7.29
N PHE B 185 -4.08 3.40 -7.97
CA PHE B 185 -4.22 3.54 -9.42
C PHE B 185 -4.16 5.01 -9.83
N TRP B 186 -4.95 5.84 -9.15
CA TRP B 186 -4.96 7.28 -9.39
C TRP B 186 -3.54 7.86 -9.36
N MET B 187 -2.77 7.54 -8.33
CA MET B 187 -1.45 8.14 -8.22
C MET B 187 -0.53 7.66 -9.33
N LYS B 188 -0.61 6.36 -9.67
CA LYS B 188 0.28 5.80 -10.67
C LYS B 188 -0.11 6.19 -12.08
N MET B 189 -1.29 6.79 -12.29
CA MET B 189 -1.58 7.36 -13.59
C MET B 189 -1.52 8.88 -13.60
N SER B 190 -1.46 9.52 -12.43
CA SER B 190 -1.41 10.98 -12.34
C SER B 190 0.01 11.54 -12.27
N TYR B 191 1.02 10.77 -11.87
CA TYR B 191 2.35 11.36 -11.77
C TYR B 191 2.85 11.93 -13.10
N PRO B 192 2.56 11.37 -14.28
CA PRO B 192 3.01 12.04 -15.51
C PRO B 192 2.37 13.42 -15.73
N ILE B 193 1.25 13.72 -15.06
CA ILE B 193 0.67 15.07 -15.17
C ILE B 193 1.67 16.11 -14.67
N TYR B 194 2.42 15.78 -13.63
CA TYR B 194 3.19 16.76 -12.87
C TYR B 194 4.69 16.75 -13.17
N ARG B 195 5.24 15.61 -13.64
CA ARG B 195 6.67 15.40 -13.92
C ARG B 195 7.54 15.94 -12.76
N HIS B 196 7.18 15.56 -11.56
CA HIS B 196 7.86 16.01 -10.35
C HIS B 196 8.49 14.80 -9.65
N PRO B 197 9.80 14.60 -9.77
CA PRO B 197 10.38 13.29 -9.39
C PRO B 197 10.07 12.83 -7.98
N GLU B 198 10.00 13.75 -7.00
CA GLU B 198 9.58 13.38 -5.65
C GLU B 198 8.17 12.80 -5.65
N PHE B 199 7.23 13.45 -6.34
CA PHE B 199 5.87 12.94 -6.40
C PHE B 199 5.82 11.61 -7.13
N THR B 200 6.54 11.51 -8.25
CA THR B 200 6.62 10.26 -9.01
C THR B 200 7.09 9.12 -8.13
N GLU B 201 8.05 9.38 -7.23
CA GLU B 201 8.52 8.31 -6.34
C GLU B 201 7.46 7.92 -5.33
N HIS B 202 6.82 8.91 -4.66
CA HIS B 202 5.80 8.57 -3.69
C HIS B 202 4.63 7.84 -4.35
N ALA B 203 4.37 8.14 -5.62
CA ALA B 203 3.36 7.40 -6.36
C ALA B 203 3.77 5.94 -6.55
N LYS B 204 5.01 5.72 -6.96
CA LYS B 204 5.39 4.35 -7.31
C LYS B 204 5.65 3.47 -6.10
N THR B 205 6.02 4.04 -4.95
CA THR B 205 6.07 3.28 -3.70
C THR B 205 4.69 3.04 -3.11
N SER B 206 3.67 3.77 -3.57
CA SER B 206 2.31 3.78 -3.04
C SER B 206 2.21 4.51 -1.69
N LEU B 207 3.29 5.10 -1.20
CA LEU B 207 3.18 5.98 -0.04
C LEU B 207 2.18 7.11 -0.28
N ALA B 208 2.16 7.63 -1.52
CA ALA B 208 1.18 8.65 -1.89
C ALA B 208 -0.24 8.16 -1.63
N ALA B 209 -0.55 6.96 -2.13
CA ALA B 209 -1.86 6.36 -1.90
C ALA B 209 -2.11 6.13 -0.42
N ARG B 210 -1.11 5.64 0.32
CA ARG B 210 -1.34 5.36 1.72
C ARG B 210 -1.61 6.64 2.52
N MET B 211 -1.03 7.78 2.10
CA MET B 211 -1.26 9.02 2.83
C MET B 211 -2.67 9.56 2.63
N THR B 212 -3.29 9.25 1.50
CA THR B 212 -4.53 9.93 1.10
C THR B 212 -5.74 9.02 1.21
N THR B 213 -5.55 7.73 1.49
CA THR B 213 -6.65 6.77 1.46
C THR B 213 -7.75 7.13 2.44
N ARG B 214 -7.39 7.45 3.69
CA ARG B 214 -8.44 7.68 4.67
C ARG B 214 -9.25 8.93 4.35
N GLY B 215 -8.57 10.01 3.95
CA GLY B 215 -9.28 11.23 3.62
C GLY B 215 -10.25 11.06 2.48
N LEU B 216 -9.84 10.33 1.44
CA LEU B 216 -10.76 10.04 0.33
C LEU B 216 -11.88 9.13 0.79
N THR B 217 -11.54 8.06 1.49
CA THR B 217 -12.49 6.99 1.76
C THR B 217 -13.55 7.43 2.76
N ILE B 218 -13.15 8.13 3.82
CA ILE B 218 -14.12 8.52 4.84
C ILE B 218 -15.19 9.42 4.22
N VAL B 219 -14.76 10.36 3.39
CA VAL B 219 -15.70 11.23 2.69
C VAL B 219 -16.57 10.43 1.72
N ASN B 220 -15.95 9.58 0.89
CA ASN B 220 -16.76 8.79 -0.04
C ASN B 220 -17.76 7.93 0.70
N ASP B 221 -17.31 7.24 1.77
CA ASP B 221 -18.18 6.33 2.49
C ASP B 221 -19.38 7.07 3.08
N PHE B 222 -19.16 8.26 3.64
CA PHE B 222 -20.27 8.94 4.29
C PHE B 222 -21.37 9.23 3.27
N TYR B 223 -20.99 9.75 2.11
CA TYR B 223 -21.98 10.20 1.15
C TYR B 223 -22.47 9.09 0.22
N SER B 224 -21.82 7.92 0.18
CA SER B 224 -22.33 6.81 -0.62
C SER B 224 -22.95 5.71 0.22
N TYR B 225 -23.00 5.90 1.55
CA TYR B 225 -23.55 4.89 2.46
C TYR B 225 -24.96 4.46 2.08
N ASP B 226 -25.85 5.43 1.80
CA ASP B 226 -27.24 5.06 1.57
C ASP B 226 -27.40 4.17 0.34
N ARG B 227 -26.74 4.53 -0.76
CA ARG B 227 -26.81 3.71 -1.96
C ARG B 227 -26.19 2.33 -1.69
N GLU B 228 -25.03 2.31 -1.03
CA GLU B 228 -24.33 1.04 -0.88
C GLU B 228 -25.09 0.07 0.03
N VAL B 229 -25.72 0.55 1.10
CA VAL B 229 -26.45 -0.46 1.88
C VAL B 229 -27.71 -0.87 1.13
N SER B 230 -28.24 0.00 0.26
CA SER B 230 -29.37 -0.37 -0.62
C SER B 230 -29.03 -1.55 -1.53
N LEU B 231 -27.77 -1.70 -1.91
CA LEU B 231 -27.37 -2.77 -2.81
C LEU B 231 -26.76 -3.97 -2.08
N GLY B 232 -26.79 -3.97 -0.74
CA GLY B 232 -26.05 -4.98 -0.01
C GLY B 232 -24.55 -4.91 -0.20
N GLN B 233 -24.00 -3.73 -0.41
CA GLN B 233 -22.55 -3.59 -0.56
C GLN B 233 -21.92 -3.29 0.81
N ILE B 234 -20.85 -4.00 1.14
CA ILE B 234 -20.30 -3.94 2.49
C ILE B 234 -19.06 -3.06 2.58
N THR B 235 -18.56 -2.53 1.46
CA THR B 235 -17.30 -1.79 1.49
C THR B 235 -17.58 -0.33 1.87
N ASN B 236 -17.75 -0.11 3.18
CA ASN B 236 -18.08 1.21 3.72
C ASN B 236 -17.79 1.24 5.22
N CYS B 237 -16.96 2.17 5.67
CA CYS B 237 -16.51 2.12 7.06
C CYS B 237 -17.62 2.43 8.04
N PHE B 238 -18.69 3.11 7.63
CA PHE B 238 -19.75 3.37 8.59
C PHE B 238 -20.61 2.15 8.88
N ARG B 239 -20.46 1.05 8.12
CA ARG B 239 -21.04 -0.21 8.56
C ARG B 239 -20.33 -0.76 9.81
N LEU B 240 -19.13 -0.29 10.10
CA LEU B 240 -18.43 -0.66 11.32
C LEU B 240 -19.03 -0.06 12.59
N CYS B 241 -19.92 0.92 12.48
CA CYS B 241 -20.59 1.46 13.65
C CYS B 241 -22.08 1.24 13.51
N ASP B 242 -22.78 1.53 14.59
CA ASP B 242 -24.24 1.49 14.63
C ASP B 242 -24.72 2.89 14.29
N VAL B 243 -24.94 3.16 12.99
CA VAL B 243 -25.37 4.49 12.61
C VAL B 243 -26.72 4.85 13.20
N SER B 244 -27.55 3.87 13.60
CA SER B 244 -28.81 4.21 14.25
C SER B 244 -28.63 4.66 15.69
N ASP B 245 -27.44 4.50 16.26
CA ASP B 245 -27.12 4.89 17.62
C ASP B 245 -26.45 6.26 17.52
N GLU B 246 -27.17 7.29 17.99
CA GLU B 246 -26.67 8.66 17.87
C GLU B 246 -25.31 8.82 18.55
N THR B 247 -25.20 8.34 19.79
CA THR B 247 -23.92 8.38 20.50
C THR B 247 -22.83 7.69 19.72
N ALA B 248 -23.08 6.44 19.32
CA ALA B 248 -22.05 5.64 18.69
C ALA B 248 -21.60 6.27 17.37
N PHE B 249 -22.56 6.73 16.57
CA PHE B 249 -22.19 7.36 15.29
C PHE B 249 -21.28 8.55 15.52
N LYS B 250 -21.65 9.41 16.49
CA LYS B 250 -20.84 10.60 16.79
C LYS B 250 -19.42 10.26 17.12
N GLU B 251 -19.22 9.32 18.04
CA GLU B 251 -17.89 8.87 18.42
C GLU B 251 -17.10 8.37 17.22
N PHE B 252 -17.71 7.48 16.45
CA PHE B 252 -17.06 6.95 15.26
C PHE B 252 -16.69 8.08 14.29
N PHE B 253 -17.61 9.01 14.09
CA PHE B 253 -17.34 10.09 13.14
C PHE B 253 -16.19 10.97 13.62
N GLN B 254 -16.17 11.32 14.92
CA GLN B 254 -15.02 12.03 15.49
C GLN B 254 -13.73 11.25 15.26
N ALA B 255 -13.73 9.96 15.57
CA ALA B 255 -12.53 9.15 15.34
C ALA B 255 -12.07 9.26 13.89
N ARG B 256 -13.01 9.25 12.94
CA ARG B 256 -12.63 9.33 11.53
C ARG B 256 -12.12 10.73 11.17
N LEU B 257 -12.74 11.79 11.73
CA LEU B 257 -12.20 13.14 11.58
C LEU B 257 -10.76 13.22 12.07
N ASP B 258 -10.49 12.73 13.28
CA ASP B 258 -9.15 12.81 13.83
C ASP B 258 -8.15 12.06 12.95
N ASP B 259 -8.60 10.97 12.30
CA ASP B 259 -7.73 10.24 11.39
C ASP B 259 -7.40 11.08 10.15
N MET B 260 -8.42 11.77 9.60
CA MET B 260 -8.16 12.69 8.50
C MET B 260 -7.18 13.77 8.91
N ILE B 261 -7.34 14.30 10.11
CA ILE B 261 -6.51 15.39 10.60
C ILE B 261 -5.06 14.94 10.73
N GLU B 262 -4.84 13.78 11.34
CA GLU B 262 -3.48 13.33 11.52
C GLU B 262 -2.80 13.10 10.16
N ASP B 263 -3.53 12.51 9.20
CA ASP B 263 -3.00 12.34 7.85
C ASP B 263 -2.63 13.68 7.24
N ILE B 264 -3.54 14.64 7.32
CA ILE B 264 -3.29 15.94 6.69
C ILE B 264 -2.06 16.61 7.30
N GLU B 265 -1.94 16.56 8.63
CA GLU B 265 -0.77 17.21 9.25
C GLU B 265 0.53 16.50 8.89
N CYS B 266 0.50 15.16 8.78
CA CYS B 266 1.69 14.46 8.28
C CYS B 266 1.97 14.77 6.81
N ILE B 267 0.92 14.96 6.00
CA ILE B 267 1.12 15.32 4.60
C ILE B 267 1.89 16.64 4.46
N LYS B 268 1.77 17.54 5.45
CA LYS B 268 2.50 18.81 5.40
C LYS B 268 4.02 18.65 5.55
N ALA B 269 4.50 17.44 5.87
CA ALA B 269 5.93 17.21 5.88
C ALA B 269 6.49 16.93 4.50
N PHE B 270 5.66 16.57 3.53
CA PHE B 270 6.17 16.33 2.19
C PHE B 270 6.57 17.67 1.55
N ASP B 271 7.24 17.61 0.40
CA ASP B 271 7.62 18.81 -0.32
C ASP B 271 6.34 19.55 -0.71
N GLN B 272 6.48 20.86 -0.99
CA GLN B 272 5.28 21.67 -1.12
C GLN B 272 4.46 21.27 -2.34
N LEU B 273 5.11 20.87 -3.44
CA LEU B 273 4.34 20.44 -4.60
C LEU B 273 3.56 19.16 -4.31
N THR B 274 4.25 18.15 -3.77
CA THR B 274 3.58 16.90 -3.45
C THR B 274 2.42 17.12 -2.47
N GLN B 275 2.67 17.92 -1.43
CA GLN B 275 1.62 18.25 -0.46
C GLN B 275 0.46 18.98 -1.14
N ASP B 276 0.76 19.81 -2.14
CA ASP B 276 -0.28 20.42 -2.96
C ASP B 276 -1.18 19.37 -3.55
N VAL B 277 -0.60 18.40 -4.27
CA VAL B 277 -1.38 17.37 -4.94
C VAL B 277 -2.20 16.57 -3.92
N PHE B 278 -1.55 16.12 -2.84
CA PHE B 278 -2.26 15.29 -1.86
C PHE B 278 -3.46 16.01 -1.28
N LEU B 279 -3.28 17.26 -0.84
CA LEU B 279 -4.35 17.95 -0.13
C LEU B 279 -5.47 18.37 -1.06
N ASP B 280 -5.15 18.70 -2.30
CA ASP B 280 -6.24 19.07 -3.20
C ASP B 280 -6.92 17.83 -3.75
N LEU B 281 -6.26 16.67 -3.69
CA LEU B 281 -6.96 15.42 -3.94
C LEU B 281 -8.00 15.17 -2.87
N ILE B 282 -7.61 15.25 -1.60
CA ILE B 282 -8.55 14.97 -0.51
C ILE B 282 -9.66 16.01 -0.47
N TYR B 283 -9.28 17.28 -0.54
CA TYR B 283 -10.29 18.33 -0.38
C TYR B 283 -11.13 18.47 -1.66
N GLY B 284 -10.49 18.36 -2.82
CA GLY B 284 -11.26 18.33 -4.07
C GLY B 284 -12.24 17.19 -4.14
N ASN B 285 -11.87 16.01 -3.65
CA ASN B 285 -12.84 14.92 -3.65
C ASN B 285 -14.06 15.27 -2.82
N PHE B 286 -13.85 15.99 -1.72
CA PHE B 286 -14.97 16.38 -0.87
C PHE B 286 -15.88 17.38 -1.60
N VAL B 287 -15.30 18.36 -2.27
CA VAL B 287 -16.12 19.34 -3.00
C VAL B 287 -16.92 18.64 -4.10
N TRP B 288 -16.25 17.79 -4.88
CA TRP B 288 -16.91 17.04 -5.94
C TRP B 288 -18.01 16.15 -5.38
N THR B 289 -17.70 15.40 -4.30
CA THR B 289 -18.67 14.45 -3.75
C THR B 289 -19.94 15.17 -3.30
N THR B 290 -19.80 16.31 -2.64
CA THR B 290 -20.96 17.03 -2.16
C THR B 290 -21.65 17.81 -3.28
N SER B 291 -21.12 17.76 -4.50
CA SER B 291 -21.69 18.49 -5.61
C SER B 291 -22.40 17.61 -6.62
N ASN B 292 -22.40 16.29 -6.42
CA ASN B 292 -22.61 15.32 -7.48
C ASN B 292 -23.88 14.53 -7.18
N LYS B 293 -24.83 14.53 -8.13
CA LYS B 293 -26.08 13.78 -7.92
C LYS B 293 -25.80 12.33 -7.54
N ARG B 294 -24.66 11.80 -7.95
CA ARG B 294 -24.29 10.44 -7.56
C ARG B 294 -24.39 10.20 -6.05
N TYR B 295 -24.16 11.21 -5.22
CA TYR B 295 -23.90 10.99 -3.79
C TYR B 295 -24.94 11.58 -2.87
N LYS B 296 -26.18 11.09 -2.90
CA LYS B 296 -27.30 11.75 -2.24
C LYS B 296 -28.55 10.90 -2.14
N THR B 297 -28.65 9.89 -2.99
CA THR B 297 -29.80 9.00 -2.98
C THR B 297 -29.31 7.57 -3.08
N ALA B 298 -30.11 6.68 -2.48
CA ALA B 298 -29.88 5.24 -2.59
C ALA B 298 -29.81 4.80 -4.05
N VAL B 299 -30.61 5.42 -4.91
CA VAL B 299 -30.64 5.08 -6.33
C VAL B 299 -31.03 6.34 -7.11
N ASN B 300 -30.31 6.61 -8.18
CA ASN B 300 -30.78 7.53 -9.21
C ASN B 300 -30.14 7.11 -10.52
N ASP B 301 -30.20 7.98 -11.51
CA ASP B 301 -29.84 7.65 -12.89
C ASP B 301 -28.40 8.04 -13.25
N VAL B 302 -27.51 8.27 -12.28
CA VAL B 302 -26.08 8.32 -12.57
C VAL B 302 -25.28 7.36 -11.73
N ASN B 303 -25.92 6.63 -10.79
CA ASN B 303 -25.25 5.66 -9.95
C ASN B 303 -25.99 4.32 -9.89
N SER B 304 -27.01 4.15 -10.72
CA SER B 304 -27.74 2.88 -10.76
C SER B 304 -26.80 1.72 -11.08
N ARG B 305 -27.12 0.54 -10.53
CA ARG B 305 -26.40 -0.64 -10.95
C ARG B 305 -26.58 -0.83 -12.45
N ILE B 306 -25.45 -0.99 -13.16
CA ILE B 306 -25.42 -1.19 -14.59
C ILE B 306 -25.59 -2.69 -14.82
N GLN B 307 -26.61 -3.06 -15.61
CA GLN B 307 -27.16 -4.41 -15.57
C GLN B 307 -27.16 -5.07 -16.93
N ALA B 308 -27.03 -6.41 -16.92
CA ALA B 308 -27.10 -7.27 -18.11
C ALA B 308 -28.25 -6.92 -19.03
N GLY A 14 17.06 4.01 31.09
CA GLY A 14 16.10 4.87 30.44
C GLY A 14 15.55 4.23 29.18
N ARG A 15 15.89 4.82 28.05
CA ARG A 15 15.43 4.34 26.76
C ARG A 15 16.56 3.84 25.89
N SER A 16 17.73 3.64 26.48
CA SER A 16 18.88 3.11 25.76
C SER A 16 18.67 1.68 25.25
N SER A 17 17.71 0.92 25.80
CA SER A 17 17.71 -0.52 25.53
C SER A 17 16.38 -1.17 25.93
N VAL A 18 16.03 -2.25 25.24
CA VAL A 18 14.91 -3.10 25.66
C VAL A 18 15.40 -4.36 26.36
N ARG A 19 16.60 -4.32 26.92
CA ARG A 19 17.12 -5.43 27.72
C ARG A 19 16.18 -5.94 28.81
N PRO A 20 15.51 -5.09 29.61
CA PRO A 20 14.71 -5.66 30.71
C PRO A 20 13.65 -6.64 30.24
N TYR A 21 13.33 -6.64 28.95
CA TYR A 21 12.18 -7.34 28.41
C TYR A 21 12.52 -8.43 27.40
N LEU A 22 13.80 -8.67 27.13
CA LEU A 22 14.16 -9.57 26.03
C LEU A 22 13.52 -10.95 26.20
N GLU A 23 13.69 -11.56 27.37
CA GLU A 23 13.18 -12.91 27.59
C GLU A 23 11.65 -12.97 27.55
N GLU A 24 10.97 -12.12 28.35
CA GLU A 24 9.52 -12.10 28.36
C GLU A 24 8.93 -11.85 26.97
N CYS A 25 9.43 -10.83 26.28
CA CYS A 25 8.88 -10.51 24.97
C CYS A 25 9.13 -11.64 23.98
N THR A 26 10.29 -12.29 24.07
CA THR A 26 10.55 -13.41 23.19
C THR A 26 9.51 -14.51 23.41
N ARG A 27 9.30 -14.88 24.69
CA ARG A 27 8.33 -15.95 24.95
C ARG A 27 6.93 -15.52 24.56
N ARG A 28 6.60 -14.23 24.72
CA ARG A 28 5.25 -13.79 24.38
C ARG A 28 5.02 -13.84 22.87
N PHE A 29 5.97 -13.36 22.07
CA PHE A 29 5.92 -13.54 20.62
C PHE A 29 5.67 -15.01 20.27
N GLN A 30 6.48 -15.91 20.82
CA GLN A 30 6.34 -17.32 20.45
C GLN A 30 4.98 -17.88 20.86
N GLU A 31 4.50 -17.55 22.06
CA GLU A 31 3.19 -18.04 22.48
C GLU A 31 2.11 -17.58 21.51
N MET A 32 2.19 -16.31 21.10
CA MET A 32 1.24 -15.76 20.16
C MET A 32 1.25 -16.57 18.86
N PHE A 33 2.43 -16.82 18.30
CA PHE A 33 2.53 -17.63 17.09
C PHE A 33 1.97 -19.04 17.30
N ASP A 34 2.28 -19.67 18.42
CA ASP A 34 1.80 -21.04 18.63
C ASP A 34 0.28 -21.10 18.71
N ARG A 35 -0.33 -20.06 19.28
CA ARG A 35 -1.77 -20.07 19.46
C ARG A 35 -2.50 -19.76 18.16
N HIS A 36 -1.95 -18.88 17.32
CA HIS A 36 -2.70 -18.32 16.21
C HIS A 36 -2.28 -18.85 14.86
N VAL A 37 -0.99 -19.13 14.66
CA VAL A 37 -0.48 -19.75 13.45
C VAL A 37 -0.37 -21.26 13.61
N VAL A 38 0.27 -21.71 14.70
CA VAL A 38 0.45 -23.12 15.04
C VAL A 38 1.49 -23.73 14.10
N THR A 39 1.32 -23.48 12.81
CA THR A 39 2.15 -24.05 11.76
C THR A 39 3.58 -23.54 11.80
N ARG A 40 4.54 -24.47 11.82
CA ARG A 40 5.94 -24.12 12.02
C ARG A 40 6.60 -23.70 10.70
N PRO A 41 7.45 -22.66 10.73
CA PRO A 41 8.24 -22.33 9.55
C PRO A 41 9.21 -23.45 9.22
N THR A 42 9.48 -23.60 7.92
CA THR A 42 10.36 -24.66 7.43
C THR A 42 11.53 -24.04 6.67
N LYS A 43 12.73 -24.15 7.22
CA LYS A 43 13.92 -23.63 6.55
C LYS A 43 14.07 -24.30 5.20
N VAL A 44 14.70 -23.60 4.26
CA VAL A 44 15.08 -24.18 2.98
C VAL A 44 16.52 -24.66 3.09
N GLU A 45 16.81 -25.86 2.56
CA GLU A 45 18.18 -26.36 2.48
C GLU A 45 18.71 -26.17 1.07
N LEU A 46 19.40 -25.06 0.82
CA LEU A 46 20.12 -24.89 -0.43
C LEU A 46 21.19 -25.96 -0.59
N THR A 47 21.66 -26.15 -1.81
CA THR A 47 22.79 -27.02 -2.04
C THR A 47 24.08 -26.21 -1.93
N ASP A 48 25.20 -26.92 -2.04
CA ASP A 48 26.48 -26.22 -2.12
C ASP A 48 26.59 -25.43 -3.41
N ALA A 49 26.22 -26.05 -4.55
CA ALA A 49 26.20 -25.34 -5.83
C ALA A 49 25.33 -24.09 -5.76
N GLU A 50 24.15 -24.20 -5.17
CA GLU A 50 23.20 -23.09 -5.21
C GLU A 50 23.61 -21.99 -4.25
N LEU A 51 24.10 -22.35 -3.06
CA LEU A 51 24.50 -21.31 -2.11
C LEU A 51 25.70 -20.53 -2.62
N ARG A 52 26.67 -21.24 -3.22
CA ARG A 52 27.83 -20.59 -3.82
C ARG A 52 27.41 -19.67 -4.95
N GLU A 53 26.45 -20.09 -5.77
CA GLU A 53 25.96 -19.22 -6.84
C GLU A 53 25.34 -17.96 -6.24
N VAL A 54 24.56 -18.10 -5.18
CA VAL A 54 23.89 -16.94 -4.58
C VAL A 54 24.92 -15.93 -4.08
N ILE A 55 25.91 -16.41 -3.33
CA ILE A 55 26.91 -15.53 -2.76
C ILE A 55 27.76 -14.90 -3.86
N ASP A 56 28.18 -15.70 -4.83
CA ASP A 56 28.94 -15.15 -5.96
C ASP A 56 28.16 -14.03 -6.64
N ASP A 57 26.86 -14.22 -6.88
CA ASP A 57 26.05 -13.16 -7.48
C ASP A 57 25.95 -11.93 -6.58
N CYS A 58 25.87 -12.13 -5.25
CA CYS A 58 25.86 -11.01 -4.32
C CYS A 58 27.15 -10.21 -4.39
N ASN A 59 28.29 -10.90 -4.36
CA ASN A 59 29.57 -10.19 -4.39
C ASN A 59 29.74 -9.42 -5.69
N ALA A 60 29.31 -10.00 -6.82
CA ALA A 60 29.40 -9.29 -8.09
C ALA A 60 28.53 -8.04 -8.09
N ALA A 61 27.34 -8.12 -7.48
CA ALA A 61 26.41 -7.00 -7.54
C ALA A 61 26.91 -5.81 -6.74
N VAL A 62 27.44 -6.04 -5.54
CA VAL A 62 27.88 -4.92 -4.72
C VAL A 62 29.33 -4.53 -5.00
N ALA A 63 30.06 -5.34 -5.76
CA ALA A 63 31.45 -5.01 -6.08
C ALA A 63 31.63 -3.62 -6.64
N PRO A 64 30.77 -3.10 -7.53
CA PRO A 64 30.99 -1.71 -8.01
C PRO A 64 31.04 -0.70 -6.91
N LEU A 65 30.23 -0.86 -5.85
CA LEU A 65 30.20 0.05 -4.72
C LEU A 65 31.50 0.06 -3.90
N GLY A 66 32.30 -1.00 -3.95
CA GLY A 66 33.65 -0.95 -3.42
C GLY A 66 33.87 -1.44 -1.99
N LYS A 67 32.93 -2.17 -1.39
CA LYS A 67 33.07 -2.61 -0.01
C LYS A 67 32.98 -4.13 0.08
N THR A 68 33.84 -4.71 0.91
CA THR A 68 33.84 -6.15 1.10
C THR A 68 32.71 -6.56 2.04
N VAL A 69 31.98 -7.59 1.64
CA VAL A 69 30.99 -8.22 2.49
C VAL A 69 31.42 -9.66 2.73
N SER A 70 31.64 -10.02 4.00
CA SER A 70 32.07 -11.36 4.36
C SER A 70 30.96 -12.38 4.11
N ASP A 71 31.38 -13.63 3.91
CA ASP A 71 30.42 -14.71 3.70
C ASP A 71 29.46 -14.87 4.87
N GLU A 72 29.93 -14.71 6.12
CA GLU A 72 28.99 -14.87 7.23
C GLU A 72 28.02 -13.69 7.33
N ARG A 73 28.41 -12.52 6.82
CA ARG A 73 27.44 -11.43 6.71
C ARG A 73 26.39 -11.72 5.63
N TRP A 74 26.82 -12.23 4.47
CA TRP A 74 25.84 -12.66 3.46
C TRP A 74 24.86 -13.68 4.05
N ILE A 75 25.38 -14.65 4.80
CA ILE A 75 24.54 -15.71 5.33
C ILE A 75 23.58 -15.17 6.36
N SER A 76 24.00 -14.18 7.15
CA SER A 76 23.09 -13.53 8.07
C SER A 76 21.94 -12.88 7.31
N TYR A 77 22.24 -12.17 6.23
CA TYR A 77 21.21 -11.51 5.44
C TYR A 77 20.28 -12.53 4.77
N VAL A 78 20.84 -13.61 4.22
CA VAL A 78 20.05 -14.55 3.43
C VAL A 78 19.13 -15.39 4.29
N GLY A 79 19.42 -15.53 5.58
CA GLY A 79 18.61 -16.39 6.43
C GLY A 79 17.14 -16.06 6.42
N VAL A 80 16.79 -14.77 6.26
CA VAL A 80 15.38 -14.41 6.25
C VAL A 80 14.67 -15.06 5.08
N VAL A 81 15.35 -15.17 3.92
CA VAL A 81 14.72 -15.83 2.78
C VAL A 81 14.63 -17.33 3.02
N LEU A 82 15.65 -17.93 3.64
CA LEU A 82 15.64 -19.37 3.86
C LEU A 82 14.53 -19.77 4.81
N TRP A 83 14.22 -18.91 5.80
CA TRP A 83 13.29 -19.21 6.87
C TRP A 83 11.88 -18.68 6.64
N SER A 84 11.70 -17.70 5.76
CA SER A 84 10.45 -16.96 5.73
C SER A 84 9.72 -17.09 4.40
N GLN A 85 10.18 -17.94 3.49
CA GLN A 85 9.38 -18.33 2.35
C GLN A 85 8.53 -19.52 2.79
N SER A 86 7.93 -20.24 1.86
CA SER A 86 7.01 -21.33 2.19
C SER A 86 7.36 -22.53 1.34
N PRO A 87 8.35 -23.33 1.77
CA PRO A 87 8.91 -24.38 0.89
C PRO A 87 7.88 -25.32 0.33
N ARG A 88 6.81 -25.59 1.09
CA ARG A 88 5.72 -26.47 0.65
C ARG A 88 5.27 -26.12 -0.76
N HIS A 89 5.21 -24.84 -1.10
CA HIS A 89 4.58 -24.42 -2.35
C HIS A 89 5.55 -23.79 -3.33
N ILE A 90 6.86 -23.95 -3.13
CA ILE A 90 7.82 -23.45 -4.11
C ILE A 90 7.66 -24.21 -5.42
N LYS A 91 7.59 -23.46 -6.52
CA LYS A 91 7.60 -24.04 -7.85
C LYS A 91 8.82 -23.65 -8.66
N ASP A 92 9.41 -22.48 -8.40
CA ASP A 92 10.45 -21.93 -9.24
C ASP A 92 11.65 -21.59 -8.38
N MET A 93 12.64 -22.49 -8.32
CA MET A 93 13.84 -22.24 -7.52
C MET A 93 14.75 -21.18 -8.14
N GLU A 94 14.62 -20.90 -9.43
CA GLU A 94 15.35 -19.77 -9.98
C GLU A 94 14.85 -18.46 -9.38
N ALA A 95 13.53 -18.30 -9.28
CA ALA A 95 12.99 -17.13 -8.58
C ALA A 95 13.40 -17.09 -7.12
N PHE A 96 13.49 -18.27 -6.48
CA PHE A 96 13.93 -18.30 -5.08
C PHE A 96 15.36 -17.78 -4.94
N LYS A 97 16.27 -18.26 -5.79
CA LYS A 97 17.64 -17.77 -5.73
C LYS A 97 17.69 -16.26 -6.00
N ALA A 98 16.84 -15.77 -6.90
CA ALA A 98 16.79 -14.33 -7.14
C ALA A 98 16.39 -13.56 -5.88
N VAL A 99 15.39 -14.06 -5.15
CA VAL A 99 14.99 -13.38 -3.92
C VAL A 99 16.12 -13.42 -2.91
N CYS A 100 16.88 -14.52 -2.85
CA CYS A 100 18.06 -14.55 -1.98
C CYS A 100 19.02 -13.41 -2.34
N VAL A 101 19.36 -13.29 -3.62
CA VAL A 101 20.36 -12.31 -4.03
C VAL A 101 19.84 -10.88 -3.83
N LEU A 102 18.64 -10.61 -4.33
CA LEU A 102 18.06 -9.27 -4.21
C LEU A 102 17.87 -8.86 -2.75
N ASN A 103 17.36 -9.77 -1.92
CA ASN A 103 17.24 -9.46 -0.51
C ASN A 103 18.58 -9.08 0.10
N CYS A 104 19.62 -9.84 -0.24
CA CYS A 104 20.93 -9.63 0.37
C CYS A 104 21.58 -8.33 -0.09
N VAL A 105 21.56 -8.05 -1.39
CA VAL A 105 22.31 -6.89 -1.85
C VAL A 105 21.62 -5.59 -1.42
N THR A 106 20.29 -5.58 -1.32
CA THR A 106 19.62 -4.39 -0.80
C THR A 106 19.72 -4.29 0.72
N PHE A 107 19.97 -5.41 1.39
CA PHE A 107 20.35 -5.37 2.80
C PHE A 107 21.67 -4.61 2.98
N VAL A 108 22.65 -4.90 2.13
CA VAL A 108 23.90 -4.14 2.18
C VAL A 108 23.62 -2.64 2.03
N TRP A 109 22.83 -2.28 1.03
CA TRP A 109 22.42 -0.90 0.82
C TRP A 109 21.81 -0.29 2.07
N ASP A 110 20.94 -1.06 2.75
CA ASP A 110 20.32 -0.61 4.00
C ASP A 110 21.36 -0.29 5.06
N ASP A 111 22.42 -1.08 5.12
CA ASP A 111 23.47 -0.92 6.13
C ASP A 111 24.54 0.08 5.74
N MET A 112 24.42 0.72 4.57
CA MET A 112 25.49 1.52 3.99
C MET A 112 25.33 3.00 4.25
N ASP A 113 26.46 3.69 4.36
CA ASP A 113 26.49 5.14 4.31
C ASP A 113 25.93 5.63 2.98
N PRO A 114 25.06 6.64 2.99
CA PRO A 114 24.47 7.12 1.73
C PRO A 114 25.49 7.72 0.81
N ALA A 115 26.69 8.06 1.31
CA ALA A 115 27.77 8.53 0.45
C ALA A 115 28.36 7.39 -0.37
N LEU A 116 28.07 6.15 0.00
CA LEU A 116 28.43 4.97 -0.76
C LEU A 116 27.41 4.62 -1.83
N HIS A 117 26.16 5.00 -1.63
CA HIS A 117 25.10 4.70 -2.59
C HIS A 117 25.55 5.27 -3.92
N ASP A 118 25.41 4.48 -4.98
CA ASP A 118 25.74 4.91 -6.34
C ASP A 118 24.74 4.25 -7.27
N PHE A 119 23.67 4.98 -7.59
CA PHE A 119 22.59 4.43 -8.40
C PHE A 119 23.08 4.06 -9.79
N GLY A 120 23.96 4.89 -10.37
CA GLY A 120 24.49 4.60 -11.69
C GLY A 120 25.23 3.27 -11.78
N LEU A 121 25.89 2.86 -10.71
CA LEU A 121 26.60 1.59 -10.70
C LEU A 121 25.76 0.44 -10.17
N PHE A 122 24.91 0.69 -9.19
CA PHE A 122 24.20 -0.40 -8.56
C PHE A 122 22.92 -0.78 -9.30
N LEU A 123 22.18 0.19 -9.82
CA LEU A 123 20.93 -0.15 -10.51
C LEU A 123 21.16 -1.10 -11.69
N PRO A 124 22.17 -0.92 -12.56
CA PRO A 124 22.43 -1.95 -13.59
C PRO A 124 22.69 -3.33 -13.02
N GLN A 125 23.33 -3.43 -11.85
CA GLN A 125 23.51 -4.72 -11.20
C GLN A 125 22.17 -5.35 -10.84
N LEU A 126 21.26 -4.57 -10.25
CA LEU A 126 19.94 -5.09 -9.93
C LEU A 126 19.23 -5.56 -11.17
N ARG A 127 19.37 -4.83 -12.28
CA ARG A 127 18.74 -5.23 -13.52
C ARG A 127 19.31 -6.55 -14.04
N LYS A 128 20.63 -6.71 -13.95
CA LYS A 128 21.25 -7.97 -14.37
C LYS A 128 20.70 -9.15 -13.57
N ILE A 129 20.64 -9.00 -12.25
CA ILE A 129 20.10 -10.06 -11.40
C ILE A 129 18.68 -10.39 -11.83
N CYS A 130 17.85 -9.38 -12.05
CA CYS A 130 16.46 -9.65 -12.38
C CYS A 130 16.32 -10.35 -13.73
N GLU A 131 17.16 -10.00 -14.71
CA GLU A 131 17.08 -10.65 -16.02
C GLU A 131 17.54 -12.10 -15.97
N LYS A 132 18.59 -12.38 -15.20
CA LYS A 132 19.13 -13.74 -15.12
C LYS A 132 18.08 -14.73 -14.63
N TYR A 133 17.35 -14.39 -13.56
CA TYR A 133 16.58 -15.39 -12.82
C TYR A 133 15.09 -15.39 -13.16
N TYR A 134 14.55 -14.30 -13.69
CA TYR A 134 13.13 -14.19 -13.99
C TYR A 134 12.89 -14.18 -15.49
N GLY A 135 11.64 -14.45 -15.88
CA GLY A 135 11.21 -14.22 -17.22
C GLY A 135 11.14 -12.74 -17.54
N PRO A 136 10.68 -12.40 -18.74
CA PRO A 136 10.70 -10.98 -19.17
C PRO A 136 9.78 -10.05 -18.40
N GLU A 137 8.52 -10.43 -18.17
CA GLU A 137 7.65 -9.50 -17.45
C GLU A 137 7.92 -9.55 -15.93
N ASP A 138 8.18 -10.74 -15.39
CA ASP A 138 8.52 -10.81 -13.96
C ASP A 138 9.80 -10.03 -13.64
N ALA A 139 10.79 -10.06 -14.55
CA ALA A 139 12.03 -9.33 -14.30
C ALA A 139 11.76 -7.84 -14.16
N GLU A 140 10.84 -7.30 -14.97
CA GLU A 140 10.54 -5.88 -14.88
C GLU A 140 9.85 -5.52 -13.57
N VAL A 141 8.99 -6.41 -13.07
CA VAL A 141 8.29 -6.15 -11.81
C VAL A 141 9.28 -6.20 -10.65
N ALA A 142 10.16 -7.20 -10.65
CA ALA A 142 11.14 -7.33 -9.57
C ALA A 142 12.10 -6.14 -9.59
N TYR A 143 12.57 -5.73 -10.77
CA TYR A 143 13.51 -4.62 -10.82
C TYR A 143 12.88 -3.31 -10.35
N GLU A 144 11.65 -3.04 -10.79
CA GLU A 144 11.02 -1.80 -10.33
C GLU A 144 10.86 -1.78 -8.82
N ALA A 145 10.45 -2.91 -8.25
CA ALA A 145 10.29 -2.97 -6.79
C ALA A 145 11.63 -2.80 -6.07
N ALA A 146 12.71 -3.42 -6.60
CA ALA A 146 14.04 -3.23 -6.02
C ALA A 146 14.50 -1.78 -6.15
N ARG A 147 14.35 -1.21 -7.35
CA ARG A 147 14.68 0.18 -7.59
C ARG A 147 13.93 1.10 -6.62
N ALA A 148 12.61 0.91 -6.49
CA ALA A 148 11.83 1.74 -5.57
C ALA A 148 12.33 1.60 -4.14
N PHE A 149 12.69 0.38 -3.72
CA PHE A 149 13.18 0.22 -2.35
C PHE A 149 14.49 0.99 -2.12
N VAL A 150 15.52 0.74 -2.94
CA VAL A 150 16.81 1.38 -2.65
C VAL A 150 16.68 2.89 -2.78
N THR A 151 15.87 3.36 -3.73
CA THR A 151 15.61 4.78 -3.84
C THR A 151 14.94 5.34 -2.59
N SER A 152 13.96 4.61 -2.05
CA SER A 152 13.28 5.07 -0.83
C SER A 152 14.24 5.09 0.36
N ASP A 153 15.03 4.03 0.54
CA ASP A 153 15.93 4.03 1.69
C ASP A 153 16.90 5.22 1.61
N HIS A 154 17.39 5.52 0.40
CA HIS A 154 18.33 6.64 0.25
C HIS A 154 17.63 7.96 0.52
N MET A 155 16.49 8.17 -0.14
CA MET A 155 15.85 9.48 -0.08
C MET A 155 15.35 9.80 1.32
N PHE A 156 15.03 8.79 2.12
CA PHE A 156 14.50 9.09 3.44
C PHE A 156 15.56 9.20 4.53
N ARG A 157 16.84 8.99 4.20
CA ARG A 157 17.91 9.24 5.17
C ARG A 157 17.85 10.70 5.59
N ASP A 158 17.93 10.96 6.91
CA ASP A 158 17.10 12.02 7.51
C ASP A 158 16.96 13.21 6.58
N SER A 159 15.71 13.42 6.12
CA SER A 159 14.57 13.97 5.38
C SER A 159 13.32 14.05 6.26
N PRO A 160 12.56 15.16 6.16
CA PRO A 160 11.49 15.43 7.13
C PRO A 160 10.35 14.43 7.14
N ILE A 161 10.02 13.81 5.99
CA ILE A 161 8.85 12.93 5.97
C ILE A 161 9.04 11.78 6.95
N LYS A 162 10.22 11.17 6.94
CA LYS A 162 10.49 10.11 7.91
C LYS A 162 10.28 10.60 9.33
N ALA A 163 10.78 11.81 9.63
CA ALA A 163 10.61 12.38 10.96
C ALA A 163 9.15 12.37 11.38
N ALA A 164 8.28 12.94 10.54
CA ALA A 164 6.87 13.03 10.90
C ALA A 164 6.24 11.64 11.03
N LEU A 165 6.54 10.75 10.06
CA LEU A 165 5.89 9.44 10.05
C LEU A 165 6.38 8.55 11.19
N CYS A 166 7.57 8.79 11.71
CA CYS A 166 8.08 7.95 12.80
C CYS A 166 7.94 8.60 14.18
N THR A 167 7.20 9.69 14.32
CA THR A 167 6.99 10.26 15.64
C THR A 167 5.52 10.35 16.01
N THR A 168 4.61 10.30 15.04
CA THR A 168 3.24 10.73 15.31
C THR A 168 2.37 9.64 15.92
N SER A 169 2.30 8.47 15.28
CA SER A 169 1.48 7.38 15.78
C SER A 169 1.96 6.07 15.19
N PRO A 170 1.62 4.93 15.79
CA PRO A 170 1.93 3.65 15.13
C PRO A 170 1.30 3.56 13.75
N GLU A 171 0.14 4.19 13.56
CA GLU A 171 -0.55 4.20 12.27
C GLU A 171 0.32 4.83 11.17
N GLN A 172 0.85 6.03 11.40
CA GLN A 172 1.71 6.68 10.41
C GLN A 172 3.00 5.89 10.21
N TYR A 173 3.53 5.34 11.29
CA TYR A 173 4.82 4.65 11.21
C TYR A 173 4.72 3.39 10.34
N PHE A 174 3.72 2.56 10.59
CA PHE A 174 3.57 1.34 9.82
C PHE A 174 3.29 1.63 8.36
N ARG A 175 2.67 2.79 8.07
CA ARG A 175 2.47 3.22 6.70
C ARG A 175 3.79 3.47 5.98
N PHE A 176 4.74 4.09 6.67
CA PHE A 176 6.09 4.25 6.11
C PHE A 176 6.75 2.90 5.89
N ARG A 177 6.53 1.94 6.80
CA ARG A 177 7.27 0.69 6.75
C ARG A 177 6.76 -0.29 5.69
N VAL A 178 5.55 -0.10 5.13
CA VAL A 178 5.12 -0.97 4.03
C VAL A 178 6.18 -1.03 2.94
N THR A 179 6.77 0.12 2.61
CA THR A 179 7.89 0.17 1.69
C THR A 179 9.23 0.03 2.42
N ASP A 180 9.42 0.76 3.52
CA ASP A 180 10.76 0.88 4.09
C ASP A 180 11.27 -0.44 4.69
N ILE A 181 10.41 -1.32 5.20
CA ILE A 181 10.96 -2.61 5.64
C ILE A 181 11.13 -3.56 4.48
N GLY A 182 10.88 -3.12 3.24
CA GLY A 182 11.16 -3.97 2.10
C GLY A 182 10.12 -5.04 1.79
N VAL A 183 9.01 -5.08 2.53
CA VAL A 183 8.06 -6.17 2.32
C VAL A 183 7.28 -6.03 1.01
N ASP A 184 6.94 -4.80 0.57
CA ASP A 184 6.31 -4.68 -0.73
C ASP A 184 7.23 -5.22 -1.83
N PHE A 185 8.50 -4.84 -1.76
CA PHE A 185 9.54 -5.36 -2.64
C PHE A 185 9.59 -6.90 -2.56
N TRP A 186 9.57 -7.44 -1.34
CA TRP A 186 9.64 -8.87 -1.14
C TRP A 186 8.49 -9.60 -1.84
N MET A 187 7.26 -9.12 -1.66
CA MET A 187 6.11 -9.77 -2.29
C MET A 187 6.25 -9.77 -3.80
N LYS A 188 6.65 -8.62 -4.37
CA LYS A 188 6.70 -8.46 -5.81
C LYS A 188 7.84 -9.23 -6.45
N MET A 189 8.89 -9.55 -5.71
CA MET A 189 9.92 -10.44 -6.26
C MET A 189 9.68 -11.91 -5.91
N SER A 190 8.79 -12.20 -4.98
CA SER A 190 8.54 -13.56 -4.53
C SER A 190 7.38 -14.25 -5.26
N TYR A 191 6.43 -13.52 -5.83
CA TYR A 191 5.29 -14.21 -6.43
C TYR A 191 5.73 -15.19 -7.53
N PRO A 192 6.80 -14.97 -8.30
CA PRO A 192 7.18 -15.99 -9.29
C PRO A 192 7.67 -17.30 -8.66
N ILE A 193 8.03 -17.29 -7.38
CA ILE A 193 8.39 -18.54 -6.70
C ILE A 193 7.22 -19.51 -6.72
N TYR A 194 6.00 -19.00 -6.57
CA TYR A 194 4.82 -19.81 -6.27
C TYR A 194 3.89 -20.02 -7.45
N ARG A 195 3.86 -19.12 -8.43
CA ARG A 195 2.97 -19.27 -9.60
C ARG A 195 1.52 -19.48 -9.19
N HIS A 196 1.10 -18.78 -8.14
CA HIS A 196 -0.24 -18.93 -7.60
C HIS A 196 -1.04 -17.68 -7.96
N PRO A 197 -2.10 -17.80 -8.76
CA PRO A 197 -2.74 -16.59 -9.31
C PRO A 197 -3.18 -15.58 -8.28
N GLU A 198 -3.83 -16.02 -7.20
CA GLU A 198 -4.30 -15.06 -6.21
C GLU A 198 -3.13 -14.33 -5.54
N PHE A 199 -2.08 -15.09 -5.17
CA PHE A 199 -0.94 -14.47 -4.51
C PHE A 199 -0.30 -13.43 -5.41
N THR A 200 -0.20 -13.72 -6.70
CA THR A 200 0.37 -12.77 -7.64
C THR A 200 -0.42 -11.45 -7.67
N GLU A 201 -1.75 -11.53 -7.67
CA GLU A 201 -2.54 -10.29 -7.62
C GLU A 201 -2.33 -9.56 -6.29
N HIS A 202 -2.38 -10.27 -5.18
CA HIS A 202 -2.21 -9.61 -3.88
C HIS A 202 -0.84 -8.97 -3.77
N ALA A 203 0.18 -9.59 -4.39
CA ALA A 203 1.51 -9.00 -4.42
C ALA A 203 1.52 -7.72 -5.24
N LYS A 204 0.83 -7.73 -6.37
CA LYS A 204 0.88 -6.60 -7.29
C LYS A 204 0.04 -5.40 -6.82
N THR A 205 -1.06 -5.66 -6.11
CA THR A 205 -1.83 -4.58 -5.46
C THR A 205 -1.19 -4.07 -4.18
N SER A 206 -0.19 -4.79 -3.65
CA SER A 206 0.47 -4.53 -2.36
C SER A 206 -0.42 -4.85 -1.17
N LEU A 207 -1.62 -5.41 -1.38
CA LEU A 207 -2.38 -5.91 -0.24
C LEU A 207 -1.57 -6.96 0.55
N ALA A 208 -0.83 -7.82 -0.14
CA ALA A 208 0.03 -8.81 0.54
C ALA A 208 1.01 -8.11 1.48
N ALA A 209 1.65 -7.06 1.00
CA ALA A 209 2.56 -6.32 1.87
C ALA A 209 1.80 -5.62 3.00
N ARG A 210 0.67 -4.99 2.70
CA ARG A 210 -0.06 -4.27 3.74
C ARG A 210 -0.52 -5.21 4.85
N MET A 211 -0.77 -6.49 4.52
CA MET A 211 -1.24 -7.45 5.51
C MET A 211 -0.11 -7.94 6.44
N THR A 212 1.14 -7.95 5.96
CA THR A 212 2.24 -8.56 6.71
C THR A 212 3.20 -7.55 7.33
N THR A 213 2.99 -6.25 7.04
CA THR A 213 3.93 -5.22 7.49
C THR A 213 4.07 -5.18 9.01
N ARG A 214 2.95 -5.17 9.73
CA ARG A 214 3.06 -4.99 11.17
C ARG A 214 3.75 -6.18 11.82
N GLY A 215 3.42 -7.40 11.37
CA GLY A 215 4.03 -8.57 11.98
C GLY A 215 5.53 -8.62 11.77
N LEU A 216 5.99 -8.27 10.57
CA LEU A 216 7.42 -8.19 10.33
C LEU A 216 8.05 -7.06 11.13
N THR A 217 7.40 -5.88 11.11
CA THR A 217 8.04 -4.70 11.65
C THR A 217 8.14 -4.72 13.16
N ILE A 218 7.07 -5.15 13.84
CA ILE A 218 7.10 -5.15 15.30
C ILE A 218 8.22 -6.06 15.80
N VAL A 219 8.37 -7.22 15.18
CA VAL A 219 9.44 -8.15 15.56
C VAL A 219 10.80 -7.55 15.24
N ASN A 220 10.98 -7.03 14.02
CA ASN A 220 12.27 -6.45 13.68
C ASN A 220 12.61 -5.31 14.63
N ASP A 221 11.63 -4.44 14.91
CA ASP A 221 11.87 -3.28 15.76
C ASP A 221 12.27 -3.68 17.17
N PHE A 222 11.62 -4.68 17.73
CA PHE A 222 11.98 -5.05 19.10
C PHE A 222 13.44 -5.45 19.17
N TYR A 223 13.88 -6.32 18.28
CA TYR A 223 15.22 -6.89 18.38
C TYR A 223 16.31 -6.04 17.75
N SER A 224 15.97 -5.01 16.96
CA SER A 224 16.98 -4.11 16.43
C SER A 224 17.00 -2.77 17.15
N TYR A 225 16.16 -2.60 18.18
CA TYR A 225 16.04 -1.33 18.88
C TYR A 225 17.39 -0.85 19.40
N ASP A 226 18.13 -1.73 20.10
CA ASP A 226 19.38 -1.31 20.71
C ASP A 226 20.37 -0.78 19.68
N ARG A 227 20.54 -1.51 18.57
CA ARG A 227 21.45 -1.04 17.52
C ARG A 227 20.97 0.29 16.93
N GLU A 228 19.69 0.37 16.59
CA GLU A 228 19.19 1.55 15.92
C GLU A 228 19.25 2.78 16.83
N VAL A 229 18.88 2.61 18.10
CA VAL A 229 18.95 3.69 19.07
C VAL A 229 20.38 4.21 19.21
N SER A 230 21.35 3.30 19.34
CA SER A 230 22.75 3.71 19.52
C SER A 230 23.21 4.65 18.44
N LEU A 231 22.61 4.58 17.25
CA LEU A 231 23.10 5.25 16.06
C LEU A 231 22.24 6.44 15.64
N GLY A 232 21.26 6.82 16.45
CA GLY A 232 20.34 7.88 16.07
C GLY A 232 19.35 7.51 14.99
N GLN A 233 19.21 6.21 14.66
CA GLN A 233 18.21 5.78 13.69
C GLN A 233 16.83 5.82 14.33
N ILE A 234 15.87 6.49 13.67
CA ILE A 234 14.58 6.73 14.30
C ILE A 234 13.48 5.80 13.81
N THR A 235 13.77 4.93 12.85
CA THR A 235 12.71 4.12 12.25
C THR A 235 12.49 2.86 13.08
N ASN A 236 11.73 3.02 14.18
CA ASN A 236 11.51 1.94 15.14
C ASN A 236 10.28 2.28 15.99
N CYS A 237 9.25 1.44 15.93
CA CYS A 237 8.02 1.80 16.64
C CYS A 237 8.19 1.87 18.16
N PHE A 238 9.21 1.21 18.75
CA PHE A 238 9.40 1.31 20.20
C PHE A 238 10.03 2.64 20.61
N ARG A 239 10.33 3.52 19.66
CA ARG A 239 10.63 4.90 19.97
C ARG A 239 9.36 5.70 20.28
N LEU A 240 8.20 5.15 19.99
CA LEU A 240 6.93 5.79 20.29
C LEU A 240 6.55 5.69 21.76
N CYS A 241 7.08 4.71 22.47
CA CYS A 241 6.71 4.50 23.86
C CYS A 241 7.90 4.79 24.73
N ASP A 242 7.66 4.82 26.03
CA ASP A 242 8.73 5.04 26.98
C ASP A 242 9.28 3.70 27.48
N VAL A 243 10.34 3.19 26.83
CA VAL A 243 10.83 1.86 27.22
C VAL A 243 11.50 1.86 28.60
N SER A 244 11.56 3.02 29.26
CA SER A 244 12.19 3.18 30.58
C SER A 244 11.32 2.70 31.73
N ASP A 245 10.01 2.77 31.59
CA ASP A 245 9.05 2.35 32.61
C ASP A 245 8.35 1.10 32.08
N GLU A 246 8.51 -0.04 32.78
CA GLU A 246 7.96 -1.29 32.28
C GLU A 246 6.45 -1.22 32.16
N THR A 247 5.79 -0.49 33.07
CA THR A 247 4.33 -0.50 33.00
C THR A 247 3.85 0.13 31.69
N ALA A 248 4.48 1.23 31.25
CA ALA A 248 4.13 1.80 29.95
C ALA A 248 4.62 0.92 28.81
N PHE A 249 5.77 0.27 29.00
CA PHE A 249 6.27 -0.62 27.95
C PHE A 249 5.29 -1.73 27.68
N LYS A 250 4.78 -2.38 28.74
CA LYS A 250 3.98 -3.59 28.53
C LYS A 250 2.63 -3.25 27.92
N GLU A 251 2.10 -2.07 28.22
CA GLU A 251 0.87 -1.67 27.57
C GLU A 251 1.10 -1.46 26.06
N PHE A 252 2.24 -0.86 25.71
CA PHE A 252 2.55 -0.63 24.31
C PHE A 252 2.83 -1.94 23.59
N PHE A 253 3.63 -2.81 24.24
CA PHE A 253 3.94 -4.10 23.64
C PHE A 253 2.68 -4.93 23.49
N GLN A 254 1.79 -4.83 24.49
CA GLN A 254 0.45 -5.39 24.39
C GLN A 254 -0.27 -4.97 23.11
N ALA A 255 -0.41 -3.65 22.89
CA ALA A 255 -1.15 -3.16 21.73
C ALA A 255 -0.51 -3.67 20.42
N ARG A 256 0.82 -3.81 20.42
CA ARG A 256 1.50 -4.31 19.23
C ARG A 256 1.21 -5.79 19.02
N LEU A 257 1.22 -6.58 20.10
CA LEU A 257 0.79 -7.98 19.98
C LEU A 257 -0.59 -8.08 19.38
N ASP A 258 -1.54 -7.29 19.88
CA ASP A 258 -2.91 -7.38 19.38
C ASP A 258 -3.00 -6.98 17.92
N ASP A 259 -2.14 -6.05 17.47
CA ASP A 259 -2.04 -5.71 16.06
C ASP A 259 -1.65 -6.93 15.23
N MET A 260 -0.63 -7.65 15.69
CA MET A 260 -0.19 -8.84 14.98
C MET A 260 -1.29 -9.88 14.91
N ILE A 261 -1.99 -10.09 16.03
CA ILE A 261 -3.05 -11.08 16.07
C ILE A 261 -4.16 -10.69 15.11
N GLU A 262 -4.55 -9.41 15.15
CA GLU A 262 -5.55 -8.88 14.23
C GLU A 262 -5.19 -9.21 12.78
N ASP A 263 -3.98 -8.88 12.35
CA ASP A 263 -3.56 -9.17 10.99
C ASP A 263 -3.58 -10.66 10.69
N ILE A 264 -3.07 -11.47 11.61
CA ILE A 264 -2.98 -12.92 11.36
C ILE A 264 -4.37 -13.52 11.21
N GLU A 265 -5.32 -13.12 12.05
CA GLU A 265 -6.63 -13.73 11.98
C GLU A 265 -7.36 -13.35 10.69
N CYS A 266 -7.16 -12.13 10.17
CA CYS A 266 -7.74 -11.77 8.87
C CYS A 266 -6.99 -12.43 7.72
N ILE A 267 -5.68 -12.65 7.88
CA ILE A 267 -4.92 -13.38 6.86
C ILE A 267 -5.53 -14.76 6.58
N LYS A 268 -6.19 -15.37 7.58
CA LYS A 268 -6.84 -16.67 7.39
C LYS A 268 -7.95 -16.65 6.33
N ALA A 269 -8.40 -15.45 5.92
CA ALA A 269 -9.45 -15.31 4.91
C ALA A 269 -8.92 -15.48 3.50
N PHE A 270 -7.61 -15.29 3.30
CA PHE A 270 -7.08 -15.52 1.98
C PHE A 270 -7.12 -17.01 1.69
N ASP A 271 -6.94 -17.35 0.43
CA ASP A 271 -6.94 -18.76 0.05
C ASP A 271 -5.82 -19.49 0.79
N GLN A 272 -5.96 -20.82 0.88
CA GLN A 272 -5.05 -21.62 1.70
C GLN A 272 -3.58 -21.44 1.34
N LEU A 273 -3.28 -21.31 0.05
CA LEU A 273 -1.89 -21.14 -0.36
C LEU A 273 -1.38 -19.78 0.05
N THR A 274 -2.15 -18.74 -0.20
CA THR A 274 -1.72 -17.39 0.12
C THR A 274 -1.49 -17.24 1.61
N GLN A 275 -2.38 -17.78 2.42
CA GLN A 275 -2.20 -17.59 3.86
C GLN A 275 -0.94 -18.29 4.34
N ASP A 276 -0.57 -19.40 3.72
CA ASP A 276 0.68 -20.04 4.07
C ASP A 276 1.86 -19.10 3.86
N VAL A 277 1.93 -18.50 2.67
CA VAL A 277 3.04 -17.59 2.38
C VAL A 277 3.07 -16.43 3.37
N PHE A 278 1.92 -15.77 3.60
CA PHE A 278 1.88 -14.65 4.54
C PHE A 278 2.37 -15.07 5.92
N LEU A 279 1.83 -16.17 6.44
CA LEU A 279 2.10 -16.57 7.83
C LEU A 279 3.51 -17.12 7.99
N ASP A 280 4.00 -17.90 7.00
CA ASP A 280 5.39 -18.33 7.04
C ASP A 280 6.33 -17.13 7.00
N LEU A 281 5.93 -16.08 6.27
CA LEU A 281 6.75 -14.88 6.22
C LEU A 281 6.88 -14.25 7.61
N ILE A 282 5.76 -14.02 8.28
CA ILE A 282 5.80 -13.36 9.58
C ILE A 282 6.48 -14.24 10.63
N TYR A 283 6.08 -15.50 10.68
CA TYR A 283 6.61 -16.41 11.69
C TYR A 283 8.08 -16.76 11.40
N GLY A 284 8.40 -17.01 10.14
CA GLY A 284 9.78 -17.27 9.77
C GLY A 284 10.70 -16.09 10.06
N ASN A 285 10.20 -14.86 9.83
CA ASN A 285 11.02 -13.70 10.18
C ASN A 285 11.35 -13.69 11.66
N PHE A 286 10.38 -14.07 12.50
CA PHE A 286 10.63 -14.13 13.94
C PHE A 286 11.69 -15.19 14.25
N VAL A 287 11.57 -16.38 13.67
CA VAL A 287 12.55 -17.44 13.95
C VAL A 287 13.94 -17.01 13.55
N TRP A 288 14.07 -16.43 12.36
CA TRP A 288 15.36 -15.95 11.87
C TRP A 288 15.91 -14.83 12.74
N THR A 289 15.07 -13.84 13.08
CA THR A 289 15.50 -12.71 13.89
C THR A 289 16.07 -13.16 15.24
N THR A 290 15.43 -14.14 15.89
CA THR A 290 15.88 -14.53 17.22
C THR A 290 17.08 -15.48 17.20
N SER A 291 17.48 -15.97 16.04
CA SER A 291 18.65 -16.83 15.94
C SER A 291 19.84 -16.11 15.31
N ASN A 292 19.66 -14.86 14.88
CA ASN A 292 20.61 -14.13 14.06
C ASN A 292 21.44 -13.17 14.90
N LYS A 293 22.76 -13.26 14.78
CA LYS A 293 23.68 -12.40 15.51
C LYS A 293 23.48 -10.93 15.16
N ARG A 294 22.95 -10.67 13.96
CA ARG A 294 22.60 -9.30 13.60
C ARG A 294 21.76 -8.64 14.70
N TYR A 295 20.87 -9.40 15.32
CA TYR A 295 19.83 -8.85 16.18
C TYR A 295 20.09 -9.05 17.68
N LYS A 296 21.35 -9.14 18.08
CA LYS A 296 21.68 -9.30 19.50
C LYS A 296 22.46 -8.11 20.06
N THR A 297 23.75 -7.98 19.74
CA THR A 297 24.53 -6.83 20.17
C THR A 297 24.19 -5.62 19.31
N ALA A 298 24.33 -4.44 19.91
CA ALA A 298 24.04 -3.21 19.18
C ALA A 298 25.02 -3.03 18.02
N VAL A 299 26.26 -3.47 18.19
CA VAL A 299 27.29 -3.31 17.17
C VAL A 299 28.11 -4.59 17.11
N ASN A 300 28.09 -5.27 15.96
CA ASN A 300 28.92 -6.45 15.72
C ASN A 300 29.27 -6.50 14.24
N ASP A 301 29.97 -7.57 13.85
CA ASP A 301 30.54 -7.60 12.52
C ASP A 301 29.54 -7.92 11.41
N VAL A 302 28.34 -8.38 11.72
CA VAL A 302 27.31 -8.61 10.71
C VAL A 302 26.21 -7.56 10.72
N ASN A 303 26.40 -6.45 11.41
CA ASN A 303 25.39 -5.38 11.42
C ASN A 303 26.01 -3.99 11.55
N SER A 304 27.32 -3.90 11.59
CA SER A 304 27.96 -2.61 11.83
C SER A 304 27.78 -1.72 10.63
N ARG A 305 28.05 -0.44 10.82
CA ARG A 305 27.99 0.50 9.73
C ARG A 305 29.03 0.18 8.66
N ILE A 306 28.56 -0.05 7.44
CA ILE A 306 29.43 -0.11 6.28
C ILE A 306 29.73 1.33 5.92
N GLN A 307 30.95 1.77 6.20
CA GLN A 307 31.27 3.18 6.08
C GLN A 307 32.25 3.39 4.94
N GLY B 9 -38.92 -11.48 7.57
CA GLY B 9 -37.89 -10.48 7.86
C GLY B 9 -38.45 -9.07 7.84
N ALA B 10 -37.70 -8.11 8.39
CA ALA B 10 -38.08 -6.70 8.29
C ALA B 10 -36.89 -5.75 8.46
N GLN B 11 -36.76 -4.81 7.53
CA GLN B 11 -35.67 -3.84 7.43
C GLN B 11 -35.24 -3.26 8.78
N ASP B 12 -33.92 -3.19 8.99
CA ASP B 12 -33.34 -2.29 9.99
C ASP B 12 -33.13 -0.92 9.32
N ILE B 13 -34.25 -0.22 9.16
CA ILE B 13 -34.20 1.10 8.51
C ILE B 13 -33.36 2.06 9.32
N GLY B 14 -33.21 1.83 10.64
CA GLY B 14 -32.43 2.74 11.45
C GLY B 14 -30.96 2.78 11.07
N ARG B 15 -30.44 1.70 10.51
CA ARG B 15 -29.08 1.67 10.03
C ARG B 15 -29.00 1.82 8.51
N SER B 16 -30.12 2.05 7.84
CA SER B 16 -30.09 2.12 6.40
C SER B 16 -29.63 3.48 5.87
N SER B 17 -29.35 4.45 6.73
CA SER B 17 -29.22 5.83 6.24
C SER B 17 -28.43 6.72 7.19
N VAL B 18 -27.50 7.49 6.64
CA VAL B 18 -26.84 8.54 7.40
C VAL B 18 -27.50 9.90 7.17
N ARG B 19 -28.65 9.91 6.48
CA ARG B 19 -29.36 11.15 6.19
C ARG B 19 -29.60 12.03 7.41
N PRO B 20 -30.00 11.51 8.58
CA PRO B 20 -30.12 12.38 9.77
C PRO B 20 -28.89 13.22 10.06
N TYR B 21 -27.69 12.76 9.72
CA TYR B 21 -26.44 13.44 10.06
C TYR B 21 -25.89 14.27 8.91
N LEU B 22 -26.61 14.37 7.81
CA LEU B 22 -26.04 14.92 6.58
C LEU B 22 -25.55 16.35 6.77
N GLU B 23 -26.38 17.23 7.34
CA GLU B 23 -25.99 18.63 7.43
C GLU B 23 -24.83 18.82 8.40
N GLU B 24 -24.90 18.18 9.56
CA GLU B 24 -23.90 18.45 10.59
C GLU B 24 -22.54 17.85 10.19
N CYS B 25 -22.54 16.65 9.59
CA CYS B 25 -21.28 16.06 9.13
C CYS B 25 -20.67 16.88 7.99
N THR B 26 -21.49 17.33 7.04
CA THR B 26 -20.98 18.17 5.97
C THR B 26 -20.29 19.40 6.55
N ARG B 27 -20.96 20.03 7.49
CA ARG B 27 -20.43 21.20 8.16
C ARG B 27 -19.09 20.90 8.82
N ARG B 28 -19.01 19.77 9.52
CA ARG B 28 -17.80 19.44 10.25
C ARG B 28 -16.64 19.07 9.31
N PHE B 29 -16.93 18.31 8.25
CA PHE B 29 -15.92 18.09 7.21
C PHE B 29 -15.35 19.40 6.73
N GLN B 30 -16.23 20.34 6.34
CA GLN B 30 -15.76 21.61 5.79
C GLN B 30 -14.97 22.39 6.82
N GLU B 31 -15.42 22.40 8.09
CA GLU B 31 -14.67 23.12 9.12
C GLU B 31 -13.28 22.54 9.26
N MET B 32 -13.18 21.21 9.14
CA MET B 32 -11.88 20.56 9.27
C MET B 32 -10.96 20.97 8.12
N PHE B 33 -11.47 20.91 6.88
CA PHE B 33 -10.67 21.36 5.74
C PHE B 33 -10.25 22.81 5.89
N ASP B 34 -11.14 23.65 6.45
CA ASP B 34 -10.83 25.07 6.59
C ASP B 34 -9.71 25.32 7.57
N ARG B 35 -9.68 24.55 8.68
CA ARG B 35 -8.61 24.80 9.64
C ARG B 35 -7.32 24.07 9.27
N HIS B 36 -7.38 22.97 8.51
CA HIS B 36 -6.16 22.20 8.23
C HIS B 36 -5.64 22.30 6.79
N VAL B 37 -6.49 22.41 5.77
CA VAL B 37 -6.03 22.54 4.40
C VAL B 37 -5.97 24.00 3.96
N VAL B 38 -7.06 24.73 4.14
CA VAL B 38 -7.15 26.19 4.23
C VAL B 38 -7.53 26.80 2.89
N THR B 39 -6.93 26.32 1.80
CA THR B 39 -7.20 26.90 0.49
C THR B 39 -8.16 26.02 -0.31
N ARG B 40 -9.04 26.66 -1.08
CA ARG B 40 -10.00 25.93 -1.89
C ARG B 40 -9.28 25.12 -2.98
N PRO B 41 -9.80 23.94 -3.33
CA PRO B 41 -9.38 23.31 -4.58
C PRO B 41 -9.84 24.14 -5.78
N THR B 42 -9.26 23.82 -6.94
CA THR B 42 -9.45 24.58 -8.19
C THR B 42 -9.95 23.64 -9.27
N LYS B 43 -11.05 23.99 -9.93
CA LYS B 43 -11.55 23.16 -11.00
C LYS B 43 -10.69 23.33 -12.25
N VAL B 44 -10.27 22.22 -12.86
CA VAL B 44 -9.63 22.23 -14.17
C VAL B 44 -10.69 22.55 -15.23
N GLU B 45 -10.36 23.47 -16.15
CA GLU B 45 -11.23 23.75 -17.29
C GLU B 45 -10.64 23.12 -18.55
N LEU B 46 -11.41 22.25 -19.19
CA LEU B 46 -11.11 21.75 -20.52
C LEU B 46 -11.88 22.55 -21.57
N THR B 47 -11.29 22.70 -22.77
CA THR B 47 -12.04 23.38 -23.82
C THR B 47 -13.15 22.48 -24.35
N ASP B 48 -13.76 22.93 -25.44
CA ASP B 48 -14.92 22.25 -26.01
C ASP B 48 -14.52 21.20 -27.03
N ALA B 49 -13.25 21.12 -27.40
CA ALA B 49 -12.80 19.86 -28.01
C ALA B 49 -12.68 18.82 -26.91
N GLU B 50 -12.25 19.26 -25.74
CA GLU B 50 -11.62 18.36 -24.78
C GLU B 50 -12.66 17.55 -24.00
N LEU B 51 -13.69 18.21 -23.45
CA LEU B 51 -14.73 17.48 -22.73
C LEU B 51 -15.34 16.38 -23.59
N ARG B 52 -15.64 16.70 -24.85
CA ARG B 52 -16.23 15.71 -25.74
C ARG B 52 -15.21 14.66 -26.19
N GLU B 53 -13.96 15.08 -26.40
CA GLU B 53 -12.92 14.12 -26.77
C GLU B 53 -12.75 13.07 -25.67
N VAL B 54 -12.80 13.51 -24.41
CA VAL B 54 -12.70 12.57 -23.30
C VAL B 54 -13.85 11.57 -23.35
N ILE B 55 -15.08 12.05 -23.55
CA ILE B 55 -16.25 11.17 -23.55
C ILE B 55 -16.18 10.19 -24.71
N ASP B 56 -15.72 10.63 -25.89
CA ASP B 56 -15.63 9.70 -27.02
C ASP B 56 -14.57 8.63 -26.75
N ASP B 57 -13.46 8.99 -26.10
CA ASP B 57 -12.50 7.98 -25.62
C ASP B 57 -13.16 7.01 -24.65
N CYS B 58 -13.97 7.52 -23.71
CA CYS B 58 -14.67 6.67 -22.77
C CYS B 58 -15.66 5.73 -23.48
N ASN B 59 -16.42 6.27 -24.44
CA ASN B 59 -17.39 5.45 -25.15
C ASN B 59 -16.70 4.37 -25.96
N ALA B 60 -15.60 4.72 -26.63
CA ALA B 60 -14.84 3.71 -27.37
C ALA B 60 -14.41 2.58 -26.46
N ALA B 61 -13.95 2.92 -25.25
CA ALA B 61 -13.37 1.94 -24.35
C ALA B 61 -14.40 0.97 -23.82
N VAL B 62 -15.57 1.47 -23.41
CA VAL B 62 -16.57 0.60 -22.79
C VAL B 62 -17.52 0.01 -23.80
N ALA B 63 -17.45 0.42 -25.07
CA ALA B 63 -18.24 -0.20 -26.12
C ALA B 63 -18.12 -1.72 -26.18
N PRO B 64 -16.95 -2.34 -26.04
CA PRO B 64 -16.92 -3.82 -26.05
C PRO B 64 -17.74 -4.46 -24.93
N LEU B 65 -18.16 -3.70 -23.91
CA LEU B 65 -18.99 -4.29 -22.88
C LEU B 65 -20.48 -4.23 -23.21
N GLY B 66 -20.87 -3.42 -24.20
CA GLY B 66 -22.19 -3.49 -24.79
C GLY B 66 -23.16 -2.41 -24.34
N LYS B 67 -22.87 -1.71 -23.26
CA LYS B 67 -23.85 -0.83 -22.63
C LYS B 67 -23.57 0.62 -23.02
N THR B 68 -24.63 1.40 -23.07
CA THR B 68 -24.52 2.83 -23.34
C THR B 68 -24.39 3.59 -22.03
N VAL B 69 -23.55 4.63 -22.03
CA VAL B 69 -23.41 5.54 -20.89
C VAL B 69 -23.69 6.96 -21.37
N SER B 70 -24.60 7.65 -20.68
CA SER B 70 -24.98 9.00 -21.09
C SER B 70 -23.86 10.00 -20.79
N ASP B 71 -23.86 11.10 -21.54
CA ASP B 71 -22.92 12.19 -21.26
C ASP B 71 -23.07 12.69 -19.83
N GLU B 72 -24.30 12.73 -19.32
CA GLU B 72 -24.50 13.18 -17.95
C GLU B 72 -23.82 12.22 -16.97
N ARG B 73 -23.89 10.92 -17.24
CA ARG B 73 -23.24 9.95 -16.36
C ARG B 73 -21.72 10.07 -16.45
N TRP B 74 -21.19 10.19 -17.67
CA TRP B 74 -19.76 10.45 -17.82
C TRP B 74 -19.35 11.69 -17.04
N ILE B 75 -20.15 12.76 -17.10
CA ILE B 75 -19.81 14.00 -16.42
C ILE B 75 -19.80 13.79 -14.91
N SER B 76 -20.70 12.94 -14.39
CA SER B 76 -20.67 12.60 -12.98
C SER B 76 -19.36 11.91 -12.60
N TYR B 77 -18.89 10.99 -13.44
CA TYR B 77 -17.63 10.31 -13.16
C TYR B 77 -16.46 11.26 -13.24
N VAL B 78 -16.43 12.12 -14.26
CA VAL B 78 -15.19 12.83 -14.59
C VAL B 78 -14.91 13.98 -13.63
N GLY B 79 -15.95 14.52 -12.96
CA GLY B 79 -15.75 15.66 -12.09
C GLY B 79 -14.70 15.45 -11.00
N VAL B 80 -14.55 14.21 -10.52
CA VAL B 80 -13.53 13.98 -9.49
C VAL B 80 -12.15 14.34 -10.02
N VAL B 81 -11.89 14.04 -11.29
CA VAL B 81 -10.59 14.41 -11.86
C VAL B 81 -10.48 15.93 -12.03
N LEU B 82 -11.56 16.56 -12.51
CA LEU B 82 -11.55 18.01 -12.71
C LEU B 82 -11.34 18.77 -11.41
N TRP B 83 -11.87 18.25 -10.29
CA TRP B 83 -11.79 18.95 -9.02
C TRP B 83 -10.62 18.54 -8.13
N SER B 84 -10.07 17.35 -8.31
CA SER B 84 -9.16 16.82 -7.30
C SER B 84 -7.74 16.62 -7.82
N GLN B 85 -7.42 17.12 -9.00
CA GLN B 85 -6.04 17.22 -9.41
C GLN B 85 -5.51 18.56 -8.88
N SER B 86 -4.38 19.02 -9.37
CA SER B 86 -3.75 20.22 -8.84
C SER B 86 -3.41 21.12 -10.02
N PRO B 87 -4.36 21.97 -10.46
CA PRO B 87 -4.18 22.66 -11.76
C PRO B 87 -2.94 23.54 -11.84
N ARG B 88 -2.54 24.19 -10.75
CA ARG B 88 -1.35 25.03 -10.80
C ARG B 88 -0.14 24.26 -11.34
N HIS B 89 -0.06 22.96 -11.08
CA HIS B 89 1.16 22.19 -11.32
C HIS B 89 1.12 21.33 -12.58
N ILE B 90 0.04 21.41 -13.37
CA ILE B 90 -0.05 20.56 -14.56
C ILE B 90 1.10 20.86 -15.51
N LYS B 91 1.82 19.81 -15.91
CA LYS B 91 2.80 19.89 -16.98
C LYS B 91 2.36 19.18 -18.24
N ASP B 92 1.46 18.21 -18.15
CA ASP B 92 1.15 17.32 -19.26
C ASP B 92 -0.36 17.16 -19.33
N MET B 93 -0.98 17.78 -20.34
CA MET B 93 -2.43 17.69 -20.49
C MET B 93 -2.87 16.44 -21.23
N GLU B 94 -1.99 15.83 -22.03
CA GLU B 94 -2.25 14.46 -22.50
C GLU B 94 -2.45 13.51 -21.32
N ALA B 95 -1.52 13.52 -20.36
CA ALA B 95 -1.64 12.68 -19.18
C ALA B 95 -2.91 13.00 -18.40
N PHE B 96 -3.27 14.29 -18.31
CA PHE B 96 -4.46 14.63 -17.54
C PHE B 96 -5.71 14.05 -18.20
N LYS B 97 -5.77 14.09 -19.54
CA LYS B 97 -6.92 13.51 -20.24
C LYS B 97 -6.95 11.99 -20.10
N ALA B 98 -5.77 11.34 -20.12
CA ALA B 98 -5.73 9.91 -19.82
C ALA B 98 -6.40 9.61 -18.48
N VAL B 99 -6.10 10.42 -17.46
CA VAL B 99 -6.68 10.18 -16.14
C VAL B 99 -8.19 10.39 -16.19
N CYS B 100 -8.66 11.41 -16.92
CA CYS B 100 -10.11 11.56 -17.10
C CYS B 100 -10.72 10.30 -17.68
N VAL B 101 -10.13 9.78 -18.75
CA VAL B 101 -10.70 8.60 -19.40
C VAL B 101 -10.58 7.37 -18.48
N LEU B 102 -9.38 7.12 -17.94
CA LEU B 102 -9.15 5.92 -17.15
C LEU B 102 -10.01 5.92 -15.90
N ASN B 103 -10.06 7.06 -15.20
CA ASN B 103 -10.98 7.19 -14.07
C ASN B 103 -12.40 6.83 -14.47
N CYS B 104 -12.89 7.40 -15.58
CA CYS B 104 -14.31 7.24 -15.93
C CYS B 104 -14.64 5.81 -16.32
N VAL B 105 -13.81 5.18 -17.16
CA VAL B 105 -14.20 3.85 -17.64
C VAL B 105 -14.06 2.82 -16.53
N THR B 106 -13.12 3.00 -15.59
CA THR B 106 -13.08 2.11 -14.44
C THR B 106 -14.19 2.40 -13.45
N PHE B 107 -14.74 3.61 -13.46
CA PHE B 107 -15.94 3.89 -12.68
C PHE B 107 -17.14 3.10 -13.21
N VAL B 108 -17.27 2.99 -14.53
CA VAL B 108 -18.29 2.13 -15.11
C VAL B 108 -18.13 0.70 -14.60
N TRP B 109 -16.90 0.20 -14.67
CA TRP B 109 -16.59 -1.16 -14.20
C TRP B 109 -17.01 -1.36 -12.74
N ASP B 110 -16.74 -0.34 -11.90
CA ASP B 110 -17.16 -0.33 -10.50
C ASP B 110 -18.67 -0.43 -10.35
N ASP B 111 -19.43 0.24 -11.22
CA ASP B 111 -20.89 0.24 -11.14
C ASP B 111 -21.51 -0.97 -11.81
N MET B 112 -20.70 -1.78 -12.47
CA MET B 112 -21.22 -2.82 -13.33
C MET B 112 -21.48 -4.11 -12.56
N ASP B 113 -22.59 -4.74 -12.90
CA ASP B 113 -22.78 -6.13 -12.55
C ASP B 113 -21.57 -6.94 -13.01
N PRO B 114 -21.04 -7.82 -12.17
CA PRO B 114 -19.83 -8.55 -12.53
C PRO B 114 -19.99 -9.55 -13.67
N ALA B 115 -21.22 -9.75 -14.17
CA ALA B 115 -21.39 -10.50 -15.41
C ALA B 115 -21.00 -9.69 -16.63
N LEU B 116 -21.16 -8.36 -16.57
CA LEU B 116 -20.77 -7.50 -17.68
C LEU B 116 -19.28 -7.36 -17.84
N HIS B 117 -18.49 -7.67 -16.82
CA HIS B 117 -17.04 -7.59 -16.90
C HIS B 117 -16.59 -8.56 -18.00
N ASP B 118 -15.70 -8.11 -18.88
CA ASP B 118 -15.09 -8.98 -19.88
C ASP B 118 -13.63 -8.55 -19.97
N PHE B 119 -12.76 -9.26 -19.25
CA PHE B 119 -11.35 -8.89 -19.26
C PHE B 119 -10.77 -9.01 -20.67
N GLY B 120 -11.16 -10.05 -21.40
CA GLY B 120 -10.61 -10.27 -22.73
C GLY B 120 -11.00 -9.21 -23.72
N LEU B 121 -12.04 -8.44 -23.40
CA LEU B 121 -12.43 -7.34 -24.28
C LEU B 121 -11.98 -5.99 -23.72
N PHE B 122 -12.05 -5.84 -22.39
CA PHE B 122 -11.84 -4.53 -21.78
C PHE B 122 -10.36 -4.18 -21.58
N LEU B 123 -9.52 -5.14 -21.15
CA LEU B 123 -8.10 -4.81 -20.97
C LEU B 123 -7.43 -4.26 -22.22
N PRO B 124 -7.66 -4.81 -23.43
CA PRO B 124 -7.06 -4.18 -24.63
C PRO B 124 -7.43 -2.71 -24.81
N GLN B 125 -8.66 -2.32 -24.49
CA GLN B 125 -9.03 -0.91 -24.56
C GLN B 125 -8.24 -0.07 -23.58
N LEU B 126 -8.01 -0.60 -22.36
CA LEU B 126 -7.25 0.17 -21.37
C LEU B 126 -5.85 0.48 -21.88
N ARG B 127 -5.17 -0.50 -22.47
CA ARG B 127 -3.83 -0.21 -22.99
C ARG B 127 -3.88 0.62 -24.26
N LYS B 128 -4.94 0.45 -25.07
CA LYS B 128 -5.11 1.34 -26.22
C LYS B 128 -5.25 2.78 -25.77
N ILE B 129 -5.78 2.99 -24.56
CA ILE B 129 -5.92 4.35 -24.05
C ILE B 129 -4.60 4.83 -23.47
N CYS B 130 -3.89 3.94 -22.78
CA CYS B 130 -2.61 4.33 -22.17
C CYS B 130 -1.60 4.76 -23.24
N GLU B 131 -1.68 4.18 -24.44
CA GLU B 131 -0.74 4.57 -25.50
C GLU B 131 -1.13 5.89 -26.15
N LYS B 132 -2.42 6.15 -26.32
CA LYS B 132 -2.86 7.40 -26.94
C LYS B 132 -2.26 8.61 -26.22
N TYR B 133 -2.24 8.57 -24.88
CA TYR B 133 -1.93 9.75 -24.09
C TYR B 133 -0.57 9.73 -23.42
N TYR B 134 0.03 8.55 -23.18
CA TYR B 134 1.28 8.48 -22.43
C TYR B 134 2.45 8.09 -23.33
N GLY B 135 3.58 8.74 -23.09
CA GLY B 135 4.85 8.26 -23.57
C GLY B 135 5.11 6.85 -23.12
N PRO B 136 6.18 6.24 -23.65
CA PRO B 136 6.26 4.77 -23.67
C PRO B 136 6.42 4.11 -22.31
N GLU B 137 7.29 4.63 -21.45
CA GLU B 137 7.47 4.06 -20.12
C GLU B 137 6.25 4.33 -19.24
N ASP B 138 5.72 5.55 -19.30
CA ASP B 138 4.53 5.91 -18.53
C ASP B 138 3.36 4.97 -18.81
N ALA B 139 3.15 4.61 -20.09
CA ALA B 139 1.96 3.85 -20.45
C ALA B 139 1.93 2.48 -19.79
N GLU B 140 3.10 1.87 -19.58
CA GLU B 140 3.10 0.55 -18.96
C GLU B 140 2.77 0.64 -17.47
N VAL B 141 3.19 1.70 -16.79
CA VAL B 141 2.89 1.84 -15.37
C VAL B 141 1.42 2.17 -15.15
N ALA B 142 0.87 3.08 -15.96
CA ALA B 142 -0.55 3.40 -15.85
C ALA B 142 -1.41 2.21 -16.22
N TYR B 143 -0.99 1.43 -17.22
CA TYR B 143 -1.76 0.23 -17.57
C TYR B 143 -1.76 -0.80 -16.44
N GLU B 144 -0.60 -1.10 -15.86
CA GLU B 144 -0.55 -2.08 -14.77
C GLU B 144 -1.46 -1.68 -13.61
N ALA B 145 -1.48 -0.40 -13.27
CA ALA B 145 -2.33 0.05 -12.17
C ALA B 145 -3.81 -0.07 -12.53
N ALA B 146 -4.18 0.25 -13.77
CA ALA B 146 -5.59 0.10 -14.18
C ALA B 146 -6.00 -1.37 -14.20
N ARG B 147 -5.13 -2.22 -14.74
CA ARG B 147 -5.37 -3.67 -14.73
C ARG B 147 -5.55 -4.19 -13.31
N ALA B 148 -4.64 -3.82 -12.41
CA ALA B 148 -4.74 -4.31 -11.04
C ALA B 148 -6.03 -3.81 -10.37
N PHE B 149 -6.43 -2.56 -10.65
CA PHE B 149 -7.68 -2.10 -10.04
C PHE B 149 -8.88 -2.88 -10.57
N VAL B 150 -9.01 -3.05 -11.89
CA VAL B 150 -10.22 -3.68 -12.39
C VAL B 150 -10.24 -5.16 -12.01
N THR B 151 -9.07 -5.78 -11.90
CA THR B 151 -9.00 -7.16 -11.42
C THR B 151 -9.40 -7.26 -9.95
N SER B 152 -8.95 -6.29 -9.14
CA SER B 152 -9.33 -6.25 -7.72
C SER B 152 -10.84 -6.08 -7.55
N ASP B 153 -11.43 -5.08 -8.23
CA ASP B 153 -12.86 -4.88 -8.07
C ASP B 153 -13.64 -6.13 -8.43
N HIS B 154 -13.18 -6.84 -9.46
CA HIS B 154 -13.84 -8.07 -9.89
C HIS B 154 -13.68 -9.18 -8.86
N MET B 155 -12.43 -9.51 -8.50
CA MET B 155 -12.22 -10.72 -7.71
C MET B 155 -12.81 -10.59 -6.31
N PHE B 156 -12.95 -9.37 -5.79
CA PHE B 156 -13.45 -9.22 -4.43
C PHE B 156 -14.95 -9.10 -4.31
N ARG B 157 -15.70 -9.19 -5.41
CA ARG B 157 -17.16 -9.19 -5.30
C ARG B 157 -17.61 -10.36 -4.44
N ASP B 158 -18.46 -10.08 -3.44
CA ASP B 158 -18.93 -11.10 -2.48
C ASP B 158 -17.84 -12.10 -2.03
N SER B 159 -16.59 -11.64 -1.80
CA SER B 159 -15.39 -12.40 -1.36
C SER B 159 -15.29 -12.46 0.17
N PRO B 160 -14.85 -13.60 0.74
CA PRO B 160 -14.63 -13.64 2.20
C PRO B 160 -13.51 -12.73 2.65
N ILE B 161 -12.50 -12.51 1.82
CA ILE B 161 -11.45 -11.57 2.20
C ILE B 161 -12.04 -10.18 2.38
N LYS B 162 -12.92 -9.79 1.47
CA LYS B 162 -13.58 -8.48 1.63
C LYS B 162 -14.36 -8.43 2.93
N ALA B 163 -15.16 -9.45 3.22
CA ALA B 163 -15.92 -9.48 4.46
C ALA B 163 -15.00 -9.36 5.66
N ALA B 164 -13.90 -10.11 5.67
CA ALA B 164 -12.98 -10.02 6.80
C ALA B 164 -12.41 -8.61 6.94
N LEU B 165 -11.88 -8.05 5.85
CA LEU B 165 -11.22 -6.74 5.95
C LEU B 165 -12.22 -5.62 6.21
N CYS B 166 -13.46 -5.76 5.76
CA CYS B 166 -14.43 -4.68 5.91
C CYS B 166 -15.24 -4.74 7.19
N THR B 167 -15.20 -5.85 7.92
CA THR B 167 -16.01 -5.99 9.13
C THR B 167 -15.19 -6.13 10.42
N THR B 168 -13.86 -6.05 10.36
CA THR B 168 -13.01 -6.28 11.54
C THR B 168 -12.66 -5.00 12.28
N SER B 169 -12.01 -4.04 11.61
CA SER B 169 -11.60 -2.80 12.26
C SER B 169 -11.39 -1.74 11.19
N PRO B 170 -11.41 -0.45 11.56
CA PRO B 170 -11.15 0.59 10.55
C PRO B 170 -9.80 0.41 9.87
N GLU B 171 -8.80 -0.05 10.62
CA GLU B 171 -7.46 -0.20 10.07
C GLU B 171 -7.34 -1.46 9.18
N GLN B 172 -8.19 -2.47 9.34
CA GLN B 172 -8.20 -3.50 8.28
C GLN B 172 -8.92 -2.96 7.04
N TYR B 173 -9.99 -2.21 7.27
CA TYR B 173 -10.80 -1.72 6.18
C TYR B 173 -10.00 -0.77 5.29
N PHE B 174 -9.34 0.23 5.88
CA PHE B 174 -8.61 1.19 5.06
C PHE B 174 -7.44 0.54 4.32
N ARG B 175 -6.89 -0.53 4.88
CA ARG B 175 -5.88 -1.30 4.17
C ARG B 175 -6.45 -1.88 2.87
N PHE B 176 -7.70 -2.36 2.90
CA PHE B 176 -8.34 -2.81 1.67
C PHE B 176 -8.55 -1.66 0.69
N ARG B 177 -8.87 -0.47 1.20
CA ARG B 177 -9.29 0.61 0.31
C ARG B 177 -8.11 1.30 -0.37
N VAL B 178 -6.88 1.10 0.09
CA VAL B 178 -5.74 1.67 -0.63
C VAL B 178 -5.84 1.31 -2.10
N THR B 179 -6.22 0.06 -2.39
CA THR B 179 -6.45 -0.40 -3.74
C THR B 179 -7.89 -0.18 -4.19
N ASP B 180 -8.84 -0.61 -3.38
CA ASP B 180 -10.22 -0.70 -3.84
C ASP B 180 -10.85 0.67 -4.11
N ILE B 181 -10.48 1.71 -3.36
CA ILE B 181 -11.05 3.00 -3.71
C ILE B 181 -10.34 3.60 -4.92
N GLY B 182 -9.32 2.93 -5.46
CA GLY B 182 -8.71 3.37 -6.69
C GLY B 182 -7.61 4.39 -6.56
N VAL B 183 -7.23 4.77 -5.34
CA VAL B 183 -6.30 5.88 -5.20
C VAL B 183 -4.88 5.46 -5.57
N ASP B 184 -4.48 4.21 -5.30
CA ASP B 184 -3.16 3.80 -5.76
C ASP B 184 -3.06 3.91 -7.28
N PHE B 185 -4.07 3.40 -7.97
CA PHE B 185 -4.20 3.54 -9.42
C PHE B 185 -4.13 5.02 -9.81
N TRP B 186 -4.92 5.86 -9.13
CA TRP B 186 -4.93 7.30 -9.38
C TRP B 186 -3.53 7.90 -9.35
N MET B 187 -2.76 7.58 -8.29
CA MET B 187 -1.43 8.17 -8.18
C MET B 187 -0.52 7.70 -9.31
N LYS B 188 -0.61 6.40 -9.65
CA LYS B 188 0.30 5.84 -10.64
C LYS B 188 -0.04 6.30 -12.05
N MET B 189 -1.27 6.75 -12.31
CA MET B 189 -1.57 7.33 -13.60
C MET B 189 -1.51 8.86 -13.60
N SER B 190 -1.45 9.50 -12.44
CA SER B 190 -1.40 10.96 -12.36
C SER B 190 0.01 11.53 -12.29
N TYR B 191 1.03 10.76 -11.87
CA TYR B 191 2.35 11.36 -11.76
C TYR B 191 2.86 11.95 -13.08
N PRO B 192 2.59 11.40 -14.25
CA PRO B 192 3.05 12.08 -15.47
C PRO B 192 2.42 13.44 -15.69
N ILE B 193 1.30 13.75 -15.03
CA ILE B 193 0.70 15.08 -15.15
C ILE B 193 1.68 16.14 -14.65
N TYR B 194 2.44 15.83 -13.61
CA TYR B 194 3.22 16.81 -12.86
C TYR B 194 4.71 16.78 -13.15
N ARG B 195 5.25 15.63 -13.62
CA ARG B 195 6.68 15.46 -13.94
C ARG B 195 7.58 15.95 -12.78
N HIS B 196 7.13 15.68 -11.56
CA HIS B 196 7.81 16.12 -10.35
C HIS B 196 8.49 14.92 -9.70
N PRO B 197 9.82 14.90 -9.61
CA PRO B 197 10.53 13.65 -9.28
C PRO B 197 10.08 12.98 -7.99
N GLU B 198 9.99 13.71 -6.87
CA GLU B 198 9.57 13.08 -5.62
C GLU B 198 8.13 12.60 -5.67
N PHE B 199 7.25 13.34 -6.35
CA PHE B 199 5.87 12.89 -6.44
C PHE B 199 5.80 11.55 -7.16
N THR B 200 6.58 11.40 -8.23
CA THR B 200 6.62 10.15 -8.98
C THR B 200 7.11 9.01 -8.09
N GLU B 201 8.08 9.27 -7.21
CA GLU B 201 8.53 8.22 -6.31
C GLU B 201 7.46 7.87 -5.28
N HIS B 202 6.83 8.88 -4.67
CA HIS B 202 5.78 8.58 -3.70
C HIS B 202 4.61 7.84 -4.36
N ALA B 203 4.35 8.15 -5.63
CA ALA B 203 3.35 7.41 -6.37
C ALA B 203 3.79 5.96 -6.56
N LYS B 204 5.03 5.75 -6.95
CA LYS B 204 5.44 4.40 -7.31
C LYS B 204 5.66 3.49 -6.09
N THR B 205 6.02 4.03 -4.94
CA THR B 205 6.06 3.24 -3.70
C THR B 205 4.68 3.01 -3.10
N SER B 206 3.67 3.78 -3.55
CA SER B 206 2.31 3.80 -3.02
C SER B 206 2.22 4.53 -1.67
N LEU B 207 3.30 5.13 -1.18
CA LEU B 207 3.18 5.99 -0.01
C LEU B 207 2.19 7.13 -0.26
N ALA B 208 2.15 7.63 -1.50
CA ALA B 208 1.18 8.67 -1.85
C ALA B 208 -0.23 8.18 -1.62
N ALA B 209 -0.54 6.97 -2.10
CA ALA B 209 -1.86 6.40 -1.90
C ALA B 209 -2.13 6.14 -0.42
N ARG B 210 -1.13 5.61 0.30
CA ARG B 210 -1.38 5.31 1.71
C ARG B 210 -1.66 6.58 2.51
N MET B 211 -1.07 7.73 2.15
CA MET B 211 -1.30 8.94 2.93
C MET B 211 -2.67 9.54 2.66
N THR B 212 -3.27 9.25 1.51
CA THR B 212 -4.51 9.93 1.10
C THR B 212 -5.72 9.02 1.19
N THR B 213 -5.53 7.72 1.47
CA THR B 213 -6.63 6.77 1.44
C THR B 213 -7.73 7.14 2.42
N ARG B 214 -7.38 7.45 3.67
CA ARG B 214 -8.45 7.67 4.65
C ARG B 214 -9.25 8.94 4.35
N GLY B 215 -8.57 10.00 3.93
CA GLY B 215 -9.27 11.23 3.61
C GLY B 215 -10.25 11.06 2.46
N LEU B 216 -9.85 10.31 1.43
CA LEU B 216 -10.78 10.03 0.33
C LEU B 216 -11.90 9.12 0.78
N THR B 217 -11.55 8.05 1.48
CA THR B 217 -12.50 7.00 1.76
C THR B 217 -13.57 7.43 2.76
N ILE B 218 -13.16 8.13 3.82
CA ILE B 218 -14.12 8.52 4.84
C ILE B 218 -15.19 9.42 4.22
N VAL B 219 -14.78 10.35 3.38
CA VAL B 219 -15.72 11.22 2.69
C VAL B 219 -16.58 10.43 1.72
N ASN B 220 -15.97 9.59 0.88
CA ASN B 220 -16.77 8.80 -0.05
C ASN B 220 -17.77 7.94 0.71
N ASP B 221 -17.31 7.26 1.78
CA ASP B 221 -18.19 6.33 2.50
C ASP B 221 -19.39 7.06 3.09
N PHE B 222 -19.16 8.26 3.65
CA PHE B 222 -20.28 8.94 4.28
C PHE B 222 -21.38 9.23 3.26
N TYR B 223 -20.99 9.75 2.10
CA TYR B 223 -21.98 10.20 1.14
C TYR B 223 -22.49 9.09 0.22
N SER B 224 -21.82 7.93 0.17
CA SER B 224 -22.33 6.82 -0.63
C SER B 224 -22.94 5.72 0.23
N TYR B 225 -23.01 5.92 1.55
CA TYR B 225 -23.54 4.92 2.47
C TYR B 225 -24.95 4.47 2.09
N ASP B 226 -25.84 5.43 1.80
CA ASP B 226 -27.24 5.06 1.57
C ASP B 226 -27.38 4.18 0.34
N ARG B 227 -26.70 4.53 -0.75
CA ARG B 227 -26.75 3.71 -1.96
C ARG B 227 -26.13 2.34 -1.70
N GLU B 228 -25.00 2.31 -1.00
CA GLU B 228 -24.32 1.04 -0.83
C GLU B 228 -25.10 0.09 0.09
N VAL B 229 -25.67 0.59 1.18
CA VAL B 229 -26.48 -0.32 1.99
C VAL B 229 -27.74 -0.71 1.21
N SER B 230 -28.26 0.21 0.38
CA SER B 230 -29.31 -0.10 -0.58
C SER B 230 -29.02 -1.39 -1.36
N LEU B 231 -27.81 -1.52 -1.89
CA LEU B 231 -27.47 -2.62 -2.80
C LEU B 231 -26.80 -3.80 -2.11
N GLY B 232 -26.55 -3.73 -0.80
CA GLY B 232 -25.82 -4.80 -0.13
C GLY B 232 -24.32 -4.79 -0.34
N GLN B 233 -23.74 -3.63 -0.61
CA GLN B 233 -22.28 -3.52 -0.69
C GLN B 233 -21.72 -3.22 0.69
N ILE B 234 -20.75 -4.02 1.14
CA ILE B 234 -20.26 -3.88 2.51
C ILE B 234 -19.01 -3.03 2.61
N THR B 235 -18.52 -2.52 1.49
CA THR B 235 -17.26 -1.76 1.52
C THR B 235 -17.55 -0.30 1.90
N ASN B 236 -17.70 -0.09 3.21
CA ASN B 236 -18.05 1.23 3.75
C ASN B 236 -17.76 1.26 5.25
N CYS B 237 -16.91 2.17 5.70
CA CYS B 237 -16.48 2.11 7.09
C CYS B 237 -17.61 2.43 8.07
N PHE B 238 -18.65 3.16 7.64
CA PHE B 238 -19.72 3.41 8.60
C PHE B 238 -20.60 2.18 8.87
N ARG B 239 -20.45 1.10 8.09
CA ARG B 239 -21.04 -0.17 8.51
C ARG B 239 -20.34 -0.75 9.75
N LEU B 240 -19.16 -0.25 10.10
CA LEU B 240 -18.45 -0.69 11.31
C LEU B 240 -18.96 -0.04 12.58
N CYS B 241 -19.87 0.93 12.49
CA CYS B 241 -20.50 1.50 13.67
C CYS B 241 -22.00 1.31 13.53
N ASP B 242 -22.72 1.62 14.61
CA ASP B 242 -24.17 1.52 14.60
C ASP B 242 -24.72 2.92 14.29
N VAL B 243 -24.96 3.19 13.01
CA VAL B 243 -25.40 4.53 12.65
C VAL B 243 -26.76 4.87 13.26
N SER B 244 -27.55 3.88 13.70
CA SER B 244 -28.83 4.19 14.34
C SER B 244 -28.67 4.72 15.75
N ASP B 245 -27.48 4.68 16.33
CA ASP B 245 -27.21 5.16 17.68
C ASP B 245 -26.45 6.46 17.53
N GLU B 246 -27.13 7.58 17.81
CA GLU B 246 -26.52 8.88 17.59
C GLU B 246 -25.20 9.01 18.34
N THR B 247 -25.17 8.58 19.60
CA THR B 247 -23.93 8.63 20.37
C THR B 247 -22.83 7.82 19.71
N ALA B 248 -23.13 6.57 19.34
CA ALA B 248 -22.11 5.73 18.75
C ALA B 248 -21.66 6.29 17.40
N PHE B 249 -22.61 6.75 16.59
CA PHE B 249 -22.24 7.29 15.29
C PHE B 249 -21.30 8.48 15.47
N LYS B 250 -21.59 9.34 16.44
CA LYS B 250 -20.86 10.60 16.50
C LYS B 250 -19.45 10.41 17.06
N GLU B 251 -19.22 9.46 17.95
CA GLU B 251 -17.85 9.25 18.40
C GLU B 251 -17.05 8.52 17.31
N PHE B 252 -17.70 7.64 16.56
CA PHE B 252 -17.07 7.03 15.39
C PHE B 252 -16.70 8.10 14.37
N PHE B 253 -17.65 9.00 14.09
CA PHE B 253 -17.39 10.06 13.12
C PHE B 253 -16.22 10.94 13.58
N GLN B 254 -16.20 11.31 14.86
CA GLN B 254 -15.06 12.05 15.41
C GLN B 254 -13.77 11.27 15.24
N ALA B 255 -13.79 9.97 15.50
CA ALA B 255 -12.59 9.16 15.32
C ALA B 255 -12.12 9.22 13.86
N ARG B 256 -13.04 9.23 12.91
CA ARG B 256 -12.65 9.31 11.50
C ARG B 256 -12.13 10.72 11.16
N LEU B 257 -12.77 11.76 11.72
CA LEU B 257 -12.22 13.11 11.60
C LEU B 257 -10.78 13.18 12.10
N ASP B 258 -10.54 12.63 13.30
CA ASP B 258 -9.19 12.62 13.85
C ASP B 258 -8.21 11.92 12.90
N ASP B 259 -8.63 10.81 12.29
CA ASP B 259 -7.79 10.10 11.32
C ASP B 259 -7.40 11.03 10.17
N MET B 260 -8.40 11.73 9.63
CA MET B 260 -8.15 12.64 8.51
C MET B 260 -7.17 13.72 8.90
N ILE B 261 -7.35 14.31 10.09
CA ILE B 261 -6.50 15.41 10.54
C ILE B 261 -5.06 14.94 10.70
N GLU B 262 -4.86 13.78 11.33
CA GLU B 262 -3.50 13.32 11.53
C GLU B 262 -2.82 13.07 10.19
N ASP B 263 -3.55 12.51 9.22
CA ASP B 263 -3.01 12.32 7.87
C ASP B 263 -2.64 13.66 7.25
N ILE B 264 -3.53 14.63 7.36
CA ILE B 264 -3.28 15.92 6.71
C ILE B 264 -2.08 16.62 7.33
N GLU B 265 -1.95 16.59 8.66
CA GLU B 265 -0.82 17.27 9.28
C GLU B 265 0.50 16.53 9.03
N CYS B 266 0.47 15.21 8.78
CA CYS B 266 1.67 14.54 8.31
C CYS B 266 1.93 14.78 6.82
N ILE B 267 0.88 14.95 6.02
CA ILE B 267 1.09 15.29 4.62
C ILE B 267 1.87 16.59 4.46
N LYS B 268 1.77 17.51 5.44
CA LYS B 268 2.51 18.77 5.34
C LYS B 268 4.02 18.62 5.54
N ALA B 269 4.50 17.43 5.94
CA ALA B 269 5.93 17.20 5.98
C ALA B 269 6.52 16.95 4.60
N PHE B 270 5.72 16.57 3.60
CA PHE B 270 6.23 16.38 2.26
C PHE B 270 6.61 17.75 1.67
N ASP B 271 7.26 17.74 0.50
CA ASP B 271 7.61 18.99 -0.18
C ASP B 271 6.33 19.68 -0.63
N GLN B 272 6.47 20.91 -1.14
CA GLN B 272 5.27 21.71 -1.40
C GLN B 272 4.44 21.14 -2.54
N LEU B 273 5.05 20.87 -3.70
CA LEU B 273 4.27 20.37 -4.83
C LEU B 273 3.53 19.09 -4.45
N THR B 274 4.19 18.21 -3.71
CA THR B 274 3.60 16.92 -3.36
C THR B 274 2.39 17.09 -2.46
N GLN B 275 2.54 17.80 -1.34
CA GLN B 275 1.40 17.98 -0.44
C GLN B 275 0.29 18.75 -1.13
N ASP B 276 0.66 19.70 -2.00
CA ASP B 276 -0.33 20.38 -2.83
C ASP B 276 -1.21 19.37 -3.54
N VAL B 277 -0.59 18.41 -4.23
CA VAL B 277 -1.36 17.39 -4.93
C VAL B 277 -2.18 16.56 -3.95
N PHE B 278 -1.55 16.12 -2.85
CA PHE B 278 -2.26 15.28 -1.88
C PHE B 278 -3.47 16.01 -1.31
N LEU B 279 -3.29 17.27 -0.89
CA LEU B 279 -4.36 17.98 -0.21
C LEU B 279 -5.46 18.40 -1.19
N ASP B 280 -5.10 18.81 -2.41
CA ASP B 280 -6.13 19.09 -3.40
C ASP B 280 -6.91 17.83 -3.74
N LEU B 281 -6.25 16.67 -3.68
CA LEU B 281 -6.94 15.42 -3.94
C LEU B 281 -8.00 15.16 -2.87
N ILE B 282 -7.60 15.24 -1.58
CA ILE B 282 -8.56 14.96 -0.51
C ILE B 282 -9.66 16.01 -0.47
N TYR B 283 -9.27 17.27 -0.53
CA TYR B 283 -10.25 18.33 -0.39
C TYR B 283 -11.07 18.48 -1.67
N GLY B 284 -10.44 18.34 -2.83
CA GLY B 284 -11.20 18.32 -4.07
C GLY B 284 -12.22 17.19 -4.14
N ASN B 285 -11.86 16.00 -3.64
CA ASN B 285 -12.82 14.92 -3.66
C ASN B 285 -14.04 15.27 -2.81
N PHE B 286 -13.83 16.00 -1.72
CA PHE B 286 -14.95 16.38 -0.87
C PHE B 286 -15.86 17.41 -1.57
N VAL B 287 -15.28 18.41 -2.22
CA VAL B 287 -16.09 19.39 -2.96
C VAL B 287 -16.88 18.69 -4.05
N TRP B 288 -16.21 17.86 -4.85
CA TRP B 288 -16.88 17.11 -5.91
C TRP B 288 -17.97 16.20 -5.37
N THR B 289 -17.66 15.46 -4.29
CA THR B 289 -18.62 14.51 -3.75
C THR B 289 -19.90 15.23 -3.31
N THR B 290 -19.77 16.39 -2.67
CA THR B 290 -20.93 17.06 -2.12
C THR B 290 -21.72 17.84 -3.17
N SER B 291 -21.15 18.05 -4.36
CA SER B 291 -21.87 18.71 -5.44
C SER B 291 -22.48 17.73 -6.43
N ASN B 292 -22.06 16.46 -6.43
CA ASN B 292 -22.32 15.52 -7.51
C ASN B 292 -23.61 14.75 -7.21
N LYS B 293 -24.49 14.65 -8.21
CA LYS B 293 -25.73 13.89 -8.07
C LYS B 293 -25.49 12.45 -7.63
N ARG B 294 -24.37 11.87 -8.03
CA ARG B 294 -24.01 10.52 -7.64
C ARG B 294 -24.11 10.28 -6.13
N TYR B 295 -23.93 11.32 -5.32
CA TYR B 295 -23.87 11.12 -3.89
C TYR B 295 -25.03 11.79 -3.16
N LYS B 296 -26.13 12.07 -3.86
CA LYS B 296 -27.24 12.78 -3.26
C LYS B 296 -28.50 11.94 -3.12
N THR B 297 -28.65 10.87 -3.89
CA THR B 297 -29.67 9.87 -3.59
C THR B 297 -29.17 8.49 -3.99
N ALA B 298 -29.93 7.46 -3.62
CA ALA B 298 -29.46 6.09 -3.77
C ALA B 298 -29.62 5.60 -5.21
N VAL B 299 -30.85 5.59 -5.70
CA VAL B 299 -31.10 5.37 -7.12
C VAL B 299 -31.66 6.66 -7.70
N ASN B 300 -30.79 7.64 -7.96
CA ASN B 300 -31.17 8.67 -8.91
C ASN B 300 -30.84 8.13 -10.29
N ASP B 301 -30.03 8.86 -11.03
CA ASP B 301 -29.88 8.46 -12.42
C ASP B 301 -28.49 7.89 -12.70
N VAL B 302 -27.44 8.48 -12.14
CA VAL B 302 -26.08 8.27 -12.62
C VAL B 302 -25.26 7.32 -11.75
N ASN B 303 -25.77 6.87 -10.61
CA ASN B 303 -24.98 5.99 -9.75
C ASN B 303 -25.52 4.57 -9.67
N SER B 304 -26.38 4.19 -10.61
CA SER B 304 -27.10 2.93 -10.53
C SER B 304 -26.20 1.74 -10.78
N ARG B 305 -26.65 0.57 -10.33
CA ARG B 305 -26.11 -0.66 -10.87
C ARG B 305 -26.21 -0.61 -12.38
N ILE B 306 -25.28 -1.26 -13.06
CA ILE B 306 -25.34 -1.43 -14.50
C ILE B 306 -25.59 -2.91 -14.75
N GLN B 307 -26.79 -3.26 -15.24
CA GLN B 307 -27.26 -4.63 -15.32
C GLN B 307 -26.98 -5.25 -16.68
N ALA B 308 -26.65 -6.55 -16.68
CA ALA B 308 -26.21 -7.29 -17.89
C ALA B 308 -27.05 -7.04 -19.14
N GLY A 14 19.09 4.33 30.22
CA GLY A 14 17.79 4.98 30.26
C GLY A 14 16.87 4.33 29.25
N ARG A 15 16.57 5.04 28.16
CA ARG A 15 15.60 4.59 27.17
C ARG A 15 16.25 4.05 25.91
N SER A 16 17.53 3.72 25.96
CA SER A 16 18.24 3.22 24.79
C SER A 16 18.42 1.70 24.79
N SER A 17 17.61 0.95 25.55
CA SER A 17 17.68 -0.50 25.43
C SER A 17 16.35 -1.12 25.85
N VAL A 18 15.94 -2.16 25.14
CA VAL A 18 14.82 -2.99 25.55
C VAL A 18 15.29 -4.35 26.05
N ARG A 19 16.60 -4.53 26.21
CA ARG A 19 17.13 -5.85 26.57
C ARG A 19 16.67 -6.35 27.94
N PRO A 20 16.36 -5.52 28.93
CA PRO A 20 15.72 -6.08 30.14
C PRO A 20 14.41 -6.81 29.87
N TYR A 21 13.72 -6.52 28.77
CA TYR A 21 12.47 -7.19 28.41
C TYR A 21 12.68 -8.36 27.45
N LEU A 22 13.93 -8.68 27.14
CA LEU A 22 14.23 -9.59 26.03
C LEU A 22 13.57 -10.94 26.20
N GLU A 23 13.71 -11.56 27.38
CA GLU A 23 13.21 -12.91 27.58
C GLU A 23 11.68 -12.95 27.56
N GLU A 24 11.04 -12.07 28.34
CA GLU A 24 9.58 -12.06 28.42
C GLU A 24 8.95 -11.78 27.06
N CYS A 25 9.48 -10.79 26.33
CA CYS A 25 8.93 -10.48 25.01
C CYS A 25 9.15 -11.62 24.03
N THR A 26 10.32 -12.26 24.08
CA THR A 26 10.58 -13.37 23.18
C THR A 26 9.55 -14.48 23.40
N ARG A 27 9.30 -14.87 24.65
CA ARG A 27 8.38 -15.98 24.83
C ARG A 27 6.94 -15.55 24.57
N ARG A 28 6.63 -14.26 24.73
CA ARG A 28 5.26 -13.84 24.40
C ARG A 28 5.03 -13.84 22.89
N PHE A 29 5.99 -13.34 22.10
CA PHE A 29 5.94 -13.53 20.65
C PHE A 29 5.69 -15.00 20.29
N GLN A 30 6.51 -15.90 20.83
CA GLN A 30 6.38 -17.30 20.46
C GLN A 30 5.02 -17.86 20.87
N GLU A 31 4.54 -17.53 22.07
CA GLU A 31 3.24 -18.01 22.49
C GLU A 31 2.15 -17.56 21.54
N MET A 32 2.23 -16.29 21.12
CA MET A 32 1.28 -15.75 20.16
C MET A 32 1.31 -16.54 18.86
N PHE A 33 2.50 -16.80 18.33
CA PHE A 33 2.62 -17.60 17.11
C PHE A 33 2.06 -19.02 17.29
N ASP A 34 2.37 -19.66 18.43
CA ASP A 34 1.92 -21.04 18.65
C ASP A 34 0.41 -21.14 18.60
N ARG A 35 -0.27 -20.12 19.12
CA ARG A 35 -1.70 -20.19 19.32
C ARG A 35 -2.48 -19.57 18.18
N HIS A 36 -1.81 -18.87 17.24
CA HIS A 36 -2.49 -18.18 16.13
C HIS A 36 -1.95 -18.52 14.75
N VAL A 37 -0.76 -19.12 14.64
CA VAL A 37 -0.22 -19.58 13.35
C VAL A 37 -0.08 -21.09 13.32
N VAL A 38 0.43 -21.68 14.40
CA VAL A 38 0.34 -23.10 14.74
C VAL A 38 1.48 -23.94 14.19
N THR A 39 1.78 -23.84 12.90
CA THR A 39 2.88 -24.63 12.35
C THR A 39 4.21 -24.13 12.92
N ARG A 40 5.31 -24.53 12.29
CA ARG A 40 6.52 -23.74 12.31
C ARG A 40 6.86 -23.34 10.88
N PRO A 41 7.59 -22.26 10.69
CA PRO A 41 8.31 -22.08 9.42
C PRO A 41 9.37 -23.17 9.30
N THR A 42 9.82 -23.40 8.07
CA THR A 42 10.80 -24.44 7.79
C THR A 42 11.93 -23.85 6.95
N LYS A 43 13.17 -24.23 7.24
CA LYS A 43 14.29 -23.56 6.58
C LYS A 43 14.66 -24.27 5.29
N VAL A 44 14.73 -23.51 4.21
CA VAL A 44 15.26 -24.01 2.95
C VAL A 44 16.75 -24.29 3.14
N GLU A 45 17.17 -25.49 2.78
CA GLU A 45 18.58 -25.82 2.80
C GLU A 45 19.20 -25.28 1.52
N LEU A 46 20.51 -25.19 1.48
CA LEU A 46 21.16 -24.85 0.23
C LEU A 46 22.50 -25.56 0.21
N THR A 47 22.73 -26.28 -0.88
CA THR A 47 23.99 -26.95 -1.09
C THR A 47 25.14 -25.97 -1.04
N ASP A 48 26.32 -26.48 -1.34
CA ASP A 48 27.39 -25.59 -1.74
C ASP A 48 27.05 -24.86 -3.04
N ALA A 49 26.54 -25.60 -4.04
CA ALA A 49 26.36 -25.00 -5.37
C ALA A 49 25.39 -23.83 -5.36
N GLU A 50 24.15 -24.06 -4.93
CA GLU A 50 23.18 -22.97 -4.90
C GLU A 50 23.65 -21.84 -4.00
N LEU A 51 24.33 -22.15 -2.90
CA LEU A 51 24.75 -21.11 -1.99
C LEU A 51 25.86 -20.26 -2.60
N ARG A 52 26.88 -20.91 -3.19
CA ARG A 52 27.98 -20.16 -3.77
C ARG A 52 27.52 -19.37 -4.98
N GLU A 53 26.57 -19.91 -5.76
CA GLU A 53 26.01 -19.12 -6.85
C GLU A 53 25.34 -17.86 -6.33
N VAL A 54 24.60 -17.99 -5.22
CA VAL A 54 23.95 -16.82 -4.63
C VAL A 54 24.99 -15.81 -4.13
N ILE A 55 25.99 -16.29 -3.39
CA ILE A 55 26.96 -15.37 -2.81
C ILE A 55 27.83 -14.74 -3.90
N ASP A 56 28.22 -15.53 -4.90
CA ASP A 56 28.96 -14.97 -6.03
C ASP A 56 28.18 -13.83 -6.69
N ASP A 57 26.87 -14.02 -6.88
CA ASP A 57 26.05 -12.96 -7.47
C ASP A 57 25.97 -11.73 -6.57
N CYS A 58 25.81 -11.94 -5.26
CA CYS A 58 25.80 -10.84 -4.31
C CYS A 58 27.11 -10.05 -4.37
N ASN A 59 28.24 -10.75 -4.34
CA ASN A 59 29.54 -10.07 -4.35
C ASN A 59 29.72 -9.28 -5.63
N ALA A 60 29.32 -9.86 -6.78
CA ALA A 60 29.46 -9.15 -8.05
C ALA A 60 28.54 -7.94 -8.10
N ALA A 61 27.38 -8.02 -7.43
CA ALA A 61 26.43 -6.92 -7.49
C ALA A 61 26.93 -5.71 -6.72
N VAL A 62 27.55 -5.92 -5.55
CA VAL A 62 27.97 -4.81 -4.73
C VAL A 62 29.43 -4.42 -4.96
N ALA A 63 30.18 -5.22 -5.72
CA ALA A 63 31.56 -4.86 -6.03
C ALA A 63 31.71 -3.45 -6.59
N PRO A 64 30.84 -2.95 -7.48
CA PRO A 64 31.02 -1.57 -7.94
C PRO A 64 31.01 -0.55 -6.82
N LEU A 65 30.28 -0.81 -5.72
CA LEU A 65 30.22 0.10 -4.58
C LEU A 65 31.45 0.04 -3.68
N GLY A 66 32.41 -0.84 -3.96
CA GLY A 66 33.72 -0.76 -3.35
C GLY A 66 33.90 -1.37 -1.96
N LYS A 67 32.87 -1.95 -1.36
CA LYS A 67 32.97 -2.45 0.01
C LYS A 67 32.77 -3.96 0.06
N THR A 68 33.77 -4.65 0.62
CA THR A 68 33.74 -6.11 0.72
C THR A 68 32.73 -6.55 1.77
N VAL A 69 32.03 -7.63 1.46
CA VAL A 69 31.05 -8.24 2.36
C VAL A 69 31.49 -9.68 2.59
N SER A 70 31.58 -10.08 3.85
CA SER A 70 32.03 -11.43 4.20
C SER A 70 30.92 -12.45 3.99
N ASP A 71 31.32 -13.71 3.78
CA ASP A 71 30.37 -14.80 3.64
C ASP A 71 29.42 -14.88 4.83
N GLU A 72 29.93 -14.73 6.05
CA GLU A 72 29.01 -14.85 7.18
C GLU A 72 28.05 -13.67 7.27
N ARG A 73 28.47 -12.49 6.81
CA ARG A 73 27.51 -11.39 6.71
C ARG A 73 26.45 -11.68 5.65
N TRP A 74 26.86 -12.22 4.49
CA TRP A 74 25.86 -12.64 3.50
C TRP A 74 24.88 -13.64 4.10
N ILE A 75 25.38 -14.60 4.86
CA ILE A 75 24.53 -15.64 5.42
C ILE A 75 23.60 -15.04 6.47
N SER A 76 24.07 -14.06 7.21
CA SER A 76 23.19 -13.35 8.14
C SER A 76 22.03 -12.71 7.40
N TYR A 77 22.31 -12.12 6.23
CA TYR A 77 21.24 -11.48 5.46
C TYR A 77 20.30 -12.51 4.84
N VAL A 78 20.86 -13.59 4.27
CA VAL A 78 20.07 -14.51 3.46
C VAL A 78 19.13 -15.36 4.31
N GLY A 79 19.41 -15.50 5.61
CA GLY A 79 18.62 -16.39 6.42
C GLY A 79 17.14 -16.07 6.42
N VAL A 80 16.79 -14.78 6.27
CA VAL A 80 15.37 -14.42 6.25
C VAL A 80 14.67 -15.07 5.08
N VAL A 81 15.34 -15.16 3.92
CA VAL A 81 14.71 -15.82 2.78
C VAL A 81 14.62 -17.32 3.02
N LEU A 82 15.65 -17.90 3.65
CA LEU A 82 15.66 -19.34 3.87
C LEU A 82 14.55 -19.76 4.82
N TRP A 83 14.25 -18.92 5.81
CA TRP A 83 13.31 -19.23 6.88
C TRP A 83 11.90 -18.69 6.65
N SER A 84 11.74 -17.70 5.78
CA SER A 84 10.48 -16.95 5.74
C SER A 84 9.74 -17.06 4.42
N GLN A 85 10.16 -17.93 3.51
CA GLN A 85 9.33 -18.26 2.37
C GLN A 85 8.38 -19.36 2.81
N SER A 86 7.96 -20.23 1.90
CA SER A 86 7.03 -21.32 2.21
C SER A 86 7.46 -22.49 1.34
N PRO A 87 8.39 -23.31 1.82
CA PRO A 87 8.99 -24.32 0.92
C PRO A 87 8.02 -25.34 0.41
N ARG A 88 6.94 -25.62 1.17
CA ARG A 88 5.84 -26.48 0.75
C ARG A 88 5.40 -26.19 -0.67
N HIS A 89 5.45 -24.92 -1.06
CA HIS A 89 4.74 -24.40 -2.21
C HIS A 89 5.67 -23.84 -3.26
N ILE A 90 6.98 -23.96 -3.07
CA ILE A 90 7.92 -23.45 -4.07
C ILE A 90 7.73 -24.21 -5.38
N LYS A 91 7.59 -23.47 -6.47
CA LYS A 91 7.61 -24.02 -7.81
C LYS A 91 8.89 -23.72 -8.57
N ASP A 92 9.44 -22.52 -8.42
CA ASP A 92 10.56 -22.06 -9.24
C ASP A 92 11.72 -21.66 -8.32
N MET A 93 12.75 -22.53 -8.26
CA MET A 93 13.93 -22.25 -7.43
C MET A 93 14.85 -21.20 -8.04
N GLU A 94 14.74 -20.90 -9.33
CA GLU A 94 15.51 -19.78 -9.85
C GLU A 94 14.96 -18.45 -9.31
N ALA A 95 13.64 -18.30 -9.30
CA ALA A 95 13.05 -17.14 -8.62
C ALA A 95 13.43 -17.09 -7.14
N PHE A 96 13.51 -18.25 -6.47
CA PHE A 96 13.92 -18.28 -5.08
C PHE A 96 15.34 -17.75 -4.92
N LYS A 97 16.28 -18.25 -5.74
CA LYS A 97 17.65 -17.75 -5.67
C LYS A 97 17.70 -16.26 -5.96
N ALA A 98 16.85 -15.78 -6.87
CA ALA A 98 16.79 -14.34 -7.13
C ALA A 98 16.40 -13.56 -5.87
N VAL A 99 15.41 -14.06 -5.14
CA VAL A 99 14.99 -13.35 -3.93
C VAL A 99 16.12 -13.39 -2.90
N CYS A 100 16.85 -14.50 -2.82
CA CYS A 100 18.05 -14.53 -1.96
C CYS A 100 19.00 -13.40 -2.32
N VAL A 101 19.36 -13.28 -3.60
CA VAL A 101 20.36 -12.33 -4.02
C VAL A 101 19.86 -10.90 -3.83
N LEU A 102 18.66 -10.61 -4.33
CA LEU A 102 18.08 -9.27 -4.21
C LEU A 102 17.89 -8.87 -2.75
N ASN A 103 17.39 -9.79 -1.93
CA ASN A 103 17.28 -9.53 -0.50
C ASN A 103 18.62 -9.12 0.09
N CYS A 104 19.68 -9.84 -0.27
CA CYS A 104 20.97 -9.63 0.37
C CYS A 104 21.60 -8.32 -0.08
N VAL A 105 21.59 -8.04 -1.39
CA VAL A 105 22.35 -6.88 -1.84
C VAL A 105 21.66 -5.58 -1.42
N THR A 106 20.32 -5.57 -1.31
CA THR A 106 19.66 -4.37 -0.79
C THR A 106 19.74 -4.28 0.72
N PHE A 107 19.98 -5.41 1.41
CA PHE A 107 20.34 -5.35 2.82
C PHE A 107 21.67 -4.61 3.01
N VAL A 108 22.66 -4.90 2.16
CA VAL A 108 23.90 -4.14 2.18
C VAL A 108 23.61 -2.64 2.01
N TRP A 109 22.77 -2.30 1.05
CA TRP A 109 22.36 -0.91 0.84
C TRP A 109 21.78 -0.30 2.12
N ASP A 110 20.91 -1.05 2.80
CA ASP A 110 20.33 -0.62 4.06
C ASP A 110 21.39 -0.29 5.10
N ASP A 111 22.49 -1.06 5.11
CA ASP A 111 23.57 -0.91 6.07
C ASP A 111 24.70 0.00 5.60
N MET A 112 24.50 0.79 4.55
CA MET A 112 25.53 1.70 4.06
C MET A 112 25.21 3.15 4.41
N ASP A 113 26.22 3.87 4.90
CA ASP A 113 26.22 5.33 4.80
C ASP A 113 25.90 5.71 3.35
N PRO A 114 25.01 6.69 3.12
CA PRO A 114 24.52 6.93 1.75
C PRO A 114 25.56 7.56 0.85
N ALA A 115 26.75 7.89 1.36
CA ALA A 115 27.83 8.34 0.50
C ALA A 115 28.32 7.23 -0.41
N LEU A 116 27.93 5.99 -0.14
CA LEU A 116 28.26 4.85 -0.98
C LEU A 116 27.18 4.53 -2.01
N HIS A 117 26.01 5.15 -1.90
CA HIS A 117 24.82 4.81 -2.68
C HIS A 117 24.92 5.36 -4.10
N ASP A 118 25.46 4.59 -5.04
CA ASP A 118 25.54 5.06 -6.43
C ASP A 118 24.57 4.27 -7.30
N PHE A 119 23.46 4.94 -7.64
CA PHE A 119 22.43 4.30 -8.46
C PHE A 119 22.95 3.97 -9.85
N GLY A 120 23.80 4.86 -10.41
CA GLY A 120 24.37 4.61 -11.72
C GLY A 120 25.08 3.26 -11.84
N LEU A 121 25.84 2.88 -10.81
CA LEU A 121 26.58 1.63 -10.77
C LEU A 121 25.74 0.47 -10.26
N PHE A 122 24.79 0.73 -9.35
CA PHE A 122 24.10 -0.37 -8.69
C PHE A 122 22.83 -0.79 -9.40
N LEU A 123 22.09 0.16 -9.97
CA LEU A 123 20.85 -0.21 -10.64
C LEU A 123 21.08 -1.20 -11.77
N PRO A 124 22.07 -1.02 -12.66
CA PRO A 124 22.32 -2.06 -13.69
C PRO A 124 22.65 -3.42 -13.09
N GLN A 125 23.26 -3.47 -11.90
CA GLN A 125 23.47 -4.75 -11.23
C GLN A 125 22.15 -5.41 -10.87
N LEU A 126 21.24 -4.66 -10.23
CA LEU A 126 19.93 -5.20 -9.94
C LEU A 126 19.24 -5.70 -11.20
N ARG A 127 19.29 -4.91 -12.28
CA ARG A 127 18.70 -5.34 -13.55
C ARG A 127 19.34 -6.64 -14.04
N LYS A 128 20.67 -6.75 -13.98
CA LYS A 128 21.35 -8.00 -14.33
C LYS A 128 20.76 -9.18 -13.57
N ILE A 129 20.62 -9.02 -12.25
CA ILE A 129 20.07 -10.08 -11.42
C ILE A 129 18.65 -10.42 -11.86
N CYS A 130 17.82 -9.41 -12.05
CA CYS A 130 16.43 -9.65 -12.38
C CYS A 130 16.26 -10.36 -13.72
N GLU A 131 17.05 -9.95 -14.73
CA GLU A 131 16.93 -10.57 -16.04
C GLU A 131 17.35 -12.04 -16.01
N LYS A 132 18.46 -12.35 -15.35
CA LYS A 132 18.95 -13.73 -15.32
C LYS A 132 17.91 -14.69 -14.78
N TYR A 133 17.31 -14.36 -13.62
CA TYR A 133 16.57 -15.35 -12.86
C TYR A 133 15.06 -15.37 -13.15
N TYR A 134 14.51 -14.29 -13.68
CA TYR A 134 13.10 -14.20 -13.98
C TYR A 134 12.87 -14.19 -15.49
N GLY A 135 11.63 -14.49 -15.89
CA GLY A 135 11.21 -14.28 -17.24
C GLY A 135 11.03 -12.80 -17.52
N PRO A 136 10.61 -12.46 -18.75
CA PRO A 136 10.58 -11.04 -19.13
C PRO A 136 9.61 -10.17 -18.33
N GLU A 137 8.41 -10.66 -18.01
CA GLU A 137 7.48 -9.77 -17.33
C GLU A 137 7.75 -9.72 -15.83
N ASP A 138 8.15 -10.85 -15.25
CA ASP A 138 8.52 -10.86 -13.84
C ASP A 138 9.78 -10.03 -13.58
N ALA A 139 10.73 -10.02 -14.52
CA ALA A 139 11.97 -9.28 -14.31
C ALA A 139 11.70 -7.79 -14.16
N GLU A 140 10.75 -7.25 -14.95
CA GLU A 140 10.43 -5.83 -14.85
C GLU A 140 9.79 -5.51 -13.49
N VAL A 141 8.88 -6.37 -13.04
CA VAL A 141 8.21 -6.15 -11.77
C VAL A 141 9.22 -6.21 -10.62
N ALA A 142 10.08 -7.23 -10.64
CA ALA A 142 11.08 -7.34 -9.59
C ALA A 142 12.03 -6.15 -9.59
N TYR A 143 12.50 -5.75 -10.78
CA TYR A 143 13.46 -4.66 -10.85
C TYR A 143 12.86 -3.34 -10.36
N GLU A 144 11.64 -3.03 -10.78
CA GLU A 144 11.03 -1.78 -10.33
C GLU A 144 10.84 -1.78 -8.80
N ALA A 145 10.47 -2.93 -8.25
CA ALA A 145 10.32 -3.02 -6.79
C ALA A 145 11.65 -2.82 -6.08
N ALA A 146 12.73 -3.43 -6.61
CA ALA A 146 14.07 -3.22 -6.04
C ALA A 146 14.51 -1.77 -6.19
N ARG A 147 14.32 -1.21 -7.37
CA ARG A 147 14.61 0.20 -7.63
C ARG A 147 13.89 1.11 -6.64
N ALA A 148 12.57 0.94 -6.51
CA ALA A 148 11.80 1.76 -5.57
C ALA A 148 12.31 1.59 -4.14
N PHE A 149 12.69 0.37 -3.75
CA PHE A 149 13.17 0.21 -2.38
C PHE A 149 14.46 0.98 -2.13
N VAL A 150 15.51 0.76 -2.95
CA VAL A 150 16.78 1.39 -2.63
C VAL A 150 16.66 2.91 -2.77
N THR A 151 15.85 3.38 -3.71
CA THR A 151 15.61 4.81 -3.82
C THR A 151 14.95 5.36 -2.57
N SER A 152 13.97 4.64 -2.04
CA SER A 152 13.30 5.08 -0.82
C SER A 152 14.26 5.08 0.37
N ASP A 153 15.02 3.99 0.55
CA ASP A 153 15.95 3.95 1.67
C ASP A 153 16.91 5.13 1.61
N HIS A 154 17.37 5.46 0.40
CA HIS A 154 18.29 6.59 0.24
C HIS A 154 17.59 7.91 0.51
N MET A 155 16.41 8.10 -0.10
CA MET A 155 15.82 9.43 -0.04
C MET A 155 15.30 9.77 1.36
N PHE A 156 14.99 8.77 2.18
CA PHE A 156 14.46 9.10 3.50
C PHE A 156 15.53 9.20 4.58
N ARG A 157 16.80 8.98 4.27
CA ARG A 157 17.83 9.27 5.26
C ARG A 157 17.71 10.74 5.63
N ASP A 158 17.59 11.02 6.93
CA ASP A 158 17.33 12.37 7.44
C ASP A 158 16.29 13.19 6.63
N SER A 159 15.18 12.53 6.23
CA SER A 159 14.03 13.34 5.78
C SER A 159 13.14 13.74 6.95
N PRO A 160 12.61 14.98 7.01
CA PRO A 160 11.57 15.25 8.01
C PRO A 160 10.28 14.49 7.73
N ILE A 161 10.07 13.98 6.52
CA ILE A 161 8.91 13.13 6.27
C ILE A 161 9.02 11.86 7.12
N LYS A 162 10.22 11.26 7.15
CA LYS A 162 10.43 10.10 8.02
C LYS A 162 10.22 10.49 9.49
N ALA A 163 10.75 11.65 9.89
CA ALA A 163 10.53 12.15 11.25
C ALA A 163 9.04 12.23 11.58
N ALA A 164 8.24 12.88 10.72
CA ALA A 164 6.82 12.99 11.01
C ALA A 164 6.16 11.60 11.01
N LEU A 165 6.56 10.72 10.10
CA LEU A 165 5.87 9.43 10.02
C LEU A 165 6.29 8.49 11.14
N CYS A 166 7.46 8.68 11.72
CA CYS A 166 7.91 7.78 12.78
C CYS A 166 7.70 8.34 14.18
N THR A 167 7.20 9.57 14.30
CA THR A 167 6.94 10.16 15.60
C THR A 167 5.46 10.41 15.91
N THR A 168 4.55 10.25 14.96
CA THR A 168 3.16 10.67 15.20
C THR A 168 2.31 9.61 15.87
N SER A 169 2.22 8.43 15.26
CA SER A 169 1.38 7.36 15.78
C SER A 169 1.87 6.04 15.19
N PRO A 170 1.46 4.92 15.77
CA PRO A 170 1.73 3.63 15.11
C PRO A 170 1.17 3.57 13.71
N GLU A 171 0.02 4.22 13.48
CA GLU A 171 -0.60 4.30 12.16
C GLU A 171 0.36 4.87 11.12
N GLN A 172 0.88 6.07 11.36
CA GLN A 172 1.74 6.70 10.37
C GLN A 172 3.01 5.89 10.18
N TYR A 173 3.54 5.34 11.28
CA TYR A 173 4.80 4.61 11.23
C TYR A 173 4.70 3.37 10.34
N PHE A 174 3.69 2.54 10.58
CA PHE A 174 3.55 1.32 9.80
C PHE A 174 3.28 1.61 8.33
N ARG A 175 2.59 2.72 8.05
CA ARG A 175 2.39 3.16 6.68
C ARG A 175 3.71 3.41 5.96
N PHE A 176 4.66 4.04 6.64
CA PHE A 176 6.00 4.21 6.09
C PHE A 176 6.69 2.86 5.87
N ARG A 177 6.49 1.93 6.79
CA ARG A 177 7.24 0.68 6.75
C ARG A 177 6.75 -0.31 5.69
N VAL A 178 5.55 -0.12 5.13
CA VAL A 178 5.12 -0.98 4.02
C VAL A 178 6.19 -1.02 2.94
N THR A 179 6.76 0.13 2.61
CA THR A 179 7.89 0.20 1.70
C THR A 179 9.21 0.04 2.44
N ASP A 180 9.38 0.77 3.56
CA ASP A 180 10.72 0.84 4.13
C ASP A 180 11.19 -0.49 4.75
N ILE A 181 10.30 -1.35 5.24
CA ILE A 181 10.77 -2.67 5.69
C ILE A 181 11.01 -3.60 4.51
N GLY A 182 10.80 -3.14 3.28
CA GLY A 182 11.12 -3.97 2.14
C GLY A 182 10.09 -5.02 1.80
N VAL A 183 8.97 -5.08 2.52
CA VAL A 183 8.03 -6.17 2.28
C VAL A 183 7.25 -6.01 0.98
N ASP A 184 6.93 -4.77 0.56
CA ASP A 184 6.31 -4.63 -0.76
C ASP A 184 7.24 -5.18 -1.84
N PHE A 185 8.52 -4.81 -1.77
CA PHE A 185 9.54 -5.34 -2.65
C PHE A 185 9.59 -6.88 -2.57
N TRP A 186 9.56 -7.41 -1.34
CA TRP A 186 9.62 -8.86 -1.13
C TRP A 186 8.49 -9.58 -1.85
N MET A 187 7.26 -9.09 -1.70
CA MET A 187 6.12 -9.76 -2.33
C MET A 187 6.26 -9.76 -3.85
N LYS A 188 6.62 -8.60 -4.42
CA LYS A 188 6.67 -8.45 -5.86
C LYS A 188 7.82 -9.24 -6.48
N MET A 189 8.88 -9.51 -5.73
CA MET A 189 9.94 -10.38 -6.24
C MET A 189 9.73 -11.85 -5.89
N SER A 190 8.80 -12.16 -4.99
CA SER A 190 8.58 -13.53 -4.55
C SER A 190 7.42 -14.22 -5.26
N TYR A 191 6.47 -13.48 -5.85
CA TYR A 191 5.36 -14.19 -6.47
C TYR A 191 5.81 -15.15 -7.57
N PRO A 192 6.88 -14.92 -8.34
CA PRO A 192 7.29 -15.94 -9.31
C PRO A 192 7.81 -17.22 -8.66
N ILE A 193 8.13 -17.21 -7.37
CA ILE A 193 8.50 -18.45 -6.70
C ILE A 193 7.33 -19.43 -6.69
N TYR A 194 6.11 -18.90 -6.56
CA TYR A 194 4.94 -19.72 -6.31
C TYR A 194 4.08 -19.94 -7.55
N ARG A 195 4.07 -19.00 -8.49
CA ARG A 195 3.21 -19.08 -9.69
C ARG A 195 1.76 -19.37 -9.30
N HIS A 196 1.27 -18.63 -8.32
CA HIS A 196 -0.07 -18.81 -7.77
C HIS A 196 -0.92 -17.58 -8.10
N PRO A 197 -1.89 -17.70 -9.00
CA PRO A 197 -2.60 -16.51 -9.49
C PRO A 197 -3.12 -15.56 -8.40
N GLU A 198 -3.75 -16.07 -7.34
CA GLU A 198 -4.26 -15.18 -6.30
C GLU A 198 -3.14 -14.41 -5.62
N PHE A 199 -2.07 -15.13 -5.24
CA PHE A 199 -0.96 -14.49 -4.55
C PHE A 199 -0.31 -13.42 -5.43
N THR A 200 -0.21 -13.71 -6.73
CA THR A 200 0.38 -12.75 -7.65
C THR A 200 -0.41 -11.44 -7.68
N GLU A 201 -1.74 -11.52 -7.70
CA GLU A 201 -2.54 -10.29 -7.63
C GLU A 201 -2.34 -9.56 -6.30
N HIS A 202 -2.38 -10.29 -5.17
CA HIS A 202 -2.21 -9.62 -3.88
C HIS A 202 -0.83 -8.98 -3.78
N ALA A 203 0.17 -9.61 -4.38
CA ALA A 203 1.50 -9.02 -4.42
C ALA A 203 1.49 -7.73 -5.23
N LYS A 204 0.82 -7.74 -6.38
CA LYS A 204 0.89 -6.60 -7.28
C LYS A 204 0.04 -5.43 -6.82
N THR A 205 -1.06 -5.68 -6.10
CA THR A 205 -1.82 -4.60 -5.46
C THR A 205 -1.16 -4.08 -4.19
N SER A 206 -0.18 -4.81 -3.65
CA SER A 206 0.47 -4.54 -2.37
C SER A 206 -0.42 -4.83 -1.18
N LEU A 207 -1.62 -5.39 -1.39
CA LEU A 207 -2.38 -5.89 -0.25
C LEU A 207 -1.57 -6.94 0.53
N ALA A 208 -0.85 -7.82 -0.18
CA ALA A 208 0.03 -8.79 0.49
C ALA A 208 0.99 -8.07 1.45
N ALA A 209 1.62 -7.00 0.97
CA ALA A 209 2.54 -6.28 1.85
C ALA A 209 1.79 -5.60 3.00
N ARG A 210 0.66 -4.96 2.71
CA ARG A 210 -0.04 -4.24 3.76
C ARG A 210 -0.50 -5.16 4.88
N MET A 211 -0.75 -6.43 4.56
CA MET A 211 -1.23 -7.38 5.56
C MET A 211 -0.10 -7.94 6.44
N THR A 212 1.14 -7.92 5.95
CA THR A 212 2.27 -8.54 6.65
C THR A 212 3.19 -7.53 7.30
N THR A 213 2.99 -6.23 7.03
CA THR A 213 3.93 -5.21 7.48
C THR A 213 4.06 -5.17 9.01
N ARG A 214 2.94 -5.16 9.73
CA ARG A 214 3.05 -5.00 11.17
C ARG A 214 3.74 -6.19 11.81
N GLY A 215 3.41 -7.40 11.36
CA GLY A 215 4.03 -8.58 11.95
C GLY A 215 5.54 -8.57 11.75
N LEU A 216 6.00 -8.28 10.54
CA LEU A 216 7.43 -8.19 10.31
C LEU A 216 8.06 -7.04 11.12
N THR A 217 7.41 -5.88 11.11
CA THR A 217 8.06 -4.69 11.64
C THR A 217 8.14 -4.73 13.16
N ILE A 218 7.09 -5.17 13.84
CA ILE A 218 7.10 -5.15 15.30
C ILE A 218 8.21 -6.07 15.81
N VAL A 219 8.38 -7.22 15.17
CA VAL A 219 9.44 -8.15 15.55
C VAL A 219 10.81 -7.54 15.23
N ASN A 220 10.99 -7.03 14.01
CA ASN A 220 12.27 -6.44 13.68
C ASN A 220 12.62 -5.30 14.63
N ASP A 221 11.64 -4.42 14.91
CA ASP A 221 11.89 -3.27 15.75
C ASP A 221 12.28 -3.67 17.17
N PHE A 222 11.64 -4.69 17.73
CA PHE A 222 12.00 -5.05 19.08
C PHE A 222 13.46 -5.45 19.16
N TYR A 223 13.90 -6.32 18.26
CA TYR A 223 15.24 -6.89 18.39
C TYR A 223 16.33 -6.03 17.77
N SER A 224 15.98 -5.02 16.95
CA SER A 224 16.99 -4.12 16.41
C SER A 224 17.00 -2.77 17.11
N TYR A 225 16.19 -2.62 18.16
CA TYR A 225 16.06 -1.35 18.87
C TYR A 225 17.41 -0.86 19.39
N ASP A 226 18.14 -1.73 20.10
CA ASP A 226 19.38 -1.31 20.75
C ASP A 226 20.37 -0.78 19.71
N ARG A 227 20.56 -1.50 18.60
CA ARG A 227 21.47 -1.05 17.55
C ARG A 227 20.99 0.27 16.94
N GLU A 228 19.70 0.37 16.66
CA GLU A 228 19.21 1.54 15.95
C GLU A 228 19.34 2.79 16.81
N VAL A 229 18.91 2.74 18.07
CA VAL A 229 18.96 3.94 18.91
C VAL A 229 20.40 4.37 19.14
N SER A 230 21.33 3.42 19.19
CA SER A 230 22.74 3.80 19.33
C SER A 230 23.30 4.42 18.05
N LEU A 231 22.78 4.03 16.88
CA LEU A 231 23.24 4.55 15.60
C LEU A 231 22.50 5.81 15.18
N GLY A 232 21.56 6.29 16.00
CA GLY A 232 20.77 7.46 15.73
C GLY A 232 19.61 7.28 14.78
N GLN A 233 19.12 6.04 14.61
CA GLN A 233 18.14 5.74 13.57
C GLN A 233 16.72 5.71 14.13
N ILE A 234 15.83 6.55 13.58
CA ILE A 234 14.54 6.79 14.19
C ILE A 234 13.47 5.78 13.76
N THR A 235 13.76 4.90 12.81
CA THR A 235 12.71 4.07 12.24
C THR A 235 12.51 2.82 13.10
N ASN A 236 11.69 2.98 14.14
CA ASN A 236 11.48 1.92 15.14
C ASN A 236 10.27 2.27 15.99
N CYS A 237 9.24 1.44 15.97
CA CYS A 237 8.02 1.82 16.67
C CYS A 237 8.19 1.88 18.18
N PHE A 238 9.18 1.21 18.77
CA PHE A 238 9.31 1.31 20.22
C PHE A 238 9.86 2.67 20.67
N ARG A 239 10.35 3.49 19.73
CA ARG A 239 10.65 4.87 20.08
C ARG A 239 9.39 5.64 20.48
N LEU A 240 8.22 5.20 20.02
CA LEU A 240 6.97 5.88 20.36
C LEU A 240 6.67 5.83 21.86
N CYS A 241 7.18 4.83 22.58
CA CYS A 241 6.84 4.68 23.98
C CYS A 241 8.08 4.90 24.82
N ASP A 242 7.88 5.09 26.12
CA ASP A 242 8.99 5.23 27.06
C ASP A 242 9.44 3.82 27.46
N VAL A 243 10.49 3.31 26.82
CA VAL A 243 10.90 1.95 27.15
C VAL A 243 11.53 1.87 28.54
N SER A 244 11.95 3.01 29.12
CA SER A 244 12.43 2.97 30.49
C SER A 244 11.32 2.94 31.53
N ASP A 245 10.08 3.16 31.11
CA ASP A 245 8.91 3.04 31.98
C ASP A 245 8.37 1.64 31.72
N GLU A 246 8.65 0.73 32.64
CA GLU A 246 8.35 -0.67 32.38
C GLU A 246 6.85 -0.90 32.31
N THR A 247 6.06 -0.15 33.08
CA THR A 247 4.60 -0.28 32.98
C THR A 247 4.10 0.19 31.62
N ALA A 248 4.59 1.35 31.15
CA ALA A 248 4.15 1.85 29.85
C ALA A 248 4.59 0.93 28.72
N PHE A 249 5.85 0.48 28.74
CA PHE A 249 6.32 -0.47 27.73
C PHE A 249 5.39 -1.66 27.63
N LYS A 250 4.98 -2.20 28.78
CA LYS A 250 4.03 -3.30 28.83
C LYS A 250 2.79 -3.00 28.01
N GLU A 251 2.18 -1.86 28.25
CA GLU A 251 0.97 -1.47 27.53
C GLU A 251 1.23 -1.40 26.03
N PHE A 252 2.35 -0.80 25.64
CA PHE A 252 2.61 -0.60 24.23
C PHE A 252 2.89 -1.93 23.54
N PHE A 253 3.68 -2.77 24.20
CA PHE A 253 4.01 -4.05 23.62
C PHE A 253 2.77 -4.89 23.43
N GLN A 254 1.83 -4.83 24.39
CA GLN A 254 0.60 -5.59 24.23
C GLN A 254 -0.27 -5.04 23.11
N ALA A 255 -0.29 -3.72 22.93
CA ALA A 255 -1.02 -3.14 21.81
C ALA A 255 -0.46 -3.65 20.49
N ARG A 256 0.88 -3.81 20.42
CA ARG A 256 1.50 -4.31 19.20
C ARG A 256 1.21 -5.80 19.00
N LEU A 257 1.22 -6.59 20.09
CA LEU A 257 0.78 -7.98 19.96
C LEU A 257 -0.63 -8.06 19.39
N ASP A 258 -1.52 -7.22 19.89
CA ASP A 258 -2.89 -7.23 19.40
C ASP A 258 -2.95 -6.88 17.91
N ASP A 259 -2.11 -5.93 17.47
CA ASP A 259 -1.98 -5.64 16.04
C ASP A 259 -1.63 -6.89 15.25
N MET A 260 -0.59 -7.60 15.71
CA MET A 260 -0.15 -8.80 15.00
C MET A 260 -1.26 -9.83 14.94
N ILE A 261 -1.98 -10.01 16.05
CA ILE A 261 -3.03 -11.00 16.12
C ILE A 261 -4.15 -10.65 15.15
N GLU A 262 -4.55 -9.38 15.14
CA GLU A 262 -5.61 -8.97 14.22
C GLU A 262 -5.22 -9.25 12.76
N ASP A 263 -3.99 -8.88 12.38
CA ASP A 263 -3.54 -9.15 11.02
C ASP A 263 -3.57 -10.66 10.72
N ILE A 264 -3.07 -11.46 11.66
CA ILE A 264 -2.96 -12.90 11.40
C ILE A 264 -4.34 -13.53 11.24
N GLU A 265 -5.29 -13.17 12.11
CA GLU A 265 -6.61 -13.78 12.00
C GLU A 265 -7.32 -13.36 10.71
N CYS A 266 -7.11 -12.11 10.26
CA CYS A 266 -7.69 -11.69 8.99
C CYS A 266 -6.95 -12.32 7.81
N ILE A 267 -5.65 -12.57 7.94
CA ILE A 267 -4.92 -13.30 6.90
C ILE A 267 -5.54 -14.68 6.67
N LYS A 268 -6.17 -15.26 7.69
CA LYS A 268 -6.80 -16.57 7.56
C LYS A 268 -8.10 -16.52 6.75
N ALA A 269 -8.40 -15.39 6.11
CA ALA A 269 -9.47 -15.30 5.11
C ALA A 269 -8.96 -15.51 3.70
N PHE A 270 -7.66 -15.34 3.48
CA PHE A 270 -7.13 -15.50 2.15
C PHE A 270 -7.14 -16.99 1.78
N ASP A 271 -6.93 -17.26 0.49
CA ASP A 271 -6.90 -18.64 0.04
C ASP A 271 -5.78 -19.39 0.75
N GLN A 272 -5.95 -20.70 0.89
CA GLN A 272 -5.10 -21.47 1.79
C GLN A 272 -3.61 -21.35 1.47
N LEU A 273 -3.24 -21.27 0.19
CA LEU A 273 -1.82 -21.19 -0.13
C LEU A 273 -1.27 -19.79 0.11
N THR A 274 -2.05 -18.76 -0.25
CA THR A 274 -1.63 -17.41 0.08
C THR A 274 -1.48 -17.24 1.58
N GLN A 275 -2.43 -17.79 2.34
CA GLN A 275 -2.37 -17.76 3.79
C GLN A 275 -1.05 -18.33 4.29
N ASP A 276 -0.59 -19.43 3.69
CA ASP A 276 0.65 -20.05 4.11
C ASP A 276 1.83 -19.13 3.87
N VAL A 277 1.89 -18.52 2.68
CA VAL A 277 3.01 -17.64 2.36
C VAL A 277 3.05 -16.44 3.33
N PHE A 278 1.90 -15.81 3.58
CA PHE A 278 1.87 -14.67 4.50
C PHE A 278 2.36 -15.08 5.89
N LEU A 279 1.81 -16.16 6.42
CA LEU A 279 2.10 -16.55 7.80
C LEU A 279 3.52 -17.11 7.95
N ASP A 280 3.97 -17.89 6.97
CA ASP A 280 5.37 -18.34 6.97
C ASP A 280 6.31 -17.14 6.97
N LEU A 281 5.94 -16.06 6.27
CA LEU A 281 6.77 -14.88 6.23
C LEU A 281 6.88 -14.25 7.62
N ILE A 282 5.75 -14.02 8.29
CA ILE A 282 5.79 -13.35 9.59
C ILE A 282 6.48 -14.22 10.64
N TYR A 283 6.10 -15.49 10.69
CA TYR A 283 6.65 -16.38 11.72
C TYR A 283 8.10 -16.75 11.39
N GLY A 284 8.40 -16.99 10.12
CA GLY A 284 9.78 -17.24 9.73
C GLY A 284 10.69 -16.07 10.04
N ASN A 285 10.21 -14.85 9.82
CA ASN A 285 11.03 -13.68 10.18
C ASN A 285 11.34 -13.68 11.67
N PHE A 286 10.37 -14.07 12.50
CA PHE A 286 10.62 -14.14 13.93
C PHE A 286 11.67 -15.20 14.26
N VAL A 287 11.54 -16.39 13.68
CA VAL A 287 12.51 -17.46 13.98
C VAL A 287 13.91 -17.03 13.58
N TRP A 288 14.03 -16.44 12.39
CA TRP A 288 15.33 -15.96 11.89
C TRP A 288 15.88 -14.84 12.76
N THR A 289 15.04 -13.84 13.09
CA THR A 289 15.48 -12.70 13.89
C THR A 289 16.04 -13.14 15.24
N THR A 290 15.38 -14.08 15.92
CA THR A 290 15.85 -14.54 17.22
C THR A 290 17.04 -15.47 17.13
N SER A 291 17.34 -16.04 15.97
CA SER A 291 18.52 -16.89 15.84
C SER A 291 19.74 -16.13 15.31
N ASN A 292 19.57 -14.87 14.90
CA ASN A 292 20.53 -14.16 14.06
C ASN A 292 21.33 -13.15 14.87
N LYS A 293 22.67 -13.28 14.81
CA LYS A 293 23.59 -12.40 15.52
C LYS A 293 23.39 -10.94 15.14
N ARG A 294 22.88 -10.68 13.94
CA ARG A 294 22.56 -9.32 13.56
C ARG A 294 21.72 -8.63 14.63
N TYR A 295 20.81 -9.38 15.26
CA TYR A 295 19.84 -8.81 16.18
C TYR A 295 20.20 -9.04 17.64
N LYS A 296 21.47 -9.30 17.93
CA LYS A 296 21.87 -9.78 19.26
C LYS A 296 22.82 -8.84 20.00
N THR A 297 23.46 -7.89 19.36
CA THR A 297 24.06 -6.78 20.10
C THR A 297 23.87 -5.49 19.31
N ALA A 298 24.29 -4.38 19.92
CA ALA A 298 24.20 -3.12 19.19
C ALA A 298 25.15 -3.12 18.00
N VAL A 299 26.41 -3.51 18.23
CA VAL A 299 27.43 -3.43 17.19
C VAL A 299 28.22 -4.73 17.19
N ASN A 300 28.16 -5.47 16.08
CA ASN A 300 29.01 -6.62 15.86
C ASN A 300 29.32 -6.68 14.37
N ASP A 301 30.17 -7.62 13.97
CA ASP A 301 30.71 -7.46 12.64
C ASP A 301 29.78 -7.97 11.53
N VAL A 302 28.51 -8.31 11.84
CA VAL A 302 27.52 -8.50 10.79
C VAL A 302 26.46 -7.40 10.76
N ASN A 303 26.30 -6.59 11.82
CA ASN A 303 25.31 -5.51 11.74
C ASN A 303 25.91 -4.11 11.81
N SER A 304 27.24 -3.99 11.99
CA SER A 304 27.89 -2.70 11.97
C SER A 304 27.61 -2.04 10.63
N ARG A 305 27.61 -0.72 10.61
CA ARG A 305 27.38 -0.07 9.32
C ARG A 305 28.55 -0.33 8.39
N ILE A 306 28.50 0.33 7.24
CA ILE A 306 29.56 0.31 6.25
C ILE A 306 29.66 1.73 5.73
N GLN A 307 30.72 2.47 6.10
CA GLN A 307 30.83 3.86 5.61
C GLN A 307 31.92 4.01 4.57
N GLY B 9 -37.91 -12.01 8.67
CA GLY B 9 -37.94 -10.89 9.60
C GLY B 9 -37.47 -9.65 8.90
N ALA B 10 -38.03 -8.51 9.34
CA ALA B 10 -37.76 -7.27 8.61
C ALA B 10 -36.39 -6.70 9.00
N GLN B 11 -36.00 -5.58 8.39
CA GLN B 11 -34.60 -5.18 8.31
C GLN B 11 -34.29 -3.93 9.13
N ASP B 12 -32.99 -3.64 9.29
CA ASP B 12 -32.55 -2.52 10.12
C ASP B 12 -32.53 -1.24 9.29
N ILE B 13 -33.73 -0.72 9.02
CA ILE B 13 -33.87 0.52 8.27
C ILE B 13 -33.24 1.68 9.02
N GLY B 14 -33.25 1.64 10.36
CA GLY B 14 -32.67 2.73 11.14
C GLY B 14 -31.15 2.78 11.01
N ARG B 15 -30.54 1.70 10.56
CA ARG B 15 -29.10 1.67 10.45
C ARG B 15 -28.62 1.68 9.02
N SER B 16 -29.49 1.99 8.07
CA SER B 16 -29.09 2.03 6.67
C SER B 16 -29.25 3.43 6.07
N SER B 17 -29.25 4.48 6.87
CA SER B 17 -29.19 5.82 6.32
C SER B 17 -28.34 6.70 7.22
N VAL B 18 -27.52 7.55 6.60
CA VAL B 18 -26.90 8.62 7.35
C VAL B 18 -27.61 9.95 7.12
N ARG B 19 -28.81 9.93 6.51
CA ARG B 19 -29.60 11.14 6.34
C ARG B 19 -29.68 12.00 7.59
N PRO B 20 -29.93 11.45 8.79
CA PRO B 20 -30.03 12.33 9.98
C PRO B 20 -28.84 13.24 10.14
N TYR B 21 -27.65 12.77 9.78
CA TYR B 21 -26.38 13.41 10.08
C TYR B 21 -25.86 14.26 8.93
N LEU B 22 -26.61 14.34 7.82
CA LEU B 22 -26.07 14.92 6.59
C LEU B 22 -25.58 16.34 6.79
N GLU B 23 -26.41 17.21 7.35
CA GLU B 23 -26.02 18.61 7.45
C GLU B 23 -24.84 18.81 8.40
N GLU B 24 -24.90 18.20 9.59
CA GLU B 24 -23.85 18.46 10.57
C GLU B 24 -22.52 17.85 10.13
N CYS B 25 -22.54 16.64 9.56
CA CYS B 25 -21.28 16.05 9.09
C CYS B 25 -20.69 16.86 7.94
N THR B 26 -21.54 17.37 7.04
CA THR B 26 -21.00 18.15 5.93
C THR B 26 -20.25 19.38 6.43
N ARG B 27 -20.86 20.11 7.36
CA ARG B 27 -20.18 21.33 7.78
C ARG B 27 -19.01 20.98 8.69
N ARG B 28 -19.06 19.84 9.36
CA ARG B 28 -17.89 19.45 10.16
C ARG B 28 -16.72 19.07 9.26
N PHE B 29 -16.95 18.32 8.18
CA PHE B 29 -15.91 18.11 7.18
C PHE B 29 -15.35 19.45 6.71
N GLN B 30 -16.24 20.36 6.31
CA GLN B 30 -15.77 21.64 5.78
C GLN B 30 -14.96 22.40 6.82
N GLU B 31 -15.42 22.41 8.07
CA GLU B 31 -14.67 23.10 9.11
C GLU B 31 -13.28 22.51 9.22
N MET B 32 -13.21 21.17 9.18
CA MET B 32 -11.92 20.49 9.28
C MET B 32 -10.99 20.95 8.16
N PHE B 33 -11.45 20.92 6.91
CA PHE B 33 -10.62 21.39 5.80
C PHE B 33 -10.20 22.85 5.98
N ASP B 34 -11.11 23.69 6.48
CA ASP B 34 -10.79 25.11 6.62
C ASP B 34 -9.68 25.32 7.64
N ARG B 35 -9.70 24.58 8.75
CA ARG B 35 -8.64 24.72 9.73
C ARG B 35 -7.32 24.11 9.23
N HIS B 36 -7.36 22.92 8.65
CA HIS B 36 -6.13 22.15 8.45
C HIS B 36 -5.58 22.18 7.03
N VAL B 37 -6.39 22.48 6.02
CA VAL B 37 -5.90 22.60 4.65
C VAL B 37 -5.85 24.06 4.22
N VAL B 38 -6.95 24.78 4.39
CA VAL B 38 -7.13 26.15 3.96
C VAL B 38 -7.10 26.20 2.44
N THR B 39 -5.99 25.79 1.82
CA THR B 39 -5.87 25.91 0.38
C THR B 39 -7.11 25.29 -0.26
N ARG B 40 -7.75 26.07 -1.10
CA ARG B 40 -9.07 25.74 -1.59
C ARG B 40 -8.97 25.15 -3.00
N PRO B 41 -9.48 23.95 -3.23
CA PRO B 41 -9.30 23.27 -4.52
C PRO B 41 -9.83 24.12 -5.67
N THR B 42 -9.36 23.77 -6.87
CA THR B 42 -9.56 24.56 -8.10
C THR B 42 -9.98 23.62 -9.22
N LYS B 43 -11.03 23.98 -9.95
CA LYS B 43 -11.63 23.06 -10.89
C LYS B 43 -11.11 23.28 -12.31
N VAL B 44 -10.34 22.33 -12.85
CA VAL B 44 -9.97 22.43 -14.25
C VAL B 44 -11.23 22.54 -15.10
N GLU B 45 -11.30 23.61 -15.91
CA GLU B 45 -12.37 23.73 -16.91
C GLU B 45 -11.87 23.28 -18.26
N LEU B 46 -12.19 22.04 -18.63
CA LEU B 46 -11.89 21.52 -19.96
C LEU B 46 -12.78 22.22 -20.97
N THR B 47 -12.25 22.42 -22.19
CA THR B 47 -13.10 23.00 -23.22
C THR B 47 -14.15 22.00 -23.67
N ASP B 48 -15.14 22.54 -24.36
CA ASP B 48 -16.22 21.74 -24.93
C ASP B 48 -15.68 20.53 -25.68
N ALA B 49 -14.49 20.66 -26.26
CA ALA B 49 -13.99 19.65 -27.18
C ALA B 49 -12.91 18.79 -26.52
N GLU B 50 -12.14 19.37 -25.60
CA GLU B 50 -11.38 18.56 -24.67
C GLU B 50 -12.28 17.51 -24.03
N LEU B 51 -13.48 17.92 -23.61
CA LEU B 51 -14.40 16.99 -22.98
C LEU B 51 -14.94 15.96 -23.96
N ARG B 52 -15.28 16.38 -25.19
CA ARG B 52 -15.77 15.39 -26.15
C ARG B 52 -14.65 14.45 -26.59
N GLU B 53 -13.41 14.93 -26.60
CA GLU B 53 -12.30 14.02 -26.86
C GLU B 53 -12.17 13.00 -25.74
N VAL B 54 -12.42 13.42 -24.50
CA VAL B 54 -12.39 12.48 -23.38
C VAL B 54 -13.56 11.52 -23.48
N ILE B 55 -14.76 12.04 -23.78
CA ILE B 55 -15.96 11.20 -23.76
C ILE B 55 -15.98 10.22 -24.94
N ASP B 56 -15.50 10.65 -26.12
CA ASP B 56 -15.36 9.72 -27.25
C ASP B 56 -14.49 8.53 -26.86
N ASP B 57 -13.36 8.77 -26.19
CA ASP B 57 -12.51 7.66 -25.76
C ASP B 57 -13.20 6.81 -24.70
N CYS B 58 -13.99 7.43 -23.82
CA CYS B 58 -14.74 6.67 -22.82
C CYS B 58 -15.74 5.74 -23.47
N ASN B 59 -16.49 6.24 -24.45
CA ASN B 59 -17.49 5.39 -25.08
C ASN B 59 -16.84 4.30 -25.90
N ALA B 60 -15.77 4.62 -26.62
CA ALA B 60 -15.04 3.59 -27.35
C ALA B 60 -14.66 2.45 -26.41
N ALA B 61 -14.07 2.80 -25.26
CA ALA B 61 -13.49 1.78 -24.39
C ALA B 61 -14.53 0.86 -23.80
N VAL B 62 -15.73 1.36 -23.49
CA VAL B 62 -16.71 0.53 -22.80
C VAL B 62 -17.74 -0.05 -23.75
N ALA B 63 -17.79 0.40 -25.00
CA ALA B 63 -18.73 -0.19 -25.97
C ALA B 63 -18.67 -1.71 -26.06
N PRO B 64 -17.51 -2.37 -26.04
CA PRO B 64 -17.53 -3.84 -26.14
C PRO B 64 -18.24 -4.53 -24.98
N LEU B 65 -18.49 -3.85 -23.85
CA LEU B 65 -19.30 -4.47 -22.80
C LEU B 65 -20.79 -4.24 -23.02
N GLY B 66 -21.14 -3.43 -24.02
CA GLY B 66 -22.50 -3.12 -24.35
C GLY B 66 -23.00 -1.81 -23.80
N LYS B 67 -23.38 -1.77 -22.52
CA LYS B 67 -24.29 -0.78 -21.97
C LYS B 67 -23.90 0.64 -22.35
N THR B 68 -24.89 1.41 -22.80
CA THR B 68 -24.74 2.82 -23.04
C THR B 68 -24.42 3.56 -21.75
N VAL B 69 -23.66 4.64 -21.87
CA VAL B 69 -23.41 5.57 -20.77
C VAL B 69 -23.69 6.98 -21.29
N SER B 70 -24.62 7.68 -20.64
CA SER B 70 -24.99 9.02 -21.06
C SER B 70 -23.86 10.02 -20.76
N ASP B 71 -23.89 11.15 -21.49
CA ASP B 71 -22.91 12.20 -21.19
C ASP B 71 -23.07 12.68 -19.76
N GLU B 72 -24.30 12.78 -19.26
CA GLU B 72 -24.51 13.20 -17.89
C GLU B 72 -23.81 12.24 -16.91
N ARG B 73 -23.88 10.93 -17.19
CA ARG B 73 -23.21 9.98 -16.32
C ARG B 73 -21.69 10.11 -16.42
N TRP B 74 -21.17 10.21 -17.65
CA TRP B 74 -19.73 10.45 -17.82
C TRP B 74 -19.29 11.70 -17.06
N ILE B 75 -20.03 12.80 -17.21
CA ILE B 75 -19.63 14.02 -16.51
C ILE B 75 -19.73 13.84 -15.00
N SER B 76 -20.65 13.01 -14.52
CA SER B 76 -20.69 12.69 -13.10
C SER B 76 -19.43 11.96 -12.65
N TYR B 77 -18.90 11.08 -13.51
CA TYR B 77 -17.65 10.40 -13.18
C TYR B 77 -16.45 11.32 -13.27
N VAL B 78 -16.41 12.18 -14.30
CA VAL B 78 -15.16 12.89 -14.61
C VAL B 78 -14.89 14.03 -13.63
N GLY B 79 -15.94 14.54 -12.96
CA GLY B 79 -15.76 15.66 -12.04
C GLY B 79 -14.69 15.44 -10.99
N VAL B 80 -14.50 14.20 -10.52
CA VAL B 80 -13.49 13.99 -9.49
C VAL B 80 -12.11 14.36 -10.02
N VAL B 81 -11.82 14.07 -11.29
CA VAL B 81 -10.53 14.45 -11.85
C VAL B 81 -10.45 15.97 -12.01
N LEU B 82 -11.53 16.59 -12.47
CA LEU B 82 -11.51 18.04 -12.69
C LEU B 82 -11.32 18.80 -11.39
N TRP B 83 -11.84 18.27 -10.29
CA TRP B 83 -11.78 18.97 -9.00
C TRP B 83 -10.62 18.54 -8.10
N SER B 84 -10.04 17.36 -8.31
CA SER B 84 -9.14 16.81 -7.30
C SER B 84 -7.72 16.57 -7.82
N GLN B 85 -7.35 17.17 -8.94
CA GLN B 85 -5.95 17.32 -9.29
C GLN B 85 -5.50 18.67 -8.72
N SER B 86 -4.36 19.21 -9.17
CA SER B 86 -3.87 20.47 -8.61
C SER B 86 -3.44 21.37 -9.75
N PRO B 87 -4.34 22.24 -10.23
CA PRO B 87 -4.08 22.97 -11.49
C PRO B 87 -2.78 23.74 -11.53
N ARG B 88 -2.38 24.39 -10.43
CA ARG B 88 -1.20 25.23 -10.48
C ARG B 88 0.06 24.45 -10.81
N HIS B 89 0.08 23.14 -10.57
CA HIS B 89 1.26 22.33 -10.79
C HIS B 89 1.22 21.58 -12.10
N ILE B 90 0.14 21.73 -12.87
CA ILE B 90 -0.02 20.92 -14.07
C ILE B 90 0.96 21.39 -15.13
N LYS B 91 1.73 20.44 -15.67
CA LYS B 91 2.57 20.72 -16.84
C LYS B 91 2.28 19.82 -18.02
N ASP B 92 1.74 18.63 -17.81
CA ASP B 92 1.45 17.73 -18.91
C ASP B 92 -0.06 17.54 -18.97
N MET B 93 -0.71 18.22 -19.93
CA MET B 93 -2.16 18.15 -20.03
C MET B 93 -2.64 16.91 -20.77
N GLU B 94 -1.77 16.26 -21.54
CA GLU B 94 -2.15 14.99 -22.15
C GLU B 94 -2.22 13.87 -21.11
N ALA B 95 -1.34 13.90 -20.12
CA ALA B 95 -1.47 12.97 -19.00
C ALA B 95 -2.76 13.24 -18.23
N PHE B 96 -3.13 14.52 -18.10
CA PHE B 96 -4.36 14.85 -17.38
C PHE B 96 -5.56 14.24 -18.08
N LYS B 97 -5.62 14.35 -19.42
CA LYS B 97 -6.74 13.78 -20.17
C LYS B 97 -6.78 12.26 -20.05
N ALA B 98 -5.62 11.61 -20.04
CA ALA B 98 -5.59 10.16 -19.80
C ALA B 98 -6.26 9.82 -18.47
N VAL B 99 -5.99 10.58 -17.42
CA VAL B 99 -6.57 10.27 -16.12
C VAL B 99 -8.07 10.50 -16.15
N CYS B 100 -8.54 11.54 -16.87
CA CYS B 100 -9.98 11.69 -17.08
C CYS B 100 -10.59 10.42 -17.65
N VAL B 101 -9.99 9.89 -18.72
CA VAL B 101 -10.57 8.73 -19.37
C VAL B 101 -10.46 7.50 -18.47
N LEU B 102 -9.25 7.21 -17.97
CA LEU B 102 -9.04 6.02 -17.16
C LEU B 102 -9.91 6.03 -15.92
N ASN B 103 -10.02 7.18 -15.27
CA ASN B 103 -10.94 7.31 -14.15
C ASN B 103 -12.36 6.91 -14.53
N CYS B 104 -12.86 7.46 -15.65
CA CYS B 104 -14.27 7.28 -15.98
C CYS B 104 -14.60 5.85 -16.37
N VAL B 105 -13.75 5.20 -17.17
CA VAL B 105 -14.14 3.88 -17.65
C VAL B 105 -14.03 2.85 -16.54
N THR B 106 -13.10 3.03 -15.60
CA THR B 106 -13.06 2.11 -14.46
C THR B 106 -14.15 2.44 -13.44
N PHE B 107 -14.68 3.66 -13.44
CA PHE B 107 -15.89 3.93 -12.67
C PHE B 107 -17.07 3.12 -13.20
N VAL B 108 -17.22 3.04 -14.53
CA VAL B 108 -18.25 2.19 -15.10
C VAL B 108 -18.07 0.75 -14.63
N TRP B 109 -16.84 0.26 -14.70
CA TRP B 109 -16.51 -1.09 -14.23
C TRP B 109 -16.95 -1.30 -12.79
N ASP B 110 -16.71 -0.29 -11.94
CA ASP B 110 -17.11 -0.31 -10.53
C ASP B 110 -18.63 -0.45 -10.38
N ASP B 111 -19.39 0.17 -11.28
CA ASP B 111 -20.85 0.16 -11.22
C ASP B 111 -21.48 -1.02 -11.95
N MET B 112 -20.69 -1.88 -12.56
CA MET B 112 -21.21 -2.97 -13.37
C MET B 112 -21.43 -4.23 -12.56
N ASP B 113 -22.44 -5.00 -12.97
CA ASP B 113 -22.49 -6.39 -12.57
C ASP B 113 -21.18 -7.07 -12.98
N PRO B 114 -20.69 -8.03 -12.19
CA PRO B 114 -19.43 -8.70 -12.54
C PRO B 114 -19.51 -9.54 -13.82
N ALA B 115 -20.66 -10.14 -14.14
CA ALA B 115 -20.77 -10.92 -15.37
C ALA B 115 -20.73 -10.04 -16.61
N LEU B 116 -20.49 -8.74 -16.46
CA LEU B 116 -20.21 -7.86 -17.59
C LEU B 116 -18.73 -7.58 -17.75
N HIS B 117 -17.92 -8.00 -16.77
CA HIS B 117 -16.49 -7.73 -16.72
C HIS B 117 -15.73 -8.67 -17.66
N ASP B 118 -15.55 -8.25 -18.90
CA ASP B 118 -14.80 -9.04 -19.87
C ASP B 118 -13.40 -8.46 -20.00
N PHE B 119 -12.42 -9.14 -19.37
CA PHE B 119 -11.07 -8.62 -19.38
C PHE B 119 -10.49 -8.63 -20.79
N GLY B 120 -10.92 -9.58 -21.62
CA GLY B 120 -10.40 -9.68 -22.97
C GLY B 120 -10.79 -8.51 -23.85
N LEU B 121 -12.02 -8.02 -23.68
CA LEU B 121 -12.44 -6.84 -24.41
C LEU B 121 -11.91 -5.56 -23.76
N PHE B 122 -11.87 -5.53 -22.42
CA PHE B 122 -11.60 -4.27 -21.73
C PHE B 122 -10.10 -3.98 -21.59
N LEU B 123 -9.28 -4.94 -21.15
CA LEU B 123 -7.86 -4.65 -20.99
C LEU B 123 -7.21 -4.07 -22.25
N PRO B 124 -7.48 -4.57 -23.46
CA PRO B 124 -6.89 -3.95 -24.65
C PRO B 124 -7.27 -2.48 -24.83
N GLN B 125 -8.47 -2.07 -24.41
CA GLN B 125 -8.85 -0.66 -24.50
C GLN B 125 -8.13 0.17 -23.47
N LEU B 126 -7.99 -0.33 -22.24
CA LEU B 126 -7.13 0.33 -21.26
C LEU B 126 -5.72 0.48 -21.80
N ARG B 127 -5.21 -0.56 -22.47
CA ARG B 127 -3.89 -0.48 -23.07
C ARG B 127 -3.81 0.66 -24.09
N LYS B 128 -4.77 0.69 -25.03
CA LYS B 128 -4.74 1.68 -26.10
C LYS B 128 -4.84 3.10 -25.55
N ILE B 129 -5.57 3.27 -24.45
CA ILE B 129 -5.69 4.59 -23.84
C ILE B 129 -4.34 5.04 -23.29
N CYS B 130 -3.67 4.14 -22.55
CA CYS B 130 -2.39 4.50 -21.96
C CYS B 130 -1.37 4.84 -23.03
N GLU B 131 -1.43 4.13 -24.18
CA GLU B 131 -0.46 4.35 -25.23
C GLU B 131 -0.73 5.65 -25.99
N LYS B 132 -2.00 6.06 -26.07
CA LYS B 132 -2.34 7.30 -26.76
C LYS B 132 -1.83 8.53 -26.03
N TYR B 133 -1.94 8.55 -24.69
CA TYR B 133 -1.67 9.76 -23.91
C TYR B 133 -0.32 9.79 -23.21
N TYR B 134 0.36 8.65 -23.00
CA TYR B 134 1.60 8.60 -22.26
C TYR B 134 2.75 8.07 -23.13
N GLY B 135 3.96 8.54 -22.84
CA GLY B 135 5.17 7.89 -23.28
C GLY B 135 5.24 6.44 -22.83
N PRO B 136 6.04 5.64 -23.54
CA PRO B 136 5.95 4.17 -23.37
C PRO B 136 6.10 3.67 -21.93
N GLU B 137 6.99 4.24 -21.13
CA GLU B 137 7.22 3.67 -19.81
C GLU B 137 6.22 4.21 -18.77
N ASP B 138 5.75 5.46 -18.95
CA ASP B 138 4.62 5.96 -18.16
C ASP B 138 3.35 5.18 -18.50
N ALA B 139 3.17 4.86 -19.78
CA ALA B 139 2.03 4.04 -20.19
C ALA B 139 2.07 2.68 -19.52
N GLU B 140 3.26 2.12 -19.31
CA GLU B 140 3.31 0.81 -18.67
C GLU B 140 2.90 0.91 -17.21
N VAL B 141 3.24 2.01 -16.54
CA VAL B 141 2.88 2.20 -15.14
C VAL B 141 1.39 2.43 -14.97
N ALA B 142 0.80 3.26 -15.84
CA ALA B 142 -0.65 3.48 -15.74
C ALA B 142 -1.41 2.21 -16.07
N TYR B 143 -1.02 1.51 -17.14
CA TYR B 143 -1.74 0.29 -17.52
C TYR B 143 -1.72 -0.77 -16.41
N GLU B 144 -0.55 -1.06 -15.84
CA GLU B 144 -0.50 -2.03 -14.73
C GLU B 144 -1.43 -1.63 -13.60
N ALA B 145 -1.46 -0.35 -13.27
CA ALA B 145 -2.32 0.10 -12.19
C ALA B 145 -3.79 -0.07 -12.54
N ALA B 146 -4.18 0.24 -13.79
CA ALA B 146 -5.59 0.09 -14.17
C ALA B 146 -5.98 -1.38 -14.18
N ARG B 147 -5.13 -2.23 -14.75
CA ARG B 147 -5.34 -3.67 -14.69
C ARG B 147 -5.48 -4.14 -13.24
N ALA B 148 -4.56 -3.75 -12.38
CA ALA B 148 -4.63 -4.20 -10.99
C ALA B 148 -5.94 -3.74 -10.33
N PHE B 149 -6.39 -2.52 -10.64
CA PHE B 149 -7.63 -2.07 -10.03
C PHE B 149 -8.83 -2.89 -10.53
N VAL B 150 -9.00 -3.00 -11.85
CA VAL B 150 -10.21 -3.67 -12.33
C VAL B 150 -10.18 -5.15 -11.95
N THR B 151 -9.01 -5.76 -11.87
CA THR B 151 -8.93 -7.14 -11.40
C THR B 151 -9.35 -7.26 -9.94
N SER B 152 -8.91 -6.32 -9.10
CA SER B 152 -9.32 -6.30 -7.69
C SER B 152 -10.83 -6.10 -7.54
N ASP B 153 -11.39 -5.08 -8.21
CA ASP B 153 -12.82 -4.83 -8.09
C ASP B 153 -13.60 -6.08 -8.44
N HIS B 154 -13.19 -6.78 -9.51
CA HIS B 154 -13.86 -8.02 -9.90
C HIS B 154 -13.67 -9.11 -8.86
N MET B 155 -12.44 -9.37 -8.44
CA MET B 155 -12.22 -10.58 -7.66
C MET B 155 -12.83 -10.49 -6.27
N PHE B 156 -12.98 -9.28 -5.72
CA PHE B 156 -13.50 -9.18 -4.36
C PHE B 156 -15.03 -9.08 -4.30
N ARG B 157 -15.73 -9.06 -5.44
CA ARG B 157 -17.19 -9.20 -5.39
C ARG B 157 -17.55 -10.59 -4.87
N ASP B 158 -18.28 -10.66 -3.76
CA ASP B 158 -18.53 -11.97 -3.10
C ASP B 158 -17.24 -12.59 -2.54
N SER B 159 -16.40 -11.79 -1.87
CA SER B 159 -15.20 -12.42 -1.31
C SER B 159 -15.25 -12.43 0.22
N PRO B 160 -15.07 -13.60 0.86
CA PRO B 160 -14.89 -13.59 2.32
C PRO B 160 -13.70 -12.75 2.76
N ILE B 161 -12.69 -12.59 1.90
CA ILE B 161 -11.60 -11.66 2.25
C ILE B 161 -12.17 -10.27 2.46
N LYS B 162 -12.95 -9.80 1.50
CA LYS B 162 -13.53 -8.46 1.61
C LYS B 162 -14.36 -8.33 2.89
N ALA B 163 -15.14 -9.35 3.21
CA ALA B 163 -15.97 -9.30 4.42
C ALA B 163 -15.11 -9.31 5.67
N ALA B 164 -13.99 -10.04 5.66
CA ALA B 164 -13.09 -10.01 6.81
C ALA B 164 -12.48 -8.62 6.98
N LEU B 165 -11.92 -8.05 5.90
CA LEU B 165 -11.28 -6.75 6.01
C LEU B 165 -12.29 -5.63 6.28
N CYS B 166 -13.55 -5.84 5.89
CA CYS B 166 -14.56 -4.78 6.03
C CYS B 166 -15.30 -4.80 7.35
N THR B 167 -15.20 -5.87 8.12
CA THR B 167 -15.95 -5.96 9.37
C THR B 167 -15.07 -6.10 10.61
N THR B 168 -13.75 -6.09 10.47
CA THR B 168 -12.84 -6.35 11.59
C THR B 168 -12.44 -5.09 12.35
N SER B 169 -12.01 -4.04 11.64
CA SER B 169 -11.58 -2.80 12.28
C SER B 169 -11.40 -1.73 11.21
N PRO B 170 -11.38 -0.45 11.60
CA PRO B 170 -11.10 0.59 10.57
C PRO B 170 -9.75 0.39 9.92
N GLU B 171 -8.76 -0.02 10.71
CA GLU B 171 -7.46 -0.45 10.21
C GLU B 171 -7.56 -1.39 9.01
N GLN B 172 -8.06 -2.62 9.22
CA GLN B 172 -8.14 -3.60 8.13
C GLN B 172 -8.90 -3.02 6.94
N TYR B 173 -9.97 -2.28 7.23
CA TYR B 173 -10.79 -1.73 6.16
C TYR B 173 -10.00 -0.76 5.29
N PHE B 174 -9.30 0.20 5.90
CA PHE B 174 -8.58 1.17 5.08
C PHE B 174 -7.42 0.51 4.33
N ARG B 175 -6.87 -0.56 4.89
CA ARG B 175 -5.91 -1.38 4.15
C ARG B 175 -6.51 -1.89 2.84
N PHE B 176 -7.75 -2.39 2.88
CA PHE B 176 -8.40 -2.82 1.65
C PHE B 176 -8.60 -1.67 0.66
N ARG B 177 -8.91 -0.49 1.19
CA ARG B 177 -9.30 0.62 0.31
C ARG B 177 -8.11 1.31 -0.35
N VAL B 178 -6.88 1.07 0.11
CA VAL B 178 -5.74 1.64 -0.62
C VAL B 178 -5.82 1.26 -2.09
N THR B 179 -6.22 0.02 -2.37
CA THR B 179 -6.45 -0.41 -3.74
C THR B 179 -7.89 -0.16 -4.17
N ASP B 180 -8.84 -0.54 -3.34
CA ASP B 180 -10.21 -0.66 -3.80
C ASP B 180 -10.85 0.70 -4.06
N ILE B 181 -10.50 1.72 -3.29
CA ILE B 181 -11.05 3.02 -3.63
C ILE B 181 -10.43 3.57 -4.89
N GLY B 182 -9.34 2.97 -5.40
CA GLY B 182 -8.74 3.39 -6.64
C GLY B 182 -7.60 4.39 -6.52
N VAL B 183 -7.22 4.77 -5.30
CA VAL B 183 -6.25 5.87 -5.15
C VAL B 183 -4.85 5.45 -5.54
N ASP B 184 -4.45 4.20 -5.29
CA ASP B 184 -3.13 3.78 -5.77
C ASP B 184 -3.06 3.91 -7.29
N PHE B 185 -4.08 3.40 -7.97
CA PHE B 185 -4.23 3.55 -9.41
C PHE B 185 -4.15 5.03 -9.80
N TRP B 186 -4.95 5.87 -9.15
CA TRP B 186 -4.94 7.30 -9.39
C TRP B 186 -3.54 7.89 -9.35
N MET B 187 -2.78 7.57 -8.30
CA MET B 187 -1.45 8.14 -8.18
C MET B 187 -0.54 7.67 -9.32
N LYS B 188 -0.63 6.38 -9.66
CA LYS B 188 0.28 5.82 -10.65
C LYS B 188 -0.09 6.21 -12.06
N MET B 189 -1.28 6.78 -12.28
CA MET B 189 -1.58 7.36 -13.59
C MET B 189 -1.49 8.89 -13.58
N SER B 190 -1.49 9.54 -12.41
CA SER B 190 -1.44 10.99 -12.33
C SER B 190 -0.02 11.57 -12.26
N TYR B 191 0.99 10.79 -11.86
CA TYR B 191 2.31 11.42 -11.75
C TYR B 191 2.84 11.96 -13.08
N PRO B 192 2.54 11.39 -14.25
CA PRO B 192 2.98 12.06 -15.49
C PRO B 192 2.39 13.46 -15.66
N ILE B 193 1.30 13.80 -14.96
CA ILE B 193 0.71 15.14 -15.08
C ILE B 193 1.70 16.19 -14.60
N TYR B 194 2.44 15.88 -13.54
CA TYR B 194 3.22 16.85 -12.80
C TYR B 194 4.71 16.83 -13.11
N ARG B 195 5.24 15.68 -13.56
CA ARG B 195 6.67 15.53 -13.90
C ARG B 195 7.55 15.94 -12.72
N HIS B 196 7.06 15.69 -11.52
CA HIS B 196 7.75 16.05 -10.30
C HIS B 196 8.41 14.80 -9.71
N PRO B 197 9.74 14.72 -9.68
CA PRO B 197 10.38 13.45 -9.34
C PRO B 197 10.02 12.91 -7.96
N GLU B 198 9.94 13.74 -6.92
CA GLU B 198 9.54 13.20 -5.61
C GLU B 198 8.10 12.71 -5.62
N PHE B 199 7.19 13.43 -6.27
CA PHE B 199 5.82 12.92 -6.35
C PHE B 199 5.78 11.59 -7.09
N THR B 200 6.61 11.45 -8.12
CA THR B 200 6.70 10.22 -8.88
C THR B 200 7.17 9.06 -8.01
N GLU B 201 8.18 9.28 -7.15
CA GLU B 201 8.59 8.18 -6.28
C GLU B 201 7.49 7.85 -5.27
N HIS B 202 6.88 8.86 -4.64
CA HIS B 202 5.81 8.57 -3.68
C HIS B 202 4.64 7.85 -4.35
N ALA B 203 4.39 8.17 -5.62
CA ALA B 203 3.38 7.44 -6.37
C ALA B 203 3.79 5.98 -6.55
N LYS B 204 5.03 5.75 -6.96
CA LYS B 204 5.42 4.39 -7.33
C LYS B 204 5.64 3.49 -6.11
N THR B 205 6.02 4.03 -4.95
CA THR B 205 6.06 3.24 -3.72
C THR B 205 4.69 3.02 -3.12
N SER B 206 3.68 3.77 -3.58
CA SER B 206 2.33 3.80 -3.03
C SER B 206 2.23 4.52 -1.70
N LEU B 207 3.32 5.14 -1.21
CA LEU B 207 3.19 5.99 -0.02
C LEU B 207 2.19 7.14 -0.28
N ALA B 208 2.16 7.65 -1.51
CA ALA B 208 1.19 8.69 -1.86
C ALA B 208 -0.23 8.20 -1.62
N ALA B 209 -0.56 7.02 -2.11
CA ALA B 209 -1.87 6.43 -1.89
C ALA B 209 -2.12 6.17 -0.41
N ARG B 210 -1.11 5.65 0.30
CA ARG B 210 -1.33 5.35 1.71
C ARG B 210 -1.60 6.62 2.53
N MET B 211 -1.02 7.76 2.11
CA MET B 211 -1.26 9.01 2.86
C MET B 211 -2.68 9.53 2.65
N THR B 212 -3.28 9.26 1.50
CA THR B 212 -4.53 9.92 1.10
C THR B 212 -5.74 9.01 1.19
N THR B 213 -5.54 7.71 1.47
CA THR B 213 -6.65 6.76 1.44
C THR B 213 -7.74 7.12 2.43
N ARG B 214 -7.38 7.46 3.67
CA ARG B 214 -8.45 7.69 4.66
C ARG B 214 -9.23 8.97 4.34
N GLY B 215 -8.55 10.00 3.88
CA GLY B 215 -9.26 11.25 3.56
C GLY B 215 -10.26 11.06 2.43
N LEU B 216 -9.85 10.34 1.39
CA LEU B 216 -10.79 10.05 0.30
C LEU B 216 -11.92 9.13 0.76
N THR B 217 -11.56 8.07 1.49
CA THR B 217 -12.51 7.01 1.77
C THR B 217 -13.57 7.45 2.77
N ILE B 218 -13.16 8.13 3.82
CA ILE B 218 -14.13 8.53 4.84
C ILE B 218 -15.19 9.42 4.23
N VAL B 219 -14.78 10.35 3.38
CA VAL B 219 -15.72 11.22 2.69
C VAL B 219 -16.58 10.43 1.72
N ASN B 220 -15.96 9.60 0.88
CA ASN B 220 -16.76 8.80 -0.04
C ASN B 220 -17.76 7.94 0.70
N ASP B 221 -17.30 7.27 1.78
CA ASP B 221 -18.16 6.35 2.50
C ASP B 221 -19.37 7.08 3.08
N PHE B 222 -19.16 8.27 3.63
CA PHE B 222 -20.28 8.95 4.28
C PHE B 222 -21.39 9.22 3.26
N TYR B 223 -21.01 9.73 2.11
CA TYR B 223 -22.00 10.18 1.14
C TYR B 223 -22.50 9.07 0.21
N SER B 224 -21.84 7.91 0.17
CA SER B 224 -22.34 6.79 -0.63
C SER B 224 -22.97 5.70 0.23
N TYR B 225 -23.02 5.91 1.55
CA TYR B 225 -23.56 4.92 2.48
C TYR B 225 -24.98 4.47 2.10
N ASP B 226 -25.88 5.43 1.84
CA ASP B 226 -27.27 5.06 1.61
C ASP B 226 -27.41 4.19 0.37
N ARG B 227 -26.72 4.54 -0.71
CA ARG B 227 -26.80 3.73 -1.91
C ARG B 227 -26.18 2.35 -1.67
N GLU B 228 -25.00 2.32 -1.08
CA GLU B 228 -24.31 1.05 -0.89
C GLU B 228 -25.08 0.10 0.01
N VAL B 229 -25.69 0.62 1.09
CA VAL B 229 -26.46 -0.30 1.93
C VAL B 229 -27.69 -0.80 1.18
N SER B 230 -28.29 0.02 0.32
CA SER B 230 -29.46 -0.43 -0.43
C SER B 230 -29.09 -1.49 -1.48
N LEU B 231 -27.81 -1.63 -1.80
CA LEU B 231 -27.37 -2.60 -2.81
C LEU B 231 -26.65 -3.82 -2.21
N GLY B 232 -26.48 -3.87 -0.89
CA GLY B 232 -25.69 -4.96 -0.31
C GLY B 232 -24.20 -4.85 -0.57
N GLN B 233 -23.66 -3.64 -0.60
CA GLN B 233 -22.22 -3.45 -0.68
C GLN B 233 -21.67 -3.16 0.71
N ILE B 234 -20.74 -4.00 1.17
CA ILE B 234 -20.23 -3.87 2.53
C ILE B 234 -19.00 -3.00 2.62
N THR B 235 -18.50 -2.49 1.50
CA THR B 235 -17.24 -1.75 1.50
C THR B 235 -17.52 -0.29 1.88
N ASN B 236 -17.66 -0.06 3.19
CA ASN B 236 -18.02 1.26 3.72
C ASN B 236 -17.76 1.29 5.22
N CYS B 237 -16.91 2.19 5.69
CA CYS B 237 -16.49 2.13 7.09
C CYS B 237 -17.63 2.42 8.06
N PHE B 238 -18.68 3.15 7.64
CA PHE B 238 -19.74 3.39 8.60
C PHE B 238 -20.61 2.17 8.89
N ARG B 239 -20.44 1.07 8.14
CA ARG B 239 -21.04 -0.19 8.58
C ARG B 239 -20.37 -0.74 9.84
N LEU B 240 -19.21 -0.21 10.21
CA LEU B 240 -18.50 -0.63 11.41
C LEU B 240 -19.01 0.02 12.69
N CYS B 241 -20.04 0.85 12.61
CA CYS B 241 -20.65 1.45 13.79
C CYS B 241 -22.16 1.42 13.62
N ASP B 242 -22.84 1.54 14.75
CA ASP B 242 -24.30 1.53 14.74
C ASP B 242 -24.76 2.94 14.37
N VAL B 243 -24.94 3.19 13.07
CA VAL B 243 -25.38 4.51 12.66
C VAL B 243 -26.78 4.83 13.21
N SER B 244 -27.57 3.82 13.60
CA SER B 244 -28.87 4.10 14.19
C SER B 244 -28.79 4.63 15.62
N ASP B 245 -27.59 4.72 16.18
CA ASP B 245 -27.38 5.19 17.54
C ASP B 245 -26.54 6.46 17.44
N GLU B 246 -27.19 7.60 17.66
CA GLU B 246 -26.56 8.89 17.41
C GLU B 246 -25.26 9.04 18.18
N THR B 247 -25.24 8.56 19.42
CA THR B 247 -24.06 8.71 20.25
C THR B 247 -22.89 7.88 19.71
N ALA B 248 -23.16 6.62 19.38
CA ALA B 248 -22.10 5.78 18.81
C ALA B 248 -21.65 6.32 17.47
N PHE B 249 -22.60 6.78 16.64
CA PHE B 249 -22.23 7.35 15.35
C PHE B 249 -21.28 8.53 15.54
N LYS B 250 -21.56 9.40 16.51
CA LYS B 250 -20.74 10.61 16.57
C LYS B 250 -19.37 10.33 17.18
N GLU B 251 -19.24 9.36 18.08
CA GLU B 251 -17.89 8.96 18.48
C GLU B 251 -17.12 8.47 17.27
N PHE B 252 -17.73 7.58 16.49
CA PHE B 252 -17.07 7.00 15.32
C PHE B 252 -16.70 8.09 14.33
N PHE B 253 -17.61 9.03 14.11
CA PHE B 253 -17.33 10.11 13.17
C PHE B 253 -16.17 10.98 13.64
N GLN B 254 -16.17 11.35 14.92
CA GLN B 254 -15.01 12.00 15.54
C GLN B 254 -13.73 11.24 15.26
N ALA B 255 -13.73 9.93 15.53
CA ALA B 255 -12.53 9.14 15.32
C ALA B 255 -12.06 9.23 13.86
N ARG B 256 -13.00 9.23 12.92
CA ARG B 256 -12.61 9.32 11.51
C ARG B 256 -12.11 10.73 11.17
N LEU B 257 -12.76 11.78 11.70
CA LEU B 257 -12.24 13.13 11.57
C LEU B 257 -10.78 13.20 12.06
N ASP B 258 -10.51 12.65 13.25
CA ASP B 258 -9.15 12.66 13.78
C ASP B 258 -8.19 11.94 12.85
N ASP B 259 -8.61 10.82 12.25
CA ASP B 259 -7.78 10.12 11.28
C ASP B 259 -7.40 11.06 10.13
N MET B 260 -8.40 11.78 9.59
CA MET B 260 -8.14 12.68 8.48
C MET B 260 -7.16 13.77 8.86
N ILE B 261 -7.35 14.34 10.05
CA ILE B 261 -6.49 15.42 10.52
C ILE B 261 -5.06 14.94 10.67
N GLU B 262 -4.89 13.77 11.26
CA GLU B 262 -3.54 13.24 11.45
C GLU B 262 -2.85 13.05 10.10
N ASP B 263 -3.56 12.50 9.11
CA ASP B 263 -2.97 12.33 7.78
C ASP B 263 -2.60 13.67 7.17
N ILE B 264 -3.52 14.63 7.23
CA ILE B 264 -3.26 15.94 6.64
C ILE B 264 -2.03 16.59 7.27
N GLU B 265 -1.96 16.57 8.61
CA GLU B 265 -0.80 17.14 9.28
C GLU B 265 0.51 16.45 8.89
N CYS B 266 0.53 15.12 8.83
CA CYS B 266 1.73 14.45 8.34
C CYS B 266 1.99 14.74 6.86
N ILE B 267 0.94 14.97 6.07
CA ILE B 267 1.14 15.33 4.67
C ILE B 267 1.94 16.63 4.53
N LYS B 268 1.85 17.53 5.52
CA LYS B 268 2.60 18.78 5.50
C LYS B 268 4.12 18.60 5.48
N ALA B 269 4.62 17.39 5.76
CA ALA B 269 6.05 17.15 5.74
C ALA B 269 6.59 16.88 4.34
N PHE B 270 5.73 16.53 3.39
CA PHE B 270 6.22 16.26 2.05
C PHE B 270 6.63 17.57 1.39
N ASP B 271 7.30 17.48 0.25
CA ASP B 271 7.74 18.65 -0.48
C ASP B 271 6.51 19.46 -0.88
N GLN B 272 6.72 20.76 -1.09
CA GLN B 272 5.58 21.67 -1.10
C GLN B 272 4.72 21.50 -2.35
N LEU B 273 5.25 20.83 -3.38
CA LEU B 273 4.41 20.49 -4.53
C LEU B 273 3.61 19.22 -4.23
N THR B 274 4.29 18.20 -3.72
CA THR B 274 3.62 16.95 -3.39
C THR B 274 2.48 17.18 -2.41
N GLN B 275 2.68 18.02 -1.39
CA GLN B 275 1.63 18.20 -0.39
C GLN B 275 0.45 18.97 -0.96
N ASP B 276 0.70 19.92 -1.88
CA ASP B 276 -0.41 20.55 -2.59
C ASP B 276 -1.25 19.49 -3.30
N VAL B 277 -0.58 18.58 -4.02
CA VAL B 277 -1.28 17.57 -4.80
C VAL B 277 -2.09 16.64 -3.88
N PHE B 278 -1.47 16.17 -2.80
CA PHE B 278 -2.20 15.32 -1.86
C PHE B 278 -3.42 16.04 -1.30
N LEU B 279 -3.25 17.30 -0.88
CA LEU B 279 -4.34 18.00 -0.22
C LEU B 279 -5.43 18.40 -1.20
N ASP B 280 -5.07 18.80 -2.43
CA ASP B 280 -6.11 19.07 -3.42
C ASP B 280 -6.89 17.80 -3.73
N LEU B 281 -6.23 16.64 -3.68
CA LEU B 281 -6.94 15.39 -3.91
C LEU B 281 -7.99 15.16 -2.85
N ILE B 282 -7.60 15.24 -1.57
CA ILE B 282 -8.55 14.96 -0.49
C ILE B 282 -9.65 16.01 -0.45
N TYR B 283 -9.28 17.28 -0.53
CA TYR B 283 -10.25 18.34 -0.40
C TYR B 283 -11.09 18.46 -1.68
N GLY B 284 -10.46 18.33 -2.84
CA GLY B 284 -11.22 18.32 -4.08
C GLY B 284 -12.24 17.19 -4.14
N ASN B 285 -11.87 16.00 -3.65
CA ASN B 285 -12.82 14.91 -3.65
C ASN B 285 -14.04 15.26 -2.80
N PHE B 286 -13.84 15.98 -1.70
CA PHE B 286 -14.96 16.38 -0.87
C PHE B 286 -15.87 17.39 -1.58
N VAL B 287 -15.27 18.37 -2.25
CA VAL B 287 -16.09 19.33 -3.01
C VAL B 287 -16.91 18.63 -4.08
N TRP B 288 -16.25 17.78 -4.87
CA TRP B 288 -16.93 17.02 -5.92
C TRP B 288 -18.03 16.14 -5.36
N THR B 289 -17.71 15.39 -4.28
CA THR B 289 -18.67 14.45 -3.72
C THR B 289 -19.95 15.15 -3.27
N THR B 290 -19.83 16.34 -2.68
CA THR B 290 -20.99 17.02 -2.12
C THR B 290 -21.79 17.75 -3.18
N SER B 291 -21.27 17.87 -4.39
CA SER B 291 -21.95 18.57 -5.46
C SER B 291 -22.51 17.62 -6.51
N ASN B 292 -22.29 16.32 -6.35
CA ASN B 292 -22.50 15.29 -7.37
C ASN B 292 -23.82 14.57 -7.14
N LYS B 293 -24.70 14.58 -8.16
CA LYS B 293 -25.96 13.86 -8.04
C LYS B 293 -25.74 12.38 -7.73
N ARG B 294 -24.60 11.83 -8.14
CA ARG B 294 -24.24 10.46 -7.83
C ARG B 294 -24.41 10.15 -6.35
N TYR B 295 -24.19 11.13 -5.47
CA TYR B 295 -24.11 10.93 -4.04
C TYR B 295 -25.28 11.54 -3.26
N LYS B 296 -26.49 11.52 -3.81
CA LYS B 296 -27.64 12.10 -3.13
C LYS B 296 -28.92 11.29 -3.18
N THR B 297 -29.45 11.02 -4.38
CA THR B 297 -30.59 10.13 -4.53
C THR B 297 -30.08 8.72 -4.82
N ALA B 298 -30.66 7.75 -4.10
CA ALA B 298 -29.98 6.48 -3.83
C ALA B 298 -29.87 5.59 -5.07
N VAL B 299 -30.83 5.69 -5.98
CA VAL B 299 -30.71 5.09 -7.31
C VAL B 299 -31.23 6.14 -8.29
N ASN B 300 -30.43 6.47 -9.29
CA ASN B 300 -30.86 7.52 -10.20
C ASN B 300 -30.22 7.30 -11.55
N ASP B 301 -30.50 8.23 -12.47
CA ASP B 301 -30.01 8.14 -13.84
C ASP B 301 -28.48 8.08 -13.92
N VAL B 302 -27.76 8.32 -12.82
CA VAL B 302 -26.30 8.34 -12.87
C VAL B 302 -25.64 7.50 -11.78
N ASN B 303 -26.39 6.66 -11.06
CA ASN B 303 -25.82 5.93 -9.93
C ASN B 303 -26.37 4.51 -9.75
N SER B 304 -27.47 4.14 -10.42
CA SER B 304 -27.98 2.79 -10.21
C SER B 304 -27.17 1.77 -11.00
N ARG B 305 -27.16 0.53 -10.50
CA ARG B 305 -26.22 -0.48 -10.98
C ARG B 305 -26.37 -0.72 -12.47
N ILE B 306 -25.25 -0.67 -13.19
CA ILE B 306 -25.26 -0.89 -14.63
C ILE B 306 -25.45 -2.38 -14.87
N GLN B 307 -26.69 -2.74 -15.19
CA GLN B 307 -27.18 -4.11 -15.17
C GLN B 307 -27.08 -4.67 -16.58
N ALA B 308 -26.82 -5.97 -16.66
CA ALA B 308 -26.83 -6.73 -17.91
C ALA B 308 -27.78 -6.17 -18.97
N GLY A 14 17.21 5.15 30.87
CA GLY A 14 16.73 3.79 30.80
C GLY A 14 15.88 3.63 29.55
N ARG A 15 16.03 4.58 28.64
CA ARG A 15 15.38 4.50 27.35
C ARG A 15 16.31 4.00 26.27
N SER A 16 17.54 3.61 26.61
CA SER A 16 18.52 3.18 25.62
C SER A 16 18.33 1.74 25.14
N SER A 17 17.57 0.90 25.85
CA SER A 17 17.63 -0.53 25.55
C SER A 17 16.36 -1.23 25.98
N VAL A 18 15.92 -2.20 25.18
CA VAL A 18 14.83 -3.08 25.57
C VAL A 18 15.36 -4.37 26.17
N ARG A 19 16.65 -4.42 26.51
CA ARG A 19 17.25 -5.60 27.15
C ARG A 19 16.51 -6.10 28.40
N PRO A 20 15.93 -5.27 29.26
CA PRO A 20 15.21 -5.84 30.41
C PRO A 20 14.02 -6.71 30.02
N TYR A 21 13.50 -6.55 28.80
CA TYR A 21 12.29 -7.25 28.37
C TYR A 21 12.58 -8.39 27.40
N LEU A 22 13.84 -8.67 27.14
CA LEU A 22 14.20 -9.58 26.04
C LEU A 22 13.54 -10.95 26.20
N GLU A 23 13.64 -11.56 27.38
CA GLU A 23 13.15 -12.91 27.55
C GLU A 23 11.63 -12.97 27.53
N GLU A 24 10.97 -12.09 28.31
CA GLU A 24 9.51 -12.10 28.36
C GLU A 24 8.90 -11.82 26.98
N CYS A 25 9.44 -10.82 26.26
CA CYS A 25 8.90 -10.49 24.95
C CYS A 25 9.13 -11.63 23.95
N THR A 26 10.33 -12.22 23.96
CA THR A 26 10.56 -13.38 23.10
C THR A 26 9.54 -14.47 23.40
N ARG A 27 9.38 -14.79 24.68
CA ARG A 27 8.42 -15.80 25.08
C ARG A 27 7.01 -15.44 24.61
N ARG A 28 6.63 -14.17 24.72
CA ARG A 28 5.26 -13.79 24.36
C ARG A 28 5.03 -13.85 22.85
N PHE A 29 5.98 -13.35 22.06
CA PHE A 29 5.92 -13.54 20.60
C PHE A 29 5.70 -15.01 20.25
N GLN A 30 6.53 -15.89 20.80
CA GLN A 30 6.41 -17.29 20.44
C GLN A 30 5.05 -17.87 20.84
N GLU A 31 4.55 -17.53 22.03
CA GLU A 31 3.25 -18.04 22.44
C GLU A 31 2.16 -17.57 21.50
N MET A 32 2.25 -16.31 21.08
CA MET A 32 1.28 -15.76 20.14
C MET A 32 1.27 -16.57 18.85
N PHE A 33 2.46 -16.84 18.31
CA PHE A 33 2.54 -17.64 17.08
C PHE A 33 1.96 -19.04 17.28
N ASP A 34 2.25 -19.68 18.43
CA ASP A 34 1.79 -21.04 18.62
C ASP A 34 0.27 -21.10 18.70
N ARG A 35 -0.36 -20.07 19.25
CA ARG A 35 -1.81 -20.05 19.38
C ARG A 35 -2.49 -19.74 18.05
N HIS A 36 -1.89 -18.87 17.22
CA HIS A 36 -2.56 -18.30 16.05
C HIS A 36 -2.03 -18.78 14.71
N VAL A 37 -0.78 -19.27 14.64
CA VAL A 37 -0.22 -19.80 13.42
C VAL A 37 0.04 -21.29 13.54
N VAL A 38 0.48 -21.74 14.73
CA VAL A 38 0.61 -23.14 15.09
C VAL A 38 1.78 -23.80 14.34
N THR A 39 1.69 -23.88 13.03
CA THR A 39 2.65 -24.64 12.24
C THR A 39 3.96 -23.86 12.07
N ARG A 40 5.07 -24.56 12.36
CA ARG A 40 6.40 -23.98 12.42
C ARG A 40 6.86 -23.51 11.03
N PRO A 41 7.59 -22.40 10.95
CA PRO A 41 8.27 -22.07 9.70
C PRO A 41 9.22 -23.19 9.28
N THR A 42 9.41 -23.31 7.97
CA THR A 42 10.28 -24.34 7.40
C THR A 42 11.50 -23.68 6.79
N LYS A 43 12.66 -24.28 7.03
CA LYS A 43 13.89 -23.76 6.43
C LYS A 43 14.11 -24.42 5.07
N VAL A 44 14.53 -23.65 4.08
CA VAL A 44 14.89 -24.17 2.76
C VAL A 44 16.35 -24.58 2.79
N GLU A 45 16.64 -25.77 2.27
CA GLU A 45 18.01 -26.28 2.25
C GLU A 45 18.54 -26.33 0.82
N LEU A 46 18.95 -25.18 0.31
CA LEU A 46 19.74 -25.09 -0.93
C LEU A 46 20.88 -26.10 -0.94
N THR A 47 21.29 -26.52 -2.14
CA THR A 47 22.49 -27.34 -2.17
C THR A 47 23.72 -26.45 -2.10
N ASP A 48 24.89 -27.10 -2.08
CA ASP A 48 26.14 -26.35 -2.03
C ASP A 48 26.33 -25.52 -3.29
N ALA A 49 25.99 -26.08 -4.46
CA ALA A 49 26.06 -25.35 -5.71
C ALA A 49 25.15 -24.13 -5.71
N GLU A 50 23.86 -24.34 -5.38
CA GLU A 50 22.92 -23.23 -5.35
C GLU A 50 23.41 -22.13 -4.42
N LEU A 51 23.87 -22.49 -3.23
CA LEU A 51 24.28 -21.48 -2.26
C LEU A 51 25.50 -20.73 -2.74
N ARG A 52 26.43 -21.45 -3.39
CA ARG A 52 27.61 -20.83 -3.97
C ARG A 52 27.24 -19.81 -5.03
N GLU A 53 26.27 -20.16 -5.89
CA GLU A 53 25.85 -19.22 -6.93
C GLU A 53 25.28 -17.96 -6.32
N VAL A 54 24.46 -18.11 -5.27
CA VAL A 54 23.81 -16.95 -4.67
C VAL A 54 24.86 -15.99 -4.10
N ILE A 55 25.79 -16.52 -3.32
CA ILE A 55 26.82 -15.68 -2.72
C ILE A 55 27.67 -15.01 -3.80
N ASP A 56 28.04 -15.78 -4.83
CA ASP A 56 28.85 -15.19 -5.89
C ASP A 56 28.08 -14.06 -6.60
N ASP A 57 26.79 -14.25 -6.86
CA ASP A 57 25.98 -13.19 -7.46
C ASP A 57 25.90 -11.96 -6.55
N CYS A 58 25.84 -12.18 -5.24
CA CYS A 58 25.81 -11.05 -4.30
C CYS A 58 27.10 -10.25 -4.35
N ASN A 59 28.25 -10.93 -4.30
CA ASN A 59 29.53 -10.22 -4.32
C ASN A 59 29.68 -9.42 -5.60
N ALA A 60 29.29 -10.00 -6.74
CA ALA A 60 29.40 -9.28 -8.00
C ALA A 60 28.52 -8.05 -8.03
N ALA A 61 27.36 -8.11 -7.38
CA ALA A 61 26.41 -7.00 -7.45
C ALA A 61 26.91 -5.79 -6.66
N VAL A 62 27.54 -6.01 -5.51
CA VAL A 62 27.96 -4.90 -4.69
C VAL A 62 29.41 -4.51 -4.92
N ALA A 63 30.19 -5.34 -5.59
CA ALA A 63 31.59 -5.02 -5.84
C ALA A 63 31.81 -3.61 -6.35
N PRO A 64 31.01 -3.09 -7.30
CA PRO A 64 31.29 -1.72 -7.78
C PRO A 64 31.13 -0.65 -6.71
N LEU A 65 30.39 -0.92 -5.63
CA LEU A 65 30.26 0.04 -4.55
C LEU A 65 31.49 0.09 -3.64
N GLY A 66 32.44 -0.83 -3.81
CA GLY A 66 33.73 -0.70 -3.16
C GLY A 66 33.91 -1.39 -1.83
N LYS A 67 32.87 -1.99 -1.26
CA LYS A 67 32.93 -2.50 0.12
C LYS A 67 32.85 -4.01 0.16
N THR A 68 33.82 -4.63 0.82
CA THR A 68 33.85 -6.07 1.04
C THR A 68 32.72 -6.52 1.94
N VAL A 69 32.06 -7.63 1.56
CA VAL A 69 31.04 -8.27 2.39
C VAL A 69 31.46 -9.72 2.61
N SER A 70 31.58 -10.12 3.86
CA SER A 70 32.03 -11.46 4.20
C SER A 70 30.92 -12.50 3.99
N ASP A 71 31.34 -13.75 3.73
CA ASP A 71 30.41 -14.88 3.69
C ASP A 71 29.42 -14.85 4.84
N GLU A 72 29.90 -14.69 6.07
CA GLU A 72 28.95 -14.85 7.17
C GLU A 72 28.03 -13.63 7.30
N ARG A 73 28.45 -12.47 6.81
CA ARG A 73 27.50 -11.38 6.70
C ARG A 73 26.44 -11.67 5.64
N TRP A 74 26.85 -12.20 4.47
CA TRP A 74 25.86 -12.62 3.49
C TRP A 74 24.88 -13.63 4.08
N ILE A 75 25.40 -14.58 4.88
CA ILE A 75 24.53 -15.62 5.40
C ILE A 75 23.59 -15.06 6.46
N SER A 76 24.03 -14.04 7.22
CA SER A 76 23.13 -13.43 8.18
C SER A 76 22.09 -12.54 7.49
N TYR A 77 22.33 -12.19 6.22
CA TYR A 77 21.29 -11.51 5.45
C TYR A 77 20.35 -12.52 4.82
N VAL A 78 20.88 -13.61 4.25
CA VAL A 78 20.09 -14.52 3.44
C VAL A 78 19.15 -15.36 4.30
N GLY A 79 19.42 -15.48 5.61
CA GLY A 79 18.62 -16.36 6.44
C GLY A 79 17.15 -16.03 6.42
N VAL A 80 16.79 -14.74 6.27
CA VAL A 80 15.37 -14.39 6.25
C VAL A 80 14.68 -15.06 5.07
N VAL A 81 15.34 -15.14 3.92
CA VAL A 81 14.72 -15.81 2.78
C VAL A 81 14.61 -17.32 3.04
N LEU A 82 15.65 -17.90 3.65
CA LEU A 82 15.67 -19.35 3.85
C LEU A 82 14.57 -19.78 4.80
N TRP A 83 14.23 -18.94 5.79
CA TRP A 83 13.29 -19.26 6.85
C TRP A 83 11.87 -18.72 6.61
N SER A 84 11.72 -17.70 5.78
CA SER A 84 10.47 -16.96 5.74
C SER A 84 9.77 -17.05 4.40
N GLN A 85 10.18 -17.94 3.52
CA GLN A 85 9.37 -18.30 2.36
C GLN A 85 8.52 -19.50 2.78
N SER A 86 7.90 -20.19 1.84
CA SER A 86 6.96 -21.26 2.16
C SER A 86 7.34 -22.49 1.33
N PRO A 87 8.33 -23.26 1.80
CA PRO A 87 8.98 -24.27 0.93
C PRO A 87 8.02 -25.23 0.28
N ARG A 88 6.97 -25.68 0.98
CA ARG A 88 6.11 -26.71 0.41
C ARG A 88 5.36 -26.21 -0.80
N HIS A 89 5.29 -24.89 -0.98
CA HIS A 89 4.61 -24.30 -2.12
C HIS A 89 5.58 -23.82 -3.19
N ILE A 90 6.89 -23.99 -3.02
CA ILE A 90 7.83 -23.47 -4.01
C ILE A 90 7.70 -24.22 -5.31
N LYS A 91 7.57 -23.48 -6.41
CA LYS A 91 7.60 -24.05 -7.75
C LYS A 91 8.89 -23.74 -8.50
N ASP A 92 9.43 -22.54 -8.37
CA ASP A 92 10.56 -22.10 -9.19
C ASP A 92 11.71 -21.69 -8.27
N MET A 93 12.75 -22.53 -8.21
CA MET A 93 13.94 -22.26 -7.43
C MET A 93 14.84 -21.19 -8.05
N GLU A 94 14.70 -20.91 -9.34
CA GLU A 94 15.39 -19.78 -9.93
C GLU A 94 14.87 -18.46 -9.35
N ALA A 95 13.55 -18.31 -9.26
CA ALA A 95 12.99 -17.14 -8.59
C ALA A 95 13.40 -17.09 -7.12
N PHE A 96 13.44 -18.24 -6.45
CA PHE A 96 13.90 -18.27 -5.05
C PHE A 96 15.32 -17.75 -4.92
N LYS A 97 16.24 -18.25 -5.76
CA LYS A 97 17.62 -17.77 -5.72
C LYS A 97 17.66 -16.26 -5.99
N ALA A 98 16.82 -15.77 -6.89
CA ALA A 98 16.76 -14.33 -7.15
C ALA A 98 16.38 -13.56 -5.90
N VAL A 99 15.38 -14.04 -5.17
CA VAL A 99 14.99 -13.35 -3.94
C VAL A 99 16.12 -13.40 -2.92
N CYS A 100 16.87 -14.52 -2.86
CA CYS A 100 18.05 -14.55 -2.00
C CYS A 100 19.01 -13.42 -2.34
N VAL A 101 19.37 -13.29 -3.61
CA VAL A 101 20.38 -12.32 -4.03
C VAL A 101 19.86 -10.90 -3.83
N LEU A 102 18.67 -10.61 -4.34
CA LEU A 102 18.08 -9.27 -4.21
C LEU A 102 17.90 -8.87 -2.74
N ASN A 103 17.39 -9.78 -1.92
CA ASN A 103 17.27 -9.49 -0.49
C ASN A 103 18.61 -9.11 0.11
N CYS A 104 19.65 -9.85 -0.24
CA CYS A 104 20.95 -9.64 0.38
C CYS A 104 21.60 -8.34 -0.07
N VAL A 105 21.58 -8.05 -1.36
CA VAL A 105 22.32 -6.88 -1.81
C VAL A 105 21.61 -5.59 -1.39
N THR A 106 20.29 -5.60 -1.28
CA THR A 106 19.61 -4.41 -0.75
C THR A 106 19.73 -4.30 0.76
N PHE A 107 20.00 -5.42 1.45
CA PHE A 107 20.38 -5.34 2.85
C PHE A 107 21.69 -4.58 3.02
N VAL A 108 22.68 -4.86 2.17
CA VAL A 108 23.93 -4.10 2.20
C VAL A 108 23.64 -2.60 2.04
N TRP A 109 22.83 -2.26 1.04
CA TRP A 109 22.42 -0.87 0.82
C TRP A 109 21.82 -0.27 2.09
N ASP A 110 20.96 -1.05 2.77
CA ASP A 110 20.32 -0.60 4.01
C ASP A 110 21.36 -0.25 5.07
N ASP A 111 22.46 -1.02 5.12
CA ASP A 111 23.48 -0.84 6.13
C ASP A 111 24.52 0.24 5.77
N MET A 112 24.57 0.72 4.53
CA MET A 112 25.59 1.66 4.09
C MET A 112 25.29 3.10 4.50
N ASP A 113 26.33 3.86 4.81
CA ASP A 113 26.19 5.32 4.81
C ASP A 113 25.87 5.79 3.39
N PRO A 114 24.98 6.77 3.23
CA PRO A 114 24.43 7.07 1.90
C PRO A 114 25.45 7.62 0.93
N ALA A 115 26.59 8.10 1.41
CA ALA A 115 27.64 8.56 0.51
C ALA A 115 28.25 7.42 -0.29
N LEU A 116 27.79 6.20 -0.05
CA LEU A 116 28.21 5.03 -0.83
C LEU A 116 27.20 4.64 -1.88
N HIS A 117 25.96 5.09 -1.75
CA HIS A 117 24.85 4.75 -2.64
C HIS A 117 25.13 5.27 -4.04
N ASP A 118 25.54 4.40 -4.94
CA ASP A 118 25.86 4.76 -6.31
C ASP A 118 24.79 4.16 -7.22
N PHE A 119 23.80 4.99 -7.56
CA PHE A 119 22.66 4.50 -8.34
C PHE A 119 23.10 4.08 -9.74
N GLY A 120 23.95 4.89 -10.40
CA GLY A 120 24.45 4.52 -11.71
C GLY A 120 25.22 3.21 -11.74
N LEU A 121 25.89 2.86 -10.65
CA LEU A 121 26.66 1.62 -10.57
C LEU A 121 25.83 0.44 -10.09
N PHE A 122 24.85 0.68 -9.22
CA PHE A 122 24.13 -0.41 -8.58
C PHE A 122 22.87 -0.81 -9.33
N LEU A 123 22.12 0.16 -9.87
CA LEU A 123 20.89 -0.22 -10.56
C LEU A 123 21.14 -1.18 -11.71
N PRO A 124 22.17 -1.03 -12.57
CA PRO A 124 22.41 -2.07 -13.58
C PRO A 124 22.70 -3.44 -13.01
N GLN A 125 23.33 -3.52 -11.84
CA GLN A 125 23.53 -4.82 -11.19
C GLN A 125 22.19 -5.46 -10.83
N LEU A 126 21.28 -4.70 -10.22
CA LEU A 126 19.95 -5.21 -9.94
C LEU A 126 19.28 -5.71 -11.22
N ARG A 127 19.29 -4.88 -12.26
CA ARG A 127 18.75 -5.31 -13.55
C ARG A 127 19.35 -6.64 -14.01
N LYS A 128 20.67 -6.77 -13.94
CA LYS A 128 21.35 -8.01 -14.28
C LYS A 128 20.73 -9.19 -13.52
N ILE A 129 20.60 -9.05 -12.21
CA ILE A 129 20.06 -10.12 -11.38
C ILE A 129 18.64 -10.44 -11.83
N CYS A 130 17.82 -9.41 -12.04
CA CYS A 130 16.42 -9.66 -12.35
C CYS A 130 16.27 -10.36 -13.70
N GLU A 131 17.09 -10.00 -14.68
CA GLU A 131 16.96 -10.61 -16.00
C GLU A 131 17.50 -12.04 -16.02
N LYS A 132 18.57 -12.31 -15.26
CA LYS A 132 19.11 -13.65 -15.22
C LYS A 132 18.08 -14.65 -14.71
N TYR A 133 17.42 -14.32 -13.59
CA TYR A 133 16.68 -15.33 -12.83
C TYR A 133 15.19 -15.37 -13.13
N TYR A 134 14.61 -14.30 -13.68
CA TYR A 134 13.19 -14.23 -13.95
C TYR A 134 12.92 -14.26 -15.44
N GLY A 135 11.67 -14.58 -15.79
CA GLY A 135 11.21 -14.41 -17.14
C GLY A 135 11.18 -12.94 -17.52
N PRO A 136 10.80 -12.65 -18.77
CA PRO A 136 11.00 -11.28 -19.29
C PRO A 136 10.21 -10.20 -18.56
N GLU A 137 8.99 -10.48 -18.14
CA GLU A 137 8.28 -9.35 -17.55
C GLU A 137 8.08 -9.54 -16.03
N ASP A 138 8.26 -10.76 -15.51
CA ASP A 138 8.54 -10.89 -14.07
C ASP A 138 9.77 -10.07 -13.68
N ALA A 139 10.79 -10.06 -14.55
CA ALA A 139 12.00 -9.30 -14.29
C ALA A 139 11.71 -7.81 -14.16
N GLU A 140 10.77 -7.30 -14.98
CA GLU A 140 10.45 -5.88 -14.87
C GLU A 140 9.78 -5.54 -13.55
N VAL A 141 8.89 -6.41 -13.09
CA VAL A 141 8.21 -6.17 -11.82
C VAL A 141 9.21 -6.23 -10.67
N ALA A 142 10.05 -7.26 -10.66
CA ALA A 142 11.04 -7.38 -9.59
C ALA A 142 12.01 -6.20 -9.62
N TYR A 143 12.45 -5.78 -10.80
CA TYR A 143 13.41 -4.68 -10.86
C TYR A 143 12.80 -3.37 -10.37
N GLU A 144 11.57 -3.07 -10.76
CA GLU A 144 10.96 -1.83 -10.30
C GLU A 144 10.84 -1.82 -8.78
N ALA A 145 10.42 -2.94 -8.19
CA ALA A 145 10.31 -3.03 -6.74
C ALA A 145 11.67 -2.82 -6.07
N ALA A 146 12.74 -3.44 -6.60
CA ALA A 146 14.07 -3.24 -6.04
C ALA A 146 14.53 -1.79 -6.18
N ARG A 147 14.34 -1.23 -7.37
CA ARG A 147 14.64 0.19 -7.60
C ARG A 147 13.89 1.09 -6.63
N ALA A 148 12.57 0.87 -6.49
CA ALA A 148 11.78 1.68 -5.56
C ALA A 148 12.30 1.55 -4.13
N PHE A 149 12.71 0.34 -3.72
CA PHE A 149 13.20 0.18 -2.35
C PHE A 149 14.48 0.98 -2.11
N VAL A 150 15.53 0.76 -2.93
CA VAL A 150 16.80 1.41 -2.64
C VAL A 150 16.66 2.93 -2.75
N THR A 151 15.78 3.39 -3.64
CA THR A 151 15.53 4.82 -3.75
C THR A 151 14.85 5.37 -2.50
N SER A 152 13.86 4.64 -1.99
CA SER A 152 13.21 5.04 -0.74
C SER A 152 14.20 5.07 0.41
N ASP A 153 14.96 3.98 0.61
CA ASP A 153 15.91 3.97 1.71
C ASP A 153 16.88 5.13 1.60
N HIS A 154 17.26 5.48 0.37
CA HIS A 154 18.21 6.58 0.20
C HIS A 154 17.56 7.91 0.51
N MET A 155 16.43 8.21 -0.13
CA MET A 155 15.94 9.59 -0.05
C MET A 155 15.31 9.87 1.31
N PHE A 156 15.04 8.85 2.12
CA PHE A 156 14.49 9.17 3.44
C PHE A 156 15.55 9.23 4.53
N ARG A 157 16.85 9.16 4.21
CA ARG A 157 17.87 9.11 5.25
C ARG A 157 17.81 10.34 6.17
N ASP A 158 17.42 10.09 7.42
CA ASP A 158 16.92 11.10 8.39
C ASP A 158 16.08 12.24 7.78
N SER A 159 15.02 11.88 6.95
CA SER A 159 14.03 12.76 6.26
C SER A 159 13.14 13.51 7.24
N PRO A 160 12.66 14.71 6.88
CA PRO A 160 11.52 15.28 7.63
C PRO A 160 10.25 14.46 7.50
N ILE A 161 9.97 13.91 6.31
CA ILE A 161 8.85 13.00 6.16
C ILE A 161 9.02 11.81 7.10
N LYS A 162 10.23 11.24 7.13
CA LYS A 162 10.44 10.09 8.02
C LYS A 162 10.18 10.46 9.47
N ALA A 163 10.74 11.58 9.93
CA ALA A 163 10.50 12.02 11.30
C ALA A 163 9.01 12.22 11.56
N ALA A 164 8.26 12.70 10.56
CA ALA A 164 6.83 12.88 10.79
C ALA A 164 6.12 11.53 11.03
N LEU A 165 6.25 10.59 10.10
CA LEU A 165 5.53 9.32 10.22
C LEU A 165 6.01 8.49 11.42
N CYS A 166 7.31 8.46 11.65
CA CYS A 166 7.88 7.68 12.74
C CYS A 166 7.58 8.23 14.13
N THR A 167 7.31 9.55 14.26
CA THR A 167 7.05 10.14 15.56
C THR A 167 5.58 10.26 15.93
N THR A 168 4.66 10.25 14.95
CA THR A 168 3.24 10.33 15.28
C THR A 168 2.75 8.97 15.78
N SER A 169 1.74 8.41 15.13
CA SER A 169 1.00 7.28 15.66
C SER A 169 1.62 6.00 15.14
N PRO A 170 1.22 4.85 15.67
CA PRO A 170 1.65 3.60 15.05
C PRO A 170 1.22 3.50 13.59
N GLU A 171 0.06 4.04 13.23
CA GLU A 171 -0.44 3.86 11.87
C GLU A 171 0.31 4.74 10.86
N GLN A 172 0.81 5.89 11.29
CA GLN A 172 1.69 6.64 10.39
C GLN A 172 2.98 5.87 10.17
N TYR A 173 3.53 5.33 11.26
CA TYR A 173 4.82 4.64 11.18
C TYR A 173 4.71 3.37 10.33
N PHE A 174 3.69 2.56 10.56
CA PHE A 174 3.57 1.32 9.79
C PHE A 174 3.26 1.60 8.31
N ARG A 175 2.59 2.72 8.03
CA ARG A 175 2.39 3.14 6.65
C ARG A 175 3.72 3.40 5.93
N PHE A 176 4.67 4.03 6.62
CA PHE A 176 6.01 4.20 6.08
C PHE A 176 6.72 2.86 5.87
N ARG A 177 6.50 1.91 6.79
CA ARG A 177 7.25 0.67 6.75
C ARG A 177 6.75 -0.31 5.68
N VAL A 178 5.54 -0.13 5.13
CA VAL A 178 5.10 -0.97 4.01
C VAL A 178 6.18 -1.02 2.93
N THR A 179 6.75 0.12 2.58
CA THR A 179 7.88 0.16 1.67
C THR A 179 9.21 0.02 2.41
N ASP A 180 9.40 0.77 3.50
CA ASP A 180 10.75 0.88 4.05
C ASP A 180 11.26 -0.42 4.69
N ILE A 181 10.39 -1.29 5.21
CA ILE A 181 10.96 -2.56 5.67
C ILE A 181 11.12 -3.53 4.51
N GLY A 182 10.82 -3.10 3.28
CA GLY A 182 11.11 -3.93 2.13
C GLY A 182 10.09 -5.00 1.81
N VAL A 183 8.97 -5.07 2.53
CA VAL A 183 8.05 -6.18 2.31
C VAL A 183 7.26 -6.03 1.00
N ASP A 184 6.93 -4.81 0.57
CA ASP A 184 6.29 -4.70 -0.75
C ASP A 184 7.24 -5.22 -1.83
N PHE A 185 8.51 -4.84 -1.75
CA PHE A 185 9.55 -5.37 -2.63
C PHE A 185 9.59 -6.89 -2.57
N TRP A 186 9.57 -7.44 -1.34
CA TRP A 186 9.63 -8.88 -1.15
C TRP A 186 8.48 -9.60 -1.86
N MET A 187 7.25 -9.12 -1.68
CA MET A 187 6.11 -9.77 -2.32
C MET A 187 6.25 -9.77 -3.83
N LYS A 188 6.65 -8.63 -4.39
CA LYS A 188 6.69 -8.47 -5.84
C LYS A 188 7.86 -9.23 -6.47
N MET A 189 8.90 -9.55 -5.71
CA MET A 189 9.93 -10.42 -6.27
C MET A 189 9.72 -11.90 -5.93
N SER A 190 8.82 -12.20 -5.00
CA SER A 190 8.59 -13.57 -4.56
C SER A 190 7.42 -14.24 -5.27
N TYR A 191 6.49 -13.47 -5.86
CA TYR A 191 5.36 -14.14 -6.50
C TYR A 191 5.79 -15.13 -7.59
N PRO A 192 6.87 -14.93 -8.37
CA PRO A 192 7.25 -15.97 -9.34
C PRO A 192 7.65 -17.28 -8.67
N ILE A 193 8.07 -17.27 -7.40
CA ILE A 193 8.42 -18.51 -6.71
C ILE A 193 7.26 -19.48 -6.72
N TYR A 194 6.03 -18.96 -6.58
CA TYR A 194 4.86 -19.77 -6.33
C TYR A 194 3.96 -19.97 -7.54
N ARG A 195 4.03 -19.09 -8.55
CA ARG A 195 3.11 -19.11 -9.71
C ARG A 195 1.65 -19.34 -9.30
N HIS A 196 1.22 -18.64 -8.27
CA HIS A 196 -0.14 -18.83 -7.77
C HIS A 196 -0.94 -17.57 -8.11
N PRO A 197 -1.90 -17.66 -9.04
CA PRO A 197 -2.57 -16.42 -9.51
C PRO A 197 -3.13 -15.55 -8.40
N GLU A 198 -3.72 -16.14 -7.37
CA GLU A 198 -4.24 -15.33 -6.26
C GLU A 198 -3.12 -14.53 -5.59
N PHE A 199 -2.02 -15.20 -5.22
CA PHE A 199 -0.93 -14.48 -4.56
C PHE A 199 -0.34 -13.41 -5.47
N THR A 200 -0.17 -13.72 -6.74
CA THR A 200 0.43 -12.76 -7.66
C THR A 200 -0.36 -11.44 -7.69
N GLU A 201 -1.68 -11.51 -7.69
CA GLU A 201 -2.49 -10.28 -7.64
C GLU A 201 -2.33 -9.55 -6.31
N HIS A 202 -2.42 -10.27 -5.19
CA HIS A 202 -2.24 -9.60 -3.90
C HIS A 202 -0.86 -8.97 -3.77
N ALA A 203 0.16 -9.60 -4.37
CA ALA A 203 1.47 -9.01 -4.41
C ALA A 203 1.47 -7.73 -5.22
N LYS A 204 0.82 -7.75 -6.39
CA LYS A 204 0.92 -6.60 -7.29
C LYS A 204 0.05 -5.44 -6.82
N THR A 205 -1.04 -5.69 -6.09
CA THR A 205 -1.83 -4.62 -5.46
C THR A 205 -1.19 -4.09 -4.19
N SER A 206 -0.18 -4.78 -3.65
CA SER A 206 0.47 -4.52 -2.37
C SER A 206 -0.40 -4.85 -1.17
N LEU A 207 -1.61 -5.37 -1.38
CA LEU A 207 -2.37 -5.87 -0.24
C LEU A 207 -1.57 -6.93 0.55
N ALA A 208 -0.83 -7.78 -0.17
CA ALA A 208 0.03 -8.77 0.51
C ALA A 208 1.00 -8.06 1.46
N ALA A 209 1.64 -7.00 0.98
CA ALA A 209 2.56 -6.28 1.86
C ALA A 209 1.82 -5.60 3.01
N ARG A 210 0.68 -4.97 2.70
CA ARG A 210 -0.05 -4.26 3.76
C ARG A 210 -0.50 -5.20 4.85
N MET A 211 -0.76 -6.48 4.51
CA MET A 211 -1.24 -7.45 5.50
C MET A 211 -0.12 -7.95 6.42
N THR A 212 1.14 -7.92 5.96
CA THR A 212 2.24 -8.54 6.69
C THR A 212 3.20 -7.53 7.31
N THR A 213 3.00 -6.23 7.03
CA THR A 213 3.93 -5.21 7.48
C THR A 213 4.07 -5.18 9.01
N ARG A 214 2.96 -5.16 9.73
CA ARG A 214 3.05 -5.01 11.17
C ARG A 214 3.74 -6.22 11.81
N GLY A 215 3.40 -7.42 11.35
CA GLY A 215 3.97 -8.61 11.97
C GLY A 215 5.47 -8.71 11.76
N LEU A 216 5.95 -8.25 10.60
CA LEU A 216 7.39 -8.20 10.36
C LEU A 216 8.03 -7.06 11.14
N THR A 217 7.41 -5.88 11.12
CA THR A 217 8.06 -4.69 11.65
C THR A 217 8.14 -4.73 13.18
N ILE A 218 7.07 -5.17 13.84
CA ILE A 218 7.08 -5.17 15.29
C ILE A 218 8.20 -6.07 15.80
N VAL A 219 8.36 -7.23 15.17
CA VAL A 219 9.43 -8.15 15.55
C VAL A 219 10.80 -7.54 15.24
N ASN A 220 10.97 -7.03 14.02
CA ASN A 220 12.26 -6.44 13.67
C ASN A 220 12.61 -5.30 14.61
N ASP A 221 11.64 -4.43 14.90
CA ASP A 221 11.88 -3.26 15.74
C ASP A 221 12.28 -3.67 17.16
N PHE A 222 11.64 -4.68 17.72
CA PHE A 222 11.99 -5.05 19.08
C PHE A 222 13.46 -5.46 19.15
N TYR A 223 13.88 -6.35 18.27
CA TYR A 223 15.22 -6.90 18.38
C TYR A 223 16.31 -6.03 17.76
N SER A 224 15.96 -5.03 16.95
CA SER A 224 16.97 -4.14 16.41
C SER A 224 16.99 -2.79 17.12
N TYR A 225 16.16 -2.64 18.16
CA TYR A 225 16.03 -1.36 18.86
C TYR A 225 17.38 -0.88 19.39
N ASP A 226 18.08 -1.74 20.14
CA ASP A 226 19.34 -1.31 20.74
C ASP A 226 20.31 -0.79 19.68
N ARG A 227 20.40 -1.50 18.53
CA ARG A 227 21.26 -1.05 17.44
C ARG A 227 20.83 0.30 16.90
N GLU A 228 19.56 0.42 16.55
CA GLU A 228 19.11 1.64 15.89
C GLU A 228 19.25 2.85 16.80
N VAL A 229 18.94 2.68 18.09
CA VAL A 229 19.24 3.72 19.07
C VAL A 229 20.73 4.03 19.13
N SER A 230 21.58 3.00 18.98
CA SER A 230 23.02 3.25 19.06
C SER A 230 23.59 3.86 17.78
N LEU A 231 22.75 4.16 16.80
CA LEU A 231 23.17 4.69 15.51
C LEU A 231 22.45 5.97 15.11
N GLY A 232 21.43 6.36 15.88
CA GLY A 232 20.60 7.50 15.55
C GLY A 232 19.50 7.23 14.55
N GLN A 233 19.06 5.96 14.42
CA GLN A 233 17.97 5.61 13.50
C GLN A 233 16.63 5.70 14.23
N ILE A 234 15.69 6.49 13.71
CA ILE A 234 14.41 6.69 14.37
C ILE A 234 13.33 5.75 13.84
N THR A 235 13.63 4.94 12.83
CA THR A 235 12.63 4.07 12.22
C THR A 235 12.45 2.83 13.11
N ASN A 236 11.69 3.02 14.19
CA ASN A 236 11.48 1.95 15.19
C ASN A 236 10.28 2.32 16.04
N CYS A 237 9.24 1.47 16.01
CA CYS A 237 8.01 1.85 16.70
C CYS A 237 8.16 1.90 18.22
N PHE A 238 9.15 1.20 18.79
CA PHE A 238 9.31 1.31 20.24
C PHE A 238 9.90 2.67 20.66
N ARG A 239 10.34 3.49 19.73
CA ARG A 239 10.70 4.84 20.12
C ARG A 239 9.45 5.69 20.42
N LEU A 240 8.25 5.18 20.12
CA LEU A 240 7.01 5.80 20.56
C LEU A 240 6.70 5.47 22.02
N CYS A 241 7.65 4.86 22.71
CA CYS A 241 7.42 4.07 23.88
C CYS A 241 8.30 4.59 25.00
N ASP A 242 7.68 4.89 26.13
CA ASP A 242 8.48 5.07 27.35
C ASP A 242 8.99 3.68 27.75
N VAL A 243 10.08 3.23 27.12
CA VAL A 243 10.59 1.89 27.38
C VAL A 243 11.12 1.73 28.80
N SER A 244 11.30 2.84 29.53
CA SER A 244 11.80 2.82 30.91
C SER A 244 10.71 2.69 31.95
N ASP A 245 9.46 2.71 31.55
CA ASP A 245 8.33 2.51 32.44
C ASP A 245 7.79 1.15 32.03
N GLU A 246 7.91 0.17 32.93
CA GLU A 246 7.49 -1.17 32.58
C GLU A 246 6.02 -1.21 32.24
N THR A 247 5.19 -0.56 33.07
CA THR A 247 3.75 -0.56 32.82
C THR A 247 3.42 -0.06 31.43
N ALA A 248 4.02 1.07 31.01
CA ALA A 248 3.72 1.59 29.69
C ALA A 248 4.37 0.75 28.60
N PHE A 249 5.55 0.17 28.87
CA PHE A 249 6.11 -0.73 27.88
C PHE A 249 5.20 -1.92 27.65
N LYS A 250 4.69 -2.49 28.75
CA LYS A 250 3.76 -3.62 28.67
C LYS A 250 2.50 -3.23 27.91
N GLU A 251 1.98 -2.04 28.16
CA GLU A 251 0.79 -1.57 27.45
C GLU A 251 1.05 -1.44 25.96
N PHE A 252 2.19 -0.85 25.60
CA PHE A 252 2.48 -0.65 24.19
C PHE A 252 2.77 -1.98 23.52
N PHE A 253 3.52 -2.83 24.21
CA PHE A 253 3.84 -4.13 23.64
C PHE A 253 2.60 -4.98 23.47
N GLN A 254 1.68 -4.95 24.46
CA GLN A 254 0.39 -5.63 24.30
C GLN A 254 -0.37 -5.09 23.10
N ALA A 255 -0.41 -3.76 22.93
CA ALA A 255 -1.11 -3.19 21.78
C ALA A 255 -0.49 -3.68 20.48
N ARG A 256 0.84 -3.85 20.45
CA ARG A 256 1.48 -4.33 19.23
C ARG A 256 1.19 -5.81 19.00
N LEU A 257 1.20 -6.63 20.07
CA LEU A 257 0.79 -8.02 19.88
C LEU A 257 -0.63 -8.10 19.33
N ASP A 258 -1.53 -7.29 19.87
CA ASP A 258 -2.91 -7.33 19.39
C ASP A 258 -2.99 -6.95 17.92
N ASP A 259 -2.15 -6.01 17.47
CA ASP A 259 -2.05 -5.69 16.05
C ASP A 259 -1.67 -6.92 15.24
N MET A 260 -0.62 -7.63 15.69
CA MET A 260 -0.18 -8.82 14.97
C MET A 260 -1.29 -9.85 14.90
N ILE A 261 -2.02 -10.01 16.01
CA ILE A 261 -3.09 -11.01 16.06
C ILE A 261 -4.21 -10.63 15.11
N GLU A 262 -4.61 -9.36 15.11
CA GLU A 262 -5.66 -8.91 14.18
C GLU A 262 -5.28 -9.23 12.75
N ASP A 263 -4.04 -8.90 12.35
CA ASP A 263 -3.59 -9.18 11.00
C ASP A 263 -3.60 -10.68 10.70
N ILE A 264 -3.08 -11.50 11.61
CA ILE A 264 -2.99 -12.93 11.36
C ILE A 264 -4.37 -13.54 11.21
N GLU A 265 -5.30 -13.14 12.07
CA GLU A 265 -6.67 -13.65 11.95
C GLU A 265 -7.29 -13.26 10.61
N CYS A 266 -7.09 -12.01 10.15
CA CYS A 266 -7.59 -11.61 8.83
C CYS A 266 -6.89 -12.36 7.71
N ILE A 267 -5.58 -12.63 7.86
CA ILE A 267 -4.86 -13.37 6.84
C ILE A 267 -5.49 -14.74 6.60
N LYS A 268 -6.12 -15.32 7.62
CA LYS A 268 -6.71 -16.65 7.44
C LYS A 268 -7.96 -16.64 6.56
N ALA A 269 -8.52 -15.46 6.28
CA ALA A 269 -9.57 -15.37 5.27
C ALA A 269 -9.05 -15.52 3.85
N PHE A 270 -7.74 -15.37 3.64
CA PHE A 270 -7.21 -15.53 2.29
C PHE A 270 -7.20 -17.02 1.93
N ASP A 271 -6.94 -17.30 0.66
CA ASP A 271 -6.90 -18.70 0.21
C ASP A 271 -5.75 -19.43 0.90
N GLN A 272 -5.85 -20.76 1.02
CA GLN A 272 -4.89 -21.51 1.83
C GLN A 272 -3.44 -21.31 1.39
N LEU A 273 -3.17 -21.27 0.09
CA LEU A 273 -1.78 -21.11 -0.34
C LEU A 273 -1.27 -19.74 0.08
N THR A 274 -2.05 -18.70 -0.20
CA THR A 274 -1.59 -17.35 0.10
C THR A 274 -1.42 -17.15 1.59
N GLN A 275 -2.36 -17.64 2.39
CA GLN A 275 -2.21 -17.45 3.83
C GLN A 275 -1.00 -18.21 4.35
N ASP A 276 -0.69 -19.38 3.77
CA ASP A 276 0.54 -20.07 4.15
C ASP A 276 1.76 -19.18 3.90
N VAL A 277 1.84 -18.57 2.72
CA VAL A 277 2.96 -17.69 2.39
C VAL A 277 3.02 -16.49 3.34
N PHE A 278 1.88 -15.84 3.60
CA PHE A 278 1.88 -14.70 4.52
C PHE A 278 2.36 -15.10 5.92
N LEU A 279 1.80 -16.17 6.45
CA LEU A 279 2.09 -16.57 7.83
C LEU A 279 3.50 -17.14 7.97
N ASP A 280 3.96 -17.96 7.00
CA ASP A 280 5.36 -18.39 7.00
C ASP A 280 6.29 -17.19 6.97
N LEU A 281 5.89 -16.13 6.26
CA LEU A 281 6.70 -14.93 6.21
C LEU A 281 6.85 -14.29 7.59
N ILE A 282 5.73 -14.04 8.27
CA ILE A 282 5.79 -13.38 9.57
C ILE A 282 6.47 -14.26 10.62
N TYR A 283 6.08 -15.53 10.68
CA TYR A 283 6.61 -16.43 11.68
C TYR A 283 8.08 -16.78 11.39
N GLY A 284 8.40 -17.03 10.13
CA GLY A 284 9.79 -17.26 9.75
C GLY A 284 10.69 -16.09 10.07
N ASN A 285 10.21 -14.86 9.82
CA ASN A 285 11.04 -13.71 10.17
C ASN A 285 11.35 -13.70 11.66
N PHE A 286 10.39 -14.08 12.49
CA PHE A 286 10.62 -14.15 13.92
C PHE A 286 11.69 -15.21 14.25
N VAL A 287 11.57 -16.39 13.67
CA VAL A 287 12.55 -17.44 13.98
C VAL A 287 13.95 -17.01 13.57
N TRP A 288 14.07 -16.41 12.38
CA TRP A 288 15.35 -15.95 11.89
C TRP A 288 15.92 -14.82 12.75
N THR A 289 15.07 -13.83 13.09
CA THR A 289 15.50 -12.70 13.89
C THR A 289 16.08 -13.14 15.23
N THR A 290 15.42 -14.09 15.89
CA THR A 290 15.93 -14.55 17.18
C THR A 290 17.12 -15.49 17.06
N SER A 291 17.53 -15.87 15.85
CA SER A 291 18.61 -16.83 15.60
C SER A 291 19.79 -16.17 14.93
N ASN A 292 19.87 -14.84 14.94
CA ASN A 292 20.78 -14.08 14.09
C ASN A 292 21.53 -13.07 14.94
N LYS A 293 22.87 -13.14 14.90
CA LYS A 293 23.72 -12.21 15.65
C LYS A 293 23.48 -10.76 15.25
N ARG A 294 23.00 -10.55 14.04
CA ARG A 294 22.56 -9.21 13.65
C ARG A 294 21.63 -8.61 14.70
N TYR A 295 20.74 -9.41 15.28
CA TYR A 295 19.64 -8.90 16.10
C TYR A 295 19.83 -9.14 17.58
N LYS A 296 21.03 -8.91 18.09
CA LYS A 296 21.24 -9.02 19.53
C LYS A 296 21.89 -7.75 20.06
N THR A 297 23.18 -7.56 19.86
CA THR A 297 23.82 -6.35 20.35
C THR A 297 23.89 -5.29 19.26
N ALA A 298 23.96 -4.04 19.73
CA ALA A 298 23.73 -2.87 18.90
C ALA A 298 24.65 -2.82 17.68
N VAL A 299 25.90 -3.25 17.82
CA VAL A 299 26.87 -3.18 16.73
C VAL A 299 27.84 -4.36 16.84
N ASN A 300 28.11 -5.05 15.72
CA ASN A 300 29.03 -6.19 15.64
C ASN A 300 29.30 -6.49 14.15
N ASP A 301 30.18 -7.48 13.87
CA ASP A 301 30.68 -7.69 12.51
C ASP A 301 29.63 -8.17 11.50
N VAL A 302 28.35 -8.29 11.87
CA VAL A 302 27.33 -8.55 10.87
C VAL A 302 26.21 -7.52 10.90
N ASN A 303 26.27 -6.47 11.69
CA ASN A 303 25.26 -5.42 11.60
C ASN A 303 25.87 -4.02 11.68
N SER A 304 27.19 -3.92 11.59
CA SER A 304 27.85 -2.62 11.75
C SER A 304 27.56 -1.76 10.54
N ARG A 305 27.64 -0.46 10.73
CA ARG A 305 27.44 0.45 9.61
C ARG A 305 28.62 0.32 8.64
N ILE A 306 28.32 0.10 7.37
CA ILE A 306 29.32 0.10 6.32
C ILE A 306 29.52 1.56 5.91
N GLN A 307 30.57 2.20 6.44
CA GLN A 307 30.60 3.68 6.38
C GLN A 307 31.09 4.25 5.06
N GLY B 9 -37.22 -12.37 6.31
CA GLY B 9 -35.97 -11.72 6.70
C GLY B 9 -35.95 -10.24 6.52
N ALA B 10 -35.29 -9.55 7.44
CA ALA B 10 -35.41 -8.11 7.55
C ALA B 10 -34.07 -7.44 7.86
N GLN B 11 -34.08 -6.14 8.11
CA GLN B 11 -32.89 -5.40 8.49
C GLN B 11 -33.26 -4.01 9.00
N ASP B 12 -32.41 -3.44 9.84
CA ASP B 12 -32.74 -2.17 10.50
C ASP B 12 -32.76 -1.00 9.52
N ILE B 13 -33.97 -0.45 9.33
CA ILE B 13 -34.11 0.77 8.55
C ILE B 13 -33.29 1.90 9.15
N GLY B 14 -33.26 2.01 10.48
CA GLY B 14 -32.49 3.06 11.13
C GLY B 14 -30.99 2.94 10.88
N ARG B 15 -30.54 1.79 10.46
CA ARG B 15 -29.15 1.59 10.10
C ARG B 15 -28.93 1.78 8.60
N SER B 16 -29.97 2.11 7.85
CA SER B 16 -29.82 2.16 6.41
C SER B 16 -29.46 3.55 5.90
N SER B 17 -29.31 4.54 6.77
CA SER B 17 -29.17 5.89 6.26
C SER B 17 -28.38 6.77 7.22
N VAL B 18 -27.44 7.54 6.67
CA VAL B 18 -26.79 8.60 7.44
C VAL B 18 -27.45 9.94 7.16
N ARG B 19 -28.58 9.93 6.46
CA ARG B 19 -29.23 11.17 6.04
C ARG B 19 -29.58 12.09 7.20
N PRO B 20 -30.10 11.62 8.34
CA PRO B 20 -30.29 12.55 9.47
C PRO B 20 -29.04 13.37 9.81
N TYR B 21 -27.85 12.80 9.68
CA TYR B 21 -26.58 13.44 10.04
C TYR B 21 -25.96 14.26 8.89
N LEU B 22 -26.65 14.36 7.77
CA LEU B 22 -26.06 14.94 6.56
C LEU B 22 -25.54 16.35 6.78
N GLU B 23 -26.38 17.23 7.34
CA GLU B 23 -25.99 18.63 7.43
C GLU B 23 -24.83 18.83 8.40
N GLU B 24 -24.92 18.24 9.58
CA GLU B 24 -23.90 18.47 10.59
C GLU B 24 -22.56 17.84 10.19
N CYS B 25 -22.58 16.66 9.57
CA CYS B 25 -21.32 16.06 9.11
C CYS B 25 -20.71 16.87 7.99
N THR B 26 -21.53 17.39 7.06
CA THR B 26 -20.98 18.18 5.97
C THR B 26 -20.25 19.41 6.48
N ARG B 27 -20.85 20.16 7.40
CA ARG B 27 -20.16 21.35 7.85
C ARG B 27 -18.99 20.98 8.76
N ARG B 28 -19.09 19.82 9.42
CA ARG B 28 -17.96 19.28 10.17
C ARG B 28 -16.75 19.03 9.26
N PHE B 29 -16.95 18.27 8.18
CA PHE B 29 -15.90 18.10 7.17
C PHE B 29 -15.34 19.44 6.72
N GLN B 30 -16.23 20.36 6.33
CA GLN B 30 -15.77 21.64 5.81
C GLN B 30 -14.95 22.40 6.84
N GLU B 31 -15.40 22.41 8.10
CA GLU B 31 -14.65 23.12 9.13
C GLU B 31 -13.26 22.50 9.28
N MET B 32 -13.19 21.18 9.20
CA MET B 32 -11.89 20.51 9.30
C MET B 32 -10.97 20.96 8.17
N PHE B 33 -11.46 20.92 6.93
CA PHE B 33 -10.63 21.37 5.80
C PHE B 33 -10.21 22.83 5.94
N ASP B 34 -11.13 23.68 6.43
CA ASP B 34 -10.81 25.10 6.56
C ASP B 34 -9.71 25.34 7.57
N ARG B 35 -9.72 24.57 8.66
CA ARG B 35 -8.72 24.75 9.71
C ARG B 35 -7.39 24.10 9.35
N HIS B 36 -7.39 22.95 8.68
CA HIS B 36 -6.15 22.22 8.46
C HIS B 36 -5.59 22.34 7.05
N VAL B 37 -6.42 22.25 6.01
CA VAL B 37 -5.97 22.37 4.63
C VAL B 37 -5.90 23.83 4.18
N VAL B 38 -6.95 24.60 4.46
CA VAL B 38 -6.98 26.06 4.38
C VAL B 38 -7.29 26.54 2.97
N THR B 39 -6.47 26.14 2.00
CA THR B 39 -6.61 26.67 0.66
C THR B 39 -7.54 25.80 -0.17
N ARG B 40 -8.43 26.45 -0.93
CA ARG B 40 -9.48 25.75 -1.67
C ARG B 40 -8.91 25.02 -2.88
N PRO B 41 -9.40 23.81 -3.16
CA PRO B 41 -9.07 23.17 -4.44
C PRO B 41 -9.50 24.03 -5.63
N THR B 42 -8.94 23.70 -6.80
CA THR B 42 -9.15 24.46 -8.02
C THR B 42 -9.66 23.56 -9.13
N LYS B 43 -10.75 23.95 -9.79
CA LYS B 43 -11.30 23.14 -10.85
C LYS B 43 -10.46 23.28 -12.12
N VAL B 44 -10.05 22.15 -12.69
CA VAL B 44 -9.37 22.14 -13.99
C VAL B 44 -10.36 22.48 -15.08
N GLU B 45 -10.02 23.46 -15.91
CA GLU B 45 -10.84 23.81 -17.06
C GLU B 45 -10.30 23.09 -18.29
N LEU B 46 -11.16 22.32 -18.93
CA LEU B 46 -10.96 21.76 -20.25
C LEU B 46 -11.64 22.65 -21.28
N THR B 47 -11.06 22.67 -22.48
CA THR B 47 -11.76 23.23 -23.62
C THR B 47 -12.85 22.28 -24.08
N ASP B 48 -13.86 22.87 -24.71
CA ASP B 48 -14.84 22.11 -25.49
C ASP B 48 -14.21 20.93 -26.22
N ALA B 49 -13.21 21.19 -27.07
CA ALA B 49 -12.59 20.13 -27.86
C ALA B 49 -11.91 19.09 -26.97
N GLU B 50 -11.22 19.56 -25.92
CA GLU B 50 -10.56 18.63 -25.01
C GLU B 50 -11.60 17.74 -24.33
N LEU B 51 -12.70 18.34 -23.85
CA LEU B 51 -13.76 17.57 -23.21
C LEU B 51 -14.34 16.52 -24.15
N ARG B 52 -14.59 16.90 -25.40
CA ARG B 52 -15.14 15.95 -26.36
C ARG B 52 -14.16 14.83 -26.62
N GLU B 53 -12.86 15.13 -26.70
CA GLU B 53 -11.86 14.10 -26.85
C GLU B 53 -11.96 13.09 -25.71
N VAL B 54 -12.15 13.58 -24.49
CA VAL B 54 -12.22 12.70 -23.33
C VAL B 54 -13.40 11.73 -23.47
N ILE B 55 -14.57 12.27 -23.82
CA ILE B 55 -15.78 11.46 -23.84
C ILE B 55 -15.76 10.49 -25.03
N ASP B 56 -15.26 10.91 -26.20
CA ASP B 56 -15.08 9.95 -27.30
C ASP B 56 -14.26 8.74 -26.83
N ASP B 57 -13.15 8.96 -26.13
CA ASP B 57 -12.32 7.83 -25.70
C ASP B 57 -13.03 6.98 -24.66
N CYS B 58 -13.76 7.61 -23.74
CA CYS B 58 -14.56 6.85 -22.78
C CYS B 58 -15.57 5.97 -23.48
N ASN B 59 -16.26 6.51 -24.48
CA ASN B 59 -17.25 5.71 -25.19
C ASN B 59 -16.59 4.57 -25.95
N ALA B 60 -15.46 4.84 -26.60
CA ALA B 60 -14.77 3.79 -27.34
C ALA B 60 -14.37 2.65 -26.42
N ALA B 61 -13.93 3.00 -25.20
CA ALA B 61 -13.36 2.00 -24.31
C ALA B 61 -14.41 1.03 -23.77
N VAL B 62 -15.58 1.54 -23.41
CA VAL B 62 -16.60 0.67 -22.82
C VAL B 62 -17.56 0.15 -23.85
N ALA B 63 -17.55 0.68 -25.07
CA ALA B 63 -18.44 0.19 -26.12
C ALA B 63 -18.44 -1.33 -26.24
N PRO B 64 -17.31 -2.01 -26.50
CA PRO B 64 -17.39 -3.48 -26.65
C PRO B 64 -17.99 -4.17 -25.44
N LEU B 65 -18.02 -3.54 -24.27
CA LEU B 65 -18.64 -4.16 -23.10
C LEU B 65 -20.16 -4.23 -23.17
N GLY B 66 -20.80 -3.41 -24.02
CA GLY B 66 -22.20 -3.60 -24.35
C GLY B 66 -23.19 -2.68 -23.66
N LYS B 67 -22.74 -1.63 -22.97
CA LYS B 67 -23.67 -0.72 -22.31
C LYS B 67 -23.39 0.72 -22.75
N THR B 68 -24.46 1.45 -23.06
CA THR B 68 -24.38 2.88 -23.38
C THR B 68 -24.24 3.69 -22.12
N VAL B 69 -23.35 4.68 -22.12
CA VAL B 69 -23.18 5.59 -20.99
C VAL B 69 -23.47 7.00 -21.46
N SER B 70 -24.42 7.67 -20.81
CA SER B 70 -24.81 9.01 -21.20
C SER B 70 -23.73 10.03 -20.82
N ASP B 71 -23.71 11.16 -21.53
CA ASP B 71 -22.77 12.21 -21.16
C ASP B 71 -23.03 12.69 -19.74
N GLU B 72 -24.29 12.74 -19.33
CA GLU B 72 -24.61 13.09 -17.96
C GLU B 72 -23.85 12.19 -16.98
N ARG B 73 -23.82 10.87 -17.25
CA ARG B 73 -23.14 9.95 -16.34
C ARG B 73 -21.63 10.10 -16.45
N TRP B 74 -21.09 10.27 -17.66
CA TRP B 74 -19.67 10.58 -17.80
C TRP B 74 -19.31 11.83 -17.02
N ILE B 75 -20.16 12.87 -17.09
CA ILE B 75 -19.95 14.08 -16.30
C ILE B 75 -19.82 13.75 -14.83
N SER B 76 -20.74 12.94 -14.32
CA SER B 76 -20.71 12.57 -12.91
C SER B 76 -19.40 11.88 -12.54
N TYR B 77 -18.87 11.03 -13.43
CA TYR B 77 -17.62 10.35 -13.16
C TYR B 77 -16.43 11.30 -13.26
N VAL B 78 -16.40 12.15 -14.29
CA VAL B 78 -15.18 12.89 -14.63
C VAL B 78 -14.92 14.01 -13.64
N GLY B 79 -15.95 14.51 -12.96
CA GLY B 79 -15.80 15.65 -12.08
C GLY B 79 -14.71 15.49 -11.02
N VAL B 80 -14.48 14.27 -10.54
CA VAL B 80 -13.47 14.12 -9.49
C VAL B 80 -12.08 14.44 -10.03
N VAL B 81 -11.82 14.09 -11.29
CA VAL B 81 -10.52 14.46 -11.87
C VAL B 81 -10.44 15.97 -12.05
N LEU B 82 -11.55 16.59 -12.50
CA LEU B 82 -11.56 18.03 -12.71
C LEU B 82 -11.34 18.79 -11.41
N TRP B 83 -11.86 18.27 -10.29
CA TRP B 83 -11.79 18.95 -9.02
C TRP B 83 -10.60 18.56 -8.14
N SER B 84 -10.03 17.37 -8.33
CA SER B 84 -9.13 16.83 -7.31
C SER B 84 -7.69 16.67 -7.78
N GLN B 85 -7.35 17.14 -8.97
CA GLN B 85 -5.95 17.27 -9.35
C GLN B 85 -5.47 18.63 -8.82
N SER B 86 -4.29 19.07 -9.24
CA SER B 86 -3.76 20.37 -8.81
C SER B 86 -3.47 21.20 -10.05
N PRO B 87 -4.43 22.04 -10.48
CA PRO B 87 -4.24 22.72 -11.78
C PRO B 87 -2.98 23.55 -11.86
N ARG B 88 -2.51 24.12 -10.75
CA ARG B 88 -1.38 25.03 -10.88
C ARG B 88 -0.07 24.28 -11.12
N HIS B 89 -0.04 22.96 -10.90
CA HIS B 89 1.15 22.16 -11.11
C HIS B 89 1.10 21.32 -12.39
N ILE B 90 0.03 21.45 -13.20
CA ILE B 90 -0.13 20.59 -14.36
C ILE B 90 0.89 20.95 -15.44
N LYS B 91 1.69 19.97 -15.87
CA LYS B 91 2.61 20.13 -16.99
C LYS B 91 2.25 19.28 -18.21
N ASP B 92 1.44 18.25 -18.05
CA ASP B 92 1.14 17.36 -19.17
C ASP B 92 -0.38 17.22 -19.24
N MET B 93 -1.00 17.91 -20.20
CA MET B 93 -2.44 17.82 -20.35
C MET B 93 -2.89 16.57 -21.06
N GLU B 94 -2.00 15.92 -21.83
CA GLU B 94 -2.34 14.61 -22.38
C GLU B 94 -2.46 13.57 -21.28
N ALA B 95 -1.55 13.59 -20.30
CA ALA B 95 -1.68 12.70 -19.15
C ALA B 95 -2.92 13.04 -18.34
N PHE B 96 -3.26 14.33 -18.23
CA PHE B 96 -4.47 14.69 -17.48
C PHE B 96 -5.71 14.12 -18.16
N LYS B 97 -5.75 14.17 -19.50
CA LYS B 97 -6.87 13.60 -20.23
C LYS B 97 -6.90 12.08 -20.09
N ALA B 98 -5.74 11.43 -20.12
CA ALA B 98 -5.69 10.00 -19.83
C ALA B 98 -6.36 9.67 -18.51
N VAL B 99 -6.09 10.46 -17.47
CA VAL B 99 -6.66 10.17 -16.16
C VAL B 99 -8.16 10.42 -16.17
N CYS B 100 -8.63 11.44 -16.90
CA CYS B 100 -10.07 11.60 -17.08
C CYS B 100 -10.69 10.33 -17.66
N VAL B 101 -10.10 9.81 -18.73
CA VAL B 101 -10.68 8.63 -19.38
C VAL B 101 -10.56 7.41 -18.47
N LEU B 102 -9.35 7.13 -17.98
CA LEU B 102 -9.13 5.93 -17.17
C LEU B 102 -9.99 5.95 -15.91
N ASN B 103 -10.06 7.10 -15.25
CA ASN B 103 -11.00 7.25 -14.13
C ASN B 103 -12.42 6.87 -14.53
N CYS B 104 -12.90 7.43 -15.66
CA CYS B 104 -14.31 7.25 -16.00
C CYS B 104 -14.64 5.82 -16.37
N VAL B 105 -13.80 5.17 -17.18
CA VAL B 105 -14.19 3.84 -17.64
C VAL B 105 -14.07 2.81 -16.53
N THR B 106 -13.14 3.00 -15.58
CA THR B 106 -13.12 2.07 -14.46
C THR B 106 -14.21 2.38 -13.43
N PHE B 107 -14.75 3.61 -13.44
CA PHE B 107 -15.96 3.87 -12.65
C PHE B 107 -17.14 3.05 -13.18
N VAL B 108 -17.29 2.97 -14.49
CA VAL B 108 -18.31 2.12 -15.09
C VAL B 108 -18.14 0.67 -14.60
N TRP B 109 -16.91 0.17 -14.68
CA TRP B 109 -16.59 -1.18 -14.19
C TRP B 109 -17.01 -1.37 -12.74
N ASP B 110 -16.74 -0.37 -11.90
CA ASP B 110 -17.17 -0.36 -10.50
C ASP B 110 -18.69 -0.51 -10.36
N ASP B 111 -19.45 0.15 -11.24
CA ASP B 111 -20.91 0.17 -11.17
C ASP B 111 -21.56 -1.00 -11.89
N MET B 112 -20.78 -1.94 -12.41
CA MET B 112 -21.32 -2.98 -13.26
C MET B 112 -21.66 -4.24 -12.48
N ASP B 113 -22.75 -4.88 -12.89
CA ASP B 113 -22.96 -6.28 -12.58
C ASP B 113 -21.69 -7.08 -12.89
N PRO B 114 -21.27 -7.99 -12.01
CA PRO B 114 -19.98 -8.66 -12.21
C PRO B 114 -20.02 -9.69 -13.33
N ALA B 115 -21.20 -10.00 -13.89
CA ALA B 115 -21.27 -10.79 -15.11
C ALA B 115 -20.99 -9.96 -16.36
N LEU B 116 -21.25 -8.65 -16.32
CA LEU B 116 -20.90 -7.79 -17.43
C LEU B 116 -19.40 -7.59 -17.56
N HIS B 117 -18.62 -8.03 -16.57
CA HIS B 117 -17.18 -7.89 -16.62
C HIS B 117 -16.65 -8.83 -17.69
N ASP B 118 -15.82 -8.31 -18.57
CA ASP B 118 -15.36 -9.01 -19.77
C ASP B 118 -13.88 -8.65 -19.92
N PHE B 119 -13.02 -9.36 -19.18
CA PHE B 119 -11.60 -9.01 -19.17
C PHE B 119 -11.02 -9.11 -20.58
N GLY B 120 -11.35 -10.19 -21.30
CA GLY B 120 -10.80 -10.38 -22.63
C GLY B 120 -11.16 -9.25 -23.57
N LEU B 121 -12.28 -8.59 -23.34
CA LEU B 121 -12.66 -7.52 -24.25
C LEU B 121 -12.29 -6.15 -23.70
N PHE B 122 -12.29 -5.99 -22.38
CA PHE B 122 -12.06 -4.67 -21.80
C PHE B 122 -10.58 -4.34 -21.57
N LEU B 123 -9.77 -5.31 -21.11
CA LEU B 123 -8.36 -5.00 -20.90
C LEU B 123 -7.64 -4.46 -22.13
N PRO B 124 -7.90 -4.97 -23.36
CA PRO B 124 -7.28 -4.32 -24.54
C PRO B 124 -7.67 -2.86 -24.73
N GLN B 125 -8.90 -2.48 -24.38
CA GLN B 125 -9.30 -1.07 -24.45
C GLN B 125 -8.48 -0.21 -23.49
N LEU B 126 -8.28 -0.68 -22.26
CA LEU B 126 -7.45 0.08 -21.32
C LEU B 126 -6.02 0.18 -21.83
N ARG B 127 -5.57 -0.85 -22.54
CA ARG B 127 -4.24 -0.83 -23.12
C ARG B 127 -4.13 0.26 -24.18
N LYS B 128 -5.10 0.33 -25.10
CA LYS B 128 -5.02 1.29 -26.20
C LYS B 128 -5.19 2.72 -25.71
N ILE B 129 -5.90 2.91 -24.60
CA ILE B 129 -6.00 4.24 -24.01
C ILE B 129 -4.65 4.66 -23.45
N CYS B 130 -4.00 3.75 -22.72
CA CYS B 130 -2.72 4.09 -22.15
C CYS B 130 -1.68 4.41 -23.21
N GLU B 131 -1.64 3.62 -24.30
CA GLU B 131 -0.64 3.88 -25.34
C GLU B 131 -0.90 5.18 -26.09
N LYS B 132 -2.15 5.64 -26.14
CA LYS B 132 -2.47 6.85 -26.91
C LYS B 132 -2.03 8.12 -26.19
N TYR B 133 -2.04 8.11 -24.85
CA TYR B 133 -1.87 9.34 -24.09
C TYR B 133 -0.52 9.46 -23.41
N TYR B 134 0.15 8.35 -23.10
CA TYR B 134 1.46 8.37 -22.45
C TYR B 134 2.51 7.76 -23.39
N GLY B 135 3.77 8.11 -23.17
CA GLY B 135 4.89 7.42 -23.75
C GLY B 135 4.97 5.99 -23.24
N PRO B 136 6.00 5.23 -23.65
CA PRO B 136 6.05 3.80 -23.31
C PRO B 136 6.02 3.47 -21.83
N GLU B 137 6.98 3.99 -21.05
CA GLU B 137 7.07 3.59 -19.65
C GLU B 137 5.80 3.98 -18.90
N ASP B 138 5.39 5.25 -18.97
CA ASP B 138 4.20 5.69 -18.24
C ASP B 138 2.98 4.87 -18.64
N ALA B 139 2.87 4.52 -19.94
CA ALA B 139 1.76 3.71 -20.40
C ALA B 139 1.71 2.34 -19.72
N GLU B 140 2.86 1.70 -19.52
CA GLU B 140 2.77 0.39 -18.88
C GLU B 140 2.60 0.51 -17.37
N VAL B 141 3.02 1.64 -16.76
CA VAL B 141 2.75 1.82 -15.33
C VAL B 141 1.28 2.17 -15.10
N ALA B 142 0.70 3.02 -15.96
CA ALA B 142 -0.72 3.32 -15.84
C ALA B 142 -1.55 2.08 -16.12
N TYR B 143 -1.25 1.36 -17.21
CA TYR B 143 -1.98 0.14 -17.53
C TYR B 143 -1.91 -0.90 -16.41
N GLU B 144 -0.72 -1.15 -15.86
CA GLU B 144 -0.64 -2.13 -14.76
C GLU B 144 -1.53 -1.71 -13.59
N ALA B 145 -1.54 -0.41 -13.28
CA ALA B 145 -2.39 0.05 -12.19
C ALA B 145 -3.87 -0.09 -12.53
N ALA B 146 -4.26 0.22 -13.79
CA ALA B 146 -5.66 0.05 -14.17
C ALA B 146 -6.06 -1.42 -14.16
N ARG B 147 -5.22 -2.27 -14.75
CA ARG B 147 -5.41 -3.72 -14.65
C ARG B 147 -5.59 -4.18 -13.22
N ALA B 148 -4.65 -3.80 -12.34
CA ALA B 148 -4.73 -4.27 -10.96
C ALA B 148 -6.00 -3.78 -10.29
N PHE B 149 -6.44 -2.54 -10.60
CA PHE B 149 -7.68 -2.08 -10.00
C PHE B 149 -8.88 -2.88 -10.51
N VAL B 150 -9.05 -3.01 -11.83
CA VAL B 150 -10.26 -3.69 -12.30
C VAL B 150 -10.22 -5.17 -11.95
N THR B 151 -9.03 -5.77 -11.88
CA THR B 151 -8.93 -7.15 -11.39
C THR B 151 -9.34 -7.24 -9.93
N SER B 152 -8.89 -6.30 -9.10
CA SER B 152 -9.30 -6.24 -7.70
C SER B 152 -10.82 -6.09 -7.56
N ASP B 153 -11.41 -5.09 -8.23
CA ASP B 153 -12.84 -4.89 -8.08
C ASP B 153 -13.61 -6.15 -8.42
N HIS B 154 -13.21 -6.84 -9.50
CA HIS B 154 -13.91 -8.06 -9.90
C HIS B 154 -13.70 -9.18 -8.88
N MET B 155 -12.44 -9.43 -8.50
CA MET B 155 -12.16 -10.62 -7.70
C MET B 155 -12.77 -10.51 -6.31
N PHE B 156 -12.88 -9.30 -5.76
CA PHE B 156 -13.35 -9.16 -4.39
C PHE B 156 -14.87 -9.08 -4.27
N ARG B 157 -15.61 -9.16 -5.38
CA ARG B 157 -17.05 -9.39 -5.26
C ARG B 157 -17.29 -10.70 -4.52
N ASP B 158 -18.04 -10.65 -3.43
CA ASP B 158 -18.31 -11.82 -2.58
C ASP B 158 -17.02 -12.56 -2.13
N SER B 159 -15.88 -11.89 -2.11
CA SER B 159 -14.67 -12.49 -1.53
C SER B 159 -14.72 -12.53 0.00
N PRO B 160 -14.45 -13.70 0.57
CA PRO B 160 -14.22 -13.78 2.02
C PRO B 160 -13.23 -12.77 2.54
N ILE B 161 -12.18 -12.48 1.77
CA ILE B 161 -11.20 -11.49 2.20
C ILE B 161 -11.89 -10.13 2.38
N LYS B 162 -12.80 -9.80 1.47
CA LYS B 162 -13.47 -8.52 1.58
C LYS B 162 -14.35 -8.43 2.82
N ALA B 163 -15.14 -9.46 3.08
CA ALA B 163 -15.94 -9.48 4.29
C ALA B 163 -15.07 -9.38 5.53
N ALA B 164 -13.94 -10.11 5.55
CA ALA B 164 -13.07 -10.05 6.71
C ALA B 164 -12.48 -8.65 6.89
N LEU B 165 -11.92 -8.07 5.82
CA LEU B 165 -11.28 -6.77 5.95
C LEU B 165 -12.29 -5.64 6.17
N CYS B 166 -13.53 -5.81 5.72
CA CYS B 166 -14.53 -4.75 5.89
C CYS B 166 -15.32 -4.86 7.19
N THR B 167 -15.18 -5.94 7.93
CA THR B 167 -15.97 -6.11 9.13
C THR B 167 -15.15 -6.22 10.40
N THR B 168 -13.82 -6.12 10.34
CA THR B 168 -12.99 -6.41 11.52
C THR B 168 -12.53 -5.15 12.25
N SER B 169 -12.03 -4.15 11.53
CA SER B 169 -11.58 -2.91 12.17
C SER B 169 -11.42 -1.83 11.11
N PRO B 170 -11.36 -0.55 11.51
CA PRO B 170 -11.08 0.50 10.51
C PRO B 170 -9.71 0.33 9.86
N GLU B 171 -8.72 -0.14 10.61
CA GLU B 171 -7.39 -0.25 10.05
C GLU B 171 -7.27 -1.42 9.05
N GLN B 172 -8.04 -2.50 9.24
CA GLN B 172 -8.12 -3.51 8.18
C GLN B 172 -8.92 -2.97 6.99
N TYR B 173 -9.99 -2.24 7.27
CA TYR B 173 -10.81 -1.72 6.19
C TYR B 173 -10.02 -0.77 5.30
N PHE B 174 -9.31 0.18 5.89
CA PHE B 174 -8.60 1.15 5.07
C PHE B 174 -7.46 0.50 4.29
N ARG B 175 -6.90 -0.58 4.86
CA ARG B 175 -5.93 -1.39 4.12
C ARG B 175 -6.52 -1.92 2.82
N PHE B 176 -7.76 -2.41 2.84
CA PHE B 176 -8.41 -2.84 1.62
C PHE B 176 -8.58 -1.68 0.64
N ARG B 177 -8.87 -0.49 1.16
CA ARG B 177 -9.26 0.61 0.29
C ARG B 177 -8.08 1.30 -0.37
N VAL B 178 -6.85 1.08 0.09
CA VAL B 178 -5.71 1.64 -0.62
C VAL B 178 -5.81 1.28 -2.09
N THR B 179 -6.18 0.03 -2.39
CA THR B 179 -6.43 -0.40 -3.75
C THR B 179 -7.87 -0.15 -4.18
N ASP B 180 -8.82 -0.54 -3.34
CA ASP B 180 -10.20 -0.62 -3.80
C ASP B 180 -10.81 0.76 -4.06
N ILE B 181 -10.39 1.82 -3.37
CA ILE B 181 -10.91 3.14 -3.74
C ILE B 181 -10.12 3.74 -4.90
N GLY B 182 -9.29 2.96 -5.57
CA GLY B 182 -8.63 3.41 -6.79
C GLY B 182 -7.53 4.42 -6.61
N VAL B 183 -7.18 4.76 -5.37
CA VAL B 183 -6.23 5.85 -5.16
C VAL B 183 -4.81 5.46 -5.54
N ASP B 184 -4.40 4.20 -5.29
CA ASP B 184 -3.09 3.80 -5.80
C ASP B 184 -3.03 3.91 -7.31
N PHE B 185 -4.08 3.44 -7.97
CA PHE B 185 -4.23 3.57 -9.42
C PHE B 185 -4.14 5.03 -9.84
N TRP B 186 -4.94 5.87 -9.19
CA TRP B 186 -4.92 7.31 -9.44
C TRP B 186 -3.53 7.89 -9.37
N MET B 187 -2.77 7.57 -8.31
CA MET B 187 -1.43 8.14 -8.18
C MET B 187 -0.53 7.68 -9.31
N LYS B 188 -0.61 6.39 -9.65
CA LYS B 188 0.29 5.82 -10.65
C LYS B 188 -0.08 6.23 -12.08
N MET B 189 -1.27 6.80 -12.28
CA MET B 189 -1.57 7.36 -13.60
C MET B 189 -1.52 8.89 -13.61
N SER B 190 -1.48 9.54 -12.45
CA SER B 190 -1.42 11.00 -12.37
C SER B 190 0.00 11.56 -12.27
N TYR B 191 1.00 10.77 -11.87
CA TYR B 191 2.34 11.34 -11.78
C TYR B 191 2.84 11.94 -13.09
N PRO B 192 2.54 11.41 -14.27
CA PRO B 192 3.01 12.10 -15.49
C PRO B 192 2.38 13.49 -15.68
N ILE B 193 1.27 13.78 -15.01
CA ILE B 193 0.68 15.12 -15.11
C ILE B 193 1.66 16.17 -14.59
N TYR B 194 2.40 15.84 -13.54
CA TYR B 194 3.22 16.79 -12.82
C TYR B 194 4.69 16.74 -13.17
N ARG B 195 5.19 15.62 -13.71
CA ARG B 195 6.62 15.41 -14.01
C ARG B 195 7.48 15.97 -12.88
N HIS B 196 7.16 15.56 -11.66
CA HIS B 196 7.87 16.02 -10.47
C HIS B 196 8.48 14.81 -9.77
N PRO B 197 9.81 14.68 -9.77
CA PRO B 197 10.44 13.40 -9.38
C PRO B 197 10.03 12.85 -8.02
N GLU B 198 9.92 13.69 -6.98
CA GLU B 198 9.46 13.16 -5.69
C GLU B 198 8.05 12.62 -5.78
N PHE B 199 7.15 13.34 -6.44
CA PHE B 199 5.78 12.87 -6.51
C PHE B 199 5.71 11.53 -7.21
N THR B 200 6.45 11.39 -8.31
CA THR B 200 6.53 10.13 -9.04
C THR B 200 7.05 9.01 -8.13
N GLU B 201 8.00 9.33 -7.25
CA GLU B 201 8.51 8.29 -6.36
C GLU B 201 7.48 7.90 -5.32
N HIS B 202 6.85 8.88 -4.66
CA HIS B 202 5.81 8.54 -3.68
C HIS B 202 4.65 7.81 -4.35
N ALA B 203 4.39 8.13 -5.61
CA ALA B 203 3.36 7.42 -6.36
C ALA B 203 3.77 5.97 -6.56
N LYS B 204 5.01 5.74 -6.97
CA LYS B 204 5.39 4.39 -7.33
C LYS B 204 5.63 3.48 -6.11
N THR B 205 5.98 4.04 -4.96
CA THR B 205 6.05 3.25 -3.73
C THR B 205 4.67 3.03 -3.11
N SER B 206 3.65 3.76 -3.58
CA SER B 206 2.30 3.77 -3.01
C SER B 206 2.22 4.51 -1.68
N LEU B 207 3.30 5.12 -1.20
CA LEU B 207 3.19 5.98 -0.02
C LEU B 207 2.20 7.13 -0.27
N ALA B 208 2.17 7.65 -1.48
CA ALA B 208 1.20 8.68 -1.84
C ALA B 208 -0.22 8.19 -1.61
N ALA B 209 -0.53 6.99 -2.10
CA ALA B 209 -1.85 6.41 -1.88
C ALA B 209 -2.11 6.16 -0.40
N ARG B 210 -1.12 5.63 0.32
CA ARG B 210 -1.36 5.34 1.73
C ARG B 210 -1.61 6.61 2.53
N MET B 211 -1.05 7.76 2.11
CA MET B 211 -1.27 9.01 2.84
C MET B 211 -2.69 9.54 2.64
N THR B 212 -3.29 9.26 1.49
CA THR B 212 -4.53 9.92 1.10
C THR B 212 -5.75 9.02 1.19
N THR B 213 -5.55 7.73 1.47
CA THR B 213 -6.64 6.76 1.44
C THR B 213 -7.75 7.12 2.42
N ARG B 214 -7.40 7.46 3.66
CA ARG B 214 -8.46 7.68 4.64
C ARG B 214 -9.27 8.94 4.33
N GLY B 215 -8.60 10.02 3.93
CA GLY B 215 -9.31 11.25 3.61
C GLY B 215 -10.27 11.08 2.46
N LEU B 216 -9.86 10.32 1.44
CA LEU B 216 -10.77 10.02 0.33
C LEU B 216 -11.90 9.11 0.78
N THR B 217 -11.56 8.05 1.50
CA THR B 217 -12.52 6.99 1.77
C THR B 217 -13.58 7.43 2.77
N ILE B 218 -13.17 8.12 3.82
CA ILE B 218 -14.14 8.51 4.84
C ILE B 218 -15.20 9.41 4.23
N VAL B 219 -14.77 10.34 3.39
CA VAL B 219 -15.71 11.22 2.68
C VAL B 219 -16.58 10.43 1.73
N ASN B 220 -15.96 9.58 0.88
CA ASN B 220 -16.77 8.80 -0.04
C ASN B 220 -17.78 7.94 0.71
N ASP B 221 -17.33 7.26 1.78
CA ASP B 221 -18.19 6.34 2.50
C ASP B 221 -19.39 7.06 3.10
N PHE B 222 -19.18 8.26 3.64
CA PHE B 222 -20.29 8.96 4.27
C PHE B 222 -21.39 9.23 3.26
N TYR B 223 -21.00 9.75 2.10
CA TYR B 223 -21.99 10.20 1.13
C TYR B 223 -22.48 9.10 0.20
N SER B 224 -21.84 7.92 0.18
CA SER B 224 -22.34 6.80 -0.62
C SER B 224 -22.95 5.71 0.24
N TYR B 225 -23.03 5.92 1.56
CA TYR B 225 -23.56 4.92 2.49
C TYR B 225 -24.98 4.47 2.10
N ASP B 226 -25.88 5.42 1.86
CA ASP B 226 -27.26 5.03 1.61
C ASP B 226 -27.36 4.17 0.36
N ARG B 227 -26.69 4.58 -0.70
CA ARG B 227 -26.68 3.78 -1.92
C ARG B 227 -26.13 2.38 -1.64
N GLU B 228 -24.98 2.33 -0.96
CA GLU B 228 -24.30 1.05 -0.82
C GLU B 228 -25.09 0.08 0.07
N VAL B 229 -25.69 0.54 1.17
CA VAL B 229 -26.40 -0.45 1.97
C VAL B 229 -27.70 -0.87 1.28
N SER B 230 -28.32 0.01 0.48
CA SER B 230 -29.47 -0.46 -0.29
C SER B 230 -29.07 -1.52 -1.32
N LEU B 231 -27.84 -1.47 -1.81
CA LEU B 231 -27.35 -2.40 -2.83
C LEU B 231 -26.61 -3.60 -2.23
N GLY B 232 -26.61 -3.74 -0.90
CA GLY B 232 -25.89 -4.84 -0.26
C GLY B 232 -24.39 -4.79 -0.42
N GLN B 233 -23.79 -3.61 -0.61
CA GLN B 233 -22.35 -3.50 -0.73
C GLN B 233 -21.74 -3.21 0.64
N ILE B 234 -20.72 -3.99 1.02
CA ILE B 234 -20.20 -3.95 2.38
C ILE B 234 -19.01 -3.04 2.54
N THR B 235 -18.49 -2.48 1.44
CA THR B 235 -17.23 -1.75 1.50
C THR B 235 -17.50 -0.28 1.88
N ASN B 236 -17.67 -0.07 3.20
CA ASN B 236 -18.03 1.24 3.73
C ASN B 236 -17.76 1.28 5.22
N CYS B 237 -16.92 2.19 5.69
CA CYS B 237 -16.50 2.12 7.10
C CYS B 237 -17.63 2.41 8.06
N PHE B 238 -18.69 3.14 7.63
CA PHE B 238 -19.75 3.39 8.59
C PHE B 238 -20.61 2.17 8.88
N ARG B 239 -20.47 1.07 8.11
CA ARG B 239 -21.10 -0.19 8.51
C ARG B 239 -20.43 -0.78 9.76
N LEU B 240 -19.28 -0.24 10.16
CA LEU B 240 -18.61 -0.69 11.37
C LEU B 240 -19.13 -0.03 12.65
N CYS B 241 -20.00 0.98 12.56
CA CYS B 241 -20.64 1.50 13.75
C CYS B 241 -22.14 1.43 13.56
N ASP B 242 -22.85 1.57 14.67
CA ASP B 242 -24.30 1.54 14.66
C ASP B 242 -24.79 2.94 14.30
N VAL B 243 -25.02 3.19 13.00
CA VAL B 243 -25.46 4.52 12.60
C VAL B 243 -26.87 4.83 13.09
N SER B 244 -27.64 3.83 13.54
CA SER B 244 -28.97 4.13 14.08
C SER B 244 -28.91 4.72 15.49
N ASP B 245 -27.72 4.86 16.07
CA ASP B 245 -27.54 5.33 17.44
C ASP B 245 -26.63 6.54 17.41
N GLU B 246 -27.20 7.70 17.79
CA GLU B 246 -26.49 8.97 17.64
C GLU B 246 -25.20 8.99 18.46
N THR B 247 -25.24 8.41 19.67
CA THR B 247 -24.05 8.32 20.50
C THR B 247 -22.91 7.64 19.75
N ALA B 248 -23.12 6.39 19.35
CA ALA B 248 -22.08 5.61 18.71
C ALA B 248 -21.63 6.28 17.41
N PHE B 249 -22.60 6.86 16.69
CA PHE B 249 -22.27 7.46 15.39
C PHE B 249 -21.36 8.67 15.55
N LYS B 250 -21.73 9.61 16.43
CA LYS B 250 -20.86 10.77 16.60
C LYS B 250 -19.48 10.34 17.06
N GLU B 251 -19.40 9.35 17.94
CA GLU B 251 -18.09 8.89 18.39
C GLU B 251 -17.29 8.32 17.23
N PHE B 252 -17.91 7.48 16.42
CA PHE B 252 -17.22 6.93 15.26
C PHE B 252 -16.80 8.05 14.31
N PHE B 253 -17.73 8.99 14.05
CA PHE B 253 -17.43 10.04 13.08
C PHE B 253 -16.25 10.91 13.54
N GLN B 254 -16.21 11.26 14.83
CA GLN B 254 -15.09 12.04 15.33
C GLN B 254 -13.78 11.27 15.25
N ALA B 255 -13.81 9.96 15.50
CA ALA B 255 -12.60 9.17 15.32
C ALA B 255 -12.13 9.23 13.86
N ARG B 256 -13.07 9.28 12.91
CA ARG B 256 -12.69 9.35 11.51
C ARG B 256 -12.14 10.75 11.15
N LEU B 257 -12.75 11.82 11.71
CA LEU B 257 -12.15 13.15 11.58
C LEU B 257 -10.74 13.17 12.11
N ASP B 258 -10.52 12.58 13.29
CA ASP B 258 -9.16 12.45 13.82
C ASP B 258 -8.23 11.81 12.79
N ASP B 259 -8.67 10.71 12.18
CA ASP B 259 -7.86 10.05 11.15
C ASP B 259 -7.47 11.05 10.06
N MET B 260 -8.44 11.81 9.58
CA MET B 260 -8.15 12.74 8.49
C MET B 260 -7.16 13.80 8.91
N ILE B 261 -7.38 14.39 10.10
CA ILE B 261 -6.53 15.46 10.59
C ILE B 261 -5.09 14.96 10.76
N GLU B 262 -4.96 13.77 11.34
CA GLU B 262 -3.64 13.17 11.49
C GLU B 262 -2.94 13.05 10.14
N ASP B 263 -3.62 12.46 9.15
CA ASP B 263 -3.03 12.31 7.82
C ASP B 263 -2.65 13.67 7.23
N ILE B 264 -3.53 14.66 7.41
CA ILE B 264 -3.29 15.97 6.79
C ILE B 264 -2.04 16.63 7.36
N GLU B 265 -1.90 16.65 8.69
CA GLU B 265 -0.74 17.29 9.29
C GLU B 265 0.57 16.54 8.97
N CYS B 266 0.52 15.20 8.81
CA CYS B 266 1.70 14.50 8.33
C CYS B 266 1.93 14.72 6.83
N ILE B 267 0.87 14.97 6.05
CA ILE B 267 1.10 15.32 4.66
C ILE B 267 1.89 16.62 4.55
N LYS B 268 1.70 17.55 5.52
CA LYS B 268 2.41 18.83 5.50
C LYS B 268 3.91 18.69 5.69
N ALA B 269 4.41 17.52 6.12
CA ALA B 269 5.85 17.31 6.15
C ALA B 269 6.43 17.04 4.77
N PHE B 270 5.60 16.67 3.78
CA PHE B 270 6.09 16.39 2.44
C PHE B 270 6.51 17.69 1.74
N ASP B 271 7.16 17.56 0.59
CA ASP B 271 7.65 18.69 -0.18
C ASP B 271 6.45 19.48 -0.71
N GLN B 272 6.68 20.78 -0.93
CA GLN B 272 5.57 21.70 -1.16
C GLN B 272 4.68 21.27 -2.32
N LEU B 273 5.26 20.87 -3.45
CA LEU B 273 4.44 20.43 -4.57
C LEU B 273 3.61 19.22 -4.17
N THR B 274 4.30 18.18 -3.69
CA THR B 274 3.63 16.93 -3.35
C THR B 274 2.47 17.17 -2.38
N GLN B 275 2.69 18.00 -1.35
CA GLN B 275 1.62 18.20 -0.38
C GLN B 275 0.45 18.94 -1.00
N ASP B 276 0.72 19.90 -1.89
CA ASP B 276 -0.37 20.56 -2.63
C ASP B 276 -1.22 19.52 -3.34
N VAL B 277 -0.57 18.58 -4.03
CA VAL B 277 -1.31 17.59 -4.82
C VAL B 277 -2.10 16.66 -3.90
N PHE B 278 -1.47 16.18 -2.82
CA PHE B 278 -2.18 15.32 -1.88
C PHE B 278 -3.41 16.02 -1.31
N LEU B 279 -3.25 17.27 -0.87
CA LEU B 279 -4.35 17.96 -0.20
C LEU B 279 -5.43 18.38 -1.19
N ASP B 280 -5.05 18.79 -2.40
CA ASP B 280 -6.07 19.07 -3.42
C ASP B 280 -6.86 17.81 -3.73
N LEU B 281 -6.20 16.64 -3.68
CA LEU B 281 -6.92 15.40 -3.92
C LEU B 281 -7.99 15.17 -2.86
N ILE B 282 -7.61 15.25 -1.58
CA ILE B 282 -8.57 14.97 -0.51
C ILE B 282 -9.66 16.04 -0.47
N TYR B 283 -9.27 17.30 -0.53
CA TYR B 283 -10.26 18.36 -0.40
C TYR B 283 -11.10 18.48 -1.68
N GLY B 284 -10.47 18.34 -2.85
CA GLY B 284 -11.23 18.30 -4.08
C GLY B 284 -12.25 17.17 -4.13
N ASN B 285 -11.87 15.99 -3.64
CA ASN B 285 -12.84 14.89 -3.64
C ASN B 285 -14.05 15.25 -2.80
N PHE B 286 -13.84 15.98 -1.71
CA PHE B 286 -14.95 16.38 -0.86
C PHE B 286 -15.84 17.39 -1.59
N VAL B 287 -15.25 18.37 -2.26
CA VAL B 287 -16.06 19.35 -2.99
C VAL B 287 -16.86 18.65 -4.09
N TRP B 288 -16.19 17.81 -4.88
CA TRP B 288 -16.85 17.06 -5.93
C TRP B 288 -17.96 16.19 -5.37
N THR B 289 -17.66 15.42 -4.30
CA THR B 289 -18.63 14.49 -3.75
C THR B 289 -19.91 15.20 -3.31
N THR B 290 -19.78 16.37 -2.69
CA THR B 290 -20.94 17.08 -2.19
C THR B 290 -21.68 17.83 -3.30
N SER B 291 -21.08 17.97 -4.49
CA SER B 291 -21.66 18.71 -5.60
C SER B 291 -22.18 17.81 -6.71
N ASN B 292 -22.22 16.50 -6.51
CA ASN B 292 -22.44 15.53 -7.58
C ASN B 292 -23.70 14.73 -7.29
N LYS B 293 -24.61 14.67 -8.27
CA LYS B 293 -25.83 13.86 -8.18
C LYS B 293 -25.55 12.42 -7.78
N ARG B 294 -24.40 11.88 -8.19
CA ARG B 294 -23.99 10.53 -7.82
C ARG B 294 -24.22 10.23 -6.35
N TYR B 295 -23.98 11.21 -5.49
CA TYR B 295 -24.06 11.02 -4.04
C TYR B 295 -25.27 11.70 -3.42
N LYS B 296 -26.09 12.37 -4.22
CA LYS B 296 -27.25 13.12 -3.72
C LYS B 296 -28.47 12.27 -3.41
N THR B 297 -28.70 11.16 -4.12
CA THR B 297 -29.78 10.23 -3.83
C THR B 297 -29.18 8.85 -3.63
N ALA B 298 -29.96 7.94 -3.02
CA ALA B 298 -29.39 6.61 -2.74
C ALA B 298 -29.37 5.73 -3.98
N VAL B 299 -30.27 5.98 -4.91
CA VAL B 299 -30.23 5.34 -6.22
C VAL B 299 -30.89 6.31 -7.20
N ASN B 300 -30.18 6.64 -8.27
CA ASN B 300 -30.70 7.51 -9.31
C ASN B 300 -30.17 7.02 -10.65
N ASP B 301 -30.44 7.77 -11.70
CA ASP B 301 -30.03 7.39 -13.05
C ASP B 301 -28.53 7.25 -13.22
N VAL B 302 -27.70 8.09 -12.60
CA VAL B 302 -26.26 8.06 -12.83
C VAL B 302 -25.51 7.09 -11.95
N ASN B 303 -26.15 6.45 -10.94
CA ASN B 303 -25.46 5.46 -10.11
C ASN B 303 -26.18 4.12 -10.05
N SER B 304 -26.89 3.72 -11.10
CA SER B 304 -27.63 2.47 -11.07
C SER B 304 -26.70 1.28 -11.34
N ARG B 305 -26.98 0.18 -10.64
CA ARG B 305 -26.31 -1.10 -10.88
C ARG B 305 -26.62 -1.60 -12.29
N ILE B 306 -25.68 -1.37 -13.21
CA ILE B 306 -25.94 -1.55 -14.65
C ILE B 306 -25.84 -3.03 -15.01
N GLN B 307 -26.82 -3.53 -15.76
CA GLN B 307 -26.92 -4.94 -16.15
C GLN B 307 -27.10 -5.11 -17.64
N ALA B 308 -27.27 -6.36 -18.01
CA ALA B 308 -27.33 -6.71 -19.37
C ALA B 308 -28.46 -6.01 -20.19
N GLY A 14 19.17 3.96 29.11
CA GLY A 14 17.90 4.43 29.62
C GLY A 14 16.75 4.07 28.70
N ARG A 15 16.44 4.94 27.76
CA ARG A 15 15.76 4.54 26.55
C ARG A 15 16.71 3.81 25.62
N SER A 16 17.94 3.60 26.04
CA SER A 16 18.92 3.12 25.09
C SER A 16 18.81 1.61 24.81
N SER A 17 17.97 0.86 25.52
CA SER A 17 17.94 -0.58 25.26
C SER A 17 16.67 -1.22 25.82
N VAL A 18 16.13 -2.19 25.08
CA VAL A 18 15.01 -2.99 25.56
C VAL A 18 15.48 -4.30 26.18
N ARG A 19 16.77 -4.40 26.51
CA ARG A 19 17.34 -5.60 27.13
C ARG A 19 16.54 -6.17 28.30
N PRO A 20 16.12 -5.40 29.30
CA PRO A 20 15.36 -5.99 30.42
C PRO A 20 14.14 -6.79 29.99
N TYR A 21 13.56 -6.52 28.82
CA TYR A 21 12.35 -7.20 28.38
C TYR A 21 12.63 -8.36 27.42
N LEU A 22 13.90 -8.65 27.14
CA LEU A 22 14.25 -9.54 26.05
C LEU A 22 13.59 -10.92 26.21
N GLU A 23 13.68 -11.51 27.39
CA GLU A 23 13.19 -12.87 27.58
C GLU A 23 11.66 -12.93 27.57
N GLU A 24 11.00 -12.04 28.32
CA GLU A 24 9.53 -11.98 28.32
C GLU A 24 8.98 -11.82 26.93
N CYS A 25 9.47 -10.80 26.21
CA CYS A 25 8.91 -10.49 24.90
C CYS A 25 9.15 -11.63 23.92
N THR A 26 10.34 -12.24 23.93
CA THR A 26 10.58 -13.39 23.09
C THR A 26 9.57 -14.48 23.39
N ARG A 27 9.42 -14.80 24.67
CA ARG A 27 8.44 -15.78 25.10
C ARG A 27 7.02 -15.42 24.63
N ARG A 28 6.64 -14.14 24.73
CA ARG A 28 5.29 -13.75 24.37
C ARG A 28 5.05 -13.84 22.86
N PHE A 29 6.00 -13.35 22.07
CA PHE A 29 5.94 -13.52 20.62
C PHE A 29 5.70 -14.98 20.25
N GLN A 30 6.52 -15.88 20.81
CA GLN A 30 6.39 -17.28 20.43
C GLN A 30 5.05 -17.86 20.85
N GLU A 31 4.57 -17.51 22.05
CA GLU A 31 3.26 -17.97 22.50
C GLU A 31 2.17 -17.54 21.53
N MET A 32 2.24 -16.27 21.13
CA MET A 32 1.28 -15.73 20.18
C MET A 32 1.31 -16.52 18.88
N PHE A 33 2.51 -16.79 18.35
CA PHE A 33 2.61 -17.56 17.11
C PHE A 33 2.06 -18.97 17.27
N ASP A 34 2.32 -19.62 18.40
CA ASP A 34 1.89 -21.01 18.54
C ASP A 34 0.38 -21.10 18.59
N ARG A 35 -0.27 -20.07 19.13
CA ARG A 35 -1.72 -20.13 19.25
C ARG A 35 -2.43 -19.73 17.97
N HIS A 36 -1.89 -18.75 17.23
CA HIS A 36 -2.61 -18.11 16.13
C HIS A 36 -2.15 -18.56 14.74
N VAL A 37 -0.86 -18.53 14.44
CA VAL A 37 -0.31 -19.14 13.24
C VAL A 37 -0.40 -20.66 13.31
N VAL A 38 0.24 -21.26 14.31
CA VAL A 38 0.20 -22.70 14.60
C VAL A 38 1.13 -23.48 13.67
N THR A 39 1.22 -23.09 12.39
CA THR A 39 2.14 -23.75 11.47
C THR A 39 3.49 -23.05 11.57
N ARG A 40 4.52 -23.64 10.97
CA ARG A 40 5.88 -23.30 11.36
C ARG A 40 6.62 -22.62 10.23
N PRO A 41 7.69 -21.89 10.54
CA PRO A 41 8.72 -21.72 9.53
C PRO A 41 9.41 -23.05 9.31
N THR A 42 9.63 -23.35 8.05
CA THR A 42 10.45 -24.47 7.64
C THR A 42 11.58 -23.90 6.80
N LYS A 43 12.82 -24.15 7.20
CA LYS A 43 13.94 -23.51 6.55
C LYS A 43 14.15 -24.12 5.17
N VAL A 44 14.85 -23.39 4.31
CA VAL A 44 15.45 -23.96 3.11
C VAL A 44 16.97 -24.01 3.31
N GLU A 45 17.50 -25.14 3.80
CA GLU A 45 18.95 -25.34 3.78
C GLU A 45 19.38 -25.58 2.35
N LEU A 46 20.05 -24.59 1.74
CA LEU A 46 20.52 -24.72 0.36
C LEU A 46 21.73 -25.64 0.30
N THR A 47 21.93 -26.25 -0.87
CA THR A 47 23.18 -26.94 -1.14
C THR A 47 24.33 -25.95 -1.15
N ASP A 48 25.52 -26.46 -0.81
CA ASP A 48 26.72 -25.62 -0.80
C ASP A 48 26.94 -24.97 -2.16
N ALA A 49 26.65 -25.70 -3.25
CA ALA A 49 26.69 -25.07 -4.56
C ALA A 49 25.72 -23.90 -4.63
N GLU A 50 24.50 -24.09 -4.14
CA GLU A 50 23.52 -23.02 -4.21
C GLU A 50 23.91 -21.86 -3.30
N LEU A 51 24.56 -22.14 -2.16
CA LEU A 51 24.96 -21.05 -1.27
C LEU A 51 26.07 -20.22 -1.89
N ARG A 52 26.86 -20.85 -2.76
CA ARG A 52 27.97 -20.14 -3.39
C ARG A 52 27.55 -19.50 -4.71
N GLU A 53 26.55 -20.06 -5.41
CA GLU A 53 25.97 -19.32 -6.53
C GLU A 53 25.29 -18.06 -6.03
N VAL A 54 24.71 -18.13 -4.84
CA VAL A 54 24.03 -16.97 -4.26
C VAL A 54 25.04 -15.92 -3.84
N ILE A 55 26.00 -16.30 -2.99
CA ILE A 55 27.05 -15.38 -2.61
C ILE A 55 27.76 -14.84 -3.85
N ASP A 56 27.87 -15.68 -4.88
CA ASP A 56 28.47 -15.28 -6.14
C ASP A 56 27.84 -14.02 -6.71
N ASP A 57 26.54 -14.07 -6.99
CA ASP A 57 25.87 -12.90 -7.56
C ASP A 57 25.90 -11.72 -6.60
N CYS A 58 25.83 -11.99 -5.28
CA CYS A 58 25.86 -10.91 -4.30
C CYS A 58 27.17 -10.15 -4.35
N ASN A 59 28.30 -10.87 -4.30
CA ASN A 59 29.60 -10.21 -4.31
C ASN A 59 29.79 -9.40 -5.58
N ALA A 60 29.39 -9.95 -6.73
CA ALA A 60 29.53 -9.23 -8.00
C ALA A 60 28.60 -8.03 -8.05
N ALA A 61 27.46 -8.11 -7.36
CA ALA A 61 26.50 -7.00 -7.41
C ALA A 61 27.00 -5.79 -6.64
N VAL A 62 27.61 -6.01 -5.46
CA VAL A 62 28.00 -4.87 -4.62
C VAL A 62 29.45 -4.49 -4.81
N ALA A 63 30.25 -5.32 -5.47
CA ALA A 63 31.67 -5.02 -5.66
C ALA A 63 31.93 -3.60 -6.14
N PRO A 64 31.20 -3.05 -7.14
CA PRO A 64 31.55 -1.71 -7.62
C PRO A 64 31.22 -0.61 -6.64
N LEU A 65 30.50 -0.91 -5.55
CA LEU A 65 30.29 0.05 -4.49
C LEU A 65 31.48 0.11 -3.53
N GLY A 66 32.45 -0.79 -3.67
CA GLY A 66 33.74 -0.63 -3.04
C GLY A 66 33.94 -1.29 -1.69
N LYS A 67 32.94 -1.99 -1.15
CA LYS A 67 33.06 -2.51 0.20
C LYS A 67 33.11 -4.04 0.20
N THR A 68 33.71 -4.60 1.23
CA THR A 68 33.80 -6.05 1.37
C THR A 68 32.67 -6.57 2.25
N VAL A 69 31.97 -7.57 1.76
CA VAL A 69 30.96 -8.27 2.53
C VAL A 69 31.43 -9.71 2.71
N SER A 70 31.52 -10.15 3.96
CA SER A 70 32.01 -11.49 4.26
C SER A 70 30.91 -12.53 4.03
N ASP A 71 31.36 -13.79 3.82
CA ASP A 71 30.47 -14.94 3.79
C ASP A 71 29.44 -14.89 4.90
N GLU A 72 29.89 -14.72 6.15
CA GLU A 72 28.94 -14.87 7.24
C GLU A 72 28.00 -13.66 7.34
N ARG A 73 28.43 -12.50 6.83
CA ARG A 73 27.48 -11.41 6.72
C ARG A 73 26.43 -11.69 5.65
N TRP A 74 26.84 -12.22 4.48
CA TRP A 74 25.84 -12.66 3.51
C TRP A 74 24.89 -13.68 4.12
N ILE A 75 25.43 -14.59 4.93
CA ILE A 75 24.60 -15.64 5.52
C ILE A 75 23.60 -15.06 6.51
N SER A 76 24.00 -14.05 7.28
CA SER A 76 23.03 -13.44 8.18
C SER A 76 21.92 -12.76 7.39
N TYR A 77 22.26 -12.11 6.28
CA TYR A 77 21.23 -11.46 5.45
C TYR A 77 20.30 -12.50 4.82
N VAL A 78 20.85 -13.58 4.27
CA VAL A 78 20.07 -14.50 3.46
C VAL A 78 19.14 -15.37 4.30
N GLY A 79 19.42 -15.51 5.60
CA GLY A 79 18.62 -16.38 6.43
C GLY A 79 17.14 -16.03 6.44
N VAL A 80 16.80 -14.75 6.27
CA VAL A 80 15.39 -14.39 6.26
C VAL A 80 14.69 -15.05 5.08
N VAL A 81 15.35 -15.14 3.93
CA VAL A 81 14.72 -15.81 2.79
C VAL A 81 14.63 -17.31 3.04
N LEU A 82 15.67 -17.90 3.63
CA LEU A 82 15.67 -19.34 3.85
C LEU A 82 14.56 -19.74 4.81
N TRP A 83 14.26 -18.88 5.79
CA TRP A 83 13.34 -19.19 6.87
C TRP A 83 11.91 -18.68 6.63
N SER A 84 11.72 -17.69 5.77
CA SER A 84 10.47 -16.95 5.73
C SER A 84 9.76 -17.02 4.39
N GLN A 85 10.14 -17.93 3.50
CA GLN A 85 9.33 -18.24 2.33
C GLN A 85 8.35 -19.32 2.73
N SER A 86 7.99 -20.22 1.82
CA SER A 86 6.98 -21.25 2.06
C SER A 86 7.39 -22.48 1.27
N PRO A 87 8.39 -23.22 1.75
CA PRO A 87 9.08 -24.19 0.87
C PRO A 87 8.19 -25.26 0.30
N ARG A 88 7.10 -25.63 0.98
CA ARG A 88 6.30 -26.72 0.44
C ARG A 88 5.42 -26.25 -0.71
N HIS A 89 5.28 -24.93 -0.89
CA HIS A 89 4.60 -24.35 -2.03
C HIS A 89 5.52 -23.90 -3.15
N ILE A 90 6.84 -24.03 -3.00
CA ILE A 90 7.73 -23.46 -4.00
C ILE A 90 7.63 -24.25 -5.30
N LYS A 91 7.60 -23.51 -6.43
CA LYS A 91 7.66 -24.10 -7.75
C LYS A 91 8.89 -23.69 -8.54
N ASP A 92 9.34 -22.46 -8.40
CA ASP A 92 10.39 -21.90 -9.25
C ASP A 92 11.60 -21.58 -8.39
N MET A 93 12.60 -22.47 -8.39
CA MET A 93 13.80 -22.25 -7.60
C MET A 93 14.71 -21.17 -8.20
N GLU A 94 14.55 -20.84 -9.48
CA GLU A 94 15.28 -19.71 -10.01
C GLU A 94 14.80 -18.41 -9.37
N ALA A 95 13.49 -18.25 -9.26
CA ALA A 95 12.95 -17.08 -8.57
C ALA A 95 13.36 -17.05 -7.10
N PHE A 96 13.41 -18.22 -6.44
CA PHE A 96 13.86 -18.26 -5.06
C PHE A 96 15.31 -17.74 -4.93
N LYS A 97 16.21 -18.25 -5.78
CA LYS A 97 17.59 -17.77 -5.74
C LYS A 97 17.65 -16.26 -6.02
N ALA A 98 16.79 -15.78 -6.90
CA ALA A 98 16.72 -14.33 -7.17
C ALA A 98 16.36 -13.56 -5.91
N VAL A 99 15.37 -14.06 -5.15
CA VAL A 99 14.97 -13.37 -3.92
C VAL A 99 16.11 -13.41 -2.91
N CYS A 100 16.86 -14.52 -2.85
CA CYS A 100 18.05 -14.55 -2.00
C CYS A 100 19.01 -13.41 -2.36
N VAL A 101 19.38 -13.31 -3.64
CA VAL A 101 20.37 -12.34 -4.06
C VAL A 101 19.85 -10.91 -3.83
N LEU A 102 18.64 -10.63 -4.34
CA LEU A 102 18.06 -9.30 -4.21
C LEU A 102 17.89 -8.88 -2.76
N ASN A 103 17.38 -9.79 -1.92
CA ASN A 103 17.26 -9.49 -0.49
C ASN A 103 18.61 -9.10 0.10
N CYS A 104 19.65 -9.85 -0.22
CA CYS A 104 20.96 -9.64 0.38
C CYS A 104 21.59 -8.33 -0.08
N VAL A 105 21.57 -8.05 -1.38
CA VAL A 105 22.31 -6.88 -1.83
C VAL A 105 21.61 -5.59 -1.41
N THR A 106 20.28 -5.59 -1.31
CA THR A 106 19.61 -4.40 -0.79
C THR A 106 19.71 -4.30 0.72
N PHE A 107 19.95 -5.42 1.40
CA PHE A 107 20.32 -5.37 2.81
C PHE A 107 21.64 -4.62 3.00
N VAL A 108 22.62 -4.88 2.13
CA VAL A 108 23.86 -4.13 2.17
C VAL A 108 23.59 -2.64 2.01
N TRP A 109 22.79 -2.29 1.01
CA TRP A 109 22.36 -0.91 0.81
C TRP A 109 21.78 -0.31 2.11
N ASP A 110 20.92 -1.08 2.79
CA ASP A 110 20.31 -0.64 4.04
C ASP A 110 21.37 -0.32 5.08
N ASP A 111 22.44 -1.12 5.12
CA ASP A 111 23.51 -0.97 6.08
C ASP A 111 24.62 -0.03 5.60
N MET A 112 24.44 0.69 4.50
CA MET A 112 25.50 1.54 3.97
C MET A 112 25.32 3.00 4.37
N ASP A 113 26.45 3.68 4.57
CA ASP A 113 26.46 5.13 4.57
C ASP A 113 25.94 5.64 3.23
N PRO A 114 25.10 6.69 3.23
CA PRO A 114 24.45 7.11 1.98
C PRO A 114 25.42 7.68 0.97
N ALA A 115 26.66 7.99 1.38
CA ALA A 115 27.71 8.35 0.44
C ALA A 115 28.01 7.22 -0.54
N LEU A 116 27.96 5.97 -0.07
CA LEU A 116 28.25 4.81 -0.91
C LEU A 116 27.17 4.51 -1.96
N HIS A 117 26.06 5.24 -1.95
CA HIS A 117 24.85 4.83 -2.68
C HIS A 117 24.90 5.25 -4.15
N ASP A 118 25.52 4.43 -4.99
CA ASP A 118 25.79 4.75 -6.39
C ASP A 118 24.74 4.09 -7.28
N PHE A 119 23.75 4.89 -7.69
CA PHE A 119 22.64 4.36 -8.47
C PHE A 119 23.09 3.92 -9.86
N GLY A 120 24.01 4.67 -10.47
CA GLY A 120 24.47 4.32 -11.81
C GLY A 120 25.31 3.05 -11.85
N LEU A 121 25.91 2.67 -10.73
CA LEU A 121 26.62 1.40 -10.68
C LEU A 121 25.73 0.27 -10.17
N PHE A 122 24.83 0.56 -9.23
CA PHE A 122 24.05 -0.51 -8.59
C PHE A 122 22.80 -0.88 -9.37
N LEU A 123 22.07 0.09 -9.92
CA LEU A 123 20.88 -0.29 -10.67
C LEU A 123 21.18 -1.25 -11.81
N PRO A 124 22.24 -1.09 -12.61
CA PRO A 124 22.56 -2.11 -13.61
C PRO A 124 22.79 -3.49 -13.02
N GLN A 125 23.44 -3.57 -11.85
CA GLN A 125 23.63 -4.87 -11.20
C GLN A 125 22.29 -5.50 -10.86
N LEU A 126 21.36 -4.73 -10.27
CA LEU A 126 20.03 -5.26 -9.97
C LEU A 126 19.38 -5.83 -11.23
N ARG A 127 19.20 -4.98 -12.25
CA ARG A 127 18.52 -5.41 -13.47
C ARG A 127 19.11 -6.71 -14.02
N LYS A 128 20.43 -6.84 -13.99
CA LYS A 128 21.06 -8.06 -14.50
C LYS A 128 20.66 -9.27 -13.66
N ILE A 129 20.62 -9.10 -12.34
CA ILE A 129 20.08 -10.16 -11.47
C ILE A 129 18.64 -10.48 -11.88
N CYS A 130 17.82 -9.45 -12.07
CA CYS A 130 16.43 -9.69 -12.39
C CYS A 130 16.28 -10.41 -13.72
N GLU A 131 16.94 -9.92 -14.77
CA GLU A 131 16.74 -10.54 -16.09
C GLU A 131 17.32 -11.96 -16.13
N LYS A 132 18.39 -12.23 -15.36
CA LYS A 132 18.93 -13.58 -15.32
C LYS A 132 17.93 -14.58 -14.75
N TYR A 133 17.32 -14.26 -13.61
CA TYR A 133 16.60 -15.26 -12.82
C TYR A 133 15.10 -15.32 -13.11
N TYR A 134 14.53 -14.29 -13.71
CA TYR A 134 13.10 -14.24 -14.01
C TYR A 134 12.87 -14.22 -15.52
N GLY A 135 11.62 -14.45 -15.92
CA GLY A 135 11.21 -14.21 -17.28
C GLY A 135 11.05 -12.72 -17.55
N PRO A 136 10.61 -12.37 -18.78
CA PRO A 136 10.58 -10.94 -19.15
C PRO A 136 9.55 -10.09 -18.39
N GLU A 137 8.34 -10.60 -18.14
CA GLU A 137 7.39 -9.82 -17.35
C GLU A 137 7.84 -9.74 -15.89
N ASP A 138 8.08 -10.91 -15.26
CA ASP A 138 8.49 -10.95 -13.85
C ASP A 138 9.71 -10.07 -13.59
N ALA A 139 10.70 -10.10 -14.48
CA ALA A 139 11.93 -9.35 -14.26
C ALA A 139 11.65 -7.86 -14.17
N GLU A 140 10.72 -7.35 -14.98
CA GLU A 140 10.39 -5.93 -14.91
C GLU A 140 9.76 -5.58 -13.56
N VAL A 141 8.86 -6.43 -13.08
CA VAL A 141 8.21 -6.17 -11.80
C VAL A 141 9.23 -6.23 -10.67
N ALA A 142 10.10 -7.24 -10.68
CA ALA A 142 11.09 -7.35 -9.62
C ALA A 142 12.05 -6.17 -9.65
N TYR A 143 12.51 -5.76 -10.83
CA TYR A 143 13.45 -4.66 -10.89
C TYR A 143 12.82 -3.36 -10.38
N GLU A 144 11.60 -3.05 -10.80
CA GLU A 144 10.98 -1.82 -10.32
C GLU A 144 10.86 -1.81 -8.80
N ALA A 145 10.43 -2.92 -8.22
CA ALA A 145 10.32 -3.00 -6.77
C ALA A 145 11.67 -2.80 -6.09
N ALA A 146 12.74 -3.46 -6.58
CA ALA A 146 14.08 -3.25 -6.04
C ALA A 146 14.51 -1.79 -6.18
N ARG A 147 14.31 -1.24 -7.37
CA ARG A 147 14.59 0.18 -7.61
C ARG A 147 13.86 1.08 -6.62
N ALA A 148 12.53 0.89 -6.47
CA ALA A 148 11.76 1.71 -5.57
C ALA A 148 12.24 1.57 -4.12
N PHE A 149 12.68 0.37 -3.74
CA PHE A 149 13.16 0.19 -2.37
C PHE A 149 14.45 0.96 -2.11
N VAL A 150 15.49 0.76 -2.94
CA VAL A 150 16.77 1.40 -2.65
C VAL A 150 16.65 2.91 -2.79
N THR A 151 15.82 3.36 -3.72
CA THR A 151 15.56 4.79 -3.84
C THR A 151 14.87 5.33 -2.60
N SER A 152 13.89 4.60 -2.08
CA SER A 152 13.22 5.01 -0.85
C SER A 152 14.20 5.06 0.32
N ASP A 153 14.98 3.98 0.52
CA ASP A 153 15.91 3.99 1.64
C ASP A 153 16.85 5.18 1.53
N HIS A 154 17.29 5.50 0.31
CA HIS A 154 18.20 6.63 0.15
C HIS A 154 17.49 7.95 0.40
N MET A 155 16.36 8.18 -0.31
CA MET A 155 15.61 9.43 -0.20
C MET A 155 15.29 9.79 1.24
N PHE A 156 14.95 8.81 2.06
CA PHE A 156 14.45 9.14 3.40
C PHE A 156 15.54 9.21 4.44
N ARG A 157 16.80 8.98 4.08
CA ARG A 157 17.87 9.33 5.00
C ARG A 157 17.77 10.83 5.30
N ASP A 158 17.95 11.20 6.56
CA ASP A 158 17.36 12.41 7.14
C ASP A 158 16.37 13.14 6.18
N SER A 159 15.10 12.67 6.17
CA SER A 159 13.98 13.35 5.47
C SER A 159 12.92 13.80 6.47
N PRO A 160 12.27 14.94 6.23
CA PRO A 160 11.16 15.31 7.12
C PRO A 160 9.98 14.35 7.05
N ILE A 161 9.72 13.71 5.91
CA ILE A 161 8.66 12.71 5.85
C ILE A 161 8.93 11.63 6.88
N LYS A 162 10.17 11.12 6.91
CA LYS A 162 10.53 10.09 7.89
C LYS A 162 10.27 10.59 9.31
N ALA A 163 10.72 11.81 9.63
CA ALA A 163 10.58 12.32 11.00
C ALA A 163 9.11 12.38 11.42
N ALA A 164 8.25 12.93 10.56
CA ALA A 164 6.84 13.03 10.92
C ALA A 164 6.20 11.65 11.01
N LEU A 165 6.54 10.76 10.09
CA LEU A 165 5.85 9.47 10.04
C LEU A 165 6.29 8.54 11.18
N CYS A 166 7.49 8.73 11.71
CA CYS A 166 7.98 7.84 12.77
C CYS A 166 7.67 8.34 14.17
N THR A 167 7.32 9.61 14.35
CA THR A 167 7.21 10.18 15.68
C THR A 167 5.82 10.66 16.04
N THR A 168 4.77 10.18 15.36
CA THR A 168 3.44 10.74 15.62
C THR A 168 2.38 9.69 15.97
N SER A 169 2.40 8.52 15.35
CA SER A 169 1.44 7.49 15.73
C SER A 169 1.90 6.14 15.16
N PRO A 170 1.42 5.03 15.72
CA PRO A 170 1.73 3.73 15.09
C PRO A 170 1.22 3.66 13.67
N GLU A 171 0.08 4.33 13.43
CA GLU A 171 -0.51 4.48 12.10
C GLU A 171 0.52 4.97 11.08
N GLN A 172 0.95 6.24 11.23
CA GLN A 172 1.90 6.82 10.29
C GLN A 172 3.12 5.93 10.12
N TYR A 173 3.62 5.39 11.23
CA TYR A 173 4.86 4.65 11.21
C TYR A 173 4.74 3.39 10.34
N PHE A 174 3.71 2.58 10.56
CA PHE A 174 3.58 1.36 9.80
C PHE A 174 3.30 1.63 8.32
N ARG A 175 2.65 2.77 8.02
CA ARG A 175 2.46 3.20 6.64
C ARG A 175 3.79 3.42 5.93
N PHE A 176 4.74 4.07 6.60
CA PHE A 176 6.09 4.22 6.05
C PHE A 176 6.78 2.86 5.85
N ARG A 177 6.57 1.94 6.79
CA ARG A 177 7.29 0.67 6.76
C ARG A 177 6.78 -0.30 5.70
N VAL A 178 5.57 -0.12 5.15
CA VAL A 178 5.12 -0.98 4.04
C VAL A 178 6.19 -1.03 2.95
N THR A 179 6.77 0.11 2.62
CA THR A 179 7.89 0.16 1.69
C THR A 179 9.23 0.03 2.40
N ASP A 180 9.42 0.75 3.51
CA ASP A 180 10.77 0.87 4.08
C ASP A 180 11.28 -0.45 4.70
N ILE A 181 10.42 -1.34 5.19
CA ILE A 181 10.97 -2.63 5.62
C ILE A 181 11.04 -3.61 4.46
N GLY A 182 10.90 -3.13 3.22
CA GLY A 182 11.14 -3.95 2.06
C GLY A 182 10.12 -5.03 1.78
N VAL A 183 9.00 -5.07 2.52
CA VAL A 183 8.05 -6.16 2.30
C VAL A 183 7.27 -6.01 1.00
N ASP A 184 6.91 -4.79 0.57
CA ASP A 184 6.28 -4.68 -0.74
C ASP A 184 7.21 -5.22 -1.83
N PHE A 185 8.49 -4.84 -1.76
CA PHE A 185 9.53 -5.37 -2.64
C PHE A 185 9.57 -6.90 -2.56
N TRP A 186 9.58 -7.44 -1.35
CA TRP A 186 9.65 -8.89 -1.16
C TRP A 186 8.51 -9.61 -1.86
N MET A 187 7.27 -9.13 -1.68
CA MET A 187 6.12 -9.78 -2.31
C MET A 187 6.26 -9.77 -3.82
N LYS A 188 6.65 -8.61 -4.38
CA LYS A 188 6.70 -8.45 -5.82
C LYS A 188 7.83 -9.26 -6.47
N MET A 189 8.90 -9.57 -5.73
CA MET A 189 9.92 -10.46 -6.28
C MET A 189 9.70 -11.92 -5.93
N SER A 190 8.82 -12.21 -4.98
CA SER A 190 8.57 -13.57 -4.54
C SER A 190 7.40 -14.24 -5.26
N TYR A 191 6.47 -13.48 -5.84
CA TYR A 191 5.34 -14.13 -6.48
C TYR A 191 5.77 -15.14 -7.56
N PRO A 192 6.85 -14.94 -8.33
CA PRO A 192 7.22 -15.99 -9.30
C PRO A 192 7.65 -17.29 -8.64
N ILE A 193 8.07 -17.27 -7.36
CA ILE A 193 8.44 -18.51 -6.69
C ILE A 193 7.27 -19.49 -6.70
N TYR A 194 6.05 -18.97 -6.54
CA TYR A 194 4.86 -19.79 -6.28
C TYR A 194 3.95 -19.96 -7.49
N ARG A 195 4.01 -19.07 -8.48
CA ARG A 195 3.21 -19.19 -9.71
C ARG A 195 1.75 -19.45 -9.40
N HIS A 196 1.22 -18.77 -8.38
CA HIS A 196 -0.17 -18.94 -7.97
C HIS A 196 -0.93 -17.63 -8.22
N PRO A 197 -1.81 -17.60 -9.22
CA PRO A 197 -2.42 -16.32 -9.65
C PRO A 197 -3.00 -15.44 -8.54
N GLU A 198 -3.66 -15.99 -7.53
CA GLU A 198 -4.24 -15.10 -6.51
C GLU A 198 -3.14 -14.42 -5.69
N PHE A 199 -2.13 -15.20 -5.28
CA PHE A 199 -1.00 -14.60 -4.58
C PHE A 199 -0.35 -13.52 -5.44
N THR A 200 -0.24 -13.77 -6.73
CA THR A 200 0.38 -12.80 -7.62
C THR A 200 -0.41 -11.48 -7.67
N GLU A 201 -1.74 -11.55 -7.64
CA GLU A 201 -2.53 -10.32 -7.61
C GLU A 201 -2.37 -9.58 -6.27
N HIS A 202 -2.37 -10.31 -5.15
CA HIS A 202 -2.21 -9.62 -3.87
C HIS A 202 -0.84 -8.97 -3.76
N ALA A 203 0.18 -9.60 -4.37
CA ALA A 203 1.50 -9.01 -4.42
C ALA A 203 1.51 -7.73 -5.22
N LYS A 204 0.86 -7.74 -6.39
CA LYS A 204 0.94 -6.59 -7.27
C LYS A 204 0.07 -5.43 -6.80
N THR A 205 -1.03 -5.68 -6.08
CA THR A 205 -1.79 -4.60 -5.45
C THR A 205 -1.16 -4.07 -4.18
N SER A 206 -0.18 -4.79 -3.63
CA SER A 206 0.47 -4.54 -2.35
C SER A 206 -0.44 -4.84 -1.16
N LEU A 207 -1.62 -5.39 -1.37
CA LEU A 207 -2.38 -5.89 -0.23
C LEU A 207 -1.58 -6.94 0.55
N ALA A 208 -0.84 -7.80 -0.16
CA ALA A 208 0.05 -8.78 0.49
C ALA A 208 1.00 -8.09 1.46
N ALA A 209 1.67 -7.02 1.00
CA ALA A 209 2.57 -6.31 1.89
C ALA A 209 1.81 -5.61 3.02
N ARG A 210 0.66 -5.00 2.71
CA ARG A 210 -0.05 -4.27 3.75
C ARG A 210 -0.53 -5.20 4.85
N MET A 211 -0.77 -6.48 4.53
CA MET A 211 -1.24 -7.45 5.51
C MET A 211 -0.12 -7.97 6.41
N THR A 212 1.14 -7.91 5.96
CA THR A 212 2.25 -8.53 6.66
C THR A 212 3.20 -7.52 7.29
N THR A 213 3.00 -6.23 7.03
CA THR A 213 3.93 -5.21 7.48
C THR A 213 4.06 -5.18 9.00
N ARG A 214 2.93 -5.18 9.73
CA ARG A 214 3.02 -5.03 11.16
C ARG A 214 3.71 -6.23 11.80
N GLY A 215 3.42 -7.42 11.32
CA GLY A 215 4.02 -8.61 11.89
C GLY A 215 5.53 -8.59 11.74
N LEU A 216 6.02 -8.26 10.55
CA LEU A 216 7.46 -8.19 10.34
C LEU A 216 8.06 -7.04 11.14
N THR A 217 7.42 -5.87 11.11
CA THR A 217 8.05 -4.68 11.66
C THR A 217 8.14 -4.73 13.18
N ILE A 218 7.06 -5.17 13.84
CA ILE A 218 7.07 -5.17 15.29
C ILE A 218 8.19 -6.07 15.81
N VAL A 219 8.36 -7.22 15.17
CA VAL A 219 9.43 -8.15 15.55
C VAL A 219 10.80 -7.54 15.24
N ASN A 220 10.97 -7.03 14.02
CA ASN A 220 12.26 -6.44 13.68
C ASN A 220 12.60 -5.29 14.62
N ASP A 221 11.63 -4.41 14.90
CA ASP A 221 11.87 -3.26 15.75
C ASP A 221 12.28 -3.68 17.16
N PHE A 222 11.63 -4.70 17.70
CA PHE A 222 11.99 -5.08 19.07
C PHE A 222 13.46 -5.46 19.14
N TYR A 223 13.90 -6.33 18.24
CA TYR A 223 15.25 -6.89 18.37
C TYR A 223 16.33 -6.03 17.74
N SER A 224 15.99 -5.04 16.91
CA SER A 224 17.00 -4.14 16.36
C SER A 224 17.03 -2.80 17.09
N TYR A 225 16.20 -2.65 18.13
CA TYR A 225 16.07 -1.38 18.84
C TYR A 225 17.42 -0.90 19.38
N ASP A 226 18.15 -1.78 20.06
CA ASP A 226 19.42 -1.37 20.67
C ASP A 226 20.39 -0.83 19.63
N ARG A 227 20.54 -1.54 18.50
CA ARG A 227 21.44 -1.08 17.44
C ARG A 227 20.97 0.23 16.84
N GLU A 228 19.67 0.36 16.61
CA GLU A 228 19.20 1.57 15.95
C GLU A 228 19.26 2.76 16.88
N VAL A 229 18.99 2.56 18.17
CA VAL A 229 18.94 3.65 19.13
C VAL A 229 20.32 4.27 19.32
N SER A 230 21.37 3.46 19.35
CA SER A 230 22.68 4.05 19.57
C SER A 230 23.28 4.57 18.26
N LEU A 231 22.75 4.15 17.12
CA LEU A 231 23.23 4.61 15.82
C LEU A 231 22.48 5.84 15.30
N GLY A 232 21.61 6.43 16.11
CA GLY A 232 20.81 7.56 15.71
C GLY A 232 19.72 7.29 14.69
N GLN A 233 19.28 6.03 14.56
CA GLN A 233 18.20 5.69 13.65
C GLN A 233 16.86 5.83 14.38
N ILE A 234 15.87 6.44 13.71
CA ILE A 234 14.58 6.72 14.35
C ILE A 234 13.47 5.82 13.86
N THR A 235 13.72 4.96 12.88
CA THR A 235 12.68 4.13 12.28
C THR A 235 12.48 2.88 13.14
N ASN A 236 11.71 3.05 14.22
CA ASN A 236 11.49 1.97 15.19
C ASN A 236 10.29 2.31 16.05
N CYS A 237 9.25 1.48 16.00
CA CYS A 237 8.02 1.85 16.70
C CYS A 237 8.18 1.91 18.22
N PHE A 238 9.17 1.21 18.79
CA PHE A 238 9.31 1.30 20.23
C PHE A 238 9.86 2.63 20.69
N ARG A 239 10.36 3.48 19.78
CA ARG A 239 10.71 4.83 20.16
C ARG A 239 9.48 5.65 20.51
N LEU A 240 8.28 5.22 20.12
CA LEU A 240 7.05 5.92 20.46
C LEU A 240 6.69 5.77 21.93
N CYS A 241 7.50 5.00 22.66
CA CYS A 241 7.36 4.61 24.06
C CYS A 241 7.88 5.65 25.01
N ASP A 242 7.93 5.21 26.27
CA ASP A 242 9.07 5.35 27.18
C ASP A 242 9.46 3.93 27.55
N VAL A 243 10.50 3.37 26.90
CA VAL A 243 10.82 1.98 27.19
C VAL A 243 11.38 1.81 28.60
N SER A 244 11.87 2.89 29.22
CA SER A 244 12.33 2.77 30.60
C SER A 244 11.20 2.87 31.61
N ASP A 245 9.96 2.89 31.15
CA ASP A 245 8.78 2.89 32.01
C ASP A 245 8.15 1.51 31.80
N GLU A 246 8.36 0.61 32.75
CA GLU A 246 7.97 -0.77 32.53
C GLU A 246 6.48 -0.89 32.27
N THR A 247 5.66 -0.16 33.05
CA THR A 247 4.21 -0.26 32.84
C THR A 247 3.83 0.25 31.46
N ALA A 248 4.41 1.37 31.03
CA ALA A 248 4.07 1.89 29.70
C ALA A 248 4.59 0.99 28.59
N PHE A 249 5.81 0.44 28.75
CA PHE A 249 6.32 -0.47 27.74
C PHE A 249 5.38 -1.65 27.57
N LYS A 250 4.91 -2.22 28.68
CA LYS A 250 4.09 -3.42 28.63
C LYS A 250 2.76 -3.15 27.93
N GLU A 251 2.16 -1.99 28.21
CA GLU A 251 0.91 -1.64 27.55
C GLU A 251 1.11 -1.43 26.05
N PHE A 252 2.24 -0.83 25.67
CA PHE A 252 2.51 -0.63 24.24
C PHE A 252 2.79 -1.97 23.57
N PHE A 253 3.60 -2.80 24.22
CA PHE A 253 3.91 -4.10 23.65
C PHE A 253 2.67 -4.93 23.46
N GLN A 254 1.74 -4.89 24.42
CA GLN A 254 0.48 -5.63 24.25
C GLN A 254 -0.33 -5.07 23.09
N ALA A 255 -0.37 -3.74 22.92
CA ALA A 255 -1.09 -3.18 21.79
C ALA A 255 -0.49 -3.67 20.48
N ARG A 256 0.85 -3.82 20.44
CA ARG A 256 1.49 -4.31 19.22
C ARG A 256 1.18 -5.79 19.01
N LEU A 257 1.17 -6.60 20.07
CA LEU A 257 0.75 -7.99 19.91
C LEU A 257 -0.67 -8.05 19.34
N ASP A 258 -1.57 -7.22 19.88
CA ASP A 258 -2.94 -7.19 19.38
C ASP A 258 -2.95 -6.90 17.88
N ASP A 259 -2.12 -5.94 17.43
CA ASP A 259 -2.01 -5.63 16.01
C ASP A 259 -1.63 -6.88 15.21
N MET A 260 -0.61 -7.61 15.69
CA MET A 260 -0.16 -8.80 14.98
C MET A 260 -1.27 -9.84 14.90
N ILE A 261 -1.98 -10.03 16.01
CA ILE A 261 -3.03 -11.05 16.06
C ILE A 261 -4.15 -10.72 15.09
N GLU A 262 -4.58 -9.46 15.08
CA GLU A 262 -5.67 -9.09 14.19
C GLU A 262 -5.29 -9.31 12.73
N ASP A 263 -4.08 -8.90 12.35
CA ASP A 263 -3.59 -9.17 10.99
C ASP A 263 -3.58 -10.68 10.71
N ILE A 264 -3.05 -11.48 11.62
CA ILE A 264 -2.95 -12.92 11.38
C ILE A 264 -4.33 -13.53 11.21
N GLU A 265 -5.28 -13.15 12.07
CA GLU A 265 -6.60 -13.74 11.94
C GLU A 265 -7.28 -13.29 10.64
N CYS A 266 -7.06 -12.04 10.20
CA CYS A 266 -7.56 -11.61 8.89
C CYS A 266 -6.87 -12.37 7.75
N ILE A 267 -5.59 -12.66 7.88
CA ILE A 267 -4.86 -13.37 6.84
C ILE A 267 -5.48 -14.73 6.55
N LYS A 268 -6.13 -15.34 7.55
CA LYS A 268 -6.76 -16.64 7.35
C LYS A 268 -7.91 -16.62 6.34
N ALA A 269 -8.60 -15.47 6.19
CA ALA A 269 -9.60 -15.31 5.15
C ALA A 269 -9.04 -15.53 3.75
N PHE A 270 -7.74 -15.34 3.57
CA PHE A 270 -7.18 -15.56 2.26
C PHE A 270 -7.17 -17.07 1.98
N ASP A 271 -6.98 -17.43 0.71
CA ASP A 271 -6.95 -18.83 0.32
C ASP A 271 -5.78 -19.54 1.03
N GLN A 272 -5.87 -20.89 1.11
CA GLN A 272 -4.90 -21.65 1.91
C GLN A 272 -3.46 -21.49 1.42
N LEU A 273 -3.25 -21.27 0.12
CA LEU A 273 -1.88 -21.12 -0.37
C LEU A 273 -1.30 -19.76 0.00
N THR A 274 -2.04 -18.70 -0.31
CA THR A 274 -1.55 -17.35 0.02
C THR A 274 -1.41 -17.17 1.51
N GLN A 275 -2.38 -17.70 2.27
CA GLN A 275 -2.33 -17.51 3.72
C GLN A 275 -1.14 -18.25 4.31
N ASP A 276 -0.76 -19.39 3.73
CA ASP A 276 0.44 -20.08 4.20
C ASP A 276 1.69 -19.23 3.97
N VAL A 277 1.79 -18.61 2.79
CA VAL A 277 2.96 -17.78 2.49
C VAL A 277 3.01 -16.54 3.40
N PHE A 278 1.87 -15.87 3.60
CA PHE A 278 1.86 -14.71 4.50
C PHE A 278 2.33 -15.08 5.89
N LEU A 279 1.78 -16.15 6.46
CA LEU A 279 2.08 -16.54 7.84
C LEU A 279 3.50 -17.08 7.98
N ASP A 280 3.95 -17.87 6.99
CA ASP A 280 5.35 -18.33 6.99
C ASP A 280 6.30 -17.14 6.98
N LEU A 281 5.93 -16.07 6.27
CA LEU A 281 6.78 -14.90 6.23
C LEU A 281 6.90 -14.24 7.61
N ILE A 282 5.77 -14.03 8.28
CA ILE A 282 5.80 -13.36 9.58
C ILE A 282 6.49 -14.23 10.63
N TYR A 283 6.10 -15.50 10.68
CA TYR A 283 6.65 -16.39 11.71
C TYR A 283 8.10 -16.77 11.41
N GLY A 284 8.40 -17.02 10.14
CA GLY A 284 9.78 -17.26 9.75
C GLY A 284 10.69 -16.07 10.05
N ASN A 285 10.20 -14.85 9.82
CA ASN A 285 11.01 -13.70 10.17
C ASN A 285 11.34 -13.69 11.65
N PHE A 286 10.38 -14.09 12.49
CA PHE A 286 10.62 -14.15 13.91
C PHE A 286 11.68 -15.21 14.25
N VAL A 287 11.56 -16.40 13.65
CA VAL A 287 12.54 -17.46 13.97
C VAL A 287 13.93 -17.04 13.54
N TRP A 288 14.04 -16.45 12.35
CA TRP A 288 15.33 -15.99 11.86
C TRP A 288 15.90 -14.86 12.73
N THR A 289 15.06 -13.87 13.05
CA THR A 289 15.49 -12.74 13.88
C THR A 289 16.04 -13.21 15.23
N THR A 290 15.42 -14.24 15.83
CA THR A 290 15.82 -14.66 17.17
C THR A 290 17.03 -15.59 17.21
N SER A 291 17.44 -16.15 16.07
CA SER A 291 18.64 -16.98 16.02
C SER A 291 19.83 -16.23 15.44
N ASN A 292 19.62 -15.03 14.91
CA ASN A 292 20.65 -14.35 14.15
C ASN A 292 21.40 -13.32 14.97
N LYS A 293 22.73 -13.34 14.86
CA LYS A 293 23.61 -12.42 15.57
C LYS A 293 23.35 -10.97 15.20
N ARG A 294 22.86 -10.72 13.99
CA ARG A 294 22.47 -9.36 13.61
C ARG A 294 21.55 -8.75 14.66
N TYR A 295 20.70 -9.56 15.29
CA TYR A 295 19.69 -9.06 16.22
C TYR A 295 19.99 -9.39 17.68
N LYS A 296 21.28 -9.37 18.07
CA LYS A 296 21.64 -9.40 19.48
C LYS A 296 22.19 -8.06 19.96
N THR A 297 23.46 -7.72 19.68
CA THR A 297 24.06 -6.51 20.22
C THR A 297 23.65 -5.25 19.44
N ALA A 298 23.92 -4.11 20.07
CA ALA A 298 23.85 -2.84 19.36
C ALA A 298 24.80 -2.83 18.17
N VAL A 299 26.02 -3.35 18.34
CA VAL A 299 27.03 -3.27 17.28
C VAL A 299 27.88 -4.52 17.32
N ASN A 300 27.84 -5.31 16.25
CA ASN A 300 28.66 -6.51 16.15
C ASN A 300 29.04 -6.73 14.69
N ASP A 301 29.46 -7.96 14.38
CA ASP A 301 30.04 -8.36 13.11
C ASP A 301 29.18 -8.08 11.89
N VAL A 302 27.94 -8.57 11.90
CA VAL A 302 27.13 -8.63 10.70
C VAL A 302 26.08 -7.54 10.63
N ASN A 303 26.00 -6.66 11.65
CA ASN A 303 25.02 -5.57 11.61
C ASN A 303 25.65 -4.18 11.57
N SER A 304 26.96 -4.08 11.40
CA SER A 304 27.66 -2.82 11.62
C SER A 304 27.30 -1.80 10.54
N ARG A 305 27.74 -0.57 10.74
CA ARG A 305 27.61 0.42 9.67
C ARG A 305 28.74 0.23 8.67
N ILE A 306 28.38 0.07 7.40
CA ILE A 306 29.35 -0.05 6.32
C ILE A 306 29.70 1.36 5.87
N GLN A 307 30.92 1.79 6.14
CA GLN A 307 31.32 3.14 5.75
C GLN A 307 32.54 3.08 4.86
N GLY B 9 -34.27 -9.73 3.48
CA GLY B 9 -35.05 -8.54 3.83
C GLY B 9 -34.99 -8.19 5.31
N ALA B 10 -33.87 -8.53 5.95
CA ALA B 10 -33.71 -8.26 7.37
C ALA B 10 -32.49 -7.42 7.68
N GLN B 11 -32.32 -6.34 6.92
CA GLN B 11 -31.41 -5.27 7.30
C GLN B 11 -32.23 -3.99 7.46
N ASP B 12 -32.18 -3.43 8.66
CA ASP B 12 -33.24 -2.55 9.17
C ASP B 12 -33.07 -1.12 8.67
N ILE B 13 -34.21 -0.55 8.24
CA ILE B 13 -34.29 0.82 7.73
C ILE B 13 -33.70 1.82 8.72
N GLY B 14 -34.14 1.74 9.99
CA GLY B 14 -33.69 2.69 11.00
C GLY B 14 -32.18 2.80 11.12
N ARG B 15 -31.45 1.75 10.77
CA ARG B 15 -29.99 1.76 10.72
C ARG B 15 -29.46 2.03 9.31
N SER B 16 -30.33 2.11 8.31
CA SER B 16 -29.94 2.03 6.92
C SER B 16 -29.72 3.38 6.23
N SER B 17 -29.39 4.44 6.96
CA SER B 17 -29.27 5.75 6.33
C SER B 17 -28.47 6.69 7.22
N VAL B 18 -27.61 7.50 6.60
CA VAL B 18 -26.96 8.56 7.33
C VAL B 18 -27.62 9.91 7.09
N ARG B 19 -28.79 9.93 6.44
CA ARG B 19 -29.48 11.19 6.17
C ARG B 19 -29.71 12.04 7.40
N PRO B 20 -30.10 11.49 8.56
CA PRO B 20 -30.16 12.33 9.78
C PRO B 20 -28.91 13.18 10.02
N TYR B 21 -27.72 12.70 9.70
CA TYR B 21 -26.48 13.37 10.04
C TYR B 21 -25.92 14.23 8.91
N LEU B 22 -26.66 14.34 7.81
CA LEU B 22 -26.10 14.91 6.58
C LEU B 22 -25.59 16.34 6.77
N GLU B 23 -26.41 17.20 7.37
CA GLU B 23 -26.02 18.61 7.49
C GLU B 23 -24.85 18.78 8.46
N GLU B 24 -24.94 18.14 9.63
CA GLU B 24 -23.91 18.25 10.64
C GLU B 24 -22.56 17.76 10.12
N CYS B 25 -22.53 16.56 9.53
CA CYS B 25 -21.26 16.01 9.07
C CYS B 25 -20.67 16.82 7.93
N THR B 26 -21.50 17.30 7.02
CA THR B 26 -20.98 18.15 5.95
C THR B 26 -20.33 19.38 6.53
N ARG B 27 -21.02 20.04 7.46
CA ARG B 27 -20.47 21.21 8.12
C ARG B 27 -19.15 20.90 8.79
N ARG B 28 -19.08 19.74 9.48
CA ARG B 28 -17.87 19.40 10.22
C ARG B 28 -16.71 19.06 9.29
N PHE B 29 -16.97 18.32 8.21
CA PHE B 29 -15.94 18.10 7.19
C PHE B 29 -15.37 19.44 6.71
N GLN B 30 -16.25 20.36 6.31
CA GLN B 30 -15.78 21.64 5.81
C GLN B 30 -14.98 22.40 6.86
N GLU B 31 -15.43 22.39 8.11
CA GLU B 31 -14.69 23.09 9.16
C GLU B 31 -13.29 22.51 9.28
N MET B 32 -13.19 21.20 9.12
CA MET B 32 -11.88 20.55 9.22
C MET B 32 -10.97 20.99 8.09
N PHE B 33 -11.46 20.96 6.84
CA PHE B 33 -10.65 21.42 5.72
C PHE B 33 -10.23 22.88 5.89
N ASP B 34 -11.15 23.74 6.34
CA ASP B 34 -10.84 25.16 6.53
C ASP B 34 -9.73 25.34 7.54
N ARG B 35 -9.71 24.50 8.58
CA ARG B 35 -8.74 24.63 9.65
C ARG B 35 -7.41 23.95 9.33
N HIS B 36 -7.40 22.91 8.51
CA HIS B 36 -6.16 22.14 8.29
C HIS B 36 -5.62 22.21 6.87
N VAL B 37 -6.46 22.36 5.85
CA VAL B 37 -6.01 22.53 4.47
C VAL B 37 -5.99 24.00 4.06
N VAL B 38 -7.16 24.65 4.13
CA VAL B 38 -7.40 26.09 4.13
C VAL B 38 -7.81 26.58 2.74
N THR B 39 -6.96 26.38 1.74
CA THR B 39 -7.17 27.01 0.45
C THR B 39 -8.08 26.15 -0.44
N ARG B 40 -9.02 26.82 -1.13
CA ARG B 40 -9.93 26.09 -2.00
C ARG B 40 -9.18 25.31 -3.08
N PRO B 41 -9.52 24.05 -3.29
CA PRO B 41 -9.13 23.37 -4.53
C PRO B 41 -9.72 24.10 -5.75
N THR B 42 -9.18 23.77 -6.92
CA THR B 42 -9.46 24.50 -8.16
C THR B 42 -10.00 23.52 -9.21
N LYS B 43 -10.98 23.94 -10.00
CA LYS B 43 -11.58 23.05 -10.98
C LYS B 43 -10.97 23.25 -12.37
N VAL B 44 -10.42 22.17 -12.93
CA VAL B 44 -10.07 22.17 -14.35
C VAL B 44 -11.34 22.32 -15.18
N GLU B 45 -11.37 23.34 -16.04
CA GLU B 45 -12.43 23.52 -17.03
C GLU B 45 -11.97 23.00 -18.39
N LEU B 46 -12.68 22.02 -18.93
CA LEU B 46 -12.42 21.58 -20.29
C LEU B 46 -13.30 22.37 -21.26
N THR B 47 -12.82 22.52 -22.49
CA THR B 47 -13.68 23.07 -23.53
C THR B 47 -14.64 22.00 -24.02
N ASP B 48 -15.55 22.39 -24.91
CA ASP B 48 -16.50 21.40 -25.45
C ASP B 48 -15.80 20.39 -26.33
N ALA B 49 -15.06 20.87 -27.34
CA ALA B 49 -14.17 19.99 -28.09
C ALA B 49 -13.47 19.02 -27.15
N GLU B 50 -12.99 19.52 -26.01
CA GLU B 50 -12.21 18.71 -25.09
C GLU B 50 -13.08 17.71 -24.32
N LEU B 51 -14.18 18.19 -23.74
CA LEU B 51 -15.02 17.29 -22.94
C LEU B 51 -15.58 16.15 -23.79
N ARG B 52 -16.04 16.45 -25.01
CA ARG B 52 -16.63 15.40 -25.82
C ARG B 52 -15.58 14.38 -26.29
N GLU B 53 -14.34 14.82 -26.57
CA GLU B 53 -13.31 13.86 -26.98
C GLU B 53 -13.03 12.85 -25.88
N VAL B 54 -12.91 13.32 -24.64
CA VAL B 54 -12.72 12.40 -23.52
C VAL B 54 -13.89 11.41 -23.46
N ILE B 55 -15.12 11.91 -23.67
CA ILE B 55 -16.30 11.06 -23.60
C ILE B 55 -16.30 10.01 -24.71
N ASP B 56 -15.97 10.40 -25.94
CA ASP B 56 -16.00 9.43 -27.03
C ASP B 56 -14.90 8.39 -26.87
N ASP B 57 -13.74 8.81 -26.35
CA ASP B 57 -12.75 7.83 -25.86
C ASP B 57 -13.35 6.91 -24.82
N CYS B 58 -14.11 7.46 -23.86
CA CYS B 58 -14.76 6.63 -22.85
C CYS B 58 -15.77 5.68 -23.49
N ASN B 59 -16.53 6.15 -24.47
CA ASN B 59 -17.54 5.30 -25.07
C ASN B 59 -16.90 4.17 -25.87
N ALA B 60 -15.85 4.46 -26.63
CA ALA B 60 -15.19 3.42 -27.41
C ALA B 60 -14.63 2.34 -26.50
N ALA B 61 -14.29 2.71 -25.27
CA ALA B 61 -13.62 1.76 -24.38
C ALA B 61 -14.63 0.82 -23.72
N VAL B 62 -15.87 1.25 -23.54
CA VAL B 62 -16.86 0.39 -22.90
C VAL B 62 -17.90 -0.15 -23.87
N ALA B 63 -17.88 0.26 -25.13
CA ALA B 63 -18.81 -0.29 -26.12
C ALA B 63 -18.75 -1.80 -26.23
N PRO B 64 -17.59 -2.46 -26.35
CA PRO B 64 -17.60 -3.93 -26.39
C PRO B 64 -18.26 -4.58 -25.19
N LEU B 65 -18.42 -3.88 -24.07
CA LEU B 65 -19.08 -4.49 -22.92
C LEU B 65 -20.61 -4.42 -22.98
N GLY B 66 -21.17 -3.65 -23.93
CA GLY B 66 -22.57 -3.77 -24.29
C GLY B 66 -23.51 -2.69 -23.77
N LYS B 67 -23.07 -1.83 -22.87
CA LYS B 67 -23.97 -0.92 -22.18
C LYS B 67 -23.66 0.52 -22.58
N THR B 68 -24.70 1.27 -22.96
CA THR B 68 -24.59 2.68 -23.29
C THR B 68 -24.48 3.52 -22.03
N VAL B 69 -23.58 4.50 -22.04
CA VAL B 69 -23.38 5.41 -20.92
C VAL B 69 -23.66 6.85 -21.40
N SER B 70 -24.52 7.56 -20.68
CA SER B 70 -24.94 8.89 -21.08
C SER B 70 -23.86 9.94 -20.76
N ASP B 71 -23.90 11.04 -21.51
CA ASP B 71 -22.98 12.14 -21.25
C ASP B 71 -23.13 12.67 -19.82
N GLU B 72 -24.34 12.70 -19.28
CA GLU B 72 -24.48 13.17 -17.90
C GLU B 72 -23.76 12.22 -16.95
N ARG B 73 -23.80 10.91 -17.24
CA ARG B 73 -23.14 9.94 -16.36
C ARG B 73 -21.62 10.06 -16.47
N TRP B 74 -21.11 10.25 -17.70
CA TRP B 74 -19.68 10.48 -17.86
C TRP B 74 -19.23 11.74 -17.13
N ILE B 75 -20.10 12.76 -17.09
CA ILE B 75 -19.75 13.98 -16.39
C ILE B 75 -19.81 13.76 -14.87
N SER B 76 -20.73 12.92 -14.42
CA SER B 76 -20.80 12.57 -13.01
C SER B 76 -19.58 11.76 -12.56
N TYR B 77 -18.94 11.04 -13.49
CA TYR B 77 -17.70 10.35 -13.17
C TYR B 77 -16.50 11.29 -13.25
N VAL B 78 -16.49 12.18 -14.24
CA VAL B 78 -15.26 12.88 -14.58
C VAL B 78 -14.96 14.03 -13.63
N GLY B 79 -15.98 14.57 -12.95
CA GLY B 79 -15.77 15.70 -12.06
C GLY B 79 -14.72 15.46 -10.99
N VAL B 80 -14.56 14.21 -10.52
CA VAL B 80 -13.55 13.98 -9.49
C VAL B 80 -12.17 14.33 -10.03
N VAL B 81 -11.90 14.04 -11.29
CA VAL B 81 -10.60 14.42 -11.85
C VAL B 81 -10.51 15.93 -12.03
N LEU B 82 -11.60 16.55 -12.50
CA LEU B 82 -11.58 18.00 -12.72
C LEU B 82 -11.36 18.77 -11.43
N TRP B 83 -11.88 18.26 -10.30
CA TRP B 83 -11.79 18.94 -9.02
C TRP B 83 -10.61 18.54 -8.15
N SER B 84 -10.04 17.35 -8.36
CA SER B 84 -9.13 16.80 -7.35
C SER B 84 -7.70 16.64 -7.84
N GLN B 85 -7.40 17.09 -9.06
CA GLN B 85 -6.00 17.24 -9.45
C GLN B 85 -5.55 18.62 -8.97
N SER B 86 -4.32 19.03 -9.26
CA SER B 86 -3.87 20.35 -8.83
C SER B 86 -3.53 21.15 -10.08
N PRO B 87 -4.41 22.04 -10.52
CA PRO B 87 -4.25 22.67 -11.85
C PRO B 87 -2.97 23.47 -12.02
N ARG B 88 -2.56 24.22 -10.99
CA ARG B 88 -1.41 25.10 -11.15
C ARG B 88 -0.14 24.34 -11.49
N HIS B 89 0.00 23.11 -11.01
CA HIS B 89 1.21 22.33 -11.22
C HIS B 89 1.08 21.37 -12.39
N ILE B 90 0.02 21.49 -13.20
CA ILE B 90 -0.18 20.55 -14.30
C ILE B 90 0.82 20.82 -15.42
N LYS B 91 1.78 19.91 -15.60
CA LYS B 91 2.72 20.02 -16.69
C LYS B 91 2.26 19.33 -17.98
N ASP B 92 1.56 18.20 -17.90
CA ASP B 92 1.34 17.35 -19.06
C ASP B 92 -0.15 17.18 -19.25
N MET B 93 -0.74 17.92 -20.20
CA MET B 93 -2.18 17.89 -20.35
C MET B 93 -2.70 16.64 -21.06
N GLU B 94 -1.86 15.94 -21.81
CA GLU B 94 -2.28 14.66 -22.37
C GLU B 94 -2.41 13.60 -21.28
N ALA B 95 -1.50 13.59 -20.31
CA ALA B 95 -1.65 12.71 -19.15
C ALA B 95 -2.93 13.02 -18.37
N PHE B 96 -3.28 14.31 -18.26
CA PHE B 96 -4.48 14.65 -17.51
C PHE B 96 -5.72 14.09 -18.19
N LYS B 97 -5.77 14.17 -19.53
CA LYS B 97 -6.88 13.58 -20.28
C LYS B 97 -6.91 12.07 -20.11
N ALA B 98 -5.75 11.41 -20.13
CA ALA B 98 -5.69 9.98 -19.85
C ALA B 98 -6.36 9.66 -18.51
N VAL B 99 -6.07 10.45 -17.48
CA VAL B 99 -6.65 10.19 -16.16
C VAL B 99 -8.15 10.42 -16.18
N CYS B 100 -8.62 11.43 -16.94
CA CYS B 100 -10.06 11.59 -17.13
C CYS B 100 -10.67 10.33 -17.70
N VAL B 101 -10.08 9.79 -18.77
CA VAL B 101 -10.65 8.60 -19.40
C VAL B 101 -10.53 7.39 -18.49
N LEU B 102 -9.33 7.15 -17.95
CA LEU B 102 -9.09 5.96 -17.15
C LEU B 102 -9.96 5.96 -15.89
N ASN B 103 -10.03 7.10 -15.20
CA ASN B 103 -10.97 7.22 -14.09
C ASN B 103 -12.39 6.85 -14.51
N CYS B 104 -12.87 7.42 -15.62
CA CYS B 104 -14.29 7.26 -15.97
C CYS B 104 -14.63 5.83 -16.36
N VAL B 105 -13.80 5.19 -17.19
CA VAL B 105 -14.19 3.87 -17.66
C VAL B 105 -14.07 2.83 -16.55
N THR B 106 -13.12 2.98 -15.62
CA THR B 106 -13.08 2.06 -14.50
C THR B 106 -14.14 2.39 -13.45
N PHE B 107 -14.66 3.62 -13.45
CA PHE B 107 -15.86 3.89 -12.65
C PHE B 107 -17.05 3.11 -13.17
N VAL B 108 -17.20 3.02 -14.50
CA VAL B 108 -18.25 2.20 -15.09
C VAL B 108 -18.11 0.74 -14.62
N TRP B 109 -16.88 0.23 -14.67
CA TRP B 109 -16.58 -1.13 -14.20
C TRP B 109 -17.00 -1.31 -12.74
N ASP B 110 -16.72 -0.31 -11.90
CA ASP B 110 -17.12 -0.31 -10.50
C ASP B 110 -18.64 -0.43 -10.34
N ASP B 111 -19.41 0.15 -11.27
CA ASP B 111 -20.87 0.12 -11.19
C ASP B 111 -21.48 -1.09 -11.88
N MET B 112 -20.69 -1.89 -12.58
CA MET B 112 -21.21 -2.96 -13.42
C MET B 112 -21.46 -4.25 -12.64
N ASP B 113 -22.60 -4.86 -12.92
CA ASP B 113 -22.81 -6.27 -12.66
C ASP B 113 -21.60 -7.05 -13.17
N PRO B 114 -21.04 -7.95 -12.36
CA PRO B 114 -19.78 -8.61 -12.76
C PRO B 114 -19.88 -9.48 -13.99
N ALA B 115 -21.10 -9.78 -14.48
CA ALA B 115 -21.24 -10.49 -15.74
C ALA B 115 -20.69 -9.69 -16.91
N LEU B 116 -20.88 -8.37 -16.91
CA LEU B 116 -20.35 -7.51 -17.96
C LEU B 116 -18.82 -7.42 -17.95
N HIS B 117 -18.15 -7.93 -16.92
CA HIS B 117 -16.71 -7.74 -16.75
C HIS B 117 -15.92 -8.69 -17.65
N ASP B 118 -15.60 -8.25 -18.86
CA ASP B 118 -14.83 -9.06 -19.81
C ASP B 118 -13.43 -8.48 -19.96
N PHE B 119 -12.45 -9.13 -19.33
CA PHE B 119 -11.07 -8.66 -19.40
C PHE B 119 -10.54 -8.70 -20.83
N GLY B 120 -10.89 -9.73 -21.59
CA GLY B 120 -10.35 -9.87 -22.94
C GLY B 120 -10.73 -8.72 -23.84
N LEU B 121 -11.95 -8.20 -23.68
CA LEU B 121 -12.38 -7.05 -24.47
C LEU B 121 -11.88 -5.74 -23.87
N PHE B 122 -11.96 -5.62 -22.53
CA PHE B 122 -11.72 -4.32 -21.90
C PHE B 122 -10.24 -4.03 -21.64
N LEU B 123 -9.45 -5.01 -21.20
CA LEU B 123 -8.04 -4.73 -20.96
C LEU B 123 -7.32 -4.18 -22.19
N PRO B 124 -7.55 -4.66 -23.42
CA PRO B 124 -6.91 -4.03 -24.58
C PRO B 124 -7.25 -2.55 -24.74
N GLN B 125 -8.47 -2.12 -24.41
CA GLN B 125 -8.82 -0.71 -24.50
C GLN B 125 -8.06 0.14 -23.49
N LEU B 126 -7.96 -0.34 -22.24
CA LEU B 126 -7.17 0.38 -21.24
C LEU B 126 -5.73 0.57 -21.73
N ARG B 127 -5.10 -0.52 -22.16
CA ARG B 127 -3.72 -0.43 -22.62
C ARG B 127 -3.57 0.54 -23.77
N LYS B 128 -4.54 0.52 -24.71
CA LYS B 128 -4.54 1.46 -25.83
C LYS B 128 -4.52 2.90 -25.34
N ILE B 129 -5.36 3.23 -24.35
CA ILE B 129 -5.46 4.62 -23.91
C ILE B 129 -4.15 5.04 -23.25
N CYS B 130 -3.55 4.14 -22.47
CA CYS B 130 -2.26 4.46 -21.86
C CYS B 130 -1.21 4.68 -22.94
N GLU B 131 -1.15 3.78 -23.91
CA GLU B 131 -0.11 3.85 -24.93
C GLU B 131 -0.31 5.04 -25.87
N LYS B 132 -1.50 5.65 -25.87
CA LYS B 132 -1.71 6.86 -26.65
C LYS B 132 -1.23 8.11 -25.92
N TYR B 133 -1.41 8.17 -24.59
CA TYR B 133 -1.22 9.43 -23.89
C TYR B 133 0.05 9.52 -23.06
N TYR B 134 0.72 8.40 -22.76
CA TYR B 134 1.93 8.41 -21.95
C TYR B 134 3.14 7.91 -22.75
N GLY B 135 4.33 8.07 -22.15
CA GLY B 135 5.55 7.52 -22.68
C GLY B 135 5.67 6.07 -22.28
N PRO B 136 6.49 5.30 -23.00
CA PRO B 136 6.55 3.84 -22.76
C PRO B 136 6.52 3.44 -21.29
N GLU B 137 7.44 3.95 -20.48
CA GLU B 137 7.51 3.50 -19.10
C GLU B 137 6.37 4.07 -18.24
N ASP B 138 5.99 5.32 -18.46
CA ASP B 138 4.82 5.82 -17.72
C ASP B 138 3.55 5.08 -18.13
N ALA B 139 3.49 4.65 -19.39
CA ALA B 139 2.33 3.92 -19.89
C ALA B 139 2.26 2.52 -19.31
N GLU B 140 3.41 1.91 -18.99
CA GLU B 140 3.35 0.58 -18.40
C GLU B 140 2.79 0.66 -16.99
N VAL B 141 3.25 1.63 -16.21
CA VAL B 141 2.79 1.78 -14.83
C VAL B 141 1.30 2.09 -14.80
N ALA B 142 0.86 3.05 -15.61
CA ALA B 142 -0.57 3.39 -15.65
C ALA B 142 -1.41 2.21 -16.11
N TYR B 143 -0.94 1.46 -17.12
CA TYR B 143 -1.69 0.28 -17.53
C TYR B 143 -1.76 -0.78 -16.43
N GLU B 144 -0.62 -1.12 -15.82
CA GLU B 144 -0.64 -2.14 -14.77
C GLU B 144 -1.53 -1.72 -13.60
N ALA B 145 -1.51 -0.44 -13.25
CA ALA B 145 -2.37 0.01 -12.16
C ALA B 145 -3.84 -0.13 -12.53
N ALA B 146 -4.22 0.23 -13.78
CA ALA B 146 -5.61 0.07 -14.19
C ALA B 146 -6.01 -1.41 -14.18
N ARG B 147 -5.16 -2.27 -14.75
CA ARG B 147 -5.41 -3.70 -14.72
C ARG B 147 -5.61 -4.21 -13.30
N ALA B 148 -4.69 -3.85 -12.40
CA ALA B 148 -4.81 -4.36 -11.03
C ALA B 148 -6.08 -3.86 -10.36
N PHE B 149 -6.47 -2.60 -10.61
CA PHE B 149 -7.71 -2.13 -10.01
C PHE B 149 -8.93 -2.90 -10.54
N VAL B 150 -9.07 -3.03 -11.87
CA VAL B 150 -10.28 -3.68 -12.35
C VAL B 150 -10.27 -5.16 -11.96
N THR B 151 -9.11 -5.79 -11.92
CA THR B 151 -9.03 -7.17 -11.43
C THR B 151 -9.43 -7.26 -9.96
N SER B 152 -8.95 -6.33 -9.13
CA SER B 152 -9.33 -6.30 -7.71
C SER B 152 -10.83 -6.09 -7.54
N ASP B 153 -11.39 -5.07 -8.21
CA ASP B 153 -12.82 -4.84 -8.10
C ASP B 153 -13.61 -6.11 -8.44
N HIS B 154 -13.21 -6.81 -9.50
CA HIS B 154 -13.92 -8.02 -9.90
C HIS B 154 -13.71 -9.15 -8.89
N MET B 155 -12.47 -9.38 -8.47
CA MET B 155 -12.16 -10.56 -7.64
C MET B 155 -12.82 -10.48 -6.28
N PHE B 156 -13.05 -9.27 -5.77
CA PHE B 156 -13.53 -9.12 -4.42
C PHE B 156 -15.05 -8.98 -4.34
N ARG B 157 -15.77 -9.01 -5.46
CA ARG B 157 -17.24 -9.01 -5.42
C ARG B 157 -17.74 -10.39 -5.07
N ASP B 158 -18.44 -10.50 -3.92
CA ASP B 158 -18.82 -11.79 -3.28
C ASP B 158 -17.92 -12.10 -2.08
N SER B 159 -16.60 -12.22 -2.31
CA SER B 159 -15.31 -12.61 -1.75
C SER B 159 -15.33 -12.68 -0.22
N PRO B 160 -14.70 -13.73 0.31
CA PRO B 160 -14.48 -13.83 1.76
C PRO B 160 -13.45 -12.85 2.31
N ILE B 161 -12.40 -12.53 1.54
CA ILE B 161 -11.40 -11.59 2.03
C ILE B 161 -12.04 -10.23 2.28
N LYS B 162 -12.88 -9.79 1.35
CA LYS B 162 -13.55 -8.51 1.54
C LYS B 162 -14.40 -8.53 2.80
N ALA B 163 -15.12 -9.63 3.02
CA ALA B 163 -15.90 -9.78 4.24
C ALA B 163 -15.04 -9.53 5.48
N ALA B 164 -13.87 -10.18 5.57
CA ALA B 164 -13.08 -10.06 6.79
C ALA B 164 -12.49 -8.65 6.93
N LEU B 165 -11.94 -8.09 5.85
CA LEU B 165 -11.30 -6.78 5.96
C LEU B 165 -12.33 -5.67 6.22
N CYS B 166 -13.56 -5.83 5.73
CA CYS B 166 -14.59 -4.80 5.89
C CYS B 166 -15.39 -4.91 7.16
N THR B 167 -15.23 -5.97 7.94
CA THR B 167 -16.04 -6.14 9.13
C THR B 167 -15.21 -6.13 10.41
N THR B 168 -13.88 -6.10 10.32
CA THR B 168 -13.03 -6.31 11.51
C THR B 168 -12.72 -5.03 12.26
N SER B 169 -12.08 -4.05 11.61
CA SER B 169 -11.63 -2.83 12.27
C SER B 169 -11.43 -1.75 11.21
N PRO B 170 -11.34 -0.47 11.60
CA PRO B 170 -11.03 0.56 10.59
C PRO B 170 -9.68 0.34 9.94
N GLU B 171 -8.68 -0.15 10.70
CA GLU B 171 -7.37 -0.47 10.13
C GLU B 171 -7.46 -1.47 8.98
N GLN B 172 -8.11 -2.63 9.19
CA GLN B 172 -8.20 -3.62 8.13
C GLN B 172 -8.96 -3.05 6.93
N TYR B 173 -10.01 -2.29 7.21
CA TYR B 173 -10.83 -1.74 6.14
C TYR B 173 -10.02 -0.78 5.27
N PHE B 174 -9.34 0.18 5.89
CA PHE B 174 -8.61 1.17 5.10
C PHE B 174 -7.45 0.54 4.34
N ARG B 175 -6.89 -0.54 4.89
CA ARG B 175 -5.89 -1.31 4.16
C ARG B 175 -6.46 -1.86 2.85
N PHE B 176 -7.70 -2.36 2.89
CA PHE B 176 -8.34 -2.82 1.66
C PHE B 176 -8.56 -1.67 0.67
N ARG B 177 -8.87 -0.49 1.19
CA ARG B 177 -9.27 0.62 0.31
C ARG B 177 -8.10 1.30 -0.34
N VAL B 178 -6.87 1.10 0.13
CA VAL B 178 -5.72 1.65 -0.58
C VAL B 178 -5.80 1.28 -2.05
N THR B 179 -6.21 0.05 -2.34
CA THR B 179 -6.43 -0.37 -3.71
C THR B 179 -7.88 -0.16 -4.16
N ASP B 180 -8.84 -0.57 -3.34
CA ASP B 180 -10.21 -0.68 -3.82
C ASP B 180 -10.85 0.68 -4.10
N ILE B 181 -10.47 1.74 -3.39
CA ILE B 181 -11.01 3.04 -3.78
C ILE B 181 -10.27 3.62 -4.96
N GLY B 182 -9.31 2.90 -5.55
CA GLY B 182 -8.67 3.37 -6.77
C GLY B 182 -7.60 4.41 -6.58
N VAL B 183 -7.22 4.75 -5.35
CA VAL B 183 -6.27 5.85 -5.17
C VAL B 183 -4.85 5.45 -5.56
N ASP B 184 -4.43 4.20 -5.28
CA ASP B 184 -3.12 3.79 -5.77
C ASP B 184 -3.05 3.91 -7.29
N PHE B 185 -4.09 3.42 -7.96
CA PHE B 185 -4.23 3.55 -9.41
C PHE B 185 -4.16 5.02 -9.82
N TRP B 186 -4.96 5.86 -9.16
CA TRP B 186 -4.95 7.30 -9.37
C TRP B 186 -3.54 7.88 -9.33
N MET B 187 -2.78 7.57 -8.29
CA MET B 187 -1.45 8.14 -8.16
C MET B 187 -0.54 7.68 -9.29
N LYS B 188 -0.63 6.39 -9.65
CA LYS B 188 0.29 5.82 -10.64
C LYS B 188 -0.05 6.26 -12.06
N MET B 189 -1.28 6.74 -12.30
CA MET B 189 -1.59 7.33 -13.60
C MET B 189 -1.51 8.85 -13.60
N SER B 190 -1.48 9.50 -12.43
CA SER B 190 -1.44 10.96 -12.35
C SER B 190 -0.03 11.54 -12.28
N TYR B 191 0.98 10.77 -11.88
CA TYR B 191 2.30 11.39 -11.76
C TYR B 191 2.83 11.95 -13.08
N PRO B 192 2.54 11.39 -14.26
CA PRO B 192 3.00 12.06 -15.49
C PRO B 192 2.39 13.44 -15.69
N ILE B 193 1.29 13.76 -15.01
CA ILE B 193 0.71 15.11 -15.12
C ILE B 193 1.69 16.16 -14.62
N TYR B 194 2.43 15.84 -13.55
CA TYR B 194 3.22 16.79 -12.79
C TYR B 194 4.72 16.74 -13.08
N ARG B 195 5.24 15.59 -13.54
CA ARG B 195 6.68 15.35 -13.78
C ARG B 195 7.53 15.92 -12.65
N HIS B 196 7.12 15.63 -11.44
CA HIS B 196 7.83 16.04 -10.25
C HIS B 196 8.45 14.79 -9.62
N PRO B 197 9.76 14.58 -9.74
CA PRO B 197 10.32 13.26 -9.41
C PRO B 197 10.07 12.78 -7.99
N GLU B 198 9.91 13.67 -7.01
CA GLU B 198 9.51 13.21 -5.67
C GLU B 198 8.10 12.64 -5.66
N PHE B 199 7.16 13.27 -6.39
CA PHE B 199 5.80 12.74 -6.39
C PHE B 199 5.73 11.43 -7.16
N THR B 200 6.46 11.35 -8.26
CA THR B 200 6.58 10.13 -9.02
C THR B 200 7.05 8.97 -8.13
N GLU B 201 8.01 9.21 -7.24
CA GLU B 201 8.48 8.13 -6.37
C GLU B 201 7.44 7.81 -5.30
N HIS B 202 6.84 8.83 -4.67
CA HIS B 202 5.79 8.54 -3.69
C HIS B 202 4.63 7.81 -4.34
N ALA B 203 4.36 8.12 -5.61
CA ALA B 203 3.34 7.39 -6.34
C ALA B 203 3.75 5.93 -6.55
N LYS B 204 5.00 5.71 -6.97
CA LYS B 204 5.37 4.35 -7.33
C LYS B 204 5.64 3.47 -6.11
N THR B 205 5.97 4.04 -4.95
CA THR B 205 6.03 3.24 -3.72
C THR B 205 4.66 3.01 -3.11
N SER B 206 3.64 3.74 -3.56
CA SER B 206 2.29 3.76 -3.00
C SER B 206 2.19 4.50 -1.68
N LEU B 207 3.28 5.11 -1.20
CA LEU B 207 3.16 5.98 -0.02
C LEU B 207 2.18 7.12 -0.27
N ALA B 208 2.14 7.64 -1.50
CA ALA B 208 1.19 8.69 -1.84
C ALA B 208 -0.24 8.23 -1.62
N ALA B 209 -0.56 7.03 -2.12
CA ALA B 209 -1.87 6.44 -1.89
C ALA B 209 -2.13 6.18 -0.41
N ARG B 210 -1.12 5.68 0.31
CA ARG B 210 -1.36 5.36 1.71
C ARG B 210 -1.62 6.63 2.54
N MET B 211 -1.03 7.77 2.14
CA MET B 211 -1.27 9.01 2.88
C MET B 211 -2.69 9.54 2.65
N THR B 212 -3.28 9.27 1.50
CA THR B 212 -4.52 9.92 1.10
C THR B 212 -5.74 9.02 1.21
N THR B 213 -5.53 7.72 1.49
CA THR B 213 -6.63 6.76 1.46
C THR B 213 -7.74 7.13 2.43
N ARG B 214 -7.40 7.45 3.69
CA ARG B 214 -8.46 7.68 4.65
C ARG B 214 -9.26 8.95 4.34
N GLY B 215 -8.58 10.01 3.91
CA GLY B 215 -9.29 11.24 3.59
C GLY B 215 -10.26 11.07 2.45
N LEU B 216 -9.86 10.33 1.41
CA LEU B 216 -10.78 10.03 0.31
C LEU B 216 -11.91 9.12 0.78
N THR B 217 -11.56 8.05 1.49
CA THR B 217 -12.51 6.99 1.77
C THR B 217 -13.57 7.43 2.77
N ILE B 218 -13.17 8.12 3.83
CA ILE B 218 -14.12 8.52 4.85
C ILE B 218 -15.19 9.42 4.23
N VAL B 219 -14.77 10.35 3.37
CA VAL B 219 -15.71 11.22 2.68
C VAL B 219 -16.58 10.43 1.71
N ASN B 220 -15.95 9.60 0.86
CA ASN B 220 -16.76 8.81 -0.06
C ASN B 220 -17.76 7.95 0.69
N ASP B 221 -17.30 7.27 1.76
CA ASP B 221 -18.17 6.35 2.48
C ASP B 221 -19.37 7.08 3.08
N PHE B 222 -19.15 8.28 3.63
CA PHE B 222 -20.26 8.96 4.26
C PHE B 222 -21.37 9.23 3.26
N TYR B 223 -21.00 9.75 2.09
CA TYR B 223 -22.00 10.21 1.13
C TYR B 223 -22.48 9.11 0.19
N SER B 224 -21.83 7.94 0.17
CA SER B 224 -22.34 6.83 -0.63
C SER B 224 -22.96 5.73 0.23
N TYR B 225 -23.04 5.94 1.54
CA TYR B 225 -23.57 4.93 2.46
C TYR B 225 -24.98 4.50 2.08
N ASP B 226 -25.87 5.45 1.82
CA ASP B 226 -27.27 5.09 1.58
C ASP B 226 -27.40 4.19 0.36
N ARG B 227 -26.72 4.55 -0.73
CA ARG B 227 -26.78 3.73 -1.94
C ARG B 227 -26.18 2.35 -1.68
N GLU B 228 -25.03 2.32 -1.01
CA GLU B 228 -24.32 1.05 -0.85
C GLU B 228 -25.09 0.07 0.05
N VAL B 229 -25.66 0.53 1.17
CA VAL B 229 -26.37 -0.48 1.95
C VAL B 229 -27.67 -0.88 1.26
N SER B 230 -28.27 0.02 0.48
CA SER B 230 -29.37 -0.36 -0.40
C SER B 230 -28.97 -1.52 -1.33
N LEU B 231 -27.84 -1.39 -2.00
CA LEU B 231 -27.43 -2.35 -3.01
C LEU B 231 -26.51 -3.43 -2.47
N GLY B 232 -26.51 -3.66 -1.16
CA GLY B 232 -25.82 -4.79 -0.57
C GLY B 232 -24.31 -4.75 -0.58
N GLN B 233 -23.72 -3.57 -0.64
CA GLN B 233 -22.27 -3.46 -0.72
C GLN B 233 -21.68 -3.17 0.66
N ILE B 234 -20.73 -4.00 1.09
CA ILE B 234 -20.22 -3.92 2.45
C ILE B 234 -18.99 -3.04 2.56
N THR B 235 -18.50 -2.49 1.46
CA THR B 235 -17.24 -1.75 1.49
C THR B 235 -17.52 -0.29 1.87
N ASN B 236 -17.69 -0.08 3.18
CA ASN B 236 -18.03 1.23 3.71
C ASN B 236 -17.77 1.26 5.21
N CYS B 237 -16.91 2.18 5.68
CA CYS B 237 -16.50 2.11 7.07
C CYS B 237 -17.63 2.41 8.04
N PHE B 238 -18.67 3.14 7.62
CA PHE B 238 -19.73 3.41 8.58
C PHE B 238 -20.59 2.18 8.88
N ARG B 239 -20.43 1.07 8.15
CA ARG B 239 -21.05 -0.18 8.59
C ARG B 239 -20.37 -0.75 9.83
N LEU B 240 -19.21 -0.21 10.21
CA LEU B 240 -18.51 -0.66 11.41
C LEU B 240 -19.06 -0.09 12.71
N CYS B 241 -19.83 1.01 12.68
CA CYS B 241 -20.51 1.49 13.87
C CYS B 241 -22.00 1.35 13.68
N ASP B 242 -22.74 1.62 14.74
CA ASP B 242 -24.20 1.53 14.72
C ASP B 242 -24.74 2.91 14.35
N VAL B 243 -24.96 3.14 13.05
CA VAL B 243 -25.42 4.47 12.64
C VAL B 243 -26.87 4.74 13.05
N SER B 244 -27.59 3.77 13.62
CA SER B 244 -28.92 4.09 14.17
C SER B 244 -28.85 4.63 15.58
N ASP B 245 -27.67 4.86 16.13
CA ASP B 245 -27.52 5.43 17.47
C ASP B 245 -26.57 6.62 17.39
N GLU B 246 -27.11 7.81 17.66
CA GLU B 246 -26.34 9.05 17.45
C GLU B 246 -25.05 9.04 18.24
N THR B 247 -25.11 8.65 19.51
CA THR B 247 -23.90 8.72 20.34
C THR B 247 -22.81 7.84 19.76
N ALA B 248 -23.16 6.60 19.39
CA ALA B 248 -22.17 5.73 18.78
C ALA B 248 -21.70 6.29 17.44
N PHE B 249 -22.64 6.73 16.60
CA PHE B 249 -22.26 7.29 15.31
C PHE B 249 -21.34 8.49 15.48
N LYS B 250 -21.69 9.40 16.38
CA LYS B 250 -20.92 10.62 16.52
C LYS B 250 -19.52 10.34 17.07
N GLU B 251 -19.38 9.35 17.95
CA GLU B 251 -18.04 8.95 18.38
C GLU B 251 -17.23 8.37 17.22
N PHE B 252 -17.84 7.50 16.43
CA PHE B 252 -17.16 6.94 15.27
C PHE B 252 -16.77 8.04 14.31
N PHE B 253 -17.67 9.00 14.08
CA PHE B 253 -17.39 10.06 13.13
C PHE B 253 -16.23 10.93 13.61
N GLN B 254 -16.24 11.31 14.90
CA GLN B 254 -15.09 12.00 15.49
C GLN B 254 -13.80 11.23 15.26
N ALA B 255 -13.82 9.92 15.53
CA ALA B 255 -12.62 9.10 15.30
C ALA B 255 -12.15 9.23 13.86
N ARG B 256 -13.08 9.25 12.91
CA ARG B 256 -12.67 9.34 11.51
C ARG B 256 -12.14 10.74 11.16
N LEU B 257 -12.76 11.81 11.70
CA LEU B 257 -12.18 13.14 11.56
C LEU B 257 -10.75 13.17 12.08
N ASP B 258 -10.53 12.60 13.26
CA ASP B 258 -9.18 12.46 13.81
C ASP B 258 -8.24 11.82 12.80
N ASP B 259 -8.66 10.71 12.17
CA ASP B 259 -7.83 10.05 11.17
C ASP B 259 -7.44 11.04 10.06
N MET B 260 -8.43 11.77 9.55
CA MET B 260 -8.17 12.69 8.46
C MET B 260 -7.19 13.77 8.88
N ILE B 261 -7.38 14.32 10.08
CA ILE B 261 -6.53 15.40 10.58
C ILE B 261 -5.10 14.90 10.72
N GLU B 262 -4.93 13.74 11.35
CA GLU B 262 -3.61 13.16 11.52
C GLU B 262 -2.90 13.02 10.16
N ASP B 263 -3.60 12.49 9.16
CA ASP B 263 -3.01 12.32 7.83
C ASP B 263 -2.63 13.67 7.22
N ILE B 264 -3.54 14.64 7.30
CA ILE B 264 -3.27 15.93 6.66
C ILE B 264 -2.05 16.60 7.28
N GLU B 265 -1.92 16.57 8.60
CA GLU B 265 -0.77 17.23 9.23
C GLU B 265 0.55 16.49 8.94
N CYS B 266 0.50 15.17 8.70
CA CYS B 266 1.69 14.48 8.23
C CYS B 266 1.98 14.79 6.76
N ILE B 267 0.93 14.86 5.94
CA ILE B 267 1.12 15.28 4.56
C ILE B 267 1.87 16.61 4.49
N LYS B 268 1.65 17.50 5.47
CA LYS B 268 2.32 18.79 5.46
C LYS B 268 3.81 18.71 5.79
N ALA B 269 4.38 17.49 5.88
CA ALA B 269 5.82 17.30 5.95
C ALA B 269 6.44 17.00 4.59
N PHE B 270 5.65 16.63 3.59
CA PHE B 270 6.20 16.41 2.26
C PHE B 270 6.57 17.77 1.65
N ASP B 271 7.22 17.77 0.48
CA ASP B 271 7.51 19.06 -0.12
C ASP B 271 6.28 19.60 -0.82
N GLN B 272 6.39 20.86 -1.26
CA GLN B 272 5.21 21.68 -1.52
C GLN B 272 4.38 21.14 -2.68
N LEU B 273 5.03 20.81 -3.80
CA LEU B 273 4.27 20.27 -4.92
C LEU B 273 3.49 19.03 -4.50
N THR B 274 4.20 18.03 -3.98
CA THR B 274 3.56 16.80 -3.53
C THR B 274 2.42 17.07 -2.56
N GLN B 275 2.64 17.91 -1.57
CA GLN B 275 1.59 18.13 -0.58
C GLN B 275 0.42 18.89 -1.19
N ASP B 276 0.67 19.71 -2.21
CA ASP B 276 -0.42 20.34 -2.96
C ASP B 276 -1.30 19.29 -3.62
N VAL B 277 -0.66 18.36 -4.34
CA VAL B 277 -1.39 17.27 -4.98
C VAL B 277 -2.21 16.49 -3.95
N PHE B 278 -1.55 16.06 -2.86
CA PHE B 278 -2.24 15.25 -1.85
C PHE B 278 -3.46 15.99 -1.30
N LEU B 279 -3.28 17.26 -0.91
CA LEU B 279 -4.36 17.98 -0.24
C LEU B 279 -5.47 18.36 -1.21
N ASP B 280 -5.11 18.78 -2.44
CA ASP B 280 -6.15 19.04 -3.44
C ASP B 280 -6.94 17.78 -3.74
N LEU B 281 -6.26 16.62 -3.69
CA LEU B 281 -6.96 15.36 -3.92
C LEU B 281 -8.03 15.13 -2.86
N ILE B 282 -7.64 15.23 -1.58
CA ILE B 282 -8.61 14.95 -0.51
C ILE B 282 -9.69 16.03 -0.47
N TYR B 283 -9.29 17.29 -0.55
CA TYR B 283 -10.26 18.37 -0.42
C TYR B 283 -11.12 18.48 -1.68
N GLY B 284 -10.51 18.36 -2.85
CA GLY B 284 -11.29 18.33 -4.09
C GLY B 284 -12.27 17.18 -4.15
N ASN B 285 -11.88 16.00 -3.64
CA ASN B 285 -12.83 14.91 -3.64
C ASN B 285 -14.05 15.25 -2.79
N PHE B 286 -13.84 15.99 -1.71
CA PHE B 286 -14.95 16.38 -0.86
C PHE B 286 -15.86 17.40 -1.58
N VAL B 287 -15.27 18.39 -2.24
CA VAL B 287 -16.08 19.37 -2.96
C VAL B 287 -16.90 18.68 -4.05
N TRP B 288 -16.24 17.81 -4.83
CA TRP B 288 -16.90 17.09 -5.90
C TRP B 288 -17.99 16.17 -5.37
N THR B 289 -17.68 15.42 -4.30
CA THR B 289 -18.64 14.47 -3.74
C THR B 289 -19.93 15.17 -3.31
N THR B 290 -19.80 16.36 -2.72
CA THR B 290 -20.96 17.04 -2.15
C THR B 290 -21.74 17.83 -3.18
N SER B 291 -21.29 17.88 -4.44
CA SER B 291 -21.97 18.63 -5.47
C SER B 291 -22.42 17.75 -6.64
N ASN B 292 -22.27 16.44 -6.52
CA ASN B 292 -22.50 15.49 -7.60
C ASN B 292 -23.76 14.70 -7.27
N LYS B 293 -24.71 14.60 -8.21
CA LYS B 293 -25.93 13.86 -7.90
C LYS B 293 -25.65 12.38 -7.68
N ARG B 294 -24.50 11.90 -8.15
CA ARG B 294 -24.06 10.55 -7.80
C ARG B 294 -24.27 10.25 -6.32
N TYR B 295 -24.09 11.25 -5.48
CA TYR B 295 -24.17 11.06 -4.04
C TYR B 295 -25.36 11.78 -3.41
N LYS B 296 -26.32 12.24 -4.21
CA LYS B 296 -27.48 12.99 -3.72
C LYS B 296 -28.74 12.17 -3.60
N THR B 297 -28.78 10.96 -4.15
CA THR B 297 -29.86 10.04 -3.86
C THR B 297 -29.34 8.60 -3.93
N ALA B 298 -30.05 7.69 -3.26
CA ALA B 298 -29.53 6.32 -3.12
C ALA B 298 -29.63 5.55 -4.43
N VAL B 299 -30.55 5.94 -5.30
CA VAL B 299 -30.64 5.42 -6.66
C VAL B 299 -31.09 6.56 -7.57
N ASN B 300 -30.39 6.75 -8.69
CA ASN B 300 -30.84 7.70 -9.70
C ASN B 300 -30.22 7.32 -11.04
N ASP B 301 -30.37 8.21 -12.03
CA ASP B 301 -29.81 8.04 -13.36
C ASP B 301 -28.30 8.19 -13.41
N VAL B 302 -27.63 8.37 -12.27
CA VAL B 302 -26.19 8.46 -12.24
C VAL B 302 -25.56 7.75 -11.05
N ASN B 303 -26.19 6.74 -10.45
CA ASN B 303 -25.44 5.92 -9.52
C ASN B 303 -25.98 4.51 -9.38
N SER B 304 -27.00 4.14 -10.15
CA SER B 304 -27.54 2.79 -10.10
C SER B 304 -26.52 1.81 -10.65
N ARG B 305 -26.58 0.58 -10.16
CA ARG B 305 -25.74 -0.44 -10.74
C ARG B 305 -26.07 -0.65 -12.22
N ILE B 306 -25.03 -0.73 -13.04
CA ILE B 306 -25.16 -1.11 -14.45
C ILE B 306 -25.30 -2.64 -14.48
N GLN B 307 -26.37 -3.12 -15.12
CA GLN B 307 -26.98 -4.39 -14.73
C GLN B 307 -27.33 -5.24 -15.94
N ALA B 308 -27.32 -6.57 -15.76
CA ALA B 308 -27.88 -7.46 -16.79
C ALA B 308 -29.38 -7.18 -17.00
N GLY A 14 17.59 5.09 30.77
CA GLY A 14 16.21 4.64 30.81
C GLY A 14 15.58 4.21 29.50
N ARG A 15 15.31 5.16 28.62
CA ARG A 15 14.65 4.83 27.37
C ARG A 15 15.63 4.44 26.28
N SER A 16 16.70 3.74 26.62
CA SER A 16 17.79 3.50 25.70
C SER A 16 18.09 2.02 25.45
N SER A 17 17.30 1.10 25.99
CA SER A 17 17.52 -0.32 25.69
C SER A 17 16.28 -1.12 26.10
N VAL A 18 15.92 -2.09 25.27
CA VAL A 18 14.85 -3.02 25.63
C VAL A 18 15.41 -4.30 26.23
N ARG A 19 16.70 -4.31 26.60
CA ARG A 19 17.29 -5.47 27.28
C ARG A 19 16.47 -6.02 28.44
N PRO A 20 15.94 -5.21 29.37
CA PRO A 20 15.17 -5.81 30.49
C PRO A 20 14.03 -6.71 30.07
N TYR A 21 13.49 -6.55 28.86
CA TYR A 21 12.30 -7.26 28.43
C TYR A 21 12.59 -8.38 27.43
N LEU A 22 13.85 -8.63 27.13
CA LEU A 22 14.20 -9.52 26.03
C LEU A 22 13.59 -10.91 26.20
N GLU A 23 13.74 -11.50 27.38
CA GLU A 23 13.25 -12.87 27.59
C GLU A 23 11.73 -12.94 27.58
N GLU A 24 11.07 -12.05 28.35
CA GLU A 24 9.61 -12.05 28.42
C GLU A 24 8.99 -11.79 27.04
N CYS A 25 9.51 -10.80 26.31
CA CYS A 25 8.92 -10.50 25.00
C CYS A 25 9.13 -11.64 24.02
N THR A 26 10.30 -12.28 24.04
CA THR A 26 10.55 -13.41 23.16
C THR A 26 9.53 -14.52 23.46
N ARG A 27 9.38 -14.85 24.73
CA ARG A 27 8.40 -15.84 25.15
C ARG A 27 7.00 -15.47 24.65
N ARG A 28 6.62 -14.19 24.75
CA ARG A 28 5.25 -13.85 24.42
C ARG A 28 5.02 -13.82 22.90
N PHE A 29 5.99 -13.34 22.13
CA PHE A 29 5.95 -13.52 20.67
C PHE A 29 5.70 -14.98 20.31
N GLN A 30 6.53 -15.88 20.85
CA GLN A 30 6.42 -17.29 20.45
C GLN A 30 5.06 -17.87 20.83
N GLU A 31 4.57 -17.55 22.02
CA GLU A 31 3.27 -18.04 22.47
C GLU A 31 2.16 -17.56 21.53
N MET A 32 2.23 -16.29 21.15
CA MET A 32 1.27 -15.72 20.21
C MET A 32 1.27 -16.52 18.91
N PHE A 33 2.47 -16.80 18.36
CA PHE A 33 2.55 -17.61 17.15
C PHE A 33 1.97 -19.00 17.35
N ASP A 34 2.22 -19.63 18.50
CA ASP A 34 1.70 -20.97 18.73
C ASP A 34 0.19 -20.95 18.91
N ARG A 35 -0.35 -19.84 19.35
CA ARG A 35 -1.77 -19.72 19.60
C ARG A 35 -2.54 -19.41 18.31
N HIS A 36 -1.92 -18.69 17.37
CA HIS A 36 -2.64 -18.05 16.27
C HIS A 36 -2.13 -18.42 14.88
N VAL A 37 -0.90 -18.90 14.76
CA VAL A 37 -0.43 -19.55 13.55
C VAL A 37 -0.32 -21.04 13.72
N VAL A 38 0.41 -21.47 14.76
CA VAL A 38 0.61 -22.83 15.32
C VAL A 38 1.63 -23.62 14.51
N THR A 39 1.67 -23.44 13.19
CA THR A 39 2.53 -24.29 12.38
C THR A 39 3.88 -23.63 12.17
N ARG A 40 4.93 -24.42 12.41
CA ARG A 40 6.31 -23.96 12.37
C ARG A 40 6.69 -23.48 10.97
N PRO A 41 7.48 -22.40 10.86
CA PRO A 41 8.11 -22.10 9.59
C PRO A 41 9.16 -23.15 9.27
N THR A 42 9.65 -23.13 8.03
CA THR A 42 10.43 -24.24 7.50
C THR A 42 11.62 -23.74 6.70
N LYS A 43 12.83 -24.17 7.05
CA LYS A 43 14.04 -23.60 6.45
C LYS A 43 14.33 -24.26 5.09
N VAL A 44 14.36 -23.46 4.02
CA VAL A 44 14.68 -23.95 2.68
C VAL A 44 16.14 -24.40 2.66
N GLU A 45 16.40 -25.59 2.12
CA GLU A 45 17.78 -26.08 2.00
C GLU A 45 18.29 -25.80 0.60
N LEU A 46 19.52 -25.30 0.53
CA LEU A 46 20.16 -24.99 -0.73
C LEU A 46 21.36 -25.92 -0.93
N THR A 47 21.64 -26.25 -2.19
CA THR A 47 22.82 -27.03 -2.48
C THR A 47 24.08 -26.18 -2.26
N ASP A 48 25.21 -26.86 -2.16
CA ASP A 48 26.49 -26.16 -2.18
C ASP A 48 26.57 -25.24 -3.40
N ALA A 49 26.30 -25.80 -4.59
CA ALA A 49 26.36 -25.03 -5.83
C ALA A 49 25.39 -23.85 -5.82
N GLU A 50 24.14 -24.10 -5.42
CA GLU A 50 23.15 -23.02 -5.41
C GLU A 50 23.59 -21.90 -4.48
N LEU A 51 24.25 -22.25 -3.38
CA LEU A 51 24.65 -21.24 -2.42
C LEU A 51 25.78 -20.40 -2.98
N ARG A 52 26.65 -21.04 -3.75
CA ARG A 52 27.72 -20.33 -4.44
C ARG A 52 27.18 -19.37 -5.48
N GLU A 53 26.24 -19.83 -6.31
CA GLU A 53 25.68 -18.93 -7.32
C GLU A 53 25.07 -17.70 -6.65
N VAL A 54 24.43 -17.89 -5.50
CA VAL A 54 23.83 -16.78 -4.76
C VAL A 54 24.90 -15.82 -4.26
N ILE A 55 25.89 -16.34 -3.53
CA ILE A 55 26.88 -15.49 -2.89
C ILE A 55 27.76 -14.81 -3.92
N ASP A 56 28.14 -15.52 -4.97
CA ASP A 56 28.96 -14.90 -6.01
C ASP A 56 28.20 -13.79 -6.73
N ASP A 57 26.91 -14.00 -6.99
CA ASP A 57 26.10 -12.93 -7.57
C ASP A 57 25.97 -11.74 -6.63
N CYS A 58 25.81 -12.00 -5.33
CA CYS A 58 25.79 -10.91 -4.35
C CYS A 58 27.08 -10.11 -4.39
N ASN A 59 28.23 -10.80 -4.38
CA ASN A 59 29.51 -10.10 -4.38
C ASN A 59 29.69 -9.29 -5.65
N ALA A 60 29.34 -9.86 -6.80
CA ALA A 60 29.44 -9.14 -8.07
C ALA A 60 28.55 -7.91 -8.07
N ALA A 61 27.38 -8.01 -7.41
CA ALA A 61 26.42 -6.92 -7.45
C ALA A 61 26.90 -5.71 -6.65
N VAL A 62 27.55 -5.95 -5.51
CA VAL A 62 27.97 -4.83 -4.67
C VAL A 62 29.42 -4.44 -4.91
N ALA A 63 30.17 -5.23 -5.67
CA ALA A 63 31.56 -4.88 -5.94
C ALA A 63 31.72 -3.47 -6.50
N PRO A 64 30.86 -2.97 -7.40
CA PRO A 64 31.06 -1.59 -7.87
C PRO A 64 30.89 -0.55 -6.79
N LEU A 65 30.31 -0.89 -5.63
CA LEU A 65 30.20 0.04 -4.53
C LEU A 65 31.44 0.05 -3.63
N GLY A 66 32.36 -0.89 -3.81
CA GLY A 66 33.67 -0.79 -3.19
C GLY A 66 33.79 -1.27 -1.76
N LYS A 67 32.83 -2.03 -1.23
CA LYS A 67 32.91 -2.53 0.14
C LYS A 67 32.81 -4.04 0.15
N THR A 68 33.76 -4.69 0.83
CA THR A 68 33.76 -6.13 0.94
C THR A 68 32.72 -6.59 1.95
N VAL A 69 31.97 -7.62 1.58
CA VAL A 69 31.00 -8.25 2.45
C VAL A 69 31.45 -9.69 2.67
N SER A 70 31.53 -10.10 3.93
CA SER A 70 31.99 -11.45 4.25
C SER A 70 30.88 -12.47 4.00
N ASP A 71 31.29 -13.72 3.78
CA ASP A 71 30.33 -14.79 3.58
C ASP A 71 29.39 -14.92 4.78
N GLU A 72 29.89 -14.76 6.01
CA GLU A 72 28.99 -14.90 7.15
C GLU A 72 28.05 -13.69 7.29
N ARG A 73 28.46 -12.52 6.81
CA ARG A 73 27.49 -11.43 6.71
C ARG A 73 26.43 -11.72 5.64
N TRP A 74 26.84 -12.27 4.49
CA TRP A 74 25.86 -12.68 3.49
C TRP A 74 24.86 -13.68 4.07
N ILE A 75 25.36 -14.66 4.84
CA ILE A 75 24.50 -15.70 5.37
C ILE A 75 23.58 -15.12 6.43
N SER A 76 24.08 -14.15 7.21
CA SER A 76 23.20 -13.38 8.07
C SER A 76 22.01 -12.87 7.27
N TYR A 77 22.27 -12.11 6.22
CA TYR A 77 21.20 -11.49 5.44
C TYR A 77 20.28 -12.53 4.80
N VAL A 78 20.86 -13.59 4.23
CA VAL A 78 20.07 -14.52 3.41
C VAL A 78 19.13 -15.36 4.26
N GLY A 79 19.42 -15.50 5.57
CA GLY A 79 18.62 -16.36 6.41
C GLY A 79 17.14 -16.03 6.40
N VAL A 80 16.80 -14.75 6.24
CA VAL A 80 15.37 -14.40 6.24
C VAL A 80 14.67 -15.06 5.07
N VAL A 81 15.35 -15.18 3.92
CA VAL A 81 14.73 -15.84 2.78
C VAL A 81 14.62 -17.34 3.03
N LEU A 82 15.66 -17.94 3.63
CA LEU A 82 15.66 -19.37 3.86
C LEU A 82 14.55 -19.76 4.83
N TRP A 83 14.27 -18.90 5.81
CA TRP A 83 13.36 -19.18 6.90
C TRP A 83 11.93 -18.68 6.66
N SER A 84 11.75 -17.70 5.79
CA SER A 84 10.50 -16.96 5.75
C SER A 84 9.81 -17.02 4.40
N GLN A 85 10.20 -17.95 3.52
CA GLN A 85 9.36 -18.29 2.38
C GLN A 85 8.45 -19.42 2.82
N SER A 86 7.93 -20.22 1.89
CA SER A 86 7.06 -21.34 2.22
C SER A 86 7.47 -22.50 1.33
N PRO A 87 8.40 -23.33 1.80
CA PRO A 87 8.98 -24.37 0.92
C PRO A 87 7.95 -25.29 0.30
N ARG A 88 6.89 -25.64 1.02
CA ARG A 88 5.95 -26.63 0.51
C ARG A 88 5.30 -26.19 -0.80
N HIS A 89 5.22 -24.89 -1.03
CA HIS A 89 4.56 -24.37 -2.21
C HIS A 89 5.53 -23.81 -3.23
N ILE A 90 6.84 -23.97 -3.02
CA ILE A 90 7.80 -23.46 -4.00
C ILE A 90 7.66 -24.24 -5.31
N LYS A 91 7.60 -23.50 -6.42
CA LYS A 91 7.63 -24.09 -7.75
C LYS A 91 8.85 -23.71 -8.56
N ASP A 92 9.39 -22.50 -8.37
CA ASP A 92 10.46 -21.98 -9.22
C ASP A 92 11.65 -21.62 -8.34
N MET A 93 12.63 -22.53 -8.25
CA MET A 93 13.82 -22.27 -7.43
C MET A 93 14.72 -21.20 -8.02
N GLU A 94 14.59 -20.90 -9.30
CA GLU A 94 15.38 -19.82 -9.87
C GLU A 94 14.87 -18.46 -9.37
N ALA A 95 13.55 -18.30 -9.28
CA ALA A 95 13.01 -17.11 -8.62
C ALA A 95 13.43 -17.07 -7.14
N PHE A 96 13.46 -18.23 -6.47
CA PHE A 96 13.88 -18.27 -5.08
C PHE A 96 15.31 -17.76 -4.92
N LYS A 97 16.24 -18.28 -5.73
CA LYS A 97 17.62 -17.80 -5.67
C LYS A 97 17.68 -16.29 -5.96
N ALA A 98 16.83 -15.81 -6.86
CA ALA A 98 16.78 -14.38 -7.14
C ALA A 98 16.39 -13.59 -5.89
N VAL A 99 15.38 -14.07 -5.16
CA VAL A 99 14.97 -13.38 -3.93
C VAL A 99 16.11 -13.41 -2.92
N CYS A 100 16.86 -14.52 -2.85
CA CYS A 100 18.04 -14.55 -1.99
C CYS A 100 19.00 -13.42 -2.37
N VAL A 101 19.36 -13.32 -3.65
CA VAL A 101 20.37 -12.35 -4.07
C VAL A 101 19.85 -10.92 -3.86
N LEU A 102 18.64 -10.65 -4.34
CA LEU A 102 18.08 -9.31 -4.23
C LEU A 102 17.89 -8.90 -2.77
N ASN A 103 17.38 -9.80 -1.93
CA ASN A 103 17.25 -9.49 -0.51
C ASN A 103 18.60 -9.10 0.10
N CYS A 104 19.65 -9.85 -0.24
CA CYS A 104 20.95 -9.64 0.38
C CYS A 104 21.59 -8.33 -0.08
N VAL A 105 21.56 -8.04 -1.38
CA VAL A 105 22.32 -6.89 -1.83
C VAL A 105 21.64 -5.59 -1.41
N THR A 106 20.30 -5.58 -1.30
CA THR A 106 19.63 -4.39 -0.78
C THR A 106 19.72 -4.31 0.73
N PHE A 107 19.94 -5.44 1.41
CA PHE A 107 20.34 -5.40 2.80
C PHE A 107 21.65 -4.63 2.97
N VAL A 108 22.64 -4.89 2.11
CA VAL A 108 23.89 -4.13 2.17
C VAL A 108 23.61 -2.63 2.00
N TRP A 109 22.81 -2.28 1.01
CA TRP A 109 22.40 -0.89 0.79
C TRP A 109 21.80 -0.29 2.08
N ASP A 110 20.92 -1.05 2.76
CA ASP A 110 20.32 -0.60 4.00
C ASP A 110 21.38 -0.31 5.06
N ASP A 111 22.45 -1.10 5.09
CA ASP A 111 23.49 -0.94 6.08
C ASP A 111 24.56 0.08 5.68
N MET A 112 24.49 0.64 4.48
CA MET A 112 25.53 1.53 3.95
C MET A 112 25.22 2.99 4.24
N ASP A 113 26.25 3.76 4.55
CA ASP A 113 26.08 5.19 4.51
C ASP A 113 25.78 5.63 3.07
N PRO A 114 24.84 6.55 2.87
CA PRO A 114 24.41 6.90 1.51
C PRO A 114 25.47 7.60 0.68
N ALA A 115 26.60 7.99 1.26
CA ALA A 115 27.75 8.37 0.46
C ALA A 115 28.19 7.24 -0.47
N LEU A 116 28.12 6.01 0.03
CA LEU A 116 28.44 4.80 -0.72
C LEU A 116 27.40 4.44 -1.76
N HIS A 117 26.18 4.97 -1.64
CA HIS A 117 25.14 4.65 -2.60
C HIS A 117 25.61 5.19 -3.93
N ASP A 118 25.38 4.43 -5.00
CA ASP A 118 25.70 4.85 -6.36
C ASP A 118 24.70 4.17 -7.28
N PHE A 119 23.64 4.91 -7.62
CA PHE A 119 22.56 4.36 -8.41
C PHE A 119 23.05 3.95 -9.80
N GLY A 120 23.94 4.76 -10.39
CA GLY A 120 24.44 4.47 -11.72
C GLY A 120 25.24 3.17 -11.81
N LEU A 121 25.91 2.80 -10.73
CA LEU A 121 26.62 1.53 -10.71
C LEU A 121 25.74 0.39 -10.19
N PHE A 122 24.83 0.67 -9.28
CA PHE A 122 24.09 -0.41 -8.63
C PHE A 122 22.82 -0.81 -9.37
N LEU A 123 22.09 0.15 -9.93
CA LEU A 123 20.85 -0.24 -10.63
C LEU A 123 21.11 -1.18 -11.79
N PRO A 124 22.14 -0.98 -12.65
CA PRO A 124 22.43 -2.00 -13.67
C PRO A 124 22.68 -3.39 -13.08
N GLN A 125 23.28 -3.47 -11.90
CA GLN A 125 23.46 -4.76 -11.24
C GLN A 125 22.12 -5.40 -10.89
N LEU A 126 21.20 -4.62 -10.30
CA LEU A 126 19.87 -5.15 -10.02
C LEU A 126 19.20 -5.60 -11.31
N ARG A 127 19.30 -4.79 -12.37
CA ARG A 127 18.72 -5.17 -13.65
C ARG A 127 19.27 -6.50 -14.14
N LYS A 128 20.58 -6.70 -14.01
CA LYS A 128 21.19 -7.97 -14.41
C LYS A 128 20.60 -9.14 -13.63
N ILE A 129 20.56 -9.02 -12.30
CA ILE A 129 20.04 -10.11 -11.46
C ILE A 129 18.61 -10.44 -11.86
N CYS A 130 17.76 -9.42 -11.99
CA CYS A 130 16.36 -9.67 -12.28
C CYS A 130 16.19 -10.36 -13.64
N GLU A 131 16.90 -9.87 -14.64
CA GLU A 131 16.77 -10.42 -15.97
C GLU A 131 17.23 -11.88 -16.02
N LYS A 132 18.36 -12.19 -15.38
CA LYS A 132 18.91 -13.54 -15.43
C LYS A 132 17.96 -14.58 -14.83
N TYR A 133 17.37 -14.29 -13.67
CA TYR A 133 16.61 -15.30 -12.94
C TYR A 133 15.11 -15.33 -13.28
N TYR A 134 14.55 -14.23 -13.77
CA TYR A 134 13.12 -14.14 -14.06
C TYR A 134 12.87 -14.10 -15.56
N GLY A 135 11.61 -14.32 -15.94
CA GLY A 135 11.17 -14.08 -17.29
C GLY A 135 11.09 -12.58 -17.58
N PRO A 136 10.55 -12.23 -18.76
CA PRO A 136 10.50 -10.80 -19.15
C PRO A 136 9.60 -9.90 -18.30
N GLU A 137 8.33 -10.26 -18.07
CA GLU A 137 7.50 -9.41 -17.21
C GLU A 137 7.94 -9.50 -15.75
N ASP A 138 8.11 -10.72 -15.23
CA ASP A 138 8.59 -10.89 -13.85
C ASP A 138 9.84 -10.04 -13.58
N ALA A 139 10.80 -10.04 -14.51
CA ALA A 139 12.02 -9.26 -14.30
C ALA A 139 11.70 -7.78 -14.14
N GLU A 140 10.76 -7.26 -14.93
CA GLU A 140 10.36 -5.87 -14.81
C GLU A 140 9.80 -5.56 -13.43
N VAL A 141 8.89 -6.41 -12.97
CA VAL A 141 8.22 -6.17 -11.68
C VAL A 141 9.24 -6.22 -10.55
N ALA A 142 10.12 -7.22 -10.57
CA ALA A 142 11.12 -7.33 -9.52
C ALA A 142 12.08 -6.14 -9.56
N TYR A 143 12.54 -5.75 -10.75
CA TYR A 143 13.47 -4.62 -10.84
C TYR A 143 12.83 -3.32 -10.35
N GLU A 144 11.62 -3.04 -10.78
CA GLU A 144 10.98 -1.80 -10.31
C GLU A 144 10.83 -1.79 -8.79
N ALA A 145 10.43 -2.93 -8.22
CA ALA A 145 10.31 -3.00 -6.77
C ALA A 145 11.66 -2.79 -6.07
N ALA A 146 12.74 -3.41 -6.60
CA ALA A 146 14.07 -3.21 -6.03
C ALA A 146 14.52 -1.75 -6.18
N ARG A 147 14.34 -1.20 -7.39
CA ARG A 147 14.65 0.20 -7.65
C ARG A 147 13.91 1.13 -6.70
N ALA A 148 12.60 0.93 -6.55
CA ALA A 148 11.83 1.78 -5.65
C ALA A 148 12.30 1.64 -4.20
N PHE A 149 12.70 0.42 -3.79
CA PHE A 149 13.15 0.26 -2.41
C PHE A 149 14.46 1.00 -2.15
N VAL A 150 15.51 0.76 -2.96
CA VAL A 150 16.78 1.40 -2.66
C VAL A 150 16.66 2.91 -2.78
N THR A 151 15.83 3.37 -3.70
CA THR A 151 15.58 4.81 -3.82
C THR A 151 14.90 5.35 -2.57
N SER A 152 13.92 4.61 -2.04
CA SER A 152 13.25 5.02 -0.81
C SER A 152 14.22 5.05 0.36
N ASP A 153 15.00 3.97 0.55
CA ASP A 153 15.96 3.95 1.66
C ASP A 153 16.91 5.14 1.55
N HIS A 154 17.34 5.47 0.32
CA HIS A 154 18.25 6.59 0.15
C HIS A 154 17.57 7.91 0.45
N MET A 155 16.42 8.16 -0.20
CA MET A 155 15.86 9.49 -0.14
C MET A 155 15.25 9.81 1.22
N PHE A 156 15.00 8.79 2.05
CA PHE A 156 14.44 9.10 3.36
C PHE A 156 15.48 9.21 4.47
N ARG A 157 16.77 9.06 4.16
CA ARG A 157 17.80 9.32 5.16
C ARG A 157 17.74 10.81 5.56
N ASP A 158 17.53 11.08 6.83
CA ASP A 158 17.31 12.46 7.31
C ASP A 158 16.27 13.25 6.49
N SER A 159 15.23 12.56 5.98
CA SER A 159 14.13 13.31 5.37
C SER A 159 13.17 13.82 6.46
N PRO A 160 12.65 15.06 6.35
CA PRO A 160 11.54 15.45 7.23
C PRO A 160 10.34 14.50 7.20
N ILE A 161 10.01 13.89 6.06
CA ILE A 161 8.85 13.00 5.99
C ILE A 161 9.05 11.84 6.96
N LYS A 162 10.22 11.21 6.89
CA LYS A 162 10.50 10.12 7.83
C LYS A 162 10.41 10.61 9.26
N ALA A 163 11.00 11.78 9.55
CA ALA A 163 10.89 12.34 10.89
C ALA A 163 9.44 12.33 11.35
N ALA A 164 8.53 12.90 10.55
CA ALA A 164 7.15 13.04 10.98
C ALA A 164 6.45 11.68 11.12
N LEU A 165 6.60 10.80 10.11
CA LEU A 165 5.85 9.54 10.11
C LEU A 165 6.29 8.61 11.25
N CYS A 166 7.56 8.62 11.60
CA CYS A 166 8.03 7.76 12.69
C CYS A 166 7.94 8.42 14.06
N THR A 167 7.36 9.61 14.18
CA THR A 167 7.25 10.24 15.48
C THR A 167 5.84 10.75 15.79
N THR A 168 4.81 10.25 15.11
CA THR A 168 3.47 10.81 15.29
C THR A 168 2.45 9.79 15.75
N SER A 169 2.52 8.54 15.28
CA SER A 169 1.63 7.49 15.76
C SER A 169 2.08 6.15 15.18
N PRO A 170 1.69 5.02 15.79
CA PRO A 170 1.99 3.73 15.15
C PRO A 170 1.38 3.62 13.75
N GLU A 171 0.21 4.24 13.57
CA GLU A 171 -0.48 4.24 12.28
C GLU A 171 0.40 4.83 11.18
N GLN A 172 0.88 6.07 11.38
CA GLN A 172 1.75 6.71 10.39
C GLN A 172 3.02 5.91 10.17
N TYR A 173 3.56 5.36 11.26
CA TYR A 173 4.83 4.65 11.19
C TYR A 173 4.72 3.40 10.32
N PHE A 174 3.72 2.57 10.58
CA PHE A 174 3.57 1.33 9.81
C PHE A 174 3.27 1.62 8.34
N ARG A 175 2.60 2.74 8.06
CA ARG A 175 2.39 3.16 6.68
C ARG A 175 3.71 3.42 5.95
N PHE A 176 4.67 4.03 6.62
CA PHE A 176 6.00 4.21 6.05
C PHE A 176 6.71 2.87 5.84
N ARG A 177 6.51 1.94 6.78
CA ARG A 177 7.25 0.69 6.74
C ARG A 177 6.76 -0.29 5.69
N VAL A 178 5.54 -0.12 5.14
CA VAL A 178 5.11 -0.97 4.02
C VAL A 178 6.18 -1.02 2.94
N THR A 179 6.78 0.13 2.64
CA THR A 179 7.91 0.22 1.72
C THR A 179 9.24 0.03 2.45
N ASP A 180 9.43 0.75 3.55
CA ASP A 180 10.77 0.87 4.11
C ASP A 180 11.30 -0.45 4.68
N ILE A 181 10.45 -1.33 5.23
CA ILE A 181 11.02 -2.61 5.67
C ILE A 181 11.21 -3.56 4.50
N GLY A 182 10.88 -3.15 3.27
CA GLY A 182 11.17 -3.99 2.12
C GLY A 182 10.14 -5.03 1.79
N VAL A 183 9.03 -5.10 2.51
CA VAL A 183 8.07 -6.17 2.29
C VAL A 183 7.29 -6.02 0.99
N ASP A 184 6.96 -4.78 0.57
CA ASP A 184 6.33 -4.66 -0.75
C ASP A 184 7.24 -5.20 -1.83
N PHE A 185 8.52 -4.81 -1.78
CA PHE A 185 9.56 -5.35 -2.65
C PHE A 185 9.58 -6.88 -2.57
N TRP A 186 9.57 -7.42 -1.36
CA TRP A 186 9.64 -8.87 -1.15
C TRP A 186 8.50 -9.58 -1.87
N MET A 187 7.27 -9.10 -1.71
CA MET A 187 6.13 -9.76 -2.34
C MET A 187 6.26 -9.74 -3.86
N LYS A 188 6.68 -8.60 -4.41
CA LYS A 188 6.73 -8.41 -5.85
C LYS A 188 7.90 -9.15 -6.49
N MET A 189 8.89 -9.57 -5.69
CA MET A 189 9.92 -10.45 -6.25
C MET A 189 9.70 -11.91 -5.91
N SER A 190 8.80 -12.20 -4.97
CA SER A 190 8.55 -13.56 -4.52
C SER A 190 7.38 -14.24 -5.22
N TYR A 191 6.43 -13.49 -5.80
CA TYR A 191 5.33 -14.17 -6.46
C TYR A 191 5.79 -15.16 -7.53
N PRO A 192 6.87 -14.94 -8.29
CA PRO A 192 7.26 -15.96 -9.28
C PRO A 192 7.75 -17.25 -8.64
N ILE A 193 8.09 -17.25 -7.36
CA ILE A 193 8.47 -18.48 -6.69
C ILE A 193 7.29 -19.46 -6.68
N TYR A 194 6.08 -18.92 -6.56
CA TYR A 194 4.89 -19.73 -6.30
C TYR A 194 4.00 -19.92 -7.51
N ARG A 195 4.02 -18.99 -8.47
CA ARG A 195 3.17 -19.07 -9.66
C ARG A 195 1.72 -19.37 -9.29
N HIS A 196 1.24 -18.69 -8.27
CA HIS A 196 -0.10 -18.88 -7.74
C HIS A 196 -0.93 -17.64 -8.08
N PRO A 197 -1.93 -17.74 -8.95
CA PRO A 197 -2.61 -16.52 -9.45
C PRO A 197 -3.11 -15.59 -8.36
N GLU A 198 -3.77 -16.13 -7.33
CA GLU A 198 -4.26 -15.31 -6.24
C GLU A 198 -3.14 -14.53 -5.60
N PHE A 199 -2.05 -15.22 -5.26
CA PHE A 199 -0.94 -14.56 -4.57
C PHE A 199 -0.32 -13.47 -5.45
N THR A 200 -0.18 -13.74 -6.75
CA THR A 200 0.41 -12.76 -7.65
C THR A 200 -0.37 -11.45 -7.67
N GLU A 201 -1.70 -11.53 -7.67
CA GLU A 201 -2.49 -10.30 -7.64
C GLU A 201 -2.35 -9.56 -6.31
N HIS A 202 -2.40 -10.28 -5.19
CA HIS A 202 -2.25 -9.60 -3.90
C HIS A 202 -0.87 -8.96 -3.78
N ALA A 203 0.14 -9.61 -4.36
CA ALA A 203 1.48 -9.02 -4.40
C ALA A 203 1.49 -7.74 -5.21
N LYS A 204 0.81 -7.74 -6.36
CA LYS A 204 0.89 -6.58 -7.24
C LYS A 204 0.02 -5.42 -6.78
N THR A 205 -1.07 -5.69 -6.05
CA THR A 205 -1.85 -4.62 -5.43
C THR A 205 -1.20 -4.09 -4.16
N SER A 206 -0.20 -4.80 -3.63
CA SER A 206 0.45 -4.53 -2.36
C SER A 206 -0.44 -4.85 -1.17
N LEU A 207 -1.62 -5.40 -1.38
CA LEU A 207 -2.39 -5.91 -0.25
C LEU A 207 -1.58 -6.96 0.53
N ALA A 208 -0.83 -7.82 -0.17
CA ALA A 208 0.04 -8.80 0.48
C ALA A 208 0.99 -8.11 1.46
N ALA A 209 1.65 -7.04 1.00
CA ALA A 209 2.55 -6.32 1.88
C ALA A 209 1.80 -5.63 3.01
N ARG A 210 0.64 -5.02 2.72
CA ARG A 210 -0.10 -4.32 3.76
C ARG A 210 -0.56 -5.28 4.85
N MET A 211 -0.81 -6.55 4.49
CA MET A 211 -1.26 -7.53 5.47
C MET A 211 -0.14 -7.99 6.41
N THR A 212 1.12 -7.94 5.96
CA THR A 212 2.23 -8.55 6.69
C THR A 212 3.19 -7.53 7.30
N THR A 213 3.00 -6.23 7.02
CA THR A 213 3.93 -5.20 7.47
C THR A 213 4.06 -5.18 8.99
N ARG A 214 2.94 -5.18 9.72
CA ARG A 214 3.05 -4.99 11.16
C ARG A 214 3.72 -6.19 11.81
N GLY A 215 3.41 -7.39 11.34
CA GLY A 215 4.03 -8.57 11.93
C GLY A 215 5.54 -8.57 11.77
N LEU A 216 6.02 -8.26 10.57
CA LEU A 216 7.46 -8.19 10.35
C LEU A 216 8.07 -7.06 11.15
N THR A 217 7.42 -5.89 11.13
CA THR A 217 8.04 -4.69 11.67
C THR A 217 8.13 -4.73 13.18
N ILE A 218 7.07 -5.16 13.86
CA ILE A 218 7.09 -5.17 15.31
C ILE A 218 8.22 -6.06 15.81
N VAL A 219 8.36 -7.23 15.19
CA VAL A 219 9.44 -8.16 15.56
C VAL A 219 10.80 -7.55 15.24
N ASN A 220 10.97 -7.04 14.01
CA ASN A 220 12.25 -6.45 13.67
C ASN A 220 12.61 -5.31 14.61
N ASP A 221 11.62 -4.44 14.91
CA ASP A 221 11.87 -3.28 15.76
C ASP A 221 12.27 -3.69 17.17
N PHE A 222 11.61 -4.69 17.73
CA PHE A 222 11.98 -5.05 19.09
C PHE A 222 13.45 -5.45 19.16
N TYR A 223 13.89 -6.31 18.25
CA TYR A 223 15.22 -6.89 18.39
C TYR A 223 16.32 -6.02 17.76
N SER A 224 15.98 -5.02 16.94
CA SER A 224 16.98 -4.11 16.41
C SER A 224 16.99 -2.77 17.11
N TYR A 225 16.15 -2.60 18.14
CA TYR A 225 16.04 -1.33 18.84
C TYR A 225 17.38 -0.87 19.38
N ASP A 226 18.10 -1.74 20.09
CA ASP A 226 19.35 -1.33 20.72
C ASP A 226 20.34 -0.81 19.68
N ARG A 227 20.50 -1.53 18.56
CA ARG A 227 21.40 -1.06 17.50
C ARG A 227 20.93 0.27 16.91
N GLU A 228 19.63 0.38 16.69
CA GLU A 228 19.14 1.57 16.00
C GLU A 228 19.22 2.80 16.89
N VAL A 229 18.84 2.66 18.16
CA VAL A 229 19.02 3.76 19.12
C VAL A 229 20.47 4.19 19.19
N SER A 230 21.40 3.23 19.28
CA SER A 230 22.81 3.57 19.38
C SER A 230 23.28 4.44 18.22
N LEU A 231 22.75 4.21 17.02
CA LEU A 231 23.21 4.89 15.83
C LEU A 231 22.42 6.17 15.55
N GLY A 232 21.51 6.56 16.45
CA GLY A 232 20.61 7.67 16.20
C GLY A 232 19.54 7.41 15.16
N GLN A 233 19.28 6.15 14.80
CA GLN A 233 18.21 5.83 13.88
C GLN A 233 16.86 5.97 14.59
N ILE A 234 15.82 6.42 13.85
CA ILE A 234 14.51 6.69 14.43
C ILE A 234 13.41 5.79 13.88
N THR A 235 13.71 4.96 12.88
CA THR A 235 12.68 4.13 12.27
C THR A 235 12.48 2.88 13.13
N ASN A 236 11.70 3.04 14.20
CA ASN A 236 11.48 1.96 15.17
C ASN A 236 10.30 2.32 16.05
N CYS A 237 9.26 1.47 16.05
CA CYS A 237 8.04 1.85 16.75
C CYS A 237 8.19 1.91 18.27
N PHE A 238 9.17 1.20 18.86
CA PHE A 238 9.28 1.28 20.32
C PHE A 238 9.84 2.64 20.77
N ARG A 239 10.32 3.46 19.85
CA ARG A 239 10.66 4.83 20.19
C ARG A 239 9.42 5.69 20.38
N LEU A 240 8.23 5.18 20.09
CA LEU A 240 6.98 5.87 20.40
C LEU A 240 6.62 5.82 21.86
N CYS A 241 6.99 4.74 22.55
CA CYS A 241 6.63 4.53 23.93
C CYS A 241 7.71 5.15 24.80
N ASP A 242 7.99 4.49 25.90
CA ASP A 242 9.02 4.86 26.87
C ASP A 242 9.57 3.55 27.41
N VAL A 243 10.66 3.03 26.82
CA VAL A 243 11.09 1.71 27.26
C VAL A 243 11.71 1.75 28.66
N SER A 244 11.93 2.94 29.22
CA SER A 244 12.38 3.09 30.61
C SER A 244 11.29 2.81 31.61
N ASP A 245 10.06 2.69 31.17
CA ASP A 245 8.89 2.73 32.03
C ASP A 245 8.20 1.38 31.83
N GLU A 246 8.37 0.49 32.80
CA GLU A 246 7.95 -0.89 32.60
C GLU A 246 6.46 -0.97 32.32
N THR A 247 5.67 -0.13 33.01
CA THR A 247 4.24 -0.19 32.81
C THR A 247 3.85 0.27 31.41
N ALA A 248 4.36 1.42 30.97
CA ALA A 248 4.02 1.92 29.65
C ALA A 248 4.56 0.99 28.57
N PHE A 249 5.70 0.33 28.82
CA PHE A 249 6.21 -0.59 27.82
C PHE A 249 5.24 -1.76 27.62
N LYS A 250 4.77 -2.35 28.73
CA LYS A 250 3.91 -3.53 28.63
C LYS A 250 2.62 -3.21 27.91
N GLU A 251 2.05 -2.05 28.19
CA GLU A 251 0.82 -1.67 27.50
C GLU A 251 1.09 -1.47 26.01
N PHE A 252 2.21 -0.84 25.68
CA PHE A 252 2.53 -0.64 24.27
C PHE A 252 2.79 -1.98 23.59
N PHE A 253 3.57 -2.83 24.25
CA PHE A 253 3.90 -4.13 23.66
C PHE A 253 2.64 -4.97 23.47
N GLN A 254 1.71 -4.93 24.44
CA GLN A 254 0.46 -5.66 24.26
C GLN A 254 -0.35 -5.11 23.09
N ALA A 255 -0.40 -3.77 22.94
CA ALA A 255 -1.12 -3.21 21.80
C ALA A 255 -0.49 -3.68 20.49
N ARG A 256 0.84 -3.83 20.47
CA ARG A 256 1.50 -4.31 19.26
C ARG A 256 1.19 -5.78 19.03
N LEU A 257 1.23 -6.61 20.10
CA LEU A 257 0.81 -8.00 19.93
C LEU A 257 -0.61 -8.08 19.39
N ASP A 258 -1.50 -7.24 19.91
CA ASP A 258 -2.88 -7.25 19.43
C ASP A 258 -2.95 -6.93 17.94
N ASP A 259 -2.12 -5.98 17.48
CA ASP A 259 -2.05 -5.66 16.04
C ASP A 259 -1.66 -6.91 15.24
N MET A 260 -0.60 -7.60 15.70
CA MET A 260 -0.16 -8.80 14.98
C MET A 260 -1.27 -9.84 14.92
N ILE A 261 -1.95 -10.04 16.04
CA ILE A 261 -3.00 -11.06 16.09
C ILE A 261 -4.12 -10.72 15.12
N GLU A 262 -4.52 -9.45 15.10
CA GLU A 262 -5.60 -9.07 14.20
C GLU A 262 -5.23 -9.29 12.74
N ASP A 263 -4.02 -8.88 12.34
CA ASP A 263 -3.57 -9.15 10.98
C ASP A 263 -3.57 -10.66 10.69
N ILE A 264 -3.06 -11.46 11.63
CA ILE A 264 -2.97 -12.90 11.37
C ILE A 264 -4.36 -13.51 11.24
N GLU A 265 -5.28 -13.14 12.13
CA GLU A 265 -6.62 -13.71 12.04
C GLU A 265 -7.29 -13.30 10.72
N CYS A 266 -7.03 -12.07 10.24
CA CYS A 266 -7.60 -11.66 8.96
C CYS A 266 -6.87 -12.33 7.78
N ILE A 267 -5.57 -12.63 7.91
CA ILE A 267 -4.88 -13.36 6.85
C ILE A 267 -5.52 -14.73 6.62
N LYS A 268 -6.12 -15.33 7.65
CA LYS A 268 -6.78 -16.64 7.54
C LYS A 268 -8.04 -16.62 6.69
N ALA A 269 -8.49 -15.44 6.25
CA ALA A 269 -9.57 -15.36 5.27
C ALA A 269 -9.07 -15.55 3.85
N PHE A 270 -7.77 -15.36 3.61
CA PHE A 270 -7.26 -15.54 2.28
C PHE A 270 -7.25 -17.04 1.92
N ASP A 271 -7.08 -17.34 0.65
CA ASP A 271 -7.02 -18.73 0.21
C ASP A 271 -5.85 -19.43 0.90
N GLN A 272 -5.98 -20.76 1.05
CA GLN A 272 -5.08 -21.50 1.95
C GLN A 272 -3.62 -21.51 1.49
N LEU A 273 -3.35 -21.33 0.19
CA LEU A 273 -1.97 -21.21 -0.24
C LEU A 273 -1.40 -19.84 0.10
N THR A 274 -2.15 -18.79 -0.22
CA THR A 274 -1.69 -17.43 0.06
C THR A 274 -1.47 -17.22 1.55
N GLN A 275 -2.40 -17.69 2.37
CA GLN A 275 -2.27 -17.47 3.79
C GLN A 275 -1.07 -18.24 4.34
N ASP A 276 -0.75 -19.40 3.74
CA ASP A 276 0.48 -20.09 4.14
C ASP A 276 1.70 -19.20 3.91
N VAL A 277 1.79 -18.58 2.73
CA VAL A 277 2.92 -17.73 2.41
C VAL A 277 2.99 -16.52 3.35
N PHE A 278 1.85 -15.86 3.59
CA PHE A 278 1.86 -14.71 4.50
C PHE A 278 2.34 -15.09 5.90
N LEU A 279 1.81 -16.18 6.43
CA LEU A 279 2.09 -16.57 7.81
C LEU A 279 3.51 -17.13 7.97
N ASP A 280 3.98 -17.92 7.01
CA ASP A 280 5.37 -18.37 7.08
C ASP A 280 6.32 -17.18 7.00
N LEU A 281 5.92 -16.13 6.28
CA LEU A 281 6.74 -14.94 6.22
C LEU A 281 6.87 -14.27 7.59
N ILE A 282 5.74 -14.05 8.28
CA ILE A 282 5.80 -13.36 9.56
C ILE A 282 6.49 -14.24 10.61
N TYR A 283 6.10 -15.51 10.67
CA TYR A 283 6.64 -16.39 11.70
C TYR A 283 8.09 -16.76 11.39
N GLY A 284 8.40 -17.03 10.13
CA GLY A 284 9.78 -17.27 9.75
C GLY A 284 10.69 -16.09 10.05
N ASN A 285 10.18 -14.86 9.82
CA ASN A 285 11.00 -13.70 10.17
C ASN A 285 11.32 -13.68 11.66
N PHE A 286 10.36 -14.08 12.49
CA PHE A 286 10.60 -14.16 13.93
C PHE A 286 11.68 -15.21 14.25
N VAL A 287 11.56 -16.40 13.66
CA VAL A 287 12.53 -17.46 13.96
C VAL A 287 13.93 -17.00 13.56
N TRP A 288 14.05 -16.43 12.36
CA TRP A 288 15.33 -15.96 11.86
C TRP A 288 15.89 -14.83 12.73
N THR A 289 15.06 -13.85 13.08
CA THR A 289 15.50 -12.69 13.87
C THR A 289 16.11 -13.13 15.21
N THR A 290 15.47 -14.08 15.89
CA THR A 290 15.98 -14.53 17.19
C THR A 290 17.13 -15.52 17.06
N SER A 291 17.48 -15.94 15.86
CA SER A 291 18.60 -16.84 15.60
C SER A 291 19.86 -16.10 15.18
N ASN A 292 19.73 -14.85 14.76
CA ASN A 292 20.71 -14.14 13.96
C ASN A 292 21.51 -13.16 14.82
N LYS A 293 22.85 -13.27 14.78
CA LYS A 293 23.73 -12.37 15.51
C LYS A 293 23.45 -10.90 15.20
N ARG A 294 23.00 -10.62 13.98
CA ARG A 294 22.63 -9.27 13.58
C ARG A 294 21.73 -8.61 14.61
N TYR A 295 20.85 -9.38 15.23
CA TYR A 295 19.86 -8.85 16.16
C TYR A 295 20.21 -9.17 17.60
N LYS A 296 21.47 -9.45 17.86
CA LYS A 296 21.94 -9.81 19.20
C LYS A 296 22.90 -8.78 19.78
N THR A 297 23.45 -7.89 18.96
CA THR A 297 24.25 -6.80 19.48
C THR A 297 24.03 -5.55 18.63
N ALA A 298 24.45 -4.41 19.19
CA ALA A 298 24.16 -3.13 18.56
C ALA A 298 25.16 -2.82 17.44
N VAL A 299 26.42 -3.13 17.68
CA VAL A 299 27.46 -3.11 16.66
C VAL A 299 28.24 -4.41 16.80
N ASN A 300 28.21 -5.24 15.76
CA ASN A 300 29.05 -6.44 15.68
C ASN A 300 29.41 -6.63 14.20
N ASP A 301 30.12 -7.73 13.89
CA ASP A 301 30.75 -7.82 12.56
C ASP A 301 29.75 -8.01 11.43
N VAL A 302 28.49 -8.33 11.75
CA VAL A 302 27.46 -8.57 10.74
C VAL A 302 26.41 -7.47 10.69
N ASN A 303 26.35 -6.58 11.69
CA ASN A 303 25.40 -5.47 11.62
C ASN A 303 26.05 -4.10 11.67
N SER A 304 27.38 -4.02 11.66
CA SER A 304 28.04 -2.73 11.75
C SER A 304 27.73 -1.90 10.52
N ARG A 305 27.56 -0.61 10.71
CA ARG A 305 27.48 0.28 9.57
C ARG A 305 28.69 0.05 8.67
N ILE A 306 28.47 0.07 7.36
CA ILE A 306 29.58 0.09 6.41
C ILE A 306 29.70 1.55 5.97
N GLN A 307 30.77 2.21 6.38
CA GLN A 307 30.80 3.67 6.21
C GLN A 307 31.75 4.14 5.11
N GLY B 9 -35.68 -8.48 3.19
CA GLY B 9 -34.80 -7.34 3.39
C GLY B 9 -34.29 -7.32 4.81
N ALA B 10 -33.41 -8.28 5.13
CA ALA B 10 -32.87 -8.39 6.47
C ALA B 10 -31.89 -7.28 6.77
N GLN B 11 -32.38 -6.05 6.79
CA GLN B 11 -31.57 -4.90 7.11
C GLN B 11 -32.10 -4.31 8.40
N ASP B 12 -31.54 -3.17 8.77
CA ASP B 12 -32.04 -2.44 9.93
C ASP B 12 -32.30 -1.00 9.49
N ILE B 13 -33.60 -0.65 9.43
CA ILE B 13 -33.98 0.62 8.82
C ILE B 13 -33.42 1.81 9.60
N GLY B 14 -33.25 1.66 10.92
CA GLY B 14 -32.51 2.66 11.66
C GLY B 14 -31.07 2.83 11.17
N ARG B 15 -30.40 1.73 10.88
CA ARG B 15 -29.07 1.76 10.30
C ARG B 15 -29.09 1.92 8.78
N SER B 16 -30.26 2.15 8.18
CA SER B 16 -30.44 2.24 6.75
C SER B 16 -29.78 3.48 6.14
N SER B 17 -29.47 4.50 6.92
CA SER B 17 -29.30 5.82 6.32
C SER B 17 -28.52 6.76 7.22
N VAL B 18 -27.59 7.51 6.63
CA VAL B 18 -26.96 8.60 7.36
C VAL B 18 -27.64 9.93 7.07
N ARG B 19 -28.82 9.92 6.43
CA ARG B 19 -29.59 11.15 6.22
C ARG B 19 -29.73 12.01 7.46
N PRO B 20 -29.99 11.46 8.66
CA PRO B 20 -30.10 12.33 9.85
C PRO B 20 -28.87 13.18 10.11
N TYR B 21 -27.68 12.74 9.72
CA TYR B 21 -26.44 13.41 10.05
C TYR B 21 -25.90 14.26 8.92
N LEU B 22 -26.65 14.37 7.83
CA LEU B 22 -26.11 14.91 6.59
C LEU B 22 -25.62 16.34 6.75
N GLU B 23 -26.43 17.21 7.36
CA GLU B 23 -26.02 18.61 7.45
C GLU B 23 -24.87 18.80 8.43
N GLU B 24 -24.94 18.21 9.61
CA GLU B 24 -23.90 18.46 10.60
C GLU B 24 -22.57 17.85 10.16
N CYS B 25 -22.59 16.66 9.55
CA CYS B 25 -21.33 16.07 9.09
C CYS B 25 -20.71 16.86 7.94
N THR B 26 -21.53 17.33 7.00
CA THR B 26 -21.01 18.17 5.93
C THR B 26 -20.32 19.40 6.51
N ARG B 27 -21.02 20.10 7.40
CA ARG B 27 -20.44 21.26 8.09
C ARG B 27 -19.13 20.90 8.79
N ARG B 28 -19.10 19.74 9.46
CA ARG B 28 -17.91 19.36 10.22
C ARG B 28 -16.73 19.03 9.29
N PHE B 29 -17.00 18.30 8.20
CA PHE B 29 -15.97 18.09 7.18
C PHE B 29 -15.39 19.41 6.71
N GLN B 30 -16.27 20.33 6.31
CA GLN B 30 -15.80 21.62 5.80
C GLN B 30 -14.98 22.37 6.83
N GLU B 31 -15.43 22.38 8.10
CA GLU B 31 -14.69 23.07 9.14
C GLU B 31 -13.30 22.49 9.26
N MET B 32 -13.21 21.15 9.22
CA MET B 32 -11.91 20.49 9.30
C MET B 32 -11.00 20.96 8.18
N PHE B 33 -11.49 20.92 6.93
CA PHE B 33 -10.69 21.39 5.81
C PHE B 33 -10.26 22.83 5.98
N ASP B 34 -11.17 23.68 6.49
CA ASP B 34 -10.85 25.09 6.63
C ASP B 34 -9.74 25.31 7.65
N ARG B 35 -9.74 24.51 8.73
CA ARG B 35 -8.72 24.65 9.75
C ARG B 35 -7.38 24.04 9.32
N HIS B 36 -7.40 22.93 8.58
CA HIS B 36 -6.18 22.17 8.33
C HIS B 36 -5.66 22.23 6.91
N VAL B 37 -6.40 22.80 5.96
CA VAL B 37 -5.93 22.96 4.59
C VAL B 37 -6.01 24.42 4.15
N VAL B 38 -7.01 25.16 4.64
CA VAL B 38 -7.07 26.62 4.57
C VAL B 38 -7.37 27.05 3.13
N THR B 39 -6.55 26.60 2.18
CA THR B 39 -6.68 26.99 0.79
C THR B 39 -7.40 25.93 -0.04
N ARG B 40 -7.86 26.36 -1.21
CA ARG B 40 -9.03 25.76 -1.81
C ARG B 40 -8.70 25.01 -3.09
N PRO B 41 -9.33 23.86 -3.30
CA PRO B 41 -9.33 23.23 -4.62
C PRO B 41 -9.66 24.24 -5.71
N THR B 42 -9.02 24.05 -6.86
CA THR B 42 -9.26 24.83 -8.05
C THR B 42 -9.70 23.85 -9.14
N LYS B 43 -10.79 24.14 -9.83
CA LYS B 43 -11.23 23.21 -10.84
C LYS B 43 -10.44 23.43 -12.13
N VAL B 44 -9.87 22.35 -12.68
CA VAL B 44 -9.31 22.40 -14.03
C VAL B 44 -10.45 22.61 -15.02
N GLU B 45 -10.24 23.50 -15.99
CA GLU B 45 -11.22 23.69 -17.06
C GLU B 45 -10.77 22.88 -18.28
N LEU B 46 -11.69 22.13 -18.86
CA LEU B 46 -11.51 21.62 -20.20
C LEU B 46 -12.42 22.42 -21.11
N THR B 47 -12.01 22.62 -22.36
CA THR B 47 -13.04 23.11 -23.25
C THR B 47 -13.96 21.97 -23.62
N ASP B 48 -15.21 22.32 -23.96
CA ASP B 48 -16.23 21.30 -24.19
C ASP B 48 -15.89 20.44 -25.40
N ALA B 49 -14.66 20.53 -25.92
CA ALA B 49 -14.21 19.66 -27.00
C ALA B 49 -13.07 18.75 -26.55
N GLU B 50 -12.09 19.28 -25.82
CA GLU B 50 -11.20 18.41 -25.06
C GLU B 50 -12.01 17.39 -24.28
N LEU B 51 -13.08 17.86 -23.66
CA LEU B 51 -14.10 16.99 -23.08
C LEU B 51 -14.60 15.97 -24.09
N ARG B 52 -14.95 16.42 -25.30
CA ARG B 52 -15.51 15.48 -26.27
C ARG B 52 -14.45 14.50 -26.74
N GLU B 53 -13.18 14.89 -26.74
CA GLU B 53 -12.11 13.92 -27.00
C GLU B 53 -11.95 12.94 -25.85
N VAL B 54 -12.20 13.40 -24.63
CA VAL B 54 -12.13 12.50 -23.48
C VAL B 54 -13.29 11.52 -23.51
N ILE B 55 -14.49 12.02 -23.82
CA ILE B 55 -15.69 11.19 -23.68
C ILE B 55 -15.85 10.22 -24.85
N ASP B 56 -15.42 10.61 -26.06
CA ASP B 56 -15.48 9.65 -27.15
C ASP B 56 -14.56 8.45 -26.87
N ASP B 57 -13.39 8.69 -26.27
CA ASP B 57 -12.53 7.58 -25.85
C ASP B 57 -13.16 6.74 -24.74
N CYS B 58 -13.87 7.40 -23.81
CA CYS B 58 -14.63 6.66 -22.81
C CYS B 58 -15.65 5.73 -23.46
N ASN B 59 -16.41 6.26 -24.42
CA ASN B 59 -17.40 5.43 -25.12
C ASN B 59 -16.72 4.32 -25.89
N ALA B 60 -15.63 4.63 -26.59
CA ALA B 60 -14.91 3.60 -27.33
C ALA B 60 -14.48 2.47 -26.42
N ALA B 61 -14.04 2.81 -25.21
CA ALA B 61 -13.42 1.81 -24.35
C ALA B 61 -14.43 0.91 -23.68
N VAL B 62 -15.64 1.42 -23.42
CA VAL B 62 -16.65 0.59 -22.77
C VAL B 62 -17.64 0.00 -23.75
N ALA B 63 -17.59 0.40 -25.02
CA ALA B 63 -18.39 -0.23 -26.07
C ALA B 63 -18.32 -1.76 -26.07
N PRO B 64 -17.15 -2.41 -26.06
CA PRO B 64 -17.14 -3.88 -26.14
C PRO B 64 -17.90 -4.57 -24.99
N LEU B 65 -18.17 -3.88 -23.88
CA LEU B 65 -18.88 -4.52 -22.77
C LEU B 65 -20.40 -4.40 -22.87
N GLY B 66 -20.92 -3.69 -23.87
CA GLY B 66 -22.33 -3.70 -24.20
C GLY B 66 -23.22 -2.75 -23.43
N LYS B 67 -22.66 -1.75 -22.76
CA LYS B 67 -23.44 -0.90 -21.88
C LYS B 67 -23.24 0.56 -22.28
N THR B 68 -24.33 1.21 -22.66
CA THR B 68 -24.27 2.58 -23.14
C THR B 68 -24.35 3.55 -21.98
N VAL B 69 -23.48 4.56 -22.00
CA VAL B 69 -23.35 5.52 -20.91
C VAL B 69 -23.66 6.93 -21.43
N SER B 70 -24.54 7.64 -20.73
CA SER B 70 -24.91 8.99 -21.14
C SER B 70 -23.80 9.99 -20.83
N ASP B 71 -23.80 11.11 -21.56
CA ASP B 71 -22.83 12.17 -21.30
C ASP B 71 -22.97 12.71 -19.88
N GLU B 72 -24.18 12.74 -19.35
CA GLU B 72 -24.37 13.23 -17.99
C GLU B 72 -23.74 12.28 -16.97
N ARG B 73 -23.83 10.97 -17.23
CA ARG B 73 -23.17 10.00 -16.35
C ARG B 73 -21.66 10.15 -16.44
N TRP B 74 -21.13 10.26 -17.68
CA TRP B 74 -19.70 10.49 -17.85
C TRP B 74 -19.24 11.72 -17.08
N ILE B 75 -19.96 12.84 -17.23
CA ILE B 75 -19.53 14.08 -16.61
C ILE B 75 -19.59 13.97 -15.09
N SER B 76 -20.49 13.13 -14.58
CA SER B 76 -20.54 12.86 -13.14
C SER B 76 -19.31 12.08 -12.68
N TYR B 77 -18.90 11.06 -13.45
CA TYR B 77 -17.65 10.36 -13.14
C TYR B 77 -16.46 11.31 -13.23
N VAL B 78 -16.43 12.17 -14.25
CA VAL B 78 -15.19 12.86 -14.57
C VAL B 78 -14.91 14.02 -13.63
N GLY B 79 -15.94 14.53 -12.93
CA GLY B 79 -15.75 15.67 -12.04
C GLY B 79 -14.68 15.44 -10.99
N VAL B 80 -14.50 14.20 -10.53
CA VAL B 80 -13.48 13.98 -9.49
C VAL B 80 -12.11 14.36 -10.01
N VAL B 81 -11.84 14.09 -11.29
CA VAL B 81 -10.53 14.47 -11.84
C VAL B 81 -10.45 15.99 -12.00
N LEU B 82 -11.53 16.61 -12.45
CA LEU B 82 -11.49 18.06 -12.68
C LEU B 82 -11.30 18.83 -11.38
N TRP B 83 -11.84 18.32 -10.26
CA TRP B 83 -11.75 19.00 -8.98
C TRP B 83 -10.57 18.57 -8.11
N SER B 84 -10.03 17.38 -8.31
CA SER B 84 -9.12 16.82 -7.31
C SER B 84 -7.69 16.67 -7.79
N GLN B 85 -7.36 17.20 -8.97
CA GLN B 85 -5.95 17.34 -9.34
C GLN B 85 -5.48 18.69 -8.81
N SER B 86 -4.28 19.14 -9.15
CA SER B 86 -3.77 20.42 -8.66
C SER B 86 -3.39 21.28 -9.85
N PRO B 87 -4.31 22.14 -10.30
CA PRO B 87 -4.11 22.85 -11.59
C PRO B 87 -2.85 23.70 -11.65
N ARG B 88 -2.44 24.30 -10.54
CA ARG B 88 -1.27 25.18 -10.61
C ARG B 88 0.01 24.42 -10.95
N HIS B 89 0.06 23.12 -10.65
CA HIS B 89 1.26 22.32 -10.88
C HIS B 89 1.18 21.49 -12.15
N ILE B 90 0.11 21.62 -12.94
CA ILE B 90 -0.04 20.77 -14.11
C ILE B 90 0.99 21.16 -15.17
N LYS B 91 1.88 20.22 -15.49
CA LYS B 91 2.75 20.35 -16.66
C LYS B 91 2.18 19.67 -17.91
N ASP B 92 1.71 18.44 -17.80
CA ASP B 92 1.39 17.60 -18.96
C ASP B 92 -0.13 17.43 -19.03
N MET B 93 -0.77 18.11 -19.99
CA MET B 93 -2.24 18.03 -20.08
C MET B 93 -2.74 16.80 -20.84
N GLU B 94 -1.91 16.14 -21.65
CA GLU B 94 -2.35 14.88 -22.23
C GLU B 94 -2.38 13.76 -21.19
N ALA B 95 -1.46 13.79 -20.23
CA ALA B 95 -1.57 12.88 -19.08
C ALA B 95 -2.83 13.19 -18.29
N PHE B 96 -3.18 14.46 -18.16
CA PHE B 96 -4.41 14.81 -17.45
C PHE B 96 -5.63 14.19 -18.13
N LYS B 97 -5.71 14.31 -19.47
CA LYS B 97 -6.82 13.72 -20.20
C LYS B 97 -6.84 12.20 -20.08
N ALA B 98 -5.67 11.54 -20.08
CA ALA B 98 -5.62 10.10 -19.83
C ALA B 98 -6.30 9.76 -18.50
N VAL B 99 -6.02 10.54 -17.45
CA VAL B 99 -6.61 10.22 -16.15
C VAL B 99 -8.11 10.45 -16.16
N CYS B 100 -8.58 11.47 -16.89
CA CYS B 100 -10.02 11.63 -17.10
C CYS B 100 -10.63 10.36 -17.67
N VAL B 101 -10.05 9.85 -18.76
CA VAL B 101 -10.61 8.66 -19.40
C VAL B 101 -10.49 7.45 -18.48
N LEU B 102 -9.29 7.19 -17.94
CA LEU B 102 -9.08 5.98 -17.14
C LEU B 102 -9.97 5.98 -15.90
N ASN B 103 -10.03 7.11 -15.20
CA ASN B 103 -10.98 7.26 -14.10
C ASN B 103 -12.39 6.86 -14.52
N CYS B 104 -12.88 7.42 -15.63
CA CYS B 104 -14.29 7.26 -15.97
C CYS B 104 -14.62 5.82 -16.36
N VAL B 105 -13.78 5.19 -17.20
CA VAL B 105 -14.16 3.86 -17.65
C VAL B 105 -14.01 2.83 -16.53
N THR B 106 -13.08 3.04 -15.59
CA THR B 106 -13.02 2.14 -14.45
C THR B 106 -14.12 2.43 -13.42
N PHE B 107 -14.66 3.65 -13.42
CA PHE B 107 -15.88 3.93 -12.65
C PHE B 107 -17.04 3.09 -13.17
N VAL B 108 -17.19 3.01 -14.50
CA VAL B 108 -18.24 2.18 -15.09
C VAL B 108 -18.08 0.74 -14.62
N TRP B 109 -16.85 0.23 -14.68
CA TRP B 109 -16.55 -1.12 -14.20
C TRP B 109 -16.98 -1.30 -12.74
N ASP B 110 -16.75 -0.29 -11.91
CA ASP B 110 -17.16 -0.29 -10.50
C ASP B 110 -18.67 -0.43 -10.36
N ASP B 111 -19.44 0.17 -11.26
CA ASP B 111 -20.90 0.19 -11.16
C ASP B 111 -21.56 -1.02 -11.82
N MET B 112 -20.79 -1.89 -12.45
CA MET B 112 -21.35 -2.98 -13.22
C MET B 112 -21.52 -4.25 -12.39
N ASP B 113 -22.66 -4.90 -12.60
CA ASP B 113 -22.81 -6.32 -12.30
C ASP B 113 -21.53 -7.07 -12.68
N PRO B 114 -21.05 -8.00 -11.84
CA PRO B 114 -19.78 -8.66 -12.14
C PRO B 114 -19.88 -9.76 -13.17
N ALA B 115 -21.07 -10.07 -13.70
CA ALA B 115 -21.15 -10.94 -14.86
C ALA B 115 -21.09 -10.15 -16.16
N LEU B 116 -21.06 -8.82 -16.06
CA LEU B 116 -20.86 -7.91 -17.18
C LEU B 116 -19.39 -7.66 -17.48
N HIS B 117 -18.51 -8.03 -16.54
CA HIS B 117 -17.08 -7.82 -16.66
C HIS B 117 -16.53 -8.85 -17.64
N ASP B 118 -15.99 -8.39 -18.75
CA ASP B 118 -15.27 -9.29 -19.67
C ASP B 118 -13.86 -8.75 -19.85
N PHE B 119 -12.92 -9.35 -19.13
CA PHE B 119 -11.52 -8.92 -19.23
C PHE B 119 -11.01 -9.04 -20.65
N GLY B 120 -11.40 -10.10 -21.36
CA GLY B 120 -10.94 -10.29 -22.72
C GLY B 120 -11.35 -9.16 -23.64
N LEU B 121 -12.43 -8.45 -23.29
CA LEU B 121 -12.87 -7.34 -24.11
C LEU B 121 -12.41 -6.00 -23.55
N PHE B 122 -12.28 -5.89 -22.23
CA PHE B 122 -11.98 -4.60 -21.63
C PHE B 122 -10.48 -4.31 -21.54
N LEU B 123 -9.67 -5.25 -21.06
CA LEU B 123 -8.25 -4.97 -20.90
C LEU B 123 -7.59 -4.44 -22.17
N PRO B 124 -7.85 -4.97 -23.37
CA PRO B 124 -7.26 -4.36 -24.58
C PRO B 124 -7.63 -2.89 -24.78
N GLN B 125 -8.86 -2.50 -24.44
CA GLN B 125 -9.23 -1.09 -24.53
C GLN B 125 -8.44 -0.24 -23.55
N LEU B 126 -8.19 -0.76 -22.34
CA LEU B 126 -7.40 0.00 -21.37
C LEU B 126 -5.95 0.16 -21.83
N ARG B 127 -5.44 -0.81 -22.60
CA ARG B 127 -4.10 -0.64 -23.17
C ARG B 127 -4.11 0.35 -24.33
N LYS B 128 -5.19 0.38 -25.11
CA LYS B 128 -5.27 1.35 -26.20
C LYS B 128 -5.26 2.77 -25.66
N ILE B 129 -5.90 3.00 -24.50
CA ILE B 129 -5.94 4.34 -23.93
C ILE B 129 -4.57 4.73 -23.39
N CYS B 130 -3.93 3.80 -22.66
CA CYS B 130 -2.63 4.11 -22.08
C CYS B 130 -1.60 4.37 -23.18
N GLU B 131 -1.67 3.61 -24.27
CA GLU B 131 -0.74 3.84 -25.37
C GLU B 131 -1.04 5.15 -26.09
N LYS B 132 -2.28 5.63 -26.07
CA LYS B 132 -2.64 6.85 -26.81
C LYS B 132 -2.10 8.10 -26.14
N TYR B 133 -2.08 8.13 -24.81
CA TYR B 133 -1.81 9.36 -24.07
C TYR B 133 -0.50 9.36 -23.31
N TYR B 134 0.18 8.22 -23.15
CA TYR B 134 1.39 8.14 -22.33
C TYR B 134 2.61 7.66 -23.11
N GLY B 135 3.78 8.09 -22.64
CA GLY B 135 5.04 7.53 -23.06
C GLY B 135 5.13 6.04 -22.76
N PRO B 136 6.04 5.35 -23.43
CA PRO B 136 6.03 3.88 -23.36
C PRO B 136 6.07 3.34 -21.94
N GLU B 137 6.98 3.86 -21.10
CA GLU B 137 7.06 3.36 -19.74
C GLU B 137 5.86 3.78 -18.88
N ASP B 138 5.41 5.03 -19.02
CA ASP B 138 4.28 5.52 -18.23
C ASP B 138 3.00 4.77 -18.57
N ALA B 139 2.84 4.44 -19.86
CA ALA B 139 1.73 3.62 -20.30
C ALA B 139 1.77 2.25 -19.62
N GLU B 140 2.96 1.69 -19.45
CA GLU B 140 3.04 0.42 -18.77
C GLU B 140 2.70 0.54 -17.29
N VAL B 141 3.16 1.60 -16.62
CA VAL B 141 2.82 1.80 -15.21
C VAL B 141 1.33 2.08 -15.06
N ALA B 142 0.77 2.93 -15.94
CA ALA B 142 -0.66 3.25 -15.83
C ALA B 142 -1.51 2.04 -16.18
N TYR B 143 -1.15 1.29 -17.23
CA TYR B 143 -1.90 0.08 -17.56
C TYR B 143 -1.88 -0.94 -16.42
N GLU B 144 -0.70 -1.23 -15.87
CA GLU B 144 -0.64 -2.21 -14.77
C GLU B 144 -1.51 -1.77 -13.59
N ALA B 145 -1.49 -0.48 -13.28
CA ALA B 145 -2.34 -0.01 -12.18
C ALA B 145 -3.81 -0.12 -12.53
N ALA B 146 -4.19 0.20 -13.78
CA ALA B 146 -5.59 0.06 -14.19
C ALA B 146 -6.02 -1.40 -14.19
N ARG B 147 -5.18 -2.28 -14.77
CA ARG B 147 -5.44 -3.71 -14.73
C ARG B 147 -5.61 -4.21 -13.30
N ALA B 148 -4.68 -3.82 -12.42
CA ALA B 148 -4.76 -4.29 -11.04
C ALA B 148 -6.04 -3.81 -10.37
N PHE B 149 -6.45 -2.57 -10.63
CA PHE B 149 -7.69 -2.09 -10.03
C PHE B 149 -8.89 -2.89 -10.54
N VAL B 150 -9.08 -3.00 -11.85
CA VAL B 150 -10.30 -3.66 -12.32
C VAL B 150 -10.29 -5.14 -11.93
N THR B 151 -9.13 -5.79 -11.93
CA THR B 151 -9.05 -7.16 -11.45
C THR B 151 -9.43 -7.27 -9.97
N SER B 152 -8.95 -6.32 -9.15
CA SER B 152 -9.31 -6.27 -7.74
C SER B 152 -10.82 -6.08 -7.55
N ASP B 153 -11.39 -5.08 -8.23
CA ASP B 153 -12.82 -4.83 -8.07
C ASP B 153 -13.64 -6.05 -8.45
N HIS B 154 -13.18 -6.81 -9.46
CA HIS B 154 -13.92 -7.99 -9.91
C HIS B 154 -13.77 -9.16 -8.94
N MET B 155 -12.53 -9.49 -8.57
CA MET B 155 -12.30 -10.70 -7.79
C MET B 155 -12.85 -10.59 -6.38
N PHE B 156 -12.95 -9.38 -5.84
CA PHE B 156 -13.41 -9.24 -4.47
C PHE B 156 -14.92 -9.09 -4.37
N ARG B 157 -15.66 -9.17 -5.47
CA ARG B 157 -17.11 -9.00 -5.40
C ARG B 157 -17.73 -10.04 -4.49
N ASP B 158 -17.28 -11.28 -4.59
CA ASP B 158 -17.83 -12.36 -3.77
C ASP B 158 -16.76 -12.91 -2.83
N SER B 159 -16.14 -12.03 -2.07
CA SER B 159 -14.95 -12.55 -1.41
C SER B 159 -15.11 -12.57 0.11
N PRO B 160 -14.73 -13.68 0.73
CA PRO B 160 -14.53 -13.67 2.19
C PRO B 160 -13.39 -12.76 2.63
N ILE B 161 -12.41 -12.50 1.76
CA ILE B 161 -11.37 -11.57 2.14
C ILE B 161 -11.97 -10.19 2.35
N LYS B 162 -12.76 -9.74 1.39
CA LYS B 162 -13.36 -8.42 1.52
C LYS B 162 -14.29 -8.36 2.72
N ALA B 163 -15.05 -9.43 2.96
CA ALA B 163 -15.87 -9.52 4.15
C ALA B 163 -15.02 -9.40 5.42
N ALA B 164 -13.93 -10.17 5.50
CA ALA B 164 -13.13 -10.14 6.71
C ALA B 164 -12.55 -8.75 6.94
N LEU B 165 -11.92 -8.16 5.93
CA LEU B 165 -11.31 -6.87 6.13
C LEU B 165 -12.35 -5.82 6.50
N CYS B 166 -13.42 -5.71 5.72
CA CYS B 166 -14.40 -4.62 5.90
C CYS B 166 -15.28 -4.79 7.13
N THR B 167 -15.20 -5.90 7.85
CA THR B 167 -15.98 -6.11 9.07
C THR B 167 -15.15 -6.03 10.35
N THR B 168 -13.82 -6.23 10.26
CA THR B 168 -13.00 -6.34 11.45
C THR B 168 -12.84 -4.99 12.16
N SER B 169 -12.02 -4.09 11.58
CA SER B 169 -11.64 -2.84 12.23
C SER B 169 -11.44 -1.78 11.16
N PRO B 170 -11.39 -0.49 11.54
CA PRO B 170 -11.04 0.54 10.54
C PRO B 170 -9.67 0.32 9.95
N GLU B 171 -8.70 -0.14 10.77
CA GLU B 171 -7.36 -0.47 10.30
C GLU B 171 -7.39 -1.47 9.13
N GLN B 172 -8.11 -2.58 9.27
CA GLN B 172 -8.15 -3.56 8.18
C GLN B 172 -8.87 -2.98 6.96
N TYR B 173 -9.95 -2.25 7.23
CA TYR B 173 -10.78 -1.74 6.15
C TYR B 173 -9.98 -0.77 5.27
N PHE B 174 -9.32 0.21 5.87
CA PHE B 174 -8.59 1.18 5.07
C PHE B 174 -7.44 0.51 4.30
N ARG B 175 -6.89 -0.57 4.86
CA ARG B 175 -5.91 -1.37 4.14
C ARG B 175 -6.47 -1.89 2.82
N PHE B 176 -7.71 -2.41 2.84
CA PHE B 176 -8.36 -2.84 1.61
C PHE B 176 -8.54 -1.68 0.64
N ARG B 177 -8.88 -0.50 1.16
CA ARG B 177 -9.27 0.60 0.31
C ARG B 177 -8.09 1.31 -0.34
N VAL B 178 -6.87 1.09 0.13
CA VAL B 178 -5.73 1.65 -0.59
C VAL B 178 -5.81 1.29 -2.06
N THR B 179 -6.19 0.04 -2.36
CA THR B 179 -6.42 -0.40 -3.73
C THR B 179 -7.87 -0.19 -4.17
N ASP B 180 -8.82 -0.57 -3.34
CA ASP B 180 -10.19 -0.68 -3.81
C ASP B 180 -10.83 0.69 -4.09
N ILE B 181 -10.48 1.72 -3.35
CA ILE B 181 -11.06 3.01 -3.73
C ILE B 181 -10.40 3.57 -4.97
N GLY B 182 -9.33 2.96 -5.46
CA GLY B 182 -8.68 3.39 -6.68
C GLY B 182 -7.57 4.40 -6.52
N VAL B 183 -7.17 4.74 -5.29
CA VAL B 183 -6.21 5.83 -5.11
C VAL B 183 -4.80 5.43 -5.54
N ASP B 184 -4.40 4.19 -5.30
CA ASP B 184 -3.08 3.79 -5.78
C ASP B 184 -3.03 3.91 -7.30
N PHE B 185 -4.05 3.41 -7.98
CA PHE B 185 -4.20 3.56 -9.41
C PHE B 185 -4.12 5.04 -9.80
N TRP B 186 -4.92 5.87 -9.13
CA TRP B 186 -4.90 7.31 -9.35
C TRP B 186 -3.50 7.89 -9.33
N MET B 187 -2.73 7.57 -8.29
CA MET B 187 -1.39 8.16 -8.19
C MET B 187 -0.50 7.68 -9.32
N LYS B 188 -0.60 6.40 -9.67
CA LYS B 188 0.31 5.83 -10.66
C LYS B 188 -0.03 6.26 -12.08
N MET B 189 -1.23 6.77 -12.31
CA MET B 189 -1.54 7.35 -13.60
C MET B 189 -1.47 8.88 -13.62
N SER B 190 -1.44 9.53 -12.45
CA SER B 190 -1.40 10.98 -12.35
C SER B 190 0.00 11.57 -12.30
N TYR B 191 1.02 10.81 -11.86
CA TYR B 191 2.34 11.43 -11.75
C TYR B 191 2.85 12.00 -13.08
N PRO B 192 2.56 11.43 -14.26
CA PRO B 192 3.02 12.10 -15.49
C PRO B 192 2.43 13.49 -15.69
N ILE B 193 1.36 13.84 -14.98
CA ILE B 193 0.77 15.17 -15.11
C ILE B 193 1.75 16.23 -14.59
N TYR B 194 2.48 15.90 -13.53
CA TYR B 194 3.26 16.86 -12.77
C TYR B 194 4.75 16.84 -13.09
N ARG B 195 5.31 15.68 -13.48
CA ARG B 195 6.76 15.56 -13.76
C ARG B 195 7.58 16.08 -12.59
N HIS B 196 7.16 15.74 -11.38
CA HIS B 196 7.79 16.22 -10.17
C HIS B 196 8.52 15.04 -9.52
N PRO B 197 9.83 15.16 -9.26
CA PRO B 197 10.60 13.97 -8.90
C PRO B 197 10.05 13.24 -7.69
N GLU B 198 10.03 13.90 -6.52
CA GLU B 198 9.52 13.22 -5.32
C GLU B 198 8.09 12.73 -5.52
N PHE B 199 7.26 13.48 -6.24
CA PHE B 199 5.89 13.01 -6.44
C PHE B 199 5.87 11.64 -7.11
N THR B 200 6.63 11.48 -8.19
CA THR B 200 6.66 10.22 -8.92
C THR B 200 7.15 9.09 -8.04
N GLU B 201 8.12 9.35 -7.16
CA GLU B 201 8.60 8.28 -6.29
C GLU B 201 7.52 7.89 -5.27
N HIS B 202 6.86 8.88 -4.65
CA HIS B 202 5.80 8.56 -3.69
C HIS B 202 4.65 7.83 -4.35
N ALA B 203 4.39 8.14 -5.62
CA ALA B 203 3.37 7.41 -6.36
C ALA B 203 3.79 5.96 -6.56
N LYS B 204 5.04 5.75 -6.96
CA LYS B 204 5.46 4.39 -7.29
C LYS B 204 5.66 3.49 -6.06
N THR B 205 6.02 4.06 -4.91
CA THR B 205 6.07 3.26 -3.69
C THR B 205 4.69 3.02 -3.08
N SER B 206 3.66 3.74 -3.55
CA SER B 206 2.32 3.75 -3.00
C SER B 206 2.22 4.49 -1.66
N LEU B 207 3.31 5.09 -1.18
CA LEU B 207 3.18 5.96 -0.01
C LEU B 207 2.19 7.09 -0.28
N ALA B 208 2.17 7.60 -1.51
CA ALA B 208 1.20 8.65 -1.87
C ALA B 208 -0.22 8.16 -1.62
N ALA B 209 -0.54 6.97 -2.12
CA ALA B 209 -1.86 6.39 -1.89
C ALA B 209 -2.12 6.14 -0.41
N ARG B 210 -1.12 5.64 0.30
CA ARG B 210 -1.35 5.34 1.71
C ARG B 210 -1.63 6.62 2.51
N MET B 211 -1.05 7.75 2.12
CA MET B 211 -1.29 8.99 2.87
C MET B 211 -2.67 9.55 2.63
N THR B 212 -3.29 9.26 1.48
CA THR B 212 -4.53 9.92 1.10
C THR B 212 -5.75 9.02 1.19
N THR B 213 -5.54 7.72 1.45
CA THR B 213 -6.64 6.76 1.43
C THR B 213 -7.74 7.13 2.42
N ARG B 214 -7.38 7.45 3.66
CA ARG B 214 -8.44 7.68 4.65
C ARG B 214 -9.24 8.95 4.33
N GLY B 215 -8.56 10.01 3.90
CA GLY B 215 -9.25 11.25 3.59
C GLY B 215 -10.24 11.08 2.45
N LEU B 216 -9.84 10.34 1.41
CA LEU B 216 -10.77 10.04 0.32
C LEU B 216 -11.90 9.14 0.79
N THR B 217 -11.55 8.05 1.48
CA THR B 217 -12.50 7.00 1.75
C THR B 217 -13.57 7.43 2.76
N ILE B 218 -13.16 8.12 3.82
CA ILE B 218 -14.12 8.52 4.84
C ILE B 218 -15.20 9.41 4.22
N VAL B 219 -14.77 10.34 3.38
CA VAL B 219 -15.71 11.22 2.68
C VAL B 219 -16.58 10.42 1.71
N ASN B 220 -15.96 9.59 0.86
CA ASN B 220 -16.76 8.80 -0.06
C ASN B 220 -17.76 7.93 0.69
N ASP B 221 -17.31 7.26 1.76
CA ASP B 221 -18.18 6.35 2.50
C ASP B 221 -19.37 7.08 3.08
N PHE B 222 -19.15 8.28 3.63
CA PHE B 222 -20.27 8.97 4.26
C PHE B 222 -21.37 9.24 3.24
N TYR B 223 -21.00 9.78 2.09
CA TYR B 223 -22.00 10.21 1.13
C TYR B 223 -22.49 9.10 0.20
N SER B 224 -21.82 7.93 0.17
CA SER B 224 -22.32 6.81 -0.62
C SER B 224 -22.95 5.71 0.23
N TYR B 225 -23.01 5.92 1.55
CA TYR B 225 -23.55 4.91 2.46
C TYR B 225 -24.95 4.47 2.07
N ASP B 226 -25.86 5.41 1.81
CA ASP B 226 -27.24 5.03 1.59
C ASP B 226 -27.41 4.16 0.35
N ARG B 227 -26.73 4.51 -0.73
CA ARG B 227 -26.80 3.70 -1.93
C ARG B 227 -26.17 2.32 -1.68
N GLU B 228 -25.01 2.29 -1.04
CA GLU B 228 -24.31 1.03 -0.87
C GLU B 228 -25.08 0.07 0.04
N VAL B 229 -25.70 0.57 1.11
CA VAL B 229 -26.51 -0.34 1.92
C VAL B 229 -27.76 -0.77 1.14
N SER B 230 -28.30 0.12 0.30
CA SER B 230 -29.38 -0.26 -0.62
C SER B 230 -29.00 -1.46 -1.47
N LEU B 231 -27.76 -1.51 -1.96
CA LEU B 231 -27.31 -2.52 -2.91
C LEU B 231 -26.59 -3.69 -2.25
N GLY B 232 -26.65 -3.80 -0.92
CA GLY B 232 -25.96 -4.86 -0.22
C GLY B 232 -24.46 -4.82 -0.35
N GLN B 233 -23.87 -3.64 -0.48
CA GLN B 233 -22.43 -3.53 -0.62
C GLN B 233 -21.80 -3.20 0.73
N ILE B 234 -20.79 -3.99 1.13
CA ILE B 234 -20.27 -3.90 2.50
C ILE B 234 -19.02 -3.04 2.58
N THR B 235 -18.52 -2.53 1.47
CA THR B 235 -17.26 -1.78 1.50
C THR B 235 -17.54 -0.32 1.88
N ASN B 236 -17.72 -0.09 3.19
CA ASN B 236 -18.05 1.23 3.73
C ASN B 236 -17.77 1.26 5.22
N CYS B 237 -16.92 2.18 5.67
CA CYS B 237 -16.49 2.13 7.07
C CYS B 237 -17.61 2.42 8.04
N PHE B 238 -18.66 3.14 7.62
CA PHE B 238 -19.72 3.40 8.58
C PHE B 238 -20.60 2.19 8.85
N ARG B 239 -20.43 1.07 8.10
CA ARG B 239 -21.04 -0.19 8.52
C ARG B 239 -20.36 -0.75 9.78
N LEU B 240 -19.22 -0.20 10.18
CA LEU B 240 -18.50 -0.64 11.37
C LEU B 240 -19.02 -0.05 12.68
N CYS B 241 -19.83 1.01 12.64
CA CYS B 241 -20.46 1.51 13.83
C CYS B 241 -21.95 1.27 13.72
N ASP B 242 -22.69 1.68 14.74
CA ASP B 242 -24.14 1.57 14.75
C ASP B 242 -24.70 2.93 14.37
N VAL B 243 -24.95 3.15 13.09
CA VAL B 243 -25.45 4.43 12.62
C VAL B 243 -26.83 4.77 13.19
N SER B 244 -27.60 3.79 13.67
CA SER B 244 -28.91 4.09 14.26
C SER B 244 -28.81 4.67 15.66
N ASP B 245 -27.61 4.70 16.24
CA ASP B 245 -27.36 5.20 17.58
C ASP B 245 -26.55 6.48 17.41
N GLU B 246 -27.22 7.63 17.56
CA GLU B 246 -26.56 8.91 17.29
C GLU B 246 -25.27 9.04 18.07
N THR B 247 -25.27 8.65 19.34
CA THR B 247 -24.10 8.82 20.17
C THR B 247 -22.97 7.89 19.74
N ALA B 248 -23.30 6.66 19.35
CA ALA B 248 -22.29 5.79 18.79
C ALA B 248 -21.77 6.33 17.46
N PHE B 249 -22.70 6.82 16.62
CA PHE B 249 -22.27 7.36 15.33
C PHE B 249 -21.32 8.52 15.52
N LYS B 250 -21.64 9.42 16.44
CA LYS B 250 -20.85 10.65 16.58
C LYS B 250 -19.44 10.34 17.06
N GLU B 251 -19.31 9.40 17.98
CA GLU B 251 -17.99 9.01 18.44
C GLU B 251 -17.17 8.41 17.30
N PHE B 252 -17.79 7.55 16.49
CA PHE B 252 -17.11 6.98 15.34
C PHE B 252 -16.74 8.07 14.34
N PHE B 253 -17.67 8.98 14.07
CA PHE B 253 -17.40 10.04 13.09
C PHE B 253 -16.25 10.91 13.56
N GLN B 254 -16.24 11.28 14.85
CA GLN B 254 -15.09 12.00 15.41
C GLN B 254 -13.80 11.22 15.22
N ALA B 255 -13.82 9.93 15.52
CA ALA B 255 -12.60 9.14 15.33
C ALA B 255 -12.12 9.22 13.87
N ARG B 256 -13.06 9.20 12.92
CA ARG B 256 -12.66 9.30 11.52
C ARG B 256 -12.14 10.70 11.17
N LEU B 257 -12.76 11.76 11.73
CA LEU B 257 -12.20 13.10 11.57
C LEU B 257 -10.76 13.16 12.09
N ASP B 258 -10.53 12.59 13.27
CA ASP B 258 -9.17 12.49 13.80
C ASP B 258 -8.22 11.83 12.78
N ASP B 259 -8.63 10.71 12.17
CA ASP B 259 -7.82 10.06 11.15
C ASP B 259 -7.43 11.05 10.06
N MET B 260 -8.42 11.77 9.54
CA MET B 260 -8.15 12.71 8.44
C MET B 260 -7.18 13.78 8.88
N ILE B 261 -7.37 14.32 10.08
CA ILE B 261 -6.53 15.41 10.57
C ILE B 261 -5.09 14.93 10.71
N GLU B 262 -4.90 13.76 11.32
CA GLU B 262 -3.54 13.28 11.50
C GLU B 262 -2.85 13.05 10.15
N ASP B 263 -3.58 12.49 9.18
CA ASP B 263 -3.02 12.30 7.84
C ASP B 263 -2.64 13.65 7.22
N ILE B 264 -3.54 14.61 7.33
CA ILE B 264 -3.28 15.91 6.70
C ILE B 264 -2.07 16.59 7.31
N GLU B 265 -1.94 16.51 8.63
CA GLU B 265 -0.79 17.12 9.30
C GLU B 265 0.53 16.44 8.92
N CYS B 266 0.53 15.09 8.80
CA CYS B 266 1.74 14.44 8.30
C CYS B 266 1.96 14.70 6.82
N ILE B 267 0.89 14.87 6.04
CA ILE B 267 1.09 15.26 4.64
C ILE B 267 1.87 16.58 4.56
N LYS B 268 1.74 17.43 5.58
CA LYS B 268 2.43 18.72 5.57
C LYS B 268 3.95 18.60 5.71
N ALA B 269 4.46 17.41 6.06
CA ALA B 269 5.91 17.18 6.05
C ALA B 269 6.46 16.92 4.65
N PHE B 270 5.62 16.62 3.66
CA PHE B 270 6.14 16.36 2.32
C PHE B 270 6.56 17.68 1.68
N ASP B 271 7.24 17.60 0.53
CA ASP B 271 7.66 18.79 -0.16
C ASP B 271 6.42 19.57 -0.57
N GLN B 272 6.57 20.90 -0.69
CA GLN B 272 5.40 21.76 -0.85
C GLN B 272 4.57 21.38 -2.07
N LEU B 273 5.21 20.98 -3.17
CA LEU B 273 4.43 20.63 -4.36
C LEU B 273 3.68 19.32 -4.15
N THR B 274 4.36 18.31 -3.60
CA THR B 274 3.70 17.03 -3.34
C THR B 274 2.52 17.22 -2.38
N GLN B 275 2.72 17.97 -1.29
CA GLN B 275 1.62 18.13 -0.33
C GLN B 275 0.48 18.94 -0.93
N ASP B 276 0.77 19.87 -1.85
CA ASP B 276 -0.30 20.60 -2.50
C ASP B 276 -1.17 19.66 -3.31
N VAL B 277 -0.54 18.70 -4.00
CA VAL B 277 -1.29 17.71 -4.77
C VAL B 277 -2.08 16.77 -3.85
N PHE B 278 -1.44 16.24 -2.80
CA PHE B 278 -2.16 15.36 -1.88
C PHE B 278 -3.40 16.06 -1.32
N LEU B 279 -3.24 17.31 -0.86
CA LEU B 279 -4.34 17.99 -0.17
C LEU B 279 -5.44 18.39 -1.15
N ASP B 280 -5.06 18.80 -2.37
CA ASP B 280 -6.07 19.09 -3.38
C ASP B 280 -6.84 17.83 -3.74
N LEU B 281 -6.21 16.66 -3.67
CA LEU B 281 -6.91 15.41 -3.91
C LEU B 281 -7.97 15.17 -2.85
N ILE B 282 -7.60 15.25 -1.57
CA ILE B 282 -8.56 14.98 -0.50
C ILE B 282 -9.66 16.04 -0.48
N TYR B 283 -9.26 17.30 -0.54
CA TYR B 283 -10.24 18.38 -0.41
C TYR B 283 -11.09 18.49 -1.68
N GLY B 284 -10.47 18.36 -2.85
CA GLY B 284 -11.24 18.33 -4.08
C GLY B 284 -12.25 17.19 -4.13
N ASN B 285 -11.86 16.00 -3.64
CA ASN B 285 -12.81 14.91 -3.64
C ASN B 285 -14.04 15.25 -2.80
N PHE B 286 -13.83 16.00 -1.71
CA PHE B 286 -14.95 16.38 -0.86
C PHE B 286 -15.85 17.40 -1.58
N VAL B 287 -15.25 18.37 -2.27
CA VAL B 287 -16.08 19.34 -3.00
C VAL B 287 -16.90 18.65 -4.08
N TRP B 288 -16.24 17.79 -4.87
CA TRP B 288 -16.91 17.05 -5.92
C TRP B 288 -17.99 16.14 -5.36
N THR B 289 -17.68 15.41 -4.28
CA THR B 289 -18.64 14.45 -3.73
C THR B 289 -19.91 15.16 -3.28
N THR B 290 -19.78 16.34 -2.69
CA THR B 290 -20.95 17.06 -2.21
C THR B 290 -21.66 17.81 -3.32
N SER B 291 -21.04 17.91 -4.49
CA SER B 291 -21.62 18.60 -5.63
C SER B 291 -22.40 17.70 -6.59
N ASN B 292 -22.24 16.38 -6.51
CA ASN B 292 -22.59 15.53 -7.63
C ASN B 292 -23.83 14.68 -7.32
N LYS B 293 -24.73 14.57 -8.30
CA LYS B 293 -25.97 13.82 -8.14
C LYS B 293 -25.71 12.39 -7.70
N ARG B 294 -24.59 11.81 -8.13
CA ARG B 294 -24.24 10.45 -7.76
C ARG B 294 -24.34 10.18 -6.27
N TYR B 295 -24.06 11.20 -5.45
CA TYR B 295 -23.91 11.02 -4.01
C TYR B 295 -25.05 11.60 -3.20
N LYS B 296 -26.22 11.78 -3.80
CA LYS B 296 -27.41 12.20 -3.08
C LYS B 296 -28.63 11.38 -3.41
N THR B 297 -28.50 10.37 -4.27
CA THR B 297 -29.66 9.67 -4.80
C THR B 297 -29.31 8.20 -4.90
N ALA B 298 -29.92 7.41 -4.02
CA ALA B 298 -29.50 6.02 -3.84
C ALA B 298 -29.38 5.32 -5.18
N VAL B 299 -30.50 5.15 -5.88
CA VAL B 299 -30.50 4.73 -7.27
C VAL B 299 -31.03 5.89 -8.11
N ASN B 300 -30.38 6.17 -9.24
CA ASN B 300 -30.90 7.18 -10.18
C ASN B 300 -30.22 6.98 -11.53
N ASP B 301 -30.66 7.76 -12.50
CA ASP B 301 -30.16 7.68 -13.85
C ASP B 301 -28.67 7.97 -14.00
N VAL B 302 -27.94 8.19 -12.91
CA VAL B 302 -26.48 8.31 -12.99
C VAL B 302 -25.72 7.33 -12.12
N ASN B 303 -26.34 6.69 -11.10
CA ASN B 303 -25.62 5.65 -10.38
C ASN B 303 -26.37 4.33 -10.24
N SER B 304 -27.50 4.15 -10.92
CA SER B 304 -28.15 2.84 -10.88
C SER B 304 -27.19 1.77 -11.39
N ARG B 305 -27.11 0.67 -10.62
CA ARG B 305 -26.23 -0.44 -10.99
C ARG B 305 -26.53 -0.89 -12.42
N ILE B 306 -25.48 -1.09 -13.20
CA ILE B 306 -25.61 -1.56 -14.58
C ILE B 306 -25.54 -3.09 -14.54
N GLN B 307 -26.57 -3.76 -15.07
CA GLN B 307 -26.82 -5.15 -14.71
C GLN B 307 -27.25 -6.01 -15.88
N ALA B 308 -27.71 -7.23 -15.58
CA ALA B 308 -28.19 -8.13 -16.63
C ALA B 308 -29.25 -9.09 -16.12
N GLY A 14 16.76 6.08 30.22
CA GLY A 14 16.52 4.67 30.49
C GLY A 14 16.05 4.02 29.21
N ARG A 15 16.00 4.81 28.15
CA ARG A 15 15.38 4.46 26.88
C ARG A 15 16.41 3.92 25.87
N SER A 16 17.66 3.71 26.30
CA SER A 16 18.76 3.20 25.48
C SER A 16 18.61 1.73 25.08
N SER A 17 17.78 0.94 25.77
CA SER A 17 17.80 -0.50 25.51
C SER A 17 16.46 -1.13 25.87
N VAL A 18 16.22 -2.32 25.32
CA VAL A 18 15.07 -3.13 25.67
C VAL A 18 15.49 -4.46 26.28
N ARG A 19 16.79 -4.64 26.56
CA ARG A 19 17.28 -5.84 27.24
C ARG A 19 16.51 -6.23 28.50
N PRO A 20 16.08 -5.30 29.37
CA PRO A 20 15.27 -5.73 30.53
C PRO A 20 14.06 -6.59 30.21
N TYR A 21 13.63 -6.66 28.95
CA TYR A 21 12.42 -7.39 28.57
C TYR A 21 12.65 -8.43 27.47
N LEU A 22 13.90 -8.71 27.13
CA LEU A 22 14.18 -9.61 26.01
C LEU A 22 13.51 -10.97 26.20
N GLU A 23 13.70 -11.61 27.35
CA GLU A 23 13.16 -12.95 27.54
C GLU A 23 11.64 -12.97 27.55
N GLU A 24 11.00 -12.09 28.34
CA GLU A 24 9.53 -12.03 28.38
C GLU A 24 8.95 -11.81 27.00
N CYS A 25 9.46 -10.80 26.29
CA CYS A 25 8.92 -10.48 24.99
C CYS A 25 9.15 -11.62 24.00
N THR A 26 10.33 -12.23 24.01
CA THR A 26 10.55 -13.38 23.14
C THR A 26 9.55 -14.48 23.44
N ARG A 27 9.39 -14.78 24.72
CA ARG A 27 8.42 -15.78 25.15
C ARG A 27 7.02 -15.44 24.65
N ARG A 28 6.62 -14.16 24.78
CA ARG A 28 5.28 -13.74 24.38
C ARG A 28 5.07 -13.84 22.87
N PHE A 29 6.00 -13.32 22.07
CA PHE A 29 5.96 -13.51 20.62
C PHE A 29 5.72 -14.97 20.26
N GLN A 30 6.50 -15.87 20.86
CA GLN A 30 6.39 -17.27 20.47
C GLN A 30 5.04 -17.87 20.86
N GLU A 31 4.54 -17.54 22.06
CA GLU A 31 3.23 -18.03 22.48
C GLU A 31 2.15 -17.57 21.52
N MET A 32 2.22 -16.29 21.12
CA MET A 32 1.24 -15.75 20.19
C MET A 32 1.24 -16.56 18.90
N PHE A 33 2.42 -16.82 18.34
CA PHE A 33 2.51 -17.63 17.12
C PHE A 33 1.92 -19.02 17.32
N ASP A 34 2.16 -19.63 18.49
CA ASP A 34 1.70 -21.00 18.73
C ASP A 34 0.19 -21.05 18.81
N ARG A 35 -0.43 -19.98 19.27
CA ARG A 35 -1.86 -19.95 19.50
C ARG A 35 -2.61 -19.54 18.25
N HIS A 36 -1.99 -18.73 17.37
CA HIS A 36 -2.71 -18.07 16.29
C HIS A 36 -2.21 -18.44 14.90
N VAL A 37 -1.07 -19.14 14.79
CA VAL A 37 -0.61 -19.69 13.52
C VAL A 37 -0.49 -21.22 13.61
N VAL A 38 0.22 -21.69 14.64
CA VAL A 38 0.54 -23.08 14.96
C VAL A 38 1.65 -23.58 14.05
N THR A 39 1.61 -23.25 12.76
CA THR A 39 2.54 -23.89 11.84
C THR A 39 3.92 -23.26 11.95
N ARG A 40 4.88 -24.08 12.33
CA ARG A 40 6.28 -23.65 12.37
C ARG A 40 6.78 -23.39 10.95
N PRO A 41 7.58 -22.34 10.77
CA PRO A 41 8.20 -22.13 9.46
C PRO A 41 9.11 -23.30 9.12
N THR A 42 9.35 -23.47 7.82
CA THR A 42 10.27 -24.48 7.33
C THR A 42 11.43 -23.78 6.64
N LYS A 43 12.65 -24.28 6.80
CA LYS A 43 13.80 -23.59 6.23
C LYS A 43 14.23 -24.25 4.92
N VAL A 44 14.47 -23.42 3.91
CA VAL A 44 14.99 -23.91 2.63
C VAL A 44 16.47 -24.25 2.80
N GLU A 45 16.81 -25.52 2.63
CA GLU A 45 18.20 -25.95 2.63
C GLU A 45 18.68 -26.01 1.18
N LEU A 46 19.30 -24.92 0.73
CA LEU A 46 19.99 -24.85 -0.55
C LEU A 46 21.11 -25.89 -0.62
N THR A 47 21.46 -26.27 -1.84
CA THR A 47 22.69 -27.03 -2.03
C THR A 47 23.89 -26.13 -1.76
N ASP A 48 25.03 -26.76 -1.45
CA ASP A 48 26.28 -26.00 -1.37
C ASP A 48 26.54 -25.26 -2.67
N ALA A 49 26.31 -25.91 -3.81
CA ALA A 49 26.52 -25.26 -5.11
C ALA A 49 25.58 -24.08 -5.32
N GLU A 50 24.32 -24.21 -4.90
CA GLU A 50 23.38 -23.13 -5.18
C GLU A 50 23.57 -21.98 -4.21
N LEU A 51 24.01 -22.28 -2.97
CA LEU A 51 24.40 -21.20 -2.08
C LEU A 51 25.59 -20.43 -2.64
N ARG A 52 26.49 -21.14 -3.33
CA ARG A 52 27.65 -20.48 -3.90
C ARG A 52 27.25 -19.64 -5.11
N GLU A 53 26.30 -20.10 -5.91
CA GLU A 53 25.79 -19.24 -6.99
C GLU A 53 25.25 -17.94 -6.43
N VAL A 54 24.44 -18.02 -5.36
CA VAL A 54 23.80 -16.83 -4.82
C VAL A 54 24.85 -15.86 -4.26
N ILE A 55 25.79 -16.37 -3.48
CA ILE A 55 26.78 -15.51 -2.85
C ILE A 55 27.69 -14.87 -3.89
N ASP A 56 28.07 -15.63 -4.92
CA ASP A 56 28.92 -15.06 -5.97
C ASP A 56 28.19 -13.92 -6.69
N ASP A 57 26.88 -14.07 -6.93
CA ASP A 57 26.12 -12.99 -7.56
C ASP A 57 25.97 -11.79 -6.62
N CYS A 58 25.81 -12.03 -5.32
CA CYS A 58 25.80 -10.95 -4.34
C CYS A 58 27.10 -10.18 -4.37
N ASN A 59 28.23 -10.88 -4.43
CA ASN A 59 29.51 -10.18 -4.47
C ASN A 59 29.68 -9.40 -5.77
N ALA A 60 29.25 -9.99 -6.89
CA ALA A 60 29.33 -9.28 -8.16
C ALA A 60 28.47 -8.02 -8.14
N ALA A 61 27.30 -8.08 -7.48
CA ALA A 61 26.37 -6.96 -7.52
C ALA A 61 26.88 -5.78 -6.70
N VAL A 62 27.49 -6.04 -5.54
CA VAL A 62 27.93 -4.93 -4.71
C VAL A 62 29.37 -4.54 -4.98
N ALA A 63 30.10 -5.31 -5.79
CA ALA A 63 31.47 -4.95 -6.11
C ALA A 63 31.61 -3.54 -6.66
N PRO A 64 30.73 -3.04 -7.55
CA PRO A 64 30.90 -1.66 -8.03
C PRO A 64 30.94 -0.64 -6.90
N LEU A 65 30.22 -0.89 -5.79
CA LEU A 65 30.25 0.01 -4.66
C LEU A 65 31.56 -0.05 -3.87
N GLY A 66 32.36 -1.10 -4.05
CA GLY A 66 33.72 -1.10 -3.54
C GLY A 66 33.90 -1.49 -2.08
N LYS A 67 32.90 -2.06 -1.43
CA LYS A 67 33.05 -2.52 -0.05
C LYS A 67 32.91 -4.04 0.00
N THR A 68 33.82 -4.68 0.72
CA THR A 68 33.79 -6.13 0.86
C THR A 68 32.74 -6.55 1.86
N VAL A 69 32.05 -7.64 1.54
CA VAL A 69 31.06 -8.25 2.42
C VAL A 69 31.48 -9.69 2.65
N SER A 70 31.57 -10.09 3.90
CA SER A 70 32.03 -11.44 4.24
C SER A 70 30.92 -12.47 3.98
N ASP A 71 31.34 -13.72 3.79
CA ASP A 71 30.38 -14.81 3.64
C ASP A 71 29.41 -14.87 4.80
N GLU A 72 29.89 -14.70 6.03
CA GLU A 72 28.95 -14.84 7.15
C GLU A 72 28.00 -13.64 7.23
N ARG A 73 28.43 -12.45 6.81
CA ARG A 73 27.46 -11.36 6.68
C ARG A 73 26.41 -11.68 5.61
N TRP A 74 26.83 -12.22 4.46
CA TRP A 74 25.84 -12.68 3.47
C TRP A 74 24.88 -13.69 4.08
N ILE A 75 25.39 -14.65 4.85
CA ILE A 75 24.53 -15.68 5.43
C ILE A 75 23.59 -15.05 6.45
N SER A 76 24.06 -14.06 7.20
CA SER A 76 23.19 -13.35 8.13
C SER A 76 22.04 -12.65 7.39
N TYR A 77 22.31 -12.14 6.19
CA TYR A 77 21.26 -11.49 5.42
C TYR A 77 20.32 -12.52 4.79
N VAL A 78 20.87 -13.59 4.21
CA VAL A 78 20.06 -14.52 3.43
C VAL A 78 19.15 -15.36 4.30
N GLY A 79 19.43 -15.48 5.60
CA GLY A 79 18.65 -16.34 6.46
C GLY A 79 17.16 -16.01 6.44
N VAL A 80 16.81 -14.73 6.26
CA VAL A 80 15.39 -14.39 6.26
C VAL A 80 14.69 -15.05 5.08
N VAL A 81 15.35 -15.15 3.93
CA VAL A 81 14.72 -15.82 2.80
C VAL A 81 14.62 -17.31 3.06
N LEU A 82 15.65 -17.90 3.65
CA LEU A 82 15.65 -19.34 3.89
C LEU A 82 14.55 -19.73 4.86
N TRP A 83 14.28 -18.88 5.85
CA TRP A 83 13.35 -19.15 6.94
C TRP A 83 11.92 -18.68 6.68
N SER A 84 11.72 -17.71 5.79
CA SER A 84 10.46 -16.98 5.76
C SER A 84 9.70 -17.13 4.44
N GLN A 85 10.19 -17.93 3.50
CA GLN A 85 9.37 -18.30 2.36
C GLN A 85 8.49 -19.47 2.81
N SER A 86 7.89 -20.20 1.87
CA SER A 86 6.98 -21.31 2.22
C SER A 86 7.37 -22.50 1.36
N PRO A 87 8.36 -23.28 1.81
CA PRO A 87 9.00 -24.26 0.91
C PRO A 87 8.06 -25.30 0.33
N ARG A 88 6.99 -25.66 1.03
CA ARG A 88 6.17 -26.75 0.51
C ARG A 88 5.38 -26.30 -0.72
N HIS A 89 5.30 -24.99 -0.96
CA HIS A 89 4.61 -24.45 -2.11
C HIS A 89 5.56 -23.91 -3.17
N ILE A 90 6.87 -24.01 -2.99
CA ILE A 90 7.79 -23.45 -3.97
C ILE A 90 7.74 -24.24 -5.27
N LYS A 91 7.76 -23.52 -6.39
CA LYS A 91 7.80 -24.12 -7.71
C LYS A 91 8.99 -23.70 -8.55
N ASP A 92 9.46 -22.46 -8.43
CA ASP A 92 10.51 -21.93 -9.27
C ASP A 92 11.70 -21.57 -8.40
N MET A 93 12.71 -22.46 -8.36
CA MET A 93 13.88 -22.21 -7.52
C MET A 93 14.83 -21.17 -8.12
N GLU A 94 14.75 -20.87 -9.41
CA GLU A 94 15.51 -19.72 -9.91
C GLU A 94 14.96 -18.42 -9.32
N ALA A 95 13.63 -18.30 -9.26
CA ALA A 95 13.03 -17.15 -8.58
C ALA A 95 13.42 -17.09 -7.11
N PHE A 96 13.42 -18.23 -6.42
CA PHE A 96 13.88 -18.29 -5.04
C PHE A 96 15.31 -17.76 -4.91
N LYS A 97 16.22 -18.27 -5.74
CA LYS A 97 17.60 -17.80 -5.68
C LYS A 97 17.67 -16.29 -5.98
N ALA A 98 16.80 -15.82 -6.87
CA ALA A 98 16.75 -14.38 -7.14
C ALA A 98 16.37 -13.61 -5.88
N VAL A 99 15.37 -14.08 -5.14
CA VAL A 99 14.98 -13.38 -3.92
C VAL A 99 16.12 -13.40 -2.91
N CYS A 100 16.87 -14.52 -2.83
CA CYS A 100 18.06 -14.54 -1.98
C CYS A 100 19.02 -13.40 -2.35
N VAL A 101 19.37 -13.31 -3.65
CA VAL A 101 20.35 -12.33 -4.08
C VAL A 101 19.85 -10.91 -3.84
N LEU A 102 18.65 -10.61 -4.35
CA LEU A 102 18.08 -9.26 -4.22
C LEU A 102 17.90 -8.86 -2.75
N ASN A 103 17.38 -9.77 -1.93
CA ASN A 103 17.26 -9.47 -0.51
C ASN A 103 18.60 -9.10 0.10
N CYS A 104 19.64 -9.84 -0.24
CA CYS A 104 20.94 -9.64 0.38
C CYS A 104 21.59 -8.33 -0.08
N VAL A 105 21.55 -8.05 -1.38
CA VAL A 105 22.32 -6.89 -1.83
C VAL A 105 21.63 -5.58 -1.43
N THR A 106 20.29 -5.58 -1.31
CA THR A 106 19.63 -4.39 -0.79
C THR A 106 19.73 -4.29 0.72
N PHE A 107 19.96 -5.42 1.40
CA PHE A 107 20.36 -5.37 2.81
C PHE A 107 21.69 -4.63 2.97
N VAL A 108 22.66 -4.88 2.09
CA VAL A 108 23.90 -4.12 2.13
C VAL A 108 23.62 -2.63 1.98
N TRP A 109 22.79 -2.29 1.00
CA TRP A 109 22.38 -0.89 0.80
C TRP A 109 21.78 -0.29 2.07
N ASP A 110 20.91 -1.05 2.75
CA ASP A 110 20.31 -0.62 4.01
C ASP A 110 21.38 -0.32 5.06
N ASP A 111 22.45 -1.11 5.08
CA ASP A 111 23.52 -0.97 6.05
C ASP A 111 24.61 0.01 5.60
N MET A 112 24.39 0.76 4.53
CA MET A 112 25.42 1.59 3.90
C MET A 112 25.18 3.08 4.10
N ASP A 113 26.27 3.80 4.42
CA ASP A 113 26.34 5.25 4.33
C ASP A 113 25.72 5.72 3.02
N PRO A 114 24.98 6.83 3.02
CA PRO A 114 24.44 7.36 1.76
C PRO A 114 25.51 7.71 0.75
N ALA A 115 26.71 8.12 1.20
CA ALA A 115 27.79 8.43 0.28
C ALA A 115 28.15 7.25 -0.61
N LEU A 116 28.01 6.02 -0.11
CA LEU A 116 28.27 4.83 -0.90
C LEU A 116 27.18 4.54 -1.92
N HIS A 117 26.00 5.14 -1.78
CA HIS A 117 24.84 4.83 -2.61
C HIS A 117 25.04 5.39 -4.01
N ASP A 118 25.44 4.53 -4.95
CA ASP A 118 25.76 4.94 -6.33
C ASP A 118 24.75 4.26 -7.25
N PHE A 119 23.72 5.02 -7.65
CA PHE A 119 22.62 4.45 -8.42
C PHE A 119 23.06 4.05 -9.82
N GLY A 120 23.94 4.85 -10.45
CA GLY A 120 24.42 4.51 -11.79
C GLY A 120 25.22 3.23 -11.85
N LEU A 121 25.81 2.82 -10.74
CA LEU A 121 26.60 1.59 -10.74
C LEU A 121 25.83 0.41 -10.16
N PHE A 122 24.84 0.68 -9.32
CA PHE A 122 24.11 -0.40 -8.66
C PHE A 122 22.84 -0.82 -9.39
N LEU A 123 22.08 0.13 -9.93
CA LEU A 123 20.86 -0.25 -10.64
C LEU A 123 21.11 -1.20 -11.79
N PRO A 124 22.13 -1.01 -12.65
CA PRO A 124 22.42 -2.05 -13.67
C PRO A 124 22.72 -3.42 -13.07
N GLN A 125 23.37 -3.48 -11.90
CA GLN A 125 23.55 -4.77 -11.24
C GLN A 125 22.21 -5.41 -10.91
N LEU A 126 21.26 -4.62 -10.37
CA LEU A 126 19.97 -5.18 -10.00
C LEU A 126 19.22 -5.67 -11.23
N ARG A 127 19.18 -4.85 -12.29
CA ARG A 127 18.56 -5.27 -13.55
C ARG A 127 19.15 -6.59 -14.06
N LYS A 128 20.47 -6.73 -13.96
CA LYS A 128 21.12 -7.95 -14.44
C LYS A 128 20.68 -9.17 -13.62
N ILE A 129 20.62 -9.02 -12.29
CA ILE A 129 20.08 -10.09 -11.45
C ILE A 129 18.66 -10.42 -11.87
N CYS A 130 17.81 -9.40 -12.02
CA CYS A 130 16.41 -9.67 -12.34
C CYS A 130 16.28 -10.34 -13.70
N GLU A 131 17.07 -9.88 -14.67
CA GLU A 131 17.11 -10.49 -15.99
C GLU A 131 17.41 -11.99 -15.93
N LYS A 132 18.49 -12.36 -15.25
CA LYS A 132 18.97 -13.73 -15.25
C LYS A 132 17.91 -14.70 -14.71
N TYR A 133 17.35 -14.40 -13.53
CA TYR A 133 16.59 -15.42 -12.79
C TYR A 133 15.10 -15.41 -13.11
N TYR A 134 14.56 -14.33 -13.66
CA TYR A 134 13.14 -14.23 -13.96
C TYR A 134 12.89 -14.23 -15.46
N GLY A 135 11.65 -14.56 -15.84
CA GLY A 135 11.22 -14.39 -17.20
C GLY A 135 11.06 -12.92 -17.53
N PRO A 136 10.92 -12.63 -18.83
CA PRO A 136 10.99 -11.22 -19.27
C PRO A 136 10.00 -10.30 -18.56
N GLU A 137 8.83 -10.79 -18.16
CA GLU A 137 7.89 -9.85 -17.56
C GLU A 137 8.04 -9.77 -16.04
N ASP A 138 8.24 -10.91 -15.37
CA ASP A 138 8.53 -10.87 -13.93
C ASP A 138 9.78 -10.04 -13.64
N ALA A 139 10.77 -10.06 -14.55
CA ALA A 139 12.00 -9.31 -14.32
C ALA A 139 11.71 -7.81 -14.21
N GLU A 140 10.74 -7.31 -14.97
CA GLU A 140 10.40 -5.89 -14.86
C GLU A 140 9.77 -5.58 -13.52
N VAL A 141 8.83 -6.42 -13.06
CA VAL A 141 8.17 -6.18 -11.80
C VAL A 141 9.17 -6.23 -10.65
N ALA A 142 10.04 -7.24 -10.67
CA ALA A 142 11.04 -7.36 -9.60
C ALA A 142 11.99 -6.17 -9.62
N TYR A 143 12.46 -5.78 -10.81
CA TYR A 143 13.41 -4.68 -10.89
C TYR A 143 12.80 -3.37 -10.39
N GLU A 144 11.57 -3.06 -10.82
CA GLU A 144 10.95 -1.83 -10.33
C GLU A 144 10.81 -1.83 -8.82
N ALA A 145 10.41 -2.95 -8.24
CA ALA A 145 10.29 -3.02 -6.78
C ALA A 145 11.65 -2.83 -6.09
N ALA A 146 12.72 -3.44 -6.63
CA ALA A 146 14.05 -3.25 -6.06
C ALA A 146 14.50 -1.80 -6.19
N ARG A 147 14.36 -1.24 -7.40
CA ARG A 147 14.73 0.15 -7.67
C ARG A 147 14.03 1.10 -6.70
N ALA A 148 12.72 0.94 -6.51
CA ALA A 148 12.00 1.85 -5.63
C ALA A 148 12.37 1.64 -4.17
N PHE A 149 12.69 0.39 -3.78
CA PHE A 149 13.16 0.19 -2.40
C PHE A 149 14.46 0.95 -2.14
N VAL A 150 15.49 0.73 -2.97
CA VAL A 150 16.78 1.37 -2.69
C VAL A 150 16.66 2.88 -2.81
N THR A 151 15.81 3.36 -3.72
CA THR A 151 15.57 4.79 -3.84
C THR A 151 14.91 5.34 -2.58
N SER A 152 13.91 4.63 -2.06
CA SER A 152 13.25 5.07 -0.85
C SER A 152 14.20 5.09 0.33
N ASP A 153 14.98 4.01 0.51
CA ASP A 153 15.91 4.02 1.64
C ASP A 153 16.87 5.19 1.52
N HIS A 154 17.36 5.48 0.32
CA HIS A 154 18.27 6.59 0.16
C HIS A 154 17.57 7.91 0.46
N MET A 155 16.41 8.14 -0.17
CA MET A 155 15.78 9.45 -0.11
C MET A 155 15.32 9.79 1.30
N PHE A 156 14.99 8.81 2.13
CA PHE A 156 14.47 9.13 3.44
C PHE A 156 15.54 9.23 4.51
N ARG A 157 16.82 9.03 4.17
CA ARG A 157 17.88 9.28 5.14
C ARG A 157 17.85 10.74 5.57
N ASP A 158 17.80 10.98 6.88
CA ASP A 158 17.72 12.34 7.46
C ASP A 158 16.73 13.31 6.77
N SER A 159 15.67 12.77 6.12
CA SER A 159 14.59 13.65 5.62
C SER A 159 13.51 13.89 6.68
N PRO A 160 12.97 15.13 6.76
CA PRO A 160 11.96 15.43 7.79
C PRO A 160 10.67 14.63 7.66
N ILE A 161 10.37 14.06 6.50
CA ILE A 161 9.12 13.31 6.35
C ILE A 161 9.22 11.99 7.11
N LYS A 162 10.39 11.36 7.06
CA LYS A 162 10.61 10.20 7.92
C LYS A 162 10.36 10.57 9.37
N ALA A 163 10.91 11.71 9.81
CA ALA A 163 10.70 12.15 11.19
C ALA A 163 9.22 12.26 11.52
N ALA A 164 8.43 12.92 10.66
CA ALA A 164 7.00 13.03 10.94
C ALA A 164 6.35 11.65 11.01
N LEU A 165 6.65 10.78 10.04
CA LEU A 165 5.95 9.50 10.01
C LEU A 165 6.41 8.55 11.11
N CYS A 166 7.61 8.72 11.64
CA CYS A 166 8.07 7.84 12.71
C CYS A 166 7.82 8.37 14.10
N THR A 167 7.28 9.59 14.24
CA THR A 167 7.09 10.16 15.55
C THR A 167 5.66 10.59 15.82
N THR A 168 4.71 10.28 14.93
CA THR A 168 3.36 10.80 15.10
C THR A 168 2.40 9.79 15.72
N SER A 169 2.43 8.54 15.24
CA SER A 169 1.58 7.48 15.76
C SER A 169 2.05 6.15 15.20
N PRO A 170 1.64 5.04 15.80
CA PRO A 170 1.95 3.73 15.18
C PRO A 170 1.39 3.61 13.77
N GLU A 171 0.23 4.21 13.52
CA GLU A 171 -0.39 3.98 12.22
C GLU A 171 0.33 4.78 11.12
N GLN A 172 0.81 5.99 11.44
CA GLN A 172 1.68 6.67 10.46
C GLN A 172 2.96 5.89 10.23
N TYR A 173 3.53 5.34 11.29
CA TYR A 173 4.81 4.67 11.19
C TYR A 173 4.73 3.41 10.33
N PHE A 174 3.71 2.58 10.56
CA PHE A 174 3.57 1.36 9.78
C PHE A 174 3.28 1.64 8.32
N ARG A 175 2.60 2.77 8.03
CA ARG A 175 2.42 3.22 6.65
C ARG A 175 3.76 3.43 5.94
N PHE A 176 4.72 4.05 6.63
CA PHE A 176 6.06 4.21 6.06
C PHE A 176 6.75 2.87 5.85
N ARG A 177 6.58 1.94 6.80
CA ARG A 177 7.30 0.68 6.75
C ARG A 177 6.79 -0.28 5.69
N VAL A 178 5.58 -0.10 5.15
CA VAL A 178 5.13 -0.95 4.04
C VAL A 178 6.19 -1.01 2.95
N THR A 179 6.79 0.13 2.63
CA THR A 179 7.91 0.19 1.70
C THR A 179 9.25 0.05 2.42
N ASP A 180 9.45 0.80 3.50
CA ASP A 180 10.80 0.92 4.07
C ASP A 180 11.34 -0.40 4.65
N ILE A 181 10.51 -1.27 5.21
CA ILE A 181 11.08 -2.55 5.64
C ILE A 181 11.20 -3.52 4.49
N GLY A 182 10.88 -3.10 3.26
CA GLY A 182 11.15 -3.94 2.10
C GLY A 182 10.11 -4.99 1.79
N VAL A 183 9.00 -5.06 2.54
CA VAL A 183 8.05 -6.15 2.32
C VAL A 183 7.28 -6.01 1.02
N ASP A 184 6.95 -4.78 0.57
CA ASP A 184 6.32 -4.67 -0.74
C ASP A 184 7.25 -5.21 -1.83
N PHE A 185 8.52 -4.81 -1.77
CA PHE A 185 9.56 -5.35 -2.63
C PHE A 185 9.58 -6.87 -2.57
N TRP A 186 9.56 -7.43 -1.36
CA TRP A 186 9.63 -8.88 -1.17
C TRP A 186 8.47 -9.59 -1.88
N MET A 187 7.25 -9.11 -1.70
CA MET A 187 6.11 -9.77 -2.32
C MET A 187 6.24 -9.77 -3.83
N LYS A 188 6.61 -8.62 -4.41
CA LYS A 188 6.67 -8.47 -5.84
C LYS A 188 7.81 -9.26 -6.48
N MET A 189 8.87 -9.55 -5.71
CA MET A 189 9.91 -10.43 -6.26
C MET A 189 9.70 -11.90 -5.91
N SER A 190 8.80 -12.20 -4.97
CA SER A 190 8.56 -13.56 -4.53
C SER A 190 7.41 -14.27 -5.23
N TYR A 191 6.44 -13.55 -5.81
CA TYR A 191 5.32 -14.27 -6.41
C TYR A 191 5.76 -15.23 -7.52
N PRO A 192 6.82 -15.00 -8.31
CA PRO A 192 7.20 -16.02 -9.29
C PRO A 192 7.68 -17.32 -8.66
N ILE A 193 8.06 -17.30 -7.38
CA ILE A 193 8.43 -18.53 -6.70
C ILE A 193 7.26 -19.51 -6.70
N TYR A 194 6.04 -18.99 -6.54
CA TYR A 194 4.85 -19.79 -6.29
C TYR A 194 3.95 -19.96 -7.51
N ARG A 195 4.00 -19.04 -8.47
CA ARG A 195 3.09 -19.03 -9.64
C ARG A 195 1.66 -19.38 -9.23
N HIS A 196 1.17 -18.71 -8.19
CA HIS A 196 -0.17 -18.92 -7.69
C HIS A 196 -0.99 -17.67 -8.01
N PRO A 197 -2.01 -17.78 -8.86
CA PRO A 197 -2.67 -16.56 -9.39
C PRO A 197 -3.14 -15.59 -8.31
N GLU A 198 -3.78 -16.10 -7.26
CA GLU A 198 -4.28 -15.22 -6.21
C GLU A 198 -3.13 -14.44 -5.56
N PHE A 199 -2.03 -15.13 -5.22
CA PHE A 199 -0.92 -14.45 -4.56
C PHE A 199 -0.31 -13.39 -5.45
N THR A 200 -0.16 -13.69 -6.73
CA THR A 200 0.42 -12.74 -7.66
C THR A 200 -0.39 -11.43 -7.70
N GLU A 201 -1.72 -11.53 -7.72
CA GLU A 201 -2.54 -10.32 -7.66
C GLU A 201 -2.35 -9.57 -6.33
N HIS A 202 -2.39 -10.29 -5.21
CA HIS A 202 -2.25 -9.62 -3.92
C HIS A 202 -0.87 -8.97 -3.80
N ALA A 203 0.15 -9.59 -4.39
CA ALA A 203 1.48 -9.01 -4.41
C ALA A 203 1.51 -7.73 -5.23
N LYS A 204 0.85 -7.75 -6.38
CA LYS A 204 0.91 -6.60 -7.28
C LYS A 204 0.05 -5.43 -6.80
N THR A 205 -1.05 -5.68 -6.09
CA THR A 205 -1.83 -4.61 -5.45
C THR A 205 -1.19 -4.08 -4.18
N SER A 206 -0.18 -4.78 -3.64
CA SER A 206 0.46 -4.51 -2.37
C SER A 206 -0.41 -4.83 -1.17
N LEU A 207 -1.61 -5.38 -1.39
CA LEU A 207 -2.38 -5.88 -0.24
C LEU A 207 -1.58 -6.93 0.54
N ALA A 208 -0.85 -7.79 -0.17
CA ALA A 208 0.03 -8.78 0.49
C ALA A 208 0.99 -8.09 1.45
N ALA A 209 1.65 -7.03 0.98
CA ALA A 209 2.56 -6.29 1.85
C ALA A 209 1.80 -5.61 2.99
N ARG A 210 0.65 -5.00 2.70
CA ARG A 210 -0.07 -4.28 3.74
C ARG A 210 -0.52 -5.24 4.85
N MET A 211 -0.77 -6.50 4.51
CA MET A 211 -1.24 -7.48 5.48
C MET A 211 -0.11 -7.96 6.41
N THR A 212 1.14 -7.91 5.95
CA THR A 212 2.25 -8.53 6.66
C THR A 212 3.20 -7.53 7.31
N THR A 213 3.00 -6.23 7.03
CA THR A 213 3.95 -5.21 7.49
C THR A 213 4.06 -5.17 9.02
N ARG A 214 2.93 -5.17 9.73
CA ARG A 214 3.03 -4.99 11.18
C ARG A 214 3.72 -6.20 11.83
N GLY A 215 3.39 -7.41 11.39
CA GLY A 215 3.99 -8.58 12.01
C GLY A 215 5.49 -8.63 11.79
N LEU A 216 5.95 -8.25 10.60
CA LEU A 216 7.38 -8.21 10.34
C LEU A 216 8.04 -7.06 11.09
N THR A 217 7.39 -5.89 11.10
CA THR A 217 8.03 -4.70 11.64
C THR A 217 8.12 -4.74 13.16
N ILE A 218 7.06 -5.16 13.83
CA ILE A 218 7.09 -5.17 15.30
C ILE A 218 8.21 -6.08 15.79
N VAL A 219 8.36 -7.24 15.16
CA VAL A 219 9.43 -8.17 15.54
C VAL A 219 10.80 -7.56 15.23
N ASN A 220 10.97 -7.05 14.01
CA ASN A 220 12.27 -6.45 13.68
C ASN A 220 12.60 -5.31 14.62
N ASP A 221 11.62 -4.45 14.90
CA ASP A 221 11.86 -3.28 15.75
C ASP A 221 12.27 -3.69 17.16
N PHE A 222 11.62 -4.70 17.72
CA PHE A 222 11.98 -5.05 19.09
C PHE A 222 13.45 -5.46 19.17
N TYR A 223 13.89 -6.32 18.27
CA TYR A 223 15.22 -6.89 18.39
C TYR A 223 16.32 -6.04 17.76
N SER A 224 15.97 -5.02 16.96
CA SER A 224 16.99 -4.13 16.41
C SER A 224 16.99 -2.77 17.12
N TYR A 225 16.15 -2.61 18.14
CA TYR A 225 16.04 -1.34 18.85
C TYR A 225 17.38 -0.87 19.38
N ASP A 226 18.11 -1.75 20.08
CA ASP A 226 19.36 -1.33 20.71
C ASP A 226 20.35 -0.79 19.68
N ARG A 227 20.53 -1.50 18.57
CA ARG A 227 21.44 -1.04 17.51
C ARG A 227 20.95 0.29 16.93
N GLU A 228 19.66 0.37 16.62
CA GLU A 228 19.17 1.58 15.96
C GLU A 228 19.25 2.80 16.88
N VAL A 229 18.89 2.63 18.16
CA VAL A 229 18.95 3.73 19.12
C VAL A 229 20.39 4.19 19.32
N SER A 230 21.34 3.25 19.30
CA SER A 230 22.75 3.62 19.45
C SER A 230 23.24 4.50 18.30
N LEU A 231 22.75 4.26 17.08
CA LEU A 231 23.20 4.97 15.89
C LEU A 231 22.46 6.29 15.70
N GLY A 232 21.33 6.50 16.37
CA GLY A 232 20.47 7.62 16.07
C GLY A 232 19.46 7.35 14.99
N GLN A 233 19.14 6.09 14.72
CA GLN A 233 18.11 5.74 13.75
C GLN A 233 16.74 5.85 14.41
N ILE A 234 15.79 6.48 13.73
CA ILE A 234 14.48 6.76 14.30
C ILE A 234 13.41 5.80 13.83
N THR A 235 13.71 4.95 12.86
CA THR A 235 12.69 4.09 12.26
C THR A 235 12.50 2.85 13.12
N ASN A 236 11.71 3.02 14.18
CA ASN A 236 11.49 1.95 15.17
C ASN A 236 10.30 2.31 16.02
N CYS A 237 9.25 1.49 15.99
CA CYS A 237 8.03 1.85 16.68
C CYS A 237 8.17 1.91 18.21
N PHE A 238 9.15 1.21 18.79
CA PHE A 238 9.29 1.27 20.24
C PHE A 238 9.84 2.61 20.72
N ARG A 239 10.37 3.43 19.83
CA ARG A 239 10.70 4.79 20.21
C ARG A 239 9.46 5.63 20.48
N LEU A 240 8.27 5.09 20.19
CA LEU A 240 7.01 5.79 20.43
C LEU A 240 6.52 5.65 21.86
N CYS A 241 7.10 4.74 22.64
CA CYS A 241 6.69 4.56 24.02
C CYS A 241 7.89 4.79 24.92
N ASP A 242 7.61 5.02 26.20
CA ASP A 242 8.64 5.15 27.23
C ASP A 242 9.14 3.75 27.62
N VAL A 243 10.20 3.27 26.96
CA VAL A 243 10.64 1.91 27.25
C VAL A 243 11.29 1.82 28.63
N SER A 244 11.79 2.93 29.18
CA SER A 244 12.36 2.88 30.52
C SER A 244 11.31 2.75 31.61
N ASP A 245 10.05 2.63 31.25
CA ASP A 245 8.96 2.48 32.22
C ASP A 245 8.24 1.18 31.87
N GLU A 246 8.36 0.20 32.78
CA GLU A 246 7.93 -1.15 32.47
C GLU A 246 6.43 -1.22 32.23
N THR A 247 5.64 -0.52 33.05
CA THR A 247 4.20 -0.56 32.88
C THR A 247 3.80 0.05 31.54
N ALA A 248 4.40 1.18 31.15
CA ALA A 248 4.05 1.78 29.87
C ALA A 248 4.54 0.91 28.71
N PHE A 249 5.76 0.36 28.82
CA PHE A 249 6.23 -0.55 27.78
C PHE A 249 5.27 -1.72 27.62
N LYS A 250 4.76 -2.23 28.74
CA LYS A 250 3.91 -3.42 28.71
C LYS A 250 2.62 -3.16 27.97
N GLU A 251 1.96 -2.05 28.26
CA GLU A 251 0.70 -1.76 27.57
C GLU A 251 0.96 -1.50 26.09
N PHE A 252 2.13 -0.94 25.75
CA PHE A 252 2.44 -0.69 24.35
C PHE A 252 2.73 -2.00 23.63
N PHE A 253 3.58 -2.83 24.22
CA PHE A 253 3.89 -4.11 23.64
C PHE A 253 2.63 -4.95 23.45
N GLN A 254 1.71 -4.88 24.42
CA GLN A 254 0.44 -5.59 24.26
C GLN A 254 -0.35 -5.06 23.06
N ALA A 255 -0.42 -3.73 22.91
CA ALA A 255 -1.14 -3.18 21.76
C ALA A 255 -0.53 -3.68 20.45
N ARG A 256 0.80 -3.81 20.41
CA ARG A 256 1.44 -4.30 19.20
C ARG A 256 1.17 -5.79 18.99
N LEU A 257 1.16 -6.59 20.06
CA LEU A 257 0.75 -7.98 19.92
C LEU A 257 -0.67 -8.07 19.36
N ASP A 258 -1.60 -7.29 19.91
CA ASP A 258 -2.96 -7.34 19.42
C ASP A 258 -3.03 -6.98 17.94
N ASP A 259 -2.17 -6.04 17.50
CA ASP A 259 -2.06 -5.70 16.08
C ASP A 259 -1.66 -6.93 15.26
N MET A 260 -0.63 -7.64 15.72
CA MET A 260 -0.18 -8.83 15.00
C MET A 260 -1.28 -9.87 14.93
N ILE A 261 -1.99 -10.06 16.05
CA ILE A 261 -3.03 -11.08 16.11
C ILE A 261 -4.15 -10.74 15.14
N GLU A 262 -4.57 -9.47 15.13
CA GLU A 262 -5.66 -9.10 14.24
C GLU A 262 -5.27 -9.30 12.77
N ASP A 263 -4.05 -8.92 12.39
CA ASP A 263 -3.59 -9.16 11.03
C ASP A 263 -3.59 -10.66 10.71
N ILE A 264 -3.07 -11.48 11.63
CA ILE A 264 -2.98 -12.92 11.36
C ILE A 264 -4.37 -13.51 11.20
N GLU A 265 -5.30 -13.11 12.06
CA GLU A 265 -6.66 -13.65 11.98
C GLU A 265 -7.32 -13.28 10.64
N CYS A 266 -7.17 -12.04 10.18
CA CYS A 266 -7.71 -11.67 8.86
C CYS A 266 -6.94 -12.36 7.73
N ILE A 267 -5.65 -12.61 7.91
CA ILE A 267 -4.91 -13.37 6.89
C ILE A 267 -5.54 -14.74 6.68
N LYS A 268 -6.14 -15.32 7.72
CA LYS A 268 -6.75 -16.64 7.58
C LYS A 268 -8.06 -16.62 6.81
N ALA A 269 -8.51 -15.45 6.35
CA ALA A 269 -9.58 -15.39 5.37
C ALA A 269 -9.06 -15.53 3.95
N PHE A 270 -7.76 -15.38 3.72
CA PHE A 270 -7.25 -15.53 2.38
C PHE A 270 -7.23 -17.01 1.99
N ASP A 271 -6.97 -17.28 0.72
CA ASP A 271 -6.99 -18.66 0.24
C ASP A 271 -5.83 -19.44 0.88
N GLN A 272 -5.98 -20.78 0.89
CA GLN A 272 -5.10 -21.62 1.70
C GLN A 272 -3.60 -21.45 1.36
N LEU A 273 -3.25 -21.30 0.08
CA LEU A 273 -1.83 -21.16 -0.24
C LEU A 273 -1.31 -19.78 0.16
N THR A 274 -2.05 -18.73 -0.20
CA THR A 274 -1.61 -17.38 0.11
C THR A 274 -1.43 -17.19 1.61
N GLN A 275 -2.39 -17.68 2.39
CA GLN A 275 -2.28 -17.49 3.82
C GLN A 275 -1.08 -18.25 4.37
N ASP A 276 -0.76 -19.42 3.78
CA ASP A 276 0.46 -20.11 4.18
C ASP A 276 1.69 -19.22 3.94
N VAL A 277 1.78 -18.60 2.76
CA VAL A 277 2.90 -17.74 2.44
C VAL A 277 2.97 -16.54 3.39
N PHE A 278 1.84 -15.87 3.62
CA PHE A 278 1.84 -14.72 4.53
C PHE A 278 2.34 -15.11 5.92
N LEU A 279 1.82 -16.21 6.46
CA LEU A 279 2.11 -16.58 7.84
C LEU A 279 3.53 -17.15 7.99
N ASP A 280 3.98 -17.96 7.02
CA ASP A 280 5.38 -18.40 7.03
C ASP A 280 6.31 -17.19 7.00
N LEU A 281 5.91 -16.12 6.29
CA LEU A 281 6.74 -14.94 6.23
C LEU A 281 6.88 -14.27 7.59
N ILE A 282 5.77 -14.04 8.29
CA ILE A 282 5.83 -13.34 9.57
C ILE A 282 6.51 -14.22 10.62
N TYR A 283 6.11 -15.48 10.69
CA TYR A 283 6.65 -16.36 11.71
C TYR A 283 8.09 -16.75 11.40
N GLY A 284 8.40 -17.01 10.14
CA GLY A 284 9.78 -17.25 9.76
C GLY A 284 10.69 -16.07 10.05
N ASN A 285 10.20 -14.85 9.83
CA ASN A 285 11.02 -13.69 10.17
C ASN A 285 11.34 -13.68 11.66
N PHE A 286 10.38 -14.07 12.49
CA PHE A 286 10.62 -14.13 13.93
C PHE A 286 11.68 -15.18 14.27
N VAL A 287 11.58 -16.37 13.66
CA VAL A 287 12.54 -17.44 13.95
C VAL A 287 13.95 -16.99 13.55
N TRP A 288 14.08 -16.41 12.36
CA TRP A 288 15.36 -15.93 11.87
C TRP A 288 15.92 -14.81 12.74
N THR A 289 15.07 -13.81 13.06
CA THR A 289 15.51 -12.68 13.89
C THR A 289 16.08 -13.15 15.23
N THR A 290 15.41 -14.10 15.89
CA THR A 290 15.85 -14.52 17.21
C THR A 290 17.02 -15.49 17.18
N SER A 291 17.47 -15.93 16.01
CA SER A 291 18.61 -16.83 15.89
C SER A 291 19.73 -16.23 15.04
N ASN A 292 19.77 -14.90 14.88
CA ASN A 292 20.71 -14.22 14.01
C ASN A 292 21.55 -13.25 14.84
N LYS A 293 22.87 -13.36 14.73
CA LYS A 293 23.80 -12.46 15.42
C LYS A 293 23.48 -10.99 15.18
N ARG A 294 22.93 -10.68 14.00
CA ARG A 294 22.58 -9.32 13.65
C ARG A 294 21.72 -8.66 14.72
N TYR A 295 20.81 -9.43 15.32
CA TYR A 295 19.82 -8.89 16.25
C TYR A 295 20.14 -9.20 17.71
N LYS A 296 21.43 -9.42 18.02
CA LYS A 296 21.83 -9.69 19.39
C LYS A 296 22.65 -8.55 20.00
N THR A 297 23.90 -8.38 19.60
CA THR A 297 24.72 -7.28 20.08
C THR A 297 24.40 -5.99 19.31
N ALA A 298 24.77 -4.85 19.89
CA ALA A 298 24.47 -3.58 19.23
C ALA A 298 25.40 -3.35 18.04
N VAL A 299 26.68 -3.64 18.20
CA VAL A 299 27.64 -3.51 17.10
C VAL A 299 28.40 -4.82 17.01
N ASN A 300 28.33 -5.49 15.86
CA ASN A 300 29.11 -6.71 15.64
C ASN A 300 29.42 -6.82 14.15
N ASP A 301 30.03 -7.93 13.76
CA ASP A 301 30.54 -8.06 12.41
C ASP A 301 29.47 -8.44 11.38
N VAL A 302 28.20 -8.53 11.76
CA VAL A 302 27.13 -8.70 10.80
C VAL A 302 26.02 -7.68 10.94
N ASN A 303 26.24 -6.58 11.66
CA ASN A 303 25.36 -5.42 11.55
C ASN A 303 26.12 -4.10 11.60
N SER A 304 27.45 -4.14 11.60
CA SER A 304 28.22 -2.90 11.66
C SER A 304 27.96 -2.08 10.41
N ARG A 305 27.60 -0.82 10.62
CA ARG A 305 27.40 0.09 9.50
C ARG A 305 28.54 -0.07 8.49
N ILE A 306 28.19 -0.01 7.21
CA ILE A 306 29.19 0.11 6.15
C ILE A 306 29.34 1.62 5.94
N GLN A 307 30.25 2.21 6.72
CA GLN A 307 30.25 3.66 6.90
C GLN A 307 30.96 4.46 5.81
N GLY B 9 -33.65 -9.00 1.99
CA GLY B 9 -33.35 -7.63 2.37
C GLY B 9 -33.03 -7.52 3.85
N ALA B 10 -31.88 -8.08 4.25
CA ALA B 10 -31.39 -7.93 5.61
C ALA B 10 -31.36 -6.48 6.07
N GLN B 11 -32.46 -5.97 6.60
CA GLN B 11 -32.55 -4.55 6.91
C GLN B 11 -32.28 -4.28 8.39
N ASP B 12 -33.11 -3.37 8.95
CA ASP B 12 -32.80 -2.43 10.03
C ASP B 12 -32.87 -1.01 9.47
N ILE B 13 -34.08 -0.47 9.37
CA ILE B 13 -34.25 0.81 8.68
C ILE B 13 -33.43 1.92 9.34
N GLY B 14 -33.36 1.91 10.67
CA GLY B 14 -32.61 2.96 11.36
C GLY B 14 -31.12 2.91 11.09
N ARG B 15 -30.61 1.74 10.72
CA ARG B 15 -29.20 1.65 10.42
C ARG B 15 -28.90 1.78 8.93
N SER B 16 -29.90 2.08 8.12
CA SER B 16 -29.63 2.12 6.69
C SER B 16 -29.40 3.52 6.15
N SER B 17 -29.42 4.56 6.99
CA SER B 17 -29.30 5.91 6.48
C SER B 17 -28.39 6.75 7.35
N VAL B 18 -27.52 7.52 6.72
CA VAL B 18 -26.83 8.59 7.42
C VAL B 18 -27.50 9.94 7.17
N ARG B 19 -28.65 9.95 6.48
CA ARG B 19 -29.34 11.18 6.14
C ARG B 19 -29.63 12.09 7.34
N PRO B 20 -30.05 11.59 8.50
CA PRO B 20 -30.20 12.48 9.67
C PRO B 20 -28.90 13.11 10.15
N TYR B 21 -27.77 12.78 9.57
CA TYR B 21 -26.49 13.39 9.92
C TYR B 21 -25.92 14.26 8.81
N LEU B 22 -26.63 14.38 7.70
CA LEU B 22 -26.05 14.98 6.49
C LEU B 22 -25.54 16.39 6.76
N GLU B 23 -26.36 17.23 7.39
CA GLU B 23 -25.98 18.63 7.50
C GLU B 23 -24.82 18.82 8.47
N GLU B 24 -24.90 18.21 9.65
CA GLU B 24 -23.86 18.44 10.63
C GLU B 24 -22.52 17.85 10.17
N CYS B 25 -22.55 16.66 9.56
CA CYS B 25 -21.31 16.06 9.09
C CYS B 25 -20.69 16.86 7.95
N THR B 26 -21.52 17.34 7.02
CA THR B 26 -20.99 18.16 5.94
C THR B 26 -20.30 19.40 6.51
N ARG B 27 -20.97 20.05 7.45
CA ARG B 27 -20.42 21.23 8.08
C ARG B 27 -19.10 20.91 8.78
N ARG B 28 -19.06 19.78 9.48
CA ARG B 28 -17.86 19.44 10.25
C ARG B 28 -16.69 19.07 9.34
N PHE B 29 -16.94 18.30 8.26
CA PHE B 29 -15.92 18.11 7.23
C PHE B 29 -15.35 19.43 6.75
N GLN B 30 -16.23 20.35 6.32
CA GLN B 30 -15.76 21.62 5.79
C GLN B 30 -14.96 22.40 6.83
N GLU B 31 -15.42 22.38 8.09
CA GLU B 31 -14.69 23.07 9.14
C GLU B 31 -13.29 22.49 9.26
N MET B 32 -13.19 21.17 9.17
CA MET B 32 -11.89 20.52 9.30
C MET B 32 -10.96 20.97 8.18
N PHE B 33 -11.44 20.90 6.93
CA PHE B 33 -10.63 21.37 5.81
C PHE B 33 -10.22 22.82 5.98
N ASP B 34 -11.12 23.65 6.54
CA ASP B 34 -10.82 25.07 6.63
C ASP B 34 -9.72 25.35 7.65
N ARG B 35 -9.69 24.60 8.75
CA ARG B 35 -8.58 24.81 9.68
C ARG B 35 -7.28 24.18 9.17
N HIS B 36 -7.34 22.94 8.64
CA HIS B 36 -6.12 22.18 8.39
C HIS B 36 -5.61 22.22 6.95
N VAL B 37 -6.39 22.69 5.98
CA VAL B 37 -5.94 22.77 4.59
C VAL B 37 -5.93 24.21 4.06
N VAL B 38 -6.97 24.98 4.39
CA VAL B 38 -7.02 26.43 4.22
C VAL B 38 -7.34 26.75 2.76
N THR B 39 -6.49 26.29 1.83
CA THR B 39 -6.68 26.65 0.43
C THR B 39 -7.61 25.66 -0.25
N ARG B 40 -8.37 26.16 -1.21
CA ARG B 40 -9.46 25.40 -1.79
C ARG B 40 -8.96 24.54 -2.95
N PRO B 41 -9.77 23.58 -3.40
CA PRO B 41 -9.58 23.03 -4.74
C PRO B 41 -9.77 24.08 -5.81
N THR B 42 -9.36 23.72 -7.02
CA THR B 42 -9.50 24.54 -8.22
C THR B 42 -10.04 23.66 -9.33
N LYS B 43 -11.21 23.97 -9.85
CA LYS B 43 -11.76 23.16 -10.92
C LYS B 43 -10.95 23.41 -12.20
N VAL B 44 -10.57 22.33 -12.89
CA VAL B 44 -10.09 22.47 -14.25
C VAL B 44 -11.29 22.64 -15.18
N GLU B 45 -11.31 23.78 -15.88
CA GLU B 45 -12.32 24.11 -16.89
C GLU B 45 -11.83 23.69 -18.27
N LEU B 46 -12.24 22.50 -18.71
CA LEU B 46 -11.84 22.00 -20.02
C LEU B 46 -12.46 22.82 -21.15
N THR B 47 -11.71 22.94 -22.25
CA THR B 47 -12.32 23.45 -23.47
C THR B 47 -13.35 22.46 -23.98
N ASP B 48 -14.38 22.98 -24.64
CA ASP B 48 -15.41 22.12 -25.22
C ASP B 48 -14.80 20.98 -26.03
N ALA B 49 -13.85 21.30 -26.92
CA ALA B 49 -13.10 20.28 -27.64
C ALA B 49 -12.46 19.28 -26.68
N GLU B 50 -11.72 19.78 -25.67
CA GLU B 50 -11.11 18.91 -24.68
C GLU B 50 -12.15 17.98 -24.05
N LEU B 51 -13.32 18.53 -23.70
CA LEU B 51 -14.35 17.71 -23.07
C LEU B 51 -14.87 16.64 -24.02
N ARG B 52 -15.18 17.02 -25.27
CA ARG B 52 -15.65 16.07 -26.26
C ARG B 52 -14.64 14.94 -26.46
N GLU B 53 -13.35 15.28 -26.57
CA GLU B 53 -12.34 14.25 -26.77
C GLU B 53 -12.39 13.22 -25.64
N VAL B 54 -12.50 13.70 -24.41
CA VAL B 54 -12.53 12.80 -23.27
C VAL B 54 -13.71 11.84 -23.37
N ILE B 55 -14.91 12.38 -23.58
CA ILE B 55 -16.09 11.53 -23.64
C ILE B 55 -16.02 10.57 -24.83
N ASP B 56 -15.65 11.07 -26.02
CA ASP B 56 -15.51 10.19 -27.17
C ASP B 56 -14.54 9.04 -26.87
N ASP B 57 -13.50 9.29 -26.07
CA ASP B 57 -12.55 8.24 -25.69
C ASP B 57 -13.15 7.29 -24.66
N CYS B 58 -13.96 7.81 -23.75
CA CYS B 58 -14.65 6.93 -22.80
C CYS B 58 -15.58 5.98 -23.52
N ASN B 59 -16.34 6.49 -24.49
CA ASN B 59 -17.31 5.64 -25.17
C ASN B 59 -16.61 4.56 -25.97
N ALA B 60 -15.48 4.89 -26.60
CA ALA B 60 -14.77 3.88 -27.37
C ALA B 60 -14.29 2.76 -26.46
N ALA B 61 -13.90 3.09 -25.24
CA ALA B 61 -13.29 2.10 -24.35
C ALA B 61 -14.32 1.13 -23.80
N VAL B 62 -15.53 1.59 -23.47
CA VAL B 62 -16.52 0.71 -22.88
C VAL B 62 -17.49 0.16 -23.90
N ALA B 63 -17.41 0.61 -25.16
CA ALA B 63 -18.19 0.00 -26.24
C ALA B 63 -18.01 -1.50 -26.31
N PRO B 64 -16.80 -2.08 -26.28
CA PRO B 64 -16.70 -3.55 -26.36
C PRO B 64 -17.43 -4.28 -25.23
N LEU B 65 -17.81 -3.58 -24.16
CA LEU B 65 -18.54 -4.24 -23.08
C LEU B 65 -20.05 -4.16 -23.22
N GLY B 66 -20.57 -3.45 -24.23
CA GLY B 66 -21.94 -3.59 -24.67
C GLY B 66 -22.95 -2.58 -24.17
N LYS B 67 -22.61 -1.76 -23.18
CA LYS B 67 -23.60 -0.89 -22.54
C LYS B 67 -23.38 0.56 -22.94
N THR B 68 -24.48 1.32 -22.99
CA THR B 68 -24.43 2.75 -23.26
C THR B 68 -24.25 3.53 -21.97
N VAL B 69 -23.46 4.58 -22.02
CA VAL B 69 -23.29 5.52 -20.92
C VAL B 69 -23.60 6.92 -21.42
N SER B 70 -24.49 7.62 -20.73
CA SER B 70 -24.90 8.97 -21.13
C SER B 70 -23.81 9.99 -20.80
N ASP B 71 -23.85 11.14 -21.48
CA ASP B 71 -22.96 12.24 -21.12
C ASP B 71 -23.20 12.68 -19.69
N GLU B 72 -24.45 12.70 -19.24
CA GLU B 72 -24.76 12.98 -17.83
C GLU B 72 -23.92 12.11 -16.92
N ARG B 73 -23.89 10.80 -17.19
CA ARG B 73 -23.15 9.88 -16.35
C ARG B 73 -21.65 10.14 -16.45
N TRP B 74 -21.12 10.24 -17.68
CA TRP B 74 -19.68 10.52 -17.83
C TRP B 74 -19.28 11.77 -17.09
N ILE B 75 -20.13 12.81 -17.17
CA ILE B 75 -19.85 14.08 -16.49
C ILE B 75 -19.75 13.85 -14.99
N SER B 76 -20.64 13.04 -14.43
CA SER B 76 -20.58 12.74 -13.02
C SER B 76 -19.25 12.10 -12.65
N TYR B 77 -18.85 11.05 -13.38
CA TYR B 77 -17.58 10.37 -13.13
C TYR B 77 -16.40 11.33 -13.24
N VAL B 78 -16.38 12.16 -14.29
CA VAL B 78 -15.16 12.88 -14.61
C VAL B 78 -14.89 14.02 -13.64
N GLY B 79 -15.92 14.54 -12.96
CA GLY B 79 -15.74 15.67 -12.08
C GLY B 79 -14.68 15.47 -11.01
N VAL B 80 -14.51 14.23 -10.52
CA VAL B 80 -13.52 14.02 -9.47
C VAL B 80 -12.13 14.38 -10.00
N VAL B 81 -11.86 14.07 -11.27
CA VAL B 81 -10.57 14.45 -11.84
C VAL B 81 -10.48 15.97 -12.01
N LEU B 82 -11.57 16.58 -12.47
CA LEU B 82 -11.56 18.03 -12.67
C LEU B 82 -11.33 18.79 -11.37
N TRP B 83 -11.85 18.29 -10.25
CA TRP B 83 -11.77 18.98 -8.98
C TRP B 83 -10.58 18.57 -8.10
N SER B 84 -10.04 17.37 -8.29
CA SER B 84 -9.14 16.82 -7.28
C SER B 84 -7.70 16.65 -7.78
N GLN B 85 -7.39 17.11 -8.97
CA GLN B 85 -5.99 17.26 -9.35
C GLN B 85 -5.52 18.62 -8.82
N SER B 86 -4.40 19.14 -9.32
CA SER B 86 -3.91 20.44 -8.88
C SER B 86 -3.54 21.23 -10.12
N PRO B 87 -4.45 22.07 -10.62
CA PRO B 87 -4.25 22.69 -11.95
C PRO B 87 -2.99 23.51 -12.09
N ARG B 88 -2.54 24.17 -11.04
CA ARG B 88 -1.38 25.04 -11.17
C ARG B 88 -0.10 24.26 -11.46
N HIS B 89 -0.07 22.97 -11.15
CA HIS B 89 1.12 22.14 -11.30
C HIS B 89 1.05 21.23 -12.53
N ILE B 90 0.01 21.36 -13.36
CA ILE B 90 -0.10 20.51 -14.54
C ILE B 90 0.99 20.86 -15.56
N LYS B 91 1.71 19.83 -16.03
CA LYS B 91 2.69 19.93 -17.10
C LYS B 91 2.33 19.11 -18.34
N ASP B 92 1.44 18.13 -18.22
CA ASP B 92 1.11 17.25 -19.34
C ASP B 92 -0.40 17.13 -19.38
N MET B 93 -1.05 17.84 -20.30
CA MET B 93 -2.49 17.74 -20.42
C MET B 93 -2.94 16.49 -21.15
N GLU B 94 -2.07 15.86 -21.94
CA GLU B 94 -2.37 14.51 -22.44
C GLU B 94 -2.49 13.52 -21.29
N ALA B 95 -1.54 13.55 -20.35
CA ALA B 95 -1.65 12.72 -19.15
C ALA B 95 -2.91 13.04 -18.36
N PHE B 96 -3.27 14.32 -18.27
CA PHE B 96 -4.48 14.68 -17.53
C PHE B 96 -5.72 14.08 -18.19
N LYS B 97 -5.78 14.14 -19.53
CA LYS B 97 -6.91 13.56 -20.25
C LYS B 97 -6.94 12.04 -20.12
N ALA B 98 -5.76 11.39 -20.13
CA ALA B 98 -5.70 9.96 -19.83
C ALA B 98 -6.36 9.66 -18.49
N VAL B 99 -6.07 10.47 -17.47
CA VAL B 99 -6.64 10.19 -16.16
C VAL B 99 -8.14 10.43 -16.17
N CYS B 100 -8.60 11.41 -16.95
CA CYS B 100 -10.05 11.58 -17.12
C CYS B 100 -10.68 10.31 -17.69
N VAL B 101 -10.10 9.79 -18.78
CA VAL B 101 -10.67 8.61 -19.42
C VAL B 101 -10.54 7.39 -18.49
N LEU B 102 -9.34 7.16 -17.96
CA LEU B 102 -9.11 5.96 -17.14
C LEU B 102 -9.98 5.96 -15.90
N ASN B 103 -10.05 7.11 -15.21
CA ASN B 103 -10.98 7.24 -14.10
C ASN B 103 -12.40 6.86 -14.49
N CYS B 104 -12.89 7.41 -15.62
CA CYS B 104 -14.31 7.23 -15.95
C CYS B 104 -14.63 5.80 -16.34
N VAL B 105 -13.81 5.17 -17.17
CA VAL B 105 -14.19 3.85 -17.65
C VAL B 105 -14.05 2.81 -16.54
N THR B 106 -13.13 3.01 -15.60
CA THR B 106 -13.08 2.10 -14.46
C THR B 106 -14.15 2.42 -13.41
N PHE B 107 -14.68 3.65 -13.40
CA PHE B 107 -15.89 3.90 -12.62
C PHE B 107 -17.07 3.09 -13.16
N VAL B 108 -17.21 3.03 -14.49
CA VAL B 108 -18.24 2.21 -15.10
C VAL B 108 -18.08 0.76 -14.66
N TRP B 109 -16.84 0.27 -14.70
CA TRP B 109 -16.54 -1.09 -14.23
C TRP B 109 -17.00 -1.29 -12.79
N ASP B 110 -16.75 -0.30 -11.93
CA ASP B 110 -17.17 -0.31 -10.53
C ASP B 110 -18.67 -0.44 -10.38
N ASP B 111 -19.43 0.13 -11.32
CA ASP B 111 -20.90 0.17 -11.23
C ASP B 111 -21.57 -0.99 -11.95
N MET B 112 -20.83 -1.87 -12.61
CA MET B 112 -21.41 -2.91 -13.44
C MET B 112 -21.64 -4.19 -12.67
N ASP B 113 -22.78 -4.82 -12.92
CA ASP B 113 -22.94 -6.21 -12.56
C ASP B 113 -21.74 -6.98 -13.12
N PRO B 114 -21.16 -7.91 -12.35
CA PRO B 114 -19.88 -8.51 -12.77
C PRO B 114 -19.97 -9.41 -13.98
N ALA B 115 -21.15 -9.56 -14.59
CA ALA B 115 -21.24 -10.37 -15.81
C ALA B 115 -20.74 -9.62 -17.03
N LEU B 116 -20.73 -8.28 -16.99
CA LEU B 116 -20.19 -7.44 -18.05
C LEU B 116 -18.66 -7.34 -18.00
N HIS B 117 -18.02 -7.84 -16.95
CA HIS B 117 -16.58 -7.69 -16.79
C HIS B 117 -15.83 -8.63 -17.73
N ASP B 118 -15.49 -8.16 -18.94
CA ASP B 118 -14.69 -8.91 -19.91
C ASP B 118 -13.28 -8.32 -19.96
N PHE B 119 -12.32 -9.03 -19.35
CA PHE B 119 -10.95 -8.58 -19.38
C PHE B 119 -10.35 -8.61 -20.78
N GLY B 120 -10.69 -9.64 -21.56
CA GLY B 120 -10.13 -9.76 -22.91
C GLY B 120 -10.50 -8.59 -23.79
N LEU B 121 -11.72 -8.06 -23.64
CA LEU B 121 -12.15 -6.92 -24.44
C LEU B 121 -11.74 -5.60 -23.80
N PHE B 122 -11.71 -5.53 -22.46
CA PHE B 122 -11.48 -4.25 -21.80
C PHE B 122 -10.00 -3.92 -21.63
N LEU B 123 -9.16 -4.87 -21.20
CA LEU B 123 -7.73 -4.56 -21.06
C LEU B 123 -7.12 -3.94 -22.30
N PRO B 124 -7.37 -4.42 -23.53
CA PRO B 124 -6.81 -3.76 -24.71
C PRO B 124 -7.19 -2.29 -24.82
N GLN B 125 -8.43 -1.93 -24.47
CA GLN B 125 -8.82 -0.52 -24.49
C GLN B 125 -8.03 0.30 -23.48
N LEU B 126 -7.81 -0.24 -22.28
CA LEU B 126 -6.96 0.46 -21.32
C LEU B 126 -5.58 0.72 -21.91
N ARG B 127 -4.96 -0.31 -22.48
CA ARG B 127 -3.65 -0.13 -23.11
C ARG B 127 -3.72 0.88 -24.25
N LYS B 128 -4.77 0.84 -25.08
CA LYS B 128 -4.94 1.85 -26.11
C LYS B 128 -4.89 3.26 -25.52
N ILE B 129 -5.63 3.48 -24.43
CA ILE B 129 -5.65 4.78 -23.79
C ILE B 129 -4.27 5.16 -23.29
N CYS B 130 -3.61 4.23 -22.58
CA CYS B 130 -2.35 4.56 -21.94
C CYS B 130 -1.31 4.99 -22.96
N GLU B 131 -1.39 4.45 -24.18
CA GLU B 131 -0.37 4.72 -25.18
C GLU B 131 -0.75 5.90 -26.05
N LYS B 132 -2.02 6.31 -26.04
CA LYS B 132 -2.40 7.55 -26.69
C LYS B 132 -1.82 8.77 -25.98
N TYR B 133 -1.83 8.76 -24.64
CA TYR B 133 -1.54 9.96 -23.86
C TYR B 133 -0.21 9.95 -23.12
N TYR B 134 0.43 8.78 -22.95
CA TYR B 134 1.66 8.67 -22.16
C TYR B 134 2.85 8.23 -23.00
N GLY B 135 4.00 8.84 -22.73
CA GLY B 135 5.29 8.29 -23.14
C GLY B 135 5.47 6.88 -22.60
N PRO B 136 6.59 6.22 -22.92
CA PRO B 136 6.62 4.75 -22.78
C PRO B 136 6.66 4.24 -21.34
N GLU B 137 7.73 4.51 -20.57
CA GLU B 137 7.75 4.19 -19.15
C GLU B 137 6.38 4.38 -18.51
N ASP B 138 5.84 5.60 -18.61
CA ASP B 138 4.61 5.97 -17.91
C ASP B 138 3.40 5.22 -18.45
N ALA B 139 3.38 4.94 -19.76
CA ALA B 139 2.29 4.16 -20.30
C ALA B 139 2.24 2.77 -19.68
N GLU B 140 3.39 2.26 -19.26
CA GLU B 140 3.38 0.91 -18.68
C GLU B 140 2.97 0.96 -17.21
N VAL B 141 3.36 2.02 -16.49
CA VAL B 141 2.96 2.16 -15.09
C VAL B 141 1.46 2.43 -14.99
N ALA B 142 0.92 3.24 -15.89
CA ALA B 142 -0.53 3.52 -15.82
C ALA B 142 -1.33 2.29 -16.18
N TYR B 143 -0.88 1.53 -17.18
CA TYR B 143 -1.61 0.32 -17.57
C TYR B 143 -1.63 -0.73 -16.44
N GLU B 144 -0.48 -0.99 -15.82
CA GLU B 144 -0.45 -1.99 -14.74
C GLU B 144 -1.40 -1.61 -13.60
N ALA B 145 -1.44 -0.33 -13.26
CA ALA B 145 -2.29 0.10 -12.16
C ALA B 145 -3.76 -0.03 -12.52
N ALA B 146 -4.16 0.33 -13.76
CA ALA B 146 -5.55 0.16 -14.15
C ALA B 146 -5.93 -1.32 -14.18
N ARG B 147 -5.06 -2.16 -14.74
CA ARG B 147 -5.26 -3.61 -14.71
C ARG B 147 -5.42 -4.09 -13.28
N ALA B 148 -4.49 -3.72 -12.40
CA ALA B 148 -4.55 -4.18 -11.01
C ALA B 148 -5.85 -3.71 -10.35
N PHE B 149 -6.35 -2.52 -10.72
CA PHE B 149 -7.59 -2.06 -10.11
C PHE B 149 -8.80 -2.85 -10.62
N VAL B 150 -8.94 -2.99 -11.94
CA VAL B 150 -10.17 -3.65 -12.40
C VAL B 150 -10.17 -5.12 -12.02
N THR B 151 -8.98 -5.74 -11.93
CA THR B 151 -8.90 -7.10 -11.42
C THR B 151 -9.33 -7.19 -9.96
N SER B 152 -8.84 -6.26 -9.13
CA SER B 152 -9.24 -6.21 -7.72
C SER B 152 -10.75 -6.03 -7.57
N ASP B 153 -11.33 -5.03 -8.24
CA ASP B 153 -12.75 -4.82 -8.08
C ASP B 153 -13.52 -6.09 -8.45
N HIS B 154 -13.09 -6.77 -9.51
CA HIS B 154 -13.75 -7.99 -9.95
C HIS B 154 -13.61 -9.11 -8.92
N MET B 155 -12.37 -9.44 -8.55
CA MET B 155 -12.17 -10.67 -7.78
C MET B 155 -12.68 -10.54 -6.35
N PHE B 156 -12.90 -9.32 -5.86
CA PHE B 156 -13.38 -9.17 -4.50
C PHE B 156 -14.89 -8.98 -4.39
N ARG B 157 -15.66 -9.23 -5.45
CA ARG B 157 -17.08 -8.87 -5.46
C ARG B 157 -17.88 -9.55 -4.35
N ASP B 158 -17.72 -10.86 -4.20
CA ASP B 158 -18.41 -11.58 -3.11
C ASP B 158 -17.43 -12.43 -2.32
N SER B 159 -16.24 -11.88 -2.03
CA SER B 159 -15.00 -12.50 -1.58
C SER B 159 -14.90 -12.59 -0.05
N PRO B 160 -14.53 -13.78 0.41
CA PRO B 160 -14.10 -13.93 1.82
C PRO B 160 -13.18 -12.85 2.32
N ILE B 161 -12.17 -12.49 1.54
CA ILE B 161 -11.23 -11.47 1.98
C ILE B 161 -11.96 -10.16 2.25
N LYS B 162 -12.80 -9.73 1.31
CA LYS B 162 -13.50 -8.46 1.50
C LYS B 162 -14.36 -8.47 2.75
N ALA B 163 -15.05 -9.59 3.01
CA ALA B 163 -15.85 -9.71 4.22
C ALA B 163 -15.00 -9.45 5.46
N ALA B 164 -13.87 -10.16 5.59
CA ALA B 164 -13.08 -10.03 6.80
C ALA B 164 -12.49 -8.61 6.94
N LEU B 165 -11.92 -8.07 5.86
CA LEU B 165 -11.27 -6.77 5.95
C LEU B 165 -12.29 -5.65 6.18
N CYS B 166 -13.54 -5.85 5.78
CA CYS B 166 -14.57 -4.82 5.94
C CYS B 166 -15.39 -4.94 7.21
N THR B 167 -15.24 -6.03 7.96
CA THR B 167 -16.04 -6.25 9.16
C THR B 167 -15.18 -6.48 10.40
N THR B 168 -13.91 -6.08 10.40
CA THR B 168 -13.01 -6.37 11.52
C THR B 168 -12.63 -5.10 12.29
N SER B 169 -12.11 -4.08 11.61
CA SER B 169 -11.63 -2.87 12.26
C SER B 169 -11.44 -1.79 11.21
N PRO B 170 -11.36 -0.51 11.60
CA PRO B 170 -11.05 0.52 10.59
C PRO B 170 -9.69 0.31 9.95
N GLU B 171 -8.70 -0.15 10.72
CA GLU B 171 -7.39 -0.45 10.15
C GLU B 171 -7.47 -1.47 9.01
N GLN B 172 -8.08 -2.64 9.24
CA GLN B 172 -8.18 -3.63 8.16
C GLN B 172 -8.93 -3.04 6.96
N TYR B 173 -9.98 -2.27 7.24
CA TYR B 173 -10.81 -1.74 6.17
C TYR B 173 -10.02 -0.78 5.29
N PHE B 174 -9.32 0.19 5.89
CA PHE B 174 -8.61 1.17 5.07
C PHE B 174 -7.46 0.52 4.30
N ARG B 175 -6.92 -0.58 4.84
CA ARG B 175 -5.92 -1.33 4.10
C ARG B 175 -6.50 -1.91 2.81
N PHE B 176 -7.75 -2.40 2.85
CA PHE B 176 -8.41 -2.84 1.63
C PHE B 176 -8.59 -1.68 0.65
N ARG B 177 -8.91 -0.49 1.17
CA ARG B 177 -9.30 0.61 0.30
C ARG B 177 -8.11 1.29 -0.37
N VAL B 178 -6.88 1.07 0.11
CA VAL B 178 -5.73 1.63 -0.58
C VAL B 178 -5.80 1.29 -2.07
N THR B 179 -6.19 0.05 -2.39
CA THR B 179 -6.42 -0.38 -3.75
C THR B 179 -7.87 -0.17 -4.19
N ASP B 180 -8.83 -0.55 -3.35
CA ASP B 180 -10.20 -0.67 -3.82
C ASP B 180 -10.84 0.69 -4.10
N ILE B 181 -10.50 1.74 -3.36
CA ILE B 181 -11.07 3.03 -3.74
C ILE B 181 -10.35 3.59 -4.95
N GLY B 182 -9.34 2.91 -5.50
CA GLY B 182 -8.70 3.35 -6.72
C GLY B 182 -7.61 4.39 -6.56
N VAL B 183 -7.23 4.75 -5.33
CA VAL B 183 -6.29 5.85 -5.17
C VAL B 183 -4.85 5.45 -5.55
N ASP B 184 -4.44 4.21 -5.29
CA ASP B 184 -3.12 3.81 -5.76
C ASP B 184 -3.04 3.91 -7.27
N PHE B 185 -4.07 3.40 -7.94
CA PHE B 185 -4.21 3.54 -9.39
C PHE B 185 -4.14 5.01 -9.80
N TRP B 186 -4.93 5.85 -9.12
CA TRP B 186 -4.94 7.28 -9.37
C TRP B 186 -3.53 7.87 -9.35
N MET B 187 -2.76 7.57 -8.30
CA MET B 187 -1.43 8.17 -8.19
C MET B 187 -0.52 7.69 -9.32
N LYS B 188 -0.61 6.40 -9.66
CA LYS B 188 0.29 5.82 -10.64
C LYS B 188 -0.09 6.21 -12.07
N MET B 189 -1.27 6.81 -12.27
CA MET B 189 -1.56 7.38 -13.58
C MET B 189 -1.50 8.90 -13.61
N SER B 190 -1.44 9.55 -12.44
CA SER B 190 -1.40 11.01 -12.35
C SER B 190 0.02 11.59 -12.29
N TYR B 191 1.02 10.83 -11.85
CA TYR B 191 2.34 11.45 -11.73
C TYR B 191 2.87 12.00 -13.06
N PRO B 192 2.60 11.42 -14.23
CA PRO B 192 3.04 12.09 -15.48
C PRO B 192 2.43 13.48 -15.68
N ILE B 193 1.31 13.78 -15.02
CA ILE B 193 0.72 15.12 -15.13
C ILE B 193 1.68 16.18 -14.63
N TYR B 194 2.41 15.86 -13.56
CA TYR B 194 3.20 16.81 -12.80
C TYR B 194 4.69 16.76 -13.13
N ARG B 195 5.23 15.58 -13.46
CA ARG B 195 6.66 15.38 -13.73
C ARG B 195 7.51 16.03 -12.64
N HIS B 196 7.19 15.66 -11.40
CA HIS B 196 7.83 16.15 -10.20
C HIS B 196 8.47 14.95 -9.49
N PRO B 197 9.78 14.75 -9.62
CA PRO B 197 10.35 13.41 -9.33
C PRO B 197 10.06 12.86 -7.94
N GLU B 198 10.01 13.71 -6.91
CA GLU B 198 9.63 13.20 -5.59
C GLU B 198 8.20 12.68 -5.59
N PHE B 199 7.28 13.40 -6.22
CA PHE B 199 5.90 12.93 -6.30
C PHE B 199 5.83 11.61 -7.08
N THR B 200 6.60 11.51 -8.16
CA THR B 200 6.68 10.27 -8.92
C THR B 200 7.14 9.12 -8.03
N GLU B 201 8.12 9.35 -7.16
CA GLU B 201 8.56 8.28 -6.27
C GLU B 201 7.47 7.90 -5.26
N HIS B 202 6.83 8.90 -4.64
CA HIS B 202 5.78 8.57 -3.68
C HIS B 202 4.63 7.84 -4.35
N ALA B 203 4.40 8.13 -5.63
CA ALA B 203 3.38 7.40 -6.38
C ALA B 203 3.80 5.95 -6.58
N LYS B 204 5.04 5.73 -6.99
CA LYS B 204 5.45 4.36 -7.34
C LYS B 204 5.66 3.47 -6.12
N THR B 205 5.96 4.02 -4.95
CA THR B 205 6.02 3.23 -3.72
C THR B 205 4.65 3.00 -3.11
N SER B 206 3.63 3.75 -3.57
CA SER B 206 2.29 3.78 -3.01
C SER B 206 2.20 4.52 -1.67
N LEU B 207 3.29 5.12 -1.20
CA LEU B 207 3.18 5.97 -0.02
C LEU B 207 2.20 7.12 -0.28
N ALA B 208 2.18 7.64 -1.50
CA ALA B 208 1.21 8.67 -1.87
C ALA B 208 -0.20 8.17 -1.61
N ALA B 209 -0.51 6.97 -2.11
CA ALA B 209 -1.83 6.38 -1.89
C ALA B 209 -2.10 6.15 -0.40
N ARG B 210 -1.11 5.63 0.32
CA ARG B 210 -1.35 5.35 1.74
C ARG B 210 -1.60 6.64 2.52
N MET B 211 -1.00 7.77 2.10
CA MET B 211 -1.24 9.03 2.81
C MET B 211 -2.67 9.53 2.62
N THR B 212 -3.28 9.25 1.48
CA THR B 212 -4.53 9.92 1.10
C THR B 212 -5.75 9.02 1.19
N THR B 213 -5.54 7.72 1.47
CA THR B 213 -6.63 6.76 1.46
C THR B 213 -7.74 7.12 2.44
N ARG B 214 -7.38 7.45 3.68
CA ARG B 214 -8.45 7.66 4.66
C ARG B 214 -9.26 8.92 4.35
N GLY B 215 -8.59 10.00 3.96
CA GLY B 215 -9.30 11.23 3.65
C GLY B 215 -10.27 11.07 2.50
N LEU B 216 -9.86 10.32 1.46
CA LEU B 216 -10.77 10.04 0.35
C LEU B 216 -11.90 9.13 0.80
N THR B 217 -11.55 8.04 1.48
CA THR B 217 -12.51 7.00 1.75
C THR B 217 -13.58 7.44 2.75
N ILE B 218 -13.17 8.13 3.80
CA ILE B 218 -14.13 8.53 4.82
C ILE B 218 -15.20 9.43 4.21
N VAL B 219 -14.77 10.36 3.36
CA VAL B 219 -15.72 11.24 2.67
C VAL B 219 -16.59 10.43 1.72
N ASN B 220 -15.97 9.59 0.86
CA ASN B 220 -16.77 8.79 -0.05
C ASN B 220 -17.77 7.93 0.70
N ASP B 221 -17.32 7.25 1.77
CA ASP B 221 -18.18 6.34 2.50
C ASP B 221 -19.38 7.07 3.09
N PHE B 222 -19.17 8.27 3.63
CA PHE B 222 -20.29 8.96 4.26
C PHE B 222 -21.38 9.23 3.25
N TYR B 223 -21.01 9.76 2.09
CA TYR B 223 -22.00 10.20 1.12
C TYR B 223 -22.49 9.09 0.20
N SER B 224 -21.83 7.92 0.16
CA SER B 224 -22.34 6.81 -0.64
C SER B 224 -22.94 5.71 0.22
N TYR B 225 -23.00 5.91 1.54
CA TYR B 225 -23.54 4.92 2.46
C TYR B 225 -24.94 4.47 2.07
N ASP B 226 -25.85 5.42 1.81
CA ASP B 226 -27.25 5.02 1.61
C ASP B 226 -27.41 4.17 0.37
N ARG B 227 -26.75 4.53 -0.72
CA ARG B 227 -26.81 3.71 -1.92
C ARG B 227 -26.18 2.34 -1.68
N GLU B 228 -25.00 2.31 -1.07
CA GLU B 228 -24.31 1.05 -0.88
C GLU B 228 -25.08 0.09 0.03
N VAL B 229 -25.67 0.59 1.11
CA VAL B 229 -26.42 -0.35 1.94
C VAL B 229 -27.68 -0.83 1.22
N SER B 230 -28.30 0.02 0.38
CA SER B 230 -29.46 -0.45 -0.37
C SER B 230 -29.08 -1.47 -1.44
N LEU B 231 -27.83 -1.46 -1.91
CA LEU B 231 -27.37 -2.41 -2.92
C LEU B 231 -26.60 -3.59 -2.33
N GLY B 232 -26.65 -3.76 -1.01
CA GLY B 232 -25.98 -4.87 -0.34
C GLY B 232 -24.48 -4.83 -0.37
N GLN B 233 -23.88 -3.66 -0.57
CA GLN B 233 -22.42 -3.56 -0.61
C GLN B 233 -21.88 -3.30 0.79
N ILE B 234 -20.80 -3.99 1.16
CA ILE B 234 -20.28 -3.90 2.52
C ILE B 234 -19.02 -3.05 2.61
N THR B 235 -18.53 -2.53 1.49
CA THR B 235 -17.27 -1.78 1.51
C THR B 235 -17.56 -0.32 1.88
N ASN B 236 -17.70 -0.08 3.18
CA ASN B 236 -18.05 1.24 3.72
C ASN B 236 -17.77 1.28 5.22
N CYS B 237 -16.90 2.18 5.67
CA CYS B 237 -16.49 2.13 7.08
C CYS B 237 -17.62 2.44 8.04
N PHE B 238 -18.65 3.18 7.62
CA PHE B 238 -19.73 3.43 8.57
C PHE B 238 -20.59 2.20 8.84
N ARG B 239 -20.40 1.12 8.06
CA ARG B 239 -21.02 -0.15 8.44
C ARG B 239 -20.36 -0.77 9.68
N LEU B 240 -19.18 -0.28 10.08
CA LEU B 240 -18.56 -0.78 11.30
C LEU B 240 -19.10 -0.14 12.57
N CYS B 241 -19.84 0.96 12.49
CA CYS B 241 -20.46 1.54 13.67
C CYS B 241 -21.97 1.37 13.53
N ASP B 242 -22.68 1.65 14.61
CA ASP B 242 -24.13 1.53 14.61
C ASP B 242 -24.72 2.91 14.29
N VAL B 243 -24.98 3.15 13.00
CA VAL B 243 -25.45 4.48 12.61
C VAL B 243 -26.87 4.76 13.12
N SER B 244 -27.58 3.75 13.64
CA SER B 244 -28.90 4.01 14.24
C SER B 244 -28.79 4.69 15.59
N ASP B 245 -27.66 4.55 16.27
CA ASP B 245 -27.43 5.05 17.62
C ASP B 245 -26.61 6.33 17.48
N GLU B 246 -27.24 7.45 17.82
CA GLU B 246 -26.58 8.74 17.60
C GLU B 246 -25.28 8.85 18.38
N THR B 247 -25.29 8.40 19.65
CA THR B 247 -24.07 8.38 20.45
C THR B 247 -22.94 7.67 19.72
N ALA B 248 -23.17 6.43 19.31
CA ALA B 248 -22.11 5.65 18.70
C ALA B 248 -21.67 6.27 17.38
N PHE B 249 -22.63 6.73 16.57
CA PHE B 249 -22.28 7.33 15.28
C PHE B 249 -21.36 8.51 15.48
N LYS B 250 -21.69 9.39 16.44
CA LYS B 250 -20.92 10.61 16.64
C LYS B 250 -19.51 10.31 17.11
N GLU B 251 -19.35 9.34 18.01
CA GLU B 251 -18.03 8.95 18.44
C GLU B 251 -17.21 8.39 17.27
N PHE B 252 -17.84 7.54 16.46
CA PHE B 252 -17.15 6.97 15.32
C PHE B 252 -16.76 8.06 14.33
N PHE B 253 -17.71 8.96 14.03
CA PHE B 253 -17.42 10.02 13.07
C PHE B 253 -16.26 10.89 13.55
N GLN B 254 -16.25 11.24 14.84
CA GLN B 254 -15.13 11.99 15.38
C GLN B 254 -13.82 11.22 15.21
N ALA B 255 -13.82 9.93 15.53
CA ALA B 255 -12.61 9.13 15.33
C ALA B 255 -12.15 9.21 13.86
N ARG B 256 -13.09 9.23 12.92
CA ARG B 256 -12.72 9.32 11.52
C ARG B 256 -12.18 10.72 11.17
N LEU B 257 -12.79 11.78 11.74
CA LEU B 257 -12.21 13.13 11.59
C LEU B 257 -10.78 13.18 12.11
N ASP B 258 -10.55 12.65 13.32
CA ASP B 258 -9.20 12.62 13.87
C ASP B 258 -8.25 11.92 12.90
N ASP B 259 -8.67 10.82 12.28
CA ASP B 259 -7.87 10.13 11.27
C ASP B 259 -7.47 11.08 10.15
N MET B 260 -8.46 11.80 9.61
CA MET B 260 -8.18 12.72 8.52
C MET B 260 -7.19 13.78 8.93
N ILE B 261 -7.39 14.35 10.11
CA ILE B 261 -6.52 15.42 10.59
C ILE B 261 -5.10 14.91 10.74
N GLU B 262 -4.95 13.72 11.32
CA GLU B 262 -3.62 13.15 11.48
C GLU B 262 -2.91 13.01 10.14
N ASP B 263 -3.61 12.50 9.13
CA ASP B 263 -3.02 12.33 7.80
C ASP B 263 -2.64 13.68 7.19
N ILE B 264 -3.57 14.63 7.24
CA ILE B 264 -3.30 15.93 6.62
C ILE B 264 -2.10 16.59 7.26
N GLU B 265 -1.98 16.51 8.58
CA GLU B 265 -0.88 17.18 9.25
C GLU B 265 0.45 16.44 9.06
N CYS B 266 0.44 15.14 8.76
CA CYS B 266 1.67 14.51 8.31
C CYS B 266 1.95 14.81 6.84
N ILE B 267 0.91 14.93 6.01
CA ILE B 267 1.12 15.32 4.63
C ILE B 267 1.88 16.65 4.52
N LYS B 268 1.74 17.53 5.52
CA LYS B 268 2.46 18.80 5.44
C LYS B 268 3.96 18.66 5.68
N ALA B 269 4.46 17.46 6.00
CA ALA B 269 5.90 17.24 6.00
C ALA B 269 6.46 16.94 4.62
N PHE B 270 5.62 16.64 3.63
CA PHE B 270 6.14 16.37 2.30
C PHE B 270 6.55 17.69 1.63
N ASP B 271 7.21 17.58 0.48
CA ASP B 271 7.66 18.74 -0.26
C ASP B 271 6.44 19.52 -0.75
N GLN B 272 6.70 20.75 -1.19
CA GLN B 272 5.61 21.68 -1.47
C GLN B 272 4.66 21.16 -2.55
N LEU B 273 5.19 20.79 -3.71
CA LEU B 273 4.33 20.31 -4.80
C LEU B 273 3.53 19.09 -4.38
N THR B 274 4.23 18.05 -3.90
CA THR B 274 3.56 16.84 -3.43
C THR B 274 2.48 17.18 -2.41
N GLN B 275 2.79 18.05 -1.45
CA GLN B 275 1.81 18.51 -0.46
C GLN B 275 0.56 19.06 -1.12
N ASP B 276 0.71 20.05 -2.00
CA ASP B 276 -0.42 20.62 -2.72
C ASP B 276 -1.27 19.53 -3.34
N VAL B 277 -0.60 18.59 -4.01
CA VAL B 277 -1.31 17.59 -4.80
C VAL B 277 -2.12 16.66 -3.89
N PHE B 278 -1.48 16.16 -2.82
CA PHE B 278 -2.20 15.32 -1.88
C PHE B 278 -3.43 16.03 -1.32
N LEU B 279 -3.26 17.30 -0.91
CA LEU B 279 -4.35 17.99 -0.23
C LEU B 279 -5.45 18.40 -1.20
N ASP B 280 -5.07 18.80 -2.42
CA ASP B 280 -6.08 19.02 -3.45
C ASP B 280 -6.88 17.77 -3.72
N LEU B 281 -6.23 16.60 -3.70
CA LEU B 281 -6.95 15.36 -3.92
C LEU B 281 -8.01 15.14 -2.85
N ILE B 282 -7.61 15.25 -1.57
CA ILE B 282 -8.53 14.99 -0.48
C ILE B 282 -9.65 16.02 -0.46
N TYR B 283 -9.29 17.29 -0.53
CA TYR B 283 -10.29 18.33 -0.38
C TYR B 283 -11.12 18.49 -1.66
N GLY B 284 -10.48 18.34 -2.82
CA GLY B 284 -11.24 18.32 -4.07
C GLY B 284 -12.24 17.18 -4.13
N ASN B 285 -11.86 16.01 -3.63
CA ASN B 285 -12.82 14.90 -3.64
C ASN B 285 -14.04 15.25 -2.80
N PHE B 286 -13.84 15.98 -1.71
CA PHE B 286 -14.96 16.37 -0.86
C PHE B 286 -15.86 17.39 -1.57
N VAL B 287 -15.26 18.37 -2.25
CA VAL B 287 -16.09 19.33 -2.97
C VAL B 287 -16.90 18.63 -4.06
N TRP B 288 -16.23 17.81 -4.86
CA TRP B 288 -16.90 17.06 -5.93
C TRP B 288 -18.00 16.16 -5.37
N THR B 289 -17.69 15.42 -4.30
CA THR B 289 -18.65 14.48 -3.74
C THR B 289 -19.93 15.18 -3.31
N THR B 290 -19.81 16.37 -2.72
CA THR B 290 -20.98 17.06 -2.20
C THR B 290 -21.75 17.82 -3.27
N SER B 291 -21.16 18.04 -4.46
CA SER B 291 -21.83 18.69 -5.59
C SER B 291 -22.57 17.71 -6.48
N ASN B 292 -22.31 16.41 -6.36
CA ASN B 292 -22.50 15.47 -7.43
C ASN B 292 -23.77 14.66 -7.20
N LYS B 293 -24.65 14.66 -8.21
CA LYS B 293 -25.90 13.92 -8.14
C LYS B 293 -25.68 12.45 -7.78
N ARG B 294 -24.51 11.92 -8.12
CA ARG B 294 -24.15 10.56 -7.77
C ARG B 294 -24.31 10.31 -6.28
N TYR B 295 -23.99 11.29 -5.45
CA TYR B 295 -24.02 11.12 -4.01
C TYR B 295 -25.16 11.88 -3.35
N LYS B 296 -26.27 12.12 -4.03
CA LYS B 296 -27.46 12.58 -3.32
C LYS B 296 -28.22 11.42 -2.73
N THR B 297 -29.29 10.97 -3.39
CA THR B 297 -30.13 9.88 -2.90
C THR B 297 -29.40 8.55 -3.07
N ALA B 298 -29.94 7.51 -2.43
CA ALA B 298 -29.48 6.15 -2.72
C ALA B 298 -29.23 5.97 -4.21
N VAL B 299 -30.28 5.63 -4.97
CA VAL B 299 -30.16 5.30 -6.38
C VAL B 299 -30.84 6.39 -7.20
N ASN B 300 -30.36 6.60 -8.42
CA ASN B 300 -30.92 7.56 -9.38
C ASN B 300 -30.40 7.19 -10.76
N ASP B 301 -30.29 8.17 -11.66
CA ASP B 301 -29.94 7.95 -13.07
C ASP B 301 -28.43 7.88 -13.31
N VAL B 302 -27.61 8.43 -12.42
CA VAL B 302 -26.17 8.46 -12.66
C VAL B 302 -25.42 7.39 -11.90
N ASN B 303 -25.90 6.97 -10.71
CA ASN B 303 -25.10 6.14 -9.81
C ASN B 303 -25.51 4.66 -9.74
N SER B 304 -26.45 4.23 -10.56
CA SER B 304 -27.08 2.91 -10.41
C SER B 304 -26.40 1.86 -11.27
N ARG B 305 -26.66 0.58 -10.93
CA ARG B 305 -25.95 -0.52 -11.57
C ARG B 305 -26.12 -0.50 -13.11
N ILE B 306 -25.10 -0.97 -13.81
CA ILE B 306 -25.14 -1.09 -15.27
C ILE B 306 -25.33 -2.58 -15.58
N GLN B 307 -26.56 -2.94 -15.94
CA GLN B 307 -27.07 -4.23 -15.51
C GLN B 307 -26.90 -5.34 -16.54
N ALA B 308 -26.24 -6.39 -16.09
CA ALA B 308 -26.39 -7.74 -16.57
C ALA B 308 -27.13 -8.52 -15.48
N GLY A 14 18.28 4.54 30.55
CA GLY A 14 17.32 3.52 30.91
C GLY A 14 16.36 3.38 29.75
N ARG A 15 16.70 4.10 28.67
CA ARG A 15 15.82 4.30 27.53
C ARG A 15 16.47 3.88 26.22
N SER A 16 17.75 3.59 26.21
CA SER A 16 18.41 3.20 24.97
C SER A 16 18.51 1.68 24.77
N SER A 17 17.77 0.88 25.53
CA SER A 17 17.85 -0.57 25.30
C SER A 17 16.59 -1.26 25.81
N VAL A 18 16.09 -2.20 25.02
CA VAL A 18 15.00 -3.05 25.47
C VAL A 18 15.52 -4.36 26.06
N ARG A 19 16.85 -4.48 26.24
CA ARG A 19 17.43 -5.71 26.78
C ARG A 19 16.72 -6.28 28.00
N PRO A 20 16.34 -5.51 29.02
CA PRO A 20 15.71 -6.12 30.20
C PRO A 20 14.39 -6.83 29.92
N TYR A 21 13.73 -6.56 28.80
CA TYR A 21 12.50 -7.26 28.44
C TYR A 21 12.73 -8.38 27.43
N LEU A 22 13.98 -8.68 27.12
CA LEU A 22 14.28 -9.58 26.00
C LEU A 22 13.61 -10.95 26.18
N GLU A 23 13.75 -11.55 27.36
CA GLU A 23 13.24 -12.90 27.55
C GLU A 23 11.72 -12.95 27.57
N GLU A 24 11.08 -12.06 28.34
CA GLU A 24 9.62 -12.04 28.41
C GLU A 24 8.99 -11.81 27.04
N CYS A 25 9.49 -10.80 26.31
CA CYS A 25 8.90 -10.48 25.02
C CYS A 25 9.13 -11.59 24.01
N THR A 26 10.31 -12.23 24.04
CA THR A 26 10.54 -13.36 23.14
C THR A 26 9.53 -14.46 23.42
N ARG A 27 9.38 -14.81 24.70
CA ARG A 27 8.40 -15.78 25.11
C ARG A 27 6.99 -15.42 24.62
N ARG A 28 6.61 -14.16 24.74
CA ARG A 28 5.25 -13.78 24.41
C ARG A 28 5.02 -13.80 22.89
N PHE A 29 5.99 -13.32 22.11
CA PHE A 29 5.94 -13.50 20.66
C PHE A 29 5.71 -14.97 20.30
N GLN A 30 6.52 -15.86 20.86
CA GLN A 30 6.39 -17.27 20.47
C GLN A 30 5.04 -17.85 20.88
N GLU A 31 4.57 -17.52 22.07
CA GLU A 31 3.26 -17.99 22.50
C GLU A 31 2.18 -17.53 21.53
N MET A 32 2.25 -16.26 21.14
CA MET A 32 1.28 -15.72 20.21
C MET A 32 1.30 -16.50 18.90
N PHE A 33 2.49 -16.77 18.37
CA PHE A 33 2.59 -17.57 17.15
C PHE A 33 2.02 -18.97 17.34
N ASP A 34 2.29 -19.60 18.49
CA ASP A 34 1.83 -20.96 18.68
C ASP A 34 0.31 -21.03 18.73
N ARG A 35 -0.32 -19.97 19.21
CA ARG A 35 -1.75 -20.00 19.39
C ARG A 35 -2.48 -19.59 18.11
N HIS A 36 -1.84 -18.80 17.24
CA HIS A 36 -2.51 -18.17 16.10
C HIS A 36 -1.99 -18.59 14.72
N VAL A 37 -0.67 -18.56 14.48
CA VAL A 37 -0.09 -19.19 13.29
C VAL A 37 -0.10 -20.70 13.41
N VAL A 38 0.37 -21.22 14.56
CA VAL A 38 0.44 -22.60 15.07
C VAL A 38 1.50 -23.46 14.35
N THR A 39 1.47 -23.55 13.02
CA THR A 39 2.41 -24.44 12.35
C THR A 39 3.78 -23.78 12.18
N ARG A 40 4.83 -24.56 12.46
CA ARG A 40 6.22 -24.11 12.40
C ARG A 40 6.59 -23.61 11.01
N PRO A 41 7.35 -22.53 10.92
CA PRO A 41 7.99 -22.20 9.63
C PRO A 41 9.03 -23.25 9.30
N THR A 42 9.32 -23.37 8.02
CA THR A 42 10.33 -24.30 7.54
C THR A 42 11.55 -23.50 7.14
N LYS A 43 12.66 -24.19 6.87
CA LYS A 43 13.81 -23.55 6.26
C LYS A 43 13.96 -24.11 4.85
N VAL A 44 14.35 -23.27 3.90
CA VAL A 44 14.70 -23.75 2.56
C VAL A 44 16.18 -24.14 2.56
N GLU A 45 16.47 -25.38 2.17
CA GLU A 45 17.85 -25.84 2.19
C GLU A 45 18.47 -25.52 0.84
N LEU A 46 19.52 -24.70 0.87
CA LEU A 46 20.36 -24.47 -0.28
C LEU A 46 21.44 -25.54 -0.37
N THR A 47 21.58 -26.14 -1.55
CA THR A 47 22.75 -26.92 -1.83
C THR A 47 23.98 -26.03 -1.79
N ASP A 48 25.15 -26.66 -1.93
CA ASP A 48 26.38 -25.89 -2.08
C ASP A 48 26.40 -25.17 -3.43
N ALA A 49 26.09 -25.89 -4.53
CA ALA A 49 26.02 -25.26 -5.84
C ALA A 49 25.08 -24.06 -5.82
N GLU A 50 23.96 -24.16 -5.09
CA GLU A 50 23.01 -23.05 -5.04
C GLU A 50 23.51 -21.96 -4.10
N LEU A 51 24.14 -22.33 -3.00
CA LEU A 51 24.64 -21.33 -2.05
C LEU A 51 25.72 -20.47 -2.68
N ARG A 52 26.77 -21.08 -3.22
CA ARG A 52 27.89 -20.29 -3.70
C ARG A 52 27.50 -19.54 -4.96
N GLU A 53 26.51 -20.01 -5.71
CA GLU A 53 26.03 -19.22 -6.83
C GLU A 53 25.33 -17.95 -6.34
N VAL A 54 24.59 -18.07 -5.23
CA VAL A 54 23.92 -16.90 -4.66
C VAL A 54 24.96 -15.89 -4.16
N ILE A 55 25.92 -16.37 -3.39
CA ILE A 55 26.97 -15.49 -2.87
C ILE A 55 27.81 -14.90 -4.00
N ASP A 56 28.14 -15.72 -5.01
CA ASP A 56 28.78 -15.22 -6.22
C ASP A 56 28.07 -13.96 -6.74
N ASP A 57 26.77 -14.08 -7.01
CA ASP A 57 26.02 -12.97 -7.60
C ASP A 57 25.93 -11.78 -6.65
N CYS A 58 25.74 -12.04 -5.35
CA CYS A 58 25.75 -10.96 -4.37
C CYS A 58 27.05 -10.18 -4.42
N ASN A 59 28.19 -10.88 -4.41
CA ASN A 59 29.48 -10.20 -4.40
C ASN A 59 29.67 -9.37 -5.68
N ALA A 60 29.29 -9.93 -6.83
CA ALA A 60 29.42 -9.20 -8.09
C ALA A 60 28.51 -7.98 -8.12
N ALA A 61 27.37 -8.06 -7.45
CA ALA A 61 26.42 -6.94 -7.50
C ALA A 61 26.92 -5.75 -6.70
N VAL A 62 27.50 -5.99 -5.52
CA VAL A 62 27.92 -4.88 -4.68
C VAL A 62 29.38 -4.51 -4.90
N ALA A 63 30.16 -5.34 -5.57
CA ALA A 63 31.57 -5.03 -5.78
C ALA A 63 31.80 -3.62 -6.31
N PRO A 64 31.01 -3.09 -7.28
CA PRO A 64 31.30 -1.73 -7.78
C PRO A 64 31.15 -0.66 -6.73
N LEU A 65 30.46 -0.93 -5.62
CA LEU A 65 30.37 0.04 -4.55
C LEU A 65 31.61 0.04 -3.65
N GLY A 66 32.50 -0.92 -3.80
CA GLY A 66 33.81 -0.82 -3.19
C GLY A 66 33.99 -1.44 -1.82
N LYS A 67 32.94 -1.94 -1.19
CA LYS A 67 33.04 -2.46 0.19
C LYS A 67 32.96 -3.98 0.16
N THR A 68 33.79 -4.63 0.96
CA THR A 68 33.80 -6.09 1.04
C THR A 68 32.75 -6.59 2.01
N VAL A 69 31.98 -7.59 1.59
CA VAL A 69 30.99 -8.23 2.43
C VAL A 69 31.42 -9.68 2.65
N SER A 70 31.49 -10.09 3.91
CA SER A 70 31.98 -11.42 4.26
C SER A 70 30.91 -12.49 4.06
N ASP A 71 31.37 -13.74 3.97
CA ASP A 71 30.49 -14.90 3.94
C ASP A 71 29.45 -14.84 5.06
N GLU A 72 29.91 -14.70 6.32
CA GLU A 72 28.95 -14.79 7.42
C GLU A 72 28.02 -13.59 7.47
N ARG A 73 28.43 -12.45 6.90
CA ARG A 73 27.48 -11.36 6.74
C ARG A 73 26.43 -11.71 5.67
N TRP A 74 26.84 -12.24 4.52
CA TRP A 74 25.85 -12.68 3.53
C TRP A 74 24.87 -13.69 4.14
N ILE A 75 25.38 -14.64 4.93
CA ILE A 75 24.54 -15.66 5.52
C ILE A 75 23.56 -15.04 6.50
N SER A 76 24.01 -14.05 7.26
CA SER A 76 23.12 -13.36 8.19
C SER A 76 22.01 -12.62 7.46
N TYR A 77 22.28 -12.17 6.23
CA TYR A 77 21.24 -11.51 5.46
C TYR A 77 20.30 -12.53 4.82
N VAL A 78 20.86 -13.60 4.24
CA VAL A 78 20.07 -14.52 3.44
C VAL A 78 19.14 -15.36 4.30
N GLY A 79 19.41 -15.49 5.60
CA GLY A 79 18.61 -16.37 6.43
C GLY A 79 17.13 -16.03 6.43
N VAL A 80 16.79 -14.75 6.28
CA VAL A 80 15.37 -14.41 6.27
C VAL A 80 14.67 -15.06 5.09
N VAL A 81 15.34 -15.13 3.94
CA VAL A 81 14.72 -15.80 2.79
C VAL A 81 14.59 -17.28 3.04
N LEU A 82 15.62 -17.87 3.68
CA LEU A 82 15.63 -19.31 3.89
C LEU A 82 14.55 -19.73 4.86
N TRP A 83 14.25 -18.88 5.84
CA TRP A 83 13.31 -19.19 6.91
C TRP A 83 11.89 -18.69 6.65
N SER A 84 11.72 -17.71 5.77
CA SER A 84 10.46 -16.97 5.73
C SER A 84 9.71 -17.09 4.40
N GLN A 85 10.16 -17.95 3.48
CA GLN A 85 9.38 -18.34 2.31
C GLN A 85 8.57 -19.59 2.69
N SER A 86 7.82 -20.16 1.73
CA SER A 86 6.94 -21.30 1.99
C SER A 86 7.50 -22.44 1.14
N PRO A 87 8.45 -23.23 1.69
CA PRO A 87 9.16 -24.21 0.84
C PRO A 87 8.27 -25.29 0.26
N ARG A 88 7.13 -25.61 0.88
CA ARG A 88 6.32 -26.68 0.32
C ARG A 88 5.49 -26.19 -0.86
N HIS A 89 5.30 -24.88 -0.98
CA HIS A 89 4.63 -24.28 -2.11
C HIS A 89 5.59 -23.83 -3.22
N ILE A 90 6.90 -24.02 -3.06
CA ILE A 90 7.82 -23.47 -4.08
C ILE A 90 7.68 -24.25 -5.39
N LYS A 91 7.56 -23.48 -6.48
CA LYS A 91 7.54 -23.97 -7.85
C LYS A 91 8.80 -23.65 -8.64
N ASP A 92 9.40 -22.48 -8.41
CA ASP A 92 10.45 -21.94 -9.27
C ASP A 92 11.66 -21.60 -8.41
N MET A 93 12.67 -22.49 -8.39
CA MET A 93 13.88 -22.28 -7.60
C MET A 93 14.77 -21.18 -8.17
N GLU A 94 14.65 -20.86 -9.46
CA GLU A 94 15.44 -19.73 -9.97
C GLU A 94 14.89 -18.41 -9.44
N ALA A 95 13.57 -18.31 -9.31
CA ALA A 95 12.98 -17.17 -8.61
C ALA A 95 13.43 -17.12 -7.15
N PHE A 96 13.50 -18.27 -6.48
CA PHE A 96 13.94 -18.30 -5.10
C PHE A 96 15.36 -17.76 -4.96
N LYS A 97 16.29 -18.26 -5.79
CA LYS A 97 17.66 -17.76 -5.73
C LYS A 97 17.70 -16.25 -5.98
N ALA A 98 16.86 -15.76 -6.90
CA ALA A 98 16.80 -14.32 -7.15
C ALA A 98 16.39 -13.56 -5.89
N VAL A 99 15.40 -14.07 -5.15
CA VAL A 99 14.98 -13.39 -3.94
C VAL A 99 16.11 -13.42 -2.91
N CYS A 100 16.85 -14.53 -2.83
CA CYS A 100 18.04 -14.54 -1.98
C CYS A 100 18.99 -13.41 -2.34
N VAL A 101 19.35 -13.30 -3.62
CA VAL A 101 20.36 -12.33 -4.04
C VAL A 101 19.86 -10.90 -3.82
N LEU A 102 18.67 -10.60 -4.33
CA LEU A 102 18.09 -9.27 -4.21
C LEU A 102 17.88 -8.86 -2.76
N ASN A 103 17.36 -9.78 -1.94
CA ASN A 103 17.25 -9.52 -0.52
C ASN A 103 18.59 -9.12 0.08
N CYS A 104 19.64 -9.85 -0.30
CA CYS A 104 20.94 -9.66 0.33
C CYS A 104 21.57 -8.35 -0.09
N VAL A 105 21.58 -8.06 -1.39
CA VAL A 105 22.35 -6.90 -1.83
C VAL A 105 21.66 -5.61 -1.40
N THR A 106 20.33 -5.59 -1.28
CA THR A 106 19.68 -4.38 -0.78
C THR A 106 19.73 -4.29 0.74
N PHE A 107 19.97 -5.41 1.43
CA PHE A 107 20.31 -5.34 2.84
C PHE A 107 21.65 -4.61 3.03
N VAL A 108 22.63 -4.87 2.16
CA VAL A 108 23.88 -4.13 2.21
C VAL A 108 23.61 -2.64 2.05
N TRP A 109 22.81 -2.27 1.04
CA TRP A 109 22.41 -0.89 0.84
C TRP A 109 21.78 -0.29 2.11
N ASP A 110 20.90 -1.05 2.76
CA ASP A 110 20.29 -0.64 4.02
C ASP A 110 21.36 -0.29 5.06
N ASP A 111 22.43 -1.09 5.12
CA ASP A 111 23.47 -0.91 6.12
C ASP A 111 24.51 0.13 5.72
N MET A 112 24.45 0.70 4.51
CA MET A 112 25.49 1.57 3.99
C MET A 112 25.28 3.04 4.35
N ASP A 113 26.38 3.75 4.53
CA ASP A 113 26.38 5.21 4.50
C ASP A 113 25.91 5.68 3.13
N PRO A 114 25.04 6.69 3.07
CA PRO A 114 24.45 7.08 1.78
C PRO A 114 25.46 7.67 0.81
N ALA A 115 26.66 8.02 1.28
CA ALA A 115 27.74 8.40 0.38
C ALA A 115 28.14 7.24 -0.52
N LEU A 116 28.04 6.01 -0.03
CA LEU A 116 28.38 4.83 -0.81
C LEU A 116 27.32 4.48 -1.83
N HIS A 117 26.11 5.03 -1.72
CA HIS A 117 25.01 4.74 -2.63
C HIS A 117 25.33 5.32 -3.99
N ASP A 118 25.43 4.46 -5.01
CA ASP A 118 25.71 4.87 -6.39
C ASP A 118 24.69 4.19 -7.30
N PHE A 119 23.64 4.95 -7.65
CA PHE A 119 22.54 4.41 -8.43
C PHE A 119 22.99 3.99 -9.83
N GLY A 120 23.85 4.81 -10.47
CA GLY A 120 24.35 4.47 -11.79
C GLY A 120 25.12 3.17 -11.84
N LEU A 121 25.85 2.84 -10.77
CA LEU A 121 26.60 1.59 -10.71
C LEU A 121 25.75 0.44 -10.21
N PHE A 122 24.80 0.70 -9.31
CA PHE A 122 24.10 -0.39 -8.64
C PHE A 122 22.83 -0.81 -9.38
N LEU A 123 22.07 0.14 -9.93
CA LEU A 123 20.83 -0.26 -10.61
C LEU A 123 21.07 -1.22 -11.76
N PRO A 124 22.07 -1.03 -12.64
CA PRO A 124 22.34 -2.07 -13.65
C PRO A 124 22.66 -3.44 -13.05
N GLN A 125 23.28 -3.48 -11.87
CA GLN A 125 23.53 -4.76 -11.22
C GLN A 125 22.23 -5.43 -10.80
N LEU A 126 21.30 -4.66 -10.23
CA LEU A 126 19.98 -5.21 -9.93
C LEU A 126 19.30 -5.71 -11.20
N ARG A 127 19.27 -4.87 -12.24
CA ARG A 127 18.71 -5.27 -13.52
C ARG A 127 19.33 -6.57 -14.03
N LYS A 128 20.65 -6.68 -13.93
CA LYS A 128 21.36 -7.92 -14.25
C LYS A 128 20.73 -9.12 -13.56
N ILE A 129 20.63 -9.04 -12.22
CA ILE A 129 20.08 -10.13 -11.42
C ILE A 129 18.66 -10.46 -11.87
N CYS A 130 17.83 -9.42 -12.04
CA CYS A 130 16.44 -9.68 -12.36
C CYS A 130 16.29 -10.38 -13.70
N GLU A 131 17.09 -10.00 -14.68
CA GLU A 131 16.97 -10.61 -16.00
C GLU A 131 17.46 -12.06 -16.01
N LYS A 132 18.53 -12.35 -15.26
CA LYS A 132 19.04 -13.71 -15.22
C LYS A 132 17.99 -14.69 -14.71
N TYR A 133 17.36 -14.40 -13.57
CA TYR A 133 16.59 -15.41 -12.85
C TYR A 133 15.09 -15.39 -13.15
N TYR A 134 14.54 -14.30 -13.67
CA TYR A 134 13.13 -14.22 -13.98
C TYR A 134 12.92 -14.21 -15.49
N GLY A 135 11.69 -14.51 -15.91
CA GLY A 135 11.29 -14.28 -17.28
C GLY A 135 11.10 -12.79 -17.54
N PRO A 136 10.81 -12.45 -18.81
CA PRO A 136 10.87 -11.02 -19.20
C PRO A 136 9.91 -10.10 -18.44
N GLU A 137 8.70 -10.56 -18.14
CA GLU A 137 7.75 -9.65 -17.47
C GLU A 137 8.04 -9.56 -15.97
N ASP A 138 8.18 -10.71 -15.31
CA ASP A 138 8.45 -10.71 -13.88
C ASP A 138 9.76 -10.00 -13.56
N ALA A 139 10.73 -10.06 -14.48
CA ALA A 139 12.00 -9.37 -14.25
C ALA A 139 11.81 -7.87 -14.09
N GLU A 140 10.86 -7.29 -14.83
CA GLU A 140 10.64 -5.86 -14.75
C GLU A 140 9.87 -5.49 -13.48
N VAL A 141 8.95 -6.36 -13.04
CA VAL A 141 8.25 -6.13 -11.78
C VAL A 141 9.22 -6.20 -10.62
N ALA A 142 10.10 -7.21 -10.62
CA ALA A 142 11.08 -7.34 -9.55
C ALA A 142 12.07 -6.17 -9.57
N TYR A 143 12.51 -5.75 -10.77
CA TYR A 143 13.45 -4.63 -10.83
C TYR A 143 12.83 -3.33 -10.34
N GLU A 144 11.60 -3.05 -10.76
CA GLU A 144 10.97 -1.81 -10.30
C GLU A 144 10.83 -1.81 -8.77
N ALA A 145 10.41 -2.94 -8.20
CA ALA A 145 10.31 -3.02 -6.74
C ALA A 145 11.67 -2.80 -6.07
N ALA A 146 12.74 -3.43 -6.59
CA ALA A 146 14.07 -3.23 -6.02
C ALA A 146 14.50 -1.77 -6.14
N ARG A 147 14.31 -1.18 -7.32
CA ARG A 147 14.64 0.23 -7.56
C ARG A 147 13.89 1.14 -6.59
N ALA A 148 12.56 0.97 -6.48
CA ALA A 148 11.78 1.78 -5.55
C ALA A 148 12.31 1.64 -4.13
N PHE A 149 12.66 0.42 -3.71
CA PHE A 149 13.16 0.25 -2.35
C PHE A 149 14.46 1.02 -2.10
N VAL A 150 15.50 0.76 -2.92
CA VAL A 150 16.78 1.40 -2.66
C VAL A 150 16.65 2.91 -2.78
N THR A 151 15.80 3.39 -3.68
CA THR A 151 15.56 4.82 -3.78
C THR A 151 14.91 5.37 -2.51
N SER A 152 13.93 4.63 -1.97
CA SER A 152 13.27 5.07 -0.75
C SER A 152 14.23 5.08 0.43
N ASP A 153 15.03 4.01 0.59
CA ASP A 153 15.97 3.98 1.69
C ASP A 153 16.93 5.17 1.62
N HIS A 154 17.36 5.52 0.42
CA HIS A 154 18.28 6.65 0.25
C HIS A 154 17.60 7.97 0.59
N MET A 155 16.46 8.25 -0.04
CA MET A 155 15.93 9.60 0.06
C MET A 155 15.34 9.88 1.44
N PHE A 156 15.01 8.83 2.21
CA PHE A 156 14.44 9.09 3.52
C PHE A 156 15.46 9.15 4.64
N ARG A 157 16.74 8.86 4.39
CA ARG A 157 17.76 9.33 5.32
C ARG A 157 17.59 10.85 5.37
N ASP A 158 17.84 11.46 6.54
CA ASP A 158 17.86 12.95 6.62
C ASP A 158 16.46 13.59 6.55
N SER A 159 15.42 12.82 6.18
CA SER A 159 14.17 13.45 5.72
C SER A 159 13.23 13.79 6.89
N PRO A 160 12.71 15.03 6.89
CA PRO A 160 11.60 15.36 7.82
C PRO A 160 10.35 14.52 7.60
N ILE A 161 10.13 13.95 6.40
CA ILE A 161 8.98 13.07 6.23
C ILE A 161 9.11 11.85 7.12
N LYS A 162 10.32 11.27 7.15
CA LYS A 162 10.56 10.14 8.04
C LYS A 162 10.29 10.52 9.49
N ALA A 163 10.88 11.63 9.96
CA ALA A 163 10.65 12.08 11.33
C ALA A 163 9.16 12.23 11.62
N ALA A 164 8.41 12.87 10.71
CA ALA A 164 6.97 12.99 10.93
C ALA A 164 6.33 11.61 11.05
N LEU A 165 6.55 10.74 10.07
CA LEU A 165 5.84 9.46 10.04
C LEU A 165 6.29 8.51 11.15
N CYS A 166 7.52 8.63 11.62
CA CYS A 166 7.99 7.74 12.68
C CYS A 166 7.84 8.35 14.07
N THR A 167 7.24 9.53 14.20
CA THR A 167 6.97 10.08 15.52
C THR A 167 5.50 10.42 15.73
N THR A 168 4.64 10.30 14.72
CA THR A 168 3.26 10.77 14.91
C THR A 168 2.40 9.77 15.67
N SER A 169 2.36 8.52 15.21
CA SER A 169 1.43 7.49 15.69
C SER A 169 1.85 6.15 15.11
N PRO A 170 1.36 5.03 15.67
CA PRO A 170 1.71 3.73 15.08
C PRO A 170 1.20 3.57 13.67
N GLU A 171 -0.01 4.09 13.37
CA GLU A 171 -0.53 4.10 12.00
C GLU A 171 0.46 4.74 11.04
N GLN A 172 0.85 5.99 11.31
CA GLN A 172 1.76 6.69 10.41
C GLN A 172 3.04 5.89 10.19
N TYR A 173 3.57 5.34 11.27
CA TYR A 173 4.83 4.62 11.21
C TYR A 173 4.72 3.38 10.33
N PHE A 174 3.68 2.57 10.55
CA PHE A 174 3.55 1.34 9.79
C PHE A 174 3.26 1.62 8.32
N ARG A 175 2.63 2.76 8.03
CA ARG A 175 2.42 3.15 6.64
C ARG A 175 3.75 3.41 5.91
N PHE A 176 4.71 4.04 6.58
CA PHE A 176 6.05 4.20 6.02
C PHE A 176 6.73 2.85 5.81
N ARG A 177 6.53 1.92 6.76
CA ARG A 177 7.28 0.67 6.72
C ARG A 177 6.78 -0.31 5.68
N VAL A 178 5.55 -0.16 5.15
CA VAL A 178 5.12 -1.00 4.02
C VAL A 178 6.19 -1.03 2.94
N THR A 179 6.78 0.11 2.64
CA THR A 179 7.90 0.19 1.72
C THR A 179 9.24 0.03 2.45
N ASP A 180 9.44 0.77 3.54
CA ASP A 180 10.79 0.88 4.09
C ASP A 180 11.30 -0.42 4.72
N ILE A 181 10.43 -1.32 5.21
CA ILE A 181 10.94 -2.62 5.65
C ILE A 181 11.12 -3.58 4.47
N GLY A 182 10.85 -3.14 3.25
CA GLY A 182 11.13 -3.96 2.10
C GLY A 182 10.11 -5.03 1.80
N VAL A 183 9.01 -5.10 2.54
CA VAL A 183 8.05 -6.18 2.32
C VAL A 183 7.28 -6.03 1.01
N ASP A 184 6.96 -4.79 0.59
CA ASP A 184 6.33 -4.65 -0.72
C ASP A 184 7.24 -5.19 -1.82
N PHE A 185 8.53 -4.81 -1.77
CA PHE A 185 9.55 -5.34 -2.66
C PHE A 185 9.59 -6.87 -2.58
N TRP A 186 9.59 -7.41 -1.36
CA TRP A 186 9.66 -8.86 -1.16
C TRP A 186 8.52 -9.59 -1.87
N MET A 187 7.28 -9.09 -1.69
CA MET A 187 6.14 -9.75 -2.31
C MET A 187 6.27 -9.74 -3.84
N LYS A 188 6.66 -8.59 -4.39
CA LYS A 188 6.74 -8.42 -5.84
C LYS A 188 7.90 -9.18 -6.46
N MET A 189 8.92 -9.54 -5.69
CA MET A 189 9.93 -10.43 -6.25
C MET A 189 9.70 -11.90 -5.91
N SER A 190 8.79 -12.19 -4.98
CA SER A 190 8.54 -13.55 -4.53
C SER A 190 7.40 -14.26 -5.25
N TYR A 191 6.42 -13.54 -5.82
CA TYR A 191 5.31 -14.26 -6.42
C TYR A 191 5.75 -15.21 -7.54
N PRO A 192 6.81 -14.97 -8.32
CA PRO A 192 7.20 -16.00 -9.31
C PRO A 192 7.67 -17.30 -8.67
N ILE A 193 8.08 -17.27 -7.40
CA ILE A 193 8.46 -18.51 -6.71
C ILE A 193 7.28 -19.47 -6.70
N TYR A 194 6.07 -18.94 -6.56
CA TYR A 194 4.88 -19.75 -6.30
C TYR A 194 4.00 -19.94 -7.53
N ARG A 195 4.01 -19.00 -8.48
CA ARG A 195 3.15 -19.07 -9.67
C ARG A 195 1.70 -19.38 -9.29
N HIS A 196 1.24 -18.71 -8.24
CA HIS A 196 -0.10 -18.87 -7.66
C HIS A 196 -0.91 -17.63 -8.01
N PRO A 197 -1.86 -17.70 -8.94
CA PRO A 197 -2.50 -16.47 -9.47
C PRO A 197 -3.06 -15.55 -8.40
N GLU A 198 -3.73 -16.10 -7.38
CA GLU A 198 -4.25 -15.26 -6.30
C GLU A 198 -3.12 -14.46 -5.65
N PHE A 199 -2.04 -15.16 -5.24
CA PHE A 199 -0.92 -14.51 -4.57
C PHE A 199 -0.30 -13.42 -5.45
N THR A 200 -0.18 -13.69 -6.75
CA THR A 200 0.44 -12.71 -7.64
C THR A 200 -0.37 -11.41 -7.68
N GLU A 201 -1.69 -11.51 -7.66
CA GLU A 201 -2.50 -10.28 -7.61
C GLU A 201 -2.33 -9.55 -6.28
N HIS A 202 -2.38 -10.27 -5.15
CA HIS A 202 -2.22 -9.61 -3.87
C HIS A 202 -0.84 -8.96 -3.74
N ALA A 203 0.17 -9.61 -4.33
CA ALA A 203 1.49 -9.02 -4.37
C ALA A 203 1.50 -7.75 -5.19
N LYS A 204 0.82 -7.76 -6.34
CA LYS A 204 0.91 -6.62 -7.23
C LYS A 204 0.04 -5.44 -6.80
N THR A 205 -1.04 -5.68 -6.06
CA THR A 205 -1.81 -4.58 -5.45
C THR A 205 -1.17 -4.07 -4.17
N SER A 206 -0.17 -4.79 -3.63
CA SER A 206 0.47 -4.52 -2.35
C SER A 206 -0.42 -4.85 -1.16
N LEU A 207 -1.62 -5.38 -1.38
CA LEU A 207 -2.39 -5.89 -0.25
C LEU A 207 -1.59 -6.94 0.53
N ALA A 208 -0.85 -7.80 -0.17
CA ALA A 208 0.03 -8.77 0.49
C ALA A 208 1.00 -8.08 1.45
N ALA A 209 1.65 -7.01 0.99
CA ALA A 209 2.56 -6.30 1.86
C ALA A 209 1.81 -5.61 3.01
N ARG A 210 0.67 -4.97 2.70
CA ARG A 210 -0.05 -4.27 3.74
C ARG A 210 -0.49 -5.20 4.85
N MET A 211 -0.74 -6.47 4.53
CA MET A 211 -1.25 -7.42 5.54
C MET A 211 -0.13 -7.96 6.44
N THR A 212 1.12 -7.93 5.99
CA THR A 212 2.23 -8.56 6.72
C THR A 212 3.20 -7.53 7.32
N THR A 213 2.99 -6.24 7.06
CA THR A 213 3.93 -5.22 7.49
C THR A 213 4.07 -5.18 9.02
N ARG A 214 2.95 -5.18 9.74
CA ARG A 214 3.07 -5.00 11.19
C ARG A 214 3.74 -6.19 11.83
N GLY A 215 3.42 -7.40 11.38
CA GLY A 215 4.04 -8.58 11.96
C GLY A 215 5.54 -8.57 11.77
N LEU A 216 6.01 -8.30 10.56
CA LEU A 216 7.44 -8.18 10.32
C LEU A 216 8.06 -7.05 11.13
N THR A 217 7.41 -5.88 11.12
CA THR A 217 8.04 -4.68 11.66
C THR A 217 8.13 -4.73 13.17
N ILE A 218 7.07 -5.17 13.85
CA ILE A 218 7.09 -5.18 15.31
C ILE A 218 8.21 -6.08 15.80
N VAL A 219 8.36 -7.24 15.17
CA VAL A 219 9.45 -8.16 15.55
C VAL A 219 10.80 -7.55 15.24
N ASN A 220 10.97 -7.02 14.02
CA ASN A 220 12.26 -6.43 13.68
C ASN A 220 12.61 -5.29 14.63
N ASP A 221 11.63 -4.40 14.89
CA ASP A 221 11.88 -3.24 15.75
C ASP A 221 12.29 -3.66 17.16
N PHE A 222 11.64 -4.68 17.72
CA PHE A 222 12.00 -5.04 19.08
C PHE A 222 13.47 -5.46 19.17
N TYR A 223 13.89 -6.33 18.26
CA TYR A 223 15.24 -6.89 18.39
C TYR A 223 16.33 -6.03 17.76
N SER A 224 15.98 -5.03 16.95
CA SER A 224 16.99 -4.13 16.40
C SER A 224 17.01 -2.78 17.10
N TYR A 225 16.18 -2.61 18.15
CA TYR A 225 16.07 -1.34 18.84
C TYR A 225 17.42 -0.86 19.37
N ASP A 226 18.13 -1.73 20.11
CA ASP A 226 19.39 -1.31 20.72
C ASP A 226 20.36 -0.79 19.67
N ARG A 227 20.51 -1.52 18.55
CA ARG A 227 21.42 -1.08 17.48
C ARG A 227 20.95 0.25 16.88
N GLU A 228 19.68 0.32 16.52
CA GLU A 228 19.20 1.53 15.83
C GLU A 228 19.37 2.76 16.71
N VAL A 229 19.05 2.64 17.99
CA VAL A 229 19.26 3.76 18.91
C VAL A 229 20.76 4.10 19.02
N SER A 230 21.62 3.09 18.96
CA SER A 230 23.06 3.36 18.95
C SER A 230 23.51 4.09 17.69
N LEU A 231 22.82 3.90 16.57
CA LEU A 231 23.24 4.50 15.32
C LEU A 231 22.49 5.79 14.99
N GLY A 232 21.65 6.26 15.91
CA GLY A 232 20.81 7.42 15.68
C GLY A 232 19.67 7.22 14.70
N GLN A 233 19.22 5.98 14.51
CA GLN A 233 18.13 5.69 13.58
C GLN A 233 16.78 5.80 14.29
N ILE A 234 15.84 6.51 13.69
CA ILE A 234 14.56 6.75 14.36
C ILE A 234 13.45 5.84 13.87
N THR A 235 13.71 4.99 12.88
CA THR A 235 12.68 4.16 12.28
C THR A 235 12.49 2.90 13.14
N ASN A 236 11.71 3.06 14.21
CA ASN A 236 11.49 1.98 15.17
C ASN A 236 10.29 2.32 16.04
N CYS A 237 9.25 1.48 16.00
CA CYS A 237 8.02 1.86 16.71
C CYS A 237 8.18 1.91 18.23
N PHE A 238 9.17 1.20 18.81
CA PHE A 238 9.31 1.30 20.26
C PHE A 238 9.86 2.65 20.71
N ARG A 239 10.34 3.49 19.78
CA ARG A 239 10.67 4.86 20.12
C ARG A 239 9.43 5.68 20.48
N LEU A 240 8.25 5.20 20.15
CA LEU A 240 7.02 5.89 20.49
C LEU A 240 6.65 5.77 21.96
N CYS A 241 7.26 4.82 22.69
CA CYS A 241 6.80 4.58 24.03
C CYS A 241 7.94 4.77 25.02
N ASP A 242 7.54 4.97 26.27
CA ASP A 242 8.41 4.99 27.44
C ASP A 242 9.04 3.62 27.70
N VAL A 243 10.08 3.23 26.95
CA VAL A 243 10.67 1.92 27.23
C VAL A 243 11.32 1.89 28.62
N SER A 244 11.59 3.06 29.22
CA SER A 244 12.12 3.19 30.57
C SER A 244 11.10 2.86 31.64
N ASP A 245 9.82 2.75 31.30
CA ASP A 245 8.77 2.48 32.26
C ASP A 245 8.16 1.12 31.91
N GLU A 246 8.47 0.11 32.72
CA GLU A 246 7.97 -1.23 32.50
C GLU A 246 6.47 -1.23 32.20
N THR A 247 5.68 -0.51 33.00
CA THR A 247 4.24 -0.58 32.87
C THR A 247 3.76 -0.01 31.54
N ALA A 248 4.25 1.16 31.14
CA ALA A 248 3.86 1.71 29.85
C ALA A 248 4.42 0.87 28.71
N PHE A 249 5.64 0.34 28.87
CA PHE A 249 6.17 -0.55 27.86
C PHE A 249 5.24 -1.73 27.62
N LYS A 250 4.72 -2.34 28.71
CA LYS A 250 3.90 -3.54 28.57
C LYS A 250 2.61 -3.22 27.83
N GLU A 251 2.08 -2.03 28.05
CA GLU A 251 0.82 -1.66 27.39
C GLU A 251 1.05 -1.39 25.92
N PHE A 252 2.20 -0.81 25.59
CA PHE A 252 2.54 -0.61 24.19
C PHE A 252 2.80 -1.95 23.53
N PHE A 253 3.58 -2.79 24.19
CA PHE A 253 3.91 -4.09 23.62
C PHE A 253 2.67 -4.94 23.43
N GLN A 254 1.74 -4.91 24.39
CA GLN A 254 0.50 -5.65 24.21
C GLN A 254 -0.33 -5.09 23.06
N ALA A 255 -0.38 -3.77 22.91
CA ALA A 255 -1.09 -3.19 21.78
C ALA A 255 -0.48 -3.66 20.46
N ARG A 256 0.85 -3.80 20.43
CA ARG A 256 1.50 -4.32 19.22
C ARG A 256 1.18 -5.79 19.00
N LEU A 257 1.23 -6.60 20.06
CA LEU A 257 0.83 -8.00 19.93
C LEU A 257 -0.60 -8.10 19.38
N ASP A 258 -1.50 -7.27 19.88
CA ASP A 258 -2.87 -7.28 19.38
C ASP A 258 -2.93 -6.93 17.91
N ASP A 259 -2.11 -5.96 17.47
CA ASP A 259 -2.02 -5.63 16.05
C ASP A 259 -1.61 -6.86 15.24
N MET A 260 -0.60 -7.60 15.74
CA MET A 260 -0.15 -8.78 15.02
C MET A 260 -1.26 -9.82 14.94
N ILE A 261 -1.96 -10.03 16.05
CA ILE A 261 -3.02 -11.03 16.09
C ILE A 261 -4.13 -10.67 15.13
N GLU A 262 -4.55 -9.41 15.14
CA GLU A 262 -5.59 -8.95 14.23
C GLU A 262 -5.23 -9.24 12.78
N ASP A 263 -4.01 -8.91 12.38
CA ASP A 263 -3.57 -9.18 11.01
C ASP A 263 -3.58 -10.69 10.71
N ILE A 264 -3.06 -11.49 11.63
CA ILE A 264 -3.01 -12.93 11.41
C ILE A 264 -4.42 -13.49 11.27
N GLU A 265 -5.32 -13.05 12.15
CA GLU A 265 -6.71 -13.50 12.06
C GLU A 265 -7.29 -13.18 10.68
N CYS A 266 -7.07 -11.97 10.18
CA CYS A 266 -7.59 -11.60 8.86
C CYS A 266 -6.86 -12.31 7.72
N ILE A 267 -5.56 -12.59 7.90
CA ILE A 267 -4.83 -13.34 6.87
C ILE A 267 -5.48 -14.72 6.64
N LYS A 268 -6.14 -15.27 7.66
CA LYS A 268 -6.77 -16.57 7.54
C LYS A 268 -8.09 -16.55 6.78
N ALA A 269 -8.51 -15.40 6.26
CA ALA A 269 -9.62 -15.37 5.30
C ALA A 269 -9.12 -15.50 3.87
N PHE A 270 -7.82 -15.37 3.66
CA PHE A 270 -7.28 -15.56 2.32
C PHE A 270 -7.26 -17.05 2.00
N ASP A 271 -7.13 -17.36 0.71
CA ASP A 271 -7.07 -18.75 0.26
C ASP A 271 -5.89 -19.46 0.93
N GLN A 272 -6.00 -20.78 1.12
CA GLN A 272 -5.04 -21.46 1.99
C GLN A 272 -3.58 -21.35 1.51
N LEU A 273 -3.36 -21.34 0.19
CA LEU A 273 -1.98 -21.22 -0.24
C LEU A 273 -1.41 -19.85 0.11
N THR A 274 -2.13 -18.79 -0.26
CA THR A 274 -1.67 -17.44 0.06
C THR A 274 -1.53 -17.25 1.56
N GLN A 275 -2.47 -17.78 2.34
CA GLN A 275 -2.38 -17.69 3.79
C GLN A 275 -1.07 -18.32 4.29
N ASP A 276 -0.71 -19.50 3.78
CA ASP A 276 0.52 -20.15 4.20
C ASP A 276 1.71 -19.23 3.99
N VAL A 277 1.80 -18.62 2.80
CA VAL A 277 2.93 -17.78 2.47
C VAL A 277 3.01 -16.56 3.38
N PHE A 278 1.87 -15.87 3.59
CA PHE A 278 1.88 -14.72 4.49
C PHE A 278 2.36 -15.11 5.90
N LEU A 279 1.82 -16.21 6.43
CA LEU A 279 2.08 -16.58 7.81
C LEU A 279 3.50 -17.15 7.97
N ASP A 280 3.95 -17.93 7.00
CA ASP A 280 5.34 -18.38 7.02
C ASP A 280 6.31 -17.20 6.98
N LEU A 281 5.92 -16.13 6.27
CA LEU A 281 6.74 -14.94 6.22
C LEU A 281 6.88 -14.31 7.61
N ILE A 282 5.75 -14.07 8.29
CA ILE A 282 5.81 -13.37 9.57
C ILE A 282 6.49 -14.24 10.63
N TYR A 283 6.10 -15.50 10.70
CA TYR A 283 6.64 -16.39 11.72
C TYR A 283 8.09 -16.75 11.40
N GLY A 284 8.39 -17.00 10.14
CA GLY A 284 9.78 -17.26 9.76
C GLY A 284 10.70 -16.09 10.05
N ASN A 285 10.22 -14.86 9.82
CA ASN A 285 11.04 -13.71 10.16
C ASN A 285 11.36 -13.68 11.65
N PHE A 286 10.39 -14.07 12.49
CA PHE A 286 10.62 -14.14 13.92
C PHE A 286 11.69 -15.20 14.25
N VAL A 287 11.57 -16.38 13.66
CA VAL A 287 12.53 -17.45 13.96
C VAL A 287 13.94 -17.01 13.58
N TRP A 288 14.09 -16.45 12.37
CA TRP A 288 15.38 -15.98 11.90
C TRP A 288 15.92 -14.84 12.74
N THR A 289 15.08 -13.85 13.07
CA THR A 289 15.52 -12.71 13.86
C THR A 289 16.11 -13.14 15.21
N THR A 290 15.48 -14.10 15.89
CA THR A 290 15.94 -14.48 17.21
C THR A 290 17.09 -15.48 17.20
N SER A 291 17.49 -15.99 16.03
CA SER A 291 18.67 -16.85 15.97
C SER A 291 19.80 -16.21 15.16
N ASN A 292 19.74 -14.89 14.91
CA ASN A 292 20.71 -14.18 14.08
C ASN A 292 21.45 -13.15 14.92
N LYS A 293 22.79 -13.18 14.82
CA LYS A 293 23.66 -12.30 15.61
C LYS A 293 23.47 -10.84 15.25
N ARG A 294 22.98 -10.57 14.05
CA ARG A 294 22.66 -9.20 13.68
C ARG A 294 21.76 -8.54 14.73
N TYR A 295 20.91 -9.33 15.37
CA TYR A 295 19.87 -8.81 16.27
C TYR A 295 20.13 -9.12 17.73
N LYS A 296 21.39 -9.13 18.16
CA LYS A 296 21.74 -9.62 19.49
C LYS A 296 22.58 -8.63 20.30
N THR A 297 23.41 -7.81 19.67
CA THR A 297 24.01 -6.68 20.38
C THR A 297 23.89 -5.43 19.51
N ALA A 298 23.82 -4.29 20.19
CA ALA A 298 23.77 -3.01 19.48
C ALA A 298 24.78 -2.96 18.35
N VAL A 299 26.04 -3.28 18.63
CA VAL A 299 27.06 -3.21 17.59
C VAL A 299 27.92 -4.46 17.66
N ASN A 300 28.04 -5.16 16.54
CA ASN A 300 28.89 -6.33 16.42
C ASN A 300 29.40 -6.42 14.99
N ASP A 301 30.18 -7.46 14.71
CA ASP A 301 30.85 -7.62 13.42
C ASP A 301 29.96 -8.14 12.31
N VAL A 302 28.65 -7.96 12.36
CA VAL A 302 27.80 -8.23 11.20
C VAL A 302 26.72 -7.18 11.01
N ASN A 303 26.39 -6.39 12.05
CA ASN A 303 25.43 -5.30 11.92
C ASN A 303 26.07 -3.92 12.00
N SER A 304 27.40 -3.85 12.06
CA SER A 304 28.06 -2.55 12.18
C SER A 304 27.87 -1.78 10.89
N ARG A 305 27.16 -0.65 10.98
CA ARG A 305 26.96 0.22 9.83
C ARG A 305 28.21 0.27 8.96
N ILE A 306 28.00 0.21 7.63
CA ILE A 306 29.10 0.24 6.69
C ILE A 306 29.28 1.70 6.30
N GLN A 307 29.74 2.53 7.24
CA GLN A 307 30.11 3.92 6.97
C GLN A 307 31.57 3.98 6.53
N GLY B 9 -33.60 -9.51 3.68
CA GLY B 9 -32.68 -8.97 4.68
C GLY B 9 -33.28 -8.83 6.06
N ALA B 10 -32.43 -8.99 7.08
CA ALA B 10 -32.81 -8.66 8.45
C ALA B 10 -33.02 -7.17 8.62
N GLN B 11 -34.23 -6.68 8.36
CA GLN B 11 -34.41 -5.25 8.11
C GLN B 11 -34.16 -4.40 9.34
N ASP B 12 -33.42 -3.32 9.12
CA ASP B 12 -33.03 -2.35 10.13
C ASP B 12 -32.99 -0.97 9.47
N ILE B 13 -34.17 -0.35 9.35
CA ILE B 13 -34.27 0.95 8.71
C ILE B 13 -33.48 2.00 9.48
N GLY B 14 -33.33 1.82 10.80
CA GLY B 14 -32.55 2.78 11.56
C GLY B 14 -31.09 2.81 11.16
N ARG B 15 -30.58 1.70 10.64
CA ARG B 15 -29.25 1.63 10.07
C ARG B 15 -29.29 1.83 8.55
N SER B 16 -30.46 2.14 7.98
CA SER B 16 -30.64 2.44 6.57
C SER B 16 -29.71 3.52 6.06
N SER B 17 -29.39 4.52 6.87
CA SER B 17 -29.18 5.84 6.30
C SER B 17 -28.37 6.73 7.21
N VAL B 18 -27.54 7.59 6.62
CA VAL B 18 -26.92 8.66 7.38
C VAL B 18 -27.60 9.99 7.14
N ARG B 19 -28.79 9.97 6.52
CA ARG B 19 -29.60 11.18 6.35
C ARG B 19 -29.70 12.05 7.59
N PRO B 20 -29.95 11.51 8.79
CA PRO B 20 -30.05 12.38 9.98
C PRO B 20 -28.81 13.18 10.29
N TYR B 21 -27.66 12.80 9.75
CA TYR B 21 -26.39 13.43 10.07
C TYR B 21 -25.85 14.29 8.93
N LEU B 22 -26.59 14.36 7.82
CA LEU B 22 -26.05 14.92 6.59
C LEU B 22 -25.56 16.36 6.78
N GLU B 23 -26.42 17.23 7.29
CA GLU B 23 -26.03 18.63 7.38
C GLU B 23 -24.86 18.82 8.35
N GLU B 24 -24.93 18.19 9.52
CA GLU B 24 -23.91 18.49 10.51
C GLU B 24 -22.56 17.85 10.13
N CYS B 25 -22.58 16.65 9.54
CA CYS B 25 -21.32 16.06 9.10
C CYS B 25 -20.69 16.86 7.96
N THR B 26 -21.52 17.32 7.01
CA THR B 26 -20.99 18.16 5.94
C THR B 26 -20.32 19.39 6.53
N ARG B 27 -21.00 20.05 7.45
CA ARG B 27 -20.42 21.19 8.13
C ARG B 27 -19.13 20.83 8.83
N ARG B 28 -19.11 19.68 9.52
CA ARG B 28 -17.91 19.23 10.22
C ARG B 28 -16.74 19.01 9.27
N PHE B 29 -16.96 18.27 8.19
CA PHE B 29 -15.91 18.09 7.17
C PHE B 29 -15.35 19.43 6.72
N GLN B 30 -16.24 20.34 6.32
CA GLN B 30 -15.78 21.62 5.77
C GLN B 30 -14.95 22.39 6.80
N GLU B 31 -15.38 22.40 8.06
CA GLU B 31 -14.66 23.13 9.08
C GLU B 31 -13.27 22.55 9.26
N MET B 32 -13.17 21.24 9.15
CA MET B 32 -11.88 20.56 9.26
C MET B 32 -10.95 21.00 8.13
N PHE B 33 -11.44 20.96 6.88
CA PHE B 33 -10.62 21.42 5.77
C PHE B 33 -10.21 22.87 5.93
N ASP B 34 -11.14 23.72 6.42
CA ASP B 34 -10.81 25.13 6.59
C ASP B 34 -9.73 25.34 7.63
N ARG B 35 -9.74 24.51 8.68
CA ARG B 35 -8.73 24.65 9.72
C ARG B 35 -7.38 24.06 9.30
N HIS B 36 -7.38 22.95 8.55
CA HIS B 36 -6.14 22.21 8.31
C HIS B 36 -5.63 22.28 6.87
N VAL B 37 -6.36 22.89 5.94
CA VAL B 37 -5.92 23.00 4.55
C VAL B 37 -6.01 24.43 4.03
N VAL B 38 -7.08 25.14 4.40
CA VAL B 38 -7.23 26.57 4.19
C VAL B 38 -7.59 26.87 2.74
N THR B 39 -6.68 26.61 1.81
CA THR B 39 -6.87 27.00 0.41
C THR B 39 -7.87 26.07 -0.27
N ARG B 40 -8.76 26.67 -1.06
CA ARG B 40 -9.77 25.89 -1.76
C ARG B 40 -9.12 25.06 -2.88
N PRO B 41 -9.74 23.95 -3.26
CA PRO B 41 -9.37 23.31 -4.53
C PRO B 41 -9.71 24.20 -5.71
N THR B 42 -9.27 23.76 -6.89
CA THR B 42 -9.51 24.46 -8.16
C THR B 42 -10.27 23.50 -9.07
N LYS B 43 -10.93 24.02 -10.09
CA LYS B 43 -11.52 23.15 -11.10
C LYS B 43 -10.79 23.31 -12.42
N VAL B 44 -10.15 22.23 -12.89
CA VAL B 44 -9.67 22.17 -14.27
C VAL B 44 -10.86 22.32 -15.21
N GLU B 45 -10.72 23.17 -16.23
CA GLU B 45 -11.74 23.31 -17.26
C GLU B 45 -11.25 22.64 -18.54
N LEU B 46 -12.14 21.98 -19.27
CA LEU B 46 -11.82 21.41 -20.56
C LEU B 46 -12.58 22.12 -21.67
N THR B 47 -11.98 22.18 -22.86
CA THR B 47 -12.82 22.55 -23.99
C THR B 47 -13.78 21.42 -24.29
N ASP B 48 -14.87 21.78 -24.98
CA ASP B 48 -15.84 20.79 -25.41
C ASP B 48 -15.19 19.66 -26.22
N ALA B 49 -13.97 19.89 -26.72
CA ALA B 49 -13.39 18.97 -27.68
C ALA B 49 -12.37 18.06 -27.02
N GLU B 50 -11.81 18.47 -25.88
CA GLU B 50 -11.10 17.52 -25.05
C GLU B 50 -12.09 16.70 -24.24
N LEU B 51 -13.21 17.33 -23.85
CA LEU B 51 -14.25 16.64 -23.09
C LEU B 51 -15.03 15.66 -23.98
N ARG B 52 -15.43 16.09 -25.18
CA ARG B 52 -16.08 15.15 -26.09
C ARG B 52 -15.09 14.08 -26.55
N GLU B 53 -13.82 14.45 -26.76
CA GLU B 53 -12.83 13.43 -27.12
C GLU B 53 -12.62 12.45 -25.97
N VAL B 54 -12.57 12.95 -24.74
CA VAL B 54 -12.53 12.04 -23.59
C VAL B 54 -13.76 11.14 -23.61
N ILE B 55 -14.95 11.72 -23.83
CA ILE B 55 -16.18 10.93 -23.80
C ILE B 55 -16.19 9.86 -24.89
N ASP B 56 -15.67 10.17 -26.08
CA ASP B 56 -15.71 9.17 -27.15
C ASP B 56 -14.74 8.01 -26.87
N ASP B 57 -13.55 8.29 -26.34
CA ASP B 57 -12.68 7.21 -25.86
C ASP B 57 -13.33 6.44 -24.71
N CYS B 58 -14.07 7.13 -23.85
CA CYS B 58 -14.83 6.46 -22.79
C CYS B 58 -15.86 5.51 -23.38
N ASN B 59 -16.63 5.98 -24.37
CA ASN B 59 -17.66 5.14 -24.98
C ASN B 59 -17.05 3.95 -25.69
N ALA B 60 -16.05 4.21 -26.56
CA ALA B 60 -15.43 3.13 -27.30
C ALA B 60 -14.94 2.03 -26.36
N ALA B 61 -14.33 2.43 -25.24
CA ALA B 61 -13.70 1.45 -24.36
C ALA B 61 -14.74 0.57 -23.67
N VAL B 62 -15.94 1.09 -23.43
CA VAL B 62 -16.95 0.30 -22.72
C VAL B 62 -18.00 -0.30 -23.64
N ALA B 63 -18.06 0.12 -24.90
CA ALA B 63 -19.05 -0.42 -25.83
C ALA B 63 -19.07 -1.94 -25.93
N PRO B 64 -17.93 -2.65 -26.02
CA PRO B 64 -18.03 -4.11 -26.09
C PRO B 64 -18.58 -4.75 -24.83
N LEU B 65 -18.81 -3.99 -23.75
CA LEU B 65 -19.51 -4.56 -22.60
C LEU B 65 -21.03 -4.32 -22.64
N GLY B 66 -21.56 -3.85 -23.76
CA GLY B 66 -22.99 -3.89 -24.04
C GLY B 66 -23.83 -2.73 -23.56
N LYS B 67 -23.30 -1.88 -22.70
CA LYS B 67 -24.11 -0.93 -21.96
C LYS B 67 -23.81 0.50 -22.41
N THR B 68 -24.87 1.26 -22.65
CA THR B 68 -24.73 2.67 -23.00
C THR B 68 -24.60 3.51 -21.74
N VAL B 69 -23.70 4.50 -21.78
CA VAL B 69 -23.52 5.45 -20.70
C VAL B 69 -23.79 6.85 -21.26
N SER B 70 -24.66 7.60 -20.58
CA SER B 70 -25.03 8.94 -21.02
C SER B 70 -23.90 9.93 -20.77
N ASP B 71 -23.92 11.04 -21.53
CA ASP B 71 -22.98 12.12 -21.28
C ASP B 71 -23.10 12.62 -19.85
N GLU B 72 -24.31 12.67 -19.31
CA GLU B 72 -24.47 13.16 -17.94
C GLU B 72 -23.78 12.23 -16.94
N ARG B 73 -23.86 10.91 -17.17
CA ARG B 73 -23.18 9.99 -16.28
C ARG B 73 -21.67 10.13 -16.40
N TRP B 74 -21.17 10.20 -17.64
CA TRP B 74 -19.75 10.48 -17.83
C TRP B 74 -19.32 11.73 -17.06
N ILE B 75 -20.16 12.77 -17.10
CA ILE B 75 -19.83 14.00 -16.41
C ILE B 75 -19.77 13.78 -14.89
N SER B 76 -20.71 13.00 -14.36
CA SER B 76 -20.64 12.65 -12.94
C SER B 76 -19.30 12.02 -12.60
N TYR B 77 -18.90 10.99 -13.37
CA TYR B 77 -17.62 10.32 -13.13
C TYR B 77 -16.45 11.29 -13.24
N VAL B 78 -16.43 12.14 -14.26
CA VAL B 78 -15.20 12.86 -14.59
C VAL B 78 -14.93 14.01 -13.62
N GLY B 79 -15.96 14.53 -12.94
CA GLY B 79 -15.77 15.67 -12.07
C GLY B 79 -14.70 15.48 -11.01
N VAL B 80 -14.51 14.24 -10.52
CA VAL B 80 -13.48 14.02 -9.51
C VAL B 80 -12.11 14.40 -10.03
N VAL B 81 -11.85 14.10 -11.31
CA VAL B 81 -10.55 14.46 -11.87
C VAL B 81 -10.47 15.97 -12.05
N LEU B 82 -11.57 16.58 -12.51
CA LEU B 82 -11.57 18.03 -12.72
C LEU B 82 -11.35 18.79 -11.42
N TRP B 83 -11.85 18.26 -10.29
CA TRP B 83 -11.76 18.96 -9.01
C TRP B 83 -10.59 18.53 -8.13
N SER B 84 -10.04 17.35 -8.33
CA SER B 84 -9.12 16.80 -7.33
C SER B 84 -7.69 16.67 -7.82
N GLN B 85 -7.38 17.13 -9.02
CA GLN B 85 -5.99 17.28 -9.42
C GLN B 85 -5.51 18.64 -8.92
N SER B 86 -4.31 19.06 -9.29
CA SER B 86 -3.70 20.27 -8.73
C SER B 86 -3.34 21.19 -9.87
N PRO B 87 -4.30 21.97 -10.40
CA PRO B 87 -4.06 22.72 -11.66
C PRO B 87 -2.85 23.64 -11.65
N ARG B 88 -2.45 24.16 -10.50
CA ARG B 88 -1.25 24.99 -10.52
C ARG B 88 -0.02 24.23 -11.03
N HIS B 89 0.00 22.90 -10.85
CA HIS B 89 1.17 22.07 -11.11
C HIS B 89 1.08 21.26 -12.40
N ILE B 90 -0.01 21.37 -13.15
CA ILE B 90 -0.15 20.55 -14.35
C ILE B 90 0.91 20.96 -15.36
N LYS B 91 1.65 19.97 -15.89
CA LYS B 91 2.52 20.18 -17.04
C LYS B 91 2.05 19.42 -18.28
N ASP B 92 1.65 18.15 -18.16
CA ASP B 92 1.31 17.33 -19.33
C ASP B 92 -0.21 17.19 -19.39
N MET B 93 -0.85 17.83 -20.38
CA MET B 93 -2.31 17.80 -20.46
C MET B 93 -2.83 16.53 -21.10
N GLU B 94 -2.03 15.83 -21.90
CA GLU B 94 -2.47 14.55 -22.44
C GLU B 94 -2.54 13.49 -21.34
N ALA B 95 -1.59 13.52 -20.39
CA ALA B 95 -1.72 12.70 -19.19
C ALA B 95 -2.99 13.05 -18.41
N PHE B 96 -3.31 14.34 -18.29
CA PHE B 96 -4.51 14.70 -17.55
C PHE B 96 -5.75 14.09 -18.21
N LYS B 97 -5.79 14.11 -19.55
CA LYS B 97 -6.89 13.50 -20.30
C LYS B 97 -6.94 11.99 -20.11
N ALA B 98 -5.77 11.33 -20.14
CA ALA B 98 -5.73 9.90 -19.84
C ALA B 98 -6.38 9.62 -18.49
N VAL B 99 -6.07 10.42 -17.48
CA VAL B 99 -6.64 10.18 -16.16
C VAL B 99 -8.14 10.40 -16.19
N CYS B 100 -8.62 11.38 -16.96
CA CYS B 100 -10.07 11.54 -17.13
C CYS B 100 -10.69 10.28 -17.70
N VAL B 101 -10.12 9.75 -18.79
CA VAL B 101 -10.71 8.56 -19.41
C VAL B 101 -10.57 7.35 -18.49
N LEU B 102 -9.37 7.13 -17.95
CA LEU B 102 -9.13 5.95 -17.14
C LEU B 102 -9.99 5.95 -15.88
N ASN B 103 -10.06 7.11 -15.20
CA ASN B 103 -10.99 7.25 -14.09
C ASN B 103 -12.41 6.85 -14.50
N CYS B 104 -12.90 7.40 -15.62
CA CYS B 104 -14.31 7.23 -15.95
C CYS B 104 -14.64 5.79 -16.34
N VAL B 105 -13.80 5.15 -17.16
CA VAL B 105 -14.20 3.82 -17.62
C VAL B 105 -14.05 2.78 -16.52
N THR B 106 -13.11 2.96 -15.59
CA THR B 106 -13.07 2.06 -14.44
C THR B 106 -14.17 2.36 -13.43
N PHE B 107 -14.73 3.57 -13.46
CA PHE B 107 -15.93 3.84 -12.67
C PHE B 107 -17.13 3.06 -13.20
N VAL B 108 -17.27 2.97 -14.53
CA VAL B 108 -18.31 2.13 -15.11
C VAL B 108 -18.14 0.69 -14.62
N TRP B 109 -16.91 0.19 -14.67
CA TRP B 109 -16.61 -1.16 -14.21
C TRP B 109 -17.03 -1.36 -12.76
N ASP B 110 -16.78 -0.35 -11.92
CA ASP B 110 -17.21 -0.33 -10.52
C ASP B 110 -18.73 -0.43 -10.38
N ASP B 111 -19.48 0.16 -11.32
CA ASP B 111 -20.94 0.22 -11.27
C ASP B 111 -21.62 -0.91 -12.05
N MET B 112 -20.87 -1.85 -12.62
CA MET B 112 -21.43 -2.95 -13.37
C MET B 112 -21.57 -4.19 -12.51
N ASP B 113 -22.72 -4.86 -12.63
CA ASP B 113 -22.79 -6.21 -12.10
C ASP B 113 -21.78 -7.09 -12.82
N PRO B 114 -21.05 -7.94 -12.09
CA PRO B 114 -19.91 -8.68 -12.67
C PRO B 114 -20.25 -9.57 -13.86
N ALA B 115 -21.53 -9.85 -14.15
CA ALA B 115 -21.82 -10.63 -15.34
C ALA B 115 -21.49 -9.86 -16.60
N LEU B 116 -21.49 -8.54 -16.53
CA LEU B 116 -21.07 -7.69 -17.63
C LEU B 116 -19.56 -7.53 -17.72
N HIS B 117 -18.80 -7.94 -16.70
CA HIS B 117 -17.35 -7.83 -16.73
C HIS B 117 -16.84 -8.80 -17.80
N ASP B 118 -16.08 -8.29 -18.76
CA ASP B 118 -15.46 -9.13 -19.79
C ASP B 118 -14.00 -8.70 -19.95
N PHE B 119 -13.10 -9.37 -19.23
CA PHE B 119 -11.69 -9.02 -19.29
C PHE B 119 -11.15 -9.17 -20.70
N GLY B 120 -11.56 -10.24 -21.40
CA GLY B 120 -11.11 -10.43 -22.76
C GLY B 120 -11.49 -9.27 -23.66
N LEU B 121 -12.64 -8.64 -23.38
CA LEU B 121 -13.05 -7.51 -24.21
C LEU B 121 -12.46 -6.20 -23.69
N PHE B 122 -12.37 -6.01 -22.37
CA PHE B 122 -12.11 -4.70 -21.81
C PHE B 122 -10.63 -4.40 -21.60
N LEU B 123 -9.84 -5.36 -21.11
CA LEU B 123 -8.42 -5.09 -20.92
C LEU B 123 -7.72 -4.57 -22.17
N PRO B 124 -7.97 -5.08 -23.39
CA PRO B 124 -7.34 -4.46 -24.57
C PRO B 124 -7.77 -3.02 -24.80
N GLN B 125 -9.01 -2.66 -24.46
CA GLN B 125 -9.42 -1.26 -24.51
C GLN B 125 -8.59 -0.40 -23.58
N LEU B 126 -8.36 -0.86 -22.34
CA LEU B 126 -7.59 -0.07 -21.38
C LEU B 126 -6.16 0.12 -21.84
N ARG B 127 -5.58 -0.90 -22.47
CA ARG B 127 -4.24 -0.76 -23.02
C ARG B 127 -4.22 0.23 -24.18
N LYS B 128 -5.24 0.17 -25.05
CA LYS B 128 -5.29 1.10 -26.18
C LYS B 128 -5.47 2.53 -25.70
N ILE B 129 -6.06 2.72 -24.52
CA ILE B 129 -6.15 4.05 -23.93
C ILE B 129 -4.79 4.50 -23.42
N CYS B 130 -4.12 3.64 -22.66
CA CYS B 130 -2.82 4.01 -22.10
C CYS B 130 -1.81 4.31 -23.19
N GLU B 131 -1.78 3.47 -24.23
CA GLU B 131 -0.81 3.68 -25.29
C GLU B 131 -1.13 4.91 -26.13
N LYS B 132 -2.36 5.46 -26.02
CA LYS B 132 -2.75 6.59 -26.87
C LYS B 132 -2.41 7.93 -26.22
N TYR B 133 -2.46 8.01 -24.89
CA TYR B 133 -2.22 9.28 -24.20
C TYR B 133 -0.85 9.38 -23.53
N TYR B 134 -0.21 8.26 -23.24
CA TYR B 134 1.12 8.25 -22.64
C TYR B 134 2.12 7.67 -23.63
N GLY B 135 3.40 7.87 -23.34
CA GLY B 135 4.45 7.14 -24.02
C GLY B 135 4.75 5.83 -23.32
N PRO B 136 5.77 5.13 -23.80
CA PRO B 136 5.94 3.72 -23.41
C PRO B 136 6.05 3.49 -21.91
N GLU B 137 7.03 4.11 -21.23
CA GLU B 137 7.25 3.86 -19.80
C GLU B 137 6.05 4.29 -18.98
N ASP B 138 5.38 5.38 -19.37
CA ASP B 138 4.26 5.86 -18.56
C ASP B 138 3.01 5.05 -18.84
N ALA B 139 2.78 4.70 -20.10
CA ALA B 139 1.68 3.80 -20.41
C ALA B 139 1.83 2.45 -19.71
N GLU B 140 3.07 1.98 -19.58
CA GLU B 140 3.26 0.71 -18.88
C GLU B 140 2.88 0.83 -17.40
N VAL B 141 3.27 1.92 -16.74
CA VAL B 141 2.89 2.13 -15.35
C VAL B 141 1.38 2.31 -15.20
N ALA B 142 0.77 3.10 -16.08
CA ALA B 142 -0.67 3.36 -15.94
C ALA B 142 -1.48 2.12 -16.23
N TYR B 143 -1.09 1.35 -17.26
CA TYR B 143 -1.84 0.13 -17.58
C TYR B 143 -1.78 -0.89 -16.44
N GLU B 144 -0.60 -1.11 -15.88
CA GLU B 144 -0.50 -2.06 -14.75
C GLU B 144 -1.41 -1.64 -13.61
N ALA B 145 -1.42 -0.34 -13.29
CA ALA B 145 -2.27 0.13 -12.20
C ALA B 145 -3.76 -0.05 -12.55
N ALA B 146 -4.16 0.29 -13.79
CA ALA B 146 -5.55 0.13 -14.17
C ALA B 146 -5.96 -1.34 -14.18
N ARG B 147 -5.10 -2.18 -14.74
CA ARG B 147 -5.34 -3.63 -14.74
C ARG B 147 -5.50 -4.15 -13.33
N ALA B 148 -4.58 -3.79 -12.44
CA ALA B 148 -4.67 -4.27 -11.06
C ALA B 148 -5.96 -3.79 -10.39
N PHE B 149 -6.40 -2.56 -10.71
CA PHE B 149 -7.65 -2.08 -10.11
C PHE B 149 -8.85 -2.86 -10.62
N VAL B 150 -8.99 -3.01 -11.95
CA VAL B 150 -10.21 -3.68 -12.41
C VAL B 150 -10.18 -5.15 -12.04
N THR B 151 -9.00 -5.75 -11.93
CA THR B 151 -8.92 -7.12 -11.43
C THR B 151 -9.35 -7.21 -9.97
N SER B 152 -8.86 -6.29 -9.14
CA SER B 152 -9.25 -6.23 -7.73
C SER B 152 -10.75 -6.05 -7.57
N ASP B 153 -11.32 -5.03 -8.24
CA ASP B 153 -12.76 -4.84 -8.09
C ASP B 153 -13.51 -6.11 -8.45
N HIS B 154 -13.05 -6.81 -9.49
CA HIS B 154 -13.71 -8.04 -9.93
C HIS B 154 -13.57 -9.15 -8.91
N MET B 155 -12.33 -9.51 -8.55
CA MET B 155 -12.16 -10.74 -7.76
C MET B 155 -12.77 -10.61 -6.37
N PHE B 156 -12.92 -9.38 -5.85
CA PHE B 156 -13.43 -9.25 -4.49
C PHE B 156 -14.96 -9.09 -4.41
N ARG B 157 -15.69 -9.25 -5.52
CA ARG B 157 -17.14 -9.01 -5.50
C ARG B 157 -17.87 -9.88 -4.47
N ASP B 158 -17.79 -11.19 -4.55
CA ASP B 158 -18.53 -11.95 -3.55
C ASP B 158 -17.57 -12.66 -2.59
N SER B 159 -16.58 -11.91 -2.06
CA SER B 159 -15.39 -12.57 -1.52
C SER B 159 -15.34 -12.49 0.00
N PRO B 160 -14.98 -13.64 0.62
CA PRO B 160 -14.72 -13.64 2.06
C PRO B 160 -13.54 -12.80 2.49
N ILE B 161 -12.55 -12.57 1.63
CA ILE B 161 -11.49 -11.64 2.00
C ILE B 161 -12.09 -10.26 2.26
N LYS B 162 -12.91 -9.80 1.34
CA LYS B 162 -13.53 -8.49 1.53
C LYS B 162 -14.40 -8.47 2.78
N ALA B 163 -15.15 -9.54 3.01
CA ALA B 163 -15.93 -9.66 4.24
C ALA B 163 -15.04 -9.44 5.46
N ALA B 164 -13.91 -10.16 5.53
CA ALA B 164 -13.07 -10.04 6.72
C ALA B 164 -12.46 -8.64 6.85
N LEU B 165 -11.94 -8.07 5.75
CA LEU B 165 -11.24 -6.79 5.86
C LEU B 165 -12.20 -5.63 6.10
N CYS B 166 -13.46 -5.76 5.70
CA CYS B 166 -14.41 -4.67 5.86
C CYS B 166 -15.33 -4.84 7.06
N THR B 167 -15.19 -5.93 7.83
CA THR B 167 -16.00 -6.13 9.02
C THR B 167 -15.18 -6.37 10.29
N THR B 168 -13.90 -6.03 10.30
CA THR B 168 -13.07 -6.27 11.48
C THR B 168 -12.74 -4.98 12.23
N SER B 169 -12.02 -4.05 11.58
CA SER B 169 -11.59 -2.82 12.24
C SER B 169 -11.43 -1.75 11.17
N PRO B 170 -11.37 -0.46 11.57
CA PRO B 170 -11.05 0.57 10.56
C PRO B 170 -9.69 0.35 9.92
N GLU B 171 -8.70 -0.11 10.70
CA GLU B 171 -7.37 -0.40 10.18
C GLU B 171 -7.41 -1.43 9.04
N GLN B 172 -8.11 -2.55 9.24
CA GLN B 172 -8.19 -3.55 8.17
C GLN B 172 -8.93 -2.99 6.97
N TYR B 173 -10.01 -2.26 7.24
CA TYR B 173 -10.82 -1.72 6.17
C TYR B 173 -10.01 -0.79 5.27
N PHE B 174 -9.31 0.18 5.87
CA PHE B 174 -8.58 1.14 5.05
C PHE B 174 -7.44 0.48 4.28
N ARG B 175 -6.88 -0.62 4.81
CA ARG B 175 -5.92 -1.40 4.03
C ARG B 175 -6.51 -1.89 2.74
N PHE B 176 -7.73 -2.43 2.80
CA PHE B 176 -8.41 -2.86 1.59
C PHE B 176 -8.58 -1.68 0.63
N ARG B 177 -8.90 -0.52 1.16
CA ARG B 177 -9.29 0.61 0.32
C ARG B 177 -8.11 1.31 -0.35
N VAL B 178 -6.88 1.07 0.12
CA VAL B 178 -5.74 1.65 -0.59
C VAL B 178 -5.82 1.30 -2.07
N THR B 179 -6.20 0.05 -2.37
CA THR B 179 -6.45 -0.38 -3.74
C THR B 179 -7.90 -0.17 -4.16
N ASP B 180 -8.85 -0.58 -3.33
CA ASP B 180 -10.22 -0.70 -3.78
C ASP B 180 -10.88 0.64 -4.08
N ILE B 181 -10.54 1.69 -3.33
CA ILE B 181 -11.10 2.99 -3.72
C ILE B 181 -10.40 3.54 -4.94
N GLY B 182 -9.31 2.93 -5.41
CA GLY B 182 -8.68 3.36 -6.64
C GLY B 182 -7.59 4.40 -6.50
N VAL B 183 -7.19 4.75 -5.28
CA VAL B 183 -6.22 5.84 -5.11
C VAL B 183 -4.83 5.43 -5.52
N ASP B 184 -4.42 4.19 -5.29
CA ASP B 184 -3.10 3.79 -5.78
C ASP B 184 -3.04 3.90 -7.30
N PHE B 185 -4.07 3.41 -7.96
CA PHE B 185 -4.21 3.54 -9.41
C PHE B 185 -4.15 5.01 -9.82
N TRP B 186 -4.95 5.84 -9.15
CA TRP B 186 -4.95 7.28 -9.39
C TRP B 186 -3.54 7.86 -9.36
N MET B 187 -2.76 7.55 -8.32
CA MET B 187 -1.45 8.14 -8.21
C MET B 187 -0.54 7.68 -9.33
N LYS B 188 -0.61 6.39 -9.69
CA LYS B 188 0.31 5.85 -10.67
C LYS B 188 -0.04 6.28 -12.09
N MET B 189 -1.27 6.76 -12.32
CA MET B 189 -1.59 7.34 -13.62
C MET B 189 -1.53 8.87 -13.63
N SER B 190 -1.46 9.52 -12.45
CA SER B 190 -1.43 10.96 -12.35
C SER B 190 -0.02 11.55 -12.28
N TYR B 191 1.00 10.80 -11.87
CA TYR B 191 2.32 11.42 -11.76
C TYR B 191 2.84 11.96 -13.09
N PRO B 192 2.56 11.37 -14.25
CA PRO B 192 2.99 12.04 -15.50
C PRO B 192 2.36 13.42 -15.71
N ILE B 193 1.28 13.75 -15.01
CA ILE B 193 0.69 15.08 -15.13
C ILE B 193 1.68 16.14 -14.64
N TYR B 194 2.40 15.84 -13.56
CA TYR B 194 3.18 16.81 -12.82
C TYR B 194 4.68 16.76 -13.14
N ARG B 195 5.20 15.61 -13.58
CA ARG B 195 6.62 15.42 -13.91
C ARG B 195 7.50 15.96 -12.77
N HIS B 196 7.16 15.56 -11.56
CA HIS B 196 7.84 16.01 -10.35
C HIS B 196 8.47 14.80 -9.67
N PRO B 197 9.79 14.67 -9.70
CA PRO B 197 10.40 13.39 -9.30
C PRO B 197 10.10 12.96 -7.87
N GLU B 198 9.96 13.89 -6.92
CA GLU B 198 9.51 13.51 -5.57
C GLU B 198 8.14 12.84 -5.60
N PHE B 199 7.16 13.50 -6.25
CA PHE B 199 5.81 12.94 -6.30
C PHE B 199 5.79 11.62 -7.06
N THR B 200 6.55 11.54 -8.15
CA THR B 200 6.65 10.30 -8.91
C THR B 200 7.14 9.16 -8.03
N GLU B 201 8.13 9.40 -7.18
CA GLU B 201 8.58 8.33 -6.30
C GLU B 201 7.49 7.93 -5.30
N HIS B 202 6.86 8.91 -4.64
CA HIS B 202 5.82 8.57 -3.68
C HIS B 202 4.65 7.84 -4.35
N ALA B 203 4.41 8.15 -5.63
CA ALA B 203 3.38 7.43 -6.37
C ALA B 203 3.78 5.97 -6.57
N LYS B 204 5.01 5.72 -7.00
CA LYS B 204 5.36 4.35 -7.33
C LYS B 204 5.64 3.47 -6.11
N THR B 205 5.97 4.06 -4.96
CA THR B 205 6.04 3.27 -3.72
C THR B 205 4.67 3.04 -3.10
N SER B 206 3.63 3.75 -3.57
CA SER B 206 2.29 3.75 -3.02
C SER B 206 2.18 4.48 -1.69
N LEU B 207 3.27 5.10 -1.21
CA LEU B 207 3.15 5.96 -0.03
C LEU B 207 2.17 7.12 -0.30
N ALA B 208 2.16 7.63 -1.53
CA ALA B 208 1.19 8.65 -1.90
C ALA B 208 -0.22 8.18 -1.64
N ALA B 209 -0.55 6.98 -2.14
CA ALA B 209 -1.86 6.40 -1.92
C ALA B 209 -2.12 6.16 -0.43
N ARG B 210 -1.11 5.66 0.28
CA ARG B 210 -1.33 5.36 1.69
C ARG B 210 -1.61 6.63 2.50
N MET B 211 -1.03 7.77 2.11
CA MET B 211 -1.27 9.00 2.87
C MET B 211 -2.68 9.53 2.65
N THR B 212 -3.28 9.26 1.50
CA THR B 212 -4.52 9.92 1.10
C THR B 212 -5.74 9.01 1.20
N THR B 213 -5.54 7.72 1.49
CA THR B 213 -6.64 6.76 1.44
C THR B 213 -7.76 7.12 2.43
N ARG B 214 -7.41 7.41 3.68
CA ARG B 214 -8.48 7.63 4.66
C ARG B 214 -9.28 8.89 4.33
N GLY B 215 -8.59 9.96 3.93
CA GLY B 215 -9.30 11.20 3.62
C GLY B 215 -10.26 11.06 2.46
N LEU B 216 -9.85 10.33 1.42
CA LEU B 216 -10.76 10.04 0.31
C LEU B 216 -11.90 9.13 0.77
N THR B 217 -11.55 8.05 1.47
CA THR B 217 -12.51 7.00 1.75
C THR B 217 -13.58 7.45 2.75
N ILE B 218 -13.16 8.13 3.82
CA ILE B 218 -14.11 8.52 4.84
C ILE B 218 -15.19 9.42 4.23
N VAL B 219 -14.77 10.35 3.37
CA VAL B 219 -15.72 11.22 2.69
C VAL B 219 -16.59 10.42 1.73
N ASN B 220 -15.96 9.58 0.88
CA ASN B 220 -16.76 8.79 -0.04
C ASN B 220 -17.77 7.92 0.70
N ASP B 221 -17.31 7.24 1.77
CA ASP B 221 -18.19 6.33 2.50
C ASP B 221 -19.38 7.06 3.08
N PHE B 222 -19.17 8.24 3.65
CA PHE B 222 -20.29 8.93 4.28
C PHE B 222 -21.38 9.24 3.26
N TYR B 223 -20.98 9.78 2.12
CA TYR B 223 -21.95 10.23 1.15
C TYR B 223 -22.44 9.12 0.22
N SER B 224 -21.80 7.95 0.20
CA SER B 224 -22.31 6.85 -0.62
C SER B 224 -22.91 5.75 0.24
N TYR B 225 -22.98 5.95 1.55
CA TYR B 225 -23.53 4.93 2.45
C TYR B 225 -24.93 4.50 2.04
N ASP B 226 -25.85 5.46 1.83
CA ASP B 226 -27.24 5.09 1.61
C ASP B 226 -27.40 4.21 0.38
N ARG B 227 -26.73 4.55 -0.72
CA ARG B 227 -26.81 3.72 -1.91
C ARG B 227 -26.19 2.35 -1.65
N GLU B 228 -25.03 2.32 -0.99
CA GLU B 228 -24.33 1.05 -0.84
C GLU B 228 -25.11 0.08 0.06
N VAL B 229 -25.72 0.56 1.14
CA VAL B 229 -26.50 -0.43 1.91
C VAL B 229 -27.73 -0.88 1.13
N SER B 230 -28.37 0.02 0.37
CA SER B 230 -29.50 -0.41 -0.46
C SER B 230 -29.08 -1.43 -1.52
N LEU B 231 -27.87 -1.32 -2.05
CA LEU B 231 -27.38 -2.25 -3.08
C LEU B 231 -26.57 -3.40 -2.51
N GLY B 232 -26.58 -3.60 -1.19
CA GLY B 232 -25.93 -4.74 -0.59
C GLY B 232 -24.42 -4.73 -0.59
N GLN B 233 -23.79 -3.57 -0.64
CA GLN B 233 -22.34 -3.51 -0.66
C GLN B 233 -21.81 -3.24 0.73
N ILE B 234 -20.77 -3.97 1.14
CA ILE B 234 -20.26 -3.86 2.51
C ILE B 234 -19.01 -3.02 2.60
N THR B 235 -18.51 -2.49 1.49
CA THR B 235 -17.25 -1.76 1.50
C THR B 235 -17.51 -0.29 1.88
N ASN B 236 -17.68 -0.07 3.18
CA ASN B 236 -18.02 1.24 3.72
C ASN B 236 -17.77 1.27 5.22
N CYS B 237 -16.91 2.18 5.69
CA CYS B 237 -16.50 2.12 7.10
C CYS B 237 -17.64 2.42 8.07
N PHE B 238 -18.67 3.14 7.64
CA PHE B 238 -19.74 3.40 8.59
C PHE B 238 -20.60 2.17 8.88
N ARG B 239 -20.47 1.08 8.10
CA ARG B 239 -21.10 -0.18 8.47
C ARG B 239 -20.43 -0.81 9.71
N LEU B 240 -19.27 -0.31 10.10
CA LEU B 240 -18.62 -0.79 11.33
C LEU B 240 -19.23 -0.21 12.60
N CYS B 241 -19.87 0.96 12.54
CA CYS B 241 -20.49 1.52 13.73
C CYS B 241 -21.99 1.37 13.60
N ASP B 242 -22.70 1.68 14.69
CA ASP B 242 -24.15 1.57 14.67
C ASP B 242 -24.70 2.95 14.33
N VAL B 243 -24.94 3.21 13.04
CA VAL B 243 -25.41 4.54 12.65
C VAL B 243 -26.83 4.81 13.16
N SER B 244 -27.54 3.80 13.66
CA SER B 244 -28.85 4.05 14.25
C SER B 244 -28.77 4.68 15.63
N ASP B 245 -27.58 4.74 16.22
CA ASP B 245 -27.39 5.27 17.56
C ASP B 245 -26.57 6.54 17.45
N GLU B 246 -27.23 7.67 17.75
CA GLU B 246 -26.62 8.99 17.58
C GLU B 246 -25.27 9.09 18.26
N THR B 247 -25.19 8.67 19.53
CA THR B 247 -23.94 8.82 20.26
C THR B 247 -22.86 7.89 19.71
N ALA B 248 -23.23 6.67 19.35
CA ALA B 248 -22.24 5.78 18.74
C ALA B 248 -21.77 6.34 17.40
N PHE B 249 -22.70 6.87 16.60
CA PHE B 249 -22.30 7.43 15.31
C PHE B 249 -21.33 8.59 15.52
N LYS B 250 -21.64 9.50 16.43
CA LYS B 250 -20.81 10.69 16.57
C LYS B 250 -19.43 10.36 17.09
N GLU B 251 -19.34 9.39 18.01
CA GLU B 251 -18.04 8.94 18.49
C GLU B 251 -17.22 8.38 17.34
N PHE B 252 -17.83 7.54 16.51
CA PHE B 252 -17.15 6.97 15.35
C PHE B 252 -16.76 8.06 14.35
N PHE B 253 -17.69 8.97 14.07
CA PHE B 253 -17.41 10.02 13.09
C PHE B 253 -16.26 10.90 13.55
N GLN B 254 -16.23 11.26 14.83
CA GLN B 254 -15.12 12.06 15.34
C GLN B 254 -13.80 11.28 15.25
N ALA B 255 -13.83 9.97 15.53
CA ALA B 255 -12.64 9.17 15.32
C ALA B 255 -12.16 9.23 13.86
N ARG B 256 -13.10 9.23 12.91
CA ARG B 256 -12.71 9.31 11.51
C ARG B 256 -12.18 10.70 11.15
N LEU B 257 -12.77 11.77 11.71
CA LEU B 257 -12.19 13.10 11.53
C LEU B 257 -10.77 13.16 12.06
N ASP B 258 -10.55 12.62 13.27
CA ASP B 258 -9.21 12.57 13.84
C ASP B 258 -8.24 11.90 12.86
N ASP B 259 -8.65 10.78 12.25
CA ASP B 259 -7.83 10.11 11.26
C ASP B 259 -7.44 11.07 10.12
N MET B 260 -8.42 11.78 9.59
CA MET B 260 -8.14 12.69 8.48
C MET B 260 -7.17 13.77 8.90
N ILE B 261 -7.38 14.33 10.10
CA ILE B 261 -6.54 15.41 10.59
C ILE B 261 -5.09 14.95 10.70
N GLU B 262 -4.89 13.77 11.30
CA GLU B 262 -3.51 13.34 11.50
C GLU B 262 -2.82 13.09 10.16
N ASP B 263 -3.54 12.51 9.19
CA ASP B 263 -2.96 12.34 7.85
C ASP B 263 -2.61 13.68 7.22
N ILE B 264 -3.52 14.63 7.31
CA ILE B 264 -3.27 15.92 6.68
C ILE B 264 -2.05 16.60 7.28
N GLU B 265 -1.93 16.58 8.61
CA GLU B 265 -0.79 17.23 9.25
C GLU B 265 0.52 16.50 8.94
N CYS B 266 0.49 15.17 8.78
CA CYS B 266 1.70 14.49 8.31
C CYS B 266 1.97 14.77 6.83
N ILE B 267 0.92 14.93 6.01
CA ILE B 267 1.15 15.31 4.62
C ILE B 267 1.91 16.63 4.51
N LYS B 268 1.78 17.51 5.51
CA LYS B 268 2.49 18.78 5.48
C LYS B 268 4.02 18.65 5.62
N ALA B 269 4.53 17.44 5.89
CA ALA B 269 5.97 17.23 5.87
C ALA B 269 6.51 16.93 4.48
N PHE B 270 5.66 16.59 3.50
CA PHE B 270 6.17 16.35 2.17
C PHE B 270 6.57 17.69 1.53
N ASP B 271 7.24 17.63 0.39
CA ASP B 271 7.63 18.83 -0.32
C ASP B 271 6.36 19.56 -0.77
N GLN B 272 6.47 20.87 -1.03
CA GLN B 272 5.27 21.68 -1.28
C GLN B 272 4.47 21.17 -2.46
N LEU B 273 5.13 20.85 -3.58
CA LEU B 273 4.38 20.35 -4.73
C LEU B 273 3.59 19.12 -4.34
N THR B 274 4.26 18.16 -3.70
CA THR B 274 3.61 16.92 -3.33
C THR B 274 2.45 17.16 -2.37
N GLN B 275 2.65 17.97 -1.33
CA GLN B 275 1.56 18.18 -0.38
C GLN B 275 0.42 18.98 -1.03
N ASP B 276 0.74 19.86 -1.97
CA ASP B 276 -0.32 20.51 -2.76
C ASP B 276 -1.21 19.47 -3.40
N VAL B 277 -0.58 18.52 -4.11
CA VAL B 277 -1.32 17.52 -4.86
C VAL B 277 -2.13 16.64 -3.91
N PHE B 278 -1.51 16.15 -2.82
CA PHE B 278 -2.22 15.31 -1.87
C PHE B 278 -3.45 16.02 -1.31
N LEU B 279 -3.28 17.29 -0.90
CA LEU B 279 -4.36 17.99 -0.22
C LEU B 279 -5.46 18.41 -1.19
N ASP B 280 -5.10 18.80 -2.41
CA ASP B 280 -6.12 19.07 -3.42
C ASP B 280 -6.91 17.81 -3.73
N LEU B 281 -6.24 16.64 -3.70
CA LEU B 281 -6.95 15.39 -3.94
C LEU B 281 -8.02 15.16 -2.87
N ILE B 282 -7.63 15.26 -1.58
CA ILE B 282 -8.57 14.98 -0.51
C ILE B 282 -9.67 16.04 -0.46
N TYR B 283 -9.27 17.30 -0.54
CA TYR B 283 -10.26 18.36 -0.40
C TYR B 283 -11.10 18.48 -1.68
N GLY B 284 -10.48 18.35 -2.84
CA GLY B 284 -11.24 18.32 -4.08
C GLY B 284 -12.24 17.19 -4.14
N ASN B 285 -11.86 16.00 -3.65
CA ASN B 285 -12.83 14.91 -3.66
C ASN B 285 -14.04 15.26 -2.81
N PHE B 286 -13.83 15.98 -1.72
CA PHE B 286 -14.95 16.37 -0.87
C PHE B 286 -15.86 17.39 -1.58
N VAL B 287 -15.28 18.35 -2.28
CA VAL B 287 -16.10 19.33 -3.00
C VAL B 287 -16.90 18.64 -4.09
N TRP B 288 -16.24 17.80 -4.88
CA TRP B 288 -16.90 17.05 -5.94
C TRP B 288 -18.00 16.16 -5.38
N THR B 289 -17.70 15.41 -4.30
CA THR B 289 -18.65 14.48 -3.73
C THR B 289 -19.93 15.18 -3.30
N THR B 290 -19.81 16.37 -2.70
CA THR B 290 -20.97 17.05 -2.18
C THR B 290 -21.72 17.83 -3.26
N SER B 291 -21.17 17.94 -4.48
CA SER B 291 -21.81 18.65 -5.58
C SER B 291 -22.39 17.73 -6.63
N ASN B 292 -22.39 16.42 -6.40
CA ASN B 292 -22.58 15.44 -7.45
C ASN B 292 -23.83 14.61 -7.15
N LYS B 293 -24.73 14.54 -8.13
CA LYS B 293 -25.97 13.77 -7.94
C LYS B 293 -25.68 12.33 -7.56
N ARG B 294 -24.52 11.82 -7.94
CA ARG B 294 -24.09 10.49 -7.53
C ARG B 294 -24.14 10.29 -6.03
N TYR B 295 -23.88 11.33 -5.24
CA TYR B 295 -23.57 11.14 -3.83
C TYR B 295 -24.67 11.63 -2.90
N LYS B 296 -25.92 11.44 -3.31
CA LYS B 296 -27.03 11.36 -2.37
C LYS B 296 -27.94 10.18 -2.63
N THR B 297 -28.84 10.33 -3.62
CA THR B 297 -30.08 9.57 -3.74
C THR B 297 -29.76 8.09 -3.91
N ALA B 298 -30.73 7.27 -3.52
CA ALA B 298 -30.47 5.83 -3.40
C ALA B 298 -30.27 5.18 -4.75
N VAL B 299 -30.93 5.70 -5.79
CA VAL B 299 -30.77 5.24 -7.17
C VAL B 299 -30.94 6.44 -8.08
N ASN B 300 -30.23 6.44 -9.21
CA ASN B 300 -30.42 7.45 -10.24
C ASN B 300 -29.61 7.05 -11.47
N ASP B 301 -29.67 7.88 -12.50
CA ASP B 301 -28.99 7.72 -13.78
C ASP B 301 -27.47 7.68 -13.68
N VAL B 302 -26.89 8.12 -12.57
CA VAL B 302 -25.44 8.19 -12.46
C VAL B 302 -24.89 7.46 -11.25
N ASN B 303 -25.65 6.52 -10.65
CA ASN B 303 -25.08 5.57 -9.69
C ASN B 303 -25.88 4.27 -9.57
N SER B 304 -26.80 3.98 -10.49
CA SER B 304 -27.63 2.78 -10.36
C SER B 304 -26.81 1.50 -10.57
N ARG B 305 -27.36 0.38 -10.10
CA ARG B 305 -26.82 -0.91 -10.52
C ARG B 305 -26.95 -1.05 -12.03
N ILE B 306 -25.82 -1.21 -12.70
CA ILE B 306 -25.87 -1.51 -14.12
C ILE B 306 -26.17 -3.01 -14.23
N GLN B 307 -27.43 -3.34 -14.58
CA GLN B 307 -28.00 -4.69 -14.50
C GLN B 307 -27.35 -5.61 -15.52
N ALA B 308 -27.47 -6.91 -15.28
CA ALA B 308 -26.83 -7.87 -16.18
C ALA B 308 -27.84 -8.58 -17.07
N GLY A 14 19.39 4.36 29.05
CA GLY A 14 18.09 4.52 29.66
C GLY A 14 17.01 4.04 28.71
N ARG A 15 16.51 4.92 27.84
CA ARG A 15 15.64 4.52 26.76
C ARG A 15 16.44 3.94 25.61
N SER A 16 17.71 3.64 25.84
CA SER A 16 18.62 3.15 24.81
C SER A 16 18.58 1.64 24.61
N SER A 17 17.76 0.90 25.38
CA SER A 17 17.80 -0.55 25.23
C SER A 17 16.52 -1.19 25.74
N VAL A 18 16.10 -2.25 25.07
CA VAL A 18 15.00 -3.08 25.54
C VAL A 18 15.50 -4.38 26.16
N ARG A 19 16.80 -4.49 26.43
CA ARG A 19 17.40 -5.66 27.08
C ARG A 19 16.61 -6.18 28.27
N PRO A 20 16.13 -5.36 29.22
CA PRO A 20 15.38 -5.93 30.36
C PRO A 20 14.20 -6.79 29.97
N TYR A 21 13.58 -6.55 28.81
CA TYR A 21 12.38 -7.25 28.39
C TYR A 21 12.65 -8.38 27.40
N LEU A 22 13.91 -8.67 27.12
CA LEU A 22 14.27 -9.57 26.02
C LEU A 22 13.62 -10.95 26.18
N GLU A 23 13.70 -11.53 27.37
CA GLU A 23 13.19 -12.88 27.57
C GLU A 23 11.66 -12.91 27.57
N GLU A 24 11.01 -12.02 28.33
CA GLU A 24 9.54 -11.99 28.37
C GLU A 24 8.97 -11.78 26.98
N CYS A 25 9.47 -10.78 26.25
CA CYS A 25 8.92 -10.48 24.94
C CYS A 25 9.15 -11.63 23.96
N THR A 26 10.33 -12.26 24.01
CA THR A 26 10.55 -13.43 23.15
C THR A 26 9.51 -14.50 23.44
N ARG A 27 9.34 -14.84 24.72
CA ARG A 27 8.29 -15.76 25.15
C ARG A 27 6.93 -15.37 24.62
N ARG A 28 6.57 -14.09 24.78
CA ARG A 28 5.27 -13.60 24.35
C ARG A 28 5.05 -13.81 22.85
N PHE A 29 5.99 -13.33 22.03
CA PHE A 29 5.94 -13.53 20.58
C PHE A 29 5.70 -15.01 20.25
N GLN A 30 6.51 -15.90 20.83
CA GLN A 30 6.38 -17.31 20.48
C GLN A 30 5.03 -17.87 20.89
N GLU A 31 4.58 -17.55 22.10
CA GLU A 31 3.25 -17.97 22.55
C GLU A 31 2.18 -17.52 21.56
N MET A 32 2.29 -16.29 21.09
CA MET A 32 1.30 -15.76 20.15
C MET A 32 1.33 -16.56 18.85
N PHE A 33 2.53 -16.81 18.31
CA PHE A 33 2.62 -17.62 17.09
C PHE A 33 2.07 -19.02 17.30
N ASP A 34 2.34 -19.62 18.47
CA ASP A 34 1.90 -21.01 18.69
C ASP A 34 0.38 -21.09 18.66
N ARG A 35 -0.28 -20.08 19.21
CA ARG A 35 -1.73 -20.08 19.27
C ARG A 35 -2.37 -19.72 17.94
N HIS A 36 -1.74 -18.82 17.17
CA HIS A 36 -2.38 -18.17 16.01
C HIS A 36 -1.77 -18.51 14.65
N VAL A 37 -0.62 -19.19 14.59
CA VAL A 37 -0.04 -19.66 13.32
C VAL A 37 0.15 -21.17 13.30
N VAL A 38 0.52 -21.76 14.45
CA VAL A 38 0.64 -23.19 14.70
C VAL A 38 1.89 -23.82 14.04
N THR A 39 1.94 -23.81 12.71
CA THR A 39 3.00 -24.45 11.93
C THR A 39 4.33 -23.74 12.09
N ARG A 40 5.31 -24.47 12.61
CA ARG A 40 6.70 -24.06 12.50
C ARG A 40 7.02 -23.66 11.06
N PRO A 41 7.71 -22.55 10.87
CA PRO A 41 8.28 -22.26 9.55
C PRO A 41 9.28 -23.33 9.18
N THR A 42 9.60 -23.41 7.89
CA THR A 42 10.57 -24.40 7.38
C THR A 42 11.70 -23.71 6.64
N LYS A 43 12.94 -24.07 6.97
CA LYS A 43 14.11 -23.44 6.35
C LYS A 43 14.47 -24.14 5.04
N VAL A 44 14.53 -23.36 3.96
CA VAL A 44 14.93 -23.86 2.63
C VAL A 44 16.40 -24.26 2.67
N GLU A 45 16.69 -25.54 2.43
CA GLU A 45 18.06 -26.03 2.45
C GLU A 45 18.63 -26.03 1.04
N LEU A 46 19.17 -24.89 0.61
CA LEU A 46 20.11 -24.83 -0.50
C LEU A 46 21.35 -25.67 -0.22
N THR A 47 21.97 -26.19 -1.29
CA THR A 47 23.20 -26.95 -1.15
C THR A 47 24.40 -26.01 -1.04
N ASP A 48 25.52 -26.56 -0.56
CA ASP A 48 26.82 -25.88 -0.67
C ASP A 48 26.98 -25.19 -2.03
N ALA A 49 26.54 -25.87 -3.11
CA ALA A 49 26.67 -25.32 -4.46
C ALA A 49 25.65 -24.23 -4.74
N GLU A 50 24.45 -24.34 -4.14
CA GLU A 50 23.44 -23.32 -4.36
C GLU A 50 23.78 -22.05 -3.60
N LEU A 51 24.44 -22.18 -2.44
CA LEU A 51 24.83 -21.01 -1.68
C LEU A 51 25.94 -20.26 -2.39
N ARG A 52 26.87 -20.99 -2.98
CA ARG A 52 27.96 -20.38 -3.74
C ARG A 52 27.43 -19.57 -4.90
N GLU A 53 26.48 -20.12 -5.67
CA GLU A 53 25.87 -19.35 -6.76
C GLU A 53 25.28 -18.05 -6.25
N VAL A 54 24.57 -18.11 -5.12
CA VAL A 54 23.92 -16.92 -4.57
C VAL A 54 24.96 -15.90 -4.11
N ILE A 55 25.96 -16.36 -3.36
CA ILE A 55 26.94 -15.44 -2.80
C ILE A 55 27.81 -14.83 -3.91
N ASP A 56 28.16 -15.61 -4.92
CA ASP A 56 28.90 -15.05 -6.05
C ASP A 56 28.11 -13.92 -6.71
N ASP A 57 26.81 -14.13 -6.93
CA ASP A 57 25.95 -13.07 -7.48
C ASP A 57 25.91 -11.84 -6.58
N CYS A 58 25.83 -12.05 -5.26
CA CYS A 58 25.82 -10.93 -4.32
C CYS A 58 27.12 -10.13 -4.39
N ASN A 59 28.27 -10.82 -4.33
CA ASN A 59 29.54 -10.11 -4.33
C ASN A 59 29.72 -9.33 -5.63
N ALA A 60 29.34 -9.91 -6.76
CA ALA A 60 29.44 -9.22 -8.03
C ALA A 60 28.56 -7.97 -8.05
N ALA A 61 27.40 -8.04 -7.39
CA ALA A 61 26.46 -6.91 -7.43
C ALA A 61 26.99 -5.72 -6.63
N VAL A 62 27.61 -5.96 -5.48
CA VAL A 62 28.02 -4.85 -4.64
C VAL A 62 29.49 -4.49 -4.84
N ALA A 63 30.27 -5.33 -5.50
CA ALA A 63 31.67 -5.03 -5.73
C ALA A 63 31.91 -3.60 -6.22
N PRO A 64 31.16 -3.06 -7.20
CA PRO A 64 31.45 -1.69 -7.65
C PRO A 64 31.32 -0.65 -6.57
N LEU A 65 30.45 -0.88 -5.58
CA LEU A 65 30.31 0.07 -4.48
C LEU A 65 31.52 0.11 -3.56
N GLY A 66 32.45 -0.83 -3.67
CA GLY A 66 33.75 -0.68 -3.06
C GLY A 66 33.99 -1.30 -1.70
N LYS A 67 33.01 -1.98 -1.10
CA LYS A 67 33.15 -2.49 0.26
C LYS A 67 33.03 -4.00 0.29
N THR A 68 33.93 -4.64 1.02
CA THR A 68 33.91 -6.09 1.20
C THR A 68 32.74 -6.52 2.04
N VAL A 69 32.07 -7.59 1.61
CA VAL A 69 31.05 -8.25 2.42
C VAL A 69 31.48 -9.70 2.63
N SER A 70 31.55 -10.12 3.88
CA SER A 70 32.02 -11.46 4.24
C SER A 70 30.92 -12.50 4.01
N ASP A 71 31.36 -13.76 3.84
CA ASP A 71 30.45 -14.90 3.77
C ASP A 71 29.40 -14.86 4.87
N GLU A 72 29.84 -14.74 6.13
CA GLU A 72 28.88 -14.90 7.20
C GLU A 72 28.00 -13.67 7.35
N ARG A 73 28.42 -12.52 6.83
CA ARG A 73 27.48 -11.41 6.75
C ARG A 73 26.43 -11.68 5.67
N TRP A 74 26.83 -12.19 4.50
CA TRP A 74 25.84 -12.63 3.51
C TRP A 74 24.87 -13.63 4.12
N ILE A 75 25.39 -14.60 4.88
CA ILE A 75 24.54 -15.63 5.45
C ILE A 75 23.60 -15.04 6.48
N SER A 76 24.07 -14.02 7.21
CA SER A 76 23.20 -13.30 8.14
C SER A 76 22.05 -12.62 7.39
N TYR A 77 22.30 -12.13 6.18
CA TYR A 77 21.24 -11.48 5.42
C TYR A 77 20.32 -12.51 4.80
N VAL A 78 20.88 -13.59 4.21
CA VAL A 78 20.08 -14.51 3.42
C VAL A 78 19.16 -15.36 4.27
N GLY A 79 19.44 -15.50 5.57
CA GLY A 79 18.65 -16.39 6.40
C GLY A 79 17.17 -16.04 6.42
N VAL A 80 16.82 -14.75 6.26
CA VAL A 80 15.40 -14.41 6.26
C VAL A 80 14.69 -15.06 5.09
N VAL A 81 15.37 -15.16 3.93
CA VAL A 81 14.73 -15.82 2.78
C VAL A 81 14.63 -17.31 3.04
N LEU A 82 15.66 -17.89 3.65
CA LEU A 82 15.67 -19.34 3.87
C LEU A 82 14.56 -19.74 4.83
N TRP A 83 14.25 -18.88 5.80
CA TRP A 83 13.32 -19.18 6.88
C TRP A 83 11.90 -18.66 6.66
N SER A 84 11.72 -17.69 5.78
CA SER A 84 10.47 -16.95 5.73
C SER A 84 9.77 -17.04 4.38
N GLN A 85 10.21 -17.93 3.49
CA GLN A 85 9.40 -18.31 2.35
C GLN A 85 8.56 -19.52 2.77
N SER A 86 7.92 -20.19 1.82
CA SER A 86 6.97 -21.26 2.11
C SER A 86 7.40 -22.46 1.26
N PRO A 87 8.39 -23.23 1.73
CA PRO A 87 8.99 -24.26 0.87
C PRO A 87 7.99 -25.24 0.31
N ARG A 88 6.91 -25.55 1.05
CA ARG A 88 5.85 -26.42 0.56
C ARG A 88 5.32 -26.00 -0.80
N HIS A 89 5.23 -24.70 -1.05
CA HIS A 89 4.59 -24.16 -2.22
C HIS A 89 5.56 -23.74 -3.31
N ILE A 90 6.87 -23.90 -3.11
CA ILE A 90 7.80 -23.36 -4.11
C ILE A 90 7.71 -24.16 -5.40
N LYS A 91 7.55 -23.44 -6.50
CA LYS A 91 7.57 -24.03 -7.83
C LYS A 91 8.80 -23.63 -8.63
N ASP A 92 9.31 -22.42 -8.46
CA ASP A 92 10.39 -21.88 -9.30
C ASP A 92 11.59 -21.57 -8.39
N MET A 93 12.58 -22.47 -8.37
CA MET A 93 13.75 -22.22 -7.53
C MET A 93 14.74 -21.23 -8.14
N GLU A 94 14.60 -20.90 -9.43
CA GLU A 94 15.35 -19.78 -9.95
C GLU A 94 14.86 -18.46 -9.35
N ALA A 95 13.54 -18.30 -9.27
CA ALA A 95 12.99 -17.12 -8.60
C ALA A 95 13.40 -17.07 -7.12
N PHE A 96 13.45 -18.23 -6.46
CA PHE A 96 13.92 -18.25 -5.07
C PHE A 96 15.35 -17.74 -4.95
N LYS A 97 16.25 -18.25 -5.80
CA LYS A 97 17.63 -17.76 -5.79
C LYS A 97 17.67 -16.25 -6.02
N ALA A 98 16.82 -15.75 -6.92
CA ALA A 98 16.77 -14.31 -7.16
C ALA A 98 16.39 -13.53 -5.91
N VAL A 99 15.43 -14.05 -5.15
CA VAL A 99 15.02 -13.36 -3.93
C VAL A 99 16.14 -13.40 -2.90
N CYS A 100 16.88 -14.52 -2.82
CA CYS A 100 18.07 -14.55 -1.97
C CYS A 100 19.02 -13.41 -2.34
N VAL A 101 19.34 -13.29 -3.62
CA VAL A 101 20.35 -12.31 -4.05
C VAL A 101 19.84 -10.88 -3.83
N LEU A 102 18.64 -10.59 -4.32
CA LEU A 102 18.08 -9.25 -4.21
C LEU A 102 17.89 -8.84 -2.75
N ASN A 103 17.36 -9.74 -1.92
CA ASN A 103 17.25 -9.45 -0.49
C ASN A 103 18.59 -9.07 0.09
N CYS A 104 19.62 -9.86 -0.23
CA CYS A 104 20.93 -9.66 0.36
C CYS A 104 21.57 -8.36 -0.08
N VAL A 105 21.52 -8.06 -1.38
CA VAL A 105 22.29 -6.90 -1.82
C VAL A 105 21.61 -5.60 -1.40
N THR A 106 20.27 -5.59 -1.28
CA THR A 106 19.60 -4.39 -0.76
C THR A 106 19.72 -4.30 0.75
N PHE A 107 20.00 -5.41 1.43
CA PHE A 107 20.38 -5.37 2.82
C PHE A 107 21.69 -4.60 3.00
N VAL A 108 22.68 -4.87 2.15
CA VAL A 108 23.91 -4.11 2.19
C VAL A 108 23.62 -2.62 2.03
N TRP A 109 22.79 -2.27 1.04
CA TRP A 109 22.38 -0.89 0.84
C TRP A 109 21.77 -0.30 2.12
N ASP A 110 20.90 -1.07 2.79
CA ASP A 110 20.29 -0.62 4.04
C ASP A 110 21.35 -0.26 5.08
N ASP A 111 22.44 -1.02 5.13
CA ASP A 111 23.46 -0.79 6.14
C ASP A 111 24.48 0.30 5.76
N MET A 112 24.50 0.73 4.50
CA MET A 112 25.55 1.63 4.02
C MET A 112 25.33 3.08 4.40
N ASP A 113 26.43 3.83 4.41
CA ASP A 113 26.43 5.29 4.28
C ASP A 113 25.69 5.70 3.01
N PRO A 114 24.88 6.75 3.05
CA PRO A 114 24.28 7.26 1.81
C PRO A 114 25.32 7.80 0.84
N ALA A 115 26.52 8.14 1.34
CA ALA A 115 27.64 8.49 0.47
C ALA A 115 28.03 7.35 -0.45
N LEU A 116 27.95 6.10 0.04
CA LEU A 116 28.31 4.94 -0.75
C LEU A 116 27.26 4.55 -1.79
N HIS A 117 26.08 5.15 -1.74
CA HIS A 117 24.95 4.81 -2.60
C HIS A 117 25.17 5.34 -4.00
N ASP A 118 25.58 4.48 -4.92
CA ASP A 118 25.88 4.85 -6.30
C ASP A 118 24.84 4.20 -7.21
N PHE A 119 23.82 5.00 -7.56
CA PHE A 119 22.71 4.49 -8.36
C PHE A 119 23.16 4.07 -9.76
N GLY A 120 24.08 4.85 -10.37
CA GLY A 120 24.53 4.53 -11.71
C GLY A 120 25.29 3.20 -11.81
N LEU A 121 25.92 2.77 -10.72
CA LEU A 121 26.63 1.49 -10.69
C LEU A 121 25.78 0.36 -10.16
N PHE A 122 24.91 0.64 -9.18
CA PHE A 122 24.14 -0.42 -8.55
C PHE A 122 22.89 -0.78 -9.33
N LEU A 123 22.19 0.21 -9.87
CA LEU A 123 20.95 -0.11 -10.58
C LEU A 123 21.18 -1.06 -11.74
N PRO A 124 22.19 -0.89 -12.61
CA PRO A 124 22.46 -1.93 -13.62
C PRO A 124 22.67 -3.31 -13.04
N GLN A 125 23.31 -3.42 -11.87
CA GLN A 125 23.51 -4.72 -11.24
C GLN A 125 22.19 -5.38 -10.90
N LEU A 126 21.27 -4.63 -10.29
CA LEU A 126 19.95 -5.18 -9.98
C LEU A 126 19.25 -5.63 -11.24
N ARG A 127 19.30 -4.82 -12.30
CA ARG A 127 18.60 -5.12 -13.54
C ARG A 127 19.03 -6.49 -14.09
N LYS A 128 20.32 -6.78 -14.05
CA LYS A 128 20.78 -8.01 -14.70
C LYS A 128 20.64 -9.21 -13.76
N ILE A 129 20.62 -8.97 -12.44
CA ILE A 129 20.11 -10.00 -11.53
C ILE A 129 18.68 -10.36 -11.91
N CYS A 130 17.85 -9.36 -12.11
CA CYS A 130 16.44 -9.62 -12.41
C CYS A 130 16.28 -10.34 -13.73
N GLU A 131 16.98 -9.89 -14.78
CA GLU A 131 16.86 -10.55 -16.07
C GLU A 131 17.41 -11.98 -16.04
N LYS A 132 18.50 -12.23 -15.30
CA LYS A 132 19.07 -13.56 -15.27
C LYS A 132 18.08 -14.59 -14.72
N TYR A 133 17.39 -14.25 -13.62
CA TYR A 133 16.65 -15.25 -12.86
C TYR A 133 15.16 -15.30 -13.18
N TYR A 134 14.58 -14.24 -13.73
CA TYR A 134 13.15 -14.20 -14.00
C TYR A 134 12.89 -14.20 -15.50
N GLY A 135 11.64 -14.49 -15.86
CA GLY A 135 11.17 -14.29 -17.21
C GLY A 135 11.04 -12.80 -17.50
N PRO A 136 10.82 -12.47 -18.78
CA PRO A 136 10.86 -11.05 -19.16
C PRO A 136 9.86 -10.16 -18.43
N GLU A 137 8.65 -10.65 -18.16
CA GLU A 137 7.69 -9.78 -17.51
C GLU A 137 7.92 -9.72 -15.99
N ASP A 138 8.18 -10.86 -15.37
CA ASP A 138 8.48 -10.87 -13.93
C ASP A 138 9.76 -10.07 -13.62
N ALA A 139 10.73 -10.08 -14.55
CA ALA A 139 11.96 -9.31 -14.32
C ALA A 139 11.66 -7.83 -14.18
N GLU A 140 10.71 -7.33 -14.96
CA GLU A 140 10.36 -5.91 -14.87
C GLU A 140 9.74 -5.58 -13.51
N VAL A 141 8.83 -6.42 -13.04
CA VAL A 141 8.16 -6.18 -11.77
C VAL A 141 9.16 -6.23 -10.62
N ALA A 142 10.04 -7.23 -10.64
CA ALA A 142 11.03 -7.36 -9.57
C ALA A 142 12.01 -6.18 -9.60
N TYR A 143 12.46 -5.78 -10.78
CA TYR A 143 13.43 -4.68 -10.85
C TYR A 143 12.80 -3.37 -10.37
N GLU A 144 11.60 -3.06 -10.81
CA GLU A 144 10.97 -1.83 -10.34
C GLU A 144 10.86 -1.82 -8.81
N ALA A 145 10.45 -2.95 -8.23
CA ALA A 145 10.32 -3.02 -6.78
C ALA A 145 11.67 -2.81 -6.09
N ALA A 146 12.75 -3.46 -6.59
CA ALA A 146 14.08 -3.26 -6.02
C ALA A 146 14.52 -1.81 -6.15
N ARG A 147 14.35 -1.24 -7.35
CA ARG A 147 14.69 0.16 -7.60
C ARG A 147 13.98 1.08 -6.62
N ALA A 148 12.67 0.91 -6.47
CA ALA A 148 11.90 1.77 -5.57
C ALA A 148 12.36 1.60 -4.11
N PHE A 149 12.73 0.38 -3.71
CA PHE A 149 13.19 0.21 -2.34
C PHE A 149 14.49 0.98 -2.09
N VAL A 150 15.52 0.77 -2.92
CA VAL A 150 16.80 1.40 -2.65
C VAL A 150 16.68 2.91 -2.77
N THR A 151 15.84 3.37 -3.68
CA THR A 151 15.61 4.81 -3.80
C THR A 151 14.94 5.36 -2.55
N SER A 152 13.97 4.62 -1.99
CA SER A 152 13.29 5.09 -0.80
C SER A 152 14.23 5.08 0.41
N ASP A 153 14.99 3.99 0.60
CA ASP A 153 15.93 3.98 1.72
C ASP A 153 16.89 5.15 1.63
N HIS A 154 17.32 5.49 0.41
CA HIS A 154 18.23 6.61 0.25
C HIS A 154 17.53 7.94 0.52
N MET A 155 16.40 8.18 -0.14
CA MET A 155 15.76 9.48 -0.08
C MET A 155 15.31 9.82 1.33
N PHE A 156 15.05 8.82 2.17
CA PHE A 156 14.52 9.13 3.49
C PHE A 156 15.59 9.23 4.56
N ARG A 157 16.87 9.05 4.23
CA ARG A 157 17.92 9.41 5.18
C ARG A 157 17.97 10.95 5.28
N ASP A 158 17.68 11.46 6.47
CA ASP A 158 17.57 12.91 6.74
C ASP A 158 16.38 13.54 6.02
N SER A 159 15.25 12.84 6.01
CA SER A 159 14.01 13.44 5.51
C SER A 159 13.11 13.86 6.66
N PRO A 160 12.60 15.10 6.65
CA PRO A 160 11.53 15.43 7.62
C PRO A 160 10.33 14.52 7.50
N ILE A 161 10.09 13.92 6.33
CA ILE A 161 8.94 13.05 6.16
C ILE A 161 9.09 11.82 7.05
N LYS A 162 10.30 11.24 7.07
CA LYS A 162 10.55 10.10 7.95
C LYS A 162 10.30 10.49 9.40
N ALA A 163 10.87 11.63 9.83
CA ALA A 163 10.66 12.08 11.21
C ALA A 163 9.17 12.24 11.54
N ALA A 164 8.41 12.84 10.63
CA ALA A 164 6.97 12.97 10.89
C ALA A 164 6.30 11.61 10.95
N LEU A 165 6.62 10.72 10.00
CA LEU A 165 5.91 9.44 9.96
C LEU A 165 6.39 8.47 11.04
N CYS A 166 7.52 8.73 11.66
CA CYS A 166 7.99 7.81 12.71
C CYS A 166 7.66 8.29 14.11
N THR A 167 7.28 9.55 14.27
CA THR A 167 7.05 10.09 15.60
C THR A 167 5.62 10.59 15.82
N THR A 168 4.66 10.21 14.96
CA THR A 168 3.30 10.70 15.13
C THR A 168 2.39 9.71 15.83
N SER A 169 2.33 8.46 15.34
CA SER A 169 1.43 7.42 15.83
C SER A 169 1.87 6.09 15.24
N PRO A 170 1.35 4.96 15.76
CA PRO A 170 1.66 3.68 15.10
C PRO A 170 1.18 3.61 13.66
N GLU A 171 0.03 4.23 13.36
CA GLU A 171 -0.52 4.10 12.01
C GLU A 171 0.31 4.86 10.99
N GLN A 172 0.86 6.03 11.35
CA GLN A 172 1.76 6.72 10.42
C GLN A 172 3.02 5.91 10.20
N TYR A 173 3.55 5.34 11.29
CA TYR A 173 4.81 4.61 11.22
C TYR A 173 4.69 3.38 10.33
N PHE A 174 3.64 2.58 10.54
CA PHE A 174 3.51 1.34 9.79
C PHE A 174 3.25 1.61 8.32
N ARG A 175 2.56 2.73 8.03
CA ARG A 175 2.37 3.15 6.65
C ARG A 175 3.69 3.38 5.92
N PHE A 176 4.65 4.02 6.59
CA PHE A 176 6.01 4.18 6.07
C PHE A 176 6.68 2.83 5.84
N ARG A 177 6.50 1.91 6.78
CA ARG A 177 7.26 0.66 6.75
C ARG A 177 6.76 -0.33 5.69
N VAL A 178 5.55 -0.14 5.13
CA VAL A 178 5.11 -0.99 4.02
C VAL A 178 6.18 -1.04 2.94
N THR A 179 6.76 0.12 2.61
CA THR A 179 7.89 0.20 1.71
C THR A 179 9.21 0.04 2.45
N ASP A 180 9.36 0.73 3.58
CA ASP A 180 10.70 0.85 4.16
C ASP A 180 11.25 -0.46 4.74
N ILE A 181 10.40 -1.36 5.26
CA ILE A 181 10.96 -2.64 5.70
C ILE A 181 11.18 -3.58 4.52
N GLY A 182 10.85 -3.15 3.30
CA GLY A 182 11.14 -3.96 2.14
C GLY A 182 10.11 -5.02 1.82
N VAL A 183 8.99 -5.08 2.54
CA VAL A 183 8.05 -6.18 2.32
C VAL A 183 7.27 -6.02 1.01
N ASP A 184 6.95 -4.79 0.58
CA ASP A 184 6.31 -4.66 -0.72
C ASP A 184 7.23 -5.21 -1.82
N PHE A 185 8.50 -4.82 -1.77
CA PHE A 185 9.54 -5.36 -2.64
C PHE A 185 9.56 -6.90 -2.55
N TRP A 186 9.58 -7.43 -1.34
CA TRP A 186 9.65 -8.88 -1.14
C TRP A 186 8.51 -9.61 -1.84
N MET A 187 7.28 -9.10 -1.68
CA MET A 187 6.13 -9.76 -2.31
C MET A 187 6.26 -9.77 -3.81
N LYS A 188 6.65 -8.62 -4.38
CA LYS A 188 6.70 -8.46 -5.83
C LYS A 188 7.82 -9.27 -6.47
N MET A 189 8.90 -9.56 -5.75
CA MET A 189 9.91 -10.45 -6.30
C MET A 189 9.69 -11.92 -5.92
N SER A 190 8.79 -12.21 -4.99
CA SER A 190 8.56 -13.56 -4.53
C SER A 190 7.41 -14.27 -5.24
N TYR A 191 6.43 -13.55 -5.81
CA TYR A 191 5.32 -14.26 -6.42
C TYR A 191 5.77 -15.22 -7.54
N PRO A 192 6.82 -14.96 -8.33
CA PRO A 192 7.23 -15.98 -9.31
C PRO A 192 7.71 -17.28 -8.67
N ILE A 193 8.08 -17.25 -7.38
CA ILE A 193 8.44 -18.50 -6.69
C ILE A 193 7.28 -19.46 -6.70
N TYR A 194 6.06 -18.94 -6.53
CA TYR A 194 4.88 -19.74 -6.28
C TYR A 194 3.98 -19.91 -7.50
N ARG A 195 4.06 -19.02 -8.48
CA ARG A 195 3.24 -19.10 -9.70
C ARG A 195 1.77 -19.39 -9.36
N HIS A 196 1.26 -18.71 -8.34
CA HIS A 196 -0.09 -18.91 -7.83
C HIS A 196 -0.92 -17.65 -8.09
N PRO A 197 -1.81 -17.65 -9.09
CA PRO A 197 -2.45 -16.40 -9.53
C PRO A 197 -3.04 -15.53 -8.43
N GLU A 198 -3.71 -16.09 -7.41
CA GLU A 198 -4.25 -15.24 -6.37
C GLU A 198 -3.14 -14.48 -5.65
N PHE A 199 -2.09 -15.19 -5.24
CA PHE A 199 -0.98 -14.52 -4.55
C PHE A 199 -0.35 -13.45 -5.44
N THR A 200 -0.20 -13.74 -6.72
CA THR A 200 0.38 -12.78 -7.63
C THR A 200 -0.42 -11.48 -7.67
N GLU A 201 -1.75 -11.57 -7.65
CA GLU A 201 -2.56 -10.34 -7.60
C GLU A 201 -2.37 -9.60 -6.28
N HIS A 202 -2.40 -10.31 -5.16
CA HIS A 202 -2.24 -9.62 -3.87
C HIS A 202 -0.86 -8.98 -3.77
N ALA A 203 0.15 -9.61 -4.36
CA ALA A 203 1.48 -9.02 -4.38
C ALA A 203 1.49 -7.75 -5.22
N LYS A 204 0.81 -7.76 -6.35
CA LYS A 204 0.89 -6.62 -7.26
C LYS A 204 0.01 -5.45 -6.84
N THR A 205 -1.06 -5.69 -6.08
CA THR A 205 -1.83 -4.61 -5.45
C THR A 205 -1.18 -4.08 -4.17
N SER A 206 -0.18 -4.78 -3.65
CA SER A 206 0.47 -4.52 -2.37
C SER A 206 -0.42 -4.84 -1.18
N LEU A 207 -1.61 -5.38 -1.39
CA LEU A 207 -2.38 -5.90 -0.26
C LEU A 207 -1.57 -6.93 0.53
N ALA A 208 -0.86 -7.82 -0.17
CA ALA A 208 0.02 -8.79 0.49
C ALA A 208 0.99 -8.10 1.44
N ALA A 209 1.64 -7.03 0.97
CA ALA A 209 2.54 -6.29 1.84
C ALA A 209 1.80 -5.61 2.99
N ARG A 210 0.64 -5.02 2.69
CA ARG A 210 -0.09 -4.29 3.73
C ARG A 210 -0.53 -5.21 4.85
N MET A 211 -0.78 -6.49 4.52
CA MET A 211 -1.25 -7.46 5.52
C MET A 211 -0.12 -7.96 6.43
N THR A 212 1.13 -7.93 5.96
CA THR A 212 2.24 -8.54 6.68
C THR A 212 3.20 -7.52 7.29
N THR A 213 2.99 -6.22 7.02
CA THR A 213 3.92 -5.19 7.48
C THR A 213 4.05 -5.17 9.00
N ARG A 214 2.94 -5.19 9.73
CA ARG A 214 3.04 -5.02 11.17
C ARG A 214 3.73 -6.22 11.82
N GLY A 215 3.41 -7.43 11.36
CA GLY A 215 4.02 -8.60 11.94
C GLY A 215 5.53 -8.60 11.77
N LEU A 216 5.99 -8.29 10.56
CA LEU A 216 7.43 -8.21 10.33
C LEU A 216 8.05 -7.07 11.13
N THR A 217 7.41 -5.89 11.10
CA THR A 217 8.04 -4.70 11.64
C THR A 217 8.14 -4.73 13.15
N ILE A 218 7.07 -5.18 13.83
CA ILE A 218 7.09 -5.18 15.28
C ILE A 218 8.22 -6.09 15.78
N VAL A 219 8.37 -7.24 15.15
CA VAL A 219 9.44 -8.16 15.54
C VAL A 219 10.81 -7.56 15.24
N ASN A 220 10.99 -7.04 14.01
CA ASN A 220 12.27 -6.44 13.68
C ASN A 220 12.61 -5.31 14.63
N ASP A 221 11.63 -4.41 14.90
CA ASP A 221 11.88 -3.26 15.75
C ASP A 221 12.29 -3.66 17.16
N PHE A 222 11.64 -4.68 17.72
CA PHE A 222 12.01 -5.04 19.08
C PHE A 222 13.47 -5.45 19.16
N TYR A 223 13.89 -6.33 18.27
CA TYR A 223 15.24 -6.89 18.39
C TYR A 223 16.32 -6.02 17.76
N SER A 224 15.96 -5.02 16.95
CA SER A 224 16.98 -4.12 16.40
C SER A 224 16.99 -2.77 17.10
N TYR A 225 16.16 -2.61 18.16
CA TYR A 225 16.05 -1.35 18.87
C TYR A 225 17.42 -0.88 19.37
N ASP A 226 18.15 -1.75 20.07
CA ASP A 226 19.41 -1.33 20.68
C ASP A 226 20.39 -0.81 19.61
N ARG A 227 20.56 -1.54 18.51
CA ARG A 227 21.46 -1.09 17.45
C ARG A 227 20.97 0.22 16.85
N GLU A 228 19.68 0.32 16.55
CA GLU A 228 19.21 1.50 15.86
C GLU A 228 19.30 2.74 16.75
N VAL A 229 18.95 2.59 18.02
CA VAL A 229 19.18 3.66 18.99
C VAL A 229 20.66 4.06 19.01
N SER A 230 21.57 3.08 19.14
CA SER A 230 23.01 3.38 19.13
C SER A 230 23.42 4.28 17.96
N LEU A 231 22.80 4.10 16.81
CA LEU A 231 23.28 4.73 15.59
C LEU A 231 22.46 5.92 15.15
N GLY A 232 21.55 6.40 15.99
CA GLY A 232 20.66 7.49 15.64
C GLY A 232 19.68 7.21 14.52
N GLN A 233 19.11 6.00 14.45
CA GLN A 233 18.10 5.65 13.46
C GLN A 233 16.71 5.67 14.12
N ILE A 234 15.83 6.56 13.66
CA ILE A 234 14.54 6.75 14.34
C ILE A 234 13.45 5.81 13.84
N THR A 235 13.73 4.96 12.86
CA THR A 235 12.68 4.15 12.26
C THR A 235 12.46 2.88 13.10
N ASN A 236 11.72 3.04 14.19
CA ASN A 236 11.50 1.96 15.16
C ASN A 236 10.30 2.30 16.01
N CYS A 237 9.25 1.47 15.97
CA CYS A 237 8.02 1.83 16.67
C CYS A 237 8.18 1.88 18.19
N PHE A 238 9.18 1.21 18.77
CA PHE A 238 9.31 1.28 20.22
C PHE A 238 9.86 2.62 20.70
N ARG A 239 10.37 3.46 19.79
CA ARG A 239 10.72 4.82 20.16
C ARG A 239 9.48 5.65 20.49
N LEU A 240 8.30 5.21 20.10
CA LEU A 240 7.05 5.93 20.37
C LEU A 240 6.62 5.81 21.83
N CYS A 241 7.19 4.87 22.58
CA CYS A 241 6.85 4.66 23.99
C CYS A 241 8.10 4.91 24.82
N ASP A 242 7.97 5.20 26.12
CA ASP A 242 9.20 5.25 26.91
C ASP A 242 9.52 3.84 27.39
N VAL A 243 10.57 3.24 26.83
CA VAL A 243 10.89 1.88 27.20
C VAL A 243 11.47 1.82 28.61
N SER A 244 11.79 2.97 29.22
CA SER A 244 12.26 3.03 30.60
C SER A 244 11.15 2.82 31.62
N ASP A 245 9.89 2.86 31.20
CA ASP A 245 8.75 2.77 32.10
C ASP A 245 8.10 1.42 31.80
N GLU A 246 8.26 0.49 32.72
CA GLU A 246 7.91 -0.90 32.41
C GLU A 246 6.42 -1.06 32.24
N THR A 247 5.61 -0.30 32.98
CA THR A 247 4.18 -0.39 32.77
C THR A 247 3.77 0.19 31.42
N ALA A 248 4.38 1.32 31.02
CA ALA A 248 4.07 1.88 29.71
C ALA A 248 4.59 0.98 28.59
N PHE A 249 5.78 0.42 28.76
CA PHE A 249 6.27 -0.54 27.77
C PHE A 249 5.29 -1.69 27.63
N LYS A 250 4.74 -2.16 28.77
CA LYS A 250 3.87 -3.32 28.77
C LYS A 250 2.59 -3.09 27.99
N GLU A 251 1.86 -2.03 28.32
CA GLU A 251 0.65 -1.71 27.55
C GLU A 251 0.98 -1.58 26.06
N PHE A 252 2.10 -0.91 25.74
CA PHE A 252 2.44 -0.69 24.34
C PHE A 252 2.73 -2.01 23.64
N PHE A 253 3.50 -2.87 24.29
CA PHE A 253 3.84 -4.16 23.70
C PHE A 253 2.60 -5.00 23.49
N GLN A 254 1.68 -5.00 24.47
CA GLN A 254 0.44 -5.75 24.29
C GLN A 254 -0.40 -5.15 23.15
N ALA A 255 -0.37 -3.83 22.99
CA ALA A 255 -1.06 -3.22 21.86
C ALA A 255 -0.46 -3.70 20.53
N ARG A 256 0.86 -3.84 20.48
CA ARG A 256 1.50 -4.31 19.26
C ARG A 256 1.19 -5.79 19.02
N LEU A 257 1.20 -6.60 20.10
CA LEU A 257 0.78 -7.99 19.95
C LEU A 257 -0.63 -8.07 19.39
N ASP A 258 -1.54 -7.26 19.93
CA ASP A 258 -2.92 -7.27 19.44
C ASP A 258 -2.97 -6.93 17.95
N ASP A 259 -2.13 -5.97 17.51
CA ASP A 259 -2.01 -5.65 16.09
C ASP A 259 -1.65 -6.90 15.28
N MET A 260 -0.60 -7.60 15.73
CA MET A 260 -0.17 -8.80 15.02
C MET A 260 -1.28 -9.83 14.94
N ILE A 261 -1.99 -10.02 16.05
CA ILE A 261 -3.04 -11.03 16.09
C ILE A 261 -4.16 -10.69 15.13
N GLU A 262 -4.59 -9.43 15.14
CA GLU A 262 -5.67 -9.04 14.24
C GLU A 262 -5.28 -9.27 12.78
N ASP A 263 -4.06 -8.89 12.41
CA ASP A 263 -3.58 -9.16 11.05
C ASP A 263 -3.60 -10.65 10.75
N ILE A 264 -3.10 -11.47 11.68
CA ILE A 264 -3.02 -12.91 11.42
C ILE A 264 -4.41 -13.51 11.27
N GLU A 265 -5.35 -13.10 12.11
CA GLU A 265 -6.68 -13.68 11.97
C GLU A 265 -7.36 -13.23 10.68
N CYS A 266 -7.08 -12.01 10.22
CA CYS A 266 -7.60 -11.59 8.90
C CYS A 266 -6.91 -12.35 7.76
N ILE A 267 -5.61 -12.61 7.89
CA ILE A 267 -4.87 -13.35 6.86
C ILE A 267 -5.50 -14.74 6.63
N LYS A 268 -6.14 -15.31 7.65
CA LYS A 268 -6.76 -16.62 7.52
C LYS A 268 -7.96 -16.63 6.58
N ALA A 269 -8.53 -15.46 6.27
CA ALA A 269 -9.57 -15.39 5.27
C ALA A 269 -9.04 -15.52 3.85
N PHE A 270 -7.73 -15.36 3.64
CA PHE A 270 -7.22 -15.50 2.30
C PHE A 270 -7.22 -16.98 1.90
N ASP A 271 -6.95 -17.24 0.62
CA ASP A 271 -6.97 -18.61 0.15
C ASP A 271 -5.86 -19.41 0.85
N GLN A 272 -6.01 -20.73 0.87
CA GLN A 272 -5.10 -21.60 1.60
C GLN A 272 -3.63 -21.35 1.26
N LEU A 273 -3.29 -21.27 -0.02
CA LEU A 273 -1.88 -21.15 -0.36
C LEU A 273 -1.34 -19.78 0.03
N THR A 274 -2.11 -18.73 -0.23
CA THR A 274 -1.65 -17.38 0.07
C THR A 274 -1.45 -17.21 1.57
N GLN A 275 -2.38 -17.69 2.38
CA GLN A 275 -2.24 -17.48 3.82
C GLN A 275 -1.06 -18.29 4.36
N ASP A 276 -0.74 -19.42 3.73
CA ASP A 276 0.50 -20.12 4.08
C ASP A 276 1.71 -19.21 3.88
N VAL A 277 1.81 -18.58 2.72
CA VAL A 277 2.95 -17.70 2.41
C VAL A 277 3.01 -16.51 3.38
N PHE A 278 1.88 -15.84 3.59
CA PHE A 278 1.87 -14.69 4.51
C PHE A 278 2.34 -15.11 5.91
N LEU A 279 1.81 -16.21 6.42
CA LEU A 279 2.08 -16.60 7.79
C LEU A 279 3.51 -17.14 7.96
N ASP A 280 4.00 -17.92 6.99
CA ASP A 280 5.40 -18.35 7.02
C ASP A 280 6.34 -17.15 6.99
N LEU A 281 5.96 -16.10 6.25
CA LEU A 281 6.77 -14.90 6.22
C LEU A 281 6.89 -14.27 7.61
N ILE A 282 5.76 -14.03 8.28
CA ILE A 282 5.80 -13.36 9.57
C ILE A 282 6.49 -14.23 10.63
N TYR A 283 6.10 -15.50 10.68
CA TYR A 283 6.64 -16.38 11.72
C TYR A 283 8.09 -16.75 11.41
N GLY A 284 8.41 -16.99 10.15
CA GLY A 284 9.80 -17.25 9.77
C GLY A 284 10.71 -16.08 10.07
N ASN A 285 10.23 -14.85 9.85
CA ASN A 285 11.05 -13.70 10.19
C ASN A 285 11.37 -13.69 11.68
N PHE A 286 10.39 -14.07 12.51
CA PHE A 286 10.63 -14.15 13.95
C PHE A 286 11.70 -15.20 14.27
N VAL A 287 11.57 -16.39 13.70
CA VAL A 287 12.55 -17.45 13.99
C VAL A 287 13.94 -17.00 13.59
N TRP A 288 14.07 -16.45 12.38
CA TRP A 288 15.36 -15.99 11.88
C TRP A 288 15.91 -14.84 12.73
N THR A 289 15.07 -13.86 13.08
CA THR A 289 15.50 -12.71 13.86
C THR A 289 16.10 -13.14 15.20
N THR A 290 15.44 -14.05 15.91
CA THR A 290 15.93 -14.47 17.21
C THR A 290 17.10 -15.44 17.13
N SER A 291 17.43 -15.96 15.96
CA SER A 291 18.59 -16.83 15.82
C SER A 291 19.80 -16.09 15.30
N ASN A 292 19.66 -14.84 14.91
CA ASN A 292 20.69 -14.18 14.13
C ASN A 292 21.51 -13.21 14.96
N LYS A 293 22.83 -13.33 14.83
CA LYS A 293 23.80 -12.42 15.43
C LYS A 293 23.50 -10.96 15.08
N ARG A 294 22.96 -10.72 13.89
CA ARG A 294 22.59 -9.37 13.50
C ARG A 294 21.78 -8.68 14.59
N TYR A 295 20.90 -9.44 15.25
CA TYR A 295 20.00 -8.85 16.24
C TYR A 295 20.44 -9.09 17.68
N LYS A 296 21.74 -9.38 17.89
CA LYS A 296 22.26 -9.70 19.23
C LYS A 296 23.05 -8.57 19.87
N THR A 297 24.24 -8.19 19.39
CA THR A 297 24.93 -7.10 20.07
C THR A 297 25.28 -5.94 19.13
N ALA A 298 25.01 -4.73 19.64
CA ALA A 298 24.54 -3.60 18.85
C ALA A 298 25.37 -3.36 17.60
N VAL A 299 26.68 -3.52 17.71
CA VAL A 299 27.59 -3.37 16.57
C VAL A 299 28.48 -4.60 16.57
N ASN A 300 28.50 -5.31 15.45
CA ASN A 300 29.36 -6.47 15.27
C ASN A 300 29.61 -6.65 13.79
N ASP A 301 30.26 -7.75 13.44
CA ASP A 301 30.70 -7.95 12.06
C ASP A 301 29.57 -8.30 11.09
N VAL A 302 28.32 -8.43 11.55
CA VAL A 302 27.20 -8.60 10.63
C VAL A 302 26.09 -7.57 10.84
N ASN A 303 26.37 -6.42 11.49
CA ASN A 303 25.42 -5.31 11.49
C ASN A 303 26.08 -3.94 11.60
N SER A 304 27.39 -3.85 11.37
CA SER A 304 28.09 -2.58 11.44
C SER A 304 27.83 -1.75 10.19
N ARG A 305 27.55 -0.46 10.41
CA ARG A 305 27.23 0.47 9.33
C ARG A 305 28.32 0.49 8.27
N ILE A 306 28.02 -0.06 7.09
CA ILE A 306 29.03 -0.17 6.03
C ILE A 306 29.38 1.25 5.58
N GLN A 307 30.57 1.72 5.95
CA GLN A 307 30.93 3.06 5.53
C GLN A 307 32.19 3.06 4.71
N GLY B 9 -37.20 -9.01 5.27
CA GLY B 9 -35.78 -9.13 5.49
C GLY B 9 -35.31 -8.55 6.81
N ALA B 10 -34.04 -8.18 6.83
CA ALA B 10 -33.50 -7.45 7.97
C ALA B 10 -33.51 -5.93 7.72
N GLN B 11 -34.70 -5.37 7.47
CA GLN B 11 -34.87 -3.93 7.43
C GLN B 11 -34.68 -3.34 8.82
N ASP B 12 -33.42 -3.26 9.23
CA ASP B 12 -33.00 -2.27 10.22
C ASP B 12 -32.88 -0.94 9.47
N ILE B 13 -34.04 -0.43 9.05
CA ILE B 13 -34.10 0.83 8.32
C ILE B 13 -33.29 1.89 9.04
N GLY B 14 -33.50 2.03 10.36
CA GLY B 14 -32.92 3.14 11.10
C GLY B 14 -31.40 3.11 11.17
N ARG B 15 -30.80 2.02 10.68
CA ARG B 15 -29.36 1.87 10.56
C ARG B 15 -28.93 1.87 9.09
N SER B 16 -29.84 2.17 8.18
CA SER B 16 -29.59 2.05 6.76
C SER B 16 -29.59 3.40 6.06
N SER B 17 -29.23 4.48 6.76
CA SER B 17 -29.19 5.82 6.22
C SER B 17 -28.38 6.73 7.14
N VAL B 18 -27.52 7.55 6.56
CA VAL B 18 -26.86 8.60 7.34
C VAL B 18 -27.54 9.95 7.14
N ARG B 19 -28.70 9.97 6.49
CA ARG B 19 -29.42 11.22 6.20
C ARG B 19 -29.66 12.08 7.43
N PRO B 20 -30.06 11.57 8.59
CA PRO B 20 -30.19 12.44 9.77
C PRO B 20 -28.93 13.21 10.13
N TYR B 21 -27.76 12.77 9.68
CA TYR B 21 -26.49 13.41 10.01
C TYR B 21 -25.93 14.26 8.88
N LEU B 22 -26.65 14.36 7.77
CA LEU B 22 -26.09 14.93 6.55
C LEU B 22 -25.58 16.36 6.78
N GLU B 23 -26.42 17.22 7.33
CA GLU B 23 -26.03 18.62 7.45
C GLU B 23 -24.86 18.80 8.42
N GLU B 24 -24.94 18.17 9.59
CA GLU B 24 -23.90 18.39 10.60
C GLU B 24 -22.56 17.81 10.16
N CYS B 25 -22.56 16.61 9.55
CA CYS B 25 -21.30 16.04 9.10
C CYS B 25 -20.69 16.83 7.94
N THR B 26 -21.53 17.33 7.02
CA THR B 26 -21.00 18.14 5.93
C THR B 26 -20.29 19.37 6.49
N ARG B 27 -20.95 20.04 7.41
CA ARG B 27 -20.39 21.23 8.03
C ARG B 27 -19.09 20.92 8.77
N ARG B 28 -19.06 19.78 9.48
CA ARG B 28 -17.87 19.46 10.26
C ARG B 28 -16.69 19.09 9.34
N PHE B 29 -16.96 18.32 8.28
CA PHE B 29 -15.94 18.11 7.25
C PHE B 29 -15.35 19.43 6.76
N GLN B 30 -16.23 20.35 6.34
CA GLN B 30 -15.75 21.62 5.81
C GLN B 30 -14.95 22.39 6.83
N GLU B 31 -15.41 22.41 8.09
CA GLU B 31 -14.68 23.12 9.14
C GLU B 31 -13.29 22.53 9.30
N MET B 32 -13.20 21.21 9.19
CA MET B 32 -11.90 20.54 9.32
C MET B 32 -10.96 20.99 8.21
N PHE B 33 -11.42 20.93 6.96
CA PHE B 33 -10.59 21.39 5.85
C PHE B 33 -10.17 22.85 6.01
N ASP B 34 -11.07 23.69 6.53
CA ASP B 34 -10.74 25.10 6.66
C ASP B 34 -9.69 25.35 7.73
N ARG B 35 -9.72 24.56 8.82
CA ARG B 35 -8.67 24.70 9.82
C ARG B 35 -7.34 24.13 9.34
N HIS B 36 -7.34 22.94 8.74
CA HIS B 36 -6.10 22.23 8.51
C HIS B 36 -5.54 22.37 7.11
N VAL B 37 -6.38 22.50 6.09
CA VAL B 37 -5.90 22.64 4.72
C VAL B 37 -5.80 24.10 4.30
N VAL B 38 -6.89 24.87 4.51
CA VAL B 38 -6.95 26.30 4.30
C VAL B 38 -7.06 26.55 2.79
N THR B 39 -6.07 26.09 2.02
CA THR B 39 -6.12 26.31 0.59
C THR B 39 -7.24 25.48 -0.03
N ARG B 40 -7.93 26.07 -1.00
CA ARG B 40 -9.06 25.43 -1.64
C ARG B 40 -8.59 24.44 -2.69
N PRO B 41 -9.49 23.65 -3.25
CA PRO B 41 -9.22 23.04 -4.55
C PRO B 41 -9.53 24.03 -5.66
N THR B 42 -8.85 23.83 -6.78
CA THR B 42 -9.12 24.60 -8.01
C THR B 42 -9.67 23.64 -9.04
N LYS B 43 -10.68 24.08 -9.78
CA LYS B 43 -11.20 23.23 -10.83
C LYS B 43 -10.36 23.42 -12.09
N VAL B 44 -9.99 22.31 -12.73
CA VAL B 44 -9.46 22.35 -14.09
C VAL B 44 -10.61 22.61 -15.04
N GLU B 45 -10.54 23.72 -15.79
CA GLU B 45 -11.52 24.00 -16.83
C GLU B 45 -10.91 23.72 -18.20
N LEU B 46 -11.05 22.48 -18.66
CA LEU B 46 -10.75 22.07 -20.04
C LEU B 46 -11.36 23.02 -21.05
N THR B 47 -10.67 23.22 -22.17
CA THR B 47 -11.38 23.75 -23.32
C THR B 47 -12.29 22.66 -23.88
N ASP B 48 -13.34 23.11 -24.61
CA ASP B 48 -14.33 22.17 -25.12
C ASP B 48 -13.68 21.05 -25.92
N ALA B 49 -12.58 21.35 -26.63
CA ALA B 49 -11.90 20.37 -27.46
C ALA B 49 -11.13 19.36 -26.62
N GLU B 50 -10.76 19.75 -25.39
CA GLU B 50 -10.16 18.80 -24.48
C GLU B 50 -11.21 17.86 -23.90
N LEU B 51 -12.37 18.42 -23.54
CA LEU B 51 -13.44 17.59 -22.98
C LEU B 51 -13.96 16.61 -24.01
N ARG B 52 -14.38 17.11 -25.18
CA ARG B 52 -14.87 16.22 -26.24
C ARG B 52 -13.89 15.09 -26.52
N GLU B 53 -12.59 15.41 -26.59
CA GLU B 53 -11.58 14.37 -26.80
C GLU B 53 -11.62 13.32 -25.70
N VAL B 54 -11.82 13.76 -24.45
CA VAL B 54 -11.83 12.81 -23.34
C VAL B 54 -13.02 11.87 -23.46
N ILE B 55 -14.21 12.43 -23.73
CA ILE B 55 -15.43 11.63 -23.70
C ILE B 55 -15.52 10.74 -24.93
N ASP B 56 -14.96 11.18 -26.06
CA ASP B 56 -14.78 10.25 -27.18
C ASP B 56 -13.94 9.03 -26.76
N ASP B 57 -12.84 9.25 -26.03
CA ASP B 57 -12.02 8.10 -25.61
C ASP B 57 -12.78 7.20 -24.64
N CYS B 58 -13.59 7.80 -23.76
CA CYS B 58 -14.40 6.99 -22.84
C CYS B 58 -15.37 6.09 -23.58
N ASN B 59 -16.15 6.67 -24.49
CA ASN B 59 -17.15 5.88 -25.20
C ASN B 59 -16.50 4.78 -26.02
N ALA B 60 -15.35 5.08 -26.63
CA ALA B 60 -14.63 4.05 -27.36
C ALA B 60 -14.26 2.90 -26.43
N ALA B 61 -13.75 3.22 -25.24
CA ALA B 61 -13.19 2.21 -24.35
C ALA B 61 -14.24 1.22 -23.87
N VAL B 62 -15.42 1.69 -23.47
CA VAL B 62 -16.43 0.79 -22.92
C VAL B 62 -17.39 0.31 -23.98
N ALA B 63 -17.30 0.81 -25.21
CA ALA B 63 -18.12 0.31 -26.30
C ALA B 63 -18.04 -1.21 -26.45
N PRO B 64 -16.87 -1.86 -26.49
CA PRO B 64 -16.87 -3.33 -26.56
C PRO B 64 -17.67 -3.99 -25.45
N LEU B 65 -17.93 -3.32 -24.33
CA LEU B 65 -18.69 -3.93 -23.26
C LEU B 65 -20.19 -3.92 -23.48
N GLY B 66 -20.69 -3.09 -24.40
CA GLY B 66 -22.07 -3.13 -24.83
C GLY B 66 -23.03 -2.21 -24.12
N LYS B 67 -22.61 -1.58 -23.02
CA LYS B 67 -23.47 -0.69 -22.26
C LYS B 67 -23.23 0.75 -22.71
N THR B 68 -24.30 1.45 -23.07
CA THR B 68 -24.19 2.85 -23.44
C THR B 68 -24.29 3.73 -22.20
N VAL B 69 -23.33 4.64 -22.06
CA VAL B 69 -23.28 5.54 -20.91
C VAL B 69 -23.62 6.94 -21.40
N SER B 70 -24.54 7.61 -20.71
CA SER B 70 -24.96 8.95 -21.09
C SER B 70 -23.87 9.98 -20.76
N ASP B 71 -23.88 11.11 -21.49
CA ASP B 71 -22.97 12.19 -21.16
C ASP B 71 -23.17 12.66 -19.73
N GLU B 72 -24.42 12.73 -19.26
CA GLU B 72 -24.70 13.06 -17.86
C GLU B 72 -23.89 12.16 -16.93
N ARG B 73 -23.90 10.85 -17.19
CA ARG B 73 -23.22 9.91 -16.30
C ARG B 73 -21.71 10.04 -16.43
N TRP B 74 -21.19 10.20 -17.65
CA TRP B 74 -19.76 10.46 -17.79
C TRP B 74 -19.36 11.69 -16.98
N ILE B 75 -20.19 12.74 -17.04
CA ILE B 75 -19.88 13.97 -16.31
C ILE B 75 -19.88 13.70 -14.80
N SER B 76 -20.81 12.89 -14.32
CA SER B 76 -20.78 12.45 -12.93
C SER B 76 -19.41 11.88 -12.58
N TYR B 77 -18.89 10.96 -13.40
CA TYR B 77 -17.61 10.32 -13.13
C TYR B 77 -16.44 11.29 -13.24
N VAL B 78 -16.44 12.14 -14.27
CA VAL B 78 -15.22 12.87 -14.61
C VAL B 78 -14.94 14.01 -13.64
N GLY B 79 -15.97 14.51 -12.94
CA GLY B 79 -15.78 15.65 -12.05
C GLY B 79 -14.71 15.44 -11.00
N VAL B 80 -14.52 14.19 -10.52
CA VAL B 80 -13.52 13.97 -9.49
C VAL B 80 -12.13 14.34 -10.01
N VAL B 81 -11.85 14.06 -11.29
CA VAL B 81 -10.55 14.44 -11.85
C VAL B 81 -10.47 15.96 -12.01
N LEU B 82 -11.56 16.58 -12.47
CA LEU B 82 -11.56 18.02 -12.70
C LEU B 82 -11.34 18.79 -11.40
N TRP B 83 -11.86 18.28 -10.27
CA TRP B 83 -11.77 18.97 -9.00
C TRP B 83 -10.60 18.55 -8.12
N SER B 84 -10.05 17.36 -8.31
CA SER B 84 -9.14 16.80 -7.31
C SER B 84 -7.72 16.61 -7.81
N GLN B 85 -7.38 17.15 -8.97
CA GLN B 85 -5.97 17.28 -9.35
C GLN B 85 -5.48 18.62 -8.80
N SER B 86 -4.31 19.10 -9.23
CA SER B 86 -3.74 20.32 -8.68
C SER B 86 -3.38 21.23 -9.84
N PRO B 87 -4.31 22.08 -10.28
CA PRO B 87 -4.08 22.87 -11.52
C PRO B 87 -2.85 23.74 -11.49
N ARG B 88 -2.49 24.28 -10.33
CA ARG B 88 -1.31 25.13 -10.28
C ARG B 88 -0.02 24.40 -10.66
N HIS B 89 0.00 23.08 -10.47
CA HIS B 89 1.19 22.28 -10.70
C HIS B 89 1.15 21.52 -12.03
N ILE B 90 0.08 21.68 -12.82
CA ILE B 90 -0.08 20.85 -14.01
C ILE B 90 1.03 21.19 -15.02
N LYS B 91 1.61 20.17 -15.63
CA LYS B 91 2.54 20.36 -16.75
C LYS B 91 2.22 19.51 -17.96
N ASP B 92 1.50 18.41 -17.81
CA ASP B 92 1.19 17.55 -18.94
C ASP B 92 -0.34 17.41 -19.02
N MET B 93 -0.95 18.16 -19.94
CA MET B 93 -2.40 18.06 -20.09
C MET B 93 -2.83 16.81 -20.84
N GLU B 94 -1.92 16.16 -21.58
CA GLU B 94 -2.27 14.89 -22.20
C GLU B 94 -2.35 13.76 -21.17
N ALA B 95 -1.47 13.77 -20.16
CA ALA B 95 -1.61 12.84 -19.04
C ALA B 95 -2.86 13.16 -18.24
N PHE B 96 -3.21 14.45 -18.13
CA PHE B 96 -4.43 14.81 -17.43
C PHE B 96 -5.65 14.20 -18.11
N LYS B 97 -5.66 14.22 -19.46
CA LYS B 97 -6.79 13.66 -20.20
C LYS B 97 -6.85 12.14 -20.08
N ALA B 98 -5.69 11.47 -20.10
CA ALA B 98 -5.66 10.03 -19.84
C ALA B 98 -6.33 9.71 -18.51
N VAL B 99 -6.04 10.50 -17.47
CA VAL B 99 -6.61 10.21 -16.16
C VAL B 99 -8.12 10.43 -16.16
N CYS B 100 -8.60 11.46 -16.89
CA CYS B 100 -10.04 11.62 -17.07
C CYS B 100 -10.64 10.35 -17.66
N VAL B 101 -10.05 9.84 -18.74
CA VAL B 101 -10.62 8.67 -19.39
C VAL B 101 -10.52 7.44 -18.50
N LEU B 102 -9.32 7.17 -17.96
CA LEU B 102 -9.12 5.96 -17.17
C LEU B 102 -9.99 5.97 -15.91
N ASN B 103 -10.04 7.11 -15.23
CA ASN B 103 -10.96 7.23 -14.10
C ASN B 103 -12.38 6.86 -14.50
N CYS B 104 -12.87 7.41 -15.62
CA CYS B 104 -14.28 7.23 -15.95
C CYS B 104 -14.62 5.80 -16.34
N VAL B 105 -13.79 5.17 -17.17
CA VAL B 105 -14.19 3.85 -17.66
C VAL B 105 -14.08 2.81 -16.56
N THR B 106 -13.15 2.98 -15.62
CA THR B 106 -13.13 2.05 -14.49
C THR B 106 -14.17 2.39 -13.44
N PHE B 107 -14.72 3.61 -13.45
CA PHE B 107 -15.92 3.88 -12.66
C PHE B 107 -17.12 3.10 -13.18
N VAL B 108 -17.26 3.01 -14.52
CA VAL B 108 -18.28 2.15 -15.11
C VAL B 108 -18.12 0.72 -14.61
N TRP B 109 -16.88 0.23 -14.66
CA TRP B 109 -16.56 -1.13 -14.20
C TRP B 109 -16.99 -1.34 -12.75
N ASP B 110 -16.75 -0.32 -11.90
CA ASP B 110 -17.17 -0.33 -10.50
C ASP B 110 -18.67 -0.47 -10.35
N ASP B 111 -19.44 0.10 -11.29
CA ASP B 111 -20.90 0.10 -11.24
C ASP B 111 -21.54 -1.08 -11.96
N MET B 112 -20.74 -1.97 -12.53
CA MET B 112 -21.26 -3.06 -13.35
C MET B 112 -21.53 -4.31 -12.53
N ASP B 113 -22.61 -5.01 -12.89
CA ASP B 113 -22.72 -6.40 -12.52
C ASP B 113 -21.50 -7.13 -13.07
N PRO B 114 -20.91 -8.05 -12.30
CA PRO B 114 -19.67 -8.71 -12.76
C PRO B 114 -19.85 -9.56 -14.01
N ALA B 115 -21.08 -9.84 -14.43
CA ALA B 115 -21.31 -10.62 -15.64
C ALA B 115 -20.88 -9.88 -16.90
N LEU B 116 -20.75 -8.55 -16.84
CA LEU B 116 -20.27 -7.75 -17.96
C LEU B 116 -18.76 -7.54 -17.93
N HIS B 117 -18.07 -8.03 -16.89
CA HIS B 117 -16.63 -7.80 -16.75
C HIS B 117 -15.86 -8.69 -17.71
N ASP B 118 -15.66 -8.24 -18.95
CA ASP B 118 -14.91 -8.99 -19.96
C ASP B 118 -13.48 -8.44 -20.02
N PHE B 119 -12.54 -9.13 -19.36
CA PHE B 119 -11.15 -8.70 -19.41
C PHE B 119 -10.59 -8.76 -20.82
N GLY B 120 -10.94 -9.82 -21.57
CA GLY B 120 -10.36 -9.99 -22.89
C GLY B 120 -10.71 -8.87 -23.85
N LEU B 121 -11.83 -8.19 -23.59
CA LEU B 121 -12.25 -7.08 -24.44
C LEU B 121 -11.90 -5.74 -23.82
N PHE B 122 -11.87 -5.65 -22.49
CA PHE B 122 -11.65 -4.36 -21.84
C PHE B 122 -10.17 -4.04 -21.61
N LEU B 123 -9.34 -5.02 -21.24
CA LEU B 123 -7.92 -4.73 -21.07
C LEU B 123 -7.26 -4.12 -22.30
N PRO B 124 -7.48 -4.62 -23.53
CA PRO B 124 -6.85 -3.97 -24.69
C PRO B 124 -7.18 -2.50 -24.84
N GLN B 125 -8.42 -2.10 -24.52
CA GLN B 125 -8.79 -0.69 -24.56
C GLN B 125 -8.02 0.13 -23.53
N LEU B 126 -7.80 -0.44 -22.33
CA LEU B 126 -7.00 0.28 -21.34
C LEU B 126 -5.56 0.46 -21.83
N ARG B 127 -4.98 -0.56 -22.48
CA ARG B 127 -3.65 -0.39 -23.07
C ARG B 127 -3.66 0.72 -24.12
N LYS B 128 -4.65 0.71 -25.03
CA LYS B 128 -4.73 1.72 -26.09
C LYS B 128 -4.82 3.12 -25.53
N ILE B 129 -5.49 3.29 -24.39
CA ILE B 129 -5.59 4.61 -23.78
C ILE B 129 -4.25 5.05 -23.23
N CYS B 130 -3.61 4.16 -22.44
CA CYS B 130 -2.33 4.51 -21.85
C CYS B 130 -1.27 4.74 -22.93
N GLU B 131 -1.36 3.97 -24.01
CA GLU B 131 -0.33 3.98 -25.05
C GLU B 131 -0.35 5.27 -25.87
N LYS B 132 -1.52 5.88 -26.03
CA LYS B 132 -1.61 7.14 -26.77
C LYS B 132 -1.12 8.32 -25.93
N TYR B 133 -1.40 8.29 -24.62
CA TYR B 133 -1.24 9.48 -23.80
C TYR B 133 0.05 9.52 -23.02
N TYR B 134 0.65 8.37 -22.72
CA TYR B 134 1.90 8.28 -22.00
C TYR B 134 2.98 7.71 -22.90
N GLY B 135 4.24 7.88 -22.50
CA GLY B 135 5.34 7.30 -23.22
C GLY B 135 5.44 5.82 -22.97
N PRO B 136 6.66 5.31 -22.84
CA PRO B 136 6.83 3.88 -22.51
C PRO B 136 6.67 3.56 -21.03
N GLU B 137 7.66 3.92 -20.21
CA GLU B 137 7.60 3.79 -18.74
C GLU B 137 6.22 4.14 -18.18
N ASP B 138 5.73 5.36 -18.46
CA ASP B 138 4.48 5.81 -17.84
C ASP B 138 3.30 4.90 -18.20
N ALA B 139 3.29 4.38 -19.43
CA ALA B 139 2.14 3.61 -19.91
C ALA B 139 2.09 2.20 -19.32
N GLU B 140 3.25 1.51 -19.22
CA GLU B 140 3.23 0.24 -18.52
C GLU B 140 2.76 0.41 -17.08
N VAL B 141 3.14 1.53 -16.43
CA VAL B 141 2.71 1.77 -15.06
C VAL B 141 1.20 2.04 -15.00
N ALA B 142 0.71 2.98 -15.81
CA ALA B 142 -0.72 3.29 -15.75
C ALA B 142 -1.56 2.09 -16.13
N TYR B 143 -1.19 1.39 -17.21
CA TYR B 143 -1.91 0.17 -17.57
C TYR B 143 -1.89 -0.86 -16.43
N GLU B 144 -0.72 -1.15 -15.86
CA GLU B 144 -0.66 -2.14 -14.78
C GLU B 144 -1.56 -1.73 -13.61
N ALA B 145 -1.52 -0.46 -13.25
CA ALA B 145 -2.37 0.00 -12.16
C ALA B 145 -3.85 -0.12 -12.52
N ALA B 146 -4.22 0.18 -13.78
CA ALA B 146 -5.62 0.05 -14.17
C ALA B 146 -6.07 -1.41 -14.17
N ARG B 147 -5.23 -2.29 -14.73
CA ARG B 147 -5.48 -3.72 -14.70
C ARG B 147 -5.66 -4.23 -13.27
N ALA B 148 -4.74 -3.86 -12.39
CA ALA B 148 -4.84 -4.33 -11.00
C ALA B 148 -6.13 -3.83 -10.35
N PHE B 149 -6.52 -2.58 -10.61
CA PHE B 149 -7.77 -2.12 -10.00
C PHE B 149 -8.97 -2.92 -10.52
N VAL B 150 -9.11 -3.07 -11.85
CA VAL B 150 -10.33 -3.72 -12.32
C VAL B 150 -10.32 -5.20 -11.97
N THR B 151 -9.14 -5.82 -11.91
CA THR B 151 -9.04 -7.20 -11.42
C THR B 151 -9.43 -7.29 -9.95
N SER B 152 -8.99 -6.33 -9.14
CA SER B 152 -9.36 -6.28 -7.73
C SER B 152 -10.87 -6.11 -7.56
N ASP B 153 -11.45 -5.13 -8.26
CA ASP B 153 -12.89 -4.89 -8.11
C ASP B 153 -13.68 -6.13 -8.51
N HIS B 154 -13.20 -6.89 -9.52
CA HIS B 154 -13.88 -8.12 -9.92
C HIS B 154 -13.71 -9.20 -8.87
N MET B 155 -12.46 -9.45 -8.44
CA MET B 155 -12.20 -10.68 -7.66
C MET B 155 -12.76 -10.60 -6.25
N PHE B 156 -13.10 -9.40 -5.76
CA PHE B 156 -13.61 -9.29 -4.41
C PHE B 156 -15.12 -9.14 -4.29
N ARG B 157 -15.89 -9.31 -5.37
CA ARG B 157 -17.32 -9.00 -5.33
C ARG B 157 -18.11 -9.84 -4.32
N ASP B 158 -17.65 -11.04 -4.00
CA ASP B 158 -18.29 -11.74 -2.88
C ASP B 158 -17.27 -12.44 -1.99
N SER B 159 -16.02 -11.99 -2.05
CA SER B 159 -14.80 -12.52 -1.43
C SER B 159 -14.86 -12.48 0.10
N PRO B 160 -14.51 -13.62 0.71
CA PRO B 160 -14.29 -13.67 2.16
C PRO B 160 -13.24 -12.70 2.62
N ILE B 161 -12.21 -12.44 1.82
CA ILE B 161 -11.22 -11.45 2.22
C ILE B 161 -11.89 -10.09 2.39
N LYS B 162 -12.74 -9.72 1.44
CA LYS B 162 -13.38 -8.41 1.55
C LYS B 162 -14.27 -8.33 2.78
N ALA B 163 -15.01 -9.40 3.09
CA ALA B 163 -15.87 -9.39 4.26
C ALA B 163 -15.05 -9.32 5.55
N ALA B 164 -13.95 -10.08 5.63
CA ALA B 164 -13.12 -10.01 6.82
C ALA B 164 -12.47 -8.63 6.95
N LEU B 165 -11.93 -8.10 5.85
CA LEU B 165 -11.28 -6.80 5.92
C LEU B 165 -12.28 -5.68 6.19
N CYS B 166 -13.54 -5.85 5.78
CA CYS B 166 -14.53 -4.78 5.94
C CYS B 166 -15.36 -4.88 7.20
N THR B 167 -15.30 -5.99 7.93
CA THR B 167 -16.11 -6.15 9.14
C THR B 167 -15.28 -6.41 10.39
N THR B 168 -13.99 -6.02 10.41
CA THR B 168 -13.16 -6.24 11.59
C THR B 168 -12.82 -4.95 12.32
N SER B 169 -12.11 -4.02 11.67
CA SER B 169 -11.66 -2.79 12.31
C SER B 169 -11.47 -1.74 11.23
N PRO B 170 -11.38 -0.45 11.62
CA PRO B 170 -11.04 0.57 10.61
C PRO B 170 -9.67 0.35 9.99
N GLU B 171 -8.72 -0.15 10.78
CA GLU B 171 -7.38 -0.49 10.30
C GLU B 171 -7.42 -1.49 9.14
N GLN B 172 -8.15 -2.61 9.30
CA GLN B 172 -8.20 -3.58 8.21
C GLN B 172 -8.93 -2.99 7.01
N TYR B 173 -10.00 -2.25 7.27
CA TYR B 173 -10.82 -1.73 6.19
C TYR B 173 -10.02 -0.78 5.30
N PHE B 174 -9.32 0.18 5.90
CA PHE B 174 -8.61 1.17 5.09
C PHE B 174 -7.47 0.53 4.31
N ARG B 175 -6.89 -0.53 4.88
CA ARG B 175 -5.88 -1.29 4.14
C ARG B 175 -6.46 -1.87 2.85
N PHE B 176 -7.70 -2.38 2.90
CA PHE B 176 -8.36 -2.84 1.67
C PHE B 176 -8.55 -1.69 0.69
N ARG B 177 -8.87 -0.50 1.21
CA ARG B 177 -9.28 0.60 0.34
C ARG B 177 -8.12 1.29 -0.35
N VAL B 178 -6.88 1.08 0.10
CA VAL B 178 -5.74 1.65 -0.63
C VAL B 178 -5.85 1.31 -2.11
N THR B 179 -6.21 0.06 -2.40
CA THR B 179 -6.44 -0.39 -3.76
C THR B 179 -7.89 -0.18 -4.19
N ASP B 180 -8.84 -0.57 -3.35
CA ASP B 180 -10.22 -0.66 -3.81
C ASP B 180 -10.85 0.69 -4.11
N ILE B 181 -10.47 1.76 -3.40
CA ILE B 181 -11.02 3.06 -3.78
C ILE B 181 -10.25 3.65 -4.95
N GLY B 182 -9.31 2.91 -5.53
CA GLY B 182 -8.63 3.33 -6.73
C GLY B 182 -7.56 4.40 -6.57
N VAL B 183 -7.19 4.74 -5.33
CA VAL B 183 -6.23 5.84 -5.16
C VAL B 183 -4.82 5.44 -5.55
N ASP B 184 -4.41 4.20 -5.29
CA ASP B 184 -3.09 3.81 -5.76
C ASP B 184 -3.03 3.91 -7.28
N PHE B 185 -4.06 3.43 -7.95
CA PHE B 185 -4.20 3.55 -9.40
C PHE B 185 -4.14 5.03 -9.82
N TRP B 186 -4.93 5.86 -9.15
CA TRP B 186 -4.93 7.29 -9.39
C TRP B 186 -3.53 7.88 -9.36
N MET B 187 -2.76 7.56 -8.32
CA MET B 187 -1.43 8.15 -8.20
C MET B 187 -0.52 7.69 -9.33
N LYS B 188 -0.61 6.39 -9.67
CA LYS B 188 0.31 5.83 -10.66
C LYS B 188 -0.06 6.25 -12.08
N MET B 189 -1.26 6.77 -12.31
CA MET B 189 -1.56 7.35 -13.60
C MET B 189 -1.50 8.88 -13.61
N SER B 190 -1.45 9.53 -12.45
CA SER B 190 -1.41 10.99 -12.38
C SER B 190 -0.01 11.57 -12.32
N TYR B 191 1.01 10.82 -11.91
CA TYR B 191 2.33 11.45 -11.79
C TYR B 191 2.87 12.00 -13.11
N PRO B 192 2.58 11.43 -14.28
CA PRO B 192 3.03 12.11 -15.52
C PRO B 192 2.42 13.51 -15.69
N ILE B 193 1.31 13.81 -15.02
CA ILE B 193 0.74 15.16 -15.12
C ILE B 193 1.72 16.21 -14.61
N TYR B 194 2.47 15.88 -13.56
CA TYR B 194 3.22 16.84 -12.79
C TYR B 194 4.72 16.82 -13.06
N ARG B 195 5.29 15.69 -13.51
CA ARG B 195 6.73 15.58 -13.79
C ARG B 195 7.55 16.08 -12.61
N HIS B 196 7.14 15.67 -11.41
CA HIS B 196 7.79 16.13 -10.20
C HIS B 196 8.44 14.91 -9.53
N PRO B 197 9.76 14.81 -9.56
CA PRO B 197 10.41 13.53 -9.18
C PRO B 197 10.02 12.98 -7.82
N GLU B 198 9.93 13.84 -6.79
CA GLU B 198 9.47 13.37 -5.48
C GLU B 198 8.08 12.75 -5.57
N PHE B 199 7.14 13.46 -6.22
CA PHE B 199 5.78 12.93 -6.31
C PHE B 199 5.75 11.62 -7.08
N THR B 200 6.52 11.54 -8.17
CA THR B 200 6.62 10.30 -8.94
C THR B 200 7.12 9.16 -8.05
N GLU B 201 8.10 9.43 -7.19
CA GLU B 201 8.57 8.36 -6.30
C GLU B 201 7.48 7.94 -5.31
N HIS B 202 6.84 8.92 -4.65
CA HIS B 202 5.80 8.57 -3.69
C HIS B 202 4.65 7.84 -4.36
N ALA B 203 4.39 8.15 -5.64
CA ALA B 203 3.37 7.42 -6.39
C ALA B 203 3.80 5.97 -6.60
N LYS B 204 5.07 5.77 -6.97
CA LYS B 204 5.52 4.42 -7.32
C LYS B 204 5.68 3.51 -6.11
N THR B 205 6.02 4.03 -4.94
CA THR B 205 6.05 3.24 -3.71
C THR B 205 4.66 3.02 -3.12
N SER B 206 3.66 3.77 -3.59
CA SER B 206 2.31 3.78 -3.05
C SER B 206 2.20 4.49 -1.70
N LEU B 207 3.28 5.10 -1.20
CA LEU B 207 3.16 5.96 -0.03
C LEU B 207 2.18 7.12 -0.28
N ALA B 208 2.17 7.64 -1.51
CA ALA B 208 1.19 8.66 -1.88
C ALA B 208 -0.22 8.16 -1.63
N ALA B 209 -0.53 6.95 -2.11
CA ALA B 209 -1.85 6.36 -1.91
C ALA B 209 -2.11 6.13 -0.42
N ARG B 210 -1.12 5.62 0.30
CA ARG B 210 -1.35 5.33 1.72
C ARG B 210 -1.61 6.61 2.51
N MET B 211 -1.04 7.76 2.10
CA MET B 211 -1.27 9.00 2.87
C MET B 211 -2.67 9.56 2.65
N THR B 212 -3.29 9.27 1.50
CA THR B 212 -4.53 9.93 1.12
C THR B 212 -5.75 9.02 1.22
N THR B 213 -5.55 7.72 1.48
CA THR B 213 -6.64 6.76 1.45
C THR B 213 -7.75 7.13 2.44
N ARG B 214 -7.39 7.46 3.68
CA ARG B 214 -8.46 7.69 4.66
C ARG B 214 -9.26 8.95 4.34
N GLY B 215 -8.58 10.01 3.92
CA GLY B 215 -9.29 11.24 3.60
C GLY B 215 -10.28 11.06 2.46
N LEU B 216 -9.86 10.33 1.42
CA LEU B 216 -10.78 10.04 0.31
C LEU B 216 -11.90 9.11 0.76
N THR B 217 -11.55 8.05 1.47
CA THR B 217 -12.51 6.99 1.75
C THR B 217 -13.56 7.42 2.76
N ILE B 218 -13.15 8.13 3.82
CA ILE B 218 -14.12 8.51 4.84
C ILE B 218 -15.19 9.41 4.22
N VAL B 219 -14.76 10.35 3.39
CA VAL B 219 -15.70 11.23 2.70
C VAL B 219 -16.56 10.43 1.73
N ASN B 220 -15.94 9.58 0.90
CA ASN B 220 -16.74 8.79 -0.04
C ASN B 220 -17.75 7.93 0.70
N ASP B 221 -17.31 7.24 1.77
CA ASP B 221 -18.19 6.33 2.48
C ASP B 221 -19.40 7.07 3.06
N PHE B 222 -19.18 8.25 3.63
CA PHE B 222 -20.29 8.93 4.28
C PHE B 222 -21.40 9.23 3.27
N TYR B 223 -21.02 9.79 2.13
CA TYR B 223 -22.00 10.22 1.16
C TYR B 223 -22.49 9.11 0.23
N SER B 224 -21.83 7.94 0.20
CA SER B 224 -22.33 6.83 -0.62
C SER B 224 -22.93 5.73 0.24
N TYR B 225 -23.01 5.93 1.56
CA TYR B 225 -23.54 4.92 2.48
C TYR B 225 -24.96 4.48 2.10
N ASP B 226 -25.85 5.42 1.82
CA ASP B 226 -27.24 5.04 1.60
C ASP B 226 -27.40 4.18 0.35
N ARG B 227 -26.74 4.56 -0.73
CA ARG B 227 -26.80 3.73 -1.93
C ARG B 227 -26.20 2.35 -1.66
N GLU B 228 -25.02 2.32 -1.04
CA GLU B 228 -24.32 1.04 -0.87
C GLU B 228 -25.10 0.10 0.05
N VAL B 229 -25.70 0.62 1.13
CA VAL B 229 -26.47 -0.29 1.98
C VAL B 229 -27.70 -0.82 1.21
N SER B 230 -28.35 0.03 0.42
CA SER B 230 -29.52 -0.42 -0.33
C SER B 230 -29.15 -1.29 -1.53
N LEU B 231 -27.85 -1.40 -1.84
CA LEU B 231 -27.37 -2.27 -2.92
C LEU B 231 -26.56 -3.45 -2.39
N GLY B 232 -26.57 -3.70 -1.09
CA GLY B 232 -25.89 -4.83 -0.52
C GLY B 232 -24.38 -4.76 -0.51
N GLN B 233 -23.81 -3.58 -0.69
CA GLN B 233 -22.35 -3.45 -0.71
C GLN B 233 -21.83 -3.22 0.70
N ILE B 234 -20.78 -3.95 1.08
CA ILE B 234 -20.29 -3.87 2.44
C ILE B 234 -19.03 -3.03 2.56
N THR B 235 -18.53 -2.49 1.45
CA THR B 235 -17.26 -1.76 1.49
C THR B 235 -17.53 -0.30 1.88
N ASN B 236 -17.70 -0.08 3.18
CA ASN B 236 -18.03 1.23 3.72
C ASN B 236 -17.77 1.27 5.22
N CYS B 237 -16.92 2.19 5.69
CA CYS B 237 -16.50 2.12 7.09
C CYS B 237 -17.62 2.44 8.07
N PHE B 238 -18.67 3.16 7.66
CA PHE B 238 -19.73 3.41 8.62
C PHE B 238 -20.59 2.18 8.90
N ARG B 239 -20.44 1.08 8.13
CA ARG B 239 -21.04 -0.17 8.54
C ARG B 239 -20.35 -0.76 9.78
N LEU B 240 -19.18 -0.26 10.15
CA LEU B 240 -18.51 -0.69 11.37
C LEU B 240 -19.07 -0.06 12.63
N CYS B 241 -19.98 0.91 12.51
CA CYS B 241 -20.58 1.56 13.65
C CYS B 241 -22.07 1.36 13.60
N ASP B 242 -22.75 1.66 14.70
CA ASP B 242 -24.20 1.58 14.73
C ASP B 242 -24.72 2.96 14.35
N VAL B 243 -24.96 3.19 13.06
CA VAL B 243 -25.42 4.51 12.64
C VAL B 243 -26.82 4.82 13.15
N SER B 244 -27.56 3.82 13.65
CA SER B 244 -28.85 4.09 14.27
C SER B 244 -28.74 4.61 15.70
N ASP B 245 -27.55 4.55 16.28
CA ASP B 245 -27.29 4.95 17.66
C ASP B 245 -26.53 6.26 17.57
N GLU B 246 -27.21 7.36 17.90
CA GLU B 246 -26.63 8.67 17.66
C GLU B 246 -25.29 8.84 18.38
N THR B 247 -25.23 8.48 19.66
CA THR B 247 -23.97 8.59 20.41
C THR B 247 -22.88 7.76 19.74
N ALA B 248 -23.21 6.55 19.30
CA ALA B 248 -22.20 5.69 18.71
C ALA B 248 -21.72 6.24 17.37
N PHE B 249 -22.65 6.61 16.49
CA PHE B 249 -22.25 7.19 15.21
C PHE B 249 -21.37 8.40 15.43
N LYS B 250 -21.75 9.23 16.39
CA LYS B 250 -21.01 10.45 16.67
C LYS B 250 -19.56 10.20 17.05
N GLU B 251 -19.34 9.31 18.02
CA GLU B 251 -17.98 9.02 18.45
C GLU B 251 -17.17 8.41 17.31
N PHE B 252 -17.81 7.57 16.50
CA PHE B 252 -17.13 6.98 15.35
C PHE B 252 -16.77 8.06 14.34
N PHE B 253 -17.71 8.97 14.06
CA PHE B 253 -17.43 10.02 13.09
C PHE B 253 -16.26 10.89 13.55
N GLN B 254 -16.22 11.22 14.84
CA GLN B 254 -15.11 12.02 15.36
C GLN B 254 -13.80 11.26 15.27
N ALA B 255 -13.83 9.94 15.52
CA ALA B 255 -12.63 9.13 15.32
C ALA B 255 -12.17 9.21 13.86
N ARG B 256 -13.12 9.22 12.91
CA ARG B 256 -12.73 9.31 11.51
C ARG B 256 -12.21 10.70 11.16
N LEU B 257 -12.80 11.76 11.73
CA LEU B 257 -12.23 13.10 11.55
C LEU B 257 -10.80 13.16 12.09
N ASP B 258 -10.58 12.62 13.29
CA ASP B 258 -9.23 12.62 13.86
C ASP B 258 -8.24 11.92 12.93
N ASP B 259 -8.68 10.84 12.28
CA ASP B 259 -7.83 10.16 11.29
C ASP B 259 -7.45 11.10 10.15
N MET B 260 -8.45 11.82 9.63
CA MET B 260 -8.17 12.72 8.52
C MET B 260 -7.18 13.79 8.92
N ILE B 261 -7.36 14.34 10.11
CA ILE B 261 -6.48 15.41 10.61
C ILE B 261 -5.06 14.91 10.74
N GLU B 262 -4.91 13.72 11.34
CA GLU B 262 -3.59 13.14 11.50
C GLU B 262 -2.89 13.03 10.14
N ASP B 263 -3.58 12.47 9.14
CA ASP B 263 -2.99 12.32 7.81
C ASP B 263 -2.62 13.68 7.21
N ILE B 264 -3.50 14.66 7.36
CA ILE B 264 -3.24 15.94 6.71
C ILE B 264 -2.04 16.64 7.32
N GLU B 265 -1.93 16.67 8.66
CA GLU B 265 -0.78 17.33 9.24
C GLU B 265 0.52 16.58 8.95
N CYS B 266 0.46 15.25 8.79
CA CYS B 266 1.65 14.53 8.31
C CYS B 266 1.94 14.83 6.85
N ILE B 267 0.90 14.91 6.00
CA ILE B 267 1.12 15.28 4.61
C ILE B 267 1.90 16.60 4.51
N LYS B 268 1.75 17.49 5.49
CA LYS B 268 2.46 18.77 5.42
C LYS B 268 3.97 18.65 5.60
N ALA B 269 4.49 17.46 5.92
CA ALA B 269 5.93 17.25 5.94
C ALA B 269 6.49 16.96 4.55
N PHE B 270 5.64 16.64 3.57
CA PHE B 270 6.11 16.32 2.24
C PHE B 270 6.53 17.59 1.51
N ASP B 271 7.14 17.40 0.34
CA ASP B 271 7.63 18.51 -0.45
C ASP B 271 6.43 19.29 -1.01
N GLN B 272 6.69 20.53 -1.38
CA GLN B 272 5.61 21.50 -1.53
C GLN B 272 4.67 21.13 -2.67
N LEU B 273 5.20 20.71 -3.82
CA LEU B 273 4.33 20.26 -4.90
C LEU B 273 3.53 19.06 -4.45
N THR B 274 4.20 18.07 -3.89
CA THR B 274 3.54 16.83 -3.47
C THR B 274 2.43 17.11 -2.46
N GLN B 275 2.69 17.98 -1.48
CA GLN B 275 1.71 18.18 -0.43
C GLN B 275 0.50 18.96 -0.94
N ASP B 276 0.70 19.98 -1.77
CA ASP B 276 -0.45 20.65 -2.38
C ASP B 276 -1.26 19.63 -3.17
N VAL B 277 -0.58 18.71 -3.86
CA VAL B 277 -1.27 17.74 -4.71
C VAL B 277 -2.08 16.76 -3.86
N PHE B 278 -1.46 16.21 -2.81
CA PHE B 278 -2.21 15.33 -1.90
C PHE B 278 -3.42 16.03 -1.32
N LEU B 279 -3.25 17.29 -0.88
CA LEU B 279 -4.35 17.97 -0.18
C LEU B 279 -5.46 18.37 -1.16
N ASP B 280 -5.10 18.73 -2.39
CA ASP B 280 -6.14 19.04 -3.37
C ASP B 280 -6.91 17.78 -3.73
N LEU B 281 -6.26 16.62 -3.72
CA LEU B 281 -6.97 15.37 -3.95
C LEU B 281 -8.03 15.15 -2.87
N ILE B 282 -7.64 15.24 -1.60
CA ILE B 282 -8.59 14.97 -0.51
C ILE B 282 -9.68 16.03 -0.47
N TYR B 283 -9.29 17.29 -0.54
CA TYR B 283 -10.29 18.34 -0.38
C TYR B 283 -11.12 18.49 -1.66
N GLY B 284 -10.49 18.36 -2.83
CA GLY B 284 -11.25 18.33 -4.07
C GLY B 284 -12.25 17.19 -4.14
N ASN B 285 -11.87 16.01 -3.65
CA ASN B 285 -12.84 14.92 -3.66
C ASN B 285 -14.05 15.26 -2.83
N PHE B 286 -13.84 16.00 -1.73
CA PHE B 286 -14.96 16.38 -0.88
C PHE B 286 -15.87 17.39 -1.58
N VAL B 287 -15.29 18.37 -2.27
CA VAL B 287 -16.12 19.34 -3.00
C VAL B 287 -16.91 18.65 -4.09
N TRP B 288 -16.23 17.81 -4.88
CA TRP B 288 -16.90 17.05 -5.94
C TRP B 288 -18.00 16.17 -5.38
N THR B 289 -17.69 15.41 -4.31
CA THR B 289 -18.66 14.48 -3.75
C THR B 289 -19.93 15.20 -3.29
N THR B 290 -19.79 16.40 -2.72
CA THR B 290 -20.94 17.10 -2.17
C THR B 290 -21.72 17.88 -3.22
N SER B 291 -21.21 18.00 -4.46
CA SER B 291 -21.92 18.69 -5.52
C SER B 291 -22.26 17.79 -6.70
N ASN B 292 -22.37 16.49 -6.48
CA ASN B 292 -22.52 15.52 -7.55
C ASN B 292 -23.75 14.67 -7.27
N LYS B 293 -24.66 14.62 -8.25
CA LYS B 293 -25.90 13.86 -8.12
C LYS B 293 -25.65 12.40 -7.74
N ARG B 294 -24.49 11.86 -8.12
CA ARG B 294 -24.14 10.48 -7.81
C ARG B 294 -24.38 10.12 -6.34
N TYR B 295 -24.14 11.06 -5.44
CA TYR B 295 -24.20 10.81 -4.02
C TYR B 295 -25.45 11.38 -3.33
N LYS B 296 -26.30 12.10 -4.04
CA LYS B 296 -27.46 12.72 -3.39
C LYS B 296 -28.71 11.87 -3.42
N THR B 297 -29.03 11.26 -4.55
CA THR B 297 -30.16 10.35 -4.67
C THR B 297 -29.58 8.94 -4.78
N ALA B 298 -30.30 7.97 -4.18
CA ALA B 298 -29.74 6.63 -4.05
C ALA B 298 -29.83 5.87 -5.36
N VAL B 299 -30.85 6.18 -6.16
CA VAL B 299 -30.94 5.75 -7.55
C VAL B 299 -31.56 6.89 -8.34
N ASN B 300 -30.95 7.22 -9.47
CA ASN B 300 -31.34 8.30 -10.37
C ASN B 300 -30.95 7.87 -11.78
N ASP B 301 -30.63 8.83 -12.64
CA ASP B 301 -30.09 8.45 -13.95
C ASP B 301 -28.60 8.80 -14.08
N VAL B 302 -27.84 8.57 -13.01
CA VAL B 302 -26.39 8.52 -13.07
C VAL B 302 -25.79 7.39 -12.24
N ASN B 303 -26.48 6.89 -11.21
CA ASN B 303 -25.85 5.96 -10.28
C ASN B 303 -26.51 4.57 -10.21
N SER B 304 -27.62 4.35 -10.91
CA SER B 304 -28.21 3.01 -10.96
C SER B 304 -27.15 1.97 -11.30
N ARG B 305 -27.30 0.74 -10.76
CA ARG B 305 -26.38 -0.34 -11.14
C ARG B 305 -26.48 -0.58 -12.64
N ILE B 306 -25.33 -0.80 -13.28
CA ILE B 306 -25.27 -1.09 -14.71
C ILE B 306 -25.29 -2.61 -14.85
N GLN B 307 -26.45 -3.14 -15.23
CA GLN B 307 -26.85 -4.51 -14.96
C GLN B 307 -26.02 -5.53 -15.74
N ALA B 308 -26.70 -6.47 -16.40
CA ALA B 308 -26.06 -7.45 -17.28
C ALA B 308 -27.14 -8.31 -17.97
N GLY A 14 17.32 5.14 30.83
CA GLY A 14 16.37 4.05 31.00
C GLY A 14 15.54 3.81 29.75
N ARG A 15 15.26 4.86 29.01
CA ARG A 15 14.70 4.69 27.68
C ARG A 15 15.74 4.14 26.70
N SER A 16 16.89 3.71 27.20
CA SER A 16 18.07 3.48 26.39
C SER A 16 18.22 2.06 25.85
N SER A 17 17.35 1.11 26.20
CA SER A 17 17.52 -0.28 25.76
C SER A 17 16.27 -1.08 26.10
N VAL A 18 16.04 -2.18 25.37
CA VAL A 18 14.94 -3.08 25.66
C VAL A 18 15.43 -4.40 26.27
N ARG A 19 16.70 -4.44 26.71
CA ARG A 19 17.25 -5.61 27.40
C ARG A 19 16.40 -6.14 28.56
N PRO A 20 15.88 -5.33 29.47
CA PRO A 20 15.09 -5.89 30.58
C PRO A 20 13.93 -6.78 30.15
N TYR A 21 13.46 -6.65 28.92
CA TYR A 21 12.27 -7.37 28.48
C TYR A 21 12.56 -8.43 27.42
N LEU A 22 13.84 -8.68 27.11
CA LEU A 22 14.20 -9.64 26.07
C LEU A 22 13.48 -10.97 26.23
N GLU A 23 13.66 -11.61 27.38
CA GLU A 23 13.15 -12.96 27.57
C GLU A 23 11.62 -12.99 27.58
N GLU A 24 10.98 -12.09 28.35
CA GLU A 24 9.52 -12.05 28.37
C GLU A 24 8.95 -11.82 26.98
N CYS A 25 9.46 -10.81 26.27
CA CYS A 25 8.91 -10.49 24.96
C CYS A 25 9.14 -11.64 23.98
N THR A 26 10.31 -12.27 24.01
CA THR A 26 10.55 -13.43 23.14
C THR A 26 9.54 -14.52 23.44
N ARG A 27 9.43 -14.90 24.72
CA ARG A 27 8.39 -15.83 25.18
C ARG A 27 7.02 -15.44 24.63
N ARG A 28 6.69 -14.15 24.70
CA ARG A 28 5.35 -13.70 24.33
C ARG A 28 5.09 -13.82 22.83
N PHE A 29 6.02 -13.34 22.01
CA PHE A 29 5.94 -13.54 20.56
C PHE A 29 5.70 -15.02 20.23
N GLN A 30 6.52 -15.90 20.80
CA GLN A 30 6.42 -17.30 20.44
C GLN A 30 5.06 -17.89 20.82
N GLU A 31 4.56 -17.56 22.02
CA GLU A 31 3.25 -18.07 22.42
C GLU A 31 2.17 -17.58 21.47
N MET A 32 2.29 -16.33 21.05
CA MET A 32 1.32 -15.77 20.11
C MET A 32 1.31 -16.57 18.82
N PHE A 33 2.50 -16.84 18.26
CA PHE A 33 2.57 -17.65 17.05
C PHE A 33 1.99 -19.05 17.25
N ASP A 34 2.28 -19.68 18.39
CA ASP A 34 1.79 -21.04 18.60
C ASP A 34 0.27 -21.08 18.67
N ARG A 35 -0.34 -20.03 19.23
CA ARG A 35 -1.79 -19.98 19.41
C ARG A 35 -2.52 -19.66 18.11
N HIS A 36 -1.91 -18.89 17.22
CA HIS A 36 -2.63 -18.32 16.08
C HIS A 36 -2.13 -18.80 14.72
N VAL A 37 -0.84 -19.11 14.58
CA VAL A 37 -0.30 -19.68 13.37
C VAL A 37 -0.07 -21.18 13.52
N VAL A 38 0.39 -21.60 14.71
CA VAL A 38 0.68 -22.95 15.20
C VAL A 38 1.74 -23.70 14.38
N THR A 39 1.68 -23.65 13.04
CA THR A 39 2.64 -24.43 12.25
C THR A 39 3.96 -23.67 12.09
N ARG A 40 5.05 -24.42 12.30
CA ARG A 40 6.41 -23.91 12.28
C ARG A 40 6.82 -23.47 10.88
N PRO A 41 7.64 -22.43 10.76
CA PRO A 41 8.29 -22.16 9.47
C PRO A 41 9.12 -23.37 9.06
N THR A 42 9.51 -23.41 7.78
CA THR A 42 10.27 -24.54 7.23
C THR A 42 11.52 -23.97 6.58
N LYS A 43 12.69 -24.50 6.94
CA LYS A 43 13.93 -23.94 6.39
C LYS A 43 14.27 -24.55 5.04
N VAL A 44 14.26 -23.71 4.01
CA VAL A 44 14.64 -24.10 2.66
C VAL A 44 16.07 -24.62 2.67
N GLU A 45 16.33 -25.62 1.83
CA GLU A 45 17.63 -26.25 1.73
C GLU A 45 18.31 -25.81 0.45
N LEU A 46 19.48 -25.22 0.58
CA LEU A 46 20.31 -24.88 -0.57
C LEU A 46 21.40 -25.93 -0.74
N THR A 47 21.75 -26.17 -1.99
CA THR A 47 23.00 -26.88 -2.21
C THR A 47 24.14 -25.91 -1.96
N ASP A 48 25.32 -26.44 -1.60
CA ASP A 48 26.44 -25.52 -1.35
C ASP A 48 26.76 -24.72 -2.62
N ALA A 49 26.30 -25.21 -3.78
CA ALA A 49 26.56 -24.54 -5.06
C ALA A 49 25.42 -23.60 -5.47
N GLU A 50 24.15 -23.96 -5.22
CA GLU A 50 23.12 -22.95 -5.32
C GLU A 50 23.40 -21.80 -4.37
N LEU A 51 23.90 -22.14 -3.17
CA LEU A 51 24.41 -21.11 -2.27
C LEU A 51 25.57 -20.36 -2.92
N ARG A 52 26.40 -21.07 -3.69
CA ARG A 52 27.58 -20.47 -4.29
C ARG A 52 27.21 -19.51 -5.41
N GLU A 53 26.23 -19.89 -6.24
CA GLU A 53 25.71 -18.97 -7.25
C GLU A 53 25.11 -17.73 -6.60
N VAL A 54 24.40 -17.92 -5.48
CA VAL A 54 23.80 -16.79 -4.77
C VAL A 54 24.89 -15.83 -4.27
N ILE A 55 25.84 -16.35 -3.51
CA ILE A 55 26.84 -15.49 -2.89
C ILE A 55 27.74 -14.83 -3.93
N ASP A 56 28.10 -15.58 -5.00
CA ASP A 56 28.91 -14.99 -6.06
C ASP A 56 28.15 -13.85 -6.75
N ASP A 57 26.85 -14.04 -7.00
CA ASP A 57 26.05 -12.98 -7.61
C ASP A 57 25.91 -11.77 -6.66
N CYS A 58 25.78 -12.02 -5.36
CA CYS A 58 25.80 -10.93 -4.39
C CYS A 58 27.11 -10.16 -4.45
N ASN A 59 28.23 -10.87 -4.49
CA ASN A 59 29.53 -10.18 -4.51
C ASN A 59 29.70 -9.40 -5.80
N ALA A 60 29.29 -9.99 -6.94
CA ALA A 60 29.37 -9.26 -8.20
C ALA A 60 28.48 -8.03 -8.18
N ALA A 61 27.32 -8.12 -7.53
CA ALA A 61 26.38 -6.99 -7.55
C ALA A 61 26.90 -5.81 -6.77
N VAL A 62 27.53 -6.04 -5.61
CA VAL A 62 27.96 -4.93 -4.77
C VAL A 62 29.41 -4.55 -5.01
N ALA A 63 30.17 -5.35 -5.75
CA ALA A 63 31.55 -5.01 -6.06
C ALA A 63 31.72 -3.57 -6.56
N PRO A 64 30.90 -3.05 -7.48
CA PRO A 64 31.13 -1.67 -7.95
C PRO A 64 31.07 -0.64 -6.86
N LEU A 65 30.43 -0.93 -5.72
CA LEU A 65 30.33 0.03 -4.63
C LEU A 65 31.57 0.04 -3.73
N GLY A 66 32.55 -0.82 -3.98
CA GLY A 66 33.80 -0.77 -3.25
C GLY A 66 33.73 -1.10 -1.77
N LYS A 67 33.01 -2.16 -1.38
CA LYS A 67 33.01 -2.64 0.00
C LYS A 67 32.93 -4.16 -0.01
N THR A 68 33.80 -4.81 0.75
CA THR A 68 33.76 -6.26 0.87
C THR A 68 32.70 -6.66 1.87
N VAL A 69 31.93 -7.70 1.53
CA VAL A 69 30.96 -8.30 2.43
C VAL A 69 31.39 -9.75 2.64
N SER A 70 31.56 -10.12 3.91
CA SER A 70 32.00 -11.47 4.26
C SER A 70 30.89 -12.48 4.03
N ASP A 71 31.28 -13.73 3.79
CA ASP A 71 30.31 -14.79 3.58
C ASP A 71 29.36 -14.93 4.77
N GLU A 72 29.85 -14.76 5.99
CA GLU A 72 28.93 -14.92 7.12
C GLU A 72 28.00 -13.72 7.26
N ARG A 73 28.40 -12.53 6.79
CA ARG A 73 27.45 -11.44 6.68
C ARG A 73 26.39 -11.73 5.61
N TRP A 74 26.81 -12.27 4.46
CA TRP A 74 25.83 -12.70 3.45
C TRP A 74 24.84 -13.70 4.04
N ILE A 75 25.36 -14.66 4.83
CA ILE A 75 24.49 -15.72 5.31
C ILE A 75 23.57 -15.19 6.39
N SER A 76 24.03 -14.20 7.16
CA SER A 76 23.13 -13.50 8.06
C SER A 76 21.96 -12.90 7.28
N TYR A 77 22.26 -12.12 6.23
CA TYR A 77 21.21 -11.50 5.44
C TYR A 77 20.29 -12.52 4.80
N VAL A 78 20.84 -13.60 4.24
CA VAL A 78 20.05 -14.52 3.43
C VAL A 78 19.12 -15.39 4.27
N GLY A 79 19.40 -15.53 5.57
CA GLY A 79 18.60 -16.43 6.38
C GLY A 79 17.13 -16.07 6.41
N VAL A 80 16.79 -14.79 6.27
CA VAL A 80 15.38 -14.42 6.26
C VAL A 80 14.68 -15.07 5.07
N VAL A 81 15.35 -15.17 3.92
CA VAL A 81 14.72 -15.83 2.78
C VAL A 81 14.61 -17.32 3.02
N LEU A 82 15.64 -17.90 3.63
CA LEU A 82 15.65 -19.36 3.83
C LEU A 82 14.57 -19.78 4.79
N TRP A 83 14.24 -18.92 5.76
CA TRP A 83 13.31 -19.23 6.84
C TRP A 83 11.89 -18.71 6.61
N SER A 84 11.71 -17.71 5.76
CA SER A 84 10.45 -16.97 5.72
C SER A 84 9.72 -17.08 4.39
N GLN A 85 10.16 -17.97 3.49
CA GLN A 85 9.38 -18.37 2.34
C GLN A 85 8.57 -19.59 2.74
N SER A 86 7.88 -20.23 1.81
CA SER A 86 6.95 -21.31 2.13
C SER A 86 7.33 -22.52 1.29
N PRO A 87 8.34 -23.29 1.74
CA PRO A 87 8.99 -24.28 0.86
C PRO A 87 8.05 -25.28 0.23
N ARG A 88 7.01 -25.73 0.94
CA ARG A 88 6.19 -26.79 0.35
C ARG A 88 5.40 -26.29 -0.84
N HIS A 89 5.32 -24.97 -1.02
CA HIS A 89 4.62 -24.38 -2.14
C HIS A 89 5.55 -23.84 -3.21
N ILE A 90 6.87 -23.97 -3.05
CA ILE A 90 7.79 -23.43 -4.06
C ILE A 90 7.63 -24.18 -5.37
N LYS A 91 7.56 -23.42 -6.47
CA LYS A 91 7.55 -23.97 -7.81
C LYS A 91 8.79 -23.63 -8.61
N ASP A 92 9.41 -22.47 -8.39
CA ASP A 92 10.49 -21.99 -9.24
C ASP A 92 11.69 -21.62 -8.36
N MET A 93 12.70 -22.50 -8.32
CA MET A 93 13.91 -22.25 -7.54
C MET A 93 14.80 -21.16 -8.11
N GLU A 94 14.69 -20.86 -9.41
CA GLU A 94 15.45 -19.74 -9.94
C GLU A 94 14.91 -18.42 -9.38
N ALA A 95 13.59 -18.30 -9.28
CA ALA A 95 13.02 -17.12 -8.62
C ALA A 95 13.41 -17.07 -7.14
N PHE A 96 13.44 -18.23 -6.47
CA PHE A 96 13.90 -18.27 -5.09
C PHE A 96 15.33 -17.75 -4.96
N LYS A 97 16.24 -18.26 -5.79
CA LYS A 97 17.61 -17.75 -5.77
C LYS A 97 17.65 -16.25 -6.01
N ALA A 98 16.80 -15.76 -6.91
CA ALA A 98 16.72 -14.32 -7.16
C ALA A 98 16.35 -13.57 -5.89
N VAL A 99 15.37 -14.06 -5.14
CA VAL A 99 14.97 -13.38 -3.91
C VAL A 99 16.11 -13.41 -2.91
N CYS A 100 16.86 -14.52 -2.85
CA CYS A 100 18.05 -14.57 -2.01
C CYS A 100 19.01 -13.43 -2.36
N VAL A 101 19.36 -13.30 -3.64
CA VAL A 101 20.36 -12.33 -4.05
C VAL A 101 19.84 -10.90 -3.83
N LEU A 102 18.64 -10.62 -4.34
CA LEU A 102 18.05 -9.29 -4.21
C LEU A 102 17.88 -8.88 -2.74
N ASN A 103 17.35 -9.77 -1.90
CA ASN A 103 17.23 -9.46 -0.48
C ASN A 103 18.58 -9.11 0.12
N CYS A 104 19.62 -9.85 -0.24
CA CYS A 104 20.93 -9.64 0.37
C CYS A 104 21.58 -8.35 -0.08
N VAL A 105 21.55 -8.05 -1.38
CA VAL A 105 22.32 -6.90 -1.82
C VAL A 105 21.63 -5.60 -1.39
N THR A 106 20.29 -5.60 -1.28
CA THR A 106 19.62 -4.40 -0.76
C THR A 106 19.71 -4.30 0.75
N PHE A 107 19.99 -5.42 1.43
CA PHE A 107 20.35 -5.37 2.82
C PHE A 107 21.67 -4.62 3.02
N VAL A 108 22.66 -4.87 2.15
CA VAL A 108 23.90 -4.11 2.19
C VAL A 108 23.62 -2.62 2.03
N TRP A 109 22.81 -2.28 1.03
CA TRP A 109 22.38 -0.90 0.81
C TRP A 109 21.78 -0.29 2.07
N ASP A 110 20.94 -1.07 2.78
CA ASP A 110 20.32 -0.62 4.02
C ASP A 110 21.36 -0.29 5.07
N ASP A 111 22.45 -1.04 5.10
CA ASP A 111 23.48 -0.83 6.11
C ASP A 111 24.49 0.27 5.73
N MET A 112 24.50 0.73 4.47
CA MET A 112 25.54 1.62 3.95
C MET A 112 25.28 3.10 4.24
N ASP A 113 26.37 3.83 4.48
CA ASP A 113 26.37 5.29 4.44
C ASP A 113 25.85 5.75 3.08
N PRO A 114 24.96 6.74 3.04
CA PRO A 114 24.36 7.13 1.75
C PRO A 114 25.35 7.73 0.77
N ALA A 115 26.54 8.10 1.23
CA ALA A 115 27.59 8.53 0.30
C ALA A 115 28.10 7.38 -0.54
N LEU A 116 28.08 6.15 0.01
CA LEU A 116 28.39 4.95 -0.75
C LEU A 116 27.35 4.60 -1.79
N HIS A 117 26.09 4.91 -1.54
CA HIS A 117 25.06 4.72 -2.54
C HIS A 117 25.56 5.38 -3.81
N ASP A 118 25.40 4.68 -4.93
CA ASP A 118 25.56 5.28 -6.26
C ASP A 118 24.74 4.44 -7.24
N PHE A 119 23.67 5.06 -7.72
CA PHE A 119 22.64 4.36 -8.47
C PHE A 119 23.14 3.90 -9.83
N GLY A 120 24.11 4.62 -10.41
CA GLY A 120 24.59 4.28 -11.75
C GLY A 120 25.46 3.04 -11.79
N LEU A 121 26.11 2.71 -10.68
CA LEU A 121 26.80 1.43 -10.57
C LEU A 121 25.86 0.31 -10.12
N PHE A 122 24.93 0.61 -9.21
CA PHE A 122 24.14 -0.43 -8.57
C PHE A 122 22.89 -0.81 -9.35
N LEU A 123 22.17 0.16 -9.90
CA LEU A 123 20.94 -0.18 -10.61
C LEU A 123 21.19 -1.15 -11.77
N PRO A 124 22.21 -0.97 -12.63
CA PRO A 124 22.45 -2.01 -13.66
C PRO A 124 22.71 -3.39 -13.06
N GLN A 125 23.33 -3.48 -11.89
CA GLN A 125 23.52 -4.79 -11.27
C GLN A 125 22.19 -5.43 -10.90
N LEU A 126 21.30 -4.67 -10.25
CA LEU A 126 19.97 -5.20 -9.96
C LEU A 126 19.30 -5.68 -11.23
N ARG A 127 19.43 -4.91 -12.32
CA ARG A 127 18.82 -5.28 -13.59
C ARG A 127 19.33 -6.64 -14.09
N LYS A 128 20.64 -6.88 -14.05
CA LYS A 128 21.17 -8.18 -14.48
C LYS A 128 20.60 -9.31 -13.64
N ILE A 129 20.57 -9.11 -12.31
CA ILE A 129 20.05 -10.13 -11.42
C ILE A 129 18.64 -10.50 -11.83
N CYS A 130 17.79 -9.50 -12.01
CA CYS A 130 16.39 -9.77 -12.32
C CYS A 130 16.26 -10.50 -13.65
N GLU A 131 16.97 -10.04 -14.68
CA GLU A 131 16.81 -10.67 -15.99
C GLU A 131 17.52 -12.03 -16.05
N LYS A 132 18.50 -12.29 -15.18
CA LYS A 132 19.08 -13.62 -15.12
C LYS A 132 18.05 -14.65 -14.62
N TYR A 133 17.38 -14.35 -13.50
CA TYR A 133 16.61 -15.37 -12.79
C TYR A 133 15.11 -15.37 -13.12
N TYR A 134 14.58 -14.30 -13.71
CA TYR A 134 13.16 -14.20 -14.00
C TYR A 134 12.92 -14.21 -15.50
N GLY A 135 11.69 -14.55 -15.89
CA GLY A 135 11.23 -14.34 -17.24
C GLY A 135 11.09 -12.86 -17.53
N PRO A 136 10.93 -12.51 -18.82
CA PRO A 136 11.02 -11.08 -19.21
C PRO A 136 10.03 -10.17 -18.51
N GLU A 137 8.83 -10.65 -18.19
CA GLU A 137 7.86 -9.73 -17.60
C GLU A 137 8.01 -9.66 -16.08
N ASP A 138 8.21 -10.80 -15.42
CA ASP A 138 8.43 -10.76 -13.98
C ASP A 138 9.75 -10.06 -13.64
N ALA A 139 10.72 -10.06 -14.57
CA ALA A 139 11.95 -9.33 -14.34
C ALA A 139 11.70 -7.84 -14.15
N GLU A 140 10.79 -7.26 -14.94
CA GLU A 140 10.52 -5.83 -14.80
C GLU A 140 9.85 -5.51 -13.47
N VAL A 141 8.90 -6.35 -13.06
CA VAL A 141 8.22 -6.14 -11.79
C VAL A 141 9.22 -6.22 -10.64
N ALA A 142 10.11 -7.22 -10.68
CA ALA A 142 11.09 -7.35 -9.63
C ALA A 142 12.06 -6.17 -9.62
N TYR A 143 12.52 -5.75 -10.81
CA TYR A 143 13.46 -4.63 -10.86
C TYR A 143 12.82 -3.34 -10.36
N GLU A 144 11.60 -3.05 -10.79
CA GLU A 144 10.96 -1.82 -10.33
C GLU A 144 10.83 -1.81 -8.82
N ALA A 145 10.41 -2.93 -8.23
CA ALA A 145 10.30 -3.01 -6.78
C ALA A 145 11.65 -2.79 -6.10
N ALA A 146 12.72 -3.45 -6.60
CA ALA A 146 14.05 -3.24 -6.04
C ALA A 146 14.50 -1.79 -6.16
N ARG A 147 14.32 -1.22 -7.36
CA ARG A 147 14.63 0.19 -7.61
C ARG A 147 13.89 1.10 -6.64
N ALA A 148 12.57 0.90 -6.50
CA ALA A 148 11.79 1.72 -5.59
C ALA A 148 12.30 1.60 -4.15
N PHE A 149 12.70 0.38 -3.74
CA PHE A 149 13.18 0.22 -2.38
C PHE A 149 14.49 0.98 -2.14
N VAL A 150 15.51 0.75 -2.98
CA VAL A 150 16.79 1.39 -2.70
C VAL A 150 16.67 2.90 -2.81
N THR A 151 15.84 3.38 -3.74
CA THR A 151 15.60 4.81 -3.84
C THR A 151 14.91 5.34 -2.59
N SER A 152 13.95 4.60 -2.06
CA SER A 152 13.26 5.03 -0.86
C SER A 152 14.21 5.05 0.34
N ASP A 153 14.99 3.96 0.52
CA ASP A 153 15.95 3.96 1.63
C ASP A 153 16.87 5.15 1.53
N HIS A 154 17.31 5.49 0.31
CA HIS A 154 18.22 6.60 0.15
C HIS A 154 17.54 7.94 0.44
N MET A 155 16.44 8.22 -0.26
CA MET A 155 15.89 9.57 -0.17
C MET A 155 15.31 9.85 1.21
N PHE A 156 15.01 8.82 2.00
CA PHE A 156 14.45 9.11 3.31
C PHE A 156 15.49 9.23 4.42
N ARG A 157 16.78 9.06 4.13
CA ARG A 157 17.79 9.35 5.14
C ARG A 157 17.73 10.83 5.48
N ASP A 158 17.43 11.16 6.73
CA ASP A 158 17.22 12.57 7.13
C ASP A 158 16.11 13.30 6.32
N SER A 159 15.14 12.53 5.80
CA SER A 159 13.95 13.18 5.22
C SER A 159 13.04 13.73 6.32
N PRO A 160 12.47 14.93 6.15
CA PRO A 160 11.40 15.36 7.07
C PRO A 160 10.21 14.40 7.08
N ILE A 161 9.88 13.80 5.93
CA ILE A 161 8.78 12.84 5.87
C ILE A 161 9.03 11.71 6.88
N LYS A 162 10.21 11.10 6.81
CA LYS A 162 10.54 10.06 7.78
C LYS A 162 10.38 10.60 9.19
N ALA A 163 10.91 11.79 9.45
CA ALA A 163 10.79 12.38 10.78
C ALA A 163 9.36 12.30 11.28
N ALA A 164 8.42 12.98 10.59
CA ALA A 164 7.05 13.07 11.09
C ALA A 164 6.39 11.69 11.19
N LEU A 165 6.53 10.85 10.16
CA LEU A 165 5.80 9.58 10.15
C LEU A 165 6.24 8.64 11.28
N CYS A 166 7.54 8.55 11.56
CA CYS A 166 7.98 7.69 12.65
C CYS A 166 7.84 8.36 14.02
N THR A 167 7.34 9.59 14.07
CA THR A 167 7.15 10.28 15.34
C THR A 167 5.70 10.68 15.62
N THR A 168 4.74 10.24 14.79
CA THR A 168 3.34 10.65 14.99
C THR A 168 2.55 9.62 15.79
N SER A 169 2.26 8.47 15.18
CA SER A 169 1.46 7.40 15.77
C SER A 169 1.92 6.08 15.18
N PRO A 170 1.48 4.95 15.75
CA PRO A 170 1.82 3.67 15.09
C PRO A 170 1.24 3.58 13.68
N GLU A 171 0.07 4.19 13.43
CA GLU A 171 -0.52 4.15 12.10
C GLU A 171 0.35 4.88 11.08
N GLN A 172 0.87 6.06 11.43
CA GLN A 172 1.76 6.75 10.50
C GLN A 172 3.01 5.92 10.23
N TYR A 173 3.57 5.36 11.30
CA TYR A 173 4.84 4.66 11.20
C TYR A 173 4.73 3.42 10.32
N PHE A 174 3.70 2.60 10.56
CA PHE A 174 3.56 1.36 9.80
C PHE A 174 3.30 1.64 8.32
N ARG A 175 2.60 2.76 8.03
CA ARG A 175 2.40 3.16 6.64
C ARG A 175 3.73 3.42 5.92
N PHE A 176 4.69 4.04 6.61
CA PHE A 176 6.03 4.21 6.06
C PHE A 176 6.71 2.86 5.85
N ARG A 177 6.52 1.93 6.77
CA ARG A 177 7.26 0.67 6.74
C ARG A 177 6.75 -0.31 5.69
N VAL A 178 5.54 -0.13 5.13
CA VAL A 178 5.11 -0.99 4.03
C VAL A 178 6.17 -1.04 2.94
N THR A 179 6.74 0.12 2.62
CA THR A 179 7.86 0.18 1.70
C THR A 179 9.19 0.04 2.44
N ASP A 180 9.35 0.74 3.56
CA ASP A 180 10.69 0.84 4.14
C ASP A 180 11.19 -0.47 4.76
N ILE A 181 10.31 -1.34 5.27
CA ILE A 181 10.83 -2.65 5.72
C ILE A 181 11.14 -3.55 4.53
N GLY A 182 10.85 -3.11 3.31
CA GLY A 182 11.15 -3.94 2.16
C GLY A 182 10.13 -5.00 1.82
N VAL A 183 9.01 -5.08 2.55
CA VAL A 183 8.07 -6.17 2.32
C VAL A 183 7.29 -6.01 1.02
N ASP A 184 7.00 -4.78 0.59
CA ASP A 184 6.35 -4.64 -0.72
C ASP A 184 7.26 -5.19 -1.80
N PHE A 185 8.53 -4.78 -1.77
CA PHE A 185 9.57 -5.33 -2.64
C PHE A 185 9.61 -6.86 -2.55
N TRP A 186 9.60 -7.38 -1.33
CA TRP A 186 9.65 -8.83 -1.11
C TRP A 186 8.52 -9.55 -1.85
N MET A 187 7.28 -9.08 -1.67
CA MET A 187 6.15 -9.75 -2.31
C MET A 187 6.29 -9.72 -3.83
N LYS A 188 6.68 -8.56 -4.39
CA LYS A 188 6.78 -8.37 -5.81
C LYS A 188 7.97 -9.10 -6.44
N MET A 189 8.92 -9.55 -5.64
CA MET A 189 9.94 -10.43 -6.21
C MET A 189 9.70 -11.90 -5.88
N SER A 190 8.79 -12.19 -4.95
CA SER A 190 8.57 -13.55 -4.50
C SER A 190 7.41 -14.24 -5.21
N TYR A 191 6.45 -13.52 -5.77
CA TYR A 191 5.33 -14.24 -6.37
C TYR A 191 5.75 -15.20 -7.50
N PRO A 192 6.81 -14.96 -8.29
CA PRO A 192 7.19 -15.99 -9.27
C PRO A 192 7.67 -17.29 -8.62
N ILE A 193 8.05 -17.27 -7.35
CA ILE A 193 8.43 -18.51 -6.67
C ILE A 193 7.27 -19.50 -6.68
N TYR A 194 6.05 -18.98 -6.51
CA TYR A 194 4.86 -19.80 -6.29
C TYR A 194 3.98 -19.96 -7.52
N ARG A 195 4.03 -19.00 -8.45
CA ARG A 195 3.17 -19.00 -9.65
C ARG A 195 1.73 -19.37 -9.30
N HIS A 196 1.20 -18.73 -8.26
CA HIS A 196 -0.19 -18.91 -7.81
C HIS A 196 -0.96 -17.62 -8.11
N PRO A 197 -1.89 -17.64 -9.06
CA PRO A 197 -2.46 -16.38 -9.58
C PRO A 197 -3.00 -15.40 -8.53
N GLU A 198 -3.65 -15.84 -7.45
CA GLU A 198 -4.18 -14.85 -6.53
C GLU A 198 -3.08 -14.21 -5.70
N PHE A 199 -2.10 -15.03 -5.28
CA PHE A 199 -0.97 -14.45 -4.57
C PHE A 199 -0.28 -13.40 -5.42
N THR A 200 -0.15 -13.67 -6.72
CA THR A 200 0.47 -12.72 -7.63
C THR A 200 -0.30 -11.39 -7.66
N GLU A 201 -1.63 -11.45 -7.70
CA GLU A 201 -2.39 -10.20 -7.69
C GLU A 201 -2.29 -9.48 -6.35
N HIS A 202 -2.38 -10.22 -5.23
CA HIS A 202 -2.22 -9.57 -3.93
C HIS A 202 -0.84 -8.94 -3.79
N ALA A 203 0.17 -9.59 -4.37
CA ALA A 203 1.51 -9.01 -4.41
C ALA A 203 1.51 -7.73 -5.23
N LYS A 204 0.87 -7.74 -6.39
CA LYS A 204 0.96 -6.58 -7.27
C LYS A 204 0.07 -5.42 -6.82
N THR A 205 -1.01 -5.69 -6.08
CA THR A 205 -1.78 -4.61 -5.45
C THR A 205 -1.15 -4.09 -4.17
N SER A 206 -0.14 -4.78 -3.64
CA SER A 206 0.50 -4.51 -2.36
C SER A 206 -0.38 -4.84 -1.17
N LEU A 207 -1.59 -5.38 -1.39
CA LEU A 207 -2.36 -5.90 -0.26
C LEU A 207 -1.54 -6.94 0.53
N ALA A 208 -0.82 -7.82 -0.18
CA ALA A 208 0.05 -8.79 0.48
C ALA A 208 1.02 -8.09 1.45
N ALA A 209 1.63 -7.00 0.99
CA ALA A 209 2.54 -6.27 1.86
C ALA A 209 1.80 -5.60 3.02
N ARG A 210 0.66 -4.97 2.74
CA ARG A 210 -0.06 -4.25 3.79
C ARG A 210 -0.53 -5.18 4.89
N MET A 211 -0.75 -6.46 4.56
CA MET A 211 -1.24 -7.45 5.53
C MET A 211 -0.11 -7.96 6.45
N THR A 212 1.14 -7.92 5.99
CA THR A 212 2.24 -8.54 6.72
C THR A 212 3.21 -7.53 7.32
N THR A 213 3.00 -6.23 7.04
CA THR A 213 3.95 -5.21 7.49
C THR A 213 4.06 -5.17 9.02
N ARG A 214 2.94 -5.18 9.73
CA ARG A 214 3.04 -5.01 11.18
C ARG A 214 3.72 -6.23 11.83
N GLY A 215 3.39 -7.43 11.35
CA GLY A 215 3.98 -8.62 11.96
C GLY A 215 5.48 -8.69 11.76
N LEU A 216 5.96 -8.27 10.58
CA LEU A 216 7.39 -8.21 10.35
C LEU A 216 8.03 -7.07 11.14
N THR A 217 7.40 -5.89 11.12
CA THR A 217 8.04 -4.70 11.65
C THR A 217 8.13 -4.73 13.17
N ILE A 218 7.07 -5.17 13.85
CA ILE A 218 7.10 -5.16 15.31
C ILE A 218 8.21 -6.07 15.81
N VAL A 219 8.36 -7.24 15.18
CA VAL A 219 9.43 -8.16 15.54
C VAL A 219 10.79 -7.55 15.24
N ASN A 220 10.97 -7.04 14.01
CA ASN A 220 12.26 -6.44 13.67
C ASN A 220 12.60 -5.31 14.62
N ASP A 221 11.63 -4.44 14.91
CA ASP A 221 11.88 -3.28 15.76
C ASP A 221 12.27 -3.68 17.17
N PHE A 222 11.63 -4.69 17.73
CA PHE A 222 12.00 -5.05 19.09
C PHE A 222 13.46 -5.45 19.16
N TYR A 223 13.88 -6.35 18.29
CA TYR A 223 15.23 -6.91 18.42
C TYR A 223 16.31 -6.04 17.80
N SER A 224 15.96 -5.03 16.98
CA SER A 224 16.98 -4.14 16.43
C SER A 224 16.98 -2.79 17.13
N TYR A 225 16.16 -2.62 18.17
CA TYR A 225 16.05 -1.34 18.86
C TYR A 225 17.39 -0.86 19.39
N ASP A 226 18.09 -1.73 20.15
CA ASP A 226 19.33 -1.29 20.79
C ASP A 226 20.32 -0.77 19.75
N ARG A 227 20.48 -1.48 18.63
CA ARG A 227 21.41 -1.03 17.60
C ARG A 227 20.94 0.29 16.99
N GLU A 228 19.70 0.33 16.53
CA GLU A 228 19.23 1.51 15.81
C GLU A 228 19.31 2.74 16.69
N VAL A 229 18.86 2.64 17.94
CA VAL A 229 18.96 3.78 18.86
C VAL A 229 20.41 4.19 19.07
N SER A 230 21.31 3.23 19.28
CA SER A 230 22.71 3.58 19.47
C SER A 230 23.27 4.34 18.27
N LEU A 231 22.71 4.12 17.08
CA LEU A 231 23.14 4.78 15.86
C LEU A 231 22.36 6.05 15.56
N GLY A 232 21.50 6.51 16.47
CA GLY A 232 20.59 7.60 16.18
C GLY A 232 19.59 7.35 15.06
N GLN A 233 19.24 6.09 14.80
CA GLN A 233 18.21 5.77 13.83
C GLN A 233 16.83 5.87 14.49
N ILE A 234 15.85 6.41 13.76
CA ILE A 234 14.54 6.71 14.36
C ILE A 234 13.44 5.80 13.83
N THR A 235 13.72 4.94 12.87
CA THR A 235 12.69 4.11 12.25
C THR A 235 12.49 2.86 13.09
N ASN A 236 11.70 3.01 14.16
CA ASN A 236 11.48 1.94 15.14
C ASN A 236 10.29 2.29 16.01
N CYS A 237 9.25 1.47 15.98
CA CYS A 237 8.02 1.84 16.69
C CYS A 237 8.17 1.87 18.21
N PHE A 238 9.16 1.18 18.79
CA PHE A 238 9.30 1.27 20.24
C PHE A 238 9.86 2.62 20.69
N ARG A 239 10.38 3.42 19.77
CA ARG A 239 10.63 4.81 20.09
C ARG A 239 9.34 5.59 20.37
N LEU A 240 8.18 5.06 20.01
CA LEU A 240 6.93 5.78 20.25
C LEU A 240 6.44 5.67 21.69
N CYS A 241 7.02 4.76 22.48
CA CYS A 241 6.62 4.60 23.88
C CYS A 241 7.84 4.88 24.74
N ASP A 242 7.65 5.17 26.03
CA ASP A 242 8.85 5.35 26.83
C ASP A 242 9.19 3.97 27.41
N VAL A 243 10.27 3.39 26.89
CA VAL A 243 10.61 2.02 27.20
C VAL A 243 11.13 1.90 28.64
N SER A 244 11.49 3.01 29.28
CA SER A 244 11.91 3.01 30.68
C SER A 244 10.75 2.92 31.66
N ASP A 245 9.52 3.10 31.21
CA ASP A 245 8.33 3.04 32.05
C ASP A 245 7.82 1.61 31.93
N GLU A 246 7.70 0.95 33.07
CA GLU A 246 7.33 -0.46 33.08
C GLU A 246 5.97 -0.70 32.44
N THR A 247 4.92 -0.08 32.99
CA THR A 247 3.56 -0.33 32.50
C THR A 247 3.37 0.28 31.12
N ALA A 248 4.06 1.38 30.82
CA ALA A 248 3.93 1.97 29.50
C ALA A 248 4.53 1.05 28.44
N PHE A 249 5.72 0.49 28.69
CA PHE A 249 6.27 -0.45 27.72
C PHE A 249 5.35 -1.64 27.56
N LYS A 250 4.89 -2.21 28.69
CA LYS A 250 4.01 -3.37 28.65
C LYS A 250 2.73 -3.08 27.88
N GLU A 251 2.14 -1.93 28.14
CA GLU A 251 0.91 -1.55 27.44
C GLU A 251 1.15 -1.40 25.94
N PHE A 252 2.28 -0.79 25.58
CA PHE A 252 2.57 -0.59 24.17
C PHE A 252 2.84 -1.94 23.50
N PHE A 253 3.65 -2.78 24.16
CA PHE A 253 3.95 -4.08 23.60
C PHE A 253 2.68 -4.92 23.44
N GLN A 254 1.77 -4.86 24.42
CA GLN A 254 0.51 -5.57 24.27
C GLN A 254 -0.32 -5.03 23.10
N ALA A 255 -0.37 -3.71 22.95
CA ALA A 255 -1.09 -3.16 21.80
C ALA A 255 -0.47 -3.64 20.49
N ARG A 256 0.86 -3.80 20.48
CA ARG A 256 1.53 -4.28 19.27
C ARG A 256 1.24 -5.76 19.04
N LEU A 257 1.19 -6.56 20.12
CA LEU A 257 0.76 -7.95 19.97
C LEU A 257 -0.64 -8.03 19.38
N ASP A 258 -1.55 -7.17 19.87
CA ASP A 258 -2.92 -7.17 19.36
C ASP A 258 -2.95 -6.91 17.86
N ASP A 259 -2.13 -5.97 17.39
CA ASP A 259 -2.07 -5.67 15.96
C ASP A 259 -1.66 -6.91 15.17
N MET A 260 -0.61 -7.59 15.64
CA MET A 260 -0.16 -8.81 14.96
C MET A 260 -1.27 -9.84 14.91
N ILE A 261 -1.96 -10.04 16.04
CA ILE A 261 -3.01 -11.05 16.11
C ILE A 261 -4.13 -10.73 15.14
N GLU A 262 -4.58 -9.47 15.14
CA GLU A 262 -5.68 -9.11 14.25
C GLU A 262 -5.28 -9.30 12.79
N ASP A 263 -4.05 -8.93 12.43
CA ASP A 263 -3.58 -9.17 11.06
C ASP A 263 -3.59 -10.66 10.73
N ILE A 264 -3.07 -11.50 11.64
CA ILE A 264 -2.99 -12.93 11.36
C ILE A 264 -4.37 -13.53 11.22
N GLU A 265 -5.31 -13.13 12.08
CA GLU A 265 -6.65 -13.67 11.98
C GLU A 265 -7.33 -13.25 10.68
N CYS A 266 -7.14 -12.00 10.23
CA CYS A 266 -7.64 -11.59 8.91
C CYS A 266 -6.94 -12.35 7.77
N ILE A 267 -5.64 -12.59 7.91
CA ILE A 267 -4.90 -13.33 6.88
C ILE A 267 -5.51 -14.70 6.64
N LYS A 268 -6.14 -15.30 7.65
CA LYS A 268 -6.75 -16.61 7.47
C LYS A 268 -8.04 -16.57 6.66
N ALA A 269 -8.43 -15.39 6.14
CA ALA A 269 -9.49 -15.31 5.16
C ALA A 269 -8.98 -15.47 3.74
N PHE A 270 -7.67 -15.37 3.52
CA PHE A 270 -7.14 -15.47 2.18
C PHE A 270 -7.12 -16.93 1.72
N ASP A 271 -6.83 -17.15 0.43
CA ASP A 271 -6.84 -18.50 -0.09
C ASP A 271 -5.79 -19.35 0.63
N GLN A 272 -6.03 -20.66 0.67
CA GLN A 272 -5.26 -21.53 1.55
C GLN A 272 -3.75 -21.49 1.24
N LEU A 273 -3.37 -21.21 0.00
CA LEU A 273 -1.97 -21.09 -0.36
C LEU A 273 -1.38 -19.74 0.07
N THR A 274 -2.10 -18.65 -0.22
CA THR A 274 -1.57 -17.32 0.07
C THR A 274 -1.40 -17.12 1.58
N GLN A 275 -2.35 -17.61 2.37
CA GLN A 275 -2.22 -17.45 3.81
C GLN A 275 -1.02 -18.22 4.33
N ASP A 276 -0.69 -19.36 3.71
CA ASP A 276 0.54 -20.06 4.06
C ASP A 276 1.76 -19.15 3.85
N VAL A 277 1.87 -18.55 2.67
CA VAL A 277 3.00 -17.67 2.38
C VAL A 277 3.06 -16.49 3.35
N PHE A 278 1.91 -15.84 3.59
CA PHE A 278 1.90 -14.68 4.50
C PHE A 278 2.37 -15.06 5.90
N LEU A 279 1.86 -16.17 6.42
CA LEU A 279 2.13 -16.57 7.81
C LEU A 279 3.54 -17.15 7.97
N ASP A 280 3.97 -18.00 7.01
CA ASP A 280 5.38 -18.43 6.99
C ASP A 280 6.30 -17.23 6.99
N LEU A 281 5.92 -16.16 6.30
CA LEU A 281 6.77 -14.98 6.23
C LEU A 281 6.88 -14.30 7.59
N ILE A 282 5.75 -14.06 8.27
CA ILE A 282 5.80 -13.36 9.56
C ILE A 282 6.49 -14.21 10.62
N TYR A 283 6.12 -15.49 10.68
CA TYR A 283 6.67 -16.36 11.72
C TYR A 283 8.12 -16.75 11.40
N GLY A 284 8.41 -17.00 10.13
CA GLY A 284 9.79 -17.25 9.74
C GLY A 284 10.71 -16.09 10.05
N ASN A 285 10.23 -14.85 9.84
CA ASN A 285 11.05 -13.70 10.19
C ASN A 285 11.37 -13.68 11.67
N PHE A 286 10.39 -14.07 12.50
CA PHE A 286 10.62 -14.14 13.95
C PHE A 286 11.69 -15.19 14.27
N VAL A 287 11.60 -16.37 13.65
CA VAL A 287 12.57 -17.42 13.95
C VAL A 287 13.97 -16.98 13.54
N TRP A 288 14.08 -16.39 12.34
CA TRP A 288 15.38 -15.93 11.86
C TRP A 288 15.93 -14.81 12.73
N THR A 289 15.08 -13.82 13.06
CA THR A 289 15.51 -12.69 13.88
C THR A 289 16.08 -13.16 15.22
N THR A 290 15.43 -14.13 15.87
CA THR A 290 15.88 -14.56 17.19
C THR A 290 17.08 -15.51 17.15
N SER A 291 17.51 -15.94 15.97
CA SER A 291 18.68 -16.80 15.85
C SER A 291 19.91 -16.05 15.38
N ASN A 292 19.72 -14.84 14.86
CA ASN A 292 20.69 -14.11 14.05
C ASN A 292 21.50 -13.16 14.91
N LYS A 293 22.83 -13.32 14.85
CA LYS A 293 23.75 -12.43 15.54
C LYS A 293 23.52 -10.96 15.20
N ARG A 294 22.97 -10.69 14.02
CA ARG A 294 22.62 -9.32 13.65
C ARG A 294 21.79 -8.65 14.73
N TYR A 295 20.89 -9.41 15.36
CA TYR A 295 19.91 -8.84 16.28
C TYR A 295 20.21 -9.14 17.75
N LYS A 296 21.48 -9.17 18.13
CA LYS A 296 21.85 -9.55 19.50
C LYS A 296 22.79 -8.55 20.16
N THR A 297 23.92 -8.21 19.54
CA THR A 297 24.75 -7.11 20.04
C THR A 297 24.46 -5.85 19.21
N ALA A 298 24.61 -4.69 19.87
CA ALA A 298 24.33 -3.44 19.18
C ALA A 298 25.30 -3.21 18.03
N VAL A 299 26.58 -3.54 18.22
CA VAL A 299 27.57 -3.34 17.18
C VAL A 299 28.39 -4.63 17.07
N ASN A 300 28.40 -5.23 15.88
CA ASN A 300 29.09 -6.50 15.68
C ASN A 300 29.37 -6.68 14.19
N ASP A 301 30.04 -7.79 13.87
CA ASP A 301 30.59 -7.96 12.52
C ASP A 301 29.57 -8.49 11.51
N VAL A 302 28.27 -8.37 11.75
CA VAL A 302 27.31 -8.52 10.67
C VAL A 302 26.32 -7.36 10.59
N ASN A 303 26.35 -6.41 11.53
CA ASN A 303 25.38 -5.30 11.52
C ASN A 303 25.99 -3.91 11.67
N SER A 304 27.31 -3.77 11.71
CA SER A 304 27.90 -2.46 11.92
C SER A 304 27.74 -1.62 10.65
N ARG A 305 27.73 -0.30 10.80
CA ARG A 305 27.52 0.55 9.63
C ARG A 305 28.64 0.34 8.61
N ILE A 306 28.27 0.31 7.33
CA ILE A 306 29.24 0.23 6.24
C ILE A 306 29.55 1.68 5.84
N GLN A 307 30.71 2.19 6.26
CA GLN A 307 30.93 3.64 6.18
C GLN A 307 31.71 4.05 4.93
N GLY B 9 -37.14 -10.20 3.73
CA GLY B 9 -35.97 -9.75 4.48
C GLY B 9 -36.30 -8.88 5.67
N ALA B 10 -35.46 -9.02 6.71
CA ALA B 10 -35.49 -8.06 7.82
C ALA B 10 -34.97 -6.71 7.37
N GLN B 11 -35.63 -5.62 7.77
CA GLN B 11 -35.12 -4.30 7.41
C GLN B 11 -34.96 -3.44 8.67
N ASP B 12 -33.71 -3.25 9.06
CA ASP B 12 -33.32 -2.28 10.06
C ASP B 12 -33.24 -0.92 9.39
N ILE B 13 -34.42 -0.34 9.14
CA ILE B 13 -34.49 0.96 8.47
C ILE B 13 -33.64 1.99 9.19
N GLY B 14 -33.66 1.97 10.52
CA GLY B 14 -32.93 2.98 11.28
C GLY B 14 -31.44 3.02 10.96
N ARG B 15 -30.83 1.86 10.72
CA ARG B 15 -29.40 1.78 10.49
C ARG B 15 -29.05 1.85 9.00
N SER B 16 -30.01 2.12 8.12
CA SER B 16 -29.69 2.09 6.71
C SER B 16 -29.46 3.47 6.11
N SER B 17 -29.36 4.53 6.92
CA SER B 17 -29.23 5.86 6.34
C SER B 17 -28.43 6.77 7.26
N VAL B 18 -27.54 7.56 6.67
CA VAL B 18 -26.86 8.61 7.41
C VAL B 18 -27.49 9.97 7.17
N ARG B 19 -28.62 10.01 6.45
CA ARG B 19 -29.24 11.29 6.09
C ARG B 19 -29.61 12.15 7.31
N PRO B 20 -30.08 11.61 8.43
CA PRO B 20 -30.20 12.44 9.64
C PRO B 20 -28.96 13.29 9.95
N TYR B 21 -27.76 12.77 9.68
CA TYR B 21 -26.50 13.43 10.04
C TYR B 21 -25.92 14.28 8.91
N LEU B 22 -26.62 14.40 7.78
CA LEU B 22 -26.02 14.96 6.57
C LEU B 22 -25.52 16.40 6.80
N GLU B 23 -26.37 17.27 7.32
CA GLU B 23 -25.97 18.67 7.45
C GLU B 23 -24.80 18.84 8.43
N GLU B 24 -24.90 18.23 9.60
CA GLU B 24 -23.91 18.46 10.63
C GLU B 24 -22.55 17.84 10.21
N CYS B 25 -22.57 16.66 9.57
CA CYS B 25 -21.31 16.07 9.13
C CYS B 25 -20.69 16.87 7.99
N THR B 26 -21.50 17.35 7.05
CA THR B 26 -20.98 18.18 5.98
C THR B 26 -20.29 19.41 6.54
N ARG B 27 -20.98 20.12 7.44
CA ARG B 27 -20.41 21.26 8.13
C ARG B 27 -19.10 20.91 8.82
N ARG B 28 -19.07 19.77 9.53
CA ARG B 28 -17.87 19.38 10.27
C ARG B 28 -16.70 19.09 9.32
N PHE B 29 -16.94 18.31 8.27
CA PHE B 29 -15.92 18.11 7.23
C PHE B 29 -15.35 19.43 6.74
N GLN B 30 -16.24 20.34 6.33
CA GLN B 30 -15.79 21.63 5.79
C GLN B 30 -14.97 22.40 6.82
N GLU B 31 -15.42 22.40 8.09
CA GLU B 31 -14.67 23.14 9.10
C GLU B 31 -13.29 22.54 9.27
N MET B 32 -13.20 21.22 9.18
CA MET B 32 -11.92 20.54 9.32
C MET B 32 -10.98 20.97 8.21
N PHE B 33 -11.43 20.90 6.95
CA PHE B 33 -10.60 21.36 5.84
C PHE B 33 -10.20 22.82 6.00
N ASP B 34 -11.11 23.66 6.51
CA ASP B 34 -10.80 25.08 6.63
C ASP B 34 -9.71 25.32 7.66
N ARG B 35 -9.71 24.50 8.72
CA ARG B 35 -8.72 24.66 9.77
C ARG B 35 -7.40 23.98 9.45
N HIS B 36 -7.43 22.89 8.67
CA HIS B 36 -6.21 22.09 8.48
C HIS B 36 -5.66 22.09 7.06
N VAL B 37 -6.50 22.14 6.04
CA VAL B 37 -6.03 22.23 4.66
C VAL B 37 -5.85 23.68 4.21
N VAL B 38 -6.93 24.47 4.26
CA VAL B 38 -6.94 25.93 4.29
C VAL B 38 -7.28 26.47 2.91
N THR B 39 -6.59 25.98 1.87
CA THR B 39 -6.82 26.51 0.54
C THR B 39 -7.76 25.59 -0.24
N ARG B 40 -8.74 26.22 -0.89
CA ARG B 40 -9.75 25.54 -1.68
C ARG B 40 -9.10 24.74 -2.80
N PRO B 41 -9.71 23.64 -3.23
CA PRO B 41 -9.30 23.03 -4.49
C PRO B 41 -9.74 23.88 -5.67
N THR B 42 -9.11 23.62 -6.82
CA THR B 42 -9.33 24.35 -8.06
C THR B 42 -9.79 23.37 -9.14
N LYS B 43 -10.80 23.75 -9.91
CA LYS B 43 -11.29 22.87 -10.95
C LYS B 43 -10.73 23.28 -12.30
N VAL B 44 -10.12 22.33 -13.00
CA VAL B 44 -9.84 22.54 -14.42
C VAL B 44 -11.14 22.40 -15.21
N GLU B 45 -11.56 23.47 -15.88
CA GLU B 45 -12.76 23.46 -16.70
C GLU B 45 -12.39 23.07 -18.13
N LEU B 46 -12.62 21.81 -18.50
CA LEU B 46 -12.42 21.33 -19.86
C LEU B 46 -13.34 22.09 -20.81
N THR B 47 -12.86 22.30 -22.04
CA THR B 47 -13.73 22.86 -23.08
C THR B 47 -14.79 21.84 -23.49
N ASP B 48 -15.69 22.30 -24.36
CA ASP B 48 -16.75 21.42 -24.86
C ASP B 48 -16.18 20.30 -25.74
N ALA B 49 -15.20 20.62 -26.58
CA ALA B 49 -14.63 19.59 -27.44
C ALA B 49 -13.65 18.72 -26.66
N GLU B 50 -13.02 19.30 -25.64
CA GLU B 50 -12.20 18.51 -24.74
C GLU B 50 -13.04 17.47 -24.00
N LEU B 51 -14.15 17.90 -23.41
CA LEU B 51 -15.01 16.97 -22.68
C LEU B 51 -15.60 15.92 -23.62
N ARG B 52 -16.00 16.33 -24.83
CA ARG B 52 -16.62 15.38 -25.75
C ARG B 52 -15.60 14.35 -26.25
N GLU B 53 -14.35 14.76 -26.45
CA GLU B 53 -13.31 13.80 -26.83
C GLU B 53 -13.05 12.80 -25.70
N VAL B 54 -13.13 13.28 -24.45
CA VAL B 54 -13.07 12.38 -23.30
C VAL B 54 -14.18 11.34 -23.40
N ILE B 55 -15.41 11.80 -23.58
CA ILE B 55 -16.56 10.90 -23.63
C ILE B 55 -16.44 9.90 -24.78
N ASP B 56 -15.97 10.34 -25.94
CA ASP B 56 -15.89 9.44 -27.09
C ASP B 56 -14.85 8.34 -26.87
N ASP B 57 -13.70 8.68 -26.27
CA ASP B 57 -12.75 7.65 -25.84
C ASP B 57 -13.34 6.74 -24.77
N CYS B 58 -14.08 7.31 -23.82
CA CYS B 58 -14.77 6.49 -22.83
C CYS B 58 -15.76 5.53 -23.48
N ASN B 59 -16.53 6.02 -24.45
CA ASN B 59 -17.55 5.18 -25.08
C ASN B 59 -16.90 4.04 -25.87
N ALA B 60 -15.82 4.33 -26.60
CA ALA B 60 -15.15 3.29 -27.37
C ALA B 60 -14.60 2.21 -26.45
N ALA B 61 -14.29 2.59 -25.20
CA ALA B 61 -13.66 1.63 -24.31
C ALA B 61 -14.69 0.70 -23.67
N VAL B 62 -15.93 1.14 -23.53
CA VAL B 62 -16.95 0.32 -22.87
C VAL B 62 -17.98 -0.24 -23.84
N ALA B 63 -17.95 0.15 -25.11
CA ALA B 63 -18.90 -0.41 -26.08
C ALA B 63 -18.83 -1.93 -26.19
N PRO B 64 -17.66 -2.58 -26.25
CA PRO B 64 -17.65 -4.05 -26.28
C PRO B 64 -18.42 -4.69 -25.13
N LEU B 65 -18.48 -4.07 -23.94
CA LEU B 65 -19.25 -4.66 -22.85
C LEU B 65 -20.75 -4.54 -23.02
N GLY B 66 -21.23 -3.71 -23.95
CA GLY B 66 -22.62 -3.78 -24.40
C GLY B 66 -23.57 -2.72 -23.88
N LYS B 67 -23.15 -1.87 -22.95
CA LYS B 67 -24.10 -0.97 -22.30
C LYS B 67 -23.79 0.48 -22.67
N THR B 68 -24.84 1.29 -22.73
CA THR B 68 -24.73 2.71 -23.01
C THR B 68 -24.42 3.47 -21.73
N VAL B 69 -23.64 4.55 -21.87
CA VAL B 69 -23.40 5.50 -20.78
C VAL B 69 -23.70 6.90 -21.31
N SER B 70 -24.55 7.63 -20.61
CA SER B 70 -24.95 8.97 -21.03
C SER B 70 -23.83 9.98 -20.79
N ASP B 71 -23.87 11.09 -21.54
CA ASP B 71 -22.91 12.17 -21.34
C ASP B 71 -22.95 12.68 -19.91
N GLU B 72 -24.14 12.77 -19.31
CA GLU B 72 -24.25 13.26 -17.95
C GLU B 72 -23.57 12.30 -16.97
N ARG B 73 -23.71 10.99 -17.20
CA ARG B 73 -23.05 10.04 -16.32
C ARG B 73 -21.54 10.13 -16.44
N TRP B 74 -21.03 10.25 -17.68
CA TRP B 74 -19.60 10.49 -17.86
C TRP B 74 -19.16 11.75 -17.11
N ILE B 75 -19.93 12.83 -17.23
CA ILE B 75 -19.52 14.08 -16.62
C ILE B 75 -19.55 13.96 -15.10
N SER B 76 -20.46 13.14 -14.56
CA SER B 76 -20.47 12.88 -13.12
C SER B 76 -19.23 12.11 -12.69
N TYR B 77 -18.88 11.05 -13.41
CA TYR B 77 -17.63 10.36 -13.16
C TYR B 77 -16.44 11.30 -13.27
N VAL B 78 -16.41 12.16 -14.28
CA VAL B 78 -15.18 12.87 -14.60
C VAL B 78 -14.91 14.02 -13.63
N GLY B 79 -15.93 14.53 -12.94
CA GLY B 79 -15.75 15.66 -12.05
C GLY B 79 -14.69 15.44 -10.99
N VAL B 80 -14.51 14.19 -10.52
CA VAL B 80 -13.50 13.97 -9.48
C VAL B 80 -12.13 14.35 -9.99
N VAL B 81 -11.84 14.08 -11.28
CA VAL B 81 -10.54 14.47 -11.82
C VAL B 81 -10.46 15.98 -11.99
N LEU B 82 -11.55 16.60 -12.45
CA LEU B 82 -11.53 18.05 -12.67
C LEU B 82 -11.30 18.82 -11.37
N TRP B 83 -11.85 18.32 -10.25
CA TRP B 83 -11.74 19.01 -8.97
C TRP B 83 -10.55 18.58 -8.11
N SER B 84 -10.01 17.39 -8.32
CA SER B 84 -9.11 16.81 -7.31
C SER B 84 -7.68 16.63 -7.80
N GLN B 85 -7.34 17.13 -8.98
CA GLN B 85 -5.95 17.27 -9.37
C GLN B 85 -5.46 18.63 -8.86
N SER B 86 -4.24 19.02 -9.21
CA SER B 86 -3.73 20.33 -8.79
C SER B 86 -3.42 21.16 -10.03
N PRO B 87 -4.37 21.99 -10.47
CA PRO B 87 -4.20 22.72 -11.74
C PRO B 87 -2.97 23.59 -11.78
N ARG B 88 -2.54 24.12 -10.64
CA ARG B 88 -1.38 24.99 -10.63
C ARG B 88 -0.11 24.25 -11.08
N HIS B 89 -0.10 22.92 -10.99
CA HIS B 89 1.09 22.12 -11.24
C HIS B 89 0.98 21.27 -12.49
N ILE B 90 -0.09 21.40 -13.28
CA ILE B 90 -0.24 20.55 -14.47
C ILE B 90 0.79 20.92 -15.53
N LYS B 91 1.43 19.91 -16.12
CA LYS B 91 2.34 20.13 -17.23
C LYS B 91 2.08 19.23 -18.43
N ASP B 92 1.35 18.14 -18.27
CA ASP B 92 1.01 17.30 -19.41
C ASP B 92 -0.51 17.14 -19.40
N MET B 93 -1.21 17.94 -20.23
CA MET B 93 -2.66 17.82 -20.33
C MET B 93 -3.08 16.56 -21.07
N GLU B 94 -2.18 15.93 -21.83
CA GLU B 94 -2.50 14.62 -22.39
C GLU B 94 -2.58 13.56 -21.30
N ALA B 95 -1.64 13.58 -20.35
CA ALA B 95 -1.74 12.70 -19.19
C ALA B 95 -2.98 13.02 -18.36
N PHE B 96 -3.34 14.31 -18.27
CA PHE B 96 -4.53 14.66 -17.50
C PHE B 96 -5.78 14.10 -18.16
N LYS B 97 -5.85 14.17 -19.49
CA LYS B 97 -6.96 13.55 -20.23
C LYS B 97 -6.96 12.04 -20.08
N ALA B 98 -5.78 11.41 -20.11
CA ALA B 98 -5.71 9.99 -19.82
C ALA B 98 -6.35 9.66 -18.49
N VAL B 99 -6.06 10.47 -17.46
CA VAL B 99 -6.63 10.20 -16.15
C VAL B 99 -8.14 10.43 -16.17
N CYS B 100 -8.62 11.44 -16.92
CA CYS B 100 -10.06 11.59 -17.11
C CYS B 100 -10.68 10.33 -17.69
N VAL B 101 -10.10 9.82 -18.78
CA VAL B 101 -10.68 8.63 -19.41
C VAL B 101 -10.55 7.42 -18.50
N LEU B 102 -9.34 7.17 -17.99
CA LEU B 102 -9.10 5.98 -17.18
C LEU B 102 -9.94 6.00 -15.92
N ASN B 103 -10.03 7.15 -15.26
CA ASN B 103 -10.96 7.30 -14.15
C ASN B 103 -12.37 6.90 -14.55
N CYS B 104 -12.87 7.45 -15.67
CA CYS B 104 -14.29 7.26 -15.98
C CYS B 104 -14.62 5.82 -16.35
N VAL B 105 -13.79 5.17 -17.17
CA VAL B 105 -14.18 3.84 -17.63
C VAL B 105 -14.05 2.81 -16.52
N THR B 106 -13.08 2.98 -15.61
CA THR B 106 -13.04 2.07 -14.47
C THR B 106 -14.12 2.39 -13.44
N PHE B 107 -14.67 3.61 -13.46
CA PHE B 107 -15.86 3.90 -12.66
C PHE B 107 -17.06 3.11 -13.20
N VAL B 108 -17.18 3.03 -14.52
CA VAL B 108 -18.23 2.19 -15.11
C VAL B 108 -18.08 0.75 -14.63
N TRP B 109 -16.85 0.23 -14.68
CA TRP B 109 -16.56 -1.12 -14.22
C TRP B 109 -16.98 -1.32 -12.78
N ASP B 110 -16.74 -0.30 -11.93
CA ASP B 110 -17.16 -0.32 -10.53
C ASP B 110 -18.67 -0.44 -10.39
N ASP B 111 -19.43 0.16 -11.31
CA ASP B 111 -20.90 0.14 -11.27
C ASP B 111 -21.50 -0.98 -12.10
N MET B 112 -20.70 -1.93 -12.56
CA MET B 112 -21.19 -2.95 -13.47
C MET B 112 -21.45 -4.26 -12.75
N ASP B 113 -22.54 -4.88 -13.13
CA ASP B 113 -22.73 -6.29 -12.86
C ASP B 113 -21.48 -7.06 -13.23
N PRO B 114 -21.03 -8.00 -12.40
CA PRO B 114 -19.72 -8.63 -12.62
C PRO B 114 -19.67 -9.57 -13.81
N ALA B 115 -20.75 -10.28 -14.14
CA ALA B 115 -20.72 -11.14 -15.32
C ALA B 115 -20.67 -10.34 -16.60
N LEU B 116 -20.68 -9.01 -16.50
CA LEU B 116 -20.42 -8.11 -17.62
C LEU B 116 -18.95 -7.77 -17.76
N HIS B 117 -18.12 -8.20 -16.81
CA HIS B 117 -16.69 -7.88 -16.78
C HIS B 117 -15.93 -8.77 -17.75
N ASP B 118 -15.79 -8.32 -19.01
CA ASP B 118 -15.07 -9.06 -20.05
C ASP B 118 -13.63 -8.54 -20.09
N PHE B 119 -12.72 -9.24 -19.42
CA PHE B 119 -11.33 -8.80 -19.39
C PHE B 119 -10.71 -8.82 -20.79
N GLY B 120 -11.06 -9.82 -21.60
CA GLY B 120 -10.52 -9.89 -22.95
C GLY B 120 -10.93 -8.72 -23.81
N LEU B 121 -12.19 -8.29 -23.68
CA LEU B 121 -12.61 -7.11 -24.43
C LEU B 121 -12.05 -5.82 -23.83
N PHE B 122 -12.04 -5.71 -22.50
CA PHE B 122 -11.79 -4.42 -21.87
C PHE B 122 -10.31 -4.10 -21.66
N LEU B 123 -9.50 -5.07 -21.21
CA LEU B 123 -8.08 -4.78 -21.03
C LEU B 123 -7.39 -4.21 -22.26
N PRO B 124 -7.61 -4.72 -23.48
CA PRO B 124 -7.00 -4.07 -24.66
C PRO B 124 -7.43 -2.62 -24.84
N GLN B 125 -8.66 -2.25 -24.48
CA GLN B 125 -9.08 -0.84 -24.54
C GLN B 125 -8.29 0.01 -23.55
N LEU B 126 -8.12 -0.47 -22.32
CA LEU B 126 -7.28 0.26 -21.36
C LEU B 126 -5.88 0.46 -21.92
N ARG B 127 -5.36 -0.54 -22.64
CA ARG B 127 -4.04 -0.38 -23.25
C ARG B 127 -4.06 0.64 -24.38
N LYS B 128 -5.11 0.63 -25.22
CA LYS B 128 -5.18 1.63 -26.28
C LYS B 128 -5.18 3.03 -25.70
N ILE B 129 -5.82 3.23 -24.54
CA ILE B 129 -5.88 4.55 -23.94
C ILE B 129 -4.53 4.93 -23.36
N CYS B 130 -3.88 4.00 -22.64
CA CYS B 130 -2.60 4.32 -22.03
C CYS B 130 -1.56 4.67 -23.09
N GLU B 131 -1.66 4.08 -24.29
CA GLU B 131 -0.67 4.34 -25.32
C GLU B 131 -1.02 5.59 -26.13
N LYS B 132 -2.29 5.97 -26.16
CA LYS B 132 -2.68 7.20 -26.85
C LYS B 132 -2.18 8.44 -26.11
N TYR B 133 -2.14 8.40 -24.78
CA TYR B 133 -1.84 9.60 -24.01
C TYR B 133 -0.50 9.57 -23.26
N TYR B 134 0.14 8.40 -23.09
CA TYR B 134 1.36 8.31 -22.31
C TYR B 134 2.56 7.84 -23.14
N GLY B 135 3.71 8.47 -22.87
CA GLY B 135 4.99 7.96 -23.30
C GLY B 135 5.17 6.51 -22.87
N PRO B 136 5.90 5.73 -23.66
CA PRO B 136 5.84 4.27 -23.49
C PRO B 136 6.22 3.76 -22.10
N GLU B 137 7.12 4.46 -21.40
CA GLU B 137 7.48 4.05 -20.04
C GLU B 137 6.30 4.23 -19.09
N ASP B 138 5.41 5.18 -19.38
CA ASP B 138 4.34 5.46 -18.42
C ASP B 138 3.06 4.70 -18.75
N ALA B 139 2.83 4.40 -20.02
CA ALA B 139 1.66 3.62 -20.41
C ALA B 139 1.64 2.26 -19.73
N GLU B 140 2.78 1.58 -19.67
CA GLU B 140 2.79 0.27 -19.04
C GLU B 140 2.55 0.38 -17.53
N VAL B 141 2.99 1.47 -16.92
CA VAL B 141 2.69 1.67 -15.50
C VAL B 141 1.19 1.94 -15.31
N ALA B 142 0.67 2.99 -15.96
CA ALA B 142 -0.75 3.30 -15.84
C ALA B 142 -1.61 2.10 -16.17
N TYR B 143 -1.23 1.32 -17.19
CA TYR B 143 -1.99 0.12 -17.54
C TYR B 143 -1.96 -0.92 -16.41
N GLU B 144 -0.77 -1.22 -15.86
CA GLU B 144 -0.72 -2.20 -14.78
C GLU B 144 -1.60 -1.79 -13.61
N ALA B 145 -1.56 -0.51 -13.24
CA ALA B 145 -2.40 -0.05 -12.15
C ALA B 145 -3.88 -0.18 -12.52
N ALA B 146 -4.25 0.11 -13.79
CA ALA B 146 -5.64 0.00 -14.19
C ALA B 146 -6.11 -1.45 -14.19
N ARG B 147 -5.32 -2.33 -14.82
CA ARG B 147 -5.61 -3.76 -14.82
C ARG B 147 -5.74 -4.28 -13.40
N ALA B 148 -4.80 -3.89 -12.53
CA ALA B 148 -4.84 -4.37 -11.15
C ALA B 148 -6.08 -3.84 -10.43
N PHE B 149 -6.49 -2.58 -10.71
CA PHE B 149 -7.72 -2.12 -10.09
C PHE B 149 -8.93 -2.92 -10.59
N VAL B 150 -9.11 -3.04 -11.92
CA VAL B 150 -10.32 -3.71 -12.37
C VAL B 150 -10.31 -5.19 -11.98
N THR B 151 -9.15 -5.82 -11.93
CA THR B 151 -9.08 -7.20 -11.43
C THR B 151 -9.46 -7.28 -9.96
N SER B 152 -8.98 -6.33 -9.15
CA SER B 152 -9.36 -6.30 -7.73
C SER B 152 -10.85 -6.10 -7.55
N ASP B 153 -11.44 -5.12 -8.24
CA ASP B 153 -12.87 -4.89 -8.09
C ASP B 153 -13.66 -6.14 -8.47
N HIS B 154 -13.22 -6.86 -9.51
CA HIS B 154 -13.90 -8.09 -9.90
C HIS B 154 -13.65 -9.20 -8.89
N MET B 155 -12.38 -9.41 -8.52
CA MET B 155 -12.00 -10.51 -7.62
C MET B 155 -12.79 -10.50 -6.33
N PHE B 156 -12.97 -9.32 -5.73
CA PHE B 156 -13.49 -9.25 -4.38
C PHE B 156 -15.01 -9.15 -4.31
N ARG B 157 -15.72 -9.20 -5.44
CA ARG B 157 -17.19 -9.11 -5.40
C ARG B 157 -17.83 -10.14 -4.47
N ASP B 158 -17.47 -11.41 -4.59
CA ASP B 158 -18.06 -12.40 -3.67
C ASP B 158 -17.00 -12.93 -2.71
N SER B 159 -16.26 -12.02 -2.08
CA SER B 159 -15.07 -12.61 -1.47
C SER B 159 -15.15 -12.59 0.05
N PRO B 160 -14.84 -13.72 0.68
CA PRO B 160 -14.66 -13.70 2.15
C PRO B 160 -13.51 -12.82 2.58
N ILE B 161 -12.52 -12.57 1.72
CA ILE B 161 -11.46 -11.64 2.06
C ILE B 161 -12.05 -10.26 2.31
N LYS B 162 -12.84 -9.77 1.36
CA LYS B 162 -13.42 -8.45 1.54
C LYS B 162 -14.31 -8.39 2.77
N ALA B 163 -15.05 -9.47 3.02
CA ALA B 163 -15.91 -9.54 4.20
C ALA B 163 -15.08 -9.48 5.48
N ALA B 164 -13.96 -10.22 5.54
CA ALA B 164 -13.12 -10.15 6.73
C ALA B 164 -12.62 -8.72 6.94
N LEU B 165 -11.98 -8.14 5.92
CA LEU B 165 -11.36 -6.84 6.10
C LEU B 165 -12.40 -5.77 6.44
N CYS B 166 -13.52 -5.75 5.73
CA CYS B 166 -14.53 -4.70 5.89
C CYS B 166 -15.40 -4.85 7.13
N THR B 167 -15.23 -5.92 7.91
CA THR B 167 -16.05 -6.10 9.09
C THR B 167 -15.25 -6.32 10.36
N THR B 168 -13.93 -6.08 10.35
CA THR B 168 -13.11 -6.38 11.53
C THR B 168 -12.64 -5.14 12.28
N SER B 169 -12.16 -4.11 11.57
CA SER B 169 -11.69 -2.90 12.22
C SER B 169 -11.49 -1.83 11.15
N PRO B 170 -11.43 -0.54 11.55
CA PRO B 170 -11.09 0.49 10.54
C PRO B 170 -9.73 0.29 9.90
N GLU B 171 -8.73 -0.20 10.67
CA GLU B 171 -7.40 -0.39 10.10
C GLU B 171 -7.39 -1.47 9.02
N GLN B 172 -8.08 -2.61 9.22
CA GLN B 172 -8.17 -3.60 8.14
C GLN B 172 -8.91 -3.03 6.94
N TYR B 173 -9.97 -2.27 7.22
CA TYR B 173 -10.79 -1.73 6.14
C TYR B 173 -10.00 -0.76 5.27
N PHE B 174 -9.33 0.22 5.88
CA PHE B 174 -8.60 1.20 5.07
C PHE B 174 -7.45 0.54 4.31
N ARG B 175 -6.89 -0.52 4.90
CA ARG B 175 -5.91 -1.33 4.18
C ARG B 175 -6.47 -1.86 2.87
N PHE B 176 -7.71 -2.38 2.88
CA PHE B 176 -8.33 -2.84 1.65
C PHE B 176 -8.55 -1.69 0.67
N ARG B 177 -8.91 -0.51 1.19
CA ARG B 177 -9.30 0.60 0.33
C ARG B 177 -8.12 1.28 -0.36
N VAL B 178 -6.89 1.06 0.13
CA VAL B 178 -5.74 1.63 -0.57
C VAL B 178 -5.81 1.31 -2.06
N THR B 179 -6.19 0.06 -2.37
CA THR B 179 -6.40 -0.35 -3.76
C THR B 179 -7.85 -0.16 -4.20
N ASP B 180 -8.80 -0.57 -3.36
CA ASP B 180 -10.18 -0.67 -3.83
C ASP B 180 -10.82 0.68 -4.11
N ILE B 181 -10.47 1.74 -3.36
CA ILE B 181 -11.04 3.03 -3.73
C ILE B 181 -10.32 3.61 -4.94
N GLY B 182 -9.31 2.94 -5.48
CA GLY B 182 -8.68 3.36 -6.72
C GLY B 182 -7.58 4.38 -6.57
N VAL B 183 -7.19 4.74 -5.33
CA VAL B 183 -6.26 5.85 -5.18
C VAL B 183 -4.84 5.46 -5.53
N ASP B 184 -4.44 4.21 -5.30
CA ASP B 184 -3.10 3.83 -5.76
C ASP B 184 -3.02 3.93 -7.28
N PHE B 185 -4.06 3.42 -7.95
CA PHE B 185 -4.21 3.56 -9.39
C PHE B 185 -4.14 5.03 -9.81
N TRP B 186 -4.93 5.87 -9.15
CA TRP B 186 -4.91 7.31 -9.39
C TRP B 186 -3.51 7.88 -9.36
N MET B 187 -2.74 7.58 -8.32
CA MET B 187 -1.41 8.17 -8.20
C MET B 187 -0.50 7.70 -9.34
N LYS B 188 -0.59 6.40 -9.68
CA LYS B 188 0.32 5.85 -10.68
C LYS B 188 -0.06 6.26 -12.09
N MET B 189 -1.27 6.77 -12.31
CA MET B 189 -1.58 7.36 -13.61
C MET B 189 -1.50 8.88 -13.61
N SER B 190 -1.45 9.54 -12.44
CA SER B 190 -1.41 10.99 -12.34
C SER B 190 -0.01 11.57 -12.27
N TYR B 191 1.02 10.80 -11.88
CA TYR B 191 2.33 11.41 -11.77
C TYR B 191 2.86 11.97 -13.09
N PRO B 192 2.57 11.41 -14.26
CA PRO B 192 3.04 12.06 -15.50
C PRO B 192 2.40 13.44 -15.72
N ILE B 193 1.28 13.74 -15.05
CA ILE B 193 0.67 15.08 -15.18
C ILE B 193 1.64 16.14 -14.70
N TYR B 194 2.38 15.84 -13.62
CA TYR B 194 3.17 16.80 -12.87
C TYR B 194 4.65 16.77 -13.21
N ARG B 195 5.23 15.61 -13.55
CA ARG B 195 6.62 15.54 -13.98
C ARG B 195 7.54 15.97 -12.83
N HIS B 196 7.13 15.61 -11.62
CA HIS B 196 7.82 16.03 -10.40
C HIS B 196 8.46 14.80 -9.75
N PRO B 197 9.78 14.64 -9.82
CA PRO B 197 10.39 13.37 -9.38
C PRO B 197 10.00 12.89 -7.98
N GLU B 198 9.99 13.76 -6.96
CA GLU B 198 9.55 13.29 -5.64
C GLU B 198 8.12 12.77 -5.67
N PHE B 199 7.21 13.52 -6.31
CA PHE B 199 5.84 13.04 -6.45
C PHE B 199 5.80 11.68 -7.14
N THR B 200 6.62 11.52 -8.18
CA THR B 200 6.67 10.27 -8.93
C THR B 200 7.12 9.12 -8.05
N GLU B 201 8.11 9.34 -7.18
CA GLU B 201 8.53 8.22 -6.32
C GLU B 201 7.49 7.89 -5.27
N HIS B 202 6.86 8.90 -4.65
CA HIS B 202 5.80 8.58 -3.68
C HIS B 202 4.65 7.85 -4.36
N ALA B 203 4.39 8.17 -5.63
CA ALA B 203 3.38 7.44 -6.37
C ALA B 203 3.78 5.98 -6.57
N LYS B 204 5.03 5.75 -6.97
CA LYS B 204 5.40 4.39 -7.33
C LYS B 204 5.65 3.49 -6.12
N THR B 205 5.97 4.06 -4.96
CA THR B 205 6.05 3.27 -3.72
C THR B 205 4.67 3.03 -3.10
N SER B 206 3.64 3.76 -3.57
CA SER B 206 2.29 3.75 -3.01
C SER B 206 2.20 4.50 -1.68
N LEU B 207 3.28 5.11 -1.20
CA LEU B 207 3.16 5.97 -0.03
C LEU B 207 2.19 7.13 -0.28
N ALA B 208 2.16 7.63 -1.51
CA ALA B 208 1.19 8.68 -1.87
C ALA B 208 -0.22 8.20 -1.62
N ALA B 209 -0.55 7.01 -2.11
CA ALA B 209 -1.87 6.43 -1.89
C ALA B 209 -2.12 6.16 -0.41
N ARG B 210 -1.11 5.65 0.30
CA ARG B 210 -1.33 5.35 1.71
C ARG B 210 -1.63 6.62 2.51
N MET B 211 -1.04 7.77 2.14
CA MET B 211 -1.28 8.99 2.91
C MET B 211 -2.66 9.57 2.65
N THR B 212 -3.27 9.26 1.51
CA THR B 212 -4.52 9.93 1.12
C THR B 212 -5.74 9.01 1.20
N THR B 213 -5.53 7.72 1.49
CA THR B 213 -6.63 6.76 1.46
C THR B 213 -7.74 7.13 2.43
N ARG B 214 -7.39 7.46 3.68
CA ARG B 214 -8.46 7.69 4.66
C ARG B 214 -9.24 8.97 4.33
N GLY B 215 -8.56 10.02 3.91
CA GLY B 215 -9.25 11.25 3.57
C GLY B 215 -10.26 11.06 2.45
N LEU B 216 -9.86 10.32 1.40
CA LEU B 216 -10.79 10.03 0.31
C LEU B 216 -11.92 9.13 0.78
N THR B 217 -11.56 8.05 1.49
CA THR B 217 -12.51 6.99 1.76
C THR B 217 -13.57 7.43 2.77
N ILE B 218 -13.16 8.12 3.82
CA ILE B 218 -14.12 8.52 4.84
C ILE B 218 -15.20 9.40 4.23
N VAL B 219 -14.78 10.35 3.39
CA VAL B 219 -15.72 11.23 2.70
C VAL B 219 -16.59 10.42 1.73
N ASN B 220 -15.96 9.58 0.89
CA ASN B 220 -16.75 8.80 -0.04
C ASN B 220 -17.77 7.93 0.69
N ASP B 221 -17.32 7.24 1.76
CA ASP B 221 -18.19 6.33 2.48
C ASP B 221 -19.39 7.06 3.07
N PHE B 222 -19.18 8.25 3.62
CA PHE B 222 -20.29 8.94 4.26
C PHE B 222 -21.40 9.22 3.26
N TYR B 223 -21.02 9.77 2.11
CA TYR B 223 -22.01 10.21 1.14
C TYR B 223 -22.50 9.09 0.22
N SER B 224 -21.82 7.93 0.17
CA SER B 224 -22.33 6.82 -0.63
C SER B 224 -22.96 5.72 0.23
N TYR B 225 -23.02 5.92 1.55
CA TYR B 225 -23.54 4.92 2.47
C TYR B 225 -24.96 4.48 2.09
N ASP B 226 -25.86 5.43 1.84
CA ASP B 226 -27.26 5.07 1.60
C ASP B 226 -27.40 4.19 0.36
N ARG B 227 -26.71 4.54 -0.72
CA ARG B 227 -26.77 3.73 -1.92
C ARG B 227 -26.18 2.34 -1.67
N GLU B 228 -25.00 2.31 -1.05
CA GLU B 228 -24.33 1.02 -0.88
C GLU B 228 -25.12 0.09 0.03
N VAL B 229 -25.70 0.61 1.12
CA VAL B 229 -26.49 -0.27 1.99
C VAL B 229 -27.72 -0.81 1.25
N SER B 230 -28.40 0.03 0.46
CA SER B 230 -29.59 -0.46 -0.24
C SER B 230 -29.23 -1.56 -1.23
N LEU B 231 -28.04 -1.52 -1.82
CA LEU B 231 -27.66 -2.48 -2.85
C LEU B 231 -26.67 -3.54 -2.33
N GLY B 232 -26.66 -3.79 -1.01
CA GLY B 232 -25.91 -4.89 -0.44
C GLY B 232 -24.41 -4.80 -0.49
N GLN B 233 -23.85 -3.59 -0.49
CA GLN B 233 -22.41 -3.44 -0.65
C GLN B 233 -21.76 -3.18 0.69
N ILE B 234 -20.73 -3.96 1.01
CA ILE B 234 -20.15 -4.00 2.34
C ILE B 234 -18.99 -3.04 2.51
N THR B 235 -18.50 -2.47 1.42
CA THR B 235 -17.24 -1.73 1.47
C THR B 235 -17.53 -0.27 1.85
N ASN B 236 -17.69 -0.06 3.16
CA ASN B 236 -18.04 1.25 3.72
C ASN B 236 -17.77 1.25 5.21
N CYS B 237 -16.92 2.17 5.69
CA CYS B 237 -16.52 2.10 7.09
C CYS B 237 -17.64 2.42 8.06
N PHE B 238 -18.67 3.16 7.64
CA PHE B 238 -19.74 3.41 8.59
C PHE B 238 -20.60 2.18 8.86
N ARG B 239 -20.42 1.08 8.11
CA ARG B 239 -21.04 -0.19 8.50
C ARG B 239 -20.39 -0.76 9.75
N LEU B 240 -19.21 -0.26 10.14
CA LEU B 240 -18.59 -0.70 11.37
C LEU B 240 -19.25 -0.14 12.63
N CYS B 241 -19.95 0.99 12.55
CA CYS B 241 -20.60 1.53 13.73
C CYS B 241 -22.11 1.42 13.57
N ASP B 242 -22.82 1.57 14.67
CA ASP B 242 -24.27 1.54 14.68
C ASP B 242 -24.75 2.94 14.32
N VAL B 243 -24.96 3.19 13.02
CA VAL B 243 -25.40 4.51 12.61
C VAL B 243 -26.79 4.84 13.16
N SER B 244 -27.57 3.85 13.56
CA SER B 244 -28.88 4.16 14.14
C SER B 244 -28.82 4.52 15.61
N ASP B 245 -27.64 4.81 16.17
CA ASP B 245 -27.52 5.39 17.49
C ASP B 245 -26.62 6.61 17.37
N GLU B 246 -27.19 7.79 17.64
CA GLU B 246 -26.47 9.03 17.40
C GLU B 246 -25.16 9.09 18.19
N THR B 247 -25.19 8.64 19.44
CA THR B 247 -23.99 8.75 20.27
C THR B 247 -22.86 7.88 19.73
N ALA B 248 -23.17 6.63 19.37
CA ALA B 248 -22.15 5.78 18.78
C ALA B 248 -21.69 6.32 17.43
N PHE B 249 -22.63 6.82 16.62
CA PHE B 249 -22.24 7.35 15.32
C PHE B 249 -21.32 8.53 15.48
N LYS B 250 -21.62 9.44 16.42
CA LYS B 250 -20.81 10.64 16.55
C LYS B 250 -19.42 10.32 17.06
N GLU B 251 -19.30 9.38 18.00
CA GLU B 251 -17.99 9.03 18.48
C GLU B 251 -17.16 8.41 17.36
N PHE B 252 -17.79 7.58 16.53
CA PHE B 252 -17.09 6.99 15.38
C PHE B 252 -16.73 8.07 14.36
N PHE B 253 -17.68 8.98 14.09
CA PHE B 253 -17.40 10.04 13.12
C PHE B 253 -16.23 10.90 13.57
N GLN B 254 -16.19 11.24 14.86
CA GLN B 254 -15.07 12.02 15.39
C GLN B 254 -13.76 11.27 15.24
N ALA B 255 -13.77 9.97 15.53
CA ALA B 255 -12.55 9.18 15.33
C ALA B 255 -12.09 9.25 13.87
N ARG B 256 -13.05 9.25 12.93
CA ARG B 256 -12.68 9.32 11.52
C ARG B 256 -12.16 10.71 11.16
N LEU B 257 -12.79 11.78 11.70
CA LEU B 257 -12.22 13.11 11.56
C LEU B 257 -10.80 13.17 12.09
N ASP B 258 -10.57 12.61 13.29
CA ASP B 258 -9.22 12.53 13.84
C ASP B 258 -8.27 11.84 12.86
N ASP B 259 -8.71 10.75 12.23
CA ASP B 259 -7.89 10.09 11.22
C ASP B 259 -7.48 11.07 10.13
N MET B 260 -8.46 11.80 9.60
CA MET B 260 -8.17 12.71 8.51
C MET B 260 -7.19 13.78 8.94
N ILE B 261 -7.40 14.33 10.13
CA ILE B 261 -6.54 15.40 10.61
C ILE B 261 -5.11 14.92 10.75
N GLU B 262 -4.93 13.74 11.35
CA GLU B 262 -3.56 13.28 11.53
C GLU B 262 -2.88 13.05 10.19
N ASP B 263 -3.60 12.50 9.21
CA ASP B 263 -3.02 12.32 7.87
C ASP B 263 -2.64 13.66 7.26
N ILE B 264 -3.56 14.63 7.34
CA ILE B 264 -3.29 15.92 6.71
C ILE B 264 -2.09 16.60 7.34
N GLU B 265 -1.99 16.59 8.67
CA GLU B 265 -0.84 17.22 9.32
C GLU B 265 0.47 16.49 9.00
N CYS B 266 0.43 15.16 8.89
CA CYS B 266 1.63 14.45 8.43
C CYS B 266 1.91 14.72 6.96
N ILE B 267 0.88 14.91 6.13
CA ILE B 267 1.10 15.25 4.74
C ILE B 267 1.85 16.58 4.61
N LYS B 268 1.64 17.50 5.56
CA LYS B 268 2.29 18.79 5.48
C LYS B 268 3.77 18.73 5.82
N ALA B 269 4.33 17.52 6.01
CA ALA B 269 5.78 17.33 6.05
C ALA B 269 6.38 17.03 4.68
N PHE B 270 5.57 16.65 3.70
CA PHE B 270 6.10 16.35 2.37
C PHE B 270 6.55 17.64 1.70
N ASP B 271 7.25 17.50 0.57
CA ASP B 271 7.73 18.67 -0.14
C ASP B 271 6.54 19.43 -0.71
N GLN B 272 6.71 20.75 -0.83
CA GLN B 272 5.56 21.64 -0.99
C GLN B 272 4.71 21.29 -2.21
N LEU B 273 5.32 20.86 -3.30
CA LEU B 273 4.51 20.49 -4.46
C LEU B 273 3.70 19.25 -4.17
N THR B 274 4.34 18.24 -3.56
CA THR B 274 3.65 17.00 -3.23
C THR B 274 2.50 17.23 -2.25
N GLN B 275 2.73 18.03 -1.21
CA GLN B 275 1.65 18.38 -0.28
C GLN B 275 0.45 18.96 -1.02
N ASP B 276 0.70 20.01 -1.81
CA ASP B 276 -0.36 20.63 -2.61
C ASP B 276 -1.23 19.56 -3.26
N VAL B 277 -0.58 18.62 -3.96
CA VAL B 277 -1.32 17.65 -4.76
C VAL B 277 -2.10 16.70 -3.87
N PHE B 278 -1.47 16.20 -2.79
CA PHE B 278 -2.19 15.33 -1.86
C PHE B 278 -3.41 16.04 -1.28
N LEU B 279 -3.25 17.30 -0.87
CA LEU B 279 -4.34 18.00 -0.21
C LEU B 279 -5.44 18.40 -1.19
N ASP B 280 -5.07 18.81 -2.42
CA ASP B 280 -6.09 19.07 -3.43
C ASP B 280 -6.88 17.80 -3.74
N LEU B 281 -6.23 16.64 -3.68
CA LEU B 281 -6.94 15.38 -3.92
C LEU B 281 -8.00 15.16 -2.86
N ILE B 282 -7.61 15.25 -1.58
CA ILE B 282 -8.57 14.96 -0.52
C ILE B 282 -9.67 16.02 -0.47
N TYR B 283 -9.29 17.29 -0.53
CA TYR B 283 -10.27 18.35 -0.39
C TYR B 283 -11.10 18.48 -1.68
N GLY B 284 -10.47 18.35 -2.84
CA GLY B 284 -11.23 18.31 -4.07
C GLY B 284 -12.24 17.18 -4.13
N ASN B 285 -11.88 15.99 -3.64
CA ASN B 285 -12.84 14.91 -3.66
C ASN B 285 -14.06 15.26 -2.82
N PHE B 286 -13.86 15.98 -1.72
CA PHE B 286 -14.97 16.38 -0.87
C PHE B 286 -15.87 17.40 -1.59
N VAL B 287 -15.28 18.36 -2.29
CA VAL B 287 -16.09 19.33 -3.01
C VAL B 287 -16.91 18.64 -4.10
N TRP B 288 -16.25 17.79 -4.89
CA TRP B 288 -16.92 17.03 -5.94
C TRP B 288 -18.02 16.14 -5.36
N THR B 289 -17.71 15.39 -4.30
CA THR B 289 -18.66 14.45 -3.73
C THR B 289 -19.94 15.15 -3.28
N THR B 290 -19.80 16.34 -2.67
CA THR B 290 -20.95 17.00 -2.08
C THR B 290 -21.80 17.75 -3.10
N SER B 291 -21.34 17.88 -4.35
CA SER B 291 -22.12 18.58 -5.37
C SER B 291 -22.58 17.68 -6.51
N ASN B 292 -22.27 16.39 -6.45
CA ASN B 292 -22.51 15.48 -7.56
C ASN B 292 -23.75 14.66 -7.28
N LYS B 293 -24.69 14.63 -8.23
CA LYS B 293 -25.95 13.90 -8.05
C LYS B 293 -25.70 12.43 -7.72
N ARG B 294 -24.57 11.89 -8.15
CA ARG B 294 -24.23 10.50 -7.85
C ARG B 294 -24.36 10.19 -6.37
N TYR B 295 -24.10 11.17 -5.51
CA TYR B 295 -24.10 10.96 -4.07
C TYR B 295 -25.28 11.60 -3.36
N LYS B 296 -26.41 11.80 -4.04
CA LYS B 296 -27.53 12.54 -3.44
C LYS B 296 -28.79 11.72 -3.23
N THR B 297 -29.03 10.66 -4.00
CA THR B 297 -30.09 9.71 -3.69
C THR B 297 -29.58 8.31 -3.98
N ALA B 298 -30.05 7.35 -3.17
CA ALA B 298 -29.52 5.99 -3.19
C ALA B 298 -29.38 5.45 -4.60
N VAL B 299 -30.40 5.62 -5.44
CA VAL B 299 -30.43 5.05 -6.77
C VAL B 299 -31.08 6.06 -7.72
N ASN B 300 -30.26 6.73 -8.51
CA ASN B 300 -30.75 7.60 -9.58
C ASN B 300 -30.07 7.16 -10.88
N ASP B 301 -30.34 7.89 -11.96
CA ASP B 301 -29.81 7.49 -13.27
C ASP B 301 -28.33 7.82 -13.43
N VAL B 302 -27.70 8.37 -12.39
CA VAL B 302 -26.24 8.43 -12.35
C VAL B 302 -25.67 7.77 -11.12
N ASN B 303 -26.20 6.60 -10.71
CA ASN B 303 -25.48 5.70 -9.84
C ASN B 303 -26.09 4.30 -9.77
N SER B 304 -27.14 4.01 -10.52
CA SER B 304 -27.77 2.70 -10.36
C SER B 304 -27.08 1.67 -11.23
N ARG B 305 -26.98 0.44 -10.71
CA ARG B 305 -26.08 -0.55 -11.29
C ARG B 305 -26.39 -0.79 -12.76
N ILE B 306 -25.39 -1.32 -13.48
CA ILE B 306 -25.48 -1.60 -14.91
C ILE B 306 -25.64 -3.12 -15.03
N GLN B 307 -26.72 -3.55 -15.69
CA GLN B 307 -27.64 -4.58 -15.17
C GLN B 307 -27.18 -6.03 -15.23
N ALA B 308 -27.89 -6.89 -14.47
CA ALA B 308 -27.74 -8.33 -14.42
C ALA B 308 -27.98 -9.01 -15.78
N GLY A 14 18.68 4.14 29.90
CA GLY A 14 17.29 4.07 30.32
C GLY A 14 16.38 3.77 29.14
N ARG A 15 16.29 4.70 28.21
CA ARG A 15 15.52 4.49 26.99
C ARG A 15 16.34 3.87 25.88
N SER A 16 17.63 3.71 26.10
CA SER A 16 18.54 3.15 25.10
C SER A 16 18.32 1.67 24.84
N SER A 17 17.58 0.94 25.69
CA SER A 17 17.64 -0.52 25.56
C SER A 17 16.31 -1.17 25.93
N VAL A 18 15.90 -2.16 25.15
CA VAL A 18 14.76 -3.01 25.51
C VAL A 18 15.22 -4.35 26.05
N ARG A 19 16.53 -4.57 26.12
CA ARG A 19 17.10 -5.84 26.56
C ARG A 19 16.63 -6.34 27.92
N PRO A 20 16.28 -5.51 28.90
CA PRO A 20 15.68 -6.06 30.12
C PRO A 20 14.33 -6.72 29.92
N TYR A 21 13.70 -6.56 28.77
CA TYR A 21 12.45 -7.25 28.43
C TYR A 21 12.67 -8.39 27.44
N LEU A 22 13.92 -8.70 27.11
CA LEU A 22 14.20 -9.62 26.02
C LEU A 22 13.50 -10.98 26.22
N GLU A 23 13.66 -11.59 27.39
CA GLU A 23 13.13 -12.94 27.62
C GLU A 23 11.61 -12.97 27.58
N GLU A 24 10.97 -12.11 28.39
CA GLU A 24 9.52 -12.01 28.42
C GLU A 24 8.96 -11.80 27.01
N CYS A 25 9.49 -10.80 26.30
CA CYS A 25 8.93 -10.48 24.99
C CYS A 25 9.15 -11.62 24.00
N THR A 26 10.33 -12.25 24.03
CA THR A 26 10.58 -13.39 23.14
C THR A 26 9.55 -14.49 23.41
N ARG A 27 9.37 -14.85 24.67
CA ARG A 27 8.40 -15.89 25.00
C ARG A 27 6.99 -15.50 24.60
N ARG A 28 6.64 -14.21 24.74
CA ARG A 28 5.29 -13.79 24.39
C ARG A 28 5.04 -13.83 22.88
N PHE A 29 6.01 -13.35 22.09
CA PHE A 29 5.95 -13.53 20.64
C PHE A 29 5.71 -14.99 20.28
N GLN A 30 6.49 -15.90 20.86
CA GLN A 30 6.37 -17.30 20.47
C GLN A 30 5.02 -17.88 20.89
N GLU A 31 4.52 -17.53 22.08
CA GLU A 31 3.21 -18.02 22.49
C GLU A 31 2.14 -17.57 21.51
N MET A 32 2.21 -16.30 21.12
CA MET A 32 1.26 -15.74 20.16
C MET A 32 1.29 -16.54 18.86
N PHE A 33 2.49 -16.81 18.34
CA PHE A 33 2.61 -17.59 17.11
C PHE A 33 2.05 -18.99 17.26
N ASP A 34 2.34 -19.65 18.38
CA ASP A 34 1.91 -21.05 18.50
C ASP A 34 0.41 -21.15 18.58
N ARG A 35 -0.24 -20.15 19.18
CA ARG A 35 -1.67 -20.23 19.34
C ARG A 35 -2.42 -19.74 18.10
N HIS A 36 -1.87 -18.75 17.38
CA HIS A 36 -2.58 -18.14 16.26
C HIS A 36 -2.10 -18.57 14.88
N VAL A 37 -0.78 -18.57 14.62
CA VAL A 37 -0.25 -19.04 13.36
C VAL A 37 -0.29 -20.55 13.27
N VAL A 38 0.01 -21.23 14.37
CA VAL A 38 -0.14 -22.68 14.54
C VAL A 38 0.85 -23.49 13.71
N THR A 39 1.12 -23.10 12.45
CA THR A 39 2.03 -23.87 11.62
C THR A 39 3.45 -23.34 11.68
N ARG A 40 4.44 -24.24 11.64
CA ARG A 40 5.81 -23.84 11.92
C ARG A 40 6.58 -23.51 10.64
N PRO A 41 7.33 -22.42 10.65
CA PRO A 41 8.24 -22.14 9.55
C PRO A 41 9.28 -23.24 9.42
N THR A 42 9.67 -23.50 8.19
CA THR A 42 10.63 -24.56 7.90
C THR A 42 11.72 -23.99 7.00
N LYS A 43 12.97 -24.29 7.33
CA LYS A 43 14.10 -23.63 6.70
C LYS A 43 14.47 -24.32 5.38
N VAL A 44 14.59 -23.55 4.31
CA VAL A 44 15.13 -24.08 3.06
C VAL A 44 16.62 -24.32 3.26
N GLU A 45 17.11 -25.49 2.86
CA GLU A 45 18.55 -25.78 2.91
C GLU A 45 19.09 -25.91 1.50
N LEU A 46 19.96 -24.99 1.11
CA LEU A 46 20.47 -24.90 -0.25
C LEU A 46 21.69 -25.81 -0.41
N THR A 47 21.79 -26.45 -1.57
CA THR A 47 23.03 -27.17 -1.86
C THR A 47 24.19 -26.19 -1.88
N ASP A 48 25.40 -26.70 -1.65
CA ASP A 48 26.57 -25.82 -1.66
C ASP A 48 26.70 -25.07 -2.99
N ALA A 49 26.46 -25.76 -4.11
CA ALA A 49 26.43 -25.09 -5.41
C ALA A 49 25.41 -23.96 -5.43
N GLU A 50 24.21 -24.23 -4.91
CA GLU A 50 23.21 -23.19 -4.77
C GLU A 50 23.76 -22.00 -3.98
N LEU A 51 24.42 -22.28 -2.85
CA LEU A 51 24.74 -21.19 -1.94
C LEU A 51 25.86 -20.31 -2.48
N ARG A 52 26.96 -20.90 -2.94
CA ARG A 52 28.01 -20.05 -3.47
C ARG A 52 27.58 -19.40 -4.78
N GLU A 53 26.62 -20.01 -5.51
CA GLU A 53 26.05 -19.26 -6.64
C GLU A 53 25.38 -17.99 -6.17
N VAL A 54 24.56 -18.07 -5.11
CA VAL A 54 23.89 -16.89 -4.57
C VAL A 54 24.92 -15.86 -4.11
N ILE A 55 25.90 -16.30 -3.31
CA ILE A 55 26.90 -15.39 -2.78
C ILE A 55 27.75 -14.78 -3.91
N ASP A 56 28.05 -15.58 -4.95
CA ASP A 56 28.81 -15.05 -6.09
C ASP A 56 28.07 -13.90 -6.76
N ASP A 57 26.76 -14.05 -6.99
CA ASP A 57 26.00 -12.97 -7.61
C ASP A 57 25.88 -11.75 -6.69
N CYS A 58 25.74 -11.99 -5.38
CA CYS A 58 25.76 -10.90 -4.41
C CYS A 58 27.06 -10.11 -4.48
N ASN A 59 28.20 -10.80 -4.51
CA ASN A 59 29.48 -10.09 -4.53
C ASN A 59 29.66 -9.33 -5.85
N ALA A 60 29.25 -9.92 -6.96
CA ALA A 60 29.33 -9.22 -8.24
C ALA A 60 28.45 -7.98 -8.23
N ALA A 61 27.30 -8.06 -7.57
CA ALA A 61 26.36 -6.94 -7.60
C ALA A 61 26.87 -5.75 -6.80
N VAL A 62 27.51 -6.00 -5.65
CA VAL A 62 27.95 -4.90 -4.80
C VAL A 62 29.40 -4.52 -5.05
N ALA A 63 30.13 -5.29 -5.85
CA ALA A 63 31.50 -4.91 -6.20
C ALA A 63 31.62 -3.46 -6.66
N PRO A 64 30.74 -2.92 -7.51
CA PRO A 64 30.94 -1.52 -7.95
C PRO A 64 30.83 -0.51 -6.83
N LEU A 65 30.21 -0.84 -5.69
CA LEU A 65 30.15 0.06 -4.55
C LEU A 65 31.43 0.06 -3.73
N GLY A 66 32.31 -0.93 -3.90
CA GLY A 66 33.64 -0.86 -3.32
C GLY A 66 33.82 -1.45 -1.94
N LYS A 67 32.80 -2.04 -1.33
CA LYS A 67 32.91 -2.54 0.04
C LYS A 67 32.79 -4.05 0.07
N THR A 68 33.70 -4.70 0.77
CA THR A 68 33.71 -6.15 0.90
C THR A 68 32.69 -6.62 1.92
N VAL A 69 31.91 -7.62 1.53
CA VAL A 69 30.96 -8.26 2.41
C VAL A 69 31.41 -9.70 2.63
N SER A 70 31.57 -10.08 3.89
CA SER A 70 32.02 -11.43 4.23
C SER A 70 30.93 -12.46 4.02
N ASP A 71 31.35 -13.70 3.81
CA ASP A 71 30.41 -14.82 3.69
C ASP A 71 29.41 -14.87 4.83
N GLU A 72 29.88 -14.74 6.09
CA GLU A 72 28.92 -14.90 7.17
C GLU A 72 28.00 -13.68 7.31
N ARG A 73 28.42 -12.51 6.82
CA ARG A 73 27.46 -11.40 6.73
C ARG A 73 26.40 -11.69 5.66
N TRP A 74 26.81 -12.19 4.49
CA TRP A 74 25.83 -12.64 3.51
C TRP A 74 24.87 -13.66 4.12
N ILE A 75 25.41 -14.61 4.90
CA ILE A 75 24.58 -15.65 5.49
C ILE A 75 23.59 -15.06 6.47
N SER A 76 24.05 -14.07 7.25
CA SER A 76 23.12 -13.36 8.12
C SER A 76 21.96 -12.78 7.31
N TYR A 77 22.28 -12.08 6.23
CA TYR A 77 21.23 -11.45 5.43
C TYR A 77 20.30 -12.49 4.81
N VAL A 78 20.86 -13.57 4.25
CA VAL A 78 20.07 -14.50 3.46
C VAL A 78 19.16 -15.36 4.31
N GLY A 79 19.45 -15.49 5.61
CA GLY A 79 18.65 -16.36 6.45
C GLY A 79 17.17 -16.04 6.43
N VAL A 80 16.81 -14.75 6.26
CA VAL A 80 15.38 -14.40 6.26
C VAL A 80 14.67 -15.07 5.08
N VAL A 81 15.34 -15.16 3.92
CA VAL A 81 14.71 -15.82 2.79
C VAL A 81 14.61 -17.32 3.03
N LEU A 82 15.64 -17.90 3.65
CA LEU A 82 15.66 -19.34 3.87
C LEU A 82 14.56 -19.75 4.83
N TRP A 83 14.27 -18.89 5.80
CA TRP A 83 13.32 -19.19 6.88
C TRP A 83 11.91 -18.69 6.64
N SER A 84 11.72 -17.70 5.78
CA SER A 84 10.46 -16.95 5.73
C SER A 84 9.76 -17.04 4.38
N GLN A 85 10.15 -17.96 3.51
CA GLN A 85 9.31 -18.33 2.38
C GLN A 85 8.44 -19.51 2.84
N SER A 86 7.81 -20.22 1.92
CA SER A 86 6.97 -21.37 2.26
C SER A 86 7.37 -22.53 1.37
N PRO A 87 8.35 -23.33 1.81
CA PRO A 87 9.02 -24.26 0.88
C PRO A 87 8.09 -25.28 0.26
N ARG A 88 6.99 -25.66 0.92
CA ARG A 88 6.18 -26.72 0.34
C ARG A 88 5.34 -26.22 -0.83
N HIS A 89 5.27 -24.91 -1.01
CA HIS A 89 4.61 -24.32 -2.15
C HIS A 89 5.57 -23.84 -3.23
N ILE A 90 6.88 -23.97 -3.03
CA ILE A 90 7.85 -23.50 -4.03
C ILE A 90 7.67 -24.27 -5.33
N LYS A 91 7.63 -23.53 -6.45
CA LYS A 91 7.67 -24.13 -7.77
C LYS A 91 8.90 -23.72 -8.57
N ASP A 92 9.34 -22.48 -8.43
CA ASP A 92 10.41 -21.91 -9.25
C ASP A 92 11.58 -21.59 -8.33
N MET A 93 12.55 -22.50 -8.25
CA MET A 93 13.73 -22.27 -7.41
C MET A 93 14.70 -21.24 -8.01
N GLU A 94 14.58 -20.94 -9.30
CA GLU A 94 15.41 -19.85 -9.81
C GLU A 94 14.87 -18.49 -9.33
N ALA A 95 13.55 -18.35 -9.26
CA ALA A 95 12.98 -17.17 -8.60
C ALA A 95 13.39 -17.11 -7.12
N PHE A 96 13.43 -18.26 -6.45
CA PHE A 96 13.89 -18.29 -5.07
C PHE A 96 15.31 -17.75 -4.94
N LYS A 97 16.25 -18.27 -5.75
CA LYS A 97 17.62 -17.77 -5.68
C LYS A 97 17.66 -16.27 -5.97
N ALA A 98 16.82 -15.79 -6.89
CA ALA A 98 16.75 -14.36 -7.15
C ALA A 98 16.36 -13.58 -5.90
N VAL A 99 15.37 -14.07 -5.17
CA VAL A 99 14.97 -13.37 -3.94
C VAL A 99 16.10 -13.41 -2.93
N CYS A 100 16.85 -14.51 -2.88
CA CYS A 100 18.03 -14.56 -2.02
C CYS A 100 18.99 -13.44 -2.36
N VAL A 101 19.34 -13.31 -3.64
CA VAL A 101 20.35 -12.34 -4.06
C VAL A 101 19.84 -10.91 -3.84
N LEU A 102 18.64 -10.62 -4.35
CA LEU A 102 18.08 -9.28 -4.22
C LEU A 102 17.89 -8.88 -2.75
N ASN A 103 17.37 -9.78 -1.92
CA ASN A 103 17.24 -9.47 -0.50
C ASN A 103 18.59 -9.09 0.09
N CYS A 104 19.64 -9.84 -0.25
CA CYS A 104 20.93 -9.63 0.37
C CYS A 104 21.59 -8.33 -0.08
N VAL A 105 21.57 -8.05 -1.39
CA VAL A 105 22.33 -6.89 -1.84
C VAL A 105 21.63 -5.59 -1.42
N THR A 106 20.30 -5.60 -1.29
CA THR A 106 19.62 -4.42 -0.78
C THR A 106 19.72 -4.31 0.73
N PHE A 107 19.98 -5.42 1.41
CA PHE A 107 20.36 -5.36 2.82
C PHE A 107 21.69 -4.61 2.98
N VAL A 108 22.66 -4.88 2.11
CA VAL A 108 23.90 -4.12 2.15
C VAL A 108 23.62 -2.63 2.00
N TRP A 109 22.81 -2.28 1.01
CA TRP A 109 22.39 -0.90 0.79
C TRP A 109 21.78 -0.30 2.06
N ASP A 110 20.94 -1.09 2.76
CA ASP A 110 20.32 -0.65 4.00
C ASP A 110 21.37 -0.29 5.04
N ASP A 111 22.49 -1.03 5.07
CA ASP A 111 23.54 -0.85 6.06
C ASP A 111 24.60 0.18 5.65
N MET A 112 24.51 0.75 4.45
CA MET A 112 25.55 1.65 3.91
C MET A 112 25.27 3.12 4.15
N ASP A 113 26.34 3.91 4.32
CA ASP A 113 26.21 5.37 4.28
C ASP A 113 25.67 5.80 2.91
N PRO A 114 24.82 6.82 2.87
CA PRO A 114 24.28 7.28 1.59
C PRO A 114 25.34 7.70 0.59
N ALA A 115 26.54 8.09 1.05
CA ALA A 115 27.62 8.41 0.11
C ALA A 115 28.04 7.22 -0.72
N LEU A 116 27.91 6.00 -0.19
CA LEU A 116 28.23 4.81 -0.96
C LEU A 116 27.15 4.43 -1.97
N HIS A 117 26.00 5.10 -1.95
CA HIS A 117 24.84 4.71 -2.75
C HIS A 117 24.96 5.21 -4.18
N ASP A 118 25.58 4.41 -5.05
CA ASP A 118 25.75 4.79 -6.45
C ASP A 118 24.66 4.12 -7.28
N PHE A 119 23.67 4.92 -7.68
CA PHE A 119 22.56 4.40 -8.47
C PHE A 119 23.05 3.96 -9.86
N GLY A 120 23.98 4.71 -10.45
CA GLY A 120 24.44 4.38 -11.80
C GLY A 120 25.23 3.08 -11.88
N LEU A 121 25.89 2.70 -10.79
CA LEU A 121 26.62 1.44 -10.76
C LEU A 121 25.77 0.29 -10.23
N PHE A 122 24.87 0.57 -9.28
CA PHE A 122 24.11 -0.50 -8.64
C PHE A 122 22.84 -0.86 -9.39
N LEU A 123 22.12 0.12 -9.95
CA LEU A 123 20.89 -0.23 -10.66
C LEU A 123 21.12 -1.20 -11.81
N PRO A 124 22.15 -1.05 -12.66
CA PRO A 124 22.40 -2.10 -13.68
C PRO A 124 22.64 -3.48 -13.08
N GLN A 125 23.25 -3.55 -11.90
CA GLN A 125 23.46 -4.85 -11.26
C GLN A 125 22.13 -5.50 -10.87
N LEU A 126 21.26 -4.75 -10.20
CA LEU A 126 19.92 -5.27 -9.90
C LEU A 126 19.26 -5.78 -11.16
N ARG A 127 19.21 -4.95 -12.19
CA ARG A 127 18.60 -5.33 -13.46
C ARG A 127 19.20 -6.64 -13.98
N LYS A 128 20.53 -6.76 -13.95
CA LYS A 128 21.17 -7.98 -14.39
C LYS A 128 20.69 -9.18 -13.58
N ILE A 129 20.61 -9.03 -12.25
CA ILE A 129 20.08 -10.11 -11.40
C ILE A 129 18.67 -10.46 -11.83
N CYS A 130 17.81 -9.46 -12.01
CA CYS A 130 16.43 -9.75 -12.37
C CYS A 130 16.35 -10.44 -13.73
N GLU A 131 17.19 -10.03 -14.68
CA GLU A 131 17.20 -10.67 -16.00
C GLU A 131 17.65 -12.12 -15.95
N LYS A 132 18.61 -12.45 -15.08
CA LYS A 132 19.11 -13.82 -15.04
C LYS A 132 18.02 -14.80 -14.62
N TYR A 133 17.34 -14.52 -13.50
CA TYR A 133 16.54 -15.56 -12.82
C TYR A 133 15.05 -15.52 -13.12
N TYR A 134 14.54 -14.42 -13.68
CA TYR A 134 13.13 -14.28 -13.96
C TYR A 134 12.88 -14.28 -15.46
N GLY A 135 11.63 -14.62 -15.84
CA GLY A 135 11.18 -14.43 -17.18
C GLY A 135 11.02 -12.96 -17.51
N PRO A 136 10.61 -12.67 -18.76
CA PRO A 136 10.57 -11.25 -19.19
C PRO A 136 9.54 -10.39 -18.47
N GLU A 137 8.35 -10.87 -18.14
CA GLU A 137 7.49 -9.91 -17.46
C GLU A 137 7.88 -9.78 -16.00
N ASP A 138 8.18 -10.91 -15.35
CA ASP A 138 8.52 -10.89 -13.92
C ASP A 138 9.80 -10.09 -13.64
N ALA A 139 10.79 -10.15 -14.54
CA ALA A 139 12.04 -9.42 -14.28
C ALA A 139 11.78 -7.94 -14.15
N GLU A 140 10.84 -7.41 -14.94
CA GLU A 140 10.60 -5.99 -14.94
C GLU A 140 9.81 -5.57 -13.70
N VAL A 141 8.98 -6.47 -13.18
CA VAL A 141 8.27 -6.20 -11.93
C VAL A 141 9.24 -6.23 -10.76
N ALA A 142 10.09 -7.27 -10.72
CA ALA A 142 11.06 -7.37 -9.64
C ALA A 142 12.02 -6.19 -9.64
N TYR A 143 12.48 -5.77 -10.82
CA TYR A 143 13.44 -4.67 -10.90
C TYR A 143 12.84 -3.36 -10.41
N GLU A 144 11.61 -3.07 -10.82
CA GLU A 144 10.98 -1.83 -10.35
C GLU A 144 10.85 -1.82 -8.84
N ALA A 145 10.41 -2.94 -8.25
CA ALA A 145 10.29 -3.00 -6.80
C ALA A 145 11.65 -2.81 -6.11
N ALA A 146 12.72 -3.43 -6.64
CA ALA A 146 14.05 -3.24 -6.07
C ALA A 146 14.50 -1.79 -6.21
N ARG A 147 14.34 -1.23 -7.40
CA ARG A 147 14.65 0.18 -7.64
C ARG A 147 13.93 1.08 -6.64
N ALA A 148 12.61 0.89 -6.50
CA ALA A 148 11.84 1.73 -5.59
C ALA A 148 12.31 1.57 -4.14
N PHE A 149 12.69 0.35 -3.73
CA PHE A 149 13.18 0.18 -2.37
C PHE A 149 14.47 0.97 -2.13
N VAL A 150 15.51 0.74 -2.94
CA VAL A 150 16.78 1.39 -2.66
C VAL A 150 16.66 2.90 -2.78
N THR A 151 15.83 3.37 -3.71
CA THR A 151 15.59 4.80 -3.82
C THR A 151 14.93 5.35 -2.57
N SER A 152 13.93 4.63 -2.04
CA SER A 152 13.25 5.11 -0.84
C SER A 152 14.20 5.12 0.35
N ASP A 153 14.97 4.03 0.53
CA ASP A 153 15.93 4.02 1.63
C ASP A 153 16.88 5.20 1.54
N HIS A 154 17.37 5.50 0.35
CA HIS A 154 18.27 6.65 0.18
C HIS A 154 17.53 7.94 0.46
N MET A 155 16.39 8.11 -0.20
CA MET A 155 15.58 9.32 -0.15
C MET A 155 15.25 9.73 1.27
N PHE A 156 15.00 8.77 2.15
CA PHE A 156 14.46 9.13 3.46
C PHE A 156 15.53 9.22 4.54
N ARG A 157 16.80 9.03 4.21
CA ARG A 157 17.85 9.40 5.16
C ARG A 157 17.82 10.92 5.31
N ASP A 158 17.50 11.40 6.51
CA ASP A 158 17.47 12.85 6.79
C ASP A 158 16.33 13.58 6.08
N SER A 159 15.24 12.88 5.82
CA SER A 159 14.04 13.59 5.35
C SER A 159 13.09 13.91 6.51
N PRO A 160 12.56 15.14 6.60
CA PRO A 160 11.60 15.41 7.68
C PRO A 160 10.35 14.55 7.57
N ILE A 161 10.09 13.98 6.38
CA ILE A 161 8.91 13.16 6.22
C ILE A 161 9.07 11.86 7.03
N LYS A 162 10.27 11.29 7.00
CA LYS A 162 10.56 10.20 7.93
C LYS A 162 10.31 10.65 9.36
N ALA A 163 10.82 11.83 9.73
CA ALA A 163 10.60 12.33 11.09
C ALA A 163 9.12 12.32 11.45
N ALA A 164 8.28 12.96 10.62
CA ALA A 164 6.86 13.04 10.95
C ALA A 164 6.23 11.65 11.03
N LEU A 165 6.55 10.77 10.08
CA LEU A 165 5.88 9.47 10.06
C LEU A 165 6.39 8.55 11.18
N CYS A 166 7.62 8.73 11.64
CA CYS A 166 8.11 7.89 12.74
C CYS A 166 7.90 8.50 14.11
N THR A 167 7.26 9.65 14.22
CA THR A 167 7.06 10.24 15.54
C THR A 167 5.59 10.47 15.88
N THR A 168 4.67 10.30 14.95
CA THR A 168 3.27 10.67 15.21
C THR A 168 2.49 9.57 15.93
N SER A 169 2.22 8.46 15.25
CA SER A 169 1.40 7.39 15.79
C SER A 169 1.90 6.08 15.21
N PRO A 170 1.52 4.94 15.81
CA PRO A 170 1.83 3.67 15.14
C PRO A 170 1.22 3.62 13.76
N GLU A 171 0.09 4.30 13.56
CA GLU A 171 -0.51 4.42 12.23
C GLU A 171 0.47 4.93 11.21
N GLN A 172 0.91 6.18 11.34
CA GLN A 172 1.80 6.78 10.35
C GLN A 172 3.05 5.94 10.17
N TYR A 173 3.56 5.37 11.27
CA TYR A 173 4.82 4.65 11.22
C TYR A 173 4.69 3.41 10.35
N PHE A 174 3.69 2.58 10.60
CA PHE A 174 3.55 1.34 9.83
C PHE A 174 3.28 1.63 8.36
N ARG A 175 2.59 2.75 8.09
CA ARG A 175 2.38 3.18 6.71
C ARG A 175 3.70 3.41 5.98
N PHE A 176 4.67 4.04 6.65
CA PHE A 176 6.01 4.21 6.08
C PHE A 176 6.69 2.86 5.87
N ARG A 177 6.50 1.93 6.80
CA ARG A 177 7.26 0.67 6.76
C ARG A 177 6.76 -0.31 5.70
N VAL A 178 5.53 -0.13 5.16
CA VAL A 178 5.09 -0.96 4.04
C VAL A 178 6.16 -1.02 2.95
N THR A 179 6.76 0.12 2.63
CA THR A 179 7.87 0.19 1.70
C THR A 179 9.21 0.04 2.43
N ASP A 180 9.40 0.78 3.52
CA ASP A 180 10.74 0.90 4.09
C ASP A 180 11.27 -0.40 4.68
N ILE A 181 10.42 -1.28 5.23
CA ILE A 181 11.00 -2.56 5.66
C ILE A 181 11.12 -3.52 4.49
N GLY A 182 10.87 -3.08 3.26
CA GLY A 182 11.13 -3.90 2.10
C GLY A 182 10.12 -4.98 1.79
N VAL A 183 9.01 -5.05 2.53
CA VAL A 183 8.08 -6.15 2.31
C VAL A 183 7.30 -6.01 1.00
N ASP A 184 6.96 -4.78 0.58
CA ASP A 184 6.32 -4.67 -0.73
C ASP A 184 7.25 -5.20 -1.82
N PHE A 185 8.52 -4.81 -1.76
CA PHE A 185 9.55 -5.35 -2.65
C PHE A 185 9.61 -6.87 -2.56
N TRP A 186 9.61 -7.40 -1.33
CA TRP A 186 9.66 -8.86 -1.13
C TRP A 186 8.53 -9.57 -1.85
N MET A 187 7.28 -9.10 -1.68
CA MET A 187 6.14 -9.75 -2.31
C MET A 187 6.27 -9.74 -3.82
N LYS A 188 6.67 -8.59 -4.39
CA LYS A 188 6.73 -8.43 -5.83
C LYS A 188 7.88 -9.19 -6.47
N MET A 189 8.92 -9.53 -5.70
CA MET A 189 9.94 -10.42 -6.26
C MET A 189 9.72 -11.88 -5.90
N SER A 190 8.81 -12.17 -4.96
CA SER A 190 8.57 -13.54 -4.53
C SER A 190 7.41 -14.22 -5.25
N TYR A 191 6.46 -13.48 -5.82
CA TYR A 191 5.34 -14.19 -6.44
C TYR A 191 5.77 -15.16 -7.54
N PRO A 192 6.85 -14.94 -8.32
CA PRO A 192 7.21 -15.97 -9.31
C PRO A 192 7.69 -17.28 -8.67
N ILE A 193 8.10 -17.26 -7.40
CA ILE A 193 8.47 -18.49 -6.72
C ILE A 193 7.29 -19.47 -6.70
N TYR A 194 6.08 -18.94 -6.58
CA TYR A 194 4.89 -19.76 -6.35
C TYR A 194 4.03 -19.96 -7.59
N ARG A 195 4.01 -19.01 -8.53
CA ARG A 195 3.11 -19.06 -9.70
C ARG A 195 1.69 -19.40 -9.27
N HIS A 196 1.20 -18.70 -8.25
CA HIS A 196 -0.14 -18.88 -7.70
C HIS A 196 -0.96 -17.65 -8.03
N PRO A 197 -1.94 -17.76 -8.91
CA PRO A 197 -2.61 -16.54 -9.44
C PRO A 197 -3.09 -15.56 -8.38
N GLU A 198 -3.73 -16.03 -7.31
CA GLU A 198 -4.26 -15.08 -6.33
C GLU A 198 -3.14 -14.37 -5.60
N PHE A 199 -2.09 -15.12 -5.18
CA PHE A 199 -0.95 -14.49 -4.52
C PHE A 199 -0.31 -13.44 -5.41
N THR A 200 -0.21 -13.72 -6.70
CA THR A 200 0.37 -12.77 -7.63
C THR A 200 -0.42 -11.46 -7.66
N GLU A 201 -1.76 -11.52 -7.71
CA GLU A 201 -2.55 -10.28 -7.62
C GLU A 201 -2.33 -9.56 -6.29
N HIS A 202 -2.39 -10.29 -5.17
CA HIS A 202 -2.24 -9.61 -3.87
C HIS A 202 -0.87 -8.97 -3.75
N ALA A 203 0.15 -9.61 -4.33
CA ALA A 203 1.48 -9.02 -4.38
C ALA A 203 1.48 -7.76 -5.22
N LYS A 204 0.78 -7.79 -6.35
CA LYS A 204 0.83 -6.67 -7.27
C LYS A 204 0.00 -5.47 -6.81
N THR A 205 -1.08 -5.69 -6.06
CA THR A 205 -1.83 -4.60 -5.44
C THR A 205 -1.17 -4.07 -4.17
N SER A 206 -0.16 -4.79 -3.65
CA SER A 206 0.48 -4.51 -2.37
C SER A 206 -0.41 -4.83 -1.18
N LEU A 207 -1.61 -5.39 -1.39
CA LEU A 207 -2.37 -5.89 -0.25
C LEU A 207 -1.55 -6.93 0.53
N ALA A 208 -0.82 -7.80 -0.17
CA ALA A 208 0.05 -8.77 0.51
C ALA A 208 1.02 -8.06 1.46
N ALA A 209 1.67 -7.00 0.98
CA ALA A 209 2.57 -6.27 1.85
C ALA A 209 1.82 -5.60 3.00
N ARG A 210 0.67 -5.00 2.70
CA ARG A 210 -0.05 -4.27 3.75
C ARG A 210 -0.52 -5.21 4.85
N MET A 211 -0.78 -6.48 4.51
CA MET A 211 -1.25 -7.46 5.49
C MET A 211 -0.14 -7.98 6.41
N THR A 212 1.12 -7.93 5.95
CA THR A 212 2.23 -8.55 6.66
C THR A 212 3.17 -7.55 7.32
N THR A 213 2.98 -6.24 7.04
CA THR A 213 3.92 -5.22 7.49
C THR A 213 4.05 -5.19 9.01
N ARG A 214 2.94 -5.17 9.74
CA ARG A 214 3.04 -5.00 11.18
C ARG A 214 3.73 -6.20 11.83
N GLY A 215 3.41 -7.41 11.38
CA GLY A 215 3.99 -8.59 11.98
C GLY A 215 5.49 -8.68 11.78
N LEU A 216 5.95 -8.28 10.59
CA LEU A 216 7.39 -8.21 10.34
C LEU A 216 8.02 -7.07 11.12
N THR A 217 7.39 -5.90 11.10
CA THR A 217 8.04 -4.71 11.65
C THR A 217 8.12 -4.74 13.16
N ILE A 218 7.07 -5.17 13.85
CA ILE A 218 7.08 -5.17 15.31
C ILE A 218 8.20 -6.07 15.80
N VAL A 219 8.36 -7.24 15.17
CA VAL A 219 9.43 -8.17 15.55
C VAL A 219 10.79 -7.56 15.24
N ASN A 220 10.98 -7.06 14.01
CA ASN A 220 12.26 -6.47 13.68
C ASN A 220 12.60 -5.32 14.61
N ASP A 221 11.62 -4.46 14.90
CA ASP A 221 11.87 -3.28 15.74
C ASP A 221 12.26 -3.68 17.16
N PHE A 222 11.63 -4.70 17.71
CA PHE A 222 11.99 -5.06 19.07
C PHE A 222 13.47 -5.46 19.15
N TYR A 223 13.90 -6.34 18.26
CA TYR A 223 15.25 -6.88 18.39
C TYR A 223 16.33 -6.02 17.77
N SER A 224 15.98 -5.02 16.93
CA SER A 224 16.99 -4.12 16.39
C SER A 224 16.99 -2.77 17.10
N TYR A 225 16.16 -2.62 18.14
CA TYR A 225 16.04 -1.35 18.86
C TYR A 225 17.39 -0.88 19.38
N ASP A 226 18.10 -1.74 20.13
CA ASP A 226 19.34 -1.30 20.77
C ASP A 226 20.33 -0.79 19.73
N ARG A 227 20.47 -1.50 18.61
CA ARG A 227 21.36 -1.05 17.54
C ARG A 227 20.91 0.29 16.98
N GLU A 228 19.65 0.38 16.62
CA GLU A 228 19.19 1.57 15.92
C GLU A 228 19.25 2.80 16.82
N VAL A 229 18.85 2.66 18.08
CA VAL A 229 18.87 3.79 19.00
C VAL A 229 20.29 4.29 19.24
N SER A 230 21.23 3.36 19.46
CA SER A 230 22.62 3.74 19.68
C SER A 230 23.15 4.61 18.54
N LEU A 231 22.68 4.38 17.32
CA LEU A 231 23.17 5.04 16.13
C LEU A 231 22.38 6.30 15.79
N GLY A 232 21.33 6.62 16.55
CA GLY A 232 20.44 7.72 16.20
C GLY A 232 19.45 7.41 15.09
N GLN A 233 19.20 6.13 14.78
CA GLN A 233 18.20 5.77 13.78
C GLN A 233 16.80 5.84 14.42
N ILE A 234 15.86 6.47 13.71
CA ILE A 234 14.54 6.75 14.31
C ILE A 234 13.46 5.79 13.83
N THR A 235 13.74 4.93 12.88
CA THR A 235 12.69 4.11 12.27
C THR A 235 12.48 2.84 13.10
N ASN A 236 11.69 3.00 14.17
CA ASN A 236 11.48 1.92 15.14
C ASN A 236 10.29 2.28 16.01
N CYS A 237 9.24 1.45 15.98
CA CYS A 237 8.02 1.83 16.68
C CYS A 237 8.18 1.90 18.20
N PHE A 238 9.16 1.20 18.79
CA PHE A 238 9.29 1.31 20.24
C PHE A 238 9.87 2.65 20.69
N ARG A 239 10.36 3.48 19.75
CA ARG A 239 10.70 4.85 20.10
C ARG A 239 9.46 5.67 20.43
N LEU A 240 8.27 5.12 20.21
CA LEU A 240 7.04 5.83 20.54
C LEU A 240 6.67 5.76 22.02
N CYS A 241 7.37 4.97 22.84
CA CYS A 241 7.21 4.97 24.31
C CYS A 241 8.57 5.14 24.97
N ASP A 242 8.61 5.41 26.30
CA ASP A 242 9.87 5.15 27.01
C ASP A 242 9.85 3.69 27.37
N VAL A 243 10.76 2.97 26.75
CA VAL A 243 11.06 1.64 27.19
C VAL A 243 11.62 1.66 28.61
N SER A 244 12.05 2.82 29.11
CA SER A 244 12.55 2.90 30.49
C SER A 244 11.44 2.91 31.52
N ASP A 245 10.19 2.71 31.10
CA ASP A 245 9.04 2.78 31.98
C ASP A 245 8.31 1.45 31.85
N GLU A 246 8.55 0.55 32.81
CA GLU A 246 8.02 -0.81 32.70
C GLU A 246 6.54 -0.81 32.36
N THR A 247 5.77 0.10 32.98
CA THR A 247 4.33 0.07 32.79
C THR A 247 3.96 0.52 31.39
N ALA A 248 4.53 1.64 30.94
CA ALA A 248 4.26 2.12 29.60
C ALA A 248 4.70 1.11 28.54
N PHE A 249 5.86 0.50 28.72
CA PHE A 249 6.33 -0.48 27.75
C PHE A 249 5.36 -1.64 27.62
N LYS A 250 4.87 -2.16 28.76
CA LYS A 250 4.01 -3.34 28.71
C LYS A 250 2.71 -3.04 27.98
N GLU A 251 2.10 -1.89 28.28
CA GLU A 251 0.90 -1.45 27.57
C GLU A 251 1.14 -1.38 26.07
N PHE A 252 2.27 -0.81 25.66
CA PHE A 252 2.53 -0.62 24.24
C PHE A 252 2.79 -1.97 23.57
N PHE A 253 3.59 -2.80 24.22
CA PHE A 253 3.91 -4.09 23.64
C PHE A 253 2.67 -4.94 23.44
N GLN A 254 1.73 -4.91 24.41
CA GLN A 254 0.49 -5.66 24.24
C GLN A 254 -0.36 -5.11 23.10
N ALA A 255 -0.37 -3.78 22.93
CA ALA A 255 -1.11 -3.22 21.81
C ALA A 255 -0.50 -3.68 20.49
N ARG A 256 0.84 -3.81 20.45
CA ARG A 256 1.50 -4.30 19.23
C ARG A 256 1.20 -5.77 19.02
N LEU A 257 1.20 -6.57 20.09
CA LEU A 257 0.80 -7.97 19.96
C LEU A 257 -0.61 -8.08 19.38
N ASP A 258 -1.54 -7.26 19.87
CA ASP A 258 -2.92 -7.33 19.38
C ASP A 258 -2.99 -7.01 17.90
N ASP A 259 -2.17 -6.07 17.44
CA ASP A 259 -2.14 -5.74 16.01
C ASP A 259 -1.67 -6.94 15.20
N MET A 260 -0.60 -7.59 15.65
CA MET A 260 -0.14 -8.80 14.99
C MET A 260 -1.26 -9.84 14.94
N ILE A 261 -1.95 -10.03 16.06
CA ILE A 261 -3.02 -11.03 16.10
C ILE A 261 -4.13 -10.67 15.14
N GLU A 262 -4.52 -9.39 15.11
CA GLU A 262 -5.61 -8.99 14.22
C GLU A 262 -5.25 -9.26 12.77
N ASP A 263 -4.02 -8.90 12.37
CA ASP A 263 -3.59 -9.17 11.00
C ASP A 263 -3.59 -10.67 10.70
N ILE A 264 -3.10 -11.48 11.63
CA ILE A 264 -2.99 -12.92 11.37
C ILE A 264 -4.37 -13.54 11.22
N GLU A 265 -5.31 -13.16 12.08
CA GLU A 265 -6.64 -13.73 11.97
C GLU A 265 -7.32 -13.35 10.66
N CYS A 266 -7.19 -12.08 10.23
CA CYS A 266 -7.72 -11.68 8.91
C CYS A 266 -6.96 -12.36 7.78
N ILE A 267 -5.65 -12.58 7.93
CA ILE A 267 -4.91 -13.31 6.91
C ILE A 267 -5.52 -14.69 6.67
N LYS A 268 -6.14 -15.28 7.69
CA LYS A 268 -6.79 -16.57 7.51
C LYS A 268 -8.10 -16.50 6.73
N ALA A 269 -8.41 -15.34 6.13
CA ALA A 269 -9.48 -15.24 5.14
C ALA A 269 -8.97 -15.44 3.72
N PHE A 270 -7.67 -15.35 3.51
CA PHE A 270 -7.15 -15.52 2.16
C PHE A 270 -7.16 -17.00 1.81
N ASP A 271 -6.93 -17.30 0.53
CA ASP A 271 -6.87 -18.69 0.10
C ASP A 271 -5.73 -19.40 0.83
N GLN A 272 -5.85 -20.73 0.97
CA GLN A 272 -4.95 -21.43 1.89
C GLN A 272 -3.47 -21.32 1.51
N LEU A 273 -3.16 -21.22 0.22
CA LEU A 273 -1.75 -21.11 -0.14
C LEU A 273 -1.21 -19.72 0.17
N THR A 274 -1.95 -18.68 -0.21
CA THR A 274 -1.56 -17.32 0.13
C THR A 274 -1.42 -17.17 1.64
N GLN A 275 -2.42 -17.66 2.38
CA GLN A 275 -2.35 -17.76 3.83
C GLN A 275 -1.01 -18.29 4.29
N ASP A 276 -0.63 -19.49 3.82
CA ASP A 276 0.60 -20.11 4.25
C ASP A 276 1.80 -19.20 3.99
N VAL A 277 1.84 -18.60 2.79
CA VAL A 277 2.96 -17.73 2.44
C VAL A 277 3.03 -16.52 3.36
N PHE A 278 1.88 -15.87 3.61
CA PHE A 278 1.88 -14.71 4.51
C PHE A 278 2.34 -15.10 5.91
N LEU A 279 1.83 -16.21 6.43
CA LEU A 279 2.11 -16.60 7.81
C LEU A 279 3.53 -17.16 7.97
N ASP A 280 3.99 -17.99 7.03
CA ASP A 280 5.39 -18.41 7.01
C ASP A 280 6.31 -17.20 7.01
N LEU A 281 5.92 -16.12 6.30
CA LEU A 281 6.75 -14.94 6.23
C LEU A 281 6.89 -14.29 7.60
N ILE A 282 5.77 -14.06 8.29
CA ILE A 282 5.81 -13.37 9.58
C ILE A 282 6.50 -14.25 10.64
N TYR A 283 6.11 -15.52 10.69
CA TYR A 283 6.64 -16.42 11.71
C TYR A 283 8.12 -16.76 11.40
N GLY A 284 8.43 -17.00 10.14
CA GLY A 284 9.81 -17.27 9.77
C GLY A 284 10.73 -16.09 10.05
N ASN A 285 10.24 -14.86 9.84
CA ASN A 285 11.06 -13.71 10.17
C ASN A 285 11.36 -13.68 11.67
N PHE A 286 10.39 -14.07 12.50
CA PHE A 286 10.62 -14.15 13.93
C PHE A 286 11.69 -15.20 14.27
N VAL A 287 11.57 -16.38 13.67
CA VAL A 287 12.55 -17.44 13.95
C VAL A 287 13.95 -16.99 13.54
N TRP A 288 14.06 -16.43 12.35
CA TRP A 288 15.35 -15.95 11.86
C TRP A 288 15.92 -14.83 12.74
N THR A 289 15.07 -13.86 13.11
CA THR A 289 15.50 -12.72 13.90
C THR A 289 16.07 -13.16 15.25
N THR A 290 15.47 -14.16 15.90
CA THR A 290 15.91 -14.51 17.25
C THR A 290 17.10 -15.45 17.30
N SER A 291 17.58 -15.96 16.17
CA SER A 291 18.81 -16.76 16.16
C SER A 291 19.86 -16.16 15.26
N ASN A 292 19.81 -14.86 15.02
CA ASN A 292 20.70 -14.16 14.12
C ASN A 292 21.53 -13.17 14.93
N LYS A 293 22.86 -13.31 14.86
CA LYS A 293 23.76 -12.39 15.54
C LYS A 293 23.48 -10.94 15.17
N ARG A 294 22.90 -10.72 13.98
CA ARG A 294 22.52 -9.38 13.59
C ARG A 294 21.64 -8.71 14.64
N TYR A 295 20.83 -9.48 15.35
CA TYR A 295 19.84 -8.93 16.28
C TYR A 295 20.15 -9.26 17.74
N LYS A 296 21.43 -9.36 18.10
CA LYS A 296 21.82 -9.68 19.47
C LYS A 296 22.43 -8.47 20.17
N THR A 297 23.57 -7.97 19.71
CA THR A 297 24.15 -6.74 20.23
C THR A 297 24.06 -5.60 19.21
N ALA A 298 24.28 -4.38 19.70
CA ALA A 298 23.93 -3.19 18.93
C ALA A 298 24.82 -3.01 17.71
N VAL A 299 26.10 -3.41 17.79
CA VAL A 299 27.03 -3.22 16.69
C VAL A 299 28.03 -4.37 16.71
N ASN A 300 28.08 -5.15 15.63
CA ASN A 300 29.00 -6.28 15.53
C ASN A 300 29.38 -6.51 14.08
N ASP A 301 29.97 -7.68 13.80
CA ASP A 301 30.50 -7.93 12.47
C ASP A 301 29.48 -8.46 11.47
N VAL A 302 28.18 -8.41 11.76
CA VAL A 302 27.15 -8.64 10.75
C VAL A 302 26.02 -7.62 10.81
N ASN A 303 26.18 -6.50 11.54
CA ASN A 303 25.19 -5.43 11.49
C ASN A 303 25.82 -4.04 11.57
N SER A 304 27.13 -3.94 11.44
CA SER A 304 27.78 -2.64 11.57
C SER A 304 27.38 -1.74 10.42
N ARG A 305 27.70 -0.47 10.56
CA ARG A 305 27.47 0.48 9.49
C ARG A 305 28.63 0.38 8.48
N ILE A 306 28.31 0.17 7.21
CA ILE A 306 29.34 0.00 6.19
C ILE A 306 29.82 1.39 5.79
N GLN A 307 31.00 1.76 6.28
CA GLN A 307 31.55 3.11 6.08
C GLN A 307 32.26 3.19 4.73
N GLY B 9 -34.94 -9.58 2.65
CA GLY B 9 -35.20 -8.16 2.83
C GLY B 9 -35.16 -7.71 4.26
N ALA B 10 -34.38 -8.40 5.10
CA ALA B 10 -34.15 -7.89 6.44
C ALA B 10 -33.67 -6.45 6.41
N GLN B 11 -34.26 -5.59 7.21
CA GLN B 11 -33.90 -4.18 7.21
C GLN B 11 -34.00 -3.59 8.61
N ASP B 12 -32.83 -3.41 9.24
CA ASP B 12 -32.67 -2.38 10.24
C ASP B 12 -32.73 -1.03 9.51
N ILE B 13 -33.95 -0.51 9.38
CA ILE B 13 -34.16 0.72 8.60
C ILE B 13 -33.47 1.90 9.26
N GLY B 14 -33.56 2.03 10.59
CA GLY B 14 -32.85 3.12 11.25
C GLY B 14 -31.38 3.16 10.89
N ARG B 15 -30.73 2.00 10.89
CA ARG B 15 -29.33 1.84 10.53
C ARG B 15 -29.10 1.95 9.02
N SER B 16 -30.14 2.15 8.22
CA SER B 16 -29.99 2.11 6.77
C SER B 16 -29.60 3.46 6.16
N SER B 17 -29.46 4.52 6.95
CA SER B 17 -29.26 5.84 6.36
C SER B 17 -28.45 6.75 7.27
N VAL B 18 -27.52 7.51 6.70
CA VAL B 18 -26.88 8.58 7.43
C VAL B 18 -27.55 9.92 7.18
N ARG B 19 -28.71 9.91 6.52
CA ARG B 19 -29.44 11.15 6.22
C ARG B 19 -29.67 12.04 7.44
N PRO B 20 -30.05 11.52 8.61
CA PRO B 20 -30.12 12.39 9.80
C PRO B 20 -28.90 13.27 10.01
N TYR B 21 -27.69 12.77 9.77
CA TYR B 21 -26.44 13.45 10.10
C TYR B 21 -25.89 14.27 8.95
N LEU B 22 -26.63 14.37 7.85
CA LEU B 22 -26.10 14.95 6.62
C LEU B 22 -25.59 16.37 6.81
N GLU B 23 -26.42 17.25 7.33
CA GLU B 23 -26.02 18.65 7.44
C GLU B 23 -24.85 18.81 8.41
N GLU B 24 -24.94 18.15 9.56
CA GLU B 24 -23.93 18.33 10.59
C GLU B 24 -22.56 17.78 10.15
N CYS B 25 -22.55 16.58 9.55
CA CYS B 25 -21.27 16.02 9.11
C CYS B 25 -20.66 16.84 7.99
N THR B 26 -21.49 17.32 7.05
CA THR B 26 -20.98 18.16 5.97
C THR B 26 -20.29 19.38 6.53
N ARG B 27 -20.98 20.07 7.43
CA ARG B 27 -20.41 21.22 8.11
C ARG B 27 -19.09 20.88 8.80
N ARG B 28 -19.07 19.74 9.50
CA ARG B 28 -17.87 19.37 10.25
C ARG B 28 -16.71 19.03 9.31
N PHE B 29 -16.99 18.29 8.23
CA PHE B 29 -15.96 18.09 7.20
C PHE B 29 -15.38 19.42 6.72
N GLN B 30 -16.26 20.35 6.33
CA GLN B 30 -15.81 21.63 5.80
C GLN B 30 -14.99 22.39 6.83
N GLU B 31 -15.43 22.38 8.10
CA GLU B 31 -14.67 23.06 9.14
C GLU B 31 -13.29 22.47 9.23
N MET B 32 -13.20 21.14 9.18
CA MET B 32 -11.91 20.47 9.25
C MET B 32 -10.99 20.95 8.14
N PHE B 33 -11.48 20.90 6.89
CA PHE B 33 -10.66 21.36 5.77
C PHE B 33 -10.26 22.81 5.94
N ASP B 34 -11.18 23.67 6.44
CA ASP B 34 -10.88 25.09 6.57
C ASP B 34 -9.73 25.33 7.53
N ARG B 35 -9.71 24.58 8.63
CA ARG B 35 -8.65 24.74 9.62
C ARG B 35 -7.34 24.10 9.18
N HIS B 36 -7.39 22.97 8.49
CA HIS B 36 -6.15 22.24 8.21
C HIS B 36 -5.64 22.40 6.78
N VAL B 37 -6.48 22.32 5.76
CA VAL B 37 -6.05 22.46 4.38
C VAL B 37 -6.09 23.92 3.92
N VAL B 38 -7.19 24.60 4.21
CA VAL B 38 -7.34 26.06 4.18
C VAL B 38 -7.78 26.50 2.80
N THR B 39 -6.90 26.33 1.82
CA THR B 39 -7.17 26.87 0.50
C THR B 39 -8.02 25.89 -0.29
N ARG B 40 -9.08 26.42 -0.91
CA ARG B 40 -9.99 25.63 -1.70
C ARG B 40 -9.22 24.78 -2.71
N PRO B 41 -9.79 23.69 -3.19
CA PRO B 41 -9.29 23.10 -4.43
C PRO B 41 -9.89 23.84 -5.62
N THR B 42 -9.21 23.71 -6.76
CA THR B 42 -9.58 24.44 -7.97
C THR B 42 -10.27 23.45 -8.90
N LYS B 43 -10.78 23.95 -10.03
CA LYS B 43 -11.34 23.10 -11.05
C LYS B 43 -10.55 23.25 -12.35
N VAL B 44 -9.98 22.15 -12.82
CA VAL B 44 -9.38 22.12 -14.16
C VAL B 44 -10.45 22.38 -15.20
N GLU B 45 -10.22 23.34 -16.09
CA GLU B 45 -11.22 23.69 -17.10
C GLU B 45 -10.87 22.99 -18.41
N LEU B 46 -11.83 22.30 -19.00
CA LEU B 46 -11.64 21.66 -20.29
C LEU B 46 -12.51 22.34 -21.34
N THR B 47 -11.95 22.49 -22.53
CA THR B 47 -12.76 22.92 -23.66
C THR B 47 -13.61 21.76 -24.14
N ASP B 48 -14.77 22.08 -24.73
CA ASP B 48 -15.66 21.04 -25.25
C ASP B 48 -14.89 20.01 -26.08
N ALA B 49 -13.83 20.42 -26.77
CA ALA B 49 -13.10 19.48 -27.62
C ALA B 49 -12.21 18.55 -26.81
N GLU B 50 -11.64 19.06 -25.72
CA GLU B 50 -10.97 18.17 -24.78
C GLU B 50 -11.99 17.24 -24.12
N LEU B 51 -13.13 17.81 -23.71
CA LEU B 51 -14.18 16.99 -23.11
C LEU B 51 -14.73 15.98 -24.10
N ARG B 52 -14.85 16.35 -25.38
CA ARG B 52 -15.39 15.39 -26.34
C ARG B 52 -14.31 14.41 -26.77
N GLU B 53 -13.04 14.81 -26.78
CA GLU B 53 -11.98 13.82 -26.96
C GLU B 53 -11.98 12.81 -25.82
N VAL B 54 -12.17 13.28 -24.59
CA VAL B 54 -12.18 12.38 -23.45
C VAL B 54 -13.40 11.46 -23.51
N ILE B 55 -14.58 12.01 -23.83
CA ILE B 55 -15.79 11.21 -23.79
C ILE B 55 -15.87 10.27 -25.00
N ASP B 56 -15.36 10.70 -26.18
CA ASP B 56 -15.19 9.77 -27.29
C ASP B 56 -14.38 8.54 -26.87
N ASP B 57 -13.19 8.73 -26.28
CA ASP B 57 -12.37 7.61 -25.82
C ASP B 57 -13.10 6.80 -24.75
N CYS B 58 -13.84 7.46 -23.87
CA CYS B 58 -14.62 6.74 -22.87
C CYS B 58 -15.64 5.81 -23.50
N ASN B 59 -16.41 6.32 -24.46
CA ASN B 59 -17.40 5.48 -25.12
C ASN B 59 -16.72 4.37 -25.92
N ALA B 60 -15.62 4.69 -26.60
CA ALA B 60 -14.91 3.66 -27.34
C ALA B 60 -14.46 2.54 -26.42
N ALA B 61 -13.94 2.90 -25.24
CA ALA B 61 -13.33 1.93 -24.35
C ALA B 61 -14.36 1.00 -23.72
N VAL B 62 -15.58 1.48 -23.47
CA VAL B 62 -16.59 0.64 -22.87
C VAL B 62 -17.56 0.07 -23.88
N ALA B 63 -17.42 0.44 -25.16
CA ALA B 63 -18.19 -0.19 -26.23
C ALA B 63 -18.16 -1.71 -26.19
N PRO B 64 -17.01 -2.39 -26.14
CA PRO B 64 -17.05 -3.87 -26.18
C PRO B 64 -17.95 -4.50 -25.12
N LEU B 65 -17.98 -3.97 -23.90
CA LEU B 65 -18.83 -4.56 -22.87
C LEU B 65 -20.32 -4.35 -23.15
N GLY B 66 -20.65 -3.46 -24.09
CA GLY B 66 -22.01 -3.34 -24.61
C GLY B 66 -22.97 -2.54 -23.76
N LYS B 67 -22.50 -1.59 -22.98
CA LYS B 67 -23.39 -0.75 -22.18
C LYS B 67 -23.29 0.69 -22.69
N THR B 68 -24.43 1.31 -22.94
CA THR B 68 -24.48 2.72 -23.28
C THR B 68 -24.35 3.55 -22.02
N VAL B 69 -23.51 4.60 -22.06
CA VAL B 69 -23.32 5.49 -20.94
C VAL B 69 -23.62 6.92 -21.40
N SER B 70 -24.52 7.60 -20.71
CA SER B 70 -24.93 8.95 -21.10
C SER B 70 -23.83 9.97 -20.78
N ASP B 71 -23.83 11.07 -21.54
CA ASP B 71 -22.93 12.18 -21.23
C ASP B 71 -23.13 12.65 -19.80
N GLU B 72 -24.38 12.71 -19.33
CA GLU B 72 -24.65 13.07 -17.94
C GLU B 72 -23.89 12.15 -16.99
N ARG B 73 -23.93 10.84 -17.23
CA ARG B 73 -23.23 9.89 -16.37
C ARG B 73 -21.72 10.09 -16.47
N TRP B 74 -21.18 10.20 -17.70
CA TRP B 74 -19.75 10.44 -17.85
C TRP B 74 -19.31 11.67 -17.07
N ILE B 75 -20.07 12.77 -17.20
CA ILE B 75 -19.63 14.02 -16.60
C ILE B 75 -19.68 13.93 -15.08
N SER B 76 -20.57 13.09 -14.55
CA SER B 76 -20.57 12.82 -13.12
C SER B 76 -19.29 12.08 -12.70
N TYR B 77 -18.91 11.03 -13.44
CA TYR B 77 -17.64 10.36 -13.17
C TYR B 77 -16.46 11.31 -13.27
N VAL B 78 -16.44 12.17 -14.29
CA VAL B 78 -15.21 12.88 -14.60
C VAL B 78 -14.93 14.03 -13.65
N GLY B 79 -15.95 14.54 -12.95
CA GLY B 79 -15.75 15.68 -12.08
C GLY B 79 -14.70 15.47 -11.01
N VAL B 80 -14.53 14.23 -10.52
CA VAL B 80 -13.52 14.00 -9.48
C VAL B 80 -12.14 14.35 -10.02
N VAL B 81 -11.87 14.05 -11.29
CA VAL B 81 -10.58 14.43 -11.87
C VAL B 81 -10.49 15.94 -12.02
N LEU B 82 -11.57 16.59 -12.46
CA LEU B 82 -11.54 18.02 -12.68
C LEU B 82 -11.33 18.80 -11.39
N TRP B 83 -11.85 18.28 -10.27
CA TRP B 83 -11.77 18.96 -8.99
C TRP B 83 -10.60 18.55 -8.11
N SER B 84 -10.04 17.37 -8.31
CA SER B 84 -9.14 16.79 -7.30
C SER B 84 -7.71 16.65 -7.79
N GLN B 85 -7.39 17.12 -8.98
CA GLN B 85 -5.99 17.23 -9.38
C GLN B 85 -5.49 18.57 -8.87
N SER B 86 -4.29 18.98 -9.28
CA SER B 86 -3.68 20.20 -8.77
C SER B 86 -3.39 21.09 -9.97
N PRO B 87 -4.35 21.94 -10.38
CA PRO B 87 -4.28 22.56 -11.71
C PRO B 87 -3.05 23.42 -11.94
N ARG B 88 -2.54 24.12 -10.93
CA ARG B 88 -1.41 25.01 -11.20
C ARG B 88 -0.16 24.26 -11.59
N HIS B 89 0.01 23.02 -11.09
CA HIS B 89 1.23 22.25 -11.31
C HIS B 89 1.14 21.32 -12.51
N ILE B 90 0.05 21.38 -13.28
CA ILE B 90 -0.12 20.51 -14.44
C ILE B 90 0.89 20.88 -15.53
N LYS B 91 1.77 19.95 -15.86
CA LYS B 91 2.71 20.12 -16.96
C LYS B 91 2.39 19.27 -18.18
N ASP B 92 1.59 18.20 -18.03
CA ASP B 92 1.30 17.30 -19.14
C ASP B 92 -0.22 17.17 -19.25
N MET B 93 -0.84 17.93 -20.17
CA MET B 93 -2.29 17.87 -20.29
C MET B 93 -2.77 16.61 -21.00
N GLU B 94 -1.91 15.95 -21.76
CA GLU B 94 -2.31 14.66 -22.33
C GLU B 94 -2.42 13.58 -21.26
N ALA B 95 -1.48 13.55 -20.31
CA ALA B 95 -1.63 12.69 -19.15
C ALA B 95 -2.93 12.99 -18.40
N PHE B 96 -3.27 14.27 -18.26
CA PHE B 96 -4.46 14.64 -17.51
C PHE B 96 -5.71 14.08 -18.17
N LYS B 97 -5.76 14.09 -19.50
CA LYS B 97 -6.89 13.51 -20.21
C LYS B 97 -6.93 12.00 -20.07
N ALA B 98 -5.77 11.35 -20.13
CA ALA B 98 -5.73 9.92 -19.84
C ALA B 98 -6.39 9.63 -18.49
N VAL B 99 -6.10 10.44 -17.47
CA VAL B 99 -6.67 10.18 -16.16
C VAL B 99 -8.18 10.39 -16.18
N CYS B 100 -8.65 11.43 -16.89
CA CYS B 100 -10.09 11.58 -17.09
C CYS B 100 -10.70 10.32 -17.67
N VAL B 101 -10.11 9.82 -18.76
CA VAL B 101 -10.69 8.63 -19.39
C VAL B 101 -10.57 7.41 -18.48
N LEU B 102 -9.37 7.15 -17.95
CA LEU B 102 -9.15 5.95 -17.16
C LEU B 102 -10.01 5.94 -15.90
N ASN B 103 -10.08 7.07 -15.19
CA ASN B 103 -11.02 7.22 -14.09
C ASN B 103 -12.44 6.82 -14.50
N CYS B 104 -12.92 7.37 -15.62
CA CYS B 104 -14.33 7.21 -15.97
C CYS B 104 -14.67 5.78 -16.36
N VAL B 105 -13.83 5.14 -17.18
CA VAL B 105 -14.22 3.81 -17.65
C VAL B 105 -14.08 2.78 -16.54
N THR B 106 -13.17 2.98 -15.59
CA THR B 106 -13.11 2.09 -14.44
C THR B 106 -14.20 2.39 -13.42
N PHE B 107 -14.76 3.60 -13.43
CA PHE B 107 -15.97 3.88 -12.65
C PHE B 107 -17.15 3.07 -13.19
N VAL B 108 -17.28 3.01 -14.52
CA VAL B 108 -18.30 2.16 -15.13
C VAL B 108 -18.14 0.72 -14.64
N TRP B 109 -16.89 0.23 -14.66
CA TRP B 109 -16.59 -1.12 -14.20
C TRP B 109 -17.00 -1.32 -12.75
N ASP B 110 -16.76 -0.30 -11.92
CA ASP B 110 -17.15 -0.30 -10.51
C ASP B 110 -18.66 -0.43 -10.34
N ASP B 111 -19.44 0.12 -11.28
CA ASP B 111 -20.90 0.12 -11.17
C ASP B 111 -21.56 -1.09 -11.83
N MET B 112 -20.80 -1.92 -12.55
CA MET B 112 -21.39 -2.99 -13.32
C MET B 112 -21.57 -4.26 -12.50
N ASP B 113 -22.68 -4.96 -12.75
CA ASP B 113 -22.80 -6.35 -12.36
C ASP B 113 -21.53 -7.10 -12.73
N PRO B 114 -21.01 -7.97 -11.87
CA PRO B 114 -19.76 -8.67 -12.21
C PRO B 114 -19.89 -9.68 -13.34
N ALA B 115 -21.06 -9.81 -13.96
CA ALA B 115 -21.17 -10.55 -15.21
C ALA B 115 -20.81 -9.69 -16.41
N LEU B 116 -21.12 -8.40 -16.36
CA LEU B 116 -20.75 -7.53 -17.47
C LEU B 116 -19.25 -7.41 -17.66
N HIS B 117 -18.47 -7.74 -16.64
CA HIS B 117 -17.04 -7.72 -16.72
C HIS B 117 -16.62 -8.72 -17.79
N ASP B 118 -15.77 -8.31 -18.71
CA ASP B 118 -15.13 -9.23 -19.65
C ASP B 118 -13.72 -8.73 -19.88
N PHE B 119 -12.77 -9.33 -19.17
CA PHE B 119 -11.38 -8.89 -19.24
C PHE B 119 -10.84 -9.01 -20.66
N GLY B 120 -11.22 -10.07 -21.37
CA GLY B 120 -10.71 -10.25 -22.72
C GLY B 120 -11.17 -9.16 -23.66
N LEU B 121 -12.26 -8.49 -23.34
CA LEU B 121 -12.73 -7.40 -24.18
C LEU B 121 -12.30 -6.04 -23.64
N PHE B 122 -12.21 -5.90 -22.32
CA PHE B 122 -11.97 -4.58 -21.75
C PHE B 122 -10.48 -4.28 -21.55
N LEU B 123 -9.69 -5.26 -21.11
CA LEU B 123 -8.26 -4.99 -20.92
C LEU B 123 -7.59 -4.46 -22.20
N PRO B 124 -7.87 -4.99 -23.40
CA PRO B 124 -7.27 -4.38 -24.61
C PRO B 124 -7.67 -2.92 -24.83
N GLN B 125 -8.88 -2.51 -24.43
CA GLN B 125 -9.27 -1.11 -24.52
C GLN B 125 -8.45 -0.25 -23.55
N LEU B 126 -8.23 -0.75 -22.33
CA LEU B 126 -7.43 0.01 -21.37
C LEU B 126 -6.00 0.18 -21.86
N ARG B 127 -5.48 -0.82 -22.56
CA ARG B 127 -4.14 -0.73 -23.12
C ARG B 127 -4.09 0.30 -24.25
N LYS B 128 -5.15 0.37 -25.07
CA LYS B 128 -5.15 1.34 -26.16
C LYS B 128 -5.30 2.76 -25.65
N ILE B 129 -5.97 2.93 -24.51
CA ILE B 129 -6.02 4.24 -23.86
C ILE B 129 -4.62 4.65 -23.40
N CYS B 130 -3.98 3.76 -22.62
CA CYS B 130 -2.67 4.11 -22.06
C CYS B 130 -1.64 4.32 -23.14
N GLU B 131 -1.67 3.50 -24.20
CA GLU B 131 -0.70 3.65 -25.27
C GLU B 131 -0.94 4.91 -26.09
N LYS B 132 -2.13 5.52 -26.01
CA LYS B 132 -2.43 6.71 -26.82
C LYS B 132 -2.02 8.00 -26.10
N TYR B 133 -2.15 8.05 -24.78
CA TYR B 133 -1.99 9.31 -24.04
C TYR B 133 -0.65 9.46 -23.33
N TYR B 134 0.09 8.37 -23.07
CA TYR B 134 1.34 8.44 -22.32
C TYR B 134 2.54 8.11 -23.20
N GLY B 135 3.71 8.57 -22.78
CA GLY B 135 4.99 8.02 -23.22
C GLY B 135 5.05 6.54 -22.93
N PRO B 136 6.12 5.86 -23.37
CA PRO B 136 6.08 4.38 -23.33
C PRO B 136 6.19 3.75 -21.94
N GLU B 137 7.09 4.24 -21.06
CA GLU B 137 7.16 3.68 -19.71
C GLU B 137 6.16 4.38 -18.77
N ASP B 138 5.46 5.41 -19.25
CA ASP B 138 4.31 5.88 -18.50
C ASP B 138 3.09 5.03 -18.78
N ALA B 139 2.90 4.66 -20.04
CA ALA B 139 1.81 3.76 -20.40
C ALA B 139 1.94 2.41 -19.69
N GLU B 140 3.18 1.94 -19.49
CA GLU B 140 3.37 0.68 -18.78
C GLU B 140 2.84 0.76 -17.34
N VAL B 141 3.27 1.78 -16.59
CA VAL B 141 2.81 1.97 -15.22
C VAL B 141 1.29 2.13 -15.16
N ALA B 142 0.74 3.03 -15.97
CA ALA B 142 -0.69 3.32 -15.88
C ALA B 142 -1.51 2.09 -16.25
N TYR B 143 -1.09 1.35 -17.27
CA TYR B 143 -1.83 0.14 -17.62
C TYR B 143 -1.82 -0.87 -16.46
N GLU B 144 -0.66 -1.13 -15.86
CA GLU B 144 -0.61 -2.10 -14.77
C GLU B 144 -1.52 -1.70 -13.62
N ALA B 145 -1.52 -0.43 -13.26
CA ALA B 145 -2.38 0.02 -12.17
C ALA B 145 -3.86 -0.13 -12.53
N ALA B 146 -4.24 0.23 -13.77
CA ALA B 146 -5.63 0.09 -14.18
C ALA B 146 -6.04 -1.38 -14.18
N ARG B 147 -5.19 -2.24 -14.74
CA ARG B 147 -5.43 -3.68 -14.71
C ARG B 147 -5.56 -4.19 -13.28
N ALA B 148 -4.63 -3.81 -12.41
CA ALA B 148 -4.70 -4.27 -11.03
C ALA B 148 -5.97 -3.77 -10.36
N PHE B 149 -6.44 -2.56 -10.69
CA PHE B 149 -7.68 -2.09 -10.08
C PHE B 149 -8.88 -2.87 -10.58
N VAL B 150 -9.04 -3.01 -11.90
CA VAL B 150 -10.25 -3.69 -12.38
C VAL B 150 -10.24 -5.16 -11.97
N THR B 151 -9.07 -5.77 -11.93
CA THR B 151 -8.98 -7.15 -11.45
C THR B 151 -9.37 -7.25 -9.98
N SER B 152 -8.92 -6.31 -9.15
CA SER B 152 -9.30 -6.28 -7.74
C SER B 152 -10.80 -6.09 -7.57
N ASP B 153 -11.39 -5.11 -8.26
CA ASP B 153 -12.82 -4.89 -8.10
C ASP B 153 -13.59 -6.17 -8.45
N HIS B 154 -13.17 -6.86 -9.51
CA HIS B 154 -13.81 -8.11 -9.88
C HIS B 154 -13.53 -9.21 -8.88
N MET B 155 -12.24 -9.45 -8.57
CA MET B 155 -11.85 -10.56 -7.70
C MET B 155 -12.56 -10.50 -6.35
N PHE B 156 -12.83 -9.31 -5.84
CA PHE B 156 -13.40 -9.21 -4.51
C PHE B 156 -14.92 -9.09 -4.49
N ARG B 157 -15.59 -9.18 -5.63
CA ARG B 157 -16.98 -8.72 -5.78
C ARG B 157 -17.92 -9.20 -4.68
N ASP B 158 -17.80 -10.48 -4.32
CA ASP B 158 -18.67 -11.15 -3.33
C ASP B 158 -17.87 -12.06 -2.40
N SER B 159 -16.56 -11.77 -2.23
CA SER B 159 -15.42 -12.50 -1.67
C SER B 159 -15.47 -12.56 -0.14
N PRO B 160 -15.08 -13.68 0.48
CA PRO B 160 -14.95 -13.68 1.95
C PRO B 160 -13.76 -12.87 2.44
N ILE B 161 -12.74 -12.64 1.61
CA ILE B 161 -11.65 -11.77 2.01
C ILE B 161 -12.17 -10.35 2.25
N LYS B 162 -12.87 -9.81 1.27
CA LYS B 162 -13.46 -8.48 1.45
C LYS B 162 -14.35 -8.45 2.69
N ALA B 163 -15.08 -9.54 2.95
CA ALA B 163 -15.88 -9.63 4.15
C ALA B 163 -15.02 -9.47 5.39
N ALA B 164 -13.89 -10.19 5.48
CA ALA B 164 -13.07 -10.09 6.68
C ALA B 164 -12.50 -8.67 6.84
N LEU B 165 -11.97 -8.10 5.75
CA LEU B 165 -11.30 -6.81 5.86
C LEU B 165 -12.29 -5.67 6.12
N CYS B 166 -13.55 -5.84 5.74
CA CYS B 166 -14.55 -4.78 5.88
C CYS B 166 -15.44 -4.93 7.10
N THR B 167 -15.31 -6.02 7.87
CA THR B 167 -16.14 -6.20 9.04
C THR B 167 -15.34 -6.36 10.33
N THR B 168 -14.03 -6.09 10.32
CA THR B 168 -13.20 -6.34 11.51
C THR B 168 -12.79 -5.05 12.22
N SER B 169 -12.13 -4.12 11.52
CA SER B 169 -11.65 -2.92 12.17
C SER B 169 -11.45 -1.83 11.11
N PRO B 170 -11.48 -0.55 11.50
CA PRO B 170 -11.18 0.50 10.51
C PRO B 170 -9.79 0.32 9.91
N GLU B 171 -8.85 -0.19 10.69
CA GLU B 171 -7.50 -0.43 10.19
C GLU B 171 -7.46 -1.54 9.14
N GLN B 172 -8.26 -2.61 9.30
CA GLN B 172 -8.33 -3.59 8.21
C GLN B 172 -8.98 -2.98 6.98
N TYR B 173 -10.06 -2.25 7.23
CA TYR B 173 -10.85 -1.72 6.13
C TYR B 173 -10.03 -0.76 5.26
N PHE B 174 -9.33 0.20 5.88
CA PHE B 174 -8.60 1.18 5.09
C PHE B 174 -7.45 0.54 4.34
N ARG B 175 -6.91 -0.55 4.90
CA ARG B 175 -5.93 -1.33 4.17
C ARG B 175 -6.49 -1.87 2.86
N PHE B 176 -7.72 -2.38 2.89
CA PHE B 176 -8.38 -2.83 1.66
C PHE B 176 -8.57 -1.67 0.68
N ARG B 177 -8.90 -0.49 1.19
CA ARG B 177 -9.29 0.61 0.32
C ARG B 177 -8.11 1.29 -0.36
N VAL B 178 -6.89 1.08 0.12
CA VAL B 178 -5.73 1.64 -0.60
C VAL B 178 -5.82 1.28 -2.07
N THR B 179 -6.20 0.04 -2.38
CA THR B 179 -6.43 -0.42 -3.73
C THR B 179 -7.87 -0.19 -4.18
N ASP B 180 -8.83 -0.61 -3.37
CA ASP B 180 -10.21 -0.70 -3.83
C ASP B 180 -10.82 0.67 -4.11
N ILE B 181 -10.44 1.71 -3.37
CA ILE B 181 -10.98 3.02 -3.73
C ILE B 181 -10.29 3.60 -4.94
N GLY B 182 -9.31 2.91 -5.53
CA GLY B 182 -8.70 3.38 -6.76
C GLY B 182 -7.60 4.41 -6.58
N VAL B 183 -7.24 4.77 -5.35
CA VAL B 183 -6.28 5.86 -5.17
C VAL B 183 -4.86 5.44 -5.55
N ASP B 184 -4.47 4.18 -5.31
CA ASP B 184 -3.14 3.79 -5.77
C ASP B 184 -3.06 3.90 -7.29
N PHE B 185 -4.09 3.43 -7.97
CA PHE B 185 -4.22 3.57 -9.42
C PHE B 185 -4.14 5.04 -9.81
N TRP B 186 -4.95 5.88 -9.17
CA TRP B 186 -4.94 7.32 -9.38
C TRP B 186 -3.53 7.89 -9.35
N MET B 187 -2.75 7.57 -8.31
CA MET B 187 -1.43 8.16 -8.20
C MET B 187 -0.54 7.68 -9.34
N LYS B 188 -0.61 6.37 -9.66
CA LYS B 188 0.30 5.81 -10.65
C LYS B 188 -0.08 6.23 -12.07
N MET B 189 -1.28 6.78 -12.28
CA MET B 189 -1.58 7.36 -13.60
C MET B 189 -1.50 8.89 -13.62
N SER B 190 -1.47 9.53 -12.45
CA SER B 190 -1.42 10.99 -12.36
C SER B 190 0.00 11.57 -12.29
N TYR B 191 1.02 10.79 -11.89
CA TYR B 191 2.34 11.40 -11.76
C TYR B 191 2.86 11.98 -13.07
N PRO B 192 2.59 11.42 -14.26
CA PRO B 192 3.04 12.09 -15.48
C PRO B 192 2.41 13.49 -15.66
N ILE B 193 1.31 13.79 -14.99
CA ILE B 193 0.73 15.13 -15.11
C ILE B 193 1.69 16.19 -14.61
N TYR B 194 2.46 15.87 -13.57
CA TYR B 194 3.24 16.84 -12.82
C TYR B 194 4.74 16.79 -13.13
N ARG B 195 5.27 15.61 -13.50
CA ARG B 195 6.70 15.41 -13.75
C ARG B 195 7.54 16.02 -12.62
N HIS B 196 7.15 15.68 -11.40
CA HIS B 196 7.80 16.17 -10.19
C HIS B 196 8.49 14.99 -9.51
N PRO B 197 9.80 15.04 -9.30
CA PRO B 197 10.54 13.80 -8.99
C PRO B 197 10.08 13.11 -7.72
N GLU B 198 9.93 13.84 -6.61
CA GLU B 198 9.44 13.21 -5.39
C GLU B 198 8.03 12.65 -5.57
N PHE B 199 7.15 13.40 -6.24
CA PHE B 199 5.78 12.91 -6.39
C PHE B 199 5.76 11.59 -7.14
N THR B 200 6.54 11.49 -8.21
CA THR B 200 6.62 10.25 -8.96
C THR B 200 7.12 9.10 -8.08
N GLU B 201 8.09 9.36 -7.21
CA GLU B 201 8.56 8.27 -6.35
C GLU B 201 7.52 7.89 -5.30
N HIS B 202 6.89 8.89 -4.65
CA HIS B 202 5.84 8.57 -3.69
C HIS B 202 4.67 7.85 -4.36
N ALA B 203 4.43 8.16 -5.63
CA ALA B 203 3.40 7.45 -6.38
C ALA B 203 3.79 5.98 -6.57
N LYS B 204 5.03 5.73 -6.99
CA LYS B 204 5.40 4.36 -7.33
C LYS B 204 5.64 3.49 -6.11
N THR B 205 5.99 4.05 -4.95
CA THR B 205 6.05 3.27 -3.72
C THR B 205 4.67 3.04 -3.11
N SER B 206 3.65 3.77 -3.58
CA SER B 206 2.30 3.77 -3.01
C SER B 206 2.21 4.50 -1.68
N LEU B 207 3.30 5.10 -1.19
CA LEU B 207 3.18 5.96 -0.02
C LEU B 207 2.20 7.11 -0.28
N ALA B 208 2.17 7.62 -1.50
CA ALA B 208 1.21 8.67 -1.85
C ALA B 208 -0.21 8.19 -1.62
N ALA B 209 -0.54 7.00 -2.10
CA ALA B 209 -1.85 6.42 -1.88
C ALA B 209 -2.11 6.17 -0.40
N ARG B 210 -1.11 5.65 0.32
CA ARG B 210 -1.34 5.35 1.72
C ARG B 210 -1.60 6.63 2.52
N MET B 211 -1.03 7.77 2.11
CA MET B 211 -1.27 9.00 2.86
C MET B 211 -2.69 9.54 2.64
N THR B 212 -3.28 9.26 1.49
CA THR B 212 -4.52 9.93 1.09
C THR B 212 -5.74 9.03 1.18
N THR B 213 -5.54 7.74 1.47
CA THR B 213 -6.64 6.78 1.44
C THR B 213 -7.74 7.13 2.42
N ARG B 214 -7.39 7.45 3.67
CA ARG B 214 -8.45 7.69 4.65
C ARG B 214 -9.24 8.95 4.32
N GLY B 215 -8.55 10.01 3.91
CA GLY B 215 -9.25 11.25 3.59
C GLY B 215 -10.24 11.07 2.46
N LEU B 216 -9.85 10.34 1.41
CA LEU B 216 -10.78 10.04 0.32
C LEU B 216 -11.90 9.12 0.77
N THR B 217 -11.55 8.06 1.49
CA THR B 217 -12.51 6.99 1.76
C THR B 217 -13.57 7.43 2.77
N ILE B 218 -13.16 8.13 3.83
CA ILE B 218 -14.12 8.52 4.85
C ILE B 218 -15.19 9.42 4.23
N VAL B 219 -14.76 10.35 3.38
CA VAL B 219 -15.71 11.23 2.69
C VAL B 219 -16.57 10.43 1.72
N ASN B 220 -15.95 9.60 0.87
CA ASN B 220 -16.75 8.81 -0.05
C ASN B 220 -17.75 7.95 0.70
N ASP B 221 -17.30 7.28 1.77
CA ASP B 221 -18.17 6.36 2.49
C ASP B 221 -19.37 7.08 3.08
N PHE B 222 -19.16 8.28 3.63
CA PHE B 222 -20.28 8.95 4.28
C PHE B 222 -21.38 9.24 3.26
N TYR B 223 -21.00 9.79 2.12
CA TYR B 223 -21.97 10.23 1.14
C TYR B 223 -22.46 9.12 0.21
N SER B 224 -21.79 7.95 0.18
CA SER B 224 -22.30 6.84 -0.63
C SER B 224 -22.93 5.76 0.24
N TYR B 225 -23.01 5.97 1.55
CA TYR B 225 -23.55 4.98 2.47
C TYR B 225 -24.96 4.53 2.07
N ASP B 226 -25.87 5.48 1.85
CA ASP B 226 -27.26 5.10 1.61
C ASP B 226 -27.39 4.23 0.37
N ARG B 227 -26.68 4.57 -0.70
CA ARG B 227 -26.71 3.74 -1.90
C ARG B 227 -26.16 2.36 -1.62
N GLU B 228 -24.99 2.30 -0.98
CA GLU B 228 -24.33 1.01 -0.82
C GLU B 228 -25.11 0.07 0.09
N VAL B 229 -25.75 0.61 1.14
CA VAL B 229 -26.59 -0.28 1.96
C VAL B 229 -27.77 -0.79 1.14
N SER B 230 -28.38 0.05 0.30
CA SER B 230 -29.49 -0.42 -0.52
C SER B 230 -29.03 -1.52 -1.48
N LEU B 231 -27.84 -1.39 -2.05
CA LEU B 231 -27.33 -2.33 -3.03
C LEU B 231 -26.59 -3.52 -2.42
N GLY B 232 -26.59 -3.63 -1.08
CA GLY B 232 -25.95 -4.75 -0.42
C GLY B 232 -24.44 -4.71 -0.41
N GLN B 233 -23.84 -3.55 -0.64
CA GLN B 233 -22.40 -3.43 -0.70
C GLN B 233 -21.85 -3.14 0.70
N ILE B 234 -20.83 -3.92 1.10
CA ILE B 234 -20.32 -3.85 2.46
C ILE B 234 -19.06 -3.01 2.57
N THR B 235 -18.54 -2.49 1.46
CA THR B 235 -17.26 -1.77 1.50
C THR B 235 -17.54 -0.30 1.87
N ASN B 236 -17.70 -0.08 3.18
CA ASN B 236 -18.03 1.24 3.72
C ASN B 236 -17.77 1.26 5.22
N CYS B 237 -16.91 2.16 5.69
CA CYS B 237 -16.50 2.11 7.08
C CYS B 237 -17.63 2.41 8.06
N PHE B 238 -18.65 3.16 7.64
CA PHE B 238 -19.73 3.42 8.59
C PHE B 238 -20.60 2.19 8.85
N ARG B 239 -20.41 1.07 8.14
CA ARG B 239 -21.05 -0.17 8.53
C ARG B 239 -20.40 -0.77 9.79
N LEU B 240 -19.25 -0.24 10.21
CA LEU B 240 -18.60 -0.71 11.41
C LEU B 240 -19.15 -0.10 12.69
N CYS B 241 -19.89 1.00 12.62
CA CYS B 241 -20.50 1.58 13.81
C CYS B 241 -22.01 1.51 13.65
N ASP B 242 -22.72 1.63 14.76
CA ASP B 242 -24.17 1.60 14.65
C ASP B 242 -24.67 2.99 14.34
N VAL B 243 -24.90 3.24 13.05
CA VAL B 243 -25.38 4.53 12.62
C VAL B 243 -26.72 4.91 13.24
N SER B 244 -27.58 3.94 13.58
CA SER B 244 -28.88 4.30 14.18
C SER B 244 -28.76 4.77 15.62
N ASP B 245 -27.58 4.66 16.22
CA ASP B 245 -27.29 5.08 17.58
C ASP B 245 -26.54 6.41 17.47
N GLU B 246 -27.25 7.52 17.70
CA GLU B 246 -26.68 8.84 17.43
C GLU B 246 -25.37 9.04 18.18
N THR B 247 -25.33 8.59 19.43
CA THR B 247 -24.12 8.79 20.24
C THR B 247 -22.98 7.91 19.73
N ALA B 248 -23.28 6.67 19.36
CA ALA B 248 -22.25 5.79 18.79
C ALA B 248 -21.74 6.34 17.47
N PHE B 249 -22.67 6.81 16.62
CA PHE B 249 -22.27 7.34 15.33
C PHE B 249 -21.32 8.51 15.49
N LYS B 250 -21.64 9.41 16.42
CA LYS B 250 -20.82 10.62 16.55
C LYS B 250 -19.44 10.30 17.08
N GLU B 251 -19.34 9.33 17.98
CA GLU B 251 -18.04 8.92 18.47
C GLU B 251 -17.19 8.35 17.34
N PHE B 252 -17.80 7.52 16.49
CA PHE B 252 -17.09 6.96 15.35
C PHE B 252 -16.72 8.05 14.35
N PHE B 253 -17.66 8.96 14.08
CA PHE B 253 -17.38 10.02 13.10
C PHE B 253 -16.22 10.89 13.56
N GLN B 254 -16.20 11.24 14.85
CA GLN B 254 -15.08 12.02 15.37
C GLN B 254 -13.76 11.25 15.25
N ALA B 255 -13.79 9.95 15.54
CA ALA B 255 -12.57 9.16 15.34
C ALA B 255 -12.09 9.25 13.89
N ARG B 256 -13.04 9.27 12.94
CA ARG B 256 -12.64 9.34 11.54
C ARG B 256 -12.12 10.74 11.17
N LEU B 257 -12.75 11.81 11.71
CA LEU B 257 -12.18 13.15 11.57
C LEU B 257 -10.76 13.20 12.11
N ASP B 258 -10.54 12.66 13.32
CA ASP B 258 -9.20 12.60 13.89
C ASP B 258 -8.24 11.92 12.93
N ASP B 259 -8.68 10.84 12.28
CA ASP B 259 -7.83 10.15 11.30
C ASP B 259 -7.46 11.08 10.13
N MET B 260 -8.46 11.80 9.61
CA MET B 260 -8.19 12.69 8.50
C MET B 260 -7.20 13.78 8.90
N ILE B 261 -7.37 14.31 10.10
CA ILE B 261 -6.53 15.39 10.59
C ILE B 261 -5.09 14.90 10.77
N GLU B 262 -4.94 13.71 11.33
CA GLU B 262 -3.60 13.13 11.49
C GLU B 262 -2.89 13.01 10.13
N ASP B 263 -3.59 12.49 9.12
CA ASP B 263 -2.99 12.32 7.80
C ASP B 263 -2.62 13.67 7.19
N ILE B 264 -3.54 14.62 7.25
CA ILE B 264 -3.29 15.90 6.62
C ILE B 264 -2.07 16.59 7.24
N GLU B 265 -1.94 16.52 8.57
CA GLU B 265 -0.80 17.17 9.21
C GLU B 265 0.52 16.44 8.93
N CYS B 266 0.49 15.10 8.80
CA CYS B 266 1.67 14.42 8.29
C CYS B 266 1.94 14.75 6.83
N ILE B 267 0.89 14.97 6.04
CA ILE B 267 1.10 15.34 4.64
C ILE B 267 1.88 16.65 4.55
N LYS B 268 1.77 17.52 5.56
CA LYS B 268 2.48 18.80 5.57
C LYS B 268 4.00 18.66 5.70
N ALA B 269 4.50 17.46 6.04
CA ALA B 269 5.94 17.20 6.03
C ALA B 269 6.48 16.95 4.63
N PHE B 270 5.64 16.61 3.66
CA PHE B 270 6.13 16.34 2.32
C PHE B 270 6.55 17.67 1.67
N ASP B 271 7.25 17.57 0.54
CA ASP B 271 7.72 18.75 -0.16
C ASP B 271 6.50 19.54 -0.62
N GLN B 272 6.70 20.84 -0.82
CA GLN B 272 5.57 21.75 -1.03
C GLN B 272 4.68 21.30 -2.18
N LEU B 273 5.25 20.89 -3.31
CA LEU B 273 4.41 20.53 -4.46
C LEU B 273 3.64 19.25 -4.18
N THR B 274 4.33 18.19 -3.75
CA THR B 274 3.65 16.97 -3.35
C THR B 274 2.56 17.27 -2.31
N GLN B 275 2.86 18.15 -1.35
CA GLN B 275 1.90 18.59 -0.35
C GLN B 275 0.62 19.10 -1.00
N ASP B 276 0.72 20.12 -1.84
CA ASP B 276 -0.47 20.68 -2.50
C ASP B 276 -1.25 19.58 -3.21
N VAL B 277 -0.55 18.70 -3.92
CA VAL B 277 -1.23 17.68 -4.73
C VAL B 277 -2.05 16.75 -3.85
N PHE B 278 -1.45 16.22 -2.79
CA PHE B 278 -2.19 15.35 -1.87
C PHE B 278 -3.41 16.06 -1.30
N LEU B 279 -3.24 17.31 -0.86
CA LEU B 279 -4.33 18.00 -0.17
C LEU B 279 -5.43 18.41 -1.14
N ASP B 280 -5.07 18.78 -2.37
CA ASP B 280 -6.08 19.08 -3.37
C ASP B 280 -6.88 17.83 -3.70
N LEU B 281 -6.23 16.66 -3.68
CA LEU B 281 -6.93 15.42 -3.92
C LEU B 281 -8.00 15.17 -2.85
N ILE B 282 -7.62 15.26 -1.57
CA ILE B 282 -8.57 14.98 -0.51
C ILE B 282 -9.67 16.03 -0.47
N TYR B 283 -9.28 17.30 -0.54
CA TYR B 283 -10.28 18.36 -0.39
C TYR B 283 -11.13 18.48 -1.67
N GLY B 284 -10.50 18.33 -2.83
CA GLY B 284 -11.27 18.31 -4.08
C GLY B 284 -12.27 17.17 -4.14
N ASN B 285 -11.89 15.99 -3.67
CA ASN B 285 -12.85 14.89 -3.67
C ASN B 285 -14.06 15.25 -2.82
N PHE B 286 -13.85 15.98 -1.73
CA PHE B 286 -14.97 16.37 -0.88
C PHE B 286 -15.88 17.39 -1.59
N VAL B 287 -15.28 18.37 -2.26
CA VAL B 287 -16.09 19.35 -2.98
C VAL B 287 -16.91 18.66 -4.06
N TRP B 288 -16.25 17.81 -4.85
CA TRP B 288 -16.94 17.08 -5.92
C TRP B 288 -18.02 16.16 -5.37
N THR B 289 -17.70 15.41 -4.29
CA THR B 289 -18.64 14.46 -3.73
C THR B 289 -19.91 15.16 -3.28
N THR B 290 -19.80 16.34 -2.69
CA THR B 290 -20.97 17.03 -2.16
C THR B 290 -21.76 17.77 -3.23
N SER B 291 -21.21 17.93 -4.43
CA SER B 291 -21.93 18.63 -5.48
C SER B 291 -22.51 17.69 -6.53
N ASN B 292 -22.32 16.38 -6.40
CA ASN B 292 -22.54 15.44 -7.49
C ASN B 292 -23.82 14.65 -7.25
N LYS B 293 -24.69 14.60 -8.28
CA LYS B 293 -25.90 13.78 -8.23
C LYS B 293 -25.62 12.36 -7.74
N ARG B 294 -24.43 11.85 -8.03
CA ARG B 294 -24.04 10.51 -7.63
C ARG B 294 -24.16 10.29 -6.13
N TYR B 295 -23.84 11.29 -5.31
CA TYR B 295 -23.53 11.07 -3.90
C TYR B 295 -24.60 11.55 -2.96
N LYS B 296 -25.85 11.51 -3.37
CA LYS B 296 -26.96 11.80 -2.48
C LYS B 296 -27.95 10.66 -2.44
N THR B 297 -28.50 10.29 -3.60
CA THR B 297 -29.58 9.34 -3.73
C THR B 297 -29.02 7.95 -4.00
N ALA B 298 -29.78 6.94 -3.56
CA ALA B 298 -29.24 5.58 -3.48
C ALA B 298 -29.25 4.88 -4.83
N VAL B 299 -30.18 5.24 -5.70
CA VAL B 299 -30.18 4.83 -7.09
C VAL B 299 -30.56 6.07 -7.91
N ASN B 300 -30.16 6.11 -9.17
CA ASN B 300 -30.57 7.18 -10.10
C ASN B 300 -29.94 6.94 -11.46
N ASP B 301 -30.05 7.94 -12.34
CA ASP B 301 -29.60 7.86 -13.72
C ASP B 301 -28.09 7.76 -13.86
N VAL B 302 -27.31 8.24 -12.89
CA VAL B 302 -25.85 8.26 -13.03
C VAL B 302 -25.15 7.27 -12.14
N ASN B 303 -25.75 6.79 -11.04
CA ASN B 303 -25.00 5.95 -10.09
C ASN B 303 -25.49 4.51 -10.02
N SER B 304 -26.38 4.09 -10.91
CA SER B 304 -27.08 2.81 -10.79
C SER B 304 -26.15 1.62 -11.06
N ARG B 305 -26.55 0.42 -10.55
CA ARG B 305 -25.94 -0.82 -11.03
C ARG B 305 -26.10 -0.88 -12.53
N ILE B 306 -24.99 -1.01 -13.25
CA ILE B 306 -25.05 -1.15 -14.69
C ILE B 306 -25.39 -2.63 -14.97
N GLN B 307 -26.68 -2.88 -15.22
CA GLN B 307 -27.31 -4.19 -15.12
C GLN B 307 -27.29 -4.86 -16.48
N ALA B 308 -26.91 -6.16 -16.51
CA ALA B 308 -26.77 -6.99 -17.71
C ALA B 308 -27.84 -6.81 -18.80
N GLY A 14 19.32 4.35 29.42
CA GLY A 14 18.33 4.59 30.45
C GLY A 14 16.97 4.25 29.87
N ARG A 15 16.68 4.95 28.76
CA ARG A 15 15.74 4.53 27.73
C ARG A 15 16.47 4.00 26.49
N SER A 16 17.77 3.72 26.60
CA SER A 16 18.57 3.36 25.45
C SER A 16 18.58 1.87 25.12
N SER A 17 17.66 1.08 25.67
CA SER A 17 17.71 -0.37 25.43
C SER A 17 16.41 -1.03 25.86
N VAL A 18 16.03 -2.09 25.13
CA VAL A 18 14.94 -2.95 25.57
C VAL A 18 15.46 -4.26 26.15
N ARG A 19 16.76 -4.34 26.47
CA ARG A 19 17.32 -5.52 27.12
C ARG A 19 16.50 -6.06 28.28
N PRO A 20 16.02 -5.25 29.23
CA PRO A 20 15.29 -5.84 30.38
C PRO A 20 14.07 -6.66 30.01
N TYR A 21 13.52 -6.50 28.81
CA TYR A 21 12.31 -7.21 28.38
C TYR A 21 12.61 -8.35 27.42
N LEU A 22 13.88 -8.62 27.15
CA LEU A 22 14.25 -9.52 26.07
C LEU A 22 13.60 -10.91 26.22
N GLU A 23 13.70 -11.50 27.42
CA GLU A 23 13.21 -12.87 27.59
C GLU A 23 11.68 -12.95 27.56
N GLU A 24 11.00 -12.07 28.31
CA GLU A 24 9.55 -12.08 28.34
C GLU A 24 8.96 -11.83 26.96
N CYS A 25 9.46 -10.80 26.28
CA CYS A 25 8.91 -10.48 24.96
C CYS A 25 9.13 -11.61 23.98
N THR A 26 10.31 -12.24 24.02
CA THR A 26 10.56 -13.39 23.15
C THR A 26 9.55 -14.48 23.42
N ARG A 27 9.39 -14.84 24.69
CA ARG A 27 8.39 -15.82 25.09
C ARG A 27 6.99 -15.42 24.62
N ARG A 28 6.64 -14.14 24.75
CA ARG A 28 5.30 -13.68 24.36
C ARG A 28 5.07 -13.81 22.86
N PHE A 29 6.03 -13.32 22.05
CA PHE A 29 5.97 -13.52 20.61
C PHE A 29 5.72 -14.99 20.26
N GLN A 30 6.51 -15.89 20.85
CA GLN A 30 6.39 -17.29 20.45
C GLN A 30 5.03 -17.87 20.84
N GLU A 31 4.52 -17.54 22.04
CA GLU A 31 3.23 -18.06 22.46
C GLU A 31 2.14 -17.59 21.51
N MET A 32 2.21 -16.32 21.13
CA MET A 32 1.24 -15.76 20.18
C MET A 32 1.26 -16.56 18.88
N PHE A 33 2.46 -16.83 18.35
CA PHE A 33 2.56 -17.62 17.12
C PHE A 33 2.00 -19.01 17.31
N ASP A 34 2.26 -19.63 18.45
CA ASP A 34 1.80 -20.99 18.66
C ASP A 34 0.28 -21.05 18.74
N ARG A 35 -0.35 -20.00 19.27
CA ARG A 35 -1.79 -19.98 19.39
C ARG A 35 -2.45 -19.55 18.09
N HIS A 36 -1.79 -18.74 17.25
CA HIS A 36 -2.47 -18.05 16.13
C HIS A 36 -1.92 -18.37 14.74
N VAL A 37 -0.74 -18.98 14.64
CA VAL A 37 -0.25 -19.55 13.39
C VAL A 37 -0.13 -21.06 13.49
N VAL A 38 0.25 -21.53 14.68
CA VAL A 38 0.42 -22.91 15.15
C VAL A 38 1.37 -23.77 14.30
N THR A 39 1.21 -23.80 12.98
CA THR A 39 2.17 -24.55 12.17
C THR A 39 3.49 -23.78 12.03
N ARG A 40 4.60 -24.54 12.00
CA ARG A 40 5.96 -23.98 12.05
C ARG A 40 6.46 -23.56 10.66
N PRO A 41 7.21 -22.46 10.57
CA PRO A 41 7.93 -22.18 9.32
C PRO A 41 9.03 -23.22 9.10
N THR A 42 9.46 -23.34 7.84
CA THR A 42 10.41 -24.38 7.43
C THR A 42 11.59 -23.76 6.71
N LYS A 43 12.81 -24.20 7.03
CA LYS A 43 13.97 -23.57 6.43
C LYS A 43 14.28 -24.19 5.07
N VAL A 44 14.15 -23.40 4.00
CA VAL A 44 14.70 -23.79 2.71
C VAL A 44 16.20 -23.99 2.88
N GLU A 45 16.73 -25.04 2.29
CA GLU A 45 18.17 -25.21 2.25
C GLU A 45 18.55 -25.41 0.80
N LEU A 46 19.51 -24.63 0.35
CA LEU A 46 20.05 -24.77 -0.99
C LEU A 46 21.05 -25.92 -1.04
N THR A 47 21.45 -26.30 -2.25
CA THR A 47 22.66 -27.07 -2.36
C THR A 47 23.87 -26.14 -2.33
N ASP A 48 25.04 -26.73 -2.07
CA ASP A 48 26.28 -25.96 -2.08
C ASP A 48 26.44 -25.19 -3.40
N ALA A 49 26.13 -25.84 -4.53
CA ALA A 49 26.16 -25.16 -5.82
C ALA A 49 25.19 -23.97 -5.84
N GLU A 50 23.95 -24.19 -5.38
CA GLU A 50 22.99 -23.09 -5.38
C GLU A 50 23.46 -21.96 -4.48
N LEU A 51 24.10 -22.28 -3.36
CA LEU A 51 24.49 -21.26 -2.39
C LEU A 51 25.70 -20.49 -2.89
N ARG A 52 26.66 -21.18 -3.50
CA ARG A 52 27.82 -20.47 -4.08
C ARG A 52 27.38 -19.56 -5.21
N GLU A 53 26.41 -19.99 -6.01
CA GLU A 53 25.90 -19.11 -7.07
C GLU A 53 25.26 -17.86 -6.47
N VAL A 54 24.51 -18.03 -5.37
CA VAL A 54 23.86 -16.88 -4.73
C VAL A 54 24.89 -15.90 -4.21
N ILE A 55 25.86 -16.40 -3.44
CA ILE A 55 26.84 -15.51 -2.85
C ILE A 55 27.72 -14.88 -3.93
N ASP A 56 28.06 -15.64 -4.97
CA ASP A 56 28.83 -15.06 -6.08
C ASP A 56 28.07 -13.90 -6.71
N ASP A 57 26.77 -14.06 -6.98
CA ASP A 57 25.98 -12.97 -7.54
C ASP A 57 25.92 -11.77 -6.59
N CYS A 58 25.78 -12.03 -5.28
CA CYS A 58 25.79 -10.95 -4.31
C CYS A 58 27.08 -10.16 -4.37
N ASN A 59 28.22 -10.86 -4.39
CA ASN A 59 29.49 -10.16 -4.39
C ASN A 59 29.68 -9.36 -5.67
N ALA A 60 29.26 -9.92 -6.81
CA ALA A 60 29.40 -9.20 -8.06
C ALA A 60 28.52 -7.96 -8.09
N ALA A 61 27.34 -8.04 -7.46
CA ALA A 61 26.41 -6.92 -7.50
C ALA A 61 26.91 -5.73 -6.71
N VAL A 62 27.47 -5.96 -5.52
CA VAL A 62 27.89 -4.86 -4.67
C VAL A 62 29.34 -4.48 -4.89
N ALA A 63 30.12 -5.30 -5.60
CA ALA A 63 31.53 -4.98 -5.83
C ALA A 63 31.76 -3.56 -6.35
N PRO A 64 30.97 -3.02 -7.28
CA PRO A 64 31.23 -1.65 -7.75
C PRO A 64 31.01 -0.60 -6.68
N LEU A 65 30.29 -0.90 -5.61
CA LEU A 65 30.14 0.02 -4.50
C LEU A 65 31.37 0.06 -3.60
N GLY A 66 32.31 -0.86 -3.75
CA GLY A 66 33.62 -0.70 -3.17
C GLY A 66 33.90 -1.41 -1.85
N LYS A 67 32.90 -1.96 -1.16
CA LYS A 67 33.13 -2.52 0.18
C LYS A 67 33.29 -4.03 0.10
N THR A 68 33.77 -4.62 1.18
CA THR A 68 33.81 -6.07 1.30
C THR A 68 32.67 -6.57 2.16
N VAL A 69 31.95 -7.57 1.67
CA VAL A 69 30.95 -8.27 2.46
C VAL A 69 31.43 -9.70 2.64
N SER A 70 31.51 -10.14 3.89
CA SER A 70 32.00 -11.49 4.22
C SER A 70 30.92 -12.54 3.97
N ASP A 71 31.38 -13.79 3.81
CA ASP A 71 30.47 -14.93 3.79
C ASP A 71 29.45 -14.87 4.91
N GLU A 72 29.91 -14.71 6.15
CA GLU A 72 28.97 -14.82 7.26
C GLU A 72 28.02 -13.62 7.32
N ARG A 73 28.44 -12.45 6.84
CA ARG A 73 27.49 -11.35 6.72
C ARG A 73 26.44 -11.65 5.65
N TRP A 74 26.85 -12.20 4.50
CA TRP A 74 25.86 -12.64 3.51
C TRP A 74 24.89 -13.65 4.12
N ILE A 75 25.40 -14.60 4.90
CA ILE A 75 24.52 -15.66 5.40
C ILE A 75 23.57 -15.10 6.44
N SER A 76 24.02 -14.11 7.20
CA SER A 76 23.09 -13.44 8.10
C SER A 76 21.94 -12.83 7.31
N TYR A 77 22.26 -12.08 6.25
CA TYR A 77 21.20 -11.46 5.45
C TYR A 77 20.29 -12.51 4.81
N VAL A 78 20.88 -13.59 4.27
CA VAL A 78 20.09 -14.51 3.46
C VAL A 78 19.16 -15.37 4.30
N GLY A 79 19.44 -15.51 5.60
CA GLY A 79 18.62 -16.36 6.44
C GLY A 79 17.14 -16.03 6.40
N VAL A 80 16.78 -14.74 6.24
CA VAL A 80 15.37 -14.39 6.24
C VAL A 80 14.67 -15.05 5.05
N VAL A 81 15.34 -15.16 3.91
CA VAL A 81 14.73 -15.82 2.76
C VAL A 81 14.62 -17.32 3.02
N LEU A 82 15.65 -17.90 3.64
CA LEU A 82 15.67 -19.34 3.84
C LEU A 82 14.58 -19.76 4.81
N TRP A 83 14.25 -18.90 5.78
CA TRP A 83 13.34 -19.19 6.87
C TRP A 83 11.92 -18.69 6.65
N SER A 84 11.72 -17.69 5.79
CA SER A 84 10.46 -16.97 5.76
C SER A 84 9.75 -17.06 4.42
N GLN A 85 10.18 -17.94 3.52
CA GLN A 85 9.35 -18.27 2.38
C GLN A 85 8.43 -19.41 2.82
N SER A 86 8.02 -20.26 1.90
CA SER A 86 7.05 -21.30 2.20
C SER A 86 7.43 -22.50 1.34
N PRO A 87 8.43 -23.29 1.77
CA PRO A 87 9.01 -24.30 0.87
C PRO A 87 7.99 -25.22 0.28
N ARG A 88 6.92 -25.55 1.00
CA ARG A 88 6.00 -26.56 0.49
C ARG A 88 5.25 -26.07 -0.72
N HIS A 89 5.25 -24.78 -0.99
CA HIS A 89 4.59 -24.25 -2.16
C HIS A 89 5.55 -23.78 -3.24
N ILE A 90 6.85 -23.97 -3.06
CA ILE A 90 7.80 -23.45 -4.04
C ILE A 90 7.70 -24.24 -5.35
N LYS A 91 7.58 -23.50 -6.46
CA LYS A 91 7.59 -24.07 -7.79
C LYS A 91 8.79 -23.66 -8.61
N ASP A 92 9.35 -22.48 -8.37
CA ASP A 92 10.37 -21.91 -9.22
C ASP A 92 11.59 -21.57 -8.36
N MET A 93 12.56 -22.51 -8.30
CA MET A 93 13.78 -22.27 -7.54
C MET A 93 14.70 -21.23 -8.19
N GLU A 94 14.50 -20.94 -9.47
CA GLU A 94 15.20 -19.80 -10.06
C GLU A 94 14.74 -18.50 -9.42
N ALA A 95 13.43 -18.33 -9.28
CA ALA A 95 12.90 -17.15 -8.58
C ALA A 95 13.36 -17.11 -7.13
N PHE A 96 13.41 -18.26 -6.46
CA PHE A 96 13.88 -18.30 -5.07
C PHE A 96 15.31 -17.76 -4.96
N LYS A 97 16.22 -18.27 -5.81
CA LYS A 97 17.60 -17.79 -5.77
C LYS A 97 17.65 -16.27 -6.00
N ALA A 98 16.81 -15.77 -6.91
CA ALA A 98 16.77 -14.33 -7.15
C ALA A 98 16.38 -13.56 -5.89
N VAL A 99 15.39 -14.06 -5.15
CA VAL A 99 14.98 -13.38 -3.93
C VAL A 99 16.13 -13.40 -2.92
N CYS A 100 16.87 -14.51 -2.85
CA CYS A 100 18.06 -14.55 -2.00
C CYS A 100 19.02 -13.41 -2.36
N VAL A 101 19.37 -13.29 -3.64
CA VAL A 101 20.37 -12.32 -4.06
C VAL A 101 19.87 -10.90 -3.84
N LEU A 102 18.66 -10.61 -4.33
CA LEU A 102 18.11 -9.26 -4.22
C LEU A 102 17.91 -8.86 -2.75
N ASN A 103 17.41 -9.77 -1.92
CA ASN A 103 17.26 -9.45 -0.51
C ASN A 103 18.60 -9.07 0.10
N CYS A 104 19.64 -9.84 -0.21
CA CYS A 104 20.96 -9.64 0.39
C CYS A 104 21.59 -8.34 -0.06
N VAL A 105 21.56 -8.04 -1.37
CA VAL A 105 22.32 -6.88 -1.82
C VAL A 105 21.62 -5.58 -1.40
N THR A 106 20.29 -5.58 -1.31
CA THR A 106 19.61 -4.39 -0.80
C THR A 106 19.73 -4.29 0.72
N PHE A 107 20.01 -5.41 1.39
CA PHE A 107 20.37 -5.35 2.80
C PHE A 107 21.69 -4.60 2.98
N VAL A 108 22.68 -4.87 2.13
CA VAL A 108 23.92 -4.11 2.18
C VAL A 108 23.63 -2.61 2.02
N TRP A 109 22.82 -2.26 1.03
CA TRP A 109 22.41 -0.87 0.83
C TRP A 109 21.80 -0.27 2.09
N ASP A 110 20.97 -1.05 2.79
CA ASP A 110 20.35 -0.59 4.03
C ASP A 110 21.40 -0.25 5.08
N ASP A 111 22.46 -1.05 5.16
CA ASP A 111 23.50 -0.87 6.15
C ASP A 111 24.54 0.16 5.75
N MET A 112 24.50 0.69 4.52
CA MET A 112 25.57 1.52 3.98
C MET A 112 25.37 3.00 4.31
N ASP A 113 26.48 3.61 4.73
CA ASP A 113 26.71 5.05 4.65
C ASP A 113 26.14 5.61 3.34
N PRO A 114 25.31 6.67 3.39
CA PRO A 114 24.66 7.13 2.16
C PRO A 114 25.62 7.70 1.13
N ALA A 115 26.88 7.96 1.50
CA ALA A 115 27.87 8.35 0.51
C ALA A 115 28.16 7.22 -0.47
N LEU A 116 28.00 5.97 -0.03
CA LEU A 116 28.31 4.82 -0.84
C LEU A 116 27.23 4.47 -1.87
N HIS A 117 26.12 5.20 -1.89
CA HIS A 117 24.91 4.81 -2.62
C HIS A 117 24.95 5.27 -4.07
N ASP A 118 25.65 4.54 -4.93
CA ASP A 118 25.85 4.95 -6.31
C ASP A 118 24.81 4.30 -7.20
N PHE A 119 23.78 5.08 -7.56
CA PHE A 119 22.68 4.54 -8.35
C PHE A 119 23.15 4.14 -9.74
N GLY A 120 24.03 4.94 -10.34
CA GLY A 120 24.54 4.64 -11.68
C GLY A 120 25.26 3.30 -11.77
N LEU A 121 25.97 2.91 -10.71
CA LEU A 121 26.70 1.65 -10.70
C LEU A 121 25.84 0.50 -10.19
N PHE A 122 24.95 0.75 -9.24
CA PHE A 122 24.22 -0.35 -8.61
C PHE A 122 22.94 -0.73 -9.34
N LEU A 123 22.24 0.23 -9.93
CA LEU A 123 21.01 -0.14 -10.64
C LEU A 123 21.27 -1.09 -11.81
N PRO A 124 22.32 -0.93 -12.64
CA PRO A 124 22.63 -1.99 -13.62
C PRO A 124 22.79 -3.38 -13.01
N GLN A 125 23.39 -3.49 -11.83
CA GLN A 125 23.59 -4.81 -11.23
C GLN A 125 22.26 -5.46 -10.86
N LEU A 126 21.34 -4.68 -10.28
CA LEU A 126 20.01 -5.20 -9.99
C LEU A 126 19.32 -5.68 -11.27
N ARG A 127 19.38 -4.85 -12.32
CA ARG A 127 18.80 -5.24 -13.60
C ARG A 127 19.39 -6.56 -14.09
N LYS A 128 20.72 -6.73 -13.98
CA LYS A 128 21.33 -7.99 -14.37
C LYS A 128 20.74 -9.16 -13.60
N ILE A 129 20.64 -9.03 -12.27
CA ILE A 129 20.10 -10.11 -11.44
C ILE A 129 18.69 -10.46 -11.87
N CYS A 130 17.84 -9.45 -12.05
CA CYS A 130 16.44 -9.74 -12.34
C CYS A 130 16.28 -10.46 -13.67
N GLU A 131 16.91 -9.95 -14.72
CA GLU A 131 16.69 -10.54 -16.03
C GLU A 131 17.28 -11.95 -16.09
N LYS A 132 18.35 -12.22 -15.34
CA LYS A 132 18.90 -13.58 -15.31
C LYS A 132 17.89 -14.59 -14.79
N TYR A 133 17.19 -14.27 -13.69
CA TYR A 133 16.46 -15.30 -12.95
C TYR A 133 14.97 -15.36 -13.26
N TYR A 134 14.39 -14.28 -13.77
CA TYR A 134 12.96 -14.20 -14.00
C TYR A 134 12.67 -14.15 -15.49
N GLY A 135 11.41 -14.39 -15.86
CA GLY A 135 10.93 -14.08 -17.18
C GLY A 135 10.88 -12.57 -17.42
N PRO A 136 10.28 -12.15 -18.56
CA PRO A 136 10.38 -10.73 -18.97
C PRO A 136 9.48 -9.75 -18.20
N GLU A 137 8.20 -10.06 -18.03
CA GLU A 137 7.34 -9.27 -17.14
C GLU A 137 7.86 -9.32 -15.71
N ASP A 138 7.99 -10.53 -15.15
CA ASP A 138 8.44 -10.70 -13.77
C ASP A 138 9.74 -9.96 -13.49
N ALA A 139 10.69 -10.02 -14.43
CA ALA A 139 11.94 -9.27 -14.26
C ALA A 139 11.66 -7.78 -14.10
N GLU A 140 10.76 -7.22 -14.92
CA GLU A 140 10.34 -5.83 -14.76
C GLU A 140 9.82 -5.54 -13.36
N VAL A 141 8.88 -6.36 -12.90
CA VAL A 141 8.23 -6.11 -11.63
C VAL A 141 9.22 -6.19 -10.49
N ALA A 142 10.11 -7.19 -10.52
CA ALA A 142 11.13 -7.31 -9.50
C ALA A 142 12.07 -6.10 -9.54
N TYR A 143 12.54 -5.72 -10.73
CA TYR A 143 13.47 -4.61 -10.83
C TYR A 143 12.85 -3.30 -10.33
N GLU A 144 11.63 -3.00 -10.78
CA GLU A 144 10.99 -1.77 -10.31
C GLU A 144 10.88 -1.77 -8.79
N ALA A 145 10.47 -2.88 -8.20
CA ALA A 145 10.33 -2.94 -6.74
C ALA A 145 11.69 -2.76 -6.04
N ALA A 146 12.75 -3.40 -6.57
CA ALA A 146 14.09 -3.21 -6.00
C ALA A 146 14.55 -1.76 -6.15
N ARG A 147 14.39 -1.19 -7.34
CA ARG A 147 14.73 0.21 -7.59
C ARG A 147 13.98 1.13 -6.63
N ALA A 148 12.66 0.92 -6.50
CA ALA A 148 11.85 1.75 -5.61
C ALA A 148 12.36 1.65 -4.16
N PHE A 149 12.74 0.43 -3.72
CA PHE A 149 13.20 0.30 -2.35
C PHE A 149 14.49 1.07 -2.10
N VAL A 150 15.54 0.81 -2.90
CA VAL A 150 16.82 1.45 -2.61
C VAL A 150 16.71 2.96 -2.74
N THR A 151 15.87 3.42 -3.66
CA THR A 151 15.62 4.85 -3.77
C THR A 151 14.94 5.40 -2.52
N SER A 152 13.94 4.67 -2.01
CA SER A 152 13.26 5.11 -0.79
C SER A 152 14.23 5.13 0.39
N ASP A 153 15.01 4.05 0.57
CA ASP A 153 15.94 4.05 1.69
C ASP A 153 16.90 5.23 1.59
N HIS A 154 17.35 5.58 0.39
CA HIS A 154 18.25 6.71 0.24
C HIS A 154 17.53 8.02 0.54
N MET A 155 16.35 8.23 -0.06
CA MET A 155 15.61 9.48 0.09
C MET A 155 15.28 9.81 1.53
N PHE A 156 14.95 8.80 2.34
CA PHE A 156 14.40 9.07 3.65
C PHE A 156 15.46 9.15 4.74
N ARG A 157 16.74 8.96 4.39
CA ARG A 157 17.81 9.18 5.36
C ARG A 157 17.75 10.63 5.86
N ASP A 158 17.88 10.81 7.17
CA ASP A 158 17.93 12.16 7.75
C ASP A 158 16.72 13.04 7.36
N SER A 159 15.51 12.43 7.30
CA SER A 159 14.56 13.30 6.57
C SER A 159 13.32 13.67 7.41
N PRO A 160 12.71 14.86 7.21
CA PRO A 160 11.56 15.25 8.04
C PRO A 160 10.27 14.49 7.76
N ILE A 161 10.07 13.96 6.54
CA ILE A 161 8.93 13.09 6.33
C ILE A 161 9.06 11.86 7.22
N LYS A 162 10.27 11.30 7.30
CA LYS A 162 10.49 10.11 8.13
C LYS A 162 10.14 10.37 9.58
N ALA A 163 10.64 11.49 10.13
CA ALA A 163 10.34 11.86 11.51
C ALA A 163 8.85 12.11 11.71
N ALA A 164 8.19 12.77 10.75
CA ALA A 164 6.74 12.94 10.88
C ALA A 164 6.05 11.58 11.00
N LEU A 165 6.37 10.66 10.09
CA LEU A 165 5.66 9.38 10.08
C LEU A 165 6.11 8.47 11.23
N CYS A 166 7.31 8.65 11.74
CA CYS A 166 7.84 7.75 12.77
C CYS A 166 7.50 8.18 14.20
N THR A 167 7.18 9.46 14.43
CA THR A 167 6.91 9.97 15.78
C THR A 167 5.43 10.14 16.10
N THR A 168 4.56 10.25 15.09
CA THR A 168 3.15 10.51 15.37
C THR A 168 2.50 9.30 16.05
N SER A 169 1.94 8.41 15.25
CA SER A 169 1.08 7.34 15.73
C SER A 169 1.62 6.02 15.19
N PRO A 170 1.17 4.90 15.76
CA PRO A 170 1.51 3.61 15.14
C PRO A 170 1.13 3.53 13.66
N GLU A 171 -0.05 4.05 13.31
CA GLU A 171 -0.56 3.97 11.95
C GLU A 171 0.31 4.73 10.96
N GLN A 172 0.79 5.92 11.36
CA GLN A 172 1.68 6.66 10.47
C GLN A 172 2.98 5.90 10.25
N TYR A 173 3.49 5.30 11.32
CA TYR A 173 4.78 4.61 11.23
C TYR A 173 4.68 3.37 10.34
N PHE A 174 3.67 2.53 10.56
CA PHE A 174 3.55 1.31 9.78
C PHE A 174 3.26 1.61 8.32
N ARG A 175 2.58 2.73 8.05
CA ARG A 175 2.38 3.19 6.68
C ARG A 175 3.71 3.43 5.97
N PHE A 176 4.68 4.03 6.66
CA PHE A 176 6.01 4.21 6.11
C PHE A 176 6.71 2.86 5.88
N ARG A 177 6.52 1.92 6.81
CA ARG A 177 7.28 0.68 6.77
C ARG A 177 6.78 -0.31 5.70
N VAL A 178 5.56 -0.13 5.17
CA VAL A 178 5.11 -0.97 4.05
C VAL A 178 6.18 -1.02 2.96
N THR A 179 6.75 0.13 2.62
CA THR A 179 7.87 0.18 1.69
C THR A 179 9.19 0.04 2.42
N ASP A 180 9.36 0.78 3.52
CA ASP A 180 10.69 0.88 4.10
C ASP A 180 11.22 -0.47 4.61
N ILE A 181 10.39 -1.31 5.25
CA ILE A 181 10.90 -2.62 5.69
C ILE A 181 11.07 -3.58 4.52
N GLY A 182 10.91 -3.13 3.28
CA GLY A 182 11.20 -3.98 2.15
C GLY A 182 10.14 -5.02 1.82
N VAL A 183 9.01 -5.05 2.52
CA VAL A 183 8.05 -6.13 2.31
C VAL A 183 7.29 -5.99 0.99
N ASP A 184 6.93 -4.77 0.57
CA ASP A 184 6.31 -4.66 -0.75
C ASP A 184 7.25 -5.21 -1.83
N PHE A 185 8.52 -4.81 -1.78
CA PHE A 185 9.57 -5.36 -2.64
C PHE A 185 9.60 -6.89 -2.55
N TRP A 186 9.60 -7.41 -1.32
CA TRP A 186 9.65 -8.86 -1.11
C TRP A 186 8.51 -9.58 -1.84
N MET A 187 7.27 -9.10 -1.66
CA MET A 187 6.13 -9.76 -2.30
C MET A 187 6.27 -9.75 -3.81
N LYS A 188 6.65 -8.60 -4.37
CA LYS A 188 6.70 -8.45 -5.82
C LYS A 188 7.82 -9.27 -6.45
N MET A 189 8.90 -9.52 -5.72
CA MET A 189 9.93 -10.41 -6.26
C MET A 189 9.71 -11.88 -5.90
N SER A 190 8.80 -12.17 -4.97
CA SER A 190 8.57 -13.53 -4.51
C SER A 190 7.41 -14.22 -5.22
N TYR A 191 6.45 -13.50 -5.79
CA TYR A 191 5.34 -14.21 -6.40
C TYR A 191 5.79 -15.17 -7.52
N PRO A 192 6.86 -14.93 -8.28
CA PRO A 192 7.25 -15.95 -9.28
C PRO A 192 7.72 -17.26 -8.65
N ILE A 193 8.14 -17.25 -7.39
CA ILE A 193 8.50 -18.50 -6.71
C ILE A 193 7.33 -19.46 -6.71
N TYR A 194 6.11 -18.93 -6.57
CA TYR A 194 4.93 -19.73 -6.33
C TYR A 194 4.05 -19.93 -7.56
N ARG A 195 4.04 -18.96 -8.49
CA ARG A 195 3.12 -18.98 -9.65
C ARG A 195 1.70 -19.33 -9.21
N HIS A 196 1.21 -18.62 -8.21
CA HIS A 196 -0.10 -18.84 -7.59
C HIS A 196 -0.98 -17.63 -7.92
N PRO A 197 -2.00 -17.79 -8.74
CA PRO A 197 -2.67 -16.59 -9.32
C PRO A 197 -3.14 -15.58 -8.29
N GLU A 198 -3.71 -16.03 -7.18
CA GLU A 198 -4.14 -15.09 -6.16
C GLU A 198 -2.97 -14.33 -5.58
N PHE A 199 -1.94 -15.06 -5.14
CA PHE A 199 -0.82 -14.39 -4.49
C PHE A 199 -0.21 -13.35 -5.41
N THR A 200 -0.12 -13.66 -6.70
CA THR A 200 0.44 -12.72 -7.65
C THR A 200 -0.37 -11.42 -7.69
N GLU A 201 -1.70 -11.51 -7.71
CA GLU A 201 -2.52 -10.28 -7.66
C GLU A 201 -2.34 -9.56 -6.34
N HIS A 202 -2.41 -10.28 -5.21
CA HIS A 202 -2.24 -9.61 -3.92
C HIS A 202 -0.86 -8.97 -3.79
N ALA A 203 0.17 -9.61 -4.35
CA ALA A 203 1.50 -9.02 -4.37
C ALA A 203 1.51 -7.74 -5.19
N LYS A 204 0.82 -7.75 -6.32
CA LYS A 204 0.89 -6.62 -7.23
C LYS A 204 0.02 -5.44 -6.80
N THR A 205 -1.07 -5.69 -6.07
CA THR A 205 -1.85 -4.61 -5.45
C THR A 205 -1.20 -4.09 -4.18
N SER A 206 -0.19 -4.80 -3.66
CA SER A 206 0.46 -4.53 -2.38
C SER A 206 -0.44 -4.84 -1.19
N LEU A 207 -1.62 -5.41 -1.40
CA LEU A 207 -2.39 -5.90 -0.26
C LEU A 207 -1.58 -6.95 0.54
N ALA A 208 -0.86 -7.83 -0.16
CA ALA A 208 0.01 -8.80 0.51
C ALA A 208 0.98 -8.10 1.48
N ALA A 209 1.64 -7.05 1.01
CA ALA A 209 2.54 -6.32 1.88
C ALA A 209 1.80 -5.63 3.01
N ARG A 210 0.65 -5.01 2.71
CA ARG A 210 -0.07 -4.29 3.74
C ARG A 210 -0.53 -5.21 4.85
N MET A 211 -0.81 -6.49 4.51
CA MET A 211 -1.27 -7.46 5.50
C MET A 211 -0.15 -7.95 6.42
N THR A 212 1.11 -7.91 5.96
CA THR A 212 2.22 -8.54 6.68
C THR A 212 3.18 -7.53 7.30
N THR A 213 2.98 -6.24 7.04
CA THR A 213 3.93 -5.21 7.48
C THR A 213 4.06 -5.18 9.00
N ARG A 214 2.93 -5.18 9.73
CA ARG A 214 3.04 -5.00 11.16
C ARG A 214 3.72 -6.19 11.82
N GLY A 215 3.40 -7.40 11.37
CA GLY A 215 4.02 -8.58 11.96
C GLY A 215 5.52 -8.58 11.78
N LEU A 216 5.98 -8.28 10.56
CA LEU A 216 7.42 -8.19 10.33
C LEU A 216 8.05 -7.05 11.11
N THR A 217 7.39 -5.88 11.12
CA THR A 217 8.03 -4.69 11.65
C THR A 217 8.13 -4.72 13.17
N ILE A 218 7.07 -5.16 13.85
CA ILE A 218 7.09 -5.17 15.31
C ILE A 218 8.22 -6.08 15.81
N VAL A 219 8.37 -7.23 15.18
CA VAL A 219 9.44 -8.16 15.56
C VAL A 219 10.80 -7.55 15.24
N ASN A 220 10.98 -7.05 14.02
CA ASN A 220 12.27 -6.45 13.68
C ASN A 220 12.61 -5.31 14.62
N ASP A 221 11.63 -4.44 14.91
CA ASP A 221 11.89 -3.28 15.75
C ASP A 221 12.29 -3.68 17.16
N PHE A 222 11.62 -4.67 17.73
CA PHE A 222 11.99 -5.03 19.10
C PHE A 222 13.45 -5.44 19.17
N TYR A 223 13.88 -6.32 18.28
CA TYR A 223 15.22 -6.88 18.39
C TYR A 223 16.31 -6.03 17.75
N SER A 224 15.95 -5.02 16.94
CA SER A 224 16.97 -4.13 16.40
C SER A 224 17.00 -2.78 17.10
N TYR A 225 16.17 -2.60 18.14
CA TYR A 225 16.07 -1.31 18.82
C TYR A 225 17.43 -0.86 19.37
N ASP A 226 18.15 -1.76 20.05
CA ASP A 226 19.41 -1.34 20.68
C ASP A 226 20.39 -0.82 19.64
N ARG A 227 20.52 -1.51 18.50
CA ARG A 227 21.42 -1.05 17.44
C ARG A 227 20.95 0.29 16.87
N GLU A 228 19.64 0.40 16.61
CA GLU A 228 19.15 1.60 15.93
C GLU A 228 19.27 2.82 16.82
N VAL A 229 18.93 2.69 18.10
CA VAL A 229 19.20 3.75 19.07
C VAL A 229 20.69 4.11 19.08
N SER A 230 21.57 3.11 19.06
CA SER A 230 23.00 3.41 19.09
C SER A 230 23.51 4.05 17.80
N LEU A 231 22.69 4.09 16.75
CA LEU A 231 23.12 4.58 15.46
C LEU A 231 22.47 5.90 15.07
N GLY A 232 21.55 6.42 15.88
CA GLY A 232 20.77 7.59 15.54
C GLY A 232 19.56 7.31 14.69
N GLN A 233 19.29 6.04 14.34
CA GLN A 233 18.14 5.70 13.53
C GLN A 233 16.85 5.90 14.33
N ILE A 234 15.83 6.46 13.68
CA ILE A 234 14.56 6.70 14.36
C ILE A 234 13.44 5.80 13.85
N THR A 235 13.72 4.95 12.87
CA THR A 235 12.68 4.12 12.27
C THR A 235 12.50 2.86 13.13
N ASN A 236 11.76 3.04 14.23
CA ASN A 236 11.55 1.96 15.20
C ASN A 236 10.33 2.30 16.04
N CYS A 237 9.29 1.46 15.98
CA CYS A 237 8.06 1.84 16.65
C CYS A 237 8.19 1.90 18.17
N PHE A 238 9.19 1.21 18.77
CA PHE A 238 9.31 1.30 20.23
C PHE A 238 9.86 2.65 20.69
N ARG A 239 10.40 3.46 19.78
CA ARG A 239 10.71 4.84 20.13
C ARG A 239 9.44 5.64 20.42
N LEU A 240 8.28 5.14 20.03
CA LEU A 240 7.02 5.79 20.34
C LEU A 240 6.72 5.79 21.83
N CYS A 241 7.22 4.80 22.57
CA CYS A 241 6.80 4.65 23.95
C CYS A 241 8.00 4.83 24.85
N ASP A 242 7.73 5.06 26.14
CA ASP A 242 8.79 5.14 27.16
C ASP A 242 9.21 3.72 27.55
N VAL A 243 10.25 3.20 26.90
CA VAL A 243 10.72 1.87 27.23
C VAL A 243 11.38 1.83 28.61
N SER A 244 11.78 2.97 29.15
CA SER A 244 12.39 2.91 30.48
C SER A 244 11.37 2.84 31.60
N ASP A 245 10.09 2.67 31.28
CA ASP A 245 8.99 2.62 32.22
C ASP A 245 8.21 1.35 31.92
N GLU A 246 8.26 0.38 32.84
CA GLU A 246 7.68 -0.94 32.58
C GLU A 246 6.22 -0.88 32.22
N THR A 247 5.44 0.01 32.87
CA THR A 247 4.02 0.06 32.58
C THR A 247 3.77 0.65 31.19
N ALA A 248 4.50 1.71 30.85
CA ALA A 248 4.36 2.25 29.49
C ALA A 248 4.77 1.22 28.45
N PHE A 249 5.98 0.68 28.55
CA PHE A 249 6.39 -0.37 27.62
C PHE A 249 5.39 -1.50 27.57
N LYS A 250 4.88 -1.93 28.74
CA LYS A 250 4.05 -3.13 28.80
C LYS A 250 2.79 -3.01 27.96
N GLU A 251 2.09 -1.89 28.12
CA GLU A 251 0.84 -1.68 27.40
C GLU A 251 1.09 -1.43 25.92
N PHE A 252 2.21 -0.79 25.59
CA PHE A 252 2.54 -0.58 24.19
C PHE A 252 2.82 -1.92 23.53
N PHE A 253 3.60 -2.76 24.21
CA PHE A 253 3.91 -4.07 23.65
C PHE A 253 2.66 -4.92 23.49
N GLN A 254 1.74 -4.86 24.46
CA GLN A 254 0.48 -5.57 24.31
C GLN A 254 -0.34 -5.04 23.13
N ALA A 255 -0.36 -3.73 22.93
CA ALA A 255 -1.10 -3.18 21.79
C ALA A 255 -0.47 -3.65 20.48
N ARG A 256 0.86 -3.76 20.46
CA ARG A 256 1.53 -4.26 19.25
C ARG A 256 1.23 -5.73 19.04
N LEU A 257 1.21 -6.54 20.11
CA LEU A 257 0.79 -7.94 19.97
C LEU A 257 -0.62 -8.02 19.40
N ASP A 258 -1.54 -7.21 19.92
CA ASP A 258 -2.91 -7.23 19.41
C ASP A 258 -2.93 -6.91 17.91
N ASP A 259 -2.12 -5.93 17.48
CA ASP A 259 -1.97 -5.62 16.06
C ASP A 259 -1.62 -6.89 15.27
N MET A 260 -0.59 -7.62 15.75
CA MET A 260 -0.15 -8.81 15.03
C MET A 260 -1.26 -9.85 14.95
N ILE A 261 -1.97 -10.04 16.06
CA ILE A 261 -3.01 -11.06 16.11
C ILE A 261 -4.13 -10.73 15.13
N GLU A 262 -4.60 -9.50 15.17
CA GLU A 262 -5.70 -9.14 14.29
C GLU A 262 -5.31 -9.30 12.83
N ASP A 263 -4.09 -8.88 12.47
CA ASP A 263 -3.59 -9.11 11.13
C ASP A 263 -3.57 -10.60 10.78
N ILE A 264 -3.01 -11.43 11.66
CA ILE A 264 -2.90 -12.85 11.38
C ILE A 264 -4.28 -13.47 11.21
N GLU A 265 -5.23 -13.08 12.04
CA GLU A 265 -6.55 -13.68 11.93
C GLU A 265 -7.26 -13.26 10.64
N CYS A 266 -7.13 -11.99 10.23
CA CYS A 266 -7.66 -11.59 8.92
C CYS A 266 -6.95 -12.32 7.78
N ILE A 267 -5.64 -12.58 7.94
CA ILE A 267 -4.91 -13.32 6.91
C ILE A 267 -5.54 -14.70 6.67
N LYS A 268 -6.17 -15.29 7.69
CA LYS A 268 -6.80 -16.61 7.52
C LYS A 268 -7.98 -16.58 6.55
N ALA A 269 -8.53 -15.40 6.25
CA ALA A 269 -9.55 -15.29 5.23
C ALA A 269 -9.01 -15.49 3.82
N PHE A 270 -7.70 -15.34 3.62
CA PHE A 270 -7.18 -15.54 2.28
C PHE A 270 -7.20 -17.04 1.97
N ASP A 271 -7.01 -17.37 0.68
CA ASP A 271 -6.98 -18.77 0.27
C ASP A 271 -5.81 -19.49 0.96
N GLN A 272 -5.90 -20.82 1.08
CA GLN A 272 -4.97 -21.55 1.95
C GLN A 272 -3.51 -21.42 1.53
N LEU A 273 -3.21 -21.31 0.24
CA LEU A 273 -1.80 -21.20 -0.14
C LEU A 273 -1.27 -19.79 0.15
N THR A 274 -2.04 -18.77 -0.21
CA THR A 274 -1.64 -17.41 0.11
C THR A 274 -1.48 -17.21 1.60
N GLN A 275 -2.48 -17.65 2.37
CA GLN A 275 -2.42 -17.72 3.81
C GLN A 275 -1.10 -18.30 4.29
N ASP A 276 -0.70 -19.44 3.73
CA ASP A 276 0.54 -20.08 4.15
C ASP A 276 1.74 -19.18 3.91
N VAL A 277 1.83 -18.60 2.71
CA VAL A 277 2.95 -17.72 2.37
C VAL A 277 3.01 -16.53 3.32
N PHE A 278 1.86 -15.88 3.58
CA PHE A 278 1.87 -14.73 4.50
C PHE A 278 2.34 -15.14 5.88
N LEU A 279 1.79 -16.22 6.42
CA LEU A 279 2.06 -16.60 7.80
C LEU A 279 3.49 -17.15 7.97
N ASP A 280 3.95 -17.96 7.01
CA ASP A 280 5.34 -18.39 7.05
C ASP A 280 6.28 -17.20 6.98
N LEU A 281 5.89 -16.12 6.28
CA LEU A 281 6.73 -14.94 6.22
C LEU A 281 6.87 -14.28 7.59
N ILE A 282 5.74 -14.05 8.27
CA ILE A 282 5.80 -13.36 9.56
C ILE A 282 6.49 -14.24 10.61
N TYR A 283 6.09 -15.50 10.68
CA TYR A 283 6.64 -16.39 11.70
C TYR A 283 8.09 -16.76 11.38
N GLY A 284 8.39 -17.01 10.11
CA GLY A 284 9.77 -17.27 9.73
C GLY A 284 10.69 -16.10 10.04
N ASN A 285 10.22 -14.87 9.82
CA ASN A 285 11.04 -13.73 10.17
C ASN A 285 11.35 -13.70 11.66
N PHE A 286 10.36 -14.07 12.49
CA PHE A 286 10.60 -14.14 13.92
C PHE A 286 11.66 -15.20 14.26
N VAL A 287 11.54 -16.38 13.67
CA VAL A 287 12.52 -17.45 13.95
C VAL A 287 13.93 -17.00 13.56
N TRP A 288 14.06 -16.47 12.34
CA TRP A 288 15.35 -15.98 11.86
C TRP A 288 15.89 -14.85 12.73
N THR A 289 15.04 -13.87 13.08
CA THR A 289 15.47 -12.72 13.87
C THR A 289 16.04 -13.16 15.22
N THR A 290 15.38 -14.11 15.87
CA THR A 290 15.92 -14.63 17.12
C THR A 290 17.07 -15.60 16.90
N SER A 291 17.27 -16.09 15.67
CA SER A 291 18.40 -16.94 15.29
C SER A 291 19.70 -16.17 15.16
N ASN A 292 19.60 -14.90 14.80
CA ASN A 292 20.62 -14.20 14.03
C ASN A 292 21.39 -13.23 14.90
N LYS A 293 22.72 -13.35 14.89
CA LYS A 293 23.58 -12.44 15.64
C LYS A 293 23.31 -10.99 15.29
N ARG A 294 22.92 -10.72 14.04
CA ARG A 294 22.57 -9.35 13.65
C ARG A 294 21.65 -8.69 14.67
N TYR A 295 20.76 -9.46 15.28
CA TYR A 295 19.74 -8.92 16.19
C TYR A 295 20.04 -9.24 17.65
N LYS A 296 21.31 -9.29 18.02
CA LYS A 296 21.69 -9.64 19.39
C LYS A 296 22.58 -8.59 20.04
N THR A 297 23.19 -7.68 19.28
CA THR A 297 23.81 -6.53 19.92
C THR A 297 23.47 -5.24 19.19
N ALA A 298 23.63 -4.14 19.93
CA ALA A 298 23.79 -2.85 19.32
C ALA A 298 24.76 -2.91 18.14
N VAL A 299 26.01 -3.36 18.37
CA VAL A 299 27.00 -3.33 17.29
C VAL A 299 27.82 -4.61 17.36
N ASN A 300 27.72 -5.44 16.31
CA ASN A 300 28.57 -6.62 16.16
C ASN A 300 29.09 -6.68 14.73
N ASP A 301 29.89 -7.71 14.45
CA ASP A 301 30.59 -7.79 13.17
C ASP A 301 29.71 -8.24 12.01
N VAL A 302 28.39 -8.36 12.19
CA VAL A 302 27.49 -8.54 11.05
C VAL A 302 26.40 -7.47 10.95
N ASN A 303 26.26 -6.57 11.94
CA ASN A 303 25.27 -5.50 11.82
C ASN A 303 25.86 -4.10 11.78
N SER A 304 27.19 -3.98 11.70
CA SER A 304 27.86 -2.71 11.91
C SER A 304 27.70 -1.81 10.71
N ARG A 305 27.49 -0.52 10.98
CA ARG A 305 27.46 0.49 9.93
C ARG A 305 28.60 0.26 8.92
N ILE A 306 28.24 0.26 7.64
CA ILE A 306 29.20 0.11 6.54
C ILE A 306 29.44 1.51 5.99
N GLN A 307 30.68 1.98 6.07
CA GLN A 307 30.92 3.40 5.81
C GLN A 307 32.19 3.63 5.00
N GLY B 9 -36.11 -9.53 3.87
CA GLY B 9 -34.97 -8.67 3.70
C GLY B 9 -33.98 -8.88 4.84
N ALA B 10 -32.80 -8.25 4.76
CA ALA B 10 -31.95 -8.08 5.93
C ALA B 10 -32.07 -6.66 6.49
N GLN B 11 -33.06 -5.91 6.01
CA GLN B 11 -33.26 -4.51 6.36
C GLN B 11 -33.11 -4.22 7.85
N ASP B 12 -32.38 -3.15 8.14
CA ASP B 12 -32.48 -2.44 9.42
C ASP B 12 -32.63 -0.95 9.09
N ILE B 13 -33.89 -0.52 9.01
CA ILE B 13 -34.17 0.82 8.48
C ILE B 13 -33.37 1.88 9.23
N GLY B 14 -33.16 1.69 10.54
CA GLY B 14 -32.29 2.59 11.28
C GLY B 14 -30.88 2.73 10.70
N ARG B 15 -30.16 1.63 10.50
CA ARG B 15 -28.82 1.69 9.93
C ARG B 15 -28.83 1.78 8.41
N SER B 16 -30.00 1.99 7.79
CA SER B 16 -30.06 2.08 6.35
C SER B 16 -29.60 3.44 5.82
N SER B 17 -29.53 4.46 6.67
CA SER B 17 -29.28 5.81 6.16
C SER B 17 -28.31 6.56 7.04
N VAL B 18 -27.67 7.59 6.49
CA VAL B 18 -27.05 8.63 7.30
C VAL B 18 -27.73 9.98 7.08
N ARG B 19 -28.91 9.99 6.46
CA ARG B 19 -29.67 11.24 6.30
C ARG B 19 -29.78 12.07 7.56
N PRO B 20 -30.03 11.50 8.76
CA PRO B 20 -30.08 12.33 9.97
C PRO B 20 -28.87 13.21 10.18
N TYR B 21 -27.68 12.76 9.77
CA TYR B 21 -26.43 13.43 10.08
C TYR B 21 -25.90 14.26 8.92
N LEU B 22 -26.65 14.36 7.84
CA LEU B 22 -26.12 14.92 6.59
C LEU B 22 -25.61 16.35 6.79
N GLU B 23 -26.42 17.22 7.36
CA GLU B 23 -26.01 18.63 7.46
C GLU B 23 -24.85 18.79 8.43
N GLU B 24 -24.93 18.16 9.60
CA GLU B 24 -23.91 18.39 10.61
C GLU B 24 -22.56 17.82 10.18
N CYS B 25 -22.55 16.62 9.57
CA CYS B 25 -21.30 16.05 9.10
C CYS B 25 -20.69 16.85 7.97
N THR B 26 -21.52 17.29 7.02
CA THR B 26 -21.01 18.12 5.93
C THR B 26 -20.32 19.36 6.49
N ARG B 27 -21.00 20.04 7.42
CA ARG B 27 -20.44 21.20 8.07
C ARG B 27 -19.14 20.85 8.79
N ARG B 28 -19.12 19.72 9.51
CA ARG B 28 -17.93 19.33 10.26
C ARG B 28 -16.75 19.03 9.32
N PHE B 29 -17.00 18.29 8.23
CA PHE B 29 -15.96 18.10 7.22
C PHE B 29 -15.39 19.43 6.75
N GLN B 30 -16.27 20.36 6.38
CA GLN B 30 -15.80 21.63 5.86
C GLN B 30 -14.99 22.40 6.89
N GLU B 31 -15.44 22.40 8.15
CA GLU B 31 -14.69 23.09 9.20
C GLU B 31 -13.30 22.50 9.32
N MET B 32 -13.22 21.18 9.20
CA MET B 32 -11.93 20.49 9.31
C MET B 32 -11.01 20.95 8.18
N PHE B 33 -11.51 20.91 6.93
CA PHE B 33 -10.68 21.34 5.81
C PHE B 33 -10.25 22.78 5.95
N ASP B 34 -11.13 23.67 6.43
CA ASP B 34 -10.77 25.08 6.52
C ASP B 34 -9.70 25.30 7.57
N ARG B 35 -9.74 24.53 8.65
CA ARG B 35 -8.73 24.66 9.68
C ARG B 35 -7.40 24.02 9.27
N HIS B 36 -7.42 22.82 8.69
CA HIS B 36 -6.18 22.11 8.45
C HIS B 36 -5.65 22.20 7.03
N VAL B 37 -6.52 22.21 6.02
CA VAL B 37 -6.08 22.30 4.64
C VAL B 37 -5.89 23.73 4.19
N VAL B 38 -6.98 24.53 4.23
CA VAL B 38 -7.02 25.96 3.98
C VAL B 38 -7.01 26.20 2.47
N THR B 39 -5.99 25.70 1.76
CA THR B 39 -5.96 25.87 0.32
C THR B 39 -7.23 25.30 -0.30
N ARG B 40 -7.87 26.07 -1.19
CA ARG B 40 -9.05 25.58 -1.85
C ARG B 40 -8.63 24.62 -2.97
N PRO B 41 -9.49 23.66 -3.33
CA PRO B 41 -9.26 22.97 -4.60
C PRO B 41 -9.82 23.78 -5.74
N THR B 42 -9.15 23.67 -6.89
CA THR B 42 -9.46 24.44 -8.09
C THR B 42 -9.94 23.49 -9.18
N LYS B 43 -11.02 23.85 -9.86
CA LYS B 43 -11.55 22.98 -10.90
C LYS B 43 -10.86 23.30 -12.23
N VAL B 44 -10.34 22.26 -12.89
CA VAL B 44 -9.80 22.44 -14.24
C VAL B 44 -10.93 22.66 -15.22
N GLU B 45 -10.83 23.73 -16.01
CA GLU B 45 -11.84 24.08 -16.99
C GLU B 45 -11.44 23.54 -18.36
N LEU B 46 -11.87 22.32 -18.67
CA LEU B 46 -11.64 21.74 -19.99
C LEU B 46 -12.40 22.52 -21.04
N THR B 47 -11.74 22.75 -22.19
CA THR B 47 -12.46 23.21 -23.35
C THR B 47 -13.54 22.21 -23.74
N ASP B 48 -14.57 22.74 -24.39
CA ASP B 48 -15.49 21.89 -25.15
C ASP B 48 -14.75 20.79 -25.89
N ALA B 49 -13.79 21.16 -26.76
CA ALA B 49 -12.97 20.18 -27.46
C ALA B 49 -12.49 19.07 -26.53
N GLU B 50 -11.69 19.43 -25.52
CA GLU B 50 -11.13 18.44 -24.60
C GLU B 50 -12.24 17.58 -23.98
N LEU B 51 -13.39 18.19 -23.68
CA LEU B 51 -14.44 17.45 -22.98
C LEU B 51 -15.10 16.40 -23.86
N ARG B 52 -15.61 16.83 -25.02
CA ARG B 52 -16.15 15.88 -25.98
C ARG B 52 -15.12 14.80 -26.32
N GLU B 53 -13.86 15.18 -26.53
CA GLU B 53 -12.83 14.18 -26.80
C GLU B 53 -12.77 13.14 -25.70
N VAL B 54 -12.72 13.58 -24.44
CA VAL B 54 -12.63 12.64 -23.33
C VAL B 54 -13.81 11.67 -23.36
N ILE B 55 -15.02 12.20 -23.52
CA ILE B 55 -16.21 11.34 -23.49
C ILE B 55 -16.17 10.33 -24.63
N ASP B 56 -15.74 10.75 -25.83
CA ASP B 56 -15.73 9.83 -26.96
C ASP B 56 -14.65 8.75 -26.79
N ASP B 57 -13.53 9.10 -26.14
CA ASP B 57 -12.57 8.09 -25.72
C ASP B 57 -13.19 7.11 -24.72
N CYS B 58 -13.98 7.61 -23.78
CA CYS B 58 -14.66 6.74 -22.83
C CYS B 58 -15.64 5.79 -23.51
N ASN B 59 -16.42 6.32 -24.45
CA ASN B 59 -17.44 5.48 -25.09
C ASN B 59 -16.80 4.35 -25.89
N ALA B 60 -15.69 4.64 -26.57
CA ALA B 60 -15.01 3.59 -27.33
C ALA B 60 -14.53 2.48 -26.41
N ALA B 61 -14.05 2.85 -25.21
CA ALA B 61 -13.46 1.88 -24.31
C ALA B 61 -14.52 0.91 -23.77
N VAL B 62 -15.69 1.42 -23.39
CA VAL B 62 -16.70 0.58 -22.76
C VAL B 62 -17.68 0.00 -23.75
N ALA B 63 -17.66 0.46 -25.01
CA ALA B 63 -18.49 -0.14 -26.05
C ALA B 63 -18.40 -1.67 -26.08
N PRO B 64 -17.23 -2.30 -26.20
CA PRO B 64 -17.20 -3.76 -26.30
C PRO B 64 -18.08 -4.46 -25.27
N LEU B 65 -18.20 -3.92 -24.05
CA LEU B 65 -19.01 -4.53 -23.00
C LEU B 65 -20.50 -4.53 -23.30
N GLY B 66 -21.05 -3.53 -23.99
CA GLY B 66 -22.42 -3.62 -24.48
C GLY B 66 -23.39 -2.58 -23.96
N LYS B 67 -23.02 -1.78 -22.96
CA LYS B 67 -23.93 -0.85 -22.33
C LYS B 67 -23.58 0.58 -22.75
N THR B 68 -24.62 1.40 -22.96
CA THR B 68 -24.44 2.80 -23.27
C THR B 68 -24.34 3.61 -21.98
N VAL B 69 -23.47 4.61 -21.98
CA VAL B 69 -23.31 5.52 -20.86
C VAL B 69 -23.62 6.93 -21.36
N SER B 70 -24.50 7.64 -20.66
CA SER B 70 -24.92 8.97 -21.09
C SER B 70 -23.84 10.01 -20.78
N ASP B 71 -23.91 11.15 -21.48
CA ASP B 71 -22.92 12.20 -21.29
C ASP B 71 -22.94 12.74 -19.87
N GLU B 72 -24.10 12.86 -19.24
CA GLU B 72 -24.13 13.39 -17.89
C GLU B 72 -23.63 12.33 -16.90
N ARG B 73 -23.79 11.04 -17.22
CA ARG B 73 -23.17 10.03 -16.37
C ARG B 73 -21.65 10.14 -16.45
N TRP B 74 -21.10 10.24 -17.67
CA TRP B 74 -19.67 10.49 -17.82
C TRP B 74 -19.26 11.74 -17.06
N ILE B 75 -20.06 12.81 -17.16
CA ILE B 75 -19.69 14.08 -16.55
C ILE B 75 -19.65 13.94 -15.04
N SER B 76 -20.54 13.13 -14.47
CA SER B 76 -20.46 12.84 -13.04
C SER B 76 -19.12 12.19 -12.71
N TYR B 77 -18.84 11.02 -13.29
CA TYR B 77 -17.57 10.34 -13.09
C TYR B 77 -16.39 11.30 -13.23
N VAL B 78 -16.40 12.15 -14.26
CA VAL B 78 -15.17 12.88 -14.60
C VAL B 78 -14.89 14.03 -13.63
N GLY B 79 -15.93 14.54 -12.94
CA GLY B 79 -15.73 15.67 -12.06
C GLY B 79 -14.66 15.46 -10.99
N VAL B 80 -14.48 14.22 -10.52
CA VAL B 80 -13.47 14.02 -9.48
C VAL B 80 -12.09 14.38 -10.00
N VAL B 81 -11.80 14.09 -11.27
CA VAL B 81 -10.50 14.47 -11.82
C VAL B 81 -10.42 15.99 -12.00
N LEU B 82 -11.51 16.61 -12.47
CA LEU B 82 -11.52 18.05 -12.67
C LEU B 82 -11.30 18.82 -11.38
N TRP B 83 -11.84 18.31 -10.27
CA TRP B 83 -11.75 19.01 -8.99
C TRP B 83 -10.57 18.60 -8.11
N SER B 84 -10.01 17.40 -8.32
CA SER B 84 -9.11 16.84 -7.32
C SER B 84 -7.67 16.70 -7.78
N GLN B 85 -7.32 17.21 -8.96
CA GLN B 85 -5.92 17.35 -9.32
C GLN B 85 -5.44 18.69 -8.77
N SER B 86 -4.27 19.17 -9.18
CA SER B 86 -3.69 20.40 -8.61
C SER B 86 -3.34 21.33 -9.76
N PRO B 87 -4.28 22.20 -10.18
CA PRO B 87 -4.06 22.94 -11.45
C PRO B 87 -2.79 23.77 -11.48
N ARG B 88 -2.37 24.32 -10.34
CA ARG B 88 -1.19 25.16 -10.37
C ARG B 88 0.07 24.40 -10.75
N HIS B 89 0.06 23.07 -10.69
CA HIS B 89 1.25 22.26 -10.92
C HIS B 89 1.20 21.47 -12.21
N ILE B 90 0.16 21.65 -13.03
CA ILE B 90 -0.04 20.76 -14.17
C ILE B 90 0.94 21.10 -15.29
N LYS B 91 1.90 20.20 -15.55
CA LYS B 91 2.79 20.39 -16.69
C LYS B 91 2.48 19.50 -17.88
N ASP B 92 1.49 18.63 -17.78
CA ASP B 92 1.14 17.77 -18.90
C ASP B 92 -0.37 17.59 -18.96
N MET B 93 -1.03 18.40 -19.80
CA MET B 93 -2.46 18.26 -19.96
C MET B 93 -2.85 16.98 -20.68
N GLU B 94 -1.96 16.38 -21.46
CA GLU B 94 -2.30 15.12 -22.10
C GLU B 94 -2.33 13.96 -21.08
N ALA B 95 -1.44 13.99 -20.10
CA ALA B 95 -1.53 13.02 -19.00
C ALA B 95 -2.78 13.28 -18.17
N PHE B 96 -3.16 14.56 -18.01
CA PHE B 96 -4.38 14.87 -17.30
C PHE B 96 -5.58 14.25 -17.99
N LYS B 97 -5.63 14.32 -19.33
CA LYS B 97 -6.77 13.77 -20.05
C LYS B 97 -6.80 12.25 -20.02
N ALA B 98 -5.62 11.61 -20.03
CA ALA B 98 -5.57 10.17 -19.78
C ALA B 98 -6.26 9.81 -18.47
N VAL B 99 -6.02 10.59 -17.43
CA VAL B 99 -6.60 10.25 -16.13
C VAL B 99 -8.12 10.45 -16.15
N CYS B 100 -8.60 11.48 -16.88
CA CYS B 100 -10.04 11.62 -17.07
C CYS B 100 -10.64 10.36 -17.66
N VAL B 101 -10.05 9.86 -18.75
CA VAL B 101 -10.60 8.68 -19.40
C VAL B 101 -10.49 7.46 -18.49
N LEU B 102 -9.29 7.21 -17.95
CA LEU B 102 -9.07 6.01 -17.15
C LEU B 102 -9.94 6.00 -15.90
N ASN B 103 -10.01 7.13 -15.19
CA ASN B 103 -10.93 7.26 -14.08
C ASN B 103 -12.36 6.87 -14.49
N CYS B 104 -12.85 7.44 -15.60
CA CYS B 104 -14.26 7.27 -15.96
C CYS B 104 -14.59 5.83 -16.35
N VAL B 105 -13.75 5.20 -17.18
CA VAL B 105 -14.14 3.88 -17.67
C VAL B 105 -14.02 2.84 -16.57
N THR B 106 -13.09 3.01 -15.63
CA THR B 106 -13.05 2.09 -14.48
C THR B 106 -14.14 2.40 -13.46
N PHE B 107 -14.65 3.63 -13.44
CA PHE B 107 -15.85 3.91 -12.67
C PHE B 107 -17.04 3.12 -13.20
N VAL B 108 -17.18 3.02 -14.52
CA VAL B 108 -18.22 2.18 -15.10
C VAL B 108 -18.08 0.75 -14.62
N TRP B 109 -16.86 0.23 -14.69
CA TRP B 109 -16.55 -1.12 -14.21
C TRP B 109 -16.98 -1.31 -12.76
N ASP B 110 -16.75 -0.29 -11.93
CA ASP B 110 -17.15 -0.29 -10.52
C ASP B 110 -18.66 -0.46 -10.35
N ASP B 111 -19.45 0.17 -11.23
CA ASP B 111 -20.91 0.13 -11.15
C ASP B 111 -21.52 -1.08 -11.86
N MET B 112 -20.69 -1.89 -12.52
CA MET B 112 -21.17 -2.99 -13.34
C MET B 112 -21.26 -4.27 -12.55
N ASP B 113 -22.31 -5.03 -12.81
CA ASP B 113 -22.35 -6.39 -12.31
C ASP B 113 -21.23 -7.20 -12.98
N PRO B 114 -20.60 -8.13 -12.26
CA PRO B 114 -19.39 -8.79 -12.80
C PRO B 114 -19.63 -9.59 -14.07
N ALA B 115 -20.89 -9.91 -14.40
CA ALA B 115 -21.18 -10.58 -15.66
C ALA B 115 -20.67 -9.80 -16.86
N LEU B 116 -20.60 -8.48 -16.77
CA LEU B 116 -20.16 -7.64 -17.87
C LEU B 116 -18.64 -7.45 -17.91
N HIS B 117 -17.92 -7.93 -16.90
CA HIS B 117 -16.48 -7.69 -16.78
C HIS B 117 -15.71 -8.58 -17.75
N ASP B 118 -15.60 -8.16 -19.02
CA ASP B 118 -14.87 -8.87 -20.07
C ASP B 118 -13.43 -8.35 -20.10
N PHE B 119 -12.52 -9.07 -19.43
CA PHE B 119 -11.12 -8.66 -19.45
C PHE B 119 -10.55 -8.69 -20.87
N GLY B 120 -10.94 -9.69 -21.67
CA GLY B 120 -10.38 -9.80 -23.00
C GLY B 120 -10.71 -8.62 -23.89
N LEU B 121 -11.91 -8.05 -23.72
CA LEU B 121 -12.28 -6.90 -24.54
C LEU B 121 -11.86 -5.59 -23.88
N PHE B 122 -11.84 -5.54 -22.55
CA PHE B 122 -11.61 -4.27 -21.87
C PHE B 122 -10.12 -3.96 -21.67
N LEU B 123 -9.29 -4.93 -21.27
CA LEU B 123 -7.87 -4.63 -21.11
C LEU B 123 -7.23 -4.01 -22.36
N PRO B 124 -7.45 -4.51 -23.58
CA PRO B 124 -6.84 -3.85 -24.75
C PRO B 124 -7.18 -2.36 -24.86
N GLN B 125 -8.39 -1.96 -24.49
CA GLN B 125 -8.75 -0.54 -24.51
C GLN B 125 -7.97 0.26 -23.49
N LEU B 126 -7.71 -0.33 -22.31
CA LEU B 126 -6.88 0.37 -21.34
C LEU B 126 -5.45 0.52 -21.86
N ARG B 127 -4.92 -0.48 -22.57
CA ARG B 127 -3.62 -0.32 -23.21
C ARG B 127 -3.66 0.77 -24.29
N LYS B 128 -4.70 0.77 -25.13
CA LYS B 128 -4.85 1.83 -26.14
C LYS B 128 -4.79 3.20 -25.47
N ILE B 129 -5.58 3.40 -24.42
CA ILE B 129 -5.63 4.69 -23.76
C ILE B 129 -4.26 5.09 -23.25
N CYS B 130 -3.59 4.18 -22.54
CA CYS B 130 -2.29 4.51 -21.96
C CYS B 130 -1.26 4.73 -23.07
N GLU B 131 -1.30 3.91 -24.11
CA GLU B 131 -0.28 3.98 -25.16
C GLU B 131 -0.39 5.26 -25.98
N LYS B 132 -1.59 5.83 -26.11
CA LYS B 132 -1.76 7.09 -26.83
C LYS B 132 -1.28 8.29 -26.02
N TYR B 133 -1.43 8.24 -24.69
CA TYR B 133 -1.31 9.44 -23.86
C TYR B 133 0.01 9.56 -23.10
N TYR B 134 0.63 8.44 -22.75
CA TYR B 134 1.94 8.42 -22.13
C TYR B 134 2.93 7.76 -23.10
N GLY B 135 4.22 7.85 -22.81
CA GLY B 135 5.22 7.12 -23.58
C GLY B 135 5.23 5.65 -23.19
N PRO B 136 6.36 4.97 -23.38
CA PRO B 136 6.36 3.52 -23.06
C PRO B 136 6.32 3.23 -21.56
N GLU B 137 7.35 3.65 -20.81
CA GLU B 137 7.42 3.40 -19.38
C GLU B 137 6.12 3.80 -18.68
N ASP B 138 5.76 5.08 -18.72
CA ASP B 138 4.63 5.55 -17.92
C ASP B 138 3.33 4.88 -18.32
N ALA B 139 3.23 4.42 -19.58
CA ALA B 139 2.05 3.69 -20.00
C ALA B 139 2.02 2.28 -19.45
N GLU B 140 3.19 1.68 -19.24
CA GLU B 140 3.19 0.37 -18.60
C GLU B 140 2.71 0.47 -17.16
N VAL B 141 3.16 1.49 -16.43
CA VAL B 141 2.78 1.65 -15.04
C VAL B 141 1.32 2.03 -14.92
N ALA B 142 0.84 2.92 -15.81
CA ALA B 142 -0.57 3.29 -15.76
C ALA B 142 -1.47 2.12 -16.17
N TYR B 143 -1.06 1.36 -17.19
CA TYR B 143 -1.84 0.17 -17.54
C TYR B 143 -1.84 -0.87 -16.41
N GLU B 144 -0.67 -1.15 -15.84
CA GLU B 144 -0.62 -2.13 -14.74
C GLU B 144 -1.53 -1.72 -13.59
N ALA B 145 -1.54 -0.43 -13.26
CA ALA B 145 -2.37 0.03 -12.15
C ALA B 145 -3.85 -0.08 -12.50
N ALA B 146 -4.23 0.23 -13.75
CA ALA B 146 -5.62 0.08 -14.17
C ALA B 146 -6.04 -1.39 -14.18
N ARG B 147 -5.20 -2.24 -14.77
CA ARG B 147 -5.43 -3.68 -14.72
C ARG B 147 -5.58 -4.18 -13.29
N ALA B 148 -4.66 -3.80 -12.42
CA ALA B 148 -4.73 -4.27 -11.04
C ALA B 148 -6.00 -3.78 -10.37
N PHE B 149 -6.44 -2.55 -10.68
CA PHE B 149 -7.68 -2.09 -10.07
C PHE B 149 -8.89 -2.88 -10.56
N VAL B 150 -9.04 -3.05 -11.88
CA VAL B 150 -10.27 -3.69 -12.32
C VAL B 150 -10.26 -5.17 -11.94
N THR B 151 -9.10 -5.81 -11.94
CA THR B 151 -8.99 -7.17 -11.44
C THR B 151 -9.40 -7.25 -9.96
N SER B 152 -8.94 -6.29 -9.15
CA SER B 152 -9.31 -6.23 -7.73
C SER B 152 -10.82 -6.06 -7.57
N ASP B 153 -11.41 -5.06 -8.24
CA ASP B 153 -12.84 -4.83 -8.07
C ASP B 153 -13.64 -6.08 -8.40
N HIS B 154 -13.24 -6.81 -9.45
CA HIS B 154 -13.93 -8.03 -9.86
C HIS B 154 -13.70 -9.16 -8.87
N MET B 155 -12.42 -9.40 -8.51
CA MET B 155 -12.04 -10.49 -7.61
C MET B 155 -12.81 -10.46 -6.31
N PHE B 156 -12.95 -9.28 -5.72
CA PHE B 156 -13.44 -9.20 -4.35
C PHE B 156 -14.96 -9.12 -4.26
N ARG B 157 -15.68 -9.20 -5.37
CA ARG B 157 -17.14 -9.12 -5.30
C ARG B 157 -17.74 -10.26 -4.49
N ASP B 158 -17.28 -11.50 -4.71
CA ASP B 158 -17.75 -12.61 -3.88
C ASP B 158 -16.64 -13.13 -2.98
N SER B 159 -15.92 -12.20 -2.32
CA SER B 159 -14.77 -12.67 -1.56
C SER B 159 -15.05 -12.65 -0.05
N PRO B 160 -14.72 -13.75 0.63
CA PRO B 160 -14.64 -13.69 2.09
C PRO B 160 -13.51 -12.78 2.58
N ILE B 161 -12.49 -12.54 1.76
CA ILE B 161 -11.44 -11.60 2.18
C ILE B 161 -12.04 -10.22 2.34
N LYS B 162 -12.86 -9.80 1.39
CA LYS B 162 -13.50 -8.50 1.53
C LYS B 162 -14.38 -8.47 2.78
N ALA B 163 -15.12 -9.55 3.03
CA ALA B 163 -15.93 -9.63 4.24
C ALA B 163 -15.05 -9.46 5.48
N ALA B 164 -13.90 -10.12 5.51
CA ALA B 164 -13.06 -10.04 6.71
C ALA B 164 -12.49 -8.64 6.91
N LEU B 165 -11.87 -8.07 5.86
CA LEU B 165 -11.24 -6.76 6.02
C LEU B 165 -12.29 -5.68 6.28
N CYS B 166 -13.49 -5.81 5.74
CA CYS B 166 -14.51 -4.79 5.91
C CYS B 166 -15.35 -4.92 7.17
N THR B 167 -15.22 -6.01 7.91
CA THR B 167 -16.05 -6.18 9.10
C THR B 167 -15.25 -6.31 10.38
N THR B 168 -13.94 -6.06 10.37
CA THR B 168 -13.07 -6.34 11.52
C THR B 168 -12.60 -5.09 12.25
N SER B 169 -12.09 -4.07 11.54
CA SER B 169 -11.66 -2.86 12.21
C SER B 169 -11.45 -1.77 11.17
N PRO B 170 -11.47 -0.50 11.58
CA PRO B 170 -11.09 0.56 10.64
C PRO B 170 -9.70 0.37 9.99
N GLU B 171 -8.66 -0.04 10.74
CA GLU B 171 -7.33 -0.21 10.15
C GLU B 171 -7.31 -1.30 9.08
N GLN B 172 -8.04 -2.39 9.29
CA GLN B 172 -8.09 -3.42 8.25
C GLN B 172 -8.84 -2.92 7.03
N TYR B 173 -9.97 -2.26 7.28
CA TYR B 173 -10.80 -1.75 6.19
C TYR B 173 -10.00 -0.80 5.30
N PHE B 174 -9.33 0.19 5.90
CA PHE B 174 -8.61 1.17 5.08
C PHE B 174 -7.47 0.52 4.31
N ARG B 175 -6.92 -0.56 4.84
CA ARG B 175 -5.91 -1.31 4.11
C ARG B 175 -6.48 -1.89 2.83
N PHE B 176 -7.72 -2.40 2.87
CA PHE B 176 -8.39 -2.83 1.65
C PHE B 176 -8.57 -1.66 0.67
N ARG B 177 -8.88 -0.48 1.19
CA ARG B 177 -9.29 0.62 0.31
C ARG B 177 -8.11 1.31 -0.36
N VAL B 178 -6.89 1.10 0.11
CA VAL B 178 -5.73 1.66 -0.61
C VAL B 178 -5.81 1.31 -2.08
N THR B 179 -6.19 0.06 -2.37
CA THR B 179 -6.41 -0.38 -3.74
C THR B 179 -7.86 -0.17 -4.18
N ASP B 180 -8.82 -0.57 -3.35
CA ASP B 180 -10.20 -0.67 -3.81
C ASP B 180 -10.83 0.68 -4.11
N ILE B 181 -10.48 1.74 -3.37
CA ILE B 181 -11.03 3.04 -3.75
C ILE B 181 -10.33 3.60 -4.96
N GLY B 182 -9.33 2.92 -5.52
CA GLY B 182 -8.68 3.35 -6.74
C GLY B 182 -7.59 4.39 -6.58
N VAL B 183 -7.20 4.73 -5.35
CA VAL B 183 -6.27 5.84 -5.20
C VAL B 183 -4.84 5.44 -5.57
N ASP B 184 -4.41 4.21 -5.29
CA ASP B 184 -3.09 3.83 -5.76
C ASP B 184 -3.03 3.91 -7.28
N PHE B 185 -4.06 3.43 -7.95
CA PHE B 185 -4.19 3.56 -9.40
C PHE B 185 -4.14 5.03 -9.81
N TRP B 186 -4.95 5.86 -9.15
CA TRP B 186 -4.94 7.31 -9.38
C TRP B 186 -3.54 7.88 -9.35
N MET B 187 -2.76 7.58 -8.31
CA MET B 187 -1.44 8.16 -8.20
C MET B 187 -0.54 7.69 -9.32
N LYS B 188 -0.63 6.39 -9.67
CA LYS B 188 0.28 5.83 -10.66
C LYS B 188 -0.09 6.24 -12.08
N MET B 189 -1.27 6.81 -12.30
CA MET B 189 -1.58 7.36 -13.60
C MET B 189 -1.52 8.89 -13.61
N SER B 190 -1.46 9.54 -12.45
CA SER B 190 -1.42 10.99 -12.36
C SER B 190 -0.01 11.57 -12.30
N TYR B 191 1.01 10.82 -11.90
CA TYR B 191 2.32 11.45 -11.79
C TYR B 191 2.86 11.98 -13.12
N PRO B 192 2.57 11.41 -14.28
CA PRO B 192 3.00 12.07 -15.52
C PRO B 192 2.36 13.44 -15.73
N ILE B 193 1.27 13.77 -15.03
CA ILE B 193 0.67 15.09 -15.16
C ILE B 193 1.63 16.17 -14.69
N TYR B 194 2.43 15.85 -13.66
CA TYR B 194 3.22 16.82 -12.91
C TYR B 194 4.71 16.75 -13.20
N ARG B 195 5.23 15.59 -13.63
CA ARG B 195 6.67 15.38 -13.88
C ARG B 195 7.50 15.95 -12.74
N HIS B 196 7.10 15.60 -11.53
CA HIS B 196 7.77 16.04 -10.32
C HIS B 196 8.42 14.80 -9.72
N PRO B 197 9.73 14.61 -9.91
CA PRO B 197 10.34 13.32 -9.57
C PRO B 197 10.02 12.83 -8.17
N GLU B 198 10.00 13.75 -7.21
CA GLU B 198 9.66 13.44 -5.83
C GLU B 198 8.23 12.88 -5.70
N PHE B 199 7.26 13.50 -6.38
CA PHE B 199 5.90 12.95 -6.36
C PHE B 199 5.84 11.63 -7.12
N THR B 200 6.58 11.53 -8.22
CA THR B 200 6.63 10.28 -8.96
C THR B 200 7.13 9.15 -8.08
N GLU B 201 8.10 9.44 -7.20
CA GLU B 201 8.60 8.38 -6.31
C GLU B 201 7.54 7.99 -5.28
N HIS B 202 6.88 8.96 -4.64
CA HIS B 202 5.84 8.61 -3.68
C HIS B 202 4.68 7.87 -4.35
N ALA B 203 4.40 8.19 -5.61
CA ALA B 203 3.38 7.46 -6.34
C ALA B 203 3.80 6.00 -6.53
N LYS B 204 5.05 5.80 -6.91
CA LYS B 204 5.50 4.46 -7.27
C LYS B 204 5.68 3.54 -6.06
N THR B 205 6.03 4.08 -4.89
CA THR B 205 6.07 3.29 -3.67
C THR B 205 4.67 3.05 -3.09
N SER B 206 3.66 3.78 -3.57
CA SER B 206 2.31 3.79 -3.03
C SER B 206 2.20 4.51 -1.68
N LEU B 207 3.30 5.11 -1.19
CA LEU B 207 3.18 5.99 -0.02
C LEU B 207 2.19 7.13 -0.28
N ALA B 208 2.17 7.64 -1.51
CA ALA B 208 1.18 8.66 -1.87
C ALA B 208 -0.24 8.15 -1.63
N ALA B 209 -0.54 6.95 -2.13
CA ALA B 209 -1.85 6.35 -1.91
C ALA B 209 -2.12 6.13 -0.43
N ARG B 210 -1.11 5.65 0.30
CA ARG B 210 -1.34 5.36 1.72
C ARG B 210 -1.59 6.63 2.53
N MET B 211 -1.02 7.78 2.12
CA MET B 211 -1.27 9.02 2.86
C MET B 211 -2.68 9.55 2.62
N THR B 212 -3.28 9.26 1.47
CA THR B 212 -4.52 9.91 1.08
C THR B 212 -5.74 9.01 1.19
N THR B 213 -5.54 7.72 1.48
CA THR B 213 -6.64 6.76 1.45
C THR B 213 -7.74 7.13 2.43
N ARG B 214 -7.40 7.45 3.68
CA ARG B 214 -8.46 7.69 4.66
C ARG B 214 -9.25 8.95 4.32
N GLY B 215 -8.58 10.01 3.91
CA GLY B 215 -9.28 11.24 3.59
C GLY B 215 -10.26 11.06 2.44
N LEU B 216 -9.85 10.33 1.40
CA LEU B 216 -10.77 10.03 0.31
C LEU B 216 -11.90 9.12 0.77
N THR B 217 -11.55 8.06 1.48
CA THR B 217 -12.50 7.00 1.75
C THR B 217 -13.57 7.44 2.76
N ILE B 218 -13.16 8.12 3.82
CA ILE B 218 -14.12 8.52 4.84
C ILE B 218 -15.19 9.42 4.23
N VAL B 219 -14.75 10.36 3.39
CA VAL B 219 -15.70 11.24 2.70
C VAL B 219 -16.56 10.43 1.73
N ASN B 220 -15.93 9.60 0.88
CA ASN B 220 -16.74 8.81 -0.05
C ASN B 220 -17.74 7.95 0.70
N ASP B 221 -17.29 7.27 1.77
CA ASP B 221 -18.16 6.36 2.48
C ASP B 221 -19.38 7.07 3.07
N PHE B 222 -19.17 8.27 3.62
CA PHE B 222 -20.28 8.95 4.27
C PHE B 222 -21.38 9.23 3.24
N TYR B 223 -21.00 9.76 2.10
CA TYR B 223 -21.99 10.22 1.12
C TYR B 223 -22.47 9.10 0.20
N SER B 224 -21.82 7.93 0.17
CA SER B 224 -22.32 6.82 -0.62
C SER B 224 -22.96 5.73 0.23
N TYR B 225 -23.01 5.92 1.56
CA TYR B 225 -23.57 4.93 2.47
C TYR B 225 -24.98 4.50 2.09
N ASP B 226 -25.88 5.47 1.86
CA ASP B 226 -27.27 5.10 1.60
C ASP B 226 -27.40 4.22 0.37
N ARG B 227 -26.71 4.58 -0.70
CA ARG B 227 -26.77 3.77 -1.91
C ARG B 227 -26.19 2.38 -1.65
N GLU B 228 -25.03 2.33 -1.02
CA GLU B 228 -24.33 1.04 -0.89
C GLU B 228 -25.08 0.07 0.01
N VAL B 229 -25.72 0.55 1.06
CA VAL B 229 -26.51 -0.38 1.88
C VAL B 229 -27.73 -0.88 1.11
N SER B 230 -28.36 0.00 0.32
CA SER B 230 -29.53 -0.43 -0.44
C SER B 230 -29.16 -1.33 -1.60
N LEU B 231 -27.89 -1.32 -2.01
CA LEU B 231 -27.42 -2.21 -3.05
C LEU B 231 -26.63 -3.38 -2.50
N GLY B 232 -26.71 -3.60 -1.18
CA GLY B 232 -26.15 -4.77 -0.55
C GLY B 232 -24.64 -4.75 -0.37
N GLN B 233 -23.98 -3.65 -0.68
CA GLN B 233 -22.52 -3.60 -0.69
C GLN B 233 -21.98 -3.28 0.70
N ILE B 234 -20.90 -3.95 1.10
CA ILE B 234 -20.40 -3.83 2.48
C ILE B 234 -19.11 -3.04 2.57
N THR B 235 -18.58 -2.52 1.45
CA THR B 235 -17.31 -1.79 1.49
C THR B 235 -17.57 -0.33 1.86
N ASN B 236 -17.70 -0.09 3.18
CA ASN B 236 -18.04 1.23 3.72
C ASN B 236 -17.77 1.26 5.22
N CYS B 237 -16.90 2.16 5.70
CA CYS B 237 -16.49 2.11 7.10
C CYS B 237 -17.62 2.40 8.08
N PHE B 238 -18.66 3.16 7.67
CA PHE B 238 -19.73 3.38 8.61
C PHE B 238 -20.61 2.16 8.85
N ARG B 239 -20.41 1.07 8.09
CA ARG B 239 -21.04 -0.20 8.48
C ARG B 239 -20.37 -0.81 9.71
N LEU B 240 -19.21 -0.29 10.10
CA LEU B 240 -18.54 -0.73 11.32
C LEU B 240 -19.17 -0.16 12.59
N CYS B 241 -19.92 0.93 12.50
CA CYS B 241 -20.56 1.51 13.67
C CYS B 241 -22.06 1.31 13.57
N ASP B 242 -22.76 1.59 14.66
CA ASP B 242 -24.22 1.52 14.68
C ASP B 242 -24.75 2.91 14.35
N VAL B 243 -24.96 3.18 13.06
CA VAL B 243 -25.36 4.53 12.67
C VAL B 243 -26.74 4.89 13.19
N SER B 244 -27.56 3.92 13.65
CA SER B 244 -28.87 4.27 14.19
C SER B 244 -28.79 4.79 15.63
N ASP B 245 -27.61 4.73 16.25
CA ASP B 245 -27.37 5.17 17.61
C ASP B 245 -26.57 6.47 17.55
N GLU B 246 -27.19 7.55 18.00
CA GLU B 246 -26.56 8.87 17.98
C GLU B 246 -25.19 8.86 18.64
N THR B 247 -25.15 8.40 19.89
CA THR B 247 -23.91 8.23 20.63
C THR B 247 -22.84 7.56 19.78
N ALA B 248 -23.13 6.35 19.31
CA ALA B 248 -22.11 5.57 18.62
C ALA B 248 -21.68 6.25 17.33
N PHE B 249 -22.63 6.75 16.53
CA PHE B 249 -22.29 7.31 15.24
C PHE B 249 -21.35 8.49 15.38
N LYS B 250 -21.77 9.52 16.13
CA LYS B 250 -20.97 10.74 16.14
C LYS B 250 -19.63 10.49 16.84
N GLU B 251 -19.56 9.49 17.71
CA GLU B 251 -18.29 9.16 18.33
C GLU B 251 -17.37 8.45 17.32
N PHE B 252 -17.94 7.57 16.49
CA PHE B 252 -17.18 6.99 15.38
C PHE B 252 -16.78 8.07 14.37
N PHE B 253 -17.68 9.02 14.12
CA PHE B 253 -17.39 10.07 13.16
C PHE B 253 -16.21 10.93 13.60
N GLN B 254 -16.17 11.32 14.87
CA GLN B 254 -15.03 12.08 15.37
C GLN B 254 -13.73 11.28 15.25
N ALA B 255 -13.78 9.98 15.51
CA ALA B 255 -12.59 9.17 15.32
C ALA B 255 -12.12 9.22 13.86
N ARG B 256 -13.07 9.26 12.92
CA ARG B 256 -12.69 9.33 11.52
C ARG B 256 -12.16 10.73 11.16
N LEU B 257 -12.76 11.79 11.72
CA LEU B 257 -12.20 13.14 11.56
C LEU B 257 -10.77 13.19 12.08
N ASP B 258 -10.53 12.66 13.28
CA ASP B 258 -9.19 12.61 13.84
C ASP B 258 -8.23 11.89 12.89
N ASP B 259 -8.68 10.79 12.28
CA ASP B 259 -7.87 10.10 11.25
C ASP B 259 -7.47 11.07 10.14
N MET B 260 -8.45 11.81 9.63
CA MET B 260 -8.18 12.71 8.53
C MET B 260 -7.20 13.79 8.93
N ILE B 261 -7.37 14.34 10.13
CA ILE B 261 -6.52 15.42 10.60
C ILE B 261 -5.09 14.93 10.75
N GLU B 262 -4.94 13.74 11.33
CA GLU B 262 -3.61 13.19 11.49
C GLU B 262 -2.90 13.03 10.15
N ASP B 263 -3.60 12.49 9.14
CA ASP B 263 -2.99 12.31 7.82
C ASP B 263 -2.60 13.65 7.20
N ILE B 264 -3.49 14.64 7.30
CA ILE B 264 -3.21 15.92 6.66
C ILE B 264 -2.02 16.61 7.29
N GLU B 265 -1.92 16.57 8.62
CA GLU B 265 -0.77 17.20 9.27
C GLU B 265 0.54 16.47 8.93
N CYS B 266 0.51 15.13 8.84
CA CYS B 266 1.67 14.43 8.33
C CYS B 266 1.93 14.75 6.87
N ILE B 267 0.89 14.97 6.07
CA ILE B 267 1.11 15.31 4.68
C ILE B 267 1.89 16.62 4.54
N LYS B 268 1.79 17.53 5.53
CA LYS B 268 2.53 18.80 5.39
C LYS B 268 4.03 18.66 5.59
N ALA B 269 4.55 17.45 5.86
CA ALA B 269 5.99 17.22 5.83
C ALA B 269 6.51 16.92 4.44
N PHE B 270 5.65 16.56 3.49
CA PHE B 270 6.14 16.26 2.15
C PHE B 270 6.57 17.55 1.46
N ASP B 271 7.17 17.41 0.28
CA ASP B 271 7.67 18.57 -0.44
C ASP B 271 6.48 19.44 -0.86
N GLN B 272 6.79 20.53 -1.55
CA GLN B 272 5.77 21.55 -1.75
C GLN B 272 4.72 21.11 -2.76
N LEU B 273 5.14 20.77 -3.98
CA LEU B 273 4.23 20.27 -4.98
C LEU B 273 3.45 19.08 -4.44
N THR B 274 4.15 18.11 -3.85
CA THR B 274 3.52 16.87 -3.43
C THR B 274 2.40 17.12 -2.42
N GLN B 275 2.64 17.95 -1.41
CA GLN B 275 1.58 18.17 -0.43
C GLN B 275 0.42 18.95 -1.03
N ASP B 276 0.71 19.86 -1.97
CA ASP B 276 -0.38 20.51 -2.70
C ASP B 276 -1.26 19.48 -3.36
N VAL B 277 -0.64 18.58 -4.13
CA VAL B 277 -1.38 17.56 -4.88
C VAL B 277 -2.15 16.66 -3.92
N PHE B 278 -1.50 16.18 -2.87
CA PHE B 278 -2.19 15.34 -1.89
C PHE B 278 -3.41 16.06 -1.31
N LEU B 279 -3.23 17.32 -0.90
CA LEU B 279 -4.33 18.01 -0.24
C LEU B 279 -5.44 18.40 -1.22
N ASP B 280 -5.07 18.80 -2.45
CA ASP B 280 -6.09 19.07 -3.46
C ASP B 280 -6.90 17.80 -3.76
N LEU B 281 -6.24 16.64 -3.70
CA LEU B 281 -6.94 15.38 -3.93
C LEU B 281 -8.00 15.15 -2.86
N ILE B 282 -7.60 15.24 -1.58
CA ILE B 282 -8.54 14.99 -0.50
C ILE B 282 -9.64 16.05 -0.47
N TYR B 283 -9.25 17.31 -0.51
CA TYR B 283 -10.24 18.38 -0.39
C TYR B 283 -11.09 18.49 -1.66
N GLY B 284 -10.47 18.34 -2.83
CA GLY B 284 -11.24 18.34 -4.06
C GLY B 284 -12.24 17.19 -4.13
N ASN B 285 -11.86 16.01 -3.65
CA ASN B 285 -12.81 14.92 -3.64
C ASN B 285 -14.03 15.28 -2.80
N PHE B 286 -13.82 16.01 -1.71
CA PHE B 286 -14.94 16.39 -0.86
C PHE B 286 -15.83 17.41 -1.57
N VAL B 287 -15.24 18.39 -2.24
CA VAL B 287 -16.04 19.37 -2.98
C VAL B 287 -16.86 18.69 -4.06
N TRP B 288 -16.19 17.86 -4.88
CA TRP B 288 -16.86 17.11 -5.93
C TRP B 288 -17.95 16.21 -5.37
N THR B 289 -17.63 15.46 -4.30
CA THR B 289 -18.60 14.54 -3.73
C THR B 289 -19.86 15.27 -3.27
N THR B 290 -19.70 16.48 -2.73
CA THR B 290 -20.84 17.22 -2.20
C THR B 290 -21.64 17.97 -3.27
N SER B 291 -21.11 18.18 -4.48
CA SER B 291 -21.92 18.81 -5.54
C SER B 291 -22.31 17.86 -6.66
N ASN B 292 -22.27 16.56 -6.46
CA ASN B 292 -22.43 15.59 -7.54
C ASN B 292 -23.67 14.75 -7.28
N LYS B 293 -24.56 14.67 -8.27
CA LYS B 293 -25.78 13.88 -8.07
C LYS B 293 -25.47 12.43 -7.73
N ARG B 294 -24.29 11.94 -8.13
CA ARG B 294 -23.86 10.61 -7.72
C ARG B 294 -24.03 10.37 -6.23
N TYR B 295 -23.92 11.42 -5.41
CA TYR B 295 -23.93 11.24 -3.97
C TYR B 295 -25.08 11.96 -3.27
N LYS B 296 -26.17 12.25 -3.98
CA LYS B 296 -27.30 12.99 -3.42
C LYS B 296 -28.50 12.12 -3.06
N THR B 297 -28.87 11.17 -3.91
CA THR B 297 -29.79 10.11 -3.53
C THR B 297 -29.11 8.75 -3.70
N ALA B 298 -29.45 7.83 -2.79
CA ALA B 298 -29.05 6.42 -2.92
C ALA B 298 -29.14 5.93 -4.36
N VAL B 299 -30.32 5.99 -4.95
CA VAL B 299 -30.54 5.48 -6.29
C VAL B 299 -31.08 6.62 -7.15
N ASN B 300 -30.41 6.93 -8.25
CA ASN B 300 -30.90 7.93 -9.19
C ASN B 300 -30.38 7.60 -10.58
N ASP B 301 -30.58 8.54 -11.50
CA ASP B 301 -30.31 8.31 -12.91
C ASP B 301 -28.82 8.35 -13.25
N VAL B 302 -27.91 8.48 -12.28
CA VAL B 302 -26.49 8.47 -12.60
C VAL B 302 -25.69 7.44 -11.81
N ASN B 303 -26.14 7.01 -10.61
CA ASN B 303 -25.40 6.00 -9.87
C ASN B 303 -26.09 4.65 -9.85
N SER B 304 -27.06 4.44 -10.74
CA SER B 304 -27.79 3.18 -10.80
C SER B 304 -26.82 2.02 -11.01
N ARG B 305 -27.16 0.85 -10.41
CA ARG B 305 -26.38 -0.34 -10.71
C ARG B 305 -26.63 -0.77 -12.15
N ILE B 306 -25.56 -0.87 -12.92
CA ILE B 306 -25.64 -1.24 -14.33
C ILE B 306 -25.78 -2.76 -14.37
N GLN B 307 -26.63 -3.27 -15.26
CA GLN B 307 -27.21 -4.59 -15.12
C GLN B 307 -26.53 -5.65 -15.98
N ALA B 308 -26.78 -6.91 -15.66
CA ALA B 308 -26.43 -7.99 -16.62
C ALA B 308 -27.65 -8.46 -17.40
N GLY A 14 17.47 4.02 31.11
CA GLY A 14 16.34 4.66 30.46
C GLY A 14 15.90 4.08 29.12
N ARG A 15 16.25 4.78 28.05
CA ARG A 15 15.66 4.60 26.73
C ARG A 15 16.65 3.96 25.76
N SER A 16 17.85 3.66 26.23
CA SER A 16 18.91 3.06 25.44
C SER A 16 18.59 1.65 24.94
N SER A 17 17.74 0.90 25.63
CA SER A 17 17.74 -0.54 25.38
C SER A 17 16.39 -1.15 25.74
N VAL A 18 16.13 -2.32 25.16
CA VAL A 18 15.02 -3.15 25.60
C VAL A 18 15.50 -4.45 26.23
N ARG A 19 16.81 -4.57 26.51
CA ARG A 19 17.33 -5.77 27.18
C ARG A 19 16.52 -6.24 28.38
N PRO A 20 16.05 -5.39 29.29
CA PRO A 20 15.23 -5.90 30.42
C PRO A 20 14.08 -6.79 30.00
N TYR A 21 13.50 -6.57 28.83
CA TYR A 21 12.30 -7.27 28.39
C TYR A 21 12.59 -8.41 27.42
N LEU A 22 13.85 -8.70 27.14
CA LEU A 22 14.18 -9.58 26.02
C LEU A 22 13.56 -10.97 26.19
N GLU A 23 13.71 -11.57 27.37
CA GLU A 23 13.21 -12.93 27.56
C GLU A 23 11.68 -12.99 27.54
N GLU A 24 11.03 -12.10 28.30
CA GLU A 24 9.57 -12.10 28.38
C GLU A 24 8.95 -11.81 27.01
N CYS A 25 9.48 -10.81 26.30
CA CYS A 25 8.92 -10.49 24.98
C CYS A 25 9.14 -11.63 23.99
N THR A 26 10.33 -12.26 24.02
CA THR A 26 10.58 -13.36 23.10
C THR A 26 9.56 -14.45 23.34
N ARG A 27 9.37 -14.75 24.61
CA ARG A 27 8.44 -15.80 24.96
C ARG A 27 6.99 -15.42 24.61
N ARG A 28 6.64 -14.13 24.75
CA ARG A 28 5.30 -13.68 24.35
C ARG A 28 5.06 -13.82 22.84
N PHE A 29 5.99 -13.32 22.02
CA PHE A 29 5.93 -13.55 20.57
C PHE A 29 5.70 -15.02 20.23
N GLN A 30 6.52 -15.91 20.79
CA GLN A 30 6.40 -17.31 20.42
C GLN A 30 5.05 -17.89 20.83
N GLU A 31 4.56 -17.54 22.02
CA GLU A 31 3.25 -18.03 22.45
C GLU A 31 2.17 -17.59 21.48
N MET A 32 2.26 -16.33 21.04
CA MET A 32 1.27 -15.81 20.11
C MET A 32 1.28 -16.59 18.81
N PHE A 33 2.47 -16.86 18.27
CA PHE A 33 2.56 -17.65 17.04
C PHE A 33 2.00 -19.05 17.21
N ASP A 34 2.20 -19.66 18.40
CA ASP A 34 1.72 -21.02 18.60
C ASP A 34 0.21 -21.08 18.73
N ARG A 35 -0.38 -20.07 19.35
CA ARG A 35 -1.83 -20.04 19.42
C ARG A 35 -2.44 -19.83 18.04
N HIS A 36 -1.88 -18.93 17.24
CA HIS A 36 -2.58 -18.39 16.09
C HIS A 36 -2.12 -18.92 14.73
N VAL A 37 -0.92 -19.50 14.63
CA VAL A 37 -0.36 -19.93 13.35
C VAL A 37 -0.10 -21.43 13.32
N VAL A 38 0.40 -21.99 14.43
CA VAL A 38 0.65 -23.42 14.64
C VAL A 38 1.75 -23.94 13.69
N THR A 39 1.49 -24.16 12.40
CA THR A 39 2.56 -24.48 11.47
C THR A 39 3.67 -23.42 11.50
N ARG A 40 4.79 -23.70 10.83
CA ARG A 40 6.06 -23.07 11.13
C ARG A 40 6.73 -22.52 9.89
N PRO A 41 7.80 -21.76 10.06
CA PRO A 41 8.83 -21.71 9.04
C PRO A 41 9.41 -23.09 8.81
N THR A 42 9.76 -23.35 7.56
CA THR A 42 10.64 -24.45 7.20
C THR A 42 11.81 -23.86 6.45
N LYS A 43 13.01 -24.23 6.87
CA LYS A 43 14.21 -23.62 6.33
C LYS A 43 14.64 -24.36 5.06
N VAL A 44 14.37 -23.76 3.89
CA VAL A 44 14.90 -24.28 2.62
C VAL A 44 16.35 -24.66 2.82
N GLU A 45 16.77 -25.79 2.26
CA GLU A 45 18.16 -26.19 2.32
C GLU A 45 18.77 -26.05 0.94
N LEU A 46 19.59 -25.02 0.76
CA LEU A 46 20.28 -24.78 -0.50
C LEU A 46 21.36 -25.83 -0.72
N THR A 47 21.49 -26.26 -1.96
CA THR A 47 22.63 -27.08 -2.33
C THR A 47 23.91 -26.28 -2.11
N ASP A 48 24.99 -27.02 -1.84
CA ASP A 48 26.28 -26.36 -1.58
C ASP A 48 26.69 -25.50 -2.77
N ALA A 49 26.58 -26.05 -3.99
CA ALA A 49 26.69 -25.26 -5.21
C ALA A 49 25.71 -24.08 -5.23
N GLU A 50 24.50 -24.26 -4.69
CA GLU A 50 23.50 -23.19 -4.75
C GLU A 50 23.92 -22.00 -3.91
N LEU A 51 24.31 -22.26 -2.65
CA LEU A 51 24.68 -21.16 -1.76
C LEU A 51 25.91 -20.46 -2.29
N ARG A 52 26.72 -21.19 -3.06
CA ARG A 52 27.84 -20.66 -3.82
C ARG A 52 27.40 -19.66 -4.87
N GLU A 53 26.44 -20.07 -5.73
CA GLU A 53 25.99 -19.19 -6.80
C GLU A 53 25.36 -17.92 -6.25
N VAL A 54 24.57 -18.05 -5.18
CA VAL A 54 23.92 -16.89 -4.57
C VAL A 54 24.96 -15.90 -4.09
N ILE A 55 25.93 -16.37 -3.31
CA ILE A 55 26.89 -15.46 -2.71
C ILE A 55 27.80 -14.85 -3.76
N ASP A 56 28.19 -15.64 -4.77
CA ASP A 56 28.98 -15.08 -5.87
C ASP A 56 28.21 -13.95 -6.57
N ASP A 57 26.91 -14.15 -6.80
CA ASP A 57 26.12 -13.11 -7.44
C ASP A 57 25.99 -11.86 -6.56
N CYS A 58 25.84 -12.06 -5.24
CA CYS A 58 25.81 -10.92 -4.33
C CYS A 58 27.11 -10.13 -4.38
N ASN A 59 28.25 -10.83 -4.35
CA ASN A 59 29.53 -10.14 -4.35
C ASN A 59 29.71 -9.35 -5.65
N ALA A 60 29.34 -9.95 -6.78
CA ALA A 60 29.41 -9.23 -8.05
C ALA A 60 28.55 -7.96 -8.01
N ALA A 61 27.38 -8.05 -7.38
CA ALA A 61 26.44 -6.92 -7.42
C ALA A 61 26.94 -5.73 -6.62
N VAL A 62 27.54 -5.97 -5.45
CA VAL A 62 27.97 -4.85 -4.62
C VAL A 62 29.41 -4.47 -4.85
N ALA A 63 30.19 -5.31 -5.53
CA ALA A 63 31.60 -4.99 -5.75
C ALA A 63 31.82 -3.57 -6.26
N PRO A 64 31.05 -3.03 -7.22
CA PRO A 64 31.33 -1.66 -7.69
C PRO A 64 31.09 -0.61 -6.63
N LEU A 65 30.32 -0.91 -5.58
CA LEU A 65 30.15 0.02 -4.47
C LEU A 65 31.36 0.10 -3.55
N GLY A 66 32.31 -0.82 -3.68
CA GLY A 66 33.60 -0.67 -3.05
C GLY A 66 33.81 -1.34 -1.70
N LYS A 67 32.78 -1.93 -1.09
CA LYS A 67 32.91 -2.51 0.25
C LYS A 67 32.88 -4.03 0.19
N THR A 68 33.79 -4.66 0.93
CA THR A 68 33.79 -6.11 1.06
C THR A 68 32.71 -6.58 2.01
N VAL A 69 31.99 -7.62 1.61
CA VAL A 69 31.00 -8.27 2.45
C VAL A 69 31.43 -9.72 2.64
N SER A 70 31.53 -10.15 3.89
CA SER A 70 31.98 -11.50 4.22
C SER A 70 30.89 -12.53 3.98
N ASP A 71 31.33 -13.79 3.77
CA ASP A 71 30.41 -14.93 3.73
C ASP A 71 29.41 -14.89 4.87
N GLU A 72 29.89 -14.73 6.09
CA GLU A 72 28.97 -14.87 7.22
C GLU A 72 28.02 -13.67 7.31
N ARG A 73 28.41 -12.51 6.79
CA ARG A 73 27.45 -11.42 6.67
C ARG A 73 26.39 -11.73 5.61
N TRP A 74 26.80 -12.25 4.45
CA TRP A 74 25.81 -12.69 3.47
C TRP A 74 24.85 -13.71 4.08
N ILE A 75 25.39 -14.66 4.84
CA ILE A 75 24.56 -15.71 5.42
C ILE A 75 23.58 -15.11 6.42
N SER A 76 24.04 -14.13 7.21
CA SER A 76 23.10 -13.42 8.07
C SER A 76 21.94 -12.87 7.26
N TYR A 77 22.25 -12.08 6.23
CA TYR A 77 21.21 -11.45 5.42
C TYR A 77 20.29 -12.50 4.79
N VAL A 78 20.86 -13.57 4.23
CA VAL A 78 20.06 -14.50 3.43
C VAL A 78 19.13 -15.34 4.29
N GLY A 79 19.39 -15.43 5.60
CA GLY A 79 18.60 -16.32 6.44
C GLY A 79 17.11 -16.03 6.44
N VAL A 80 16.74 -14.75 6.28
CA VAL A 80 15.31 -14.42 6.26
C VAL A 80 14.63 -15.07 5.05
N VAL A 81 15.33 -15.15 3.91
CA VAL A 81 14.72 -15.83 2.77
C VAL A 81 14.63 -17.33 3.03
N LEU A 82 15.66 -17.91 3.64
CA LEU A 82 15.68 -19.35 3.85
C LEU A 82 14.59 -19.77 4.81
N TRP A 83 14.27 -18.89 5.77
CA TRP A 83 13.35 -19.20 6.86
C TRP A 83 11.94 -18.67 6.65
N SER A 84 11.72 -17.72 5.74
CA SER A 84 10.46 -17.00 5.71
C SER A 84 9.75 -17.06 4.36
N GLN A 85 10.14 -17.99 3.47
CA GLN A 85 9.35 -18.36 2.33
C GLN A 85 8.52 -19.59 2.73
N SER A 86 7.82 -20.23 1.81
CA SER A 86 6.88 -21.29 2.14
C SER A 86 7.26 -22.52 1.33
N PRO A 87 8.28 -23.27 1.77
CA PRO A 87 8.87 -24.32 0.91
C PRO A 87 7.88 -25.28 0.32
N ARG A 88 6.87 -25.73 1.05
CA ARG A 88 6.03 -26.77 0.48
C ARG A 88 5.30 -26.25 -0.77
N HIS A 89 5.20 -24.92 -0.92
CA HIS A 89 4.56 -24.30 -2.06
C HIS A 89 5.51 -23.87 -3.18
N ILE A 90 6.84 -24.03 -3.03
CA ILE A 90 7.74 -23.45 -4.02
C ILE A 90 7.67 -24.22 -5.33
N LYS A 91 7.55 -23.48 -6.43
CA LYS A 91 7.56 -24.05 -7.77
C LYS A 91 8.81 -23.71 -8.56
N ASP A 92 9.34 -22.49 -8.43
CA ASP A 92 10.41 -21.97 -9.27
C ASP A 92 11.59 -21.61 -8.38
N MET A 93 12.63 -22.47 -8.36
CA MET A 93 13.81 -22.22 -7.54
C MET A 93 14.75 -21.19 -8.15
N GLU A 94 14.61 -20.89 -9.44
CA GLU A 94 15.36 -19.77 -9.99
C GLU A 94 14.86 -18.45 -9.41
N ALA A 95 13.55 -18.31 -9.30
CA ALA A 95 13.00 -17.13 -8.61
C ALA A 95 13.43 -17.09 -7.15
N PHE A 96 13.49 -18.25 -6.48
CA PHE A 96 13.93 -18.29 -5.09
C PHE A 96 15.36 -17.75 -4.95
N LYS A 97 16.28 -18.25 -5.81
CA LYS A 97 17.65 -17.74 -5.76
C LYS A 97 17.68 -16.23 -5.99
N ALA A 98 16.84 -15.73 -6.90
CA ALA A 98 16.78 -14.30 -7.15
C ALA A 98 16.40 -13.54 -5.89
N VAL A 99 15.40 -14.02 -5.16
CA VAL A 99 15.00 -13.36 -3.93
C VAL A 99 16.13 -13.41 -2.91
N CYS A 100 16.87 -14.52 -2.85
CA CYS A 100 18.06 -14.56 -1.99
C CYS A 100 19.01 -13.43 -2.35
N VAL A 101 19.37 -13.30 -3.63
CA VAL A 101 20.37 -12.32 -4.04
C VAL A 101 19.84 -10.89 -3.83
N LEU A 102 18.64 -10.61 -4.33
CA LEU A 102 18.06 -9.27 -4.20
C LEU A 102 17.88 -8.87 -2.75
N ASN A 103 17.36 -9.77 -1.92
CA ASN A 103 17.24 -9.48 -0.49
C ASN A 103 18.58 -9.10 0.10
N CYS A 104 19.62 -9.85 -0.24
CA CYS A 104 20.94 -9.66 0.38
C CYS A 104 21.57 -8.35 -0.06
N VAL A 105 21.55 -8.05 -1.36
CA VAL A 105 22.30 -6.88 -1.81
C VAL A 105 21.61 -5.59 -1.39
N THR A 106 20.27 -5.58 -1.29
CA THR A 106 19.61 -4.38 -0.78
C THR A 106 19.72 -4.29 0.74
N PHE A 107 19.96 -5.41 1.42
CA PHE A 107 20.36 -5.36 2.82
C PHE A 107 21.67 -4.60 2.99
N VAL A 108 22.66 -4.88 2.13
CA VAL A 108 23.91 -4.12 2.17
C VAL A 108 23.61 -2.63 2.00
N TRP A 109 22.78 -2.29 1.03
CA TRP A 109 22.35 -0.90 0.83
C TRP A 109 21.80 -0.30 2.12
N ASP A 110 20.92 -1.05 2.80
CA ASP A 110 20.31 -0.59 4.06
C ASP A 110 21.38 -0.26 5.10
N ASP A 111 22.46 -1.04 5.13
CA ASP A 111 23.50 -0.84 6.13
C ASP A 111 24.53 0.21 5.74
N MET A 112 24.53 0.67 4.49
CA MET A 112 25.56 1.60 4.00
C MET A 112 25.18 3.04 4.29
N ASP A 113 26.18 3.82 4.71
CA ASP A 113 26.04 5.27 4.71
C ASP A 113 25.75 5.74 3.28
N PRO A 114 24.89 6.74 3.11
CA PRO A 114 24.42 7.07 1.76
C PRO A 114 25.50 7.67 0.86
N ALA A 115 26.66 8.05 1.42
CA ALA A 115 27.78 8.45 0.59
C ALA A 115 28.26 7.31 -0.29
N LEU A 116 28.08 6.07 0.16
CA LEU A 116 28.42 4.90 -0.65
C LEU A 116 27.37 4.57 -1.70
N HIS A 117 26.16 5.12 -1.59
CA HIS A 117 25.10 4.80 -2.53
C HIS A 117 25.48 5.36 -3.89
N ASP A 118 25.52 4.50 -4.90
CA ASP A 118 25.92 4.84 -6.27
C ASP A 118 24.90 4.23 -7.21
N PHE A 119 23.92 5.04 -7.61
CA PHE A 119 22.79 4.52 -8.37
C PHE A 119 23.22 4.07 -9.77
N GLY A 120 24.14 4.82 -10.40
CA GLY A 120 24.60 4.44 -11.73
C GLY A 120 25.39 3.14 -11.76
N LEU A 121 26.06 2.80 -10.66
CA LEU A 121 26.76 1.52 -10.59
C LEU A 121 25.86 0.39 -10.15
N PHE A 122 24.93 0.66 -9.23
CA PHE A 122 24.17 -0.41 -8.59
C PHE A 122 22.91 -0.79 -9.36
N LEU A 123 22.19 0.19 -9.91
CA LEU A 123 20.96 -0.16 -10.62
C LEU A 123 21.21 -1.14 -11.77
N PRO A 124 22.25 -0.96 -12.62
CA PRO A 124 22.52 -2.02 -13.63
C PRO A 124 22.73 -3.39 -13.02
N GLN A 125 23.36 -3.48 -11.85
CA GLN A 125 23.51 -4.78 -11.19
C GLN A 125 22.16 -5.38 -10.86
N LEU A 126 21.26 -4.59 -10.27
CA LEU A 126 19.93 -5.12 -9.94
C LEU A 126 19.18 -5.55 -11.18
N ARG A 127 19.36 -4.82 -12.29
CA ARG A 127 18.67 -5.20 -13.52
C ARG A 127 19.18 -6.53 -14.05
N LYS A 128 20.49 -6.75 -14.00
CA LYS A 128 21.06 -8.01 -14.47
C LYS A 128 20.56 -9.18 -13.66
N ILE A 129 20.58 -9.05 -12.33
CA ILE A 129 20.05 -10.10 -11.46
C ILE A 129 18.62 -10.43 -11.87
N CYS A 130 17.79 -9.40 -12.03
CA CYS A 130 16.39 -9.64 -12.33
C CYS A 130 16.21 -10.34 -13.67
N GLU A 131 17.02 -9.99 -14.66
CA GLU A 131 16.86 -10.61 -15.97
C GLU A 131 17.37 -12.05 -15.97
N LYS A 132 18.47 -12.33 -15.25
CA LYS A 132 19.03 -13.67 -15.19
C LYS A 132 18.00 -14.69 -14.66
N TYR A 133 17.29 -14.34 -13.58
CA TYR A 133 16.55 -15.36 -12.83
C TYR A 133 15.05 -15.37 -13.11
N TYR A 134 14.49 -14.32 -13.70
CA TYR A 134 13.07 -14.20 -13.97
C TYR A 134 12.82 -14.14 -15.46
N GLY A 135 11.60 -14.50 -15.89
CA GLY A 135 11.19 -14.26 -17.25
C GLY A 135 11.06 -12.76 -17.54
N PRO A 136 10.77 -12.42 -18.80
CA PRO A 136 10.66 -10.99 -19.18
C PRO A 136 9.64 -10.17 -18.38
N GLU A 137 8.44 -10.69 -18.11
CA GLU A 137 7.47 -9.87 -17.40
C GLU A 137 7.83 -9.75 -15.91
N ASP A 138 8.07 -10.89 -15.27
CA ASP A 138 8.45 -10.90 -13.86
C ASP A 138 9.71 -10.07 -13.61
N ALA A 139 10.67 -10.09 -14.54
CA ALA A 139 11.91 -9.34 -14.34
C ALA A 139 11.63 -7.85 -14.18
N GLU A 140 10.70 -7.32 -14.99
CA GLU A 140 10.34 -5.90 -14.86
C GLU A 140 9.76 -5.59 -13.50
N VAL A 141 8.87 -6.45 -13.01
CA VAL A 141 8.21 -6.20 -11.74
C VAL A 141 9.23 -6.23 -10.60
N ALA A 142 10.09 -7.25 -10.60
CA ALA A 142 11.13 -7.34 -9.56
C ALA A 142 12.04 -6.13 -9.58
N TYR A 143 12.52 -5.74 -10.77
CA TYR A 143 13.45 -4.64 -10.84
C TYR A 143 12.81 -3.33 -10.36
N GLU A 144 11.59 -3.05 -10.79
CA GLU A 144 10.95 -1.82 -10.31
C GLU A 144 10.83 -1.83 -8.79
N ALA A 145 10.43 -2.95 -8.21
CA ALA A 145 10.30 -3.01 -6.75
C ALA A 145 11.65 -2.81 -6.05
N ALA A 146 12.72 -3.45 -6.58
CA ALA A 146 14.05 -3.23 -6.01
C ALA A 146 14.49 -1.77 -6.16
N ARG A 147 14.31 -1.20 -7.35
CA ARG A 147 14.65 0.20 -7.60
C ARG A 147 13.91 1.12 -6.63
N ALA A 148 12.59 0.92 -6.49
CA ALA A 148 11.81 1.73 -5.57
C ALA A 148 12.33 1.59 -4.14
N PHE A 149 12.74 0.38 -3.72
CA PHE A 149 13.21 0.23 -2.36
C PHE A 149 14.49 0.99 -2.10
N VAL A 150 15.53 0.78 -2.93
CA VAL A 150 16.82 1.42 -2.65
C VAL A 150 16.68 2.95 -2.74
N THR A 151 15.86 3.41 -3.67
CA THR A 151 15.60 4.85 -3.77
C THR A 151 14.93 5.38 -2.51
N SER A 152 13.94 4.65 -2.00
CA SER A 152 13.27 5.07 -0.78
C SER A 152 14.23 5.08 0.41
N ASP A 153 15.00 4.00 0.58
CA ASP A 153 15.95 3.96 1.70
C ASP A 153 16.88 5.16 1.64
N HIS A 154 17.37 5.50 0.45
CA HIS A 154 18.27 6.64 0.30
C HIS A 154 17.53 7.96 0.55
N MET A 155 16.37 8.14 -0.10
CA MET A 155 15.58 9.37 0.00
C MET A 155 15.35 9.79 1.43
N PHE A 156 15.16 8.85 2.34
CA PHE A 156 14.64 9.20 3.66
C PHE A 156 15.69 9.25 4.78
N ARG A 157 16.99 9.16 4.45
CA ARG A 157 18.05 9.02 5.46
C ARG A 157 18.26 10.26 6.31
N ASP A 158 17.54 10.36 7.40
CA ASP A 158 17.42 11.62 8.14
C ASP A 158 16.76 12.71 7.30
N SER A 159 15.43 12.59 7.03
CA SER A 159 14.33 13.17 6.22
C SER A 159 13.18 13.67 7.08
N PRO A 160 12.64 14.88 6.86
CA PRO A 160 11.48 15.32 7.66
C PRO A 160 10.24 14.46 7.52
N ILE A 161 9.98 13.90 6.34
CA ILE A 161 8.83 13.01 6.20
C ILE A 161 8.98 11.81 7.13
N LYS A 162 10.20 11.29 7.22
CA LYS A 162 10.42 10.09 8.04
C LYS A 162 10.16 10.38 9.52
N ALA A 163 10.69 11.50 10.02
CA ALA A 163 10.43 11.90 11.41
C ALA A 163 8.95 12.11 11.66
N ALA A 164 8.25 12.75 10.72
CA ALA A 164 6.82 12.94 10.89
C ALA A 164 6.11 11.59 11.04
N LEU A 165 6.34 10.67 10.10
CA LEU A 165 5.63 9.40 10.14
C LEU A 165 6.08 8.53 11.33
N CYS A 166 7.36 8.55 11.66
CA CYS A 166 7.86 7.65 12.71
C CYS A 166 7.58 8.14 14.12
N THR A 167 7.21 9.41 14.33
CA THR A 167 6.97 9.89 15.68
C THR A 167 5.50 10.15 16.01
N THR A 168 4.61 10.19 15.02
CA THR A 168 3.23 10.65 15.25
C THR A 168 2.29 9.58 15.82
N SER A 169 2.16 8.44 15.15
CA SER A 169 1.29 7.38 15.64
C SER A 169 1.78 6.05 15.07
N PRO A 170 1.39 4.93 15.68
CA PRO A 170 1.76 3.64 15.07
C PRO A 170 1.31 3.54 13.63
N GLU A 171 0.17 4.12 13.25
CA GLU A 171 -0.32 3.90 11.90
C GLU A 171 0.44 4.75 10.89
N GLN A 172 0.82 5.98 11.25
CA GLN A 172 1.73 6.71 10.36
C GLN A 172 3.02 5.93 10.14
N TYR A 173 3.55 5.35 11.23
CA TYR A 173 4.82 4.64 11.16
C TYR A 173 4.72 3.39 10.30
N PHE A 174 3.71 2.55 10.55
CA PHE A 174 3.60 1.31 9.78
C PHE A 174 3.30 1.60 8.32
N ARG A 175 2.63 2.71 8.05
CA ARG A 175 2.43 3.17 6.67
C ARG A 175 3.75 3.41 5.94
N PHE A 176 4.70 4.07 6.61
CA PHE A 176 6.05 4.23 6.07
C PHE A 176 6.72 2.88 5.85
N ARG A 177 6.50 1.94 6.77
CA ARG A 177 7.26 0.69 6.73
C ARG A 177 6.76 -0.31 5.69
N VAL A 178 5.55 -0.14 5.14
CA VAL A 178 5.11 -1.00 4.03
C VAL A 178 6.18 -1.03 2.94
N THR A 179 6.76 0.12 2.62
CA THR A 179 7.89 0.19 1.71
C THR A 179 9.22 0.02 2.42
N ASP A 180 9.41 0.74 3.53
CA ASP A 180 10.76 0.85 4.11
C ASP A 180 11.28 -0.47 4.67
N ILE A 181 10.43 -1.35 5.21
CA ILE A 181 10.97 -2.64 5.65
C ILE A 181 11.09 -3.62 4.48
N GLY A 182 10.92 -3.14 3.25
CA GLY A 182 11.16 -3.96 2.09
C GLY A 182 10.12 -5.01 1.79
N VAL A 183 9.01 -5.04 2.52
CA VAL A 183 8.07 -6.15 2.31
C VAL A 183 7.28 -6.01 1.02
N ASP A 184 6.93 -4.78 0.59
CA ASP A 184 6.31 -4.66 -0.73
C ASP A 184 7.23 -5.21 -1.82
N PHE A 185 8.51 -4.82 -1.76
CA PHE A 185 9.54 -5.36 -2.64
C PHE A 185 9.56 -6.88 -2.57
N TRP A 186 9.55 -7.43 -1.35
CA TRP A 186 9.62 -8.88 -1.16
C TRP A 186 8.49 -9.60 -1.87
N MET A 187 7.25 -9.12 -1.69
CA MET A 187 6.12 -9.78 -2.33
C MET A 187 6.25 -9.76 -3.84
N LYS A 188 6.65 -8.61 -4.39
CA LYS A 188 6.71 -8.43 -5.83
C LYS A 188 7.86 -9.20 -6.48
N MET A 189 8.90 -9.54 -5.72
CA MET A 189 9.93 -10.41 -6.27
C MET A 189 9.71 -11.88 -5.92
N SER A 190 8.82 -12.18 -4.97
CA SER A 190 8.57 -13.54 -4.53
C SER A 190 7.41 -14.22 -5.25
N TYR A 191 6.46 -13.46 -5.83
CA TYR A 191 5.34 -14.13 -6.49
C TYR A 191 5.80 -15.14 -7.56
N PRO A 192 6.90 -14.93 -8.31
CA PRO A 192 7.28 -15.96 -9.29
C PRO A 192 7.74 -17.27 -8.65
N ILE A 193 8.12 -17.25 -7.38
CA ILE A 193 8.48 -18.49 -6.69
C ILE A 193 7.30 -19.46 -6.70
N TYR A 194 6.10 -18.93 -6.53
CA TYR A 194 4.91 -19.73 -6.27
C TYR A 194 4.01 -19.91 -7.48
N ARG A 195 4.06 -19.01 -8.46
CA ARG A 195 3.24 -19.12 -9.67
C ARG A 195 1.78 -19.37 -9.33
N HIS A 196 1.30 -18.64 -8.32
CA HIS A 196 -0.05 -18.80 -7.80
C HIS A 196 -0.86 -17.55 -8.14
N PRO A 197 -1.81 -17.63 -9.07
CA PRO A 197 -2.50 -16.41 -9.55
C PRO A 197 -3.04 -15.53 -8.44
N GLU A 198 -3.65 -16.14 -7.43
CA GLU A 198 -4.15 -15.35 -6.31
C GLU A 198 -3.06 -14.53 -5.65
N PHE A 199 -1.97 -15.19 -5.25
CA PHE A 199 -0.87 -14.49 -4.58
C PHE A 199 -0.28 -13.41 -5.47
N THR A 200 -0.14 -13.70 -6.76
CA THR A 200 0.44 -12.73 -7.67
C THR A 200 -0.36 -11.42 -7.70
N GLU A 201 -1.70 -11.51 -7.67
CA GLU A 201 -2.51 -10.29 -7.63
C GLU A 201 -2.32 -9.55 -6.30
N HIS A 202 -2.37 -10.26 -5.17
CA HIS A 202 -2.21 -9.60 -3.89
C HIS A 202 -0.83 -8.94 -3.77
N ALA A 203 0.19 -9.58 -4.36
CA ALA A 203 1.51 -9.00 -4.40
C ALA A 203 1.52 -7.71 -5.21
N LYS A 204 0.85 -7.71 -6.35
CA LYS A 204 0.95 -6.55 -7.24
C LYS A 204 0.05 -5.39 -6.81
N THR A 205 -1.04 -5.67 -6.08
CA THR A 205 -1.82 -4.60 -5.46
C THR A 205 -1.19 -4.06 -4.19
N SER A 206 -0.19 -4.78 -3.65
CA SER A 206 0.45 -4.53 -2.37
C SER A 206 -0.44 -4.84 -1.17
N LEU A 207 -1.63 -5.41 -1.39
CA LEU A 207 -2.40 -5.90 -0.25
C LEU A 207 -1.59 -6.95 0.54
N ALA A 208 -0.87 -7.83 -0.15
CA ALA A 208 0.01 -8.80 0.51
C ALA A 208 0.96 -8.10 1.48
N ALA A 209 1.62 -7.04 1.01
CA ALA A 209 2.54 -6.32 1.88
C ALA A 209 1.80 -5.62 3.02
N ARG A 210 0.66 -5.01 2.72
CA ARG A 210 -0.06 -4.28 3.77
C ARG A 210 -0.52 -5.23 4.87
N MET A 211 -0.80 -6.49 4.53
CA MET A 211 -1.27 -7.47 5.51
C MET A 211 -0.14 -7.96 6.44
N THR A 212 1.11 -7.93 5.97
CA THR A 212 2.23 -8.55 6.69
C THR A 212 3.18 -7.53 7.32
N THR A 213 2.98 -6.24 7.04
CA THR A 213 3.91 -5.22 7.49
C THR A 213 4.06 -5.18 9.01
N ARG A 214 2.95 -5.16 9.74
CA ARG A 214 3.05 -5.01 11.18
C ARG A 214 3.73 -6.22 11.82
N GLY A 215 3.38 -7.43 11.37
CA GLY A 215 3.96 -8.61 11.97
C GLY A 215 5.46 -8.67 11.78
N LEU A 216 5.94 -8.26 10.61
CA LEU A 216 7.38 -8.22 10.36
C LEU A 216 8.03 -7.06 11.11
N THR A 217 7.39 -5.88 11.10
CA THR A 217 8.04 -4.70 11.64
C THR A 217 8.13 -4.73 13.16
N ILE A 218 7.07 -5.16 13.84
CA ILE A 218 7.08 -5.17 15.29
C ILE A 218 8.20 -6.07 15.80
N VAL A 219 8.35 -7.23 15.18
CA VAL A 219 9.42 -8.15 15.57
C VAL A 219 10.78 -7.55 15.26
N ASN A 220 10.97 -7.05 14.02
CA ASN A 220 12.26 -6.47 13.69
C ASN A 220 12.59 -5.32 14.62
N ASP A 221 11.62 -4.45 14.91
CA ASP A 221 11.86 -3.28 15.75
C ASP A 221 12.25 -3.68 17.16
N PHE A 222 11.60 -4.70 17.73
CA PHE A 222 11.98 -5.06 19.09
C PHE A 222 13.45 -5.46 19.16
N TYR A 223 13.88 -6.33 18.27
CA TYR A 223 15.23 -6.89 18.40
C TYR A 223 16.32 -6.04 17.76
N SER A 224 15.98 -5.04 16.93
CA SER A 224 16.98 -4.14 16.39
C SER A 224 17.00 -2.79 17.09
N TYR A 225 16.17 -2.61 18.13
CA TYR A 225 16.07 -1.34 18.84
C TYR A 225 17.42 -0.88 19.36
N ASP A 226 18.17 -1.77 20.02
CA ASP A 226 19.41 -1.34 20.65
C ASP A 226 20.40 -0.81 19.62
N ARG A 227 20.56 -1.53 18.49
CA ARG A 227 21.46 -1.06 17.44
C ARG A 227 20.97 0.25 16.84
N GLU A 228 19.67 0.34 16.59
CA GLU A 228 19.19 1.51 15.85
C GLU A 228 19.26 2.76 16.71
N VAL A 229 18.86 2.66 17.97
CA VAL A 229 18.91 3.81 18.87
C VAL A 229 20.34 4.34 18.97
N SER A 230 21.30 3.45 19.16
CA SER A 230 22.68 3.89 19.30
C SER A 230 23.23 4.47 18.00
N LEU A 231 22.64 4.12 16.86
CA LEU A 231 23.10 4.57 15.55
C LEU A 231 22.37 5.80 15.05
N GLY A 232 21.49 6.36 15.86
CA GLY A 232 20.63 7.47 15.48
C GLY A 232 19.63 7.17 14.39
N GLN A 233 19.05 5.96 14.37
CA GLN A 233 18.02 5.61 13.40
C GLN A 233 16.63 5.63 14.06
N ILE A 234 15.76 6.53 13.59
CA ILE A 234 14.46 6.73 14.23
C ILE A 234 13.39 5.76 13.78
N THR A 235 13.69 4.89 12.81
CA THR A 235 12.68 4.04 12.22
C THR A 235 12.47 2.80 13.10
N ASN A 236 11.70 3.00 14.18
CA ASN A 236 11.48 1.94 15.16
C ASN A 236 10.27 2.29 16.01
N CYS A 237 9.22 1.46 15.96
CA CYS A 237 7.99 1.83 16.67
C CYS A 237 8.16 1.89 18.18
N PHE A 238 9.15 1.21 18.76
CA PHE A 238 9.32 1.30 20.21
C PHE A 238 9.87 2.65 20.66
N ARG A 239 10.36 3.48 19.74
CA ARG A 239 10.63 4.87 20.07
C ARG A 239 9.36 5.64 20.42
N LEU A 240 8.19 5.12 20.05
CA LEU A 240 6.92 5.77 20.32
C LEU A 240 6.50 5.65 21.78
N CYS A 241 7.11 4.74 22.53
CA CYS A 241 6.70 4.52 23.91
C CYS A 241 7.90 4.76 24.81
N ASP A 242 7.62 4.92 26.10
CA ASP A 242 8.67 5.13 27.10
C ASP A 242 9.19 3.76 27.54
N VAL A 243 10.27 3.30 26.90
CA VAL A 243 10.79 1.98 27.24
C VAL A 243 11.41 1.95 28.64
N SER A 244 11.61 3.10 29.27
CA SER A 244 12.14 3.13 30.63
C SER A 244 11.10 2.78 31.68
N ASP A 245 9.84 2.78 31.32
CA ASP A 245 8.71 2.67 32.24
C ASP A 245 8.09 1.32 31.90
N GLU A 246 8.16 0.39 32.84
CA GLU A 246 7.86 -0.99 32.52
C GLU A 246 6.37 -1.20 32.31
N THR A 247 5.54 -0.51 33.10
CA THR A 247 4.09 -0.57 32.87
C THR A 247 3.74 0.02 31.51
N ALA A 248 4.37 1.14 31.14
CA ALA A 248 4.04 1.75 29.85
C ALA A 248 4.55 0.90 28.70
N PHE A 249 5.71 0.27 28.87
CA PHE A 249 6.20 -0.63 27.84
C PHE A 249 5.26 -1.80 27.64
N LYS A 250 4.82 -2.41 28.77
CA LYS A 250 3.96 -3.58 28.69
C LYS A 250 2.66 -3.24 27.99
N GLU A 251 2.15 -2.04 28.20
CA GLU A 251 0.93 -1.64 27.52
C GLU A 251 1.17 -1.45 26.03
N PHE A 252 2.29 -0.82 25.66
CA PHE A 252 2.59 -0.62 24.24
C PHE A 252 2.84 -1.95 23.56
N PHE A 253 3.60 -2.82 24.23
CA PHE A 253 3.92 -4.11 23.65
C PHE A 253 2.68 -4.96 23.45
N GLN A 254 1.74 -4.92 24.41
CA GLN A 254 0.50 -5.68 24.22
C GLN A 254 -0.33 -5.11 23.08
N ALA A 255 -0.36 -3.77 22.94
CA ALA A 255 -1.08 -3.20 21.81
C ALA A 255 -0.47 -3.67 20.49
N ARG A 256 0.85 -3.82 20.45
CA ARG A 256 1.50 -4.29 19.24
C ARG A 256 1.21 -5.78 19.01
N LEU A 257 1.18 -6.59 20.08
CA LEU A 257 0.76 -7.98 19.90
C LEU A 257 -0.66 -8.05 19.34
N ASP A 258 -1.55 -7.22 19.87
CA ASP A 258 -2.94 -7.24 19.38
C ASP A 258 -2.99 -6.92 17.90
N ASP A 259 -2.15 -5.99 17.44
CA ASP A 259 -2.04 -5.68 16.01
C ASP A 259 -1.66 -6.93 15.21
N MET A 260 -0.61 -7.62 15.67
CA MET A 260 -0.16 -8.82 14.97
C MET A 260 -1.27 -9.85 14.92
N ILE A 261 -1.96 -10.06 16.04
CA ILE A 261 -3.03 -11.06 16.10
C ILE A 261 -4.13 -10.70 15.13
N GLU A 262 -4.54 -9.44 15.11
CA GLU A 262 -5.63 -9.06 14.22
C GLU A 262 -5.24 -9.27 12.76
N ASP A 263 -4.02 -8.90 12.38
CA ASP A 263 -3.56 -9.16 11.03
C ASP A 263 -3.57 -10.66 10.71
N ILE A 264 -3.07 -11.48 11.64
CA ILE A 264 -2.96 -12.91 11.36
C ILE A 264 -4.34 -13.55 11.18
N GLU A 265 -5.30 -13.17 12.02
CA GLU A 265 -6.60 -13.81 11.94
C GLU A 265 -7.37 -13.36 10.68
N CYS A 266 -7.13 -12.13 10.21
CA CYS A 266 -7.72 -11.73 8.92
C CYS A 266 -6.96 -12.34 7.74
N ILE A 267 -5.65 -12.55 7.90
CA ILE A 267 -4.89 -13.28 6.89
C ILE A 267 -5.48 -14.67 6.66
N LYS A 268 -6.05 -15.28 7.69
CA LYS A 268 -6.62 -16.61 7.54
C LYS A 268 -7.96 -16.60 6.79
N ALA A 269 -8.47 -15.42 6.42
CA ALA A 269 -9.56 -15.38 5.46
C ALA A 269 -9.09 -15.51 4.02
N PHE A 270 -7.78 -15.41 3.77
CA PHE A 270 -7.28 -15.54 2.41
C PHE A 270 -7.29 -17.01 1.99
N ASP A 271 -7.09 -17.26 0.69
CA ASP A 271 -7.08 -18.63 0.21
C ASP A 271 -5.90 -19.39 0.84
N GLN A 272 -5.99 -20.73 0.84
CA GLN A 272 -5.07 -21.52 1.66
C GLN A 272 -3.60 -21.37 1.25
N LEU A 273 -3.30 -21.30 -0.05
CA LEU A 273 -1.90 -21.14 -0.45
C LEU A 273 -1.36 -19.79 -0.02
N THR A 274 -2.13 -18.74 -0.25
CA THR A 274 -1.66 -17.40 0.06
C THR A 274 -1.48 -17.23 1.56
N GLN A 275 -2.43 -17.73 2.34
CA GLN A 275 -2.33 -17.56 3.78
C GLN A 275 -1.12 -18.30 4.33
N ASP A 276 -0.74 -19.42 3.71
CA ASP A 276 0.50 -20.09 4.11
C ASP A 276 1.70 -19.18 3.89
N VAL A 277 1.80 -18.57 2.70
CA VAL A 277 2.94 -17.71 2.38
C VAL A 277 3.01 -16.51 3.34
N PHE A 278 1.88 -15.83 3.57
CA PHE A 278 1.89 -14.69 4.49
C PHE A 278 2.36 -15.11 5.88
N LEU A 279 1.82 -16.20 6.41
CA LEU A 279 2.08 -16.58 7.80
C LEU A 279 3.48 -17.15 7.98
N ASP A 280 3.97 -17.94 7.02
CA ASP A 280 5.35 -18.39 7.10
C ASP A 280 6.31 -17.21 7.01
N LEU A 281 5.90 -16.15 6.29
CA LEU A 281 6.73 -14.96 6.22
C LEU A 281 6.87 -14.29 7.59
N ILE A 282 5.75 -14.05 8.27
CA ILE A 282 5.80 -13.37 9.57
C ILE A 282 6.48 -14.25 10.61
N TYR A 283 6.09 -15.51 10.68
CA TYR A 283 6.63 -16.40 11.71
C TYR A 283 8.08 -16.76 11.39
N GLY A 284 8.39 -17.00 10.12
CA GLY A 284 9.77 -17.25 9.73
C GLY A 284 10.69 -16.09 10.04
N ASN A 285 10.21 -14.85 9.83
CA ASN A 285 11.04 -13.70 10.18
C ASN A 285 11.35 -13.68 11.67
N PHE A 286 10.39 -14.09 12.50
CA PHE A 286 10.63 -14.16 13.93
C PHE A 286 11.68 -15.23 14.27
N VAL A 287 11.56 -16.41 13.68
CA VAL A 287 12.52 -17.47 13.98
C VAL A 287 13.92 -17.04 13.56
N TRP A 288 14.05 -16.48 12.36
CA TRP A 288 15.32 -16.00 11.87
C TRP A 288 15.89 -14.88 12.73
N THR A 289 15.04 -13.89 13.08
CA THR A 289 15.47 -12.75 13.88
C THR A 289 16.06 -13.20 15.22
N THR A 290 15.48 -14.22 15.84
CA THR A 290 15.93 -14.65 17.16
C THR A 290 17.21 -15.50 17.13
N SER A 291 17.55 -16.15 16.01
CA SER A 291 18.80 -16.91 15.93
C SER A 291 19.91 -16.18 15.21
N ASN A 292 19.70 -14.91 14.86
CA ASN A 292 20.63 -14.17 14.01
C ASN A 292 21.48 -13.23 14.85
N LYS A 293 22.80 -13.37 14.73
CA LYS A 293 23.74 -12.48 15.40
C LYS A 293 23.44 -11.02 15.09
N ARG A 294 22.90 -10.74 13.91
CA ARG A 294 22.53 -9.38 13.54
C ARG A 294 21.65 -8.73 14.60
N TYR A 295 20.80 -9.50 15.25
CA TYR A 295 19.84 -8.94 16.19
C TYR A 295 20.22 -9.22 17.65
N LYS A 296 21.52 -9.43 17.91
CA LYS A 296 22.02 -9.78 19.24
C LYS A 296 22.74 -8.61 19.92
N THR A 297 23.87 -8.15 19.40
CA THR A 297 24.47 -6.92 19.93
C THR A 297 24.22 -5.76 18.97
N ALA A 298 24.49 -4.55 19.48
CA ALA A 298 24.19 -3.35 18.71
C ALA A 298 25.11 -3.20 17.50
N VAL A 299 26.38 -3.58 17.65
CA VAL A 299 27.37 -3.42 16.61
C VAL A 299 28.21 -4.68 16.58
N ASN A 300 28.12 -5.44 15.49
CA ASN A 300 28.86 -6.69 15.36
C ASN A 300 29.28 -6.84 13.91
N ASP A 301 29.90 -7.99 13.61
CA ASP A 301 30.49 -8.21 12.29
C ASP A 301 29.47 -8.38 11.18
N VAL A 302 28.18 -8.51 11.49
CA VAL A 302 27.18 -8.66 10.45
C VAL A 302 26.12 -7.57 10.48
N ASN A 303 26.19 -6.58 11.38
CA ASN A 303 25.27 -5.43 11.30
C ASN A 303 25.95 -4.06 11.45
N SER A 304 27.27 -3.98 11.31
CA SER A 304 27.95 -2.70 11.47
C SER A 304 27.51 -1.73 10.39
N ARG A 305 27.36 -0.47 10.76
CA ARG A 305 27.16 0.57 9.76
C ARG A 305 28.40 0.61 8.86
N ILE A 306 28.21 1.03 7.60
CA ILE A 306 29.27 0.97 6.60
C ILE A 306 29.39 2.37 5.99
N GLN A 307 30.12 3.26 6.68
CA GLN A 307 30.24 4.67 6.30
C GLN A 307 31.17 4.95 5.11
N GLY B 9 -32.98 -7.88 3.02
CA GLY B 9 -31.86 -8.49 3.71
C GLY B 9 -32.13 -8.73 5.19
N ALA B 10 -31.92 -7.68 5.98
CA ALA B 10 -32.47 -7.57 7.35
C ALA B 10 -32.74 -6.12 7.73
N GLN B 11 -34.02 -5.75 7.90
CA GLN B 11 -34.43 -4.35 7.75
C GLN B 11 -34.33 -3.57 9.06
N ASP B 12 -33.09 -3.39 9.51
CA ASP B 12 -32.72 -2.31 10.40
C ASP B 12 -32.71 -1.00 9.60
N ILE B 13 -33.91 -0.46 9.39
CA ILE B 13 -34.04 0.77 8.58
C ILE B 13 -33.22 1.88 9.21
N GLY B 14 -33.20 1.97 10.55
CA GLY B 14 -32.50 3.06 11.22
C GLY B 14 -30.99 3.01 11.05
N ARG B 15 -30.45 1.86 10.69
CA ARG B 15 -29.03 1.72 10.45
C ARG B 15 -28.69 1.75 8.97
N SER B 16 -29.64 2.07 8.11
CA SER B 16 -29.34 2.05 6.69
C SER B 16 -29.51 3.42 6.05
N SER B 17 -29.29 4.49 6.80
CA SER B 17 -29.20 5.85 6.27
C SER B 17 -28.35 6.69 7.19
N VAL B 18 -27.48 7.52 6.61
CA VAL B 18 -26.83 8.56 7.38
C VAL B 18 -27.49 9.91 7.14
N ARG B 19 -28.62 9.92 6.44
CA ARG B 19 -29.28 11.17 6.08
C ARG B 19 -29.62 12.06 7.27
N PRO B 20 -30.07 11.56 8.42
CA PRO B 20 -30.23 12.45 9.59
C PRO B 20 -28.96 13.18 10.01
N TYR B 21 -27.77 12.73 9.60
CA TYR B 21 -26.51 13.38 9.97
C TYR B 21 -25.93 14.24 8.87
N LEU B 22 -26.64 14.38 7.75
CA LEU B 22 -26.02 14.94 6.54
C LEU B 22 -25.54 16.37 6.77
N GLU B 23 -26.38 17.23 7.32
CA GLU B 23 -26.00 18.64 7.45
C GLU B 23 -24.83 18.81 8.41
N GLU B 24 -24.91 18.19 9.58
CA GLU B 24 -23.90 18.44 10.60
C GLU B 24 -22.56 17.82 10.19
N CYS B 25 -22.56 16.63 9.57
CA CYS B 25 -21.31 16.04 9.11
C CYS B 25 -20.69 16.85 7.97
N THR B 26 -21.51 17.32 7.04
CA THR B 26 -20.99 18.16 5.97
C THR B 26 -20.30 19.40 6.54
N ARG B 27 -20.99 20.09 7.46
CA ARG B 27 -20.41 21.24 8.14
C ARG B 27 -19.09 20.88 8.82
N ARG B 28 -19.05 19.74 9.50
CA ARG B 28 -17.84 19.37 10.24
C ARG B 28 -16.68 19.05 9.31
N PHE B 29 -16.93 18.30 8.24
CA PHE B 29 -15.90 18.11 7.20
C PHE B 29 -15.34 19.45 6.73
N GLN B 30 -16.24 20.36 6.33
CA GLN B 30 -15.77 21.63 5.80
C GLN B 30 -14.96 22.40 6.82
N GLU B 31 -15.40 22.41 8.09
CA GLU B 31 -14.65 23.10 9.13
C GLU B 31 -13.25 22.53 9.26
N MET B 32 -13.15 21.20 9.18
CA MET B 32 -11.86 20.54 9.30
C MET B 32 -10.94 20.99 8.17
N PHE B 33 -11.43 20.94 6.92
CA PHE B 33 -10.62 21.40 5.79
C PHE B 33 -10.21 22.86 5.95
N ASP B 34 -11.11 23.71 6.47
CA ASP B 34 -10.80 25.13 6.58
C ASP B 34 -9.67 25.37 7.57
N ARG B 35 -9.65 24.63 8.67
CA ARG B 35 -8.58 24.82 9.64
C ARG B 35 -7.28 24.14 9.21
N HIS B 36 -7.35 22.94 8.65
CA HIS B 36 -6.12 22.18 8.42
C HIS B 36 -5.58 22.28 7.00
N VAL B 37 -6.41 22.49 5.97
CA VAL B 37 -5.93 22.61 4.59
C VAL B 37 -5.88 24.06 4.14
N VAL B 38 -6.97 24.81 4.32
CA VAL B 38 -7.09 26.25 4.10
C VAL B 38 -7.38 26.55 2.63
N THR B 39 -6.44 26.20 1.74
CA THR B 39 -6.58 26.57 0.35
C THR B 39 -7.63 25.69 -0.31
N ARG B 40 -8.51 26.34 -1.07
CA ARG B 40 -9.60 25.67 -1.76
C ARG B 40 -9.06 24.85 -2.93
N PRO B 41 -9.65 23.69 -3.22
CA PRO B 41 -9.36 23.05 -4.50
C PRO B 41 -9.83 23.92 -5.66
N THR B 42 -9.21 23.69 -6.82
CA THR B 42 -9.49 24.40 -8.07
C THR B 42 -9.95 23.40 -9.12
N LYS B 43 -10.96 23.78 -9.91
CA LYS B 43 -11.47 22.91 -10.97
C LYS B 43 -10.64 23.12 -12.25
N VAL B 44 -10.43 22.04 -13.00
CA VAL B 44 -9.95 22.15 -14.37
C VAL B 44 -11.14 22.42 -15.27
N GLU B 45 -10.98 23.34 -16.23
CA GLU B 45 -12.05 23.64 -17.18
C GLU B 45 -11.60 23.32 -18.61
N LEU B 46 -11.58 22.02 -18.96
CA LEU B 46 -11.51 21.55 -20.34
C LEU B 46 -12.55 22.25 -21.21
N THR B 47 -12.20 22.45 -22.49
CA THR B 47 -13.24 22.91 -23.41
C THR B 47 -14.27 21.80 -23.63
N ASP B 48 -15.49 22.22 -24.00
CA ASP B 48 -16.57 21.27 -24.25
C ASP B 48 -16.29 20.39 -25.46
N ALA B 49 -15.41 20.82 -26.36
CA ALA B 49 -15.00 19.94 -27.45
C ALA B 49 -13.90 19.01 -26.98
N GLU B 50 -13.06 19.50 -26.07
CA GLU B 50 -12.00 18.71 -25.47
C GLU B 50 -12.56 17.61 -24.57
N LEU B 51 -13.59 17.95 -23.80
CA LEU B 51 -14.33 16.95 -23.03
C LEU B 51 -14.94 15.89 -23.93
N ARG B 52 -15.37 16.27 -25.14
CA ARG B 52 -15.94 15.26 -26.03
C ARG B 52 -14.86 14.31 -26.54
N GLU B 53 -13.64 14.79 -26.73
CA GLU B 53 -12.54 13.86 -27.04
C GLU B 53 -12.34 12.86 -25.92
N VAL B 54 -12.39 13.31 -24.67
CA VAL B 54 -12.29 12.38 -23.55
C VAL B 54 -13.46 11.40 -23.58
N ILE B 55 -14.68 11.92 -23.81
CA ILE B 55 -15.86 11.07 -23.70
C ILE B 55 -15.96 10.09 -24.87
N ASP B 56 -15.44 10.45 -26.04
CA ASP B 56 -15.41 9.50 -27.16
C ASP B 56 -14.51 8.29 -26.83
N ASP B 57 -13.30 8.54 -26.31
CA ASP B 57 -12.46 7.44 -25.82
C ASP B 57 -13.17 6.65 -24.72
N CYS B 58 -13.89 7.34 -23.83
CA CYS B 58 -14.66 6.63 -22.80
C CYS B 58 -15.71 5.73 -23.42
N ASN B 59 -16.46 6.23 -24.40
CA ASN B 59 -17.48 5.39 -25.04
C ASN B 59 -16.83 4.28 -25.84
N ALA B 60 -15.72 4.57 -26.52
CA ALA B 60 -15.05 3.53 -27.31
C ALA B 60 -14.60 2.39 -26.42
N ALA B 61 -14.22 2.69 -25.18
CA ALA B 61 -13.60 1.70 -24.33
C ALA B 61 -14.63 0.76 -23.71
N VAL B 62 -15.81 1.27 -23.40
CA VAL B 62 -16.84 0.44 -22.77
C VAL B 62 -17.81 -0.14 -23.77
N ALA B 63 -17.78 0.31 -25.03
CA ALA B 63 -18.69 -0.21 -26.05
C ALA B 63 -18.64 -1.72 -26.22
N PRO B 64 -17.47 -2.38 -26.28
CA PRO B 64 -17.49 -3.85 -26.33
C PRO B 64 -18.33 -4.48 -25.23
N LEU B 65 -18.25 -3.98 -23.98
CA LEU B 65 -19.08 -4.53 -22.91
C LEU B 65 -20.57 -4.44 -23.25
N GLY B 66 -20.97 -3.50 -24.10
CA GLY B 66 -22.24 -3.57 -24.80
C GLY B 66 -23.22 -2.48 -24.47
N LYS B 67 -23.03 -1.75 -23.39
CA LYS B 67 -24.05 -0.84 -22.88
C LYS B 67 -23.79 0.59 -23.35
N THR B 68 -24.74 1.47 -23.08
CA THR B 68 -24.59 2.88 -23.37
C THR B 68 -24.45 3.65 -22.08
N VAL B 69 -23.54 4.61 -22.05
CA VAL B 69 -23.39 5.51 -20.90
C VAL B 69 -23.64 6.93 -21.39
N SER B 70 -24.56 7.63 -20.75
CA SER B 70 -24.93 8.98 -21.20
C SER B 70 -23.85 9.99 -20.82
N ASP B 71 -23.82 11.11 -21.54
CA ASP B 71 -22.91 12.19 -21.17
C ASP B 71 -23.18 12.67 -19.74
N GLU B 72 -24.44 12.68 -19.32
CA GLU B 72 -24.76 13.00 -17.93
C GLU B 72 -23.97 12.11 -16.97
N ARG B 73 -24.00 10.80 -17.20
CA ARG B 73 -23.30 9.87 -16.32
C ARG B 73 -21.79 10.04 -16.44
N TRP B 74 -21.26 10.21 -17.66
CA TRP B 74 -19.83 10.46 -17.81
C TRP B 74 -19.42 11.70 -17.03
N ILE B 75 -20.23 12.77 -17.09
CA ILE B 75 -19.96 13.98 -16.34
C ILE B 75 -19.90 13.67 -14.84
N SER B 76 -20.85 12.87 -14.36
CA SER B 76 -20.86 12.46 -12.96
C SER B 76 -19.55 11.80 -12.56
N TYR B 77 -18.96 11.01 -13.46
CA TYR B 77 -17.71 10.33 -13.15
C TYR B 77 -16.52 11.27 -13.24
N VAL B 78 -16.47 12.13 -14.27
CA VAL B 78 -15.24 12.84 -14.59
C VAL B 78 -14.95 13.98 -13.63
N GLY B 79 -15.98 14.49 -12.94
CA GLY B 79 -15.80 15.65 -12.08
C GLY B 79 -14.74 15.46 -11.00
N VAL B 80 -14.54 14.22 -10.54
CA VAL B 80 -13.53 14.01 -9.50
C VAL B 80 -12.15 14.36 -10.03
N VAL B 81 -11.89 14.07 -11.31
CA VAL B 81 -10.59 14.43 -11.87
C VAL B 81 -10.49 15.95 -12.04
N LEU B 82 -11.58 16.56 -12.50
CA LEU B 82 -11.57 18.01 -12.70
C LEU B 82 -11.34 18.77 -11.40
N TRP B 83 -11.88 18.26 -10.29
CA TRP B 83 -11.81 18.94 -9.01
C TRP B 83 -10.64 18.52 -8.12
N SER B 84 -10.09 17.33 -8.32
CA SER B 84 -9.17 16.79 -7.32
C SER B 84 -7.75 16.64 -7.84
N GLN B 85 -7.45 17.12 -9.04
CA GLN B 85 -6.05 17.27 -9.42
C GLN B 85 -5.59 18.63 -8.92
N SER B 86 -4.38 19.05 -9.27
CA SER B 86 -3.85 20.32 -8.78
C SER B 86 -3.50 21.16 -10.00
N PRO B 87 -4.47 21.91 -10.55
CA PRO B 87 -4.27 22.54 -11.88
C PRO B 87 -3.07 23.46 -11.96
N ARG B 88 -2.64 24.03 -10.83
CA ARG B 88 -1.50 24.92 -10.86
C ARG B 88 -0.20 24.21 -11.27
N HIS B 89 -0.13 22.89 -11.14
CA HIS B 89 1.09 22.12 -11.38
C HIS B 89 1.05 21.28 -12.65
N ILE B 90 0.03 21.42 -13.50
CA ILE B 90 -0.14 20.49 -14.62
C ILE B 90 0.94 20.73 -15.69
N LYS B 91 1.76 19.70 -15.91
CA LYS B 91 2.81 19.69 -16.92
C LYS B 91 2.50 18.84 -18.15
N ASP B 92 1.39 18.12 -18.18
CA ASP B 92 1.03 17.36 -19.37
C ASP B 92 -0.48 17.20 -19.38
N MET B 93 -1.14 17.92 -20.28
CA MET B 93 -2.58 17.76 -20.43
C MET B 93 -2.97 16.47 -21.14
N GLU B 94 -2.05 15.84 -21.88
CA GLU B 94 -2.32 14.48 -22.38
C GLU B 94 -2.49 13.50 -21.22
N ALA B 95 -1.55 13.53 -20.27
CA ALA B 95 -1.69 12.69 -19.08
C ALA B 95 -2.97 13.01 -18.31
N PHE B 96 -3.32 14.30 -18.22
CA PHE B 96 -4.53 14.67 -17.50
C PHE B 96 -5.76 14.07 -18.18
N LYS B 97 -5.81 14.12 -19.52
CA LYS B 97 -6.92 13.53 -20.25
C LYS B 97 -6.95 12.01 -20.10
N ALA B 98 -5.78 11.36 -20.14
CA ALA B 98 -5.71 9.93 -19.83
C ALA B 98 -6.37 9.64 -18.48
N VAL B 99 -6.07 10.44 -17.46
CA VAL B 99 -6.64 10.15 -16.14
C VAL B 99 -8.15 10.38 -16.16
N CYS B 100 -8.62 11.42 -16.87
CA CYS B 100 -10.06 11.58 -17.07
C CYS B 100 -10.67 10.31 -17.66
N VAL B 101 -10.09 9.80 -18.75
CA VAL B 101 -10.66 8.61 -19.38
C VAL B 101 -10.55 7.39 -18.46
N LEU B 102 -9.34 7.13 -17.94
CA LEU B 102 -9.13 5.93 -17.13
C LEU B 102 -9.99 5.93 -15.88
N ASN B 103 -10.04 7.07 -15.18
CA ASN B 103 -10.97 7.22 -14.06
C ASN B 103 -12.39 6.85 -14.47
N CYS B 104 -12.86 7.40 -15.59
CA CYS B 104 -14.28 7.25 -15.95
C CYS B 104 -14.62 5.81 -16.35
N VAL B 105 -13.78 5.18 -17.17
CA VAL B 105 -14.17 3.85 -17.64
C VAL B 105 -14.04 2.82 -16.53
N THR B 106 -13.08 3.01 -15.60
CA THR B 106 -13.03 2.11 -14.46
C THR B 106 -14.14 2.41 -13.44
N PHE B 107 -14.70 3.62 -13.47
CA PHE B 107 -15.91 3.90 -12.70
C PHE B 107 -17.08 3.08 -13.22
N VAL B 108 -17.23 3.00 -14.55
CA VAL B 108 -18.28 2.17 -15.13
C VAL B 108 -18.13 0.73 -14.64
N TRP B 109 -16.90 0.22 -14.69
CA TRP B 109 -16.59 -1.14 -14.23
C TRP B 109 -17.01 -1.34 -12.77
N ASP B 110 -16.75 -0.32 -11.94
CA ASP B 110 -17.13 -0.34 -10.53
C ASP B 110 -18.63 -0.51 -10.34
N ASP B 111 -19.43 0.11 -11.20
CA ASP B 111 -20.88 0.08 -11.05
C ASP B 111 -21.52 -1.18 -11.61
N MET B 112 -20.84 -1.88 -12.52
CA MET B 112 -21.43 -2.92 -13.35
C MET B 112 -21.62 -4.22 -12.57
N ASP B 113 -22.74 -4.89 -12.84
CA ASP B 113 -22.88 -6.27 -12.38
C ASP B 113 -21.67 -7.07 -12.85
N PRO B 114 -21.13 -7.97 -12.03
CA PRO B 114 -19.88 -8.65 -12.40
C PRO B 114 -20.03 -9.62 -13.55
N ALA B 115 -21.25 -9.82 -14.07
CA ALA B 115 -21.44 -10.55 -15.30
C ALA B 115 -21.13 -9.70 -16.52
N LEU B 116 -21.24 -8.37 -16.40
CA LEU B 116 -20.85 -7.49 -17.50
C LEU B 116 -19.35 -7.39 -17.66
N HIS B 117 -18.58 -7.76 -16.65
CA HIS B 117 -17.13 -7.75 -16.72
C HIS B 117 -16.72 -8.71 -17.83
N ASP B 118 -15.83 -8.27 -18.71
CA ASP B 118 -15.25 -9.14 -19.74
C ASP B 118 -13.82 -8.68 -19.94
N PHE B 119 -12.88 -9.38 -19.29
CA PHE B 119 -11.49 -8.96 -19.29
C PHE B 119 -10.90 -9.02 -20.69
N GLY B 120 -11.19 -10.09 -21.44
CA GLY B 120 -10.70 -10.19 -22.80
C GLY B 120 -11.14 -9.02 -23.66
N LEU B 121 -12.35 -8.51 -23.42
CA LEU B 121 -12.84 -7.38 -24.19
C LEU B 121 -12.33 -6.06 -23.64
N PHE B 122 -12.24 -5.94 -22.31
CA PHE B 122 -11.98 -4.63 -21.72
C PHE B 122 -10.50 -4.32 -21.57
N LEU B 123 -9.69 -5.26 -21.10
CA LEU B 123 -8.27 -4.99 -20.94
C LEU B 123 -7.59 -4.45 -22.19
N PRO B 124 -7.83 -4.98 -23.40
CA PRO B 124 -7.21 -4.35 -24.59
C PRO B 124 -7.55 -2.88 -24.77
N GLN B 125 -8.78 -2.46 -24.45
CA GLN B 125 -9.15 -1.05 -24.56
C GLN B 125 -8.41 -0.20 -23.54
N LEU B 126 -8.24 -0.71 -22.31
CA LEU B 126 -7.45 0.03 -21.32
C LEU B 126 -6.02 0.22 -21.78
N ARG B 127 -5.37 -0.84 -22.25
CA ARG B 127 -3.97 -0.70 -22.63
C ARG B 127 -3.81 0.26 -23.79
N LYS B 128 -4.77 0.24 -24.73
CA LYS B 128 -4.72 1.16 -25.87
C LYS B 128 -4.87 2.61 -25.43
N ILE B 129 -5.70 2.88 -24.43
CA ILE B 129 -5.84 4.25 -23.94
C ILE B 129 -4.52 4.72 -23.33
N CYS B 130 -3.87 3.84 -22.55
CA CYS B 130 -2.56 4.17 -21.99
C CYS B 130 -1.53 4.34 -23.09
N GLU B 131 -1.46 3.37 -24.01
CA GLU B 131 -0.49 3.45 -25.08
C GLU B 131 -0.87 4.54 -26.09
N LYS B 132 -1.91 5.34 -25.80
CA LYS B 132 -2.25 6.48 -26.64
C LYS B 132 -1.80 7.80 -26.02
N TYR B 133 -1.86 7.91 -24.68
CA TYR B 133 -1.67 9.19 -24.01
C TYR B 133 -0.35 9.32 -23.24
N TYR B 134 0.36 8.22 -22.97
CA TYR B 134 1.53 8.29 -22.10
C TYR B 134 2.83 7.91 -22.79
N GLY B 135 3.92 8.42 -22.24
CA GLY B 135 5.27 7.95 -22.54
C GLY B 135 5.43 6.46 -22.32
N PRO B 136 6.19 5.82 -23.21
CA PRO B 136 6.26 4.36 -23.21
C PRO B 136 6.54 3.72 -21.85
N GLU B 137 7.35 4.37 -21.02
CA GLU B 137 7.56 3.92 -19.65
C GLU B 137 6.29 4.09 -18.81
N ASP B 138 5.79 5.32 -18.71
CA ASP B 138 4.61 5.61 -17.88
C ASP B 138 3.39 4.82 -18.31
N ALA B 139 3.33 4.45 -19.59
CA ALA B 139 2.19 3.67 -20.07
C ALA B 139 2.17 2.28 -19.47
N GLU B 140 3.35 1.71 -19.20
CA GLU B 140 3.38 0.43 -18.50
C GLU B 140 2.87 0.57 -17.08
N VAL B 141 3.29 1.63 -16.37
CA VAL B 141 2.91 1.82 -14.98
C VAL B 141 1.42 2.13 -14.85
N ALA B 142 0.90 2.99 -15.73
CA ALA B 142 -0.53 3.33 -15.68
C ALA B 142 -1.39 2.14 -16.06
N TYR B 143 -1.02 1.42 -17.13
CA TYR B 143 -1.80 0.24 -17.52
C TYR B 143 -1.82 -0.81 -16.41
N GLU B 144 -0.66 -1.12 -15.84
CA GLU B 144 -0.62 -2.10 -14.75
C GLU B 144 -1.53 -1.69 -13.60
N ALA B 145 -1.52 -0.41 -13.27
CA ALA B 145 -2.37 0.06 -12.18
C ALA B 145 -3.85 -0.09 -12.53
N ALA B 146 -4.23 0.21 -13.78
CA ALA B 146 -5.63 0.05 -14.18
C ALA B 146 -6.05 -1.41 -14.17
N ARG B 147 -5.20 -2.28 -14.73
CA ARG B 147 -5.44 -3.73 -14.69
C ARG B 147 -5.59 -4.21 -13.24
N ALA B 148 -4.65 -3.83 -12.38
CA ALA B 148 -4.71 -4.29 -11.00
C ALA B 148 -5.99 -3.78 -10.33
N PHE B 149 -6.43 -2.56 -10.65
CA PHE B 149 -7.68 -2.08 -10.05
C PHE B 149 -8.88 -2.88 -10.56
N VAL B 150 -9.00 -3.06 -11.88
CA VAL B 150 -10.23 -3.70 -12.35
C VAL B 150 -10.23 -5.18 -11.98
N THR B 151 -9.06 -5.81 -11.93
CA THR B 151 -8.98 -7.18 -11.44
C THR B 151 -9.38 -7.25 -9.97
N SER B 152 -8.91 -6.31 -9.15
CA SER B 152 -9.30 -6.27 -7.75
C SER B 152 -10.80 -6.08 -7.58
N ASP B 153 -11.37 -5.09 -8.27
CA ASP B 153 -12.81 -4.83 -8.09
C ASP B 153 -13.63 -6.06 -8.44
N HIS B 154 -13.21 -6.80 -9.48
CA HIS B 154 -13.89 -8.04 -9.85
C HIS B 154 -13.59 -9.15 -8.84
N MET B 155 -12.31 -9.33 -8.55
CA MET B 155 -11.82 -10.42 -7.70
C MET B 155 -12.46 -10.40 -6.32
N PHE B 156 -12.83 -9.22 -5.84
CA PHE B 156 -13.31 -9.10 -4.47
C PHE B 156 -14.82 -8.99 -4.35
N ARG B 157 -15.58 -9.13 -5.43
CA ARG B 157 -17.04 -9.10 -5.29
C ARG B 157 -17.51 -10.30 -4.48
N ASP B 158 -16.71 -11.37 -4.52
CA ASP B 158 -17.11 -12.65 -3.96
C ASP B 158 -16.23 -13.08 -2.77
N SER B 159 -15.23 -12.26 -2.41
CA SER B 159 -14.14 -12.74 -1.56
C SER B 159 -14.49 -12.61 -0.07
N PRO B 160 -14.44 -13.74 0.63
CA PRO B 160 -14.37 -13.66 2.10
C PRO B 160 -13.28 -12.74 2.59
N ILE B 161 -12.24 -12.47 1.78
CA ILE B 161 -11.25 -11.48 2.19
C ILE B 161 -11.92 -10.14 2.38
N LYS B 162 -12.78 -9.75 1.45
CA LYS B 162 -13.46 -8.45 1.59
C LYS B 162 -14.33 -8.42 2.82
N ALA B 163 -15.11 -9.49 3.05
CA ALA B 163 -15.91 -9.59 4.26
C ALA B 163 -15.06 -9.43 5.51
N ALA B 164 -13.90 -10.12 5.55
CA ALA B 164 -13.09 -10.05 6.76
C ALA B 164 -12.51 -8.65 6.96
N LEU B 165 -11.92 -8.07 5.91
CA LEU B 165 -11.30 -6.76 6.09
C LEU B 165 -12.35 -5.68 6.41
N CYS B 166 -13.53 -5.79 5.80
CA CYS B 166 -14.59 -4.78 5.97
C CYS B 166 -15.41 -4.94 7.25
N THR B 167 -15.23 -6.01 8.00
CA THR B 167 -16.02 -6.21 9.20
C THR B 167 -15.16 -6.46 10.44
N THR B 168 -13.90 -6.03 10.46
CA THR B 168 -13.02 -6.34 11.61
C THR B 168 -12.57 -5.09 12.36
N SER B 169 -12.04 -4.08 11.66
CA SER B 169 -11.61 -2.84 12.31
C SER B 169 -11.45 -1.76 11.24
N PRO B 170 -11.41 -0.49 11.64
CA PRO B 170 -11.07 0.55 10.63
C PRO B 170 -9.69 0.34 10.01
N GLU B 171 -8.72 -0.14 10.81
CA GLU B 171 -7.40 -0.54 10.34
C GLU B 171 -7.48 -1.47 9.12
N GLN B 172 -8.14 -2.63 9.27
CA GLN B 172 -8.20 -3.61 8.18
C GLN B 172 -8.94 -3.03 6.98
N TYR B 173 -10.00 -2.29 7.26
CA TYR B 173 -10.82 -1.74 6.18
C TYR B 173 -10.02 -0.78 5.30
N PHE B 174 -9.34 0.18 5.91
CA PHE B 174 -8.61 1.17 5.11
C PHE B 174 -7.46 0.53 4.35
N ARG B 175 -6.89 -0.54 4.91
CA ARG B 175 -5.88 -1.28 4.16
C ARG B 175 -6.46 -1.87 2.88
N PHE B 176 -7.70 -2.37 2.91
CA PHE B 176 -8.34 -2.83 1.69
C PHE B 176 -8.56 -1.67 0.71
N ARG B 177 -8.87 -0.49 1.23
CA ARG B 177 -9.27 0.60 0.35
C ARG B 177 -8.11 1.29 -0.32
N VAL B 178 -6.87 1.09 0.14
CA VAL B 178 -5.73 1.66 -0.58
C VAL B 178 -5.80 1.30 -2.04
N THR B 179 -6.21 0.06 -2.34
CA THR B 179 -6.42 -0.39 -3.70
C THR B 179 -7.87 -0.19 -4.15
N ASP B 180 -8.83 -0.59 -3.31
CA ASP B 180 -10.20 -0.70 -3.79
C ASP B 180 -10.83 0.65 -4.09
N ILE B 181 -10.49 1.70 -3.34
CA ILE B 181 -11.06 2.98 -3.72
C ILE B 181 -10.36 3.54 -4.94
N GLY B 182 -9.30 2.91 -5.45
CA GLY B 182 -8.68 3.36 -6.68
C GLY B 182 -7.61 4.41 -6.54
N VAL B 183 -7.21 4.77 -5.31
CA VAL B 183 -6.26 5.87 -5.16
C VAL B 183 -4.84 5.45 -5.55
N ASP B 184 -4.43 4.21 -5.28
CA ASP B 184 -3.12 3.81 -5.76
C ASP B 184 -3.05 3.90 -7.28
N PHE B 185 -4.08 3.42 -7.95
CA PHE B 185 -4.23 3.56 -9.39
C PHE B 185 -4.15 5.04 -9.79
N TRP B 186 -4.94 5.87 -9.12
CA TRP B 186 -4.94 7.31 -9.38
C TRP B 186 -3.54 7.90 -9.34
N MET B 187 -2.76 7.56 -8.31
CA MET B 187 -1.44 8.15 -8.19
C MET B 187 -0.52 7.67 -9.32
N LYS B 188 -0.63 6.38 -9.67
CA LYS B 188 0.29 5.82 -10.64
C LYS B 188 -0.03 6.26 -12.07
N MET B 189 -1.25 6.78 -12.31
CA MET B 189 -1.54 7.37 -13.62
C MET B 189 -1.48 8.89 -13.61
N SER B 190 -1.44 9.53 -12.43
CA SER B 190 -1.39 10.98 -12.33
C SER B 190 0.02 11.55 -12.26
N TYR B 191 1.04 10.78 -11.85
CA TYR B 191 2.36 11.38 -11.76
C TYR B 191 2.86 11.96 -13.08
N PRO B 192 2.57 11.40 -14.26
CA PRO B 192 3.02 12.07 -15.49
C PRO B 192 2.40 13.46 -15.69
N ILE B 193 1.28 13.76 -15.03
CA ILE B 193 0.69 15.09 -15.14
C ILE B 193 1.67 16.14 -14.62
N TYR B 194 2.40 15.81 -13.57
CA TYR B 194 3.20 16.79 -12.83
C TYR B 194 4.69 16.72 -13.15
N ARG B 195 5.20 15.55 -13.54
CA ARG B 195 6.65 15.30 -13.74
C ARG B 195 7.48 15.95 -12.64
N HIS B 196 7.13 15.61 -11.41
CA HIS B 196 7.81 16.07 -10.21
C HIS B 196 8.45 14.84 -9.59
N PRO B 197 9.78 14.75 -9.55
CA PRO B 197 10.41 13.43 -9.33
C PRO B 197 10.09 12.80 -7.99
N GLU B 198 9.96 13.61 -6.93
CA GLU B 198 9.51 13.09 -5.64
C GLU B 198 8.07 12.60 -5.67
N PHE B 199 7.17 13.34 -6.34
CA PHE B 199 5.79 12.87 -6.43
C PHE B 199 5.73 11.54 -7.17
N THR B 200 6.47 11.42 -8.27
CA THR B 200 6.57 10.16 -9.00
C THR B 200 7.07 9.04 -8.10
N GLU B 201 8.05 9.31 -7.23
CA GLU B 201 8.52 8.23 -6.38
C GLU B 201 7.49 7.88 -5.31
N HIS B 202 6.86 8.89 -4.67
CA HIS B 202 5.82 8.57 -3.69
C HIS B 202 4.65 7.84 -4.34
N ALA B 203 4.35 8.16 -5.60
CA ALA B 203 3.34 7.43 -6.34
C ALA B 203 3.78 5.98 -6.54
N LYS B 204 5.04 5.79 -6.92
CA LYS B 204 5.51 4.45 -7.27
C LYS B 204 5.65 3.52 -6.07
N THR B 205 6.00 4.05 -4.89
CA THR B 205 6.04 3.24 -3.68
C THR B 205 4.66 2.99 -3.08
N SER B 206 3.64 3.73 -3.56
CA SER B 206 2.29 3.76 -3.00
C SER B 206 2.21 4.50 -1.67
N LEU B 207 3.30 5.12 -1.20
CA LEU B 207 3.20 5.98 -0.03
C LEU B 207 2.21 7.14 -0.27
N ALA B 208 2.17 7.64 -1.50
CA ALA B 208 1.20 8.68 -1.86
C ALA B 208 -0.22 8.18 -1.63
N ALA B 209 -0.52 6.97 -2.09
CA ALA B 209 -1.83 6.38 -1.89
C ALA B 209 -2.12 6.15 -0.41
N ARG B 210 -1.12 5.62 0.31
CA ARG B 210 -1.36 5.33 1.73
C ARG B 210 -1.63 6.60 2.54
N MET B 211 -1.05 7.74 2.14
CA MET B 211 -1.28 8.96 2.92
C MET B 211 -2.66 9.56 2.66
N THR B 212 -3.27 9.26 1.51
CA THR B 212 -4.52 9.93 1.11
C THR B 212 -5.73 9.02 1.21
N THR B 213 -5.53 7.72 1.49
CA THR B 213 -6.64 6.76 1.47
C THR B 213 -7.75 7.13 2.44
N ARG B 214 -7.38 7.46 3.69
CA ARG B 214 -8.44 7.69 4.67
C ARG B 214 -9.25 8.94 4.34
N GLY B 215 -8.59 10.01 3.92
CA GLY B 215 -9.31 11.24 3.61
C GLY B 215 -10.29 11.06 2.47
N LEU B 216 -9.87 10.34 1.42
CA LEU B 216 -10.79 10.04 0.32
C LEU B 216 -11.91 9.13 0.79
N THR B 217 -11.55 8.06 1.49
CA THR B 217 -12.50 7.00 1.75
C THR B 217 -13.57 7.43 2.75
N ILE B 218 -13.18 8.10 3.82
CA ILE B 218 -14.14 8.51 4.83
C ILE B 218 -15.20 9.41 4.22
N VAL B 219 -14.77 10.34 3.38
CA VAL B 219 -15.71 11.22 2.67
C VAL B 219 -16.58 10.41 1.71
N ASN B 220 -15.96 9.58 0.87
CA ASN B 220 -16.75 8.78 -0.05
C ASN B 220 -17.76 7.92 0.71
N ASP B 221 -17.31 7.26 1.78
CA ASP B 221 -18.19 6.34 2.49
C ASP B 221 -19.39 7.07 3.08
N PHE B 222 -19.18 8.26 3.64
CA PHE B 222 -20.30 8.94 4.27
C PHE B 222 -21.39 9.23 3.26
N TYR B 223 -21.01 9.76 2.10
CA TYR B 223 -22.00 10.21 1.13
C TYR B 223 -22.49 9.10 0.21
N SER B 224 -21.83 7.93 0.18
CA SER B 224 -22.34 6.83 -0.63
C SER B 224 -22.94 5.72 0.24
N TYR B 225 -23.05 5.94 1.55
CA TYR B 225 -23.58 4.93 2.47
C TYR B 225 -24.99 4.48 2.09
N ASP B 226 -25.90 5.43 1.84
CA ASP B 226 -27.29 5.03 1.60
C ASP B 226 -27.41 4.15 0.37
N ARG B 227 -26.74 4.51 -0.71
CA ARG B 227 -26.79 3.70 -1.91
C ARG B 227 -26.18 2.32 -1.65
N GLU B 228 -25.01 2.29 -1.04
CA GLU B 228 -24.31 1.02 -0.89
C GLU B 228 -25.08 0.06 0.02
N VAL B 229 -25.68 0.58 1.09
CA VAL B 229 -26.48 -0.31 1.92
C VAL B 229 -27.71 -0.82 1.17
N SER B 230 -28.34 0.05 0.37
CA SER B 230 -29.48 -0.38 -0.43
C SER B 230 -29.07 -1.50 -1.39
N LEU B 231 -27.84 -1.47 -1.88
CA LEU B 231 -27.34 -2.44 -2.86
C LEU B 231 -26.64 -3.64 -2.24
N GLY B 232 -26.69 -3.78 -0.91
CA GLY B 232 -26.01 -4.88 -0.24
C GLY B 232 -24.50 -4.83 -0.34
N GLN B 233 -23.92 -3.66 -0.54
CA GLN B 233 -22.46 -3.54 -0.63
C GLN B 233 -21.89 -3.23 0.76
N ILE B 234 -20.86 -3.98 1.16
CA ILE B 234 -20.34 -3.85 2.52
C ILE B 234 -19.05 -3.03 2.59
N THR B 235 -18.57 -2.51 1.47
CA THR B 235 -17.30 -1.77 1.48
C THR B 235 -17.57 -0.31 1.87
N ASN B 236 -17.69 -0.09 3.19
CA ASN B 236 -18.03 1.23 3.72
C ASN B 236 -17.75 1.27 5.23
N CYS B 237 -16.91 2.19 5.71
CA CYS B 237 -16.48 2.13 7.10
C CYS B 237 -17.62 2.44 8.07
N PHE B 238 -18.67 3.16 7.65
CA PHE B 238 -19.74 3.41 8.60
C PHE B 238 -20.61 2.19 8.87
N ARG B 239 -20.44 1.08 8.13
CA ARG B 239 -21.05 -0.17 8.56
C ARG B 239 -20.38 -0.74 9.81
N LEU B 240 -19.23 -0.17 10.21
CA LEU B 240 -18.53 -0.59 11.40
C LEU B 240 -19.18 -0.12 12.70
N CYS B 241 -19.85 1.02 12.70
CA CYS B 241 -20.55 1.53 13.87
C CYS B 241 -22.05 1.38 13.64
N ASP B 242 -22.81 1.62 14.70
CA ASP B 242 -24.26 1.54 14.66
C ASP B 242 -24.80 2.92 14.28
N VAL B 243 -25.04 3.14 12.98
CA VAL B 243 -25.49 4.47 12.60
C VAL B 243 -26.92 4.76 13.08
N SER B 244 -27.63 3.74 13.59
CA SER B 244 -28.92 4.03 14.22
C SER B 244 -28.78 4.61 15.62
N ASP B 245 -27.58 4.76 16.16
CA ASP B 245 -27.41 5.37 17.46
C ASP B 245 -26.55 6.61 17.34
N GLU B 246 -27.17 7.77 17.58
CA GLU B 246 -26.48 9.05 17.42
C GLU B 246 -25.20 9.09 18.24
N THR B 247 -25.25 8.59 19.48
CA THR B 247 -24.06 8.62 20.33
C THR B 247 -22.93 7.79 19.73
N ALA B 248 -23.23 6.56 19.32
CA ALA B 248 -22.21 5.72 18.72
C ALA B 248 -21.71 6.33 17.41
N PHE B 249 -22.64 6.83 16.57
CA PHE B 249 -22.25 7.42 15.30
C PHE B 249 -21.32 8.60 15.52
N LYS B 250 -21.69 9.54 16.39
CA LYS B 250 -20.83 10.70 16.60
C LYS B 250 -19.45 10.31 17.07
N GLU B 251 -19.36 9.34 17.97
CA GLU B 251 -18.06 8.87 18.44
C GLU B 251 -17.23 8.37 17.26
N PHE B 252 -17.81 7.51 16.44
CA PHE B 252 -17.12 6.95 15.29
C PHE B 252 -16.73 8.06 14.31
N PHE B 253 -17.67 8.97 14.03
CA PHE B 253 -17.38 10.03 13.07
C PHE B 253 -16.21 10.91 13.55
N GLN B 254 -16.18 11.26 14.83
CA GLN B 254 -15.05 12.02 15.36
C GLN B 254 -13.75 11.24 15.23
N ALA B 255 -13.78 9.94 15.52
CA ALA B 255 -12.57 9.14 15.31
C ALA B 255 -12.11 9.21 13.84
N ARG B 256 -13.06 9.25 12.91
CA ARG B 256 -12.68 9.33 11.51
C ARG B 256 -12.15 10.73 11.16
N LEU B 257 -12.74 11.79 11.74
CA LEU B 257 -12.17 13.12 11.58
C LEU B 257 -10.74 13.18 12.12
N ASP B 258 -10.52 12.65 13.32
CA ASP B 258 -9.16 12.56 13.87
C ASP B 258 -8.22 11.90 12.86
N ASP B 259 -8.65 10.79 12.25
CA ASP B 259 -7.82 10.11 11.26
C ASP B 259 -7.45 11.05 10.11
N MET B 260 -8.44 11.79 9.60
CA MET B 260 -8.18 12.70 8.50
C MET B 260 -7.18 13.77 8.91
N ILE B 261 -7.36 14.33 10.10
CA ILE B 261 -6.50 15.38 10.62
C ILE B 261 -5.07 14.86 10.76
N GLU B 262 -4.93 13.66 11.34
CA GLU B 262 -3.65 12.99 11.45
C GLU B 262 -2.93 12.94 10.11
N ASP B 263 -3.60 12.46 9.06
CA ASP B 263 -2.98 12.31 7.76
C ASP B 263 -2.61 13.67 7.16
N ILE B 264 -3.52 14.63 7.28
CA ILE B 264 -3.28 15.94 6.69
C ILE B 264 -2.05 16.61 7.32
N GLU B 265 -1.93 16.55 8.64
CA GLU B 265 -0.78 17.14 9.30
C GLU B 265 0.53 16.46 8.89
N CYS B 266 0.52 15.13 8.72
CA CYS B 266 1.70 14.45 8.22
C CYS B 266 1.97 14.75 6.76
N ILE B 267 0.92 14.94 5.96
CA ILE B 267 1.14 15.31 4.57
C ILE B 267 1.92 16.62 4.46
N LYS B 268 1.79 17.52 5.44
CA LYS B 268 2.52 18.78 5.41
C LYS B 268 4.04 18.64 5.56
N ALA B 269 4.53 17.42 5.83
CA ALA B 269 5.97 17.19 5.84
C ALA B 269 6.54 16.90 4.46
N PHE B 270 5.70 16.59 3.48
CA PHE B 270 6.22 16.34 2.13
C PHE B 270 6.58 17.68 1.48
N ASP B 271 7.22 17.62 0.31
CA ASP B 271 7.58 18.88 -0.33
C ASP B 271 6.34 19.51 -0.95
N GLN B 272 6.46 20.80 -1.28
CA GLN B 272 5.28 21.64 -1.47
C GLN B 272 4.42 21.15 -2.62
N LEU B 273 5.02 20.82 -3.76
CA LEU B 273 4.25 20.30 -4.88
C LEU B 273 3.49 19.04 -4.48
N THR B 274 4.20 18.05 -3.93
CA THR B 274 3.54 16.82 -3.49
C THR B 274 2.42 17.12 -2.50
N GLN B 275 2.70 17.96 -1.50
CA GLN B 275 1.69 18.36 -0.54
C GLN B 275 0.45 18.93 -1.22
N ASP B 276 0.64 19.92 -2.10
CA ASP B 276 -0.47 20.48 -2.87
C ASP B 276 -1.31 19.40 -3.49
N VAL B 277 -0.66 18.46 -4.17
CA VAL B 277 -1.37 17.43 -4.90
C VAL B 277 -2.17 16.56 -3.93
N PHE B 278 -1.52 16.09 -2.85
CA PHE B 278 -2.24 15.29 -1.86
C PHE B 278 -3.46 16.03 -1.31
N LEU B 279 -3.27 17.28 -0.90
CA LEU B 279 -4.35 17.99 -0.21
C LEU B 279 -5.47 18.39 -1.16
N ASP B 280 -5.13 18.78 -2.39
CA ASP B 280 -6.19 19.08 -3.36
C ASP B 280 -6.93 17.81 -3.74
N LEU B 281 -6.26 16.66 -3.69
CA LEU B 281 -6.95 15.39 -3.93
C LEU B 281 -8.02 15.16 -2.86
N ILE B 282 -7.64 15.24 -1.58
CA ILE B 282 -8.60 14.97 -0.51
C ILE B 282 -9.68 16.04 -0.48
N TYR B 283 -9.28 17.30 -0.54
CA TYR B 283 -10.26 18.37 -0.42
C TYR B 283 -11.12 18.48 -1.68
N GLY B 284 -10.51 18.34 -2.86
CA GLY B 284 -11.28 18.32 -4.08
C GLY B 284 -12.28 17.17 -4.15
N ASN B 285 -11.89 16.00 -3.64
CA ASN B 285 -12.85 14.90 -3.64
C ASN B 285 -14.07 15.25 -2.81
N PHE B 286 -13.86 15.99 -1.72
CA PHE B 286 -14.98 16.37 -0.87
C PHE B 286 -15.89 17.39 -1.58
N VAL B 287 -15.30 18.38 -2.23
CA VAL B 287 -16.12 19.37 -2.97
C VAL B 287 -16.92 18.68 -4.07
N TRP B 288 -16.25 17.82 -4.84
CA TRP B 288 -16.90 17.08 -5.91
C TRP B 288 -18.00 16.18 -5.36
N THR B 289 -17.69 15.40 -4.30
CA THR B 289 -18.65 14.46 -3.74
C THR B 289 -19.93 15.16 -3.31
N THR B 290 -19.81 16.34 -2.71
CA THR B 290 -21.00 17.02 -2.21
C THR B 290 -21.74 17.77 -3.30
N SER B 291 -21.14 17.92 -4.48
CA SER B 291 -21.78 18.56 -5.63
C SER B 291 -22.53 17.58 -6.52
N ASN B 292 -22.31 16.28 -6.38
CA ASN B 292 -22.59 15.31 -7.42
C ASN B 292 -23.86 14.53 -7.11
N LYS B 293 -24.78 14.48 -8.08
CA LYS B 293 -26.02 13.73 -7.90
C LYS B 293 -25.76 12.25 -7.64
N ARG B 294 -24.65 11.72 -8.15
CA ARG B 294 -24.26 10.35 -7.82
C ARG B 294 -24.35 10.08 -6.33
N TYR B 295 -24.05 11.08 -5.51
CA TYR B 295 -24.08 10.93 -4.06
C TYR B 295 -25.29 11.60 -3.43
N LYS B 296 -26.37 11.80 -4.19
CA LYS B 296 -27.61 12.38 -3.67
C LYS B 296 -28.82 11.47 -3.81
N THR B 297 -28.78 10.46 -4.68
CA THR B 297 -29.91 9.58 -4.90
C THR B 297 -29.50 8.13 -4.62
N ALA B 298 -30.44 7.35 -4.11
CA ALA B 298 -30.18 5.92 -3.94
C ALA B 298 -29.97 5.27 -5.31
N VAL B 299 -30.93 5.45 -6.21
CA VAL B 299 -30.83 5.02 -7.59
C VAL B 299 -30.96 6.26 -8.45
N ASN B 300 -30.37 6.25 -9.65
CA ASN B 300 -30.64 7.29 -10.63
C ASN B 300 -29.99 6.92 -11.97
N ASP B 301 -29.79 7.92 -12.80
CA ASP B 301 -29.17 7.70 -14.10
C ASP B 301 -27.65 7.73 -14.02
N VAL B 302 -27.09 8.08 -12.87
CA VAL B 302 -25.65 8.16 -12.70
C VAL B 302 -25.15 7.41 -11.48
N ASN B 303 -25.90 6.42 -10.95
CA ASN B 303 -25.33 5.43 -10.04
C ASN B 303 -26.09 4.10 -9.99
N SER B 304 -27.04 3.84 -10.89
CA SER B 304 -27.78 2.58 -10.84
C SER B 304 -27.08 1.48 -11.63
N ARG B 305 -27.15 0.24 -11.10
CA ARG B 305 -26.40 -0.91 -11.63
C ARG B 305 -26.56 -1.02 -13.14
N ILE B 306 -25.42 -1.08 -13.84
CA ILE B 306 -25.38 -1.25 -15.29
C ILE B 306 -25.47 -2.74 -15.58
N GLN B 307 -26.44 -3.14 -16.41
CA GLN B 307 -27.04 -4.47 -16.36
C GLN B 307 -26.55 -5.37 -17.48
N ALA B 308 -26.96 -6.64 -17.43
CA ALA B 308 -26.59 -7.55 -18.51
C ALA B 308 -27.83 -7.91 -19.34
N GLY A 14 17.12 3.91 31.01
CA GLY A 14 16.69 4.89 30.06
C GLY A 14 16.32 4.15 28.79
N ARG A 15 16.16 4.88 27.69
CA ARG A 15 15.58 4.31 26.50
C ARG A 15 16.65 3.83 25.52
N SER A 16 17.87 3.63 25.98
CA SER A 16 18.93 3.09 25.14
C SER A 16 18.75 1.62 24.80
N SER A 17 17.87 0.89 25.49
CA SER A 17 17.89 -0.57 25.31
C SER A 17 16.58 -1.21 25.75
N VAL A 18 16.17 -2.23 25.00
CA VAL A 18 15.08 -3.09 25.45
C VAL A 18 15.61 -4.39 26.03
N ARG A 19 16.93 -4.56 26.13
CA ARG A 19 17.53 -5.78 26.68
C ARG A 19 16.84 -6.35 27.91
N PRO A 20 16.41 -5.57 28.92
CA PRO A 20 15.80 -6.22 30.09
C PRO A 20 14.45 -6.86 29.85
N TYR A 21 13.79 -6.57 28.73
CA TYR A 21 12.54 -7.24 28.37
C TYR A 21 12.74 -8.39 27.38
N LEU A 22 13.98 -8.70 27.04
CA LEU A 22 14.25 -9.61 25.94
C LEU A 22 13.58 -10.97 26.15
N GLU A 23 13.77 -11.56 27.32
CA GLU A 23 13.27 -12.92 27.54
C GLU A 23 11.74 -12.97 27.55
N GLU A 24 11.10 -12.05 28.29
CA GLU A 24 9.64 -12.07 28.38
C GLU A 24 9.00 -11.80 27.03
N CYS A 25 9.51 -10.79 26.30
CA CYS A 25 8.94 -10.48 24.99
C CYS A 25 9.13 -11.63 24.01
N THR A 26 10.32 -12.27 24.02
CA THR A 26 10.54 -13.42 23.15
C THR A 26 9.53 -14.51 23.45
N ARG A 27 9.40 -14.86 24.73
CA ARG A 27 8.37 -15.78 25.19
C ARG A 27 7.00 -15.45 24.61
N ARG A 28 6.61 -14.18 24.71
CA ARG A 28 5.24 -13.83 24.39
C ARG A 28 4.99 -13.84 22.88
N PHE A 29 5.94 -13.33 22.10
CA PHE A 29 5.90 -13.52 20.64
C PHE A 29 5.67 -14.99 20.29
N GLN A 30 6.52 -15.87 20.82
CA GLN A 30 6.42 -17.28 20.43
C GLN A 30 5.07 -17.87 20.81
N GLU A 31 4.58 -17.57 22.02
CA GLU A 31 3.28 -18.08 22.44
C GLU A 31 2.19 -17.60 21.50
N MET A 32 2.28 -16.33 21.10
CA MET A 32 1.29 -15.77 20.17
C MET A 32 1.30 -16.57 18.87
N PHE A 33 2.48 -16.83 18.30
CA PHE A 33 2.56 -17.64 17.09
C PHE A 33 1.99 -19.03 17.30
N ASP A 34 2.31 -19.67 18.44
CA ASP A 34 1.85 -21.04 18.65
C ASP A 34 0.32 -21.10 18.70
N ARG A 35 -0.30 -20.06 19.25
CA ARG A 35 -1.74 -20.09 19.39
C ARG A 35 -2.43 -19.74 18.08
N HIS A 36 -1.89 -18.77 17.33
CA HIS A 36 -2.60 -18.14 16.22
C HIS A 36 -2.11 -18.58 14.85
N VAL A 37 -0.94 -19.21 14.75
CA VAL A 37 -0.45 -19.76 13.50
C VAL A 37 -0.29 -21.28 13.57
N VAL A 38 0.36 -21.75 14.65
CA VAL A 38 0.46 -23.13 15.14
C VAL A 38 1.37 -24.04 14.31
N THR A 39 1.29 -23.99 12.97
CA THR A 39 2.26 -24.74 12.19
C THR A 39 3.60 -23.99 12.27
N ARG A 40 4.67 -24.66 11.85
CA ARG A 40 6.02 -24.13 12.06
C ARG A 40 6.62 -23.62 10.75
N PRO A 41 7.46 -22.58 10.80
CA PRO A 41 8.24 -22.20 9.62
C PRO A 41 9.05 -23.35 9.07
N THR A 42 9.48 -23.21 7.82
CA THR A 42 10.26 -24.25 7.15
C THR A 42 11.48 -23.65 6.50
N LYS A 43 12.67 -24.19 6.79
CA LYS A 43 13.88 -23.64 6.20
C LYS A 43 14.22 -24.34 4.89
N VAL A 44 14.54 -23.56 3.87
CA VAL A 44 14.84 -24.05 2.52
C VAL A 44 16.30 -24.49 2.44
N GLU A 45 16.52 -25.80 2.38
CA GLU A 45 17.86 -26.36 2.22
C GLU A 45 18.44 -25.95 0.87
N LEU A 46 19.69 -25.51 0.89
CA LEU A 46 20.38 -25.19 -0.35
C LEU A 46 21.66 -26.00 -0.45
N THR A 47 21.81 -26.72 -1.56
CA THR A 47 23.11 -27.30 -1.84
C THR A 47 24.14 -26.18 -1.89
N ASP A 48 25.39 -26.51 -1.59
CA ASP A 48 26.41 -25.45 -1.60
C ASP A 48 26.57 -24.88 -3.01
N ALA A 49 26.19 -25.65 -4.05
CA ALA A 49 26.25 -25.15 -5.43
C ALA A 49 25.29 -23.99 -5.68
N GLU A 50 24.03 -24.13 -5.26
CA GLU A 50 23.09 -23.03 -5.46
C GLU A 50 23.39 -21.88 -4.50
N LEU A 51 23.92 -22.20 -3.31
CA LEU A 51 24.25 -21.14 -2.35
C LEU A 51 25.47 -20.36 -2.82
N ARG A 52 26.43 -21.05 -3.44
CA ARG A 52 27.60 -20.33 -3.91
C ARG A 52 27.29 -19.56 -5.18
N GLU A 53 26.33 -20.03 -5.96
CA GLU A 53 25.82 -19.18 -7.04
C GLU A 53 25.24 -17.88 -6.48
N VAL A 54 24.43 -17.97 -5.42
CA VAL A 54 23.81 -16.78 -4.84
C VAL A 54 24.87 -15.83 -4.29
N ILE A 55 25.82 -16.36 -3.53
CA ILE A 55 26.82 -15.50 -2.92
C ILE A 55 27.77 -14.94 -3.96
N ASP A 56 28.13 -15.74 -4.98
CA ASP A 56 28.83 -15.20 -6.16
C ASP A 56 28.15 -13.95 -6.69
N ASP A 57 26.84 -14.04 -6.96
CA ASP A 57 26.12 -12.93 -7.58
C ASP A 57 25.96 -11.75 -6.62
N CYS A 58 25.78 -12.03 -5.32
CA CYS A 58 25.77 -10.94 -4.34
C CYS A 58 27.08 -10.16 -4.37
N ASN A 59 28.21 -10.87 -4.40
CA ASN A 59 29.49 -10.19 -4.42
C ASN A 59 29.67 -9.41 -5.71
N ALA A 60 29.33 -10.01 -6.85
CA ALA A 60 29.45 -9.31 -8.13
C ALA A 60 28.55 -8.07 -8.17
N ALA A 61 27.38 -8.15 -7.51
CA ALA A 61 26.43 -7.05 -7.58
C ALA A 61 26.88 -5.85 -6.76
N VAL A 62 27.50 -6.08 -5.60
CA VAL A 62 27.92 -4.94 -4.79
C VAL A 62 29.37 -4.55 -5.04
N ALA A 63 30.12 -5.36 -5.79
CA ALA A 63 31.50 -5.00 -6.12
C ALA A 63 31.64 -3.57 -6.63
N PRO A 64 30.77 -3.05 -7.52
CA PRO A 64 30.94 -1.65 -7.95
C PRO A 64 30.95 -0.68 -6.78
N LEU A 65 30.15 -0.91 -5.74
CA LEU A 65 30.07 -0.02 -4.60
C LEU A 65 31.35 -0.02 -3.75
N GLY A 66 32.24 -0.99 -3.95
CA GLY A 66 33.58 -0.90 -3.41
C GLY A 66 33.82 -1.48 -2.03
N LYS A 67 32.82 -2.07 -1.36
CA LYS A 67 33.01 -2.55 0.00
C LYS A 67 32.80 -4.06 0.10
N THR A 68 33.77 -4.72 0.73
CA THR A 68 33.75 -6.17 0.93
C THR A 68 32.68 -6.57 1.93
N VAL A 69 31.94 -7.63 1.58
CA VAL A 69 30.97 -8.25 2.47
C VAL A 69 31.41 -9.69 2.68
N SER A 70 31.57 -10.08 3.93
CA SER A 70 32.03 -11.43 4.26
C SER A 70 30.93 -12.46 4.01
N ASP A 71 31.35 -13.72 3.85
CA ASP A 71 30.37 -14.78 3.63
C ASP A 71 29.41 -14.90 4.82
N GLU A 72 29.91 -14.76 6.05
CA GLU A 72 28.98 -14.91 7.16
C GLU A 72 28.03 -13.71 7.28
N ARG A 73 28.43 -12.54 6.79
CA ARG A 73 27.47 -11.45 6.70
C ARG A 73 26.42 -11.73 5.63
N TRP A 74 26.82 -12.26 4.47
CA TRP A 74 25.84 -12.68 3.47
C TRP A 74 24.86 -13.68 4.05
N ILE A 75 25.37 -14.66 4.79
CA ILE A 75 24.51 -15.72 5.29
C ILE A 75 23.57 -15.17 6.36
N SER A 76 24.03 -14.17 7.11
CA SER A 76 23.15 -13.48 8.04
C SER A 76 21.99 -12.82 7.30
N TYR A 77 22.28 -12.15 6.19
CA TYR A 77 21.22 -11.51 5.42
C TYR A 77 20.30 -12.54 4.78
N VAL A 78 20.86 -13.62 4.23
CA VAL A 78 20.07 -14.56 3.43
C VAL A 78 19.14 -15.40 4.29
N GLY A 79 19.42 -15.52 5.59
CA GLY A 79 18.61 -16.38 6.44
C GLY A 79 17.14 -16.05 6.42
N VAL A 80 16.79 -14.76 6.25
CA VAL A 80 15.37 -14.40 6.25
C VAL A 80 14.67 -15.07 5.07
N VAL A 81 15.34 -15.16 3.92
CA VAL A 81 14.71 -15.83 2.78
C VAL A 81 14.61 -17.33 3.02
N LEU A 82 15.63 -17.91 3.65
CA LEU A 82 15.64 -19.36 3.85
C LEU A 82 14.53 -19.78 4.79
N TRP A 83 14.20 -18.93 5.77
CA TRP A 83 13.26 -19.26 6.82
C TRP A 83 11.85 -18.72 6.59
N SER A 84 11.70 -17.71 5.75
CA SER A 84 10.44 -16.95 5.71
C SER A 84 9.73 -17.05 4.36
N GLN A 85 10.11 -18.01 3.51
CA GLN A 85 9.29 -18.39 2.37
C GLN A 85 8.47 -19.62 2.80
N SER A 86 7.76 -20.26 1.88
CA SER A 86 6.92 -21.42 2.22
C SER A 86 7.37 -22.56 1.32
N PRO A 87 8.37 -23.33 1.75
CA PRO A 87 8.98 -24.34 0.86
C PRO A 87 8.00 -25.33 0.27
N ARG A 88 6.97 -25.75 1.02
CA ARG A 88 6.13 -26.82 0.49
C ARG A 88 5.26 -26.32 -0.65
N HIS A 89 5.27 -25.02 -0.91
CA HIS A 89 4.58 -24.46 -2.06
C HIS A 89 5.52 -23.91 -3.12
N ILE A 90 6.85 -24.04 -2.97
CA ILE A 90 7.76 -23.49 -3.98
C ILE A 90 7.59 -24.23 -5.31
N LYS A 91 7.51 -23.46 -6.41
CA LYS A 91 7.55 -24.02 -7.74
C LYS A 91 8.82 -23.67 -8.51
N ASP A 92 9.29 -22.44 -8.40
CA ASP A 92 10.38 -21.93 -9.24
C ASP A 92 11.57 -21.63 -8.34
N MET A 93 12.59 -22.50 -8.38
CA MET A 93 13.77 -22.29 -7.56
C MET A 93 14.71 -21.23 -8.10
N GLU A 94 14.62 -20.90 -9.39
CA GLU A 94 15.46 -19.82 -9.86
C GLU A 94 14.91 -18.46 -9.36
N ALA A 95 13.59 -18.32 -9.31
CA ALA A 95 13.00 -17.16 -8.64
C ALA A 95 13.40 -17.10 -7.16
N PHE A 96 13.42 -18.25 -6.48
CA PHE A 96 13.86 -18.29 -5.09
C PHE A 96 15.29 -17.77 -4.95
N LYS A 97 16.20 -18.25 -5.79
CA LYS A 97 17.59 -17.78 -5.71
C LYS A 97 17.66 -16.28 -6.00
N ALA A 98 16.81 -15.79 -6.91
CA ALA A 98 16.76 -14.35 -7.16
C ALA A 98 16.36 -13.58 -5.91
N VAL A 99 15.36 -14.07 -5.18
CA VAL A 99 14.96 -13.38 -3.96
C VAL A 99 16.10 -13.41 -2.95
N CYS A 100 16.83 -14.54 -2.86
CA CYS A 100 18.03 -14.57 -2.01
C CYS A 100 18.98 -13.43 -2.37
N VAL A 101 19.33 -13.32 -3.65
CA VAL A 101 20.33 -12.34 -4.08
C VAL A 101 19.82 -10.92 -3.85
N LEU A 102 18.62 -10.63 -4.35
CA LEU A 102 18.06 -9.28 -4.23
C LEU A 102 17.88 -8.87 -2.76
N ASN A 103 17.39 -9.79 -1.93
CA ASN A 103 17.27 -9.51 -0.51
C ASN A 103 18.62 -9.11 0.09
N CYS A 104 19.66 -9.85 -0.26
CA CYS A 104 20.97 -9.63 0.35
C CYS A 104 21.60 -8.33 -0.09
N VAL A 105 21.58 -8.04 -1.39
CA VAL A 105 22.33 -6.88 -1.85
C VAL A 105 21.63 -5.58 -1.42
N THR A 106 20.30 -5.58 -1.34
CA THR A 106 19.64 -4.38 -0.81
C THR A 106 19.72 -4.30 0.71
N PHE A 107 19.97 -5.42 1.38
CA PHE A 107 20.35 -5.38 2.78
C PHE A 107 21.68 -4.64 2.97
N VAL A 108 22.65 -4.91 2.10
CA VAL A 108 23.89 -4.15 2.14
C VAL A 108 23.60 -2.66 1.98
N TRP A 109 22.78 -2.31 1.00
CA TRP A 109 22.36 -0.93 0.79
C TRP A 109 21.78 -0.32 2.08
N ASP A 110 20.90 -1.08 2.75
CA ASP A 110 20.28 -0.64 4.01
C ASP A 110 21.35 -0.32 5.05
N ASP A 111 22.40 -1.14 5.12
CA ASP A 111 23.50 -0.97 6.04
C ASP A 111 24.60 -0.05 5.52
N MET A 112 24.34 0.75 4.50
CA MET A 112 25.38 1.57 3.88
C MET A 112 25.18 3.06 4.16
N ASP A 113 26.30 3.74 4.33
CA ASP A 113 26.39 5.19 4.18
C ASP A 113 25.65 5.63 2.91
N PRO A 114 24.84 6.67 2.97
CA PRO A 114 24.25 7.20 1.72
C PRO A 114 25.31 7.70 0.77
N ALA A 115 26.47 8.14 1.29
CA ALA A 115 27.61 8.46 0.44
C ALA A 115 28.02 7.30 -0.46
N LEU A 116 27.88 6.05 0.02
CA LEU A 116 28.22 4.91 -0.82
C LEU A 116 27.15 4.58 -1.85
N HIS A 117 25.96 5.16 -1.72
CA HIS A 117 24.81 4.84 -2.57
C HIS A 117 25.00 5.42 -3.96
N ASP A 118 25.44 4.62 -4.91
CA ASP A 118 25.61 5.11 -6.28
C ASP A 118 24.67 4.34 -7.18
N PHE A 119 23.61 5.03 -7.62
CA PHE A 119 22.56 4.40 -8.40
C PHE A 119 23.06 3.98 -9.79
N GLY A 120 23.91 4.80 -10.41
CA GLY A 120 24.40 4.47 -11.75
C GLY A 120 25.23 3.20 -11.81
N LEU A 121 25.91 2.86 -10.72
CA LEU A 121 26.68 1.63 -10.67
C LEU A 121 25.85 0.46 -10.17
N PHE A 122 24.90 0.71 -9.27
CA PHE A 122 24.17 -0.38 -8.64
C PHE A 122 22.91 -0.78 -9.39
N LEU A 123 22.17 0.18 -9.95
CA LEU A 123 20.94 -0.19 -10.65
C LEU A 123 21.19 -1.16 -11.79
N PRO A 124 22.22 -1.00 -12.64
CA PRO A 124 22.47 -2.04 -13.66
C PRO A 124 22.72 -3.41 -13.08
N GLN A 125 23.34 -3.51 -11.90
CA GLN A 125 23.51 -4.82 -11.27
C GLN A 125 22.18 -5.45 -10.90
N LEU A 126 21.29 -4.67 -10.30
CA LEU A 126 19.95 -5.19 -9.97
C LEU A 126 19.24 -5.67 -11.23
N ARG A 127 19.25 -4.85 -12.28
CA ARG A 127 18.62 -5.25 -13.54
C ARG A 127 19.22 -6.56 -14.06
N LYS A 128 20.55 -6.68 -14.01
CA LYS A 128 21.22 -7.91 -14.43
C LYS A 128 20.73 -9.12 -13.63
N ILE A 129 20.61 -8.96 -12.31
CA ILE A 129 20.10 -10.03 -11.47
C ILE A 129 18.69 -10.41 -11.88
N CYS A 130 17.83 -9.40 -12.06
CA CYS A 130 16.43 -9.67 -12.37
C CYS A 130 16.29 -10.36 -13.72
N GLU A 131 17.09 -9.96 -14.71
CA GLU A 131 16.99 -10.59 -16.03
C GLU A 131 17.47 -12.04 -16.01
N LYS A 132 18.47 -12.36 -15.18
CA LYS A 132 18.99 -13.73 -15.14
C LYS A 132 17.95 -14.73 -14.66
N TYR A 133 17.28 -14.42 -13.53
CA TYR A 133 16.52 -15.44 -12.81
C TYR A 133 15.02 -15.41 -13.09
N TYR A 134 14.49 -14.34 -13.65
CA TYR A 134 13.07 -14.23 -13.97
C TYR A 134 12.88 -14.22 -15.47
N GLY A 135 11.59 -14.30 -15.90
CA GLY A 135 11.26 -14.07 -17.28
C GLY A 135 11.05 -12.59 -17.56
N PRO A 136 10.51 -12.27 -18.75
CA PRO A 136 10.45 -10.85 -19.21
C PRO A 136 9.63 -9.88 -18.35
N GLU A 137 8.34 -10.11 -18.08
CA GLU A 137 7.71 -9.10 -17.23
C GLU A 137 7.84 -9.45 -15.74
N ASP A 138 8.18 -10.70 -15.41
CA ASP A 138 8.60 -10.97 -14.03
C ASP A 138 9.81 -10.11 -13.65
N ALA A 139 10.82 -10.07 -14.52
CA ALA A 139 12.03 -9.33 -14.21
C ALA A 139 11.74 -7.84 -14.06
N GLU A 140 10.84 -7.31 -14.88
CA GLU A 140 10.55 -5.88 -14.80
C GLU A 140 9.85 -5.53 -13.50
N VAL A 141 8.92 -6.38 -13.06
CA VAL A 141 8.25 -6.16 -11.80
C VAL A 141 9.26 -6.20 -10.66
N ALA A 142 10.15 -7.20 -10.68
CA ALA A 142 11.13 -7.32 -9.60
C ALA A 142 12.10 -6.15 -9.61
N TYR A 143 12.57 -5.72 -10.79
CA TYR A 143 13.52 -4.60 -10.83
C TYR A 143 12.88 -3.31 -10.33
N GLU A 144 11.65 -3.03 -10.77
CA GLU A 144 11.01 -1.80 -10.30
C GLU A 144 10.86 -1.79 -8.80
N ALA A 145 10.44 -2.92 -8.22
CA ALA A 145 10.31 -2.99 -6.76
C ALA A 145 11.66 -2.81 -6.07
N ALA A 146 12.73 -3.45 -6.59
CA ALA A 146 14.06 -3.24 -6.02
C ALA A 146 14.51 -1.79 -6.16
N ARG A 147 14.34 -1.22 -7.37
CA ARG A 147 14.64 0.20 -7.61
C ARG A 147 13.90 1.10 -6.62
N ALA A 148 12.59 0.89 -6.49
CA ALA A 148 11.79 1.71 -5.56
C ALA A 148 12.29 1.58 -4.12
N PHE A 149 12.70 0.36 -3.72
CA PHE A 149 13.17 0.21 -2.35
C PHE A 149 14.47 0.98 -2.10
N VAL A 150 15.51 0.73 -2.92
CA VAL A 150 16.79 1.37 -2.65
C VAL A 150 16.66 2.89 -2.76
N THR A 151 15.81 3.35 -3.67
CA THR A 151 15.58 4.79 -3.79
C THR A 151 14.91 5.35 -2.54
N SER A 152 13.92 4.61 -2.01
CA SER A 152 13.24 5.07 -0.81
C SER A 152 14.20 5.08 0.39
N ASP A 153 14.97 3.99 0.56
CA ASP A 153 15.91 3.96 1.67
C ASP A 153 16.90 5.12 1.58
N HIS A 154 17.33 5.46 0.37
CA HIS A 154 18.27 6.56 0.24
C HIS A 154 17.59 7.90 0.47
N MET A 155 16.48 8.13 -0.23
CA MET A 155 15.69 9.35 -0.17
C MET A 155 15.31 9.73 1.25
N PHE A 156 15.01 8.74 2.08
CA PHE A 156 14.43 9.08 3.36
C PHE A 156 15.47 9.21 4.45
N ARG A 157 16.75 8.96 4.17
CA ARG A 157 17.79 9.23 5.16
C ARG A 157 17.73 10.71 5.50
N ASP A 158 17.54 11.01 6.78
CA ASP A 158 17.35 12.41 7.20
C ASP A 158 16.21 13.13 6.45
N SER A 159 15.15 12.40 6.07
CA SER A 159 14.02 13.19 5.52
C SER A 159 13.09 13.68 6.63
N PRO A 160 12.57 14.91 6.59
CA PRO A 160 11.54 15.27 7.57
C PRO A 160 10.28 14.44 7.46
N ILE A 161 9.98 13.88 6.27
CA ILE A 161 8.83 12.99 6.16
C ILE A 161 9.00 11.79 7.09
N LYS A 162 10.20 11.21 7.08
CA LYS A 162 10.50 10.09 7.97
C LYS A 162 10.21 10.45 9.42
N ALA A 163 10.65 11.65 9.84
CA ALA A 163 10.40 12.11 11.20
C ALA A 163 8.90 12.21 11.51
N ALA A 164 8.13 12.79 10.58
CA ALA A 164 6.70 12.93 10.84
C ALA A 164 6.02 11.56 10.93
N LEU A 165 6.41 10.63 10.05
CA LEU A 165 5.73 9.34 10.04
C LEU A 165 6.18 8.44 11.17
N CYS A 166 7.43 8.54 11.61
CA CYS A 166 7.92 7.65 12.65
C CYS A 166 7.58 8.10 14.06
N THR A 167 7.30 9.39 14.27
CA THR A 167 7.11 9.86 15.62
C THR A 167 5.75 10.48 15.89
N THR A 168 4.73 10.21 15.08
CA THR A 168 3.40 10.72 15.39
C THR A 168 2.44 9.66 15.91
N SER A 169 2.39 8.48 15.29
CA SER A 169 1.50 7.43 15.76
C SER A 169 1.95 6.10 15.18
N PRO A 170 1.52 4.97 15.77
CA PRO A 170 1.83 3.67 15.14
C PRO A 170 1.31 3.57 13.71
N GLU A 171 0.18 4.21 13.39
CA GLU A 171 -0.35 4.08 12.04
C GLU A 171 0.46 4.85 11.02
N GLN A 172 0.89 6.07 11.36
CA GLN A 172 1.80 6.79 10.49
C GLN A 172 3.05 5.95 10.23
N TYR A 173 3.54 5.31 11.29
CA TYR A 173 4.81 4.60 11.20
C TYR A 173 4.70 3.36 10.32
N PHE A 174 3.68 2.54 10.55
CA PHE A 174 3.54 1.31 9.79
C PHE A 174 3.27 1.60 8.32
N ARG A 175 2.58 2.71 8.05
CA ARG A 175 2.39 3.17 6.68
C ARG A 175 3.72 3.42 5.96
N PHE A 176 4.68 4.04 6.66
CA PHE A 176 6.02 4.21 6.11
C PHE A 176 6.70 2.86 5.87
N ARG A 177 6.52 1.93 6.81
CA ARG A 177 7.26 0.67 6.76
C ARG A 177 6.76 -0.29 5.69
N VAL A 178 5.54 -0.12 5.14
CA VAL A 178 5.11 -0.97 4.03
C VAL A 178 6.18 -1.02 2.94
N THR A 179 6.76 0.12 2.62
CA THR A 179 7.89 0.17 1.70
C THR A 179 9.21 0.03 2.43
N ASP A 180 9.38 0.74 3.54
CA ASP A 180 10.73 0.86 4.12
C ASP A 180 11.24 -0.45 4.73
N ILE A 181 10.37 -1.37 5.18
CA ILE A 181 10.90 -2.65 5.64
C ILE A 181 11.11 -3.61 4.47
N GLY A 182 10.88 -3.16 3.23
CA GLY A 182 11.15 -3.98 2.08
C GLY A 182 10.11 -5.02 1.76
N VAL A 183 9.00 -5.08 2.50
CA VAL A 183 8.05 -6.17 2.30
C VAL A 183 7.27 -6.03 0.99
N ASP A 184 6.93 -4.79 0.57
CA ASP A 184 6.31 -4.66 -0.74
C ASP A 184 7.24 -5.19 -1.84
N PHE A 185 8.51 -4.81 -1.76
CA PHE A 185 9.55 -5.34 -2.65
C PHE A 185 9.59 -6.86 -2.57
N TRP A 186 9.57 -7.41 -1.35
CA TRP A 186 9.64 -8.85 -1.16
C TRP A 186 8.52 -9.59 -1.87
N MET A 187 7.27 -9.13 -1.68
CA MET A 187 6.13 -9.79 -2.32
C MET A 187 6.26 -9.76 -3.83
N LYS A 188 6.65 -8.61 -4.40
CA LYS A 188 6.70 -8.44 -5.84
C LYS A 188 7.86 -9.18 -6.48
N MET A 189 8.89 -9.54 -5.71
CA MET A 189 9.92 -10.43 -6.26
C MET A 189 9.71 -11.90 -5.91
N SER A 190 8.81 -12.19 -4.98
CA SER A 190 8.55 -13.56 -4.55
C SER A 190 7.40 -14.23 -5.28
N TYR A 191 6.45 -13.49 -5.86
CA TYR A 191 5.33 -14.17 -6.49
C TYR A 191 5.76 -15.16 -7.56
N PRO A 192 6.84 -14.95 -8.33
CA PRO A 192 7.21 -15.99 -9.30
C PRO A 192 7.68 -17.30 -8.67
N ILE A 193 8.06 -17.29 -7.38
CA ILE A 193 8.45 -18.53 -6.71
C ILE A 193 7.28 -19.50 -6.69
N TYR A 194 6.06 -18.97 -6.56
CA TYR A 194 4.88 -19.80 -6.30
C TYR A 194 3.99 -20.00 -7.52
N ARG A 195 3.96 -19.06 -8.46
CA ARG A 195 3.09 -19.14 -9.64
C ARG A 195 1.64 -19.46 -9.24
N HIS A 196 1.16 -18.77 -8.19
CA HIS A 196 -0.18 -18.95 -7.65
C HIS A 196 -1.03 -17.72 -7.99
N PRO A 197 -2.14 -17.89 -8.71
CA PRO A 197 -2.86 -16.72 -9.24
C PRO A 197 -3.25 -15.69 -8.18
N GLU A 198 -3.86 -16.10 -7.07
CA GLU A 198 -4.32 -15.12 -6.10
C GLU A 198 -3.15 -14.38 -5.47
N PHE A 199 -2.09 -15.12 -5.10
CA PHE A 199 -0.92 -14.50 -4.48
C PHE A 199 -0.30 -13.45 -5.39
N THR A 200 -0.19 -13.78 -6.68
CA THR A 200 0.37 -12.83 -7.63
C THR A 200 -0.44 -11.53 -7.67
N GLU A 201 -1.78 -11.63 -7.64
CA GLU A 201 -2.61 -10.43 -7.57
C GLU A 201 -2.37 -9.65 -6.28
N HIS A 202 -2.36 -10.33 -5.14
CA HIS A 202 -2.20 -9.62 -3.87
C HIS A 202 -0.83 -8.98 -3.75
N ALA A 203 0.20 -9.63 -4.32
CA ALA A 203 1.52 -9.02 -4.38
C ALA A 203 1.49 -7.75 -5.22
N LYS A 204 0.80 -7.78 -6.35
CA LYS A 204 0.84 -6.67 -7.29
C LYS A 204 0.00 -5.48 -6.84
N THR A 205 -1.07 -5.72 -6.07
CA THR A 205 -1.84 -4.63 -5.44
C THR A 205 -1.18 -4.09 -4.17
N SER A 206 -0.19 -4.79 -3.65
CA SER A 206 0.47 -4.52 -2.37
C SER A 206 -0.40 -4.86 -1.16
N LEU A 207 -1.60 -5.39 -1.37
CA LEU A 207 -2.37 -5.89 -0.24
C LEU A 207 -1.56 -6.94 0.54
N ALA A 208 -0.86 -7.83 -0.16
CA ALA A 208 0.02 -8.81 0.51
C ALA A 208 0.98 -8.11 1.46
N ALA A 209 1.61 -7.03 0.98
CA ALA A 209 2.52 -6.29 1.84
C ALA A 209 1.78 -5.61 2.99
N ARG A 210 0.63 -4.99 2.72
CA ARG A 210 -0.07 -4.27 3.77
C ARG A 210 -0.53 -5.20 4.87
N MET A 211 -0.76 -6.48 4.54
CA MET A 211 -1.23 -7.45 5.52
C MET A 211 -0.12 -7.96 6.42
N THR A 212 1.14 -7.92 5.96
CA THR A 212 2.26 -8.54 6.68
C THR A 212 3.21 -7.54 7.30
N THR A 213 3.00 -6.23 7.03
CA THR A 213 3.94 -5.21 7.48
C THR A 213 4.08 -5.17 9.00
N ARG A 214 2.95 -5.15 9.72
CA ARG A 214 3.05 -4.99 11.16
C ARG A 214 3.73 -6.21 11.80
N GLY A 215 3.40 -7.41 11.32
CA GLY A 215 4.00 -8.59 11.90
C GLY A 215 5.50 -8.62 11.74
N LEU A 216 5.99 -8.25 10.55
CA LEU A 216 7.43 -8.18 10.33
C LEU A 216 8.07 -7.05 11.14
N THR A 217 7.43 -5.87 11.13
CA THR A 217 8.06 -4.69 11.67
C THR A 217 8.14 -4.72 13.18
N ILE A 218 7.08 -5.17 13.84
CA ILE A 218 7.10 -5.16 15.31
C ILE A 218 8.22 -6.06 15.81
N VAL A 219 8.37 -7.23 15.19
CA VAL A 219 9.45 -8.15 15.57
C VAL A 219 10.80 -7.54 15.26
N ASN A 220 10.98 -7.04 14.03
CA ASN A 220 12.26 -6.44 13.68
C ASN A 220 12.62 -5.30 14.63
N ASP A 221 11.64 -4.42 14.90
CA ASP A 221 11.88 -3.26 15.75
C ASP A 221 12.29 -3.66 17.16
N PHE A 222 11.64 -4.68 17.72
CA PHE A 222 12.00 -5.04 19.08
C PHE A 222 13.47 -5.45 19.17
N TYR A 223 13.91 -6.31 18.26
CA TYR A 223 15.24 -6.89 18.39
C TYR A 223 16.34 -6.04 17.76
N SER A 224 16.00 -5.01 16.96
CA SER A 224 17.01 -4.11 16.42
C SER A 224 17.02 -2.76 17.12
N TYR A 225 16.17 -2.59 18.14
CA TYR A 225 16.07 -1.32 18.84
C TYR A 225 17.43 -0.85 19.36
N ASP A 226 18.14 -1.72 20.08
CA ASP A 226 19.41 -1.30 20.68
C ASP A 226 20.39 -0.81 19.62
N ARG A 227 20.53 -1.53 18.51
CA ARG A 227 21.42 -1.08 17.44
C ARG A 227 20.96 0.24 16.86
N GLU A 228 19.66 0.38 16.64
CA GLU A 228 19.19 1.58 15.95
C GLU A 228 19.28 2.81 16.84
N VAL A 229 18.92 2.66 18.12
CA VAL A 229 18.98 3.76 19.08
C VAL A 229 20.38 4.38 19.12
N SER A 230 21.41 3.56 19.32
CA SER A 230 22.72 4.18 19.52
C SER A 230 23.26 4.77 18.24
N LEU A 231 22.57 4.56 17.12
CA LEU A 231 23.01 5.05 15.82
C LEU A 231 22.14 6.16 15.26
N GLY A 232 21.38 6.86 16.11
CA GLY A 232 20.42 7.86 15.69
C GLY A 232 19.44 7.43 14.61
N GLN A 233 19.05 6.15 14.56
CA GLN A 233 18.10 5.67 13.57
C GLN A 233 16.68 5.67 14.15
N ILE A 234 15.81 6.55 13.63
CA ILE A 234 14.51 6.78 14.26
C ILE A 234 13.44 5.80 13.82
N THR A 235 13.72 4.94 12.84
CA THR A 235 12.69 4.10 12.24
C THR A 235 12.47 2.85 13.10
N ASN A 236 11.70 3.02 14.16
CA ASN A 236 11.49 1.95 15.14
C ASN A 236 10.27 2.29 15.99
N CYS A 237 9.24 1.45 15.96
CA CYS A 237 8.01 1.81 16.67
C CYS A 237 8.17 1.87 18.19
N PHE A 238 9.18 1.21 18.77
CA PHE A 238 9.32 1.32 20.21
C PHE A 238 9.89 2.67 20.65
N ARG A 239 10.40 3.47 19.72
CA ARG A 239 10.71 4.86 20.00
C ARG A 239 9.45 5.68 20.29
N LEU A 240 8.27 5.12 20.06
CA LEU A 240 7.04 5.83 20.34
C LEU A 240 6.69 5.83 21.82
N CYS A 241 6.94 4.74 22.54
CA CYS A 241 6.64 4.67 23.95
C CYS A 241 7.92 4.93 24.74
N ASP A 242 7.76 5.01 26.06
CA ASP A 242 8.88 5.19 26.98
C ASP A 242 9.34 3.80 27.44
N VAL A 243 10.39 3.26 26.81
CA VAL A 243 10.78 1.89 27.13
C VAL A 243 11.44 1.79 28.50
N SER A 244 12.00 2.89 29.02
CA SER A 244 12.51 2.84 30.38
C SER A 244 11.41 2.87 31.41
N ASP A 245 10.16 2.90 30.98
CA ASP A 245 8.97 2.93 31.83
C ASP A 245 8.36 1.54 31.71
N GLU A 246 8.52 0.75 32.76
CA GLU A 246 8.09 -0.65 32.70
C GLU A 246 6.60 -0.75 32.42
N THR A 247 5.78 0.03 33.13
CA THR A 247 4.35 -0.03 32.94
C THR A 247 3.96 0.36 31.52
N ALA A 248 4.51 1.46 31.02
CA ALA A 248 4.12 1.93 29.70
C ALA A 248 4.61 1.00 28.61
N PHE A 249 5.81 0.43 28.77
CA PHE A 249 6.31 -0.49 27.74
C PHE A 249 5.38 -1.67 27.58
N LYS A 250 4.95 -2.26 28.69
CA LYS A 250 4.07 -3.42 28.61
C LYS A 250 2.76 -3.07 27.94
N GLU A 251 2.24 -1.88 28.23
CA GLU A 251 1.05 -1.38 27.54
C GLU A 251 1.26 -1.35 26.03
N PHE A 252 2.37 -0.75 25.60
CA PHE A 252 2.63 -0.58 24.18
C PHE A 252 2.88 -1.92 23.51
N PHE A 253 3.64 -2.77 24.19
CA PHE A 253 3.95 -4.08 23.62
C PHE A 253 2.69 -4.91 23.45
N GLN A 254 1.78 -4.86 24.43
CA GLN A 254 0.51 -5.57 24.30
C GLN A 254 -0.30 -5.03 23.11
N ALA A 255 -0.31 -3.72 22.92
CA ALA A 255 -1.04 -3.19 21.79
C ALA A 255 -0.44 -3.67 20.47
N ARG A 256 0.89 -3.79 20.43
CA ARG A 256 1.55 -4.29 19.23
C ARG A 256 1.23 -5.77 19.01
N LEU A 257 1.19 -6.57 20.09
CA LEU A 257 0.75 -7.96 19.95
C LEU A 257 -0.66 -8.02 19.37
N ASP A 258 -1.56 -7.19 19.88
CA ASP A 258 -2.94 -7.24 19.38
C ASP A 258 -2.98 -6.88 17.90
N ASP A 259 -2.12 -5.96 17.45
CA ASP A 259 -1.99 -5.65 16.03
C ASP A 259 -1.62 -6.90 15.24
N MET A 260 -0.58 -7.62 15.69
CA MET A 260 -0.16 -8.81 14.98
C MET A 260 -1.26 -9.85 14.93
N ILE A 261 -1.93 -10.05 16.06
CA ILE A 261 -3.02 -11.03 16.11
C ILE A 261 -4.13 -10.63 15.16
N GLU A 262 -4.53 -9.34 15.19
CA GLU A 262 -5.57 -8.87 14.28
C GLU A 262 -5.22 -9.21 12.83
N ASP A 263 -3.98 -8.90 12.42
CA ASP A 263 -3.59 -9.18 11.04
C ASP A 263 -3.60 -10.67 10.72
N ILE A 264 -3.07 -11.48 11.64
CA ILE A 264 -2.97 -12.93 11.38
C ILE A 264 -4.35 -13.53 11.23
N GLU A 265 -5.29 -13.14 12.09
CA GLU A 265 -6.65 -13.66 12.01
C GLU A 265 -7.31 -13.29 10.68
N CYS A 266 -7.11 -12.04 10.21
CA CYS A 266 -7.66 -11.64 8.93
C CYS A 266 -6.95 -12.33 7.77
N ILE A 267 -5.63 -12.56 7.89
CA ILE A 267 -4.91 -13.31 6.88
C ILE A 267 -5.52 -14.69 6.67
N LYS A 268 -6.10 -15.27 7.71
CA LYS A 268 -6.66 -16.61 7.60
C LYS A 268 -7.96 -16.62 6.77
N ALA A 269 -8.46 -15.46 6.35
CA ALA A 269 -9.54 -15.41 5.37
C ALA A 269 -9.06 -15.53 3.93
N PHE A 270 -7.76 -15.42 3.69
CA PHE A 270 -7.25 -15.57 2.34
C PHE A 270 -7.21 -17.05 1.96
N ASP A 271 -6.98 -17.32 0.68
CA ASP A 271 -6.94 -18.70 0.20
C ASP A 271 -5.81 -19.45 0.92
N GLN A 272 -5.97 -20.79 1.00
CA GLN A 272 -5.08 -21.64 1.80
C GLN A 272 -3.59 -21.40 1.51
N LEU A 273 -3.21 -21.26 0.24
CA LEU A 273 -1.78 -21.16 -0.07
C LEU A 273 -1.27 -19.76 0.19
N THR A 274 -2.04 -18.75 -0.19
CA THR A 274 -1.64 -17.38 0.08
C THR A 274 -1.45 -17.16 1.57
N GLN A 275 -2.38 -17.67 2.38
CA GLN A 275 -2.23 -17.47 3.81
C GLN A 275 -1.03 -18.22 4.34
N ASP A 276 -0.69 -19.37 3.74
CA ASP A 276 0.55 -20.05 4.13
C ASP A 276 1.76 -19.17 3.89
N VAL A 277 1.84 -18.53 2.71
CA VAL A 277 2.98 -17.67 2.40
C VAL A 277 3.04 -16.48 3.36
N PHE A 278 1.90 -15.82 3.60
CA PHE A 278 1.88 -14.68 4.51
C PHE A 278 2.34 -15.08 5.91
N LEU A 279 1.83 -16.20 6.40
CA LEU A 279 2.08 -16.59 7.79
C LEU A 279 3.50 -17.14 7.96
N ASP A 280 3.96 -17.95 7.00
CA ASP A 280 5.37 -18.39 7.00
C ASP A 280 6.31 -17.18 6.99
N LEU A 281 5.92 -16.12 6.27
CA LEU A 281 6.75 -14.93 6.22
C LEU A 281 6.89 -14.28 7.60
N ILE A 282 5.76 -14.05 8.27
CA ILE A 282 5.79 -13.38 9.57
C ILE A 282 6.48 -14.25 10.62
N TYR A 283 6.09 -15.52 10.69
CA TYR A 283 6.63 -16.39 11.73
C TYR A 283 8.08 -16.76 11.42
N GLY A 284 8.39 -17.01 10.14
CA GLY A 284 9.77 -17.25 9.77
C GLY A 284 10.69 -16.09 10.07
N ASN A 285 10.21 -14.86 9.87
CA ASN A 285 11.03 -13.70 10.20
C ASN A 285 11.36 -13.68 11.69
N PHE A 286 10.38 -14.06 12.53
CA PHE A 286 10.62 -14.12 13.96
C PHE A 286 11.68 -15.19 14.28
N VAL A 287 11.58 -16.36 13.68
CA VAL A 287 12.55 -17.42 13.97
C VAL A 287 13.95 -16.98 13.57
N TRP A 288 14.07 -16.42 12.37
CA TRP A 288 15.36 -15.95 11.87
C TRP A 288 15.92 -14.81 12.73
N THR A 289 15.06 -13.83 13.07
CA THR A 289 15.49 -12.68 13.87
C THR A 289 16.09 -13.12 15.21
N THR A 290 15.44 -14.08 15.89
CA THR A 290 15.92 -14.52 17.19
C THR A 290 17.07 -15.52 17.12
N SER A 291 17.42 -16.03 15.93
CA SER A 291 18.61 -16.87 15.79
C SER A 291 19.84 -16.06 15.42
N ASN A 292 19.66 -14.89 14.80
CA ASN A 292 20.70 -14.20 14.05
C ASN A 292 21.48 -13.23 14.94
N LYS A 293 22.81 -13.29 14.85
CA LYS A 293 23.71 -12.40 15.57
C LYS A 293 23.51 -10.94 15.19
N ARG A 294 22.94 -10.68 14.01
CA ARG A 294 22.64 -9.30 13.63
C ARG A 294 21.79 -8.60 14.68
N TYR A 295 20.89 -9.34 15.33
CA TYR A 295 19.88 -8.76 16.21
C TYR A 295 20.16 -9.00 17.69
N LYS A 296 21.43 -8.85 18.13
CA LYS A 296 21.82 -9.25 19.48
C LYS A 296 22.76 -8.28 20.18
N THR A 297 23.48 -7.40 19.45
CA THR A 297 24.23 -6.32 20.10
C THR A 297 24.06 -5.04 19.30
N ALA A 298 23.90 -3.93 20.02
CA ALA A 298 23.88 -2.60 19.40
C ALA A 298 24.84 -2.52 18.23
N VAL A 299 26.07 -2.99 18.40
CA VAL A 299 27.00 -3.09 17.28
C VAL A 299 27.86 -4.34 17.46
N ASN A 300 27.97 -5.14 16.41
CA ASN A 300 28.88 -6.27 16.31
C ASN A 300 29.41 -6.29 14.89
N ASP A 301 30.11 -7.37 14.52
CA ASP A 301 30.69 -7.44 13.18
C ASP A 301 29.62 -7.39 12.08
N VAL A 302 28.60 -8.24 12.11
CA VAL A 302 27.69 -8.43 10.96
C VAL A 302 26.61 -7.36 10.84
N ASN A 303 26.49 -6.44 11.80
CA ASN A 303 25.48 -5.38 11.72
C ASN A 303 26.08 -3.98 11.72
N SER A 304 27.40 -3.86 11.75
CA SER A 304 28.04 -2.55 11.72
C SER A 304 27.76 -1.90 10.38
N ARG A 305 27.79 -0.58 10.35
CA ARG A 305 27.44 0.06 9.10
C ARG A 305 28.63 0.13 8.16
N ILE A 306 28.34 -0.15 6.90
CA ILE A 306 29.35 -0.14 5.85
C ILE A 306 29.64 1.33 5.55
N GLN A 307 30.83 1.80 5.90
CA GLN A 307 31.10 3.24 5.88
C GLN A 307 32.18 3.59 4.84
N GLY B 9 -31.74 -8.82 5.62
CA GLY B 9 -31.95 -9.88 6.59
C GLY B 9 -32.76 -9.50 7.83
N ALA B 10 -32.26 -8.50 8.59
CA ALA B 10 -32.97 -7.97 9.74
C ALA B 10 -33.31 -6.50 9.56
N GLN B 11 -34.59 -6.14 9.56
CA GLN B 11 -35.07 -4.99 8.79
C GLN B 11 -34.75 -3.66 9.46
N ASP B 12 -33.47 -3.32 9.42
CA ASP B 12 -32.90 -2.26 10.24
C ASP B 12 -32.88 -0.95 9.46
N ILE B 13 -34.08 -0.41 9.26
CA ILE B 13 -34.23 0.88 8.59
C ILE B 13 -33.43 1.95 9.32
N GLY B 14 -33.50 1.97 10.65
CA GLY B 14 -32.76 2.98 11.40
C GLY B 14 -31.26 2.91 11.18
N ARG B 15 -30.77 1.81 10.65
CA ARG B 15 -29.37 1.68 10.32
C ARG B 15 -29.11 1.80 8.83
N SER B 16 -30.13 2.08 8.03
CA SER B 16 -30.00 2.09 6.59
C SER B 16 -29.53 3.42 6.02
N SER B 17 -29.45 4.47 6.83
CA SER B 17 -29.27 5.80 6.27
C SER B 17 -28.40 6.65 7.16
N VAL B 18 -27.60 7.53 6.56
CA VAL B 18 -26.96 8.59 7.32
C VAL B 18 -27.66 9.92 7.10
N ARG B 19 -28.85 9.92 6.50
CA ARG B 19 -29.59 11.17 6.25
C ARG B 19 -29.72 12.06 7.49
N PRO B 20 -30.09 11.55 8.67
CA PRO B 20 -30.14 12.43 9.86
C PRO B 20 -28.91 13.31 10.05
N TYR B 21 -27.72 12.80 9.75
CA TYR B 21 -26.46 13.45 10.06
C TYR B 21 -25.90 14.28 8.91
N LEU B 22 -26.63 14.36 7.81
CA LEU B 22 -26.08 14.93 6.57
C LEU B 22 -25.57 16.36 6.78
N GLU B 23 -26.41 17.23 7.33
CA GLU B 23 -26.02 18.64 7.42
C GLU B 23 -24.84 18.83 8.36
N GLU B 24 -24.90 18.24 9.54
CA GLU B 24 -23.87 18.55 10.52
C GLU B 24 -22.54 17.89 10.15
N CYS B 25 -22.58 16.69 9.56
CA CYS B 25 -21.35 16.06 9.10
C CYS B 25 -20.72 16.83 7.95
N THR B 26 -21.53 17.28 6.99
CA THR B 26 -21.01 18.12 5.92
C THR B 26 -20.32 19.34 6.50
N ARG B 27 -20.97 19.99 7.45
CA ARG B 27 -20.41 21.17 8.06
C ARG B 27 -19.11 20.86 8.80
N ARG B 28 -19.06 19.72 9.51
CA ARG B 28 -17.86 19.37 10.26
C ARG B 28 -16.69 19.05 9.33
N PHE B 29 -16.94 18.29 8.26
CA PHE B 29 -15.91 18.09 7.23
C PHE B 29 -15.34 19.43 6.75
N GLN B 30 -16.22 20.35 6.37
CA GLN B 30 -15.76 21.64 5.84
C GLN B 30 -14.98 22.40 6.89
N GLU B 31 -15.45 22.40 8.14
CA GLU B 31 -14.72 23.06 9.22
C GLU B 31 -13.31 22.49 9.32
N MET B 32 -13.22 21.16 9.19
CA MET B 32 -11.92 20.49 9.28
C MET B 32 -11.00 20.97 8.17
N PHE B 33 -11.48 20.91 6.91
CA PHE B 33 -10.66 21.37 5.79
C PHE B 33 -10.24 22.83 5.93
N ASP B 34 -11.16 23.68 6.41
CA ASP B 34 -10.85 25.11 6.54
C ASP B 34 -9.74 25.34 7.56
N ARG B 35 -9.73 24.51 8.60
CA ARG B 35 -8.80 24.67 9.71
C ARG B 35 -7.44 24.01 9.42
N HIS B 36 -7.41 22.94 8.65
CA HIS B 36 -6.19 22.17 8.46
C HIS B 36 -5.61 22.23 7.06
N VAL B 37 -6.41 22.10 6.01
CA VAL B 37 -5.95 22.30 4.64
C VAL B 37 -5.82 23.78 4.32
N VAL B 38 -6.97 24.46 4.13
CA VAL B 38 -7.21 25.90 4.14
C VAL B 38 -7.48 26.38 2.72
N THR B 39 -6.55 26.10 1.82
CA THR B 39 -6.64 26.60 0.46
C THR B 39 -7.54 25.70 -0.36
N ARG B 40 -8.47 26.30 -1.11
CA ARG B 40 -9.52 25.52 -1.74
C ARG B 40 -9.03 24.90 -3.05
N PRO B 41 -9.46 23.68 -3.35
CA PRO B 41 -9.21 23.10 -4.66
C PRO B 41 -9.73 23.99 -5.78
N THR B 42 -9.23 23.70 -6.97
CA THR B 42 -9.46 24.50 -8.18
C THR B 42 -9.88 23.58 -9.32
N LYS B 43 -11.02 23.85 -9.94
CA LYS B 43 -11.49 22.96 -11.00
C LYS B 43 -10.66 23.18 -12.25
N VAL B 44 -10.18 22.09 -12.84
CA VAL B 44 -9.48 22.14 -14.13
C VAL B 44 -10.50 22.33 -15.23
N GLU B 45 -10.22 23.24 -16.16
CA GLU B 45 -11.18 23.60 -17.19
C GLU B 45 -10.63 23.18 -18.54
N LEU B 46 -11.26 22.17 -19.14
CA LEU B 46 -10.86 21.65 -20.44
C LEU B 46 -11.35 22.61 -21.52
N THR B 47 -10.66 22.59 -22.65
CA THR B 47 -11.30 23.19 -23.81
C THR B 47 -12.50 22.34 -24.20
N ASP B 48 -13.40 22.93 -25.00
CA ASP B 48 -14.52 22.15 -25.52
C ASP B 48 -14.02 20.89 -26.23
N ALA B 49 -12.99 21.03 -27.06
CA ALA B 49 -12.48 19.90 -27.83
C ALA B 49 -11.77 18.87 -26.95
N GLU B 50 -11.05 19.35 -25.92
CA GLU B 50 -10.36 18.43 -25.02
C GLU B 50 -11.37 17.54 -24.29
N LEU B 51 -12.41 18.16 -23.71
CA LEU B 51 -13.56 17.44 -23.19
C LEU B 51 -14.08 16.41 -24.18
N ARG B 52 -14.27 16.82 -25.44
CA ARG B 52 -14.81 15.91 -26.46
C ARG B 52 -13.84 14.78 -26.73
N GLU B 53 -12.55 15.07 -26.76
CA GLU B 53 -11.55 14.03 -26.86
C GLU B 53 -11.69 13.04 -25.71
N VAL B 54 -12.15 13.52 -24.56
CA VAL B 54 -12.28 12.65 -23.38
C VAL B 54 -13.48 11.73 -23.53
N ILE B 55 -14.64 12.30 -23.85
CA ILE B 55 -15.87 11.52 -23.87
C ILE B 55 -15.86 10.50 -25.00
N ASP B 56 -15.39 10.89 -26.19
CA ASP B 56 -15.31 9.92 -27.28
C ASP B 56 -14.40 8.74 -26.91
N ASP B 57 -13.27 9.01 -26.25
CA ASP B 57 -12.38 7.94 -25.80
C ASP B 57 -13.06 7.06 -24.75
N CYS B 58 -13.84 7.67 -23.86
CA CYS B 58 -14.57 6.90 -22.85
C CYS B 58 -15.55 5.95 -23.49
N ASN B 59 -16.31 6.42 -24.48
CA ASN B 59 -17.31 5.55 -25.07
C ASN B 59 -16.68 4.43 -25.89
N ALA B 60 -15.56 4.72 -26.54
CA ALA B 60 -14.88 3.68 -27.31
C ALA B 60 -14.38 2.56 -26.40
N ALA B 61 -14.04 2.90 -25.16
CA ALA B 61 -13.40 1.94 -24.27
C ALA B 61 -14.43 1.01 -23.62
N VAL B 62 -15.67 1.45 -23.46
CA VAL B 62 -16.67 0.60 -22.82
C VAL B 62 -17.68 0.07 -23.81
N ALA B 63 -17.66 0.52 -25.06
CA ALA B 63 -18.52 -0.04 -26.10
C ALA B 63 -18.43 -1.56 -26.19
N PRO B 64 -17.25 -2.18 -26.29
CA PRO B 64 -17.23 -3.65 -26.36
C PRO B 64 -17.84 -4.33 -25.13
N LEU B 65 -18.16 -3.59 -24.08
CA LEU B 65 -18.81 -4.19 -22.91
C LEU B 65 -20.34 -4.17 -22.98
N GLY B 66 -20.92 -3.42 -23.92
CA GLY B 66 -22.33 -3.57 -24.27
C GLY B 66 -23.30 -2.59 -23.64
N LYS B 67 -22.85 -1.66 -22.82
CA LYS B 67 -23.77 -0.78 -22.12
C LYS B 67 -23.54 0.66 -22.54
N THR B 68 -24.63 1.37 -22.88
CA THR B 68 -24.56 2.78 -23.21
C THR B 68 -24.44 3.59 -21.94
N VAL B 69 -23.59 4.62 -21.97
CA VAL B 69 -23.42 5.54 -20.85
C VAL B 69 -23.70 6.95 -21.34
N SER B 70 -24.59 7.66 -20.65
CA SER B 70 -24.96 9.01 -21.04
C SER B 70 -23.84 9.99 -20.74
N ASP B 71 -23.85 11.12 -21.46
CA ASP B 71 -22.90 12.19 -21.17
C ASP B 71 -23.09 12.70 -19.74
N GLU B 72 -24.33 12.80 -19.26
CA GLU B 72 -24.55 13.22 -17.89
C GLU B 72 -23.82 12.29 -16.91
N ARG B 73 -23.83 10.99 -17.20
CA ARG B 73 -23.17 10.04 -16.32
C ARG B 73 -21.66 10.14 -16.44
N TRP B 74 -21.14 10.29 -17.67
CA TRP B 74 -19.70 10.49 -17.84
C TRP B 74 -19.23 11.73 -17.07
N ILE B 75 -19.95 12.84 -17.22
CA ILE B 75 -19.56 14.06 -16.54
C ILE B 75 -19.65 13.88 -15.03
N SER B 76 -20.59 13.06 -14.57
CA SER B 76 -20.70 12.76 -13.15
C SER B 76 -19.50 11.95 -12.65
N TYR B 77 -18.93 11.11 -13.52
CA TYR B 77 -17.69 10.40 -13.17
C TYR B 77 -16.48 11.32 -13.26
N VAL B 78 -16.40 12.16 -14.30
CA VAL B 78 -15.17 12.88 -14.61
C VAL B 78 -14.92 14.01 -13.64
N GLY B 79 -15.95 14.49 -12.94
CA GLY B 79 -15.79 15.61 -12.04
C GLY B 79 -14.71 15.42 -10.99
N VAL B 80 -14.47 14.18 -10.55
CA VAL B 80 -13.46 14.03 -9.51
C VAL B 80 -12.09 14.41 -10.04
N VAL B 81 -11.82 14.10 -11.31
CA VAL B 81 -10.52 14.48 -11.87
C VAL B 81 -10.44 15.99 -12.04
N LEU B 82 -11.55 16.61 -12.47
CA LEU B 82 -11.55 18.05 -12.68
C LEU B 82 -11.35 18.81 -11.38
N TRP B 83 -11.87 18.28 -10.27
CA TRP B 83 -11.78 18.97 -8.98
C TRP B 83 -10.61 18.53 -8.11
N SER B 84 -10.04 17.35 -8.33
CA SER B 84 -9.14 16.78 -7.32
C SER B 84 -7.70 16.65 -7.80
N GLN B 85 -7.37 17.15 -8.98
CA GLN B 85 -5.98 17.28 -9.37
C GLN B 85 -5.47 18.62 -8.84
N SER B 86 -4.29 19.06 -9.28
CA SER B 86 -3.65 20.27 -8.76
C SER B 86 -3.35 21.19 -9.95
N PRO B 87 -4.30 22.06 -10.33
CA PRO B 87 -4.16 22.81 -11.60
C PRO B 87 -2.89 23.60 -11.75
N ARG B 88 -2.49 24.38 -10.74
CA ARG B 88 -1.35 25.26 -10.93
C ARG B 88 -0.07 24.48 -11.24
N HIS B 89 0.03 23.24 -10.76
CA HIS B 89 1.22 22.44 -10.96
C HIS B 89 1.12 21.54 -12.18
N ILE B 90 0.04 21.64 -12.96
CA ILE B 90 -0.11 20.79 -14.13
C ILE B 90 0.99 21.09 -15.13
N LYS B 91 1.63 20.04 -15.62
CA LYS B 91 2.62 20.17 -16.67
C LYS B 91 2.20 19.51 -17.96
N ASP B 92 1.54 18.36 -17.88
CA ASP B 92 1.24 17.55 -19.05
C ASP B 92 -0.27 17.38 -19.08
N MET B 93 -0.94 18.15 -19.94
CA MET B 93 -2.38 18.05 -20.00
C MET B 93 -2.85 16.86 -20.80
N GLU B 94 -1.98 16.23 -21.58
CA GLU B 94 -2.37 14.99 -22.23
C GLU B 94 -2.37 13.81 -21.24
N ALA B 95 -1.47 13.83 -20.26
CA ALA B 95 -1.57 12.87 -19.16
C ALA B 95 -2.83 13.14 -18.35
N PHE B 96 -3.18 14.41 -18.17
CA PHE B 96 -4.40 14.74 -17.45
C PHE B 96 -5.62 14.15 -18.13
N LYS B 97 -5.66 14.19 -19.47
CA LYS B 97 -6.79 13.64 -20.19
C LYS B 97 -6.83 12.11 -20.09
N ALA B 98 -5.66 11.47 -20.09
CA ALA B 98 -5.61 10.04 -19.78
C ALA B 98 -6.32 9.73 -18.46
N VAL B 99 -6.04 10.52 -17.43
CA VAL B 99 -6.64 10.23 -16.13
C VAL B 99 -8.14 10.43 -16.15
N CYS B 100 -8.61 11.47 -16.86
CA CYS B 100 -10.06 11.62 -17.08
C CYS B 100 -10.65 10.34 -17.65
N VAL B 101 -10.05 9.84 -18.74
CA VAL B 101 -10.62 8.66 -19.38
C VAL B 101 -10.52 7.44 -18.47
N LEU B 102 -9.32 7.17 -17.94
CA LEU B 102 -9.11 5.96 -17.15
C LEU B 102 -9.97 5.97 -15.89
N ASN B 103 -10.04 7.10 -15.19
CA ASN B 103 -10.96 7.23 -14.06
C ASN B 103 -12.38 6.87 -14.46
N CYS B 104 -12.86 7.41 -15.60
CA CYS B 104 -14.26 7.25 -15.97
C CYS B 104 -14.61 5.82 -16.35
N VAL B 105 -13.78 5.17 -17.17
CA VAL B 105 -14.19 3.86 -17.67
C VAL B 105 -14.09 2.81 -16.57
N THR B 106 -13.17 2.98 -15.62
CA THR B 106 -13.13 2.06 -14.49
C THR B 106 -14.19 2.39 -13.45
N PHE B 107 -14.69 3.64 -13.41
CA PHE B 107 -15.91 3.92 -12.66
C PHE B 107 -17.08 3.09 -13.18
N VAL B 108 -17.22 3.00 -14.50
CA VAL B 108 -18.26 2.16 -15.09
C VAL B 108 -18.09 0.72 -14.63
N TRP B 109 -16.86 0.22 -14.68
CA TRP B 109 -16.54 -1.13 -14.20
C TRP B 109 -16.98 -1.32 -12.76
N ASP B 110 -16.70 -0.32 -11.91
CA ASP B 110 -17.10 -0.32 -10.51
C ASP B 110 -18.61 -0.46 -10.33
N ASP B 111 -19.39 0.20 -11.19
CA ASP B 111 -20.85 0.19 -11.09
C ASP B 111 -21.47 -1.03 -11.74
N MET B 112 -20.67 -1.81 -12.46
CA MET B 112 -21.20 -2.86 -13.32
C MET B 112 -21.45 -4.15 -12.56
N ASP B 113 -22.60 -4.73 -12.86
CA ASP B 113 -22.83 -6.15 -12.69
C ASP B 113 -21.61 -6.94 -13.14
N PRO B 114 -21.12 -7.89 -12.33
CA PRO B 114 -19.97 -8.70 -12.77
C PRO B 114 -20.27 -9.59 -13.97
N ALA B 115 -21.50 -9.58 -14.48
CA ALA B 115 -21.80 -10.32 -15.71
C ALA B 115 -21.21 -9.64 -16.94
N LEU B 116 -20.96 -8.33 -16.87
CA LEU B 116 -20.38 -7.57 -17.96
C LEU B 116 -18.86 -7.48 -17.91
N HIS B 117 -18.22 -8.00 -16.86
CA HIS B 117 -16.77 -7.85 -16.66
C HIS B 117 -16.00 -8.79 -17.57
N ASP B 118 -15.65 -8.33 -18.77
CA ASP B 118 -14.84 -9.15 -19.69
C ASP B 118 -13.45 -8.54 -19.85
N PHE B 119 -12.47 -9.18 -19.22
CA PHE B 119 -11.10 -8.69 -19.28
C PHE B 119 -10.54 -8.77 -20.70
N GLY B 120 -10.84 -9.86 -21.40
CA GLY B 120 -10.26 -10.04 -22.74
C GLY B 120 -10.72 -8.97 -23.70
N LEU B 121 -11.84 -8.33 -23.40
CA LEU B 121 -12.31 -7.23 -24.23
C LEU B 121 -11.93 -5.89 -23.62
N PHE B 122 -11.90 -5.79 -22.29
CA PHE B 122 -11.67 -4.50 -21.65
C PHE B 122 -10.19 -4.15 -21.51
N LEU B 123 -9.34 -5.08 -21.11
CA LEU B 123 -7.92 -4.75 -20.96
C LEU B 123 -7.29 -4.18 -22.22
N PRO B 124 -7.55 -4.71 -23.43
CA PRO B 124 -7.00 -4.06 -24.63
C PRO B 124 -7.36 -2.58 -24.75
N GLN B 125 -8.61 -2.21 -24.48
CA GLN B 125 -9.01 -0.80 -24.46
C GLN B 125 -8.20 0.00 -23.45
N LEU B 126 -8.00 -0.55 -22.25
CA LEU B 126 -7.20 0.16 -21.25
C LEU B 126 -5.78 0.34 -21.73
N ARG B 127 -5.18 -0.71 -22.29
CA ARG B 127 -3.81 -0.61 -22.77
C ARG B 127 -3.70 0.48 -23.82
N LYS B 128 -4.70 0.58 -24.72
CA LYS B 128 -4.62 1.56 -25.80
C LYS B 128 -4.80 2.98 -25.30
N ILE B 129 -5.74 3.20 -24.39
CA ILE B 129 -5.84 4.51 -23.76
C ILE B 129 -4.47 4.93 -23.25
N CYS B 130 -3.79 4.01 -22.56
CA CYS B 130 -2.51 4.35 -21.97
C CYS B 130 -1.46 4.70 -23.03
N GLU B 131 -1.60 4.13 -24.23
CA GLU B 131 -0.67 4.42 -25.32
C GLU B 131 -0.96 5.74 -26.00
N LYS B 132 -2.24 6.04 -26.26
CA LYS B 132 -2.58 7.30 -26.91
C LYS B 132 -2.09 8.49 -26.11
N TYR B 133 -2.08 8.39 -24.78
CA TYR B 133 -1.87 9.53 -23.91
C TYR B 133 -0.52 9.59 -23.23
N TYR B 134 0.14 8.45 -22.97
CA TYR B 134 1.44 8.47 -22.32
C TYR B 134 2.53 8.02 -23.28
N GLY B 135 3.76 8.44 -22.98
CA GLY B 135 4.93 7.84 -23.58
C GLY B 135 5.03 6.40 -23.19
N PRO B 136 5.77 5.60 -23.96
CA PRO B 136 5.65 4.13 -23.84
C PRO B 136 6.03 3.56 -22.48
N GLU B 137 6.83 4.28 -21.69
CA GLU B 137 7.21 3.75 -20.39
C GLU B 137 6.23 4.18 -19.30
N ASP B 138 5.67 5.39 -19.42
CA ASP B 138 4.60 5.82 -18.51
C ASP B 138 3.33 5.01 -18.73
N ALA B 139 3.10 4.60 -19.98
CA ALA B 139 1.94 3.78 -20.31
C ALA B 139 1.97 2.44 -19.61
N GLU B 140 3.16 1.86 -19.43
CA GLU B 140 3.21 0.56 -18.75
C GLU B 140 2.89 0.70 -17.27
N VAL B 141 3.31 1.82 -16.65
CA VAL B 141 2.95 2.07 -15.26
C VAL B 141 1.44 2.25 -15.11
N ALA B 142 0.84 3.13 -15.93
CA ALA B 142 -0.59 3.41 -15.82
C ALA B 142 -1.43 2.18 -16.15
N TYR B 143 -1.07 1.45 -17.21
CA TYR B 143 -1.81 0.23 -17.55
C TYR B 143 -1.76 -0.80 -16.42
N GLU B 144 -0.57 -1.05 -15.87
CA GLU B 144 -0.46 -1.98 -14.74
C GLU B 144 -1.40 -1.60 -13.61
N ALA B 145 -1.44 -0.32 -13.28
CA ALA B 145 -2.30 0.11 -12.18
C ALA B 145 -3.78 -0.07 -12.55
N ALA B 146 -4.16 0.25 -13.79
CA ALA B 146 -5.55 0.09 -14.20
C ALA B 146 -5.97 -1.37 -14.19
N ARG B 147 -5.11 -2.25 -14.73
CA ARG B 147 -5.33 -3.68 -14.67
C ARG B 147 -5.48 -4.15 -13.22
N ALA B 148 -4.54 -3.76 -12.36
CA ALA B 148 -4.57 -4.25 -10.99
C ALA B 148 -5.74 -3.65 -10.21
N PHE B 149 -6.35 -2.57 -10.73
CA PHE B 149 -7.57 -2.11 -10.09
C PHE B 149 -8.80 -2.87 -10.59
N VAL B 150 -8.94 -3.04 -11.90
CA VAL B 150 -10.16 -3.67 -12.38
C VAL B 150 -10.16 -5.15 -11.99
N THR B 151 -8.99 -5.76 -11.88
CA THR B 151 -8.92 -7.15 -11.41
C THR B 151 -9.34 -7.25 -9.95
N SER B 152 -8.88 -6.31 -9.10
CA SER B 152 -9.27 -6.29 -7.70
C SER B 152 -10.78 -6.09 -7.54
N ASP B 153 -11.34 -5.07 -8.22
CA ASP B 153 -12.76 -4.84 -8.09
C ASP B 153 -13.55 -6.08 -8.48
N HIS B 154 -13.05 -6.83 -9.47
CA HIS B 154 -13.74 -8.03 -9.94
C HIS B 154 -13.63 -9.18 -8.94
N MET B 155 -12.40 -9.52 -8.55
CA MET B 155 -12.20 -10.75 -7.78
C MET B 155 -12.72 -10.61 -6.36
N PHE B 156 -12.92 -9.38 -5.89
CA PHE B 156 -13.42 -9.21 -4.54
C PHE B 156 -14.94 -9.08 -4.45
N ARG B 157 -15.65 -9.03 -5.58
CA ARG B 157 -17.11 -8.91 -5.55
C ARG B 157 -17.72 -10.09 -4.82
N ASP B 158 -17.25 -11.27 -5.22
CA ASP B 158 -17.81 -12.57 -4.93
C ASP B 158 -17.01 -13.23 -3.82
N SER B 159 -16.54 -12.37 -2.80
CA SER B 159 -15.38 -12.59 -1.93
C SER B 159 -15.71 -12.66 -0.44
N PRO B 160 -15.10 -13.67 0.16
CA PRO B 160 -14.99 -13.71 1.62
C PRO B 160 -13.76 -12.97 2.17
N ILE B 161 -12.74 -12.66 1.37
CA ILE B 161 -11.69 -11.78 1.87
C ILE B 161 -12.26 -10.39 2.17
N LYS B 162 -13.04 -9.87 1.24
CA LYS B 162 -13.64 -8.57 1.46
C LYS B 162 -14.48 -8.58 2.73
N ALA B 163 -15.18 -9.68 2.98
CA ALA B 163 -15.96 -9.82 4.20
C ALA B 163 -15.10 -9.56 5.44
N ALA B 164 -13.94 -10.20 5.53
CA ALA B 164 -13.12 -10.08 6.73
C ALA B 164 -12.55 -8.67 6.89
N LEU B 165 -11.98 -8.11 5.81
CA LEU B 165 -11.33 -6.81 5.93
C LEU B 165 -12.35 -5.70 6.17
N CYS B 166 -13.57 -5.85 5.65
CA CYS B 166 -14.57 -4.79 5.81
C CYS B 166 -15.47 -4.97 7.02
N THR B 167 -15.22 -5.99 7.85
CA THR B 167 -16.03 -6.15 9.06
C THR B 167 -15.22 -6.29 10.34
N THR B 168 -13.90 -6.02 10.34
CA THR B 168 -13.04 -6.32 11.49
C THR B 168 -12.53 -5.09 12.23
N SER B 169 -12.12 -4.04 11.53
CA SER B 169 -11.63 -2.83 12.19
C SER B 169 -11.39 -1.77 11.14
N PRO B 170 -11.32 -0.48 11.54
CA PRO B 170 -11.03 0.56 10.54
C PRO B 170 -9.69 0.35 9.86
N GLU B 171 -8.70 -0.12 10.60
CA GLU B 171 -7.36 -0.28 10.05
C GLU B 171 -7.32 -1.40 9.00
N GLN B 172 -8.03 -2.51 9.23
CA GLN B 172 -8.13 -3.54 8.17
C GLN B 172 -8.91 -3.00 6.98
N TYR B 173 -9.99 -2.27 7.25
CA TYR B 173 -10.82 -1.76 6.16
C TYR B 173 -10.03 -0.80 5.28
N PHE B 174 -9.35 0.17 5.88
CA PHE B 174 -8.62 1.14 5.07
C PHE B 174 -7.48 0.48 4.31
N ARG B 175 -6.90 -0.59 4.87
CA ARG B 175 -5.95 -1.40 4.12
C ARG B 175 -6.53 -1.88 2.81
N PHE B 176 -7.75 -2.40 2.85
CA PHE B 176 -8.40 -2.85 1.62
C PHE B 176 -8.60 -1.68 0.65
N ARG B 177 -8.87 -0.50 1.17
CA ARG B 177 -9.27 0.60 0.31
C ARG B 177 -8.10 1.29 -0.36
N VAL B 178 -6.87 1.07 0.09
CA VAL B 178 -5.73 1.64 -0.63
C VAL B 178 -5.81 1.29 -2.10
N THR B 179 -6.21 0.05 -2.40
CA THR B 179 -6.43 -0.37 -3.78
C THR B 179 -7.89 -0.15 -4.22
N ASP B 180 -8.84 -0.54 -3.38
CA ASP B 180 -10.21 -0.66 -3.84
C ASP B 180 -10.86 0.69 -4.13
N ILE B 181 -10.51 1.75 -3.39
CA ILE B 181 -11.08 3.04 -3.77
C ILE B 181 -10.38 3.61 -5.00
N GLY B 182 -9.33 2.94 -5.50
CA GLY B 182 -8.69 3.36 -6.72
C GLY B 182 -7.59 4.39 -6.56
N VAL B 183 -7.23 4.76 -5.34
CA VAL B 183 -6.28 5.86 -5.18
C VAL B 183 -4.85 5.45 -5.55
N ASP B 184 -4.46 4.20 -5.32
CA ASP B 184 -3.13 3.81 -5.78
C ASP B 184 -3.05 3.92 -7.30
N PHE B 185 -4.07 3.42 -7.98
CA PHE B 185 -4.20 3.57 -9.43
C PHE B 185 -4.12 5.04 -9.83
N TRP B 186 -4.92 5.88 -9.14
CA TRP B 186 -4.91 7.31 -9.39
C TRP B 186 -3.51 7.89 -9.34
N MET B 187 -2.75 7.57 -8.30
CA MET B 187 -1.42 8.15 -8.17
C MET B 187 -0.51 7.68 -9.30
N LYS B 188 -0.59 6.38 -9.64
CA LYS B 188 0.31 5.83 -10.64
C LYS B 188 -0.06 6.25 -12.06
N MET B 189 -1.27 6.78 -12.27
CA MET B 189 -1.58 7.34 -13.59
C MET B 189 -1.52 8.87 -13.61
N SER B 190 -1.45 9.53 -12.45
CA SER B 190 -1.40 10.99 -12.37
C SER B 190 0.00 11.56 -12.29
N TYR B 191 1.02 10.79 -11.88
CA TYR B 191 2.35 11.39 -11.77
C TYR B 191 2.86 11.96 -13.10
N PRO B 192 2.56 11.39 -14.28
CA PRO B 192 3.02 12.06 -15.51
C PRO B 192 2.41 13.46 -15.69
N ILE B 193 1.28 13.77 -15.06
CA ILE B 193 0.70 15.10 -15.16
C ILE B 193 1.69 16.15 -14.67
N TYR B 194 2.43 15.83 -13.59
CA TYR B 194 3.20 16.78 -12.81
C TYR B 194 4.70 16.75 -13.10
N ARG B 195 5.25 15.59 -13.52
CA ARG B 195 6.67 15.45 -13.87
C ARG B 195 7.56 15.99 -12.74
N HIS B 196 7.19 15.64 -11.52
CA HIS B 196 7.84 16.10 -10.31
C HIS B 196 8.44 14.89 -9.60
N PRO B 197 9.75 14.66 -9.70
CA PRO B 197 10.29 13.32 -9.39
C PRO B 197 10.02 12.84 -7.98
N GLU B 198 10.02 13.74 -7.00
CA GLU B 198 9.62 13.36 -5.64
C GLU B 198 8.22 12.77 -5.59
N PHE B 199 7.25 13.41 -6.27
CA PHE B 199 5.91 12.85 -6.27
C PHE B 199 5.85 11.55 -7.06
N THR B 200 6.57 11.49 -8.18
CA THR B 200 6.65 10.25 -8.94
C THR B 200 7.12 9.10 -8.05
N GLU B 201 8.09 9.35 -7.17
CA GLU B 201 8.54 8.27 -6.27
C GLU B 201 7.44 7.89 -5.28
N HIS B 202 6.81 8.89 -4.63
CA HIS B 202 5.75 8.56 -3.66
C HIS B 202 4.60 7.83 -4.34
N ALA B 203 4.33 8.15 -5.60
CA ALA B 203 3.33 7.40 -6.36
C ALA B 203 3.77 5.96 -6.54
N LYS B 204 5.01 5.75 -6.97
CA LYS B 204 5.44 4.41 -7.33
C LYS B 204 5.65 3.51 -6.11
N THR B 205 6.01 4.07 -4.96
CA THR B 205 6.07 3.28 -3.72
C THR B 205 4.70 3.04 -3.11
N SER B 206 3.68 3.78 -3.57
CA SER B 206 2.32 3.79 -3.03
C SER B 206 2.22 4.52 -1.69
N LEU B 207 3.30 5.11 -1.19
CA LEU B 207 3.18 5.96 -0.01
C LEU B 207 2.20 7.13 -0.25
N ALA B 208 2.17 7.64 -1.48
CA ALA B 208 1.21 8.68 -1.83
C ALA B 208 -0.22 8.18 -1.62
N ALA B 209 -0.52 6.99 -2.13
CA ALA B 209 -1.84 6.41 -1.91
C ALA B 209 -2.10 6.17 -0.42
N ARG B 210 -1.11 5.64 0.29
CA ARG B 210 -1.34 5.36 1.71
C ARG B 210 -1.60 6.64 2.50
N MET B 211 -1.01 7.77 2.11
CA MET B 211 -1.25 9.01 2.84
C MET B 211 -2.67 9.53 2.63
N THR B 212 -3.28 9.24 1.49
CA THR B 212 -4.53 9.92 1.11
C THR B 212 -5.74 9.01 1.20
N THR B 213 -5.55 7.71 1.47
CA THR B 213 -6.65 6.75 1.45
C THR B 213 -7.75 7.11 2.44
N ARG B 214 -7.39 7.46 3.68
CA ARG B 214 -8.44 7.69 4.66
C ARG B 214 -9.24 8.95 4.35
N GLY B 215 -8.56 10.01 3.94
CA GLY B 215 -9.26 11.25 3.61
C GLY B 215 -10.24 11.06 2.47
N LEU B 216 -9.84 10.31 1.44
CA LEU B 216 -10.75 10.01 0.34
C LEU B 216 -11.90 9.12 0.80
N THR B 217 -11.56 8.06 1.52
CA THR B 217 -12.52 6.99 1.78
C THR B 217 -13.59 7.42 2.76
N ILE B 218 -13.18 8.10 3.84
CA ILE B 218 -14.14 8.51 4.85
C ILE B 218 -15.21 9.40 4.23
N VAL B 219 -14.77 10.34 3.39
CA VAL B 219 -15.71 11.22 2.70
C VAL B 219 -16.58 10.43 1.73
N ASN B 220 -15.96 9.61 0.87
CA ASN B 220 -16.75 8.80 -0.05
C ASN B 220 -17.75 7.94 0.70
N ASP B 221 -17.30 7.28 1.77
CA ASP B 221 -18.17 6.35 2.49
C ASP B 221 -19.37 7.08 3.08
N PHE B 222 -19.17 8.27 3.62
CA PHE B 222 -20.28 8.96 4.27
C PHE B 222 -21.38 9.23 3.25
N TYR B 223 -21.01 9.74 2.09
CA TYR B 223 -21.99 10.19 1.13
C TYR B 223 -22.49 9.09 0.20
N SER B 224 -21.84 7.92 0.16
CA SER B 224 -22.35 6.81 -0.63
C SER B 224 -22.98 5.72 0.22
N TYR B 225 -23.03 5.91 1.55
CA TYR B 225 -23.56 4.92 2.48
C TYR B 225 -24.98 4.47 2.11
N ASP B 226 -25.89 5.42 1.85
CA ASP B 226 -27.27 5.01 1.63
C ASP B 226 -27.40 4.14 0.38
N ARG B 227 -26.72 4.52 -0.70
CA ARG B 227 -26.72 3.72 -1.90
C ARG B 227 -26.15 2.32 -1.64
N GLU B 228 -24.98 2.27 -1.02
CA GLU B 228 -24.30 1.00 -0.86
C GLU B 228 -25.09 0.06 0.05
N VAL B 229 -25.69 0.59 1.11
CA VAL B 229 -26.54 -0.25 1.96
C VAL B 229 -27.71 -0.81 1.18
N SER B 230 -28.41 0.02 0.40
CA SER B 230 -29.53 -0.49 -0.38
C SER B 230 -29.07 -1.54 -1.39
N LEU B 231 -27.84 -1.43 -1.89
CA LEU B 231 -27.30 -2.35 -2.87
C LEU B 231 -26.60 -3.56 -2.25
N GLY B 232 -26.61 -3.69 -0.93
CA GLY B 232 -25.94 -4.80 -0.29
C GLY B 232 -24.43 -4.77 -0.38
N GLN B 233 -23.83 -3.61 -0.60
CA GLN B 233 -22.38 -3.49 -0.65
C GLN B 233 -21.82 -3.23 0.74
N ILE B 234 -20.80 -3.99 1.12
CA ILE B 234 -20.26 -3.93 2.48
C ILE B 234 -19.05 -3.03 2.59
N THR B 235 -18.54 -2.50 1.48
CA THR B 235 -17.28 -1.77 1.51
C THR B 235 -17.55 -0.30 1.88
N ASN B 236 -17.71 -0.08 3.19
CA ASN B 236 -18.04 1.25 3.72
C ASN B 236 -17.78 1.29 5.22
N CYS B 237 -16.91 2.19 5.68
CA CYS B 237 -16.49 2.13 7.08
C CYS B 237 -17.62 2.45 8.05
N PHE B 238 -18.66 3.17 7.63
CA PHE B 238 -19.73 3.41 8.58
C PHE B 238 -20.60 2.19 8.86
N ARG B 239 -20.43 1.09 8.11
CA ARG B 239 -21.06 -0.16 8.52
C ARG B 239 -20.38 -0.75 9.77
N LEU B 240 -19.19 -0.25 10.13
CA LEU B 240 -18.51 -0.73 11.32
C LEU B 240 -19.03 -0.10 12.61
N CYS B 241 -19.98 0.82 12.52
CA CYS B 241 -20.58 1.41 13.71
C CYS B 241 -22.09 1.33 13.59
N ASP B 242 -22.75 1.57 14.71
CA ASP B 242 -24.21 1.58 14.76
C ASP B 242 -24.70 2.96 14.35
N VAL B 243 -24.94 3.15 13.05
CA VAL B 243 -25.43 4.45 12.61
C VAL B 243 -26.81 4.76 13.18
N SER B 244 -27.54 3.75 13.70
CA SER B 244 -28.82 4.04 14.35
C SER B 244 -28.67 4.51 15.79
N ASP B 245 -27.45 4.73 16.26
CA ASP B 245 -27.16 5.17 17.62
C ASP B 245 -26.41 6.49 17.49
N GLU B 246 -27.11 7.60 17.77
CA GLU B 246 -26.54 8.92 17.55
C GLU B 246 -25.19 9.07 18.25
N THR B 247 -25.12 8.72 19.53
CA THR B 247 -23.88 8.92 20.26
C THR B 247 -22.79 7.98 19.75
N ALA B 248 -23.16 6.76 19.37
CA ALA B 248 -22.17 5.86 18.79
C ALA B 248 -21.70 6.36 17.43
N PHE B 249 -22.64 6.76 16.56
CA PHE B 249 -22.24 7.32 15.27
C PHE B 249 -21.33 8.52 15.47
N LYS B 250 -21.66 9.38 16.44
CA LYS B 250 -20.87 10.58 16.66
C LYS B 250 -19.45 10.26 17.11
N GLU B 251 -19.30 9.35 18.06
CA GLU B 251 -17.97 8.93 18.48
C GLU B 251 -17.18 8.37 17.29
N PHE B 252 -17.82 7.54 16.48
CA PHE B 252 -17.15 6.98 15.30
C PHE B 252 -16.77 8.09 14.32
N PHE B 253 -17.69 9.00 14.08
CA PHE B 253 -17.41 10.06 13.12
C PHE B 253 -16.23 10.90 13.57
N GLN B 254 -16.18 11.27 14.85
CA GLN B 254 -15.05 12.03 15.36
C GLN B 254 -13.74 11.25 15.24
N ALA B 255 -13.79 9.95 15.54
CA ALA B 255 -12.60 9.12 15.32
C ALA B 255 -12.13 9.22 13.87
N ARG B 256 -13.06 9.22 12.92
CA ARG B 256 -12.65 9.32 11.51
C ARG B 256 -12.13 10.71 11.17
N LEU B 257 -12.75 11.76 11.72
CA LEU B 257 -12.21 13.12 11.58
C LEU B 257 -10.78 13.19 12.11
N ASP B 258 -10.55 12.65 13.32
CA ASP B 258 -9.20 12.60 13.89
C ASP B 258 -8.22 11.94 12.91
N ASP B 259 -8.66 10.90 12.22
CA ASP B 259 -7.81 10.19 11.28
C ASP B 259 -7.45 11.07 10.09
N MET B 260 -8.44 11.79 9.57
CA MET B 260 -8.18 12.72 8.48
C MET B 260 -7.20 13.79 8.91
N ILE B 261 -7.39 14.32 10.11
CA ILE B 261 -6.55 15.40 10.61
C ILE B 261 -5.11 14.93 10.75
N GLU B 262 -4.93 13.75 11.33
CA GLU B 262 -3.57 13.27 11.51
C GLU B 262 -2.88 13.05 10.16
N ASP B 263 -3.59 12.49 9.18
CA ASP B 263 -3.02 12.32 7.85
C ASP B 263 -2.65 13.67 7.24
N ILE B 264 -3.55 14.64 7.34
CA ILE B 264 -3.30 15.94 6.73
C ILE B 264 -2.09 16.61 7.37
N GLU B 265 -2.00 16.59 8.69
CA GLU B 265 -0.88 17.26 9.33
C GLU B 265 0.43 16.52 9.08
N CYS B 266 0.37 15.20 8.84
CA CYS B 266 1.56 14.50 8.35
C CYS B 266 1.86 14.82 6.89
N ILE B 267 0.83 15.02 6.05
CA ILE B 267 1.09 15.36 4.65
C ILE B 267 1.88 16.68 4.54
N LYS B 268 1.75 17.56 5.54
CA LYS B 268 2.50 18.82 5.56
C LYS B 268 4.02 18.64 5.59
N ALA B 269 4.51 17.48 6.04
CA ALA B 269 5.94 17.22 6.03
C ALA B 269 6.49 16.94 4.64
N PHE B 270 5.64 16.61 3.66
CA PHE B 270 6.13 16.34 2.32
C PHE B 270 6.55 17.65 1.66
N ASP B 271 7.19 17.54 0.49
CA ASP B 271 7.62 18.74 -0.20
C ASP B 271 6.39 19.54 -0.62
N GLN B 272 6.58 20.83 -0.79
CA GLN B 272 5.46 21.75 -1.02
C GLN B 272 4.58 21.30 -2.19
N LEU B 273 5.18 20.93 -3.32
CA LEU B 273 4.39 20.53 -4.47
C LEU B 273 3.63 19.23 -4.20
N THR B 274 4.31 18.23 -3.64
CA THR B 274 3.66 16.96 -3.35
C THR B 274 2.49 17.17 -2.39
N GLN B 275 2.70 17.99 -1.36
CA GLN B 275 1.65 18.20 -0.36
C GLN B 275 0.47 18.95 -0.98
N ASP B 276 0.73 19.90 -1.87
CA ASP B 276 -0.37 20.56 -2.58
C ASP B 276 -1.19 19.53 -3.35
N VAL B 277 -0.51 18.60 -4.04
CA VAL B 277 -1.20 17.58 -4.81
C VAL B 277 -2.04 16.70 -3.89
N PHE B 278 -1.44 16.19 -2.81
CA PHE B 278 -2.17 15.33 -1.89
C PHE B 278 -3.40 16.04 -1.32
N LEU B 279 -3.23 17.30 -0.90
CA LEU B 279 -4.33 17.98 -0.22
C LEU B 279 -5.43 18.39 -1.19
N ASP B 280 -5.06 18.80 -2.41
CA ASP B 280 -6.09 19.09 -3.42
C ASP B 280 -6.88 17.84 -3.73
N LEU B 281 -6.22 16.66 -3.66
CA LEU B 281 -6.92 15.41 -3.91
C LEU B 281 -8.00 15.18 -2.85
N ILE B 282 -7.61 15.26 -1.57
CA ILE B 282 -8.57 14.98 -0.50
C ILE B 282 -9.66 16.04 -0.47
N TYR B 283 -9.26 17.30 -0.53
CA TYR B 283 -10.25 18.37 -0.40
C TYR B 283 -11.09 18.48 -1.67
N GLY B 284 -10.47 18.35 -2.84
CA GLY B 284 -11.24 18.32 -4.08
C GLY B 284 -12.24 17.19 -4.12
N ASN B 285 -11.86 16.01 -3.62
CA ASN B 285 -12.83 14.91 -3.64
C ASN B 285 -14.05 15.26 -2.79
N PHE B 286 -13.84 15.99 -1.69
CA PHE B 286 -14.96 16.38 -0.85
C PHE B 286 -15.86 17.39 -1.57
N VAL B 287 -15.26 18.38 -2.24
CA VAL B 287 -16.07 19.35 -2.99
C VAL B 287 -16.87 18.65 -4.08
N TRP B 288 -16.20 17.82 -4.88
CA TRP B 288 -16.88 17.06 -5.93
C TRP B 288 -17.97 16.18 -5.37
N THR B 289 -17.65 15.42 -4.31
CA THR B 289 -18.63 14.49 -3.74
C THR B 289 -19.89 15.21 -3.30
N THR B 290 -19.75 16.38 -2.68
CA THR B 290 -20.89 17.10 -2.13
C THR B 290 -21.66 17.87 -3.20
N SER B 291 -21.12 17.97 -4.41
CA SER B 291 -21.73 18.72 -5.51
C SER B 291 -22.36 17.82 -6.57
N ASN B 292 -22.21 16.53 -6.44
CA ASN B 292 -22.42 15.60 -7.55
C ASN B 292 -23.66 14.76 -7.24
N LYS B 293 -24.58 14.66 -8.21
CA LYS B 293 -25.81 13.93 -7.96
C LYS B 293 -25.56 12.47 -7.61
N ARG B 294 -24.41 11.94 -8.01
CA ARG B 294 -24.03 10.60 -7.61
C ARG B 294 -24.11 10.41 -6.09
N TYR B 295 -23.72 11.41 -5.32
CA TYR B 295 -23.55 11.23 -3.88
C TYR B 295 -24.66 11.87 -3.06
N LYS B 296 -25.88 11.92 -3.58
CA LYS B 296 -26.97 12.52 -2.83
C LYS B 296 -28.07 11.54 -2.48
N THR B 297 -28.47 10.66 -3.40
CA THR B 297 -29.60 9.76 -3.17
C THR B 297 -29.09 8.32 -3.00
N ALA B 298 -30.01 7.44 -2.59
CA ALA B 298 -29.72 6.02 -2.61
C ALA B 298 -29.48 5.53 -4.04
N VAL B 299 -30.42 5.78 -4.93
CA VAL B 299 -30.33 5.34 -6.31
C VAL B 299 -31.04 6.39 -7.16
N ASN B 300 -30.28 7.11 -7.97
CA ASN B 300 -30.91 8.06 -8.87
C ASN B 300 -30.79 7.51 -10.29
N ASP B 301 -29.95 8.14 -11.10
CA ASP B 301 -29.78 7.83 -12.51
C ASP B 301 -28.34 7.96 -12.93
N VAL B 302 -27.45 8.26 -11.98
CA VAL B 302 -26.03 8.34 -12.24
C VAL B 302 -25.22 7.54 -11.24
N ASN B 303 -25.87 7.00 -10.20
CA ASN B 303 -25.18 6.13 -9.24
C ASN B 303 -25.71 4.69 -9.25
N SER B 304 -26.65 4.36 -10.15
CA SER B 304 -27.39 3.11 -10.02
C SER B 304 -26.65 1.93 -10.64
N ARG B 305 -26.92 0.74 -10.09
CA ARG B 305 -26.28 -0.48 -10.54
C ARG B 305 -26.52 -0.71 -12.01
N ILE B 306 -25.46 -1.07 -12.74
CA ILE B 306 -25.54 -1.30 -14.18
C ILE B 306 -25.63 -2.81 -14.38
N GLN B 307 -26.80 -3.26 -14.82
CA GLN B 307 -27.22 -4.64 -14.64
C GLN B 307 -27.27 -5.37 -15.99
N ALA B 308 -27.02 -6.67 -15.94
CA ALA B 308 -26.96 -7.47 -17.14
C ALA B 308 -28.08 -8.51 -17.19
N GLY A 14 17.21 4.37 31.08
CA GLY A 14 16.81 3.07 30.56
C GLY A 14 16.33 3.07 29.12
N ARG A 15 15.77 4.20 28.68
CA ARG A 15 14.94 4.27 27.48
C ARG A 15 15.74 4.09 26.18
N SER A 16 17.00 3.65 26.26
CA SER A 16 17.79 3.34 25.08
C SER A 16 18.07 1.85 24.92
N SER A 17 17.47 0.98 25.74
CA SER A 17 17.66 -0.45 25.55
C SER A 17 16.38 -1.20 25.95
N VAL A 18 16.03 -2.21 25.16
CA VAL A 18 14.92 -3.08 25.53
C VAL A 18 15.41 -4.38 26.14
N ARG A 19 16.70 -4.48 26.41
CA ARG A 19 17.29 -5.65 27.08
C ARG A 19 16.49 -6.17 28.27
N PRO A 20 16.08 -5.36 29.24
CA PRO A 20 15.33 -5.91 30.38
C PRO A 20 14.15 -6.79 30.00
N TYR A 21 13.51 -6.55 28.85
CA TYR A 21 12.31 -7.27 28.46
C TYR A 21 12.57 -8.39 27.45
N LEU A 22 13.83 -8.69 27.18
CA LEU A 22 14.16 -9.55 26.06
C LEU A 22 13.55 -10.95 26.22
N GLU A 23 13.69 -11.55 27.39
CA GLU A 23 13.18 -12.90 27.58
C GLU A 23 11.67 -12.94 27.57
N GLU A 24 11.01 -12.04 28.31
CA GLU A 24 9.56 -12.02 28.36
C GLU A 24 8.96 -11.79 26.98
N CYS A 25 9.46 -10.78 26.25
CA CYS A 25 8.89 -10.48 24.94
C CYS A 25 9.12 -11.63 23.96
N THR A 26 10.31 -12.24 24.00
CA THR A 26 10.54 -13.42 23.16
C THR A 26 9.52 -14.51 23.47
N ARG A 27 9.38 -14.83 24.76
CA ARG A 27 8.35 -15.74 25.25
C ARG A 27 6.97 -15.40 24.67
N ARG A 28 6.61 -14.10 24.72
CA ARG A 28 5.27 -13.70 24.34
C ARG A 28 5.04 -13.83 22.84
N PHE A 29 6.00 -13.35 22.02
CA PHE A 29 5.92 -13.54 20.58
C PHE A 29 5.70 -15.01 20.22
N GLN A 30 6.49 -15.90 20.80
CA GLN A 30 6.38 -17.31 20.44
C GLN A 30 5.03 -17.89 20.84
N GLU A 31 4.53 -17.56 22.04
CA GLU A 31 3.22 -18.07 22.44
C GLU A 31 2.14 -17.61 21.47
N MET A 32 2.24 -16.34 21.06
CA MET A 32 1.28 -15.79 20.11
C MET A 32 1.29 -16.58 18.81
N PHE A 33 2.49 -16.85 18.28
CA PHE A 33 2.58 -17.63 17.06
C PHE A 33 2.01 -19.03 17.24
N ASP A 34 2.31 -19.68 18.36
CA ASP A 34 1.88 -21.07 18.51
C ASP A 34 0.37 -21.17 18.57
N ARG A 35 -0.29 -20.13 19.08
CA ARG A 35 -1.73 -20.22 19.20
C ARG A 35 -2.44 -19.76 17.93
N HIS A 36 -1.88 -18.80 17.19
CA HIS A 36 -2.57 -18.16 16.05
C HIS A 36 -2.07 -18.61 14.67
N VAL A 37 -0.76 -18.83 14.49
CA VAL A 37 -0.24 -19.42 13.27
C VAL A 37 -0.21 -20.93 13.35
N VAL A 38 0.38 -21.47 14.43
CA VAL A 38 0.38 -22.88 14.80
C VAL A 38 1.44 -23.66 14.02
N THR A 39 1.44 -23.58 12.69
CA THR A 39 2.43 -24.36 11.96
C THR A 39 3.78 -23.65 11.94
N ARG A 40 4.82 -24.42 12.23
CA ARG A 40 6.20 -23.96 12.17
C ARG A 40 6.57 -23.56 10.74
N PRO A 41 7.28 -22.46 10.58
CA PRO A 41 7.93 -22.22 9.28
C PRO A 41 9.07 -23.21 9.06
N THR A 42 9.53 -23.28 7.82
CA THR A 42 10.48 -24.31 7.38
C THR A 42 11.67 -23.67 6.70
N LYS A 43 12.88 -24.04 7.13
CA LYS A 43 14.08 -23.51 6.47
C LYS A 43 14.32 -24.24 5.15
N VAL A 44 14.60 -23.47 4.10
CA VAL A 44 15.05 -24.03 2.83
C VAL A 44 16.51 -24.44 2.97
N GLU A 45 16.87 -25.62 2.48
CA GLU A 45 18.27 -26.01 2.39
C GLU A 45 18.70 -26.03 0.93
N LEU A 46 19.30 -24.93 0.47
CA LEU A 46 20.12 -24.93 -0.74
C LEU A 46 21.27 -25.94 -0.59
N THR A 47 21.81 -26.38 -1.72
CA THR A 47 23.04 -27.17 -1.65
C THR A 47 24.23 -26.25 -1.49
N ASP A 48 25.42 -26.85 -1.51
CA ASP A 48 26.64 -26.04 -1.54
C ASP A 48 26.70 -25.23 -2.84
N ALA A 49 26.45 -25.87 -3.99
CA ALA A 49 26.46 -25.16 -5.27
C ALA A 49 25.41 -24.05 -5.31
N GLU A 50 24.26 -24.25 -4.66
CA GLU A 50 23.22 -23.24 -4.74
C GLU A 50 23.61 -22.00 -3.96
N LEU A 51 24.22 -22.18 -2.79
CA LEU A 51 24.59 -21.02 -1.98
C LEU A 51 25.76 -20.27 -2.62
N ARG A 52 26.55 -20.97 -3.44
CA ARG A 52 27.67 -20.33 -4.12
C ARG A 52 27.19 -19.51 -5.31
N GLU A 53 26.16 -19.98 -6.02
CA GLU A 53 25.59 -19.15 -7.07
C GLU A 53 25.05 -17.85 -6.50
N VAL A 54 24.31 -17.94 -5.39
CA VAL A 54 23.72 -16.76 -4.77
C VAL A 54 24.81 -15.80 -4.29
N ILE A 55 25.78 -16.33 -3.54
CA ILE A 55 26.78 -15.45 -2.95
C ILE A 55 27.67 -14.83 -4.02
N ASP A 56 27.97 -15.58 -5.09
CA ASP A 56 28.75 -14.98 -6.17
C ASP A 56 27.97 -13.88 -6.88
N ASP A 57 26.66 -14.09 -7.08
CA ASP A 57 25.78 -13.03 -7.56
C ASP A 57 25.84 -11.80 -6.65
N CYS A 58 25.74 -12.01 -5.33
CA CYS A 58 25.78 -10.90 -4.39
C CYS A 58 27.08 -10.13 -4.48
N ASN A 59 28.22 -10.83 -4.49
CA ASN A 59 29.50 -10.13 -4.50
C ASN A 59 29.69 -9.35 -5.80
N ALA A 60 29.26 -9.93 -6.94
CA ALA A 60 29.34 -9.21 -8.20
C ALA A 60 28.47 -7.96 -8.18
N ALA A 61 27.31 -8.05 -7.52
CA ALA A 61 26.37 -6.92 -7.54
C ALA A 61 26.90 -5.73 -6.76
N VAL A 62 27.48 -5.97 -5.59
CA VAL A 62 27.94 -4.85 -4.76
C VAL A 62 29.38 -4.48 -5.00
N ALA A 63 30.13 -5.29 -5.77
CA ALA A 63 31.51 -4.94 -6.07
C ALA A 63 31.66 -3.51 -6.60
N PRO A 64 30.81 -3.00 -7.50
CA PRO A 64 31.01 -1.62 -7.98
C PRO A 64 30.98 -0.59 -6.87
N LEU A 65 30.24 -0.82 -5.78
CA LEU A 65 30.16 0.14 -4.69
C LEU A 65 31.47 0.29 -3.92
N GLY A 66 32.29 -0.76 -3.83
CA GLY A 66 33.64 -0.64 -3.30
C GLY A 66 33.93 -1.45 -2.04
N LYS A 67 32.92 -2.00 -1.38
CA LYS A 67 33.09 -2.60 -0.07
C LYS A 67 33.06 -4.13 -0.18
N THR A 68 33.88 -4.79 0.63
CA THR A 68 33.85 -6.23 0.78
C THR A 68 32.78 -6.62 1.77
N VAL A 69 32.05 -7.69 1.46
CA VAL A 69 31.05 -8.27 2.35
C VAL A 69 31.41 -9.72 2.59
N SER A 70 31.56 -10.11 3.85
CA SER A 70 32.03 -11.44 4.20
C SER A 70 30.95 -12.50 3.98
N ASP A 71 31.39 -13.75 3.84
CA ASP A 71 30.49 -14.91 3.79
C ASP A 71 29.45 -14.85 4.90
N GLU A 72 29.89 -14.69 6.15
CA GLU A 72 28.93 -14.82 7.24
C GLU A 72 28.01 -13.61 7.32
N ARG A 73 28.43 -12.44 6.82
CA ARG A 73 27.48 -11.35 6.70
C ARG A 73 26.43 -11.65 5.64
N TRP A 74 26.83 -12.18 4.49
CA TRP A 74 25.85 -12.65 3.51
C TRP A 74 24.89 -13.67 4.12
N ILE A 75 25.43 -14.63 4.90
CA ILE A 75 24.59 -15.65 5.49
C ILE A 75 23.61 -15.03 6.48
N SER A 76 24.07 -14.03 7.23
CA SER A 76 23.17 -13.29 8.11
C SER A 76 22.00 -12.72 7.32
N TYR A 77 22.28 -12.05 6.20
CA TYR A 77 21.21 -11.44 5.43
C TYR A 77 20.30 -12.49 4.80
N VAL A 78 20.89 -13.55 4.22
CA VAL A 78 20.11 -14.50 3.43
C VAL A 78 19.18 -15.34 4.29
N GLY A 79 19.44 -15.45 5.59
CA GLY A 79 18.64 -16.34 6.43
C GLY A 79 17.15 -16.02 6.41
N VAL A 80 16.80 -14.75 6.24
CA VAL A 80 15.38 -14.40 6.25
C VAL A 80 14.66 -15.05 5.07
N VAL A 81 15.34 -15.14 3.93
CA VAL A 81 14.72 -15.81 2.78
C VAL A 81 14.62 -17.31 3.03
N LEU A 82 15.65 -17.89 3.65
CA LEU A 82 15.67 -19.33 3.86
C LEU A 82 14.57 -19.75 4.82
N TRP A 83 14.25 -18.90 5.80
CA TRP A 83 13.30 -19.22 6.87
C TRP A 83 11.89 -18.70 6.63
N SER A 84 11.72 -17.70 5.78
CA SER A 84 10.46 -16.96 5.75
C SER A 84 9.75 -17.04 4.41
N GLN A 85 10.20 -17.91 3.50
CA GLN A 85 9.39 -18.29 2.35
C GLN A 85 8.51 -19.45 2.78
N SER A 86 7.94 -20.19 1.84
CA SER A 86 6.97 -21.24 2.15
C SER A 86 7.36 -22.45 1.33
N PRO A 87 8.39 -23.19 1.75
CA PRO A 87 9.01 -24.22 0.89
C PRO A 87 8.03 -25.21 0.32
N ARG A 88 6.93 -25.49 1.03
CA ARG A 88 5.96 -26.48 0.56
C ARG A 88 5.30 -26.07 -0.74
N HIS A 89 5.14 -24.77 -0.97
CA HIS A 89 4.50 -24.27 -2.17
C HIS A 89 5.47 -23.80 -3.24
N ILE A 90 6.77 -23.99 -3.05
CA ILE A 90 7.71 -23.45 -4.04
C ILE A 90 7.64 -24.24 -5.33
N LYS A 91 7.57 -23.52 -6.45
CA LYS A 91 7.63 -24.11 -7.78
C LYS A 91 8.87 -23.74 -8.54
N ASP A 92 9.40 -22.55 -8.35
CA ASP A 92 10.44 -21.98 -9.21
C ASP A 92 11.65 -21.63 -8.35
N MET A 93 12.66 -22.51 -8.31
CA MET A 93 13.85 -22.27 -7.52
C MET A 93 14.75 -21.19 -8.09
N GLU A 94 14.64 -20.89 -9.38
CA GLU A 94 15.42 -19.77 -9.91
C GLU A 94 14.87 -18.44 -9.37
N ALA A 95 13.55 -18.32 -9.27
CA ALA A 95 12.97 -17.15 -8.60
C ALA A 95 13.39 -17.09 -7.13
N PHE A 96 13.42 -18.24 -6.45
CA PHE A 96 13.88 -18.27 -5.06
C PHE A 96 15.31 -17.76 -4.94
N LYS A 97 16.21 -18.25 -5.80
CA LYS A 97 17.59 -17.78 -5.74
C LYS A 97 17.67 -16.27 -6.00
N ALA A 98 16.83 -15.77 -6.91
CA ALA A 98 16.77 -14.34 -7.16
C ALA A 98 16.39 -13.57 -5.89
N VAL A 99 15.40 -14.06 -5.16
CA VAL A 99 14.98 -13.38 -3.95
C VAL A 99 16.12 -13.40 -2.93
N CYS A 100 16.86 -14.51 -2.85
CA CYS A 100 18.05 -14.55 -2.00
C CYS A 100 19.01 -13.41 -2.36
N VAL A 101 19.35 -13.28 -3.65
CA VAL A 101 20.36 -12.32 -4.06
C VAL A 101 19.86 -10.89 -3.84
N LEU A 102 18.66 -10.59 -4.36
CA LEU A 102 18.10 -9.25 -4.22
C LEU A 102 17.90 -8.85 -2.77
N ASN A 103 17.41 -9.79 -1.94
CA ASN A 103 17.29 -9.49 -0.51
C ASN A 103 18.62 -9.10 0.09
N CYS A 104 19.67 -9.86 -0.22
CA CYS A 104 20.96 -9.63 0.40
C CYS A 104 21.60 -8.32 -0.06
N VAL A 105 21.56 -8.05 -1.37
CA VAL A 105 22.31 -6.88 -1.82
C VAL A 105 21.60 -5.58 -1.41
N THR A 106 20.27 -5.61 -1.29
CA THR A 106 19.59 -4.41 -0.78
C THR A 106 19.71 -4.30 0.73
N PHE A 107 20.01 -5.40 1.41
CA PHE A 107 20.38 -5.32 2.82
C PHE A 107 21.71 -4.57 3.00
N VAL A 108 22.70 -4.85 2.14
CA VAL A 108 23.93 -4.08 2.18
C VAL A 108 23.63 -2.59 2.02
N TRP A 109 22.79 -2.25 1.03
CA TRP A 109 22.38 -0.87 0.83
C TRP A 109 21.78 -0.27 2.10
N ASP A 110 20.94 -1.04 2.79
CA ASP A 110 20.32 -0.60 4.05
C ASP A 110 21.38 -0.25 5.09
N ASP A 111 22.43 -1.05 5.18
CA ASP A 111 23.47 -0.84 6.17
C ASP A 111 24.50 0.22 5.78
N MET A 112 24.51 0.66 4.52
CA MET A 112 25.49 1.62 4.03
C MET A 112 25.09 3.05 4.38
N ASP A 113 26.09 3.84 4.79
CA ASP A 113 25.94 5.27 4.81
C ASP A 113 25.70 5.81 3.39
N PRO A 114 24.88 6.85 3.23
CA PRO A 114 24.37 7.20 1.89
C PRO A 114 25.42 7.68 0.93
N ALA A 115 26.60 8.11 1.41
CA ALA A 115 27.67 8.52 0.51
C ALA A 115 28.18 7.37 -0.34
N LEU A 116 27.72 6.14 -0.06
CA LEU A 116 28.10 4.96 -0.82
C LEU A 116 27.05 4.56 -1.85
N HIS A 117 25.95 5.31 -1.94
CA HIS A 117 24.77 4.89 -2.69
C HIS A 117 24.87 5.33 -4.15
N ASP A 118 25.55 4.51 -4.94
CA ASP A 118 25.95 4.84 -6.31
C ASP A 118 24.92 4.21 -7.25
N PHE A 119 23.90 5.01 -7.61
CA PHE A 119 22.78 4.48 -8.39
C PHE A 119 23.20 4.05 -9.78
N GLY A 120 24.04 4.85 -10.45
CA GLY A 120 24.51 4.49 -11.79
C GLY A 120 25.23 3.17 -11.85
N LEU A 121 25.94 2.80 -10.76
CA LEU A 121 26.62 1.52 -10.69
C LEU A 121 25.71 0.39 -10.21
N PHE A 122 24.84 0.66 -9.23
CA PHE A 122 24.09 -0.42 -8.59
C PHE A 122 22.83 -0.82 -9.34
N LEU A 123 22.08 0.15 -9.88
CA LEU A 123 20.82 -0.22 -10.54
C LEU A 123 21.04 -1.20 -11.69
N PRO A 124 22.02 -1.01 -12.60
CA PRO A 124 22.23 -2.02 -13.64
C PRO A 124 22.61 -3.39 -13.08
N GLN A 125 23.20 -3.46 -11.89
CA GLN A 125 23.43 -4.75 -11.25
C GLN A 125 22.11 -5.41 -10.86
N LEU A 126 21.19 -4.65 -10.24
CA LEU A 126 19.88 -5.19 -9.93
C LEU A 126 19.17 -5.63 -11.20
N ARG A 127 19.36 -4.90 -12.30
CA ARG A 127 18.70 -5.26 -13.54
C ARG A 127 19.24 -6.58 -14.08
N LYS A 128 20.55 -6.78 -14.01
CA LYS A 128 21.14 -8.03 -14.45
C LYS A 128 20.62 -9.22 -13.65
N ILE A 129 20.59 -9.07 -12.32
CA ILE A 129 20.09 -10.15 -11.47
C ILE A 129 18.66 -10.52 -11.87
N CYS A 130 17.81 -9.50 -12.00
CA CYS A 130 16.41 -9.76 -12.31
C CYS A 130 16.27 -10.49 -13.65
N GLU A 131 16.81 -9.93 -14.72
CA GLU A 131 16.60 -10.54 -16.02
C GLU A 131 17.18 -11.97 -16.08
N LYS A 132 18.26 -12.23 -15.33
CA LYS A 132 18.85 -13.56 -15.30
C LYS A 132 17.87 -14.60 -14.75
N TYR A 133 17.26 -14.33 -13.59
CA TYR A 133 16.50 -15.38 -12.89
C TYR A 133 15.01 -15.39 -13.20
N TYR A 134 14.47 -14.32 -13.76
CA TYR A 134 13.04 -14.21 -14.00
C TYR A 134 12.74 -14.21 -15.50
N GLY A 135 11.45 -14.42 -15.82
CA GLY A 135 10.97 -14.20 -17.15
C GLY A 135 10.90 -12.72 -17.46
N PRO A 136 10.58 -12.40 -18.72
CA PRO A 136 10.61 -10.98 -19.14
C PRO A 136 9.65 -10.07 -18.39
N GLU A 137 8.44 -10.54 -18.10
CA GLU A 137 7.52 -9.66 -17.39
C GLU A 137 7.84 -9.63 -15.89
N ASP A 138 8.07 -10.79 -15.28
CA ASP A 138 8.43 -10.83 -13.86
C ASP A 138 9.70 -10.03 -13.58
N ALA A 139 10.67 -10.06 -14.52
CA ALA A 139 11.91 -9.32 -14.31
C ALA A 139 11.66 -7.83 -14.16
N GLU A 140 10.75 -7.26 -14.98
CA GLU A 140 10.48 -5.83 -14.85
C GLU A 140 9.80 -5.52 -13.51
N VAL A 141 8.88 -6.36 -13.08
CA VAL A 141 8.20 -6.15 -11.81
C VAL A 141 9.18 -6.22 -10.66
N ALA A 142 10.09 -7.20 -10.68
CA ALA A 142 11.04 -7.33 -9.59
C ALA A 142 12.04 -6.18 -9.58
N TYR A 143 12.50 -5.76 -10.77
CA TYR A 143 13.45 -4.65 -10.83
C TYR A 143 12.84 -3.34 -10.35
N GLU A 144 11.60 -3.07 -10.76
CA GLU A 144 10.96 -1.83 -10.30
C GLU A 144 10.84 -1.82 -8.78
N ALA A 145 10.43 -2.93 -8.18
CA ALA A 145 10.32 -2.97 -6.72
C ALA A 145 11.68 -2.78 -6.05
N ALA A 146 12.74 -3.43 -6.59
CA ALA A 146 14.07 -3.23 -6.04
C ALA A 146 14.51 -1.77 -6.17
N ARG A 147 14.35 -1.20 -7.36
CA ARG A 147 14.67 0.21 -7.60
C ARG A 147 13.92 1.13 -6.65
N ALA A 148 12.61 0.91 -6.50
CA ALA A 148 11.84 1.77 -5.60
C ALA A 148 12.31 1.62 -4.16
N PHE A 149 12.69 0.40 -3.75
CA PHE A 149 13.17 0.23 -2.38
C PHE A 149 14.48 1.00 -2.14
N VAL A 150 15.52 0.73 -2.95
CA VAL A 150 16.80 1.38 -2.68
C VAL A 150 16.68 2.89 -2.79
N THR A 151 15.85 3.37 -3.72
CA THR A 151 15.61 4.80 -3.83
C THR A 151 14.94 5.34 -2.58
N SER A 152 13.95 4.61 -2.05
CA SER A 152 13.27 5.05 -0.85
C SER A 152 14.22 5.05 0.34
N ASP A 153 14.99 3.97 0.51
CA ASP A 153 15.93 3.97 1.64
C ASP A 153 16.88 5.15 1.55
N HIS A 154 17.31 5.50 0.34
CA HIS A 154 18.25 6.61 0.19
C HIS A 154 17.59 7.95 0.50
N MET A 155 16.46 8.23 -0.18
CA MET A 155 15.89 9.56 -0.10
C MET A 155 15.33 9.85 1.28
N PHE A 156 15.01 8.83 2.07
CA PHE A 156 14.45 9.12 3.38
C PHE A 156 15.49 9.22 4.49
N ARG A 157 16.79 9.04 4.19
CA ARG A 157 17.80 9.35 5.19
C ARG A 157 17.71 10.84 5.52
N ASP A 158 17.51 11.15 6.80
CA ASP A 158 17.08 12.50 7.27
C ASP A 158 16.10 13.20 6.31
N SER A 159 14.97 12.54 6.03
CA SER A 159 13.84 13.23 5.40
C SER A 159 12.88 13.77 6.45
N PRO A 160 12.27 14.94 6.25
CA PRO A 160 11.21 15.35 7.19
C PRO A 160 10.04 14.40 7.18
N ILE A 161 9.75 13.80 6.01
CA ILE A 161 8.68 12.81 5.92
C ILE A 161 8.92 11.70 6.92
N LYS A 162 10.12 11.10 6.88
CA LYS A 162 10.43 10.03 7.82
C LYS A 162 10.25 10.50 9.25
N ALA A 163 10.78 11.67 9.58
CA ALA A 163 10.62 12.22 10.93
C ALA A 163 9.15 12.22 11.36
N ALA A 164 8.29 12.91 10.60
CA ALA A 164 6.89 13.01 11.01
C ALA A 164 6.23 11.63 11.05
N LEU A 165 6.56 10.77 10.09
CA LEU A 165 5.84 9.50 10.02
C LEU A 165 6.30 8.50 11.10
N CYS A 166 7.51 8.66 11.62
CA CYS A 166 7.97 7.76 12.68
C CYS A 166 7.67 8.28 14.07
N THR A 167 7.45 9.59 14.22
CA THR A 167 7.31 10.21 15.52
C THR A 167 5.91 10.70 15.82
N THR A 168 4.90 10.25 15.06
CA THR A 168 3.50 10.41 15.46
C THR A 168 2.97 9.06 15.97
N SER A 169 2.03 8.46 15.24
CA SER A 169 1.24 7.36 15.75
C SER A 169 1.81 6.06 15.20
N PRO A 170 1.43 4.91 15.79
CA PRO A 170 1.76 3.63 15.13
C PRO A 170 1.20 3.55 13.72
N GLU A 171 0.02 4.15 13.49
CA GLU A 171 -0.60 4.16 12.17
C GLU A 171 0.31 4.82 11.13
N GLN A 172 0.83 6.02 11.43
CA GLN A 172 1.71 6.71 10.49
C GLN A 172 2.98 5.91 10.24
N TYR A 173 3.52 5.33 11.30
CA TYR A 173 4.79 4.64 11.20
C TYR A 173 4.68 3.39 10.35
N PHE A 174 3.66 2.56 10.59
CA PHE A 174 3.53 1.34 9.82
C PHE A 174 3.25 1.62 8.35
N ARG A 175 2.61 2.76 8.07
CA ARG A 175 2.40 3.17 6.68
C ARG A 175 3.73 3.41 5.96
N PHE A 176 4.69 4.05 6.64
CA PHE A 176 6.03 4.23 6.08
C PHE A 176 6.72 2.87 5.86
N ARG A 177 6.54 1.95 6.80
CA ARG A 177 7.27 0.68 6.76
C ARG A 177 6.78 -0.28 5.68
N VAL A 178 5.58 -0.10 5.13
CA VAL A 178 5.14 -0.95 4.01
C VAL A 178 6.22 -1.01 2.93
N THR A 179 6.79 0.14 2.59
CA THR A 179 7.92 0.18 1.68
C THR A 179 9.24 0.02 2.42
N ASP A 180 9.42 0.74 3.54
CA ASP A 180 10.76 0.87 4.10
C ASP A 180 11.32 -0.44 4.68
N ILE A 181 10.48 -1.33 5.23
CA ILE A 181 11.05 -2.61 5.68
C ILE A 181 11.24 -3.57 4.51
N GLY A 182 10.87 -3.15 3.29
CA GLY A 182 11.16 -3.96 2.12
C GLY A 182 10.13 -5.02 1.79
N VAL A 183 9.01 -5.08 2.52
CA VAL A 183 8.06 -6.18 2.31
C VAL A 183 7.29 -6.03 1.01
N ASP A 184 6.95 -4.80 0.58
CA ASP A 184 6.32 -4.68 -0.73
C ASP A 184 7.25 -5.20 -1.82
N PHE A 185 8.52 -4.80 -1.75
CA PHE A 185 9.56 -5.33 -2.62
C PHE A 185 9.60 -6.86 -2.55
N TRP A 186 9.56 -7.41 -1.34
CA TRP A 186 9.63 -8.86 -1.14
C TRP A 186 8.50 -9.59 -1.86
N MET A 187 7.25 -9.13 -1.68
CA MET A 187 6.12 -9.78 -2.33
C MET A 187 6.27 -9.75 -3.84
N LYS A 188 6.71 -8.60 -4.38
CA LYS A 188 6.76 -8.40 -5.83
C LYS A 188 7.93 -9.12 -6.47
N MET A 189 8.92 -9.58 -5.69
CA MET A 189 9.93 -10.47 -6.27
C MET A 189 9.68 -11.93 -5.91
N SER A 190 8.83 -12.21 -4.94
CA SER A 190 8.58 -13.57 -4.49
C SER A 190 7.43 -14.26 -5.22
N TYR A 191 6.48 -13.52 -5.79
CA TYR A 191 5.37 -14.22 -6.42
C TYR A 191 5.81 -15.17 -7.55
N PRO A 192 6.88 -14.92 -8.32
CA PRO A 192 7.28 -15.94 -9.32
C PRO A 192 7.71 -17.26 -8.69
N ILE A 193 8.07 -17.27 -7.41
CA ILE A 193 8.43 -18.51 -6.75
C ILE A 193 7.25 -19.47 -6.72
N TYR A 194 6.05 -18.94 -6.58
CA TYR A 194 4.85 -19.73 -6.31
C TYR A 194 3.94 -19.92 -7.51
N ARG A 195 3.98 -19.04 -8.50
CA ARG A 195 3.14 -19.15 -9.71
C ARG A 195 1.67 -19.39 -9.35
N HIS A 196 1.20 -18.66 -8.33
CA HIS A 196 -0.14 -18.81 -7.79
C HIS A 196 -0.91 -17.53 -8.14
N PRO A 197 -1.74 -17.54 -9.19
CA PRO A 197 -2.33 -16.27 -9.68
C PRO A 197 -2.96 -15.43 -8.59
N GLU A 198 -3.52 -16.06 -7.56
CA GLU A 198 -4.09 -15.29 -6.46
C GLU A 198 -3.01 -14.48 -5.74
N PHE A 199 -1.95 -15.16 -5.28
CA PHE A 199 -0.88 -14.48 -4.58
C PHE A 199 -0.23 -13.42 -5.46
N THR A 200 -0.14 -13.69 -6.76
CA THR A 200 0.45 -12.72 -7.67
C THR A 200 -0.34 -11.41 -7.69
N GLU A 201 -1.68 -11.49 -7.71
CA GLU A 201 -2.48 -10.26 -7.66
C GLU A 201 -2.34 -9.54 -6.31
N HIS A 202 -2.39 -10.29 -5.20
CA HIS A 202 -2.24 -9.61 -3.91
C HIS A 202 -0.86 -8.98 -3.77
N ALA A 203 0.16 -9.62 -4.35
CA ALA A 203 1.49 -9.02 -4.39
C ALA A 203 1.48 -7.75 -5.22
N LYS A 204 0.80 -7.76 -6.35
CA LYS A 204 0.88 -6.63 -7.26
C LYS A 204 0.01 -5.46 -6.82
N THR A 205 -1.08 -5.71 -6.08
CA THR A 205 -1.84 -4.63 -5.45
C THR A 205 -1.21 -4.10 -4.18
N SER A 206 -0.20 -4.79 -3.65
CA SER A 206 0.45 -4.53 -2.37
C SER A 206 -0.44 -4.86 -1.18
N LEU A 207 -1.63 -5.42 -1.39
CA LEU A 207 -2.39 -5.94 -0.26
C LEU A 207 -1.59 -6.98 0.52
N ALA A 208 -0.84 -7.84 -0.18
CA ALA A 208 0.04 -8.81 0.47
C ALA A 208 1.00 -8.11 1.43
N ALA A 209 1.60 -7.02 0.98
CA ALA A 209 2.52 -6.29 1.85
C ALA A 209 1.77 -5.61 3.00
N ARG A 210 0.64 -4.97 2.72
CA ARG A 210 -0.09 -4.28 3.78
C ARG A 210 -0.55 -5.26 4.85
N MET A 211 -0.80 -6.52 4.48
CA MET A 211 -1.24 -7.53 5.44
C MET A 211 -0.11 -7.96 6.39
N THR A 212 1.15 -7.92 5.93
CA THR A 212 2.26 -8.54 6.66
C THR A 212 3.22 -7.52 7.28
N THR A 213 3.02 -6.23 7.00
CA THR A 213 3.96 -5.20 7.47
C THR A 213 4.08 -5.18 8.99
N ARG A 214 2.95 -5.17 9.71
CA ARG A 214 3.04 -5.01 11.16
C ARG A 214 3.73 -6.21 11.81
N GLY A 215 3.39 -7.42 11.38
CA GLY A 215 4.00 -8.59 12.01
C GLY A 215 5.49 -8.66 11.79
N LEU A 216 5.94 -8.27 10.60
CA LEU A 216 7.38 -8.21 10.34
C LEU A 216 8.02 -7.07 11.12
N THR A 217 7.40 -5.90 11.12
CA THR A 217 8.04 -4.71 11.65
C THR A 217 8.13 -4.73 13.16
N ILE A 218 7.07 -5.17 13.84
CA ILE A 218 7.09 -5.17 15.30
C ILE A 218 8.22 -6.06 15.81
N VAL A 219 8.38 -7.22 15.18
CA VAL A 219 9.46 -8.14 15.56
C VAL A 219 10.82 -7.54 15.24
N ASN A 220 10.99 -7.04 14.01
CA ASN A 220 12.27 -6.44 13.67
C ASN A 220 12.62 -5.30 14.63
N ASP A 221 11.64 -4.42 14.91
CA ASP A 221 11.90 -3.27 15.76
C ASP A 221 12.29 -3.67 17.18
N PHE A 222 11.63 -4.68 17.73
CA PHE A 222 12.00 -5.05 19.09
C PHE A 222 13.47 -5.46 19.17
N TYR A 223 13.90 -6.32 18.26
CA TYR A 223 15.24 -6.89 18.38
C TYR A 223 16.33 -6.02 17.77
N SER A 224 15.99 -5.03 16.93
CA SER A 224 17.00 -4.13 16.41
C SER A 224 17.00 -2.78 17.12
N TYR A 225 16.17 -2.63 18.15
CA TYR A 225 16.04 -1.37 18.87
C TYR A 225 17.38 -0.89 19.40
N ASP A 226 18.10 -1.75 20.14
CA ASP A 226 19.35 -1.31 20.76
C ASP A 226 20.34 -0.80 19.72
N ARG A 227 20.47 -1.52 18.59
CA ARG A 227 21.38 -1.07 17.53
C ARG A 227 20.93 0.28 16.97
N GLU A 228 19.66 0.37 16.59
CA GLU A 228 19.19 1.58 15.93
C GLU A 228 19.29 2.79 16.85
N VAL A 229 18.89 2.63 18.12
CA VAL A 229 19.03 3.68 19.12
C VAL A 229 20.49 4.16 19.22
N SER A 230 21.42 3.21 19.30
CA SER A 230 22.84 3.55 19.35
C SER A 230 23.24 4.49 18.22
N LEU A 231 22.82 4.19 17.00
CA LEU A 231 23.22 4.92 15.81
C LEU A 231 22.45 6.22 15.62
N GLY A 232 21.32 6.38 16.30
CA GLY A 232 20.46 7.53 16.10
C GLY A 232 19.35 7.32 15.11
N GLN A 233 19.10 6.08 14.69
CA GLN A 233 18.05 5.75 13.74
C GLN A 233 16.67 5.83 14.40
N ILE A 234 15.74 6.55 13.76
CA ILE A 234 14.43 6.77 14.37
C ILE A 234 13.37 5.81 13.85
N THR A 235 13.70 4.96 12.88
CA THR A 235 12.69 4.10 12.25
C THR A 235 12.48 2.85 13.11
N ASN A 236 11.70 3.01 14.17
CA ASN A 236 11.47 1.95 15.16
C ASN A 236 10.27 2.31 16.02
N CYS A 237 9.23 1.48 16.01
CA CYS A 237 8.00 1.86 16.71
C CYS A 237 8.16 1.92 18.22
N PHE A 238 9.11 1.19 18.81
CA PHE A 238 9.28 1.28 20.26
C PHE A 238 9.85 2.61 20.72
N ARG A 239 10.36 3.43 19.80
CA ARG A 239 10.74 4.78 20.20
C ARG A 239 9.54 5.65 20.48
N LEU A 240 8.32 5.17 20.21
CA LEU A 240 7.12 5.80 20.74
C LEU A 240 6.88 5.42 22.18
N CYS A 241 7.73 4.57 22.75
CA CYS A 241 7.52 4.05 24.07
C CYS A 241 8.52 4.72 25.00
N ASP A 242 8.11 4.94 26.25
CA ASP A 242 9.13 5.13 27.28
C ASP A 242 9.59 3.74 27.70
N VAL A 243 10.54 3.17 26.95
CA VAL A 243 11.00 1.81 27.25
C VAL A 243 11.77 1.77 28.57
N SER A 244 11.80 2.86 29.32
CA SER A 244 12.35 2.81 30.67
C SER A 244 11.31 2.58 31.71
N ASP A 245 10.04 2.55 31.34
CA ASP A 245 8.91 2.50 32.25
C ASP A 245 8.18 1.22 31.89
N GLU A 246 8.40 0.16 32.68
CA GLU A 246 7.95 -1.17 32.28
C GLU A 246 6.44 -1.21 32.09
N THR A 247 5.68 -0.55 32.98
CA THR A 247 4.23 -0.61 32.84
C THR A 247 3.80 0.04 31.53
N ALA A 248 4.42 1.16 31.16
CA ALA A 248 4.12 1.76 29.87
C ALA A 248 4.64 0.89 28.73
N PHE A 249 5.76 0.20 28.95
CA PHE A 249 6.27 -0.66 27.89
C PHE A 249 5.30 -1.80 27.62
N LYS A 250 4.71 -2.35 28.69
CA LYS A 250 3.89 -3.54 28.53
C LYS A 250 2.56 -3.23 27.85
N GLU A 251 2.00 -2.05 28.14
CA GLU A 251 0.77 -1.69 27.44
C GLU A 251 1.06 -1.42 25.96
N PHE A 252 2.20 -0.81 25.66
CA PHE A 252 2.57 -0.60 24.27
C PHE A 252 2.84 -1.94 23.59
N PHE A 253 3.59 -2.81 24.26
CA PHE A 253 3.92 -4.09 23.66
C PHE A 253 2.67 -4.93 23.46
N GLN A 254 1.73 -4.90 24.42
CA GLN A 254 0.50 -5.67 24.23
C GLN A 254 -0.35 -5.10 23.10
N ALA A 255 -0.40 -3.77 22.97
CA ALA A 255 -1.10 -3.19 21.83
C ALA A 255 -0.49 -3.68 20.52
N ARG A 256 0.84 -3.85 20.51
CA ARG A 256 1.50 -4.31 19.29
C ARG A 256 1.21 -5.79 19.03
N LEU A 257 1.25 -6.63 20.07
CA LEU A 257 0.83 -8.02 19.87
C LEU A 257 -0.60 -8.08 19.35
N ASP A 258 -1.47 -7.20 19.85
CA ASP A 258 -2.85 -7.20 19.39
C ASP A 258 -2.93 -6.86 17.90
N ASP A 259 -2.10 -5.93 17.44
CA ASP A 259 -1.99 -5.62 16.01
C ASP A 259 -1.64 -6.89 15.22
N MET A 260 -0.61 -7.61 15.69
CA MET A 260 -0.16 -8.81 14.99
C MET A 260 -1.27 -9.85 14.92
N ILE A 261 -1.98 -10.04 16.04
CA ILE A 261 -3.02 -11.05 16.11
C ILE A 261 -4.15 -10.70 15.13
N GLU A 262 -4.57 -9.44 15.13
CA GLU A 262 -5.65 -9.07 14.24
C GLU A 262 -5.26 -9.28 12.77
N ASP A 263 -4.05 -8.89 12.39
CA ASP A 263 -3.59 -9.15 11.02
C ASP A 263 -3.58 -10.66 10.72
N ILE A 264 -3.04 -11.45 11.63
CA ILE A 264 -2.93 -12.89 11.39
C ILE A 264 -4.32 -13.51 11.24
N GLU A 265 -5.26 -13.11 12.09
CA GLU A 265 -6.59 -13.71 12.00
C GLU A 265 -7.29 -13.30 10.71
N CYS A 266 -7.10 -12.07 10.24
CA CYS A 266 -7.66 -11.67 8.94
C CYS A 266 -6.93 -12.34 7.78
N ILE A 267 -5.61 -12.58 7.91
CA ILE A 267 -4.89 -13.32 6.88
C ILE A 267 -5.52 -14.70 6.64
N LYS A 268 -6.18 -15.26 7.66
CA LYS A 268 -6.79 -16.58 7.53
C LYS A 268 -7.99 -16.59 6.60
N ALA A 269 -8.60 -15.44 6.34
CA ALA A 269 -9.64 -15.34 5.33
C ALA A 269 -9.11 -15.55 3.93
N PHE A 270 -7.81 -15.38 3.72
CA PHE A 270 -7.28 -15.55 2.38
C PHE A 270 -7.27 -17.03 2.02
N ASP A 271 -7.07 -17.33 0.74
CA ASP A 271 -7.02 -18.71 0.29
C ASP A 271 -5.85 -19.44 0.96
N GLN A 272 -5.96 -20.77 1.05
CA GLN A 272 -5.05 -21.53 1.91
C GLN A 272 -3.57 -21.34 1.55
N LEU A 273 -3.24 -21.24 0.25
CA LEU A 273 -1.84 -21.12 -0.13
C LEU A 273 -1.31 -19.73 0.18
N THR A 274 -2.06 -18.70 -0.20
CA THR A 274 -1.63 -17.34 0.12
C THR A 274 -1.51 -17.16 1.62
N GLN A 275 -2.44 -17.72 2.38
CA GLN A 275 -2.37 -17.65 3.83
C GLN A 275 -1.05 -18.23 4.33
N ASP A 276 -0.64 -19.36 3.78
CA ASP A 276 0.60 -19.99 4.26
C ASP A 276 1.82 -19.13 3.94
N VAL A 277 1.88 -18.56 2.74
CA VAL A 277 3.01 -17.69 2.40
C VAL A 277 3.06 -16.48 3.34
N PHE A 278 1.92 -15.83 3.58
CA PHE A 278 1.92 -14.68 4.49
C PHE A 278 2.40 -15.07 5.88
N LEU A 279 1.86 -16.18 6.41
CA LEU A 279 2.12 -16.52 7.81
C LEU A 279 3.53 -17.10 7.99
N ASP A 280 4.01 -17.86 7.00
CA ASP A 280 5.40 -18.30 7.02
C ASP A 280 6.34 -17.12 6.98
N LEU A 281 5.95 -16.05 6.27
CA LEU A 281 6.78 -14.86 6.22
C LEU A 281 6.91 -14.24 7.61
N ILE A 282 5.77 -14.05 8.29
CA ILE A 282 5.80 -13.36 9.59
C ILE A 282 6.50 -14.23 10.64
N TYR A 283 6.11 -15.50 10.72
CA TYR A 283 6.65 -16.38 11.74
C TYR A 283 8.10 -16.75 11.42
N GLY A 284 8.41 -17.01 10.16
CA GLY A 284 9.80 -17.25 9.77
C GLY A 284 10.71 -16.07 10.07
N ASN A 285 10.23 -14.84 9.84
CA ASN A 285 11.04 -13.70 10.19
C ASN A 285 11.37 -13.68 11.67
N PHE A 286 10.39 -14.06 12.50
CA PHE A 286 10.64 -14.12 13.94
C PHE A 286 11.69 -15.19 14.27
N VAL A 287 11.57 -16.37 13.66
CA VAL A 287 12.53 -17.45 13.96
C VAL A 287 13.94 -17.02 13.55
N TRP A 288 14.06 -16.42 12.37
CA TRP A 288 15.35 -15.96 11.88
C TRP A 288 15.91 -14.83 12.74
N THR A 289 15.06 -13.85 13.09
CA THR A 289 15.51 -12.71 13.88
C THR A 289 16.11 -13.14 15.22
N THR A 290 15.46 -14.06 15.92
CA THR A 290 15.94 -14.48 17.23
C THR A 290 17.13 -15.43 17.16
N SER A 291 17.48 -15.93 15.99
CA SER A 291 18.61 -16.82 15.84
C SER A 291 19.83 -16.13 15.23
N ASN A 292 19.70 -14.85 14.86
CA ASN A 292 20.64 -14.13 14.04
C ASN A 292 21.46 -13.17 14.90
N LYS A 293 22.79 -13.30 14.81
CA LYS A 293 23.73 -12.42 15.51
C LYS A 293 23.49 -10.96 15.17
N ARG A 294 23.00 -10.67 13.96
CA ARG A 294 22.65 -9.31 13.59
C ARG A 294 21.76 -8.65 14.65
N TYR A 295 20.84 -9.42 15.23
CA TYR A 295 19.88 -8.88 16.19
C TYR A 295 20.21 -9.26 17.62
N LYS A 296 21.49 -9.45 17.92
CA LYS A 296 21.93 -9.80 19.26
C LYS A 296 22.56 -8.62 19.98
N THR A 297 23.82 -8.27 19.70
CA THR A 297 24.37 -7.01 20.21
C THR A 297 24.04 -5.86 19.26
N ALA A 298 24.08 -4.64 19.82
CA ALA A 298 23.72 -3.46 19.05
C ALA A 298 24.69 -3.22 17.90
N VAL A 299 25.96 -3.59 18.07
CA VAL A 299 26.95 -3.39 17.00
C VAL A 299 27.95 -4.54 17.06
N ASN A 300 28.04 -5.30 15.98
CA ASN A 300 28.94 -6.45 15.89
C ASN A 300 29.29 -6.68 14.42
N ASP A 301 30.04 -7.75 14.16
CA ASP A 301 30.69 -7.84 12.85
C ASP A 301 29.74 -8.18 11.70
N VAL A 302 28.47 -8.45 11.94
CA VAL A 302 27.52 -8.60 10.85
C VAL A 302 26.54 -7.44 10.76
N ASN A 303 26.42 -6.61 11.80
CA ASN A 303 25.57 -5.43 11.67
C ASN A 303 26.32 -4.11 11.79
N SER A 304 27.65 -4.12 11.81
CA SER A 304 28.38 -2.87 11.90
C SER A 304 28.14 -2.07 10.62
N ARG A 305 27.55 -0.89 10.77
CA ARG A 305 27.32 0.00 9.65
C ARG A 305 28.50 0.00 8.69
N ILE A 306 28.22 -0.11 7.40
CA ILE A 306 29.27 -0.15 6.40
C ILE A 306 29.69 1.31 6.20
N GLN A 307 30.85 1.64 6.76
CA GLN A 307 31.22 3.03 7.09
C GLN A 307 31.89 3.80 5.93
N GLY B 9 -30.89 -10.05 6.80
CA GLY B 9 -31.89 -10.82 7.52
C GLY B 9 -33.28 -10.25 7.28
N ALA B 10 -33.57 -9.12 7.94
CA ALA B 10 -34.83 -8.43 7.71
C ALA B 10 -34.61 -7.04 7.17
N GLN B 11 -35.20 -6.01 7.79
CA GLN B 11 -34.86 -4.64 7.41
C GLN B 11 -34.61 -3.76 8.62
N ASP B 12 -33.33 -3.65 9.01
CA ASP B 12 -32.85 -2.70 10.02
C ASP B 12 -32.76 -1.31 9.36
N ILE B 13 -33.92 -0.69 9.24
CA ILE B 13 -34.01 0.59 8.54
C ILE B 13 -33.23 1.67 9.29
N GLY B 14 -33.10 1.52 10.62
CA GLY B 14 -32.31 2.49 11.38
C GLY B 14 -30.84 2.53 11.02
N ARG B 15 -30.34 1.47 10.36
CA ARG B 15 -28.98 1.48 9.83
C ARG B 15 -28.94 1.67 8.33
N SER B 16 -30.08 1.92 7.69
CA SER B 16 -30.09 2.09 6.25
C SER B 16 -29.54 3.44 5.79
N SER B 17 -29.37 4.41 6.69
CA SER B 17 -29.19 5.78 6.22
C SER B 17 -28.34 6.62 7.17
N VAL B 18 -27.47 7.46 6.60
CA VAL B 18 -26.80 8.50 7.39
C VAL B 18 -27.46 9.86 7.16
N ARG B 19 -28.59 9.87 6.48
CA ARG B 19 -29.30 11.12 6.20
C ARG B 19 -29.67 11.90 7.47
N PRO B 20 -29.88 11.30 8.64
CA PRO B 20 -30.03 12.12 9.86
C PRO B 20 -28.78 12.89 10.28
N TYR B 21 -27.66 12.68 9.63
CA TYR B 21 -26.41 13.36 10.01
C TYR B 21 -25.88 14.24 8.89
N LEU B 22 -26.62 14.34 7.78
CA LEU B 22 -26.10 14.92 6.55
C LEU B 22 -25.57 16.35 6.77
N GLU B 23 -26.42 17.22 7.30
CA GLU B 23 -26.02 18.63 7.38
C GLU B 23 -24.87 18.80 8.37
N GLU B 24 -24.95 18.16 9.52
CA GLU B 24 -23.94 18.40 10.54
C GLU B 24 -22.58 17.82 10.12
N CYS B 25 -22.57 16.62 9.55
CA CYS B 25 -21.31 16.05 9.09
C CYS B 25 -20.71 16.85 7.94
N THR B 26 -21.53 17.30 7.00
CA THR B 26 -21.02 18.14 5.92
C THR B 26 -20.33 19.37 6.49
N ARG B 27 -21.00 20.02 7.43
CA ARG B 27 -20.45 21.19 8.08
C ARG B 27 -19.14 20.88 8.80
N ARG B 28 -19.07 19.75 9.51
CA ARG B 28 -17.86 19.40 10.26
C ARG B 28 -16.70 19.06 9.32
N PHE B 29 -16.96 18.30 8.25
CA PHE B 29 -15.94 18.09 7.22
C PHE B 29 -15.36 19.43 6.75
N GLN B 30 -16.24 20.36 6.37
CA GLN B 30 -15.78 21.63 5.84
C GLN B 30 -14.98 22.41 6.87
N GLU B 31 -15.42 22.41 8.13
CA GLU B 31 -14.67 23.11 9.17
C GLU B 31 -13.28 22.50 9.29
N MET B 32 -13.22 21.16 9.22
CA MET B 32 -11.93 20.47 9.28
C MET B 32 -11.02 20.93 8.14
N PHE B 33 -11.52 20.91 6.90
CA PHE B 33 -10.70 21.36 5.78
C PHE B 33 -10.28 22.81 5.91
N ASP B 34 -11.18 23.67 6.41
CA ASP B 34 -10.84 25.08 6.57
C ASP B 34 -9.73 25.26 7.60
N ARG B 35 -9.74 24.45 8.65
CA ARG B 35 -8.75 24.62 9.71
C ARG B 35 -7.44 23.90 9.39
N HIS B 36 -7.45 22.88 8.53
CA HIS B 36 -6.24 22.09 8.29
C HIS B 36 -5.73 22.10 6.85
N VAL B 37 -6.55 22.46 5.85
CA VAL B 37 -6.08 22.57 4.47
C VAL B 37 -6.09 24.02 4.00
N VAL B 38 -7.17 24.75 4.34
CA VAL B 38 -7.30 26.20 4.29
C VAL B 38 -7.80 26.65 2.91
N THR B 39 -7.00 26.43 1.86
CA THR B 39 -7.25 27.12 0.61
C THR B 39 -7.97 26.22 -0.40
N ARG B 40 -8.97 26.81 -1.07
CA ARG B 40 -9.88 26.05 -1.91
C ARG B 40 -9.14 25.33 -3.03
N PRO B 41 -9.34 24.01 -3.17
CA PRO B 41 -8.90 23.34 -4.39
C PRO B 41 -9.65 23.92 -5.57
N THR B 42 -9.01 23.87 -6.74
CA THR B 42 -9.46 24.57 -7.93
C THR B 42 -9.86 23.54 -8.98
N LYS B 43 -10.87 23.86 -9.79
CA LYS B 43 -11.32 22.91 -10.80
C LYS B 43 -10.55 23.13 -12.09
N VAL B 44 -10.34 22.05 -12.85
CA VAL B 44 -9.99 22.15 -14.26
C VAL B 44 -11.28 22.32 -15.06
N GLU B 45 -11.27 23.26 -16.02
CA GLU B 45 -12.51 23.70 -16.66
C GLU B 45 -12.45 23.45 -18.18
N LEU B 46 -12.27 22.17 -18.58
CA LEU B 46 -12.07 21.74 -19.96
C LEU B 46 -13.01 22.42 -20.95
N THR B 47 -12.50 22.67 -22.17
CA THR B 47 -13.32 23.23 -23.24
C THR B 47 -14.31 22.19 -23.75
N ASP B 48 -15.26 22.65 -24.57
CA ASP B 48 -16.33 21.77 -25.01
C ASP B 48 -15.80 20.65 -25.91
N ALA B 49 -14.92 20.99 -26.86
CA ALA B 49 -14.25 19.94 -27.63
C ALA B 49 -13.56 18.96 -26.70
N GLU B 50 -12.82 19.46 -25.71
CA GLU B 50 -12.06 18.61 -24.80
C GLU B 50 -12.96 17.63 -24.05
N LEU B 51 -14.07 18.12 -23.50
CA LEU B 51 -14.95 17.23 -22.75
C LEU B 51 -15.55 16.17 -23.66
N ARG B 52 -15.97 16.56 -24.87
CA ARG B 52 -16.50 15.58 -25.81
C ARG B 52 -15.44 14.56 -26.23
N GLU B 53 -14.19 15.01 -26.46
CA GLU B 53 -13.12 14.09 -26.78
C GLU B 53 -13.00 13.02 -25.70
N VAL B 54 -13.01 13.45 -24.44
CA VAL B 54 -12.94 12.52 -23.32
C VAL B 54 -14.04 11.49 -23.40
N ILE B 55 -15.28 11.94 -23.65
CA ILE B 55 -16.43 11.06 -23.60
C ILE B 55 -16.37 9.99 -24.70
N ASP B 56 -15.85 10.34 -25.87
CA ASP B 56 -15.90 9.34 -26.95
C ASP B 56 -14.74 8.35 -26.84
N ASP B 57 -13.58 8.80 -26.36
CA ASP B 57 -12.56 7.86 -25.86
C ASP B 57 -13.15 6.93 -24.80
N CYS B 58 -13.95 7.48 -23.88
CA CYS B 58 -14.63 6.65 -22.88
C CYS B 58 -15.64 5.71 -23.52
N ASN B 59 -16.40 6.19 -24.50
CA ASN B 59 -17.42 5.37 -25.12
C ASN B 59 -16.81 4.22 -25.90
N ALA B 60 -15.73 4.48 -26.63
CA ALA B 60 -15.11 3.42 -27.42
C ALA B 60 -14.49 2.36 -26.52
N ALA B 61 -14.20 2.73 -25.28
CA ALA B 61 -13.54 1.80 -24.37
C ALA B 61 -14.55 0.87 -23.70
N VAL B 62 -15.81 1.28 -23.60
CA VAL B 62 -16.80 0.45 -22.95
C VAL B 62 -17.88 -0.07 -23.90
N ALA B 63 -17.90 0.36 -25.16
CA ALA B 63 -18.86 -0.16 -26.11
C ALA B 63 -18.87 -1.68 -26.22
N PRO B 64 -17.72 -2.37 -26.37
CA PRO B 64 -17.79 -3.84 -26.44
C PRO B 64 -18.37 -4.48 -25.19
N LEU B 65 -18.48 -3.76 -24.06
CA LEU B 65 -19.13 -4.33 -22.88
C LEU B 65 -20.66 -4.20 -22.91
N GLY B 66 -21.23 -3.63 -23.97
CA GLY B 66 -22.65 -3.76 -24.25
C GLY B 66 -23.57 -2.68 -23.69
N LYS B 67 -23.11 -1.85 -22.76
CA LYS B 67 -24.01 -0.90 -22.12
C LYS B 67 -23.61 0.52 -22.49
N THR B 68 -24.60 1.33 -22.85
CA THR B 68 -24.39 2.72 -23.23
C THR B 68 -24.37 3.60 -22.00
N VAL B 69 -23.49 4.62 -22.03
CA VAL B 69 -23.32 5.54 -20.90
C VAL B 69 -23.63 6.95 -21.40
N SER B 70 -24.52 7.64 -20.70
CA SER B 70 -24.93 8.98 -21.09
C SER B 70 -23.83 10.00 -20.79
N ASP B 71 -23.83 11.11 -21.55
CA ASP B 71 -22.92 12.19 -21.24
C ASP B 71 -23.10 12.68 -19.81
N GLU B 72 -24.35 12.71 -19.34
CA GLU B 72 -24.61 13.09 -17.96
C GLU B 72 -23.81 12.19 -17.00
N ARG B 73 -23.80 10.88 -17.24
CA ARG B 73 -23.12 9.96 -16.34
C ARG B 73 -21.61 10.13 -16.44
N TRP B 74 -21.07 10.23 -17.66
CA TRP B 74 -19.64 10.49 -17.81
C TRP B 74 -19.25 11.74 -17.05
N ILE B 75 -20.06 12.80 -17.13
CA ILE B 75 -19.72 14.04 -16.46
C ILE B 75 -19.68 13.86 -14.95
N SER B 76 -20.63 13.09 -14.40
CA SER B 76 -20.57 12.76 -12.98
C SER B 76 -19.24 12.11 -12.61
N TYR B 77 -18.84 11.08 -13.38
CA TYR B 77 -17.58 10.40 -13.14
C TYR B 77 -16.39 11.34 -13.25
N VAL B 78 -16.36 12.18 -14.29
CA VAL B 78 -15.14 12.91 -14.61
C VAL B 78 -14.88 14.04 -13.64
N GLY B 79 -15.92 14.53 -12.95
CA GLY B 79 -15.75 15.67 -12.06
C GLY B 79 -14.68 15.47 -10.99
N VAL B 80 -14.49 14.25 -10.51
CA VAL B 80 -13.48 14.08 -9.47
C VAL B 80 -12.10 14.42 -10.01
N VAL B 81 -11.84 14.09 -11.29
CA VAL B 81 -10.55 14.46 -11.87
C VAL B 81 -10.47 15.98 -12.03
N LEU B 82 -11.55 16.60 -12.50
CA LEU B 82 -11.55 18.05 -12.68
C LEU B 82 -11.34 18.80 -11.38
N TRP B 83 -11.86 18.26 -10.26
CA TRP B 83 -11.81 18.97 -8.98
C TRP B 83 -10.68 18.54 -8.06
N SER B 84 -10.04 17.41 -8.30
CA SER B 84 -9.14 16.84 -7.29
C SER B 84 -7.72 16.66 -7.78
N GLN B 85 -7.37 17.19 -8.95
CA GLN B 85 -5.97 17.31 -9.33
C GLN B 85 -5.46 18.64 -8.79
N SER B 86 -4.30 19.10 -9.27
CA SER B 86 -3.66 20.29 -8.73
C SER B 86 -3.34 21.24 -9.89
N PRO B 87 -4.29 22.08 -10.29
CA PRO B 87 -4.09 22.87 -11.53
C PRO B 87 -2.85 23.75 -11.52
N ARG B 88 -2.44 24.27 -10.37
CA ARG B 88 -1.28 25.14 -10.36
C ARG B 88 -0.01 24.39 -10.74
N HIS B 89 0.01 23.07 -10.56
CA HIS B 89 1.17 22.26 -10.86
C HIS B 89 1.04 21.48 -12.15
N ILE B 90 -0.06 21.62 -12.90
CA ILE B 90 -0.20 20.77 -14.08
C ILE B 90 0.80 21.19 -15.14
N LYS B 91 1.62 20.25 -15.59
CA LYS B 91 2.48 20.48 -16.73
C LYS B 91 1.99 19.79 -18.00
N ASP B 92 1.57 18.55 -17.90
CA ASP B 92 1.23 17.74 -19.06
C ASP B 92 -0.28 17.52 -19.11
N MET B 93 -0.94 18.13 -20.11
CA MET B 93 -2.39 18.01 -20.20
C MET B 93 -2.84 16.73 -20.91
N GLU B 94 -2.00 16.11 -21.74
CA GLU B 94 -2.37 14.82 -22.30
C GLU B 94 -2.47 13.76 -21.21
N ALA B 95 -1.53 13.76 -20.26
CA ALA B 95 -1.64 12.88 -19.10
C ALA B 95 -2.89 13.18 -18.30
N PHE B 96 -3.21 14.47 -18.13
CA PHE B 96 -4.44 14.81 -17.43
C PHE B 96 -5.65 14.17 -18.12
N LYS B 97 -5.73 14.26 -19.45
CA LYS B 97 -6.86 13.68 -20.16
C LYS B 97 -6.88 12.16 -20.04
N ALA B 98 -5.70 11.53 -20.06
CA ALA B 98 -5.63 10.09 -19.78
C ALA B 98 -6.30 9.76 -18.46
N VAL B 99 -6.04 10.57 -17.43
CA VAL B 99 -6.60 10.27 -16.12
C VAL B 99 -8.12 10.48 -16.13
N CYS B 100 -8.60 11.51 -16.85
CA CYS B 100 -10.04 11.64 -17.05
C CYS B 100 -10.63 10.37 -17.64
N VAL B 101 -10.03 9.86 -18.72
CA VAL B 101 -10.59 8.69 -19.38
C VAL B 101 -10.50 7.45 -18.48
N LEU B 102 -9.30 7.17 -17.97
CA LEU B 102 -9.10 5.97 -17.17
C LEU B 102 -9.97 6.00 -15.92
N ASN B 103 -10.06 7.15 -15.27
CA ASN B 103 -10.98 7.30 -14.15
C ASN B 103 -12.40 6.89 -14.54
N CYS B 104 -12.91 7.43 -15.65
CA CYS B 104 -14.31 7.25 -15.97
C CYS B 104 -14.62 5.81 -16.35
N VAL B 105 -13.78 5.18 -17.18
CA VAL B 105 -14.15 3.86 -17.66
C VAL B 105 -14.03 2.82 -16.55
N THR B 106 -13.10 3.00 -15.61
CA THR B 106 -13.08 2.07 -14.48
C THR B 106 -14.16 2.37 -13.47
N PHE B 107 -14.68 3.61 -13.44
CA PHE B 107 -15.88 3.89 -12.66
C PHE B 107 -17.08 3.10 -13.19
N VAL B 108 -17.21 3.01 -14.52
CA VAL B 108 -18.25 2.18 -15.11
C VAL B 108 -18.09 0.73 -14.65
N TRP B 109 -16.85 0.23 -14.68
CA TRP B 109 -16.55 -1.12 -14.23
C TRP B 109 -16.96 -1.33 -12.78
N ASP B 110 -16.72 -0.32 -11.93
CA ASP B 110 -17.13 -0.32 -10.53
C ASP B 110 -18.64 -0.43 -10.37
N ASP B 111 -19.41 0.12 -11.32
CA ASP B 111 -20.87 0.13 -11.24
C ASP B 111 -21.53 -1.07 -11.94
N MET B 112 -20.74 -1.91 -12.59
CA MET B 112 -21.28 -3.01 -13.37
C MET B 112 -21.44 -4.30 -12.57
N ASP B 113 -22.56 -4.96 -12.83
CA ASP B 113 -22.69 -6.41 -12.67
C ASP B 113 -21.36 -7.11 -13.00
N PRO B 114 -20.86 -7.97 -12.13
CA PRO B 114 -19.60 -8.67 -12.45
C PRO B 114 -19.71 -9.65 -13.60
N ALA B 115 -20.91 -10.21 -13.86
CA ALA B 115 -21.15 -11.02 -15.04
C ALA B 115 -21.06 -10.21 -16.33
N LEU B 116 -20.60 -8.96 -16.24
CA LEU B 116 -20.33 -8.12 -17.40
C LEU B 116 -18.84 -7.92 -17.64
N HIS B 117 -18.00 -8.24 -16.66
CA HIS B 117 -16.59 -7.85 -16.67
C HIS B 117 -15.80 -8.70 -17.66
N ASP B 118 -15.81 -8.30 -18.93
CA ASP B 118 -15.13 -9.04 -20.00
C ASP B 118 -13.69 -8.54 -20.08
N PHE B 119 -12.77 -9.26 -19.43
CA PHE B 119 -11.39 -8.81 -19.38
C PHE B 119 -10.76 -8.77 -20.76
N GLY B 120 -11.05 -9.76 -21.59
CA GLY B 120 -10.48 -9.77 -22.94
C GLY B 120 -10.95 -8.60 -23.78
N LEU B 121 -12.22 -8.21 -23.62
CA LEU B 121 -12.71 -7.04 -24.34
C LEU B 121 -12.23 -5.74 -23.71
N PHE B 122 -12.01 -5.73 -22.39
CA PHE B 122 -11.74 -4.45 -21.74
C PHE B 122 -10.25 -4.13 -21.61
N LEU B 123 -9.41 -5.09 -21.22
CA LEU B 123 -7.98 -4.79 -21.05
C LEU B 123 -7.33 -4.18 -22.29
N PRO B 124 -7.56 -4.65 -23.52
CA PRO B 124 -6.95 -3.98 -24.69
C PRO B 124 -7.37 -2.53 -24.85
N GLN B 125 -8.58 -2.16 -24.43
CA GLN B 125 -9.02 -0.76 -24.47
C GLN B 125 -8.25 0.08 -23.46
N LEU B 126 -8.11 -0.42 -22.23
CA LEU B 126 -7.24 0.26 -21.28
C LEU B 126 -5.84 0.43 -21.84
N ARG B 127 -5.33 -0.62 -22.51
CA ARG B 127 -4.03 -0.53 -23.13
C ARG B 127 -4.01 0.55 -24.22
N LYS B 128 -5.08 0.62 -25.03
CA LYS B 128 -5.14 1.62 -26.09
C LYS B 128 -5.10 3.04 -25.53
N ILE B 129 -5.82 3.27 -24.43
CA ILE B 129 -5.82 4.59 -23.82
C ILE B 129 -4.43 4.93 -23.31
N CYS B 130 -3.81 4.01 -22.58
CA CYS B 130 -2.54 4.32 -21.94
C CYS B 130 -1.47 4.68 -22.98
N GLU B 131 -1.56 4.09 -24.17
CA GLU B 131 -0.50 4.29 -25.14
C GLU B 131 -0.81 5.46 -26.08
N LYS B 132 -2.05 5.95 -26.07
CA LYS B 132 -2.37 7.16 -26.82
C LYS B 132 -1.89 8.42 -26.12
N TYR B 133 -1.91 8.44 -24.78
CA TYR B 133 -1.70 9.66 -24.01
C TYR B 133 -0.36 9.72 -23.28
N TYR B 134 0.27 8.58 -22.98
CA TYR B 134 1.54 8.57 -22.29
C TYR B 134 2.66 8.13 -23.24
N GLY B 135 3.90 8.33 -22.82
CA GLY B 135 5.04 7.69 -23.43
C GLY B 135 5.13 6.21 -23.05
N PRO B 136 6.30 5.60 -23.19
CA PRO B 136 6.37 4.13 -23.05
C PRO B 136 6.35 3.60 -21.60
N GLU B 137 7.33 3.99 -20.77
CA GLU B 137 7.32 3.64 -19.34
C GLU B 137 6.05 4.15 -18.66
N ASP B 138 5.60 5.36 -19.00
CA ASP B 138 4.39 5.92 -18.40
C ASP B 138 3.17 5.07 -18.72
N ALA B 139 2.97 4.76 -20.01
CA ALA B 139 1.86 3.89 -20.40
C ALA B 139 1.94 2.55 -19.70
N GLU B 140 3.14 2.09 -19.39
CA GLU B 140 3.28 0.79 -18.77
C GLU B 140 2.88 0.84 -17.29
N VAL B 141 3.29 1.88 -16.57
CA VAL B 141 2.85 2.08 -15.19
C VAL B 141 1.34 2.27 -15.14
N ALA B 142 0.79 3.12 -16.01
CA ALA B 142 -0.64 3.41 -15.93
C ALA B 142 -1.47 2.20 -16.28
N TYR B 143 -1.03 1.39 -17.25
CA TYR B 143 -1.78 0.19 -17.60
C TYR B 143 -1.77 -0.84 -16.46
N GLU B 144 -0.59 -1.10 -15.87
CA GLU B 144 -0.54 -2.06 -14.74
C GLU B 144 -1.46 -1.64 -13.61
N ALA B 145 -1.47 -0.35 -13.29
CA ALA B 145 -2.32 0.10 -12.20
C ALA B 145 -3.80 -0.04 -12.56
N ALA B 146 -4.17 0.29 -13.80
CA ALA B 146 -5.56 0.13 -14.22
C ALA B 146 -5.97 -1.33 -14.20
N ARG B 147 -5.12 -2.19 -14.76
CA ARG B 147 -5.34 -3.63 -14.74
C ARG B 147 -5.51 -4.13 -13.31
N ALA B 148 -4.59 -3.74 -12.42
CA ALA B 148 -4.66 -4.20 -11.04
C ALA B 148 -5.96 -3.73 -10.38
N PHE B 149 -6.39 -2.50 -10.66
CA PHE B 149 -7.63 -2.04 -10.06
C PHE B 149 -8.82 -2.83 -10.59
N VAL B 150 -8.94 -2.99 -11.92
CA VAL B 150 -10.15 -3.66 -12.39
C VAL B 150 -10.13 -5.14 -12.02
N THR B 151 -8.95 -5.74 -11.91
CA THR B 151 -8.88 -7.11 -11.43
C THR B 151 -9.31 -7.20 -9.97
N SER B 152 -8.84 -6.27 -9.14
CA SER B 152 -9.25 -6.23 -7.73
C SER B 152 -10.76 -6.06 -7.59
N ASP B 153 -11.32 -5.05 -8.28
CA ASP B 153 -12.76 -4.81 -8.13
C ASP B 153 -13.55 -6.05 -8.50
N HIS B 154 -13.12 -6.78 -9.53
CA HIS B 154 -13.82 -8.00 -9.93
C HIS B 154 -13.63 -9.12 -8.91
N MET B 155 -12.38 -9.44 -8.58
CA MET B 155 -12.14 -10.67 -7.79
C MET B 155 -12.67 -10.53 -6.37
N PHE B 156 -12.82 -9.30 -5.88
CA PHE B 156 -13.26 -9.16 -4.50
C PHE B 156 -14.74 -9.01 -4.36
N ARG B 157 -15.52 -9.12 -5.44
CA ARG B 157 -16.92 -8.72 -5.40
C ARG B 157 -17.59 -9.25 -4.13
N ASP B 158 -17.98 -10.53 -4.14
CA ASP B 158 -18.65 -11.15 -2.98
C ASP B 158 -17.70 -12.03 -2.17
N SER B 159 -16.40 -11.69 -2.10
CA SER B 159 -15.20 -12.40 -1.61
C SER B 159 -15.16 -12.50 -0.08
N PRO B 160 -14.52 -13.57 0.42
CA PRO B 160 -14.29 -13.68 1.86
C PRO B 160 -13.24 -12.74 2.40
N ILE B 161 -12.18 -12.47 1.65
CA ILE B 161 -11.18 -11.50 2.08
C ILE B 161 -11.88 -10.15 2.30
N LYS B 162 -12.77 -9.80 1.38
CA LYS B 162 -13.41 -8.50 1.50
C LYS B 162 -14.31 -8.45 2.74
N ALA B 163 -15.05 -9.52 3.01
CA ALA B 163 -15.89 -9.56 4.20
C ALA B 163 -15.07 -9.42 5.48
N ALA B 164 -13.95 -10.16 5.57
CA ALA B 164 -13.11 -10.03 6.75
C ALA B 164 -12.51 -8.63 6.85
N LEU B 165 -11.99 -8.10 5.75
CA LEU B 165 -11.33 -6.80 5.80
C LEU B 165 -12.32 -5.65 6.00
N CYS B 166 -13.62 -5.90 5.80
CA CYS B 166 -14.66 -4.88 5.95
C CYS B 166 -15.47 -5.00 7.23
N THR B 167 -15.33 -6.09 7.97
CA THR B 167 -16.15 -6.30 9.14
C THR B 167 -15.32 -6.41 10.41
N THR B 168 -14.01 -6.14 10.35
CA THR B 168 -13.13 -6.37 11.50
C THR B 168 -12.73 -5.07 12.21
N SER B 169 -12.16 -4.10 11.50
CA SER B 169 -11.66 -2.89 12.15
C SER B 169 -11.47 -1.81 11.10
N PRO B 170 -11.45 -0.53 11.49
CA PRO B 170 -11.09 0.52 10.52
C PRO B 170 -9.70 0.31 9.93
N GLU B 171 -8.75 -0.16 10.75
CA GLU B 171 -7.42 -0.52 10.28
C GLU B 171 -7.46 -1.49 9.09
N GLN B 172 -8.13 -2.65 9.25
CA GLN B 172 -8.20 -3.62 8.15
C GLN B 172 -8.92 -3.03 6.95
N TYR B 173 -9.96 -2.24 7.22
CA TYR B 173 -10.78 -1.70 6.15
C TYR B 173 -9.98 -0.75 5.27
N PHE B 174 -9.30 0.23 5.87
CA PHE B 174 -8.57 1.20 5.06
C PHE B 174 -7.42 0.54 4.32
N ARG B 175 -6.82 -0.49 4.90
CA ARG B 175 -5.81 -1.26 4.16
C ARG B 175 -6.40 -1.84 2.88
N PHE B 176 -7.64 -2.33 2.93
CA PHE B 176 -8.28 -2.82 1.70
C PHE B 176 -8.54 -1.67 0.71
N ARG B 177 -8.84 -0.49 1.24
CA ARG B 177 -9.26 0.60 0.35
C ARG B 177 -8.10 1.28 -0.34
N VAL B 178 -6.86 1.10 0.13
CA VAL B 178 -5.72 1.66 -0.59
C VAL B 178 -5.82 1.30 -2.07
N THR B 179 -6.18 0.03 -2.36
CA THR B 179 -6.41 -0.39 -3.73
C THR B 179 -7.86 -0.18 -4.17
N ASP B 180 -8.81 -0.56 -3.33
CA ASP B 180 -10.19 -0.65 -3.79
C ASP B 180 -10.82 0.70 -4.06
N ILE B 181 -10.44 1.75 -3.33
CA ILE B 181 -10.96 3.06 -3.73
C ILE B 181 -10.18 3.65 -4.89
N GLY B 182 -9.30 2.89 -5.52
CA GLY B 182 -8.65 3.32 -6.74
C GLY B 182 -7.56 4.36 -6.57
N VAL B 183 -7.22 4.75 -5.33
CA VAL B 183 -6.26 5.84 -5.17
C VAL B 183 -4.84 5.44 -5.54
N ASP B 184 -4.43 4.20 -5.32
CA ASP B 184 -3.10 3.84 -5.76
C ASP B 184 -3.02 3.93 -7.28
N PHE B 185 -4.05 3.43 -7.95
CA PHE B 185 -4.18 3.56 -9.40
C PHE B 185 -4.13 5.03 -9.81
N TRP B 186 -4.92 5.87 -9.13
CA TRP B 186 -4.92 7.29 -9.37
C TRP B 186 -3.52 7.89 -9.36
N MET B 187 -2.74 7.58 -8.32
CA MET B 187 -1.42 8.18 -8.21
C MET B 187 -0.51 7.71 -9.33
N LYS B 188 -0.58 6.40 -9.66
CA LYS B 188 0.34 5.85 -10.65
C LYS B 188 -0.02 6.28 -12.07
N MET B 189 -1.23 6.79 -12.30
CA MET B 189 -1.55 7.36 -13.60
C MET B 189 -1.49 8.90 -13.60
N SER B 190 -1.45 9.54 -12.43
CA SER B 190 -1.42 11.00 -12.35
C SER B 190 0.00 11.58 -12.27
N TYR B 191 1.01 10.81 -11.85
CA TYR B 191 2.33 11.43 -11.74
C TYR B 191 2.86 11.99 -13.07
N PRO B 192 2.57 11.44 -14.25
CA PRO B 192 3.02 12.10 -15.48
C PRO B 192 2.40 13.48 -15.69
N ILE B 193 1.31 13.81 -15.00
CA ILE B 193 0.72 15.15 -15.12
C ILE B 193 1.69 16.20 -14.62
N TYR B 194 2.44 15.87 -13.58
CA TYR B 194 3.23 16.83 -12.83
C TYR B 194 4.73 16.77 -13.12
N ARG B 195 5.26 15.62 -13.56
CA ARG B 195 6.69 15.45 -13.82
C ARG B 195 7.52 16.05 -12.68
N HIS B 196 7.20 15.63 -11.47
CA HIS B 196 7.84 16.12 -10.25
C HIS B 196 8.52 14.94 -9.56
N PRO B 197 9.85 14.96 -9.40
CA PRO B 197 10.56 13.75 -8.99
C PRO B 197 10.06 13.11 -7.70
N GLU B 198 9.98 13.85 -6.59
CA GLU B 198 9.44 13.27 -5.36
C GLU B 198 8.04 12.71 -5.56
N PHE B 199 7.15 13.48 -6.18
CA PHE B 199 5.78 12.98 -6.35
C PHE B 199 5.80 11.64 -7.08
N THR B 200 6.62 11.55 -8.12
CA THR B 200 6.75 10.32 -8.90
C THR B 200 7.19 9.16 -8.00
N GLU B 201 8.17 9.37 -7.13
CA GLU B 201 8.59 8.28 -6.27
C GLU B 201 7.50 7.90 -5.26
N HIS B 202 6.84 8.89 -4.64
CA HIS B 202 5.80 8.55 -3.68
C HIS B 202 4.64 7.82 -4.35
N ALA B 203 4.38 8.15 -5.63
CA ALA B 203 3.37 7.42 -6.38
C ALA B 203 3.78 5.96 -6.56
N LYS B 204 5.03 5.73 -6.96
CA LYS B 204 5.41 4.37 -7.32
C LYS B 204 5.63 3.48 -6.09
N THR B 205 5.95 4.03 -4.93
CA THR B 205 6.03 3.23 -3.71
C THR B 205 4.65 2.99 -3.09
N SER B 206 3.64 3.73 -3.54
CA SER B 206 2.29 3.76 -2.98
C SER B 206 2.21 4.51 -1.66
N LEU B 207 3.31 5.11 -1.18
CA LEU B 207 3.20 5.99 -0.03
C LEU B 207 2.22 7.14 -0.29
N ALA B 208 2.21 7.64 -1.52
CA ALA B 208 1.23 8.66 -1.91
C ALA B 208 -0.18 8.18 -1.63
N ALA B 209 -0.51 6.98 -2.11
CA ALA B 209 -1.83 6.41 -1.90
C ALA B 209 -2.11 6.16 -0.42
N ARG B 210 -1.11 5.64 0.31
CA ARG B 210 -1.35 5.33 1.71
C ARG B 210 -1.64 6.58 2.52
N MET B 211 -1.06 7.73 2.15
CA MET B 211 -1.29 8.95 2.93
C MET B 211 -2.67 9.55 2.66
N THR B 212 -3.27 9.25 1.51
CA THR B 212 -4.52 9.91 1.11
C THR B 212 -5.73 9.01 1.21
N THR B 213 -5.53 7.71 1.47
CA THR B 213 -6.64 6.76 1.44
C THR B 213 -7.75 7.14 2.43
N ARG B 214 -7.39 7.44 3.68
CA ARG B 214 -8.45 7.67 4.66
C ARG B 214 -9.25 8.93 4.33
N GLY B 215 -8.58 9.99 3.93
CA GLY B 215 -9.28 11.23 3.61
C GLY B 215 -10.24 11.07 2.46
N LEU B 216 -9.84 10.32 1.43
CA LEU B 216 -10.76 10.04 0.33
C LEU B 216 -11.90 9.14 0.78
N THR B 217 -11.55 8.06 1.49
CA THR B 217 -12.51 7.00 1.76
C THR B 217 -13.57 7.43 2.77
N ILE B 218 -13.16 8.11 3.84
CA ILE B 218 -14.13 8.51 4.85
C ILE B 218 -15.19 9.40 4.22
N VAL B 219 -14.77 10.33 3.37
CA VAL B 219 -15.72 11.21 2.68
C VAL B 219 -16.59 10.42 1.72
N ASN B 220 -15.97 9.60 0.86
CA ASN B 220 -16.77 8.81 -0.06
C ASN B 220 -17.77 7.93 0.69
N ASP B 221 -17.31 7.26 1.77
CA ASP B 221 -18.18 6.35 2.50
C ASP B 221 -19.39 7.08 3.08
N PHE B 222 -19.17 8.27 3.63
CA PHE B 222 -20.29 8.96 4.28
C PHE B 222 -21.39 9.24 3.26
N TYR B 223 -21.02 9.75 2.09
CA TYR B 223 -22.01 10.19 1.13
C TYR B 223 -22.50 9.07 0.21
N SER B 224 -21.82 7.92 0.15
CA SER B 224 -22.33 6.80 -0.64
C SER B 224 -22.96 5.71 0.21
N TYR B 225 -23.01 5.91 1.54
CA TYR B 225 -23.56 4.91 2.46
C TYR B 225 -24.97 4.47 2.07
N ASP B 226 -25.86 5.43 1.79
CA ASP B 226 -27.25 5.05 1.56
C ASP B 226 -27.40 4.17 0.32
N ARG B 227 -26.71 4.52 -0.76
CA ARG B 227 -26.77 3.70 -1.96
C ARG B 227 -26.16 2.33 -1.71
N GLU B 228 -24.98 2.30 -1.10
CA GLU B 228 -24.29 1.03 -0.94
C GLU B 228 -25.06 0.08 -0.02
N VAL B 229 -25.66 0.61 1.05
CA VAL B 229 -26.43 -0.25 1.94
C VAL B 229 -27.68 -0.77 1.24
N SER B 230 -28.32 0.05 0.39
CA SER B 230 -29.48 -0.46 -0.35
C SER B 230 -29.08 -1.48 -1.42
N LEU B 231 -27.81 -1.50 -1.83
CA LEU B 231 -27.33 -2.44 -2.83
C LEU B 231 -26.58 -3.63 -2.23
N GLY B 232 -26.58 -3.78 -0.91
CA GLY B 232 -25.90 -4.88 -0.26
C GLY B 232 -24.39 -4.81 -0.30
N GLN B 233 -23.82 -3.64 -0.58
CA GLN B 233 -22.37 -3.51 -0.68
C GLN B 233 -21.76 -3.22 0.69
N ILE B 234 -20.76 -4.00 1.07
CA ILE B 234 -20.22 -3.95 2.43
C ILE B 234 -19.03 -3.03 2.55
N THR B 235 -18.52 -2.50 1.44
CA THR B 235 -17.26 -1.76 1.49
C THR B 235 -17.54 -0.30 1.87
N ASN B 236 -17.72 -0.08 3.18
CA ASN B 236 -18.05 1.24 3.71
C ASN B 236 -17.78 1.26 5.21
N CYS B 237 -16.92 2.17 5.67
CA CYS B 237 -16.50 2.11 7.07
C CYS B 237 -17.63 2.41 8.05
N PHE B 238 -18.67 3.13 7.62
CA PHE B 238 -19.75 3.39 8.57
C PHE B 238 -20.61 2.16 8.85
N ARG B 239 -20.43 1.05 8.11
CA ARG B 239 -21.01 -0.21 8.55
C ARG B 239 -20.34 -0.75 9.81
N LEU B 240 -19.16 -0.26 10.15
CA LEU B 240 -18.47 -0.67 11.37
C LEU B 240 -18.97 0.04 12.62
N CYS B 241 -19.92 0.97 12.50
CA CYS B 241 -20.56 1.55 13.66
C CYS B 241 -22.05 1.31 13.55
N ASP B 242 -22.75 1.68 14.62
CA ASP B 242 -24.20 1.57 14.65
C ASP B 242 -24.77 2.93 14.29
N VAL B 243 -25.01 3.16 13.00
CA VAL B 243 -25.50 4.45 12.56
C VAL B 243 -26.89 4.76 13.13
N SER B 244 -27.61 3.77 13.67
CA SER B 244 -28.90 4.08 14.29
C SER B 244 -28.74 4.68 15.68
N ASP B 245 -27.55 4.62 16.26
CA ASP B 245 -27.26 5.08 17.62
C ASP B 245 -26.46 6.36 17.48
N GLU B 246 -27.12 7.50 17.72
CA GLU B 246 -26.51 8.80 17.40
C GLU B 246 -25.21 9.01 18.15
N THR B 247 -25.19 8.71 19.45
CA THR B 247 -23.97 8.92 20.22
C THR B 247 -22.86 7.95 19.76
N ALA B 248 -23.21 6.74 19.37
CA ALA B 248 -22.20 5.86 18.80
C ALA B 248 -21.73 6.38 17.44
N PHE B 249 -22.67 6.88 16.62
CA PHE B 249 -22.29 7.40 15.31
C PHE B 249 -21.33 8.58 15.45
N LYS B 250 -21.70 9.60 16.22
CA LYS B 250 -20.86 10.78 16.24
C LYS B 250 -19.52 10.49 16.90
N GLU B 251 -19.45 9.46 17.74
CA GLU B 251 -18.18 9.06 18.30
C GLU B 251 -17.28 8.44 17.24
N PHE B 252 -17.84 7.53 16.44
CA PHE B 252 -17.13 6.97 15.30
C PHE B 252 -16.74 8.06 14.33
N PHE B 253 -17.66 8.99 14.07
CA PHE B 253 -17.37 10.05 13.11
C PHE B 253 -16.21 10.92 13.58
N GLN B 254 -16.18 11.28 14.87
CA GLN B 254 -15.04 12.03 15.41
C GLN B 254 -13.75 11.24 15.26
N ALA B 255 -13.79 9.93 15.52
CA ALA B 255 -12.59 9.13 15.31
C ALA B 255 -12.11 9.23 13.86
N ARG B 256 -13.04 9.22 12.91
CA ARG B 256 -12.66 9.31 11.51
C ARG B 256 -12.13 10.70 11.16
N LEU B 257 -12.74 11.76 11.72
CA LEU B 257 -12.22 13.12 11.54
C LEU B 257 -10.79 13.23 12.03
N ASP B 258 -10.51 12.73 13.23
CA ASP B 258 -9.15 12.85 13.74
C ASP B 258 -8.18 12.00 12.94
N ASP B 259 -8.65 10.90 12.35
CA ASP B 259 -7.84 10.17 11.35
C ASP B 259 -7.46 11.09 10.19
N MET B 260 -8.45 11.78 9.62
CA MET B 260 -8.18 12.66 8.50
C MET B 260 -7.19 13.74 8.90
N ILE B 261 -7.36 14.30 10.10
CA ILE B 261 -6.50 15.38 10.56
C ILE B 261 -5.06 14.89 10.73
N GLU B 262 -4.90 13.71 11.32
CA GLU B 262 -3.56 13.16 11.47
C GLU B 262 -2.87 13.03 10.12
N ASP B 263 -3.56 12.46 9.13
CA ASP B 263 -2.98 12.29 7.80
C ASP B 263 -2.62 13.65 7.19
N ILE B 264 -3.55 14.60 7.25
CA ILE B 264 -3.30 15.89 6.61
C ILE B 264 -2.09 16.58 7.22
N GLU B 265 -1.95 16.54 8.54
CA GLU B 265 -0.82 17.23 9.14
C GLU B 265 0.52 16.51 8.88
N CYS B 266 0.52 15.17 8.79
CA CYS B 266 1.73 14.50 8.32
C CYS B 266 1.97 14.77 6.83
N ILE B 267 0.91 14.99 6.05
CA ILE B 267 1.11 15.33 4.64
C ILE B 267 1.88 16.65 4.49
N LYS B 268 1.73 17.57 5.45
CA LYS B 268 2.46 18.83 5.36
C LYS B 268 3.95 18.69 5.66
N ALA B 269 4.42 17.51 6.07
CA ALA B 269 5.84 17.23 6.11
C ALA B 269 6.45 17.00 4.73
N PHE B 270 5.64 16.66 3.72
CA PHE B 270 6.15 16.41 2.39
C PHE B 270 6.55 17.74 1.75
N ASP B 271 7.22 17.68 0.59
CA ASP B 271 7.58 18.89 -0.11
C ASP B 271 6.32 19.54 -0.71
N GLN B 272 6.49 20.70 -1.34
CA GLN B 272 5.35 21.56 -1.59
C GLN B 272 4.46 21.06 -2.71
N LEU B 273 5.04 20.78 -3.89
CA LEU B 273 4.23 20.25 -4.98
C LEU B 273 3.48 19.02 -4.51
N THR B 274 4.19 18.11 -3.83
CA THR B 274 3.57 16.87 -3.38
C THR B 274 2.42 17.14 -2.42
N GLN B 275 2.65 17.95 -1.38
CA GLN B 275 1.58 18.14 -0.41
C GLN B 275 0.41 18.90 -1.03
N ASP B 276 0.68 19.86 -1.92
CA ASP B 276 -0.40 20.54 -2.61
C ASP B 276 -1.27 19.54 -3.35
N VAL B 277 -0.63 18.59 -4.05
CA VAL B 277 -1.38 17.61 -4.82
C VAL B 277 -2.16 16.67 -3.89
N PHE B 278 -1.50 16.16 -2.83
CA PHE B 278 -2.20 15.31 -1.87
C PHE B 278 -3.43 16.01 -1.29
N LEU B 279 -3.26 17.26 -0.84
CA LEU B 279 -4.36 17.95 -0.16
C LEU B 279 -5.47 18.34 -1.14
N ASP B 280 -5.10 18.77 -2.36
CA ASP B 280 -6.13 19.06 -3.36
C ASP B 280 -6.91 17.80 -3.72
N LEU B 281 -6.25 16.64 -3.68
CA LEU B 281 -6.96 15.39 -3.92
C LEU B 281 -8.01 15.16 -2.84
N ILE B 282 -7.62 15.26 -1.57
CA ILE B 282 -8.58 14.99 -0.49
C ILE B 282 -9.66 16.05 -0.46
N TYR B 283 -9.26 17.32 -0.52
CA TYR B 283 -10.24 18.38 -0.39
C TYR B 283 -11.09 18.49 -1.66
N GLY B 284 -10.48 18.33 -2.82
CA GLY B 284 -11.25 18.32 -4.06
C GLY B 284 -12.26 17.18 -4.13
N ASN B 285 -11.88 16.00 -3.65
CA ASN B 285 -12.84 14.92 -3.65
C ASN B 285 -14.05 15.26 -2.79
N PHE B 286 -13.84 16.00 -1.70
CA PHE B 286 -14.95 16.39 -0.85
C PHE B 286 -15.86 17.41 -1.57
N VAL B 287 -15.26 18.38 -2.26
CA VAL B 287 -16.08 19.34 -3.00
C VAL B 287 -16.89 18.64 -4.08
N TRP B 288 -16.22 17.79 -4.87
CA TRP B 288 -16.90 17.05 -5.93
C TRP B 288 -18.00 16.16 -5.37
N THR B 289 -17.70 15.40 -4.31
CA THR B 289 -18.67 14.46 -3.75
C THR B 289 -19.94 15.20 -3.33
N THR B 290 -19.80 16.38 -2.74
CA THR B 290 -20.96 17.09 -2.21
C THR B 290 -21.70 17.89 -3.27
N SER B 291 -21.14 18.05 -4.48
CA SER B 291 -21.83 18.77 -5.56
C SER B 291 -22.22 17.87 -6.72
N ASN B 292 -22.32 16.56 -6.51
CA ASN B 292 -22.46 15.58 -7.57
C ASN B 292 -23.74 14.78 -7.37
N LYS B 293 -24.59 14.73 -8.40
CA LYS B 293 -25.83 13.96 -8.32
C LYS B 293 -25.58 12.51 -7.91
N ARG B 294 -24.42 11.96 -8.28
CA ARG B 294 -24.10 10.57 -7.95
C ARG B 294 -24.30 10.28 -6.46
N TYR B 295 -24.04 11.26 -5.60
CA TYR B 295 -24.09 11.05 -4.17
C TYR B 295 -25.32 11.68 -3.52
N LYS B 296 -26.20 12.30 -4.30
CA LYS B 296 -27.40 12.99 -3.81
C LYS B 296 -28.56 12.08 -3.46
N THR B 297 -29.02 11.23 -4.38
CA THR B 297 -29.98 10.18 -4.05
C THR B 297 -29.27 8.83 -4.09
N ALA B 298 -29.91 7.84 -3.43
CA ALA B 298 -29.40 6.47 -3.48
C ALA B 298 -29.40 5.92 -4.89
N VAL B 299 -30.52 6.04 -5.60
CA VAL B 299 -30.61 5.61 -6.99
C VAL B 299 -31.39 6.68 -7.75
N ASN B 300 -30.68 7.64 -8.35
CA ASN B 300 -31.37 8.61 -9.19
C ASN B 300 -31.63 7.93 -10.53
N ASP B 301 -30.83 8.30 -11.54
CA ASP B 301 -30.63 7.49 -12.73
C ASP B 301 -29.15 7.32 -13.06
N VAL B 302 -28.32 8.32 -12.73
CA VAL B 302 -26.90 8.33 -13.07
C VAL B 302 -26.04 7.43 -12.18
N ASN B 303 -26.57 6.88 -11.09
CA ASN B 303 -25.74 6.05 -10.25
C ASN B 303 -26.27 4.62 -10.10
N SER B 304 -27.35 4.29 -10.80
CA SER B 304 -27.94 2.97 -10.68
C SER B 304 -26.91 1.90 -11.02
N ARG B 305 -27.07 0.70 -10.43
CA ARG B 305 -26.21 -0.41 -10.80
C ARG B 305 -26.39 -0.69 -12.29
N ILE B 306 -25.30 -1.09 -12.93
CA ILE B 306 -25.31 -1.52 -14.33
C ILE B 306 -25.36 -3.04 -14.29
N GLN B 307 -26.48 -3.58 -13.82
CA GLN B 307 -26.68 -5.01 -13.63
C GLN B 307 -27.50 -5.59 -14.78
N ALA B 308 -26.97 -6.64 -15.40
CA ALA B 308 -27.55 -7.28 -16.59
C ALA B 308 -28.94 -7.83 -16.35
N GLY A 14 18.20 5.05 30.27
CA GLY A 14 18.51 3.75 29.74
C GLY A 14 17.50 3.40 28.66
N ARG A 15 16.77 4.44 28.23
CA ARG A 15 15.84 4.37 27.10
C ARG A 15 16.52 3.82 25.84
N SER A 16 17.84 3.71 25.84
CA SER A 16 18.52 3.14 24.69
C SER A 16 18.45 1.61 24.66
N SER A 17 17.69 0.96 25.53
CA SER A 17 17.72 -0.51 25.47
C SER A 17 16.38 -1.11 25.85
N VAL A 18 16.03 -2.20 25.16
CA VAL A 18 14.90 -3.03 25.55
C VAL A 18 15.38 -4.37 26.11
N ARG A 19 16.70 -4.58 26.21
CA ARG A 19 17.26 -5.84 26.71
C ARG A 19 16.71 -6.30 28.06
N PRO A 20 16.29 -5.44 28.99
CA PRO A 20 15.60 -5.96 30.19
C PRO A 20 14.36 -6.79 29.89
N TYR A 21 13.64 -6.50 28.81
CA TYR A 21 12.43 -7.25 28.44
C TYR A 21 12.70 -8.37 27.45
N LEU A 22 13.98 -8.65 27.14
CA LEU A 22 14.30 -9.54 26.03
C LEU A 22 13.66 -10.91 26.19
N GLU A 23 13.73 -11.49 27.39
CA GLU A 23 13.23 -12.85 27.57
C GLU A 23 11.71 -12.92 27.56
N GLU A 24 11.04 -12.03 28.31
CA GLU A 24 9.58 -12.05 28.36
C GLU A 24 8.98 -11.78 27.00
N CYS A 25 9.49 -10.78 26.28
CA CYS A 25 8.94 -10.47 24.96
C CYS A 25 9.16 -11.61 23.97
N THR A 26 10.35 -12.21 23.98
CA THR A 26 10.59 -13.36 23.12
C THR A 26 9.55 -14.44 23.39
N ARG A 27 9.37 -14.77 24.67
CA ARG A 27 8.38 -15.76 25.06
C ARG A 27 6.98 -15.39 24.59
N ARG A 28 6.61 -14.13 24.73
CA ARG A 28 5.25 -13.73 24.37
C ARG A 28 5.04 -13.81 22.86
N PHE A 29 6.00 -13.33 22.08
CA PHE A 29 5.94 -13.52 20.62
C PHE A 29 5.71 -14.99 20.27
N GLN A 30 6.54 -15.88 20.82
CA GLN A 30 6.40 -17.29 20.47
C GLN A 30 5.04 -17.85 20.88
N GLU A 31 4.58 -17.52 22.09
CA GLU A 31 3.26 -17.97 22.53
C GLU A 31 2.18 -17.52 21.57
N MET A 32 2.30 -16.27 21.11
CA MET A 32 1.33 -15.72 20.17
C MET A 32 1.33 -16.53 18.88
N PHE A 33 2.51 -16.78 18.31
CA PHE A 33 2.60 -17.59 17.09
C PHE A 33 2.03 -18.99 17.28
N ASP A 34 2.30 -19.62 18.43
CA ASP A 34 1.86 -21.00 18.61
C ASP A 34 0.34 -21.08 18.70
N ARG A 35 -0.29 -20.01 19.19
CA ARG A 35 -1.72 -20.09 19.44
C ARG A 35 -2.54 -19.47 18.31
N HIS A 36 -1.89 -18.77 17.38
CA HIS A 36 -2.59 -18.09 16.28
C HIS A 36 -2.08 -18.45 14.91
N VAL A 37 -0.89 -19.03 14.80
CA VAL A 37 -0.39 -19.58 13.55
C VAL A 37 -0.22 -21.09 13.65
N VAL A 38 0.36 -21.53 14.77
CA VAL A 38 0.44 -22.92 15.22
C VAL A 38 1.63 -23.61 14.56
N THR A 39 1.60 -23.74 13.23
CA THR A 39 2.61 -24.58 12.58
C THR A 39 3.88 -23.79 12.27
N ARG A 40 5.02 -24.47 12.43
CA ARG A 40 6.36 -23.89 12.30
C ARG A 40 6.64 -23.43 10.86
N PRO A 41 7.43 -22.37 10.71
CA PRO A 41 8.08 -22.13 9.41
C PRO A 41 9.02 -23.30 9.07
N THR A 42 9.55 -23.28 7.85
CA THR A 42 10.53 -24.29 7.42
C THR A 42 11.66 -23.64 6.64
N LYS A 43 12.90 -24.10 6.88
CA LYS A 43 14.07 -23.51 6.25
C LYS A 43 14.41 -24.22 4.95
N VAL A 44 14.37 -23.47 3.85
CA VAL A 44 14.71 -23.98 2.53
C VAL A 44 16.13 -24.53 2.59
N GLU A 45 16.37 -25.63 1.88
CA GLU A 45 17.71 -26.13 1.68
C GLU A 45 18.18 -25.78 0.28
N LEU A 46 19.23 -24.98 0.21
CA LEU A 46 20.00 -24.79 -1.00
C LEU A 46 21.12 -25.82 -1.04
N THR A 47 21.39 -26.34 -2.24
CA THR A 47 22.64 -27.06 -2.42
C THR A 47 23.80 -26.07 -2.29
N ASP A 48 25.02 -26.61 -2.27
CA ASP A 48 26.16 -25.70 -2.26
C ASP A 48 26.28 -24.97 -3.59
N ALA A 49 26.00 -25.67 -4.70
CA ALA A 49 26.02 -25.00 -6.00
C ALA A 49 25.06 -23.81 -6.03
N GLU A 50 23.87 -23.99 -5.44
CA GLU A 50 22.90 -22.90 -5.40
C GLU A 50 23.38 -21.76 -4.50
N LEU A 51 23.92 -22.08 -3.32
CA LEU A 51 24.35 -21.04 -2.39
C LEU A 51 25.58 -20.34 -2.90
N ARG A 52 26.44 -21.05 -3.64
CA ARG A 52 27.61 -20.43 -4.24
C ARG A 52 27.21 -19.51 -5.38
N GLU A 53 26.17 -19.88 -6.12
CA GLU A 53 25.71 -18.97 -7.16
C GLU A 53 25.15 -17.69 -6.55
N VAL A 54 24.36 -17.81 -5.47
CA VAL A 54 23.78 -16.65 -4.80
C VAL A 54 24.90 -15.73 -4.28
N ILE A 55 25.84 -16.29 -3.53
CA ILE A 55 26.86 -15.45 -2.90
C ILE A 55 27.75 -14.78 -3.95
N ASP A 56 28.10 -15.50 -5.02
CA ASP A 56 28.92 -14.88 -6.06
C ASP A 56 28.14 -13.81 -6.81
N ASP A 57 26.84 -14.05 -7.03
CA ASP A 57 25.92 -13.02 -7.53
C ASP A 57 25.92 -11.78 -6.65
N CYS A 58 25.80 -11.98 -5.33
CA CYS A 58 25.81 -10.87 -4.38
C CYS A 58 27.12 -10.08 -4.46
N ASN A 59 28.26 -10.78 -4.44
CA ASN A 59 29.54 -10.09 -4.44
C ASN A 59 29.75 -9.31 -5.73
N ALA A 60 29.33 -9.87 -6.86
CA ALA A 60 29.44 -9.17 -8.13
C ALA A 60 28.57 -7.91 -8.13
N ALA A 61 27.42 -7.98 -7.45
CA ALA A 61 26.47 -6.87 -7.52
C ALA A 61 26.95 -5.66 -6.71
N VAL A 62 27.56 -5.90 -5.55
CA VAL A 62 27.96 -4.79 -4.69
C VAL A 62 29.41 -4.38 -4.91
N ALA A 63 30.21 -5.20 -5.59
CA ALA A 63 31.60 -4.85 -5.84
C ALA A 63 31.79 -3.43 -6.40
N PRO A 64 30.95 -2.94 -7.32
CA PRO A 64 31.18 -1.57 -7.82
C PRO A 64 31.07 -0.51 -6.74
N LEU A 65 30.33 -0.77 -5.65
CA LEU A 65 30.27 0.14 -4.52
C LEU A 65 31.54 0.13 -3.68
N GLY A 66 32.46 -0.80 -3.92
CA GLY A 66 33.79 -0.72 -3.36
C GLY A 66 33.98 -1.29 -1.96
N LYS A 67 33.01 -2.00 -1.39
CA LYS A 67 33.17 -2.54 -0.04
C LYS A 67 33.18 -4.05 -0.06
N THR A 68 33.83 -4.64 0.95
CA THR A 68 33.87 -6.09 1.09
C THR A 68 32.74 -6.54 1.99
N VAL A 69 32.07 -7.61 1.61
CA VAL A 69 31.04 -8.23 2.42
C VAL A 69 31.43 -9.69 2.62
N SER A 70 31.55 -10.10 3.88
CA SER A 70 32.02 -11.45 4.20
C SER A 70 30.92 -12.49 3.99
N ASP A 71 31.36 -13.75 3.83
CA ASP A 71 30.45 -14.89 3.77
C ASP A 71 29.42 -14.86 4.90
N GLU A 72 29.89 -14.72 6.15
CA GLU A 72 28.93 -14.83 7.25
C GLU A 72 28.00 -13.63 7.31
N ARG A 73 28.42 -12.46 6.81
CA ARG A 73 27.48 -11.36 6.67
C ARG A 73 26.42 -11.66 5.61
N TRP A 74 26.83 -12.21 4.46
CA TRP A 74 25.84 -12.65 3.46
C TRP A 74 24.88 -13.67 4.06
N ILE A 75 25.39 -14.62 4.84
CA ILE A 75 24.54 -15.67 5.37
C ILE A 75 23.60 -15.11 6.43
N SER A 76 24.07 -14.13 7.19
CA SER A 76 23.18 -13.43 8.10
C SER A 76 22.01 -12.81 7.35
N TYR A 77 22.31 -12.10 6.25
CA TYR A 77 21.25 -11.46 5.46
C TYR A 77 20.33 -12.49 4.83
N VAL A 78 20.89 -13.57 4.27
CA VAL A 78 20.09 -14.49 3.46
C VAL A 78 19.17 -15.35 4.32
N GLY A 79 19.46 -15.48 5.62
CA GLY A 79 18.67 -16.35 6.46
C GLY A 79 17.19 -16.03 6.45
N VAL A 80 16.83 -14.76 6.26
CA VAL A 80 15.41 -14.41 6.26
C VAL A 80 14.70 -15.07 5.08
N VAL A 81 15.37 -15.16 3.92
CA VAL A 81 14.74 -15.82 2.78
C VAL A 81 14.64 -17.31 3.02
N LEU A 82 15.68 -17.89 3.63
CA LEU A 82 15.69 -19.33 3.86
C LEU A 82 14.59 -19.75 4.81
N TRP A 83 14.26 -18.88 5.78
CA TRP A 83 13.33 -19.19 6.85
C TRP A 83 11.91 -18.69 6.62
N SER A 84 11.72 -17.69 5.76
CA SER A 84 10.47 -16.96 5.73
C SER A 84 9.76 -17.05 4.39
N GLN A 85 10.18 -17.95 3.50
CA GLN A 85 9.38 -18.30 2.35
C GLN A 85 8.50 -19.49 2.77
N SER A 86 7.92 -20.20 1.81
CA SER A 86 6.94 -21.24 2.11
C SER A 86 7.34 -22.49 1.33
N PRO A 87 8.33 -23.24 1.82
CA PRO A 87 9.01 -24.24 0.96
C PRO A 87 8.10 -25.29 0.35
N ARG A 88 6.99 -25.66 0.99
CA ARG A 88 6.19 -26.73 0.42
C ARG A 88 5.37 -26.26 -0.78
N HIS A 89 5.26 -24.95 -1.00
CA HIS A 89 4.56 -24.42 -2.15
C HIS A 89 5.48 -23.88 -3.22
N ILE A 90 6.80 -24.01 -3.06
CA ILE A 90 7.72 -23.46 -4.05
C ILE A 90 7.63 -24.23 -5.36
N LYS A 91 7.50 -23.49 -6.46
CA LYS A 91 7.55 -24.05 -7.80
C LYS A 91 8.81 -23.68 -8.57
N ASP A 92 9.31 -22.46 -8.40
CA ASP A 92 10.36 -21.91 -9.26
C ASP A 92 11.57 -21.58 -8.38
N MET A 93 12.57 -22.47 -8.36
CA MET A 93 13.76 -22.21 -7.55
C MET A 93 14.70 -21.20 -8.20
N GLU A 94 14.54 -20.90 -9.49
CA GLU A 94 15.28 -19.76 -10.03
C GLU A 94 14.81 -18.46 -9.37
N ALA A 95 13.50 -18.28 -9.28
CA ALA A 95 12.96 -17.11 -8.59
C ALA A 95 13.40 -17.08 -7.11
N PHE A 96 13.49 -18.25 -6.47
CA PHE A 96 13.95 -18.29 -5.09
C PHE A 96 15.37 -17.77 -4.96
N LYS A 97 16.28 -18.28 -5.80
CA LYS A 97 17.65 -17.77 -5.80
C LYS A 97 17.67 -16.25 -6.01
N ALA A 98 16.82 -15.76 -6.90
CA ALA A 98 16.75 -14.32 -7.16
C ALA A 98 16.37 -13.54 -5.90
N VAL A 99 15.40 -14.04 -5.14
CA VAL A 99 15.00 -13.35 -3.93
C VAL A 99 16.13 -13.38 -2.90
N CYS A 100 16.88 -14.49 -2.85
CA CYS A 100 18.07 -14.53 -1.99
C CYS A 100 19.03 -13.41 -2.35
N VAL A 101 19.39 -13.28 -3.63
CA VAL A 101 20.39 -12.30 -4.04
C VAL A 101 19.86 -10.88 -3.83
N LEU A 102 18.66 -10.61 -4.31
CA LEU A 102 18.08 -9.28 -4.19
C LEU A 102 17.88 -8.86 -2.74
N ASN A 103 17.39 -9.77 -1.90
CA ASN A 103 17.24 -9.44 -0.48
C ASN A 103 18.59 -9.09 0.13
N CYS A 104 19.63 -9.83 -0.23
CA CYS A 104 20.94 -9.64 0.38
C CYS A 104 21.58 -8.35 -0.08
N VAL A 105 21.56 -8.06 -1.38
CA VAL A 105 22.32 -6.90 -1.83
C VAL A 105 21.62 -5.60 -1.42
N THR A 106 20.29 -5.61 -1.28
CA THR A 106 19.62 -4.41 -0.77
C THR A 106 19.71 -4.33 0.75
N PHE A 107 19.99 -5.43 1.43
CA PHE A 107 20.36 -5.38 2.83
C PHE A 107 21.67 -4.62 3.02
N VAL A 108 22.67 -4.88 2.16
CA VAL A 108 23.91 -4.12 2.21
C VAL A 108 23.61 -2.62 2.04
N TRP A 109 22.80 -2.29 1.04
CA TRP A 109 22.40 -0.90 0.81
C TRP A 109 21.79 -0.28 2.06
N ASP A 110 20.94 -1.05 2.76
CA ASP A 110 20.33 -0.59 4.01
C ASP A 110 21.39 -0.29 5.07
N ASP A 111 22.43 -1.11 5.14
CA ASP A 111 23.51 -0.96 6.10
C ASP A 111 24.59 0.01 5.63
N MET A 112 24.41 0.65 4.48
CA MET A 112 25.44 1.51 3.90
C MET A 112 25.20 2.96 4.21
N ASP A 113 26.26 3.65 4.55
CA ASP A 113 26.16 5.09 4.67
C ASP A 113 25.96 5.72 3.30
N PRO A 114 25.17 6.79 3.21
CA PRO A 114 24.57 7.20 1.92
C PRO A 114 25.57 7.65 0.88
N ALA A 115 26.80 7.99 1.26
CA ALA A 115 27.82 8.32 0.27
C ALA A 115 28.17 7.12 -0.60
N LEU A 116 28.13 5.91 -0.03
CA LEU A 116 28.39 4.70 -0.80
C LEU A 116 27.29 4.35 -1.77
N HIS A 117 26.14 5.02 -1.69
CA HIS A 117 25.04 4.74 -2.60
C HIS A 117 25.42 5.32 -3.96
N ASP A 118 25.48 4.47 -4.98
CA ASP A 118 25.77 4.88 -6.35
C ASP A 118 24.75 4.19 -7.26
N PHE A 119 23.70 4.95 -7.60
CA PHE A 119 22.60 4.41 -8.39
C PHE A 119 23.07 4.01 -9.79
N GLY A 120 23.92 4.83 -10.41
CA GLY A 120 24.42 4.51 -11.74
C GLY A 120 25.19 3.20 -11.81
N LEU A 121 25.90 2.85 -10.74
CA LEU A 121 26.61 1.57 -10.68
C LEU A 121 25.73 0.43 -10.20
N PHE A 122 24.84 0.70 -9.24
CA PHE A 122 24.10 -0.38 -8.59
C PHE A 122 22.86 -0.80 -9.34
N LEU A 123 22.08 0.15 -9.86
CA LEU A 123 20.81 -0.22 -10.47
C LEU A 123 20.98 -1.15 -11.67
N PRO A 124 21.96 -0.95 -12.58
CA PRO A 124 22.17 -1.97 -13.62
C PRO A 124 22.56 -3.34 -13.07
N GLN A 125 23.27 -3.42 -11.93
CA GLN A 125 23.51 -4.71 -11.29
C GLN A 125 22.20 -5.37 -10.88
N LEU A 126 21.28 -4.60 -10.31
CA LEU A 126 19.96 -5.13 -9.97
C LEU A 126 19.18 -5.51 -11.21
N ARG A 127 19.44 -4.83 -12.33
CA ARG A 127 18.80 -5.22 -13.58
C ARG A 127 19.33 -6.57 -14.06
N LYS A 128 20.65 -6.76 -14.00
CA LYS A 128 21.25 -8.03 -14.41
C LYS A 128 20.68 -9.19 -13.61
N ILE A 129 20.61 -9.04 -12.28
CA ILE A 129 20.06 -10.10 -11.44
C ILE A 129 18.64 -10.43 -11.87
N CYS A 130 17.81 -9.41 -12.04
CA CYS A 130 16.41 -9.66 -12.36
C CYS A 130 16.27 -10.36 -13.71
N GLU A 131 17.01 -9.92 -14.73
CA GLU A 131 16.92 -10.57 -16.03
C GLU A 131 17.34 -12.03 -15.95
N LYS A 132 18.48 -12.32 -15.31
CA LYS A 132 19.01 -13.67 -15.28
C LYS A 132 17.99 -14.67 -14.73
N TYR A 133 17.38 -14.38 -13.58
CA TYR A 133 16.57 -15.39 -12.89
C TYR A 133 15.10 -15.37 -13.25
N TYR A 134 14.58 -14.24 -13.72
CA TYR A 134 13.17 -14.13 -14.03
C TYR A 134 12.96 -14.11 -15.54
N GLY A 135 11.70 -14.35 -15.94
CA GLY A 135 11.30 -14.12 -17.31
C GLY A 135 11.14 -12.64 -17.58
N PRO A 136 10.82 -12.29 -18.84
CA PRO A 136 10.85 -10.86 -19.23
C PRO A 136 9.91 -9.94 -18.44
N GLU A 137 8.64 -10.31 -18.22
CA GLU A 137 7.78 -9.41 -17.46
C GLU A 137 8.10 -9.46 -15.97
N ASP A 138 8.25 -10.67 -15.41
CA ASP A 138 8.53 -10.76 -13.97
C ASP A 138 9.81 -10.01 -13.62
N ALA A 139 10.81 -10.03 -14.52
CA ALA A 139 12.01 -9.22 -14.31
C ALA A 139 11.66 -7.75 -14.16
N GLU A 140 10.65 -7.26 -14.89
CA GLU A 140 10.24 -5.87 -14.75
C GLU A 140 9.67 -5.59 -13.35
N VAL A 141 8.70 -6.40 -12.92
CA VAL A 141 8.10 -6.21 -11.62
C VAL A 141 9.18 -6.23 -10.52
N ALA A 142 10.09 -7.20 -10.61
CA ALA A 142 11.10 -7.33 -9.55
C ALA A 142 12.07 -6.15 -9.57
N TYR A 143 12.53 -5.73 -10.75
CA TYR A 143 13.47 -4.61 -10.81
C TYR A 143 12.84 -3.31 -10.30
N GLU A 144 11.62 -3.00 -10.75
CA GLU A 144 11.00 -1.76 -10.29
C GLU A 144 10.86 -1.75 -8.77
N ALA A 145 10.46 -2.89 -8.19
CA ALA A 145 10.34 -2.98 -6.73
C ALA A 145 11.70 -2.78 -6.06
N ALA A 146 12.77 -3.38 -6.59
CA ALA A 146 14.10 -3.20 -6.02
C ALA A 146 14.56 -1.75 -6.13
N ARG A 147 14.47 -1.18 -7.34
CA ARG A 147 14.82 0.23 -7.57
C ARG A 147 14.08 1.14 -6.59
N ALA A 148 12.76 0.97 -6.49
CA ALA A 148 11.97 1.83 -5.61
C ALA A 148 12.37 1.64 -4.16
N PHE A 149 12.73 0.41 -3.75
CA PHE A 149 13.18 0.25 -2.37
C PHE A 149 14.48 1.02 -2.11
N VAL A 150 15.52 0.77 -2.91
CA VAL A 150 16.81 1.41 -2.61
C VAL A 150 16.69 2.93 -2.74
N THR A 151 15.85 3.40 -3.67
CA THR A 151 15.62 4.84 -3.78
C THR A 151 14.96 5.39 -2.53
N SER A 152 13.96 4.68 -2.00
CA SER A 152 13.30 5.12 -0.78
C SER A 152 14.26 5.12 0.40
N ASP A 153 15.02 4.03 0.58
CA ASP A 153 15.96 4.01 1.69
C ASP A 153 16.92 5.19 1.62
N HIS A 154 17.36 5.55 0.41
CA HIS A 154 18.34 6.64 0.30
C HIS A 154 17.70 7.98 0.61
N MET A 155 16.55 8.28 -0.01
CA MET A 155 16.01 9.64 0.11
C MET A 155 15.43 9.90 1.48
N PHE A 156 15.08 8.87 2.25
CA PHE A 156 14.51 9.15 3.57
C PHE A 156 15.52 9.19 4.70
N ARG A 157 16.82 8.98 4.43
CA ARG A 157 17.80 9.23 5.47
C ARG A 157 17.70 10.70 5.87
N ASP A 158 17.70 10.98 7.18
CA ASP A 158 17.57 12.38 7.64
C ASP A 158 16.34 13.13 7.09
N SER A 159 15.24 12.41 6.77
CA SER A 159 14.20 13.23 6.11
C SER A 159 13.12 13.69 7.10
N PRO A 160 12.61 14.92 6.92
CA PRO A 160 11.39 15.33 7.66
C PRO A 160 10.20 14.41 7.46
N ILE A 161 9.99 13.87 6.26
CA ILE A 161 8.87 12.95 6.07
C ILE A 161 9.04 11.75 6.99
N LYS A 162 10.22 11.12 6.95
CA LYS A 162 10.48 10.01 7.85
C LYS A 162 10.29 10.42 9.30
N ALA A 163 10.81 11.60 9.67
CA ALA A 163 10.63 12.08 11.04
C ALA A 163 9.16 12.10 11.41
N ALA A 164 8.32 12.77 10.60
CA ALA A 164 6.92 12.91 10.96
C ALA A 164 6.21 11.55 11.04
N LEU A 165 6.43 10.67 10.06
CA LEU A 165 5.73 9.39 10.05
C LEU A 165 6.19 8.48 11.21
N CYS A 166 7.46 8.51 11.55
CA CYS A 166 7.97 7.66 12.62
C CYS A 166 7.87 8.31 14.00
N THR A 167 7.20 9.46 14.12
CA THR A 167 6.97 10.06 15.42
C THR A 167 5.50 10.32 15.72
N THR A 168 4.62 10.27 14.73
CA THR A 168 3.23 10.69 14.96
C THR A 168 2.39 9.64 15.69
N SER A 169 2.19 8.47 15.09
CA SER A 169 1.31 7.44 15.63
C SER A 169 1.75 6.09 15.08
N PRO A 170 1.22 4.97 15.64
CA PRO A 170 1.57 3.67 15.07
C PRO A 170 1.16 3.50 13.62
N GLU A 171 -0.03 3.96 13.22
CA GLU A 171 -0.47 3.80 11.84
C GLU A 171 0.39 4.60 10.88
N GLN A 172 0.79 5.82 11.27
CA GLN A 172 1.68 6.57 10.40
C GLN A 172 3.00 5.85 10.20
N TYR A 173 3.54 5.32 11.29
CA TYR A 173 4.80 4.60 11.24
C TYR A 173 4.69 3.37 10.33
N PHE A 174 3.69 2.54 10.55
CA PHE A 174 3.55 1.31 9.77
C PHE A 174 3.29 1.61 8.30
N ARG A 175 2.55 2.69 8.03
CA ARG A 175 2.34 3.15 6.66
C ARG A 175 3.67 3.39 5.92
N PHE A 176 4.64 4.01 6.60
CA PHE A 176 5.98 4.17 6.05
C PHE A 176 6.68 2.82 5.84
N ARG A 177 6.52 1.91 6.79
CA ARG A 177 7.27 0.65 6.73
C ARG A 177 6.78 -0.32 5.67
N VAL A 178 5.57 -0.15 5.12
CA VAL A 178 5.13 -0.99 4.01
C VAL A 178 6.19 -1.06 2.92
N THR A 179 6.76 0.10 2.57
CA THR A 179 7.89 0.16 1.66
C THR A 179 9.22 0.05 2.40
N ASP A 180 9.39 0.78 3.49
CA ASP A 180 10.74 0.92 4.05
C ASP A 180 11.26 -0.39 4.68
N ILE A 181 10.41 -1.24 5.23
CA ILE A 181 10.95 -2.54 5.65
C ILE A 181 11.05 -3.51 4.48
N GLY A 182 10.84 -3.04 3.25
CA GLY A 182 11.10 -3.85 2.09
C GLY A 182 10.12 -4.97 1.81
N VAL A 183 9.01 -5.07 2.56
CA VAL A 183 8.08 -6.17 2.32
C VAL A 183 7.30 -6.03 1.01
N ASP A 184 6.98 -4.80 0.56
CA ASP A 184 6.32 -4.73 -0.74
C ASP A 184 7.25 -5.23 -1.85
N PHE A 185 8.52 -4.81 -1.79
CA PHE A 185 9.56 -5.36 -2.65
C PHE A 185 9.59 -6.88 -2.57
N TRP A 186 9.58 -7.41 -1.35
CA TRP A 186 9.63 -8.87 -1.14
C TRP A 186 8.50 -9.58 -1.86
N MET A 187 7.26 -9.11 -1.68
CA MET A 187 6.12 -9.77 -2.32
C MET A 187 6.26 -9.75 -3.83
N LYS A 188 6.66 -8.60 -4.40
CA LYS A 188 6.72 -8.44 -5.84
C LYS A 188 7.86 -9.23 -6.48
N MET A 189 8.91 -9.56 -5.73
CA MET A 189 9.94 -10.45 -6.28
C MET A 189 9.72 -11.91 -5.93
N SER A 190 8.86 -12.20 -4.95
CA SER A 190 8.62 -13.56 -4.52
C SER A 190 7.46 -14.23 -5.25
N TYR A 191 6.52 -13.49 -5.83
CA TYR A 191 5.39 -14.16 -6.45
C TYR A 191 5.82 -15.13 -7.57
N PRO A 192 6.89 -14.90 -8.34
CA PRO A 192 7.28 -15.93 -9.33
C PRO A 192 7.74 -17.24 -8.68
N ILE A 193 8.12 -17.23 -7.40
CA ILE A 193 8.48 -18.46 -6.72
C ILE A 193 7.33 -19.44 -6.73
N TYR A 194 6.11 -18.93 -6.53
CA TYR A 194 4.93 -19.75 -6.32
C TYR A 194 4.07 -19.91 -7.56
N ARG A 195 4.09 -18.93 -8.47
CA ARG A 195 3.28 -18.96 -9.70
C ARG A 195 1.82 -19.30 -9.38
N HIS A 196 1.28 -18.64 -8.36
CA HIS A 196 -0.07 -18.84 -7.85
C HIS A 196 -0.89 -17.60 -8.16
N PRO A 197 -1.85 -17.67 -9.09
CA PRO A 197 -2.52 -16.45 -9.56
C PRO A 197 -3.05 -15.59 -8.43
N GLU A 198 -3.64 -16.18 -7.40
CA GLU A 198 -4.13 -15.37 -6.30
C GLU A 198 -3.01 -14.55 -5.67
N PHE A 199 -1.95 -15.23 -5.23
CA PHE A 199 -0.85 -14.55 -4.56
C PHE A 199 -0.25 -13.46 -5.44
N THR A 200 -0.18 -13.71 -6.74
CA THR A 200 0.43 -12.73 -7.63
C THR A 200 -0.37 -11.44 -7.67
N GLU A 201 -1.71 -11.52 -7.67
CA GLU A 201 -2.51 -10.29 -7.62
C GLU A 201 -2.33 -9.56 -6.29
N HIS A 202 -2.38 -10.27 -5.17
CA HIS A 202 -2.22 -9.59 -3.88
C HIS A 202 -0.84 -8.96 -3.77
N ALA A 203 0.18 -9.60 -4.36
CA ALA A 203 1.50 -9.01 -4.40
C ALA A 203 1.50 -7.74 -5.22
N LYS A 204 0.81 -7.74 -6.35
CA LYS A 204 0.86 -6.61 -7.25
C LYS A 204 0.00 -5.44 -6.80
N THR A 205 -1.09 -5.68 -6.07
CA THR A 205 -1.86 -4.60 -5.44
C THR A 205 -1.22 -4.06 -4.18
N SER A 206 -0.21 -4.76 -3.65
CA SER A 206 0.44 -4.47 -2.37
C SER A 206 -0.44 -4.83 -1.17
N LEU A 207 -1.62 -5.40 -1.39
CA LEU A 207 -2.38 -5.90 -0.25
C LEU A 207 -1.56 -6.95 0.53
N ALA A 208 -0.83 -7.82 -0.17
CA ALA A 208 0.02 -8.81 0.50
C ALA A 208 0.98 -8.12 1.46
N ALA A 209 1.63 -7.05 1.00
CA ALA A 209 2.55 -6.32 1.87
C ALA A 209 1.80 -5.63 3.00
N ARG A 210 0.66 -5.00 2.71
CA ARG A 210 -0.06 -4.29 3.76
C ARG A 210 -0.52 -5.23 4.86
N MET A 211 -0.80 -6.50 4.51
CA MET A 211 -1.25 -7.48 5.49
C MET A 211 -0.12 -7.97 6.41
N THR A 212 1.13 -7.93 5.95
CA THR A 212 2.25 -8.55 6.67
C THR A 212 3.20 -7.54 7.30
N THR A 213 3.02 -6.24 7.00
CA THR A 213 3.94 -5.21 7.48
C THR A 213 4.07 -5.17 9.00
N ARG A 214 2.93 -5.16 9.71
CA ARG A 214 3.04 -5.00 11.16
C ARG A 214 3.73 -6.20 11.81
N GLY A 215 3.39 -7.41 11.36
CA GLY A 215 3.99 -8.59 11.96
C GLY A 215 5.49 -8.63 11.77
N LEU A 216 5.97 -8.24 10.59
CA LEU A 216 7.40 -8.20 10.36
C LEU A 216 8.05 -7.06 11.13
N THR A 217 7.40 -5.89 11.13
CA THR A 217 8.03 -4.69 11.65
C THR A 217 8.13 -4.72 13.17
N ILE A 218 7.07 -5.16 13.85
CA ILE A 218 7.10 -5.16 15.31
C ILE A 218 8.22 -6.06 15.81
N VAL A 219 8.36 -7.22 15.17
CA VAL A 219 9.43 -8.15 15.54
C VAL A 219 10.80 -7.54 15.23
N ASN A 220 10.97 -7.04 14.01
CA ASN A 220 12.27 -6.45 13.67
C ASN A 220 12.62 -5.32 14.61
N ASP A 221 11.65 -4.43 14.89
CA ASP A 221 11.90 -3.28 15.74
C ASP A 221 12.29 -3.68 17.16
N PHE A 222 11.64 -4.68 17.72
CA PHE A 222 11.99 -5.05 19.08
C PHE A 222 13.46 -5.45 19.16
N TYR A 223 13.88 -6.33 18.27
CA TYR A 223 15.23 -6.89 18.40
C TYR A 223 16.32 -6.03 17.79
N SER A 224 15.98 -5.04 16.96
CA SER A 224 16.98 -4.14 16.42
C SER A 224 16.98 -2.79 17.12
N TYR A 225 16.15 -2.63 18.17
CA TYR A 225 16.03 -1.37 18.87
C TYR A 225 17.37 -0.88 19.40
N ASP A 226 18.09 -1.74 20.14
CA ASP A 226 19.35 -1.32 20.74
C ASP A 226 20.32 -0.80 19.69
N ARG A 227 20.48 -1.53 18.59
CA ARG A 227 21.40 -1.10 17.53
C ARG A 227 20.95 0.24 16.94
N GLU A 228 19.66 0.36 16.65
CA GLU A 228 19.21 1.56 15.94
C GLU A 228 19.34 2.81 16.81
N VAL A 229 19.04 2.70 18.10
CA VAL A 229 19.17 3.86 18.99
C VAL A 229 20.64 4.12 19.32
N SER A 230 21.51 3.16 18.99
CA SER A 230 22.95 3.42 19.02
C SER A 230 23.46 4.11 17.76
N LEU A 231 22.64 4.16 16.72
CA LEU A 231 23.07 4.60 15.40
C LEU A 231 22.34 5.86 14.93
N GLY A 232 21.40 6.37 15.72
CA GLY A 232 20.59 7.51 15.33
C GLY A 232 19.39 7.20 14.45
N GLN A 233 19.00 5.92 14.32
CA GLN A 233 17.86 5.54 13.49
C GLN A 233 16.55 5.66 14.27
N ILE A 234 15.67 6.55 13.82
CA ILE A 234 14.38 6.72 14.47
C ILE A 234 13.31 5.80 13.91
N THR A 235 13.64 4.99 12.92
CA THR A 235 12.65 4.12 12.27
C THR A 235 12.47 2.87 13.12
N ASN A 236 11.69 3.02 14.19
CA ASN A 236 11.48 1.95 15.17
C ASN A 236 10.27 2.31 16.02
N CYS A 237 9.24 1.47 16.01
CA CYS A 237 8.01 1.84 16.71
C CYS A 237 8.17 1.89 18.23
N PHE A 238 9.13 1.18 18.83
CA PHE A 238 9.24 1.25 20.28
C PHE A 238 9.78 2.60 20.77
N ARG A 239 10.35 3.40 19.88
CA ARG A 239 10.69 4.78 20.24
C ARG A 239 9.45 5.62 20.53
N LEU A 240 8.26 5.11 20.22
CA LEU A 240 7.04 5.88 20.40
C LEU A 240 6.48 5.77 21.81
N CYS A 241 7.01 4.83 22.61
CA CYS A 241 6.63 4.64 24.00
C CYS A 241 7.84 4.97 24.85
N ASP A 242 7.64 4.99 26.18
CA ASP A 242 8.72 5.14 27.16
C ASP A 242 9.19 3.74 27.58
N VAL A 243 10.29 3.26 26.97
CA VAL A 243 10.76 1.92 27.30
C VAL A 243 11.33 1.83 28.72
N SER A 244 11.46 2.95 29.44
CA SER A 244 11.93 2.93 30.83
C SER A 244 10.80 2.72 31.82
N ASP A 245 9.56 2.76 31.38
CA ASP A 245 8.39 2.67 32.25
C ASP A 245 7.83 1.28 32.00
N GLU A 246 7.90 0.42 33.03
CA GLU A 246 7.41 -0.94 32.90
C GLU A 246 6.02 -0.98 32.29
N THR A 247 5.06 -0.39 32.99
CA THR A 247 3.67 -0.52 32.63
C THR A 247 3.40 0.09 31.27
N ALA A 248 4.04 1.22 30.96
CA ALA A 248 3.90 1.81 29.63
C ALA A 248 4.49 0.89 28.57
N PHE A 249 5.65 0.28 28.85
CA PHE A 249 6.19 -0.66 27.87
C PHE A 249 5.23 -1.81 27.63
N LYS A 250 4.78 -2.46 28.71
CA LYS A 250 3.90 -3.62 28.56
C LYS A 250 2.61 -3.21 27.86
N GLU A 251 2.11 -2.02 28.17
CA GLU A 251 0.95 -1.51 27.48
C GLU A 251 1.21 -1.42 25.98
N PHE A 252 2.33 -0.79 25.62
CA PHE A 252 2.65 -0.62 24.21
C PHE A 252 2.87 -1.96 23.55
N PHE A 253 3.53 -2.88 24.27
CA PHE A 253 3.85 -4.16 23.67
C PHE A 253 2.62 -5.02 23.46
N GLN A 254 1.67 -4.98 24.41
CA GLN A 254 0.42 -5.73 24.19
C GLN A 254 -0.41 -5.12 23.06
N ALA A 255 -0.40 -3.79 22.94
CA ALA A 255 -1.09 -3.20 21.79
C ALA A 255 -0.47 -3.68 20.48
N ARG A 256 0.87 -3.85 20.46
CA ARG A 256 1.51 -4.33 19.25
C ARG A 256 1.21 -5.80 19.01
N LEU A 257 1.21 -6.63 20.08
CA LEU A 257 0.77 -8.01 19.90
C LEU A 257 -0.66 -8.05 19.37
N ASP A 258 -1.54 -7.21 19.90
CA ASP A 258 -2.92 -7.22 19.42
C ASP A 258 -2.97 -6.91 17.92
N ASP A 259 -2.13 -5.99 17.45
CA ASP A 259 -2.02 -5.67 16.02
C ASP A 259 -1.64 -6.91 15.22
N MET A 260 -0.62 -7.63 15.69
CA MET A 260 -0.16 -8.83 14.98
C MET A 260 -1.27 -9.87 14.92
N ILE A 261 -1.96 -10.08 16.03
CA ILE A 261 -3.02 -11.08 16.10
C ILE A 261 -4.12 -10.73 15.12
N GLU A 262 -4.53 -9.47 15.13
CA GLU A 262 -5.59 -9.02 14.24
C GLU A 262 -5.22 -9.26 12.77
N ASP A 263 -4.01 -8.89 12.37
CA ASP A 263 -3.58 -9.16 11.01
C ASP A 263 -3.58 -10.66 10.72
N ILE A 264 -3.14 -11.47 11.68
CA ILE A 264 -3.02 -12.91 11.45
C ILE A 264 -4.39 -13.55 11.27
N GLU A 265 -5.35 -13.20 12.13
CA GLU A 265 -6.66 -13.82 11.99
C GLU A 265 -7.35 -13.37 10.69
N CYS A 266 -7.09 -12.13 10.25
CA CYS A 266 -7.61 -11.69 8.95
C CYS A 266 -6.89 -12.40 7.79
N ILE A 267 -5.60 -12.67 7.93
CA ILE A 267 -4.89 -13.39 6.88
C ILE A 267 -5.52 -14.76 6.63
N LYS A 268 -6.16 -15.34 7.65
CA LYS A 268 -6.74 -16.67 7.50
C LYS A 268 -8.06 -16.65 6.75
N ALA A 269 -8.51 -15.48 6.30
CA ALA A 269 -9.59 -15.42 5.33
C ALA A 269 -9.10 -15.51 3.90
N PHE A 270 -7.79 -15.40 3.67
CA PHE A 270 -7.26 -15.53 2.33
C PHE A 270 -7.25 -17.01 1.93
N ASP A 271 -7.01 -17.28 0.65
CA ASP A 271 -6.99 -18.66 0.16
C ASP A 271 -5.84 -19.41 0.82
N GLN A 272 -5.98 -20.74 0.91
CA GLN A 272 -5.10 -21.50 1.81
C GLN A 272 -3.62 -21.42 1.42
N LEU A 273 -3.31 -21.33 0.13
CA LEU A 273 -1.90 -21.21 -0.22
C LEU A 273 -1.36 -19.83 0.12
N THR A 274 -2.16 -18.80 -0.15
CA THR A 274 -1.71 -17.45 0.13
C THR A 274 -1.49 -17.24 1.62
N GLN A 275 -2.42 -17.70 2.45
CA GLN A 275 -2.25 -17.49 3.88
C GLN A 275 -1.03 -18.25 4.40
N ASP A 276 -0.73 -19.42 3.83
CA ASP A 276 0.52 -20.10 4.16
C ASP A 276 1.71 -19.20 3.93
N VAL A 277 1.79 -18.59 2.73
CA VAL A 277 2.92 -17.74 2.39
C VAL A 277 3.00 -16.53 3.32
N PHE A 278 1.85 -15.87 3.59
CA PHE A 278 1.89 -14.72 4.49
C PHE A 278 2.37 -15.13 5.88
N LEU A 279 1.80 -16.20 6.42
CA LEU A 279 2.08 -16.59 7.81
C LEU A 279 3.50 -17.14 7.96
N ASP A 280 3.95 -17.94 6.99
CA ASP A 280 5.35 -18.39 7.02
C ASP A 280 6.29 -17.19 6.99
N LEU A 281 5.90 -16.13 6.29
CA LEU A 281 6.74 -14.94 6.22
C LEU A 281 6.88 -14.28 7.59
N ILE A 282 5.76 -14.06 8.29
CA ILE A 282 5.82 -13.37 9.57
C ILE A 282 6.50 -14.25 10.63
N TYR A 283 6.09 -15.51 10.70
CA TYR A 283 6.64 -16.42 11.72
C TYR A 283 8.10 -16.78 11.41
N GLY A 284 8.42 -17.01 10.14
CA GLY A 284 9.81 -17.25 9.78
C GLY A 284 10.71 -16.08 10.06
N ASN A 285 10.23 -14.84 9.84
CA ASN A 285 11.04 -13.69 10.18
C ASN A 285 11.36 -13.68 11.67
N PHE A 286 10.40 -14.07 12.50
CA PHE A 286 10.64 -14.14 13.93
C PHE A 286 11.70 -15.20 14.25
N VAL A 287 11.59 -16.38 13.66
CA VAL A 287 12.56 -17.45 13.97
C VAL A 287 13.96 -17.02 13.56
N TRP A 288 14.09 -16.46 12.35
CA TRP A 288 15.37 -15.96 11.87
C TRP A 288 15.90 -14.83 12.74
N THR A 289 15.05 -13.85 13.08
CA THR A 289 15.47 -12.71 13.89
C THR A 289 16.03 -13.16 15.24
N THR A 290 15.34 -14.09 15.92
CA THR A 290 15.82 -14.59 17.21
C THR A 290 17.02 -15.53 17.10
N SER A 291 17.36 -15.99 15.90
CA SER A 291 18.47 -16.92 15.70
C SER A 291 19.74 -16.21 15.25
N ASN A 292 19.65 -14.93 14.87
CA ASN A 292 20.66 -14.26 14.06
C ASN A 292 21.45 -13.27 14.91
N LYS A 293 22.79 -13.36 14.83
CA LYS A 293 23.67 -12.47 15.56
C LYS A 293 23.40 -11.01 15.25
N ARG A 294 22.86 -10.73 14.06
CA ARG A 294 22.53 -9.36 13.67
C ARG A 294 21.66 -8.67 14.71
N TYR A 295 20.82 -9.42 15.41
CA TYR A 295 19.81 -8.82 16.29
C TYR A 295 20.11 -8.98 17.76
N LYS A 296 21.27 -8.52 18.21
CA LYS A 296 21.68 -8.65 19.60
C LYS A 296 22.52 -7.46 20.07
N THR A 297 23.83 -7.68 20.27
CA THR A 297 24.83 -6.64 20.50
C THR A 297 24.72 -5.52 19.46
N ALA A 298 24.83 -4.28 19.94
CA ALA A 298 24.78 -3.13 19.06
C ALA A 298 25.81 -3.24 17.94
N VAL A 299 27.10 -3.22 18.29
CA VAL A 299 28.15 -3.25 17.28
C VAL A 299 28.69 -4.68 17.21
N ASN A 300 28.55 -5.33 16.06
CA ASN A 300 29.22 -6.61 15.81
C ASN A 300 29.43 -6.76 14.30
N ASP A 301 30.06 -7.86 13.91
CA ASP A 301 30.56 -7.96 12.53
C ASP A 301 29.50 -8.35 11.50
N VAL A 302 28.23 -8.46 11.87
CA VAL A 302 27.15 -8.63 10.90
C VAL A 302 26.02 -7.63 11.08
N ASN A 303 26.21 -6.53 11.81
CA ASN A 303 25.25 -5.43 11.75
C ASN A 303 25.91 -4.06 11.83
N SER A 304 27.24 -4.01 11.86
CA SER A 304 27.96 -2.75 11.88
C SER A 304 27.67 -1.99 10.59
N ARG A 305 27.84 -0.68 10.63
CA ARG A 305 27.61 0.10 9.42
C ARG A 305 28.56 -0.38 8.32
N ILE A 306 28.29 0.08 7.10
CA ILE A 306 29.19 -0.17 5.98
C ILE A 306 29.67 1.19 5.49
N GLN A 307 30.93 1.52 5.78
CA GLN A 307 31.41 2.88 5.57
C GLN A 307 32.90 2.91 5.23
N GLY B 9 -31.58 -9.19 5.22
CA GLY B 9 -32.77 -9.84 4.71
C GLY B 9 -34.05 -9.11 5.05
N ALA B 10 -33.99 -8.31 6.12
CA ALA B 10 -35.19 -7.63 6.61
C ALA B 10 -35.07 -6.11 6.46
N GLN B 11 -35.47 -5.30 7.44
CA GLN B 11 -35.02 -3.91 7.43
C GLN B 11 -34.80 -3.34 8.83
N ASP B 12 -33.53 -3.25 9.22
CA ASP B 12 -33.07 -2.28 10.20
C ASP B 12 -33.00 -0.93 9.49
N ILE B 13 -34.17 -0.30 9.36
CA ILE B 13 -34.28 0.99 8.66
C ILE B 13 -33.30 2.00 9.25
N GLY B 14 -33.28 2.13 10.58
CA GLY B 14 -32.50 3.19 11.21
C GLY B 14 -31.00 3.05 10.99
N ARG B 15 -30.56 1.89 10.53
CA ARG B 15 -29.16 1.72 10.22
C ARG B 15 -28.88 1.75 8.72
N SER B 16 -29.89 1.99 7.90
CA SER B 16 -29.71 2.00 6.45
C SER B 16 -29.62 3.41 5.86
N SER B 17 -29.28 4.42 6.66
CA SER B 17 -29.18 5.79 6.14
C SER B 17 -28.36 6.65 7.09
N VAL B 18 -27.54 7.54 6.54
CA VAL B 18 -26.89 8.58 7.34
C VAL B 18 -27.58 9.93 7.15
N ARG B 19 -28.75 9.94 6.53
CA ARG B 19 -29.44 11.19 6.23
C ARG B 19 -29.70 12.07 7.44
N PRO B 20 -30.02 11.56 8.63
CA PRO B 20 -30.15 12.45 9.81
C PRO B 20 -28.88 13.20 10.17
N TYR B 21 -27.73 12.77 9.68
CA TYR B 21 -26.45 13.39 10.02
C TYR B 21 -25.89 14.27 8.90
N LEU B 22 -26.61 14.36 7.79
CA LEU B 22 -26.02 14.95 6.57
C LEU B 22 -25.53 16.38 6.82
N GLU B 23 -26.40 17.26 7.32
CA GLU B 23 -26.00 18.66 7.43
C GLU B 23 -24.83 18.82 8.38
N GLU B 24 -24.91 18.22 9.56
CA GLU B 24 -23.89 18.48 10.56
C GLU B 24 -22.55 17.84 10.17
N CYS B 25 -22.57 16.66 9.54
CA CYS B 25 -21.32 16.06 9.09
C CYS B 25 -20.70 16.87 7.94
N THR B 26 -21.51 17.37 7.01
CA THR B 26 -20.95 18.20 5.95
C THR B 26 -20.29 19.43 6.54
N ARG B 27 -20.98 20.10 7.45
CA ARG B 27 -20.43 21.22 8.20
C ARG B 27 -19.11 20.85 8.86
N ARG B 28 -19.08 19.68 9.55
CA ARG B 28 -17.88 19.20 10.22
C ARG B 28 -16.71 19.04 9.25
N PHE B 29 -16.92 18.26 8.18
CA PHE B 29 -15.89 18.08 7.16
C PHE B 29 -15.34 19.43 6.71
N GLN B 30 -16.22 20.35 6.35
CA GLN B 30 -15.78 21.63 5.82
C GLN B 30 -14.96 22.40 6.85
N GLU B 31 -15.41 22.41 8.11
CA GLU B 31 -14.65 23.11 9.15
C GLU B 31 -13.27 22.50 9.29
N MET B 32 -13.19 21.18 9.20
CA MET B 32 -11.90 20.50 9.29
C MET B 32 -10.98 20.96 8.18
N PHE B 33 -11.45 20.90 6.92
CA PHE B 33 -10.64 21.36 5.80
C PHE B 33 -10.24 22.82 5.94
N ASP B 34 -11.15 23.66 6.45
CA ASP B 34 -10.86 25.09 6.60
C ASP B 34 -9.74 25.31 7.61
N ARG B 35 -9.75 24.53 8.69
CA ARG B 35 -8.72 24.64 9.72
C ARG B 35 -7.38 24.08 9.25
N HIS B 36 -7.38 22.93 8.58
CA HIS B 36 -6.12 22.21 8.34
C HIS B 36 -5.58 22.30 6.92
N VAL B 37 -6.42 22.57 5.91
CA VAL B 37 -5.97 22.62 4.52
C VAL B 37 -6.00 24.05 3.98
N VAL B 38 -7.06 24.80 4.27
CA VAL B 38 -7.23 26.19 3.87
C VAL B 38 -7.30 26.32 2.35
N THR B 39 -6.20 26.01 1.65
CA THR B 39 -6.16 26.08 0.20
C THR B 39 -7.38 25.36 -0.36
N ARG B 40 -8.23 26.13 -1.02
CA ARG B 40 -9.46 25.62 -1.57
C ARG B 40 -9.16 24.96 -2.92
N PRO B 41 -9.77 23.80 -3.22
CA PRO B 41 -9.48 23.16 -4.51
C PRO B 41 -9.86 24.06 -5.67
N THR B 42 -9.11 23.89 -6.75
CA THR B 42 -9.36 24.57 -8.03
C THR B 42 -10.02 23.56 -8.94
N LYS B 43 -10.62 24.02 -10.02
CA LYS B 43 -11.22 23.13 -11.00
C LYS B 43 -10.50 23.28 -12.34
N VAL B 44 -9.92 22.19 -12.85
CA VAL B 44 -9.43 22.17 -14.23
C VAL B 44 -10.61 22.51 -15.14
N GLU B 45 -10.41 23.44 -16.06
CA GLU B 45 -11.52 23.89 -16.89
C GLU B 45 -11.40 23.23 -18.25
N LEU B 46 -12.40 22.41 -18.58
CA LEU B 46 -12.57 21.84 -19.93
C LEU B 46 -13.90 22.32 -20.50
N THR B 47 -13.95 22.44 -21.82
CA THR B 47 -15.14 22.95 -22.48
C THR B 47 -16.09 21.80 -22.84
N ASP B 48 -17.15 22.10 -23.60
CA ASP B 48 -17.95 21.00 -24.13
C ASP B 48 -17.34 20.44 -25.42
N ALA B 49 -16.73 21.31 -26.24
CA ALA B 49 -15.77 20.82 -27.20
C ALA B 49 -14.78 19.85 -26.54
N GLU B 50 -14.06 20.35 -25.53
CA GLU B 50 -12.89 19.65 -24.99
C GLU B 50 -13.26 18.36 -24.28
N LEU B 51 -14.41 18.36 -23.60
CA LEU B 51 -14.86 17.13 -22.98
C LEU B 51 -15.13 16.07 -24.04
N ARG B 52 -15.58 16.47 -25.24
CA ARG B 52 -15.83 15.49 -26.30
C ARG B 52 -14.58 14.69 -26.61
N GLU B 53 -13.41 15.30 -26.48
CA GLU B 53 -12.16 14.57 -26.69
C GLU B 53 -11.99 13.45 -25.68
N VAL B 54 -12.39 13.69 -24.43
CA VAL B 54 -12.27 12.67 -23.39
C VAL B 54 -13.45 11.69 -23.48
N ILE B 55 -14.66 12.22 -23.68
CA ILE B 55 -15.84 11.37 -23.76
C ILE B 55 -15.74 10.43 -24.97
N ASP B 56 -15.14 10.89 -26.07
CA ASP B 56 -14.85 10.02 -27.19
C ASP B 56 -14.16 8.73 -26.77
N ASP B 57 -12.96 8.84 -26.19
CA ASP B 57 -12.20 7.66 -25.80
C ASP B 57 -12.92 6.89 -24.72
N CYS B 58 -13.70 7.58 -23.87
CA CYS B 58 -14.49 6.89 -22.85
C CYS B 58 -15.52 5.96 -23.47
N ASN B 59 -16.22 6.41 -24.50
CA ASN B 59 -17.26 5.59 -25.08
C ASN B 59 -16.68 4.46 -25.91
N ALA B 60 -15.59 4.74 -26.63
CA ALA B 60 -14.95 3.66 -27.38
C ALA B 60 -14.50 2.54 -26.44
N ALA B 61 -14.04 2.91 -25.24
CA ALA B 61 -13.43 1.91 -24.36
C ALA B 61 -14.48 0.99 -23.75
N VAL B 62 -15.65 1.50 -23.43
CA VAL B 62 -16.67 0.66 -22.82
C VAL B 62 -17.63 0.07 -23.84
N ALA B 63 -17.59 0.57 -25.08
CA ALA B 63 -18.42 0.00 -26.16
C ALA B 63 -18.33 -1.52 -26.24
N PRO B 64 -17.16 -2.15 -26.25
CA PRO B 64 -17.14 -3.62 -26.32
C PRO B 64 -17.78 -4.31 -25.12
N LEU B 65 -18.19 -3.56 -24.09
CA LEU B 65 -18.93 -4.16 -22.99
C LEU B 65 -20.44 -4.15 -23.21
N GLY B 66 -20.96 -3.35 -24.16
CA GLY B 66 -22.32 -3.45 -24.61
C GLY B 66 -23.35 -2.57 -23.91
N LYS B 67 -22.93 -1.48 -23.26
CA LYS B 67 -23.83 -0.66 -22.47
C LYS B 67 -23.65 0.79 -22.82
N THR B 68 -24.75 1.49 -22.99
CA THR B 68 -24.75 2.92 -23.22
C THR B 68 -24.47 3.65 -21.92
N VAL B 69 -23.60 4.66 -21.99
CA VAL B 69 -23.36 5.56 -20.88
C VAL B 69 -23.64 6.98 -21.37
N SER B 70 -24.58 7.67 -20.70
CA SER B 70 -24.98 9.01 -21.09
C SER B 70 -23.89 10.02 -20.75
N ASP B 71 -23.89 11.15 -21.48
CA ASP B 71 -22.89 12.18 -21.22
C ASP B 71 -23.00 12.72 -19.80
N GLU B 72 -24.22 12.80 -19.24
CA GLU B 72 -24.33 13.27 -17.87
C GLU B 72 -23.72 12.25 -16.90
N ARG B 73 -23.81 10.96 -17.22
CA ARG B 73 -23.17 9.97 -16.38
C ARG B 73 -21.65 10.08 -16.47
N TRP B 74 -21.13 10.23 -17.69
CA TRP B 74 -19.70 10.52 -17.83
C TRP B 74 -19.33 11.76 -17.04
N ILE B 75 -20.20 12.80 -17.06
CA ILE B 75 -19.91 14.01 -16.31
C ILE B 75 -19.84 13.72 -14.81
N SER B 76 -20.75 12.89 -14.30
CA SER B 76 -20.73 12.54 -12.89
C SER B 76 -19.48 11.74 -12.53
N TYR B 77 -18.91 11.02 -13.48
CA TYR B 77 -17.65 10.32 -13.21
C TYR B 77 -16.47 11.28 -13.30
N VAL B 78 -16.45 12.15 -14.31
CA VAL B 78 -15.21 12.88 -14.63
C VAL B 78 -14.94 14.01 -13.64
N GLY B 79 -15.98 14.51 -12.95
CA GLY B 79 -15.80 15.64 -12.07
C GLY B 79 -14.73 15.44 -11.00
N VAL B 80 -14.54 14.20 -10.53
CA VAL B 80 -13.53 13.98 -9.50
C VAL B 80 -12.15 14.34 -10.02
N VAL B 81 -11.88 14.07 -11.30
CA VAL B 81 -10.59 14.45 -11.87
C VAL B 81 -10.50 15.96 -12.04
N LEU B 82 -11.59 16.59 -12.52
CA LEU B 82 -11.57 18.04 -12.73
C LEU B 82 -11.34 18.79 -11.42
N TRP B 83 -11.87 18.28 -10.30
CA TRP B 83 -11.80 18.98 -9.02
C TRP B 83 -10.64 18.57 -8.13
N SER B 84 -10.07 17.39 -8.33
CA SER B 84 -9.16 16.83 -7.32
C SER B 84 -7.74 16.63 -7.82
N GLN B 85 -7.40 17.14 -9.00
CA GLN B 85 -6.00 17.25 -9.38
C GLN B 85 -5.48 18.58 -8.83
N SER B 86 -4.37 19.07 -9.36
CA SER B 86 -3.74 20.30 -8.87
C SER B 86 -3.43 21.13 -10.11
N PRO B 87 -4.39 21.93 -10.59
CA PRO B 87 -4.24 22.55 -11.92
C PRO B 87 -3.00 23.42 -12.08
N ARG B 88 -2.55 24.08 -11.01
CA ARG B 88 -1.41 24.98 -11.17
C ARG B 88 -0.11 24.22 -11.43
N HIS B 89 -0.07 22.91 -11.18
CA HIS B 89 1.14 22.12 -11.35
C HIS B 89 1.10 21.21 -12.56
N ILE B 90 0.01 21.25 -13.34
CA ILE B 90 -0.08 20.40 -14.52
C ILE B 90 1.05 20.73 -15.49
N LYS B 91 1.68 19.70 -16.02
CA LYS B 91 2.68 19.86 -17.07
C LYS B 91 2.36 19.09 -18.34
N ASP B 92 1.39 18.17 -18.30
CA ASP B 92 1.10 17.30 -19.44
C ASP B 92 -0.41 17.10 -19.52
N MET B 93 -1.10 17.88 -20.37
CA MET B 93 -2.54 17.71 -20.53
C MET B 93 -2.91 16.40 -21.20
N GLU B 94 -2.00 15.77 -21.95
CA GLU B 94 -2.21 14.40 -22.41
C GLU B 94 -2.47 13.45 -21.25
N ALA B 95 -1.54 13.39 -20.30
CA ALA B 95 -1.73 12.57 -19.11
C ALA B 95 -3.00 12.95 -18.37
N PHE B 96 -3.29 14.25 -18.26
CA PHE B 96 -4.49 14.65 -17.55
C PHE B 96 -5.75 14.08 -18.20
N LYS B 97 -5.82 14.13 -19.53
CA LYS B 97 -6.95 13.53 -20.25
C LYS B 97 -6.97 12.01 -20.08
N ALA B 98 -5.79 11.37 -20.13
CA ALA B 98 -5.72 9.94 -19.85
C ALA B 98 -6.38 9.62 -18.51
N VAL B 99 -6.08 10.41 -17.47
CA VAL B 99 -6.65 10.15 -16.16
C VAL B 99 -8.15 10.40 -16.16
N CYS B 100 -8.62 11.41 -16.92
CA CYS B 100 -10.05 11.57 -17.10
C CYS B 100 -10.68 10.31 -17.69
N VAL B 101 -10.11 9.79 -18.77
CA VAL B 101 -10.68 8.61 -19.41
C VAL B 101 -10.56 7.39 -18.49
N LEU B 102 -9.35 7.14 -17.97
CA LEU B 102 -9.13 5.94 -17.17
C LEU B 102 -10.00 5.95 -15.91
N ASN B 103 -10.07 7.09 -15.24
CA ASN B 103 -11.00 7.22 -14.11
C ASN B 103 -12.41 6.85 -14.51
N CYS B 104 -12.90 7.40 -15.64
CA CYS B 104 -14.32 7.23 -15.97
C CYS B 104 -14.66 5.79 -16.34
N VAL B 105 -13.83 5.16 -17.18
CA VAL B 105 -14.22 3.83 -17.63
C VAL B 105 -14.08 2.81 -16.51
N THR B 106 -13.15 3.01 -15.57
CA THR B 106 -13.08 2.12 -14.41
C THR B 106 -14.20 2.42 -13.41
N PHE B 107 -14.73 3.64 -13.41
CA PHE B 107 -15.95 3.92 -12.67
C PHE B 107 -17.12 3.08 -13.20
N VAL B 108 -17.25 3.00 -14.53
CA VAL B 108 -18.28 2.15 -15.12
C VAL B 108 -18.11 0.71 -14.62
N TRP B 109 -16.87 0.21 -14.67
CA TRP B 109 -16.58 -1.16 -14.21
C TRP B 109 -16.99 -1.35 -12.77
N ASP B 110 -16.73 -0.34 -11.92
CA ASP B 110 -17.14 -0.35 -10.52
C ASP B 110 -18.65 -0.47 -10.37
N ASP B 111 -19.43 0.15 -11.26
CA ASP B 111 -20.88 0.17 -11.18
C ASP B 111 -21.55 -1.02 -11.87
N MET B 112 -20.79 -1.83 -12.60
CA MET B 112 -21.35 -2.93 -13.35
C MET B 112 -21.63 -4.15 -12.47
N ASP B 113 -22.79 -4.77 -12.70
CA ASP B 113 -22.95 -6.16 -12.30
C ASP B 113 -21.79 -6.97 -12.87
N PRO B 114 -21.19 -7.86 -12.08
CA PRO B 114 -19.93 -8.49 -12.52
C PRO B 114 -20.11 -9.52 -13.62
N ALA B 115 -21.30 -9.60 -14.24
CA ALA B 115 -21.49 -10.45 -15.40
C ALA B 115 -21.18 -9.71 -16.70
N LEU B 116 -21.20 -8.37 -16.69
CA LEU B 116 -20.71 -7.58 -17.82
C LEU B 116 -19.20 -7.47 -17.83
N HIS B 117 -18.54 -7.80 -16.72
CA HIS B 117 -17.08 -7.79 -16.66
C HIS B 117 -16.57 -8.80 -17.67
N ASP B 118 -15.96 -8.32 -18.75
CA ASP B 118 -15.28 -9.22 -19.70
C ASP B 118 -13.85 -8.74 -19.85
N PHE B 119 -12.94 -9.41 -19.14
CA PHE B 119 -11.53 -9.02 -19.18
C PHE B 119 -10.97 -9.10 -20.59
N GLY B 120 -11.27 -10.19 -21.30
CA GLY B 120 -10.73 -10.35 -22.65
C GLY B 120 -11.17 -9.24 -23.60
N LEU B 121 -12.28 -8.60 -23.29
CA LEU B 121 -12.73 -7.51 -24.13
C LEU B 121 -12.28 -6.15 -23.60
N PHE B 122 -12.25 -5.98 -22.28
CA PHE B 122 -12.02 -4.66 -21.72
C PHE B 122 -10.54 -4.32 -21.55
N LEU B 123 -9.70 -5.28 -21.15
CA LEU B 123 -8.29 -4.97 -20.99
C LEU B 123 -7.63 -4.45 -22.26
N PRO B 124 -7.90 -4.98 -23.47
CA PRO B 124 -7.30 -4.36 -24.68
C PRO B 124 -7.68 -2.90 -24.89
N GLN B 125 -8.88 -2.48 -24.46
CA GLN B 125 -9.26 -1.07 -24.54
C GLN B 125 -8.43 -0.22 -23.58
N LEU B 126 -8.23 -0.71 -22.36
CA LEU B 126 -7.46 0.05 -21.37
C LEU B 126 -6.03 0.25 -21.84
N ARG B 127 -5.44 -0.76 -22.50
CA ARG B 127 -4.08 -0.60 -22.95
C ARG B 127 -3.99 0.33 -24.16
N LYS B 128 -5.01 0.33 -25.02
CA LYS B 128 -4.99 1.25 -26.15
C LYS B 128 -5.17 2.70 -25.67
N ILE B 129 -5.81 2.90 -24.53
CA ILE B 129 -5.88 4.24 -23.96
C ILE B 129 -4.54 4.64 -23.40
N CYS B 130 -3.91 3.74 -22.63
CA CYS B 130 -2.62 4.05 -22.04
C CYS B 130 -1.56 4.30 -23.11
N GLU B 131 -1.53 3.45 -24.15
CA GLU B 131 -0.45 3.55 -25.12
C GLU B 131 -0.61 4.75 -26.03
N LYS B 132 -1.73 5.49 -25.92
CA LYS B 132 -1.97 6.66 -26.76
C LYS B 132 -1.59 7.97 -26.06
N TYR B 133 -1.63 8.00 -24.73
CA TYR B 133 -1.46 9.25 -24.00
C TYR B 133 -0.14 9.33 -23.24
N TYR B 134 0.43 8.20 -22.86
CA TYR B 134 1.70 8.17 -22.16
C TYR B 134 2.77 7.58 -23.08
N GLY B 135 4.03 7.83 -22.75
CA GLY B 135 5.12 7.16 -23.44
C GLY B 135 5.15 5.68 -23.10
N PRO B 136 6.25 5.02 -23.38
CA PRO B 136 6.32 3.57 -23.11
C PRO B 136 6.16 3.20 -21.65
N GLU B 137 7.05 3.66 -20.76
CA GLU B 137 7.05 3.13 -19.40
C GLU B 137 5.91 3.70 -18.56
N ASP B 138 5.56 4.98 -18.74
CA ASP B 138 4.36 5.48 -18.06
C ASP B 138 3.12 4.70 -18.46
N ALA B 139 3.05 4.28 -19.73
CA ALA B 139 1.92 3.48 -20.17
C ALA B 139 1.90 2.12 -19.49
N GLU B 140 3.07 1.48 -19.35
CA GLU B 140 3.09 0.21 -18.64
C GLU B 140 2.66 0.39 -17.18
N VAL B 141 3.03 1.51 -16.56
CA VAL B 141 2.65 1.73 -15.16
C VAL B 141 1.16 2.03 -15.05
N ALA B 142 0.63 2.89 -15.93
CA ALA B 142 -0.80 3.21 -15.85
C ALA B 142 -1.65 1.99 -16.17
N TYR B 143 -1.30 1.25 -17.24
CA TYR B 143 -2.07 0.04 -17.56
C TYR B 143 -2.03 -0.98 -16.41
N GLU B 144 -0.83 -1.28 -15.87
CA GLU B 144 -0.78 -2.25 -14.78
C GLU B 144 -1.63 -1.80 -13.59
N ALA B 145 -1.58 -0.52 -13.26
CA ALA B 145 -2.42 -0.03 -12.18
C ALA B 145 -3.91 -0.15 -12.52
N ALA B 146 -4.27 0.13 -13.79
CA ALA B 146 -5.67 -0.01 -14.19
C ALA B 146 -6.10 -1.48 -14.17
N ARG B 147 -5.29 -2.35 -14.79
CA ARG B 147 -5.54 -3.78 -14.74
C ARG B 147 -5.68 -4.28 -13.31
N ALA B 148 -4.76 -3.87 -12.44
CA ALA B 148 -4.81 -4.33 -11.05
C ALA B 148 -6.07 -3.83 -10.36
N PHE B 149 -6.49 -2.60 -10.64
CA PHE B 149 -7.72 -2.11 -10.04
C PHE B 149 -8.93 -2.90 -10.54
N VAL B 150 -9.08 -3.05 -11.87
CA VAL B 150 -10.29 -3.71 -12.35
C VAL B 150 -10.29 -5.19 -11.98
N THR B 151 -9.12 -5.82 -11.94
CA THR B 151 -9.04 -7.19 -11.45
C THR B 151 -9.40 -7.28 -9.98
N SER B 152 -8.93 -6.32 -9.18
CA SER B 152 -9.29 -6.26 -7.76
C SER B 152 -10.80 -6.08 -7.59
N ASP B 153 -11.40 -5.09 -8.27
CA ASP B 153 -12.82 -4.89 -8.09
C ASP B 153 -13.61 -6.13 -8.46
N HIS B 154 -13.19 -6.82 -9.52
CA HIS B 154 -13.87 -8.04 -9.90
C HIS B 154 -13.62 -9.17 -8.90
N MET B 155 -12.36 -9.47 -8.58
CA MET B 155 -12.11 -10.69 -7.80
C MET B 155 -12.53 -10.52 -6.34
N PHE B 156 -12.88 -9.31 -5.89
CA PHE B 156 -13.38 -9.19 -4.52
C PHE B 156 -14.90 -9.05 -4.43
N ARG B 157 -15.66 -9.30 -5.49
CA ARG B 157 -17.12 -9.17 -5.39
C ARG B 157 -17.73 -10.22 -4.47
N ASP B 158 -17.21 -11.45 -4.49
CA ASP B 158 -17.74 -12.49 -3.60
C ASP B 158 -16.64 -13.07 -2.69
N SER B 159 -15.71 -12.23 -2.23
CA SER B 159 -14.49 -12.71 -1.58
C SER B 159 -14.60 -12.64 -0.05
N PRO B 160 -14.25 -13.73 0.63
CA PRO B 160 -14.17 -13.66 2.10
C PRO B 160 -13.12 -12.68 2.57
N ILE B 161 -12.09 -12.43 1.78
CA ILE B 161 -11.12 -11.40 2.15
C ILE B 161 -11.87 -10.08 2.35
N LYS B 162 -12.76 -9.75 1.43
CA LYS B 162 -13.49 -8.49 1.53
C LYS B 162 -14.34 -8.46 2.80
N ALA B 163 -15.07 -9.54 3.07
CA ALA B 163 -15.88 -9.62 4.27
C ALA B 163 -15.02 -9.44 5.53
N ALA B 164 -13.90 -10.15 5.62
CA ALA B 164 -13.07 -10.03 6.81
C ALA B 164 -12.45 -8.63 6.91
N LEU B 165 -11.92 -8.10 5.81
CA LEU B 165 -11.23 -6.81 5.89
C LEU B 165 -12.20 -5.66 6.11
N CYS B 166 -13.43 -5.79 5.67
CA CYS B 166 -14.37 -4.68 5.81
C CYS B 166 -15.13 -4.71 7.11
N THR B 167 -15.25 -5.88 7.77
CA THR B 167 -16.08 -6.03 8.94
C THR B 167 -15.29 -6.18 10.25
N THR B 168 -13.97 -6.03 10.25
CA THR B 168 -13.18 -6.33 11.45
C THR B 168 -12.72 -5.09 12.20
N SER B 169 -12.13 -4.11 11.53
CA SER B 169 -11.70 -2.88 12.20
C SER B 169 -11.47 -1.80 11.15
N PRO B 170 -11.41 -0.53 11.56
CA PRO B 170 -11.07 0.53 10.58
C PRO B 170 -9.70 0.33 9.94
N GLU B 171 -8.70 -0.17 10.68
CA GLU B 171 -7.39 -0.40 10.08
C GLU B 171 -7.44 -1.48 8.98
N GLN B 172 -8.12 -2.62 9.23
CA GLN B 172 -8.23 -3.62 8.17
C GLN B 172 -8.96 -3.04 6.95
N TYR B 173 -10.00 -2.27 7.21
CA TYR B 173 -10.82 -1.73 6.14
C TYR B 173 -10.02 -0.77 5.26
N PHE B 174 -9.34 0.20 5.87
CA PHE B 174 -8.60 1.17 5.07
C PHE B 174 -7.46 0.52 4.31
N ARG B 175 -6.89 -0.56 4.88
CA ARG B 175 -5.91 -1.33 4.14
C ARG B 175 -6.48 -1.88 2.84
N PHE B 176 -7.71 -2.38 2.86
CA PHE B 176 -8.37 -2.82 1.62
C PHE B 176 -8.55 -1.67 0.64
N ARG B 177 -8.88 -0.49 1.17
CA ARG B 177 -9.27 0.61 0.29
C ARG B 177 -8.10 1.30 -0.38
N VAL B 178 -6.87 1.09 0.11
CA VAL B 178 -5.71 1.65 -0.60
C VAL B 178 -5.80 1.31 -2.07
N THR B 179 -6.21 0.08 -2.39
CA THR B 179 -6.42 -0.36 -3.76
C THR B 179 -7.87 -0.17 -4.21
N ASP B 180 -8.82 -0.60 -3.39
CA ASP B 180 -10.20 -0.68 -3.85
C ASP B 180 -10.81 0.69 -4.10
N ILE B 181 -10.43 1.72 -3.36
CA ILE B 181 -10.97 3.03 -3.74
C ILE B 181 -10.23 3.60 -4.93
N GLY B 182 -9.28 2.88 -5.52
CA GLY B 182 -8.66 3.35 -6.76
C GLY B 182 -7.59 4.40 -6.59
N VAL B 183 -7.23 4.75 -5.35
CA VAL B 183 -6.28 5.86 -5.18
C VAL B 183 -4.85 5.43 -5.55
N ASP B 184 -4.45 4.20 -5.29
CA ASP B 184 -3.12 3.80 -5.76
C ASP B 184 -3.03 3.90 -7.27
N PHE B 185 -4.07 3.43 -7.97
CA PHE B 185 -4.18 3.56 -9.41
C PHE B 185 -4.12 5.03 -9.82
N TRP B 186 -4.94 5.85 -9.17
CA TRP B 186 -4.94 7.30 -9.39
C TRP B 186 -3.53 7.88 -9.36
N MET B 187 -2.76 7.56 -8.31
CA MET B 187 -1.43 8.14 -8.19
C MET B 187 -0.52 7.68 -9.32
N LYS B 188 -0.60 6.38 -9.66
CA LYS B 188 0.32 5.83 -10.65
C LYS B 188 -0.07 6.21 -12.07
N MET B 189 -1.27 6.76 -12.29
CA MET B 189 -1.59 7.33 -13.59
C MET B 189 -1.52 8.86 -13.60
N SER B 190 -1.46 9.51 -12.43
CA SER B 190 -1.43 10.96 -12.32
C SER B 190 -0.02 11.55 -12.27
N TYR B 191 1.00 10.79 -11.86
CA TYR B 191 2.33 11.40 -11.79
C TYR B 191 2.84 11.95 -13.12
N PRO B 192 2.51 11.37 -14.29
CA PRO B 192 2.96 12.03 -15.54
C PRO B 192 2.32 13.40 -15.77
N ILE B 193 1.21 13.70 -15.09
CA ILE B 193 0.64 15.04 -15.19
C ILE B 193 1.64 16.08 -14.71
N TYR B 194 2.34 15.80 -13.60
CA TYR B 194 3.15 16.76 -12.90
C TYR B 194 4.64 16.69 -13.24
N ARG B 195 5.12 15.55 -13.76
CA ARG B 195 6.53 15.33 -14.10
C ARG B 195 7.46 15.84 -13.01
N HIS B 196 7.12 15.50 -11.77
CA HIS B 196 7.84 15.95 -10.58
C HIS B 196 8.45 14.73 -9.89
N PRO B 197 9.78 14.53 -9.97
CA PRO B 197 10.35 13.24 -9.57
C PRO B 197 10.02 12.78 -8.15
N GLU B 198 9.99 13.70 -7.19
CA GLU B 198 9.64 13.34 -5.81
C GLU B 198 8.22 12.80 -5.72
N PHE B 199 7.25 13.47 -6.36
CA PHE B 199 5.90 12.93 -6.34
C PHE B 199 5.85 11.60 -7.06
N THR B 200 6.63 11.47 -8.13
CA THR B 200 6.67 10.24 -8.90
C THR B 200 7.15 9.07 -8.04
N GLU B 201 8.15 9.30 -7.19
CA GLU B 201 8.57 8.21 -6.31
C GLU B 201 7.48 7.86 -5.30
N HIS B 202 6.86 8.87 -4.66
CA HIS B 202 5.81 8.57 -3.70
C HIS B 202 4.64 7.85 -4.36
N ALA B 203 4.38 8.15 -5.64
CA ALA B 203 3.37 7.42 -6.38
C ALA B 203 3.78 5.97 -6.57
N LYS B 204 5.03 5.74 -6.97
CA LYS B 204 5.40 4.38 -7.33
C LYS B 204 5.64 3.49 -6.11
N THR B 205 5.98 4.06 -4.95
CA THR B 205 6.05 3.27 -3.72
C THR B 205 4.66 3.02 -3.12
N SER B 206 3.64 3.76 -3.57
CA SER B 206 2.30 3.77 -3.02
C SER B 206 2.21 4.51 -1.68
N LEU B 207 3.29 5.12 -1.20
CA LEU B 207 3.18 5.97 -0.02
C LEU B 207 2.20 7.13 -0.27
N ALA B 208 2.15 7.63 -1.50
CA ALA B 208 1.19 8.67 -1.84
C ALA B 208 -0.24 8.17 -1.61
N ALA B 209 -0.55 6.96 -2.08
CA ALA B 209 -1.87 6.38 -1.87
C ALA B 209 -2.14 6.12 -0.39
N ARG B 210 -1.14 5.60 0.32
CA ARG B 210 -1.36 5.32 1.74
C ARG B 210 -1.64 6.60 2.53
N MET B 211 -1.06 7.74 2.13
CA MET B 211 -1.29 8.98 2.88
C MET B 211 -2.68 9.55 2.63
N THR B 212 -3.27 9.28 1.48
CA THR B 212 -4.52 9.93 1.08
C THR B 212 -5.74 9.03 1.18
N THR B 213 -5.54 7.74 1.48
CA THR B 213 -6.65 6.78 1.46
C THR B 213 -7.75 7.14 2.45
N ARG B 214 -7.38 7.46 3.69
CA ARG B 214 -8.45 7.69 4.67
C ARG B 214 -9.26 8.94 4.34
N GLY B 215 -8.59 10.02 3.94
CA GLY B 215 -9.30 11.24 3.62
C GLY B 215 -10.28 11.06 2.48
N LEU B 216 -9.87 10.31 1.44
CA LEU B 216 -10.78 10.03 0.34
C LEU B 216 -11.91 9.11 0.79
N THR B 217 -11.55 8.04 1.49
CA THR B 217 -12.51 6.98 1.76
C THR B 217 -13.57 7.42 2.76
N ILE B 218 -13.17 8.11 3.82
CA ILE B 218 -14.12 8.50 4.84
C ILE B 218 -15.19 9.41 4.22
N VAL B 219 -14.76 10.35 3.39
CA VAL B 219 -15.71 11.23 2.69
C VAL B 219 -16.57 10.42 1.73
N ASN B 220 -15.95 9.60 0.87
CA ASN B 220 -16.75 8.80 -0.05
C ASN B 220 -17.75 7.94 0.70
N ASP B 221 -17.30 7.26 1.77
CA ASP B 221 -18.18 6.35 2.49
C ASP B 221 -19.38 7.07 3.07
N PHE B 222 -19.17 8.27 3.62
CA PHE B 222 -20.29 8.94 4.26
C PHE B 222 -21.39 9.23 3.25
N TYR B 223 -21.02 9.75 2.10
CA TYR B 223 -22.00 10.20 1.12
C TYR B 223 -22.49 9.09 0.20
N SER B 224 -21.83 7.91 0.17
CA SER B 224 -22.33 6.80 -0.62
C SER B 224 -22.95 5.71 0.24
N TYR B 225 -23.04 5.92 1.55
CA TYR B 225 -23.57 4.93 2.47
C TYR B 225 -24.99 4.49 2.09
N ASP B 226 -25.89 5.44 1.82
CA ASP B 226 -27.27 5.06 1.56
C ASP B 226 -27.38 4.18 0.33
N ARG B 227 -26.66 4.54 -0.73
CA ARG B 227 -26.69 3.73 -1.94
C ARG B 227 -26.13 2.34 -1.67
N GLU B 228 -24.97 2.28 -1.02
CA GLU B 228 -24.30 1.00 -0.87
C GLU B 228 -25.09 0.04 0.03
N VAL B 229 -25.67 0.55 1.11
CA VAL B 229 -26.48 -0.32 1.97
C VAL B 229 -27.72 -0.81 1.22
N SER B 230 -28.34 0.04 0.39
CA SER B 230 -29.53 -0.40 -0.33
C SER B 230 -29.18 -1.37 -1.46
N LEU B 231 -27.90 -1.51 -1.79
CA LEU B 231 -27.47 -2.49 -2.78
C LEU B 231 -26.76 -3.69 -2.16
N GLY B 232 -26.67 -3.75 -0.83
CA GLY B 232 -26.00 -4.85 -0.15
C GLY B 232 -24.49 -4.77 -0.16
N GLN B 233 -23.91 -3.64 -0.56
CA GLN B 233 -22.46 -3.51 -0.68
C GLN B 233 -21.84 -3.20 0.70
N ILE B 234 -20.83 -3.99 1.08
CA ILE B 234 -20.29 -3.92 2.44
C ILE B 234 -19.06 -3.03 2.55
N THR B 235 -18.55 -2.51 1.43
CA THR B 235 -17.29 -1.77 1.46
C THR B 235 -17.55 -0.31 1.86
N ASN B 236 -17.73 -0.09 3.17
CA ASN B 236 -18.07 1.22 3.71
C ASN B 236 -17.78 1.26 5.21
N CYS B 237 -16.91 2.16 5.66
CA CYS B 237 -16.49 2.11 7.06
C CYS B 237 -17.61 2.42 8.03
N PHE B 238 -18.66 3.14 7.61
CA PHE B 238 -19.74 3.39 8.56
C PHE B 238 -20.60 2.17 8.84
N ARG B 239 -20.42 1.06 8.10
CA ARG B 239 -21.04 -0.20 8.53
C ARG B 239 -20.36 -0.75 9.80
N LEU B 240 -19.19 -0.23 10.18
CA LEU B 240 -18.50 -0.70 11.37
C LEU B 240 -19.02 -0.06 12.67
N CYS B 241 -19.81 1.00 12.60
CA CYS B 241 -20.45 1.52 13.79
C CYS B 241 -21.95 1.30 13.64
N ASP B 242 -22.68 1.68 14.68
CA ASP B 242 -24.14 1.57 14.68
C ASP B 242 -24.69 2.95 14.33
N VAL B 243 -24.96 3.18 13.05
CA VAL B 243 -25.40 4.50 12.63
C VAL B 243 -26.80 4.83 13.15
N SER B 244 -27.59 3.84 13.56
CA SER B 244 -28.89 4.16 14.17
C SER B 244 -28.76 4.70 15.59
N ASP B 245 -27.57 4.67 16.15
CA ASP B 245 -27.30 5.10 17.51
C ASP B 245 -26.52 6.41 17.43
N GLU B 246 -27.19 7.53 17.74
CA GLU B 246 -26.57 8.85 17.54
C GLU B 246 -25.29 8.99 18.35
N THR B 247 -25.31 8.52 19.61
CA THR B 247 -24.09 8.46 20.42
C THR B 247 -22.97 7.75 19.68
N ALA B 248 -23.21 6.50 19.29
CA ALA B 248 -22.15 5.71 18.68
C ALA B 248 -21.71 6.32 17.37
N PHE B 249 -22.66 6.82 16.58
CA PHE B 249 -22.29 7.42 15.29
C PHE B 249 -21.35 8.59 15.50
N LYS B 250 -21.69 9.49 16.41
CA LYS B 250 -20.87 10.69 16.55
C LYS B 250 -19.48 10.38 17.05
N GLU B 251 -19.33 9.37 17.90
CA GLU B 251 -17.99 9.04 18.39
C GLU B 251 -17.16 8.38 17.30
N PHE B 252 -17.78 7.54 16.48
CA PHE B 252 -17.11 6.99 15.31
C PHE B 252 -16.73 8.09 14.33
N PHE B 253 -17.65 9.04 14.10
CA PHE B 253 -17.36 10.11 13.16
C PHE B 253 -16.18 10.96 13.64
N GLN B 254 -16.15 11.31 14.93
CA GLN B 254 -15.00 12.05 15.46
C GLN B 254 -13.72 11.25 15.32
N ALA B 255 -13.78 9.94 15.55
CA ALA B 255 -12.58 9.12 15.35
C ALA B 255 -12.12 9.21 13.90
N ARG B 256 -13.06 9.23 12.95
CA ARG B 256 -12.67 9.30 11.54
C ARG B 256 -12.14 10.70 11.18
N LEU B 257 -12.77 11.76 11.72
CA LEU B 257 -12.24 13.11 11.54
C LEU B 257 -10.81 13.22 12.04
N ASP B 258 -10.53 12.68 13.24
CA ASP B 258 -9.18 12.68 13.77
C ASP B 258 -8.21 11.96 12.83
N ASP B 259 -8.63 10.83 12.27
CA ASP B 259 -7.81 10.13 11.27
C ASP B 259 -7.44 11.07 10.12
N MET B 260 -8.43 11.79 9.61
CA MET B 260 -8.19 12.70 8.50
C MET B 260 -7.20 13.77 8.89
N ILE B 261 -7.39 14.37 10.06
CA ILE B 261 -6.52 15.43 10.56
C ILE B 261 -5.10 14.93 10.72
N GLU B 262 -4.94 13.75 11.31
CA GLU B 262 -3.59 13.23 11.48
C GLU B 262 -2.90 13.05 10.14
N ASP B 263 -3.60 12.49 9.15
CA ASP B 263 -3.01 12.32 7.82
C ASP B 263 -2.65 13.68 7.21
N ILE B 264 -3.55 14.64 7.33
CA ILE B 264 -3.28 15.94 6.71
C ILE B 264 -2.07 16.60 7.33
N GLU B 265 -1.95 16.56 8.67
CA GLU B 265 -0.79 17.17 9.32
C GLU B 265 0.52 16.47 8.96
N CYS B 266 0.51 15.15 8.76
CA CYS B 266 1.71 14.48 8.26
C CYS B 266 1.94 14.76 6.77
N ILE B 267 0.88 14.97 5.99
CA ILE B 267 1.09 15.34 4.60
C ILE B 267 1.86 16.65 4.51
N LYS B 268 1.69 17.53 5.52
CA LYS B 268 2.39 18.83 5.52
C LYS B 268 3.89 18.70 5.80
N ALA B 269 4.39 17.48 6.06
CA ALA B 269 5.83 17.24 6.10
C ALA B 269 6.42 16.98 4.72
N PHE B 270 5.61 16.64 3.73
CA PHE B 270 6.15 16.41 2.40
C PHE B 270 6.55 17.74 1.78
N ASP B 271 7.25 17.70 0.64
CA ASP B 271 7.67 18.93 -0.01
C ASP B 271 6.42 19.68 -0.49
N GLN B 272 6.59 20.97 -0.76
CA GLN B 272 5.42 21.82 -0.97
C GLN B 272 4.61 21.42 -2.20
N LEU B 273 5.26 20.96 -3.27
CA LEU B 273 4.48 20.54 -4.43
C LEU B 273 3.68 19.27 -4.11
N THR B 274 4.37 18.24 -3.62
CA THR B 274 3.68 16.99 -3.29
C THR B 274 2.53 17.23 -2.34
N GLN B 275 2.72 18.09 -1.34
CA GLN B 275 1.67 18.28 -0.35
C GLN B 275 0.47 19.02 -0.97
N ASP B 276 0.72 19.96 -1.88
CA ASP B 276 -0.39 20.57 -2.63
C ASP B 276 -1.21 19.50 -3.35
N VAL B 277 -0.52 18.60 -4.06
CA VAL B 277 -1.20 17.55 -4.81
C VAL B 277 -2.04 16.68 -3.88
N PHE B 278 -1.43 16.19 -2.80
CA PHE B 278 -2.16 15.33 -1.86
C PHE B 278 -3.40 16.04 -1.30
N LEU B 279 -3.24 17.30 -0.88
CA LEU B 279 -4.34 17.98 -0.20
C LEU B 279 -5.45 18.36 -1.18
N ASP B 280 -5.09 18.75 -2.41
CA ASP B 280 -6.11 19.02 -3.42
C ASP B 280 -6.91 17.76 -3.71
N LEU B 281 -6.26 16.60 -3.72
CA LEU B 281 -6.97 15.35 -3.94
C LEU B 281 -8.03 15.13 -2.86
N ILE B 282 -7.63 15.25 -1.59
CA ILE B 282 -8.58 14.98 -0.51
C ILE B 282 -9.67 16.04 -0.47
N TYR B 283 -9.28 17.31 -0.52
CA TYR B 283 -10.26 18.37 -0.40
C TYR B 283 -11.12 18.47 -1.67
N GLY B 284 -10.50 18.32 -2.84
CA GLY B 284 -11.28 18.32 -4.07
C GLY B 284 -12.27 17.18 -4.15
N ASN B 285 -11.89 16.00 -3.65
CA ASN B 285 -12.85 14.90 -3.66
C ASN B 285 -14.07 15.25 -2.82
N PHE B 286 -13.86 16.00 -1.73
CA PHE B 286 -14.99 16.36 -0.87
C PHE B 286 -15.90 17.39 -1.57
N VAL B 287 -15.31 18.36 -2.26
CA VAL B 287 -16.14 19.34 -2.97
C VAL B 287 -16.94 18.66 -4.08
N TRP B 288 -16.27 17.81 -4.86
CA TRP B 288 -16.94 17.08 -5.92
C TRP B 288 -18.02 16.16 -5.38
N THR B 289 -17.70 15.40 -4.31
CA THR B 289 -18.65 14.45 -3.76
C THR B 289 -19.94 15.14 -3.32
N THR B 290 -19.83 16.32 -2.72
CA THR B 290 -21.00 16.99 -2.18
C THR B 290 -21.78 17.76 -3.24
N SER B 291 -21.24 17.91 -4.45
CA SER B 291 -21.95 18.61 -5.51
C SER B 291 -22.36 17.71 -6.66
N ASN B 292 -22.41 16.40 -6.45
CA ASN B 292 -22.63 15.41 -7.50
C ASN B 292 -23.82 14.56 -7.11
N LYS B 293 -24.82 14.46 -8.00
CA LYS B 293 -26.03 13.75 -7.60
C LYS B 293 -25.80 12.24 -7.51
N ARG B 294 -24.63 11.77 -7.97
CA ARG B 294 -24.20 10.41 -7.66
C ARG B 294 -24.32 10.11 -6.17
N TYR B 295 -24.00 11.10 -5.34
CA TYR B 295 -23.94 10.92 -3.89
C TYR B 295 -25.11 11.56 -3.16
N LYS B 296 -26.26 11.63 -3.80
CA LYS B 296 -27.48 12.14 -3.17
C LYS B 296 -28.68 11.20 -3.29
N THR B 297 -28.58 10.13 -4.09
CA THR B 297 -29.60 9.10 -4.12
C THR B 297 -28.99 7.71 -4.21
N ALA B 298 -29.74 6.72 -3.72
CA ALA B 298 -29.24 5.36 -3.63
C ALA B 298 -29.20 4.69 -5.00
N VAL B 299 -30.09 5.12 -5.90
CA VAL B 299 -30.10 4.75 -7.31
C VAL B 299 -30.74 5.93 -8.08
N ASN B 300 -30.18 6.27 -9.23
CA ASN B 300 -30.75 7.37 -10.01
C ASN B 300 -30.57 7.10 -11.50
N ASP B 301 -29.49 7.65 -12.08
CA ASP B 301 -29.09 7.41 -13.46
C ASP B 301 -27.58 7.51 -13.69
N VAL B 302 -26.85 8.29 -12.89
CA VAL B 302 -25.41 8.35 -13.01
C VAL B 302 -24.71 7.36 -12.11
N ASN B 303 -25.42 6.63 -11.24
CA ASN B 303 -24.78 5.92 -10.13
C ASN B 303 -25.26 4.49 -9.90
N SER B 304 -26.13 3.96 -10.75
CA SER B 304 -26.78 2.71 -10.40
C SER B 304 -26.12 1.50 -11.04
N ARG B 305 -26.28 0.35 -10.38
CA ARG B 305 -25.74 -0.92 -10.88
C ARG B 305 -26.25 -1.21 -12.28
N ILE B 306 -25.34 -1.16 -13.24
CA ILE B 306 -25.57 -1.70 -14.57
C ILE B 306 -25.79 -3.20 -14.36
N GLN B 307 -26.99 -3.59 -13.93
CA GLN B 307 -27.27 -4.95 -13.51
C GLN B 307 -27.67 -5.74 -14.74
N ALA B 308 -26.87 -6.75 -15.05
CA ALA B 308 -26.89 -7.39 -16.34
C ALA B 308 -27.89 -8.52 -16.37
N GLY A 14 19.21 4.24 30.09
CA GLY A 14 17.91 4.84 30.35
C GLY A 14 16.86 4.29 29.39
N ARG A 15 16.69 4.97 28.26
CA ARG A 15 15.90 4.46 27.15
C ARG A 15 16.79 3.89 26.06
N SER A 16 18.04 3.61 26.35
CA SER A 16 18.93 3.12 25.31
C SER A 16 18.65 1.68 24.91
N SER A 17 17.78 0.94 25.62
CA SER A 17 17.78 -0.50 25.36
C SER A 17 16.50 -1.17 25.87
N VAL A 18 16.03 -2.15 25.10
CA VAL A 18 14.95 -3.02 25.51
C VAL A 18 15.47 -4.34 26.07
N ARG A 19 16.79 -4.46 26.26
CA ARG A 19 17.40 -5.69 26.77
C ARG A 19 16.67 -6.29 27.97
N PRO A 20 16.37 -5.57 29.04
CA PRO A 20 15.70 -6.22 30.18
C PRO A 20 14.41 -6.97 29.84
N TYR A 21 13.68 -6.56 28.81
CA TYR A 21 12.43 -7.25 28.45
C TYR A 21 12.64 -8.37 27.44
N LEU A 22 13.90 -8.69 27.14
CA LEU A 22 14.20 -9.56 26.01
C LEU A 22 13.56 -10.95 26.18
N GLU A 23 13.75 -11.57 27.34
CA GLU A 23 13.22 -12.92 27.53
C GLU A 23 11.71 -12.94 27.55
N GLU A 24 11.09 -12.02 28.31
CA GLU A 24 9.63 -11.96 28.40
C GLU A 24 8.99 -11.73 27.04
N CYS A 25 9.50 -10.76 26.28
CA CYS A 25 8.92 -10.48 24.96
C CYS A 25 9.15 -11.63 23.99
N THR A 26 10.34 -12.25 24.03
CA THR A 26 10.58 -13.39 23.17
C THR A 26 9.56 -14.49 23.45
N ARG A 27 9.43 -14.84 24.73
CA ARG A 27 8.42 -15.81 25.16
C ARG A 27 7.05 -15.48 24.61
N ARG A 28 6.65 -14.22 24.71
CA ARG A 28 5.27 -13.89 24.41
C ARG A 28 5.02 -13.82 22.90
N PHE A 29 6.01 -13.37 22.12
CA PHE A 29 5.94 -13.54 20.67
C PHE A 29 5.70 -14.99 20.30
N GLN A 30 6.51 -15.90 20.84
CA GLN A 30 6.38 -17.30 20.47
C GLN A 30 5.02 -17.86 20.88
N GLU A 31 4.53 -17.52 22.07
CA GLU A 31 3.22 -17.99 22.50
C GLU A 31 2.15 -17.55 21.51
N MET A 32 2.24 -16.29 21.10
CA MET A 32 1.29 -15.73 20.15
C MET A 32 1.29 -16.54 18.86
N PHE A 33 2.48 -16.81 18.31
CA PHE A 33 2.57 -17.63 17.09
C PHE A 33 2.00 -19.02 17.29
N ASP A 34 2.29 -19.65 18.44
CA ASP A 34 1.79 -21.01 18.66
C ASP A 34 0.27 -21.02 18.76
N ARG A 35 -0.32 -19.96 19.31
CA ARG A 35 -1.76 -19.89 19.46
C ARG A 35 -2.46 -19.62 18.13
N HIS A 36 -1.92 -18.70 17.33
CA HIS A 36 -2.64 -18.06 16.24
C HIS A 36 -2.16 -18.48 14.86
N VAL A 37 -0.87 -18.76 14.68
CA VAL A 37 -0.37 -19.35 13.45
C VAL A 37 -0.40 -20.86 13.52
N VAL A 38 0.10 -21.42 14.63
CA VAL A 38 -0.08 -22.82 15.01
C VAL A 38 0.86 -23.72 14.22
N THR A 39 1.03 -23.46 12.93
CA THR A 39 1.89 -24.31 12.11
C THR A 39 3.31 -23.75 12.04
N ARG A 40 4.29 -24.66 12.03
CA ARG A 40 5.70 -24.31 12.18
C ARG A 40 6.31 -23.90 10.84
N PRO A 41 6.98 -22.76 10.77
CA PRO A 41 7.74 -22.43 9.56
C PRO A 41 8.92 -23.38 9.38
N THR A 42 9.36 -23.52 8.14
CA THR A 42 10.35 -24.54 7.78
C THR A 42 11.48 -23.91 6.99
N LYS A 43 12.71 -24.35 7.27
CA LYS A 43 13.89 -23.72 6.69
C LYS A 43 14.23 -24.32 5.32
N VAL A 44 14.33 -23.46 4.31
CA VAL A 44 14.78 -23.89 2.99
C VAL A 44 16.23 -24.35 3.09
N GLU A 45 16.48 -25.58 2.65
CA GLU A 45 17.82 -26.11 2.54
C GLU A 45 18.50 -25.40 1.36
N LEU A 46 19.78 -25.12 1.47
CA LEU A 46 20.52 -24.70 0.28
C LEU A 46 21.79 -25.53 0.15
N THR A 47 21.98 -26.09 -1.03
CA THR A 47 23.25 -26.75 -1.29
C THR A 47 24.36 -25.71 -1.17
N ASP A 48 25.50 -26.12 -0.63
CA ASP A 48 26.62 -25.17 -0.62
C ASP A 48 26.94 -24.70 -2.03
N ALA A 49 26.45 -25.42 -3.05
CA ALA A 49 26.53 -24.97 -4.44
C ALA A 49 25.50 -23.88 -4.76
N GLU A 50 24.24 -24.09 -4.35
CA GLU A 50 23.23 -23.05 -4.56
C GLU A 50 23.58 -21.80 -3.77
N LEU A 51 24.16 -22.01 -2.58
CA LEU A 51 24.65 -20.92 -1.75
C LEU A 51 25.85 -20.23 -2.40
N ARG A 52 26.70 -21.00 -3.07
CA ARG A 52 27.81 -20.43 -3.86
C ARG A 52 27.30 -19.50 -4.92
N GLU A 53 26.35 -19.99 -5.72
CA GLU A 53 25.83 -19.19 -6.83
C GLU A 53 25.19 -17.91 -6.30
N VAL A 54 24.53 -17.99 -5.15
CA VAL A 54 23.90 -16.82 -4.56
C VAL A 54 24.96 -15.80 -4.13
N ILE A 55 25.91 -16.24 -3.32
CA ILE A 55 26.92 -15.33 -2.78
C ILE A 55 27.77 -14.74 -3.91
N ASP A 56 28.06 -15.54 -4.94
CA ASP A 56 28.88 -15.03 -6.03
C ASP A 56 28.16 -13.91 -6.80
N ASP A 57 26.84 -14.05 -7.02
CA ASP A 57 26.06 -12.95 -7.62
C ASP A 57 26.00 -11.73 -6.69
N CYS A 58 25.74 -11.95 -5.40
CA CYS A 58 25.75 -10.86 -4.43
C CYS A 58 27.06 -10.08 -4.49
N ASN A 59 28.19 -10.80 -4.45
CA ASN A 59 29.50 -10.15 -4.43
C ASN A 59 29.72 -9.35 -5.71
N ALA A 60 29.32 -9.90 -6.86
CA ALA A 60 29.45 -9.18 -8.11
C ALA A 60 28.54 -7.96 -8.15
N ALA A 61 27.39 -8.04 -7.47
CA ALA A 61 26.43 -6.94 -7.51
C ALA A 61 26.93 -5.73 -6.75
N VAL A 62 27.59 -5.95 -5.61
CA VAL A 62 27.99 -4.82 -4.76
C VAL A 62 29.46 -4.45 -4.95
N ALA A 63 30.22 -5.25 -5.69
CA ALA A 63 31.62 -4.88 -5.95
C ALA A 63 31.78 -3.45 -6.47
N PRO A 64 30.95 -2.95 -7.40
CA PRO A 64 31.18 -1.57 -7.88
C PRO A 64 30.97 -0.52 -6.81
N LEU A 65 30.41 -0.88 -5.65
CA LEU A 65 30.28 0.04 -4.53
C LEU A 65 31.51 0.04 -3.62
N GLY A 66 32.48 -0.83 -3.86
CA GLY A 66 33.78 -0.69 -3.21
C GLY A 66 33.95 -1.34 -1.85
N LYS A 67 32.92 -1.98 -1.29
CA LYS A 67 33.04 -2.54 0.05
C LYS A 67 32.80 -4.05 -0.01
N THR A 68 33.80 -4.84 0.37
CA THR A 68 33.62 -6.27 0.37
C THR A 68 32.75 -6.70 1.55
N VAL A 69 32.02 -7.79 1.36
CA VAL A 69 31.07 -8.29 2.33
C VAL A 69 31.45 -9.74 2.61
N SER A 70 31.57 -10.09 3.88
CA SER A 70 32.03 -11.43 4.25
C SER A 70 30.93 -12.46 4.02
N ASP A 71 31.35 -13.71 3.80
CA ASP A 71 30.41 -14.82 3.66
C ASP A 71 29.41 -14.87 4.81
N GLU A 72 29.89 -14.73 6.06
CA GLU A 72 28.96 -14.85 7.18
C GLU A 72 28.01 -13.65 7.29
N ARG A 73 28.42 -12.48 6.80
CA ARG A 73 27.46 -11.38 6.67
C ARG A 73 26.40 -11.70 5.61
N TRP A 74 26.82 -12.24 4.46
CA TRP A 74 25.82 -12.69 3.47
C TRP A 74 24.85 -13.69 4.07
N ILE A 75 25.36 -14.64 4.85
CA ILE A 75 24.48 -15.67 5.42
C ILE A 75 23.56 -15.05 6.46
N SER A 76 24.06 -14.07 7.21
CA SER A 76 23.20 -13.38 8.15
C SER A 76 22.05 -12.67 7.42
N TYR A 77 22.32 -12.11 6.25
CA TYR A 77 21.26 -11.45 5.47
C TYR A 77 20.32 -12.48 4.85
N VAL A 78 20.86 -13.56 4.27
CA VAL A 78 20.06 -14.48 3.46
C VAL A 78 19.15 -15.35 4.31
N GLY A 79 19.43 -15.50 5.60
CA GLY A 79 18.63 -16.38 6.44
C GLY A 79 17.15 -16.05 6.44
N VAL A 80 16.81 -14.76 6.25
CA VAL A 80 15.39 -14.40 6.25
C VAL A 80 14.67 -15.07 5.08
N VAL A 81 15.34 -15.16 3.92
CA VAL A 81 14.71 -15.81 2.77
C VAL A 81 14.61 -17.32 3.02
N LEU A 82 15.64 -17.90 3.65
CA LEU A 82 15.66 -19.34 3.86
C LEU A 82 14.57 -19.75 4.82
N TRP A 83 14.24 -18.89 5.79
CA TRP A 83 13.32 -19.18 6.87
C TRP A 83 11.90 -18.68 6.64
N SER A 84 11.70 -17.72 5.76
CA SER A 84 10.43 -16.98 5.73
C SER A 84 9.68 -17.13 4.42
N GLN A 85 10.18 -17.92 3.47
CA GLN A 85 9.39 -18.32 2.31
C GLN A 85 8.58 -19.55 2.74
N SER A 86 7.87 -20.18 1.81
CA SER A 86 6.98 -21.30 2.13
C SER A 86 7.39 -22.48 1.28
N PRO A 87 8.42 -23.22 1.70
CA PRO A 87 8.97 -24.29 0.84
C PRO A 87 7.92 -25.23 0.30
N ARG A 88 6.90 -25.56 1.09
CA ARG A 88 5.86 -26.49 0.66
C ARG A 88 5.24 -26.07 -0.66
N HIS A 89 5.11 -24.76 -0.89
CA HIS A 89 4.46 -24.22 -2.07
C HIS A 89 5.43 -23.85 -3.18
N ILE A 90 6.75 -23.99 -2.99
CA ILE A 90 7.71 -23.47 -3.97
C ILE A 90 7.60 -24.24 -5.28
N LYS A 91 7.58 -23.49 -6.39
CA LYS A 91 7.55 -24.05 -7.72
C LYS A 91 8.72 -23.63 -8.59
N ASP A 92 9.34 -22.48 -8.32
CA ASP A 92 10.31 -21.88 -9.22
C ASP A 92 11.57 -21.56 -8.41
N MET A 93 12.55 -22.46 -8.41
CA MET A 93 13.76 -22.22 -7.64
C MET A 93 14.69 -21.18 -8.26
N GLU A 94 14.51 -20.88 -9.56
CA GLU A 94 15.20 -19.72 -10.12
C GLU A 94 14.77 -18.45 -9.41
N ALA A 95 13.47 -18.26 -9.27
CA ALA A 95 12.95 -17.08 -8.56
C ALA A 95 13.39 -17.07 -7.09
N PHE A 96 13.41 -18.23 -6.44
CA PHE A 96 13.87 -18.29 -5.05
C PHE A 96 15.30 -17.78 -4.92
N LYS A 97 16.19 -18.28 -5.78
CA LYS A 97 17.57 -17.80 -5.77
C LYS A 97 17.63 -16.29 -6.02
N ALA A 98 16.78 -15.78 -6.92
CA ALA A 98 16.74 -14.34 -7.16
C ALA A 98 16.36 -13.57 -5.89
N VAL A 99 15.36 -14.05 -5.17
CA VAL A 99 14.96 -13.37 -3.94
C VAL A 99 16.11 -13.39 -2.94
N CYS A 100 16.86 -14.51 -2.89
CA CYS A 100 18.05 -14.57 -2.04
C CYS A 100 19.02 -13.45 -2.38
N VAL A 101 19.37 -13.31 -3.65
CA VAL A 101 20.37 -12.33 -4.06
C VAL A 101 19.85 -10.91 -3.83
N LEU A 102 18.65 -10.62 -4.34
CA LEU A 102 18.07 -9.28 -4.21
C LEU A 102 17.88 -8.88 -2.75
N ASN A 103 17.40 -9.80 -1.91
CA ASN A 103 17.26 -9.49 -0.51
C ASN A 103 18.60 -9.10 0.11
N CYS A 104 19.65 -9.85 -0.24
CA CYS A 104 20.95 -9.64 0.38
C CYS A 104 21.59 -8.33 -0.08
N VAL A 105 21.57 -8.05 -1.38
CA VAL A 105 22.32 -6.88 -1.82
C VAL A 105 21.62 -5.60 -1.39
N THR A 106 20.29 -5.59 -1.28
CA THR A 106 19.63 -4.39 -0.76
C THR A 106 19.73 -4.29 0.75
N PHE A 107 19.96 -5.41 1.42
CA PHE A 107 20.35 -5.37 2.82
C PHE A 107 21.67 -4.61 3.00
N VAL A 108 22.65 -4.86 2.12
CA VAL A 108 23.88 -4.11 2.17
C VAL A 108 23.60 -2.61 2.01
N TRP A 109 22.79 -2.26 1.01
CA TRP A 109 22.36 -0.88 0.81
C TRP A 109 21.79 -0.30 2.11
N ASP A 110 20.93 -1.06 2.79
CA ASP A 110 20.33 -0.62 4.06
C ASP A 110 21.40 -0.30 5.10
N ASP A 111 22.47 -1.08 5.13
CA ASP A 111 23.53 -0.93 6.10
C ASP A 111 24.60 0.09 5.69
N MET A 112 24.49 0.67 4.50
CA MET A 112 25.54 1.54 3.95
C MET A 112 25.28 3.02 4.23
N ASP A 113 26.36 3.72 4.56
CA ASP A 113 26.36 5.18 4.50
C ASP A 113 25.89 5.65 3.12
N PRO A 114 25.01 6.66 3.06
CA PRO A 114 24.41 7.05 1.77
C PRO A 114 25.42 7.59 0.77
N ALA A 115 26.58 8.06 1.23
CA ALA A 115 27.63 8.51 0.32
C ALA A 115 28.13 7.40 -0.58
N LEU A 116 27.94 6.14 -0.16
CA LEU A 116 28.30 4.98 -0.96
C LEU A 116 27.25 4.61 -2.00
N HIS A 117 26.02 5.12 -1.87
CA HIS A 117 24.89 4.73 -2.69
C HIS A 117 25.04 5.25 -4.11
N ASP A 118 25.56 4.43 -5.02
CA ASP A 118 25.79 4.84 -6.40
C ASP A 118 24.75 4.16 -7.27
N PHE A 119 23.71 4.93 -7.61
CA PHE A 119 22.59 4.41 -8.39
C PHE A 119 23.04 4.01 -9.80
N GLY A 120 23.89 4.84 -10.42
CA GLY A 120 24.38 4.52 -11.76
C GLY A 120 25.17 3.23 -11.84
N LEU A 121 25.83 2.84 -10.76
CA LEU A 121 26.59 1.59 -10.71
C LEU A 121 25.75 0.42 -10.22
N PHE A 122 24.86 0.65 -9.26
CA PHE A 122 24.12 -0.43 -8.62
C PHE A 122 22.87 -0.82 -9.37
N LEU A 123 22.13 0.15 -9.90
CA LEU A 123 20.86 -0.20 -10.56
C LEU A 123 21.06 -1.16 -11.73
N PRO A 124 22.06 -0.99 -12.62
CA PRO A 124 22.28 -2.03 -13.64
C PRO A 124 22.59 -3.41 -13.06
N GLN A 125 23.22 -3.49 -11.88
CA GLN A 125 23.44 -4.80 -11.27
C GLN A 125 22.12 -5.45 -10.87
N LEU A 126 21.21 -4.68 -10.26
CA LEU A 126 19.90 -5.22 -9.92
C LEU A 126 19.18 -5.77 -11.14
N ARG A 127 19.12 -4.98 -12.21
CA ARG A 127 18.41 -5.41 -13.41
C ARG A 127 19.05 -6.66 -14.01
N LYS A 128 20.38 -6.67 -14.08
CA LYS A 128 21.16 -7.86 -14.41
C LYS A 128 20.64 -9.08 -13.65
N ILE A 129 20.61 -8.99 -12.31
CA ILE A 129 20.10 -10.08 -11.49
C ILE A 129 18.68 -10.43 -11.90
N CYS A 130 17.83 -9.42 -12.10
CA CYS A 130 16.43 -9.69 -12.38
C CYS A 130 16.24 -10.43 -13.71
N GLU A 131 16.93 -9.98 -14.76
CA GLU A 131 16.74 -10.65 -16.05
C GLU A 131 17.28 -12.07 -16.04
N LYS A 132 18.40 -12.31 -15.35
CA LYS A 132 18.94 -13.68 -15.26
C LYS A 132 17.89 -14.66 -14.73
N TYR A 133 17.35 -14.38 -13.54
CA TYR A 133 16.57 -15.39 -12.82
C TYR A 133 15.08 -15.39 -13.15
N TYR A 134 14.55 -14.30 -13.69
CA TYR A 134 13.14 -14.18 -13.97
C TYR A 134 12.88 -14.20 -15.47
N GLY A 135 11.63 -14.47 -15.84
CA GLY A 135 11.20 -14.35 -17.20
C GLY A 135 11.09 -12.90 -17.58
N PRO A 136 10.75 -12.63 -18.85
CA PRO A 136 10.79 -11.24 -19.33
C PRO A 136 9.86 -10.30 -18.59
N GLU A 137 8.64 -10.70 -18.22
CA GLU A 137 7.81 -9.68 -17.59
C GLU A 137 7.96 -9.69 -16.07
N ASP A 138 8.18 -10.86 -15.45
CA ASP A 138 8.44 -10.88 -14.01
C ASP A 138 9.70 -10.09 -13.66
N ALA A 139 10.70 -10.11 -14.56
CA ALA A 139 11.91 -9.32 -14.32
C ALA A 139 11.60 -7.82 -14.23
N GLU A 140 10.62 -7.34 -15.00
CA GLU A 140 10.26 -5.93 -14.90
C GLU A 140 9.68 -5.60 -13.53
N VAL A 141 8.79 -6.45 -13.03
CA VAL A 141 8.14 -6.21 -11.75
C VAL A 141 9.17 -6.25 -10.62
N ALA A 142 10.03 -7.27 -10.63
CA ALA A 142 11.03 -7.38 -9.57
C ALA A 142 12.01 -6.20 -9.62
N TYR A 143 12.45 -5.79 -10.80
CA TYR A 143 13.40 -4.69 -10.87
C TYR A 143 12.78 -3.37 -10.38
N GLU A 144 11.57 -3.07 -10.83
CA GLU A 144 10.93 -1.83 -10.35
C GLU A 144 10.83 -1.82 -8.84
N ALA A 145 10.45 -2.96 -8.25
CA ALA A 145 10.31 -3.03 -6.79
C ALA A 145 11.66 -2.85 -6.09
N ALA A 146 12.74 -3.47 -6.60
CA ALA A 146 14.06 -3.25 -6.04
C ALA A 146 14.48 -1.80 -6.18
N ARG A 147 14.34 -1.24 -7.40
CA ARG A 147 14.64 0.16 -7.64
C ARG A 147 13.88 1.07 -6.67
N ALA A 148 12.57 0.86 -6.53
CA ALA A 148 11.78 1.68 -5.62
C ALA A 148 12.28 1.56 -4.18
N PHE A 149 12.69 0.34 -3.78
CA PHE A 149 13.15 0.19 -2.40
C PHE A 149 14.44 0.97 -2.15
N VAL A 150 15.49 0.72 -2.96
CA VAL A 150 16.77 1.36 -2.68
C VAL A 150 16.64 2.87 -2.80
N THR A 151 15.84 3.34 -3.74
CA THR A 151 15.59 4.77 -3.86
C THR A 151 14.93 5.32 -2.59
N SER A 152 13.94 4.60 -2.07
CA SER A 152 13.27 5.03 -0.84
C SER A 152 14.22 5.05 0.33
N ASP A 153 14.98 3.96 0.53
CA ASP A 153 15.94 3.96 1.64
C ASP A 153 16.90 5.14 1.52
N HIS A 154 17.31 5.47 0.29
CA HIS A 154 18.30 6.54 0.13
C HIS A 154 17.70 7.91 0.43
N MET A 155 16.70 8.32 -0.37
CA MET A 155 16.17 9.68 -0.29
C MET A 155 15.40 9.90 1.01
N PHE A 156 15.20 8.86 1.83
CA PHE A 156 14.59 9.14 3.12
C PHE A 156 15.58 9.18 4.28
N ARG A 157 16.86 8.87 4.06
CA ARG A 157 17.85 9.12 5.09
C ARG A 157 17.76 10.59 5.43
N ASP A 158 17.97 10.94 6.70
CA ASP A 158 17.58 12.26 7.24
C ASP A 158 16.94 13.13 6.15
N SER A 159 15.55 13.10 6.05
CA SER A 159 14.32 13.54 5.34
C SER A 159 13.16 13.87 6.28
N PRO A 160 12.43 14.97 6.03
CA PRO A 160 11.31 15.32 6.93
C PRO A 160 10.15 14.34 6.93
N ILE A 161 9.84 13.69 5.81
CA ILE A 161 8.73 12.73 5.78
C ILE A 161 8.97 11.65 6.83
N LYS A 162 10.16 11.05 6.81
CA LYS A 162 10.46 10.00 7.79
C LYS A 162 10.26 10.51 9.22
N ALA A 163 10.68 11.75 9.48
CA ALA A 163 10.52 12.32 10.81
C ALA A 163 9.05 12.32 11.24
N ALA A 164 8.18 12.90 10.42
CA ALA A 164 6.77 12.97 10.79
C ALA A 164 6.15 11.58 10.89
N LEU A 165 6.54 10.67 10.02
CA LEU A 165 5.84 9.39 10.00
C LEU A 165 6.31 8.46 11.13
N CYS A 166 7.53 8.64 11.63
CA CYS A 166 8.01 7.80 12.74
C CYS A 166 7.74 8.39 14.11
N THR A 167 7.34 9.66 14.18
CA THR A 167 7.23 10.30 15.48
C THR A 167 5.80 10.66 15.88
N THR A 168 4.78 10.21 15.14
CA THR A 168 3.41 10.70 15.35
C THR A 168 2.44 9.64 15.87
N SER A 169 2.34 8.49 15.20
CA SER A 169 1.46 7.43 15.69
C SER A 169 1.92 6.10 15.11
N PRO A 170 1.58 4.98 15.75
CA PRO A 170 1.96 3.68 15.16
C PRO A 170 1.40 3.52 13.76
N GLU A 171 0.20 4.03 13.51
CA GLU A 171 -0.43 3.80 12.23
C GLU A 171 0.25 4.61 11.13
N GLN A 172 0.75 5.82 11.43
CA GLN A 172 1.58 6.54 10.47
C GLN A 172 2.91 5.85 10.24
N TYR A 173 3.51 5.34 11.33
CA TYR A 173 4.79 4.68 11.23
C TYR A 173 4.71 3.43 10.35
N PHE A 174 3.71 2.60 10.57
CA PHE A 174 3.60 1.36 9.81
C PHE A 174 3.32 1.64 8.33
N ARG A 175 2.60 2.74 8.05
CA ARG A 175 2.41 3.18 6.67
C ARG A 175 3.74 3.42 5.96
N PHE A 176 4.70 4.03 6.65
CA PHE A 176 6.05 4.23 6.09
C PHE A 176 6.74 2.89 5.88
N ARG A 177 6.53 1.94 6.80
CA ARG A 177 7.28 0.68 6.75
C ARG A 177 6.78 -0.29 5.68
N VAL A 178 5.58 -0.10 5.13
CA VAL A 178 5.13 -0.96 4.03
C VAL A 178 6.19 -1.03 2.93
N THR A 179 6.76 0.12 2.59
CA THR A 179 7.89 0.20 1.68
C THR A 179 9.22 0.07 2.43
N ASP A 180 9.39 0.82 3.52
CA ASP A 180 10.73 0.95 4.09
C ASP A 180 11.27 -0.37 4.65
N ILE A 181 10.43 -1.23 5.23
CA ILE A 181 11.00 -2.51 5.66
C ILE A 181 11.20 -3.47 4.49
N GLY A 182 10.85 -3.06 3.27
CA GLY A 182 11.14 -3.89 2.13
C GLY A 182 10.12 -4.97 1.80
N VAL A 183 9.01 -5.03 2.54
CA VAL A 183 8.08 -6.15 2.31
C VAL A 183 7.29 -6.01 1.01
N ASP A 184 6.95 -4.78 0.57
CA ASP A 184 6.31 -4.65 -0.73
C ASP A 184 7.23 -5.19 -1.83
N PHE A 185 8.51 -4.81 -1.77
CA PHE A 185 9.54 -5.34 -2.66
C PHE A 185 9.59 -6.87 -2.58
N TRP A 186 9.57 -7.41 -1.36
CA TRP A 186 9.63 -8.86 -1.15
C TRP A 186 8.50 -9.58 -1.87
N MET A 187 7.26 -9.12 -1.69
CA MET A 187 6.12 -9.77 -2.33
C MET A 187 6.26 -9.76 -3.85
N LYS A 188 6.64 -8.61 -4.41
CA LYS A 188 6.70 -8.43 -5.85
C LYS A 188 7.85 -9.21 -6.48
N MET A 189 8.88 -9.56 -5.71
CA MET A 189 9.92 -10.43 -6.26
C MET A 189 9.71 -11.90 -5.91
N SER A 190 8.81 -12.18 -4.97
CA SER A 190 8.57 -13.54 -4.52
C SER A 190 7.41 -14.23 -5.24
N TYR A 191 6.46 -13.49 -5.81
CA TYR A 191 5.34 -14.17 -6.44
C TYR A 191 5.76 -15.15 -7.53
N PRO A 192 6.84 -14.94 -8.31
CA PRO A 192 7.21 -15.97 -9.30
C PRO A 192 7.66 -17.28 -8.65
N ILE A 193 8.05 -17.27 -7.38
CA ILE A 193 8.42 -18.51 -6.71
C ILE A 193 7.26 -19.49 -6.70
N TYR A 194 6.04 -18.97 -6.57
CA TYR A 194 4.87 -19.79 -6.27
C TYR A 194 3.93 -19.99 -7.45
N ARG A 195 3.97 -19.14 -8.46
CA ARG A 195 3.15 -19.33 -9.67
C ARG A 195 1.66 -19.45 -9.33
N HIS A 196 1.22 -18.65 -8.36
CA HIS A 196 -0.10 -18.81 -7.77
C HIS A 196 -0.93 -17.57 -8.06
N PRO A 197 -1.92 -17.65 -8.94
CA PRO A 197 -2.57 -16.43 -9.44
C PRO A 197 -3.08 -15.48 -8.37
N GLU A 198 -3.73 -15.96 -7.31
CA GLU A 198 -4.26 -15.02 -6.32
C GLU A 198 -3.13 -14.30 -5.60
N PHE A 199 -2.08 -15.04 -5.22
CA PHE A 199 -0.96 -14.39 -4.57
C PHE A 199 -0.33 -13.36 -5.50
N THR A 200 -0.21 -13.68 -6.79
CA THR A 200 0.40 -12.74 -7.71
C THR A 200 -0.35 -11.41 -7.74
N GLU A 201 -1.68 -11.45 -7.72
CA GLU A 201 -2.45 -10.19 -7.66
C GLU A 201 -2.30 -9.49 -6.30
N HIS A 202 -2.37 -10.23 -5.20
CA HIS A 202 -2.22 -9.58 -3.89
C HIS A 202 -0.84 -8.95 -3.75
N ALA A 203 0.18 -9.58 -4.35
CA ALA A 203 1.51 -8.98 -4.40
C ALA A 203 1.49 -7.71 -5.22
N LYS A 204 0.84 -7.72 -6.38
CA LYS A 204 0.92 -6.58 -7.28
C LYS A 204 0.05 -5.41 -6.83
N THR A 205 -1.04 -5.68 -6.08
CA THR A 205 -1.82 -4.60 -5.45
C THR A 205 -1.17 -4.07 -4.17
N SER A 206 -0.17 -4.78 -3.64
CA SER A 206 0.46 -4.51 -2.35
C SER A 206 -0.43 -4.83 -1.17
N LEU A 207 -1.62 -5.37 -1.38
CA LEU A 207 -2.39 -5.90 -0.26
C LEU A 207 -1.59 -6.94 0.53
N ALA A 208 -0.85 -7.80 -0.17
CA ALA A 208 0.04 -8.78 0.49
C ALA A 208 0.99 -8.07 1.45
N ALA A 209 1.64 -7.02 0.98
CA ALA A 209 2.55 -6.28 1.85
C ALA A 209 1.79 -5.61 3.00
N ARG A 210 0.64 -5.00 2.69
CA ARG A 210 -0.10 -4.31 3.74
C ARG A 210 -0.54 -5.27 4.83
N MET A 211 -0.82 -6.53 4.48
CA MET A 211 -1.26 -7.52 5.47
C MET A 211 -0.13 -7.96 6.41
N THR A 212 1.12 -7.93 5.94
CA THR A 212 2.23 -8.55 6.67
C THR A 212 3.18 -7.55 7.31
N THR A 213 3.00 -6.26 7.02
CA THR A 213 3.94 -5.23 7.48
C THR A 213 4.06 -5.19 9.00
N ARG A 214 2.94 -5.18 9.72
CA ARG A 214 3.04 -5.00 11.16
C ARG A 214 3.71 -6.20 11.82
N GLY A 215 3.36 -7.42 11.39
CA GLY A 215 3.96 -8.59 12.00
C GLY A 215 5.46 -8.63 11.80
N LEU A 216 5.92 -8.23 10.63
CA LEU A 216 7.36 -8.21 10.37
C LEU A 216 8.03 -7.06 11.11
N THR A 217 7.39 -5.89 11.11
CA THR A 217 8.03 -4.70 11.64
C THR A 217 8.13 -4.73 13.16
N ILE A 218 7.07 -5.17 13.84
CA ILE A 218 7.08 -5.17 15.29
C ILE A 218 8.20 -6.07 15.80
N VAL A 219 8.37 -7.22 15.16
CA VAL A 219 9.43 -8.15 15.54
C VAL A 219 10.81 -7.55 15.23
N ASN A 220 10.99 -7.03 14.01
CA ASN A 220 12.28 -6.45 13.67
C ASN A 220 12.62 -5.32 14.62
N ASP A 221 11.66 -4.43 14.88
CA ASP A 221 11.89 -3.27 15.74
C ASP A 221 12.31 -3.68 17.14
N PHE A 222 11.65 -4.68 17.72
CA PHE A 222 12.01 -5.04 19.08
C PHE A 222 13.47 -5.45 19.16
N TYR A 223 13.91 -6.31 18.25
CA TYR A 223 15.25 -6.88 18.38
C TYR A 223 16.35 -6.01 17.77
N SER A 224 16.00 -5.01 16.95
CA SER A 224 17.00 -4.10 16.40
C SER A 224 17.02 -2.76 17.12
N TYR A 225 16.17 -2.59 18.15
CA TYR A 225 16.06 -1.31 18.85
C TYR A 225 17.41 -0.84 19.38
N ASP A 226 18.13 -1.71 20.11
CA ASP A 226 19.38 -1.29 20.73
C ASP A 226 20.37 -0.78 19.69
N ARG A 227 20.51 -1.50 18.57
CA ARG A 227 21.40 -1.05 17.49
C ARG A 227 20.93 0.28 16.91
N GLU A 228 19.63 0.40 16.68
CA GLU A 228 19.15 1.60 16.02
C GLU A 228 19.28 2.82 16.94
N VAL A 229 19.02 2.65 18.24
CA VAL A 229 19.29 3.70 19.21
C VAL A 229 20.76 4.13 19.14
N SER A 230 21.67 3.16 19.07
CA SER A 230 23.09 3.48 19.05
C SER A 230 23.52 4.17 17.77
N LEU A 231 22.83 3.93 16.66
CA LEU A 231 23.21 4.47 15.37
C LEU A 231 22.44 5.73 15.01
N GLY A 232 21.54 6.19 15.88
CA GLY A 232 20.73 7.37 15.63
C GLY A 232 19.59 7.19 14.64
N GLN A 233 19.10 5.96 14.48
CA GLN A 233 18.08 5.62 13.49
C GLN A 233 16.69 5.63 14.13
N ILE A 234 15.79 6.48 13.62
CA ILE A 234 14.52 6.76 14.27
C ILE A 234 13.41 5.82 13.84
N THR A 235 13.65 4.97 12.85
CA THR A 235 12.62 4.14 12.25
C THR A 235 12.45 2.87 13.10
N ASN A 236 11.70 3.04 14.18
CA ASN A 236 11.48 1.95 15.15
C ASN A 236 10.30 2.31 16.02
N CYS A 237 9.26 1.48 16.01
CA CYS A 237 8.03 1.85 16.71
C CYS A 237 8.19 1.89 18.22
N PHE A 238 9.19 1.23 18.79
CA PHE A 238 9.34 1.32 20.25
C PHE A 238 9.93 2.67 20.68
N ARG A 239 10.43 3.47 19.76
CA ARG A 239 10.74 4.86 20.06
C ARG A 239 9.50 5.68 20.41
N LEU A 240 8.31 5.17 20.14
CA LEU A 240 7.07 5.88 20.41
C LEU A 240 6.69 5.84 21.88
N CYS A 241 7.11 4.82 22.62
CA CYS A 241 6.73 4.64 24.02
C CYS A 241 7.97 4.81 24.88
N ASP A 242 7.76 5.07 26.16
CA ASP A 242 8.88 5.18 27.10
C ASP A 242 9.32 3.76 27.50
N VAL A 243 10.36 3.24 26.84
CA VAL A 243 10.80 1.88 27.17
C VAL A 243 11.43 1.82 28.55
N SER A 244 11.84 2.94 29.13
CA SER A 244 12.43 2.88 30.45
C SER A 244 11.40 2.94 31.58
N ASP A 245 10.11 3.06 31.29
CA ASP A 245 9.12 2.67 32.27
C ASP A 245 8.49 1.36 31.81
N GLU A 246 8.74 0.34 32.62
CA GLU A 246 8.17 -0.98 32.35
C GLU A 246 6.66 -0.93 32.25
N THR A 247 6.00 -0.07 33.06
CA THR A 247 4.56 0.03 32.96
C THR A 247 4.12 0.45 31.55
N ALA A 248 4.65 1.57 31.06
CA ALA A 248 4.25 2.04 29.74
C ALA A 248 4.70 1.07 28.64
N PHE A 249 5.85 0.43 28.84
CA PHE A 249 6.30 -0.53 27.83
C PHE A 249 5.28 -1.64 27.65
N LYS A 250 4.84 -2.26 28.75
CA LYS A 250 4.04 -3.47 28.61
C LYS A 250 2.69 -3.17 28.01
N GLU A 251 2.18 -1.96 28.23
CA GLU A 251 0.97 -1.55 27.54
C GLU A 251 1.19 -1.42 26.04
N PHE A 252 2.30 -0.80 25.65
CA PHE A 252 2.57 -0.61 24.23
C PHE A 252 2.82 -1.94 23.55
N PHE A 253 3.63 -2.79 24.18
CA PHE A 253 3.93 -4.10 23.62
C PHE A 253 2.68 -4.94 23.45
N GLN A 254 1.76 -4.87 24.43
CA GLN A 254 0.48 -5.54 24.31
C GLN A 254 -0.32 -5.04 23.12
N ALA A 255 -0.41 -3.72 22.96
CA ALA A 255 -1.12 -3.19 21.79
C ALA A 255 -0.46 -3.67 20.50
N ARG A 256 0.87 -3.82 20.50
CA ARG A 256 1.52 -4.30 19.29
C ARG A 256 1.22 -5.78 19.06
N LEU A 257 1.23 -6.59 20.13
CA LEU A 257 0.82 -7.99 19.97
C LEU A 257 -0.58 -8.09 19.37
N ASP A 258 -1.50 -7.27 19.86
CA ASP A 258 -2.88 -7.35 19.37
C ASP A 258 -2.95 -6.96 17.90
N ASP A 259 -2.12 -6.01 17.48
CA ASP A 259 -2.00 -5.67 16.06
C ASP A 259 -1.62 -6.90 15.25
N MET A 260 -0.57 -7.60 15.69
CA MET A 260 -0.14 -8.80 14.97
C MET A 260 -1.24 -9.83 14.91
N ILE A 261 -1.95 -10.02 16.04
CA ILE A 261 -3.00 -11.03 16.11
C ILE A 261 -4.11 -10.71 15.12
N GLU A 262 -4.53 -9.46 15.07
CA GLU A 262 -5.65 -9.14 14.20
C GLU A 262 -5.26 -9.31 12.73
N ASP A 263 -4.06 -8.90 12.36
CA ASP A 263 -3.58 -9.18 11.00
C ASP A 263 -3.58 -10.68 10.70
N ILE A 264 -3.08 -11.49 11.63
CA ILE A 264 -2.98 -12.92 11.38
C ILE A 264 -4.35 -13.54 11.21
N GLU A 265 -5.31 -13.14 12.05
CA GLU A 265 -6.64 -13.72 11.93
C GLU A 265 -7.31 -13.30 10.63
N CYS A 266 -7.08 -12.04 10.18
CA CYS A 266 -7.59 -11.63 8.88
C CYS A 266 -6.87 -12.35 7.74
N ILE A 267 -5.58 -12.62 7.89
CA ILE A 267 -4.85 -13.37 6.86
C ILE A 267 -5.50 -14.73 6.64
N LYS A 268 -6.13 -15.30 7.66
CA LYS A 268 -6.78 -16.60 7.57
C LYS A 268 -8.10 -16.57 6.80
N ALA A 269 -8.47 -15.42 6.25
CA ALA A 269 -9.54 -15.38 5.27
C ALA A 269 -9.03 -15.54 3.85
N PHE A 270 -7.73 -15.38 3.62
CA PHE A 270 -7.20 -15.55 2.28
C PHE A 270 -7.20 -17.04 1.92
N ASP A 271 -6.97 -17.34 0.65
CA ASP A 271 -7.02 -18.73 0.21
C ASP A 271 -5.90 -19.53 0.88
N GLN A 272 -6.01 -20.87 0.80
CA GLN A 272 -5.09 -21.76 1.51
C GLN A 272 -3.62 -21.51 1.20
N LEU A 273 -3.25 -21.31 -0.07
CA LEU A 273 -1.84 -21.16 -0.39
C LEU A 273 -1.34 -19.79 0.08
N THR A 274 -2.07 -18.74 -0.25
CA THR A 274 -1.61 -17.39 0.06
C THR A 274 -1.45 -17.21 1.57
N GLN A 275 -2.39 -17.71 2.36
CA GLN A 275 -2.27 -17.50 3.78
C GLN A 275 -1.06 -18.24 4.34
N ASP A 276 -0.72 -19.40 3.78
CA ASP A 276 0.52 -20.07 4.19
C ASP A 276 1.73 -19.18 3.93
N VAL A 277 1.81 -18.58 2.74
CA VAL A 277 2.94 -17.72 2.40
C VAL A 277 3.01 -16.51 3.34
N PHE A 278 1.86 -15.85 3.59
CA PHE A 278 1.88 -14.70 4.49
C PHE A 278 2.36 -15.09 5.88
N LEU A 279 1.81 -16.19 6.43
CA LEU A 279 2.08 -16.56 7.82
C LEU A 279 3.50 -17.09 7.99
N ASP A 280 3.99 -17.86 7.03
CA ASP A 280 5.39 -18.32 7.11
C ASP A 280 6.35 -17.15 6.99
N LEU A 281 5.95 -16.09 6.27
CA LEU A 281 6.77 -14.90 6.22
C LEU A 281 6.90 -14.26 7.60
N ILE A 282 5.77 -14.04 8.29
CA ILE A 282 5.81 -13.36 9.58
C ILE A 282 6.48 -14.24 10.63
N TYR A 283 6.08 -15.50 10.69
CA TYR A 283 6.61 -16.41 11.70
C TYR A 283 8.07 -16.77 11.40
N GLY A 284 8.38 -17.02 10.14
CA GLY A 284 9.77 -17.27 9.77
C GLY A 284 10.69 -16.09 10.05
N ASN A 285 10.21 -14.86 9.82
CA ASN A 285 11.03 -13.71 10.17
C ASN A 285 11.34 -13.70 11.67
N PHE A 286 10.37 -14.09 12.49
CA PHE A 286 10.62 -14.14 13.92
C PHE A 286 11.67 -15.21 14.26
N VAL A 287 11.54 -16.40 13.67
CA VAL A 287 12.51 -17.47 13.95
C VAL A 287 13.92 -17.02 13.56
N TRP A 288 14.04 -16.45 12.35
CA TRP A 288 15.33 -15.98 11.88
C TRP A 288 15.89 -14.85 12.74
N THR A 289 15.04 -13.88 13.10
CA THR A 289 15.48 -12.74 13.89
C THR A 289 16.04 -13.17 15.25
N THR A 290 15.41 -14.15 15.90
CA THR A 290 15.86 -14.56 17.23
C THR A 290 17.05 -15.51 17.22
N SER A 291 17.47 -16.00 16.06
CA SER A 291 18.65 -16.83 15.97
C SER A 291 19.86 -16.05 15.48
N ASN A 292 19.64 -14.86 14.92
CA ASN A 292 20.60 -14.15 14.10
C ASN A 292 21.42 -13.18 14.93
N LYS A 293 22.74 -13.30 14.82
CA LYS A 293 23.67 -12.41 15.50
C LYS A 293 23.44 -10.95 15.14
N ARG A 294 22.89 -10.70 13.97
CA ARG A 294 22.56 -9.34 13.57
C ARG A 294 21.67 -8.66 14.62
N TYR A 295 20.81 -9.43 15.27
CA TYR A 295 19.82 -8.86 16.17
C TYR A 295 20.19 -9.04 17.64
N LYS A 296 21.49 -9.07 17.94
CA LYS A 296 21.95 -9.50 19.26
C LYS A 296 22.93 -8.52 19.92
N THR A 297 23.53 -7.58 19.18
CA THR A 297 23.99 -6.33 19.79
C THR A 297 23.64 -5.13 18.93
N ALA A 298 24.14 -3.98 19.41
CA ALA A 298 24.01 -2.72 18.71
C ALA A 298 25.04 -2.62 17.58
N VAL A 299 26.27 -3.05 17.83
CA VAL A 299 27.34 -3.08 16.85
C VAL A 299 28.08 -4.40 17.03
N ASN A 300 28.20 -5.18 15.96
CA ASN A 300 29.04 -6.37 15.95
C ASN A 300 29.52 -6.59 14.51
N ASP A 301 30.22 -7.69 14.29
CA ASP A 301 30.84 -7.88 12.99
C ASP A 301 29.88 -8.28 11.88
N VAL A 302 28.56 -8.21 12.09
CA VAL A 302 27.63 -8.43 11.00
C VAL A 302 26.59 -7.31 10.86
N ASN A 303 26.40 -6.46 11.87
CA ASN A 303 25.40 -5.39 11.75
C ASN A 303 26.02 -4.00 11.71
N SER A 304 27.32 -3.89 11.40
CA SER A 304 28.02 -2.61 11.52
C SER A 304 27.83 -1.75 10.28
N ARG A 305 27.63 -0.45 10.49
CA ARG A 305 27.54 0.51 9.40
C ARG A 305 28.69 0.30 8.42
N ILE A 306 28.35 0.09 7.15
CA ILE A 306 29.35 -0.03 6.10
C ILE A 306 29.63 1.40 5.64
N GLN A 307 30.71 1.98 6.16
CA GLN A 307 30.91 3.44 6.02
C GLN A 307 31.69 3.79 4.76
N GLY B 9 -32.57 -8.77 5.10
CA GLY B 9 -33.68 -9.04 4.19
C GLY B 9 -34.48 -7.81 3.83
N ALA B 10 -35.34 -7.37 4.76
CA ALA B 10 -36.28 -6.28 4.52
C ALA B 10 -35.75 -4.94 5.06
N GLN B 11 -36.16 -4.51 6.25
CA GLN B 11 -35.96 -3.12 6.65
C GLN B 11 -35.87 -2.91 8.16
N ASP B 12 -34.64 -3.06 8.69
CA ASP B 12 -34.16 -2.26 9.82
C ASP B 12 -33.82 -0.90 9.24
N ILE B 13 -34.86 -0.06 9.18
CA ILE B 13 -34.72 1.25 8.56
C ILE B 13 -33.60 2.03 9.23
N GLY B 14 -33.43 1.87 10.55
CA GLY B 14 -32.63 2.81 11.32
C GLY B 14 -31.14 2.81 10.96
N ARG B 15 -30.65 1.72 10.38
CA ARG B 15 -29.27 1.65 9.93
C ARG B 15 -29.15 1.79 8.41
N SER B 16 -30.25 1.97 7.71
CA SER B 16 -30.12 2.01 6.27
C SER B 16 -29.79 3.40 5.73
N SER B 17 -29.53 4.39 6.57
CA SER B 17 -29.29 5.75 6.08
C SER B 17 -28.38 6.54 7.02
N VAL B 18 -27.65 7.51 6.46
CA VAL B 18 -26.99 8.54 7.26
C VAL B 18 -27.67 9.90 7.09
N ARG B 19 -28.84 9.95 6.45
CA ARG B 19 -29.52 11.22 6.20
C ARG B 19 -29.68 12.09 7.44
N PRO B 20 -30.09 11.58 8.61
CA PRO B 20 -30.16 12.45 9.80
C PRO B 20 -28.89 13.24 10.10
N TYR B 21 -27.71 12.75 9.72
CA TYR B 21 -26.43 13.39 10.05
C TYR B 21 -25.89 14.25 8.92
N LEU B 22 -26.60 14.35 7.80
CA LEU B 22 -26.03 14.90 6.58
C LEU B 22 -25.53 16.34 6.77
N GLU B 23 -26.36 17.21 7.33
CA GLU B 23 -25.98 18.62 7.39
C GLU B 23 -24.81 18.83 8.35
N GLU B 24 -24.88 18.24 9.53
CA GLU B 24 -23.87 18.53 10.53
C GLU B 24 -22.52 17.87 10.17
N CYS B 25 -22.55 16.69 9.58
CA CYS B 25 -21.30 16.08 9.11
C CYS B 25 -20.69 16.89 7.97
N THR B 26 -21.52 17.39 7.06
CA THR B 26 -20.99 18.20 5.97
C THR B 26 -20.26 19.43 6.51
N ARG B 27 -20.89 20.14 7.43
CA ARG B 27 -20.25 21.34 7.94
C ARG B 27 -19.03 21.00 8.79
N ARG B 28 -19.06 19.85 9.49
CA ARG B 28 -17.88 19.39 10.24
C ARG B 28 -16.71 19.07 9.31
N PHE B 29 -16.95 18.30 8.24
CA PHE B 29 -15.91 18.10 7.22
C PHE B 29 -15.35 19.43 6.74
N GLN B 30 -16.23 20.36 6.35
CA GLN B 30 -15.77 21.62 5.81
C GLN B 30 -14.95 22.40 6.82
N GLU B 31 -15.37 22.40 8.10
CA GLU B 31 -14.62 23.14 9.10
C GLU B 31 -13.23 22.54 9.25
N MET B 32 -13.14 21.22 9.16
CA MET B 32 -11.86 20.54 9.26
C MET B 32 -10.92 21.00 8.15
N PHE B 33 -11.39 20.95 6.90
CA PHE B 33 -10.57 21.43 5.78
C PHE B 33 -10.17 22.89 5.96
N ASP B 34 -11.11 23.76 6.36
CA ASP B 34 -10.76 25.16 6.55
C ASP B 34 -9.72 25.33 7.65
N ARG B 35 -9.79 24.49 8.67
CA ARG B 35 -8.86 24.55 9.79
C ARG B 35 -7.49 23.95 9.44
N HIS B 36 -7.46 22.87 8.66
CA HIS B 36 -6.21 22.14 8.47
C HIS B 36 -5.65 22.21 7.05
N VAL B 37 -6.48 22.14 6.00
CA VAL B 37 -5.99 22.31 4.64
C VAL B 37 -5.83 23.78 4.28
N VAL B 38 -6.90 24.57 4.45
CA VAL B 38 -6.91 26.02 4.36
C VAL B 38 -7.16 26.47 2.93
N THR B 39 -6.35 26.02 1.98
CA THR B 39 -6.52 26.49 0.61
C THR B 39 -7.54 25.63 -0.13
N ARG B 40 -8.25 26.28 -1.05
CA ARG B 40 -9.37 25.66 -1.73
C ARG B 40 -8.91 24.71 -2.84
N PRO B 41 -9.75 23.74 -3.19
CA PRO B 41 -9.63 23.05 -4.48
C PRO B 41 -9.74 24.04 -5.65
N THR B 42 -9.21 23.63 -6.80
CA THR B 42 -9.34 24.41 -8.04
C THR B 42 -9.84 23.52 -9.17
N LYS B 43 -10.89 23.95 -9.86
CA LYS B 43 -11.44 23.16 -10.95
C LYS B 43 -10.71 23.47 -12.25
N VAL B 44 -10.38 22.43 -13.02
CA VAL B 44 -10.13 22.62 -14.44
C VAL B 44 -11.46 22.80 -15.16
N GLU B 45 -11.49 23.71 -16.13
CA GLU B 45 -12.71 24.14 -16.80
C GLU B 45 -12.75 23.56 -18.22
N LEU B 46 -13.12 22.28 -18.35
CA LEU B 46 -13.25 21.68 -19.68
C LEU B 46 -14.38 22.33 -20.46
N THR B 47 -14.24 22.38 -21.80
CA THR B 47 -15.29 22.99 -22.61
C THR B 47 -16.43 21.99 -22.83
N ASP B 48 -17.56 22.47 -23.38
CA ASP B 48 -18.58 21.49 -23.71
C ASP B 48 -18.10 20.63 -24.87
N ALA B 49 -17.34 21.24 -25.78
CA ALA B 49 -16.66 20.50 -26.84
C ALA B 49 -15.78 19.37 -26.30
N GLU B 50 -14.65 19.68 -25.64
CA GLU B 50 -13.64 18.62 -25.41
C GLU B 50 -13.93 17.79 -24.14
N LEU B 51 -15.02 18.09 -23.42
CA LEU B 51 -15.54 17.03 -22.55
C LEU B 51 -16.06 15.88 -23.39
N ARG B 52 -16.56 16.18 -24.60
CA ARG B 52 -17.04 15.15 -25.54
C ARG B 52 -15.90 14.31 -26.10
N GLU B 53 -14.70 14.89 -26.30
CA GLU B 53 -13.59 14.05 -26.74
C GLU B 53 -13.23 13.03 -25.66
N VAL B 54 -13.16 13.47 -24.41
CA VAL B 54 -12.99 12.55 -23.30
C VAL B 54 -14.08 11.48 -23.36
N ILE B 55 -15.32 11.89 -23.60
CA ILE B 55 -16.44 10.95 -23.61
C ILE B 55 -16.33 9.97 -24.78
N ASP B 56 -15.79 10.42 -25.91
CA ASP B 56 -15.63 9.54 -27.07
C ASP B 56 -14.60 8.44 -26.80
N ASP B 57 -13.46 8.82 -26.23
CA ASP B 57 -12.51 7.83 -25.72
C ASP B 57 -13.16 6.89 -24.71
N CYS B 58 -14.04 7.42 -23.86
CA CYS B 58 -14.73 6.57 -22.89
C CYS B 58 -15.69 5.60 -23.56
N ASN B 59 -16.54 6.10 -24.47
CA ASN B 59 -17.54 5.26 -25.12
C ASN B 59 -16.88 4.15 -25.93
N ALA B 60 -15.81 4.47 -26.67
CA ALA B 60 -15.15 3.45 -27.47
C ALA B 60 -14.61 2.35 -26.57
N ALA B 61 -14.22 2.72 -25.35
CA ALA B 61 -13.54 1.77 -24.46
C ALA B 61 -14.54 0.83 -23.80
N VAL B 62 -15.75 1.30 -23.49
CA VAL B 62 -16.71 0.46 -22.78
C VAL B 62 -17.71 -0.19 -23.72
N ALA B 63 -17.78 0.22 -24.98
CA ALA B 63 -18.63 -0.46 -25.95
C ALA B 63 -18.49 -1.99 -25.93
N PRO B 64 -17.29 -2.57 -25.91
CA PRO B 64 -17.22 -4.05 -25.90
C PRO B 64 -18.01 -4.71 -24.78
N LEU B 65 -18.32 -4.01 -23.70
CA LEU B 65 -19.05 -4.62 -22.58
C LEU B 65 -20.56 -4.42 -22.68
N GLY B 66 -21.05 -3.88 -23.80
CA GLY B 66 -22.46 -3.90 -24.16
C GLY B 66 -23.37 -3.02 -23.35
N LYS B 67 -22.96 -1.81 -22.96
CA LYS B 67 -23.76 -0.93 -22.13
C LYS B 67 -23.55 0.53 -22.54
N THR B 68 -24.65 1.26 -22.71
CA THR B 68 -24.59 2.66 -23.10
C THR B 68 -24.54 3.58 -21.90
N VAL B 69 -23.60 4.53 -21.93
CA VAL B 69 -23.39 5.48 -20.84
C VAL B 69 -23.69 6.88 -21.38
N SER B 70 -24.60 7.60 -20.72
CA SER B 70 -24.98 8.94 -21.15
C SER B 70 -23.88 9.96 -20.82
N ASP B 71 -23.92 11.11 -21.50
CA ASP B 71 -22.95 12.16 -21.19
C ASP B 71 -23.12 12.67 -19.77
N GLU B 72 -24.35 12.72 -19.25
CA GLU B 72 -24.52 13.19 -17.88
C GLU B 72 -23.86 12.23 -16.89
N ARG B 73 -23.90 10.92 -17.18
CA ARG B 73 -23.21 9.96 -16.33
C ARG B 73 -21.70 10.13 -16.44
N TRP B 74 -21.18 10.23 -17.67
CA TRP B 74 -19.75 10.49 -17.83
C TRP B 74 -19.31 11.73 -17.07
N ILE B 75 -20.09 12.81 -17.18
CA ILE B 75 -19.74 14.04 -16.48
C ILE B 75 -19.76 13.83 -14.98
N SER B 76 -20.69 13.02 -14.50
CA SER B 76 -20.69 12.68 -13.07
C SER B 76 -19.38 12.00 -12.68
N TYR B 77 -18.92 11.03 -13.48
CA TYR B 77 -17.66 10.36 -13.18
C TYR B 77 -16.48 11.31 -13.26
N VAL B 78 -16.45 12.17 -14.28
CA VAL B 78 -15.21 12.87 -14.59
C VAL B 78 -14.92 14.00 -13.62
N GLY B 79 -15.95 14.53 -12.93
CA GLY B 79 -15.75 15.67 -12.06
C GLY B 79 -14.70 15.48 -10.99
N VAL B 80 -14.51 14.23 -10.52
CA VAL B 80 -13.49 14.01 -9.49
C VAL B 80 -12.12 14.39 -10.02
N VAL B 81 -11.85 14.09 -11.29
CA VAL B 81 -10.55 14.46 -11.86
C VAL B 81 -10.45 15.99 -12.02
N LEU B 82 -11.54 16.62 -12.48
CA LEU B 82 -11.52 18.06 -12.69
C LEU B 82 -11.28 18.83 -11.38
N TRP B 83 -11.84 18.33 -10.27
CA TRP B 83 -11.75 18.99 -8.98
C TRP B 83 -10.55 18.59 -8.13
N SER B 84 -10.04 17.38 -8.30
CA SER B 84 -9.13 16.80 -7.31
C SER B 84 -7.71 16.64 -7.80
N GLN B 85 -7.36 17.18 -8.97
CA GLN B 85 -5.97 17.28 -9.33
C GLN B 85 -5.45 18.60 -8.75
N SER B 86 -4.31 19.10 -9.24
CA SER B 86 -3.67 20.29 -8.66
C SER B 86 -3.30 21.22 -9.81
N PRO B 87 -4.20 22.11 -10.22
CA PRO B 87 -4.03 22.80 -11.52
C PRO B 87 -2.80 23.68 -11.61
N ARG B 88 -2.36 24.31 -10.53
CA ARG B 88 -1.22 25.21 -10.69
C ARG B 88 0.08 24.43 -10.89
N HIS B 89 0.07 23.12 -10.68
CA HIS B 89 1.25 22.31 -10.85
C HIS B 89 1.24 21.52 -12.14
N ILE B 90 0.16 21.64 -12.93
CA ILE B 90 0.00 20.77 -14.09
C ILE B 90 1.07 21.10 -15.12
N LYS B 91 1.65 20.07 -15.73
CA LYS B 91 2.55 20.25 -16.85
C LYS B 91 2.09 19.51 -18.09
N ASP B 92 1.65 18.25 -17.97
CA ASP B 92 1.29 17.44 -19.12
C ASP B 92 -0.23 17.30 -19.14
N MET B 93 -0.88 18.01 -20.06
CA MET B 93 -2.34 17.98 -20.11
C MET B 93 -2.91 16.77 -20.83
N GLU B 94 -2.16 16.12 -21.71
CA GLU B 94 -2.73 14.90 -22.28
C GLU B 94 -2.63 13.73 -21.28
N ALA B 95 -1.66 13.78 -20.36
CA ALA B 95 -1.72 12.87 -19.21
C ALA B 95 -2.95 13.18 -18.35
N PHE B 96 -3.29 14.46 -18.21
CA PHE B 96 -4.48 14.83 -17.44
C PHE B 96 -5.74 14.23 -18.09
N LYS B 97 -5.83 14.27 -19.42
CA LYS B 97 -6.99 13.69 -20.11
C LYS B 97 -6.97 12.17 -20.03
N ALA B 98 -5.79 11.56 -20.06
CA ALA B 98 -5.71 10.12 -19.83
C ALA B 98 -6.34 9.74 -18.49
N VAL B 99 -6.05 10.52 -17.44
CA VAL B 99 -6.63 10.22 -16.14
C VAL B 99 -8.14 10.43 -16.16
N CYS B 100 -8.62 11.47 -16.88
CA CYS B 100 -10.06 11.62 -17.08
C CYS B 100 -10.65 10.35 -17.67
N VAL B 101 -10.06 9.85 -18.75
CA VAL B 101 -10.63 8.66 -19.40
C VAL B 101 -10.51 7.44 -18.49
N LEU B 102 -9.31 7.19 -17.97
CA LEU B 102 -9.07 5.99 -17.17
C LEU B 102 -9.94 5.98 -15.92
N ASN B 103 -10.04 7.12 -15.24
CA ASN B 103 -10.95 7.24 -14.10
C ASN B 103 -12.37 6.86 -14.51
N CYS B 104 -12.86 7.41 -15.63
CA CYS B 104 -14.28 7.26 -15.95
C CYS B 104 -14.61 5.83 -16.35
N VAL B 105 -13.79 5.19 -17.19
CA VAL B 105 -14.17 3.86 -17.65
C VAL B 105 -14.05 2.84 -16.53
N THR B 106 -13.10 3.04 -15.60
CA THR B 106 -13.06 2.13 -14.45
C THR B 106 -14.15 2.46 -13.43
N PHE B 107 -14.67 3.69 -13.44
CA PHE B 107 -15.89 3.97 -12.68
C PHE B 107 -17.06 3.15 -13.23
N VAL B 108 -17.17 3.04 -14.56
CA VAL B 108 -18.21 2.20 -15.15
C VAL B 108 -18.06 0.77 -14.65
N TRP B 109 -16.84 0.24 -14.70
CA TRP B 109 -16.52 -1.10 -14.21
C TRP B 109 -16.98 -1.27 -12.76
N ASP B 110 -16.74 -0.26 -11.92
CA ASP B 110 -17.14 -0.28 -10.52
C ASP B 110 -18.64 -0.43 -10.37
N ASP B 111 -19.41 0.20 -11.27
CA ASP B 111 -20.87 0.18 -11.24
C ASP B 111 -21.46 -0.98 -12.03
N MET B 112 -20.63 -1.86 -12.55
CA MET B 112 -21.07 -2.93 -13.42
C MET B 112 -21.34 -4.22 -12.67
N ASP B 113 -22.44 -4.86 -13.02
CA ASP B 113 -22.59 -6.29 -12.86
C ASP B 113 -21.31 -6.99 -13.28
N PRO B 114 -20.77 -7.90 -12.44
CA PRO B 114 -19.50 -8.56 -12.80
C PRO B 114 -19.57 -9.38 -14.08
N ALA B 115 -20.76 -9.82 -14.49
CA ALA B 115 -20.89 -10.57 -15.75
C ALA B 115 -20.44 -9.76 -16.95
N LEU B 116 -20.50 -8.44 -16.87
CA LEU B 116 -20.04 -7.58 -17.95
C LEU B 116 -18.53 -7.43 -18.00
N HIS B 117 -17.80 -7.93 -17.00
CA HIS B 117 -16.36 -7.67 -16.87
C HIS B 117 -15.57 -8.55 -17.83
N ASP B 118 -15.49 -8.14 -19.09
CA ASP B 118 -14.74 -8.83 -20.14
C ASP B 118 -13.31 -8.32 -20.14
N PHE B 119 -12.40 -9.05 -19.50
CA PHE B 119 -11.01 -8.62 -19.47
C PHE B 119 -10.42 -8.62 -20.88
N GLY B 120 -10.79 -9.59 -21.70
CA GLY B 120 -10.23 -9.67 -23.04
C GLY B 120 -10.59 -8.48 -23.91
N LEU B 121 -11.80 -7.96 -23.76
CA LEU B 121 -12.21 -6.80 -24.53
C LEU B 121 -11.74 -5.50 -23.88
N PHE B 122 -11.67 -5.47 -22.54
CA PHE B 122 -11.45 -4.19 -21.87
C PHE B 122 -9.97 -3.88 -21.62
N LEU B 123 -9.15 -4.86 -21.22
CA LEU B 123 -7.73 -4.57 -21.05
C LEU B 123 -7.09 -3.94 -22.29
N PRO B 124 -7.28 -4.45 -23.51
CA PRO B 124 -6.70 -3.77 -24.68
C PRO B 124 -7.07 -2.30 -24.78
N GLN B 125 -8.30 -1.93 -24.42
CA GLN B 125 -8.70 -0.53 -24.47
C GLN B 125 -7.95 0.29 -23.44
N LEU B 126 -7.78 -0.24 -22.23
CA LEU B 126 -6.97 0.43 -21.23
C LEU B 126 -5.54 0.64 -21.73
N ARG B 127 -4.90 -0.44 -22.21
CA ARG B 127 -3.52 -0.32 -22.68
C ARG B 127 -3.39 0.74 -23.77
N LYS B 128 -4.36 0.78 -24.69
CA LYS B 128 -4.31 1.74 -25.80
C LYS B 128 -4.46 3.17 -25.30
N ILE B 129 -5.28 3.39 -24.26
CA ILE B 129 -5.40 4.73 -23.71
C ILE B 129 -4.05 5.19 -23.18
N CYS B 130 -3.37 4.33 -22.41
CA CYS B 130 -2.10 4.73 -21.82
C CYS B 130 -1.08 5.02 -22.89
N GLU B 131 -1.14 4.32 -24.03
CA GLU B 131 -0.17 4.50 -25.09
C GLU B 131 -0.38 5.79 -25.86
N LYS B 132 -1.65 6.18 -26.06
CA LYS B 132 -1.93 7.46 -26.71
C LYS B 132 -1.35 8.63 -25.93
N TYR B 133 -1.38 8.56 -24.59
CA TYR B 133 -1.14 9.73 -23.76
C TYR B 133 0.16 9.73 -22.97
N TYR B 134 0.77 8.57 -22.70
CA TYR B 134 2.00 8.50 -21.92
C TYR B 134 3.16 7.96 -22.76
N GLY B 135 4.37 8.25 -22.30
CA GLY B 135 5.57 7.61 -22.79
C GLY B 135 5.70 6.19 -22.26
N PRO B 136 6.48 5.37 -22.95
CA PRO B 136 6.49 3.92 -22.64
C PRO B 136 6.63 3.55 -21.17
N GLU B 137 7.59 4.11 -20.43
CA GLU B 137 7.68 3.82 -19.00
C GLU B 137 6.40 4.21 -18.26
N ASP B 138 5.97 5.47 -18.37
CA ASP B 138 4.75 5.88 -17.66
C ASP B 138 3.54 5.07 -18.11
N ALA B 139 3.52 4.65 -19.38
CA ALA B 139 2.37 3.93 -19.91
C ALA B 139 2.30 2.52 -19.34
N GLU B 140 3.44 1.87 -19.10
CA GLU B 140 3.35 0.53 -18.52
C GLU B 140 2.88 0.60 -17.08
N VAL B 141 3.26 1.65 -16.34
CA VAL B 141 2.87 1.77 -14.95
C VAL B 141 1.39 2.15 -14.82
N ALA B 142 0.91 3.04 -15.69
CA ALA B 142 -0.51 3.39 -15.68
C ALA B 142 -1.36 2.19 -16.10
N TYR B 143 -0.94 1.45 -17.14
CA TYR B 143 -1.71 0.27 -17.53
C TYR B 143 -1.76 -0.77 -16.41
N GLU B 144 -0.61 -1.11 -15.83
CA GLU B 144 -0.60 -2.10 -14.74
C GLU B 144 -1.50 -1.68 -13.59
N ALA B 145 -1.50 -0.39 -13.26
CA ALA B 145 -2.36 0.07 -12.17
C ALA B 145 -3.84 -0.08 -12.54
N ALA B 146 -4.22 0.30 -13.76
CA ALA B 146 -5.61 0.12 -14.18
C ALA B 146 -6.02 -1.36 -14.16
N ARG B 147 -5.16 -2.21 -14.74
CA ARG B 147 -5.41 -3.65 -14.74
C ARG B 147 -5.57 -4.18 -13.32
N ALA B 148 -4.66 -3.80 -12.43
CA ALA B 148 -4.74 -4.29 -11.05
C ALA B 148 -6.03 -3.80 -10.37
N PHE B 149 -6.46 -2.57 -10.69
CA PHE B 149 -7.69 -2.11 -10.08
C PHE B 149 -8.90 -2.90 -10.58
N VAL B 150 -9.05 -3.05 -11.91
CA VAL B 150 -10.27 -3.71 -12.38
C VAL B 150 -10.25 -5.19 -11.98
N THR B 151 -9.08 -5.80 -11.92
CA THR B 151 -9.00 -7.17 -11.43
C THR B 151 -9.38 -7.26 -9.95
N SER B 152 -8.93 -6.32 -9.14
CA SER B 152 -9.30 -6.26 -7.73
C SER B 152 -10.81 -6.08 -7.56
N ASP B 153 -11.39 -5.10 -8.27
CA ASP B 153 -12.82 -4.87 -8.12
C ASP B 153 -13.61 -6.13 -8.46
N HIS B 154 -13.18 -6.87 -9.49
CA HIS B 154 -13.88 -8.09 -9.89
C HIS B 154 -13.67 -9.20 -8.87
N MET B 155 -12.41 -9.51 -8.54
CA MET B 155 -12.15 -10.70 -7.74
C MET B 155 -12.73 -10.57 -6.34
N PHE B 156 -12.88 -9.34 -5.82
CA PHE B 156 -13.38 -9.19 -4.47
C PHE B 156 -14.90 -9.08 -4.38
N ARG B 157 -15.63 -9.18 -5.49
CA ARG B 157 -17.10 -9.09 -5.42
C ARG B 157 -17.69 -10.17 -4.52
N ASP B 158 -17.35 -11.43 -4.77
CA ASP B 158 -17.76 -12.42 -3.77
C ASP B 158 -16.53 -13.09 -3.18
N SER B 159 -15.90 -12.38 -2.20
CA SER B 159 -14.67 -12.74 -1.52
C SER B 159 -14.81 -12.62 0.00
N PRO B 160 -14.53 -13.72 0.66
CA PRO B 160 -14.37 -13.68 2.12
C PRO B 160 -13.30 -12.72 2.57
N ILE B 161 -12.28 -12.47 1.75
CA ILE B 161 -11.28 -11.47 2.13
C ILE B 161 -11.95 -10.12 2.34
N LYS B 162 -12.87 -9.77 1.43
CA LYS B 162 -13.56 -8.50 1.58
C LYS B 162 -14.39 -8.47 2.86
N ALA B 163 -15.13 -9.54 3.12
CA ALA B 163 -15.94 -9.61 4.33
C ALA B 163 -15.07 -9.46 5.59
N ALA B 164 -13.94 -10.16 5.64
CA ALA B 164 -13.07 -10.05 6.80
C ALA B 164 -12.49 -8.64 6.94
N LEU B 165 -11.89 -8.10 5.86
CA LEU B 165 -11.22 -6.81 6.00
C LEU B 165 -12.22 -5.67 6.21
N CYS B 166 -13.43 -5.81 5.72
CA CYS B 166 -14.39 -4.74 5.87
C CYS B 166 -15.07 -4.72 7.23
N THR B 167 -15.17 -5.89 7.90
CA THR B 167 -15.98 -6.03 9.10
C THR B 167 -15.18 -6.21 10.38
N THR B 168 -13.86 -6.05 10.36
CA THR B 168 -13.02 -6.36 11.53
C THR B 168 -12.60 -5.11 12.30
N SER B 169 -12.26 -4.02 11.61
CA SER B 169 -11.73 -2.83 12.26
C SER B 169 -11.51 -1.76 11.21
N PRO B 170 -11.41 -0.48 11.61
CA PRO B 170 -11.09 0.55 10.61
C PRO B 170 -9.74 0.33 9.95
N GLU B 171 -8.74 -0.17 10.69
CA GLU B 171 -7.42 -0.34 10.12
C GLU B 171 -7.38 -1.44 9.06
N GLN B 172 -8.10 -2.55 9.27
CA GLN B 172 -8.18 -3.56 8.21
C GLN B 172 -8.93 -3.01 7.00
N TYR B 173 -9.99 -2.26 7.27
CA TYR B 173 -10.81 -1.74 6.18
C TYR B 173 -10.01 -0.78 5.30
N PHE B 174 -9.33 0.19 5.90
CA PHE B 174 -8.60 1.16 5.10
C PHE B 174 -7.45 0.51 4.34
N ARG B 175 -6.90 -0.57 4.89
CA ARG B 175 -5.90 -1.33 4.14
C ARG B 175 -6.48 -1.88 2.84
N PHE B 176 -7.72 -2.37 2.87
CA PHE B 176 -8.38 -2.81 1.64
C PHE B 176 -8.55 -1.66 0.65
N ARG B 177 -8.89 -0.47 1.17
CA ARG B 177 -9.28 0.63 0.31
C ARG B 177 -8.10 1.32 -0.37
N VAL B 178 -6.87 1.10 0.11
CA VAL B 178 -5.72 1.66 -0.60
C VAL B 178 -5.79 1.30 -2.08
N THR B 179 -6.19 0.06 -2.37
CA THR B 179 -6.43 -0.40 -3.73
C THR B 179 -7.87 -0.17 -4.17
N ASP B 180 -8.81 -0.59 -3.35
CA ASP B 180 -10.19 -0.68 -3.82
C ASP B 180 -10.82 0.69 -4.08
N ILE B 181 -10.44 1.72 -3.33
CA ILE B 181 -11.02 3.02 -3.69
C ILE B 181 -10.36 3.60 -4.92
N GLY B 182 -9.33 2.95 -5.46
CA GLY B 182 -8.69 3.39 -6.70
C GLY B 182 -7.58 4.40 -6.54
N VAL B 183 -7.20 4.74 -5.31
CA VAL B 183 -6.25 5.84 -5.15
C VAL B 183 -4.83 5.43 -5.53
N ASP B 184 -4.43 4.18 -5.29
CA ASP B 184 -3.12 3.78 -5.77
C ASP B 184 -3.03 3.91 -7.28
N PHE B 185 -4.06 3.44 -7.98
CA PHE B 185 -4.13 3.54 -9.43
C PHE B 185 -4.08 5.02 -9.85
N TRP B 186 -4.89 5.84 -9.19
CA TRP B 186 -4.90 7.29 -9.42
C TRP B 186 -3.50 7.88 -9.37
N MET B 187 -2.74 7.57 -8.32
CA MET B 187 -1.43 8.17 -8.18
C MET B 187 -0.50 7.71 -9.31
N LYS B 188 -0.58 6.42 -9.66
CA LYS B 188 0.36 5.88 -10.63
C LYS B 188 -0.02 6.27 -12.06
N MET B 189 -1.22 6.78 -12.28
CA MET B 189 -1.54 7.36 -13.58
C MET B 189 -1.48 8.89 -13.58
N SER B 190 -1.44 9.53 -12.40
CA SER B 190 -1.40 10.98 -12.32
C SER B 190 0.00 11.57 -12.27
N TYR B 191 1.04 10.82 -11.86
CA TYR B 191 2.35 11.45 -11.74
C TYR B 191 2.87 12.05 -13.06
N PRO B 192 2.61 11.51 -14.25
CA PRO B 192 3.09 12.21 -15.45
C PRO B 192 2.44 13.56 -15.66
N ILE B 193 1.32 13.85 -15.00
CA ILE B 193 0.73 15.18 -15.11
C ILE B 193 1.70 16.24 -14.59
N TYR B 194 2.48 15.89 -13.57
CA TYR B 194 3.27 16.83 -12.80
C TYR B 194 4.76 16.77 -13.09
N ARG B 195 5.28 15.60 -13.47
CA ARG B 195 6.73 15.37 -13.70
C ARG B 195 7.57 16.00 -12.60
N HIS B 196 7.21 15.67 -11.37
CA HIS B 196 7.88 16.16 -10.18
C HIS B 196 8.57 14.95 -9.53
N PRO B 197 9.90 14.94 -9.45
CA PRO B 197 10.60 13.69 -9.11
C PRO B 197 10.11 13.00 -7.84
N GLU B 198 9.99 13.72 -6.73
CA GLU B 198 9.51 13.08 -5.50
C GLU B 198 8.07 12.60 -5.65
N PHE B 199 7.21 13.37 -6.33
CA PHE B 199 5.82 12.92 -6.46
C PHE B 199 5.77 11.59 -7.19
N THR B 200 6.58 11.45 -8.24
CA THR B 200 6.68 10.19 -8.96
C THR B 200 7.14 9.07 -8.04
N GLU B 201 8.12 9.33 -7.17
CA GLU B 201 8.55 8.27 -6.24
C GLU B 201 7.42 7.89 -5.30
N HIS B 202 6.82 8.87 -4.62
CA HIS B 202 5.76 8.55 -3.66
C HIS B 202 4.61 7.83 -4.35
N ALA B 203 4.34 8.16 -5.61
CA ALA B 203 3.34 7.44 -6.38
C ALA B 203 3.76 5.98 -6.56
N LYS B 204 5.02 5.74 -6.94
CA LYS B 204 5.41 4.40 -7.30
C LYS B 204 5.65 3.49 -6.08
N THR B 205 5.98 4.05 -4.92
CA THR B 205 6.04 3.25 -3.70
C THR B 205 4.66 3.01 -3.09
N SER B 206 3.64 3.73 -3.57
CA SER B 206 2.29 3.75 -3.02
C SER B 206 2.19 4.50 -1.69
N LEU B 207 3.28 5.12 -1.21
CA LEU B 207 3.16 5.98 -0.02
C LEU B 207 2.18 7.13 -0.26
N ALA B 208 2.15 7.65 -1.49
CA ALA B 208 1.18 8.68 -1.84
C ALA B 208 -0.23 8.18 -1.61
N ALA B 209 -0.53 6.97 -2.09
CA ALA B 209 -1.84 6.38 -1.87
C ALA B 209 -2.11 6.14 -0.40
N ARG B 210 -1.11 5.64 0.33
CA ARG B 210 -1.34 5.35 1.73
C ARG B 210 -1.60 6.63 2.53
N MET B 211 -1.02 7.77 2.13
CA MET B 211 -1.26 9.02 2.87
C MET B 211 -2.67 9.56 2.64
N THR B 212 -3.27 9.26 1.49
CA THR B 212 -4.52 9.92 1.11
C THR B 212 -5.74 9.01 1.20
N THR B 213 -5.53 7.71 1.47
CA THR B 213 -6.64 6.75 1.44
C THR B 213 -7.74 7.13 2.43
N ARG B 214 -7.38 7.45 3.67
CA ARG B 214 -8.44 7.67 4.65
C ARG B 214 -9.24 8.93 4.32
N GLY B 215 -8.56 9.99 3.89
CA GLY B 215 -9.25 11.23 3.57
C GLY B 215 -10.25 11.05 2.45
N LEU B 216 -9.85 10.32 1.40
CA LEU B 216 -10.79 10.04 0.30
C LEU B 216 -11.91 9.13 0.78
N THR B 217 -11.55 8.05 1.47
CA THR B 217 -12.51 6.99 1.75
C THR B 217 -13.57 7.43 2.76
N ILE B 218 -13.16 8.12 3.81
CA ILE B 218 -14.12 8.52 4.83
C ILE B 218 -15.19 9.41 4.21
N VAL B 219 -14.77 10.36 3.38
CA VAL B 219 -15.71 11.24 2.68
C VAL B 219 -16.58 10.44 1.72
N ASN B 220 -15.95 9.60 0.87
CA ASN B 220 -16.76 8.81 -0.06
C ASN B 220 -17.76 7.94 0.68
N ASP B 221 -17.31 7.28 1.76
CA ASP B 221 -18.18 6.35 2.48
C ASP B 221 -19.38 7.07 3.07
N PHE B 222 -19.17 8.27 3.62
CA PHE B 222 -20.29 8.95 4.25
C PHE B 222 -21.40 9.22 3.25
N TYR B 223 -21.02 9.75 2.09
CA TYR B 223 -22.00 10.18 1.12
C TYR B 223 -22.49 9.07 0.21
N SER B 224 -21.83 7.90 0.18
CA SER B 224 -22.33 6.78 -0.62
C SER B 224 -22.96 5.69 0.24
N TYR B 225 -23.01 5.89 1.56
CA TYR B 225 -23.56 4.89 2.48
C TYR B 225 -24.98 4.46 2.09
N ASP B 226 -25.87 5.43 1.83
CA ASP B 226 -27.27 5.05 1.58
C ASP B 226 -27.38 4.18 0.34
N ARG B 227 -26.69 4.54 -0.73
CA ARG B 227 -26.69 3.72 -1.93
C ARG B 227 -26.14 2.33 -1.63
N GLU B 228 -24.96 2.27 -1.03
CA GLU B 228 -24.30 0.99 -0.88
C GLU B 228 -25.07 0.05 0.04
N VAL B 229 -25.68 0.60 1.09
CA VAL B 229 -26.51 -0.22 1.96
C VAL B 229 -27.71 -0.79 1.21
N SER B 230 -28.37 0.02 0.38
CA SER B 230 -29.55 -0.47 -0.33
C SER B 230 -29.18 -1.51 -1.40
N LEU B 231 -27.90 -1.69 -1.69
CA LEU B 231 -27.46 -2.73 -2.62
C LEU B 231 -26.85 -3.95 -1.92
N GLY B 232 -26.73 -3.93 -0.60
CA GLY B 232 -25.95 -4.96 0.07
C GLY B 232 -24.46 -4.91 -0.24
N GLN B 233 -23.89 -3.72 -0.39
CA GLN B 233 -22.45 -3.60 -0.58
C GLN B 233 -21.81 -3.26 0.76
N ILE B 234 -20.81 -4.03 1.16
CA ILE B 234 -20.27 -3.91 2.52
C ILE B 234 -19.03 -3.06 2.59
N THR B 235 -18.55 -2.53 1.48
CA THR B 235 -17.28 -1.78 1.50
C THR B 235 -17.57 -0.31 1.87
N ASN B 236 -17.72 -0.08 3.18
CA ASN B 236 -18.05 1.24 3.71
C ASN B 236 -17.78 1.27 5.20
N CYS B 237 -16.93 2.17 5.67
CA CYS B 237 -16.51 2.12 7.07
C CYS B 237 -17.63 2.43 8.04
N PHE B 238 -18.69 3.14 7.61
CA PHE B 238 -19.75 3.39 8.57
C PHE B 238 -20.62 2.17 8.84
N ARG B 239 -20.46 1.06 8.08
CA ARG B 239 -21.06 -0.20 8.54
C ARG B 239 -20.36 -0.74 9.78
N LEU B 240 -19.20 -0.20 10.14
CA LEU B 240 -18.51 -0.60 11.36
C LEU B 240 -19.12 -0.02 12.63
N CYS B 241 -20.08 0.90 12.53
CA CYS B 241 -20.70 1.43 13.72
C CYS B 241 -22.20 1.35 13.59
N ASP B 242 -22.87 1.51 14.74
CA ASP B 242 -24.31 1.51 14.80
C ASP B 242 -24.78 2.90 14.41
N VAL B 243 -24.94 3.14 13.10
CA VAL B 243 -25.41 4.43 12.66
C VAL B 243 -26.81 4.76 13.18
N SER B 244 -27.60 3.74 13.57
CA SER B 244 -28.94 4.02 14.08
C SER B 244 -28.93 4.59 15.49
N ASP B 245 -27.77 4.79 16.09
CA ASP B 245 -27.68 5.40 17.40
C ASP B 245 -26.75 6.60 17.35
N GLU B 246 -27.31 7.77 17.63
CA GLU B 246 -26.61 9.02 17.41
C GLU B 246 -25.30 9.08 18.17
N THR B 247 -25.28 8.63 19.43
CA THR B 247 -24.07 8.80 20.22
C THR B 247 -22.95 7.86 19.75
N ALA B 248 -23.30 6.64 19.35
CA ALA B 248 -22.28 5.77 18.77
C ALA B 248 -21.78 6.33 17.45
N PHE B 249 -22.69 6.85 16.62
CA PHE B 249 -22.28 7.42 15.35
C PHE B 249 -21.36 8.61 15.57
N LYS B 250 -21.72 9.50 16.51
CA LYS B 250 -20.89 10.67 16.77
C LYS B 250 -19.47 10.27 17.15
N GLU B 251 -19.35 9.31 18.07
CA GLU B 251 -18.05 8.79 18.48
C GLU B 251 -17.23 8.33 17.28
N PHE B 252 -17.82 7.49 16.44
CA PHE B 252 -17.13 6.95 15.29
C PHE B 252 -16.74 8.06 14.32
N PHE B 253 -17.66 8.99 14.08
CA PHE B 253 -17.39 10.04 13.12
C PHE B 253 -16.23 10.92 13.57
N GLN B 254 -16.18 11.28 14.86
CA GLN B 254 -15.04 12.07 15.35
C GLN B 254 -13.75 11.27 15.25
N ALA B 255 -13.79 9.97 15.53
CA ALA B 255 -12.60 9.16 15.32
C ALA B 255 -12.14 9.24 13.86
N ARG B 256 -13.09 9.22 12.91
CA ARG B 256 -12.72 9.32 11.51
C ARG B 256 -12.18 10.71 11.17
N LEU B 257 -12.80 11.78 11.71
CA LEU B 257 -12.25 13.12 11.58
C LEU B 257 -10.81 13.18 12.08
N ASP B 258 -10.56 12.65 13.29
CA ASP B 258 -9.20 12.59 13.82
C ASP B 258 -8.24 11.93 12.84
N ASP B 259 -8.65 10.80 12.25
CA ASP B 259 -7.81 10.12 11.26
C ASP B 259 -7.45 11.06 10.11
N MET B 260 -8.44 11.78 9.59
CA MET B 260 -8.18 12.69 8.49
C MET B 260 -7.20 13.78 8.90
N ILE B 261 -7.41 14.33 10.09
CA ILE B 261 -6.55 15.40 10.59
C ILE B 261 -5.12 14.90 10.75
N GLU B 262 -4.95 13.73 11.35
CA GLU B 262 -3.61 13.21 11.52
C GLU B 262 -2.93 13.02 10.17
N ASP B 263 -3.64 12.49 9.17
CA ASP B 263 -3.04 12.33 7.85
C ASP B 263 -2.67 13.68 7.26
N ILE B 264 -3.55 14.68 7.41
CA ILE B 264 -3.26 15.97 6.81
C ILE B 264 -2.04 16.62 7.46
N GLU B 265 -1.93 16.53 8.80
CA GLU B 265 -0.76 17.09 9.48
C GLU B 265 0.54 16.41 9.04
N CYS B 266 0.54 15.09 8.88
CA CYS B 266 1.73 14.43 8.36
C CYS B 266 1.95 14.75 6.88
N ILE B 267 0.89 14.95 6.10
CA ILE B 267 1.09 15.34 4.71
C ILE B 267 1.88 16.66 4.63
N LYS B 268 1.74 17.52 5.64
CA LYS B 268 2.44 18.81 5.66
C LYS B 268 3.94 18.68 5.88
N ALA B 269 4.43 17.49 6.22
CA ALA B 269 5.87 17.26 6.21
C ALA B 269 6.43 17.05 4.82
N PHE B 270 5.60 16.63 3.85
CA PHE B 270 6.08 16.37 2.50
C PHE B 270 6.47 17.69 1.83
N ASP B 271 7.18 17.60 0.70
CA ASP B 271 7.66 18.81 0.05
C ASP B 271 6.47 19.60 -0.48
N GLN B 272 6.76 20.87 -0.81
CA GLN B 272 5.70 21.83 -1.12
C GLN B 272 4.75 21.33 -2.22
N LEU B 273 5.29 20.98 -3.39
CA LEU B 273 4.41 20.57 -4.48
C LEU B 273 3.65 19.31 -4.13
N THR B 274 4.36 18.33 -3.56
CA THR B 274 3.70 17.07 -3.22
C THR B 274 2.55 17.29 -2.24
N GLN B 275 2.77 18.11 -1.21
CA GLN B 275 1.71 18.26 -0.22
C GLN B 275 0.54 19.08 -0.78
N ASP B 276 0.80 20.11 -1.57
CA ASP B 276 -0.30 20.80 -2.23
C ASP B 276 -1.12 19.82 -3.09
N VAL B 277 -0.45 18.83 -3.71
CA VAL B 277 -1.15 17.87 -4.58
C VAL B 277 -1.97 16.87 -3.75
N PHE B 278 -1.36 16.30 -2.72
CA PHE B 278 -2.11 15.42 -1.83
C PHE B 278 -3.37 16.11 -1.29
N LEU B 279 -3.22 17.37 -0.85
CA LEU B 279 -4.32 18.03 -0.16
C LEU B 279 -5.42 18.44 -1.14
N ASP B 280 -5.04 18.82 -2.36
CA ASP B 280 -6.06 19.11 -3.38
C ASP B 280 -6.86 17.85 -3.70
N LEU B 281 -6.20 16.68 -3.66
CA LEU B 281 -6.91 15.43 -3.92
C LEU B 281 -7.98 15.18 -2.84
N ILE B 282 -7.60 15.28 -1.56
CA ILE B 282 -8.55 15.00 -0.50
C ILE B 282 -9.65 16.05 -0.46
N TYR B 283 -9.26 17.31 -0.52
CA TYR B 283 -10.23 18.39 -0.38
C TYR B 283 -11.08 18.50 -1.66
N GLY B 284 -10.46 18.35 -2.82
CA GLY B 284 -11.24 18.34 -4.06
C GLY B 284 -12.23 17.21 -4.13
N ASN B 285 -11.85 16.03 -3.62
CA ASN B 285 -12.82 14.93 -3.63
C ASN B 285 -14.04 15.28 -2.80
N PHE B 286 -13.84 15.99 -1.69
CA PHE B 286 -14.96 16.37 -0.85
C PHE B 286 -15.86 17.39 -1.56
N VAL B 287 -15.26 18.35 -2.25
CA VAL B 287 -16.08 19.34 -2.98
C VAL B 287 -16.88 18.66 -4.08
N TRP B 288 -16.21 17.82 -4.87
CA TRP B 288 -16.88 17.07 -5.93
C TRP B 288 -17.98 16.17 -5.38
N THR B 289 -17.67 15.43 -4.30
CA THR B 289 -18.64 14.50 -3.74
C THR B 289 -19.91 15.21 -3.30
N THR B 290 -19.77 16.37 -2.65
CA THR B 290 -20.92 17.06 -2.12
C THR B 290 -21.67 17.84 -3.19
N SER B 291 -21.09 17.97 -4.38
CA SER B 291 -21.75 18.63 -5.50
C SER B 291 -22.47 17.68 -6.44
N ASN B 292 -22.23 16.37 -6.35
CA ASN B 292 -22.50 15.44 -7.43
C ASN B 292 -23.78 14.65 -7.17
N LYS B 293 -24.67 14.61 -8.17
CA LYS B 293 -25.90 13.82 -8.07
C LYS B 293 -25.64 12.38 -7.67
N ARG B 294 -24.47 11.85 -8.04
CA ARG B 294 -24.07 10.51 -7.63
C ARG B 294 -24.20 10.30 -6.14
N TYR B 295 -23.87 11.31 -5.34
CA TYR B 295 -23.76 11.14 -3.90
C TYR B 295 -24.94 11.73 -3.14
N LYS B 296 -25.84 12.42 -3.81
CA LYS B 296 -27.07 12.81 -3.14
C LYS B 296 -27.92 11.59 -2.79
N THR B 297 -28.89 11.20 -3.62
CA THR B 297 -29.79 10.09 -3.31
C THR B 297 -29.13 8.72 -3.42
N ALA B 298 -29.77 7.74 -2.80
CA ALA B 298 -29.21 6.38 -2.71
C ALA B 298 -29.24 5.66 -4.05
N VAL B 299 -30.28 5.85 -4.86
CA VAL B 299 -30.32 5.26 -6.19
C VAL B 299 -30.97 6.23 -7.16
N ASN B 300 -30.24 6.59 -8.21
CA ASN B 300 -30.77 7.47 -9.26
C ASN B 300 -30.08 7.11 -10.58
N ASP B 301 -30.31 7.93 -11.60
CA ASP B 301 -29.85 7.65 -12.97
C ASP B 301 -28.37 7.93 -13.20
N VAL B 302 -27.59 8.27 -12.17
CA VAL B 302 -26.14 8.40 -12.32
C VAL B 302 -25.35 7.64 -11.27
N ASN B 303 -26.00 6.95 -10.32
CA ASN B 303 -25.26 6.04 -9.44
C ASN B 303 -25.80 4.62 -9.51
N SER B 304 -26.53 4.29 -10.57
CA SER B 304 -27.31 3.06 -10.63
C SER B 304 -26.43 1.87 -10.99
N ARG B 305 -26.84 0.69 -10.53
CA ARG B 305 -26.16 -0.54 -10.93
C ARG B 305 -26.37 -0.80 -12.42
N ILE B 306 -25.30 -0.76 -13.19
CA ILE B 306 -25.33 -1.07 -14.62
C ILE B 306 -25.49 -2.57 -14.76
N GLN B 307 -26.69 -3.01 -15.17
CA GLN B 307 -27.07 -4.41 -15.09
C GLN B 307 -26.94 -5.08 -16.46
N ALA B 308 -26.31 -6.26 -16.45
CA ALA B 308 -26.11 -7.03 -17.67
C ALA B 308 -27.44 -7.63 -18.14
N GLY A 14 17.44 4.66 30.56
CA GLY A 14 16.44 3.61 30.50
C GLY A 14 15.87 3.35 29.11
N ARG A 15 15.85 4.40 28.28
CA ARG A 15 15.46 4.27 26.88
C ARG A 15 16.64 3.86 26.01
N SER A 16 17.79 3.64 26.60
CA SER A 16 18.90 3.02 25.91
C SER A 16 18.52 1.71 25.23
N SER A 17 17.70 0.87 25.87
CA SER A 17 17.68 -0.53 25.48
C SER A 17 16.38 -1.20 25.90
N VAL A 18 16.02 -2.26 25.18
CA VAL A 18 14.92 -3.12 25.57
C VAL A 18 15.41 -4.42 26.19
N ARG A 19 16.71 -4.53 26.46
CA ARG A 19 17.31 -5.73 27.08
C ARG A 19 16.53 -6.28 28.27
N PRO A 20 16.12 -5.51 29.27
CA PRO A 20 15.38 -6.10 30.39
C PRO A 20 14.17 -6.93 29.99
N TYR A 21 13.53 -6.63 28.88
CA TYR A 21 12.31 -7.31 28.44
C TYR A 21 12.57 -8.41 27.42
N LEU A 22 13.84 -8.69 27.12
CA LEU A 22 14.18 -9.57 26.01
C LEU A 22 13.54 -10.95 26.16
N GLU A 23 13.73 -11.59 27.30
CA GLU A 23 13.21 -12.95 27.48
C GLU A 23 11.69 -12.95 27.54
N GLU A 24 11.13 -12.05 28.36
CA GLU A 24 9.69 -11.83 28.43
C GLU A 24 9.06 -11.69 27.05
N CYS A 25 9.52 -10.72 26.27
CA CYS A 25 8.93 -10.48 24.97
C CYS A 25 9.16 -11.64 24.01
N THR A 26 10.36 -12.23 24.04
CA THR A 26 10.61 -13.38 23.17
C THR A 26 9.59 -14.48 23.43
N ARG A 27 9.41 -14.86 24.71
CA ARG A 27 8.42 -15.90 25.01
C ARG A 27 7.02 -15.47 24.59
N ARG A 28 6.70 -14.17 24.76
CA ARG A 28 5.34 -13.74 24.41
C ARG A 28 5.10 -13.83 22.89
N PHE A 29 6.04 -13.36 22.07
CA PHE A 29 5.97 -13.52 20.63
C PHE A 29 5.71 -14.99 20.26
N GLN A 30 6.54 -15.89 20.80
CA GLN A 30 6.41 -17.29 20.43
C GLN A 30 5.05 -17.86 20.84
N GLU A 31 4.57 -17.51 22.04
CA GLU A 31 3.27 -17.96 22.50
C GLU A 31 2.18 -17.55 21.52
N MET A 32 2.25 -16.28 21.10
CA MET A 32 1.26 -15.74 20.16
C MET A 32 1.26 -16.54 18.87
N PHE A 33 2.44 -16.80 18.32
CA PHE A 33 2.52 -17.62 17.11
C PHE A 33 1.94 -19.01 17.31
N ASP A 34 2.24 -19.64 18.46
CA ASP A 34 1.73 -20.99 18.70
C ASP A 34 0.20 -21.00 18.77
N ARG A 35 -0.39 -19.94 19.31
CA ARG A 35 -1.83 -19.94 19.52
C ARG A 35 -2.61 -19.60 18.25
N HIS A 36 -2.02 -18.80 17.36
CA HIS A 36 -2.75 -18.24 16.23
C HIS A 36 -2.28 -18.74 14.86
N VAL A 37 -0.99 -19.05 14.72
CA VAL A 37 -0.45 -19.66 13.52
C VAL A 37 -0.26 -21.15 13.70
N VAL A 38 0.29 -21.57 14.84
CA VAL A 38 0.49 -22.96 15.27
C VAL A 38 1.57 -23.65 14.44
N THR A 39 1.48 -23.58 13.11
CA THR A 39 2.50 -24.21 12.27
C THR A 39 3.76 -23.35 12.22
N ARG A 40 4.89 -24.00 12.49
CA ARG A 40 6.22 -23.41 12.37
C ARG A 40 6.47 -22.87 10.96
N PRO A 41 7.54 -22.10 10.79
CA PRO A 41 8.16 -22.00 9.46
C PRO A 41 9.06 -23.21 9.21
N THR A 42 9.51 -23.34 7.96
CA THR A 42 10.49 -24.38 7.61
C THR A 42 11.65 -23.76 6.85
N LYS A 43 12.86 -24.11 7.25
CA LYS A 43 14.05 -23.63 6.55
C LYS A 43 14.09 -24.24 5.16
N VAL A 44 14.59 -23.49 4.19
CA VAL A 44 14.94 -24.04 2.88
C VAL A 44 16.37 -24.54 2.95
N GLU A 45 16.64 -25.68 2.33
CA GLU A 45 17.99 -26.21 2.25
C GLU A 45 18.47 -26.13 0.81
N LEU A 46 18.94 -24.94 0.41
CA LEU A 46 19.76 -24.76 -0.78
C LEU A 46 20.87 -25.82 -0.83
N THR A 47 21.33 -26.13 -2.05
CA THR A 47 22.51 -26.97 -2.21
C THR A 47 23.78 -26.13 -2.11
N ASP A 48 24.94 -26.81 -2.28
CA ASP A 48 26.19 -26.09 -2.42
C ASP A 48 26.20 -25.25 -3.70
N ALA A 49 25.83 -25.86 -4.83
CA ALA A 49 25.80 -25.15 -6.10
C ALA A 49 24.85 -23.95 -6.03
N GLU A 50 23.66 -24.14 -5.45
CA GLU A 50 22.72 -23.04 -5.28
C GLU A 50 23.27 -21.98 -4.33
N LEU A 51 23.86 -22.42 -3.21
CA LEU A 51 24.33 -21.49 -2.19
C LEU A 51 25.47 -20.62 -2.71
N ARG A 52 26.50 -21.25 -3.29
CA ARG A 52 27.66 -20.48 -3.71
C ARG A 52 27.33 -19.65 -4.93
N GLU A 53 26.34 -20.07 -5.72
CA GLU A 53 25.87 -19.22 -6.82
C GLU A 53 25.20 -17.96 -6.27
N VAL A 54 24.45 -18.09 -5.18
CA VAL A 54 23.80 -16.93 -4.58
C VAL A 54 24.86 -15.94 -4.10
N ILE A 55 25.86 -16.43 -3.39
CA ILE A 55 26.89 -15.55 -2.85
C ILE A 55 27.72 -14.95 -3.97
N ASP A 56 28.02 -15.75 -5.01
CA ASP A 56 28.71 -15.24 -6.19
C ASP A 56 28.03 -13.99 -6.74
N ASP A 57 26.72 -14.07 -7.02
CA ASP A 57 26.03 -12.93 -7.61
C ASP A 57 25.94 -11.75 -6.64
N CYS A 58 25.78 -12.02 -5.35
CA CYS A 58 25.79 -10.96 -4.34
C CYS A 58 27.08 -10.17 -4.39
N ASN A 59 28.22 -10.86 -4.34
CA ASN A 59 29.51 -10.18 -4.35
C ASN A 59 29.70 -9.37 -5.62
N ALA A 60 29.30 -9.94 -6.76
CA ALA A 60 29.45 -9.22 -8.03
C ALA A 60 28.55 -8.00 -8.08
N ALA A 61 27.37 -8.08 -7.45
CA ALA A 61 26.43 -6.97 -7.52
C ALA A 61 26.92 -5.75 -6.75
N VAL A 62 27.54 -5.97 -5.59
CA VAL A 62 27.93 -4.85 -4.75
C VAL A 62 29.40 -4.46 -4.94
N ALA A 63 30.19 -5.27 -5.64
CA ALA A 63 31.57 -4.90 -5.90
C ALA A 63 31.72 -3.49 -6.48
N PRO A 64 30.87 -3.02 -7.40
CA PRO A 64 31.07 -1.65 -7.91
C PRO A 64 30.89 -0.57 -6.87
N LEU A 65 30.33 -0.90 -5.70
CA LEU A 65 30.20 0.06 -4.62
C LEU A 65 31.42 0.10 -3.70
N GLY A 66 32.44 -0.71 -3.98
CA GLY A 66 33.68 -0.65 -3.23
C GLY A 66 33.57 -0.91 -1.74
N LYS A 67 33.08 -2.07 -1.32
CA LYS A 67 33.06 -2.51 0.08
C LYS A 67 32.94 -4.02 0.14
N THR A 68 33.82 -4.65 0.93
CA THR A 68 33.82 -6.10 1.09
C THR A 68 32.71 -6.55 2.02
N VAL A 69 32.01 -7.61 1.63
CA VAL A 69 31.00 -8.26 2.45
C VAL A 69 31.42 -9.71 2.62
N SER A 70 31.60 -10.14 3.86
CA SER A 70 32.02 -11.51 4.17
C SER A 70 30.89 -12.48 3.93
N ASP A 71 31.25 -13.74 3.63
CA ASP A 71 30.24 -14.78 3.51
C ASP A 71 29.39 -14.87 4.77
N GLU A 72 30.02 -14.67 5.94
CA GLU A 72 29.27 -14.63 7.20
C GLU A 72 28.16 -13.59 7.17
N ARG A 73 28.47 -12.37 6.76
CA ARG A 73 27.44 -11.33 6.70
C ARG A 73 26.40 -11.63 5.63
N TRP A 74 26.81 -12.17 4.47
CA TRP A 74 25.83 -12.61 3.48
C TRP A 74 24.86 -13.63 4.09
N ILE A 75 25.39 -14.58 4.85
CA ILE A 75 24.55 -15.63 5.42
C ILE A 75 23.60 -15.05 6.45
N SER A 76 24.04 -14.05 7.21
CA SER A 76 23.13 -13.43 8.16
C SER A 76 22.01 -12.68 7.42
N TYR A 77 22.32 -12.13 6.25
CA TYR A 77 21.27 -11.46 5.47
C TYR A 77 20.32 -12.48 4.83
N VAL A 78 20.86 -13.56 4.27
CA VAL A 78 20.06 -14.48 3.47
C VAL A 78 19.15 -15.35 4.32
N GLY A 79 19.44 -15.49 5.62
CA GLY A 79 18.63 -16.35 6.45
C GLY A 79 17.15 -16.02 6.42
N VAL A 80 16.80 -14.74 6.23
CA VAL A 80 15.38 -14.39 6.23
C VAL A 80 14.67 -15.06 5.07
N VAL A 81 15.34 -15.18 3.92
CA VAL A 81 14.70 -15.84 2.77
C VAL A 81 14.60 -17.34 3.03
N LEU A 82 15.64 -17.92 3.65
CA LEU A 82 15.64 -19.37 3.87
C LEU A 82 14.53 -19.77 4.83
N TRP A 83 14.23 -18.91 5.81
CA TRP A 83 13.31 -19.21 6.90
C TRP A 83 11.89 -18.70 6.67
N SER A 84 11.69 -17.74 5.78
CA SER A 84 10.45 -16.98 5.77
C SER A 84 9.70 -17.10 4.44
N GLN A 85 10.15 -17.96 3.53
CA GLN A 85 9.32 -18.37 2.41
C GLN A 85 8.53 -19.59 2.89
N SER A 86 7.86 -20.28 1.98
CA SER A 86 6.97 -21.38 2.35
C SER A 86 7.36 -22.57 1.48
N PRO A 87 8.38 -23.33 1.89
CA PRO A 87 8.93 -24.36 1.00
C PRO A 87 7.89 -25.30 0.42
N ARG A 88 6.91 -25.72 1.21
CA ARG A 88 5.87 -26.65 0.75
C ARG A 88 5.28 -26.25 -0.59
N HIS A 89 5.23 -24.95 -0.90
CA HIS A 89 4.57 -24.50 -2.11
C HIS A 89 5.52 -23.89 -3.13
N ILE A 90 6.83 -24.02 -2.96
CA ILE A 90 7.78 -23.50 -3.93
C ILE A 90 7.69 -24.30 -5.24
N LYS A 91 7.59 -23.57 -6.36
CA LYS A 91 7.65 -24.15 -7.70
C LYS A 91 8.89 -23.77 -8.46
N ASP A 92 9.33 -22.53 -8.34
CA ASP A 92 10.35 -21.94 -9.20
C ASP A 92 11.55 -21.61 -8.32
N MET A 93 12.54 -22.52 -8.29
CA MET A 93 13.72 -22.29 -7.48
C MET A 93 14.67 -21.26 -8.09
N GLU A 94 14.53 -20.93 -9.37
CA GLU A 94 15.30 -19.82 -9.90
C GLU A 94 14.81 -18.49 -9.34
N ALA A 95 13.49 -18.32 -9.28
CA ALA A 95 12.91 -17.16 -8.60
C ALA A 95 13.36 -17.11 -7.13
N PHE A 96 13.41 -18.26 -6.45
CA PHE A 96 13.85 -18.28 -5.05
C PHE A 96 15.29 -17.77 -4.93
N LYS A 97 16.20 -18.28 -5.77
CA LYS A 97 17.57 -17.80 -5.73
C LYS A 97 17.63 -16.29 -5.98
N ALA A 98 16.78 -15.79 -6.89
CA ALA A 98 16.72 -14.35 -7.13
C ALA A 98 16.35 -13.57 -5.88
N VAL A 99 15.35 -14.06 -5.14
CA VAL A 99 14.96 -13.36 -3.91
C VAL A 99 16.11 -13.39 -2.90
N CYS A 100 16.84 -14.51 -2.82
CA CYS A 100 18.03 -14.55 -1.98
C CYS A 100 19.00 -13.42 -2.33
N VAL A 101 19.33 -13.29 -3.62
CA VAL A 101 20.34 -12.33 -4.05
C VAL A 101 19.84 -10.90 -3.83
N LEU A 102 18.64 -10.60 -4.35
CA LEU A 102 18.06 -9.27 -4.21
C LEU A 102 17.88 -8.88 -2.75
N ASN A 103 17.40 -9.80 -1.92
CA ASN A 103 17.27 -9.50 -0.50
C ASN A 103 18.60 -9.12 0.12
N CYS A 104 19.65 -9.85 -0.23
CA CYS A 104 20.95 -9.64 0.40
C CYS A 104 21.59 -8.34 -0.06
N VAL A 105 21.58 -8.07 -1.37
CA VAL A 105 22.33 -6.91 -1.82
C VAL A 105 21.63 -5.61 -1.41
N THR A 106 20.30 -5.61 -1.28
CA THR A 106 19.64 -4.42 -0.77
C THR A 106 19.72 -4.31 0.74
N PHE A 107 19.95 -5.43 1.43
CA PHE A 107 20.33 -5.36 2.84
C PHE A 107 21.66 -4.62 3.00
N VAL A 108 22.64 -4.89 2.14
CA VAL A 108 23.89 -4.15 2.19
C VAL A 108 23.62 -2.65 2.00
N TRP A 109 22.82 -2.31 1.00
CA TRP A 109 22.41 -0.93 0.78
C TRP A 109 21.80 -0.32 2.04
N ASP A 110 20.96 -1.09 2.76
CA ASP A 110 20.35 -0.62 4.00
C ASP A 110 21.40 -0.30 5.06
N ASP A 111 22.48 -1.08 5.10
CA ASP A 111 23.54 -0.91 6.07
C ASP A 111 24.62 0.09 5.64
N MET A 112 24.50 0.70 4.45
CA MET A 112 25.52 1.60 3.94
C MET A 112 25.21 3.06 4.23
N ASP A 113 26.25 3.88 4.30
CA ASP A 113 26.06 5.33 4.28
C ASP A 113 25.53 5.75 2.92
N PRO A 114 24.58 6.68 2.86
CA PRO A 114 24.06 7.11 1.54
C PRO A 114 25.14 7.68 0.63
N ALA A 115 26.25 8.19 1.18
CA ALA A 115 27.37 8.62 0.34
C ALA A 115 27.91 7.47 -0.51
N LEU A 116 27.88 6.24 0.01
CA LEU A 116 28.21 5.09 -0.80
C LEU A 116 27.22 4.83 -1.93
N HIS A 117 25.95 5.17 -1.74
CA HIS A 117 24.84 4.80 -2.64
C HIS A 117 24.99 5.45 -4.00
N ASP A 118 25.49 4.70 -4.99
CA ASP A 118 25.59 5.22 -6.35
C ASP A 118 24.66 4.43 -7.26
N PHE A 119 23.57 5.10 -7.67
CA PHE A 119 22.52 4.44 -8.43
C PHE A 119 23.00 4.04 -9.82
N GLY A 120 23.84 4.89 -10.44
CA GLY A 120 24.36 4.57 -11.76
C GLY A 120 25.11 3.26 -11.83
N LEU A 121 25.85 2.91 -10.77
CA LEU A 121 26.63 1.68 -10.72
C LEU A 121 25.81 0.50 -10.24
N PHE A 122 24.83 0.73 -9.38
CA PHE A 122 24.13 -0.36 -8.72
C PHE A 122 22.85 -0.77 -9.43
N LEU A 123 22.09 0.18 -9.95
CA LEU A 123 20.83 -0.20 -10.57
C LEU A 123 21.01 -1.16 -11.74
N PRO A 124 21.99 -0.97 -12.64
CA PRO A 124 22.22 -2.01 -13.67
C PRO A 124 22.58 -3.38 -13.09
N GLN A 125 23.21 -3.43 -11.91
CA GLN A 125 23.43 -4.72 -11.26
C GLN A 125 22.11 -5.39 -10.90
N LEU A 126 21.17 -4.62 -10.33
CA LEU A 126 19.84 -5.15 -10.03
C LEU A 126 19.16 -5.66 -11.29
N ARG A 127 19.17 -4.86 -12.36
CA ARG A 127 18.54 -5.24 -13.62
C ARG A 127 19.09 -6.57 -14.13
N LYS A 128 20.41 -6.75 -14.07
CA LYS A 128 21.03 -7.97 -14.56
C LYS A 128 20.63 -9.18 -13.71
N ILE A 129 20.59 -9.01 -12.38
CA ILE A 129 20.09 -10.07 -11.51
C ILE A 129 18.67 -10.44 -11.91
N CYS A 130 17.82 -9.43 -12.08
CA CYS A 130 16.41 -9.71 -12.37
C CYS A 130 16.25 -10.43 -13.72
N GLU A 131 16.93 -9.96 -14.77
CA GLU A 131 16.76 -10.61 -16.06
C GLU A 131 17.28 -12.04 -16.04
N LYS A 132 18.36 -12.31 -15.30
CA LYS A 132 18.94 -13.65 -15.27
C LYS A 132 17.95 -14.68 -14.74
N TYR A 133 17.28 -14.37 -13.62
CA TYR A 133 16.53 -15.38 -12.89
C TYR A 133 15.05 -15.41 -13.23
N TYR A 134 14.49 -14.33 -13.75
CA TYR A 134 13.08 -14.22 -14.06
C TYR A 134 12.85 -14.21 -15.56
N GLY A 135 11.59 -14.47 -15.97
CA GLY A 135 11.17 -14.20 -17.31
C GLY A 135 11.00 -12.70 -17.53
N PRO A 136 10.67 -12.30 -18.77
CA PRO A 136 10.68 -10.86 -19.09
C PRO A 136 9.61 -10.02 -18.39
N GLU A 137 8.41 -10.53 -18.14
CA GLU A 137 7.46 -9.72 -17.38
C GLU A 137 7.89 -9.62 -15.92
N ASP A 138 8.15 -10.78 -15.29
CA ASP A 138 8.50 -10.79 -13.87
C ASP A 138 9.78 -10.03 -13.59
N ALA A 139 10.74 -10.07 -14.53
CA ALA A 139 11.99 -9.34 -14.36
C ALA A 139 11.73 -7.85 -14.17
N GLU A 140 10.82 -7.28 -14.98
CA GLU A 140 10.57 -5.85 -14.85
C GLU A 140 9.83 -5.52 -13.55
N VAL A 141 8.91 -6.39 -13.13
CA VAL A 141 8.21 -6.15 -11.87
C VAL A 141 9.20 -6.20 -10.71
N ALA A 142 10.07 -7.21 -10.70
CA ALA A 142 11.03 -7.33 -9.61
C ALA A 142 12.01 -6.16 -9.62
N TYR A 143 12.50 -5.77 -10.80
CA TYR A 143 13.45 -4.65 -10.86
C TYR A 143 12.82 -3.35 -10.37
N GLU A 144 11.58 -3.07 -10.79
CA GLU A 144 10.96 -1.84 -10.32
C GLU A 144 10.84 -1.84 -8.80
N ALA A 145 10.41 -2.95 -8.23
CA ALA A 145 10.30 -3.03 -6.77
C ALA A 145 11.66 -2.83 -6.08
N ALA A 146 12.72 -3.48 -6.60
CA ALA A 146 14.06 -3.27 -6.03
C ALA A 146 14.50 -1.81 -6.16
N ARG A 147 14.30 -1.23 -7.34
CA ARG A 147 14.65 0.17 -7.58
C ARG A 147 13.95 1.11 -6.60
N ALA A 148 12.63 0.95 -6.45
CA ALA A 148 11.88 1.82 -5.54
C ALA A 148 12.34 1.64 -4.09
N PHE A 149 12.67 0.39 -3.70
CA PHE A 149 13.15 0.20 -2.34
C PHE A 149 14.45 0.97 -2.09
N VAL A 150 15.49 0.72 -2.92
CA VAL A 150 16.77 1.37 -2.67
C VAL A 150 16.63 2.89 -2.79
N THR A 151 15.83 3.36 -3.74
CA THR A 151 15.60 4.79 -3.86
C THR A 151 14.93 5.34 -2.61
N SER A 152 13.97 4.61 -2.06
CA SER A 152 13.29 5.06 -0.85
C SER A 152 14.24 5.08 0.35
N ASP A 153 15.00 3.97 0.55
CA ASP A 153 15.95 3.96 1.65
C ASP A 153 16.91 5.13 1.54
N HIS A 154 17.35 5.45 0.33
CA HIS A 154 18.30 6.55 0.16
C HIS A 154 17.63 7.90 0.43
N MET A 155 16.54 8.18 -0.27
CA MET A 155 15.99 9.53 -0.22
C MET A 155 15.41 9.84 1.16
N PHE A 156 15.16 8.83 1.99
CA PHE A 156 14.62 9.12 3.31
C PHE A 156 15.67 9.20 4.41
N ARG A 157 16.95 9.00 4.12
CA ARG A 157 17.98 9.27 5.13
C ARG A 157 17.94 10.76 5.48
N ASP A 158 17.72 11.07 6.75
CA ASP A 158 17.48 12.47 7.17
C ASP A 158 16.37 13.18 6.37
N SER A 159 15.30 12.46 6.04
CA SER A 159 14.14 13.18 5.49
C SER A 159 13.22 13.70 6.61
N PRO A 160 12.78 14.97 6.59
CA PRO A 160 11.69 15.36 7.49
C PRO A 160 10.44 14.51 7.36
N ILE A 161 10.17 13.94 6.18
CA ILE A 161 9.01 13.07 6.03
C ILE A 161 9.14 11.84 6.93
N LYS A 162 10.31 11.20 6.89
CA LYS A 162 10.55 10.08 7.79
C LYS A 162 10.29 10.50 9.23
N ALA A 163 10.85 11.64 9.64
CA ALA A 163 10.69 12.09 11.03
C ALA A 163 9.21 12.17 11.41
N ALA A 164 8.40 12.86 10.60
CA ALA A 164 6.99 12.98 10.92
C ALA A 164 6.31 11.63 11.00
N LEU A 165 6.59 10.74 10.04
CA LEU A 165 5.89 9.46 10.00
C LEU A 165 6.32 8.53 11.13
N CYS A 166 7.55 8.64 11.61
CA CYS A 166 8.01 7.73 12.66
C CYS A 166 7.83 8.28 14.07
N THR A 167 7.44 9.55 14.21
CA THR A 167 7.28 10.13 15.54
C THR A 167 5.82 10.32 15.93
N THR A 168 4.89 10.33 14.98
CA THR A 168 3.52 10.78 15.25
C THR A 168 2.64 9.70 15.89
N SER A 169 2.59 8.50 15.31
CA SER A 169 1.73 7.45 15.82
C SER A 169 2.17 6.12 15.20
N PRO A 170 1.91 4.99 15.88
CA PRO A 170 2.16 3.70 15.22
C PRO A 170 1.50 3.62 13.85
N GLU A 171 0.36 4.29 13.71
CA GLU A 171 -0.42 4.26 12.50
C GLU A 171 0.33 4.89 11.31
N GLN A 172 0.88 6.09 11.48
CA GLN A 172 1.70 6.68 10.43
C GLN A 172 2.99 5.91 10.22
N TYR A 173 3.52 5.35 11.30
CA TYR A 173 4.80 4.64 11.23
C TYR A 173 4.70 3.40 10.34
N PHE A 174 3.69 2.56 10.58
CA PHE A 174 3.57 1.33 9.81
C PHE A 174 3.28 1.64 8.35
N ARG A 175 2.61 2.76 8.09
CA ARG A 175 2.41 3.21 6.71
C ARG A 175 3.74 3.43 5.98
N PHE A 176 4.71 4.04 6.66
CA PHE A 176 6.04 4.23 6.10
C PHE A 176 6.74 2.89 5.88
N ARG A 177 6.55 1.95 6.79
CA ARG A 177 7.28 0.69 6.77
C ARG A 177 6.79 -0.28 5.70
N VAL A 178 5.57 -0.08 5.16
CA VAL A 178 5.12 -0.95 4.06
C VAL A 178 6.18 -1.01 2.96
N THR A 179 6.78 0.12 2.63
CA THR A 179 7.91 0.19 1.71
C THR A 179 9.24 0.04 2.44
N ASP A 180 9.44 0.79 3.52
CA ASP A 180 10.78 0.91 4.08
C ASP A 180 11.31 -0.41 4.68
N ILE A 181 10.47 -1.26 5.25
CA ILE A 181 11.00 -2.55 5.70
C ILE A 181 11.20 -3.50 4.53
N GLY A 182 10.83 -3.11 3.31
CA GLY A 182 11.12 -3.93 2.16
C GLY A 182 10.11 -5.00 1.83
N VAL A 183 8.98 -5.05 2.54
CA VAL A 183 8.04 -6.15 2.32
C VAL A 183 7.28 -6.01 1.01
N ASP A 184 6.95 -4.78 0.56
CA ASP A 184 6.31 -4.68 -0.75
C ASP A 184 7.23 -5.21 -1.84
N PHE A 185 8.51 -4.85 -1.77
CA PHE A 185 9.54 -5.36 -2.66
C PHE A 185 9.59 -6.89 -2.59
N TRP A 186 9.59 -7.43 -1.36
CA TRP A 186 9.64 -8.88 -1.16
C TRP A 186 8.50 -9.61 -1.87
N MET A 187 7.26 -9.13 -1.68
CA MET A 187 6.12 -9.78 -2.33
C MET A 187 6.26 -9.77 -3.84
N LYS A 188 6.66 -8.62 -4.40
CA LYS A 188 6.73 -8.43 -5.84
C LYS A 188 7.88 -9.21 -6.48
N MET A 189 8.90 -9.59 -5.70
CA MET A 189 9.92 -10.48 -6.27
C MET A 189 9.70 -11.94 -5.93
N SER A 190 8.80 -12.23 -4.98
CA SER A 190 8.54 -13.58 -4.52
C SER A 190 7.38 -14.27 -5.22
N TYR A 191 6.42 -13.53 -5.79
CA TYR A 191 5.30 -14.24 -6.41
C TYR A 191 5.73 -15.21 -7.51
N PRO A 192 6.79 -14.98 -8.30
CA PRO A 192 7.15 -16.01 -9.28
C PRO A 192 7.61 -17.32 -8.66
N ILE A 193 8.00 -17.31 -7.37
CA ILE A 193 8.37 -18.54 -6.70
C ILE A 193 7.21 -19.52 -6.67
N TYR A 194 5.98 -18.98 -6.57
CA TYR A 194 4.79 -19.77 -6.28
C TYR A 194 3.87 -19.96 -7.48
N ARG A 195 3.90 -19.05 -8.46
CA ARG A 195 3.00 -19.11 -9.61
C ARG A 195 1.57 -19.41 -9.19
N HIS A 196 1.11 -18.75 -8.13
CA HIS A 196 -0.24 -18.92 -7.58
C HIS A 196 -1.06 -17.68 -7.92
N PRO A 197 -2.09 -17.80 -8.75
CA PRO A 197 -2.75 -16.61 -9.32
C PRO A 197 -3.15 -15.56 -8.30
N GLU A 198 -3.85 -15.97 -7.25
CA GLU A 198 -4.35 -14.97 -6.30
C GLU A 198 -3.21 -14.29 -5.57
N PHE A 199 -2.17 -15.05 -5.21
CA PHE A 199 -1.02 -14.46 -4.54
C PHE A 199 -0.32 -13.44 -5.43
N THR A 200 -0.25 -13.73 -6.72
CA THR A 200 0.37 -12.79 -7.65
C THR A 200 -0.39 -11.46 -7.69
N GLU A 201 -1.72 -11.51 -7.69
CA GLU A 201 -2.49 -10.26 -7.64
C GLU A 201 -2.34 -9.54 -6.31
N HIS A 202 -2.40 -10.27 -5.20
CA HIS A 202 -2.24 -9.61 -3.90
C HIS A 202 -0.86 -8.97 -3.77
N ALA A 203 0.16 -9.60 -4.38
CA ALA A 203 1.48 -9.00 -4.41
C ALA A 203 1.47 -7.72 -5.22
N LYS A 204 0.86 -7.73 -6.40
CA LYS A 204 0.94 -6.57 -7.27
C LYS A 204 0.06 -5.41 -6.81
N THR A 205 -1.03 -5.68 -6.08
CA THR A 205 -1.81 -4.61 -5.44
C THR A 205 -1.17 -4.08 -4.16
N SER A 206 -0.15 -4.78 -3.63
CA SER A 206 0.48 -4.50 -2.35
C SER A 206 -0.43 -4.82 -1.17
N LEU A 207 -1.61 -5.39 -1.39
CA LEU A 207 -2.38 -5.91 -0.26
C LEU A 207 -1.56 -6.95 0.53
N ALA A 208 -0.84 -7.83 -0.17
CA ALA A 208 0.03 -8.80 0.49
C ALA A 208 0.98 -8.11 1.46
N ALA A 209 1.63 -7.03 1.00
CA ALA A 209 2.54 -6.32 1.89
C ALA A 209 1.79 -5.62 3.02
N ARG A 210 0.66 -4.98 2.72
CA ARG A 210 -0.07 -4.28 3.76
C ARG A 210 -0.51 -5.24 4.86
N MET A 211 -0.79 -6.51 4.50
CA MET A 211 -1.24 -7.49 5.48
C MET A 211 -0.12 -7.96 6.42
N THR A 212 1.14 -7.90 5.97
CA THR A 212 2.26 -8.53 6.68
C THR A 212 3.21 -7.52 7.31
N THR A 213 3.00 -6.22 7.05
CA THR A 213 3.94 -5.20 7.50
C THR A 213 4.08 -5.15 9.01
N ARG A 214 2.95 -5.14 9.74
CA ARG A 214 3.06 -4.99 11.18
C ARG A 214 3.75 -6.20 11.83
N GLY A 215 3.40 -7.40 11.38
CA GLY A 215 4.02 -8.58 11.96
C GLY A 215 5.52 -8.60 11.77
N LEU A 216 5.97 -8.27 10.56
CA LEU A 216 7.41 -8.22 10.33
C LEU A 216 8.05 -7.07 11.12
N THR A 217 7.41 -5.90 11.12
CA THR A 217 8.04 -4.70 11.65
C THR A 217 8.14 -4.74 13.17
N ILE A 218 7.07 -5.15 13.84
CA ILE A 218 7.09 -5.16 15.30
C ILE A 218 8.21 -6.06 15.80
N VAL A 219 8.38 -7.22 15.17
CA VAL A 219 9.44 -8.15 15.56
C VAL A 219 10.80 -7.54 15.24
N ASN A 220 10.99 -7.02 14.02
CA ASN A 220 12.27 -6.44 13.68
C ASN A 220 12.62 -5.30 14.62
N ASP A 221 11.65 -4.41 14.89
CA ASP A 221 11.90 -3.26 15.75
C ASP A 221 12.29 -3.67 17.17
N PHE A 222 11.63 -4.67 17.72
CA PHE A 222 11.99 -5.05 19.09
C PHE A 222 13.46 -5.45 19.17
N TYR A 223 13.88 -6.32 18.28
CA TYR A 223 15.23 -6.89 18.41
C TYR A 223 16.32 -6.03 17.78
N SER A 224 15.98 -5.03 16.96
CA SER A 224 16.98 -4.14 16.41
C SER A 224 17.00 -2.78 17.12
N TYR A 225 16.15 -2.61 18.14
CA TYR A 225 16.03 -1.34 18.84
C TYR A 225 17.38 -0.87 19.38
N ASP A 226 18.09 -1.74 20.11
CA ASP A 226 19.35 -1.33 20.72
C ASP A 226 20.33 -0.81 19.67
N ARG A 227 20.49 -1.53 18.55
CA ARG A 227 21.40 -1.08 17.50
C ARG A 227 20.94 0.25 16.91
N GLU A 228 19.64 0.37 16.64
CA GLU A 228 19.16 1.58 16.00
C GLU A 228 19.23 2.78 16.93
N VAL A 229 18.90 2.56 18.21
CA VAL A 229 18.93 3.65 19.20
C VAL A 229 20.36 4.05 19.53
N SER A 230 21.32 3.14 19.34
CA SER A 230 22.71 3.53 19.58
C SER A 230 23.23 4.40 18.46
N LEU A 231 22.54 4.44 17.34
CA LEU A 231 23.04 5.03 16.12
C LEU A 231 22.23 6.22 15.64
N GLY A 232 21.15 6.58 16.34
CA GLY A 232 20.30 7.67 15.91
C GLY A 232 19.36 7.35 14.77
N GLN A 233 19.05 6.07 14.55
CA GLN A 233 18.05 5.67 13.57
C GLN A 233 16.65 5.71 14.21
N ILE A 234 15.75 6.54 13.65
CA ILE A 234 14.46 6.77 14.29
C ILE A 234 13.38 5.81 13.82
N THR A 235 13.68 4.95 12.86
CA THR A 235 12.66 4.10 12.25
C THR A 235 12.47 2.84 13.10
N ASN A 236 11.69 2.99 14.17
CA ASN A 236 11.48 1.92 15.14
C ASN A 236 10.27 2.27 16.00
N CYS A 237 9.25 1.42 16.00
CA CYS A 237 8.02 1.80 16.68
C CYS A 237 8.17 1.87 18.21
N PHE A 238 9.16 1.20 18.80
CA PHE A 238 9.31 1.30 20.25
C PHE A 238 9.86 2.65 20.69
N ARG A 239 10.32 3.49 19.77
CA ARG A 239 10.57 4.88 20.10
C ARG A 239 9.30 5.62 20.50
N LEU A 240 8.13 5.13 20.10
CA LEU A 240 6.88 5.80 20.42
C LEU A 240 6.48 5.64 21.87
N CYS A 241 7.15 4.76 22.60
CA CYS A 241 6.72 4.43 23.93
C CYS A 241 7.88 4.73 24.87
N ASP A 242 7.56 4.98 26.13
CA ASP A 242 8.60 5.19 27.14
C ASP A 242 9.10 3.81 27.58
N VAL A 243 10.17 3.32 26.94
CA VAL A 243 10.62 1.96 27.26
C VAL A 243 11.27 1.89 28.64
N SER A 244 11.74 3.03 29.17
CA SER A 244 12.25 3.13 30.54
C SER A 244 11.20 2.82 31.60
N ASP A 245 9.93 2.85 31.22
CA ASP A 245 8.80 2.75 32.13
C ASP A 245 8.17 1.40 31.85
N GLU A 246 8.35 0.46 32.77
CA GLU A 246 7.99 -0.92 32.49
C GLU A 246 6.51 -1.07 32.21
N THR A 247 5.66 -0.41 33.00
CA THR A 247 4.22 -0.56 32.81
C THR A 247 3.75 0.11 31.52
N ALA A 248 4.39 1.22 31.13
CA ALA A 248 4.09 1.82 29.83
C ALA A 248 4.58 0.95 28.68
N PHE A 249 5.77 0.35 28.84
CA PHE A 249 6.26 -0.56 27.81
C PHE A 249 5.30 -1.74 27.64
N LYS A 250 4.75 -2.24 28.76
CA LYS A 250 3.83 -3.36 28.69
C LYS A 250 2.62 -3.02 27.84
N GLU A 251 1.98 -1.90 28.12
CA GLU A 251 0.77 -1.52 27.40
C GLU A 251 1.05 -1.34 25.92
N PHE A 252 2.21 -0.77 25.58
CA PHE A 252 2.53 -0.58 24.18
C PHE A 252 2.82 -1.92 23.52
N PHE A 253 3.60 -2.76 24.21
CA PHE A 253 3.93 -4.06 23.65
C PHE A 253 2.68 -4.90 23.44
N GLN A 254 1.74 -4.87 24.38
CA GLN A 254 0.53 -5.67 24.21
C GLN A 254 -0.35 -5.12 23.08
N ALA A 255 -0.40 -3.79 22.95
CA ALA A 255 -1.13 -3.23 21.81
C ALA A 255 -0.52 -3.71 20.49
N ARG A 256 0.81 -3.84 20.45
CA ARG A 256 1.47 -4.32 19.23
C ARG A 256 1.18 -5.79 19.01
N LEU A 257 1.20 -6.60 20.07
CA LEU A 257 0.77 -7.98 19.91
C LEU A 257 -0.66 -8.05 19.38
N ASP A 258 -1.54 -7.19 19.89
CA ASP A 258 -2.92 -7.18 19.40
C ASP A 258 -2.97 -6.86 17.91
N ASP A 259 -2.10 -5.94 17.46
CA ASP A 259 -1.98 -5.64 16.03
C ASP A 259 -1.63 -6.90 15.24
N MET A 260 -0.60 -7.61 15.70
CA MET A 260 -0.16 -8.80 14.98
C MET A 260 -1.28 -9.83 14.92
N ILE A 261 -1.99 -10.01 16.03
CA ILE A 261 -3.05 -11.02 16.09
C ILE A 261 -4.16 -10.69 15.13
N GLU A 262 -4.59 -9.43 15.09
CA GLU A 262 -5.71 -9.09 14.21
C GLU A 262 -5.31 -9.28 12.75
N ASP A 263 -4.09 -8.90 12.38
CA ASP A 263 -3.60 -9.16 11.03
C ASP A 263 -3.60 -10.66 10.72
N ILE A 264 -3.05 -11.47 11.63
CA ILE A 264 -2.95 -12.91 11.37
C ILE A 264 -4.33 -13.52 11.23
N GLU A 265 -5.27 -13.14 12.11
CA GLU A 265 -6.59 -13.74 11.98
C GLU A 265 -7.27 -13.29 10.69
N CYS A 266 -6.98 -12.06 10.24
CA CYS A 266 -7.48 -11.62 8.95
C CYS A 266 -6.85 -12.38 7.79
N ILE A 267 -5.55 -12.66 7.90
CA ILE A 267 -4.86 -13.39 6.84
C ILE A 267 -5.49 -14.76 6.62
N LYS A 268 -6.10 -15.34 7.65
CA LYS A 268 -6.69 -16.66 7.50
C LYS A 268 -8.01 -16.66 6.72
N ALA A 269 -8.51 -15.48 6.33
CA ALA A 269 -9.60 -15.45 5.37
C ALA A 269 -9.12 -15.52 3.94
N PHE A 270 -7.80 -15.42 3.70
CA PHE A 270 -7.28 -15.60 2.36
C PHE A 270 -7.25 -17.09 2.01
N ASP A 271 -7.08 -17.40 0.73
CA ASP A 271 -7.06 -18.80 0.33
C ASP A 271 -5.84 -19.49 0.97
N GLN A 272 -5.94 -20.82 1.14
CA GLN A 272 -4.99 -21.51 2.00
C GLN A 272 -3.53 -21.40 1.52
N LEU A 273 -3.29 -21.28 0.21
CA LEU A 273 -1.91 -21.15 -0.25
C LEU A 273 -1.36 -19.77 0.10
N THR A 274 -2.07 -18.72 -0.29
CA THR A 274 -1.63 -17.37 0.04
C THR A 274 -1.47 -17.20 1.55
N GLN A 275 -2.43 -17.74 2.30
CA GLN A 275 -2.38 -17.68 3.75
C GLN A 275 -1.10 -18.32 4.29
N ASP A 276 -0.75 -19.51 3.81
CA ASP A 276 0.50 -20.15 4.25
C ASP A 276 1.69 -19.23 3.99
N VAL A 277 1.75 -18.63 2.80
CA VAL A 277 2.88 -17.76 2.44
C VAL A 277 2.95 -16.55 3.37
N PHE A 278 1.82 -15.87 3.59
CA PHE A 278 1.84 -14.72 4.50
C PHE A 278 2.34 -15.11 5.89
N LEU A 279 1.80 -16.20 6.43
CA LEU A 279 2.08 -16.57 7.82
C LEU A 279 3.50 -17.12 7.99
N ASP A 280 3.96 -17.91 7.03
CA ASP A 280 5.36 -18.37 7.11
C ASP A 280 6.32 -17.20 7.00
N LEU A 281 5.92 -16.14 6.28
CA LEU A 281 6.74 -14.94 6.21
C LEU A 281 6.87 -14.28 7.59
N ILE A 282 5.76 -14.05 8.27
CA ILE A 282 5.81 -13.37 9.57
C ILE A 282 6.49 -14.25 10.62
N TYR A 283 6.09 -15.51 10.67
CA TYR A 283 6.63 -16.41 11.70
C TYR A 283 8.09 -16.77 11.39
N GLY A 284 8.39 -17.02 10.12
CA GLY A 284 9.78 -17.27 9.75
C GLY A 284 10.69 -16.09 10.04
N ASN A 285 10.20 -14.86 9.83
CA ASN A 285 11.02 -13.71 10.17
C ASN A 285 11.35 -13.69 11.66
N PHE A 286 10.39 -14.08 12.49
CA PHE A 286 10.63 -14.13 13.92
C PHE A 286 11.69 -15.19 14.25
N VAL A 287 11.56 -16.38 13.67
CA VAL A 287 12.53 -17.44 13.95
C VAL A 287 13.93 -17.00 13.55
N TRP A 288 14.04 -16.44 12.34
CA TRP A 288 15.33 -15.97 11.85
C TRP A 288 15.90 -14.85 12.72
N THR A 289 15.05 -13.87 13.08
CA THR A 289 15.50 -12.73 13.87
C THR A 289 16.08 -13.16 15.22
N THR A 290 15.43 -14.13 15.88
CA THR A 290 15.87 -14.53 17.22
C THR A 290 17.07 -15.48 17.22
N SER A 291 17.43 -16.05 16.07
CA SER A 291 18.63 -16.87 15.98
C SER A 291 19.83 -16.07 15.56
N ASN A 292 19.63 -14.90 14.94
CA ASN A 292 20.68 -14.29 14.15
C ASN A 292 21.47 -13.25 14.93
N LYS A 293 22.80 -13.37 14.83
CA LYS A 293 23.74 -12.47 15.46
C LYS A 293 23.47 -11.01 15.11
N ARG A 294 22.90 -10.75 13.92
CA ARG A 294 22.57 -9.39 13.54
C ARG A 294 21.69 -8.72 14.59
N TYR A 295 20.82 -9.49 15.25
CA TYR A 295 19.86 -8.92 16.18
C TYR A 295 20.23 -9.18 17.63
N LYS A 296 21.53 -9.36 17.90
CA LYS A 296 22.00 -9.80 19.22
C LYS A 296 22.95 -8.80 19.86
N THR A 297 23.58 -7.91 19.11
CA THR A 297 24.35 -6.84 19.73
C THR A 297 24.13 -5.55 18.95
N ALA A 298 24.20 -4.42 19.65
CA ALA A 298 23.98 -3.13 18.99
C ALA A 298 24.90 -2.98 17.78
N VAL A 299 26.18 -3.32 17.93
CA VAL A 299 27.14 -3.17 16.85
C VAL A 299 28.04 -4.41 16.85
N ASN A 300 28.06 -5.13 15.73
CA ASN A 300 28.92 -6.29 15.57
C ASN A 300 29.25 -6.47 14.08
N ASP A 301 30.14 -7.42 13.79
CA ASP A 301 30.66 -7.64 12.45
C ASP A 301 29.62 -8.09 11.42
N VAL A 302 28.35 -8.23 11.81
CA VAL A 302 27.28 -8.44 10.82
C VAL A 302 26.14 -7.44 10.97
N ASN A 303 26.36 -6.27 11.57
CA ASN A 303 25.34 -5.20 11.57
C ASN A 303 25.91 -3.81 11.77
N SER A 304 27.21 -3.62 11.56
CA SER A 304 27.83 -2.33 11.81
C SER A 304 27.31 -1.27 10.84
N ARG A 305 27.99 -0.14 10.80
CA ARG A 305 27.80 0.74 9.66
C ARG A 305 28.90 0.49 8.65
N ILE A 306 28.52 0.29 7.39
CA ILE A 306 29.48 0.16 6.31
C ILE A 306 29.80 1.59 5.87
N GLN A 307 31.10 1.91 5.81
CA GLN A 307 31.50 3.26 5.39
C GLN A 307 32.98 3.32 5.07
N GLY B 9 -30.65 -9.68 4.41
CA GLY B 9 -31.07 -8.96 3.21
C GLY B 9 -32.43 -8.29 3.37
N ALA B 10 -33.11 -8.59 4.48
CA ALA B 10 -34.37 -7.92 4.81
C ALA B 10 -34.17 -6.44 5.07
N GLN B 11 -34.29 -5.96 6.32
CA GLN B 11 -33.86 -4.60 6.64
C GLN B 11 -33.89 -4.23 8.13
N ASP B 12 -32.78 -3.61 8.61
CA ASP B 12 -32.75 -2.68 9.75
C ASP B 12 -32.84 -1.24 9.22
N ILE B 13 -34.08 -0.77 9.04
CA ILE B 13 -34.32 0.52 8.40
C ILE B 13 -33.60 1.64 9.14
N GLY B 14 -33.69 1.65 10.47
CA GLY B 14 -33.12 2.74 11.25
C GLY B 14 -31.64 2.94 11.03
N ARG B 15 -30.89 1.84 10.92
CA ARG B 15 -29.46 1.85 10.68
C ARG B 15 -29.12 1.97 9.20
N SER B 16 -30.09 2.22 8.34
CA SER B 16 -29.86 2.13 6.91
C SER B 16 -29.66 3.48 6.22
N SER B 17 -29.40 4.55 6.97
CA SER B 17 -29.26 5.85 6.34
C SER B 17 -28.45 6.78 7.25
N VAL B 18 -27.54 7.53 6.64
CA VAL B 18 -26.86 8.59 7.38
C VAL B 18 -27.56 9.93 7.17
N ARG B 19 -28.73 9.92 6.54
CA ARG B 19 -29.50 11.14 6.29
C ARG B 19 -29.72 12.01 7.52
N PRO B 20 -29.99 11.47 8.71
CA PRO B 20 -30.13 12.35 9.89
C PRO B 20 -28.87 13.14 10.23
N TYR B 21 -27.71 12.77 9.69
CA TYR B 21 -26.45 13.41 10.02
C TYR B 21 -25.89 14.27 8.89
N LEU B 22 -26.60 14.36 7.78
CA LEU B 22 -26.04 14.92 6.55
C LEU B 22 -25.54 16.36 6.76
N GLU B 23 -26.40 17.22 7.29
CA GLU B 23 -26.00 18.63 7.40
C GLU B 23 -24.84 18.82 8.35
N GLU B 24 -24.92 18.23 9.54
CA GLU B 24 -23.88 18.52 10.51
C GLU B 24 -22.56 17.85 10.13
N CYS B 25 -22.60 16.65 9.53
CA CYS B 25 -21.35 16.06 9.08
C CYS B 25 -20.72 16.86 7.96
N THR B 26 -21.53 17.36 7.03
CA THR B 26 -21.01 18.18 5.95
C THR B 26 -20.29 19.41 6.51
N ARG B 27 -20.91 20.09 7.47
CA ARG B 27 -20.27 21.28 8.01
C ARG B 27 -19.02 20.92 8.83
N ARG B 28 -19.05 19.78 9.54
CA ARG B 28 -17.84 19.31 10.25
C ARG B 28 -16.68 19.07 9.28
N PHE B 29 -16.92 18.30 8.22
CA PHE B 29 -15.90 18.09 7.19
C PHE B 29 -15.32 19.43 6.71
N GLN B 30 -16.20 20.35 6.33
CA GLN B 30 -15.74 21.63 5.81
C GLN B 30 -14.94 22.41 6.86
N GLU B 31 -15.41 22.42 8.10
CA GLU B 31 -14.68 23.09 9.16
C GLU B 31 -13.28 22.51 9.30
N MET B 32 -13.19 21.20 9.20
CA MET B 32 -11.89 20.54 9.33
C MET B 32 -10.97 20.94 8.18
N PHE B 33 -11.47 20.90 6.95
CA PHE B 33 -10.67 21.34 5.80
C PHE B 33 -10.24 22.79 5.95
N ASP B 34 -11.13 23.65 6.45
CA ASP B 34 -10.79 25.06 6.59
C ASP B 34 -9.73 25.26 7.66
N ARG B 35 -9.75 24.42 8.69
CA ARG B 35 -8.79 24.63 9.77
C ARG B 35 -7.46 23.92 9.52
N HIS B 36 -7.44 22.85 8.71
CA HIS B 36 -6.18 22.15 8.50
C HIS B 36 -5.64 22.25 7.08
N VAL B 37 -6.47 22.21 6.04
CA VAL B 37 -6.02 22.37 4.67
C VAL B 37 -5.92 23.84 4.26
N VAL B 38 -6.98 24.60 4.48
CA VAL B 38 -7.04 26.06 4.45
C VAL B 38 -7.33 26.56 3.03
N THR B 39 -6.51 26.12 2.06
CA THR B 39 -6.66 26.61 0.70
C THR B 39 -7.59 25.68 -0.08
N ARG B 40 -8.43 26.30 -0.91
CA ARG B 40 -9.47 25.56 -1.63
C ARG B 40 -8.86 24.68 -2.71
N PRO B 41 -9.54 23.60 -3.09
CA PRO B 41 -9.29 23.00 -4.40
C PRO B 41 -9.75 23.95 -5.50
N THR B 42 -9.23 23.69 -6.70
CA THR B 42 -9.51 24.50 -7.88
C THR B 42 -9.89 23.54 -9.00
N LYS B 43 -10.91 23.88 -9.78
CA LYS B 43 -11.31 23.00 -10.87
C LYS B 43 -10.37 23.19 -12.05
N VAL B 44 -9.92 22.08 -12.64
CA VAL B 44 -9.26 22.11 -13.95
C VAL B 44 -10.30 22.44 -15.00
N GLU B 45 -10.01 23.40 -15.87
CA GLU B 45 -10.99 23.85 -16.85
C GLU B 45 -10.55 23.37 -18.23
N LEU B 46 -11.30 22.43 -18.81
CA LEU B 46 -11.02 21.88 -20.12
C LEU B 46 -11.65 22.75 -21.21
N THR B 47 -11.04 22.74 -22.39
CA THR B 47 -11.64 23.32 -23.57
C THR B 47 -12.75 22.42 -24.09
N ASP B 48 -13.59 22.97 -24.95
CA ASP B 48 -14.63 22.14 -25.54
C ASP B 48 -14.05 21.11 -26.50
N ALA B 49 -12.83 21.32 -26.96
CA ALA B 49 -12.15 20.23 -27.67
C ALA B 49 -11.71 19.15 -26.69
N GLU B 50 -10.93 19.52 -25.67
CA GLU B 50 -10.39 18.54 -24.73
C GLU B 50 -11.51 17.70 -24.13
N LEU B 51 -12.58 18.36 -23.66
CA LEU B 51 -13.74 17.66 -23.14
C LEU B 51 -14.26 16.63 -24.14
N ARG B 52 -14.47 17.04 -25.39
CA ARG B 52 -15.06 16.08 -26.33
C ARG B 52 -14.07 14.96 -26.64
N GLU B 53 -12.78 15.27 -26.74
CA GLU B 53 -11.77 14.23 -26.92
C GLU B 53 -11.81 13.23 -25.77
N VAL B 54 -12.02 13.71 -24.55
CA VAL B 54 -12.02 12.80 -23.41
C VAL B 54 -13.21 11.87 -23.49
N ILE B 55 -14.39 12.42 -23.80
CA ILE B 55 -15.61 11.66 -23.67
C ILE B 55 -15.76 10.66 -24.83
N ASP B 56 -15.40 11.05 -26.05
CA ASP B 56 -15.39 10.07 -27.13
C ASP B 56 -14.46 8.91 -26.79
N ASP B 57 -13.36 9.19 -26.10
CA ASP B 57 -12.45 8.10 -25.74
C ASP B 57 -13.04 7.22 -24.65
N CYS B 58 -13.82 7.80 -23.74
CA CYS B 58 -14.53 7.00 -22.76
C CYS B 58 -15.56 6.10 -23.43
N ASN B 59 -16.26 6.62 -24.43
CA ASN B 59 -17.28 5.82 -25.10
C ASN B 59 -16.65 4.71 -25.91
N ALA B 60 -15.57 5.01 -26.64
CA ALA B 60 -14.92 4.00 -27.44
C ALA B 60 -14.40 2.86 -26.56
N ALA B 61 -13.88 3.22 -25.38
CA ALA B 61 -13.25 2.24 -24.50
C ALA B 61 -14.27 1.23 -23.97
N VAL B 62 -15.44 1.71 -23.53
CA VAL B 62 -16.40 0.83 -22.88
C VAL B 62 -17.40 0.25 -23.85
N ALA B 63 -17.43 0.73 -25.09
CA ALA B 63 -18.38 0.24 -26.08
C ALA B 63 -18.38 -1.28 -26.21
N PRO B 64 -17.26 -1.96 -26.40
CA PRO B 64 -17.33 -3.43 -26.54
C PRO B 64 -17.99 -4.12 -25.34
N LEU B 65 -18.20 -3.43 -24.22
CA LEU B 65 -18.86 -4.05 -23.08
C LEU B 65 -20.38 -4.10 -23.20
N GLY B 66 -20.99 -3.39 -24.16
CA GLY B 66 -22.38 -3.55 -24.48
C GLY B 66 -23.35 -2.61 -23.77
N LYS B 67 -22.86 -1.65 -23.01
CA LYS B 67 -23.70 -0.77 -22.21
C LYS B 67 -23.49 0.68 -22.66
N THR B 68 -24.60 1.39 -22.86
CA THR B 68 -24.55 2.81 -23.17
C THR B 68 -24.38 3.63 -21.90
N VAL B 69 -23.53 4.65 -21.97
CA VAL B 69 -23.31 5.56 -20.86
C VAL B 69 -23.62 6.97 -21.35
N SER B 70 -24.58 7.64 -20.71
CA SER B 70 -24.97 8.99 -21.11
C SER B 70 -23.88 10.01 -20.81
N ASP B 71 -23.92 11.14 -21.52
CA ASP B 71 -22.97 12.21 -21.24
C ASP B 71 -23.10 12.69 -19.80
N GLU B 72 -24.32 12.74 -19.26
CA GLU B 72 -24.47 13.17 -17.87
C GLU B 72 -23.77 12.20 -16.92
N ARG B 73 -23.82 10.89 -17.21
CA ARG B 73 -23.14 9.93 -16.36
C ARG B 73 -21.63 10.09 -16.48
N TRP B 74 -21.12 10.23 -17.70
CA TRP B 74 -19.69 10.50 -17.86
C TRP B 74 -19.28 11.75 -17.09
N ILE B 75 -20.10 12.81 -17.14
CA ILE B 75 -19.78 14.03 -16.43
C ILE B 75 -19.77 13.77 -14.92
N SER B 76 -20.74 12.99 -14.43
CA SER B 76 -20.74 12.59 -13.04
C SER B 76 -19.40 11.95 -12.64
N TYR B 77 -18.91 11.01 -13.46
CA TYR B 77 -17.65 10.35 -13.15
C TYR B 77 -16.46 11.31 -13.26
N VAL B 78 -16.43 12.14 -14.29
CA VAL B 78 -15.20 12.87 -14.60
C VAL B 78 -14.94 14.02 -13.63
N GLY B 79 -15.98 14.51 -12.94
CA GLY B 79 -15.81 15.65 -12.06
C GLY B 79 -14.73 15.47 -11.01
N VAL B 80 -14.51 14.24 -10.54
CA VAL B 80 -13.51 14.05 -9.50
C VAL B 80 -12.13 14.39 -10.03
N VAL B 81 -11.85 14.08 -11.30
CA VAL B 81 -10.55 14.45 -11.86
C VAL B 81 -10.45 15.97 -12.01
N LEU B 82 -11.54 16.60 -12.47
CA LEU B 82 -11.53 18.05 -12.67
C LEU B 82 -11.33 18.80 -11.35
N TRP B 83 -11.92 18.30 -10.27
CA TRP B 83 -11.83 18.97 -8.97
C TRP B 83 -10.66 18.54 -8.10
N SER B 84 -10.12 17.35 -8.30
CA SER B 84 -9.21 16.77 -7.31
C SER B 84 -7.81 16.53 -7.85
N GLN B 85 -7.43 17.18 -8.94
CA GLN B 85 -6.02 17.24 -9.33
C GLN B 85 -5.45 18.56 -8.80
N SER B 86 -4.32 18.99 -9.35
CA SER B 86 -3.61 20.18 -8.86
C SER B 86 -3.36 21.12 -10.03
N PRO B 87 -4.37 21.91 -10.44
CA PRO B 87 -4.25 22.67 -11.71
C PRO B 87 -3.00 23.52 -11.83
N ARG B 88 -2.56 24.13 -10.72
CA ARG B 88 -1.38 24.98 -10.78
C ARG B 88 -0.13 24.22 -11.23
N HIS B 89 -0.08 22.91 -11.02
CA HIS B 89 1.10 22.11 -11.24
C HIS B 89 1.03 21.25 -12.51
N ILE B 90 -0.03 21.36 -13.30
CA ILE B 90 -0.18 20.50 -14.48
C ILE B 90 0.86 20.87 -15.52
N LYS B 91 1.57 19.87 -16.05
CA LYS B 91 2.51 20.09 -17.14
C LYS B 91 2.39 19.12 -18.29
N ASP B 92 1.48 18.14 -18.21
CA ASP B 92 1.14 17.32 -19.37
C ASP B 92 -0.37 17.19 -19.39
N MET B 93 -1.01 17.87 -20.36
CA MET B 93 -2.45 17.79 -20.49
C MET B 93 -2.92 16.49 -21.13
N GLU B 94 -2.08 15.83 -21.93
CA GLU B 94 -2.46 14.52 -22.45
C GLU B 94 -2.58 13.48 -21.34
N ALA B 95 -1.65 13.51 -20.38
CA ALA B 95 -1.77 12.64 -19.21
C ALA B 95 -2.99 13.01 -18.37
N PHE B 96 -3.29 14.32 -18.26
CA PHE B 96 -4.49 14.70 -17.52
C PHE B 96 -5.73 14.11 -18.17
N LYS B 97 -5.80 14.17 -19.52
CA LYS B 97 -6.93 13.57 -20.23
C LYS B 97 -6.95 12.05 -20.08
N ALA B 98 -5.78 11.41 -20.12
CA ALA B 98 -5.72 9.97 -19.83
C ALA B 98 -6.38 9.68 -18.48
N VAL B 99 -6.05 10.46 -17.46
CA VAL B 99 -6.63 10.21 -16.14
C VAL B 99 -8.13 10.42 -16.16
N CYS B 100 -8.62 11.43 -16.91
CA CYS B 100 -10.05 11.59 -17.09
C CYS B 100 -10.68 10.32 -17.67
N VAL B 101 -10.09 9.80 -18.75
CA VAL B 101 -10.67 8.62 -19.39
C VAL B 101 -10.56 7.40 -18.47
N LEU B 102 -9.35 7.10 -17.99
CA LEU B 102 -9.15 5.91 -17.16
C LEU B 102 -10.01 5.96 -15.91
N ASN B 103 -10.08 7.13 -15.27
CA ASN B 103 -11.02 7.34 -14.17
C ASN B 103 -12.43 6.92 -14.56
N CYS B 104 -12.93 7.43 -15.68
CA CYS B 104 -14.35 7.24 -15.98
C CYS B 104 -14.67 5.80 -16.37
N VAL B 105 -13.81 5.17 -17.17
CA VAL B 105 -14.16 3.84 -17.65
C VAL B 105 -14.04 2.81 -16.54
N THR B 106 -13.12 2.99 -15.59
CA THR B 106 -13.08 2.08 -14.46
C THR B 106 -14.18 2.39 -13.43
N PHE B 107 -14.72 3.61 -13.44
CA PHE B 107 -15.92 3.86 -12.64
C PHE B 107 -17.12 3.08 -13.19
N VAL B 108 -17.25 3.01 -14.52
CA VAL B 108 -18.27 2.16 -15.13
C VAL B 108 -18.10 0.73 -14.64
N TRP B 109 -16.87 0.22 -14.68
CA TRP B 109 -16.57 -1.13 -14.22
C TRP B 109 -16.97 -1.31 -12.76
N ASP B 110 -16.73 -0.29 -11.93
CA ASP B 110 -17.14 -0.29 -10.53
C ASP B 110 -18.65 -0.44 -10.38
N ASP B 111 -19.42 0.17 -11.28
CA ASP B 111 -20.88 0.19 -11.22
C ASP B 111 -21.54 -0.96 -11.99
N MET B 112 -20.76 -1.93 -12.45
CA MET B 112 -21.29 -3.01 -13.27
C MET B 112 -21.53 -4.29 -12.48
N ASP B 113 -22.57 -5.01 -12.87
CA ASP B 113 -22.77 -6.39 -12.49
C ASP B 113 -21.48 -7.18 -12.76
N PRO B 114 -21.06 -8.08 -11.85
CA PRO B 114 -19.84 -8.86 -12.14
C PRO B 114 -19.95 -9.79 -13.35
N ALA B 115 -21.16 -10.27 -13.70
CA ALA B 115 -21.32 -11.07 -14.90
C ALA B 115 -21.15 -10.26 -16.17
N LEU B 116 -21.05 -8.93 -16.05
CA LEU B 116 -20.80 -8.03 -17.16
C LEU B 116 -19.30 -7.84 -17.42
N HIS B 117 -18.47 -8.21 -16.45
CA HIS B 117 -17.03 -7.98 -16.50
C HIS B 117 -16.39 -8.97 -17.45
N ASP B 118 -16.07 -8.51 -18.66
CA ASP B 118 -15.39 -9.34 -19.65
C ASP B 118 -13.97 -8.81 -19.82
N PHE B 119 -13.01 -9.47 -19.16
CA PHE B 119 -11.62 -9.03 -19.22
C PHE B 119 -11.08 -9.12 -20.65
N GLY B 120 -11.46 -10.17 -21.39
CA GLY B 120 -10.97 -10.32 -22.75
C GLY B 120 -11.38 -9.16 -23.66
N LEU B 121 -12.56 -8.59 -23.39
CA LEU B 121 -12.99 -7.45 -24.19
C LEU B 121 -12.43 -6.14 -23.65
N PHE B 122 -12.38 -5.99 -22.33
CA PHE B 122 -12.11 -4.67 -21.74
C PHE B 122 -10.62 -4.38 -21.57
N LEU B 123 -9.82 -5.33 -21.10
CA LEU B 123 -8.40 -5.05 -20.92
C LEU B 123 -7.70 -4.51 -22.16
N PRO B 124 -7.97 -5.02 -23.38
CA PRO B 124 -7.33 -4.39 -24.57
C PRO B 124 -7.71 -2.93 -24.79
N GLN B 125 -8.94 -2.54 -24.44
CA GLN B 125 -9.31 -1.13 -24.55
C GLN B 125 -8.54 -0.27 -23.56
N LEU B 126 -8.33 -0.77 -22.33
CA LEU B 126 -7.54 -0.03 -21.36
C LEU B 126 -6.13 0.19 -21.87
N ARG B 127 -5.60 -0.77 -22.65
CA ARG B 127 -4.27 -0.58 -23.23
C ARG B 127 -4.30 0.46 -24.34
N LYS B 128 -5.30 0.42 -25.22
CA LYS B 128 -5.39 1.43 -26.27
C LYS B 128 -5.44 2.83 -25.68
N ILE B 129 -6.06 2.98 -24.51
CA ILE B 129 -6.09 4.27 -23.84
C ILE B 129 -4.69 4.66 -23.39
N CYS B 130 -4.02 3.76 -22.68
CA CYS B 130 -2.72 4.10 -22.11
C CYS B 130 -1.69 4.40 -23.20
N GLU B 131 -1.75 3.68 -24.31
CA GLU B 131 -0.82 3.96 -25.41
C GLU B 131 -1.12 5.28 -26.07
N LYS B 132 -2.39 5.67 -26.16
CA LYS B 132 -2.76 6.90 -26.86
C LYS B 132 -2.21 8.14 -26.16
N TYR B 133 -2.26 8.17 -24.83
CA TYR B 133 -2.02 9.38 -24.07
C TYR B 133 -0.68 9.40 -23.35
N TYR B 134 -0.07 8.25 -23.06
CA TYR B 134 1.20 8.23 -22.34
C TYR B 134 2.35 7.84 -23.28
N GLY B 135 3.57 8.16 -22.83
CA GLY B 135 4.77 7.63 -23.41
C GLY B 135 4.98 6.19 -23.01
N PRO B 136 5.88 5.50 -23.70
CA PRO B 136 5.94 4.03 -23.56
C PRO B 136 6.14 3.54 -22.14
N GLU B 137 7.04 4.19 -21.38
CA GLU B 137 7.27 3.79 -19.99
C GLU B 137 6.01 4.01 -19.14
N ASP B 138 5.48 5.23 -19.15
CA ASP B 138 4.34 5.54 -18.29
C ASP B 138 3.10 4.75 -18.67
N ALA B 139 2.97 4.42 -19.96
CA ALA B 139 1.83 3.65 -20.40
C ALA B 139 1.79 2.29 -19.74
N GLU B 140 2.93 1.61 -19.64
CA GLU B 140 2.92 0.30 -19.00
C GLU B 140 2.63 0.43 -17.49
N VAL B 141 3.09 1.50 -16.86
CA VAL B 141 2.79 1.71 -15.44
C VAL B 141 1.31 1.97 -15.22
N ALA B 142 0.72 2.91 -15.98
CA ALA B 142 -0.69 3.21 -15.81
C ALA B 142 -1.56 2.02 -16.18
N TYR B 143 -1.16 1.26 -17.20
CA TYR B 143 -1.92 0.07 -17.56
C TYR B 143 -1.91 -0.97 -16.43
N GLU B 144 -0.74 -1.26 -15.85
CA GLU B 144 -0.70 -2.22 -14.75
C GLU B 144 -1.58 -1.77 -13.59
N ALA B 145 -1.54 -0.49 -13.27
CA ALA B 145 -2.39 0.01 -12.18
C ALA B 145 -3.86 -0.14 -12.52
N ALA B 146 -4.26 0.16 -13.77
CA ALA B 146 -5.68 0.04 -14.13
C ALA B 146 -6.11 -1.42 -14.17
N ARG B 147 -5.26 -2.28 -14.73
CA ARG B 147 -5.54 -3.71 -14.74
C ARG B 147 -5.69 -4.25 -13.34
N ALA B 148 -4.76 -3.90 -12.44
CA ALA B 148 -4.85 -4.41 -11.08
C ALA B 148 -6.10 -3.87 -10.38
N PHE B 149 -6.48 -2.62 -10.66
CA PHE B 149 -7.71 -2.11 -10.09
C PHE B 149 -8.92 -2.87 -10.62
N VAL B 150 -9.05 -3.06 -11.93
CA VAL B 150 -10.27 -3.71 -12.41
C VAL B 150 -10.27 -5.19 -11.99
N THR B 151 -9.10 -5.82 -11.91
CA THR B 151 -9.02 -7.19 -11.42
C THR B 151 -9.42 -7.27 -9.95
N SER B 152 -8.89 -6.36 -9.12
CA SER B 152 -9.27 -6.28 -7.72
C SER B 152 -10.78 -6.07 -7.57
N ASP B 153 -11.32 -5.06 -8.26
CA ASP B 153 -12.75 -4.79 -8.12
C ASP B 153 -13.58 -6.03 -8.48
N HIS B 154 -13.11 -6.79 -9.47
CA HIS B 154 -13.86 -7.99 -9.91
C HIS B 154 -13.71 -9.12 -8.89
N MET B 155 -12.47 -9.48 -8.57
CA MET B 155 -12.25 -10.68 -7.75
C MET B 155 -12.88 -10.54 -6.38
N PHE B 156 -12.88 -9.34 -5.81
CA PHE B 156 -13.38 -9.14 -4.46
C PHE B 156 -14.90 -9.04 -4.36
N ARG B 157 -15.65 -9.17 -5.45
CA ARG B 157 -17.10 -9.20 -5.33
C ARG B 157 -17.55 -10.45 -4.57
N ASP B 158 -16.87 -11.56 -4.86
CA ASP B 158 -17.21 -12.88 -4.32
C ASP B 158 -16.11 -13.34 -3.36
N SER B 159 -16.11 -12.75 -2.14
CA SER B 159 -14.82 -12.56 -1.47
C SER B 159 -14.96 -12.56 0.06
N PRO B 160 -14.82 -13.72 0.68
CA PRO B 160 -14.68 -13.73 2.15
C PRO B 160 -13.53 -12.85 2.63
N ILE B 161 -12.54 -12.57 1.78
CA ILE B 161 -11.50 -11.63 2.17
C ILE B 161 -12.08 -10.24 2.34
N LYS B 162 -12.96 -9.84 1.43
CA LYS B 162 -13.60 -8.54 1.57
C LYS B 162 -14.42 -8.45 2.85
N ALA B 163 -15.18 -9.51 3.14
CA ALA B 163 -15.98 -9.51 4.36
C ALA B 163 -15.10 -9.41 5.60
N ALA B 164 -13.99 -10.15 5.63
CA ALA B 164 -13.08 -10.07 6.76
C ALA B 164 -12.54 -8.65 6.92
N LEU B 165 -11.91 -8.09 5.88
CA LEU B 165 -11.27 -6.79 6.02
C LEU B 165 -12.31 -5.69 6.31
N CYS B 166 -13.49 -5.78 5.71
CA CYS B 166 -14.47 -4.71 5.88
C CYS B 166 -15.25 -4.79 7.17
N THR B 167 -15.20 -5.91 7.90
CA THR B 167 -16.01 -6.06 9.10
C THR B 167 -15.18 -6.17 10.38
N THR B 168 -13.84 -6.08 10.32
CA THR B 168 -13.00 -6.31 11.49
C THR B 168 -12.68 -5.03 12.25
N SER B 169 -11.94 -4.11 11.63
CA SER B 169 -11.54 -2.85 12.27
C SER B 169 -11.44 -1.77 11.19
N PRO B 170 -11.40 -0.50 11.59
CA PRO B 170 -11.13 0.54 10.57
C PRO B 170 -9.79 0.34 9.87
N GLU B 171 -8.77 -0.10 10.60
CA GLU B 171 -7.45 -0.20 10.02
C GLU B 171 -7.37 -1.35 9.00
N GLN B 172 -8.04 -2.48 9.24
CA GLN B 172 -8.11 -3.51 8.18
C GLN B 172 -8.87 -2.98 6.96
N TYR B 173 -9.98 -2.29 7.22
CA TYR B 173 -10.81 -1.78 6.13
C TYR B 173 -10.03 -0.81 5.26
N PHE B 174 -9.34 0.16 5.86
CA PHE B 174 -8.60 1.12 5.06
C PHE B 174 -7.48 0.46 4.28
N ARG B 175 -6.90 -0.62 4.83
CA ARG B 175 -5.95 -1.42 4.06
C ARG B 175 -6.54 -1.90 2.76
N PHE B 176 -7.76 -2.41 2.80
CA PHE B 176 -8.42 -2.85 1.58
C PHE B 176 -8.58 -1.68 0.61
N ARG B 177 -8.92 -0.51 1.14
CA ARG B 177 -9.30 0.61 0.28
C ARG B 177 -8.11 1.30 -0.37
N VAL B 178 -6.88 1.07 0.11
CA VAL B 178 -5.73 1.63 -0.59
C VAL B 178 -5.80 1.29 -2.07
N THR B 179 -6.20 0.06 -2.39
CA THR B 179 -6.41 -0.36 -3.77
C THR B 179 -7.86 -0.18 -4.20
N ASP B 180 -8.81 -0.57 -3.36
CA ASP B 180 -10.19 -0.68 -3.81
C ASP B 180 -10.83 0.67 -4.10
N ILE B 181 -10.48 1.74 -3.38
CA ILE B 181 -11.03 3.03 -3.77
C ILE B 181 -10.28 3.63 -4.95
N GLY B 182 -9.30 2.91 -5.50
CA GLY B 182 -8.60 3.29 -6.70
C GLY B 182 -7.54 4.36 -6.54
N VAL B 183 -7.19 4.73 -5.30
CA VAL B 183 -6.25 5.84 -5.13
C VAL B 183 -4.84 5.44 -5.53
N ASP B 184 -4.43 4.20 -5.29
CA ASP B 184 -3.10 3.80 -5.77
C ASP B 184 -3.03 3.92 -7.29
N PHE B 185 -4.05 3.43 -7.98
CA PHE B 185 -4.15 3.53 -9.43
C PHE B 185 -4.11 5.00 -9.87
N TRP B 186 -4.87 5.84 -9.17
CA TRP B 186 -4.88 7.26 -9.46
C TRP B 186 -3.50 7.88 -9.39
N MET B 187 -2.74 7.56 -8.33
CA MET B 187 -1.42 8.14 -8.18
C MET B 187 -0.51 7.68 -9.31
N LYS B 188 -0.59 6.39 -9.67
CA LYS B 188 0.32 5.84 -10.66
C LYS B 188 -0.04 6.27 -12.07
N MET B 189 -1.25 6.77 -12.30
CA MET B 189 -1.57 7.33 -13.60
C MET B 189 -1.51 8.87 -13.63
N SER B 190 -1.46 9.51 -12.46
CA SER B 190 -1.40 10.96 -12.36
C SER B 190 0.00 11.54 -12.30
N TYR B 191 1.03 10.78 -11.88
CA TYR B 191 2.34 11.41 -11.77
C TYR B 191 2.87 11.98 -13.09
N PRO B 192 2.58 11.42 -14.27
CA PRO B 192 3.02 12.09 -15.51
C PRO B 192 2.39 13.46 -15.72
N ILE B 193 1.33 13.81 -14.99
CA ILE B 193 0.74 15.14 -15.11
C ILE B 193 1.73 16.19 -14.60
N TYR B 194 2.49 15.85 -13.56
CA TYR B 194 3.24 16.82 -12.78
C TYR B 194 4.74 16.80 -13.05
N ARG B 195 5.28 15.67 -13.55
CA ARG B 195 6.71 15.53 -13.85
C ARG B 195 7.56 16.06 -12.69
N HIS B 196 7.17 15.66 -11.49
CA HIS B 196 7.80 16.10 -10.25
C HIS B 196 8.44 14.88 -9.59
N PRO B 197 9.76 14.73 -9.65
CA PRO B 197 10.35 13.43 -9.32
C PRO B 197 10.04 12.91 -7.91
N GLU B 198 9.94 13.76 -6.90
CA GLU B 198 9.51 13.29 -5.58
C GLU B 198 8.10 12.69 -5.63
N PHE B 199 7.16 13.38 -6.29
CA PHE B 199 5.81 12.85 -6.33
C PHE B 199 5.76 11.54 -7.10
N THR B 200 6.49 11.47 -8.21
CA THR B 200 6.60 10.23 -8.97
C THR B 200 7.10 9.09 -8.09
N GLU B 201 8.08 9.35 -7.21
CA GLU B 201 8.55 8.28 -6.33
C GLU B 201 7.48 7.89 -5.32
N HIS B 202 6.85 8.88 -4.65
CA HIS B 202 5.80 8.56 -3.69
C HIS B 202 4.64 7.84 -4.35
N ALA B 203 4.39 8.14 -5.62
CA ALA B 203 3.35 7.41 -6.36
C ALA B 203 3.76 5.96 -6.55
N LYS B 204 5.00 5.72 -6.97
CA LYS B 204 5.37 4.36 -7.31
C LYS B 204 5.62 3.49 -6.09
N THR B 205 5.96 4.06 -4.93
CA THR B 205 6.03 3.27 -3.71
C THR B 205 4.65 3.04 -3.08
N SER B 206 3.62 3.73 -3.58
CA SER B 206 2.27 3.77 -3.01
C SER B 206 2.19 4.52 -1.69
N LEU B 207 3.29 5.12 -1.20
CA LEU B 207 3.19 5.98 -0.03
C LEU B 207 2.21 7.13 -0.26
N ALA B 208 2.17 7.63 -1.49
CA ALA B 208 1.19 8.67 -1.83
C ALA B 208 -0.23 8.17 -1.60
N ALA B 209 -0.54 6.96 -2.09
CA ALA B 209 -1.85 6.37 -1.87
C ALA B 209 -2.13 6.12 -0.40
N ARG B 210 -1.13 5.62 0.33
CA ARG B 210 -1.38 5.31 1.73
C ARG B 210 -1.68 6.56 2.55
N MET B 211 -1.10 7.71 2.18
CA MET B 211 -1.33 8.92 2.96
C MET B 211 -2.70 9.54 2.67
N THR B 212 -3.28 9.25 1.51
CA THR B 212 -4.52 9.92 1.11
C THR B 212 -5.74 9.02 1.20
N THR B 213 -5.54 7.72 1.46
CA THR B 213 -6.64 6.76 1.44
C THR B 213 -7.74 7.13 2.42
N ARG B 214 -7.40 7.46 3.66
CA ARG B 214 -8.46 7.67 4.64
C ARG B 214 -9.27 8.93 4.33
N GLY B 215 -8.60 10.00 3.92
CA GLY B 215 -9.29 11.23 3.61
C GLY B 215 -10.28 11.06 2.47
N LEU B 216 -9.87 10.33 1.43
CA LEU B 216 -10.78 10.04 0.33
C LEU B 216 -11.91 9.12 0.78
N THR B 217 -11.56 8.05 1.48
CA THR B 217 -12.51 6.99 1.76
C THR B 217 -13.57 7.43 2.76
N ILE B 218 -13.17 8.11 3.81
CA ILE B 218 -14.14 8.51 4.83
C ILE B 218 -15.20 9.41 4.22
N VAL B 219 -14.77 10.36 3.39
CA VAL B 219 -15.72 11.23 2.68
C VAL B 219 -16.59 10.42 1.73
N ASN B 220 -15.97 9.59 0.88
CA ASN B 220 -16.77 8.80 -0.05
C ASN B 220 -17.76 7.93 0.70
N ASP B 221 -17.31 7.26 1.77
CA ASP B 221 -18.19 6.34 2.49
C ASP B 221 -19.38 7.07 3.09
N PHE B 222 -19.16 8.26 3.62
CA PHE B 222 -20.28 8.95 4.27
C PHE B 222 -21.39 9.22 3.26
N TYR B 223 -21.02 9.76 2.11
CA TYR B 223 -22.02 10.20 1.14
C TYR B 223 -22.49 9.09 0.21
N SER B 224 -21.83 7.93 0.18
CA SER B 224 -22.34 6.82 -0.62
C SER B 224 -22.95 5.71 0.24
N TYR B 225 -22.99 5.91 1.57
CA TYR B 225 -23.54 4.90 2.48
C TYR B 225 -24.95 4.47 2.09
N ASP B 226 -25.85 5.42 1.84
CA ASP B 226 -27.24 5.06 1.60
C ASP B 226 -27.39 4.19 0.37
N ARG B 227 -26.71 4.54 -0.72
CA ARG B 227 -26.78 3.72 -1.92
C ARG B 227 -26.18 2.34 -1.67
N GLU B 228 -25.02 2.30 -1.02
CA GLU B 228 -24.32 1.02 -0.87
C GLU B 228 -25.07 0.07 0.05
N VAL B 229 -25.60 0.56 1.17
CA VAL B 229 -26.35 -0.35 2.02
C VAL B 229 -27.64 -0.78 1.33
N SER B 230 -28.21 0.11 0.51
CA SER B 230 -29.39 -0.23 -0.29
C SER B 230 -29.07 -1.28 -1.35
N LEU B 231 -27.80 -1.44 -1.70
CA LEU B 231 -27.38 -2.40 -2.71
C LEU B 231 -26.54 -3.55 -2.14
N GLY B 232 -26.65 -3.83 -0.84
CA GLY B 232 -25.92 -4.95 -0.25
C GLY B 232 -24.41 -4.85 -0.26
N GLN B 233 -23.86 -3.70 -0.66
CA GLN B 233 -22.40 -3.55 -0.68
C GLN B 233 -21.89 -3.34 0.74
N ILE B 234 -20.77 -3.98 1.07
CA ILE B 234 -20.23 -3.93 2.43
C ILE B 234 -19.03 -3.04 2.55
N THR B 235 -18.53 -2.49 1.45
CA THR B 235 -17.26 -1.76 1.49
C THR B 235 -17.53 -0.30 1.88
N ASN B 236 -17.70 -0.09 3.18
CA ASN B 236 -18.03 1.24 3.72
C ASN B 236 -17.77 1.27 5.22
N CYS B 237 -16.91 2.18 5.68
CA CYS B 237 -16.49 2.14 7.07
C CYS B 237 -17.62 2.44 8.05
N PHE B 238 -18.68 3.15 7.60
CA PHE B 238 -19.74 3.40 8.57
C PHE B 238 -20.60 2.17 8.86
N ARG B 239 -20.43 1.07 8.12
CA ARG B 239 -21.03 -0.20 8.55
C ARG B 239 -20.34 -0.75 9.80
N LEU B 240 -19.17 -0.24 10.14
CA LEU B 240 -18.49 -0.65 11.37
C LEU B 240 -19.14 -0.14 12.64
N CYS B 241 -19.84 1.00 12.58
CA CYS B 241 -20.52 1.55 13.73
C CYS B 241 -22.02 1.35 13.57
N ASP B 242 -22.74 1.63 14.64
CA ASP B 242 -24.19 1.53 14.61
C ASP B 242 -24.72 2.92 14.27
N VAL B 243 -24.98 3.16 12.98
CA VAL B 243 -25.44 4.50 12.60
C VAL B 243 -26.85 4.81 13.09
N SER B 244 -27.61 3.81 13.57
CA SER B 244 -28.91 4.12 14.15
C SER B 244 -28.80 4.66 15.58
N ASP B 245 -27.59 4.70 16.13
CA ASP B 245 -27.32 5.13 17.50
C ASP B 245 -26.51 6.41 17.42
N GLU B 246 -27.17 7.54 17.70
CA GLU B 246 -26.53 8.85 17.61
C GLU B 246 -25.24 8.90 18.41
N THR B 247 -25.27 8.39 19.65
CA THR B 247 -24.07 8.30 20.47
C THR B 247 -22.93 7.62 19.74
N ALA B 248 -23.15 6.38 19.31
CA ALA B 248 -22.09 5.61 18.69
C ALA B 248 -21.64 6.27 17.39
N PHE B 249 -22.61 6.78 16.59
CA PHE B 249 -22.24 7.35 15.31
C PHE B 249 -21.30 8.52 15.49
N LYS B 250 -21.64 9.46 16.37
CA LYS B 250 -20.82 10.66 16.46
C LYS B 250 -19.46 10.37 17.08
N GLU B 251 -19.36 9.38 17.97
CA GLU B 251 -18.04 8.97 18.45
C GLU B 251 -17.19 8.42 17.31
N PHE B 252 -17.79 7.56 16.49
CA PHE B 252 -17.09 6.99 15.35
C PHE B 252 -16.73 8.06 14.33
N PHE B 253 -17.66 8.99 14.09
CA PHE B 253 -17.38 10.04 13.12
C PHE B 253 -16.23 10.93 13.60
N GLN B 254 -16.22 11.29 14.90
CA GLN B 254 -15.08 11.99 15.47
C GLN B 254 -13.79 11.21 15.26
N ALA B 255 -13.81 9.90 15.54
CA ALA B 255 -12.60 9.10 15.32
C ALA B 255 -12.11 9.21 13.88
N ARG B 256 -13.05 9.24 12.92
CA ARG B 256 -12.65 9.32 11.51
C ARG B 256 -12.14 10.72 11.16
N LEU B 257 -12.74 11.78 11.72
CA LEU B 257 -12.18 13.12 11.56
C LEU B 257 -10.74 13.18 12.06
N ASP B 258 -10.50 12.65 13.27
CA ASP B 258 -9.14 12.62 13.81
C ASP B 258 -8.18 11.91 12.86
N ASP B 259 -8.63 10.80 12.24
CA ASP B 259 -7.83 10.12 11.22
C ASP B 259 -7.40 11.09 10.12
N MET B 260 -8.39 11.81 9.55
CA MET B 260 -8.11 12.73 8.47
C MET B 260 -7.13 13.80 8.89
N ILE B 261 -7.35 14.36 10.08
CA ILE B 261 -6.49 15.42 10.60
C ILE B 261 -5.07 14.91 10.76
N GLU B 262 -4.92 13.73 11.37
CA GLU B 262 -3.59 13.16 11.51
C GLU B 262 -2.91 13.02 10.16
N ASP B 263 -3.61 12.48 9.16
CA ASP B 263 -3.02 12.33 7.83
C ASP B 263 -2.63 13.69 7.23
N ILE B 264 -3.52 14.66 7.37
CA ILE B 264 -3.27 15.95 6.74
C ILE B 264 -2.06 16.64 7.35
N GLU B 265 -1.91 16.57 8.67
CA GLU B 265 -0.74 17.20 9.30
C GLU B 265 0.57 16.49 8.95
N CYS B 266 0.55 15.17 8.76
CA CYS B 266 1.75 14.53 8.26
C CYS B 266 1.98 14.80 6.78
N ILE B 267 0.91 15.02 6.00
CA ILE B 267 1.13 15.35 4.59
C ILE B 267 1.92 16.66 4.45
N LYS B 268 1.76 17.59 5.41
CA LYS B 268 2.51 18.84 5.33
C LYS B 268 4.02 18.67 5.52
N ALA B 269 4.49 17.47 5.89
CA ALA B 269 5.92 17.22 5.90
C ALA B 269 6.49 16.95 4.52
N PHE B 270 5.67 16.59 3.54
CA PHE B 270 6.18 16.33 2.20
C PHE B 270 6.59 17.65 1.53
N ASP B 271 7.24 17.56 0.37
CA ASP B 271 7.67 18.75 -0.36
C ASP B 271 6.45 19.53 -0.80
N GLN B 272 6.70 20.66 -1.47
CA GLN B 272 5.63 21.62 -1.69
C GLN B 272 4.61 21.15 -2.71
N LEU B 273 5.07 20.77 -3.91
CA LEU B 273 4.16 20.26 -4.93
C LEU B 273 3.41 19.03 -4.42
N THR B 274 4.15 18.02 -3.96
CA THR B 274 3.53 16.79 -3.47
C THR B 274 2.44 17.10 -2.45
N GLN B 275 2.78 17.92 -1.46
CA GLN B 275 1.82 18.40 -0.49
C GLN B 275 0.57 18.98 -1.15
N ASP B 276 0.74 19.91 -2.10
CA ASP B 276 -0.40 20.51 -2.79
C ASP B 276 -1.25 19.44 -3.45
N VAL B 277 -0.60 18.51 -4.18
CA VAL B 277 -1.34 17.49 -4.89
C VAL B 277 -2.14 16.62 -3.92
N PHE B 278 -1.49 16.18 -2.83
CA PHE B 278 -2.19 15.34 -1.86
C PHE B 278 -3.43 16.04 -1.29
N LEU B 279 -3.25 17.30 -0.87
CA LEU B 279 -4.36 18.00 -0.21
C LEU B 279 -5.46 18.39 -1.21
N ASP B 280 -5.06 18.77 -2.43
CA ASP B 280 -6.06 19.02 -3.49
C ASP B 280 -6.89 17.78 -3.73
N LEU B 281 -6.26 16.60 -3.70
CA LEU B 281 -6.98 15.36 -3.94
C LEU B 281 -8.03 15.14 -2.85
N ILE B 282 -7.63 15.24 -1.57
CA ILE B 282 -8.58 14.97 -0.50
C ILE B 282 -9.68 16.03 -0.47
N TYR B 283 -9.29 17.29 -0.53
CA TYR B 283 -10.28 18.35 -0.40
C TYR B 283 -11.11 18.48 -1.67
N GLY B 284 -10.49 18.34 -2.83
CA GLY B 284 -11.26 18.33 -4.07
C GLY B 284 -12.24 17.18 -4.16
N ASN B 285 -11.88 16.01 -3.63
CA ASN B 285 -12.84 14.92 -3.65
C ASN B 285 -14.06 15.27 -2.81
N PHE B 286 -13.85 15.99 -1.71
CA PHE B 286 -14.97 16.38 -0.87
C PHE B 286 -15.87 17.40 -1.59
N VAL B 287 -15.27 18.37 -2.26
CA VAL B 287 -16.08 19.34 -3.01
C VAL B 287 -16.89 18.64 -4.09
N TRP B 288 -16.22 17.79 -4.88
CA TRP B 288 -16.89 17.04 -5.94
C TRP B 288 -17.99 16.15 -5.38
N THR B 289 -17.69 15.42 -4.30
CA THR B 289 -18.64 14.46 -3.74
C THR B 289 -19.92 15.16 -3.29
N THR B 290 -19.81 16.34 -2.70
CA THR B 290 -20.97 17.03 -2.16
C THR B 290 -21.74 17.80 -3.22
N SER B 291 -21.22 17.88 -4.44
CA SER B 291 -21.82 18.67 -5.51
C SER B 291 -22.33 17.83 -6.65
N ASN B 292 -22.41 16.51 -6.49
CA ASN B 292 -22.57 15.58 -7.60
C ASN B 292 -23.78 14.70 -7.33
N LYS B 293 -24.70 14.63 -8.29
CA LYS B 293 -25.94 13.89 -8.09
C LYS B 293 -25.69 12.41 -7.83
N ARG B 294 -24.51 11.91 -8.23
CA ARG B 294 -24.14 10.54 -7.93
C ARG B 294 -24.35 10.22 -6.47
N TYR B 295 -24.06 11.18 -5.59
CA TYR B 295 -24.10 10.95 -4.16
C TYR B 295 -25.37 11.49 -3.49
N LYS B 296 -26.19 12.27 -4.22
CA LYS B 296 -27.44 12.81 -3.66
C LYS B 296 -28.45 11.77 -3.23
N THR B 297 -28.97 10.97 -4.18
CA THR B 297 -29.93 9.92 -3.87
C THR B 297 -29.26 8.56 -4.03
N ALA B 298 -29.88 7.55 -3.43
CA ALA B 298 -29.24 6.23 -3.39
C ALA B 298 -29.27 5.57 -4.76
N VAL B 299 -30.43 5.58 -5.42
CA VAL B 299 -30.57 5.05 -6.77
C VAL B 299 -31.06 6.18 -7.67
N ASN B 300 -30.25 6.52 -8.65
CA ASN B 300 -30.61 7.59 -9.56
C ASN B 300 -30.08 7.28 -10.94
N ASP B 301 -30.28 8.22 -11.86
CA ASP B 301 -30.04 8.02 -13.27
C ASP B 301 -28.56 7.85 -13.58
N VAL B 302 -27.67 8.29 -12.70
CA VAL B 302 -26.24 8.23 -12.98
C VAL B 302 -25.48 7.20 -12.14
N ASN B 303 -26.06 6.65 -11.05
CA ASN B 303 -25.32 5.70 -10.20
C ASN B 303 -25.97 4.33 -9.99
N SER B 304 -27.08 4.02 -10.66
CA SER B 304 -27.73 2.74 -10.40
C SER B 304 -26.83 1.58 -10.86
N ARG B 305 -27.13 0.36 -10.39
CA ARG B 305 -26.47 -0.84 -10.93
C ARG B 305 -26.53 -0.79 -12.46
N ILE B 306 -25.44 -1.19 -13.13
CA ILE B 306 -25.42 -1.31 -14.58
C ILE B 306 -25.44 -2.79 -14.92
N GLN B 307 -26.53 -3.27 -15.51
CA GLN B 307 -26.88 -4.68 -15.48
C GLN B 307 -27.15 -5.22 -16.89
N ALA B 308 -27.41 -6.52 -16.98
CA ALA B 308 -27.86 -7.13 -18.25
C ALA B 308 -29.01 -8.12 -18.05
N GLY A 14 17.98 4.74 30.90
CA GLY A 14 17.43 3.42 30.64
C GLY A 14 16.80 3.31 29.26
N ARG A 15 16.06 4.35 28.85
CA ARG A 15 15.19 4.35 27.68
C ARG A 15 15.89 4.02 26.36
N SER A 16 17.20 3.75 26.38
CA SER A 16 17.91 3.37 25.16
C SER A 16 18.16 1.87 25.03
N SER A 17 17.44 1.01 25.74
CA SER A 17 17.62 -0.42 25.53
C SER A 17 16.37 -1.17 25.95
N VAL A 18 16.02 -2.20 25.19
CA VAL A 18 14.92 -3.07 25.58
C VAL A 18 15.43 -4.36 26.22
N ARG A 19 16.73 -4.42 26.54
CA ARG A 19 17.33 -5.57 27.24
C ARG A 19 16.54 -6.06 28.45
N PRO A 20 15.95 -5.22 29.30
CA PRO A 20 15.18 -5.78 30.43
C PRO A 20 14.05 -6.69 30.02
N TYR A 21 13.49 -6.52 28.83
CA TYR A 21 12.30 -7.26 28.41
C TYR A 21 12.60 -8.37 27.42
N LEU A 22 13.87 -8.64 27.14
CA LEU A 22 14.22 -9.53 26.04
C LEU A 22 13.62 -10.92 26.21
N GLU A 23 13.71 -11.50 27.40
CA GLU A 23 13.25 -12.87 27.59
C GLU A 23 11.74 -12.99 27.53
N GLU A 24 11.01 -12.16 28.29
CA GLU A 24 9.57 -12.34 28.34
C GLU A 24 8.91 -11.89 27.04
N CYS A 25 9.49 -10.89 26.36
CA CYS A 25 8.95 -10.52 25.04
C CYS A 25 9.17 -11.63 24.02
N THR A 26 10.36 -12.23 23.99
CA THR A 26 10.59 -13.36 23.10
C THR A 26 9.58 -14.46 23.37
N ARG A 27 9.38 -14.78 24.65
CA ARG A 27 8.44 -15.83 25.01
C ARG A 27 7.01 -15.46 24.59
N ARG A 28 6.64 -14.18 24.73
CA ARG A 28 5.28 -13.77 24.38
C ARG A 28 5.05 -13.84 22.86
N PHE A 29 6.01 -13.38 22.06
CA PHE A 29 5.93 -13.54 20.61
C PHE A 29 5.69 -15.01 20.24
N GLN A 30 6.52 -15.90 20.79
CA GLN A 30 6.40 -17.30 20.44
C GLN A 30 5.04 -17.87 20.83
N GLU A 31 4.55 -17.53 22.04
CA GLU A 31 3.25 -18.03 22.46
C GLU A 31 2.16 -17.58 21.51
N MET A 32 2.24 -16.32 21.08
CA MET A 32 1.25 -15.78 20.15
C MET A 32 1.24 -16.59 18.86
N PHE A 33 2.42 -16.84 18.29
CA PHE A 33 2.51 -17.67 17.09
C PHE A 33 1.94 -19.07 17.32
N ASP A 34 2.24 -19.66 18.48
CA ASP A 34 1.77 -21.03 18.74
C ASP A 34 0.25 -21.09 18.80
N ARG A 35 -0.39 -20.04 19.30
CA ARG A 35 -1.81 -20.08 19.53
C ARG A 35 -2.61 -19.68 18.31
N HIS A 36 -2.01 -18.88 17.42
CA HIS A 36 -2.74 -18.33 16.29
C HIS A 36 -2.27 -18.86 14.95
N VAL A 37 -1.06 -19.39 14.86
CA VAL A 37 -0.60 -20.05 13.65
C VAL A 37 -0.46 -21.56 13.85
N VAL A 38 0.41 -22.00 14.77
CA VAL A 38 0.61 -23.40 15.18
C VAL A 38 1.74 -24.05 14.39
N THR A 39 1.64 -24.01 13.06
CA THR A 39 2.60 -24.70 12.22
C THR A 39 3.89 -23.87 12.09
N ARG A 40 5.01 -24.48 12.49
CA ARG A 40 6.35 -23.92 12.37
C ARG A 40 6.67 -23.57 10.92
N PRO A 41 7.31 -22.43 10.67
CA PRO A 41 8.03 -22.27 9.41
C PRO A 41 9.19 -23.26 9.37
N THR A 42 9.68 -23.53 8.17
CA THR A 42 10.75 -24.52 7.99
C THR A 42 11.81 -23.97 7.05
N LYS A 43 13.06 -24.27 7.36
CA LYS A 43 14.16 -23.77 6.55
C LYS A 43 14.14 -24.47 5.20
N VAL A 44 14.67 -23.79 4.18
CA VAL A 44 15.15 -24.45 2.98
C VAL A 44 16.62 -24.81 3.24
N GLU A 45 17.05 -25.96 2.77
CA GLU A 45 18.47 -26.31 2.83
C GLU A 45 19.04 -26.30 1.42
N LEU A 46 19.63 -25.17 1.03
CA LEU A 46 20.31 -24.99 -0.25
C LEU A 46 21.52 -25.90 -0.35
N THR A 47 21.81 -26.35 -1.57
CA THR A 47 23.00 -27.13 -1.87
C THR A 47 24.26 -26.27 -1.72
N ASP A 48 25.43 -26.92 -1.69
CA ASP A 48 26.69 -26.18 -1.84
C ASP A 48 26.60 -25.25 -3.04
N ALA A 49 26.40 -25.81 -4.24
CA ALA A 49 26.44 -25.03 -5.47
C ALA A 49 25.41 -23.90 -5.47
N GLU A 50 24.33 -24.06 -4.70
CA GLU A 50 23.27 -23.06 -4.70
C GLU A 50 23.62 -21.87 -3.82
N LEU A 51 24.19 -22.13 -2.64
CA LEU A 51 24.62 -21.01 -1.82
C LEU A 51 25.78 -20.29 -2.48
N ARG A 52 26.66 -21.05 -3.15
CA ARG A 52 27.81 -20.45 -3.80
C ARG A 52 27.40 -19.58 -4.96
N GLU A 53 26.50 -20.06 -5.81
CA GLU A 53 25.95 -19.19 -6.85
C GLU A 53 25.29 -17.97 -6.24
N VAL A 54 24.67 -18.14 -5.06
CA VAL A 54 24.01 -17.02 -4.39
C VAL A 54 25.04 -15.97 -3.96
N ILE A 55 26.07 -16.40 -3.25
CA ILE A 55 27.03 -15.46 -2.68
C ILE A 55 27.90 -14.85 -3.77
N ASP A 56 28.41 -15.69 -4.68
CA ASP A 56 29.08 -15.22 -5.89
C ASP A 56 28.32 -14.06 -6.53
N ASP A 57 27.01 -14.19 -6.72
CA ASP A 57 26.24 -13.14 -7.41
C ASP A 57 26.00 -11.92 -6.52
N CYS A 58 25.86 -12.11 -5.22
CA CYS A 58 25.75 -10.95 -4.31
C CYS A 58 27.03 -10.13 -4.35
N ASN A 59 28.19 -10.80 -4.35
CA ASN A 59 29.45 -10.07 -4.36
C ASN A 59 29.65 -9.32 -5.67
N ALA A 60 29.29 -9.93 -6.80
CA ALA A 60 29.40 -9.24 -8.08
C ALA A 60 28.51 -8.00 -8.11
N ALA A 61 27.38 -8.05 -7.40
CA ALA A 61 26.44 -6.93 -7.45
C ALA A 61 26.92 -5.73 -6.63
N VAL A 62 27.51 -5.98 -5.46
CA VAL A 62 27.93 -4.85 -4.63
C VAL A 62 29.39 -4.47 -4.86
N ALA A 63 30.18 -5.30 -5.54
CA ALA A 63 31.58 -5.00 -5.75
C ALA A 63 31.83 -3.59 -6.28
N PRO A 64 31.08 -3.07 -7.26
CA PRO A 64 31.39 -1.71 -7.76
C PRO A 64 31.03 -0.62 -6.78
N LEU A 65 30.45 -0.95 -5.62
CA LEU A 65 30.22 0.04 -4.58
C LEU A 65 31.42 0.19 -3.65
N GLY A 66 32.38 -0.74 -3.70
CA GLY A 66 33.63 -0.56 -3.00
C GLY A 66 33.84 -1.37 -1.74
N LYS A 67 32.79 -1.91 -1.13
CA LYS A 67 32.89 -2.50 0.21
C LYS A 67 32.82 -4.01 0.16
N THR A 68 33.77 -4.66 0.82
CA THR A 68 33.78 -6.10 0.97
C THR A 68 32.74 -6.56 1.96
N VAL A 69 31.99 -7.60 1.59
CA VAL A 69 31.01 -8.23 2.46
C VAL A 69 31.46 -9.66 2.70
N SER A 70 31.48 -10.08 3.96
CA SER A 70 31.97 -11.40 4.33
C SER A 70 30.90 -12.47 4.13
N ASP A 71 31.35 -13.72 3.99
CA ASP A 71 30.47 -14.88 3.92
C ASP A 71 29.41 -14.86 5.02
N GLU A 72 29.83 -14.76 6.28
CA GLU A 72 28.87 -14.87 7.38
C GLU A 72 27.93 -13.66 7.41
N ARG A 73 28.35 -12.51 6.89
CA ARG A 73 27.40 -11.41 6.76
C ARG A 73 26.37 -11.71 5.66
N TRP A 74 26.82 -12.21 4.51
CA TRP A 74 25.86 -12.64 3.48
C TRP A 74 24.86 -13.66 4.04
N ILE A 75 25.35 -14.60 4.85
CA ILE A 75 24.48 -15.64 5.37
C ILE A 75 23.56 -15.07 6.44
N SER A 76 24.03 -14.07 7.18
CA SER A 76 23.16 -13.38 8.12
C SER A 76 22.04 -12.64 7.39
N TYR A 77 22.31 -12.14 6.19
CA TYR A 77 21.25 -11.48 5.43
C TYR A 77 20.31 -12.50 4.80
N VAL A 78 20.88 -13.58 4.23
CA VAL A 78 20.08 -14.51 3.43
C VAL A 78 19.16 -15.35 4.29
N GLY A 79 19.46 -15.49 5.59
CA GLY A 79 18.66 -16.37 6.44
C GLY A 79 17.17 -16.04 6.42
N VAL A 80 16.82 -14.76 6.24
CA VAL A 80 15.40 -14.42 6.26
C VAL A 80 14.69 -15.06 5.09
N VAL A 81 15.35 -15.17 3.93
CA VAL A 81 14.71 -15.82 2.80
C VAL A 81 14.60 -17.32 3.05
N LEU A 82 15.66 -17.91 3.63
CA LEU A 82 15.66 -19.36 3.85
C LEU A 82 14.57 -19.78 4.81
N TRP A 83 14.23 -18.90 5.77
CA TRP A 83 13.30 -19.22 6.84
C TRP A 83 11.89 -18.70 6.63
N SER A 84 11.71 -17.71 5.78
CA SER A 84 10.45 -16.97 5.74
C SER A 84 9.73 -17.07 4.41
N GLN A 85 10.15 -17.97 3.53
CA GLN A 85 9.35 -18.34 2.38
C GLN A 85 8.51 -19.56 2.78
N SER A 86 7.93 -20.25 1.80
CA SER A 86 6.95 -21.32 2.05
C SER A 86 7.42 -22.53 1.27
N PRO A 87 8.37 -23.31 1.80
CA PRO A 87 9.08 -24.29 0.96
C PRO A 87 8.17 -25.28 0.26
N ARG A 88 7.11 -25.76 0.92
CA ARG A 88 6.30 -26.80 0.30
C ARG A 88 5.48 -26.25 -0.88
N HIS A 89 5.22 -24.95 -0.91
CA HIS A 89 4.55 -24.31 -2.03
C HIS A 89 5.50 -23.91 -3.16
N ILE A 90 6.81 -24.06 -2.98
CA ILE A 90 7.76 -23.51 -3.96
C ILE A 90 7.65 -24.25 -5.28
N LYS A 91 7.63 -23.48 -6.38
CA LYS A 91 7.66 -24.03 -7.72
C LYS A 91 8.88 -23.61 -8.53
N ASP A 92 9.32 -22.36 -8.42
CA ASP A 92 10.38 -21.82 -9.26
C ASP A 92 11.60 -21.55 -8.37
N MET A 93 12.59 -22.47 -8.40
CA MET A 93 13.77 -22.27 -7.58
C MET A 93 14.72 -21.20 -8.13
N GLU A 94 14.64 -20.89 -9.42
CA GLU A 94 15.44 -19.78 -9.92
C GLU A 94 14.91 -18.44 -9.39
N ALA A 95 13.59 -18.33 -9.25
CA ALA A 95 13.01 -17.15 -8.59
C ALA A 95 13.41 -17.10 -7.11
N PHE A 96 13.45 -18.26 -6.45
CA PHE A 96 13.91 -18.29 -5.06
C PHE A 96 15.33 -17.76 -4.94
N LYS A 97 16.25 -18.27 -5.78
CA LYS A 97 17.62 -17.76 -5.75
C LYS A 97 17.66 -16.25 -6.01
N ALA A 98 16.81 -15.77 -6.91
CA ALA A 98 16.75 -14.33 -7.16
C ALA A 98 16.37 -13.56 -5.90
N VAL A 99 15.38 -14.05 -5.16
CA VAL A 99 14.99 -13.35 -3.94
C VAL A 99 16.12 -13.38 -2.93
N CYS A 100 16.86 -14.51 -2.86
CA CYS A 100 18.06 -14.55 -2.03
C CYS A 100 19.02 -13.41 -2.37
N VAL A 101 19.39 -13.30 -3.65
CA VAL A 101 20.38 -12.30 -4.07
C VAL A 101 19.84 -10.88 -3.84
N LEU A 102 18.65 -10.61 -4.34
CA LEU A 102 18.06 -9.27 -4.20
C LEU A 102 17.89 -8.87 -2.74
N ASN A 103 17.37 -9.78 -1.91
CA ASN A 103 17.25 -9.48 -0.49
C ASN A 103 18.59 -9.10 0.12
N CYS A 104 19.64 -9.86 -0.22
CA CYS A 104 20.94 -9.65 0.38
C CYS A 104 21.57 -8.34 -0.07
N VAL A 105 21.55 -8.06 -1.37
CA VAL A 105 22.31 -6.90 -1.82
C VAL A 105 21.62 -5.60 -1.40
N THR A 106 20.29 -5.60 -1.26
CA THR A 106 19.61 -4.41 -0.75
C THR A 106 19.71 -4.31 0.77
N PHE A 107 19.94 -5.42 1.46
CA PHE A 107 20.34 -5.36 2.86
C PHE A 107 21.65 -4.59 3.03
N VAL A 108 22.63 -4.86 2.16
CA VAL A 108 23.88 -4.10 2.20
C VAL A 108 23.59 -2.61 2.02
N TRP A 109 22.76 -2.28 1.03
CA TRP A 109 22.33 -0.90 0.83
C TRP A 109 21.76 -0.30 2.11
N ASP A 110 20.87 -1.06 2.78
CA ASP A 110 20.26 -0.63 4.04
C ASP A 110 21.33 -0.26 5.07
N ASP A 111 22.41 -1.04 5.12
CA ASP A 111 23.46 -0.81 6.11
C ASP A 111 24.43 0.30 5.72
N MET A 112 24.52 0.69 4.44
CA MET A 112 25.55 1.63 4.00
C MET A 112 25.21 3.09 4.32
N ASP A 113 26.25 3.88 4.60
CA ASP A 113 26.11 5.34 4.58
C ASP A 113 25.67 5.78 3.18
N PRO A 114 24.82 6.80 3.07
CA PRO A 114 24.32 7.20 1.75
C PRO A 114 25.41 7.72 0.83
N ALA A 115 26.57 8.11 1.34
CA ALA A 115 27.69 8.47 0.48
C ALA A 115 28.08 7.32 -0.44
N LEU A 116 28.05 6.08 0.08
CA LEU A 116 28.37 4.90 -0.72
C LEU A 116 27.33 4.59 -1.79
N HIS A 117 26.08 4.99 -1.59
CA HIS A 117 25.05 4.72 -2.58
C HIS A 117 25.51 5.34 -3.90
N ASP A 118 25.42 4.57 -4.99
CA ASP A 118 25.67 5.06 -6.33
C ASP A 118 24.66 4.35 -7.25
N PHE A 119 23.60 5.09 -7.60
CA PHE A 119 22.51 4.52 -8.39
C PHE A 119 22.97 4.17 -9.80
N GLY A 120 23.83 5.01 -10.39
CA GLY A 120 24.36 4.69 -11.71
C GLY A 120 25.03 3.33 -11.78
N LEU A 121 25.78 2.96 -10.74
CA LEU A 121 26.53 1.71 -10.71
C LEU A 121 25.70 0.53 -10.21
N PHE A 122 24.78 0.76 -9.27
CA PHE A 122 24.08 -0.34 -8.64
C PHE A 122 22.83 -0.75 -9.39
N LEU A 123 22.05 0.20 -9.91
CA LEU A 123 20.82 -0.17 -10.59
C LEU A 123 21.07 -1.14 -11.74
N PRO A 124 22.07 -0.95 -12.62
CA PRO A 124 22.35 -1.98 -13.64
C PRO A 124 22.64 -3.35 -13.06
N GLN A 125 23.29 -3.44 -11.90
CA GLN A 125 23.50 -4.73 -11.28
C GLN A 125 22.16 -5.37 -10.89
N LEU A 126 21.24 -4.57 -10.34
CA LEU A 126 19.91 -5.07 -10.00
C LEU A 126 19.12 -5.47 -11.24
N ARG A 127 19.37 -4.80 -12.37
CA ARG A 127 18.69 -5.17 -13.61
C ARG A 127 19.20 -6.52 -14.11
N LYS A 128 20.50 -6.77 -14.00
CA LYS A 128 21.05 -8.01 -14.51
C LYS A 128 20.65 -9.20 -13.65
N ILE A 129 20.57 -9.00 -12.33
CA ILE A 129 20.06 -10.05 -11.46
C ILE A 129 18.64 -10.43 -11.87
N CYS A 130 17.77 -9.43 -12.00
CA CYS A 130 16.38 -9.71 -12.29
C CYS A 130 16.22 -10.44 -13.62
N GLU A 131 16.85 -9.95 -14.68
CA GLU A 131 16.59 -10.56 -15.98
C GLU A 131 17.31 -11.92 -16.10
N LYS A 132 18.31 -12.19 -15.27
CA LYS A 132 18.91 -13.53 -15.28
C LYS A 132 17.93 -14.57 -14.74
N TYR A 133 17.32 -14.30 -13.57
CA TYR A 133 16.59 -15.32 -12.83
C TYR A 133 15.09 -15.36 -13.11
N TYR A 134 14.53 -14.29 -13.69
CA TYR A 134 13.11 -14.21 -13.97
C TYR A 134 12.87 -14.22 -15.48
N GLY A 135 11.62 -14.49 -15.87
CA GLY A 135 11.22 -14.28 -17.23
C GLY A 135 11.09 -12.81 -17.54
N PRO A 136 10.74 -12.48 -18.78
CA PRO A 136 10.78 -11.06 -19.19
C PRO A 136 9.82 -10.14 -18.45
N GLU A 137 8.60 -10.58 -18.17
CA GLU A 137 7.70 -9.63 -17.52
C GLU A 137 7.94 -9.58 -16.00
N ASP A 138 8.13 -10.73 -15.36
CA ASP A 138 8.38 -10.73 -13.92
C ASP A 138 9.68 -10.02 -13.58
N ALA A 139 10.68 -10.08 -14.48
CA ALA A 139 11.92 -9.34 -14.25
C ALA A 139 11.64 -7.84 -14.09
N GLU A 140 10.78 -7.29 -14.93
CA GLU A 140 10.52 -5.86 -14.85
C GLU A 140 9.80 -5.49 -13.55
N VAL A 141 8.91 -6.37 -13.08
CA VAL A 141 8.22 -6.13 -11.82
C VAL A 141 9.22 -6.20 -10.65
N ALA A 142 10.08 -7.21 -10.65
CA ALA A 142 11.06 -7.34 -9.58
C ALA A 142 12.05 -6.18 -9.58
N TYR A 143 12.50 -5.75 -10.76
CA TYR A 143 13.45 -4.65 -10.83
C TYR A 143 12.83 -3.34 -10.33
N GLU A 144 11.62 -3.02 -10.78
CA GLU A 144 11.01 -1.78 -10.31
C GLU A 144 10.87 -1.79 -8.79
N ALA A 145 10.42 -2.91 -8.23
CA ALA A 145 10.29 -2.99 -6.76
C ALA A 145 11.63 -2.80 -6.07
N ALA A 146 12.70 -3.43 -6.60
CA ALA A 146 14.05 -3.23 -6.03
C ALA A 146 14.49 -1.78 -6.15
N ARG A 147 14.34 -1.21 -7.35
CA ARG A 147 14.66 0.20 -7.57
C ARG A 147 13.92 1.11 -6.60
N ALA A 148 12.59 0.94 -6.51
CA ALA A 148 11.80 1.75 -5.59
C ALA A 148 12.31 1.62 -4.16
N PHE A 149 12.69 0.41 -3.74
CA PHE A 149 13.16 0.25 -2.37
C PHE A 149 14.46 0.99 -2.12
N VAL A 150 15.50 0.76 -2.95
CA VAL A 150 16.78 1.39 -2.68
C VAL A 150 16.66 2.91 -2.79
N THR A 151 15.82 3.38 -3.70
CA THR A 151 15.57 4.81 -3.80
C THR A 151 14.91 5.35 -2.54
N SER A 152 13.93 4.63 -2.01
CA SER A 152 13.26 5.06 -0.79
C SER A 152 14.23 5.09 0.39
N ASP A 153 15.01 4.01 0.56
CA ASP A 153 15.99 4.01 1.65
C ASP A 153 16.93 5.20 1.51
N HIS A 154 17.30 5.56 0.29
CA HIS A 154 18.18 6.71 0.09
C HIS A 154 17.46 8.00 0.44
N MET A 155 16.35 8.28 -0.24
CA MET A 155 15.65 9.57 -0.10
C MET A 155 15.35 9.90 1.34
N PHE A 156 15.06 8.89 2.16
CA PHE A 156 14.55 9.19 3.49
C PHE A 156 15.62 9.25 4.57
N ARG A 157 16.90 9.08 4.22
CA ARG A 157 17.95 9.25 5.21
C ARG A 157 17.93 10.69 5.73
N ASP A 158 18.07 10.85 7.04
CA ASP A 158 17.98 12.16 7.72
C ASP A 158 16.87 13.09 7.21
N SER A 159 15.75 12.53 6.66
CA SER A 159 14.77 13.44 6.04
C SER A 159 13.62 13.82 6.98
N PRO A 160 13.08 15.06 6.88
CA PRO A 160 11.95 15.44 7.76
C PRO A 160 10.68 14.61 7.58
N ILE A 161 10.43 14.02 6.41
CA ILE A 161 9.19 13.26 6.26
C ILE A 161 9.27 11.95 7.05
N LYS A 162 10.43 11.29 7.01
CA LYS A 162 10.63 10.16 7.91
C LYS A 162 10.37 10.58 9.35
N ALA A 163 10.92 11.72 9.75
CA ALA A 163 10.71 12.21 11.12
C ALA A 163 9.22 12.24 11.46
N ALA A 164 8.41 12.90 10.61
CA ALA A 164 6.99 13.02 10.92
C ALA A 164 6.32 11.65 11.02
N LEU A 165 6.61 10.74 10.08
CA LEU A 165 5.88 9.47 10.04
C LEU A 165 6.33 8.52 11.15
N CYS A 166 7.54 8.67 11.68
CA CYS A 166 8.03 7.78 12.73
C CYS A 166 7.77 8.31 14.13
N THR A 167 7.50 9.60 14.28
CA THR A 167 7.29 10.18 15.59
C THR A 167 5.93 10.83 15.74
N THR A 168 4.88 10.21 15.20
CA THR A 168 3.49 10.47 15.58
C THR A 168 2.86 9.18 16.12
N SER A 169 2.08 8.48 15.32
CA SER A 169 1.31 7.34 15.80
C SER A 169 1.90 6.07 15.24
N PRO A 170 1.60 4.90 15.84
CA PRO A 170 1.97 3.64 15.19
C PRO A 170 1.49 3.57 13.75
N GLU A 171 0.35 4.19 13.48
CA GLU A 171 -0.30 4.01 12.20
C GLU A 171 0.37 4.82 11.11
N GLN A 172 0.86 6.02 11.42
CA GLN A 172 1.73 6.71 10.46
C GLN A 172 3.01 5.93 10.24
N TYR A 173 3.54 5.36 11.31
CA TYR A 173 4.82 4.68 11.22
C TYR A 173 4.74 3.43 10.36
N PHE A 174 3.73 2.58 10.60
CA PHE A 174 3.61 1.36 9.84
C PHE A 174 3.33 1.65 8.37
N ARG A 175 2.62 2.76 8.10
CA ARG A 175 2.41 3.19 6.72
C ARG A 175 3.73 3.44 6.00
N PHE A 176 4.70 4.03 6.68
CA PHE A 176 6.03 4.22 6.11
C PHE A 176 6.72 2.87 5.89
N ARG A 177 6.52 1.92 6.80
CA ARG A 177 7.26 0.67 6.76
C ARG A 177 6.78 -0.30 5.69
N VAL A 178 5.56 -0.14 5.16
CA VAL A 178 5.11 -0.97 4.04
C VAL A 178 6.17 -1.02 2.95
N THR A 179 6.77 0.12 2.64
CA THR A 179 7.89 0.21 1.72
C THR A 179 9.23 0.07 2.43
N ASP A 180 9.43 0.82 3.52
CA ASP A 180 10.79 0.93 4.06
C ASP A 180 11.31 -0.37 4.69
N ILE A 181 10.45 -1.22 5.24
CA ILE A 181 10.99 -2.50 5.67
C ILE A 181 11.17 -3.44 4.50
N GLY A 182 10.83 -3.05 3.28
CA GLY A 182 11.12 -3.89 2.14
C GLY A 182 10.11 -4.97 1.83
N VAL A 183 9.00 -5.05 2.56
CA VAL A 183 8.06 -6.15 2.33
C VAL A 183 7.30 -6.01 1.03
N ASP A 184 6.97 -4.78 0.57
CA ASP A 184 6.34 -4.68 -0.74
C ASP A 184 7.26 -5.22 -1.82
N PHE A 185 8.53 -4.83 -1.76
CA PHE A 185 9.58 -5.37 -2.63
C PHE A 185 9.60 -6.89 -2.56
N TRP A 186 9.60 -7.44 -1.35
CA TRP A 186 9.65 -8.89 -1.15
C TRP A 186 8.49 -9.59 -1.84
N MET A 187 7.26 -9.09 -1.67
CA MET A 187 6.11 -9.75 -2.29
C MET A 187 6.24 -9.75 -3.81
N LYS A 188 6.63 -8.60 -4.38
CA LYS A 188 6.71 -8.44 -5.82
C LYS A 188 7.86 -9.22 -6.44
N MET A 189 8.90 -9.53 -5.67
CA MET A 189 9.94 -10.40 -6.23
C MET A 189 9.73 -11.88 -5.89
N SER A 190 8.81 -12.18 -4.97
CA SER A 190 8.58 -13.55 -4.53
C SER A 190 7.42 -14.24 -5.23
N TYR A 191 6.45 -13.51 -5.81
CA TYR A 191 5.32 -14.21 -6.40
C TYR A 191 5.74 -15.16 -7.53
N PRO A 192 6.81 -14.94 -8.30
CA PRO A 192 7.19 -15.97 -9.28
C PRO A 192 7.63 -17.29 -8.64
N ILE A 193 8.05 -17.27 -7.37
CA ILE A 193 8.41 -18.51 -6.68
C ILE A 193 7.23 -19.48 -6.67
N TYR A 194 6.02 -18.94 -6.54
CA TYR A 194 4.83 -19.73 -6.26
C TYR A 194 3.92 -19.94 -7.47
N ARG A 195 3.96 -19.03 -8.45
CA ARG A 195 3.10 -19.13 -9.64
C ARG A 195 1.64 -19.40 -9.25
N HIS A 196 1.17 -18.73 -8.20
CA HIS A 196 -0.20 -18.86 -7.72
C HIS A 196 -0.98 -17.60 -8.07
N PRO A 197 -1.90 -17.66 -9.01
CA PRO A 197 -2.54 -16.43 -9.49
C PRO A 197 -3.08 -15.51 -8.40
N GLU A 198 -3.73 -16.04 -7.36
CA GLU A 198 -4.27 -15.14 -6.33
C GLU A 198 -3.16 -14.40 -5.61
N PHE A 199 -2.09 -15.12 -5.23
CA PHE A 199 -0.98 -14.44 -4.56
C PHE A 199 -0.36 -13.39 -5.47
N THR A 200 -0.20 -13.70 -6.75
CA THR A 200 0.40 -12.74 -7.68
C THR A 200 -0.40 -11.43 -7.71
N GLU A 201 -1.72 -11.50 -7.66
CA GLU A 201 -2.51 -10.26 -7.60
C GLU A 201 -2.31 -9.53 -6.27
N HIS A 202 -2.39 -10.25 -5.15
CA HIS A 202 -2.21 -9.58 -3.87
C HIS A 202 -0.84 -8.94 -3.76
N ALA A 203 0.17 -9.57 -4.37
CA ALA A 203 1.51 -8.99 -4.41
C ALA A 203 1.53 -7.70 -5.21
N LYS A 204 0.91 -7.69 -6.38
CA LYS A 204 1.00 -6.52 -7.24
C LYS A 204 0.09 -5.38 -6.79
N THR A 205 -1.00 -5.67 -6.07
CA THR A 205 -1.80 -4.60 -5.44
C THR A 205 -1.17 -4.07 -4.16
N SER A 206 -0.17 -4.77 -3.62
CA SER A 206 0.46 -4.48 -2.34
C SER A 206 -0.43 -4.82 -1.15
N LEU A 207 -1.62 -5.38 -1.37
CA LEU A 207 -2.38 -5.90 -0.23
C LEU A 207 -1.56 -6.94 0.55
N ALA A 208 -0.83 -7.80 -0.15
CA ALA A 208 0.04 -8.79 0.51
C ALA A 208 1.01 -8.09 1.47
N ALA A 209 1.66 -7.03 0.99
CA ALA A 209 2.58 -6.31 1.86
C ALA A 209 1.84 -5.60 2.99
N ARG A 210 0.70 -4.96 2.69
CA ARG A 210 -0.01 -4.25 3.75
C ARG A 210 -0.47 -5.21 4.84
N MET A 211 -0.75 -6.47 4.48
CA MET A 211 -1.22 -7.45 5.46
C MET A 211 -0.11 -7.91 6.41
N THR A 212 1.15 -7.89 5.96
CA THR A 212 2.25 -8.52 6.69
C THR A 212 3.20 -7.51 7.31
N THR A 213 3.01 -6.22 7.03
CA THR A 213 3.95 -5.19 7.50
C THR A 213 4.08 -5.17 9.01
N ARG A 214 2.96 -5.18 9.74
CA ARG A 214 3.06 -5.02 11.19
C ARG A 214 3.74 -6.24 11.83
N GLY A 215 3.40 -7.44 11.37
CA GLY A 215 4.00 -8.62 11.96
C GLY A 215 5.51 -8.64 11.79
N LEU A 216 5.98 -8.26 10.60
CA LEU A 216 7.42 -8.20 10.36
C LEU A 216 8.06 -7.07 11.15
N THR A 217 7.41 -5.90 11.15
CA THR A 217 8.05 -4.70 11.66
C THR A 217 8.14 -4.72 13.19
N ILE A 218 7.08 -5.15 13.86
CA ILE A 218 7.10 -5.15 15.32
C ILE A 218 8.23 -6.07 15.81
N VAL A 219 8.38 -7.21 15.18
CA VAL A 219 9.44 -8.15 15.56
C VAL A 219 10.81 -7.55 15.25
N ASN A 220 10.99 -7.04 14.02
CA ASN A 220 12.27 -6.45 13.67
C ASN A 220 12.62 -5.32 14.62
N ASP A 221 11.65 -4.43 14.89
CA ASP A 221 11.89 -3.27 15.74
C ASP A 221 12.29 -3.66 17.15
N PHE A 222 11.64 -4.68 17.72
CA PHE A 222 12.00 -5.04 19.08
C PHE A 222 13.47 -5.45 19.16
N TYR A 223 13.91 -6.31 18.25
CA TYR A 223 15.25 -6.88 18.37
C TYR A 223 16.34 -6.02 17.75
N SER A 224 15.99 -5.01 16.94
CA SER A 224 17.00 -4.10 16.39
C SER A 224 17.01 -2.76 17.11
N TYR A 225 16.18 -2.61 18.14
CA TYR A 225 16.05 -1.34 18.85
C TYR A 225 17.39 -0.86 19.38
N ASP A 226 18.10 -1.73 20.13
CA ASP A 226 19.34 -1.30 20.76
C ASP A 226 20.33 -0.77 19.73
N ARG A 227 20.50 -1.50 18.61
CA ARG A 227 21.42 -1.04 17.56
C ARG A 227 20.95 0.29 16.96
N GLU A 228 19.68 0.35 16.59
CA GLU A 228 19.19 1.53 15.88
C GLU A 228 19.28 2.77 16.77
N VAL A 229 18.84 2.66 18.02
CA VAL A 229 18.96 3.77 18.97
C VAL A 229 20.40 4.26 19.06
N SER A 230 21.35 3.34 19.20
CA SER A 230 22.74 3.76 19.38
C SER A 230 23.30 4.47 18.14
N LEU A 231 22.68 4.27 16.97
CA LEU A 231 23.12 4.91 15.74
C LEU A 231 22.35 6.18 15.42
N GLY A 232 21.29 6.49 16.17
CA GLY A 232 20.45 7.63 15.86
C GLY A 232 19.36 7.36 14.85
N GLN A 233 19.05 6.09 14.56
CA GLN A 233 18.08 5.71 13.54
C GLN A 233 16.66 5.72 14.13
N ILE A 234 15.79 6.57 13.59
CA ILE A 234 14.50 6.79 14.23
C ILE A 234 13.42 5.82 13.77
N THR A 235 13.71 4.95 12.81
CA THR A 235 12.67 4.09 12.22
C THR A 235 12.49 2.85 13.10
N ASN A 236 11.71 3.01 14.17
CA ASN A 236 11.49 1.94 15.15
C ASN A 236 10.28 2.29 16.00
N CYS A 237 9.25 1.45 15.98
CA CYS A 237 8.02 1.83 16.69
C CYS A 237 8.18 1.89 18.21
N PHE A 238 9.16 1.20 18.81
CA PHE A 238 9.29 1.30 20.25
C PHE A 238 9.87 2.64 20.70
N ARG A 239 10.35 3.46 19.76
CA ARG A 239 10.65 4.84 20.09
C ARG A 239 9.38 5.63 20.40
N LEU A 240 8.23 5.18 19.91
CA LEU A 240 6.95 5.86 20.12
C LEU A 240 6.46 5.73 21.55
N CYS A 241 6.77 4.62 22.21
CA CYS A 241 6.39 4.39 23.60
C CYS A 241 7.59 4.73 24.48
N ASP A 242 7.35 4.87 25.77
CA ASP A 242 8.42 5.16 26.73
C ASP A 242 8.91 3.85 27.32
N VAL A 243 10.03 3.33 26.77
CA VAL A 243 10.45 1.98 27.15
C VAL A 243 11.00 1.93 28.58
N SER A 244 11.44 3.06 29.14
CA SER A 244 12.01 3.07 30.49
C SER A 244 10.95 2.92 31.58
N ASP A 245 9.69 2.71 31.24
CA ASP A 245 8.67 2.47 32.24
C ASP A 245 7.96 1.16 31.90
N GLU A 246 8.16 0.18 32.77
CA GLU A 246 7.67 -1.16 32.47
C GLU A 246 6.17 -1.16 32.18
N THR A 247 5.39 -0.38 32.93
CA THR A 247 3.95 -0.35 32.69
C THR A 247 3.62 0.24 31.33
N ALA A 248 4.28 1.33 30.95
CA ALA A 248 4.05 1.93 29.63
C ALA A 248 4.56 1.01 28.53
N PHE A 249 5.72 0.39 28.73
CA PHE A 249 6.22 -0.55 27.75
C PHE A 249 5.24 -1.71 27.57
N LYS A 250 4.69 -2.19 28.68
CA LYS A 250 3.81 -3.35 28.66
C LYS A 250 2.52 -3.05 27.90
N GLU A 251 1.89 -1.92 28.22
CA GLU A 251 0.72 -1.48 27.46
C GLU A 251 1.03 -1.45 25.97
N PHE A 252 2.14 -0.82 25.59
CA PHE A 252 2.43 -0.65 24.17
C PHE A 252 2.73 -1.99 23.53
N PHE A 253 3.52 -2.83 24.21
CA PHE A 253 3.85 -4.13 23.64
C PHE A 253 2.60 -4.98 23.45
N GLN A 254 1.66 -4.92 24.39
CA GLN A 254 0.40 -5.63 24.20
C GLN A 254 -0.39 -5.09 23.02
N ALA A 255 -0.44 -3.76 22.86
CA ALA A 255 -1.13 -3.19 21.73
C ALA A 255 -0.52 -3.67 20.41
N ARG A 256 0.82 -3.80 20.37
CA ARG A 256 1.46 -4.29 19.16
C ARG A 256 1.17 -5.77 18.94
N LEU A 257 1.17 -6.57 20.02
CA LEU A 257 0.76 -7.96 19.90
C LEU A 257 -0.65 -8.06 19.32
N ASP A 258 -1.58 -7.27 19.84
CA ASP A 258 -2.95 -7.32 19.34
C ASP A 258 -3.00 -6.96 17.86
N ASP A 259 -2.16 -6.00 17.43
CA ASP A 259 -2.05 -5.66 16.02
C ASP A 259 -1.64 -6.89 15.19
N MET A 260 -0.63 -7.61 15.68
CA MET A 260 -0.18 -8.80 14.98
C MET A 260 -1.28 -9.85 14.92
N ILE A 261 -1.98 -10.03 16.04
CA ILE A 261 -3.04 -11.04 16.11
C ILE A 261 -4.16 -10.69 15.15
N GLU A 262 -4.58 -9.43 15.15
CA GLU A 262 -5.64 -9.00 14.24
C GLU A 262 -5.24 -9.26 12.80
N ASP A 263 -4.03 -8.89 12.40
CA ASP A 263 -3.58 -9.15 11.04
C ASP A 263 -3.60 -10.66 10.73
N ILE A 264 -3.10 -11.47 11.66
CA ILE A 264 -3.02 -12.91 11.39
C ILE A 264 -4.41 -13.51 11.24
N GLU A 265 -5.35 -13.08 12.09
CA GLU A 265 -6.70 -13.60 11.96
C GLU A 265 -7.30 -13.22 10.63
N CYS A 266 -7.07 -11.97 10.20
CA CYS A 266 -7.54 -11.56 8.88
C CYS A 266 -6.84 -12.34 7.76
N ILE A 267 -5.54 -12.60 7.87
CA ILE A 267 -4.83 -13.38 6.88
C ILE A 267 -5.49 -14.76 6.65
N LYS A 268 -6.12 -15.34 7.67
CA LYS A 268 -6.76 -16.64 7.50
C LYS A 268 -8.00 -16.62 6.62
N ALA A 269 -8.56 -15.44 6.33
CA ALA A 269 -9.61 -15.32 5.32
C ALA A 269 -9.09 -15.51 3.90
N PHE A 270 -7.78 -15.43 3.67
CA PHE A 270 -7.25 -15.55 2.32
C PHE A 270 -7.22 -17.02 1.89
N ASP A 271 -6.94 -17.25 0.61
CA ASP A 271 -6.96 -18.61 0.08
C ASP A 271 -5.86 -19.44 0.77
N GLN A 272 -6.00 -20.76 0.69
CA GLN A 272 -5.22 -21.67 1.53
C GLN A 272 -3.72 -21.71 1.17
N LEU A 273 -3.32 -21.34 -0.04
CA LEU A 273 -1.90 -21.17 -0.34
C LEU A 273 -1.41 -19.83 0.14
N THR A 274 -2.15 -18.76 -0.19
CA THR A 274 -1.70 -17.41 0.10
C THR A 274 -1.52 -17.21 1.59
N GLN A 275 -2.43 -17.73 2.40
CA GLN A 275 -2.30 -17.53 3.83
C GLN A 275 -1.08 -18.26 4.37
N ASP A 276 -0.70 -19.39 3.77
CA ASP A 276 0.54 -20.05 4.19
C ASP A 276 1.74 -19.17 3.94
N VAL A 277 1.83 -18.58 2.74
CA VAL A 277 2.95 -17.70 2.41
C VAL A 277 2.99 -16.49 3.34
N PHE A 278 1.84 -15.87 3.61
CA PHE A 278 1.82 -14.73 4.53
C PHE A 278 2.31 -15.13 5.91
N LEU A 279 1.74 -16.20 6.47
CA LEU A 279 2.05 -16.58 7.85
C LEU A 279 3.47 -17.11 7.98
N ASP A 280 3.93 -17.92 7.01
CA ASP A 280 5.31 -18.38 7.03
C ASP A 280 6.27 -17.19 6.97
N LEU A 281 5.88 -16.11 6.29
CA LEU A 281 6.72 -14.92 6.24
C LEU A 281 6.86 -14.28 7.62
N ILE A 282 5.73 -14.03 8.30
CA ILE A 282 5.79 -13.35 9.59
C ILE A 282 6.48 -14.24 10.63
N TYR A 283 6.09 -15.49 10.69
CA TYR A 283 6.63 -16.38 11.71
C TYR A 283 8.08 -16.76 11.40
N GLY A 284 8.38 -17.00 10.13
CA GLY A 284 9.76 -17.26 9.74
C GLY A 284 10.69 -16.09 10.05
N ASN A 285 10.21 -14.86 9.82
CA ASN A 285 11.02 -13.71 10.16
C ASN A 285 11.35 -13.68 11.64
N PHE A 286 10.39 -14.07 12.49
CA PHE A 286 10.63 -14.12 13.91
C PHE A 286 11.68 -15.19 14.25
N VAL A 287 11.54 -16.38 13.68
CA VAL A 287 12.51 -17.45 13.97
C VAL A 287 13.91 -17.02 13.57
N TRP A 288 14.03 -16.46 12.36
CA TRP A 288 15.33 -15.99 11.88
C TRP A 288 15.89 -14.86 12.73
N THR A 289 15.04 -13.87 13.08
CA THR A 289 15.49 -12.72 13.85
C THR A 289 16.09 -13.13 15.20
N THR A 290 15.44 -14.07 15.90
CA THR A 290 15.96 -14.50 17.19
C THR A 290 17.13 -15.47 17.09
N SER A 291 17.41 -16.00 15.90
CA SER A 291 18.57 -16.86 15.67
C SER A 291 19.80 -16.09 15.25
N ASN A 292 19.65 -14.85 14.78
CA ASN A 292 20.66 -14.14 14.01
C ASN A 292 21.48 -13.21 14.90
N LYS A 293 22.81 -13.30 14.78
CA LYS A 293 23.70 -12.40 15.52
C LYS A 293 23.46 -10.95 15.17
N ARG A 294 22.89 -10.70 13.99
CA ARG A 294 22.53 -9.34 13.61
C ARG A 294 21.70 -8.67 14.68
N TYR A 295 20.86 -9.42 15.40
CA TYR A 295 19.84 -8.86 16.27
C TYR A 295 20.05 -9.17 17.75
N LYS A 296 21.29 -9.09 18.22
CA LYS A 296 21.58 -9.33 19.64
C LYS A 296 22.36 -8.17 20.26
N THR A 297 23.67 -8.29 20.28
CA THR A 297 24.55 -7.18 20.65
C THR A 297 24.51 -6.14 19.54
N ALA A 298 24.57 -4.87 19.95
CA ALA A 298 24.13 -3.79 19.06
C ALA A 298 25.14 -3.51 17.96
N VAL A 299 26.41 -3.82 18.20
CA VAL A 299 27.45 -3.49 17.22
C VAL A 299 28.40 -4.66 17.12
N ASN A 300 28.33 -5.40 16.00
CA ASN A 300 29.11 -6.61 15.79
C ASN A 300 29.53 -6.68 14.32
N ASP A 301 30.08 -7.82 13.90
CA ASP A 301 30.65 -7.83 12.55
C ASP A 301 29.66 -8.20 11.45
N VAL A 302 28.38 -8.42 11.76
CA VAL A 302 27.39 -8.56 10.69
C VAL A 302 26.42 -7.39 10.61
N ASN A 303 26.25 -6.59 11.69
CA ASN A 303 25.32 -5.45 11.62
C ASN A 303 26.02 -4.10 11.62
N SER A 304 27.34 -4.07 11.43
CA SER A 304 28.10 -2.83 11.56
C SER A 304 27.77 -1.86 10.43
N ARG A 305 27.60 -0.60 10.80
CA ARG A 305 27.44 0.45 9.79
C ARG A 305 28.54 0.36 8.76
N ILE A 306 28.16 0.26 7.49
CA ILE A 306 29.10 0.24 6.39
C ILE A 306 29.45 1.69 6.06
N GLN A 307 30.58 2.16 6.57
CA GLN A 307 30.96 3.56 6.33
C GLN A 307 32.46 3.72 6.19
N GLY B 9 -31.64 -9.54 5.68
CA GLY B 9 -32.90 -10.26 5.87
C GLY B 9 -34.05 -9.41 6.40
N ALA B 10 -34.09 -9.25 7.73
CA ALA B 10 -35.00 -8.30 8.37
C ALA B 10 -34.49 -6.87 8.23
N GLN B 11 -35.35 -5.84 8.37
CA GLN B 11 -34.94 -4.52 7.91
C GLN B 11 -34.71 -3.53 9.05
N ASP B 12 -33.43 -3.21 9.27
CA ASP B 12 -33.00 -2.15 10.18
C ASP B 12 -33.04 -0.81 9.46
N ILE B 13 -34.22 -0.19 9.45
CA ILE B 13 -34.38 1.11 8.79
C ILE B 13 -33.61 2.19 9.55
N GLY B 14 -33.31 1.96 10.83
CA GLY B 14 -32.45 2.90 11.54
C GLY B 14 -31.04 2.94 10.99
N ARG B 15 -30.51 1.79 10.58
CA ARG B 15 -29.21 1.71 9.93
C ARG B 15 -29.32 1.89 8.42
N SER B 16 -30.50 2.22 7.91
CA SER B 16 -30.68 2.60 6.52
C SER B 16 -29.66 3.60 6.03
N SER B 17 -29.35 4.60 6.84
CA SER B 17 -29.15 5.92 6.26
C SER B 17 -28.34 6.78 7.20
N VAL B 18 -27.46 7.59 6.62
CA VAL B 18 -26.81 8.64 7.39
C VAL B 18 -27.49 9.98 7.15
N ARG B 19 -28.62 9.99 6.45
CA ARG B 19 -29.28 11.23 6.06
C ARG B 19 -29.64 12.13 7.24
N PRO B 20 -30.07 11.61 8.40
CA PRO B 20 -30.23 12.51 9.56
C PRO B 20 -28.95 13.23 10.01
N TYR B 21 -27.77 12.76 9.65
CA TYR B 21 -26.53 13.43 10.02
C TYR B 21 -25.94 14.29 8.90
N LEU B 22 -26.65 14.38 7.78
CA LEU B 22 -26.07 14.94 6.56
C LEU B 22 -25.56 16.35 6.76
N GLU B 23 -26.41 17.24 7.30
CA GLU B 23 -26.00 18.64 7.42
C GLU B 23 -24.84 18.81 8.39
N GLU B 24 -24.94 18.20 9.57
CA GLU B 24 -23.91 18.42 10.58
C GLU B 24 -22.57 17.82 10.14
N CYS B 25 -22.58 16.62 9.54
CA CYS B 25 -21.33 16.04 9.09
C CYS B 25 -20.71 16.85 7.96
N THR B 26 -21.53 17.37 7.05
CA THR B 26 -21.00 18.18 5.97
C THR B 26 -20.29 19.41 6.51
N ARG B 27 -20.92 20.14 7.44
CA ARG B 27 -20.26 21.33 7.94
C ARG B 27 -19.04 20.99 8.78
N ARG B 28 -19.06 19.83 9.46
CA ARG B 28 -17.88 19.39 10.22
C ARG B 28 -16.71 19.05 9.29
N PHE B 29 -16.96 18.30 8.21
CA PHE B 29 -15.93 18.09 7.19
C PHE B 29 -15.35 19.41 6.72
N GLN B 30 -16.23 20.34 6.30
CA GLN B 30 -15.76 21.61 5.77
C GLN B 30 -14.96 22.39 6.81
N GLU B 31 -15.41 22.38 8.06
CA GLU B 31 -14.68 23.10 9.11
C GLU B 31 -13.29 22.52 9.27
N MET B 32 -13.20 21.19 9.18
CA MET B 32 -11.90 20.53 9.28
C MET B 32 -11.00 20.97 8.13
N PHE B 33 -11.50 20.91 6.89
CA PHE B 33 -10.68 21.34 5.75
C PHE B 33 -10.27 22.81 5.88
N ASP B 34 -11.13 23.65 6.46
CA ASP B 34 -10.78 25.07 6.60
C ASP B 34 -9.72 25.28 7.65
N ARG B 35 -9.75 24.47 8.71
CA ARG B 35 -8.78 24.60 9.79
C ARG B 35 -7.43 23.95 9.44
N HIS B 36 -7.42 22.89 8.63
CA HIS B 36 -6.17 22.17 8.38
C HIS B 36 -5.65 22.28 6.96
N VAL B 37 -6.47 22.04 5.93
CA VAL B 37 -6.03 22.16 4.55
C VAL B 37 -5.85 23.61 4.12
N VAL B 38 -6.95 24.38 4.08
CA VAL B 38 -6.99 25.83 3.98
C VAL B 38 -7.23 26.24 2.51
N THR B 39 -6.30 25.91 1.62
CA THR B 39 -6.46 26.28 0.22
C THR B 39 -7.51 25.40 -0.45
N ARG B 40 -8.33 26.03 -1.27
CA ARG B 40 -9.43 25.36 -1.96
C ARG B 40 -8.89 24.43 -3.05
N PRO B 41 -9.69 23.44 -3.45
CA PRO B 41 -9.45 22.82 -4.76
C PRO B 41 -9.92 23.75 -5.86
N THR B 42 -9.28 23.64 -7.02
CA THR B 42 -9.60 24.46 -8.18
C THR B 42 -9.98 23.53 -9.31
N LYS B 43 -11.06 23.85 -10.02
CA LYS B 43 -11.57 22.92 -11.02
C LYS B 43 -10.95 23.23 -12.38
N VAL B 44 -10.24 22.25 -12.93
CA VAL B 44 -9.75 22.34 -14.32
C VAL B 44 -10.94 22.54 -15.25
N GLU B 45 -10.83 23.54 -16.13
CA GLU B 45 -11.80 23.74 -17.22
C GLU B 45 -11.28 23.12 -18.50
N LEU B 46 -11.95 22.07 -18.96
CA LEU B 46 -11.74 21.57 -20.31
C LEU B 46 -12.53 22.42 -21.29
N THR B 47 -11.99 22.57 -22.51
CA THR B 47 -12.83 23.17 -23.54
C THR B 47 -13.87 22.15 -24.00
N ASP B 48 -14.91 22.65 -24.68
CA ASP B 48 -15.91 21.74 -25.24
C ASP B 48 -15.25 20.61 -26.00
N ALA B 49 -14.24 20.93 -26.82
CA ALA B 49 -13.58 19.92 -27.63
C ALA B 49 -12.94 18.84 -26.76
N GLU B 50 -12.08 19.25 -25.84
CA GLU B 50 -11.35 18.29 -24.99
C GLU B 50 -12.32 17.38 -24.25
N LEU B 51 -13.39 17.95 -23.70
CA LEU B 51 -14.36 17.13 -22.99
C LEU B 51 -15.02 16.14 -23.94
N ARG B 52 -15.41 16.62 -25.14
CA ARG B 52 -15.94 15.70 -26.15
C ARG B 52 -14.96 14.60 -26.49
N GLU B 53 -13.67 14.94 -26.65
CA GLU B 53 -12.66 13.94 -26.94
C GLU B 53 -12.62 12.87 -25.85
N VAL B 54 -12.61 13.31 -24.59
CA VAL B 54 -12.56 12.37 -23.48
C VAL B 54 -13.74 11.42 -23.53
N ILE B 55 -14.93 11.94 -23.81
CA ILE B 55 -16.13 11.10 -23.80
C ILE B 55 -16.11 10.09 -24.94
N ASP B 56 -15.54 10.47 -26.11
CA ASP B 56 -15.38 9.49 -27.20
C ASP B 56 -14.51 8.31 -26.78
N ASP B 57 -13.34 8.58 -26.18
CA ASP B 57 -12.48 7.49 -25.72
C ASP B 57 -13.18 6.66 -24.66
N CYS B 58 -13.94 7.30 -23.78
CA CYS B 58 -14.73 6.56 -22.80
C CYS B 58 -15.75 5.66 -23.47
N ASN B 59 -16.51 6.20 -24.43
CA ASN B 59 -17.55 5.41 -25.09
C ASN B 59 -16.94 4.23 -25.85
N ALA B 60 -15.83 4.47 -26.55
CA ALA B 60 -15.25 3.40 -27.36
C ALA B 60 -14.70 2.29 -26.46
N ALA B 61 -14.30 2.64 -25.24
CA ALA B 61 -13.66 1.65 -24.37
C ALA B 61 -14.70 0.76 -23.70
N VAL B 62 -15.91 1.26 -23.48
CA VAL B 62 -16.92 0.45 -22.79
C VAL B 62 -17.93 -0.15 -23.75
N ALA B 63 -17.97 0.31 -25.01
CA ALA B 63 -18.96 -0.19 -25.95
C ALA B 63 -18.96 -1.71 -26.09
N PRO B 64 -17.83 -2.40 -26.28
CA PRO B 64 -17.89 -3.87 -26.36
C PRO B 64 -18.56 -4.52 -25.15
N LEU B 65 -18.67 -3.83 -24.01
CA LEU B 65 -19.38 -4.41 -22.88
C LEU B 65 -20.91 -4.35 -23.02
N GLY B 66 -21.45 -3.53 -23.93
CA GLY B 66 -22.83 -3.64 -24.34
C GLY B 66 -23.80 -2.63 -23.74
N LYS B 67 -23.34 -1.71 -22.92
CA LYS B 67 -24.22 -0.81 -22.19
C LYS B 67 -23.87 0.64 -22.49
N THR B 68 -24.87 1.39 -22.94
CA THR B 68 -24.73 2.82 -23.19
C THR B 68 -24.48 3.56 -21.88
N VAL B 69 -23.66 4.60 -21.95
CA VAL B 69 -23.46 5.53 -20.84
C VAL B 69 -23.69 6.94 -21.36
N SER B 70 -24.57 7.69 -20.70
CA SER B 70 -24.90 9.03 -21.16
C SER B 70 -23.79 10.03 -20.83
N ASP B 71 -23.75 11.14 -21.58
CA ASP B 71 -22.83 12.22 -21.22
C ASP B 71 -23.08 12.68 -19.79
N GLU B 72 -24.34 12.70 -19.37
CA GLU B 72 -24.69 13.04 -18.00
C GLU B 72 -23.93 12.16 -17.01
N ARG B 73 -23.93 10.84 -17.23
CA ARG B 73 -23.24 9.93 -16.35
C ARG B 73 -21.72 10.09 -16.45
N TRP B 74 -21.20 10.21 -17.68
CA TRP B 74 -19.76 10.45 -17.83
C TRP B 74 -19.31 11.67 -17.07
N ILE B 75 -20.06 12.78 -17.19
CA ILE B 75 -19.64 14.01 -16.52
C ILE B 75 -19.73 13.86 -15.01
N SER B 76 -20.62 12.99 -14.54
CA SER B 76 -20.71 12.67 -13.11
C SER B 76 -19.50 11.86 -12.65
N TYR B 77 -18.91 11.07 -13.54
CA TYR B 77 -17.68 10.36 -13.20
C TYR B 77 -16.47 11.28 -13.29
N VAL B 78 -16.44 12.15 -14.30
CA VAL B 78 -15.21 12.86 -14.61
C VAL B 78 -14.93 14.00 -13.65
N GLY B 79 -15.97 14.51 -12.97
CA GLY B 79 -15.80 15.64 -12.08
C GLY B 79 -14.72 15.45 -11.02
N VAL B 80 -14.53 14.22 -10.53
CA VAL B 80 -13.52 14.01 -9.49
C VAL B 80 -12.14 14.37 -10.02
N VAL B 81 -11.86 14.06 -11.29
CA VAL B 81 -10.56 14.44 -11.85
C VAL B 81 -10.48 15.95 -12.02
N LEU B 82 -11.58 16.57 -12.48
CA LEU B 82 -11.58 18.02 -12.70
C LEU B 82 -11.33 18.80 -11.41
N TRP B 83 -11.85 18.29 -10.28
CA TRP B 83 -11.75 18.99 -9.00
C TRP B 83 -10.56 18.60 -8.14
N SER B 84 -10.01 17.40 -8.32
CA SER B 84 -9.10 16.85 -7.31
C SER B 84 -7.66 16.71 -7.79
N GLN B 85 -7.35 17.15 -9.01
CA GLN B 85 -5.96 17.27 -9.42
C GLN B 85 -5.46 18.64 -8.95
N SER B 86 -4.22 19.00 -9.28
CA SER B 86 -3.65 20.27 -8.82
C SER B 86 -3.40 21.11 -10.06
N PRO B 87 -4.42 21.87 -10.51
CA PRO B 87 -4.34 22.51 -11.84
C PRO B 87 -3.12 23.36 -12.07
N ARG B 88 -2.62 24.06 -11.06
CA ARG B 88 -1.57 25.02 -11.34
C ARG B 88 -0.22 24.35 -11.59
N HIS B 89 -0.05 23.10 -11.13
CA HIS B 89 1.19 22.38 -11.29
C HIS B 89 1.13 21.39 -12.45
N ILE B 90 0.05 21.38 -13.24
CA ILE B 90 -0.02 20.49 -14.40
C ILE B 90 1.09 20.84 -15.37
N LYS B 91 1.91 19.85 -15.74
CA LYS B 91 2.84 20.02 -16.84
C LYS B 91 2.45 19.24 -18.08
N ASP B 92 1.47 18.35 -18.04
CA ASP B 92 1.20 17.46 -19.16
C ASP B 92 -0.31 17.24 -19.29
N MET B 93 -0.95 17.97 -20.21
CA MET B 93 -2.39 17.89 -20.35
C MET B 93 -2.86 16.60 -21.01
N GLU B 94 -2.02 15.96 -21.82
CA GLU B 94 -2.39 14.68 -22.39
C GLU B 94 -2.48 13.59 -21.32
N ALA B 95 -1.58 13.62 -20.33
CA ALA B 95 -1.72 12.71 -19.19
C ALA B 95 -2.97 13.04 -18.38
N PHE B 96 -3.28 14.34 -18.24
CA PHE B 96 -4.50 14.70 -17.52
C PHE B 96 -5.73 14.10 -18.20
N LYS B 97 -5.76 14.11 -19.54
CA LYS B 97 -6.85 13.51 -20.28
C LYS B 97 -6.91 12.00 -20.09
N ALA B 98 -5.75 11.33 -20.13
CA ALA B 98 -5.72 9.89 -19.83
C ALA B 98 -6.38 9.61 -18.48
N VAL B 99 -6.06 10.40 -17.46
CA VAL B 99 -6.65 10.17 -16.15
C VAL B 99 -8.16 10.40 -16.18
N CYS B 100 -8.62 11.41 -16.94
CA CYS B 100 -10.06 11.57 -17.13
C CYS B 100 -10.68 10.31 -17.70
N VAL B 101 -10.10 9.78 -18.77
CA VAL B 101 -10.67 8.60 -19.41
C VAL B 101 -10.56 7.38 -18.50
N LEU B 102 -9.36 7.13 -17.97
CA LEU B 102 -9.12 5.93 -17.16
C LEU B 102 -9.98 5.92 -15.91
N ASN B 103 -10.04 7.07 -15.21
CA ASN B 103 -10.97 7.20 -14.10
C ASN B 103 -12.40 6.85 -14.50
N CYS B 104 -12.87 7.39 -15.64
CA CYS B 104 -14.28 7.24 -15.97
C CYS B 104 -14.62 5.81 -16.35
N VAL B 105 -13.80 5.16 -17.17
CA VAL B 105 -14.20 3.84 -17.66
C VAL B 105 -14.09 2.79 -16.55
N THR B 106 -13.16 2.96 -15.61
CA THR B 106 -13.14 2.02 -14.49
C THR B 106 -14.20 2.36 -13.43
N PHE B 107 -14.69 3.61 -13.42
CA PHE B 107 -15.90 3.91 -12.66
C PHE B 107 -17.09 3.10 -13.17
N VAL B 108 -17.25 3.02 -14.49
CA VAL B 108 -18.28 2.17 -15.09
C VAL B 108 -18.12 0.73 -14.60
N TRP B 109 -16.88 0.23 -14.65
CA TRP B 109 -16.58 -1.12 -14.19
C TRP B 109 -17.00 -1.32 -12.74
N ASP B 110 -16.77 -0.30 -11.90
CA ASP B 110 -17.18 -0.30 -10.50
C ASP B 110 -18.69 -0.43 -10.35
N ASP B 111 -19.45 0.17 -11.27
CA ASP B 111 -20.90 0.20 -11.20
C ASP B 111 -21.56 -0.98 -11.90
N MET B 112 -20.77 -1.89 -12.48
CA MET B 112 -21.31 -2.95 -13.30
C MET B 112 -21.50 -4.25 -12.51
N ASP B 113 -22.59 -4.93 -12.82
CA ASP B 113 -22.72 -6.34 -12.48
C ASP B 113 -21.51 -7.11 -13.01
N PRO B 114 -20.93 -8.00 -12.20
CA PRO B 114 -19.70 -8.69 -12.64
C PRO B 114 -19.88 -9.61 -13.84
N ALA B 115 -21.13 -9.87 -14.26
CA ALA B 115 -21.35 -10.59 -15.51
C ALA B 115 -20.92 -9.76 -16.72
N LEU B 116 -21.12 -8.43 -16.69
CA LEU B 116 -20.70 -7.55 -17.77
C LEU B 116 -19.19 -7.36 -17.84
N HIS B 117 -18.46 -7.75 -16.81
CA HIS B 117 -17.00 -7.69 -16.88
C HIS B 117 -16.57 -8.67 -17.95
N ASP B 118 -15.67 -8.22 -18.83
CA ASP B 118 -14.99 -9.07 -19.82
C ASP B 118 -13.57 -8.54 -19.97
N PHE B 119 -12.61 -9.22 -19.35
CA PHE B 119 -11.23 -8.76 -19.40
C PHE B 119 -10.68 -8.82 -20.82
N GLY B 120 -11.09 -9.82 -21.59
CA GLY B 120 -10.55 -9.97 -22.94
C GLY B 120 -10.88 -8.80 -23.85
N LEU B 121 -12.07 -8.22 -23.67
CA LEU B 121 -12.44 -7.04 -24.43
C LEU B 121 -11.97 -5.75 -23.76
N PHE B 122 -11.97 -5.71 -22.43
CA PHE B 122 -11.72 -4.45 -21.74
C PHE B 122 -10.24 -4.13 -21.58
N LEU B 123 -9.41 -5.08 -21.16
CA LEU B 123 -7.98 -4.78 -20.99
C LEU B 123 -7.33 -4.18 -22.23
N PRO B 124 -7.55 -4.69 -23.46
CA PRO B 124 -6.93 -4.05 -24.63
C PRO B 124 -7.30 -2.57 -24.79
N GLN B 125 -8.54 -2.19 -24.44
CA GLN B 125 -8.93 -0.78 -24.51
C GLN B 125 -8.17 0.06 -23.49
N LEU B 126 -7.97 -0.47 -22.27
CA LEU B 126 -7.18 0.26 -21.29
C LEU B 126 -5.76 0.48 -21.79
N ARG B 127 -5.16 -0.56 -22.36
CA ARG B 127 -3.80 -0.41 -22.91
C ARG B 127 -3.78 0.60 -24.04
N LYS B 128 -4.78 0.55 -24.93
CA LYS B 128 -4.86 1.53 -26.02
C LYS B 128 -4.94 2.96 -25.49
N ILE B 129 -5.71 3.18 -24.42
CA ILE B 129 -5.80 4.51 -23.86
C ILE B 129 -4.44 4.94 -23.34
N CYS B 130 -3.74 4.04 -22.63
CA CYS B 130 -2.48 4.42 -22.01
C CYS B 130 -1.42 4.76 -23.05
N GLU B 131 -1.49 4.15 -24.25
CA GLU B 131 -0.50 4.42 -25.27
C GLU B 131 -0.84 5.68 -26.07
N LYS B 132 -2.12 6.00 -26.18
CA LYS B 132 -2.48 7.24 -26.86
C LYS B 132 -1.95 8.47 -26.12
N TYR B 133 -2.05 8.49 -24.79
CA TYR B 133 -1.82 9.70 -24.01
C TYR B 133 -0.47 9.75 -23.28
N TYR B 134 0.18 8.61 -23.04
CA TYR B 134 1.47 8.59 -22.36
C TYR B 134 2.58 8.13 -23.31
N GLY B 135 3.76 8.74 -23.16
CA GLY B 135 4.98 8.13 -23.68
C GLY B 135 5.26 6.87 -22.92
N PRO B 136 6.34 6.16 -23.26
CA PRO B 136 6.39 4.71 -22.92
C PRO B 136 6.50 4.40 -21.43
N GLU B 137 7.49 4.95 -20.73
CA GLU B 137 7.61 4.74 -19.28
C GLU B 137 6.29 5.02 -18.55
N ASP B 138 5.66 6.17 -18.82
CA ASP B 138 4.39 6.51 -18.18
C ASP B 138 3.32 5.49 -18.53
N ALA B 139 3.24 5.12 -19.82
CA ALA B 139 2.19 4.20 -20.26
C ALA B 139 2.30 2.87 -19.56
N GLU B 140 3.50 2.50 -19.13
CA GLU B 140 3.70 1.21 -18.52
C GLU B 140 3.10 1.17 -17.13
N VAL B 141 3.49 2.13 -16.28
CA VAL B 141 2.96 2.26 -14.94
C VAL B 141 1.45 2.39 -14.97
N ALA B 142 0.92 3.30 -15.79
CA ALA B 142 -0.52 3.55 -15.78
C ALA B 142 -1.31 2.30 -16.11
N TYR B 143 -0.88 1.54 -17.13
CA TYR B 143 -1.63 0.35 -17.52
C TYR B 143 -1.65 -0.71 -16.40
N GLU B 144 -0.49 -1.03 -15.83
CA GLU B 144 -0.44 -2.00 -14.73
C GLU B 144 -1.39 -1.62 -13.60
N ALA B 145 -1.42 -0.33 -13.27
CA ALA B 145 -2.29 0.11 -12.18
C ALA B 145 -3.77 -0.04 -12.56
N ALA B 146 -4.14 0.29 -13.81
CA ALA B 146 -5.52 0.12 -14.23
C ALA B 146 -5.93 -1.35 -14.23
N ARG B 147 -5.10 -2.21 -14.82
CA ARG B 147 -5.33 -3.64 -14.80
C ARG B 147 -5.52 -4.15 -13.38
N ALA B 148 -4.65 -3.74 -12.47
CA ALA B 148 -4.70 -4.27 -11.12
C ALA B 148 -5.96 -3.78 -10.39
N PHE B 149 -6.41 -2.54 -10.69
CA PHE B 149 -7.64 -2.08 -10.07
C PHE B 149 -8.85 -2.85 -10.60
N VAL B 150 -8.98 -3.02 -11.92
CA VAL B 150 -10.19 -3.69 -12.39
C VAL B 150 -10.19 -5.16 -11.99
N THR B 151 -9.00 -5.76 -11.89
CA THR B 151 -8.93 -7.14 -11.40
C THR B 151 -9.32 -7.23 -9.93
N SER B 152 -8.89 -6.26 -9.11
CA SER B 152 -9.27 -6.23 -7.71
C SER B 152 -10.78 -6.07 -7.55
N ASP B 153 -11.36 -5.05 -8.22
CA ASP B 153 -12.79 -4.82 -8.05
C ASP B 153 -13.60 -6.06 -8.41
N HIS B 154 -13.17 -6.79 -9.44
CA HIS B 154 -13.92 -7.95 -9.90
C HIS B 154 -13.85 -9.11 -8.91
N MET B 155 -12.63 -9.46 -8.48
CA MET B 155 -12.48 -10.71 -7.74
C MET B 155 -12.92 -10.57 -6.29
N PHE B 156 -12.96 -9.35 -5.76
CA PHE B 156 -13.38 -9.15 -4.38
C PHE B 156 -14.90 -9.09 -4.24
N ARG B 157 -15.65 -9.08 -5.34
CA ARG B 157 -17.06 -8.68 -5.35
C ARG B 157 -17.82 -9.11 -4.09
N ASP B 158 -18.15 -10.41 -4.00
CA ASP B 158 -18.60 -10.97 -2.73
C ASP B 158 -17.63 -12.03 -2.22
N SER B 159 -16.43 -11.61 -1.82
CA SER B 159 -15.30 -12.44 -1.38
C SER B 159 -15.21 -12.48 0.14
N PRO B 160 -15.04 -13.66 0.73
CA PRO B 160 -14.84 -13.71 2.19
C PRO B 160 -13.67 -12.87 2.65
N ILE B 161 -12.68 -12.63 1.80
CA ILE B 161 -11.61 -11.73 2.19
C ILE B 161 -12.18 -10.32 2.39
N LYS B 162 -13.00 -9.87 1.45
CA LYS B 162 -13.64 -8.56 1.61
C LYS B 162 -14.42 -8.48 2.91
N ALA B 163 -15.21 -9.50 3.22
CA ALA B 163 -16.02 -9.46 4.44
C ALA B 163 -15.14 -9.39 5.68
N ALA B 164 -14.05 -10.17 5.71
CA ALA B 164 -13.12 -10.07 6.82
C ALA B 164 -12.56 -8.65 6.95
N LEU B 165 -12.00 -8.10 5.86
CA LEU B 165 -11.32 -6.81 5.97
C LEU B 165 -12.30 -5.66 6.19
N CYS B 166 -13.54 -5.81 5.78
CA CYS B 166 -14.50 -4.72 5.93
C CYS B 166 -15.26 -4.75 7.25
N THR B 167 -15.27 -5.89 7.97
CA THR B 167 -16.02 -5.98 9.20
C THR B 167 -15.16 -6.14 10.45
N THR B 168 -13.83 -6.06 10.35
CA THR B 168 -12.99 -6.34 11.51
C THR B 168 -12.57 -5.08 12.28
N SER B 169 -12.10 -4.06 11.59
CA SER B 169 -11.65 -2.83 12.25
C SER B 169 -11.44 -1.77 11.18
N PRO B 170 -11.40 -0.48 11.57
CA PRO B 170 -11.06 0.55 10.56
C PRO B 170 -9.70 0.32 9.92
N GLU B 171 -8.74 -0.22 10.67
CA GLU B 171 -7.41 -0.49 10.12
C GLU B 171 -7.43 -1.55 9.03
N GLN B 172 -8.17 -2.65 9.22
CA GLN B 172 -8.24 -3.64 8.15
C GLN B 172 -9.00 -3.06 6.96
N TYR B 173 -10.00 -2.25 7.24
CA TYR B 173 -10.82 -1.70 6.16
C TYR B 173 -10.01 -0.74 5.29
N PHE B 174 -9.33 0.22 5.90
CA PHE B 174 -8.60 1.20 5.10
C PHE B 174 -7.43 0.57 4.34
N ARG B 175 -6.78 -0.44 4.91
CA ARG B 175 -5.77 -1.15 4.15
C ARG B 175 -6.34 -1.76 2.88
N PHE B 176 -7.56 -2.29 2.95
CA PHE B 176 -8.24 -2.78 1.76
C PHE B 176 -8.48 -1.62 0.76
N ARG B 177 -8.82 -0.45 1.26
CA ARG B 177 -9.24 0.62 0.38
C ARG B 177 -8.08 1.31 -0.33
N VAL B 178 -6.84 1.10 0.12
CA VAL B 178 -5.70 1.65 -0.62
C VAL B 178 -5.80 1.29 -2.09
N THR B 179 -6.20 0.04 -2.38
CA THR B 179 -6.45 -0.41 -3.74
C THR B 179 -7.89 -0.17 -4.17
N ASP B 180 -8.84 -0.56 -3.34
CA ASP B 180 -10.22 -0.66 -3.81
C ASP B 180 -10.85 0.70 -4.09
N ILE B 181 -10.45 1.76 -3.39
CA ILE B 181 -11.00 3.06 -3.77
C ILE B 181 -10.25 3.66 -4.95
N GLY B 182 -9.31 2.93 -5.54
CA GLY B 182 -8.66 3.38 -6.75
C GLY B 182 -7.57 4.41 -6.57
N VAL B 183 -7.19 4.74 -5.33
CA VAL B 183 -6.22 5.83 -5.15
C VAL B 183 -4.82 5.43 -5.55
N ASP B 184 -4.41 4.18 -5.29
CA ASP B 184 -3.10 3.77 -5.79
C ASP B 184 -3.05 3.90 -7.30
N PHE B 185 -4.07 3.38 -7.97
CA PHE B 185 -4.23 3.55 -9.41
C PHE B 185 -4.14 5.03 -9.79
N TRP B 186 -4.93 5.85 -9.12
CA TRP B 186 -4.94 7.29 -9.35
C TRP B 186 -3.54 7.88 -9.34
N MET B 187 -2.77 7.58 -8.30
CA MET B 187 -1.43 8.16 -8.18
C MET B 187 -0.53 7.69 -9.31
N LYS B 188 -0.63 6.39 -9.67
CA LYS B 188 0.28 5.83 -10.65
C LYS B 188 -0.09 6.24 -12.07
N MET B 189 -1.29 6.76 -12.30
CA MET B 189 -1.60 7.33 -13.60
C MET B 189 -1.52 8.86 -13.62
N SER B 190 -1.44 9.51 -12.45
CA SER B 190 -1.40 10.96 -12.36
C SER B 190 -0.01 11.55 -12.29
N TYR B 191 1.02 10.79 -11.88
CA TYR B 191 2.33 11.42 -11.77
C TYR B 191 2.85 11.98 -13.10
N PRO B 192 2.58 11.41 -14.27
CA PRO B 192 3.04 12.08 -15.50
C PRO B 192 2.39 13.43 -15.74
N ILE B 193 1.29 13.75 -15.05
CA ILE B 193 0.69 15.08 -15.17
C ILE B 193 1.66 16.14 -14.67
N TYR B 194 2.38 15.84 -13.58
CA TYR B 194 3.17 16.81 -12.84
C TYR B 194 4.66 16.75 -13.16
N ARG B 195 5.17 15.60 -13.63
CA ARG B 195 6.59 15.41 -13.93
C ARG B 195 7.46 16.00 -12.80
N HIS B 196 7.15 15.58 -11.58
CA HIS B 196 7.83 16.05 -10.38
C HIS B 196 8.48 14.85 -9.71
N PRO B 197 9.79 14.64 -9.88
CA PRO B 197 10.41 13.38 -9.45
C PRO B 197 10.04 12.89 -8.05
N GLU B 198 10.02 13.78 -7.05
CA GLU B 198 9.58 13.38 -5.71
C GLU B 198 8.18 12.77 -5.71
N PHE B 199 7.24 13.40 -6.42
CA PHE B 199 5.87 12.90 -6.44
C PHE B 199 5.80 11.55 -7.14
N THR B 200 6.49 11.42 -8.28
CA THR B 200 6.60 10.15 -8.98
C THR B 200 7.09 9.03 -8.06
N GLU B 201 8.07 9.33 -7.20
CA GLU B 201 8.55 8.29 -6.29
C GLU B 201 7.49 7.90 -5.27
N HIS B 202 6.84 8.89 -4.64
CA HIS B 202 5.79 8.58 -3.68
C HIS B 202 4.64 7.85 -4.35
N ALA B 203 4.37 8.15 -5.62
CA ALA B 203 3.36 7.41 -6.37
C ALA B 203 3.79 5.98 -6.57
N LYS B 204 5.05 5.77 -6.94
CA LYS B 204 5.47 4.43 -7.31
C LYS B 204 5.67 3.51 -6.10
N THR B 205 6.02 4.06 -4.94
CA THR B 205 6.06 3.26 -3.71
C THR B 205 4.68 3.03 -3.11
N SER B 206 3.67 3.77 -3.57
CA SER B 206 2.31 3.79 -3.02
C SER B 206 2.22 4.53 -1.68
N LEU B 207 3.30 5.14 -1.20
CA LEU B 207 3.19 5.99 -0.02
C LEU B 207 2.22 7.15 -0.26
N ALA B 208 2.19 7.66 -1.50
CA ALA B 208 1.22 8.69 -1.85
C ALA B 208 -0.20 8.19 -1.61
N ALA B 209 -0.51 6.99 -2.10
CA ALA B 209 -1.83 6.41 -1.90
C ALA B 209 -2.11 6.15 -0.42
N ARG B 210 -1.11 5.65 0.30
CA ARG B 210 -1.35 5.33 1.71
C ARG B 210 -1.65 6.59 2.52
N MET B 211 -1.07 7.74 2.15
CA MET B 211 -1.31 8.96 2.91
C MET B 211 -2.70 9.54 2.65
N THR B 212 -3.29 9.25 1.49
CA THR B 212 -4.54 9.91 1.10
C THR B 212 -5.75 9.00 1.19
N THR B 213 -5.55 7.70 1.45
CA THR B 213 -6.66 6.75 1.44
C THR B 213 -7.75 7.14 2.44
N ARG B 214 -7.39 7.46 3.68
CA ARG B 214 -8.45 7.67 4.66
C ARG B 214 -9.27 8.92 4.34
N GLY B 215 -8.60 10.00 3.93
CA GLY B 215 -9.31 11.22 3.62
C GLY B 215 -10.28 11.06 2.47
N LEU B 216 -9.85 10.35 1.42
CA LEU B 216 -10.77 10.04 0.32
C LEU B 216 -11.90 9.14 0.79
N THR B 217 -11.55 8.07 1.49
CA THR B 217 -12.51 7.00 1.76
C THR B 217 -13.57 7.44 2.77
N ILE B 218 -13.16 8.11 3.84
CA ILE B 218 -14.13 8.51 4.85
C ILE B 218 -15.20 9.40 4.23
N VAL B 219 -14.78 10.34 3.37
CA VAL B 219 -15.71 11.21 2.67
C VAL B 219 -16.59 10.41 1.73
N ASN B 220 -15.97 9.59 0.85
CA ASN B 220 -16.78 8.80 -0.06
C ASN B 220 -17.79 7.93 0.69
N ASP B 221 -17.33 7.25 1.75
CA ASP B 221 -18.19 6.34 2.49
C ASP B 221 -19.38 7.07 3.09
N PHE B 222 -19.16 8.26 3.64
CA PHE B 222 -20.28 8.95 4.27
C PHE B 222 -21.38 9.22 3.25
N TYR B 223 -21.01 9.74 2.10
CA TYR B 223 -21.99 10.17 1.12
C TYR B 223 -22.44 9.07 0.17
N SER B 224 -21.82 7.88 0.19
CA SER B 224 -22.33 6.77 -0.62
C SER B 224 -22.95 5.68 0.24
N TYR B 225 -23.02 5.89 1.56
CA TYR B 225 -23.57 4.90 2.48
C TYR B 225 -24.98 4.44 2.07
N ASP B 226 -25.89 5.39 1.84
CA ASP B 226 -27.27 5.01 1.61
C ASP B 226 -27.41 4.15 0.36
N ARG B 227 -26.74 4.53 -0.72
CA ARG B 227 -26.78 3.72 -1.93
C ARG B 227 -26.18 2.34 -1.68
N GLU B 228 -24.99 2.30 -1.07
CA GLU B 228 -24.31 1.02 -0.92
C GLU B 228 -25.08 0.08 0.00
N VAL B 229 -25.64 0.61 1.08
CA VAL B 229 -26.45 -0.23 1.96
C VAL B 229 -27.66 -0.79 1.22
N SER B 230 -28.32 0.02 0.40
CA SER B 230 -29.46 -0.47 -0.37
C SER B 230 -29.08 -1.62 -1.30
N LEU B 231 -27.95 -1.51 -1.97
CA LEU B 231 -27.45 -2.52 -2.90
C LEU B 231 -26.78 -3.70 -2.18
N GLY B 232 -26.84 -3.75 -0.84
CA GLY B 232 -26.23 -4.83 -0.10
C GLY B 232 -24.72 -4.76 0.03
N GLN B 233 -24.07 -3.81 -0.66
CA GLN B 233 -22.61 -3.69 -0.67
C GLN B 233 -22.07 -3.44 0.73
N ILE B 234 -20.86 -3.93 1.00
CA ILE B 234 -20.32 -3.91 2.37
C ILE B 234 -19.08 -3.03 2.51
N THR B 235 -18.56 -2.48 1.42
CA THR B 235 -17.29 -1.76 1.47
C THR B 235 -17.55 -0.29 1.87
N ASN B 236 -17.73 -0.09 3.17
CA ASN B 236 -18.05 1.24 3.71
C ASN B 236 -17.77 1.26 5.21
N CYS B 237 -16.91 2.17 5.66
CA CYS B 237 -16.49 2.13 7.07
C CYS B 237 -17.62 2.43 8.04
N PHE B 238 -18.67 3.14 7.62
CA PHE B 238 -19.73 3.39 8.59
C PHE B 238 -20.61 2.17 8.84
N ARG B 239 -20.43 1.06 8.12
CA ARG B 239 -21.03 -0.20 8.54
C ARG B 239 -20.35 -0.77 9.79
N LEU B 240 -19.21 -0.21 10.19
CA LEU B 240 -18.51 -0.64 11.39
C LEU B 240 -19.01 0.00 12.67
N CYS B 241 -19.92 0.98 12.60
CA CYS B 241 -20.55 1.49 13.80
C CYS B 241 -22.05 1.32 13.68
N ASP B 242 -22.73 1.67 14.76
CA ASP B 242 -24.19 1.58 14.82
C ASP B 242 -24.76 2.94 14.44
N VAL B 243 -24.92 3.17 13.13
CA VAL B 243 -25.43 4.45 12.67
C VAL B 243 -26.80 4.80 13.25
N SER B 244 -27.61 3.82 13.65
CA SER B 244 -28.91 4.16 14.21
C SER B 244 -28.81 4.76 15.61
N ASP B 245 -27.63 4.76 16.22
CA ASP B 245 -27.41 5.26 17.58
C ASP B 245 -26.56 6.50 17.44
N GLU B 246 -27.19 7.66 17.67
CA GLU B 246 -26.53 8.94 17.41
C GLU B 246 -25.23 9.07 18.19
N THR B 247 -25.19 8.56 19.42
CA THR B 247 -23.99 8.74 20.23
C THR B 247 -22.87 7.83 19.75
N ALA B 248 -23.19 6.59 19.36
CA ALA B 248 -22.18 5.74 18.76
C ALA B 248 -21.73 6.31 17.42
N PHE B 249 -22.67 6.81 16.62
CA PHE B 249 -22.28 7.36 15.32
C PHE B 249 -21.31 8.51 15.50
N LYS B 250 -21.61 9.41 16.44
CA LYS B 250 -20.80 10.61 16.57
C LYS B 250 -19.40 10.32 17.08
N GLU B 251 -19.27 9.41 18.04
CA GLU B 251 -17.94 8.96 18.47
C GLU B 251 -17.13 8.43 17.29
N PHE B 252 -17.73 7.55 16.49
CA PHE B 252 -17.06 6.98 15.33
C PHE B 252 -16.69 8.08 14.32
N PHE B 253 -17.62 9.01 14.09
CA PHE B 253 -17.35 10.07 13.12
C PHE B 253 -16.19 10.95 13.60
N GLN B 254 -16.17 11.33 14.89
CA GLN B 254 -15.02 12.06 15.42
C GLN B 254 -13.74 11.26 15.25
N ALA B 255 -13.79 9.96 15.52
CA ALA B 255 -12.59 9.13 15.33
C ALA B 255 -12.12 9.21 13.86
N ARG B 256 -13.06 9.22 12.92
CA ARG B 256 -12.68 9.31 11.51
C ARG B 256 -12.15 10.71 11.15
N LEU B 257 -12.79 11.77 11.70
CA LEU B 257 -12.24 13.11 11.52
C LEU B 257 -10.80 13.19 12.03
N ASP B 258 -10.55 12.66 13.23
CA ASP B 258 -9.19 12.67 13.75
C ASP B 258 -8.22 11.92 12.85
N ASP B 259 -8.66 10.81 12.27
CA ASP B 259 -7.84 10.11 11.26
C ASP B 259 -7.46 11.07 10.12
N MET B 260 -8.46 11.80 9.60
CA MET B 260 -8.19 12.70 8.49
C MET B 260 -7.21 13.78 8.90
N ILE B 261 -7.38 14.33 10.09
CA ILE B 261 -6.54 15.42 10.57
C ILE B 261 -5.09 14.96 10.71
N GLU B 262 -4.89 13.80 11.30
CA GLU B 262 -3.51 13.36 11.48
C GLU B 262 -2.84 13.09 10.13
N ASP B 263 -3.56 12.51 9.17
CA ASP B 263 -3.00 12.32 7.84
C ASP B 263 -2.63 13.66 7.21
N ILE B 264 -3.52 14.64 7.31
CA ILE B 264 -3.27 15.93 6.67
C ILE B 264 -2.06 16.61 7.29
N GLU B 265 -1.95 16.58 8.62
CA GLU B 265 -0.79 17.21 9.26
C GLU B 265 0.53 16.51 8.89
N CYS B 266 0.53 15.17 8.83
CA CYS B 266 1.72 14.47 8.35
C CYS B 266 1.97 14.72 6.87
N ILE B 267 0.92 15.01 6.08
CA ILE B 267 1.15 15.31 4.67
C ILE B 267 1.95 16.61 4.52
N LYS B 268 1.83 17.54 5.46
CA LYS B 268 2.57 18.80 5.37
C LYS B 268 4.09 18.64 5.48
N ALA B 269 4.58 17.47 5.91
CA ALA B 269 6.01 17.23 5.90
C ALA B 269 6.55 16.93 4.51
N PHE B 270 5.71 16.58 3.56
CA PHE B 270 6.19 16.32 2.21
C PHE B 270 6.59 17.65 1.57
N ASP B 271 7.24 17.61 0.40
CA ASP B 271 7.60 18.85 -0.26
C ASP B 271 6.32 19.56 -0.72
N GLN B 272 6.44 20.85 -1.05
CA GLN B 272 5.24 21.66 -1.26
C GLN B 272 4.44 21.20 -2.48
N LEU B 273 5.11 20.84 -3.58
CA LEU B 273 4.36 20.36 -4.74
C LEU B 273 3.57 19.11 -4.37
N THR B 274 4.24 18.15 -3.76
CA THR B 274 3.59 16.88 -3.41
C THR B 274 2.42 17.11 -2.46
N GLN B 275 2.62 17.91 -1.41
CA GLN B 275 1.54 18.09 -0.45
C GLN B 275 0.38 18.86 -1.07
N ASP B 276 0.65 19.80 -1.98
CA ASP B 276 -0.41 20.45 -2.72
C ASP B 276 -1.26 19.41 -3.44
N VAL B 277 -0.60 18.50 -4.15
CA VAL B 277 -1.31 17.46 -4.89
C VAL B 277 -2.13 16.60 -3.92
N PHE B 278 -1.50 16.13 -2.83
CA PHE B 278 -2.22 15.29 -1.88
C PHE B 278 -3.45 16.01 -1.32
N LEU B 279 -3.26 17.27 -0.92
CA LEU B 279 -4.35 17.99 -0.24
C LEU B 279 -5.45 18.39 -1.23
N ASP B 280 -5.08 18.79 -2.46
CA ASP B 280 -6.10 19.04 -3.48
C ASP B 280 -6.90 17.79 -3.77
N LEU B 281 -6.24 16.62 -3.71
CA LEU B 281 -6.95 15.37 -3.92
C LEU B 281 -8.02 15.15 -2.85
N ILE B 282 -7.63 15.26 -1.58
CA ILE B 282 -8.57 14.99 -0.50
C ILE B 282 -9.66 16.05 -0.47
N TYR B 283 -9.26 17.32 -0.55
CA TYR B 283 -10.23 18.40 -0.44
C TYR B 283 -11.10 18.49 -1.71
N GLY B 284 -10.49 18.34 -2.88
CA GLY B 284 -11.27 18.32 -4.10
C GLY B 284 -12.28 17.19 -4.15
N ASN B 285 -11.89 16.00 -3.66
CA ASN B 285 -12.86 14.91 -3.65
C ASN B 285 -14.07 15.27 -2.81
N PHE B 286 -13.85 15.99 -1.72
CA PHE B 286 -14.98 16.38 -0.86
C PHE B 286 -15.88 17.40 -1.58
N VAL B 287 -15.29 18.37 -2.26
CA VAL B 287 -16.11 19.34 -3.01
C VAL B 287 -16.91 18.64 -4.09
N TRP B 288 -16.23 17.80 -4.89
CA TRP B 288 -16.90 17.05 -5.94
C TRP B 288 -18.00 16.14 -5.39
N THR B 289 -17.69 15.40 -4.31
CA THR B 289 -18.65 14.46 -3.75
C THR B 289 -19.92 15.19 -3.31
N THR B 290 -19.77 16.35 -2.67
CA THR B 290 -20.94 17.04 -2.17
C THR B 290 -21.69 17.79 -3.25
N SER B 291 -21.12 17.89 -4.46
CA SER B 291 -21.73 18.60 -5.58
C SER B 291 -22.34 17.67 -6.62
N ASN B 292 -22.27 16.35 -6.41
CA ASN B 292 -22.59 15.40 -7.47
C ASN B 292 -23.83 14.60 -7.11
N LYS B 293 -24.78 14.52 -8.05
CA LYS B 293 -26.02 13.81 -7.76
C LYS B 293 -25.80 12.31 -7.62
N ARG B 294 -24.65 11.81 -8.05
CA ARG B 294 -24.24 10.45 -7.74
C ARG B 294 -24.37 10.17 -6.25
N TYR B 295 -24.15 11.18 -5.41
CA TYR B 295 -24.11 11.03 -3.96
C TYR B 295 -25.23 11.79 -3.25
N LYS B 296 -26.39 11.97 -3.90
CA LYS B 296 -27.52 12.69 -3.32
C LYS B 296 -28.87 11.96 -3.44
N THR B 297 -29.03 11.07 -4.43
CA THR B 297 -30.26 10.34 -4.68
C THR B 297 -29.92 8.87 -4.88
N ALA B 298 -30.64 7.98 -4.17
CA ALA B 298 -30.14 6.62 -3.93
C ALA B 298 -30.08 5.78 -5.20
N VAL B 299 -31.06 5.92 -6.08
CA VAL B 299 -31.05 5.28 -7.39
C VAL B 299 -31.34 6.37 -8.40
N ASN B 300 -30.57 6.44 -9.48
CA ASN B 300 -30.81 7.48 -10.47
C ASN B 300 -30.03 7.17 -11.75
N ASP B 301 -30.32 7.96 -12.79
CA ASP B 301 -29.83 7.73 -14.14
C ASP B 301 -28.33 7.87 -14.28
N VAL B 302 -27.66 8.53 -13.33
CA VAL B 302 -26.21 8.56 -13.31
C VAL B 302 -25.60 7.57 -12.33
N ASN B 303 -26.39 6.92 -11.45
CA ASN B 303 -25.77 6.30 -10.28
C ASN B 303 -26.08 4.81 -10.07
N SER B 304 -27.07 4.22 -10.72
CA SER B 304 -27.47 2.88 -10.24
C SER B 304 -26.84 1.76 -11.06
N ARG B 305 -26.88 0.55 -10.48
CA ARG B 305 -25.96 -0.49 -10.92
C ARG B 305 -26.29 -1.00 -12.30
N ILE B 306 -25.27 -1.03 -13.15
CA ILE B 306 -25.36 -1.49 -14.54
C ILE B 306 -25.47 -3.02 -14.51
N GLN B 307 -26.69 -3.55 -14.58
CA GLN B 307 -26.92 -4.98 -14.52
C GLN B 307 -27.12 -5.52 -15.93
N ALA B 308 -27.22 -6.85 -16.01
CA ALA B 308 -27.55 -7.61 -17.23
C ALA B 308 -28.16 -6.77 -18.35
N GLY A 14 19.62 4.35 29.59
CA GLY A 14 18.80 3.26 30.09
C GLY A 14 17.66 3.14 29.13
N ARG A 15 17.10 4.31 28.80
CA ARG A 15 16.32 4.57 27.61
C ARG A 15 16.93 3.94 26.35
N SER A 16 18.19 3.55 26.41
CA SER A 16 18.95 2.99 25.31
C SER A 16 18.51 1.59 24.92
N SER A 17 17.70 0.90 25.72
CA SER A 17 17.72 -0.55 25.61
C SER A 17 16.36 -1.16 25.95
N VAL A 18 16.00 -2.20 25.20
CA VAL A 18 14.87 -3.03 25.57
C VAL A 18 15.34 -4.35 26.19
N ARG A 19 16.64 -4.47 26.49
CA ARG A 19 17.18 -5.66 27.14
C ARG A 19 16.42 -6.12 28.38
N PRO A 20 15.90 -5.24 29.25
CA PRO A 20 15.13 -5.74 30.41
C PRO A 20 13.99 -6.67 30.04
N TYR A 21 13.43 -6.53 28.84
CA TYR A 21 12.26 -7.28 28.43
C TYR A 21 12.57 -8.36 27.41
N LEU A 22 13.85 -8.62 27.14
CA LEU A 22 14.21 -9.51 26.04
C LEU A 22 13.59 -10.89 26.19
N GLU A 23 13.70 -11.49 27.38
CA GLU A 23 13.23 -12.85 27.57
C GLU A 23 11.71 -12.92 27.58
N GLU A 24 11.04 -12.04 28.34
CA GLU A 24 9.59 -12.15 28.42
C GLU A 24 8.94 -11.80 27.08
N CYS A 25 9.49 -10.80 26.36
CA CYS A 25 8.93 -10.50 25.05
C CYS A 25 9.16 -11.63 24.05
N THR A 26 10.33 -12.28 24.10
CA THR A 26 10.56 -13.38 23.17
C THR A 26 9.53 -14.49 23.37
N ARG A 27 9.29 -14.89 24.63
CA ARG A 27 8.34 -15.98 24.81
C ARG A 27 6.91 -15.52 24.58
N ARG A 28 6.64 -14.21 24.74
CA ARG A 28 5.30 -13.70 24.38
C ARG A 28 5.05 -13.82 22.87
N PHE A 29 5.99 -13.34 22.05
CA PHE A 29 5.91 -13.54 20.61
C PHE A 29 5.68 -15.01 20.27
N GLN A 30 6.47 -15.90 20.87
CA GLN A 30 6.36 -17.29 20.49
C GLN A 30 5.00 -17.86 20.89
N GLU A 31 4.49 -17.54 22.09
CA GLU A 31 3.19 -18.07 22.47
C GLU A 31 2.12 -17.58 21.50
N MET A 32 2.23 -16.31 21.10
CA MET A 32 1.26 -15.74 20.16
C MET A 32 1.26 -16.53 18.86
N PHE A 33 2.45 -16.78 18.30
CA PHE A 33 2.53 -17.62 17.11
C PHE A 33 1.96 -19.01 17.35
N ASP A 34 2.26 -19.60 18.51
CA ASP A 34 1.81 -20.97 18.76
C ASP A 34 0.30 -21.06 18.83
N ARG A 35 -0.35 -20.01 19.31
CA ARG A 35 -1.80 -20.09 19.47
C ARG A 35 -2.54 -19.71 18.21
N HIS A 36 -1.94 -18.86 17.37
CA HIS A 36 -2.67 -18.28 16.24
C HIS A 36 -2.18 -18.76 14.88
N VAL A 37 -0.94 -19.21 14.76
CA VAL A 37 -0.43 -19.73 13.51
C VAL A 37 -0.26 -21.24 13.56
N VAL A 38 0.34 -21.75 14.65
CA VAL A 38 0.49 -23.18 14.95
C VAL A 38 1.50 -23.82 14.00
N THR A 39 1.19 -23.85 12.70
CA THR A 39 2.16 -24.37 11.73
C THR A 39 3.44 -23.55 11.75
N ARG A 40 4.56 -24.25 11.69
CA ARG A 40 5.85 -23.63 11.96
C ARG A 40 6.60 -23.36 10.66
N PRO A 41 7.43 -22.32 10.63
CA PRO A 41 8.28 -22.10 9.46
C PRO A 41 9.17 -23.31 9.20
N THR A 42 9.51 -23.50 7.93
CA THR A 42 10.42 -24.56 7.49
C THR A 42 11.59 -23.92 6.75
N LYS A 43 12.82 -24.32 7.10
CA LYS A 43 13.97 -23.71 6.46
C LYS A 43 14.24 -24.36 5.10
N VAL A 44 14.32 -23.52 4.06
CA VAL A 44 14.67 -23.97 2.71
C VAL A 44 16.08 -24.55 2.72
N GLU A 45 16.27 -25.62 1.96
CA GLU A 45 17.56 -26.27 1.83
C GLU A 45 18.13 -25.98 0.44
N LEU A 46 19.23 -25.23 0.41
CA LEU A 46 20.03 -25.06 -0.79
C LEU A 46 21.16 -26.08 -0.81
N THR A 47 21.46 -26.63 -1.99
CA THR A 47 22.69 -27.41 -2.06
C THR A 47 23.87 -26.45 -2.07
N ASP A 48 25.05 -27.00 -1.80
CA ASP A 48 26.26 -26.19 -1.75
C ASP A 48 26.40 -25.34 -3.01
N ALA A 49 26.28 -25.96 -4.20
CA ALA A 49 26.36 -25.22 -5.46
C ALA A 49 25.40 -24.03 -5.50
N GLU A 50 24.12 -24.28 -5.15
CA GLU A 50 23.13 -23.21 -5.18
C GLU A 50 23.53 -22.07 -4.25
N LEU A 51 24.09 -22.38 -3.09
CA LEU A 51 24.51 -21.32 -2.18
C LEU A 51 25.65 -20.51 -2.78
N ARG A 52 26.51 -21.14 -3.57
CA ARG A 52 27.65 -20.43 -4.10
C ARG A 52 27.24 -19.53 -5.25
N GLU A 53 26.29 -19.98 -6.08
CA GLU A 53 25.78 -19.08 -7.10
C GLU A 53 25.12 -17.86 -6.48
N VAL A 54 24.44 -18.05 -5.34
CA VAL A 54 23.79 -16.92 -4.67
C VAL A 54 24.82 -15.93 -4.16
N ILE A 55 25.79 -16.42 -3.38
CA ILE A 55 26.79 -15.53 -2.80
C ILE A 55 27.67 -14.91 -3.88
N ASP A 56 28.01 -15.69 -4.91
CA ASP A 56 28.81 -15.16 -6.02
C ASP A 56 28.09 -13.99 -6.69
N ASP A 57 26.77 -14.11 -6.91
CA ASP A 57 26.01 -13.01 -7.52
C ASP A 57 25.93 -11.80 -6.60
N CYS A 58 25.77 -12.03 -5.29
CA CYS A 58 25.78 -10.94 -4.33
C CYS A 58 27.08 -10.17 -4.38
N ASN A 59 28.21 -10.88 -4.35
CA ASN A 59 29.51 -10.22 -4.37
C ASN A 59 29.69 -9.39 -5.64
N ALA A 60 29.30 -9.96 -6.80
CA ALA A 60 29.42 -9.22 -8.05
C ALA A 60 28.53 -7.97 -8.04
N ALA A 61 27.36 -8.06 -7.40
CA ALA A 61 26.42 -6.94 -7.47
C ALA A 61 26.90 -5.75 -6.66
N VAL A 62 27.51 -5.98 -5.50
CA VAL A 62 27.94 -4.85 -4.67
C VAL A 62 29.38 -4.47 -4.91
N ALA A 63 30.16 -5.29 -5.61
CA ALA A 63 31.55 -4.97 -5.88
C ALA A 63 31.76 -3.55 -6.41
N PRO A 64 30.95 -3.04 -7.35
CA PRO A 64 31.17 -1.66 -7.82
C PRO A 64 30.98 -0.61 -6.75
N LEU A 65 30.25 -0.92 -5.67
CA LEU A 65 30.08 0.04 -4.58
C LEU A 65 31.30 0.15 -3.67
N GLY A 66 32.28 -0.74 -3.81
CA GLY A 66 33.58 -0.53 -3.21
C GLY A 66 33.89 -1.33 -1.95
N LYS A 67 32.92 -1.94 -1.30
CA LYS A 67 33.15 -2.57 0.00
C LYS A 67 33.21 -4.09 -0.17
N THR A 68 33.84 -4.75 0.79
CA THR A 68 33.82 -6.20 0.87
C THR A 68 32.77 -6.65 1.86
N VAL A 69 32.01 -7.68 1.50
CA VAL A 69 31.03 -8.28 2.39
C VAL A 69 31.43 -9.72 2.61
N SER A 70 31.53 -10.13 3.87
CA SER A 70 32.00 -11.47 4.20
C SER A 70 30.91 -12.51 3.97
N ASP A 71 31.33 -13.77 3.81
CA ASP A 71 30.39 -14.90 3.71
C ASP A 71 29.38 -14.90 4.84
N GLU A 72 29.84 -14.76 6.09
CA GLU A 72 28.91 -14.89 7.19
C GLU A 72 27.97 -13.68 7.30
N ARG A 73 28.40 -12.52 6.83
CA ARG A 73 27.45 -11.41 6.71
C ARG A 73 26.41 -11.69 5.64
N TRP A 74 26.82 -12.20 4.48
CA TRP A 74 25.84 -12.65 3.48
C TRP A 74 24.86 -13.65 4.08
N ILE A 75 25.38 -14.61 4.86
CA ILE A 75 24.51 -15.64 5.41
C ILE A 75 23.58 -15.06 6.47
N SER A 76 24.06 -14.07 7.21
CA SER A 76 23.20 -13.35 8.13
C SER A 76 22.04 -12.68 7.39
N TYR A 77 22.32 -12.12 6.21
CA TYR A 77 21.26 -11.48 5.44
C TYR A 77 20.32 -12.50 4.82
N VAL A 78 20.88 -13.57 4.24
CA VAL A 78 20.09 -14.50 3.44
C VAL A 78 19.16 -15.35 4.29
N GLY A 79 19.43 -15.48 5.59
CA GLY A 79 18.65 -16.36 6.43
C GLY A 79 17.16 -16.03 6.42
N VAL A 80 16.80 -14.75 6.25
CA VAL A 80 15.38 -14.40 6.26
C VAL A 80 14.67 -15.05 5.08
N VAL A 81 15.35 -15.14 3.93
CA VAL A 81 14.72 -15.82 2.79
C VAL A 81 14.63 -17.32 3.05
N LEU A 82 15.67 -17.89 3.65
CA LEU A 82 15.69 -19.33 3.88
C LEU A 82 14.57 -19.75 4.82
N TRP A 83 14.26 -18.90 5.80
CA TRP A 83 13.31 -19.22 6.87
C TRP A 83 11.88 -18.74 6.61
N SER A 84 11.70 -17.73 5.76
CA SER A 84 10.44 -17.01 5.76
C SER A 84 9.68 -17.13 4.43
N GLN A 85 10.15 -17.96 3.51
CA GLN A 85 9.34 -18.33 2.36
C GLN A 85 8.46 -19.51 2.77
N SER A 86 7.90 -20.24 1.82
CA SER A 86 6.94 -21.31 2.09
C SER A 86 7.37 -22.49 1.24
N PRO A 87 8.36 -23.28 1.71
CA PRO A 87 9.06 -24.20 0.80
C PRO A 87 8.19 -25.28 0.20
N ARG A 88 7.11 -25.67 0.86
CA ARG A 88 6.33 -26.76 0.28
C ARG A 88 5.50 -26.27 -0.90
N HIS A 89 5.37 -24.96 -1.05
CA HIS A 89 4.68 -24.36 -2.17
C HIS A 89 5.62 -23.84 -3.25
N ILE A 90 6.93 -23.94 -3.06
CA ILE A 90 7.84 -23.39 -4.08
C ILE A 90 7.64 -24.13 -5.39
N LYS A 91 7.45 -23.36 -6.46
CA LYS A 91 7.56 -23.89 -7.80
C LYS A 91 8.89 -23.55 -8.45
N ASP A 92 9.31 -22.30 -8.45
CA ASP A 92 10.45 -21.87 -9.26
C ASP A 92 11.65 -21.57 -8.37
N MET A 93 12.66 -22.46 -8.37
CA MET A 93 13.86 -22.21 -7.57
C MET A 93 14.78 -21.16 -8.18
N GLU A 94 14.65 -20.88 -9.48
CA GLU A 94 15.35 -19.72 -10.04
C GLU A 94 14.83 -18.42 -9.41
N ALA A 95 13.52 -18.30 -9.30
CA ALA A 95 12.92 -17.16 -8.59
C ALA A 95 13.38 -17.11 -7.13
N PHE A 96 13.41 -18.26 -6.47
CA PHE A 96 13.89 -18.30 -5.08
C PHE A 96 15.31 -17.76 -4.96
N LYS A 97 16.22 -18.26 -5.82
CA LYS A 97 17.60 -17.78 -5.75
C LYS A 97 17.67 -16.27 -6.02
N ALA A 98 16.80 -15.77 -6.91
CA ALA A 98 16.75 -14.33 -7.16
C ALA A 98 16.37 -13.57 -5.89
N VAL A 99 15.37 -14.06 -5.16
CA VAL A 99 14.97 -13.38 -3.93
C VAL A 99 16.11 -13.40 -2.91
N CYS A 100 16.86 -14.51 -2.84
CA CYS A 100 18.04 -14.55 -1.99
C CYS A 100 19.00 -13.40 -2.36
N VAL A 101 19.36 -13.29 -3.63
CA VAL A 101 20.37 -12.32 -4.04
C VAL A 101 19.84 -10.89 -3.83
N LEU A 102 18.66 -10.61 -4.36
CA LEU A 102 18.07 -9.27 -4.22
C LEU A 102 17.88 -8.87 -2.76
N ASN A 103 17.39 -9.79 -1.92
CA ASN A 103 17.26 -9.48 -0.50
C ASN A 103 18.60 -9.09 0.10
N CYS A 104 19.66 -9.84 -0.24
CA CYS A 104 20.96 -9.62 0.39
C CYS A 104 21.60 -8.32 -0.06
N VAL A 105 21.58 -8.04 -1.37
CA VAL A 105 22.33 -6.87 -1.83
C VAL A 105 21.62 -5.57 -1.41
N THR A 106 20.28 -5.57 -1.30
CA THR A 106 19.61 -4.40 -0.78
C THR A 106 19.71 -4.30 0.75
N PHE A 107 19.94 -5.44 1.43
CA PHE A 107 20.32 -5.37 2.83
C PHE A 107 21.64 -4.62 3.01
N VAL A 108 22.61 -4.88 2.14
CA VAL A 108 23.87 -4.13 2.18
C VAL A 108 23.59 -2.63 2.01
N TRP A 109 22.76 -2.28 1.03
CA TRP A 109 22.35 -0.90 0.83
C TRP A 109 21.76 -0.30 2.11
N ASP A 110 20.91 -1.07 2.80
CA ASP A 110 20.30 -0.64 4.05
C ASP A 110 21.35 -0.33 5.11
N ASP A 111 22.43 -1.13 5.14
CA ASP A 111 23.49 -0.96 6.12
C ASP A 111 24.56 0.04 5.69
N MET A 112 24.40 0.70 4.53
CA MET A 112 25.47 1.47 3.92
C MET A 112 25.42 2.95 4.26
N ASP A 113 26.60 3.47 4.63
CA ASP A 113 26.92 4.88 4.52
C ASP A 113 26.30 5.49 3.26
N PRO A 114 25.51 6.55 3.38
CA PRO A 114 24.80 7.09 2.21
C PRO A 114 25.71 7.61 1.10
N ALA A 115 26.98 7.91 1.38
CA ALA A 115 27.89 8.28 0.30
C ALA A 115 28.12 7.11 -0.65
N LEU A 116 28.22 5.89 -0.12
CA LEU A 116 28.40 4.68 -0.92
C LEU A 116 27.26 4.42 -1.91
N HIS A 117 26.12 5.08 -1.76
CA HIS A 117 24.94 4.80 -2.57
C HIS A 117 25.11 5.37 -3.97
N ASP A 118 25.57 4.55 -4.91
CA ASP A 118 25.76 4.99 -6.29
C ASP A 118 24.74 4.27 -7.18
N PHE A 119 23.70 5.02 -7.56
CA PHE A 119 22.62 4.46 -8.34
C PHE A 119 23.09 4.04 -9.73
N GLY A 120 23.94 4.85 -10.36
CA GLY A 120 24.41 4.53 -11.70
C GLY A 120 25.14 3.20 -11.77
N LEU A 121 25.89 2.86 -10.72
CA LEU A 121 26.64 1.61 -10.68
C LEU A 121 25.80 0.44 -10.17
N PHE A 122 24.86 0.69 -9.25
CA PHE A 122 24.14 -0.39 -8.61
C PHE A 122 22.87 -0.80 -9.36
N LEU A 123 22.12 0.16 -9.89
CA LEU A 123 20.88 -0.21 -10.56
C LEU A 123 21.11 -1.17 -11.72
N PRO A 124 22.12 -0.97 -12.59
CA PRO A 124 22.41 -2.01 -13.60
C PRO A 124 22.68 -3.38 -13.01
N GLN A 125 23.35 -3.46 -11.85
CA GLN A 125 23.56 -4.76 -11.22
C GLN A 125 22.23 -5.40 -10.87
N LEU A 126 21.30 -4.64 -10.27
CA LEU A 126 19.98 -5.16 -9.96
C LEU A 126 19.26 -5.63 -11.21
N ARG A 127 19.34 -4.83 -12.28
CA ARG A 127 18.69 -5.20 -13.54
C ARG A 127 19.23 -6.54 -14.05
N LYS A 128 20.53 -6.76 -13.95
CA LYS A 128 21.14 -7.99 -14.43
C LYS A 128 20.68 -9.18 -13.61
N ILE A 129 20.59 -9.02 -12.28
CA ILE A 129 20.07 -10.09 -11.44
C ILE A 129 18.65 -10.45 -11.85
N CYS A 130 17.81 -9.43 -12.04
CA CYS A 130 16.41 -9.71 -12.34
C CYS A 130 16.27 -10.42 -13.68
N GLU A 131 16.97 -9.97 -14.72
CA GLU A 131 16.83 -10.62 -16.01
C GLU A 131 17.35 -12.05 -15.97
N LYS A 132 18.44 -12.31 -15.26
CA LYS A 132 19.03 -13.64 -15.25
C LYS A 132 18.07 -14.68 -14.69
N TYR A 133 17.35 -14.36 -13.60
CA TYR A 133 16.59 -15.36 -12.87
C TYR A 133 15.10 -15.39 -13.20
N TYR A 134 14.52 -14.30 -13.69
CA TYR A 134 13.10 -14.23 -13.96
C TYR A 134 12.85 -14.22 -15.46
N GLY A 135 11.61 -14.54 -15.86
CA GLY A 135 11.19 -14.33 -17.22
C GLY A 135 11.07 -12.84 -17.53
N PRO A 136 10.78 -12.51 -18.79
CA PRO A 136 10.83 -11.08 -19.18
C PRO A 136 9.84 -10.21 -18.45
N GLU A 137 8.62 -10.68 -18.21
CA GLU A 137 7.65 -9.84 -17.50
C GLU A 137 8.06 -9.67 -16.04
N ASP A 138 8.19 -10.78 -15.31
CA ASP A 138 8.45 -10.72 -13.88
C ASP A 138 9.77 -10.00 -13.58
N ALA A 139 10.72 -10.04 -14.51
CA ALA A 139 11.97 -9.32 -14.31
C ALA A 139 11.72 -7.82 -14.14
N GLU A 140 10.78 -7.26 -14.90
CA GLU A 140 10.54 -5.83 -14.79
C GLU A 140 9.80 -5.49 -13.51
N VAL A 141 8.92 -6.38 -13.05
CA VAL A 141 8.22 -6.17 -11.78
C VAL A 141 9.22 -6.23 -10.62
N ALA A 142 10.09 -7.25 -10.62
CA ALA A 142 11.08 -7.35 -9.55
C ALA A 142 12.04 -6.18 -9.57
N TYR A 143 12.50 -5.75 -10.76
CA TYR A 143 13.45 -4.65 -10.83
C TYR A 143 12.83 -3.33 -10.37
N GLU A 144 11.61 -3.04 -10.83
CA GLU A 144 10.96 -1.82 -10.35
C GLU A 144 10.83 -1.82 -8.84
N ALA A 145 10.43 -2.96 -8.26
CA ALA A 145 10.30 -3.03 -6.80
C ALA A 145 11.65 -2.81 -6.12
N ALA A 146 12.74 -3.42 -6.63
CA ALA A 146 14.06 -3.22 -6.05
C ALA A 146 14.50 -1.77 -6.18
N ARG A 147 14.38 -1.21 -7.38
CA ARG A 147 14.69 0.21 -7.60
C ARG A 147 13.93 1.10 -6.63
N ALA A 148 12.62 0.88 -6.50
CA ALA A 148 11.81 1.70 -5.61
C ALA A 148 12.27 1.57 -4.17
N PHE A 149 12.68 0.36 -3.76
CA PHE A 149 13.15 0.21 -2.39
C PHE A 149 14.45 0.98 -2.14
N VAL A 150 15.50 0.73 -2.95
CA VAL A 150 16.78 1.38 -2.68
C VAL A 150 16.66 2.89 -2.79
N THR A 151 15.83 3.37 -3.71
CA THR A 151 15.59 4.80 -3.82
C THR A 151 14.91 5.34 -2.57
N SER A 152 13.93 4.61 -2.05
CA SER A 152 13.24 5.04 -0.85
C SER A 152 14.18 5.06 0.35
N ASP A 153 14.97 3.99 0.52
CA ASP A 153 15.89 4.00 1.65
C ASP A 153 16.87 5.17 1.53
N HIS A 154 17.34 5.46 0.32
CA HIS A 154 18.26 6.57 0.14
C HIS A 154 17.57 7.90 0.42
N MET A 155 16.48 8.16 -0.29
CA MET A 155 15.85 9.48 -0.27
C MET A 155 15.35 9.85 1.11
N PHE A 156 15.14 8.88 1.99
CA PHE A 156 14.54 9.19 3.28
C PHE A 156 15.53 9.26 4.44
N ARG A 157 16.84 9.11 4.19
CA ARG A 157 17.84 9.01 5.25
C ARG A 157 17.93 10.27 6.10
N ASP A 158 16.95 10.49 6.97
CA ASP A 158 16.46 11.84 7.28
C ASP A 158 16.52 12.75 6.04
N SER A 159 15.34 13.18 5.61
CA SER A 159 14.10 13.72 5.05
C SER A 159 13.10 14.03 6.18
N PRO A 160 12.52 15.23 6.18
CA PRO A 160 11.51 15.54 7.20
C PRO A 160 10.38 14.53 7.25
N ILE A 161 10.03 13.91 6.12
CA ILE A 161 8.88 13.01 6.07
C ILE A 161 9.09 11.85 7.04
N LYS A 162 10.29 11.28 7.05
CA LYS A 162 10.55 10.15 7.95
C LYS A 162 10.30 10.55 9.39
N ALA A 163 10.84 11.70 9.80
CA ALA A 163 10.64 12.18 11.17
C ALA A 163 9.16 12.29 11.52
N ALA A 164 8.34 12.85 10.62
CA ALA A 164 6.92 12.98 10.94
C ALA A 164 6.22 11.62 10.92
N LEU A 165 6.60 10.73 10.01
CA LEU A 165 5.88 9.46 9.91
C LEU A 165 6.28 8.51 11.04
N CYS A 166 7.48 8.63 11.58
CA CYS A 166 7.91 7.70 12.61
C CYS A 166 7.57 8.17 14.01
N THR A 167 7.35 9.48 14.22
CA THR A 167 7.04 9.95 15.57
C THR A 167 5.57 10.27 15.82
N THR A 168 4.70 10.28 14.81
CA THR A 168 3.33 10.73 15.04
C THR A 168 2.47 9.69 15.74
N SER A 169 2.39 8.49 15.18
CA SER A 169 1.53 7.42 15.71
C SER A 169 1.99 6.11 15.11
N PRO A 170 1.64 4.97 15.73
CA PRO A 170 1.92 3.69 15.07
C PRO A 170 1.28 3.61 13.70
N GLU A 171 0.11 4.24 13.55
CA GLU A 171 -0.55 4.43 12.26
C GLU A 171 0.39 4.93 11.17
N GLN A 172 0.92 6.15 11.36
CA GLN A 172 1.80 6.75 10.36
C GLN A 172 3.04 5.90 10.16
N TYR A 173 3.57 5.36 11.25
CA TYR A 173 4.84 4.64 11.18
C TYR A 173 4.72 3.38 10.32
N PHE A 174 3.70 2.55 10.57
CA PHE A 174 3.56 1.32 9.80
C PHE A 174 3.28 1.61 8.33
N ARG A 175 2.63 2.74 8.05
CA ARG A 175 2.41 3.15 6.67
C ARG A 175 3.74 3.41 5.94
N PHE A 176 4.70 4.06 6.62
CA PHE A 176 6.03 4.22 6.06
C PHE A 176 6.72 2.86 5.85
N ARG A 177 6.51 1.94 6.78
CA ARG A 177 7.25 0.68 6.75
C ARG A 177 6.77 -0.30 5.68
N VAL A 178 5.54 -0.13 5.13
CA VAL A 178 5.12 -0.98 4.02
C VAL A 178 6.18 -1.03 2.93
N THR A 179 6.77 0.12 2.61
CA THR A 179 7.88 0.19 1.69
C THR A 179 9.22 0.04 2.42
N ASP A 180 9.42 0.77 3.52
CA ASP A 180 10.76 0.90 4.08
C ASP A 180 11.30 -0.40 4.67
N ILE A 181 10.45 -1.28 5.23
CA ILE A 181 11.00 -2.57 5.67
C ILE A 181 11.13 -3.54 4.51
N GLY A 182 10.86 -3.11 3.27
CA GLY A 182 11.14 -3.94 2.12
C GLY A 182 10.13 -5.01 1.80
N VAL A 183 9.00 -5.07 2.53
CA VAL A 183 8.07 -6.17 2.31
C VAL A 183 7.27 -6.02 1.01
N ASP A 184 6.95 -4.78 0.58
CA ASP A 184 6.33 -4.66 -0.73
C ASP A 184 7.26 -5.21 -1.81
N PHE A 185 8.54 -4.82 -1.74
CA PHE A 185 9.57 -5.36 -2.61
C PHE A 185 9.59 -6.89 -2.54
N TRP A 186 9.59 -7.43 -1.33
CA TRP A 186 9.63 -8.87 -1.13
C TRP A 186 8.49 -9.59 -1.84
N MET A 187 7.25 -9.09 -1.69
CA MET A 187 6.12 -9.75 -2.34
C MET A 187 6.27 -9.73 -3.85
N LYS A 188 6.65 -8.58 -4.41
CA LYS A 188 6.73 -8.40 -5.85
C LYS A 188 7.92 -9.12 -6.47
N MET A 189 8.91 -9.53 -5.68
CA MET A 189 9.92 -10.42 -6.24
C MET A 189 9.71 -11.89 -5.89
N SER A 190 8.80 -12.18 -4.97
CA SER A 190 8.57 -13.55 -4.51
C SER A 190 7.42 -14.25 -5.22
N TYR A 191 6.44 -13.53 -5.77
CA TYR A 191 5.32 -14.25 -6.36
C TYR A 191 5.73 -15.21 -7.49
N PRO A 192 6.78 -14.96 -8.30
CA PRO A 192 7.15 -15.99 -9.29
C PRO A 192 7.64 -17.29 -8.66
N ILE A 193 8.07 -17.26 -7.38
CA ILE A 193 8.44 -18.50 -6.71
C ILE A 193 7.28 -19.48 -6.71
N TYR A 194 6.06 -18.95 -6.61
CA TYR A 194 4.88 -19.77 -6.34
C TYR A 194 3.99 -19.98 -7.57
N ARG A 195 3.95 -19.04 -8.51
CA ARG A 195 2.99 -19.07 -9.62
C ARG A 195 1.58 -19.40 -9.14
N HIS A 196 1.14 -18.73 -8.10
CA HIS A 196 -0.23 -18.89 -7.63
C HIS A 196 -1.00 -17.63 -7.98
N PRO A 197 -1.96 -17.70 -8.90
CA PRO A 197 -2.58 -16.47 -9.42
C PRO A 197 -3.09 -15.52 -8.36
N GLU A 198 -3.74 -16.04 -7.31
CA GLU A 198 -4.25 -15.16 -6.28
C GLU A 198 -3.10 -14.43 -5.57
N PHE A 199 -2.08 -15.17 -5.16
CA PHE A 199 -0.94 -14.54 -4.51
C PHE A 199 -0.34 -13.45 -5.41
N THR A 200 -0.24 -13.73 -6.70
CA THR A 200 0.36 -12.78 -7.62
C THR A 200 -0.40 -11.46 -7.65
N GLU A 201 -1.74 -11.50 -7.70
CA GLU A 201 -2.50 -10.25 -7.66
C GLU A 201 -2.33 -9.53 -6.31
N HIS A 202 -2.39 -10.26 -5.20
CA HIS A 202 -2.22 -9.61 -3.90
C HIS A 202 -0.84 -8.97 -3.77
N ALA A 203 0.18 -9.61 -4.38
CA ALA A 203 1.50 -9.01 -4.42
C ALA A 203 1.50 -7.73 -5.24
N LYS A 204 0.85 -7.74 -6.40
CA LYS A 204 0.93 -6.59 -7.29
C LYS A 204 0.06 -5.42 -6.83
N THR A 205 -1.01 -5.67 -6.08
CA THR A 205 -1.79 -4.60 -5.46
C THR A 205 -1.17 -4.07 -4.17
N SER A 206 -0.15 -4.76 -3.63
CA SER A 206 0.48 -4.48 -2.35
C SER A 206 -0.42 -4.82 -1.16
N LEU A 207 -1.61 -5.39 -1.39
CA LEU A 207 -2.38 -5.89 -0.25
C LEU A 207 -1.57 -6.94 0.53
N ALA A 208 -0.85 -7.82 -0.17
CA ALA A 208 0.02 -8.80 0.50
C ALA A 208 0.98 -8.10 1.46
N ALA A 209 1.63 -7.05 0.99
CA ALA A 209 2.55 -6.33 1.86
C ALA A 209 1.80 -5.63 2.99
N ARG A 210 0.66 -5.02 2.70
CA ARG A 210 -0.06 -4.31 3.75
C ARG A 210 -0.52 -5.26 4.84
N MET A 211 -0.79 -6.52 4.49
CA MET A 211 -1.25 -7.50 5.48
C MET A 211 -0.12 -7.97 6.41
N THR A 212 1.13 -7.93 5.96
CA THR A 212 2.24 -8.54 6.69
C THR A 212 3.19 -7.53 7.31
N THR A 213 2.98 -6.23 7.04
CA THR A 213 3.91 -5.21 7.49
C THR A 213 4.05 -5.17 9.01
N ARG A 214 2.94 -5.17 9.74
CA ARG A 214 3.05 -5.01 11.19
C ARG A 214 3.73 -6.21 11.83
N GLY A 215 3.38 -7.42 11.39
CA GLY A 215 3.98 -8.61 11.97
C GLY A 215 5.48 -8.63 11.78
N LEU A 216 5.95 -8.26 10.58
CA LEU A 216 7.39 -8.21 10.34
C LEU A 216 8.02 -7.07 11.12
N THR A 217 7.40 -5.90 11.12
CA THR A 217 8.04 -4.71 11.64
C THR A 217 8.14 -4.73 13.15
N ILE A 218 7.08 -5.16 13.84
CA ILE A 218 7.10 -5.16 15.30
C ILE A 218 8.22 -6.06 15.81
N VAL A 219 8.36 -7.22 15.17
CA VAL A 219 9.43 -8.15 15.55
C VAL A 219 10.79 -7.56 15.24
N ASN A 220 10.97 -7.03 14.02
CA ASN A 220 12.26 -6.46 13.67
C ASN A 220 12.61 -5.32 14.62
N ASP A 221 11.64 -4.43 14.89
CA ASP A 221 11.88 -3.27 15.74
C ASP A 221 12.27 -3.67 17.16
N PHE A 222 11.62 -4.69 17.72
CA PHE A 222 11.99 -5.05 19.09
C PHE A 222 13.45 -5.46 19.17
N TYR A 223 13.89 -6.32 18.27
CA TYR A 223 15.22 -6.89 18.37
C TYR A 223 16.32 -6.05 17.73
N SER A 224 15.98 -5.03 16.93
CA SER A 224 16.98 -4.13 16.39
C SER A 224 17.00 -2.79 17.10
N TYR A 225 16.16 -2.62 18.14
CA TYR A 225 16.05 -1.34 18.84
C TYR A 225 17.40 -0.85 19.34
N ASP A 226 18.15 -1.73 20.03
CA ASP A 226 19.37 -1.29 20.68
C ASP A 226 20.39 -0.79 19.66
N ARG A 227 20.56 -1.53 18.55
CA ARG A 227 21.45 -1.08 17.49
C ARG A 227 20.96 0.22 16.87
N GLU A 228 19.65 0.32 16.64
CA GLU A 228 19.16 1.48 15.90
C GLU A 228 19.28 2.75 16.73
N VAL A 229 18.94 2.68 18.02
CA VAL A 229 19.23 3.78 18.94
C VAL A 229 20.68 4.21 18.82
N SER A 230 21.62 3.30 19.05
CA SER A 230 23.02 3.72 19.12
C SER A 230 23.62 3.92 17.72
N LEU A 231 22.78 4.04 16.69
CA LEU A 231 23.20 4.42 15.36
C LEU A 231 22.50 5.68 14.84
N GLY A 232 21.48 6.17 15.56
CA GLY A 232 20.77 7.37 15.16
C GLY A 232 19.54 7.15 14.32
N GLN A 233 19.08 5.90 14.17
CA GLN A 233 18.00 5.56 13.25
C GLN A 233 16.63 5.63 13.95
N ILE A 234 15.78 6.56 13.52
CA ILE A 234 14.50 6.76 14.20
C ILE A 234 13.44 5.77 13.77
N THR A 235 13.72 4.92 12.79
CA THR A 235 12.67 4.07 12.20
C THR A 235 12.47 2.84 13.07
N ASN A 236 11.70 3.00 14.14
CA ASN A 236 11.50 1.94 15.13
C ASN A 236 10.29 2.28 15.99
N CYS A 237 9.25 1.45 15.95
CA CYS A 237 8.02 1.81 16.65
C CYS A 237 8.18 1.86 18.16
N PHE A 238 9.17 1.17 18.74
CA PHE A 238 9.31 1.25 20.19
C PHE A 238 9.84 2.60 20.65
N ARG A 239 10.35 3.43 19.73
CA ARG A 239 10.60 4.83 20.06
C ARG A 239 9.31 5.60 20.32
N LEU A 240 8.16 5.05 19.95
CA LEU A 240 6.88 5.71 20.18
C LEU A 240 6.40 5.55 21.62
N CYS A 241 7.07 4.74 22.42
CA CYS A 241 6.66 4.50 23.80
C CYS A 241 7.85 4.77 24.69
N ASP A 242 7.57 4.99 25.96
CA ASP A 242 8.62 5.17 26.97
C ASP A 242 9.13 3.80 27.42
N VAL A 243 10.22 3.34 26.82
CA VAL A 243 10.71 2.00 27.16
C VAL A 243 11.34 1.95 28.55
N SER A 244 11.91 3.05 29.03
CA SER A 244 12.49 3.11 30.37
C SER A 244 11.45 3.01 31.48
N ASP A 245 10.17 2.94 31.13
CA ASP A 245 9.05 2.87 32.06
C ASP A 245 8.44 1.51 31.85
N GLU A 246 8.54 0.64 32.86
CA GLU A 246 8.14 -0.75 32.65
C GLU A 246 6.65 -0.85 32.38
N THR A 247 5.84 -0.05 33.07
CA THR A 247 4.40 -0.16 32.88
C THR A 247 3.97 0.34 31.52
N ALA A 248 4.52 1.48 31.08
CA ALA A 248 4.17 1.97 29.75
C ALA A 248 4.67 1.03 28.66
N PHE A 249 5.82 0.37 28.89
CA PHE A 249 6.33 -0.55 27.88
C PHE A 249 5.34 -1.70 27.66
N LYS A 250 4.87 -2.32 28.74
CA LYS A 250 4.00 -3.49 28.61
C LYS A 250 2.69 -3.13 27.92
N GLU A 251 2.12 -1.98 28.25
CA GLU A 251 0.91 -1.55 27.56
C GLU A 251 1.15 -1.42 26.07
N PHE A 252 2.28 -0.83 25.70
CA PHE A 252 2.58 -0.62 24.28
C PHE A 252 2.86 -1.95 23.59
N PHE A 253 3.70 -2.78 24.20
CA PHE A 253 3.99 -4.09 23.62
C PHE A 253 2.73 -4.90 23.43
N GLN A 254 1.80 -4.80 24.39
CA GLN A 254 0.54 -5.53 24.25
C GLN A 254 -0.28 -5.02 23.07
N ALA A 255 -0.36 -3.71 22.88
CA ALA A 255 -1.13 -3.19 21.74
C ALA A 255 -0.51 -3.69 20.44
N ARG A 256 0.82 -3.83 20.41
CA ARG A 256 1.48 -4.31 19.20
C ARG A 256 1.20 -5.79 18.97
N LEU A 257 1.17 -6.60 20.05
CA LEU A 257 0.71 -7.98 19.91
C LEU A 257 -0.72 -8.03 19.36
N ASP A 258 -1.61 -7.18 19.89
CA ASP A 258 -2.98 -7.12 19.38
C ASP A 258 -3.01 -6.91 17.87
N ASP A 259 -2.19 -5.97 17.38
CA ASP A 259 -2.14 -5.70 15.94
C ASP A 259 -1.71 -6.95 15.16
N MET A 260 -0.65 -7.63 15.64
CA MET A 260 -0.18 -8.82 14.95
C MET A 260 -1.27 -9.89 14.89
N ILE A 261 -1.95 -10.10 16.01
CA ILE A 261 -3.01 -11.11 16.07
C ILE A 261 -4.11 -10.77 15.08
N GLU A 262 -4.54 -9.51 15.06
CA GLU A 262 -5.64 -9.15 14.20
C GLU A 262 -5.26 -9.31 12.73
N ASP A 263 -4.04 -8.92 12.35
CA ASP A 263 -3.58 -9.19 10.99
C ASP A 263 -3.58 -10.70 10.70
N ILE A 264 -3.08 -11.50 11.63
CA ILE A 264 -3.00 -12.95 11.38
C ILE A 264 -4.40 -13.54 11.23
N GLU A 265 -5.34 -13.14 12.10
CA GLU A 265 -6.70 -13.66 11.99
C GLU A 265 -7.34 -13.28 10.64
N CYS A 266 -7.10 -12.05 10.17
CA CYS A 266 -7.63 -11.65 8.86
C CYS A 266 -6.90 -12.37 7.70
N ILE A 267 -5.60 -12.63 7.85
CA ILE A 267 -4.88 -13.35 6.82
C ILE A 267 -5.49 -14.73 6.57
N LYS A 268 -6.12 -15.32 7.58
CA LYS A 268 -6.75 -16.63 7.40
C LYS A 268 -7.91 -16.61 6.41
N ALA A 269 -8.56 -15.45 6.23
CA ALA A 269 -9.57 -15.30 5.20
C ALA A 269 -9.03 -15.50 3.79
N PHE A 270 -7.73 -15.37 3.60
CA PHE A 270 -7.20 -15.51 2.25
C PHE A 270 -7.18 -16.98 1.87
N ASP A 271 -6.94 -17.25 0.59
CA ASP A 271 -6.92 -18.62 0.12
C ASP A 271 -5.80 -19.39 0.83
N GLN A 272 -5.95 -20.71 0.86
CA GLN A 272 -5.05 -21.57 1.61
C GLN A 272 -3.56 -21.34 1.31
N LEU A 273 -3.20 -21.21 0.05
CA LEU A 273 -1.78 -21.10 -0.30
C LEU A 273 -1.23 -19.72 0.04
N THR A 274 -1.96 -18.68 -0.35
CA THR A 274 -1.54 -17.33 -0.01
C THR A 274 -1.41 -17.15 1.49
N GLN A 275 -2.36 -17.70 2.23
CA GLN A 275 -2.35 -17.61 3.67
C GLN A 275 -1.11 -18.31 4.25
N ASP A 276 -0.70 -19.44 3.67
CA ASP A 276 0.54 -20.09 4.11
C ASP A 276 1.75 -19.17 3.91
N VAL A 277 1.87 -18.58 2.72
CA VAL A 277 3.01 -17.70 2.42
C VAL A 277 3.06 -16.50 3.36
N PHE A 278 1.91 -15.85 3.59
CA PHE A 278 1.88 -14.71 4.51
C PHE A 278 2.35 -15.12 5.91
N LEU A 279 1.82 -16.23 6.42
CA LEU A 279 2.08 -16.61 7.80
C LEU A 279 3.50 -17.16 7.98
N ASP A 280 3.98 -17.98 7.04
CA ASP A 280 5.39 -18.39 7.06
C ASP A 280 6.29 -17.18 7.03
N LEU A 281 5.88 -16.13 6.30
CA LEU A 281 6.69 -14.94 6.23
C LEU A 281 6.86 -14.29 7.60
N ILE A 282 5.74 -14.05 8.30
CA ILE A 282 5.81 -13.37 9.59
C ILE A 282 6.50 -14.25 10.64
N TYR A 283 6.10 -15.51 10.69
CA TYR A 283 6.64 -16.41 11.70
C TYR A 283 8.10 -16.77 11.39
N GLY A 284 8.41 -17.01 10.13
CA GLY A 284 9.79 -17.26 9.74
C GLY A 284 10.70 -16.09 10.05
N ASN A 285 10.22 -14.86 9.83
CA ASN A 285 11.04 -13.70 10.17
C ASN A 285 11.36 -13.68 11.66
N PHE A 286 10.40 -14.09 12.48
CA PHE A 286 10.64 -14.13 13.92
C PHE A 286 11.69 -15.20 14.27
N VAL A 287 11.55 -16.38 13.67
CA VAL A 287 12.52 -17.45 13.96
C VAL A 287 13.93 -17.01 13.56
N TRP A 288 14.06 -16.44 12.36
CA TRP A 288 15.36 -15.98 11.88
C TRP A 288 15.91 -14.84 12.73
N THR A 289 15.06 -13.84 13.05
CA THR A 289 15.50 -12.71 13.86
C THR A 289 16.06 -13.16 15.22
N THR A 290 15.44 -14.16 15.84
CA THR A 290 15.92 -14.63 17.14
C THR A 290 17.14 -15.54 17.04
N SER A 291 17.40 -16.15 15.88
CA SER A 291 18.63 -16.91 15.62
C SER A 291 19.84 -16.00 15.46
N ASN A 292 19.64 -14.85 14.83
CA ASN A 292 20.64 -14.11 14.08
C ASN A 292 21.42 -13.14 14.96
N LYS A 293 22.75 -13.22 14.88
CA LYS A 293 23.64 -12.31 15.60
C LYS A 293 23.42 -10.86 15.22
N ARG A 294 22.88 -10.62 14.04
CA ARG A 294 22.51 -9.27 13.64
C ARG A 294 21.58 -8.63 14.66
N TYR A 295 20.82 -9.43 15.39
CA TYR A 295 19.83 -8.89 16.32
C TYR A 295 20.17 -9.20 17.77
N LYS A 296 21.46 -9.19 18.13
CA LYS A 296 21.91 -9.49 19.48
C LYS A 296 22.68 -8.33 20.12
N THR A 297 23.71 -7.78 19.49
CA THR A 297 24.37 -6.61 20.07
C THR A 297 24.22 -5.37 19.18
N ALA A 298 24.56 -4.21 19.77
CA ALA A 298 24.19 -2.92 19.18
C ALA A 298 25.27 -2.42 18.22
N VAL A 299 26.39 -3.15 18.13
CA VAL A 299 27.29 -3.13 16.97
C VAL A 299 28.10 -4.41 17.04
N ASN A 300 27.99 -5.24 16.00
CA ASN A 300 28.82 -6.43 15.85
C ASN A 300 29.22 -6.53 14.38
N ASP A 301 30.03 -7.55 14.07
CA ASP A 301 30.63 -7.63 12.74
C ASP A 301 29.64 -7.98 11.63
N VAL A 302 28.38 -8.33 11.93
CA VAL A 302 27.38 -8.53 10.89
C VAL A 302 26.20 -7.56 10.98
N ASN A 303 26.33 -6.44 11.69
CA ASN A 303 25.29 -5.42 11.60
C ASN A 303 25.80 -3.99 11.75
N SER A 304 27.11 -3.77 11.83
CA SER A 304 27.61 -2.42 12.02
C SER A 304 27.42 -1.61 10.75
N ARG A 305 28.00 -0.42 10.73
CA ARG A 305 27.82 0.44 9.57
C ARG A 305 28.87 0.13 8.52
N ILE A 306 28.41 -0.10 7.29
CA ILE A 306 29.29 -0.26 6.14
C ILE A 306 29.75 1.16 5.77
N GLN A 307 30.96 1.53 6.17
CA GLN A 307 31.36 2.94 6.08
C GLN A 307 31.92 3.32 4.71
N GLY B 9 -33.91 -10.80 7.80
CA GLY B 9 -35.34 -10.80 8.10
C GLY B 9 -36.01 -9.54 7.60
N ALA B 10 -36.95 -8.99 8.38
CA ALA B 10 -37.37 -7.61 8.18
C ALA B 10 -36.19 -6.65 8.31
N GLN B 11 -36.41 -5.35 8.28
CA GLN B 11 -35.27 -4.48 7.96
C GLN B 11 -34.96 -3.48 9.06
N ASP B 12 -33.67 -3.34 9.36
CA ASP B 12 -33.16 -2.29 10.24
C ASP B 12 -33.06 -0.99 9.45
N ILE B 13 -34.25 -0.44 9.15
CA ILE B 13 -34.33 0.84 8.44
C ILE B 13 -33.55 1.91 9.19
N GLY B 14 -33.62 1.90 10.52
CA GLY B 14 -32.93 2.93 11.29
C GLY B 14 -31.44 2.97 11.03
N ARG B 15 -30.83 1.83 10.75
CA ARG B 15 -29.41 1.75 10.46
C ARG B 15 -29.11 1.86 8.96
N SER B 16 -30.11 2.12 8.12
CA SER B 16 -29.90 2.10 6.68
C SER B 16 -29.59 3.47 6.07
N SER B 17 -29.37 4.50 6.88
CA SER B 17 -29.28 5.84 6.31
C SER B 17 -28.54 6.80 7.23
N VAL B 18 -27.57 7.52 6.66
CA VAL B 18 -26.91 8.59 7.39
C VAL B 18 -27.60 9.93 7.17
N ARG B 19 -28.77 9.93 6.52
CA ARG B 19 -29.54 11.16 6.31
C ARG B 19 -29.68 12.03 7.55
N PRO B 20 -30.00 11.50 8.74
CA PRO B 20 -30.12 12.37 9.92
C PRO B 20 -28.86 13.17 10.25
N TYR B 21 -27.70 12.79 9.72
CA TYR B 21 -26.44 13.43 10.06
C TYR B 21 -25.88 14.27 8.93
N LEU B 22 -26.63 14.40 7.85
CA LEU B 22 -26.11 14.96 6.60
C LEU B 22 -25.57 16.37 6.79
N GLU B 23 -26.40 17.26 7.31
CA GLU B 23 -25.98 18.66 7.41
C GLU B 23 -24.84 18.83 8.41
N GLU B 24 -24.95 18.19 9.58
CA GLU B 24 -23.93 18.35 10.61
C GLU B 24 -22.58 17.80 10.15
N CYS B 25 -22.56 16.61 9.53
CA CYS B 25 -21.30 16.05 9.08
C CYS B 25 -20.68 16.85 7.94
N THR B 26 -21.52 17.31 7.00
CA THR B 26 -21.00 18.17 5.94
C THR B 26 -20.33 19.40 6.52
N ARG B 27 -21.02 20.07 7.44
CA ARG B 27 -20.47 21.22 8.14
C ARG B 27 -19.14 20.88 8.80
N ARG B 28 -19.07 19.73 9.47
CA ARG B 28 -17.88 19.40 10.24
C ARG B 28 -16.70 19.06 9.31
N PHE B 29 -16.96 18.30 8.24
CA PHE B 29 -15.94 18.09 7.20
C PHE B 29 -15.37 19.43 6.73
N GLN B 30 -16.25 20.35 6.33
CA GLN B 30 -15.76 21.62 5.80
C GLN B 30 -14.97 22.38 6.85
N GLU B 31 -15.44 22.39 8.10
CA GLU B 31 -14.70 23.06 9.17
C GLU B 31 -13.31 22.48 9.29
N MET B 32 -13.21 21.16 9.18
CA MET B 32 -11.92 20.49 9.28
C MET B 32 -11.00 20.95 8.16
N PHE B 33 -11.48 20.90 6.91
CA PHE B 33 -10.67 21.35 5.79
C PHE B 33 -10.26 22.81 5.93
N ASP B 34 -11.13 23.65 6.51
CA ASP B 34 -10.80 25.06 6.66
C ASP B 34 -9.72 25.28 7.70
N ARG B 35 -9.74 24.47 8.77
CA ARG B 35 -8.69 24.54 9.77
C ARG B 35 -7.36 23.99 9.26
N HIS B 36 -7.38 22.82 8.59
CA HIS B 36 -6.16 22.06 8.36
C HIS B 36 -5.65 22.06 6.92
N VAL B 37 -6.50 22.29 5.92
CA VAL B 37 -6.05 22.44 4.54
C VAL B 37 -6.03 23.90 4.10
N VAL B 38 -7.03 24.67 4.52
CA VAL B 38 -7.09 26.12 4.40
C VAL B 38 -7.38 26.53 2.95
N THR B 39 -6.51 26.14 2.01
CA THR B 39 -6.67 26.57 0.63
C THR B 39 -7.64 25.66 -0.11
N ARG B 40 -8.53 26.30 -0.88
CA ARG B 40 -9.62 25.63 -1.56
C ARG B 40 -9.09 24.76 -2.69
N PRO B 41 -9.80 23.70 -3.07
CA PRO B 41 -9.42 22.98 -4.28
C PRO B 41 -9.86 23.72 -5.55
N THR B 42 -9.11 23.48 -6.61
CA THR B 42 -9.31 24.11 -7.90
C THR B 42 -10.16 23.20 -8.79
N LYS B 43 -10.70 23.75 -9.88
CA LYS B 43 -11.33 22.94 -10.90
C LYS B 43 -10.71 23.24 -12.26
N VAL B 44 -10.04 22.24 -12.84
CA VAL B 44 -9.60 22.32 -14.23
C VAL B 44 -10.81 22.47 -15.13
N GLU B 45 -10.87 23.56 -15.89
CA GLU B 45 -11.98 23.78 -16.82
C GLU B 45 -11.56 23.37 -18.23
N LEU B 46 -12.04 22.22 -18.68
CA LEU B 46 -11.61 21.67 -19.96
C LEU B 46 -12.29 22.36 -21.15
N THR B 47 -11.48 22.67 -22.16
CA THR B 47 -12.02 23.03 -23.45
C THR B 47 -12.89 21.89 -23.98
N ASP B 48 -13.95 22.27 -24.72
CA ASP B 48 -14.75 21.25 -25.38
C ASP B 48 -13.87 20.35 -26.26
N ALA B 49 -12.69 20.85 -26.64
CA ALA B 49 -11.78 20.08 -27.50
C ALA B 49 -11.09 18.97 -26.71
N GLU B 50 -10.71 19.23 -25.45
CA GLU B 50 -10.13 18.18 -24.61
C GLU B 50 -11.21 17.24 -24.10
N LEU B 51 -12.34 17.81 -23.65
CA LEU B 51 -13.42 17.00 -23.12
C LEU B 51 -13.98 16.07 -24.18
N ARG B 52 -14.06 16.54 -25.45
CA ARG B 52 -14.50 15.66 -26.52
C ARG B 52 -13.45 14.60 -26.81
N GLU B 53 -12.16 14.96 -26.70
CA GLU B 53 -11.13 13.93 -26.75
C GLU B 53 -11.32 12.89 -25.67
N VAL B 54 -11.85 13.31 -24.51
CA VAL B 54 -11.95 12.39 -23.37
C VAL B 54 -13.19 11.51 -23.50
N ILE B 55 -14.34 12.12 -23.82
CA ILE B 55 -15.59 11.36 -23.83
C ILE B 55 -15.63 10.42 -25.02
N ASP B 56 -15.01 10.79 -26.14
CA ASP B 56 -14.87 9.83 -27.23
C ASP B 56 -14.08 8.59 -26.78
N ASP B 57 -12.97 8.78 -26.07
CA ASP B 57 -12.20 7.64 -25.59
C ASP B 57 -12.99 6.80 -24.60
N CYS B 58 -13.70 7.45 -23.67
CA CYS B 58 -14.56 6.71 -22.76
C CYS B 58 -15.55 5.83 -23.51
N ASN B 59 -16.27 6.42 -24.47
CA ASN B 59 -17.23 5.65 -25.23
C ASN B 59 -16.55 4.54 -26.02
N ALA B 60 -15.38 4.83 -26.59
CA ALA B 60 -14.68 3.80 -27.35
C ALA B 60 -14.22 2.67 -26.45
N ALA B 61 -13.93 2.97 -25.19
CA ALA B 61 -13.32 1.97 -24.32
C ALA B 61 -14.37 1.00 -23.77
N VAL B 62 -15.57 1.47 -23.50
CA VAL B 62 -16.59 0.60 -22.92
C VAL B 62 -17.57 0.08 -23.96
N ALA B 63 -17.49 0.56 -25.20
CA ALA B 63 -18.25 -0.03 -26.30
C ALA B 63 -18.11 -1.55 -26.39
N PRO B 64 -16.90 -2.15 -26.34
CA PRO B 64 -16.83 -3.62 -26.39
C PRO B 64 -17.61 -4.30 -25.28
N LEU B 65 -17.82 -3.63 -24.14
CA LEU B 65 -18.56 -4.26 -23.05
C LEU B 65 -20.07 -4.13 -23.20
N GLY B 66 -20.53 -3.56 -24.32
CA GLY B 66 -21.93 -3.55 -24.70
C GLY B 66 -22.69 -2.26 -24.40
N LYS B 67 -22.54 -1.71 -23.21
CA LYS B 67 -23.53 -0.82 -22.63
C LYS B 67 -23.25 0.64 -23.00
N THR B 68 -24.35 1.40 -23.17
CA THR B 68 -24.27 2.82 -23.47
C THR B 68 -24.24 3.63 -22.18
N VAL B 69 -23.37 4.64 -22.14
CA VAL B 69 -23.25 5.52 -21.00
C VAL B 69 -23.59 6.93 -21.46
N SER B 70 -24.53 7.59 -20.77
CA SER B 70 -24.94 8.93 -21.13
C SER B 70 -23.85 9.94 -20.79
N ASP B 71 -23.86 11.08 -21.51
CA ASP B 71 -22.91 12.14 -21.18
C ASP B 71 -23.13 12.64 -19.75
N GLU B 72 -24.38 12.70 -19.28
CA GLU B 72 -24.61 13.10 -17.89
C GLU B 72 -23.86 12.16 -16.95
N ARG B 73 -23.90 10.85 -17.23
CA ARG B 73 -23.22 9.90 -16.36
C ARG B 73 -21.71 10.07 -16.43
N TRP B 74 -21.16 10.17 -17.66
CA TRP B 74 -19.74 10.46 -17.80
C TRP B 74 -19.34 11.70 -17.01
N ILE B 75 -20.18 12.75 -17.06
CA ILE B 75 -19.84 13.96 -16.33
C ILE B 75 -19.82 13.71 -14.83
N SER B 76 -20.74 12.87 -14.33
CA SER B 76 -20.75 12.57 -12.90
C SER B 76 -19.58 11.67 -12.49
N TYR B 77 -18.92 11.04 -13.46
CA TYR B 77 -17.66 10.35 -13.17
C TYR B 77 -16.48 11.30 -13.26
N VAL B 78 -16.45 12.15 -14.29
CA VAL B 78 -15.22 12.87 -14.62
C VAL B 78 -14.93 13.98 -13.63
N GLY B 79 -15.97 14.51 -12.95
CA GLY B 79 -15.77 15.65 -12.08
C GLY B 79 -14.71 15.45 -11.00
N VAL B 80 -14.54 14.21 -10.53
CA VAL B 80 -13.53 13.98 -9.50
C VAL B 80 -12.15 14.35 -10.02
N VAL B 81 -11.88 14.07 -11.29
CA VAL B 81 -10.58 14.43 -11.86
C VAL B 81 -10.49 15.95 -12.01
N LEU B 82 -11.57 16.59 -12.46
CA LEU B 82 -11.55 18.03 -12.68
C LEU B 82 -11.34 18.81 -11.38
N TRP B 83 -11.86 18.30 -10.25
CA TRP B 83 -11.74 18.99 -8.98
C TRP B 83 -10.54 18.57 -8.13
N SER B 84 -10.04 17.36 -8.29
CA SER B 84 -9.12 16.82 -7.29
C SER B 84 -7.70 16.64 -7.80
N GLN B 85 -7.38 17.16 -8.96
CA GLN B 85 -5.98 17.31 -9.36
C GLN B 85 -5.51 18.68 -8.83
N SER B 86 -4.30 19.10 -9.17
CA SER B 86 -3.77 20.37 -8.67
C SER B 86 -3.35 21.21 -9.87
N PRO B 87 -4.28 22.03 -10.40
CA PRO B 87 -3.99 22.77 -11.65
C PRO B 87 -2.77 23.67 -11.59
N ARG B 88 -2.45 24.24 -10.43
CA ARG B 88 -1.34 25.16 -10.42
C ARG B 88 -0.01 24.46 -10.71
N HIS B 89 0.05 23.15 -10.55
CA HIS B 89 1.26 22.37 -10.77
C HIS B 89 1.22 21.55 -12.05
N ILE B 90 0.18 21.69 -12.86
CA ILE B 90 0.03 20.80 -14.02
C ILE B 90 1.02 21.19 -15.11
N LYS B 91 1.87 20.24 -15.50
CA LYS B 91 2.81 20.41 -16.60
C LYS B 91 2.44 19.63 -17.84
N ASP B 92 1.59 18.62 -17.75
CA ASP B 92 1.32 17.72 -18.87
C ASP B 92 -0.19 17.51 -18.98
N MET B 93 -0.83 18.20 -19.94
CA MET B 93 -2.28 18.12 -20.08
C MET B 93 -2.76 16.86 -20.79
N GLU B 94 -1.90 16.20 -21.60
CA GLU B 94 -2.34 14.96 -22.20
C GLU B 94 -2.35 13.81 -21.18
N ALA B 95 -1.47 13.87 -20.17
CA ALA B 95 -1.59 12.93 -19.07
C ALA B 95 -2.87 13.18 -18.28
N PHE B 96 -3.22 14.46 -18.11
CA PHE B 96 -4.45 14.79 -17.40
C PHE B 96 -5.66 14.19 -18.10
N LYS B 97 -5.70 14.25 -19.44
CA LYS B 97 -6.81 13.67 -20.17
C LYS B 97 -6.84 12.16 -20.06
N ALA B 98 -5.67 11.51 -20.07
CA ALA B 98 -5.61 10.07 -19.80
C ALA B 98 -6.30 9.74 -18.48
N VAL B 99 -6.02 10.53 -17.43
CA VAL B 99 -6.60 10.24 -16.13
C VAL B 99 -8.11 10.46 -16.16
N CYS B 100 -8.58 11.48 -16.90
CA CYS B 100 -10.03 11.62 -17.10
C CYS B 100 -10.63 10.36 -17.68
N VAL B 101 -10.02 9.83 -18.74
CA VAL B 101 -10.59 8.65 -19.39
C VAL B 101 -10.50 7.43 -18.47
N LEU B 102 -9.31 7.19 -17.91
CA LEU B 102 -9.11 5.98 -17.11
C LEU B 102 -9.98 5.97 -15.86
N ASN B 103 -10.03 7.10 -15.14
CA ASN B 103 -10.97 7.25 -14.04
C ASN B 103 -12.39 6.87 -14.47
N CYS B 104 -12.85 7.40 -15.61
CA CYS B 104 -14.26 7.26 -15.98
C CYS B 104 -14.61 5.83 -16.36
N VAL B 105 -13.79 5.19 -17.19
CA VAL B 105 -14.18 3.87 -17.66
C VAL B 105 -14.06 2.84 -16.55
N THR B 106 -13.12 3.01 -15.61
CA THR B 106 -13.07 2.10 -14.47
C THR B 106 -14.16 2.41 -13.45
N PHE B 107 -14.71 3.63 -13.47
CA PHE B 107 -15.91 3.90 -12.69
C PHE B 107 -17.10 3.10 -13.22
N VAL B 108 -17.23 2.99 -14.55
CA VAL B 108 -18.27 2.14 -15.11
C VAL B 108 -18.11 0.71 -14.62
N TRP B 109 -16.88 0.21 -14.67
CA TRP B 109 -16.58 -1.15 -14.20
C TRP B 109 -16.99 -1.35 -12.76
N ASP B 110 -16.75 -0.33 -11.92
CA ASP B 110 -17.18 -0.33 -10.52
C ASP B 110 -18.69 -0.46 -10.38
N ASP B 111 -19.45 0.05 -11.35
CA ASP B 111 -20.91 0.05 -11.29
C ASP B 111 -21.58 -1.10 -12.05
N MET B 112 -20.82 -2.06 -12.57
CA MET B 112 -21.39 -3.17 -13.33
C MET B 112 -21.56 -4.42 -12.48
N ASP B 113 -22.58 -5.21 -12.82
CA ASP B 113 -22.62 -6.60 -12.39
C ASP B 113 -21.41 -7.33 -12.97
N PRO B 114 -20.73 -8.18 -12.18
CA PRO B 114 -19.48 -8.78 -12.65
C PRO B 114 -19.63 -9.70 -13.86
N ALA B 115 -20.85 -10.15 -14.18
CA ALA B 115 -21.07 -10.91 -15.41
C ALA B 115 -20.79 -10.09 -16.65
N LEU B 116 -20.63 -8.77 -16.51
CA LEU B 116 -20.30 -7.87 -17.61
C LEU B 116 -18.80 -7.63 -17.73
N HIS B 117 -18.00 -8.14 -16.79
CA HIS B 117 -16.58 -7.82 -16.70
C HIS B 117 -15.77 -8.70 -17.66
N ASP B 118 -15.87 -8.42 -18.96
CA ASP B 118 -15.14 -9.17 -19.99
C ASP B 118 -13.70 -8.64 -20.00
N PHE B 119 -12.82 -9.28 -19.22
CA PHE B 119 -11.42 -8.89 -19.22
C PHE B 119 -10.83 -8.96 -20.62
N GLY B 120 -11.16 -10.02 -21.35
CA GLY B 120 -10.60 -10.20 -22.68
C GLY B 120 -10.98 -9.09 -23.64
N LEU B 121 -12.11 -8.43 -23.37
CA LEU B 121 -12.56 -7.35 -24.24
C LEU B 121 -12.12 -5.98 -23.72
N PHE B 122 -11.98 -5.85 -22.40
CA PHE B 122 -11.77 -4.52 -21.83
C PHE B 122 -10.30 -4.19 -21.60
N LEU B 123 -9.48 -5.16 -21.19
CA LEU B 123 -8.06 -4.88 -21.04
C LEU B 123 -7.41 -4.33 -22.31
N PRO B 124 -7.68 -4.88 -23.51
CA PRO B 124 -7.11 -4.25 -24.72
C PRO B 124 -7.53 -2.78 -24.91
N GLN B 125 -8.73 -2.39 -24.46
CA GLN B 125 -9.13 -0.98 -24.52
C GLN B 125 -8.33 -0.14 -23.53
N LEU B 126 -8.09 -0.64 -22.32
CA LEU B 126 -7.28 0.12 -21.36
C LEU B 126 -5.86 0.31 -21.88
N ARG B 127 -5.28 -0.74 -22.49
CA ARG B 127 -3.94 -0.65 -23.03
C ARG B 127 -3.88 0.29 -24.23
N LYS B 128 -4.93 0.31 -25.06
CA LYS B 128 -4.98 1.28 -26.15
C LYS B 128 -5.16 2.71 -25.62
N ILE B 129 -5.79 2.86 -24.44
CA ILE B 129 -5.87 4.18 -23.83
C ILE B 129 -4.50 4.64 -23.38
N CYS B 130 -3.82 3.81 -22.59
CA CYS B 130 -2.50 4.18 -22.07
C CYS B 130 -1.49 4.37 -23.20
N GLU B 131 -1.43 3.40 -24.12
CA GLU B 131 -0.45 3.48 -25.21
C GLU B 131 -0.73 4.66 -26.12
N LYS B 132 -1.81 5.42 -25.87
CA LYS B 132 -2.16 6.57 -26.71
C LYS B 132 -1.74 7.90 -26.08
N TYR B 133 -1.82 8.03 -24.75
CA TYR B 133 -1.59 9.33 -24.12
C TYR B 133 -0.32 9.40 -23.29
N TYR B 134 0.31 8.27 -22.98
CA TYR B 134 1.61 8.27 -22.34
C TYR B 134 2.65 7.70 -23.31
N GLY B 135 3.92 7.99 -23.03
CA GLY B 135 5.03 7.29 -23.66
C GLY B 135 5.07 5.83 -23.25
N PRO B 136 6.09 5.09 -23.69
CA PRO B 136 6.11 3.64 -23.37
C PRO B 136 6.21 3.32 -21.88
N GLU B 137 7.15 3.96 -21.16
CA GLU B 137 7.32 3.69 -19.73
C GLU B 137 6.05 3.99 -18.94
N ASP B 138 5.59 5.24 -19.01
CA ASP B 138 4.44 5.67 -18.20
C ASP B 138 3.18 4.90 -18.58
N ALA B 139 3.04 4.53 -19.87
CA ALA B 139 1.92 3.70 -20.26
C ALA B 139 1.97 2.33 -19.59
N GLU B 140 3.17 1.78 -19.42
CA GLU B 140 3.25 0.50 -18.72
C GLU B 140 2.81 0.64 -17.26
N VAL B 141 3.21 1.74 -16.60
CA VAL B 141 2.87 1.94 -15.20
C VAL B 141 1.37 2.18 -15.05
N ALA B 142 0.80 3.05 -15.89
CA ALA B 142 -0.63 3.34 -15.78
C ALA B 142 -1.47 2.13 -16.12
N TYR B 143 -1.10 1.37 -17.16
CA TYR B 143 -1.85 0.17 -17.50
C TYR B 143 -1.80 -0.87 -16.37
N GLU B 144 -0.62 -1.15 -15.82
CA GLU B 144 -0.53 -2.09 -14.70
C GLU B 144 -1.45 -1.69 -13.56
N ALA B 145 -1.47 -0.40 -13.24
CA ALA B 145 -2.34 0.07 -12.15
C ALA B 145 -3.81 -0.10 -12.51
N ALA B 146 -4.19 0.20 -13.78
CA ALA B 146 -5.58 0.04 -14.18
C ALA B 146 -6.00 -1.43 -14.17
N ARG B 147 -5.18 -2.28 -14.79
CA ARG B 147 -5.39 -3.74 -14.71
C ARG B 147 -5.56 -4.19 -13.27
N ALA B 148 -4.64 -3.79 -12.39
CA ALA B 148 -4.70 -4.26 -11.01
C ALA B 148 -5.99 -3.81 -10.34
N PHE B 149 -6.42 -2.57 -10.61
CA PHE B 149 -7.67 -2.10 -10.00
C PHE B 149 -8.87 -2.88 -10.53
N VAL B 150 -9.00 -3.05 -11.85
CA VAL B 150 -10.22 -3.69 -12.34
C VAL B 150 -10.23 -5.17 -11.95
N THR B 151 -9.05 -5.79 -11.85
CA THR B 151 -8.99 -7.16 -11.37
C THR B 151 -9.38 -7.25 -9.90
N SER B 152 -8.90 -6.31 -9.08
CA SER B 152 -9.30 -6.23 -7.68
C SER B 152 -10.82 -6.08 -7.53
N ASP B 153 -11.41 -5.08 -8.19
CA ASP B 153 -12.85 -4.89 -8.04
C ASP B 153 -13.60 -6.15 -8.40
N HIS B 154 -13.17 -6.84 -9.47
CA HIS B 154 -13.83 -8.07 -9.87
C HIS B 154 -13.63 -9.19 -8.86
N MET B 155 -12.38 -9.49 -8.50
CA MET B 155 -12.15 -10.71 -7.74
C MET B 155 -12.67 -10.60 -6.31
N PHE B 156 -12.96 -9.38 -5.83
CA PHE B 156 -13.43 -9.28 -4.44
C PHE B 156 -14.95 -9.21 -4.29
N ARG B 157 -15.74 -9.38 -5.34
CA ARG B 157 -17.19 -9.21 -5.22
C ARG B 157 -17.87 -10.21 -4.26
N ASP B 158 -17.43 -11.47 -4.23
CA ASP B 158 -17.87 -12.33 -3.10
C ASP B 158 -16.68 -13.04 -2.45
N SER B 159 -15.61 -12.28 -2.24
CA SER B 159 -14.48 -12.68 -1.44
C SER B 159 -14.86 -12.68 0.04
N PRO B 160 -14.69 -13.81 0.72
CA PRO B 160 -14.62 -13.74 2.19
C PRO B 160 -13.49 -12.83 2.66
N ILE B 161 -12.48 -12.58 1.82
CA ILE B 161 -11.44 -11.63 2.21
C ILE B 161 -12.06 -10.26 2.41
N LYS B 162 -12.88 -9.84 1.44
CA LYS B 162 -13.51 -8.52 1.58
C LYS B 162 -14.39 -8.47 2.83
N ALA B 163 -15.15 -9.54 3.08
CA ALA B 163 -15.98 -9.59 4.28
C ALA B 163 -15.13 -9.46 5.54
N ALA B 164 -13.97 -10.14 5.59
CA ALA B 164 -13.13 -10.05 6.77
C ALA B 164 -12.54 -8.65 6.92
N LEU B 165 -11.96 -8.08 5.85
CA LEU B 165 -11.32 -6.78 5.99
C LEU B 165 -12.33 -5.66 6.23
N CYS B 166 -13.57 -5.83 5.78
CA CYS B 166 -14.58 -4.78 5.94
C CYS B 166 -15.40 -4.88 7.22
N THR B 167 -15.32 -5.98 7.95
CA THR B 167 -16.12 -6.14 9.14
C THR B 167 -15.29 -6.24 10.41
N THR B 168 -13.97 -6.02 10.34
CA THR B 168 -13.12 -6.30 11.50
C THR B 168 -12.61 -5.07 12.23
N SER B 169 -12.14 -4.05 11.50
CA SER B 169 -11.55 -2.89 12.18
C SER B 169 -11.30 -1.79 11.16
N PRO B 170 -11.26 -0.52 11.59
CA PRO B 170 -10.89 0.55 10.64
C PRO B 170 -9.54 0.30 9.96
N GLU B 171 -8.54 -0.13 10.72
CA GLU B 171 -7.26 -0.60 10.17
C GLU B 171 -7.44 -1.54 8.99
N GLN B 172 -8.09 -2.70 9.20
CA GLN B 172 -8.21 -3.67 8.11
C GLN B 172 -8.96 -3.05 6.93
N TYR B 173 -9.99 -2.27 7.22
CA TYR B 173 -10.82 -1.71 6.16
C TYR B 173 -10.02 -0.77 5.28
N PHE B 174 -9.35 0.21 5.87
CA PHE B 174 -8.61 1.17 5.06
C PHE B 174 -7.46 0.51 4.32
N ARG B 175 -6.90 -0.56 4.90
CA ARG B 175 -5.90 -1.33 4.17
C ARG B 175 -6.47 -1.89 2.87
N PHE B 176 -7.72 -2.38 2.90
CA PHE B 176 -8.36 -2.83 1.67
C PHE B 176 -8.56 -1.67 0.68
N ARG B 177 -8.87 -0.48 1.20
CA ARG B 177 -9.26 0.62 0.33
C ARG B 177 -8.08 1.31 -0.34
N VAL B 178 -6.85 1.09 0.12
CA VAL B 178 -5.71 1.66 -0.60
C VAL B 178 -5.78 1.31 -2.08
N THR B 179 -6.18 0.07 -2.39
CA THR B 179 -6.40 -0.38 -3.75
C THR B 179 -7.85 -0.19 -4.18
N ASP B 180 -8.79 -0.63 -3.36
CA ASP B 180 -10.17 -0.71 -3.82
C ASP B 180 -10.78 0.66 -4.08
N ILE B 181 -10.42 1.68 -3.31
CA ILE B 181 -10.99 2.98 -3.64
C ILE B 181 -10.36 3.54 -4.89
N GLY B 182 -9.33 2.91 -5.45
CA GLY B 182 -8.72 3.35 -6.69
C GLY B 182 -7.62 4.38 -6.55
N VAL B 183 -7.23 4.74 -5.33
CA VAL B 183 -6.28 5.84 -5.17
C VAL B 183 -4.86 5.43 -5.56
N ASP B 184 -4.44 4.19 -5.29
CA ASP B 184 -3.12 3.79 -5.77
C ASP B 184 -3.06 3.92 -7.28
N PHE B 185 -4.08 3.43 -7.97
CA PHE B 185 -4.19 3.57 -9.42
C PHE B 185 -4.12 5.04 -9.82
N TRP B 186 -4.92 5.87 -9.16
CA TRP B 186 -4.93 7.31 -9.39
C TRP B 186 -3.52 7.90 -9.36
N MET B 187 -2.75 7.58 -8.31
CA MET B 187 -1.43 8.17 -8.19
C MET B 187 -0.51 7.71 -9.32
N LYS B 188 -0.61 6.43 -9.68
CA LYS B 188 0.33 5.87 -10.65
C LYS B 188 -0.03 6.27 -12.08
N MET B 189 -1.23 6.80 -12.30
CA MET B 189 -1.55 7.37 -13.60
C MET B 189 -1.50 8.90 -13.63
N SER B 190 -1.44 9.55 -12.46
CA SER B 190 -1.40 11.00 -12.36
C SER B 190 0.01 11.59 -12.28
N TYR B 191 1.02 10.81 -11.88
CA TYR B 191 2.35 11.41 -11.78
C TYR B 191 2.86 11.98 -13.11
N PRO B 192 2.57 11.41 -14.28
CA PRO B 192 3.03 12.09 -15.52
C PRO B 192 2.42 13.49 -15.71
N ILE B 193 1.34 13.81 -14.98
CA ILE B 193 0.75 15.15 -15.09
C ILE B 193 1.71 16.21 -14.59
N TYR B 194 2.46 15.90 -13.52
CA TYR B 194 3.21 16.88 -12.77
C TYR B 194 4.70 16.89 -13.07
N ARG B 195 5.26 15.77 -13.50
CA ARG B 195 6.70 15.68 -13.81
C ARG B 195 7.53 16.16 -12.62
N HIS B 196 7.13 15.73 -11.44
CA HIS B 196 7.78 16.19 -10.21
C HIS B 196 8.51 15.02 -9.59
N PRO B 197 9.81 15.15 -9.33
CA PRO B 197 10.60 13.95 -8.99
C PRO B 197 10.08 13.21 -7.77
N GLU B 198 9.99 13.87 -6.61
CA GLU B 198 9.53 13.14 -5.43
C GLU B 198 8.11 12.60 -5.59
N PHE B 199 7.25 13.30 -6.34
CA PHE B 199 5.87 12.81 -6.40
C PHE B 199 5.79 11.48 -7.15
N THR B 200 6.45 11.41 -8.30
CA THR B 200 6.58 10.14 -9.01
C THR B 200 7.10 9.05 -8.09
N GLU B 201 8.08 9.40 -7.24
CA GLU B 201 8.59 8.39 -6.32
C GLU B 201 7.53 7.98 -5.29
N HIS B 202 6.87 8.95 -4.66
CA HIS B 202 5.82 8.61 -3.70
C HIS B 202 4.67 7.87 -4.37
N ALA B 203 4.42 8.16 -5.65
CA ALA B 203 3.40 7.42 -6.37
C ALA B 203 3.81 5.97 -6.55
N LYS B 204 5.06 5.75 -6.97
CA LYS B 204 5.47 4.40 -7.32
C LYS B 204 5.68 3.50 -6.10
N THR B 205 5.99 4.05 -4.93
CA THR B 205 6.05 3.24 -3.70
C THR B 205 4.66 3.00 -3.10
N SER B 206 3.65 3.73 -3.58
CA SER B 206 2.30 3.77 -3.02
C SER B 206 2.21 4.51 -1.68
N LEU B 207 3.29 5.12 -1.21
CA LEU B 207 3.18 5.97 -0.02
C LEU B 207 2.20 7.13 -0.27
N ALA B 208 2.16 7.64 -1.50
CA ALA B 208 1.20 8.68 -1.85
C ALA B 208 -0.22 8.19 -1.59
N ALA B 209 -0.55 7.01 -2.12
CA ALA B 209 -1.86 6.42 -1.90
C ALA B 209 -2.12 6.16 -0.42
N ARG B 210 -1.11 5.65 0.29
CA ARG B 210 -1.33 5.36 1.70
C ARG B 210 -1.59 6.64 2.51
N MET B 211 -1.02 7.78 2.12
CA MET B 211 -1.26 9.02 2.87
C MET B 211 -2.66 9.56 2.64
N THR B 212 -3.27 9.25 1.50
CA THR B 212 -4.53 9.92 1.10
C THR B 212 -5.74 9.01 1.19
N THR B 213 -5.54 7.72 1.48
CA THR B 213 -6.64 6.75 1.44
C THR B 213 -7.74 7.11 2.43
N ARG B 214 -7.39 7.46 3.67
CA ARG B 214 -8.45 7.69 4.65
C ARG B 214 -9.26 8.95 4.33
N GLY B 215 -8.58 10.03 3.92
CA GLY B 215 -9.29 11.26 3.60
C GLY B 215 -10.26 11.08 2.45
N LEU B 216 -9.85 10.34 1.41
CA LEU B 216 -10.78 10.04 0.33
C LEU B 216 -11.90 9.13 0.79
N THR B 217 -11.55 8.06 1.51
CA THR B 217 -12.50 7.00 1.76
C THR B 217 -13.57 7.43 2.76
N ILE B 218 -13.16 8.11 3.84
CA ILE B 218 -14.13 8.51 4.85
C ILE B 218 -15.19 9.41 4.23
N VAL B 219 -14.76 10.34 3.39
CA VAL B 219 -15.71 11.22 2.70
C VAL B 219 -16.57 10.42 1.73
N ASN B 220 -15.95 9.58 0.89
CA ASN B 220 -16.76 8.80 -0.04
C ASN B 220 -17.76 7.94 0.70
N ASP B 221 -17.31 7.26 1.77
CA ASP B 221 -18.17 6.34 2.49
C ASP B 221 -19.38 7.07 3.08
N PHE B 222 -19.16 8.26 3.62
CA PHE B 222 -20.28 8.95 4.26
C PHE B 222 -21.38 9.22 3.24
N TYR B 223 -21.00 9.75 2.10
CA TYR B 223 -22.00 10.19 1.13
C TYR B 223 -22.49 9.09 0.21
N SER B 224 -21.82 7.91 0.16
CA SER B 224 -22.33 6.80 -0.62
C SER B 224 -22.95 5.71 0.25
N TYR B 225 -22.99 5.92 1.57
CA TYR B 225 -23.56 4.93 2.49
C TYR B 225 -24.97 4.51 2.08
N ASP B 226 -25.87 5.47 1.84
CA ASP B 226 -27.26 5.08 1.60
C ASP B 226 -27.38 4.20 0.37
N ARG B 227 -26.69 4.55 -0.71
CA ARG B 227 -26.77 3.75 -1.93
C ARG B 227 -26.15 2.37 -1.69
N GLU B 228 -25.01 2.32 -1.04
CA GLU B 228 -24.31 1.04 -0.89
C GLU B 228 -25.09 0.08 0.00
N VAL B 229 -25.69 0.58 1.07
CA VAL B 229 -26.46 -0.34 1.91
C VAL B 229 -27.74 -0.79 1.18
N SER B 230 -28.34 0.09 0.38
CA SER B 230 -29.42 -0.32 -0.54
C SER B 230 -29.09 -1.60 -1.29
N LEU B 231 -27.89 -1.67 -1.85
CA LEU B 231 -27.47 -2.76 -2.71
C LEU B 231 -26.89 -3.97 -1.94
N GLY B 232 -26.84 -3.89 -0.62
CA GLY B 232 -26.13 -4.92 0.12
C GLY B 232 -24.63 -4.89 -0.06
N GLN B 233 -24.08 -3.75 -0.45
CA GLN B 233 -22.63 -3.61 -0.57
C GLN B 233 -22.03 -3.31 0.81
N ILE B 234 -20.90 -3.96 1.12
CA ILE B 234 -20.35 -3.88 2.47
C ILE B 234 -19.09 -3.03 2.55
N THR B 235 -18.59 -2.52 1.44
CA THR B 235 -17.32 -1.79 1.48
C THR B 235 -17.58 -0.32 1.86
N ASN B 236 -17.73 -0.09 3.16
CA ASN B 236 -18.06 1.22 3.70
C ASN B 236 -17.77 1.26 5.20
N CYS B 237 -16.92 2.17 5.66
CA CYS B 237 -16.49 2.10 7.05
C CYS B 237 -17.60 2.43 8.03
N PHE B 238 -18.66 3.13 7.59
CA PHE B 238 -19.72 3.39 8.55
C PHE B 238 -20.59 2.18 8.86
N ARG B 239 -20.42 1.05 8.15
CA ARG B 239 -21.01 -0.20 8.61
C ARG B 239 -20.31 -0.73 9.87
N LEU B 240 -19.15 -0.20 10.22
CA LEU B 240 -18.43 -0.64 11.41
C LEU B 240 -18.91 0.01 12.70
N CYS B 241 -19.82 0.98 12.64
CA CYS B 241 -20.47 1.49 13.83
C CYS B 241 -21.97 1.33 13.67
N ASP B 242 -22.69 1.66 14.72
CA ASP B 242 -24.15 1.56 14.73
C ASP B 242 -24.69 2.94 14.37
N VAL B 243 -24.93 3.16 13.07
CA VAL B 243 -25.40 4.48 12.66
C VAL B 243 -26.77 4.81 13.23
N SER B 244 -27.55 3.81 13.67
CA SER B 244 -28.85 4.10 14.29
C SER B 244 -28.74 4.60 15.72
N ASP B 245 -27.54 4.74 16.26
CA ASP B 245 -27.31 5.19 17.63
C ASP B 245 -26.43 6.43 17.51
N GLU B 246 -27.03 7.61 17.66
CA GLU B 246 -26.32 8.81 17.25
C GLU B 246 -25.13 9.07 18.17
N THR B 247 -25.20 8.61 19.42
CA THR B 247 -24.02 8.69 20.28
C THR B 247 -22.88 7.84 19.72
N ALA B 248 -23.17 6.61 19.34
CA ALA B 248 -22.13 5.78 18.75
C ALA B 248 -21.67 6.36 17.41
N PHE B 249 -22.62 6.87 16.62
CA PHE B 249 -22.24 7.44 15.33
C PHE B 249 -21.32 8.62 15.52
N LYS B 250 -21.64 9.52 16.44
CA LYS B 250 -20.84 10.72 16.57
C LYS B 250 -19.45 10.39 17.08
N GLU B 251 -19.33 9.40 17.96
CA GLU B 251 -18.00 9.00 18.42
C GLU B 251 -17.17 8.44 17.29
N PHE B 252 -17.77 7.55 16.49
CA PHE B 252 -17.09 6.98 15.33
C PHE B 252 -16.72 8.06 14.32
N PHE B 253 -17.67 8.97 14.06
CA PHE B 253 -17.40 10.03 13.09
C PHE B 253 -16.23 10.90 13.56
N GLN B 254 -16.21 11.26 14.85
CA GLN B 254 -15.10 12.05 15.37
C GLN B 254 -13.79 11.28 15.26
N ALA B 255 -13.82 9.98 15.52
CA ALA B 255 -12.61 9.17 15.32
C ALA B 255 -12.14 9.25 13.87
N ARG B 256 -13.08 9.25 12.91
CA ARG B 256 -12.70 9.33 11.52
C ARG B 256 -12.16 10.71 11.15
N LEU B 257 -12.77 11.78 11.69
CA LEU B 257 -12.21 13.11 11.53
C LEU B 257 -10.78 13.18 12.07
N ASP B 258 -10.56 12.64 13.26
CA ASP B 258 -9.21 12.58 13.82
C ASP B 258 -8.24 11.88 12.86
N ASP B 259 -8.66 10.78 12.25
CA ASP B 259 -7.84 10.09 11.23
C ASP B 259 -7.45 11.07 10.12
N MET B 260 -8.43 11.80 9.59
CA MET B 260 -8.16 12.71 8.49
C MET B 260 -7.17 13.78 8.91
N ILE B 261 -7.38 14.35 10.09
CA ILE B 261 -6.53 15.43 10.59
C ILE B 261 -5.10 14.93 10.75
N GLU B 262 -4.96 13.75 11.35
CA GLU B 262 -3.64 13.15 11.50
C GLU B 262 -2.94 13.00 10.14
N ASP B 263 -3.64 12.48 9.13
CA ASP B 263 -3.03 12.31 7.82
C ASP B 263 -2.65 13.67 7.20
N ILE B 264 -3.54 14.64 7.31
CA ILE B 264 -3.27 15.94 6.69
C ILE B 264 -2.05 16.60 7.32
N GLU B 265 -1.91 16.52 8.64
CA GLU B 265 -0.73 17.09 9.32
C GLU B 265 0.57 16.43 8.88
N CYS B 266 0.58 15.09 8.72
CA CYS B 266 1.79 14.45 8.24
C CYS B 266 1.99 14.64 6.75
N ILE B 267 0.91 14.83 5.98
CA ILE B 267 1.10 15.25 4.59
C ILE B 267 1.82 16.59 4.54
N LYS B 268 1.60 17.45 5.54
CA LYS B 268 2.25 18.77 5.55
C LYS B 268 3.74 18.70 5.87
N ALA B 269 4.29 17.49 6.11
CA ALA B 269 5.73 17.31 6.17
C ALA B 269 6.37 17.06 4.81
N PHE B 270 5.58 16.64 3.82
CA PHE B 270 6.11 16.39 2.49
C PHE B 270 6.52 17.70 1.84
N ASP B 271 7.21 17.62 0.71
CA ASP B 271 7.71 18.84 0.11
C ASP B 271 6.59 19.52 -0.67
N GLN B 272 6.83 20.78 -1.01
CA GLN B 272 5.75 21.72 -1.18
C GLN B 272 4.80 21.33 -2.31
N LEU B 273 5.32 20.83 -3.43
CA LEU B 273 4.43 20.49 -4.54
C LEU B 273 3.66 19.21 -4.25
N THR B 274 4.35 18.21 -3.70
CA THR B 274 3.68 16.96 -3.37
C THR B 274 2.53 17.20 -2.39
N GLN B 275 2.76 18.03 -1.36
CA GLN B 275 1.72 18.21 -0.35
C GLN B 275 0.53 18.98 -0.91
N ASP B 276 0.76 20.03 -1.70
CA ASP B 276 -0.38 20.72 -2.33
C ASP B 276 -1.18 19.74 -3.18
N VAL B 277 -0.50 18.78 -3.82
CA VAL B 277 -1.20 17.81 -4.67
C VAL B 277 -2.00 16.81 -3.82
N PHE B 278 -1.39 16.28 -2.76
CA PHE B 278 -2.13 15.38 -1.87
C PHE B 278 -3.36 16.06 -1.30
N LEU B 279 -3.22 17.32 -0.86
CA LEU B 279 -4.32 17.98 -0.17
C LEU B 279 -5.41 18.41 -1.15
N ASP B 280 -5.03 18.82 -2.37
CA ASP B 280 -6.03 19.12 -3.39
C ASP B 280 -6.82 17.86 -3.75
N LEU B 281 -6.19 16.68 -3.65
CA LEU B 281 -6.92 15.45 -3.93
C LEU B 281 -7.97 15.19 -2.86
N ILE B 282 -7.60 15.27 -1.58
CA ILE B 282 -8.54 14.98 -0.52
C ILE B 282 -9.65 16.03 -0.47
N TYR B 283 -9.27 17.30 -0.51
CA TYR B 283 -10.26 18.36 -0.37
C TYR B 283 -11.09 18.49 -1.66
N GLY B 284 -10.46 18.34 -2.82
CA GLY B 284 -11.22 18.33 -4.06
C GLY B 284 -12.23 17.20 -4.13
N ASN B 285 -11.86 16.01 -3.65
CA ASN B 285 -12.82 14.92 -3.67
C ASN B 285 -14.04 15.26 -2.82
N PHE B 286 -13.83 16.00 -1.72
CA PHE B 286 -14.94 16.39 -0.87
C PHE B 286 -15.86 17.40 -1.59
N VAL B 287 -15.26 18.38 -2.25
CA VAL B 287 -16.08 19.36 -2.99
C VAL B 287 -16.88 18.67 -4.08
N TRP B 288 -16.21 17.81 -4.86
CA TRP B 288 -16.88 17.06 -5.92
C TRP B 288 -17.98 16.17 -5.37
N THR B 289 -17.67 15.41 -4.30
CA THR B 289 -18.64 14.47 -3.76
C THR B 289 -19.91 15.19 -3.33
N THR B 290 -19.78 16.38 -2.74
CA THR B 290 -20.96 17.11 -2.30
C THR B 290 -21.64 17.87 -3.44
N SER B 291 -20.97 18.05 -4.57
CA SER B 291 -21.61 18.59 -5.77
C SER B 291 -22.56 17.62 -6.43
N ASN B 292 -22.26 16.32 -6.35
CA ASN B 292 -22.52 15.38 -7.42
C ASN B 292 -23.83 14.63 -7.21
N LYS B 293 -24.69 14.67 -8.23
CA LYS B 293 -25.83 13.77 -8.39
C LYS B 293 -25.59 12.37 -7.82
N ARG B 294 -24.40 11.82 -8.09
CA ARG B 294 -24.05 10.47 -7.69
C ARG B 294 -24.16 10.24 -6.20
N TYR B 295 -24.02 11.28 -5.40
CA TYR B 295 -23.97 11.09 -3.96
C TYR B 295 -25.19 11.66 -3.24
N LYS B 296 -26.28 11.92 -3.99
CA LYS B 296 -27.49 12.53 -3.45
C LYS B 296 -28.74 11.65 -3.53
N THR B 297 -29.52 11.69 -4.62
CA THR B 297 -30.86 11.11 -4.63
C THR B 297 -30.80 9.58 -4.57
N ALA B 298 -30.84 9.07 -3.31
CA ALA B 298 -30.21 7.81 -2.85
C ALA B 298 -29.79 6.83 -3.94
N VAL B 299 -30.71 6.42 -4.83
CA VAL B 299 -30.36 5.68 -6.04
C VAL B 299 -31.03 6.38 -7.21
N ASN B 300 -30.27 6.71 -8.25
CA ASN B 300 -30.78 7.55 -9.34
C ASN B 300 -30.13 7.15 -10.66
N ASP B 301 -30.33 7.99 -11.69
CA ASP B 301 -29.93 7.70 -13.06
C ASP B 301 -28.43 7.85 -13.31
N VAL B 302 -27.64 8.38 -12.38
CA VAL B 302 -26.21 8.44 -12.60
C VAL B 302 -25.44 7.37 -11.86
N ASN B 303 -25.92 6.89 -10.71
CA ASN B 303 -25.18 5.90 -9.92
C ASN B 303 -25.81 4.52 -9.92
N SER B 304 -26.65 4.20 -10.90
CA SER B 304 -27.39 2.95 -10.87
C SER B 304 -26.48 1.78 -11.24
N ARG B 305 -26.76 0.61 -10.65
CA ARG B 305 -26.04 -0.60 -11.05
C ARG B 305 -26.31 -0.93 -12.52
N ILE B 306 -25.26 -0.87 -13.34
CA ILE B 306 -25.37 -1.06 -14.78
C ILE B 306 -25.64 -2.54 -15.04
N GLN B 307 -26.72 -2.83 -15.77
CA GLN B 307 -27.31 -4.16 -15.79
C GLN B 307 -27.65 -4.62 -17.22
N ALA B 308 -28.28 -5.79 -17.29
CA ALA B 308 -28.56 -6.47 -18.53
C ALA B 308 -29.98 -6.16 -18.99
N GLY A 14 19.15 3.20 31.50
CA GLY A 14 17.89 2.46 31.60
C GLY A 14 16.74 2.67 30.62
N ARG A 15 16.60 3.86 30.04
CA ARG A 15 15.56 4.14 29.05
C ARG A 15 15.94 3.79 27.61
N SER A 16 17.22 3.79 27.25
CA SER A 16 17.64 3.48 25.90
C SER A 16 17.86 1.98 25.64
N SER A 17 17.07 1.10 26.23
CA SER A 17 17.33 -0.32 26.06
C SER A 17 16.05 -1.09 26.24
N VAL A 18 15.89 -2.15 25.45
CA VAL A 18 14.81 -3.09 25.65
C VAL A 18 15.31 -4.43 26.14
N ARG A 19 16.64 -4.59 26.27
CA ARG A 19 17.23 -5.77 26.90
C ARG A 19 16.50 -6.28 28.15
N PRO A 20 16.09 -5.43 29.09
CA PRO A 20 15.41 -5.99 30.28
C PRO A 20 14.09 -6.67 29.98
N TYR A 21 13.58 -6.57 28.75
CA TYR A 21 12.34 -7.23 28.35
C TYR A 21 12.58 -8.38 27.38
N LEU A 22 13.84 -8.68 27.09
CA LEU A 22 14.18 -9.60 26.01
C LEU A 22 13.52 -10.95 26.19
N GLU A 23 13.68 -11.54 27.37
CA GLU A 23 13.19 -12.90 27.57
C GLU A 23 11.67 -12.97 27.55
N GLU A 24 10.98 -12.10 28.31
CA GLU A 24 9.52 -12.24 28.35
C GLU A 24 8.89 -11.84 27.01
N CYS A 25 9.46 -10.84 26.32
CA CYS A 25 8.92 -10.51 24.99
C CYS A 25 9.15 -11.64 23.99
N THR A 26 10.33 -12.27 24.04
CA THR A 26 10.57 -13.41 23.16
C THR A 26 9.54 -14.51 23.40
N ARG A 27 9.32 -14.89 24.67
CA ARG A 27 8.37 -15.97 24.88
C ARG A 27 6.94 -15.52 24.58
N ARG A 28 6.65 -14.22 24.74
CA ARG A 28 5.34 -13.71 24.37
C ARG A 28 5.09 -13.83 22.87
N PHE A 29 6.00 -13.34 22.05
CA PHE A 29 5.92 -13.54 20.60
C PHE A 29 5.68 -15.01 20.27
N GLN A 30 6.50 -15.90 20.83
CA GLN A 30 6.38 -17.30 20.47
C GLN A 30 5.02 -17.87 20.87
N GLU A 31 4.54 -17.55 22.07
CA GLU A 31 3.23 -18.02 22.50
C GLU A 31 2.15 -17.57 21.54
N MET A 32 2.23 -16.32 21.09
CA MET A 32 1.24 -15.78 20.15
C MET A 32 1.28 -16.58 18.84
N PHE A 33 2.47 -16.83 18.31
CA PHE A 33 2.59 -17.62 17.10
C PHE A 33 2.01 -19.02 17.30
N ASP A 34 2.28 -19.64 18.45
CA ASP A 34 1.79 -20.99 18.68
C ASP A 34 0.27 -21.03 18.78
N ARG A 35 -0.33 -19.96 19.29
CA ARG A 35 -1.78 -19.96 19.44
C ARG A 35 -2.50 -19.75 18.12
N HIS A 36 -1.97 -18.87 17.28
CA HIS A 36 -2.71 -18.38 16.12
C HIS A 36 -2.20 -18.95 14.79
N VAL A 37 -0.93 -19.29 14.70
CA VAL A 37 -0.37 -19.97 13.54
C VAL A 37 -0.05 -21.44 13.85
N VAL A 38 0.52 -21.71 15.02
CA VAL A 38 0.79 -23.05 15.59
C VAL A 38 1.96 -23.74 14.88
N THR A 39 1.80 -24.03 13.58
CA THR A 39 2.78 -24.84 12.83
C THR A 39 4.16 -24.18 12.86
N ARG A 40 5.16 -24.86 12.32
CA ARG A 40 6.50 -24.27 12.28
C ARG A 40 6.80 -23.71 10.89
N PRO A 41 7.47 -22.55 10.82
CA PRO A 41 8.15 -22.19 9.57
C PRO A 41 9.20 -23.25 9.24
N THR A 42 9.59 -23.30 7.98
CA THR A 42 10.43 -24.39 7.47
C THR A 42 11.63 -23.82 6.73
N LYS A 43 12.77 -24.50 6.85
CA LYS A 43 14.06 -23.95 6.41
C LYS A 43 14.53 -24.64 5.14
N VAL A 44 14.50 -23.91 4.02
CA VAL A 44 14.98 -24.44 2.74
C VAL A 44 16.38 -25.03 2.94
N GLU A 45 16.72 -25.98 2.08
CA GLU A 45 17.86 -26.88 2.25
C GLU A 45 18.77 -26.72 1.04
N LEU A 46 19.56 -25.64 0.99
CA LEU A 46 20.30 -25.27 -0.24
C LEU A 46 21.56 -26.11 -0.42
N THR A 47 21.80 -26.56 -1.64
CA THR A 47 23.08 -27.23 -1.90
C THR A 47 24.23 -26.24 -1.84
N ASP A 48 25.44 -26.78 -1.68
CA ASP A 48 26.66 -25.98 -1.80
C ASP A 48 26.69 -25.23 -3.14
N ALA A 49 26.51 -25.95 -4.25
CA ALA A 49 26.53 -25.32 -5.57
C ALA A 49 25.57 -24.13 -5.62
N GLU A 50 24.38 -24.29 -5.06
CA GLU A 50 23.40 -23.22 -5.16
C GLU A 50 23.69 -22.11 -4.15
N LEU A 51 24.23 -22.47 -2.98
CA LEU A 51 24.64 -21.42 -2.05
C LEU A 51 25.78 -20.60 -2.61
N ARG A 52 26.77 -21.26 -3.23
CA ARG A 52 27.91 -20.53 -3.79
C ARG A 52 27.47 -19.61 -4.91
N GLU A 53 26.56 -20.07 -5.78
CA GLU A 53 26.06 -19.18 -6.83
C GLU A 53 25.37 -17.97 -6.23
N VAL A 54 24.63 -18.17 -5.14
CA VAL A 54 23.98 -17.06 -4.47
C VAL A 54 25.02 -16.03 -4.02
N ILE A 55 26.13 -16.51 -3.47
CA ILE A 55 27.09 -15.60 -2.88
C ILE A 55 27.90 -14.84 -3.94
N ASP A 56 28.36 -15.49 -5.02
CA ASP A 56 29.09 -14.67 -5.99
C ASP A 56 28.18 -13.67 -6.70
N ASP A 57 26.91 -14.03 -6.95
CA ASP A 57 25.99 -13.03 -7.50
C ASP A 57 25.87 -11.82 -6.59
N CYS A 58 25.71 -12.04 -5.29
CA CYS A 58 25.71 -10.94 -4.33
C CYS A 58 27.01 -10.14 -4.41
N ASN A 59 28.14 -10.85 -4.40
CA ASN A 59 29.43 -10.17 -4.38
C ASN A 59 29.67 -9.40 -5.67
N ALA A 60 29.30 -9.97 -6.82
CA ALA A 60 29.40 -9.27 -8.08
C ALA A 60 28.50 -8.04 -8.10
N ALA A 61 27.32 -8.13 -7.48
CA ALA A 61 26.38 -7.01 -7.51
C ALA A 61 26.93 -5.81 -6.77
N VAL A 62 27.53 -6.02 -5.60
CA VAL A 62 27.96 -4.89 -4.80
C VAL A 62 29.41 -4.50 -5.06
N ALA A 63 30.17 -5.33 -5.78
CA ALA A 63 31.55 -4.97 -6.10
C ALA A 63 31.71 -3.55 -6.62
N PRO A 64 30.83 -3.02 -7.48
CA PRO A 64 31.03 -1.62 -7.93
C PRO A 64 30.95 -0.59 -6.83
N LEU A 65 30.27 -0.87 -5.71
CA LEU A 65 30.24 0.02 -4.56
C LEU A 65 31.53 -0.02 -3.74
N GLY A 66 32.42 -0.99 -4.00
CA GLY A 66 33.75 -0.97 -3.43
C GLY A 66 33.91 -1.43 -1.98
N LYS A 67 32.91 -2.07 -1.37
CA LYS A 67 33.06 -2.54 0.01
C LYS A 67 32.92 -4.05 0.09
N THR A 68 33.84 -4.68 0.81
CA THR A 68 33.87 -6.13 1.00
C THR A 68 32.74 -6.57 1.91
N VAL A 69 32.06 -7.64 1.52
CA VAL A 69 31.05 -8.27 2.36
C VAL A 69 31.50 -9.71 2.60
N SER A 70 31.52 -10.12 3.86
CA SER A 70 32.01 -11.46 4.21
C SER A 70 30.93 -12.51 3.98
N ASP A 71 31.37 -13.77 3.82
CA ASP A 71 30.45 -14.90 3.73
C ASP A 71 29.43 -14.88 4.85
N GLU A 72 29.86 -14.75 6.11
CA GLU A 72 28.90 -14.91 7.19
C GLU A 72 27.97 -13.71 7.30
N ARG A 73 28.40 -12.54 6.82
CA ARG A 73 27.44 -11.43 6.71
C ARG A 73 26.40 -11.71 5.62
N TRP A 74 26.82 -12.23 4.47
CA TRP A 74 25.85 -12.67 3.47
C TRP A 74 24.89 -13.71 4.06
N ILE A 75 25.43 -14.70 4.77
CA ILE A 75 24.59 -15.76 5.32
C ILE A 75 23.63 -15.19 6.34
N SER A 76 24.09 -14.20 7.12
CA SER A 76 23.18 -13.50 8.01
C SER A 76 22.00 -12.92 7.24
N TYR A 77 22.29 -12.09 6.23
CA TYR A 77 21.22 -11.47 5.45
C TYR A 77 20.32 -12.51 4.81
N VAL A 78 20.89 -13.59 4.25
CA VAL A 78 20.10 -14.51 3.45
C VAL A 78 19.17 -15.36 4.30
N GLY A 79 19.45 -15.48 5.60
CA GLY A 79 18.66 -16.37 6.44
C GLY A 79 17.17 -16.02 6.43
N VAL A 80 16.83 -14.74 6.27
CA VAL A 80 15.41 -14.40 6.27
C VAL A 80 14.71 -15.05 5.09
N VAL A 81 15.38 -15.16 3.94
CA VAL A 81 14.75 -15.81 2.80
C VAL A 81 14.65 -17.31 3.05
N LEU A 82 15.68 -17.90 3.66
CA LEU A 82 15.68 -19.34 3.88
C LEU A 82 14.57 -19.75 4.84
N TRP A 83 14.29 -18.90 5.84
CA TRP A 83 13.36 -19.18 6.92
C TRP A 83 11.94 -18.67 6.68
N SER A 84 11.77 -17.68 5.81
CA SER A 84 10.51 -16.93 5.77
C SER A 84 9.83 -16.98 4.41
N GLN A 85 10.25 -17.89 3.51
CA GLN A 85 9.42 -18.26 2.38
C GLN A 85 8.54 -19.43 2.83
N SER A 86 8.02 -20.20 1.89
CA SER A 86 7.05 -21.25 2.18
C SER A 86 7.41 -22.47 1.35
N PRO A 87 8.37 -23.27 1.80
CA PRO A 87 9.02 -24.24 0.90
C PRO A 87 8.09 -25.27 0.31
N ARG A 88 7.03 -25.69 1.01
CA ARG A 88 6.21 -26.74 0.43
C ARG A 88 5.45 -26.24 -0.78
N HIS A 89 5.37 -24.92 -0.97
CA HIS A 89 4.71 -24.32 -2.12
C HIS A 89 5.67 -23.85 -3.20
N ILE A 90 6.99 -23.99 -3.01
CA ILE A 90 7.92 -23.50 -4.01
C ILE A 90 7.74 -24.25 -5.31
N LYS A 91 7.66 -23.50 -6.42
CA LYS A 91 7.64 -24.09 -7.74
C LYS A 91 8.81 -23.65 -8.62
N ASP A 92 9.35 -22.45 -8.40
CA ASP A 92 10.38 -21.87 -9.25
C ASP A 92 11.61 -21.57 -8.40
N MET A 93 12.61 -22.48 -8.40
CA MET A 93 13.77 -22.30 -7.54
C MET A 93 14.74 -21.23 -8.04
N GLU A 94 14.66 -20.90 -9.32
CA GLU A 94 15.47 -19.81 -9.83
C GLU A 94 14.94 -18.46 -9.38
N ALA A 95 13.62 -18.34 -9.27
CA ALA A 95 13.03 -17.18 -8.59
C ALA A 95 13.43 -17.13 -7.12
N PHE A 96 13.48 -18.28 -6.46
CA PHE A 96 13.94 -18.31 -5.06
C PHE A 96 15.36 -17.76 -4.94
N LYS A 97 16.28 -18.25 -5.77
CA LYS A 97 17.64 -17.74 -5.74
C LYS A 97 17.66 -16.23 -5.98
N ALA A 98 16.83 -15.74 -6.90
CA ALA A 98 16.75 -14.30 -7.16
C ALA A 98 16.37 -13.54 -5.91
N VAL A 99 15.37 -14.03 -5.16
CA VAL A 99 14.98 -13.35 -3.93
C VAL A 99 16.12 -13.38 -2.92
N CYS A 100 16.85 -14.51 -2.84
CA CYS A 100 18.04 -14.54 -1.99
C CYS A 100 19.00 -13.40 -2.34
N VAL A 101 19.35 -13.28 -3.62
CA VAL A 101 20.36 -12.31 -4.04
C VAL A 101 19.85 -10.88 -3.84
N LEU A 102 18.66 -10.59 -4.36
CA LEU A 102 18.09 -9.24 -4.22
C LEU A 102 17.90 -8.86 -2.75
N ASN A 103 17.40 -9.79 -1.94
CA ASN A 103 17.31 -9.53 -0.51
C ASN A 103 18.65 -9.13 0.08
N CYS A 104 19.70 -9.87 -0.26
CA CYS A 104 20.99 -9.64 0.36
C CYS A 104 21.61 -8.33 -0.08
N VAL A 105 21.58 -8.03 -1.38
CA VAL A 105 22.34 -6.88 -1.83
C VAL A 105 21.65 -5.58 -1.41
N THR A 106 20.32 -5.56 -1.32
CA THR A 106 19.66 -4.36 -0.79
C THR A 106 19.74 -4.30 0.72
N PHE A 107 20.04 -5.41 1.38
CA PHE A 107 20.40 -5.35 2.79
C PHE A 107 21.73 -4.61 2.98
N VAL A 108 22.72 -4.87 2.12
CA VAL A 108 23.95 -4.10 2.17
C VAL A 108 23.64 -2.60 2.01
N TRP A 109 22.79 -2.27 1.05
CA TRP A 109 22.37 -0.88 0.84
C TRP A 109 21.77 -0.29 2.11
N ASP A 110 20.91 -1.05 2.80
CA ASP A 110 20.30 -0.62 4.04
C ASP A 110 21.35 -0.29 5.10
N ASP A 111 22.44 -1.06 5.13
CA ASP A 111 23.48 -0.91 6.14
C ASP A 111 24.52 0.14 5.79
N MET A 112 24.53 0.65 4.56
CA MET A 112 25.55 1.58 4.11
C MET A 112 25.28 3.01 4.54
N ASP A 113 26.36 3.71 4.91
CA ASP A 113 26.37 5.16 4.84
C ASP A 113 25.95 5.60 3.43
N PRO A 114 25.10 6.62 3.31
CA PRO A 114 24.51 6.94 2.00
C PRO A 114 25.50 7.53 1.00
N ALA A 115 26.69 7.94 1.45
CA ALA A 115 27.74 8.34 0.52
C ALA A 115 28.10 7.22 -0.45
N LEU A 116 27.91 5.96 -0.04
CA LEU A 116 28.27 4.82 -0.86
C LEU A 116 27.18 4.44 -1.87
N HIS A 117 26.06 5.15 -1.89
CA HIS A 117 24.87 4.74 -2.62
C HIS A 117 24.94 5.18 -4.09
N ASP A 118 25.60 4.39 -4.92
CA ASP A 118 25.91 4.77 -6.29
C ASP A 118 24.86 4.17 -7.21
N PHE A 119 23.86 4.98 -7.55
CA PHE A 119 22.73 4.47 -8.34
C PHE A 119 23.18 4.03 -9.74
N GLY A 120 24.07 4.81 -10.36
CA GLY A 120 24.55 4.47 -11.69
C GLY A 120 25.28 3.13 -11.76
N LEU A 121 26.00 2.77 -10.69
CA LEU A 121 26.68 1.48 -10.63
C LEU A 121 25.75 0.36 -10.19
N PHE A 122 24.90 0.61 -9.19
CA PHE A 122 24.13 -0.46 -8.55
C PHE A 122 22.88 -0.84 -9.31
N LEU A 123 22.13 0.13 -9.85
CA LEU A 123 20.92 -0.21 -10.58
C LEU A 123 21.18 -1.18 -11.72
N PRO A 124 22.26 -1.06 -12.53
CA PRO A 124 22.51 -2.09 -13.55
C PRO A 124 22.69 -3.49 -12.98
N GLN A 125 23.33 -3.62 -11.82
CA GLN A 125 23.46 -4.93 -11.18
C GLN A 125 22.10 -5.53 -10.84
N LEU A 126 21.23 -4.72 -10.22
CA LEU A 126 19.88 -5.18 -9.93
C LEU A 126 19.17 -5.65 -11.18
N ARG A 127 19.33 -4.90 -12.28
CA ARG A 127 18.68 -5.30 -13.50
C ARG A 127 19.25 -6.63 -14.01
N LYS A 128 20.57 -6.78 -13.97
CA LYS A 128 21.19 -8.03 -14.41
C LYS A 128 20.67 -9.22 -13.61
N ILE A 129 20.57 -9.05 -12.29
CA ILE A 129 20.04 -10.13 -11.45
C ILE A 129 18.62 -10.47 -11.86
N CYS A 130 17.77 -9.44 -12.00
CA CYS A 130 16.36 -9.71 -12.30
C CYS A 130 16.20 -10.41 -13.63
N GLU A 131 16.94 -9.98 -14.64
CA GLU A 131 16.71 -10.54 -15.97
C GLU A 131 17.27 -11.94 -16.09
N LYS A 132 18.32 -12.28 -15.34
CA LYS A 132 18.78 -13.66 -15.31
C LYS A 132 17.70 -14.61 -14.82
N TYR A 133 17.20 -14.38 -13.60
CA TYR A 133 16.43 -15.40 -12.88
C TYR A 133 14.95 -15.39 -13.20
N TYR A 134 14.43 -14.31 -13.76
CA TYR A 134 13.01 -14.16 -14.03
C TYR A 134 12.74 -14.14 -15.53
N GLY A 135 11.45 -14.27 -15.87
CA GLY A 135 11.00 -14.09 -17.22
C GLY A 135 10.83 -12.61 -17.51
N PRO A 136 10.25 -12.30 -18.68
CA PRO A 136 10.24 -10.88 -19.13
C PRO A 136 9.34 -9.95 -18.32
N GLU A 137 8.07 -10.29 -18.10
CA GLU A 137 7.22 -9.47 -17.24
C GLU A 137 7.74 -9.46 -15.79
N ASP A 138 8.03 -10.64 -15.25
CA ASP A 138 8.45 -10.74 -13.86
C ASP A 138 9.74 -9.98 -13.58
N ALA A 139 10.73 -10.06 -14.48
CA ALA A 139 11.96 -9.31 -14.27
C ALA A 139 11.70 -7.82 -14.17
N GLU A 140 10.75 -7.30 -14.95
CA GLU A 140 10.43 -5.88 -14.87
C GLU A 140 9.76 -5.53 -13.55
N VAL A 141 8.89 -6.41 -13.05
CA VAL A 141 8.23 -6.13 -11.78
C VAL A 141 9.23 -6.21 -10.64
N ALA A 142 10.11 -7.21 -10.66
CA ALA A 142 11.10 -7.34 -9.59
C ALA A 142 12.08 -6.17 -9.61
N TYR A 143 12.51 -5.73 -10.80
CA TYR A 143 13.45 -4.62 -10.87
C TYR A 143 12.81 -3.32 -10.37
N GLU A 144 11.59 -3.03 -10.80
CA GLU A 144 10.93 -1.81 -10.32
C GLU A 144 10.80 -1.81 -8.80
N ALA A 145 10.40 -2.95 -8.24
CA ALA A 145 10.29 -3.07 -6.79
C ALA A 145 11.64 -2.85 -6.10
N ALA A 146 12.72 -3.44 -6.64
CA ALA A 146 14.05 -3.24 -6.06
C ALA A 146 14.49 -1.79 -6.20
N ARG A 147 14.37 -1.24 -7.41
CA ARG A 147 14.65 0.17 -7.66
C ARG A 147 13.88 1.06 -6.69
N ALA A 148 12.57 0.84 -6.55
CA ALA A 148 11.77 1.68 -5.65
C ALA A 148 12.26 1.56 -4.21
N PHE A 149 12.65 0.34 -3.79
CA PHE A 149 13.11 0.20 -2.41
C PHE A 149 14.41 0.96 -2.16
N VAL A 150 15.46 0.71 -2.97
CA VAL A 150 16.74 1.35 -2.69
C VAL A 150 16.62 2.88 -2.79
N THR A 151 15.80 3.36 -3.73
CA THR A 151 15.57 4.79 -3.85
C THR A 151 14.89 5.34 -2.60
N SER A 152 13.94 4.59 -2.05
CA SER A 152 13.26 5.03 -0.84
C SER A 152 14.22 5.03 0.36
N ASP A 153 14.98 3.93 0.53
CA ASP A 153 15.94 3.91 1.62
C ASP A 153 16.89 5.09 1.52
N HIS A 154 17.32 5.43 0.30
CA HIS A 154 18.26 6.53 0.13
C HIS A 154 17.59 7.87 0.41
N MET A 155 16.49 8.14 -0.28
CA MET A 155 15.95 9.50 -0.23
C MET A 155 15.34 9.83 1.11
N PHE A 156 15.10 8.83 1.96
CA PHE A 156 14.53 9.16 3.26
C PHE A 156 15.57 9.26 4.37
N ARG A 157 16.86 9.07 4.06
CA ARG A 157 17.88 9.11 5.10
C ARG A 157 17.87 10.43 5.86
N ASP A 158 17.63 11.53 5.16
CA ASP A 158 17.66 12.80 5.87
C ASP A 158 16.32 13.52 5.79
N SER A 159 15.24 12.74 5.66
CA SER A 159 13.93 13.26 5.24
C SER A 159 13.11 13.78 6.43
N PRO A 160 12.52 14.99 6.30
CA PRO A 160 11.43 15.36 7.20
C PRO A 160 10.26 14.40 7.16
N ILE A 161 9.97 13.80 6.00
CA ILE A 161 8.84 12.87 5.90
C ILE A 161 9.03 11.72 6.87
N LYS A 162 10.21 11.08 6.82
CA LYS A 162 10.48 9.99 7.76
C LYS A 162 10.27 10.45 9.19
N ALA A 163 10.91 11.55 9.57
CA ALA A 163 10.73 12.07 10.92
C ALA A 163 9.25 12.11 11.28
N ALA A 164 8.43 12.75 10.44
CA ALA A 164 7.02 12.93 10.79
C ALA A 164 6.30 11.58 10.90
N LEU A 165 6.50 10.67 9.95
CA LEU A 165 5.77 9.41 9.99
C LEU A 165 6.23 8.52 11.15
N CYS A 166 7.49 8.59 11.53
CA CYS A 166 7.99 7.79 12.66
C CYS A 166 7.85 8.51 14.01
N THR A 167 7.17 9.65 14.05
CA THR A 167 6.96 10.32 15.33
C THR A 167 5.50 10.47 15.70
N THR A 168 4.56 10.24 14.78
CA THR A 168 3.18 10.61 15.03
C THR A 168 2.42 9.53 15.81
N SER A 169 2.08 8.43 15.15
CA SER A 169 1.28 7.35 15.74
C SER A 169 1.80 6.04 15.19
N PRO A 170 1.37 4.90 15.76
CA PRO A 170 1.71 3.62 15.12
C PRO A 170 1.18 3.52 13.70
N GLU A 171 0.02 4.12 13.41
CA GLU A 171 -0.59 4.02 12.08
C GLU A 171 0.25 4.72 11.01
N GLN A 172 0.79 5.91 11.32
CA GLN A 172 1.64 6.58 10.35
C GLN A 172 2.96 5.85 10.18
N TYR A 173 3.50 5.33 11.27
CA TYR A 173 4.78 4.64 11.21
C TYR A 173 4.68 3.39 10.35
N PHE A 174 3.67 2.55 10.58
CA PHE A 174 3.55 1.33 9.81
C PHE A 174 3.25 1.62 8.35
N ARG A 175 2.56 2.75 8.09
CA ARG A 175 2.37 3.20 6.72
C ARG A 175 3.71 3.43 6.00
N PHE A 176 4.67 4.04 6.69
CA PHE A 176 6.00 4.24 6.12
C PHE A 176 6.69 2.89 5.89
N ARG A 177 6.49 1.94 6.79
CA ARG A 177 7.24 0.69 6.74
C ARG A 177 6.75 -0.29 5.67
N VAL A 178 5.53 -0.11 5.13
CA VAL A 178 5.09 -0.96 4.02
C VAL A 178 6.17 -1.01 2.93
N THR A 179 6.75 0.14 2.62
CA THR A 179 7.88 0.19 1.70
C THR A 179 9.22 0.02 2.43
N ASP A 180 9.43 0.77 3.52
CA ASP A 180 10.78 0.87 4.08
C ASP A 180 11.30 -0.44 4.68
N ILE A 181 10.45 -1.32 5.23
CA ILE A 181 11.00 -2.61 5.65
C ILE A 181 11.11 -3.58 4.48
N GLY A 182 10.89 -3.13 3.25
CA GLY A 182 11.15 -3.95 2.10
C GLY A 182 10.13 -5.01 1.79
N VAL A 183 9.01 -5.08 2.51
CA VAL A 183 8.06 -6.17 2.31
C VAL A 183 7.28 -6.03 1.01
N ASP A 184 6.95 -4.79 0.58
CA ASP A 184 6.32 -4.66 -0.74
C ASP A 184 7.24 -5.21 -1.82
N PHE A 185 8.52 -4.84 -1.77
CA PHE A 185 9.54 -5.36 -2.66
C PHE A 185 9.60 -6.89 -2.58
N TRP A 186 9.61 -7.42 -1.36
CA TRP A 186 9.66 -8.87 -1.16
C TRP A 186 8.51 -9.58 -1.87
N MET A 187 7.28 -9.10 -1.68
CA MET A 187 6.12 -9.75 -2.31
C MET A 187 6.25 -9.74 -3.82
N LYS A 188 6.66 -8.60 -4.39
CA LYS A 188 6.71 -8.44 -5.83
C LYS A 188 7.85 -9.24 -6.45
N MET A 189 8.90 -9.56 -5.70
CA MET A 189 9.91 -10.45 -6.26
C MET A 189 9.68 -11.92 -5.90
N SER A 190 8.79 -12.21 -4.97
CA SER A 190 8.55 -13.56 -4.52
C SER A 190 7.41 -14.27 -5.22
N TYR A 191 6.44 -13.55 -5.80
CA TYR A 191 5.33 -14.26 -6.42
C TYR A 191 5.77 -15.20 -7.54
N PRO A 192 6.84 -14.96 -8.31
CA PRO A 192 7.25 -15.98 -9.29
C PRO A 192 7.67 -17.30 -8.66
N ILE A 193 8.08 -17.29 -7.38
CA ILE A 193 8.44 -18.53 -6.70
C ILE A 193 7.26 -19.50 -6.69
N TYR A 194 6.06 -18.96 -6.51
CA TYR A 194 4.87 -19.77 -6.26
C TYR A 194 3.99 -19.94 -7.49
N ARG A 195 4.06 -19.02 -8.44
CA ARG A 195 3.24 -19.06 -9.67
C ARG A 195 1.78 -19.35 -9.35
N HIS A 196 1.25 -18.66 -8.34
CA HIS A 196 -0.09 -18.85 -7.83
C HIS A 196 -0.92 -17.61 -8.12
N PRO A 197 -1.87 -17.65 -9.05
CA PRO A 197 -2.53 -16.42 -9.50
C PRO A 197 -3.07 -15.52 -8.39
N GLU A 198 -3.75 -16.07 -7.38
CA GLU A 198 -4.27 -15.20 -6.32
C GLU A 198 -3.14 -14.44 -5.62
N PHE A 199 -2.08 -15.17 -5.24
CA PHE A 199 -0.94 -14.53 -4.56
C PHE A 199 -0.32 -13.45 -5.44
N THR A 200 -0.21 -13.72 -6.74
CA THR A 200 0.40 -12.74 -7.64
C THR A 200 -0.40 -11.44 -7.68
N GLU A 201 -1.73 -11.51 -7.69
CA GLU A 201 -2.54 -10.29 -7.59
C GLU A 201 -2.32 -9.56 -6.28
N HIS A 202 -2.39 -10.27 -5.15
CA HIS A 202 -2.22 -9.59 -3.87
C HIS A 202 -0.83 -8.97 -3.75
N ALA A 203 0.17 -9.61 -4.37
CA ALA A 203 1.50 -9.03 -4.42
C ALA A 203 1.51 -7.75 -5.23
N LYS A 204 0.86 -7.76 -6.39
CA LYS A 204 0.94 -6.63 -7.30
C LYS A 204 0.07 -5.44 -6.84
N THR A 205 -1.00 -5.70 -6.09
CA THR A 205 -1.78 -4.61 -5.47
C THR A 205 -1.14 -4.09 -4.19
N SER A 206 -0.15 -4.79 -3.65
CA SER A 206 0.48 -4.50 -2.36
C SER A 206 -0.41 -4.83 -1.17
N LEU A 207 -1.60 -5.39 -1.39
CA LEU A 207 -2.37 -5.90 -0.26
C LEU A 207 -1.57 -6.96 0.53
N ALA A 208 -0.83 -7.82 -0.17
CA ALA A 208 0.04 -8.80 0.49
C ALA A 208 0.98 -8.10 1.46
N ALA A 209 1.64 -7.04 0.99
CA ALA A 209 2.55 -6.32 1.86
C ALA A 209 1.80 -5.62 2.99
N ARG A 210 0.65 -5.03 2.70
CA ARG A 210 -0.06 -4.29 3.74
C ARG A 210 -0.50 -5.22 4.86
N MET A 211 -0.79 -6.48 4.53
CA MET A 211 -1.25 -7.45 5.53
C MET A 211 -0.12 -7.95 6.43
N THR A 212 1.13 -7.93 5.95
CA THR A 212 2.26 -8.55 6.65
C THR A 212 3.21 -7.52 7.27
N THR A 213 2.99 -6.23 7.01
CA THR A 213 3.93 -5.20 7.48
C THR A 213 4.05 -5.18 9.00
N ARG A 214 2.92 -5.18 9.71
CA ARG A 214 3.01 -5.01 11.16
C ARG A 214 3.69 -6.22 11.81
N GLY A 215 3.38 -7.42 11.35
CA GLY A 215 3.99 -8.61 11.95
C GLY A 215 5.49 -8.62 11.77
N LEU A 216 5.96 -8.26 10.58
CA LEU A 216 7.40 -8.18 10.34
C LEU A 216 8.03 -7.06 11.14
N THR A 217 7.39 -5.88 11.12
CA THR A 217 8.03 -4.69 11.65
C THR A 217 8.14 -4.73 13.17
N ILE A 218 7.07 -5.15 13.85
CA ILE A 218 7.09 -5.16 15.31
C ILE A 218 8.21 -6.07 15.81
N VAL A 219 8.35 -7.23 15.18
CA VAL A 219 9.42 -8.16 15.55
C VAL A 219 10.78 -7.55 15.25
N ASN A 220 10.97 -7.03 14.04
CA ASN A 220 12.26 -6.45 13.69
C ASN A 220 12.62 -5.31 14.63
N ASP A 221 11.64 -4.42 14.89
CA ASP A 221 11.90 -3.26 15.75
C ASP A 221 12.29 -3.68 17.16
N PHE A 222 11.63 -4.69 17.71
CA PHE A 222 11.98 -5.06 19.07
C PHE A 222 13.45 -5.47 19.16
N TYR A 223 13.88 -6.33 18.27
CA TYR A 223 15.23 -6.89 18.39
C TYR A 223 16.32 -6.03 17.75
N SER A 224 15.96 -5.03 16.94
CA SER A 224 16.96 -4.11 16.41
C SER A 224 16.96 -2.78 17.15
N TYR A 225 16.12 -2.64 18.18
CA TYR A 225 15.99 -1.39 18.91
C TYR A 225 17.34 -0.90 19.42
N ASP A 226 18.05 -1.76 20.17
CA ASP A 226 19.26 -1.29 20.84
C ASP A 226 20.30 -0.80 19.84
N ARG A 227 20.45 -1.50 18.70
CA ARG A 227 21.38 -1.03 17.65
C ARG A 227 20.90 0.31 17.07
N GLU A 228 19.62 0.39 16.69
CA GLU A 228 19.16 1.59 16.00
C GLU A 228 19.20 2.81 16.91
N VAL A 229 18.75 2.66 18.17
CA VAL A 229 18.70 3.77 19.12
C VAL A 229 20.10 4.20 19.54
N SER A 230 21.03 3.25 19.60
CA SER A 230 22.44 3.58 19.79
C SER A 230 22.92 4.61 18.77
N LEU A 231 22.50 4.47 17.52
CA LEU A 231 23.09 5.19 16.39
C LEU A 231 22.27 6.36 15.89
N GLY A 232 21.14 6.67 16.53
CA GLY A 232 20.31 7.75 16.03
C GLY A 232 19.47 7.42 14.82
N GLN A 233 19.18 6.13 14.58
CA GLN A 233 18.15 5.75 13.62
C GLN A 233 16.79 5.79 14.33
N ILE A 234 15.80 6.46 13.73
CA ILE A 234 14.52 6.67 14.42
C ILE A 234 13.42 5.80 13.86
N THR A 235 13.71 4.95 12.88
CA THR A 235 12.68 4.12 12.26
C THR A 235 12.47 2.86 13.10
N ASN A 236 11.70 3.03 14.18
CA ASN A 236 11.49 1.96 15.16
C ASN A 236 10.28 2.30 16.03
N CYS A 237 9.25 1.45 16.00
CA CYS A 237 8.02 1.83 16.70
C CYS A 237 8.18 1.88 18.22
N PHE A 238 9.18 1.21 18.80
CA PHE A 238 9.31 1.29 20.24
C PHE A 238 9.85 2.64 20.72
N ARG A 239 10.34 3.47 19.80
CA ARG A 239 10.66 4.85 20.14
C ARG A 239 9.41 5.67 20.41
N LEU A 240 8.23 5.12 20.12
CA LEU A 240 6.96 5.80 20.37
C LEU A 240 6.48 5.63 21.79
N CYS A 241 7.21 4.89 22.63
CA CYS A 241 6.80 4.71 24.01
C CYS A 241 8.02 4.91 24.90
N ASP A 242 7.76 5.17 26.17
CA ASP A 242 8.84 5.27 27.15
C ASP A 242 9.16 3.84 27.60
N VAL A 243 10.20 3.25 27.01
CA VAL A 243 10.50 1.86 27.32
C VAL A 243 11.11 1.71 28.73
N SER A 244 11.37 2.81 29.44
CA SER A 244 11.85 2.65 30.83
C SER A 244 10.71 2.66 31.84
N ASP A 245 9.48 2.73 31.39
CA ASP A 245 8.31 2.64 32.24
C ASP A 245 7.76 1.26 31.95
N GLU A 246 7.96 0.32 32.88
CA GLU A 246 7.52 -1.05 32.65
C GLU A 246 6.05 -1.09 32.25
N THR A 247 5.22 -0.33 32.96
CA THR A 247 3.80 -0.30 32.66
C THR A 247 3.53 0.25 31.27
N ALA A 248 4.16 1.38 30.92
CA ALA A 248 3.99 1.91 29.57
C ALA A 248 4.51 0.94 28.53
N PHE A 249 5.67 0.30 28.79
CA PHE A 249 6.17 -0.64 27.81
C PHE A 249 5.23 -1.82 27.64
N LYS A 250 4.78 -2.41 28.76
CA LYS A 250 3.86 -3.54 28.70
C LYS A 250 2.61 -3.16 27.92
N GLU A 251 2.09 -1.97 28.19
CA GLU A 251 0.87 -1.54 27.52
C GLU A 251 1.09 -1.42 26.01
N PHE A 252 2.20 -0.79 25.62
CA PHE A 252 2.49 -0.62 24.21
C PHE A 252 2.75 -1.97 23.55
N PHE A 253 3.48 -2.84 24.24
CA PHE A 253 3.81 -4.14 23.67
C PHE A 253 2.56 -4.98 23.44
N GLN A 254 1.64 -5.02 24.42
CA GLN A 254 0.41 -5.76 24.20
C GLN A 254 -0.40 -5.16 23.05
N ALA A 255 -0.43 -3.84 22.93
CA ALA A 255 -1.12 -3.23 21.80
C ALA A 255 -0.52 -3.70 20.48
N ARG A 256 0.81 -3.86 20.44
CA ARG A 256 1.45 -4.33 19.22
C ARG A 256 1.17 -5.82 18.99
N LEU A 257 1.17 -6.63 20.06
CA LEU A 257 0.76 -8.02 19.90
C LEU A 257 -0.65 -8.09 19.34
N ASP A 258 -1.57 -7.28 19.88
CA ASP A 258 -2.95 -7.30 19.40
C ASP A 258 -3.01 -6.95 17.92
N ASP A 259 -2.16 -6.03 17.46
CA ASP A 259 -2.10 -5.71 16.02
C ASP A 259 -1.70 -6.96 15.22
N MET A 260 -0.65 -7.65 15.67
CA MET A 260 -0.19 -8.84 14.98
C MET A 260 -1.28 -9.89 14.90
N ILE A 261 -2.00 -10.09 16.02
CA ILE A 261 -3.04 -11.11 16.08
C ILE A 261 -4.16 -10.77 15.12
N GLU A 262 -4.57 -9.51 15.13
CA GLU A 262 -5.64 -9.07 14.23
C GLU A 262 -5.27 -9.28 12.77
N ASP A 263 -4.04 -8.91 12.39
CA ASP A 263 -3.58 -9.18 11.02
C ASP A 263 -3.57 -10.68 10.72
N ILE A 264 -3.07 -11.49 11.64
CA ILE A 264 -2.98 -12.93 11.40
C ILE A 264 -4.38 -13.54 11.24
N GLU A 265 -5.32 -13.10 12.08
CA GLU A 265 -6.66 -13.66 12.00
C GLU A 265 -7.33 -13.28 10.68
N CYS A 266 -7.11 -12.06 10.18
CA CYS A 266 -7.62 -11.66 8.88
C CYS A 266 -6.90 -12.38 7.74
N ILE A 267 -5.60 -12.62 7.87
CA ILE A 267 -4.88 -13.35 6.84
C ILE A 267 -5.50 -14.73 6.61
N LYS A 268 -6.13 -15.31 7.64
CA LYS A 268 -6.78 -16.61 7.50
C LYS A 268 -8.02 -16.57 6.62
N ALA A 269 -8.43 -15.38 6.17
CA ALA A 269 -9.47 -15.26 5.15
C ALA A 269 -8.96 -15.49 3.74
N PHE A 270 -7.66 -15.33 3.51
CA PHE A 270 -7.16 -15.52 2.16
C PHE A 270 -7.18 -16.99 1.79
N ASP A 271 -6.98 -17.27 0.52
CA ASP A 271 -6.95 -18.66 0.06
C ASP A 271 -5.84 -19.42 0.79
N GLN A 272 -5.98 -20.75 0.83
CA GLN A 272 -5.16 -21.54 1.74
C GLN A 272 -3.67 -21.57 1.35
N LEU A 273 -3.34 -21.27 0.10
CA LEU A 273 -1.92 -21.21 -0.23
C LEU A 273 -1.35 -19.83 0.08
N THR A 274 -2.07 -18.78 -0.29
CA THR A 274 -1.59 -17.43 0.01
C THR A 274 -1.45 -17.23 1.51
N GLN A 275 -2.37 -17.77 2.30
CA GLN A 275 -2.26 -17.56 3.73
C GLN A 275 -1.08 -18.34 4.30
N ASP A 276 -0.75 -19.49 3.70
CA ASP A 276 0.51 -20.17 4.04
C ASP A 276 1.69 -19.22 3.89
N VAL A 277 1.80 -18.57 2.73
CA VAL A 277 2.94 -17.71 2.42
C VAL A 277 3.00 -16.51 3.36
N PHE A 278 1.86 -15.84 3.60
CA PHE A 278 1.88 -14.69 4.52
C PHE A 278 2.34 -15.10 5.91
N LEU A 279 1.79 -16.19 6.44
CA LEU A 279 2.08 -16.59 7.82
C LEU A 279 3.50 -17.15 7.97
N ASP A 280 3.96 -17.96 7.01
CA ASP A 280 5.36 -18.38 7.02
C ASP A 280 6.30 -17.19 6.98
N LEU A 281 5.90 -16.13 6.26
CA LEU A 281 6.74 -14.95 6.21
C LEU A 281 6.87 -14.30 7.58
N ILE A 282 5.75 -14.07 8.26
CA ILE A 282 5.80 -13.38 9.55
C ILE A 282 6.48 -14.25 10.61
N TYR A 283 6.08 -15.50 10.69
CA TYR A 283 6.63 -16.39 11.71
C TYR A 283 8.08 -16.76 11.39
N GLY A 284 8.37 -17.03 10.12
CA GLY A 284 9.75 -17.28 9.74
C GLY A 284 10.67 -16.11 10.05
N ASN A 285 10.20 -14.87 9.81
CA ASN A 285 11.03 -13.73 10.14
C ASN A 285 11.35 -13.71 11.64
N PHE A 286 10.38 -14.09 12.47
CA PHE A 286 10.62 -14.15 13.91
C PHE A 286 11.67 -15.21 14.25
N VAL A 287 11.54 -16.40 13.68
CA VAL A 287 12.50 -17.47 13.99
C VAL A 287 13.90 -17.03 13.57
N TRP A 288 14.03 -16.49 12.36
CA TRP A 288 15.31 -16.02 11.86
C TRP A 288 15.87 -14.88 12.72
N THR A 289 15.03 -13.90 13.05
CA THR A 289 15.46 -12.75 13.85
C THR A 289 16.04 -13.19 15.20
N THR A 290 15.40 -14.15 15.86
CA THR A 290 15.83 -14.57 17.19
C THR A 290 17.03 -15.53 17.18
N SER A 291 17.44 -16.03 16.02
CA SER A 291 18.60 -16.90 15.93
C SER A 291 19.77 -16.21 15.23
N ASN A 292 19.63 -14.93 14.90
CA ASN A 292 20.57 -14.21 14.06
C ASN A 292 21.34 -13.22 14.91
N LYS A 293 22.67 -13.29 14.82
CA LYS A 293 23.57 -12.40 15.55
C LYS A 293 23.38 -10.95 15.15
N ARG A 294 22.87 -10.71 13.95
CA ARG A 294 22.47 -9.35 13.57
C ARG A 294 21.58 -8.72 14.63
N TYR A 295 20.76 -9.52 15.31
CA TYR A 295 19.79 -8.99 16.27
C TYR A 295 20.10 -9.41 17.71
N LYS A 296 21.38 -9.30 18.11
CA LYS A 296 21.85 -9.71 19.43
C LYS A 296 22.85 -8.72 20.02
N THR A 297 24.12 -8.79 19.64
CA THR A 297 25.08 -7.85 20.22
C THR A 297 24.86 -6.50 19.60
N ALA A 298 25.47 -5.48 20.21
CA ALA A 298 25.34 -4.13 19.66
C ALA A 298 25.97 -4.06 18.28
N VAL A 299 27.06 -3.33 18.16
CA VAL A 299 27.83 -3.35 16.91
C VAL A 299 28.52 -4.69 16.81
N ASN A 300 28.46 -5.33 15.65
CA ASN A 300 29.14 -6.60 15.40
C ASN A 300 29.36 -6.74 13.89
N ASP A 301 30.04 -7.83 13.51
CA ASP A 301 30.56 -7.92 12.15
C ASP A 301 29.51 -8.20 11.09
N VAL A 302 28.27 -8.52 11.48
CA VAL A 302 27.22 -8.71 10.50
C VAL A 302 26.21 -7.58 10.49
N ASN A 303 26.24 -6.65 11.47
CA ASN A 303 25.29 -5.54 11.48
C ASN A 303 25.93 -4.16 11.64
N SER A 304 27.25 -4.07 11.56
CA SER A 304 27.93 -2.78 11.68
C SER A 304 27.66 -1.94 10.45
N ARG A 305 27.67 -0.63 10.65
CA ARG A 305 27.51 0.29 9.55
C ARG A 305 28.64 0.10 8.55
N ILE A 306 28.30 0.09 7.26
CA ILE A 306 29.30 -0.01 6.21
C ILE A 306 29.74 1.42 5.90
N GLN A 307 30.81 1.86 6.56
CA GLN A 307 31.03 3.32 6.73
C GLN A 307 31.52 3.98 5.43
N GLY B 9 -37.98 -11.21 8.97
CA GLY B 9 -38.54 -10.03 9.60
C GLY B 9 -38.45 -8.76 8.76
N ALA B 10 -38.49 -7.61 9.41
CA ALA B 10 -38.26 -6.35 8.70
C ALA B 10 -36.86 -5.83 8.96
N GLN B 11 -36.21 -5.30 7.94
CA GLN B 11 -34.80 -4.96 8.06
C GLN B 11 -34.61 -3.73 8.93
N ASP B 12 -33.35 -3.46 9.27
CA ASP B 12 -33.01 -2.34 10.13
C ASP B 12 -33.07 -1.02 9.34
N ILE B 13 -34.29 -0.48 9.25
CA ILE B 13 -34.49 0.80 8.56
C ILE B 13 -33.74 1.91 9.27
N GLY B 14 -33.74 1.92 10.60
CA GLY B 14 -33.02 2.95 11.32
C GLY B 14 -31.56 3.01 10.90
N ARG B 15 -30.95 1.85 10.71
CA ARG B 15 -29.57 1.71 10.25
C ARG B 15 -29.42 1.89 8.74
N SER B 16 -30.50 2.17 8.03
CA SER B 16 -30.48 2.25 6.58
C SER B 16 -29.75 3.46 6.02
N SER B 17 -29.45 4.48 6.82
CA SER B 17 -29.21 5.80 6.26
C SER B 17 -28.35 6.64 7.19
N VAL B 18 -27.51 7.49 6.60
CA VAL B 18 -26.84 8.53 7.37
C VAL B 18 -27.50 9.88 7.16
N ARG B 19 -28.65 9.90 6.50
CA ARG B 19 -29.38 11.15 6.26
C ARG B 19 -29.65 11.98 7.50
N PRO B 20 -29.90 11.42 8.69
CA PRO B 20 -30.06 12.28 9.88
C PRO B 20 -28.83 13.11 10.19
N TYR B 21 -27.68 12.75 9.68
CA TYR B 21 -26.43 13.42 10.02
C TYR B 21 -25.86 14.25 8.88
N LEU B 22 -26.58 14.35 7.78
CA LEU B 22 -26.01 14.92 6.55
C LEU B 22 -25.54 16.36 6.76
N GLU B 23 -26.40 17.21 7.28
CA GLU B 23 -26.04 18.62 7.38
C GLU B 23 -24.87 18.82 8.35
N GLU B 24 -24.95 18.23 9.52
CA GLU B 24 -23.92 18.55 10.51
C GLU B 24 -22.59 17.87 10.17
N CYS B 25 -22.62 16.67 9.55
CA CYS B 25 -21.37 16.07 9.11
C CYS B 25 -20.74 16.87 7.96
N THR B 26 -21.55 17.36 7.03
CA THR B 26 -21.01 18.18 5.95
C THR B 26 -20.30 19.41 6.53
N ARG B 27 -21.00 20.09 7.43
CA ARG B 27 -20.43 21.25 8.11
C ARG B 27 -19.12 20.89 8.81
N ARG B 28 -19.11 19.74 9.50
CA ARG B 28 -17.92 19.31 10.23
C ARG B 28 -16.75 19.07 9.29
N PHE B 29 -16.96 18.29 8.22
CA PHE B 29 -15.93 18.10 7.21
C PHE B 29 -15.36 19.43 6.74
N GLN B 30 -16.25 20.35 6.36
CA GLN B 30 -15.78 21.62 5.83
C GLN B 30 -14.98 22.39 6.85
N GLU B 31 -15.43 22.41 8.11
CA GLU B 31 -14.68 23.10 9.16
C GLU B 31 -13.28 22.52 9.28
N MET B 32 -13.19 21.20 9.13
CA MET B 32 -11.89 20.54 9.26
C MET B 32 -10.97 20.97 8.13
N PHE B 33 -11.47 20.93 6.88
CA PHE B 33 -10.67 21.36 5.75
C PHE B 33 -10.25 22.83 5.87
N ASP B 34 -11.15 23.69 6.37
CA ASP B 34 -10.83 25.10 6.50
C ASP B 34 -9.72 25.32 7.51
N ARG B 35 -9.71 24.52 8.59
CA ARG B 35 -8.70 24.72 9.62
C ARG B 35 -7.38 24.03 9.29
N HIS B 36 -7.42 22.90 8.59
CA HIS B 36 -6.19 22.14 8.33
C HIS B 36 -5.69 22.21 6.90
N VAL B 37 -6.55 22.12 5.88
CA VAL B 37 -6.12 22.22 4.48
C VAL B 37 -5.98 23.66 4.02
N VAL B 38 -7.04 24.47 4.19
CA VAL B 38 -7.03 25.92 4.06
C VAL B 38 -7.23 26.33 2.59
N THR B 39 -6.27 25.98 1.75
CA THR B 39 -6.28 26.39 0.36
C THR B 39 -7.46 25.73 -0.36
N ARG B 40 -8.29 26.53 -1.04
CA ARG B 40 -9.46 25.92 -1.66
C ARG B 40 -9.09 25.27 -3.00
N PRO B 41 -9.58 24.07 -3.27
CA PRO B 41 -9.19 23.39 -4.52
C PRO B 41 -9.78 24.09 -5.73
N THR B 42 -9.19 23.81 -6.89
CA THR B 42 -9.55 24.51 -8.13
C THR B 42 -9.86 23.51 -9.23
N LYS B 43 -10.95 23.76 -9.94
CA LYS B 43 -11.36 22.89 -11.03
C LYS B 43 -10.54 23.20 -12.27
N VAL B 44 -9.75 22.23 -12.73
CA VAL B 44 -9.20 22.25 -14.08
C VAL B 44 -10.34 22.45 -15.07
N GLU B 45 -10.28 23.51 -15.86
CA GLU B 45 -11.30 23.70 -16.89
C GLU B 45 -10.85 22.94 -18.14
N LEU B 46 -11.76 22.17 -18.72
CA LEU B 46 -11.51 21.54 -20.01
C LEU B 46 -12.02 22.46 -21.11
N THR B 47 -11.68 22.12 -22.34
CA THR B 47 -12.26 22.83 -23.46
C THR B 47 -13.46 22.06 -23.99
N ASP B 48 -14.29 22.78 -24.76
CA ASP B 48 -15.39 22.13 -25.47
C ASP B 48 -14.94 20.88 -26.19
N ALA B 49 -13.94 21.02 -27.08
CA ALA B 49 -13.34 19.86 -27.74
C ALA B 49 -12.96 18.79 -26.72
N GLU B 50 -12.17 19.18 -25.71
CA GLU B 50 -11.62 18.21 -24.76
C GLU B 50 -12.72 17.42 -24.05
N LEU B 51 -13.68 18.12 -23.45
CA LEU B 51 -14.84 17.44 -22.88
C LEU B 51 -15.35 16.34 -23.81
N ARG B 52 -15.65 16.71 -25.06
CA ARG B 52 -16.14 15.74 -26.04
C ARG B 52 -15.13 14.62 -26.27
N GLU B 53 -13.87 14.96 -26.52
CA GLU B 53 -12.88 13.94 -26.82
C GLU B 53 -12.74 12.94 -25.67
N VAL B 54 -12.99 13.40 -24.44
CA VAL B 54 -12.98 12.50 -23.29
C VAL B 54 -14.12 11.49 -23.40
N ILE B 55 -15.34 11.96 -23.70
CA ILE B 55 -16.48 11.05 -23.80
C ILE B 55 -16.31 10.08 -24.96
N ASP B 56 -15.94 10.60 -26.14
CA ASP B 56 -15.74 9.73 -27.29
C ASP B 56 -14.76 8.60 -26.98
N ASP B 57 -13.70 8.93 -26.22
CA ASP B 57 -12.74 7.92 -25.79
C ASP B 57 -13.33 6.95 -24.77
N CYS B 58 -14.10 7.45 -23.80
CA CYS B 58 -14.74 6.56 -22.84
C CYS B 58 -15.74 5.62 -23.51
N ASN B 59 -16.51 6.13 -24.47
CA ASN B 59 -17.54 5.29 -25.08
C ASN B 59 -16.93 4.13 -25.86
N ALA B 60 -15.90 4.40 -26.66
CA ALA B 60 -15.26 3.32 -27.41
C ALA B 60 -14.71 2.27 -26.45
N ALA B 61 -14.22 2.70 -25.29
CA ALA B 61 -13.59 1.78 -24.36
C ALA B 61 -14.60 0.79 -23.79
N VAL B 62 -15.81 1.26 -23.44
CA VAL B 62 -16.78 0.41 -22.80
C VAL B 62 -17.83 -0.15 -23.74
N ALA B 63 -17.86 0.30 -25.00
CA ALA B 63 -18.84 -0.22 -25.95
C ALA B 63 -18.88 -1.74 -26.04
N PRO B 64 -17.76 -2.46 -26.12
CA PRO B 64 -17.85 -3.94 -26.22
C PRO B 64 -18.49 -4.61 -25.01
N LEU B 65 -18.62 -3.92 -23.86
CA LEU B 65 -19.31 -4.53 -22.72
C LEU B 65 -20.83 -4.34 -22.76
N GLY B 66 -21.37 -3.81 -23.86
CA GLY B 66 -22.79 -3.85 -24.13
C GLY B 66 -23.66 -2.83 -23.40
N LYS B 67 -23.07 -1.81 -22.77
CA LYS B 67 -23.85 -0.87 -21.96
C LYS B 67 -23.67 0.55 -22.45
N THR B 68 -24.79 1.26 -22.59
CA THR B 68 -24.77 2.70 -22.86
C THR B 68 -24.45 3.48 -21.59
N VAL B 69 -23.72 4.58 -21.77
CA VAL B 69 -23.45 5.54 -20.70
C VAL B 69 -23.74 6.92 -21.26
N SER B 70 -24.61 7.67 -20.58
CA SER B 70 -24.97 9.00 -21.03
C SER B 70 -23.85 10.00 -20.78
N ASP B 71 -23.83 11.08 -21.56
CA ASP B 71 -22.86 12.16 -21.33
C ASP B 71 -22.98 12.69 -19.91
N GLU B 72 -24.18 12.72 -19.36
CA GLU B 72 -24.35 13.21 -17.99
C GLU B 72 -23.70 12.27 -16.98
N ARG B 73 -23.81 10.96 -17.20
CA ARG B 73 -23.16 10.01 -16.31
C ARG B 73 -21.64 10.13 -16.42
N TRP B 74 -21.12 10.22 -17.65
CA TRP B 74 -19.69 10.44 -17.82
C TRP B 74 -19.24 11.71 -17.09
N ILE B 75 -20.00 12.81 -17.24
CA ILE B 75 -19.56 14.07 -16.65
C ILE B 75 -19.59 13.99 -15.13
N SER B 76 -20.51 13.20 -14.56
CA SER B 76 -20.51 13.03 -13.11
C SER B 76 -19.32 12.17 -12.65
N TYR B 77 -18.92 11.17 -13.45
CA TYR B 77 -17.69 10.44 -13.15
C TYR B 77 -16.47 11.34 -13.25
N VAL B 78 -16.43 12.18 -14.28
CA VAL B 78 -15.18 12.88 -14.60
C VAL B 78 -14.90 14.01 -13.63
N GLY B 79 -15.94 14.51 -12.93
CA GLY B 79 -15.75 15.66 -12.06
C GLY B 79 -14.69 15.47 -10.99
N VAL B 80 -14.50 14.23 -10.52
CA VAL B 80 -13.50 14.03 -9.48
C VAL B 80 -12.11 14.38 -10.01
N VAL B 81 -11.85 14.09 -11.28
CA VAL B 81 -10.55 14.46 -11.85
C VAL B 81 -10.47 15.97 -12.03
N LEU B 82 -11.56 16.59 -12.51
CA LEU B 82 -11.55 18.04 -12.72
C LEU B 82 -11.33 18.80 -11.42
N TRP B 83 -11.86 18.29 -10.31
CA TRP B 83 -11.79 18.99 -9.02
C TRP B 83 -10.62 18.56 -8.13
N SER B 84 -10.09 17.36 -8.31
CA SER B 84 -9.19 16.81 -7.29
C SER B 84 -7.76 16.66 -7.78
N GLN B 85 -7.43 17.11 -8.98
CA GLN B 85 -6.03 17.25 -9.36
C GLN B 85 -5.54 18.59 -8.82
N SER B 86 -4.42 19.10 -9.33
CA SER B 86 -3.85 20.35 -8.84
C SER B 86 -3.49 21.21 -10.04
N PRO B 87 -4.40 22.11 -10.45
CA PRO B 87 -4.20 22.83 -11.73
C PRO B 87 -2.90 23.59 -11.83
N ARG B 88 -2.45 24.22 -10.75
CA ARG B 88 -1.29 25.08 -10.85
C ARG B 88 -0.03 24.31 -11.24
N HIS B 89 0.01 23.00 -10.99
CA HIS B 89 1.19 22.19 -11.22
C HIS B 89 1.08 21.28 -12.44
N ILE B 90 0.01 21.38 -13.22
CA ILE B 90 -0.14 20.51 -14.38
C ILE B 90 0.87 20.91 -15.46
N LYS B 91 1.56 19.92 -16.03
CA LYS B 91 2.37 20.17 -17.22
C LYS B 91 2.03 19.28 -18.40
N ASP B 92 1.37 18.16 -18.21
CA ASP B 92 0.98 17.34 -19.35
C ASP B 92 -0.54 17.23 -19.37
N MET B 93 -1.18 17.91 -20.34
CA MET B 93 -2.62 17.79 -20.46
C MET B 93 -3.05 16.48 -21.11
N GLU B 94 -2.18 15.85 -21.91
CA GLU B 94 -2.49 14.53 -22.41
C GLU B 94 -2.60 13.50 -21.28
N ALA B 95 -1.67 13.56 -20.32
CA ALA B 95 -1.77 12.70 -19.16
C ALA B 95 -3.03 13.03 -18.33
N PHE B 96 -3.38 14.31 -18.26
CA PHE B 96 -4.58 14.67 -17.51
C PHE B 96 -5.82 14.07 -18.17
N LYS B 97 -5.91 14.15 -19.50
CA LYS B 97 -7.01 13.53 -20.25
C LYS B 97 -7.01 12.01 -20.09
N ALA B 98 -5.83 11.38 -20.12
CA ALA B 98 -5.74 9.95 -19.82
C ALA B 98 -6.40 9.65 -18.49
N VAL B 99 -6.10 10.44 -17.46
CA VAL B 99 -6.67 10.18 -16.15
C VAL B 99 -8.18 10.41 -16.16
N CYS B 100 -8.67 11.40 -16.92
CA CYS B 100 -10.11 11.55 -17.08
C CYS B 100 -10.73 10.28 -17.67
N VAL B 101 -10.16 9.79 -18.76
CA VAL B 101 -10.72 8.60 -19.39
C VAL B 101 -10.59 7.39 -18.48
N LEU B 102 -9.39 7.14 -17.96
CA LEU B 102 -9.15 5.94 -17.16
C LEU B 102 -9.99 5.94 -15.89
N ASN B 103 -10.07 7.09 -15.21
CA ASN B 103 -10.99 7.21 -14.08
C ASN B 103 -12.41 6.85 -14.48
N CYS B 104 -12.90 7.40 -15.61
CA CYS B 104 -14.31 7.23 -15.95
C CYS B 104 -14.64 5.79 -16.34
N VAL B 105 -13.81 5.15 -17.16
CA VAL B 105 -14.21 3.83 -17.64
C VAL B 105 -14.07 2.78 -16.54
N THR B 106 -13.13 2.96 -15.61
CA THR B 106 -13.09 2.04 -14.48
C THR B 106 -14.17 2.36 -13.46
N PHE B 107 -14.70 3.59 -13.46
CA PHE B 107 -15.90 3.88 -12.68
C PHE B 107 -17.10 3.09 -13.20
N VAL B 108 -17.24 3.00 -14.53
CA VAL B 108 -18.28 2.14 -15.10
C VAL B 108 -18.10 0.70 -14.61
N TRP B 109 -16.86 0.21 -14.67
CA TRP B 109 -16.56 -1.14 -14.20
C TRP B 109 -16.98 -1.33 -12.75
N ASP B 110 -16.72 -0.33 -11.91
CA ASP B 110 -17.13 -0.34 -10.50
C ASP B 110 -18.64 -0.47 -10.36
N ASP B 111 -19.41 0.08 -11.30
CA ASP B 111 -20.86 0.13 -11.22
C ASP B 111 -21.54 -1.05 -11.91
N MET B 112 -20.80 -1.92 -12.59
CA MET B 112 -21.38 -3.00 -13.36
C MET B 112 -21.60 -4.26 -12.53
N ASP B 113 -22.72 -4.93 -12.79
CA ASP B 113 -22.89 -6.30 -12.32
C ASP B 113 -21.77 -7.16 -12.91
N PRO B 114 -21.26 -8.14 -12.17
CA PRO B 114 -20.08 -8.90 -12.64
C PRO B 114 -20.27 -9.65 -13.96
N ALA B 115 -21.51 -9.78 -14.46
CA ALA B 115 -21.68 -10.37 -15.77
C ALA B 115 -21.00 -9.56 -16.87
N LEU B 116 -21.27 -8.25 -16.94
CA LEU B 116 -20.71 -7.42 -18.01
C LEU B 116 -19.19 -7.34 -17.97
N HIS B 117 -18.54 -7.75 -16.88
CA HIS B 117 -17.08 -7.74 -16.85
C HIS B 117 -16.58 -8.71 -17.91
N ASP B 118 -15.85 -8.22 -18.90
CA ASP B 118 -15.10 -9.09 -19.81
C ASP B 118 -13.68 -8.55 -19.97
N PHE B 119 -12.74 -9.22 -19.31
CA PHE B 119 -11.35 -8.77 -19.34
C PHE B 119 -10.77 -8.84 -20.75
N GLY B 120 -11.13 -9.89 -21.50
CA GLY B 120 -10.56 -10.04 -22.84
C GLY B 120 -10.88 -8.89 -23.76
N LEU B 121 -12.09 -8.34 -23.65
CA LEU B 121 -12.48 -7.18 -24.43
C LEU B 121 -11.98 -5.88 -23.82
N PHE B 122 -12.00 -5.77 -22.49
CA PHE B 122 -11.78 -4.48 -21.86
C PHE B 122 -10.30 -4.16 -21.62
N LEU B 123 -9.51 -5.13 -21.16
CA LEU B 123 -8.08 -4.85 -20.97
C LEU B 123 -7.39 -4.27 -22.20
N PRO B 124 -7.62 -4.77 -23.42
CA PRO B 124 -6.99 -4.12 -24.59
C PRO B 124 -7.37 -2.65 -24.76
N GLN B 125 -8.59 -2.25 -24.40
CA GLN B 125 -8.98 -0.84 -24.49
C GLN B 125 -8.23 0.00 -23.47
N LEU B 126 -8.09 -0.50 -22.25
CA LEU B 126 -7.31 0.22 -21.24
C LEU B 126 -5.90 0.47 -21.72
N ARG B 127 -5.22 -0.56 -22.22
CA ARG B 127 -3.82 -0.39 -22.60
C ARG B 127 -3.68 0.58 -23.76
N LYS B 128 -4.59 0.53 -24.72
CA LYS B 128 -4.54 1.47 -25.84
C LYS B 128 -4.68 2.91 -25.37
N ILE B 129 -5.53 3.16 -24.37
CA ILE B 129 -5.65 4.51 -23.84
C ILE B 129 -4.32 4.97 -23.27
N CYS B 130 -3.66 4.09 -22.51
CA CYS B 130 -2.37 4.44 -21.93
C CYS B 130 -1.35 4.77 -23.02
N GLU B 131 -1.45 4.12 -24.17
CA GLU B 131 -0.46 4.32 -25.22
C GLU B 131 -0.72 5.58 -26.02
N LYS B 132 -2.00 5.96 -26.18
CA LYS B 132 -2.31 7.22 -26.85
C LYS B 132 -1.77 8.42 -26.06
N TYR B 133 -1.75 8.33 -24.72
CA TYR B 133 -1.54 9.52 -23.89
C TYR B 133 -0.22 9.55 -23.11
N TYR B 134 0.45 8.41 -22.88
CA TYR B 134 1.65 8.40 -22.07
C TYR B 134 2.88 7.92 -22.85
N GLY B 135 4.06 8.25 -22.31
CA GLY B 135 5.32 7.71 -22.77
C GLY B 135 5.46 6.26 -22.41
N PRO B 136 6.26 5.50 -23.18
CA PRO B 136 6.28 4.03 -23.01
C PRO B 136 6.56 3.54 -21.59
N GLU B 137 7.48 4.18 -20.86
CA GLU B 137 7.70 3.85 -19.46
C GLU B 137 6.43 4.13 -18.63
N ASP B 138 5.98 5.38 -18.59
CA ASP B 138 4.81 5.72 -17.78
C ASP B 138 3.53 5.02 -18.25
N ALA B 139 3.45 4.69 -19.53
CA ALA B 139 2.28 3.96 -20.02
C ALA B 139 2.24 2.56 -19.44
N GLU B 140 3.41 1.99 -19.15
CA GLU B 140 3.43 0.68 -18.55
C GLU B 140 2.92 0.72 -17.12
N VAL B 141 3.27 1.80 -16.40
CA VAL B 141 2.87 1.95 -15.00
C VAL B 141 1.38 2.25 -14.90
N ALA B 142 0.84 3.07 -15.81
CA ALA B 142 -0.58 3.38 -15.75
C ALA B 142 -1.43 2.19 -16.14
N TYR B 143 -1.02 1.43 -17.16
CA TYR B 143 -1.75 0.22 -17.52
C TYR B 143 -1.75 -0.82 -16.40
N GLU B 144 -0.58 -1.12 -15.83
CA GLU B 144 -0.55 -2.10 -14.72
C GLU B 144 -1.47 -1.69 -13.59
N ALA B 145 -1.49 -0.40 -13.27
CA ALA B 145 -2.35 0.06 -12.18
C ALA B 145 -3.83 -0.08 -12.53
N ALA B 146 -4.20 0.21 -13.79
CA ALA B 146 -5.61 0.05 -14.18
C ALA B 146 -6.02 -1.41 -14.20
N ARG B 147 -5.19 -2.26 -14.81
CA ARG B 147 -5.39 -3.71 -14.75
C ARG B 147 -5.57 -4.18 -13.31
N ALA B 148 -4.65 -3.79 -12.42
CA ALA B 148 -4.73 -4.28 -11.05
C ALA B 148 -6.01 -3.80 -10.37
N PHE B 149 -6.44 -2.57 -10.68
CA PHE B 149 -7.68 -2.08 -10.09
C PHE B 149 -8.90 -2.87 -10.58
N VAL B 150 -9.03 -3.04 -11.91
CA VAL B 150 -10.26 -3.69 -12.37
C VAL B 150 -10.25 -5.18 -12.00
N THR B 151 -9.07 -5.78 -11.93
CA THR B 151 -8.98 -7.16 -11.44
C THR B 151 -9.39 -7.25 -9.98
N SER B 152 -8.94 -6.31 -9.15
CA SER B 152 -9.33 -6.27 -7.74
C SER B 152 -10.83 -6.09 -7.58
N ASP B 153 -11.42 -5.11 -8.29
CA ASP B 153 -12.85 -4.88 -8.13
C ASP B 153 -13.64 -6.13 -8.48
N HIS B 154 -13.21 -6.87 -9.52
CA HIS B 154 -13.92 -8.09 -9.94
C HIS B 154 -13.81 -9.19 -8.91
N MET B 155 -12.58 -9.55 -8.51
CA MET B 155 -12.41 -10.78 -7.74
C MET B 155 -12.80 -10.58 -6.29
N PHE B 156 -13.00 -9.33 -5.83
CA PHE B 156 -13.44 -9.14 -4.46
C PHE B 156 -14.96 -9.05 -4.30
N ARG B 157 -15.75 -9.18 -5.37
CA ARG B 157 -17.19 -9.01 -5.26
C ARG B 157 -17.84 -10.03 -4.30
N ASP B 158 -17.38 -11.27 -4.35
CA ASP B 158 -18.05 -12.31 -3.58
C ASP B 158 -17.05 -12.98 -2.64
N SER B 159 -16.14 -12.18 -2.11
CA SER B 159 -14.96 -12.64 -1.41
C SER B 159 -15.15 -12.59 0.10
N PRO B 160 -14.87 -13.71 0.75
CA PRO B 160 -14.74 -13.68 2.22
C PRO B 160 -13.60 -12.79 2.67
N ILE B 161 -12.61 -12.56 1.81
CA ILE B 161 -11.54 -11.63 2.16
C ILE B 161 -12.10 -10.24 2.35
N LYS B 162 -12.89 -9.78 1.40
CA LYS B 162 -13.53 -8.47 1.56
C LYS B 162 -14.38 -8.42 2.82
N ALA B 163 -15.13 -9.50 3.10
CA ALA B 163 -15.94 -9.56 4.30
C ALA B 163 -15.08 -9.43 5.55
N ALA B 164 -13.96 -10.16 5.61
CA ALA B 164 -13.10 -10.08 6.77
C ALA B 164 -12.54 -8.66 6.95
N LEU B 165 -12.00 -8.07 5.87
CA LEU B 165 -11.37 -6.77 6.01
C LEU B 165 -12.38 -5.66 6.23
N CYS B 166 -13.65 -5.89 5.88
CA CYS B 166 -14.71 -4.89 6.01
C CYS B 166 -15.54 -5.00 7.28
N THR B 167 -15.39 -6.06 8.04
CA THR B 167 -16.23 -6.25 9.21
C THR B 167 -15.42 -6.39 10.48
N THR B 168 -14.11 -6.08 10.47
CA THR B 168 -13.25 -6.31 11.63
C THR B 168 -12.87 -5.01 12.33
N SER B 169 -12.16 -4.11 11.64
CA SER B 169 -11.70 -2.87 12.27
C SER B 169 -11.54 -1.82 11.18
N PRO B 170 -11.52 -0.53 11.54
CA PRO B 170 -11.17 0.49 10.53
C PRO B 170 -9.80 0.27 9.92
N GLU B 171 -8.85 -0.26 10.69
CA GLU B 171 -7.50 -0.41 10.18
C GLU B 171 -7.38 -1.62 9.22
N GLN B 172 -8.26 -2.61 9.33
CA GLN B 172 -8.29 -3.61 8.25
C GLN B 172 -8.97 -3.02 7.02
N TYR B 173 -10.01 -2.25 7.26
CA TYR B 173 -10.82 -1.73 6.15
C TYR B 173 -10.02 -0.77 5.28
N PHE B 174 -9.35 0.21 5.89
CA PHE B 174 -8.62 1.18 5.08
C PHE B 174 -7.47 0.51 4.34
N ARG B 175 -6.90 -0.55 4.93
CA ARG B 175 -5.94 -1.35 4.20
C ARG B 175 -6.51 -1.88 2.89
N PHE B 176 -7.75 -2.37 2.91
CA PHE B 176 -8.38 -2.83 1.68
C PHE B 176 -8.58 -1.68 0.69
N ARG B 177 -8.85 -0.48 1.20
CA ARG B 177 -9.26 0.61 0.33
C ARG B 177 -8.08 1.30 -0.35
N VAL B 178 -6.85 1.07 0.11
CA VAL B 178 -5.70 1.64 -0.61
C VAL B 178 -5.79 1.31 -2.08
N THR B 179 -6.19 0.07 -2.39
CA THR B 179 -6.41 -0.36 -3.75
C THR B 179 -7.86 -0.16 -4.18
N ASP B 180 -8.81 -0.54 -3.32
CA ASP B 180 -10.19 -0.63 -3.76
C ASP B 180 -10.81 0.75 -4.02
N ILE B 181 -10.39 1.80 -3.32
CA ILE B 181 -10.90 3.12 -3.71
C ILE B 181 -10.15 3.67 -4.91
N GLY B 182 -9.30 2.89 -5.55
CA GLY B 182 -8.64 3.33 -6.76
C GLY B 182 -7.56 4.39 -6.57
N VAL B 183 -7.21 4.72 -5.34
CA VAL B 183 -6.26 5.82 -5.14
C VAL B 183 -4.84 5.43 -5.54
N ASP B 184 -4.42 4.19 -5.29
CA ASP B 184 -3.10 3.81 -5.77
C ASP B 184 -3.03 3.92 -7.28
N PHE B 185 -4.06 3.45 -7.96
CA PHE B 185 -4.17 3.55 -9.41
C PHE B 185 -4.14 5.02 -9.84
N TRP B 186 -4.95 5.84 -9.16
CA TRP B 186 -4.96 7.27 -9.41
C TRP B 186 -3.56 7.88 -9.36
N MET B 187 -2.81 7.59 -8.29
CA MET B 187 -1.48 8.16 -8.17
C MET B 187 -0.58 7.68 -9.29
N LYS B 188 -0.67 6.39 -9.63
CA LYS B 188 0.26 5.84 -10.62
C LYS B 188 -0.08 6.28 -12.04
N MET B 189 -1.30 6.75 -12.29
CA MET B 189 -1.60 7.35 -13.59
C MET B 189 -1.52 8.87 -13.61
N SER B 190 -1.44 9.52 -12.44
CA SER B 190 -1.39 10.97 -12.36
C SER B 190 0.01 11.56 -12.24
N TYR B 191 1.03 10.79 -11.84
CA TYR B 191 2.35 11.40 -11.75
C TYR B 191 2.86 11.96 -13.08
N PRO B 192 2.58 11.38 -14.24
CA PRO B 192 3.04 12.05 -15.48
C PRO B 192 2.41 13.42 -15.71
N ILE B 193 1.31 13.75 -15.02
CA ILE B 193 0.72 15.08 -15.13
C ILE B 193 1.68 16.14 -14.62
N TYR B 194 2.39 15.83 -13.54
CA TYR B 194 3.19 16.79 -12.81
C TYR B 194 4.68 16.71 -13.12
N ARG B 195 5.16 15.55 -13.58
CA ARG B 195 6.58 15.28 -13.85
C ARG B 195 7.47 15.90 -12.77
N HIS B 196 7.15 15.55 -11.53
CA HIS B 196 7.80 16.07 -10.34
C HIS B 196 8.47 14.89 -9.62
N PRO B 197 9.80 14.83 -9.60
CA PRO B 197 10.49 13.61 -9.11
C PRO B 197 10.00 13.07 -7.78
N GLU B 198 9.94 13.90 -6.73
CA GLU B 198 9.43 13.41 -5.45
C GLU B 198 8.05 12.77 -5.57
N PHE B 199 7.14 13.42 -6.29
CA PHE B 199 5.78 12.90 -6.39
C PHE B 199 5.75 11.59 -7.14
N THR B 200 6.55 11.48 -8.22
CA THR B 200 6.65 10.23 -8.97
C THR B 200 7.11 9.09 -8.08
N GLU B 201 8.08 9.34 -7.20
CA GLU B 201 8.55 8.26 -6.33
C GLU B 201 7.50 7.90 -5.29
N HIS B 202 6.86 8.89 -4.64
CA HIS B 202 5.81 8.57 -3.69
C HIS B 202 4.64 7.84 -4.36
N ALA B 203 4.38 8.15 -5.62
CA ALA B 203 3.37 7.41 -6.36
C ALA B 203 3.81 5.96 -6.57
N LYS B 204 5.06 5.76 -6.96
CA LYS B 204 5.49 4.41 -7.31
C LYS B 204 5.68 3.51 -6.09
N THR B 205 5.99 4.06 -4.92
CA THR B 205 6.05 3.27 -3.69
C THR B 205 4.67 3.04 -3.08
N SER B 206 3.64 3.74 -3.57
CA SER B 206 2.29 3.78 -3.02
C SER B 206 2.20 4.51 -1.68
N LEU B 207 3.30 5.11 -1.20
CA LEU B 207 3.18 5.96 -0.02
C LEU B 207 2.20 7.12 -0.28
N ALA B 208 2.17 7.63 -1.50
CA ALA B 208 1.21 8.67 -1.85
C ALA B 208 -0.21 8.19 -1.62
N ALA B 209 -0.51 6.98 -2.09
CA ALA B 209 -1.84 6.40 -1.89
C ALA B 209 -2.13 6.14 -0.41
N ARG B 210 -1.15 5.59 0.31
CA ARG B 210 -1.38 5.32 1.72
C ARG B 210 -1.64 6.60 2.51
N MET B 211 -1.05 7.73 2.11
CA MET B 211 -1.27 8.96 2.88
C MET B 211 -2.67 9.55 2.64
N THR B 212 -3.28 9.26 1.50
CA THR B 212 -4.52 9.92 1.10
C THR B 212 -5.74 9.01 1.20
N THR B 213 -5.53 7.72 1.49
CA THR B 213 -6.64 6.76 1.47
C THR B 213 -7.73 7.13 2.45
N ARG B 214 -7.37 7.47 3.68
CA ARG B 214 -8.44 7.69 4.66
C ARG B 214 -9.25 8.95 4.35
N GLY B 215 -8.57 10.02 3.93
CA GLY B 215 -9.28 11.25 3.61
C GLY B 215 -10.26 11.07 2.48
N LEU B 216 -9.85 10.34 1.43
CA LEU B 216 -10.77 10.06 0.33
C LEU B 216 -11.90 9.14 0.78
N THR B 217 -11.54 8.07 1.51
CA THR B 217 -12.49 7.00 1.77
C THR B 217 -13.57 7.43 2.76
N ILE B 218 -13.17 8.10 3.84
CA ILE B 218 -14.14 8.50 4.85
C ILE B 218 -15.20 9.40 4.22
N VAL B 219 -14.77 10.34 3.38
CA VAL B 219 -15.71 11.21 2.69
C VAL B 219 -16.57 10.43 1.71
N ASN B 220 -15.94 9.58 0.88
CA ASN B 220 -16.76 8.78 -0.04
C ASN B 220 -17.76 7.92 0.71
N ASP B 221 -17.30 7.26 1.78
CA ASP B 221 -18.18 6.34 2.50
C ASP B 221 -19.38 7.06 3.08
N PHE B 222 -19.17 8.26 3.63
CA PHE B 222 -20.29 8.94 4.26
C PHE B 222 -21.38 9.23 3.24
N TYR B 223 -21.00 9.75 2.09
CA TYR B 223 -21.99 10.20 1.13
C TYR B 223 -22.50 9.09 0.21
N SER B 224 -21.83 7.92 0.15
CA SER B 224 -22.33 6.80 -0.64
C SER B 224 -22.95 5.71 0.24
N TYR B 225 -23.03 5.93 1.56
CA TYR B 225 -23.57 4.93 2.48
C TYR B 225 -24.98 4.51 2.10
N ASP B 226 -25.87 5.46 1.83
CA ASP B 226 -27.26 5.09 1.59
C ASP B 226 -27.39 4.20 0.36
N ARG B 227 -26.71 4.55 -0.72
CA ARG B 227 -26.80 3.73 -1.92
C ARG B 227 -26.19 2.35 -1.68
N GLU B 228 -25.00 2.31 -1.08
CA GLU B 228 -24.32 1.03 -0.91
C GLU B 228 -25.10 0.11 0.04
N VAL B 229 -25.70 0.69 1.09
CA VAL B 229 -26.50 -0.13 1.99
C VAL B 229 -27.73 -0.71 1.27
N SER B 230 -28.39 0.07 0.40
CA SER B 230 -29.54 -0.48 -0.30
C SER B 230 -29.13 -1.64 -1.22
N LEU B 231 -27.95 -1.57 -1.82
CA LEU B 231 -27.47 -2.60 -2.75
C LEU B 231 -26.84 -3.82 -2.07
N GLY B 232 -26.73 -3.80 -0.74
CA GLY B 232 -26.07 -4.90 -0.05
C GLY B 232 -24.56 -4.86 -0.17
N GLN B 233 -23.98 -3.71 -0.49
CA GLN B 233 -22.53 -3.59 -0.59
C GLN B 233 -21.94 -3.26 0.78
N ILE B 234 -20.87 -3.98 1.15
CA ILE B 234 -20.35 -3.87 2.51
C ILE B 234 -19.07 -3.05 2.59
N THR B 235 -18.57 -2.54 1.46
CA THR B 235 -17.31 -1.79 1.49
C THR B 235 -17.58 -0.33 1.87
N ASN B 236 -17.74 -0.10 3.17
CA ASN B 236 -18.07 1.21 3.72
C ASN B 236 -17.79 1.24 5.22
N CYS B 237 -16.94 2.16 5.66
CA CYS B 237 -16.51 2.13 7.06
C CYS B 237 -17.62 2.46 8.04
N PHE B 238 -18.68 3.15 7.60
CA PHE B 238 -19.74 3.42 8.56
C PHE B 238 -20.61 2.20 8.85
N ARG B 239 -20.44 1.10 8.12
CA ARG B 239 -21.00 -0.17 8.59
C ARG B 239 -20.28 -0.67 9.85
N LEU B 240 -19.11 -0.13 10.16
CA LEU B 240 -18.38 -0.52 11.37
C LEU B 240 -18.98 0.01 12.67
N CYS B 241 -19.68 1.14 12.64
CA CYS B 241 -20.39 1.61 13.81
C CYS B 241 -21.87 1.34 13.60
N ASP B 242 -22.65 1.71 14.60
CA ASP B 242 -24.10 1.54 14.55
C ASP B 242 -24.68 2.91 14.21
N VAL B 243 -24.97 3.14 12.92
CA VAL B 243 -25.47 4.45 12.54
C VAL B 243 -26.88 4.71 13.07
N SER B 244 -27.57 3.68 13.60
CA SER B 244 -28.85 3.94 14.25
C SER B 244 -28.70 4.41 15.70
N ASP B 245 -27.47 4.58 16.17
CA ASP B 245 -27.17 4.96 17.54
C ASP B 245 -26.46 6.30 17.46
N GLU B 246 -27.18 7.38 17.77
CA GLU B 246 -26.60 8.71 17.57
C GLU B 246 -25.31 8.88 18.38
N THR B 247 -25.31 8.39 19.62
CA THR B 247 -24.08 8.41 20.43
C THR B 247 -22.95 7.68 19.74
N ALA B 248 -23.20 6.46 19.27
CA ALA B 248 -22.13 5.69 18.67
C ALA B 248 -21.68 6.32 17.36
N PHE B 249 -22.64 6.85 16.57
CA PHE B 249 -22.27 7.41 15.27
C PHE B 249 -21.31 8.57 15.44
N LYS B 250 -21.67 9.55 16.28
CA LYS B 250 -20.83 10.74 16.38
C LYS B 250 -19.47 10.41 16.97
N GLU B 251 -19.39 9.41 17.85
CA GLU B 251 -18.08 9.04 18.38
C GLU B 251 -17.21 8.40 17.30
N PHE B 252 -17.82 7.53 16.49
CA PHE B 252 -17.12 6.96 15.34
C PHE B 252 -16.72 8.05 14.35
N PHE B 253 -17.65 8.96 14.06
CA PHE B 253 -17.38 10.00 13.09
C PHE B 253 -16.22 10.89 13.54
N GLN B 254 -16.21 11.27 14.82
CA GLN B 254 -15.09 12.05 15.34
C GLN B 254 -13.78 11.27 15.22
N ALA B 255 -13.81 9.97 15.53
CA ALA B 255 -12.60 9.17 15.35
C ALA B 255 -12.12 9.23 13.89
N ARG B 256 -13.06 9.21 12.93
CA ARG B 256 -12.67 9.30 11.53
C ARG B 256 -12.17 10.70 11.18
N LEU B 257 -12.79 11.75 11.73
CA LEU B 257 -12.28 13.10 11.53
C LEU B 257 -10.84 13.23 11.99
N ASP B 258 -10.54 12.79 13.21
CA ASP B 258 -9.18 13.03 13.71
C ASP B 258 -8.18 12.12 13.01
N ASP B 259 -8.65 11.02 12.39
CA ASP B 259 -7.79 10.29 11.46
C ASP B 259 -7.43 11.13 10.24
N MET B 260 -8.44 11.77 9.64
CA MET B 260 -8.17 12.66 8.50
C MET B 260 -7.19 13.74 8.89
N ILE B 261 -7.37 14.32 10.08
CA ILE B 261 -6.50 15.40 10.53
C ILE B 261 -5.08 14.90 10.72
N GLU B 262 -4.93 13.74 11.34
CA GLU B 262 -3.59 13.20 11.50
C GLU B 262 -2.91 13.02 10.15
N ASP B 263 -3.61 12.48 9.14
CA ASP B 263 -3.02 12.33 7.81
C ASP B 263 -2.66 13.69 7.22
N ILE B 264 -3.56 14.65 7.31
CA ILE B 264 -3.27 15.98 6.78
C ILE B 264 -2.03 16.58 7.43
N GLU B 265 -1.92 16.47 8.76
CA GLU B 265 -0.75 16.96 9.49
C GLU B 265 0.55 16.37 8.97
N CYS B 266 0.59 15.06 8.75
CA CYS B 266 1.83 14.46 8.27
C CYS B 266 2.03 14.70 6.78
N ILE B 267 0.98 14.94 6.01
CA ILE B 267 1.16 15.33 4.61
C ILE B 267 1.92 16.65 4.52
N LYS B 268 1.74 17.54 5.49
CA LYS B 268 2.45 18.82 5.45
C LYS B 268 3.95 18.70 5.70
N ALA B 269 4.46 17.50 6.02
CA ALA B 269 5.90 17.28 6.04
C ALA B 269 6.47 17.01 4.66
N PHE B 270 5.66 16.65 3.67
CA PHE B 270 6.16 16.39 2.33
C PHE B 270 6.56 17.72 1.68
N ASP B 271 7.23 17.64 0.52
CA ASP B 271 7.65 18.84 -0.18
C ASP B 271 6.43 19.64 -0.64
N GLN B 272 6.70 20.72 -1.37
CA GLN B 272 5.67 21.73 -1.60
C GLN B 272 4.64 21.29 -2.62
N LEU B 273 5.09 20.89 -3.81
CA LEU B 273 4.17 20.40 -4.83
C LEU B 273 3.45 19.17 -4.37
N THR B 274 4.19 18.20 -3.80
CA THR B 274 3.57 16.97 -3.32
C THR B 274 2.46 17.26 -2.33
N GLN B 275 2.74 18.12 -1.35
CA GLN B 275 1.72 18.56 -0.39
C GLN B 275 0.49 19.12 -1.08
N ASP B 276 0.66 20.07 -1.99
CA ASP B 276 -0.50 20.63 -2.71
C ASP B 276 -1.30 19.52 -3.37
N VAL B 277 -0.61 18.61 -4.05
CA VAL B 277 -1.30 17.58 -4.82
C VAL B 277 -2.09 16.67 -3.90
N PHE B 278 -1.48 16.20 -2.80
CA PHE B 278 -2.19 15.36 -1.85
C PHE B 278 -3.41 16.08 -1.28
N LEU B 279 -3.23 17.35 -0.88
CA LEU B 279 -4.30 18.06 -0.20
C LEU B 279 -5.42 18.45 -1.16
N ASP B 280 -5.08 18.84 -2.39
CA ASP B 280 -6.13 19.11 -3.39
C ASP B 280 -6.91 17.85 -3.70
N LEU B 281 -6.24 16.70 -3.67
CA LEU B 281 -6.94 15.45 -3.93
C LEU B 281 -7.99 15.18 -2.86
N ILE B 282 -7.61 15.28 -1.58
CA ILE B 282 -8.54 14.99 -0.50
C ILE B 282 -9.66 16.02 -0.45
N TYR B 283 -9.29 17.29 -0.50
CA TYR B 283 -10.30 18.34 -0.37
C TYR B 283 -11.14 18.47 -1.66
N GLY B 284 -10.51 18.36 -2.83
CA GLY B 284 -11.27 18.34 -4.06
C GLY B 284 -12.26 17.19 -4.13
N ASN B 285 -11.87 16.01 -3.64
CA ASN B 285 -12.82 14.92 -3.63
C ASN B 285 -14.04 15.26 -2.80
N PHE B 286 -13.84 16.00 -1.70
CA PHE B 286 -14.95 16.40 -0.86
C PHE B 286 -15.85 17.42 -1.57
N VAL B 287 -15.26 18.37 -2.27
CA VAL B 287 -16.07 19.35 -3.01
C VAL B 287 -16.88 18.67 -4.09
N TRP B 288 -16.22 17.80 -4.87
CA TRP B 288 -16.88 17.06 -5.93
C TRP B 288 -17.99 16.16 -5.38
N THR B 289 -17.68 15.42 -4.30
CA THR B 289 -18.64 14.48 -3.74
C THR B 289 -19.90 15.20 -3.27
N THR B 290 -19.76 16.38 -2.67
CA THR B 290 -20.90 17.08 -2.10
C THR B 290 -21.69 17.87 -3.13
N SER B 291 -21.20 17.95 -4.37
CA SER B 291 -21.92 18.65 -5.43
C SER B 291 -22.43 17.71 -6.52
N ASN B 292 -22.29 16.41 -6.34
CA ASN B 292 -22.53 15.43 -7.38
C ASN B 292 -23.79 14.65 -7.03
N LYS B 293 -24.72 14.56 -7.98
CA LYS B 293 -25.95 13.79 -7.77
C LYS B 293 -25.65 12.32 -7.48
N ARG B 294 -24.48 11.84 -7.91
CA ARG B 294 -24.00 10.53 -7.49
C ARG B 294 -24.02 10.35 -5.98
N TYR B 295 -23.76 11.40 -5.23
CA TYR B 295 -23.62 11.26 -3.79
C TYR B 295 -24.69 12.00 -3.02
N LYS B 296 -25.97 11.66 -3.22
CA LYS B 296 -27.04 12.45 -2.62
C LYS B 296 -28.38 11.74 -2.48
N THR B 297 -28.80 10.98 -3.49
CA THR B 297 -30.22 10.82 -3.74
C THR B 297 -30.61 9.36 -3.68
N ALA B 298 -30.01 8.67 -2.69
CA ALA B 298 -30.08 7.22 -2.61
C ALA B 298 -29.63 6.59 -3.91
N VAL B 299 -30.57 6.00 -4.67
CA VAL B 299 -30.32 5.45 -6.00
C VAL B 299 -30.74 6.48 -7.06
N ASN B 300 -29.93 6.60 -8.11
CA ASN B 300 -30.23 7.46 -9.25
C ASN B 300 -29.40 6.98 -10.43
N ASP B 301 -29.49 7.68 -11.56
CA ASP B 301 -28.97 7.17 -12.81
C ASP B 301 -27.54 7.62 -13.14
N VAL B 302 -26.83 8.28 -12.22
CA VAL B 302 -25.38 8.43 -12.36
C VAL B 302 -24.62 7.73 -11.24
N ASN B 303 -25.31 6.93 -10.41
CA ASN B 303 -24.69 5.96 -9.51
C ASN B 303 -25.42 4.62 -9.52
N SER B 304 -26.29 4.38 -10.49
CA SER B 304 -27.14 3.20 -10.45
C SER B 304 -26.36 1.95 -10.77
N ARG B 305 -26.69 0.86 -10.07
CA ARG B 305 -26.25 -0.46 -10.48
C ARG B 305 -26.48 -0.61 -11.98
N ILE B 306 -25.48 -1.12 -12.68
CA ILE B 306 -25.56 -1.26 -14.13
C ILE B 306 -25.98 -2.69 -14.43
N GLN B 307 -26.92 -2.85 -15.38
CA GLN B 307 -27.58 -4.09 -15.74
C GLN B 307 -27.82 -4.12 -17.24
N ALA B 308 -29.09 -3.99 -17.63
CA ALA B 308 -29.48 -3.96 -19.04
C ALA B 308 -30.84 -3.27 -19.20
N GLY A 14 19.84 4.09 30.39
CA GLY A 14 18.85 5.15 30.56
C GLY A 14 17.53 4.89 29.89
N ARG A 15 17.48 5.18 28.59
CA ARG A 15 16.37 4.80 27.75
C ARG A 15 16.74 3.66 26.82
N SER A 16 17.04 3.98 25.57
CA SER A 16 17.63 3.21 24.48
C SER A 16 18.12 1.78 24.75
N SER A 17 17.39 0.94 25.48
CA SER A 17 17.61 -0.49 25.37
C SER A 17 16.36 -1.22 25.80
N VAL A 18 15.99 -2.24 25.04
CA VAL A 18 14.90 -3.12 25.42
C VAL A 18 15.42 -4.44 25.99
N ARG A 19 16.75 -4.58 26.13
CA ARG A 19 17.36 -5.79 26.69
C ARG A 19 16.67 -6.34 27.93
N PRO A 20 16.28 -5.56 28.94
CA PRO A 20 15.68 -6.18 30.13
C PRO A 20 14.37 -6.89 29.85
N TYR A 21 13.66 -6.55 28.78
CA TYR A 21 12.43 -7.24 28.41
C TYR A 21 12.67 -8.37 27.41
N LEU A 22 13.92 -8.70 27.11
CA LEU A 22 14.22 -9.61 26.01
C LEU A 22 13.53 -10.96 26.19
N GLU A 23 13.70 -11.58 27.35
CA GLU A 23 13.20 -12.94 27.53
C GLU A 23 11.67 -12.97 27.55
N GLU A 24 11.04 -12.06 28.30
CA GLU A 24 9.59 -12.03 28.38
C GLU A 24 8.97 -11.78 27.01
N CYS A 25 9.47 -10.79 26.27
CA CYS A 25 8.87 -10.49 24.97
C CYS A 25 9.10 -11.63 23.99
N THR A 26 10.29 -12.24 24.02
CA THR A 26 10.54 -13.38 23.15
C THR A 26 9.53 -14.48 23.40
N ARG A 27 9.30 -14.82 24.67
CA ARG A 27 8.39 -15.93 24.89
C ARG A 27 6.94 -15.52 24.59
N ARG A 28 6.61 -14.23 24.77
CA ARG A 28 5.25 -13.81 24.43
C ARG A 28 5.00 -13.86 22.92
N PHE A 29 5.94 -13.35 22.12
CA PHE A 29 5.87 -13.55 20.67
C PHE A 29 5.64 -15.03 20.32
N GLN A 30 6.47 -15.91 20.87
CA GLN A 30 6.37 -17.31 20.48
C GLN A 30 5.03 -17.90 20.88
N GLU A 31 4.53 -17.57 22.06
CA GLU A 31 3.23 -18.07 22.47
C GLU A 31 2.15 -17.60 21.51
N MET A 32 2.22 -16.33 21.11
CA MET A 32 1.24 -15.77 20.18
C MET A 32 1.24 -16.56 18.88
N PHE A 33 2.42 -16.80 18.31
CA PHE A 33 2.52 -17.62 17.11
C PHE A 33 1.95 -19.02 17.32
N ASP A 34 2.25 -19.64 18.47
CA ASP A 34 1.83 -21.03 18.67
C ASP A 34 0.33 -21.17 18.68
N ARG A 35 -0.38 -20.18 19.23
CA ARG A 35 -1.82 -20.31 19.41
C ARG A 35 -2.61 -19.73 18.27
N HIS A 36 -1.98 -18.92 17.42
CA HIS A 36 -2.67 -18.29 16.31
C HIS A 36 -2.20 -18.77 14.95
N VAL A 37 -0.99 -19.34 14.85
CA VAL A 37 -0.46 -19.84 13.57
C VAL A 37 -0.21 -21.34 13.60
N VAL A 38 0.45 -21.83 14.66
CA VAL A 38 0.76 -23.24 14.87
C VAL A 38 1.94 -23.69 13.98
N THR A 39 1.70 -23.92 12.69
CA THR A 39 2.75 -24.39 11.78
C THR A 39 4.03 -23.57 11.95
N ARG A 40 5.12 -24.25 12.40
CA ARG A 40 6.43 -23.62 12.34
C ARG A 40 6.81 -23.34 10.90
N PRO A 41 7.63 -22.32 10.67
CA PRO A 41 8.36 -22.23 9.40
C PRO A 41 9.34 -23.39 9.26
N THR A 42 9.55 -23.80 8.02
CA THR A 42 10.63 -24.73 7.65
C THR A 42 11.71 -23.95 6.92
N LYS A 43 12.97 -24.20 7.22
CA LYS A 43 14.05 -23.49 6.53
C LYS A 43 14.41 -24.19 5.22
N VAL A 44 14.50 -23.43 4.13
CA VAL A 44 14.91 -23.98 2.84
C VAL A 44 16.40 -24.31 2.87
N GLU A 45 16.75 -25.54 2.51
CA GLU A 45 18.13 -25.93 2.40
C GLU A 45 18.58 -25.86 0.94
N LEU A 46 19.19 -24.74 0.56
CA LEU A 46 20.05 -24.67 -0.63
C LEU A 46 21.07 -25.80 -0.60
N THR A 47 21.70 -26.06 -1.73
CA THR A 47 22.90 -26.86 -1.68
C THR A 47 24.08 -25.96 -1.28
N ASP A 48 25.11 -26.57 -0.71
CA ASP A 48 26.27 -25.80 -0.27
C ASP A 48 26.92 -25.10 -1.45
N ALA A 49 26.84 -25.71 -2.64
CA ALA A 49 27.27 -25.01 -3.84
C ALA A 49 26.34 -23.86 -4.16
N GLU A 50 25.04 -24.05 -3.84
CA GLU A 50 24.05 -22.98 -3.95
C GLU A 50 24.32 -21.88 -2.94
N LEU A 51 25.00 -22.17 -1.82
CA LEU A 51 25.31 -21.09 -0.90
C LEU A 51 26.41 -20.20 -1.47
N ARG A 52 27.29 -20.76 -2.29
CA ARG A 52 28.33 -19.95 -2.92
C ARG A 52 27.85 -19.39 -4.26
N GLU A 53 26.95 -20.09 -4.94
CA GLU A 53 26.30 -19.52 -6.12
C GLU A 53 25.59 -18.20 -5.79
N VAL A 54 24.60 -18.25 -4.90
CA VAL A 54 23.93 -17.04 -4.44
C VAL A 54 24.94 -15.99 -4.01
N ILE A 55 25.91 -16.39 -3.19
CA ILE A 55 26.87 -15.44 -2.64
C ILE A 55 27.73 -14.83 -3.74
N ASP A 56 28.08 -15.60 -4.77
CA ASP A 56 28.99 -15.02 -5.75
C ASP A 56 28.24 -14.01 -6.64
N ASP A 57 26.92 -14.19 -6.82
CA ASP A 57 26.12 -13.12 -7.45
C ASP A 57 25.98 -11.90 -6.55
N CYS A 58 25.86 -12.11 -5.24
CA CYS A 58 25.82 -10.98 -4.30
C CYS A 58 27.12 -10.19 -4.35
N ASN A 59 28.26 -10.89 -4.33
CA ASN A 59 29.56 -10.21 -4.38
C ASN A 59 29.70 -9.43 -5.68
N ALA A 60 29.29 -10.01 -6.80
CA ALA A 60 29.39 -9.31 -8.08
C ALA A 60 28.48 -8.09 -8.11
N ALA A 61 27.31 -8.18 -7.48
CA ALA A 61 26.37 -7.05 -7.52
C ALA A 61 26.91 -5.86 -6.75
N VAL A 62 27.50 -6.09 -5.58
CA VAL A 62 27.91 -4.97 -4.73
C VAL A 62 29.36 -4.57 -4.94
N ALA A 63 30.16 -5.40 -5.61
CA ALA A 63 31.56 -5.08 -5.82
C ALA A 63 31.80 -3.67 -6.32
N PRO A 64 31.05 -3.14 -7.30
CA PRO A 64 31.36 -1.78 -7.79
C PRO A 64 31.13 -0.70 -6.76
N LEU A 65 30.41 -0.98 -5.67
CA LEU A 65 30.24 0.00 -4.60
C LEU A 65 31.47 0.09 -3.70
N GLY A 66 32.44 -0.81 -3.85
CA GLY A 66 33.72 -0.65 -3.19
C GLY A 66 33.91 -1.36 -1.86
N LYS A 67 32.87 -1.96 -1.26
CA LYS A 67 33.00 -2.53 0.08
C LYS A 67 32.92 -4.05 0.06
N THR A 68 33.78 -4.69 0.85
CA THR A 68 33.77 -6.13 1.00
C THR A 68 32.67 -6.56 1.97
N VAL A 69 31.95 -7.60 1.60
CA VAL A 69 30.97 -8.23 2.47
C VAL A 69 31.41 -9.68 2.69
N SER A 70 31.54 -10.07 3.95
CA SER A 70 32.01 -11.42 4.29
C SER A 70 30.92 -12.46 4.04
N ASP A 71 31.35 -13.70 3.83
CA ASP A 71 30.42 -14.81 3.69
C ASP A 71 29.42 -14.87 4.85
N GLU A 72 29.89 -14.70 6.09
CA GLU A 72 28.94 -14.84 7.19
C GLU A 72 28.01 -13.63 7.28
N ARG A 73 28.44 -12.45 6.80
CA ARG A 73 27.49 -11.35 6.69
C ARG A 73 26.43 -11.65 5.62
N TRP A 74 26.83 -12.21 4.48
CA TRP A 74 25.83 -12.67 3.52
C TRP A 74 24.87 -13.68 4.15
N ILE A 75 25.42 -14.61 4.94
CA ILE A 75 24.59 -15.64 5.58
C ILE A 75 23.59 -15.00 6.53
N SER A 76 24.05 -14.03 7.32
CA SER A 76 23.15 -13.30 8.20
C SER A 76 21.99 -12.71 7.41
N TYR A 77 22.28 -12.13 6.25
CA TYR A 77 21.23 -11.50 5.46
C TYR A 77 20.31 -12.53 4.82
N VAL A 78 20.89 -13.60 4.25
CA VAL A 78 20.09 -14.53 3.45
C VAL A 78 19.16 -15.38 4.30
N GLY A 79 19.43 -15.51 5.59
CA GLY A 79 18.62 -16.39 6.43
C GLY A 79 17.15 -16.05 6.43
N VAL A 80 16.80 -14.76 6.26
CA VAL A 80 15.39 -14.41 6.26
C VAL A 80 14.69 -15.06 5.07
N VAL A 81 15.37 -15.17 3.93
CA VAL A 81 14.74 -15.82 2.78
C VAL A 81 14.63 -17.31 3.03
N LEU A 82 15.66 -17.92 3.62
CA LEU A 82 15.66 -19.36 3.85
C LEU A 82 14.56 -19.76 4.81
N TRP A 83 14.25 -18.90 5.78
CA TRP A 83 13.33 -19.19 6.87
C TRP A 83 11.91 -18.68 6.65
N SER A 84 11.71 -17.71 5.78
CA SER A 84 10.44 -16.99 5.73
C SER A 84 9.71 -17.13 4.41
N GLN A 85 10.21 -17.95 3.48
CA GLN A 85 9.41 -18.37 2.35
C GLN A 85 8.66 -19.63 2.78
N SER A 86 7.86 -20.20 1.91
CA SER A 86 7.00 -21.33 2.25
C SER A 86 7.41 -22.52 1.39
N PRO A 87 8.36 -23.34 1.87
CA PRO A 87 9.03 -24.33 1.00
C PRO A 87 8.07 -25.28 0.33
N ARG A 88 6.99 -25.69 0.99
CA ARG A 88 6.13 -26.71 0.40
C ARG A 88 5.41 -26.19 -0.84
N HIS A 89 5.30 -24.88 -1.01
CA HIS A 89 4.64 -24.30 -2.16
C HIS A 89 5.62 -23.81 -3.22
N ILE A 90 6.93 -23.98 -3.01
CA ILE A 90 7.88 -23.51 -4.01
C ILE A 90 7.70 -24.28 -5.31
N LYS A 91 7.65 -23.55 -6.42
CA LYS A 91 7.69 -24.14 -7.75
C LYS A 91 8.92 -23.75 -8.55
N ASP A 92 9.43 -22.54 -8.37
CA ASP A 92 10.50 -22.01 -9.22
C ASP A 92 11.71 -21.64 -8.35
N MET A 93 12.72 -22.54 -8.29
CA MET A 93 13.94 -22.27 -7.53
C MET A 93 14.80 -21.17 -8.15
N GLU A 94 14.64 -20.91 -9.44
CA GLU A 94 15.32 -19.75 -10.02
C GLU A 94 14.83 -18.46 -9.38
N ALA A 95 13.51 -18.29 -9.29
CA ALA A 95 12.95 -17.14 -8.59
C ALA A 95 13.38 -17.11 -7.13
N PHE A 96 13.41 -18.26 -6.47
CA PHE A 96 13.88 -18.30 -5.08
C PHE A 96 15.31 -17.79 -4.96
N LYS A 97 16.21 -18.28 -5.82
CA LYS A 97 17.59 -17.79 -5.78
C LYS A 97 17.64 -16.27 -6.01
N ALA A 98 16.79 -15.76 -6.91
CA ALA A 98 16.76 -14.32 -7.15
C ALA A 98 16.38 -13.55 -5.90
N VAL A 99 15.39 -14.05 -5.15
CA VAL A 99 15.00 -13.38 -3.92
C VAL A 99 16.14 -13.41 -2.92
N CYS A 100 16.89 -14.52 -2.85
CA CYS A 100 18.08 -14.55 -2.00
C CYS A 100 19.03 -13.41 -2.35
N VAL A 101 19.39 -13.29 -3.63
CA VAL A 101 20.39 -12.32 -4.04
C VAL A 101 19.89 -10.89 -3.83
N LEU A 102 18.68 -10.61 -4.33
CA LEU A 102 18.11 -9.27 -4.22
C LEU A 102 17.88 -8.87 -2.76
N ASN A 103 17.40 -9.80 -1.94
CA ASN A 103 17.28 -9.54 -0.52
C ASN A 103 18.62 -9.12 0.08
N CYS A 104 19.68 -9.85 -0.26
CA CYS A 104 20.98 -9.64 0.38
C CYS A 104 21.61 -8.33 -0.07
N VAL A 105 21.58 -8.04 -1.37
CA VAL A 105 22.32 -6.88 -1.82
C VAL A 105 21.62 -5.58 -1.40
N THR A 106 20.29 -5.59 -1.26
CA THR A 106 19.61 -4.40 -0.76
C THR A 106 19.72 -4.29 0.76
N PHE A 107 19.95 -5.41 1.45
CA PHE A 107 20.32 -5.34 2.85
C PHE A 107 21.65 -4.60 3.03
N VAL A 108 22.63 -4.87 2.16
CA VAL A 108 23.88 -4.12 2.21
C VAL A 108 23.60 -2.63 2.03
N TRP A 109 22.80 -2.28 1.03
CA TRP A 109 22.38 -0.89 0.82
C TRP A 109 21.79 -0.30 2.10
N ASP A 110 20.94 -1.06 2.79
CA ASP A 110 20.32 -0.62 4.03
C ASP A 110 21.37 -0.31 5.09
N ASP A 111 22.44 -1.11 5.15
CA ASP A 111 23.49 -0.96 6.13
C ASP A 111 24.56 0.05 5.72
N MET A 112 24.49 0.59 4.51
CA MET A 112 25.50 1.54 4.03
C MET A 112 25.12 2.95 4.43
N ASP A 113 26.10 3.72 4.84
CA ASP A 113 25.85 5.14 4.95
C ASP A 113 25.76 5.74 3.55
N PRO A 114 24.92 6.77 3.36
CA PRO A 114 24.39 7.05 2.01
C PRO A 114 25.41 7.60 1.03
N ALA A 115 26.62 7.95 1.48
CA ALA A 115 27.67 8.32 0.55
C ALA A 115 28.03 7.19 -0.39
N LEU A 116 27.93 5.93 0.07
CA LEU A 116 28.25 4.78 -0.77
C LEU A 116 27.15 4.43 -1.77
N HIS A 117 26.03 5.14 -1.76
CA HIS A 117 24.88 4.82 -2.59
C HIS A 117 25.08 5.37 -3.99
N ASP A 118 25.52 4.54 -4.93
CA ASP A 118 25.72 4.99 -6.30
C ASP A 118 24.73 4.27 -7.21
N PHE A 119 23.70 5.01 -7.60
CA PHE A 119 22.61 4.44 -8.39
C PHE A 119 23.10 4.01 -9.78
N GLY A 120 24.01 4.79 -10.38
CA GLY A 120 24.50 4.45 -11.71
C GLY A 120 25.31 3.16 -11.76
N LEU A 121 25.93 2.78 -10.64
CA LEU A 121 26.66 1.53 -10.58
C LEU A 121 25.79 0.37 -10.08
N PHE A 122 24.86 0.65 -9.18
CA PHE A 122 24.08 -0.42 -8.55
C PHE A 122 22.86 -0.82 -9.35
N LEU A 123 22.14 0.14 -9.92
CA LEU A 123 20.93 -0.21 -10.66
C LEU A 123 21.17 -1.18 -11.81
N PRO A 124 22.21 -1.02 -12.65
CA PRO A 124 22.44 -2.05 -13.69
C PRO A 124 22.69 -3.43 -13.12
N GLN A 125 23.31 -3.51 -11.95
CA GLN A 125 23.54 -4.81 -11.32
C GLN A 125 22.22 -5.44 -10.90
N LEU A 126 21.27 -4.63 -10.40
CA LEU A 126 19.95 -5.15 -10.07
C LEU A 126 19.22 -5.60 -11.32
N ARG A 127 19.35 -4.84 -12.43
CA ARG A 127 18.78 -5.26 -13.69
C ARG A 127 19.34 -6.60 -14.15
N LYS A 128 20.65 -6.80 -13.98
CA LYS A 128 21.26 -8.06 -14.40
C LYS A 128 20.70 -9.23 -13.61
N ILE A 129 20.60 -9.07 -12.28
CA ILE A 129 20.05 -10.13 -11.44
C ILE A 129 18.63 -10.46 -11.88
N CYS A 130 17.82 -9.42 -12.11
CA CYS A 130 16.41 -9.66 -12.40
C CYS A 130 16.22 -10.38 -13.74
N GLU A 131 16.89 -9.92 -14.79
CA GLU A 131 16.71 -10.56 -16.09
C GLU A 131 17.20 -12.00 -16.07
N LYS A 132 18.33 -12.26 -15.38
CA LYS A 132 18.92 -13.58 -15.36
C LYS A 132 17.97 -14.63 -14.78
N TYR A 133 17.29 -14.30 -13.68
CA TYR A 133 16.56 -15.30 -12.91
C TYR A 133 15.07 -15.36 -13.20
N TYR A 134 14.48 -14.30 -13.74
CA TYR A 134 13.04 -14.23 -13.98
C TYR A 134 12.75 -14.26 -15.47
N GLY A 135 11.48 -14.52 -15.80
CA GLY A 135 11.01 -14.32 -17.15
C GLY A 135 10.96 -12.84 -17.48
N PRO A 136 10.58 -12.52 -18.72
CA PRO A 136 10.66 -11.12 -19.18
C PRO A 136 9.76 -10.14 -18.43
N GLU A 137 8.50 -10.48 -18.16
CA GLU A 137 7.66 -9.51 -17.48
C GLU A 137 7.91 -9.53 -15.96
N ASP A 138 8.10 -10.72 -15.38
CA ASP A 138 8.40 -10.78 -13.95
C ASP A 138 9.70 -10.05 -13.61
N ALA A 139 10.67 -10.06 -14.53
CA ALA A 139 11.91 -9.31 -14.30
C ALA A 139 11.65 -7.83 -14.14
N GLU A 140 10.71 -7.27 -14.91
CA GLU A 140 10.45 -5.84 -14.77
C GLU A 140 9.77 -5.51 -13.45
N VAL A 141 8.82 -6.34 -13.03
CA VAL A 141 8.17 -6.13 -11.74
C VAL A 141 9.20 -6.22 -10.62
N ALA A 142 10.08 -7.22 -10.66
CA ALA A 142 11.08 -7.36 -9.61
C ALA A 142 12.06 -6.18 -9.62
N TYR A 143 12.52 -5.75 -10.80
CA TYR A 143 13.47 -4.64 -10.83
C TYR A 143 12.84 -3.35 -10.34
N GLU A 144 11.62 -3.05 -10.79
CA GLU A 144 10.97 -1.84 -10.30
C GLU A 144 10.87 -1.82 -8.79
N ALA A 145 10.44 -2.94 -8.19
CA ALA A 145 10.32 -3.00 -6.74
C ALA A 145 11.67 -2.80 -6.06
N ALA A 146 12.74 -3.43 -6.58
CA ALA A 146 14.07 -3.23 -6.02
C ALA A 146 14.53 -1.79 -6.17
N ARG A 147 14.37 -1.24 -7.38
CA ARG A 147 14.68 0.17 -7.63
C ARG A 147 13.94 1.07 -6.66
N ALA A 148 12.62 0.89 -6.53
CA ALA A 148 11.84 1.73 -5.63
C ALA A 148 12.32 1.60 -4.18
N PHE A 149 12.70 0.38 -3.76
CA PHE A 149 13.15 0.23 -2.38
C PHE A 149 14.46 0.98 -2.12
N VAL A 150 15.50 0.74 -2.94
CA VAL A 150 16.78 1.37 -2.65
C VAL A 150 16.66 2.89 -2.79
N THR A 151 15.82 3.36 -3.71
CA THR A 151 15.58 4.79 -3.83
C THR A 151 14.95 5.34 -2.55
N SER A 152 13.97 4.62 -1.99
CA SER A 152 13.32 5.09 -0.78
C SER A 152 14.28 5.10 0.41
N ASP A 153 15.03 4.00 0.60
CA ASP A 153 15.98 3.98 1.71
C ASP A 153 16.94 5.16 1.61
N HIS A 154 17.37 5.51 0.40
CA HIS A 154 18.25 6.66 0.22
C HIS A 154 17.50 7.95 0.51
N MET A 155 16.27 8.05 0.01
CA MET A 155 15.45 9.25 0.11
C MET A 155 15.28 9.74 1.52
N PHE A 156 15.09 8.85 2.47
CA PHE A 156 14.58 9.25 3.76
C PHE A 156 15.60 9.22 4.87
N ARG A 157 16.89 9.10 4.54
CA ARG A 157 17.90 8.83 5.57
C ARG A 157 17.76 9.79 6.75
N ASP A 158 17.91 11.10 6.50
CA ASP A 158 17.51 12.16 7.43
C ASP A 158 16.35 13.01 6.87
N SER A 159 15.18 12.38 6.64
CA SER A 159 13.95 12.98 6.10
C SER A 159 13.08 13.59 7.19
N PRO A 160 12.66 14.86 7.08
CA PRO A 160 11.55 15.33 7.93
C PRO A 160 10.29 14.52 7.71
N ILE A 161 10.09 14.00 6.50
CA ILE A 161 8.95 13.13 6.26
C ILE A 161 9.09 11.86 7.10
N LYS A 162 10.26 11.24 7.06
CA LYS A 162 10.52 10.10 7.94
C LYS A 162 10.26 10.49 9.39
N ALA A 163 10.72 11.67 9.79
CA ALA A 163 10.53 12.13 11.16
C ALA A 163 9.04 12.23 11.51
N ALA A 164 8.25 12.88 10.64
CA ALA A 164 6.82 12.99 10.94
C ALA A 164 6.15 11.63 10.98
N LEU A 165 6.50 10.75 10.04
CA LEU A 165 5.83 9.45 9.98
C LEU A 165 6.28 8.52 11.11
N CYS A 166 7.48 8.71 11.64
CA CYS A 166 7.96 7.82 12.70
C CYS A 166 7.59 8.29 14.09
N THR A 167 7.30 9.57 14.27
CA THR A 167 7.15 10.14 15.59
C THR A 167 5.79 10.75 15.83
N THR A 168 4.73 10.19 15.23
CA THR A 168 3.35 10.60 15.50
C THR A 168 2.54 9.48 16.15
N SER A 169 2.21 8.45 15.39
CA SER A 169 1.38 7.37 15.88
C SER A 169 1.88 6.06 15.30
N PRO A 170 1.44 4.92 15.82
CA PRO A 170 1.80 3.66 15.16
C PRO A 170 1.26 3.59 13.74
N GLU A 171 0.10 4.22 13.53
CA GLU A 171 -0.58 4.19 12.24
C GLU A 171 0.25 4.86 11.14
N GLN A 172 0.86 6.02 11.44
CA GLN A 172 1.70 6.66 10.43
C GLN A 172 3.00 5.91 10.23
N TYR A 173 3.55 5.37 11.31
CA TYR A 173 4.82 4.65 11.22
C TYR A 173 4.69 3.41 10.35
N PHE A 174 3.67 2.58 10.58
CA PHE A 174 3.56 1.34 9.81
C PHE A 174 3.27 1.61 8.35
N ARG A 175 2.58 2.72 8.07
CA ARG A 175 2.39 3.15 6.70
C ARG A 175 3.72 3.42 5.98
N PHE A 176 4.66 4.07 6.67
CA PHE A 176 6.02 4.24 6.14
C PHE A 176 6.69 2.90 5.89
N ARG A 177 6.49 1.94 6.80
CA ARG A 177 7.23 0.69 6.75
C ARG A 177 6.74 -0.28 5.69
N VAL A 178 5.54 -0.09 5.11
CA VAL A 178 5.12 -0.95 4.01
C VAL A 178 6.20 -1.01 2.93
N THR A 179 6.77 0.13 2.60
CA THR A 179 7.92 0.18 1.70
C THR A 179 9.24 0.04 2.45
N ASP A 180 9.40 0.78 3.55
CA ASP A 180 10.73 0.87 4.15
C ASP A 180 11.23 -0.46 4.73
N ILE A 181 10.36 -1.32 5.27
CA ILE A 181 10.86 -2.63 5.69
C ILE A 181 11.04 -3.56 4.51
N GLY A 182 10.78 -3.10 3.29
CA GLY A 182 11.09 -3.90 2.13
C GLY A 182 10.09 -5.00 1.83
N VAL A 183 8.97 -5.07 2.54
CA VAL A 183 8.04 -6.17 2.31
C VAL A 183 7.28 -6.02 1.00
N ASP A 184 6.94 -4.80 0.57
CA ASP A 184 6.32 -4.67 -0.75
C ASP A 184 7.26 -5.21 -1.83
N PHE A 185 8.53 -4.82 -1.75
CA PHE A 185 9.58 -5.35 -2.62
C PHE A 185 9.62 -6.88 -2.55
N TRP A 186 9.62 -7.42 -1.34
CA TRP A 186 9.66 -8.87 -1.14
C TRP A 186 8.52 -9.58 -1.86
N MET A 187 7.29 -9.10 -1.69
CA MET A 187 6.14 -9.75 -2.33
C MET A 187 6.28 -9.72 -3.84
N LYS A 188 6.66 -8.56 -4.40
CA LYS A 188 6.73 -8.38 -5.84
C LYS A 188 7.91 -9.15 -6.46
N MET A 189 8.89 -9.55 -5.67
CA MET A 189 9.92 -10.43 -6.24
C MET A 189 9.71 -11.90 -5.88
N SER A 190 8.80 -12.20 -4.95
CA SER A 190 8.56 -13.55 -4.50
C SER A 190 7.41 -14.26 -5.21
N TYR A 191 6.44 -13.54 -5.79
CA TYR A 191 5.34 -14.26 -6.41
C TYR A 191 5.78 -15.20 -7.54
N PRO A 192 6.85 -14.94 -8.32
CA PRO A 192 7.26 -15.96 -9.30
C PRO A 192 7.71 -17.27 -8.66
N ILE A 193 8.08 -17.26 -7.37
CA ILE A 193 8.45 -18.50 -6.69
C ILE A 193 7.29 -19.49 -6.68
N TYR A 194 6.07 -18.96 -6.58
CA TYR A 194 4.87 -19.77 -6.35
C TYR A 194 3.99 -19.94 -7.57
N ARG A 195 4.07 -19.01 -8.54
CA ARG A 195 3.19 -19.00 -9.73
C ARG A 195 1.76 -19.36 -9.38
N HIS A 196 1.22 -18.67 -8.39
CA HIS A 196 -0.14 -18.85 -7.89
C HIS A 196 -0.91 -17.57 -8.20
N PRO A 197 -1.75 -17.55 -9.24
CA PRO A 197 -2.37 -16.27 -9.66
C PRO A 197 -2.98 -15.45 -8.53
N GLU A 198 -3.64 -16.06 -7.54
CA GLU A 198 -4.19 -15.27 -6.45
C GLU A 198 -3.10 -14.49 -5.73
N PHE A 199 -2.04 -15.19 -5.28
CA PHE A 199 -0.96 -14.48 -4.59
C PHE A 199 -0.34 -13.41 -5.49
N THR A 200 -0.21 -13.70 -6.78
CA THR A 200 0.40 -12.73 -7.68
C THR A 200 -0.36 -11.40 -7.70
N GLU A 201 -1.70 -11.45 -7.73
CA GLU A 201 -2.45 -10.19 -7.69
C GLU A 201 -2.33 -9.51 -6.33
N HIS A 202 -2.38 -10.28 -5.24
CA HIS A 202 -2.23 -9.64 -3.93
C HIS A 202 -0.86 -8.99 -3.80
N ALA A 203 0.18 -9.62 -4.36
CA ALA A 203 1.50 -9.01 -4.40
C ALA A 203 1.48 -7.73 -5.23
N LYS A 204 0.83 -7.76 -6.38
CA LYS A 204 0.90 -6.62 -7.28
C LYS A 204 0.04 -5.45 -6.82
N THR A 205 -1.05 -5.71 -6.08
CA THR A 205 -1.81 -4.61 -5.46
C THR A 205 -1.16 -4.08 -4.19
N SER A 206 -0.16 -4.79 -3.67
CA SER A 206 0.48 -4.53 -2.38
C SER A 206 -0.41 -4.84 -1.19
N LEU A 207 -1.62 -5.38 -1.40
CA LEU A 207 -2.38 -5.90 -0.27
C LEU A 207 -1.56 -6.93 0.52
N ALA A 208 -0.83 -7.80 -0.19
CA ALA A 208 0.05 -8.78 0.47
C ALA A 208 0.99 -8.09 1.45
N ALA A 209 1.64 -7.03 1.00
CA ALA A 209 2.54 -6.30 1.87
C ALA A 209 1.78 -5.62 3.00
N ARG A 210 0.63 -5.02 2.71
CA ARG A 210 -0.12 -4.33 3.75
C ARG A 210 -0.58 -5.29 4.83
N MET A 211 -0.80 -6.57 4.47
CA MET A 211 -1.24 -7.57 5.44
C MET A 211 -0.12 -8.00 6.40
N THR A 212 1.14 -7.94 5.95
CA THR A 212 2.25 -8.55 6.67
C THR A 212 3.20 -7.54 7.30
N THR A 213 3.00 -6.23 7.03
CA THR A 213 3.93 -5.21 7.48
C THR A 213 4.06 -5.18 8.99
N ARG A 214 2.93 -5.17 9.73
CA ARG A 214 3.05 -4.98 11.17
C ARG A 214 3.73 -6.17 11.83
N GLY A 215 3.42 -7.38 11.38
CA GLY A 215 4.00 -8.56 12.00
C GLY A 215 5.49 -8.62 11.79
N LEU A 216 5.95 -8.28 10.59
CA LEU A 216 7.39 -8.21 10.34
C LEU A 216 8.02 -7.07 11.12
N THR A 217 7.38 -5.89 11.12
CA THR A 217 8.02 -4.70 11.65
C THR A 217 8.12 -4.73 13.16
N ILE A 218 7.05 -5.16 13.84
CA ILE A 218 7.09 -5.16 15.30
C ILE A 218 8.22 -6.06 15.79
N VAL A 219 8.37 -7.22 15.16
CA VAL A 219 9.43 -8.15 15.54
C VAL A 219 10.80 -7.54 15.24
N ASN A 220 10.98 -7.02 14.01
CA ASN A 220 12.26 -6.43 13.68
C ASN A 220 12.60 -5.30 14.63
N ASP A 221 11.64 -4.42 14.91
CA ASP A 221 11.89 -3.25 15.75
C ASP A 221 12.27 -3.66 17.18
N PHE A 222 11.63 -4.67 17.72
CA PHE A 222 11.98 -5.04 19.10
C PHE A 222 13.45 -5.44 19.18
N TYR A 223 13.89 -6.31 18.28
CA TYR A 223 15.23 -6.87 18.40
C TYR A 223 16.32 -6.00 17.76
N SER A 224 15.97 -5.01 16.94
CA SER A 224 16.98 -4.11 16.39
C SER A 224 17.01 -2.76 17.09
N TYR A 225 16.18 -2.60 18.13
CA TYR A 225 16.06 -1.32 18.84
C TYR A 225 17.40 -0.85 19.37
N ASP A 226 18.11 -1.72 20.09
CA ASP A 226 19.36 -1.30 20.74
C ASP A 226 20.35 -0.77 19.71
N ARG A 227 20.51 -1.49 18.58
CA ARG A 227 21.44 -1.03 17.54
C ARG A 227 20.97 0.28 16.92
N GLU A 228 19.72 0.32 16.45
CA GLU A 228 19.23 1.50 15.75
C GLU A 228 19.35 2.73 16.62
N VAL A 229 18.93 2.60 17.88
CA VAL A 229 19.16 3.63 18.88
C VAL A 229 20.61 4.10 18.87
N SER A 230 21.57 3.16 18.91
CA SER A 230 22.96 3.56 19.05
C SER A 230 23.40 4.45 17.89
N LEU A 231 22.93 4.15 16.68
CA LEU A 231 23.28 4.92 15.50
C LEU A 231 22.40 6.15 15.30
N GLY A 232 21.60 6.54 16.30
CA GLY A 232 20.70 7.67 16.16
C GLY A 232 19.49 7.44 15.29
N GLN A 233 19.33 6.22 14.76
CA GLN A 233 18.25 5.90 13.81
C GLN A 233 16.89 6.00 14.51
N ILE A 234 15.86 6.48 13.80
CA ILE A 234 14.56 6.71 14.43
C ILE A 234 13.46 5.81 13.86
N THR A 235 13.75 4.97 12.89
CA THR A 235 12.71 4.15 12.27
C THR A 235 12.50 2.88 13.11
N ASN A 236 11.72 3.04 14.18
CA ASN A 236 11.50 1.96 15.16
C ASN A 236 10.30 2.30 16.02
N CYS A 237 9.26 1.48 16.01
CA CYS A 237 8.03 1.85 16.70
C CYS A 237 8.19 1.90 18.22
N PHE A 238 9.16 1.20 18.81
CA PHE A 238 9.30 1.29 20.26
C PHE A 238 9.85 2.63 20.71
N ARG A 239 10.34 3.47 19.79
CA ARG A 239 10.66 4.85 20.14
C ARG A 239 9.40 5.67 20.41
N LEU A 240 8.23 5.17 20.03
CA LEU A 240 6.96 5.82 20.32
C LEU A 240 6.48 5.54 21.74
N CYS A 241 7.36 5.08 22.63
CA CYS A 241 6.97 4.77 23.99
C CYS A 241 8.16 4.87 24.93
N ASP A 242 7.83 4.91 26.21
CA ASP A 242 8.76 4.87 27.34
C ASP A 242 9.34 3.48 27.55
N VAL A 243 10.39 3.08 26.82
CA VAL A 243 10.94 1.77 27.12
C VAL A 243 11.58 1.77 28.52
N SER A 244 11.97 2.94 29.02
CA SER A 244 12.51 3.09 30.37
C SER A 244 11.47 2.86 31.45
N ASP A 245 10.19 2.74 31.12
CA ASP A 245 9.14 2.55 32.11
C ASP A 245 8.40 1.25 31.80
N GLU A 246 8.62 0.24 32.64
CA GLU A 246 8.07 -1.09 32.36
C GLU A 246 6.56 -1.03 32.15
N THR A 247 5.87 -0.20 32.93
CA THR A 247 4.42 -0.12 32.80
C THR A 247 4.00 0.37 31.43
N ALA A 248 4.55 1.51 30.99
CA ALA A 248 4.22 2.01 29.66
C ALA A 248 4.66 1.04 28.58
N PHE A 249 5.85 0.44 28.74
CA PHE A 249 6.31 -0.52 27.74
C PHE A 249 5.34 -1.68 27.60
N LYS A 250 4.88 -2.21 28.72
CA LYS A 250 4.01 -3.39 28.69
C LYS A 250 2.70 -3.08 27.99
N GLU A 251 2.13 -1.91 28.26
CA GLU A 251 0.91 -1.50 27.56
C GLU A 251 1.17 -1.40 26.06
N PHE A 252 2.28 -0.77 25.67
CA PHE A 252 2.56 -0.59 24.26
C PHE A 252 2.80 -1.93 23.58
N PHE A 253 3.60 -2.78 24.22
CA PHE A 253 3.92 -4.08 23.64
C PHE A 253 2.67 -4.91 23.41
N GLN A 254 1.73 -4.86 24.37
CA GLN A 254 0.51 -5.65 24.24
C GLN A 254 -0.39 -5.12 23.10
N ALA A 255 -0.48 -3.80 22.95
CA ALA A 255 -1.22 -3.29 21.79
C ALA A 255 -0.57 -3.74 20.48
N ARG A 256 0.76 -3.89 20.49
CA ARG A 256 1.43 -4.34 19.26
C ARG A 256 1.16 -5.81 19.00
N LEU A 257 1.16 -6.65 20.05
CA LEU A 257 0.78 -8.05 19.86
C LEU A 257 -0.64 -8.13 19.31
N ASP A 258 -1.56 -7.34 19.84
CA ASP A 258 -2.93 -7.39 19.36
C ASP A 258 -3.03 -7.02 17.88
N ASP A 259 -2.20 -6.08 17.44
CA ASP A 259 -2.13 -5.74 16.02
C ASP A 259 -1.71 -6.96 15.20
N MET A 260 -0.63 -7.64 15.65
CA MET A 260 -0.17 -8.83 14.95
C MET A 260 -1.28 -9.88 14.90
N ILE A 261 -2.00 -10.04 16.01
CA ILE A 261 -3.05 -11.05 16.08
C ILE A 261 -4.15 -10.73 15.10
N GLU A 262 -4.59 -9.48 15.08
CA GLU A 262 -5.69 -9.13 14.19
C GLU A 262 -5.30 -9.33 12.73
N ASP A 263 -4.08 -8.93 12.36
CA ASP A 263 -3.61 -9.20 11.00
C ASP A 263 -3.61 -10.70 10.70
N ILE A 264 -3.05 -11.50 11.60
CA ILE A 264 -2.96 -12.93 11.36
C ILE A 264 -4.35 -13.54 11.21
N GLU A 265 -5.29 -13.16 12.08
CA GLU A 265 -6.63 -13.71 11.97
C GLU A 265 -7.29 -13.30 10.65
N CYS A 266 -7.07 -12.06 10.20
CA CYS A 266 -7.58 -11.63 8.90
C CYS A 266 -6.88 -12.36 7.74
N ILE A 267 -5.58 -12.64 7.88
CA ILE A 267 -4.88 -13.38 6.84
C ILE A 267 -5.51 -14.75 6.63
N LYS A 268 -6.14 -15.32 7.68
CA LYS A 268 -6.87 -16.57 7.53
C LYS A 268 -8.20 -16.41 6.81
N ALA A 269 -8.36 -15.33 6.03
CA ALA A 269 -9.43 -15.22 5.04
C ALA A 269 -8.93 -15.47 3.62
N PHE A 270 -7.63 -15.32 3.39
CA PHE A 270 -7.11 -15.49 2.05
C PHE A 270 -7.09 -16.97 1.67
N ASP A 271 -6.86 -17.24 0.40
CA ASP A 271 -6.81 -18.63 -0.06
C ASP A 271 -5.70 -19.37 0.67
N GLN A 272 -5.92 -20.68 0.89
CA GLN A 272 -5.06 -21.47 1.77
C GLN A 272 -3.57 -21.35 1.42
N LEU A 273 -3.22 -21.27 0.13
CA LEU A 273 -1.82 -21.13 -0.25
C LEU A 273 -1.29 -19.76 0.13
N THR A 274 -1.97 -18.70 -0.30
CA THR A 274 -1.55 -17.35 0.04
C THR A 274 -1.42 -17.18 1.54
N GLN A 275 -2.42 -17.68 2.27
CA GLN A 275 -2.38 -17.71 3.72
C GLN A 275 -1.09 -18.30 4.23
N ASP A 276 -0.66 -19.44 3.67
CA ASP A 276 0.58 -20.08 4.12
C ASP A 276 1.78 -19.17 3.90
N VAL A 277 1.85 -18.54 2.72
CA VAL A 277 2.97 -17.66 2.40
C VAL A 277 3.04 -16.48 3.36
N PHE A 278 1.90 -15.82 3.60
CA PHE A 278 1.90 -14.67 4.51
C PHE A 278 2.37 -15.06 5.91
N LEU A 279 1.84 -16.15 6.44
CA LEU A 279 2.11 -16.54 7.83
C LEU A 279 3.53 -17.12 7.98
N ASP A 280 3.98 -17.91 7.01
CA ASP A 280 5.36 -18.35 7.01
C ASP A 280 6.31 -17.16 6.99
N LEU A 281 5.93 -16.09 6.27
CA LEU A 281 6.77 -14.91 6.22
C LEU A 281 6.89 -14.26 7.61
N ILE A 282 5.76 -14.06 8.29
CA ILE A 282 5.81 -13.37 9.58
C ILE A 282 6.48 -14.24 10.63
N TYR A 283 6.10 -15.51 10.68
CA TYR A 283 6.64 -16.41 11.69
C TYR A 283 8.10 -16.77 11.39
N GLY A 284 8.41 -17.00 10.12
CA GLY A 284 9.79 -17.25 9.74
C GLY A 284 10.71 -16.08 10.06
N ASN A 285 10.22 -14.86 9.84
CA ASN A 285 11.04 -13.70 10.17
C ASN A 285 11.37 -13.68 11.66
N PHE A 286 10.39 -14.06 12.50
CA PHE A 286 10.64 -14.13 13.93
C PHE A 286 11.70 -15.19 14.26
N VAL A 287 11.56 -16.37 13.67
CA VAL A 287 12.53 -17.44 13.98
C VAL A 287 13.94 -17.01 13.58
N TRP A 288 14.06 -16.43 12.37
CA TRP A 288 15.35 -15.97 11.88
C TRP A 288 15.91 -14.84 12.74
N THR A 289 15.06 -13.85 13.07
CA THR A 289 15.50 -12.71 13.86
C THR A 289 16.09 -13.14 15.20
N THR A 290 15.45 -14.09 15.88
CA THR A 290 15.97 -14.53 17.18
C THR A 290 17.11 -15.53 17.08
N SER A 291 17.45 -16.01 15.89
CA SER A 291 18.59 -16.89 15.71
C SER A 291 19.83 -16.16 15.20
N ASN A 292 19.67 -14.91 14.77
CA ASN A 292 20.64 -14.19 13.96
C ASN A 292 21.45 -13.22 14.82
N LYS A 293 22.77 -13.34 14.75
CA LYS A 293 23.68 -12.43 15.45
C LYS A 293 23.41 -10.97 15.10
N ARG A 294 22.91 -10.71 13.90
CA ARG A 294 22.54 -9.36 13.52
C ARG A 294 21.72 -8.68 14.62
N TYR A 295 20.79 -9.41 15.21
CA TYR A 295 19.84 -8.85 16.16
C TYR A 295 20.24 -9.13 17.61
N LYS A 296 21.51 -9.54 17.80
CA LYS A 296 22.10 -9.90 19.08
C LYS A 296 23.20 -8.94 19.49
N THR A 297 24.48 -9.37 19.49
CA THR A 297 25.58 -8.81 20.28
C THR A 297 25.72 -7.30 20.04
N ALA A 298 24.81 -6.54 20.68
CA ALA A 298 24.61 -5.13 20.38
C ALA A 298 24.88 -4.82 18.91
N VAL A 299 25.94 -4.03 18.66
CA VAL A 299 26.53 -3.84 17.33
C VAL A 299 27.73 -4.77 17.22
N ASN A 300 27.85 -5.47 16.10
CA ASN A 300 28.83 -6.55 15.95
C ASN A 300 29.31 -6.61 14.50
N ASP A 301 30.05 -7.68 14.17
CA ASP A 301 30.68 -7.78 12.86
C ASP A 301 29.73 -8.25 11.76
N VAL A 302 28.42 -8.25 11.98
CA VAL A 302 27.50 -8.42 10.86
C VAL A 302 26.47 -7.28 10.75
N ASN A 303 26.16 -6.57 11.83
CA ASN A 303 25.18 -5.48 11.74
C ASN A 303 25.79 -4.08 11.77
N SER A 304 27.12 -3.98 11.85
CA SER A 304 27.79 -2.70 11.94
C SER A 304 27.41 -1.84 10.74
N ARG A 305 27.41 -0.53 10.93
CA ARG A 305 27.25 0.34 9.79
C ARG A 305 28.32 0.00 8.75
N ILE A 306 27.96 0.12 7.48
CA ILE A 306 28.85 -0.28 6.39
C ILE A 306 29.57 0.96 5.91
N GLN A 307 30.86 1.03 6.22
CA GLN A 307 31.73 2.08 5.77
C GLN A 307 32.34 1.77 4.41
N GLY B 9 -37.14 -11.12 9.46
CA GLY B 9 -38.02 -10.16 10.10
C GLY B 9 -38.07 -8.82 9.38
N ALA B 10 -37.55 -7.79 10.02
CA ALA B 10 -37.60 -6.48 9.39
C ALA B 10 -36.22 -5.86 9.32
N GLN B 11 -35.88 -5.27 8.18
CA GLN B 11 -34.54 -4.73 8.03
C GLN B 11 -34.31 -3.61 9.05
N ASP B 12 -33.05 -3.42 9.41
CA ASP B 12 -32.64 -2.31 10.27
C ASP B 12 -32.72 -1.01 9.46
N ILE B 13 -33.93 -0.49 9.34
CA ILE B 13 -34.15 0.75 8.58
C ILE B 13 -33.49 1.94 9.29
N GLY B 14 -33.36 1.89 10.61
CA GLY B 14 -32.72 3.00 11.31
C GLY B 14 -31.23 3.09 11.02
N ARG B 15 -30.58 1.93 10.91
CA ARG B 15 -29.17 1.87 10.62
C ARG B 15 -28.88 2.02 9.13
N SER B 16 -29.91 2.12 8.30
CA SER B 16 -29.75 2.01 6.87
C SER B 16 -29.66 3.36 6.14
N SER B 17 -29.39 4.46 6.86
CA SER B 17 -29.22 5.76 6.24
C SER B 17 -28.43 6.68 7.15
N VAL B 18 -27.59 7.54 6.56
CA VAL B 18 -26.95 8.58 7.36
C VAL B 18 -27.60 9.94 7.11
N ARG B 19 -28.76 9.97 6.46
CA ARG B 19 -29.45 11.23 6.19
C ARG B 19 -29.64 12.11 7.42
N PRO B 20 -30.02 11.60 8.59
CA PRO B 20 -30.14 12.48 9.77
C PRO B 20 -28.88 13.24 10.15
N TYR B 21 -27.70 12.80 9.70
CA TYR B 21 -26.44 13.43 10.04
C TYR B 21 -25.87 14.27 8.91
N LEU B 22 -26.59 14.35 7.80
CA LEU B 22 -26.04 14.90 6.56
C LEU B 22 -25.56 16.34 6.75
N GLU B 23 -26.39 17.18 7.35
CA GLU B 23 -26.02 18.59 7.45
C GLU B 23 -24.85 18.78 8.42
N GLU B 24 -24.92 18.19 9.60
CA GLU B 24 -23.89 18.49 10.59
C GLU B 24 -22.55 17.86 10.18
N CYS B 25 -22.57 16.66 9.59
CA CYS B 25 -21.32 16.06 9.11
C CYS B 25 -20.70 16.87 7.98
N THR B 26 -21.53 17.34 7.04
CA THR B 26 -20.99 18.16 5.96
C THR B 26 -20.30 19.38 6.51
N ARG B 27 -20.96 20.08 7.43
CA ARG B 27 -20.40 21.25 8.09
C ARG B 27 -19.10 20.89 8.80
N ARG B 28 -19.08 19.75 9.51
CA ARG B 28 -17.88 19.36 10.24
C ARG B 28 -16.72 19.05 9.30
N PHE B 29 -16.97 18.30 8.23
CA PHE B 29 -15.94 18.08 7.21
C PHE B 29 -15.36 19.41 6.74
N GLN B 30 -16.24 20.33 6.34
CA GLN B 30 -15.77 21.61 5.81
C GLN B 30 -14.96 22.38 6.85
N GLU B 31 -15.43 22.39 8.10
CA GLU B 31 -14.68 23.09 9.14
C GLU B 31 -13.28 22.48 9.28
N MET B 32 -13.22 21.15 9.20
CA MET B 32 -11.93 20.46 9.29
C MET B 32 -11.01 20.93 8.18
N PHE B 33 -11.47 20.89 6.92
CA PHE B 33 -10.65 21.36 5.81
C PHE B 33 -10.23 22.82 5.99
N ASP B 34 -11.12 23.66 6.55
CA ASP B 34 -10.80 25.07 6.70
C ASP B 34 -9.71 25.28 7.73
N ARG B 35 -9.72 24.51 8.82
CA ARG B 35 -8.63 24.60 9.78
C ARG B 35 -7.34 24.01 9.21
N HIS B 36 -7.40 22.84 8.57
CA HIS B 36 -6.20 22.03 8.35
C HIS B 36 -5.68 22.02 6.92
N VAL B 37 -6.50 22.27 5.91
CA VAL B 37 -6.02 22.39 4.54
C VAL B 37 -5.88 23.85 4.12
N VAL B 38 -7.00 24.58 4.14
CA VAL B 38 -7.10 26.04 4.08
C VAL B 38 -7.46 26.48 2.66
N THR B 39 -6.62 26.17 1.67
CA THR B 39 -6.93 26.63 0.33
C THR B 39 -7.90 25.69 -0.36
N ARG B 40 -8.82 26.28 -1.13
CA ARG B 40 -9.82 25.52 -1.86
C ARG B 40 -9.15 24.65 -2.92
N PRO B 41 -9.79 23.57 -3.34
CA PRO B 41 -9.46 22.97 -4.62
C PRO B 41 -9.80 23.91 -5.77
N THR B 42 -9.24 23.58 -6.95
CA THR B 42 -9.37 24.39 -8.16
C THR B 42 -9.83 23.51 -9.30
N LYS B 43 -10.83 23.95 -10.06
CA LYS B 43 -11.43 23.08 -11.05
C LYS B 43 -10.78 23.27 -12.41
N VAL B 44 -10.15 22.21 -12.92
CA VAL B 44 -9.68 22.17 -14.31
C VAL B 44 -10.87 22.26 -15.24
N GLU B 45 -11.02 23.39 -15.92
CA GLU B 45 -12.10 23.59 -16.87
C GLU B 45 -11.62 23.13 -18.25
N LEU B 46 -12.09 21.97 -18.69
CA LEU B 46 -11.96 21.55 -20.08
C LEU B 46 -13.01 22.27 -20.90
N THR B 47 -12.72 22.46 -22.19
CA THR B 47 -13.71 23.06 -23.07
C THR B 47 -14.75 22.02 -23.47
N ASP B 48 -15.80 22.49 -24.16
CA ASP B 48 -16.86 21.60 -24.62
C ASP B 48 -16.32 20.54 -25.56
N ALA B 49 -15.35 20.89 -26.40
CA ALA B 49 -14.84 19.94 -27.37
C ALA B 49 -13.79 19.03 -26.74
N GLU B 50 -12.98 19.57 -25.83
CA GLU B 50 -12.05 18.77 -25.05
C GLU B 50 -12.77 17.70 -24.24
N LEU B 51 -13.88 18.10 -23.61
CA LEU B 51 -14.68 17.14 -22.88
C LEU B 51 -15.24 16.07 -23.83
N ARG B 52 -15.77 16.49 -24.99
CA ARG B 52 -16.29 15.50 -25.93
C ARG B 52 -15.18 14.56 -26.41
N GLU B 53 -13.95 15.04 -26.48
CA GLU B 53 -12.86 14.18 -26.90
C GLU B 53 -12.55 13.13 -25.83
N VAL B 54 -12.61 13.53 -24.55
CA VAL B 54 -12.49 12.56 -23.47
C VAL B 54 -13.67 11.59 -23.50
N ILE B 55 -14.88 12.10 -23.74
CA ILE B 55 -16.06 11.25 -23.76
C ILE B 55 -16.05 10.31 -24.97
N ASP B 56 -15.62 10.80 -26.14
CA ASP B 56 -15.40 9.92 -27.29
C ASP B 56 -14.50 8.73 -26.90
N ASP B 57 -13.40 8.99 -26.18
CA ASP B 57 -12.50 7.91 -25.79
C ASP B 57 -13.11 7.01 -24.72
N CYS B 58 -13.93 7.57 -23.83
CA CYS B 58 -14.61 6.75 -22.83
C CYS B 58 -15.60 5.79 -23.48
N ASN B 59 -16.39 6.27 -24.45
CA ASN B 59 -17.38 5.38 -25.03
C ASN B 59 -16.73 4.33 -25.91
N ALA B 60 -15.68 4.72 -26.64
CA ALA B 60 -14.94 3.73 -27.42
C ALA B 60 -14.46 2.59 -26.52
N ALA B 61 -13.96 2.93 -25.32
CA ALA B 61 -13.38 1.94 -24.44
C ALA B 61 -14.41 0.94 -23.92
N VAL B 62 -15.58 1.42 -23.49
CA VAL B 62 -16.58 0.55 -22.88
C VAL B 62 -17.57 0.00 -23.89
N ALA B 63 -17.53 0.44 -25.14
CA ALA B 63 -18.37 -0.15 -26.18
C ALA B 63 -18.22 -1.65 -26.32
N PRO B 64 -17.03 -2.25 -26.28
CA PRO B 64 -16.96 -3.72 -26.36
C PRO B 64 -17.69 -4.43 -25.22
N LEU B 65 -18.00 -3.75 -24.12
CA LEU B 65 -18.66 -4.44 -23.01
C LEU B 65 -20.18 -4.40 -23.11
N GLY B 66 -20.73 -3.62 -24.06
CA GLY B 66 -22.13 -3.68 -24.40
C GLY B 66 -23.02 -2.68 -23.70
N LYS B 67 -22.45 -1.77 -22.92
CA LYS B 67 -23.24 -0.92 -22.03
C LYS B 67 -23.09 0.53 -22.45
N THR B 68 -24.23 1.19 -22.69
CA THR B 68 -24.23 2.56 -23.17
C THR B 68 -24.34 3.53 -22.00
N VAL B 69 -23.45 4.52 -21.98
CA VAL B 69 -23.33 5.45 -20.88
C VAL B 69 -23.68 6.85 -21.40
N SER B 70 -24.52 7.57 -20.66
CA SER B 70 -24.94 8.89 -21.10
C SER B 70 -23.86 9.92 -20.77
N ASP B 71 -23.89 11.05 -21.50
CA ASP B 71 -22.99 12.15 -21.20
C ASP B 71 -23.17 12.66 -19.77
N GLU B 72 -24.41 12.71 -19.28
CA GLU B 72 -24.63 13.09 -17.88
C GLU B 72 -23.84 12.17 -16.94
N ARG B 73 -23.90 10.87 -17.20
CA ARG B 73 -23.20 9.93 -16.34
C ARG B 73 -21.69 10.10 -16.45
N TRP B 74 -21.16 10.22 -17.67
CA TRP B 74 -19.72 10.47 -17.82
C TRP B 74 -19.31 11.72 -17.06
N ILE B 75 -20.12 12.78 -17.16
CA ILE B 75 -19.84 14.00 -16.42
C ILE B 75 -19.84 13.74 -14.91
N SER B 76 -20.74 12.88 -14.44
CA SER B 76 -20.77 12.59 -13.02
C SER B 76 -19.54 11.79 -12.57
N TYR B 77 -18.90 11.08 -13.49
CA TYR B 77 -17.66 10.38 -13.15
C TYR B 77 -16.46 11.32 -13.25
N VAL B 78 -16.44 12.18 -14.27
CA VAL B 78 -15.20 12.89 -14.59
C VAL B 78 -14.93 14.03 -13.63
N GLY B 79 -15.96 14.54 -12.95
CA GLY B 79 -15.78 15.68 -12.07
C GLY B 79 -14.72 15.48 -11.01
N VAL B 80 -14.53 14.23 -10.54
CA VAL B 80 -13.54 14.01 -9.50
C VAL B 80 -12.14 14.35 -10.02
N VAL B 81 -11.87 14.08 -11.29
CA VAL B 81 -10.57 14.47 -11.85
C VAL B 81 -10.50 15.98 -12.02
N LEU B 82 -11.59 16.60 -12.48
CA LEU B 82 -11.57 18.05 -12.70
C LEU B 82 -11.34 18.82 -11.40
N TRP B 83 -11.88 18.32 -10.28
CA TRP B 83 -11.78 19.01 -8.99
C TRP B 83 -10.59 18.56 -8.13
N SER B 84 -10.06 17.36 -8.33
CA SER B 84 -9.15 16.80 -7.32
C SER B 84 -7.72 16.64 -7.81
N GLN B 85 -7.39 17.15 -8.99
CA GLN B 85 -6.00 17.27 -9.39
C GLN B 85 -5.49 18.61 -8.88
N SER B 86 -4.30 19.06 -9.30
CA SER B 86 -3.73 20.30 -8.79
C SER B 86 -3.41 21.18 -9.98
N PRO B 87 -4.35 22.05 -10.40
CA PRO B 87 -4.20 22.74 -11.71
C PRO B 87 -2.94 23.57 -11.85
N ARG B 88 -2.50 24.25 -10.80
CA ARG B 88 -1.35 25.14 -10.97
C ARG B 88 -0.08 24.37 -11.34
N HIS B 89 0.03 23.10 -10.91
CA HIS B 89 1.23 22.31 -11.15
C HIS B 89 1.08 21.40 -12.35
N ILE B 90 0.00 21.51 -13.11
CA ILE B 90 -0.17 20.62 -14.25
C ILE B 90 0.76 21.04 -15.38
N LYS B 91 1.70 20.17 -15.74
CA LYS B 91 2.46 20.32 -16.97
C LYS B 91 1.85 19.57 -18.15
N ASP B 92 1.64 18.26 -18.02
CA ASP B 92 1.33 17.37 -19.13
C ASP B 92 -0.19 17.23 -19.24
N MET B 93 -0.80 17.95 -20.20
CA MET B 93 -2.25 17.89 -20.33
C MET B 93 -2.73 16.62 -21.03
N GLU B 94 -1.90 15.95 -21.82
CA GLU B 94 -2.28 14.66 -22.37
C GLU B 94 -2.45 13.62 -21.26
N ALA B 95 -1.52 13.61 -20.30
CA ALA B 95 -1.66 12.72 -19.15
C ALA B 95 -2.91 13.04 -18.33
N PHE B 96 -3.23 14.33 -18.19
CA PHE B 96 -4.45 14.69 -17.47
C PHE B 96 -5.67 14.10 -18.14
N LYS B 97 -5.72 14.16 -19.49
CA LYS B 97 -6.83 13.59 -20.24
C LYS B 97 -6.88 12.07 -20.11
N ALA B 98 -5.72 11.40 -20.14
CA ALA B 98 -5.68 9.98 -19.82
C ALA B 98 -6.35 9.69 -18.48
N VAL B 99 -6.05 10.49 -17.47
CA VAL B 99 -6.62 10.23 -16.15
C VAL B 99 -8.13 10.44 -16.17
N CYS B 100 -8.61 11.44 -16.92
CA CYS B 100 -10.05 11.59 -17.09
C CYS B 100 -10.68 10.32 -17.67
N VAL B 101 -10.10 9.81 -18.76
CA VAL B 101 -10.67 8.63 -19.40
C VAL B 101 -10.55 7.41 -18.49
N LEU B 102 -9.34 7.16 -17.97
CA LEU B 102 -9.10 5.97 -17.17
C LEU B 102 -9.96 5.98 -15.91
N ASN B 103 -10.06 7.14 -15.26
CA ASN B 103 -10.99 7.29 -14.15
C ASN B 103 -12.40 6.88 -14.55
N CYS B 104 -12.90 7.43 -15.66
CA CYS B 104 -14.32 7.25 -15.99
C CYS B 104 -14.62 5.80 -16.37
N VAL B 105 -13.78 5.17 -17.19
CA VAL B 105 -14.17 3.84 -17.66
C VAL B 105 -14.03 2.80 -16.55
N THR B 106 -13.09 2.99 -15.61
CA THR B 106 -13.03 2.09 -14.47
C THR B 106 -14.11 2.41 -13.44
N PHE B 107 -14.64 3.64 -13.45
CA PHE B 107 -15.83 3.94 -12.66
C PHE B 107 -17.02 3.14 -13.18
N VAL B 108 -17.17 3.05 -14.51
CA VAL B 108 -18.21 2.20 -15.09
C VAL B 108 -18.05 0.75 -14.61
N TRP B 109 -16.82 0.25 -14.68
CA TRP B 109 -16.53 -1.10 -14.20
C TRP B 109 -16.97 -1.28 -12.76
N ASP B 110 -16.72 -0.26 -11.91
CA ASP B 110 -17.12 -0.27 -10.51
C ASP B 110 -18.64 -0.39 -10.36
N ASP B 111 -19.38 0.30 -11.23
CA ASP B 111 -20.83 0.32 -11.22
C ASP B 111 -21.45 -0.85 -11.99
N MET B 112 -20.64 -1.76 -12.50
CA MET B 112 -21.13 -2.79 -13.38
C MET B 112 -21.45 -4.07 -12.64
N ASP B 113 -22.65 -4.60 -12.91
CA ASP B 113 -22.92 -6.02 -12.80
C ASP B 113 -21.68 -6.80 -13.25
N PRO B 114 -21.15 -7.70 -12.41
CA PRO B 114 -19.90 -8.39 -12.75
C PRO B 114 -20.04 -9.38 -13.89
N ALA B 115 -21.27 -9.70 -14.30
CA ALA B 115 -21.44 -10.54 -15.49
C ALA B 115 -21.02 -9.79 -16.75
N LEU B 116 -20.93 -8.47 -16.69
CA LEU B 116 -20.47 -7.66 -17.80
C LEU B 116 -18.96 -7.49 -17.82
N HIS B 117 -18.25 -7.97 -16.80
CA HIS B 117 -16.80 -7.78 -16.69
C HIS B 117 -16.07 -8.74 -17.59
N ASP B 118 -15.78 -8.33 -18.82
CA ASP B 118 -15.00 -9.16 -19.73
C ASP B 118 -13.59 -8.59 -19.86
N PHE B 119 -12.65 -9.26 -19.19
CA PHE B 119 -11.26 -8.81 -19.22
C PHE B 119 -10.69 -8.86 -20.63
N GLY B 120 -10.94 -9.94 -21.36
CA GLY B 120 -10.39 -10.07 -22.71
C GLY B 120 -10.82 -8.95 -23.63
N LEU B 121 -12.02 -8.40 -23.39
CA LEU B 121 -12.51 -7.32 -24.24
C LEU B 121 -12.13 -5.95 -23.69
N PHE B 122 -11.99 -5.82 -22.37
CA PHE B 122 -11.78 -4.50 -21.78
C PHE B 122 -10.30 -4.15 -21.59
N LEU B 123 -9.46 -5.11 -21.15
CA LEU B 123 -8.04 -4.79 -21.01
C LEU B 123 -7.39 -4.25 -22.28
N PRO B 124 -7.65 -4.79 -23.48
CA PRO B 124 -7.09 -4.16 -24.69
C PRO B 124 -7.47 -2.69 -24.86
N GLN B 125 -8.67 -2.29 -24.46
CA GLN B 125 -9.06 -0.88 -24.53
C GLN B 125 -8.29 -0.04 -23.54
N LEU B 126 -8.11 -0.53 -22.30
CA LEU B 126 -7.27 0.18 -21.35
C LEU B 126 -5.86 0.36 -21.90
N ARG B 127 -5.37 -0.64 -22.64
CA ARG B 127 -4.12 -0.47 -23.37
C ARG B 127 -4.24 0.61 -24.44
N LYS B 128 -5.29 0.56 -25.27
CA LYS B 128 -5.43 1.56 -26.33
C LYS B 128 -5.42 2.97 -25.76
N ILE B 129 -5.88 3.14 -24.51
CA ILE B 129 -5.94 4.47 -23.92
C ILE B 129 -4.56 4.87 -23.40
N CYS B 130 -3.90 3.98 -22.66
CA CYS B 130 -2.58 4.30 -22.15
C CYS B 130 -1.61 4.65 -23.29
N GLU B 131 -1.80 4.03 -24.47
CA GLU B 131 -0.94 4.32 -25.61
C GLU B 131 -1.23 5.68 -26.23
N LYS B 132 -2.50 6.08 -26.25
CA LYS B 132 -2.83 7.32 -26.93
C LYS B 132 -2.26 8.53 -26.20
N TYR B 133 -2.16 8.46 -24.86
CA TYR B 133 -1.88 9.63 -24.05
C TYR B 133 -0.54 9.63 -23.34
N TYR B 134 0.08 8.46 -23.10
CA TYR B 134 1.35 8.39 -22.40
C TYR B 134 2.47 7.88 -23.31
N GLY B 135 3.64 8.50 -23.18
CA GLY B 135 4.86 7.91 -23.70
C GLY B 135 5.00 6.47 -23.28
N PRO B 136 5.97 5.76 -23.87
CA PRO B 136 5.93 4.29 -23.83
C PRO B 136 6.09 3.67 -22.45
N GLU B 137 6.90 4.25 -21.57
CA GLU B 137 7.09 3.60 -20.27
C GLU B 137 5.94 3.96 -19.33
N ASP B 138 5.48 5.22 -19.37
CA ASP B 138 4.38 5.64 -18.52
C ASP B 138 3.11 4.86 -18.85
N ALA B 139 2.93 4.51 -20.12
CA ALA B 139 1.81 3.68 -20.52
C ALA B 139 1.83 2.33 -19.81
N GLU B 140 3.02 1.71 -19.70
CA GLU B 140 3.10 0.44 -18.97
C GLU B 140 2.71 0.60 -17.51
N VAL B 141 3.16 1.67 -16.84
CA VAL B 141 2.85 1.86 -15.42
C VAL B 141 1.37 2.16 -15.22
N ALA B 142 0.81 3.05 -16.02
CA ALA B 142 -0.60 3.38 -15.89
C ALA B 142 -1.46 2.17 -16.22
N TYR B 143 -1.08 1.40 -17.24
CA TYR B 143 -1.84 0.19 -17.58
C TYR B 143 -1.82 -0.83 -16.44
N GLU B 144 -0.66 -1.10 -15.86
CA GLU B 144 -0.59 -2.07 -14.76
C GLU B 144 -1.49 -1.68 -13.61
N ALA B 145 -1.51 -0.40 -13.27
CA ALA B 145 -2.37 0.05 -12.19
C ALA B 145 -3.85 -0.11 -12.54
N ALA B 146 -4.23 0.21 -13.79
CA ALA B 146 -5.64 0.05 -14.17
C ALA B 146 -6.04 -1.42 -14.19
N ARG B 147 -5.21 -2.27 -14.79
CA ARG B 147 -5.43 -3.71 -14.76
C ARG B 147 -5.60 -4.22 -13.34
N ALA B 148 -4.70 -3.83 -12.44
CA ALA B 148 -4.78 -4.33 -11.06
C ALA B 148 -6.04 -3.81 -10.38
N PHE B 149 -6.44 -2.57 -10.68
CA PHE B 149 -7.67 -2.06 -10.10
C PHE B 149 -8.89 -2.85 -10.58
N VAL B 150 -9.03 -3.03 -11.91
CA VAL B 150 -10.25 -3.69 -12.35
C VAL B 150 -10.23 -5.18 -11.98
N THR B 151 -9.05 -5.78 -11.90
CA THR B 151 -8.97 -7.16 -11.43
C THR B 151 -9.36 -7.27 -9.96
N SER B 152 -8.87 -6.36 -9.12
CA SER B 152 -9.27 -6.34 -7.71
C SER B 152 -10.77 -6.10 -7.55
N ASP B 153 -11.29 -5.07 -8.24
CA ASP B 153 -12.73 -4.82 -8.17
C ASP B 153 -13.52 -6.08 -8.51
N HIS B 154 -13.05 -6.85 -9.51
CA HIS B 154 -13.79 -8.04 -9.94
C HIS B 154 -13.62 -9.18 -8.94
N MET B 155 -12.38 -9.51 -8.57
CA MET B 155 -12.21 -10.71 -7.75
C MET B 155 -12.89 -10.58 -6.40
N PHE B 156 -12.84 -9.39 -5.79
CA PHE B 156 -13.41 -9.20 -4.46
C PHE B 156 -14.92 -9.05 -4.46
N ARG B 157 -15.57 -9.12 -5.62
CA ARG B 157 -16.93 -8.63 -5.81
C ARG B 157 -17.88 -8.97 -4.68
N ASP B 158 -18.00 -10.27 -4.40
CA ASP B 158 -18.84 -10.78 -3.32
C ASP B 158 -18.11 -11.89 -2.56
N SER B 159 -16.85 -11.61 -2.16
CA SER B 159 -15.70 -12.38 -1.67
C SER B 159 -15.66 -12.44 -0.14
N PRO B 160 -15.18 -13.56 0.41
CA PRO B 160 -15.05 -13.66 1.87
C PRO B 160 -13.89 -12.87 2.45
N ILE B 161 -12.81 -12.67 1.68
CA ILE B 161 -11.74 -11.80 2.16
C ILE B 161 -12.27 -10.40 2.39
N LYS B 162 -13.01 -9.87 1.42
CA LYS B 162 -13.61 -8.56 1.58
C LYS B 162 -14.48 -8.49 2.84
N ALA B 163 -15.27 -9.54 3.07
CA ALA B 163 -16.10 -9.58 4.28
C ALA B 163 -15.24 -9.51 5.53
N ALA B 164 -14.07 -10.16 5.52
CA ALA B 164 -13.20 -10.09 6.68
C ALA B 164 -12.60 -8.71 6.85
N LEU B 165 -12.05 -8.13 5.77
CA LEU B 165 -11.39 -6.85 5.89
C LEU B 165 -12.38 -5.71 6.14
N CYS B 166 -13.66 -5.90 5.80
CA CYS B 166 -14.64 -4.83 5.95
C CYS B 166 -15.57 -5.00 7.15
N THR B 167 -15.40 -6.03 7.97
CA THR B 167 -16.22 -6.16 9.15
C THR B 167 -15.40 -6.22 10.44
N THR B 168 -14.07 -6.15 10.35
CA THR B 168 -13.25 -6.15 11.56
C THR B 168 -13.01 -4.72 12.01
N SER B 169 -11.85 -4.14 11.68
CA SER B 169 -11.44 -2.88 12.27
C SER B 169 -11.37 -1.81 11.18
N PRO B 170 -11.34 -0.53 11.56
CA PRO B 170 -11.03 0.51 10.54
C PRO B 170 -9.67 0.28 9.91
N GLU B 171 -8.73 -0.25 10.70
CA GLU B 171 -7.40 -0.58 10.19
C GLU B 171 -7.46 -1.61 9.05
N GLN B 172 -8.18 -2.72 9.23
CA GLN B 172 -8.29 -3.70 8.14
C GLN B 172 -8.99 -3.08 6.94
N TYR B 173 -10.00 -2.27 7.21
CA TYR B 173 -10.82 -1.72 6.13
C TYR B 173 -10.02 -0.77 5.26
N PHE B 174 -9.35 0.21 5.87
CA PHE B 174 -8.60 1.17 5.06
C PHE B 174 -7.45 0.49 4.33
N ARG B 175 -6.88 -0.56 4.92
CA ARG B 175 -5.94 -1.39 4.19
C ARG B 175 -6.52 -1.89 2.87
N PHE B 176 -7.75 -2.39 2.89
CA PHE B 176 -8.39 -2.82 1.66
C PHE B 176 -8.56 -1.67 0.67
N ARG B 177 -8.87 -0.49 1.19
CA ARG B 177 -9.27 0.61 0.32
C ARG B 177 -8.10 1.30 -0.35
N VAL B 178 -6.86 1.07 0.10
CA VAL B 178 -5.73 1.64 -0.63
C VAL B 178 -5.81 1.28 -2.09
N THR B 179 -6.20 0.05 -2.40
CA THR B 179 -6.43 -0.38 -3.77
C THR B 179 -7.88 -0.16 -4.19
N ASP B 180 -8.82 -0.58 -3.36
CA ASP B 180 -10.20 -0.70 -3.81
C ASP B 180 -10.84 0.65 -4.12
N ILE B 181 -10.52 1.70 -3.37
CA ILE B 181 -11.12 2.99 -3.75
C ILE B 181 -10.47 3.54 -5.00
N GLY B 182 -9.36 2.96 -5.47
CA GLY B 182 -8.71 3.36 -6.70
C GLY B 182 -7.60 4.38 -6.56
N VAL B 183 -7.23 4.75 -5.33
CA VAL B 183 -6.28 5.86 -5.17
C VAL B 183 -4.86 5.46 -5.54
N ASP B 184 -4.45 4.21 -5.30
CA ASP B 184 -3.12 3.82 -5.76
C ASP B 184 -3.04 3.92 -7.28
N PHE B 185 -4.07 3.43 -7.95
CA PHE B 185 -4.21 3.56 -9.40
C PHE B 185 -4.14 5.02 -9.81
N TRP B 186 -4.94 5.85 -9.14
CA TRP B 186 -4.94 7.29 -9.39
C TRP B 186 -3.54 7.88 -9.35
N MET B 187 -2.78 7.60 -8.29
CA MET B 187 -1.44 8.15 -8.18
C MET B 187 -0.54 7.67 -9.31
N LYS B 188 -0.65 6.38 -9.66
CA LYS B 188 0.26 5.82 -10.63
C LYS B 188 -0.10 6.24 -12.06
N MET B 189 -1.30 6.74 -12.30
CA MET B 189 -1.59 7.34 -13.59
C MET B 189 -1.51 8.87 -13.59
N SER B 190 -1.48 9.51 -12.41
CA SER B 190 -1.43 10.95 -12.32
C SER B 190 -0.02 11.54 -12.25
N TYR B 191 1.00 10.77 -11.84
CA TYR B 191 2.32 11.38 -11.76
C TYR B 191 2.83 11.93 -13.09
N PRO B 192 2.51 11.37 -14.26
CA PRO B 192 2.95 12.04 -15.50
C PRO B 192 2.35 13.43 -15.69
N ILE B 193 1.25 13.76 -15.02
CA ILE B 193 0.66 15.10 -15.14
C ILE B 193 1.65 16.15 -14.66
N TYR B 194 2.39 15.85 -13.59
CA TYR B 194 3.21 16.80 -12.88
C TYR B 194 4.68 16.70 -13.22
N ARG B 195 5.16 15.51 -13.60
CA ARG B 195 6.56 15.27 -13.97
C ARG B 195 7.49 15.83 -12.89
N HIS B 196 7.10 15.60 -11.64
CA HIS B 196 7.82 16.01 -10.45
C HIS B 196 8.43 14.76 -9.82
N PRO B 197 9.75 14.57 -9.91
CA PRO B 197 10.33 13.28 -9.49
C PRO B 197 9.99 12.86 -8.07
N GLU B 198 9.98 13.79 -7.12
CA GLU B 198 9.59 13.47 -5.74
C GLU B 198 8.19 12.87 -5.67
N PHE B 199 7.23 13.46 -6.38
CA PHE B 199 5.88 12.91 -6.35
C PHE B 199 5.81 11.59 -7.12
N THR B 200 6.56 11.50 -8.22
CA THR B 200 6.65 10.26 -8.96
C THR B 200 7.12 9.12 -8.06
N GLU B 201 8.09 9.39 -7.19
CA GLU B 201 8.56 8.31 -6.31
C GLU B 201 7.51 7.93 -5.28
N HIS B 202 6.86 8.91 -4.64
CA HIS B 202 5.80 8.58 -3.68
C HIS B 202 4.65 7.85 -4.36
N ALA B 203 4.39 8.18 -5.62
CA ALA B 203 3.38 7.44 -6.37
C ALA B 203 3.82 5.99 -6.57
N LYS B 204 5.06 5.79 -6.98
CA LYS B 204 5.51 4.44 -7.33
C LYS B 204 5.69 3.54 -6.10
N THR B 205 6.02 4.10 -4.93
CA THR B 205 6.06 3.28 -3.72
C THR B 205 4.67 3.06 -3.11
N SER B 206 3.66 3.79 -3.58
CA SER B 206 2.31 3.81 -3.02
C SER B 206 2.23 4.52 -1.67
N LEU B 207 3.32 5.12 -1.19
CA LEU B 207 3.20 5.97 -0.02
C LEU B 207 2.20 7.12 -0.26
N ALA B 208 2.19 7.63 -1.49
CA ALA B 208 1.23 8.68 -1.86
C ALA B 208 -0.20 8.19 -1.61
N ALA B 209 -0.51 6.97 -2.06
CA ALA B 209 -1.84 6.41 -1.85
C ALA B 209 -2.12 6.14 -0.38
N ARG B 210 -1.14 5.60 0.35
CA ARG B 210 -1.39 5.31 1.76
C ARG B 210 -1.66 6.58 2.56
N MET B 211 -1.09 7.72 2.16
CA MET B 211 -1.33 8.95 2.93
C MET B 211 -2.71 9.55 2.66
N THR B 212 -3.29 9.26 1.49
CA THR B 212 -4.53 9.93 1.10
C THR B 212 -5.75 9.02 1.18
N THR B 213 -5.54 7.72 1.47
CA THR B 213 -6.64 6.76 1.45
C THR B 213 -7.75 7.13 2.44
N ARG B 214 -7.39 7.44 3.68
CA ARG B 214 -8.45 7.67 4.66
C ARG B 214 -9.26 8.93 4.34
N GLY B 215 -8.58 10.00 3.92
CA GLY B 215 -9.28 11.24 3.60
C GLY B 215 -10.26 11.07 2.46
N LEU B 216 -9.85 10.35 1.41
CA LEU B 216 -10.77 10.05 0.32
C LEU B 216 -11.90 9.14 0.79
N THR B 217 -11.55 8.07 1.49
CA THR B 217 -12.50 7.00 1.76
C THR B 217 -13.57 7.43 2.76
N ILE B 218 -13.16 8.11 3.83
CA ILE B 218 -14.13 8.51 4.85
C ILE B 218 -15.19 9.40 4.22
N VAL B 219 -14.77 10.34 3.38
CA VAL B 219 -15.72 11.22 2.69
C VAL B 219 -16.58 10.43 1.73
N ASN B 220 -15.96 9.61 0.87
CA ASN B 220 -16.77 8.80 -0.05
C ASN B 220 -17.75 7.93 0.71
N ASP B 221 -17.29 7.27 1.77
CA ASP B 221 -18.16 6.35 2.50
C ASP B 221 -19.37 7.07 3.09
N PHE B 222 -19.15 8.27 3.63
CA PHE B 222 -20.28 8.95 4.27
C PHE B 222 -21.36 9.23 3.25
N TYR B 223 -20.99 9.75 2.09
CA TYR B 223 -21.98 10.20 1.13
C TYR B 223 -22.49 9.10 0.20
N SER B 224 -21.81 7.94 0.15
CA SER B 224 -22.33 6.82 -0.65
C SER B 224 -22.93 5.73 0.22
N TYR B 225 -22.99 5.93 1.54
CA TYR B 225 -23.55 4.93 2.46
C TYR B 225 -24.96 4.50 2.05
N ASP B 226 -25.86 5.46 1.81
CA ASP B 226 -27.26 5.10 1.57
C ASP B 226 -27.40 4.22 0.35
N ARG B 227 -26.71 4.55 -0.73
CA ARG B 227 -26.77 3.73 -1.93
C ARG B 227 -26.17 2.34 -1.65
N GLU B 228 -25.02 2.30 -1.00
CA GLU B 228 -24.33 1.03 -0.84
C GLU B 228 -25.11 0.09 0.09
N VAL B 229 -25.71 0.59 1.17
CA VAL B 229 -26.46 -0.34 2.02
C VAL B 229 -27.72 -0.84 1.29
N SER B 230 -28.35 0.01 0.46
CA SER B 230 -29.51 -0.50 -0.29
C SER B 230 -29.10 -1.60 -1.28
N LEU B 231 -27.89 -1.52 -1.85
CA LEU B 231 -27.42 -2.48 -2.84
C LEU B 231 -26.71 -3.69 -2.22
N GLY B 232 -26.61 -3.75 -0.90
CA GLY B 232 -25.91 -4.85 -0.25
C GLY B 232 -24.41 -4.78 -0.31
N GLN B 233 -23.84 -3.62 -0.65
CA GLN B 233 -22.40 -3.47 -0.72
C GLN B 233 -21.84 -3.21 0.68
N ILE B 234 -20.80 -3.96 1.06
CA ILE B 234 -20.28 -3.89 2.43
C ILE B 234 -19.05 -3.02 2.55
N THR B 235 -18.55 -2.49 1.44
CA THR B 235 -17.28 -1.76 1.49
C THR B 235 -17.54 -0.30 1.86
N ASN B 236 -17.72 -0.07 3.17
CA ASN B 236 -18.06 1.23 3.71
C ASN B 236 -17.78 1.26 5.22
N CYS B 237 -16.92 2.16 5.68
CA CYS B 237 -16.50 2.11 7.07
C CYS B 237 -17.63 2.41 8.04
N PHE B 238 -18.68 3.12 7.62
CA PHE B 238 -19.75 3.39 8.57
C PHE B 238 -20.61 2.16 8.85
N ARG B 239 -20.46 1.05 8.12
CA ARG B 239 -21.05 -0.21 8.55
C ARG B 239 -20.36 -0.76 9.81
N LEU B 240 -19.19 -0.23 10.18
CA LEU B 240 -18.50 -0.66 11.38
C LEU B 240 -19.05 -0.06 12.66
N CYS B 241 -19.89 0.98 12.59
CA CYS B 241 -20.56 1.47 13.79
C CYS B 241 -22.05 1.30 13.61
N ASP B 242 -22.78 1.59 14.67
CA ASP B 242 -24.24 1.54 14.67
C ASP B 242 -24.73 2.95 14.32
N VAL B 243 -24.99 3.17 13.02
CA VAL B 243 -25.44 4.50 12.63
C VAL B 243 -26.86 4.79 13.15
N SER B 244 -27.62 3.77 13.57
CA SER B 244 -28.92 4.05 14.15
C SER B 244 -28.85 4.48 15.60
N ASP B 245 -27.70 4.90 16.10
CA ASP B 245 -27.54 5.39 17.46
C ASP B 245 -26.65 6.61 17.41
N GLU B 246 -27.24 7.80 17.54
CA GLU B 246 -26.48 9.03 17.28
C GLU B 246 -25.22 9.09 18.16
N THR B 247 -25.30 8.57 19.39
CA THR B 247 -24.13 8.60 20.27
C THR B 247 -22.97 7.79 19.69
N ALA B 248 -23.24 6.57 19.24
CA ALA B 248 -22.18 5.74 18.70
C ALA B 248 -21.71 6.30 17.36
N PHE B 249 -22.66 6.77 16.53
CA PHE B 249 -22.27 7.35 15.25
C PHE B 249 -21.31 8.51 15.46
N LYS B 250 -21.65 9.44 16.35
CA LYS B 250 -20.84 10.64 16.47
C LYS B 250 -19.47 10.32 17.05
N GLU B 251 -19.37 9.34 17.93
CA GLU B 251 -18.05 8.93 18.41
C GLU B 251 -17.23 8.32 17.28
N PHE B 252 -17.87 7.52 16.43
CA PHE B 252 -17.19 6.95 15.27
C PHE B 252 -16.76 8.04 14.30
N PHE B 253 -17.70 8.93 13.96
CA PHE B 253 -17.39 9.99 13.00
C PHE B 253 -16.27 10.87 13.52
N GLN B 254 -16.30 11.18 14.81
CA GLN B 254 -15.21 11.87 15.48
C GLN B 254 -13.87 11.17 15.26
N ALA B 255 -13.81 9.87 15.53
CA ALA B 255 -12.57 9.16 15.32
C ALA B 255 -12.11 9.24 13.86
N ARG B 256 -13.05 9.23 12.92
CA ARG B 256 -12.68 9.32 11.51
C ARG B 256 -12.16 10.72 11.17
N LEU B 257 -12.82 11.78 11.68
CA LEU B 257 -12.28 13.13 11.57
C LEU B 257 -10.85 13.18 12.07
N ASP B 258 -10.59 12.61 13.26
CA ASP B 258 -9.23 12.60 13.81
C ASP B 258 -8.25 11.92 12.86
N ASP B 259 -8.66 10.80 12.24
CA ASP B 259 -7.82 10.14 11.23
C ASP B 259 -7.43 11.11 10.12
N MET B 260 -8.42 11.82 9.59
CA MET B 260 -8.16 12.73 8.48
C MET B 260 -7.16 13.80 8.88
N ILE B 261 -7.35 14.38 10.05
CA ILE B 261 -6.52 15.49 10.51
C ILE B 261 -5.08 15.00 10.70
N GLU B 262 -4.94 13.87 11.37
CA GLU B 262 -3.61 13.31 11.59
C GLU B 262 -2.89 13.06 10.25
N ASP B 263 -3.61 12.52 9.25
CA ASP B 263 -3.03 12.34 7.92
C ASP B 263 -2.64 13.67 7.28
N ILE B 264 -3.56 14.64 7.33
CA ILE B 264 -3.27 15.93 6.70
C ILE B 264 -2.04 16.58 7.32
N GLU B 265 -1.94 16.56 8.64
CA GLU B 265 -0.79 17.20 9.29
C GLU B 265 0.53 16.51 8.92
N CYS B 266 0.53 15.17 8.81
CA CYS B 266 1.70 14.49 8.29
C CYS B 266 1.97 14.83 6.83
N ILE B 267 0.92 14.93 6.01
CA ILE B 267 1.12 15.32 4.63
C ILE B 267 1.90 16.64 4.52
N LYS B 268 1.77 17.52 5.52
CA LYS B 268 2.49 18.80 5.47
C LYS B 268 4.00 18.67 5.63
N ALA B 269 4.50 17.47 5.96
CA ALA B 269 5.94 17.24 5.96
C ALA B 269 6.49 16.96 4.57
N PHE B 270 5.65 16.63 3.59
CA PHE B 270 6.16 16.36 2.26
C PHE B 270 6.57 17.68 1.61
N ASP B 271 7.29 17.59 0.48
CA ASP B 271 7.66 18.78 -0.26
C ASP B 271 6.38 19.47 -0.75
N GLN B 272 6.46 20.81 -0.90
CA GLN B 272 5.25 21.61 -1.08
C GLN B 272 4.41 21.14 -2.26
N LEU B 273 5.03 20.88 -3.40
CA LEU B 273 4.25 20.52 -4.57
C LEU B 273 3.54 19.19 -4.33
N THR B 274 4.24 18.21 -3.75
CA THR B 274 3.60 16.95 -3.41
C THR B 274 2.43 17.17 -2.45
N GLN B 275 2.66 17.96 -1.39
CA GLN B 275 1.61 18.25 -0.42
C GLN B 275 0.42 18.95 -1.09
N ASP B 276 0.67 19.81 -2.09
CA ASP B 276 -0.42 20.41 -2.85
C ASP B 276 -1.26 19.33 -3.50
N VAL B 277 -0.60 18.41 -4.22
CA VAL B 277 -1.31 17.35 -4.91
C VAL B 277 -2.14 16.52 -3.94
N PHE B 278 -1.54 16.10 -2.83
CA PHE B 278 -2.25 15.25 -1.87
C PHE B 278 -3.46 15.98 -1.30
N LEU B 279 -3.29 17.25 -0.89
CA LEU B 279 -4.37 17.96 -0.22
C LEU B 279 -5.47 18.37 -1.20
N ASP B 280 -5.10 18.80 -2.42
CA ASP B 280 -6.11 19.06 -3.44
C ASP B 280 -6.91 17.81 -3.73
N LEU B 281 -6.24 16.64 -3.68
CA LEU B 281 -6.94 15.40 -3.93
C LEU B 281 -8.00 15.15 -2.86
N ILE B 282 -7.62 15.26 -1.58
CA ILE B 282 -8.57 14.98 -0.51
C ILE B 282 -9.67 16.03 -0.46
N TYR B 283 -9.29 17.29 -0.50
CA TYR B 283 -10.27 18.37 -0.38
C TYR B 283 -11.13 18.47 -1.65
N GLY B 284 -10.51 18.32 -2.82
CA GLY B 284 -11.28 18.33 -4.05
C GLY B 284 -12.27 17.18 -4.13
N ASN B 285 -11.87 16.00 -3.66
CA ASN B 285 -12.84 14.91 -3.66
C ASN B 285 -14.06 15.27 -2.83
N PHE B 286 -13.86 15.97 -1.72
CA PHE B 286 -14.99 16.35 -0.89
C PHE B 286 -15.88 17.39 -1.58
N VAL B 287 -15.28 18.36 -2.25
CA VAL B 287 -16.09 19.35 -2.98
C VAL B 287 -16.90 18.68 -4.08
N TRP B 288 -16.22 17.85 -4.87
CA TRP B 288 -16.89 17.09 -5.93
C TRP B 288 -17.99 16.19 -5.37
N THR B 289 -17.68 15.46 -4.29
CA THR B 289 -18.64 14.50 -3.74
C THR B 289 -19.92 15.19 -3.30
N THR B 290 -19.81 16.38 -2.70
CA THR B 290 -20.98 17.06 -2.18
C THR B 290 -21.77 17.82 -3.26
N SER B 291 -21.21 17.98 -4.46
CA SER B 291 -21.92 18.69 -5.53
C SER B 291 -22.30 17.79 -6.70
N ASN B 292 -22.40 16.48 -6.48
CA ASN B 292 -22.59 15.51 -7.54
C ASN B 292 -23.84 14.69 -7.23
N LYS B 293 -24.73 14.57 -8.22
CA LYS B 293 -25.98 13.81 -8.07
C LYS B 293 -25.72 12.35 -7.68
N ARG B 294 -24.59 11.80 -8.09
CA ARG B 294 -24.21 10.44 -7.72
C ARG B 294 -24.36 10.18 -6.23
N TYR B 295 -24.08 11.19 -5.40
CA TYR B 295 -24.11 11.04 -3.95
C TYR B 295 -25.27 11.79 -3.31
N LYS B 296 -26.33 12.05 -4.08
CA LYS B 296 -27.51 12.79 -3.64
C LYS B 296 -28.74 11.91 -3.41
N THR B 297 -28.80 10.75 -4.06
CA THR B 297 -29.88 9.80 -3.84
C THR B 297 -29.32 8.39 -3.87
N ALA B 298 -30.06 7.46 -3.25
CA ALA B 298 -29.59 6.08 -3.11
C ALA B 298 -29.57 5.33 -4.44
N VAL B 299 -30.56 5.57 -5.32
CA VAL B 299 -30.66 4.88 -6.61
C VAL B 299 -31.33 5.84 -7.60
N ASN B 300 -30.51 6.59 -8.34
CA ASN B 300 -30.99 7.58 -9.30
C ASN B 300 -30.43 7.23 -10.68
N ASP B 301 -30.65 8.10 -11.66
CA ASP B 301 -30.25 7.85 -13.04
C ASP B 301 -28.79 8.14 -13.33
N VAL B 302 -27.95 8.29 -12.30
CA VAL B 302 -26.51 8.32 -12.53
C VAL B 302 -25.76 7.29 -11.71
N ASN B 303 -26.30 6.84 -10.56
CA ASN B 303 -25.58 5.90 -9.70
C ASN B 303 -26.17 4.50 -9.71
N SER B 304 -27.19 4.25 -10.51
CA SER B 304 -27.80 2.93 -10.58
C SER B 304 -26.77 1.93 -11.13
N ARG B 305 -26.92 0.66 -10.71
CA ARG B 305 -26.08 -0.40 -11.27
C ARG B 305 -26.18 -0.42 -12.79
N ILE B 306 -25.32 -1.21 -13.42
CA ILE B 306 -25.37 -1.39 -14.87
C ILE B 306 -25.42 -2.89 -15.16
N GLN B 307 -26.58 -3.34 -15.68
CA GLN B 307 -26.80 -4.72 -16.10
C GLN B 307 -27.86 -4.75 -17.20
N ALA B 308 -28.73 -3.73 -17.19
CA ALA B 308 -29.98 -3.77 -17.93
C ALA B 308 -30.77 -2.48 -17.77
N GLY A 14 15.69 4.54 31.55
CA GLY A 14 16.28 4.99 30.30
C GLY A 14 16.00 4.12 29.09
N ARG A 15 15.85 4.75 27.92
CA ARG A 15 16.00 4.03 26.67
C ARG A 15 17.43 3.63 26.43
N SER A 16 17.92 3.77 25.22
CA SER A 16 19.13 3.09 24.83
C SER A 16 18.94 1.59 24.67
N SER A 17 18.01 0.94 25.40
CA SER A 17 17.92 -0.52 25.23
C SER A 17 16.61 -1.11 25.73
N VAL A 18 16.19 -2.21 25.11
CA VAL A 18 15.07 -3.00 25.61
C VAL A 18 15.54 -4.31 26.26
N ARG A 19 16.82 -4.39 26.66
CA ARG A 19 17.35 -5.59 27.32
C ARG A 19 16.54 -6.10 28.51
N PRO A 20 16.01 -5.26 29.42
CA PRO A 20 15.18 -5.81 30.50
C PRO A 20 14.05 -6.70 30.04
N TYR A 21 13.56 -6.54 28.82
CA TYR A 21 12.36 -7.23 28.37
C TYR A 21 12.63 -8.39 27.40
N LEU A 22 13.90 -8.66 27.11
CA LEU A 22 14.24 -9.57 26.01
C LEU A 22 13.60 -10.94 26.20
N GLU A 23 13.70 -11.51 27.40
CA GLU A 23 13.19 -12.87 27.60
C GLU A 23 11.67 -12.91 27.57
N GLU A 24 11.01 -12.00 28.29
CA GLU A 24 9.55 -12.00 28.34
C GLU A 24 8.96 -11.80 26.96
N CYS A 25 9.43 -10.76 26.24
CA CYS A 25 8.88 -10.47 24.91
C CYS A 25 9.14 -11.60 23.94
N THR A 26 10.33 -12.20 23.97
CA THR A 26 10.59 -13.36 23.12
C THR A 26 9.57 -14.45 23.42
N ARG A 27 9.39 -14.74 24.70
CA ARG A 27 8.42 -15.74 25.11
C ARG A 27 7.01 -15.40 24.63
N ARG A 28 6.60 -14.12 24.74
CA ARG A 28 5.23 -13.76 24.35
C ARG A 28 5.04 -13.88 22.84
N PHE A 29 5.97 -13.35 22.04
CA PHE A 29 5.93 -13.53 20.60
C PHE A 29 5.69 -14.99 20.24
N GLN A 30 6.51 -15.89 20.81
CA GLN A 30 6.40 -17.29 20.44
C GLN A 30 5.04 -17.87 20.85
N GLU A 31 4.56 -17.55 22.04
CA GLU A 31 3.26 -18.07 22.46
C GLU A 31 2.17 -17.58 21.52
N MET A 32 2.29 -16.33 21.07
CA MET A 32 1.31 -15.77 20.15
C MET A 32 1.30 -16.56 18.85
N PHE A 33 2.48 -16.80 18.27
CA PHE A 33 2.57 -17.62 17.06
C PHE A 33 2.00 -19.02 17.28
N ASP A 34 2.28 -19.63 18.44
CA ASP A 34 1.81 -20.99 18.67
C ASP A 34 0.29 -21.05 18.76
N ARG A 35 -0.31 -19.99 19.28
CA ARG A 35 -1.75 -20.00 19.48
C ARG A 35 -2.50 -19.62 18.23
N HIS A 36 -1.89 -18.81 17.37
CA HIS A 36 -2.61 -18.25 16.23
C HIS A 36 -2.17 -18.82 14.89
N VAL A 37 -0.91 -19.27 14.77
CA VAL A 37 -0.41 -19.88 13.54
C VAL A 37 -0.20 -21.38 13.70
N VAL A 38 0.39 -21.80 14.83
CA VAL A 38 0.62 -23.19 15.25
C VAL A 38 1.65 -23.93 14.38
N THR A 39 1.46 -24.00 13.06
CA THR A 39 2.36 -24.80 12.25
C THR A 39 3.64 -24.01 12.00
N ARG A 40 4.76 -24.74 12.03
CA ARG A 40 6.08 -24.14 12.15
C ARG A 40 6.59 -23.67 10.80
N PRO A 41 7.35 -22.57 10.75
CA PRO A 41 8.06 -22.23 9.51
C PRO A 41 9.07 -23.31 9.15
N THR A 42 9.46 -23.34 7.87
CA THR A 42 10.40 -24.34 7.37
C THR A 42 11.58 -23.66 6.70
N LYS A 43 12.78 -24.16 6.94
CA LYS A 43 13.96 -23.56 6.33
C LYS A 43 14.22 -24.21 4.97
N VAL A 44 14.44 -23.37 3.96
CA VAL A 44 14.76 -23.84 2.60
C VAL A 44 16.22 -24.26 2.53
N GLU A 45 16.47 -25.55 2.38
CA GLU A 45 17.84 -26.00 2.18
C GLU A 45 18.25 -25.63 0.75
N LEU A 46 19.37 -24.93 0.64
CA LEU A 46 20.08 -24.77 -0.61
C LEU A 46 21.19 -25.80 -0.67
N THR A 47 21.38 -26.41 -1.83
CA THR A 47 22.57 -27.22 -1.96
C THR A 47 23.79 -26.30 -1.88
N ASP A 48 24.97 -26.91 -1.81
CA ASP A 48 26.17 -26.10 -1.69
C ASP A 48 26.43 -25.31 -2.96
N ALA A 49 26.20 -25.92 -4.14
CA ALA A 49 26.33 -25.20 -5.40
C ALA A 49 25.38 -24.01 -5.48
N GLU A 50 24.13 -24.20 -5.04
CA GLU A 50 23.15 -23.13 -5.09
C GLU A 50 23.57 -21.94 -4.23
N LEU A 51 24.07 -22.21 -3.02
CA LEU A 51 24.49 -21.12 -2.15
C LEU A 51 25.70 -20.39 -2.72
N ARG A 52 26.58 -21.13 -3.43
CA ARG A 52 27.70 -20.46 -4.11
C ARG A 52 27.22 -19.52 -5.18
N GLU A 53 26.27 -19.97 -6.00
CA GLU A 53 25.71 -19.09 -7.01
C GLU A 53 25.16 -17.81 -6.40
N VAL A 54 24.44 -17.95 -5.28
CA VAL A 54 23.84 -16.79 -4.62
C VAL A 54 24.92 -15.84 -4.11
N ILE A 55 25.84 -16.37 -3.29
CA ILE A 55 26.85 -15.51 -2.68
C ILE A 55 27.76 -14.91 -3.74
N ASP A 56 28.10 -15.68 -4.76
CA ASP A 56 28.98 -15.14 -5.79
C ASP A 56 28.28 -14.05 -6.60
N ASP A 57 26.97 -14.21 -6.89
CA ASP A 57 26.20 -13.14 -7.52
C ASP A 57 26.03 -11.92 -6.60
N CYS A 58 25.91 -12.16 -5.29
CA CYS A 58 25.83 -11.04 -4.35
C CYS A 58 27.09 -10.20 -4.38
N ASN A 59 28.25 -10.85 -4.33
CA ASN A 59 29.51 -10.12 -4.32
C ASN A 59 29.69 -9.34 -5.60
N ALA A 60 29.34 -9.93 -6.75
CA ALA A 60 29.47 -9.23 -8.02
C ALA A 60 28.55 -8.02 -8.07
N ALA A 61 27.37 -8.11 -7.46
CA ALA A 61 26.42 -6.99 -7.52
C ALA A 61 26.93 -5.78 -6.75
N VAL A 62 27.52 -6.00 -5.57
CA VAL A 62 27.95 -4.87 -4.74
C VAL A 62 29.41 -4.49 -4.97
N ALA A 63 30.16 -5.31 -5.71
CA ALA A 63 31.55 -4.95 -6.00
C ALA A 63 31.71 -3.53 -6.55
N PRO A 64 30.88 -3.05 -7.48
CA PRO A 64 31.09 -1.67 -7.97
C PRO A 64 30.90 -0.60 -6.91
N LEU A 65 30.37 -0.94 -5.72
CA LEU A 65 30.23 0.03 -4.63
C LEU A 65 31.46 0.10 -3.74
N GLY A 66 32.43 -0.81 -3.90
CA GLY A 66 33.71 -0.65 -3.24
C GLY A 66 33.93 -1.41 -1.94
N LYS A 67 32.90 -1.97 -1.32
CA LYS A 67 33.02 -2.54 0.02
C LYS A 67 32.95 -4.06 -0.01
N THR A 68 33.82 -4.70 0.76
CA THR A 68 33.82 -6.16 0.90
C THR A 68 32.74 -6.58 1.89
N VAL A 69 32.01 -7.64 1.53
CA VAL A 69 31.02 -8.25 2.41
C VAL A 69 31.43 -9.70 2.64
N SER A 70 31.59 -10.08 3.91
CA SER A 70 32.03 -11.43 4.25
C SER A 70 30.92 -12.44 4.01
N ASP A 71 31.32 -13.70 3.77
CA ASP A 71 30.35 -14.77 3.61
C ASP A 71 29.39 -14.88 4.79
N GLU A 72 29.90 -14.70 6.01
CA GLU A 72 28.96 -14.87 7.13
C GLU A 72 28.03 -13.66 7.26
N ARG A 73 28.43 -12.50 6.78
CA ARG A 73 27.48 -11.39 6.69
C ARG A 73 26.42 -11.68 5.61
N TRP A 74 26.82 -12.21 4.46
CA TRP A 74 25.81 -12.65 3.48
C TRP A 74 24.85 -13.67 4.09
N ILE A 75 25.39 -14.60 4.88
CA ILE A 75 24.54 -15.63 5.47
C ILE A 75 23.61 -15.02 6.51
N SER A 76 24.09 -14.02 7.24
CA SER A 76 23.23 -13.28 8.16
C SER A 76 22.07 -12.59 7.43
N TYR A 77 22.32 -12.12 6.21
CA TYR A 77 21.25 -11.48 5.45
C TYR A 77 20.32 -12.51 4.81
N VAL A 78 20.88 -13.59 4.26
CA VAL A 78 20.10 -14.52 3.46
C VAL A 78 19.15 -15.37 4.30
N GLY A 79 19.44 -15.52 5.61
CA GLY A 79 18.64 -16.39 6.44
C GLY A 79 17.16 -16.06 6.43
N VAL A 80 16.82 -14.77 6.24
CA VAL A 80 15.40 -14.40 6.23
C VAL A 80 14.69 -15.04 5.05
N VAL A 81 15.38 -15.16 3.91
CA VAL A 81 14.75 -15.81 2.76
C VAL A 81 14.64 -17.32 3.01
N LEU A 82 15.66 -17.90 3.64
CA LEU A 82 15.67 -19.35 3.85
C LEU A 82 14.57 -19.76 4.82
N TRP A 83 14.26 -18.90 5.80
CA TRP A 83 13.32 -19.21 6.86
C TRP A 83 11.91 -18.70 6.62
N SER A 84 11.72 -17.71 5.76
CA SER A 84 10.46 -16.98 5.72
C SER A 84 9.73 -17.12 4.39
N GLN A 85 10.21 -17.96 3.48
CA GLN A 85 9.39 -18.35 2.34
C GLN A 85 8.54 -19.53 2.78
N SER A 86 7.90 -20.21 1.85
CA SER A 86 7.00 -21.31 2.18
C SER A 86 7.43 -22.49 1.32
N PRO A 87 8.42 -23.28 1.78
CA PRO A 87 9.01 -24.32 0.93
C PRO A 87 7.98 -25.27 0.36
N ARG A 88 6.88 -25.52 1.07
CA ARG A 88 5.84 -26.41 0.59
C ARG A 88 5.30 -25.96 -0.76
N HIS A 89 5.20 -24.67 -1.00
CA HIS A 89 4.58 -24.11 -2.18
C HIS A 89 5.57 -23.75 -3.27
N ILE A 90 6.89 -23.93 -3.05
CA ILE A 90 7.86 -23.47 -4.03
C ILE A 90 7.66 -24.20 -5.35
N LYS A 91 7.53 -23.42 -6.43
CA LYS A 91 7.52 -23.96 -7.78
C LYS A 91 8.78 -23.63 -8.56
N ASP A 92 9.42 -22.49 -8.32
CA ASP A 92 10.52 -22.02 -9.16
C ASP A 92 11.71 -21.64 -8.28
N MET A 93 12.74 -22.50 -8.25
CA MET A 93 13.94 -22.22 -7.46
C MET A 93 14.83 -21.14 -8.10
N GLU A 94 14.70 -20.88 -9.39
CA GLU A 94 15.38 -19.73 -9.96
C GLU A 94 14.89 -18.44 -9.31
N ALA A 95 13.56 -18.26 -9.26
CA ALA A 95 12.99 -17.11 -8.57
C ALA A 95 13.40 -17.06 -7.10
N PHE A 96 13.45 -18.22 -6.44
CA PHE A 96 13.92 -18.26 -5.07
C PHE A 96 15.35 -17.74 -4.96
N LYS A 97 16.26 -18.24 -5.80
CA LYS A 97 17.63 -17.75 -5.79
C LYS A 97 17.67 -16.24 -6.03
N ALA A 98 16.83 -15.74 -6.94
CA ALA A 98 16.76 -14.31 -7.17
C ALA A 98 16.38 -13.56 -5.90
N VAL A 99 15.38 -14.06 -5.16
CA VAL A 99 15.00 -13.38 -3.93
C VAL A 99 16.14 -13.42 -2.92
N CYS A 100 16.88 -14.53 -2.86
CA CYS A 100 18.06 -14.56 -2.00
C CYS A 100 19.00 -13.42 -2.35
N VAL A 101 19.36 -13.29 -3.63
CA VAL A 101 20.37 -12.32 -4.04
C VAL A 101 19.84 -10.89 -3.83
N LEU A 102 18.67 -10.60 -4.37
CA LEU A 102 18.09 -9.25 -4.23
C LEU A 102 17.89 -8.87 -2.77
N ASN A 103 17.39 -9.79 -1.95
CA ASN A 103 17.27 -9.50 -0.52
C ASN A 103 18.60 -9.10 0.09
N CYS A 104 19.66 -9.85 -0.22
CA CYS A 104 20.95 -9.62 0.41
C CYS A 104 21.58 -8.32 -0.05
N VAL A 105 21.57 -8.04 -1.36
CA VAL A 105 22.31 -6.88 -1.81
C VAL A 105 21.60 -5.58 -1.38
N THR A 106 20.28 -5.59 -1.28
CA THR A 106 19.60 -4.41 -0.75
C THR A 106 19.71 -4.31 0.77
N PHE A 107 19.96 -5.43 1.44
CA PHE A 107 20.34 -5.38 2.84
C PHE A 107 21.66 -4.63 3.02
N VAL A 108 22.65 -4.89 2.16
CA VAL A 108 23.89 -4.12 2.20
C VAL A 108 23.59 -2.63 2.02
N TRP A 109 22.77 -2.30 1.03
CA TRP A 109 22.35 -0.92 0.81
C TRP A 109 21.76 -0.32 2.09
N ASP A 110 20.90 -1.08 2.78
CA ASP A 110 20.30 -0.62 4.03
C ASP A 110 21.35 -0.28 5.08
N ASP A 111 22.40 -1.10 5.17
CA ASP A 111 23.46 -0.90 6.14
C ASP A 111 24.46 0.17 5.70
N MET A 112 24.37 0.64 4.47
CA MET A 112 25.38 1.51 3.90
C MET A 112 25.11 2.97 4.20
N ASP A 113 26.16 3.73 4.20
CA ASP A 113 25.99 5.16 4.33
C ASP A 113 25.72 5.77 2.96
N PRO A 114 24.87 6.80 2.90
CA PRO A 114 24.30 7.22 1.61
C PRO A 114 25.33 7.70 0.62
N ALA A 115 26.51 8.12 1.09
CA ALA A 115 27.59 8.45 0.16
C ALA A 115 28.01 7.24 -0.65
N LEU A 116 28.07 6.07 -0.01
CA LEU A 116 28.36 4.83 -0.72
C LEU A 116 27.30 4.46 -1.74
N HIS A 117 26.08 4.95 -1.59
CA HIS A 117 25.02 4.65 -2.56
C HIS A 117 25.49 5.21 -3.89
N ASP A 118 25.35 4.43 -4.95
CA ASP A 118 25.68 4.86 -6.31
C ASP A 118 24.71 4.18 -7.27
N PHE A 119 23.67 4.91 -7.67
CA PHE A 119 22.60 4.34 -8.46
C PHE A 119 23.08 3.94 -9.85
N GLY A 120 24.00 4.72 -10.43
CA GLY A 120 24.48 4.42 -11.77
C GLY A 120 25.26 3.13 -11.84
N LEU A 121 25.91 2.74 -10.75
CA LEU A 121 26.63 1.48 -10.69
C LEU A 121 25.78 0.33 -10.17
N PHE A 122 24.89 0.59 -9.23
CA PHE A 122 24.13 -0.47 -8.59
C PHE A 122 22.86 -0.83 -9.35
N LEU A 123 22.14 0.14 -9.89
CA LEU A 123 20.89 -0.19 -10.57
C LEU A 123 21.09 -1.13 -11.76
N PRO A 124 22.12 -0.97 -12.60
CA PRO A 124 22.37 -2.01 -13.63
C PRO A 124 22.62 -3.41 -13.04
N GLN A 125 23.25 -3.51 -11.87
CA GLN A 125 23.43 -4.80 -11.23
C GLN A 125 22.09 -5.44 -10.87
N LEU A 126 21.19 -4.67 -10.25
CA LEU A 126 19.86 -5.19 -9.96
C LEU A 126 19.16 -5.63 -11.22
N ARG A 127 19.31 -4.86 -12.30
CA ARG A 127 18.70 -5.22 -13.56
C ARG A 127 19.22 -6.57 -14.05
N LYS A 128 20.55 -6.76 -13.99
CA LYS A 128 21.16 -8.01 -14.42
C LYS A 128 20.62 -9.20 -13.63
N ILE A 129 20.56 -9.06 -12.30
CA ILE A 129 20.04 -10.13 -11.46
C ILE A 129 18.62 -10.48 -11.86
N CYS A 130 17.77 -9.46 -12.02
CA CYS A 130 16.38 -9.71 -12.33
C CYS A 130 16.23 -10.41 -13.69
N GLU A 131 17.03 -10.01 -14.67
CA GLU A 131 16.94 -10.62 -15.99
C GLU A 131 17.41 -12.08 -15.99
N LYS A 132 18.47 -12.38 -15.23
CA LYS A 132 18.99 -13.75 -15.22
C LYS A 132 17.95 -14.73 -14.69
N TYR A 133 17.29 -14.41 -13.56
CA TYR A 133 16.52 -15.42 -12.83
C TYR A 133 15.03 -15.41 -13.13
N TYR A 134 14.49 -14.33 -13.71
CA TYR A 134 13.08 -14.20 -14.00
C TYR A 134 12.83 -14.16 -15.51
N GLY A 135 11.59 -14.47 -15.90
CA GLY A 135 11.15 -14.23 -17.25
C GLY A 135 11.02 -12.74 -17.53
N PRO A 136 10.60 -12.39 -18.76
CA PRO A 136 10.54 -10.95 -19.12
C PRO A 136 9.49 -10.15 -18.37
N GLU A 137 8.31 -10.71 -18.09
CA GLU A 137 7.32 -10.02 -17.25
C GLU A 137 7.85 -9.82 -15.84
N ASP A 138 8.21 -10.93 -15.19
CA ASP A 138 8.57 -10.89 -13.78
C ASP A 138 9.83 -10.05 -13.54
N ALA A 139 10.77 -10.06 -14.49
CA ALA A 139 11.99 -9.28 -14.32
C ALA A 139 11.69 -7.80 -14.17
N GLU A 140 10.74 -7.28 -14.96
CA GLU A 140 10.42 -5.87 -14.86
C GLU A 140 9.76 -5.55 -13.51
N VAL A 141 8.84 -6.40 -13.06
CA VAL A 141 8.18 -6.18 -11.78
C VAL A 141 9.20 -6.24 -10.65
N ALA A 142 10.06 -7.26 -10.64
CA ALA A 142 11.05 -7.37 -9.58
C ALA A 142 12.01 -6.18 -9.61
N TYR A 143 12.46 -5.77 -10.80
CA TYR A 143 13.42 -4.68 -10.86
C TYR A 143 12.81 -3.36 -10.36
N GLU A 144 11.60 -3.03 -10.81
CA GLU A 144 10.97 -1.80 -10.34
C GLU A 144 10.87 -1.79 -8.81
N ALA A 145 10.46 -2.92 -8.22
CA ALA A 145 10.33 -2.98 -6.76
C ALA A 145 11.67 -2.79 -6.07
N ALA A 146 12.75 -3.38 -6.61
CA ALA A 146 14.07 -3.21 -6.01
C ALA A 146 14.56 -1.77 -6.15
N ARG A 147 14.46 -1.22 -7.36
CA ARG A 147 14.78 0.19 -7.61
C ARG A 147 14.01 1.11 -6.67
N ALA A 148 12.70 0.91 -6.54
CA ALA A 148 11.92 1.76 -5.67
C ALA A 148 12.35 1.61 -4.21
N PHE A 149 12.69 0.39 -3.78
CA PHE A 149 13.13 0.23 -2.40
C PHE A 149 14.44 0.97 -2.12
N VAL A 150 15.48 0.74 -2.93
CA VAL A 150 16.77 1.38 -2.65
C VAL A 150 16.64 2.89 -2.77
N THR A 151 15.78 3.36 -3.67
CA THR A 151 15.56 4.79 -3.80
C THR A 151 14.89 5.36 -2.55
N SER A 152 13.92 4.62 -1.99
CA SER A 152 13.25 5.07 -0.78
C SER A 152 14.22 5.10 0.40
N ASP A 153 14.99 4.01 0.59
CA ASP A 153 15.92 3.99 1.71
C ASP A 153 16.89 5.15 1.63
N HIS A 154 17.32 5.51 0.41
CA HIS A 154 18.22 6.63 0.23
C HIS A 154 17.53 7.96 0.51
N MET A 155 16.43 8.21 -0.24
CA MET A 155 15.66 9.45 -0.16
C MET A 155 15.30 9.82 1.25
N PHE A 156 15.04 8.83 2.09
CA PHE A 156 14.48 9.12 3.39
C PHE A 156 15.53 9.16 4.48
N ARG A 157 16.82 9.13 4.14
CA ARG A 157 17.87 9.14 5.15
C ARG A 157 17.86 10.45 5.94
N ASP A 158 17.76 11.58 5.28
CA ASP A 158 17.54 12.77 6.10
C ASP A 158 16.23 13.45 5.71
N SER A 159 15.16 12.69 5.82
CA SER A 159 13.90 13.29 5.40
C SER A 159 13.09 13.76 6.61
N PRO A 160 12.62 15.01 6.61
CA PRO A 160 11.57 15.39 7.56
C PRO A 160 10.35 14.50 7.49
N ILE A 161 10.07 13.91 6.32
CA ILE A 161 8.92 13.02 6.20
C ILE A 161 9.09 11.83 7.14
N LYS A 162 10.31 11.29 7.18
CA LYS A 162 10.56 10.16 8.08
C LYS A 162 10.24 10.53 9.52
N ALA A 163 10.76 11.67 9.98
CA ALA A 163 10.53 12.10 11.37
C ALA A 163 9.06 12.32 11.65
N ALA A 164 8.32 12.88 10.69
CA ALA A 164 6.88 13.02 10.91
C ALA A 164 6.23 11.64 11.06
N LEU A 165 6.46 10.75 10.10
CA LEU A 165 5.75 9.46 10.10
C LEU A 165 6.21 8.56 11.25
N CYS A 166 7.45 8.69 11.71
CA CYS A 166 7.96 7.81 12.76
C CYS A 166 7.82 8.39 14.16
N THR A 167 7.25 9.58 14.34
CA THR A 167 7.02 10.08 15.69
C THR A 167 5.54 10.35 16.02
N THR A 168 4.63 10.29 15.06
CA THR A 168 3.27 10.79 15.30
C THR A 168 2.34 9.77 15.95
N SER A 169 2.36 8.54 15.43
CA SER A 169 1.45 7.49 15.84
C SER A 169 1.94 6.16 15.24
N PRO A 170 1.50 5.02 15.79
CA PRO A 170 1.90 3.75 15.14
C PRO A 170 1.36 3.61 13.73
N GLU A 171 0.19 4.16 13.45
CA GLU A 171 -0.44 4.04 12.14
C GLU A 171 0.35 4.78 11.07
N GLN A 172 0.89 5.95 11.41
CA GLN A 172 1.73 6.64 10.42
C GLN A 172 3.04 5.90 10.23
N TYR A 173 3.59 5.37 11.31
CA TYR A 173 4.85 4.65 11.23
C TYR A 173 4.75 3.41 10.32
N PHE A 174 3.74 2.57 10.58
CA PHE A 174 3.60 1.34 9.80
C PHE A 174 3.32 1.62 8.33
N ARG A 175 2.59 2.72 8.06
CA ARG A 175 2.38 3.16 6.70
C ARG A 175 3.70 3.41 5.97
N PHE A 176 4.67 4.05 6.64
CA PHE A 176 6.01 4.22 6.09
C PHE A 176 6.70 2.87 5.87
N ARG A 177 6.49 1.92 6.77
CA ARG A 177 7.24 0.67 6.74
C ARG A 177 6.75 -0.31 5.68
N VAL A 178 5.56 -0.12 5.10
CA VAL A 178 5.12 -0.97 3.99
C VAL A 178 6.21 -1.02 2.92
N THR A 179 6.80 0.12 2.60
CA THR A 179 7.92 0.18 1.69
C THR A 179 9.25 0.04 2.42
N ASP A 180 9.45 0.81 3.50
CA ASP A 180 10.79 0.93 4.07
C ASP A 180 11.31 -0.38 4.67
N ILE A 181 10.45 -1.24 5.20
CA ILE A 181 10.97 -2.53 5.68
C ILE A 181 11.18 -3.51 4.53
N GLY A 182 10.84 -3.13 3.30
CA GLY A 182 11.15 -3.97 2.15
C GLY A 182 10.13 -5.02 1.81
N VAL A 183 9.00 -5.09 2.53
CA VAL A 183 8.05 -6.17 2.30
C VAL A 183 7.29 -6.02 0.99
N ASP A 184 6.95 -4.78 0.57
CA ASP A 184 6.33 -4.63 -0.74
C ASP A 184 7.25 -5.18 -1.83
N PHE A 185 8.53 -4.80 -1.77
CA PHE A 185 9.58 -5.35 -2.62
C PHE A 185 9.60 -6.88 -2.55
N TRP A 186 9.58 -7.42 -1.34
CA TRP A 186 9.65 -8.87 -1.13
C TRP A 186 8.52 -9.59 -1.86
N MET A 187 7.28 -9.12 -1.70
CA MET A 187 6.14 -9.77 -2.34
C MET A 187 6.27 -9.75 -3.85
N LYS A 188 6.66 -8.59 -4.40
CA LYS A 188 6.74 -8.42 -5.84
C LYS A 188 7.87 -9.22 -6.47
N MET A 189 8.92 -9.55 -5.71
CA MET A 189 9.93 -10.45 -6.25
C MET A 189 9.70 -11.91 -5.88
N SER A 190 8.80 -12.19 -4.94
CA SER A 190 8.55 -13.55 -4.49
C SER A 190 7.40 -14.24 -5.22
N TYR A 191 6.46 -13.51 -5.83
CA TYR A 191 5.34 -14.21 -6.45
C TYR A 191 5.77 -15.19 -7.54
N PRO A 192 6.84 -14.96 -8.33
CA PRO A 192 7.22 -15.99 -9.31
C PRO A 192 7.71 -17.29 -8.67
N ILE A 193 8.08 -17.28 -7.39
CA ILE A 193 8.46 -18.51 -6.71
C ILE A 193 7.29 -19.49 -6.71
N TYR A 194 6.07 -18.96 -6.58
CA TYR A 194 4.89 -19.77 -6.32
C TYR A 194 3.99 -19.94 -7.54
N ARG A 195 4.03 -19.01 -8.50
CA ARG A 195 3.11 -18.97 -9.65
C ARG A 195 1.68 -19.32 -9.24
N HIS A 196 1.21 -18.67 -8.20
CA HIS A 196 -0.13 -18.86 -7.68
C HIS A 196 -0.95 -17.63 -8.02
N PRO A 197 -1.96 -17.73 -8.87
CA PRO A 197 -2.61 -16.50 -9.41
C PRO A 197 -3.11 -15.55 -8.34
N GLU A 198 -3.76 -16.05 -7.30
CA GLU A 198 -4.26 -15.17 -6.25
C GLU A 198 -3.11 -14.40 -5.60
N PHE A 199 -2.06 -15.13 -5.21
CA PHE A 199 -0.93 -14.50 -4.54
C PHE A 199 -0.30 -13.44 -5.44
N THR A 200 -0.17 -13.71 -6.73
CA THR A 200 0.43 -12.75 -7.64
C THR A 200 -0.36 -11.44 -7.66
N GLU A 201 -1.69 -11.51 -7.70
CA GLU A 201 -2.49 -10.28 -7.65
C GLU A 201 -2.33 -9.56 -6.31
N HIS A 202 -2.38 -10.29 -5.19
CA HIS A 202 -2.22 -9.62 -3.90
C HIS A 202 -0.85 -8.98 -3.78
N ALA A 203 0.17 -9.61 -4.36
CA ALA A 203 1.50 -9.01 -4.39
C ALA A 203 1.50 -7.74 -5.21
N LYS A 204 0.85 -7.75 -6.37
CA LYS A 204 0.92 -6.61 -7.26
C LYS A 204 0.05 -5.44 -6.81
N THR A 205 -1.02 -5.69 -6.04
CA THR A 205 -1.79 -4.60 -5.44
C THR A 205 -1.14 -4.07 -4.17
N SER A 206 -0.15 -4.78 -3.63
CA SER A 206 0.49 -4.51 -2.36
C SER A 206 -0.40 -4.84 -1.16
N LEU A 207 -1.60 -5.38 -1.38
CA LEU A 207 -2.37 -5.90 -0.26
C LEU A 207 -1.56 -6.95 0.52
N ALA A 208 -0.84 -7.82 -0.19
CA ALA A 208 0.04 -8.80 0.47
C ALA A 208 0.99 -8.09 1.45
N ALA A 209 1.65 -7.03 0.98
CA ALA A 209 2.55 -6.30 1.85
C ALA A 209 1.80 -5.61 2.99
N ARG A 210 0.64 -5.03 2.70
CA ARG A 210 -0.09 -4.30 3.73
C ARG A 210 -0.54 -5.23 4.85
N MET A 211 -0.81 -6.51 4.52
CA MET A 211 -1.27 -7.47 5.51
C MET A 211 -0.14 -7.96 6.44
N THR A 212 1.11 -7.94 5.96
CA THR A 212 2.24 -8.55 6.67
C THR A 212 3.19 -7.54 7.30
N THR A 213 2.99 -6.24 7.02
CA THR A 213 3.91 -5.21 7.48
C THR A 213 4.05 -5.17 9.00
N ARG A 214 2.93 -5.16 9.72
CA ARG A 214 3.04 -5.00 11.17
C ARG A 214 3.72 -6.21 11.81
N GLY A 215 3.38 -7.41 11.35
CA GLY A 215 3.98 -8.60 11.94
C GLY A 215 5.49 -8.63 11.76
N LEU A 216 5.95 -8.28 10.56
CA LEU A 216 7.39 -8.22 10.33
C LEU A 216 8.02 -7.07 11.12
N THR A 217 7.37 -5.90 11.12
CA THR A 217 8.02 -4.71 11.65
C THR A 217 8.10 -4.73 13.17
N ILE A 218 7.05 -5.18 13.84
CA ILE A 218 7.07 -5.18 15.30
C ILE A 218 8.20 -6.07 15.80
N VAL A 219 8.37 -7.22 15.16
CA VAL A 219 9.43 -8.15 15.54
C VAL A 219 10.80 -7.54 15.23
N ASN A 220 10.96 -7.02 14.01
CA ASN A 220 12.25 -6.43 13.67
C ASN A 220 12.61 -5.30 14.62
N ASP A 221 11.63 -4.43 14.91
CA ASP A 221 11.89 -3.26 15.76
C ASP A 221 12.28 -3.67 17.17
N PHE A 222 11.62 -4.66 17.73
CA PHE A 222 11.98 -5.04 19.10
C PHE A 222 13.45 -5.45 19.17
N TYR A 223 13.89 -6.30 18.25
CA TYR A 223 15.23 -6.87 18.38
C TYR A 223 16.32 -6.01 17.75
N SER A 224 15.97 -5.02 16.92
CA SER A 224 16.97 -4.11 16.36
C SER A 224 16.99 -2.77 17.09
N TYR A 225 16.15 -2.62 18.12
CA TYR A 225 16.05 -1.36 18.85
C TYR A 225 17.41 -0.90 19.36
N ASP A 226 18.11 -1.75 20.12
CA ASP A 226 19.36 -1.33 20.75
C ASP A 226 20.34 -0.78 19.72
N ARG A 227 20.50 -1.49 18.59
CA ARG A 227 21.41 -1.04 17.54
C ARG A 227 20.96 0.30 16.98
N GLU A 228 19.68 0.40 16.63
CA GLU A 228 19.20 1.60 15.96
C GLU A 228 19.26 2.81 16.88
N VAL A 229 18.87 2.65 18.14
CA VAL A 229 18.94 3.74 19.11
C VAL A 229 20.38 4.16 19.34
N SER A 230 21.30 3.20 19.26
CA SER A 230 22.73 3.50 19.40
C SER A 230 23.24 4.37 18.25
N LEU A 231 22.70 4.20 17.05
CA LEU A 231 23.16 4.93 15.87
C LEU A 231 22.37 6.22 15.62
N GLY A 232 21.32 6.49 16.38
CA GLY A 232 20.46 7.62 16.08
C GLY A 232 19.44 7.36 14.99
N GLN A 233 19.17 6.08 14.67
CA GLN A 233 18.16 5.73 13.68
C GLN A 233 16.77 5.79 14.31
N ILE A 234 15.84 6.49 13.66
CA ILE A 234 14.54 6.75 14.27
C ILE A 234 13.45 5.80 13.80
N THR A 235 13.74 4.93 12.83
CA THR A 235 12.71 4.09 12.24
C THR A 235 12.51 2.84 13.09
N ASN A 236 11.69 2.98 14.14
CA ASN A 236 11.48 1.92 15.14
C ASN A 236 10.29 2.27 16.01
N CYS A 237 9.24 1.44 15.98
CA CYS A 237 8.02 1.82 16.69
C CYS A 237 8.19 1.89 18.21
N PHE A 238 9.20 1.22 18.79
CA PHE A 238 9.36 1.36 20.22
C PHE A 238 9.95 2.71 20.63
N ARG A 239 10.46 3.50 19.69
CA ARG A 239 10.79 4.88 20.03
C ARG A 239 9.55 5.72 20.29
N LEU A 240 8.36 5.22 19.95
CA LEU A 240 7.11 5.88 20.32
C LEU A 240 6.77 5.63 21.78
N CYS A 241 7.58 4.81 22.43
CA CYS A 241 7.37 4.20 23.71
C CYS A 241 8.26 4.89 24.71
N ASP A 242 7.87 4.90 25.98
CA ASP A 242 8.86 5.12 27.04
C ASP A 242 9.39 3.75 27.48
N VAL A 243 10.46 3.26 26.85
CA VAL A 243 10.93 1.92 27.22
C VAL A 243 11.59 1.91 28.60
N SER A 244 11.77 3.06 29.24
CA SER A 244 12.26 3.11 30.62
C SER A 244 11.16 2.85 31.63
N ASP A 245 9.94 2.71 31.20
CA ASP A 245 8.79 2.65 32.08
C ASP A 245 8.14 1.31 31.79
N GLU A 246 8.36 0.34 32.68
CA GLU A 246 7.97 -1.02 32.38
C GLU A 246 6.47 -1.11 32.14
N THR A 247 5.67 -0.37 32.89
CA THR A 247 4.23 -0.44 32.71
C THR A 247 3.80 0.19 31.39
N ALA A 248 4.39 1.34 31.02
CA ALA A 248 4.12 1.90 29.70
C ALA A 248 4.63 0.99 28.59
N PHE A 249 5.76 0.32 28.82
CA PHE A 249 6.29 -0.59 27.81
C PHE A 249 5.35 -1.77 27.59
N LYS A 250 4.98 -2.46 28.68
CA LYS A 250 4.10 -3.62 28.56
C LYS A 250 2.75 -3.23 27.95
N GLU A 251 2.29 -2.02 28.27
CA GLU A 251 1.08 -1.51 27.63
C GLU A 251 1.25 -1.42 26.12
N PHE A 252 2.33 -0.79 25.69
CA PHE A 252 2.57 -0.62 24.27
C PHE A 252 2.76 -1.97 23.59
N PHE A 253 3.42 -2.90 24.28
CA PHE A 253 3.76 -4.17 23.67
C PHE A 253 2.53 -5.03 23.42
N GLN A 254 1.58 -5.08 24.38
CA GLN A 254 0.40 -5.88 24.12
C GLN A 254 -0.44 -5.25 23.01
N ALA A 255 -0.44 -3.91 22.91
CA ALA A 255 -1.11 -3.26 21.79
C ALA A 255 -0.50 -3.70 20.45
N ARG A 256 0.83 -3.80 20.40
CA ARG A 256 1.46 -4.28 19.17
C ARG A 256 1.18 -5.77 18.96
N LEU A 257 1.17 -6.56 20.04
CA LEU A 257 0.72 -7.94 19.93
C LEU A 257 -0.69 -8.03 19.38
N ASP A 258 -1.62 -7.23 19.93
CA ASP A 258 -2.98 -7.20 19.40
C ASP A 258 -2.98 -6.91 17.90
N ASP A 259 -2.12 -5.98 17.46
CA ASP A 259 -2.03 -5.65 16.04
C ASP A 259 -1.66 -6.90 15.22
N MET A 260 -0.61 -7.61 15.67
CA MET A 260 -0.16 -8.81 14.97
C MET A 260 -1.27 -9.84 14.91
N ILE A 261 -1.97 -10.05 16.03
CA ILE A 261 -3.03 -11.05 16.09
C ILE A 261 -4.14 -10.70 15.11
N GLU A 262 -4.57 -9.42 15.12
CA GLU A 262 -5.67 -9.05 14.24
C GLU A 262 -5.30 -9.26 12.77
N ASP A 263 -4.08 -8.89 12.38
CA ASP A 263 -3.63 -9.16 11.01
C ASP A 263 -3.62 -10.67 10.71
N ILE A 264 -3.09 -11.48 11.64
CA ILE A 264 -2.98 -12.92 11.40
C ILE A 264 -4.36 -13.53 11.23
N GLU A 265 -5.31 -13.16 12.09
CA GLU A 265 -6.66 -13.73 11.97
C GLU A 265 -7.31 -13.31 10.65
N CYS A 266 -7.09 -12.07 10.20
CA CYS A 266 -7.61 -11.65 8.90
C CYS A 266 -6.89 -12.37 7.75
N ILE A 267 -5.59 -12.62 7.89
CA ILE A 267 -4.86 -13.34 6.85
C ILE A 267 -5.48 -14.72 6.59
N LYS A 268 -6.12 -15.32 7.59
CA LYS A 268 -6.77 -16.61 7.40
C LYS A 268 -7.98 -16.54 6.46
N ALA A 269 -8.36 -15.34 6.02
CA ALA A 269 -9.39 -15.18 4.99
C ALA A 269 -8.87 -15.43 3.59
N PHE A 270 -7.57 -15.31 3.37
CA PHE A 270 -7.06 -15.49 2.02
C PHE A 270 -7.09 -16.97 1.66
N ASP A 271 -6.81 -17.26 0.41
CA ASP A 271 -6.84 -18.66 -0.03
C ASP A 271 -5.73 -19.43 0.69
N GLN A 272 -5.92 -20.76 0.78
CA GLN A 272 -5.05 -21.62 1.59
C GLN A 272 -3.57 -21.49 1.24
N LEU A 273 -3.25 -21.25 -0.02
CA LEU A 273 -1.84 -21.11 -0.39
C LEU A 273 -1.33 -19.75 0.03
N THR A 274 -2.11 -18.71 -0.20
CA THR A 274 -1.66 -17.36 0.09
C THR A 274 -1.45 -17.17 1.58
N GLN A 275 -2.39 -17.66 2.39
CA GLN A 275 -2.24 -17.49 3.83
C GLN A 275 -1.02 -18.22 4.35
N ASP A 276 -0.71 -19.40 3.80
CA ASP A 276 0.52 -20.09 4.16
C ASP A 276 1.74 -19.20 3.94
N VAL A 277 1.83 -18.60 2.74
CA VAL A 277 2.98 -17.75 2.42
C VAL A 277 3.02 -16.52 3.35
N PHE A 278 1.88 -15.87 3.59
CA PHE A 278 1.88 -14.72 4.49
C PHE A 278 2.36 -15.11 5.89
N LEU A 279 1.81 -16.20 6.43
CA LEU A 279 2.10 -16.58 7.80
C LEU A 279 3.52 -17.14 7.97
N ASP A 280 3.98 -17.94 7.00
CA ASP A 280 5.38 -18.37 7.03
C ASP A 280 6.31 -17.17 6.99
N LEU A 281 5.91 -16.11 6.27
CA LEU A 281 6.74 -14.93 6.21
C LEU A 281 6.88 -14.28 7.59
N ILE A 282 5.76 -14.07 8.28
CA ILE A 282 5.81 -13.37 9.57
C ILE A 282 6.50 -14.24 10.61
N TYR A 283 6.10 -15.51 10.68
CA TYR A 283 6.65 -16.42 11.69
C TYR A 283 8.11 -16.78 11.38
N GLY A 284 8.41 -17.00 10.11
CA GLY A 284 9.80 -17.25 9.72
C GLY A 284 10.71 -16.08 10.04
N ASN A 285 10.22 -14.85 9.84
CA ASN A 285 11.05 -13.70 10.18
C ASN A 285 11.37 -13.68 11.67
N PHE A 286 10.41 -14.08 12.49
CA PHE A 286 10.64 -14.12 13.93
C PHE A 286 11.70 -15.20 14.27
N VAL A 287 11.55 -16.38 13.69
CA VAL A 287 12.52 -17.46 13.99
C VAL A 287 13.92 -17.02 13.58
N TRP A 288 14.04 -16.46 12.38
CA TRP A 288 15.33 -15.99 11.88
C TRP A 288 15.90 -14.87 12.74
N THR A 289 15.05 -13.89 13.07
CA THR A 289 15.49 -12.73 13.85
C THR A 289 16.08 -13.15 15.20
N THR A 290 15.45 -14.10 15.90
CA THR A 290 15.90 -14.49 17.22
C THR A 290 17.09 -15.43 17.20
N SER A 291 17.46 -15.97 16.05
CA SER A 291 18.62 -16.83 15.93
C SER A 291 19.84 -16.07 15.43
N ASN A 292 19.62 -14.91 14.81
CA ASN A 292 20.61 -14.21 13.99
C ASN A 292 21.46 -13.28 14.83
N LYS A 293 22.78 -13.43 14.69
CA LYS A 293 23.75 -12.54 15.32
C LYS A 293 23.45 -11.06 15.04
N ARG A 294 22.85 -10.77 13.89
CA ARG A 294 22.55 -9.39 13.53
C ARG A 294 21.66 -8.72 14.57
N TYR A 295 20.79 -9.48 15.22
CA TYR A 295 19.79 -8.89 16.10
C TYR A 295 20.17 -9.01 17.57
N LYS A 296 21.46 -9.02 17.84
CA LYS A 296 22.05 -8.90 19.18
C LYS A 296 23.25 -7.97 19.14
N THR A 297 23.54 -7.26 20.22
CA THR A 297 24.60 -6.26 20.31
C THR A 297 24.52 -5.26 19.16
N ALA A 298 24.17 -4.03 19.55
CA ALA A 298 24.07 -2.87 18.66
C ALA A 298 25.01 -2.94 17.44
N VAL A 299 26.31 -3.17 17.64
CA VAL A 299 27.30 -3.11 16.56
C VAL A 299 28.11 -4.41 16.56
N ASN A 300 28.28 -5.02 15.39
CA ASN A 300 29.12 -6.21 15.25
C ASN A 300 29.46 -6.46 13.79
N ASP A 301 30.10 -7.60 13.51
CA ASP A 301 30.63 -7.76 12.15
C ASP A 301 29.58 -8.18 11.12
N VAL A 302 28.32 -8.43 11.52
CA VAL A 302 27.24 -8.60 10.56
C VAL A 302 26.14 -7.55 10.69
N ASN A 303 26.42 -6.35 11.24
CA ASN A 303 25.41 -5.29 11.26
C ASN A 303 25.95 -3.87 11.41
N SER A 304 27.23 -3.63 11.14
CA SER A 304 27.80 -2.30 11.32
C SER A 304 27.28 -1.33 10.27
N ARG A 305 27.45 -0.04 10.52
CA ARG A 305 27.39 0.91 9.42
C ARG A 305 28.54 0.62 8.46
N ILE A 306 28.23 0.66 7.17
CA ILE A 306 29.25 0.64 6.13
C ILE A 306 29.39 2.09 5.64
N GLN A 307 30.42 2.81 6.13
CA GLN A 307 30.76 4.13 5.62
C GLN A 307 31.97 4.08 4.71
N GLY B 9 -37.59 -11.90 9.80
CA GLY B 9 -37.66 -10.58 10.41
C GLY B 9 -37.58 -9.46 9.39
N ALA B 10 -38.13 -8.29 9.73
CA ALA B 10 -38.08 -7.15 8.82
C ALA B 10 -37.13 -6.06 9.29
N GLN B 11 -37.07 -4.95 8.57
CA GLN B 11 -35.79 -4.34 8.27
C GLN B 11 -35.29 -3.38 9.35
N ASP B 12 -33.96 -3.23 9.39
CA ASP B 12 -33.29 -2.24 10.24
C ASP B 12 -33.14 -0.94 9.44
N ILE B 13 -34.28 -0.30 9.23
CA ILE B 13 -34.32 0.99 8.56
C ILE B 13 -33.41 1.99 9.26
N GLY B 14 -33.40 1.96 10.60
CA GLY B 14 -32.57 2.91 11.34
C GLY B 14 -31.10 2.85 10.96
N ARG B 15 -30.67 1.73 10.38
CA ARG B 15 -29.29 1.56 9.95
C ARG B 15 -29.12 1.73 8.44
N SER B 16 -30.19 1.87 7.68
CA SER B 16 -30.03 1.94 6.24
C SER B 16 -29.68 3.35 5.75
N SER B 17 -29.47 4.33 6.63
CA SER B 17 -29.27 5.71 6.18
C SER B 17 -28.31 6.47 7.09
N VAL B 18 -27.65 7.49 6.54
CA VAL B 18 -27.00 8.52 7.35
C VAL B 18 -27.64 9.88 7.13
N ARG B 19 -28.77 9.93 6.42
CA ARG B 19 -29.42 11.21 6.10
C ARG B 19 -29.68 12.08 7.32
N PRO B 20 -30.14 11.56 8.46
CA PRO B 20 -30.24 12.40 9.67
C PRO B 20 -28.97 13.18 10.03
N TYR B 21 -27.79 12.73 9.62
CA TYR B 21 -26.53 13.38 9.99
C TYR B 21 -25.94 14.24 8.87
N LEU B 22 -26.65 14.35 7.76
CA LEU B 22 -26.07 14.90 6.54
C LEU B 22 -25.57 16.33 6.74
N GLU B 23 -26.40 17.19 7.32
CA GLU B 23 -26.01 18.60 7.42
C GLU B 23 -24.85 18.79 8.39
N GLU B 24 -24.95 18.21 9.58
CA GLU B 24 -23.93 18.45 10.59
C GLU B 24 -22.60 17.82 10.19
N CYS B 25 -22.62 16.64 9.57
CA CYS B 25 -21.38 16.05 9.10
C CYS B 25 -20.75 16.86 7.97
N THR B 26 -21.56 17.31 7.02
CA THR B 26 -21.01 18.13 5.95
C THR B 26 -20.32 19.37 6.51
N ARG B 27 -20.99 20.01 7.45
CA ARG B 27 -20.44 21.19 8.10
C ARG B 27 -19.13 20.87 8.80
N ARG B 28 -19.09 19.74 9.51
CA ARG B 28 -17.89 19.38 10.26
C ARG B 28 -16.72 19.05 9.33
N PHE B 29 -16.97 18.30 8.25
CA PHE B 29 -15.94 18.09 7.22
C PHE B 29 -15.37 19.42 6.75
N GLN B 30 -16.25 20.34 6.34
CA GLN B 30 -15.77 21.61 5.81
C GLN B 30 -14.97 22.39 6.84
N GLU B 31 -15.43 22.39 8.10
CA GLU B 31 -14.68 23.08 9.15
C GLU B 31 -13.28 22.49 9.29
N MET B 32 -13.19 21.17 9.16
CA MET B 32 -11.90 20.50 9.26
C MET B 32 -10.98 20.96 8.13
N PHE B 33 -11.47 20.94 6.89
CA PHE B 33 -10.66 21.38 5.76
C PHE B 33 -10.23 22.84 5.89
N ASP B 34 -11.15 23.73 6.30
CA ASP B 34 -10.80 25.14 6.46
C ASP B 34 -9.72 25.31 7.50
N ARG B 35 -9.75 24.49 8.53
CA ARG B 35 -8.79 24.53 9.61
C ARG B 35 -7.43 23.99 9.19
N HIS B 36 -7.41 22.88 8.44
CA HIS B 36 -6.17 22.16 8.22
C HIS B 36 -5.63 22.24 6.80
N VAL B 37 -6.48 22.38 5.78
CA VAL B 37 -6.02 22.48 4.40
C VAL B 37 -6.00 23.93 3.92
N VAL B 38 -7.05 24.70 4.25
CA VAL B 38 -7.10 26.14 4.10
C VAL B 38 -7.43 26.49 2.65
N THR B 39 -6.51 26.21 1.74
CA THR B 39 -6.72 26.63 0.36
C THR B 39 -7.69 25.71 -0.35
N ARG B 40 -8.56 26.32 -1.15
CA ARG B 40 -9.61 25.60 -1.85
C ARG B 40 -8.99 24.62 -2.85
N PRO B 41 -9.79 23.69 -3.37
CA PRO B 41 -9.43 23.05 -4.63
C PRO B 41 -9.79 23.95 -5.81
N THR B 42 -9.30 23.57 -6.98
CA THR B 42 -9.43 24.36 -8.20
C THR B 42 -9.98 23.46 -9.30
N LYS B 43 -11.10 23.84 -9.89
CA LYS B 43 -11.65 23.04 -10.96
C LYS B 43 -10.84 23.25 -12.24
N VAL B 44 -10.32 22.16 -12.79
CA VAL B 44 -9.69 22.22 -14.10
C VAL B 44 -10.74 22.48 -15.15
N GLU B 45 -10.53 23.51 -15.97
CA GLU B 45 -11.34 23.67 -17.17
C GLU B 45 -10.66 22.92 -18.30
N LEU B 46 -11.46 22.12 -19.01
CA LEU B 46 -11.10 21.58 -20.30
C LEU B 46 -11.68 22.48 -21.38
N THR B 47 -11.10 22.39 -22.58
CA THR B 47 -11.78 22.95 -23.73
C THR B 47 -12.91 22.02 -24.15
N ASP B 48 -13.91 22.58 -24.84
CA ASP B 48 -14.89 21.72 -25.48
C ASP B 48 -14.21 20.60 -26.26
N ALA B 49 -13.10 20.92 -26.94
CA ALA B 49 -12.38 19.92 -27.73
C ALA B 49 -11.76 18.83 -26.86
N GLU B 50 -11.02 19.23 -25.82
CA GLU B 50 -10.46 18.26 -24.89
C GLU B 50 -11.55 17.41 -24.27
N LEU B 51 -12.67 18.05 -23.93
CA LEU B 51 -13.82 17.34 -23.38
C LEU B 51 -14.36 16.32 -24.37
N ARG B 52 -14.39 16.67 -25.66
CA ARG B 52 -14.93 15.74 -26.66
C ARG B 52 -13.98 14.59 -26.87
N GLU B 53 -12.67 14.86 -26.91
CA GLU B 53 -11.68 13.79 -27.00
C GLU B 53 -11.82 12.82 -25.83
N VAL B 54 -12.12 13.33 -24.64
CA VAL B 54 -12.20 12.47 -23.47
C VAL B 54 -13.43 11.57 -23.55
N ILE B 55 -14.57 12.15 -23.90
CA ILE B 55 -15.83 11.40 -23.85
C ILE B 55 -15.90 10.37 -24.98
N ASP B 56 -15.48 10.75 -26.20
CA ASP B 56 -15.43 9.76 -27.28
C ASP B 56 -14.53 8.57 -26.89
N ASP B 57 -13.37 8.84 -26.27
CA ASP B 57 -12.49 7.75 -25.83
C ASP B 57 -13.15 6.90 -24.75
N CYS B 58 -13.89 7.53 -23.85
CA CYS B 58 -14.64 6.75 -22.85
C CYS B 58 -15.67 5.84 -23.52
N ASN B 59 -16.40 6.37 -24.50
CA ASN B 59 -17.47 5.57 -25.12
C ASN B 59 -16.89 4.37 -25.86
N ALA B 60 -15.81 4.57 -26.61
CA ALA B 60 -15.23 3.46 -27.36
C ALA B 60 -14.74 2.37 -26.41
N ALA B 61 -14.16 2.79 -25.28
CA ALA B 61 -13.53 1.85 -24.36
C ALA B 61 -14.54 0.91 -23.72
N VAL B 62 -15.77 1.39 -23.48
CA VAL B 62 -16.76 0.57 -22.79
C VAL B 62 -17.80 -0.03 -23.72
N ALA B 63 -17.79 0.36 -25.00
CA ALA B 63 -18.70 -0.26 -25.97
C ALA B 63 -18.65 -1.78 -25.98
N PRO B 64 -17.48 -2.44 -26.00
CA PRO B 64 -17.49 -3.92 -26.01
C PRO B 64 -18.16 -4.55 -24.80
N LEU B 65 -18.46 -3.80 -23.74
CA LEU B 65 -19.19 -4.38 -22.62
C LEU B 65 -20.70 -4.33 -22.77
N GLY B 66 -21.22 -3.67 -23.82
CA GLY B 66 -22.61 -3.78 -24.20
C GLY B 66 -23.56 -2.76 -23.62
N LYS B 67 -23.10 -1.82 -22.80
CA LYS B 67 -24.00 -0.88 -22.14
C LYS B 67 -23.66 0.56 -22.55
N THR B 68 -24.71 1.34 -22.83
CA THR B 68 -24.58 2.76 -23.16
C THR B 68 -24.40 3.59 -21.89
N VAL B 69 -23.52 4.58 -21.96
CA VAL B 69 -23.32 5.52 -20.86
C VAL B 69 -23.62 6.92 -21.38
N SER B 70 -24.50 7.64 -20.69
CA SER B 70 -24.90 8.98 -21.11
C SER B 70 -23.79 9.99 -20.80
N ASP B 71 -23.81 11.11 -21.54
CA ASP B 71 -22.83 12.16 -21.28
C ASP B 71 -22.94 12.69 -19.85
N GLU B 72 -24.15 12.73 -19.29
CA GLU B 72 -24.26 13.25 -17.93
C GLU B 72 -23.70 12.25 -16.92
N ARG B 73 -23.77 10.95 -17.24
CA ARG B 73 -23.14 9.97 -16.36
C ARG B 73 -21.62 10.06 -16.47
N TRP B 74 -21.09 10.23 -17.69
CA TRP B 74 -19.66 10.50 -17.83
C TRP B 74 -19.28 11.75 -17.06
N ILE B 75 -20.10 12.80 -17.12
CA ILE B 75 -19.76 14.04 -16.44
C ILE B 75 -19.78 13.84 -14.92
N SER B 76 -20.68 12.98 -14.43
CA SER B 76 -20.68 12.65 -13.01
C SER B 76 -19.37 11.96 -12.61
N TYR B 77 -18.88 11.03 -13.44
CA TYR B 77 -17.64 10.36 -13.15
C TYR B 77 -16.45 11.30 -13.24
N VAL B 78 -16.41 12.15 -14.27
CA VAL B 78 -15.17 12.86 -14.59
C VAL B 78 -14.89 14.00 -13.62
N GLY B 79 -15.92 14.52 -12.94
CA GLY B 79 -15.74 15.67 -12.08
C GLY B 79 -14.69 15.48 -10.99
N VAL B 80 -14.49 14.25 -10.52
CA VAL B 80 -13.48 14.05 -9.47
C VAL B 80 -12.10 14.40 -10.00
N VAL B 81 -11.82 14.09 -11.28
CA VAL B 81 -10.54 14.46 -11.85
C VAL B 81 -10.45 15.98 -12.01
N LEU B 82 -11.54 16.61 -12.45
CA LEU B 82 -11.51 18.06 -12.67
C LEU B 82 -11.30 18.82 -11.37
N TRP B 83 -11.85 18.32 -10.25
CA TRP B 83 -11.76 19.01 -8.98
C TRP B 83 -10.58 18.58 -8.10
N SER B 84 -10.04 17.39 -8.30
CA SER B 84 -9.13 16.83 -7.29
C SER B 84 -7.71 16.68 -7.78
N GLN B 85 -7.38 17.17 -8.98
CA GLN B 85 -5.98 17.32 -9.37
C GLN B 85 -5.49 18.65 -8.80
N SER B 86 -4.32 19.13 -9.23
CA SER B 86 -3.70 20.30 -8.61
C SER B 86 -3.31 21.27 -9.70
N PRO B 87 -4.21 22.18 -10.10
CA PRO B 87 -3.99 22.94 -11.35
C PRO B 87 -2.76 23.81 -11.35
N ARG B 88 -2.36 24.36 -10.20
CA ARG B 88 -1.21 25.26 -10.23
C ARG B 88 0.08 24.52 -10.59
N HIS B 89 0.10 23.20 -10.41
CA HIS B 89 1.28 22.38 -10.67
C HIS B 89 1.20 21.63 -11.99
N ILE B 90 0.09 21.75 -12.72
CA ILE B 90 -0.09 20.92 -13.91
C ILE B 90 0.91 21.34 -14.98
N LYS B 91 1.80 20.42 -15.35
CA LYS B 91 2.61 20.59 -16.54
C LYS B 91 1.97 19.97 -17.78
N ASP B 92 1.64 18.69 -17.74
CA ASP B 92 1.25 17.95 -18.94
C ASP B 92 -0.27 17.75 -18.95
N MET B 93 -0.96 18.38 -19.91
CA MET B 93 -2.41 18.23 -19.99
C MET B 93 -2.85 16.97 -20.73
N GLU B 94 -1.96 16.35 -21.50
CA GLU B 94 -2.32 15.07 -22.12
C GLU B 94 -2.37 13.94 -21.11
N ALA B 95 -1.46 13.93 -20.14
CA ALA B 95 -1.58 12.95 -19.05
C ALA B 95 -2.84 13.24 -18.23
N PHE B 96 -3.20 14.51 -18.09
CA PHE B 96 -4.44 14.85 -17.40
C PHE B 96 -5.65 14.23 -18.10
N LYS B 97 -5.71 14.34 -19.44
CA LYS B 97 -6.82 13.76 -20.19
C LYS B 97 -6.86 12.24 -20.07
N ALA B 98 -5.69 11.59 -20.06
CA ALA B 98 -5.64 10.15 -19.82
C ALA B 98 -6.29 9.79 -18.48
N VAL B 99 -6.02 10.58 -17.44
CA VAL B 99 -6.60 10.29 -16.13
C VAL B 99 -8.11 10.49 -16.15
N CYS B 100 -8.59 11.50 -16.89
CA CYS B 100 -10.03 11.64 -17.08
C CYS B 100 -10.64 10.37 -17.66
N VAL B 101 -10.05 9.87 -18.75
CA VAL B 101 -10.61 8.69 -19.40
C VAL B 101 -10.50 7.47 -18.48
N LEU B 102 -9.29 7.22 -17.96
CA LEU B 102 -9.05 6.02 -17.16
C LEU B 102 -9.92 6.02 -15.91
N ASN B 103 -10.00 7.15 -15.22
CA ASN B 103 -10.93 7.28 -14.11
C ASN B 103 -12.35 6.89 -14.53
N CYS B 104 -12.83 7.43 -15.65
CA CYS B 104 -14.25 7.27 -15.99
C CYS B 104 -14.59 5.84 -16.38
N VAL B 105 -13.76 5.20 -17.20
CA VAL B 105 -14.16 3.88 -17.67
C VAL B 105 -14.04 2.85 -16.55
N THR B 106 -13.10 3.02 -15.62
CA THR B 106 -13.05 2.09 -14.50
C THR B 106 -14.13 2.40 -13.46
N PHE B 107 -14.66 3.63 -13.45
CA PHE B 107 -15.86 3.91 -12.66
C PHE B 107 -17.05 3.10 -13.19
N VAL B 108 -17.20 3.03 -14.51
CA VAL B 108 -18.23 2.18 -15.10
C VAL B 108 -18.04 0.74 -14.65
N TRP B 109 -16.80 0.26 -14.69
CA TRP B 109 -16.49 -1.09 -14.21
C TRP B 109 -16.93 -1.27 -12.76
N ASP B 110 -16.67 -0.26 -11.93
CA ASP B 110 -17.07 -0.28 -10.52
C ASP B 110 -18.59 -0.41 -10.37
N ASP B 111 -19.35 0.26 -11.22
CA ASP B 111 -20.81 0.24 -11.15
C ASP B 111 -21.42 -0.98 -11.82
N MET B 112 -20.62 -1.73 -12.57
CA MET B 112 -21.12 -2.82 -13.40
C MET B 112 -21.24 -4.13 -12.63
N ASP B 113 -22.16 -4.96 -13.11
CA ASP B 113 -22.34 -6.29 -12.57
C ASP B 113 -21.12 -7.14 -12.86
N PRO B 114 -20.68 -8.00 -11.94
CA PRO B 114 -19.46 -8.78 -12.21
C PRO B 114 -19.61 -9.80 -13.32
N ALA B 115 -20.83 -10.20 -13.68
CA ALA B 115 -21.04 -11.00 -14.88
C ALA B 115 -21.05 -10.14 -16.13
N LEU B 116 -20.84 -8.83 -15.99
CA LEU B 116 -20.68 -7.91 -17.12
C LEU B 116 -19.22 -7.70 -17.50
N HIS B 117 -18.29 -8.16 -16.66
CA HIS B 117 -16.87 -7.82 -16.78
C HIS B 117 -16.22 -8.72 -17.83
N ASP B 118 -15.99 -8.18 -19.03
CA ASP B 118 -15.35 -8.92 -20.12
C ASP B 118 -13.87 -8.50 -20.16
N PHE B 119 -13.02 -9.28 -19.49
CA PHE B 119 -11.60 -8.93 -19.44
C PHE B 119 -10.97 -8.96 -20.83
N GLY B 120 -11.28 -9.98 -21.63
CA GLY B 120 -10.71 -10.07 -22.96
C GLY B 120 -11.10 -8.91 -23.85
N LEU B 121 -12.27 -8.34 -23.62
CA LEU B 121 -12.68 -7.18 -24.42
C LEU B 121 -12.13 -5.89 -23.84
N PHE B 122 -12.17 -5.73 -22.52
CA PHE B 122 -11.91 -4.43 -21.92
C PHE B 122 -10.43 -4.16 -21.65
N LEU B 123 -9.65 -5.16 -21.25
CA LEU B 123 -8.21 -4.91 -21.07
C LEU B 123 -7.53 -4.36 -22.32
N PRO B 124 -7.79 -4.86 -23.54
CA PRO B 124 -7.18 -4.22 -24.72
C PRO B 124 -7.56 -2.76 -24.90
N GLN B 125 -8.74 -2.34 -24.44
CA GLN B 125 -9.09 -0.92 -24.53
C GLN B 125 -8.31 -0.08 -23.53
N LEU B 126 -8.17 -0.56 -22.29
CA LEU B 126 -7.37 0.18 -21.31
C LEU B 126 -5.95 0.38 -21.79
N ARG B 127 -5.35 -0.67 -22.38
CA ARG B 127 -3.98 -0.56 -22.83
C ARG B 127 -3.86 0.39 -24.02
N LYS B 128 -4.89 0.46 -24.88
CA LYS B 128 -4.85 1.40 -25.99
C LYS B 128 -4.94 2.84 -25.50
N ILE B 129 -5.70 3.08 -24.43
CA ILE B 129 -5.77 4.42 -23.85
C ILE B 129 -4.39 4.84 -23.34
N CYS B 130 -3.74 3.94 -22.60
CA CYS B 130 -2.44 4.27 -22.04
C CYS B 130 -1.41 4.49 -23.13
N GLU B 131 -1.43 3.65 -24.19
CA GLU B 131 -0.49 3.82 -25.29
C GLU B 131 -0.61 5.16 -25.97
N LYS B 132 -1.83 5.74 -25.96
CA LYS B 132 -2.09 6.95 -26.73
C LYS B 132 -1.59 8.20 -26.04
N TYR B 133 -1.65 8.24 -24.70
CA TYR B 133 -1.41 9.47 -23.95
C TYR B 133 -0.09 9.49 -23.20
N TYR B 134 0.54 8.34 -22.97
CA TYR B 134 1.77 8.26 -22.19
C TYR B 134 2.92 7.73 -23.05
N GLY B 135 4.15 8.02 -22.61
CA GLY B 135 5.32 7.34 -23.13
C GLY B 135 5.27 5.86 -22.79
N PRO B 136 6.22 5.07 -23.31
CA PRO B 136 6.21 3.63 -22.99
C PRO B 136 6.16 3.30 -21.51
N GLU B 137 7.10 3.81 -20.70
CA GLU B 137 7.13 3.42 -19.29
C GLU B 137 6.02 4.09 -18.48
N ASP B 138 5.63 5.31 -18.85
CA ASP B 138 4.41 5.87 -18.24
C ASP B 138 3.22 4.95 -18.51
N ALA B 139 3.13 4.45 -19.74
CA ALA B 139 1.95 3.69 -20.16
C ALA B 139 1.90 2.32 -19.51
N GLU B 140 3.04 1.69 -19.27
CA GLU B 140 2.95 0.36 -18.69
C GLU B 140 2.73 0.42 -17.19
N VAL B 141 3.10 1.53 -16.53
CA VAL B 141 2.73 1.69 -15.14
C VAL B 141 1.24 2.07 -15.01
N ALA B 142 0.74 2.91 -15.92
CA ALA B 142 -0.68 3.26 -15.86
C ALA B 142 -1.55 2.05 -16.20
N TYR B 143 -1.21 1.32 -17.26
CA TYR B 143 -1.97 0.11 -17.59
C TYR B 143 -1.95 -0.91 -16.46
N GLU B 144 -0.78 -1.19 -15.88
CA GLU B 144 -0.74 -2.18 -14.79
C GLU B 144 -1.59 -1.75 -13.61
N ALA B 145 -1.54 -0.48 -13.27
CA ALA B 145 -2.37 0.02 -12.17
C ALA B 145 -3.86 -0.09 -12.52
N ALA B 146 -4.24 0.20 -13.79
CA ALA B 146 -5.64 0.05 -14.16
C ALA B 146 -6.06 -1.41 -14.18
N ARG B 147 -5.21 -2.28 -14.73
CA ARG B 147 -5.48 -3.72 -14.71
C ARG B 147 -5.63 -4.24 -13.29
N ALA B 148 -4.71 -3.85 -12.41
CA ALA B 148 -4.77 -4.34 -11.03
C ALA B 148 -6.05 -3.85 -10.35
N PHE B 149 -6.46 -2.60 -10.60
CA PHE B 149 -7.69 -2.12 -10.00
C PHE B 149 -8.90 -2.90 -10.52
N VAL B 150 -9.04 -3.05 -11.84
CA VAL B 150 -10.26 -3.70 -12.33
C VAL B 150 -10.25 -5.17 -11.96
N THR B 151 -9.09 -5.80 -11.91
CA THR B 151 -9.02 -7.17 -11.43
C THR B 151 -9.40 -7.27 -9.96
N SER B 152 -8.91 -6.34 -9.13
CA SER B 152 -9.31 -6.27 -7.73
C SER B 152 -10.82 -6.09 -7.58
N ASP B 153 -11.40 -5.13 -8.30
CA ASP B 153 -12.83 -4.88 -8.14
C ASP B 153 -13.63 -6.12 -8.50
N HIS B 154 -13.20 -6.86 -9.53
CA HIS B 154 -13.86 -8.12 -9.89
C HIS B 154 -13.58 -9.21 -8.86
N MET B 155 -12.30 -9.43 -8.53
CA MET B 155 -11.91 -10.49 -7.58
C MET B 155 -12.79 -10.48 -6.35
N PHE B 156 -12.97 -9.31 -5.75
CA PHE B 156 -13.52 -9.25 -4.42
C PHE B 156 -15.05 -9.16 -4.39
N ARG B 157 -15.77 -9.44 -5.48
CA ARG B 157 -17.22 -9.31 -5.44
C ARG B 157 -17.92 -10.30 -4.49
N ASP B 158 -17.52 -11.57 -4.48
CA ASP B 158 -18.02 -12.45 -3.38
C ASP B 158 -16.85 -13.12 -2.64
N SER B 159 -15.76 -12.38 -2.50
CA SER B 159 -14.64 -12.93 -1.76
C SER B 159 -14.90 -12.91 -0.26
N PRO B 160 -14.37 -13.87 0.48
CA PRO B 160 -14.41 -13.73 1.94
C PRO B 160 -13.35 -12.78 2.45
N ILE B 161 -12.32 -12.50 1.65
CA ILE B 161 -11.32 -11.53 2.07
C ILE B 161 -11.98 -10.17 2.28
N LYS B 162 -12.87 -9.80 1.37
CA LYS B 162 -13.52 -8.50 1.50
C LYS B 162 -14.36 -8.45 2.77
N ALA B 163 -15.14 -9.49 3.03
CA ALA B 163 -15.93 -9.55 4.27
C ALA B 163 -15.05 -9.41 5.49
N ALA B 164 -13.93 -10.14 5.54
CA ALA B 164 -13.07 -10.04 6.70
C ALA B 164 -12.47 -8.64 6.82
N LEU B 165 -11.97 -8.08 5.71
CA LEU B 165 -11.28 -6.80 5.77
C LEU B 165 -12.25 -5.65 6.03
N CYS B 166 -13.52 -5.82 5.68
CA CYS B 166 -14.49 -4.73 5.85
C CYS B 166 -15.38 -4.90 7.08
N THR B 167 -15.28 -6.00 7.80
CA THR B 167 -16.11 -6.23 8.98
C THR B 167 -15.31 -6.58 10.23
N THR B 168 -14.05 -6.10 10.35
CA THR B 168 -13.21 -6.33 11.53
C THR B 168 -12.82 -5.03 12.21
N SER B 169 -12.12 -4.13 11.51
CA SER B 169 -11.56 -2.95 12.16
C SER B 169 -11.38 -1.86 11.12
N PRO B 170 -11.37 -0.59 11.53
CA PRO B 170 -11.08 0.47 10.54
C PRO B 170 -9.72 0.31 9.89
N GLU B 171 -8.72 -0.18 10.65
CA GLU B 171 -7.41 -0.36 10.05
C GLU B 171 -7.41 -1.46 8.98
N GLN B 172 -8.09 -2.60 9.22
CA GLN B 172 -8.20 -3.60 8.15
C GLN B 172 -8.93 -3.02 6.94
N TYR B 173 -9.99 -2.27 7.21
CA TYR B 173 -10.81 -1.72 6.13
C TYR B 173 -10.00 -0.76 5.26
N PHE B 174 -9.33 0.22 5.88
CA PHE B 174 -8.61 1.20 5.09
C PHE B 174 -7.46 0.54 4.33
N ARG B 175 -6.89 -0.52 4.90
CA ARG B 175 -5.88 -1.26 4.16
C ARG B 175 -6.44 -1.85 2.86
N PHE B 176 -7.69 -2.36 2.89
CA PHE B 176 -8.32 -2.81 1.66
C PHE B 176 -8.53 -1.65 0.68
N ARG B 177 -8.89 -0.48 1.19
CA ARG B 177 -9.28 0.61 0.32
C ARG B 177 -8.11 1.29 -0.36
N VAL B 178 -6.88 1.07 0.12
CA VAL B 178 -5.74 1.65 -0.60
C VAL B 178 -5.81 1.29 -2.07
N THR B 179 -6.20 0.05 -2.36
CA THR B 179 -6.43 -0.40 -3.73
C THR B 179 -7.87 -0.17 -4.17
N ASP B 180 -8.83 -0.59 -3.35
CA ASP B 180 -10.20 -0.70 -3.83
C ASP B 180 -10.84 0.66 -4.12
N ILE B 181 -10.47 1.72 -3.38
CA ILE B 181 -11.05 3.01 -3.77
C ILE B 181 -10.34 3.59 -4.97
N GLY B 182 -9.34 2.90 -5.52
CA GLY B 182 -8.67 3.32 -6.74
C GLY B 182 -7.58 4.35 -6.57
N VAL B 183 -7.21 4.69 -5.32
CA VAL B 183 -6.27 5.80 -5.16
C VAL B 183 -4.85 5.42 -5.54
N ASP B 184 -4.43 4.17 -5.29
CA ASP B 184 -3.10 3.79 -5.77
C ASP B 184 -3.03 3.91 -7.28
N PHE B 185 -4.07 3.43 -7.96
CA PHE B 185 -4.20 3.56 -9.40
C PHE B 185 -4.14 5.03 -9.83
N TRP B 186 -4.90 5.88 -9.14
CA TRP B 186 -4.90 7.30 -9.42
C TRP B 186 -3.51 7.90 -9.37
N MET B 187 -2.74 7.60 -8.32
CA MET B 187 -1.41 8.18 -8.19
C MET B 187 -0.51 7.71 -9.33
N LYS B 188 -0.60 6.42 -9.68
CA LYS B 188 0.32 5.87 -10.66
C LYS B 188 -0.07 6.24 -12.09
N MET B 189 -1.26 6.80 -12.30
CA MET B 189 -1.57 7.37 -13.61
C MET B 189 -1.52 8.89 -13.61
N SER B 190 -1.45 9.54 -12.45
CA SER B 190 -1.41 10.99 -12.35
C SER B 190 0.00 11.57 -12.27
N TYR B 191 1.02 10.81 -11.86
CA TYR B 191 2.33 11.42 -11.77
C TYR B 191 2.85 11.99 -13.09
N PRO B 192 2.56 11.44 -14.27
CA PRO B 192 3.02 12.11 -15.50
C PRO B 192 2.43 13.51 -15.69
N ILE B 193 1.39 13.88 -14.94
CA ILE B 193 0.80 15.22 -15.07
C ILE B 193 1.77 16.28 -14.53
N TYR B 194 2.53 15.93 -13.50
CA TYR B 194 3.30 16.87 -12.71
C TYR B 194 4.79 16.87 -13.00
N ARG B 195 5.34 15.73 -13.47
CA ARG B 195 6.77 15.62 -13.82
C ARG B 195 7.62 16.07 -12.64
N HIS B 196 7.17 15.74 -11.44
CA HIS B 196 7.84 16.14 -10.21
C HIS B 196 8.52 14.88 -9.64
N PRO B 197 9.86 14.87 -9.54
CA PRO B 197 10.53 13.61 -9.15
C PRO B 197 10.07 13.02 -7.84
N GLU B 198 9.98 13.82 -6.77
CA GLU B 198 9.53 13.29 -5.48
C GLU B 198 8.12 12.71 -5.57
N PHE B 199 7.19 13.41 -6.24
CA PHE B 199 5.83 12.91 -6.33
C PHE B 199 5.79 11.57 -7.07
N THR B 200 6.51 11.50 -8.19
CA THR B 200 6.61 10.27 -8.96
C THR B 200 7.09 9.11 -8.08
N GLU B 201 8.06 9.37 -7.20
CA GLU B 201 8.51 8.28 -6.32
C GLU B 201 7.43 7.89 -5.31
N HIS B 202 6.85 8.87 -4.63
CA HIS B 202 5.80 8.56 -3.66
C HIS B 202 4.63 7.83 -4.33
N ALA B 203 4.38 8.13 -5.61
CA ALA B 203 3.35 7.41 -6.35
C ALA B 203 3.75 5.96 -6.55
N LYS B 204 4.97 5.70 -6.99
CA LYS B 204 5.30 4.32 -7.32
C LYS B 204 5.60 3.45 -6.10
N THR B 205 6.00 4.04 -4.98
CA THR B 205 6.06 3.26 -3.73
C THR B 205 4.68 3.05 -3.11
N SER B 206 3.67 3.78 -3.58
CA SER B 206 2.31 3.79 -3.03
C SER B 206 2.22 4.52 -1.69
N LEU B 207 3.30 5.13 -1.20
CA LEU B 207 3.19 5.98 -0.02
C LEU B 207 2.18 7.12 -0.26
N ALA B 208 2.13 7.62 -1.49
CA ALA B 208 1.16 8.66 -1.83
C ALA B 208 -0.26 8.15 -1.60
N ALA B 209 -0.56 6.95 -2.09
CA ALA B 209 -1.87 6.36 -1.87
C ALA B 209 -2.12 6.14 -0.37
N ARG B 210 -1.12 5.63 0.33
CA ARG B 210 -1.34 5.36 1.75
C ARG B 210 -1.60 6.65 2.54
N MET B 211 -1.02 7.78 2.12
CA MET B 211 -1.25 9.04 2.85
C MET B 211 -2.67 9.57 2.62
N THR B 212 -3.27 9.26 1.49
CA THR B 212 -4.52 9.92 1.10
C THR B 212 -5.74 9.01 1.19
N THR B 213 -5.53 7.71 1.47
CA THR B 213 -6.64 6.75 1.44
C THR B 213 -7.74 7.13 2.43
N ARG B 214 -7.39 7.44 3.68
CA ARG B 214 -8.45 7.68 4.66
C ARG B 214 -9.24 8.95 4.34
N GLY B 215 -8.56 10.00 3.90
CA GLY B 215 -9.26 11.24 3.58
C GLY B 215 -10.25 11.07 2.45
N LEU B 216 -9.85 10.33 1.40
CA LEU B 216 -10.79 10.04 0.31
C LEU B 216 -11.91 9.12 0.78
N THR B 217 -11.55 8.05 1.49
CA THR B 217 -12.49 6.99 1.76
C THR B 217 -13.57 7.42 2.75
N ILE B 218 -13.17 8.11 3.82
CA ILE B 218 -14.13 8.50 4.84
C ILE B 218 -15.20 9.40 4.22
N VAL B 219 -14.77 10.34 3.39
CA VAL B 219 -15.71 11.22 2.70
C VAL B 219 -16.59 10.42 1.72
N ASN B 220 -15.96 9.58 0.87
CA ASN B 220 -16.76 8.78 -0.04
C ASN B 220 -17.75 7.91 0.70
N ASP B 221 -17.30 7.26 1.78
CA ASP B 221 -18.18 6.35 2.50
C ASP B 221 -19.38 7.08 3.09
N PHE B 222 -19.16 8.27 3.63
CA PHE B 222 -20.28 8.95 4.28
C PHE B 222 -21.38 9.23 3.26
N TYR B 223 -21.00 9.74 2.10
CA TYR B 223 -21.99 10.19 1.13
C TYR B 223 -22.49 9.08 0.21
N SER B 224 -21.82 7.92 0.17
CA SER B 224 -22.34 6.80 -0.63
C SER B 224 -22.95 5.72 0.24
N TYR B 225 -22.99 5.91 1.57
CA TYR B 225 -23.55 4.92 2.48
C TYR B 225 -24.96 4.48 2.10
N ASP B 226 -25.87 5.43 1.85
CA ASP B 226 -27.27 5.06 1.61
C ASP B 226 -27.41 4.17 0.38
N ARG B 227 -26.74 4.54 -0.71
CA ARG B 227 -26.80 3.71 -1.91
C ARG B 227 -26.19 2.35 -1.65
N GLU B 228 -25.03 2.32 -1.00
CA GLU B 228 -24.32 1.05 -0.83
C GLU B 228 -25.10 0.09 0.09
N VAL B 229 -25.70 0.60 1.17
CA VAL B 229 -26.47 -0.33 2.00
C VAL B 229 -27.71 -0.82 1.25
N SER B 230 -28.34 0.02 0.42
CA SER B 230 -29.51 -0.45 -0.31
C SER B 230 -29.14 -1.47 -1.39
N LEU B 231 -27.88 -1.50 -1.81
CA LEU B 231 -27.44 -2.46 -2.83
C LEU B 231 -26.62 -3.63 -2.25
N GLY B 232 -26.53 -3.73 -0.93
CA GLY B 232 -25.81 -4.83 -0.30
C GLY B 232 -24.30 -4.77 -0.41
N GLN B 233 -23.73 -3.60 -0.70
CA GLN B 233 -22.28 -3.47 -0.70
C GLN B 233 -21.79 -3.21 0.71
N ILE B 234 -20.75 -3.95 1.11
CA ILE B 234 -20.26 -3.85 2.50
C ILE B 234 -19.01 -3.01 2.60
N THR B 235 -18.50 -2.48 1.48
CA THR B 235 -17.24 -1.74 1.49
C THR B 235 -17.52 -0.28 1.88
N ASN B 236 -17.70 -0.07 3.18
CA ASN B 236 -18.05 1.24 3.72
C ASN B 236 -17.77 1.27 5.22
N CYS B 237 -16.91 2.18 5.68
CA CYS B 237 -16.49 2.13 7.08
C CYS B 237 -17.62 2.43 8.05
N PHE B 238 -18.67 3.14 7.63
CA PHE B 238 -19.74 3.40 8.58
C PHE B 238 -20.60 2.18 8.86
N ARG B 239 -20.42 1.06 8.13
CA ARG B 239 -21.01 -0.19 8.56
C ARG B 239 -20.33 -0.75 9.81
N LEU B 240 -19.16 -0.23 10.19
CA LEU B 240 -18.49 -0.67 11.40
C LEU B 240 -18.97 0.04 12.66
N CYS B 241 -19.91 0.97 12.58
CA CYS B 241 -20.58 1.47 13.77
C CYS B 241 -22.08 1.34 13.58
N ASP B 242 -22.80 1.60 14.66
CA ASP B 242 -24.25 1.53 14.66
C ASP B 242 -24.78 2.92 14.30
N VAL B 243 -24.98 3.16 13.01
CA VAL B 243 -25.44 4.49 12.59
C VAL B 243 -26.84 4.80 13.10
N SER B 244 -27.58 3.81 13.60
CA SER B 244 -28.88 4.14 14.18
C SER B 244 -28.78 4.65 15.62
N ASP B 245 -27.58 4.66 16.20
CA ASP B 245 -27.36 5.20 17.53
C ASP B 245 -26.58 6.49 17.38
N GLU B 246 -27.26 7.62 17.59
CA GLU B 246 -26.62 8.91 17.37
C GLU B 246 -25.32 9.04 18.15
N THR B 247 -25.31 8.60 19.41
CA THR B 247 -24.12 8.77 20.23
C THR B 247 -22.96 7.92 19.70
N ALA B 248 -23.23 6.67 19.38
CA ALA B 248 -22.18 5.82 18.82
C ALA B 248 -21.71 6.37 17.47
N PHE B 249 -22.65 6.84 16.65
CA PHE B 249 -22.26 7.38 15.35
C PHE B 249 -21.31 8.55 15.49
N LYS B 250 -21.64 9.51 16.36
CA LYS B 250 -20.81 10.71 16.48
C LYS B 250 -19.43 10.39 17.05
N GLU B 251 -19.34 9.38 17.92
CA GLU B 251 -18.03 8.95 18.40
C GLU B 251 -17.19 8.38 17.25
N PHE B 252 -17.81 7.53 16.44
CA PHE B 252 -17.13 6.96 15.29
C PHE B 252 -16.72 8.06 14.30
N PHE B 253 -17.63 9.00 14.04
CA PHE B 253 -17.34 10.04 13.07
C PHE B 253 -16.20 10.94 13.55
N GLN B 254 -16.18 11.27 14.84
CA GLN B 254 -15.05 12.04 15.38
C GLN B 254 -13.75 11.27 15.26
N ALA B 255 -13.78 9.96 15.54
CA ALA B 255 -12.57 9.15 15.35
C ALA B 255 -12.10 9.23 13.89
N ARG B 256 -13.03 9.23 12.94
CA ARG B 256 -12.65 9.31 11.54
C ARG B 256 -12.13 10.71 11.18
N LEU B 257 -12.77 11.76 11.73
CA LEU B 257 -12.22 13.11 11.60
C LEU B 257 -10.78 13.18 12.10
N ASP B 258 -10.53 12.63 13.30
CA ASP B 258 -9.16 12.56 13.82
C ASP B 258 -8.22 11.88 12.83
N ASP B 259 -8.65 10.78 12.22
CA ASP B 259 -7.85 10.11 11.19
C ASP B 259 -7.43 11.08 10.09
N MET B 260 -8.41 11.81 9.55
CA MET B 260 -8.13 12.71 8.45
C MET B 260 -7.14 13.79 8.88
N ILE B 261 -7.34 14.33 10.08
CA ILE B 261 -6.51 15.43 10.57
C ILE B 261 -5.07 14.98 10.70
N GLU B 262 -4.85 13.83 11.35
CA GLU B 262 -3.48 13.39 11.53
C GLU B 262 -2.82 13.11 10.18
N ASP B 263 -3.56 12.56 9.22
CA ASP B 263 -3.02 12.36 7.87
C ASP B 263 -2.64 13.68 7.21
N ILE B 264 -3.54 14.66 7.27
CA ILE B 264 -3.26 15.94 6.62
C ILE B 264 -2.04 16.60 7.27
N GLU B 265 -1.95 16.53 8.58
CA GLU B 265 -0.80 17.08 9.31
C GLU B 265 0.52 16.41 8.89
N CYS B 266 0.53 15.08 8.74
CA CYS B 266 1.72 14.41 8.25
C CYS B 266 1.98 14.72 6.79
N ILE B 267 0.92 14.88 5.99
CA ILE B 267 1.12 15.28 4.60
C ILE B 267 1.86 16.62 4.54
N LYS B 268 1.72 17.46 5.58
CA LYS B 268 2.40 18.74 5.67
C LYS B 268 3.91 18.62 5.84
N ALA B 269 4.45 17.42 6.00
CA ALA B 269 5.91 17.23 6.01
C ALA B 269 6.48 16.93 4.62
N PHE B 270 5.65 16.56 3.65
CA PHE B 270 6.17 16.36 2.30
C PHE B 270 6.54 17.72 1.71
N ASP B 271 7.28 17.71 0.60
CA ASP B 271 7.71 18.96 0.02
C ASP B 271 6.49 19.73 -0.46
N GLN B 272 6.66 21.04 -0.66
CA GLN B 272 5.50 21.90 -0.77
C GLN B 272 4.65 21.58 -2.01
N LEU B 273 5.24 20.99 -3.05
CA LEU B 273 4.43 20.69 -4.23
C LEU B 273 3.69 19.35 -4.07
N THR B 274 4.38 18.32 -3.60
CA THR B 274 3.70 17.07 -3.28
C THR B 274 2.58 17.31 -2.29
N GLN B 275 2.82 18.16 -1.30
CA GLN B 275 1.84 18.50 -0.27
C GLN B 275 0.61 19.16 -0.88
N ASP B 276 0.77 20.18 -1.71
CA ASP B 276 -0.38 20.80 -2.35
C ASP B 276 -1.16 19.75 -3.17
N VAL B 277 -0.46 18.80 -3.81
CA VAL B 277 -1.14 17.83 -4.66
C VAL B 277 -1.96 16.84 -3.83
N PHE B 278 -1.37 16.29 -2.76
CA PHE B 278 -2.12 15.40 -1.87
C PHE B 278 -3.37 16.09 -1.34
N LEU B 279 -3.23 17.35 -0.90
CA LEU B 279 -4.33 18.01 -0.23
C LEU B 279 -5.42 18.42 -1.21
N ASP B 280 -5.05 18.84 -2.43
CA ASP B 280 -6.06 19.10 -3.47
C ASP B 280 -6.87 17.83 -3.74
N LEU B 281 -6.23 16.66 -3.67
CA LEU B 281 -6.94 15.41 -3.93
C LEU B 281 -8.00 15.16 -2.85
N ILE B 282 -7.61 15.27 -1.58
CA ILE B 282 -8.56 14.98 -0.51
C ILE B 282 -9.66 16.05 -0.47
N TYR B 283 -9.26 17.32 -0.52
CA TYR B 283 -10.25 18.38 -0.39
C TYR B 283 -11.10 18.49 -1.66
N GLY B 284 -10.48 18.35 -2.83
CA GLY B 284 -11.24 18.34 -4.07
C GLY B 284 -12.24 17.20 -4.14
N ASN B 285 -11.86 16.03 -3.64
CA ASN B 285 -12.81 14.93 -3.63
C ASN B 285 -14.04 15.28 -2.82
N PHE B 286 -13.85 16.01 -1.72
CA PHE B 286 -14.97 16.38 -0.87
C PHE B 286 -15.87 17.40 -1.59
N VAL B 287 -15.28 18.36 -2.29
CA VAL B 287 -16.09 19.34 -3.01
C VAL B 287 -16.91 18.66 -4.10
N TRP B 288 -16.24 17.83 -4.90
CA TRP B 288 -16.91 17.06 -5.94
C TRP B 288 -18.01 16.17 -5.36
N THR B 289 -17.69 15.42 -4.30
CA THR B 289 -18.65 14.48 -3.72
C THR B 289 -19.92 15.19 -3.27
N THR B 290 -19.79 16.39 -2.70
CA THR B 290 -20.94 17.09 -2.14
C THR B 290 -21.76 17.85 -3.18
N SER B 291 -21.26 18.01 -4.41
CA SER B 291 -22.04 18.71 -5.43
C SER B 291 -22.41 17.84 -6.61
N ASN B 292 -22.30 16.52 -6.49
CA ASN B 292 -22.44 15.61 -7.60
C ASN B 292 -23.69 14.76 -7.36
N LYS B 293 -24.56 14.66 -8.37
CA LYS B 293 -25.81 13.94 -8.18
C LYS B 293 -25.57 12.46 -7.85
N ARG B 294 -24.40 11.94 -8.23
CA ARG B 294 -24.04 10.56 -7.89
C ARG B 294 -24.27 10.26 -6.42
N TYR B 295 -24.05 11.24 -5.54
CA TYR B 295 -24.12 11.01 -4.10
C TYR B 295 -25.36 11.63 -3.46
N LYS B 296 -26.27 12.22 -4.27
CA LYS B 296 -27.44 12.95 -3.77
C LYS B 296 -28.67 12.08 -3.52
N THR B 297 -29.14 11.31 -4.50
CA THR B 297 -30.09 10.25 -4.22
C THR B 297 -29.41 8.89 -4.36
N ALA B 298 -30.02 7.88 -3.72
CA ALA B 298 -29.41 6.55 -3.67
C ALA B 298 -29.47 5.85 -5.03
N VAL B 299 -30.61 5.95 -5.71
CA VAL B 299 -30.85 5.29 -6.97
C VAL B 299 -31.23 6.36 -8.00
N ASN B 300 -30.25 6.81 -8.78
CA ASN B 300 -30.53 7.77 -9.85
C ASN B 300 -29.89 7.24 -11.13
N ASP B 301 -30.13 7.94 -12.24
CA ASP B 301 -29.72 7.42 -13.54
C ASP B 301 -28.21 7.26 -13.66
N VAL B 302 -27.41 8.05 -12.94
CA VAL B 302 -25.96 8.05 -13.10
C VAL B 302 -25.23 7.19 -12.08
N ASN B 303 -25.90 6.51 -11.15
CA ASN B 303 -25.16 5.77 -10.12
C ASN B 303 -25.72 4.39 -9.82
N SER B 304 -26.62 3.88 -10.64
CA SER B 304 -27.25 2.60 -10.31
C SER B 304 -26.31 1.45 -10.64
N ARG B 305 -26.63 0.27 -10.14
CA ARG B 305 -25.90 -0.91 -10.59
C ARG B 305 -26.08 -1.04 -12.10
N ILE B 306 -24.97 -1.02 -12.83
CA ILE B 306 -25.00 -0.90 -14.29
C ILE B 306 -25.46 -2.21 -14.88
N GLN B 307 -26.59 -2.14 -15.56
CA GLN B 307 -27.25 -3.25 -16.22
C GLN B 307 -28.33 -2.67 -17.11
N ALA B 308 -29.19 -1.84 -16.51
CA ALA B 308 -30.40 -1.28 -17.12
C ALA B 308 -30.24 -0.89 -18.59
N GLY A 14 17.65 3.95 31.05
CA GLY A 14 16.53 4.60 30.43
C GLY A 14 16.27 4.25 28.98
N ARG A 15 16.32 5.29 28.15
CA ARG A 15 16.02 5.24 26.74
C ARG A 15 16.85 4.22 25.96
N SER A 16 18.06 3.89 26.46
CA SER A 16 19.03 3.04 25.78
C SER A 16 18.44 1.77 25.20
N SER A 17 17.53 1.09 25.92
CA SER A 17 17.52 -0.35 25.77
C SER A 17 16.15 -0.97 26.09
N VAL A 18 15.87 -2.06 25.38
CA VAL A 18 14.79 -2.99 25.69
C VAL A 18 15.34 -4.29 26.25
N ARG A 19 16.65 -4.34 26.56
CA ARG A 19 17.26 -5.51 27.19
C ARG A 19 16.47 -6.10 28.35
N PRO A 20 15.91 -5.32 29.28
CA PRO A 20 15.21 -5.94 30.41
C PRO A 20 13.93 -6.66 30.04
N TYR A 21 13.50 -6.57 28.80
CA TYR A 21 12.28 -7.20 28.33
C TYR A 21 12.53 -8.37 27.39
N LEU A 22 13.80 -8.65 27.12
CA LEU A 22 14.17 -9.53 26.01
C LEU A 22 13.57 -10.92 26.18
N GLU A 23 13.67 -11.50 27.36
CA GLU A 23 13.20 -12.86 27.56
C GLU A 23 11.67 -12.94 27.56
N GLU A 24 11.01 -12.08 28.32
CA GLU A 24 9.56 -12.11 28.38
C GLU A 24 8.95 -11.81 27.02
N CYS A 25 9.46 -10.79 26.32
CA CYS A 25 8.92 -10.47 25.01
C CYS A 25 9.14 -11.62 24.03
N THR A 26 10.31 -12.27 24.11
CA THR A 26 10.56 -13.40 23.22
C THR A 26 9.53 -14.50 23.44
N ARG A 27 9.30 -14.90 24.69
CA ARG A 27 8.36 -16.01 24.89
C ARG A 27 6.94 -15.55 24.56
N ARG A 28 6.64 -14.26 24.71
CA ARG A 28 5.30 -13.78 24.37
C ARG A 28 5.05 -13.84 22.86
N PHE A 29 6.01 -13.39 22.06
CA PHE A 29 5.95 -13.54 20.62
C PHE A 29 5.71 -15.00 20.26
N GLN A 30 6.49 -15.89 20.84
CA GLN A 30 6.38 -17.30 20.48
C GLN A 30 5.02 -17.87 20.89
N GLU A 31 4.53 -17.51 22.09
CA GLU A 31 3.22 -18.00 22.51
C GLU A 31 2.14 -17.54 21.54
N MET A 32 2.23 -16.27 21.12
CA MET A 32 1.26 -15.74 20.17
C MET A 32 1.28 -16.54 18.87
N PHE A 33 2.46 -16.78 18.32
CA PHE A 33 2.56 -17.59 17.11
C PHE A 33 1.98 -18.99 17.31
N ASP A 34 2.23 -19.59 18.49
CA ASP A 34 1.76 -20.96 18.70
C ASP A 34 0.25 -21.03 18.75
N ARG A 35 -0.39 -19.97 19.25
CA ARG A 35 -1.83 -19.98 19.41
C ARG A 35 -2.56 -19.63 18.13
N HIS A 36 -1.95 -18.82 17.26
CA HIS A 36 -2.66 -18.19 16.15
C HIS A 36 -2.15 -18.60 14.77
N VAL A 37 -0.89 -19.03 14.64
CA VAL A 37 -0.36 -19.56 13.39
C VAL A 37 -0.29 -21.07 13.43
N VAL A 38 0.19 -21.63 14.55
CA VAL A 38 0.16 -23.05 14.86
C VAL A 38 1.23 -23.80 14.07
N THR A 39 1.33 -23.51 12.79
CA THR A 39 2.28 -24.17 11.92
C THR A 39 3.49 -23.24 11.69
N ARG A 40 4.55 -23.74 11.06
CA ARG A 40 5.86 -23.16 11.34
C ARG A 40 6.56 -22.57 10.11
N PRO A 41 7.64 -21.84 10.35
CA PRO A 41 8.64 -21.71 9.29
C PRO A 41 9.33 -23.04 9.07
N THR A 42 9.61 -23.31 7.80
CA THR A 42 10.46 -24.43 7.44
C THR A 42 11.63 -23.88 6.64
N LYS A 43 12.83 -24.26 7.05
CA LYS A 43 14.05 -23.75 6.45
C LYS A 43 14.27 -24.37 5.07
N VAL A 44 14.41 -23.53 4.05
CA VAL A 44 14.92 -24.01 2.78
C VAL A 44 16.38 -24.39 2.97
N GLU A 45 16.75 -25.57 2.47
CA GLU A 45 18.14 -25.98 2.43
C GLU A 45 18.67 -25.69 1.03
N LEU A 46 19.53 -24.69 0.91
CA LEU A 46 20.37 -24.58 -0.29
C LEU A 46 21.61 -25.47 -0.16
N THR A 47 21.90 -26.22 -1.21
CA THR A 47 23.21 -26.87 -1.30
C THR A 47 24.30 -25.83 -1.47
N ASP A 48 25.54 -26.30 -1.46
CA ASP A 48 26.66 -25.37 -1.64
C ASP A 48 26.69 -24.83 -3.08
N ALA A 49 26.18 -25.59 -4.06
CA ALA A 49 26.18 -25.10 -5.43
C ALA A 49 25.25 -23.89 -5.62
N GLU A 50 24.03 -23.98 -5.09
CA GLU A 50 23.12 -22.85 -5.20
C GLU A 50 23.52 -21.73 -4.26
N LEU A 51 24.06 -22.10 -3.10
CA LEU A 51 24.51 -21.11 -2.12
C LEU A 51 25.73 -20.35 -2.63
N ARG A 52 26.68 -21.05 -3.25
CA ARG A 52 27.87 -20.34 -3.71
C ARG A 52 27.54 -19.44 -4.90
N GLU A 53 26.59 -19.85 -5.73
CA GLU A 53 26.23 -18.99 -6.84
C GLU A 53 25.39 -17.80 -6.38
N VAL A 54 24.62 -17.98 -5.30
CA VAL A 54 23.94 -16.83 -4.69
C VAL A 54 24.95 -15.83 -4.16
N ILE A 55 25.88 -16.28 -3.32
CA ILE A 55 26.91 -15.40 -2.80
C ILE A 55 27.72 -14.78 -3.93
N ASP A 56 28.00 -15.58 -4.97
CA ASP A 56 28.73 -15.06 -6.12
C ASP A 56 28.04 -13.85 -6.72
N ASP A 57 26.76 -14.00 -7.09
CA ASP A 57 26.03 -12.89 -7.68
C ASP A 57 25.92 -11.71 -6.72
N CYS A 58 25.80 -11.99 -5.41
CA CYS A 58 25.80 -10.91 -4.42
C CYS A 58 27.09 -10.11 -4.47
N ASN A 59 28.23 -10.81 -4.47
CA ASN A 59 29.52 -10.12 -4.48
C ASN A 59 29.70 -9.33 -5.77
N ALA A 60 29.33 -9.92 -6.90
CA ALA A 60 29.42 -9.19 -8.17
C ALA A 60 28.52 -7.97 -8.17
N ALA A 61 27.36 -8.05 -7.49
CA ALA A 61 26.41 -6.95 -7.53
C ALA A 61 26.92 -5.74 -6.76
N VAL A 62 27.54 -5.96 -5.59
CA VAL A 62 27.97 -4.84 -4.77
C VAL A 62 29.42 -4.46 -5.02
N ALA A 63 30.17 -5.23 -5.78
CA ALA A 63 31.53 -4.85 -6.11
C ALA A 63 31.63 -3.44 -6.71
N PRO A 64 30.70 -2.97 -7.56
CA PRO A 64 30.85 -1.59 -8.07
C PRO A 64 30.77 -0.54 -6.97
N LEU A 65 30.28 -0.88 -5.77
CA LEU A 65 30.20 0.06 -4.65
C LEU A 65 31.46 0.08 -3.78
N GLY A 66 32.43 -0.79 -4.04
CA GLY A 66 33.74 -0.68 -3.42
C GLY A 66 33.86 -1.18 -1.98
N LYS A 67 32.92 -1.98 -1.48
CA LYS A 67 33.03 -2.52 -0.13
C LYS A 67 33.11 -4.04 -0.20
N THR A 68 33.78 -4.65 0.77
CA THR A 68 33.80 -6.10 0.87
C THR A 68 32.76 -6.58 1.86
N VAL A 69 32.06 -7.64 1.51
CA VAL A 69 31.06 -8.26 2.36
C VAL A 69 31.47 -9.71 2.59
N SER A 70 31.57 -10.12 3.84
CA SER A 70 32.03 -11.47 4.17
C SER A 70 30.90 -12.48 3.96
N ASP A 71 31.31 -13.75 3.74
CA ASP A 71 30.37 -14.86 3.67
C ASP A 71 29.38 -14.85 4.82
N GLU A 72 29.88 -14.71 6.05
CA GLU A 72 28.97 -14.86 7.18
C GLU A 72 27.99 -13.70 7.27
N ARG A 73 28.38 -12.52 6.82
CA ARG A 73 27.41 -11.43 6.73
C ARG A 73 26.38 -11.70 5.64
N TRP A 74 26.81 -12.20 4.48
CA TRP A 74 25.84 -12.63 3.47
C TRP A 74 24.85 -13.63 4.06
N ILE A 75 25.36 -14.61 4.81
CA ILE A 75 24.47 -15.65 5.32
C ILE A 75 23.55 -15.06 6.40
N SER A 76 24.02 -14.06 7.14
CA SER A 76 23.16 -13.42 8.13
C SER A 76 22.12 -12.51 7.47
N TYR A 77 22.31 -12.16 6.20
CA TYR A 77 21.25 -11.48 5.45
C TYR A 77 20.31 -12.49 4.81
N VAL A 78 20.86 -13.57 4.25
CA VAL A 78 20.07 -14.50 3.45
C VAL A 78 19.14 -15.37 4.30
N GLY A 79 19.44 -15.53 5.59
CA GLY A 79 18.63 -16.40 6.43
C GLY A 79 17.16 -16.03 6.42
N VAL A 80 16.83 -14.75 6.25
CA VAL A 80 15.41 -14.39 6.26
C VAL A 80 14.69 -15.04 5.07
N VAL A 81 15.36 -15.15 3.93
CA VAL A 81 14.73 -15.82 2.78
C VAL A 81 14.62 -17.30 3.04
N LEU A 82 15.67 -17.90 3.62
CA LEU A 82 15.67 -19.35 3.85
C LEU A 82 14.57 -19.75 4.80
N TRP A 83 14.25 -18.90 5.78
CA TRP A 83 13.32 -19.21 6.85
C TRP A 83 11.91 -18.71 6.63
N SER A 84 11.73 -17.73 5.75
CA SER A 84 10.45 -17.01 5.73
C SER A 84 9.72 -17.12 4.39
N GLN A 85 10.18 -17.99 3.49
CA GLN A 85 9.37 -18.35 2.33
C GLN A 85 8.50 -19.54 2.74
N SER A 86 7.91 -20.22 1.77
CA SER A 86 6.91 -21.26 2.03
C SER A 86 7.36 -22.49 1.23
N PRO A 87 8.31 -23.27 1.75
CA PRO A 87 9.03 -24.24 0.90
C PRO A 87 8.15 -25.26 0.22
N ARG A 88 7.06 -25.70 0.84
CA ARG A 88 6.28 -26.75 0.19
C ARG A 88 5.48 -26.22 -0.99
N HIS A 89 5.32 -24.90 -1.07
CA HIS A 89 4.66 -24.26 -2.19
C HIS A 89 5.63 -23.78 -3.26
N ILE A 90 6.94 -23.97 -3.08
CA ILE A 90 7.88 -23.47 -4.06
C ILE A 90 7.74 -24.22 -5.38
N LYS A 91 7.67 -23.47 -6.47
CA LYS A 91 7.69 -24.04 -7.81
C LYS A 91 8.93 -23.68 -8.60
N ASP A 92 9.47 -22.47 -8.44
CA ASP A 92 10.60 -22.02 -9.25
C ASP A 92 11.75 -21.65 -8.32
N MET A 93 12.76 -22.54 -8.20
CA MET A 93 13.94 -22.25 -7.39
C MET A 93 14.85 -21.18 -7.99
N GLU A 94 14.73 -20.89 -9.28
CA GLU A 94 15.49 -19.79 -9.84
C GLU A 94 14.96 -18.44 -9.31
N ALA A 95 13.64 -18.29 -9.27
CA ALA A 95 13.05 -17.12 -8.60
C ALA A 95 13.45 -17.07 -7.12
N PHE A 96 13.49 -18.23 -6.45
CA PHE A 96 13.91 -18.25 -5.06
C PHE A 96 15.34 -17.74 -4.91
N LYS A 97 16.26 -18.23 -5.75
CA LYS A 97 17.65 -17.75 -5.69
C LYS A 97 17.71 -16.25 -5.97
N ALA A 98 16.86 -15.76 -6.88
CA ALA A 98 16.79 -14.33 -7.13
C ALA A 98 16.41 -13.55 -5.88
N VAL A 99 15.40 -14.05 -5.15
CA VAL A 99 15.00 -13.36 -3.92
C VAL A 99 16.13 -13.40 -2.90
N CYS A 100 16.88 -14.51 -2.85
CA CYS A 100 18.07 -14.54 -1.99
C CYS A 100 19.02 -13.41 -2.35
N VAL A 101 19.37 -13.29 -3.63
CA VAL A 101 20.38 -12.32 -4.05
C VAL A 101 19.86 -10.89 -3.83
N LEU A 102 18.66 -10.60 -4.34
CA LEU A 102 18.09 -9.26 -4.21
C LEU A 102 17.89 -8.86 -2.75
N ASN A 103 17.38 -9.78 -1.93
CA ASN A 103 17.26 -9.51 -0.50
C ASN A 103 18.60 -9.10 0.10
N CYS A 104 19.66 -9.86 -0.21
CA CYS A 104 20.95 -9.64 0.40
C CYS A 104 21.59 -8.34 -0.06
N VAL A 105 21.56 -8.06 -1.37
CA VAL A 105 22.30 -6.90 -1.82
C VAL A 105 21.61 -5.60 -1.40
N THR A 106 20.27 -5.61 -1.28
CA THR A 106 19.62 -4.40 -0.77
C THR A 106 19.72 -4.29 0.74
N PHE A 107 19.97 -5.41 1.42
CA PHE A 107 20.34 -5.35 2.83
C PHE A 107 21.67 -4.61 3.02
N VAL A 108 22.65 -4.87 2.16
CA VAL A 108 23.89 -4.10 2.20
C VAL A 108 23.61 -2.61 2.03
N TRP A 109 22.77 -2.28 1.04
CA TRP A 109 22.37 -0.89 0.80
C TRP A 109 21.75 -0.29 2.06
N ASP A 110 20.88 -1.04 2.74
CA ASP A 110 20.27 -0.60 4.00
C ASP A 110 21.32 -0.25 5.04
N ASP A 111 22.38 -1.05 5.12
CA ASP A 111 23.43 -0.80 6.09
C ASP A 111 24.41 0.29 5.64
N MET A 112 24.40 0.70 4.38
CA MET A 112 25.44 1.57 3.84
C MET A 112 25.24 3.04 4.15
N ASP A 113 26.34 3.68 4.51
CA ASP A 113 26.47 5.12 4.46
C ASP A 113 25.92 5.67 3.13
N PRO A 114 25.23 6.82 3.16
CA PRO A 114 24.64 7.35 1.92
C PRO A 114 25.66 7.70 0.86
N ALA A 115 26.91 8.00 1.22
CA ALA A 115 27.91 8.33 0.22
C ALA A 115 28.19 7.15 -0.70
N LEU A 116 28.11 5.92 -0.17
CA LEU A 116 28.34 4.73 -0.98
C LEU A 116 27.20 4.40 -1.93
N HIS A 117 26.10 5.14 -1.88
CA HIS A 117 24.89 4.82 -2.64
C HIS A 117 25.02 5.35 -4.07
N ASP A 118 25.60 4.55 -4.96
CA ASP A 118 25.85 4.98 -6.33
C ASP A 118 24.83 4.31 -7.24
N PHE A 119 23.78 5.07 -7.59
CA PHE A 119 22.68 4.52 -8.36
C PHE A 119 23.15 4.10 -9.76
N GLY A 120 24.03 4.89 -10.37
CA GLY A 120 24.51 4.55 -11.71
C GLY A 120 25.26 3.23 -11.78
N LEU A 121 25.99 2.88 -10.72
CA LEU A 121 26.71 1.62 -10.67
C LEU A 121 25.82 0.47 -10.21
N PHE A 122 24.89 0.73 -9.29
CA PHE A 122 24.17 -0.37 -8.65
C PHE A 122 22.91 -0.76 -9.38
N LEU A 123 22.14 0.19 -9.89
CA LEU A 123 20.88 -0.18 -10.53
C LEU A 123 21.09 -1.11 -11.73
N PRO A 124 22.08 -0.90 -12.61
CA PRO A 124 22.33 -1.92 -13.64
C PRO A 124 22.67 -3.30 -13.09
N GLN A 125 23.31 -3.39 -11.91
CA GLN A 125 23.52 -4.69 -11.29
C GLN A 125 22.18 -5.34 -10.91
N LEU A 126 21.26 -4.56 -10.35
CA LEU A 126 19.94 -5.10 -10.01
C LEU A 126 19.19 -5.52 -11.26
N ARG A 127 19.37 -4.80 -12.36
CA ARG A 127 18.75 -5.19 -13.62
C ARG A 127 19.28 -6.54 -14.10
N LYS A 128 20.58 -6.78 -13.92
CA LYS A 128 21.17 -8.02 -14.41
C LYS A 128 20.75 -9.22 -13.57
N ILE A 129 20.62 -9.02 -12.25
CA ILE A 129 20.08 -10.08 -11.41
C ILE A 129 18.67 -10.42 -11.85
N CYS A 130 17.84 -9.39 -12.04
CA CYS A 130 16.44 -9.65 -12.36
C CYS A 130 16.28 -10.35 -13.70
N GLU A 131 17.04 -9.94 -14.71
CA GLU A 131 16.89 -10.58 -16.01
C GLU A 131 17.36 -12.03 -15.98
N LYS A 132 18.44 -12.33 -15.25
CA LYS A 132 19.01 -13.68 -15.23
C LYS A 132 18.01 -14.69 -14.67
N TYR A 133 17.36 -14.37 -13.55
CA TYR A 133 16.60 -15.38 -12.80
C TYR A 133 15.11 -15.39 -13.11
N TYR A 134 14.58 -14.31 -13.68
CA TYR A 134 13.16 -14.21 -13.99
C TYR A 134 12.96 -14.19 -15.49
N GLY A 135 11.73 -14.51 -15.92
CA GLY A 135 11.32 -14.29 -17.28
C GLY A 135 11.12 -12.81 -17.52
N PRO A 136 10.91 -12.44 -18.79
CA PRO A 136 10.92 -11.00 -19.16
C PRO A 136 9.85 -10.16 -18.45
N GLU A 137 8.64 -10.70 -18.25
CA GLU A 137 7.62 -9.92 -17.57
C GLU A 137 7.95 -9.74 -16.08
N ASP A 138 8.18 -10.85 -15.38
CA ASP A 138 8.46 -10.77 -13.95
C ASP A 138 9.75 -10.01 -13.64
N ALA A 139 10.71 -10.04 -14.57
CA ALA A 139 11.94 -9.27 -14.37
C ALA A 139 11.65 -7.79 -14.23
N GLU A 140 10.68 -7.27 -15.01
CA GLU A 140 10.30 -5.87 -14.87
C GLU A 140 9.73 -5.56 -13.50
N VAL A 141 8.83 -6.42 -13.03
CA VAL A 141 8.18 -6.19 -11.75
C VAL A 141 9.20 -6.24 -10.62
N ALA A 142 10.06 -7.25 -10.64
CA ALA A 142 11.07 -7.37 -9.59
C ALA A 142 12.05 -6.20 -9.61
N TYR A 143 12.47 -5.77 -10.80
CA TYR A 143 13.43 -4.66 -10.86
C TYR A 143 12.80 -3.36 -10.35
N GLU A 144 11.58 -3.05 -10.79
CA GLU A 144 10.96 -1.82 -10.33
C GLU A 144 10.83 -1.80 -8.81
N ALA A 145 10.42 -2.92 -8.22
CA ALA A 145 10.31 -3.00 -6.77
C ALA A 145 11.67 -2.81 -6.09
N ALA A 146 12.73 -3.43 -6.61
CA ALA A 146 14.07 -3.23 -6.04
C ALA A 146 14.53 -1.79 -6.19
N ARG A 147 14.41 -1.24 -7.39
CA ARG A 147 14.74 0.16 -7.64
C ARG A 147 13.99 1.09 -6.69
N ALA A 148 12.67 0.88 -6.55
CA ALA A 148 11.90 1.74 -5.65
C ALA A 148 12.37 1.60 -4.21
N PHE A 149 12.75 0.39 -3.79
CA PHE A 149 13.20 0.20 -2.41
C PHE A 149 14.50 0.96 -2.13
N VAL A 150 15.54 0.75 -2.95
CA VAL A 150 16.81 1.39 -2.65
C VAL A 150 16.68 2.91 -2.77
N THR A 151 15.86 3.37 -3.71
CA THR A 151 15.61 4.80 -3.83
C THR A 151 14.93 5.34 -2.59
N SER A 152 13.95 4.60 -2.06
CA SER A 152 13.27 5.00 -0.85
C SER A 152 14.23 5.05 0.32
N ASP A 153 15.01 3.97 0.51
CA ASP A 153 15.96 3.97 1.61
C ASP A 153 16.92 5.14 1.51
N HIS A 154 17.35 5.49 0.29
CA HIS A 154 18.25 6.63 0.15
C HIS A 154 17.55 7.95 0.44
N MET A 155 16.45 8.22 -0.27
CA MET A 155 15.76 9.51 -0.15
C MET A 155 15.39 9.84 1.29
N PHE A 156 15.10 8.83 2.10
CA PHE A 156 14.52 9.12 3.39
C PHE A 156 15.52 9.22 4.53
N ARG A 157 16.83 9.17 4.24
CA ARG A 157 17.86 9.11 5.29
C ARG A 157 18.05 10.43 6.04
N ASP A 158 17.12 10.75 6.95
CA ASP A 158 17.00 12.07 7.62
C ASP A 158 16.01 12.98 6.89
N SER A 159 15.08 12.38 6.15
CA SER A 159 13.94 13.06 5.52
C SER A 159 13.02 13.68 6.58
N PRO A 160 12.46 14.88 6.34
CA PRO A 160 11.37 15.34 7.21
C PRO A 160 10.17 14.40 7.19
N ILE A 161 9.87 13.82 6.02
CA ILE A 161 8.79 12.85 5.93
C ILE A 161 9.00 11.72 6.92
N LYS A 162 10.19 11.12 6.87
CA LYS A 162 10.49 10.04 7.81
C LYS A 162 10.28 10.50 9.25
N ALA A 163 10.82 11.68 9.59
CA ALA A 163 10.62 12.23 10.93
C ALA A 163 9.14 12.23 11.31
N ALA A 164 8.29 12.89 10.52
CA ALA A 164 6.88 12.99 10.89
C ALA A 164 6.24 11.61 10.98
N LEU A 165 6.52 10.72 10.03
CA LEU A 165 5.83 9.44 10.03
C LEU A 165 6.29 8.54 11.17
N CYS A 166 7.51 8.72 11.68
CA CYS A 166 7.98 7.86 12.76
C CYS A 166 7.91 8.54 14.14
N THR A 167 7.20 9.66 14.27
CA THR A 167 6.91 10.17 15.60
C THR A 167 5.41 10.35 15.84
N THR A 168 4.60 10.39 14.79
CA THR A 168 3.21 10.77 14.98
C THR A 168 2.43 9.71 15.74
N SER A 169 2.29 8.52 15.17
CA SER A 169 1.52 7.44 15.78
C SER A 169 2.06 6.12 15.25
N PRO A 170 1.72 5.01 15.88
CA PRO A 170 2.08 3.73 15.24
C PRO A 170 1.47 3.61 13.85
N GLU A 171 0.32 4.21 13.61
CA GLU A 171 -0.36 3.92 12.35
C GLU A 171 0.26 4.72 11.19
N GLN A 172 0.78 5.93 11.46
CA GLN A 172 1.60 6.62 10.46
C GLN A 172 2.93 5.89 10.25
N TYR A 173 3.44 5.27 11.30
CA TYR A 173 4.74 4.63 11.22
C TYR A 173 4.69 3.39 10.34
N PHE A 174 3.70 2.53 10.57
CA PHE A 174 3.56 1.31 9.79
C PHE A 174 3.27 1.61 8.33
N ARG A 175 2.58 2.73 8.08
CA ARG A 175 2.36 3.18 6.71
C ARG A 175 3.69 3.43 5.97
N PHE A 176 4.66 4.05 6.66
CA PHE A 176 6.00 4.22 6.11
C PHE A 176 6.68 2.86 5.88
N ARG A 177 6.50 1.93 6.80
CA ARG A 177 7.25 0.68 6.75
C ARG A 177 6.76 -0.29 5.69
N VAL A 178 5.56 -0.11 5.13
CA VAL A 178 5.11 -0.96 4.03
C VAL A 178 6.17 -1.00 2.93
N THR A 179 6.76 0.15 2.64
CA THR A 179 7.88 0.20 1.71
C THR A 179 9.21 0.05 2.45
N ASP A 180 9.39 0.78 3.55
CA ASP A 180 10.73 0.92 4.12
C ASP A 180 11.28 -0.39 4.70
N ILE A 181 10.46 -1.29 5.24
CA ILE A 181 11.03 -2.56 5.68
C ILE A 181 11.17 -3.53 4.51
N GLY A 182 10.85 -3.12 3.29
CA GLY A 182 11.15 -3.93 2.14
C GLY A 182 10.14 -4.99 1.80
N VAL A 183 9.02 -5.07 2.54
CA VAL A 183 8.07 -6.16 2.32
C VAL A 183 7.29 -6.01 1.01
N ASP A 184 6.97 -4.78 0.58
CA ASP A 184 6.34 -4.66 -0.73
C ASP A 184 7.27 -5.19 -1.81
N PHE A 185 8.54 -4.80 -1.75
CA PHE A 185 9.58 -5.33 -2.63
C PHE A 185 9.60 -6.86 -2.57
N TRP A 186 9.59 -7.40 -1.35
CA TRP A 186 9.64 -8.86 -1.15
C TRP A 186 8.52 -9.59 -1.87
N MET A 187 7.27 -9.13 -1.68
CA MET A 187 6.13 -9.77 -2.33
C MET A 187 6.27 -9.74 -3.84
N LYS A 188 6.66 -8.59 -4.39
CA LYS A 188 6.74 -8.41 -5.82
C LYS A 188 7.91 -9.16 -6.46
N MET A 189 8.91 -9.55 -5.69
CA MET A 189 9.93 -10.43 -6.25
C MET A 189 9.70 -11.90 -5.91
N SER A 190 8.80 -12.20 -4.98
CA SER A 190 8.55 -13.55 -4.53
C SER A 190 7.39 -14.24 -5.23
N TYR A 191 6.44 -13.50 -5.81
CA TYR A 191 5.32 -14.22 -6.43
C TYR A 191 5.77 -15.18 -7.55
N PRO A 192 6.83 -14.93 -8.33
CA PRO A 192 7.23 -15.96 -9.31
C PRO A 192 7.69 -17.26 -8.66
N ILE A 193 8.08 -17.24 -7.39
CA ILE A 193 8.46 -18.47 -6.71
C ILE A 193 7.29 -19.45 -6.71
N TYR A 194 6.07 -18.92 -6.55
CA TYR A 194 4.89 -19.73 -6.32
C TYR A 194 4.01 -19.91 -7.56
N ARG A 195 4.02 -18.94 -8.48
CA ARG A 195 3.14 -18.96 -9.67
C ARG A 195 1.71 -19.30 -9.29
N HIS A 196 1.22 -18.66 -8.25
CA HIS A 196 -0.13 -18.87 -7.74
C HIS A 196 -0.96 -17.62 -8.06
N PRO A 197 -1.90 -17.69 -8.99
CA PRO A 197 -2.55 -16.46 -9.49
C PRO A 197 -3.09 -15.53 -8.41
N GLU A 198 -3.71 -16.06 -7.35
CA GLU A 198 -4.22 -15.17 -6.32
C GLU A 198 -3.08 -14.43 -5.63
N PHE A 199 -2.01 -15.14 -5.28
CA PHE A 199 -0.90 -14.48 -4.59
C PHE A 199 -0.27 -13.41 -5.46
N THR A 200 -0.18 -13.68 -6.76
CA THR A 200 0.39 -12.72 -7.69
C THR A 200 -0.38 -11.40 -7.69
N GLU A 201 -1.72 -11.47 -7.69
CA GLU A 201 -2.50 -10.24 -7.62
C GLU A 201 -2.33 -9.54 -6.28
N HIS A 202 -2.36 -10.27 -5.17
CA HIS A 202 -2.19 -9.62 -3.88
C HIS A 202 -0.82 -8.97 -3.76
N ALA A 203 0.20 -9.60 -4.36
CA ALA A 203 1.52 -9.00 -4.40
C ALA A 203 1.51 -7.73 -5.21
N LYS A 204 0.82 -7.74 -6.35
CA LYS A 204 0.86 -6.61 -7.25
C LYS A 204 0.00 -5.43 -6.80
N THR A 205 -1.08 -5.68 -6.04
CA THR A 205 -1.85 -4.59 -5.43
C THR A 205 -1.18 -4.04 -4.18
N SER A 206 -0.17 -4.76 -3.65
CA SER A 206 0.48 -4.50 -2.37
C SER A 206 -0.41 -4.81 -1.18
N LEU A 207 -1.59 -5.38 -1.40
CA LEU A 207 -2.35 -5.88 -0.26
C LEU A 207 -1.55 -6.93 0.53
N ALA A 208 -0.82 -7.80 -0.18
CA ALA A 208 0.05 -8.78 0.50
C ALA A 208 1.00 -8.10 1.46
N ALA A 209 1.66 -7.04 1.00
CA ALA A 209 2.55 -6.29 1.86
C ALA A 209 1.79 -5.62 3.01
N ARG A 210 0.65 -5.00 2.72
CA ARG A 210 -0.07 -4.28 3.76
C ARG A 210 -0.53 -5.22 4.86
N MET A 211 -0.80 -6.49 4.54
CA MET A 211 -1.26 -7.46 5.53
C MET A 211 -0.13 -7.94 6.45
N THR A 212 1.12 -7.94 5.97
CA THR A 212 2.25 -8.55 6.69
C THR A 212 3.19 -7.53 7.32
N THR A 213 2.98 -6.24 7.04
CA THR A 213 3.92 -5.20 7.49
C THR A 213 4.05 -5.17 9.01
N ARG A 214 2.92 -5.17 9.73
CA ARG A 214 3.04 -5.00 11.18
C ARG A 214 3.71 -6.21 11.82
N GLY A 215 3.40 -7.41 11.35
CA GLY A 215 3.98 -8.59 11.96
C GLY A 215 5.48 -8.63 11.78
N LEU A 216 5.95 -8.26 10.59
CA LEU A 216 7.39 -8.20 10.35
C LEU A 216 8.03 -7.05 11.13
N THR A 217 7.41 -5.87 11.11
CA THR A 217 8.04 -4.68 11.66
C THR A 217 8.13 -4.73 13.17
N ILE A 218 7.07 -5.19 13.84
CA ILE A 218 7.08 -5.19 15.30
C ILE A 218 8.20 -6.09 15.80
N VAL A 219 8.37 -7.25 15.18
CA VAL A 219 9.44 -8.16 15.56
C VAL A 219 10.80 -7.55 15.25
N ASN A 220 10.97 -7.04 14.03
CA ASN A 220 12.26 -6.45 13.69
C ASN A 220 12.60 -5.31 14.62
N ASP A 221 11.62 -4.43 14.90
CA ASP A 221 11.87 -3.26 15.75
C ASP A 221 12.26 -3.66 17.17
N PHE A 222 11.62 -4.68 17.73
CA PHE A 222 11.99 -5.04 19.10
C PHE A 222 13.45 -5.45 19.17
N TYR A 223 13.89 -6.31 18.27
CA TYR A 223 15.22 -6.88 18.38
C TYR A 223 16.32 -6.02 17.75
N SER A 224 15.97 -5.01 16.95
CA SER A 224 16.99 -4.12 16.39
C SER A 224 17.01 -2.77 17.10
N TYR A 225 16.17 -2.60 18.12
CA TYR A 225 16.05 -1.34 18.85
C TYR A 225 17.40 -0.87 19.36
N ASP A 226 18.13 -1.74 20.07
CA ASP A 226 19.37 -1.29 20.71
C ASP A 226 20.38 -0.80 19.68
N ARG A 227 20.53 -1.51 18.55
CA ARG A 227 21.44 -1.05 17.50
C ARG A 227 20.97 0.28 16.91
N GLU A 228 19.67 0.36 16.61
CA GLU A 228 19.18 1.53 15.88
C GLU A 228 19.29 2.79 16.72
N VAL A 229 18.88 2.73 17.99
CA VAL A 229 18.99 3.88 18.88
C VAL A 229 20.43 4.33 19.01
N SER A 230 21.35 3.37 19.07
CA SER A 230 22.78 3.68 19.17
C SER A 230 23.29 4.44 17.96
N LEU A 231 22.69 4.23 16.78
CA LEU A 231 23.17 4.82 15.52
C LEU A 231 22.38 6.05 15.10
N GLY A 232 21.53 6.58 15.97
CA GLY A 232 20.66 7.70 15.65
C GLY A 232 19.49 7.39 14.73
N GLN A 233 19.21 6.11 14.45
CA GLN A 233 18.14 5.74 13.53
C GLN A 233 16.78 5.80 14.24
N ILE A 234 15.81 6.49 13.64
CA ILE A 234 14.53 6.75 14.29
C ILE A 234 13.44 5.80 13.82
N THR A 235 13.72 4.94 12.86
CA THR A 235 12.69 4.09 12.25
C THR A 235 12.49 2.84 13.11
N ASN A 236 11.70 3.01 14.16
CA ASN A 236 11.50 1.94 15.15
C ASN A 236 10.30 2.28 16.01
N CYS A 237 9.25 1.45 15.98
CA CYS A 237 8.01 1.82 16.68
C CYS A 237 8.16 1.88 18.19
N PHE A 238 9.15 1.18 18.77
CA PHE A 238 9.29 1.29 20.22
C PHE A 238 9.85 2.64 20.66
N ARG A 239 10.35 3.45 19.72
CA ARG A 239 10.71 4.82 20.04
C ARG A 239 9.49 5.67 20.38
N LEU A 240 8.29 5.19 20.07
CA LEU A 240 7.07 5.91 20.36
C LEU A 240 6.67 5.82 21.83
N CYS A 241 7.03 4.73 22.50
CA CYS A 241 6.64 4.54 23.89
C CYS A 241 7.84 4.81 24.77
N ASP A 242 7.58 4.99 26.06
CA ASP A 242 8.62 5.21 27.06
C ASP A 242 9.17 3.83 27.50
N VAL A 243 10.24 3.36 26.85
CA VAL A 243 10.70 2.00 27.11
C VAL A 243 11.27 1.81 28.51
N SER A 244 11.89 2.82 29.11
CA SER A 244 12.37 2.52 30.46
C SER A 244 11.32 2.79 31.52
N ASP A 245 10.06 2.77 31.14
CA ASP A 245 8.94 2.78 32.07
C ASP A 245 8.27 1.43 31.85
N GLU A 246 8.67 0.45 32.67
CA GLU A 246 8.20 -0.93 32.48
C GLU A 246 6.70 -0.98 32.28
N THR A 247 5.95 -0.21 33.06
CA THR A 247 4.50 -0.24 32.95
C THR A 247 4.02 0.25 31.58
N ALA A 248 4.55 1.39 31.12
CA ALA A 248 4.16 1.90 29.80
C ALA A 248 4.63 0.97 28.69
N PHE A 249 5.79 0.34 28.88
CA PHE A 249 6.28 -0.56 27.84
C PHE A 249 5.32 -1.72 27.63
N LYS A 250 4.81 -2.30 28.73
CA LYS A 250 3.95 -3.47 28.62
C LYS A 250 2.63 -3.12 27.94
N GLU A 251 2.09 -1.94 28.23
CA GLU A 251 0.88 -1.51 27.52
C GLU A 251 1.16 -1.41 26.03
N PHE A 252 2.30 -0.82 25.65
CA PHE A 252 2.58 -0.60 24.23
C PHE A 252 2.89 -1.93 23.54
N PHE A 253 3.65 -2.79 24.22
CA PHE A 253 3.94 -4.09 23.67
C PHE A 253 2.68 -4.93 23.54
N GLN A 254 1.79 -4.86 24.54
CA GLN A 254 0.46 -5.44 24.42
C GLN A 254 -0.24 -4.93 23.18
N ALA A 255 -0.13 -3.62 22.93
CA ALA A 255 -0.82 -3.01 21.81
C ALA A 255 -0.29 -3.56 20.49
N ARG A 256 1.03 -3.74 20.41
CA ARG A 256 1.62 -4.28 19.19
C ARG A 256 1.27 -5.75 19.01
N LEU A 257 1.25 -6.55 20.09
CA LEU A 257 0.82 -7.94 19.94
C LEU A 257 -0.61 -8.03 19.39
N ASP A 258 -1.52 -7.18 19.91
CA ASP A 258 -2.88 -7.19 19.40
C ASP A 258 -2.93 -6.89 17.91
N ASP A 259 -2.09 -5.94 17.44
CA ASP A 259 -2.01 -5.64 16.01
C ASP A 259 -1.65 -6.89 15.21
N MET A 260 -0.61 -7.61 15.69
CA MET A 260 -0.17 -8.80 14.97
C MET A 260 -1.26 -9.84 14.91
N ILE A 261 -1.96 -10.04 16.04
CA ILE A 261 -3.03 -11.03 16.09
C ILE A 261 -4.15 -10.64 15.14
N GLU A 262 -4.55 -9.38 15.15
CA GLU A 262 -5.58 -8.91 14.23
C GLU A 262 -5.22 -9.22 12.78
N ASP A 263 -3.99 -8.88 12.38
CA ASP A 263 -3.57 -9.14 11.01
C ASP A 263 -3.57 -10.65 10.72
N ILE A 264 -3.14 -11.46 11.68
CA ILE A 264 -3.01 -12.89 11.44
C ILE A 264 -4.38 -13.53 11.26
N GLU A 265 -5.33 -13.18 12.12
CA GLU A 265 -6.66 -13.77 11.99
C GLU A 265 -7.32 -13.37 10.67
N CYS A 266 -7.09 -12.13 10.21
CA CYS A 266 -7.63 -11.70 8.93
C CYS A 266 -6.90 -12.36 7.75
N ILE A 267 -5.59 -12.60 7.88
CA ILE A 267 -4.85 -13.32 6.84
C ILE A 267 -5.47 -14.71 6.60
N LYS A 268 -6.07 -15.30 7.63
CA LYS A 268 -6.66 -16.62 7.42
C LYS A 268 -7.91 -16.57 6.53
N ALA A 269 -8.44 -15.37 6.26
CA ALA A 269 -9.47 -15.22 5.23
C ALA A 269 -8.96 -15.48 3.83
N PHE A 270 -7.65 -15.38 3.58
CA PHE A 270 -7.17 -15.57 2.23
C PHE A 270 -7.17 -17.07 1.90
N ASP A 271 -6.96 -17.38 0.62
CA ASP A 271 -6.93 -18.77 0.18
C ASP A 271 -5.78 -19.50 0.89
N GLN A 272 -5.93 -20.82 1.05
CA GLN A 272 -4.99 -21.60 1.87
C GLN A 272 -3.53 -21.41 1.46
N LEU A 273 -3.27 -21.27 0.17
CA LEU A 273 -1.89 -21.12 -0.29
C LEU A 273 -1.33 -19.77 0.08
N THR A 274 -2.07 -18.71 -0.22
CA THR A 274 -1.58 -17.36 0.06
C THR A 274 -1.44 -17.14 1.55
N GLN A 275 -2.38 -17.66 2.34
CA GLN A 275 -2.26 -17.47 3.77
C GLN A 275 -1.06 -18.22 4.32
N ASP A 276 -0.66 -19.33 3.67
CA ASP A 276 0.57 -20.02 4.08
C ASP A 276 1.79 -19.15 3.85
N VAL A 277 1.89 -18.54 2.67
CA VAL A 277 3.01 -17.65 2.36
C VAL A 277 3.06 -16.48 3.35
N PHE A 278 1.92 -15.82 3.59
CA PHE A 278 1.91 -14.68 4.50
C PHE A 278 2.38 -15.07 5.89
N LEU A 279 1.85 -16.17 6.43
CA LEU A 279 2.13 -16.53 7.81
C LEU A 279 3.54 -17.10 7.97
N ASP A 280 4.00 -17.89 6.99
CA ASP A 280 5.40 -18.31 6.96
C ASP A 280 6.34 -17.11 6.96
N LEU A 281 5.96 -16.04 6.26
CA LEU A 281 6.81 -14.86 6.22
C LEU A 281 6.92 -14.21 7.60
N ILE A 282 5.78 -14.04 8.29
CA ILE A 282 5.80 -13.36 9.57
C ILE A 282 6.48 -14.22 10.63
N TYR A 283 6.09 -15.49 10.71
CA TYR A 283 6.64 -16.38 11.72
C TYR A 283 8.09 -16.74 11.40
N GLY A 284 8.39 -16.99 10.14
CA GLY A 284 9.77 -17.24 9.75
C GLY A 284 10.69 -16.07 10.05
N ASN A 285 10.21 -14.84 9.83
CA ASN A 285 11.04 -13.70 10.19
C ASN A 285 11.37 -13.68 11.67
N PHE A 286 10.40 -14.07 12.50
CA PHE A 286 10.63 -14.13 13.94
C PHE A 286 11.69 -15.20 14.28
N VAL A 287 11.57 -16.38 13.67
CA VAL A 287 12.53 -17.43 13.97
C VAL A 287 13.94 -17.00 13.55
N TRP A 288 14.05 -16.41 12.36
CA TRP A 288 15.34 -15.95 11.87
C TRP A 288 15.92 -14.83 12.73
N THR A 289 15.06 -13.86 13.10
CA THR A 289 15.50 -12.72 13.89
C THR A 289 16.08 -13.16 15.24
N THR A 290 15.42 -14.10 15.92
CA THR A 290 15.89 -14.55 17.23
C THR A 290 17.08 -15.50 17.15
N SER A 291 17.43 -15.97 15.96
CA SER A 291 18.54 -16.89 15.77
C SER A 291 19.78 -16.18 15.25
N ASN A 292 19.67 -14.91 14.88
CA ASN A 292 20.66 -14.22 14.07
C ASN A 292 21.45 -13.22 14.89
N LYS A 293 22.78 -13.30 14.80
CA LYS A 293 23.67 -12.40 15.54
C LYS A 293 23.44 -10.95 15.18
N ARG A 294 22.92 -10.69 13.98
CA ARG A 294 22.55 -9.33 13.62
C ARG A 294 21.62 -8.69 14.64
N TYR A 295 20.73 -9.48 15.24
CA TYR A 295 19.74 -8.96 16.17
C TYR A 295 20.10 -9.31 17.61
N LYS A 296 21.41 -9.40 17.84
CA LYS A 296 22.06 -9.57 19.13
C LYS A 296 23.17 -8.54 19.28
N THR A 297 23.15 -7.73 20.33
CA THR A 297 24.06 -6.62 20.57
C THR A 297 24.03 -5.58 19.45
N ALA A 298 24.28 -4.33 19.86
CA ALA A 298 23.99 -3.17 19.02
C ALA A 298 24.97 -3.06 17.86
N VAL A 299 26.26 -3.23 18.13
CA VAL A 299 27.26 -3.17 17.07
C VAL A 299 28.10 -4.44 17.18
N ASN A 300 28.15 -5.21 16.10
CA ASN A 300 29.01 -6.37 15.98
C ASN A 300 29.39 -6.51 14.51
N ASP A 301 30.13 -7.57 14.18
CA ASP A 301 30.77 -7.63 12.86
C ASP A 301 29.82 -7.90 11.71
N VAL A 302 28.53 -8.17 11.96
CA VAL A 302 27.58 -8.44 10.88
C VAL A 302 26.48 -7.39 10.78
N ASN A 303 26.37 -6.47 11.75
CA ASN A 303 25.41 -5.38 11.67
C ASN A 303 26.07 -4.01 11.70
N SER A 304 27.38 -3.95 11.52
CA SER A 304 28.11 -2.69 11.68
C SER A 304 27.86 -1.79 10.48
N ARG A 305 27.81 -0.49 10.74
CA ARG A 305 27.70 0.47 9.67
C ARG A 305 28.80 0.23 8.64
N ILE A 306 28.38 0.11 7.38
CA ILE A 306 29.30 -0.04 6.27
C ILE A 306 29.64 1.36 5.77
N GLN A 307 30.92 1.71 5.81
CA GLN A 307 31.34 3.06 5.40
C GLN A 307 32.85 3.18 5.21
N GLY B 9 -39.25 -9.67 8.05
CA GLY B 9 -40.09 -8.49 8.04
C GLY B 9 -39.30 -7.22 7.84
N ALA B 10 -39.68 -6.18 8.59
CA ALA B 10 -38.90 -4.96 8.61
C ALA B 10 -37.48 -5.23 9.07
N GLN B 11 -36.47 -4.76 8.32
CA GLN B 11 -35.07 -4.88 8.71
C GLN B 11 -34.61 -3.65 9.49
N ASP B 12 -33.29 -3.45 9.53
CA ASP B 12 -32.72 -2.34 10.29
C ASP B 12 -32.69 -1.08 9.42
N ILE B 13 -33.89 -0.53 9.19
CA ILE B 13 -34.01 0.70 8.41
C ILE B 13 -33.37 1.86 9.16
N GLY B 14 -33.30 1.78 10.50
CA GLY B 14 -32.60 2.82 11.25
C GLY B 14 -31.10 2.83 10.95
N ARG B 15 -30.57 1.71 10.50
CA ARG B 15 -29.18 1.65 10.12
C ARG B 15 -29.00 1.79 8.61
N SER B 16 -30.06 2.06 7.88
CA SER B 16 -29.96 2.06 6.42
C SER B 16 -29.64 3.43 5.85
N SER B 17 -29.46 4.46 6.68
CA SER B 17 -29.26 5.81 6.15
C SER B 17 -28.37 6.63 7.07
N VAL B 18 -27.62 7.56 6.49
CA VAL B 18 -26.97 8.60 7.27
C VAL B 18 -27.63 9.96 7.06
N ARG B 19 -28.78 9.99 6.38
CA ARG B 19 -29.44 11.26 6.06
C ARG B 19 -29.69 12.15 7.26
N PRO B 20 -30.13 11.66 8.42
CA PRO B 20 -30.27 12.55 9.58
C PRO B 20 -29.01 13.31 9.96
N TYR B 21 -27.82 12.80 9.64
CA TYR B 21 -26.56 13.43 9.99
C TYR B 21 -25.96 14.26 8.85
N LEU B 22 -26.65 14.34 7.73
CA LEU B 22 -26.07 14.91 6.52
C LEU B 22 -25.56 16.35 6.74
N GLU B 23 -26.41 17.20 7.30
CA GLU B 23 -26.01 18.61 7.40
C GLU B 23 -24.86 18.80 8.36
N GLU B 24 -24.96 18.23 9.56
CA GLU B 24 -23.93 18.49 10.56
C GLU B 24 -22.60 17.84 10.15
N CYS B 25 -22.64 16.65 9.55
CA CYS B 25 -21.39 16.05 9.09
C CYS B 25 -20.77 16.84 7.95
N THR B 26 -21.57 17.31 7.00
CA THR B 26 -21.02 18.14 5.93
C THR B 26 -20.33 19.36 6.51
N ARG B 27 -21.02 20.04 7.43
CA ARG B 27 -20.46 21.20 8.11
C ARG B 27 -19.15 20.86 8.80
N ARG B 28 -19.11 19.71 9.47
CA ARG B 28 -17.90 19.34 10.22
C ARG B 28 -16.74 19.03 9.30
N PHE B 29 -16.97 18.27 8.21
CA PHE B 29 -15.94 18.07 7.19
C PHE B 29 -15.36 19.41 6.73
N GLN B 30 -16.24 20.32 6.34
CA GLN B 30 -15.80 21.61 5.81
C GLN B 30 -14.97 22.37 6.84
N GLU B 31 -15.42 22.41 8.09
CA GLU B 31 -14.68 23.11 9.14
C GLU B 31 -13.28 22.53 9.28
N MET B 32 -13.19 21.20 9.21
CA MET B 32 -11.90 20.53 9.30
C MET B 32 -10.98 20.97 8.16
N PHE B 33 -11.48 20.92 6.93
CA PHE B 33 -10.67 21.34 5.79
C PHE B 33 -10.23 22.79 5.92
N ASP B 34 -11.11 23.66 6.43
CA ASP B 34 -10.77 25.08 6.58
C ASP B 34 -9.70 25.27 7.64
N ARG B 35 -9.76 24.48 8.70
CA ARG B 35 -8.81 24.60 9.80
C ARG B 35 -7.46 23.94 9.48
N HIS B 36 -7.44 22.92 8.62
CA HIS B 36 -6.21 22.16 8.38
C HIS B 36 -5.67 22.25 6.96
N VAL B 37 -6.52 22.21 5.93
CA VAL B 37 -6.07 22.37 4.55
C VAL B 37 -6.04 23.83 4.13
N VAL B 38 -7.09 24.59 4.47
CA VAL B 38 -7.22 26.05 4.51
C VAL B 38 -7.76 26.59 3.18
N THR B 39 -6.91 26.58 2.15
CA THR B 39 -7.26 27.24 0.91
C THR B 39 -8.06 26.29 0.02
N ARG B 40 -8.89 26.86 -0.84
CA ARG B 40 -9.80 26.05 -1.63
C ARG B 40 -9.01 25.18 -2.61
N PRO B 41 -9.61 24.08 -3.07
CA PRO B 41 -9.15 23.49 -4.33
C PRO B 41 -9.55 24.40 -5.48
N THR B 42 -9.13 24.03 -6.68
CA THR B 42 -9.48 24.77 -7.89
C THR B 42 -9.83 23.74 -8.96
N LYS B 43 -10.72 24.11 -9.89
CA LYS B 43 -11.25 23.15 -10.84
C LYS B 43 -10.54 23.29 -12.19
N VAL B 44 -9.87 22.21 -12.63
CA VAL B 44 -9.22 22.15 -13.95
C VAL B 44 -10.24 22.49 -15.03
N GLU B 45 -9.80 23.19 -16.06
CA GLU B 45 -10.70 23.82 -17.01
C GLU B 45 -10.55 23.21 -18.41
N LEU B 46 -11.41 22.23 -18.72
CA LEU B 46 -11.46 21.62 -20.04
C LEU B 46 -12.28 22.47 -21.01
N THR B 47 -11.71 22.69 -22.20
CA THR B 47 -12.52 23.24 -23.27
C THR B 47 -13.66 22.28 -23.59
N ASP B 48 -14.70 22.84 -24.21
CA ASP B 48 -15.86 22.04 -24.56
C ASP B 48 -15.49 20.98 -25.57
N ALA B 49 -14.64 21.32 -26.54
CA ALA B 49 -14.04 20.30 -27.40
C ALA B 49 -13.41 19.19 -26.58
N GLU B 50 -12.64 19.56 -25.55
CA GLU B 50 -11.91 18.60 -24.73
C GLU B 50 -12.87 17.64 -24.00
N LEU B 51 -13.93 18.19 -23.40
CA LEU B 51 -14.83 17.35 -22.61
C LEU B 51 -15.52 16.31 -23.49
N ARG B 52 -15.76 16.68 -24.75
CA ARG B 52 -16.34 15.75 -25.70
C ARG B 52 -15.33 14.67 -26.14
N GLU B 53 -14.09 15.07 -26.41
CA GLU B 53 -13.08 14.10 -26.83
C GLU B 53 -12.84 13.07 -25.73
N VAL B 54 -12.82 13.52 -24.49
CA VAL B 54 -12.71 12.61 -23.35
C VAL B 54 -13.85 11.58 -23.40
N ILE B 55 -15.08 12.03 -23.65
CA ILE B 55 -16.22 11.13 -23.59
C ILE B 55 -16.19 10.12 -24.74
N ASP B 56 -15.63 10.49 -25.90
CA ASP B 56 -15.59 9.51 -26.99
C ASP B 56 -14.49 8.48 -26.76
N ASP B 57 -13.34 8.89 -26.20
CA ASP B 57 -12.38 7.92 -25.67
C ASP B 57 -13.05 6.99 -24.68
N CYS B 58 -13.89 7.54 -23.79
CA CYS B 58 -14.61 6.72 -22.83
C CYS B 58 -15.60 5.76 -23.50
N ASN B 59 -16.42 6.28 -24.42
CA ASN B 59 -17.40 5.43 -25.10
C ASN B 59 -16.71 4.34 -25.90
N ALA B 60 -15.59 4.67 -26.55
CA ALA B 60 -14.89 3.67 -27.33
C ALA B 60 -14.36 2.56 -26.44
N ALA B 61 -13.99 2.90 -25.20
CA ALA B 61 -13.38 1.93 -24.30
C ALA B 61 -14.40 0.96 -23.72
N VAL B 62 -15.64 1.41 -23.51
CA VAL B 62 -16.65 0.54 -22.92
C VAL B 62 -17.68 0.06 -23.93
N ALA B 63 -17.62 0.53 -25.18
CA ALA B 63 -18.52 0.04 -26.21
C ALA B 63 -18.45 -1.48 -26.38
N PRO B 64 -17.29 -2.13 -26.42
CA PRO B 64 -17.31 -3.61 -26.50
C PRO B 64 -18.04 -4.27 -25.34
N LEU B 65 -18.20 -3.59 -24.20
CA LEU B 65 -19.00 -4.19 -23.14
C LEU B 65 -20.50 -4.12 -23.42
N GLY B 66 -20.94 -3.20 -24.29
CA GLY B 66 -22.26 -3.25 -24.87
C GLY B 66 -23.23 -2.20 -24.37
N LYS B 67 -22.91 -1.52 -23.28
CA LYS B 67 -23.86 -0.66 -22.58
C LYS B 67 -23.55 0.80 -22.87
N THR B 68 -24.59 1.55 -23.20
CA THR B 68 -24.50 2.99 -23.40
C THR B 68 -24.37 3.72 -22.08
N VAL B 69 -23.47 4.69 -22.04
CA VAL B 69 -23.32 5.57 -20.88
C VAL B 69 -23.61 6.99 -21.34
N SER B 70 -24.59 7.65 -20.71
CA SER B 70 -24.98 8.99 -21.12
C SER B 70 -23.88 9.99 -20.80
N ASP B 71 -23.91 11.12 -21.53
CA ASP B 71 -22.96 12.18 -21.21
C ASP B 71 -23.13 12.68 -19.78
N GLU B 72 -24.37 12.71 -19.27
CA GLU B 72 -24.53 13.19 -17.90
C GLU B 72 -23.87 12.21 -16.91
N ARG B 73 -23.93 10.90 -17.18
CA ARG B 73 -23.24 9.96 -16.32
C ARG B 73 -21.72 10.11 -16.44
N TRP B 74 -21.21 10.25 -17.68
CA TRP B 74 -19.78 10.48 -17.84
C TRP B 74 -19.34 11.72 -17.07
N ILE B 75 -20.15 12.79 -17.13
CA ILE B 75 -19.81 14.00 -16.41
C ILE B 75 -19.80 13.76 -14.90
N SER B 76 -20.72 12.92 -14.43
CA SER B 76 -20.77 12.57 -13.02
C SER B 76 -19.53 11.77 -12.58
N TYR B 77 -18.93 11.03 -13.51
CA TYR B 77 -17.68 10.33 -13.18
C TYR B 77 -16.49 11.26 -13.27
N VAL B 78 -16.46 12.15 -14.27
CA VAL B 78 -15.23 12.86 -14.60
C VAL B 78 -14.93 13.99 -13.63
N GLY B 79 -15.96 14.53 -12.97
CA GLY B 79 -15.76 15.68 -12.10
C GLY B 79 -14.72 15.46 -11.01
N VAL B 80 -14.55 14.21 -10.54
CA VAL B 80 -13.56 13.98 -9.49
C VAL B 80 -12.17 14.33 -9.99
N VAL B 81 -11.88 14.06 -11.27
CA VAL B 81 -10.58 14.43 -11.81
C VAL B 81 -10.50 15.95 -11.99
N LEU B 82 -11.57 16.57 -12.47
CA LEU B 82 -11.54 18.01 -12.69
C LEU B 82 -11.35 18.78 -11.39
N TRP B 83 -11.88 18.27 -10.28
CA TRP B 83 -11.81 18.95 -9.00
C TRP B 83 -10.61 18.53 -8.13
N SER B 84 -10.08 17.34 -8.32
CA SER B 84 -9.18 16.78 -7.30
C SER B 84 -7.74 16.65 -7.78
N GLN B 85 -7.43 17.10 -8.99
CA GLN B 85 -6.03 17.26 -9.37
C GLN B 85 -5.55 18.59 -8.79
N SER B 86 -4.39 19.08 -9.23
CA SER B 86 -3.85 20.33 -8.71
C SER B 86 -3.45 21.18 -9.90
N PRO B 87 -4.35 22.03 -10.39
CA PRO B 87 -4.14 22.67 -11.72
C PRO B 87 -2.91 23.56 -11.77
N ARG B 88 -2.50 24.15 -10.66
CA ARG B 88 -1.33 25.03 -10.73
C ARG B 88 -0.07 24.27 -11.13
N HIS B 89 -0.05 22.94 -10.98
CA HIS B 89 1.12 22.12 -11.20
C HIS B 89 1.03 21.26 -12.45
N ILE B 90 -0.05 21.37 -13.23
CA ILE B 90 -0.18 20.51 -14.41
C ILE B 90 0.88 20.90 -15.43
N LYS B 91 1.63 19.91 -15.92
CA LYS B 91 2.55 20.09 -17.03
C LYS B 91 2.15 19.31 -18.27
N ASP B 92 1.41 18.22 -18.13
CA ASP B 92 1.07 17.37 -19.27
C ASP B 92 -0.45 17.23 -19.29
N MET B 93 -1.12 17.97 -20.19
CA MET B 93 -2.56 17.85 -20.30
C MET B 93 -2.99 16.58 -21.03
N GLU B 94 -2.11 15.96 -21.81
CA GLU B 94 -2.45 14.64 -22.35
C GLU B 94 -2.52 13.60 -21.24
N ALA B 95 -1.58 13.63 -20.29
CA ALA B 95 -1.68 12.78 -19.11
C ALA B 95 -2.94 13.10 -18.31
N PHE B 96 -3.28 14.39 -18.17
CA PHE B 96 -4.49 14.75 -17.46
C PHE B 96 -5.72 14.14 -18.13
N LYS B 97 -5.77 14.17 -19.47
CA LYS B 97 -6.90 13.59 -20.19
C LYS B 97 -6.91 12.08 -20.09
N ALA B 98 -5.74 11.43 -20.10
CA ALA B 98 -5.69 10.00 -19.82
C ALA B 98 -6.36 9.68 -18.49
N VAL B 99 -6.08 10.47 -17.45
CA VAL B 99 -6.66 10.19 -16.13
C VAL B 99 -8.17 10.42 -16.16
N CYS B 100 -8.64 11.45 -16.88
CA CYS B 100 -10.09 11.59 -17.08
C CYS B 100 -10.69 10.32 -17.66
N VAL B 101 -10.10 9.81 -18.74
CA VAL B 101 -10.67 8.63 -19.39
C VAL B 101 -10.56 7.40 -18.48
N LEU B 102 -9.36 7.13 -17.97
CA LEU B 102 -9.14 5.93 -17.16
C LEU B 102 -10.01 5.94 -15.90
N ASN B 103 -10.05 7.08 -15.21
CA ASN B 103 -10.98 7.22 -14.09
C ASN B 103 -12.41 6.85 -14.48
N CYS B 104 -12.89 7.41 -15.61
CA CYS B 104 -14.30 7.26 -15.95
C CYS B 104 -14.64 5.83 -16.35
N VAL B 105 -13.80 5.19 -17.18
CA VAL B 105 -14.18 3.86 -17.64
C VAL B 105 -14.03 2.83 -16.53
N THR B 106 -13.09 3.03 -15.60
CA THR B 106 -13.05 2.12 -14.45
C THR B 106 -14.14 2.44 -13.43
N PHE B 107 -14.69 3.67 -13.47
CA PHE B 107 -15.90 3.93 -12.69
C PHE B 107 -17.08 3.10 -13.21
N VAL B 108 -17.23 3.03 -14.54
CA VAL B 108 -18.25 2.17 -15.13
C VAL B 108 -18.08 0.73 -14.64
N TRP B 109 -16.84 0.24 -14.68
CA TRP B 109 -16.53 -1.12 -14.21
C TRP B 109 -16.96 -1.30 -12.76
N ASP B 110 -16.70 -0.31 -11.91
CA ASP B 110 -17.13 -0.31 -10.51
C ASP B 110 -18.65 -0.43 -10.39
N ASP B 111 -19.39 0.22 -11.29
CA ASP B 111 -20.85 0.28 -11.26
C ASP B 111 -21.51 -0.88 -12.01
N MET B 112 -20.73 -1.82 -12.52
CA MET B 112 -21.25 -2.90 -13.32
C MET B 112 -21.50 -4.15 -12.48
N ASP B 113 -22.64 -4.77 -12.72
CA ASP B 113 -22.82 -6.18 -12.45
C ASP B 113 -21.57 -6.93 -12.90
N PRO B 114 -21.04 -7.85 -12.08
CA PRO B 114 -19.81 -8.56 -12.49
C PRO B 114 -20.01 -9.49 -13.69
N ALA B 115 -21.20 -9.54 -14.28
CA ALA B 115 -21.42 -10.38 -15.45
C ALA B 115 -21.16 -9.65 -16.76
N LEU B 116 -21.00 -8.32 -16.73
CA LEU B 116 -20.51 -7.59 -17.90
C LEU B 116 -19.01 -7.42 -17.90
N HIS B 117 -18.32 -7.88 -16.85
CA HIS B 117 -16.87 -7.77 -16.78
C HIS B 117 -16.26 -8.73 -17.79
N ASP B 118 -15.72 -8.20 -18.88
CA ASP B 118 -15.01 -9.00 -19.89
C ASP B 118 -13.57 -8.51 -19.98
N PHE B 119 -12.67 -9.21 -19.30
CA PHE B 119 -11.26 -8.83 -19.33
C PHE B 119 -10.69 -8.93 -20.74
N GLY B 120 -11.14 -9.92 -21.51
CA GLY B 120 -10.61 -10.11 -22.86
C GLY B 120 -10.85 -8.90 -23.75
N LEU B 121 -12.00 -8.25 -23.59
CA LEU B 121 -12.33 -7.08 -24.40
C LEU B 121 -11.84 -5.79 -23.73
N PHE B 122 -11.99 -5.69 -22.41
CA PHE B 122 -11.75 -4.42 -21.72
C PHE B 122 -10.26 -4.10 -21.55
N LEU B 123 -9.44 -5.08 -21.15
CA LEU B 123 -8.03 -4.79 -20.97
C LEU B 123 -7.35 -4.20 -22.21
N PRO B 124 -7.58 -4.69 -23.44
CA PRO B 124 -6.96 -4.04 -24.61
C PRO B 124 -7.31 -2.57 -24.78
N GLN B 125 -8.53 -2.17 -24.41
CA GLN B 125 -8.93 -0.76 -24.47
C GLN B 125 -8.16 0.07 -23.46
N LEU B 126 -7.97 -0.46 -22.25
CA LEU B 126 -7.15 0.26 -21.26
C LEU B 126 -5.73 0.43 -21.76
N ARG B 127 -5.13 -0.64 -22.31
CA ARG B 127 -3.76 -0.55 -22.82
C ARG B 127 -3.65 0.50 -23.91
N LYS B 128 -4.64 0.55 -24.82
CA LYS B 128 -4.62 1.53 -25.91
C LYS B 128 -4.68 2.96 -25.37
N ILE B 129 -5.53 3.21 -24.39
CA ILE B 129 -5.59 4.54 -23.78
C ILE B 129 -4.22 4.91 -23.24
N CYS B 130 -3.59 3.98 -22.51
CA CYS B 130 -2.32 4.29 -21.87
C CYS B 130 -1.22 4.51 -22.90
N GLU B 131 -1.22 3.72 -23.97
CA GLU B 131 -0.17 3.86 -24.97
C GLU B 131 -0.32 5.14 -25.77
N LYS B 132 -1.56 5.61 -25.96
CA LYS B 132 -1.81 6.84 -26.71
C LYS B 132 -1.36 8.08 -25.95
N TYR B 133 -1.50 8.08 -24.62
CA TYR B 133 -1.33 9.29 -23.84
C TYR B 133 -0.02 9.37 -23.09
N TYR B 134 0.64 8.25 -22.78
CA TYR B 134 1.83 8.25 -21.96
C TYR B 134 3.06 7.78 -22.72
N GLY B 135 4.23 8.08 -22.15
CA GLY B 135 5.50 7.58 -22.62
C GLY B 135 5.64 6.09 -22.37
N PRO B 136 6.75 5.53 -22.83
CA PRO B 136 6.87 4.07 -22.84
C PRO B 136 6.84 3.44 -21.45
N GLU B 137 7.62 3.98 -20.50
CA GLU B 137 7.59 3.45 -19.14
C GLU B 137 6.29 3.87 -18.41
N ASP B 138 5.91 5.15 -18.48
CA ASP B 138 4.69 5.62 -17.78
C ASP B 138 3.45 4.84 -18.21
N ALA B 139 3.42 4.39 -19.46
CA ALA B 139 2.23 3.70 -19.97
C ALA B 139 2.12 2.28 -19.41
N GLU B 140 3.25 1.58 -19.28
CA GLU B 140 3.18 0.28 -18.60
C GLU B 140 2.64 0.45 -17.19
N VAL B 141 3.07 1.49 -16.49
CA VAL B 141 2.66 1.69 -15.11
C VAL B 141 1.17 1.98 -15.02
N ALA B 142 0.67 2.92 -15.85
CA ALA B 142 -0.75 3.25 -15.81
C ALA B 142 -1.61 2.06 -16.21
N TYR B 143 -1.20 1.34 -17.26
CA TYR B 143 -1.93 0.13 -17.64
C TYR B 143 -1.95 -0.89 -16.49
N GLU B 144 -0.81 -1.18 -15.89
CA GLU B 144 -0.78 -2.21 -14.85
C GLU B 144 -1.62 -1.79 -13.64
N ALA B 145 -1.55 -0.52 -13.25
CA ALA B 145 -2.39 -0.08 -12.15
C ALA B 145 -3.87 -0.16 -12.52
N ALA B 146 -4.24 0.17 -13.76
CA ALA B 146 -5.65 0.06 -14.16
C ALA B 146 -6.09 -1.40 -14.20
N ARG B 147 -5.24 -2.27 -14.75
CA ARG B 147 -5.52 -3.70 -14.75
C ARG B 147 -5.69 -4.23 -13.33
N ALA B 148 -4.76 -3.88 -12.44
CA ALA B 148 -4.86 -4.36 -11.07
C ALA B 148 -6.14 -3.86 -10.40
N PHE B 149 -6.54 -2.62 -10.69
CA PHE B 149 -7.79 -2.14 -10.08
C PHE B 149 -8.99 -2.93 -10.59
N VAL B 150 -9.16 -3.07 -11.92
CA VAL B 150 -10.36 -3.76 -12.39
C VAL B 150 -10.34 -5.23 -11.98
N THR B 151 -9.15 -5.85 -11.93
CA THR B 151 -9.07 -7.21 -11.43
C THR B 151 -9.45 -7.30 -9.95
N SER B 152 -8.97 -6.34 -9.14
CA SER B 152 -9.35 -6.29 -7.73
C SER B 152 -10.85 -6.11 -7.56
N ASP B 153 -11.44 -5.14 -8.27
CA ASP B 153 -12.86 -4.89 -8.11
C ASP B 153 -13.68 -6.13 -8.47
N HIS B 154 -13.28 -6.86 -9.51
CA HIS B 154 -13.99 -8.07 -9.90
C HIS B 154 -13.77 -9.20 -8.88
N MET B 155 -12.50 -9.46 -8.54
CA MET B 155 -12.16 -10.56 -7.62
C MET B 155 -12.95 -10.50 -6.34
N PHE B 156 -13.08 -9.30 -5.76
CA PHE B 156 -13.54 -9.20 -4.39
C PHE B 156 -15.05 -9.07 -4.27
N ARG B 157 -15.81 -9.13 -5.37
CA ARG B 157 -17.25 -8.89 -5.31
C ARG B 157 -17.96 -9.81 -4.32
N ASP B 158 -17.85 -11.11 -4.51
CA ASP B 158 -18.49 -12.04 -3.60
C ASP B 158 -17.41 -12.90 -2.96
N SER B 159 -16.73 -12.31 -1.96
CA SER B 159 -15.44 -12.84 -1.52
C SER B 159 -15.29 -12.72 -0.01
N PRO B 160 -14.77 -13.77 0.62
CA PRO B 160 -14.58 -13.72 2.08
C PRO B 160 -13.46 -12.80 2.51
N ILE B 161 -12.45 -12.56 1.68
CA ILE B 161 -11.41 -11.62 2.06
C ILE B 161 -12.01 -10.23 2.26
N LYS B 162 -12.88 -9.82 1.34
CA LYS B 162 -13.53 -8.53 1.51
C LYS B 162 -14.36 -8.50 2.79
N ALA B 163 -15.14 -9.57 3.02
CA ALA B 163 -15.92 -9.66 4.25
C ALA B 163 -15.05 -9.49 5.48
N ALA B 164 -13.92 -10.19 5.55
CA ALA B 164 -13.08 -10.09 6.74
C ALA B 164 -12.51 -8.68 6.89
N LEU B 165 -11.93 -8.11 5.83
CA LEU B 165 -11.33 -6.80 5.98
C LEU B 165 -12.39 -5.72 6.27
N CYS B 166 -13.61 -5.88 5.74
CA CYS B 166 -14.66 -4.86 5.93
C CYS B 166 -15.55 -5.11 7.13
N THR B 167 -15.22 -6.06 8.00
CA THR B 167 -16.01 -6.27 9.20
C THR B 167 -15.17 -6.37 10.47
N THR B 168 -13.87 -6.09 10.40
CA THR B 168 -13.04 -6.34 11.58
C THR B 168 -12.60 -5.05 12.30
N SER B 169 -11.99 -4.11 11.58
CA SER B 169 -11.52 -2.89 12.21
C SER B 169 -11.40 -1.81 11.14
N PRO B 170 -11.36 -0.53 11.54
CA PRO B 170 -11.01 0.51 10.55
C PRO B 170 -9.64 0.31 9.93
N GLU B 171 -8.68 -0.19 10.72
CA GLU B 171 -7.34 -0.53 10.21
C GLU B 171 -7.41 -1.55 9.06
N GLN B 172 -8.13 -2.66 9.24
CA GLN B 172 -8.21 -3.64 8.15
C GLN B 172 -8.94 -3.04 6.95
N TYR B 173 -9.98 -2.26 7.23
CA TYR B 173 -10.81 -1.73 6.16
C TYR B 173 -10.03 -0.78 5.28
N PHE B 174 -9.35 0.19 5.88
CA PHE B 174 -8.61 1.16 5.07
C PHE B 174 -7.47 0.49 4.31
N ARG B 175 -6.93 -0.60 4.88
CA ARG B 175 -5.95 -1.39 4.15
C ARG B 175 -6.52 -1.92 2.83
N PHE B 176 -7.77 -2.41 2.86
CA PHE B 176 -8.43 -2.83 1.63
C PHE B 176 -8.60 -1.67 0.66
N ARG B 177 -8.90 -0.48 1.18
CA ARG B 177 -9.29 0.61 0.30
C ARG B 177 -8.11 1.30 -0.36
N VAL B 178 -6.88 1.09 0.13
CA VAL B 178 -5.74 1.66 -0.59
C VAL B 178 -5.81 1.30 -2.07
N THR B 179 -6.20 0.07 -2.37
CA THR B 179 -6.42 -0.37 -3.74
C THR B 179 -7.86 -0.16 -4.18
N ASP B 180 -8.82 -0.54 -3.34
CA ASP B 180 -10.19 -0.65 -3.79
C ASP B 180 -10.83 0.71 -4.09
N ILE B 181 -10.45 1.77 -3.36
CA ILE B 181 -11.00 3.06 -3.75
C ILE B 181 -10.25 3.66 -4.93
N GLY B 182 -9.31 2.93 -5.53
CA GLY B 182 -8.67 3.39 -6.76
C GLY B 182 -7.59 4.43 -6.58
N VAL B 183 -7.22 4.76 -5.35
CA VAL B 183 -6.27 5.85 -5.16
C VAL B 183 -4.85 5.44 -5.55
N ASP B 184 -4.44 4.19 -5.30
CA ASP B 184 -3.12 3.80 -5.77
C ASP B 184 -3.04 3.90 -7.29
N PHE B 185 -4.07 3.40 -7.95
CA PHE B 185 -4.21 3.55 -9.40
C PHE B 185 -4.14 5.02 -9.81
N TRP B 186 -4.92 5.86 -9.12
CA TRP B 186 -4.92 7.29 -9.37
C TRP B 186 -3.52 7.88 -9.35
N MET B 187 -2.74 7.57 -8.32
CA MET B 187 -1.42 8.16 -8.20
C MET B 187 -0.51 7.70 -9.32
N LYS B 188 -0.57 6.40 -9.66
CA LYS B 188 0.34 5.86 -10.64
C LYS B 188 -0.02 6.28 -12.06
N MET B 189 -1.22 6.80 -12.29
CA MET B 189 -1.53 7.38 -13.58
C MET B 189 -1.50 8.90 -13.58
N SER B 190 -1.46 9.54 -12.41
CA SER B 190 -1.41 11.00 -12.31
C SER B 190 -0.02 11.59 -12.21
N TYR B 191 1.01 10.82 -11.82
CA TYR B 191 2.33 11.44 -11.72
C TYR B 191 2.85 11.98 -13.05
N PRO B 192 2.57 11.41 -14.22
CA PRO B 192 3.01 12.07 -15.46
C PRO B 192 2.36 13.44 -15.68
N ILE B 193 1.29 13.77 -14.97
CA ILE B 193 0.70 15.11 -15.10
C ILE B 193 1.68 16.17 -14.60
N TYR B 194 2.45 15.85 -13.56
CA TYR B 194 3.23 16.81 -12.80
C TYR B 194 4.73 16.78 -13.08
N ARG B 195 5.27 15.61 -13.44
CA ARG B 195 6.71 15.47 -13.74
C ARG B 195 7.55 16.03 -12.61
N HIS B 196 7.14 15.72 -11.40
CA HIS B 196 7.81 16.19 -10.20
C HIS B 196 8.50 15.00 -9.55
N PRO B 197 9.83 14.93 -9.59
CA PRO B 197 10.52 13.67 -9.21
C PRO B 197 10.06 13.07 -7.89
N GLU B 198 9.95 13.86 -6.82
CA GLU B 198 9.54 13.29 -5.54
C GLU B 198 8.11 12.77 -5.59
N PHE B 199 7.20 13.51 -6.23
CA PHE B 199 5.82 13.03 -6.34
C PHE B 199 5.79 11.70 -7.08
N THR B 200 6.57 11.58 -8.15
CA THR B 200 6.63 10.34 -8.92
C THR B 200 7.10 9.18 -8.04
N GLU B 201 8.09 9.42 -7.17
CA GLU B 201 8.55 8.33 -6.30
C GLU B 201 7.48 7.95 -5.29
N HIS B 202 6.87 8.93 -4.63
CA HIS B 202 5.82 8.60 -3.67
C HIS B 202 4.66 7.86 -4.33
N ALA B 203 4.39 8.18 -5.60
CA ALA B 203 3.39 7.44 -6.35
C ALA B 203 3.83 5.99 -6.55
N LYS B 204 5.10 5.81 -6.92
CA LYS B 204 5.59 4.48 -7.25
C LYS B 204 5.70 3.55 -6.04
N THR B 205 6.02 4.07 -4.87
CA THR B 205 6.07 3.26 -3.66
C THR B 205 4.68 3.03 -3.05
N SER B 206 3.66 3.74 -3.55
CA SER B 206 2.30 3.77 -2.99
C SER B 206 2.21 4.51 -1.67
N LEU B 207 3.29 5.13 -1.19
CA LEU B 207 3.20 6.00 -0.02
C LEU B 207 2.21 7.14 -0.26
N ALA B 208 2.21 7.69 -1.47
CA ALA B 208 1.26 8.75 -1.81
C ALA B 208 -0.16 8.27 -1.60
N ALA B 209 -0.48 7.09 -2.11
CA ALA B 209 -1.80 6.51 -1.93
C ALA B 209 -2.09 6.22 -0.46
N ARG B 210 -1.10 5.67 0.26
CA ARG B 210 -1.35 5.36 1.66
C ARG B 210 -1.60 6.63 2.49
N MET B 211 -1.02 7.76 2.10
CA MET B 211 -1.27 9.00 2.86
C MET B 211 -2.67 9.53 2.63
N THR B 212 -3.28 9.24 1.49
CA THR B 212 -4.52 9.92 1.09
C THR B 212 -5.74 9.01 1.19
N THR B 213 -5.53 7.71 1.46
CA THR B 213 -6.64 6.75 1.44
C THR B 213 -7.74 7.13 2.43
N ARG B 214 -7.38 7.45 3.67
CA ARG B 214 -8.46 7.67 4.66
C ARG B 214 -9.26 8.94 4.34
N GLY B 215 -8.60 10.00 3.92
CA GLY B 215 -9.31 11.24 3.61
C GLY B 215 -10.28 11.06 2.48
N LEU B 216 -9.87 10.33 1.43
CA LEU B 216 -10.77 10.05 0.32
C LEU B 216 -11.89 9.11 0.74
N THR B 217 -11.54 8.04 1.45
CA THR B 217 -12.50 6.99 1.74
C THR B 217 -13.56 7.44 2.74
N ILE B 218 -13.15 8.12 3.80
CA ILE B 218 -14.12 8.50 4.82
C ILE B 218 -15.19 9.39 4.21
N VAL B 219 -14.76 10.33 3.38
CA VAL B 219 -15.71 11.21 2.69
C VAL B 219 -16.57 10.42 1.73
N ASN B 220 -15.95 9.58 0.89
CA ASN B 220 -16.75 8.80 -0.05
C ASN B 220 -17.76 7.93 0.69
N ASP B 221 -17.31 7.25 1.75
CA ASP B 221 -18.19 6.34 2.49
C ASP B 221 -19.38 7.07 3.07
N PHE B 222 -19.17 8.27 3.62
CA PHE B 222 -20.29 8.96 4.26
C PHE B 222 -21.39 9.24 3.25
N TYR B 223 -21.01 9.76 2.09
CA TYR B 223 -22.00 10.18 1.12
C TYR B 223 -22.49 9.07 0.20
N SER B 224 -21.83 7.90 0.17
CA SER B 224 -22.33 6.79 -0.63
C SER B 224 -22.98 5.70 0.22
N TYR B 225 -23.05 5.91 1.53
CA TYR B 225 -23.58 4.91 2.45
C TYR B 225 -25.00 4.46 2.07
N ASP B 226 -25.90 5.41 1.81
CA ASP B 226 -27.29 4.99 1.60
C ASP B 226 -27.43 4.13 0.35
N ARG B 227 -26.77 4.51 -0.74
CA ARG B 227 -26.80 3.69 -1.94
C ARG B 227 -26.20 2.32 -1.67
N GLU B 228 -24.99 2.30 -1.12
CA GLU B 228 -24.29 1.03 -0.95
C GLU B 228 -25.06 0.09 -0.03
N VAL B 229 -25.66 0.60 1.04
CA VAL B 229 -26.33 -0.33 1.94
C VAL B 229 -27.66 -0.80 1.33
N SER B 230 -28.29 -0.01 0.46
CA SER B 230 -29.45 -0.54 -0.25
C SER B 230 -29.06 -1.57 -1.30
N LEU B 231 -27.82 -1.52 -1.80
CA LEU B 231 -27.36 -2.45 -2.82
C LEU B 231 -26.64 -3.67 -2.23
N GLY B 232 -26.55 -3.79 -0.91
CA GLY B 232 -25.84 -4.92 -0.35
C GLY B 232 -24.34 -4.84 -0.42
N GLN B 233 -23.78 -3.65 -0.63
CA GLN B 233 -22.32 -3.52 -0.69
C GLN B 233 -21.79 -3.24 0.71
N ILE B 234 -20.77 -3.99 1.12
CA ILE B 234 -20.27 -3.88 2.49
C ILE B 234 -19.02 -3.03 2.58
N THR B 235 -18.53 -2.50 1.46
CA THR B 235 -17.27 -1.75 1.47
C THR B 235 -17.54 -0.29 1.87
N ASN B 236 -17.73 -0.08 3.17
CA ASN B 236 -18.05 1.24 3.72
C ASN B 236 -17.77 1.26 5.21
N CYS B 237 -16.90 2.18 5.67
CA CYS B 237 -16.47 2.13 7.06
C CYS B 237 -17.59 2.43 8.04
N PHE B 238 -18.64 3.14 7.62
CA PHE B 238 -19.70 3.41 8.58
C PHE B 238 -20.57 2.19 8.87
N ARG B 239 -20.39 1.07 8.14
CA ARG B 239 -20.97 -0.19 8.58
C ARG B 239 -20.27 -0.74 9.83
N LEU B 240 -19.08 -0.26 10.16
CA LEU B 240 -18.38 -0.70 11.37
C LEU B 240 -18.89 -0.05 12.64
N CYS B 241 -19.88 0.84 12.55
CA CYS B 241 -20.51 1.45 13.70
C CYS B 241 -22.01 1.34 13.54
N ASP B 242 -22.73 1.56 14.63
CA ASP B 242 -24.19 1.51 14.60
C ASP B 242 -24.69 2.91 14.26
N VAL B 243 -24.95 3.16 12.98
CA VAL B 243 -25.43 4.48 12.58
C VAL B 243 -26.83 4.76 13.10
N SER B 244 -27.54 3.76 13.66
CA SER B 244 -28.87 4.04 14.20
C SER B 244 -28.82 4.72 15.56
N ASP B 245 -27.68 4.72 16.24
CA ASP B 245 -27.54 5.37 17.54
C ASP B 245 -26.61 6.55 17.40
N GLU B 246 -27.14 7.75 17.65
CA GLU B 246 -26.38 8.96 17.36
C GLU B 246 -25.13 9.05 18.22
N THR B 247 -25.20 8.57 19.47
CA THR B 247 -24.02 8.58 20.34
C THR B 247 -22.88 7.78 19.72
N ALA B 248 -23.16 6.53 19.32
CA ALA B 248 -22.12 5.70 18.73
C ALA B 248 -21.66 6.29 17.40
N PHE B 249 -22.60 6.79 16.60
CA PHE B 249 -22.22 7.38 15.31
C PHE B 249 -21.29 8.56 15.50
N LYS B 250 -21.64 9.49 16.41
CA LYS B 250 -20.80 10.68 16.55
C LYS B 250 -19.41 10.33 17.07
N GLU B 251 -19.32 9.31 17.92
CA GLU B 251 -18.02 8.82 18.38
C GLU B 251 -17.19 8.33 17.20
N PHE B 252 -17.78 7.46 16.40
CA PHE B 252 -17.09 6.92 15.24
C PHE B 252 -16.72 8.03 14.26
N PHE B 253 -17.63 8.98 14.05
CA PHE B 253 -17.37 10.02 13.07
C PHE B 253 -16.21 10.90 13.51
N GLN B 254 -16.17 11.28 14.80
CA GLN B 254 -15.04 12.07 15.30
C GLN B 254 -13.73 11.26 15.26
N ALA B 255 -13.80 9.95 15.51
CA ALA B 255 -12.60 9.14 15.33
C ALA B 255 -12.11 9.21 13.88
N ARG B 256 -13.05 9.22 12.92
CA ARG B 256 -12.64 9.30 11.52
C ARG B 256 -12.14 10.70 11.17
N LEU B 257 -12.79 11.75 11.70
CA LEU B 257 -12.26 13.10 11.51
C LEU B 257 -10.82 13.20 12.02
N ASP B 258 -10.57 12.62 13.20
CA ASP B 258 -9.20 12.62 13.71
C ASP B 258 -8.23 11.87 12.80
N ASP B 259 -8.68 10.74 12.23
CA ASP B 259 -7.88 10.07 11.20
C ASP B 259 -7.47 11.05 10.10
N MET B 260 -8.44 11.79 9.58
CA MET B 260 -8.17 12.70 8.47
C MET B 260 -7.17 13.77 8.90
N ILE B 261 -7.37 14.32 10.09
CA ILE B 261 -6.52 15.41 10.58
C ILE B 261 -5.09 14.93 10.73
N GLU B 262 -4.92 13.75 11.32
CA GLU B 262 -3.55 13.26 11.51
C GLU B 262 -2.86 13.07 10.16
N ASP B 263 -3.56 12.49 9.17
CA ASP B 263 -2.98 12.33 7.84
C ASP B 263 -2.63 13.68 7.23
N ILE B 264 -3.53 14.64 7.33
CA ILE B 264 -3.27 15.94 6.71
C ILE B 264 -2.07 16.62 7.34
N GLU B 265 -1.97 16.59 8.67
CA GLU B 265 -0.83 17.19 9.36
C GLU B 265 0.49 16.50 8.99
N CYS B 266 0.48 15.16 8.83
CA CYS B 266 1.69 14.49 8.35
C CYS B 266 1.96 14.79 6.89
N ILE B 267 0.91 14.98 6.07
CA ILE B 267 1.15 15.30 4.66
C ILE B 267 1.92 16.62 4.52
N LYS B 268 1.77 17.54 5.49
CA LYS B 268 2.49 18.80 5.38
C LYS B 268 3.99 18.67 5.61
N ALA B 269 4.48 17.48 6.01
CA ALA B 269 5.91 17.22 6.02
C ALA B 269 6.48 16.96 4.63
N PHE B 270 5.66 16.63 3.64
CA PHE B 270 6.18 16.40 2.31
C PHE B 270 6.58 17.74 1.68
N ASP B 271 7.26 17.69 0.53
CA ASP B 271 7.66 18.91 -0.16
C ASP B 271 6.41 19.66 -0.61
N GLN B 272 6.57 20.98 -0.82
CA GLN B 272 5.41 21.84 -1.07
C GLN B 272 4.56 21.31 -2.23
N LEU B 273 5.18 21.00 -3.37
CA LEU B 273 4.40 20.53 -4.51
C LEU B 273 3.63 19.26 -4.16
N THR B 274 4.33 18.27 -3.61
CA THR B 274 3.68 17.01 -3.26
C THR B 274 2.51 17.23 -2.30
N GLN B 275 2.69 18.08 -1.29
CA GLN B 275 1.60 18.25 -0.33
C GLN B 275 0.42 18.98 -0.97
N ASP B 276 0.68 19.92 -1.89
CA ASP B 276 -0.40 20.55 -2.67
C ASP B 276 -1.23 19.49 -3.36
N VAL B 277 -0.56 18.58 -4.08
CA VAL B 277 -1.28 17.58 -4.85
C VAL B 277 -2.07 16.67 -3.91
N PHE B 278 -1.44 16.22 -2.81
CA PHE B 278 -2.14 15.37 -1.86
C PHE B 278 -3.39 16.05 -1.31
N LEU B 279 -3.25 17.31 -0.87
CA LEU B 279 -4.35 17.97 -0.19
C LEU B 279 -5.46 18.35 -1.15
N ASP B 280 -5.10 18.75 -2.38
CA ASP B 280 -6.13 19.07 -3.36
C ASP B 280 -6.89 17.82 -3.77
N LEU B 281 -6.24 16.65 -3.69
CA LEU B 281 -6.95 15.40 -3.94
C LEU B 281 -8.01 15.16 -2.88
N ILE B 282 -7.63 15.26 -1.60
CA ILE B 282 -8.57 14.96 -0.52
C ILE B 282 -9.67 16.02 -0.47
N TYR B 283 -9.30 17.28 -0.53
CA TYR B 283 -10.28 18.33 -0.38
C TYR B 283 -11.12 18.46 -1.67
N GLY B 284 -10.48 18.36 -2.83
CA GLY B 284 -11.24 18.32 -4.07
C GLY B 284 -12.24 17.19 -4.14
N ASN B 285 -11.87 16.01 -3.65
CA ASN B 285 -12.83 14.91 -3.66
C ASN B 285 -14.05 15.26 -2.82
N PHE B 286 -13.85 16.00 -1.72
CA PHE B 286 -14.97 16.37 -0.87
C PHE B 286 -15.88 17.39 -1.58
N VAL B 287 -15.29 18.36 -2.27
CA VAL B 287 -16.10 19.34 -3.00
C VAL B 287 -16.92 18.65 -4.08
N TRP B 288 -16.27 17.80 -4.87
CA TRP B 288 -16.93 17.05 -5.93
C TRP B 288 -18.03 16.14 -5.38
N THR B 289 -17.70 15.38 -4.32
CA THR B 289 -18.66 14.44 -3.75
C THR B 289 -19.93 15.15 -3.30
N THR B 290 -19.80 16.33 -2.69
CA THR B 290 -20.97 17.00 -2.16
C THR B 290 -21.77 17.73 -3.24
N SER B 291 -21.23 17.87 -4.45
CA SER B 291 -21.92 18.56 -5.51
C SER B 291 -22.60 17.62 -6.49
N ASN B 292 -22.26 16.34 -6.47
CA ASN B 292 -22.58 15.41 -7.55
C ASN B 292 -23.82 14.61 -7.19
N LYS B 293 -24.78 14.56 -8.13
CA LYS B 293 -26.03 13.85 -7.87
C LYS B 293 -25.79 12.37 -7.57
N ARG B 294 -24.60 11.85 -7.89
CA ARG B 294 -24.23 10.49 -7.56
C ARG B 294 -24.33 10.19 -6.07
N TYR B 295 -24.03 11.17 -5.21
CA TYR B 295 -23.79 10.93 -3.80
C TYR B 295 -24.84 11.54 -2.89
N LYS B 296 -26.11 11.19 -3.06
CA LYS B 296 -27.16 11.76 -2.22
C LYS B 296 -28.35 10.84 -2.01
N THR B 297 -28.86 10.22 -3.08
CA THR B 297 -30.08 9.40 -3.03
C THR B 297 -29.76 8.03 -3.63
N ALA B 298 -30.22 6.98 -2.91
CA ALA B 298 -29.67 5.63 -3.04
C ALA B 298 -29.61 5.16 -4.49
N VAL B 299 -30.71 5.27 -5.23
CA VAL B 299 -30.77 4.79 -6.60
C VAL B 299 -31.35 5.91 -7.48
N ASN B 300 -30.50 6.53 -8.30
CA ASN B 300 -30.98 7.49 -9.28
C ASN B 300 -30.29 7.20 -10.63
N ASP B 301 -30.57 8.04 -11.61
CA ASP B 301 -30.12 7.87 -12.99
C ASP B 301 -28.63 8.12 -13.17
N VAL B 302 -27.89 8.43 -12.11
CA VAL B 302 -26.44 8.48 -12.19
C VAL B 302 -25.75 7.71 -11.08
N ASN B 303 -26.40 6.68 -10.50
CA ASN B 303 -25.67 5.74 -9.64
C ASN B 303 -26.28 4.35 -9.58
N SER B 304 -27.27 4.01 -10.42
CA SER B 304 -27.84 2.68 -10.35
C SER B 304 -26.94 1.67 -11.07
N ARG B 305 -27.17 0.38 -10.81
CA ARG B 305 -26.40 -0.68 -11.46
C ARG B 305 -26.43 -0.56 -12.99
N ILE B 306 -25.39 -1.05 -13.64
CA ILE B 306 -25.32 -1.07 -15.11
C ILE B 306 -25.37 -2.52 -15.57
N GLN B 307 -26.17 -2.76 -16.61
CA GLN B 307 -27.10 -3.87 -16.71
C GLN B 307 -28.38 -3.24 -17.23
N ALA B 308 -28.28 -1.94 -17.50
CA ALA B 308 -29.39 -1.00 -17.45
C ALA B 308 -29.71 -0.39 -18.81
N GLY A 14 17.19 5.06 30.70
CA GLY A 14 16.48 3.79 30.60
C GLY A 14 15.74 3.58 29.29
N ARG A 15 16.03 4.40 28.28
CA ARG A 15 15.43 4.26 26.96
C ARG A 15 16.46 3.90 25.91
N SER A 16 17.72 3.80 26.31
CA SER A 16 18.81 3.26 25.53
C SER A 16 18.62 1.79 25.14
N SER A 17 17.75 1.02 25.81
CA SER A 17 17.74 -0.42 25.54
C SER A 17 16.38 -1.05 25.84
N VAL A 18 16.13 -2.20 25.22
CA VAL A 18 15.01 -3.05 25.58
C VAL A 18 15.48 -4.39 26.14
N ARG A 19 16.80 -4.56 26.30
CA ARG A 19 17.35 -5.78 26.90
C ARG A 19 16.65 -6.23 28.18
N PRO A 20 16.26 -5.36 29.11
CA PRO A 20 15.52 -5.86 30.29
C PRO A 20 14.28 -6.67 29.98
N TYR A 21 13.71 -6.52 28.79
CA TYR A 21 12.48 -7.23 28.42
C TYR A 21 12.73 -8.37 27.43
N LEU A 22 13.98 -8.65 27.09
CA LEU A 22 14.28 -9.57 26.00
C LEU A 22 13.61 -10.93 26.21
N GLU A 23 13.74 -11.50 27.40
CA GLU A 23 13.22 -12.85 27.63
C GLU A 23 11.70 -12.90 27.61
N GLU A 24 11.03 -12.02 28.39
CA GLU A 24 9.57 -11.97 28.40
C GLU A 24 9.00 -11.80 27.00
N CYS A 25 9.52 -10.83 26.26
CA CYS A 25 8.93 -10.53 24.96
C CYS A 25 9.13 -11.67 23.97
N THR A 26 10.30 -12.33 24.01
CA THR A 26 10.52 -13.46 23.11
C THR A 26 9.49 -14.55 23.38
N ARG A 27 9.28 -14.90 24.65
CA ARG A 27 8.34 -15.99 24.89
C ARG A 27 6.91 -15.54 24.59
N ARG A 28 6.60 -14.26 24.75
CA ARG A 28 5.26 -13.81 24.41
C ARG A 28 5.01 -13.85 22.89
N PHE A 29 5.99 -13.38 22.10
CA PHE A 29 5.92 -13.53 20.65
C PHE A 29 5.69 -14.99 20.27
N GLN A 30 6.52 -15.89 20.81
CA GLN A 30 6.41 -17.29 20.44
C GLN A 30 5.06 -17.87 20.83
N GLU A 31 4.57 -17.55 22.02
CA GLU A 31 3.28 -18.08 22.44
C GLU A 31 2.17 -17.57 21.53
N MET A 32 2.26 -16.30 21.14
CA MET A 32 1.29 -15.73 20.21
C MET A 32 1.29 -16.54 18.90
N PHE A 33 2.48 -16.79 18.34
CA PHE A 33 2.55 -17.62 17.14
C PHE A 33 1.98 -19.01 17.35
N ASP A 34 2.26 -19.63 18.50
CA ASP A 34 1.75 -20.98 18.73
C ASP A 34 0.24 -21.00 18.83
N ARG A 35 -0.36 -19.91 19.30
CA ARG A 35 -1.80 -19.87 19.54
C ARG A 35 -2.58 -19.37 18.33
N HIS A 36 -1.90 -18.74 17.35
CA HIS A 36 -2.57 -18.09 16.23
C HIS A 36 -2.08 -18.55 14.87
N VAL A 37 -0.83 -18.99 14.74
CA VAL A 37 -0.33 -19.58 13.52
C VAL A 37 -0.23 -21.09 13.65
N VAL A 38 0.27 -21.56 14.80
CA VAL A 38 0.22 -22.95 15.23
C VAL A 38 1.30 -23.75 14.53
N THR A 39 1.37 -23.63 13.21
CA THR A 39 2.25 -24.50 12.45
C THR A 39 3.53 -23.75 12.06
N ARG A 40 4.67 -24.43 12.22
CA ARG A 40 5.96 -23.78 12.36
C ARG A 40 6.61 -23.48 11.01
N PRO A 41 7.39 -22.40 10.90
CA PRO A 41 8.10 -22.13 9.66
C PRO A 41 9.12 -23.22 9.36
N THR A 42 9.57 -23.22 8.11
CA THR A 42 10.37 -24.33 7.60
C THR A 42 11.49 -23.78 6.71
N LYS A 43 12.73 -24.15 7.06
CA LYS A 43 13.89 -23.59 6.38
C LYS A 43 14.09 -24.30 5.05
N VAL A 44 14.61 -23.57 4.06
CA VAL A 44 15.09 -24.18 2.81
C VAL A 44 16.57 -24.50 2.98
N GLU A 45 16.95 -25.75 2.71
CA GLU A 45 18.33 -26.20 2.84
C GLU A 45 19.01 -26.18 1.48
N LEU A 46 19.76 -25.13 1.19
CA LEU A 46 20.33 -24.90 -0.14
C LEU A 46 21.38 -25.94 -0.50
N THR A 47 21.49 -26.24 -1.80
CA THR A 47 22.63 -26.97 -2.28
C THR A 47 23.86 -26.07 -2.26
N ASP A 48 25.04 -26.66 -2.50
CA ASP A 48 26.25 -25.83 -2.63
C ASP A 48 26.25 -25.08 -3.95
N ALA A 49 25.77 -25.73 -5.02
CA ALA A 49 25.66 -25.05 -6.29
C ALA A 49 24.66 -23.89 -6.19
N GLU A 50 23.62 -24.03 -5.38
CA GLU A 50 22.70 -22.91 -5.18
C GLU A 50 23.29 -21.88 -4.22
N LEU A 51 23.97 -22.36 -3.16
CA LEU A 51 24.63 -21.42 -2.26
C LEU A 51 25.64 -20.56 -2.99
N ARG A 52 26.48 -21.17 -3.83
CA ARG A 52 27.58 -20.44 -4.44
C ARG A 52 27.09 -19.57 -5.60
N GLU A 53 26.07 -20.01 -6.35
CA GLU A 53 25.50 -19.10 -7.36
C GLU A 53 25.01 -17.81 -6.71
N VAL A 54 24.34 -17.93 -5.55
CA VAL A 54 23.76 -16.75 -4.89
C VAL A 54 24.84 -15.80 -4.39
N ILE A 55 25.78 -16.32 -3.60
CA ILE A 55 26.78 -15.46 -2.97
C ILE A 55 27.70 -14.84 -4.02
N ASP A 56 28.07 -15.60 -5.06
CA ASP A 56 28.81 -15.01 -6.16
C ASP A 56 28.02 -13.88 -6.82
N ASP A 57 26.70 -14.06 -6.96
CA ASP A 57 25.85 -12.99 -7.50
C ASP A 57 25.85 -11.76 -6.60
N CYS A 58 25.74 -11.97 -5.29
CA CYS A 58 25.78 -10.86 -4.34
C CYS A 58 27.11 -10.13 -4.40
N ASN A 59 28.21 -10.87 -4.42
CA ASN A 59 29.52 -10.22 -4.41
C ASN A 59 29.71 -9.36 -5.66
N ALA A 60 29.32 -9.89 -6.82
CA ALA A 60 29.48 -9.13 -8.06
C ALA A 60 28.59 -7.89 -8.07
N ALA A 61 27.44 -7.96 -7.40
CA ALA A 61 26.49 -6.85 -7.47
C ALA A 61 26.97 -5.66 -6.65
N VAL A 62 27.66 -5.90 -5.53
CA VAL A 62 28.06 -4.80 -4.66
C VAL A 62 29.52 -4.43 -4.84
N ALA A 63 30.32 -5.27 -5.47
CA ALA A 63 31.72 -4.96 -5.70
C ALA A 63 31.96 -3.53 -6.18
N PRO A 64 31.19 -2.98 -7.14
CA PRO A 64 31.50 -1.61 -7.60
C PRO A 64 31.27 -0.55 -6.53
N LEU A 65 30.46 -0.84 -5.51
CA LEU A 65 30.29 0.10 -4.41
C LEU A 65 31.49 0.15 -3.48
N GLY A 66 32.50 -0.69 -3.70
CA GLY A 66 33.78 -0.52 -3.06
C GLY A 66 33.98 -1.22 -1.73
N LYS A 67 32.96 -1.82 -1.13
CA LYS A 67 33.12 -2.43 0.18
C LYS A 67 33.10 -3.94 0.06
N THR A 68 33.82 -4.61 0.94
CA THR A 68 33.82 -6.07 0.97
C THR A 68 32.74 -6.54 1.93
N VAL A 69 32.04 -7.60 1.54
CA VAL A 69 31.03 -8.23 2.38
C VAL A 69 31.45 -9.68 2.61
N SER A 70 31.59 -10.07 3.87
CA SER A 70 32.03 -11.42 4.22
C SER A 70 30.91 -12.43 3.99
N ASP A 71 31.31 -13.69 3.77
CA ASP A 71 30.35 -14.78 3.68
C ASP A 71 29.45 -14.84 4.91
N GLU A 72 30.03 -14.63 6.10
CA GLU A 72 29.21 -14.68 7.32
C GLU A 72 28.18 -13.55 7.34
N ARG A 73 28.51 -12.38 6.81
CA ARG A 73 27.52 -11.32 6.72
C ARG A 73 26.46 -11.63 5.66
N TRP A 74 26.87 -12.20 4.52
CA TRP A 74 25.88 -12.62 3.53
C TRP A 74 24.89 -13.62 4.11
N ILE A 75 25.39 -14.60 4.89
CA ILE A 75 24.52 -15.65 5.37
C ILE A 75 23.56 -15.11 6.41
N SER A 76 24.02 -14.13 7.20
CA SER A 76 23.11 -13.45 8.11
C SER A 76 21.97 -12.78 7.34
N TYR A 77 22.30 -12.11 6.23
CA TYR A 77 21.26 -11.47 5.43
C TYR A 77 20.33 -12.49 4.79
N VAL A 78 20.90 -13.57 4.24
CA VAL A 78 20.10 -14.50 3.44
C VAL A 78 19.19 -15.36 4.30
N GLY A 79 19.47 -15.50 5.59
CA GLY A 79 18.67 -16.37 6.43
C GLY A 79 17.19 -16.04 6.42
N VAL A 80 16.83 -14.76 6.24
CA VAL A 80 15.42 -14.41 6.24
C VAL A 80 14.72 -15.07 5.06
N VAL A 81 15.39 -15.15 3.91
CA VAL A 81 14.76 -15.81 2.76
C VAL A 81 14.64 -17.30 3.01
N LEU A 82 15.67 -17.90 3.62
CA LEU A 82 15.67 -19.34 3.82
C LEU A 82 14.59 -19.76 4.79
N TRP A 83 14.27 -18.90 5.77
CA TRP A 83 13.33 -19.20 6.83
C TRP A 83 11.93 -18.65 6.60
N SER A 84 11.77 -17.66 5.74
CA SER A 84 10.52 -16.91 5.71
C SER A 84 9.81 -16.99 4.36
N GLN A 85 10.23 -17.89 3.48
CA GLN A 85 9.43 -18.22 2.33
C GLN A 85 8.48 -19.35 2.75
N SER A 86 8.05 -20.18 1.81
CA SER A 86 7.02 -21.18 2.07
C SER A 86 7.38 -22.43 1.27
N PRO A 87 8.34 -23.22 1.77
CA PRO A 87 8.95 -24.27 0.91
C PRO A 87 7.96 -25.29 0.40
N ARG A 88 6.92 -25.61 1.18
CA ARG A 88 5.88 -26.53 0.74
C ARG A 88 5.33 -26.16 -0.63
N HIS A 89 5.24 -24.87 -0.93
CA HIS A 89 4.59 -24.36 -2.12
C HIS A 89 5.56 -23.86 -3.18
N ILE A 90 6.87 -24.01 -2.99
CA ILE A 90 7.80 -23.50 -3.98
C ILE A 90 7.66 -24.27 -5.29
N LYS A 91 7.65 -23.54 -6.40
CA LYS A 91 7.65 -24.14 -7.72
C LYS A 91 8.85 -23.73 -8.57
N ASP A 92 9.37 -22.52 -8.38
CA ASP A 92 10.45 -22.00 -9.21
C ASP A 92 11.64 -21.64 -8.32
N MET A 93 12.65 -22.53 -8.28
CA MET A 93 13.84 -22.29 -7.48
C MET A 93 14.75 -21.21 -8.08
N GLU A 94 14.63 -20.92 -9.37
CA GLU A 94 15.40 -19.82 -9.92
C GLU A 94 14.88 -18.48 -9.38
N ALA A 95 13.56 -18.34 -9.30
CA ALA A 95 12.99 -17.17 -8.61
C ALA A 95 13.41 -17.13 -7.14
N PHE A 96 13.48 -18.28 -6.48
CA PHE A 96 13.91 -18.31 -5.08
C PHE A 96 15.33 -17.78 -4.93
N LYS A 97 16.25 -18.27 -5.75
CA LYS A 97 17.63 -17.79 -5.70
C LYS A 97 17.69 -16.28 -5.97
N ALA A 98 16.83 -15.79 -6.88
CA ALA A 98 16.76 -14.36 -7.13
C ALA A 98 16.38 -13.58 -5.87
N VAL A 99 15.37 -14.07 -5.14
CA VAL A 99 14.97 -13.38 -3.92
C VAL A 99 16.10 -13.41 -2.90
N CYS A 100 16.84 -14.53 -2.83
CA CYS A 100 18.03 -14.56 -1.97
C CYS A 100 18.99 -13.41 -2.34
N VAL A 101 19.32 -13.29 -3.63
CA VAL A 101 20.34 -12.34 -4.05
C VAL A 101 19.84 -10.90 -3.84
N LEU A 102 18.64 -10.61 -4.33
CA LEU A 102 18.09 -9.26 -4.21
C LEU A 102 17.89 -8.86 -2.75
N ASN A 103 17.38 -9.77 -1.92
CA ASN A 103 17.27 -9.49 -0.50
C ASN A 103 18.60 -9.09 0.10
N CYS A 104 19.66 -9.85 -0.21
CA CYS A 104 20.96 -9.62 0.40
C CYS A 104 21.58 -8.32 -0.07
N VAL A 105 21.57 -8.05 -1.38
CA VAL A 105 22.32 -6.88 -1.82
C VAL A 105 21.62 -5.59 -1.40
N THR A 106 20.29 -5.59 -1.28
CA THR A 106 19.63 -4.39 -0.77
C THR A 106 19.71 -4.30 0.75
N PHE A 107 19.98 -5.43 1.41
CA PHE A 107 20.35 -5.37 2.82
C PHE A 107 21.67 -4.63 3.01
N VAL A 108 22.64 -4.89 2.14
CA VAL A 108 23.89 -4.13 2.18
C VAL A 108 23.61 -2.62 2.03
N TRP A 109 22.83 -2.28 1.01
CA TRP A 109 22.40 -0.89 0.81
C TRP A 109 21.81 -0.29 2.08
N ASP A 110 20.93 -1.06 2.76
CA ASP A 110 20.31 -0.62 4.01
C ASP A 110 21.35 -0.29 5.08
N ASP A 111 22.44 -1.05 5.12
CA ASP A 111 23.47 -0.87 6.13
C ASP A 111 24.52 0.18 5.77
N MET A 112 24.49 0.71 4.54
CA MET A 112 25.54 1.61 4.07
C MET A 112 25.27 3.06 4.46
N ASP A 113 26.34 3.76 4.80
CA ASP A 113 26.35 5.21 4.74
C ASP A 113 25.98 5.67 3.31
N PRO A 114 25.11 6.66 3.17
CA PRO A 114 24.60 7.00 1.83
C PRO A 114 25.63 7.60 0.90
N ALA A 115 26.84 7.91 1.40
CA ALA A 115 27.92 8.28 0.49
C ALA A 115 28.30 7.11 -0.40
N LEU A 116 28.30 5.89 0.14
CA LEU A 116 28.51 4.67 -0.61
C LEU A 116 27.42 4.36 -1.63
N HIS A 117 26.28 5.01 -1.56
CA HIS A 117 25.20 4.74 -2.51
C HIS A 117 25.64 5.29 -3.86
N ASP A 118 25.54 4.49 -4.91
CA ASP A 118 25.92 4.90 -6.25
C ASP A 118 24.93 4.23 -7.21
N PHE A 119 23.89 5.00 -7.55
CA PHE A 119 22.80 4.46 -8.37
C PHE A 119 23.29 4.04 -9.74
N GLY A 120 24.25 4.80 -10.31
CA GLY A 120 24.76 4.46 -11.64
C GLY A 120 25.49 3.14 -11.68
N LEU A 121 26.13 2.76 -10.58
CA LEU A 121 26.77 1.45 -10.51
C LEU A 121 25.81 0.36 -10.04
N PHE A 122 25.01 0.62 -9.01
CA PHE A 122 24.21 -0.45 -8.43
C PHE A 122 22.99 -0.81 -9.26
N LEU A 123 22.26 0.16 -9.81
CA LEU A 123 21.05 -0.17 -10.55
C LEU A 123 21.30 -1.13 -11.70
N PRO A 124 22.36 -0.99 -12.52
CA PRO A 124 22.64 -2.02 -13.52
C PRO A 124 22.80 -3.41 -12.93
N GLN A 125 23.40 -3.54 -11.75
CA GLN A 125 23.52 -4.86 -11.14
C GLN A 125 22.14 -5.45 -10.84
N LEU A 126 21.24 -4.65 -10.27
CA LEU A 126 19.89 -5.14 -9.97
C LEU A 126 19.18 -5.57 -11.25
N ARG A 127 19.36 -4.80 -12.32
CA ARG A 127 18.76 -5.16 -13.61
C ARG A 127 19.37 -6.46 -14.13
N LYS A 128 20.67 -6.67 -13.90
CA LYS A 128 21.33 -7.94 -14.25
C LYS A 128 20.69 -9.11 -13.52
N ILE A 129 20.57 -9.01 -12.19
CA ILE A 129 20.05 -10.11 -11.39
C ILE A 129 18.63 -10.46 -11.84
N CYS A 130 17.78 -9.45 -11.98
CA CYS A 130 16.39 -9.70 -12.31
C CYS A 130 16.25 -10.42 -13.66
N GLU A 131 17.01 -9.99 -14.65
CA GLU A 131 16.83 -10.60 -15.96
C GLU A 131 17.49 -11.98 -16.04
N LYS A 132 18.55 -12.23 -15.24
CA LYS A 132 19.12 -13.57 -15.22
C LYS A 132 18.11 -14.60 -14.72
N TYR A 133 17.39 -14.27 -13.64
CA TYR A 133 16.62 -15.28 -12.90
C TYR A 133 15.14 -15.32 -13.24
N TYR A 134 14.57 -14.24 -13.74
CA TYR A 134 13.16 -14.14 -14.02
C TYR A 134 12.92 -14.13 -15.52
N GLY A 135 11.67 -14.40 -15.91
CA GLY A 135 11.24 -14.20 -17.27
C GLY A 135 11.15 -12.71 -17.58
N PRO A 136 10.84 -12.38 -18.84
CA PRO A 136 10.88 -10.96 -19.25
C PRO A 136 9.95 -10.04 -18.48
N GLU A 137 8.69 -10.44 -18.25
CA GLU A 137 7.77 -9.57 -17.52
C GLU A 137 8.12 -9.54 -16.04
N ASP A 138 8.25 -10.72 -15.42
CA ASP A 138 8.54 -10.78 -13.99
C ASP A 138 9.81 -10.01 -13.64
N ALA A 139 10.80 -10.02 -14.54
CA ALA A 139 12.03 -9.28 -14.29
C ALA A 139 11.77 -7.77 -14.16
N GLU A 140 10.84 -7.25 -14.96
CA GLU A 140 10.54 -5.82 -14.84
C GLU A 140 9.82 -5.52 -13.53
N VAL A 141 8.93 -6.40 -13.09
CA VAL A 141 8.22 -6.19 -11.83
C VAL A 141 9.20 -6.24 -10.66
N ALA A 142 10.09 -7.24 -10.67
CA ALA A 142 11.07 -7.34 -9.59
C ALA A 142 12.03 -6.16 -9.60
N TYR A 143 12.53 -5.77 -10.78
CA TYR A 143 13.48 -4.66 -10.83
C TYR A 143 12.85 -3.36 -10.35
N GLU A 144 11.63 -3.07 -10.77
CA GLU A 144 10.98 -1.83 -10.31
C GLU A 144 10.84 -1.82 -8.79
N ALA A 145 10.41 -2.94 -8.22
CA ALA A 145 10.29 -3.04 -6.76
C ALA A 145 11.64 -2.81 -6.08
N ALA A 146 12.71 -3.44 -6.60
CA ALA A 146 14.05 -3.23 -6.03
C ALA A 146 14.49 -1.78 -6.17
N ARG A 147 14.32 -1.22 -7.37
CA ARG A 147 14.60 0.20 -7.62
C ARG A 147 13.84 1.10 -6.65
N ALA A 148 12.53 0.89 -6.52
CA ALA A 148 11.73 1.69 -5.59
C ALA A 148 12.27 1.57 -4.16
N PHE A 149 12.70 0.37 -3.76
CA PHE A 149 13.19 0.22 -2.38
C PHE A 149 14.48 1.00 -2.14
N VAL A 150 15.52 0.75 -2.94
CA VAL A 150 16.79 1.40 -2.66
C VAL A 150 16.66 2.92 -2.77
N THR A 151 15.83 3.39 -3.70
CA THR A 151 15.60 4.83 -3.81
C THR A 151 14.93 5.38 -2.56
N SER A 152 13.95 4.64 -2.03
CA SER A 152 13.28 5.07 -0.81
C SER A 152 14.25 5.08 0.36
N ASP A 153 15.02 4.00 0.53
CA ASP A 153 15.99 4.00 1.63
C ASP A 153 16.95 5.16 1.50
N HIS A 154 17.38 5.48 0.28
CA HIS A 154 18.30 6.60 0.10
C HIS A 154 17.60 7.92 0.40
N MET A 155 16.48 8.18 -0.28
CA MET A 155 15.91 9.53 -0.23
C MET A 155 15.34 9.83 1.15
N PHE A 156 15.11 8.82 1.99
CA PHE A 156 14.55 9.13 3.28
C PHE A 156 15.58 9.23 4.41
N ARG A 157 16.85 8.99 4.14
CA ARG A 157 17.86 9.27 5.15
C ARG A 157 17.80 10.76 5.50
N ASP A 158 17.70 11.04 6.80
CA ASP A 158 17.67 12.41 7.36
C ASP A 158 16.31 13.12 7.18
N SER A 159 15.52 12.75 6.14
CA SER A 159 14.28 13.31 5.55
C SER A 159 13.26 13.76 6.59
N PRO A 160 12.73 15.00 6.49
CA PRO A 160 11.61 15.41 7.36
C PRO A 160 10.39 14.49 7.30
N ILE A 161 10.10 13.88 6.15
CA ILE A 161 8.90 13.06 6.06
C ILE A 161 9.04 11.80 6.90
N LYS A 162 10.19 11.14 6.79
CA LYS A 162 10.47 10.02 7.69
C LYS A 162 10.26 10.44 9.15
N ALA A 163 10.70 11.65 9.49
CA ALA A 163 10.54 12.15 10.85
C ALA A 163 9.08 12.12 11.27
N ALA A 164 8.21 12.86 10.57
CA ALA A 164 6.82 12.93 11.00
C ALA A 164 6.15 11.57 10.96
N LEU A 165 6.55 10.71 10.02
CA LEU A 165 5.89 9.40 9.94
C LEU A 165 6.30 8.49 11.11
N CYS A 166 7.54 8.58 11.58
CA CYS A 166 7.99 7.71 12.67
C CYS A 166 7.77 8.30 14.04
N THR A 167 7.38 9.57 14.15
CA THR A 167 7.29 10.21 15.45
C THR A 167 5.86 10.55 15.87
N THR A 168 4.84 10.20 15.07
CA THR A 168 3.51 10.74 15.33
C THR A 168 2.51 9.71 15.84
N SER A 169 2.50 8.49 15.30
CA SER A 169 1.58 7.45 15.77
C SER A 169 2.01 6.12 15.19
N PRO A 170 1.51 5.00 15.74
CA PRO A 170 1.79 3.70 15.08
C PRO A 170 1.21 3.62 13.68
N GLU A 171 0.06 4.26 13.44
CA GLU A 171 -0.52 4.34 12.10
C GLU A 171 0.45 4.90 11.09
N GLN A 172 0.87 6.15 11.30
CA GLN A 172 1.81 6.80 10.39
C GLN A 172 3.04 5.92 10.19
N TYR A 173 3.55 5.35 11.28
CA TYR A 173 4.80 4.59 11.22
C TYR A 173 4.66 3.36 10.34
N PHE A 174 3.64 2.53 10.59
CA PHE A 174 3.49 1.30 9.83
C PHE A 174 3.20 1.58 8.36
N ARG A 175 2.50 2.69 8.08
CA ARG A 175 2.31 3.14 6.71
C ARG A 175 3.64 3.38 6.00
N PHE A 176 4.60 4.03 6.67
CA PHE A 176 5.93 4.21 6.12
C PHE A 176 6.63 2.86 5.89
N ARG A 177 6.44 1.92 6.82
CA ARG A 177 7.21 0.69 6.77
C ARG A 177 6.74 -0.30 5.70
N VAL A 178 5.53 -0.14 5.15
CA VAL A 178 5.11 -1.00 4.03
C VAL A 178 6.18 -1.02 2.95
N THR A 179 6.75 0.14 2.65
CA THR A 179 7.87 0.18 1.72
C THR A 179 9.21 0.05 2.47
N ASP A 180 9.38 0.77 3.58
CA ASP A 180 10.73 0.90 4.14
C ASP A 180 11.27 -0.41 4.75
N ILE A 181 10.42 -1.30 5.27
CA ILE A 181 10.96 -2.59 5.69
C ILE A 181 11.19 -3.51 4.52
N GLY A 182 10.86 -3.09 3.30
CA GLY A 182 11.16 -3.88 2.13
C GLY A 182 10.15 -4.96 1.80
N VAL A 183 9.03 -5.04 2.53
CA VAL A 183 8.10 -6.14 2.31
C VAL A 183 7.31 -6.00 1.01
N ASP A 184 6.97 -4.77 0.57
CA ASP A 184 6.32 -4.67 -0.73
C ASP A 184 7.24 -5.20 -1.82
N PHE A 185 8.51 -4.81 -1.77
CA PHE A 185 9.54 -5.34 -2.65
C PHE A 185 9.58 -6.87 -2.57
N TRP A 186 9.59 -7.40 -1.35
CA TRP A 186 9.64 -8.86 -1.15
C TRP A 186 8.51 -9.59 -1.86
N MET A 187 7.28 -9.11 -1.67
CA MET A 187 6.12 -9.75 -2.31
C MET A 187 6.26 -9.74 -3.83
N LYS A 188 6.64 -8.58 -4.38
CA LYS A 188 6.70 -8.42 -5.83
C LYS A 188 7.85 -9.21 -6.46
N MET A 189 8.90 -9.52 -5.71
CA MET A 189 9.92 -10.40 -6.26
C MET A 189 9.71 -11.87 -5.91
N SER A 190 8.81 -12.17 -4.97
CA SER A 190 8.57 -13.53 -4.53
C SER A 190 7.41 -14.22 -5.25
N TYR A 191 6.46 -13.49 -5.83
CA TYR A 191 5.33 -14.19 -6.44
C TYR A 191 5.77 -15.16 -7.54
N PRO A 192 6.84 -14.93 -8.32
CA PRO A 192 7.23 -15.96 -9.30
C PRO A 192 7.67 -17.28 -8.67
N ILE A 193 8.07 -17.28 -7.40
CA ILE A 193 8.43 -18.52 -6.72
C ILE A 193 7.25 -19.49 -6.72
N TYR A 194 6.04 -18.96 -6.55
CA TYR A 194 4.85 -19.75 -6.28
C TYR A 194 3.93 -19.92 -7.49
N ARG A 195 4.02 -19.03 -8.48
CA ARG A 195 3.14 -19.03 -9.66
C ARG A 195 1.69 -19.35 -9.29
N HIS A 196 1.20 -18.68 -8.25
CA HIS A 196 -0.15 -18.87 -7.74
C HIS A 196 -0.96 -17.62 -8.07
N PRO A 197 -1.91 -17.69 -9.00
CA PRO A 197 -2.57 -16.47 -9.50
C PRO A 197 -3.10 -15.53 -8.41
N GLU A 198 -3.73 -16.08 -7.38
CA GLU A 198 -4.27 -15.22 -6.32
C GLU A 198 -3.15 -14.45 -5.62
N PHE A 199 -2.07 -15.16 -5.23
CA PHE A 199 -0.97 -14.49 -4.54
C PHE A 199 -0.33 -13.43 -5.43
N THR A 200 -0.21 -13.72 -6.72
CA THR A 200 0.38 -12.76 -7.64
C THR A 200 -0.41 -11.45 -7.68
N GLU A 201 -1.74 -11.53 -7.63
CA GLU A 201 -2.54 -10.31 -7.54
C GLU A 201 -2.31 -9.57 -6.23
N HIS A 202 -2.39 -10.27 -5.09
CA HIS A 202 -2.20 -9.58 -3.82
C HIS A 202 -0.82 -8.95 -3.72
N ALA A 203 0.18 -9.61 -4.32
CA ALA A 203 1.51 -9.01 -4.41
C ALA A 203 1.47 -7.74 -5.25
N LYS A 204 0.80 -7.78 -6.39
CA LYS A 204 0.82 -6.65 -7.31
C LYS A 204 0.00 -5.46 -6.82
N THR A 205 -1.09 -5.70 -6.08
CA THR A 205 -1.85 -4.60 -5.47
C THR A 205 -1.20 -4.07 -4.21
N SER A 206 -0.22 -4.79 -3.67
CA SER A 206 0.44 -4.53 -2.39
C SER A 206 -0.45 -4.85 -1.20
N LEU A 207 -1.65 -5.40 -1.41
CA LEU A 207 -2.41 -5.91 -0.27
C LEU A 207 -1.59 -6.96 0.51
N ALA A 208 -0.83 -7.81 -0.18
CA ALA A 208 0.02 -8.79 0.49
C ALA A 208 0.99 -8.09 1.45
N ALA A 209 1.64 -7.03 0.98
CA ALA A 209 2.55 -6.30 1.84
C ALA A 209 1.81 -5.62 2.99
N ARG A 210 0.66 -5.01 2.70
CA ARG A 210 -0.06 -4.29 3.76
C ARG A 210 -0.52 -5.23 4.86
N MET A 211 -0.79 -6.49 4.51
CA MET A 211 -1.26 -7.47 5.49
C MET A 211 -0.14 -7.98 6.40
N THR A 212 1.12 -7.95 5.94
CA THR A 212 2.24 -8.55 6.66
C THR A 212 3.17 -7.53 7.30
N THR A 213 2.97 -6.23 7.02
CA THR A 213 3.91 -5.20 7.48
C THR A 213 4.04 -5.18 9.00
N ARG A 214 2.91 -5.18 9.72
CA ARG A 214 3.02 -5.01 11.17
C ARG A 214 3.71 -6.21 11.81
N GLY A 215 3.39 -7.42 11.36
CA GLY A 215 4.00 -8.60 11.96
C GLY A 215 5.51 -8.60 11.77
N LEU A 216 5.97 -8.28 10.57
CA LEU A 216 7.41 -8.21 10.33
C LEU A 216 8.04 -7.06 11.11
N THR A 217 7.41 -5.89 11.10
CA THR A 217 8.03 -4.69 11.64
C THR A 217 8.11 -4.74 13.16
N ILE A 218 7.05 -5.18 13.83
CA ILE A 218 7.07 -5.17 15.29
C ILE A 218 8.20 -6.07 15.79
N VAL A 219 8.35 -7.24 15.17
CA VAL A 219 9.42 -8.16 15.55
C VAL A 219 10.78 -7.56 15.25
N ASN A 220 10.96 -7.04 14.02
CA ASN A 220 12.25 -6.45 13.68
C ASN A 220 12.59 -5.32 14.62
N ASP A 221 11.62 -4.44 14.91
CA ASP A 221 11.87 -3.27 15.75
C ASP A 221 12.27 -3.67 17.17
N PHE A 222 11.63 -4.69 17.73
CA PHE A 222 12.00 -5.05 19.08
C PHE A 222 13.47 -5.46 19.15
N TYR A 223 13.91 -6.33 18.25
CA TYR A 223 15.24 -6.88 18.36
C TYR A 223 16.33 -6.03 17.74
N SER A 224 15.98 -5.02 16.93
CA SER A 224 16.99 -4.12 16.38
C SER A 224 17.02 -2.77 17.09
N TYR A 225 16.18 -2.61 18.13
CA TYR A 225 16.07 -1.34 18.84
C TYR A 225 17.41 -0.86 19.37
N ASP A 226 18.15 -1.74 20.05
CA ASP A 226 19.40 -1.31 20.68
C ASP A 226 20.39 -0.78 19.64
N ARG A 227 20.56 -1.51 18.53
CA ARG A 227 21.47 -1.04 17.47
C ARG A 227 20.95 0.26 16.85
N GLU A 228 19.64 0.36 16.65
CA GLU A 228 19.15 1.52 15.92
C GLU A 228 19.26 2.79 16.75
N VAL A 229 18.81 2.74 18.01
CA VAL A 229 19.07 3.86 18.91
C VAL A 229 20.56 4.18 18.95
N SER A 230 21.40 3.13 19.03
CA SER A 230 22.85 3.33 18.96
C SER A 230 23.28 4.21 17.79
N LEU A 231 22.82 3.90 16.58
CA LEU A 231 23.32 4.56 15.38
C LEU A 231 22.52 5.80 14.99
N GLY A 232 21.53 6.21 15.79
CA GLY A 232 20.73 7.37 15.50
C GLY A 232 19.55 7.15 14.59
N GLN A 233 19.10 5.89 14.42
CA GLN A 233 18.03 5.58 13.47
C GLN A 233 16.65 5.64 14.14
N ILE A 234 15.78 6.53 13.67
CA ILE A 234 14.49 6.74 14.33
C ILE A 234 13.40 5.80 13.83
N THR A 235 13.69 4.94 12.86
CA THR A 235 12.66 4.11 12.25
C THR A 235 12.47 2.85 13.10
N ASN A 236 11.73 3.01 14.19
CA ASN A 236 11.53 1.94 15.17
C ASN A 236 10.31 2.28 16.02
N CYS A 237 9.28 1.43 15.99
CA CYS A 237 8.05 1.80 16.68
C CYS A 237 8.19 1.86 18.20
N PHE A 238 9.18 1.16 18.79
CA PHE A 238 9.31 1.26 20.24
C PHE A 238 9.86 2.61 20.67
N ARG A 239 10.35 3.44 19.75
CA ARG A 239 10.62 4.83 20.08
C ARG A 239 9.33 5.61 20.36
N LEU A 240 8.17 5.05 20.06
CA LEU A 240 6.87 5.72 20.22
C LEU A 240 6.30 5.59 21.63
N CYS A 241 6.70 4.58 22.41
CA CYS A 241 6.35 4.53 23.82
C CYS A 241 7.60 4.84 24.63
N ASP A 242 7.42 4.87 25.95
CA ASP A 242 8.50 5.13 26.89
C ASP A 242 9.02 3.78 27.40
N VAL A 243 10.11 3.26 26.80
CA VAL A 243 10.58 1.93 27.17
C VAL A 243 11.18 1.91 28.58
N SER A 244 11.44 3.07 29.17
CA SER A 244 12.00 3.11 30.52
C SER A 244 10.98 2.83 31.60
N ASP A 245 9.73 2.56 31.26
CA ASP A 245 8.69 2.35 32.27
C ASP A 245 7.90 1.09 31.93
N GLU A 246 8.08 0.07 32.79
CA GLU A 246 7.59 -1.28 32.50
C GLU A 246 6.10 -1.27 32.18
N THR A 247 5.31 -0.56 32.98
CA THR A 247 3.87 -0.51 32.72
C THR A 247 3.58 0.06 31.35
N ALA A 248 4.19 1.19 30.99
CA ALA A 248 3.94 1.80 29.68
C ALA A 248 4.47 0.94 28.56
N PHE A 249 5.70 0.43 28.69
CA PHE A 249 6.21 -0.51 27.69
C PHE A 249 5.25 -1.69 27.53
N LYS A 250 4.79 -2.24 28.65
CA LYS A 250 3.93 -3.42 28.65
C LYS A 250 2.65 -3.16 27.88
N GLU A 251 2.05 -2.00 28.11
CA GLU A 251 0.81 -1.64 27.40
C GLU A 251 1.07 -1.48 25.91
N PHE A 252 2.17 -0.82 25.56
CA PHE A 252 2.49 -0.61 24.16
C PHE A 252 2.79 -1.94 23.49
N PHE A 253 3.57 -2.78 24.18
CA PHE A 253 3.89 -4.09 23.62
C PHE A 253 2.64 -4.92 23.44
N GLN A 254 1.73 -4.91 24.43
CA GLN A 254 0.46 -5.60 24.25
C GLN A 254 -0.26 -5.10 23.01
N ALA A 255 -0.34 -3.77 22.86
CA ALA A 255 -1.10 -3.23 21.73
C ALA A 255 -0.49 -3.67 20.41
N ARG A 256 0.84 -3.80 20.38
CA ARG A 256 1.51 -4.30 19.18
C ARG A 256 1.23 -5.79 19.00
N LEU A 257 1.17 -6.57 20.09
CA LEU A 257 0.76 -7.96 19.96
C LEU A 257 -0.65 -8.07 19.41
N ASP A 258 -1.60 -7.33 20.00
CA ASP A 258 -2.98 -7.34 19.52
C ASP A 258 -3.05 -7.00 18.04
N ASP A 259 -2.21 -6.05 17.60
CA ASP A 259 -2.10 -5.73 16.17
C ASP A 259 -1.70 -6.95 15.35
N MET A 260 -0.63 -7.64 15.78
CA MET A 260 -0.17 -8.81 15.04
C MET A 260 -1.26 -9.85 14.93
N ILE A 261 -1.96 -10.10 16.04
CA ILE A 261 -3.00 -11.12 16.07
C ILE A 261 -4.12 -10.75 15.11
N GLU A 262 -4.53 -9.48 15.15
CA GLU A 262 -5.59 -9.01 14.26
C GLU A 262 -5.22 -9.25 12.79
N ASP A 263 -4.01 -8.92 12.39
CA ASP A 263 -3.59 -9.17 11.02
C ASP A 263 -3.59 -10.68 10.72
N ILE A 264 -3.03 -11.48 11.62
CA ILE A 264 -2.96 -12.92 11.37
C ILE A 264 -4.36 -13.50 11.23
N GLU A 265 -5.28 -13.08 12.09
CA GLU A 265 -6.65 -13.59 12.03
C GLU A 265 -7.32 -13.23 10.70
N CYS A 266 -7.08 -12.02 10.19
CA CYS A 266 -7.65 -11.66 8.88
C CYS A 266 -6.92 -12.35 7.74
N ILE A 267 -5.62 -12.60 7.88
CA ILE A 267 -4.90 -13.35 6.85
C ILE A 267 -5.53 -14.73 6.62
N LYS A 268 -6.20 -15.28 7.64
CA LYS A 268 -6.83 -16.60 7.50
C LYS A 268 -8.07 -16.58 6.61
N ALA A 269 -8.52 -15.39 6.20
CA ALA A 269 -9.57 -15.29 5.19
C ALA A 269 -9.04 -15.51 3.79
N PHE A 270 -7.74 -15.37 3.59
CA PHE A 270 -7.20 -15.56 2.26
C PHE A 270 -7.19 -17.06 1.91
N ASP A 271 -7.00 -17.34 0.62
CA ASP A 271 -6.95 -18.73 0.17
C ASP A 271 -5.79 -19.46 0.85
N GLN A 272 -5.88 -20.78 0.93
CA GLN A 272 -5.00 -21.51 1.84
C GLN A 272 -3.53 -21.49 1.41
N LEU A 273 -3.24 -21.28 0.13
CA LEU A 273 -1.83 -21.17 -0.26
C LEU A 273 -1.30 -19.79 0.11
N THR A 274 -2.04 -18.74 -0.25
CA THR A 274 -1.63 -17.38 0.08
C THR A 274 -1.47 -17.22 1.58
N GLN A 275 -2.43 -17.73 2.35
CA GLN A 275 -2.35 -17.67 3.80
C GLN A 275 -1.06 -18.31 4.30
N ASP A 276 -0.69 -19.46 3.73
CA ASP A 276 0.55 -20.12 4.15
C ASP A 276 1.76 -19.22 3.92
N VAL A 277 1.84 -18.60 2.72
CA VAL A 277 2.97 -17.74 2.40
C VAL A 277 3.02 -16.53 3.33
N PHE A 278 1.88 -15.87 3.55
CA PHE A 278 1.85 -14.72 4.47
C PHE A 278 2.35 -15.12 5.86
N LEU A 279 1.83 -16.23 6.39
CA LEU A 279 2.11 -16.59 7.78
C LEU A 279 3.53 -17.14 7.95
N ASP A 280 4.00 -17.93 6.98
CA ASP A 280 5.40 -18.36 7.01
C ASP A 280 6.33 -17.17 6.99
N LEU A 281 5.93 -16.12 6.27
CA LEU A 281 6.73 -14.91 6.22
C LEU A 281 6.86 -14.27 7.59
N ILE A 282 5.73 -14.06 8.29
CA ILE A 282 5.78 -13.38 9.58
C ILE A 282 6.47 -14.24 10.62
N TYR A 283 6.09 -15.51 10.70
CA TYR A 283 6.65 -16.40 11.72
C TYR A 283 8.11 -16.75 11.39
N GLY A 284 8.40 -16.99 10.11
CA GLY A 284 9.78 -17.24 9.72
C GLY A 284 10.69 -16.08 10.06
N ASN A 285 10.22 -14.85 9.83
CA ASN A 285 11.05 -13.70 10.18
C ASN A 285 11.36 -13.68 11.67
N PHE A 286 10.40 -14.07 12.50
CA PHE A 286 10.64 -14.12 13.94
C PHE A 286 11.69 -15.19 14.27
N VAL A 287 11.57 -16.36 13.67
CA VAL A 287 12.53 -17.43 13.97
C VAL A 287 13.93 -17.01 13.55
N TRP A 288 14.05 -16.44 12.35
CA TRP A 288 15.36 -15.99 11.87
C TRP A 288 15.91 -14.86 12.72
N THR A 289 15.06 -13.88 13.06
CA THR A 289 15.49 -12.73 13.85
C THR A 289 16.09 -13.17 15.20
N THR A 290 15.46 -14.13 15.86
CA THR A 290 15.93 -14.53 17.19
C THR A 290 17.10 -15.52 17.15
N SER A 291 17.52 -16.00 15.99
CA SER A 291 18.69 -16.87 15.92
C SER A 291 19.82 -16.26 15.10
N ASN A 292 19.81 -14.93 14.92
CA ASN A 292 20.74 -14.22 14.06
C ASN A 292 21.54 -13.21 14.88
N LYS A 293 22.86 -13.37 14.89
CA LYS A 293 23.77 -12.46 15.60
C LYS A 293 23.51 -11.00 15.25
N ARG A 294 22.96 -10.75 14.06
CA ARG A 294 22.61 -9.37 13.68
C ARG A 294 21.77 -8.70 14.76
N TYR A 295 20.91 -9.46 15.43
CA TYR A 295 19.96 -8.93 16.40
C TYR A 295 20.28 -9.35 17.83
N LYS A 296 21.57 -9.31 18.22
CA LYS A 296 22.08 -9.73 19.52
C LYS A 296 23.29 -8.89 19.95
N THR A 297 23.10 -7.74 20.57
CA THR A 297 24.09 -6.67 20.78
C THR A 297 24.34 -5.88 19.49
N ALA A 298 24.65 -4.59 19.69
CA ALA A 298 24.21 -3.55 18.77
C ALA A 298 25.16 -3.38 17.59
N VAL A 299 26.44 -3.68 17.78
CA VAL A 299 27.42 -3.57 16.70
C VAL A 299 28.25 -4.85 16.66
N ASN A 300 28.48 -5.39 15.46
CA ASN A 300 29.28 -6.58 15.28
C ASN A 300 29.55 -6.77 13.78
N ASP A 301 30.02 -7.96 13.40
CA ASP A 301 30.54 -8.13 12.05
C ASP A 301 29.45 -8.38 11.00
N VAL A 302 28.19 -8.64 11.39
CA VAL A 302 27.09 -8.72 10.44
C VAL A 302 25.96 -7.74 10.75
N ASN A 303 26.27 -6.57 11.33
CA ASN A 303 25.31 -5.46 11.38
C ASN A 303 25.97 -4.10 11.48
N SER A 304 27.30 -4.05 11.50
CA SER A 304 28.02 -2.78 11.61
C SER A 304 27.72 -1.92 10.40
N ARG A 305 27.48 -0.63 10.65
CA ARG A 305 27.32 0.33 9.57
C ARG A 305 28.51 0.26 8.62
N ILE A 306 28.21 0.18 7.33
CA ILE A 306 29.24 0.17 6.30
C ILE A 306 29.54 1.63 5.99
N GLN A 307 30.67 2.13 6.51
CA GLN A 307 30.92 3.59 6.54
C GLN A 307 31.37 4.17 5.19
N GLY B 9 -41.95 -8.83 7.50
CA GLY B 9 -41.26 -8.27 8.65
C GLY B 9 -40.24 -7.21 8.29
N ALA B 10 -40.60 -5.96 8.56
CA ALA B 10 -39.64 -4.89 8.33
C ALA B 10 -38.35 -5.14 9.08
N GLN B 11 -37.22 -4.68 8.56
CA GLN B 11 -35.98 -4.86 9.28
C GLN B 11 -35.47 -3.51 9.78
N ASP B 12 -34.24 -3.19 9.43
CA ASP B 12 -33.53 -2.10 10.07
C ASP B 12 -33.49 -0.90 9.13
N ILE B 13 -34.67 -0.29 8.91
CA ILE B 13 -34.66 1.05 8.31
C ILE B 13 -33.65 1.92 9.04
N GLY B 14 -33.64 1.87 10.37
CA GLY B 14 -32.91 2.85 11.17
C GLY B 14 -31.43 2.94 10.86
N ARG B 15 -30.76 1.80 10.67
CA ARG B 15 -29.34 1.78 10.37
C ARG B 15 -29.06 1.89 8.87
N SER B 16 -30.08 2.12 8.07
CA SER B 16 -29.98 2.08 6.62
C SER B 16 -29.62 3.42 5.99
N SER B 17 -29.35 4.46 6.79
CA SER B 17 -29.24 5.80 6.23
C SER B 17 -28.43 6.69 7.16
N VAL B 18 -27.60 7.56 6.58
CA VAL B 18 -26.97 8.61 7.38
C VAL B 18 -27.63 9.96 7.13
N ARG B 19 -28.80 9.98 6.48
CA ARG B 19 -29.55 11.21 6.26
C ARG B 19 -29.71 12.08 7.50
N PRO B 20 -29.98 11.54 8.70
CA PRO B 20 -30.09 12.41 9.87
C PRO B 20 -28.83 13.21 10.19
N TYR B 21 -27.67 12.77 9.75
CA TYR B 21 -26.40 13.41 10.08
C TYR B 21 -25.84 14.24 8.94
N LEU B 22 -26.59 14.34 7.85
CA LEU B 22 -26.05 14.88 6.60
C LEU B 22 -25.57 16.33 6.77
N GLU B 23 -26.40 17.19 7.35
CA GLU B 23 -26.00 18.59 7.42
C GLU B 23 -24.84 18.80 8.39
N GLU B 24 -24.91 18.20 9.57
CA GLU B 24 -23.88 18.46 10.56
C GLU B 24 -22.54 17.84 10.15
N CYS B 25 -22.55 16.66 9.54
CA CYS B 25 -21.30 16.07 9.09
C CYS B 25 -20.68 16.87 7.95
N THR B 26 -21.50 17.33 7.02
CA THR B 26 -20.99 18.16 5.93
C THR B 26 -20.30 19.40 6.50
N ARG B 27 -20.98 20.08 7.41
CA ARG B 27 -20.43 21.23 8.11
C ARG B 27 -19.11 20.88 8.80
N ARG B 28 -19.08 19.73 9.47
CA ARG B 28 -17.88 19.31 10.19
C ARG B 28 -16.71 19.05 9.26
N PHE B 29 -16.93 18.28 8.19
CA PHE B 29 -15.89 18.09 7.18
C PHE B 29 -15.33 19.43 6.72
N GLN B 30 -16.21 20.33 6.30
CA GLN B 30 -15.76 21.61 5.77
C GLN B 30 -14.95 22.38 6.79
N GLU B 31 -15.40 22.41 8.05
CA GLU B 31 -14.65 23.13 9.07
C GLU B 31 -13.28 22.52 9.25
N MET B 32 -13.20 21.19 9.19
CA MET B 32 -11.92 20.52 9.32
C MET B 32 -10.97 20.95 8.21
N PHE B 33 -11.44 20.93 6.95
CA PHE B 33 -10.60 21.40 5.85
C PHE B 33 -10.19 22.85 6.05
N ASP B 34 -11.12 23.70 6.49
CA ASP B 34 -10.79 25.12 6.64
C ASP B 34 -9.72 25.33 7.71
N ARG B 35 -9.73 24.50 8.75
CA ARG B 35 -8.76 24.65 9.83
C ARG B 35 -7.41 23.99 9.49
N HIS B 36 -7.38 23.00 8.60
CA HIS B 36 -6.14 22.25 8.36
C HIS B 36 -5.59 22.34 6.94
N VAL B 37 -6.44 22.49 5.92
CA VAL B 37 -5.99 22.63 4.54
C VAL B 37 -6.01 24.08 4.08
N VAL B 38 -7.01 24.85 4.52
CA VAL B 38 -7.07 26.31 4.44
C VAL B 38 -7.46 26.75 3.03
N THR B 39 -6.67 26.39 1.99
CA THR B 39 -7.00 26.85 0.65
C THR B 39 -7.85 25.81 -0.07
N ARG B 40 -8.55 26.26 -1.09
CA ARG B 40 -9.62 25.46 -1.65
C ARG B 40 -9.22 24.91 -3.02
N PRO B 41 -9.67 23.69 -3.33
CA PRO B 41 -9.40 23.08 -4.64
C PRO B 41 -9.63 24.04 -5.79
N THR B 42 -8.94 23.75 -6.90
CA THR B 42 -9.29 24.33 -8.20
C THR B 42 -9.97 23.27 -9.04
N LYS B 43 -10.91 23.70 -9.89
CA LYS B 43 -11.49 22.82 -10.90
C LYS B 43 -10.82 23.09 -12.24
N VAL B 44 -10.36 22.02 -12.88
CA VAL B 44 -10.00 22.06 -14.29
C VAL B 44 -11.27 22.20 -15.11
N GLU B 45 -11.24 23.09 -16.09
CA GLU B 45 -12.43 23.45 -16.84
C GLU B 45 -12.21 23.17 -18.32
N LEU B 46 -12.23 21.89 -18.69
CA LEU B 46 -12.13 21.50 -20.09
C LEU B 46 -13.25 22.15 -20.89
N THR B 47 -12.99 22.46 -22.15
CA THR B 47 -14.13 22.80 -22.97
C THR B 47 -15.01 21.57 -23.16
N ASP B 48 -16.24 21.85 -23.54
CA ASP B 48 -17.22 20.84 -23.88
C ASP B 48 -16.79 20.00 -25.09
N ALA B 49 -15.67 20.33 -25.74
CA ALA B 49 -15.17 19.50 -26.84
C ALA B 49 -13.92 18.74 -26.41
N GLU B 50 -13.11 19.35 -25.55
CA GLU B 50 -12.13 18.56 -24.81
C GLU B 50 -12.83 17.45 -24.03
N LEU B 51 -14.01 17.75 -23.50
CA LEU B 51 -14.73 16.77 -22.70
C LEU B 51 -15.38 15.70 -23.57
N ARG B 52 -16.01 16.08 -24.69
CA ARG B 52 -16.69 15.06 -25.48
C ARG B 52 -15.67 14.21 -26.24
N GLU B 53 -14.43 14.70 -26.38
CA GLU B 53 -13.34 13.84 -26.85
C GLU B 53 -13.01 12.76 -25.84
N VAL B 54 -12.66 13.17 -24.62
CA VAL B 54 -12.51 12.22 -23.53
C VAL B 54 -13.70 11.26 -23.51
N ILE B 55 -14.90 11.79 -23.73
CA ILE B 55 -16.11 10.96 -23.72
C ILE B 55 -16.18 10.04 -24.93
N ASP B 56 -15.79 10.54 -26.13
CA ASP B 56 -15.66 9.67 -27.29
C ASP B 56 -14.84 8.44 -26.94
N ASP B 57 -13.69 8.66 -26.30
CA ASP B 57 -12.76 7.57 -26.03
C ASP B 57 -13.22 6.71 -24.87
N CYS B 58 -13.95 7.30 -23.91
CA CYS B 58 -14.65 6.49 -22.90
C CYS B 58 -15.70 5.58 -23.53
N ASN B 59 -16.54 6.14 -24.42
CA ASN B 59 -17.57 5.33 -25.06
C ASN B 59 -16.95 4.21 -25.87
N ALA B 60 -15.86 4.49 -26.58
CA ALA B 60 -15.18 3.44 -27.33
C ALA B 60 -14.74 2.32 -26.40
N ALA B 61 -14.24 2.67 -25.23
CA ALA B 61 -13.63 1.68 -24.34
C ALA B 61 -14.68 0.75 -23.74
N VAL B 62 -15.91 1.23 -23.54
CA VAL B 62 -16.92 0.40 -22.90
C VAL B 62 -17.95 -0.13 -23.87
N ALA B 63 -17.99 0.37 -25.10
CA ALA B 63 -18.98 -0.10 -26.07
C ALA B 63 -19.02 -1.62 -26.22
N PRO B 64 -17.90 -2.33 -26.37
CA PRO B 64 -18.00 -3.80 -26.47
C PRO B 64 -18.63 -4.47 -25.27
N LEU B 65 -18.70 -3.81 -24.11
CA LEU B 65 -19.33 -4.43 -22.95
C LEU B 65 -20.86 -4.38 -23.02
N GLY B 66 -21.44 -3.54 -23.88
CA GLY B 66 -22.85 -3.61 -24.23
C GLY B 66 -23.75 -2.60 -23.57
N LYS B 67 -23.22 -1.66 -22.81
CA LYS B 67 -24.02 -0.79 -21.97
C LYS B 67 -23.82 0.66 -22.39
N THR B 68 -24.92 1.35 -22.69
CA THR B 68 -24.88 2.78 -22.97
C THR B 68 -24.55 3.54 -21.69
N VAL B 69 -23.73 4.58 -21.83
CA VAL B 69 -23.45 5.52 -20.74
C VAL B 69 -23.74 6.94 -21.26
N SER B 70 -24.62 7.65 -20.59
CA SER B 70 -25.00 9.00 -20.99
C SER B 70 -23.85 9.97 -20.74
N ASP B 71 -23.87 11.10 -21.48
CA ASP B 71 -22.89 12.15 -21.22
C ASP B 71 -23.02 12.70 -19.81
N GLU B 72 -24.26 12.78 -19.29
CA GLU B 72 -24.42 13.23 -17.91
C GLU B 72 -23.70 12.28 -16.95
N ARG B 73 -23.74 10.97 -17.23
CA ARG B 73 -23.07 10.00 -16.37
C ARG B 73 -21.57 10.11 -16.50
N TRP B 74 -21.06 10.26 -17.72
CA TRP B 74 -19.62 10.48 -17.90
C TRP B 74 -19.16 11.72 -17.17
N ILE B 75 -19.94 12.80 -17.22
CA ILE B 75 -19.52 14.05 -16.62
C ILE B 75 -19.56 13.95 -15.11
N SER B 76 -20.46 13.14 -14.57
CA SER B 76 -20.47 12.89 -13.13
C SER B 76 -19.22 12.13 -12.69
N TYR B 77 -18.86 11.06 -13.43
CA TYR B 77 -17.60 10.36 -13.15
C TYR B 77 -16.41 11.30 -13.26
N VAL B 78 -16.38 12.16 -14.29
CA VAL B 78 -15.15 12.88 -14.59
C VAL B 78 -14.90 14.02 -13.64
N GLY B 79 -15.95 14.51 -12.95
CA GLY B 79 -15.79 15.64 -12.05
C GLY B 79 -14.73 15.45 -10.99
N VAL B 80 -14.52 14.20 -10.53
CA VAL B 80 -13.51 13.99 -9.49
C VAL B 80 -12.14 14.37 -10.02
N VAL B 81 -11.85 14.08 -11.29
CA VAL B 81 -10.55 14.46 -11.85
C VAL B 81 -10.48 15.98 -12.02
N LEU B 82 -11.56 16.60 -12.51
CA LEU B 82 -11.55 18.05 -12.70
C LEU B 82 -11.32 18.80 -11.40
N TRP B 83 -11.87 18.29 -10.29
CA TRP B 83 -11.79 18.97 -9.00
C TRP B 83 -10.61 18.56 -8.12
N SER B 84 -10.06 17.37 -8.31
CA SER B 84 -9.15 16.82 -7.31
C SER B 84 -7.72 16.66 -7.81
N GLN B 85 -7.41 17.11 -9.02
CA GLN B 85 -6.02 17.23 -9.41
C GLN B 85 -5.51 18.57 -8.88
N SER B 86 -4.36 19.03 -9.36
CA SER B 86 -3.77 20.27 -8.86
C SER B 86 -3.41 21.12 -10.05
N PRO B 87 -4.33 21.97 -10.53
CA PRO B 87 -4.19 22.55 -11.89
C PRO B 87 -2.98 23.43 -12.07
N ARG B 88 -2.54 24.15 -11.03
CA ARG B 88 -1.39 25.03 -11.21
C ARG B 88 -0.10 24.28 -11.49
N HIS B 89 -0.03 23.00 -11.11
CA HIS B 89 1.16 22.20 -11.31
C HIS B 89 1.06 21.28 -12.52
N ILE B 90 0.00 21.42 -13.34
CA ILE B 90 -0.17 20.54 -14.49
C ILE B 90 0.82 20.90 -15.59
N LYS B 91 1.61 19.93 -16.03
CA LYS B 91 2.46 20.10 -17.20
C LYS B 91 2.00 19.29 -18.41
N ASP B 92 1.49 18.09 -18.20
CA ASP B 92 1.19 17.14 -19.27
C ASP B 92 -0.32 17.05 -19.41
N MET B 93 -0.93 17.83 -20.32
CA MET B 93 -2.39 17.77 -20.44
C MET B 93 -2.87 16.50 -21.11
N GLU B 94 -2.03 15.83 -21.91
CA GLU B 94 -2.41 14.53 -22.43
C GLU B 94 -2.53 13.49 -21.32
N ALA B 95 -1.57 13.48 -20.38
CA ALA B 95 -1.70 12.65 -19.19
C ALA B 95 -2.96 12.99 -18.39
N PHE B 96 -3.29 14.29 -18.27
CA PHE B 96 -4.49 14.66 -17.54
C PHE B 96 -5.73 14.06 -18.20
N LYS B 97 -5.79 14.10 -19.53
CA LYS B 97 -6.89 13.48 -20.26
C LYS B 97 -6.91 11.97 -20.10
N ALA B 98 -5.73 11.33 -20.11
CA ALA B 98 -5.66 9.91 -19.77
C ALA B 98 -6.36 9.63 -18.46
N VAL B 99 -6.09 10.43 -17.43
CA VAL B 99 -6.68 10.16 -16.13
C VAL B 99 -8.18 10.40 -16.15
N CYS B 100 -8.65 11.42 -16.89
CA CYS B 100 -10.10 11.57 -17.08
C CYS B 100 -10.70 10.30 -17.67
N VAL B 101 -10.12 9.80 -18.77
CA VAL B 101 -10.68 8.61 -19.41
C VAL B 101 -10.56 7.39 -18.49
N LEU B 102 -9.37 7.15 -17.95
CA LEU B 102 -9.15 5.94 -17.16
C LEU B 102 -10.00 5.94 -15.89
N ASN B 103 -10.08 7.08 -15.21
CA ASN B 103 -11.00 7.21 -14.09
C ASN B 103 -12.42 6.84 -14.49
N CYS B 104 -12.89 7.37 -15.62
CA CYS B 104 -14.31 7.21 -15.96
C CYS B 104 -14.65 5.78 -16.36
N VAL B 105 -13.82 5.14 -17.18
CA VAL B 105 -14.22 3.81 -17.65
C VAL B 105 -14.10 2.78 -16.54
N THR B 106 -13.17 2.97 -15.59
CA THR B 106 -13.15 2.05 -14.45
C THR B 106 -14.21 2.39 -13.41
N PHE B 107 -14.73 3.61 -13.41
CA PHE B 107 -15.96 3.90 -12.66
C PHE B 107 -17.12 3.06 -13.18
N VAL B 108 -17.27 2.99 -14.52
CA VAL B 108 -18.29 2.12 -15.11
C VAL B 108 -18.12 0.69 -14.63
N TRP B 109 -16.89 0.18 -14.70
CA TRP B 109 -16.56 -1.16 -14.21
C TRP B 109 -17.01 -1.35 -12.77
N ASP B 110 -16.71 -0.38 -11.91
CA ASP B 110 -17.17 -0.36 -10.52
C ASP B 110 -18.69 -0.51 -10.41
N ASP B 111 -19.44 0.12 -11.32
CA ASP B 111 -20.90 0.15 -11.25
C ASP B 111 -21.56 -1.03 -11.98
N MET B 112 -20.80 -1.92 -12.59
CA MET B 112 -21.36 -3.02 -13.36
C MET B 112 -21.52 -4.28 -12.52
N ASP B 113 -22.60 -5.01 -12.79
CA ASP B 113 -22.72 -6.37 -12.30
C ASP B 113 -21.54 -7.20 -12.84
N PRO B 114 -20.98 -8.10 -12.04
CA PRO B 114 -19.75 -8.79 -12.45
C PRO B 114 -19.88 -9.70 -13.67
N ALA B 115 -21.11 -10.10 -14.05
CA ALA B 115 -21.31 -10.89 -15.27
C ALA B 115 -20.94 -10.11 -16.52
N LEU B 116 -20.81 -8.79 -16.40
CA LEU B 116 -20.46 -7.92 -17.50
C LEU B 116 -18.96 -7.71 -17.63
N HIS B 117 -18.18 -8.20 -16.67
CA HIS B 117 -16.75 -7.91 -16.57
C HIS B 117 -15.96 -8.84 -17.48
N ASP B 118 -15.92 -8.52 -18.76
CA ASP B 118 -15.20 -9.33 -19.75
C ASP B 118 -13.79 -8.76 -19.89
N PHE B 119 -12.85 -9.37 -19.18
CA PHE B 119 -11.46 -8.92 -19.24
C PHE B 119 -10.92 -8.99 -20.66
N GLY B 120 -11.27 -10.07 -21.38
CA GLY B 120 -10.81 -10.20 -22.75
C GLY B 120 -11.34 -9.13 -23.66
N LEU B 121 -12.49 -8.54 -23.31
CA LEU B 121 -13.01 -7.45 -24.13
C LEU B 121 -12.56 -6.08 -23.64
N PHE B 122 -12.20 -5.96 -22.35
CA PHE B 122 -11.97 -4.64 -21.78
C PHE B 122 -10.48 -4.31 -21.60
N LEU B 123 -9.66 -5.25 -21.14
CA LEU B 123 -8.23 -4.93 -20.98
C LEU B 123 -7.57 -4.39 -22.25
N PRO B 124 -7.85 -4.91 -23.46
CA PRO B 124 -7.25 -4.29 -24.65
C PRO B 124 -7.62 -2.83 -24.84
N GLN B 125 -8.83 -2.42 -24.45
CA GLN B 125 -9.19 -1.01 -24.51
C GLN B 125 -8.38 -0.17 -23.51
N LEU B 126 -8.15 -0.72 -22.31
CA LEU B 126 -7.34 0.01 -21.34
C LEU B 126 -5.90 0.19 -21.84
N ARG B 127 -5.41 -0.76 -22.64
CA ARG B 127 -4.10 -0.57 -23.26
C ARG B 127 -4.15 0.46 -24.38
N LYS B 128 -5.20 0.44 -25.21
CA LYS B 128 -5.32 1.46 -26.24
C LYS B 128 -5.35 2.85 -25.62
N ILE B 129 -5.97 2.98 -24.44
CA ILE B 129 -6.05 4.27 -23.78
C ILE B 129 -4.66 4.71 -23.32
N CYS B 130 -3.96 3.85 -22.59
CA CYS B 130 -2.67 4.26 -22.05
C CYS B 130 -1.67 4.61 -23.15
N GLU B 131 -1.82 3.99 -24.32
CA GLU B 131 -0.94 4.29 -25.43
C GLU B 131 -1.35 5.57 -26.16
N LYS B 132 -2.65 5.87 -26.20
CA LYS B 132 -3.09 7.13 -26.80
C LYS B 132 -2.44 8.32 -26.10
N TYR B 133 -2.28 8.24 -24.78
CA TYR B 133 -2.04 9.44 -23.98
C TYR B 133 -0.66 9.49 -23.32
N TYR B 134 0.03 8.35 -23.13
CA TYR B 134 1.25 8.32 -22.34
C TYR B 134 2.48 7.93 -23.14
N GLY B 135 3.62 8.51 -22.73
CA GLY B 135 4.92 7.99 -23.12
C GLY B 135 5.07 6.53 -22.80
N PRO B 136 5.82 5.80 -23.63
CA PRO B 136 5.75 4.32 -23.58
C PRO B 136 6.02 3.69 -22.22
N GLU B 137 6.85 4.31 -21.38
CA GLU B 137 7.12 3.72 -20.08
C GLU B 137 6.00 4.03 -19.08
N ASP B 138 5.51 5.27 -19.05
CA ASP B 138 4.40 5.60 -18.15
C ASP B 138 3.13 4.85 -18.55
N ALA B 139 3.02 4.48 -19.84
CA ALA B 139 1.90 3.67 -20.27
C ALA B 139 1.90 2.31 -19.58
N GLU B 140 3.09 1.75 -19.35
CA GLU B 140 3.13 0.45 -18.69
C GLU B 140 2.71 0.56 -17.22
N VAL B 141 3.17 1.62 -16.53
CA VAL B 141 2.78 1.83 -15.14
C VAL B 141 1.28 2.08 -15.04
N ALA B 142 0.73 2.95 -15.89
CA ALA B 142 -0.70 3.25 -15.80
C ALA B 142 -1.55 2.05 -16.17
N TYR B 143 -1.19 1.33 -17.24
CA TYR B 143 -1.93 0.12 -17.58
C TYR B 143 -1.91 -0.90 -16.44
N GLU B 144 -0.73 -1.17 -15.86
CA GLU B 144 -0.66 -2.16 -14.77
C GLU B 144 -1.54 -1.74 -13.60
N ALA B 145 -1.52 -0.46 -13.26
CA ALA B 145 -2.39 0.01 -12.18
C ALA B 145 -3.86 -0.13 -12.54
N ALA B 146 -4.23 0.19 -13.80
CA ALA B 146 -5.63 0.06 -14.20
C ALA B 146 -6.06 -1.41 -14.22
N ARG B 147 -5.22 -2.28 -14.79
CA ARG B 147 -5.50 -3.72 -14.79
C ARG B 147 -5.69 -4.25 -13.38
N ALA B 148 -4.79 -3.89 -12.48
CA ALA B 148 -4.87 -4.41 -11.12
C ALA B 148 -6.13 -3.90 -10.41
N PHE B 149 -6.52 -2.65 -10.68
CA PHE B 149 -7.74 -2.17 -10.05
C PHE B 149 -8.97 -2.92 -10.56
N VAL B 150 -9.13 -3.06 -11.89
CA VAL B 150 -10.34 -3.73 -12.35
C VAL B 150 -10.31 -5.21 -11.98
N THR B 151 -9.13 -5.82 -11.92
CA THR B 151 -9.06 -7.20 -11.43
C THR B 151 -9.44 -7.28 -9.95
N SER B 152 -8.94 -6.35 -9.14
CA SER B 152 -9.31 -6.34 -7.72
C SER B 152 -10.80 -6.12 -7.53
N ASP B 153 -11.38 -5.10 -8.19
CA ASP B 153 -12.79 -4.83 -7.98
C ASP B 153 -13.64 -6.03 -8.37
N HIS B 154 -13.23 -6.78 -9.39
CA HIS B 154 -14.02 -7.94 -9.84
C HIS B 154 -13.91 -9.09 -8.87
N MET B 155 -12.69 -9.49 -8.53
CA MET B 155 -12.49 -10.71 -7.77
C MET B 155 -13.00 -10.60 -6.35
N PHE B 156 -12.99 -9.39 -5.79
CA PHE B 156 -13.40 -9.25 -4.42
C PHE B 156 -14.89 -9.06 -4.27
N ARG B 157 -15.65 -9.07 -5.36
CA ARG B 157 -17.06 -8.66 -5.32
C ARG B 157 -17.76 -9.19 -4.08
N ASP B 158 -18.11 -10.47 -4.08
CA ASP B 158 -18.76 -11.11 -2.94
C ASP B 158 -17.81 -12.09 -2.25
N SER B 159 -16.62 -11.62 -1.85
CA SER B 159 -15.51 -12.46 -1.41
C SER B 159 -15.36 -12.48 0.11
N PRO B 160 -14.99 -13.63 0.67
CA PRO B 160 -14.74 -13.70 2.13
C PRO B 160 -13.60 -12.81 2.60
N ILE B 161 -12.58 -12.58 1.77
CA ILE B 161 -11.53 -11.65 2.17
C ILE B 161 -12.11 -10.26 2.36
N LYS B 162 -12.89 -9.80 1.40
CA LYS B 162 -13.52 -8.49 1.55
C LYS B 162 -14.36 -8.43 2.82
N ALA B 163 -15.13 -9.49 3.09
CA ALA B 163 -15.91 -9.56 4.32
C ALA B 163 -15.04 -9.43 5.56
N ALA B 164 -13.93 -10.16 5.61
CA ALA B 164 -13.08 -10.09 6.79
C ALA B 164 -12.49 -8.69 6.97
N LEU B 165 -11.93 -8.11 5.90
CA LEU B 165 -11.32 -6.80 6.05
C LEU B 165 -12.37 -5.73 6.37
N CYS B 166 -13.55 -5.81 5.76
CA CYS B 166 -14.59 -4.79 5.91
C CYS B 166 -15.32 -4.83 7.25
N THR B 167 -15.25 -5.93 7.99
CA THR B 167 -16.05 -6.05 9.20
C THR B 167 -15.20 -6.15 10.46
N THR B 168 -13.88 -6.17 10.34
CA THR B 168 -13.04 -6.36 11.52
C THR B 168 -12.71 -5.04 12.24
N SER B 169 -12.05 -4.10 11.55
CA SER B 169 -11.59 -2.89 12.19
C SER B 169 -11.41 -1.81 11.14
N PRO B 170 -11.38 -0.53 11.52
CA PRO B 170 -11.03 0.52 10.52
C PRO B 170 -9.63 0.32 9.96
N GLU B 171 -8.71 -0.15 10.80
CA GLU B 171 -7.37 -0.54 10.38
C GLU B 171 -7.39 -1.54 9.21
N GLN B 172 -8.15 -2.63 9.31
CA GLN B 172 -8.21 -3.59 8.21
C GLN B 172 -8.91 -3.00 6.99
N TYR B 173 -9.97 -2.25 7.25
CA TYR B 173 -10.79 -1.72 6.16
C TYR B 173 -10.00 -0.78 5.28
N PHE B 174 -9.30 0.20 5.88
CA PHE B 174 -8.59 1.18 5.07
C PHE B 174 -7.44 0.53 4.30
N ARG B 175 -6.85 -0.52 4.87
CA ARG B 175 -5.87 -1.29 4.12
C ARG B 175 -6.46 -1.87 2.83
N PHE B 176 -7.69 -2.37 2.89
CA PHE B 176 -8.36 -2.82 1.67
C PHE B 176 -8.56 -1.67 0.68
N ARG B 177 -8.88 -0.49 1.19
CA ARG B 177 -9.28 0.60 0.32
C ARG B 177 -8.11 1.29 -0.37
N VAL B 178 -6.88 1.07 0.10
CA VAL B 178 -5.74 1.64 -0.62
C VAL B 178 -5.82 1.29 -2.09
N THR B 179 -6.22 0.05 -2.39
CA THR B 179 -6.44 -0.37 -3.76
C THR B 179 -7.89 -0.17 -4.19
N ASP B 180 -8.83 -0.58 -3.35
CA ASP B 180 -10.21 -0.68 -3.82
C ASP B 180 -10.84 0.68 -4.08
N ILE B 181 -10.46 1.73 -3.34
CA ILE B 181 -11.00 3.04 -3.71
C ILE B 181 -10.29 3.62 -4.91
N GLY B 182 -9.31 2.92 -5.49
CA GLY B 182 -8.68 3.38 -6.72
C GLY B 182 -7.58 4.41 -6.56
N VAL B 183 -7.19 4.74 -5.33
CA VAL B 183 -6.24 5.84 -5.17
C VAL B 183 -4.82 5.43 -5.55
N ASP B 184 -4.41 4.19 -5.30
CA ASP B 184 -3.09 3.79 -5.79
C ASP B 184 -3.03 3.90 -7.30
N PHE B 185 -4.07 3.41 -7.97
CA PHE B 185 -4.20 3.54 -9.42
C PHE B 185 -4.15 5.02 -9.83
N TRP B 186 -4.95 5.85 -9.14
CA TRP B 186 -4.94 7.28 -9.36
C TRP B 186 -3.53 7.87 -9.33
N MET B 187 -2.77 7.56 -8.28
CA MET B 187 -1.44 8.13 -8.17
C MET B 187 -0.54 7.64 -9.30
N LYS B 188 -0.61 6.35 -9.63
CA LYS B 188 0.30 5.80 -10.62
C LYS B 188 -0.04 6.28 -12.02
N MET B 189 -1.27 6.70 -12.28
CA MET B 189 -1.59 7.29 -13.58
C MET B 189 -1.54 8.81 -13.59
N SER B 190 -1.51 9.46 -12.41
CA SER B 190 -1.45 10.91 -12.34
C SER B 190 -0.05 11.50 -12.32
N TYR B 191 0.98 10.76 -11.88
CA TYR B 191 2.30 11.39 -11.77
C TYR B 191 2.83 11.94 -13.09
N PRO B 192 2.56 11.36 -14.26
CA PRO B 192 3.01 12.04 -15.50
C PRO B 192 2.40 13.43 -15.71
N ILE B 193 1.33 13.77 -14.98
CA ILE B 193 0.74 15.11 -15.10
C ILE B 193 1.72 16.17 -14.59
N TYR B 194 2.45 15.85 -13.52
CA TYR B 194 3.21 16.83 -12.75
C TYR B 194 4.70 16.81 -13.01
N ARG B 195 5.25 15.72 -13.52
CA ARG B 195 6.67 15.64 -13.88
C ARG B 195 7.56 16.01 -12.70
N HIS B 196 7.13 15.62 -11.53
CA HIS B 196 7.82 15.96 -10.31
C HIS B 196 8.45 14.67 -9.78
N PRO B 197 9.76 14.48 -9.91
CA PRO B 197 10.33 13.17 -9.56
C PRO B 197 10.04 12.73 -8.14
N GLU B 198 9.99 13.66 -7.18
CA GLU B 198 9.63 13.32 -5.81
C GLU B 198 8.21 12.77 -5.72
N PHE B 199 7.23 13.45 -6.33
CA PHE B 199 5.88 12.93 -6.31
C PHE B 199 5.80 11.61 -7.07
N THR B 200 6.55 11.51 -8.17
CA THR B 200 6.66 10.26 -8.91
C THR B 200 7.15 9.13 -8.02
N GLU B 201 8.14 9.38 -7.16
CA GLU B 201 8.58 8.30 -6.27
C GLU B 201 7.49 7.91 -5.27
N HIS B 202 6.84 8.90 -4.63
CA HIS B 202 5.78 8.57 -3.68
C HIS B 202 4.62 7.83 -4.36
N ALA B 203 4.38 8.13 -5.64
CA ALA B 203 3.36 7.41 -6.38
C ALA B 203 3.76 5.95 -6.57
N LYS B 204 5.02 5.72 -6.95
CA LYS B 204 5.45 4.37 -7.28
C LYS B 204 5.64 3.47 -6.06
N THR B 205 5.98 4.04 -4.91
CA THR B 205 6.05 3.25 -3.67
C THR B 205 4.67 3.01 -3.06
N SER B 206 3.64 3.71 -3.55
CA SER B 206 2.28 3.74 -2.99
C SER B 206 2.20 4.49 -1.66
N LEU B 207 3.29 5.12 -1.20
CA LEU B 207 3.19 5.98 -0.02
C LEU B 207 2.20 7.12 -0.28
N ALA B 208 2.18 7.64 -1.51
CA ALA B 208 1.22 8.68 -1.86
C ALA B 208 -0.21 8.20 -1.63
N ALA B 209 -0.51 6.99 -2.08
CA ALA B 209 -1.83 6.41 -1.87
C ALA B 209 -2.11 6.16 -0.40
N ARG B 210 -1.13 5.59 0.32
CA ARG B 210 -1.38 5.30 1.73
C ARG B 210 -1.67 6.56 2.53
N MET B 211 -1.08 7.71 2.16
CA MET B 211 -1.32 8.94 2.93
C MET B 211 -2.71 9.52 2.66
N THR B 212 -3.29 9.25 1.50
CA THR B 212 -4.52 9.92 1.10
C THR B 212 -5.74 9.02 1.19
N THR B 213 -5.54 7.72 1.46
CA THR B 213 -6.64 6.76 1.44
C THR B 213 -7.75 7.12 2.43
N ARG B 214 -7.39 7.45 3.67
CA ARG B 214 -8.45 7.67 4.66
C ARG B 214 -9.26 8.93 4.34
N GLY B 215 -8.58 9.98 3.92
CA GLY B 215 -9.29 11.23 3.60
C GLY B 215 -10.27 11.05 2.45
N LEU B 216 -9.87 10.31 1.42
CA LEU B 216 -10.79 10.03 0.31
C LEU B 216 -11.92 9.12 0.77
N THR B 217 -11.57 8.05 1.49
CA THR B 217 -12.53 6.98 1.77
C THR B 217 -13.59 7.43 2.76
N ILE B 218 -13.17 8.12 3.82
CA ILE B 218 -14.14 8.51 4.84
C ILE B 218 -15.21 9.41 4.22
N VAL B 219 -14.78 10.34 3.38
CA VAL B 219 -15.72 11.22 2.68
C VAL B 219 -16.59 10.41 1.72
N ASN B 220 -15.96 9.56 0.88
CA ASN B 220 -16.77 8.78 -0.04
C ASN B 220 -17.78 7.91 0.70
N ASP B 221 -17.34 7.24 1.77
CA ASP B 221 -18.22 6.32 2.47
C ASP B 221 -19.43 7.04 3.07
N PHE B 222 -19.21 8.21 3.65
CA PHE B 222 -20.32 8.91 4.29
C PHE B 222 -21.41 9.21 3.27
N TYR B 223 -21.02 9.74 2.12
CA TYR B 223 -22.02 10.18 1.15
C TYR B 223 -22.51 9.07 0.23
N SER B 224 -21.83 7.92 0.16
CA SER B 224 -22.32 6.82 -0.64
C SER B 224 -22.96 5.73 0.20
N TYR B 225 -23.04 5.94 1.52
CA TYR B 225 -23.58 4.93 2.43
C TYR B 225 -24.98 4.49 2.03
N ASP B 226 -25.90 5.45 1.80
CA ASP B 226 -27.29 5.06 1.56
C ASP B 226 -27.43 4.17 0.32
N ARG B 227 -26.72 4.51 -0.75
CA ARG B 227 -26.78 3.68 -1.95
C ARG B 227 -26.15 2.31 -1.69
N GLU B 228 -24.94 2.29 -1.15
CA GLU B 228 -24.23 1.03 -0.99
C GLU B 228 -24.99 0.09 -0.05
N VAL B 229 -25.57 0.63 1.01
CA VAL B 229 -26.30 -0.24 1.91
C VAL B 229 -27.60 -0.70 1.25
N SER B 230 -28.19 0.12 0.34
CA SER B 230 -29.27 -0.37 -0.51
C SER B 230 -28.87 -1.60 -1.32
N LEU B 231 -27.72 -1.56 -1.96
CA LEU B 231 -27.33 -2.57 -2.93
C LEU B 231 -26.51 -3.72 -2.32
N GLY B 232 -26.51 -3.86 -1.00
CA GLY B 232 -25.75 -4.93 -0.36
C GLY B 232 -24.25 -4.82 -0.51
N GLN B 233 -23.71 -3.63 -0.72
CA GLN B 233 -22.27 -3.47 -0.77
C GLN B 233 -21.73 -3.22 0.63
N ILE B 234 -20.74 -4.02 1.04
CA ILE B 234 -20.24 -3.97 2.41
C ILE B 234 -19.05 -3.05 2.55
N THR B 235 -18.53 -2.49 1.45
CA THR B 235 -17.27 -1.75 1.49
C THR B 235 -17.54 -0.29 1.87
N ASN B 236 -17.71 -0.07 3.18
CA ASN B 236 -18.05 1.24 3.72
C ASN B 236 -17.77 1.26 5.22
N CYS B 237 -16.92 2.18 5.68
CA CYS B 237 -16.49 2.13 7.08
C CYS B 237 -17.61 2.44 8.05
N PHE B 238 -18.67 3.15 7.64
CA PHE B 238 -19.72 3.40 8.61
C PHE B 238 -20.58 2.17 8.90
N ARG B 239 -20.44 1.08 8.13
CA ARG B 239 -21.05 -0.18 8.53
C ARG B 239 -20.39 -0.78 9.78
N LEU B 240 -19.21 -0.27 10.15
CA LEU B 240 -18.53 -0.73 11.36
C LEU B 240 -19.09 -0.09 12.63
N CYS B 241 -19.97 0.89 12.53
CA CYS B 241 -20.57 1.48 13.71
C CYS B 241 -22.09 1.41 13.58
N ASP B 242 -22.76 1.65 14.69
CA ASP B 242 -24.22 1.59 14.72
C ASP B 242 -24.75 2.97 14.35
N VAL B 243 -25.00 3.19 13.05
CA VAL B 243 -25.48 4.51 12.63
C VAL B 243 -26.88 4.81 13.14
N SER B 244 -27.65 3.80 13.57
CA SER B 244 -28.95 4.08 14.20
C SER B 244 -28.80 4.65 15.60
N ASP B 245 -27.59 4.63 16.16
CA ASP B 245 -27.32 5.07 17.52
C ASP B 245 -26.55 6.37 17.42
N GLU B 246 -27.23 7.48 17.70
CA GLU B 246 -26.66 8.80 17.48
C GLU B 246 -25.31 8.95 18.18
N THR B 247 -25.24 8.53 19.45
CA THR B 247 -24.02 8.75 20.22
C THR B 247 -22.88 7.85 19.72
N ALA B 248 -23.21 6.61 19.33
CA ALA B 248 -22.18 5.75 18.75
C ALA B 248 -21.71 6.30 17.41
N PHE B 249 -22.65 6.75 16.57
CA PHE B 249 -22.25 7.36 15.30
C PHE B 249 -21.32 8.54 15.53
N LYS B 250 -21.67 9.41 16.48
CA LYS B 250 -20.85 10.59 16.70
C LYS B 250 -19.44 10.25 17.14
N GLU B 251 -19.30 9.28 18.04
CA GLU B 251 -17.96 8.89 18.47
C GLU B 251 -17.14 8.37 17.29
N PHE B 252 -17.76 7.52 16.48
CA PHE B 252 -17.08 6.97 15.32
C PHE B 252 -16.71 8.07 14.32
N PHE B 253 -17.63 9.00 14.09
CA PHE B 253 -17.37 10.05 13.12
C PHE B 253 -16.20 10.92 13.57
N GLN B 254 -16.18 11.30 14.85
CA GLN B 254 -15.04 12.06 15.37
C GLN B 254 -13.74 11.29 15.25
N ALA B 255 -13.78 9.97 15.49
CA ALA B 255 -12.58 9.17 15.29
C ALA B 255 -12.10 9.25 13.83
N ARG B 256 -13.04 9.22 12.88
CA ARG B 256 -12.65 9.33 11.48
C ARG B 256 -12.14 10.73 11.13
N LEU B 257 -12.77 11.78 11.68
CA LEU B 257 -12.21 13.13 11.54
C LEU B 257 -10.78 13.19 12.04
N ASP B 258 -10.53 12.63 13.23
CA ASP B 258 -9.17 12.60 13.76
C ASP B 258 -8.21 11.90 12.80
N ASP B 259 -8.64 10.78 12.21
CA ASP B 259 -7.81 10.10 11.21
C ASP B 259 -7.42 11.05 10.09
N MET B 260 -8.41 11.78 9.56
CA MET B 260 -8.15 12.69 8.47
C MET B 260 -7.15 13.76 8.87
N ILE B 261 -7.32 14.31 10.08
CA ILE B 261 -6.48 15.41 10.55
C ILE B 261 -5.04 14.93 10.70
N GLU B 262 -4.84 13.78 11.33
CA GLU B 262 -3.47 13.32 11.51
C GLU B 262 -2.79 13.07 10.16
N ASP B 263 -3.52 12.52 9.18
CA ASP B 263 -2.96 12.34 7.85
C ASP B 263 -2.59 13.67 7.21
N ILE B 264 -3.50 14.64 7.31
CA ILE B 264 -3.26 15.92 6.66
C ILE B 264 -2.05 16.63 7.26
N GLU B 265 -1.89 16.57 8.58
CA GLU B 265 -0.74 17.22 9.21
C GLU B 265 0.58 16.52 8.85
N CYS B 266 0.59 15.18 8.74
CA CYS B 266 1.78 14.51 8.26
C CYS B 266 2.02 14.76 6.78
N ILE B 267 0.96 14.98 5.99
CA ILE B 267 1.18 15.33 4.59
C ILE B 267 1.96 16.64 4.46
N LYS B 268 1.82 17.55 5.43
CA LYS B 268 2.57 18.81 5.44
C LYS B 268 4.08 18.63 5.58
N ALA B 269 4.55 17.43 5.92
CA ALA B 269 5.99 17.19 5.92
C ALA B 269 6.55 16.90 4.53
N PHE B 270 5.70 16.55 3.57
CA PHE B 270 6.19 16.31 2.21
C PHE B 270 6.59 17.64 1.58
N ASP B 271 7.24 17.57 0.40
CA ASP B 271 7.64 18.76 -0.31
C ASP B 271 6.41 19.53 -0.78
N GLN B 272 6.63 20.77 -1.19
CA GLN B 272 5.55 21.71 -1.47
C GLN B 272 4.61 21.20 -2.55
N LEU B 273 5.14 20.88 -3.73
CA LEU B 273 4.31 20.39 -4.82
C LEU B 273 3.55 19.14 -4.40
N THR B 274 4.25 18.20 -3.76
CA THR B 274 3.61 16.94 -3.39
C THR B 274 2.46 17.17 -2.41
N GLN B 275 2.67 17.97 -1.35
CA GLN B 275 1.58 18.19 -0.42
C GLN B 275 0.45 18.97 -1.06
N ASP B 276 0.74 19.81 -2.05
CA ASP B 276 -0.33 20.45 -2.82
C ASP B 276 -1.19 19.39 -3.50
N VAL B 277 -0.55 18.44 -4.18
CA VAL B 277 -1.28 17.41 -4.89
C VAL B 277 -2.12 16.58 -3.93
N PHE B 278 -1.50 16.12 -2.83
CA PHE B 278 -2.23 15.29 -1.87
C PHE B 278 -3.45 16.02 -1.31
N LEU B 279 -3.27 17.27 -0.88
CA LEU B 279 -4.37 17.97 -0.22
C LEU B 279 -5.46 18.35 -1.22
N ASP B 280 -5.10 18.79 -2.44
CA ASP B 280 -6.12 19.04 -3.46
C ASP B 280 -6.91 17.78 -3.75
N LEU B 281 -6.25 16.62 -3.70
CA LEU B 281 -6.96 15.37 -3.94
C LEU B 281 -8.02 15.15 -2.87
N ILE B 282 -7.63 15.25 -1.59
CA ILE B 282 -8.58 14.97 -0.52
C ILE B 282 -9.67 16.04 -0.48
N TYR B 283 -9.27 17.30 -0.54
CA TYR B 283 -10.25 18.38 -0.43
C TYR B 283 -11.10 18.49 -1.70
N GLY B 284 -10.48 18.35 -2.86
CA GLY B 284 -11.24 18.32 -4.10
C GLY B 284 -12.25 17.19 -4.16
N ASN B 285 -11.87 16.01 -3.66
CA ASN B 285 -12.83 14.91 -3.66
C ASN B 285 -14.05 15.26 -2.81
N PHE B 286 -13.84 15.97 -1.71
CA PHE B 286 -14.96 16.36 -0.87
C PHE B 286 -15.86 17.39 -1.57
N VAL B 287 -15.26 18.35 -2.26
CA VAL B 287 -16.07 19.34 -2.98
C VAL B 287 -16.88 18.66 -4.08
N TRP B 288 -16.21 17.82 -4.87
CA TRP B 288 -16.87 17.07 -5.93
C TRP B 288 -17.97 16.18 -5.36
N THR B 289 -17.65 15.42 -4.31
CA THR B 289 -18.63 14.49 -3.74
C THR B 289 -19.89 15.22 -3.29
N THR B 290 -19.76 16.41 -2.73
CA THR B 290 -20.92 17.09 -2.17
C THR B 290 -21.71 17.90 -3.19
N SER B 291 -21.23 18.08 -4.42
CA SER B 291 -22.07 18.75 -5.41
C SER B 291 -22.47 17.84 -6.56
N ASN B 292 -22.46 16.53 -6.37
CA ASN B 292 -22.63 15.60 -7.48
C ASN B 292 -23.81 14.67 -7.25
N LYS B 293 -24.71 14.65 -8.24
CA LYS B 293 -25.86 13.74 -8.31
C LYS B 293 -25.58 12.37 -7.69
N ARG B 294 -24.44 11.79 -8.02
CA ARG B 294 -24.05 10.46 -7.56
C ARG B 294 -24.23 10.26 -6.06
N TYR B 295 -23.95 11.28 -5.26
CA TYR B 295 -23.89 11.14 -3.81
C TYR B 295 -25.03 11.86 -3.10
N LYS B 296 -26.12 12.14 -3.83
CA LYS B 296 -27.29 12.82 -3.29
C LYS B 296 -28.53 11.93 -3.24
N THR B 297 -28.62 10.95 -4.14
CA THR B 297 -29.68 9.95 -4.10
C THR B 297 -29.05 8.59 -4.35
N ALA B 298 -29.71 7.57 -3.80
CA ALA B 298 -29.15 6.22 -3.84
C ALA B 298 -29.39 5.56 -5.20
N VAL B 299 -30.41 6.00 -5.92
CA VAL B 299 -30.64 5.55 -7.29
C VAL B 299 -30.88 6.78 -8.15
N ASN B 300 -30.03 6.99 -9.15
CA ASN B 300 -30.21 8.13 -10.05
C ASN B 300 -29.51 7.81 -11.38
N ASP B 301 -29.62 8.70 -12.35
CA ASP B 301 -29.11 8.37 -13.68
C ASP B 301 -27.58 8.31 -13.72
N VAL B 302 -26.90 8.76 -12.67
CA VAL B 302 -25.44 8.70 -12.62
C VAL B 302 -24.91 7.73 -11.58
N ASN B 303 -25.68 6.71 -11.15
CA ASN B 303 -25.15 5.61 -10.35
C ASN B 303 -26.05 4.38 -10.28
N SER B 304 -27.16 4.34 -11.03
CA SER B 304 -27.97 3.13 -11.03
C SER B 304 -27.15 1.91 -11.45
N ARG B 305 -27.27 0.82 -10.71
CA ARG B 305 -26.63 -0.42 -11.12
C ARG B 305 -27.14 -0.79 -12.51
N ILE B 306 -26.22 -1.07 -13.42
CA ILE B 306 -26.57 -1.18 -14.83
C ILE B 306 -27.37 -2.48 -15.03
N GLN B 307 -28.70 -2.34 -15.12
CA GLN B 307 -29.63 -3.38 -15.56
C GLN B 307 -30.60 -2.76 -16.55
N ALA B 308 -30.16 -1.67 -17.17
CA ALA B 308 -30.94 -0.96 -18.18
C ALA B 308 -30.01 -0.04 -18.98
N GLY A 14 18.89 4.85 29.60
CA GLY A 14 17.48 4.77 29.95
C GLY A 14 16.68 4.14 28.84
N ARG A 15 16.37 4.92 27.81
CA ARG A 15 15.60 4.42 26.67
C ARG A 15 16.50 3.88 25.57
N SER A 16 17.75 3.60 25.86
CA SER A 16 18.61 3.12 24.79
C SER A 16 18.66 1.59 24.69
N SER A 17 17.80 0.86 25.40
CA SER A 17 17.83 -0.60 25.25
C SER A 17 16.54 -1.23 25.77
N VAL A 18 16.08 -2.25 25.05
CA VAL A 18 14.97 -3.07 25.50
C VAL A 18 15.46 -4.38 26.13
N ARG A 19 16.75 -4.48 26.46
CA ARG A 19 17.29 -5.66 27.14
C ARG A 19 16.48 -6.13 28.34
N PRO A 20 15.99 -5.26 29.24
CA PRO A 20 15.22 -5.78 30.39
C PRO A 20 14.05 -6.66 30.02
N TYR A 21 13.50 -6.53 28.81
CA TYR A 21 12.31 -7.27 28.41
C TYR A 21 12.61 -8.38 27.41
N LEU A 22 13.88 -8.68 27.15
CA LEU A 22 14.24 -9.55 26.04
C LEU A 22 13.60 -10.93 26.19
N GLU A 23 13.73 -11.55 27.36
CA GLU A 23 13.22 -12.90 27.54
C GLU A 23 11.71 -12.95 27.54
N GLU A 24 11.07 -12.07 28.31
CA GLU A 24 9.60 -12.04 28.40
C GLU A 24 8.97 -11.78 27.03
N CYS A 25 9.48 -10.77 26.30
CA CYS A 25 8.92 -10.47 25.00
C CYS A 25 9.15 -11.61 24.01
N THR A 26 10.34 -12.23 24.03
CA THR A 26 10.58 -13.37 23.17
C THR A 26 9.56 -14.47 23.46
N ARG A 27 9.41 -14.81 24.74
CA ARG A 27 8.42 -15.78 25.16
C ARG A 27 7.03 -15.43 24.63
N ARG A 28 6.64 -14.16 24.74
CA ARG A 28 5.28 -13.78 24.38
C ARG A 28 5.06 -13.86 22.87
N PHE A 29 6.00 -13.37 22.07
CA PHE A 29 5.94 -13.55 20.62
C PHE A 29 5.70 -15.01 20.28
N GLN A 30 6.53 -15.91 20.81
CA GLN A 30 6.41 -17.31 20.42
C GLN A 30 5.04 -17.87 20.81
N GLU A 31 4.57 -17.56 22.00
CA GLU A 31 3.27 -18.05 22.45
C GLU A 31 2.16 -17.57 21.53
N MET A 32 2.25 -16.30 21.12
CA MET A 32 1.26 -15.76 20.19
C MET A 32 1.25 -16.55 18.88
N PHE A 33 2.44 -16.80 18.31
CA PHE A 33 2.54 -17.61 17.10
C PHE A 33 1.98 -19.01 17.29
N ASP A 34 2.24 -19.64 18.45
CA ASP A 34 1.84 -21.03 18.61
C ASP A 34 0.33 -21.14 18.75
N ARG A 35 -0.32 -20.09 19.25
CA ARG A 35 -1.75 -20.21 19.45
C ARG A 35 -2.54 -19.76 18.23
N HIS A 36 -1.98 -18.87 17.41
CA HIS A 36 -2.74 -18.30 16.31
C HIS A 36 -2.28 -18.80 14.94
N VAL A 37 -1.03 -19.27 14.81
CA VAL A 37 -0.54 -19.88 13.58
C VAL A 37 -0.38 -21.38 13.72
N VAL A 38 0.27 -21.83 14.80
CA VAL A 38 0.35 -23.24 15.20
C VAL A 38 1.35 -24.00 14.33
N THR A 39 1.26 -23.84 13.01
CA THR A 39 2.17 -24.55 12.11
C THR A 39 3.52 -23.84 12.01
N ARG A 40 4.58 -24.64 12.14
CA ARG A 40 5.95 -24.18 12.19
C ARG A 40 6.45 -23.74 10.82
N PRO A 41 7.22 -22.64 10.75
CA PRO A 41 7.92 -22.32 9.50
C PRO A 41 8.94 -23.39 9.15
N THR A 42 9.24 -23.48 7.86
CA THR A 42 10.19 -24.48 7.35
C THR A 42 11.35 -23.78 6.68
N LYS A 43 12.57 -24.11 7.08
CA LYS A 43 13.76 -23.52 6.48
C LYS A 43 13.98 -24.15 5.11
N VAL A 44 14.55 -23.37 4.20
CA VAL A 44 15.00 -23.90 2.90
C VAL A 44 16.43 -24.38 3.06
N GLU A 45 16.73 -25.58 2.57
CA GLU A 45 17.99 -26.26 2.81
C GLU A 45 18.88 -26.19 1.58
N LEU A 46 19.82 -25.24 1.53
CA LEU A 46 20.58 -24.99 0.30
C LEU A 46 21.91 -25.74 0.30
N THR A 47 22.23 -26.33 -0.86
CA THR A 47 23.51 -26.96 -1.09
C THR A 47 24.64 -25.95 -1.04
N ASP A 48 25.87 -26.47 -1.06
CA ASP A 48 27.04 -25.63 -1.27
C ASP A 48 26.95 -24.88 -2.58
N ALA A 49 26.69 -25.60 -3.69
CA ALA A 49 26.75 -24.97 -5.01
C ALA A 49 25.69 -23.88 -5.17
N GLU A 50 24.57 -24.00 -4.46
CA GLU A 50 23.48 -23.04 -4.62
C GLU A 50 23.74 -21.78 -3.81
N LEU A 51 24.15 -21.95 -2.56
CA LEU A 51 24.58 -20.84 -1.72
C LEU A 51 25.82 -20.18 -2.30
N ARG A 52 26.63 -20.96 -3.03
CA ARG A 52 27.81 -20.40 -3.69
C ARG A 52 27.42 -19.54 -4.87
N GLU A 53 26.52 -20.05 -5.73
CA GLU A 53 25.94 -19.22 -6.79
C GLU A 53 25.40 -17.91 -6.21
N VAL A 54 24.60 -18.02 -5.15
CA VAL A 54 23.95 -16.84 -4.58
C VAL A 54 24.99 -15.84 -4.09
N ILE A 55 25.96 -16.31 -3.32
CA ILE A 55 26.98 -15.41 -2.78
C ILE A 55 27.80 -14.80 -3.90
N ASP A 56 28.10 -15.58 -4.94
CA ASP A 56 28.86 -15.04 -6.07
C ASP A 56 28.12 -13.89 -6.75
N ASP A 57 26.80 -14.06 -6.97
CA ASP A 57 26.01 -12.99 -7.57
C ASP A 57 25.94 -11.75 -6.65
N CYS A 58 25.82 -11.99 -5.34
CA CYS A 58 25.81 -10.87 -4.38
C CYS A 58 27.10 -10.08 -4.44
N ASN A 59 28.25 -10.77 -4.44
CA ASN A 59 29.53 -10.08 -4.47
C ASN A 59 29.71 -9.30 -5.77
N ALA A 60 29.29 -9.89 -6.90
CA ALA A 60 29.39 -9.16 -8.16
C ALA A 60 28.50 -7.93 -8.17
N ALA A 61 27.35 -8.01 -7.48
CA ALA A 61 26.41 -6.90 -7.50
C ALA A 61 26.90 -5.71 -6.67
N VAL A 62 27.58 -5.97 -5.55
CA VAL A 62 28.00 -4.86 -4.69
C VAL A 62 29.45 -4.47 -4.89
N ALA A 63 30.23 -5.28 -5.59
CA ALA A 63 31.62 -4.94 -5.85
C ALA A 63 31.81 -3.54 -6.42
N PRO A 64 31.00 -3.04 -7.36
CA PRO A 64 31.24 -1.67 -7.86
C PRO A 64 31.05 -0.61 -6.81
N LEU A 65 30.35 -0.91 -5.70
CA LEU A 65 30.23 0.01 -4.58
C LEU A 65 31.44 -0.06 -3.64
N GLY A 66 32.47 -0.81 -4.00
CA GLY A 66 33.72 -0.83 -3.28
C GLY A 66 33.68 -1.06 -1.78
N LYS A 67 32.95 -2.08 -1.30
CA LYS A 67 33.00 -2.50 0.10
C LYS A 67 32.94 -4.01 0.20
N THR A 68 33.85 -4.58 0.99
CA THR A 68 33.88 -6.03 1.21
C THR A 68 32.71 -6.49 2.05
N VAL A 69 32.08 -7.58 1.63
CA VAL A 69 31.07 -8.27 2.42
C VAL A 69 31.50 -9.72 2.60
N SER A 70 31.58 -10.17 3.85
CA SER A 70 32.03 -11.53 4.16
C SER A 70 30.91 -12.54 3.92
N ASP A 71 31.30 -13.79 3.62
CA ASP A 71 30.34 -14.90 3.57
C ASP A 71 29.43 -14.89 4.78
N GLU A 72 30.01 -14.68 5.95
CA GLU A 72 29.26 -14.70 7.20
C GLU A 72 28.19 -13.60 7.25
N ARG A 73 28.52 -12.42 6.73
CA ARG A 73 27.51 -11.36 6.67
C ARG A 73 26.44 -11.65 5.61
N TRP A 74 26.85 -12.19 4.45
CA TRP A 74 25.84 -12.63 3.47
C TRP A 74 24.88 -13.64 4.09
N ILE A 75 25.40 -14.57 4.90
CA ILE A 75 24.56 -15.62 5.44
C ILE A 75 23.60 -15.04 6.47
N SER A 76 24.04 -14.06 7.24
CA SER A 76 23.15 -13.36 8.14
C SER A 76 22.00 -12.69 7.38
N TYR A 77 22.30 -12.10 6.23
CA TYR A 77 21.25 -11.47 5.44
C TYR A 77 20.32 -12.52 4.82
N VAL A 78 20.88 -13.57 4.22
CA VAL A 78 20.08 -14.50 3.42
C VAL A 78 19.15 -15.36 4.26
N GLY A 79 19.41 -15.51 5.55
CA GLY A 79 18.61 -16.40 6.38
C GLY A 79 17.13 -16.06 6.38
N VAL A 80 16.78 -14.77 6.23
CA VAL A 80 15.37 -14.42 6.22
C VAL A 80 14.66 -15.07 5.05
N VAL A 81 15.34 -15.17 3.90
CA VAL A 81 14.72 -15.84 2.76
C VAL A 81 14.62 -17.34 3.03
N LEU A 82 15.67 -17.92 3.62
CA LEU A 82 15.69 -19.36 3.86
C LEU A 82 14.58 -19.75 4.83
N TRP A 83 14.29 -18.89 5.80
CA TRP A 83 13.34 -19.20 6.87
C TRP A 83 11.94 -18.68 6.63
N SER A 84 11.75 -17.71 5.75
CA SER A 84 10.48 -16.99 5.74
C SER A 84 9.72 -17.10 4.42
N GLN A 85 10.18 -17.94 3.49
CA GLN A 85 9.36 -18.32 2.35
C GLN A 85 8.50 -19.52 2.77
N SER A 86 7.88 -20.22 1.82
CA SER A 86 6.99 -21.34 2.12
C SER A 86 7.42 -22.52 1.26
N PRO A 87 8.42 -23.29 1.69
CA PRO A 87 9.07 -24.25 0.78
C PRO A 87 8.12 -25.27 0.18
N ARG A 88 7.02 -25.60 0.86
CA ARG A 88 6.15 -26.63 0.32
C ARG A 88 5.33 -26.11 -0.85
N HIS A 89 5.18 -24.79 -0.97
CA HIS A 89 4.52 -24.17 -2.12
C HIS A 89 5.49 -23.79 -3.23
N ILE A 90 6.79 -23.97 -3.04
CA ILE A 90 7.75 -23.46 -4.01
C ILE A 90 7.68 -24.24 -5.32
N LYS A 91 7.58 -23.52 -6.43
CA LYS A 91 7.65 -24.10 -7.75
C LYS A 91 8.91 -23.73 -8.51
N ASP A 92 9.43 -22.53 -8.31
CA ASP A 92 10.43 -21.93 -9.19
C ASP A 92 11.66 -21.60 -8.34
N MET A 93 12.65 -22.52 -8.28
CA MET A 93 13.88 -22.25 -7.54
C MET A 93 14.71 -21.16 -8.19
N GLU A 94 14.51 -20.90 -9.48
CA GLU A 94 15.17 -19.75 -10.09
C GLU A 94 14.76 -18.46 -9.40
N ALA A 95 13.45 -18.22 -9.31
CA ALA A 95 12.95 -17.06 -8.58
C ALA A 95 13.41 -17.07 -7.13
N PHE A 96 13.48 -18.25 -6.50
CA PHE A 96 13.94 -18.31 -5.12
C PHE A 96 15.37 -17.77 -4.99
N LYS A 97 16.28 -18.28 -5.83
CA LYS A 97 17.65 -17.77 -5.82
C LYS A 97 17.66 -16.24 -6.02
N ALA A 98 16.81 -15.75 -6.92
CA ALA A 98 16.75 -14.30 -7.16
C ALA A 98 16.38 -13.55 -5.90
N VAL A 99 15.39 -14.05 -5.16
CA VAL A 99 14.99 -13.38 -3.92
C VAL A 99 16.12 -13.42 -2.91
N CYS A 100 16.85 -14.54 -2.84
CA CYS A 100 18.05 -14.57 -2.00
C CYS A 100 19.00 -13.42 -2.35
N VAL A 101 19.37 -13.32 -3.64
CA VAL A 101 20.37 -12.34 -4.05
C VAL A 101 19.86 -10.92 -3.83
N LEU A 102 18.66 -10.64 -4.33
CA LEU A 102 18.09 -9.30 -4.22
C LEU A 102 17.87 -8.88 -2.76
N ASN A 103 17.39 -9.81 -1.93
CA ASN A 103 17.28 -9.53 -0.51
C ASN A 103 18.61 -9.11 0.07
N CYS A 104 19.66 -9.85 -0.26
CA CYS A 104 20.96 -9.63 0.36
C CYS A 104 21.60 -8.33 -0.10
N VAL A 105 21.58 -8.06 -1.40
CA VAL A 105 22.32 -6.89 -1.86
C VAL A 105 21.62 -5.60 -1.44
N THR A 106 20.28 -5.58 -1.35
CA THR A 106 19.61 -4.39 -0.83
C THR A 106 19.72 -4.30 0.68
N PHE A 107 19.98 -5.41 1.36
CA PHE A 107 20.35 -5.37 2.76
C PHE A 107 21.67 -4.63 2.96
N VAL A 108 22.66 -4.90 2.10
CA VAL A 108 23.91 -4.14 2.16
C VAL A 108 23.62 -2.64 2.00
N TRP A 109 22.80 -2.29 1.02
CA TRP A 109 22.42 -0.90 0.78
C TRP A 109 21.80 -0.28 2.04
N ASP A 110 20.91 -1.02 2.72
CA ASP A 110 20.31 -0.59 3.98
C ASP A 110 21.38 -0.27 5.02
N ASP A 111 22.42 -1.11 5.09
CA ASP A 111 23.50 -0.96 6.05
C ASP A 111 24.63 -0.07 5.55
N MET A 112 24.43 0.72 4.48
CA MET A 112 25.49 1.53 3.91
C MET A 112 25.29 3.02 4.15
N ASP A 113 26.38 3.67 4.54
CA ASP A 113 26.54 5.12 4.42
C ASP A 113 26.00 5.58 3.07
N PRO A 114 25.05 6.53 3.04
CA PRO A 114 24.47 6.93 1.75
C PRO A 114 25.48 7.58 0.82
N ALA A 115 26.67 7.92 1.32
CA ALA A 115 27.75 8.34 0.45
C ALA A 115 28.17 7.24 -0.51
N LEU A 116 27.98 5.97 -0.12
CA LEU A 116 28.33 4.84 -0.97
C LEU A 116 27.25 4.51 -2.00
N HIS A 117 26.09 5.17 -1.94
CA HIS A 117 24.91 4.78 -2.71
C HIS A 117 25.01 5.30 -4.14
N ASP A 118 25.61 4.52 -5.04
CA ASP A 118 25.74 4.93 -6.44
C ASP A 118 24.71 4.19 -7.29
N PHE A 119 23.68 4.93 -7.71
CA PHE A 119 22.59 4.33 -8.47
C PHE A 119 23.07 3.90 -9.86
N GLY A 120 23.99 4.67 -10.47
CA GLY A 120 24.48 4.32 -11.80
C GLY A 120 25.32 3.06 -11.84
N LEU A 121 25.90 2.68 -10.71
CA LEU A 121 26.67 1.44 -10.66
C LEU A 121 25.83 0.27 -10.17
N PHE A 122 24.82 0.53 -9.34
CA PHE A 122 24.08 -0.53 -8.69
C PHE A 122 22.81 -0.91 -9.42
N LEU A 123 22.09 0.07 -9.99
CA LEU A 123 20.86 -0.28 -10.69
C LEU A 123 21.11 -1.24 -11.84
N PRO A 124 22.14 -1.09 -12.69
CA PRO A 124 22.42 -2.15 -13.68
C PRO A 124 22.67 -3.52 -13.05
N GLN A 125 23.26 -3.56 -11.86
CA GLN A 125 23.43 -4.84 -11.16
C GLN A 125 22.09 -5.47 -10.86
N LEU A 126 21.16 -4.70 -10.28
CA LEU A 126 19.85 -5.23 -9.98
C LEU A 126 19.17 -5.76 -11.23
N ARG A 127 19.15 -4.96 -12.30
CA ARG A 127 18.45 -5.38 -13.51
C ARG A 127 19.03 -6.66 -14.07
N LYS A 128 20.36 -6.79 -14.04
CA LYS A 128 20.99 -8.01 -14.54
C LYS A 128 20.66 -9.21 -13.68
N ILE A 129 20.58 -9.03 -12.35
CA ILE A 129 20.08 -10.11 -11.50
C ILE A 129 18.65 -10.45 -11.89
N CYS A 130 17.82 -9.42 -12.08
CA CYS A 130 16.43 -9.67 -12.43
C CYS A 130 16.32 -10.36 -13.79
N GLU A 131 17.16 -9.97 -14.75
CA GLU A 131 17.11 -10.61 -16.06
C GLU A 131 17.43 -12.09 -15.99
N LYS A 132 18.46 -12.46 -15.23
CA LYS A 132 18.97 -13.83 -15.22
C LYS A 132 17.92 -14.81 -14.70
N TYR A 133 17.28 -14.49 -13.58
CA TYR A 133 16.47 -15.47 -12.86
C TYR A 133 14.99 -15.45 -13.21
N TYR A 134 14.47 -14.34 -13.71
CA TYR A 134 13.05 -14.20 -13.99
C TYR A 134 12.80 -14.21 -15.49
N GLY A 135 11.55 -14.53 -15.85
CA GLY A 135 11.08 -14.31 -17.20
C GLY A 135 11.02 -12.83 -17.53
N PRO A 136 10.63 -12.51 -18.77
CA PRO A 136 10.67 -11.11 -19.22
C PRO A 136 9.78 -10.16 -18.44
N GLU A 137 8.54 -10.52 -18.15
CA GLU A 137 7.67 -9.57 -17.46
C GLU A 137 7.96 -9.55 -15.96
N ASP A 138 8.15 -10.72 -15.36
CA ASP A 138 8.44 -10.76 -13.91
C ASP A 138 9.77 -10.07 -13.60
N ALA A 139 10.75 -10.12 -14.51
CA ALA A 139 11.97 -9.36 -14.33
C ALA A 139 11.67 -7.87 -14.15
N GLU A 140 10.76 -7.34 -14.97
CA GLU A 140 10.45 -5.91 -14.89
C GLU A 140 9.80 -5.56 -13.56
N VAL A 141 8.89 -6.41 -13.08
CA VAL A 141 8.22 -6.18 -11.82
C VAL A 141 9.22 -6.25 -10.67
N ALA A 142 10.10 -7.25 -10.68
CA ALA A 142 11.07 -7.37 -9.60
C ALA A 142 12.04 -6.19 -9.60
N TYR A 143 12.49 -5.75 -10.78
CA TYR A 143 13.45 -4.65 -10.82
C TYR A 143 12.82 -3.34 -10.35
N GLU A 144 11.60 -3.05 -10.80
CA GLU A 144 10.96 -1.82 -10.33
C GLU A 144 10.84 -1.80 -8.81
N ALA A 145 10.42 -2.92 -8.23
CA ALA A 145 10.30 -3.00 -6.77
C ALA A 145 11.66 -2.81 -6.09
N ALA A 146 12.72 -3.47 -6.60
CA ALA A 146 14.06 -3.26 -6.04
C ALA A 146 14.50 -1.81 -6.17
N ARG A 147 14.34 -1.23 -7.37
CA ARG A 147 14.63 0.17 -7.61
C ARG A 147 13.89 1.08 -6.65
N ALA A 148 12.57 0.88 -6.50
CA ALA A 148 11.79 1.72 -5.59
C ALA A 148 12.30 1.59 -4.16
N PHE A 149 12.69 0.38 -3.75
CA PHE A 149 13.17 0.24 -2.36
C PHE A 149 14.46 1.00 -2.13
N VAL A 150 15.50 0.75 -2.95
CA VAL A 150 16.78 1.40 -2.66
C VAL A 150 16.66 2.91 -2.78
N THR A 151 15.85 3.37 -3.73
CA THR A 151 15.60 4.81 -3.84
C THR A 151 14.93 5.34 -2.58
N SER A 152 13.96 4.60 -2.04
CA SER A 152 13.29 5.03 -0.82
C SER A 152 14.24 5.06 0.36
N ASP A 153 15.00 3.97 0.57
CA ASP A 153 15.93 3.98 1.69
C ASP A 153 16.89 5.16 1.58
N HIS A 154 17.33 5.48 0.35
CA HIS A 154 18.24 6.61 0.19
C HIS A 154 17.54 7.93 0.46
N MET A 155 16.41 8.15 -0.23
CA MET A 155 15.73 9.45 -0.20
C MET A 155 15.35 9.83 1.22
N PHE A 156 15.13 8.85 2.10
CA PHE A 156 14.60 9.17 3.41
C PHE A 156 15.65 9.22 4.51
N ARG A 157 16.93 9.02 4.20
CA ARG A 157 17.96 9.14 5.21
C ARG A 157 17.89 10.54 5.82
N ASP A 158 18.00 10.60 7.16
CA ASP A 158 17.51 11.73 7.94
C ASP A 158 15.99 11.91 7.74
N SER A 159 15.61 12.81 6.80
CA SER A 159 14.45 13.31 6.04
C SER A 159 13.30 13.75 6.96
N PRO A 160 12.78 14.98 6.81
CA PRO A 160 11.60 15.38 7.61
C PRO A 160 10.38 14.49 7.42
N ILE A 161 10.16 13.94 6.21
CA ILE A 161 9.04 13.03 6.02
C ILE A 161 9.17 11.85 6.96
N LYS A 162 10.36 11.26 6.99
CA LYS A 162 10.60 10.17 7.94
C LYS A 162 10.31 10.63 9.36
N ALA A 163 10.84 11.80 9.75
CA ALA A 163 10.60 12.32 11.09
C ALA A 163 9.12 12.31 11.42
N ALA A 164 8.30 12.95 10.57
CA ALA A 164 6.87 13.04 10.85
C ALA A 164 6.25 11.65 10.97
N LEU A 165 6.53 10.76 10.02
CA LEU A 165 5.82 9.47 10.01
C LEU A 165 6.28 8.56 11.15
N CYS A 166 7.52 8.65 11.58
CA CYS A 166 8.01 7.79 12.66
C CYS A 166 7.57 8.25 14.03
N THR A 167 7.30 9.54 14.20
CA THR A 167 7.12 10.11 15.53
C THR A 167 5.70 10.56 15.82
N THR A 168 4.74 10.24 14.96
CA THR A 168 3.38 10.75 15.16
C THR A 168 2.45 9.72 15.80
N SER A 169 2.42 8.50 15.27
CA SER A 169 1.56 7.44 15.79
C SER A 169 1.99 6.12 15.19
N PRO A 170 1.58 4.99 15.78
CA PRO A 170 1.91 3.69 15.17
C PRO A 170 1.42 3.54 13.74
N GLU A 171 0.19 3.95 13.37
CA GLU A 171 -0.22 3.66 12.00
C GLU A 171 0.48 4.56 10.98
N GLN A 172 0.81 5.82 11.33
CA GLN A 172 1.67 6.61 10.43
C GLN A 172 2.98 5.87 10.20
N TYR A 173 3.57 5.38 11.29
CA TYR A 173 4.84 4.68 11.20
C TYR A 173 4.73 3.42 10.34
N PHE A 174 3.72 2.60 10.60
CA PHE A 174 3.58 1.36 9.83
C PHE A 174 3.27 1.63 8.37
N ARG A 175 2.58 2.75 8.10
CA ARG A 175 2.39 3.19 6.72
C ARG A 175 3.71 3.42 5.99
N PHE A 176 4.68 4.05 6.67
CA PHE A 176 6.02 4.21 6.11
C PHE A 176 6.70 2.86 5.88
N ARG A 177 6.47 1.92 6.80
CA ARG A 177 7.24 0.68 6.75
C ARG A 177 6.77 -0.31 5.68
N VAL A 178 5.57 -0.14 5.13
CA VAL A 178 5.15 -1.01 4.01
C VAL A 178 6.23 -1.03 2.94
N THR A 179 6.79 0.13 2.63
CA THR A 179 7.93 0.20 1.72
C THR A 179 9.25 0.07 2.46
N ASP A 180 9.44 0.81 3.56
CA ASP A 180 10.78 0.94 4.12
C ASP A 180 11.34 -0.39 4.69
N ILE A 181 10.53 -1.26 5.25
CA ILE A 181 11.10 -2.54 5.68
C ILE A 181 11.20 -3.52 4.52
N GLY A 182 10.85 -3.11 3.30
CA GLY A 182 11.15 -3.92 2.14
C GLY A 182 10.13 -4.98 1.81
N VAL A 183 9.01 -5.06 2.55
CA VAL A 183 8.07 -6.16 2.32
C VAL A 183 7.29 -6.01 1.02
N ASP A 184 6.96 -4.78 0.60
CA ASP A 184 6.32 -4.65 -0.71
C ASP A 184 7.25 -5.19 -1.80
N PHE A 185 8.51 -4.81 -1.74
CA PHE A 185 9.54 -5.33 -2.64
C PHE A 185 9.60 -6.86 -2.57
N TRP A 186 9.67 -7.39 -1.35
CA TRP A 186 9.71 -8.85 -1.14
C TRP A 186 8.57 -9.55 -1.86
N MET A 187 7.33 -9.09 -1.65
CA MET A 187 6.17 -9.73 -2.27
C MET A 187 6.28 -9.73 -3.78
N LYS A 188 6.64 -8.58 -4.37
CA LYS A 188 6.69 -8.44 -5.82
C LYS A 188 7.85 -9.22 -6.44
N MET A 189 8.89 -9.54 -5.68
CA MET A 189 9.91 -10.43 -6.23
C MET A 189 9.69 -11.90 -5.89
N SER A 190 8.77 -12.20 -4.98
CA SER A 190 8.55 -13.56 -4.52
C SER A 190 7.41 -14.27 -5.22
N TYR A 191 6.41 -13.56 -5.76
CA TYR A 191 5.29 -14.31 -6.36
C TYR A 191 5.73 -15.23 -7.49
N PRO A 192 6.78 -14.96 -8.28
CA PRO A 192 7.19 -15.97 -9.28
C PRO A 192 7.67 -17.27 -8.66
N ILE A 193 8.08 -17.27 -7.39
CA ILE A 193 8.45 -18.51 -6.72
C ILE A 193 7.28 -19.48 -6.70
N TYR A 194 6.06 -18.94 -6.54
CA TYR A 194 4.88 -19.74 -6.28
C TYR A 194 3.97 -19.92 -7.50
N ARG A 195 4.05 -19.01 -8.47
CA ARG A 195 3.22 -19.07 -9.69
C ARG A 195 1.76 -19.37 -9.34
N HIS A 196 1.25 -18.67 -8.32
CA HIS A 196 -0.10 -18.88 -7.82
C HIS A 196 -0.97 -17.67 -8.12
N PRO A 197 -2.06 -17.82 -8.88
CA PRO A 197 -2.79 -16.63 -9.37
C PRO A 197 -3.21 -15.65 -8.29
N GLU A 198 -3.83 -16.12 -7.21
CA GLU A 198 -4.30 -15.21 -6.16
C GLU A 198 -3.13 -14.44 -5.55
N PHE A 199 -2.08 -15.17 -5.16
CA PHE A 199 -0.93 -14.56 -4.50
C PHE A 199 -0.31 -13.48 -5.39
N THR A 200 -0.18 -13.77 -6.68
CA THR A 200 0.36 -12.80 -7.62
C THR A 200 -0.45 -11.51 -7.64
N GLU A 201 -1.78 -11.60 -7.65
CA GLU A 201 -2.61 -10.40 -7.57
C GLU A 201 -2.37 -9.63 -6.27
N HIS A 202 -2.39 -10.31 -5.12
CA HIS A 202 -2.22 -9.61 -3.86
C HIS A 202 -0.84 -8.98 -3.75
N ALA A 203 0.17 -9.63 -4.35
CA ALA A 203 1.49 -9.01 -4.42
C ALA A 203 1.46 -7.75 -5.25
N LYS A 204 0.78 -7.80 -6.40
CA LYS A 204 0.81 -6.69 -7.33
C LYS A 204 -0.01 -5.49 -6.85
N THR A 205 -1.08 -5.72 -6.08
CA THR A 205 -1.85 -4.64 -5.47
C THR A 205 -1.21 -4.10 -4.19
N SER A 206 -0.21 -4.81 -3.66
CA SER A 206 0.44 -4.54 -2.38
C SER A 206 -0.45 -4.84 -1.19
N LEU A 207 -1.64 -5.41 -1.40
CA LEU A 207 -2.40 -5.92 -0.26
C LEU A 207 -1.58 -6.96 0.53
N ALA A 208 -0.84 -7.83 -0.17
CA ALA A 208 0.04 -8.80 0.48
C ALA A 208 0.98 -8.11 1.46
N ALA A 209 1.65 -7.05 0.99
CA ALA A 209 2.55 -6.30 1.87
C ALA A 209 1.80 -5.62 3.00
N ARG A 210 0.66 -4.98 2.71
CA ARG A 210 -0.07 -4.27 3.75
C ARG A 210 -0.52 -5.21 4.85
N MET A 211 -0.80 -6.48 4.52
CA MET A 211 -1.24 -7.46 5.50
C MET A 211 -0.11 -7.95 6.41
N THR A 212 1.13 -7.94 5.94
CA THR A 212 2.25 -8.55 6.65
C THR A 212 3.18 -7.53 7.29
N THR A 213 2.97 -6.24 7.02
CA THR A 213 3.91 -5.21 7.48
C THR A 213 4.05 -5.18 8.99
N ARG A 214 2.93 -5.17 9.71
CA ARG A 214 3.03 -5.01 11.16
C ARG A 214 3.72 -6.21 11.81
N GLY A 215 3.42 -7.41 11.33
CA GLY A 215 4.06 -8.59 11.89
C GLY A 215 5.56 -8.55 11.72
N LEU A 216 6.03 -8.28 10.52
CA LEU A 216 7.48 -8.18 10.31
C LEU A 216 8.06 -7.05 11.13
N THR A 217 7.41 -5.87 11.12
CA THR A 217 8.04 -4.68 11.66
C THR A 217 8.13 -4.71 13.17
N ILE A 218 7.07 -5.16 13.84
CA ILE A 218 7.08 -5.17 15.29
C ILE A 218 8.21 -6.06 15.79
N VAL A 219 8.37 -7.22 15.15
CA VAL A 219 9.43 -8.15 15.54
C VAL A 219 10.80 -7.54 15.24
N ASN A 220 10.98 -7.03 14.02
CA ASN A 220 12.27 -6.45 13.68
C ASN A 220 12.61 -5.31 14.63
N ASP A 221 11.64 -4.43 14.89
CA ASP A 221 11.87 -3.27 15.75
C ASP A 221 12.27 -3.67 17.16
N PHE A 222 11.63 -4.69 17.71
CA PHE A 222 12.00 -5.05 19.08
C PHE A 222 13.47 -5.46 19.16
N TYR A 223 13.90 -6.33 18.25
CA TYR A 223 15.24 -6.88 18.38
C TYR A 223 16.33 -6.02 17.74
N SER A 224 15.97 -5.01 16.94
CA SER A 224 16.98 -4.10 16.41
C SER A 224 16.99 -2.76 17.13
N TYR A 225 16.19 -2.62 18.18
CA TYR A 225 16.07 -1.35 18.90
C TYR A 225 17.42 -0.87 19.41
N ASP A 226 18.14 -1.72 20.17
CA ASP A 226 19.41 -1.30 20.74
C ASP A 226 20.35 -0.75 19.67
N ARG A 227 20.50 -1.49 18.55
CA ARG A 227 21.39 -1.06 17.48
C ARG A 227 20.94 0.28 16.89
N GLU A 228 19.64 0.38 16.61
CA GLU A 228 19.18 1.58 15.89
C GLU A 228 19.30 2.82 16.76
N VAL A 229 18.87 2.73 18.02
CA VAL A 229 18.96 3.89 18.91
C VAL A 229 20.41 4.25 19.17
N SER A 230 21.31 3.27 19.13
CA SER A 230 22.74 3.56 19.18
C SER A 230 23.19 4.42 18.00
N LEU A 231 22.72 4.10 16.79
CA LEU A 231 23.19 4.69 15.55
C LEU A 231 22.38 5.91 15.13
N GLY A 232 21.52 6.43 16.00
CA GLY A 232 20.64 7.53 15.68
C GLY A 232 19.59 7.23 14.62
N GLN A 233 19.05 6.02 14.57
CA GLN A 233 18.05 5.67 13.57
C GLN A 233 16.65 5.70 14.19
N ILE A 234 15.77 6.56 13.64
CA ILE A 234 14.46 6.79 14.26
C ILE A 234 13.41 5.80 13.81
N THR A 235 13.71 4.93 12.85
CA THR A 235 12.68 4.09 12.25
C THR A 235 12.48 2.84 13.10
N ASN A 236 11.71 3.00 14.17
CA ASN A 236 11.51 1.93 15.16
C ASN A 236 10.31 2.27 16.01
N CYS A 237 9.27 1.43 15.98
CA CYS A 237 8.04 1.80 16.67
C CYS A 237 8.19 1.85 18.19
N PHE A 238 9.19 1.17 18.77
CA PHE A 238 9.30 1.26 20.23
C PHE A 238 9.84 2.61 20.70
N ARG A 239 10.34 3.44 19.79
CA ARG A 239 10.55 4.84 20.12
C ARG A 239 9.22 5.56 20.40
N LEU A 240 8.08 4.94 20.13
CA LEU A 240 6.78 5.54 20.29
C LEU A 240 6.16 5.33 21.68
N CYS A 241 6.64 4.36 22.47
CA CYS A 241 6.40 4.36 23.89
C CYS A 241 7.67 4.81 24.60
N ASP A 242 7.57 4.96 25.91
CA ASP A 242 8.73 5.24 26.77
C ASP A 242 9.24 3.90 27.31
N VAL A 243 10.29 3.35 26.70
CA VAL A 243 10.72 2.00 27.07
C VAL A 243 11.35 1.94 28.45
N SER A 244 11.90 3.06 28.94
CA SER A 244 12.43 3.09 30.30
C SER A 244 11.33 3.10 31.35
N ASP A 245 10.05 3.04 30.94
CA ASP A 245 8.92 3.02 31.86
C ASP A 245 8.27 1.65 31.75
N GLU A 246 8.52 0.81 32.76
CA GLU A 246 8.05 -0.57 32.76
C GLU A 246 6.57 -0.65 32.43
N THR A 247 5.76 0.14 33.15
CA THR A 247 4.32 0.14 32.91
C THR A 247 3.99 0.47 31.46
N ALA A 248 4.52 1.57 30.95
CA ALA A 248 4.15 2.03 29.60
C ALA A 248 4.62 1.05 28.54
N PHE A 249 5.83 0.51 28.70
CA PHE A 249 6.32 -0.47 27.72
C PHE A 249 5.37 -1.64 27.61
N LYS A 250 4.92 -2.16 28.76
CA LYS A 250 4.05 -3.34 28.76
C LYS A 250 2.77 -3.08 27.99
N GLU A 251 2.18 -1.92 28.21
CA GLU A 251 0.94 -1.59 27.52
C GLU A 251 1.16 -1.43 26.02
N PHE A 252 2.27 -0.82 25.63
CA PHE A 252 2.56 -0.61 24.21
C PHE A 252 2.87 -1.94 23.53
N PHE A 253 3.74 -2.74 24.17
CA PHE A 253 4.05 -4.05 23.61
C PHE A 253 2.80 -4.89 23.43
N GLN A 254 1.87 -4.80 24.38
CA GLN A 254 0.61 -5.55 24.29
C GLN A 254 -0.27 -5.04 23.15
N ALA A 255 -0.31 -3.72 22.96
CA ALA A 255 -1.07 -3.20 21.83
C ALA A 255 -0.46 -3.68 20.51
N ARG A 256 0.87 -3.85 20.48
CA ARG A 256 1.51 -4.32 19.25
C ARG A 256 1.22 -5.79 19.01
N LEU A 257 1.22 -6.61 20.07
CA LEU A 257 0.78 -7.99 19.92
C LEU A 257 -0.63 -8.06 19.37
N ASP A 258 -1.52 -7.22 19.88
CA ASP A 258 -2.90 -7.21 19.41
C ASP A 258 -2.96 -6.89 17.92
N ASP A 259 -2.10 -5.98 17.45
CA ASP A 259 -2.04 -5.68 16.01
C ASP A 259 -1.64 -6.92 15.21
N MET A 260 -0.61 -7.62 15.68
CA MET A 260 -0.16 -8.83 14.99
C MET A 260 -1.27 -9.87 14.94
N ILE A 261 -1.99 -10.04 16.05
CA ILE A 261 -3.05 -11.04 16.10
C ILE A 261 -4.16 -10.69 15.14
N GLU A 262 -4.57 -9.41 15.12
CA GLU A 262 -5.63 -9.01 14.20
C GLU A 262 -5.24 -9.28 12.76
N ASP A 263 -4.02 -8.89 12.36
CA ASP A 263 -3.57 -9.16 11.00
C ASP A 263 -3.58 -10.67 10.71
N ILE A 264 -3.05 -11.47 11.62
CA ILE A 264 -2.95 -12.91 11.37
C ILE A 264 -4.34 -13.52 11.21
N GLU A 265 -5.29 -13.12 12.06
CA GLU A 265 -6.60 -13.74 11.94
C GLU A 265 -7.32 -13.29 10.65
N CYS A 266 -7.08 -12.06 10.18
CA CYS A 266 -7.63 -11.67 8.88
C CYS A 266 -6.91 -12.39 7.73
N ILE A 267 -5.61 -12.66 7.88
CA ILE A 267 -4.88 -13.39 6.84
C ILE A 267 -5.51 -14.77 6.61
N LYS A 268 -6.15 -15.35 7.63
CA LYS A 268 -6.78 -16.65 7.48
C LYS A 268 -8.02 -16.62 6.60
N ALA A 269 -8.50 -15.42 6.21
CA ALA A 269 -9.54 -15.33 5.20
C ALA A 269 -9.00 -15.50 3.78
N PHE A 270 -7.70 -15.33 3.58
CA PHE A 270 -7.17 -15.50 2.24
C PHE A 270 -7.13 -16.99 1.88
N ASP A 271 -6.99 -17.25 0.59
CA ASP A 271 -6.99 -18.62 0.10
C ASP A 271 -5.89 -19.42 0.81
N GLN A 272 -6.12 -20.73 0.90
CA GLN A 272 -5.26 -21.66 1.63
C GLN A 272 -3.76 -21.47 1.34
N LEU A 273 -3.40 -21.33 0.08
CA LEU A 273 -1.99 -21.22 -0.28
C LEU A 273 -1.43 -19.86 0.11
N THR A 274 -2.17 -18.80 -0.20
CA THR A 274 -1.67 -17.45 0.03
C THR A 274 -1.43 -17.18 1.50
N GLN A 275 -2.37 -17.59 2.35
CA GLN A 275 -2.21 -17.40 3.78
C GLN A 275 -1.03 -18.21 4.32
N ASP A 276 -0.74 -19.39 3.75
CA ASP A 276 0.48 -20.11 4.12
C ASP A 276 1.71 -19.22 3.88
N VAL A 277 1.77 -18.57 2.71
CA VAL A 277 2.94 -17.74 2.41
C VAL A 277 3.00 -16.53 3.34
N PHE A 278 1.85 -15.87 3.58
CA PHE A 278 1.85 -14.72 4.50
C PHE A 278 2.31 -15.14 5.89
N LEU A 279 1.78 -16.24 6.42
CA LEU A 279 2.07 -16.64 7.79
C LEU A 279 3.49 -17.17 7.94
N ASP A 280 3.96 -17.94 6.96
CA ASP A 280 5.36 -18.38 6.97
C ASP A 280 6.29 -17.19 6.97
N LEU A 281 5.91 -16.10 6.27
CA LEU A 281 6.76 -14.93 6.21
C LEU A 281 6.88 -14.28 7.59
N ILE A 282 5.75 -14.08 8.28
CA ILE A 282 5.80 -13.39 9.57
C ILE A 282 6.48 -14.26 10.62
N TYR A 283 6.11 -15.52 10.69
CA TYR A 283 6.66 -16.42 11.69
C TYR A 283 8.13 -16.76 11.39
N GLY A 284 8.44 -17.02 10.12
CA GLY A 284 9.82 -17.26 9.74
C GLY A 284 10.72 -16.08 10.06
N ASN A 285 10.23 -14.86 9.83
CA ASN A 285 11.04 -13.69 10.17
C ASN A 285 11.36 -13.67 11.66
N PHE A 286 10.41 -14.08 12.49
CA PHE A 286 10.65 -14.13 13.93
C PHE A 286 11.70 -15.20 14.27
N VAL A 287 11.58 -16.38 13.68
CA VAL A 287 12.56 -17.45 13.97
C VAL A 287 13.95 -17.00 13.57
N TRP A 288 14.07 -16.41 12.38
CA TRP A 288 15.35 -15.93 11.88
C TRP A 288 15.93 -14.82 12.76
N THR A 289 15.09 -13.82 13.10
CA THR A 289 15.52 -12.69 13.90
C THR A 289 16.08 -13.15 15.25
N THR A 290 15.42 -14.10 15.91
CA THR A 290 15.91 -14.56 17.20
C THR A 290 17.12 -15.48 17.09
N SER A 291 17.50 -15.91 15.88
CA SER A 291 18.64 -16.80 15.68
C SER A 291 19.83 -16.09 15.05
N ASN A 292 19.78 -14.78 14.92
CA ASN A 292 20.72 -14.02 14.09
C ASN A 292 21.50 -13.06 14.97
N LYS A 293 22.83 -13.11 14.84
CA LYS A 293 23.70 -12.25 15.63
C LYS A 293 23.53 -10.78 15.25
N ARG A 294 23.05 -10.53 14.03
CA ARG A 294 22.70 -9.18 13.65
C ARG A 294 21.80 -8.53 14.70
N TYR A 295 20.88 -9.31 15.26
CA TYR A 295 19.89 -8.79 16.20
C TYR A 295 20.25 -9.12 17.63
N LYS A 296 21.54 -9.01 17.97
CA LYS A 296 22.12 -9.61 19.16
C LYS A 296 23.31 -8.80 19.70
N THR A 297 23.33 -7.48 19.44
CA THR A 297 24.05 -6.43 20.16
C THR A 297 23.91 -5.15 19.33
N ALA A 298 23.95 -4.01 20.02
CA ALA A 298 23.90 -2.73 19.32
C ALA A 298 24.84 -2.71 18.12
N VAL A 299 26.11 -3.09 18.32
CA VAL A 299 27.06 -3.09 17.21
C VAL A 299 27.96 -4.31 17.33
N ASN A 300 28.00 -5.12 16.27
CA ASN A 300 28.96 -6.22 16.18
C ASN A 300 29.40 -6.32 14.73
N ASP A 301 30.27 -7.29 14.44
CA ASP A 301 30.89 -7.31 13.12
C ASP A 301 29.90 -7.53 11.97
N VAL A 302 28.70 -8.08 12.20
CA VAL A 302 27.77 -8.33 11.10
C VAL A 302 26.67 -7.28 10.97
N ASN A 303 26.44 -6.44 11.99
CA ASN A 303 25.51 -5.33 11.79
C ASN A 303 26.22 -3.97 11.79
N SER A 304 27.55 -3.95 11.63
CA SER A 304 28.28 -2.70 11.70
C SER A 304 28.07 -1.87 10.44
N ARG A 305 27.52 -0.67 10.60
CA ARG A 305 27.27 0.20 9.44
C ARG A 305 28.46 0.16 8.51
N ILE A 306 28.18 -0.08 7.23
CA ILE A 306 29.22 -0.09 6.20
C ILE A 306 29.46 1.36 5.83
N GLN A 307 30.66 1.86 6.09
CA GLN A 307 30.88 3.30 5.91
C GLN A 307 31.86 3.61 4.79
N GLY B 9 -42.83 -5.39 5.36
CA GLY B 9 -41.46 -5.37 4.91
C GLY B 9 -40.53 -4.91 6.00
N ALA B 10 -40.96 -3.80 6.64
CA ALA B 10 -40.20 -3.04 7.63
C ALA B 10 -38.91 -3.70 8.06
N GLN B 11 -37.82 -3.48 7.30
CA GLN B 11 -36.52 -4.09 7.55
C GLN B 11 -35.76 -3.35 8.64
N ASP B 12 -34.46 -3.15 8.43
CA ASP B 12 -33.61 -2.54 9.46
C ASP B 12 -33.46 -1.03 9.20
N ILE B 13 -34.60 -0.39 8.95
CA ILE B 13 -34.63 0.95 8.35
C ILE B 13 -33.73 1.92 9.11
N GLY B 14 -33.88 1.99 10.44
CA GLY B 14 -33.27 3.08 11.19
C GLY B 14 -31.77 3.17 11.00
N ARG B 15 -31.11 2.04 10.76
CA ARG B 15 -29.67 1.96 10.58
C ARG B 15 -29.25 2.03 9.11
N SER B 16 -30.18 2.10 8.17
CA SER B 16 -29.73 2.05 6.78
C SER B 16 -29.59 3.40 6.11
N SER B 17 -29.40 4.49 6.86
CA SER B 17 -29.27 5.80 6.25
C SER B 17 -28.51 6.72 7.20
N VAL B 18 -27.57 7.50 6.64
CA VAL B 18 -26.95 8.54 7.44
C VAL B 18 -27.62 9.89 7.19
N ARG B 19 -28.81 9.89 6.60
CA ARG B 19 -29.52 11.12 6.26
C ARG B 19 -29.72 12.06 7.44
N PRO B 20 -30.17 11.63 8.63
CA PRO B 20 -30.25 12.57 9.75
C PRO B 20 -28.98 13.39 9.99
N TYR B 21 -27.81 12.82 9.76
CA TYR B 21 -26.53 13.46 10.07
C TYR B 21 -25.95 14.24 8.90
N LEU B 22 -26.67 14.34 7.79
CA LEU B 22 -26.11 14.92 6.55
C LEU B 22 -25.59 16.35 6.79
N GLU B 23 -26.41 17.22 7.34
CA GLU B 23 -26.01 18.62 7.43
C GLU B 23 -24.85 18.80 8.41
N GLU B 24 -24.96 18.19 9.59
CA GLU B 24 -23.92 18.33 10.61
C GLU B 24 -22.58 17.80 10.12
N CYS B 25 -22.59 16.61 9.51
CA CYS B 25 -21.33 16.03 9.07
C CYS B 25 -20.72 16.84 7.93
N THR B 26 -21.54 17.31 7.00
CA THR B 26 -21.00 18.15 5.93
C THR B 26 -20.32 19.38 6.51
N ARG B 27 -21.01 20.04 7.44
CA ARG B 27 -20.47 21.20 8.13
C ARG B 27 -19.15 20.85 8.81
N ARG B 28 -19.10 19.71 9.51
CA ARG B 28 -17.90 19.34 10.25
C ARG B 28 -16.73 19.05 9.31
N PHE B 29 -16.98 18.29 8.24
CA PHE B 29 -15.94 18.08 7.22
C PHE B 29 -15.37 19.42 6.75
N GLN B 30 -16.24 20.33 6.33
CA GLN B 30 -15.77 21.59 5.78
C GLN B 30 -14.96 22.37 6.81
N GLU B 31 -15.40 22.37 8.06
CA GLU B 31 -14.67 23.11 9.09
C GLU B 31 -13.29 22.50 9.28
N MET B 32 -13.22 21.17 9.22
CA MET B 32 -11.94 20.49 9.34
C MET B 32 -10.99 20.97 8.25
N PHE B 33 -11.44 20.96 6.98
CA PHE B 33 -10.60 21.43 5.89
C PHE B 33 -10.21 22.90 6.07
N ASP B 34 -11.16 23.74 6.49
CA ASP B 34 -10.86 25.16 6.66
C ASP B 34 -9.76 25.35 7.70
N ARG B 35 -9.72 24.50 8.71
CA ARG B 35 -8.75 24.72 9.77
C ARG B 35 -7.45 23.95 9.57
N HIS B 36 -7.42 22.97 8.65
CA HIS B 36 -6.18 22.24 8.40
C HIS B 36 -5.68 22.31 6.96
N VAL B 37 -6.40 22.95 6.05
CA VAL B 37 -5.97 23.13 4.67
C VAL B 37 -6.17 24.57 4.20
N VAL B 38 -7.26 25.21 4.66
CA VAL B 38 -7.64 26.60 4.37
C VAL B 38 -8.08 26.79 2.92
N THR B 39 -7.12 26.84 1.99
CA THR B 39 -7.40 27.30 0.64
C THR B 39 -8.08 26.20 -0.16
N ARG B 40 -9.00 26.60 -1.04
CA ARG B 40 -9.88 25.66 -1.69
C ARG B 40 -9.11 24.73 -2.64
N PRO B 41 -9.75 23.69 -3.16
CA PRO B 41 -9.27 23.11 -4.42
C PRO B 41 -9.79 23.91 -5.61
N THR B 42 -9.31 23.55 -6.79
CA THR B 42 -9.53 24.32 -8.01
C THR B 42 -9.95 23.40 -9.14
N LYS B 43 -11.03 23.76 -9.83
CA LYS B 43 -11.52 22.98 -10.95
C LYS B 43 -10.70 23.32 -12.20
N VAL B 44 -10.17 22.30 -12.88
CA VAL B 44 -9.65 22.53 -14.22
C VAL B 44 -10.81 22.63 -15.19
N GLU B 45 -10.87 23.73 -15.93
CA GLU B 45 -11.77 23.84 -17.07
C GLU B 45 -11.11 23.14 -18.25
N LEU B 46 -11.83 22.21 -18.88
CA LEU B 46 -11.49 21.76 -20.21
C LEU B 46 -12.21 22.66 -21.21
N THR B 47 -11.71 22.71 -22.45
CA THR B 47 -12.53 23.38 -23.45
C THR B 47 -13.63 22.45 -23.93
N ASP B 48 -14.19 22.78 -25.09
CA ASP B 48 -15.16 21.87 -25.71
C ASP B 48 -14.45 20.71 -26.38
N ALA B 49 -13.34 20.98 -27.08
CA ALA B 49 -12.63 19.93 -27.81
C ALA B 49 -11.91 18.96 -26.86
N GLU B 50 -11.23 19.50 -25.84
CA GLU B 50 -10.58 18.65 -24.84
C GLU B 50 -11.61 17.75 -24.16
N LEU B 51 -12.75 18.33 -23.77
CA LEU B 51 -13.83 17.55 -23.19
C LEU B 51 -14.28 16.46 -24.16
N ARG B 52 -14.51 16.83 -25.43
CA ARG B 52 -15.05 15.83 -26.34
C ARG B 52 -14.01 14.77 -26.66
N GLU B 53 -12.74 15.15 -26.77
CA GLU B 53 -11.67 14.15 -26.93
C GLU B 53 -11.67 13.17 -25.75
N VAL B 54 -11.97 13.67 -24.56
CA VAL B 54 -12.08 12.78 -23.39
C VAL B 54 -13.29 11.87 -23.52
N ILE B 55 -14.46 12.45 -23.79
CA ILE B 55 -15.67 11.62 -23.79
C ILE B 55 -15.67 10.64 -24.98
N ASP B 56 -15.23 11.10 -26.16
CA ASP B 56 -14.97 10.17 -27.28
C ASP B 56 -14.18 8.95 -26.81
N ASP B 57 -13.08 9.17 -26.07
CA ASP B 57 -12.25 8.04 -25.66
C ASP B 57 -12.98 7.13 -24.68
N CYS B 58 -13.77 7.71 -23.77
CA CYS B 58 -14.52 6.90 -22.81
C CYS B 58 -15.53 5.99 -23.50
N ASN B 59 -16.25 6.54 -24.47
CA ASN B 59 -17.22 5.73 -25.20
C ASN B 59 -16.53 4.66 -26.01
N ALA B 60 -15.40 4.99 -26.63
CA ALA B 60 -14.65 3.99 -27.39
C ALA B 60 -14.23 2.85 -26.48
N ALA B 61 -13.79 3.18 -25.26
CA ALA B 61 -13.22 2.18 -24.37
C ALA B 61 -14.25 1.17 -23.88
N VAL B 62 -15.47 1.63 -23.57
CA VAL B 62 -16.47 0.73 -23.00
C VAL B 62 -17.44 0.21 -24.04
N ALA B 63 -17.41 0.74 -25.26
CA ALA B 63 -18.22 0.23 -26.36
C ALA B 63 -18.14 -1.28 -26.52
N PRO B 64 -16.98 -1.92 -26.52
CA PRO B 64 -16.96 -3.39 -26.60
C PRO B 64 -17.81 -4.06 -25.55
N LEU B 65 -18.03 -3.44 -24.38
CA LEU B 65 -18.74 -4.12 -23.30
C LEU B 65 -20.26 -4.08 -23.42
N GLY B 66 -20.81 -3.32 -24.38
CA GLY B 66 -22.21 -3.42 -24.73
C GLY B 66 -23.16 -2.49 -24.01
N LYS B 67 -22.66 -1.60 -23.18
CA LYS B 67 -23.50 -0.70 -22.40
C LYS B 67 -23.16 0.73 -22.75
N THR B 68 -24.16 1.49 -23.21
CA THR B 68 -23.97 2.90 -23.49
C THR B 68 -24.17 3.71 -22.22
N VAL B 69 -23.34 4.72 -22.05
CA VAL B 69 -23.34 5.57 -20.87
C VAL B 69 -23.61 7.01 -21.34
N SER B 70 -24.55 7.68 -20.68
CA SER B 70 -24.93 9.03 -21.08
C SER B 70 -23.80 10.02 -20.79
N ASP B 71 -23.79 11.13 -21.55
CA ASP B 71 -22.86 12.22 -21.25
C ASP B 71 -23.04 12.73 -19.82
N GLU B 72 -24.29 12.78 -19.34
CA GLU B 72 -24.53 13.20 -17.96
C GLU B 72 -23.84 12.27 -16.98
N ARG B 73 -23.88 10.97 -17.25
CA ARG B 73 -23.22 10.01 -16.38
C ARG B 73 -21.71 10.15 -16.46
N TRP B 74 -21.16 10.25 -17.68
CA TRP B 74 -19.72 10.50 -17.84
C TRP B 74 -19.30 11.75 -17.09
N ILE B 75 -20.11 12.81 -17.14
CA ILE B 75 -19.80 14.04 -16.43
C ILE B 75 -19.80 13.79 -14.92
N SER B 76 -20.73 12.98 -14.45
CA SER B 76 -20.78 12.67 -13.02
C SER B 76 -19.55 11.88 -12.57
N TYR B 77 -18.95 11.09 -13.47
CA TYR B 77 -17.73 10.38 -13.15
C TYR B 77 -16.51 11.28 -13.25
N VAL B 78 -16.46 12.15 -14.26
CA VAL B 78 -15.21 12.84 -14.58
C VAL B 78 -14.93 13.98 -13.62
N GLY B 79 -15.96 14.52 -12.94
CA GLY B 79 -15.77 15.67 -12.08
C GLY B 79 -14.71 15.46 -11.00
N VAL B 80 -14.51 14.22 -10.55
CA VAL B 80 -13.51 13.99 -9.50
C VAL B 80 -12.13 14.36 -10.01
N VAL B 81 -11.85 14.09 -11.29
CA VAL B 81 -10.54 14.48 -11.84
C VAL B 81 -10.47 15.99 -12.01
N LEU B 82 -11.56 16.61 -12.48
CA LEU B 82 -11.55 18.05 -12.68
C LEU B 82 -11.34 18.82 -11.38
N TRP B 83 -11.87 18.30 -10.27
CA TRP B 83 -11.79 18.98 -8.98
C TRP B 83 -10.61 18.57 -8.11
N SER B 84 -10.08 17.35 -8.28
CA SER B 84 -9.17 16.81 -7.28
C SER B 84 -7.76 16.57 -7.81
N GLN B 85 -7.38 17.22 -8.92
CA GLN B 85 -5.98 17.34 -9.28
C GLN B 85 -5.49 18.70 -8.76
N SER B 86 -4.34 19.18 -9.24
CA SER B 86 -3.76 20.43 -8.74
C SER B 86 -3.42 21.32 -9.92
N PRO B 87 -4.34 22.22 -10.30
CA PRO B 87 -4.17 22.99 -11.54
C PRO B 87 -2.85 23.72 -11.65
N ARG B 88 -2.40 24.39 -10.60
CA ARG B 88 -1.23 25.24 -10.75
C ARG B 88 0.04 24.44 -11.02
N HIS B 89 0.05 23.16 -10.66
CA HIS B 89 1.21 22.30 -10.82
C HIS B 89 1.19 21.52 -12.11
N ILE B 90 0.11 21.60 -12.89
CA ILE B 90 -0.03 20.74 -14.05
C ILE B 90 0.97 21.20 -15.12
N LYS B 91 1.87 20.30 -15.51
CA LYS B 91 2.62 20.50 -16.74
C LYS B 91 1.97 19.82 -17.93
N ASP B 92 1.68 18.52 -17.84
CA ASP B 92 1.29 17.70 -18.99
C ASP B 92 -0.22 17.52 -19.03
N MET B 93 -0.90 18.31 -19.87
CA MET B 93 -2.35 18.20 -19.98
C MET B 93 -2.81 16.96 -20.72
N GLU B 94 -1.99 16.35 -21.56
CA GLU B 94 -2.44 15.10 -22.16
C GLU B 94 -2.38 13.94 -21.16
N ALA B 95 -1.52 14.02 -20.15
CA ALA B 95 -1.59 13.04 -19.07
C ALA B 95 -2.84 13.28 -18.23
N PHE B 96 -3.26 14.54 -18.10
CA PHE B 96 -4.48 14.84 -17.37
C PHE B 96 -5.68 14.23 -18.08
N LYS B 97 -5.73 14.32 -19.41
CA LYS B 97 -6.83 13.73 -20.16
C LYS B 97 -6.81 12.21 -20.07
N ALA B 98 -5.61 11.60 -20.00
CA ALA B 98 -5.52 10.17 -19.72
C ALA B 98 -6.25 9.80 -18.42
N VAL B 99 -6.05 10.59 -17.37
CA VAL B 99 -6.64 10.26 -16.08
C VAL B 99 -8.14 10.47 -16.11
N CYS B 100 -8.63 11.51 -16.82
CA CYS B 100 -10.07 11.64 -17.03
C CYS B 100 -10.64 10.36 -17.63
N VAL B 101 -10.03 9.88 -18.72
CA VAL B 101 -10.58 8.71 -19.39
C VAL B 101 -10.46 7.48 -18.49
N LEU B 102 -9.27 7.21 -17.97
CA LEU B 102 -9.07 6.00 -17.17
C LEU B 102 -9.94 6.01 -15.92
N ASN B 103 -10.04 7.16 -15.25
CA ASN B 103 -10.96 7.29 -14.14
C ASN B 103 -12.37 6.89 -14.53
N CYS B 104 -12.88 7.43 -15.65
CA CYS B 104 -14.28 7.25 -15.98
C CYS B 104 -14.61 5.81 -16.36
N VAL B 105 -13.79 5.18 -17.21
CA VAL B 105 -14.17 3.87 -17.68
C VAL B 105 -14.06 2.83 -16.56
N THR B 106 -13.12 3.01 -15.62
CA THR B 106 -13.10 2.07 -14.49
C THR B 106 -14.17 2.41 -13.45
N PHE B 107 -14.67 3.64 -13.43
CA PHE B 107 -15.88 3.93 -12.65
C PHE B 107 -17.06 3.10 -13.17
N VAL B 108 -17.19 3.01 -14.50
CA VAL B 108 -18.24 2.18 -15.10
C VAL B 108 -18.09 0.73 -14.65
N TRP B 109 -16.86 0.21 -14.71
CA TRP B 109 -16.57 -1.14 -14.23
C TRP B 109 -17.01 -1.34 -12.79
N ASP B 110 -16.75 -0.33 -11.93
CA ASP B 110 -17.17 -0.33 -10.53
C ASP B 110 -18.69 -0.43 -10.39
N ASP B 111 -19.43 0.19 -11.32
CA ASP B 111 -20.89 0.21 -11.30
C ASP B 111 -21.53 -0.95 -12.06
N MET B 112 -20.75 -1.90 -12.55
CA MET B 112 -21.28 -2.91 -13.44
C MET B 112 -21.57 -4.23 -12.72
N ASP B 113 -22.74 -4.78 -13.03
CA ASP B 113 -22.99 -6.20 -12.84
C ASP B 113 -21.84 -7.00 -13.42
N PRO B 114 -21.25 -7.91 -12.64
CA PRO B 114 -19.94 -8.47 -13.01
C PRO B 114 -19.98 -9.46 -14.14
N ALA B 115 -21.14 -9.68 -14.74
CA ALA B 115 -21.16 -10.37 -16.02
C ALA B 115 -20.49 -9.52 -17.09
N LEU B 116 -20.91 -8.26 -17.27
CA LEU B 116 -20.35 -7.41 -18.31
C LEU B 116 -18.86 -7.20 -18.20
N HIS B 117 -18.22 -7.63 -17.11
CA HIS B 117 -16.77 -7.59 -17.04
C HIS B 117 -16.20 -8.53 -18.10
N ASP B 118 -15.66 -7.96 -19.19
CA ASP B 118 -14.99 -8.70 -20.26
C ASP B 118 -13.51 -8.30 -20.23
N PHE B 119 -12.68 -9.09 -19.54
CA PHE B 119 -11.26 -8.74 -19.49
C PHE B 119 -10.64 -8.75 -20.87
N GLY B 120 -11.09 -9.64 -21.75
CA GLY B 120 -10.47 -9.77 -23.06
C GLY B 120 -10.69 -8.55 -23.95
N LEU B 121 -11.83 -7.88 -23.79
CA LEU B 121 -12.11 -6.73 -24.63
C LEU B 121 -11.77 -5.42 -23.92
N PHE B 122 -11.86 -5.41 -22.59
CA PHE B 122 -11.62 -4.17 -21.85
C PHE B 122 -10.13 -3.91 -21.62
N LEU B 123 -9.34 -4.92 -21.25
CA LEU B 123 -7.90 -4.69 -21.09
C LEU B 123 -7.23 -4.08 -22.32
N PRO B 124 -7.48 -4.55 -23.56
CA PRO B 124 -6.86 -3.88 -24.72
C PRO B 124 -7.23 -2.41 -24.83
N GLN B 125 -8.48 -2.06 -24.50
CA GLN B 125 -8.89 -0.65 -24.49
C GLN B 125 -8.10 0.16 -23.48
N LEU B 126 -7.86 -0.40 -22.30
CA LEU B 126 -7.04 0.30 -21.33
C LEU B 126 -5.64 0.55 -21.89
N ARG B 127 -5.07 -0.44 -22.59
CA ARG B 127 -3.75 -0.23 -23.19
C ARG B 127 -3.79 0.82 -24.31
N LYS B 128 -4.82 0.78 -25.18
CA LYS B 128 -4.94 1.80 -26.21
C LYS B 128 -4.96 3.20 -25.60
N ILE B 129 -5.67 3.35 -24.47
CA ILE B 129 -5.72 4.65 -23.82
C ILE B 129 -4.34 5.04 -23.30
N CYS B 130 -3.68 4.10 -22.60
CA CYS B 130 -2.42 4.44 -21.96
C CYS B 130 -1.37 4.85 -23.00
N GLU B 131 -1.55 4.43 -24.25
CA GLU B 131 -0.55 4.68 -25.28
C GLU B 131 -0.88 5.92 -26.11
N LYS B 132 -2.16 6.27 -26.23
CA LYS B 132 -2.47 7.53 -26.88
C LYS B 132 -1.96 8.72 -26.07
N TYR B 133 -2.07 8.64 -24.75
CA TYR B 133 -1.83 9.79 -23.88
C TYR B 133 -0.46 9.82 -23.21
N TYR B 134 0.22 8.68 -23.06
CA TYR B 134 1.46 8.59 -22.31
C TYR B 134 2.63 8.13 -23.18
N GLY B 135 3.80 8.70 -22.92
CA GLY B 135 5.04 8.11 -23.40
C GLY B 135 5.20 6.70 -22.86
N PRO B 136 6.28 6.00 -23.27
CA PRO B 136 6.32 4.53 -23.14
C PRO B 136 6.49 3.97 -21.72
N GLU B 137 7.43 4.48 -20.93
CA GLU B 137 7.58 4.09 -19.53
C GLU B 137 6.31 4.38 -18.72
N ASP B 138 5.67 5.52 -18.97
CA ASP B 138 4.48 5.88 -18.19
C ASP B 138 3.26 5.07 -18.61
N ALA B 139 3.17 4.76 -19.91
CA ALA B 139 2.09 3.92 -20.39
C ALA B 139 2.12 2.56 -19.70
N GLU B 140 3.32 2.05 -19.41
CA GLU B 140 3.42 0.77 -18.72
C GLU B 140 2.90 0.87 -17.29
N VAL B 141 3.27 1.93 -16.58
CA VAL B 141 2.91 2.07 -15.17
C VAL B 141 1.42 2.35 -15.01
N ALA B 142 0.83 3.14 -15.93
CA ALA B 142 -0.59 3.43 -15.83
C ALA B 142 -1.43 2.22 -16.19
N TYR B 143 -1.01 1.45 -17.20
CA TYR B 143 -1.76 0.25 -17.56
C TYR B 143 -1.73 -0.80 -16.43
N GLU B 144 -0.55 -1.05 -15.84
CA GLU B 144 -0.47 -2.03 -14.75
C GLU B 144 -1.40 -1.64 -13.60
N ALA B 145 -1.45 -0.35 -13.27
CA ALA B 145 -2.30 0.08 -12.17
C ALA B 145 -3.78 -0.05 -12.54
N ALA B 146 -4.16 0.27 -13.79
CA ALA B 146 -5.55 0.12 -14.19
C ALA B 146 -5.96 -1.35 -14.20
N ARG B 147 -5.12 -2.20 -14.77
CA ARG B 147 -5.33 -3.65 -14.72
C ARG B 147 -5.47 -4.13 -13.27
N ALA B 148 -4.56 -3.70 -12.41
CA ALA B 148 -4.60 -4.16 -11.01
C ALA B 148 -5.89 -3.73 -10.34
N PHE B 149 -6.39 -2.53 -10.68
CA PHE B 149 -7.63 -2.08 -10.05
C PHE B 149 -8.85 -2.86 -10.57
N VAL B 150 -8.97 -3.05 -11.88
CA VAL B 150 -10.20 -3.70 -12.33
C VAL B 150 -10.20 -5.18 -11.95
N THR B 151 -9.04 -5.80 -11.88
CA THR B 151 -8.99 -7.18 -11.38
C THR B 151 -9.39 -7.26 -9.91
N SER B 152 -8.92 -6.31 -9.09
CA SER B 152 -9.31 -6.26 -7.69
C SER B 152 -10.81 -6.08 -7.52
N ASP B 153 -11.40 -5.09 -8.20
CA ASP B 153 -12.83 -4.87 -8.04
C ASP B 153 -13.60 -6.14 -8.39
N HIS B 154 -13.17 -6.86 -9.42
CA HIS B 154 -13.87 -8.07 -9.85
C HIS B 154 -13.71 -9.19 -8.81
N MET B 155 -12.47 -9.44 -8.40
CA MET B 155 -12.24 -10.66 -7.63
C MET B 155 -12.80 -10.57 -6.22
N PHE B 156 -13.03 -9.35 -5.72
CA PHE B 156 -13.57 -9.22 -4.38
C PHE B 156 -15.09 -9.06 -4.34
N ARG B 157 -15.79 -9.28 -5.43
CA ARG B 157 -17.25 -9.16 -5.41
C ARG B 157 -17.92 -10.19 -4.49
N ASP B 158 -17.45 -11.44 -4.48
CA ASP B 158 -18.12 -12.37 -3.54
C ASP B 158 -17.15 -12.90 -2.48
N SER B 159 -16.22 -12.05 -2.06
CA SER B 159 -15.05 -12.54 -1.36
C SER B 159 -15.25 -12.58 0.15
N PRO B 160 -14.94 -13.73 0.76
CA PRO B 160 -14.74 -13.74 2.22
C PRO B 160 -13.61 -12.82 2.67
N ILE B 161 -12.61 -12.59 1.83
CA ILE B 161 -11.54 -11.67 2.21
C ILE B 161 -12.12 -10.26 2.38
N LYS B 162 -12.96 -9.84 1.45
CA LYS B 162 -13.52 -8.49 1.55
C LYS B 162 -14.35 -8.33 2.83
N ALA B 163 -15.14 -9.33 3.19
CA ALA B 163 -15.93 -9.24 4.42
C ALA B 163 -15.03 -9.21 5.65
N ALA B 164 -13.96 -10.02 5.65
CA ALA B 164 -13.06 -9.98 6.80
C ALA B 164 -12.37 -8.62 6.91
N LEU B 165 -11.95 -8.05 5.78
CA LEU B 165 -11.27 -6.77 5.84
C LEU B 165 -12.24 -5.62 6.05
N CYS B 166 -13.53 -5.82 5.80
CA CYS B 166 -14.52 -4.76 5.96
C CYS B 166 -15.38 -4.88 7.22
N THR B 167 -15.23 -5.94 8.00
CA THR B 167 -16.04 -6.06 9.21
C THR B 167 -15.21 -6.14 10.49
N THR B 168 -13.88 -6.03 10.41
CA THR B 168 -13.04 -6.20 11.60
C THR B 168 -12.76 -4.87 12.31
N SER B 169 -11.87 -4.05 11.78
CA SER B 169 -11.51 -2.77 12.39
C SER B 169 -11.42 -1.72 11.31
N PRO B 170 -11.29 -0.44 11.67
CA PRO B 170 -11.01 0.57 10.62
C PRO B 170 -9.68 0.36 9.91
N GLU B 171 -8.64 -0.08 10.63
CA GLU B 171 -7.34 -0.26 10.01
C GLU B 171 -7.36 -1.36 8.94
N GLN B 172 -8.01 -2.51 9.20
CA GLN B 172 -8.12 -3.53 8.16
C GLN B 172 -8.90 -2.98 6.95
N TYR B 173 -9.98 -2.26 7.23
CA TYR B 173 -10.81 -1.72 6.16
C TYR B 173 -10.01 -0.76 5.28
N PHE B 174 -9.30 0.18 5.89
CA PHE B 174 -8.56 1.17 5.09
C PHE B 174 -7.42 0.52 4.31
N ARG B 175 -6.84 -0.58 4.84
CA ARG B 175 -5.87 -1.32 4.05
C ARG B 175 -6.48 -1.88 2.77
N PHE B 176 -7.70 -2.39 2.86
CA PHE B 176 -8.38 -2.85 1.64
C PHE B 176 -8.58 -1.69 0.66
N ARG B 177 -8.89 -0.51 1.18
CA ARG B 177 -9.28 0.59 0.31
C ARG B 177 -8.10 1.28 -0.36
N VAL B 178 -6.87 1.07 0.11
CA VAL B 178 -5.72 1.64 -0.60
C VAL B 178 -5.80 1.29 -2.07
N THR B 179 -6.18 0.06 -2.39
CA THR B 179 -6.41 -0.36 -3.76
C THR B 179 -7.86 -0.17 -4.18
N ASP B 180 -8.81 -0.57 -3.34
CA ASP B 180 -10.18 -0.69 -3.80
C ASP B 180 -10.81 0.67 -4.10
N ILE B 181 -10.50 1.72 -3.35
CA ILE B 181 -11.09 3.00 -3.73
C ILE B 181 -10.42 3.57 -4.95
N GLY B 182 -9.34 2.94 -5.45
CA GLY B 182 -8.68 3.34 -6.68
C GLY B 182 -7.59 4.38 -6.53
N VAL B 183 -7.19 4.73 -5.30
CA VAL B 183 -6.25 5.83 -5.13
C VAL B 183 -4.83 5.44 -5.53
N ASP B 184 -4.40 4.21 -5.28
CA ASP B 184 -3.09 3.82 -5.77
C ASP B 184 -3.02 3.92 -7.28
N PHE B 185 -4.06 3.44 -7.95
CA PHE B 185 -4.18 3.56 -9.40
C PHE B 185 -4.14 5.03 -9.81
N TRP B 186 -4.92 5.87 -9.13
CA TRP B 186 -4.92 7.31 -9.37
C TRP B 186 -3.52 7.89 -9.35
N MET B 187 -2.75 7.59 -8.29
CA MET B 187 -1.42 8.16 -8.18
C MET B 187 -0.52 7.67 -9.32
N LYS B 188 -0.60 6.37 -9.65
CA LYS B 188 0.31 5.83 -10.64
C LYS B 188 -0.04 6.26 -12.05
N MET B 189 -1.25 6.75 -12.30
CA MET B 189 -1.55 7.34 -13.60
C MET B 189 -1.48 8.87 -13.60
N SER B 190 -1.42 9.51 -12.42
CA SER B 190 -1.41 10.96 -12.33
C SER B 190 -0.01 11.56 -12.26
N TYR B 191 1.02 10.82 -11.86
CA TYR B 191 2.33 11.45 -11.74
C TYR B 191 2.87 12.00 -13.06
N PRO B 192 2.59 11.43 -14.23
CA PRO B 192 3.06 12.09 -15.46
C PRO B 192 2.38 13.44 -15.70
N ILE B 193 1.27 13.75 -15.02
CA ILE B 193 0.66 15.07 -15.15
C ILE B 193 1.64 16.14 -14.68
N TYR B 194 2.38 15.83 -13.62
CA TYR B 194 3.18 16.81 -12.89
C TYR B 194 4.66 16.77 -13.25
N ARG B 195 5.18 15.65 -13.73
CA ARG B 195 6.61 15.48 -14.02
C ARG B 195 7.45 16.00 -12.86
N HIS B 196 7.20 15.47 -11.68
CA HIS B 196 7.86 15.96 -10.49
C HIS B 196 8.52 14.78 -9.76
N PRO B 197 9.85 14.66 -9.83
CA PRO B 197 10.51 13.43 -9.35
C PRO B 197 10.05 12.90 -7.99
N GLU B 198 10.03 13.71 -6.93
CA GLU B 198 9.67 13.15 -5.62
C GLU B 198 8.20 12.72 -5.57
N PHE B 199 7.30 13.45 -6.25
CA PHE B 199 5.92 12.99 -6.31
C PHE B 199 5.83 11.67 -7.07
N THR B 200 6.62 11.54 -8.14
CA THR B 200 6.68 10.31 -8.91
C THR B 200 7.16 9.14 -8.04
N GLU B 201 8.13 9.39 -7.15
CA GLU B 201 8.58 8.30 -6.29
C GLU B 201 7.50 7.91 -5.26
N HIS B 202 6.86 8.90 -4.64
CA HIS B 202 5.82 8.58 -3.66
C HIS B 202 4.66 7.84 -4.34
N ALA B 203 4.42 8.15 -5.61
CA ALA B 203 3.40 7.42 -6.35
C ALA B 203 3.84 5.96 -6.57
N LYS B 204 5.08 5.76 -6.98
CA LYS B 204 5.54 4.42 -7.30
C LYS B 204 5.67 3.52 -6.08
N THR B 205 6.00 4.07 -4.92
CA THR B 205 6.06 3.26 -3.69
C THR B 205 4.68 3.02 -3.10
N SER B 206 3.66 3.74 -3.56
CA SER B 206 2.31 3.77 -3.00
C SER B 206 2.23 4.51 -1.67
N LEU B 207 3.32 5.13 -1.20
CA LEU B 207 3.21 5.98 -0.01
C LEU B 207 2.21 7.12 -0.26
N ALA B 208 2.17 7.63 -1.49
CA ALA B 208 1.20 8.67 -1.84
C ALA B 208 -0.23 8.17 -1.61
N ALA B 209 -0.54 6.98 -2.11
CA ALA B 209 -1.84 6.39 -1.90
C ALA B 209 -2.12 6.14 -0.42
N ARG B 210 -1.12 5.61 0.29
CA ARG B 210 -1.34 5.32 1.70
C ARG B 210 -1.63 6.59 2.50
N MET B 211 -1.06 7.74 2.12
CA MET B 211 -1.30 8.95 2.90
C MET B 211 -2.68 9.55 2.64
N THR B 212 -3.28 9.26 1.50
CA THR B 212 -4.53 9.93 1.11
C THR B 212 -5.75 9.02 1.19
N THR B 213 -5.54 7.73 1.45
CA THR B 213 -6.64 6.76 1.43
C THR B 213 -7.74 7.13 2.42
N ARG B 214 -7.37 7.46 3.66
CA ARG B 214 -8.43 7.68 4.66
C ARG B 214 -9.23 8.95 4.34
N GLY B 215 -8.57 10.01 3.93
CA GLY B 215 -9.29 11.23 3.61
C GLY B 215 -10.28 11.04 2.47
N LEU B 216 -9.87 10.34 1.42
CA LEU B 216 -10.78 10.05 0.32
C LEU B 216 -11.91 9.13 0.78
N THR B 217 -11.56 8.05 1.48
CA THR B 217 -12.51 7.00 1.75
C THR B 217 -13.57 7.43 2.76
N ILE B 218 -13.16 8.12 3.82
CA ILE B 218 -14.11 8.52 4.84
C ILE B 218 -15.19 9.41 4.22
N VAL B 219 -14.77 10.34 3.37
CA VAL B 219 -15.71 11.21 2.69
C VAL B 219 -16.58 10.41 1.72
N ASN B 220 -15.97 9.58 0.88
CA ASN B 220 -16.77 8.79 -0.05
C ASN B 220 -17.77 7.93 0.70
N ASP B 221 -17.33 7.26 1.77
CA ASP B 221 -18.19 6.33 2.48
C ASP B 221 -19.40 7.05 3.08
N PHE B 222 -19.19 8.24 3.64
CA PHE B 222 -20.31 8.92 4.28
C PHE B 222 -21.40 9.22 3.26
N TYR B 223 -21.01 9.77 2.12
CA TYR B 223 -22.00 10.21 1.14
C TYR B 223 -22.49 9.09 0.22
N SER B 224 -21.83 7.93 0.19
CA SER B 224 -22.33 6.82 -0.62
C SER B 224 -22.96 5.72 0.23
N TYR B 225 -23.01 5.91 1.56
CA TYR B 225 -23.56 4.90 2.47
C TYR B 225 -24.96 4.48 2.09
N ASP B 226 -25.87 5.43 1.85
CA ASP B 226 -27.25 5.06 1.59
C ASP B 226 -27.38 4.19 0.36
N ARG B 227 -26.68 4.54 -0.72
CA ARG B 227 -26.72 3.72 -1.92
C ARG B 227 -26.13 2.34 -1.65
N GLU B 228 -24.97 2.30 -1.02
CA GLU B 228 -24.29 1.01 -0.87
C GLU B 228 -25.07 0.08 0.04
N VAL B 229 -25.66 0.60 1.12
CA VAL B 229 -26.47 -0.25 1.96
C VAL B 229 -27.71 -0.75 1.21
N SER B 230 -28.29 0.10 0.35
CA SER B 230 -29.35 -0.33 -0.57
C SER B 230 -28.94 -1.55 -1.37
N LEU B 231 -27.76 -1.53 -1.97
CA LEU B 231 -27.32 -2.52 -2.93
C LEU B 231 -26.60 -3.69 -2.28
N GLY B 232 -26.59 -3.76 -0.95
CA GLY B 232 -25.92 -4.84 -0.26
C GLY B 232 -24.41 -4.81 -0.35
N GLN B 233 -23.82 -3.65 -0.60
CA GLN B 233 -22.37 -3.55 -0.68
C GLN B 233 -21.81 -3.22 0.71
N ILE B 234 -20.81 -3.99 1.15
CA ILE B 234 -20.33 -3.85 2.52
C ILE B 234 -19.06 -3.03 2.61
N THR B 235 -18.55 -2.53 1.49
CA THR B 235 -17.28 -1.79 1.51
C THR B 235 -17.58 -0.32 1.88
N ASN B 236 -17.73 -0.09 3.19
CA ASN B 236 -18.05 1.24 3.72
C ASN B 236 -17.77 1.28 5.22
N CYS B 237 -16.92 2.20 5.68
CA CYS B 237 -16.50 2.13 7.07
C CYS B 237 -17.62 2.44 8.05
N PHE B 238 -18.69 3.15 7.63
CA PHE B 238 -19.75 3.40 8.59
C PHE B 238 -20.60 2.17 8.88
N ARG B 239 -20.44 1.07 8.12
CA ARG B 239 -21.05 -0.18 8.53
C ARG B 239 -20.38 -0.76 9.78
N LEU B 240 -19.22 -0.24 10.16
CA LEU B 240 -18.53 -0.65 11.37
C LEU B 240 -19.02 0.04 12.63
N CYS B 241 -20.02 0.93 12.54
CA CYS B 241 -20.66 1.49 13.72
C CYS B 241 -22.17 1.35 13.58
N ASP B 242 -22.86 1.55 14.69
CA ASP B 242 -24.32 1.54 14.70
C ASP B 242 -24.77 2.95 14.32
N VAL B 243 -24.97 3.18 13.02
CA VAL B 243 -25.38 4.51 12.61
C VAL B 243 -26.77 4.88 13.13
N SER B 244 -27.61 3.91 13.50
CA SER B 244 -28.89 4.26 14.11
C SER B 244 -28.77 4.68 15.56
N ASP B 245 -27.57 4.59 16.14
CA ASP B 245 -27.30 5.00 17.51
C ASP B 245 -26.52 6.31 17.43
N GLU B 246 -27.16 7.39 17.88
CA GLU B 246 -26.58 8.72 17.70
C GLU B 246 -25.25 8.84 18.41
N THR B 247 -25.20 8.45 19.69
CA THR B 247 -23.95 8.52 20.45
C THR B 247 -22.84 7.74 19.75
N ALA B 248 -23.14 6.52 19.32
CA ALA B 248 -22.12 5.68 18.71
C ALA B 248 -21.66 6.27 17.37
N PHE B 249 -22.62 6.68 16.53
CA PHE B 249 -22.24 7.26 15.24
C PHE B 249 -21.34 8.47 15.45
N LYS B 250 -21.78 9.39 16.32
CA LYS B 250 -20.99 10.58 16.62
C LYS B 250 -19.58 10.24 17.05
N GLU B 251 -19.44 9.27 17.92
CA GLU B 251 -18.11 8.88 18.41
C GLU B 251 -17.25 8.35 17.26
N PHE B 252 -17.83 7.51 16.42
CA PHE B 252 -17.12 6.95 15.29
C PHE B 252 -16.72 8.05 14.30
N PHE B 253 -17.65 8.98 14.06
CA PHE B 253 -17.37 10.03 13.09
C PHE B 253 -16.22 10.92 13.56
N GLN B 254 -16.21 11.28 14.85
CA GLN B 254 -15.08 12.02 15.40
C GLN B 254 -13.78 11.24 15.25
N ALA B 255 -13.81 9.93 15.51
CA ALA B 255 -12.60 9.13 15.30
C ALA B 255 -12.13 9.22 13.84
N ARG B 256 -13.07 9.26 12.91
CA ARG B 256 -12.68 9.34 11.50
C ARG B 256 -12.16 10.73 11.13
N LEU B 257 -12.78 11.80 11.67
CA LEU B 257 -12.22 13.14 11.51
C LEU B 257 -10.80 13.21 12.02
N ASP B 258 -10.55 12.65 13.20
CA ASP B 258 -9.20 12.66 13.76
C ASP B 258 -8.22 11.91 12.86
N ASP B 259 -8.66 10.80 12.26
CA ASP B 259 -7.81 10.11 11.28
C ASP B 259 -7.43 11.05 10.14
N MET B 260 -8.42 11.75 9.59
CA MET B 260 -8.16 12.67 8.49
C MET B 260 -7.16 13.74 8.89
N ILE B 261 -7.36 14.30 10.09
CA ILE B 261 -6.51 15.39 10.56
C ILE B 261 -5.07 14.92 10.73
N GLU B 262 -4.89 13.76 11.35
CA GLU B 262 -3.53 13.25 11.52
C GLU B 262 -2.85 13.07 10.17
N ASP B 263 -3.56 12.51 9.18
CA ASP B 263 -2.99 12.33 7.84
C ASP B 263 -2.63 13.66 7.21
N ILE B 264 -3.53 14.63 7.30
CA ILE B 264 -3.27 15.93 6.66
C ILE B 264 -2.06 16.60 7.29
N GLU B 265 -1.95 16.55 8.62
CA GLU B 265 -0.80 17.15 9.29
C GLU B 265 0.52 16.48 8.89
N CYS B 266 0.54 15.14 8.83
CA CYS B 266 1.73 14.45 8.32
C CYS B 266 1.98 14.77 6.86
N ILE B 267 0.92 14.95 6.05
CA ILE B 267 1.11 15.30 4.65
C ILE B 267 1.90 16.61 4.53
N LYS B 268 1.76 17.52 5.49
CA LYS B 268 2.46 18.80 5.42
C LYS B 268 3.98 18.68 5.56
N ALA B 269 4.49 17.48 5.89
CA ALA B 269 5.94 17.26 5.88
C ALA B 269 6.50 16.96 4.51
N PHE B 270 5.65 16.62 3.53
CA PHE B 270 6.16 16.33 2.19
C PHE B 270 6.58 17.63 1.50
N ASP B 271 7.23 17.51 0.33
CA ASP B 271 7.63 18.69 -0.42
C ASP B 271 6.38 19.43 -0.88
N GLN B 272 6.53 20.72 -1.17
CA GLN B 272 5.36 21.58 -1.32
C GLN B 272 4.52 21.20 -2.55
N LEU B 273 5.16 20.79 -3.64
CA LEU B 273 4.39 20.31 -4.78
C LEU B 273 3.57 19.08 -4.39
N THR B 274 4.26 18.05 -3.88
CA THR B 274 3.57 16.84 -3.46
C THR B 274 2.47 17.16 -2.44
N GLN B 275 2.78 17.99 -1.46
CA GLN B 275 1.82 18.39 -0.43
C GLN B 275 0.57 18.99 -1.05
N ASP B 276 0.73 19.89 -2.02
CA ASP B 276 -0.43 20.50 -2.65
C ASP B 276 -1.25 19.44 -3.39
N VAL B 277 -0.57 18.54 -4.11
CA VAL B 277 -1.29 17.51 -4.85
C VAL B 277 -2.10 16.63 -3.92
N PHE B 278 -1.49 16.18 -2.81
CA PHE B 278 -2.21 15.32 -1.87
C PHE B 278 -3.43 16.04 -1.29
N LEU B 279 -3.26 17.28 -0.85
CA LEU B 279 -4.35 17.98 -0.18
C LEU B 279 -5.47 18.35 -1.16
N ASP B 280 -5.10 18.80 -2.36
CA ASP B 280 -6.11 19.03 -3.40
C ASP B 280 -6.91 17.77 -3.68
N LEU B 281 -6.25 16.62 -3.68
CA LEU B 281 -6.95 15.37 -3.92
C LEU B 281 -8.02 15.14 -2.85
N ILE B 282 -7.63 15.26 -1.57
CA ILE B 282 -8.58 14.97 -0.50
C ILE B 282 -9.67 16.03 -0.46
N TYR B 283 -9.29 17.30 -0.53
CA TYR B 283 -10.26 18.36 -0.37
C TYR B 283 -11.11 18.50 -1.66
N GLY B 284 -10.48 18.35 -2.83
CA GLY B 284 -11.24 18.34 -4.07
C GLY B 284 -12.23 17.19 -4.14
N ASN B 285 -11.86 16.02 -3.62
CA ASN B 285 -12.82 14.93 -3.65
C ASN B 285 -14.04 15.26 -2.80
N PHE B 286 -13.83 15.99 -1.70
CA PHE B 286 -14.96 16.38 -0.85
C PHE B 286 -15.85 17.40 -1.58
N VAL B 287 -15.26 18.38 -2.26
CA VAL B 287 -16.08 19.35 -2.99
C VAL B 287 -16.89 18.65 -4.09
N TRP B 288 -16.22 17.81 -4.87
CA TRP B 288 -16.88 17.03 -5.92
C TRP B 288 -17.98 16.14 -5.36
N THR B 289 -17.68 15.40 -4.29
CA THR B 289 -18.66 14.46 -3.73
C THR B 289 -19.93 15.19 -3.29
N THR B 290 -19.78 16.37 -2.68
CA THR B 290 -20.95 17.08 -2.19
C THR B 290 -21.66 17.86 -3.28
N SER B 291 -21.07 17.95 -4.48
CA SER B 291 -21.68 18.63 -5.61
C SER B 291 -22.28 17.69 -6.63
N ASN B 292 -22.25 16.38 -6.37
CA ASN B 292 -22.46 15.33 -7.35
C ASN B 292 -23.80 14.65 -7.12
N LYS B 293 -24.66 14.66 -8.14
CA LYS B 293 -25.92 13.94 -8.04
C LYS B 293 -25.70 12.45 -7.74
N ARG B 294 -24.55 11.90 -8.13
CA ARG B 294 -24.19 10.53 -7.81
C ARG B 294 -24.29 10.23 -6.32
N TYR B 295 -24.11 11.23 -5.47
CA TYR B 295 -24.08 11.01 -4.04
C TYR B 295 -25.28 11.65 -3.32
N LYS B 296 -26.34 12.02 -4.05
CA LYS B 296 -27.41 12.87 -3.52
C LYS B 296 -28.77 12.20 -3.36
N THR B 297 -28.86 10.89 -3.19
CA THR B 297 -30.15 10.24 -2.97
C THR B 297 -29.89 8.88 -2.35
N ALA B 298 -30.03 7.85 -3.19
CA ALA B 298 -29.62 6.50 -2.83
C ALA B 298 -29.46 5.66 -4.09
N VAL B 299 -30.38 5.83 -5.05
CA VAL B 299 -30.38 5.08 -6.30
C VAL B 299 -31.08 5.91 -7.37
N ASN B 300 -30.29 6.55 -8.22
CA ASN B 300 -30.77 7.47 -9.24
C ASN B 300 -30.18 7.05 -10.58
N ASP B 301 -30.51 7.81 -11.63
CA ASP B 301 -30.24 7.41 -13.01
C ASP B 301 -28.79 7.64 -13.44
N VAL B 302 -27.93 8.17 -12.56
CA VAL B 302 -26.52 8.28 -12.88
C VAL B 302 -25.63 7.40 -12.02
N ASN B 303 -26.10 6.98 -10.82
CA ASN B 303 -25.25 6.21 -9.91
C ASN B 303 -25.64 4.74 -9.82
N SER B 304 -26.68 4.30 -10.51
CA SER B 304 -27.24 2.98 -10.25
C SER B 304 -26.39 1.89 -10.86
N ARG B 305 -26.07 0.86 -10.05
CA ARG B 305 -25.50 -0.36 -10.58
C ARG B 305 -26.39 -0.85 -11.70
N ILE B 306 -25.80 -1.43 -12.73
CA ILE B 306 -26.57 -1.76 -13.92
C ILE B 306 -26.81 -3.27 -13.97
N GLN B 307 -27.98 -3.64 -14.50
CA GLN B 307 -28.35 -4.93 -15.07
C GLN B 307 -29.48 -4.68 -16.08
N ALA B 308 -29.68 -3.41 -16.42
CA ALA B 308 -30.77 -2.99 -17.31
C ALA B 308 -30.30 -2.75 -18.74
N GLY A 14 18.01 4.64 30.38
CA GLY A 14 16.72 4.02 30.60
C GLY A 14 15.96 3.70 29.32
N ARG A 15 15.70 4.73 28.53
CA ARG A 15 14.98 4.57 27.28
C ARG A 15 15.84 4.02 26.16
N SER A 16 17.09 3.67 26.45
CA SER A 16 18.04 3.33 25.41
C SER A 16 18.19 1.83 25.16
N SER A 17 17.41 0.96 25.80
CA SER A 17 17.53 -0.47 25.51
C SER A 17 16.30 -1.24 25.98
N VAL A 18 15.86 -2.19 25.17
CA VAL A 18 14.78 -3.09 25.56
C VAL A 18 15.31 -4.37 26.18
N ARG A 19 16.62 -4.45 26.42
CA ARG A 19 17.24 -5.62 27.05
C ARG A 19 16.50 -6.15 28.28
N PRO A 20 16.02 -5.35 29.23
CA PRO A 20 15.32 -5.93 30.38
C PRO A 20 14.15 -6.84 30.02
N TYR A 21 13.49 -6.58 28.89
CA TYR A 21 12.28 -7.30 28.49
C TYR A 21 12.54 -8.40 27.46
N LEU A 22 13.80 -8.69 27.16
CA LEU A 22 14.12 -9.55 26.04
C LEU A 22 13.52 -10.95 26.20
N GLU A 23 13.71 -11.56 27.37
CA GLU A 23 13.20 -12.92 27.56
C GLU A 23 11.68 -12.97 27.54
N GLU A 24 11.03 -12.08 28.32
CA GLU A 24 9.56 -12.07 28.38
C GLU A 24 8.95 -11.82 27.01
N CYS A 25 9.47 -10.81 26.29
CA CYS A 25 8.91 -10.49 24.98
C CYS A 25 9.15 -11.62 24.00
N THR A 26 10.32 -12.26 24.04
CA THR A 26 10.56 -13.40 23.17
C THR A 26 9.53 -14.50 23.43
N ARG A 27 9.33 -14.87 24.70
CA ARG A 27 8.38 -15.94 24.99
C ARG A 27 6.96 -15.53 24.60
N ARG A 28 6.64 -14.24 24.73
CA ARG A 28 5.29 -13.80 24.36
C ARG A 28 5.06 -13.84 22.85
N PHE A 29 6.03 -13.36 22.06
CA PHE A 29 5.94 -13.55 20.61
C PHE A 29 5.69 -15.01 20.26
N GLN A 30 6.50 -15.91 20.83
CA GLN A 30 6.36 -17.32 20.46
C GLN A 30 5.00 -17.87 20.87
N GLU A 31 4.53 -17.55 22.07
CA GLU A 31 3.21 -18.04 22.49
C GLU A 31 2.14 -17.57 21.52
N MET A 32 2.25 -16.31 21.08
CA MET A 32 1.27 -15.77 20.15
C MET A 32 1.27 -16.57 18.85
N PHE A 33 2.46 -16.83 18.30
CA PHE A 33 2.58 -17.62 17.07
C PHE A 33 2.01 -19.02 17.25
N ASP A 34 2.28 -19.66 18.39
CA ASP A 34 1.83 -21.05 18.55
C ASP A 34 0.32 -21.13 18.62
N ARG A 35 -0.31 -20.12 19.22
CA ARG A 35 -1.75 -20.15 19.40
C ARG A 35 -2.49 -19.74 18.14
N HIS A 36 -1.92 -18.81 17.35
CA HIS A 36 -2.65 -18.15 16.28
C HIS A 36 -2.18 -18.53 14.89
N VAL A 37 -1.02 -19.15 14.74
CA VAL A 37 -0.56 -19.66 13.46
C VAL A 37 -0.46 -21.17 13.49
N VAL A 38 0.16 -21.71 14.55
CA VAL A 38 0.41 -23.13 14.75
C VAL A 38 1.43 -23.61 13.72
N THR A 39 1.21 -23.32 12.44
CA THR A 39 2.09 -23.87 11.42
C THR A 39 3.46 -23.19 11.49
N ARG A 40 4.50 -24.00 11.48
CA ARG A 40 5.80 -23.54 11.86
C ARG A 40 6.66 -23.36 10.61
N PRO A 41 7.40 -22.26 10.51
CA PRO A 41 8.15 -22.01 9.27
C PRO A 41 9.20 -23.08 9.05
N THR A 42 9.69 -23.15 7.83
CA THR A 42 10.66 -24.18 7.45
C THR A 42 11.77 -23.59 6.60
N LYS A 43 13.00 -23.86 7.00
CA LYS A 43 14.17 -23.35 6.29
C LYS A 43 14.29 -24.08 4.96
N VAL A 44 14.68 -23.35 3.91
CA VAL A 44 14.81 -23.90 2.56
C VAL A 44 16.23 -24.43 2.38
N GLU A 45 16.35 -25.75 2.29
CA GLU A 45 17.66 -26.35 2.14
C GLU A 45 18.10 -26.17 0.68
N LEU A 46 18.92 -25.16 0.45
CA LEU A 46 19.64 -25.00 -0.81
C LEU A 46 20.70 -26.08 -0.93
N THR A 47 21.23 -26.25 -2.13
CA THR A 47 22.37 -27.12 -2.28
C THR A 47 23.65 -26.31 -2.20
N ASP A 48 24.79 -27.00 -2.10
CA ASP A 48 26.05 -26.25 -2.06
C ASP A 48 26.20 -25.39 -3.33
N ALA A 49 25.99 -25.99 -4.51
CA ALA A 49 26.04 -25.21 -5.76
C ALA A 49 25.09 -24.02 -5.74
N GLU A 50 23.89 -24.19 -5.18
CA GLU A 50 22.92 -23.09 -5.23
C GLU A 50 23.33 -21.95 -4.30
N LEU A 51 23.75 -22.30 -3.07
CA LEU A 51 24.14 -21.26 -2.13
C LEU A 51 25.39 -20.56 -2.61
N ARG A 52 26.26 -21.29 -3.29
CA ARG A 52 27.49 -20.73 -3.82
C ARG A 52 27.20 -19.77 -4.95
N GLU A 53 26.27 -20.11 -5.84
CA GLU A 53 25.85 -19.18 -6.89
C GLU A 53 25.26 -17.92 -6.28
N VAL A 54 24.52 -18.05 -5.19
CA VAL A 54 23.89 -16.89 -4.57
C VAL A 54 24.96 -15.92 -4.05
N ILE A 55 25.91 -16.43 -3.28
CA ILE A 55 26.94 -15.57 -2.73
C ILE A 55 27.77 -14.94 -3.85
N ASP A 56 28.16 -15.74 -4.85
CA ASP A 56 28.89 -15.19 -5.99
C ASP A 56 28.15 -14.00 -6.61
N ASP A 57 26.85 -14.17 -6.90
CA ASP A 57 26.07 -13.09 -7.51
C ASP A 57 25.97 -11.87 -6.59
N CYS A 58 25.83 -12.10 -5.29
CA CYS A 58 25.80 -10.99 -4.33
C CYS A 58 27.08 -10.18 -4.40
N ASN A 59 28.23 -10.86 -4.42
CA ASN A 59 29.51 -10.15 -4.44
C ASN A 59 29.68 -9.39 -5.74
N ALA A 60 29.30 -9.99 -6.87
CA ALA A 60 29.35 -9.29 -8.14
C ALA A 60 28.47 -8.05 -8.12
N ALA A 61 27.31 -8.14 -7.47
CA ALA A 61 26.37 -7.02 -7.50
C ALA A 61 26.88 -5.82 -6.71
N VAL A 62 27.53 -6.05 -5.56
CA VAL A 62 27.98 -4.94 -4.73
C VAL A 62 29.42 -4.56 -4.99
N ALA A 63 30.14 -5.33 -5.81
CA ALA A 63 31.51 -4.97 -6.14
C ALA A 63 31.65 -3.54 -6.67
N PRO A 64 30.77 -3.02 -7.53
CA PRO A 64 30.96 -1.63 -7.99
C PRO A 64 30.84 -0.61 -6.88
N LEU A 65 30.32 -0.98 -5.71
CA LEU A 65 30.17 -0.05 -4.59
C LEU A 65 31.40 -0.01 -3.67
N GLY A 66 32.39 -0.86 -3.90
CA GLY A 66 33.67 -0.68 -3.25
C GLY A 66 33.90 -1.42 -1.93
N LYS A 67 32.87 -1.96 -1.29
CA LYS A 67 33.04 -2.54 0.04
C LYS A 67 32.92 -4.05 0.00
N THR A 68 33.82 -4.72 0.71
CA THR A 68 33.79 -6.17 0.87
C THR A 68 32.70 -6.59 1.84
N VAL A 69 32.01 -7.68 1.52
CA VAL A 69 31.03 -8.30 2.39
C VAL A 69 31.45 -9.75 2.62
N SER A 70 31.56 -10.15 3.88
CA SER A 70 32.00 -11.50 4.22
C SER A 70 30.89 -12.52 4.00
N ASP A 71 31.29 -13.77 3.74
CA ASP A 71 30.36 -14.90 3.71
C ASP A 71 29.41 -14.86 4.90
N GLU A 72 29.96 -14.71 6.10
CA GLU A 72 29.18 -14.70 7.33
C GLU A 72 28.12 -13.59 7.31
N ARG A 73 28.46 -12.43 6.78
CA ARG A 73 27.46 -11.36 6.67
C ARG A 73 26.41 -11.70 5.61
N TRP A 74 26.82 -12.25 4.46
CA TRP A 74 25.83 -12.67 3.46
C TRP A 74 24.84 -13.67 4.05
N ILE A 75 25.32 -14.64 4.82
CA ILE A 75 24.44 -15.67 5.33
C ILE A 75 23.51 -15.10 6.39
N SER A 76 24.00 -14.13 7.16
CA SER A 76 23.14 -13.44 8.11
C SER A 76 22.00 -12.72 7.39
N TYR A 77 22.28 -12.11 6.23
CA TYR A 77 21.22 -11.46 5.47
C TYR A 77 20.30 -12.50 4.82
N VAL A 78 20.87 -13.55 4.24
CA VAL A 78 20.09 -14.48 3.43
C VAL A 78 19.15 -15.34 4.26
N GLY A 79 19.43 -15.50 5.56
CA GLY A 79 18.64 -16.39 6.38
C GLY A 79 17.16 -16.04 6.40
N VAL A 80 16.81 -14.76 6.25
CA VAL A 80 15.39 -14.41 6.26
C VAL A 80 14.68 -15.06 5.08
N VAL A 81 15.34 -15.14 3.93
CA VAL A 81 14.71 -15.81 2.80
C VAL A 81 14.62 -17.31 3.05
N LEU A 82 15.67 -17.88 3.64
CA LEU A 82 15.69 -19.33 3.86
C LEU A 82 14.60 -19.74 4.82
N TRP A 83 14.30 -18.88 5.82
CA TRP A 83 13.35 -19.18 6.88
C TRP A 83 11.93 -18.68 6.62
N SER A 84 11.73 -17.69 5.76
CA SER A 84 10.46 -16.98 5.75
C SER A 84 9.68 -17.14 4.45
N GLN A 85 10.20 -17.89 3.48
CA GLN A 85 9.41 -18.28 2.32
C GLN A 85 8.55 -19.47 2.74
N SER A 86 7.96 -20.17 1.77
CA SER A 86 6.98 -21.21 2.06
C SER A 86 7.37 -22.44 1.26
N PRO A 87 8.36 -23.21 1.74
CA PRO A 87 9.03 -24.19 0.88
C PRO A 87 8.12 -25.22 0.27
N ARG A 88 7.04 -25.62 0.95
CA ARG A 88 6.23 -26.70 0.41
C ARG A 88 5.44 -26.24 -0.81
N HIS A 89 5.29 -24.92 -0.99
CA HIS A 89 4.62 -24.36 -2.15
C HIS A 89 5.58 -23.86 -3.23
N ILE A 90 6.90 -24.01 -3.05
CA ILE A 90 7.83 -23.45 -4.03
C ILE A 90 7.76 -24.23 -5.34
N LYS A 91 7.58 -23.51 -6.45
CA LYS A 91 7.61 -24.08 -7.79
C LYS A 91 8.85 -23.69 -8.58
N ASP A 92 9.39 -22.50 -8.37
CA ASP A 92 10.42 -21.93 -9.24
C ASP A 92 11.64 -21.60 -8.39
N MET A 93 12.64 -22.50 -8.37
CA MET A 93 13.83 -22.27 -7.56
C MET A 93 14.75 -21.20 -8.13
N GLU A 94 14.63 -20.88 -9.41
CA GLU A 94 15.40 -19.76 -9.92
C GLU A 94 14.88 -18.44 -9.37
N ALA A 95 13.56 -18.30 -9.29
CA ALA A 95 12.98 -17.15 -8.60
C ALA A 95 13.39 -17.11 -7.13
N PHE A 96 13.47 -18.27 -6.47
CA PHE A 96 13.92 -18.31 -5.08
C PHE A 96 15.34 -17.76 -4.95
N LYS A 97 16.25 -18.25 -5.79
CA LYS A 97 17.63 -17.76 -5.75
C LYS A 97 17.68 -16.25 -6.00
N ALA A 98 16.83 -15.77 -6.91
CA ALA A 98 16.75 -14.33 -7.16
C ALA A 98 16.39 -13.56 -5.88
N VAL A 99 15.39 -14.06 -5.14
CA VAL A 99 14.99 -13.37 -3.91
C VAL A 99 16.14 -13.39 -2.91
N CYS A 100 16.86 -14.51 -2.81
CA CYS A 100 18.06 -14.54 -1.97
C CYS A 100 19.01 -13.41 -2.33
N VAL A 101 19.36 -13.29 -3.62
CA VAL A 101 20.37 -12.32 -4.04
C VAL A 101 19.86 -10.89 -3.82
N LEU A 102 18.65 -10.60 -4.30
CA LEU A 102 18.08 -9.26 -4.18
C LEU A 102 17.88 -8.85 -2.73
N ASN A 103 17.39 -9.77 -1.91
CA ASN A 103 17.26 -9.50 -0.48
C ASN A 103 18.61 -9.10 0.12
N CYS A 104 19.65 -9.84 -0.22
CA CYS A 104 20.96 -9.64 0.39
C CYS A 104 21.58 -8.33 -0.07
N VAL A 105 21.55 -8.05 -1.37
CA VAL A 105 22.30 -6.89 -1.84
C VAL A 105 21.62 -5.58 -1.41
N THR A 106 20.28 -5.57 -1.29
CA THR A 106 19.62 -4.38 -0.77
C THR A 106 19.72 -4.28 0.74
N PHE A 107 19.95 -5.41 1.42
CA PHE A 107 20.33 -5.37 2.82
C PHE A 107 21.65 -4.62 3.01
N VAL A 108 22.63 -4.88 2.14
CA VAL A 108 23.88 -4.12 2.17
C VAL A 108 23.60 -2.63 1.99
N TRP A 109 22.80 -2.29 0.99
CA TRP A 109 22.38 -0.90 0.79
C TRP A 109 21.80 -0.30 2.07
N ASP A 110 20.95 -1.06 2.77
CA ASP A 110 20.34 -0.61 4.02
C ASP A 110 21.39 -0.27 5.07
N ASP A 111 22.49 -1.03 5.09
CA ASP A 111 23.53 -0.86 6.10
C ASP A 111 24.59 0.18 5.73
N MET A 112 24.57 0.72 4.51
CA MET A 112 25.60 1.66 4.04
C MET A 112 25.23 3.11 4.34
N ASP A 113 26.24 3.94 4.61
CA ASP A 113 26.02 5.39 4.60
C ASP A 113 25.65 5.81 3.18
N PRO A 114 24.78 6.81 3.01
CA PRO A 114 24.33 7.16 1.66
C PRO A 114 25.43 7.67 0.75
N ALA A 115 26.59 8.05 1.29
CA ALA A 115 27.70 8.44 0.44
C ALA A 115 28.16 7.27 -0.44
N LEU A 116 28.02 6.04 0.06
CA LEU A 116 28.37 4.85 -0.71
C LEU A 116 27.32 4.48 -1.75
N HIS A 117 26.13 5.07 -1.67
CA HIS A 117 25.08 4.75 -2.62
C HIS A 117 25.47 5.33 -3.97
N ASP A 118 25.46 4.51 -5.01
CA ASP A 118 25.63 5.00 -6.37
C ASP A 118 24.64 4.26 -7.27
N PHE A 119 23.57 4.98 -7.63
CA PHE A 119 22.51 4.40 -8.44
C PHE A 119 23.02 4.01 -9.81
N GLY A 120 23.89 4.84 -10.41
CA GLY A 120 24.41 4.53 -11.73
C GLY A 120 25.17 3.21 -11.79
N LEU A 121 25.86 2.85 -10.71
CA LEU A 121 26.61 1.60 -10.65
C LEU A 121 25.75 0.43 -10.18
N PHE A 122 24.83 0.67 -9.25
CA PHE A 122 24.08 -0.41 -8.63
C PHE A 122 22.84 -0.81 -9.39
N LEU A 123 22.11 0.17 -9.95
CA LEU A 123 20.87 -0.18 -10.62
C LEU A 123 21.09 -1.16 -11.77
N PRO A 124 22.07 -0.99 -12.67
CA PRO A 124 22.32 -2.05 -13.66
C PRO A 124 22.61 -3.41 -13.06
N GLN A 125 23.27 -3.47 -11.90
CA GLN A 125 23.48 -4.75 -11.24
C GLN A 125 22.15 -5.40 -10.87
N LEU A 126 21.22 -4.62 -10.31
CA LEU A 126 19.90 -5.17 -10.00
C LEU A 126 19.20 -5.64 -11.26
N ARG A 127 19.25 -4.84 -12.33
CA ARG A 127 18.60 -5.23 -13.58
C ARG A 127 19.17 -6.55 -14.10
N LYS A 128 20.49 -6.73 -13.99
CA LYS A 128 21.13 -7.97 -14.44
C LYS A 128 20.67 -9.16 -13.62
N ILE A 129 20.59 -9.02 -12.30
CA ILE A 129 20.07 -10.08 -11.45
C ILE A 129 18.65 -10.44 -11.87
N CYS A 130 17.83 -9.41 -12.09
CA CYS A 130 16.41 -9.67 -12.36
C CYS A 130 16.22 -10.39 -13.68
N GLU A 131 16.87 -9.92 -14.74
CA GLU A 131 16.66 -10.60 -16.02
C GLU A 131 17.16 -12.04 -15.95
N LYS A 132 18.34 -12.28 -15.35
CA LYS A 132 18.93 -13.62 -15.29
C LYS A 132 17.95 -14.63 -14.71
N TYR A 133 17.35 -14.33 -13.56
CA TYR A 133 16.60 -15.33 -12.81
C TYR A 133 15.12 -15.37 -13.15
N TYR A 134 14.57 -14.29 -13.70
CA TYR A 134 13.15 -14.20 -14.01
C TYR A 134 12.94 -14.18 -15.52
N GLY A 135 11.69 -14.49 -15.92
CA GLY A 135 11.26 -14.26 -17.27
C GLY A 135 11.17 -12.77 -17.56
N PRO A 136 10.76 -12.44 -18.79
CA PRO A 136 10.83 -11.02 -19.21
C PRO A 136 9.87 -10.12 -18.46
N GLU A 137 8.67 -10.64 -18.18
CA GLU A 137 7.65 -9.83 -17.55
C GLU A 137 7.91 -9.68 -16.04
N ASP A 138 8.20 -10.79 -15.35
CA ASP A 138 8.49 -10.73 -13.90
C ASP A 138 9.78 -9.97 -13.63
N ALA A 139 10.75 -10.04 -14.56
CA ALA A 139 11.98 -9.28 -14.37
C ALA A 139 11.68 -7.80 -14.22
N GLU A 140 10.73 -7.28 -15.00
CA GLU A 140 10.32 -5.88 -14.90
C GLU A 140 9.79 -5.56 -13.51
N VAL A 141 8.89 -6.40 -13.01
CA VAL A 141 8.24 -6.13 -11.73
C VAL A 141 9.25 -6.21 -10.59
N ALA A 142 10.10 -7.23 -10.62
CA ALA A 142 11.10 -7.36 -9.56
C ALA A 142 12.08 -6.19 -9.60
N TYR A 143 12.50 -5.77 -10.79
CA TYR A 143 13.45 -4.66 -10.87
C TYR A 143 12.82 -3.36 -10.37
N GLU A 144 11.59 -3.06 -10.80
CA GLU A 144 10.96 -1.84 -10.31
C GLU A 144 10.85 -1.84 -8.78
N ALA A 145 10.42 -2.97 -8.21
CA ALA A 145 10.29 -3.06 -6.76
C ALA A 145 11.65 -2.85 -6.07
N ALA A 146 12.72 -3.47 -6.61
CA ALA A 146 14.06 -3.26 -6.04
C ALA A 146 14.50 -1.81 -6.18
N ARG A 147 14.37 -1.26 -7.39
CA ARG A 147 14.69 0.15 -7.64
C ARG A 147 13.98 1.08 -6.65
N ALA A 148 12.67 0.89 -6.47
CA ALA A 148 11.92 1.79 -5.61
C ALA A 148 12.36 1.64 -4.15
N PHE A 149 12.71 0.41 -3.71
CA PHE A 149 13.15 0.26 -2.34
C PHE A 149 14.46 1.01 -2.08
N VAL A 150 15.49 0.77 -2.90
CA VAL A 150 16.78 1.40 -2.62
C VAL A 150 16.67 2.92 -2.74
N THR A 151 15.82 3.39 -3.65
CA THR A 151 15.59 4.83 -3.75
C THR A 151 14.94 5.38 -2.49
N SER A 152 13.93 4.68 -1.97
CA SER A 152 13.27 5.12 -0.76
C SER A 152 14.23 5.10 0.43
N ASP A 153 14.99 4.02 0.60
CA ASP A 153 15.94 3.98 1.70
C ASP A 153 16.91 5.15 1.60
N HIS A 154 17.29 5.52 0.37
CA HIS A 154 18.20 6.65 0.22
C HIS A 154 17.52 7.97 0.57
N MET A 155 16.38 8.24 -0.06
CA MET A 155 15.83 9.60 0.05
C MET A 155 15.26 9.87 1.44
N PHE A 156 15.05 8.85 2.28
CA PHE A 156 14.49 9.14 3.58
C PHE A 156 15.50 9.20 4.70
N ARG A 157 16.80 9.04 4.42
CA ARG A 157 17.80 9.36 5.43
C ARG A 157 17.72 10.86 5.70
N ASP A 158 18.06 11.28 6.92
CA ASP A 158 18.18 12.70 7.25
C ASP A 158 16.82 13.31 7.58
N SER A 159 15.96 13.48 6.56
CA SER A 159 14.68 14.00 6.05
C SER A 159 13.56 14.05 7.10
N PRO A 160 12.82 15.17 7.10
CA PRO A 160 11.74 15.36 8.09
C PRO A 160 10.47 14.56 7.81
N ILE A 161 10.30 14.05 6.59
CA ILE A 161 9.13 13.22 6.33
C ILE A 161 9.20 11.94 7.14
N LYS A 162 10.38 11.32 7.17
CA LYS A 162 10.56 10.13 7.99
C LYS A 162 10.29 10.44 9.46
N ALA A 163 10.85 11.53 9.96
CA ALA A 163 10.58 11.95 11.33
C ALA A 163 9.08 12.15 11.56
N ALA A 164 8.38 12.75 10.59
CA ALA A 164 6.93 12.90 10.76
C ALA A 164 6.24 11.55 10.90
N LEU A 165 6.48 10.63 9.96
CA LEU A 165 5.74 9.38 9.98
C LEU A 165 6.15 8.47 11.15
N CYS A 166 7.40 8.54 11.57
CA CYS A 166 7.84 7.62 12.63
C CYS A 166 7.65 8.19 14.03
N THR A 167 7.15 9.42 14.17
CA THR A 167 6.87 9.96 15.49
C THR A 167 5.39 10.21 15.76
N THR A 168 4.53 10.25 14.73
CA THR A 168 3.15 10.74 14.90
C THR A 168 2.21 9.73 15.58
N SER A 169 2.33 8.45 15.24
CA SER A 169 1.41 7.42 15.72
C SER A 169 1.88 6.08 15.17
N PRO A 170 1.43 4.97 15.78
CA PRO A 170 1.75 3.66 15.16
C PRO A 170 1.22 3.55 13.73
N GLU A 171 0.03 4.09 13.46
CA GLU A 171 -0.54 4.08 12.11
C GLU A 171 0.42 4.70 11.09
N GLN A 172 0.83 5.96 11.31
CA GLN A 172 1.70 6.62 10.33
C GLN A 172 3.00 5.85 10.15
N TYR A 173 3.54 5.35 11.26
CA TYR A 173 4.80 4.61 11.21
C TYR A 173 4.69 3.36 10.34
N PHE A 174 3.67 2.54 10.58
CA PHE A 174 3.52 1.31 9.83
C PHE A 174 3.23 1.59 8.36
N ARG A 175 2.60 2.74 8.08
CA ARG A 175 2.39 3.17 6.71
C ARG A 175 3.72 3.41 5.97
N PHE A 176 4.67 4.03 6.66
CA PHE A 176 6.02 4.20 6.11
C PHE A 176 6.70 2.84 5.91
N ARG A 177 6.49 1.91 6.84
CA ARG A 177 7.26 0.67 6.78
C ARG A 177 6.78 -0.29 5.71
N VAL A 178 5.57 -0.13 5.17
CA VAL A 178 5.12 -0.97 4.05
C VAL A 178 6.19 -1.02 2.96
N THR A 179 6.76 0.14 2.64
CA THR A 179 7.87 0.20 1.71
C THR A 179 9.21 0.05 2.43
N ASP A 180 9.39 0.78 3.54
CA ASP A 180 10.73 0.91 4.10
C ASP A 180 11.28 -0.40 4.68
N ILE A 181 10.44 -1.30 5.19
CA ILE A 181 11.00 -2.59 5.62
C ILE A 181 11.11 -3.57 4.48
N GLY A 182 10.88 -3.13 3.25
CA GLY A 182 11.16 -3.97 2.10
C GLY A 182 10.13 -5.03 1.80
N VAL A 183 9.01 -5.08 2.54
CA VAL A 183 8.06 -6.16 2.33
C VAL A 183 7.27 -6.00 1.02
N ASP A 184 6.96 -4.77 0.59
CA ASP A 184 6.33 -4.64 -0.72
C ASP A 184 7.24 -5.19 -1.81
N PHE A 185 8.52 -4.81 -1.75
CA PHE A 185 9.56 -5.34 -2.63
C PHE A 185 9.60 -6.88 -2.55
N TRP A 186 9.60 -7.41 -1.33
CA TRP A 186 9.64 -8.87 -1.12
C TRP A 186 8.51 -9.58 -1.87
N MET A 187 7.27 -9.12 -1.68
CA MET A 187 6.14 -9.76 -2.33
C MET A 187 6.28 -9.74 -3.84
N LYS A 188 6.66 -8.59 -4.39
CA LYS A 188 6.73 -8.42 -5.84
C LYS A 188 7.88 -9.21 -6.47
N MET A 189 8.91 -9.53 -5.71
CA MET A 189 9.94 -10.42 -6.27
C MET A 189 9.71 -11.89 -5.92
N SER A 190 8.81 -12.18 -4.98
CA SER A 190 8.56 -13.53 -4.53
C SER A 190 7.41 -14.22 -5.24
N TYR A 191 6.45 -13.50 -5.81
CA TYR A 191 5.33 -14.20 -6.43
C TYR A 191 5.77 -15.16 -7.54
N PRO A 192 6.85 -14.94 -8.31
CA PRO A 192 7.24 -15.96 -9.29
C PRO A 192 7.72 -17.26 -8.65
N ILE A 193 8.12 -17.24 -7.38
CA ILE A 193 8.48 -18.47 -6.68
C ILE A 193 7.32 -19.46 -6.69
N TYR A 194 6.11 -18.94 -6.58
CA TYR A 194 4.93 -19.78 -6.35
C TYR A 194 4.06 -19.96 -7.59
N ARG A 195 4.01 -18.99 -8.51
CA ARG A 195 3.13 -19.07 -9.69
C ARG A 195 1.70 -19.37 -9.28
N HIS A 196 1.23 -18.67 -8.25
CA HIS A 196 -0.10 -18.83 -7.68
C HIS A 196 -0.92 -17.59 -8.04
N PRO A 197 -1.86 -17.68 -8.96
CA PRO A 197 -2.49 -16.45 -9.49
C PRO A 197 -3.07 -15.56 -8.40
N GLU A 198 -3.73 -16.12 -7.39
CA GLU A 198 -4.24 -15.30 -6.30
C GLU A 198 -3.12 -14.49 -5.66
N PHE A 199 -2.04 -15.16 -5.25
CA PHE A 199 -0.97 -14.45 -4.57
C PHE A 199 -0.33 -13.41 -5.48
N THR A 200 -0.21 -13.70 -6.76
CA THR A 200 0.40 -12.74 -7.68
C THR A 200 -0.38 -11.43 -7.72
N GLU A 201 -1.72 -11.49 -7.70
CA GLU A 201 -2.48 -10.23 -7.67
C GLU A 201 -2.33 -9.52 -6.32
N HIS A 202 -2.40 -10.27 -5.20
CA HIS A 202 -2.23 -9.63 -3.90
C HIS A 202 -0.85 -8.98 -3.79
N ALA A 203 0.15 -9.60 -4.40
CA ALA A 203 1.49 -9.03 -4.42
C ALA A 203 1.51 -7.73 -5.20
N LYS A 204 0.90 -7.71 -6.38
CA LYS A 204 1.02 -6.53 -7.23
C LYS A 204 0.09 -5.40 -6.82
N THR A 205 -1.00 -5.69 -6.09
CA THR A 205 -1.79 -4.61 -5.47
C THR A 205 -1.16 -4.08 -4.20
N SER A 206 -0.15 -4.78 -3.67
CA SER A 206 0.49 -4.50 -2.39
C SER A 206 -0.39 -4.83 -1.20
N LEU A 207 -1.58 -5.41 -1.42
CA LEU A 207 -2.36 -5.90 -0.30
C LEU A 207 -1.57 -6.96 0.50
N ALA A 208 -0.82 -7.82 -0.19
CA ALA A 208 0.04 -8.80 0.47
C ALA A 208 0.99 -8.09 1.45
N ALA A 209 1.64 -7.03 0.99
CA ALA A 209 2.55 -6.30 1.87
C ALA A 209 1.81 -5.62 3.01
N ARG A 210 0.67 -4.97 2.71
CA ARG A 210 -0.05 -4.27 3.76
C ARG A 210 -0.51 -5.21 4.86
N MET A 211 -0.79 -6.48 4.51
CA MET A 211 -1.25 -7.46 5.49
C MET A 211 -0.13 -7.95 6.42
N THR A 212 1.13 -7.93 5.96
CA THR A 212 2.23 -8.55 6.69
C THR A 212 3.19 -7.54 7.31
N THR A 213 3.00 -6.24 7.03
CA THR A 213 3.94 -5.21 7.48
C THR A 213 4.08 -5.19 9.00
N ARG A 214 2.96 -5.20 9.72
CA ARG A 214 3.07 -5.01 11.17
C ARG A 214 3.74 -6.21 11.83
N GLY A 215 3.41 -7.43 11.39
CA GLY A 215 4.00 -8.60 12.00
C GLY A 215 5.50 -8.65 11.80
N LEU A 216 5.96 -8.26 10.61
CA LEU A 216 7.39 -8.20 10.34
C LEU A 216 8.04 -7.06 11.11
N THR A 217 7.40 -5.88 11.11
CA THR A 217 8.03 -4.69 11.64
C THR A 217 8.12 -4.73 13.16
N ILE A 218 7.07 -5.17 13.83
CA ILE A 218 7.08 -5.17 15.29
C ILE A 218 8.20 -6.07 15.79
N VAL A 219 8.37 -7.21 15.15
CA VAL A 219 9.45 -8.15 15.54
C VAL A 219 10.80 -7.54 15.23
N ASN A 220 10.98 -7.02 14.01
CA ASN A 220 12.28 -6.45 13.67
C ASN A 220 12.63 -5.30 14.61
N ASP A 221 11.65 -4.42 14.88
CA ASP A 221 11.89 -3.27 15.73
C ASP A 221 12.29 -3.68 17.15
N PHE A 222 11.64 -4.70 17.71
CA PHE A 222 12.00 -5.06 19.07
C PHE A 222 13.47 -5.46 19.14
N TYR A 223 13.90 -6.34 18.25
CA TYR A 223 15.25 -6.89 18.37
C TYR A 223 16.33 -6.03 17.75
N SER A 224 15.98 -5.03 16.92
CA SER A 224 16.99 -4.13 16.37
C SER A 224 17.01 -2.79 17.09
N TYR A 225 16.18 -2.64 18.14
CA TYR A 225 16.06 -1.38 18.86
C TYR A 225 17.40 -0.90 19.37
N ASP A 226 18.16 -1.77 20.05
CA ASP A 226 19.42 -1.34 20.66
C ASP A 226 20.38 -0.83 19.60
N ARG A 227 20.54 -1.57 18.49
CA ARG A 227 21.41 -1.11 17.41
C ARG A 227 20.95 0.24 16.87
N GLU A 228 19.67 0.36 16.57
CA GLU A 228 19.20 1.59 15.93
C GLU A 228 19.31 2.77 16.89
N VAL A 229 19.04 2.55 18.18
CA VAL A 229 19.16 3.61 19.18
C VAL A 229 20.62 4.07 19.32
N SER A 230 21.57 3.13 19.29
CA SER A 230 23.00 3.52 19.31
C SER A 230 23.29 4.57 18.26
N LEU A 231 22.79 4.36 17.04
CA LEU A 231 23.19 5.07 15.84
C LEU A 231 22.46 6.40 15.66
N GLY A 232 21.32 6.59 16.32
CA GLY A 232 20.45 7.71 16.04
C GLY A 232 19.42 7.42 14.97
N GLN A 233 19.18 6.14 14.66
CA GLN A 233 18.19 5.74 13.67
C GLN A 233 16.79 5.76 14.29
N ILE A 234 15.86 6.54 13.71
CA ILE A 234 14.58 6.76 14.35
C ILE A 234 13.47 5.83 13.86
N THR A 235 13.77 4.97 12.88
CA THR A 235 12.73 4.14 12.28
C THR A 235 12.52 2.87 13.11
N ASN A 236 11.72 3.01 14.17
CA ASN A 236 11.50 1.93 15.14
C ASN A 236 10.30 2.28 16.00
N CYS A 237 9.26 1.44 15.98
CA CYS A 237 8.03 1.83 16.67
C CYS A 237 8.18 1.88 18.19
N PHE A 238 9.15 1.18 18.77
CA PHE A 238 9.27 1.27 20.23
C PHE A 238 9.82 2.62 20.70
N ARG A 239 10.31 3.44 19.79
CA ARG A 239 10.59 4.83 20.12
C ARG A 239 9.32 5.62 20.43
N LEU A 240 8.15 5.07 20.10
CA LEU A 240 6.88 5.75 20.31
C LEU A 240 6.35 5.57 21.72
N CYS A 241 7.02 4.80 22.57
CA CYS A 241 6.64 4.63 23.97
C CYS A 241 7.87 4.81 24.83
N ASP A 242 7.65 5.02 26.11
CA ASP A 242 8.75 5.18 27.07
C ASP A 242 9.23 3.80 27.53
N VAL A 243 10.26 3.27 26.86
CA VAL A 243 10.70 1.91 27.19
C VAL A 243 11.32 1.83 28.58
N SER A 244 11.75 2.97 29.15
CA SER A 244 12.27 2.97 30.51
C SER A 244 11.18 2.88 31.57
N ASP A 245 9.92 2.84 31.16
CA ASP A 245 8.78 2.74 32.06
C ASP A 245 8.14 1.38 31.79
N GLU A 246 8.17 0.52 32.81
CA GLU A 246 7.70 -0.85 32.66
C GLU A 246 6.24 -0.90 32.24
N THR A 247 5.38 -0.20 32.97
CA THR A 247 3.96 -0.21 32.66
C THR A 247 3.67 0.32 31.27
N ALA A 248 4.27 1.46 30.91
CA ALA A 248 4.06 2.00 29.57
C ALA A 248 4.59 1.04 28.50
N PHE A 249 5.78 0.48 28.72
CA PHE A 249 6.29 -0.47 27.72
C PHE A 249 5.32 -1.64 27.55
N LYS A 250 4.81 -2.16 28.67
CA LYS A 250 3.97 -3.36 28.59
C LYS A 250 2.65 -3.06 27.90
N GLU A 251 2.07 -1.90 28.16
CA GLU A 251 0.85 -1.53 27.44
C GLU A 251 1.12 -1.41 25.95
N PHE A 252 2.23 -0.80 25.58
CA PHE A 252 2.54 -0.61 24.17
C PHE A 252 2.83 -1.95 23.53
N PHE A 253 3.57 -2.82 24.24
CA PHE A 253 3.89 -4.12 23.71
C PHE A 253 2.64 -4.95 23.48
N GLN A 254 1.65 -4.89 24.39
CA GLN A 254 0.43 -5.66 24.14
C GLN A 254 -0.39 -5.07 23.01
N ALA A 255 -0.43 -3.74 22.90
CA ALA A 255 -1.12 -3.16 21.75
C ALA A 255 -0.51 -3.68 20.46
N ARG A 256 0.82 -3.85 20.44
CA ARG A 256 1.47 -4.33 19.23
C ARG A 256 1.19 -5.81 19.00
N LEU A 257 1.20 -6.62 20.08
CA LEU A 257 0.80 -8.01 19.91
C LEU A 257 -0.61 -8.12 19.34
N ASP A 258 -1.51 -7.24 19.80
CA ASP A 258 -2.89 -7.27 19.28
C ASP A 258 -2.93 -6.93 17.80
N ASP A 259 -2.12 -5.96 17.38
CA ASP A 259 -1.98 -5.66 15.95
C ASP A 259 -1.64 -6.93 15.17
N MET A 260 -0.61 -7.64 15.64
CA MET A 260 -0.17 -8.85 14.94
C MET A 260 -1.29 -9.88 14.88
N ILE A 261 -2.00 -10.06 15.99
CA ILE A 261 -3.06 -11.06 16.06
C ILE A 261 -4.18 -10.73 15.09
N GLU A 262 -4.62 -9.47 15.09
CA GLU A 262 -5.72 -9.10 14.19
C GLU A 262 -5.33 -9.31 12.73
N ASP A 263 -4.10 -8.94 12.37
CA ASP A 263 -3.63 -9.19 11.00
C ASP A 263 -3.61 -10.69 10.69
N ILE A 264 -3.08 -11.50 11.61
CA ILE A 264 -2.97 -12.93 11.35
C ILE A 264 -4.35 -13.55 11.19
N GLU A 265 -5.29 -13.19 12.06
CA GLU A 265 -6.59 -13.87 12.03
C GLU A 265 -7.36 -13.55 10.76
N CYS A 266 -7.21 -12.34 10.20
CA CYS A 266 -7.89 -12.08 8.93
C CYS A 266 -7.02 -12.48 7.72
N ILE A 267 -5.71 -12.68 7.92
CA ILE A 267 -4.94 -13.36 6.88
C ILE A 267 -5.52 -14.75 6.62
N LYS A 268 -6.15 -15.37 7.62
CA LYS A 268 -6.75 -16.69 7.43
C LYS A 268 -8.01 -16.64 6.58
N ALA A 269 -8.50 -15.45 6.23
CA ALA A 269 -9.55 -15.33 5.22
C ALA A 269 -9.02 -15.52 3.81
N PHE A 270 -7.72 -15.37 3.60
CA PHE A 270 -7.19 -15.54 2.26
C PHE A 270 -7.19 -17.04 1.88
N ASP A 271 -7.01 -17.31 0.60
CA ASP A 271 -6.96 -18.69 0.13
C ASP A 271 -5.79 -19.41 0.80
N GLN A 272 -5.92 -20.73 0.98
CA GLN A 272 -4.99 -21.41 1.90
C GLN A 272 -3.56 -21.42 1.39
N LEU A 273 -3.33 -21.24 0.08
CA LEU A 273 -1.94 -21.12 -0.37
C LEU A 273 -1.38 -19.76 0.03
N THR A 274 -2.06 -18.68 -0.32
CA THR A 274 -1.56 -17.35 0.01
C THR A 274 -1.41 -17.19 1.52
N GLN A 275 -2.34 -17.73 2.29
CA GLN A 275 -2.26 -17.54 3.73
C GLN A 275 -1.07 -18.29 4.31
N ASP A 276 -0.76 -19.48 3.78
CA ASP A 276 0.47 -20.15 4.17
C ASP A 276 1.68 -19.25 3.94
N VAL A 277 1.74 -18.62 2.77
CA VAL A 277 2.88 -17.76 2.43
C VAL A 277 2.97 -16.55 3.37
N PHE A 278 1.85 -15.87 3.60
CA PHE A 278 1.87 -14.72 4.51
C PHE A 278 2.35 -15.12 5.89
N LEU A 279 1.80 -16.20 6.43
CA LEU A 279 2.09 -16.59 7.81
C LEU A 279 3.52 -17.12 7.95
N ASP A 280 4.00 -17.90 6.97
CA ASP A 280 5.39 -18.33 7.00
C ASP A 280 6.34 -17.14 6.96
N LEU A 281 5.95 -16.07 6.26
CA LEU A 281 6.78 -14.88 6.22
C LEU A 281 6.89 -14.24 7.60
N ILE A 282 5.76 -14.03 8.28
CA ILE A 282 5.80 -13.36 9.59
C ILE A 282 6.49 -14.24 10.62
N TYR A 283 6.10 -15.51 10.68
CA TYR A 283 6.64 -16.41 11.69
C TYR A 283 8.11 -16.77 11.39
N GLY A 284 8.42 -17.03 10.12
CA GLY A 284 9.81 -17.25 9.75
C GLY A 284 10.71 -16.08 10.05
N ASN A 285 10.22 -14.85 9.83
CA ASN A 285 11.02 -13.69 10.17
C ASN A 285 11.34 -13.68 11.66
N PHE A 286 10.38 -14.07 12.49
CA PHE A 286 10.62 -14.15 13.92
C PHE A 286 11.68 -15.21 14.25
N VAL A 287 11.55 -16.40 13.66
CA VAL A 287 12.51 -17.46 13.96
C VAL A 287 13.92 -17.02 13.56
N TRP A 288 14.03 -16.45 12.35
CA TRP A 288 15.33 -15.97 11.86
C TRP A 288 15.88 -14.86 12.74
N THR A 289 15.04 -13.87 13.10
CA THR A 289 15.49 -12.73 13.88
C THR A 289 16.06 -13.17 15.23
N THR A 290 15.39 -14.11 15.90
CA THR A 290 15.87 -14.56 17.20
C THR A 290 17.12 -15.42 17.10
N SER A 291 17.44 -15.95 15.93
CA SER A 291 18.61 -16.79 15.75
C SER A 291 19.84 -16.01 15.37
N ASN A 292 19.66 -14.81 14.83
CA ASN A 292 20.66 -14.10 14.04
C ASN A 292 21.46 -13.12 14.89
N LYS A 293 22.79 -13.26 14.84
CA LYS A 293 23.73 -12.37 15.52
C LYS A 293 23.53 -10.91 15.14
N ARG A 294 23.00 -10.67 13.95
CA ARG A 294 22.62 -9.31 13.57
C ARG A 294 21.78 -8.64 14.66
N TYR A 295 20.86 -9.40 15.26
CA TYR A 295 19.88 -8.86 16.20
C TYR A 295 20.23 -9.17 17.65
N LYS A 296 21.51 -9.40 17.92
CA LYS A 296 21.99 -9.82 19.25
C LYS A 296 22.78 -8.70 19.93
N THR A 297 23.45 -7.82 19.19
CA THR A 297 24.12 -6.68 19.79
C THR A 297 23.92 -5.42 18.94
N ALA A 298 24.56 -4.34 19.39
CA ALA A 298 24.36 -3.06 18.73
C ALA A 298 25.28 -2.91 17.53
N VAL A 299 26.59 -3.09 17.74
CA VAL A 299 27.64 -3.08 16.72
C VAL A 299 28.27 -4.46 16.77
N ASN A 300 28.42 -5.09 15.60
CA ASN A 300 29.16 -6.34 15.47
C ASN A 300 29.45 -6.57 13.98
N ASP A 301 30.12 -7.69 13.68
CA ASP A 301 30.68 -7.84 12.35
C ASP A 301 29.65 -8.20 11.27
N VAL A 302 28.38 -8.37 11.62
CA VAL A 302 27.34 -8.61 10.62
C VAL A 302 26.21 -7.59 10.68
N ASN A 303 26.37 -6.50 11.44
CA ASN A 303 25.41 -5.41 11.40
C ASN A 303 26.05 -4.03 11.49
N SER A 304 27.37 -3.94 11.36
CA SER A 304 28.06 -2.65 11.41
C SER A 304 27.65 -1.76 10.24
N ARG A 305 27.53 -0.46 10.49
CA ARG A 305 27.27 0.47 9.38
C ARG A 305 28.46 0.47 8.43
N ILE A 306 28.22 -0.02 7.21
CA ILE A 306 29.24 -0.11 6.19
C ILE A 306 29.71 1.32 5.88
N GLN A 307 31.00 1.60 6.12
CA GLN A 307 31.48 2.99 6.19
C GLN A 307 33.01 3.16 6.24
N GLY B 9 -41.86 -4.50 4.46
CA GLY B 9 -40.62 -3.97 4.97
C GLY B 9 -40.34 -4.08 6.46
N ALA B 10 -39.85 -2.97 7.06
CA ALA B 10 -39.83 -2.86 8.51
C ALA B 10 -38.53 -3.36 9.15
N GLN B 11 -37.40 -3.34 8.40
CA GLN B 11 -36.25 -4.18 8.69
C GLN B 11 -35.24 -3.35 9.51
N ASP B 12 -33.97 -3.34 9.07
CA ASP B 12 -32.92 -2.64 9.79
C ASP B 12 -32.84 -1.19 9.32
N ILE B 13 -34.02 -0.57 9.26
CA ILE B 13 -34.16 0.72 8.58
C ILE B 13 -33.33 1.79 9.26
N GLY B 14 -33.19 1.72 10.59
CA GLY B 14 -32.42 2.74 11.30
C GLY B 14 -30.96 2.79 10.88
N ARG B 15 -30.41 1.67 10.44
CA ARG B 15 -29.08 1.68 9.87
C ARG B 15 -29.10 1.80 8.35
N SER B 16 -30.26 1.97 7.75
CA SER B 16 -30.34 2.17 6.32
C SER B 16 -29.63 3.44 5.84
N SER B 17 -29.48 4.45 6.70
CA SER B 17 -29.25 5.80 6.19
C SER B 17 -28.36 6.61 7.11
N VAL B 18 -27.55 7.50 6.53
CA VAL B 18 -26.91 8.55 7.31
C VAL B 18 -27.61 9.88 7.11
N ARG B 19 -28.78 9.88 6.47
CA ARG B 19 -29.52 11.12 6.23
C ARG B 19 -29.70 11.98 7.47
N PRO B 20 -30.05 11.43 8.65
CA PRO B 20 -30.13 12.30 9.85
C PRO B 20 -28.92 13.18 10.08
N TYR B 21 -27.73 12.72 9.70
CA TYR B 21 -26.48 13.39 10.03
C TYR B 21 -25.92 14.24 8.90
N LEU B 22 -26.64 14.35 7.79
CA LEU B 22 -26.08 14.90 6.56
C LEU B 22 -25.58 16.34 6.77
N GLU B 23 -26.39 17.20 7.35
CA GLU B 23 -26.00 18.60 7.45
C GLU B 23 -24.84 18.80 8.43
N GLU B 24 -24.93 18.19 9.61
CA GLU B 24 -23.89 18.39 10.61
C GLU B 24 -22.56 17.81 10.14
N CYS B 25 -22.58 16.63 9.55
CA CYS B 25 -21.32 16.04 9.10
C CYS B 25 -20.71 16.85 7.95
N THR B 26 -21.53 17.31 7.01
CA THR B 26 -21.00 18.14 5.94
C THR B 26 -20.33 19.38 6.51
N ARG B 27 -21.02 20.06 7.42
CA ARG B 27 -20.46 21.22 8.10
C ARG B 27 -19.15 20.86 8.82
N ARG B 28 -19.13 19.71 9.49
CA ARG B 28 -17.93 19.25 10.19
C ARG B 28 -16.76 19.03 9.25
N PHE B 29 -16.98 18.27 8.17
CA PHE B 29 -15.93 18.08 7.16
C PHE B 29 -15.36 19.42 6.72
N GLN B 30 -16.23 20.34 6.31
CA GLN B 30 -15.77 21.62 5.80
C GLN B 30 -14.97 22.38 6.85
N GLU B 31 -15.43 22.39 8.10
CA GLU B 31 -14.69 23.07 9.15
C GLU B 31 -13.29 22.49 9.28
N MET B 32 -13.20 21.17 9.19
CA MET B 32 -11.91 20.50 9.28
C MET B 32 -11.00 20.95 8.15
N PHE B 33 -11.50 20.92 6.91
CA PHE B 33 -10.69 21.37 5.78
C PHE B 33 -10.27 22.83 5.93
N ASP B 34 -11.18 23.71 6.39
CA ASP B 34 -10.85 25.12 6.53
C ASP B 34 -9.75 25.33 7.57
N ARG B 35 -9.75 24.51 8.60
CA ARG B 35 -8.79 24.60 9.69
C ARG B 35 -7.43 24.02 9.29
N HIS B 36 -7.41 22.88 8.60
CA HIS B 36 -6.16 22.16 8.39
C HIS B 36 -5.63 22.23 6.97
N VAL B 37 -6.46 22.51 5.97
CA VAL B 37 -6.00 22.64 4.59
C VAL B 37 -6.01 24.10 4.12
N VAL B 38 -7.07 24.83 4.46
CA VAL B 38 -7.23 26.26 4.22
C VAL B 38 -7.47 26.52 2.74
N THR B 39 -6.47 26.19 1.91
CA THR B 39 -6.51 26.51 0.50
C THR B 39 -7.40 25.52 -0.24
N ARG B 40 -7.88 25.93 -1.40
CA ARG B 40 -9.02 25.26 -2.00
C ARG B 40 -8.59 24.28 -3.09
N PRO B 41 -9.50 23.42 -3.50
CA PRO B 41 -9.35 22.78 -4.81
C PRO B 41 -9.81 23.69 -5.95
N THR B 42 -9.17 23.50 -7.11
CA THR B 42 -9.45 24.23 -8.34
C THR B 42 -10.10 23.27 -9.33
N LYS B 43 -11.08 23.76 -10.09
CA LYS B 43 -11.68 22.90 -11.11
C LYS B 43 -11.05 23.17 -12.47
N VAL B 44 -10.46 22.12 -13.05
CA VAL B 44 -9.90 22.19 -14.40
C VAL B 44 -11.01 22.42 -15.40
N GLU B 45 -10.77 23.32 -16.37
CA GLU B 45 -11.74 23.67 -17.41
C GLU B 45 -11.33 23.10 -18.76
N LEU B 46 -11.98 22.00 -19.16
CA LEU B 46 -11.76 21.40 -20.47
C LEU B 46 -12.52 22.18 -21.56
N THR B 47 -11.96 22.19 -22.77
CA THR B 47 -12.73 22.71 -23.90
C THR B 47 -13.82 21.73 -24.28
N ASP B 48 -14.85 22.24 -24.97
CA ASP B 48 -15.95 21.36 -25.40
C ASP B 48 -15.47 20.32 -26.39
N ALA B 49 -14.57 20.70 -27.31
CA ALA B 49 -13.82 19.69 -28.04
C ALA B 49 -13.21 18.69 -27.08
N GLU B 50 -12.47 19.18 -26.09
CA GLU B 50 -11.72 18.31 -25.19
C GLU B 50 -12.62 17.34 -24.43
N LEU B 51 -13.72 17.84 -23.87
CA LEU B 51 -14.62 17.00 -23.11
C LEU B 51 -15.29 15.97 -24.02
N ARG B 52 -15.76 16.41 -25.20
CA ARG B 52 -16.22 15.51 -26.25
C ARG B 52 -15.21 14.39 -26.51
N GLU B 53 -13.95 14.75 -26.71
CA GLU B 53 -12.93 13.77 -27.05
C GLU B 53 -12.70 12.80 -25.90
N VAL B 54 -12.90 13.27 -24.67
CA VAL B 54 -12.83 12.39 -23.52
C VAL B 54 -14.01 11.42 -23.53
N ILE B 55 -15.22 11.95 -23.76
CA ILE B 55 -16.39 11.08 -23.80
C ILE B 55 -16.28 10.04 -24.91
N ASP B 56 -15.83 10.42 -26.10
CA ASP B 56 -15.78 9.46 -27.20
C ASP B 56 -14.77 8.34 -26.91
N ASP B 57 -13.62 8.67 -26.30
CA ASP B 57 -12.71 7.62 -25.84
C ASP B 57 -13.35 6.74 -24.76
N CYS B 58 -14.08 7.35 -23.82
CA CYS B 58 -14.78 6.55 -22.82
C CYS B 58 -15.79 5.61 -23.45
N ASN B 59 -16.59 6.12 -24.39
CA ASN B 59 -17.61 5.28 -25.02
C ASN B 59 -16.99 4.15 -25.81
N ALA B 60 -15.95 4.44 -26.59
CA ALA B 60 -15.32 3.40 -27.40
C ALA B 60 -14.74 2.33 -26.50
N ALA B 61 -14.30 2.71 -25.30
CA ALA B 61 -13.65 1.75 -24.43
C ALA B 61 -14.66 0.78 -23.80
N VAL B 62 -15.88 1.24 -23.54
CA VAL B 62 -16.86 0.40 -22.86
C VAL B 62 -17.89 -0.19 -23.81
N ALA B 63 -17.97 0.30 -25.05
CA ALA B 63 -18.98 -0.19 -25.99
C ALA B 63 -19.01 -1.71 -26.15
N PRO B 64 -17.88 -2.41 -26.30
CA PRO B 64 -17.97 -3.88 -26.40
C PRO B 64 -18.50 -4.57 -25.15
N LEU B 65 -18.62 -3.86 -24.01
CA LEU B 65 -19.26 -4.49 -22.85
C LEU B 65 -20.77 -4.42 -22.90
N GLY B 66 -21.35 -3.69 -23.85
CA GLY B 66 -22.77 -3.75 -24.14
C GLY B 66 -23.66 -2.83 -23.32
N LYS B 67 -23.12 -1.75 -22.78
CA LYS B 67 -23.89 -0.90 -21.87
C LYS B 67 -23.69 0.56 -22.25
N THR B 68 -24.76 1.22 -22.69
CA THR B 68 -24.70 2.63 -23.02
C THR B 68 -24.54 3.48 -21.77
N VAL B 69 -23.70 4.50 -21.86
CA VAL B 69 -23.48 5.46 -20.79
C VAL B 69 -23.76 6.85 -21.33
N SER B 70 -24.59 7.60 -20.62
CA SER B 70 -24.98 8.94 -21.06
C SER B 70 -23.88 9.95 -20.76
N ASP B 71 -23.89 11.07 -21.50
CA ASP B 71 -22.96 12.14 -21.19
C ASP B 71 -23.13 12.63 -19.76
N GLU B 72 -24.36 12.71 -19.28
CA GLU B 72 -24.61 13.13 -17.91
C GLU B 72 -23.87 12.22 -16.93
N ARG B 73 -23.91 10.89 -17.17
CA ARG B 73 -23.24 9.96 -16.29
C ARG B 73 -21.72 10.10 -16.41
N TRP B 74 -21.19 10.20 -17.63
CA TRP B 74 -19.76 10.46 -17.80
C TRP B 74 -19.35 11.68 -17.01
N ILE B 75 -20.09 12.78 -17.15
CA ILE B 75 -19.77 13.99 -16.41
C ILE B 75 -19.82 13.73 -14.91
N SER B 76 -20.78 12.93 -14.47
CA SER B 76 -20.86 12.56 -13.05
C SER B 76 -19.59 11.84 -12.59
N TYR B 77 -18.95 11.08 -13.50
CA TYR B 77 -17.72 10.38 -13.16
C TYR B 77 -16.51 11.28 -13.26
N VAL B 78 -16.46 12.15 -14.27
CA VAL B 78 -15.22 12.84 -14.60
C VAL B 78 -14.92 13.98 -13.63
N GLY B 79 -15.96 14.49 -12.94
CA GLY B 79 -15.76 15.64 -12.08
C GLY B 79 -14.71 15.46 -11.00
N VAL B 80 -14.51 14.21 -10.53
CA VAL B 80 -13.51 14.03 -9.48
C VAL B 80 -12.11 14.36 -10.02
N VAL B 81 -11.85 14.04 -11.28
CA VAL B 81 -10.56 14.41 -11.86
C VAL B 81 -10.48 15.92 -12.03
N LEU B 82 -11.57 16.53 -12.50
CA LEU B 82 -11.57 17.99 -12.70
C LEU B 82 -11.37 18.75 -11.40
N TRP B 83 -11.88 18.23 -10.28
CA TRP B 83 -11.80 18.92 -9.00
C TRP B 83 -10.61 18.52 -8.13
N SER B 84 -10.03 17.34 -8.33
CA SER B 84 -9.13 16.79 -7.32
C SER B 84 -7.69 16.66 -7.78
N GLN B 85 -7.36 17.17 -8.96
CA GLN B 85 -5.96 17.30 -9.35
C GLN B 85 -5.46 18.64 -8.79
N SER B 86 -4.28 19.08 -9.23
CA SER B 86 -3.65 20.27 -8.67
C SER B 86 -3.29 21.19 -9.82
N PRO B 87 -4.27 21.95 -10.34
CA PRO B 87 -4.07 22.64 -11.64
C PRO B 87 -2.93 23.63 -11.65
N ARG B 88 -2.51 24.12 -10.48
CA ARG B 88 -1.34 25.00 -10.49
C ARG B 88 -0.09 24.27 -10.96
N HIS B 89 -0.05 22.95 -10.85
CA HIS B 89 1.15 22.16 -11.14
C HIS B 89 1.05 21.33 -12.42
N ILE B 90 -0.03 21.43 -13.20
CA ILE B 90 -0.16 20.55 -14.36
C ILE B 90 0.87 20.93 -15.42
N LYS B 91 1.50 19.94 -16.04
CA LYS B 91 2.45 20.16 -17.12
C LYS B 91 2.26 19.23 -18.31
N ASP B 92 1.45 18.19 -18.19
CA ASP B 92 1.14 17.35 -19.35
C ASP B 92 -0.38 17.20 -19.38
N MET B 93 -1.01 17.86 -20.36
CA MET B 93 -2.46 17.75 -20.48
C MET B 93 -2.90 16.48 -21.16
N GLU B 94 -2.04 15.83 -21.96
CA GLU B 94 -2.38 14.50 -22.45
C GLU B 94 -2.52 13.50 -21.31
N ALA B 95 -1.62 13.57 -20.33
CA ALA B 95 -1.72 12.72 -19.15
C ALA B 95 -2.96 13.03 -18.33
N PHE B 96 -3.32 14.32 -18.21
CA PHE B 96 -4.53 14.65 -17.46
C PHE B 96 -5.76 14.08 -18.16
N LYS B 97 -5.79 14.14 -19.51
CA LYS B 97 -6.87 13.51 -20.28
C LYS B 97 -6.90 12.00 -20.08
N ALA B 98 -5.74 11.35 -20.13
CA ALA B 98 -5.67 9.93 -19.81
C ALA B 98 -6.37 9.63 -18.49
N VAL B 99 -6.08 10.43 -17.46
CA VAL B 99 -6.66 10.16 -16.15
C VAL B 99 -8.17 10.40 -16.16
N CYS B 100 -8.64 11.42 -16.90
CA CYS B 100 -10.08 11.58 -17.08
C CYS B 100 -10.69 10.31 -17.66
N VAL B 101 -10.10 9.80 -18.75
CA VAL B 101 -10.68 8.62 -19.39
C VAL B 101 -10.56 7.41 -18.46
N LEU B 102 -9.37 7.17 -17.93
CA LEU B 102 -9.14 5.98 -17.13
C LEU B 102 -10.01 5.98 -15.88
N ASN B 103 -10.06 7.11 -15.18
CA ASN B 103 -10.99 7.24 -14.06
C ASN B 103 -12.41 6.85 -14.47
N CYS B 104 -12.89 7.40 -15.60
CA CYS B 104 -14.30 7.24 -15.95
C CYS B 104 -14.62 5.79 -16.33
N VAL B 105 -13.80 5.15 -17.15
CA VAL B 105 -14.19 3.83 -17.62
C VAL B 105 -14.03 2.80 -16.50
N THR B 106 -13.09 3.01 -15.57
CA THR B 106 -13.06 2.11 -14.42
C THR B 106 -14.18 2.40 -13.43
N PHE B 107 -14.69 3.64 -13.41
CA PHE B 107 -15.92 3.91 -12.64
C PHE B 107 -17.08 3.10 -13.19
N VAL B 108 -17.21 3.02 -14.52
CA VAL B 108 -18.23 2.16 -15.12
C VAL B 108 -18.05 0.73 -14.65
N TRP B 109 -16.81 0.24 -14.69
CA TRP B 109 -16.51 -1.12 -14.21
C TRP B 109 -16.97 -1.31 -12.77
N ASP B 110 -16.75 -0.30 -11.93
CA ASP B 110 -17.15 -0.32 -10.53
C ASP B 110 -18.66 -0.46 -10.35
N ASP B 111 -19.45 0.08 -11.30
CA ASP B 111 -20.91 0.08 -11.20
C ASP B 111 -21.58 -1.10 -11.89
N MET B 112 -20.81 -2.01 -12.50
CA MET B 112 -21.39 -3.12 -13.25
C MET B 112 -21.55 -4.39 -12.43
N ASP B 113 -22.59 -5.17 -12.74
CA ASP B 113 -22.66 -6.55 -12.30
C ASP B 113 -21.45 -7.30 -12.83
N PRO B 114 -20.84 -8.18 -12.02
CA PRO B 114 -19.63 -8.89 -12.47
C PRO B 114 -19.81 -9.71 -13.74
N ALA B 115 -21.00 -10.27 -13.99
CA ALA B 115 -21.26 -11.03 -15.21
C ALA B 115 -21.02 -10.20 -16.46
N LEU B 116 -20.96 -8.88 -16.32
CA LEU B 116 -20.69 -7.99 -17.44
C LEU B 116 -19.22 -7.68 -17.62
N HIS B 117 -18.37 -8.16 -16.71
CA HIS B 117 -16.93 -7.86 -16.71
C HIS B 117 -16.21 -8.75 -17.72
N ASP B 118 -16.26 -8.38 -18.99
CA ASP B 118 -15.60 -9.13 -20.06
C ASP B 118 -14.12 -8.69 -20.07
N PHE B 119 -13.29 -9.42 -19.32
CA PHE B 119 -11.87 -9.10 -19.25
C PHE B 119 -11.22 -9.18 -20.63
N GLY B 120 -11.57 -10.21 -21.40
CA GLY B 120 -11.00 -10.35 -22.74
C GLY B 120 -11.32 -9.19 -23.64
N LEU B 121 -12.42 -8.48 -23.36
CA LEU B 121 -12.81 -7.39 -24.24
C LEU B 121 -12.36 -6.03 -23.71
N PHE B 122 -12.21 -5.89 -22.40
CA PHE B 122 -11.97 -4.58 -21.82
C PHE B 122 -10.49 -4.28 -21.57
N LEU B 123 -9.68 -5.25 -21.15
CA LEU B 123 -8.26 -4.97 -20.98
C LEU B 123 -7.60 -4.43 -22.24
N PRO B 124 -7.86 -4.96 -23.46
CA PRO B 124 -7.29 -4.33 -24.67
C PRO B 124 -7.69 -2.85 -24.85
N GLN B 125 -8.90 -2.47 -24.45
CA GLN B 125 -9.29 -1.06 -24.51
C GLN B 125 -8.47 -0.21 -23.55
N LEU B 126 -8.27 -0.69 -22.32
CA LEU B 126 -7.45 0.06 -21.37
C LEU B 126 -6.05 0.25 -21.92
N ARG B 127 -5.48 -0.78 -22.54
CA ARG B 127 -4.23 -0.62 -23.27
C ARG B 127 -4.33 0.49 -24.31
N LYS B 128 -5.33 0.42 -25.19
CA LYS B 128 -5.46 1.38 -26.27
C LYS B 128 -5.45 2.81 -25.72
N ILE B 129 -6.09 3.03 -24.57
CA ILE B 129 -6.13 4.38 -24.03
C ILE B 129 -4.78 4.74 -23.43
N CYS B 130 -4.17 3.80 -22.68
CA CYS B 130 -2.89 4.11 -22.06
C CYS B 130 -1.84 4.45 -23.11
N GLU B 131 -1.87 3.74 -24.24
CA GLU B 131 -0.84 3.93 -25.26
C GLU B 131 -1.16 5.14 -26.14
N LYS B 132 -2.39 5.66 -26.08
CA LYS B 132 -2.74 6.82 -26.90
C LYS B 132 -2.32 8.13 -26.23
N TYR B 133 -2.44 8.23 -24.91
CA TYR B 133 -2.14 9.48 -24.20
C TYR B 133 -0.77 9.52 -23.54
N TYR B 134 -0.12 8.37 -23.30
CA TYR B 134 1.19 8.29 -22.68
C TYR B 134 2.23 7.69 -23.65
N GLY B 135 3.51 7.86 -23.31
CA GLY B 135 4.61 7.19 -23.99
C GLY B 135 4.76 5.77 -23.49
N PRO B 136 5.63 4.95 -24.11
CA PRO B 136 5.60 3.50 -23.82
C PRO B 136 5.84 3.15 -22.36
N GLU B 137 6.75 3.85 -21.71
CA GLU B 137 7.09 3.55 -20.32
C GLU B 137 5.94 3.91 -19.37
N ASP B 138 5.39 5.12 -19.51
CA ASP B 138 4.35 5.53 -18.56
C ASP B 138 3.03 4.84 -18.88
N ALA B 139 2.77 4.57 -20.16
CA ALA B 139 1.62 3.77 -20.53
C ALA B 139 1.62 2.43 -19.81
N GLU B 140 2.81 1.86 -19.56
CA GLU B 140 2.88 0.56 -18.89
C GLU B 140 2.62 0.69 -17.39
N VAL B 141 3.05 1.80 -16.79
CA VAL B 141 2.75 2.03 -15.38
C VAL B 141 1.27 2.30 -15.15
N ALA B 142 0.64 3.01 -16.10
CA ALA B 142 -0.79 3.29 -15.96
C ALA B 142 -1.63 2.06 -16.25
N TYR B 143 -1.28 1.30 -17.30
CA TYR B 143 -2.02 0.08 -17.59
C TYR B 143 -1.94 -0.94 -16.43
N GLU B 144 -0.74 -1.14 -15.87
CA GLU B 144 -0.62 -2.09 -14.74
C GLU B 144 -1.52 -1.68 -13.58
N ALA B 145 -1.52 -0.40 -13.25
CA ALA B 145 -2.37 0.06 -12.17
C ALA B 145 -3.85 -0.08 -12.52
N ALA B 146 -4.24 0.25 -13.77
CA ALA B 146 -5.62 0.08 -14.18
C ALA B 146 -6.03 -1.39 -14.17
N ARG B 147 -5.19 -2.25 -14.77
CA ARG B 147 -5.39 -3.70 -14.72
C ARG B 147 -5.56 -4.17 -13.28
N ALA B 148 -4.64 -3.79 -12.40
CA ALA B 148 -4.71 -4.26 -11.02
C ALA B 148 -5.99 -3.79 -10.35
N PHE B 149 -6.43 -2.55 -10.64
CA PHE B 149 -7.69 -2.11 -10.04
C PHE B 149 -8.87 -2.89 -10.59
N VAL B 150 -9.00 -3.02 -11.92
CA VAL B 150 -10.21 -3.66 -12.42
C VAL B 150 -10.21 -5.14 -12.05
N THR B 151 -9.05 -5.75 -11.92
CA THR B 151 -9.00 -7.13 -11.44
C THR B 151 -9.37 -7.22 -9.97
N SER B 152 -8.92 -6.26 -9.16
CA SER B 152 -9.30 -6.21 -7.76
C SER B 152 -10.82 -6.05 -7.59
N ASP B 153 -11.41 -5.08 -8.28
CA ASP B 153 -12.85 -4.89 -8.13
C ASP B 153 -13.61 -6.17 -8.49
N HIS B 154 -13.12 -6.89 -9.50
CA HIS B 154 -13.81 -8.10 -9.95
C HIS B 154 -13.68 -9.23 -8.94
N MET B 155 -12.44 -9.66 -8.68
CA MET B 155 -12.25 -10.89 -7.94
C MET B 155 -12.42 -10.68 -6.44
N PHE B 156 -12.86 -9.48 -6.04
CA PHE B 156 -13.31 -9.28 -4.68
C PHE B 156 -14.82 -9.07 -4.55
N ARG B 157 -15.60 -9.30 -5.61
CA ARG B 157 -16.99 -8.84 -5.64
C ARG B 157 -17.87 -9.40 -4.52
N ASP B 158 -17.84 -10.72 -4.32
CA ASP B 158 -18.70 -11.40 -3.32
C ASP B 158 -17.84 -12.11 -2.28
N SER B 159 -16.55 -11.74 -2.21
CA SER B 159 -15.37 -12.41 -1.67
C SER B 159 -15.41 -12.52 -0.14
N PRO B 160 -14.86 -13.62 0.36
CA PRO B 160 -14.60 -13.75 1.81
C PRO B 160 -13.53 -12.82 2.34
N ILE B 161 -12.49 -12.54 1.56
CA ILE B 161 -11.46 -11.62 2.04
C ILE B 161 -12.08 -10.26 2.31
N LYS B 162 -12.81 -9.73 1.33
CA LYS B 162 -13.49 -8.46 1.53
C LYS B 162 -14.39 -8.51 2.76
N ALA B 163 -15.10 -9.61 2.95
CA ALA B 163 -15.90 -9.82 4.15
C ALA B 163 -15.07 -9.56 5.41
N ALA B 164 -13.91 -10.21 5.52
CA ALA B 164 -13.12 -10.07 6.73
C ALA B 164 -12.57 -8.65 6.86
N LEU B 165 -11.96 -8.10 5.80
CA LEU B 165 -11.30 -6.81 5.93
C LEU B 165 -12.31 -5.68 6.18
N CYS B 166 -13.55 -5.83 5.74
CA CYS B 166 -14.55 -4.78 5.93
C CYS B 166 -15.31 -4.86 7.24
N THR B 167 -15.22 -5.97 7.97
CA THR B 167 -15.99 -6.12 9.19
C THR B 167 -15.12 -6.13 10.46
N THR B 168 -13.79 -6.07 10.34
CA THR B 168 -12.89 -6.15 11.49
C THR B 168 -12.71 -4.82 12.22
N SER B 169 -11.75 -4.01 11.78
CA SER B 169 -11.40 -2.74 12.38
C SER B 169 -11.36 -1.68 11.30
N PRO B 170 -11.26 -0.39 11.66
CA PRO B 170 -10.93 0.60 10.63
C PRO B 170 -9.60 0.33 9.97
N GLU B 171 -8.63 -0.17 10.77
CA GLU B 171 -7.32 -0.54 10.25
C GLU B 171 -7.43 -1.51 9.07
N GLN B 172 -8.10 -2.66 9.25
CA GLN B 172 -8.20 -3.63 8.15
C GLN B 172 -8.94 -3.03 6.94
N TYR B 173 -9.99 -2.27 7.23
CA TYR B 173 -10.82 -1.73 6.14
C TYR B 173 -10.03 -0.78 5.27
N PHE B 174 -9.35 0.19 5.88
CA PHE B 174 -8.61 1.18 5.08
C PHE B 174 -7.46 0.53 4.31
N ARG B 175 -6.85 -0.49 4.89
CA ARG B 175 -5.83 -1.22 4.13
C ARG B 175 -6.41 -1.83 2.86
N PHE B 176 -7.65 -2.31 2.91
CA PHE B 176 -8.31 -2.78 1.69
C PHE B 176 -8.53 -1.64 0.70
N ARG B 177 -8.87 -0.46 1.21
CA ARG B 177 -9.27 0.62 0.32
C ARG B 177 -8.10 1.31 -0.35
N VAL B 178 -6.87 1.09 0.10
CA VAL B 178 -5.73 1.66 -0.62
C VAL B 178 -5.81 1.30 -2.09
N THR B 179 -6.20 0.06 -2.38
CA THR B 179 -6.43 -0.37 -3.75
C THR B 179 -7.88 -0.17 -4.18
N ASP B 180 -8.83 -0.57 -3.34
CA ASP B 180 -10.21 -0.68 -3.81
C ASP B 180 -10.83 0.69 -4.08
N ILE B 181 -10.46 1.73 -3.34
CA ILE B 181 -10.99 3.03 -3.73
C ILE B 181 -10.24 3.60 -4.93
N GLY B 182 -9.30 2.88 -5.52
CA GLY B 182 -8.65 3.35 -6.73
C GLY B 182 -7.58 4.41 -6.55
N VAL B 183 -7.20 4.74 -5.32
CA VAL B 183 -6.25 5.84 -5.13
C VAL B 183 -4.84 5.43 -5.54
N ASP B 184 -4.43 4.18 -5.29
CA ASP B 184 -3.11 3.79 -5.77
C ASP B 184 -3.04 3.90 -7.29
N PHE B 185 -4.07 3.41 -7.97
CA PHE B 185 -4.17 3.55 -9.42
C PHE B 185 -4.13 5.02 -9.82
N TRP B 186 -4.93 5.85 -9.13
CA TRP B 186 -4.94 7.29 -9.39
C TRP B 186 -3.55 7.89 -9.35
N MET B 187 -2.78 7.56 -8.31
CA MET B 187 -1.44 8.14 -8.19
C MET B 187 -0.53 7.67 -9.31
N LYS B 188 -0.61 6.38 -9.65
CA LYS B 188 0.29 5.82 -10.64
C LYS B 188 -0.07 6.25 -12.06
N MET B 189 -1.26 6.79 -12.29
CA MET B 189 -1.58 7.36 -13.60
C MET B 189 -1.52 8.88 -13.60
N SER B 190 -1.45 9.54 -12.44
CA SER B 190 -1.42 10.98 -12.35
C SER B 190 -0.01 11.56 -12.26
N TYR B 191 1.00 10.78 -11.88
CA TYR B 191 2.34 11.39 -11.78
C TYR B 191 2.85 11.95 -13.11
N PRO B 192 2.55 11.39 -14.29
CA PRO B 192 2.99 12.07 -15.52
C PRO B 192 2.36 13.44 -15.70
N ILE B 193 1.24 13.72 -15.05
CA ILE B 193 0.64 15.05 -15.13
C ILE B 193 1.63 16.10 -14.66
N TYR B 194 2.41 15.77 -13.63
CA TYR B 194 3.22 16.75 -12.92
C TYR B 194 4.70 16.70 -13.27
N ARG B 195 5.24 15.53 -13.63
CA ARG B 195 6.67 15.35 -13.90
C ARG B 195 7.50 15.94 -12.76
N HIS B 196 7.14 15.56 -11.55
CA HIS B 196 7.80 16.07 -10.36
C HIS B 196 8.50 14.90 -9.69
N PRO B 197 9.82 15.00 -9.49
CA PRO B 197 10.57 13.83 -9.05
C PRO B 197 10.02 13.19 -7.79
N GLU B 198 9.83 13.94 -6.71
CA GLU B 198 9.36 13.31 -5.48
C GLU B 198 7.99 12.67 -5.67
N PHE B 199 7.06 13.37 -6.33
CA PHE B 199 5.70 12.84 -6.37
C PHE B 199 5.66 11.53 -7.15
N THR B 200 6.44 11.44 -8.24
CA THR B 200 6.56 10.20 -8.99
C THR B 200 7.06 9.06 -8.09
N GLU B 201 8.03 9.35 -7.22
CA GLU B 201 8.53 8.29 -6.35
C GLU B 201 7.49 7.90 -5.30
N HIS B 202 6.85 8.90 -4.66
CA HIS B 202 5.81 8.59 -3.69
C HIS B 202 4.64 7.85 -4.33
N ALA B 203 4.37 8.14 -5.60
CA ALA B 203 3.34 7.39 -6.33
C ALA B 203 3.78 5.94 -6.54
N LYS B 204 5.02 5.73 -6.98
CA LYS B 204 5.40 4.36 -7.33
C LYS B 204 5.63 3.48 -6.10
N THR B 205 5.98 4.06 -4.95
CA THR B 205 6.03 3.26 -3.71
C THR B 205 4.66 3.02 -3.11
N SER B 206 3.63 3.74 -3.56
CA SER B 206 2.28 3.74 -2.99
C SER B 206 2.20 4.52 -1.67
N LEU B 207 3.29 5.12 -1.20
CA LEU B 207 3.19 5.98 -0.02
C LEU B 207 2.20 7.13 -0.28
N ALA B 208 2.16 7.62 -1.52
CA ALA B 208 1.19 8.64 -1.89
C ALA B 208 -0.23 8.15 -1.64
N ALA B 209 -0.55 6.97 -2.15
CA ALA B 209 -1.86 6.38 -1.92
C ALA B 209 -2.13 6.14 -0.42
N ARG B 210 -1.12 5.63 0.29
CA ARG B 210 -1.34 5.33 1.70
C ARG B 210 -1.62 6.59 2.52
N MET B 211 -1.06 7.74 2.14
CA MET B 211 -1.29 8.97 2.92
C MET B 211 -2.68 9.55 2.67
N THR B 212 -3.29 9.26 1.52
CA THR B 212 -4.52 9.93 1.11
C THR B 212 -5.74 9.01 1.20
N THR B 213 -5.53 7.72 1.49
CA THR B 213 -6.63 6.76 1.46
C THR B 213 -7.74 7.13 2.43
N ARG B 214 -7.38 7.45 3.67
CA ARG B 214 -8.45 7.68 4.65
C ARG B 214 -9.25 8.94 4.32
N GLY B 215 -8.57 10.00 3.91
CA GLY B 215 -9.27 11.24 3.56
C GLY B 215 -10.26 11.05 2.44
N LEU B 216 -9.87 10.30 1.41
CA LEU B 216 -10.80 10.02 0.30
C LEU B 216 -11.92 9.11 0.75
N THR B 217 -11.57 8.05 1.49
CA THR B 217 -12.53 6.99 1.76
C THR B 217 -13.58 7.44 2.76
N ILE B 218 -13.18 8.12 3.83
CA ILE B 218 -14.14 8.51 4.84
C ILE B 218 -15.21 9.41 4.22
N VAL B 219 -14.79 10.34 3.38
CA VAL B 219 -15.73 11.22 2.69
C VAL B 219 -16.59 10.43 1.71
N ASN B 220 -15.96 9.59 0.87
CA ASN B 220 -16.77 8.79 -0.06
C ASN B 220 -17.77 7.93 0.69
N ASP B 221 -17.31 7.26 1.77
CA ASP B 221 -18.18 6.34 2.48
C ASP B 221 -19.39 7.06 3.07
N PHE B 222 -19.18 8.25 3.63
CA PHE B 222 -20.29 8.93 4.27
C PHE B 222 -21.38 9.22 3.25
N TYR B 223 -21.01 9.75 2.10
CA TYR B 223 -22.01 10.19 1.14
C TYR B 223 -22.50 9.08 0.21
N SER B 224 -21.84 7.91 0.17
CA SER B 224 -22.35 6.80 -0.62
C SER B 224 -22.95 5.69 0.25
N TYR B 225 -22.99 5.91 1.57
CA TYR B 225 -23.54 4.91 2.48
C TYR B 225 -24.96 4.48 2.09
N ASP B 226 -25.86 5.44 1.84
CA ASP B 226 -27.25 5.07 1.61
C ASP B 226 -27.39 4.17 0.37
N ARG B 227 -26.72 4.52 -0.72
CA ARG B 227 -26.80 3.70 -1.92
C ARG B 227 -26.19 2.32 -1.68
N GLU B 228 -25.00 2.30 -1.07
CA GLU B 228 -24.32 1.02 -0.91
C GLU B 228 -25.09 0.08 0.00
N VAL B 229 -25.67 0.60 1.07
CA VAL B 229 -26.36 -0.29 1.99
C VAL B 229 -27.69 -0.78 1.36
N SER B 230 -28.36 0.05 0.57
CA SER B 230 -29.57 -0.39 -0.11
C SER B 230 -29.27 -1.48 -1.14
N LEU B 231 -28.06 -1.52 -1.67
CA LEU B 231 -27.66 -2.57 -2.60
C LEU B 231 -26.97 -3.74 -1.90
N GLY B 232 -26.79 -3.68 -0.59
CA GLY B 232 -26.13 -4.76 0.12
C GLY B 232 -24.63 -4.75 0.03
N GLN B 233 -24.02 -3.73 -0.56
CA GLN B 233 -22.57 -3.62 -0.61
C GLN B 233 -22.02 -3.37 0.79
N ILE B 234 -20.85 -3.94 1.09
CA ILE B 234 -20.30 -3.92 2.45
C ILE B 234 -19.07 -3.03 2.55
N THR B 235 -18.56 -2.51 1.45
CA THR B 235 -17.30 -1.77 1.48
C THR B 235 -17.57 -0.30 1.86
N ASN B 236 -17.72 -0.08 3.18
CA ASN B 236 -18.05 1.23 3.73
C ASN B 236 -17.77 1.26 5.22
N CYS B 237 -16.92 2.17 5.68
CA CYS B 237 -16.50 2.12 7.08
C CYS B 237 -17.63 2.42 8.06
N PHE B 238 -18.68 3.16 7.66
CA PHE B 238 -19.73 3.39 8.63
C PHE B 238 -20.59 2.16 8.88
N ARG B 239 -20.41 1.06 8.13
CA ARG B 239 -21.01 -0.20 8.51
C ARG B 239 -20.37 -0.77 9.78
N LEU B 240 -19.21 -0.24 10.18
CA LEU B 240 -18.52 -0.68 11.39
C LEU B 240 -19.06 -0.06 12.67
N CYS B 241 -19.98 0.89 12.59
CA CYS B 241 -20.61 1.49 13.75
C CYS B 241 -22.11 1.36 13.61
N ASP B 242 -22.82 1.59 14.71
CA ASP B 242 -24.27 1.55 14.70
C ASP B 242 -24.76 2.95 14.33
N VAL B 243 -24.97 3.19 13.03
CA VAL B 243 -25.42 4.51 12.62
C VAL B 243 -26.81 4.84 13.16
N SER B 244 -27.57 3.87 13.67
CA SER B 244 -28.87 4.21 14.26
C SER B 244 -28.76 4.69 15.70
N ASP B 245 -27.57 4.62 16.30
CA ASP B 245 -27.29 5.13 17.64
C ASP B 245 -26.54 6.45 17.46
N GLU B 246 -27.24 7.56 17.68
CA GLU B 246 -26.66 8.89 17.51
C GLU B 246 -25.29 8.98 18.18
N THR B 247 -25.21 8.60 19.45
CA THR B 247 -24.00 8.85 20.19
C THR B 247 -22.88 7.90 19.75
N ALA B 248 -23.23 6.69 19.35
CA ALA B 248 -22.22 5.80 18.78
C ALA B 248 -21.74 6.31 17.42
N PHE B 249 -22.67 6.78 16.59
CA PHE B 249 -22.27 7.34 15.30
C PHE B 249 -21.34 8.52 15.50
N LYS B 250 -21.70 9.40 16.44
CA LYS B 250 -20.91 10.59 16.68
C LYS B 250 -19.49 10.27 17.14
N GLU B 251 -19.35 9.29 18.05
CA GLU B 251 -18.02 8.87 18.47
C GLU B 251 -17.20 8.38 17.27
N PHE B 252 -17.80 7.50 16.46
CA PHE B 252 -17.11 6.95 15.29
C PHE B 252 -16.72 8.07 14.33
N PHE B 253 -17.64 8.99 14.07
CA PHE B 253 -17.36 10.05 13.10
C PHE B 253 -16.21 10.93 13.57
N GLN B 254 -16.20 11.30 14.85
CA GLN B 254 -15.07 12.06 15.39
C GLN B 254 -13.77 11.26 15.26
N ALA B 255 -13.82 9.95 15.53
CA ALA B 255 -12.62 9.15 15.31
C ALA B 255 -12.14 9.24 13.86
N ARG B 256 -13.08 9.24 12.90
CA ARG B 256 -12.69 9.33 11.51
C ARG B 256 -12.16 10.72 11.15
N LEU B 257 -12.76 11.78 11.73
CA LEU B 257 -12.19 13.13 11.56
C LEU B 257 -10.77 13.19 12.09
N ASP B 258 -10.54 12.66 13.29
CA ASP B 258 -9.19 12.64 13.85
C ASP B 258 -8.21 11.95 12.90
N ASP B 259 -8.64 10.86 12.27
CA ASP B 259 -7.79 10.17 11.31
C ASP B 259 -7.43 11.10 10.14
N MET B 260 -8.43 11.78 9.59
CA MET B 260 -8.19 12.69 8.50
C MET B 260 -7.20 13.78 8.89
N ILE B 261 -7.40 14.35 10.08
CA ILE B 261 -6.54 15.42 10.57
C ILE B 261 -5.11 14.91 10.70
N GLU B 262 -4.94 13.74 11.29
CA GLU B 262 -3.61 13.20 11.46
C GLU B 262 -2.89 13.03 10.12
N ASP B 263 -3.59 12.48 9.11
CA ASP B 263 -2.98 12.31 7.79
C ASP B 263 -2.62 13.66 7.17
N ILE B 264 -3.54 14.63 7.29
CA ILE B 264 -3.28 15.94 6.70
C ILE B 264 -2.06 16.59 7.34
N GLU B 265 -1.95 16.53 8.67
CA GLU B 265 -0.79 17.13 9.34
C GLU B 265 0.53 16.46 8.92
N CYS B 266 0.54 15.13 8.75
CA CYS B 266 1.73 14.47 8.23
C CYS B 266 1.96 14.76 6.75
N ILE B 267 0.90 14.92 5.96
CA ILE B 267 1.10 15.33 4.57
C ILE B 267 1.86 16.65 4.51
N LYS B 268 1.69 17.52 5.52
CA LYS B 268 2.39 18.81 5.57
C LYS B 268 3.90 18.67 5.72
N ALA B 269 4.42 17.46 5.97
CA ALA B 269 5.86 17.25 6.01
C ALA B 269 6.45 16.98 4.63
N PHE B 270 5.64 16.56 3.65
CA PHE B 270 6.15 16.35 2.31
C PHE B 270 6.53 17.70 1.71
N ASP B 271 7.27 17.68 0.59
CA ASP B 271 7.66 18.92 -0.04
C ASP B 271 6.41 19.68 -0.47
N GLN B 272 6.59 20.99 -0.68
CA GLN B 272 5.44 21.87 -0.90
C GLN B 272 4.60 21.40 -2.08
N LEU B 273 5.22 20.99 -3.19
CA LEU B 273 4.43 20.63 -4.36
C LEU B 273 3.68 19.32 -4.13
N THR B 274 4.37 18.32 -3.56
CA THR B 274 3.70 17.05 -3.27
C THR B 274 2.52 17.24 -2.35
N GLN B 275 2.69 18.03 -1.28
CA GLN B 275 1.62 18.29 -0.33
C GLN B 275 0.42 18.97 -0.99
N ASP B 276 0.68 19.96 -1.85
CA ASP B 276 -0.41 20.60 -2.57
C ASP B 276 -1.19 19.56 -3.36
N VAL B 277 -0.49 18.62 -4.01
CA VAL B 277 -1.18 17.58 -4.79
C VAL B 277 -2.02 16.69 -3.88
N PHE B 278 -1.44 16.21 -2.78
CA PHE B 278 -2.18 15.33 -1.88
C PHE B 278 -3.41 16.02 -1.30
N LEU B 279 -3.24 17.28 -0.89
CA LEU B 279 -4.35 17.97 -0.22
C LEU B 279 -5.44 18.37 -1.20
N ASP B 280 -5.07 18.81 -2.42
CA ASP B 280 -6.10 19.09 -3.42
C ASP B 280 -6.89 17.82 -3.76
N LEU B 281 -6.23 16.66 -3.70
CA LEU B 281 -6.95 15.40 -3.94
C LEU B 281 -8.00 15.16 -2.87
N ILE B 282 -7.62 15.27 -1.59
CA ILE B 282 -8.55 14.97 -0.52
C ILE B 282 -9.67 16.02 -0.48
N TYR B 283 -9.29 17.28 -0.54
CA TYR B 283 -10.30 18.32 -0.38
C TYR B 283 -11.13 18.47 -1.66
N GLY B 284 -10.50 18.35 -2.83
CA GLY B 284 -11.26 18.33 -4.08
C GLY B 284 -12.26 17.20 -4.14
N ASN B 285 -11.88 16.02 -3.64
CA ASN B 285 -12.84 14.92 -3.64
C ASN B 285 -14.06 15.26 -2.81
N PHE B 286 -13.86 15.97 -1.71
CA PHE B 286 -14.99 16.37 -0.87
C PHE B 286 -15.88 17.38 -1.59
N VAL B 287 -15.29 18.36 -2.27
CA VAL B 287 -16.10 19.34 -3.00
C VAL B 287 -16.92 18.65 -4.09
N TRP B 288 -16.27 17.79 -4.87
CA TRP B 288 -16.93 17.03 -5.92
C TRP B 288 -18.04 16.14 -5.36
N THR B 289 -17.72 15.37 -4.31
CA THR B 289 -18.68 14.44 -3.74
C THR B 289 -19.95 15.16 -3.28
N THR B 290 -19.80 16.34 -2.70
CA THR B 290 -20.97 17.07 -2.23
C THR B 290 -21.72 17.77 -3.36
N SER B 291 -21.10 17.98 -4.53
CA SER B 291 -21.78 18.55 -5.69
C SER B 291 -22.68 17.54 -6.39
N ASN B 292 -22.32 16.26 -6.38
CA ASN B 292 -22.64 15.33 -7.44
C ASN B 292 -23.91 14.56 -7.10
N LYS B 293 -24.83 14.51 -8.06
CA LYS B 293 -26.06 13.74 -7.94
C LYS B 293 -25.79 12.27 -7.63
N ARG B 294 -24.61 11.78 -7.99
CA ARG B 294 -24.19 10.42 -7.65
C ARG B 294 -24.35 10.13 -6.16
N TYR B 295 -24.06 11.11 -5.30
CA TYR B 295 -23.84 10.89 -3.88
C TYR B 295 -24.92 11.49 -3.00
N LYS B 296 -26.19 11.29 -3.29
CA LYS B 296 -27.24 12.02 -2.58
C LYS B 296 -28.55 11.27 -2.41
N THR B 297 -28.75 10.16 -3.09
CA THR B 297 -30.03 9.49 -3.08
C THR B 297 -29.82 8.02 -2.74
N ALA B 298 -29.76 7.22 -3.80
CA ALA B 298 -29.30 5.83 -3.73
C ALA B 298 -29.38 5.20 -5.11
N VAL B 299 -30.44 5.52 -5.86
CA VAL B 299 -30.66 4.99 -7.20
C VAL B 299 -31.19 6.13 -8.09
N ASN B 300 -30.37 6.59 -9.03
CA ASN B 300 -30.76 7.65 -9.97
C ASN B 300 -30.04 7.42 -11.29
N ASP B 301 -30.23 8.31 -12.27
CA ASP B 301 -29.76 8.03 -13.61
C ASP B 301 -28.23 7.99 -13.72
N VAL B 302 -27.50 8.60 -12.79
CA VAL B 302 -26.06 8.57 -12.85
C VAL B 302 -25.43 7.45 -12.05
N ASN B 303 -26.19 6.73 -11.21
CA ASN B 303 -25.58 5.74 -10.32
C ASN B 303 -26.26 4.36 -10.36
N SER B 304 -27.43 4.23 -10.96
CA SER B 304 -28.12 2.94 -10.94
C SER B 304 -27.21 1.85 -11.48
N ARG B 305 -27.16 0.72 -10.75
CA ARG B 305 -26.34 -0.42 -11.14
C ARG B 305 -26.42 -0.67 -12.64
N ILE B 306 -25.25 -0.82 -13.27
CA ILE B 306 -25.22 -1.21 -14.68
C ILE B 306 -25.49 -2.71 -14.75
N GLN B 307 -26.75 -3.06 -15.04
CA GLN B 307 -27.34 -4.40 -14.96
C GLN B 307 -28.85 -4.24 -15.13
N ALA B 308 -29.31 -3.01 -15.03
CA ALA B 308 -30.59 -2.60 -15.62
C ALA B 308 -30.38 -1.39 -16.53
N GLY A 14 16.93 5.89 30.03
CA GLY A 14 16.25 4.61 30.19
C GLY A 14 15.59 4.15 28.91
N ARG A 15 15.97 4.79 27.80
CA ARG A 15 15.38 4.52 26.50
C ARG A 15 16.34 3.80 25.59
N SER A 16 17.62 3.77 25.90
CA SER A 16 18.58 3.23 24.96
C SER A 16 18.54 1.70 24.83
N SER A 17 17.62 1.01 25.51
CA SER A 17 17.64 -0.46 25.40
C SER A 17 16.33 -1.09 25.84
N VAL A 18 15.94 -2.15 25.14
CA VAL A 18 14.87 -3.03 25.56
C VAL A 18 15.41 -4.34 26.11
N ARG A 19 16.72 -4.47 26.25
CA ARG A 19 17.34 -5.68 26.79
C ARG A 19 16.67 -6.26 28.03
N PRO A 20 16.29 -5.49 29.03
CA PRO A 20 15.62 -6.12 30.19
C PRO A 20 14.36 -6.90 29.85
N TYR A 21 13.63 -6.55 28.80
CA TYR A 21 12.40 -7.26 28.46
C TYR A 21 12.63 -8.38 27.45
N LEU A 22 13.89 -8.67 27.12
CA LEU A 22 14.19 -9.55 26.00
C LEU A 22 13.57 -10.94 26.18
N GLU A 23 13.72 -11.55 27.36
CA GLU A 23 13.21 -12.89 27.56
C GLU A 23 11.68 -12.95 27.56
N GLU A 24 11.04 -12.08 28.36
CA GLU A 24 9.58 -12.06 28.43
C GLU A 24 8.96 -11.77 27.05
N CYS A 25 9.49 -10.79 26.32
CA CYS A 25 8.93 -10.48 25.01
C CYS A 25 9.16 -11.61 24.02
N THR A 26 10.36 -12.22 24.03
CA THR A 26 10.59 -13.34 23.14
C THR A 26 9.58 -14.45 23.40
N ARG A 27 9.40 -14.78 24.68
CA ARG A 27 8.43 -15.81 25.05
C ARG A 27 7.02 -15.42 24.61
N ARG A 28 6.65 -14.15 24.76
CA ARG A 28 5.29 -13.75 24.39
C ARG A 28 5.06 -13.84 22.88
N PHE A 29 6.02 -13.36 22.08
CA PHE A 29 5.95 -13.53 20.63
C PHE A 29 5.71 -15.01 20.27
N GLN A 30 6.52 -15.90 20.82
CA GLN A 30 6.40 -17.30 20.44
C GLN A 30 5.05 -17.89 20.83
N GLU A 31 4.56 -17.55 22.02
CA GLU A 31 3.26 -18.07 22.45
C GLU A 31 2.16 -17.58 21.52
N MET A 32 2.24 -16.30 21.12
CA MET A 32 1.27 -15.75 20.18
C MET A 32 1.28 -16.54 18.87
N PHE A 33 2.46 -16.80 18.31
CA PHE A 33 2.56 -17.60 17.10
C PHE A 33 1.99 -19.00 17.31
N ASP A 34 2.26 -19.62 18.48
CA ASP A 34 1.74 -20.96 18.77
C ASP A 34 0.22 -20.98 18.82
N ARG A 35 -0.39 -19.91 19.31
CA ARG A 35 -1.82 -19.91 19.49
C ARG A 35 -2.56 -19.68 18.18
N HIS A 36 -1.99 -18.86 17.28
CA HIS A 36 -2.74 -18.32 16.15
C HIS A 36 -2.28 -18.81 14.80
N VAL A 37 -0.98 -19.13 14.65
CA VAL A 37 -0.46 -19.70 13.41
C VAL A 37 -0.23 -21.19 13.55
N VAL A 38 0.37 -21.62 14.66
CA VAL A 38 0.51 -23.01 15.12
C VAL A 38 1.58 -23.75 14.32
N THR A 39 1.43 -23.81 12.99
CA THR A 39 2.41 -24.50 12.16
C THR A 39 3.70 -23.69 12.05
N ARG A 40 4.81 -24.35 12.30
CA ARG A 40 6.09 -23.67 12.23
C ARG A 40 6.51 -23.46 10.78
N PRO A 41 7.23 -22.38 10.50
CA PRO A 41 7.83 -22.21 9.19
C PRO A 41 8.91 -23.26 8.95
N THR A 42 9.48 -23.22 7.74
CA THR A 42 10.49 -24.19 7.32
C THR A 42 11.67 -23.48 6.68
N LYS A 43 12.88 -24.00 6.94
CA LYS A 43 14.08 -23.42 6.36
C LYS A 43 14.50 -24.21 5.13
N VAL A 44 14.56 -23.54 3.99
CA VAL A 44 15.14 -24.12 2.78
C VAL A 44 16.62 -24.37 3.01
N GLU A 45 17.07 -25.61 2.80
CA GLU A 45 18.49 -25.89 2.73
C GLU A 45 18.94 -25.71 1.29
N LEU A 46 19.95 -24.89 1.09
CA LEU A 46 20.51 -24.70 -0.24
C LEU A 46 21.63 -25.69 -0.43
N THR A 47 21.76 -26.17 -1.66
CA THR A 47 22.94 -26.95 -1.96
C THR A 47 24.19 -26.07 -1.79
N ASP A 48 25.33 -26.69 -1.41
CA ASP A 48 26.56 -25.91 -1.28
C ASP A 48 26.83 -25.07 -2.54
N ALA A 49 26.58 -25.65 -3.71
CA ALA A 49 26.78 -24.94 -4.98
C ALA A 49 25.78 -23.81 -5.16
N GLU A 50 24.57 -23.95 -4.60
CA GLU A 50 23.54 -22.93 -4.76
C GLU A 50 23.83 -21.72 -3.89
N LEU A 51 24.33 -21.95 -2.68
CA LEU A 51 24.70 -20.85 -1.82
C LEU A 51 25.92 -20.13 -2.38
N ARG A 52 26.74 -20.86 -3.13
CA ARG A 52 27.86 -20.22 -3.81
C ARG A 52 27.40 -19.44 -5.02
N GLU A 53 26.42 -19.94 -5.78
CA GLU A 53 25.89 -19.13 -6.87
C GLU A 53 25.27 -17.85 -6.34
N VAL A 54 24.53 -17.94 -5.23
CA VAL A 54 23.90 -16.77 -4.65
C VAL A 54 24.96 -15.78 -4.16
N ILE A 55 25.92 -16.27 -3.37
CA ILE A 55 26.90 -15.39 -2.77
C ILE A 55 27.82 -14.77 -3.83
N ASP A 56 28.21 -15.56 -4.84
CA ASP A 56 29.03 -15.00 -5.91
C ASP A 56 28.29 -13.89 -6.65
N ASP A 57 26.97 -14.05 -6.84
CA ASP A 57 26.17 -13.00 -7.47
C ASP A 57 26.05 -11.77 -6.57
N CYS A 58 25.89 -11.98 -5.26
CA CYS A 58 25.84 -10.86 -4.33
C CYS A 58 27.14 -10.06 -4.38
N ASN A 59 28.28 -10.74 -4.33
CA ASN A 59 29.57 -10.05 -4.35
C ASN A 59 29.76 -9.27 -5.64
N ALA A 60 29.44 -9.88 -6.78
CA ALA A 60 29.51 -9.17 -8.05
C ALA A 60 28.60 -7.95 -8.05
N ALA A 61 27.43 -8.05 -7.40
CA ALA A 61 26.47 -6.95 -7.42
C ALA A 61 26.99 -5.73 -6.67
N VAL A 62 27.61 -5.94 -5.50
CA VAL A 62 28.01 -4.81 -4.66
C VAL A 62 29.46 -4.42 -4.87
N ALA A 63 30.25 -5.26 -5.56
CA ALA A 63 31.65 -4.91 -5.83
C ALA A 63 31.81 -3.48 -6.38
N PRO A 64 30.97 -2.97 -7.29
CA PRO A 64 31.18 -1.60 -7.76
C PRO A 64 31.12 -0.56 -6.66
N LEU A 65 30.35 -0.80 -5.60
CA LEU A 65 30.25 0.16 -4.50
C LEU A 65 31.52 0.25 -3.66
N GLY A 66 32.34 -0.80 -3.63
CA GLY A 66 33.66 -0.68 -3.05
C GLY A 66 33.88 -1.33 -1.70
N LYS A 67 32.86 -1.94 -1.09
CA LYS A 67 33.01 -2.49 0.25
C LYS A 67 32.89 -4.00 0.25
N THR A 68 33.85 -4.66 0.90
CA THR A 68 33.83 -6.09 1.08
C THR A 68 32.69 -6.52 1.98
N VAL A 69 32.02 -7.62 1.62
CA VAL A 69 31.01 -8.24 2.45
C VAL A 69 31.42 -9.70 2.66
N SER A 70 31.53 -10.11 3.92
CA SER A 70 32.01 -11.45 4.23
C SER A 70 30.92 -12.49 4.01
N ASP A 71 31.36 -13.74 3.81
CA ASP A 71 30.44 -14.88 3.73
C ASP A 71 29.43 -14.86 4.87
N GLU A 72 29.89 -14.70 6.12
CA GLU A 72 28.94 -14.84 7.22
C GLU A 72 27.98 -13.66 7.29
N ARG A 73 28.39 -12.49 6.81
CA ARG A 73 27.43 -11.39 6.68
C ARG A 73 26.38 -11.70 5.61
N TRP A 74 26.79 -12.24 4.46
CA TRP A 74 25.81 -12.67 3.47
C TRP A 74 24.84 -13.69 4.07
N ILE A 75 25.37 -14.69 4.78
CA ILE A 75 24.53 -15.74 5.32
C ILE A 75 23.56 -15.16 6.35
N SER A 76 24.03 -14.20 7.14
CA SER A 76 23.13 -13.51 8.05
C SER A 76 21.96 -12.88 7.30
N TYR A 77 22.27 -12.09 6.26
CA TYR A 77 21.21 -11.47 5.46
C TYR A 77 20.29 -12.52 4.82
N VAL A 78 20.86 -13.57 4.24
CA VAL A 78 20.08 -14.51 3.44
C VAL A 78 19.14 -15.36 4.29
N GLY A 79 19.42 -15.50 5.59
CA GLY A 79 18.63 -16.38 6.40
C GLY A 79 17.15 -16.05 6.42
N VAL A 80 16.79 -14.77 6.26
CA VAL A 80 15.38 -14.42 6.26
C VAL A 80 14.68 -15.08 5.08
N VAL A 81 15.34 -15.16 3.92
CA VAL A 81 14.72 -15.83 2.78
C VAL A 81 14.62 -17.32 3.03
N LEU A 82 15.66 -17.90 3.64
CA LEU A 82 15.69 -19.34 3.86
C LEU A 82 14.59 -19.77 4.81
N TRP A 83 14.26 -18.90 5.78
CA TRP A 83 13.32 -19.22 6.85
C TRP A 83 11.90 -18.71 6.60
N SER A 84 11.72 -17.71 5.76
CA SER A 84 10.45 -16.98 5.74
C SER A 84 9.71 -17.11 4.41
N GLN A 85 10.13 -17.99 3.51
CA GLN A 85 9.32 -18.36 2.37
C GLN A 85 8.51 -19.59 2.76
N SER A 86 7.84 -20.23 1.81
CA SER A 86 6.91 -21.31 2.11
C SER A 86 7.34 -22.50 1.27
N PRO A 87 8.31 -23.29 1.76
CA PRO A 87 8.96 -24.30 0.91
C PRO A 87 8.02 -25.32 0.31
N ARG A 88 6.94 -25.69 1.01
CA ARG A 88 6.07 -26.72 0.47
C ARG A 88 5.21 -26.19 -0.67
N HIS A 89 5.24 -24.87 -0.92
CA HIS A 89 4.59 -24.27 -2.08
C HIS A 89 5.57 -23.86 -3.17
N ILE A 90 6.87 -24.04 -2.98
CA ILE A 90 7.81 -23.50 -3.97
C ILE A 90 7.70 -24.27 -5.29
N LYS A 91 7.61 -23.52 -6.40
CA LYS A 91 7.64 -24.07 -7.75
C LYS A 91 8.87 -23.70 -8.53
N ASP A 92 9.40 -22.49 -8.34
CA ASP A 92 10.40 -21.88 -9.22
C ASP A 92 11.62 -21.55 -8.37
N MET A 93 12.64 -22.44 -8.37
CA MET A 93 13.81 -22.26 -7.52
C MET A 93 14.76 -21.19 -8.04
N GLU A 94 14.72 -20.87 -9.32
CA GLU A 94 15.55 -19.77 -9.79
C GLU A 94 14.97 -18.43 -9.32
N ALA A 95 13.65 -18.31 -9.25
CA ALA A 95 13.04 -17.16 -8.60
C ALA A 95 13.40 -17.10 -7.11
N PHE A 96 13.41 -18.25 -6.42
CA PHE A 96 13.85 -18.28 -5.04
C PHE A 96 15.27 -17.76 -4.89
N LYS A 97 16.19 -18.23 -5.73
CA LYS A 97 17.57 -17.77 -5.66
C LYS A 97 17.66 -16.27 -5.96
N ALA A 98 16.81 -15.79 -6.88
CA ALA A 98 16.75 -14.35 -7.13
C ALA A 98 16.38 -13.57 -5.87
N VAL A 99 15.39 -14.06 -5.13
CA VAL A 99 14.99 -13.37 -3.90
C VAL A 99 16.13 -13.40 -2.89
N CYS A 100 16.87 -14.52 -2.82
CA CYS A 100 18.06 -14.56 -1.98
C CYS A 100 19.02 -13.43 -2.35
N VAL A 101 19.35 -13.30 -3.63
CA VAL A 101 20.35 -12.32 -4.05
C VAL A 101 19.84 -10.89 -3.84
N LEU A 102 18.64 -10.62 -4.36
CA LEU A 102 18.05 -9.29 -4.23
C LEU A 102 17.88 -8.88 -2.77
N ASN A 103 17.42 -9.80 -1.92
CA ASN A 103 17.30 -9.51 -0.51
C ASN A 103 18.64 -9.09 0.09
N CYS A 104 19.70 -9.84 -0.23
CA CYS A 104 20.99 -9.62 0.39
C CYS A 104 21.62 -8.32 -0.06
N VAL A 105 21.60 -8.04 -1.36
CA VAL A 105 22.34 -6.87 -1.83
C VAL A 105 21.64 -5.58 -1.39
N THR A 106 20.30 -5.59 -1.27
CA THR A 106 19.63 -4.39 -0.76
C THR A 106 19.72 -4.29 0.76
N PHE A 107 19.98 -5.41 1.44
CA PHE A 107 20.38 -5.35 2.83
C PHE A 107 21.70 -4.59 2.99
N VAL A 108 22.67 -4.87 2.14
CA VAL A 108 23.93 -4.11 2.16
C VAL A 108 23.64 -2.61 2.01
N TRP A 109 22.83 -2.26 1.00
CA TRP A 109 22.40 -0.88 0.82
C TRP A 109 21.79 -0.30 2.10
N ASP A 110 20.93 -1.07 2.77
CA ASP A 110 20.29 -0.63 4.01
C ASP A 110 21.32 -0.25 5.07
N ASP A 111 22.37 -1.05 5.22
CA ASP A 111 23.41 -0.74 6.20
C ASP A 111 24.33 0.39 5.75
N MET A 112 24.45 0.66 4.46
CA MET A 112 25.53 1.49 3.94
C MET A 112 25.39 2.94 4.35
N ASP A 113 26.54 3.57 4.57
CA ASP A 113 26.66 5.01 4.64
C ASP A 113 26.21 5.63 3.31
N PRO A 114 25.46 6.73 3.35
CA PRO A 114 24.92 7.30 2.10
C PRO A 114 25.95 7.64 1.05
N ALA A 115 27.19 7.94 1.44
CA ALA A 115 28.21 8.30 0.45
C ALA A 115 28.46 7.16 -0.54
N LEU A 116 28.28 5.91 -0.11
CA LEU A 116 28.48 4.77 -0.99
C LEU A 116 27.35 4.58 -1.99
N HIS A 117 26.18 5.14 -1.76
CA HIS A 117 24.99 4.85 -2.55
C HIS A 117 25.13 5.40 -3.96
N ASP A 118 25.55 4.56 -4.90
CA ASP A 118 25.72 5.01 -6.28
C ASP A 118 24.72 4.28 -7.18
N PHE A 119 23.67 5.02 -7.55
CA PHE A 119 22.58 4.45 -8.34
C PHE A 119 23.04 4.07 -9.73
N GLY A 120 23.87 4.93 -10.35
CA GLY A 120 24.39 4.62 -11.68
C GLY A 120 25.08 3.28 -11.77
N LEU A 121 25.79 2.88 -10.71
CA LEU A 121 26.54 1.62 -10.71
C LEU A 121 25.72 0.45 -10.17
N PHE A 122 24.81 0.71 -9.22
CA PHE A 122 24.05 -0.36 -8.58
C PHE A 122 22.82 -0.77 -9.37
N LEU A 123 22.07 0.18 -9.92
CA LEU A 123 20.82 -0.19 -10.57
C LEU A 123 21.04 -1.13 -11.77
N PRO A 124 22.04 -0.92 -12.64
CA PRO A 124 22.32 -1.96 -13.65
C PRO A 124 22.62 -3.33 -13.07
N GLN A 125 23.23 -3.40 -11.90
CA GLN A 125 23.45 -4.69 -11.25
C GLN A 125 22.13 -5.34 -10.87
N LEU A 126 21.18 -4.56 -10.33
CA LEU A 126 19.87 -5.10 -10.00
C LEU A 126 19.13 -5.58 -11.23
N ARG A 127 19.21 -4.84 -12.33
CA ARG A 127 18.44 -5.25 -13.50
C ARG A 127 19.02 -6.53 -14.10
N LYS A 128 20.33 -6.72 -14.00
CA LYS A 128 20.93 -7.94 -14.52
C LYS A 128 20.60 -9.14 -13.65
N ILE A 129 20.61 -8.98 -12.33
CA ILE A 129 20.08 -10.04 -11.45
C ILE A 129 18.66 -10.40 -11.87
N CYS A 130 17.83 -9.38 -12.08
CA CYS A 130 16.43 -9.65 -12.38
C CYS A 130 16.25 -10.37 -13.70
N GLU A 131 16.87 -9.87 -14.78
CA GLU A 131 16.66 -10.51 -16.07
C GLU A 131 17.24 -11.93 -16.09
N LYS A 132 18.33 -12.18 -15.36
CA LYS A 132 18.93 -13.51 -15.35
C LYS A 132 17.97 -14.55 -14.77
N TYR A 133 17.35 -14.24 -13.62
CA TYR A 133 16.64 -15.25 -12.84
C TYR A 133 15.15 -15.33 -13.14
N TYR A 134 14.56 -14.28 -13.69
CA TYR A 134 13.13 -14.22 -13.97
C TYR A 134 12.88 -14.23 -15.47
N GLY A 135 11.60 -14.42 -15.82
CA GLY A 135 11.15 -14.25 -17.16
C GLY A 135 11.08 -12.78 -17.53
N PRO A 136 10.73 -12.49 -18.79
CA PRO A 136 10.77 -11.09 -19.26
C PRO A 136 9.88 -10.14 -18.48
N GLU A 137 8.60 -10.47 -18.30
CA GLU A 137 7.73 -9.60 -17.51
C GLU A 137 8.20 -9.53 -16.06
N ASP A 138 8.26 -10.68 -15.39
CA ASP A 138 8.50 -10.71 -13.95
C ASP A 138 9.80 -9.99 -13.58
N ALA A 139 10.80 -9.97 -14.48
CA ALA A 139 12.02 -9.23 -14.19
C ALA A 139 11.77 -7.74 -14.15
N GLU A 140 10.83 -7.25 -14.97
CA GLU A 140 10.43 -5.84 -14.88
C GLU A 140 9.82 -5.53 -13.51
N VAL A 141 8.87 -6.35 -13.08
CA VAL A 141 8.21 -6.14 -11.80
C VAL A 141 9.21 -6.21 -10.65
N ALA A 142 10.11 -7.19 -10.71
CA ALA A 142 11.09 -7.33 -9.62
C ALA A 142 12.05 -6.16 -9.60
N TYR A 143 12.55 -5.74 -10.76
CA TYR A 143 13.51 -4.63 -10.78
C TYR A 143 12.86 -3.32 -10.30
N GLU A 144 11.64 -3.04 -10.75
CA GLU A 144 10.98 -1.81 -10.28
C GLU A 144 10.84 -1.82 -8.77
N ALA A 145 10.44 -2.95 -8.20
CA ALA A 145 10.34 -3.06 -6.75
C ALA A 145 11.70 -2.82 -6.08
N ALA A 146 12.77 -3.44 -6.58
CA ALA A 146 14.10 -3.23 -6.01
C ALA A 146 14.54 -1.78 -6.17
N ARG A 147 14.44 -1.25 -7.38
CA ARG A 147 14.74 0.16 -7.65
C ARG A 147 13.99 1.07 -6.70
N ALA A 148 12.70 0.85 -6.56
CA ALA A 148 11.91 1.74 -5.70
C ALA A 148 12.29 1.57 -4.22
N PHE A 149 12.68 0.37 -3.80
CA PHE A 149 13.12 0.21 -2.42
C PHE A 149 14.42 0.98 -2.16
N VAL A 150 15.47 0.73 -2.96
CA VAL A 150 16.75 1.38 -2.66
C VAL A 150 16.63 2.89 -2.81
N THR A 151 15.83 3.34 -3.76
CA THR A 151 15.57 4.77 -3.88
C THR A 151 14.91 5.31 -2.62
N SER A 152 13.91 4.59 -2.11
CA SER A 152 13.23 5.04 -0.90
C SER A 152 14.18 5.05 0.29
N ASP A 153 14.96 3.97 0.48
CA ASP A 153 15.89 3.98 1.59
C ASP A 153 16.84 5.17 1.49
N HIS A 154 17.28 5.50 0.28
CA HIS A 154 18.21 6.61 0.12
C HIS A 154 17.53 7.94 0.41
N MET A 155 16.46 8.28 -0.33
CA MET A 155 15.95 9.64 -0.21
C MET A 155 15.36 9.90 1.17
N PHE A 156 15.07 8.86 1.96
CA PHE A 156 14.53 9.14 3.28
C PHE A 156 15.58 9.21 4.38
N ARG A 157 16.85 8.95 4.07
CA ARG A 157 17.90 9.07 5.07
C ARG A 157 17.81 10.44 5.74
N ASP A 158 17.89 10.46 7.06
CA ASP A 158 17.26 11.53 7.85
C ASP A 158 15.77 11.65 7.50
N SER A 159 15.42 12.55 6.49
CA SER A 159 14.33 13.24 5.76
C SER A 159 13.23 13.73 6.70
N PRO A 160 12.64 14.92 6.45
CA PRO A 160 11.53 15.38 7.29
C PRO A 160 10.32 14.46 7.26
N ILE A 161 10.04 13.86 6.10
CA ILE A 161 8.90 12.94 5.99
C ILE A 161 9.11 11.76 6.92
N LYS A 162 10.28 11.12 6.84
CA LYS A 162 10.57 9.99 7.72
C LYS A 162 10.37 10.39 9.18
N ALA A 163 10.93 11.54 9.57
CA ALA A 163 10.74 12.05 10.92
C ALA A 163 9.27 12.04 11.30
N ALA A 164 8.44 12.83 10.59
CA ALA A 164 7.04 12.96 10.97
C ALA A 164 6.32 11.61 10.96
N LEU A 165 6.62 10.74 9.99
CA LEU A 165 5.95 9.44 9.96
C LEU A 165 6.41 8.54 11.11
N CYS A 166 7.63 8.69 11.59
CA CYS A 166 8.13 7.91 12.73
C CYS A 166 7.90 8.58 14.07
N THR A 167 7.22 9.70 14.11
CA THR A 167 7.01 10.36 15.37
C THR A 167 5.54 10.51 15.70
N THR A 168 4.64 10.38 14.73
CA THR A 168 3.25 10.75 14.93
C THR A 168 2.47 9.70 15.71
N SER A 169 2.28 8.52 15.13
CA SER A 169 1.43 7.48 15.69
C SER A 169 1.91 6.13 15.17
N PRO A 170 1.47 5.02 15.78
CA PRO A 170 1.78 3.72 15.16
C PRO A 170 1.24 3.63 13.75
N GLU A 171 0.10 4.28 13.52
CA GLU A 171 -0.58 4.22 12.23
C GLU A 171 0.24 4.86 11.12
N GLN A 172 0.87 6.01 11.41
CA GLN A 172 1.72 6.64 10.39
C GLN A 172 3.01 5.87 10.18
N TYR A 173 3.56 5.34 11.27
CA TYR A 173 4.82 4.63 11.19
C TYR A 173 4.71 3.38 10.32
N PHE A 174 3.69 2.56 10.57
CA PHE A 174 3.55 1.32 9.81
C PHE A 174 3.27 1.60 8.34
N ARG A 175 2.61 2.73 8.07
CA ARG A 175 2.42 3.18 6.70
C ARG A 175 3.74 3.41 5.97
N PHE A 176 4.70 4.03 6.65
CA PHE A 176 6.04 4.20 6.09
C PHE A 176 6.72 2.85 5.86
N ARG A 177 6.51 1.90 6.78
CA ARG A 177 7.26 0.66 6.74
C ARG A 177 6.76 -0.33 5.68
N VAL A 178 5.53 -0.16 5.14
CA VAL A 178 5.11 -1.01 4.02
C VAL A 178 6.19 -1.05 2.95
N THR A 179 6.76 0.11 2.63
CA THR A 179 7.88 0.17 1.71
C THR A 179 9.22 0.04 2.43
N ASP A 180 9.39 0.74 3.55
CA ASP A 180 10.73 0.87 4.12
C ASP A 180 11.27 -0.44 4.72
N ILE A 181 10.42 -1.33 5.24
CA ILE A 181 10.98 -2.62 5.67
C ILE A 181 11.17 -3.56 4.50
N GLY A 182 10.86 -3.13 3.27
CA GLY A 182 11.13 -3.94 2.11
C GLY A 182 10.10 -5.00 1.80
N VAL A 183 8.97 -5.04 2.51
CA VAL A 183 8.04 -6.14 2.30
C VAL A 183 7.27 -6.00 1.00
N ASP A 184 6.93 -4.78 0.58
CA ASP A 184 6.32 -4.65 -0.74
C ASP A 184 7.25 -5.18 -1.82
N PHE A 185 8.53 -4.81 -1.75
CA PHE A 185 9.57 -5.35 -2.61
C PHE A 185 9.59 -6.88 -2.54
N TRP A 186 9.58 -7.43 -1.33
CA TRP A 186 9.65 -8.88 -1.14
C TRP A 186 8.50 -9.60 -1.85
N MET A 187 7.27 -9.12 -1.67
CA MET A 187 6.12 -9.76 -2.31
C MET A 187 6.27 -9.74 -3.82
N LYS A 188 6.65 -8.59 -4.38
CA LYS A 188 6.71 -8.44 -5.82
C LYS A 188 7.85 -9.23 -6.44
N MET A 189 8.90 -9.54 -5.69
CA MET A 189 9.92 -10.43 -6.24
C MET A 189 9.71 -11.90 -5.89
N SER A 190 8.78 -12.21 -4.98
CA SER A 190 8.55 -13.56 -4.54
C SER A 190 7.39 -14.26 -5.24
N TYR A 191 6.43 -13.52 -5.83
CA TYR A 191 5.32 -14.24 -6.44
C TYR A 191 5.77 -15.20 -7.55
N PRO A 192 6.84 -14.96 -8.32
CA PRO A 192 7.25 -15.98 -9.30
C PRO A 192 7.70 -17.30 -8.67
N ILE A 193 8.10 -17.28 -7.39
CA ILE A 193 8.44 -18.53 -6.70
C ILE A 193 7.26 -19.48 -6.72
N TYR A 194 6.05 -18.95 -6.57
CA TYR A 194 4.85 -19.74 -6.34
C TYR A 194 3.97 -19.92 -7.57
N ARG A 195 4.02 -19.00 -8.53
CA ARG A 195 3.13 -19.01 -9.70
C ARG A 195 1.69 -19.34 -9.29
N HIS A 196 1.20 -18.61 -8.29
CA HIS A 196 -0.14 -18.81 -7.75
C HIS A 196 -0.93 -17.54 -8.05
N PRO A 197 -1.84 -17.56 -9.04
CA PRO A 197 -2.35 -16.29 -9.60
C PRO A 197 -2.91 -15.31 -8.56
N GLU A 198 -3.56 -15.79 -7.51
CA GLU A 198 -4.19 -14.85 -6.60
C GLU A 198 -3.15 -14.25 -5.66
N PHE A 199 -2.13 -15.04 -5.30
CA PHE A 199 -1.00 -14.45 -4.59
C PHE A 199 -0.31 -13.39 -5.44
N THR A 200 -0.17 -13.65 -6.74
CA THR A 200 0.46 -12.69 -7.62
C THR A 200 -0.33 -11.37 -7.68
N GLU A 201 -1.66 -11.45 -7.70
CA GLU A 201 -2.46 -10.22 -7.62
C GLU A 201 -2.28 -9.50 -6.28
N HIS A 202 -2.32 -10.24 -5.17
CA HIS A 202 -2.17 -9.56 -3.88
C HIS A 202 -0.79 -8.92 -3.75
N ALA A 203 0.23 -9.56 -4.33
CA ALA A 203 1.56 -8.97 -4.36
C ALA A 203 1.55 -7.69 -5.18
N LYS A 204 0.91 -7.72 -6.33
CA LYS A 204 0.96 -6.58 -7.24
C LYS A 204 0.08 -5.41 -6.79
N THR A 205 -0.99 -5.68 -6.03
CA THR A 205 -1.76 -4.59 -5.41
C THR A 205 -1.13 -4.06 -4.13
N SER A 206 -0.14 -4.75 -3.58
CA SER A 206 0.49 -4.47 -2.28
C SER A 206 -0.41 -4.79 -1.10
N LEU A 207 -1.60 -5.35 -1.32
CA LEU A 207 -2.37 -5.88 -0.19
C LEU A 207 -1.56 -6.93 0.59
N ALA A 208 -0.84 -7.80 -0.13
CA ALA A 208 0.03 -8.79 0.52
C ALA A 208 1.01 -8.10 1.48
N ALA A 209 1.66 -7.05 1.01
CA ALA A 209 2.56 -6.31 1.88
C ALA A 209 1.80 -5.62 3.02
N ARG A 210 0.66 -5.00 2.72
CA ARG A 210 -0.06 -4.27 3.77
C ARG A 210 -0.53 -5.20 4.87
N MET A 211 -0.79 -6.48 4.54
CA MET A 211 -1.26 -7.45 5.52
C MET A 211 -0.13 -7.95 6.44
N THR A 212 1.12 -7.94 5.97
CA THR A 212 2.24 -8.55 6.69
C THR A 212 3.19 -7.54 7.32
N THR A 213 3.00 -6.24 7.02
CA THR A 213 3.93 -5.21 7.48
C THR A 213 4.06 -5.18 9.00
N ARG A 214 2.93 -5.17 9.72
CA ARG A 214 3.03 -5.00 11.17
C ARG A 214 3.72 -6.20 11.83
N GLY A 215 3.40 -7.40 11.38
CA GLY A 215 3.96 -8.58 12.02
C GLY A 215 5.44 -8.74 11.78
N LEU A 216 5.93 -8.26 10.63
CA LEU A 216 7.36 -8.21 10.39
C LEU A 216 8.02 -7.08 11.15
N THR A 217 7.39 -5.89 11.12
CA THR A 217 8.04 -4.70 11.65
C THR A 217 8.12 -4.72 13.17
N ILE A 218 7.06 -5.17 13.84
CA ILE A 218 7.08 -5.17 15.29
C ILE A 218 8.19 -6.07 15.80
N VAL A 219 8.35 -7.23 15.17
CA VAL A 219 9.42 -8.16 15.55
C VAL A 219 10.79 -7.56 15.25
N ASN A 220 10.97 -7.04 14.04
CA ASN A 220 12.26 -6.47 13.69
C ASN A 220 12.61 -5.31 14.63
N ASP A 221 11.64 -4.43 14.88
CA ASP A 221 11.88 -3.26 15.74
C ASP A 221 12.28 -3.68 17.15
N PHE A 222 11.63 -4.70 17.71
CA PHE A 222 11.99 -5.06 19.08
C PHE A 222 13.46 -5.46 19.15
N TYR A 223 13.89 -6.35 18.27
CA TYR A 223 15.23 -6.90 18.40
C TYR A 223 16.32 -6.03 17.78
N SER A 224 15.97 -5.05 16.94
CA SER A 224 16.99 -4.16 16.40
C SER A 224 17.00 -2.80 17.09
N TYR A 225 16.17 -2.64 18.13
CA TYR A 225 16.04 -1.37 18.84
C TYR A 225 17.38 -0.88 19.37
N ASP A 226 18.09 -1.75 20.13
CA ASP A 226 19.34 -1.31 20.75
C ASP A 226 20.32 -0.79 19.71
N ARG A 227 20.49 -1.51 18.59
CA ARG A 227 21.40 -1.06 17.54
C ARG A 227 20.93 0.27 16.95
N GLU A 228 19.65 0.37 16.63
CA GLU A 228 19.18 1.57 15.95
C GLU A 228 19.27 2.80 16.85
N VAL A 229 18.90 2.65 18.12
CA VAL A 229 19.01 3.76 19.07
C VAL A 229 20.46 4.22 19.21
N SER A 230 21.39 3.27 19.21
CA SER A 230 22.80 3.65 19.34
C SER A 230 23.31 4.39 18.11
N LEU A 231 22.64 4.25 16.97
CA LEU A 231 23.09 4.87 15.73
C LEU A 231 22.29 6.13 15.39
N GLY A 232 21.44 6.60 16.30
CA GLY A 232 20.54 7.69 16.03
C GLY A 232 19.44 7.40 15.03
N GLN A 233 19.16 6.13 14.72
CA GLN A 233 18.12 5.76 13.77
C GLN A 233 16.75 5.85 14.46
N ILE A 234 15.78 6.50 13.82
CA ILE A 234 14.47 6.69 14.46
C ILE A 234 13.38 5.80 13.88
N THR A 235 13.71 4.96 12.90
CA THR A 235 12.69 4.13 12.25
C THR A 235 12.47 2.85 13.08
N ASN A 236 11.71 3.01 14.17
CA ASN A 236 11.49 1.94 15.13
C ASN A 236 10.28 2.28 16.01
N CYS A 237 9.25 1.44 16.00
CA CYS A 237 8.03 1.82 16.70
C CYS A 237 8.18 1.89 18.21
N PHE A 238 9.17 1.20 18.80
CA PHE A 238 9.29 1.29 20.25
C PHE A 238 9.82 2.64 20.73
N ARG A 239 10.35 3.47 19.83
CA ARG A 239 10.64 4.86 20.16
C ARG A 239 9.36 5.69 20.32
N LEU A 240 8.20 5.05 20.43
CA LEU A 240 6.95 5.76 20.65
C LEU A 240 6.52 5.71 22.12
N CYS A 241 6.90 4.68 22.87
CA CYS A 241 6.63 4.61 24.29
C CYS A 241 7.93 4.88 25.03
N ASP A 242 7.84 5.18 26.32
CA ASP A 242 9.03 5.22 27.16
C ASP A 242 9.35 3.78 27.56
N VAL A 243 10.39 3.20 26.94
CA VAL A 243 10.70 1.81 27.25
C VAL A 243 11.21 1.66 28.69
N SER A 244 11.52 2.74 29.39
CA SER A 244 11.92 2.61 30.80
C SER A 244 10.75 2.69 31.76
N ASP A 245 9.53 2.62 31.28
CA ASP A 245 8.33 2.63 32.11
C ASP A 245 7.68 1.26 31.87
N GLU A 246 7.84 0.35 32.83
CA GLU A 246 7.42 -1.03 32.57
C GLU A 246 5.93 -1.11 32.28
N THR A 247 5.13 -0.29 32.96
CA THR A 247 3.70 -0.26 32.67
C THR A 247 3.44 0.23 31.25
N ALA A 248 4.08 1.33 30.85
CA ALA A 248 3.86 1.87 29.51
C ALA A 248 4.40 0.94 28.44
N PHE A 249 5.60 0.39 28.64
CA PHE A 249 6.13 -0.56 27.67
C PHE A 249 5.18 -1.74 27.51
N LYS A 250 4.64 -2.23 28.62
CA LYS A 250 3.78 -3.41 28.57
C LYS A 250 2.50 -3.13 27.81
N GLU A 251 1.91 -1.96 28.03
CA GLU A 251 0.69 -1.62 27.29
C GLU A 251 0.99 -1.42 25.82
N PHE A 252 2.13 -0.82 25.51
CA PHE A 252 2.49 -0.63 24.12
C PHE A 252 2.75 -1.98 23.46
N PHE A 253 3.52 -2.83 24.14
CA PHE A 253 3.85 -4.13 23.59
C PHE A 253 2.60 -4.99 23.39
N GLN A 254 1.67 -4.95 24.35
CA GLN A 254 0.41 -5.69 24.17
C GLN A 254 -0.41 -5.13 23.03
N ALA A 255 -0.44 -3.80 22.89
CA ALA A 255 -1.13 -3.19 21.76
C ALA A 255 -0.53 -3.68 20.45
N ARG A 256 0.79 -3.85 20.41
CA ARG A 256 1.45 -4.34 19.20
C ARG A 256 1.16 -5.81 18.98
N LEU A 257 1.14 -6.61 20.06
CA LEU A 257 0.73 -8.00 19.91
C LEU A 257 -0.68 -8.11 19.35
N ASP A 258 -1.62 -7.31 19.88
CA ASP A 258 -3.00 -7.37 19.40
C ASP A 258 -3.07 -7.01 17.92
N ASP A 259 -2.23 -6.07 17.48
CA ASP A 259 -2.14 -5.74 16.04
C ASP A 259 -1.71 -6.96 15.23
N MET A 260 -0.65 -7.63 15.68
CA MET A 260 -0.19 -8.83 14.99
C MET A 260 -1.30 -9.87 14.89
N ILE A 261 -2.01 -10.08 15.99
CA ILE A 261 -3.04 -11.11 16.03
C ILE A 261 -4.17 -10.77 15.06
N GLU A 262 -4.61 -9.51 15.08
CA GLU A 262 -5.71 -9.14 14.19
C GLU A 262 -5.32 -9.32 12.72
N ASP A 263 -4.10 -8.92 12.35
CA ASP A 263 -3.63 -9.19 10.99
C ASP A 263 -3.62 -10.70 10.69
N ILE A 264 -3.09 -11.50 11.61
CA ILE A 264 -2.99 -12.95 11.35
C ILE A 264 -4.38 -13.56 11.21
N GLU A 265 -5.30 -13.18 12.09
CA GLU A 265 -6.66 -13.69 11.96
C GLU A 265 -7.28 -13.28 10.62
N CYS A 266 -7.04 -12.05 10.14
CA CYS A 266 -7.61 -11.67 8.83
C CYS A 266 -6.87 -12.36 7.68
N ILE A 267 -5.58 -12.66 7.87
CA ILE A 267 -4.86 -13.37 6.84
C ILE A 267 -5.48 -14.75 6.60
N LYS A 268 -6.15 -15.30 7.62
CA LYS A 268 -6.70 -16.63 7.44
C LYS A 268 -8.02 -16.62 6.67
N ALA A 269 -8.47 -15.45 6.22
CA ALA A 269 -9.53 -15.37 5.22
C ALA A 269 -9.01 -15.54 3.80
N PHE A 270 -7.71 -15.33 3.59
CA PHE A 270 -7.15 -15.51 2.26
C PHE A 270 -7.14 -17.00 1.90
N ASP A 271 -6.93 -17.28 0.62
CA ASP A 271 -6.94 -18.64 0.14
C ASP A 271 -5.82 -19.44 0.79
N GLN A 272 -6.02 -20.75 0.85
CA GLN A 272 -5.08 -21.67 1.50
C GLN A 272 -3.61 -21.39 1.17
N LEU A 273 -3.24 -21.31 -0.10
CA LEU A 273 -1.84 -21.13 -0.44
C LEU A 273 -1.33 -19.79 0.07
N THR A 274 -2.03 -18.72 -0.29
CA THR A 274 -1.61 -17.38 0.08
C THR A 274 -1.48 -17.24 1.59
N GLN A 275 -2.46 -17.78 2.32
CA GLN A 275 -2.40 -17.78 3.78
C GLN A 275 -1.07 -18.35 4.25
N ASP A 276 -0.67 -19.51 3.72
CA ASP A 276 0.56 -20.14 4.17
C ASP A 276 1.76 -19.22 3.91
N VAL A 277 1.81 -18.60 2.73
CA VAL A 277 2.92 -17.71 2.40
C VAL A 277 2.98 -16.51 3.34
N PHE A 278 1.85 -15.84 3.58
CA PHE A 278 1.85 -14.72 4.51
C PHE A 278 2.31 -15.17 5.90
N LEU A 279 1.72 -16.25 6.41
CA LEU A 279 1.99 -16.67 7.78
C LEU A 279 3.44 -17.17 7.94
N ASP A 280 3.93 -17.92 6.96
CA ASP A 280 5.34 -18.35 7.01
C ASP A 280 6.28 -17.17 6.97
N LEU A 281 5.89 -16.09 6.27
CA LEU A 281 6.74 -14.91 6.22
C LEU A 281 6.87 -14.27 7.60
N ILE A 282 5.74 -14.05 8.29
CA ILE A 282 5.79 -13.37 9.58
C ILE A 282 6.48 -14.26 10.63
N TYR A 283 6.09 -15.52 10.68
CA TYR A 283 6.63 -16.42 11.69
C TYR A 283 8.09 -16.77 11.38
N GLY A 284 8.40 -17.03 10.12
CA GLY A 284 9.78 -17.28 9.73
C GLY A 284 10.69 -16.10 10.02
N ASN A 285 10.19 -14.87 9.83
CA ASN A 285 11.01 -13.71 10.17
C ASN A 285 11.32 -13.69 11.66
N PHE A 286 10.36 -14.10 12.48
CA PHE A 286 10.61 -14.16 13.92
C PHE A 286 11.65 -15.23 14.25
N VAL A 287 11.53 -16.41 13.65
CA VAL A 287 12.49 -17.48 13.95
C VAL A 287 13.90 -17.04 13.54
N TRP A 288 14.01 -16.47 12.33
CA TRP A 288 15.31 -15.99 11.86
C TRP A 288 15.88 -14.88 12.74
N THR A 289 15.03 -13.89 13.10
CA THR A 289 15.48 -12.74 13.88
C THR A 289 16.05 -13.17 15.24
N THR A 290 15.40 -14.12 15.90
CA THR A 290 15.86 -14.56 17.22
C THR A 290 17.09 -15.45 17.17
N SER A 291 17.49 -15.93 16.00
CA SER A 291 18.67 -16.78 15.86
C SER A 291 19.87 -16.03 15.33
N ASN A 292 19.65 -14.85 14.76
CA ASN A 292 20.64 -14.14 13.94
C ASN A 292 21.45 -13.19 14.81
N LYS A 293 22.78 -13.34 14.76
CA LYS A 293 23.69 -12.46 15.49
C LYS A 293 23.43 -11.00 15.18
N ARG A 294 22.83 -10.73 14.02
CA ARG A 294 22.49 -9.37 13.66
C ARG A 294 21.59 -8.71 14.70
N TYR A 295 20.74 -9.51 15.35
CA TYR A 295 19.66 -8.98 16.19
C TYR A 295 19.86 -9.29 17.67
N LYS A 296 21.00 -8.89 18.23
CA LYS A 296 21.29 -9.12 19.65
C LYS A 296 22.04 -7.94 20.25
N THR A 297 23.37 -7.95 20.16
CA THR A 297 24.18 -6.80 20.58
C THR A 297 24.11 -5.70 19.53
N ALA A 298 24.37 -4.47 19.99
CA ALA A 298 24.02 -3.29 19.21
C ALA A 298 24.93 -3.13 18.01
N VAL A 299 26.21 -3.48 18.16
CA VAL A 299 27.17 -3.34 17.07
C VAL A 299 28.03 -4.59 17.07
N ASN A 300 28.09 -5.28 15.93
CA ASN A 300 28.92 -6.48 15.80
C ASN A 300 29.24 -6.69 14.31
N ASP A 301 29.93 -7.77 14.02
CA ASP A 301 30.49 -7.90 12.67
C ASP A 301 29.49 -8.32 11.61
N VAL A 302 28.19 -8.35 11.92
CA VAL A 302 27.15 -8.55 10.92
C VAL A 302 25.99 -7.58 11.06
N ASN A 303 26.20 -6.41 11.67
CA ASN A 303 25.19 -5.35 11.61
C ASN A 303 25.78 -3.95 11.72
N SER A 304 27.10 -3.78 11.57
CA SER A 304 27.70 -2.48 11.84
C SER A 304 27.41 -1.51 10.69
N ARG A 305 27.50 -0.22 11.00
CA ARG A 305 27.43 0.80 9.97
C ARG A 305 28.60 0.66 9.00
N ILE A 306 28.30 0.27 7.76
CA ILE A 306 29.29 0.28 6.69
C ILE A 306 29.56 1.74 6.36
N GLN A 307 30.76 2.22 6.71
CA GLN A 307 31.03 3.67 6.58
C GLN A 307 31.65 4.03 5.23
N GLY B 9 -40.54 -4.07 3.94
CA GLY B 9 -39.94 -2.83 4.36
C GLY B 9 -39.24 -3.02 5.68
N ALA B 10 -39.23 -1.97 6.51
CA ALA B 10 -38.95 -2.08 7.94
C ALA B 10 -37.72 -2.90 8.27
N GLN B 11 -36.69 -2.91 7.40
CA GLN B 11 -35.48 -3.71 7.62
C GLN B 11 -34.79 -3.26 8.93
N ASP B 12 -33.47 -3.14 8.93
CA ASP B 12 -32.93 -2.22 9.94
C ASP B 12 -32.85 -0.84 9.28
N ILE B 13 -34.04 -0.30 8.98
CA ILE B 13 -34.12 1.02 8.34
C ILE B 13 -33.33 2.04 9.13
N GLY B 14 -33.46 2.02 10.47
CA GLY B 14 -32.77 3.03 11.26
C GLY B 14 -31.29 3.08 10.96
N ARG B 15 -30.65 1.92 10.90
CA ARG B 15 -29.24 1.81 10.62
C ARG B 15 -28.92 1.90 9.13
N SER B 16 -29.93 2.10 8.28
CA SER B 16 -29.75 2.06 6.84
C SER B 16 -29.51 3.42 6.18
N SER B 17 -29.31 4.49 6.95
CA SER B 17 -29.20 5.82 6.35
C SER B 17 -28.36 6.74 7.22
N VAL B 18 -27.50 7.54 6.60
CA VAL B 18 -26.81 8.59 7.35
C VAL B 18 -27.49 9.94 7.18
N ARG B 19 -28.68 9.95 6.57
CA ARG B 19 -29.45 11.17 6.36
C ARG B 19 -29.61 12.04 7.60
N PRO B 20 -29.95 11.51 8.79
CA PRO B 20 -30.01 12.38 9.99
C PRO B 20 -28.82 13.31 10.14
N TYR B 21 -27.62 12.82 9.85
CA TYR B 21 -26.36 13.48 10.12
C TYR B 21 -25.83 14.30 8.95
N LEU B 22 -26.58 14.37 7.86
CA LEU B 22 -26.07 14.93 6.61
C LEU B 22 -25.57 16.36 6.78
N GLU B 23 -26.40 17.23 7.35
CA GLU B 23 -26.00 18.63 7.42
C GLU B 23 -24.83 18.82 8.38
N GLU B 24 -24.89 18.22 9.57
CA GLU B 24 -23.87 18.49 10.57
C GLU B 24 -22.54 17.85 10.17
N CYS B 25 -22.56 16.67 9.56
CA CYS B 25 -21.31 16.07 9.10
C CYS B 25 -20.69 16.88 7.96
N THR B 26 -21.52 17.37 7.03
CA THR B 26 -20.98 18.18 5.95
C THR B 26 -20.29 19.41 6.51
N ARG B 27 -20.95 20.08 7.45
CA ARG B 27 -20.40 21.25 8.09
C ARG B 27 -19.08 20.93 8.78
N ARG B 28 -19.04 19.81 9.52
CA ARG B 28 -17.84 19.49 10.29
C ARG B 28 -16.69 19.09 9.35
N PHE B 29 -16.97 18.31 8.29
CA PHE B 29 -15.97 18.09 7.26
C PHE B 29 -15.38 19.42 6.78
N GLN B 30 -16.24 20.34 6.35
CA GLN B 30 -15.76 21.60 5.81
C GLN B 30 -14.95 22.39 6.84
N GLU B 31 -15.39 22.40 8.10
CA GLU B 31 -14.65 23.12 9.13
C GLU B 31 -13.26 22.53 9.28
N MET B 32 -13.17 21.20 9.22
CA MET B 32 -11.88 20.53 9.32
C MET B 32 -10.95 20.99 8.21
N PHE B 33 -11.43 20.92 6.96
CA PHE B 33 -10.63 21.39 5.83
C PHE B 33 -10.19 22.85 6.00
N ASP B 34 -11.11 23.72 6.45
CA ASP B 34 -10.76 25.13 6.59
C ASP B 34 -9.69 25.34 7.64
N ARG B 35 -9.71 24.52 8.70
CA ARG B 35 -8.71 24.64 9.76
C ARG B 35 -7.37 23.99 9.37
N HIS B 36 -7.37 22.94 8.56
CA HIS B 36 -6.14 22.17 8.33
C HIS B 36 -5.61 22.25 6.90
N VAL B 37 -6.38 21.87 5.89
CA VAL B 37 -5.96 22.00 4.50
C VAL B 37 -5.78 23.46 4.10
N VAL B 38 -6.83 24.27 4.34
CA VAL B 38 -6.85 25.72 4.32
C VAL B 38 -7.31 26.23 2.96
N THR B 39 -6.55 25.98 1.90
CA THR B 39 -6.87 26.66 0.67
C THR B 39 -7.69 25.76 -0.24
N ARG B 40 -8.61 26.39 -0.99
CA ARG B 40 -9.60 25.68 -1.79
C ARG B 40 -8.93 24.84 -2.87
N PRO B 41 -9.51 23.69 -3.19
CA PRO B 41 -9.16 23.03 -4.45
C PRO B 41 -9.58 23.91 -5.63
N THR B 42 -8.90 23.68 -6.76
CA THR B 42 -9.13 24.43 -7.99
C THR B 42 -9.59 23.45 -9.06
N LYS B 43 -10.54 23.89 -9.89
CA LYS B 43 -11.06 22.99 -10.92
C LYS B 43 -10.41 23.31 -12.26
N VAL B 44 -9.75 22.31 -12.84
CA VAL B 44 -9.24 22.39 -14.21
C VAL B 44 -10.44 22.48 -15.16
N GLU B 45 -10.45 23.50 -16.03
CA GLU B 45 -11.60 23.74 -16.89
C GLU B 45 -11.28 23.41 -18.35
N LEU B 46 -11.43 22.15 -18.72
CA LEU B 46 -11.33 21.67 -20.11
C LEU B 46 -12.35 22.40 -20.99
N THR B 47 -11.99 22.56 -22.27
CA THR B 47 -13.04 22.97 -23.20
C THR B 47 -13.92 21.78 -23.55
N ASP B 48 -15.11 22.08 -24.06
CA ASP B 48 -16.01 21.00 -24.44
C ASP B 48 -15.41 20.15 -25.56
N ALA B 49 -14.25 20.54 -26.09
CA ALA B 49 -13.55 19.68 -27.05
C ALA B 49 -12.67 18.65 -26.34
N GLU B 50 -11.74 19.12 -25.50
CA GLU B 50 -11.00 18.21 -24.63
C GLU B 50 -11.95 17.27 -23.88
N LEU B 51 -13.12 17.78 -23.50
CA LEU B 51 -14.10 16.95 -22.80
C LEU B 51 -14.80 15.98 -23.74
N ARG B 52 -15.25 16.44 -24.91
CA ARG B 52 -15.95 15.52 -25.80
C ARG B 52 -14.99 14.51 -26.41
N GLU B 53 -13.71 14.84 -26.47
CA GLU B 53 -12.73 13.87 -26.94
C GLU B 53 -12.29 12.92 -25.81
N VAL B 54 -12.36 13.38 -24.56
CA VAL B 54 -12.26 12.45 -23.46
C VAL B 54 -13.45 11.50 -23.48
N ILE B 55 -14.65 12.03 -23.74
CA ILE B 55 -15.86 11.21 -23.70
C ILE B 55 -15.89 10.24 -24.89
N ASP B 56 -15.36 10.65 -26.05
CA ASP B 56 -15.24 9.72 -27.17
C ASP B 56 -14.40 8.50 -26.80
N ASP B 57 -13.23 8.72 -26.20
CA ASP B 57 -12.39 7.62 -25.72
C ASP B 57 -13.12 6.76 -24.69
N CYS B 58 -13.85 7.39 -23.76
CA CYS B 58 -14.62 6.62 -22.78
C CYS B 58 -15.62 5.70 -23.47
N ASN B 59 -16.38 6.24 -24.41
CA ASN B 59 -17.42 5.42 -25.04
C ASN B 59 -16.81 4.32 -25.88
N ALA B 60 -15.71 4.61 -26.58
CA ALA B 60 -15.04 3.59 -27.35
C ALA B 60 -14.56 2.45 -26.45
N ALA B 61 -14.04 2.79 -25.28
CA ALA B 61 -13.39 1.78 -24.44
C ALA B 61 -14.40 0.92 -23.70
N VAL B 62 -15.65 1.40 -23.55
CA VAL B 62 -16.65 0.57 -22.88
C VAL B 62 -17.66 0.01 -23.86
N ALA B 63 -17.64 0.43 -25.13
CA ALA B 63 -18.51 -0.16 -26.14
C ALA B 63 -18.44 -1.68 -26.19
N PRO B 64 -17.27 -2.34 -26.22
CA PRO B 64 -17.28 -3.81 -26.27
C PRO B 64 -18.03 -4.46 -25.11
N LEU B 65 -18.21 -3.78 -23.97
CA LEU B 65 -18.95 -4.41 -22.87
C LEU B 65 -20.46 -4.29 -23.02
N GLY B 66 -20.95 -3.54 -24.02
CA GLY B 66 -22.35 -3.55 -24.39
C GLY B 66 -23.26 -2.64 -23.60
N LYS B 67 -22.74 -1.70 -22.84
CA LYS B 67 -23.56 -0.83 -22.00
C LYS B 67 -23.37 0.61 -22.43
N THR B 68 -24.48 1.28 -22.77
CA THR B 68 -24.47 2.68 -23.15
C THR B 68 -24.43 3.56 -21.91
N VAL B 69 -23.55 4.57 -21.91
CA VAL B 69 -23.41 5.49 -20.81
C VAL B 69 -23.70 6.90 -21.31
N SER B 70 -24.61 7.60 -20.64
CA SER B 70 -25.03 8.93 -21.05
C SER B 70 -23.93 9.96 -20.76
N ASP B 71 -23.94 11.05 -21.52
CA ASP B 71 -23.01 12.15 -21.25
C ASP B 71 -23.16 12.66 -19.82
N GLU B 72 -24.38 12.77 -19.33
CA GLU B 72 -24.59 13.21 -17.96
C GLU B 72 -23.85 12.31 -16.97
N ARG B 73 -23.84 11.00 -17.24
CA ARG B 73 -23.19 10.07 -16.33
C ARG B 73 -21.68 10.17 -16.44
N TRP B 74 -21.15 10.25 -17.67
CA TRP B 74 -19.72 10.47 -17.85
C TRP B 74 -19.25 11.69 -17.09
N ILE B 75 -19.92 12.83 -17.30
CA ILE B 75 -19.47 14.07 -16.67
C ILE B 75 -19.62 13.96 -15.16
N SER B 76 -20.53 13.11 -14.70
CA SER B 76 -20.68 12.86 -13.28
C SER B 76 -19.53 12.02 -12.72
N TYR B 77 -18.96 11.13 -13.55
CA TYR B 77 -17.73 10.43 -13.17
C TYR B 77 -16.51 11.33 -13.26
N VAL B 78 -16.45 12.17 -14.28
CA VAL B 78 -15.20 12.87 -14.60
C VAL B 78 -14.93 14.01 -13.63
N GLY B 79 -15.96 14.52 -12.94
CA GLY B 79 -15.78 15.66 -12.07
C GLY B 79 -14.72 15.47 -11.00
N VAL B 80 -14.54 14.23 -10.51
CA VAL B 80 -13.52 14.01 -9.49
C VAL B 80 -12.14 14.36 -10.02
N VAL B 81 -11.87 14.07 -11.29
CA VAL B 81 -10.58 14.43 -11.86
C VAL B 81 -10.49 15.95 -12.03
N LEU B 82 -11.58 16.57 -12.49
CA LEU B 82 -11.57 18.02 -12.71
C LEU B 82 -11.34 18.79 -11.41
N TRP B 83 -11.87 18.28 -10.30
CA TRP B 83 -11.79 18.96 -9.01
C TRP B 83 -10.59 18.54 -8.15
N SER B 84 -10.06 17.34 -8.33
CA SER B 84 -9.16 16.79 -7.32
C SER B 84 -7.73 16.60 -7.81
N GLN B 85 -7.38 17.12 -8.98
CA GLN B 85 -5.98 17.22 -9.35
C GLN B 85 -5.43 18.53 -8.79
N SER B 86 -4.34 19.03 -9.34
CA SER B 86 -3.74 20.28 -8.87
C SER B 86 -3.42 21.12 -10.10
N PRO B 87 -4.35 21.99 -10.53
CA PRO B 87 -4.18 22.65 -11.84
C PRO B 87 -2.94 23.51 -11.96
N ARG B 88 -2.51 24.17 -10.88
CA ARG B 88 -1.36 25.05 -11.01
C ARG B 88 -0.09 24.29 -11.38
N HIS B 89 -0.07 22.97 -11.17
CA HIS B 89 1.11 22.14 -11.36
C HIS B 89 1.05 21.26 -12.60
N ILE B 90 0.01 21.40 -13.43
CA ILE B 90 -0.14 20.50 -14.57
C ILE B 90 0.93 20.76 -15.61
N LYS B 91 1.68 19.72 -15.96
CA LYS B 91 2.73 19.76 -16.96
C LYS B 91 2.46 18.95 -18.21
N ASP B 92 1.38 18.17 -18.23
CA ASP B 92 1.11 17.28 -19.36
C ASP B 92 -0.40 17.10 -19.45
N MET B 93 -1.04 17.83 -20.38
CA MET B 93 -2.48 17.71 -20.52
C MET B 93 -2.90 16.42 -21.20
N GLU B 94 -2.02 15.78 -21.98
CA GLU B 94 -2.29 14.44 -22.47
C GLU B 94 -2.52 13.45 -21.33
N ALA B 95 -1.56 13.39 -20.39
CA ALA B 95 -1.74 12.56 -19.20
C ALA B 95 -3.00 12.95 -18.43
N PHE B 96 -3.30 14.25 -18.35
CA PHE B 96 -4.51 14.66 -17.64
C PHE B 96 -5.75 14.04 -18.28
N LYS B 97 -5.81 14.04 -19.61
CA LYS B 97 -6.93 13.42 -20.32
C LYS B 97 -6.97 11.91 -20.11
N ALA B 98 -5.81 11.25 -20.16
CA ALA B 98 -5.75 9.84 -19.82
C ALA B 98 -6.43 9.56 -18.49
N VAL B 99 -6.12 10.36 -17.47
CA VAL B 99 -6.69 10.12 -16.15
C VAL B 99 -8.19 10.36 -16.16
N CYS B 100 -8.66 11.37 -16.93
CA CYS B 100 -10.10 11.53 -17.12
C CYS B 100 -10.71 10.26 -17.69
N VAL B 101 -10.13 9.73 -18.77
CA VAL B 101 -10.71 8.55 -19.41
C VAL B 101 -10.59 7.33 -18.48
N LEU B 102 -9.38 7.06 -17.99
CA LEU B 102 -9.17 5.87 -17.18
C LEU B 102 -10.03 5.91 -15.92
N ASN B 103 -10.13 7.07 -15.29
CA ASN B 103 -11.02 7.22 -14.15
C ASN B 103 -12.45 6.83 -14.53
N CYS B 104 -12.97 7.38 -15.63
CA CYS B 104 -14.38 7.20 -15.95
C CYS B 104 -14.71 5.77 -16.33
N VAL B 105 -13.88 5.13 -17.16
CA VAL B 105 -14.28 3.82 -17.66
C VAL B 105 -14.18 2.76 -16.58
N THR B 106 -13.24 2.89 -15.65
CA THR B 106 -13.21 1.95 -14.53
C THR B 106 -14.24 2.29 -13.46
N PHE B 107 -14.75 3.54 -13.44
CA PHE B 107 -15.94 3.83 -12.66
C PHE B 107 -17.15 3.05 -13.19
N VAL B 108 -17.29 2.98 -14.52
CA VAL B 108 -18.31 2.12 -15.11
C VAL B 108 -18.15 0.68 -14.62
N TRP B 109 -16.91 0.18 -14.68
CA TRP B 109 -16.60 -1.17 -14.21
C TRP B 109 -17.03 -1.36 -12.76
N ASP B 110 -16.77 -0.35 -11.92
CA ASP B 110 -17.18 -0.35 -10.51
C ASP B 110 -18.70 -0.49 -10.35
N ASP B 111 -19.47 0.19 -11.20
CA ASP B 111 -20.93 0.15 -11.12
C ASP B 111 -21.52 -1.06 -11.84
N MET B 112 -20.71 -1.82 -12.56
CA MET B 112 -21.21 -2.91 -13.38
C MET B 112 -21.38 -4.20 -12.59
N ASP B 113 -22.43 -4.92 -12.94
CA ASP B 113 -22.56 -6.30 -12.54
C ASP B 113 -21.34 -7.10 -12.98
N PRO B 114 -20.82 -8.00 -12.14
CA PRO B 114 -19.60 -8.75 -12.52
C PRO B 114 -19.79 -9.65 -13.73
N ALA B 115 -21.03 -9.96 -14.13
CA ALA B 115 -21.24 -10.69 -15.39
C ALA B 115 -20.93 -9.83 -16.60
N LEU B 116 -20.99 -8.50 -16.48
CA LEU B 116 -20.63 -7.59 -17.56
C LEU B 116 -19.13 -7.44 -17.75
N HIS B 117 -18.34 -7.95 -16.81
CA HIS B 117 -16.88 -7.78 -16.78
C HIS B 117 -16.24 -8.77 -17.75
N ASP B 118 -15.73 -8.29 -18.89
CA ASP B 118 -14.86 -9.15 -19.69
C ASP B 118 -13.48 -8.52 -19.84
N PHE B 119 -12.49 -9.18 -19.23
CA PHE B 119 -11.12 -8.71 -19.34
C PHE B 119 -10.62 -8.81 -20.77
N GLY B 120 -11.06 -9.81 -21.52
CA GLY B 120 -10.55 -10.00 -22.87
C GLY B 120 -10.86 -8.84 -23.79
N LEU B 121 -12.02 -8.21 -23.60
CA LEU B 121 -12.41 -7.08 -24.42
C LEU B 121 -11.98 -5.76 -23.80
N PHE B 122 -12.06 -5.66 -22.47
CA PHE B 122 -11.80 -4.38 -21.83
C PHE B 122 -10.31 -4.09 -21.64
N LEU B 123 -9.50 -5.09 -21.24
CA LEU B 123 -8.08 -4.82 -21.01
C LEU B 123 -7.37 -4.18 -22.20
N PRO B 124 -7.54 -4.63 -23.46
CA PRO B 124 -6.84 -3.94 -24.56
C PRO B 124 -7.26 -2.49 -24.77
N GLN B 125 -8.53 -2.17 -24.51
CA GLN B 125 -8.96 -0.77 -24.52
C GLN B 125 -8.19 0.06 -23.50
N LEU B 126 -8.07 -0.46 -22.27
CA LEU B 126 -7.26 0.23 -21.26
C LEU B 126 -5.83 0.38 -21.73
N ARG B 127 -5.28 -0.66 -22.35
CA ARG B 127 -3.90 -0.60 -22.81
C ARG B 127 -3.71 0.47 -23.88
N LYS B 128 -4.65 0.55 -24.83
CA LYS B 128 -4.51 1.50 -25.94
C LYS B 128 -4.72 2.94 -25.48
N ILE B 129 -5.38 3.13 -24.34
CA ILE B 129 -5.54 4.47 -23.78
C ILE B 129 -4.21 4.99 -23.26
N CYS B 130 -3.53 4.18 -22.42
CA CYS B 130 -2.31 4.68 -21.79
C CYS B 130 -1.20 4.83 -22.80
N GLU B 131 -1.12 3.88 -23.74
CA GLU B 131 -0.07 3.86 -24.75
C GLU B 131 -0.25 4.97 -25.77
N LYS B 132 -1.31 5.77 -25.65
CA LYS B 132 -1.43 6.96 -26.48
C LYS B 132 -1.00 8.21 -25.73
N TYR B 133 -1.44 8.36 -24.47
CA TYR B 133 -1.23 9.60 -23.74
C TYR B 133 0.08 9.65 -22.98
N TYR B 134 0.69 8.50 -22.70
CA TYR B 134 1.93 8.46 -21.96
C TYR B 134 3.07 7.98 -22.85
N GLY B 135 4.28 8.25 -22.38
CA GLY B 135 5.48 7.64 -22.88
C GLY B 135 5.58 6.21 -22.41
N PRO B 136 6.77 5.61 -22.55
CA PRO B 136 6.85 4.14 -22.44
C PRO B 136 6.96 3.59 -21.02
N GLU B 137 7.84 4.12 -20.17
CA GLU B 137 7.77 3.77 -18.77
C GLU B 137 6.35 3.97 -18.24
N ASP B 138 5.81 5.18 -18.38
CA ASP B 138 4.56 5.53 -17.72
C ASP B 138 3.36 4.75 -18.26
N ALA B 139 3.39 4.38 -19.54
CA ALA B 139 2.27 3.61 -20.09
C ALA B 139 2.21 2.21 -19.48
N GLU B 140 3.38 1.60 -19.17
CA GLU B 140 3.32 0.36 -18.42
C GLU B 140 2.68 0.57 -17.06
N VAL B 141 3.13 1.60 -16.33
CA VAL B 141 2.74 1.76 -14.93
C VAL B 141 1.27 2.12 -14.82
N ALA B 142 0.77 2.99 -15.70
CA ALA B 142 -0.65 3.31 -15.69
C ALA B 142 -1.48 2.09 -16.06
N TYR B 143 -1.10 1.38 -17.14
CA TYR B 143 -1.84 0.17 -17.51
C TYR B 143 -1.85 -0.88 -16.40
N GLU B 144 -0.69 -1.19 -15.81
CA GLU B 144 -0.68 -2.18 -14.72
C GLU B 144 -1.59 -1.76 -13.57
N ALA B 145 -1.55 -0.49 -13.22
CA ALA B 145 -2.42 -0.03 -12.13
C ALA B 145 -3.89 -0.14 -12.51
N ALA B 146 -4.24 0.17 -13.76
CA ALA B 146 -5.65 0.06 -14.17
C ALA B 146 -6.11 -1.40 -14.17
N ARG B 147 -5.29 -2.29 -14.75
CA ARG B 147 -5.58 -3.72 -14.74
C ARG B 147 -5.71 -4.23 -13.31
N ALA B 148 -4.77 -3.85 -12.43
CA ALA B 148 -4.83 -4.33 -11.05
C ALA B 148 -6.09 -3.82 -10.36
N PHE B 149 -6.51 -2.58 -10.65
CA PHE B 149 -7.76 -2.11 -10.05
C PHE B 149 -8.95 -2.92 -10.55
N VAL B 150 -9.10 -3.09 -11.86
CA VAL B 150 -10.31 -3.77 -12.33
C VAL B 150 -10.30 -5.24 -11.93
N THR B 151 -9.14 -5.88 -11.91
CA THR B 151 -9.08 -7.25 -11.41
C THR B 151 -9.47 -7.33 -9.93
N SER B 152 -8.99 -6.38 -9.14
CA SER B 152 -9.36 -6.32 -7.72
C SER B 152 -10.87 -6.13 -7.54
N ASP B 153 -11.45 -5.15 -8.24
CA ASP B 153 -12.88 -4.91 -8.06
C ASP B 153 -13.70 -6.15 -8.41
N HIS B 154 -13.23 -6.95 -9.38
CA HIS B 154 -13.99 -8.11 -9.82
C HIS B 154 -13.86 -9.28 -8.85
N MET B 155 -12.64 -9.63 -8.46
CA MET B 155 -12.49 -10.86 -7.69
C MET B 155 -12.80 -10.66 -6.22
N PHE B 156 -13.02 -9.42 -5.78
CA PHE B 156 -13.51 -9.27 -4.41
C PHE B 156 -15.03 -9.16 -4.33
N ARG B 157 -15.76 -9.34 -5.43
CA ARG B 157 -17.21 -9.26 -5.36
C ARG B 157 -17.82 -10.40 -4.51
N ASP B 158 -17.17 -11.57 -4.48
CA ASP B 158 -17.66 -12.63 -3.57
C ASP B 158 -16.55 -13.28 -2.74
N SER B 159 -15.51 -12.52 -2.41
CA SER B 159 -14.35 -12.97 -1.63
C SER B 159 -14.62 -12.83 -0.12
N PRO B 160 -14.38 -13.84 0.72
CA PRO B 160 -14.53 -13.62 2.16
C PRO B 160 -13.43 -12.73 2.69
N ILE B 161 -12.38 -12.50 1.88
CA ILE B 161 -11.37 -11.52 2.26
C ILE B 161 -12.01 -10.15 2.41
N LYS B 162 -12.89 -9.79 1.48
CA LYS B 162 -13.56 -8.50 1.58
C LYS B 162 -14.38 -8.40 2.87
N ALA B 163 -15.16 -9.43 3.17
CA ALA B 163 -15.97 -9.42 4.39
C ALA B 163 -15.09 -9.36 5.63
N ALA B 164 -13.98 -10.11 5.65
CA ALA B 164 -13.10 -10.05 6.80
C ALA B 164 -12.48 -8.65 6.95
N LEU B 165 -11.95 -8.10 5.84
CA LEU B 165 -11.25 -6.82 5.92
C LEU B 165 -12.21 -5.64 6.10
N CYS B 166 -13.47 -5.80 5.70
CA CYS B 166 -14.38 -4.69 5.87
C CYS B 166 -15.03 -4.65 7.24
N THR B 167 -15.27 -5.82 7.86
CA THR B 167 -16.04 -5.95 9.09
C THR B 167 -15.18 -6.03 10.35
N THR B 168 -13.86 -6.11 10.26
CA THR B 168 -13.04 -6.32 11.46
C THR B 168 -12.72 -5.02 12.20
N SER B 169 -11.97 -4.11 11.58
CA SER B 169 -11.55 -2.88 12.24
C SER B 169 -11.34 -1.81 11.18
N PRO B 170 -11.32 -0.52 11.59
CA PRO B 170 -11.06 0.53 10.57
C PRO B 170 -9.75 0.35 9.83
N GLU B 171 -8.67 -0.07 10.49
CA GLU B 171 -7.40 -0.10 9.79
C GLU B 171 -7.31 -1.31 8.84
N GLN B 172 -7.95 -2.45 9.17
CA GLN B 172 -8.10 -3.50 8.16
C GLN B 172 -8.88 -2.98 6.95
N TYR B 173 -9.96 -2.25 7.21
CA TYR B 173 -10.80 -1.74 6.13
C TYR B 173 -10.03 -0.77 5.24
N PHE B 174 -9.36 0.21 5.85
CA PHE B 174 -8.62 1.18 5.04
C PHE B 174 -7.47 0.52 4.30
N ARG B 175 -6.92 -0.55 4.86
CA ARG B 175 -5.92 -1.33 4.13
C ARG B 175 -6.48 -1.89 2.82
N PHE B 176 -7.71 -2.40 2.85
CA PHE B 176 -8.37 -2.84 1.63
C PHE B 176 -8.54 -1.67 0.64
N ARG B 177 -8.86 -0.48 1.18
CA ARG B 177 -9.25 0.63 0.32
C ARG B 177 -8.08 1.31 -0.36
N VAL B 178 -6.85 1.10 0.12
CA VAL B 178 -5.71 1.67 -0.61
C VAL B 178 -5.81 1.30 -2.09
N THR B 179 -6.19 0.05 -2.37
CA THR B 179 -6.42 -0.38 -3.74
C THR B 179 -7.88 -0.16 -4.18
N ASP B 180 -8.83 -0.57 -3.35
CA ASP B 180 -10.19 -0.68 -3.81
C ASP B 180 -10.83 0.69 -4.09
N ILE B 181 -10.47 1.74 -3.35
CA ILE B 181 -11.02 3.04 -3.72
C ILE B 181 -10.35 3.61 -4.94
N GLY B 182 -9.32 2.95 -5.47
CA GLY B 182 -8.66 3.38 -6.70
C GLY B 182 -7.56 4.40 -6.53
N VAL B 183 -7.17 4.73 -5.30
CA VAL B 183 -6.20 5.83 -5.11
C VAL B 183 -4.80 5.42 -5.53
N ASP B 184 -4.40 4.18 -5.30
CA ASP B 184 -3.10 3.78 -5.79
C ASP B 184 -3.03 3.89 -7.30
N PHE B 185 -4.06 3.40 -7.97
CA PHE B 185 -4.21 3.55 -9.42
C PHE B 185 -4.14 5.02 -9.82
N TRP B 186 -4.93 5.86 -9.14
CA TRP B 186 -4.94 7.30 -9.37
C TRP B 186 -3.54 7.89 -9.35
N MET B 187 -2.76 7.57 -8.30
CA MET B 187 -1.43 8.14 -8.19
C MET B 187 -0.54 7.67 -9.32
N LYS B 188 -0.63 6.38 -9.67
CA LYS B 188 0.29 5.83 -10.66
C LYS B 188 -0.04 6.29 -12.07
N MET B 189 -1.27 6.76 -12.32
CA MET B 189 -1.58 7.33 -13.63
C MET B 189 -1.51 8.87 -13.63
N SER B 190 -1.45 9.51 -12.46
CA SER B 190 -1.41 10.96 -12.36
C SER B 190 -0.01 11.55 -12.31
N TYR B 191 1.02 10.78 -11.91
CA TYR B 191 2.33 11.42 -11.79
C TYR B 191 2.86 11.97 -13.10
N PRO B 192 2.58 11.40 -14.29
CA PRO B 192 3.02 12.08 -15.52
C PRO B 192 2.38 13.45 -15.71
N ILE B 193 1.26 13.75 -15.04
CA ILE B 193 0.67 15.08 -15.14
C ILE B 193 1.65 16.13 -14.62
N TYR B 194 2.35 15.82 -13.54
CA TYR B 194 3.15 16.77 -12.79
C TYR B 194 4.64 16.70 -13.11
N ARG B 195 5.12 15.58 -13.64
CA ARG B 195 6.54 15.39 -14.00
C ARG B 195 7.45 15.89 -12.89
N HIS B 196 7.10 15.52 -11.67
CA HIS B 196 7.82 15.95 -10.48
C HIS B 196 8.46 14.73 -9.84
N PRO B 197 9.79 14.61 -9.87
CA PRO B 197 10.42 13.34 -9.47
C PRO B 197 10.04 12.85 -8.08
N GLU B 198 9.98 13.73 -7.09
CA GLU B 198 9.58 13.32 -5.74
C GLU B 198 8.15 12.77 -5.72
N PHE B 199 7.21 13.46 -6.39
CA PHE B 199 5.84 12.97 -6.43
C PHE B 199 5.79 11.62 -7.13
N THR B 200 6.59 11.46 -8.19
CA THR B 200 6.62 10.21 -8.93
C THR B 200 7.11 9.05 -8.07
N GLU B 201 8.10 9.29 -7.21
CA GLU B 201 8.54 8.19 -6.33
C GLU B 201 7.47 7.85 -5.29
N HIS B 202 6.86 8.87 -4.66
CA HIS B 202 5.80 8.58 -3.69
C HIS B 202 4.63 7.85 -4.35
N ALA B 203 4.38 8.16 -5.63
CA ALA B 203 3.36 7.42 -6.37
C ALA B 203 3.78 5.96 -6.56
N LYS B 204 5.03 5.75 -6.98
CA LYS B 204 5.41 4.37 -7.32
C LYS B 204 5.64 3.50 -6.09
N THR B 205 5.99 4.06 -4.94
CA THR B 205 6.04 3.27 -3.70
C THR B 205 4.66 3.04 -3.10
N SER B 206 3.64 3.76 -3.58
CA SER B 206 2.29 3.78 -3.02
C SER B 206 2.20 4.51 -1.69
N LEU B 207 3.29 5.12 -1.21
CA LEU B 207 3.17 5.98 -0.03
C LEU B 207 2.19 7.13 -0.28
N ALA B 208 2.14 7.64 -1.51
CA ALA B 208 1.18 8.65 -1.88
C ALA B 208 -0.24 8.16 -1.62
N ALA B 209 -0.56 6.97 -2.13
CA ALA B 209 -1.88 6.38 -1.89
C ALA B 209 -2.12 6.15 -0.40
N ARG B 210 -1.12 5.63 0.32
CA ARG B 210 -1.33 5.36 1.73
C ARG B 210 -1.59 6.64 2.54
N MET B 211 -1.03 7.78 2.10
CA MET B 211 -1.27 9.03 2.84
C MET B 211 -2.69 9.54 2.63
N THR B 212 -3.29 9.27 1.48
CA THR B 212 -4.55 9.92 1.10
C THR B 212 -5.76 9.01 1.19
N THR B 213 -5.55 7.71 1.45
CA THR B 213 -6.65 6.76 1.44
C THR B 213 -7.75 7.14 2.43
N ARG B 214 -7.38 7.47 3.67
CA ARG B 214 -8.44 7.70 4.66
C ARG B 214 -9.24 8.96 4.34
N GLY B 215 -8.57 10.02 3.90
CA GLY B 215 -9.28 11.25 3.57
C GLY B 215 -10.28 11.05 2.44
N LEU B 216 -9.87 10.32 1.40
CA LEU B 216 -10.79 10.03 0.30
C LEU B 216 -11.93 9.12 0.75
N THR B 217 -11.58 8.05 1.47
CA THR B 217 -12.53 6.99 1.76
C THR B 217 -13.58 7.44 2.76
N ILE B 218 -13.16 8.11 3.84
CA ILE B 218 -14.12 8.51 4.85
C ILE B 218 -15.19 9.41 4.23
N VAL B 219 -14.78 10.34 3.37
CA VAL B 219 -15.72 11.21 2.69
C VAL B 219 -16.59 10.42 1.72
N ASN B 220 -15.96 9.59 0.87
CA ASN B 220 -16.76 8.79 -0.04
C ASN B 220 -17.76 7.93 0.70
N ASP B 221 -17.32 7.25 1.76
CA ASP B 221 -18.18 6.33 2.49
C ASP B 221 -19.39 7.05 3.08
N PHE B 222 -19.17 8.23 3.65
CA PHE B 222 -20.29 8.91 4.28
C PHE B 222 -21.37 9.20 3.26
N TYR B 223 -20.98 9.75 2.12
CA TYR B 223 -21.97 10.20 1.15
C TYR B 223 -22.46 9.09 0.22
N SER B 224 -21.81 7.90 0.19
CA SER B 224 -22.32 6.80 -0.62
C SER B 224 -22.95 5.71 0.24
N TYR B 225 -23.01 5.91 1.56
CA TYR B 225 -23.57 4.92 2.47
C TYR B 225 -24.97 4.48 2.07
N ASP B 226 -25.86 5.44 1.80
CA ASP B 226 -27.25 5.07 1.57
C ASP B 226 -27.40 4.20 0.33
N ARG B 227 -26.71 4.54 -0.75
CA ARG B 227 -26.78 3.71 -1.95
C ARG B 227 -26.18 2.34 -1.69
N GLU B 228 -25.01 2.28 -1.07
CA GLU B 228 -24.32 1.02 -0.91
C GLU B 228 -25.10 0.07 0.00
N VAL B 229 -25.70 0.60 1.05
CA VAL B 229 -26.46 -0.27 1.95
C VAL B 229 -27.73 -0.78 1.27
N SER B 230 -28.38 0.03 0.43
CA SER B 230 -29.56 -0.46 -0.28
C SER B 230 -29.19 -1.54 -1.29
N LEU B 231 -27.97 -1.52 -1.82
CA LEU B 231 -27.48 -2.52 -2.76
C LEU B 231 -26.81 -3.73 -2.07
N GLY B 232 -26.75 -3.74 -0.74
CA GLY B 232 -26.10 -4.83 -0.05
C GLY B 232 -24.59 -4.81 -0.11
N GLN B 233 -23.97 -3.74 -0.61
CA GLN B 233 -22.52 -3.65 -0.65
C GLN B 233 -21.98 -3.37 0.76
N ILE B 234 -20.85 -4.00 1.10
CA ILE B 234 -20.34 -3.90 2.47
C ILE B 234 -19.08 -3.06 2.57
N THR B 235 -18.58 -2.53 1.46
CA THR B 235 -17.31 -1.79 1.49
C THR B 235 -17.58 -0.33 1.86
N ASN B 236 -17.72 -0.10 3.17
CA ASN B 236 -18.05 1.22 3.70
C ASN B 236 -17.78 1.26 5.20
N CYS B 237 -16.92 2.17 5.66
CA CYS B 237 -16.50 2.11 7.06
C CYS B 237 -17.63 2.42 8.03
N PHE B 238 -18.67 3.15 7.62
CA PHE B 238 -19.73 3.41 8.59
C PHE B 238 -20.59 2.18 8.87
N ARG B 239 -20.43 1.08 8.12
CA ARG B 239 -21.04 -0.18 8.55
C ARG B 239 -20.36 -0.73 9.80
N LEU B 240 -19.21 -0.16 10.19
CA LEU B 240 -18.51 -0.59 11.40
C LEU B 240 -19.14 -0.10 12.70
N CYS B 241 -19.83 1.03 12.70
CA CYS B 241 -20.48 1.48 13.92
C CYS B 241 -21.99 1.39 13.71
N ASP B 242 -22.73 1.70 14.76
CA ASP B 242 -24.19 1.62 14.73
C ASP B 242 -24.73 2.99 14.35
N VAL B 243 -24.99 3.20 13.06
CA VAL B 243 -25.44 4.51 12.63
C VAL B 243 -26.84 4.84 13.15
N SER B 244 -27.63 3.84 13.56
CA SER B 244 -28.97 4.12 14.08
C SER B 244 -28.97 4.75 15.47
N ASP B 245 -27.81 4.84 16.11
CA ASP B 245 -27.69 5.39 17.46
C ASP B 245 -26.72 6.55 17.40
N GLU B 246 -27.22 7.78 17.61
CA GLU B 246 -26.42 8.94 17.23
C GLU B 246 -25.23 9.13 18.18
N THR B 247 -25.31 8.62 19.42
CA THR B 247 -24.13 8.67 20.29
C THR B 247 -22.98 7.85 19.71
N ALA B 248 -23.25 6.60 19.36
CA ALA B 248 -22.21 5.77 18.78
C ALA B 248 -21.75 6.35 17.44
N PHE B 249 -22.70 6.85 16.64
CA PHE B 249 -22.31 7.40 15.35
C PHE B 249 -21.35 8.56 15.51
N LYS B 250 -21.69 9.50 16.39
CA LYS B 250 -20.88 10.71 16.48
C LYS B 250 -19.50 10.42 17.04
N GLU B 251 -19.37 9.40 17.90
CA GLU B 251 -18.05 9.04 18.40
C GLU B 251 -17.20 8.41 17.28
N PHE B 252 -17.82 7.55 16.49
CA PHE B 252 -17.14 6.97 15.33
C PHE B 252 -16.75 8.07 14.35
N PHE B 253 -17.69 8.97 14.06
CA PHE B 253 -17.41 10.03 13.10
C PHE B 253 -16.25 10.90 13.57
N GLN B 254 -16.23 11.25 14.86
CA GLN B 254 -15.10 12.01 15.38
C GLN B 254 -13.79 11.24 15.23
N ALA B 255 -13.80 9.94 15.53
CA ALA B 255 -12.58 9.15 15.33
C ALA B 255 -12.10 9.25 13.87
N ARG B 256 -13.03 9.22 12.92
CA ARG B 256 -12.64 9.31 11.52
C ARG B 256 -12.13 10.72 11.17
N LEU B 257 -12.77 11.78 11.73
CA LEU B 257 -12.25 13.12 11.54
C LEU B 257 -10.81 13.24 12.03
N ASP B 258 -10.53 12.72 13.23
CA ASP B 258 -9.18 12.83 13.75
C ASP B 258 -8.21 11.97 12.91
N ASP B 259 -8.69 10.87 12.33
CA ASP B 259 -7.91 10.15 11.31
C ASP B 259 -7.48 11.09 10.18
N MET B 260 -8.46 11.81 9.60
CA MET B 260 -8.17 12.69 8.49
C MET B 260 -7.19 13.77 8.90
N ILE B 261 -7.38 14.33 10.10
CA ILE B 261 -6.54 15.41 10.60
C ILE B 261 -5.11 14.92 10.76
N GLU B 262 -4.94 13.75 11.37
CA GLU B 262 -3.59 13.22 11.53
C GLU B 262 -2.90 13.02 10.17
N ASP B 263 -3.63 12.50 9.17
CA ASP B 263 -3.06 12.33 7.84
C ASP B 263 -2.68 13.68 7.23
N ILE B 264 -3.58 14.65 7.34
CA ILE B 264 -3.29 15.97 6.77
C ILE B 264 -2.07 16.59 7.43
N GLU B 265 -2.02 16.56 8.77
CA GLU B 265 -0.86 17.15 9.45
C GLU B 265 0.44 16.43 9.10
N CYS B 266 0.39 15.12 8.82
CA CYS B 266 1.59 14.45 8.33
C CYS B 266 1.88 14.77 6.87
N ILE B 267 0.83 14.97 6.05
CA ILE B 267 1.08 15.38 4.67
C ILE B 267 1.87 16.69 4.60
N LYS B 268 1.72 17.57 5.61
CA LYS B 268 2.48 18.83 5.70
C LYS B 268 3.99 18.64 5.69
N ALA B 269 4.49 17.47 6.10
CA ALA B 269 5.93 17.24 6.08
C ALA B 269 6.47 16.95 4.69
N PHE B 270 5.62 16.59 3.74
CA PHE B 270 6.09 16.31 2.40
C PHE B 270 6.54 17.59 1.71
N ASP B 271 7.18 17.44 0.55
CA ASP B 271 7.71 18.57 -0.17
C ASP B 271 6.55 19.42 -0.70
N GLN B 272 6.86 20.68 -1.02
CA GLN B 272 5.83 21.68 -1.22
C GLN B 272 4.88 21.32 -2.36
N LEU B 273 5.42 20.89 -3.51
CA LEU B 273 4.53 20.45 -4.59
C LEU B 273 3.70 19.26 -4.14
N THR B 274 4.36 18.28 -3.52
CA THR B 274 3.69 17.03 -3.22
C THR B 274 2.49 17.23 -2.30
N GLN B 275 2.65 18.04 -1.24
CA GLN B 275 1.52 18.22 -0.34
C GLN B 275 0.39 18.96 -1.02
N ASP B 276 0.72 19.91 -1.92
CA ASP B 276 -0.30 20.53 -2.76
C ASP B 276 -1.16 19.49 -3.42
N VAL B 277 -0.53 18.55 -4.14
CA VAL B 277 -1.29 17.54 -4.87
C VAL B 277 -2.11 16.68 -3.89
N PHE B 278 -1.45 16.21 -2.82
CA PHE B 278 -2.16 15.35 -1.86
C PHE B 278 -3.39 16.04 -1.29
N LEU B 279 -3.23 17.29 -0.85
CA LEU B 279 -4.33 17.99 -0.20
C LEU B 279 -5.42 18.39 -1.19
N ASP B 280 -5.03 18.80 -2.41
CA ASP B 280 -6.04 19.08 -3.43
C ASP B 280 -6.84 17.83 -3.76
N LEU B 281 -6.20 16.65 -3.70
CA LEU B 281 -6.93 15.41 -3.94
C LEU B 281 -7.98 15.17 -2.86
N ILE B 282 -7.58 15.30 -1.59
CA ILE B 282 -8.52 15.01 -0.51
C ILE B 282 -9.62 16.06 -0.48
N TYR B 283 -9.24 17.32 -0.55
CA TYR B 283 -10.23 18.38 -0.41
C TYR B 283 -11.09 18.49 -1.67
N GLY B 284 -10.48 18.34 -2.85
CA GLY B 284 -11.24 18.33 -4.08
C GLY B 284 -12.24 17.19 -4.14
N ASN B 285 -11.86 16.00 -3.64
CA ASN B 285 -12.81 14.91 -3.64
C ASN B 285 -14.03 15.25 -2.79
N PHE B 286 -13.82 15.98 -1.71
CA PHE B 286 -14.95 16.37 -0.86
C PHE B 286 -15.85 17.39 -1.59
N VAL B 287 -15.25 18.36 -2.25
CA VAL B 287 -16.06 19.35 -2.99
C VAL B 287 -16.88 18.66 -4.07
N TRP B 288 -16.22 17.82 -4.86
CA TRP B 288 -16.90 17.08 -5.93
C TRP B 288 -17.99 16.18 -5.37
N THR B 289 -17.68 15.42 -4.31
CA THR B 289 -18.63 14.49 -3.74
C THR B 289 -19.90 15.20 -3.27
N THR B 290 -19.76 16.38 -2.67
CA THR B 290 -20.90 17.11 -2.17
C THR B 290 -21.61 17.91 -3.27
N SER B 291 -21.01 17.98 -4.47
CA SER B 291 -21.58 18.66 -5.62
C SER B 291 -22.36 17.75 -6.55
N ASN B 292 -22.23 16.43 -6.37
CA ASN B 292 -22.43 15.46 -7.44
C ASN B 292 -23.72 14.68 -7.20
N LYS B 293 -24.57 14.66 -8.22
CA LYS B 293 -25.80 13.87 -8.22
C LYS B 293 -25.56 12.44 -7.73
N ARG B 294 -24.39 11.88 -8.07
CA ARG B 294 -23.98 10.55 -7.62
C ARG B 294 -24.14 10.34 -6.12
N TYR B 295 -24.00 11.38 -5.32
CA TYR B 295 -24.05 11.22 -3.88
C TYR B 295 -25.24 11.92 -3.22
N LYS B 296 -26.23 12.36 -4.03
CA LYS B 296 -27.48 12.98 -3.57
C LYS B 296 -28.64 12.00 -3.44
N THR B 297 -28.80 11.13 -4.43
CA THR B 297 -29.88 10.17 -4.52
C THR B 297 -29.31 8.79 -4.23
N ALA B 298 -30.12 7.89 -3.69
CA ALA B 298 -29.62 6.53 -3.43
C ALA B 298 -29.57 5.72 -4.72
N VAL B 299 -30.58 5.83 -5.57
CA VAL B 299 -30.55 5.28 -6.92
C VAL B 299 -31.17 6.28 -7.88
N ASN B 300 -30.45 6.61 -8.96
CA ASN B 300 -30.89 7.59 -9.96
C ASN B 300 -30.40 7.12 -11.33
N ASP B 301 -30.18 8.08 -12.26
CA ASP B 301 -29.53 7.78 -13.54
C ASP B 301 -28.01 7.68 -13.41
N VAL B 302 -27.42 8.34 -12.43
CA VAL B 302 -25.96 8.45 -12.39
C VAL B 302 -25.33 7.72 -11.22
N ASN B 303 -26.01 6.74 -10.59
CA ASN B 303 -25.29 5.81 -9.71
C ASN B 303 -25.89 4.42 -9.61
N SER B 304 -26.76 4.01 -10.53
CA SER B 304 -27.45 2.75 -10.31
C SER B 304 -26.71 1.59 -10.95
N ARG B 305 -26.79 0.43 -10.28
CA ARG B 305 -25.99 -0.72 -10.68
C ARG B 305 -26.28 -1.09 -12.12
N ILE B 306 -25.25 -0.93 -12.96
CA ILE B 306 -25.32 -1.26 -14.38
C ILE B 306 -25.53 -2.78 -14.49
N GLN B 307 -26.79 -3.19 -14.69
CA GLN B 307 -27.35 -4.46 -14.26
C GLN B 307 -28.86 -4.34 -14.21
N ALA B 308 -29.34 -3.09 -14.25
CA ALA B 308 -30.76 -2.77 -14.08
C ALA B 308 -31.01 -1.31 -14.40
N GLY A 14 18.23 5.43 30.12
CA GLY A 14 17.20 4.44 30.40
C GLY A 14 16.60 3.86 29.12
N ARG A 15 16.11 4.75 28.26
CA ARG A 15 15.42 4.32 27.06
C ARG A 15 16.40 3.83 25.98
N SER A 16 17.70 3.83 26.27
CA SER A 16 18.65 3.38 25.26
C SER A 16 18.63 1.87 25.03
N SER A 17 17.76 1.10 25.70
CA SER A 17 17.75 -0.34 25.44
C SER A 17 16.41 -0.98 25.82
N VAL A 18 16.14 -2.13 25.22
CA VAL A 18 15.02 -2.98 25.61
C VAL A 18 15.50 -4.31 26.18
N ARG A 19 16.80 -4.45 26.47
CA ARG A 19 17.35 -5.63 27.13
C ARG A 19 16.52 -6.13 28.31
N PRO A 20 16.06 -5.30 29.25
CA PRO A 20 15.31 -5.85 30.39
C PRO A 20 14.07 -6.65 30.01
N TYR A 21 13.57 -6.55 28.79
CA TYR A 21 12.36 -7.24 28.37
C TYR A 21 12.63 -8.36 27.37
N LEU A 22 13.90 -8.63 27.07
CA LEU A 22 14.30 -9.58 26.04
C LEU A 22 13.60 -10.93 26.19
N GLU A 23 13.73 -11.54 27.36
CA GLU A 23 13.23 -12.90 27.54
C GLU A 23 11.71 -12.95 27.55
N GLU A 24 11.06 -12.06 28.33
CA GLU A 24 9.60 -12.07 28.42
C GLU A 24 8.97 -11.80 27.05
N CYS A 25 9.49 -10.80 26.33
CA CYS A 25 8.94 -10.49 25.01
C CYS A 25 9.17 -11.64 24.03
N THR A 26 10.33 -12.29 24.12
CA THR A 26 10.59 -13.40 23.21
C THR A 26 9.55 -14.50 23.41
N ARG A 27 9.30 -14.92 24.65
CA ARG A 27 8.34 -16.00 24.80
C ARG A 27 6.91 -15.53 24.54
N ARG A 28 6.65 -14.21 24.73
CA ARG A 28 5.32 -13.70 24.37
C ARG A 28 5.07 -13.78 22.86
N PHE A 29 6.03 -13.32 22.05
CA PHE A 29 5.94 -13.51 20.60
C PHE A 29 5.69 -14.98 20.25
N GLN A 30 6.52 -15.87 20.80
CA GLN A 30 6.39 -17.28 20.43
C GLN A 30 5.04 -17.85 20.83
N GLU A 31 4.57 -17.53 22.03
CA GLU A 31 3.26 -18.00 22.49
C GLU A 31 2.17 -17.55 21.54
N MET A 32 2.24 -16.30 21.11
CA MET A 32 1.26 -15.75 20.18
C MET A 32 1.26 -16.54 18.87
N PHE A 33 2.45 -16.80 18.33
CA PHE A 33 2.53 -17.61 17.12
C PHE A 33 1.95 -19.00 17.33
N ASP A 34 2.23 -19.63 18.48
CA ASP A 34 1.78 -21.00 18.68
C ASP A 34 0.27 -21.07 18.80
N ARG A 35 -0.36 -20.01 19.27
CA ARG A 35 -1.80 -20.08 19.47
C ARG A 35 -2.56 -19.70 18.22
N HIS A 36 -2.01 -18.84 17.38
CA HIS A 36 -2.77 -18.35 16.24
C HIS A 36 -2.32 -18.97 14.93
N VAL A 37 -1.13 -19.57 14.88
CA VAL A 37 -0.62 -20.22 13.69
C VAL A 37 -0.30 -21.70 13.93
N VAL A 38 0.40 -22.03 15.01
CA VAL A 38 0.81 -23.40 15.33
C VAL A 38 1.96 -23.87 14.43
N THR A 39 1.74 -23.91 13.11
CA THR A 39 2.62 -24.66 12.23
C THR A 39 3.97 -23.97 12.07
N ARG A 40 5.03 -24.75 12.35
CA ARG A 40 6.41 -24.28 12.29
C ARG A 40 6.72 -23.75 10.90
N PRO A 41 7.37 -22.58 10.81
CA PRO A 41 8.08 -22.23 9.57
C PRO A 41 9.13 -23.29 9.27
N THR A 42 9.47 -23.41 7.98
CA THR A 42 10.38 -24.44 7.50
C THR A 42 11.58 -23.79 6.84
N LYS A 43 12.78 -24.30 7.13
CA LYS A 43 13.98 -23.68 6.59
C LYS A 43 14.44 -24.38 5.32
N VAL A 44 14.38 -23.67 4.20
CA VAL A 44 14.88 -24.19 2.93
C VAL A 44 16.31 -24.68 3.08
N GLU A 45 16.62 -25.85 2.55
CA GLU A 45 17.97 -26.38 2.59
C GLU A 45 18.53 -26.43 1.17
N LEU A 46 19.11 -25.32 0.74
CA LEU A 46 19.80 -25.23 -0.54
C LEU A 46 20.96 -26.22 -0.62
N THR A 47 21.56 -26.32 -1.81
CA THR A 47 22.86 -26.99 -1.87
C THR A 47 23.97 -25.94 -1.81
N ASP A 48 25.18 -26.42 -1.51
CA ASP A 48 26.31 -25.50 -1.52
C ASP A 48 26.50 -24.88 -2.91
N ALA A 49 25.92 -25.52 -3.94
CA ALA A 49 26.02 -24.99 -5.30
C ALA A 49 24.94 -23.95 -5.61
N GLU A 50 23.68 -24.19 -5.23
CA GLU A 50 22.71 -23.10 -5.28
C GLU A 50 23.21 -21.94 -4.43
N LEU A 51 23.88 -22.28 -3.32
CA LEU A 51 24.27 -21.26 -2.34
C LEU A 51 25.46 -20.45 -2.83
N ARG A 52 26.35 -21.07 -3.61
CA ARG A 52 27.50 -20.31 -4.07
C ARG A 52 27.17 -19.56 -5.36
N GLU A 53 26.17 -20.04 -6.10
CA GLU A 53 25.58 -19.20 -7.15
C GLU A 53 25.02 -17.91 -6.55
N VAL A 54 24.30 -18.02 -5.43
CA VAL A 54 23.72 -16.82 -4.80
C VAL A 54 24.81 -15.88 -4.31
N ILE A 55 25.76 -16.41 -3.54
CA ILE A 55 26.77 -15.55 -2.92
C ILE A 55 27.67 -14.92 -3.97
N ASP A 56 28.02 -15.67 -5.03
CA ASP A 56 28.81 -15.07 -6.11
C ASP A 56 28.07 -13.90 -6.74
N ASP A 57 26.77 -14.05 -6.98
CA ASP A 57 25.98 -12.96 -7.55
C ASP A 57 25.90 -11.77 -6.60
N CYS A 58 25.73 -12.02 -5.31
CA CYS A 58 25.73 -10.93 -4.34
C CYS A 58 27.03 -10.15 -4.39
N ASN A 59 28.16 -10.85 -4.42
CA ASN A 59 29.46 -10.17 -4.43
C ASN A 59 29.64 -9.38 -5.72
N ALA A 60 29.24 -9.95 -6.86
CA ALA A 60 29.37 -9.24 -8.13
C ALA A 60 28.50 -7.99 -8.17
N ALA A 61 27.33 -8.05 -7.51
CA ALA A 61 26.40 -6.91 -7.60
C ALA A 61 26.90 -5.72 -6.80
N VAL A 62 27.57 -5.96 -5.67
CA VAL A 62 27.98 -4.85 -4.80
C VAL A 62 29.44 -4.49 -4.96
N ALA A 63 30.25 -5.33 -5.62
CA ALA A 63 31.64 -4.97 -5.86
C ALA A 63 31.82 -3.55 -6.40
N PRO A 64 31.00 -3.05 -7.33
CA PRO A 64 31.24 -1.68 -7.83
C PRO A 64 31.03 -0.60 -6.78
N LEU A 65 30.40 -0.91 -5.65
CA LEU A 65 30.25 0.03 -4.55
C LEU A 65 31.48 0.10 -3.66
N GLY A 66 32.40 -0.86 -3.76
CA GLY A 66 33.69 -0.75 -3.12
C GLY A 66 33.78 -1.19 -1.67
N LYS A 67 32.87 -2.03 -1.18
CA LYS A 67 32.94 -2.52 0.20
C LYS A 67 32.84 -4.04 0.22
N THR A 68 33.84 -4.68 0.82
CA THR A 68 33.85 -6.13 0.96
C THR A 68 32.78 -6.57 1.95
N VAL A 69 32.03 -7.62 1.59
CA VAL A 69 31.02 -8.22 2.46
C VAL A 69 31.42 -9.66 2.69
N SER A 70 31.57 -10.05 3.96
CA SER A 70 32.03 -11.39 4.30
C SER A 70 30.92 -12.41 4.04
N ASP A 71 31.34 -13.66 3.82
CA ASP A 71 30.38 -14.73 3.58
C ASP A 71 29.42 -14.89 4.77
N GLU A 72 29.90 -14.72 6.01
CA GLU A 72 28.96 -14.89 7.13
C GLU A 72 28.01 -13.70 7.26
N ARG A 73 28.40 -12.51 6.77
CA ARG A 73 27.43 -11.43 6.70
C ARG A 73 26.39 -11.71 5.61
N TRP A 74 26.81 -12.22 4.45
CA TRP A 74 25.82 -12.64 3.45
C TRP A 74 24.85 -13.67 4.03
N ILE A 75 25.37 -14.67 4.74
CA ILE A 75 24.52 -15.74 5.23
C ILE A 75 23.57 -15.21 6.29
N SER A 76 24.02 -14.21 7.05
CA SER A 76 23.12 -13.59 8.01
C SER A 76 21.98 -12.87 7.30
N TYR A 77 22.28 -12.13 6.23
CA TYR A 77 21.23 -11.48 5.46
C TYR A 77 20.29 -12.50 4.81
N VAL A 78 20.86 -13.57 4.23
CA VAL A 78 20.06 -14.49 3.43
C VAL A 78 19.14 -15.36 4.28
N GLY A 79 19.44 -15.51 5.57
CA GLY A 79 18.64 -16.38 6.41
C GLY A 79 17.16 -16.04 6.40
N VAL A 80 16.81 -14.75 6.24
CA VAL A 80 15.40 -14.40 6.25
C VAL A 80 14.68 -15.05 5.08
N VAL A 81 15.35 -15.17 3.93
CA VAL A 81 14.73 -15.82 2.78
C VAL A 81 14.62 -17.32 3.03
N LEU A 82 15.65 -17.90 3.64
CA LEU A 82 15.66 -19.36 3.83
C LEU A 82 14.57 -19.78 4.78
N TRP A 83 14.24 -18.92 5.76
CA TRP A 83 13.29 -19.26 6.81
C TRP A 83 11.89 -18.71 6.61
N SER A 84 11.72 -17.70 5.77
CA SER A 84 10.46 -16.96 5.74
C SER A 84 9.74 -17.06 4.40
N GLN A 85 10.19 -17.92 3.48
CA GLN A 85 9.38 -18.26 2.32
C GLN A 85 8.43 -19.38 2.76
N SER A 86 7.93 -20.19 1.84
CA SER A 86 6.92 -21.20 2.14
C SER A 86 7.30 -22.47 1.36
N PRO A 87 8.27 -23.24 1.86
CA PRO A 87 8.92 -24.25 1.01
C PRO A 87 7.96 -25.24 0.37
N ARG A 88 6.88 -25.62 1.06
CA ARG A 88 6.03 -26.67 0.51
C ARG A 88 5.36 -26.23 -0.79
N HIS A 89 5.31 -24.92 -1.06
CA HIS A 89 4.65 -24.42 -2.25
C HIS A 89 5.61 -23.81 -3.26
N ILE A 90 6.92 -23.96 -3.09
CA ILE A 90 7.86 -23.46 -4.10
C ILE A 90 7.63 -24.19 -5.43
N LYS A 91 7.49 -23.43 -6.51
CA LYS A 91 7.50 -23.96 -7.86
C LYS A 91 8.77 -23.62 -8.64
N ASP A 92 9.37 -22.46 -8.39
CA ASP A 92 10.46 -21.95 -9.22
C ASP A 92 11.65 -21.61 -8.33
N MET A 93 12.65 -22.51 -8.26
CA MET A 93 13.84 -22.24 -7.46
C MET A 93 14.74 -21.18 -8.09
N GLU A 94 14.60 -20.91 -9.38
CA GLU A 94 15.31 -19.77 -9.96
C GLU A 94 14.82 -18.45 -9.35
N ALA A 95 13.51 -18.28 -9.26
CA ALA A 95 12.98 -17.10 -8.57
C ALA A 95 13.40 -17.07 -7.10
N PHE A 96 13.47 -18.24 -6.45
CA PHE A 96 13.93 -18.27 -5.06
C PHE A 96 15.35 -17.75 -4.94
N LYS A 97 16.26 -18.25 -5.80
CA LYS A 97 17.64 -17.75 -5.79
C LYS A 97 17.67 -16.24 -6.01
N ALA A 98 16.82 -15.75 -6.92
CA ALA A 98 16.76 -14.31 -7.17
C ALA A 98 16.39 -13.54 -5.91
N VAL A 99 15.40 -14.03 -5.16
CA VAL A 99 15.00 -13.35 -3.93
C VAL A 99 16.13 -13.40 -2.91
N CYS A 100 16.88 -14.51 -2.86
CA CYS A 100 18.06 -14.55 -2.00
C CYS A 100 19.02 -13.41 -2.36
N VAL A 101 19.37 -13.28 -3.64
CA VAL A 101 20.38 -12.29 -4.05
C VAL A 101 19.85 -10.88 -3.83
N LEU A 102 18.65 -10.60 -4.35
CA LEU A 102 18.06 -9.27 -4.22
C LEU A 102 17.88 -8.87 -2.75
N ASN A 103 17.38 -9.78 -1.92
CA ASN A 103 17.25 -9.48 -0.50
C ASN A 103 18.59 -9.10 0.12
N CYS A 104 19.65 -9.85 -0.24
CA CYS A 104 20.94 -9.65 0.38
C CYS A 104 21.59 -8.34 -0.06
N VAL A 105 21.58 -8.07 -1.38
CA VAL A 105 22.33 -6.89 -1.82
C VAL A 105 21.62 -5.61 -1.38
N THR A 106 20.28 -5.63 -1.26
CA THR A 106 19.60 -4.43 -0.75
C THR A 106 19.70 -4.31 0.75
N PHE A 107 19.96 -5.42 1.45
CA PHE A 107 20.32 -5.35 2.86
C PHE A 107 21.65 -4.60 3.04
N VAL A 108 22.62 -4.86 2.17
CA VAL A 108 23.87 -4.11 2.20
C VAL A 108 23.59 -2.61 2.03
N TRP A 109 22.79 -2.27 1.02
CA TRP A 109 22.38 -0.89 0.80
C TRP A 109 21.77 -0.27 2.07
N ASP A 110 20.93 -1.05 2.76
CA ASP A 110 20.32 -0.60 4.02
C ASP A 110 21.38 -0.27 5.06
N ASP A 111 22.47 -1.04 5.11
CA ASP A 111 23.50 -0.85 6.11
C ASP A 111 24.52 0.23 5.73
N MET A 112 24.50 0.73 4.50
CA MET A 112 25.56 1.61 4.01
C MET A 112 25.34 3.08 4.33
N ASP A 113 26.46 3.78 4.51
CA ASP A 113 26.51 5.24 4.42
C ASP A 113 25.98 5.69 3.05
N PRO A 114 25.15 6.73 3.00
CA PRO A 114 24.62 7.19 1.70
C PRO A 114 25.70 7.61 0.72
N ALA A 115 26.89 7.98 1.20
CA ALA A 115 27.98 8.32 0.29
C ALA A 115 28.35 7.16 -0.62
N LEU A 116 28.06 5.92 -0.21
CA LEU A 116 28.34 4.74 -1.01
C LEU A 116 27.21 4.35 -1.95
N HIS A 117 26.14 5.13 -2.01
CA HIS A 117 24.90 4.76 -2.70
C HIS A 117 24.93 5.27 -4.14
N ASP A 118 25.61 4.55 -5.03
CA ASP A 118 25.78 4.95 -6.42
C ASP A 118 24.71 4.25 -7.26
N PHE A 119 23.65 4.99 -7.60
CA PHE A 119 22.55 4.43 -8.37
C PHE A 119 23.00 4.07 -9.78
N GLY A 120 23.76 4.96 -10.42
CA GLY A 120 24.28 4.68 -11.75
C GLY A 120 25.00 3.35 -11.85
N LEU A 121 25.71 2.95 -10.79
CA LEU A 121 26.48 1.72 -10.79
C LEU A 121 25.70 0.53 -10.24
N PHE A 122 24.84 0.75 -9.25
CA PHE A 122 24.15 -0.36 -8.62
C PHE A 122 22.89 -0.78 -9.36
N LEU A 123 22.14 0.17 -9.91
CA LEU A 123 20.89 -0.20 -10.56
C LEU A 123 21.09 -1.19 -11.72
N PRO A 124 22.05 -1.00 -12.64
CA PRO A 124 22.28 -2.05 -13.66
C PRO A 124 22.61 -3.41 -13.08
N GLN A 125 23.23 -3.47 -11.89
CA GLN A 125 23.45 -4.74 -11.23
C GLN A 125 22.13 -5.41 -10.85
N LEU A 126 21.20 -4.65 -10.27
CA LEU A 126 19.87 -5.20 -10.01
C LEU A 126 19.23 -5.69 -11.30
N ARG A 127 19.28 -4.86 -12.35
CA ARG A 127 18.79 -5.24 -13.67
C ARG A 127 19.34 -6.60 -14.10
N LYS A 128 20.66 -6.77 -13.99
CA LYS A 128 21.30 -8.04 -14.30
C LYS A 128 20.65 -9.20 -13.56
N ILE A 129 20.55 -9.07 -12.23
CA ILE A 129 20.03 -10.14 -11.40
C ILE A 129 18.61 -10.50 -11.82
N CYS A 130 17.75 -9.49 -11.94
CA CYS A 130 16.34 -9.77 -12.23
C CYS A 130 16.19 -10.47 -13.58
N GLU A 131 16.88 -9.98 -14.60
CA GLU A 131 16.64 -10.55 -15.92
C GLU A 131 17.21 -11.97 -16.04
N LYS A 132 18.32 -12.26 -15.34
CA LYS A 132 18.87 -13.62 -15.37
C LYS A 132 17.88 -14.63 -14.81
N TYR A 133 17.27 -14.32 -13.65
CA TYR A 133 16.55 -15.33 -12.89
C TYR A 133 15.06 -15.37 -13.19
N TYR A 134 14.49 -14.28 -13.70
CA TYR A 134 13.07 -14.21 -14.01
C TYR A 134 12.85 -14.18 -15.51
N GLY A 135 11.60 -14.47 -15.90
CA GLY A 135 11.17 -14.25 -17.26
C GLY A 135 11.05 -12.75 -17.55
N PRO A 136 10.73 -12.41 -18.80
CA PRO A 136 10.80 -10.99 -19.21
C PRO A 136 9.85 -10.08 -18.43
N GLU A 137 8.69 -10.59 -18.06
CA GLU A 137 7.71 -9.69 -17.47
C GLU A 137 7.84 -9.64 -15.94
N ASP A 138 8.06 -10.79 -15.31
CA ASP A 138 8.40 -10.79 -13.88
C ASP A 138 9.69 -10.03 -13.60
N ALA A 139 10.65 -10.06 -14.54
CA ALA A 139 11.90 -9.32 -14.35
C ALA A 139 11.65 -7.83 -14.16
N GLU A 140 10.76 -7.25 -14.99
CA GLU A 140 10.51 -5.82 -14.86
C GLU A 140 9.81 -5.50 -13.54
N VAL A 141 8.89 -6.36 -13.10
CA VAL A 141 8.22 -6.15 -11.83
C VAL A 141 9.21 -6.22 -10.67
N ALA A 142 10.09 -7.22 -10.69
CA ALA A 142 11.07 -7.34 -9.62
C ALA A 142 12.05 -6.17 -9.63
N TYR A 143 12.50 -5.75 -10.81
CA TYR A 143 13.44 -4.64 -10.86
C TYR A 143 12.79 -3.34 -10.36
N GLU A 144 11.59 -3.03 -10.81
CA GLU A 144 10.96 -1.80 -10.34
C GLU A 144 10.83 -1.79 -8.82
N ALA A 145 10.46 -2.93 -8.24
CA ALA A 145 10.32 -3.03 -6.79
C ALA A 145 11.66 -2.84 -6.09
N ALA A 146 12.74 -3.46 -6.61
CA ALA A 146 14.06 -3.26 -6.03
C ALA A 146 14.52 -1.80 -6.19
N ARG A 147 14.39 -1.26 -7.40
CA ARG A 147 14.69 0.14 -7.66
C ARG A 147 13.94 1.06 -6.70
N ALA A 148 12.63 0.84 -6.56
CA ALA A 148 11.84 1.67 -5.66
C ALA A 148 12.32 1.56 -4.22
N PHE A 149 12.70 0.35 -3.78
CA PHE A 149 13.14 0.21 -2.40
C PHE A 149 14.45 0.96 -2.15
N VAL A 150 15.49 0.70 -2.96
CA VAL A 150 16.77 1.34 -2.66
C VAL A 150 16.65 2.86 -2.80
N THR A 151 15.84 3.31 -3.74
CA THR A 151 15.59 4.75 -3.86
C THR A 151 14.92 5.29 -2.61
N SER A 152 13.91 4.57 -2.10
CA SER A 152 13.24 5.01 -0.87
C SER A 152 14.22 5.04 0.31
N ASP A 153 14.99 3.97 0.49
CA ASP A 153 15.92 3.98 1.62
C ASP A 153 16.88 5.14 1.52
N HIS A 154 17.35 5.45 0.31
CA HIS A 154 18.25 6.58 0.14
C HIS A 154 17.52 7.89 0.38
N MET A 155 16.40 8.10 -0.32
CA MET A 155 15.68 9.37 -0.27
C MET A 155 15.32 9.76 1.14
N PHE A 156 15.07 8.78 2.01
CA PHE A 156 14.54 9.13 3.31
C PHE A 156 15.61 9.24 4.38
N ARG A 157 16.86 8.96 4.05
CA ARG A 157 17.93 9.40 4.94
C ARG A 157 17.92 10.93 4.97
N ASP A 158 17.76 11.49 6.18
CA ASP A 158 17.61 12.92 6.38
C ASP A 158 16.39 13.48 5.66
N SER A 159 15.26 12.77 5.75
CA SER A 159 14.03 13.36 5.20
C SER A 159 13.12 13.88 6.31
N PRO A 160 12.48 15.04 6.12
CA PRO A 160 11.43 15.44 7.06
C PRO A 160 10.27 14.47 7.10
N ILE A 161 9.95 13.84 5.96
CA ILE A 161 8.83 12.90 5.91
C ILE A 161 9.07 11.76 6.90
N LYS A 162 10.28 11.22 6.91
CA LYS A 162 10.57 10.13 7.84
C LYS A 162 10.37 10.60 9.28
N ALA A 163 10.88 11.80 9.60
CA ALA A 163 10.62 12.37 10.92
C ALA A 163 9.14 12.28 11.26
N ALA A 164 8.29 12.92 10.47
CA ALA A 164 6.86 12.96 10.80
C ALA A 164 6.26 11.57 10.85
N LEU A 165 6.64 10.70 9.91
CA LEU A 165 5.99 9.39 9.86
C LEU A 165 6.46 8.46 10.97
N CYS A 166 7.65 8.63 11.51
CA CYS A 166 8.07 7.75 12.58
C CYS A 166 8.00 8.41 13.96
N THR A 167 7.50 9.64 14.05
CA THR A 167 7.31 10.30 15.33
C THR A 167 5.89 10.81 15.56
N THR A 168 4.88 10.25 14.89
CA THR A 168 3.48 10.63 15.13
C THR A 168 2.74 9.54 15.90
N SER A 169 2.21 8.54 15.18
CA SER A 169 1.49 7.42 15.76
C SER A 169 2.07 6.14 15.20
N PRO A 170 1.84 5.00 15.86
CA PRO A 170 2.20 3.73 15.21
C PRO A 170 1.57 3.58 13.84
N GLU A 171 0.35 4.09 13.67
CA GLU A 171 -0.38 3.82 12.44
C GLU A 171 0.23 4.56 11.25
N GLN A 172 0.77 5.78 11.47
CA GLN A 172 1.56 6.44 10.42
C GLN A 172 2.91 5.77 10.22
N TYR A 173 3.52 5.32 11.32
CA TYR A 173 4.80 4.63 11.23
C TYR A 173 4.70 3.38 10.37
N PHE A 174 3.70 2.56 10.61
CA PHE A 174 3.58 1.33 9.84
C PHE A 174 3.32 1.64 8.37
N ARG A 175 2.63 2.75 8.10
CA ARG A 175 2.39 3.17 6.72
C ARG A 175 3.70 3.41 5.97
N PHE A 176 4.66 4.04 6.63
CA PHE A 176 6.01 4.20 6.06
C PHE A 176 6.69 2.85 5.85
N ARG A 177 6.48 1.91 6.77
CA ARG A 177 7.24 0.68 6.73
C ARG A 177 6.75 -0.32 5.67
N VAL A 178 5.54 -0.14 5.12
CA VAL A 178 5.12 -0.98 3.99
C VAL A 178 6.21 -1.04 2.93
N THR A 179 6.78 0.11 2.60
CA THR A 179 7.91 0.17 1.67
C THR A 179 9.23 0.03 2.40
N ASP A 180 9.40 0.76 3.51
CA ASP A 180 10.74 0.86 4.10
C ASP A 180 11.25 -0.46 4.69
N ILE A 181 10.38 -1.30 5.27
CA ILE A 181 10.88 -2.61 5.72
C ILE A 181 11.16 -3.52 4.54
N GLY A 182 10.83 -3.11 3.31
CA GLY A 182 11.13 -3.93 2.15
C GLY A 182 10.12 -5.00 1.82
N VAL A 183 8.98 -5.04 2.52
CA VAL A 183 8.07 -6.17 2.31
C VAL A 183 7.28 -6.03 1.02
N ASP A 184 6.93 -4.79 0.59
CA ASP A 184 6.30 -4.68 -0.72
C ASP A 184 7.24 -5.21 -1.81
N PHE A 185 8.51 -4.82 -1.75
CA PHE A 185 9.55 -5.34 -2.63
C PHE A 185 9.59 -6.88 -2.56
N TRP A 186 9.56 -7.42 -1.33
CA TRP A 186 9.62 -8.87 -1.13
C TRP A 186 8.49 -9.59 -1.84
N MET A 187 7.24 -9.12 -1.67
CA MET A 187 6.10 -9.77 -2.31
C MET A 187 6.24 -9.77 -3.82
N LYS A 188 6.65 -8.62 -4.38
CA LYS A 188 6.71 -8.46 -5.83
C LYS A 188 7.84 -9.27 -6.44
N MET A 189 8.90 -9.55 -5.71
CA MET A 189 9.92 -10.43 -6.26
C MET A 189 9.70 -11.89 -5.92
N SER A 190 8.79 -12.19 -4.99
CA SER A 190 8.56 -13.56 -4.53
C SER A 190 7.41 -14.26 -5.24
N TYR A 191 6.44 -13.55 -5.80
CA TYR A 191 5.32 -14.27 -6.41
C TYR A 191 5.77 -15.22 -7.52
N PRO A 192 6.84 -14.97 -8.31
CA PRO A 192 7.23 -15.98 -9.30
C PRO A 192 7.69 -17.29 -8.67
N ILE A 193 8.07 -17.29 -7.39
CA ILE A 193 8.43 -18.54 -6.71
C ILE A 193 7.26 -19.50 -6.70
N TYR A 194 6.03 -18.98 -6.57
CA TYR A 194 4.85 -19.76 -6.25
C TYR A 194 3.90 -19.97 -7.42
N ARG A 195 3.94 -19.13 -8.44
CA ARG A 195 3.07 -19.28 -9.63
C ARG A 195 1.60 -19.42 -9.23
N HIS A 196 1.20 -18.70 -8.19
CA HIS A 196 -0.15 -18.85 -7.65
C HIS A 196 -0.98 -17.62 -8.02
N PRO A 197 -2.05 -17.78 -8.79
CA PRO A 197 -2.77 -16.61 -9.34
C PRO A 197 -3.22 -15.62 -8.29
N GLU A 198 -3.88 -16.11 -7.24
CA GLU A 198 -4.33 -15.26 -6.16
C GLU A 198 -3.17 -14.47 -5.54
N PHE A 199 -2.09 -15.17 -5.19
CA PHE A 199 -0.98 -14.50 -4.52
C PHE A 199 -0.36 -13.43 -5.42
N THR A 200 -0.21 -13.73 -6.71
CA THR A 200 0.39 -12.78 -7.63
C THR A 200 -0.39 -11.46 -7.67
N GLU A 201 -1.72 -11.52 -7.70
CA GLU A 201 -2.51 -10.29 -7.65
C GLU A 201 -2.31 -9.56 -6.31
N HIS A 202 -2.36 -10.29 -5.20
CA HIS A 202 -2.21 -9.63 -3.90
C HIS A 202 -0.83 -8.98 -3.78
N ALA A 203 0.20 -9.61 -4.36
CA ALA A 203 1.52 -9.01 -4.40
C ALA A 203 1.51 -7.74 -5.21
N LYS A 204 0.83 -7.76 -6.35
CA LYS A 204 0.91 -6.62 -7.27
C LYS A 204 0.05 -5.44 -6.82
N THR A 205 -1.05 -5.68 -6.09
CA THR A 205 -1.81 -4.61 -5.47
C THR A 205 -1.17 -4.08 -4.19
N SER A 206 -0.17 -4.79 -3.67
CA SER A 206 0.47 -4.53 -2.38
C SER A 206 -0.42 -4.85 -1.18
N LEU A 207 -1.60 -5.40 -1.40
CA LEU A 207 -2.37 -5.89 -0.26
C LEU A 207 -1.57 -6.94 0.54
N ALA A 208 -0.84 -7.82 -0.15
CA ALA A 208 0.02 -8.79 0.53
C ALA A 208 0.98 -8.08 1.48
N ALA A 209 1.64 -7.03 1.00
CA ALA A 209 2.55 -6.29 1.86
C ALA A 209 1.80 -5.61 3.01
N ARG A 210 0.65 -5.00 2.71
CA ARG A 210 -0.08 -4.29 3.76
C ARG A 210 -0.54 -5.23 4.86
N MET A 211 -0.80 -6.49 4.52
CA MET A 211 -1.24 -7.48 5.50
C MET A 211 -0.11 -7.95 6.41
N THR A 212 1.14 -7.92 5.95
CA THR A 212 2.24 -8.54 6.68
C THR A 212 3.18 -7.52 7.31
N THR A 213 2.99 -6.22 7.03
CA THR A 213 3.92 -5.20 7.49
C THR A 213 4.05 -5.17 9.01
N ARG A 214 2.93 -5.16 9.74
CA ARG A 214 3.04 -5.00 11.18
C ARG A 214 3.73 -6.19 11.83
N GLY A 215 3.39 -7.41 11.41
CA GLY A 215 3.95 -8.57 12.06
C GLY A 215 5.44 -8.69 11.82
N LEU A 216 5.90 -8.24 10.66
CA LEU A 216 7.33 -8.20 10.38
C LEU A 216 8.00 -7.06 11.12
N THR A 217 7.38 -5.87 11.11
CA THR A 217 8.04 -4.69 11.64
C THR A 217 8.13 -4.73 13.15
N ILE A 218 7.07 -5.16 13.83
CA ILE A 218 7.08 -5.17 15.28
C ILE A 218 8.20 -6.07 15.79
N VAL A 219 8.36 -7.23 15.16
CA VAL A 219 9.43 -8.16 15.54
C VAL A 219 10.79 -7.56 15.24
N ASN A 220 10.96 -7.04 14.02
CA ASN A 220 12.26 -6.46 13.67
C ASN A 220 12.61 -5.31 14.61
N ASP A 221 11.62 -4.44 14.88
CA ASP A 221 11.86 -3.27 15.74
C ASP A 221 12.26 -3.69 17.16
N PHE A 222 11.62 -4.71 17.71
CA PHE A 222 11.99 -5.05 19.08
C PHE A 222 13.45 -5.47 19.15
N TYR A 223 13.88 -6.34 18.26
CA TYR A 223 15.22 -6.91 18.40
C TYR A 223 16.32 -6.05 17.77
N SER A 224 15.97 -5.04 16.95
CA SER A 224 16.99 -4.15 16.42
C SER A 224 17.01 -2.81 17.13
N TYR A 225 16.18 -2.63 18.17
CA TYR A 225 16.07 -1.37 18.87
C TYR A 225 17.41 -0.90 19.39
N ASP A 226 18.13 -1.78 20.11
CA ASP A 226 19.41 -1.37 20.71
C ASP A 226 20.36 -0.84 19.65
N ARG A 227 20.51 -1.56 18.52
CA ARG A 227 21.41 -1.11 17.46
C ARG A 227 20.93 0.21 16.86
N GLU A 228 19.63 0.34 16.64
CA GLU A 228 19.15 1.53 15.95
C GLU A 228 19.25 2.76 16.85
N VAL A 229 18.92 2.61 18.14
CA VAL A 229 19.26 3.65 19.12
C VAL A 229 20.71 4.07 18.98
N SER A 230 21.63 3.09 18.99
CA SER A 230 23.05 3.44 19.03
C SER A 230 23.51 4.19 17.78
N LEU A 231 22.93 3.89 16.62
CA LEU A 231 23.32 4.59 15.40
C LEU A 231 22.58 5.91 15.20
N GLY A 232 21.70 6.29 16.11
CA GLY A 232 20.88 7.46 15.94
C GLY A 232 19.65 7.28 15.08
N GLN A 233 19.36 6.04 14.64
CA GLN A 233 18.23 5.76 13.74
C GLN A 233 16.90 5.90 14.49
N ILE A 234 15.87 6.42 13.80
CA ILE A 234 14.58 6.67 14.43
C ILE A 234 13.46 5.80 13.89
N THR A 235 13.73 4.96 12.89
CA THR A 235 12.69 4.15 12.27
C THR A 235 12.49 2.88 13.11
N ASN A 236 11.72 3.02 14.18
CA ASN A 236 11.48 1.95 15.15
C ASN A 236 10.30 2.31 16.03
N CYS A 237 9.25 1.48 16.04
CA CYS A 237 8.02 1.86 16.74
C CYS A 237 8.19 1.91 18.25
N PHE A 238 9.16 1.19 18.83
CA PHE A 238 9.31 1.26 20.28
C PHE A 238 9.88 2.60 20.74
N ARG A 239 10.40 3.43 19.83
CA ARG A 239 10.82 4.76 20.23
C ARG A 239 9.63 5.68 20.50
N LEU A 240 8.41 5.24 20.17
CA LEU A 240 7.21 5.94 20.58
C LEU A 240 6.91 5.72 22.06
N CYS A 241 7.81 5.04 22.77
CA CYS A 241 7.48 4.36 24.01
C CYS A 241 8.53 4.68 25.07
N ASP A 242 8.07 5.01 26.26
CA ASP A 242 8.98 5.11 27.40
C ASP A 242 9.49 3.70 27.72
N VAL A 243 10.50 3.22 26.96
CA VAL A 243 10.95 1.86 27.24
C VAL A 243 11.63 1.80 28.61
N SER A 244 12.17 2.91 29.10
CA SER A 244 12.71 2.91 30.44
C SER A 244 11.64 2.89 31.50
N ASP A 245 10.36 3.02 31.16
CA ASP A 245 9.29 2.88 32.13
C ASP A 245 8.57 1.59 31.84
N GLU A 246 8.61 0.69 32.82
CA GLU A 246 8.17 -0.68 32.62
C GLU A 246 6.69 -0.75 32.29
N THR A 247 5.86 0.09 32.92
CA THR A 247 4.41 -0.06 32.74
C THR A 247 3.98 0.41 31.36
N ALA A 248 4.48 1.57 30.91
CA ALA A 248 4.15 2.03 29.58
C ALA A 248 4.66 1.06 28.52
N PHE A 249 5.80 0.41 28.77
CA PHE A 249 6.31 -0.55 27.81
C PHE A 249 5.33 -1.70 27.62
N LYS A 250 4.87 -2.31 28.72
CA LYS A 250 3.99 -3.47 28.62
C LYS A 250 2.71 -3.09 27.91
N GLU A 251 2.17 -1.91 28.20
CA GLU A 251 0.99 -1.44 27.48
C GLU A 251 1.26 -1.38 25.98
N PHE A 252 2.37 -0.75 25.60
CA PHE A 252 2.67 -0.56 24.19
C PHE A 252 2.90 -1.91 23.53
N PHE A 253 3.68 -2.78 24.20
CA PHE A 253 3.99 -4.08 23.62
C PHE A 253 2.73 -4.91 23.44
N GLN A 254 1.81 -4.86 24.41
CA GLN A 254 0.56 -5.59 24.28
C GLN A 254 -0.27 -5.05 23.12
N ALA A 255 -0.31 -3.73 22.95
CA ALA A 255 -1.04 -3.17 21.81
C ALA A 255 -0.44 -3.65 20.49
N ARG A 256 0.89 -3.82 20.44
CA ARG A 256 1.52 -4.30 19.22
C ARG A 256 1.22 -5.78 18.99
N LEU A 257 1.19 -6.59 20.05
CA LEU A 257 0.75 -7.97 19.91
C LEU A 257 -0.67 -8.04 19.36
N ASP A 258 -1.57 -7.22 19.89
CA ASP A 258 -2.94 -7.21 19.40
C ASP A 258 -2.97 -6.91 17.91
N ASP A 259 -2.12 -5.99 17.46
CA ASP A 259 -2.00 -5.67 16.03
C ASP A 259 -1.63 -6.92 15.22
N MET A 260 -0.59 -7.63 15.67
CA MET A 260 -0.15 -8.83 14.96
C MET A 260 -1.27 -9.87 14.89
N ILE A 261 -1.98 -10.06 16.01
CA ILE A 261 -3.04 -11.06 16.07
C ILE A 261 -4.16 -10.69 15.11
N GLU A 262 -4.58 -9.41 15.14
CA GLU A 262 -5.62 -8.95 14.22
C GLU A 262 -5.25 -9.25 12.77
N ASP A 263 -4.03 -8.89 12.37
CA ASP A 263 -3.58 -9.15 11.00
C ASP A 263 -3.59 -10.66 10.70
N ILE A 264 -3.11 -11.47 11.65
CA ILE A 264 -2.98 -12.90 11.40
C ILE A 264 -4.36 -13.54 11.24
N GLU A 265 -5.31 -13.17 12.08
CA GLU A 265 -6.64 -13.76 11.94
C GLU A 265 -7.31 -13.32 10.64
N CYS A 266 -7.06 -12.07 10.19
CA CYS A 266 -7.60 -11.65 8.89
C CYS A 266 -6.89 -12.35 7.73
N ILE A 267 -5.59 -12.61 7.86
CA ILE A 267 -4.87 -13.34 6.83
C ILE A 267 -5.49 -14.72 6.60
N LYS A 268 -6.09 -15.31 7.63
CA LYS A 268 -6.68 -16.63 7.44
C LYS A 268 -8.03 -16.60 6.73
N ALA A 269 -8.48 -15.42 6.33
CA ALA A 269 -9.60 -15.33 5.40
C ALA A 269 -9.14 -15.43 3.96
N PHE A 270 -7.84 -15.36 3.70
CA PHE A 270 -7.34 -15.57 2.35
C PHE A 270 -7.34 -17.07 2.07
N ASP A 271 -7.15 -17.42 0.79
CA ASP A 271 -7.17 -18.85 0.45
C ASP A 271 -5.94 -19.53 1.05
N GLN A 272 -6.01 -20.87 1.12
CA GLN A 272 -5.08 -21.65 1.93
C GLN A 272 -3.63 -21.54 1.46
N LEU A 273 -3.40 -21.33 0.17
CA LEU A 273 -2.02 -21.21 -0.29
C LEU A 273 -1.46 -19.84 0.05
N THR A 274 -2.26 -18.80 -0.17
CA THR A 274 -1.80 -17.45 0.10
C THR A 274 -1.54 -17.23 1.58
N GLN A 275 -2.45 -17.70 2.43
CA GLN A 275 -2.25 -17.48 3.84
C GLN A 275 -1.03 -18.24 4.34
N ASP A 276 -0.74 -19.41 3.77
CA ASP A 276 0.50 -20.11 4.11
C ASP A 276 1.71 -19.21 3.91
N VAL A 277 1.80 -18.60 2.73
CA VAL A 277 2.93 -17.74 2.39
C VAL A 277 2.99 -16.52 3.33
N PHE A 278 1.85 -15.88 3.57
CA PHE A 278 1.84 -14.73 4.49
C PHE A 278 2.32 -15.14 5.88
N LEU A 279 1.78 -16.24 6.41
CA LEU A 279 2.05 -16.62 7.79
C LEU A 279 3.46 -17.18 7.95
N ASP A 280 3.93 -17.98 6.99
CA ASP A 280 5.32 -18.43 7.02
C ASP A 280 6.26 -17.24 6.97
N LEU A 281 5.86 -16.15 6.27
CA LEU A 281 6.70 -14.98 6.21
C LEU A 281 6.83 -14.30 7.59
N ILE A 282 5.71 -14.09 8.28
CA ILE A 282 5.77 -13.39 9.57
C ILE A 282 6.46 -14.26 10.61
N TYR A 283 6.09 -15.53 10.67
CA TYR A 283 6.62 -16.44 11.69
C TYR A 283 8.09 -16.79 11.40
N GLY A 284 8.41 -17.03 10.13
CA GLY A 284 9.80 -17.29 9.77
C GLY A 284 10.70 -16.11 10.05
N ASN A 285 10.21 -14.88 9.83
CA ASN A 285 11.02 -13.73 10.16
C ASN A 285 11.35 -13.70 11.66
N PHE A 286 10.39 -14.08 12.49
CA PHE A 286 10.63 -14.14 13.93
C PHE A 286 11.69 -15.21 14.25
N VAL A 287 11.56 -16.38 13.65
CA VAL A 287 12.53 -17.45 13.94
C VAL A 287 13.93 -17.02 13.55
N TRP A 288 14.06 -16.46 12.35
CA TRP A 288 15.36 -16.00 11.87
C TRP A 288 15.91 -14.87 12.73
N THR A 289 15.05 -13.89 13.07
CA THR A 289 15.48 -12.75 13.87
C THR A 289 16.03 -13.18 15.23
N THR A 290 15.35 -14.10 15.91
CA THR A 290 15.79 -14.53 17.24
C THR A 290 16.96 -15.49 17.22
N SER A 291 17.37 -15.99 16.05
CA SER A 291 18.50 -16.91 15.98
C SER A 291 19.77 -16.20 15.55
N ASN A 292 19.67 -15.08 14.85
CA ASN A 292 20.77 -14.52 14.08
C ASN A 292 21.49 -13.39 14.80
N LYS A 293 22.81 -13.38 14.67
CA LYS A 293 23.68 -12.47 15.42
C LYS A 293 23.41 -11.01 15.10
N ARG A 294 22.88 -10.73 13.91
CA ARG A 294 22.52 -9.36 13.54
C ARG A 294 21.64 -8.69 14.59
N TYR A 295 20.86 -9.45 15.32
CA TYR A 295 19.89 -8.87 16.25
C TYR A 295 20.20 -9.22 17.71
N LYS A 296 21.46 -9.09 18.13
CA LYS A 296 21.93 -9.73 19.37
C LYS A 296 22.95 -8.90 20.15
N THR A 297 24.01 -8.42 19.52
CA THR A 297 24.81 -7.32 20.07
C THR A 297 24.70 -6.12 19.12
N ALA A 298 24.70 -4.92 19.71
CA ALA A 298 24.34 -3.71 18.95
C ALA A 298 25.16 -3.60 17.67
N VAL A 299 26.47 -3.41 17.80
CA VAL A 299 27.36 -3.35 16.65
C VAL A 299 28.21 -4.61 16.69
N ASN A 300 28.32 -5.29 15.55
CA ASN A 300 29.15 -6.49 15.42
C ASN A 300 29.50 -6.65 13.95
N ASP A 301 30.18 -7.75 13.63
CA ASP A 301 30.74 -7.88 12.28
C ASP A 301 29.70 -8.15 11.20
N VAL A 302 28.43 -8.33 11.56
CA VAL A 302 27.40 -8.53 10.55
C VAL A 302 26.36 -7.42 10.51
N ASN A 303 26.26 -6.55 11.54
CA ASN A 303 25.25 -5.50 11.50
C ASN A 303 25.80 -4.07 11.61
N SER A 304 27.10 -3.87 11.44
CA SER A 304 27.69 -2.55 11.66
C SER A 304 27.21 -1.54 10.63
N ARG A 305 27.72 -0.31 10.76
CA ARG A 305 27.67 0.60 9.64
C ARG A 305 28.73 0.19 8.63
N ILE A 306 28.33 0.10 7.36
CA ILE A 306 29.28 -0.09 6.27
C ILE A 306 29.72 1.31 5.87
N GLN A 307 30.90 1.70 6.33
CA GLN A 307 31.28 3.12 6.55
C GLN A 307 31.73 3.84 5.28
N GLY B 9 -39.43 -5.08 2.51
CA GLY B 9 -38.08 -5.37 2.98
C GLY B 9 -37.78 -4.94 4.41
N ALA B 10 -37.18 -3.75 4.56
CA ALA B 10 -36.96 -3.18 5.87
C ALA B 10 -36.25 -4.14 6.81
N GLN B 11 -34.94 -4.32 6.65
CA GLN B 11 -34.21 -5.17 7.57
C GLN B 11 -34.02 -4.45 8.90
N ASP B 12 -33.25 -3.35 8.84
CA ASP B 12 -33.01 -2.42 9.95
C ASP B 12 -33.00 -1.02 9.35
N ILE B 13 -34.20 -0.46 9.17
CA ILE B 13 -34.33 0.87 8.53
C ILE B 13 -33.46 1.90 9.25
N GLY B 14 -33.33 1.78 10.57
CA GLY B 14 -32.52 2.74 11.31
C GLY B 14 -31.05 2.75 10.91
N ARG B 15 -30.51 1.60 10.59
CA ARG B 15 -29.14 1.55 10.09
C ARG B 15 -29.06 1.72 8.59
N SER B 16 -30.16 2.03 7.93
CA SER B 16 -30.14 2.13 6.47
C SER B 16 -29.62 3.46 5.95
N SER B 17 -29.46 4.48 6.80
CA SER B 17 -29.27 5.83 6.28
C SER B 17 -28.42 6.70 7.20
N VAL B 18 -27.55 7.52 6.61
CA VAL B 18 -26.87 8.56 7.37
C VAL B 18 -27.53 9.92 7.16
N ARG B 19 -28.68 9.96 6.48
CA ARG B 19 -29.41 11.21 6.26
C ARG B 19 -29.61 12.05 7.51
N PRO B 20 -29.88 11.49 8.70
CA PRO B 20 -30.01 12.35 9.90
C PRO B 20 -28.78 13.20 10.20
N TYR B 21 -27.60 12.79 9.76
CA TYR B 21 -26.35 13.44 10.11
C TYR B 21 -25.80 14.28 8.97
N LEU B 22 -26.54 14.38 7.87
CA LEU B 22 -25.99 14.93 6.63
C LEU B 22 -25.51 16.36 6.81
N GLU B 23 -26.35 17.23 7.35
CA GLU B 23 -25.96 18.63 7.45
C GLU B 23 -24.80 18.81 8.43
N GLU B 24 -24.90 18.21 9.62
CA GLU B 24 -23.86 18.43 10.61
C GLU B 24 -22.52 17.84 10.15
N CYS B 25 -22.54 16.64 9.56
CA CYS B 25 -21.29 16.05 9.10
C CYS B 25 -20.68 16.86 7.96
N THR B 26 -21.51 17.33 7.02
CA THR B 26 -20.98 18.16 5.95
C THR B 26 -20.28 19.38 6.52
N ARG B 27 -20.91 20.02 7.49
CA ARG B 27 -20.36 21.21 8.12
C ARG B 27 -19.06 20.88 8.84
N ARG B 28 -19.01 19.73 9.54
CA ARG B 28 -17.81 19.35 10.25
C ARG B 28 -16.65 19.06 9.29
N PHE B 29 -16.91 18.30 8.22
CA PHE B 29 -15.91 18.09 7.18
C PHE B 29 -15.34 19.43 6.72
N GLN B 30 -16.22 20.34 6.32
CA GLN B 30 -15.77 21.61 5.78
C GLN B 30 -14.95 22.38 6.80
N GLU B 31 -15.40 22.41 8.06
CA GLU B 31 -14.66 23.11 9.10
C GLU B 31 -13.27 22.53 9.24
N MET B 32 -13.17 21.21 9.14
CA MET B 32 -11.88 20.55 9.28
C MET B 32 -10.94 20.99 8.17
N PHE B 33 -11.42 20.96 6.91
CA PHE B 33 -10.58 21.42 5.80
C PHE B 33 -10.17 22.87 5.97
N ASP B 34 -11.09 23.73 6.46
CA ASP B 34 -10.75 25.14 6.67
C ASP B 34 -9.68 25.31 7.73
N ARG B 35 -9.72 24.47 8.78
CA ARG B 35 -8.72 24.55 9.84
C ARG B 35 -7.37 23.96 9.43
N HIS B 36 -7.35 22.95 8.56
CA HIS B 36 -6.10 22.22 8.32
C HIS B 36 -5.56 22.31 6.90
N VAL B 37 -6.39 22.60 5.89
CA VAL B 37 -5.93 22.68 4.51
C VAL B 37 -5.95 24.12 4.00
N VAL B 38 -7.08 24.81 4.20
CA VAL B 38 -7.27 26.24 4.05
C VAL B 38 -7.62 26.58 2.61
N THR B 39 -6.65 26.49 1.69
CA THR B 39 -6.91 26.91 0.33
C THR B 39 -7.81 25.89 -0.35
N ARG B 40 -8.75 26.42 -1.14
CA ARG B 40 -9.72 25.61 -1.85
C ARG B 40 -9.04 24.85 -2.98
N PRO B 41 -9.51 23.66 -3.29
CA PRO B 41 -9.15 23.04 -4.57
C PRO B 41 -9.76 23.84 -5.74
N THR B 42 -9.08 23.75 -6.88
CA THR B 42 -9.44 24.52 -8.07
C THR B 42 -9.91 23.55 -9.15
N LYS B 43 -11.03 23.87 -9.80
CA LYS B 43 -11.54 22.97 -10.82
C LYS B 43 -10.81 23.20 -12.14
N VAL B 44 -10.39 22.10 -12.77
CA VAL B 44 -9.94 22.16 -14.15
C VAL B 44 -11.11 22.55 -15.04
N GLU B 45 -10.97 23.65 -15.76
CA GLU B 45 -11.80 23.93 -16.91
C GLU B 45 -11.18 23.22 -18.11
N LEU B 46 -11.99 22.47 -18.85
CA LEU B 46 -11.54 21.90 -20.11
C LEU B 46 -12.09 22.74 -21.26
N THR B 47 -11.31 22.83 -22.33
CA THR B 47 -11.88 23.28 -23.59
C THR B 47 -12.92 22.29 -24.05
N ASP B 48 -13.88 22.80 -24.82
CA ASP B 48 -14.91 21.94 -25.42
C ASP B 48 -14.30 20.81 -26.22
N ALA B 49 -13.26 21.10 -27.04
CA ALA B 49 -12.68 20.02 -27.86
C ALA B 49 -12.00 18.98 -26.98
N GLU B 50 -11.16 19.39 -26.01
CA GLU B 50 -10.42 18.39 -25.27
C GLU B 50 -11.35 17.63 -24.32
N LEU B 51 -12.42 18.31 -23.87
CA LEU B 51 -13.56 17.61 -23.27
C LEU B 51 -14.10 16.54 -24.21
N ARG B 52 -14.32 16.90 -25.47
CA ARG B 52 -14.88 15.96 -26.44
C ARG B 52 -13.91 14.82 -26.73
N GLU B 53 -12.60 15.11 -26.68
CA GLU B 53 -11.61 14.04 -26.78
C GLU B 53 -11.68 13.11 -25.58
N VAL B 54 -12.31 13.54 -24.49
CA VAL B 54 -12.36 12.68 -23.31
C VAL B 54 -13.55 11.74 -23.37
N ILE B 55 -14.75 12.30 -23.54
CA ILE B 55 -15.96 11.48 -23.54
C ILE B 55 -15.95 10.49 -24.71
N ASP B 56 -15.46 10.91 -25.87
CA ASP B 56 -15.47 9.99 -27.01
C ASP B 56 -14.46 8.85 -26.81
N ASP B 57 -13.36 9.08 -26.09
CA ASP B 57 -12.45 7.99 -25.73
C ASP B 57 -13.07 7.08 -24.68
N CYS B 58 -13.88 7.64 -23.78
CA CYS B 58 -14.60 6.82 -22.82
C CYS B 58 -15.59 5.89 -23.52
N ASN B 59 -16.36 6.43 -24.47
CA ASN B 59 -17.32 5.60 -25.18
C ASN B 59 -16.61 4.50 -25.95
N ALA B 60 -15.49 4.81 -26.59
CA ALA B 60 -14.76 3.78 -27.34
C ALA B 60 -14.33 2.64 -26.43
N ALA B 61 -13.93 2.95 -25.20
CA ALA B 61 -13.33 1.93 -24.35
C ALA B 61 -14.37 0.98 -23.77
N VAL B 62 -15.59 1.48 -23.50
CA VAL B 62 -16.60 0.61 -22.90
C VAL B 62 -17.59 0.09 -23.93
N ALA B 63 -17.56 0.59 -25.16
CA ALA B 63 -18.47 0.12 -26.20
C ALA B 63 -18.41 -1.40 -26.42
N PRO B 64 -17.24 -2.04 -26.50
CA PRO B 64 -17.25 -3.51 -26.58
C PRO B 64 -18.11 -4.18 -25.53
N LEU B 65 -18.13 -3.65 -24.30
CA LEU B 65 -18.85 -4.29 -23.20
C LEU B 65 -20.36 -4.26 -23.37
N GLY B 66 -20.91 -3.42 -24.25
CA GLY B 66 -22.30 -3.49 -24.63
C GLY B 66 -23.25 -2.61 -23.85
N LYS B 67 -22.77 -1.61 -23.12
CA LYS B 67 -23.64 -0.77 -22.33
C LYS B 67 -23.41 0.70 -22.69
N THR B 68 -24.50 1.40 -22.99
CA THR B 68 -24.45 2.83 -23.28
C THR B 68 -24.30 3.62 -22.00
N VAL B 69 -23.45 4.65 -22.05
CA VAL B 69 -23.27 5.55 -20.91
C VAL B 69 -23.59 6.96 -21.39
N SER B 70 -24.53 7.63 -20.71
CA SER B 70 -24.95 8.97 -21.11
C SER B 70 -23.86 10.00 -20.79
N ASP B 71 -23.89 11.12 -21.52
CA ASP B 71 -22.93 12.18 -21.22
C ASP B 71 -23.10 12.69 -19.80
N GLU B 72 -24.33 12.77 -19.31
CA GLU B 72 -24.56 13.15 -17.92
C GLU B 72 -23.82 12.21 -16.97
N ARG B 73 -23.87 10.90 -17.24
CA ARG B 73 -23.21 9.93 -16.37
C ARG B 73 -21.70 10.08 -16.46
N TRP B 74 -21.16 10.23 -17.68
CA TRP B 74 -19.73 10.52 -17.81
C TRP B 74 -19.36 11.76 -17.01
N ILE B 75 -20.18 12.81 -17.09
CA ILE B 75 -19.92 14.05 -16.36
C ILE B 75 -19.78 13.77 -14.87
N SER B 76 -20.68 12.97 -14.31
CA SER B 76 -20.58 12.65 -12.89
C SER B 76 -19.27 11.96 -12.56
N TYR B 77 -18.85 11.01 -13.41
CA TYR B 77 -17.60 10.32 -13.17
C TYR B 77 -16.41 11.26 -13.27
N VAL B 78 -16.39 12.13 -14.28
CA VAL B 78 -15.16 12.86 -14.59
C VAL B 78 -14.89 14.00 -13.64
N GLY B 79 -15.94 14.53 -12.98
CA GLY B 79 -15.75 15.69 -12.11
C GLY B 79 -14.70 15.50 -11.02
N VAL B 80 -14.52 14.26 -10.55
CA VAL B 80 -13.52 14.02 -9.52
C VAL B 80 -12.13 14.39 -10.03
N VAL B 81 -11.84 14.08 -11.29
CA VAL B 81 -10.54 14.45 -11.84
C VAL B 81 -10.45 15.97 -12.02
N LEU B 82 -11.53 16.60 -12.49
CA LEU B 82 -11.52 18.05 -12.68
C LEU B 82 -11.31 18.78 -11.37
N TRP B 83 -11.89 18.29 -10.26
CA TRP B 83 -11.80 18.96 -8.98
C TRP B 83 -10.62 18.54 -8.10
N SER B 84 -10.05 17.36 -8.32
CA SER B 84 -9.14 16.79 -7.32
C SER B 84 -7.72 16.60 -7.83
N GLN B 85 -7.38 17.13 -9.00
CA GLN B 85 -5.98 17.28 -9.37
C GLN B 85 -5.52 18.64 -8.84
N SER B 86 -4.34 19.11 -9.22
CA SER B 86 -3.83 20.38 -8.68
C SER B 86 -3.43 21.29 -9.83
N PRO B 87 -4.31 22.19 -10.25
CA PRO B 87 -4.03 22.97 -11.48
C PRO B 87 -2.79 23.83 -11.40
N ARG B 88 -2.41 24.26 -10.20
CA ARG B 88 -1.21 25.08 -10.09
C ARG B 88 0.03 24.36 -10.60
N HIS B 89 0.07 23.04 -10.48
CA HIS B 89 1.25 22.24 -10.75
C HIS B 89 1.19 21.50 -12.07
N ILE B 90 0.12 21.66 -12.86
CA ILE B 90 -0.05 20.76 -14.00
C ILE B 90 0.98 21.09 -15.08
N LYS B 91 1.90 20.16 -15.28
CA LYS B 91 2.86 20.20 -16.38
C LYS B 91 2.29 19.69 -17.69
N ASP B 92 1.52 18.59 -17.66
CA ASP B 92 1.27 17.77 -18.84
C ASP B 92 -0.22 17.53 -19.00
N MET B 93 -0.81 18.13 -20.03
CA MET B 93 -2.25 18.07 -20.22
C MET B 93 -2.71 16.79 -20.91
N GLU B 94 -1.84 16.12 -21.66
CA GLU B 94 -2.22 14.83 -22.24
C GLU B 94 -2.33 13.74 -21.17
N ALA B 95 -1.44 13.75 -20.19
CA ALA B 95 -1.58 12.83 -19.06
C ALA B 95 -2.84 13.14 -18.25
N PHE B 96 -3.18 14.43 -18.13
CA PHE B 96 -4.40 14.78 -17.41
C PHE B 96 -5.62 14.16 -18.10
N LYS B 97 -5.68 14.24 -19.43
CA LYS B 97 -6.81 13.68 -20.16
C LYS B 97 -6.85 12.16 -20.09
N ALA B 98 -5.68 11.50 -20.08
CA ALA B 98 -5.66 10.06 -19.82
C ALA B 98 -6.33 9.74 -18.49
N VAL B 99 -6.05 10.53 -17.46
CA VAL B 99 -6.62 10.23 -16.15
C VAL B 99 -8.13 10.47 -16.15
N CYS B 100 -8.61 11.50 -16.86
CA CYS B 100 -10.06 11.64 -17.05
C CYS B 100 -10.64 10.37 -17.64
N VAL B 101 -10.04 9.87 -18.72
CA VAL B 101 -10.57 8.71 -19.40
C VAL B 101 -10.46 7.47 -18.50
N LEU B 102 -9.27 7.20 -17.98
CA LEU B 102 -9.07 6.00 -17.17
C LEU B 102 -9.94 6.03 -15.92
N ASN B 103 -10.02 7.20 -15.29
CA ASN B 103 -10.95 7.35 -14.16
C ASN B 103 -12.36 6.94 -14.54
N CYS B 104 -12.87 7.46 -15.67
CA CYS B 104 -14.28 7.27 -15.98
C CYS B 104 -14.60 5.83 -16.36
N VAL B 105 -13.76 5.20 -17.18
CA VAL B 105 -14.15 3.89 -17.68
C VAL B 105 -14.07 2.83 -16.57
N THR B 106 -13.15 2.99 -15.63
CA THR B 106 -13.13 2.04 -14.51
C THR B 106 -14.18 2.37 -13.45
N PHE B 107 -14.70 3.60 -13.45
CA PHE B 107 -15.91 3.88 -12.68
C PHE B 107 -17.09 3.07 -13.20
N VAL B 108 -17.26 3.01 -14.53
CA VAL B 108 -18.28 2.16 -15.12
C VAL B 108 -18.11 0.72 -14.63
N TRP B 109 -16.88 0.22 -14.68
CA TRP B 109 -16.57 -1.14 -14.25
C TRP B 109 -16.99 -1.36 -12.80
N ASP B 110 -16.72 -0.37 -11.94
CA ASP B 110 -17.14 -0.36 -10.54
C ASP B 110 -18.65 -0.52 -10.38
N ASP B 111 -19.42 0.08 -11.29
CA ASP B 111 -20.89 0.11 -11.23
C ASP B 111 -21.54 -1.03 -11.99
N MET B 112 -20.78 -1.98 -12.52
CA MET B 112 -21.32 -2.99 -13.42
C MET B 112 -21.68 -4.29 -12.71
N ASP B 113 -22.79 -4.86 -13.15
CA ASP B 113 -23.04 -6.28 -13.03
C ASP B 113 -21.77 -7.05 -13.42
N PRO B 114 -21.29 -7.96 -12.57
CA PRO B 114 -19.98 -8.60 -12.85
C PRO B 114 -19.99 -9.49 -14.08
N ALA B 115 -21.17 -9.92 -14.53
CA ALA B 115 -21.28 -10.64 -15.79
C ALA B 115 -20.76 -9.82 -16.97
N LEU B 116 -20.88 -8.50 -16.90
CA LEU B 116 -20.39 -7.61 -17.96
C LEU B 116 -18.87 -7.47 -17.95
N HIS B 117 -18.19 -7.94 -16.90
CA HIS B 117 -16.73 -7.79 -16.80
C HIS B 117 -16.05 -8.74 -17.77
N ASP B 118 -15.82 -8.26 -19.00
CA ASP B 118 -15.12 -9.03 -20.03
C ASP B 118 -13.67 -8.55 -20.05
N PHE B 119 -12.79 -9.28 -19.36
CA PHE B 119 -11.39 -8.90 -19.33
C PHE B 119 -10.78 -8.96 -20.73
N GLY B 120 -11.14 -9.98 -21.50
CA GLY B 120 -10.61 -10.09 -22.85
C GLY B 120 -10.88 -8.86 -23.70
N LEU B 121 -12.11 -8.34 -23.64
CA LEU B 121 -12.45 -7.14 -24.40
C LEU B 121 -11.87 -5.89 -23.75
N PHE B 122 -12.03 -5.74 -22.43
CA PHE B 122 -11.76 -4.46 -21.78
C PHE B 122 -10.27 -4.16 -21.60
N LEU B 123 -9.46 -5.13 -21.14
CA LEU B 123 -8.05 -4.84 -20.93
C LEU B 123 -7.36 -4.27 -22.17
N PRO B 124 -7.58 -4.79 -23.39
CA PRO B 124 -6.97 -4.16 -24.57
C PRO B 124 -7.31 -2.67 -24.74
N GLN B 125 -8.54 -2.24 -24.40
CA GLN B 125 -8.90 -0.83 -24.50
C GLN B 125 -8.15 0.01 -23.47
N LEU B 126 -7.96 -0.52 -22.27
CA LEU B 126 -7.16 0.19 -21.28
C LEU B 126 -5.74 0.40 -21.80
N ARG B 127 -5.18 -0.62 -22.44
CA ARG B 127 -3.84 -0.47 -23.00
C ARG B 127 -3.83 0.59 -24.10
N LYS B 128 -4.84 0.58 -24.98
CA LYS B 128 -4.92 1.62 -26.03
C LYS B 128 -4.88 3.02 -25.41
N ILE B 129 -5.71 3.25 -24.39
CA ILE B 129 -5.75 4.57 -23.76
C ILE B 129 -4.36 4.93 -23.26
N CYS B 130 -3.70 4.01 -22.56
CA CYS B 130 -2.37 4.28 -22.04
C CYS B 130 -1.38 4.52 -23.17
N GLU B 131 -1.48 3.74 -24.27
CA GLU B 131 -0.66 3.97 -25.45
C GLU B 131 -0.81 5.39 -25.97
N LYS B 132 -2.05 5.88 -26.02
CA LYS B 132 -2.36 7.13 -26.72
C LYS B 132 -1.80 8.34 -25.99
N TYR B 133 -1.68 8.28 -24.66
CA TYR B 133 -1.43 9.46 -23.85
C TYR B 133 -0.09 9.46 -23.11
N TYR B 134 0.51 8.30 -22.85
CA TYR B 134 1.80 8.25 -22.16
C TYR B 134 2.86 7.61 -23.05
N GLY B 135 4.13 7.84 -22.69
CA GLY B 135 5.24 7.14 -23.31
C GLY B 135 5.21 5.67 -22.94
N PRO B 136 6.07 4.85 -23.54
CA PRO B 136 6.10 3.44 -23.16
C PRO B 136 6.25 3.19 -21.66
N GLU B 137 7.30 3.75 -21.01
CA GLU B 137 7.50 3.50 -19.58
C GLU B 137 6.30 3.94 -18.75
N ASP B 138 5.84 5.18 -18.91
CA ASP B 138 4.71 5.63 -18.07
C ASP B 138 3.42 4.92 -18.41
N ALA B 139 3.24 4.55 -19.68
CA ALA B 139 2.09 3.72 -20.03
C ALA B 139 2.17 2.36 -19.38
N GLU B 140 3.40 1.83 -19.20
CA GLU B 140 3.57 0.63 -18.41
C GLU B 140 2.92 0.80 -17.04
N VAL B 141 3.29 1.87 -16.34
CA VAL B 141 2.82 2.07 -14.97
C VAL B 141 1.31 2.24 -14.94
N ALA B 142 0.75 3.07 -15.83
CA ALA B 142 -0.68 3.36 -15.78
C ALA B 142 -1.52 2.14 -16.14
N TYR B 143 -1.10 1.38 -17.16
CA TYR B 143 -1.85 0.19 -17.53
C TYR B 143 -1.88 -0.86 -16.41
N GLU B 144 -0.72 -1.20 -15.83
CA GLU B 144 -0.72 -2.20 -14.75
C GLU B 144 -1.59 -1.76 -13.58
N ALA B 145 -1.53 -0.48 -13.25
CA ALA B 145 -2.37 0.02 -12.17
C ALA B 145 -3.86 -0.11 -12.53
N ALA B 146 -4.23 0.23 -13.78
CA ALA B 146 -5.62 0.08 -14.18
C ALA B 146 -6.04 -1.38 -14.18
N ARG B 147 -5.21 -2.26 -14.77
CA ARG B 147 -5.48 -3.69 -14.75
C ARG B 147 -5.65 -4.20 -13.34
N ALA B 148 -4.74 -3.82 -12.44
CA ALA B 148 -4.81 -4.31 -11.06
C ALA B 148 -6.08 -3.82 -10.38
N PHE B 149 -6.49 -2.57 -10.64
CA PHE B 149 -7.74 -2.12 -10.04
C PHE B 149 -8.93 -2.93 -10.56
N VAL B 150 -9.08 -3.07 -11.89
CA VAL B 150 -10.30 -3.73 -12.35
C VAL B 150 -10.28 -5.20 -11.96
N THR B 151 -9.11 -5.84 -11.93
CA THR B 151 -9.03 -7.20 -11.42
C THR B 151 -9.42 -7.29 -9.95
N SER B 152 -8.95 -6.34 -9.14
CA SER B 152 -9.33 -6.31 -7.72
C SER B 152 -10.84 -6.14 -7.55
N ASP B 153 -11.43 -5.17 -8.26
CA ASP B 153 -12.87 -4.97 -8.11
C ASP B 153 -13.64 -6.23 -8.47
N HIS B 154 -13.18 -6.97 -9.49
CA HIS B 154 -13.82 -8.23 -9.85
C HIS B 154 -13.57 -9.31 -8.80
N MET B 155 -12.29 -9.58 -8.48
CA MET B 155 -12.00 -10.73 -7.62
C MET B 155 -12.64 -10.57 -6.25
N PHE B 156 -12.89 -9.34 -5.81
CA PHE B 156 -13.41 -9.19 -4.47
C PHE B 156 -14.92 -9.06 -4.39
N ARG B 157 -15.66 -9.29 -5.47
CA ARG B 157 -17.12 -9.22 -5.38
C ARG B 157 -17.69 -10.33 -4.48
N ASP B 158 -17.16 -11.56 -4.63
CA ASP B 158 -17.72 -12.72 -3.91
C ASP B 158 -16.88 -13.10 -2.67
N SER B 159 -16.11 -12.13 -2.13
CA SER B 159 -14.91 -12.63 -1.46
C SER B 159 -15.01 -12.60 0.07
N PRO B 160 -14.66 -13.70 0.72
CA PRO B 160 -14.49 -13.67 2.18
C PRO B 160 -13.37 -12.75 2.64
N ILE B 161 -12.37 -12.53 1.80
CA ILE B 161 -11.35 -11.54 2.14
C ILE B 161 -11.99 -10.17 2.32
N LYS B 162 -12.90 -9.82 1.42
CA LYS B 162 -13.54 -8.52 1.55
C LYS B 162 -14.33 -8.40 2.84
N ALA B 163 -15.15 -9.41 3.15
CA ALA B 163 -15.94 -9.36 4.38
C ALA B 163 -15.06 -9.31 5.62
N ALA B 164 -13.95 -10.05 5.62
CA ALA B 164 -13.09 -9.99 6.81
C ALA B 164 -12.43 -8.61 6.94
N LEU B 165 -11.91 -8.07 5.83
CA LEU B 165 -11.22 -6.79 5.91
C LEU B 165 -12.20 -5.64 6.15
N CYS B 166 -13.46 -5.80 5.79
CA CYS B 166 -14.43 -4.72 5.94
C CYS B 166 -15.24 -4.79 7.23
N THR B 167 -15.22 -5.93 7.94
CA THR B 167 -15.99 -6.08 9.16
C THR B 167 -15.14 -6.17 10.43
N THR B 168 -13.81 -6.10 10.33
CA THR B 168 -12.96 -6.10 11.53
C THR B 168 -12.79 -4.68 12.08
N SER B 169 -11.64 -4.05 11.82
CA SER B 169 -11.35 -2.74 12.40
C SER B 169 -11.36 -1.71 11.28
N PRO B 170 -11.31 -0.41 11.63
CA PRO B 170 -11.00 0.59 10.59
C PRO B 170 -9.66 0.36 9.93
N GLU B 171 -8.67 -0.09 10.70
CA GLU B 171 -7.36 -0.44 10.18
C GLU B 171 -7.43 -1.45 9.02
N GLN B 172 -8.08 -2.60 9.23
CA GLN B 172 -8.14 -3.58 8.14
C GLN B 172 -8.91 -3.01 6.94
N TYR B 173 -9.98 -2.26 7.22
CA TYR B 173 -10.80 -1.72 6.15
C TYR B 173 -9.99 -0.77 5.26
N PHE B 174 -9.31 0.20 5.86
CA PHE B 174 -8.59 1.17 5.04
C PHE B 174 -7.45 0.51 4.26
N ARG B 175 -6.88 -0.58 4.80
CA ARG B 175 -5.91 -1.35 4.03
C ARG B 175 -6.51 -1.90 2.75
N PHE B 176 -7.75 -2.41 2.83
CA PHE B 176 -8.42 -2.85 1.62
C PHE B 176 -8.60 -1.68 0.63
N ARG B 177 -8.87 -0.49 1.16
CA ARG B 177 -9.26 0.61 0.28
C ARG B 177 -8.09 1.31 -0.37
N VAL B 178 -6.85 1.09 0.08
CA VAL B 178 -5.71 1.65 -0.64
C VAL B 178 -5.83 1.30 -2.12
N THR B 179 -6.18 0.05 -2.41
CA THR B 179 -6.43 -0.38 -3.78
C THR B 179 -7.88 -0.17 -4.20
N ASP B 180 -8.83 -0.59 -3.36
CA ASP B 180 -10.20 -0.70 -3.82
C ASP B 180 -10.84 0.65 -4.12
N ILE B 181 -10.48 1.70 -3.40
CA ILE B 181 -11.05 3.00 -3.80
C ILE B 181 -10.33 3.57 -5.01
N GLY B 182 -9.28 2.92 -5.50
CA GLY B 182 -8.63 3.36 -6.71
C GLY B 182 -7.55 4.40 -6.56
N VAL B 183 -7.17 4.76 -5.33
CA VAL B 183 -6.22 5.86 -5.17
C VAL B 183 -4.81 5.46 -5.54
N ASP B 184 -4.41 4.22 -5.29
CA ASP B 184 -3.10 3.81 -5.77
C ASP B 184 -3.04 3.92 -7.29
N PHE B 185 -4.07 3.43 -7.96
CA PHE B 185 -4.21 3.56 -9.40
C PHE B 185 -4.14 5.03 -9.82
N TRP B 186 -4.93 5.87 -9.15
CA TRP B 186 -4.94 7.30 -9.39
C TRP B 186 -3.53 7.90 -9.35
N MET B 187 -2.77 7.60 -8.30
CA MET B 187 -1.43 8.17 -8.18
C MET B 187 -0.53 7.70 -9.31
N LYS B 188 -0.59 6.41 -9.65
CA LYS B 188 0.34 5.88 -10.63
C LYS B 188 0.02 6.39 -12.04
N MET B 189 -1.24 6.73 -12.33
CA MET B 189 -1.55 7.32 -13.61
C MET B 189 -1.50 8.85 -13.60
N SER B 190 -1.49 9.49 -12.42
CA SER B 190 -1.44 10.94 -12.34
C SER B 190 -0.04 11.52 -12.28
N TYR B 191 0.98 10.77 -11.90
CA TYR B 191 2.29 11.41 -11.77
C TYR B 191 2.84 11.96 -13.08
N PRO B 192 2.57 11.41 -14.26
CA PRO B 192 3.00 12.09 -15.48
C PRO B 192 2.38 13.47 -15.65
N ILE B 193 1.26 13.77 -14.98
CA ILE B 193 0.66 15.11 -15.09
C ILE B 193 1.65 16.17 -14.62
N TYR B 194 2.44 15.85 -13.60
CA TYR B 194 3.26 16.82 -12.89
C TYR B 194 4.76 16.75 -13.23
N ARG B 195 5.27 15.58 -13.62
CA ARG B 195 6.72 15.33 -13.89
C ARG B 195 7.58 15.72 -12.69
N HIS B 196 6.99 15.68 -11.51
CA HIS B 196 7.72 16.10 -10.32
C HIS B 196 8.46 14.89 -9.75
N PRO B 197 9.78 14.96 -9.59
CA PRO B 197 10.54 13.77 -9.16
C PRO B 197 10.03 13.13 -7.88
N GLU B 198 9.90 13.90 -6.80
CA GLU B 198 9.52 13.31 -5.52
C GLU B 198 8.11 12.72 -5.56
N PHE B 199 7.18 13.37 -6.27
CA PHE B 199 5.84 12.80 -6.30
C PHE B 199 5.82 11.50 -7.08
N THR B 200 6.53 11.45 -8.22
CA THR B 200 6.64 10.22 -8.98
C THR B 200 7.14 9.08 -8.11
N GLU B 201 8.12 9.35 -7.25
CA GLU B 201 8.61 8.28 -6.37
C GLU B 201 7.57 7.92 -5.31
N HIS B 202 6.90 8.91 -4.71
CA HIS B 202 5.87 8.59 -3.72
C HIS B 202 4.70 7.85 -4.36
N ALA B 203 4.40 8.17 -5.62
CA ALA B 203 3.36 7.44 -6.34
C ALA B 203 3.77 5.99 -6.54
N LYS B 204 5.01 5.75 -6.94
CA LYS B 204 5.33 4.39 -7.30
C LYS B 204 5.67 3.50 -6.10
N THR B 205 6.01 4.07 -4.95
CA THR B 205 6.07 3.27 -3.71
C THR B 205 4.69 3.05 -3.10
N SER B 206 3.67 3.78 -3.57
CA SER B 206 2.31 3.80 -3.02
C SER B 206 2.22 4.53 -1.68
N LEU B 207 3.31 5.13 -1.19
CA LEU B 207 3.20 6.00 -0.02
C LEU B 207 2.21 7.15 -0.29
N ALA B 208 2.17 7.62 -1.54
CA ALA B 208 1.19 8.63 -1.91
C ALA B 208 -0.23 8.15 -1.64
N ALA B 209 -0.57 6.98 -2.15
CA ALA B 209 -1.88 6.39 -1.90
C ALA B 209 -2.12 6.15 -0.42
N ARG B 210 -1.11 5.64 0.28
CA ARG B 210 -1.29 5.35 1.69
C ARG B 210 -1.58 6.61 2.50
N MET B 211 -1.02 7.76 2.11
CA MET B 211 -1.26 8.98 2.88
C MET B 211 -2.65 9.55 2.63
N THR B 212 -3.26 9.25 1.49
CA THR B 212 -4.50 9.92 1.10
C THR B 212 -5.72 9.00 1.18
N THR B 213 -5.53 7.71 1.48
CA THR B 213 -6.64 6.76 1.45
C THR B 213 -7.73 7.13 2.43
N ARG B 214 -7.38 7.46 3.68
CA ARG B 214 -8.44 7.69 4.66
C ARG B 214 -9.25 8.94 4.33
N GLY B 215 -8.57 10.02 3.93
CA GLY B 215 -9.29 11.25 3.61
C GLY B 215 -10.26 11.07 2.46
N LEU B 216 -9.85 10.33 1.43
CA LEU B 216 -10.76 10.03 0.32
C LEU B 216 -11.89 9.13 0.78
N THR B 217 -11.55 8.07 1.52
CA THR B 217 -12.50 7.01 1.77
C THR B 217 -13.57 7.43 2.77
N ILE B 218 -13.17 8.12 3.83
CA ILE B 218 -14.13 8.51 4.85
C ILE B 218 -15.20 9.40 4.23
N VAL B 219 -14.78 10.34 3.37
CA VAL B 219 -15.72 11.22 2.69
C VAL B 219 -16.58 10.43 1.71
N ASN B 220 -15.95 9.59 0.87
CA ASN B 220 -16.75 8.80 -0.05
C ASN B 220 -17.76 7.93 0.68
N ASP B 221 -17.31 7.25 1.75
CA ASP B 221 -18.19 6.33 2.47
C ASP B 221 -19.39 7.06 3.06
N PHE B 222 -19.17 8.25 3.61
CA PHE B 222 -20.28 8.93 4.26
C PHE B 222 -21.38 9.22 3.25
N TYR B 223 -21.01 9.75 2.10
CA TYR B 223 -22.01 10.19 1.14
C TYR B 223 -22.50 9.08 0.21
N SER B 224 -21.84 7.92 0.17
CA SER B 224 -22.32 6.81 -0.63
C SER B 224 -22.95 5.71 0.23
N TYR B 225 -22.99 5.90 1.55
CA TYR B 225 -23.54 4.92 2.47
C TYR B 225 -24.94 4.47 2.07
N ASP B 226 -25.84 5.42 1.79
CA ASP B 226 -27.23 5.04 1.57
C ASP B 226 -27.39 4.17 0.33
N ARG B 227 -26.72 4.53 -0.76
CA ARG B 227 -26.80 3.71 -1.96
C ARG B 227 -26.19 2.33 -1.71
N GLU B 228 -25.03 2.30 -1.07
CA GLU B 228 -24.34 1.02 -0.90
C GLU B 228 -25.10 0.09 0.03
N VAL B 229 -25.69 0.64 1.10
CA VAL B 229 -26.49 -0.21 1.97
C VAL B 229 -27.74 -0.72 1.25
N SER B 230 -28.38 0.10 0.42
CA SER B 230 -29.58 -0.36 -0.27
C SER B 230 -29.28 -1.44 -1.32
N LEU B 231 -28.03 -1.59 -1.71
CA LEU B 231 -27.61 -2.61 -2.67
C LEU B 231 -26.89 -3.79 -2.00
N GLY B 232 -26.77 -3.79 -0.68
CA GLY B 232 -26.12 -4.90 -0.01
C GLY B 232 -24.61 -4.86 -0.02
N GLN B 233 -23.99 -3.82 -0.60
CA GLN B 233 -22.55 -3.70 -0.59
C GLN B 233 -22.06 -3.45 0.85
N ILE B 234 -20.89 -4.00 1.19
CA ILE B 234 -20.37 -3.86 2.55
C ILE B 234 -19.08 -3.06 2.61
N THR B 235 -18.59 -2.54 1.48
CA THR B 235 -17.33 -1.80 1.50
C THR B 235 -17.59 -0.34 1.87
N ASN B 236 -17.73 -0.10 3.18
CA ASN B 236 -18.05 1.22 3.71
C ASN B 236 -17.78 1.26 5.21
N CYS B 237 -16.91 2.17 5.66
CA CYS B 237 -16.49 2.12 7.06
C CYS B 237 -17.62 2.45 8.05
N PHE B 238 -18.65 3.17 7.63
CA PHE B 238 -19.72 3.42 8.60
C PHE B 238 -20.57 2.19 8.89
N ARG B 239 -20.40 1.10 8.12
CA ARG B 239 -21.00 -0.17 8.55
C ARG B 239 -20.33 -0.72 9.81
N LEU B 240 -19.16 -0.20 10.18
CA LEU B 240 -18.53 -0.58 11.44
C LEU B 240 -19.28 -0.10 12.67
N CYS B 241 -19.81 1.12 12.67
CA CYS B 241 -20.50 1.64 13.84
C CYS B 241 -22.00 1.42 13.67
N ASP B 242 -22.74 1.67 14.74
CA ASP B 242 -24.19 1.56 14.71
C ASP B 242 -24.74 2.94 14.35
N VAL B 243 -25.00 3.16 13.07
CA VAL B 243 -25.45 4.48 12.65
C VAL B 243 -26.84 4.82 13.17
N SER B 244 -27.63 3.84 13.62
CA SER B 244 -28.93 4.17 14.21
C SER B 244 -28.80 4.72 15.62
N ASP B 245 -27.63 4.66 16.21
CA ASP B 245 -27.35 5.13 17.56
C ASP B 245 -26.57 6.42 17.43
N GLU B 246 -27.23 7.54 17.73
CA GLU B 246 -26.63 8.85 17.51
C GLU B 246 -25.29 8.98 18.21
N THR B 247 -25.23 8.59 19.48
CA THR B 247 -24.01 8.80 20.25
C THR B 247 -22.89 7.87 19.77
N ALA B 248 -23.24 6.65 19.36
CA ALA B 248 -22.23 5.79 18.77
C ALA B 248 -21.74 6.36 17.43
N PHE B 249 -22.68 6.87 16.62
CA PHE B 249 -22.28 7.40 15.33
C PHE B 249 -21.34 8.58 15.48
N LYS B 250 -21.66 9.52 16.37
CA LYS B 250 -20.82 10.70 16.48
C LYS B 250 -19.46 10.36 17.07
N GLU B 251 -19.38 9.34 17.93
CA GLU B 251 -18.07 8.93 18.43
C GLU B 251 -17.21 8.35 17.30
N PHE B 252 -17.81 7.51 16.48
CA PHE B 252 -17.11 6.96 15.31
C PHE B 252 -16.72 8.07 14.33
N PHE B 253 -17.66 8.96 14.04
CA PHE B 253 -17.38 10.02 13.08
C PHE B 253 -16.23 10.90 13.58
N GLN B 254 -16.24 11.24 14.87
CA GLN B 254 -15.11 11.91 15.49
C GLN B 254 -13.81 11.15 15.25
N ALA B 255 -13.78 9.87 15.56
CA ALA B 255 -12.57 9.09 15.34
C ALA B 255 -12.12 9.19 13.88
N ARG B 256 -13.06 9.21 12.94
CA ARG B 256 -12.66 9.31 11.54
C ARG B 256 -12.14 10.71 11.19
N LEU B 257 -12.77 11.76 11.75
CA LEU B 257 -12.23 13.11 11.58
C LEU B 257 -10.79 13.21 12.08
N ASP B 258 -10.53 12.65 13.28
CA ASP B 258 -9.17 12.63 13.81
C ASP B 258 -8.21 11.91 12.85
N ASP B 259 -8.65 10.81 12.26
CA ASP B 259 -7.83 10.12 11.27
C ASP B 259 -7.42 11.06 10.13
N MET B 260 -8.42 11.77 9.58
CA MET B 260 -8.14 12.68 8.47
C MET B 260 -7.16 13.77 8.87
N ILE B 261 -7.35 14.32 10.07
CA ILE B 261 -6.52 15.41 10.57
C ILE B 261 -5.07 14.96 10.69
N GLU B 262 -4.87 13.80 11.30
CA GLU B 262 -3.51 13.35 11.50
C GLU B 262 -2.81 13.09 10.16
N ASP B 263 -3.54 12.53 9.18
CA ASP B 263 -2.98 12.35 7.84
C ASP B 263 -2.61 13.70 7.22
N ILE B 264 -3.50 14.68 7.34
CA ILE B 264 -3.23 15.97 6.73
C ILE B 264 -2.01 16.63 7.33
N GLU B 265 -1.88 16.60 8.66
CA GLU B 265 -0.70 17.20 9.28
C GLU B 265 0.60 16.48 8.88
N CYS B 266 0.59 15.15 8.82
CA CYS B 266 1.77 14.45 8.32
C CYS B 266 2.01 14.71 6.83
N ILE B 267 0.96 14.97 6.06
CA ILE B 267 1.17 15.31 4.65
C ILE B 267 1.96 16.63 4.49
N LYS B 268 1.83 17.54 5.46
CA LYS B 268 2.56 18.81 5.39
C LYS B 268 4.07 18.66 5.54
N ALA B 269 4.57 17.45 5.83
CA ALA B 269 6.01 17.22 5.83
C ALA B 269 6.55 16.89 4.45
N PHE B 270 5.70 16.57 3.48
CA PHE B 270 6.19 16.30 2.14
C PHE B 270 6.62 17.61 1.47
N ASP B 271 7.22 17.52 0.29
CA ASP B 271 7.62 18.71 -0.44
C ASP B 271 6.37 19.49 -0.85
N GLN B 272 6.58 20.74 -1.27
CA GLN B 272 5.46 21.63 -1.56
C GLN B 272 4.56 21.08 -2.66
N LEU B 273 5.12 20.73 -3.81
CA LEU B 273 4.29 20.24 -4.90
C LEU B 273 3.51 19.01 -4.47
N THR B 274 4.19 18.03 -3.89
CA THR B 274 3.51 16.80 -3.48
C THR B 274 2.39 17.08 -2.49
N GLN B 275 2.64 17.94 -1.48
CA GLN B 275 1.58 18.15 -0.50
C GLN B 275 0.39 18.89 -1.09
N ASP B 276 0.61 19.73 -2.11
CA ASP B 276 -0.54 20.34 -2.77
C ASP B 276 -1.34 19.30 -3.51
N VAL B 277 -0.67 18.42 -4.25
CA VAL B 277 -1.35 17.33 -4.93
C VAL B 277 -2.18 16.53 -3.94
N PHE B 278 -1.55 16.09 -2.83
CA PHE B 278 -2.26 15.25 -1.87
C PHE B 278 -3.48 15.98 -1.28
N LEU B 279 -3.28 17.24 -0.85
CA LEU B 279 -4.36 17.93 -0.16
C LEU B 279 -5.47 18.36 -1.13
N ASP B 280 -5.11 18.71 -2.38
CA ASP B 280 -6.15 19.03 -3.35
C ASP B 280 -6.91 17.77 -3.76
N LEU B 281 -6.25 16.61 -3.69
CA LEU B 281 -6.97 15.36 -3.94
C LEU B 281 -8.03 15.13 -2.88
N ILE B 282 -7.66 15.26 -1.60
CA ILE B 282 -8.61 14.97 -0.53
C ILE B 282 -9.68 16.06 -0.48
N TYR B 283 -9.28 17.31 -0.57
CA TYR B 283 -10.25 18.40 -0.46
C TYR B 283 -11.12 18.48 -1.72
N GLY B 284 -10.52 18.35 -2.90
CA GLY B 284 -11.30 18.33 -4.13
C GLY B 284 -12.31 17.19 -4.17
N ASN B 285 -11.90 16.01 -3.67
CA ASN B 285 -12.86 14.91 -3.66
C ASN B 285 -14.07 15.27 -2.81
N PHE B 286 -13.85 15.99 -1.72
CA PHE B 286 -14.98 16.39 -0.88
C PHE B 286 -15.88 17.40 -1.59
N VAL B 287 -15.29 18.35 -2.31
CA VAL B 287 -16.12 19.32 -3.06
C VAL B 287 -16.93 18.62 -4.14
N TRP B 288 -16.27 17.77 -4.92
CA TRP B 288 -16.94 17.01 -5.97
C TRP B 288 -18.03 16.12 -5.40
N THR B 289 -17.71 15.38 -4.34
CA THR B 289 -18.67 14.46 -3.75
C THR B 289 -19.94 15.19 -3.31
N THR B 290 -19.80 16.37 -2.71
CA THR B 290 -20.95 17.05 -2.15
C THR B 290 -21.76 17.81 -3.21
N SER B 291 -21.25 17.93 -4.43
CA SER B 291 -21.95 18.65 -5.50
C SER B 291 -22.44 17.73 -6.62
N ASN B 292 -22.41 16.43 -6.42
CA ASN B 292 -22.55 15.44 -7.49
C ASN B 292 -23.79 14.61 -7.19
N LYS B 293 -24.71 14.56 -8.14
CA LYS B 293 -25.96 13.84 -7.89
C LYS B 293 -25.72 12.36 -7.63
N ARG B 294 -24.59 11.83 -8.11
CA ARG B 294 -24.20 10.47 -7.77
C ARG B 294 -24.38 10.19 -6.29
N TYR B 295 -24.01 11.13 -5.43
CA TYR B 295 -24.01 10.96 -3.99
C TYR B 295 -25.21 11.63 -3.32
N LYS B 296 -26.29 11.86 -4.07
CA LYS B 296 -27.47 12.53 -3.56
C LYS B 296 -28.71 11.66 -3.46
N THR B 297 -28.73 10.48 -4.05
CA THR B 297 -29.90 9.62 -3.89
C THR B 297 -29.46 8.16 -3.91
N ALA B 298 -30.17 7.33 -3.13
CA ALA B 298 -29.76 5.94 -2.95
C ALA B 298 -29.75 5.18 -4.28
N VAL B 299 -30.63 5.57 -5.21
CA VAL B 299 -30.64 5.03 -6.56
C VAL B 299 -31.24 6.09 -7.48
N ASN B 300 -30.38 6.92 -8.08
CA ASN B 300 -30.83 7.91 -9.06
C ASN B 300 -30.13 7.62 -10.39
N ASP B 301 -30.04 8.64 -11.23
CA ASP B 301 -29.54 8.42 -12.57
C ASP B 301 -28.06 8.06 -12.60
N VAL B 302 -27.15 8.94 -12.20
CA VAL B 302 -25.74 8.73 -12.49
C VAL B 302 -25.04 7.80 -11.50
N ASN B 303 -25.80 7.12 -10.61
CA ASN B 303 -25.18 6.19 -9.67
C ASN B 303 -25.74 4.78 -9.72
N SER B 304 -26.86 4.55 -10.40
CA SER B 304 -27.58 3.33 -10.10
C SER B 304 -26.97 2.15 -10.83
N ARG B 305 -27.05 0.99 -10.18
CA ARG B 305 -26.22 -0.11 -10.60
C ARG B 305 -26.56 -0.42 -12.03
N ILE B 306 -25.51 -0.69 -12.81
CA ILE B 306 -25.71 -1.37 -14.06
C ILE B 306 -25.83 -2.85 -13.70
N GLN B 307 -26.84 -3.16 -12.85
CA GLN B 307 -27.42 -4.48 -12.64
C GLN B 307 -28.74 -4.60 -13.39
N ALA B 308 -29.73 -3.81 -12.97
CA ALA B 308 -31.04 -3.76 -13.63
C ALA B 308 -31.54 -2.33 -13.70
N GLY A 14 18.71 4.27 29.68
CA GLY A 14 17.64 4.91 30.44
C GLY A 14 16.38 5.01 29.61
N ARG A 15 16.55 4.85 28.30
CA ARG A 15 15.46 4.61 27.36
C ARG A 15 16.01 4.19 26.02
N SER A 16 17.22 3.65 26.02
CA SER A 16 17.90 3.15 24.84
C SER A 16 18.13 1.65 24.89
N SER A 17 17.38 0.92 25.73
CA SER A 17 17.53 -0.52 25.72
C SER A 17 16.18 -1.18 26.01
N VAL A 18 15.91 -2.26 25.29
CA VAL A 18 14.80 -3.14 25.63
C VAL A 18 15.30 -4.45 26.21
N ARG A 19 16.62 -4.57 26.44
CA ARG A 19 17.19 -5.77 27.02
C ARG A 19 16.51 -6.22 28.32
N PRO A 20 16.07 -5.35 29.23
CA PRO A 20 15.29 -5.84 30.38
C PRO A 20 14.11 -6.73 30.02
N TYR A 21 13.50 -6.56 28.84
CA TYR A 21 12.31 -7.29 28.45
C TYR A 21 12.57 -8.42 27.45
N LEU A 22 13.84 -8.69 27.12
CA LEU A 22 14.13 -9.58 26.00
C LEU A 22 13.48 -10.95 26.16
N GLU A 23 13.60 -11.55 27.35
CA GLU A 23 13.12 -12.90 27.55
C GLU A 23 11.59 -12.97 27.54
N GLU A 24 10.93 -12.13 28.33
CA GLU A 24 9.47 -12.11 28.36
C GLU A 24 8.88 -11.84 26.99
N CYS A 25 9.41 -10.83 26.28
CA CYS A 25 8.86 -10.51 24.97
C CYS A 25 9.09 -11.65 23.98
N THR A 26 10.28 -12.26 24.02
CA THR A 26 10.53 -13.40 23.14
C THR A 26 9.51 -14.49 23.39
N ARG A 27 9.29 -14.85 24.66
CA ARG A 27 8.35 -15.93 24.90
C ARG A 27 6.91 -15.52 24.57
N ARG A 28 6.59 -14.22 24.70
CA ARG A 28 5.26 -13.75 24.31
C ARG A 28 5.02 -13.86 22.81
N PHE A 29 5.98 -13.37 22.01
CA PHE A 29 5.92 -13.56 20.55
C PHE A 29 5.68 -15.03 20.22
N GLN A 30 6.49 -15.92 20.79
CA GLN A 30 6.38 -17.32 20.42
C GLN A 30 5.03 -17.90 20.79
N GLU A 31 4.53 -17.58 21.99
CA GLU A 31 3.23 -18.12 22.41
C GLU A 31 2.12 -17.63 21.49
N MET A 32 2.22 -16.38 21.05
CA MET A 32 1.23 -15.82 20.14
C MET A 32 1.23 -16.60 18.82
N PHE A 33 2.42 -16.85 18.27
CA PHE A 33 2.52 -17.64 17.06
C PHE A 33 1.95 -19.04 17.24
N ASP A 34 2.24 -19.69 18.37
CA ASP A 34 1.84 -21.08 18.49
C ASP A 34 0.32 -21.21 18.58
N ARG A 35 -0.33 -20.19 19.14
CA ARG A 35 -1.75 -20.28 19.33
C ARG A 35 -2.53 -19.87 18.08
N HIS A 36 -2.00 -18.96 17.26
CA HIS A 36 -2.74 -18.41 16.13
C HIS A 36 -2.23 -18.88 14.77
N VAL A 37 -0.94 -19.19 14.65
CA VAL A 37 -0.36 -19.68 13.41
C VAL A 37 -0.20 -21.19 13.43
N VAL A 38 0.38 -21.73 14.51
CA VAL A 38 0.48 -23.15 14.81
C VAL A 38 1.58 -23.82 13.98
N THR A 39 1.42 -23.86 12.65
CA THR A 39 2.42 -24.52 11.81
C THR A 39 3.76 -23.78 11.89
N ARG A 40 4.82 -24.55 12.11
CA ARG A 40 6.17 -24.00 12.24
C ARG A 40 6.74 -23.63 10.87
N PRO A 41 7.50 -22.54 10.78
CA PRO A 41 8.28 -22.27 9.57
C PRO A 41 9.20 -23.44 9.22
N THR A 42 9.44 -23.63 7.92
CA THR A 42 10.42 -24.61 7.43
C THR A 42 11.58 -23.89 6.76
N LYS A 43 12.80 -24.34 7.04
CA LYS A 43 13.97 -23.74 6.43
C LYS A 43 14.23 -24.40 5.08
N VAL A 44 14.45 -23.59 4.05
CA VAL A 44 14.86 -24.09 2.74
C VAL A 44 16.33 -24.48 2.83
N GLU A 45 16.63 -25.73 2.49
CA GLU A 45 18.01 -26.15 2.37
C GLU A 45 18.47 -25.83 0.96
N LEU A 46 19.49 -25.01 0.85
CA LEU A 46 20.19 -24.80 -0.42
C LEU A 46 21.39 -25.74 -0.47
N THR A 47 21.62 -26.35 -1.64
CA THR A 47 22.85 -27.11 -1.76
C THR A 47 24.05 -26.18 -1.67
N ASP A 48 25.23 -26.81 -1.55
CA ASP A 48 26.47 -26.05 -1.58
C ASP A 48 26.58 -25.24 -2.87
N ALA A 49 26.28 -25.87 -4.02
CA ALA A 49 26.36 -25.17 -5.30
C ALA A 49 25.42 -23.97 -5.36
N GLU A 50 24.17 -24.11 -4.91
CA GLU A 50 23.27 -22.97 -5.07
C GLU A 50 23.55 -21.90 -4.03
N LEU A 51 24.03 -22.29 -2.84
CA LEU A 51 24.38 -21.26 -1.86
C LEU A 51 25.61 -20.50 -2.30
N ARG A 52 26.55 -21.16 -2.98
CA ARG A 52 27.73 -20.43 -3.44
C ARG A 52 27.43 -19.64 -4.71
N GLU A 53 26.46 -20.09 -5.52
CA GLU A 53 26.02 -19.27 -6.64
C GLU A 53 25.37 -17.97 -6.15
N VAL A 54 24.55 -18.05 -5.11
CA VAL A 54 23.89 -16.86 -4.58
C VAL A 54 24.93 -15.87 -4.10
N ILE A 55 25.89 -16.34 -3.29
CA ILE A 55 26.89 -15.45 -2.73
C ILE A 55 27.77 -14.87 -3.83
N ASP A 56 28.15 -15.70 -4.81
CA ASP A 56 28.88 -15.20 -5.96
C ASP A 56 28.19 -13.98 -6.58
N ASP A 57 26.88 -14.12 -6.89
CA ASP A 57 26.17 -13.04 -7.55
C ASP A 57 25.98 -11.83 -6.62
N CYS A 58 25.84 -12.06 -5.31
CA CYS A 58 25.81 -10.97 -4.35
C CYS A 58 27.11 -10.16 -4.41
N ASN A 59 28.26 -10.83 -4.38
CA ASN A 59 29.54 -10.12 -4.40
C ASN A 59 29.71 -9.36 -5.69
N ALA A 60 29.33 -9.96 -6.83
CA ALA A 60 29.41 -9.25 -8.10
C ALA A 60 28.52 -8.02 -8.11
N ALA A 61 27.35 -8.11 -7.47
CA ALA A 61 26.40 -7.00 -7.51
C ALA A 61 26.92 -5.79 -6.75
N VAL A 62 27.48 -6.00 -5.56
CA VAL A 62 27.89 -4.87 -4.73
C VAL A 62 29.34 -4.48 -4.97
N ALA A 63 30.13 -5.30 -5.64
CA ALA A 63 31.54 -4.97 -5.87
C ALA A 63 31.76 -3.55 -6.39
N PRO A 64 30.97 -3.01 -7.32
CA PRO A 64 31.24 -1.64 -7.80
C PRO A 64 31.09 -0.58 -6.74
N LEU A 65 30.40 -0.87 -5.63
CA LEU A 65 30.30 0.07 -4.53
C LEU A 65 31.53 0.05 -3.63
N GLY A 66 32.43 -0.92 -3.83
CA GLY A 66 33.75 -0.86 -3.24
C GLY A 66 33.91 -1.42 -1.85
N LYS A 67 32.90 -2.06 -1.27
CA LYS A 67 32.97 -2.51 0.12
C LYS A 67 32.80 -4.03 0.20
N THR A 68 33.76 -4.66 0.87
CA THR A 68 33.80 -6.11 1.05
C THR A 68 32.71 -6.56 2.00
N VAL A 69 31.99 -7.61 1.61
CA VAL A 69 31.00 -8.26 2.45
C VAL A 69 31.46 -9.69 2.68
N SER A 70 31.55 -10.09 3.94
CA SER A 70 32.00 -11.44 4.26
C SER A 70 30.88 -12.45 4.02
N ASP A 71 31.28 -13.70 3.81
CA ASP A 71 30.31 -14.76 3.58
C ASP A 71 29.35 -14.91 4.76
N GLU A 72 29.84 -14.75 5.99
CA GLU A 72 28.91 -14.93 7.11
C GLU A 72 28.01 -13.71 7.29
N ARG A 73 28.42 -12.54 6.80
CA ARG A 73 27.45 -11.45 6.70
C ARG A 73 26.40 -11.75 5.61
N TRP A 74 26.82 -12.28 4.46
CA TRP A 74 25.83 -12.70 3.47
C TRP A 74 24.86 -13.73 4.05
N ILE A 75 25.40 -14.71 4.78
CA ILE A 75 24.57 -15.78 5.32
C ILE A 75 23.57 -15.21 6.32
N SER A 76 24.00 -14.21 7.10
CA SER A 76 23.09 -13.60 8.03
C SER A 76 21.95 -12.90 7.29
N TYR A 77 22.28 -12.16 6.24
CA TYR A 77 21.23 -11.50 5.45
C TYR A 77 20.30 -12.52 4.79
N VAL A 78 20.87 -13.60 4.22
CA VAL A 78 20.07 -14.52 3.41
C VAL A 78 19.15 -15.37 4.27
N GLY A 79 19.44 -15.51 5.57
CA GLY A 79 18.64 -16.39 6.41
C GLY A 79 17.16 -16.06 6.42
N VAL A 80 16.80 -14.78 6.23
CA VAL A 80 15.39 -14.42 6.24
C VAL A 80 14.67 -15.07 5.06
N VAL A 81 15.34 -15.17 3.91
CA VAL A 81 14.72 -15.84 2.77
C VAL A 81 14.62 -17.34 3.03
N LEU A 82 15.67 -17.91 3.64
CA LEU A 82 15.68 -19.36 3.85
C LEU A 82 14.57 -19.77 4.79
N TRP A 83 14.23 -18.91 5.75
CA TRP A 83 13.30 -19.25 6.81
C TRP A 83 11.90 -18.68 6.63
N SER A 84 11.73 -17.67 5.77
CA SER A 84 10.47 -16.95 5.73
C SER A 84 9.74 -17.08 4.40
N GLN A 85 10.19 -17.97 3.51
CA GLN A 85 9.40 -18.34 2.35
C GLN A 85 8.57 -19.57 2.74
N SER A 86 7.93 -20.20 1.77
CA SER A 86 6.97 -21.27 2.03
C SER A 86 7.40 -22.49 1.24
N PRO A 87 8.36 -23.27 1.75
CA PRO A 87 9.02 -24.30 0.92
C PRO A 87 8.07 -25.33 0.35
N ARG A 88 6.93 -25.56 1.01
CA ARG A 88 5.95 -26.52 0.52
C ARG A 88 5.38 -26.11 -0.83
N HIS A 89 5.26 -24.81 -1.05
CA HIS A 89 4.62 -24.25 -2.22
C HIS A 89 5.60 -23.79 -3.27
N ILE A 90 6.90 -23.97 -3.07
CA ILE A 90 7.86 -23.48 -4.07
C ILE A 90 7.65 -24.23 -5.38
N LYS A 91 7.54 -23.46 -6.47
CA LYS A 91 7.57 -23.99 -7.83
C LYS A 91 8.87 -23.70 -8.55
N ASP A 92 9.43 -22.51 -8.37
CA ASP A 92 10.50 -22.01 -9.22
C ASP A 92 11.70 -21.64 -8.35
N MET A 93 12.71 -22.53 -8.28
CA MET A 93 13.90 -22.24 -7.48
C MET A 93 14.78 -21.18 -8.11
N GLU A 94 14.64 -20.91 -9.40
CA GLU A 94 15.33 -19.77 -9.99
C GLU A 94 14.83 -18.45 -9.37
N ALA A 95 13.52 -18.29 -9.25
CA ALA A 95 12.99 -17.12 -8.57
C ALA A 95 13.39 -17.09 -7.10
N PHE A 96 13.45 -18.26 -6.44
CA PHE A 96 13.91 -18.29 -5.06
C PHE A 96 15.34 -17.77 -4.93
N LYS A 97 16.24 -18.25 -5.80
CA LYS A 97 17.62 -17.77 -5.77
C LYS A 97 17.68 -16.26 -6.00
N ALA A 98 16.82 -15.75 -6.89
CA ALA A 98 16.76 -14.32 -7.15
C ALA A 98 16.38 -13.55 -5.90
N VAL A 99 15.39 -14.05 -5.16
CA VAL A 99 14.99 -13.37 -3.93
C VAL A 99 16.12 -13.40 -2.91
N CYS A 100 16.85 -14.53 -2.83
CA CYS A 100 18.05 -14.55 -1.99
C CYS A 100 18.99 -13.41 -2.34
N VAL A 101 19.36 -13.30 -3.62
CA VAL A 101 20.36 -12.33 -4.04
C VAL A 101 19.85 -10.90 -3.81
N LEU A 102 18.64 -10.61 -4.31
CA LEU A 102 18.08 -9.26 -4.18
C LEU A 102 17.88 -8.87 -2.72
N ASN A 103 17.35 -9.78 -1.90
CA ASN A 103 17.23 -9.49 -0.47
C ASN A 103 18.57 -9.11 0.13
N CYS A 104 19.62 -9.86 -0.22
CA CYS A 104 20.92 -9.66 0.38
C CYS A 104 21.55 -8.35 -0.07
N VAL A 105 21.54 -8.08 -1.37
CA VAL A 105 22.30 -6.90 -1.83
C VAL A 105 21.61 -5.61 -1.40
N THR A 106 20.28 -5.59 -1.31
CA THR A 106 19.61 -4.40 -0.80
C THR A 106 19.72 -4.29 0.72
N PHE A 107 20.01 -5.40 1.39
CA PHE A 107 20.37 -5.33 2.79
C PHE A 107 21.70 -4.60 3.00
N VAL A 108 22.70 -4.88 2.16
CA VAL A 108 23.94 -4.11 2.19
C VAL A 108 23.63 -2.61 2.02
N TRP A 109 22.80 -2.28 1.03
CA TRP A 109 22.39 -0.90 0.81
C TRP A 109 21.79 -0.29 2.09
N ASP A 110 20.92 -1.05 2.77
CA ASP A 110 20.32 -0.60 4.02
C ASP A 110 21.38 -0.30 5.07
N ASP A 111 22.45 -1.09 5.10
CA ASP A 111 23.52 -0.92 6.07
C ASP A 111 24.62 0.03 5.60
N MET A 112 24.43 0.73 4.48
CA MET A 112 25.49 1.55 3.91
C MET A 112 25.31 3.04 4.17
N ASP A 113 26.44 3.73 4.24
CA ASP A 113 26.52 5.17 4.08
C ASP A 113 25.74 5.62 2.86
N PRO A 114 24.96 6.69 2.95
CA PRO A 114 24.38 7.26 1.71
C PRO A 114 25.44 7.73 0.75
N ALA A 115 26.64 8.08 1.26
CA ALA A 115 27.75 8.41 0.37
C ALA A 115 28.21 7.22 -0.46
N LEU A 116 28.04 6.00 0.07
CA LEU A 116 28.40 4.79 -0.66
C LEU A 116 27.37 4.40 -1.70
N HIS A 117 26.18 4.98 -1.67
CA HIS A 117 25.18 4.66 -2.67
C HIS A 117 25.68 5.24 -3.99
N ASP A 118 25.45 4.53 -5.08
CA ASP A 118 25.66 5.05 -6.43
C ASP A 118 24.67 4.33 -7.30
N PHE A 119 23.59 5.03 -7.66
CA PHE A 119 22.54 4.42 -8.44
C PHE A 119 23.04 4.03 -9.83
N GLY A 120 23.95 4.83 -10.39
CA GLY A 120 24.48 4.52 -11.72
C GLY A 120 25.28 3.22 -11.77
N LEU A 121 25.94 2.86 -10.67
CA LEU A 121 26.67 1.60 -10.62
C LEU A 121 25.80 0.44 -10.16
N PHE A 122 24.87 0.69 -9.23
CA PHE A 122 24.14 -0.40 -8.62
C PHE A 122 22.88 -0.78 -9.37
N LEU A 123 22.15 0.19 -9.91
CA LEU A 123 20.91 -0.14 -10.60
C LEU A 123 21.13 -1.09 -11.78
N PRO A 124 22.10 -0.88 -12.68
CA PRO A 124 22.38 -1.92 -13.69
C PRO A 124 22.66 -3.29 -13.10
N GLN A 125 23.23 -3.37 -11.89
CA GLN A 125 23.48 -4.67 -11.29
C GLN A 125 22.18 -5.34 -10.88
N LEU A 126 21.25 -4.60 -10.28
CA LEU A 126 19.94 -5.16 -9.95
C LEU A 126 19.22 -5.65 -11.21
N ARG A 127 19.24 -4.83 -12.26
CA ARG A 127 18.58 -5.20 -13.51
C ARG A 127 19.10 -6.52 -14.05
N LYS A 128 20.41 -6.72 -14.01
CA LYS A 128 20.99 -7.94 -14.55
C LYS A 128 20.63 -9.16 -13.70
N ILE A 129 20.60 -9.00 -12.38
CA ILE A 129 20.09 -10.07 -11.52
C ILE A 129 18.67 -10.42 -11.90
N CYS A 130 17.83 -9.39 -12.09
CA CYS A 130 16.42 -9.65 -12.37
C CYS A 130 16.23 -10.38 -13.70
N GLU A 131 16.92 -9.95 -14.75
CA GLU A 131 16.69 -10.59 -16.05
C GLU A 131 17.32 -11.99 -16.09
N LYS A 132 18.33 -12.26 -15.26
CA LYS A 132 18.94 -13.58 -15.25
C LYS A 132 17.95 -14.64 -14.73
N TYR A 133 17.29 -14.36 -13.61
CA TYR A 133 16.53 -15.38 -12.89
C TYR A 133 15.04 -15.39 -13.21
N TYR A 134 14.50 -14.30 -13.74
CA TYR A 134 13.08 -14.19 -14.03
C TYR A 134 12.82 -14.15 -15.53
N GLY A 135 11.54 -14.34 -15.90
CA GLY A 135 11.10 -14.11 -17.25
C GLY A 135 10.87 -12.63 -17.51
N PRO A 136 10.46 -12.29 -18.74
CA PRO A 136 10.40 -10.86 -19.12
C PRO A 136 9.40 -10.02 -18.32
N GLU A 137 8.18 -10.49 -18.08
CA GLU A 137 7.28 -9.73 -17.21
C GLU A 137 7.86 -9.62 -15.80
N ASP A 138 8.08 -10.76 -15.16
CA ASP A 138 8.48 -10.78 -13.75
C ASP A 138 9.78 -10.01 -13.51
N ALA A 139 10.73 -10.07 -14.45
CA ALA A 139 11.98 -9.31 -14.30
C ALA A 139 11.69 -7.83 -14.15
N GLU A 140 10.76 -7.29 -14.94
CA GLU A 140 10.51 -5.85 -14.84
C GLU A 140 9.80 -5.52 -13.54
N VAL A 141 8.91 -6.39 -13.07
CA VAL A 141 8.21 -6.16 -11.80
C VAL A 141 9.21 -6.23 -10.64
N ALA A 142 10.08 -7.24 -10.64
CA ALA A 142 11.05 -7.35 -9.55
C ALA A 142 12.03 -6.18 -9.57
N TYR A 143 12.51 -5.77 -10.74
CA TYR A 143 13.46 -4.67 -10.78
C TYR A 143 12.83 -3.36 -10.31
N GLU A 144 11.60 -3.08 -10.76
CA GLU A 144 10.95 -1.84 -10.31
C GLU A 144 10.83 -1.79 -8.79
N ALA A 145 10.39 -2.89 -8.18
CA ALA A 145 10.28 -2.92 -6.72
C ALA A 145 11.66 -2.77 -6.05
N ALA A 146 12.71 -3.43 -6.59
CA ALA A 146 14.04 -3.26 -6.04
C ALA A 146 14.51 -1.81 -6.16
N ARG A 147 14.38 -1.25 -7.36
CA ARG A 147 14.67 0.16 -7.61
C ARG A 147 13.93 1.07 -6.64
N ALA A 148 12.61 0.88 -6.52
CA ALA A 148 11.81 1.70 -5.61
C ALA A 148 12.30 1.58 -4.16
N PHE A 149 12.69 0.37 -3.74
CA PHE A 149 13.16 0.23 -2.37
C PHE A 149 14.47 0.99 -2.13
N VAL A 150 15.50 0.73 -2.94
CA VAL A 150 16.79 1.38 -2.67
C VAL A 150 16.66 2.89 -2.80
N THR A 151 15.83 3.35 -3.72
CA THR A 151 15.58 4.79 -3.84
C THR A 151 14.93 5.33 -2.58
N SER A 152 13.93 4.62 -2.05
CA SER A 152 13.26 5.05 -0.83
C SER A 152 14.23 5.07 0.35
N ASP A 153 14.98 3.98 0.54
CA ASP A 153 15.94 3.96 1.65
C ASP A 153 16.89 5.14 1.54
N HIS A 154 17.33 5.47 0.32
CA HIS A 154 18.28 6.56 0.16
C HIS A 154 17.63 7.91 0.42
N MET A 155 16.56 8.22 -0.31
CA MET A 155 16.03 9.57 -0.25
C MET A 155 15.36 9.84 1.08
N PHE A 156 15.14 8.83 1.92
CA PHE A 156 14.56 9.11 3.23
C PHE A 156 15.57 9.21 4.35
N ARG A 157 16.87 9.01 4.10
CA ARG A 157 17.85 9.34 5.13
C ARG A 157 17.83 10.85 5.28
N ASP A 158 17.90 11.35 6.51
CA ASP A 158 17.89 12.81 6.73
C ASP A 158 16.52 13.47 6.45
N SER A 159 15.47 12.65 6.16
CA SER A 159 14.24 13.30 5.62
C SER A 159 13.28 13.80 6.72
N PRO A 160 12.76 15.02 6.59
CA PRO A 160 11.64 15.43 7.46
C PRO A 160 10.42 14.53 7.36
N ILE A 161 10.16 13.93 6.20
CA ILE A 161 8.98 13.09 6.06
C ILE A 161 9.11 11.84 6.94
N LYS A 162 10.28 11.20 6.89
CA LYS A 162 10.52 10.08 7.78
C LYS A 162 10.30 10.49 9.23
N ALA A 163 10.81 11.67 9.60
CA ALA A 163 10.62 12.16 10.96
C ALA A 163 9.15 12.20 11.34
N ALA A 164 8.31 12.86 10.52
CA ALA A 164 6.90 12.96 10.87
C ALA A 164 6.24 11.57 10.93
N LEU A 165 6.56 10.68 10.00
CA LEU A 165 5.87 9.40 9.98
C LEU A 165 6.31 8.49 11.12
N CYS A 166 7.56 8.57 11.54
CA CYS A 166 8.01 7.70 12.63
C CYS A 166 7.62 8.20 14.01
N THR A 167 7.39 9.51 14.15
CA THR A 167 7.22 10.13 15.46
C THR A 167 5.80 10.59 15.71
N THR A 168 4.86 10.31 14.82
CA THR A 168 3.45 10.45 15.15
C THR A 168 2.96 9.14 15.76
N SER A 169 2.02 8.47 15.10
CA SER A 169 1.29 7.36 15.66
C SER A 169 1.90 6.07 15.16
N PRO A 170 1.52 4.93 15.74
CA PRO A 170 1.84 3.66 15.09
C PRO A 170 1.27 3.57 13.68
N GLU A 171 0.09 4.17 13.45
CA GLU A 171 -0.54 4.22 12.13
C GLU A 171 0.38 4.81 11.07
N GLN A 172 0.86 6.04 11.31
CA GLN A 172 1.74 6.69 10.34
C GLN A 172 3.02 5.87 10.15
N TYR A 173 3.56 5.36 11.26
CA TYR A 173 4.82 4.64 11.21
C TYR A 173 4.70 3.38 10.34
N PHE A 174 3.68 2.56 10.59
CA PHE A 174 3.56 1.33 9.82
C PHE A 174 3.27 1.61 8.36
N ARG A 175 2.57 2.72 8.07
CA ARG A 175 2.34 3.14 6.69
C ARG A 175 3.65 3.39 5.96
N PHE A 176 4.62 4.02 6.62
CA PHE A 176 5.95 4.19 6.05
C PHE A 176 6.65 2.85 5.85
N ARG A 177 6.48 1.92 6.79
CA ARG A 177 7.25 0.68 6.75
C ARG A 177 6.75 -0.30 5.70
N VAL A 178 5.54 -0.14 5.15
CA VAL A 178 5.10 -0.98 4.02
C VAL A 178 6.17 -1.02 2.95
N THR A 179 6.76 0.13 2.63
CA THR A 179 7.87 0.19 1.70
C THR A 179 9.21 0.04 2.43
N ASP A 180 9.39 0.74 3.54
CA ASP A 180 10.73 0.87 4.10
C ASP A 180 11.27 -0.43 4.71
N ILE A 181 10.42 -1.33 5.20
CA ILE A 181 10.97 -2.62 5.65
C ILE A 181 11.08 -3.61 4.49
N GLY A 182 10.86 -3.16 3.26
CA GLY A 182 11.15 -3.99 2.11
C GLY A 182 10.12 -5.04 1.79
N VAL A 183 9.02 -5.10 2.54
CA VAL A 183 8.05 -6.18 2.32
C VAL A 183 7.28 -6.03 1.01
N ASP A 184 6.95 -4.79 0.58
CA ASP A 184 6.33 -4.67 -0.74
C ASP A 184 7.25 -5.21 -1.83
N PHE A 185 8.52 -4.81 -1.77
CA PHE A 185 9.55 -5.34 -2.66
C PHE A 185 9.60 -6.86 -2.58
N TRP A 186 9.59 -7.41 -1.36
CA TRP A 186 9.65 -8.86 -1.16
C TRP A 186 8.51 -9.58 -1.87
N MET A 187 7.27 -9.09 -1.70
CA MET A 187 6.12 -9.74 -2.32
C MET A 187 6.26 -9.74 -3.84
N LYS A 188 6.66 -8.59 -4.40
CA LYS A 188 6.72 -8.43 -5.85
C LYS A 188 7.88 -9.19 -6.48
N MET A 189 8.91 -9.52 -5.72
CA MET A 189 9.94 -10.41 -6.27
C MET A 189 9.71 -11.88 -5.93
N SER A 190 8.81 -12.18 -4.99
CA SER A 190 8.58 -13.55 -4.54
C SER A 190 7.41 -14.25 -5.23
N TYR A 191 6.44 -13.52 -5.80
CA TYR A 191 5.33 -14.22 -6.42
C TYR A 191 5.77 -15.19 -7.52
N PRO A 192 6.84 -14.96 -8.30
CA PRO A 192 7.22 -15.99 -9.29
C PRO A 192 7.70 -17.28 -8.66
N ILE A 193 8.11 -17.26 -7.39
CA ILE A 193 8.49 -18.50 -6.70
C ILE A 193 7.31 -19.48 -6.69
N TYR A 194 6.10 -18.95 -6.53
CA TYR A 194 4.90 -19.74 -6.27
C TYR A 194 4.02 -19.91 -7.49
N ARG A 195 4.11 -19.01 -8.47
CA ARG A 195 3.30 -19.10 -9.69
C ARG A 195 1.83 -19.36 -9.37
N HIS A 196 1.32 -18.62 -8.40
CA HIS A 196 -0.02 -18.84 -7.85
C HIS A 196 -0.89 -17.61 -8.13
N PRO A 197 -1.87 -17.70 -9.01
CA PRO A 197 -2.61 -16.51 -9.45
C PRO A 197 -3.12 -15.60 -8.35
N GLU A 198 -3.76 -16.16 -7.31
CA GLU A 198 -4.24 -15.32 -6.21
C GLU A 198 -3.11 -14.50 -5.60
N PHE A 199 -2.00 -15.16 -5.24
CA PHE A 199 -0.91 -14.46 -4.56
C PHE A 199 -0.29 -13.40 -5.46
N THR A 200 -0.15 -13.72 -6.75
CA THR A 200 0.43 -12.77 -7.69
C THR A 200 -0.36 -11.46 -7.71
N GLU A 201 -1.69 -11.54 -7.67
CA GLU A 201 -2.48 -10.31 -7.63
C GLU A 201 -2.31 -9.57 -6.31
N HIS A 202 -2.37 -10.28 -5.18
CA HIS A 202 -2.22 -9.60 -3.89
C HIS A 202 -0.85 -8.96 -3.78
N ALA A 203 0.17 -9.59 -4.36
CA ALA A 203 1.49 -9.00 -4.39
C ALA A 203 1.50 -7.72 -5.22
N LYS A 204 0.84 -7.74 -6.37
CA LYS A 204 0.91 -6.60 -7.28
C LYS A 204 0.05 -5.42 -6.82
N THR A 205 -1.04 -5.68 -6.09
CA THR A 205 -1.81 -4.59 -5.47
C THR A 205 -1.17 -4.07 -4.18
N SER A 206 -0.18 -4.80 -3.64
CA SER A 206 0.46 -4.53 -2.37
C SER A 206 -0.45 -4.83 -1.18
N LEU A 207 -1.64 -5.38 -1.39
CA LEU A 207 -2.40 -5.89 -0.25
C LEU A 207 -1.57 -6.93 0.53
N ALA A 208 -0.84 -7.80 -0.18
CA ALA A 208 0.03 -8.79 0.48
C ALA A 208 1.00 -8.10 1.44
N ALA A 209 1.67 -7.05 0.97
CA ALA A 209 2.57 -6.31 1.84
C ALA A 209 1.82 -5.64 2.98
N ARG A 210 0.66 -5.04 2.69
CA ARG A 210 -0.06 -4.32 3.74
C ARG A 210 -0.52 -5.26 4.84
N MET A 211 -0.80 -6.53 4.49
CA MET A 211 -1.25 -7.51 5.47
C MET A 211 -0.12 -7.95 6.41
N THR A 212 1.13 -7.93 5.95
CA THR A 212 2.25 -8.54 6.67
C THR A 212 3.18 -7.52 7.31
N THR A 213 2.98 -6.23 7.03
CA THR A 213 3.92 -5.20 7.48
C THR A 213 4.05 -5.17 9.00
N ARG A 214 2.94 -5.18 9.73
CA ARG A 214 3.05 -5.01 11.17
C ARG A 214 3.73 -6.22 11.82
N GLY A 215 3.40 -7.43 11.37
CA GLY A 215 3.98 -8.61 11.98
C GLY A 215 5.48 -8.70 11.77
N LEU A 216 5.95 -8.30 10.59
CA LEU A 216 7.38 -8.22 10.34
C LEU A 216 8.01 -7.08 11.13
N THR A 217 7.37 -5.91 11.13
CA THR A 217 8.03 -4.72 11.65
C THR A 217 8.12 -4.74 13.16
N ILE A 218 7.07 -5.17 13.84
CA ILE A 218 7.10 -5.15 15.30
C ILE A 218 8.22 -6.07 15.80
N VAL A 219 8.38 -7.22 15.17
CA VAL A 219 9.43 -8.15 15.54
C VAL A 219 10.80 -7.55 15.24
N ASN A 220 10.98 -7.03 14.03
CA ASN A 220 12.27 -6.44 13.68
C ASN A 220 12.61 -5.29 14.63
N ASP A 221 11.63 -4.42 14.90
CA ASP A 221 11.88 -3.26 15.75
C ASP A 221 12.28 -3.67 17.17
N PHE A 222 11.63 -4.68 17.72
CA PHE A 222 11.99 -5.05 19.09
C PHE A 222 13.46 -5.44 19.16
N TYR A 223 13.90 -6.30 18.26
CA TYR A 223 15.24 -6.88 18.38
C TYR A 223 16.34 -6.02 17.76
N SER A 224 15.99 -5.02 16.94
CA SER A 224 17.00 -4.12 16.39
C SER A 224 17.02 -2.77 17.12
N TYR A 225 16.18 -2.61 18.14
CA TYR A 225 16.06 -1.35 18.84
C TYR A 225 17.40 -0.86 19.38
N ASP A 226 18.13 -1.73 20.10
CA ASP A 226 19.34 -1.28 20.75
C ASP A 226 20.37 -0.78 19.73
N ARG A 227 20.53 -1.50 18.61
CA ARG A 227 21.44 -1.05 17.55
C ARG A 227 20.98 0.27 16.94
N GLU A 228 19.70 0.35 16.58
CA GLU A 228 19.22 1.55 15.89
C GLU A 228 19.32 2.77 16.80
N VAL A 229 18.97 2.61 18.07
CA VAL A 229 18.92 3.75 18.99
C VAL A 229 20.31 4.35 19.20
N SER A 230 21.34 3.52 19.32
CA SER A 230 22.65 4.11 19.61
C SER A 230 23.19 4.88 18.41
N LEU A 231 22.74 4.55 17.21
CA LEU A 231 23.16 5.22 15.98
C LEU A 231 22.34 6.48 15.68
N GLY A 232 21.20 6.66 16.32
CA GLY A 232 20.30 7.75 15.97
C GLY A 232 19.30 7.40 14.90
N GLN A 233 19.07 6.11 14.62
CA GLN A 233 18.02 5.68 13.70
C GLN A 233 16.66 5.78 14.39
N ILE A 234 15.71 6.49 13.77
CA ILE A 234 14.40 6.71 14.39
C ILE A 234 13.34 5.78 13.85
N THR A 235 13.66 4.95 12.86
CA THR A 235 12.66 4.09 12.23
C THR A 235 12.48 2.84 13.09
N ASN A 236 11.70 3.00 14.17
CA ASN A 236 11.50 1.94 15.15
C ASN A 236 10.31 2.30 16.02
N CYS A 237 9.27 1.47 15.99
CA CYS A 237 8.03 1.84 16.69
C CYS A 237 8.20 1.89 18.22
N PHE A 238 9.18 1.19 18.79
CA PHE A 238 9.31 1.27 20.24
C PHE A 238 9.86 2.63 20.70
N ARG A 239 10.37 3.46 19.79
CA ARG A 239 10.67 4.83 20.14
C ARG A 239 9.42 5.65 20.43
N LEU A 240 8.25 5.14 20.07
CA LEU A 240 7.00 5.84 20.34
C LEU A 240 6.58 5.73 21.80
N CYS A 241 7.11 4.77 22.54
CA CYS A 241 6.71 4.56 23.92
C CYS A 241 7.90 4.79 24.84
N ASP A 242 7.60 4.86 26.12
CA ASP A 242 8.61 5.06 27.16
C ASP A 242 9.18 3.70 27.60
N VAL A 243 10.29 3.26 26.98
CA VAL A 243 10.78 1.93 27.30
C VAL A 243 11.47 1.90 28.68
N SER A 244 11.62 3.05 29.34
CA SER A 244 12.09 3.09 30.72
C SER A 244 10.99 2.83 31.73
N ASP A 245 9.75 2.85 31.30
CA ASP A 245 8.59 2.75 32.17
C ASP A 245 7.97 1.40 31.85
N GLU A 246 8.18 0.45 32.75
CA GLU A 246 7.86 -0.93 32.44
C GLU A 246 6.37 -1.10 32.20
N THR A 247 5.52 -0.49 33.03
CA THR A 247 4.09 -0.59 32.82
C THR A 247 3.69 0.04 31.49
N ALA A 248 4.30 1.15 31.13
CA ALA A 248 4.01 1.74 29.83
C ALA A 248 4.52 0.86 28.70
N PHE A 249 5.66 0.20 28.91
CA PHE A 249 6.19 -0.67 27.87
C PHE A 249 5.23 -1.83 27.59
N LYS A 250 4.79 -2.52 28.65
CA LYS A 250 3.93 -3.69 28.46
C LYS A 250 2.62 -3.28 27.80
N GLU A 251 2.13 -2.10 28.14
CA GLU A 251 0.92 -1.57 27.52
C GLU A 251 1.12 -1.41 26.01
N PHE A 252 2.24 -0.80 25.63
CA PHE A 252 2.55 -0.60 24.21
C PHE A 252 2.80 -1.94 23.54
N PHE A 253 3.56 -2.82 24.21
CA PHE A 253 3.87 -4.11 23.63
C PHE A 253 2.61 -4.95 23.45
N GLN A 254 1.69 -4.89 24.42
CA GLN A 254 0.41 -5.57 24.27
C GLN A 254 -0.37 -5.05 23.07
N ALA A 255 -0.41 -3.72 22.89
CA ALA A 255 -1.13 -3.18 21.74
C ALA A 255 -0.51 -3.67 20.43
N ARG A 256 0.82 -3.82 20.41
CA ARG A 256 1.47 -4.30 19.19
C ARG A 256 1.19 -5.79 18.98
N LEU A 257 1.20 -6.59 20.06
CA LEU A 257 0.78 -7.99 19.93
C LEU A 257 -0.63 -8.07 19.36
N ASP A 258 -1.55 -7.25 19.87
CA ASP A 258 -2.92 -7.28 19.38
C ASP A 258 -2.97 -6.92 17.90
N ASP A 259 -2.13 -5.98 17.47
CA ASP A 259 -1.99 -5.66 16.04
C ASP A 259 -1.62 -6.90 15.23
N MET A 260 -0.60 -7.62 15.70
CA MET A 260 -0.16 -8.81 14.98
C MET A 260 -1.27 -9.85 14.92
N ILE A 261 -1.96 -10.05 16.05
CA ILE A 261 -3.02 -11.04 16.10
C ILE A 261 -4.14 -10.68 15.12
N GLU A 262 -4.55 -9.41 15.13
CA GLU A 262 -5.60 -9.00 14.22
C GLU A 262 -5.21 -9.25 12.76
N ASP A 263 -3.99 -8.89 12.37
CA ASP A 263 -3.54 -9.15 11.01
C ASP A 263 -3.54 -10.65 10.70
N ILE A 264 -3.01 -11.46 11.62
CA ILE A 264 -2.93 -12.90 11.36
C ILE A 264 -4.31 -13.49 11.23
N GLU A 265 -5.25 -13.09 12.09
CA GLU A 265 -6.59 -13.65 12.02
C GLU A 265 -7.29 -13.24 10.71
N CYS A 266 -7.02 -12.03 10.20
CA CYS A 266 -7.57 -11.64 8.90
C CYS A 266 -6.86 -12.35 7.75
N ILE A 267 -5.56 -12.61 7.88
CA ILE A 267 -4.85 -13.37 6.86
C ILE A 267 -5.50 -14.74 6.65
N LYS A 268 -6.12 -15.31 7.69
CA LYS A 268 -6.77 -16.62 7.55
C LYS A 268 -8.03 -16.58 6.71
N ALA A 269 -8.51 -15.39 6.34
CA ALA A 269 -9.57 -15.30 5.34
C ALA A 269 -9.06 -15.55 3.93
N PHE A 270 -7.76 -15.38 3.69
CA PHE A 270 -7.25 -15.56 2.35
C PHE A 270 -7.24 -17.04 1.98
N ASP A 271 -7.04 -17.33 0.70
CA ASP A 271 -7.01 -18.72 0.25
C ASP A 271 -5.83 -19.44 0.90
N GLN A 272 -5.92 -20.77 0.97
CA GLN A 272 -5.01 -21.52 1.85
C GLN A 272 -3.54 -21.48 1.39
N LEU A 273 -3.28 -21.32 0.10
CA LEU A 273 -1.89 -21.17 -0.32
C LEU A 273 -1.35 -19.81 0.10
N THR A 274 -2.07 -18.74 -0.25
CA THR A 274 -1.64 -17.40 0.07
C THR A 274 -1.47 -17.21 1.56
N GLN A 275 -2.41 -17.72 2.35
CA GLN A 275 -2.30 -17.56 3.79
C GLN A 275 -1.06 -18.29 4.32
N ASP A 276 -0.70 -19.42 3.71
CA ASP A 276 0.54 -20.10 4.11
C ASP A 276 1.75 -19.20 3.89
N VAL A 277 1.84 -18.57 2.72
CA VAL A 277 2.97 -17.69 2.40
C VAL A 277 3.02 -16.50 3.37
N PHE A 278 1.88 -15.84 3.60
CA PHE A 278 1.87 -14.69 4.51
C PHE A 278 2.34 -15.08 5.91
N LEU A 279 1.80 -16.18 6.44
CA LEU A 279 2.07 -16.53 7.84
C LEU A 279 3.48 -17.10 8.01
N ASP A 280 3.95 -17.90 7.06
CA ASP A 280 5.33 -18.34 7.10
C ASP A 280 6.29 -17.16 7.00
N LEU A 281 5.90 -16.10 6.27
CA LEU A 281 6.75 -14.92 6.22
C LEU A 281 6.87 -14.27 7.60
N ILE A 282 5.74 -14.05 8.28
CA ILE A 282 5.79 -13.38 9.58
C ILE A 282 6.48 -14.25 10.63
N TYR A 283 6.08 -15.51 10.70
CA TYR A 283 6.62 -16.41 11.71
C TYR A 283 8.08 -16.77 11.40
N GLY A 284 8.40 -17.01 10.14
CA GLY A 284 9.78 -17.27 9.77
C GLY A 284 10.70 -16.09 10.05
N ASN A 285 10.20 -14.87 9.84
CA ASN A 285 11.02 -13.70 10.18
C ASN A 285 11.35 -13.69 11.66
N PHE A 286 10.39 -14.06 12.51
CA PHE A 286 10.63 -14.13 13.95
C PHE A 286 11.69 -15.19 14.27
N VAL A 287 11.55 -16.39 13.70
CA VAL A 287 12.51 -17.46 14.00
C VAL A 287 13.92 -17.03 13.60
N TRP A 288 14.04 -16.43 12.41
CA TRP A 288 15.33 -16.00 11.91
C TRP A 288 15.90 -14.85 12.75
N THR A 289 15.06 -13.87 13.11
CA THR A 289 15.49 -12.72 13.89
C THR A 289 16.08 -13.14 15.23
N THR A 290 15.46 -14.12 15.90
CA THR A 290 15.92 -14.51 17.24
C THR A 290 17.09 -15.49 17.21
N SER A 291 17.50 -15.97 16.04
CA SER A 291 18.68 -16.83 15.94
C SER A 291 19.82 -16.15 15.21
N ASN A 292 19.72 -14.84 14.95
CA ASN A 292 20.62 -14.11 14.08
C ASN A 292 21.47 -13.14 14.90
N LYS A 293 22.79 -13.30 14.82
CA LYS A 293 23.74 -12.41 15.48
C LYS A 293 23.50 -10.96 15.10
N ARG A 294 22.99 -10.72 13.90
CA ARG A 294 22.58 -9.37 13.52
C ARG A 294 21.80 -8.68 14.63
N TYR A 295 20.90 -9.40 15.29
CA TYR A 295 19.89 -8.81 16.16
C TYR A 295 20.21 -8.97 17.64
N LYS A 296 21.49 -9.11 17.98
CA LYS A 296 21.91 -9.32 19.37
C LYS A 296 22.69 -8.13 19.92
N THR A 297 23.93 -7.90 19.48
CA THR A 297 24.76 -6.80 19.98
C THR A 297 24.70 -5.58 19.04
N ALA A 298 24.53 -4.41 19.65
CA ALA A 298 24.12 -3.21 18.92
C ALA A 298 25.20 -2.71 17.94
N VAL A 299 26.39 -3.30 17.98
CA VAL A 299 27.43 -3.08 16.98
C VAL A 299 28.30 -4.33 16.97
N ASN A 300 28.19 -5.14 15.91
CA ASN A 300 29.04 -6.31 15.77
C ASN A 300 29.40 -6.47 14.30
N ASP A 301 30.19 -7.50 14.00
CA ASP A 301 30.79 -7.52 12.67
C ASP A 301 29.78 -7.77 11.54
N VAL A 302 28.58 -8.29 11.82
CA VAL A 302 27.61 -8.50 10.75
C VAL A 302 26.59 -7.39 10.62
N ASN A 303 26.30 -6.63 11.68
CA ASN A 303 25.32 -5.56 11.54
C ASN A 303 25.98 -4.19 11.49
N SER A 304 27.31 -4.14 11.39
CA SER A 304 28.04 -2.89 11.50
C SER A 304 27.69 -1.98 10.33
N ARG A 305 27.59 -0.69 10.63
CA ARG A 305 27.53 0.31 9.56
C ARG A 305 28.64 0.04 8.56
N ILE A 306 28.35 0.32 7.29
CA ILE A 306 29.29 0.06 6.19
C ILE A 306 29.77 1.40 5.65
N GLN A 307 31.03 1.73 5.91
CA GLN A 307 31.58 3.04 5.55
C GLN A 307 32.27 3.11 4.21
N GLY B 9 -38.02 -7.65 3.44
CA GLY B 9 -36.80 -7.79 4.21
C GLY B 9 -36.82 -6.92 5.44
N ALA B 10 -36.33 -5.68 5.30
CA ALA B 10 -36.41 -4.69 6.36
C ALA B 10 -35.75 -5.17 7.65
N GLN B 11 -34.42 -5.26 7.66
CA GLN B 11 -33.66 -5.78 8.78
C GLN B 11 -33.53 -4.73 9.87
N ASP B 12 -33.30 -3.49 9.43
CA ASP B 12 -32.85 -2.40 10.29
C ASP B 12 -32.85 -1.11 9.47
N ILE B 13 -34.06 -0.65 9.14
CA ILE B 13 -34.21 0.56 8.33
C ILE B 13 -33.55 1.75 9.00
N GLY B 14 -33.60 1.81 10.35
CA GLY B 14 -32.96 2.92 11.05
C GLY B 14 -31.47 3.02 10.76
N ARG B 15 -30.75 1.91 10.87
CA ARG B 15 -29.31 1.87 10.67
C ARG B 15 -28.92 1.86 9.19
N SER B 16 -29.85 2.10 8.29
CA SER B 16 -29.52 2.01 6.89
C SER B 16 -29.58 3.37 6.18
N SER B 17 -29.31 4.46 6.90
CA SER B 17 -29.24 5.79 6.32
C SER B 17 -28.39 6.67 7.22
N VAL B 18 -27.59 7.54 6.61
CA VAL B 18 -26.95 8.59 7.38
C VAL B 18 -27.59 9.94 7.13
N ARG B 19 -28.74 9.98 6.45
CA ARG B 19 -29.39 11.25 6.12
C ARG B 19 -29.69 12.14 7.33
N PRO B 20 -30.12 11.62 8.49
CA PRO B 20 -30.26 12.50 9.66
C PRO B 20 -28.99 13.25 10.07
N TYR B 21 -27.80 12.76 9.70
CA TYR B 21 -26.53 13.38 10.04
C TYR B 21 -25.95 14.24 8.92
N LEU B 22 -26.68 14.37 7.83
CA LEU B 22 -26.11 14.92 6.60
C LEU B 22 -25.60 16.34 6.78
N GLU B 23 -26.41 17.21 7.35
CA GLU B 23 -26.01 18.61 7.46
C GLU B 23 -24.84 18.79 8.41
N GLU B 24 -24.93 18.19 9.60
CA GLU B 24 -23.90 18.44 10.59
C GLU B 24 -22.56 17.84 10.16
N CYS B 25 -22.58 16.65 9.54
CA CYS B 25 -21.32 16.05 9.09
C CYS B 25 -20.70 16.84 7.95
N THR B 26 -21.52 17.32 7.00
CA THR B 26 -20.98 18.14 5.94
C THR B 26 -20.29 19.37 6.50
N ARG B 27 -20.97 20.02 7.42
CA ARG B 27 -20.43 21.21 8.06
C ARG B 27 -19.13 20.90 8.79
N ARG B 28 -19.10 19.76 9.50
CA ARG B 28 -17.89 19.38 10.25
C ARG B 28 -16.72 19.05 9.30
N PHE B 29 -16.99 18.30 8.22
CA PHE B 29 -15.96 18.09 7.20
C PHE B 29 -15.38 19.42 6.74
N GLN B 30 -16.26 20.33 6.32
CA GLN B 30 -15.79 21.60 5.79
C GLN B 30 -14.99 22.38 6.84
N GLU B 31 -15.45 22.39 8.09
CA GLU B 31 -14.71 23.07 9.14
C GLU B 31 -13.30 22.50 9.27
N MET B 32 -13.21 21.19 9.18
CA MET B 32 -11.91 20.53 9.30
C MET B 32 -10.99 20.98 8.17
N PHE B 33 -11.47 20.93 6.93
CA PHE B 33 -10.66 21.39 5.81
C PHE B 33 -10.25 22.84 5.96
N ASP B 34 -11.18 23.70 6.41
CA ASP B 34 -10.88 25.12 6.53
C ASP B 34 -9.75 25.35 7.51
N ARG B 35 -9.70 24.56 8.57
CA ARG B 35 -8.73 24.83 9.61
C ARG B 35 -7.45 24.00 9.44
N HIS B 36 -7.42 23.02 8.53
CA HIS B 36 -6.19 22.26 8.28
C HIS B 36 -5.66 22.36 6.85
N VAL B 37 -6.48 22.70 5.87
CA VAL B 37 -6.06 22.81 4.48
C VAL B 37 -6.17 24.24 3.95
N VAL B 38 -7.20 24.96 4.38
CA VAL B 38 -7.33 26.41 4.19
C VAL B 38 -7.62 26.74 2.74
N THR B 39 -6.59 26.68 1.89
CA THR B 39 -6.74 27.05 0.50
C THR B 39 -7.63 26.04 -0.21
N ARG B 40 -8.40 26.54 -1.16
CA ARG B 40 -9.51 25.79 -1.69
C ARG B 40 -9.12 25.15 -3.02
N PRO B 41 -9.52 23.90 -3.27
CA PRO B 41 -9.09 23.23 -4.50
C PRO B 41 -9.73 23.87 -5.73
N THR B 42 -9.08 23.63 -6.87
CA THR B 42 -9.32 24.38 -8.11
C THR B 42 -9.73 23.43 -9.24
N LYS B 43 -10.82 23.75 -9.92
CA LYS B 43 -11.31 22.89 -10.99
C LYS B 43 -10.48 23.05 -12.26
N VAL B 44 -10.15 21.93 -12.90
CA VAL B 44 -9.60 21.93 -14.26
C VAL B 44 -10.75 22.10 -15.25
N GLU B 45 -10.57 23.00 -16.21
CA GLU B 45 -11.69 23.48 -17.03
C GLU B 45 -11.51 23.13 -18.50
N LEU B 46 -11.85 21.89 -18.84
CA LEU B 46 -11.86 21.44 -20.24
C LEU B 46 -12.86 22.24 -21.05
N THR B 47 -12.46 22.59 -22.28
CA THR B 47 -13.44 23.17 -23.18
C THR B 47 -14.48 22.10 -23.54
N ASP B 48 -15.42 22.49 -24.37
CA ASP B 48 -16.62 21.67 -24.57
C ASP B 48 -16.40 20.65 -25.68
N ALA B 49 -15.63 21.00 -26.70
CA ALA B 49 -15.21 20.01 -27.69
C ALA B 49 -14.19 19.05 -27.09
N GLU B 50 -13.60 19.45 -25.97
CA GLU B 50 -12.50 18.69 -25.37
C GLU B 50 -13.02 17.75 -24.29
N LEU B 51 -14.13 18.15 -23.66
CA LEU B 51 -14.93 17.22 -22.88
C LEU B 51 -15.54 16.14 -23.76
N ARG B 52 -15.95 16.51 -24.99
CA ARG B 52 -16.44 15.52 -25.96
C ARG B 52 -15.37 14.49 -26.28
N GLU B 53 -14.12 14.94 -26.39
CA GLU B 53 -13.01 14.06 -26.73
C GLU B 53 -12.82 12.99 -25.65
N VAL B 54 -12.97 13.39 -24.39
CA VAL B 54 -12.89 12.44 -23.28
C VAL B 54 -14.03 11.43 -23.38
N ILE B 55 -15.26 11.93 -23.56
CA ILE B 55 -16.40 11.04 -23.72
C ILE B 55 -16.22 10.09 -24.90
N ASP B 56 -15.66 10.58 -26.02
CA ASP B 56 -15.40 9.72 -27.19
C ASP B 56 -14.62 8.46 -26.79
N ASP B 57 -13.43 8.64 -26.19
CA ASP B 57 -12.63 7.51 -25.75
C ASP B 57 -13.35 6.67 -24.72
N CYS B 58 -14.06 7.30 -23.78
CA CYS B 58 -14.82 6.52 -22.80
C CYS B 58 -15.83 5.61 -23.47
N ASN B 59 -16.59 6.13 -24.44
CA ASN B 59 -17.60 5.31 -25.10
C ASN B 59 -16.97 4.15 -25.84
N ALA B 60 -15.89 4.39 -26.58
CA ALA B 60 -15.25 3.31 -27.31
C ALA B 60 -14.77 2.22 -26.37
N ALA B 61 -14.25 2.61 -25.20
CA ALA B 61 -13.65 1.63 -24.30
C ALA B 61 -14.69 0.71 -23.69
N VAL B 62 -15.89 1.22 -23.41
CA VAL B 62 -16.91 0.40 -22.75
C VAL B 62 -17.90 -0.21 -23.72
N ALA B 63 -17.92 0.25 -24.98
CA ALA B 63 -18.84 -0.31 -25.97
C ALA B 63 -18.84 -1.83 -26.04
N PRO B 64 -17.70 -2.54 -26.06
CA PRO B 64 -17.78 -4.01 -26.14
C PRO B 64 -18.44 -4.67 -24.93
N LEU B 65 -18.69 -3.93 -23.84
CA LEU B 65 -19.46 -4.49 -22.73
C LEU B 65 -20.97 -4.28 -22.87
N GLY B 66 -21.41 -3.57 -23.90
CA GLY B 66 -22.80 -3.56 -24.31
C GLY B 66 -23.70 -2.55 -23.63
N LYS B 67 -23.17 -1.75 -22.70
CA LYS B 67 -23.98 -0.83 -21.93
C LYS B 67 -23.63 0.60 -22.34
N THR B 68 -24.63 1.32 -22.85
CA THR B 68 -24.47 2.72 -23.20
C THR B 68 -24.43 3.56 -21.95
N VAL B 69 -23.58 4.59 -21.95
CA VAL B 69 -23.44 5.51 -20.83
C VAL B 69 -23.72 6.91 -21.35
N SER B 70 -24.60 7.64 -20.65
CA SER B 70 -24.99 8.98 -21.07
C SER B 70 -23.88 9.99 -20.77
N ASP B 71 -23.90 11.11 -21.50
CA ASP B 71 -22.95 12.18 -21.21
C ASP B 71 -23.08 12.66 -19.78
N GLU B 72 -24.31 12.73 -19.25
CA GLU B 72 -24.50 13.17 -17.88
C GLU B 72 -23.77 12.24 -16.91
N ARG B 73 -23.79 10.93 -17.19
CA ARG B 73 -23.13 9.97 -16.32
C ARG B 73 -21.62 10.11 -16.44
N TRP B 74 -21.11 10.21 -17.68
CA TRP B 74 -19.68 10.46 -17.85
C TRP B 74 -19.25 11.72 -17.12
N ILE B 75 -20.08 12.78 -17.17
CA ILE B 75 -19.71 14.03 -16.53
C ILE B 75 -19.73 13.89 -15.02
N SER B 76 -20.65 13.09 -14.47
CA SER B 76 -20.54 12.73 -13.06
C SER B 76 -19.16 12.15 -12.79
N TYR B 77 -18.88 10.96 -13.35
CA TYR B 77 -17.60 10.30 -13.13
C TYR B 77 -16.41 11.25 -13.27
N VAL B 78 -16.42 12.11 -14.29
CA VAL B 78 -15.21 12.85 -14.61
C VAL B 78 -14.95 13.98 -13.63
N GLY B 79 -16.00 14.47 -12.94
CA GLY B 79 -15.83 15.61 -12.04
C GLY B 79 -14.74 15.41 -11.00
N VAL B 80 -14.51 14.17 -10.54
CA VAL B 80 -13.51 13.98 -9.50
C VAL B 80 -12.13 14.34 -10.02
N VAL B 81 -11.85 14.03 -11.30
CA VAL B 81 -10.57 14.42 -11.85
C VAL B 81 -10.49 15.93 -12.01
N LEU B 82 -11.59 16.55 -12.45
CA LEU B 82 -11.59 17.99 -12.67
C LEU B 82 -11.35 18.77 -11.38
N TRP B 83 -11.87 18.28 -10.25
CA TRP B 83 -11.77 18.99 -8.99
C TRP B 83 -10.60 18.57 -8.11
N SER B 84 -10.04 17.38 -8.31
CA SER B 84 -9.14 16.81 -7.31
C SER B 84 -7.71 16.64 -7.81
N GLN B 85 -7.39 17.09 -9.02
CA GLN B 85 -6.01 17.20 -9.43
C GLN B 85 -5.51 18.55 -8.91
N SER B 86 -4.33 18.99 -9.34
CA SER B 86 -3.79 20.27 -8.88
C SER B 86 -3.42 21.08 -10.11
N PRO B 87 -4.37 21.88 -10.63
CA PRO B 87 -4.18 22.47 -11.97
C PRO B 87 -2.97 23.38 -12.09
N ARG B 88 -2.58 24.03 -11.00
CA ARG B 88 -1.44 24.94 -11.06
C ARG B 88 -0.14 24.21 -11.38
N HIS B 89 -0.07 22.91 -11.10
CA HIS B 89 1.12 22.09 -11.28
C HIS B 89 1.09 21.27 -12.57
N ILE B 90 0.01 21.35 -13.34
CA ILE B 90 -0.15 20.46 -14.50
C ILE B 90 0.85 20.80 -15.59
N LYS B 91 1.61 19.80 -16.02
CA LYS B 91 2.50 19.89 -17.17
C LYS B 91 1.98 19.16 -18.40
N ASP B 92 1.34 18.00 -18.23
CA ASP B 92 1.04 17.10 -19.34
C ASP B 92 -0.47 17.01 -19.45
N MET B 93 -1.10 17.86 -20.28
CA MET B 93 -2.55 17.79 -20.41
C MET B 93 -3.02 16.52 -21.10
N GLU B 94 -2.16 15.86 -21.90
CA GLU B 94 -2.57 14.58 -22.45
C GLU B 94 -2.60 13.49 -21.36
N ALA B 95 -1.65 13.54 -20.42
CA ALA B 95 -1.76 12.68 -19.25
C ALA B 95 -3.01 13.02 -18.43
N PHE B 96 -3.33 14.31 -18.28
CA PHE B 96 -4.54 14.67 -17.56
C PHE B 96 -5.77 14.05 -18.21
N LYS B 97 -5.86 14.11 -19.55
CA LYS B 97 -6.98 13.53 -20.26
C LYS B 97 -7.02 12.01 -20.10
N ALA B 98 -5.85 11.36 -20.14
CA ALA B 98 -5.79 9.92 -19.85
C ALA B 98 -6.42 9.62 -18.50
N VAL B 99 -6.12 10.42 -17.48
CA VAL B 99 -6.69 10.18 -16.16
C VAL B 99 -8.20 10.39 -16.17
N CYS B 100 -8.68 11.40 -16.93
CA CYS B 100 -10.12 11.54 -17.11
C CYS B 100 -10.73 10.28 -17.67
N VAL B 101 -10.16 9.75 -18.76
CA VAL B 101 -10.72 8.57 -19.39
C VAL B 101 -10.59 7.35 -18.46
N LEU B 102 -9.38 7.11 -17.94
CA LEU B 102 -9.15 5.92 -17.14
C LEU B 102 -10.01 5.92 -15.87
N ASN B 103 -10.07 7.06 -15.19
CA ASN B 103 -10.99 7.19 -14.06
C ASN B 103 -12.42 6.84 -14.47
N CYS B 104 -12.88 7.38 -15.61
CA CYS B 104 -14.29 7.22 -15.97
C CYS B 104 -14.63 5.78 -16.35
N VAL B 105 -13.81 5.13 -17.18
CA VAL B 105 -14.23 3.82 -17.67
C VAL B 105 -14.11 2.78 -16.57
N THR B 106 -13.17 2.95 -15.63
CA THR B 106 -13.14 2.03 -14.49
C THR B 106 -14.22 2.35 -13.46
N PHE B 107 -14.75 3.59 -13.45
CA PHE B 107 -15.96 3.85 -12.67
C PHE B 107 -17.15 3.05 -13.20
N VAL B 108 -17.30 3.00 -14.53
CA VAL B 108 -18.31 2.14 -15.13
C VAL B 108 -18.14 0.71 -14.63
N TRP B 109 -16.91 0.21 -14.65
CA TRP B 109 -16.62 -1.16 -14.21
C TRP B 109 -17.02 -1.35 -12.76
N ASP B 110 -16.71 -0.35 -11.91
CA ASP B 110 -17.16 -0.32 -10.52
C ASP B 110 -18.67 -0.41 -10.40
N ASP B 111 -19.38 0.26 -11.32
CA ASP B 111 -20.83 0.19 -11.50
C ASP B 111 -21.25 -0.85 -12.54
N MET B 112 -21.10 -2.13 -12.26
CA MET B 112 -21.52 -3.18 -13.18
C MET B 112 -21.71 -4.50 -12.44
N ASP B 113 -22.69 -5.29 -12.88
CA ASP B 113 -22.76 -6.68 -12.47
C ASP B 113 -21.46 -7.38 -12.84
N PRO B 114 -20.93 -8.24 -11.98
CA PRO B 114 -19.74 -9.01 -12.37
C PRO B 114 -19.95 -9.92 -13.58
N ALA B 115 -21.21 -10.26 -13.90
CA ALA B 115 -21.52 -10.98 -15.13
C ALA B 115 -21.26 -10.15 -16.37
N LEU B 116 -21.22 -8.83 -16.23
CA LEU B 116 -20.94 -7.93 -17.34
C LEU B 116 -19.45 -7.69 -17.55
N HIS B 117 -18.63 -7.94 -16.52
CA HIS B 117 -17.18 -7.82 -16.62
C HIS B 117 -16.71 -8.79 -17.70
N ASP B 118 -15.87 -8.33 -18.61
CA ASP B 118 -15.21 -9.21 -19.56
C ASP B 118 -13.78 -8.71 -19.78
N PHE B 119 -12.83 -9.32 -19.07
CA PHE B 119 -11.44 -8.93 -19.19
C PHE B 119 -10.95 -9.09 -20.62
N GLY B 120 -11.32 -10.19 -21.27
CA GLY B 120 -10.84 -10.44 -22.62
C GLY B 120 -11.19 -9.32 -23.58
N LEU B 121 -12.26 -8.59 -23.28
CA LEU B 121 -12.64 -7.52 -24.19
C LEU B 121 -12.29 -6.15 -23.65
N PHE B 122 -12.28 -5.98 -22.32
CA PHE B 122 -12.04 -4.65 -21.77
C PHE B 122 -10.55 -4.34 -21.59
N LEU B 123 -9.74 -5.29 -21.12
CA LEU B 123 -8.33 -4.98 -20.92
C LEU B 123 -7.62 -4.48 -22.18
N PRO B 124 -7.86 -5.02 -23.38
CA PRO B 124 -7.24 -4.41 -24.57
C PRO B 124 -7.66 -2.97 -24.84
N GLN B 125 -8.89 -2.59 -24.46
CA GLN B 125 -9.27 -1.18 -24.53
C GLN B 125 -8.46 -0.33 -23.56
N LEU B 126 -8.22 -0.85 -22.35
CA LEU B 126 -7.50 -0.08 -21.35
C LEU B 126 -6.05 0.17 -21.77
N ARG B 127 -5.40 -0.83 -22.37
CA ARG B 127 -4.01 -0.60 -22.75
C ARG B 127 -3.92 0.29 -23.98
N LYS B 128 -4.87 0.17 -24.91
CA LYS B 128 -4.85 1.04 -26.08
C LYS B 128 -5.13 2.49 -25.70
N ILE B 129 -5.77 2.71 -24.54
CA ILE B 129 -5.90 4.07 -24.04
C ILE B 129 -4.59 4.54 -23.43
N CYS B 130 -3.96 3.69 -22.62
CA CYS B 130 -2.70 4.07 -22.00
C CYS B 130 -1.66 4.40 -23.04
N GLU B 131 -1.51 3.55 -24.05
CA GLU B 131 -0.47 3.79 -25.04
C GLU B 131 -0.80 4.95 -25.97
N LYS B 132 -2.04 5.45 -25.96
CA LYS B 132 -2.39 6.62 -26.77
C LYS B 132 -1.94 7.92 -26.12
N TYR B 133 -1.92 7.95 -24.77
CA TYR B 133 -1.73 9.20 -24.05
C TYR B 133 -0.42 9.27 -23.25
N TYR B 134 0.30 8.16 -23.08
CA TYR B 134 1.45 8.15 -22.19
C TYR B 134 2.76 7.75 -22.89
N GLY B 135 3.85 8.33 -22.41
CA GLY B 135 5.19 7.87 -22.71
C GLY B 135 5.36 6.38 -22.49
N PRO B 136 6.26 5.77 -23.26
CA PRO B 136 6.34 4.30 -23.29
C PRO B 136 6.44 3.63 -21.92
N GLU B 137 7.23 4.17 -21.00
CA GLU B 137 7.28 3.60 -19.66
C GLU B 137 6.09 4.05 -18.80
N ASP B 138 5.66 5.31 -18.95
CA ASP B 138 4.46 5.79 -18.27
C ASP B 138 3.25 4.90 -18.56
N ALA B 139 3.10 4.49 -19.83
CA ALA B 139 1.97 3.67 -20.21
C ALA B 139 2.02 2.32 -19.52
N GLU B 140 3.23 1.81 -19.26
CA GLU B 140 3.38 0.56 -18.54
C GLU B 140 2.86 0.67 -17.12
N VAL B 141 3.20 1.77 -16.43
CA VAL B 141 2.78 1.93 -15.05
C VAL B 141 1.28 2.16 -14.95
N ALA B 142 0.73 2.98 -15.85
CA ALA B 142 -0.70 3.30 -15.78
C ALA B 142 -1.55 2.10 -16.16
N TYR B 143 -1.15 1.34 -17.19
CA TYR B 143 -1.93 0.16 -17.55
C TYR B 143 -1.92 -0.90 -16.42
N GLU B 144 -0.75 -1.21 -15.85
CA GLU B 144 -0.72 -2.20 -14.76
C GLU B 144 -1.59 -1.75 -13.59
N ALA B 145 -1.53 -0.46 -13.25
CA ALA B 145 -2.36 0.03 -12.17
C ALA B 145 -3.84 -0.10 -12.52
N ALA B 146 -4.23 0.20 -13.77
CA ALA B 146 -5.63 0.06 -14.16
C ALA B 146 -6.06 -1.40 -14.16
N ARG B 147 -5.23 -2.26 -14.78
CA ARG B 147 -5.47 -3.70 -14.74
C ARG B 147 -5.65 -4.18 -13.31
N ALA B 148 -4.74 -3.79 -12.42
CA ALA B 148 -4.80 -4.29 -11.05
C ALA B 148 -6.04 -3.76 -10.32
N PHE B 149 -6.48 -2.53 -10.62
CA PHE B 149 -7.72 -2.09 -10.01
C PHE B 149 -8.92 -2.89 -10.54
N VAL B 150 -9.07 -3.01 -11.87
CA VAL B 150 -10.28 -3.68 -12.35
C VAL B 150 -10.24 -5.16 -11.99
N THR B 151 -9.04 -5.76 -11.92
CA THR B 151 -8.95 -7.13 -11.43
C THR B 151 -9.35 -7.22 -9.97
N SER B 152 -8.95 -6.25 -9.15
CA SER B 152 -9.34 -6.23 -7.75
C SER B 152 -10.85 -6.08 -7.58
N ASP B 153 -11.45 -5.12 -8.30
CA ASP B 153 -12.89 -4.93 -8.16
C ASP B 153 -13.65 -6.19 -8.55
N HIS B 154 -13.19 -6.91 -9.58
CA HIS B 154 -13.77 -8.21 -9.88
C HIS B 154 -13.45 -9.23 -8.80
N MET B 155 -12.17 -9.33 -8.45
CA MET B 155 -11.67 -10.32 -7.50
C MET B 155 -12.47 -10.36 -6.22
N PHE B 156 -12.88 -9.19 -5.72
CA PHE B 156 -13.41 -9.14 -4.38
C PHE B 156 -14.92 -8.99 -4.32
N ARG B 157 -15.62 -9.20 -5.44
CA ARG B 157 -17.00 -8.77 -5.56
C ARG B 157 -17.89 -9.23 -4.40
N ASP B 158 -17.85 -10.53 -4.10
CA ASP B 158 -18.67 -11.13 -3.04
C ASP B 158 -17.83 -12.04 -2.14
N SER B 159 -16.51 -11.80 -2.08
CA SER B 159 -15.40 -12.54 -1.47
C SER B 159 -15.46 -12.52 0.06
N PRO B 160 -15.08 -13.63 0.70
CA PRO B 160 -14.91 -13.60 2.17
C PRO B 160 -13.71 -12.79 2.63
N ILE B 161 -12.71 -12.58 1.78
CA ILE B 161 -11.60 -11.71 2.16
C ILE B 161 -12.11 -10.28 2.32
N LYS B 162 -12.83 -9.79 1.34
CA LYS B 162 -13.42 -8.46 1.48
C LYS B 162 -14.29 -8.39 2.73
N ALA B 163 -14.98 -9.49 3.05
CA ALA B 163 -15.79 -9.57 4.25
C ALA B 163 -14.94 -9.40 5.51
N ALA B 164 -13.81 -10.12 5.59
CA ALA B 164 -12.98 -10.02 6.79
C ALA B 164 -12.37 -8.61 6.91
N LEU B 165 -11.90 -8.04 5.80
CA LEU B 165 -11.21 -6.75 5.90
C LEU B 165 -12.20 -5.61 6.08
N CYS B 166 -13.45 -5.79 5.68
CA CYS B 166 -14.42 -4.70 5.81
C CYS B 166 -15.26 -4.78 7.08
N THR B 167 -15.16 -5.86 7.85
CA THR B 167 -15.98 -6.00 9.05
C THR B 167 -15.14 -6.16 10.32
N THR B 168 -13.81 -6.08 10.25
CA THR B 168 -13.01 -6.36 11.44
C THR B 168 -12.62 -5.10 12.21
N SER B 169 -12.14 -4.06 11.51
CA SER B 169 -11.64 -2.87 12.20
C SER B 169 -11.38 -1.78 11.17
N PRO B 170 -11.37 -0.51 11.58
CA PRO B 170 -11.08 0.56 10.59
C PRO B 170 -9.73 0.38 9.91
N GLU B 171 -8.75 -0.15 10.63
CA GLU B 171 -7.43 -0.28 10.04
C GLU B 171 -7.34 -1.46 9.05
N GLN B 172 -8.10 -2.55 9.26
CA GLN B 172 -8.19 -3.56 8.21
C GLN B 172 -8.91 -3.00 6.99
N TYR B 173 -9.96 -2.22 7.24
CA TYR B 173 -10.78 -1.69 6.17
C TYR B 173 -9.98 -0.74 5.28
N PHE B 174 -9.31 0.23 5.89
CA PHE B 174 -8.56 1.20 5.08
C PHE B 174 -7.42 0.52 4.33
N ARG B 175 -6.86 -0.56 4.90
CA ARG B 175 -5.94 -1.40 4.15
C ARG B 175 -6.50 -1.85 2.82
N PHE B 176 -7.71 -2.38 2.85
CA PHE B 176 -8.34 -2.83 1.64
C PHE B 176 -8.55 -1.67 0.65
N ARG B 177 -8.87 -0.49 1.18
CA ARG B 177 -9.27 0.62 0.31
C ARG B 177 -8.10 1.30 -0.35
N VAL B 178 -6.86 1.09 0.11
CA VAL B 178 -5.73 1.67 -0.60
C VAL B 178 -5.80 1.32 -2.08
N THR B 179 -6.19 0.07 -2.37
CA THR B 179 -6.42 -0.36 -3.76
C THR B 179 -7.88 -0.16 -4.19
N ASP B 180 -8.82 -0.56 -3.35
CA ASP B 180 -10.20 -0.67 -3.83
C ASP B 180 -10.83 0.68 -4.10
N ILE B 181 -10.46 1.73 -3.36
CA ILE B 181 -11.01 3.03 -3.74
C ILE B 181 -10.32 3.59 -4.96
N GLY B 182 -9.32 2.91 -5.51
CA GLY B 182 -8.68 3.36 -6.72
C GLY B 182 -7.59 4.40 -6.56
N VAL B 183 -7.21 4.74 -5.32
CA VAL B 183 -6.26 5.84 -5.15
C VAL B 183 -4.85 5.42 -5.54
N ASP B 184 -4.46 4.18 -5.29
CA ASP B 184 -3.14 3.77 -5.77
C ASP B 184 -3.06 3.89 -7.28
N PHE B 185 -4.08 3.41 -7.98
CA PHE B 185 -4.16 3.53 -9.43
C PHE B 185 -4.11 5.00 -9.84
N TRP B 186 -4.90 5.84 -9.18
CA TRP B 186 -4.91 7.27 -9.41
C TRP B 186 -3.52 7.88 -9.37
N MET B 187 -2.75 7.58 -8.31
CA MET B 187 -1.42 8.16 -8.18
C MET B 187 -0.51 7.69 -9.32
N LYS B 188 -0.59 6.40 -9.67
CA LYS B 188 0.33 5.84 -10.65
C LYS B 188 -0.03 6.28 -12.07
N MET B 189 -1.25 6.77 -12.30
CA MET B 189 -1.57 7.34 -13.60
C MET B 189 -1.50 8.87 -13.63
N SER B 190 -1.47 9.52 -12.46
CA SER B 190 -1.43 10.97 -12.37
C SER B 190 -0.02 11.55 -12.32
N TYR B 191 1.00 10.77 -11.90
CA TYR B 191 2.32 11.40 -11.80
C TYR B 191 2.83 11.94 -13.14
N PRO B 192 2.53 11.36 -14.31
CA PRO B 192 2.95 12.03 -15.55
C PRO B 192 2.34 13.42 -15.74
N ILE B 193 1.22 13.72 -15.08
CA ILE B 193 0.62 15.05 -15.20
C ILE B 193 1.62 16.12 -14.72
N TYR B 194 2.36 15.83 -13.65
CA TYR B 194 3.16 16.81 -12.94
C TYR B 194 4.64 16.77 -13.30
N ARG B 195 5.16 15.61 -13.73
CA ARG B 195 6.58 15.43 -14.06
C ARG B 195 7.47 15.92 -12.91
N HIS B 196 7.08 15.56 -11.69
CA HIS B 196 7.74 16.03 -10.49
C HIS B 196 8.43 14.84 -9.82
N PRO B 197 9.76 14.80 -9.80
CA PRO B 197 10.46 13.60 -9.30
C PRO B 197 9.96 13.09 -7.96
N GLU B 198 9.96 13.93 -6.94
CA GLU B 198 9.52 13.53 -5.59
C GLU B 198 8.13 12.88 -5.62
N PHE B 199 7.17 13.48 -6.34
CA PHE B 199 5.82 12.92 -6.37
C PHE B 199 5.79 11.60 -7.11
N THR B 200 6.53 11.51 -8.22
CA THR B 200 6.64 10.26 -8.96
C THR B 200 7.15 9.14 -8.06
N GLU B 201 8.15 9.42 -7.22
CA GLU B 201 8.62 8.39 -6.29
C GLU B 201 7.54 7.98 -5.30
N HIS B 202 6.85 8.95 -4.69
CA HIS B 202 5.82 8.61 -3.72
C HIS B 202 4.66 7.85 -4.37
N ALA B 203 4.39 8.17 -5.64
CA ALA B 203 3.38 7.42 -6.38
C ALA B 203 3.81 5.98 -6.57
N LYS B 204 5.07 5.76 -6.94
CA LYS B 204 5.49 4.42 -7.31
C LYS B 204 5.70 3.50 -6.10
N THR B 205 6.03 4.04 -4.93
CA THR B 205 6.07 3.26 -3.70
C THR B 205 4.68 3.03 -3.11
N SER B 206 3.66 3.76 -3.60
CA SER B 206 2.31 3.78 -3.05
C SER B 206 2.22 4.51 -1.71
N LEU B 207 3.30 5.11 -1.22
CA LEU B 207 3.19 5.97 -0.04
C LEU B 207 2.21 7.13 -0.30
N ALA B 208 2.17 7.63 -1.54
CA ALA B 208 1.20 8.66 -1.89
C ALA B 208 -0.22 8.16 -1.64
N ALA B 209 -0.53 6.95 -2.11
CA ALA B 209 -1.83 6.36 -1.90
C ALA B 209 -2.10 6.13 -0.42
N ARG B 210 -1.09 5.62 0.30
CA ARG B 210 -1.33 5.36 1.72
C ARG B 210 -1.58 6.65 2.49
N MET B 211 -0.98 7.78 2.08
CA MET B 211 -1.23 9.04 2.79
C MET B 211 -2.66 9.53 2.61
N THR B 212 -3.27 9.26 1.47
CA THR B 212 -4.51 9.92 1.10
C THR B 212 -5.74 9.02 1.20
N THR B 213 -5.54 7.73 1.49
CA THR B 213 -6.64 6.77 1.45
C THR B 213 -7.74 7.13 2.44
N ARG B 214 -7.38 7.45 3.68
CA ARG B 214 -8.44 7.69 4.66
C ARG B 214 -9.24 8.95 4.34
N GLY B 215 -8.58 10.02 3.94
CA GLY B 215 -9.28 11.25 3.60
C GLY B 215 -10.26 11.06 2.46
N LEU B 216 -9.84 10.33 1.42
CA LEU B 216 -10.75 10.03 0.32
C LEU B 216 -11.88 9.11 0.77
N THR B 217 -11.53 8.05 1.50
CA THR B 217 -12.49 7.00 1.76
C THR B 217 -13.56 7.43 2.75
N ILE B 218 -13.16 8.12 3.82
CA ILE B 218 -14.12 8.50 4.84
C ILE B 218 -15.19 9.40 4.22
N VAL B 219 -14.77 10.34 3.38
CA VAL B 219 -15.72 11.22 2.69
C VAL B 219 -16.59 10.42 1.73
N ASN B 220 -15.96 9.57 0.88
CA ASN B 220 -16.77 8.78 -0.04
C ASN B 220 -17.77 7.92 0.70
N ASP B 221 -17.32 7.24 1.76
CA ASP B 221 -18.19 6.33 2.49
C ASP B 221 -19.40 7.06 3.08
N PHE B 222 -19.18 8.25 3.64
CA PHE B 222 -20.29 8.94 4.26
C PHE B 222 -21.39 9.21 3.24
N TYR B 223 -21.01 9.76 2.10
CA TYR B 223 -22.00 10.20 1.14
C TYR B 223 -22.50 9.09 0.22
N SER B 224 -21.84 7.92 0.18
CA SER B 224 -22.33 6.81 -0.61
C SER B 224 -22.95 5.71 0.24
N TYR B 225 -22.99 5.90 1.56
CA TYR B 225 -23.55 4.91 2.48
C TYR B 225 -24.96 4.46 2.08
N ASP B 226 -25.87 5.41 1.86
CA ASP B 226 -27.26 5.02 1.62
C ASP B 226 -27.38 4.16 0.36
N ARG B 227 -26.63 4.51 -0.68
CA ARG B 227 -26.62 3.69 -1.89
C ARG B 227 -26.08 2.30 -1.59
N GLU B 228 -24.88 2.23 -1.04
CA GLU B 228 -24.23 0.93 -0.89
C GLU B 228 -25.05 0.01 0.02
N VAL B 229 -25.63 0.56 1.08
CA VAL B 229 -26.47 -0.26 1.93
C VAL B 229 -27.71 -0.76 1.16
N SER B 230 -28.37 0.09 0.37
CA SER B 230 -29.54 -0.39 -0.36
C SER B 230 -29.18 -1.39 -1.46
N LEU B 231 -27.89 -1.50 -1.81
CA LEU B 231 -27.42 -2.45 -2.82
C LEU B 231 -26.70 -3.65 -2.21
N GLY B 232 -26.71 -3.79 -0.88
CA GLY B 232 -26.02 -4.90 -0.24
C GLY B 232 -24.50 -4.85 -0.32
N GLN B 233 -23.92 -3.69 -0.60
CA GLN B 233 -22.46 -3.57 -0.65
C GLN B 233 -21.92 -3.31 0.75
N ILE B 234 -20.84 -3.99 1.12
CA ILE B 234 -20.32 -3.89 2.49
C ILE B 234 -19.07 -3.04 2.57
N THR B 235 -18.57 -2.52 1.46
CA THR B 235 -17.30 -1.78 1.48
C THR B 235 -17.56 -0.31 1.85
N ASN B 236 -17.75 -0.09 3.17
CA ASN B 236 -18.07 1.22 3.71
C ASN B 236 -17.77 1.26 5.20
N CYS B 237 -16.93 2.18 5.66
CA CYS B 237 -16.49 2.12 7.05
C CYS B 237 -17.60 2.43 8.04
N PHE B 238 -18.67 3.12 7.62
CA PHE B 238 -19.73 3.38 8.59
C PHE B 238 -20.59 2.16 8.87
N ARG B 239 -20.45 1.06 8.10
CA ARG B 239 -21.07 -0.19 8.51
C ARG B 239 -20.41 -0.77 9.76
N LEU B 240 -19.23 -0.28 10.12
CA LEU B 240 -18.55 -0.73 11.34
C LEU B 240 -19.13 -0.12 12.61
N CYS B 241 -20.06 0.83 12.49
CA CYS B 241 -20.65 1.44 13.67
C CYS B 241 -22.17 1.43 13.54
N ASP B 242 -22.82 1.61 14.68
CA ASP B 242 -24.28 1.57 14.71
C ASP B 242 -24.77 2.97 14.35
N VAL B 243 -24.99 3.21 13.05
CA VAL B 243 -25.42 4.53 12.64
C VAL B 243 -26.80 4.89 13.18
N SER B 244 -27.58 3.91 13.66
CA SER B 244 -28.89 4.22 14.25
C SER B 244 -28.79 4.78 15.66
N ASP B 245 -27.60 4.88 16.21
CA ASP B 245 -27.37 5.34 17.57
C ASP B 245 -26.51 6.59 17.48
N GLU B 246 -27.08 7.75 17.83
CA GLU B 246 -26.35 8.99 17.64
C GLU B 246 -25.08 9.02 18.49
N THR B 247 -25.15 8.50 19.73
CA THR B 247 -23.93 8.36 20.55
C THR B 247 -22.84 7.64 19.76
N ALA B 248 -23.12 6.42 19.32
CA ALA B 248 -22.10 5.63 18.67
C ALA B 248 -21.66 6.29 17.37
N PHE B 249 -22.61 6.81 16.59
CA PHE B 249 -22.25 7.38 15.30
C PHE B 249 -21.31 8.57 15.46
N LYS B 250 -21.70 9.56 16.27
CA LYS B 250 -20.84 10.75 16.35
C LYS B 250 -19.48 10.42 16.94
N GLU B 251 -19.41 9.42 17.82
CA GLU B 251 -18.12 8.98 18.33
C GLU B 251 -17.25 8.39 17.22
N PHE B 252 -17.83 7.51 16.42
CA PHE B 252 -17.12 6.95 15.28
C PHE B 252 -16.73 8.05 14.30
N PHE B 253 -17.65 8.98 14.05
CA PHE B 253 -17.37 10.03 13.08
C PHE B 253 -16.21 10.90 13.56
N GLN B 254 -16.21 11.27 14.85
CA GLN B 254 -15.09 12.03 15.39
C GLN B 254 -13.78 11.25 15.28
N ALA B 255 -13.82 9.95 15.54
CA ALA B 255 -12.61 9.15 15.34
C ALA B 255 -12.13 9.25 13.89
N ARG B 256 -13.06 9.24 12.92
CA ARG B 256 -12.66 9.31 11.52
C ARG B 256 -12.13 10.71 11.17
N LEU B 257 -12.75 11.78 11.70
CA LEU B 257 -12.18 13.12 11.52
C LEU B 257 -10.76 13.19 12.07
N ASP B 258 -10.55 12.64 13.28
CA ASP B 258 -9.21 12.63 13.86
C ASP B 258 -8.22 11.95 12.92
N ASP B 259 -8.62 10.84 12.30
CA ASP B 259 -7.72 10.16 11.37
C ASP B 259 -7.42 11.05 10.15
N MET B 260 -8.43 11.78 9.67
CA MET B 260 -8.19 12.68 8.56
C MET B 260 -7.20 13.78 8.93
N ILE B 261 -7.38 14.38 10.11
CA ILE B 261 -6.51 15.44 10.57
C ILE B 261 -5.08 14.93 10.73
N GLU B 262 -4.96 13.75 11.34
CA GLU B 262 -3.65 13.12 11.48
C GLU B 262 -2.94 13.01 10.13
N ASP B 263 -3.63 12.45 9.13
CA ASP B 263 -3.03 12.31 7.80
C ASP B 263 -2.64 13.65 7.22
N ILE B 264 -3.53 14.63 7.33
CA ILE B 264 -3.26 15.92 6.70
C ILE B 264 -2.06 16.59 7.33
N GLU B 265 -1.93 16.51 8.65
CA GLU B 265 -0.81 17.17 9.32
C GLU B 265 0.53 16.46 9.03
N CYS B 266 0.51 15.13 8.81
CA CYS B 266 1.74 14.51 8.32
C CYS B 266 1.96 14.73 6.83
N ILE B 267 0.88 14.92 6.05
CA ILE B 267 1.07 15.27 4.66
C ILE B 267 1.85 16.58 4.52
N LYS B 268 1.73 17.49 5.49
CA LYS B 268 2.45 18.75 5.42
C LYS B 268 3.96 18.60 5.58
N ALA B 269 4.46 17.42 5.94
CA ALA B 269 5.89 17.20 5.95
C ALA B 269 6.45 16.90 4.58
N PHE B 270 5.62 16.60 3.58
CA PHE B 270 6.13 16.32 2.26
C PHE B 270 6.59 17.63 1.60
N ASP B 271 7.24 17.51 0.43
CA ASP B 271 7.67 18.67 -0.30
C ASP B 271 6.43 19.46 -0.73
N GLN B 272 6.62 20.78 -0.86
CA GLN B 272 5.47 21.68 -0.97
C GLN B 272 4.61 21.35 -2.19
N LEU B 273 5.21 20.87 -3.29
CA LEU B 273 4.40 20.53 -4.45
C LEU B 273 3.63 19.23 -4.21
N THR B 274 4.30 18.21 -3.69
CA THR B 274 3.63 16.95 -3.38
C THR B 274 2.47 17.19 -2.40
N GLN B 275 2.67 18.02 -1.38
CA GLN B 275 1.58 18.21 -0.43
C GLN B 275 0.41 18.94 -1.07
N ASP B 276 0.67 19.90 -1.97
CA ASP B 276 -0.43 20.53 -2.69
C ASP B 276 -1.24 19.49 -3.45
N VAL B 277 -0.55 18.53 -4.07
CA VAL B 277 -1.25 17.50 -4.84
C VAL B 277 -2.09 16.63 -3.91
N PHE B 278 -1.49 16.15 -2.81
CA PHE B 278 -2.23 15.30 -1.87
C PHE B 278 -3.46 16.02 -1.32
N LEU B 279 -3.28 17.27 -0.88
CA LEU B 279 -4.37 17.98 -0.24
C LEU B 279 -5.47 18.37 -1.24
N ASP B 280 -5.08 18.81 -2.44
CA ASP B 280 -6.09 19.04 -3.48
C ASP B 280 -6.89 17.78 -3.74
N LEU B 281 -6.23 16.61 -3.69
CA LEU B 281 -6.94 15.37 -3.92
C LEU B 281 -8.00 15.14 -2.85
N ILE B 282 -7.61 15.25 -1.58
CA ILE B 282 -8.56 14.98 -0.49
C ILE B 282 -9.67 16.04 -0.46
N TYR B 283 -9.28 17.30 -0.54
CA TYR B 283 -10.25 18.37 -0.43
C TYR B 283 -11.12 18.48 -1.69
N GLY B 284 -10.50 18.36 -2.87
CA GLY B 284 -11.28 18.34 -4.10
C GLY B 284 -12.28 17.19 -4.15
N ASN B 285 -11.89 16.01 -3.67
CA ASN B 285 -12.85 14.92 -3.65
C ASN B 285 -14.07 15.27 -2.81
N PHE B 286 -13.85 15.99 -1.71
CA PHE B 286 -14.97 16.38 -0.86
C PHE B 286 -15.87 17.39 -1.58
N VAL B 287 -15.27 18.36 -2.26
CA VAL B 287 -16.07 19.34 -3.01
C VAL B 287 -16.89 18.65 -4.10
N TRP B 288 -16.23 17.80 -4.89
CA TRP B 288 -16.90 17.05 -5.94
C TRP B 288 -18.01 16.17 -5.37
N THR B 289 -17.69 15.43 -4.29
CA THR B 289 -18.65 14.50 -3.72
C THR B 289 -19.93 15.21 -3.28
N THR B 290 -19.80 16.39 -2.68
CA THR B 290 -20.96 17.06 -2.12
C THR B 290 -21.77 17.80 -3.18
N SER B 291 -21.26 17.88 -4.41
CA SER B 291 -21.94 18.60 -5.48
C SER B 291 -22.65 17.71 -6.46
N ASN B 292 -22.37 16.42 -6.48
CA ASN B 292 -22.72 15.59 -7.62
C ASN B 292 -23.87 14.66 -7.25
N LYS B 293 -24.81 14.48 -8.19
CA LYS B 293 -26.01 13.70 -7.92
C LYS B 293 -25.70 12.27 -7.52
N ARG B 294 -24.54 11.75 -7.90
CA ARG B 294 -24.17 10.40 -7.49
C ARG B 294 -24.13 10.24 -5.97
N TYR B 295 -23.77 11.29 -5.24
CA TYR B 295 -23.51 11.17 -3.81
C TYR B 295 -24.59 11.79 -2.96
N LYS B 296 -25.84 11.51 -3.26
CA LYS B 296 -26.93 11.91 -2.40
C LYS B 296 -27.94 10.78 -2.19
N THR B 297 -28.25 10.02 -3.25
CA THR B 297 -29.34 9.08 -3.29
C THR B 297 -28.79 7.65 -3.36
N ALA B 298 -29.51 6.73 -2.73
CA ALA B 298 -29.25 5.31 -2.95
C ALA B 298 -29.10 5.02 -4.45
N VAL B 299 -30.12 5.36 -5.22
CA VAL B 299 -30.16 5.02 -6.63
C VAL B 299 -30.55 6.27 -7.40
N ASN B 300 -30.22 6.29 -8.68
CA ASN B 300 -30.74 7.27 -9.62
C ASN B 300 -30.36 6.80 -11.00
N ASP B 301 -29.92 7.75 -11.81
CA ASP B 301 -29.59 7.60 -13.22
C ASP B 301 -28.11 7.81 -13.45
N VAL B 302 -27.37 8.13 -12.40
CA VAL B 302 -25.92 8.24 -12.50
C VAL B 302 -25.19 7.30 -11.57
N ASN B 303 -25.84 6.72 -10.55
CA ASN B 303 -25.17 5.74 -9.69
C ASN B 303 -25.85 4.37 -9.70
N SER B 304 -26.71 4.11 -10.67
CA SER B 304 -27.25 2.78 -10.83
C SER B 304 -26.16 1.82 -11.29
N ARG B 305 -25.60 1.05 -10.35
CA ARG B 305 -24.60 0.08 -10.72
C ARG B 305 -25.14 -0.70 -11.93
N ILE B 306 -24.34 -0.75 -13.00
CA ILE B 306 -24.81 -1.23 -14.30
C ILE B 306 -24.80 -2.76 -14.25
N GLN B 307 -25.47 -3.31 -13.25
CA GLN B 307 -25.83 -4.70 -13.08
C GLN B 307 -27.27 -4.92 -13.52
N ALA B 308 -28.12 -5.24 -12.54
CA ALA B 308 -29.55 -5.21 -12.66
C ALA B 308 -30.11 -4.55 -11.42
N GLY A 14 18.74 7.30 29.22
CA GLY A 14 17.89 6.13 29.41
C GLY A 14 16.84 6.03 28.32
N ARG A 15 16.45 4.78 28.04
CA ARG A 15 15.76 4.31 26.84
C ARG A 15 16.75 3.85 25.77
N SER A 16 17.98 3.55 26.16
CA SER A 16 18.94 3.08 25.17
C SER A 16 18.75 1.62 24.79
N SER A 17 17.91 0.86 25.52
CA SER A 17 17.93 -0.58 25.30
C SER A 17 16.66 -1.26 25.83
N VAL A 18 16.12 -2.17 25.04
CA VAL A 18 15.01 -3.02 25.49
C VAL A 18 15.50 -4.31 26.13
N ARG A 19 16.81 -4.42 26.40
CA ARG A 19 17.39 -5.63 27.02
C ARG A 19 16.60 -6.20 28.20
N PRO A 20 16.15 -5.43 29.18
CA PRO A 20 15.45 -6.04 30.33
C PRO A 20 14.22 -6.85 29.95
N TYR A 21 13.60 -6.57 28.81
CA TYR A 21 12.37 -7.24 28.39
C TYR A 21 12.62 -8.38 27.40
N LEU A 22 13.89 -8.68 27.11
CA LEU A 22 14.21 -9.58 26.00
C LEU A 22 13.56 -10.95 26.18
N GLU A 23 13.68 -11.54 27.36
CA GLU A 23 13.18 -12.89 27.58
C GLU A 23 11.65 -12.94 27.57
N GLU A 24 11.01 -12.06 28.35
CA GLU A 24 9.55 -11.95 28.39
C GLU A 24 8.97 -11.78 26.99
N CYS A 25 9.47 -10.77 26.27
CA CYS A 25 8.92 -10.47 24.95
C CYS A 25 9.15 -11.62 23.98
N THR A 26 10.33 -12.24 24.01
CA THR A 26 10.56 -13.39 23.15
C THR A 26 9.55 -14.48 23.45
N ARG A 27 9.37 -14.80 24.73
CA ARG A 27 8.38 -15.80 25.12
C ARG A 27 6.99 -15.44 24.60
N ARG A 28 6.59 -14.17 24.74
CA ARG A 28 5.22 -13.81 24.37
C ARG A 28 5.01 -13.85 22.86
N PHE A 29 5.99 -13.36 22.09
CA PHE A 29 5.95 -13.52 20.64
C PHE A 29 5.71 -14.99 20.27
N GLN A 30 6.52 -15.89 20.82
CA GLN A 30 6.40 -17.28 20.45
C GLN A 30 5.04 -17.86 20.84
N GLU A 31 4.57 -17.55 22.05
CA GLU A 31 3.26 -18.01 22.48
C GLU A 31 2.18 -17.56 21.52
N MET A 32 2.26 -16.29 21.12
CA MET A 32 1.30 -15.74 20.17
C MET A 32 1.32 -16.55 18.86
N PHE A 33 2.51 -16.78 18.31
CA PHE A 33 2.60 -17.58 17.09
C PHE A 33 2.03 -18.98 17.27
N ASP A 34 2.29 -19.62 18.41
CA ASP A 34 1.80 -20.98 18.61
C ASP A 34 0.30 -21.02 18.72
N ARG A 35 -0.31 -19.96 19.28
CA ARG A 35 -1.74 -19.91 19.45
C ARG A 35 -2.48 -19.57 18.16
N HIS A 36 -1.88 -18.71 17.32
CA HIS A 36 -2.60 -18.03 16.23
C HIS A 36 -2.11 -18.38 14.83
N VAL A 37 -0.87 -18.84 14.68
CA VAL A 37 -0.41 -19.42 13.43
C VAL A 37 -0.38 -20.93 13.50
N VAL A 38 0.29 -21.45 14.54
CA VAL A 38 0.30 -22.85 15.00
C VAL A 38 1.35 -23.66 14.25
N THR A 39 1.53 -23.41 12.96
CA THR A 39 2.49 -24.21 12.22
C THR A 39 3.79 -23.44 11.99
N ARG A 40 4.92 -24.10 12.25
CA ARG A 40 6.23 -23.45 12.20
C ARG A 40 6.70 -23.29 10.75
N PRO A 41 7.44 -22.24 10.45
CA PRO A 41 7.97 -22.10 9.10
C PRO A 41 9.02 -23.16 8.80
N THR A 42 9.38 -23.22 7.53
CA THR A 42 10.29 -24.24 7.03
C THR A 42 11.48 -23.58 6.37
N LYS A 43 12.65 -24.18 6.51
CA LYS A 43 13.87 -23.58 6.00
C LYS A 43 14.28 -24.24 4.68
N VAL A 44 14.32 -23.43 3.62
CA VAL A 44 14.84 -23.84 2.31
C VAL A 44 16.35 -24.05 2.40
N GLU A 45 16.79 -25.30 2.39
CA GLU A 45 18.23 -25.55 2.50
C GLU A 45 18.86 -25.34 1.14
N LEU A 46 20.17 -25.17 1.12
CA LEU A 46 20.80 -24.82 -0.13
C LEU A 46 21.87 -25.84 -0.47
N THR A 47 21.88 -26.27 -1.73
CA THR A 47 23.05 -26.94 -2.22
C THR A 47 24.21 -25.94 -2.17
N ASP A 48 25.41 -26.45 -1.86
CA ASP A 48 26.59 -25.59 -1.91
C ASP A 48 26.66 -24.89 -3.27
N ALA A 49 26.29 -25.58 -4.36
CA ALA A 49 26.27 -24.95 -5.68
C ALA A 49 25.31 -23.77 -5.73
N GLU A 50 24.11 -23.92 -5.16
CA GLU A 50 23.17 -22.81 -5.13
C GLU A 50 23.66 -21.69 -4.23
N LEU A 51 24.38 -22.04 -3.15
CA LEU A 51 24.86 -21.04 -2.22
C LEU A 51 25.98 -20.21 -2.82
N ARG A 52 26.90 -20.88 -3.54
CA ARG A 52 27.95 -20.17 -4.25
C ARG A 52 27.37 -19.31 -5.35
N GLU A 53 26.38 -19.82 -6.08
CA GLU A 53 25.75 -18.99 -7.11
C GLU A 53 25.14 -17.73 -6.50
N VAL A 54 24.49 -17.86 -5.34
CA VAL A 54 23.90 -16.70 -4.69
C VAL A 54 24.98 -15.74 -4.21
N ILE A 55 25.96 -16.26 -3.46
CA ILE A 55 26.95 -15.40 -2.83
C ILE A 55 27.84 -14.74 -3.88
N ASP A 56 28.27 -15.49 -4.90
CA ASP A 56 29.11 -14.88 -5.92
C ASP A 56 28.35 -13.81 -6.71
N ASP A 57 27.03 -14.00 -6.90
CA ASP A 57 26.21 -12.97 -7.53
C ASP A 57 26.03 -11.75 -6.62
N CYS A 58 25.83 -11.98 -5.31
CA CYS A 58 25.82 -10.88 -4.35
C CYS A 58 27.11 -10.09 -4.40
N ASN A 59 28.25 -10.79 -4.38
CA ASN A 59 29.54 -10.10 -4.43
C ASN A 59 29.70 -9.33 -5.73
N ALA A 60 29.30 -9.93 -6.86
CA ALA A 60 29.40 -9.23 -8.14
C ALA A 60 28.52 -7.99 -8.17
N ALA A 61 27.36 -8.05 -7.50
CA ALA A 61 26.42 -6.93 -7.57
C ALA A 61 26.90 -5.73 -6.77
N VAL A 62 27.49 -5.96 -5.60
CA VAL A 62 27.94 -4.85 -4.76
C VAL A 62 29.38 -4.47 -5.03
N ALA A 63 30.12 -5.26 -5.80
CA ALA A 63 31.50 -4.90 -6.12
C ALA A 63 31.63 -3.50 -6.71
N PRO A 64 30.71 -3.01 -7.56
CA PRO A 64 30.89 -1.63 -8.07
C PRO A 64 31.00 -0.60 -6.96
N LEU A 65 30.34 -0.81 -5.81
CA LEU A 65 30.36 0.13 -4.69
C LEU A 65 31.67 0.10 -3.92
N GLY A 66 32.41 -1.00 -3.97
CA GLY A 66 33.77 -1.01 -3.48
C GLY A 66 33.98 -1.42 -2.03
N LYS A 67 33.02 -2.06 -1.38
CA LYS A 67 33.21 -2.59 -0.04
C LYS A 67 33.19 -4.11 -0.09
N THR A 68 33.92 -4.75 0.81
CA THR A 68 33.90 -6.19 0.95
C THR A 68 32.79 -6.60 1.89
N VAL A 69 32.02 -7.61 1.50
CA VAL A 69 31.02 -8.22 2.36
C VAL A 69 31.44 -9.66 2.60
N SER A 70 31.54 -10.04 3.87
CA SER A 70 32.02 -11.37 4.22
C SER A 70 30.94 -12.42 4.02
N ASP A 71 31.39 -13.65 3.84
CA ASP A 71 30.51 -14.81 3.79
C ASP A 71 29.48 -14.83 4.91
N GLU A 72 29.93 -14.70 6.16
CA GLU A 72 28.97 -14.82 7.26
C GLU A 72 28.02 -13.63 7.31
N ARG A 73 28.44 -12.47 6.81
CA ARG A 73 27.48 -11.36 6.70
C ARG A 73 26.42 -11.67 5.63
N TRP A 74 26.83 -12.19 4.47
CA TRP A 74 25.84 -12.61 3.47
C TRP A 74 24.86 -13.63 4.05
N ILE A 75 25.37 -14.59 4.82
CA ILE A 75 24.53 -15.64 5.35
C ILE A 75 23.59 -15.10 6.41
N SER A 76 24.06 -14.12 7.19
CA SER A 76 23.16 -13.44 8.10
C SER A 76 21.98 -12.85 7.32
N TYR A 77 22.29 -12.13 6.24
CA TYR A 77 21.23 -11.49 5.45
C TYR A 77 20.31 -12.54 4.81
N VAL A 78 20.89 -13.60 4.24
CA VAL A 78 20.11 -14.53 3.44
C VAL A 78 19.17 -15.38 4.29
N GLY A 79 19.46 -15.48 5.59
CA GLY A 79 18.67 -16.35 6.45
C GLY A 79 17.18 -16.04 6.44
N VAL A 80 16.81 -14.76 6.25
CA VAL A 80 15.40 -14.41 6.27
C VAL A 80 14.69 -15.07 5.09
N VAL A 81 15.36 -15.16 3.93
CA VAL A 81 14.73 -15.82 2.78
C VAL A 81 14.64 -17.31 3.03
N LEU A 82 15.67 -17.89 3.66
CA LEU A 82 15.68 -19.33 3.85
C LEU A 82 14.59 -19.76 4.81
N TRP A 83 14.25 -18.90 5.78
CA TRP A 83 13.32 -19.21 6.86
C TRP A 83 11.89 -18.72 6.62
N SER A 84 11.71 -17.73 5.76
CA SER A 84 10.45 -16.99 5.74
C SER A 84 9.69 -17.14 4.41
N GLN A 85 10.18 -17.93 3.47
CA GLN A 85 9.38 -18.29 2.31
C GLN A 85 8.50 -19.48 2.70
N SER A 86 7.88 -20.13 1.72
CA SER A 86 6.96 -21.25 1.96
C SER A 86 7.44 -22.45 1.15
N PRO A 87 8.40 -23.22 1.67
CA PRO A 87 9.12 -24.18 0.83
C PRO A 87 8.26 -25.27 0.21
N ARG A 88 7.17 -25.72 0.87
CA ARG A 88 6.36 -26.78 0.28
C ARG A 88 5.51 -26.27 -0.86
N HIS A 89 5.35 -24.95 -0.99
CA HIS A 89 4.65 -24.38 -2.11
C HIS A 89 5.59 -23.87 -3.19
N ILE A 90 6.91 -24.00 -3.03
CA ILE A 90 7.81 -23.46 -4.04
C ILE A 90 7.65 -24.22 -5.34
N LYS A 91 7.62 -23.49 -6.45
CA LYS A 91 7.65 -24.08 -7.76
C LYS A 91 8.86 -23.67 -8.58
N ASP A 92 9.42 -22.49 -8.33
CA ASP A 92 10.42 -21.89 -9.21
C ASP A 92 11.66 -21.56 -8.37
N MET A 93 12.63 -22.48 -8.33
CA MET A 93 13.84 -22.25 -7.55
C MET A 93 14.75 -21.19 -8.15
N GLU A 94 14.61 -20.89 -9.44
CA GLU A 94 15.33 -19.76 -10.01
C GLU A 94 14.84 -18.45 -9.40
N ALA A 95 13.52 -18.29 -9.31
CA ALA A 95 12.97 -17.13 -8.60
C ALA A 95 13.41 -17.10 -7.14
N PHE A 96 13.46 -18.25 -6.47
CA PHE A 96 13.91 -18.29 -5.08
C PHE A 96 15.33 -17.76 -4.95
N LYS A 97 16.25 -18.25 -5.79
CA LYS A 97 17.62 -17.77 -5.74
C LYS A 97 17.68 -16.27 -6.00
N ALA A 98 16.83 -15.77 -6.90
CA ALA A 98 16.77 -14.33 -7.15
C ALA A 98 16.38 -13.56 -5.90
N VAL A 99 15.39 -14.07 -5.16
CA VAL A 99 14.99 -13.38 -3.92
C VAL A 99 16.13 -13.41 -2.92
N CYS A 100 16.88 -14.52 -2.87
CA CYS A 100 18.07 -14.55 -2.01
C CYS A 100 19.02 -13.41 -2.36
N VAL A 101 19.37 -13.29 -3.64
CA VAL A 101 20.37 -12.31 -4.05
C VAL A 101 19.85 -10.89 -3.82
N LEU A 102 18.67 -10.59 -4.34
CA LEU A 102 18.09 -9.25 -4.19
C LEU A 102 17.89 -8.87 -2.74
N ASN A 103 17.40 -9.81 -1.92
CA ASN A 103 17.28 -9.53 -0.50
C ASN A 103 18.61 -9.13 0.11
N CYS A 104 19.67 -9.87 -0.23
CA CYS A 104 20.97 -9.64 0.40
C CYS A 104 21.59 -8.33 -0.07
N VAL A 105 21.57 -8.05 -1.38
CA VAL A 105 22.33 -6.90 -1.85
C VAL A 105 21.64 -5.59 -1.43
N THR A 106 20.31 -5.59 -1.31
CA THR A 106 19.65 -4.38 -0.80
C THR A 106 19.75 -4.29 0.73
N PHE A 107 19.97 -5.41 1.41
CA PHE A 107 20.33 -5.36 2.81
C PHE A 107 21.66 -4.63 3.02
N VAL A 108 22.64 -4.89 2.15
CA VAL A 108 23.89 -4.12 2.19
C VAL A 108 23.60 -2.63 2.04
N TRP A 109 22.81 -2.29 1.02
CA TRP A 109 22.39 -0.90 0.79
C TRP A 109 21.76 -0.30 2.05
N ASP A 110 20.89 -1.07 2.72
CA ASP A 110 20.28 -0.64 3.98
C ASP A 110 21.32 -0.31 5.04
N ASP A 111 22.38 -1.12 5.12
CA ASP A 111 23.41 -0.91 6.11
C ASP A 111 24.43 0.15 5.70
N MET A 112 24.42 0.57 4.43
CA MET A 112 25.37 1.54 3.90
C MET A 112 24.98 2.97 4.25
N ASP A 113 25.90 3.69 4.82
CA ASP A 113 25.76 5.13 4.97
C ASP A 113 25.75 5.77 3.58
N PRO A 114 24.92 6.81 3.36
CA PRO A 114 24.43 7.09 2.00
C PRO A 114 25.46 7.68 1.05
N ALA A 115 26.64 8.08 1.55
CA ALA A 115 27.69 8.54 0.65
C ALA A 115 28.16 7.42 -0.26
N LEU A 116 27.76 6.18 0.03
CA LEU A 116 28.17 5.00 -0.71
C LEU A 116 27.16 4.61 -1.78
N HIS A 117 25.99 5.21 -1.78
CA HIS A 117 24.87 4.82 -2.63
C HIS A 117 25.04 5.40 -4.03
N ASP A 118 25.54 4.58 -4.96
CA ASP A 118 25.78 5.04 -6.33
C ASP A 118 24.76 4.37 -7.24
N PHE A 119 23.70 5.10 -7.56
CA PHE A 119 22.61 4.55 -8.35
C PHE A 119 23.07 4.16 -9.76
N GLY A 120 23.89 5.00 -10.39
CA GLY A 120 24.39 4.67 -11.71
C GLY A 120 25.15 3.36 -11.75
N LEU A 121 25.79 2.97 -10.65
CA LEU A 121 26.55 1.74 -10.59
C LEU A 121 25.72 0.57 -10.09
N PHE A 122 24.81 0.81 -9.14
CA PHE A 122 24.08 -0.29 -8.53
C PHE A 122 22.86 -0.71 -9.31
N LEU A 123 22.12 0.25 -9.88
CA LEU A 123 20.88 -0.11 -10.55
C LEU A 123 21.10 -1.04 -11.73
N PRO A 124 22.09 -0.84 -12.62
CA PRO A 124 22.37 -1.86 -13.65
C PRO A 124 22.70 -3.24 -13.07
N GLN A 125 23.34 -3.32 -11.91
CA GLN A 125 23.60 -4.62 -11.30
C GLN A 125 22.29 -5.30 -10.90
N LEU A 126 21.35 -4.55 -10.31
CA LEU A 126 20.05 -5.11 -9.99
C LEU A 126 19.34 -5.58 -11.25
N ARG A 127 19.45 -4.80 -12.33
CA ARG A 127 18.89 -5.20 -13.61
C ARG A 127 19.52 -6.50 -14.11
N LYS A 128 20.84 -6.65 -13.91
CA LYS A 128 21.50 -7.92 -14.22
C LYS A 128 20.81 -9.08 -13.50
N ILE A 129 20.67 -8.98 -12.19
CA ILE A 129 20.11 -10.06 -11.39
C ILE A 129 18.69 -10.38 -11.85
N CYS A 130 17.87 -9.35 -12.05
CA CYS A 130 16.48 -9.59 -12.37
C CYS A 130 16.32 -10.28 -13.73
N GLU A 131 17.11 -9.87 -14.72
CA GLU A 131 17.02 -10.51 -16.03
C GLU A 131 17.50 -11.97 -15.97
N LYS A 132 18.57 -12.25 -15.22
CA LYS A 132 19.13 -13.60 -15.20
C LYS A 132 18.12 -14.61 -14.68
N TYR A 133 17.41 -14.29 -13.59
CA TYR A 133 16.66 -15.31 -12.85
C TYR A 133 15.18 -15.34 -13.16
N TYR A 134 14.63 -14.26 -13.71
CA TYR A 134 13.20 -14.15 -13.95
C TYR A 134 12.91 -14.21 -15.44
N GLY A 135 11.65 -14.53 -15.75
CA GLY A 135 11.16 -14.36 -17.09
C GLY A 135 11.22 -12.91 -17.51
N PRO A 136 11.04 -12.67 -18.81
CA PRO A 136 11.22 -11.30 -19.33
C PRO A 136 10.30 -10.28 -18.68
N GLU A 137 9.06 -10.67 -18.37
CA GLU A 137 8.14 -9.72 -17.76
C GLU A 137 8.37 -9.60 -16.26
N ASP A 138 8.41 -10.72 -15.54
CA ASP A 138 8.54 -10.69 -14.09
C ASP A 138 9.85 -10.00 -13.67
N ALA A 139 10.86 -10.03 -14.56
CA ALA A 139 12.08 -9.25 -14.31
C ALA A 139 11.77 -7.78 -14.14
N GLU A 140 10.89 -7.24 -14.98
CA GLU A 140 10.58 -5.83 -14.88
C GLU A 140 9.82 -5.52 -13.58
N VAL A 141 8.96 -6.43 -13.13
CA VAL A 141 8.24 -6.21 -11.87
C VAL A 141 9.21 -6.24 -10.70
N ALA A 142 10.09 -7.25 -10.69
CA ALA A 142 11.05 -7.36 -9.60
C ALA A 142 12.03 -6.18 -9.59
N TYR A 143 12.50 -5.76 -10.76
CA TYR A 143 13.45 -4.65 -10.79
C TYR A 143 12.81 -3.35 -10.32
N GLU A 144 11.59 -3.06 -10.77
CA GLU A 144 10.93 -1.84 -10.31
C GLU A 144 10.81 -1.84 -8.79
N ALA A 145 10.39 -2.96 -8.20
CA ALA A 145 10.29 -3.06 -6.75
C ALA A 145 11.64 -2.84 -6.07
N ALA A 146 12.72 -3.47 -6.59
CA ALA A 146 14.05 -3.25 -6.03
C ALA A 146 14.50 -1.80 -6.18
N ARG A 147 14.37 -1.26 -7.39
CA ARG A 147 14.69 0.14 -7.65
C ARG A 147 13.94 1.08 -6.70
N ALA A 148 12.63 0.88 -6.56
CA ALA A 148 11.84 1.72 -5.67
C ALA A 148 12.31 1.60 -4.22
N PHE A 149 12.70 0.39 -3.79
CA PHE A 149 13.15 0.25 -2.40
C PHE A 149 14.46 1.00 -2.16
N VAL A 150 15.50 0.73 -2.95
CA VAL A 150 16.79 1.38 -2.66
C VAL A 150 16.67 2.89 -2.80
N THR A 151 15.84 3.36 -3.73
CA THR A 151 15.60 4.79 -3.86
C THR A 151 14.94 5.34 -2.60
N SER A 152 13.94 4.64 -2.09
CA SER A 152 13.25 5.09 -0.88
C SER A 152 14.18 5.08 0.31
N ASP A 153 14.95 4.01 0.50
CA ASP A 153 15.92 4.03 1.59
C ASP A 153 16.86 5.21 1.43
N HIS A 154 17.33 5.46 0.20
CA HIS A 154 18.26 6.57 0.02
C HIS A 154 17.59 7.91 0.33
N MET A 155 16.47 8.18 -0.34
CA MET A 155 15.92 9.53 -0.27
C MET A 155 15.40 9.84 1.12
N PHE A 156 15.17 8.83 1.95
CA PHE A 156 14.61 9.14 3.26
C PHE A 156 15.63 9.19 4.39
N ARG A 157 16.92 9.02 4.11
CA ARG A 157 17.92 9.09 5.17
C ARG A 157 17.91 10.49 5.79
N ASP A 158 17.93 10.54 7.11
CA ASP A 158 18.06 11.81 7.83
C ASP A 158 16.92 12.81 7.53
N SER A 159 15.73 12.32 7.07
CA SER A 159 14.79 13.20 6.32
C SER A 159 13.55 13.63 7.13
N PRO A 160 12.97 14.83 6.86
CA PRO A 160 11.79 15.27 7.65
C PRO A 160 10.51 14.48 7.42
N ILE A 161 10.28 13.93 6.22
CA ILE A 161 9.10 13.09 6.04
C ILE A 161 9.20 11.87 6.94
N LYS A 162 10.35 11.19 6.90
CA LYS A 162 10.57 10.09 7.82
C LYS A 162 10.36 10.56 9.25
N ALA A 163 10.87 11.75 9.58
CA ALA A 163 10.67 12.32 10.91
C ALA A 163 9.21 12.24 11.34
N ALA A 164 8.31 12.94 10.63
CA ALA A 164 6.93 13.01 11.09
C ALA A 164 6.28 11.63 11.13
N LEU A 165 6.55 10.79 10.13
CA LEU A 165 5.89 9.49 10.09
C LEU A 165 6.38 8.55 11.20
N CYS A 166 7.60 8.73 11.68
CA CYS A 166 8.12 7.86 12.74
C CYS A 166 7.97 8.46 14.14
N THR A 167 7.35 9.63 14.26
CA THR A 167 7.06 10.19 15.57
C THR A 167 5.58 10.40 15.83
N THR A 168 4.72 10.32 14.81
CA THR A 168 3.34 10.74 15.00
C THR A 168 2.49 9.69 15.73
N SER A 169 2.41 8.48 15.19
CA SER A 169 1.53 7.46 15.74
C SER A 169 1.96 6.12 15.16
N PRO A 170 1.59 5.00 15.81
CA PRO A 170 1.93 3.70 15.22
C PRO A 170 1.42 3.55 13.79
N GLU A 171 0.24 4.10 13.49
CA GLU A 171 -0.36 3.84 12.19
C GLU A 171 0.26 4.73 11.09
N GLN A 172 0.81 5.89 11.45
CA GLN A 172 1.64 6.62 10.49
C GLN A 172 2.96 5.89 10.25
N TYR A 173 3.53 5.37 11.33
CA TYR A 173 4.81 4.67 11.24
C TYR A 173 4.71 3.43 10.35
N PHE A 174 3.71 2.58 10.60
CA PHE A 174 3.59 1.35 9.82
C PHE A 174 3.30 1.63 8.36
N ARG A 175 2.64 2.76 8.08
CA ARG A 175 2.41 3.17 6.70
C ARG A 175 3.73 3.43 5.96
N PHE A 176 4.70 4.06 6.64
CA PHE A 176 6.04 4.24 6.08
C PHE A 176 6.73 2.90 5.88
N ARG A 177 6.51 1.95 6.79
CA ARG A 177 7.26 0.70 6.75
C ARG A 177 6.77 -0.29 5.70
N VAL A 178 5.55 -0.12 5.15
CA VAL A 178 5.13 -0.97 4.04
C VAL A 178 6.20 -1.02 2.96
N THR A 179 6.78 0.14 2.65
CA THR A 179 7.90 0.22 1.73
C THR A 179 9.24 0.07 2.45
N ASP A 180 9.43 0.80 3.54
CA ASP A 180 10.77 0.90 4.12
C ASP A 180 11.29 -0.41 4.70
N ILE A 181 10.43 -1.29 5.25
CA ILE A 181 10.97 -2.58 5.67
C ILE A 181 11.14 -3.52 4.50
N GLY A 182 10.84 -3.09 3.28
CA GLY A 182 11.14 -3.90 2.12
C GLY A 182 10.12 -4.98 1.81
N VAL A 183 9.02 -5.06 2.55
CA VAL A 183 8.08 -6.16 2.32
C VAL A 183 7.30 -6.01 1.02
N ASP A 184 6.96 -4.78 0.59
CA ASP A 184 6.33 -4.66 -0.71
C ASP A 184 7.26 -5.18 -1.81
N PHE A 185 8.53 -4.80 -1.74
CA PHE A 185 9.57 -5.33 -2.62
C PHE A 185 9.60 -6.86 -2.55
N TRP A 186 9.60 -7.41 -1.35
CA TRP A 186 9.66 -8.87 -1.15
C TRP A 186 8.52 -9.57 -1.87
N MET A 187 7.28 -9.10 -1.68
CA MET A 187 6.14 -9.75 -2.31
C MET A 187 6.25 -9.74 -3.82
N LYS A 188 6.67 -8.59 -4.39
CA LYS A 188 6.73 -8.42 -5.82
C LYS A 188 7.90 -9.18 -6.46
N MET A 189 8.92 -9.53 -5.68
CA MET A 189 9.94 -10.43 -6.24
C MET A 189 9.71 -11.90 -5.89
N SER A 190 8.79 -12.19 -4.97
CA SER A 190 8.56 -13.54 -4.50
C SER A 190 7.40 -14.26 -5.19
N TYR A 191 6.41 -13.55 -5.75
CA TYR A 191 5.29 -14.28 -6.35
C TYR A 191 5.73 -15.21 -7.48
N PRO A 192 6.80 -14.97 -8.26
CA PRO A 192 7.21 -15.98 -9.24
C PRO A 192 7.68 -17.29 -8.61
N ILE A 193 8.11 -17.27 -7.34
CA ILE A 193 8.47 -18.51 -6.67
C ILE A 193 7.30 -19.48 -6.69
N TYR A 194 6.08 -18.96 -6.55
CA TYR A 194 4.90 -19.75 -6.30
C TYR A 194 4.00 -19.91 -7.53
N ARG A 195 4.10 -19.01 -8.50
CA ARG A 195 3.24 -19.03 -9.71
C ARG A 195 1.78 -19.34 -9.35
N HIS A 196 1.27 -18.68 -8.31
CA HIS A 196 -0.10 -18.90 -7.86
C HIS A 196 -0.92 -17.63 -8.11
N PRO A 197 -1.86 -17.66 -9.05
CA PRO A 197 -2.47 -16.40 -9.52
C PRO A 197 -3.05 -15.53 -8.42
N GLU A 198 -3.67 -16.08 -7.38
CA GLU A 198 -4.22 -15.19 -6.36
C GLU A 198 -3.13 -14.45 -5.62
N PHE A 199 -2.06 -15.16 -5.23
CA PHE A 199 -0.94 -14.51 -4.55
C PHE A 199 -0.31 -13.44 -5.42
N THR A 200 -0.24 -13.70 -6.72
CA THR A 200 0.36 -12.75 -7.64
C THR A 200 -0.38 -11.43 -7.68
N GLU A 201 -1.72 -11.47 -7.71
CA GLU A 201 -2.50 -10.22 -7.66
C GLU A 201 -2.33 -9.51 -6.32
N HIS A 202 -2.37 -10.26 -5.21
CA HIS A 202 -2.22 -9.60 -3.91
C HIS A 202 -0.85 -8.96 -3.78
N ALA A 203 0.18 -9.59 -4.35
CA ALA A 203 1.50 -9.00 -4.38
C ALA A 203 1.50 -7.72 -5.21
N LYS A 204 0.83 -7.75 -6.35
CA LYS A 204 0.88 -6.63 -7.28
C LYS A 204 0.03 -5.45 -6.83
N THR A 205 -1.04 -5.69 -6.06
CA THR A 205 -1.81 -4.61 -5.44
C THR A 205 -1.17 -4.08 -4.16
N SER A 206 -0.17 -4.79 -3.64
CA SER A 206 0.47 -4.52 -2.34
C SER A 206 -0.44 -4.83 -1.16
N LEU A 207 -1.64 -5.36 -1.39
CA LEU A 207 -2.40 -5.89 -0.26
C LEU A 207 -1.58 -6.94 0.52
N ALA A 208 -0.85 -7.80 -0.17
CA ALA A 208 0.02 -8.78 0.50
C ALA A 208 0.99 -8.09 1.46
N ALA A 209 1.65 -7.04 0.98
CA ALA A 209 2.55 -6.30 1.85
C ALA A 209 1.82 -5.62 3.00
N ARG A 210 0.65 -5.03 2.71
CA ARG A 210 -0.06 -4.30 3.76
C ARG A 210 -0.51 -5.22 4.87
N MET A 211 -0.79 -6.49 4.55
CA MET A 211 -1.26 -7.46 5.55
C MET A 211 -0.14 -7.96 6.45
N THR A 212 1.11 -7.93 5.98
CA THR A 212 2.23 -8.55 6.68
C THR A 212 3.19 -7.53 7.30
N THR A 213 2.99 -6.23 7.03
CA THR A 213 3.93 -5.22 7.49
C THR A 213 4.06 -5.18 9.00
N ARG A 214 2.93 -5.17 9.73
CA ARG A 214 3.04 -5.00 11.18
C ARG A 214 3.73 -6.21 11.83
N GLY A 215 3.41 -7.42 11.38
CA GLY A 215 3.99 -8.60 12.00
C GLY A 215 5.49 -8.66 11.80
N LEU A 216 5.96 -8.26 10.61
CA LEU A 216 7.40 -8.20 10.37
C LEU A 216 8.03 -7.06 11.14
N THR A 217 7.40 -5.89 11.13
CA THR A 217 8.04 -4.69 11.66
C THR A 217 8.14 -4.73 13.18
N ILE A 218 7.07 -5.16 13.85
CA ILE A 218 7.10 -5.16 15.30
C ILE A 218 8.23 -6.07 15.80
N VAL A 219 8.37 -7.23 15.18
CA VAL A 219 9.44 -8.16 15.55
C VAL A 219 10.80 -7.55 15.24
N ASN A 220 11.00 -7.05 14.01
CA ASN A 220 12.27 -6.46 13.67
C ASN A 220 12.62 -5.32 14.62
N ASP A 221 11.64 -4.43 14.88
CA ASP A 221 11.87 -3.28 15.74
C ASP A 221 12.28 -3.68 17.15
N PHE A 222 11.64 -4.70 17.71
CA PHE A 222 12.00 -5.06 19.07
C PHE A 222 13.46 -5.47 19.16
N TYR A 223 13.89 -6.35 18.27
CA TYR A 223 15.23 -6.90 18.39
C TYR A 223 16.31 -6.03 17.77
N SER A 224 15.96 -5.05 16.94
CA SER A 224 16.96 -4.14 16.39
C SER A 224 16.98 -2.79 17.11
N TYR A 225 16.17 -2.64 18.17
CA TYR A 225 16.05 -1.37 18.86
C TYR A 225 17.40 -0.90 19.37
N ASP A 226 18.14 -1.77 20.06
CA ASP A 226 19.41 -1.35 20.65
C ASP A 226 20.37 -0.85 19.59
N ARG A 227 20.51 -1.58 18.48
CA ARG A 227 21.41 -1.14 17.41
C ARG A 227 20.94 0.19 16.82
N GLU A 228 19.65 0.31 16.54
CA GLU A 228 19.18 1.52 15.88
C GLU A 228 19.30 2.74 16.80
N VAL A 229 19.05 2.53 18.10
CA VAL A 229 19.32 3.58 19.09
C VAL A 229 20.77 4.04 19.03
N SER A 230 21.71 3.10 18.94
CA SER A 230 23.10 3.54 18.91
C SER A 230 23.45 4.26 17.62
N LEU A 231 22.79 3.95 16.50
CA LEU A 231 23.16 4.53 15.22
C LEU A 231 22.43 5.83 14.88
N GLY A 232 21.46 6.24 15.70
CA GLY A 232 20.64 7.39 15.43
C GLY A 232 19.47 7.15 14.49
N GLN A 233 19.05 5.89 14.32
CA GLN A 233 17.98 5.53 13.40
C GLN A 233 16.61 5.62 14.08
N ILE A 234 15.76 6.54 13.63
CA ILE A 234 14.47 6.75 14.29
C ILE A 234 13.39 5.78 13.82
N THR A 235 13.70 4.91 12.86
CA THR A 235 12.67 4.09 12.24
C THR A 235 12.45 2.84 13.09
N ASN A 236 11.70 3.01 14.17
CA ASN A 236 11.47 1.95 15.15
C ASN A 236 10.27 2.30 16.00
N CYS A 237 9.24 1.44 15.99
CA CYS A 237 8.01 1.81 16.69
C CYS A 237 8.19 1.88 18.20
N PHE A 238 9.19 1.22 18.78
CA PHE A 238 9.35 1.32 20.23
C PHE A 238 9.91 2.67 20.68
N ARG A 239 10.40 3.49 19.75
CA ARG A 239 10.76 4.86 20.10
C ARG A 239 9.52 5.70 20.40
N LEU A 240 8.34 5.24 20.01
CA LEU A 240 7.09 5.92 20.32
C LEU A 240 6.75 5.85 21.80
N CYS A 241 7.22 4.81 22.49
CA CYS A 241 6.81 4.54 23.86
C CYS A 241 7.97 4.81 24.79
N ASP A 242 7.64 4.96 26.06
CA ASP A 242 8.64 5.15 27.11
C ASP A 242 9.15 3.79 27.56
N VAL A 243 10.21 3.28 26.91
CA VAL A 243 10.70 1.94 27.22
C VAL A 243 11.33 1.88 28.60
N SER A 244 11.69 3.02 29.20
CA SER A 244 12.24 3.06 30.54
C SER A 244 11.18 2.91 31.61
N ASP A 245 9.92 2.83 31.22
CA ASP A 245 8.82 2.79 32.15
C ASP A 245 8.13 1.44 31.95
N GLU A 246 8.44 0.50 32.84
CA GLU A 246 8.00 -0.89 32.65
C GLU A 246 6.51 -0.95 32.37
N THR A 247 5.71 -0.28 33.20
CA THR A 247 4.25 -0.29 33.03
C THR A 247 3.85 0.14 31.62
N ALA A 248 4.38 1.26 31.14
CA ALA A 248 3.97 1.75 29.83
C ALA A 248 4.48 0.85 28.73
N PHE A 249 5.65 0.25 28.91
CA PHE A 249 6.14 -0.69 27.92
C PHE A 249 5.16 -1.85 27.74
N LYS A 250 4.67 -2.41 28.86
CA LYS A 250 3.75 -3.54 28.80
C LYS A 250 2.53 -3.19 27.97
N GLU A 251 1.96 -2.01 28.19
CA GLU A 251 0.75 -1.62 27.47
C GLU A 251 1.04 -1.44 25.99
N PHE A 252 2.19 -0.86 25.66
CA PHE A 252 2.53 -0.65 24.26
C PHE A 252 2.80 -1.99 23.59
N PHE A 253 3.55 -2.86 24.26
CA PHE A 253 3.87 -4.14 23.66
C PHE A 253 2.62 -4.98 23.48
N GLN A 254 1.71 -4.94 24.44
CA GLN A 254 0.44 -5.66 24.28
C GLN A 254 -0.36 -5.11 23.10
N ALA A 255 -0.41 -3.78 22.95
CA ALA A 255 -1.15 -3.24 21.82
C ALA A 255 -0.52 -3.69 20.51
N ARG A 256 0.82 -3.85 20.48
CA ARG A 256 1.46 -4.32 19.26
C ARG A 256 1.18 -5.80 19.03
N LEU A 257 1.20 -6.61 20.10
CA LEU A 257 0.78 -8.00 19.95
C LEU A 257 -0.63 -8.08 19.38
N ASP A 258 -1.55 -7.27 19.92
CA ASP A 258 -2.92 -7.30 19.43
C ASP A 258 -3.00 -6.96 17.94
N ASP A 259 -2.15 -6.04 17.48
CA ASP A 259 -2.09 -5.70 16.06
C ASP A 259 -1.67 -6.91 15.23
N MET A 260 -0.61 -7.61 15.68
CA MET A 260 -0.15 -8.80 14.97
C MET A 260 -1.26 -9.84 14.91
N ILE A 261 -1.95 -10.05 16.02
CA ILE A 261 -3.02 -11.05 16.06
C ILE A 261 -4.14 -10.67 15.12
N GLU A 262 -4.54 -9.39 15.16
CA GLU A 262 -5.56 -8.89 14.23
C GLU A 262 -5.20 -9.21 12.79
N ASP A 263 -3.98 -8.86 12.36
CA ASP A 263 -3.58 -9.15 10.99
C ASP A 263 -3.59 -10.66 10.70
N ILE A 264 -3.05 -11.46 11.63
CA ILE A 264 -2.93 -12.90 11.36
C ILE A 264 -4.30 -13.53 11.17
N GLU A 265 -5.27 -13.15 12.02
CA GLU A 265 -6.57 -13.78 11.89
C GLU A 265 -7.30 -13.31 10.63
N CYS A 266 -7.08 -12.06 10.20
CA CYS A 266 -7.60 -11.65 8.89
C CYS A 266 -6.87 -12.34 7.75
N ILE A 267 -5.57 -12.62 7.92
CA ILE A 267 -4.84 -13.34 6.88
C ILE A 267 -5.46 -14.72 6.63
N LYS A 268 -6.11 -15.30 7.64
CA LYS A 268 -6.71 -16.63 7.44
C LYS A 268 -7.97 -16.58 6.59
N ALA A 269 -8.47 -15.38 6.27
CA ALA A 269 -9.54 -15.26 5.28
C ALA A 269 -9.04 -15.48 3.85
N PHE A 270 -7.74 -15.36 3.61
CA PHE A 270 -7.25 -15.57 2.27
C PHE A 270 -7.25 -17.08 1.97
N ASP A 271 -7.10 -17.42 0.69
CA ASP A 271 -7.09 -18.83 0.31
C ASP A 271 -5.90 -19.53 0.95
N GLN A 272 -5.97 -20.87 1.04
CA GLN A 272 -5.00 -21.59 1.89
C GLN A 272 -3.55 -21.42 1.43
N LEU A 273 -3.30 -21.32 0.13
CA LEU A 273 -1.91 -21.16 -0.30
C LEU A 273 -1.37 -19.79 0.08
N THR A 274 -2.15 -18.74 -0.20
CA THR A 274 -1.71 -17.40 0.09
C THR A 274 -1.48 -17.20 1.58
N GLN A 275 -2.42 -17.65 2.40
CA GLN A 275 -2.27 -17.48 3.84
C GLN A 275 -1.03 -18.23 4.34
N ASP A 276 -0.67 -19.35 3.70
CA ASP A 276 0.56 -20.04 4.09
C ASP A 276 1.77 -19.14 3.87
N VAL A 277 1.87 -18.53 2.68
CA VAL A 277 3.00 -17.65 2.39
C VAL A 277 3.03 -16.47 3.36
N PHE A 278 1.89 -15.82 3.60
CA PHE A 278 1.87 -14.68 4.51
C PHE A 278 2.34 -15.08 5.91
N LEU A 279 1.83 -16.20 6.42
CA LEU A 279 2.09 -16.59 7.81
C LEU A 279 3.51 -17.14 7.97
N ASP A 280 3.96 -17.97 7.02
CA ASP A 280 5.36 -18.40 7.04
C ASP A 280 6.30 -17.19 7.01
N LEU A 281 5.90 -16.13 6.30
CA LEU A 281 6.75 -14.94 6.23
C LEU A 281 6.88 -14.28 7.59
N ILE A 282 5.76 -14.06 8.29
CA ILE A 282 5.81 -13.37 9.58
C ILE A 282 6.48 -14.25 10.63
N TYR A 283 6.09 -15.52 10.68
CA TYR A 283 6.64 -16.43 11.69
C TYR A 283 8.10 -16.78 11.39
N GLY A 284 8.44 -16.98 10.13
CA GLY A 284 9.82 -17.24 9.76
C GLY A 284 10.73 -16.07 10.06
N ASN A 285 10.25 -14.85 9.83
CA ASN A 285 11.06 -13.69 10.18
C ASN A 285 11.37 -13.68 11.67
N PHE A 286 10.40 -14.07 12.50
CA PHE A 286 10.64 -14.15 13.93
C PHE A 286 11.70 -15.20 14.26
N VAL A 287 11.57 -16.39 13.68
CA VAL A 287 12.54 -17.45 13.97
C VAL A 287 13.95 -17.01 13.57
N TRP A 288 14.07 -16.45 12.37
CA TRP A 288 15.35 -15.97 11.87
C TRP A 288 15.91 -14.84 12.74
N THR A 289 15.06 -13.87 13.09
CA THR A 289 15.49 -12.72 13.89
C THR A 289 16.07 -13.16 15.23
N THR A 290 15.46 -14.16 15.89
CA THR A 290 15.91 -14.57 17.22
C THR A 290 17.11 -15.50 17.22
N SER A 291 17.56 -16.00 16.06
CA SER A 291 18.83 -16.70 16.02
C SER A 291 19.77 -16.15 14.95
N ASN A 292 19.85 -14.83 14.81
CA ASN A 292 20.94 -14.19 14.08
C ASN A 292 21.61 -13.14 14.96
N LYS A 293 22.93 -13.04 14.84
CA LYS A 293 23.74 -12.17 15.68
C LYS A 293 23.56 -10.71 15.30
N ARG A 294 23.06 -10.47 14.09
CA ARG A 294 22.65 -9.13 13.71
C ARG A 294 21.65 -8.55 14.70
N TYR A 295 20.78 -9.38 15.28
CA TYR A 295 19.67 -8.89 16.09
C TYR A 295 19.87 -9.09 17.58
N LYS A 296 21.12 -9.13 18.02
CA LYS A 296 21.39 -8.99 19.43
C LYS A 296 22.06 -7.65 19.70
N THR A 297 23.36 -7.64 19.95
CA THR A 297 24.09 -6.47 20.43
C THR A 297 24.02 -5.32 19.43
N ALA A 298 24.00 -4.11 19.99
CA ALA A 298 23.92 -2.89 19.21
C ALA A 298 24.88 -2.91 18.01
N VAL A 299 26.15 -3.26 18.25
CA VAL A 299 27.15 -3.16 17.19
C VAL A 299 28.02 -4.42 17.22
N ASN A 300 28.13 -5.09 16.09
CA ASN A 300 28.97 -6.28 15.97
C ASN A 300 29.36 -6.46 14.50
N ASP A 301 30.16 -7.49 14.24
CA ASP A 301 30.82 -7.58 12.93
C ASP A 301 29.89 -7.89 11.77
N VAL A 302 28.60 -8.19 11.99
CA VAL A 302 27.67 -8.41 10.88
C VAL A 302 26.56 -7.38 10.81
N ASN A 303 26.52 -6.39 11.71
CA ASN A 303 25.48 -5.36 11.63
C ASN A 303 25.99 -3.94 11.77
N SER A 304 27.31 -3.74 11.83
CA SER A 304 27.84 -2.39 11.94
C SER A 304 27.48 -1.59 10.69
N ARG A 305 27.39 -0.29 10.86
CA ARG A 305 27.11 0.57 9.72
C ARG A 305 28.24 0.47 8.70
N ILE A 306 27.87 0.32 7.43
CA ILE A 306 28.84 -0.06 6.39
C ILE A 306 29.58 1.20 5.96
N GLN A 307 30.88 1.03 5.77
CA GLN A 307 31.87 2.08 5.88
C GLN A 307 32.86 2.17 4.72
N GLY B 9 -35.50 -8.73 3.69
CA GLY B 9 -34.92 -7.40 3.70
C GLY B 9 -35.17 -6.69 5.02
N ALA B 10 -35.66 -5.46 4.96
CA ALA B 10 -36.18 -4.81 6.16
C ALA B 10 -35.27 -5.01 7.39
N GLN B 11 -33.95 -5.04 7.22
CA GLN B 11 -33.11 -5.50 8.32
C GLN B 11 -32.39 -4.38 9.04
N ASP B 12 -33.15 -3.37 9.47
CA ASP B 12 -32.75 -2.22 10.31
C ASP B 12 -32.77 -0.93 9.48
N ILE B 13 -33.98 -0.42 9.24
CA ILE B 13 -34.12 0.84 8.53
C ILE B 13 -33.34 1.95 9.24
N GLY B 14 -33.41 1.99 10.58
CA GLY B 14 -32.67 3.00 11.33
C GLY B 14 -31.17 3.00 11.03
N ARG B 15 -30.62 1.86 10.68
CA ARG B 15 -29.21 1.79 10.36
C ARG B 15 -28.94 1.85 8.86
N SER B 16 -29.95 2.11 8.05
CA SER B 16 -29.71 2.09 6.62
C SER B 16 -29.43 3.47 6.03
N SER B 17 -29.40 4.52 6.84
CA SER B 17 -29.25 5.85 6.28
C SER B 17 -28.45 6.75 7.21
N VAL B 18 -27.57 7.57 6.63
CA VAL B 18 -26.98 8.65 7.38
C VAL B 18 -27.65 9.98 7.08
N ARG B 19 -28.81 9.96 6.41
CA ARG B 19 -29.55 11.19 6.14
C ARG B 19 -29.76 12.07 7.36
N PRO B 20 -30.11 11.55 8.54
CA PRO B 20 -30.16 12.40 9.75
C PRO B 20 -28.95 13.30 9.91
N TYR B 21 -27.73 12.77 9.76
CA TYR B 21 -26.47 13.44 10.06
C TYR B 21 -25.92 14.27 8.90
N LEU B 22 -26.64 14.33 7.80
CA LEU B 22 -26.09 14.89 6.56
C LEU B 22 -25.60 16.32 6.75
N GLU B 23 -26.44 17.20 7.29
CA GLU B 23 -26.04 18.60 7.38
C GLU B 23 -24.89 18.79 8.35
N GLU B 24 -24.98 18.21 9.55
CA GLU B 24 -23.96 18.49 10.53
C GLU B 24 -22.62 17.84 10.15
N CYS B 25 -22.65 16.66 9.53
CA CYS B 25 -21.39 16.06 9.09
C CYS B 25 -20.75 16.87 7.96
N THR B 26 -21.55 17.35 7.02
CA THR B 26 -21.01 18.18 5.95
C THR B 26 -20.33 19.42 6.53
N ARG B 27 -21.02 20.10 7.44
CA ARG B 27 -20.45 21.25 8.14
C ARG B 27 -19.14 20.87 8.82
N ARG B 28 -19.11 19.72 9.51
CA ARG B 28 -17.92 19.31 10.23
C ARG B 28 -16.74 19.05 9.29
N PHE B 29 -16.97 18.30 8.21
CA PHE B 29 -15.92 18.11 7.20
C PHE B 29 -15.36 19.44 6.74
N GLN B 30 -16.23 20.35 6.31
CA GLN B 30 -15.76 21.63 5.80
C GLN B 30 -14.97 22.40 6.85
N GLU B 31 -15.44 22.39 8.10
CA GLU B 31 -14.70 23.08 9.17
C GLU B 31 -13.31 22.49 9.29
N MET B 32 -13.21 21.17 9.20
CA MET B 32 -11.92 20.50 9.31
C MET B 32 -10.99 20.98 8.20
N PHE B 33 -11.44 20.92 6.96
CA PHE B 33 -10.61 21.41 5.85
C PHE B 33 -10.21 22.86 6.04
N ASP B 34 -11.14 23.71 6.50
CA ASP B 34 -10.83 25.12 6.66
C ASP B 34 -9.76 25.35 7.70
N ARG B 35 -9.76 24.53 8.76
CA ARG B 35 -8.74 24.64 9.80
C ARG B 35 -7.40 24.01 9.38
N HIS B 36 -7.42 22.91 8.64
CA HIS B 36 -6.20 22.14 8.43
C HIS B 36 -5.67 22.15 7.01
N VAL B 37 -6.45 22.61 6.03
CA VAL B 37 -5.99 22.70 4.65
C VAL B 37 -5.97 24.13 4.15
N VAL B 38 -7.00 24.91 4.50
CA VAL B 38 -7.05 26.34 4.32
C VAL B 38 -7.28 26.64 2.83
N THR B 39 -6.38 26.18 1.97
CA THR B 39 -6.42 26.56 0.57
C THR B 39 -7.42 25.71 -0.20
N ARG B 40 -8.23 26.39 -1.03
CA ARG B 40 -9.32 25.75 -1.75
C ARG B 40 -8.78 24.90 -2.90
N PRO B 41 -9.41 23.78 -3.21
CA PRO B 41 -9.13 23.15 -4.50
C PRO B 41 -9.62 24.05 -5.63
N THR B 42 -9.03 23.85 -6.81
CA THR B 42 -9.41 24.58 -8.02
C THR B 42 -9.82 23.58 -9.09
N LYS B 43 -10.76 23.97 -9.94
CA LYS B 43 -11.35 23.05 -10.89
C LYS B 43 -10.75 23.24 -12.29
N VAL B 44 -10.14 22.18 -12.82
CA VAL B 44 -9.82 22.11 -14.25
C VAL B 44 -11.11 22.18 -15.05
N GLU B 45 -11.27 23.25 -15.84
CA GLU B 45 -12.37 23.35 -16.79
C GLU B 45 -11.98 22.62 -18.08
N LEU B 46 -12.95 22.03 -18.74
CA LEU B 46 -12.69 21.51 -20.07
C LEU B 46 -13.48 22.30 -21.10
N THR B 47 -12.80 22.61 -22.20
CA THR B 47 -13.49 23.04 -23.41
C THR B 47 -14.17 21.83 -24.03
N ASP B 48 -15.09 22.11 -24.94
CA ASP B 48 -15.81 20.99 -25.52
C ASP B 48 -14.88 20.11 -26.35
N ALA B 49 -13.73 20.64 -26.80
CA ALA B 49 -12.81 19.84 -27.61
C ALA B 49 -12.07 18.79 -26.78
N GLU B 50 -11.43 19.23 -25.69
CA GLU B 50 -10.85 18.28 -24.73
C GLU B 50 -11.91 17.32 -24.24
N LEU B 51 -13.07 17.86 -23.83
CA LEU B 51 -14.15 17.03 -23.30
C LEU B 51 -14.63 16.03 -24.34
N ARG B 52 -14.67 16.43 -25.62
CA ARG B 52 -15.11 15.50 -26.66
C ARG B 52 -14.06 14.45 -26.92
N GLU B 53 -12.78 14.84 -26.90
CA GLU B 53 -11.71 13.86 -26.95
C GLU B 53 -11.84 12.85 -25.81
N VAL B 54 -12.17 13.33 -24.61
CA VAL B 54 -12.25 12.44 -23.45
C VAL B 54 -13.47 11.52 -23.54
N ILE B 55 -14.66 12.10 -23.74
CA ILE B 55 -15.89 11.29 -23.70
C ILE B 55 -15.91 10.26 -24.84
N ASP B 56 -15.41 10.62 -26.02
CA ASP B 56 -15.36 9.61 -27.09
C ASP B 56 -14.31 8.54 -26.79
N ASP B 57 -13.18 8.92 -26.18
CA ASP B 57 -12.29 7.92 -25.61
C ASP B 57 -13.02 6.99 -24.65
N CYS B 58 -13.82 7.56 -23.73
CA CYS B 58 -14.58 6.75 -22.78
C CYS B 58 -15.58 5.84 -23.48
N ASN B 59 -16.33 6.38 -24.44
CA ASN B 59 -17.35 5.58 -25.10
C ASN B 59 -16.72 4.44 -25.89
N ALA B 60 -15.64 4.73 -26.61
CA ALA B 60 -14.98 3.68 -27.38
C ALA B 60 -14.44 2.58 -26.48
N ALA B 61 -13.96 2.95 -25.29
CA ALA B 61 -13.35 1.96 -24.41
C ALA B 61 -14.39 1.00 -23.85
N VAL B 62 -15.56 1.51 -23.45
CA VAL B 62 -16.58 0.65 -22.86
C VAL B 62 -17.57 0.12 -23.89
N ALA B 63 -17.50 0.60 -25.14
CA ALA B 63 -18.35 0.07 -26.20
C ALA B 63 -18.33 -1.45 -26.32
N PRO B 64 -17.18 -2.14 -26.31
CA PRO B 64 -17.23 -3.61 -26.39
C PRO B 64 -17.99 -4.26 -25.25
N LEU B 65 -18.18 -3.56 -24.12
CA LEU B 65 -18.87 -4.20 -22.99
C LEU B 65 -20.39 -4.13 -23.12
N GLY B 66 -20.93 -3.34 -24.05
CA GLY B 66 -22.33 -3.40 -24.41
C GLY B 66 -23.27 -2.50 -23.64
N LYS B 67 -22.76 -1.65 -22.76
CA LYS B 67 -23.60 -0.78 -21.96
C LYS B 67 -23.41 0.66 -22.41
N THR B 68 -24.50 1.29 -22.87
CA THR B 68 -24.46 2.70 -23.25
C THR B 68 -24.44 3.58 -22.00
N VAL B 69 -23.54 4.56 -21.99
CA VAL B 69 -23.40 5.49 -20.88
C VAL B 69 -23.68 6.90 -21.40
N SER B 70 -24.54 7.62 -20.71
CA SER B 70 -24.93 8.97 -21.12
C SER B 70 -23.83 9.98 -20.79
N ASP B 71 -23.82 11.09 -21.53
CA ASP B 71 -22.90 12.18 -21.23
C ASP B 71 -23.09 12.69 -19.81
N GLU B 72 -24.33 12.69 -19.32
CA GLU B 72 -24.59 13.09 -17.94
C GLU B 72 -23.86 12.18 -16.96
N ARG B 73 -23.87 10.88 -17.22
CA ARG B 73 -23.19 9.94 -16.34
C ARG B 73 -21.68 10.11 -16.46
N TRP B 74 -21.15 10.26 -17.69
CA TRP B 74 -19.73 10.53 -17.83
C TRP B 74 -19.34 11.80 -17.09
N ILE B 75 -20.22 12.82 -17.11
CA ILE B 75 -19.96 14.07 -16.40
C ILE B 75 -19.79 13.82 -14.91
N SER B 76 -20.69 13.03 -14.33
CA SER B 76 -20.64 12.70 -12.92
C SER B 76 -19.31 12.02 -12.56
N TYR B 77 -18.92 11.01 -13.34
CA TYR B 77 -17.66 10.33 -13.12
C TYR B 77 -16.47 11.28 -13.23
N VAL B 78 -16.44 12.12 -14.26
CA VAL B 78 -15.21 12.85 -14.58
C VAL B 78 -14.95 14.00 -13.62
N GLY B 79 -15.99 14.52 -12.95
CA GLY B 79 -15.81 15.65 -12.05
C GLY B 79 -14.73 15.45 -11.01
N VAL B 80 -14.53 14.21 -10.54
CA VAL B 80 -13.51 13.99 -9.50
C VAL B 80 -12.13 14.37 -10.03
N VAL B 81 -11.85 14.08 -11.30
CA VAL B 81 -10.55 14.46 -11.85
C VAL B 81 -10.47 15.98 -12.02
N LEU B 82 -11.56 16.60 -12.48
CA LEU B 82 -11.55 18.04 -12.69
C LEU B 82 -11.33 18.81 -11.39
N TRP B 83 -11.86 18.30 -10.26
CA TRP B 83 -11.76 19.00 -8.98
C TRP B 83 -10.57 18.58 -8.12
N SER B 84 -10.04 17.38 -8.31
CA SER B 84 -9.13 16.82 -7.30
C SER B 84 -7.71 16.65 -7.79
N GLN B 85 -7.35 17.20 -8.95
CA GLN B 85 -5.95 17.32 -9.31
C GLN B 85 -5.42 18.65 -8.75
N SER B 86 -4.27 19.13 -9.22
CA SER B 86 -3.72 20.42 -8.79
C SER B 86 -3.43 21.24 -10.02
N PRO B 87 -4.37 22.10 -10.44
CA PRO B 87 -4.23 22.78 -11.72
C PRO B 87 -2.93 23.54 -11.90
N ARG B 88 -2.48 24.26 -10.88
CA ARG B 88 -1.37 25.17 -11.16
C ARG B 88 -0.05 24.43 -11.32
N HIS B 89 0.02 23.18 -10.89
CA HIS B 89 1.22 22.36 -11.00
C HIS B 89 1.20 21.47 -12.24
N ILE B 90 0.15 21.56 -13.05
CA ILE B 90 0.02 20.68 -14.21
C ILE B 90 1.09 21.00 -15.24
N LYS B 91 1.84 19.98 -15.65
CA LYS B 91 2.87 20.13 -16.69
C LYS B 91 2.61 19.27 -17.90
N ASP B 92 1.59 18.43 -17.89
CA ASP B 92 1.26 17.61 -19.04
C ASP B 92 -0.24 17.45 -19.08
N MET B 93 -0.89 18.15 -20.02
CA MET B 93 -2.33 18.08 -20.09
C MET B 93 -2.85 16.85 -20.81
N GLU B 94 -2.03 16.19 -21.64
CA GLU B 94 -2.51 14.95 -22.23
C GLU B 94 -2.46 13.80 -21.20
N ALA B 95 -1.52 13.84 -20.25
CA ALA B 95 -1.61 12.91 -19.13
C ALA B 95 -2.88 13.16 -18.31
N PHE B 96 -3.26 14.44 -18.15
CA PHE B 96 -4.49 14.75 -17.44
C PHE B 96 -5.69 14.12 -18.11
N LYS B 97 -5.76 14.19 -19.45
CA LYS B 97 -6.89 13.62 -20.17
C LYS B 97 -6.88 12.09 -20.08
N ALA B 98 -5.70 11.47 -20.05
CA ALA B 98 -5.62 10.03 -19.75
C ALA B 98 -6.34 9.71 -18.45
N VAL B 99 -6.09 10.50 -17.40
CA VAL B 99 -6.67 10.21 -16.10
C VAL B 99 -8.17 10.43 -16.12
N CYS B 100 -8.64 11.44 -16.86
CA CYS B 100 -10.09 11.60 -17.07
C CYS B 100 -10.68 10.34 -17.65
N VAL B 101 -10.09 9.83 -18.73
CA VAL B 101 -10.65 8.65 -19.38
C VAL B 101 -10.53 7.43 -18.47
N LEU B 102 -9.33 7.16 -17.95
CA LEU B 102 -9.12 5.96 -17.14
C LEU B 102 -9.99 5.97 -15.89
N ASN B 103 -10.10 7.12 -15.24
CA ASN B 103 -11.02 7.25 -14.11
C ASN B 103 -12.44 6.87 -14.52
N CYS B 104 -12.92 7.42 -15.64
CA CYS B 104 -14.33 7.24 -15.99
C CYS B 104 -14.65 5.79 -16.36
N VAL B 105 -13.81 5.15 -17.18
CA VAL B 105 -14.20 3.82 -17.65
C VAL B 105 -14.06 2.80 -16.53
N THR B 106 -13.13 3.00 -15.60
CA THR B 106 -13.07 2.09 -14.46
C THR B 106 -14.14 2.39 -13.43
N PHE B 107 -14.68 3.62 -13.42
CA PHE B 107 -15.89 3.89 -12.64
C PHE B 107 -17.09 3.09 -13.16
N VAL B 108 -17.23 3.02 -14.49
CA VAL B 108 -18.26 2.18 -15.08
C VAL B 108 -18.10 0.74 -14.62
N TRP B 109 -16.86 0.23 -14.67
CA TRP B 109 -16.55 -1.12 -14.21
C TRP B 109 -17.00 -1.34 -12.77
N ASP B 110 -16.77 -0.33 -11.92
CA ASP B 110 -17.17 -0.35 -10.51
C ASP B 110 -18.68 -0.53 -10.35
N ASP B 111 -19.47 0.13 -11.20
CA ASP B 111 -20.92 0.09 -11.14
C ASP B 111 -21.51 -1.12 -11.86
N MET B 112 -20.71 -1.86 -12.61
CA MET B 112 -21.20 -2.96 -13.43
C MET B 112 -21.43 -4.22 -12.61
N ASP B 113 -22.53 -4.90 -12.91
CA ASP B 113 -22.66 -6.29 -12.49
C ASP B 113 -21.52 -7.10 -13.11
N PRO B 114 -20.88 -8.00 -12.34
CA PRO B 114 -19.62 -8.61 -12.82
C PRO B 114 -19.79 -9.53 -14.02
N ALA B 115 -21.03 -9.91 -14.38
CA ALA B 115 -21.25 -10.70 -15.58
C ALA B 115 -20.85 -9.95 -16.85
N LEU B 116 -20.67 -8.63 -16.75
CA LEU B 116 -20.28 -7.76 -17.85
C LEU B 116 -18.78 -7.56 -17.95
N HIS B 117 -18.02 -8.04 -16.96
CA HIS B 117 -16.58 -7.76 -16.86
C HIS B 117 -15.80 -8.66 -17.82
N ASP B 118 -15.55 -8.17 -19.04
CA ASP B 118 -14.77 -8.90 -20.04
C ASP B 118 -13.35 -8.34 -20.08
N PHE B 119 -12.42 -9.08 -19.45
CA PHE B 119 -11.02 -8.63 -19.46
C PHE B 119 -10.45 -8.60 -20.87
N GLY B 120 -10.80 -9.59 -21.70
CA GLY B 120 -10.23 -9.66 -23.03
C GLY B 120 -10.59 -8.47 -23.91
N LEU B 121 -11.79 -7.94 -23.76
CA LEU B 121 -12.20 -6.78 -24.53
C LEU B 121 -11.77 -5.47 -23.86
N PHE B 122 -11.78 -5.42 -22.53
CA PHE B 122 -11.52 -4.17 -21.83
C PHE B 122 -10.03 -3.86 -21.64
N LEU B 123 -9.23 -4.85 -21.24
CA LEU B 123 -7.80 -4.57 -21.06
C LEU B 123 -7.13 -3.96 -22.28
N PRO B 124 -7.31 -4.47 -23.51
CA PRO B 124 -6.72 -3.78 -24.68
C PRO B 124 -7.14 -2.33 -24.81
N GLN B 125 -8.39 -2.00 -24.48
CA GLN B 125 -8.83 -0.60 -24.50
C GLN B 125 -8.05 0.24 -23.51
N LEU B 126 -7.86 -0.27 -22.28
CA LEU B 126 -7.01 0.42 -21.32
C LEU B 126 -5.61 0.63 -21.89
N ARG B 127 -5.04 -0.41 -22.51
CA ARG B 127 -3.78 -0.27 -23.25
C ARG B 127 -3.78 0.94 -24.18
N LYS B 128 -4.69 0.94 -25.16
CA LYS B 128 -4.71 2.00 -26.17
C LYS B 128 -4.80 3.38 -25.52
N ILE B 129 -5.59 3.51 -24.44
CA ILE B 129 -5.69 4.77 -23.72
C ILE B 129 -4.30 5.20 -23.24
N CYS B 130 -3.58 4.28 -22.61
CA CYS B 130 -2.31 4.66 -22.00
C CYS B 130 -1.27 5.02 -23.06
N GLU B 131 -1.46 4.54 -24.30
CA GLU B 131 -0.48 4.78 -25.34
C GLU B 131 -0.87 5.99 -26.19
N LYS B 132 -2.16 6.31 -26.27
CA LYS B 132 -2.56 7.60 -26.84
C LYS B 132 -1.95 8.75 -26.05
N TYR B 133 -1.93 8.64 -24.72
CA TYR B 133 -1.70 9.79 -23.85
C TYR B 133 -0.34 9.84 -23.19
N TYR B 134 0.34 8.70 -23.00
CA TYR B 134 1.54 8.65 -22.18
C TYR B 134 2.78 8.31 -23.00
N GLY B 135 3.92 8.80 -22.51
CA GLY B 135 5.22 8.33 -22.95
C GLY B 135 5.39 6.84 -22.72
N PRO B 136 6.43 6.27 -23.32
CA PRO B 136 6.48 4.80 -23.47
C PRO B 136 6.33 4.00 -22.20
N GLU B 137 7.17 4.21 -21.19
CA GLU B 137 7.07 3.37 -20.00
C GLU B 137 6.24 4.07 -18.90
N ASP B 138 5.73 5.27 -19.19
CA ASP B 138 4.64 5.79 -18.37
C ASP B 138 3.34 5.08 -18.71
N ALA B 139 3.14 4.76 -20.00
CA ALA B 139 2.00 3.97 -20.42
C ALA B 139 1.99 2.59 -19.77
N GLU B 140 3.18 2.02 -19.55
CA GLU B 140 3.26 0.71 -18.92
C GLU B 140 2.81 0.76 -17.46
N VAL B 141 3.23 1.80 -16.73
CA VAL B 141 2.93 1.86 -15.30
C VAL B 141 1.49 2.28 -15.08
N ALA B 142 0.92 3.10 -15.97
CA ALA B 142 -0.49 3.42 -15.86
C ALA B 142 -1.34 2.21 -16.21
N TYR B 143 -0.90 1.42 -17.21
CA TYR B 143 -1.63 0.21 -17.57
C TYR B 143 -1.66 -0.81 -16.42
N GLU B 144 -0.49 -1.10 -15.82
CA GLU B 144 -0.46 -2.07 -14.72
C GLU B 144 -1.41 -1.67 -13.60
N ALA B 145 -1.41 -0.38 -13.25
CA ALA B 145 -2.26 0.08 -12.16
C ALA B 145 -3.74 -0.04 -12.53
N ALA B 146 -4.11 0.30 -13.78
CA ALA B 146 -5.50 0.14 -14.19
C ALA B 146 -5.92 -1.32 -14.18
N ARG B 147 -5.07 -2.19 -14.74
CA ARG B 147 -5.31 -3.63 -14.68
C ARG B 147 -5.45 -4.09 -13.24
N ALA B 148 -4.52 -3.69 -12.38
CA ALA B 148 -4.56 -4.14 -10.98
C ALA B 148 -5.80 -3.63 -10.27
N PHE B 149 -6.36 -2.50 -10.71
CA PHE B 149 -7.61 -2.06 -10.09
C PHE B 149 -8.79 -2.87 -10.60
N VAL B 150 -8.95 -3.00 -11.92
CA VAL B 150 -10.16 -3.67 -12.41
C VAL B 150 -10.13 -5.16 -12.04
N THR B 151 -8.94 -5.74 -11.92
CA THR B 151 -8.87 -7.12 -11.45
C THR B 151 -9.29 -7.23 -9.99
N SER B 152 -8.83 -6.31 -9.15
CA SER B 152 -9.23 -6.29 -7.74
C SER B 152 -10.73 -6.09 -7.58
N ASP B 153 -11.29 -5.09 -8.28
CA ASP B 153 -12.71 -4.82 -8.12
C ASP B 153 -13.54 -6.04 -8.52
N HIS B 154 -13.04 -6.83 -9.47
CA HIS B 154 -13.75 -8.04 -9.89
C HIS B 154 -13.54 -9.17 -8.87
N MET B 155 -12.27 -9.47 -8.54
CA MET B 155 -11.95 -10.57 -7.64
C MET B 155 -12.74 -10.52 -6.36
N PHE B 156 -12.94 -9.32 -5.83
CA PHE B 156 -13.40 -9.19 -4.45
C PHE B 156 -14.92 -9.07 -4.33
N ARG B 157 -15.67 -9.12 -5.43
CA ARG B 157 -17.12 -9.02 -5.36
C ARG B 157 -17.74 -10.14 -4.53
N ASP B 158 -17.24 -11.36 -4.69
CA ASP B 158 -17.69 -12.45 -3.82
C ASP B 158 -16.53 -12.98 -3.00
N SER B 159 -15.69 -12.07 -2.52
CA SER B 159 -14.58 -12.66 -1.82
C SER B 159 -14.78 -12.61 -0.31
N PRO B 160 -14.49 -13.71 0.37
CA PRO B 160 -14.51 -13.70 1.84
C PRO B 160 -13.43 -12.80 2.42
N ILE B 161 -12.38 -12.51 1.67
CA ILE B 161 -11.38 -11.56 2.14
C ILE B 161 -12.03 -10.21 2.36
N LYS B 162 -12.84 -9.77 1.39
CA LYS B 162 -13.52 -8.50 1.52
C LYS B 162 -14.38 -8.46 2.78
N ALA B 163 -15.14 -9.53 3.03
CA ALA B 163 -15.94 -9.61 4.25
C ALA B 163 -15.07 -9.46 5.49
N ALA B 164 -13.92 -10.14 5.52
CA ALA B 164 -13.06 -10.05 6.70
C ALA B 164 -12.44 -8.66 6.82
N LEU B 165 -11.95 -8.09 5.72
CA LEU B 165 -11.25 -6.81 5.78
C LEU B 165 -12.20 -5.66 6.04
N CYS B 166 -13.47 -5.80 5.70
CA CYS B 166 -14.43 -4.72 5.90
C CYS B 166 -14.99 -4.65 7.30
N THR B 167 -15.23 -5.82 7.93
CA THR B 167 -16.04 -5.96 9.13
C THR B 167 -15.22 -6.18 10.39
N THR B 168 -13.90 -6.07 10.33
CA THR B 168 -13.06 -6.35 11.51
C THR B 168 -12.65 -5.07 12.25
N SER B 169 -12.01 -4.13 11.56
CA SER B 169 -11.53 -2.91 12.22
C SER B 169 -11.36 -1.82 11.18
N PRO B 170 -11.26 -0.55 11.59
CA PRO B 170 -10.93 0.51 10.62
C PRO B 170 -9.57 0.30 9.98
N GLU B 171 -8.59 -0.21 10.74
CA GLU B 171 -7.28 -0.54 10.18
C GLU B 171 -7.37 -1.55 9.03
N GLN B 172 -8.09 -2.67 9.22
CA GLN B 172 -8.22 -3.64 8.13
C GLN B 172 -8.95 -3.02 6.95
N TYR B 173 -10.00 -2.24 7.24
CA TYR B 173 -10.81 -1.68 6.17
C TYR B 173 -10.00 -0.75 5.30
N PHE B 174 -9.31 0.23 5.89
CA PHE B 174 -8.58 1.20 5.08
C PHE B 174 -7.43 0.54 4.33
N ARG B 175 -6.87 -0.53 4.89
CA ARG B 175 -5.87 -1.30 4.17
C ARG B 175 -6.44 -1.87 2.87
N PHE B 176 -7.69 -2.36 2.90
CA PHE B 176 -8.34 -2.81 1.67
C PHE B 176 -8.54 -1.65 0.68
N ARG B 177 -8.86 -0.47 1.19
CA ARG B 177 -9.26 0.62 0.31
C ARG B 177 -8.10 1.32 -0.37
N VAL B 178 -6.87 1.11 0.11
CA VAL B 178 -5.72 1.66 -0.62
C VAL B 178 -5.80 1.30 -2.08
N THR B 179 -6.19 0.05 -2.37
CA THR B 179 -6.42 -0.40 -3.74
C THR B 179 -7.87 -0.18 -4.17
N ASP B 180 -8.82 -0.57 -3.34
CA ASP B 180 -10.20 -0.67 -3.81
C ASP B 180 -10.84 0.68 -4.09
N ILE B 181 -10.50 1.73 -3.32
CA ILE B 181 -11.09 3.02 -3.71
C ILE B 181 -10.43 3.58 -4.96
N GLY B 182 -9.34 2.97 -5.43
CA GLY B 182 -8.70 3.38 -6.66
C GLY B 182 -7.59 4.40 -6.52
N VAL B 183 -7.17 4.73 -5.29
CA VAL B 183 -6.22 5.83 -5.13
C VAL B 183 -4.80 5.44 -5.52
N ASP B 184 -4.39 4.19 -5.29
CA ASP B 184 -3.08 3.80 -5.77
C ASP B 184 -3.03 3.89 -7.29
N PHE B 185 -4.08 3.40 -7.94
CA PHE B 185 -4.27 3.55 -9.38
C PHE B 185 -4.15 5.03 -9.77
N TRP B 186 -4.95 5.88 -9.13
CA TRP B 186 -4.93 7.32 -9.36
C TRP B 186 -3.52 7.89 -9.34
N MET B 187 -2.74 7.56 -8.31
CA MET B 187 -1.41 8.15 -8.19
C MET B 187 -0.51 7.67 -9.33
N LYS B 188 -0.61 6.37 -9.67
CA LYS B 188 0.30 5.81 -10.66
C LYS B 188 -0.09 6.20 -12.07
N MET B 189 -1.28 6.77 -12.28
CA MET B 189 -1.58 7.35 -13.59
C MET B 189 -1.50 8.87 -13.59
N SER B 190 -1.48 9.52 -12.43
CA SER B 190 -1.43 10.97 -12.36
C SER B 190 -0.02 11.53 -12.30
N TYR B 191 1.00 10.75 -11.89
CA TYR B 191 2.33 11.36 -11.80
C TYR B 191 2.83 11.89 -13.15
N PRO B 192 2.51 11.32 -14.32
CA PRO B 192 2.92 11.98 -15.57
C PRO B 192 2.28 13.35 -15.75
N ILE B 193 1.16 13.63 -15.10
CA ILE B 193 0.56 14.97 -15.20
C ILE B 193 1.57 16.03 -14.77
N TYR B 194 2.33 15.76 -13.72
CA TYR B 194 3.17 16.74 -13.07
C TYR B 194 4.65 16.65 -13.46
N ARG B 195 5.15 15.44 -13.75
CA ARG B 195 6.56 15.24 -14.12
C ARG B 195 7.49 15.79 -13.03
N HIS B 196 7.18 15.42 -11.79
CA HIS B 196 7.90 15.93 -10.63
C HIS B 196 8.53 14.77 -9.86
N PRO B 197 9.86 14.73 -9.72
CA PRO B 197 10.52 13.53 -9.18
C PRO B 197 9.98 12.99 -7.86
N GLU B 198 9.89 13.81 -6.81
CA GLU B 198 9.39 13.28 -5.52
C GLU B 198 8.02 12.66 -5.65
N PHE B 199 7.08 13.35 -6.31
CA PHE B 199 5.72 12.79 -6.37
C PHE B 199 5.72 11.49 -7.13
N THR B 200 6.47 11.42 -8.23
CA THR B 200 6.62 10.18 -8.99
C THR B 200 7.13 9.07 -8.08
N GLU B 201 8.10 9.36 -7.22
CA GLU B 201 8.58 8.31 -6.31
C GLU B 201 7.52 7.92 -5.29
N HIS B 202 6.86 8.90 -4.66
CA HIS B 202 5.82 8.57 -3.68
C HIS B 202 4.66 7.84 -4.35
N ALA B 203 4.39 8.15 -5.61
CA ALA B 203 3.36 7.43 -6.35
C ALA B 203 3.78 5.97 -6.56
N LYS B 204 5.03 5.75 -6.96
CA LYS B 204 5.43 4.38 -7.30
C LYS B 204 5.66 3.49 -6.08
N THR B 205 6.04 4.05 -4.93
CA THR B 205 6.08 3.26 -3.69
C THR B 205 4.69 3.02 -3.09
N SER B 206 3.68 3.76 -3.56
CA SER B 206 2.32 3.77 -3.01
C SER B 206 2.22 4.53 -1.68
N LEU B 207 3.31 5.12 -1.19
CA LEU B 207 3.18 5.98 -0.01
C LEU B 207 2.21 7.13 -0.26
N ALA B 208 2.19 7.66 -1.50
CA ALA B 208 1.23 8.69 -1.85
C ALA B 208 -0.20 8.20 -1.60
N ALA B 209 -0.51 7.01 -2.09
CA ALA B 209 -1.83 6.42 -1.88
C ALA B 209 -2.09 6.15 -0.41
N ARG B 210 -1.11 5.62 0.31
CA ARG B 210 -1.35 5.30 1.71
C ARG B 210 -1.62 6.57 2.53
N MET B 211 -1.06 7.71 2.13
CA MET B 211 -1.30 8.93 2.92
C MET B 211 -2.69 9.53 2.64
N THR B 212 -3.27 9.25 1.48
CA THR B 212 -4.51 9.92 1.10
C THR B 212 -5.73 9.01 1.19
N THR B 213 -5.53 7.72 1.47
CA THR B 213 -6.63 6.76 1.45
C THR B 213 -7.73 7.12 2.44
N ARG B 214 -7.37 7.45 3.68
CA ARG B 214 -8.43 7.68 4.66
C ARG B 214 -9.23 8.94 4.33
N GLY B 215 -8.54 10.00 3.91
CA GLY B 215 -9.23 11.24 3.57
C GLY B 215 -10.23 11.06 2.44
N LEU B 216 -9.83 10.32 1.39
CA LEU B 216 -10.75 10.02 0.31
C LEU B 216 -11.89 9.12 0.78
N THR B 217 -11.54 8.06 1.50
CA THR B 217 -12.50 7.00 1.75
C THR B 217 -13.56 7.42 2.76
N ILE B 218 -13.16 8.10 3.83
CA ILE B 218 -14.12 8.50 4.84
C ILE B 218 -15.19 9.39 4.22
N VAL B 219 -14.77 10.33 3.37
CA VAL B 219 -15.71 11.21 2.69
C VAL B 219 -16.58 10.43 1.72
N ASN B 220 -15.96 9.59 0.86
CA ASN B 220 -16.76 8.80 -0.06
C ASN B 220 -17.77 7.92 0.68
N ASP B 221 -17.31 7.25 1.75
CA ASP B 221 -18.18 6.34 2.48
C ASP B 221 -19.38 7.08 3.07
N PHE B 222 -19.16 8.26 3.62
CA PHE B 222 -20.27 8.96 4.27
C PHE B 222 -21.37 9.23 3.27
N TYR B 223 -21.01 9.75 2.10
CA TYR B 223 -22.00 10.19 1.14
C TYR B 223 -22.49 9.08 0.22
N SER B 224 -21.83 7.91 0.17
CA SER B 224 -22.33 6.80 -0.64
C SER B 224 -22.95 5.71 0.22
N TYR B 225 -22.99 5.90 1.55
CA TYR B 225 -23.54 4.92 2.46
C TYR B 225 -24.95 4.47 2.07
N ASP B 226 -25.86 5.41 1.81
CA ASP B 226 -27.24 5.03 1.58
C ASP B 226 -27.38 4.16 0.34
N ARG B 227 -26.71 4.53 -0.75
CA ARG B 227 -26.75 3.71 -1.94
C ARG B 227 -26.17 2.33 -1.67
N GLU B 228 -24.99 2.30 -1.06
CA GLU B 228 -24.30 1.02 -0.90
C GLU B 228 -25.08 0.07 0.01
N VAL B 229 -25.68 0.60 1.07
CA VAL B 229 -26.45 -0.31 1.92
C VAL B 229 -27.74 -0.75 1.22
N SER B 230 -28.32 0.11 0.37
CA SER B 230 -29.52 -0.31 -0.35
C SER B 230 -29.20 -1.30 -1.46
N LEU B 231 -27.93 -1.57 -1.72
CA LEU B 231 -27.52 -2.54 -2.73
C LEU B 231 -26.74 -3.72 -2.14
N GLY B 232 -26.69 -3.84 -0.81
CA GLY B 232 -25.97 -4.94 -0.18
C GLY B 232 -24.46 -4.86 -0.26
N GLN B 233 -23.90 -3.73 -0.66
CA GLN B 233 -22.45 -3.60 -0.72
C GLN B 233 -21.90 -3.35 0.68
N ILE B 234 -20.78 -4.01 0.99
CA ILE B 234 -20.24 -4.01 2.35
C ILE B 234 -19.08 -3.05 2.51
N THR B 235 -18.55 -2.50 1.42
CA THR B 235 -17.29 -1.76 1.48
C THR B 235 -17.56 -0.30 1.86
N ASN B 236 -17.72 -0.08 3.18
CA ASN B 236 -18.05 1.24 3.72
C ASN B 236 -17.77 1.26 5.22
N CYS B 237 -16.92 2.17 5.68
CA CYS B 237 -16.50 2.11 7.07
C CYS B 237 -17.63 2.41 8.05
N PHE B 238 -18.68 3.13 7.63
CA PHE B 238 -19.74 3.38 8.58
C PHE B 238 -20.59 2.15 8.86
N ARG B 239 -20.42 1.05 8.11
CA ARG B 239 -21.03 -0.21 8.52
C ARG B 239 -20.36 -0.79 9.77
N LEU B 240 -19.18 -0.30 10.13
CA LEU B 240 -18.50 -0.73 11.35
C LEU B 240 -19.06 -0.11 12.61
N CYS B 241 -20.01 0.82 12.50
CA CYS B 241 -20.63 1.44 13.67
C CYS B 241 -22.12 1.31 13.53
N ASP B 242 -22.82 1.61 14.62
CA ASP B 242 -24.29 1.55 14.63
C ASP B 242 -24.80 2.94 14.27
N VAL B 243 -25.02 3.17 12.98
CA VAL B 243 -25.45 4.50 12.58
C VAL B 243 -26.85 4.83 13.09
N SER B 244 -27.64 3.83 13.50
CA SER B 244 -28.95 4.13 14.09
C SER B 244 -28.83 4.66 15.51
N ASP B 245 -27.67 4.54 16.14
CA ASP B 245 -27.41 5.01 17.49
C ASP B 245 -26.63 6.30 17.39
N GLU B 246 -27.29 7.41 17.76
CA GLU B 246 -26.74 8.74 17.54
C GLU B 246 -25.36 8.90 18.18
N THR B 247 -25.26 8.61 19.47
CA THR B 247 -24.02 8.92 20.17
C THR B 247 -22.90 7.98 19.73
N ALA B 248 -23.23 6.73 19.39
CA ALA B 248 -22.23 5.83 18.82
C ALA B 248 -21.75 6.35 17.47
N PHE B 249 -22.68 6.79 16.62
CA PHE B 249 -22.27 7.33 15.32
C PHE B 249 -21.35 8.53 15.51
N LYS B 250 -21.68 9.42 16.44
CA LYS B 250 -20.87 10.62 16.62
C LYS B 250 -19.46 10.30 17.09
N GLU B 251 -19.31 9.33 17.99
CA GLU B 251 -17.96 8.98 18.44
C GLU B 251 -17.14 8.37 17.30
N PHE B 252 -17.78 7.54 16.50
CA PHE B 252 -17.11 6.97 15.34
C PHE B 252 -16.74 8.06 14.33
N PHE B 253 -17.65 9.00 14.11
CA PHE B 253 -17.37 10.06 13.14
C PHE B 253 -16.21 10.93 13.61
N GLN B 254 -16.18 11.29 14.90
CA GLN B 254 -15.02 11.99 15.44
C GLN B 254 -13.74 11.22 15.21
N ALA B 255 -13.74 9.93 15.54
CA ALA B 255 -12.55 9.11 15.30
C ALA B 255 -12.11 9.21 13.85
N ARG B 256 -13.05 9.21 12.91
CA ARG B 256 -12.69 9.30 11.50
C ARG B 256 -12.17 10.70 11.14
N LEU B 257 -12.78 11.76 11.70
CA LEU B 257 -12.25 13.11 11.51
C LEU B 257 -10.81 13.21 12.01
N ASP B 258 -10.53 12.68 13.21
CA ASP B 258 -9.17 12.73 13.73
C ASP B 258 -8.21 11.95 12.83
N ASP B 259 -8.66 10.83 12.27
CA ASP B 259 -7.87 10.12 11.25
C ASP B 259 -7.46 11.07 10.12
N MET B 260 -8.45 11.79 9.58
CA MET B 260 -8.17 12.70 8.48
C MET B 260 -7.20 13.79 8.90
N ILE B 261 -7.40 14.35 10.09
CA ILE B 261 -6.54 15.42 10.59
C ILE B 261 -5.12 14.91 10.74
N GLU B 262 -4.95 13.76 11.36
CA GLU B 262 -3.59 13.26 11.53
C GLU B 262 -2.90 13.06 10.18
N ASP B 263 -3.61 12.50 9.19
CA ASP B 263 -3.05 12.33 7.86
C ASP B 263 -2.67 13.68 7.24
N ILE B 264 -3.57 14.66 7.34
CA ILE B 264 -3.31 15.93 6.69
C ILE B 264 -2.10 16.60 7.31
N GLU B 265 -1.98 16.57 8.63
CA GLU B 265 -0.85 17.27 9.25
C GLU B 265 0.45 16.48 9.09
N CYS B 266 0.39 15.17 8.88
CA CYS B 266 1.59 14.47 8.42
C CYS B 266 1.88 14.74 6.95
N ILE B 267 0.85 14.93 6.12
CA ILE B 267 1.10 15.27 4.72
C ILE B 267 1.88 16.59 4.61
N LYS B 268 1.72 17.50 5.58
CA LYS B 268 2.43 18.78 5.49
C LYS B 268 3.93 18.68 5.77
N ALA B 269 4.46 17.48 6.03
CA ALA B 269 5.90 17.28 6.05
C ALA B 269 6.48 16.99 4.67
N PHE B 270 5.66 16.64 3.68
CA PHE B 270 6.16 16.35 2.34
C PHE B 270 6.60 17.64 1.66
N ASP B 271 7.23 17.52 0.50
CA ASP B 271 7.69 18.68 -0.23
C ASP B 271 6.46 19.50 -0.63
N GLN B 272 6.63 20.82 -0.72
CA GLN B 272 5.48 21.71 -0.86
C GLN B 272 4.64 21.37 -2.08
N LEU B 273 5.26 20.90 -3.18
CA LEU B 273 4.46 20.57 -4.36
C LEU B 273 3.67 19.29 -4.14
N THR B 274 4.34 18.22 -3.71
CA THR B 274 3.64 16.98 -3.40
C THR B 274 2.52 17.22 -2.39
N GLN B 275 2.79 18.05 -1.38
CA GLN B 275 1.80 18.38 -0.35
C GLN B 275 0.57 19.03 -0.94
N ASP B 276 0.75 20.02 -1.81
CA ASP B 276 -0.42 20.66 -2.44
C ASP B 276 -1.19 19.64 -3.26
N VAL B 277 -0.48 18.70 -3.90
CA VAL B 277 -1.16 17.68 -4.71
C VAL B 277 -2.01 16.76 -3.83
N PHE B 278 -1.41 16.21 -2.77
CA PHE B 278 -2.16 15.34 -1.86
C PHE B 278 -3.39 16.07 -1.30
N LEU B 279 -3.21 17.31 -0.87
CA LEU B 279 -4.31 18.00 -0.19
C LEU B 279 -5.41 18.41 -1.17
N ASP B 280 -5.04 18.83 -2.39
CA ASP B 280 -6.06 19.08 -3.42
C ASP B 280 -6.86 17.83 -3.71
N LEU B 281 -6.21 16.66 -3.67
CA LEU B 281 -6.92 15.41 -3.92
C LEU B 281 -7.98 15.17 -2.85
N ILE B 282 -7.60 15.27 -1.57
CA ILE B 282 -8.54 14.99 -0.50
C ILE B 282 -9.64 16.04 -0.47
N TYR B 283 -9.25 17.30 -0.51
CA TYR B 283 -10.24 18.37 -0.39
C TYR B 283 -11.08 18.49 -1.67
N GLY B 284 -10.46 18.34 -2.83
CA GLY B 284 -11.22 18.32 -4.07
C GLY B 284 -12.23 17.19 -4.14
N ASN B 285 -11.86 16.01 -3.65
CA ASN B 285 -12.83 14.92 -3.65
C ASN B 285 -14.04 15.28 -2.80
N PHE B 286 -13.83 16.00 -1.71
CA PHE B 286 -14.95 16.39 -0.85
C PHE B 286 -15.85 17.41 -1.57
N VAL B 287 -15.25 18.39 -2.24
CA VAL B 287 -16.06 19.36 -2.97
C VAL B 287 -16.86 18.67 -4.08
N TRP B 288 -16.18 17.84 -4.87
CA TRP B 288 -16.85 17.09 -5.93
C TRP B 288 -17.95 16.20 -5.38
N THR B 289 -17.65 15.45 -4.30
CA THR B 289 -18.60 14.50 -3.75
C THR B 289 -19.89 15.20 -3.31
N THR B 290 -19.77 16.39 -2.73
CA THR B 290 -20.92 17.08 -2.17
C THR B 290 -21.69 17.88 -3.22
N SER B 291 -21.20 17.94 -4.47
CA SER B 291 -21.88 18.64 -5.55
C SER B 291 -22.37 17.72 -6.65
N ASN B 292 -22.22 16.42 -6.49
CA ASN B 292 -22.40 15.47 -7.58
C ASN B 292 -23.73 14.77 -7.39
N LYS B 293 -24.53 14.74 -8.46
CA LYS B 293 -25.70 13.89 -8.56
C LYS B 293 -25.48 12.50 -7.98
N ARG B 294 -24.29 11.95 -8.21
CA ARG B 294 -23.98 10.58 -7.82
C ARG B 294 -24.21 10.30 -6.34
N TYR B 295 -23.98 11.30 -5.48
CA TYR B 295 -23.97 11.08 -4.04
C TYR B 295 -25.16 11.71 -3.33
N LYS B 296 -26.02 12.41 -4.06
CA LYS B 296 -27.23 12.99 -3.47
C LYS B 296 -28.42 12.04 -3.47
N THR B 297 -28.43 11.07 -4.39
CA THR B 297 -29.44 10.04 -4.38
C THR B 297 -28.79 8.67 -4.32
N ALA B 298 -29.42 7.78 -3.56
CA ALA B 298 -28.95 6.40 -3.53
C ALA B 298 -29.03 5.78 -4.92
N VAL B 299 -30.11 6.04 -5.64
CA VAL B 299 -30.32 5.45 -6.96
C VAL B 299 -30.85 6.54 -7.90
N ASN B 300 -30.18 6.71 -9.03
CA ASN B 300 -30.64 7.59 -10.11
C ASN B 300 -29.87 7.21 -11.38
N ASP B 301 -30.13 7.91 -12.49
CA ASP B 301 -29.66 7.48 -13.81
C ASP B 301 -28.15 7.31 -13.91
N VAL B 302 -27.38 7.95 -13.03
CA VAL B 302 -25.93 7.97 -13.16
C VAL B 302 -25.21 7.01 -12.24
N ASN B 303 -25.92 6.19 -11.45
CA ASN B 303 -25.28 5.38 -10.42
C ASN B 303 -26.01 4.07 -10.13
N SER B 304 -27.23 3.89 -10.64
CA SER B 304 -27.91 2.63 -10.46
C SER B 304 -27.04 1.52 -11.05
N ARG B 305 -26.99 0.38 -10.37
CA ARG B 305 -26.21 -0.70 -10.95
C ARG B 305 -26.76 -0.98 -12.33
N ILE B 306 -25.87 -1.34 -13.24
CA ILE B 306 -26.28 -1.56 -14.62
C ILE B 306 -27.06 -2.88 -14.68
N GLN B 307 -27.79 -3.20 -13.59
CA GLN B 307 -28.29 -4.54 -13.27
C GLN B 307 -29.65 -4.53 -12.56
N ALA B 308 -30.28 -5.71 -12.53
CA ALA B 308 -31.45 -5.98 -11.70
C ALA B 308 -31.03 -6.30 -10.27
N GLY A 14 19.18 7.32 28.37
CA GLY A 14 17.92 6.69 28.74
C GLY A 14 17.13 6.14 27.57
N ARG A 15 16.36 5.07 27.80
CA ARG A 15 15.67 4.34 26.75
C ARG A 15 16.67 3.81 25.76
N SER A 16 17.90 3.65 26.19
CA SER A 16 18.95 3.14 25.34
C SER A 16 18.71 1.71 24.93
N SER A 17 17.83 0.96 25.62
CA SER A 17 17.83 -0.47 25.34
C SER A 17 16.52 -1.09 25.76
N VAL A 18 16.20 -2.22 25.14
CA VAL A 18 15.08 -3.04 25.61
C VAL A 18 15.55 -4.30 26.32
N ARG A 19 16.80 -4.31 26.80
CA ARG A 19 17.35 -5.48 27.51
C ARG A 19 16.48 -6.03 28.63
N PRO A 20 15.92 -5.23 29.54
CA PRO A 20 15.10 -5.82 30.62
C PRO A 20 14.01 -6.76 30.12
N TYR A 21 13.51 -6.57 28.91
CA TYR A 21 12.32 -7.25 28.41
C TYR A 21 12.62 -8.36 27.41
N LEU A 22 13.90 -8.61 27.11
CA LEU A 22 14.27 -9.55 26.04
C LEU A 22 13.57 -10.91 26.20
N GLU A 23 13.70 -11.53 27.37
CA GLU A 23 13.20 -12.88 27.54
C GLU A 23 11.68 -12.93 27.54
N GLU A 24 11.03 -12.04 28.30
CA GLU A 24 9.57 -12.07 28.38
C GLU A 24 8.95 -11.79 27.02
N CYS A 25 9.47 -10.79 26.29
CA CYS A 25 8.93 -10.48 24.98
C CYS A 25 9.16 -11.62 23.99
N THR A 26 10.34 -12.23 24.01
CA THR A 26 10.58 -13.38 23.15
C THR A 26 9.57 -14.47 23.45
N ARG A 27 9.44 -14.82 24.72
CA ARG A 27 8.40 -15.74 25.18
C ARG A 27 7.02 -15.34 24.67
N ARG A 28 6.67 -14.05 24.80
CA ARG A 28 5.38 -13.54 24.35
C ARG A 28 5.14 -13.78 22.86
N PHE A 29 6.07 -13.31 22.02
CA PHE A 29 5.95 -13.50 20.57
C PHE A 29 5.71 -14.97 20.23
N GLN A 30 6.54 -15.85 20.78
CA GLN A 30 6.41 -17.27 20.44
C GLN A 30 5.06 -17.83 20.87
N GLU A 31 4.59 -17.49 22.08
CA GLU A 31 3.27 -17.91 22.53
C GLU A 31 2.21 -17.50 21.52
N MET A 32 2.28 -16.25 21.08
CA MET A 32 1.30 -15.73 20.13
C MET A 32 1.30 -16.55 18.86
N PHE A 33 2.48 -16.79 18.29
CA PHE A 33 2.56 -17.62 17.08
C PHE A 33 2.00 -19.01 17.31
N ASP A 34 2.28 -19.62 18.47
CA ASP A 34 1.77 -20.96 18.75
C ASP A 34 0.25 -20.97 18.83
N ARG A 35 -0.34 -19.90 19.37
CA ARG A 35 -1.78 -19.90 19.49
C ARG A 35 -2.45 -19.64 18.15
N HIS A 36 -1.87 -18.78 17.31
CA HIS A 36 -2.58 -18.24 16.16
C HIS A 36 -2.06 -18.71 14.81
N VAL A 37 -0.84 -19.26 14.73
CA VAL A 37 -0.31 -19.85 13.52
C VAL A 37 -0.03 -21.35 13.69
N VAL A 38 0.52 -21.74 14.84
CA VAL A 38 0.75 -23.14 15.28
C VAL A 38 1.85 -23.85 14.49
N THR A 39 1.56 -24.19 13.22
CA THR A 39 2.54 -24.90 12.42
C THR A 39 3.84 -24.13 12.32
N ARG A 40 4.95 -24.88 12.40
CA ARG A 40 6.29 -24.31 12.34
C ARG A 40 6.62 -23.80 10.94
N PRO A 41 7.29 -22.65 10.85
CA PRO A 41 7.99 -22.29 9.61
C PRO A 41 9.04 -23.34 9.25
N THR A 42 9.20 -23.53 7.94
CA THR A 42 10.18 -24.45 7.39
C THR A 42 11.40 -23.66 6.94
N LYS A 43 12.55 -24.31 6.92
CA LYS A 43 13.71 -23.65 6.33
C LYS A 43 14.12 -24.41 5.08
N VAL A 44 14.48 -23.68 4.03
CA VAL A 44 15.14 -24.28 2.87
C VAL A 44 16.62 -24.49 3.21
N GLU A 45 17.10 -25.72 3.10
CA GLU A 45 18.55 -25.94 3.01
C GLU A 45 18.91 -26.04 1.54
N LEU A 46 19.29 -24.90 0.94
CA LEU A 46 19.95 -24.88 -0.36
C LEU A 46 21.14 -25.83 -0.38
N THR A 47 21.40 -26.43 -1.54
CA THR A 47 22.64 -27.19 -1.67
C THR A 47 23.85 -26.28 -1.51
N ASP A 48 25.01 -26.91 -1.39
CA ASP A 48 26.26 -26.16 -1.30
C ASP A 48 26.53 -25.37 -2.57
N ALA A 49 26.40 -26.03 -3.74
CA ALA A 49 26.47 -25.31 -5.01
C ALA A 49 25.47 -24.16 -5.05
N GLU A 50 24.23 -24.42 -4.63
CA GLU A 50 23.19 -23.40 -4.69
C GLU A 50 23.53 -22.19 -3.84
N LEU A 51 24.03 -22.41 -2.62
CA LEU A 51 24.30 -21.28 -1.74
C LEU A 51 25.55 -20.54 -2.19
N ARG A 52 26.43 -21.24 -2.91
CA ARG A 52 27.64 -20.60 -3.40
C ARG A 52 27.38 -19.79 -4.66
N GLU A 53 26.45 -20.24 -5.50
CA GLU A 53 25.95 -19.39 -6.57
C GLU A 53 25.36 -18.12 -6.01
N VAL A 54 24.61 -18.24 -4.91
CA VAL A 54 23.96 -17.08 -4.31
C VAL A 54 24.99 -16.06 -3.84
N ILE A 55 25.93 -16.49 -3.02
CA ILE A 55 26.95 -15.58 -2.53
C ILE A 55 27.76 -15.01 -3.69
N ASP A 56 28.07 -15.86 -4.66
CA ASP A 56 28.73 -15.43 -5.89
C ASP A 56 28.05 -14.22 -6.50
N ASP A 57 26.74 -14.33 -6.79
CA ASP A 57 26.03 -13.23 -7.45
C ASP A 57 25.91 -12.00 -6.55
N CYS A 58 25.78 -12.20 -5.24
CA CYS A 58 25.76 -11.07 -4.32
C CYS A 58 27.06 -10.27 -4.40
N ASN A 59 28.20 -10.97 -4.40
CA ASN A 59 29.48 -10.28 -4.44
C ASN A 59 29.67 -9.53 -5.75
N ALA A 60 29.27 -10.13 -6.87
CA ALA A 60 29.32 -9.41 -8.15
C ALA A 60 28.47 -8.16 -8.11
N ALA A 61 27.28 -8.25 -7.49
CA ALA A 61 26.35 -7.12 -7.51
C ALA A 61 26.90 -5.91 -6.77
N VAL A 62 27.49 -6.11 -5.59
CA VAL A 62 27.92 -4.97 -4.79
C VAL A 62 29.37 -4.60 -5.03
N ALA A 63 30.14 -5.42 -5.72
CA ALA A 63 31.54 -5.09 -5.97
C ALA A 63 31.75 -3.66 -6.47
N PRO A 64 30.95 -3.13 -7.40
CA PRO A 64 31.23 -1.76 -7.87
C PRO A 64 31.08 -0.70 -6.79
N LEU A 65 30.43 -1.01 -5.67
CA LEU A 65 30.29 -0.04 -4.59
C LEU A 65 31.53 0.03 -3.70
N GLY A 66 32.45 -0.91 -3.82
CA GLY A 66 33.75 -0.77 -3.19
C GLY A 66 33.93 -1.42 -1.83
N LYS A 67 32.92 -2.06 -1.27
CA LYS A 67 33.02 -2.60 0.08
C LYS A 67 32.92 -4.12 0.04
N THR A 68 33.84 -4.79 0.73
CA THR A 68 33.80 -6.23 0.88
C THR A 68 32.72 -6.64 1.86
N VAL A 69 31.99 -7.69 1.52
CA VAL A 69 30.99 -8.28 2.39
C VAL A 69 31.38 -9.73 2.62
N SER A 70 31.57 -10.11 3.87
CA SER A 70 31.99 -11.46 4.20
C SER A 70 30.85 -12.45 4.01
N ASP A 71 31.22 -13.69 3.67
CA ASP A 71 30.24 -14.75 3.49
C ASP A 71 29.33 -14.89 4.71
N GLU A 72 29.88 -14.73 5.93
CA GLU A 72 29.02 -14.89 7.10
C GLU A 72 28.08 -13.69 7.29
N ARG A 73 28.44 -12.51 6.78
CA ARG A 73 27.47 -11.43 6.71
C ARG A 73 26.42 -11.72 5.64
N TRP A 74 26.82 -12.26 4.49
CA TRP A 74 25.84 -12.69 3.49
C TRP A 74 24.86 -13.71 4.07
N ILE A 75 25.39 -14.69 4.81
CA ILE A 75 24.53 -15.74 5.35
C ILE A 75 23.58 -15.16 6.38
N SER A 76 24.03 -14.16 7.13
CA SER A 76 23.14 -13.48 8.06
C SER A 76 21.99 -12.83 7.30
N TYR A 77 22.28 -12.11 6.21
CA TYR A 77 21.23 -11.48 5.44
C TYR A 77 20.31 -12.52 4.81
N VAL A 78 20.86 -13.57 4.22
CA VAL A 78 20.08 -14.49 3.41
C VAL A 78 19.15 -15.35 4.27
N GLY A 79 19.45 -15.49 5.56
CA GLY A 79 18.66 -16.38 6.39
C GLY A 79 17.17 -16.05 6.41
N VAL A 80 16.82 -14.77 6.22
CA VAL A 80 15.40 -14.42 6.24
C VAL A 80 14.69 -15.08 5.06
N VAL A 81 15.35 -15.17 3.90
CA VAL A 81 14.72 -15.82 2.76
C VAL A 81 14.60 -17.31 3.01
N LEU A 82 15.60 -17.91 3.65
CA LEU A 82 15.61 -19.36 3.84
C LEU A 82 14.53 -19.78 4.81
N TRP A 83 14.22 -18.93 5.79
CA TRP A 83 13.28 -19.23 6.86
C TRP A 83 11.87 -18.71 6.62
N SER A 84 11.70 -17.73 5.74
CA SER A 84 10.45 -16.98 5.71
C SER A 84 9.73 -17.07 4.37
N GLN A 85 10.16 -17.95 3.46
CA GLN A 85 9.34 -18.31 2.32
C GLN A 85 8.41 -19.43 2.81
N SER A 86 7.80 -20.19 1.89
CA SER A 86 6.92 -21.31 2.26
C SER A 86 7.30 -22.50 1.39
N PRO A 87 8.33 -23.25 1.80
CA PRO A 87 9.02 -24.14 0.85
C PRO A 87 8.17 -25.28 0.30
N ARG A 88 7.10 -25.68 0.98
CA ARG A 88 6.32 -26.80 0.45
C ARG A 88 5.52 -26.38 -0.76
N HIS A 89 5.33 -25.09 -0.95
CA HIS A 89 4.56 -24.59 -2.07
C HIS A 89 5.45 -23.93 -3.12
N ILE A 90 6.76 -24.06 -3.01
CA ILE A 90 7.66 -23.46 -4.00
C ILE A 90 7.59 -24.22 -5.32
N LYS A 91 7.53 -23.46 -6.42
CA LYS A 91 7.55 -24.02 -7.77
C LYS A 91 8.80 -23.65 -8.55
N ASP A 92 9.30 -22.43 -8.40
CA ASP A 92 10.37 -21.89 -9.25
C ASP A 92 11.59 -21.61 -8.38
N MET A 93 12.57 -22.54 -8.37
CA MET A 93 13.77 -22.35 -7.56
C MET A 93 14.70 -21.26 -8.10
N GLU A 94 14.62 -20.90 -9.37
CA GLU A 94 15.46 -19.81 -9.84
C GLU A 94 14.92 -18.47 -9.34
N ALA A 95 13.60 -18.34 -9.23
CA ALA A 95 13.03 -17.15 -8.58
C ALA A 95 13.38 -17.09 -7.11
N PHE A 96 13.38 -18.24 -6.43
CA PHE A 96 13.85 -18.28 -5.04
C PHE A 96 15.29 -17.76 -4.92
N LYS A 97 16.19 -18.25 -5.75
CA LYS A 97 17.57 -17.79 -5.69
C LYS A 97 17.66 -16.29 -5.99
N ALA A 98 16.81 -15.79 -6.88
CA ALA A 98 16.75 -14.36 -7.14
C ALA A 98 16.37 -13.59 -5.89
N VAL A 99 15.38 -14.08 -5.14
CA VAL A 99 14.98 -13.38 -3.92
C VAL A 99 16.12 -13.40 -2.92
N CYS A 100 16.86 -14.52 -2.85
CA CYS A 100 18.05 -14.55 -1.99
C CYS A 100 19.01 -13.43 -2.34
N VAL A 101 19.35 -13.30 -3.62
CA VAL A 101 20.36 -12.33 -4.04
C VAL A 101 19.85 -10.91 -3.83
N LEU A 102 18.66 -10.62 -4.36
CA LEU A 102 18.08 -9.29 -4.25
C LEU A 102 17.89 -8.87 -2.79
N ASN A 103 17.40 -9.78 -1.95
CA ASN A 103 17.28 -9.48 -0.53
C ASN A 103 18.61 -9.09 0.07
N CYS A 104 19.66 -9.85 -0.26
CA CYS A 104 20.96 -9.64 0.37
C CYS A 104 21.59 -8.34 -0.06
N VAL A 105 21.58 -8.04 -1.36
CA VAL A 105 22.32 -6.88 -1.81
C VAL A 105 21.63 -5.58 -1.40
N THR A 106 20.28 -5.58 -1.29
CA THR A 106 19.61 -4.39 -0.76
C THR A 106 19.72 -4.28 0.75
N PHE A 107 19.93 -5.41 1.44
CA PHE A 107 20.30 -5.36 2.86
C PHE A 107 21.61 -4.60 3.04
N VAL A 108 22.61 -4.88 2.19
CA VAL A 108 23.86 -4.13 2.21
C VAL A 108 23.60 -2.63 2.04
N TRP A 109 22.81 -2.29 1.02
CA TRP A 109 22.42 -0.90 0.78
C TRP A 109 21.80 -0.27 2.02
N ASP A 110 20.94 -1.03 2.72
CA ASP A 110 20.32 -0.58 3.96
C ASP A 110 21.37 -0.30 5.03
N ASP A 111 22.45 -1.08 5.06
CA ASP A 111 23.48 -0.92 6.08
C ASP A 111 24.56 0.08 5.68
N MET A 112 24.47 0.70 4.50
CA MET A 112 25.52 1.56 3.97
C MET A 112 25.25 3.04 4.24
N ASP A 113 26.33 3.79 4.34
CA ASP A 113 26.23 5.24 4.37
C ASP A 113 25.73 5.76 3.02
N PRO A 114 24.96 6.84 3.01
CA PRO A 114 24.45 7.37 1.74
C PRO A 114 25.54 7.76 0.78
N ALA A 115 26.77 7.99 1.27
CA ALA A 115 27.88 8.30 0.38
C ALA A 115 28.17 7.15 -0.58
N LEU A 116 27.95 5.91 -0.15
CA LEU A 116 28.21 4.75 -0.99
C LEU A 116 27.09 4.45 -1.99
N HIS A 117 26.00 5.20 -1.96
CA HIS A 117 24.76 4.85 -2.66
C HIS A 117 24.81 5.29 -4.11
N ASP A 118 25.51 4.52 -4.95
CA ASP A 118 25.79 4.88 -6.35
C ASP A 118 24.77 4.19 -7.24
N PHE A 119 23.74 4.95 -7.65
CA PHE A 119 22.65 4.39 -8.43
C PHE A 119 23.11 3.96 -9.82
N GLY A 120 24.01 4.75 -10.44
CA GLY A 120 24.52 4.40 -11.76
C GLY A 120 25.29 3.09 -11.80
N LEU A 121 25.97 2.75 -10.71
CA LEU A 121 26.66 1.47 -10.61
C LEU A 121 25.76 0.34 -10.16
N PHE A 122 24.86 0.61 -9.21
CA PHE A 122 24.09 -0.46 -8.58
C PHE A 122 22.84 -0.83 -9.37
N LEU A 123 22.12 0.13 -9.93
CA LEU A 123 20.89 -0.21 -10.63
C LEU A 123 21.12 -1.18 -11.77
N PRO A 124 22.15 -1.05 -12.62
CA PRO A 124 22.39 -2.08 -13.65
C PRO A 124 22.64 -3.47 -13.07
N GLN A 125 23.32 -3.56 -11.93
CA GLN A 125 23.48 -4.84 -11.26
C GLN A 125 22.13 -5.46 -10.91
N LEU A 126 21.21 -4.65 -10.35
CA LEU A 126 19.89 -5.16 -10.00
C LEU A 126 19.17 -5.69 -11.23
N ARG A 127 19.15 -4.93 -12.31
CA ARG A 127 18.39 -5.36 -13.48
C ARG A 127 19.04 -6.60 -14.12
N LYS A 128 20.37 -6.73 -14.01
CA LYS A 128 21.03 -7.94 -14.50
C LYS A 128 20.63 -9.16 -13.67
N ILE A 129 20.58 -9.02 -12.34
CA ILE A 129 20.09 -10.09 -11.50
C ILE A 129 18.67 -10.46 -11.89
N CYS A 130 17.81 -9.45 -12.07
CA CYS A 130 16.42 -9.73 -12.39
C CYS A 130 16.28 -10.44 -13.74
N GLU A 131 17.02 -10.00 -14.76
CA GLU A 131 16.91 -10.67 -16.05
C GLU A 131 17.47 -12.10 -16.02
N LYS A 132 18.53 -12.33 -15.25
CA LYS A 132 19.09 -13.69 -15.18
C LYS A 132 18.06 -14.69 -14.69
N TYR A 133 17.35 -14.37 -13.60
CA TYR A 133 16.59 -15.38 -12.87
C TYR A 133 15.11 -15.41 -13.21
N TYR A 134 14.55 -14.31 -13.71
CA TYR A 134 13.12 -14.21 -14.00
C TYR A 134 12.87 -14.21 -15.50
N GLY A 135 11.63 -14.55 -15.87
CA GLY A 135 11.19 -14.34 -17.22
C GLY A 135 11.05 -12.86 -17.52
N PRO A 136 10.68 -12.53 -18.77
CA PRO A 136 10.73 -11.12 -19.18
C PRO A 136 9.77 -10.20 -18.44
N GLU A 137 8.54 -10.63 -18.19
CA GLU A 137 7.62 -9.74 -17.47
C GLU A 137 7.98 -9.66 -15.98
N ASP A 138 8.17 -10.81 -15.34
CA ASP A 138 8.50 -10.84 -13.91
C ASP A 138 9.77 -10.02 -13.62
N ALA A 139 10.76 -10.07 -14.52
CA ALA A 139 11.98 -9.29 -14.32
C ALA A 139 11.66 -7.81 -14.21
N GLU A 140 10.71 -7.34 -15.03
CA GLU A 140 10.25 -5.96 -14.94
C GLU A 140 9.70 -5.64 -13.55
N VAL A 141 8.80 -6.49 -13.04
CA VAL A 141 8.16 -6.23 -11.77
C VAL A 141 9.17 -6.27 -10.63
N ALA A 142 10.04 -7.28 -10.64
CA ALA A 142 11.04 -7.40 -9.57
C ALA A 142 12.00 -6.20 -9.59
N TYR A 143 12.45 -5.78 -10.78
CA TYR A 143 13.40 -4.67 -10.85
C TYR A 143 12.78 -3.36 -10.35
N GLU A 144 11.56 -3.07 -10.79
CA GLU A 144 10.92 -1.83 -10.32
C GLU A 144 10.83 -1.80 -8.81
N ALA A 145 10.45 -2.93 -8.20
CA ALA A 145 10.31 -2.97 -6.75
C ALA A 145 11.66 -2.79 -6.05
N ALA A 146 12.73 -3.44 -6.58
CA ALA A 146 14.06 -3.24 -6.02
C ALA A 146 14.51 -1.80 -6.16
N ARG A 147 14.39 -1.25 -7.37
CA ARG A 147 14.69 0.16 -7.63
C ARG A 147 13.93 1.09 -6.67
N ALA A 148 12.63 0.88 -6.53
CA ALA A 148 11.83 1.71 -5.63
C ALA A 148 12.31 1.58 -4.18
N PHE A 149 12.69 0.36 -3.77
CA PHE A 149 13.15 0.20 -2.39
C PHE A 149 14.44 0.97 -2.13
N VAL A 150 15.48 0.72 -2.95
CA VAL A 150 16.77 1.37 -2.67
C VAL A 150 16.63 2.89 -2.79
N THR A 151 15.80 3.35 -3.71
CA THR A 151 15.57 4.79 -3.84
C THR A 151 14.91 5.34 -2.58
N SER A 152 13.97 4.60 -2.00
CA SER A 152 13.30 5.06 -0.79
C SER A 152 14.25 5.06 0.39
N ASP A 153 15.00 3.97 0.59
CA ASP A 153 15.96 3.95 1.69
C ASP A 153 16.91 5.13 1.57
N HIS A 154 17.30 5.48 0.35
CA HIS A 154 18.24 6.60 0.15
C HIS A 154 17.56 7.93 0.45
N MET A 155 16.44 8.20 -0.21
CA MET A 155 15.86 9.54 -0.14
C MET A 155 15.37 9.86 1.27
N PHE A 156 15.03 8.85 2.07
CA PHE A 156 14.50 9.13 3.39
C PHE A 156 15.56 9.20 4.48
N ARG A 157 16.83 9.00 4.14
CA ARG A 157 17.87 9.41 5.07
C ARG A 157 17.79 10.93 5.19
N ASP A 158 17.54 11.39 6.42
CA ASP A 158 17.40 12.82 6.73
C ASP A 158 16.35 13.51 5.85
N SER A 159 15.12 13.05 5.96
CA SER A 159 13.83 13.49 5.48
C SER A 159 12.93 13.88 6.65
N PRO A 160 12.40 15.10 6.68
CA PRO A 160 11.36 15.41 7.68
C PRO A 160 10.16 14.51 7.56
N ILE A 161 9.92 13.93 6.38
CA ILE A 161 8.80 13.01 6.20
C ILE A 161 9.00 11.79 7.07
N LYS A 162 10.18 11.18 7.01
CA LYS A 162 10.45 10.06 7.91
C LYS A 162 10.24 10.47 9.35
N ALA A 163 10.80 11.62 9.74
CA ALA A 163 10.61 12.12 11.10
C ALA A 163 9.14 12.24 11.46
N ALA A 164 8.33 12.87 10.58
CA ALA A 164 6.90 12.99 10.88
C ALA A 164 6.23 11.62 10.97
N LEU A 165 6.52 10.72 10.02
CA LEU A 165 5.82 9.44 10.00
C LEU A 165 6.28 8.51 11.11
N CYS A 166 7.50 8.66 11.61
CA CYS A 166 7.97 7.74 12.63
C CYS A 166 7.77 8.26 14.05
N THR A 167 7.27 9.49 14.22
CA THR A 167 7.06 9.97 15.59
C THR A 167 5.58 10.17 15.95
N THR A 168 4.68 10.31 14.97
CA THR A 168 3.29 10.66 15.27
C THR A 168 2.50 9.54 15.95
N SER A 169 2.13 8.50 15.19
CA SER A 169 1.35 7.39 15.72
C SER A 169 1.89 6.09 15.13
N PRO A 170 1.59 4.95 15.76
CA PRO A 170 1.92 3.68 15.09
C PRO A 170 1.31 3.58 13.70
N GLU A 171 0.14 4.19 13.50
CA GLU A 171 -0.52 4.24 12.20
C GLU A 171 0.36 4.84 11.12
N GLN A 172 0.89 6.04 11.38
CA GLN A 172 1.74 6.69 10.39
C GLN A 172 3.02 5.91 10.17
N TYR A 173 3.55 5.34 11.25
CA TYR A 173 4.82 4.64 11.19
C TYR A 173 4.73 3.39 10.32
N PHE A 174 3.70 2.56 10.55
CA PHE A 174 3.57 1.34 9.79
C PHE A 174 3.27 1.62 8.32
N ARG A 175 2.61 2.76 8.05
CA ARG A 175 2.43 3.25 6.69
C ARG A 175 3.75 3.41 5.96
N PHE A 176 4.72 4.08 6.61
CA PHE A 176 6.06 4.23 6.08
C PHE A 176 6.73 2.86 5.86
N ARG A 177 6.53 1.95 6.80
CA ARG A 177 7.28 0.69 6.74
C ARG A 177 6.77 -0.29 5.68
N VAL A 178 5.56 -0.10 5.13
CA VAL A 178 5.12 -0.97 4.03
C VAL A 178 6.19 -1.03 2.93
N THR A 179 6.80 0.12 2.62
CA THR A 179 7.92 0.15 1.69
C THR A 179 9.25 0.04 2.42
N ASP A 180 9.43 0.80 3.50
CA ASP A 180 10.77 0.90 4.08
C ASP A 180 11.28 -0.41 4.68
N ILE A 181 10.40 -1.28 5.18
CA ILE A 181 10.89 -2.57 5.67
C ILE A 181 11.09 -3.56 4.53
N GLY A 182 10.87 -3.15 3.29
CA GLY A 182 11.19 -4.00 2.16
C GLY A 182 10.14 -5.03 1.82
N VAL A 183 9.01 -5.04 2.52
CA VAL A 183 8.06 -6.14 2.32
C VAL A 183 7.28 -6.00 1.01
N ASP A 184 6.94 -4.77 0.57
CA ASP A 184 6.30 -4.68 -0.74
C ASP A 184 7.24 -5.21 -1.82
N PHE A 185 8.51 -4.81 -1.76
CA PHE A 185 9.56 -5.34 -2.62
C PHE A 185 9.58 -6.87 -2.55
N TRP A 186 9.57 -7.41 -1.34
CA TRP A 186 9.64 -8.86 -1.14
C TRP A 186 8.50 -9.59 -1.85
N MET A 187 7.27 -9.12 -1.67
CA MET A 187 6.12 -9.76 -2.31
C MET A 187 6.26 -9.75 -3.83
N LYS A 188 6.66 -8.59 -4.39
CA LYS A 188 6.71 -8.44 -5.83
C LYS A 188 7.85 -9.23 -6.46
N MET A 189 8.90 -9.54 -5.72
CA MET A 189 9.93 -10.43 -6.26
C MET A 189 9.71 -11.90 -5.91
N SER A 190 8.81 -12.20 -4.97
CA SER A 190 8.57 -13.56 -4.53
C SER A 190 7.42 -14.26 -5.25
N TYR A 191 6.45 -13.52 -5.82
CA TYR A 191 5.33 -14.24 -6.43
C TYR A 191 5.76 -15.20 -7.53
N PRO A 192 6.82 -14.96 -8.33
CA PRO A 192 7.21 -15.99 -9.32
C PRO A 192 7.66 -17.29 -8.67
N ILE A 193 8.10 -17.27 -7.42
CA ILE A 193 8.48 -18.51 -6.73
C ILE A 193 7.30 -19.49 -6.72
N TYR A 194 6.08 -18.96 -6.59
CA TYR A 194 4.90 -19.77 -6.32
C TYR A 194 3.98 -19.95 -7.54
N ARG A 195 4.00 -19.02 -8.49
CA ARG A 195 3.09 -19.04 -9.64
C ARG A 195 1.67 -19.37 -9.23
N HIS A 196 1.19 -18.66 -8.22
CA HIS A 196 -0.14 -18.84 -7.65
C HIS A 196 -0.96 -17.61 -7.99
N PRO A 197 -1.89 -17.70 -8.92
CA PRO A 197 -2.58 -16.48 -9.41
C PRO A 197 -3.11 -15.56 -8.32
N GLU A 198 -3.77 -16.10 -7.29
CA GLU A 198 -4.27 -15.21 -6.24
C GLU A 198 -3.13 -14.44 -5.58
N PHE A 199 -2.05 -15.16 -5.24
CA PHE A 199 -0.91 -14.52 -4.58
C PHE A 199 -0.30 -13.44 -5.46
N THR A 200 -0.19 -13.69 -6.77
CA THR A 200 0.41 -12.71 -7.67
C THR A 200 -0.39 -11.41 -7.69
N GLU A 201 -1.73 -11.49 -7.70
CA GLU A 201 -2.53 -10.26 -7.62
C GLU A 201 -2.33 -9.53 -6.29
N HIS A 202 -2.36 -10.26 -5.17
CA HIS A 202 -2.21 -9.58 -3.88
C HIS A 202 -0.83 -8.94 -3.74
N ALA A 203 0.19 -9.60 -4.31
CA ALA A 203 1.50 -8.99 -4.38
C ALA A 203 1.47 -7.73 -5.23
N LYS A 204 0.75 -7.77 -6.35
CA LYS A 204 0.76 -6.68 -7.30
C LYS A 204 0.00 -5.45 -6.80
N THR A 205 -1.08 -5.65 -6.05
CA THR A 205 -1.82 -4.55 -5.42
C THR A 205 -1.17 -4.04 -4.15
N SER A 206 -0.17 -4.75 -3.62
CA SER A 206 0.47 -4.49 -2.34
C SER A 206 -0.42 -4.83 -1.15
N LEU A 207 -1.62 -5.38 -1.38
CA LEU A 207 -2.39 -5.87 -0.25
C LEU A 207 -1.59 -6.92 0.54
N ALA A 208 -0.86 -7.79 -0.15
CA ALA A 208 0.00 -8.78 0.52
C ALA A 208 0.97 -8.09 1.48
N ALA A 209 1.65 -7.04 1.01
CA ALA A 209 2.55 -6.32 1.88
C ALA A 209 1.81 -5.62 3.02
N ARG A 210 0.66 -5.02 2.72
CA ARG A 210 -0.06 -4.30 3.77
C ARG A 210 -0.54 -5.24 4.87
N MET A 211 -0.80 -6.50 4.53
CA MET A 211 -1.26 -7.49 5.52
C MET A 211 -0.12 -7.96 6.43
N THR A 212 1.12 -7.92 5.96
CA THR A 212 2.24 -8.54 6.68
C THR A 212 3.19 -7.52 7.30
N THR A 213 2.99 -6.22 7.03
CA THR A 213 3.92 -5.20 7.49
C THR A 213 4.05 -5.17 9.01
N ARG A 214 2.93 -5.16 9.73
CA ARG A 214 3.04 -5.00 11.18
C ARG A 214 3.73 -6.21 11.82
N GLY A 215 3.39 -7.42 11.37
CA GLY A 215 3.99 -8.60 11.96
C GLY A 215 5.49 -8.63 11.78
N LEU A 216 5.96 -8.27 10.59
CA LEU A 216 7.39 -8.21 10.35
C LEU A 216 8.04 -7.06 11.13
N THR A 217 7.38 -5.89 11.13
CA THR A 217 8.01 -4.70 11.67
C THR A 217 8.10 -4.72 13.18
N ILE A 218 7.05 -5.16 13.85
CA ILE A 218 7.08 -5.17 15.32
C ILE A 218 8.20 -6.07 15.80
N VAL A 219 8.37 -7.22 15.16
CA VAL A 219 9.43 -8.15 15.54
C VAL A 219 10.80 -7.55 15.23
N ASN A 220 10.98 -7.04 14.01
CA ASN A 220 12.27 -6.45 13.67
C ASN A 220 12.62 -5.32 14.61
N ASP A 221 11.64 -4.43 14.89
CA ASP A 221 11.89 -3.27 15.74
C ASP A 221 12.29 -3.68 17.15
N PHE A 222 11.64 -4.70 17.71
CA PHE A 222 12.00 -5.06 19.07
C PHE A 222 13.47 -5.47 19.15
N TYR A 223 13.88 -6.36 18.26
CA TYR A 223 15.22 -6.92 18.38
C TYR A 223 16.31 -6.05 17.75
N SER A 224 15.95 -5.05 16.93
CA SER A 224 16.96 -4.15 16.38
C SER A 224 16.99 -2.80 17.10
N TYR A 225 16.17 -2.63 18.13
CA TYR A 225 16.07 -1.35 18.82
C TYR A 225 17.41 -0.88 19.34
N ASP A 226 18.15 -1.76 20.05
CA ASP A 226 19.41 -1.34 20.65
C ASP A 226 20.38 -0.80 19.62
N ARG A 227 20.55 -1.53 18.50
CA ARG A 227 21.45 -1.05 17.44
C ARG A 227 20.96 0.28 16.87
N GLU A 228 19.66 0.37 16.59
CA GLU A 228 19.17 1.55 15.88
C GLU A 228 19.27 2.79 16.76
N VAL A 229 18.84 2.68 18.03
CA VAL A 229 18.95 3.79 18.97
C VAL A 229 20.41 4.22 19.12
N SER A 230 21.34 3.28 19.05
CA SER A 230 22.76 3.62 19.16
C SER A 230 23.31 4.28 17.91
N LEU A 231 22.62 4.15 16.77
CA LEU A 231 23.15 4.65 15.51
C LEU A 231 22.45 5.92 15.03
N GLY A 232 21.49 6.44 15.81
CA GLY A 232 20.72 7.60 15.41
C GLY A 232 19.56 7.32 14.49
N GLN A 233 19.18 6.05 14.32
CA GLN A 233 18.07 5.70 13.44
C GLN A 233 16.73 5.79 14.19
N ILE A 234 15.78 6.53 13.63
CA ILE A 234 14.51 6.76 14.30
C ILE A 234 13.41 5.80 13.83
N THR A 235 13.69 4.94 12.86
CA THR A 235 12.64 4.13 12.26
C THR A 235 12.45 2.86 13.10
N ASN A 236 11.68 3.01 14.18
CA ASN A 236 11.46 1.94 15.16
C ASN A 236 10.26 2.30 16.02
N CYS A 237 9.23 1.45 16.02
CA CYS A 237 8.01 1.83 16.72
C CYS A 237 8.17 1.88 18.24
N PHE A 238 9.16 1.19 18.82
CA PHE A 238 9.29 1.27 20.27
C PHE A 238 9.83 2.61 20.75
N ARG A 239 10.33 3.45 19.84
CA ARG A 239 10.64 4.82 20.20
C ARG A 239 9.37 5.64 20.49
N LEU A 240 8.20 5.12 20.15
CA LEU A 240 6.94 5.82 20.41
C LEU A 240 6.51 5.73 21.87
N CYS A 241 7.06 4.80 22.65
CA CYS A 241 6.77 4.74 24.07
C CYS A 241 8.05 5.03 24.83
N ASP A 242 7.92 5.17 26.14
CA ASP A 242 9.07 5.29 27.03
C ASP A 242 9.45 3.87 27.46
N VAL A 243 10.49 3.31 26.84
CA VAL A 243 10.81 1.93 27.18
C VAL A 243 11.36 1.82 28.60
N SER A 244 11.71 2.93 29.25
CA SER A 244 12.20 2.79 30.62
C SER A 244 11.12 2.92 31.69
N ASP A 245 9.83 2.80 31.37
CA ASP A 245 8.83 2.42 32.36
C ASP A 245 8.15 1.15 31.85
N GLU A 246 8.46 0.03 32.53
CA GLU A 246 7.92 -1.26 32.13
C GLU A 246 6.40 -1.24 32.04
N THR A 247 5.74 -0.45 32.88
CA THR A 247 4.28 -0.39 32.77
C THR A 247 3.85 0.24 31.45
N ALA A 248 4.48 1.35 31.05
CA ALA A 248 4.17 1.94 29.75
C ALA A 248 4.63 1.05 28.61
N PHE A 249 5.85 0.51 28.70
CA PHE A 249 6.32 -0.42 27.68
C PHE A 249 5.36 -1.60 27.55
N LYS A 250 4.89 -2.13 28.68
CA LYS A 250 4.03 -3.32 28.65
C LYS A 250 2.72 -3.03 27.95
N GLU A 251 2.10 -1.90 28.26
CA GLU A 251 0.90 -1.49 27.54
C GLU A 251 1.15 -1.45 26.05
N PHE A 252 2.24 -0.81 25.65
CA PHE A 252 2.54 -0.62 24.24
C PHE A 252 2.81 -1.96 23.57
N PHE A 253 3.58 -2.82 24.24
CA PHE A 253 3.91 -4.11 23.66
C PHE A 253 2.67 -4.96 23.46
N GLN A 254 1.76 -4.96 24.45
CA GLN A 254 0.50 -5.67 24.25
C GLN A 254 -0.29 -5.07 23.10
N ALA A 255 -0.27 -3.74 22.97
CA ALA A 255 -0.93 -3.12 21.82
C ALA A 255 -0.37 -3.65 20.51
N ARG A 256 0.95 -3.80 20.44
CA ARG A 256 1.57 -4.30 19.21
C ARG A 256 1.24 -5.77 19.00
N LEU A 257 1.23 -6.58 20.07
CA LEU A 257 0.78 -7.96 19.93
C LEU A 257 -0.65 -8.01 19.39
N ASP A 258 -1.52 -7.16 19.93
CA ASP A 258 -2.89 -7.11 19.42
C ASP A 258 -2.92 -6.84 17.91
N ASP A 259 -2.09 -5.92 17.43
CA ASP A 259 -2.00 -5.64 15.99
C ASP A 259 -1.64 -6.91 15.22
N MET A 260 -0.59 -7.61 15.67
CA MET A 260 -0.15 -8.81 15.00
C MET A 260 -1.27 -9.84 14.95
N ILE A 261 -1.98 -10.01 16.06
CA ILE A 261 -3.09 -10.95 16.12
C ILE A 261 -4.20 -10.53 15.16
N GLU A 262 -4.54 -9.23 15.16
CA GLU A 262 -5.48 -8.67 14.17
C GLU A 262 -5.15 -9.16 12.76
N ASP A 263 -3.94 -8.88 12.29
CA ASP A 263 -3.56 -9.18 10.92
C ASP A 263 -3.58 -10.68 10.66
N ILE A 264 -3.03 -11.47 11.59
CA ILE A 264 -2.93 -12.91 11.36
C ILE A 264 -4.32 -13.52 11.22
N GLU A 265 -5.26 -13.10 12.07
CA GLU A 265 -6.59 -13.69 12.01
C GLU A 265 -7.29 -13.30 10.72
N CYS A 266 -7.10 -12.07 10.25
CA CYS A 266 -7.72 -11.68 8.99
C CYS A 266 -6.94 -12.26 7.78
N ILE A 267 -5.65 -12.59 7.94
CA ILE A 267 -4.92 -13.31 6.90
C ILE A 267 -5.53 -14.69 6.63
N LYS A 268 -6.17 -15.30 7.63
CA LYS A 268 -6.74 -16.63 7.41
C LYS A 268 -7.97 -16.59 6.51
N ALA A 269 -8.53 -15.42 6.24
CA ALA A 269 -9.56 -15.29 5.21
C ALA A 269 -9.03 -15.52 3.81
N PHE A 270 -7.73 -15.37 3.60
CA PHE A 270 -7.20 -15.57 2.26
C PHE A 270 -7.21 -17.07 1.94
N ASP A 271 -7.09 -17.39 0.65
CA ASP A 271 -7.09 -18.79 0.23
C ASP A 271 -5.92 -19.52 0.90
N GLN A 272 -6.04 -20.85 1.01
CA GLN A 272 -5.11 -21.60 1.87
C GLN A 272 -3.65 -21.44 1.47
N LEU A 273 -3.35 -21.28 0.18
CA LEU A 273 -1.95 -21.20 -0.22
C LEU A 273 -1.37 -19.82 0.09
N THR A 274 -2.07 -18.76 -0.29
CA THR A 274 -1.62 -17.41 0.03
C THR A 274 -1.47 -17.24 1.54
N GLN A 275 -2.44 -17.78 2.29
CA GLN A 275 -2.40 -17.71 3.74
C GLN A 275 -1.12 -18.34 4.27
N ASP A 276 -0.71 -19.47 3.69
CA ASP A 276 0.53 -20.11 4.15
C ASP A 276 1.73 -19.20 3.92
N VAL A 277 1.80 -18.56 2.74
CA VAL A 277 2.94 -17.71 2.42
C VAL A 277 3.01 -16.50 3.36
N PHE A 278 1.87 -15.84 3.59
CA PHE A 278 1.86 -14.70 4.51
C PHE A 278 2.34 -15.12 5.90
N LEU A 279 1.80 -16.22 6.41
CA LEU A 279 2.07 -16.62 7.79
C LEU A 279 3.50 -17.14 7.96
N ASP A 280 3.98 -17.96 7.01
CA ASP A 280 5.38 -18.38 7.06
C ASP A 280 6.32 -17.18 7.01
N LEU A 281 5.90 -16.12 6.30
CA LEU A 281 6.73 -14.94 6.22
C LEU A 281 6.86 -14.28 7.60
N ILE A 282 5.74 -14.05 8.28
CA ILE A 282 5.79 -13.36 9.57
C ILE A 282 6.47 -14.24 10.62
N TYR A 283 6.08 -15.51 10.69
CA TYR A 283 6.63 -16.42 11.69
C TYR A 283 8.08 -16.76 11.39
N GLY A 284 8.41 -17.00 10.12
CA GLY A 284 9.80 -17.26 9.75
C GLY A 284 10.71 -16.08 10.06
N ASN A 285 10.22 -14.86 9.83
CA ASN A 285 11.04 -13.71 10.18
C ASN A 285 11.35 -13.70 11.67
N PHE A 286 10.38 -14.06 12.50
CA PHE A 286 10.62 -14.12 13.94
C PHE A 286 11.67 -15.20 14.28
N VAL A 287 11.57 -16.36 13.65
CA VAL A 287 12.54 -17.43 13.98
C VAL A 287 13.94 -17.01 13.55
N TRP A 288 14.07 -16.45 12.35
CA TRP A 288 15.34 -15.96 11.86
C TRP A 288 15.91 -14.84 12.74
N THR A 289 15.06 -13.85 13.08
CA THR A 289 15.50 -12.70 13.87
C THR A 289 16.08 -13.14 15.22
N THR A 290 15.42 -14.08 15.90
CA THR A 290 15.93 -14.54 17.19
C THR A 290 17.15 -15.46 17.08
N SER A 291 17.43 -15.99 15.89
CA SER A 291 18.55 -16.90 15.69
C SER A 291 19.77 -16.22 15.07
N ASN A 292 19.72 -14.90 14.88
CA ASN A 292 20.66 -14.19 14.04
C ASN A 292 21.47 -13.23 14.88
N LYS A 293 22.80 -13.32 14.76
CA LYS A 293 23.73 -12.41 15.43
C LYS A 293 23.46 -10.95 15.07
N ARG A 294 22.89 -10.73 13.89
CA ARG A 294 22.50 -9.38 13.50
C ARG A 294 21.61 -8.72 14.53
N TYR A 295 20.78 -9.49 15.22
CA TYR A 295 19.79 -8.94 16.13
C TYR A 295 20.10 -9.26 17.59
N LYS A 296 21.38 -9.26 17.96
CA LYS A 296 21.84 -9.69 19.27
C LYS A 296 22.76 -8.68 19.95
N THR A 297 23.44 -7.78 19.21
CA THR A 297 24.17 -6.73 19.91
C THR A 297 24.12 -5.37 19.20
N ALA A 298 24.85 -4.42 19.80
CA ALA A 298 25.03 -3.09 19.23
C ALA A 298 26.02 -3.11 18.09
N VAL A 299 27.26 -3.48 18.37
CA VAL A 299 28.31 -3.53 17.36
C VAL A 299 28.66 -5.00 17.15
N ASN A 300 28.55 -5.48 15.92
CA ASN A 300 29.10 -6.79 15.59
C ASN A 300 29.40 -6.82 14.10
N ASP A 301 30.08 -7.88 13.67
CA ASP A 301 30.64 -7.91 12.33
C ASP A 301 29.58 -8.14 11.25
N VAL A 302 28.32 -8.38 11.62
CA VAL A 302 27.27 -8.59 10.63
C VAL A 302 26.18 -7.54 10.67
N ASN A 303 26.18 -6.60 11.64
CA ASN A 303 25.15 -5.56 11.61
C ASN A 303 25.71 -4.15 11.65
N SER A 304 27.01 -3.97 11.48
CA SER A 304 27.61 -2.66 11.62
C SER A 304 27.21 -1.76 10.46
N ARG A 305 27.57 -0.51 10.57
CA ARG A 305 27.47 0.38 9.43
C ARG A 305 28.59 0.07 8.46
N ILE A 306 28.25 0.05 7.16
CA ILE A 306 29.24 -0.03 6.10
C ILE A 306 29.53 1.41 5.68
N GLN A 307 30.57 2.01 6.27
CA GLN A 307 30.69 3.47 6.28
C GLN A 307 31.45 4.02 5.08
N GLY B 9 -35.73 -9.13 3.23
CA GLY B 9 -35.78 -7.84 2.58
C GLY B 9 -35.41 -6.66 3.47
N ALA B 10 -35.76 -5.46 2.97
CA ALA B 10 -35.61 -4.17 3.65
C ALA B 10 -35.29 -4.28 5.14
N GLN B 11 -34.04 -4.55 5.49
CA GLN B 11 -33.67 -4.78 6.87
C GLN B 11 -33.46 -3.45 7.58
N ASP B 12 -33.92 -3.38 8.85
CA ASP B 12 -33.46 -2.39 9.84
C ASP B 12 -33.34 -0.99 9.22
N ILE B 13 -34.49 -0.34 9.04
CA ILE B 13 -34.52 1.01 8.45
C ILE B 13 -33.67 1.99 9.25
N GLY B 14 -33.57 1.80 10.57
CA GLY B 14 -32.80 2.75 11.37
C GLY B 14 -31.32 2.81 11.01
N ARG B 15 -30.77 1.71 10.50
CA ARG B 15 -29.43 1.69 9.92
C ARG B 15 -29.46 1.88 8.41
N SER B 16 -30.64 2.07 7.83
CA SER B 16 -30.77 2.30 6.40
C SER B 16 -29.93 3.46 5.89
N SER B 17 -29.64 4.47 6.73
CA SER B 17 -29.33 5.79 6.19
C SER B 17 -28.43 6.61 7.13
N VAL B 18 -27.57 7.45 6.55
CA VAL B 18 -26.89 8.48 7.32
C VAL B 18 -27.55 9.85 7.12
N ARG B 19 -28.69 9.88 6.44
CA ARG B 19 -29.34 11.14 6.08
C ARG B 19 -29.69 12.01 7.28
N PRO B 20 -30.06 11.49 8.45
CA PRO B 20 -30.21 12.36 9.63
C PRO B 20 -28.95 13.16 9.99
N TYR B 21 -27.76 12.71 9.61
CA TYR B 21 -26.51 13.37 9.99
C TYR B 21 -25.93 14.23 8.87
N LEU B 22 -26.65 14.35 7.76
CA LEU B 22 -26.06 14.91 6.54
C LEU B 22 -25.58 16.35 6.75
N GLU B 23 -26.42 17.21 7.30
CA GLU B 23 -26.04 18.62 7.41
C GLU B 23 -24.87 18.79 8.36
N GLU B 24 -24.93 18.19 9.54
CA GLU B 24 -23.90 18.48 10.53
C GLU B 24 -22.56 17.85 10.14
N CYS B 25 -22.59 16.64 9.54
CA CYS B 25 -21.33 16.05 9.09
C CYS B 25 -20.72 16.85 7.94
N THR B 26 -21.54 17.29 6.99
CA THR B 26 -21.01 18.12 5.91
C THR B 26 -20.31 19.33 6.46
N ARG B 27 -20.95 19.99 7.43
CA ARG B 27 -20.38 21.18 8.03
C ARG B 27 -19.10 20.87 8.78
N ARG B 28 -19.08 19.75 9.51
CA ARG B 28 -17.87 19.36 10.26
C ARG B 28 -16.71 19.06 9.31
N PHE B 29 -16.97 18.29 8.24
CA PHE B 29 -15.94 18.08 7.21
C PHE B 29 -15.37 19.41 6.74
N GLN B 30 -16.25 20.33 6.35
CA GLN B 30 -15.78 21.60 5.82
C GLN B 30 -14.97 22.36 6.86
N GLU B 31 -15.43 22.37 8.12
CA GLU B 31 -14.70 23.07 9.16
C GLU B 31 -13.31 22.49 9.30
N MET B 32 -13.23 21.16 9.21
CA MET B 32 -11.94 20.48 9.30
C MET B 32 -11.03 20.95 8.19
N PHE B 33 -11.50 20.89 6.94
CA PHE B 33 -10.67 21.34 5.82
C PHE B 33 -10.24 22.80 5.99
N ASP B 34 -11.15 23.65 6.48
CA ASP B 34 -10.80 25.07 6.62
C ASP B 34 -9.75 25.27 7.69
N ARG B 35 -9.79 24.45 8.75
CA ARG B 35 -8.83 24.63 9.83
C ARG B 35 -7.51 23.92 9.55
N HIS B 36 -7.47 22.94 8.65
CA HIS B 36 -6.23 22.19 8.42
C HIS B 36 -5.69 22.21 7.00
N VAL B 37 -6.49 22.58 5.99
CA VAL B 37 -6.01 22.68 4.62
C VAL B 37 -6.06 24.12 4.11
N VAL B 38 -7.09 24.88 4.50
CA VAL B 38 -7.13 26.33 4.43
C VAL B 38 -7.56 26.77 3.03
N THR B 39 -6.77 26.43 2.00
CA THR B 39 -7.06 26.87 0.64
C THR B 39 -8.00 25.87 -0.03
N ARG B 40 -8.76 26.37 -1.00
CA ARG B 40 -9.76 25.55 -1.67
C ARG B 40 -9.14 24.68 -2.76
N PRO B 41 -9.86 23.68 -3.24
CA PRO B 41 -9.55 23.10 -4.55
C PRO B 41 -9.88 24.06 -5.69
N THR B 42 -9.41 23.70 -6.88
CA THR B 42 -9.63 24.46 -8.11
C THR B 42 -10.06 23.49 -9.21
N LYS B 43 -11.17 23.81 -9.87
CA LYS B 43 -11.66 22.92 -10.93
C LYS B 43 -10.94 23.21 -12.24
N VAL B 44 -10.27 22.18 -12.77
CA VAL B 44 -9.61 22.28 -14.07
C VAL B 44 -10.66 22.61 -15.14
N GLU B 45 -10.39 23.64 -15.94
CA GLU B 45 -11.20 23.97 -17.09
C GLU B 45 -10.68 23.19 -18.30
N LEU B 46 -11.55 22.39 -18.92
CA LEU B 46 -11.29 21.83 -20.22
C LEU B 46 -12.04 22.64 -21.27
N THR B 47 -11.44 22.74 -22.46
CA THR B 47 -12.12 23.33 -23.60
C THR B 47 -13.28 22.44 -24.01
N ASP B 48 -14.28 23.06 -24.65
CA ASP B 48 -15.37 22.30 -25.24
C ASP B 48 -14.87 21.07 -25.99
N ALA B 49 -13.91 21.28 -26.91
CA ALA B 49 -13.26 20.16 -27.58
C ALA B 49 -12.79 19.12 -26.58
N GLU B 50 -11.88 19.49 -25.69
CA GLU B 50 -11.26 18.54 -24.76
C GLU B 50 -12.31 17.70 -24.03
N LEU B 51 -13.38 18.34 -23.56
CA LEU B 51 -14.44 17.58 -22.90
C LEU B 51 -15.04 16.54 -23.83
N ARG B 52 -15.35 16.94 -25.06
CA ARG B 52 -15.86 16.04 -26.09
C ARG B 52 -14.89 14.88 -26.36
N GLU B 53 -13.61 15.18 -26.54
CA GLU B 53 -12.65 14.11 -26.82
C GLU B 53 -12.60 13.11 -25.68
N VAL B 54 -12.62 13.61 -24.44
CA VAL B 54 -12.64 12.73 -23.27
C VAL B 54 -13.81 11.76 -23.36
N ILE B 55 -15.01 12.28 -23.56
CA ILE B 55 -16.17 11.40 -23.58
C ILE B 55 -16.12 10.45 -24.79
N ASP B 56 -15.66 10.94 -25.95
CA ASP B 56 -15.54 10.06 -27.10
C ASP B 56 -14.58 8.89 -26.81
N ASP B 57 -13.45 9.17 -26.16
CA ASP B 57 -12.52 8.10 -25.76
C ASP B 57 -13.14 7.15 -24.75
N CYS B 58 -13.93 7.68 -23.82
CA CYS B 58 -14.63 6.84 -22.85
C CYS B 58 -15.62 5.89 -23.52
N ASN B 59 -16.45 6.41 -24.42
CA ASN B 59 -17.42 5.57 -25.11
C ASN B 59 -16.71 4.49 -25.91
N ALA B 60 -15.61 4.84 -26.57
CA ALA B 60 -14.90 3.86 -27.37
C ALA B 60 -14.42 2.70 -26.52
N ALA B 61 -14.03 2.99 -25.28
CA ALA B 61 -13.41 1.95 -24.44
C ALA B 61 -14.45 1.00 -23.87
N VAL B 62 -15.65 1.48 -23.53
CA VAL B 62 -16.65 0.61 -22.93
C VAL B 62 -17.66 0.10 -23.96
N ALA B 63 -17.61 0.60 -25.19
CA ALA B 63 -18.55 0.17 -26.22
C ALA B 63 -18.54 -1.33 -26.47
N PRO B 64 -17.40 -2.02 -26.53
CA PRO B 64 -17.47 -3.48 -26.66
C PRO B 64 -18.22 -4.16 -25.53
N LEU B 65 -18.31 -3.55 -24.35
CA LEU B 65 -19.00 -4.21 -23.25
C LEU B 65 -20.52 -4.25 -23.43
N GLY B 66 -21.09 -3.36 -24.25
CA GLY B 66 -22.47 -3.47 -24.67
C GLY B 66 -23.42 -2.44 -24.10
N LYS B 67 -22.96 -1.61 -23.17
CA LYS B 67 -23.84 -0.74 -22.40
C LYS B 67 -23.59 0.72 -22.78
N THR B 68 -24.68 1.45 -22.97
CA THR B 68 -24.63 2.88 -23.25
C THR B 68 -24.44 3.67 -21.97
N VAL B 69 -23.52 4.63 -22.00
CA VAL B 69 -23.32 5.55 -20.89
C VAL B 69 -23.61 6.96 -21.40
N SER B 70 -24.50 7.68 -20.73
CA SER B 70 -24.90 9.01 -21.16
C SER B 70 -23.82 10.04 -20.79
N ASP B 71 -23.83 11.17 -21.50
CA ASP B 71 -22.98 12.30 -21.13
C ASP B 71 -23.16 12.69 -19.67
N GLU B 72 -24.41 12.83 -19.21
CA GLU B 72 -24.64 13.18 -17.81
C GLU B 72 -23.90 12.23 -16.89
N ARG B 73 -23.90 10.93 -17.20
CA ARG B 73 -23.22 9.96 -16.36
C ARG B 73 -21.71 10.13 -16.46
N TRP B 74 -21.16 10.22 -17.69
CA TRP B 74 -19.74 10.48 -17.83
C TRP B 74 -19.31 11.72 -17.04
N ILE B 75 -20.09 12.79 -17.14
CA ILE B 75 -19.72 14.01 -16.43
C ILE B 75 -19.80 13.79 -14.92
N SER B 76 -20.74 12.96 -14.46
CA SER B 76 -20.82 12.65 -13.04
C SER B 76 -19.60 11.85 -12.58
N TYR B 77 -18.97 11.11 -13.50
CA TYR B 77 -17.74 10.40 -13.17
C TYR B 77 -16.53 11.30 -13.27
N VAL B 78 -16.46 12.15 -14.29
CA VAL B 78 -15.21 12.84 -14.59
C VAL B 78 -14.94 13.99 -13.63
N GLY B 79 -15.99 14.49 -12.95
CA GLY B 79 -15.83 15.64 -12.06
C GLY B 79 -14.74 15.47 -11.01
N VAL B 80 -14.51 14.24 -10.52
CA VAL B 80 -13.49 14.10 -9.50
C VAL B 80 -12.12 14.43 -10.05
N VAL B 81 -11.86 14.08 -11.32
CA VAL B 81 -10.57 14.44 -11.89
C VAL B 81 -10.48 15.96 -12.05
N LEU B 82 -11.57 16.57 -12.51
CA LEU B 82 -11.57 18.03 -12.70
C LEU B 82 -11.37 18.76 -11.39
N TRP B 83 -11.92 18.25 -10.28
CA TRP B 83 -11.86 18.92 -8.99
C TRP B 83 -10.68 18.51 -8.12
N SER B 84 -10.07 17.35 -8.34
CA SER B 84 -9.17 16.78 -7.34
C SER B 84 -7.74 16.60 -7.83
N GLN B 85 -7.39 17.14 -8.99
CA GLN B 85 -5.99 17.25 -9.36
C GLN B 85 -5.46 18.56 -8.76
N SER B 86 -4.37 19.09 -9.29
CA SER B 86 -3.77 20.31 -8.72
C SER B 86 -3.41 21.22 -9.88
N PRO B 87 -4.37 22.05 -10.35
CA PRO B 87 -4.18 22.71 -11.66
C PRO B 87 -2.93 23.56 -11.77
N ARG B 88 -2.53 24.19 -10.68
CA ARG B 88 -1.37 25.06 -10.72
C ARG B 88 -0.09 24.31 -11.09
N HIS B 89 -0.04 23.01 -10.82
CA HIS B 89 1.15 22.21 -11.04
C HIS B 89 1.07 21.37 -12.29
N ILE B 90 -0.02 21.45 -13.04
CA ILE B 90 -0.14 20.62 -14.23
C ILE B 90 0.93 21.01 -15.23
N LYS B 91 1.69 20.02 -15.71
CA LYS B 91 2.53 20.23 -16.89
C LYS B 91 1.97 19.55 -18.13
N ASP B 92 1.61 18.27 -18.04
CA ASP B 92 1.23 17.48 -19.21
C ASP B 92 -0.30 17.36 -19.22
N MET B 93 -0.95 17.98 -20.23
CA MET B 93 -2.39 17.87 -20.35
C MET B 93 -2.83 16.59 -21.03
N GLU B 94 -1.98 15.95 -21.83
CA GLU B 94 -2.33 14.63 -22.36
C GLU B 94 -2.44 13.60 -21.24
N ALA B 95 -1.54 13.67 -20.25
CA ALA B 95 -1.66 12.80 -19.09
C ALA B 95 -2.93 13.11 -18.31
N PHE B 96 -3.28 14.39 -18.16
CA PHE B 96 -4.51 14.74 -17.45
C PHE B 96 -5.72 14.13 -18.15
N LYS B 97 -5.75 14.18 -19.49
CA LYS B 97 -6.86 13.58 -20.24
C LYS B 97 -6.90 12.07 -20.06
N ALA B 98 -5.74 11.41 -20.10
CA ALA B 98 -5.70 9.97 -19.81
C ALA B 98 -6.37 9.67 -18.48
N VAL B 99 -6.09 10.48 -17.45
CA VAL B 99 -6.65 10.22 -16.14
C VAL B 99 -8.16 10.44 -16.14
N CYS B 100 -8.65 11.42 -16.91
CA CYS B 100 -10.09 11.57 -17.09
C CYS B 100 -10.69 10.29 -17.68
N VAL B 101 -10.12 9.80 -18.78
CA VAL B 101 -10.67 8.61 -19.42
C VAL B 101 -10.54 7.39 -18.48
N LEU B 102 -9.34 7.15 -17.96
CA LEU B 102 -9.10 5.96 -17.16
C LEU B 102 -9.97 5.95 -15.90
N ASN B 103 -10.05 7.10 -15.23
CA ASN B 103 -10.96 7.22 -14.10
C ASN B 103 -12.39 6.84 -14.49
N CYS B 104 -12.88 7.40 -15.61
CA CYS B 104 -14.29 7.23 -15.97
C CYS B 104 -14.62 5.80 -16.35
N VAL B 105 -13.81 5.17 -17.20
CA VAL B 105 -14.21 3.85 -17.68
C VAL B 105 -14.10 2.81 -16.58
N THR B 106 -13.17 2.99 -15.63
CA THR B 106 -13.12 2.06 -14.51
C THR B 106 -14.18 2.39 -13.45
N PHE B 107 -14.70 3.62 -13.42
CA PHE B 107 -15.90 3.88 -12.63
C PHE B 107 -17.08 3.07 -13.16
N VAL B 108 -17.24 3.02 -14.49
CA VAL B 108 -18.26 2.16 -15.09
C VAL B 108 -18.09 0.72 -14.62
N TRP B 109 -16.85 0.23 -14.67
CA TRP B 109 -16.55 -1.14 -14.21
C TRP B 109 -16.98 -1.33 -12.76
N ASP B 110 -16.73 -0.32 -11.92
CA ASP B 110 -17.14 -0.33 -10.52
C ASP B 110 -18.64 -0.47 -10.35
N ASP B 111 -19.43 0.17 -11.22
CA ASP B 111 -20.89 0.17 -11.15
C ASP B 111 -21.52 -1.03 -11.84
N MET B 112 -20.72 -1.85 -12.52
CA MET B 112 -21.25 -2.90 -13.35
C MET B 112 -21.51 -4.18 -12.57
N ASP B 113 -22.71 -4.70 -12.76
CA ASP B 113 -22.99 -6.10 -12.51
C ASP B 113 -21.87 -6.96 -13.10
N PRO B 114 -21.33 -7.92 -12.34
CA PRO B 114 -20.10 -8.60 -12.78
C PRO B 114 -20.27 -9.51 -13.99
N ALA B 115 -21.52 -9.77 -14.41
CA ALA B 115 -21.74 -10.52 -15.64
C ALA B 115 -21.33 -9.73 -16.87
N LEU B 116 -21.17 -8.41 -16.74
CA LEU B 116 -20.69 -7.57 -17.82
C LEU B 116 -19.17 -7.45 -17.85
N HIS B 117 -18.47 -7.85 -16.79
CA HIS B 117 -17.02 -7.74 -16.76
C HIS B 117 -16.45 -8.72 -17.78
N ASP B 118 -15.90 -8.19 -18.87
CA ASP B 118 -15.26 -9.02 -19.89
C ASP B 118 -13.79 -8.59 -20.02
N PHE B 119 -12.90 -9.30 -19.34
CA PHE B 119 -11.50 -8.93 -19.34
C PHE B 119 -10.91 -9.00 -20.74
N GLY B 120 -11.28 -10.02 -21.52
CA GLY B 120 -10.80 -10.12 -22.88
C GLY B 120 -11.22 -8.95 -23.75
N LEU B 121 -12.40 -8.38 -23.47
CA LEU B 121 -12.86 -7.25 -24.25
C LEU B 121 -12.30 -5.93 -23.72
N PHE B 122 -12.13 -5.81 -22.39
CA PHE B 122 -11.85 -4.51 -21.79
C PHE B 122 -10.37 -4.20 -21.62
N LEU B 123 -9.55 -5.16 -21.19
CA LEU B 123 -8.13 -4.87 -21.03
C LEU B 123 -7.49 -4.32 -22.30
N PRO B 124 -7.77 -4.84 -23.50
CA PRO B 124 -7.20 -4.20 -24.71
C PRO B 124 -7.58 -2.73 -24.88
N GLN B 125 -8.79 -2.33 -24.48
CA GLN B 125 -9.15 -0.92 -24.55
C GLN B 125 -8.33 -0.08 -23.58
N LEU B 126 -8.07 -0.62 -22.38
CA LEU B 126 -7.24 0.11 -21.42
C LEU B 126 -5.82 0.31 -21.95
N ARG B 127 -5.31 -0.64 -22.75
CA ARG B 127 -4.02 -0.42 -23.39
C ARG B 127 -4.11 0.58 -24.53
N LYS B 128 -5.23 0.61 -25.26
CA LYS B 128 -5.38 1.61 -26.31
C LYS B 128 -5.35 3.01 -25.73
N ILE B 129 -5.88 3.17 -24.51
CA ILE B 129 -5.92 4.48 -23.87
C ILE B 129 -4.53 4.85 -23.36
N CYS B 130 -3.89 3.93 -22.62
CA CYS B 130 -2.58 4.23 -22.07
C CYS B 130 -1.55 4.48 -23.16
N GLU B 131 -1.63 3.73 -24.26
CA GLU B 131 -0.64 3.90 -25.32
C GLU B 131 -0.86 5.20 -26.08
N LYS B 132 -2.10 5.71 -26.11
CA LYS B 132 -2.39 6.94 -26.86
C LYS B 132 -1.92 8.18 -26.12
N TYR B 133 -2.02 8.20 -24.79
CA TYR B 133 -1.80 9.42 -24.02
C TYR B 133 -0.46 9.48 -23.31
N TYR B 134 0.20 8.35 -23.06
CA TYR B 134 1.51 8.32 -22.42
C TYR B 134 2.54 7.71 -23.37
N GLY B 135 3.82 7.83 -22.99
CA GLY B 135 4.90 7.16 -23.68
C GLY B 135 5.07 5.74 -23.16
N PRO B 136 6.04 5.00 -23.71
CA PRO B 136 6.22 3.59 -23.29
C PRO B 136 6.23 3.35 -21.77
N GLU B 137 7.10 4.04 -21.03
CA GLU B 137 7.33 3.75 -19.61
C GLU B 137 6.25 4.36 -18.71
N ASP B 138 5.65 5.48 -19.13
CA ASP B 138 4.49 5.96 -18.40
C ASP B 138 3.28 5.08 -18.66
N ALA B 139 3.08 4.72 -19.92
CA ALA B 139 1.91 3.93 -20.28
C ALA B 139 1.90 2.59 -19.59
N GLU B 140 3.08 2.00 -19.35
CA GLU B 140 3.08 0.64 -18.83
C GLU B 140 2.77 0.63 -17.34
N VAL B 141 3.15 1.68 -16.61
CA VAL B 141 2.81 1.77 -15.19
C VAL B 141 1.34 2.17 -15.02
N ALA B 142 0.84 3.04 -15.89
CA ALA B 142 -0.59 3.38 -15.83
C ALA B 142 -1.46 2.18 -16.18
N TYR B 143 -1.02 1.39 -17.17
CA TYR B 143 -1.81 0.20 -17.55
C TYR B 143 -1.83 -0.85 -16.42
N GLU B 144 -0.69 -1.15 -15.82
CA GLU B 144 -0.67 -2.15 -14.75
C GLU B 144 -1.55 -1.71 -13.57
N ALA B 145 -1.49 -0.44 -13.24
CA ALA B 145 -2.33 0.06 -12.16
C ALA B 145 -3.81 -0.05 -12.53
N ALA B 146 -4.17 0.26 -13.79
CA ALA B 146 -5.58 0.14 -14.18
C ALA B 146 -6.02 -1.32 -14.20
N ARG B 147 -5.19 -2.20 -14.78
CA ARG B 147 -5.45 -3.64 -14.78
C ARG B 147 -5.63 -4.17 -13.37
N ALA B 148 -4.76 -3.79 -12.46
CA ALA B 148 -4.84 -4.37 -11.11
C ALA B 148 -6.05 -3.83 -10.36
N PHE B 149 -6.42 -2.56 -10.62
CA PHE B 149 -7.67 -2.08 -10.04
C PHE B 149 -8.86 -2.88 -10.57
N VAL B 150 -8.97 -3.07 -11.89
CA VAL B 150 -10.19 -3.69 -12.38
C VAL B 150 -10.21 -5.18 -12.00
N THR B 151 -9.04 -5.80 -11.90
CA THR B 151 -8.98 -7.18 -11.42
C THR B 151 -9.38 -7.27 -9.95
N SER B 152 -8.92 -6.32 -9.13
CA SER B 152 -9.30 -6.28 -7.72
C SER B 152 -10.80 -6.06 -7.54
N ASP B 153 -11.35 -5.05 -8.23
CA ASP B 153 -12.78 -4.79 -8.07
C ASP B 153 -13.60 -6.01 -8.45
N HIS B 154 -13.11 -6.81 -9.41
CA HIS B 154 -13.83 -8.00 -9.84
C HIS B 154 -13.65 -9.14 -8.86
N MET B 155 -12.38 -9.51 -8.57
CA MET B 155 -12.16 -10.73 -7.81
C MET B 155 -12.57 -10.56 -6.36
N PHE B 156 -12.79 -9.33 -5.91
CA PHE B 156 -13.29 -9.17 -4.55
C PHE B 156 -14.80 -8.98 -4.47
N ARG B 157 -15.57 -9.25 -5.53
CA ARG B 157 -17.01 -9.01 -5.48
C ARG B 157 -17.71 -9.83 -4.41
N ASP B 158 -17.45 -11.12 -4.34
CA ASP B 158 -18.06 -11.89 -3.25
C ASP B 158 -17.02 -12.77 -2.56
N SER B 159 -15.92 -12.14 -2.17
CA SER B 159 -14.73 -12.66 -1.51
C SER B 159 -14.90 -12.66 0.00
N PRO B 160 -14.56 -13.77 0.64
CA PRO B 160 -14.40 -13.74 2.10
C PRO B 160 -13.35 -12.75 2.55
N ILE B 161 -12.34 -12.49 1.73
CA ILE B 161 -11.33 -11.52 2.10
C ILE B 161 -11.97 -10.16 2.32
N LYS B 162 -12.80 -9.73 1.37
CA LYS B 162 -13.44 -8.43 1.53
C LYS B 162 -14.30 -8.39 2.80
N ALA B 163 -15.03 -9.47 3.07
CA ALA B 163 -15.87 -9.54 4.27
C ALA B 163 -15.04 -9.44 5.53
N ALA B 164 -13.90 -10.14 5.59
CA ALA B 164 -13.06 -10.04 6.76
C ALA B 164 -12.49 -8.64 6.92
N LEU B 165 -11.95 -8.05 5.84
CA LEU B 165 -11.30 -6.76 5.99
C LEU B 165 -12.31 -5.64 6.29
N CYS B 166 -13.54 -5.76 5.78
CA CYS B 166 -14.56 -4.73 5.97
C CYS B 166 -15.44 -4.92 7.20
N THR B 167 -15.25 -5.98 7.97
CA THR B 167 -16.07 -6.21 9.16
C THR B 167 -15.24 -6.45 10.42
N THR B 168 -13.97 -6.02 10.47
CA THR B 168 -13.11 -6.29 11.63
C THR B 168 -12.72 -5.00 12.35
N SER B 169 -11.94 -4.13 11.70
CA SER B 169 -11.53 -2.86 12.32
C SER B 169 -11.43 -1.80 11.23
N PRO B 170 -11.35 -0.52 11.61
CA PRO B 170 -11.09 0.52 10.59
C PRO B 170 -9.74 0.33 9.93
N GLU B 171 -8.75 -0.13 10.68
CA GLU B 171 -7.42 -0.31 10.11
C GLU B 171 -7.37 -1.49 9.12
N GLN B 172 -8.16 -2.54 9.33
CA GLN B 172 -8.21 -3.55 8.25
C GLN B 172 -8.93 -2.99 7.03
N TYR B 173 -9.99 -2.23 7.27
CA TYR B 173 -10.80 -1.73 6.17
C TYR B 173 -10.02 -0.77 5.29
N PHE B 174 -9.32 0.19 5.89
CA PHE B 174 -8.59 1.17 5.09
C PHE B 174 -7.44 0.53 4.32
N ARG B 175 -6.85 -0.54 4.87
CA ARG B 175 -5.85 -1.27 4.11
C ARG B 175 -6.45 -1.86 2.83
N PHE B 176 -7.69 -2.36 2.89
CA PHE B 176 -8.35 -2.81 1.67
C PHE B 176 -8.55 -1.66 0.69
N ARG B 177 -8.88 -0.48 1.21
CA ARG B 177 -9.28 0.62 0.34
C ARG B 177 -8.12 1.31 -0.34
N VAL B 178 -6.88 1.09 0.14
CA VAL B 178 -5.73 1.66 -0.58
C VAL B 178 -5.81 1.30 -2.05
N THR B 179 -6.20 0.06 -2.35
CA THR B 179 -6.43 -0.38 -3.71
C THR B 179 -7.87 -0.18 -4.16
N ASP B 180 -8.83 -0.58 -3.34
CA ASP B 180 -10.21 -0.68 -3.81
C ASP B 180 -10.84 0.68 -4.09
N ILE B 181 -10.48 1.73 -3.36
CA ILE B 181 -11.02 3.03 -3.75
C ILE B 181 -10.27 3.61 -4.94
N GLY B 182 -9.30 2.89 -5.50
CA GLY B 182 -8.64 3.32 -6.72
C GLY B 182 -7.57 4.38 -6.55
N VAL B 183 -7.21 4.74 -5.32
CA VAL B 183 -6.25 5.84 -5.14
C VAL B 183 -4.84 5.43 -5.54
N ASP B 184 -4.43 4.18 -5.29
CA ASP B 184 -3.12 3.79 -5.78
C ASP B 184 -3.04 3.90 -7.29
N PHE B 185 -4.08 3.40 -7.97
CA PHE B 185 -4.20 3.53 -9.42
C PHE B 185 -4.14 5.00 -9.83
N TRP B 186 -4.91 5.85 -9.15
CA TRP B 186 -4.91 7.28 -9.41
C TRP B 186 -3.52 7.88 -9.37
N MET B 187 -2.76 7.58 -8.30
CA MET B 187 -1.43 8.15 -8.19
C MET B 187 -0.53 7.68 -9.33
N LYS B 188 -0.62 6.38 -9.68
CA LYS B 188 0.29 5.83 -10.66
C LYS B 188 -0.08 6.23 -12.08
N MET B 189 -1.27 6.78 -12.29
CA MET B 189 -1.58 7.36 -13.60
C MET B 189 -1.51 8.88 -13.61
N SER B 190 -1.49 9.54 -12.44
CA SER B 190 -1.44 10.99 -12.36
C SER B 190 -0.03 11.57 -12.29
N TYR B 191 0.99 10.79 -11.89
CA TYR B 191 2.32 11.39 -11.81
C TYR B 191 2.83 11.95 -13.15
N PRO B 192 2.50 11.38 -14.31
CA PRO B 192 2.94 12.06 -15.56
C PRO B 192 2.32 13.43 -15.76
N ILE B 193 1.24 13.76 -15.04
CA ILE B 193 0.66 15.10 -15.17
C ILE B 193 1.64 16.15 -14.68
N TYR B 194 2.37 15.84 -13.61
CA TYR B 194 3.18 16.82 -12.89
C TYR B 194 4.66 16.75 -13.26
N ARG B 195 5.16 15.57 -13.66
CA ARG B 195 6.57 15.34 -14.00
C ARG B 195 7.49 15.88 -12.91
N HIS B 196 7.21 15.45 -11.70
CA HIS B 196 7.92 15.87 -10.50
C HIS B 196 8.48 14.60 -9.85
N PRO B 197 9.78 14.30 -10.01
CA PRO B 197 10.25 12.95 -9.59
C PRO B 197 9.99 12.60 -8.13
N GLU B 198 9.95 13.59 -7.22
CA GLU B 198 9.56 13.31 -5.84
C GLU B 198 8.15 12.73 -5.77
N PHE B 199 7.18 13.40 -6.41
CA PHE B 199 5.82 12.88 -6.43
C PHE B 199 5.75 11.54 -7.16
N THR B 200 6.47 11.43 -8.26
CA THR B 200 6.56 10.17 -9.00
C THR B 200 7.07 9.04 -8.10
N GLU B 201 8.05 9.35 -7.24
CA GLU B 201 8.53 8.30 -6.34
C GLU B 201 7.47 7.91 -5.31
N HIS B 202 6.83 8.90 -4.67
CA HIS B 202 5.79 8.56 -3.70
C HIS B 202 4.63 7.82 -4.37
N ALA B 203 4.38 8.13 -5.64
CA ALA B 203 3.35 7.39 -6.38
C ALA B 203 3.77 5.94 -6.57
N LYS B 204 5.02 5.72 -6.98
CA LYS B 204 5.44 4.36 -7.30
C LYS B 204 5.62 3.47 -6.09
N THR B 205 6.01 4.03 -4.93
CA THR B 205 6.05 3.24 -3.70
C THR B 205 4.66 3.03 -3.09
N SER B 206 3.63 3.73 -3.58
CA SER B 206 2.29 3.75 -3.02
C SER B 206 2.20 4.50 -1.68
N LEU B 207 3.29 5.10 -1.20
CA LEU B 207 3.18 5.97 -0.03
C LEU B 207 2.20 7.12 -0.30
N ALA B 208 2.17 7.62 -1.53
CA ALA B 208 1.19 8.64 -1.90
C ALA B 208 -0.22 8.14 -1.64
N ALA B 209 -0.53 6.94 -2.12
CA ALA B 209 -1.84 6.34 -1.89
C ALA B 209 -2.09 6.13 -0.40
N ARG B 210 -1.09 5.63 0.33
CA ARG B 210 -1.32 5.36 1.74
C ARG B 210 -1.57 6.64 2.53
N MET B 211 -1.01 7.77 2.11
CA MET B 211 -1.24 9.03 2.84
C MET B 211 -2.67 9.54 2.64
N THR B 212 -3.28 9.24 1.50
CA THR B 212 -4.53 9.91 1.11
C THR B 212 -5.75 9.00 1.22
N THR B 213 -5.54 7.71 1.50
CA THR B 213 -6.66 6.76 1.46
C THR B 213 -7.76 7.12 2.45
N ARG B 214 -7.39 7.46 3.69
CA ARG B 214 -8.46 7.68 4.67
C ARG B 214 -9.26 8.94 4.34
N GLY B 215 -8.59 10.00 3.94
CA GLY B 215 -9.29 11.23 3.61
C GLY B 215 -10.27 11.05 2.46
N LEU B 216 -9.86 10.30 1.44
CA LEU B 216 -10.78 10.03 0.33
C LEU B 216 -11.91 9.11 0.77
N THR B 217 -11.56 8.04 1.48
CA THR B 217 -12.52 6.98 1.75
C THR B 217 -13.58 7.41 2.76
N ILE B 218 -13.17 8.11 3.82
CA ILE B 218 -14.12 8.50 4.84
C ILE B 218 -15.19 9.39 4.22
N VAL B 219 -14.77 10.33 3.37
CA VAL B 219 -15.71 11.21 2.69
C VAL B 219 -16.58 10.41 1.72
N ASN B 220 -15.96 9.57 0.88
CA ASN B 220 -16.77 8.79 -0.05
C ASN B 220 -17.78 7.92 0.70
N ASP B 221 -17.33 7.25 1.77
CA ASP B 221 -18.21 6.34 2.49
C ASP B 221 -19.42 7.06 3.07
N PHE B 222 -19.20 8.24 3.64
CA PHE B 222 -20.31 8.93 4.29
C PHE B 222 -21.40 9.22 3.27
N TYR B 223 -21.02 9.74 2.12
CA TYR B 223 -21.99 10.20 1.15
C TYR B 223 -22.50 9.10 0.22
N SER B 224 -21.84 7.92 0.17
CA SER B 224 -22.37 6.81 -0.63
C SER B 224 -22.96 5.71 0.23
N TYR B 225 -22.99 5.89 1.56
CA TYR B 225 -23.54 4.89 2.48
C TYR B 225 -24.95 4.45 2.09
N ASP B 226 -25.84 5.41 1.81
CA ASP B 226 -27.24 5.04 1.58
C ASP B 226 -27.39 4.16 0.35
N ARG B 227 -26.72 4.51 -0.74
CA ARG B 227 -26.78 3.70 -1.94
C ARG B 227 -26.17 2.32 -1.68
N GLU B 228 -25.01 2.29 -1.05
CA GLU B 228 -24.32 1.01 -0.89
C GLU B 228 -25.10 0.08 0.03
N VAL B 229 -25.67 0.61 1.10
CA VAL B 229 -26.49 -0.24 1.95
C VAL B 229 -27.73 -0.76 1.20
N SER B 230 -28.35 0.08 0.37
CA SER B 230 -29.51 -0.40 -0.39
C SER B 230 -29.12 -1.46 -1.42
N LEU B 231 -27.86 -1.47 -1.85
CA LEU B 231 -27.39 -2.43 -2.85
C LEU B 231 -26.66 -3.63 -2.22
N GLY B 232 -26.57 -3.70 -0.89
CA GLY B 232 -25.91 -4.80 -0.23
C GLY B 232 -24.40 -4.75 -0.23
N GLN B 233 -23.80 -3.67 -0.74
CA GLN B 233 -22.36 -3.54 -0.74
C GLN B 233 -21.85 -3.25 0.68
N ILE B 234 -20.83 -3.98 1.11
CA ILE B 234 -20.35 -3.86 2.49
C ILE B 234 -19.07 -3.02 2.59
N THR B 235 -18.57 -2.51 1.47
CA THR B 235 -17.30 -1.78 1.49
C THR B 235 -17.56 -0.31 1.88
N ASN B 236 -17.71 -0.09 3.18
CA ASN B 236 -18.05 1.23 3.72
C ASN B 236 -17.77 1.26 5.22
N CYS B 237 -16.92 2.18 5.67
CA CYS B 237 -16.50 2.12 7.07
C CYS B 237 -17.64 2.41 8.03
N PHE B 238 -18.67 3.15 7.63
CA PHE B 238 -19.74 3.40 8.58
C PHE B 238 -20.60 2.17 8.87
N ARG B 239 -20.44 1.07 8.12
CA ARG B 239 -21.07 -0.19 8.52
C ARG B 239 -20.42 -0.77 9.77
N LEU B 240 -19.28 -0.23 10.19
CA LEU B 240 -18.58 -0.66 11.40
C LEU B 240 -19.13 -0.05 12.68
N CYS B 241 -19.82 1.08 12.62
CA CYS B 241 -20.46 1.61 13.81
C CYS B 241 -21.96 1.48 13.63
N ASP B 242 -22.70 1.65 14.72
CA ASP B 242 -24.14 1.54 14.66
C ASP B 242 -24.69 2.91 14.31
N VAL B 243 -24.95 3.14 13.01
CA VAL B 243 -25.42 4.46 12.62
C VAL B 243 -26.81 4.77 13.17
N SER B 244 -27.56 3.76 13.64
CA SER B 244 -28.89 4.05 14.18
C SER B 244 -28.83 4.70 15.56
N ASP B 245 -27.66 4.76 16.17
CA ASP B 245 -27.44 5.23 17.53
C ASP B 245 -26.59 6.50 17.43
N GLU B 246 -27.24 7.66 17.60
CA GLU B 246 -26.55 8.94 17.47
C GLU B 246 -25.26 8.98 18.29
N THR B 247 -25.32 8.49 19.53
CA THR B 247 -24.14 8.46 20.38
C THR B 247 -23.00 7.72 19.71
N ALA B 248 -23.23 6.48 19.31
CA ALA B 248 -22.18 5.68 18.70
C ALA B 248 -21.72 6.30 17.40
N PHE B 249 -22.65 6.79 16.58
CA PHE B 249 -22.26 7.37 15.31
C PHE B 249 -21.33 8.55 15.50
N LYS B 250 -21.64 9.44 16.44
CA LYS B 250 -20.82 10.65 16.57
C LYS B 250 -19.44 10.32 17.13
N GLU B 251 -19.34 9.34 18.03
CA GLU B 251 -18.02 8.88 18.47
C GLU B 251 -17.21 8.37 17.30
N PHE B 252 -17.82 7.52 16.46
CA PHE B 252 -17.12 6.97 15.31
C PHE B 252 -16.72 8.08 14.33
N PHE B 253 -17.64 9.03 14.10
CA PHE B 253 -17.36 10.07 13.13
C PHE B 253 -16.19 10.95 13.59
N GLN B 254 -16.17 11.32 14.87
CA GLN B 254 -15.02 12.05 15.39
C GLN B 254 -13.74 11.23 15.26
N ALA B 255 -13.81 9.94 15.53
CA ALA B 255 -12.62 9.10 15.33
C ALA B 255 -12.13 9.21 13.88
N ARG B 256 -13.07 9.23 12.92
CA ARG B 256 -12.67 9.31 11.51
C ARG B 256 -12.15 10.71 11.16
N LEU B 257 -12.76 11.78 11.70
CA LEU B 257 -12.20 13.12 11.55
C LEU B 257 -10.76 13.17 12.07
N ASP B 258 -10.52 12.61 13.25
CA ASP B 258 -9.16 12.56 13.79
C ASP B 258 -8.20 11.86 12.83
N ASP B 259 -8.63 10.73 12.26
CA ASP B 259 -7.84 10.06 11.21
C ASP B 259 -7.44 11.05 10.12
N MET B 260 -8.42 11.80 9.62
CA MET B 260 -8.15 12.71 8.51
C MET B 260 -7.16 13.79 8.89
N ILE B 261 -7.35 14.36 10.08
CA ILE B 261 -6.49 15.45 10.55
C ILE B 261 -5.05 14.95 10.74
N GLU B 262 -4.90 13.77 11.34
CA GLU B 262 -3.56 13.23 11.50
C GLU B 262 -2.87 13.06 10.15
N ASP B 263 -3.58 12.51 9.14
CA ASP B 263 -2.99 12.33 7.82
C ASP B 263 -2.61 13.68 7.20
N ILE B 264 -3.48 14.67 7.36
CA ILE B 264 -3.23 15.96 6.72
C ILE B 264 -2.02 16.64 7.33
N GLU B 265 -1.88 16.62 8.65
CA GLU B 265 -0.73 17.27 9.27
C GLU B 265 0.57 16.52 8.98
N CYS B 266 0.53 15.19 8.81
CA CYS B 266 1.72 14.50 8.35
C CYS B 266 1.97 14.73 6.86
N ILE B 267 0.93 15.01 6.07
CA ILE B 267 1.16 15.37 4.68
C ILE B 267 1.94 16.68 4.55
N LYS B 268 1.83 17.59 5.54
CA LYS B 268 2.60 18.84 5.55
C LYS B 268 4.12 18.64 5.53
N ALA B 269 4.61 17.45 5.88
CA ALA B 269 6.05 17.21 5.83
C ALA B 269 6.55 16.92 4.42
N PHE B 270 5.68 16.58 3.48
CA PHE B 270 6.16 16.29 2.13
C PHE B 270 6.59 17.60 1.45
N ASP B 271 7.21 17.47 0.28
CA ASP B 271 7.67 18.63 -0.48
C ASP B 271 6.46 19.46 -0.90
N GLN B 272 6.73 20.69 -1.35
CA GLN B 272 5.66 21.65 -1.56
C GLN B 272 4.67 21.19 -2.62
N LEU B 273 5.18 20.76 -3.79
CA LEU B 273 4.30 20.31 -4.85
C LEU B 273 3.52 19.07 -4.42
N THR B 274 4.21 18.06 -3.91
CA THR B 274 3.53 16.82 -3.52
C THR B 274 2.44 17.10 -2.49
N GLN B 275 2.75 17.92 -1.48
CA GLN B 275 1.75 18.35 -0.50
C GLN B 275 0.55 19.01 -1.16
N ASP B 276 0.81 19.87 -2.14
CA ASP B 276 -0.26 20.46 -2.96
C ASP B 276 -1.17 19.40 -3.51
N VAL B 277 -0.59 18.43 -4.22
CA VAL B 277 -1.36 17.42 -4.90
C VAL B 277 -2.17 16.59 -3.91
N PHE B 278 -1.52 16.13 -2.82
CA PHE B 278 -2.22 15.31 -1.85
C PHE B 278 -3.43 16.02 -1.27
N LEU B 279 -3.26 17.28 -0.86
CA LEU B 279 -4.34 17.97 -0.17
C LEU B 279 -5.45 18.37 -1.12
N ASP B 280 -5.11 18.71 -2.37
CA ASP B 280 -6.17 19.01 -3.34
C ASP B 280 -6.93 17.75 -3.72
N LEU B 281 -6.26 16.60 -3.72
CA LEU B 281 -6.97 15.35 -3.95
C LEU B 281 -8.03 15.13 -2.88
N ILE B 282 -7.64 15.23 -1.61
CA ILE B 282 -8.57 14.95 -0.53
C ILE B 282 -9.67 16.00 -0.49
N TYR B 283 -9.29 17.27 -0.56
CA TYR B 283 -10.29 18.32 -0.41
C TYR B 283 -11.12 18.46 -1.69
N GLY B 284 -10.50 18.34 -2.86
CA GLY B 284 -11.26 18.33 -4.09
C GLY B 284 -12.27 17.19 -4.16
N ASN B 285 -11.88 16.01 -3.66
CA ASN B 285 -12.84 14.91 -3.65
C ASN B 285 -14.06 15.27 -2.82
N PHE B 286 -13.86 15.97 -1.71
CA PHE B 286 -14.98 16.35 -0.87
C PHE B 286 -15.88 17.38 -1.58
N VAL B 287 -15.29 18.34 -2.28
CA VAL B 287 -16.11 19.32 -3.00
C VAL B 287 -16.91 18.63 -4.10
N TRP B 288 -16.24 17.80 -4.90
CA TRP B 288 -16.91 17.03 -5.95
C TRP B 288 -18.02 16.16 -5.39
N THR B 289 -17.71 15.41 -4.32
CA THR B 289 -18.67 14.46 -3.75
C THR B 289 -19.94 15.18 -3.31
N THR B 290 -19.81 16.35 -2.70
CA THR B 290 -20.95 17.05 -2.15
C THR B 290 -21.73 17.84 -3.21
N SER B 291 -21.19 17.94 -4.42
CA SER B 291 -21.85 18.64 -5.51
C SER B 291 -22.55 17.71 -6.49
N ASN B 292 -22.37 16.41 -6.38
CA ASN B 292 -22.71 15.52 -7.48
C ASN B 292 -23.90 14.64 -7.12
N LYS B 293 -24.86 14.54 -8.05
CA LYS B 293 -26.09 13.80 -7.79
C LYS B 293 -25.82 12.32 -7.58
N ARG B 294 -24.69 11.82 -8.08
CA ARG B 294 -24.30 10.44 -7.78
C ARG B 294 -24.41 10.15 -6.30
N TYR B 295 -24.12 11.14 -5.46
CA TYR B 295 -24.10 10.97 -4.02
C TYR B 295 -25.27 11.65 -3.30
N LYS B 296 -26.41 11.87 -3.98
CA LYS B 296 -27.52 12.62 -3.41
C LYS B 296 -28.81 11.83 -3.17
N THR B 297 -29.10 10.78 -3.92
CA THR B 297 -30.24 9.91 -3.64
C THR B 297 -29.78 8.45 -3.69
N ALA B 298 -30.53 7.59 -2.99
CA ALA B 298 -30.14 6.18 -2.85
C ALA B 298 -29.87 5.55 -4.20
N VAL B 299 -30.85 5.53 -5.10
CA VAL B 299 -30.67 5.03 -6.45
C VAL B 299 -31.33 6.02 -7.40
N ASN B 300 -30.52 6.63 -8.26
CA ASN B 300 -31.00 7.54 -9.28
C ASN B 300 -30.37 7.12 -10.59
N ASP B 301 -30.69 7.85 -11.65
CA ASP B 301 -30.21 7.58 -13.00
C ASP B 301 -28.80 8.08 -13.25
N VAL B 302 -27.98 8.29 -12.23
CA VAL B 302 -26.56 8.46 -12.44
C VAL B 302 -25.72 7.57 -11.56
N ASN B 303 -26.34 6.82 -10.63
CA ASN B 303 -25.63 5.81 -9.85
C ASN B 303 -26.30 4.44 -9.92
N SER B 304 -27.17 4.22 -10.89
CA SER B 304 -27.79 2.92 -11.12
C SER B 304 -26.74 1.81 -11.20
N ARG B 305 -26.99 0.70 -10.47
CA ARG B 305 -26.31 -0.56 -10.76
C ARG B 305 -26.90 -1.12 -12.04
N ILE B 306 -26.17 -1.99 -12.71
CA ILE B 306 -26.64 -2.51 -13.99
C ILE B 306 -27.18 -3.92 -13.79
N GLN B 307 -27.57 -4.27 -12.55
CA GLN B 307 -28.27 -5.51 -12.26
C GLN B 307 -29.48 -5.26 -11.39
N ALA B 308 -30.52 -6.07 -11.59
CA ALA B 308 -31.84 -5.83 -10.98
C ALA B 308 -32.31 -6.99 -10.10
N GLY A 14 19.34 7.74 28.14
CA GLY A 14 18.17 7.13 28.74
C GLY A 14 17.14 6.67 27.73
N ARG A 15 16.31 5.69 28.11
CA ARG A 15 15.40 4.98 27.20
C ARG A 15 16.12 4.27 26.06
N SER A 16 17.31 3.77 26.29
CA SER A 16 18.14 3.33 25.18
C SER A 16 18.26 1.81 25.06
N SER A 17 17.42 1.02 25.72
CA SER A 17 17.58 -0.42 25.60
C SER A 17 16.29 -1.16 25.99
N VAL A 18 15.96 -2.20 25.22
CA VAL A 18 14.87 -3.10 25.59
C VAL A 18 15.41 -4.39 26.20
N ARG A 19 16.72 -4.47 26.46
CA ARG A 19 17.29 -5.61 27.18
C ARG A 19 16.48 -6.05 28.40
N PRO A 20 15.93 -5.17 29.23
CA PRO A 20 15.14 -5.67 30.38
C PRO A 20 14.00 -6.60 30.00
N TYR A 21 13.47 -6.52 28.79
CA TYR A 21 12.30 -7.28 28.40
C TYR A 21 12.61 -8.42 27.42
N LEU A 22 13.88 -8.67 27.14
CA LEU A 22 14.22 -9.57 26.04
C LEU A 22 13.57 -10.94 26.21
N GLU A 23 13.73 -11.55 27.38
CA GLU A 23 13.24 -12.91 27.57
C GLU A 23 11.72 -12.98 27.55
N GLU A 24 11.04 -12.12 28.32
CA GLU A 24 9.58 -12.20 28.39
C GLU A 24 8.94 -11.85 27.05
N CYS A 25 9.47 -10.83 26.35
CA CYS A 25 8.92 -10.50 25.03
C CYS A 25 9.17 -11.59 24.02
N THR A 26 10.36 -12.20 24.03
CA THR A 26 10.63 -13.29 23.12
C THR A 26 9.63 -14.42 23.32
N ARG A 27 9.40 -14.79 24.57
CA ARG A 27 8.48 -15.88 24.84
C ARG A 27 7.04 -15.47 24.55
N ARG A 28 6.72 -14.18 24.71
CA ARG A 28 5.39 -13.69 24.36
C ARG A 28 5.11 -13.82 22.86
N PHE A 29 6.04 -13.35 22.03
CA PHE A 29 5.93 -13.54 20.58
C PHE A 29 5.68 -15.00 20.25
N GLN A 30 6.50 -15.90 20.79
CA GLN A 30 6.39 -17.30 20.42
C GLN A 30 5.02 -17.88 20.82
N GLU A 31 4.56 -17.58 22.02
CA GLU A 31 3.24 -18.05 22.46
C GLU A 31 2.15 -17.59 21.51
N MET A 32 2.27 -16.34 21.05
CA MET A 32 1.28 -15.79 20.13
C MET A 32 1.29 -16.56 18.82
N PHE A 33 2.49 -16.81 18.27
CA PHE A 33 2.59 -17.60 17.06
C PHE A 33 2.04 -19.02 17.24
N ASP A 34 2.29 -19.64 18.40
CA ASP A 34 1.83 -21.00 18.61
C ASP A 34 0.31 -21.06 18.68
N ARG A 35 -0.31 -20.02 19.25
CA ARG A 35 -1.76 -19.98 19.36
C ARG A 35 -2.42 -19.66 18.02
N HIS A 36 -1.84 -18.73 17.24
CA HIS A 36 -2.54 -18.11 16.11
C HIS A 36 -2.02 -18.50 14.74
N VAL A 37 -0.79 -19.01 14.64
CA VAL A 37 -0.27 -19.55 13.39
C VAL A 37 -0.18 -21.06 13.44
N VAL A 38 0.45 -21.60 14.49
CA VAL A 38 0.71 -23.02 14.66
C VAL A 38 1.77 -23.48 13.64
N THR A 39 1.45 -23.42 12.36
CA THR A 39 2.33 -23.96 11.33
C THR A 39 3.66 -23.20 11.31
N ARG A 40 4.70 -23.85 10.81
CA ARG A 40 6.04 -23.45 11.16
C ARG A 40 6.73 -22.68 10.04
N PRO A 41 7.76 -21.94 10.37
CA PRO A 41 8.81 -21.68 9.38
C PRO A 41 9.51 -22.99 9.04
N THR A 42 9.76 -23.17 7.75
CA THR A 42 10.58 -24.26 7.24
C THR A 42 11.77 -23.65 6.53
N LYS A 43 12.98 -24.04 6.94
CA LYS A 43 14.17 -23.47 6.34
C LYS A 43 14.46 -24.19 5.03
N VAL A 44 14.39 -23.46 3.94
CA VAL A 44 14.78 -23.97 2.62
C VAL A 44 16.21 -24.48 2.69
N GLU A 45 16.46 -25.63 2.06
CA GLU A 45 17.83 -26.11 1.91
C GLU A 45 18.33 -25.72 0.51
N LEU A 46 19.45 -25.00 0.48
CA LEU A 46 20.26 -24.84 -0.71
C LEU A 46 21.50 -25.71 -0.62
N THR A 47 21.83 -26.40 -1.71
CA THR A 47 23.09 -27.11 -1.70
C THR A 47 24.25 -26.13 -1.88
N ASP A 48 25.44 -26.70 -2.06
CA ASP A 48 26.61 -25.88 -2.34
C ASP A 48 26.45 -25.11 -3.65
N ALA A 49 26.00 -25.80 -4.72
CA ALA A 49 25.89 -25.14 -6.02
C ALA A 49 24.94 -23.94 -5.96
N GLU A 50 23.75 -24.13 -5.38
CA GLU A 50 22.80 -23.02 -5.30
C GLU A 50 23.32 -21.92 -4.37
N LEU A 51 23.93 -22.33 -3.25
CA LEU A 51 24.45 -21.35 -2.30
C LEU A 51 25.60 -20.54 -2.91
N ARG A 52 26.58 -21.23 -3.52
CA ARG A 52 27.70 -20.55 -4.17
C ARG A 52 27.20 -19.59 -5.22
N GLU A 53 26.26 -20.02 -6.05
CA GLU A 53 25.74 -19.15 -7.11
C GLU A 53 25.12 -17.90 -6.52
N VAL A 54 24.40 -18.04 -5.39
CA VAL A 54 23.79 -16.88 -4.74
C VAL A 54 24.86 -15.90 -4.26
N ILE A 55 25.82 -16.40 -3.48
CA ILE A 55 26.83 -15.54 -2.89
C ILE A 55 27.70 -14.90 -3.96
N ASP A 56 28.10 -15.67 -4.98
CA ASP A 56 28.85 -15.09 -6.08
C ASP A 56 28.08 -13.95 -6.74
N ASP A 57 26.75 -14.12 -6.91
CA ASP A 57 25.94 -13.04 -7.48
C ASP A 57 25.91 -11.82 -6.56
N CYS A 58 25.78 -12.04 -5.25
CA CYS A 58 25.76 -10.93 -4.30
C CYS A 58 27.06 -10.15 -4.35
N ASN A 59 28.19 -10.85 -4.33
CA ASN A 59 29.49 -10.17 -4.34
C ASN A 59 29.67 -9.38 -5.64
N ALA A 60 29.31 -9.98 -6.78
CA ALA A 60 29.42 -9.27 -8.05
C ALA A 60 28.51 -8.04 -8.07
N ALA A 61 27.35 -8.12 -7.41
CA ALA A 61 26.41 -7.01 -7.45
C ALA A 61 26.94 -5.80 -6.68
N VAL A 62 27.55 -6.03 -5.51
CA VAL A 62 27.95 -4.91 -4.67
C VAL A 62 29.41 -4.53 -4.86
N ALA A 63 30.22 -5.38 -5.50
CA ALA A 63 31.63 -5.09 -5.67
C ALA A 63 31.92 -3.67 -6.15
N PRO A 64 31.22 -3.12 -7.16
CA PRO A 64 31.58 -1.77 -7.63
C PRO A 64 31.24 -0.68 -6.65
N LEU A 65 30.50 -0.98 -5.59
CA LEU A 65 30.32 -0.02 -4.51
C LEU A 65 31.51 0.03 -3.56
N GLY A 66 32.48 -0.87 -3.71
CA GLY A 66 33.76 -0.73 -3.06
C GLY A 66 33.90 -1.36 -1.68
N LYS A 67 32.88 -2.02 -1.14
CA LYS A 67 32.96 -2.51 0.24
C LYS A 67 32.86 -4.03 0.29
N THR A 68 33.78 -4.64 1.02
CA THR A 68 33.82 -6.09 1.21
C THR A 68 32.71 -6.56 2.13
N VAL A 69 32.00 -7.59 1.70
CA VAL A 69 30.99 -8.26 2.52
C VAL A 69 31.45 -9.70 2.71
N SER A 70 31.53 -10.13 3.96
CA SER A 70 32.00 -11.48 4.28
C SER A 70 30.92 -12.52 4.02
N ASP A 71 31.35 -13.77 3.90
CA ASP A 71 30.42 -14.90 3.82
C ASP A 71 29.40 -14.87 4.94
N GLU A 72 29.87 -14.72 6.18
CA GLU A 72 28.92 -14.85 7.29
C GLU A 72 27.97 -13.65 7.36
N ARG A 73 28.37 -12.50 6.84
CA ARG A 73 27.41 -11.41 6.72
C ARG A 73 26.38 -11.69 5.63
N TRP A 74 26.81 -12.23 4.49
CA TRP A 74 25.83 -12.67 3.48
C TRP A 74 24.86 -13.68 4.08
N ILE A 75 25.38 -14.65 4.83
CA ILE A 75 24.54 -15.70 5.37
C ILE A 75 23.57 -15.14 6.40
N SER A 76 24.01 -14.15 7.18
CA SER A 76 23.11 -13.47 8.08
C SER A 76 21.97 -12.83 7.30
N TYR A 77 22.29 -12.11 6.23
CA TYR A 77 21.24 -11.47 5.42
C TYR A 77 20.31 -12.52 4.80
N VAL A 78 20.87 -13.58 4.23
CA VAL A 78 20.06 -14.50 3.43
C VAL A 78 19.14 -15.35 4.28
N GLY A 79 19.43 -15.51 5.58
CA GLY A 79 18.63 -16.38 6.41
C GLY A 79 17.15 -16.05 6.41
N VAL A 80 16.80 -14.76 6.24
CA VAL A 80 15.38 -14.41 6.25
C VAL A 80 14.67 -15.08 5.07
N VAL A 81 15.34 -15.17 3.91
CA VAL A 81 14.71 -15.84 2.77
C VAL A 81 14.61 -17.33 3.02
N LEU A 82 15.64 -17.93 3.63
CA LEU A 82 15.63 -19.36 3.86
C LEU A 82 14.54 -19.75 4.82
N TRP A 83 14.29 -18.91 5.83
CA TRP A 83 13.34 -19.19 6.90
C TRP A 83 11.92 -18.71 6.63
N SER A 84 11.74 -17.72 5.76
CA SER A 84 10.49 -17.00 5.74
C SER A 84 9.73 -17.12 4.42
N GLN A 85 10.21 -17.93 3.47
CA GLN A 85 9.40 -18.31 2.33
C GLN A 85 8.54 -19.50 2.76
N SER A 86 7.91 -20.19 1.82
CA SER A 86 6.96 -21.26 2.13
C SER A 86 7.36 -22.50 1.34
N PRO A 87 8.30 -23.29 1.86
CA PRO A 87 8.96 -24.32 1.04
C PRO A 87 8.05 -25.35 0.40
N ARG A 88 7.05 -25.88 1.12
CA ARG A 88 6.23 -26.93 0.50
C ARG A 88 5.47 -26.39 -0.71
N HIS A 89 5.41 -25.07 -0.90
CA HIS A 89 4.68 -24.47 -2.00
C HIS A 89 5.58 -23.96 -3.12
N ILE A 90 6.90 -24.07 -2.99
CA ILE A 90 7.77 -23.52 -4.03
C ILE A 90 7.57 -24.27 -5.35
N LYS A 91 7.58 -23.52 -6.45
CA LYS A 91 7.60 -24.14 -7.76
C LYS A 91 8.80 -23.73 -8.60
N ASP A 92 9.37 -22.54 -8.37
CA ASP A 92 10.39 -21.97 -9.23
C ASP A 92 11.61 -21.62 -8.37
N MET A 93 12.62 -22.52 -8.35
CA MET A 93 13.80 -22.28 -7.53
C MET A 93 14.74 -21.23 -8.12
N GLU A 94 14.60 -20.91 -9.40
CA GLU A 94 15.35 -19.79 -9.94
C GLU A 94 14.82 -18.47 -9.39
N ALA A 95 13.50 -18.35 -9.27
CA ALA A 95 12.93 -17.19 -8.56
C ALA A 95 13.39 -17.13 -7.11
N PHE A 96 13.44 -18.29 -6.44
CA PHE A 96 13.90 -18.32 -5.06
C PHE A 96 15.32 -17.79 -4.93
N LYS A 97 16.24 -18.28 -5.77
CA LYS A 97 17.62 -17.79 -5.72
C LYS A 97 17.67 -16.28 -5.97
N ALA A 98 16.83 -15.79 -6.89
CA ALA A 98 16.75 -14.35 -7.13
C ALA A 98 16.37 -13.58 -5.87
N VAL A 99 15.37 -14.08 -5.13
CA VAL A 99 14.98 -13.38 -3.92
C VAL A 99 16.11 -13.41 -2.91
N CYS A 100 16.86 -14.51 -2.84
CA CYS A 100 18.05 -14.54 -1.98
C CYS A 100 19.00 -13.41 -2.33
N VAL A 101 19.36 -13.31 -3.62
CA VAL A 101 20.36 -12.33 -4.04
C VAL A 101 19.84 -10.90 -3.83
N LEU A 102 18.65 -10.62 -4.34
CA LEU A 102 18.07 -9.28 -4.21
C LEU A 102 17.88 -8.88 -2.75
N ASN A 103 17.39 -9.80 -1.92
CA ASN A 103 17.26 -9.52 -0.50
C ASN A 103 18.60 -9.11 0.10
N CYS A 104 19.65 -9.85 -0.23
CA CYS A 104 20.95 -9.64 0.40
C CYS A 104 21.58 -8.33 -0.06
N VAL A 105 21.57 -8.06 -1.36
CA VAL A 105 22.33 -6.90 -1.81
C VAL A 105 21.64 -5.60 -1.40
N THR A 106 20.32 -5.58 -1.31
CA THR A 106 19.67 -4.37 -0.80
C THR A 106 19.73 -4.28 0.72
N PHE A 107 19.97 -5.41 1.39
CA PHE A 107 20.31 -5.35 2.80
C PHE A 107 21.63 -4.62 3.01
N VAL A 108 22.63 -4.88 2.17
CA VAL A 108 23.87 -4.11 2.21
C VAL A 108 23.59 -2.62 2.04
N TRP A 109 22.79 -2.28 1.03
CA TRP A 109 22.36 -0.90 0.82
C TRP A 109 21.78 -0.29 2.09
N ASP A 110 20.89 -1.04 2.77
CA ASP A 110 20.28 -0.59 4.02
C ASP A 110 21.33 -0.26 5.07
N ASP A 111 22.41 -1.04 5.12
CA ASP A 111 23.44 -0.87 6.12
C ASP A 111 24.49 0.19 5.76
N MET A 112 24.50 0.69 4.52
CA MET A 112 25.52 1.61 4.05
C MET A 112 25.23 3.06 4.40
N ASP A 113 26.29 3.81 4.74
CA ASP A 113 26.19 5.26 4.76
C ASP A 113 25.84 5.76 3.35
N PRO A 114 25.05 6.82 3.23
CA PRO A 114 24.49 7.17 1.91
C PRO A 114 25.52 7.67 0.92
N ALA A 115 26.70 8.11 1.40
CA ALA A 115 27.77 8.47 0.48
C ALA A 115 28.21 7.29 -0.36
N LEU A 116 28.07 6.07 0.16
CA LEU A 116 28.39 4.84 -0.55
C LEU A 116 27.36 4.48 -1.61
N HIS A 117 26.16 5.04 -1.54
CA HIS A 117 25.13 4.73 -2.52
C HIS A 117 25.61 5.28 -3.85
N ASP A 118 25.48 4.50 -4.91
CA ASP A 118 25.82 4.94 -6.26
C ASP A 118 24.84 4.28 -7.21
N PHE A 119 23.82 5.04 -7.58
CA PHE A 119 22.73 4.52 -8.37
C PHE A 119 23.21 4.08 -9.75
N GLY A 120 24.22 4.76 -10.31
CA GLY A 120 24.69 4.41 -11.64
C GLY A 120 25.43 3.08 -11.70
N LEU A 121 26.07 2.69 -10.61
CA LEU A 121 26.74 1.40 -10.53
C LEU A 121 25.79 0.30 -10.06
N PHE A 122 24.87 0.59 -9.14
CA PHE A 122 24.05 -0.44 -8.54
C PHE A 122 22.84 -0.82 -9.37
N LEU A 123 22.14 0.16 -9.94
CA LEU A 123 20.90 -0.16 -10.63
C LEU A 123 21.12 -1.11 -11.81
N PRO A 124 22.18 -0.98 -12.62
CA PRO A 124 22.43 -2.03 -13.63
C PRO A 124 22.68 -3.41 -13.04
N GLN A 125 23.29 -3.49 -11.86
CA GLN A 125 23.49 -4.78 -11.21
C GLN A 125 22.17 -5.43 -10.86
N LEU A 126 21.25 -4.66 -10.26
CA LEU A 126 19.93 -5.19 -9.94
C LEU A 126 19.21 -5.64 -11.20
N ARG A 127 19.33 -4.87 -12.28
CA ARG A 127 18.61 -5.19 -13.52
C ARG A 127 19.10 -6.53 -14.09
N LYS A 128 20.40 -6.77 -14.07
CA LYS A 128 20.95 -8.03 -14.56
C LYS A 128 20.47 -9.20 -13.72
N ILE A 129 20.56 -9.07 -12.38
CA ILE A 129 20.04 -10.11 -11.50
C ILE A 129 18.61 -10.45 -11.89
N CYS A 130 17.77 -9.43 -12.08
CA CYS A 130 16.37 -9.68 -12.35
C CYS A 130 16.17 -10.42 -13.68
N GLU A 131 16.72 -9.91 -14.77
CA GLU A 131 16.40 -10.59 -16.03
C GLU A 131 17.02 -11.99 -16.08
N LYS A 132 18.16 -12.20 -15.42
CA LYS A 132 18.79 -13.52 -15.40
C LYS A 132 17.84 -14.57 -14.81
N TYR A 133 17.23 -14.28 -13.66
CA TYR A 133 16.52 -15.30 -12.89
C TYR A 133 15.03 -15.37 -13.18
N TYR A 134 14.45 -14.31 -13.74
CA TYR A 134 13.02 -14.24 -13.99
C TYR A 134 12.74 -14.24 -15.49
N GLY A 135 11.47 -14.48 -15.84
CA GLY A 135 11.01 -14.26 -17.19
C GLY A 135 10.94 -12.78 -17.51
N PRO A 136 10.52 -12.44 -18.73
CA PRO A 136 10.52 -11.01 -19.13
C PRO A 136 9.55 -10.12 -18.36
N GLU A 137 8.34 -10.62 -18.07
CA GLU A 137 7.38 -9.80 -17.33
C GLU A 137 7.76 -9.74 -15.85
N ASP A 138 8.06 -10.89 -15.23
CA ASP A 138 8.47 -10.90 -13.83
C ASP A 138 9.72 -10.05 -13.60
N ALA A 139 10.65 -10.05 -14.56
CA ALA A 139 11.89 -9.28 -14.39
C ALA A 139 11.62 -7.79 -14.23
N GLU A 140 10.69 -7.24 -15.01
CA GLU A 140 10.39 -5.81 -14.88
C GLU A 140 9.77 -5.50 -13.52
N VAL A 141 8.88 -6.37 -13.05
CA VAL A 141 8.20 -6.15 -11.77
C VAL A 141 9.20 -6.23 -10.63
N ALA A 142 10.06 -7.26 -10.64
CA ALA A 142 11.05 -7.40 -9.58
C ALA A 142 12.04 -6.24 -9.61
N TYR A 143 12.46 -5.79 -10.80
CA TYR A 143 13.42 -4.71 -10.86
C TYR A 143 12.83 -3.39 -10.36
N GLU A 144 11.61 -3.07 -10.80
CA GLU A 144 10.99 -1.83 -10.33
C GLU A 144 10.88 -1.81 -8.81
N ALA A 145 10.46 -2.93 -8.22
CA ALA A 145 10.32 -2.99 -6.76
C ALA A 145 11.67 -2.78 -6.08
N ALA A 146 12.74 -3.44 -6.58
CA ALA A 146 14.07 -3.23 -6.02
C ALA A 146 14.51 -1.78 -6.15
N ARG A 147 14.34 -1.20 -7.33
CA ARG A 147 14.64 0.20 -7.57
C ARG A 147 13.86 1.11 -6.62
N ALA A 148 12.55 0.89 -6.49
CA ALA A 148 11.75 1.69 -5.58
C ALA A 148 12.27 1.57 -4.14
N PHE A 149 12.71 0.36 -3.73
CA PHE A 149 13.19 0.22 -2.37
C PHE A 149 14.50 0.99 -2.15
N VAL A 150 15.53 0.75 -2.98
CA VAL A 150 16.80 1.39 -2.70
C VAL A 150 16.67 2.92 -2.80
N THR A 151 15.82 3.39 -3.71
CA THR A 151 15.58 4.82 -3.81
C THR A 151 14.92 5.36 -2.55
N SER A 152 13.95 4.63 -2.01
CA SER A 152 13.27 5.04 -0.79
C SER A 152 14.23 5.05 0.39
N ASP A 153 15.00 3.97 0.56
CA ASP A 153 15.97 3.94 1.65
C ASP A 153 16.91 5.13 1.57
N HIS A 154 17.33 5.51 0.36
CA HIS A 154 18.26 6.62 0.22
C HIS A 154 17.57 7.95 0.51
N MET A 155 16.40 8.18 -0.11
CA MET A 155 15.83 9.51 -0.04
C MET A 155 15.34 9.86 1.35
N PHE A 156 15.12 8.87 2.22
CA PHE A 156 14.57 9.20 3.53
C PHE A 156 15.62 9.22 4.65
N ARG A 157 16.90 9.04 4.35
CA ARG A 157 17.93 9.11 5.39
C ARG A 157 17.95 10.51 5.99
N ASP A 158 17.59 10.61 7.27
CA ASP A 158 17.27 11.92 7.87
C ASP A 158 16.27 12.75 7.02
N SER A 159 15.07 12.19 6.75
CA SER A 159 14.00 12.86 5.98
C SER A 159 13.01 13.57 6.91
N PRO A 160 12.49 14.76 6.54
CA PRO A 160 11.34 15.30 7.29
C PRO A 160 10.14 14.38 7.25
N ILE A 161 9.85 13.80 6.08
CA ILE A 161 8.77 12.84 5.97
C ILE A 161 8.98 11.71 6.98
N LYS A 162 10.20 11.15 7.02
CA LYS A 162 10.44 10.06 7.97
C LYS A 162 10.22 10.53 9.40
N ALA A 163 10.75 11.71 9.75
CA ALA A 163 10.54 12.24 11.10
C ALA A 163 9.05 12.34 11.43
N ALA A 164 8.24 12.85 10.49
CA ALA A 164 6.81 12.97 10.77
C ALA A 164 6.15 11.60 10.92
N LEU A 165 6.41 10.67 10.01
CA LEU A 165 5.68 9.41 10.05
C LEU A 165 6.13 8.51 11.20
N CYS A 166 7.38 8.64 11.63
CA CYS A 166 7.89 7.74 12.68
C CYS A 166 7.55 8.19 14.09
N THR A 167 7.30 9.48 14.30
CA THR A 167 7.08 10.03 15.64
C THR A 167 5.70 10.63 15.84
N THR A 168 4.68 10.18 15.13
CA THR A 168 3.34 10.77 15.29
C THR A 168 2.31 9.76 15.77
N SER A 169 2.41 8.51 15.34
CA SER A 169 1.53 7.44 15.80
C SER A 169 2.00 6.12 15.20
N PRO A 170 1.58 4.98 15.78
CA PRO A 170 1.91 3.69 15.14
C PRO A 170 1.31 3.58 13.74
N GLU A 171 0.09 4.09 13.58
CA GLU A 171 -0.59 4.30 12.29
C GLU A 171 0.36 4.80 11.21
N GLN A 172 0.85 6.02 11.37
CA GLN A 172 1.69 6.64 10.36
C GLN A 172 2.99 5.88 10.17
N TYR A 173 3.54 5.35 11.27
CA TYR A 173 4.80 4.64 11.21
C TYR A 173 4.70 3.40 10.34
N PHE A 174 3.68 2.57 10.57
CA PHE A 174 3.56 1.34 9.80
C PHE A 174 3.28 1.62 8.34
N ARG A 175 2.61 2.75 8.06
CA ARG A 175 2.40 3.16 6.67
C ARG A 175 3.72 3.43 5.95
N PHE A 176 4.68 4.07 6.63
CA PHE A 176 6.03 4.23 6.09
C PHE A 176 6.71 2.87 5.86
N ARG A 177 6.49 1.94 6.78
CA ARG A 177 7.24 0.69 6.76
C ARG A 177 6.75 -0.30 5.70
N VAL A 178 5.54 -0.13 5.15
CA VAL A 178 5.12 -0.98 4.03
C VAL A 178 6.19 -1.02 2.94
N THR A 179 6.78 0.12 2.63
CA THR A 179 7.89 0.17 1.71
C THR A 179 9.23 0.03 2.44
N ASP A 180 9.41 0.74 3.55
CA ASP A 180 10.76 0.88 4.10
C ASP A 180 11.31 -0.42 4.70
N ILE A 181 10.49 -1.32 5.23
CA ILE A 181 11.05 -2.61 5.64
C ILE A 181 11.14 -3.58 4.46
N GLY A 182 10.88 -3.13 3.25
CA GLY A 182 11.16 -3.95 2.09
C GLY A 182 10.13 -5.02 1.78
N VAL A 183 9.03 -5.10 2.52
CA VAL A 183 8.06 -6.17 2.30
C VAL A 183 7.29 -6.02 0.99
N ASP A 184 6.96 -4.79 0.57
CA ASP A 184 6.33 -4.66 -0.75
C ASP A 184 7.24 -5.19 -1.84
N PHE A 185 8.52 -4.81 -1.78
CA PHE A 185 9.55 -5.35 -2.66
C PHE A 185 9.58 -6.88 -2.57
N TRP A 186 9.56 -7.42 -1.35
CA TRP A 186 9.63 -8.87 -1.14
C TRP A 186 8.50 -9.60 -1.86
N MET A 187 7.26 -9.12 -1.69
CA MET A 187 6.12 -9.78 -2.33
C MET A 187 6.26 -9.77 -3.85
N LYS A 188 6.64 -8.62 -4.41
CA LYS A 188 6.71 -8.44 -5.85
C LYS A 188 7.85 -9.22 -6.49
N MET A 189 8.90 -9.52 -5.73
CA MET A 189 9.93 -10.41 -6.27
C MET A 189 9.71 -11.87 -5.92
N SER A 190 8.81 -12.17 -4.99
CA SER A 190 8.56 -13.53 -4.53
C SER A 190 7.42 -14.23 -5.25
N TYR A 191 6.44 -13.51 -5.81
CA TYR A 191 5.33 -14.22 -6.41
C TYR A 191 5.75 -15.19 -7.52
N PRO A 192 6.83 -14.96 -8.30
CA PRO A 192 7.21 -15.99 -9.29
C PRO A 192 7.66 -17.30 -8.66
N ILE A 193 8.09 -17.29 -7.39
CA ILE A 193 8.46 -18.52 -6.72
C ILE A 193 7.28 -19.50 -6.71
N TYR A 194 6.07 -18.97 -6.58
CA TYR A 194 4.87 -19.78 -6.30
C TYR A 194 3.96 -19.98 -7.50
N ARG A 195 3.93 -19.03 -8.44
CA ARG A 195 3.03 -19.11 -9.61
C ARG A 195 1.60 -19.43 -9.19
N HIS A 196 1.16 -18.76 -8.13
CA HIS A 196 -0.17 -18.94 -7.55
C HIS A 196 -0.99 -17.70 -7.87
N PRO A 197 -1.96 -17.80 -8.76
CA PRO A 197 -2.60 -16.59 -9.31
C PRO A 197 -3.07 -15.58 -8.28
N GLU A 198 -3.78 -16.03 -7.23
CA GLU A 198 -4.29 -15.09 -6.25
C GLU A 198 -3.16 -14.36 -5.53
N PHE A 199 -2.11 -15.11 -5.15
CA PHE A 199 -0.96 -14.48 -4.51
C PHE A 199 -0.32 -13.43 -5.41
N THR A 200 -0.19 -13.73 -6.70
CA THR A 200 0.42 -12.75 -7.60
C THR A 200 -0.40 -11.46 -7.65
N GLU A 201 -1.74 -11.55 -7.66
CA GLU A 201 -2.54 -10.32 -7.62
C GLU A 201 -2.39 -9.58 -6.30
N HIS A 202 -2.36 -10.30 -5.18
CA HIS A 202 -2.21 -9.61 -3.88
C HIS A 202 -0.83 -8.99 -3.76
N ALA A 203 0.19 -9.63 -4.33
CA ALA A 203 1.52 -9.05 -4.37
C ALA A 203 1.52 -7.76 -5.18
N LYS A 204 0.86 -7.78 -6.34
CA LYS A 204 0.91 -6.65 -7.25
C LYS A 204 0.05 -5.48 -6.81
N THR A 205 -1.05 -5.73 -6.08
CA THR A 205 -1.82 -4.63 -5.47
C THR A 205 -1.16 -4.10 -4.20
N SER A 206 -0.16 -4.81 -3.65
CA SER A 206 0.48 -4.52 -2.38
C SER A 206 -0.42 -4.83 -1.19
N LEU A 207 -1.61 -5.39 -1.39
CA LEU A 207 -2.37 -5.89 -0.26
C LEU A 207 -1.57 -6.94 0.53
N ALA A 208 -0.85 -7.82 -0.18
CA ALA A 208 0.02 -8.79 0.49
C ALA A 208 0.98 -8.10 1.46
N ALA A 209 1.64 -7.04 1.00
CA ALA A 209 2.56 -6.31 1.86
C ALA A 209 1.81 -5.62 2.99
N ARG A 210 0.66 -5.01 2.70
CA ARG A 210 -0.06 -4.29 3.74
C ARG A 210 -0.51 -5.23 4.85
N MET A 211 -0.80 -6.49 4.52
CA MET A 211 -1.25 -7.47 5.51
C MET A 211 -0.12 -7.96 6.42
N THR A 212 1.13 -7.93 5.95
CA THR A 212 2.25 -8.54 6.68
C THR A 212 3.20 -7.53 7.31
N THR A 213 3.00 -6.23 7.04
CA THR A 213 3.93 -5.20 7.49
C THR A 213 4.07 -5.18 9.02
N ARG A 214 2.94 -5.15 9.74
CA ARG A 214 3.06 -4.98 11.18
C ARG A 214 3.73 -6.18 11.83
N GLY A 215 3.41 -7.39 11.38
CA GLY A 215 4.02 -8.57 11.97
C GLY A 215 5.52 -8.60 11.78
N LEU A 216 5.98 -8.28 10.57
CA LEU A 216 7.41 -8.20 10.33
C LEU A 216 8.05 -7.07 11.13
N THR A 217 7.40 -5.89 11.12
CA THR A 217 8.04 -4.70 11.65
C THR A 217 8.12 -4.72 13.17
N ILE A 218 7.06 -5.16 13.83
CA ILE A 218 7.07 -5.17 15.29
C ILE A 218 8.19 -6.07 15.80
N VAL A 219 8.36 -7.23 15.17
CA VAL A 219 9.43 -8.15 15.55
C VAL A 219 10.80 -7.54 15.24
N ASN A 220 10.97 -7.02 14.02
CA ASN A 220 12.26 -6.44 13.68
C ASN A 220 12.62 -5.31 14.63
N ASP A 221 11.64 -4.42 14.90
CA ASP A 221 11.89 -3.27 15.75
C ASP A 221 12.27 -3.67 17.17
N PHE A 222 11.61 -4.68 17.73
CA PHE A 222 11.97 -5.06 19.08
C PHE A 222 13.44 -5.46 19.16
N TYR A 223 13.87 -6.34 18.26
CA TYR A 223 15.22 -6.89 18.38
C TYR A 223 16.31 -6.02 17.77
N SER A 224 15.96 -5.02 16.95
CA SER A 224 16.97 -4.11 16.43
C SER A 224 16.98 -2.78 17.15
N TYR A 225 16.12 -2.62 18.16
CA TYR A 225 16.01 -1.35 18.87
C TYR A 225 17.34 -0.87 19.40
N ASP A 226 18.04 -1.72 20.17
CA ASP A 226 19.28 -1.31 20.80
C ASP A 226 20.27 -0.79 19.78
N ARG A 227 20.45 -1.50 18.66
CA ARG A 227 21.36 -1.06 17.61
C ARG A 227 20.91 0.28 17.01
N GLU A 228 19.65 0.37 16.63
CA GLU A 228 19.20 1.56 15.91
C GLU A 228 19.29 2.80 16.79
N VAL A 229 18.88 2.68 18.05
CA VAL A 229 18.87 3.84 18.95
C VAL A 229 20.28 4.27 19.30
N SER A 230 21.24 3.33 19.29
CA SER A 230 22.64 3.71 19.46
C SER A 230 23.15 4.54 18.31
N LEU A 231 22.55 4.38 17.13
CA LEU A 231 23.06 4.97 15.91
C LEU A 231 22.25 6.16 15.43
N GLY A 232 21.40 6.71 16.29
CA GLY A 232 20.49 7.78 15.90
C GLY A 232 19.50 7.42 14.81
N GLN A 233 19.22 6.14 14.60
CA GLN A 233 18.16 5.74 13.68
C GLN A 233 16.81 5.88 14.39
N ILE A 234 15.83 6.48 13.71
CA ILE A 234 14.53 6.77 14.31
C ILE A 234 13.44 5.81 13.85
N THR A 235 13.72 4.95 12.88
CA THR A 235 12.69 4.12 12.28
C THR A 235 12.48 2.87 13.13
N ASN A 236 11.70 3.03 14.19
CA ASN A 236 11.47 1.96 15.17
C ASN A 236 10.26 2.30 16.01
N CYS A 237 9.23 1.46 15.98
CA CYS A 237 8.00 1.81 16.68
C CYS A 237 8.16 1.88 18.19
N PHE A 238 9.14 1.19 18.79
CA PHE A 238 9.27 1.28 20.24
C PHE A 238 9.82 2.62 20.71
N ARG A 239 10.33 3.46 19.81
CA ARG A 239 10.61 4.84 20.13
C ARG A 239 9.33 5.63 20.41
N LEU A 240 8.19 5.17 19.96
CA LEU A 240 6.93 5.82 20.24
C LEU A 240 6.51 5.62 21.69
N CYS A 241 7.21 4.75 22.41
CA CYS A 241 6.85 4.35 23.75
C CYS A 241 7.97 4.77 24.69
N ASP A 242 7.65 4.88 25.96
CA ASP A 242 8.65 5.11 27.01
C ASP A 242 9.18 3.75 27.47
N VAL A 243 10.28 3.28 26.87
CA VAL A 243 10.76 1.95 27.25
C VAL A 243 11.42 1.96 28.64
N SER A 244 11.47 3.12 29.30
CA SER A 244 12.11 3.26 30.59
C SER A 244 11.27 2.80 31.76
N ASP A 245 9.94 2.66 31.66
CA ASP A 245 9.25 1.88 32.68
C ASP A 245 8.23 0.92 32.09
N GLU A 246 8.02 -0.11 32.90
CA GLU A 246 7.44 -1.36 32.47
C GLU A 246 5.98 -1.20 32.14
N THR A 247 5.30 -0.30 32.84
CA THR A 247 3.89 -0.06 32.58
C THR A 247 3.67 0.48 31.18
N ALA A 248 4.32 1.58 30.82
CA ALA A 248 4.16 2.10 29.47
C ALA A 248 4.62 1.08 28.45
N PHE A 249 5.78 0.45 28.68
CA PHE A 249 6.26 -0.55 27.73
C PHE A 249 5.28 -1.70 27.58
N LYS A 250 4.77 -2.24 28.69
CA LYS A 250 3.91 -3.42 28.61
C LYS A 250 2.63 -3.09 27.88
N GLU A 251 2.04 -1.96 28.22
CA GLU A 251 0.89 -1.45 27.50
C GLU A 251 1.17 -1.40 26.01
N PHE A 252 2.27 -0.76 25.62
CA PHE A 252 2.58 -0.59 24.20
C PHE A 252 2.81 -1.94 23.54
N PHE A 253 3.61 -2.79 24.19
CA PHE A 253 3.95 -4.07 23.60
C PHE A 253 2.73 -4.94 23.41
N GLN A 254 1.78 -4.91 24.35
CA GLN A 254 0.57 -5.69 24.19
C GLN A 254 -0.34 -5.12 23.09
N ALA A 255 -0.39 -3.80 22.96
CA ALA A 255 -1.13 -3.23 21.82
C ALA A 255 -0.50 -3.68 20.50
N ARG A 256 0.82 -3.85 20.47
CA ARG A 256 1.46 -4.31 19.24
C ARG A 256 1.19 -5.81 19.01
N LEU A 257 1.20 -6.62 20.08
CA LEU A 257 0.76 -8.00 19.94
C LEU A 257 -0.64 -8.08 19.36
N ASP A 258 -1.56 -7.28 19.89
CA ASP A 258 -2.94 -7.34 19.42
C ASP A 258 -3.01 -6.95 17.94
N ASP A 259 -2.15 -6.03 17.51
CA ASP A 259 -2.01 -5.71 16.08
C ASP A 259 -1.67 -6.96 15.28
N MET A 260 -0.62 -7.67 15.70
CA MET A 260 -0.19 -8.87 14.98
C MET A 260 -1.30 -9.90 14.92
N ILE A 261 -2.00 -10.09 16.03
CA ILE A 261 -3.04 -11.10 16.08
C ILE A 261 -4.16 -10.74 15.12
N GLU A 262 -4.59 -9.48 15.13
CA GLU A 262 -5.67 -9.08 14.23
C GLU A 262 -5.29 -9.29 12.77
N ASP A 263 -4.07 -8.92 12.39
CA ASP A 263 -3.61 -9.17 11.03
C ASP A 263 -3.62 -10.67 10.71
N ILE A 264 -3.10 -11.49 11.64
CA ILE A 264 -2.99 -12.92 11.37
C ILE A 264 -4.37 -13.53 11.20
N GLU A 265 -5.33 -13.13 12.04
CA GLU A 265 -6.65 -13.73 11.92
C GLU A 265 -7.35 -13.29 10.64
N CYS A 266 -7.12 -12.06 10.17
CA CYS A 266 -7.64 -11.66 8.87
C CYS A 266 -6.91 -12.36 7.73
N ILE A 267 -5.62 -12.63 7.89
CA ILE A 267 -4.88 -13.36 6.86
C ILE A 267 -5.51 -14.74 6.63
N LYS A 268 -6.13 -15.32 7.66
CA LYS A 268 -6.70 -16.65 7.49
C LYS A 268 -8.00 -16.64 6.69
N ALA A 269 -8.47 -15.46 6.25
CA ALA A 269 -9.54 -15.43 5.26
C ALA A 269 -9.03 -15.45 3.83
N PHE A 270 -7.72 -15.39 3.61
CA PHE A 270 -7.20 -15.52 2.26
C PHE A 270 -7.20 -17.01 1.87
N ASP A 271 -6.96 -17.27 0.58
CA ASP A 271 -6.98 -18.64 0.10
C ASP A 271 -5.85 -19.45 0.76
N GLN A 272 -5.99 -20.79 0.72
CA GLN A 272 -5.12 -21.66 1.52
C GLN A 272 -3.64 -21.48 1.24
N LEU A 273 -3.25 -21.35 -0.02
CA LEU A 273 -1.82 -21.20 -0.31
C LEU A 273 -1.33 -19.82 0.09
N THR A 274 -2.11 -18.80 -0.21
CA THR A 274 -1.70 -17.43 0.12
C THR A 274 -1.50 -17.26 1.61
N GLN A 275 -2.43 -17.74 2.43
CA GLN A 275 -2.28 -17.56 3.87
C GLN A 275 -1.02 -18.25 4.37
N ASP A 276 -0.66 -19.39 3.78
CA ASP A 276 0.58 -20.06 4.16
C ASP A 276 1.78 -19.16 3.92
N VAL A 277 1.87 -18.56 2.72
CA VAL A 277 2.99 -17.68 2.40
C VAL A 277 3.04 -16.48 3.36
N PHE A 278 1.90 -15.83 3.60
CA PHE A 278 1.89 -14.69 4.51
C PHE A 278 2.34 -15.09 5.91
N LEU A 279 1.77 -16.18 6.43
CA LEU A 279 2.03 -16.60 7.81
C LEU A 279 3.46 -17.13 7.98
N ASP A 280 3.94 -17.92 7.01
CA ASP A 280 5.33 -18.37 7.08
C ASP A 280 6.28 -17.19 7.00
N LEU A 281 5.90 -16.12 6.30
CA LEU A 281 6.75 -14.95 6.22
C LEU A 281 6.88 -14.28 7.59
N ILE A 282 5.75 -14.05 8.27
CA ILE A 282 5.80 -13.36 9.56
C ILE A 282 6.47 -14.23 10.61
N TYR A 283 6.10 -15.51 10.67
CA TYR A 283 6.64 -16.39 11.70
C TYR A 283 8.09 -16.76 11.38
N GLY A 284 8.40 -17.02 10.12
CA GLY A 284 9.79 -17.26 9.74
C GLY A 284 10.70 -16.09 10.06
N ASN A 285 10.22 -14.86 9.84
CA ASN A 285 11.03 -13.71 10.17
C ASN A 285 11.35 -13.69 11.66
N PHE A 286 10.38 -14.08 12.50
CA PHE A 286 10.62 -14.13 13.93
C PHE A 286 11.69 -15.20 14.28
N VAL A 287 11.58 -16.37 13.67
CA VAL A 287 12.55 -17.43 13.99
C VAL A 287 13.95 -17.00 13.57
N TRP A 288 14.06 -16.42 12.37
CA TRP A 288 15.34 -15.95 11.87
C TRP A 288 15.91 -14.84 12.74
N THR A 289 15.07 -13.85 13.09
CA THR A 289 15.51 -12.71 13.88
C THR A 289 16.07 -13.16 15.23
N THR A 290 15.45 -14.15 15.86
CA THR A 290 15.91 -14.57 17.18
C THR A 290 17.10 -15.52 17.15
N SER A 291 17.47 -16.07 15.99
CA SER A 291 18.64 -16.93 15.88
C SER A 291 19.74 -16.32 15.02
N ASN A 292 19.77 -14.99 14.90
CA ASN A 292 20.68 -14.27 14.02
C ASN A 292 21.47 -13.26 14.82
N LYS A 293 22.79 -13.31 14.70
CA LYS A 293 23.67 -12.39 15.40
C LYS A 293 23.37 -10.94 15.05
N ARG A 294 22.87 -10.70 13.84
CA ARG A 294 22.41 -9.36 13.47
C ARG A 294 21.51 -8.74 14.53
N TYR A 295 20.71 -9.54 15.22
CA TYR A 295 19.75 -9.00 16.17
C TYR A 295 20.10 -9.36 17.60
N LYS A 296 21.38 -9.20 17.95
CA LYS A 296 21.98 -9.73 19.18
C LYS A 296 22.89 -8.73 19.86
N THR A 297 23.49 -7.79 19.13
CA THR A 297 24.10 -6.63 19.77
C THR A 297 23.87 -5.38 18.93
N ALA A 298 24.11 -4.24 19.56
CA ALA A 298 24.02 -2.97 18.87
C ALA A 298 24.97 -2.93 17.67
N VAL A 299 26.23 -3.34 17.88
CA VAL A 299 27.24 -3.31 16.82
C VAL A 299 28.00 -4.62 16.87
N ASN A 300 27.98 -5.37 15.79
CA ASN A 300 28.80 -6.57 15.69
C ASN A 300 29.24 -6.72 14.25
N ASP A 301 29.89 -7.84 13.94
CA ASP A 301 30.55 -7.98 12.65
C ASP A 301 29.60 -8.31 11.52
N VAL A 302 28.29 -8.35 11.77
CA VAL A 302 27.35 -8.50 10.65
C VAL A 302 26.35 -7.35 10.56
N ASN A 303 26.08 -6.60 11.64
CA ASN A 303 25.13 -5.48 11.53
C ASN A 303 25.80 -4.11 11.59
N SER A 304 27.12 -4.04 11.41
CA SER A 304 27.83 -2.79 11.55
C SER A 304 27.51 -1.86 10.39
N ARG A 305 27.52 -0.56 10.67
CA ARG A 305 27.42 0.41 9.59
C ARG A 305 28.56 0.19 8.60
N ILE A 306 28.22 0.16 7.32
CA ILE A 306 29.20 0.08 6.24
C ILE A 306 29.44 1.52 5.77
N GLN A 307 30.55 2.11 6.20
CA GLN A 307 30.68 3.56 6.08
C GLN A 307 31.58 3.97 4.92
N GLY B 9 -36.14 -7.68 1.64
CA GLY B 9 -36.28 -6.27 2.04
C GLY B 9 -35.00 -5.76 2.67
N ALA B 10 -35.08 -4.63 3.39
CA ALA B 10 -33.91 -4.14 4.09
C ALA B 10 -34.17 -3.84 5.57
N GLN B 11 -34.78 -4.78 6.30
CA GLN B 11 -35.00 -4.70 7.75
C GLN B 11 -33.83 -4.03 8.47
N ASP B 12 -34.19 -3.22 9.48
CA ASP B 12 -33.32 -2.27 10.20
C ASP B 12 -33.16 -0.99 9.38
N ILE B 13 -34.31 -0.41 9.05
CA ILE B 13 -34.35 0.90 8.39
C ILE B 13 -33.55 1.94 9.16
N GLY B 14 -33.65 1.94 10.51
CA GLY B 14 -32.94 2.94 11.29
C GLY B 14 -31.45 3.01 10.99
N ARG B 15 -30.86 1.87 10.66
CA ARG B 15 -29.44 1.78 10.32
C ARG B 15 -29.21 1.89 8.81
N SER B 16 -30.25 2.11 8.02
CA SER B 16 -30.13 2.09 6.57
C SER B 16 -29.66 3.42 5.97
N SER B 17 -29.43 4.45 6.78
CA SER B 17 -29.26 5.80 6.24
C SER B 17 -28.42 6.68 7.16
N VAL B 18 -27.58 7.52 6.56
CA VAL B 18 -26.92 8.58 7.33
C VAL B 18 -27.62 9.91 7.14
N ARG B 19 -28.81 9.93 6.54
CA ARG B 19 -29.55 11.17 6.33
C ARG B 19 -29.67 12.05 7.56
N PRO B 20 -30.02 11.56 8.74
CA PRO B 20 -30.11 12.45 9.91
C PRO B 20 -28.87 13.31 10.13
N TYR B 21 -27.69 12.81 9.78
CA TYR B 21 -26.42 13.44 10.09
C TYR B 21 -25.86 14.28 8.95
N LEU B 22 -26.60 14.37 7.85
CA LEU B 22 -26.06 14.92 6.61
C LEU B 22 -25.57 16.36 6.77
N GLU B 23 -26.39 17.22 7.35
CA GLU B 23 -26.00 18.61 7.45
C GLU B 23 -24.83 18.80 8.42
N GLU B 24 -24.92 18.19 9.61
CA GLU B 24 -23.89 18.44 10.59
C GLU B 24 -22.55 17.83 10.17
N CYS B 25 -22.57 16.65 9.54
CA CYS B 25 -21.31 16.06 9.09
C CYS B 25 -20.69 16.85 7.94
N THR B 26 -21.51 17.29 6.99
CA THR B 26 -20.98 18.12 5.91
C THR B 26 -20.30 19.36 6.46
N ARG B 27 -20.96 20.03 7.39
CA ARG B 27 -20.42 21.23 8.00
C ARG B 27 -19.12 20.90 8.75
N ARG B 28 -19.09 19.77 9.45
CA ARG B 28 -17.89 19.40 10.20
C ARG B 28 -16.72 19.05 9.28
N PHE B 29 -16.98 18.32 8.19
CA PHE B 29 -15.93 18.10 7.19
C PHE B 29 -15.35 19.44 6.73
N GLN B 30 -16.23 20.35 6.30
CA GLN B 30 -15.76 21.63 5.77
C GLN B 30 -14.97 22.40 6.81
N GLU B 31 -15.43 22.41 8.07
CA GLU B 31 -14.70 23.10 9.13
C GLU B 31 -13.31 22.51 9.27
N MET B 32 -13.23 21.19 9.22
CA MET B 32 -11.95 20.50 9.32
C MET B 32 -11.01 20.97 8.22
N PHE B 33 -11.47 20.92 6.97
CA PHE B 33 -10.63 21.39 5.85
C PHE B 33 -10.21 22.84 6.04
N ASP B 34 -11.13 23.69 6.50
CA ASP B 34 -10.81 25.11 6.66
C ASP B 34 -9.74 25.33 7.70
N ARG B 35 -9.75 24.53 8.77
CA ARG B 35 -8.76 24.67 9.83
C ARG B 35 -7.43 24.02 9.47
N HIS B 36 -7.42 22.94 8.70
CA HIS B 36 -6.18 22.19 8.51
C HIS B 36 -5.59 22.27 7.10
N VAL B 37 -6.36 22.67 6.10
CA VAL B 37 -5.85 22.83 4.75
C VAL B 37 -5.87 24.28 4.31
N VAL B 38 -7.01 24.95 4.52
CA VAL B 38 -7.26 26.38 4.29
C VAL B 38 -7.42 26.64 2.81
N THR B 39 -6.41 26.25 2.01
CA THR B 39 -6.38 26.60 0.60
C THR B 39 -7.31 25.67 -0.16
N ARG B 40 -8.04 26.26 -1.11
CA ARG B 40 -9.21 25.63 -1.69
C ARG B 40 -8.81 24.89 -2.98
N PRO B 41 -9.45 23.76 -3.27
CA PRO B 41 -9.22 23.12 -4.56
C PRO B 41 -9.59 24.02 -5.72
N THR B 42 -9.04 23.68 -6.89
CA THR B 42 -9.20 24.41 -8.14
C THR B 42 -9.87 23.52 -9.18
N LYS B 43 -10.88 24.04 -9.87
CA LYS B 43 -11.53 23.24 -10.89
C LYS B 43 -10.82 23.42 -12.24
N VAL B 44 -10.32 22.33 -12.80
CA VAL B 44 -9.90 22.32 -14.21
C VAL B 44 -11.13 22.46 -15.09
N GLU B 45 -11.15 23.47 -15.96
CA GLU B 45 -12.21 23.60 -16.94
C GLU B 45 -11.68 23.22 -18.32
N LEU B 46 -11.85 21.96 -18.68
CA LEU B 46 -11.64 21.44 -20.03
C LEU B 46 -12.45 22.25 -21.04
N THR B 47 -11.89 22.40 -22.24
CA THR B 47 -12.67 22.96 -23.33
C THR B 47 -13.76 21.97 -23.75
N ASP B 48 -14.81 22.54 -24.37
CA ASP B 48 -15.95 21.74 -24.80
C ASP B 48 -15.52 20.57 -25.67
N ALA B 49 -14.62 20.81 -26.62
CA ALA B 49 -14.19 19.74 -27.51
C ALA B 49 -13.22 18.81 -26.78
N GLU B 50 -12.53 19.31 -25.75
CA GLU B 50 -11.70 18.45 -24.93
C GLU B 50 -12.53 17.43 -24.17
N LEU B 51 -13.62 17.88 -23.54
CA LEU B 51 -14.54 16.93 -22.94
C LEU B 51 -15.13 15.99 -23.99
N ARG B 52 -15.40 16.52 -25.19
CA ARG B 52 -15.82 15.69 -26.31
C ARG B 52 -14.78 14.61 -26.62
N GLU B 53 -13.51 14.98 -26.68
CA GLU B 53 -12.44 14.01 -26.96
C GLU B 53 -12.35 12.97 -25.85
N VAL B 54 -12.57 13.38 -24.60
CA VAL B 54 -12.51 12.44 -23.50
C VAL B 54 -13.69 11.48 -23.54
N ILE B 55 -14.90 12.00 -23.78
CA ILE B 55 -16.09 11.16 -23.74
C ILE B 55 -16.12 10.20 -24.92
N ASP B 56 -15.68 10.64 -26.10
CA ASP B 56 -15.61 9.72 -27.24
C ASP B 56 -14.69 8.55 -26.95
N ASP B 57 -13.52 8.80 -26.35
CA ASP B 57 -12.63 7.71 -25.95
C ASP B 57 -13.22 6.85 -24.84
N CYS B 58 -13.92 7.48 -23.89
CA CYS B 58 -14.62 6.71 -22.86
C CYS B 58 -15.67 5.78 -23.48
N ASN B 59 -16.47 6.30 -24.41
CA ASN B 59 -17.51 5.47 -25.04
C ASN B 59 -16.89 4.34 -25.84
N ALA B 60 -15.79 4.63 -26.55
CA ALA B 60 -15.16 3.57 -27.33
C ALA B 60 -14.72 2.43 -26.44
N ALA B 61 -14.17 2.75 -25.28
CA ALA B 61 -13.57 1.71 -24.43
C ALA B 61 -14.63 0.78 -23.84
N VAL B 62 -15.84 1.30 -23.56
CA VAL B 62 -16.86 0.47 -22.93
C VAL B 62 -17.88 -0.05 -23.93
N ALA B 63 -17.80 0.37 -25.20
CA ALA B 63 -18.69 -0.16 -26.24
C ALA B 63 -18.70 -1.67 -26.32
N PRO B 64 -17.58 -2.39 -26.31
CA PRO B 64 -17.67 -3.86 -26.39
C PRO B 64 -18.43 -4.50 -25.23
N LEU B 65 -18.57 -3.83 -24.09
CA LEU B 65 -19.28 -4.45 -22.98
C LEU B 65 -20.80 -4.40 -23.14
N GLY B 66 -21.32 -3.55 -24.02
CA GLY B 66 -22.72 -3.58 -24.42
C GLY B 66 -23.62 -2.55 -23.77
N LYS B 67 -23.10 -1.73 -22.88
CA LYS B 67 -23.92 -0.82 -22.08
C LYS B 67 -23.72 0.61 -22.55
N THR B 68 -24.82 1.33 -22.73
CA THR B 68 -24.75 2.75 -23.06
C THR B 68 -24.51 3.58 -21.82
N VAL B 69 -23.65 4.59 -21.93
CA VAL B 69 -23.40 5.52 -20.84
C VAL B 69 -23.68 6.93 -21.34
N SER B 70 -24.58 7.64 -20.68
CA SER B 70 -24.99 8.97 -21.09
C SER B 70 -23.88 9.99 -20.78
N ASP B 71 -23.95 11.14 -21.46
CA ASP B 71 -22.97 12.19 -21.23
C ASP B 71 -23.02 12.71 -19.79
N GLU B 72 -24.22 12.80 -19.21
CA GLU B 72 -24.31 13.30 -17.84
C GLU B 72 -23.73 12.29 -16.86
N ARG B 73 -23.79 11.00 -17.19
CA ARG B 73 -23.16 9.99 -16.36
C ARG B 73 -21.63 10.08 -16.48
N TRP B 74 -21.12 10.28 -17.70
CA TRP B 74 -19.69 10.52 -17.86
C TRP B 74 -19.25 11.76 -17.10
N ILE B 75 -20.07 12.82 -17.14
CA ILE B 75 -19.67 14.06 -16.50
C ILE B 75 -19.66 13.90 -14.99
N SER B 76 -20.61 13.13 -14.46
CA SER B 76 -20.60 12.83 -13.04
C SER B 76 -19.32 12.09 -12.64
N TYR B 77 -18.91 11.10 -13.43
CA TYR B 77 -17.67 10.39 -13.15
C TYR B 77 -16.46 11.30 -13.25
N VAL B 78 -16.43 12.16 -14.28
CA VAL B 78 -15.19 12.87 -14.59
C VAL B 78 -14.92 14.00 -13.63
N GLY B 79 -15.95 14.51 -12.94
CA GLY B 79 -15.77 15.66 -12.06
C GLY B 79 -14.72 15.46 -10.99
N VAL B 80 -14.54 14.21 -10.52
CA VAL B 80 -13.53 13.99 -9.50
C VAL B 80 -12.14 14.36 -10.02
N VAL B 81 -11.87 14.08 -11.30
CA VAL B 81 -10.58 14.46 -11.86
C VAL B 81 -10.50 15.97 -12.03
N LEU B 82 -11.58 16.59 -12.48
CA LEU B 82 -11.57 18.04 -12.70
C LEU B 82 -11.34 18.81 -11.40
N TRP B 83 -11.87 18.31 -10.28
CA TRP B 83 -11.77 18.99 -9.00
C TRP B 83 -10.58 18.58 -8.15
N SER B 84 -10.06 17.37 -8.33
CA SER B 84 -9.15 16.82 -7.33
C SER B 84 -7.72 16.68 -7.83
N GLN B 85 -7.40 17.16 -9.03
CA GLN B 85 -6.01 17.29 -9.44
C GLN B 85 -5.50 18.66 -8.97
N SER B 86 -4.28 19.02 -9.36
CA SER B 86 -3.63 20.22 -8.85
C SER B 86 -3.33 21.10 -10.06
N PRO B 87 -4.27 21.98 -10.45
CA PRO B 87 -4.14 22.66 -11.76
C PRO B 87 -2.93 23.55 -11.89
N ARG B 88 -2.45 24.16 -10.80
CA ARG B 88 -1.29 25.04 -10.99
C ARG B 88 -0.03 24.25 -11.32
N HIS B 89 -0.03 22.94 -11.10
CA HIS B 89 1.15 22.11 -11.29
C HIS B 89 1.09 21.26 -12.55
N ILE B 90 0.05 21.40 -13.38
CA ILE B 90 -0.11 20.52 -14.54
C ILE B 90 0.92 20.85 -15.62
N LYS B 91 1.83 19.91 -15.89
CA LYS B 91 2.76 20.05 -17.02
C LYS B 91 2.37 19.20 -18.23
N ASP B 92 1.52 18.21 -18.08
CA ASP B 92 1.22 17.30 -19.19
C ASP B 92 -0.29 17.16 -19.30
N MET B 93 -0.91 17.87 -20.25
CA MET B 93 -2.35 17.76 -20.43
C MET B 93 -2.76 16.47 -21.14
N GLU B 94 -1.85 15.83 -21.89
CA GLU B 94 -2.10 14.48 -22.37
C GLU B 94 -2.39 13.52 -21.21
N ALA B 95 -1.47 13.45 -20.24
CA ALA B 95 -1.68 12.63 -19.06
C ALA B 95 -2.98 12.98 -18.34
N PHE B 96 -3.29 14.27 -18.24
CA PHE B 96 -4.51 14.66 -17.53
C PHE B 96 -5.74 14.05 -18.21
N LYS B 97 -5.78 14.07 -19.56
CA LYS B 97 -6.86 13.45 -20.29
C LYS B 97 -6.91 11.95 -20.08
N ALA B 98 -5.76 11.28 -20.15
CA ALA B 98 -5.71 9.85 -19.83
C ALA B 98 -6.40 9.57 -18.50
N VAL B 99 -6.12 10.39 -17.49
CA VAL B 99 -6.69 10.14 -16.16
C VAL B 99 -8.19 10.37 -16.17
N CYS B 100 -8.67 11.36 -16.94
CA CYS B 100 -10.12 11.51 -17.10
C CYS B 100 -10.74 10.26 -17.69
N VAL B 101 -10.16 9.73 -18.78
CA VAL B 101 -10.73 8.55 -19.40
C VAL B 101 -10.61 7.33 -18.48
N LEU B 102 -9.39 7.08 -17.99
CA LEU B 102 -9.16 5.89 -17.16
C LEU B 102 -10.02 5.94 -15.91
N ASN B 103 -10.14 7.11 -15.30
CA ASN B 103 -11.05 7.27 -14.18
C ASN B 103 -12.47 6.86 -14.55
N CYS B 104 -12.97 7.38 -15.68
CA CYS B 104 -14.39 7.19 -16.00
C CYS B 104 -14.71 5.75 -16.36
N VAL B 105 -13.88 5.10 -17.18
CA VAL B 105 -14.27 3.77 -17.64
C VAL B 105 -14.14 2.75 -16.53
N THR B 106 -13.22 2.94 -15.58
CA THR B 106 -13.17 2.01 -14.46
C THR B 106 -14.22 2.35 -13.40
N PHE B 107 -14.74 3.58 -13.39
CA PHE B 107 -15.95 3.85 -12.62
C PHE B 107 -17.14 3.06 -13.15
N VAL B 108 -17.27 3.00 -14.48
CA VAL B 108 -18.28 2.16 -15.10
C VAL B 108 -18.13 0.72 -14.63
N TRP B 109 -16.90 0.21 -14.67
CA TRP B 109 -16.60 -1.15 -14.21
C TRP B 109 -17.02 -1.36 -12.77
N ASP B 110 -16.77 -0.35 -11.92
CA ASP B 110 -17.18 -0.37 -10.51
C ASP B 110 -18.69 -0.51 -10.35
N ASP B 111 -19.47 0.10 -11.26
CA ASP B 111 -20.93 0.10 -11.19
C ASP B 111 -21.59 -1.06 -11.92
N MET B 112 -20.82 -1.92 -12.59
CA MET B 112 -21.42 -3.00 -13.38
C MET B 112 -21.60 -4.26 -12.56
N ASP B 113 -22.66 -5.01 -12.85
CA ASP B 113 -22.80 -6.33 -12.29
C ASP B 113 -21.62 -7.20 -12.75
N PRO B 114 -21.05 -8.02 -11.88
CA PRO B 114 -19.75 -8.63 -12.20
C PRO B 114 -19.81 -9.68 -13.29
N ALA B 115 -20.98 -10.25 -13.58
CA ALA B 115 -21.12 -11.11 -14.75
C ALA B 115 -21.11 -10.32 -16.06
N LEU B 116 -20.86 -9.00 -15.99
CA LEU B 116 -20.68 -8.17 -17.17
C LEU B 116 -19.22 -7.87 -17.44
N HIS B 117 -18.32 -8.33 -16.57
CA HIS B 117 -16.91 -7.97 -16.57
C HIS B 117 -16.13 -8.89 -17.50
N ASP B 118 -15.85 -8.43 -18.72
CA ASP B 118 -15.07 -9.24 -19.65
C ASP B 118 -13.67 -8.64 -19.82
N PHE B 119 -12.70 -9.24 -19.14
CA PHE B 119 -11.32 -8.81 -19.26
C PHE B 119 -10.82 -8.95 -20.69
N GLY B 120 -11.21 -10.03 -21.37
CA GLY B 120 -10.72 -10.25 -22.72
C GLY B 120 -11.05 -9.12 -23.67
N LEU B 121 -12.15 -8.41 -23.39
CA LEU B 121 -12.56 -7.34 -24.29
C LEU B 121 -12.23 -5.97 -23.72
N PHE B 122 -12.17 -5.84 -22.39
CA PHE B 122 -11.93 -4.53 -21.82
C PHE B 122 -10.44 -4.23 -21.62
N LEU B 123 -9.62 -5.20 -21.18
CA LEU B 123 -8.20 -4.91 -21.02
C LEU B 123 -7.53 -4.36 -22.27
N PRO B 124 -7.82 -4.83 -23.50
CA PRO B 124 -7.21 -4.19 -24.69
C PRO B 124 -7.61 -2.73 -24.87
N GLN B 125 -8.84 -2.35 -24.52
CA GLN B 125 -9.22 -0.94 -24.59
C GLN B 125 -8.43 -0.11 -23.59
N LEU B 126 -8.23 -0.63 -22.38
CA LEU B 126 -7.44 0.11 -21.39
C LEU B 126 -6.01 0.35 -21.88
N ARG B 127 -5.36 -0.66 -22.47
CA ARG B 127 -3.98 -0.49 -22.94
C ARG B 127 -3.90 0.49 -24.11
N LYS B 128 -4.90 0.48 -24.99
CA LYS B 128 -4.86 1.40 -26.13
C LYS B 128 -5.14 2.84 -25.69
N ILE B 129 -5.70 3.01 -24.50
CA ILE B 129 -5.76 4.35 -23.92
C ILE B 129 -4.40 4.75 -23.37
N CYS B 130 -3.78 3.84 -22.60
CA CYS B 130 -2.51 4.15 -21.97
C CYS B 130 -1.42 4.43 -23.01
N GLU B 131 -1.39 3.62 -24.08
CA GLU B 131 -0.33 3.75 -25.09
C GLU B 131 -0.43 5.07 -25.85
N LYS B 132 -1.61 5.70 -25.89
CA LYS B 132 -1.77 6.93 -26.66
C LYS B 132 -1.31 8.17 -25.91
N TYR B 133 -1.55 8.23 -24.59
CA TYR B 133 -1.32 9.45 -23.84
C TYR B 133 -0.02 9.46 -23.06
N TYR B 134 0.57 8.31 -22.79
CA TYR B 134 1.82 8.22 -22.04
C TYR B 134 2.94 7.67 -22.92
N GLY B 135 4.18 7.89 -22.49
CA GLY B 135 5.32 7.21 -23.07
C GLY B 135 5.43 5.82 -22.48
N PRO B 136 6.39 5.03 -22.96
CA PRO B 136 6.41 3.60 -22.60
C PRO B 136 6.46 3.33 -21.10
N GLU B 137 7.45 3.89 -20.41
CA GLU B 137 7.48 3.86 -18.95
C GLU B 137 6.11 4.18 -18.34
N ASP B 138 5.72 5.46 -18.32
CA ASP B 138 4.42 5.88 -17.80
C ASP B 138 3.28 4.95 -18.23
N ALA B 139 3.30 4.50 -19.50
CA ALA B 139 2.17 3.75 -20.03
C ALA B 139 2.07 2.36 -19.44
N GLU B 140 3.20 1.68 -19.24
CA GLU B 140 3.11 0.35 -18.67
C GLU B 140 2.72 0.40 -17.20
N VAL B 141 3.17 1.44 -16.49
CA VAL B 141 2.73 1.64 -15.11
C VAL B 141 1.22 1.86 -15.06
N ALA B 142 0.73 2.89 -15.77
CA ALA B 142 -0.70 3.22 -15.72
C ALA B 142 -1.55 2.03 -16.14
N TYR B 143 -1.14 1.30 -17.19
CA TYR B 143 -1.87 0.11 -17.57
C TYR B 143 -1.91 -0.94 -16.44
N GLU B 144 -0.75 -1.26 -15.85
CA GLU B 144 -0.75 -2.25 -14.76
C GLU B 144 -1.62 -1.80 -13.59
N ALA B 145 -1.54 -0.52 -13.25
CA ALA B 145 -2.38 -0.03 -12.16
C ALA B 145 -3.85 -0.14 -12.51
N ALA B 146 -4.23 0.17 -13.77
CA ALA B 146 -5.64 0.07 -14.15
C ALA B 146 -6.08 -1.40 -14.18
N ARG B 147 -5.25 -2.26 -14.76
CA ARG B 147 -5.50 -3.70 -14.75
C ARG B 147 -5.62 -4.23 -13.32
N ALA B 148 -4.70 -3.84 -12.45
CA ALA B 148 -4.77 -4.32 -11.06
C ALA B 148 -6.04 -3.83 -10.38
N PHE B 149 -6.45 -2.58 -10.65
CA PHE B 149 -7.70 -2.11 -10.05
C PHE B 149 -8.89 -2.90 -10.57
N VAL B 150 -9.03 -3.05 -11.89
CA VAL B 150 -10.23 -3.71 -12.38
C VAL B 150 -10.23 -5.19 -12.01
N THR B 151 -9.04 -5.79 -11.92
CA THR B 151 -8.96 -7.17 -11.42
C THR B 151 -9.37 -7.26 -9.96
N SER B 152 -8.91 -6.30 -9.14
CA SER B 152 -9.32 -6.24 -7.74
C SER B 152 -10.82 -6.08 -7.59
N ASP B 153 -11.41 -5.09 -8.29
CA ASP B 153 -12.84 -4.88 -8.11
C ASP B 153 -13.63 -6.14 -8.45
N HIS B 154 -13.19 -6.88 -9.47
CA HIS B 154 -13.89 -8.10 -9.87
C HIS B 154 -13.68 -9.23 -8.87
N MET B 155 -12.42 -9.50 -8.51
CA MET B 155 -12.13 -10.71 -7.73
C MET B 155 -12.43 -10.51 -6.25
N PHE B 156 -12.98 -9.36 -5.86
CA PHE B 156 -13.43 -9.21 -4.50
C PHE B 156 -14.95 -9.06 -4.37
N ARG B 157 -15.69 -9.12 -5.48
CA ARG B 157 -17.16 -9.10 -5.39
C ARG B 157 -17.68 -10.27 -4.56
N ASP B 158 -17.28 -11.48 -4.91
CA ASP B 158 -17.70 -12.62 -4.11
C ASP B 158 -16.54 -13.08 -3.24
N SER B 159 -16.23 -12.26 -2.19
CA SER B 159 -14.99 -12.66 -1.54
C SER B 159 -15.12 -12.60 -0.02
N PRO B 160 -14.71 -13.69 0.61
CA PRO B 160 -14.54 -13.66 2.07
C PRO B 160 -13.39 -12.78 2.52
N ILE B 161 -12.39 -12.52 1.68
CA ILE B 161 -11.36 -11.58 2.07
C ILE B 161 -11.99 -10.21 2.26
N LYS B 162 -12.87 -9.83 1.35
CA LYS B 162 -13.53 -8.54 1.48
C LYS B 162 -14.37 -8.48 2.75
N ALA B 163 -15.13 -9.54 3.03
CA ALA B 163 -15.92 -9.57 4.26
C ALA B 163 -15.02 -9.43 5.49
N ALA B 164 -13.89 -10.15 5.53
CA ALA B 164 -13.02 -10.09 6.69
C ALA B 164 -12.46 -8.67 6.89
N LEU B 165 -11.91 -8.06 5.84
CA LEU B 165 -11.33 -6.74 6.03
C LEU B 165 -12.40 -5.67 6.28
N CYS B 166 -13.62 -5.88 5.76
CA CYS B 166 -14.67 -4.87 5.92
C CYS B 166 -15.61 -5.13 7.09
N THR B 167 -15.26 -6.05 7.99
CA THR B 167 -16.08 -6.24 9.18
C THR B 167 -15.27 -6.21 10.47
N THR B 168 -13.94 -6.03 10.41
CA THR B 168 -13.10 -6.09 11.62
C THR B 168 -12.85 -4.73 12.25
N SER B 169 -11.93 -3.94 11.68
CA SER B 169 -11.45 -2.72 12.33
C SER B 169 -11.25 -1.66 11.28
N PRO B 170 -11.09 -0.39 11.69
CA PRO B 170 -10.75 0.65 10.69
C PRO B 170 -9.46 0.35 9.93
N GLU B 171 -8.43 -0.12 10.63
CA GLU B 171 -7.20 -0.59 9.99
C GLU B 171 -7.48 -1.52 8.81
N GLN B 172 -7.99 -2.72 9.07
CA GLN B 172 -8.18 -3.71 8.02
C GLN B 172 -8.95 -3.11 6.84
N TYR B 173 -9.98 -2.32 7.16
CA TYR B 173 -10.82 -1.76 6.11
C TYR B 173 -10.02 -0.78 5.25
N PHE B 174 -9.34 0.18 5.87
CA PHE B 174 -8.60 1.16 5.06
C PHE B 174 -7.45 0.51 4.31
N ARG B 175 -6.88 -0.55 4.87
CA ARG B 175 -5.91 -1.35 4.13
C ARG B 175 -6.49 -1.89 2.83
N PHE B 176 -7.73 -2.38 2.87
CA PHE B 176 -8.37 -2.83 1.64
C PHE B 176 -8.56 -1.67 0.66
N ARG B 177 -8.88 -0.49 1.18
CA ARG B 177 -9.28 0.61 0.31
C ARG B 177 -8.10 1.31 -0.35
N VAL B 178 -6.87 1.11 0.14
CA VAL B 178 -5.73 1.68 -0.58
C VAL B 178 -5.81 1.31 -2.04
N THR B 179 -6.21 0.07 -2.34
CA THR B 179 -6.43 -0.37 -3.70
C THR B 179 -7.88 -0.16 -4.16
N ASP B 180 -8.84 -0.59 -3.34
CA ASP B 180 -10.22 -0.69 -3.82
C ASP B 180 -10.85 0.67 -4.11
N ILE B 181 -10.51 1.72 -3.36
CA ILE B 181 -11.05 3.02 -3.74
C ILE B 181 -10.35 3.60 -4.94
N GLY B 182 -9.31 2.94 -5.46
CA GLY B 182 -8.67 3.38 -6.69
C GLY B 182 -7.57 4.41 -6.53
N VAL B 183 -7.18 4.76 -5.30
CA VAL B 183 -6.22 5.86 -5.13
C VAL B 183 -4.81 5.45 -5.54
N ASP B 184 -4.40 4.21 -5.28
CA ASP B 184 -3.09 3.80 -5.78
C ASP B 184 -3.03 3.92 -7.29
N PHE B 185 -4.07 3.42 -7.96
CA PHE B 185 -4.20 3.54 -9.41
C PHE B 185 -4.14 5.01 -9.82
N TRP B 186 -4.93 5.84 -9.15
CA TRP B 186 -4.94 7.28 -9.37
C TRP B 186 -3.54 7.87 -9.35
N MET B 187 -2.77 7.56 -8.30
CA MET B 187 -1.43 8.14 -8.19
C MET B 187 -0.54 7.67 -9.32
N LYS B 188 -0.61 6.37 -9.67
CA LYS B 188 0.31 5.83 -10.66
C LYS B 188 -0.06 6.24 -12.08
N MET B 189 -1.25 6.78 -12.31
CA MET B 189 -1.57 7.35 -13.60
C MET B 189 -1.50 8.87 -13.63
N SER B 190 -1.44 9.52 -12.46
CA SER B 190 -1.40 10.98 -12.36
C SER B 190 0.00 11.56 -12.29
N TYR B 191 1.03 10.80 -11.88
CA TYR B 191 2.35 11.42 -11.76
C TYR B 191 2.87 11.98 -13.08
N PRO B 192 2.59 11.43 -14.26
CA PRO B 192 3.04 12.12 -15.49
C PRO B 192 2.43 13.50 -15.68
N ILE B 193 1.35 13.83 -14.97
CA ILE B 193 0.76 15.17 -15.09
C ILE B 193 1.74 16.22 -14.58
N TYR B 194 2.45 15.90 -13.51
CA TYR B 194 3.24 16.86 -12.76
C TYR B 194 4.73 16.80 -13.07
N ARG B 195 5.23 15.65 -13.54
CA ARG B 195 6.65 15.46 -13.87
C ARG B 195 7.54 15.96 -12.73
N HIS B 196 7.14 15.62 -11.51
CA HIS B 196 7.85 16.06 -10.32
C HIS B 196 8.54 14.85 -9.69
N PRO B 197 9.87 14.82 -9.64
CA PRO B 197 10.58 13.61 -9.18
C PRO B 197 10.05 13.03 -7.89
N GLU B 198 9.92 13.82 -6.83
CA GLU B 198 9.45 13.28 -5.56
C GLU B 198 8.06 12.68 -5.67
N PHE B 199 7.13 13.35 -6.36
CA PHE B 199 5.77 12.84 -6.39
C PHE B 199 5.70 11.53 -7.17
N THR B 200 6.47 11.44 -8.26
CA THR B 200 6.60 10.22 -9.02
C THR B 200 7.10 9.07 -8.13
N GLU B 201 8.07 9.35 -7.26
CA GLU B 201 8.55 8.28 -6.38
C GLU B 201 7.49 7.90 -5.33
N HIS B 202 6.88 8.90 -4.67
CA HIS B 202 5.84 8.57 -3.71
C HIS B 202 4.67 7.84 -4.37
N ALA B 203 4.38 8.15 -5.63
CA ALA B 203 3.38 7.40 -6.37
C ALA B 203 3.83 5.96 -6.57
N LYS B 204 5.06 5.76 -6.97
CA LYS B 204 5.49 4.40 -7.31
C LYS B 204 5.68 3.51 -6.09
N THR B 205 6.04 4.06 -4.93
CA THR B 205 6.08 3.27 -3.70
C THR B 205 4.68 3.04 -3.10
N SER B 206 3.68 3.78 -3.57
CA SER B 206 2.32 3.81 -3.01
C SER B 206 2.23 4.52 -1.67
N LEU B 207 3.32 5.13 -1.19
CA LEU B 207 3.20 6.00 -0.03
C LEU B 207 2.21 7.14 -0.29
N ALA B 208 2.18 7.64 -1.51
CA ALA B 208 1.22 8.69 -1.86
C ALA B 208 -0.21 8.22 -1.62
N ALA B 209 -0.53 7.04 -2.13
CA ALA B 209 -1.85 6.46 -1.92
C ALA B 209 -2.10 6.17 -0.44
N ARG B 210 -1.10 5.64 0.27
CA ARG B 210 -1.33 5.34 1.67
C ARG B 210 -1.62 6.60 2.48
N MET B 211 -1.03 7.74 2.12
CA MET B 211 -1.28 8.97 2.89
C MET B 211 -2.68 9.52 2.65
N THR B 212 -3.27 9.25 1.49
CA THR B 212 -4.51 9.93 1.10
C THR B 212 -5.74 9.02 1.20
N THR B 213 -5.54 7.72 1.47
CA THR B 213 -6.64 6.77 1.45
C THR B 213 -7.74 7.13 2.43
N ARG B 214 -7.38 7.45 3.68
CA ARG B 214 -8.45 7.68 4.66
C ARG B 214 -9.25 8.94 4.33
N GLY B 215 -8.58 10.00 3.91
CA GLY B 215 -9.28 11.23 3.58
C GLY B 215 -10.27 11.04 2.44
N LEU B 216 -9.87 10.31 1.40
CA LEU B 216 -10.79 10.03 0.30
C LEU B 216 -11.92 9.12 0.76
N THR B 217 -11.57 8.04 1.47
CA THR B 217 -12.53 6.99 1.74
C THR B 217 -13.58 7.42 2.75
N ILE B 218 -13.17 8.11 3.80
CA ILE B 218 -14.12 8.51 4.83
C ILE B 218 -15.20 9.41 4.22
N VAL B 219 -14.77 10.34 3.37
CA VAL B 219 -15.71 11.22 2.68
C VAL B 219 -16.59 10.43 1.72
N ASN B 220 -15.97 9.59 0.87
CA ASN B 220 -16.77 8.79 -0.05
C ASN B 220 -17.77 7.93 0.70
N ASP B 221 -17.33 7.25 1.77
CA ASP B 221 -18.20 6.34 2.49
C ASP B 221 -19.40 7.06 3.09
N PHE B 222 -19.18 8.25 3.65
CA PHE B 222 -20.30 8.94 4.29
C PHE B 222 -21.39 9.22 3.27
N TYR B 223 -21.01 9.73 2.11
CA TYR B 223 -22.00 10.17 1.15
C TYR B 223 -22.50 9.07 0.23
N SER B 224 -21.83 7.90 0.17
CA SER B 224 -22.34 6.79 -0.63
C SER B 224 -22.96 5.69 0.22
N TYR B 225 -22.99 5.88 1.55
CA TYR B 225 -23.54 4.88 2.47
C TYR B 225 -24.96 4.47 2.08
N ASP B 226 -25.85 5.44 1.85
CA ASP B 226 -27.25 5.08 1.60
C ASP B 226 -27.38 4.21 0.36
N ARG B 227 -26.67 4.56 -0.71
CA ARG B 227 -26.73 3.75 -1.92
C ARG B 227 -26.16 2.36 -1.66
N GLU B 228 -24.99 2.31 -1.04
CA GLU B 228 -24.30 1.02 -0.89
C GLU B 228 -25.08 0.08 0.01
N VAL B 229 -25.66 0.59 1.09
CA VAL B 229 -26.43 -0.29 1.96
C VAL B 229 -27.69 -0.79 1.23
N SER B 230 -28.32 0.05 0.39
CA SER B 230 -29.48 -0.44 -0.36
C SER B 230 -29.09 -1.50 -1.39
N LEU B 231 -27.84 -1.50 -1.86
CA LEU B 231 -27.36 -2.47 -2.83
C LEU B 231 -26.66 -3.67 -2.19
N GLY B 232 -26.59 -3.72 -0.85
CA GLY B 232 -25.93 -4.80 -0.16
C GLY B 232 -24.42 -4.76 -0.23
N GLN B 233 -23.83 -3.66 -0.64
CA GLN B 233 -22.38 -3.53 -0.68
C GLN B 233 -21.84 -3.25 0.71
N ILE B 234 -20.78 -3.96 1.11
CA ILE B 234 -20.27 -3.87 2.47
C ILE B 234 -19.03 -3.00 2.58
N THR B 235 -18.53 -2.47 1.46
CA THR B 235 -17.26 -1.75 1.48
C THR B 235 -17.53 -0.28 1.86
N ASN B 236 -17.72 -0.06 3.16
CA ASN B 236 -18.05 1.24 3.70
C ASN B 236 -17.78 1.28 5.20
N CYS B 237 -16.91 2.17 5.66
CA CYS B 237 -16.50 2.11 7.07
C CYS B 237 -17.63 2.42 8.04
N PHE B 238 -18.68 3.15 7.61
CA PHE B 238 -19.73 3.41 8.58
C PHE B 238 -20.60 2.18 8.87
N ARG B 239 -20.45 1.10 8.10
CA ARG B 239 -21.05 -0.18 8.50
C ARG B 239 -20.36 -0.76 9.74
N LEU B 240 -19.18 -0.25 10.09
CA LEU B 240 -18.49 -0.68 11.31
C LEU B 240 -19.07 -0.07 12.58
N CYS B 241 -19.89 0.98 12.49
CA CYS B 241 -20.55 1.51 13.68
C CYS B 241 -22.04 1.31 13.54
N ASP B 242 -22.76 1.61 14.61
CA ASP B 242 -24.22 1.52 14.60
C ASP B 242 -24.74 2.91 14.28
N VAL B 243 -24.97 3.18 12.99
CA VAL B 243 -25.41 4.51 12.61
C VAL B 243 -26.78 4.84 13.18
N SER B 244 -27.52 3.85 13.71
CA SER B 244 -28.82 4.16 14.33
C SER B 244 -28.69 4.63 15.77
N ASP B 245 -27.48 4.75 16.31
CA ASP B 245 -27.23 5.23 17.67
C ASP B 245 -26.43 6.52 17.52
N GLU B 246 -27.07 7.64 17.85
CA GLU B 246 -26.43 8.93 17.58
C GLU B 246 -25.10 9.04 18.32
N THR B 247 -25.07 8.63 19.59
CA THR B 247 -23.82 8.71 20.35
C THR B 247 -22.74 7.83 19.72
N ALA B 248 -23.11 6.60 19.35
CA ALA B 248 -22.14 5.71 18.72
C ALA B 248 -21.68 6.28 17.38
N PHE B 249 -22.63 6.75 16.56
CA PHE B 249 -22.23 7.32 15.27
C PHE B 249 -21.30 8.52 15.47
N LYS B 250 -21.61 9.37 16.45
CA LYS B 250 -20.83 10.60 16.58
C LYS B 250 -19.41 10.33 17.06
N GLU B 251 -19.23 9.37 17.96
CA GLU B 251 -17.87 9.05 18.41
C GLU B 251 -17.07 8.43 17.27
N PHE B 252 -17.71 7.54 16.50
CA PHE B 252 -17.06 6.98 15.32
C PHE B 252 -16.70 8.08 14.33
N PHE B 253 -17.61 9.01 14.12
CA PHE B 253 -17.35 10.06 13.14
C PHE B 253 -16.18 10.95 13.58
N GLN B 254 -16.12 11.33 14.85
CA GLN B 254 -14.97 12.12 15.32
C GLN B 254 -13.69 11.30 15.23
N ALA B 255 -13.77 10.00 15.51
CA ALA B 255 -12.58 9.15 15.30
C ALA B 255 -12.11 9.24 13.85
N ARG B 256 -13.05 9.25 12.90
CA ARG B 256 -12.67 9.33 11.49
C ARG B 256 -12.15 10.72 11.13
N LEU B 257 -12.77 11.80 11.68
CA LEU B 257 -12.20 13.13 11.53
C LEU B 257 -10.77 13.18 12.08
N ASP B 258 -10.57 12.63 13.28
CA ASP B 258 -9.23 12.59 13.87
C ASP B 258 -8.22 11.93 12.93
N ASP B 259 -8.62 10.83 12.27
CA ASP B 259 -7.74 10.16 11.31
C ASP B 259 -7.41 11.09 10.14
N MET B 260 -8.42 11.79 9.62
CA MET B 260 -8.18 12.69 8.51
C MET B 260 -7.18 13.76 8.90
N ILE B 261 -7.36 14.33 10.10
CA ILE B 261 -6.51 15.42 10.56
C ILE B 261 -5.08 14.94 10.74
N GLU B 262 -4.89 13.77 11.32
CA GLU B 262 -3.52 13.31 11.51
C GLU B 262 -2.83 13.07 10.17
N ASP B 263 -3.56 12.50 9.19
CA ASP B 263 -2.98 12.33 7.85
C ASP B 263 -2.63 13.67 7.23
N ILE B 264 -3.54 14.63 7.30
CA ILE B 264 -3.31 15.92 6.67
C ILE B 264 -2.07 16.59 7.25
N GLU B 265 -1.92 16.57 8.57
CA GLU B 265 -0.79 17.25 9.17
C GLU B 265 0.53 16.52 8.91
N CYS B 266 0.51 15.19 8.74
CA CYS B 266 1.70 14.50 8.26
C CYS B 266 1.97 14.79 6.79
N ILE B 267 0.93 14.95 5.97
CA ILE B 267 1.13 15.27 4.57
C ILE B 267 1.89 16.61 4.41
N LYS B 268 1.76 17.53 5.38
CA LYS B 268 2.51 18.78 5.25
C LYS B 268 4.01 18.63 5.48
N ALA B 269 4.48 17.46 5.90
CA ALA B 269 5.92 17.22 5.93
C ALA B 269 6.49 16.95 4.54
N PHE B 270 5.67 16.64 3.54
CA PHE B 270 6.19 16.38 2.21
C PHE B 270 6.60 17.70 1.54
N ASP B 271 7.27 17.62 0.39
CA ASP B 271 7.61 18.82 -0.37
C ASP B 271 6.31 19.46 -0.86
N GLN B 272 6.39 20.76 -1.20
CA GLN B 272 5.14 21.50 -1.39
C GLN B 272 4.38 21.04 -2.63
N LEU B 273 5.08 20.77 -3.74
CA LEU B 273 4.37 20.24 -4.89
C LEU B 273 3.57 19.01 -4.49
N THR B 274 4.23 18.09 -3.78
CA THR B 274 3.58 16.84 -3.40
C THR B 274 2.39 17.08 -2.45
N GLN B 275 2.59 17.86 -1.36
CA GLN B 275 1.46 18.07 -0.46
C GLN B 275 0.30 18.77 -1.17
N ASP B 276 0.61 19.76 -2.03
CA ASP B 276 -0.43 20.40 -2.83
C ASP B 276 -1.29 19.35 -3.51
N VAL B 277 -0.64 18.42 -4.23
CA VAL B 277 -1.36 17.36 -4.92
C VAL B 277 -2.18 16.55 -3.93
N PHE B 278 -1.53 16.10 -2.84
CA PHE B 278 -2.24 15.27 -1.84
C PHE B 278 -3.47 15.99 -1.29
N LEU B 279 -3.28 17.26 -0.88
CA LEU B 279 -4.36 17.98 -0.20
C LEU B 279 -5.46 18.39 -1.18
N ASP B 280 -5.10 18.80 -2.41
CA ASP B 280 -6.12 19.10 -3.41
C ASP B 280 -6.89 17.84 -3.78
N LEU B 281 -6.26 16.67 -3.67
CA LEU B 281 -6.98 15.43 -3.94
C LEU B 281 -8.02 15.17 -2.87
N ILE B 282 -7.61 15.25 -1.60
CA ILE B 282 -8.55 14.97 -0.51
C ILE B 282 -9.66 16.02 -0.48
N TYR B 283 -9.28 17.28 -0.54
CA TYR B 283 -10.27 18.34 -0.38
C TYR B 283 -11.11 18.48 -1.67
N GLY B 284 -10.49 18.33 -2.83
CA GLY B 284 -11.26 18.33 -4.06
C GLY B 284 -12.25 17.18 -4.14
N ASN B 285 -11.87 16.01 -3.65
CA ASN B 285 -12.83 14.91 -3.65
C ASN B 285 -14.04 15.25 -2.80
N PHE B 286 -13.84 15.98 -1.71
CA PHE B 286 -14.95 16.37 -0.86
C PHE B 286 -15.85 17.39 -1.58
N VAL B 287 -15.27 18.35 -2.28
CA VAL B 287 -16.10 19.34 -3.01
C VAL B 287 -16.90 18.65 -4.10
N TRP B 288 -16.25 17.79 -4.88
CA TRP B 288 -16.91 17.05 -5.94
C TRP B 288 -18.01 16.15 -5.38
N THR B 289 -17.69 15.42 -4.31
CA THR B 289 -18.64 14.46 -3.75
C THR B 289 -19.93 15.15 -3.31
N THR B 290 -19.81 16.33 -2.67
CA THR B 290 -20.96 17.07 -2.19
C THR B 290 -21.70 17.77 -3.32
N SER B 291 -21.04 17.95 -4.47
CA SER B 291 -21.61 18.59 -5.64
C SER B 291 -22.39 17.62 -6.52
N ASN B 292 -22.15 16.31 -6.39
CA ASN B 292 -22.45 15.34 -7.43
C ASN B 292 -23.75 14.60 -7.14
N LYS B 293 -24.65 14.59 -8.13
CA LYS B 293 -25.91 13.86 -8.07
C LYS B 293 -25.73 12.39 -7.65
N ARG B 294 -24.61 11.79 -8.01
CA ARG B 294 -24.30 10.41 -7.64
C ARG B 294 -24.23 10.21 -6.13
N TYR B 295 -23.85 11.24 -5.38
CA TYR B 295 -23.67 11.11 -3.93
C TYR B 295 -24.76 11.81 -3.14
N LYS B 296 -25.94 11.94 -3.72
CA LYS B 296 -27.08 12.44 -2.98
C LYS B 296 -28.09 11.36 -2.66
N THR B 297 -29.15 11.23 -3.46
CA THR B 297 -30.17 10.21 -3.26
C THR B 297 -29.55 8.83 -3.33
N ALA B 298 -30.07 7.93 -2.50
CA ALA B 298 -29.55 6.56 -2.44
C ALA B 298 -29.60 5.89 -3.80
N VAL B 299 -30.56 6.24 -4.66
CA VAL B 299 -30.66 5.66 -5.99
C VAL B 299 -31.31 6.66 -6.94
N ASN B 300 -30.58 7.05 -7.98
CA ASN B 300 -31.04 8.07 -8.90
C ASN B 300 -30.89 7.52 -10.32
N ASP B 301 -30.82 8.41 -11.29
CA ASP B 301 -30.55 7.90 -12.62
C ASP B 301 -29.09 7.52 -12.81
N VAL B 302 -28.13 8.40 -12.48
CA VAL B 302 -26.75 8.23 -12.90
C VAL B 302 -25.95 7.26 -12.04
N ASN B 303 -26.45 6.77 -10.92
CA ASN B 303 -25.54 6.09 -10.00
C ASN B 303 -25.93 4.66 -9.67
N SER B 304 -27.03 4.17 -10.24
CA SER B 304 -27.50 2.86 -9.83
C SER B 304 -26.85 1.79 -10.68
N ARG B 305 -27.18 0.55 -10.35
CA ARG B 305 -26.83 -0.55 -11.22
C ARG B 305 -27.99 -0.84 -12.15
N ILE B 306 -27.64 -1.02 -13.42
CA ILE B 306 -28.48 -1.72 -14.39
C ILE B 306 -28.57 -3.17 -13.95
N GLN B 307 -28.86 -3.38 -12.68
CA GLN B 307 -29.56 -4.54 -12.18
C GLN B 307 -31.01 -4.15 -11.97
N ALA B 308 -31.92 -4.98 -12.46
CA ALA B 308 -33.34 -4.72 -12.35
C ALA B 308 -34.11 -6.03 -12.49
N GLY A 14 16.20 4.81 32.17
CA GLY A 14 16.90 4.21 31.03
C GLY A 14 16.36 4.79 29.76
N ARG A 15 16.23 3.95 28.72
CA ARG A 15 15.77 4.26 27.35
C ARG A 15 16.78 3.82 26.29
N SER A 16 18.02 3.59 26.69
CA SER A 16 19.07 2.91 25.94
C SER A 16 18.60 1.71 25.14
N SER A 17 17.67 0.92 25.66
CA SER A 17 17.67 -0.49 25.29
C SER A 17 16.36 -1.13 25.72
N VAL A 18 16.03 -2.25 25.08
CA VAL A 18 14.94 -3.10 25.51
C VAL A 18 15.43 -4.42 26.09
N ARG A 19 16.75 -4.59 26.19
CA ARG A 19 17.36 -5.82 26.73
C ARG A 19 16.73 -6.32 28.03
N PRO A 20 16.34 -5.49 29.00
CA PRO A 20 15.65 -6.05 30.17
C PRO A 20 14.37 -6.82 29.88
N TYR A 21 13.67 -6.54 28.79
CA TYR A 21 12.42 -7.24 28.46
C TYR A 21 12.64 -8.37 27.47
N LEU A 22 13.88 -8.69 27.16
CA LEU A 22 14.18 -9.57 26.04
C LEU A 22 13.53 -10.94 26.21
N GLU A 23 13.69 -11.56 27.38
CA GLU A 23 13.17 -12.91 27.58
C GLU A 23 11.65 -12.94 27.58
N GLU A 24 11.01 -12.06 28.35
CA GLU A 24 9.54 -12.02 28.41
C GLU A 24 8.96 -11.79 27.02
N CYS A 25 9.48 -10.79 26.30
CA CYS A 25 8.94 -10.48 24.98
C CYS A 25 9.16 -11.62 23.99
N THR A 26 10.34 -12.24 24.00
CA THR A 26 10.57 -13.38 23.13
C THR A 26 9.56 -14.47 23.42
N ARG A 27 9.40 -14.77 24.70
CA ARG A 27 8.43 -15.76 25.14
C ARG A 27 7.02 -15.43 24.66
N ARG A 28 6.61 -14.17 24.77
CA ARG A 28 5.24 -13.81 24.41
C ARG A 28 5.02 -13.84 22.90
N PHE A 29 5.98 -13.34 22.12
CA PHE A 29 5.94 -13.51 20.67
C PHE A 29 5.71 -14.98 20.32
N GLN A 30 6.52 -15.87 20.87
CA GLN A 30 6.40 -17.27 20.50
C GLN A 30 5.05 -17.85 20.91
N GLU A 31 4.56 -17.51 22.10
CA GLU A 31 3.25 -18.02 22.52
C GLU A 31 2.17 -17.56 21.55
N MET A 32 2.26 -16.29 21.13
CA MET A 32 1.28 -15.75 20.19
C MET A 32 1.30 -16.55 18.89
N PHE A 33 2.50 -16.82 18.35
CA PHE A 33 2.58 -17.62 17.13
C PHE A 33 2.01 -19.01 17.31
N ASP A 34 2.29 -19.65 18.46
CA ASP A 34 1.78 -21.01 18.67
C ASP A 34 0.26 -21.02 18.76
N ARG A 35 -0.32 -19.95 19.29
CA ARG A 35 -1.77 -19.91 19.47
C ARG A 35 -2.49 -19.57 18.17
N HIS A 36 -1.89 -18.73 17.33
CA HIS A 36 -2.59 -18.06 16.22
C HIS A 36 -2.10 -18.45 14.84
N VAL A 37 -0.85 -18.90 14.69
CA VAL A 37 -0.37 -19.51 13.46
C VAL A 37 -0.32 -21.03 13.57
N VAL A 38 0.32 -21.53 14.65
CA VAL A 38 0.51 -22.91 15.10
C VAL A 38 1.51 -23.74 14.29
N THR A 39 1.66 -23.49 12.99
CA THR A 39 2.58 -24.33 12.22
C THR A 39 3.94 -23.65 12.09
N ARG A 40 4.99 -24.33 12.58
CA ARG A 40 6.33 -23.78 12.51
C ARG A 40 6.74 -23.53 11.05
N PRO A 41 7.46 -22.46 10.79
CA PRO A 41 8.03 -22.28 9.45
C PRO A 41 9.13 -23.31 9.23
N THR A 42 9.33 -23.67 7.96
CA THR A 42 10.32 -24.64 7.57
C THR A 42 11.52 -23.90 6.99
N LYS A 43 12.71 -24.48 7.15
CA LYS A 43 13.90 -23.87 6.59
C LYS A 43 14.20 -24.47 5.22
N VAL A 44 14.34 -23.62 4.20
CA VAL A 44 14.84 -24.05 2.89
C VAL A 44 16.30 -24.42 3.01
N GLU A 45 16.68 -25.56 2.44
CA GLU A 45 18.05 -26.03 2.48
C GLU A 45 18.66 -26.02 1.08
N LEU A 46 19.30 -24.92 0.73
CA LEU A 46 20.11 -24.83 -0.48
C LEU A 46 21.29 -25.79 -0.43
N THR A 47 21.72 -26.27 -1.60
CA THR A 47 22.94 -27.05 -1.63
C THR A 47 24.16 -26.14 -1.46
N ASP A 48 25.32 -26.79 -1.39
CA ASP A 48 26.59 -26.08 -1.40
C ASP A 48 26.72 -25.21 -2.64
N ALA A 49 26.59 -25.81 -3.84
CA ALA A 49 26.72 -25.02 -5.07
C ALA A 49 25.64 -23.94 -5.15
N GLU A 50 24.43 -24.23 -4.63
CA GLU A 50 23.35 -23.26 -4.72
C GLU A 50 23.64 -22.03 -3.86
N LEU A 51 24.11 -22.24 -2.64
CA LEU A 51 24.42 -21.11 -1.78
C LEU A 51 25.63 -20.35 -2.31
N ARG A 52 26.61 -21.06 -2.84
CA ARG A 52 27.80 -20.40 -3.34
C ARG A 52 27.51 -19.63 -4.62
N GLU A 53 26.59 -20.12 -5.45
CA GLU A 53 26.12 -19.30 -6.55
C GLU A 53 25.48 -18.02 -6.04
N VAL A 54 24.63 -18.14 -5.00
CA VAL A 54 23.96 -16.98 -4.43
C VAL A 54 24.99 -15.94 -3.98
N ILE A 55 25.98 -16.37 -3.19
CA ILE A 55 26.99 -15.46 -2.69
C ILE A 55 27.77 -14.82 -3.85
N ASP A 56 28.10 -15.61 -4.87
CA ASP A 56 28.88 -15.06 -5.97
C ASP A 56 28.10 -13.94 -6.70
N ASP A 57 26.79 -14.14 -6.88
CA ASP A 57 25.97 -13.08 -7.46
C ASP A 57 25.91 -11.84 -6.57
N CYS A 58 25.78 -12.03 -5.26
CA CYS A 58 25.77 -10.89 -4.34
C CYS A 58 27.08 -10.13 -4.39
N ASN A 59 28.21 -10.84 -4.35
CA ASN A 59 29.50 -10.16 -4.35
C ASN A 59 29.70 -9.37 -5.64
N ALA A 60 29.30 -9.94 -6.77
CA ALA A 60 29.41 -9.22 -8.04
C ALA A 60 28.52 -8.00 -8.06
N ALA A 61 27.34 -8.09 -7.42
CA ALA A 61 26.40 -6.97 -7.47
C ALA A 61 26.91 -5.77 -6.69
N VAL A 62 27.52 -6.00 -5.52
CA VAL A 62 27.95 -4.88 -4.70
C VAL A 62 29.41 -4.52 -4.91
N ALA A 63 30.18 -5.37 -5.58
CA ALA A 63 31.60 -5.10 -5.79
C ALA A 63 31.88 -3.67 -6.24
N PRO A 64 31.16 -3.09 -7.21
CA PRO A 64 31.53 -1.73 -7.66
C PRO A 64 31.26 -0.66 -6.63
N LEU A 65 30.58 -0.98 -5.52
CA LEU A 65 30.35 -0.01 -4.46
C LEU A 65 31.53 0.08 -3.49
N GLY A 66 32.52 -0.80 -3.61
CA GLY A 66 33.75 -0.62 -2.87
C GLY A 66 33.93 -1.44 -1.62
N LYS A 67 32.85 -1.87 -0.95
CA LYS A 67 32.96 -2.51 0.36
C LYS A 67 32.77 -4.01 0.23
N THR A 68 33.73 -4.78 0.70
CA THR A 68 33.57 -6.22 0.67
C THR A 68 32.65 -6.67 1.79
N VAL A 69 31.91 -7.74 1.52
CA VAL A 69 30.94 -8.29 2.44
C VAL A 69 31.34 -9.74 2.69
N SER A 70 31.58 -10.09 3.95
CA SER A 70 32.02 -11.44 4.30
C SER A 70 30.92 -12.45 4.02
N ASP A 71 31.33 -13.70 3.80
CA ASP A 71 30.37 -14.76 3.56
C ASP A 71 29.41 -14.93 4.73
N GLU A 72 29.89 -14.75 5.96
CA GLU A 72 28.95 -14.93 7.08
C GLU A 72 28.00 -13.74 7.23
N ARG A 73 28.40 -12.55 6.78
CA ARG A 73 27.42 -11.47 6.71
C ARG A 73 26.37 -11.73 5.63
N TRP A 74 26.79 -12.24 4.47
CA TRP A 74 25.80 -12.68 3.47
C TRP A 74 24.86 -13.72 4.07
N ILE A 75 25.41 -14.69 4.82
CA ILE A 75 24.60 -15.78 5.34
C ILE A 75 23.58 -15.24 6.32
N SER A 76 23.97 -14.25 7.11
CA SER A 76 23.02 -13.65 8.02
C SER A 76 21.89 -12.96 7.26
N TYR A 77 22.24 -12.17 6.24
CA TYR A 77 21.20 -11.50 5.44
C TYR A 77 20.27 -12.52 4.77
N VAL A 78 20.84 -13.62 4.26
CA VAL A 78 20.05 -14.54 3.44
C VAL A 78 19.13 -15.42 4.28
N GLY A 79 19.44 -15.57 5.58
CA GLY A 79 18.61 -16.42 6.42
C GLY A 79 17.14 -16.06 6.41
N VAL A 80 16.81 -14.76 6.23
CA VAL A 80 15.40 -14.39 6.22
C VAL A 80 14.69 -15.06 5.05
N VAL A 81 15.35 -15.17 3.90
CA VAL A 81 14.72 -15.83 2.76
C VAL A 81 14.59 -17.32 3.04
N LEU A 82 15.62 -17.92 3.66
CA LEU A 82 15.61 -19.35 3.87
C LEU A 82 14.53 -19.77 4.83
N TRP A 83 14.23 -18.92 5.82
CA TRP A 83 13.28 -19.21 6.89
C TRP A 83 11.87 -18.72 6.62
N SER A 84 11.70 -17.70 5.77
CA SER A 84 10.44 -16.97 5.74
C SER A 84 9.67 -17.13 4.43
N GLN A 85 10.16 -17.96 3.50
CA GLN A 85 9.37 -18.38 2.36
C GLN A 85 8.61 -19.64 2.76
N SER A 86 7.87 -20.23 1.83
CA SER A 86 6.94 -21.31 2.13
C SER A 86 7.35 -22.51 1.29
N PRO A 87 8.35 -23.28 1.75
CA PRO A 87 9.00 -24.27 0.86
C PRO A 87 8.06 -25.28 0.26
N ARG A 88 6.98 -25.68 0.94
CA ARG A 88 6.17 -26.75 0.38
C ARG A 88 5.33 -26.25 -0.79
N HIS A 89 5.27 -24.93 -1.00
CA HIS A 89 4.60 -24.36 -2.15
C HIS A 89 5.56 -23.84 -3.20
N ILE A 90 6.88 -24.00 -3.02
CA ILE A 90 7.83 -23.50 -4.01
C ILE A 90 7.63 -24.23 -5.34
N LYS A 91 7.49 -23.47 -6.41
CA LYS A 91 7.56 -23.99 -7.77
C LYS A 91 8.85 -23.62 -8.48
N ASP A 92 9.31 -22.38 -8.37
CA ASP A 92 10.36 -21.85 -9.23
C ASP A 92 11.60 -21.56 -8.37
N MET A 93 12.57 -22.48 -8.36
CA MET A 93 13.79 -22.26 -7.59
C MET A 93 14.70 -21.19 -8.20
N GLU A 94 14.54 -20.90 -9.50
CA GLU A 94 15.23 -19.74 -10.06
C GLU A 94 14.78 -18.45 -9.39
N ALA A 95 13.47 -18.27 -9.28
CA ALA A 95 12.93 -17.11 -8.56
C ALA A 95 13.39 -17.08 -7.10
N PHE A 96 13.43 -18.25 -6.45
CA PHE A 96 13.91 -18.30 -5.07
C PHE A 96 15.33 -17.77 -4.96
N LYS A 97 16.25 -18.28 -5.80
CA LYS A 97 17.62 -17.77 -5.80
C LYS A 97 17.64 -16.26 -6.01
N ALA A 98 16.80 -15.76 -6.91
CA ALA A 98 16.74 -14.32 -7.15
C ALA A 98 16.35 -13.55 -5.90
N VAL A 99 15.36 -14.05 -5.16
CA VAL A 99 14.97 -13.36 -3.94
C VAL A 99 16.11 -13.40 -2.91
N CYS A 100 16.85 -14.51 -2.86
CA CYS A 100 18.03 -14.56 -2.00
C CYS A 100 18.99 -13.41 -2.34
N VAL A 101 19.35 -13.30 -3.62
CA VAL A 101 20.36 -12.32 -4.02
C VAL A 101 19.84 -10.90 -3.80
N LEU A 102 18.65 -10.61 -4.32
CA LEU A 102 18.09 -9.27 -4.20
C LEU A 102 17.87 -8.87 -2.74
N ASN A 103 17.39 -9.79 -1.93
CA ASN A 103 17.29 -9.51 -0.50
C ASN A 103 18.63 -9.13 0.09
N CYS A 104 19.68 -9.86 -0.26
CA CYS A 104 20.98 -9.65 0.36
C CYS A 104 21.60 -8.34 -0.08
N VAL A 105 21.58 -8.05 -1.39
CA VAL A 105 22.32 -6.88 -1.84
C VAL A 105 21.61 -5.59 -1.41
N THR A 106 20.28 -5.62 -1.27
CA THR A 106 19.61 -4.43 -0.76
C THR A 106 19.72 -4.32 0.76
N PHE A 107 19.94 -5.44 1.45
CA PHE A 107 20.32 -5.38 2.86
C PHE A 107 21.65 -4.62 3.03
N VAL A 108 22.62 -4.87 2.16
CA VAL A 108 23.87 -4.11 2.19
C VAL A 108 23.59 -2.61 2.03
N TRP A 109 22.79 -2.27 1.02
CA TRP A 109 22.34 -0.89 0.82
C TRP A 109 21.76 -0.30 2.11
N ASP A 110 20.91 -1.07 2.80
CA ASP A 110 20.29 -0.62 4.04
C ASP A 110 21.33 -0.29 5.10
N ASP A 111 22.44 -1.04 5.13
CA ASP A 111 23.47 -0.85 6.13
C ASP A 111 24.51 0.20 5.74
N MET A 112 24.47 0.73 4.51
CA MET A 112 25.52 1.61 4.01
C MET A 112 25.28 3.08 4.34
N ASP A 113 26.37 3.80 4.57
CA ASP A 113 26.40 5.25 4.46
C ASP A 113 25.79 5.67 3.12
N PRO A 114 24.96 6.73 3.10
CA PRO A 114 24.42 7.22 1.83
C PRO A 114 25.50 7.67 0.86
N ALA A 115 26.68 8.04 1.37
CA ALA A 115 27.79 8.41 0.49
C ALA A 115 28.20 7.27 -0.43
N LEU A 116 27.93 6.03 -0.04
CA LEU A 116 28.29 4.87 -0.85
C LEU A 116 27.23 4.50 -1.87
N HIS A 117 26.06 5.14 -1.83
CA HIS A 117 24.91 4.77 -2.64
C HIS A 117 25.06 5.27 -4.07
N ASP A 118 25.62 4.44 -4.94
CA ASP A 118 25.87 4.85 -6.32
C ASP A 118 24.83 4.18 -7.23
N PHE A 119 23.81 4.96 -7.59
CA PHE A 119 22.70 4.46 -8.39
C PHE A 119 23.16 4.03 -9.78
N GLY A 120 24.12 4.76 -10.37
CA GLY A 120 24.57 4.44 -11.71
C GLY A 120 25.35 3.13 -11.79
N LEU A 121 25.97 2.71 -10.70
CA LEU A 121 26.69 1.44 -10.63
C LEU A 121 25.82 0.30 -10.12
N PHE A 122 24.90 0.59 -9.20
CA PHE A 122 24.13 -0.48 -8.57
C PHE A 122 22.87 -0.85 -9.33
N LEU A 123 22.15 0.13 -9.88
CA LEU A 123 20.92 -0.22 -10.57
C LEU A 123 21.14 -1.18 -11.73
N PRO A 124 22.19 -1.06 -12.55
CA PRO A 124 22.43 -2.10 -13.58
C PRO A 124 22.68 -3.48 -13.00
N GLN A 125 23.38 -3.57 -11.86
CA GLN A 125 23.53 -4.86 -11.20
C GLN A 125 22.18 -5.46 -10.85
N LEU A 126 21.27 -4.67 -10.27
CA LEU A 126 19.93 -5.17 -9.96
C LEU A 126 19.22 -5.64 -11.22
N ARG A 127 19.30 -4.83 -12.29
CA ARG A 127 18.68 -5.22 -13.55
C ARG A 127 19.21 -6.57 -14.04
N LYS A 128 20.53 -6.78 -13.96
CA LYS A 128 21.11 -8.01 -14.46
C LYS A 128 20.70 -9.21 -13.62
N ILE A 129 20.61 -9.03 -12.30
CA ILE A 129 20.09 -10.09 -11.44
C ILE A 129 18.67 -10.44 -11.86
N CYS A 130 17.82 -9.42 -12.02
CA CYS A 130 16.42 -9.67 -12.34
C CYS A 130 16.27 -10.35 -13.69
N GLU A 131 17.09 -9.98 -14.67
CA GLU A 131 16.95 -10.61 -15.98
C GLU A 131 17.43 -12.06 -15.98
N LYS A 132 18.54 -12.34 -15.29
CA LYS A 132 19.06 -13.71 -15.23
C LYS A 132 18.01 -14.69 -14.70
N TYR A 133 17.38 -14.37 -13.56
CA TYR A 133 16.62 -15.36 -12.79
C TYR A 133 15.13 -15.38 -13.09
N TYR A 134 14.58 -14.30 -13.62
CA TYR A 134 13.16 -14.24 -13.93
C TYR A 134 12.95 -14.25 -15.44
N GLY A 135 11.73 -14.60 -15.83
CA GLY A 135 11.30 -14.37 -17.19
C GLY A 135 11.27 -12.88 -17.48
N PRO A 136 11.15 -12.53 -18.77
CA PRO A 136 11.27 -11.12 -19.16
C PRO A 136 10.25 -10.20 -18.52
N GLU A 137 9.04 -10.69 -18.25
CA GLU A 137 8.04 -9.80 -17.70
C GLU A 137 8.13 -9.72 -16.16
N ASP A 138 8.27 -10.86 -15.49
CA ASP A 138 8.51 -10.87 -14.04
C ASP A 138 9.74 -10.04 -13.68
N ALA A 139 10.75 -10.03 -14.57
CA ALA A 139 11.97 -9.27 -14.28
C ALA A 139 11.67 -7.79 -14.20
N GLU A 140 10.72 -7.32 -15.02
CA GLU A 140 10.31 -5.91 -14.96
C GLU A 140 9.69 -5.58 -13.62
N VAL A 141 8.86 -6.47 -13.09
CA VAL A 141 8.19 -6.20 -11.82
C VAL A 141 9.19 -6.25 -10.67
N ALA A 142 10.04 -7.27 -10.66
CA ALA A 142 11.04 -7.38 -9.59
C ALA A 142 12.01 -6.20 -9.61
N TYR A 143 12.48 -5.79 -10.78
CA TYR A 143 13.42 -4.68 -10.84
C TYR A 143 12.79 -3.38 -10.35
N GLU A 144 11.58 -3.07 -10.80
CA GLU A 144 10.93 -1.84 -10.34
C GLU A 144 10.84 -1.81 -8.81
N ALA A 145 10.43 -2.93 -8.21
CA ALA A 145 10.29 -2.96 -6.76
C ALA A 145 11.64 -2.82 -6.06
N ALA A 146 12.71 -3.43 -6.61
CA ALA A 146 14.04 -3.25 -6.04
C ALA A 146 14.50 -1.80 -6.15
N ARG A 147 14.40 -1.23 -7.35
CA ARG A 147 14.75 0.17 -7.59
C ARG A 147 13.99 1.10 -6.64
N ALA A 148 12.67 0.91 -6.53
CA ALA A 148 11.88 1.74 -5.64
C ALA A 148 12.32 1.60 -4.18
N PHE A 149 12.73 0.38 -3.77
CA PHE A 149 13.18 0.23 -2.39
C PHE A 149 14.48 0.99 -2.13
N VAL A 150 15.51 0.77 -2.94
CA VAL A 150 16.80 1.40 -2.64
C VAL A 150 16.68 2.92 -2.76
N THR A 151 15.86 3.38 -3.68
CA THR A 151 15.63 4.82 -3.81
C THR A 151 14.94 5.37 -2.56
N SER A 152 13.97 4.62 -2.04
CA SER A 152 13.28 5.05 -0.83
C SER A 152 14.24 5.07 0.36
N ASP A 153 15.01 4.00 0.55
CA ASP A 153 15.95 4.01 1.67
C ASP A 153 16.90 5.18 1.57
N HIS A 154 17.37 5.49 0.36
CA HIS A 154 18.33 6.58 0.20
C HIS A 154 17.64 7.93 0.39
N MET A 155 16.52 8.12 -0.31
CA MET A 155 15.87 9.43 -0.31
C MET A 155 15.36 9.80 1.07
N PHE A 156 15.14 8.83 1.96
CA PHE A 156 14.56 9.16 3.25
C PHE A 156 15.57 9.25 4.39
N ARG A 157 16.85 9.03 4.14
CA ARG A 157 17.84 9.42 5.13
C ARG A 157 17.75 10.94 5.28
N ASP A 158 17.56 11.41 6.52
CA ASP A 158 17.58 12.85 6.82
C ASP A 158 16.42 13.60 6.15
N SER A 159 15.37 12.88 5.83
CA SER A 159 14.33 13.74 5.26
C SER A 159 13.18 13.94 6.25
N PRO A 160 12.56 15.13 6.24
CA PRO A 160 11.49 15.41 7.21
C PRO A 160 10.30 14.47 7.15
N ILE A 161 10.04 13.83 6.00
CA ILE A 161 8.90 12.91 5.94
C ILE A 161 9.10 11.77 6.93
N LYS A 162 10.33 11.27 7.01
CA LYS A 162 10.61 10.15 7.91
C LYS A 162 10.30 10.52 9.34
N ALA A 163 10.85 11.65 9.82
CA ALA A 163 10.61 12.06 11.20
C ALA A 163 9.11 12.23 11.47
N ALA A 164 8.38 12.84 10.54
CA ALA A 164 6.94 12.98 10.75
C ALA A 164 6.29 11.60 10.89
N LEU A 165 6.55 10.70 9.96
CA LEU A 165 5.84 9.42 9.98
C LEU A 165 6.29 8.51 11.13
N CYS A 166 7.53 8.67 11.59
CA CYS A 166 8.03 7.80 12.65
C CYS A 166 7.77 8.33 14.05
N THR A 167 7.39 9.59 14.19
CA THR A 167 7.20 10.18 15.51
C THR A 167 5.79 10.69 15.76
N THR A 168 4.79 10.23 15.00
CA THR A 168 3.45 10.78 15.18
C THR A 168 2.45 9.79 15.75
N SER A 169 2.46 8.53 15.28
CA SER A 169 1.52 7.52 15.76
C SER A 169 1.97 6.16 15.22
N PRO A 170 1.39 5.06 15.73
CA PRO A 170 1.71 3.75 15.13
C PRO A 170 1.20 3.59 13.71
N GLU A 171 0.02 4.16 13.42
CA GLU A 171 -0.57 4.04 12.09
C GLU A 171 0.29 4.71 11.02
N GLN A 172 0.79 5.93 11.30
CA GLN A 172 1.66 6.60 10.32
C GLN A 172 2.98 5.85 10.16
N TYR A 173 3.53 5.37 11.26
CA TYR A 173 4.80 4.66 11.21
C TYR A 173 4.71 3.40 10.34
N PHE A 174 3.69 2.58 10.59
CA PHE A 174 3.57 1.34 9.83
C PHE A 174 3.29 1.62 8.36
N ARG A 175 2.66 2.77 8.08
CA ARG A 175 2.47 3.20 6.69
C ARG A 175 3.78 3.44 5.97
N PHE A 176 4.74 4.08 6.64
CA PHE A 176 6.09 4.23 6.10
C PHE A 176 6.75 2.87 5.86
N ARG A 177 6.53 1.94 6.78
CA ARG A 177 7.28 0.68 6.73
C ARG A 177 6.78 -0.29 5.68
N VAL A 178 5.56 -0.11 5.13
CA VAL A 178 5.13 -0.96 4.02
C VAL A 178 6.20 -1.01 2.93
N THR A 179 6.79 0.14 2.63
CA THR A 179 7.90 0.18 1.70
C THR A 179 9.24 0.02 2.42
N ASP A 180 9.45 0.76 3.52
CA ASP A 180 10.79 0.89 4.07
C ASP A 180 11.33 -0.43 4.66
N ILE A 181 10.49 -1.29 5.23
CA ILE A 181 11.04 -2.59 5.67
C ILE A 181 11.16 -3.57 4.51
N GLY A 182 10.89 -3.14 3.28
CA GLY A 182 11.15 -3.95 2.12
C GLY A 182 10.12 -5.00 1.81
N VAL A 183 8.99 -5.06 2.53
CA VAL A 183 8.05 -6.15 2.31
C VAL A 183 7.28 -6.02 1.01
N ASP A 184 6.96 -4.79 0.56
CA ASP A 184 6.31 -4.69 -0.74
C ASP A 184 7.22 -5.23 -1.84
N PHE A 185 8.49 -4.84 -1.78
CA PHE A 185 9.53 -5.37 -2.66
C PHE A 185 9.58 -6.90 -2.59
N TRP A 186 9.54 -7.44 -1.37
CA TRP A 186 9.62 -8.89 -1.17
C TRP A 186 8.48 -9.62 -1.87
N MET A 187 7.24 -9.14 -1.69
CA MET A 187 6.11 -9.78 -2.34
C MET A 187 6.25 -9.78 -3.85
N LYS A 188 6.65 -8.62 -4.40
CA LYS A 188 6.71 -8.45 -5.85
C LYS A 188 7.88 -9.21 -6.48
N MET A 189 8.90 -9.54 -5.70
CA MET A 189 9.93 -10.42 -6.26
C MET A 189 9.72 -11.89 -5.91
N SER A 190 8.81 -12.20 -4.98
CA SER A 190 8.58 -13.57 -4.55
C SER A 190 7.42 -14.24 -5.27
N TYR A 191 6.47 -13.49 -5.83
CA TYR A 191 5.35 -14.16 -6.48
C TYR A 191 5.78 -15.15 -7.56
N PRO A 192 6.86 -14.94 -8.33
CA PRO A 192 7.25 -15.97 -9.32
C PRO A 192 7.71 -17.27 -8.68
N ILE A 193 8.14 -17.25 -7.41
CA ILE A 193 8.50 -18.50 -6.72
C ILE A 193 7.33 -19.47 -6.74
N TYR A 194 6.12 -18.95 -6.59
CA TYR A 194 4.93 -19.76 -6.37
C TYR A 194 4.03 -19.91 -7.59
N ARG A 195 4.12 -18.99 -8.56
CA ARG A 195 3.22 -18.97 -9.73
C ARG A 195 1.79 -19.33 -9.34
N HIS A 196 1.28 -18.65 -8.31
CA HIS A 196 -0.06 -18.83 -7.75
C HIS A 196 -0.90 -17.59 -8.07
N PRO A 197 -1.93 -17.71 -8.89
CA PRO A 197 -2.53 -16.49 -9.48
C PRO A 197 -3.06 -15.49 -8.46
N GLU A 198 -3.76 -15.94 -7.41
CA GLU A 198 -4.26 -14.98 -6.43
C GLU A 198 -3.12 -14.30 -5.70
N PHE A 199 -2.10 -15.09 -5.32
CA PHE A 199 -0.95 -14.50 -4.62
C PHE A 199 -0.29 -13.43 -5.47
N THR A 200 -0.09 -13.72 -6.75
CA THR A 200 0.48 -12.73 -7.65
C THR A 200 -0.34 -11.44 -7.66
N GLU A 201 -1.67 -11.55 -7.69
CA GLU A 201 -2.51 -10.36 -7.64
C GLU A 201 -2.35 -9.59 -6.32
N HIS A 202 -2.38 -10.29 -5.18
CA HIS A 202 -2.23 -9.59 -3.91
C HIS A 202 -0.86 -8.96 -3.78
N ALA A 203 0.17 -9.60 -4.36
CA ALA A 203 1.50 -9.02 -4.40
C ALA A 203 1.49 -7.73 -5.21
N LYS A 204 0.83 -7.73 -6.35
CA LYS A 204 0.93 -6.59 -7.24
C LYS A 204 0.06 -5.42 -6.80
N THR A 205 -1.03 -5.67 -6.08
CA THR A 205 -1.81 -4.59 -5.46
C THR A 205 -1.18 -4.08 -4.17
N SER A 206 -0.18 -4.78 -3.64
CA SER A 206 0.45 -4.52 -2.36
C SER A 206 -0.45 -4.85 -1.17
N LEU A 207 -1.65 -5.40 -1.40
CA LEU A 207 -2.41 -5.91 -0.26
C LEU A 207 -1.58 -6.95 0.52
N ALA A 208 -0.84 -7.80 -0.18
CA ALA A 208 0.04 -8.78 0.48
C ALA A 208 0.99 -8.09 1.45
N ALA A 209 1.64 -7.03 0.99
CA ALA A 209 2.56 -6.30 1.86
C ALA A 209 1.81 -5.60 2.99
N ARG A 210 0.66 -4.99 2.69
CA ARG A 210 -0.07 -4.28 3.73
C ARG A 210 -0.49 -5.21 4.84
N MET A 211 -0.79 -6.48 4.51
CA MET A 211 -1.25 -7.45 5.50
C MET A 211 -0.12 -7.94 6.41
N THR A 212 1.13 -7.94 5.94
CA THR A 212 2.24 -8.55 6.67
C THR A 212 3.18 -7.53 7.32
N THR A 213 2.99 -6.23 7.04
CA THR A 213 3.94 -5.21 7.50
C THR A 213 4.06 -5.17 9.02
N ARG A 214 2.94 -5.15 9.74
CA ARG A 214 3.05 -5.01 11.19
C ARG A 214 3.74 -6.22 11.82
N GLY A 215 3.39 -7.41 11.39
CA GLY A 215 3.99 -8.60 11.97
C GLY A 215 5.49 -8.62 11.78
N LEU A 216 5.94 -8.28 10.58
CA LEU A 216 7.37 -8.19 10.32
C LEU A 216 8.01 -7.07 11.11
N THR A 217 7.38 -5.89 11.11
CA THR A 217 8.03 -4.70 11.64
C THR A 217 8.12 -4.74 13.17
N ILE A 218 7.05 -5.18 13.83
CA ILE A 218 7.07 -5.17 15.29
C ILE A 218 8.20 -6.07 15.80
N VAL A 219 8.36 -7.22 15.17
CA VAL A 219 9.44 -8.15 15.56
C VAL A 219 10.80 -7.54 15.24
N ASN A 220 10.98 -7.03 14.02
CA ASN A 220 12.27 -6.45 13.68
C ASN A 220 12.62 -5.30 14.62
N ASP A 221 11.65 -4.42 14.88
CA ASP A 221 11.88 -3.26 15.74
C ASP A 221 12.27 -3.67 17.16
N PHE A 222 11.63 -4.70 17.70
CA PHE A 222 11.99 -5.06 19.07
C PHE A 222 13.46 -5.46 19.15
N TYR A 223 13.89 -6.34 18.26
CA TYR A 223 15.23 -6.89 18.38
C TYR A 223 16.32 -6.02 17.75
N SER A 224 15.98 -5.02 16.93
CA SER A 224 16.98 -4.11 16.40
C SER A 224 17.02 -2.78 17.13
N TYR A 225 16.19 -2.63 18.17
CA TYR A 225 16.07 -1.37 18.89
C TYR A 225 17.43 -0.89 19.40
N ASP A 226 18.18 -1.77 20.08
CA ASP A 226 19.43 -1.36 20.69
C ASP A 226 20.41 -0.81 19.64
N ARG A 227 20.56 -1.52 18.51
CA ARG A 227 21.45 -1.04 17.47
C ARG A 227 20.96 0.28 16.88
N GLU A 228 19.67 0.37 16.60
CA GLU A 228 19.16 1.58 15.96
C GLU A 228 19.26 2.78 16.89
N VAL A 229 18.92 2.60 18.18
CA VAL A 229 19.23 3.61 19.19
C VAL A 229 20.69 4.01 19.11
N SER A 230 21.59 3.02 19.07
CA SER A 230 23.02 3.31 19.00
C SER A 230 23.41 4.16 17.80
N LEU A 231 22.75 3.97 16.66
CA LEU A 231 23.22 4.55 15.40
C LEU A 231 22.61 5.90 15.10
N GLY A 232 21.56 6.30 15.81
CA GLY A 232 20.78 7.47 15.48
C GLY A 232 19.60 7.21 14.58
N GLN A 233 19.24 5.93 14.35
CA GLN A 233 18.12 5.57 13.49
C GLN A 233 16.79 5.73 14.24
N ILE A 234 15.82 6.43 13.65
CA ILE A 234 14.55 6.68 14.31
C ILE A 234 13.42 5.78 13.82
N THR A 235 13.68 4.92 12.84
CA THR A 235 12.64 4.10 12.24
C THR A 235 12.46 2.84 13.09
N ASN A 236 11.71 3.01 14.19
CA ASN A 236 11.50 1.94 15.16
C ASN A 236 10.29 2.29 16.01
N CYS A 237 9.25 1.45 15.96
CA CYS A 237 8.02 1.82 16.67
C CYS A 237 8.18 1.87 18.18
N PHE A 238 9.16 1.17 18.77
CA PHE A 238 9.30 1.27 20.22
C PHE A 238 9.84 2.62 20.69
N ARG A 239 10.38 3.44 19.77
CA ARG A 239 10.65 4.83 20.10
C ARG A 239 9.37 5.62 20.37
N LEU A 240 8.22 5.16 19.89
CA LEU A 240 6.94 5.82 20.07
C LEU A 240 6.35 5.58 21.44
N CYS A 241 7.03 4.79 22.28
CA CYS A 241 6.58 4.47 23.62
C CYS A 241 7.72 4.70 24.58
N ASP A 242 7.38 4.82 25.87
CA ASP A 242 8.36 5.10 26.91
C ASP A 242 8.95 3.78 27.43
N VAL A 243 10.03 3.30 26.79
CA VAL A 243 10.58 2.01 27.18
C VAL A 243 11.20 2.05 28.59
N SER A 244 11.36 3.25 29.15
CA SER A 244 12.13 3.42 30.37
C SER A 244 11.37 2.96 31.62
N ASP A 245 10.17 2.43 31.52
CA ASP A 245 9.80 1.38 32.47
C ASP A 245 8.65 0.53 32.01
N GLU A 246 8.60 -0.65 32.63
CA GLU A 246 7.73 -1.74 32.20
C GLU A 246 6.30 -1.26 32.01
N THR A 247 5.82 -0.34 32.85
CA THR A 247 4.40 0.00 32.80
C THR A 247 3.99 0.42 31.39
N ALA A 248 4.48 1.57 30.93
CA ALA A 248 4.14 2.02 29.58
C ALA A 248 4.63 1.03 28.54
N PHE A 249 5.78 0.39 28.78
CA PHE A 249 6.25 -0.60 27.82
C PHE A 249 5.26 -1.74 27.66
N LYS A 250 4.78 -2.31 28.78
CA LYS A 250 3.91 -3.47 28.71
C LYS A 250 2.62 -3.14 27.96
N GLU A 251 2.05 -1.98 28.26
CA GLU A 251 0.86 -1.52 27.54
C GLU A 251 1.13 -1.47 26.04
N PHE A 252 2.22 -0.80 25.66
CA PHE A 252 2.51 -0.62 24.25
C PHE A 252 2.79 -1.97 23.59
N PHE A 253 3.56 -2.82 24.28
CA PHE A 253 3.89 -4.11 23.71
C PHE A 253 2.66 -4.95 23.48
N GLN A 254 1.71 -4.95 24.43
CA GLN A 254 0.50 -5.73 24.17
C GLN A 254 -0.35 -5.09 23.08
N ALA A 255 -0.32 -3.76 22.97
CA ALA A 255 -1.00 -3.15 21.83
C ALA A 255 -0.42 -3.64 20.51
N ARG A 256 0.91 -3.84 20.47
CA ARG A 256 1.54 -4.30 19.23
C ARG A 256 1.23 -5.77 18.97
N LEU A 257 1.20 -6.60 20.03
CA LEU A 257 0.80 -7.99 19.82
C LEU A 257 -0.63 -8.07 19.30
N ASP A 258 -1.52 -7.21 19.82
CA ASP A 258 -2.89 -7.18 19.33
C ASP A 258 -2.93 -6.87 17.83
N ASP A 259 -2.09 -5.94 17.38
CA ASP A 259 -2.00 -5.64 15.95
C ASP A 259 -1.62 -6.89 15.16
N MET A 260 -0.61 -7.61 15.65
CA MET A 260 -0.16 -8.81 14.96
C MET A 260 -1.27 -9.86 14.91
N ILE A 261 -1.96 -10.04 16.04
CA ILE A 261 -3.02 -11.05 16.10
C ILE A 261 -4.14 -10.71 15.14
N GLU A 262 -4.56 -9.44 15.12
CA GLU A 262 -5.63 -9.04 14.23
C GLU A 262 -5.25 -9.29 12.76
N ASP A 263 -4.04 -8.91 12.36
CA ASP A 263 -3.60 -9.17 11.00
C ASP A 263 -3.59 -10.67 10.70
N ILE A 264 -3.04 -11.48 11.61
CA ILE A 264 -2.94 -12.92 11.37
C ILE A 264 -4.32 -13.54 11.22
N GLU A 265 -5.25 -13.14 12.09
CA GLU A 265 -6.59 -13.71 12.00
C GLU A 265 -7.28 -13.29 10.70
N CYS A 266 -7.04 -12.05 10.22
CA CYS A 266 -7.61 -11.65 8.94
C CYS A 266 -6.89 -12.32 7.76
N ILE A 267 -5.58 -12.59 7.89
CA ILE A 267 -4.88 -13.35 6.86
C ILE A 267 -5.51 -14.72 6.65
N LYS A 268 -6.15 -15.27 7.69
CA LYS A 268 -6.80 -16.56 7.61
C LYS A 268 -8.10 -16.54 6.83
N ALA A 269 -8.47 -15.39 6.24
CA ALA A 269 -9.54 -15.34 5.25
C ALA A 269 -9.04 -15.48 3.83
N PHE A 270 -7.74 -15.36 3.60
CA PHE A 270 -7.23 -15.52 2.25
C PHE A 270 -7.21 -17.00 1.88
N ASP A 271 -7.01 -17.29 0.59
CA ASP A 271 -6.98 -18.68 0.15
C ASP A 271 -5.83 -19.41 0.83
N GLN A 272 -5.96 -20.74 0.96
CA GLN A 272 -5.08 -21.48 1.87
C GLN A 272 -3.60 -21.37 1.49
N LEU A 273 -3.27 -21.30 0.20
CA LEU A 273 -1.87 -21.17 -0.18
C LEU A 273 -1.34 -19.79 0.17
N THR A 274 -2.10 -18.76 -0.18
CA THR A 274 -1.68 -17.40 0.11
C THR A 274 -1.50 -17.19 1.61
N GLN A 275 -2.44 -17.68 2.42
CA GLN A 275 -2.29 -17.51 3.86
C GLN A 275 -1.07 -18.26 4.37
N ASP A 276 -0.75 -19.43 3.79
CA ASP A 276 0.47 -20.12 4.17
C ASP A 276 1.69 -19.22 3.94
N VAL A 277 1.77 -18.59 2.77
CA VAL A 277 2.93 -17.75 2.46
C VAL A 277 2.98 -16.53 3.39
N PHE A 278 1.84 -15.87 3.61
CA PHE A 278 1.84 -14.71 4.51
C PHE A 278 2.32 -15.09 5.91
N LEU A 279 1.79 -16.21 6.43
CA LEU A 279 2.07 -16.59 7.82
C LEU A 279 3.48 -17.15 7.98
N ASP A 280 3.95 -17.96 7.02
CA ASP A 280 5.35 -18.39 7.06
C ASP A 280 6.28 -17.19 7.00
N LEU A 281 5.88 -16.12 6.30
CA LEU A 281 6.71 -14.94 6.24
C LEU A 281 6.87 -14.29 7.61
N ILE A 282 5.74 -14.06 8.30
CA ILE A 282 5.80 -13.36 9.58
C ILE A 282 6.48 -14.23 10.64
N TYR A 283 6.09 -15.49 10.71
CA TYR A 283 6.63 -16.38 11.74
C TYR A 283 8.09 -16.76 11.43
N GLY A 284 8.39 -17.02 10.16
CA GLY A 284 9.77 -17.27 9.78
C GLY A 284 10.69 -16.10 10.07
N ASN A 285 10.21 -14.88 9.84
CA ASN A 285 11.02 -13.71 10.18
C ASN A 285 11.35 -13.70 11.66
N PHE A 286 10.38 -14.07 12.49
CA PHE A 286 10.62 -14.13 13.93
C PHE A 286 11.68 -15.20 14.26
N VAL A 287 11.54 -16.38 13.68
CA VAL A 287 12.50 -17.45 13.98
C VAL A 287 13.91 -17.03 13.55
N TRP A 288 14.03 -16.46 12.35
CA TRP A 288 15.31 -15.96 11.86
C TRP A 288 15.87 -14.85 12.74
N THR A 289 15.03 -13.86 13.08
CA THR A 289 15.47 -12.73 13.88
C THR A 289 16.05 -13.18 15.22
N THR A 290 15.40 -14.14 15.88
CA THR A 290 15.88 -14.61 17.17
C THR A 290 17.07 -15.56 17.06
N SER A 291 17.41 -16.05 15.87
CA SER A 291 18.53 -16.97 15.70
C SER A 291 19.69 -16.34 14.95
N ASN A 292 19.67 -15.02 14.78
CA ASN A 292 20.59 -14.32 13.91
C ASN A 292 21.44 -13.37 14.74
N LYS A 293 22.75 -13.48 14.58
CA LYS A 293 23.68 -12.61 15.29
C LYS A 293 23.38 -11.14 15.04
N ARG A 294 22.73 -10.85 13.91
CA ARG A 294 22.41 -9.47 13.57
C ARG A 294 21.54 -8.79 14.62
N TYR A 295 20.75 -9.56 15.37
CA TYR A 295 19.79 -8.97 16.28
C TYR A 295 20.09 -9.23 17.76
N LYS A 296 21.37 -9.34 18.12
CA LYS A 296 21.76 -9.63 19.49
C LYS A 296 22.63 -8.55 20.10
N THR A 297 23.96 -8.63 19.98
CA THR A 297 24.83 -7.55 20.39
C THR A 297 24.45 -6.27 19.67
N ALA A 298 24.59 -5.13 20.37
CA ALA A 298 24.15 -3.88 19.78
C ALA A 298 24.95 -3.54 18.53
N VAL A 299 26.23 -3.88 18.51
CA VAL A 299 27.05 -3.68 17.30
C VAL A 299 27.96 -4.90 17.16
N ASN A 300 27.90 -5.56 16.00
CA ASN A 300 28.71 -6.74 15.75
C ASN A 300 29.11 -6.76 14.27
N ASP A 301 29.73 -7.88 13.85
CA ASP A 301 30.29 -7.96 12.50
C ASP A 301 29.25 -8.30 11.44
N VAL A 302 27.98 -8.47 11.80
CA VAL A 302 26.92 -8.64 10.82
C VAL A 302 25.77 -7.65 11.01
N ASN A 303 25.96 -6.56 11.78
CA ASN A 303 25.03 -5.42 11.76
C ASN A 303 25.72 -4.06 11.87
N SER A 304 27.04 -4.00 11.69
CA SER A 304 27.76 -2.75 11.85
C SER A 304 27.54 -1.85 10.63
N ARG A 305 27.58 -0.54 10.88
CA ARG A 305 27.48 0.43 9.80
C ARG A 305 28.57 0.18 8.77
N ILE A 306 28.18 0.15 7.50
CA ILE A 306 29.12 -0.05 6.41
C ILE A 306 29.62 1.34 6.03
N GLN A 307 30.72 1.76 6.68
CA GLN A 307 31.11 3.19 6.76
C GLN A 307 31.36 3.83 5.39
N GLY B 9 -37.10 -5.09 0.35
CA GLY B 9 -37.34 -4.06 1.35
C GLY B 9 -36.17 -3.96 2.30
N ALA B 10 -36.48 -3.76 3.58
CA ALA B 10 -35.46 -3.71 4.62
C ALA B 10 -36.04 -3.62 6.03
N GLN B 11 -35.65 -4.53 6.93
CA GLN B 11 -35.92 -4.36 8.35
C GLN B 11 -34.62 -4.05 9.06
N ASP B 12 -34.58 -2.85 9.67
CA ASP B 12 -33.41 -2.14 10.25
C ASP B 12 -33.15 -0.89 9.42
N ILE B 13 -34.26 -0.24 9.09
CA ILE B 13 -34.25 1.09 8.47
C ILE B 13 -33.36 2.04 9.26
N GLY B 14 -33.31 1.91 10.60
CA GLY B 14 -32.57 2.89 11.39
C GLY B 14 -31.07 2.91 11.12
N ARG B 15 -30.52 1.79 10.68
CA ARG B 15 -29.13 1.74 10.24
C ARG B 15 -29.01 1.83 8.72
N SER B 16 -30.09 2.15 8.02
CA SER B 16 -30.07 2.17 6.56
C SER B 16 -29.59 3.49 5.98
N SER B 17 -29.39 4.53 6.80
CA SER B 17 -29.22 5.88 6.26
C SER B 17 -28.45 6.78 7.22
N VAL B 18 -27.51 7.55 6.68
CA VAL B 18 -26.83 8.58 7.45
C VAL B 18 -27.46 9.94 7.21
N ARG B 19 -28.59 9.98 6.50
CA ARG B 19 -29.28 11.24 6.21
C ARG B 19 -29.58 12.09 7.45
N PRO B 20 -29.93 11.53 8.61
CA PRO B 20 -30.04 12.38 9.81
C PRO B 20 -28.83 13.27 10.04
N TYR B 21 -27.62 12.78 9.74
CA TYR B 21 -26.37 13.43 10.07
C TYR B 21 -25.82 14.30 8.94
N LEU B 22 -26.53 14.40 7.83
CA LEU B 22 -25.97 14.96 6.61
C LEU B 22 -25.48 16.39 6.81
N GLU B 23 -26.32 17.27 7.34
CA GLU B 23 -25.93 18.67 7.46
C GLU B 23 -24.76 18.85 8.41
N GLU B 24 -24.84 18.25 9.59
CA GLU B 24 -23.82 18.51 10.58
C GLU B 24 -22.47 17.88 10.18
N CYS B 25 -22.50 16.68 9.59
CA CYS B 25 -21.26 16.07 9.12
C CYS B 25 -20.65 16.88 7.97
N THR B 26 -21.49 17.39 7.07
CA THR B 26 -20.96 18.22 6.00
C THR B 26 -20.26 19.46 6.56
N ARG B 27 -20.94 20.17 7.47
CA ARG B 27 -20.34 21.31 8.15
C ARG B 27 -19.02 20.94 8.81
N ARG B 28 -19.00 19.80 9.51
CA ARG B 28 -17.80 19.40 10.25
C ARG B 28 -16.65 19.09 9.30
N PHE B 29 -16.92 18.31 8.24
CA PHE B 29 -15.91 18.11 7.20
C PHE B 29 -15.34 19.44 6.71
N GLN B 30 -16.24 20.35 6.31
CA GLN B 30 -15.77 21.61 5.76
C GLN B 30 -14.95 22.39 6.77
N GLU B 31 -15.37 22.40 8.03
CA GLU B 31 -14.61 23.14 9.03
C GLU B 31 -13.22 22.54 9.19
N MET B 32 -13.15 21.22 9.12
CA MET B 32 -11.86 20.54 9.24
C MET B 32 -10.93 20.98 8.12
N PHE B 33 -11.42 20.96 6.87
CA PHE B 33 -10.60 21.42 5.76
C PHE B 33 -10.18 22.88 5.95
N ASP B 34 -11.08 23.72 6.48
CA ASP B 34 -10.75 25.13 6.65
C ASP B 34 -9.68 25.36 7.70
N ARG B 35 -9.68 24.55 8.77
CA ARG B 35 -8.62 24.65 9.77
C ARG B 35 -7.30 24.07 9.27
N HIS B 36 -7.32 22.95 8.57
CA HIS B 36 -6.07 22.23 8.33
C HIS B 36 -5.54 22.31 6.90
N VAL B 37 -6.33 22.79 5.94
CA VAL B 37 -5.88 22.92 4.56
C VAL B 37 -6.03 24.35 4.07
N VAL B 38 -7.14 25.01 4.44
CA VAL B 38 -7.40 26.44 4.34
C VAL B 38 -7.91 26.82 2.96
N THR B 39 -7.08 26.70 1.92
CA THR B 39 -7.46 27.25 0.63
C THR B 39 -8.21 26.20 -0.18
N ARG B 40 -8.96 26.66 -1.16
CA ARG B 40 -9.83 25.77 -1.88
C ARG B 40 -9.07 24.98 -2.93
N PRO B 41 -9.54 23.78 -3.25
CA PRO B 41 -9.18 23.16 -4.54
C PRO B 41 -9.57 24.07 -5.69
N THR B 42 -9.26 23.61 -6.91
CA THR B 42 -9.51 24.36 -8.14
C THR B 42 -10.03 23.40 -9.21
N LYS B 43 -11.05 23.84 -9.95
CA LYS B 43 -11.54 23.04 -11.07
C LYS B 43 -10.58 23.23 -12.25
N VAL B 44 -10.30 22.14 -12.97
CA VAL B 44 -9.62 22.25 -14.25
C VAL B 44 -10.68 22.45 -15.32
N GLU B 45 -10.47 23.42 -16.20
CA GLU B 45 -11.36 23.65 -17.33
C GLU B 45 -10.78 22.94 -18.55
N LEU B 46 -11.61 22.17 -19.23
CA LEU B 46 -11.27 21.59 -20.51
C LEU B 46 -11.86 22.42 -21.65
N THR B 47 -11.08 22.56 -22.74
CA THR B 47 -11.66 23.03 -23.99
C THR B 47 -12.73 22.04 -24.43
N ASP B 48 -13.69 22.51 -25.21
CA ASP B 48 -14.79 21.62 -25.56
C ASP B 48 -14.31 20.48 -26.46
N ALA B 49 -13.30 20.73 -27.29
CA ALA B 49 -12.66 19.63 -28.02
C ALA B 49 -12.03 18.62 -27.06
N GLU B 50 -11.35 19.11 -26.02
CA GLU B 50 -10.70 18.21 -25.07
C GLU B 50 -11.75 17.41 -24.32
N LEU B 51 -12.87 18.04 -23.97
CA LEU B 51 -13.95 17.34 -23.28
C LEU B 51 -14.60 16.31 -24.19
N ARG B 52 -14.97 16.72 -25.41
CA ARG B 52 -15.56 15.78 -26.36
C ARG B 52 -14.64 14.60 -26.60
N GLU B 53 -13.34 14.84 -26.74
CA GLU B 53 -12.42 13.76 -27.04
C GLU B 53 -12.33 12.78 -25.87
N VAL B 54 -12.30 13.30 -24.65
CA VAL B 54 -12.29 12.42 -23.49
C VAL B 54 -13.51 11.51 -23.50
N ILE B 55 -14.68 12.08 -23.82
CA ILE B 55 -15.89 11.27 -23.82
C ILE B 55 -15.90 10.29 -25.00
N ASP B 56 -15.33 10.69 -26.16
CA ASP B 56 -15.18 9.70 -27.25
C ASP B 56 -14.30 8.54 -26.82
N ASP B 57 -13.16 8.82 -26.18
CA ASP B 57 -12.29 7.73 -25.70
C ASP B 57 -13.03 6.87 -24.67
N CYS B 58 -13.83 7.49 -23.79
CA CYS B 58 -14.63 6.71 -22.84
C CYS B 58 -15.61 5.79 -23.55
N ASN B 59 -16.42 6.35 -24.46
CA ASN B 59 -17.40 5.54 -25.17
C ASN B 59 -16.74 4.40 -25.93
N ALA B 60 -15.62 4.69 -26.59
CA ALA B 60 -14.92 3.64 -27.33
C ALA B 60 -14.47 2.52 -26.39
N ALA B 61 -14.02 2.89 -25.19
CA ALA B 61 -13.42 1.90 -24.30
C ALA B 61 -14.46 0.96 -23.70
N VAL B 62 -15.69 1.44 -23.50
CA VAL B 62 -16.72 0.58 -22.91
C VAL B 62 -17.69 0.05 -23.94
N ALA B 63 -17.58 0.48 -25.20
CA ALA B 63 -18.40 -0.06 -26.27
C ALA B 63 -18.34 -1.58 -26.38
N PRO B 64 -17.17 -2.23 -26.38
CA PRO B 64 -17.17 -3.71 -26.43
C PRO B 64 -17.98 -4.35 -25.32
N LEU B 65 -18.19 -3.67 -24.18
CA LEU B 65 -18.95 -4.28 -23.10
C LEU B 65 -20.45 -4.26 -23.35
N GLY B 66 -20.93 -3.46 -24.29
CA GLY B 66 -22.31 -3.55 -24.75
C GLY B 66 -23.28 -2.54 -24.17
N LYS B 67 -22.79 -1.56 -23.40
CA LYS B 67 -23.70 -0.65 -22.71
C LYS B 67 -23.45 0.79 -23.10
N THR B 68 -24.54 1.56 -23.12
CA THR B 68 -24.48 2.98 -23.40
C THR B 68 -24.42 3.76 -22.10
N VAL B 69 -23.48 4.69 -22.03
CA VAL B 69 -23.34 5.58 -20.88
C VAL B 69 -23.65 6.99 -21.35
N SER B 70 -24.60 7.66 -20.70
CA SER B 70 -25.00 9.00 -21.09
C SER B 70 -23.90 10.01 -20.79
N ASP B 71 -23.94 11.15 -21.49
CA ASP B 71 -22.94 12.18 -21.25
C ASP B 71 -23.02 12.69 -19.82
N GLU B 72 -24.22 12.82 -19.23
CA GLU B 72 -24.23 13.36 -17.88
C GLU B 72 -23.76 12.31 -16.87
N ARG B 73 -23.86 11.02 -17.22
CA ARG B 73 -23.22 10.00 -16.38
C ARG B 73 -21.70 10.13 -16.46
N TRP B 74 -21.15 10.25 -17.67
CA TRP B 74 -19.71 10.51 -17.80
C TRP B 74 -19.33 11.76 -17.05
N ILE B 75 -20.18 12.79 -17.10
CA ILE B 75 -19.93 14.03 -16.37
C ILE B 75 -19.81 13.76 -14.88
N SER B 76 -20.75 12.97 -14.35
CA SER B 76 -20.69 12.63 -12.93
C SER B 76 -19.36 11.97 -12.58
N TYR B 77 -18.92 11.01 -13.41
CA TYR B 77 -17.66 10.33 -13.15
C TYR B 77 -16.46 11.27 -13.25
N VAL B 78 -16.46 12.15 -14.26
CA VAL B 78 -15.23 12.86 -14.60
C VAL B 78 -14.93 14.00 -13.65
N GLY B 79 -15.95 14.52 -12.94
CA GLY B 79 -15.75 15.68 -12.09
C GLY B 79 -14.70 15.48 -11.01
N VAL B 80 -14.52 14.23 -10.54
CA VAL B 80 -13.52 14.02 -9.50
C VAL B 80 -12.14 14.37 -10.02
N VAL B 81 -11.86 14.08 -11.29
CA VAL B 81 -10.57 14.46 -11.84
C VAL B 81 -10.48 15.97 -12.01
N LEU B 82 -11.57 16.60 -12.46
CA LEU B 82 -11.55 18.05 -12.68
C LEU B 82 -11.35 18.81 -11.39
N TRP B 83 -11.87 18.30 -10.27
CA TRP B 83 -11.78 18.97 -8.97
C TRP B 83 -10.60 18.55 -8.11
N SER B 84 -10.03 17.37 -8.31
CA SER B 84 -9.13 16.80 -7.31
C SER B 84 -7.70 16.62 -7.80
N GLN B 85 -7.33 17.17 -8.95
CA GLN B 85 -5.94 17.31 -9.32
C GLN B 85 -5.46 18.67 -8.78
N SER B 86 -4.28 19.13 -9.19
CA SER B 86 -3.75 20.42 -8.71
C SER B 86 -3.42 21.29 -9.91
N PRO B 87 -4.37 22.12 -10.35
CA PRO B 87 -4.14 22.98 -11.53
C PRO B 87 -2.86 23.79 -11.46
N ARG B 88 -2.49 24.29 -10.28
CA ARG B 88 -1.33 25.17 -10.21
C ARG B 88 -0.04 24.44 -10.60
N HIS B 89 0.00 23.12 -10.42
CA HIS B 89 1.19 22.32 -10.66
C HIS B 89 1.15 21.57 -11.98
N ILE B 90 0.07 21.67 -12.75
CA ILE B 90 -0.08 20.80 -13.92
C ILE B 90 0.90 21.26 -15.01
N LYS B 91 1.82 20.38 -15.39
CA LYS B 91 2.67 20.62 -16.55
C LYS B 91 2.18 19.90 -17.80
N ASP B 92 1.56 18.73 -17.69
CA ASP B 92 1.27 17.90 -18.85
C ASP B 92 -0.24 17.66 -18.94
N MET B 93 -0.92 18.42 -19.82
CA MET B 93 -2.37 18.28 -19.95
C MET B 93 -2.78 17.01 -20.70
N GLU B 94 -1.88 16.40 -21.46
CA GLU B 94 -2.25 15.15 -22.11
C GLU B 94 -2.26 13.98 -21.13
N ALA B 95 -1.39 14.00 -20.11
CA ALA B 95 -1.52 13.03 -19.03
C ALA B 95 -2.78 13.28 -18.22
N PHE B 96 -3.16 14.55 -18.08
CA PHE B 96 -4.40 14.87 -17.37
C PHE B 96 -5.59 14.24 -18.08
N LYS B 97 -5.66 14.38 -19.41
CA LYS B 97 -6.75 13.79 -20.16
C LYS B 97 -6.77 12.28 -20.06
N ALA B 98 -5.60 11.63 -20.02
CA ALA B 98 -5.57 10.19 -19.77
C ALA B 98 -6.25 9.84 -18.46
N VAL B 99 -5.98 10.61 -17.40
CA VAL B 99 -6.57 10.30 -16.10
C VAL B 99 -8.07 10.50 -16.13
N CYS B 100 -8.55 11.52 -16.88
CA CYS B 100 -10.00 11.67 -17.06
C CYS B 100 -10.60 10.40 -17.65
N VAL B 101 -10.00 9.89 -18.72
CA VAL B 101 -10.56 8.73 -19.39
C VAL B 101 -10.45 7.49 -18.49
N LEU B 102 -9.27 7.26 -17.92
CA LEU B 102 -9.05 6.05 -17.13
C LEU B 102 -9.94 6.04 -15.90
N ASN B 103 -10.02 7.18 -15.21
CA ASN B 103 -10.96 7.30 -14.09
C ASN B 103 -12.36 6.90 -14.50
N CYS B 104 -12.86 7.46 -15.62
CA CYS B 104 -14.27 7.27 -15.96
C CYS B 104 -14.59 5.84 -16.35
N VAL B 105 -13.74 5.21 -17.17
CA VAL B 105 -14.11 3.88 -17.65
C VAL B 105 -14.00 2.85 -16.53
N THR B 106 -13.08 3.05 -15.58
CA THR B 106 -13.06 2.13 -14.45
C THR B 106 -14.16 2.43 -13.43
N PHE B 107 -14.70 3.66 -13.43
CA PHE B 107 -15.92 3.94 -12.67
C PHE B 107 -17.09 3.11 -13.20
N VAL B 108 -17.24 3.03 -14.52
CA VAL B 108 -18.26 2.17 -15.11
C VAL B 108 -18.09 0.73 -14.62
N TRP B 109 -16.86 0.23 -14.69
CA TRP B 109 -16.54 -1.11 -14.22
C TRP B 109 -16.97 -1.32 -12.77
N ASP B 110 -16.72 -0.31 -11.92
CA ASP B 110 -17.13 -0.32 -10.52
C ASP B 110 -18.65 -0.46 -10.37
N ASP B 111 -19.42 0.11 -11.31
CA ASP B 111 -20.88 0.10 -11.21
C ASP B 111 -21.52 -1.12 -11.89
N MET B 112 -20.74 -1.91 -12.62
CA MET B 112 -21.27 -2.99 -13.44
C MET B 112 -21.50 -4.27 -12.65
N ASP B 113 -22.61 -4.93 -12.97
CA ASP B 113 -22.72 -6.37 -12.80
C ASP B 113 -21.40 -7.03 -13.17
N PRO B 114 -20.90 -7.96 -12.36
CA PRO B 114 -19.65 -8.65 -12.73
C PRO B 114 -19.79 -9.54 -13.96
N ALA B 115 -21.03 -9.83 -14.38
CA ALA B 115 -21.26 -10.56 -15.62
C ALA B 115 -20.74 -9.83 -16.84
N LEU B 116 -20.72 -8.49 -16.82
CA LEU B 116 -20.23 -7.71 -17.95
C LEU B 116 -18.71 -7.53 -17.92
N HIS B 117 -18.02 -8.03 -16.89
CA HIS B 117 -16.58 -7.82 -16.76
C HIS B 117 -15.80 -8.76 -17.67
N ASP B 118 -15.43 -8.28 -18.85
CA ASP B 118 -14.66 -9.06 -19.83
C ASP B 118 -13.26 -8.44 -19.95
N PHE B 119 -12.29 -9.08 -19.31
CA PHE B 119 -10.92 -8.61 -19.39
C PHE B 119 -10.39 -8.72 -20.82
N GLY B 120 -10.77 -9.77 -21.54
CA GLY B 120 -10.30 -9.92 -22.91
C GLY B 120 -10.68 -8.75 -23.79
N LEU B 121 -11.88 -8.21 -23.59
CA LEU B 121 -12.33 -7.06 -24.36
C LEU B 121 -11.84 -5.75 -23.75
N PHE B 122 -11.78 -5.66 -22.42
CA PHE B 122 -11.55 -4.36 -21.80
C PHE B 122 -10.07 -4.02 -21.62
N LEU B 123 -9.24 -4.97 -21.16
CA LEU B 123 -7.83 -4.66 -20.98
C LEU B 123 -7.18 -4.06 -22.22
N PRO B 124 -7.42 -4.56 -23.46
CA PRO B 124 -6.82 -3.90 -24.63
C PRO B 124 -7.21 -2.43 -24.79
N GLN B 125 -8.45 -2.06 -24.48
CA GLN B 125 -8.82 -0.64 -24.51
C GLN B 125 -8.01 0.17 -23.50
N LEU B 126 -7.74 -0.42 -22.33
CA LEU B 126 -6.92 0.28 -21.34
C LEU B 126 -5.48 0.48 -21.84
N ARG B 127 -4.89 -0.52 -22.51
CA ARG B 127 -3.57 -0.29 -23.11
C ARG B 127 -3.64 0.78 -24.20
N LYS B 128 -4.64 0.70 -25.08
CA LYS B 128 -4.86 1.76 -26.07
C LYS B 128 -4.78 3.13 -25.43
N ILE B 129 -5.55 3.35 -24.36
CA ILE B 129 -5.61 4.67 -23.74
C ILE B 129 -4.24 5.06 -23.21
N CYS B 130 -3.57 4.15 -22.48
CA CYS B 130 -2.30 4.49 -21.87
C CYS B 130 -1.24 4.76 -22.92
N GLU B 131 -1.40 4.17 -24.11
CA GLU B 131 -0.44 4.39 -25.18
C GLU B 131 -0.72 5.66 -25.96
N LYS B 132 -2.00 6.05 -26.05
CA LYS B 132 -2.34 7.33 -26.66
C LYS B 132 -1.69 8.50 -25.93
N TYR B 133 -1.60 8.42 -24.60
CA TYR B 133 -1.30 9.60 -23.79
C TYR B 133 0.02 9.55 -23.01
N TYR B 134 0.62 8.38 -22.79
CA TYR B 134 1.80 8.29 -21.96
C TYR B 134 3.03 7.81 -22.73
N GLY B 135 4.21 8.11 -22.17
CA GLY B 135 5.47 7.56 -22.63
C GLY B 135 5.52 6.07 -22.36
N PRO B 136 6.37 5.36 -23.11
CA PRO B 136 6.35 3.88 -23.06
C PRO B 136 6.45 3.29 -21.66
N GLU B 137 7.20 3.93 -20.75
CA GLU B 137 7.31 3.39 -19.39
C GLU B 137 6.18 3.90 -18.48
N ASP B 138 5.86 5.20 -18.54
CA ASP B 138 4.67 5.70 -17.83
C ASP B 138 3.42 4.90 -18.23
N ALA B 139 3.36 4.46 -19.49
CA ALA B 139 2.18 3.76 -19.98
C ALA B 139 2.07 2.35 -19.41
N GLU B 140 3.21 1.68 -19.21
CA GLU B 140 3.11 0.35 -18.65
C GLU B 140 2.70 0.42 -17.18
N VAL B 141 3.11 1.48 -16.48
CA VAL B 141 2.70 1.65 -15.09
C VAL B 141 1.21 1.95 -15.02
N ALA B 142 0.75 2.98 -15.74
CA ALA B 142 -0.68 3.31 -15.73
C ALA B 142 -1.52 2.11 -16.15
N TYR B 143 -1.08 1.37 -17.17
CA TYR B 143 -1.81 0.17 -17.54
C TYR B 143 -1.83 -0.87 -16.41
N GLU B 144 -0.67 -1.19 -15.82
CA GLU B 144 -0.66 -2.19 -14.73
C GLU B 144 -1.57 -1.76 -13.58
N ALA B 145 -1.55 -0.47 -13.24
CA ALA B 145 -2.41 -0.01 -12.16
C ALA B 145 -3.89 -0.14 -12.53
N ALA B 146 -4.25 0.18 -13.78
CA ALA B 146 -5.65 0.05 -14.18
C ALA B 146 -6.09 -1.41 -14.17
N ARG B 147 -5.26 -2.29 -14.75
CA ARG B 147 -5.50 -3.73 -14.71
C ARG B 147 -5.65 -4.22 -13.28
N ALA B 148 -4.71 -3.88 -12.41
CA ALA B 148 -4.78 -4.33 -11.02
C ALA B 148 -6.06 -3.83 -10.35
N PHE B 149 -6.48 -2.59 -10.64
CA PHE B 149 -7.72 -2.13 -10.02
C PHE B 149 -8.92 -2.92 -10.53
N VAL B 150 -9.06 -3.06 -11.85
CA VAL B 150 -10.27 -3.72 -12.34
C VAL B 150 -10.26 -5.20 -11.95
N THR B 151 -9.09 -5.81 -11.86
CA THR B 151 -9.01 -7.18 -11.37
C THR B 151 -9.39 -7.27 -9.90
N SER B 152 -8.93 -6.32 -9.09
CA SER B 152 -9.33 -6.24 -7.69
C SER B 152 -10.84 -6.07 -7.54
N ASP B 153 -11.41 -5.07 -8.23
CA ASP B 153 -12.85 -4.86 -8.11
C ASP B 153 -13.63 -6.11 -8.49
N HIS B 154 -13.12 -6.86 -9.48
CA HIS B 154 -13.80 -8.09 -9.90
C HIS B 154 -13.65 -9.19 -8.86
N MET B 155 -12.39 -9.53 -8.53
CA MET B 155 -12.14 -10.72 -7.73
C MET B 155 -12.70 -10.60 -6.32
N PHE B 156 -12.93 -9.37 -5.84
CA PHE B 156 -13.41 -9.19 -4.48
C PHE B 156 -14.92 -9.05 -4.36
N ARG B 157 -15.67 -9.08 -5.47
CA ARG B 157 -17.07 -8.68 -5.47
C ARG B 157 -17.84 -9.20 -4.26
N ASP B 158 -18.11 -10.50 -4.24
CA ASP B 158 -18.81 -11.16 -3.14
C ASP B 158 -17.87 -12.05 -2.35
N SER B 159 -16.71 -11.51 -1.99
CA SER B 159 -15.66 -12.41 -1.51
C SER B 159 -15.59 -12.44 0.02
N PRO B 160 -15.32 -13.61 0.59
CA PRO B 160 -15.11 -13.68 2.05
C PRO B 160 -13.90 -12.86 2.52
N ILE B 161 -12.88 -12.69 1.67
CA ILE B 161 -11.77 -11.82 2.03
C ILE B 161 -12.27 -10.39 2.26
N LYS B 162 -13.08 -9.89 1.34
CA LYS B 162 -13.62 -8.54 1.53
C LYS B 162 -14.43 -8.44 2.82
N ALA B 163 -15.24 -9.46 3.11
CA ALA B 163 -16.04 -9.42 4.33
C ALA B 163 -15.15 -9.36 5.56
N ALA B 164 -14.05 -10.12 5.56
CA ALA B 164 -13.13 -10.06 6.68
C ALA B 164 -12.54 -8.67 6.83
N LEU B 165 -11.97 -8.10 5.74
CA LEU B 165 -11.31 -6.81 5.87
C LEU B 165 -12.31 -5.67 6.12
N CYS B 166 -13.59 -5.88 5.79
CA CYS B 166 -14.61 -4.83 5.96
C CYS B 166 -15.50 -5.02 7.17
N THR B 167 -15.23 -6.00 8.03
CA THR B 167 -16.02 -6.17 9.24
C THR B 167 -15.16 -6.29 10.49
N THR B 168 -13.84 -6.10 10.39
CA THR B 168 -12.94 -6.36 11.51
C THR B 168 -12.55 -5.09 12.28
N SER B 169 -11.94 -4.13 11.61
CA SER B 169 -11.51 -2.89 12.26
C SER B 169 -11.39 -1.81 11.21
N PRO B 170 -11.31 -0.53 11.62
CA PRO B 170 -10.98 0.50 10.62
C PRO B 170 -9.61 0.28 9.99
N GLU B 171 -8.64 -0.22 10.75
CA GLU B 171 -7.31 -0.55 10.21
C GLU B 171 -7.39 -1.56 9.07
N GLN B 172 -8.15 -2.65 9.24
CA GLN B 172 -8.23 -3.64 8.16
C GLN B 172 -8.95 -3.03 6.96
N TYR B 173 -10.01 -2.28 7.23
CA TYR B 173 -10.82 -1.73 6.14
C TYR B 173 -10.02 -0.78 5.27
N PHE B 174 -9.34 0.20 5.87
CA PHE B 174 -8.62 1.16 5.04
C PHE B 174 -7.47 0.50 4.29
N ARG B 175 -6.90 -0.55 4.87
CA ARG B 175 -5.94 -1.38 4.16
C ARG B 175 -6.51 -1.89 2.85
N PHE B 176 -7.74 -2.40 2.87
CA PHE B 176 -8.39 -2.83 1.64
C PHE B 176 -8.57 -1.67 0.65
N ARG B 177 -8.87 -0.48 1.18
CA ARG B 177 -9.27 0.62 0.31
C ARG B 177 -8.10 1.29 -0.37
N VAL B 178 -6.86 1.08 0.09
CA VAL B 178 -5.73 1.65 -0.64
C VAL B 178 -5.82 1.28 -2.11
N THR B 179 -6.19 0.04 -2.40
CA THR B 179 -6.43 -0.40 -3.78
C THR B 179 -7.88 -0.18 -4.20
N ASP B 180 -8.83 -0.60 -3.36
CA ASP B 180 -10.22 -0.69 -3.82
C ASP B 180 -10.85 0.66 -4.10
N ILE B 181 -10.48 1.72 -3.37
CA ILE B 181 -11.03 3.01 -3.75
C ILE B 181 -10.32 3.58 -4.96
N GLY B 182 -9.31 2.91 -5.50
CA GLY B 182 -8.66 3.37 -6.72
C GLY B 182 -7.57 4.40 -6.54
N VAL B 183 -7.20 4.74 -5.30
CA VAL B 183 -6.24 5.83 -5.12
C VAL B 183 -4.83 5.43 -5.52
N ASP B 184 -4.41 4.19 -5.30
CA ASP B 184 -3.08 3.81 -5.78
C ASP B 184 -3.02 3.91 -7.29
N PHE B 185 -4.06 3.43 -7.96
CA PHE B 185 -4.20 3.55 -9.41
C PHE B 185 -4.13 5.02 -9.82
N TRP B 186 -4.92 5.86 -9.13
CA TRP B 186 -4.92 7.30 -9.38
C TRP B 186 -3.53 7.89 -9.35
N MET B 187 -2.75 7.57 -8.31
CA MET B 187 -1.41 8.15 -8.20
C MET B 187 -0.52 7.66 -9.34
N LYS B 188 -0.61 6.37 -9.68
CA LYS B 188 0.29 5.81 -10.67
C LYS B 188 -0.11 6.18 -12.10
N MET B 189 -1.27 6.81 -12.30
CA MET B 189 -1.58 7.37 -13.60
C MET B 189 -1.50 8.90 -13.62
N SER B 190 -1.42 9.54 -12.45
CA SER B 190 -1.38 10.99 -12.35
C SER B 190 0.01 11.58 -12.28
N TYR B 191 1.03 10.82 -11.86
CA TYR B 191 2.35 11.43 -11.75
C TYR B 191 2.86 11.99 -13.07
N PRO B 192 2.59 11.42 -14.25
CA PRO B 192 3.04 12.11 -15.47
C PRO B 192 2.42 13.49 -15.66
N ILE B 193 1.31 13.80 -15.01
CA ILE B 193 0.70 15.14 -15.13
C ILE B 193 1.69 16.20 -14.65
N TYR B 194 2.45 15.89 -13.60
CA TYR B 194 3.23 16.87 -12.87
C TYR B 194 4.72 16.84 -13.23
N ARG B 195 5.27 15.67 -13.55
CA ARG B 195 6.70 15.52 -13.84
C ARG B 195 7.54 16.04 -12.68
N HIS B 196 7.12 15.67 -11.48
CA HIS B 196 7.79 16.11 -10.27
C HIS B 196 8.49 14.90 -9.66
N PRO B 197 9.83 14.90 -9.58
CA PRO B 197 10.54 13.66 -9.22
C PRO B 197 10.07 13.02 -7.93
N GLU B 198 9.92 13.82 -6.87
CA GLU B 198 9.53 13.26 -5.59
C GLU B 198 8.11 12.71 -5.62
N PHE B 199 7.20 13.37 -6.36
CA PHE B 199 5.82 12.86 -6.40
C PHE B 199 5.75 11.54 -7.15
N THR B 200 6.44 11.45 -8.29
CA THR B 200 6.57 10.19 -9.02
C THR B 200 7.09 9.08 -8.11
N GLU B 201 8.05 9.40 -7.24
CA GLU B 201 8.56 8.39 -6.34
C GLU B 201 7.52 7.96 -5.32
N HIS B 202 6.86 8.93 -4.66
CA HIS B 202 5.83 8.58 -3.69
C HIS B 202 4.67 7.83 -4.35
N ALA B 203 4.40 8.14 -5.62
CA ALA B 203 3.36 7.41 -6.35
C ALA B 203 3.77 5.97 -6.55
N LYS B 204 5.01 5.74 -6.97
CA LYS B 204 5.40 4.39 -7.32
C LYS B 204 5.64 3.49 -6.11
N THR B 205 5.98 4.06 -4.95
CA THR B 205 6.05 3.27 -3.72
C THR B 205 4.67 3.03 -3.10
N SER B 206 3.65 3.76 -3.56
CA SER B 206 2.29 3.78 -3.00
C SER B 206 2.20 4.52 -1.67
N LEU B 207 3.30 5.12 -1.18
CA LEU B 207 3.19 5.98 -0.01
C LEU B 207 2.20 7.12 -0.25
N ALA B 208 2.16 7.63 -1.48
CA ALA B 208 1.20 8.68 -1.82
C ALA B 208 -0.22 8.19 -1.60
N ALA B 209 -0.54 7.01 -2.11
CA ALA B 209 -1.85 6.42 -1.90
C ALA B 209 -2.12 6.17 -0.41
N ARG B 210 -1.13 5.62 0.30
CA ARG B 210 -1.37 5.31 1.69
C ARG B 210 -1.67 6.57 2.50
N MET B 211 -1.07 7.72 2.15
CA MET B 211 -1.30 8.94 2.93
C MET B 211 -2.68 9.53 2.67
N THR B 212 -3.27 9.26 1.50
CA THR B 212 -4.51 9.92 1.10
C THR B 212 -5.74 9.02 1.19
N THR B 213 -5.53 7.74 1.49
CA THR B 213 -6.62 6.77 1.46
C THR B 213 -7.73 7.12 2.45
N ARG B 214 -7.37 7.44 3.69
CA ARG B 214 -8.43 7.67 4.67
C ARG B 214 -9.24 8.93 4.35
N GLY B 215 -8.56 9.99 3.94
CA GLY B 215 -9.26 11.23 3.61
C GLY B 215 -10.25 11.05 2.48
N LEU B 216 -9.84 10.32 1.43
CA LEU B 216 -10.76 10.03 0.32
C LEU B 216 -11.89 9.11 0.77
N THR B 217 -11.54 8.04 1.49
CA THR B 217 -12.51 6.99 1.76
C THR B 217 -13.57 7.43 2.77
N ILE B 218 -13.16 8.12 3.82
CA ILE B 218 -14.12 8.52 4.84
C ILE B 218 -15.20 9.41 4.23
N VAL B 219 -14.78 10.34 3.37
CA VAL B 219 -15.72 11.22 2.68
C VAL B 219 -16.59 10.42 1.72
N ASN B 220 -15.96 9.58 0.87
CA ASN B 220 -16.77 8.78 -0.06
C ASN B 220 -17.78 7.92 0.69
N ASP B 221 -17.33 7.25 1.76
CA ASP B 221 -18.20 6.34 2.48
C ASP B 221 -19.40 7.06 3.06
N PHE B 222 -19.19 8.25 3.63
CA PHE B 222 -20.30 8.93 4.27
C PHE B 222 -21.40 9.22 3.27
N TYR B 223 -21.01 9.74 2.11
CA TYR B 223 -22.00 10.18 1.15
C TYR B 223 -22.49 9.07 0.22
N SER B 224 -21.83 7.91 0.18
CA SER B 224 -22.32 6.81 -0.63
C SER B 224 -22.95 5.70 0.22
N TYR B 225 -23.00 5.89 1.54
CA TYR B 225 -23.54 4.89 2.46
C TYR B 225 -24.96 4.45 2.07
N ASP B 226 -25.85 5.40 1.80
CA ASP B 226 -27.24 5.02 1.57
C ASP B 226 -27.38 4.14 0.33
N ARG B 227 -26.71 4.51 -0.76
CA ARG B 227 -26.78 3.70 -1.96
C ARG B 227 -26.16 2.32 -1.71
N GLU B 228 -24.98 2.29 -1.10
CA GLU B 228 -24.29 1.01 -0.94
C GLU B 228 -25.07 0.08 -0.02
N VAL B 229 -25.67 0.62 1.03
CA VAL B 229 -26.45 -0.23 1.92
C VAL B 229 -27.71 -0.74 1.21
N SER B 230 -28.34 0.09 0.37
CA SER B 230 -29.51 -0.41 -0.37
C SER B 230 -29.13 -1.53 -1.35
N LEU B 231 -27.90 -1.53 -1.85
CA LEU B 231 -27.44 -2.56 -2.77
C LEU B 231 -26.78 -3.75 -2.06
N GLY B 232 -26.70 -3.72 -0.74
CA GLY B 232 -26.04 -4.79 0.00
C GLY B 232 -24.54 -4.78 -0.11
N GLN B 233 -23.95 -3.70 -0.61
CA GLN B 233 -22.50 -3.58 -0.65
C GLN B 233 -21.96 -3.35 0.76
N ILE B 234 -20.82 -3.95 1.08
CA ILE B 234 -20.28 -3.91 2.44
C ILE B 234 -19.06 -3.03 2.56
N THR B 235 -18.54 -2.51 1.46
CA THR B 235 -17.28 -1.77 1.49
C THR B 235 -17.55 -0.30 1.87
N ASN B 236 -17.71 -0.08 3.18
CA ASN B 236 -18.03 1.24 3.72
C ASN B 236 -17.76 1.28 5.21
N CYS B 237 -16.90 2.19 5.68
CA CYS B 237 -16.48 2.13 7.08
C CYS B 237 -17.62 2.45 8.05
N PHE B 238 -18.65 3.18 7.63
CA PHE B 238 -19.71 3.43 8.60
C PHE B 238 -20.57 2.20 8.87
N ARG B 239 -20.41 1.11 8.10
CA ARG B 239 -21.03 -0.15 8.50
C ARG B 239 -20.35 -0.74 9.73
N LEU B 240 -19.19 -0.21 10.12
CA LEU B 240 -18.54 -0.61 11.37
C LEU B 240 -19.22 -0.07 12.62
N CYS B 241 -19.85 1.11 12.57
CA CYS B 241 -20.52 1.63 13.74
C CYS B 241 -22.01 1.46 13.58
N ASP B 242 -22.73 1.67 14.67
CA ASP B 242 -24.18 1.58 14.65
C ASP B 242 -24.72 2.96 14.30
N VAL B 243 -25.01 3.18 13.01
CA VAL B 243 -25.47 4.50 12.61
C VAL B 243 -26.88 4.81 13.13
N SER B 244 -27.63 3.80 13.58
CA SER B 244 -28.93 4.10 14.19
C SER B 244 -28.81 4.64 15.61
N ASP B 245 -27.61 4.60 16.19
CA ASP B 245 -27.36 5.07 17.55
C ASP B 245 -26.56 6.36 17.42
N GLU B 246 -27.24 7.49 17.65
CA GLU B 246 -26.63 8.78 17.36
C GLU B 246 -25.31 8.96 18.13
N THR B 247 -25.28 8.56 19.39
CA THR B 247 -24.08 8.78 20.19
C THR B 247 -22.93 7.88 19.71
N ALA B 248 -23.24 6.65 19.34
CA ALA B 248 -22.20 5.78 18.77
C ALA B 248 -21.71 6.33 17.43
N PHE B 249 -22.63 6.84 16.61
CA PHE B 249 -22.24 7.40 15.31
C PHE B 249 -21.29 8.59 15.47
N LYS B 250 -21.63 9.53 16.35
CA LYS B 250 -20.80 10.72 16.45
C LYS B 250 -19.43 10.40 17.02
N GLU B 251 -19.35 9.41 17.92
CA GLU B 251 -18.05 8.98 18.42
C GLU B 251 -17.20 8.39 17.30
N PHE B 252 -17.80 7.52 16.49
CA PHE B 252 -17.12 6.96 15.33
C PHE B 252 -16.72 8.07 14.34
N PHE B 253 -17.65 9.01 14.10
CA PHE B 253 -17.36 10.04 13.12
C PHE B 253 -16.20 10.92 13.56
N GLN B 254 -16.15 11.31 14.84
CA GLN B 254 -15.02 12.10 15.30
C GLN B 254 -13.73 11.30 15.22
N ALA B 255 -13.80 9.99 15.50
CA ALA B 255 -12.60 9.16 15.31
C ALA B 255 -12.13 9.21 13.86
N ARG B 256 -13.07 9.26 12.91
CA ARG B 256 -12.69 9.32 11.50
C ARG B 256 -12.17 10.72 11.13
N LEU B 257 -12.77 11.79 11.67
CA LEU B 257 -12.21 13.13 11.45
C LEU B 257 -10.79 13.21 12.00
N ASP B 258 -10.56 12.61 13.18
CA ASP B 258 -9.22 12.57 13.76
C ASP B 258 -8.23 11.87 12.82
N ASP B 259 -8.64 10.75 12.21
CA ASP B 259 -7.81 10.09 11.20
C ASP B 259 -7.42 11.06 10.09
N MET B 260 -8.42 11.80 9.59
CA MET B 260 -8.17 12.71 8.48
C MET B 260 -7.18 13.79 8.87
N ILE B 261 -7.37 14.37 10.06
CA ILE B 261 -6.50 15.43 10.54
C ILE B 261 -5.08 14.92 10.68
N GLU B 262 -4.93 13.75 11.30
CA GLU B 262 -3.62 13.15 11.44
C GLU B 262 -2.91 13.05 10.09
N ASP B 263 -3.58 12.47 9.08
CA ASP B 263 -2.98 12.33 7.76
C ASP B 263 -2.61 13.69 7.16
N ILE B 264 -3.52 14.65 7.24
CA ILE B 264 -3.26 15.96 6.64
C ILE B 264 -2.04 16.61 7.27
N GLU B 265 -1.92 16.54 8.60
CA GLU B 265 -0.75 17.06 9.30
C GLU B 265 0.55 16.45 8.79
N CYS B 266 0.63 15.11 8.73
CA CYS B 266 1.83 14.47 8.21
C CYS B 266 2.06 14.78 6.73
N ILE B 267 0.99 14.90 5.94
CA ILE B 267 1.17 15.27 4.54
C ILE B 267 1.91 16.61 4.43
N LYS B 268 1.76 17.49 5.42
CA LYS B 268 2.46 18.79 5.38
C LYS B 268 3.97 18.66 5.53
N ALA B 269 4.49 17.47 5.85
CA ALA B 269 5.93 17.25 5.86
C ALA B 269 6.50 16.95 4.48
N PHE B 270 5.66 16.61 3.50
CA PHE B 270 6.18 16.33 2.18
C PHE B 270 6.60 17.63 1.50
N ASP B 271 7.26 17.50 0.35
CA ASP B 271 7.71 18.67 -0.40
C ASP B 271 6.50 19.47 -0.82
N GLN B 272 6.75 20.76 -1.11
CA GLN B 272 5.67 21.71 -1.32
C GLN B 272 4.72 21.28 -2.42
N LEU B 273 5.26 20.83 -3.56
CA LEU B 273 4.39 20.43 -4.66
C LEU B 273 3.60 19.19 -4.30
N THR B 274 4.28 18.19 -3.73
CA THR B 274 3.61 16.94 -3.39
C THR B 274 2.47 17.17 -2.40
N GLN B 275 2.70 17.98 -1.36
CA GLN B 275 1.64 18.18 -0.37
C GLN B 275 0.47 18.93 -0.96
N ASP B 276 0.70 19.90 -1.84
CA ASP B 276 -0.42 20.57 -2.48
C ASP B 276 -1.21 19.55 -3.31
N VAL B 277 -0.52 18.61 -3.95
CA VAL B 277 -1.22 17.60 -4.76
C VAL B 277 -2.04 16.67 -3.86
N PHE B 278 -1.45 16.18 -2.78
CA PHE B 278 -2.19 15.32 -1.86
C PHE B 278 -3.42 16.03 -1.30
N LEU B 279 -3.24 17.29 -0.87
CA LEU B 279 -4.34 17.99 -0.21
C LEU B 279 -5.44 18.38 -1.20
N ASP B 280 -5.06 18.77 -2.43
CA ASP B 280 -6.09 19.07 -3.44
C ASP B 280 -6.88 17.81 -3.75
N LEU B 281 -6.24 16.64 -3.69
CA LEU B 281 -6.96 15.41 -3.93
C LEU B 281 -8.01 15.16 -2.85
N ILE B 282 -7.62 15.26 -1.58
CA ILE B 282 -8.55 14.98 -0.50
C ILE B 282 -9.65 16.04 -0.47
N TYR B 283 -9.27 17.31 -0.53
CA TYR B 283 -10.26 18.36 -0.40
C TYR B 283 -11.10 18.47 -1.67
N GLY B 284 -10.48 18.33 -2.85
CA GLY B 284 -11.25 18.32 -4.08
C GLY B 284 -12.25 17.19 -4.14
N ASN B 285 -11.87 16.01 -3.65
CA ASN B 285 -12.83 14.91 -3.65
C ASN B 285 -14.05 15.26 -2.80
N PHE B 286 -13.84 15.98 -1.71
CA PHE B 286 -14.96 16.38 -0.87
C PHE B 286 -15.85 17.39 -1.58
N VAL B 287 -15.25 18.37 -2.25
CA VAL B 287 -16.08 19.36 -2.97
C VAL B 287 -16.89 18.68 -4.07
N TRP B 288 -16.22 17.81 -4.83
CA TRP B 288 -16.90 17.08 -5.90
C TRP B 288 -18.00 16.17 -5.36
N THR B 289 -17.69 15.42 -4.29
CA THR B 289 -18.66 14.47 -3.75
C THR B 289 -19.94 15.18 -3.31
N THR B 290 -19.81 16.35 -2.69
CA THR B 290 -20.97 17.05 -2.16
C THR B 290 -21.71 17.84 -3.23
N SER B 291 -21.14 17.97 -4.42
CA SER B 291 -21.76 18.69 -5.52
C SER B 291 -22.33 17.78 -6.59
N ASN B 292 -22.29 16.47 -6.39
CA ASN B 292 -22.48 15.50 -7.45
C ASN B 292 -23.74 14.67 -7.19
N LYS B 293 -24.62 14.63 -8.19
CA LYS B 293 -25.85 13.85 -8.12
C LYS B 293 -25.60 12.39 -7.73
N ARG B 294 -24.42 11.86 -8.08
CA ARG B 294 -24.06 10.51 -7.69
C ARG B 294 -24.27 10.23 -6.20
N TYR B 295 -23.99 11.22 -5.36
CA TYR B 295 -23.95 11.04 -3.91
C TYR B 295 -25.08 11.74 -3.18
N LYS B 296 -26.21 11.98 -3.85
CA LYS B 296 -27.35 12.65 -3.25
C LYS B 296 -28.58 11.77 -3.16
N THR B 297 -28.59 10.63 -3.85
CA THR B 297 -29.73 9.73 -3.83
C THR B 297 -29.24 8.29 -3.80
N ALA B 298 -30.17 7.38 -3.49
CA ALA B 298 -29.83 5.96 -3.48
C ALA B 298 -29.67 5.42 -4.90
N VAL B 299 -30.69 5.63 -5.74
CA VAL B 299 -30.65 5.27 -7.16
C VAL B 299 -31.00 6.51 -7.97
N ASN B 300 -30.33 6.70 -9.09
CA ASN B 300 -30.71 7.73 -10.05
C ASN B 300 -30.02 7.43 -11.38
N ASP B 301 -30.14 8.36 -12.33
CA ASP B 301 -29.67 8.17 -13.70
C ASP B 301 -28.15 8.12 -13.82
N VAL B 302 -27.42 8.30 -12.72
CA VAL B 302 -25.95 8.28 -12.77
C VAL B 302 -25.32 7.40 -11.69
N ASN B 303 -26.06 6.50 -11.04
CA ASN B 303 -25.46 5.46 -10.20
C ASN B 303 -26.35 4.24 -10.08
N SER B 304 -27.27 4.07 -11.01
CA SER B 304 -28.20 2.95 -11.01
C SER B 304 -27.50 1.62 -11.27
N ARG B 305 -27.96 0.60 -10.55
CA ARG B 305 -27.94 -0.76 -11.06
C ARG B 305 -29.32 -1.13 -11.62
N ILE B 306 -29.33 -1.59 -12.86
CA ILE B 306 -30.54 -1.92 -13.60
C ILE B 306 -30.98 -3.32 -13.16
N GLN B 307 -31.37 -3.47 -11.90
CA GLN B 307 -31.30 -4.78 -11.24
C GLN B 307 -32.55 -5.64 -11.45
N ALA B 308 -32.32 -6.85 -11.98
CA ALA B 308 -33.28 -7.96 -12.07
C ALA B 308 -32.73 -9.03 -13.01
N GLY A 14 16.27 2.80 31.45
CA GLY A 14 17.16 3.90 31.10
C GLY A 14 17.16 4.27 29.63
N ARG A 15 16.19 3.73 28.89
CA ARG A 15 15.68 4.24 27.61
C ARG A 15 16.47 3.80 26.36
N SER A 16 17.78 3.75 26.41
CA SER A 16 18.53 3.32 25.24
C SER A 16 18.53 1.81 25.02
N SER A 17 17.66 1.05 25.66
CA SER A 17 17.73 -0.40 25.45
C SER A 17 16.40 -1.05 25.83
N VAL A 18 16.09 -2.15 25.16
CA VAL A 18 14.99 -3.01 25.57
C VAL A 18 15.50 -4.31 26.18
N ARG A 19 16.80 -4.39 26.51
CA ARG A 19 17.37 -5.56 27.16
C ARG A 19 16.58 -6.11 28.34
N PRO A 20 16.13 -5.31 29.30
CA PRO A 20 15.36 -5.89 30.43
C PRO A 20 14.21 -6.77 30.00
N TYR A 21 13.60 -6.52 28.84
CA TYR A 21 12.40 -7.23 28.42
C TYR A 21 12.67 -8.36 27.41
N LEU A 22 13.93 -8.62 27.11
CA LEU A 22 14.24 -9.51 25.99
C LEU A 22 13.61 -10.90 26.18
N GLU A 23 13.79 -11.51 27.34
CA GLU A 23 13.31 -12.87 27.52
C GLU A 23 11.79 -12.94 27.53
N GLU A 24 11.13 -12.04 28.28
CA GLU A 24 9.67 -12.10 28.38
C GLU A 24 9.02 -11.79 27.05
N CYS A 25 9.52 -10.79 26.32
CA CYS A 25 8.95 -10.47 25.02
C CYS A 25 9.17 -11.61 24.03
N THR A 26 10.34 -12.26 24.09
CA THR A 26 10.58 -13.38 23.19
C THR A 26 9.55 -14.47 23.42
N ARG A 27 9.33 -14.87 24.67
CA ARG A 27 8.39 -15.97 24.88
C ARG A 27 6.95 -15.52 24.59
N ARG A 28 6.67 -14.22 24.75
CA ARG A 28 5.32 -13.75 24.42
C ARG A 28 5.07 -13.80 22.91
N PHE A 29 6.02 -13.33 22.10
CA PHE A 29 5.95 -13.52 20.65
C PHE A 29 5.69 -14.98 20.29
N GLN A 30 6.51 -15.88 20.85
CA GLN A 30 6.39 -17.28 20.47
C GLN A 30 5.04 -17.86 20.88
N GLU A 31 4.58 -17.53 22.10
CA GLU A 31 3.26 -17.95 22.55
C GLU A 31 2.19 -17.51 21.57
N MET A 32 2.29 -16.24 21.15
CA MET A 32 1.32 -15.68 20.21
C MET A 32 1.30 -16.50 18.92
N PHE A 33 2.48 -16.77 18.35
CA PHE A 33 2.54 -17.60 17.16
C PHE A 33 1.94 -18.98 17.39
N ASP A 34 2.19 -19.58 18.57
CA ASP A 34 1.65 -20.92 18.82
C ASP A 34 0.15 -20.90 18.96
N ARG A 35 -0.42 -19.80 19.45
CA ARG A 35 -1.87 -19.75 19.59
C ARG A 35 -2.56 -19.56 18.25
N HIS A 36 -1.97 -18.73 17.38
CA HIS A 36 -2.69 -18.16 16.24
C HIS A 36 -2.20 -18.66 14.89
N VAL A 37 -0.95 -19.10 14.78
CA VAL A 37 -0.44 -19.72 13.56
C VAL A 37 -0.31 -21.22 13.72
N VAL A 38 0.29 -21.67 14.84
CA VAL A 38 0.50 -23.07 15.22
C VAL A 38 1.53 -23.75 14.31
N THR A 39 1.36 -23.63 12.99
CA THR A 39 2.25 -24.29 12.06
C THR A 39 3.62 -23.60 12.05
N ARG A 40 4.67 -24.40 12.29
CA ARG A 40 6.05 -23.93 12.34
C ARG A 40 6.54 -23.52 10.94
N PRO A 41 7.28 -22.42 10.84
CA PRO A 41 7.98 -22.16 9.58
C PRO A 41 9.02 -23.25 9.34
N THR A 42 9.44 -23.39 8.09
CA THR A 42 10.37 -24.45 7.73
C THR A 42 11.47 -23.89 6.84
N LYS A 43 12.72 -24.18 7.19
CA LYS A 43 13.84 -23.59 6.49
C LYS A 43 14.02 -24.27 5.15
N VAL A 44 14.59 -23.55 4.19
CA VAL A 44 15.07 -24.19 2.97
C VAL A 44 16.55 -24.56 3.19
N GLU A 45 16.88 -25.83 2.99
CA GLU A 45 18.27 -26.28 2.98
C GLU A 45 18.86 -25.96 1.62
N LEU A 46 19.92 -25.16 1.58
CA LEU A 46 20.58 -24.94 0.31
C LEU A 46 21.82 -25.82 0.21
N THR A 47 21.93 -26.53 -0.92
CA THR A 47 23.18 -27.19 -1.27
C THR A 47 24.24 -26.16 -1.57
N ASP A 48 25.51 -26.58 -1.47
CA ASP A 48 26.60 -25.66 -1.77
C ASP A 48 26.43 -25.07 -3.18
N ALA A 49 25.99 -25.88 -4.14
CA ALA A 49 25.83 -25.39 -5.51
C ALA A 49 24.94 -24.15 -5.58
N GLU A 50 23.68 -24.27 -5.14
CA GLU A 50 22.78 -23.12 -5.17
C GLU A 50 23.31 -21.99 -4.30
N LEU A 51 23.87 -22.33 -3.14
CA LEU A 51 24.31 -21.31 -2.20
C LEU A 51 25.48 -20.51 -2.76
N ARG A 52 26.40 -21.17 -3.47
CA ARG A 52 27.54 -20.43 -3.98
C ARG A 52 27.17 -19.63 -5.21
N GLU A 53 26.22 -20.12 -6.01
CA GLU A 53 25.65 -19.28 -7.05
C GLU A 53 25.08 -18.00 -6.46
N VAL A 54 24.45 -18.10 -5.28
CA VAL A 54 23.85 -16.94 -4.64
C VAL A 54 24.94 -15.97 -4.16
N ILE A 55 25.91 -16.49 -3.40
CA ILE A 55 26.94 -15.62 -2.84
C ILE A 55 27.79 -15.00 -3.93
N ASP A 56 28.30 -15.80 -4.87
CA ASP A 56 29.07 -15.27 -5.99
C ASP A 56 28.37 -14.06 -6.61
N ASP A 57 27.05 -14.18 -6.84
CA ASP A 57 26.29 -13.10 -7.50
C ASP A 57 26.05 -11.90 -6.58
N CYS A 58 25.89 -12.14 -5.27
CA CYS A 58 25.81 -11.02 -4.33
C CYS A 58 27.08 -10.19 -4.36
N ASN A 59 28.24 -10.87 -4.35
CA ASN A 59 29.50 -10.14 -4.34
C ASN A 59 29.68 -9.35 -5.64
N ALA A 60 29.31 -9.95 -6.77
CA ALA A 60 29.42 -9.25 -8.05
C ALA A 60 28.51 -8.03 -8.09
N ALA A 61 27.33 -8.12 -7.45
CA ALA A 61 26.39 -7.00 -7.50
C ALA A 61 26.91 -5.80 -6.72
N VAL A 62 27.46 -6.03 -5.53
CA VAL A 62 27.89 -4.92 -4.68
C VAL A 62 29.34 -4.54 -4.92
N ALA A 63 30.11 -5.35 -5.65
CA ALA A 63 31.51 -5.04 -5.87
C ALA A 63 31.75 -3.64 -6.43
N PRO A 64 30.95 -3.11 -7.36
CA PRO A 64 31.23 -1.76 -7.87
C PRO A 64 31.09 -0.69 -6.80
N LEU A 65 30.41 -0.98 -5.69
CA LEU A 65 30.28 -0.03 -4.58
C LEU A 65 31.52 -0.03 -3.68
N GLY A 66 32.45 -0.96 -3.88
CA GLY A 66 33.76 -0.83 -3.29
C GLY A 66 33.97 -1.39 -1.89
N LYS A 67 32.97 -2.02 -1.27
CA LYS A 67 33.13 -2.54 0.08
C LYS A 67 33.07 -4.06 0.07
N THR A 68 33.79 -4.69 0.99
CA THR A 68 33.78 -6.15 1.08
C THR A 68 32.71 -6.60 2.05
N VAL A 69 31.98 -7.63 1.66
CA VAL A 69 30.98 -8.26 2.51
C VAL A 69 31.40 -9.72 2.70
N SER A 70 31.51 -10.15 3.95
CA SER A 70 31.99 -11.49 4.25
C SER A 70 30.90 -12.53 4.03
N ASP A 71 31.33 -13.78 3.87
CA ASP A 71 30.41 -14.92 3.79
C ASP A 71 29.39 -14.90 4.92
N GLU A 72 29.85 -14.73 6.16
CA GLU A 72 28.88 -14.86 7.26
C GLU A 72 27.93 -13.68 7.31
N ARG A 73 28.35 -12.50 6.87
CA ARG A 73 27.39 -11.41 6.75
C ARG A 73 26.36 -11.70 5.66
N TRP A 74 26.81 -12.24 4.52
CA TRP A 74 25.84 -12.68 3.50
C TRP A 74 24.87 -13.69 4.07
N ILE A 75 25.37 -14.67 4.82
CA ILE A 75 24.50 -15.75 5.27
C ILE A 75 23.52 -15.23 6.30
N SER A 76 23.94 -14.25 7.11
CA SER A 76 23.00 -13.68 8.05
C SER A 76 21.90 -12.93 7.32
N TYR A 77 22.24 -12.19 6.27
CA TYR A 77 21.24 -11.51 5.46
C TYR A 77 20.29 -12.51 4.80
N VAL A 78 20.84 -13.58 4.23
CA VAL A 78 20.05 -14.51 3.43
C VAL A 78 19.14 -15.37 4.29
N GLY A 79 19.43 -15.49 5.59
CA GLY A 79 18.63 -16.35 6.45
C GLY A 79 17.15 -16.03 6.42
N VAL A 80 16.80 -14.75 6.24
CA VAL A 80 15.38 -14.41 6.25
C VAL A 80 14.67 -15.08 5.07
N VAL A 81 15.35 -15.19 3.93
CA VAL A 81 14.70 -15.84 2.79
C VAL A 81 14.60 -17.34 3.03
N LEU A 82 15.62 -17.93 3.65
CA LEU A 82 15.62 -19.38 3.86
C LEU A 82 14.51 -19.80 4.81
N TRP A 83 14.21 -18.94 5.79
CA TRP A 83 13.27 -19.26 6.86
C TRP A 83 11.86 -18.72 6.63
N SER A 84 11.69 -17.72 5.77
CA SER A 84 10.44 -16.98 5.74
C SER A 84 9.71 -17.09 4.41
N GLN A 85 10.17 -17.95 3.50
CA GLN A 85 9.35 -18.33 2.36
C GLN A 85 8.48 -19.52 2.78
N SER A 86 7.94 -20.25 1.83
CA SER A 86 6.94 -21.30 2.10
C SER A 86 7.34 -22.54 1.30
N PRO A 87 8.33 -23.30 1.80
CA PRO A 87 8.97 -24.31 0.93
C PRO A 87 8.02 -25.30 0.31
N ARG A 88 6.90 -25.61 0.95
CA ARG A 88 6.07 -26.66 0.38
C ARG A 88 5.24 -26.15 -0.80
N HIS A 89 5.13 -24.83 -0.97
CA HIS A 89 4.49 -24.24 -2.14
C HIS A 89 5.46 -23.83 -3.24
N ILE A 90 6.76 -23.99 -3.04
CA ILE A 90 7.70 -23.44 -4.02
C ILE A 90 7.60 -24.20 -5.33
N LYS A 91 7.55 -23.45 -6.44
CA LYS A 91 7.55 -24.02 -7.77
C LYS A 91 8.76 -23.65 -8.59
N ASP A 92 9.36 -22.49 -8.35
CA ASP A 92 10.40 -21.95 -9.22
C ASP A 92 11.62 -21.61 -8.37
N MET A 93 12.60 -22.52 -8.32
CA MET A 93 13.81 -22.27 -7.52
C MET A 93 14.71 -21.20 -8.13
N GLU A 94 14.56 -20.91 -9.42
CA GLU A 94 15.31 -19.78 -9.97
C GLU A 94 14.81 -18.46 -9.37
N ALA A 95 13.51 -18.30 -9.27
CA ALA A 95 12.97 -17.12 -8.59
C ALA A 95 13.39 -17.08 -7.11
N PHE A 96 13.44 -18.24 -6.46
CA PHE A 96 13.90 -18.29 -5.07
C PHE A 96 15.33 -17.76 -4.94
N LYS A 97 16.25 -18.27 -5.78
CA LYS A 97 17.62 -17.78 -5.75
C LYS A 97 17.67 -16.27 -6.00
N ALA A 98 16.81 -15.78 -6.89
CA ALA A 98 16.74 -14.35 -7.16
C ALA A 98 16.36 -13.56 -5.90
N VAL A 99 15.38 -14.07 -5.15
CA VAL A 99 14.98 -13.37 -3.93
C VAL A 99 16.11 -13.41 -2.91
N CYS A 100 16.84 -14.52 -2.84
CA CYS A 100 18.04 -14.56 -1.99
C CYS A 100 18.99 -13.43 -2.35
N VAL A 101 19.35 -13.31 -3.62
CA VAL A 101 20.36 -12.34 -4.04
C VAL A 101 19.85 -10.91 -3.82
N LEU A 102 18.65 -10.63 -4.32
CA LEU A 102 18.09 -9.28 -4.20
C LEU A 102 17.89 -8.87 -2.75
N ASN A 103 17.38 -9.79 -1.92
CA ASN A 103 17.26 -9.49 -0.49
C ASN A 103 18.60 -9.11 0.11
N CYS A 104 19.64 -9.87 -0.21
CA CYS A 104 20.95 -9.64 0.40
C CYS A 104 21.57 -8.33 -0.07
N VAL A 105 21.56 -8.07 -1.38
CA VAL A 105 22.31 -6.91 -1.84
C VAL A 105 21.61 -5.61 -1.43
N THR A 106 20.29 -5.61 -1.31
CA THR A 106 19.62 -4.41 -0.80
C THR A 106 19.73 -4.30 0.71
N PHE A 107 19.98 -5.41 1.40
CA PHE A 107 20.36 -5.36 2.80
C PHE A 107 21.67 -4.61 2.99
N VAL A 108 22.66 -4.88 2.12
CA VAL A 108 23.90 -4.11 2.14
C VAL A 108 23.61 -2.62 1.97
N TRP A 109 22.78 -2.29 0.98
CA TRP A 109 22.36 -0.90 0.77
C TRP A 109 21.77 -0.30 2.03
N ASP A 110 20.91 -1.07 2.73
CA ASP A 110 20.29 -0.61 3.97
C ASP A 110 21.34 -0.26 5.02
N ASP A 111 22.41 -1.05 5.09
CA ASP A 111 23.44 -0.83 6.09
C ASP A 111 24.46 0.24 5.70
N MET A 112 24.50 0.65 4.44
CA MET A 112 25.50 1.60 3.96
C MET A 112 25.17 3.04 4.36
N ASP A 113 26.19 3.80 4.70
CA ASP A 113 26.05 5.25 4.77
C ASP A 113 25.79 5.79 3.37
N PRO A 114 24.98 6.85 3.23
CA PRO A 114 24.46 7.23 1.91
C PRO A 114 25.51 7.70 0.92
N ALA A 115 26.71 8.07 1.37
CA ALA A 115 27.76 8.47 0.44
C ALA A 115 28.20 7.31 -0.44
N LEU A 116 28.08 6.09 0.06
CA LEU A 116 28.37 4.89 -0.71
C LEU A 116 27.32 4.60 -1.78
N HIS A 117 26.11 5.13 -1.65
CA HIS A 117 25.02 4.82 -2.57
C HIS A 117 25.36 5.41 -3.92
N ASP A 118 25.44 4.58 -4.96
CA ASP A 118 25.64 5.05 -6.32
C ASP A 118 24.67 4.31 -7.24
N PHE A 119 23.58 5.01 -7.60
CA PHE A 119 22.52 4.42 -8.39
C PHE A 119 23.02 4.02 -9.78
N GLY A 120 23.89 4.84 -10.38
CA GLY A 120 24.42 4.52 -11.70
C GLY A 120 25.14 3.19 -11.77
N LEU A 121 25.85 2.82 -10.70
CA LEU A 121 26.57 1.56 -10.68
C LEU A 121 25.72 0.41 -10.16
N PHE A 122 24.82 0.68 -9.22
CA PHE A 122 24.07 -0.41 -8.59
C PHE A 122 22.82 -0.81 -9.36
N LEU A 123 22.06 0.15 -9.89
CA LEU A 123 20.83 -0.23 -10.58
C LEU A 123 21.07 -1.17 -11.74
N PRO A 124 22.09 -1.01 -12.59
CA PRO A 124 22.34 -2.03 -13.63
C PRO A 124 22.66 -3.40 -13.06
N GLN A 125 23.32 -3.47 -11.91
CA GLN A 125 23.52 -4.75 -11.25
C GLN A 125 22.19 -5.40 -10.88
N LEU A 126 21.27 -4.63 -10.30
CA LEU A 126 19.95 -5.17 -9.97
C LEU A 126 19.24 -5.66 -11.22
N ARG A 127 19.23 -4.83 -12.27
CA ARG A 127 18.65 -5.23 -13.55
C ARG A 127 19.22 -6.56 -14.03
N LYS A 128 20.54 -6.73 -13.99
CA LYS A 128 21.16 -7.98 -14.40
C LYS A 128 20.60 -9.16 -13.62
N ILE A 129 20.57 -9.05 -12.29
CA ILE A 129 20.04 -10.11 -11.45
C ILE A 129 18.62 -10.46 -11.87
N CYS A 130 17.80 -9.43 -12.07
CA CYS A 130 16.39 -9.67 -12.37
C CYS A 130 16.21 -10.40 -13.70
N GLU A 131 16.98 -10.02 -14.70
CA GLU A 131 16.83 -10.65 -16.01
C GLU A 131 17.40 -12.08 -16.03
N LYS A 132 18.43 -12.36 -15.22
CA LYS A 132 19.00 -13.70 -15.19
C LYS A 132 18.00 -14.74 -14.69
N TYR A 133 17.30 -14.44 -13.58
CA TYR A 133 16.54 -15.46 -12.87
C TYR A 133 15.04 -15.44 -13.18
N TYR A 134 14.52 -14.34 -13.71
CA TYR A 134 13.10 -14.21 -14.01
C TYR A 134 12.87 -14.19 -15.51
N GLY A 135 11.63 -14.49 -15.91
CA GLY A 135 11.21 -14.27 -17.27
C GLY A 135 11.15 -12.79 -17.60
N PRO A 136 10.54 -12.43 -18.74
CA PRO A 136 10.52 -11.01 -19.16
C PRO A 136 9.56 -10.12 -18.36
N GLU A 137 8.34 -10.57 -18.09
CA GLU A 137 7.43 -9.77 -17.26
C GLU A 137 7.92 -9.69 -15.83
N ASP A 138 8.15 -10.84 -15.20
CA ASP A 138 8.54 -10.86 -13.79
C ASP A 138 9.82 -10.05 -13.56
N ALA A 139 10.76 -10.08 -14.51
CA ALA A 139 12.00 -9.32 -14.33
C ALA A 139 11.72 -7.83 -14.16
N GLU A 140 10.78 -7.29 -14.93
CA GLU A 140 10.44 -5.88 -14.83
C GLU A 140 9.79 -5.56 -13.48
N VAL A 141 8.88 -6.41 -13.02
CA VAL A 141 8.21 -6.16 -11.75
C VAL A 141 9.23 -6.21 -10.62
N ALA A 142 10.10 -7.22 -10.62
CA ALA A 142 11.09 -7.34 -9.56
C ALA A 142 12.06 -6.17 -9.58
N TYR A 143 12.55 -5.77 -10.76
CA TYR A 143 13.49 -4.65 -10.82
C TYR A 143 12.85 -3.35 -10.36
N GLU A 144 11.61 -3.08 -10.79
CA GLU A 144 10.96 -1.85 -10.33
C GLU A 144 10.85 -1.81 -8.81
N ALA A 145 10.41 -2.91 -8.21
CA ALA A 145 10.29 -2.95 -6.75
C ALA A 145 11.65 -2.80 -6.06
N ALA A 146 12.70 -3.44 -6.60
CA ALA A 146 14.04 -3.24 -6.06
C ALA A 146 14.50 -1.79 -6.20
N ARG A 147 14.36 -1.23 -7.40
CA ARG A 147 14.66 0.17 -7.66
C ARG A 147 13.93 1.09 -6.68
N ALA A 148 12.62 0.89 -6.53
CA ALA A 148 11.83 1.73 -5.63
C ALA A 148 12.31 1.61 -4.19
N PHE A 149 12.72 0.40 -3.76
CA PHE A 149 13.16 0.26 -2.38
C PHE A 149 14.48 1.01 -2.13
N VAL A 150 15.51 0.75 -2.94
CA VAL A 150 16.80 1.39 -2.65
C VAL A 150 16.68 2.90 -2.77
N THR A 151 15.84 3.37 -3.68
CA THR A 151 15.62 4.81 -3.80
C THR A 151 14.97 5.37 -2.54
N SER A 152 14.00 4.65 -1.99
CA SER A 152 13.31 5.13 -0.79
C SER A 152 14.24 5.10 0.42
N ASP A 153 14.97 4.00 0.61
CA ASP A 153 15.92 3.96 1.72
C ASP A 153 16.88 5.14 1.63
N HIS A 154 17.25 5.55 0.41
CA HIS A 154 18.18 6.65 0.23
C HIS A 154 17.53 8.00 0.53
N MET A 155 16.38 8.29 -0.11
CA MET A 155 15.88 9.67 0.04
C MET A 155 15.38 9.93 1.46
N PHE A 156 15.14 8.91 2.27
CA PHE A 156 14.57 9.21 3.58
C PHE A 156 15.59 9.24 4.70
N ARG A 157 16.88 9.03 4.43
CA ARG A 157 17.90 9.26 5.45
C ARG A 157 17.89 10.74 5.84
N ASP A 158 17.76 11.04 7.13
CA ASP A 158 17.55 12.44 7.59
C ASP A 158 16.34 13.14 6.93
N SER A 159 15.29 12.38 6.56
CA SER A 159 14.25 13.24 5.94
C SER A 159 13.22 13.72 6.96
N PRO A 160 12.74 14.97 6.83
CA PRO A 160 11.61 15.41 7.67
C PRO A 160 10.39 14.54 7.55
N ILE A 161 10.14 13.96 6.37
CA ILE A 161 8.99 13.09 6.21
C ILE A 161 9.13 11.89 7.15
N LYS A 162 10.35 11.36 7.26
CA LYS A 162 10.54 10.15 8.05
C LYS A 162 10.24 10.41 9.53
N ALA A 163 10.81 11.47 10.09
CA ALA A 163 10.51 11.84 11.48
C ALA A 163 9.03 12.18 11.64
N ALA A 164 8.39 12.68 10.58
CA ALA A 164 6.95 12.89 10.66
C ALA A 164 6.21 11.55 10.81
N LEU A 165 6.50 10.58 9.94
CA LEU A 165 5.74 9.33 10.02
C LEU A 165 6.20 8.46 11.19
N CYS A 166 7.44 8.62 11.65
CA CYS A 166 7.97 7.80 12.73
C CYS A 166 7.99 8.52 14.08
N THR A 167 7.21 9.59 14.26
CA THR A 167 6.94 10.09 15.60
C THR A 167 5.47 10.25 15.90
N THR A 168 4.60 10.22 14.89
CA THR A 168 3.21 10.64 15.06
C THR A 168 2.35 9.61 15.79
N SER A 169 2.17 8.43 15.20
CA SER A 169 1.34 7.38 15.76
C SER A 169 1.78 6.05 15.18
N PRO A 170 1.27 4.93 15.70
CA PRO A 170 1.63 3.64 15.09
C PRO A 170 1.17 3.49 13.64
N GLU A 171 -0.01 3.94 13.24
CA GLU A 171 -0.38 3.62 11.87
C GLU A 171 0.27 4.57 10.87
N GLN A 172 0.76 5.75 11.29
CA GLN A 172 1.62 6.51 10.38
C GLN A 172 2.96 5.79 10.19
N TYR A 173 3.52 5.32 11.30
CA TYR A 173 4.79 4.58 11.23
C TYR A 173 4.67 3.35 10.33
N PHE A 174 3.66 2.52 10.55
CA PHE A 174 3.54 1.29 9.78
C PHE A 174 3.25 1.59 8.31
N ARG A 175 2.58 2.71 8.04
CA ARG A 175 2.40 3.19 6.68
C ARG A 175 3.72 3.41 5.96
N PHE A 176 4.67 4.05 6.64
CA PHE A 176 6.02 4.22 6.10
C PHE A 176 6.70 2.86 5.87
N ARG A 177 6.52 1.93 6.80
CA ARG A 177 7.27 0.68 6.75
C ARG A 177 6.78 -0.29 5.68
N VAL A 178 5.56 -0.12 5.14
CA VAL A 178 5.13 -0.98 4.02
C VAL A 178 6.20 -1.03 2.94
N THR A 179 6.78 0.11 2.60
CA THR A 179 7.90 0.15 1.68
C THR A 179 9.22 0.00 2.43
N ASP A 180 9.39 0.74 3.53
CA ASP A 180 10.72 0.85 4.11
C ASP A 180 11.25 -0.46 4.71
N ILE A 181 10.39 -1.34 5.25
CA ILE A 181 10.92 -2.64 5.67
C ILE A 181 11.13 -3.57 4.50
N GLY A 182 10.83 -3.14 3.28
CA GLY A 182 11.13 -3.96 2.12
C GLY A 182 10.11 -5.02 1.80
N VAL A 183 9.01 -5.10 2.54
CA VAL A 183 8.06 -6.19 2.31
C VAL A 183 7.29 -6.04 1.00
N ASP A 184 6.97 -4.79 0.57
CA ASP A 184 6.32 -4.68 -0.73
C ASP A 184 7.24 -5.23 -1.83
N PHE A 185 8.51 -4.84 -1.78
CA PHE A 185 9.53 -5.36 -2.69
C PHE A 185 9.59 -6.88 -2.59
N TRP A 186 9.56 -7.42 -1.37
CA TRP A 186 9.63 -8.87 -1.16
C TRP A 186 8.50 -9.60 -1.86
N MET A 187 7.25 -9.13 -1.68
CA MET A 187 6.11 -9.78 -2.30
C MET A 187 6.24 -9.78 -3.82
N LYS A 188 6.65 -8.63 -4.39
CA LYS A 188 6.70 -8.47 -5.83
C LYS A 188 7.85 -9.24 -6.46
N MET A 189 8.90 -9.55 -5.71
CA MET A 189 9.92 -10.43 -6.27
C MET A 189 9.70 -11.90 -5.93
N SER A 190 8.80 -12.20 -5.00
CA SER A 190 8.55 -13.57 -4.56
C SER A 190 7.40 -14.24 -5.27
N TYR A 191 6.45 -13.49 -5.87
CA TYR A 191 5.33 -14.17 -6.51
C TYR A 191 5.78 -15.16 -7.59
N PRO A 192 6.87 -14.95 -8.34
CA PRO A 192 7.27 -15.98 -9.32
C PRO A 192 7.74 -17.28 -8.68
N ILE A 193 8.09 -17.26 -7.39
CA ILE A 193 8.45 -18.50 -6.69
C ILE A 193 7.28 -19.48 -6.72
N TYR A 194 6.05 -18.95 -6.59
CA TYR A 194 4.87 -19.76 -6.33
C TYR A 194 3.97 -19.95 -7.54
N ARG A 195 3.95 -19.01 -8.48
CA ARG A 195 3.08 -19.10 -9.67
C ARG A 195 1.64 -19.39 -9.26
N HIS A 196 1.16 -18.69 -8.24
CA HIS A 196 -0.19 -18.85 -7.76
C HIS A 196 -0.98 -17.59 -8.10
N PRO A 197 -1.91 -17.64 -9.05
CA PRO A 197 -2.52 -16.40 -9.56
C PRO A 197 -3.05 -15.45 -8.50
N GLU A 198 -3.69 -15.97 -7.46
CA GLU A 198 -4.26 -15.07 -6.45
C GLU A 198 -3.15 -14.37 -5.67
N PHE A 199 -2.12 -15.11 -5.25
CA PHE A 199 -1.01 -14.47 -4.55
C PHE A 199 -0.35 -13.42 -5.42
N THR A 200 -0.21 -13.72 -6.72
CA THR A 200 0.39 -12.76 -7.64
C THR A 200 -0.41 -11.45 -7.68
N GLU A 201 -1.74 -11.54 -7.68
CA GLU A 201 -2.56 -10.32 -7.60
C GLU A 201 -2.34 -9.57 -6.29
N HIS A 202 -2.37 -10.28 -5.16
CA HIS A 202 -2.21 -9.60 -3.89
C HIS A 202 -0.82 -8.95 -3.78
N ALA A 203 0.18 -9.60 -4.38
CA ALA A 203 1.51 -9.01 -4.43
C ALA A 203 1.50 -7.73 -5.24
N LYS A 204 0.82 -7.75 -6.39
CA LYS A 204 0.87 -6.61 -7.28
C LYS A 204 0.02 -5.44 -6.80
N THR A 205 -1.06 -5.70 -6.06
CA THR A 205 -1.84 -4.63 -5.44
C THR A 205 -1.19 -4.08 -4.18
N SER A 206 -0.18 -4.76 -3.66
CA SER A 206 0.46 -4.50 -2.37
C SER A 206 -0.43 -4.84 -1.18
N LEU A 207 -1.62 -5.38 -1.40
CA LEU A 207 -2.39 -5.89 -0.27
C LEU A 207 -1.58 -6.94 0.52
N ALA A 208 -0.85 -7.81 -0.18
CA ALA A 208 0.01 -8.79 0.48
C ALA A 208 0.98 -8.10 1.44
N ALA A 209 1.65 -7.05 0.97
CA ALA A 209 2.55 -6.32 1.86
C ALA A 209 1.79 -5.62 2.98
N ARG A 210 0.66 -5.00 2.65
CA ARG A 210 -0.10 -4.28 3.67
C ARG A 210 -0.54 -5.20 4.79
N MET A 211 -0.76 -6.48 4.49
CA MET A 211 -1.24 -7.43 5.48
C MET A 211 -0.13 -7.97 6.39
N THR A 212 1.14 -7.93 5.94
CA THR A 212 2.25 -8.54 6.67
C THR A 212 3.18 -7.53 7.32
N THR A 213 2.98 -6.24 7.04
CA THR A 213 3.91 -5.21 7.49
C THR A 213 4.04 -5.17 9.02
N ARG A 214 2.91 -5.16 9.74
CA ARG A 214 3.02 -4.98 11.19
C ARG A 214 3.71 -6.19 11.83
N GLY A 215 3.40 -7.39 11.38
CA GLY A 215 4.03 -8.57 11.95
C GLY A 215 5.53 -8.54 11.78
N LEU A 216 6.00 -8.32 10.55
CA LEU A 216 7.43 -8.21 10.33
C LEU A 216 8.04 -7.07 11.14
N THR A 217 7.39 -5.90 11.11
CA THR A 217 8.03 -4.70 11.64
C THR A 217 8.12 -4.73 13.17
N ILE A 218 7.06 -5.17 13.85
CA ILE A 218 7.09 -5.17 15.30
C ILE A 218 8.20 -6.09 15.80
N VAL A 219 8.35 -7.24 15.17
CA VAL A 219 9.42 -8.17 15.54
C VAL A 219 10.79 -7.56 15.24
N ASN A 220 10.98 -7.06 14.02
CA ASN A 220 12.26 -6.47 13.68
C ASN A 220 12.61 -5.31 14.61
N ASP A 221 11.62 -4.45 14.91
CA ASP A 221 11.87 -3.29 15.75
C ASP A 221 12.27 -3.69 17.16
N PHE A 222 11.62 -4.70 17.72
CA PHE A 222 11.99 -5.06 19.09
C PHE A 222 13.46 -5.46 19.15
N TYR A 223 13.89 -6.33 18.25
CA TYR A 223 15.23 -6.89 18.36
C TYR A 223 16.31 -6.02 17.75
N SER A 224 15.97 -5.01 16.94
CA SER A 224 16.99 -4.12 16.39
C SER A 224 17.02 -2.78 17.10
N TYR A 225 16.18 -2.59 18.12
CA TYR A 225 16.08 -1.34 18.85
C TYR A 225 17.43 -0.87 19.36
N ASP A 226 18.16 -1.76 20.07
CA ASP A 226 19.42 -1.35 20.68
C ASP A 226 20.38 -0.82 19.62
N ARG A 227 20.56 -1.54 18.52
CA ARG A 227 21.46 -1.08 17.45
C ARG A 227 20.97 0.26 16.88
N GLU A 228 19.68 0.36 16.63
CA GLU A 228 19.18 1.57 15.98
C GLU A 228 19.29 2.79 16.90
N VAL A 229 19.00 2.60 18.19
CA VAL A 229 19.05 3.70 19.15
C VAL A 229 20.48 4.07 19.50
N SER A 230 21.41 3.12 19.34
CA SER A 230 22.84 3.46 19.37
C SER A 230 23.17 4.61 18.44
N LEU A 231 22.79 4.47 17.17
CA LEU A 231 23.24 5.33 16.08
C LEU A 231 22.42 6.61 15.96
N GLY A 232 21.25 6.67 16.57
CA GLY A 232 20.32 7.75 16.31
C GLY A 232 19.28 7.43 15.25
N GLN A 233 19.17 6.16 14.82
CA GLN A 233 18.16 5.79 13.84
C GLN A 233 16.77 5.85 14.49
N ILE A 234 15.80 6.48 13.83
CA ILE A 234 14.48 6.68 14.44
C ILE A 234 13.40 5.79 13.85
N THR A 235 13.72 4.96 12.86
CA THR A 235 12.70 4.12 12.24
C THR A 235 12.50 2.85 13.09
N ASN A 236 11.73 3.01 14.16
CA ASN A 236 11.51 1.94 15.14
C ASN A 236 10.30 2.28 16.00
N CYS A 237 9.27 1.44 15.97
CA CYS A 237 8.04 1.81 16.66
C CYS A 237 8.18 1.89 18.18
N PHE A 238 9.16 1.20 18.77
CA PHE A 238 9.28 1.27 20.23
C PHE A 238 9.82 2.61 20.70
N ARG A 239 10.31 3.45 19.80
CA ARG A 239 10.58 4.84 20.14
C ARG A 239 9.29 5.65 20.36
N LEU A 240 8.12 5.02 20.26
CA LEU A 240 6.83 5.68 20.43
C LEU A 240 6.21 5.48 21.81
N CYS A 241 6.81 4.64 22.66
CA CYS A 241 6.47 4.60 24.08
C CYS A 241 7.73 4.90 24.87
N ASP A 242 7.59 5.07 26.17
CA ASP A 242 8.75 5.24 27.05
C ASP A 242 9.21 3.86 27.50
N VAL A 243 10.31 3.34 26.90
CA VAL A 243 10.72 1.97 27.20
C VAL A 243 11.35 1.85 28.59
N SER A 244 11.92 2.92 29.13
CA SER A 244 12.67 2.83 30.38
C SER A 244 11.82 2.34 31.54
N ASP A 245 11.15 3.24 32.25
CA ASP A 245 10.21 2.85 33.27
C ASP A 245 9.12 2.05 32.55
N GLU A 246 8.55 1.06 33.25
CA GLU A 246 8.30 -0.25 32.65
C GLU A 246 6.84 -0.51 32.36
N THR A 247 5.94 0.19 33.05
CA THR A 247 4.51 -0.11 32.88
C THR A 247 4.01 0.35 31.51
N ALA A 248 4.49 1.49 31.02
CA ALA A 248 4.07 1.95 29.71
C ALA A 248 4.57 1.00 28.61
N PHE A 249 5.75 0.41 28.81
CA PHE A 249 6.23 -0.56 27.82
C PHE A 249 5.25 -1.70 27.66
N LYS A 250 4.77 -2.24 28.79
CA LYS A 250 3.89 -3.40 28.74
C LYS A 250 2.61 -3.10 27.95
N GLU A 251 2.03 -1.91 28.17
CA GLU A 251 0.81 -1.56 27.44
C GLU A 251 1.08 -1.41 25.95
N PHE A 252 2.21 -0.79 25.60
CA PHE A 252 2.54 -0.60 24.19
C PHE A 252 2.80 -1.94 23.54
N PHE A 253 3.61 -2.78 24.20
CA PHE A 253 3.91 -4.09 23.64
C PHE A 253 2.65 -4.92 23.47
N GLN A 254 1.71 -4.84 24.44
CA GLN A 254 0.46 -5.57 24.26
C GLN A 254 -0.34 -5.04 23.08
N ALA A 255 -0.38 -3.71 22.89
CA ALA A 255 -1.10 -3.17 21.75
C ALA A 255 -0.49 -3.68 20.45
N ARG A 256 0.84 -3.83 20.41
CA ARG A 256 1.48 -4.32 19.20
C ARG A 256 1.19 -5.80 18.99
N LEU A 257 1.15 -6.59 20.07
CA LEU A 257 0.71 -7.98 19.96
C LEU A 257 -0.70 -8.04 19.37
N ASP A 258 -1.60 -7.19 19.88
CA ASP A 258 -2.95 -7.15 19.33
C ASP A 258 -2.94 -6.83 17.83
N ASP A 259 -2.08 -5.90 17.42
CA ASP A 259 -1.92 -5.59 16.00
C ASP A 259 -1.60 -6.87 15.21
N MET A 260 -0.61 -7.62 15.70
CA MET A 260 -0.17 -8.82 14.99
C MET A 260 -1.28 -9.86 14.93
N ILE A 261 -1.97 -10.05 16.06
CA ILE A 261 -3.05 -11.04 16.10
C ILE A 261 -4.16 -10.66 15.13
N GLU A 262 -4.57 -9.39 15.15
CA GLU A 262 -5.60 -8.92 14.22
C GLU A 262 -5.20 -9.23 12.77
N ASP A 263 -3.98 -8.88 12.37
CA ASP A 263 -3.56 -9.15 11.00
C ASP A 263 -3.57 -10.65 10.68
N ILE A 264 -3.07 -11.46 11.61
CA ILE A 264 -2.97 -12.90 11.35
C ILE A 264 -4.36 -13.51 11.22
N GLU A 265 -5.29 -13.11 12.09
CA GLU A 265 -6.63 -13.66 12.02
C GLU A 265 -7.33 -13.26 10.72
N CYS A 266 -7.10 -12.02 10.24
CA CYS A 266 -7.68 -11.65 8.94
C CYS A 266 -6.94 -12.31 7.78
N ILE A 267 -5.64 -12.58 7.92
CA ILE A 267 -4.92 -13.32 6.89
C ILE A 267 -5.55 -14.69 6.66
N LYS A 268 -6.15 -15.28 7.68
CA LYS A 268 -6.81 -16.58 7.59
C LYS A 268 -8.00 -16.58 6.65
N ALA A 269 -8.47 -15.40 6.23
CA ALA A 269 -9.53 -15.32 5.22
C ALA A 269 -9.01 -15.50 3.80
N PHE A 270 -7.70 -15.40 3.59
CA PHE A 270 -7.18 -15.52 2.24
C PHE A 270 -7.18 -16.98 1.80
N ASP A 271 -6.91 -17.22 0.52
CA ASP A 271 -6.89 -18.59 0.00
C ASP A 271 -5.77 -19.38 0.71
N GLN A 272 -5.96 -20.70 0.81
CA GLN A 272 -5.11 -21.51 1.68
C GLN A 272 -3.62 -21.52 1.26
N LEU A 273 -3.32 -21.29 -0.01
CA LEU A 273 -1.90 -21.12 -0.38
C LEU A 273 -1.38 -19.78 0.11
N THR A 274 -2.02 -18.70 -0.32
CA THR A 274 -1.58 -17.36 0.04
C THR A 274 -1.47 -17.20 1.55
N GLN A 275 -2.45 -17.73 2.27
CA GLN A 275 -2.42 -17.71 3.72
C GLN A 275 -1.14 -18.35 4.25
N ASP A 276 -0.74 -19.50 3.70
CA ASP A 276 0.49 -20.14 4.15
C ASP A 276 1.69 -19.23 3.92
N VAL A 277 1.78 -18.62 2.73
CA VAL A 277 2.91 -17.76 2.41
C VAL A 277 2.98 -16.55 3.35
N PHE A 278 1.83 -15.90 3.60
CA PHE A 278 1.84 -14.75 4.51
C PHE A 278 2.32 -15.15 5.90
N LEU A 279 1.78 -16.25 6.43
CA LEU A 279 2.07 -16.64 7.81
C LEU A 279 3.50 -17.16 7.96
N ASP A 280 3.97 -17.93 6.99
CA ASP A 280 5.38 -18.36 7.02
C ASP A 280 6.31 -17.16 6.99
N LEU A 281 5.89 -16.10 6.28
CA LEU A 281 6.73 -14.91 6.22
C LEU A 281 6.85 -14.26 7.60
N ILE A 282 5.73 -14.07 8.29
CA ILE A 282 5.77 -13.39 9.58
C ILE A 282 6.46 -14.27 10.63
N TYR A 283 6.07 -15.53 10.70
CA TYR A 283 6.61 -16.44 11.70
C TYR A 283 8.08 -16.78 11.39
N GLY A 284 8.40 -17.03 10.13
CA GLY A 284 9.79 -17.26 9.75
C GLY A 284 10.68 -16.09 10.06
N ASN A 285 10.20 -14.86 9.83
CA ASN A 285 11.01 -13.70 10.17
C ASN A 285 11.34 -13.69 11.66
N PHE A 286 10.37 -14.11 12.50
CA PHE A 286 10.62 -14.16 13.93
C PHE A 286 11.69 -15.22 14.27
N VAL A 287 11.54 -16.41 13.71
CA VAL A 287 12.51 -17.48 13.98
C VAL A 287 13.90 -17.03 13.58
N TRP A 288 14.02 -16.46 12.38
CA TRP A 288 15.30 -16.00 11.88
C TRP A 288 15.87 -14.87 12.73
N THR A 289 15.03 -13.87 13.06
CA THR A 289 15.48 -12.72 13.85
C THR A 289 16.08 -13.18 15.18
N THR A 290 15.48 -14.17 15.82
CA THR A 290 15.98 -14.60 17.12
C THR A 290 17.13 -15.60 17.05
N SER A 291 17.54 -16.04 15.88
CA SER A 291 18.70 -16.93 15.72
C SER A 291 19.87 -16.26 15.02
N ASN A 292 19.87 -14.94 14.91
CA ASN A 292 20.78 -14.20 14.06
C ASN A 292 21.55 -13.19 14.89
N LYS A 293 22.88 -13.28 14.85
CA LYS A 293 23.77 -12.36 15.54
C LYS A 293 23.47 -10.92 15.19
N ARG A 294 22.90 -10.66 14.01
CA ARG A 294 22.49 -9.32 13.67
C ARG A 294 21.55 -8.73 14.73
N TYR A 295 20.65 -9.53 15.29
CA TYR A 295 19.61 -9.02 16.18
C TYR A 295 19.91 -9.29 17.65
N LYS A 296 21.11 -8.94 18.05
CA LYS A 296 21.48 -8.95 19.45
C LYS A 296 22.24 -7.67 19.79
N THR A 297 23.57 -7.73 19.87
CA THR A 297 24.42 -6.62 20.26
C THR A 297 24.36 -5.51 19.21
N ALA A 298 24.56 -4.28 19.69
CA ALA A 298 24.24 -3.10 18.89
C ALA A 298 25.20 -2.96 17.70
N VAL A 299 26.45 -3.39 17.88
CA VAL A 299 27.48 -3.22 16.85
C VAL A 299 28.29 -4.50 16.78
N ASN A 300 28.36 -5.10 15.59
CA ASN A 300 29.18 -6.28 15.37
C ASN A 300 29.44 -6.42 13.88
N ASP A 301 30.36 -7.31 13.53
CA ASP A 301 30.85 -7.41 12.17
C ASP A 301 29.78 -7.73 11.13
N VAL A 302 28.57 -8.12 11.52
CA VAL A 302 27.51 -8.39 10.55
C VAL A 302 26.38 -7.38 10.57
N ASN A 303 26.33 -6.46 11.55
CA ASN A 303 25.31 -5.41 11.53
C ASN A 303 25.87 -3.99 11.63
N SER A 304 27.16 -3.81 11.44
CA SER A 304 27.76 -2.49 11.55
C SER A 304 27.24 -1.55 10.47
N ARG A 305 27.63 -0.29 10.57
CA ARG A 305 27.40 0.68 9.50
C ARG A 305 28.48 0.55 8.43
N ILE A 306 28.08 0.42 7.17
CA ILE A 306 29.03 0.24 6.07
C ILE A 306 29.33 1.62 5.50
N GLN A 307 30.61 2.02 5.55
CA GLN A 307 30.92 3.43 5.32
C GLN A 307 32.09 3.68 4.39
N GLY B 9 -37.97 -7.19 1.92
CA GLY B 9 -38.36 -6.77 3.25
C GLY B 9 -37.61 -5.53 3.70
N ALA B 10 -38.33 -4.42 3.87
CA ALA B 10 -37.71 -3.18 4.29
C ALA B 10 -37.49 -3.13 5.80
N GLN B 11 -36.24 -3.05 6.24
CA GLN B 11 -35.89 -3.39 7.60
C GLN B 11 -34.56 -2.78 8.01
N ASP B 12 -34.17 -3.03 9.27
CA ASP B 12 -33.11 -2.33 10.00
C ASP B 12 -33.00 -0.90 9.43
N ILE B 13 -34.18 -0.30 9.31
CA ILE B 13 -34.31 0.98 8.60
C ILE B 13 -33.54 2.07 9.31
N GLY B 14 -33.67 2.16 10.64
CA GLY B 14 -32.98 3.22 11.37
C GLY B 14 -31.47 3.15 11.23
N ARG B 15 -30.95 1.99 10.83
CA ARG B 15 -29.52 1.83 10.62
C ARG B 15 -29.12 1.94 9.16
N SER B 16 -30.07 2.20 8.27
CA SER B 16 -29.84 2.12 6.84
C SER B 16 -29.39 3.44 6.22
N SER B 17 -29.40 4.55 6.94
CA SER B 17 -29.26 5.85 6.29
C SER B 17 -28.52 6.83 7.17
N VAL B 18 -27.57 7.56 6.58
CA VAL B 18 -26.91 8.62 7.30
C VAL B 18 -27.60 9.97 7.09
N ARG B 19 -28.77 9.98 6.43
CA ARG B 19 -29.47 11.24 6.15
C ARG B 19 -29.68 12.12 7.37
N PRO B 20 -30.08 11.61 8.55
CA PRO B 20 -30.19 12.50 9.71
C PRO B 20 -28.94 13.34 10.00
N TYR B 21 -27.75 12.82 9.72
CA TYR B 21 -26.47 13.46 10.05
C TYR B 21 -25.91 14.30 8.91
N LEU B 22 -26.63 14.38 7.80
CA LEU B 22 -26.09 14.93 6.56
C LEU B 22 -25.56 16.36 6.75
N GLU B 23 -26.39 17.24 7.30
CA GLU B 23 -25.97 18.64 7.43
C GLU B 23 -24.83 18.79 8.42
N GLU B 24 -24.96 18.14 9.59
CA GLU B 24 -23.94 18.30 10.62
C GLU B 24 -22.59 17.76 10.15
N CYS B 25 -22.58 16.58 9.53
CA CYS B 25 -21.30 16.04 9.07
C CYS B 25 -20.69 16.86 7.95
N THR B 26 -21.51 17.35 7.02
CA THR B 26 -20.99 18.18 5.94
C THR B 26 -20.29 19.41 6.51
N ARG B 27 -20.99 20.11 7.41
CA ARG B 27 -20.43 21.25 8.11
C ARG B 27 -19.11 20.89 8.79
N ARG B 28 -19.08 19.73 9.47
CA ARG B 28 -17.89 19.32 10.20
C ARG B 28 -16.72 19.04 9.27
N PHE B 29 -16.95 18.27 8.20
CA PHE B 29 -15.93 18.09 7.18
C PHE B 29 -15.35 19.43 6.72
N GLN B 30 -16.23 20.35 6.32
CA GLN B 30 -15.78 21.62 5.81
C GLN B 30 -14.97 22.38 6.85
N GLU B 31 -15.43 22.39 8.09
CA GLU B 31 -14.70 23.06 9.17
C GLU B 31 -13.30 22.50 9.27
N MET B 32 -13.20 21.19 9.19
CA MET B 32 -11.90 20.52 9.29
C MET B 32 -10.98 20.97 8.17
N PHE B 33 -11.46 20.93 6.92
CA PHE B 33 -10.63 21.37 5.80
C PHE B 33 -10.22 22.83 5.95
N ASP B 34 -11.11 23.67 6.47
CA ASP B 34 -10.79 25.10 6.59
C ASP B 34 -9.69 25.34 7.61
N ARG B 35 -9.67 24.57 8.71
CA ARG B 35 -8.58 24.78 9.67
C ARG B 35 -7.30 24.05 9.30
N HIS B 36 -7.37 22.93 8.59
CA HIS B 36 -6.17 22.13 8.37
C HIS B 36 -5.61 22.20 6.96
N VAL B 37 -6.33 22.76 6.00
CA VAL B 37 -5.85 22.87 4.63
C VAL B 37 -5.87 24.32 4.15
N VAL B 38 -7.00 25.00 4.38
CA VAL B 38 -7.25 26.42 4.14
C VAL B 38 -7.60 26.65 2.68
N THR B 39 -6.62 26.49 1.78
CA THR B 39 -6.84 26.87 0.40
C THR B 39 -7.74 25.85 -0.26
N ARG B 40 -8.64 26.34 -1.09
CA ARG B 40 -9.64 25.50 -1.71
C ARG B 40 -9.00 24.68 -2.83
N PRO B 41 -9.61 23.57 -3.22
CA PRO B 41 -9.24 22.96 -4.50
C PRO B 41 -9.76 23.83 -5.65
N THR B 42 -9.27 23.53 -6.85
CA THR B 42 -9.53 24.34 -8.03
C THR B 42 -9.97 23.45 -9.19
N LYS B 43 -11.13 23.72 -9.78
CA LYS B 43 -11.63 22.83 -10.81
C LYS B 43 -10.99 23.14 -12.15
N VAL B 44 -10.49 22.09 -12.81
CA VAL B 44 -10.11 22.17 -14.20
C VAL B 44 -11.36 22.37 -15.04
N GLU B 45 -11.40 23.46 -15.80
CA GLU B 45 -12.41 23.67 -16.83
C GLU B 45 -11.88 23.19 -18.17
N LEU B 46 -12.41 22.07 -18.65
CA LEU B 46 -12.18 21.65 -20.03
C LEU B 46 -13.13 22.43 -20.93
N THR B 47 -12.71 22.67 -22.17
CA THR B 47 -13.71 23.18 -23.11
C THR B 47 -14.71 22.06 -23.39
N ASP B 48 -15.85 22.44 -23.97
CA ASP B 48 -16.89 21.43 -24.18
C ASP B 48 -16.55 20.57 -25.39
N ALA B 49 -15.57 21.01 -26.19
CA ALA B 49 -14.98 20.12 -27.19
C ALA B 49 -14.01 19.15 -26.56
N GLU B 50 -13.29 19.60 -25.52
CA GLU B 50 -12.37 18.71 -24.80
C GLU B 50 -13.15 17.67 -24.01
N LEU B 51 -14.23 18.09 -23.36
CA LEU B 51 -15.12 17.12 -22.73
C LEU B 51 -15.63 16.12 -23.77
N ARG B 52 -15.91 16.59 -25.00
CA ARG B 52 -16.35 15.70 -26.07
C ARG B 52 -15.27 14.66 -26.42
N GLU B 53 -14.01 15.09 -26.51
CA GLU B 53 -12.92 14.17 -26.84
C GLU B 53 -12.70 13.14 -25.74
N VAL B 54 -12.79 13.57 -24.49
CA VAL B 54 -12.73 12.64 -23.37
C VAL B 54 -13.85 11.61 -23.47
N ILE B 55 -15.08 12.10 -23.64
CA ILE B 55 -16.24 11.22 -23.62
C ILE B 55 -16.22 10.26 -24.80
N ASP B 56 -15.88 10.74 -26.00
CA ASP B 56 -15.84 9.84 -27.15
C ASP B 56 -14.83 8.72 -26.94
N ASP B 57 -13.71 9.02 -26.27
CA ASP B 57 -12.73 7.97 -25.98
C ASP B 57 -13.21 7.07 -24.83
N CYS B 58 -13.94 7.62 -23.87
CA CYS B 58 -14.60 6.79 -22.86
C CYS B 58 -15.59 5.83 -23.50
N ASN B 59 -16.40 6.32 -24.45
CA ASN B 59 -17.39 5.46 -25.08
C ASN B 59 -16.72 4.38 -25.91
N ALA B 60 -15.65 4.72 -26.62
CA ALA B 60 -14.94 3.72 -27.40
C ALA B 60 -14.43 2.60 -26.52
N ALA B 61 -14.06 2.94 -25.28
CA ALA B 61 -13.42 1.98 -24.38
C ALA B 61 -14.43 0.99 -23.83
N VAL B 62 -15.68 1.42 -23.61
CA VAL B 62 -16.66 0.56 -22.96
C VAL B 62 -17.68 0.02 -23.94
N ALA B 63 -17.67 0.47 -25.19
CA ALA B 63 -18.62 -0.05 -26.18
C ALA B 63 -18.52 -1.55 -26.40
N PRO B 64 -17.34 -2.19 -26.40
CA PRO B 64 -17.33 -3.66 -26.48
C PRO B 64 -18.11 -4.34 -25.37
N LEU B 65 -18.23 -3.71 -24.20
CA LEU B 65 -18.93 -4.38 -23.11
C LEU B 65 -20.45 -4.34 -23.25
N GLY B 66 -21.00 -3.53 -24.17
CA GLY B 66 -22.40 -3.57 -24.52
C GLY B 66 -23.33 -2.64 -23.74
N LYS B 67 -22.81 -1.66 -23.02
CA LYS B 67 -23.64 -0.83 -22.17
C LYS B 67 -23.49 0.63 -22.58
N THR B 68 -24.61 1.27 -22.87
CA THR B 68 -24.56 2.68 -23.24
C THR B 68 -24.43 3.55 -22.00
N VAL B 69 -23.56 4.56 -22.07
CA VAL B 69 -23.35 5.48 -20.96
C VAL B 69 -23.64 6.90 -21.45
N SER B 70 -24.51 7.61 -20.75
CA SER B 70 -24.91 8.95 -21.16
C SER B 70 -23.84 9.98 -20.81
N ASP B 71 -23.84 11.10 -21.54
CA ASP B 71 -22.95 12.20 -21.19
C ASP B 71 -23.19 12.65 -19.74
N GLU B 72 -24.44 12.67 -19.30
CA GLU B 72 -24.76 12.97 -17.91
C GLU B 72 -23.94 12.10 -16.96
N ARG B 73 -23.96 10.77 -17.19
CA ARG B 73 -23.23 9.85 -16.32
C ARG B 73 -21.73 10.05 -16.44
N TRP B 74 -21.20 10.20 -17.67
CA TRP B 74 -19.77 10.46 -17.82
C TRP B 74 -19.35 11.70 -17.06
N ILE B 75 -20.20 12.74 -17.08
CA ILE B 75 -19.85 13.97 -16.38
C ILE B 75 -19.86 13.73 -14.87
N SER B 76 -20.77 12.89 -14.39
CA SER B 76 -20.75 12.54 -12.97
C SER B 76 -19.46 11.86 -12.58
N TYR B 77 -18.92 11.02 -13.46
CA TYR B 77 -17.67 10.33 -13.17
C TYR B 77 -16.48 11.28 -13.27
N VAL B 78 -16.46 12.14 -14.28
CA VAL B 78 -15.22 12.85 -14.62
C VAL B 78 -14.95 14.00 -13.65
N GLY B 79 -15.98 14.51 -12.96
CA GLY B 79 -15.78 15.65 -12.09
C GLY B 79 -14.73 15.45 -11.01
N VAL B 80 -14.54 14.21 -10.53
CA VAL B 80 -13.53 14.00 -9.50
C VAL B 80 -12.15 14.36 -10.03
N VAL B 81 -11.89 14.07 -11.31
CA VAL B 81 -10.59 14.44 -11.87
C VAL B 81 -10.51 15.95 -12.04
N LEU B 82 -11.60 16.57 -12.50
CA LEU B 82 -11.60 18.02 -12.69
C LEU B 82 -11.37 18.77 -11.40
N TRP B 83 -11.89 18.25 -10.28
CA TRP B 83 -11.81 18.95 -9.00
C TRP B 83 -10.62 18.56 -8.14
N SER B 84 -10.06 17.37 -8.33
CA SER B 84 -9.15 16.82 -7.32
C SER B 84 -7.72 16.65 -7.80
N GLN B 85 -7.37 17.18 -8.97
CA GLN B 85 -5.97 17.30 -9.33
C GLN B 85 -5.44 18.63 -8.77
N SER B 86 -4.31 19.10 -9.26
CA SER B 86 -3.69 20.34 -8.76
C SER B 86 -3.35 21.19 -9.96
N PRO B 87 -4.32 21.91 -10.52
CA PRO B 87 -4.12 22.51 -11.86
C PRO B 87 -2.94 23.47 -11.99
N ARG B 88 -2.49 24.12 -10.91
CA ARG B 88 -1.38 25.05 -11.12
C ARG B 88 -0.05 24.32 -11.26
N HIS B 89 -0.03 23.01 -11.07
CA HIS B 89 1.18 22.22 -11.25
C HIS B 89 1.10 21.28 -12.44
N ILE B 90 0.07 21.40 -13.27
CA ILE B 90 -0.08 20.50 -14.40
C ILE B 90 0.93 20.82 -15.49
N LYS B 91 1.56 19.79 -16.05
CA LYS B 91 2.51 19.91 -17.16
C LYS B 91 2.11 19.13 -18.41
N ASP B 92 1.38 18.04 -18.27
CA ASP B 92 1.05 17.16 -19.39
C ASP B 92 -0.46 17.08 -19.44
N MET B 93 -1.10 17.81 -20.38
CA MET B 93 -2.54 17.71 -20.50
C MET B 93 -2.98 16.43 -21.18
N GLU B 94 -2.12 15.79 -21.98
CA GLU B 94 -2.46 14.46 -22.49
C GLU B 94 -2.57 13.45 -21.34
N ALA B 95 -1.65 13.52 -20.37
CA ALA B 95 -1.76 12.67 -19.18
C ALA B 95 -2.99 13.03 -18.36
N PHE B 96 -3.30 14.33 -18.25
CA PHE B 96 -4.50 14.72 -17.52
C PHE B 96 -5.75 14.11 -18.17
N LYS B 97 -5.85 14.18 -19.50
CA LYS B 97 -6.97 13.59 -20.22
C LYS B 97 -6.99 12.07 -20.07
N ALA B 98 -5.81 11.42 -20.09
CA ALA B 98 -5.75 9.99 -19.82
C ALA B 98 -6.39 9.66 -18.48
N VAL B 99 -6.08 10.45 -17.44
CA VAL B 99 -6.66 10.21 -16.13
C VAL B 99 -8.17 10.42 -16.16
N CYS B 100 -8.64 11.40 -16.95
CA CYS B 100 -10.09 11.56 -17.12
C CYS B 100 -10.72 10.29 -17.69
N VAL B 101 -10.14 9.78 -18.79
CA VAL B 101 -10.72 8.60 -19.41
C VAL B 101 -10.58 7.38 -18.48
N LEU B 102 -9.36 7.15 -17.97
CA LEU B 102 -9.13 5.94 -17.17
C LEU B 102 -9.98 5.96 -15.91
N ASN B 103 -10.11 7.13 -15.27
CA ASN B 103 -11.04 7.24 -14.15
C ASN B 103 -12.45 6.85 -14.55
N CYS B 104 -12.96 7.42 -15.65
CA CYS B 104 -14.37 7.23 -15.99
C CYS B 104 -14.68 5.79 -16.35
N VAL B 105 -13.85 5.15 -17.18
CA VAL B 105 -14.22 3.82 -17.63
C VAL B 105 -14.07 2.78 -16.50
N THR B 106 -13.13 2.98 -15.58
CA THR B 106 -13.09 2.07 -14.44
C THR B 106 -14.19 2.38 -13.42
N PHE B 107 -14.76 3.59 -13.46
CA PHE B 107 -15.98 3.83 -12.69
C PHE B 107 -17.15 3.02 -13.22
N VAL B 108 -17.31 2.97 -14.54
CA VAL B 108 -18.32 2.11 -15.14
C VAL B 108 -18.17 0.68 -14.65
N TRP B 109 -16.93 0.17 -14.69
CA TRP B 109 -16.63 -1.18 -14.23
C TRP B 109 -17.04 -1.37 -12.77
N ASP B 110 -16.81 -0.34 -11.94
CA ASP B 110 -17.19 -0.35 -10.54
C ASP B 110 -18.70 -0.48 -10.34
N ASP B 111 -19.50 0.11 -11.23
CA ASP B 111 -20.96 0.10 -11.13
C ASP B 111 -21.60 -1.11 -11.79
N MET B 112 -20.84 -1.93 -12.51
CA MET B 112 -21.39 -3.06 -13.22
C MET B 112 -21.54 -4.29 -12.33
N ASP B 113 -22.66 -4.98 -12.47
CA ASP B 113 -22.78 -6.32 -11.92
C ASP B 113 -21.70 -7.19 -12.54
N PRO B 114 -21.14 -8.16 -11.81
CA PRO B 114 -19.93 -8.84 -12.29
C PRO B 114 -20.15 -9.72 -13.53
N ALA B 115 -21.38 -10.16 -13.80
CA ALA B 115 -21.66 -10.78 -15.09
C ALA B 115 -21.26 -9.89 -16.25
N LEU B 116 -21.41 -8.58 -16.12
CA LEU B 116 -21.09 -7.67 -17.20
C LEU B 116 -19.60 -7.60 -17.49
N HIS B 117 -18.76 -7.99 -16.53
CA HIS B 117 -17.31 -7.90 -16.66
C HIS B 117 -16.87 -8.87 -17.74
N ASP B 118 -16.02 -8.43 -18.65
CA ASP B 118 -15.44 -9.30 -19.68
C ASP B 118 -14.00 -8.84 -19.86
N PHE B 119 -13.09 -9.44 -19.09
CA PHE B 119 -11.68 -9.05 -19.15
C PHE B 119 -11.12 -9.20 -20.55
N GLY B 120 -11.51 -10.27 -21.26
CA GLY B 120 -11.00 -10.49 -22.60
C GLY B 120 -11.42 -9.40 -23.56
N LEU B 121 -12.45 -8.63 -23.20
CA LEU B 121 -12.87 -7.60 -24.12
C LEU B 121 -12.53 -6.21 -23.62
N PHE B 122 -12.37 -6.05 -22.31
CA PHE B 122 -12.11 -4.73 -21.74
C PHE B 122 -10.61 -4.44 -21.58
N LEU B 123 -9.80 -5.42 -21.17
CA LEU B 123 -8.37 -5.14 -20.99
C LEU B 123 -7.70 -4.58 -22.25
N PRO B 124 -7.98 -5.08 -23.48
CA PRO B 124 -7.37 -4.45 -24.66
C PRO B 124 -7.79 -3.01 -24.88
N GLN B 125 -9.00 -2.62 -24.48
CA GLN B 125 -9.40 -1.22 -24.57
C GLN B 125 -8.57 -0.37 -23.61
N LEU B 126 -8.30 -0.86 -22.41
CA LEU B 126 -7.51 -0.08 -21.45
C LEU B 126 -6.08 0.11 -21.96
N ARG B 127 -5.53 -0.89 -22.65
CA ARG B 127 -4.17 -0.76 -23.16
C ARG B 127 -4.12 0.19 -24.36
N LYS B 128 -5.17 0.21 -25.18
CA LYS B 128 -5.16 1.16 -26.29
C LYS B 128 -5.37 2.59 -25.79
N ILE B 129 -6.03 2.75 -24.63
CA ILE B 129 -6.13 4.07 -24.02
C ILE B 129 -4.77 4.52 -23.48
N CYS B 130 -4.13 3.67 -22.68
CA CYS B 130 -2.84 4.04 -22.11
C CYS B 130 -1.83 4.35 -23.20
N GLU B 131 -1.75 3.48 -24.21
CA GLU B 131 -0.73 3.67 -25.23
C GLU B 131 -1.05 4.86 -26.14
N LYS B 132 -2.25 5.44 -26.04
CA LYS B 132 -2.59 6.60 -26.85
C LYS B 132 -2.22 7.93 -26.16
N TYR B 133 -2.27 7.95 -24.82
CA TYR B 133 -2.07 9.20 -24.09
C TYR B 133 -0.72 9.30 -23.38
N TYR B 134 -0.03 8.19 -23.12
CA TYR B 134 1.22 8.20 -22.39
C TYR B 134 2.40 7.75 -23.26
N GLY B 135 3.58 8.31 -22.96
CA GLY B 135 4.82 7.78 -23.46
C GLY B 135 5.08 6.38 -22.92
N PRO B 136 6.10 5.71 -23.46
CA PRO B 136 6.24 4.25 -23.23
C PRO B 136 6.32 3.80 -21.76
N GLU B 137 7.20 4.40 -20.94
CA GLU B 137 7.28 4.00 -19.53
C GLU B 137 6.00 4.37 -18.77
N ASP B 138 5.49 5.59 -19.01
CA ASP B 138 4.27 6.05 -18.33
C ASP B 138 3.12 5.09 -18.61
N ALA B 139 3.00 4.65 -19.87
CA ALA B 139 1.89 3.81 -20.26
C ALA B 139 1.95 2.46 -19.58
N GLU B 140 3.17 1.95 -19.34
CA GLU B 140 3.31 0.71 -18.61
C GLU B 140 2.76 0.81 -17.21
N VAL B 141 3.22 1.81 -16.45
CA VAL B 141 2.81 1.98 -15.06
C VAL B 141 1.32 2.23 -14.97
N ALA B 142 0.79 3.11 -15.83
CA ALA B 142 -0.63 3.41 -15.80
C ALA B 142 -1.46 2.18 -16.17
N TYR B 143 -1.01 1.42 -17.18
CA TYR B 143 -1.74 0.22 -17.56
C TYR B 143 -1.75 -0.84 -16.44
N GLU B 144 -0.60 -1.14 -15.84
CA GLU B 144 -0.59 -2.12 -14.75
C GLU B 144 -1.52 -1.70 -13.62
N ALA B 145 -1.51 -0.42 -13.26
CA ALA B 145 -2.37 0.03 -12.18
C ALA B 145 -3.86 -0.12 -12.55
N ALA B 146 -4.23 0.21 -13.80
CA ALA B 146 -5.63 0.07 -14.19
C ALA B 146 -6.04 -1.40 -14.20
N ARG B 147 -5.18 -2.27 -14.74
CA ARG B 147 -5.42 -3.72 -14.71
C ARG B 147 -5.62 -4.21 -13.28
N ALA B 148 -4.68 -3.89 -12.40
CA ALA B 148 -4.79 -4.37 -11.02
C ALA B 148 -6.06 -3.83 -10.36
N PHE B 149 -6.44 -2.59 -10.66
CA PHE B 149 -7.66 -2.06 -10.06
C PHE B 149 -8.90 -2.83 -10.56
N VAL B 150 -9.05 -3.00 -11.87
CA VAL B 150 -10.26 -3.67 -12.34
C VAL B 150 -10.25 -5.15 -11.93
N THR B 151 -9.07 -5.77 -11.91
CA THR B 151 -8.99 -7.15 -11.44
C THR B 151 -9.39 -7.25 -9.96
N SER B 152 -8.90 -6.33 -9.13
CA SER B 152 -9.27 -6.30 -7.72
C SER B 152 -10.78 -6.08 -7.55
N ASP B 153 -11.33 -5.05 -8.21
CA ASP B 153 -12.75 -4.79 -8.06
C ASP B 153 -13.58 -6.02 -8.41
N HIS B 154 -13.13 -6.78 -9.41
CA HIS B 154 -13.86 -7.99 -9.82
C HIS B 154 -13.66 -9.13 -8.85
N MET B 155 -12.40 -9.40 -8.46
CA MET B 155 -12.08 -10.52 -7.57
C MET B 155 -12.89 -10.49 -6.29
N PHE B 156 -13.07 -9.32 -5.70
CA PHE B 156 -13.55 -9.24 -4.34
C PHE B 156 -15.08 -9.17 -4.24
N ARG B 157 -15.80 -9.23 -5.36
CA ARG B 157 -17.26 -9.07 -5.32
C ARG B 157 -17.94 -10.11 -4.42
N ASP B 158 -17.53 -11.37 -4.49
CA ASP B 158 -18.12 -12.31 -3.53
C ASP B 158 -17.03 -12.91 -2.63
N SER B 159 -16.11 -12.04 -2.18
CA SER B 159 -14.95 -12.55 -1.48
C SER B 159 -15.17 -12.61 0.03
N PRO B 160 -14.80 -13.72 0.63
CA PRO B 160 -14.64 -13.74 2.10
C PRO B 160 -13.53 -12.82 2.58
N ILE B 161 -12.50 -12.57 1.77
CA ILE B 161 -11.46 -11.63 2.18
C ILE B 161 -12.06 -10.24 2.38
N LYS B 162 -12.88 -9.82 1.43
CA LYS B 162 -13.48 -8.49 1.53
C LYS B 162 -14.34 -8.36 2.78
N ALA B 163 -15.11 -9.39 3.10
CA ALA B 163 -15.93 -9.35 4.31
C ALA B 163 -15.05 -9.29 5.56
N ALA B 164 -13.97 -10.07 5.60
CA ALA B 164 -13.09 -10.01 6.76
C ALA B 164 -12.44 -8.63 6.90
N LEU B 165 -11.99 -8.05 5.78
CA LEU B 165 -11.32 -6.77 5.87
C LEU B 165 -12.31 -5.62 6.09
N CYS B 166 -13.57 -5.77 5.68
CA CYS B 166 -14.56 -4.71 5.85
C CYS B 166 -15.47 -4.91 7.05
N THR B 167 -15.23 -5.92 7.89
CA THR B 167 -16.03 -6.05 9.10
C THR B 167 -15.18 -6.01 10.36
N THR B 168 -13.86 -6.17 10.26
CA THR B 168 -13.03 -6.22 11.46
C THR B 168 -12.87 -4.84 12.08
N SER B 169 -11.88 -4.05 11.65
CA SER B 169 -11.56 -2.79 12.30
C SER B 169 -11.43 -1.72 11.23
N PRO B 170 -11.23 -0.45 11.63
CA PRO B 170 -10.91 0.57 10.61
C PRO B 170 -9.58 0.33 9.92
N GLU B 171 -8.56 -0.13 10.65
CA GLU B 171 -7.25 -0.38 10.05
C GLU B 171 -7.32 -1.46 8.98
N GLN B 172 -8.03 -2.56 9.23
CA GLN B 172 -8.20 -3.58 8.19
C GLN B 172 -8.90 -2.99 6.97
N TYR B 173 -10.00 -2.29 7.21
CA TYR B 173 -10.81 -1.73 6.14
C TYR B 173 -10.00 -0.75 5.27
N PHE B 174 -9.32 0.21 5.89
CA PHE B 174 -8.57 1.18 5.07
C PHE B 174 -7.42 0.52 4.31
N ARG B 175 -6.81 -0.53 4.88
CA ARG B 175 -5.86 -1.32 4.10
C ARG B 175 -6.46 -1.82 2.80
N PHE B 176 -7.67 -2.35 2.87
CA PHE B 176 -8.34 -2.81 1.67
C PHE B 176 -8.55 -1.66 0.67
N ARG B 177 -8.90 -0.49 1.19
CA ARG B 177 -9.29 0.60 0.30
C ARG B 177 -8.11 1.29 -0.36
N VAL B 178 -6.89 1.08 0.12
CA VAL B 178 -5.74 1.66 -0.58
C VAL B 178 -5.82 1.30 -2.06
N THR B 179 -6.21 0.06 -2.36
CA THR B 179 -6.44 -0.38 -3.73
C THR B 179 -7.89 -0.18 -4.17
N ASP B 180 -8.85 -0.58 -3.32
CA ASP B 180 -10.22 -0.68 -3.79
C ASP B 180 -10.84 0.68 -4.09
N ILE B 181 -10.47 1.74 -3.37
CA ILE B 181 -11.02 3.04 -3.76
C ILE B 181 -10.28 3.62 -4.96
N GLY B 182 -9.31 2.91 -5.53
CA GLY B 182 -8.65 3.35 -6.73
C GLY B 182 -7.57 4.39 -6.56
N VAL B 183 -7.20 4.74 -5.33
CA VAL B 183 -6.27 5.85 -5.15
C VAL B 183 -4.84 5.45 -5.55
N ASP B 184 -4.43 4.21 -5.29
CA ASP B 184 -3.11 3.82 -5.78
C ASP B 184 -3.06 3.91 -7.30
N PHE B 185 -4.10 3.42 -7.96
CA PHE B 185 -4.29 3.57 -9.39
C PHE B 185 -4.18 5.04 -9.80
N TRP B 186 -4.95 5.89 -9.13
CA TRP B 186 -4.93 7.32 -9.38
C TRP B 186 -3.52 7.89 -9.36
N MET B 187 -2.76 7.58 -8.30
CA MET B 187 -1.42 8.14 -8.19
C MET B 187 -0.52 7.65 -9.33
N LYS B 188 -0.62 6.35 -9.66
CA LYS B 188 0.27 5.79 -10.66
C LYS B 188 -0.10 6.20 -12.08
N MET B 189 -1.29 6.76 -12.30
CA MET B 189 -1.60 7.35 -13.59
C MET B 189 -1.55 8.87 -13.60
N SER B 190 -1.51 9.51 -12.42
CA SER B 190 -1.46 10.96 -12.33
C SER B 190 -0.05 11.54 -12.28
N TYR B 191 0.98 10.80 -11.87
CA TYR B 191 2.29 11.44 -11.76
C TYR B 191 2.83 11.98 -13.09
N PRO B 192 2.55 11.39 -14.26
CA PRO B 192 3.01 12.05 -15.50
C PRO B 192 2.38 13.42 -15.71
N ILE B 193 1.28 13.74 -15.03
CA ILE B 193 0.70 15.08 -15.15
C ILE B 193 1.68 16.12 -14.65
N TYR B 194 2.42 15.79 -13.59
CA TYR B 194 3.18 16.77 -12.82
C TYR B 194 4.68 16.78 -13.14
N ARG B 195 5.25 15.65 -13.57
CA ARG B 195 6.69 15.54 -13.91
C ARG B 195 7.54 16.02 -12.72
N HIS B 196 7.10 15.69 -11.52
CA HIS B 196 7.76 16.09 -10.30
C HIS B 196 8.46 14.87 -9.70
N PRO B 197 9.79 14.84 -9.67
CA PRO B 197 10.49 13.59 -9.29
C PRO B 197 10.02 12.99 -7.98
N GLU B 198 9.94 13.76 -6.90
CA GLU B 198 9.55 13.18 -5.61
C GLU B 198 8.13 12.65 -5.63
N PHE B 199 7.21 13.34 -6.33
CA PHE B 199 5.84 12.86 -6.36
C PHE B 199 5.75 11.54 -7.13
N THR B 200 6.56 11.43 -8.19
CA THR B 200 6.65 10.21 -8.98
C THR B 200 7.08 9.03 -8.10
N GLU B 201 8.05 9.24 -7.20
CA GLU B 201 8.45 8.12 -6.34
C GLU B 201 7.40 7.80 -5.29
N HIS B 202 6.84 8.84 -4.64
CA HIS B 202 5.78 8.58 -3.67
C HIS B 202 4.61 7.85 -4.32
N ALA B 203 4.35 8.16 -5.59
CA ALA B 203 3.35 7.44 -6.36
C ALA B 203 3.77 5.98 -6.55
N LYS B 204 5.02 5.76 -6.96
CA LYS B 204 5.43 4.40 -7.31
C LYS B 204 5.62 3.49 -6.10
N THR B 205 5.96 4.04 -4.94
CA THR B 205 6.02 3.23 -3.72
C THR B 205 4.64 3.00 -3.10
N SER B 206 3.64 3.74 -3.56
CA SER B 206 2.28 3.79 -3.01
C SER B 206 2.19 4.52 -1.69
N LEU B 207 3.28 5.12 -1.21
CA LEU B 207 3.17 5.98 -0.03
C LEU B 207 2.18 7.12 -0.27
N ALA B 208 2.14 7.62 -1.51
CA ALA B 208 1.16 8.65 -1.87
C ALA B 208 -0.26 8.15 -1.63
N ALA B 209 -0.56 6.96 -2.14
CA ALA B 209 -1.87 6.36 -1.89
C ALA B 209 -2.11 6.14 -0.40
N ARG B 210 -1.10 5.64 0.31
CA ARG B 210 -1.29 5.38 1.73
C ARG B 210 -1.58 6.66 2.51
N MET B 211 -1.01 7.80 2.11
CA MET B 211 -1.26 9.04 2.84
C MET B 211 -2.68 9.55 2.63
N THR B 212 -3.29 9.26 1.49
CA THR B 212 -4.54 9.92 1.09
C THR B 212 -5.75 9.00 1.19
N THR B 213 -5.54 7.71 1.47
CA THR B 213 -6.64 6.76 1.46
C THR B 213 -7.74 7.14 2.45
N ARG B 214 -7.37 7.48 3.69
CA ARG B 214 -8.42 7.70 4.68
C ARG B 214 -9.24 8.97 4.35
N GLY B 215 -8.56 10.02 3.92
CA GLY B 215 -9.27 11.26 3.57
C GLY B 215 -10.26 11.06 2.44
N LEU B 216 -9.86 10.32 1.40
CA LEU B 216 -10.79 10.03 0.30
C LEU B 216 -11.92 9.12 0.76
N THR B 217 -11.56 8.05 1.47
CA THR B 217 -12.51 6.98 1.75
C THR B 217 -13.57 7.43 2.75
N ILE B 218 -13.16 8.13 3.80
CA ILE B 218 -14.12 8.51 4.83
C ILE B 218 -15.20 9.40 4.22
N VAL B 219 -14.79 10.34 3.36
CA VAL B 219 -15.73 11.21 2.67
C VAL B 219 -16.59 10.42 1.71
N ASN B 220 -15.97 9.57 0.87
CA ASN B 220 -16.76 8.78 -0.05
C ASN B 220 -17.76 7.92 0.69
N ASP B 221 -17.32 7.24 1.76
CA ASP B 221 -18.19 6.33 2.49
C ASP B 221 -19.40 7.06 3.06
N PHE B 222 -19.18 8.23 3.64
CA PHE B 222 -20.30 8.92 4.29
C PHE B 222 -21.39 9.21 3.27
N TYR B 223 -21.02 9.72 2.12
CA TYR B 223 -22.01 10.18 1.15
C TYR B 223 -22.50 9.07 0.23
N SER B 224 -21.83 7.90 0.18
CA SER B 224 -22.34 6.80 -0.63
C SER B 224 -22.95 5.71 0.22
N TYR B 225 -23.03 5.91 1.54
CA TYR B 225 -23.58 4.92 2.47
C TYR B 225 -25.00 4.49 2.08
N ASP B 226 -25.89 5.46 1.85
CA ASP B 226 -27.28 5.09 1.61
C ASP B 226 -27.42 4.22 0.37
N ARG B 227 -26.71 4.57 -0.70
CA ARG B 227 -26.79 3.75 -1.91
C ARG B 227 -26.19 2.37 -1.67
N GLU B 228 -25.04 2.33 -1.00
CA GLU B 228 -24.36 1.05 -0.85
C GLU B 228 -25.13 0.10 0.07
N VAL B 229 -25.75 0.63 1.12
CA VAL B 229 -26.54 -0.24 1.98
C VAL B 229 -27.75 -0.79 1.23
N SER B 230 -28.40 0.04 0.39
CA SER B 230 -29.54 -0.49 -0.37
C SER B 230 -29.10 -1.54 -1.39
N LEU B 231 -27.90 -1.42 -1.94
CA LEU B 231 -27.40 -2.33 -2.96
C LEU B 231 -26.53 -3.46 -2.39
N GLY B 232 -26.47 -3.59 -1.06
CA GLY B 232 -25.80 -4.72 -0.45
C GLY B 232 -24.29 -4.69 -0.45
N GLN B 233 -23.67 -3.59 -0.87
CA GLN B 233 -22.22 -3.46 -0.81
C GLN B 233 -21.79 -3.22 0.63
N ILE B 234 -20.84 -4.01 1.13
CA ILE B 234 -20.38 -3.86 2.51
C ILE B 234 -19.10 -3.05 2.60
N THR B 235 -18.59 -2.52 1.48
CA THR B 235 -17.32 -1.80 1.50
C THR B 235 -17.58 -0.33 1.88
N ASN B 236 -17.69 -0.09 3.19
CA ASN B 236 -18.03 1.23 3.71
C ASN B 236 -17.77 1.28 5.21
N CYS B 237 -16.90 2.17 5.68
CA CYS B 237 -16.50 2.12 7.07
C CYS B 237 -17.64 2.42 8.05
N PHE B 238 -18.68 3.14 7.63
CA PHE B 238 -19.75 3.39 8.59
C PHE B 238 -20.62 2.17 8.87
N ARG B 239 -20.46 1.08 8.10
CA ARG B 239 -21.09 -0.18 8.50
C ARG B 239 -20.41 -0.78 9.73
N LEU B 240 -19.24 -0.26 10.11
CA LEU B 240 -18.58 -0.69 11.32
C LEU B 240 -19.21 -0.12 12.58
N CYS B 241 -20.04 0.92 12.50
CA CYS B 241 -20.67 1.45 13.69
C CYS B 241 -22.18 1.40 13.53
N ASP B 242 -22.86 1.52 14.66
CA ASP B 242 -24.32 1.50 14.68
C ASP B 242 -24.81 2.89 14.29
N VAL B 243 -25.06 3.10 13.00
CA VAL B 243 -25.49 4.43 12.58
C VAL B 243 -26.90 4.78 13.06
N SER B 244 -27.72 3.79 13.45
CA SER B 244 -29.04 4.12 13.99
C SER B 244 -28.96 4.75 15.37
N ASP B 245 -27.79 4.69 16.00
CA ASP B 245 -27.57 5.13 17.36
C ASP B 245 -26.72 6.39 17.32
N GLU B 246 -27.36 7.54 17.53
CA GLU B 246 -26.70 8.83 17.41
C GLU B 246 -25.37 8.88 18.17
N THR B 247 -25.36 8.43 19.42
CA THR B 247 -24.16 8.55 20.24
C THR B 247 -23.01 7.73 19.67
N ALA B 248 -23.28 6.47 19.31
CA ALA B 248 -22.23 5.66 18.71
C ALA B 248 -21.76 6.27 17.40
N PHE B 249 -22.68 6.75 16.57
CA PHE B 249 -22.29 7.33 15.29
C PHE B 249 -21.37 8.53 15.50
N LYS B 250 -21.73 9.41 16.44
CA LYS B 250 -20.95 10.62 16.65
C LYS B 250 -19.53 10.34 17.06
N GLU B 251 -19.30 9.38 17.95
CA GLU B 251 -17.95 9.14 18.42
C GLU B 251 -17.13 8.45 17.33
N PHE B 252 -17.77 7.58 16.55
CA PHE B 252 -17.12 7.00 15.38
C PHE B 252 -16.75 8.08 14.37
N PHE B 253 -17.69 8.97 14.07
CA PHE B 253 -17.41 10.03 13.11
C PHE B 253 -16.25 10.89 13.57
N GLN B 254 -16.24 11.25 14.86
CA GLN B 254 -15.11 11.98 15.42
C GLN B 254 -13.80 11.22 15.23
N ALA B 255 -13.81 9.92 15.50
CA ALA B 255 -12.59 9.12 15.33
C ALA B 255 -12.10 9.21 13.87
N ARG B 256 -13.03 9.25 12.92
CA ARG B 256 -12.64 9.34 11.51
C ARG B 256 -12.14 10.75 11.15
N LEU B 257 -12.77 11.81 11.71
CA LEU B 257 -12.21 13.14 11.57
C LEU B 257 -10.78 13.19 12.10
N ASP B 258 -10.56 12.62 13.29
CA ASP B 258 -9.19 12.53 13.84
C ASP B 258 -8.25 11.86 12.84
N ASP B 259 -8.67 10.77 12.22
CA ASP B 259 -7.82 10.10 11.22
C ASP B 259 -7.44 11.07 10.10
N MET B 260 -8.43 11.80 9.58
CA MET B 260 -8.16 12.70 8.48
C MET B 260 -7.18 13.79 8.87
N ILE B 261 -7.37 14.35 10.07
CA ILE B 261 -6.51 15.41 10.57
C ILE B 261 -5.09 14.91 10.73
N GLU B 262 -4.92 13.75 11.35
CA GLU B 262 -3.58 13.22 11.51
C GLU B 262 -2.89 13.05 10.15
N ASP B 263 -3.60 12.49 9.16
CA ASP B 263 -3.01 12.32 7.83
C ASP B 263 -2.63 13.67 7.22
N ILE B 264 -3.53 14.65 7.34
CA ILE B 264 -3.26 15.94 6.72
C ILE B 264 -2.06 16.62 7.36
N GLU B 265 -1.95 16.55 8.69
CA GLU B 265 -0.81 17.20 9.35
C GLU B 265 0.51 16.47 9.06
N CYS B 266 0.47 15.15 8.83
CA CYS B 266 1.68 14.49 8.33
C CYS B 266 1.94 14.78 6.86
N ILE B 267 0.89 14.97 6.05
CA ILE B 267 1.10 15.33 4.65
C ILE B 267 1.88 16.64 4.54
N LYS B 268 1.74 17.55 5.51
CA LYS B 268 2.46 18.82 5.52
C LYS B 268 3.98 18.68 5.68
N ALA B 269 4.47 17.50 6.03
CA ALA B 269 5.92 17.28 6.04
C ALA B 269 6.47 16.97 4.65
N PHE B 270 5.62 16.61 3.69
CA PHE B 270 6.12 16.36 2.36
C PHE B 270 6.54 17.66 1.71
N ASP B 271 7.25 17.57 0.59
CA ASP B 271 7.73 18.77 -0.05
C ASP B 271 6.54 19.62 -0.47
N GLN B 272 6.77 20.93 -0.53
CA GLN B 272 5.68 21.87 -0.75
C GLN B 272 4.79 21.47 -1.92
N LEU B 273 5.36 20.92 -3.00
CA LEU B 273 4.53 20.64 -4.18
C LEU B 273 3.76 19.35 -4.02
N THR B 274 4.41 18.32 -3.51
CA THR B 274 3.72 17.05 -3.26
C THR B 274 2.54 17.25 -2.32
N GLN B 275 2.70 18.07 -1.28
CA GLN B 275 1.60 18.24 -0.34
C GLN B 275 0.44 18.99 -0.98
N ASP B 276 0.72 19.93 -1.88
CA ASP B 276 -0.36 20.57 -2.63
C ASP B 276 -1.21 19.52 -3.33
N VAL B 277 -0.54 18.58 -4.01
CA VAL B 277 -1.27 17.58 -4.80
C VAL B 277 -2.08 16.67 -3.88
N PHE B 278 -1.46 16.18 -2.80
CA PHE B 278 -2.20 15.32 -1.88
C PHE B 278 -3.42 16.02 -1.31
N LEU B 279 -3.26 17.29 -0.90
CA LEU B 279 -4.36 17.99 -0.22
C LEU B 279 -5.45 18.40 -1.21
N ASP B 280 -5.07 18.78 -2.43
CA ASP B 280 -6.09 19.04 -3.46
C ASP B 280 -6.88 17.78 -3.75
N LEU B 281 -6.23 16.61 -3.69
CA LEU B 281 -6.94 15.38 -3.93
C LEU B 281 -8.00 15.14 -2.85
N ILE B 282 -7.60 15.27 -1.57
CA ILE B 282 -8.54 14.99 -0.49
C ILE B 282 -9.64 16.04 -0.46
N TYR B 283 -9.26 17.30 -0.53
CA TYR B 283 -10.26 18.36 -0.40
C TYR B 283 -11.11 18.46 -1.68
N GLY B 284 -10.49 18.33 -2.84
CA GLY B 284 -11.26 18.32 -4.08
C GLY B 284 -12.26 17.20 -4.14
N ASN B 285 -11.88 16.01 -3.65
CA ASN B 285 -12.84 14.91 -3.66
C ASN B 285 -14.05 15.26 -2.80
N PHE B 286 -13.84 16.00 -1.73
CA PHE B 286 -14.96 16.38 -0.88
C PHE B 286 -15.88 17.39 -1.60
N VAL B 287 -15.29 18.38 -2.27
CA VAL B 287 -16.12 19.36 -2.99
C VAL B 287 -16.92 18.66 -4.09
N TRP B 288 -16.25 17.81 -4.86
CA TRP B 288 -16.91 17.05 -5.92
C TRP B 288 -18.01 16.16 -5.36
N THR B 289 -17.70 15.40 -4.30
CA THR B 289 -18.66 14.45 -3.76
C THR B 289 -19.95 15.16 -3.33
N THR B 290 -19.82 16.31 -2.64
CA THR B 290 -20.98 17.01 -2.14
C THR B 290 -21.75 17.75 -3.23
N SER B 291 -21.16 17.96 -4.41
CA SER B 291 -21.82 18.65 -5.50
C SER B 291 -22.45 17.71 -6.53
N ASN B 292 -22.18 16.42 -6.46
CA ASN B 292 -22.40 15.53 -7.59
C ASN B 292 -23.66 14.71 -7.33
N LYS B 293 -24.54 14.63 -8.33
CA LYS B 293 -25.82 13.99 -8.07
C LYS B 293 -25.66 12.49 -7.89
N ARG B 294 -24.49 11.93 -8.22
CA ARG B 294 -24.18 10.53 -7.92
C ARG B 294 -24.43 10.20 -6.46
N TYR B 295 -24.16 11.16 -5.56
CA TYR B 295 -24.18 10.91 -4.13
C TYR B 295 -25.44 11.48 -3.43
N LYS B 296 -26.34 12.15 -4.17
CA LYS B 296 -27.51 12.85 -3.61
C LYS B 296 -28.78 11.99 -3.50
N THR B 297 -29.29 11.45 -4.61
CA THR B 297 -30.25 10.35 -4.55
C THR B 297 -29.47 9.05 -4.43
N ALA B 298 -30.10 8.03 -3.80
CA ALA B 298 -29.41 6.75 -3.65
C ALA B 298 -29.37 6.01 -4.97
N VAL B 299 -30.38 6.18 -5.81
CA VAL B 299 -30.44 5.55 -7.11
C VAL B 299 -31.05 6.55 -8.08
N ASN B 300 -30.21 7.16 -8.90
CA ASN B 300 -30.66 8.15 -9.87
C ASN B 300 -29.99 7.86 -11.21
N ASP B 301 -29.86 8.90 -12.03
CA ASP B 301 -29.50 8.79 -13.43
C ASP B 301 -28.01 8.49 -13.63
N VAL B 302 -27.18 8.69 -12.61
CA VAL B 302 -25.75 8.53 -12.78
C VAL B 302 -25.11 7.53 -11.83
N ASN B 303 -25.63 7.34 -10.61
CA ASN B 303 -24.96 6.43 -9.68
C ASN B 303 -25.38 4.98 -9.87
N SER B 304 -26.14 4.69 -10.92
CA SER B 304 -27.10 3.61 -10.83
C SER B 304 -26.48 2.24 -11.02
N ARG B 305 -26.72 1.40 -10.01
CA ARG B 305 -26.98 0.00 -10.22
C ARG B 305 -28.48 -0.26 -10.20
N ILE B 306 -29.01 -0.75 -11.33
CA ILE B 306 -30.42 -1.08 -11.47
C ILE B 306 -30.65 -2.41 -10.75
N GLN B 307 -31.84 -2.58 -10.20
CA GLN B 307 -32.24 -3.86 -9.64
C GLN B 307 -33.18 -4.53 -10.64
N ALA B 308 -33.02 -5.84 -10.80
CA ALA B 308 -33.60 -6.56 -11.94
C ALA B 308 -33.69 -8.06 -11.68
N GLY A 14 17.69 4.92 30.84
CA GLY A 14 18.44 5.42 29.71
C GLY A 14 17.54 5.60 28.51
N ARG A 15 16.56 4.70 28.39
CA ARG A 15 15.74 4.54 27.21
C ARG A 15 16.56 4.05 26.03
N SER A 16 17.82 3.73 26.26
CA SER A 16 18.69 3.23 25.21
C SER A 16 18.56 1.74 24.98
N SER A 17 17.67 1.03 25.69
CA SER A 17 17.71 -0.42 25.52
C SER A 17 16.40 -1.08 25.96
N VAL A 18 16.04 -2.15 25.25
CA VAL A 18 14.94 -3.02 25.68
C VAL A 18 15.45 -4.30 26.31
N ARG A 19 16.67 -4.28 26.88
CA ARG A 19 17.20 -5.45 27.58
C ARG A 19 16.29 -6.01 28.67
N PRO A 20 15.68 -5.21 29.55
CA PRO A 20 14.91 -5.82 30.64
C PRO A 20 13.82 -6.78 30.17
N TYR A 21 13.31 -6.59 28.95
CA TYR A 21 12.14 -7.30 28.46
C TYR A 21 12.48 -8.39 27.45
N LEU A 22 13.76 -8.63 27.19
CA LEU A 22 14.14 -9.48 26.07
C LEU A 22 13.56 -10.89 26.20
N GLU A 23 13.71 -11.50 27.38
CA GLU A 23 13.23 -12.87 27.56
C GLU A 23 11.70 -12.95 27.54
N GLU A 24 11.03 -12.08 28.32
CA GLU A 24 9.57 -12.12 28.38
C GLU A 24 8.96 -11.82 27.02
N CYS A 25 9.48 -10.82 26.31
CA CYS A 25 8.92 -10.49 25.00
C CYS A 25 9.15 -11.61 24.00
N THR A 26 10.35 -12.21 24.00
CA THR A 26 10.57 -13.36 23.13
C THR A 26 9.54 -14.45 23.43
N ARG A 27 9.37 -14.77 24.71
CA ARG A 27 8.37 -15.75 25.09
C ARG A 27 6.98 -15.36 24.60
N ARG A 28 6.63 -14.08 24.77
CA ARG A 28 5.32 -13.59 24.33
C ARG A 28 5.09 -13.79 22.84
N PHE A 29 6.04 -13.34 22.02
CA PHE A 29 5.96 -13.55 20.57
C PHE A 29 5.71 -15.02 20.24
N GLN A 30 6.50 -15.91 20.83
CA GLN A 30 6.39 -17.31 20.47
C GLN A 30 5.03 -17.89 20.88
N GLU A 31 4.54 -17.55 22.07
CA GLU A 31 3.22 -18.02 22.48
C GLU A 31 2.16 -17.57 21.50
N MET A 32 2.26 -16.32 21.05
CA MET A 32 1.28 -15.78 20.11
C MET A 32 1.29 -16.58 18.82
N PHE A 33 2.48 -16.84 18.28
CA PHE A 33 2.58 -17.65 17.07
C PHE A 33 2.00 -19.05 17.27
N ASP A 34 2.30 -19.70 18.41
CA ASP A 34 1.84 -21.07 18.58
C ASP A 34 0.32 -21.13 18.65
N ARG A 35 -0.29 -20.08 19.18
CA ARG A 35 -1.74 -20.05 19.36
C ARG A 35 -2.49 -19.66 18.10
N HIS A 36 -1.86 -18.92 17.19
CA HIS A 36 -2.54 -18.29 16.07
C HIS A 36 -1.97 -18.67 14.70
N VAL A 37 -0.92 -19.50 14.66
CA VAL A 37 -0.29 -19.93 13.40
C VAL A 37 0.09 -21.41 13.46
N VAL A 38 0.62 -21.88 14.59
CA VAL A 38 0.79 -23.29 14.90
C VAL A 38 1.97 -23.90 14.14
N THR A 39 1.71 -24.51 12.98
CA THR A 39 2.78 -25.01 12.11
C THR A 39 3.96 -24.04 12.05
N ARG A 40 5.16 -24.57 12.29
CA ARG A 40 6.40 -23.81 12.25
C ARG A 40 6.73 -23.36 10.84
N PRO A 41 7.49 -22.28 10.68
CA PRO A 41 8.16 -22.04 9.40
C PRO A 41 9.21 -23.13 9.16
N THR A 42 9.74 -23.18 7.95
CA THR A 42 10.64 -24.26 7.56
C THR A 42 11.76 -23.75 6.67
N LYS A 43 12.99 -24.17 6.97
CA LYS A 43 14.18 -23.58 6.36
C LYS A 43 14.50 -24.25 5.02
N VAL A 44 14.55 -23.46 3.96
CA VAL A 44 14.90 -23.96 2.63
C VAL A 44 16.36 -24.38 2.62
N GLU A 45 16.60 -25.65 2.33
CA GLU A 45 17.95 -26.20 2.23
C GLU A 45 18.47 -25.98 0.81
N LEU A 46 19.47 -25.12 0.68
CA LEU A 46 20.18 -24.92 -0.58
C LEU A 46 21.34 -25.92 -0.69
N THR A 47 21.71 -26.25 -1.92
CA THR A 47 22.92 -27.05 -2.09
C THR A 47 24.14 -26.18 -1.89
N ASP A 48 25.29 -26.82 -1.65
CA ASP A 48 26.53 -26.06 -1.54
C ASP A 48 26.79 -25.26 -2.82
N ALA A 49 26.55 -25.87 -3.98
CA ALA A 49 26.63 -25.14 -5.24
C ALA A 49 25.67 -23.96 -5.28
N GLU A 50 24.43 -24.17 -4.81
CA GLU A 50 23.42 -23.12 -4.91
C GLU A 50 23.71 -21.98 -3.95
N LEU A 51 24.31 -22.28 -2.80
CA LEU A 51 24.67 -21.22 -1.87
C LEU A 51 25.80 -20.38 -2.43
N ARG A 52 26.75 -21.02 -3.10
CA ARG A 52 27.88 -20.29 -3.63
C ARG A 52 27.51 -19.53 -4.90
N GLU A 53 26.51 -20.02 -5.65
CA GLU A 53 25.98 -19.22 -6.76
C GLU A 53 25.33 -17.94 -6.25
N VAL A 54 24.54 -18.04 -5.17
CA VAL A 54 23.89 -16.85 -4.63
C VAL A 54 24.91 -15.82 -4.17
N ILE A 55 25.90 -16.28 -3.40
CA ILE A 55 26.88 -15.35 -2.83
C ILE A 55 27.79 -14.78 -3.91
N ASP A 56 28.11 -15.59 -4.94
CA ASP A 56 28.85 -15.04 -6.08
C ASP A 56 28.10 -13.87 -6.71
N ASP A 57 26.80 -14.04 -6.97
CA ASP A 57 26.02 -12.95 -7.56
C ASP A 57 25.93 -11.74 -6.64
N CYS A 58 25.80 -11.98 -5.32
CA CYS A 58 25.79 -10.88 -4.35
C CYS A 58 27.09 -10.10 -4.41
N ASN A 59 28.23 -10.79 -4.46
CA ASN A 59 29.52 -10.10 -4.46
C ASN A 59 29.70 -9.31 -5.75
N ALA A 60 29.30 -9.88 -6.88
CA ALA A 60 29.41 -9.16 -8.16
C ALA A 60 28.52 -7.92 -8.15
N ALA A 61 27.36 -8.01 -7.49
CA ALA A 61 26.41 -6.90 -7.52
C ALA A 61 26.93 -5.69 -6.73
N VAL A 62 27.51 -5.93 -5.56
CA VAL A 62 27.95 -4.81 -4.74
C VAL A 62 29.40 -4.43 -4.99
N ALA A 63 30.12 -5.22 -5.79
CA ALA A 63 31.50 -4.86 -6.12
C ALA A 63 31.65 -3.45 -6.68
N PRO A 64 30.77 -2.96 -7.55
CA PRO A 64 30.95 -1.57 -8.02
C PRO A 64 30.81 -0.53 -6.93
N LEU A 65 30.36 -0.91 -5.72
CA LEU A 65 30.27 0.00 -4.59
C LEU A 65 31.52 0.02 -3.71
N GLY A 66 32.44 -0.94 -3.86
CA GLY A 66 33.74 -0.84 -3.25
C GLY A 66 33.93 -1.55 -1.91
N LYS A 67 32.86 -1.99 -1.25
CA LYS A 67 32.94 -2.49 0.12
C LYS A 67 32.82 -4.01 0.14
N THR A 68 33.76 -4.66 0.80
CA THR A 68 33.76 -6.11 0.94
C THR A 68 32.69 -6.57 1.92
N VAL A 69 31.97 -7.62 1.53
CA VAL A 69 30.99 -8.26 2.39
C VAL A 69 31.45 -9.71 2.60
N SER A 70 31.57 -10.11 3.86
CA SER A 70 32.05 -11.45 4.18
C SER A 70 30.95 -12.49 4.01
N ASP A 71 31.37 -13.75 3.87
CA ASP A 71 30.46 -14.89 3.84
C ASP A 71 29.44 -14.85 4.96
N GLU A 72 29.90 -14.71 6.21
CA GLU A 72 28.96 -14.83 7.31
C GLU A 72 28.03 -13.62 7.39
N ARG A 73 28.44 -12.48 6.83
CA ARG A 73 27.49 -11.38 6.70
C ARG A 73 26.45 -11.69 5.63
N TRP A 74 26.86 -12.25 4.50
CA TRP A 74 25.87 -12.69 3.50
C TRP A 74 24.90 -13.68 4.11
N ILE A 75 25.40 -14.64 4.89
CA ILE A 75 24.53 -15.68 5.43
C ILE A 75 23.58 -15.09 6.46
N SER A 76 24.05 -14.10 7.22
CA SER A 76 23.17 -13.39 8.14
C SER A 76 22.01 -12.76 7.38
N TYR A 77 22.30 -12.13 6.24
CA TYR A 77 21.25 -11.49 5.45
C TYR A 77 20.33 -12.53 4.81
N VAL A 78 20.89 -13.59 4.24
CA VAL A 78 20.09 -14.51 3.43
C VAL A 78 19.17 -15.37 4.29
N GLY A 79 19.45 -15.48 5.59
CA GLY A 79 18.65 -16.35 6.43
C GLY A 79 17.16 -16.04 6.40
N VAL A 80 16.80 -14.77 6.22
CA VAL A 80 15.37 -14.44 6.21
C VAL A 80 14.67 -15.12 5.04
N VAL A 81 15.33 -15.19 3.89
CA VAL A 81 14.72 -15.85 2.74
C VAL A 81 14.63 -17.35 2.99
N LEU A 82 15.66 -17.91 3.64
CA LEU A 82 15.67 -19.35 3.86
C LEU A 82 14.57 -19.77 4.81
N TRP A 83 14.24 -18.92 5.79
CA TRP A 83 13.30 -19.24 6.86
C TRP A 83 11.89 -18.72 6.63
N SER A 84 11.72 -17.70 5.79
CA SER A 84 10.46 -16.95 5.76
C SER A 84 9.73 -17.06 4.42
N GLN A 85 10.19 -17.90 3.51
CA GLN A 85 9.40 -18.27 2.35
C GLN A 85 8.52 -19.46 2.77
N SER A 86 8.02 -20.23 1.82
CA SER A 86 7.04 -21.28 2.09
C SER A 86 7.43 -22.49 1.26
N PRO A 87 8.40 -23.28 1.73
CA PRO A 87 8.98 -24.33 0.86
C PRO A 87 7.97 -25.29 0.30
N ARG A 88 6.90 -25.60 1.05
CA ARG A 88 5.88 -26.52 0.59
C ARG A 88 5.30 -26.13 -0.75
N HIS A 89 5.23 -24.83 -1.04
CA HIS A 89 4.57 -24.33 -2.22
C HIS A 89 5.54 -23.80 -3.26
N ILE A 90 6.84 -23.94 -3.05
CA ILE A 90 7.79 -23.42 -4.04
C ILE A 90 7.66 -24.19 -5.34
N LYS A 91 7.58 -23.46 -6.44
CA LYS A 91 7.63 -24.02 -7.79
C LYS A 91 8.91 -23.67 -8.54
N ASP A 92 9.38 -22.43 -8.45
CA ASP A 92 10.49 -21.96 -9.26
C ASP A 92 11.65 -21.59 -8.33
N MET A 93 12.69 -22.43 -8.30
CA MET A 93 13.84 -22.17 -7.45
C MET A 93 14.80 -21.14 -8.03
N GLU A 94 14.75 -20.87 -9.33
CA GLU A 94 15.56 -19.77 -9.84
C GLU A 94 14.99 -18.43 -9.37
N ALA A 95 13.67 -18.32 -9.31
CA ALA A 95 13.06 -17.17 -8.65
C ALA A 95 13.43 -17.10 -7.16
N PHE A 96 13.43 -18.25 -6.47
CA PHE A 96 13.87 -18.28 -5.07
C PHE A 96 15.29 -17.75 -4.93
N LYS A 97 16.22 -18.23 -5.77
CA LYS A 97 17.59 -17.78 -5.67
C LYS A 97 17.69 -16.28 -5.96
N ALA A 98 16.85 -15.78 -6.87
CA ALA A 98 16.80 -14.34 -7.14
C ALA A 98 16.41 -13.57 -5.88
N VAL A 99 15.41 -14.06 -5.15
CA VAL A 99 14.99 -13.38 -3.93
C VAL A 99 16.13 -13.40 -2.91
N CYS A 100 16.87 -14.52 -2.83
CA CYS A 100 18.06 -14.53 -1.98
C CYS A 100 19.02 -13.40 -2.34
N VAL A 101 19.37 -13.29 -3.62
CA VAL A 101 20.38 -12.32 -4.04
C VAL A 101 19.86 -10.89 -3.82
N LEU A 102 18.66 -10.62 -4.33
CA LEU A 102 18.08 -9.28 -4.20
C LEU A 102 17.89 -8.87 -2.75
N ASN A 103 17.40 -9.80 -1.92
CA ASN A 103 17.29 -9.50 -0.49
C ASN A 103 18.62 -9.10 0.11
N CYS A 104 19.68 -9.85 -0.22
CA CYS A 104 20.98 -9.62 0.41
C CYS A 104 21.60 -8.32 -0.07
N VAL A 105 21.57 -8.05 -1.38
CA VAL A 105 22.31 -6.89 -1.85
C VAL A 105 21.62 -5.59 -1.42
N THR A 106 20.28 -5.59 -1.31
CA THR A 106 19.63 -4.39 -0.79
C THR A 106 19.74 -4.30 0.72
N PHE A 107 20.02 -5.41 1.40
CA PHE A 107 20.37 -5.35 2.81
C PHE A 107 21.69 -4.60 3.01
N VAL A 108 22.68 -4.87 2.16
CA VAL A 108 23.92 -4.09 2.20
C VAL A 108 23.62 -2.60 2.03
N TRP A 109 22.81 -2.27 1.03
CA TRP A 109 22.40 -0.89 0.81
C TRP A 109 21.76 -0.27 2.05
N ASP A 110 20.91 -1.05 2.74
CA ASP A 110 20.29 -0.61 4.00
C ASP A 110 21.34 -0.27 5.05
N ASP A 111 22.44 -1.03 5.08
CA ASP A 111 23.47 -0.86 6.10
C ASP A 111 24.52 0.20 5.76
N MET A 112 24.54 0.71 4.52
CA MET A 112 25.58 1.65 4.11
C MET A 112 25.23 3.08 4.50
N ASP A 113 26.27 3.89 4.71
CA ASP A 113 26.06 5.32 4.73
C ASP A 113 25.72 5.79 3.31
N PRO A 114 24.82 6.76 3.15
CA PRO A 114 24.33 7.10 1.81
C PRO A 114 25.39 7.70 0.92
N ALA A 115 26.56 8.05 1.46
CA ALA A 115 27.67 8.49 0.61
C ALA A 115 28.17 7.39 -0.30
N LEU A 116 27.81 6.14 -0.01
CA LEU A 116 28.21 4.99 -0.80
C LEU A 116 27.18 4.62 -1.87
N HIS A 117 25.98 5.17 -1.79
CA HIS A 117 24.86 4.81 -2.66
C HIS A 117 25.05 5.36 -4.06
N ASP A 118 25.60 4.56 -4.97
CA ASP A 118 25.78 4.97 -6.35
C ASP A 118 24.73 4.27 -7.21
N PHE A 119 23.68 5.01 -7.54
CA PHE A 119 22.60 4.46 -8.36
C PHE A 119 23.10 4.07 -9.74
N GLY A 120 23.92 4.93 -10.37
CA GLY A 120 24.46 4.62 -11.68
C GLY A 120 25.23 3.30 -11.76
N LEU A 121 25.88 2.91 -10.66
CA LEU A 121 26.62 1.64 -10.62
C LEU A 121 25.78 0.48 -10.13
N PHE A 122 24.85 0.73 -9.19
CA PHE A 122 24.11 -0.36 -8.58
C PHE A 122 22.88 -0.76 -9.37
N LEU A 123 22.15 0.19 -9.95
CA LEU A 123 20.93 -0.18 -10.66
C LEU A 123 21.20 -1.14 -11.82
N PRO A 124 22.23 -0.95 -12.66
CA PRO A 124 22.54 -1.99 -13.66
C PRO A 124 22.73 -3.38 -13.07
N GLN A 125 23.31 -3.48 -11.87
CA GLN A 125 23.48 -4.79 -11.24
C GLN A 125 22.14 -5.42 -10.90
N LEU A 126 21.20 -4.63 -10.35
CA LEU A 126 19.87 -5.16 -10.07
C LEU A 126 19.17 -5.61 -11.33
N ARG A 127 19.18 -4.75 -12.37
CA ARG A 127 18.62 -5.10 -13.68
C ARG A 127 19.14 -6.46 -14.14
N LYS A 128 20.45 -6.69 -14.03
CA LYS A 128 21.03 -7.93 -14.52
C LYS A 128 20.60 -9.13 -13.67
N ILE A 129 20.55 -8.97 -12.35
CA ILE A 129 20.05 -10.04 -11.49
C ILE A 129 18.62 -10.39 -11.89
N CYS A 130 17.78 -9.37 -12.06
CA CYS A 130 16.37 -9.63 -12.33
C CYS A 130 16.17 -10.32 -13.67
N GLU A 131 16.87 -9.87 -14.71
CA GLU A 131 16.69 -10.49 -16.02
C GLU A 131 17.18 -11.94 -16.00
N LYS A 132 18.29 -12.24 -15.32
CA LYS A 132 18.85 -13.58 -15.34
C LYS A 132 17.89 -14.61 -14.76
N TYR A 133 17.24 -14.30 -13.63
CA TYR A 133 16.51 -15.31 -12.88
C TYR A 133 15.02 -15.36 -13.21
N TYR A 134 14.47 -14.27 -13.73
CA TYR A 134 13.04 -14.18 -14.01
C TYR A 134 12.81 -14.17 -15.52
N GLY A 135 11.57 -14.46 -15.91
CA GLY A 135 11.14 -14.22 -17.25
C GLY A 135 11.00 -12.73 -17.53
N PRO A 136 10.67 -12.38 -18.77
CA PRO A 136 10.71 -10.95 -19.15
C PRO A 136 9.75 -10.03 -18.40
N GLU A 137 8.54 -10.48 -18.04
CA GLU A 137 7.63 -9.57 -17.33
C GLU A 137 7.81 -9.68 -15.81
N ASP A 138 8.20 -10.86 -15.31
CA ASP A 138 8.56 -10.94 -13.89
C ASP A 138 9.79 -10.07 -13.61
N ALA A 139 10.76 -10.07 -14.52
CA ALA A 139 11.97 -9.27 -14.32
C ALA A 139 11.64 -7.79 -14.19
N GLU A 140 10.71 -7.30 -15.02
CA GLU A 140 10.29 -5.91 -14.93
C GLU A 140 9.73 -5.58 -13.54
N VAL A 141 8.84 -6.43 -13.05
CA VAL A 141 8.18 -6.18 -11.76
C VAL A 141 9.20 -6.23 -10.63
N ALA A 142 10.08 -7.23 -10.66
CA ALA A 142 11.06 -7.35 -9.58
C ALA A 142 12.04 -6.18 -9.61
N TYR A 143 12.50 -5.77 -10.78
CA TYR A 143 13.46 -4.66 -10.85
C TYR A 143 12.84 -3.35 -10.36
N GLU A 144 11.62 -3.05 -10.81
CA GLU A 144 10.97 -1.83 -10.32
C GLU A 144 10.85 -1.83 -8.79
N ALA A 145 10.43 -2.96 -8.23
CA ALA A 145 10.32 -3.07 -6.78
C ALA A 145 11.66 -2.83 -6.09
N ALA A 146 12.74 -3.45 -6.59
CA ALA A 146 14.07 -3.23 -6.03
C ALA A 146 14.49 -1.76 -6.16
N ARG A 147 14.30 -1.20 -7.35
CA ARG A 147 14.60 0.21 -7.61
C ARG A 147 13.87 1.12 -6.63
N ALA A 148 12.54 0.96 -6.50
CA ALA A 148 11.76 1.77 -5.58
C ALA A 148 12.27 1.62 -4.15
N PHE A 149 12.68 0.41 -3.75
CA PHE A 149 13.17 0.24 -2.38
C PHE A 149 14.47 1.00 -2.16
N VAL A 150 15.50 0.75 -2.96
CA VAL A 150 16.79 1.38 -2.68
C VAL A 150 16.66 2.90 -2.78
N THR A 151 15.84 3.37 -3.71
CA THR A 151 15.60 4.81 -3.82
C THR A 151 14.93 5.35 -2.57
N SER A 152 13.97 4.59 -2.02
CA SER A 152 13.28 5.04 -0.81
C SER A 152 14.24 5.07 0.38
N ASP A 153 15.00 3.98 0.58
CA ASP A 153 15.94 3.94 1.69
C ASP A 153 16.89 5.12 1.64
N HIS A 154 17.35 5.48 0.44
CA HIS A 154 18.29 6.59 0.28
C HIS A 154 17.59 7.93 0.50
N MET A 155 16.45 8.12 -0.18
CA MET A 155 15.65 9.34 -0.10
C MET A 155 15.36 9.77 1.33
N PHE A 156 15.09 8.82 2.21
CA PHE A 156 14.55 9.18 3.51
C PHE A 156 15.60 9.20 4.60
N ARG A 157 16.88 9.01 4.28
CA ARG A 157 17.92 8.98 5.29
C ARG A 157 17.87 10.27 6.09
N ASP A 158 17.97 10.11 7.40
CA ASP A 158 17.72 11.14 8.40
C ASP A 158 17.06 12.38 7.77
N SER A 159 15.70 12.30 7.55
CA SER A 159 14.97 13.19 6.60
C SER A 159 13.59 13.65 7.14
N PRO A 160 13.04 14.81 6.71
CA PRO A 160 11.83 15.35 7.36
C PRO A 160 10.58 14.48 7.25
N ILE A 161 10.29 13.90 6.08
CA ILE A 161 9.13 13.02 5.95
C ILE A 161 9.24 11.85 6.93
N LYS A 162 10.40 11.18 6.94
CA LYS A 162 10.56 10.08 7.89
C LYS A 162 10.30 10.56 9.31
N ALA A 163 10.83 11.74 9.65
CA ALA A 163 10.68 12.29 11.00
C ALA A 163 9.21 12.31 11.42
N ALA A 164 8.34 12.92 10.62
CA ALA A 164 6.93 13.01 11.01
C ALA A 164 6.27 11.63 11.00
N LEU A 165 6.66 10.76 10.08
CA LEU A 165 5.96 9.47 10.01
C LEU A 165 6.37 8.52 11.14
N CYS A 166 7.57 8.68 11.70
CA CYS A 166 8.02 7.78 12.76
C CYS A 166 7.78 8.33 14.15
N THR A 167 7.38 9.59 14.29
CA THR A 167 7.16 10.18 15.60
C THR A 167 5.68 10.32 15.96
N THR A 168 4.77 10.26 14.99
CA THR A 168 3.40 10.70 15.24
C THR A 168 2.51 9.61 15.83
N SER A 169 2.35 8.48 15.16
CA SER A 169 1.43 7.45 15.61
C SER A 169 1.85 6.11 15.02
N PRO A 170 1.51 5.00 15.69
CA PRO A 170 1.84 3.69 15.08
C PRO A 170 1.28 3.55 13.67
N GLU A 171 0.13 4.17 13.38
CA GLU A 171 -0.40 4.16 12.03
C GLU A 171 0.54 4.81 11.04
N GLN A 172 0.90 6.08 11.25
CA GLN A 172 1.81 6.74 10.31
C GLN A 172 3.08 5.91 10.13
N TYR A 173 3.58 5.35 11.23
CA TYR A 173 4.83 4.62 11.18
C TYR A 173 4.71 3.36 10.33
N PHE A 174 3.69 2.53 10.57
CA PHE A 174 3.56 1.30 9.82
C PHE A 174 3.27 1.58 8.35
N ARG A 175 2.60 2.69 8.07
CA ARG A 175 2.37 3.11 6.69
C ARG A 175 3.68 3.39 5.96
N PHE A 176 4.64 4.02 6.64
CA PHE A 176 5.98 4.20 6.10
C PHE A 176 6.68 2.86 5.87
N ARG A 177 6.51 1.93 6.80
CA ARG A 177 7.27 0.68 6.75
C ARG A 177 6.78 -0.29 5.68
N VAL A 178 5.56 -0.13 5.15
CA VAL A 178 5.12 -0.99 4.03
C VAL A 178 6.19 -1.03 2.94
N THR A 179 6.79 0.12 2.64
CA THR A 179 7.90 0.17 1.71
C THR A 179 9.24 0.04 2.44
N ASP A 180 9.43 0.78 3.53
CA ASP A 180 10.77 0.90 4.10
C ASP A 180 11.31 -0.42 4.69
N ILE A 181 10.46 -1.30 5.24
CA ILE A 181 11.00 -2.59 5.67
C ILE A 181 11.14 -3.55 4.49
N GLY A 182 10.84 -3.11 3.27
CA GLY A 182 11.12 -3.92 2.11
C GLY A 182 10.08 -4.97 1.78
N VAL A 183 9.00 -5.08 2.55
CA VAL A 183 8.05 -6.18 2.32
C VAL A 183 7.27 -6.02 1.01
N ASP A 184 6.95 -4.79 0.58
CA ASP A 184 6.31 -4.66 -0.73
C ASP A 184 7.24 -5.22 -1.81
N PHE A 185 8.51 -4.84 -1.75
CA PHE A 185 9.55 -5.36 -2.61
C PHE A 185 9.58 -6.89 -2.56
N TRP A 186 9.57 -7.45 -1.34
CA TRP A 186 9.64 -8.90 -1.18
C TRP A 186 8.50 -9.61 -1.88
N MET A 187 7.27 -9.15 -1.68
CA MET A 187 6.11 -9.78 -2.31
C MET A 187 6.25 -9.78 -3.82
N LYS A 188 6.64 -8.62 -4.39
CA LYS A 188 6.69 -8.47 -5.82
C LYS A 188 7.82 -9.29 -6.45
N MET A 189 8.91 -9.53 -5.73
CA MET A 189 9.93 -10.41 -6.28
C MET A 189 9.71 -11.88 -5.93
N SER A 190 8.80 -12.19 -5.00
CA SER A 190 8.57 -13.55 -4.55
C SER A 190 7.41 -14.25 -5.26
N TYR A 191 6.45 -13.51 -5.83
CA TYR A 191 5.32 -14.21 -6.45
C TYR A 191 5.78 -15.20 -7.54
N PRO A 192 6.84 -14.96 -8.32
CA PRO A 192 7.23 -15.99 -9.30
C PRO A 192 7.70 -17.29 -8.66
N ILE A 193 8.11 -17.28 -7.39
CA ILE A 193 8.46 -18.51 -6.70
C ILE A 193 7.27 -19.47 -6.69
N TYR A 194 6.07 -18.93 -6.53
CA TYR A 194 4.87 -19.72 -6.28
C TYR A 194 3.99 -19.90 -7.51
N ARG A 195 4.05 -18.99 -8.48
CA ARG A 195 3.19 -19.02 -9.67
C ARG A 195 1.74 -19.33 -9.31
N HIS A 196 1.24 -18.65 -8.29
CA HIS A 196 -0.11 -18.84 -7.77
C HIS A 196 -0.95 -17.61 -8.11
N PRO A 197 -2.00 -17.75 -8.91
CA PRO A 197 -2.73 -16.55 -9.39
C PRO A 197 -3.16 -15.59 -8.30
N GLU A 198 -3.85 -16.06 -7.26
CA GLU A 198 -4.34 -15.13 -6.24
C GLU A 198 -3.18 -14.39 -5.59
N PHE A 199 -2.09 -15.11 -5.28
CA PHE A 199 -0.97 -14.47 -4.59
C PHE A 199 -0.32 -13.40 -5.46
N THR A 200 -0.22 -13.67 -6.76
CA THR A 200 0.41 -12.70 -7.65
C THR A 200 -0.37 -11.39 -7.69
N GLU A 201 -1.70 -11.45 -7.72
CA GLU A 201 -2.48 -10.20 -7.65
C GLU A 201 -2.31 -9.50 -6.31
N HIS A 202 -2.37 -10.24 -5.20
CA HIS A 202 -2.21 -9.59 -3.90
C HIS A 202 -0.83 -8.95 -3.77
N ALA A 203 0.20 -9.59 -4.36
CA ALA A 203 1.52 -8.99 -4.41
C ALA A 203 1.50 -7.72 -5.24
N LYS A 204 0.84 -7.74 -6.39
CA LYS A 204 0.90 -6.58 -7.28
C LYS A 204 0.06 -5.41 -6.78
N THR A 205 -1.03 -5.67 -6.05
CA THR A 205 -1.80 -4.58 -5.43
C THR A 205 -1.17 -4.05 -4.16
N SER A 206 -0.17 -4.76 -3.62
CA SER A 206 0.47 -4.49 -2.33
C SER A 206 -0.42 -4.83 -1.14
N LEU A 207 -1.63 -5.37 -1.37
CA LEU A 207 -2.39 -5.90 -0.24
C LEU A 207 -1.57 -6.94 0.54
N ALA A 208 -0.83 -7.79 -0.16
CA ALA A 208 0.04 -8.77 0.50
C ALA A 208 0.99 -8.09 1.47
N ALA A 209 1.68 -7.05 1.00
CA ALA A 209 2.58 -6.30 1.87
C ALA A 209 1.82 -5.63 3.01
N ARG A 210 0.66 -5.02 2.71
CA ARG A 210 -0.06 -4.31 3.76
C ARG A 210 -0.55 -5.26 4.84
N MET A 211 -0.79 -6.53 4.50
CA MET A 211 -1.26 -7.50 5.48
C MET A 211 -0.14 -7.98 6.41
N THR A 212 1.12 -7.95 5.95
CA THR A 212 2.23 -8.56 6.68
C THR A 212 3.17 -7.54 7.32
N THR A 213 2.98 -6.25 7.04
CA THR A 213 3.91 -5.23 7.49
C THR A 213 4.04 -5.19 9.01
N ARG A 214 2.93 -5.18 9.74
CA ARG A 214 3.04 -5.00 11.18
C ARG A 214 3.72 -6.20 11.83
N GLY A 215 3.40 -7.41 11.38
CA GLY A 215 3.99 -8.59 11.97
C GLY A 215 5.49 -8.63 11.79
N LEU A 216 5.96 -8.29 10.59
CA LEU A 216 7.40 -8.22 10.35
C LEU A 216 8.03 -7.07 11.14
N THR A 217 7.38 -5.90 11.13
CA THR A 217 8.02 -4.71 11.65
C THR A 217 8.12 -4.73 13.17
N ILE A 218 7.07 -5.17 13.85
CA ILE A 218 7.10 -5.16 15.31
C ILE A 218 8.23 -6.07 15.81
N VAL A 219 8.36 -7.23 15.19
CA VAL A 219 9.44 -8.16 15.56
C VAL A 219 10.80 -7.55 15.25
N ASN A 220 10.98 -7.04 14.02
CA ASN A 220 12.27 -6.45 13.68
C ASN A 220 12.61 -5.31 14.61
N ASP A 221 11.63 -4.44 14.90
CA ASP A 221 11.88 -3.27 15.73
C ASP A 221 12.29 -3.67 17.14
N PHE A 222 11.63 -4.67 17.71
CA PHE A 222 12.00 -5.04 19.08
C PHE A 222 13.46 -5.46 19.14
N TYR A 223 13.88 -6.33 18.24
CA TYR A 223 15.22 -6.90 18.36
C TYR A 223 16.31 -6.05 17.74
N SER A 224 15.97 -5.03 16.95
CA SER A 224 16.98 -4.14 16.40
C SER A 224 17.00 -2.79 17.10
N TYR A 225 16.20 -2.62 18.15
CA TYR A 225 16.06 -1.33 18.84
C TYR A 225 17.40 -0.86 19.38
N ASP A 226 18.12 -1.72 20.11
CA ASP A 226 19.38 -1.30 20.71
C ASP A 226 20.37 -0.79 19.66
N ARG A 227 20.51 -1.54 18.55
CA ARG A 227 21.40 -1.11 17.47
C ARG A 227 20.94 0.22 16.86
N GLU A 228 19.63 0.35 16.63
CA GLU A 228 19.17 1.56 15.96
C GLU A 228 19.29 2.77 16.88
N VAL A 229 19.04 2.56 18.18
CA VAL A 229 19.32 3.59 19.17
C VAL A 229 20.80 3.98 19.16
N SER A 230 21.69 3.00 19.02
CA SER A 230 23.11 3.34 19.01
C SER A 230 23.49 4.14 17.77
N LEU A 231 22.80 3.94 16.65
CA LEU A 231 23.16 4.60 15.41
C LEU A 231 22.45 5.94 15.18
N GLY A 232 21.57 6.33 16.08
CA GLY A 232 20.71 7.49 15.86
C GLY A 232 19.62 7.27 14.83
N GLN A 233 19.22 6.01 14.59
CA GLN A 233 18.12 5.70 13.69
C GLN A 233 16.79 5.86 14.44
N ILE A 234 15.79 6.45 13.78
CA ILE A 234 14.49 6.68 14.40
C ILE A 234 13.40 5.78 13.87
N THR A 235 13.70 4.95 12.86
CA THR A 235 12.68 4.11 12.24
C THR A 235 12.49 2.86 13.10
N ASN A 236 11.73 3.04 14.18
CA ASN A 236 11.51 1.96 15.16
C ASN A 236 10.30 2.30 16.01
N CYS A 237 9.27 1.46 15.97
CA CYS A 237 8.04 1.83 16.66
C CYS A 237 8.20 1.89 18.18
N PHE A 238 9.17 1.19 18.77
CA PHE A 238 9.29 1.26 20.23
C PHE A 238 9.82 2.58 20.73
N ARG A 239 10.35 3.42 19.84
CA ARG A 239 10.68 4.79 20.23
C ARG A 239 9.42 5.66 20.40
N LEU A 240 8.24 5.09 20.19
CA LEU A 240 6.96 5.78 20.37
C LEU A 240 6.39 5.62 21.77
N CYS A 241 6.96 4.72 22.58
CA CYS A 241 6.57 4.59 23.98
C CYS A 241 7.82 4.80 24.82
N ASP A 242 7.64 4.98 26.12
CA ASP A 242 8.79 5.14 27.04
C ASP A 242 9.21 3.75 27.50
N VAL A 243 10.28 3.19 26.89
CA VAL A 243 10.65 1.82 27.23
C VAL A 243 11.25 1.73 28.63
N SER A 244 11.54 2.87 29.28
CA SER A 244 12.08 2.89 30.63
C SER A 244 11.02 2.78 31.70
N ASP A 245 9.75 2.82 31.33
CA ASP A 245 8.61 2.70 32.23
C ASP A 245 8.03 1.33 31.89
N GLU A 246 8.28 0.35 32.75
CA GLU A 246 7.88 -1.03 32.46
C GLU A 246 6.39 -1.13 32.24
N THR A 247 5.60 -0.43 33.06
CA THR A 247 4.16 -0.45 32.88
C THR A 247 3.76 0.07 31.51
N ALA A 248 4.28 1.23 31.11
CA ALA A 248 3.96 1.75 29.79
C ALA A 248 4.44 0.82 28.70
N PHE A 249 5.60 0.18 28.91
CA PHE A 249 6.12 -0.71 27.87
C PHE A 249 5.17 -1.87 27.62
N LYS A 250 4.68 -2.50 28.69
CA LYS A 250 3.84 -3.68 28.52
C LYS A 250 2.52 -3.33 27.85
N GLU A 251 1.98 -2.14 28.15
CA GLU A 251 0.74 -1.76 27.48
C GLU A 251 0.99 -1.53 25.99
N PHE A 252 2.11 -0.89 25.64
CA PHE A 252 2.41 -0.67 24.23
C PHE A 252 2.71 -1.99 23.54
N PHE A 253 3.52 -2.84 24.20
CA PHE A 253 3.85 -4.13 23.60
C PHE A 253 2.62 -4.99 23.43
N GLN A 254 1.69 -4.96 24.41
CA GLN A 254 0.43 -5.67 24.23
C GLN A 254 -0.39 -5.09 23.08
N ALA A 255 -0.39 -3.77 22.93
CA ALA A 255 -1.09 -3.18 21.80
C ALA A 255 -0.51 -3.67 20.48
N ARG A 256 0.82 -3.81 20.42
CA ARG A 256 1.46 -4.29 19.20
C ARG A 256 1.16 -5.77 18.96
N LEU A 257 1.16 -6.57 20.04
CA LEU A 257 0.78 -7.97 19.89
C LEU A 257 -0.63 -8.10 19.35
N ASP A 258 -1.56 -7.29 19.85
CA ASP A 258 -2.93 -7.34 19.35
C ASP A 258 -2.99 -6.97 17.87
N ASP A 259 -2.15 -6.01 17.45
CA ASP A 259 -2.03 -5.67 16.04
C ASP A 259 -1.64 -6.90 15.22
N MET A 260 -0.60 -7.60 15.69
CA MET A 260 -0.16 -8.80 14.98
C MET A 260 -1.28 -9.83 14.93
N ILE A 261 -2.00 -10.00 16.04
CA ILE A 261 -3.05 -11.02 16.09
C ILE A 261 -4.16 -10.67 15.12
N GLU A 262 -4.58 -9.40 15.10
CA GLU A 262 -5.65 -9.02 14.21
C GLU A 262 -5.28 -9.25 12.75
N ASP A 263 -4.05 -8.89 12.37
CA ASP A 263 -3.60 -9.17 11.01
C ASP A 263 -3.61 -10.67 10.72
N ILE A 264 -3.15 -11.48 11.67
CA ILE A 264 -2.98 -12.91 11.41
C ILE A 264 -4.33 -13.58 11.21
N GLU A 265 -5.26 -13.34 12.12
CA GLU A 265 -6.57 -13.95 11.93
C GLU A 265 -7.26 -13.40 10.69
N CYS A 266 -7.01 -12.14 10.31
CA CYS A 266 -7.65 -11.74 9.06
C CYS A 266 -6.92 -12.31 7.84
N ILE A 267 -5.62 -12.59 7.97
CA ILE A 267 -4.91 -13.29 6.91
C ILE A 267 -5.54 -14.66 6.64
N LYS A 268 -6.19 -15.26 7.64
CA LYS A 268 -6.78 -16.59 7.45
C LYS A 268 -8.03 -16.57 6.56
N ALA A 269 -8.46 -15.38 6.13
CA ALA A 269 -9.50 -15.24 5.11
C ALA A 269 -8.97 -15.47 3.71
N PHE A 270 -7.67 -15.33 3.49
CA PHE A 270 -7.13 -15.51 2.16
C PHE A 270 -7.15 -17.00 1.81
N ASP A 271 -6.90 -17.29 0.53
CA ASP A 271 -6.85 -18.68 0.09
C ASP A 271 -5.73 -19.40 0.84
N GLN A 272 -5.85 -20.74 0.95
CA GLN A 272 -4.96 -21.47 1.85
C GLN A 272 -3.48 -21.37 1.46
N LEU A 273 -3.18 -21.25 0.16
CA LEU A 273 -1.78 -21.11 -0.23
C LEU A 273 -1.25 -19.73 0.12
N THR A 274 -2.01 -18.69 -0.22
CA THR A 274 -1.56 -17.33 0.07
C THR A 274 -1.40 -17.11 1.55
N GLN A 275 -2.36 -17.59 2.34
CA GLN A 275 -2.26 -17.41 3.78
C GLN A 275 -1.07 -18.19 4.34
N ASP A 276 -0.73 -19.33 3.73
CA ASP A 276 0.48 -20.04 4.13
C ASP A 276 1.72 -19.17 3.89
N VAL A 277 1.82 -18.56 2.71
CA VAL A 277 2.97 -17.71 2.41
C VAL A 277 3.03 -16.52 3.36
N PHE A 278 1.90 -15.86 3.61
CA PHE A 278 1.90 -14.71 4.52
C PHE A 278 2.37 -15.10 5.92
N LEU A 279 1.83 -16.20 6.45
CA LEU A 279 2.11 -16.59 7.82
C LEU A 279 3.53 -17.14 7.98
N ASP A 280 3.99 -17.96 7.03
CA ASP A 280 5.38 -18.37 7.04
C ASP A 280 6.31 -17.17 7.01
N LEU A 281 5.91 -16.11 6.30
CA LEU A 281 6.74 -14.92 6.23
C LEU A 281 6.88 -14.26 7.60
N ILE A 282 5.76 -14.05 8.30
CA ILE A 282 5.81 -13.36 9.58
C ILE A 282 6.52 -14.22 10.63
N TYR A 283 6.13 -15.49 10.70
CA TYR A 283 6.67 -16.37 11.73
C TYR A 283 8.12 -16.77 11.41
N GLY A 284 8.41 -17.02 10.15
CA GLY A 284 9.80 -17.26 9.75
C GLY A 284 10.71 -16.08 10.06
N ASN A 285 10.23 -14.86 9.85
CA ASN A 285 11.04 -13.71 10.19
C ASN A 285 11.36 -13.68 11.68
N PHE A 286 10.40 -14.08 12.51
CA PHE A 286 10.64 -14.13 13.95
C PHE A 286 11.69 -15.19 14.28
N VAL A 287 11.55 -16.38 13.69
CA VAL A 287 12.52 -17.45 13.96
C VAL A 287 13.91 -17.01 13.56
N TRP A 288 14.04 -16.43 12.36
CA TRP A 288 15.32 -15.96 11.87
C TRP A 288 15.89 -14.84 12.74
N THR A 289 15.04 -13.86 13.09
CA THR A 289 15.49 -12.72 13.88
C THR A 289 16.06 -13.16 15.23
N THR A 290 15.43 -14.15 15.87
CA THR A 290 15.90 -14.60 17.18
C THR A 290 17.09 -15.54 17.10
N SER A 291 17.54 -15.94 15.90
CA SER A 291 18.68 -16.83 15.77
C SER A 291 19.88 -16.14 15.15
N ASN A 292 19.75 -14.87 14.80
CA ASN A 292 20.70 -14.14 13.97
C ASN A 292 21.51 -13.19 14.82
N LYS A 293 22.84 -13.27 14.70
CA LYS A 293 23.73 -12.38 15.42
C LYS A 293 23.53 -10.92 15.02
N ARG A 294 22.99 -10.69 13.82
CA ARG A 294 22.63 -9.34 13.42
C ARG A 294 21.85 -8.63 14.52
N TYR A 295 21.03 -9.36 15.26
CA TYR A 295 20.12 -8.77 16.23
C TYR A 295 20.53 -9.03 17.67
N LYS A 296 21.73 -9.56 17.89
CA LYS A 296 22.12 -9.97 19.23
C LYS A 296 22.85 -8.89 20.01
N THR A 297 23.52 -7.94 19.36
CA THR A 297 23.86 -6.73 20.10
C THR A 297 23.52 -5.44 19.33
N ALA A 298 23.85 -4.32 19.97
CA ALA A 298 23.72 -3.03 19.31
C ALA A 298 24.74 -2.85 18.20
N VAL A 299 25.96 -3.39 18.37
CA VAL A 299 26.98 -3.30 17.33
C VAL A 299 27.84 -4.57 17.40
N ASN A 300 27.93 -5.28 16.28
CA ASN A 300 28.70 -6.52 16.18
C ASN A 300 29.20 -6.67 14.75
N ASP A 301 29.92 -7.76 14.49
CA ASP A 301 30.65 -7.88 13.22
C ASP A 301 29.79 -8.32 12.04
N VAL A 302 28.46 -8.28 12.11
CA VAL A 302 27.65 -8.48 10.92
C VAL A 302 26.61 -7.39 10.70
N ASN A 303 26.40 -6.52 11.70
CA ASN A 303 25.41 -5.45 11.57
C ASN A 303 26.03 -4.06 11.61
N SER A 304 27.36 -3.95 11.58
CA SER A 304 28.00 -2.66 11.74
C SER A 304 27.72 -1.78 10.53
N ARG A 305 27.53 -0.49 10.79
CA ARG A 305 27.36 0.49 9.72
C ARG A 305 28.48 0.35 8.70
N ILE A 306 28.10 0.19 7.43
CA ILE A 306 29.07 0.05 6.34
C ILE A 306 29.59 1.44 6.03
N GLN A 307 30.89 1.65 6.23
CA GLN A 307 31.48 2.97 6.05
C GLN A 307 32.92 2.89 5.62
N GLY B 9 -36.98 -7.40 2.20
CA GLY B 9 -35.69 -6.76 2.35
C GLY B 9 -35.81 -5.44 3.08
N ALA B 10 -37.05 -4.95 3.17
CA ALA B 10 -37.28 -3.70 3.89
C ALA B 10 -37.78 -3.91 5.32
N GLN B 11 -36.89 -4.31 6.25
CA GLN B 11 -37.01 -3.92 7.65
C GLN B 11 -35.80 -3.07 8.05
N ASP B 12 -35.53 -3.04 9.37
CA ASP B 12 -34.37 -2.35 9.97
C ASP B 12 -34.12 -1.01 9.32
N ILE B 13 -35.06 -0.11 9.52
CA ILE B 13 -34.99 1.17 8.82
C ILE B 13 -33.86 2.02 9.38
N GLY B 14 -33.73 2.09 10.71
CA GLY B 14 -32.89 3.11 11.32
C GLY B 14 -31.43 3.03 10.89
N ARG B 15 -30.94 1.82 10.64
CA ARG B 15 -29.57 1.61 10.20
C ARG B 15 -29.38 1.85 8.70
N SER B 16 -30.46 2.05 7.94
CA SER B 16 -30.36 2.10 6.49
C SER B 16 -29.77 3.40 5.95
N SER B 17 -29.56 4.42 6.79
CA SER B 17 -29.31 5.76 6.27
C SER B 17 -28.33 6.52 7.15
N VAL B 18 -27.65 7.52 6.56
CA VAL B 18 -26.97 8.54 7.36
C VAL B 18 -27.58 9.91 7.14
N ARG B 19 -28.70 9.98 6.42
CA ARG B 19 -29.28 11.27 6.06
C ARG B 19 -29.60 12.14 7.27
N PRO B 20 -30.12 11.64 8.39
CA PRO B 20 -30.28 12.52 9.56
C PRO B 20 -29.01 13.24 10.02
N TYR B 21 -27.82 12.76 9.65
CA TYR B 21 -26.54 13.38 10.01
C TYR B 21 -25.95 14.24 8.90
N LEU B 22 -26.63 14.34 7.77
CA LEU B 22 -26.03 14.94 6.57
C LEU B 22 -25.53 16.35 6.81
N GLU B 23 -26.37 17.21 7.37
CA GLU B 23 -26.00 18.62 7.48
C GLU B 23 -24.81 18.81 8.44
N GLU B 24 -24.89 18.23 9.63
CA GLU B 24 -23.84 18.48 10.62
C GLU B 24 -22.52 17.86 10.18
N CYS B 25 -22.55 16.66 9.59
CA CYS B 25 -21.31 16.05 9.11
C CYS B 25 -20.69 16.86 7.97
N THR B 26 -21.52 17.33 7.03
CA THR B 26 -21.00 18.15 5.95
C THR B 26 -20.31 19.39 6.52
N ARG B 27 -21.01 20.08 7.42
CA ARG B 27 -20.46 21.23 8.11
C ARG B 27 -19.13 20.89 8.79
N ARG B 28 -19.08 19.75 9.49
CA ARG B 28 -17.88 19.36 10.22
C ARG B 28 -16.71 19.06 9.28
N PHE B 29 -16.96 18.30 8.20
CA PHE B 29 -15.93 18.09 7.19
C PHE B 29 -15.34 19.42 6.74
N GLN B 30 -16.22 20.34 6.33
CA GLN B 30 -15.75 21.62 5.81
C GLN B 30 -14.96 22.40 6.85
N GLU B 31 -15.41 22.39 8.10
CA GLU B 31 -14.69 23.10 9.14
C GLU B 31 -13.29 22.50 9.31
N MET B 32 -13.22 21.18 9.23
CA MET B 32 -11.92 20.51 9.34
C MET B 32 -10.99 20.98 8.22
N PHE B 33 -11.46 20.92 6.97
CA PHE B 33 -10.63 21.39 5.85
C PHE B 33 -10.21 22.85 6.02
N ASP B 34 -11.13 23.70 6.49
CA ASP B 34 -10.80 25.11 6.66
C ASP B 34 -9.72 25.30 7.73
N ARG B 35 -9.73 24.46 8.76
CA ARG B 35 -8.74 24.59 9.83
C ARG B 35 -7.40 23.97 9.45
N HIS B 36 -7.38 22.92 8.63
CA HIS B 36 -6.16 22.15 8.41
C HIS B 36 -5.63 22.19 6.99
N VAL B 37 -6.32 22.84 6.05
CA VAL B 37 -5.84 23.00 4.69
C VAL B 37 -5.94 24.45 4.23
N VAL B 38 -7.02 25.13 4.61
CA VAL B 38 -7.21 26.57 4.52
C VAL B 38 -7.48 26.95 3.07
N THR B 39 -6.65 26.48 2.13
CA THR B 39 -6.77 26.86 0.73
C THR B 39 -7.42 25.75 -0.07
N ARG B 40 -8.16 26.14 -1.12
CA ARG B 40 -9.22 25.31 -1.63
C ARG B 40 -8.75 24.40 -2.76
N PRO B 41 -9.61 23.50 -3.23
CA PRO B 41 -9.42 22.93 -4.55
C PRO B 41 -9.72 23.95 -5.64
N THR B 42 -9.13 23.72 -6.80
CA THR B 42 -9.33 24.56 -7.97
C THR B 42 -9.70 23.67 -9.14
N LYS B 43 -10.78 24.00 -9.85
CA LYS B 43 -11.29 23.12 -10.88
C LYS B 43 -10.54 23.37 -12.18
N VAL B 44 -10.44 22.34 -13.02
CA VAL B 44 -9.96 22.54 -14.38
C VAL B 44 -11.14 22.72 -15.32
N GLU B 45 -11.12 23.80 -16.10
CA GLU B 45 -12.04 23.93 -17.22
C GLU B 45 -11.45 23.18 -18.40
N LEU B 46 -12.17 22.15 -18.85
CA LEU B 46 -11.96 21.65 -20.21
C LEU B 46 -12.87 22.42 -21.16
N THR B 47 -12.69 22.18 -22.46
CA THR B 47 -13.66 22.68 -23.42
C THR B 47 -14.32 21.51 -24.14
N ASP B 48 -15.33 21.84 -24.94
CA ASP B 48 -16.10 20.79 -25.59
C ASP B 48 -15.20 19.86 -26.42
N ALA B 49 -14.00 20.32 -26.82
CA ALA B 49 -13.13 19.48 -27.65
C ALA B 49 -12.22 18.58 -26.80
N GLU B 50 -11.48 19.16 -25.85
CA GLU B 50 -10.79 18.34 -24.85
C GLU B 50 -11.76 17.34 -24.24
N LEU B 51 -12.96 17.82 -23.90
CA LEU B 51 -13.97 16.99 -23.26
C LEU B 51 -14.51 15.94 -24.23
N ARG B 52 -14.62 16.30 -25.52
CA ARG B 52 -15.13 15.37 -26.52
C ARG B 52 -14.13 14.26 -26.77
N GLU B 53 -12.85 14.61 -26.95
CA GLU B 53 -11.82 13.59 -27.04
C GLU B 53 -11.91 12.62 -25.87
N VAL B 54 -12.07 13.15 -24.66
CA VAL B 54 -12.16 12.30 -23.47
C VAL B 54 -13.41 11.41 -23.54
N ILE B 55 -14.55 11.99 -23.90
CA ILE B 55 -15.81 11.25 -23.80
C ILE B 55 -15.92 10.21 -24.92
N ASP B 56 -15.42 10.52 -26.11
CA ASP B 56 -15.45 9.51 -27.17
C ASP B 56 -14.51 8.34 -26.85
N ASP B 57 -13.34 8.63 -26.26
CA ASP B 57 -12.48 7.56 -25.75
C ASP B 57 -13.23 6.69 -24.74
N CYS B 58 -13.91 7.32 -23.77
CA CYS B 58 -14.70 6.56 -22.80
C CYS B 58 -15.73 5.67 -23.48
N ASN B 59 -16.50 6.21 -24.42
CA ASN B 59 -17.52 5.42 -25.09
C ASN B 59 -16.89 4.29 -25.88
N ALA B 60 -15.79 4.57 -26.57
CA ALA B 60 -15.11 3.52 -27.33
C ALA B 60 -14.67 2.39 -26.42
N ALA B 61 -14.23 2.73 -25.20
CA ALA B 61 -13.61 1.72 -24.33
C ALA B 61 -14.66 0.80 -23.70
N VAL B 62 -15.85 1.32 -23.41
CA VAL B 62 -16.87 0.49 -22.79
C VAL B 62 -17.85 -0.10 -23.79
N ALA B 63 -17.86 0.40 -25.03
CA ALA B 63 -18.78 -0.13 -26.04
C ALA B 63 -18.79 -1.65 -26.13
N PRO B 64 -17.65 -2.35 -26.22
CA PRO B 64 -17.73 -3.83 -26.31
C PRO B 64 -18.38 -4.50 -25.09
N LEU B 65 -18.53 -3.81 -23.95
CA LEU B 65 -19.21 -4.44 -22.82
C LEU B 65 -20.74 -4.32 -22.88
N GLY B 66 -21.29 -3.61 -23.87
CA GLY B 66 -22.70 -3.70 -24.21
C GLY B 66 -23.62 -2.69 -23.55
N LYS B 67 -23.10 -1.74 -22.79
CA LYS B 67 -23.95 -0.82 -22.03
C LYS B 67 -23.66 0.62 -22.42
N THR B 68 -24.72 1.35 -22.76
CA THR B 68 -24.61 2.76 -23.11
C THR B 68 -24.49 3.61 -21.87
N VAL B 69 -23.58 4.58 -21.90
CA VAL B 69 -23.41 5.53 -20.82
C VAL B 69 -23.68 6.93 -21.35
N SER B 70 -24.61 7.65 -20.71
CA SER B 70 -24.99 8.98 -21.12
C SER B 70 -23.88 9.99 -20.81
N ASP B 71 -23.90 11.12 -21.54
CA ASP B 71 -22.95 12.19 -21.24
C ASP B 71 -23.10 12.67 -19.81
N GLU B 72 -24.33 12.74 -19.31
CA GLU B 72 -24.55 13.15 -17.94
C GLU B 72 -23.81 12.24 -16.98
N ARG B 73 -23.90 10.93 -17.20
CA ARG B 73 -23.22 9.98 -16.33
C ARG B 73 -21.71 10.14 -16.44
N TRP B 74 -21.18 10.22 -17.67
CA TRP B 74 -19.74 10.44 -17.82
C TRP B 74 -19.30 11.67 -17.07
N ILE B 75 -20.05 12.78 -17.22
CA ILE B 75 -19.64 14.01 -16.56
C ILE B 75 -19.74 13.86 -15.04
N SER B 76 -20.65 13.00 -14.56
CA SER B 76 -20.72 12.73 -13.12
C SER B 76 -19.52 11.89 -12.65
N TYR B 77 -18.91 11.12 -13.55
CA TYR B 77 -17.69 10.40 -13.17
C TYR B 77 -16.47 11.31 -13.27
N VAL B 78 -16.43 12.17 -14.29
CA VAL B 78 -15.19 12.87 -14.60
C VAL B 78 -14.91 14.01 -13.65
N GLY B 79 -15.95 14.53 -12.97
CA GLY B 79 -15.78 15.65 -12.07
C GLY B 79 -14.71 15.45 -11.00
N VAL B 80 -14.54 14.21 -10.52
CA VAL B 80 -13.53 14.01 -9.49
C VAL B 80 -12.14 14.36 -10.02
N VAL B 81 -11.88 14.09 -11.29
CA VAL B 81 -10.59 14.46 -11.85
C VAL B 81 -10.50 15.97 -12.03
N LEU B 82 -11.60 16.60 -12.48
CA LEU B 82 -11.58 18.05 -12.70
C LEU B 82 -11.33 18.81 -11.40
N TRP B 83 -11.86 18.30 -10.27
CA TRP B 83 -11.77 18.99 -8.99
C TRP B 83 -10.59 18.58 -8.12
N SER B 84 -10.03 17.39 -8.32
CA SER B 84 -9.13 16.84 -7.31
C SER B 84 -7.68 16.73 -7.77
N GLN B 85 -7.37 17.15 -8.99
CA GLN B 85 -5.97 17.29 -9.37
C GLN B 85 -5.46 18.63 -8.84
N SER B 86 -4.32 19.10 -9.33
CA SER B 86 -3.66 20.28 -8.77
C SER B 86 -3.29 21.22 -9.91
N PRO B 87 -4.15 22.20 -10.21
CA PRO B 87 -3.89 23.07 -11.37
C PRO B 87 -2.63 23.90 -11.27
N ARG B 88 -2.23 24.32 -10.07
CA ARG B 88 -0.89 24.90 -9.87
C ARG B 88 0.14 24.25 -10.78
N HIS B 89 0.12 22.93 -10.86
CA HIS B 89 1.29 22.15 -11.18
C HIS B 89 1.17 21.34 -12.45
N ILE B 90 0.07 21.46 -13.19
CA ILE B 90 -0.11 20.60 -14.36
C ILE B 90 0.89 20.97 -15.46
N LYS B 91 1.69 19.99 -15.89
CA LYS B 91 2.56 20.19 -17.05
C LYS B 91 2.19 19.31 -18.25
N ASP B 92 1.57 18.17 -18.03
CA ASP B 92 1.25 17.28 -19.15
C ASP B 92 -0.27 17.21 -19.23
N MET B 93 -0.86 18.00 -20.15
CA MET B 93 -2.30 17.95 -20.26
C MET B 93 -2.79 16.70 -20.97
N GLU B 94 -1.92 16.02 -21.72
CA GLU B 94 -2.26 14.73 -22.29
C GLU B 94 -2.42 13.67 -21.20
N ALA B 95 -1.50 13.63 -20.24
CA ALA B 95 -1.67 12.72 -19.09
C ALA B 95 -2.93 13.05 -18.32
N PHE B 96 -3.28 14.34 -18.22
CA PHE B 96 -4.50 14.70 -17.50
C PHE B 96 -5.72 14.12 -18.19
N LYS B 97 -5.74 14.15 -19.52
CA LYS B 97 -6.83 13.55 -20.30
C LYS B 97 -6.89 12.05 -20.10
N ALA B 98 -5.75 11.36 -20.13
CA ALA B 98 -5.73 9.93 -19.84
C ALA B 98 -6.39 9.64 -18.49
N VAL B 99 -6.09 10.44 -17.47
CA VAL B 99 -6.66 10.18 -16.15
C VAL B 99 -8.17 10.39 -16.18
N CYS B 100 -8.66 11.42 -16.90
CA CYS B 100 -10.11 11.56 -17.07
C CYS B 100 -10.71 10.31 -17.66
N VAL B 101 -10.12 9.79 -18.73
CA VAL B 101 -10.68 8.62 -19.39
C VAL B 101 -10.56 7.39 -18.48
N LEU B 102 -9.35 7.14 -17.96
CA LEU B 102 -9.12 5.93 -17.16
C LEU B 102 -9.98 5.94 -15.89
N ASN B 103 -10.05 7.10 -15.23
CA ASN B 103 -10.96 7.23 -14.10
C ASN B 103 -12.39 6.84 -14.49
N CYS B 104 -12.89 7.40 -15.61
CA CYS B 104 -14.30 7.24 -15.94
C CYS B 104 -14.64 5.81 -16.32
N VAL B 105 -13.81 5.17 -17.15
CA VAL B 105 -14.22 3.86 -17.65
C VAL B 105 -14.11 2.80 -16.56
N THR B 106 -13.19 2.97 -15.62
CA THR B 106 -13.16 2.03 -14.50
C THR B 106 -14.20 2.36 -13.44
N PHE B 107 -14.74 3.59 -13.43
CA PHE B 107 -15.93 3.87 -12.63
C PHE B 107 -17.13 3.09 -13.17
N VAL B 108 -17.29 3.05 -14.49
CA VAL B 108 -18.31 2.19 -15.09
C VAL B 108 -18.12 0.75 -14.62
N TRP B 109 -16.89 0.24 -14.68
CA TRP B 109 -16.57 -1.11 -14.23
C TRP B 109 -16.99 -1.31 -12.77
N ASP B 110 -16.73 -0.31 -11.93
CA ASP B 110 -17.11 -0.33 -10.51
C ASP B 110 -18.62 -0.48 -10.34
N ASP B 111 -19.41 0.12 -11.23
CA ASP B 111 -20.86 0.10 -11.12
C ASP B 111 -21.49 -1.12 -11.76
N MET B 112 -20.81 -1.76 -12.70
CA MET B 112 -21.34 -2.96 -13.34
C MET B 112 -21.17 -4.14 -12.40
N ASP B 113 -22.11 -5.05 -12.44
CA ASP B 113 -21.87 -6.26 -11.72
C ASP B 113 -21.13 -7.21 -12.65
N PRO B 114 -20.54 -8.31 -12.14
CA PRO B 114 -19.42 -8.93 -12.87
C PRO B 114 -19.78 -9.58 -14.19
N ALA B 115 -21.07 -9.69 -14.52
CA ALA B 115 -21.43 -10.39 -15.76
C ALA B 115 -20.95 -9.68 -17.00
N LEU B 116 -20.73 -8.36 -16.93
CA LEU B 116 -20.23 -7.60 -18.06
C LEU B 116 -18.71 -7.39 -18.02
N HIS B 117 -18.02 -7.87 -16.97
CA HIS B 117 -16.58 -7.67 -16.84
C HIS B 117 -15.82 -8.60 -17.77
N ASP B 118 -15.69 -8.20 -19.04
CA ASP B 118 -14.94 -8.97 -20.04
C ASP B 118 -13.51 -8.44 -20.09
N PHE B 119 -12.58 -9.15 -19.43
CA PHE B 119 -11.20 -8.72 -19.43
C PHE B 119 -10.62 -8.72 -20.83
N GLY B 120 -11.05 -9.66 -21.67
CA GLY B 120 -10.50 -9.76 -23.02
C GLY B 120 -10.83 -8.56 -23.90
N LEU B 121 -12.04 -8.02 -23.75
CA LEU B 121 -12.40 -6.84 -24.51
C LEU B 121 -11.89 -5.56 -23.83
N PHE B 122 -11.85 -5.54 -22.50
CA PHE B 122 -11.62 -4.28 -21.82
C PHE B 122 -10.12 -3.96 -21.62
N LEU B 123 -9.30 -4.94 -21.22
CA LEU B 123 -7.88 -4.64 -21.05
C LEU B 123 -7.22 -4.06 -22.30
N PRO B 124 -7.45 -4.56 -23.52
CA PRO B 124 -6.87 -3.89 -24.70
C PRO B 124 -7.23 -2.41 -24.81
N GLN B 125 -8.47 -2.04 -24.48
CA GLN B 125 -8.86 -0.63 -24.51
C GLN B 125 -8.10 0.19 -23.48
N LEU B 126 -7.94 -0.34 -22.26
CA LEU B 126 -7.09 0.35 -21.28
C LEU B 126 -5.68 0.53 -21.84
N ARG B 127 -5.12 -0.52 -22.43
CA ARG B 127 -3.77 -0.41 -22.99
C ARG B 127 -3.71 0.65 -24.09
N LYS B 128 -4.69 0.65 -25.01
CA LYS B 128 -4.75 1.70 -26.03
C LYS B 128 -4.72 3.09 -25.41
N ILE B 129 -5.55 3.33 -24.39
CA ILE B 129 -5.61 4.64 -23.76
C ILE B 129 -4.23 5.04 -23.24
N CYS B 130 -3.57 4.13 -22.52
CA CYS B 130 -2.28 4.45 -21.91
C CYS B 130 -1.23 4.76 -22.98
N GLU B 131 -1.31 4.07 -24.12
CA GLU B 131 -0.30 4.25 -25.15
C GLU B 131 -0.54 5.52 -25.97
N LYS B 132 -1.79 6.01 -26.02
CA LYS B 132 -2.09 7.25 -26.72
C LYS B 132 -1.53 8.48 -25.98
N TYR B 133 -1.53 8.45 -24.65
CA TYR B 133 -1.32 9.67 -23.88
C TYR B 133 -0.03 9.72 -23.08
N TYR B 134 0.60 8.59 -22.78
CA TYR B 134 1.86 8.57 -22.05
C TYR B 134 2.97 8.08 -22.97
N GLY B 135 4.21 8.33 -22.56
CA GLY B 135 5.34 7.69 -23.20
C GLY B 135 5.35 6.23 -22.83
N PRO B 136 6.12 5.41 -23.58
CA PRO B 136 6.12 3.95 -23.31
C PRO B 136 6.31 3.55 -21.85
N GLU B 137 7.14 4.26 -21.09
CA GLU B 137 7.47 3.85 -19.72
C GLU B 137 6.33 4.19 -18.74
N ASP B 138 5.88 5.45 -18.72
CA ASP B 138 4.72 5.80 -17.90
C ASP B 138 3.49 4.98 -18.31
N ALA B 139 3.47 4.51 -19.56
CA ALA B 139 2.33 3.71 -20.01
C ALA B 139 2.30 2.33 -19.37
N GLU B 140 3.46 1.68 -19.15
CA GLU B 140 3.39 0.43 -18.41
C GLU B 140 2.88 0.66 -17.00
N VAL B 141 3.28 1.77 -16.38
CA VAL B 141 2.87 2.06 -15.02
C VAL B 141 1.37 2.32 -14.94
N ALA B 142 0.85 3.18 -15.82
CA ALA B 142 -0.59 3.46 -15.79
C ALA B 142 -1.40 2.23 -16.15
N TYR B 143 -0.96 1.48 -17.17
CA TYR B 143 -1.69 0.26 -17.54
C TYR B 143 -1.68 -0.77 -16.41
N GLU B 144 -0.52 -1.03 -15.80
CA GLU B 144 -0.45 -1.98 -14.69
C GLU B 144 -1.43 -1.60 -13.58
N ALA B 145 -1.48 -0.33 -13.23
CA ALA B 145 -2.35 0.07 -12.14
C ALA B 145 -3.82 -0.06 -12.51
N ALA B 146 -4.19 0.32 -13.75
CA ALA B 146 -5.58 0.15 -14.17
C ALA B 146 -5.98 -1.32 -14.20
N ARG B 147 -5.09 -2.17 -14.72
CA ARG B 147 -5.29 -3.61 -14.67
C ARG B 147 -5.47 -4.10 -13.23
N ALA B 148 -4.55 -3.74 -12.35
CA ALA B 148 -4.65 -4.17 -10.96
C ALA B 148 -5.96 -3.72 -10.34
N PHE B 149 -6.43 -2.51 -10.67
CA PHE B 149 -7.68 -2.07 -10.06
C PHE B 149 -8.88 -2.88 -10.58
N VAL B 150 -9.01 -3.04 -11.90
CA VAL B 150 -10.22 -3.70 -12.39
C VAL B 150 -10.23 -5.18 -11.99
N THR B 151 -9.05 -5.80 -11.89
CA THR B 151 -8.99 -7.17 -11.41
C THR B 151 -9.39 -7.27 -9.95
N SER B 152 -8.90 -6.33 -9.13
CA SER B 152 -9.26 -6.27 -7.72
C SER B 152 -10.77 -6.08 -7.54
N ASP B 153 -11.33 -5.05 -8.21
CA ASP B 153 -12.76 -4.81 -8.05
C ASP B 153 -13.56 -6.06 -8.42
N HIS B 154 -13.10 -6.79 -9.45
CA HIS B 154 -13.77 -8.04 -9.84
C HIS B 154 -13.54 -9.15 -8.82
N MET B 155 -12.26 -9.42 -8.50
CA MET B 155 -11.91 -10.56 -7.63
C MET B 155 -12.61 -10.49 -6.28
N PHE B 156 -12.97 -9.29 -5.82
CA PHE B 156 -13.44 -9.14 -4.46
C PHE B 156 -14.95 -8.97 -4.33
N ARG B 157 -15.71 -9.06 -5.42
CA ARG B 157 -17.11 -8.59 -5.44
C ARG B 157 -17.94 -9.09 -4.26
N ASP B 158 -17.89 -10.42 -4.05
CA ASP B 158 -18.65 -11.11 -3.01
C ASP B 158 -17.72 -11.98 -2.16
N SER B 159 -16.47 -11.53 -1.93
CA SER B 159 -15.27 -12.28 -1.55
C SER B 159 -15.09 -12.42 -0.04
N PRO B 160 -14.52 -13.54 0.39
CA PRO B 160 -14.21 -13.72 1.81
C PRO B 160 -13.22 -12.71 2.36
N ILE B 161 -12.17 -12.42 1.61
CA ILE B 161 -11.18 -11.45 2.08
C ILE B 161 -11.85 -10.10 2.30
N LYS B 162 -12.74 -9.72 1.40
CA LYS B 162 -13.43 -8.45 1.59
C LYS B 162 -14.31 -8.49 2.83
N ALA B 163 -15.04 -9.58 3.02
CA ALA B 163 -15.87 -9.73 4.21
C ALA B 163 -15.05 -9.53 5.49
N ALA B 164 -13.87 -10.18 5.56
CA ALA B 164 -13.07 -10.06 6.78
C ALA B 164 -12.50 -8.65 6.94
N LEU B 165 -11.93 -8.08 5.87
CA LEU B 165 -11.28 -6.78 6.01
C LEU B 165 -12.31 -5.67 6.28
N CYS B 166 -13.53 -5.81 5.78
CA CYS B 166 -14.56 -4.77 5.94
C CYS B 166 -15.41 -4.91 7.19
N THR B 167 -15.24 -5.96 7.99
CA THR B 167 -16.06 -6.11 9.17
C THR B 167 -15.26 -6.14 10.47
N THR B 168 -13.93 -6.05 10.41
CA THR B 168 -13.09 -6.27 11.59
C THR B 168 -12.75 -4.97 12.31
N SER B 169 -12.02 -4.06 11.65
CA SER B 169 -11.60 -2.81 12.27
C SER B 169 -11.46 -1.77 11.17
N PRO B 170 -11.43 -0.48 11.54
CA PRO B 170 -11.16 0.54 10.49
C PRO B 170 -9.81 0.35 9.83
N GLU B 171 -8.83 -0.11 10.60
CA GLU B 171 -7.49 -0.35 10.09
C GLU B 171 -7.48 -1.46 9.01
N GLN B 172 -8.12 -2.61 9.26
CA GLN B 172 -8.21 -3.59 8.17
C GLN B 172 -8.91 -3.00 6.96
N TYR B 173 -9.97 -2.25 7.22
CA TYR B 173 -10.79 -1.73 6.13
C TYR B 173 -10.00 -0.76 5.25
N PHE B 174 -9.32 0.21 5.86
CA PHE B 174 -8.59 1.18 5.06
C PHE B 174 -7.44 0.50 4.30
N ARG B 175 -6.89 -0.58 4.87
CA ARG B 175 -5.93 -1.40 4.14
C ARG B 175 -6.51 -1.90 2.82
N PHE B 176 -7.74 -2.41 2.85
CA PHE B 176 -8.40 -2.83 1.62
C PHE B 176 -8.59 -1.67 0.65
N ARG B 177 -8.90 -0.49 1.17
CA ARG B 177 -9.29 0.63 0.30
C ARG B 177 -8.11 1.30 -0.37
N VAL B 178 -6.87 1.07 0.10
CA VAL B 178 -5.73 1.63 -0.63
C VAL B 178 -5.81 1.29 -2.10
N THR B 179 -6.19 0.04 -2.39
CA THR B 179 -6.43 -0.40 -3.75
C THR B 179 -7.88 -0.17 -4.18
N ASP B 180 -8.84 -0.57 -3.34
CA ASP B 180 -10.20 -0.66 -3.82
C ASP B 180 -10.83 0.71 -4.09
N ILE B 181 -10.47 1.77 -3.35
CA ILE B 181 -11.02 3.06 -3.73
C ILE B 181 -10.32 3.63 -4.94
N GLY B 182 -9.34 2.93 -5.51
CA GLY B 182 -8.70 3.37 -6.73
C GLY B 182 -7.61 4.42 -6.58
N VAL B 183 -7.22 4.77 -5.34
CA VAL B 183 -6.27 5.86 -5.18
C VAL B 183 -4.84 5.45 -5.55
N ASP B 184 -4.43 4.21 -5.28
CA ASP B 184 -3.10 3.82 -5.75
C ASP B 184 -3.01 3.93 -7.26
N PHE B 185 -4.04 3.47 -7.96
CA PHE B 185 -4.09 3.55 -9.42
C PHE B 185 -4.12 5.01 -9.87
N TRP B 186 -4.91 5.83 -9.17
CA TRP B 186 -4.93 7.27 -9.40
C TRP B 186 -3.54 7.87 -9.36
N MET B 187 -2.77 7.57 -8.31
CA MET B 187 -1.45 8.15 -8.20
C MET B 187 -0.54 7.67 -9.32
N LYS B 188 -0.62 6.38 -9.67
CA LYS B 188 0.29 5.82 -10.65
C LYS B 188 -0.08 6.24 -12.08
N MET B 189 -1.27 6.80 -12.28
CA MET B 189 -1.59 7.37 -13.59
C MET B 189 -1.52 8.89 -13.61
N SER B 190 -1.47 9.55 -12.45
CA SER B 190 -1.42 11.00 -12.36
C SER B 190 -0.01 11.57 -12.28
N TYR B 191 1.00 10.78 -11.87
CA TYR B 191 2.33 11.37 -11.75
C TYR B 191 2.85 11.95 -13.06
N PRO B 192 2.56 11.42 -14.26
CA PRO B 192 3.04 12.10 -15.47
C PRO B 192 2.43 13.49 -15.65
N ILE B 193 1.31 13.80 -15.01
CA ILE B 193 0.73 15.15 -15.11
C ILE B 193 1.72 16.19 -14.60
N TYR B 194 2.44 15.85 -13.53
CA TYR B 194 3.23 16.81 -12.78
C TYR B 194 4.73 16.75 -13.08
N ARG B 195 5.25 15.58 -13.50
CA ARG B 195 6.69 15.35 -13.70
C ARG B 195 7.52 15.98 -12.60
N HIS B 196 7.15 15.67 -11.38
CA HIS B 196 7.83 16.14 -10.19
C HIS B 196 8.49 14.91 -9.55
N PRO B 197 9.83 14.82 -9.57
CA PRO B 197 10.47 13.53 -9.21
C PRO B 197 10.04 12.96 -7.86
N GLU B 198 9.96 13.78 -6.80
CA GLU B 198 9.52 13.22 -5.52
C GLU B 198 8.11 12.66 -5.59
N PHE B 199 7.20 13.32 -6.32
CA PHE B 199 5.84 12.79 -6.37
C PHE B 199 5.82 11.48 -7.15
N THR B 200 6.57 11.41 -8.25
CA THR B 200 6.68 10.18 -9.00
C THR B 200 7.14 9.04 -8.09
N GLU B 201 8.10 9.30 -7.21
CA GLU B 201 8.53 8.22 -6.32
C GLU B 201 7.47 7.87 -5.28
N HIS B 202 6.85 8.88 -4.65
CA HIS B 202 5.79 8.58 -3.68
C HIS B 202 4.63 7.86 -4.34
N ALA B 203 4.36 8.16 -5.62
CA ALA B 203 3.34 7.42 -6.35
C ALA B 203 3.77 5.97 -6.55
N LYS B 204 5.00 5.74 -6.96
CA LYS B 204 5.37 4.38 -7.31
C LYS B 204 5.63 3.49 -6.09
N THR B 205 5.99 4.06 -4.94
CA THR B 205 6.05 3.27 -3.72
C THR B 205 4.67 3.03 -3.10
N SER B 206 3.65 3.75 -3.57
CA SER B 206 2.29 3.75 -3.00
C SER B 206 2.20 4.49 -1.67
N LEU B 207 3.29 5.12 -1.20
CA LEU B 207 3.18 5.99 -0.02
C LEU B 207 2.20 7.13 -0.28
N ALA B 208 2.17 7.64 -1.50
CA ALA B 208 1.22 8.69 -1.86
C ALA B 208 -0.21 8.22 -1.62
N ALA B 209 -0.53 7.02 -2.09
CA ALA B 209 -1.85 6.43 -1.88
C ALA B 209 -2.11 6.16 -0.41
N ARG B 210 -1.12 5.64 0.31
CA ARG B 210 -1.35 5.34 1.71
C ARG B 210 -1.65 6.60 2.53
N MET B 211 -1.05 7.74 2.16
CA MET B 211 -1.30 8.96 2.95
C MET B 211 -2.69 9.55 2.67
N THR B 212 -3.27 9.27 1.52
CA THR B 212 -4.52 9.93 1.11
C THR B 212 -5.73 9.01 1.19
N THR B 213 -5.53 7.72 1.47
CA THR B 213 -6.63 6.77 1.44
C THR B 213 -7.74 7.13 2.42
N ARG B 214 -7.39 7.48 3.65
CA ARG B 214 -8.45 7.69 4.63
C ARG B 214 -9.24 8.98 4.34
N GLY B 215 -8.55 10.02 3.90
CA GLY B 215 -9.25 11.26 3.58
C GLY B 215 -10.24 11.08 2.45
N LEU B 216 -9.85 10.33 1.42
CA LEU B 216 -10.77 10.04 0.32
C LEU B 216 -11.90 9.14 0.78
N THR B 217 -11.55 8.06 1.49
CA THR B 217 -12.50 7.00 1.76
C THR B 217 -13.57 7.43 2.77
N ILE B 218 -13.16 8.11 3.83
CA ILE B 218 -14.13 8.51 4.85
C ILE B 218 -15.20 9.40 4.22
N VAL B 219 -14.77 10.34 3.38
CA VAL B 219 -15.71 11.22 2.67
C VAL B 219 -16.58 10.42 1.70
N ASN B 220 -15.95 9.58 0.85
CA ASN B 220 -16.76 8.80 -0.07
C ASN B 220 -17.76 7.93 0.68
N ASP B 221 -17.29 7.26 1.74
CA ASP B 221 -18.17 6.36 2.47
C ASP B 221 -19.36 7.09 3.06
N PHE B 222 -19.14 8.29 3.62
CA PHE B 222 -20.26 8.96 4.27
C PHE B 222 -21.36 9.24 3.26
N TYR B 223 -20.99 9.76 2.10
CA TYR B 223 -21.98 10.20 1.14
C TYR B 223 -22.47 9.09 0.22
N SER B 224 -21.83 7.92 0.19
CA SER B 224 -22.34 6.81 -0.61
C SER B 224 -22.95 5.72 0.24
N TYR B 225 -23.05 5.92 1.56
CA TYR B 225 -23.57 4.92 2.48
C TYR B 225 -24.99 4.47 2.10
N ASP B 226 -25.89 5.42 1.85
CA ASP B 226 -27.27 5.05 1.60
C ASP B 226 -27.41 4.16 0.36
N ARG B 227 -26.74 4.53 -0.72
CA ARG B 227 -26.79 3.72 -1.93
C ARG B 227 -26.19 2.35 -1.67
N GLU B 228 -25.02 2.30 -1.06
CA GLU B 228 -24.31 1.03 -0.92
C GLU B 228 -25.07 0.07 -0.02
N VAL B 229 -25.64 0.57 1.07
CA VAL B 229 -26.43 -0.32 1.91
C VAL B 229 -27.66 -0.82 1.15
N SER B 230 -28.34 0.07 0.42
CA SER B 230 -29.51 -0.39 -0.34
C SER B 230 -29.10 -1.36 -1.45
N LEU B 231 -27.84 -1.33 -1.86
CA LEU B 231 -27.33 -2.24 -2.88
C LEU B 231 -26.58 -3.43 -2.30
N GLY B 232 -26.67 -3.65 -0.99
CA GLY B 232 -26.03 -4.79 -0.37
C GLY B 232 -24.52 -4.74 -0.35
N GLN B 233 -23.90 -3.61 -0.66
CA GLN B 233 -22.45 -3.51 -0.67
C GLN B 233 -21.92 -3.28 0.74
N ILE B 234 -20.83 -3.97 1.10
CA ILE B 234 -20.29 -3.92 2.46
C ILE B 234 -19.07 -3.04 2.57
N THR B 235 -18.57 -2.51 1.47
CA THR B 235 -17.30 -1.78 1.49
C THR B 235 -17.56 -0.31 1.87
N ASN B 236 -17.70 -0.09 3.18
CA ASN B 236 -18.05 1.24 3.71
C ASN B 236 -17.78 1.27 5.20
N CYS B 237 -16.93 2.18 5.68
CA CYS B 237 -16.51 2.12 7.08
C CYS B 237 -17.63 2.43 8.05
N PHE B 238 -18.69 3.14 7.62
CA PHE B 238 -19.76 3.40 8.56
C PHE B 238 -20.62 2.17 8.85
N ARG B 239 -20.46 1.07 8.10
CA ARG B 239 -21.07 -0.20 8.49
C ARG B 239 -20.42 -0.79 9.74
N LEU B 240 -19.22 -0.34 10.10
CA LEU B 240 -18.61 -0.78 11.34
C LEU B 240 -19.26 -0.19 12.57
N CYS B 241 -20.12 0.81 12.45
CA CYS B 241 -20.76 1.40 13.59
C CYS B 241 -22.27 1.32 13.45
N ASP B 242 -22.94 1.48 14.58
CA ASP B 242 -24.40 1.46 14.62
C ASP B 242 -24.86 2.88 14.27
N VAL B 243 -25.11 3.13 12.98
CA VAL B 243 -25.50 4.47 12.56
C VAL B 243 -26.86 4.88 13.13
N SER B 244 -27.68 3.94 13.61
CA SER B 244 -28.98 4.35 14.15
C SER B 244 -28.89 4.95 15.55
N ASP B 245 -27.76 4.81 16.22
CA ASP B 245 -27.52 5.31 17.58
C ASP B 245 -26.61 6.53 17.44
N GLU B 246 -27.19 7.73 17.59
CA GLU B 246 -26.46 8.96 17.30
C GLU B 246 -25.18 9.05 18.13
N THR B 247 -25.23 8.63 19.39
CA THR B 247 -24.04 8.76 20.23
C THR B 247 -22.93 7.83 19.75
N ALA B 248 -23.27 6.61 19.34
CA ALA B 248 -22.27 5.74 18.74
C ALA B 248 -21.79 6.31 17.41
N PHE B 249 -22.71 6.81 16.58
CA PHE B 249 -22.31 7.32 15.27
C PHE B 249 -21.37 8.49 15.41
N LYS B 250 -21.76 9.51 16.18
CA LYS B 250 -20.95 10.71 16.19
C LYS B 250 -19.62 10.48 16.89
N GLU B 251 -19.52 9.48 17.77
CA GLU B 251 -18.21 9.19 18.33
C GLU B 251 -17.33 8.47 17.31
N PHE B 252 -17.93 7.59 16.51
CA PHE B 252 -17.20 6.99 15.39
C PHE B 252 -16.79 8.05 14.37
N PHE B 253 -17.71 8.98 14.08
CA PHE B 253 -17.42 10.00 13.09
C PHE B 253 -16.26 10.88 13.55
N GLN B 254 -16.26 11.25 14.83
CA GLN B 254 -15.13 11.97 15.42
C GLN B 254 -13.82 11.22 15.21
N ALA B 255 -13.81 9.93 15.54
CA ALA B 255 -12.59 9.14 15.35
C ALA B 255 -12.12 9.22 13.88
N ARG B 256 -13.06 9.25 12.94
CA ARG B 256 -12.67 9.33 11.54
C ARG B 256 -12.15 10.73 11.17
N LEU B 257 -12.76 11.79 11.72
CA LEU B 257 -12.21 13.13 11.56
C LEU B 257 -10.78 13.19 12.08
N ASP B 258 -10.54 12.63 13.28
CA ASP B 258 -9.18 12.57 13.81
C ASP B 258 -8.23 11.87 12.84
N ASP B 259 -8.66 10.76 12.24
CA ASP B 259 -7.87 10.07 11.22
C ASP B 259 -7.45 11.05 10.12
N MET B 260 -8.42 11.79 9.59
CA MET B 260 -8.15 12.69 8.48
C MET B 260 -7.17 13.77 8.88
N ILE B 261 -7.38 14.34 10.07
CA ILE B 261 -6.52 15.41 10.58
C ILE B 261 -5.09 14.91 10.73
N GLU B 262 -4.95 13.75 11.37
CA GLU B 262 -3.62 13.16 11.52
C GLU B 262 -2.92 13.03 10.17
N ASP B 263 -3.62 12.49 9.17
CA ASP B 263 -3.03 12.33 7.84
C ASP B 263 -2.66 13.68 7.25
N ILE B 264 -3.56 14.66 7.38
CA ILE B 264 -3.28 15.97 6.81
C ILE B 264 -2.06 16.60 7.47
N GLU B 265 -1.97 16.54 8.80
CA GLU B 265 -0.77 16.93 9.54
C GLU B 265 0.50 16.36 8.95
N CYS B 266 0.56 15.04 8.80
CA CYS B 266 1.77 14.41 8.30
C CYS B 266 1.99 14.67 6.82
N ILE B 267 0.93 14.91 6.04
CA ILE B 267 1.13 15.32 4.65
C ILE B 267 1.88 16.66 4.58
N LYS B 268 1.73 17.51 5.60
CA LYS B 268 2.45 18.78 5.67
C LYS B 268 3.96 18.64 5.78
N ALA B 269 4.46 17.44 6.09
CA ALA B 269 5.89 17.20 6.09
C ALA B 269 6.46 16.95 4.70
N PHE B 270 5.62 16.58 3.73
CA PHE B 270 6.14 16.37 2.39
C PHE B 270 6.53 17.72 1.78
N ASP B 271 7.26 17.69 0.67
CA ASP B 271 7.62 18.93 0.02
C ASP B 271 6.35 19.60 -0.49
N GLN B 272 6.40 20.93 -0.62
CA GLN B 272 5.15 21.68 -0.74
C GLN B 272 4.45 21.43 -2.07
N LEU B 273 5.15 20.92 -3.09
CA LEU B 273 4.41 20.58 -4.31
C LEU B 273 3.65 19.27 -4.11
N THR B 274 4.35 18.22 -3.69
CA THR B 274 3.68 16.97 -3.34
C THR B 274 2.53 17.23 -2.36
N GLN B 275 2.78 18.06 -1.37
CA GLN B 275 1.78 18.43 -0.37
C GLN B 275 0.53 19.02 -1.00
N ASP B 276 0.68 20.04 -1.83
CA ASP B 276 -0.49 20.65 -2.46
C ASP B 276 -1.24 19.62 -3.30
N VAL B 277 -0.51 18.68 -3.92
CA VAL B 277 -1.16 17.64 -4.72
C VAL B 277 -2.01 16.73 -3.83
N PHE B 278 -1.41 16.21 -2.75
CA PHE B 278 -2.17 15.35 -1.84
C PHE B 278 -3.41 16.05 -1.29
N LEU B 279 -3.23 17.30 -0.85
CA LEU B 279 -4.34 17.99 -0.19
C LEU B 279 -5.44 18.39 -1.18
N ASP B 280 -5.05 18.76 -2.41
CA ASP B 280 -6.07 19.05 -3.43
C ASP B 280 -6.87 17.80 -3.72
N LEU B 281 -6.22 16.63 -3.66
CA LEU B 281 -6.94 15.39 -3.91
C LEU B 281 -8.00 15.15 -2.85
N ILE B 282 -7.63 15.27 -1.57
CA ILE B 282 -8.59 14.98 -0.51
C ILE B 282 -9.68 16.04 -0.47
N TYR B 283 -9.29 17.30 -0.53
CA TYR B 283 -10.26 18.37 -0.40
C TYR B 283 -11.11 18.48 -1.68
N GLY B 284 -10.50 18.32 -2.84
CA GLY B 284 -11.27 18.31 -4.08
C GLY B 284 -12.28 17.19 -4.15
N ASN B 285 -11.89 16.00 -3.67
CA ASN B 285 -12.85 14.90 -3.67
C ASN B 285 -14.06 15.26 -2.81
N PHE B 286 -13.84 16.00 -1.73
CA PHE B 286 -14.96 16.40 -0.87
C PHE B 286 -15.87 17.42 -1.59
N VAL B 287 -15.28 18.37 -2.29
CA VAL B 287 -16.09 19.35 -3.02
C VAL B 287 -16.91 18.66 -4.09
N TRP B 288 -16.26 17.79 -4.87
CA TRP B 288 -16.93 17.05 -5.93
C TRP B 288 -18.03 16.14 -5.38
N THR B 289 -17.70 15.39 -4.31
CA THR B 289 -18.66 14.44 -3.75
C THR B 289 -19.94 15.16 -3.30
N THR B 290 -19.80 16.32 -2.68
CA THR B 290 -20.96 17.02 -2.16
C THR B 290 -21.71 17.77 -3.26
N SER B 291 -21.18 17.80 -4.48
CA SER B 291 -21.80 18.52 -5.60
C SER B 291 -22.39 17.62 -6.67
N ASN B 292 -22.57 16.34 -6.39
CA ASN B 292 -22.77 15.33 -7.43
C ASN B 292 -23.98 14.49 -7.09
N LYS B 293 -24.95 14.43 -8.01
CA LYS B 293 -26.20 13.71 -7.73
C LYS B 293 -25.93 12.22 -7.52
N ARG B 294 -24.80 11.73 -8.01
CA ARG B 294 -24.36 10.38 -7.68
C ARG B 294 -24.41 10.14 -6.17
N TYR B 295 -24.06 11.15 -5.39
CA TYR B 295 -23.81 11.02 -3.96
C TYR B 295 -24.88 11.65 -3.08
N LYS B 296 -26.14 11.64 -3.51
CA LYS B 296 -27.12 12.47 -2.81
C LYS B 296 -28.38 11.74 -2.36
N THR B 297 -28.86 10.74 -3.09
CA THR B 297 -30.01 10.00 -2.61
C THR B 297 -29.61 8.54 -2.44
N ALA B 298 -30.58 7.66 -2.67
CA ALA B 298 -30.19 6.33 -3.11
C ALA B 298 -30.28 6.24 -4.63
N VAL B 299 -31.01 5.24 -5.11
CA VAL B 299 -30.93 4.75 -6.48
C VAL B 299 -31.53 5.80 -7.41
N ASN B 300 -30.67 6.40 -8.21
CA ASN B 300 -31.13 7.37 -9.20
C ASN B 300 -30.50 6.99 -10.53
N ASP B 301 -30.96 7.66 -11.58
CA ASP B 301 -30.65 7.42 -12.98
C ASP B 301 -29.19 7.63 -13.33
N VAL B 302 -28.33 7.90 -12.35
CA VAL B 302 -26.90 7.99 -12.62
C VAL B 302 -26.05 7.04 -11.78
N ASN B 303 -26.61 6.36 -10.76
CA ASN B 303 -25.79 5.66 -9.79
C ASN B 303 -26.17 4.20 -9.48
N SER B 304 -26.88 3.51 -10.37
CA SER B 304 -27.73 2.44 -9.87
C SER B 304 -27.13 1.02 -9.92
N ARG B 305 -27.57 0.20 -8.99
CA ARG B 305 -28.00 -1.12 -9.38
C ARG B 305 -29.49 -1.00 -9.63
N ILE B 306 -30.01 -1.93 -10.41
CA ILE B 306 -31.37 -1.87 -10.89
C ILE B 306 -32.10 -2.92 -10.05
N GLN B 307 -33.42 -2.83 -9.95
CA GLN B 307 -34.15 -3.94 -9.36
C GLN B 307 -35.43 -4.21 -10.14
N ALA B 308 -35.69 -5.50 -10.35
CA ALA B 308 -36.91 -5.97 -10.97
C ALA B 308 -37.43 -7.16 -10.16
N GLY A 14 18.97 4.14 29.50
CA GLY A 14 17.83 4.40 30.38
C GLY A 14 16.69 4.91 29.53
N ARG A 15 16.42 4.13 28.47
CA ARG A 15 15.56 4.39 27.31
C ARG A 15 16.24 4.02 26.01
N SER A 16 17.55 3.72 26.07
CA SER A 16 18.33 3.30 24.92
C SER A 16 18.35 1.79 24.73
N SER A 17 17.62 1.02 25.53
CA SER A 17 17.69 -0.43 25.35
C SER A 17 16.41 -1.11 25.83
N VAL A 18 16.03 -2.17 25.12
CA VAL A 18 14.92 -3.01 25.54
C VAL A 18 15.41 -4.33 26.13
N ARG A 19 16.71 -4.43 26.42
CA ARG A 19 17.27 -5.61 27.10
C ARG A 19 16.49 -6.10 28.32
N PRO A 20 15.97 -5.24 29.21
CA PRO A 20 15.22 -5.77 30.36
C PRO A 20 14.02 -6.60 30.01
N TYR A 21 13.56 -6.57 28.76
CA TYR A 21 12.34 -7.22 28.34
C TYR A 21 12.60 -8.39 27.39
N LEU A 22 13.85 -8.66 27.08
CA LEU A 22 14.18 -9.57 25.99
C LEU A 22 13.53 -10.95 26.19
N GLU A 23 13.66 -11.51 27.38
CA GLU A 23 13.16 -12.87 27.62
C GLU A 23 11.63 -12.91 27.59
N GLU A 24 10.97 -12.03 28.38
CA GLU A 24 9.51 -12.01 28.41
C GLU A 24 8.94 -11.78 27.02
N CYS A 25 9.47 -10.80 26.30
CA CYS A 25 8.93 -10.49 24.97
C CYS A 25 9.16 -11.62 23.99
N THR A 26 10.35 -12.24 24.01
CA THR A 26 10.59 -13.38 23.14
C THR A 26 9.58 -14.48 23.43
N ARG A 27 9.42 -14.84 24.70
CA ARG A 27 8.45 -15.85 25.10
C ARG A 27 7.05 -15.48 24.62
N ARG A 28 6.68 -14.20 24.72
CA ARG A 28 5.31 -13.80 24.37
C ARG A 28 5.07 -13.84 22.86
N PHE A 29 6.01 -13.34 22.06
CA PHE A 29 5.96 -13.52 20.61
C PHE A 29 5.70 -14.98 20.25
N GLN A 30 6.53 -15.88 20.79
CA GLN A 30 6.43 -17.28 20.40
C GLN A 30 5.07 -17.87 20.77
N GLU A 31 4.57 -17.56 21.96
CA GLU A 31 3.28 -18.09 22.38
C GLU A 31 2.16 -17.59 21.47
N MET A 32 2.26 -16.33 21.06
CA MET A 32 1.28 -15.77 20.13
C MET A 32 1.26 -16.59 18.83
N PHE A 33 2.44 -16.85 18.27
CA PHE A 33 2.51 -17.66 17.06
C PHE A 33 1.95 -19.05 17.29
N ASP A 34 2.26 -19.67 18.43
CA ASP A 34 1.77 -21.02 18.70
C ASP A 34 0.25 -21.07 18.78
N ARG A 35 -0.37 -20.00 19.27
CA ARG A 35 -1.80 -20.06 19.47
C ARG A 35 -2.57 -19.58 18.26
N HIS A 36 -1.93 -18.84 17.35
CA HIS A 36 -2.65 -18.23 16.24
C HIS A 36 -2.20 -18.73 14.87
N VAL A 37 -0.94 -19.12 14.71
CA VAL A 37 -0.45 -19.65 13.44
C VAL A 37 -0.41 -21.16 13.45
N VAL A 38 0.23 -21.75 14.47
CA VAL A 38 0.23 -23.17 14.77
C VAL A 38 1.07 -23.96 13.76
N THR A 39 1.14 -23.49 12.52
CA THR A 39 2.05 -24.07 11.54
C THR A 39 3.46 -23.51 11.71
N ARG A 40 4.43 -24.40 11.74
CA ARG A 40 5.80 -24.02 12.01
C ARG A 40 6.50 -23.67 10.71
N PRO A 41 7.25 -22.57 10.67
CA PRO A 41 8.01 -22.24 9.46
C PRO A 41 9.11 -23.28 9.25
N THR A 42 9.46 -23.46 7.98
CA THR A 42 10.44 -24.49 7.62
C THR A 42 11.53 -23.87 6.76
N LYS A 43 12.78 -24.20 7.07
CA LYS A 43 13.89 -23.54 6.41
C LYS A 43 14.19 -24.22 5.08
N VAL A 44 14.25 -23.41 4.02
CA VAL A 44 14.77 -23.86 2.74
C VAL A 44 16.23 -24.25 2.91
N GLU A 45 16.58 -25.43 2.44
CA GLU A 45 17.95 -25.88 2.50
C GLU A 45 18.63 -25.48 1.20
N LEU A 46 19.81 -24.88 1.31
CA LEU A 46 20.64 -24.72 0.13
C LEU A 46 21.93 -25.50 0.32
N THR A 47 22.29 -26.27 -0.70
CA THR A 47 23.65 -26.74 -0.79
C THR A 47 24.59 -25.54 -0.65
N ASP A 48 25.76 -25.79 -0.06
CA ASP A 48 26.85 -24.82 -0.11
C ASP A 48 27.11 -24.37 -1.56
N ALA A 49 26.48 -25.03 -2.54
CA ALA A 49 26.65 -24.70 -3.94
C ALA A 49 25.60 -23.70 -4.42
N GLU A 50 24.30 -24.01 -4.25
CA GLU A 50 23.28 -23.04 -4.57
C GLU A 50 23.62 -21.71 -3.91
N LEU A 51 24.03 -21.78 -2.64
CA LEU A 51 24.57 -20.62 -1.93
C LEU A 51 25.72 -19.99 -2.71
N ARG A 52 26.65 -20.81 -3.24
CA ARG A 52 27.78 -20.24 -3.96
C ARG A 52 27.34 -19.42 -5.15
N GLU A 53 26.33 -19.89 -5.89
CA GLU A 53 25.80 -19.09 -6.98
C GLU A 53 25.20 -17.78 -6.48
N VAL A 54 24.37 -17.84 -5.43
CA VAL A 54 23.77 -16.63 -4.87
C VAL A 54 24.85 -15.68 -4.36
N ILE A 55 25.81 -16.20 -3.61
CA ILE A 55 26.83 -15.35 -2.99
C ILE A 55 27.75 -14.76 -4.05
N ASP A 56 28.07 -15.53 -5.10
CA ASP A 56 28.83 -14.96 -6.22
C ASP A 56 28.07 -13.78 -6.84
N ASP A 57 26.77 -13.94 -7.08
CA ASP A 57 26.00 -12.85 -7.67
C ASP A 57 25.89 -11.66 -6.72
N CYS A 58 25.78 -11.93 -5.41
CA CYS A 58 25.78 -10.85 -4.42
C CYS A 58 27.09 -10.06 -4.47
N ASN A 59 28.22 -10.77 -4.44
CA ASN A 59 29.51 -10.07 -4.43
C ASN A 59 29.73 -9.30 -5.72
N ALA A 60 29.32 -9.89 -6.85
CA ALA A 60 29.42 -9.18 -8.13
C ALA A 60 28.52 -7.95 -8.14
N ALA A 61 27.38 -8.01 -7.44
CA ALA A 61 26.43 -6.91 -7.47
C ALA A 61 26.94 -5.70 -6.69
N VAL A 62 27.56 -5.92 -5.54
CA VAL A 62 27.99 -4.78 -4.72
C VAL A 62 29.45 -4.42 -4.94
N ALA A 63 30.20 -5.25 -5.68
CA ALA A 63 31.59 -4.91 -6.00
C ALA A 63 31.75 -3.47 -6.52
N PRO A 64 30.89 -2.95 -7.40
CA PRO A 64 31.11 -1.58 -7.88
C PRO A 64 30.95 -0.52 -6.82
N LEU A 65 30.34 -0.84 -5.67
CA LEU A 65 30.23 0.09 -4.57
C LEU A 65 31.50 0.15 -3.71
N GLY A 66 32.42 -0.79 -3.89
CA GLY A 66 33.75 -0.64 -3.33
C GLY A 66 34.03 -1.33 -2.01
N LYS A 67 33.05 -2.00 -1.40
CA LYS A 67 33.24 -2.55 -0.06
C LYS A 67 33.34 -4.07 -0.12
N THR A 68 33.78 -4.67 0.98
CA THR A 68 33.80 -6.12 1.10
C THR A 68 32.73 -6.58 2.06
N VAL A 69 31.99 -7.60 1.65
CA VAL A 69 31.00 -8.24 2.49
C VAL A 69 31.45 -9.68 2.69
N SER A 70 31.61 -10.09 3.95
CA SER A 70 32.06 -11.44 4.24
C SER A 70 30.95 -12.45 3.97
N ASP A 71 31.37 -13.70 3.70
CA ASP A 71 30.40 -14.77 3.52
C ASP A 71 29.44 -14.89 4.72
N GLU A 72 29.96 -14.73 5.93
CA GLU A 72 29.07 -14.89 7.08
C GLU A 72 28.10 -13.72 7.22
N ARG A 73 28.49 -12.53 6.75
CA ARG A 73 27.52 -11.44 6.67
C ARG A 73 26.46 -11.72 5.60
N TRP A 74 26.85 -12.29 4.46
CA TRP A 74 25.84 -12.71 3.48
C TRP A 74 24.88 -13.72 4.09
N ILE A 75 25.41 -14.67 4.88
CA ILE A 75 24.58 -15.69 5.48
C ILE A 75 23.60 -15.07 6.47
N SER A 76 24.06 -14.08 7.23
CA SER A 76 23.17 -13.36 8.13
C SER A 76 22.00 -12.75 7.36
N TYR A 77 22.30 -12.10 6.23
CA TYR A 77 21.23 -11.48 5.44
C TYR A 77 20.32 -12.53 4.83
N VAL A 78 20.89 -13.58 4.23
CA VAL A 78 20.10 -14.53 3.44
C VAL A 78 19.18 -15.38 4.30
N GLY A 79 19.46 -15.50 5.60
CA GLY A 79 18.64 -16.35 6.45
C GLY A 79 17.16 -16.02 6.40
N VAL A 80 16.81 -14.73 6.23
CA VAL A 80 15.39 -14.39 6.23
C VAL A 80 14.68 -15.06 5.06
N VAL A 81 15.35 -15.16 3.91
CA VAL A 81 14.73 -15.82 2.77
C VAL A 81 14.64 -17.32 3.02
N LEU A 82 15.68 -17.89 3.64
CA LEU A 82 15.69 -19.34 3.87
C LEU A 82 14.59 -19.74 4.82
N TRP A 83 14.29 -18.88 5.80
CA TRP A 83 13.36 -19.19 6.88
C TRP A 83 11.95 -18.68 6.68
N SER A 84 11.74 -17.73 5.77
CA SER A 84 10.48 -16.99 5.73
C SER A 84 9.75 -17.09 4.39
N GLN A 85 10.19 -17.96 3.48
CA GLN A 85 9.36 -18.32 2.35
C GLN A 85 8.48 -19.50 2.80
N SER A 86 7.88 -20.23 1.88
CA SER A 86 7.03 -21.38 2.22
C SER A 86 7.42 -22.54 1.33
N PRO A 87 8.41 -23.34 1.76
CA PRO A 87 9.03 -24.30 0.82
C PRO A 87 8.07 -25.29 0.20
N ARG A 88 7.01 -25.68 0.89
CA ARG A 88 6.16 -26.74 0.33
C ARG A 88 5.23 -26.20 -0.74
N HIS A 89 5.33 -24.91 -1.06
CA HIS A 89 4.63 -24.31 -2.18
C HIS A 89 5.56 -23.80 -3.25
N ILE A 90 6.88 -23.95 -3.09
CA ILE A 90 7.81 -23.42 -4.08
C ILE A 90 7.67 -24.18 -5.39
N LYS A 91 7.62 -23.43 -6.50
CA LYS A 91 7.64 -24.00 -7.83
C LYS A 91 8.89 -23.65 -8.62
N ASP A 92 9.47 -22.49 -8.41
CA ASP A 92 10.54 -21.97 -9.27
C ASP A 92 11.73 -21.60 -8.39
N MET A 93 12.75 -22.48 -8.35
CA MET A 93 13.95 -22.21 -7.59
C MET A 93 14.81 -21.11 -8.21
N GLU A 94 14.65 -20.81 -9.51
CA GLU A 94 15.34 -19.64 -10.05
C GLU A 94 14.86 -18.38 -9.35
N ALA A 95 13.55 -18.19 -9.31
CA ALA A 95 12.98 -17.07 -8.57
C ALA A 95 13.40 -17.07 -7.11
N PHE A 96 13.44 -18.24 -6.47
CA PHE A 96 13.91 -18.30 -5.08
C PHE A 96 15.33 -17.77 -4.96
N LYS A 97 16.24 -18.26 -5.82
CA LYS A 97 17.62 -17.79 -5.77
C LYS A 97 17.67 -16.27 -6.03
N ALA A 98 16.81 -15.78 -6.91
CA ALA A 98 16.75 -14.34 -7.16
C ALA A 98 16.37 -13.57 -5.90
N VAL A 99 15.37 -14.06 -5.16
CA VAL A 99 14.98 -13.37 -3.93
C VAL A 99 16.12 -13.41 -2.93
N CYS A 100 16.86 -14.52 -2.86
CA CYS A 100 18.06 -14.56 -2.01
C CYS A 100 19.01 -13.42 -2.37
N VAL A 101 19.36 -13.30 -3.66
CA VAL A 101 20.36 -12.31 -4.07
C VAL A 101 19.84 -10.89 -3.84
N LEU A 102 18.64 -10.62 -4.35
CA LEU A 102 18.06 -9.27 -4.23
C LEU A 102 17.89 -8.86 -2.78
N ASN A 103 17.38 -9.77 -1.94
CA ASN A 103 17.25 -9.47 -0.53
C ASN A 103 18.60 -9.09 0.07
N CYS A 104 19.64 -9.85 -0.25
CA CYS A 104 20.93 -9.64 0.39
C CYS A 104 21.59 -8.35 -0.06
N VAL A 105 21.56 -8.06 -1.37
CA VAL A 105 22.29 -6.89 -1.82
C VAL A 105 21.59 -5.60 -1.40
N THR A 106 20.26 -5.60 -1.28
CA THR A 106 19.59 -4.41 -0.78
C THR A 106 19.70 -4.29 0.73
N PHE A 107 19.95 -5.41 1.41
CA PHE A 107 20.31 -5.36 2.82
C PHE A 107 21.63 -4.62 3.01
N VAL A 108 22.62 -4.89 2.15
CA VAL A 108 23.87 -4.13 2.19
C VAL A 108 23.60 -2.63 2.04
N TRP A 109 22.82 -2.28 1.01
CA TRP A 109 22.41 -0.90 0.80
C TRP A 109 21.81 -0.29 2.06
N ASP A 110 20.94 -1.05 2.74
CA ASP A 110 20.33 -0.61 4.00
C ASP A 110 21.39 -0.31 5.06
N ASP A 111 22.47 -1.09 5.08
CA ASP A 111 23.52 -0.96 6.08
C ASP A 111 24.63 0.01 5.69
N MET A 112 24.53 0.69 4.53
CA MET A 112 25.60 1.59 4.07
C MET A 112 25.26 3.03 4.36
N ASP A 113 26.27 3.81 4.73
CA ASP A 113 26.01 5.23 4.84
C ASP A 113 25.95 5.81 3.42
N PRO A 114 25.22 6.91 3.21
CA PRO A 114 24.76 7.26 1.86
C PRO A 114 25.84 7.69 0.90
N ALA A 115 27.04 8.04 1.37
CA ALA A 115 28.09 8.46 0.45
C ALA A 115 28.61 7.30 -0.37
N LEU A 116 28.25 6.07 0.01
CA LEU A 116 28.52 4.87 -0.77
C LEU A 116 27.42 4.54 -1.78
N HIS A 117 26.22 5.06 -1.59
CA HIS A 117 25.12 4.77 -2.50
C HIS A 117 25.50 5.34 -3.86
N ASP A 118 25.49 4.50 -4.88
CA ASP A 118 25.90 4.90 -6.23
C ASP A 118 24.88 4.31 -7.18
N PHE A 119 23.85 5.11 -7.49
CA PHE A 119 22.74 4.60 -8.29
C PHE A 119 23.22 4.20 -9.69
N GLY A 120 24.08 5.02 -10.31
CA GLY A 120 24.56 4.70 -11.65
C GLY A 120 25.31 3.37 -11.74
N LEU A 121 25.89 2.92 -10.64
CA LEU A 121 26.62 1.64 -10.63
C LEU A 121 25.75 0.48 -10.14
N PHE A 122 24.91 0.72 -9.13
CA PHE A 122 24.16 -0.37 -8.51
C PHE A 122 22.92 -0.75 -9.29
N LEU A 123 22.20 0.23 -9.85
CA LEU A 123 21.00 -0.10 -10.60
C LEU A 123 21.27 -1.04 -11.77
N PRO A 124 22.34 -0.87 -12.57
CA PRO A 124 22.67 -1.90 -13.57
C PRO A 124 22.80 -3.30 -13.00
N GLN A 125 23.38 -3.44 -11.81
CA GLN A 125 23.55 -4.76 -11.22
C GLN A 125 22.21 -5.39 -10.85
N LEU A 126 21.29 -4.59 -10.31
CA LEU A 126 19.96 -5.09 -9.97
C LEU A 126 19.20 -5.48 -11.22
N ARG A 127 19.45 -4.80 -12.34
CA ARG A 127 18.82 -5.20 -13.59
C ARG A 127 19.39 -6.53 -14.09
N LYS A 128 20.69 -6.75 -13.91
CA LYS A 128 21.30 -8.01 -14.33
C LYS A 128 20.74 -9.18 -13.53
N ILE A 129 20.63 -9.01 -12.21
CA ILE A 129 20.09 -10.08 -11.37
C ILE A 129 18.68 -10.43 -11.82
N CYS A 130 17.84 -9.41 -12.01
CA CYS A 130 16.45 -9.67 -12.37
C CYS A 130 16.35 -10.40 -13.71
N GLU A 131 17.04 -9.90 -14.73
CA GLU A 131 16.96 -10.55 -16.04
C GLU A 131 17.52 -11.98 -16.01
N LYS A 132 18.56 -12.23 -15.21
CA LYS A 132 19.14 -13.56 -15.16
C LYS A 132 18.15 -14.60 -14.66
N TYR A 133 17.45 -14.32 -13.54
CA TYR A 133 16.69 -15.36 -12.87
C TYR A 133 15.20 -15.35 -13.20
N TYR A 134 14.66 -14.23 -13.65
CA TYR A 134 13.23 -14.13 -13.95
C TYR A 134 13.00 -14.14 -15.45
N GLY A 135 11.79 -14.55 -15.85
CA GLY A 135 11.35 -14.37 -17.20
C GLY A 135 11.19 -12.90 -17.52
N PRO A 136 10.97 -12.61 -18.80
CA PRO A 136 10.93 -11.19 -19.23
C PRO A 136 9.85 -10.36 -18.52
N GLU A 137 8.75 -10.96 -18.09
CA GLU A 137 7.71 -10.14 -17.47
C GLU A 137 7.93 -9.97 -15.96
N ASP A 138 8.28 -11.06 -15.28
CA ASP A 138 8.57 -10.97 -13.85
C ASP A 138 9.78 -10.07 -13.60
N ALA A 139 10.73 -10.05 -14.54
CA ALA A 139 11.94 -9.27 -14.35
C ALA A 139 11.64 -7.80 -14.17
N GLU A 140 10.66 -7.29 -14.92
CA GLU A 140 10.33 -5.87 -14.82
C GLU A 140 9.70 -5.53 -13.47
N VAL A 141 8.76 -6.37 -13.02
CA VAL A 141 8.14 -6.16 -11.72
C VAL A 141 9.19 -6.22 -10.62
N ALA A 142 10.07 -7.23 -10.69
CA ALA A 142 11.08 -7.35 -9.64
C ALA A 142 12.04 -6.16 -9.66
N TYR A 143 12.50 -5.75 -10.85
CA TYR A 143 13.44 -4.63 -10.90
C TYR A 143 12.80 -3.34 -10.39
N GLU A 144 11.58 -3.03 -10.83
CA GLU A 144 10.93 -1.81 -10.35
C GLU A 144 10.83 -1.81 -8.83
N ALA A 145 10.42 -2.93 -8.25
CA ALA A 145 10.31 -3.05 -6.79
C ALA A 145 11.66 -2.83 -6.11
N ALA A 146 12.74 -3.47 -6.63
CA ALA A 146 14.06 -3.26 -6.06
C ALA A 146 14.52 -1.81 -6.21
N ARG A 147 14.37 -1.26 -7.41
CA ARG A 147 14.72 0.13 -7.68
C ARG A 147 14.00 1.09 -6.72
N ALA A 148 12.67 0.92 -6.58
CA ALA A 148 11.91 1.79 -5.71
C ALA A 148 12.36 1.65 -4.25
N PHE A 149 12.71 0.43 -3.83
CA PHE A 149 13.15 0.25 -2.46
C PHE A 149 14.45 0.98 -2.18
N VAL A 150 15.50 0.74 -2.99
CA VAL A 150 16.78 1.38 -2.70
C VAL A 150 16.65 2.89 -2.81
N THR A 151 15.85 3.36 -3.77
CA THR A 151 15.60 4.79 -3.88
C THR A 151 14.91 5.32 -2.62
N SER A 152 13.97 4.55 -2.08
CA SER A 152 13.29 4.99 -0.86
C SER A 152 14.25 5.04 0.32
N ASP A 153 15.01 3.96 0.54
CA ASP A 153 15.96 3.97 1.64
C ASP A 153 16.93 5.14 1.50
N HIS A 154 17.36 5.43 0.26
CA HIS A 154 18.27 6.56 0.09
C HIS A 154 17.56 7.88 0.33
N MET A 155 16.46 8.13 -0.41
CA MET A 155 15.71 9.37 -0.33
C MET A 155 15.32 9.74 1.08
N PHE A 156 15.17 8.75 1.96
CA PHE A 156 14.59 9.05 3.24
C PHE A 156 15.58 9.16 4.38
N ARG A 157 16.89 8.98 4.13
CA ARG A 157 17.87 9.27 5.15
C ARG A 157 17.90 10.78 5.37
N ASP A 158 17.65 11.20 6.60
CA ASP A 158 17.49 12.62 6.91
C ASP A 158 16.55 13.32 5.92
N SER A 159 15.29 13.05 6.08
CA SER A 159 14.17 13.55 5.32
C SER A 159 13.00 13.90 6.24
N PRO A 160 12.35 15.04 6.01
CA PRO A 160 11.23 15.43 6.88
C PRO A 160 10.11 14.40 6.93
N ILE A 161 9.80 13.73 5.82
CA ILE A 161 8.71 12.75 5.79
C ILE A 161 8.97 11.64 6.82
N LYS A 162 10.18 11.07 6.81
CA LYS A 162 10.53 10.06 7.81
C LYS A 162 10.35 10.63 9.21
N ALA A 163 10.87 11.84 9.45
CA ALA A 163 10.77 12.46 10.76
C ALA A 163 9.33 12.47 11.25
N ALA A 164 8.41 13.05 10.48
CA ALA A 164 7.01 13.10 10.91
C ALA A 164 6.44 11.70 11.11
N LEU A 165 6.55 10.83 10.09
CA LEU A 165 5.86 9.54 10.13
C LEU A 165 6.33 8.66 11.31
N CYS A 166 7.63 8.64 11.59
CA CYS A 166 8.13 7.83 12.70
C CYS A 166 7.88 8.42 14.06
N THR A 167 7.38 9.65 14.14
CA THR A 167 7.20 10.30 15.42
C THR A 167 5.75 10.73 15.67
N THR A 168 4.79 10.27 14.85
CA THR A 168 3.40 10.71 14.98
C THR A 168 2.54 9.70 15.74
N SER A 169 2.35 8.52 15.17
CA SER A 169 1.52 7.47 15.74
C SER A 169 1.96 6.13 15.15
N PRO A 170 1.57 5.00 15.76
CA PRO A 170 1.91 3.71 15.15
C PRO A 170 1.33 3.56 13.74
N GLU A 171 0.14 4.10 13.48
CA GLU A 171 -0.48 3.97 12.16
C GLU A 171 0.32 4.70 11.09
N GLN A 172 0.82 5.92 11.40
CA GLN A 172 1.68 6.62 10.45
C GLN A 172 2.99 5.86 10.23
N TYR A 173 3.58 5.38 11.31
CA TYR A 173 4.86 4.67 11.22
C TYR A 173 4.74 3.42 10.34
N PHE A 174 3.71 2.60 10.58
CA PHE A 174 3.59 1.36 9.82
C PHE A 174 3.30 1.63 8.35
N ARG A 175 2.61 2.75 8.06
CA ARG A 175 2.40 3.17 6.68
C ARG A 175 3.73 3.41 5.96
N PHE A 176 4.69 4.05 6.64
CA PHE A 176 6.03 4.21 6.08
C PHE A 176 6.72 2.86 5.87
N ARG A 177 6.51 1.93 6.79
CA ARG A 177 7.25 0.67 6.75
C ARG A 177 6.75 -0.31 5.69
N VAL A 178 5.53 -0.12 5.15
CA VAL A 178 5.10 -0.97 4.03
C VAL A 178 6.17 -1.02 2.95
N THR A 179 6.78 0.13 2.65
CA THR A 179 7.89 0.17 1.72
C THR A 179 9.24 0.05 2.45
N ASP A 180 9.43 0.82 3.52
CA ASP A 180 10.77 0.92 4.11
C ASP A 180 11.30 -0.40 4.68
N ILE A 181 10.45 -1.28 5.19
CA ILE A 181 10.99 -2.57 5.63
C ILE A 181 11.15 -3.54 4.47
N GLY A 182 10.87 -3.11 3.24
CA GLY A 182 11.15 -3.94 2.09
C GLY A 182 10.14 -5.03 1.81
N VAL A 183 9.02 -5.07 2.54
CA VAL A 183 8.08 -6.16 2.34
C VAL A 183 7.30 -6.03 1.03
N ASP A 184 6.95 -4.81 0.59
CA ASP A 184 6.29 -4.72 -0.71
C ASP A 184 7.23 -5.23 -1.80
N PHE A 185 8.49 -4.82 -1.74
CA PHE A 185 9.54 -5.35 -2.62
C PHE A 185 9.57 -6.88 -2.55
N TRP A 186 9.59 -7.43 -1.34
CA TRP A 186 9.64 -8.87 -1.14
C TRP A 186 8.50 -9.59 -1.86
N MET A 187 7.27 -9.11 -1.69
CA MET A 187 6.12 -9.76 -2.33
C MET A 187 6.26 -9.74 -3.85
N LYS A 188 6.66 -8.59 -4.40
CA LYS A 188 6.74 -8.42 -5.84
C LYS A 188 7.91 -9.18 -6.47
N MET A 189 8.91 -9.56 -5.69
CA MET A 189 9.92 -10.46 -6.25
C MET A 189 9.69 -11.92 -5.91
N SER A 190 8.80 -12.22 -4.96
CA SER A 190 8.56 -13.57 -4.51
C SER A 190 7.41 -14.27 -5.22
N TYR A 191 6.44 -13.53 -5.78
CA TYR A 191 5.32 -14.23 -6.40
C TYR A 191 5.76 -15.20 -7.50
N PRO A 192 6.81 -14.96 -8.29
CA PRO A 192 7.21 -15.99 -9.28
C PRO A 192 7.66 -17.29 -8.65
N ILE A 193 8.07 -17.28 -7.38
CA ILE A 193 8.46 -18.52 -6.72
C ILE A 193 7.28 -19.49 -6.68
N TYR A 194 6.06 -18.96 -6.56
CA TYR A 194 4.87 -19.77 -6.31
C TYR A 194 3.96 -19.95 -7.53
N ARG A 195 4.04 -19.07 -8.53
CA ARG A 195 3.21 -19.18 -9.74
C ARG A 195 1.74 -19.42 -9.38
N HIS A 196 1.24 -18.66 -8.39
CA HIS A 196 -0.08 -18.86 -7.81
C HIS A 196 -0.97 -17.66 -8.12
N PRO A 197 -2.04 -17.84 -8.90
CA PRO A 197 -2.79 -16.69 -9.42
C PRO A 197 -3.15 -15.63 -8.39
N GLU A 198 -3.85 -16.01 -7.32
CA GLU A 198 -4.31 -14.98 -6.38
C GLU A 198 -3.15 -14.32 -5.66
N PHE A 199 -2.12 -15.10 -5.31
CA PHE A 199 -0.99 -14.50 -4.59
C PHE A 199 -0.31 -13.45 -5.44
N THR A 200 -0.15 -13.72 -6.73
CA THR A 200 0.43 -12.75 -7.64
C THR A 200 -0.39 -11.45 -7.68
N GLU A 201 -1.72 -11.55 -7.71
CA GLU A 201 -2.53 -10.33 -7.64
C GLU A 201 -2.34 -9.59 -6.32
N HIS A 202 -2.37 -10.32 -5.20
CA HIS A 202 -2.21 -9.66 -3.89
C HIS A 202 -0.85 -9.00 -3.77
N ALA A 203 0.18 -9.63 -4.34
CA ALA A 203 1.50 -9.01 -4.39
C ALA A 203 1.49 -7.76 -5.22
N LYS A 204 0.78 -7.79 -6.35
CA LYS A 204 0.79 -6.67 -7.29
C LYS A 204 -0.01 -5.48 -6.79
N THR A 205 -1.09 -5.72 -6.04
CA THR A 205 -1.86 -4.63 -5.43
C THR A 205 -1.20 -4.09 -4.18
N SER A 206 -0.18 -4.78 -3.66
CA SER A 206 0.47 -4.51 -2.39
C SER A 206 -0.42 -4.84 -1.18
N LEU A 207 -1.61 -5.38 -1.40
CA LEU A 207 -2.38 -5.88 -0.26
C LEU A 207 -1.57 -6.93 0.53
N ALA A 208 -0.83 -7.79 -0.17
CA ALA A 208 0.03 -8.79 0.50
C ALA A 208 1.00 -8.10 1.45
N ALA A 209 1.66 -7.05 0.99
CA ALA A 209 2.56 -6.30 1.85
C ALA A 209 1.81 -5.63 3.00
N ARG A 210 0.66 -5.01 2.70
CA ARG A 210 -0.04 -4.30 3.75
C ARG A 210 -0.50 -5.25 4.86
N MET A 211 -0.78 -6.51 4.51
CA MET A 211 -1.25 -7.48 5.49
C MET A 211 -0.12 -7.98 6.40
N THR A 212 1.14 -7.92 5.96
CA THR A 212 2.25 -8.54 6.69
C THR A 212 3.20 -7.52 7.30
N THR A 213 2.99 -6.22 7.03
CA THR A 213 3.93 -5.20 7.49
C THR A 213 4.06 -5.17 9.01
N ARG A 214 2.94 -5.15 9.73
CA ARG A 214 3.04 -5.00 11.18
C ARG A 214 3.72 -6.20 11.81
N GLY A 215 3.38 -7.42 11.36
CA GLY A 215 3.98 -8.60 11.95
C GLY A 215 5.49 -8.63 11.76
N LEU A 216 5.96 -8.27 10.57
CA LEU A 216 7.40 -8.21 10.34
C LEU A 216 8.03 -7.07 11.12
N THR A 217 7.38 -5.89 11.11
CA THR A 217 8.02 -4.70 11.64
C THR A 217 8.12 -4.73 13.15
N ILE A 218 7.07 -5.17 13.83
CA ILE A 218 7.08 -5.17 15.28
C ILE A 218 8.20 -6.07 15.79
N VAL A 219 8.36 -7.23 15.17
CA VAL A 219 9.43 -8.15 15.54
C VAL A 219 10.79 -7.55 15.23
N ASN A 220 10.96 -7.03 14.01
CA ASN A 220 12.25 -6.44 13.67
C ASN A 220 12.60 -5.30 14.61
N ASP A 221 11.62 -4.44 14.91
CA ASP A 221 11.87 -3.28 15.75
C ASP A 221 12.27 -3.67 17.16
N PHE A 222 11.64 -4.70 17.72
CA PHE A 222 12.00 -5.05 19.08
C PHE A 222 13.47 -5.46 19.16
N TYR A 223 13.89 -6.34 18.26
CA TYR A 223 15.24 -6.90 18.38
C TYR A 223 16.32 -6.04 17.76
N SER A 224 15.98 -5.04 16.93
CA SER A 224 16.98 -4.14 16.40
C SER A 224 16.98 -2.79 17.11
N TYR A 225 16.16 -2.63 18.16
CA TYR A 225 16.05 -1.37 18.87
C TYR A 225 17.40 -0.89 19.38
N ASP A 226 18.14 -1.75 20.07
CA ASP A 226 19.39 -1.31 20.69
C ASP A 226 20.37 -0.81 19.65
N ARG A 227 20.51 -1.53 18.53
CA ARG A 227 21.43 -1.11 17.47
C ARG A 227 20.96 0.21 16.85
N GLU A 228 19.66 0.35 16.62
CA GLU A 228 19.19 1.54 15.92
C GLU A 228 19.29 2.77 16.82
N VAL A 229 18.95 2.62 18.10
CA VAL A 229 19.17 3.69 19.06
C VAL A 229 20.64 4.07 19.16
N SER A 230 21.53 3.09 19.06
CA SER A 230 22.96 3.40 19.15
C SER A 230 23.49 4.06 17.88
N LEU A 231 22.72 4.07 16.80
CA LEU A 231 23.16 4.67 15.54
C LEU A 231 22.38 5.93 15.18
N GLY A 232 21.40 6.32 15.99
CA GLY A 232 20.56 7.47 15.71
C GLY A 232 19.41 7.22 14.77
N GLN A 233 19.11 5.95 14.44
CA GLN A 233 18.05 5.61 13.49
C GLN A 233 16.67 5.74 14.15
N ILE A 234 15.81 6.56 13.55
CA ILE A 234 14.51 6.86 14.13
C ILE A 234 13.44 5.82 13.78
N THR A 235 13.72 4.92 12.84
CA THR A 235 12.66 4.10 12.25
C THR A 235 12.47 2.84 13.10
N ASN A 236 11.69 3.00 14.17
CA ASN A 236 11.48 1.93 15.15
C ASN A 236 10.27 2.27 16.00
N CYS A 237 9.23 1.44 15.98
CA CYS A 237 8.01 1.83 16.67
C CYS A 237 8.16 1.90 18.19
N PHE A 238 9.14 1.20 18.78
CA PHE A 238 9.28 1.30 20.23
C PHE A 238 9.85 2.65 20.68
N ARG A 239 10.35 3.47 19.75
CA ARG A 239 10.66 4.86 20.06
C ARG A 239 9.41 5.65 20.46
N LEU A 240 8.22 5.15 20.14
CA LEU A 240 6.98 5.85 20.44
C LEU A 240 6.58 5.73 21.90
N CYS A 241 7.20 4.82 22.65
CA CYS A 241 6.86 4.57 24.03
C CYS A 241 8.06 4.86 24.92
N ASP A 242 7.79 5.13 26.20
CA ASP A 242 8.86 5.25 27.19
C ASP A 242 9.31 3.84 27.57
N VAL A 243 10.36 3.34 26.91
CA VAL A 243 10.74 1.95 27.16
C VAL A 243 11.33 1.77 28.55
N SER A 244 11.87 2.81 29.17
CA SER A 244 12.35 2.58 30.52
C SER A 244 11.27 2.77 31.58
N ASP A 245 10.00 2.84 31.18
CA ASP A 245 8.85 2.79 32.09
C ASP A 245 8.21 1.43 31.84
N GLU A 246 8.45 0.49 32.74
CA GLU A 246 8.04 -0.89 32.49
C GLU A 246 6.54 -0.99 32.24
N THR A 247 5.73 -0.27 33.02
CA THR A 247 4.28 -0.37 32.83
C THR A 247 3.86 0.18 31.47
N ALA A 248 4.40 1.33 31.07
CA ALA A 248 4.06 1.86 29.76
C ALA A 248 4.56 0.94 28.65
N PHE A 249 5.73 0.31 28.85
CA PHE A 249 6.22 -0.61 27.83
C PHE A 249 5.24 -1.76 27.64
N LYS A 250 4.75 -2.32 28.76
CA LYS A 250 3.86 -3.47 28.67
C LYS A 250 2.57 -3.15 27.92
N GLU A 251 1.99 -1.99 28.19
CA GLU A 251 0.78 -1.59 27.48
C GLU A 251 1.07 -1.43 25.99
N PHE A 252 2.20 -0.82 25.65
CA PHE A 252 2.53 -0.62 24.24
C PHE A 252 2.80 -1.94 23.55
N PHE A 253 3.58 -2.79 24.19
CA PHE A 253 3.90 -4.09 23.62
C PHE A 253 2.65 -4.92 23.42
N GLN A 254 1.72 -4.90 24.38
CA GLN A 254 0.48 -5.65 24.21
C GLN A 254 -0.37 -5.07 23.08
N ALA A 255 -0.40 -3.75 22.93
CA ALA A 255 -1.09 -3.16 21.79
C ALA A 255 -0.51 -3.69 20.48
N ARG A 256 0.82 -3.86 20.42
CA ARG A 256 1.45 -4.34 19.20
C ARG A 256 1.17 -5.80 18.96
N LEU A 257 1.17 -6.61 20.03
CA LEU A 257 0.73 -7.99 19.90
C LEU A 257 -0.69 -8.05 19.35
N ASP A 258 -1.59 -7.22 19.88
CA ASP A 258 -2.95 -7.17 19.38
C ASP A 258 -2.99 -6.92 17.88
N ASP A 259 -2.16 -5.99 17.41
CA ASP A 259 -2.09 -5.68 15.98
C ASP A 259 -1.68 -6.91 15.18
N MET A 260 -0.64 -7.59 15.67
CA MET A 260 -0.17 -8.80 14.99
C MET A 260 -1.27 -9.84 14.92
N ILE A 261 -1.97 -10.08 16.03
CA ILE A 261 -3.00 -11.11 16.08
C ILE A 261 -4.13 -10.77 15.11
N GLU A 262 -4.53 -9.51 15.10
CA GLU A 262 -5.61 -9.08 14.23
C GLU A 262 -5.26 -9.30 12.75
N ASP A 263 -4.04 -8.91 12.34
CA ASP A 263 -3.60 -9.18 10.98
C ASP A 263 -3.60 -10.69 10.68
N ILE A 264 -3.04 -11.49 11.60
CA ILE A 264 -2.94 -12.93 11.36
C ILE A 264 -4.33 -13.53 11.21
N GLU A 265 -5.27 -13.15 12.08
CA GLU A 265 -6.61 -13.72 11.99
C GLU A 265 -7.29 -13.29 10.69
N CYS A 266 -7.05 -12.05 10.23
CA CYS A 266 -7.60 -11.64 8.93
C CYS A 266 -6.90 -12.34 7.76
N ILE A 267 -5.60 -12.61 7.90
CA ILE A 267 -4.88 -13.35 6.85
C ILE A 267 -5.52 -14.73 6.62
N LYS A 268 -6.15 -15.30 7.63
CA LYS A 268 -6.81 -16.59 7.52
C LYS A 268 -8.02 -16.57 6.57
N ALA A 269 -8.48 -15.38 6.19
CA ALA A 269 -9.52 -15.25 5.16
C ALA A 269 -9.00 -15.47 3.76
N PHE A 270 -7.70 -15.34 3.53
CA PHE A 270 -7.17 -15.52 2.19
C PHE A 270 -7.18 -17.00 1.84
N ASP A 271 -6.95 -17.31 0.57
CA ASP A 271 -6.93 -18.70 0.13
C ASP A 271 -5.79 -19.45 0.84
N GLN A 272 -5.93 -20.78 0.95
CA GLN A 272 -5.07 -21.53 1.86
C GLN A 272 -3.61 -21.59 1.40
N LEU A 273 -3.31 -21.27 0.14
CA LEU A 273 -1.90 -21.16 -0.24
C LEU A 273 -1.36 -19.79 0.13
N THR A 274 -2.10 -18.73 -0.19
CA THR A 274 -1.63 -17.39 0.10
C THR A 274 -1.42 -17.18 1.59
N GLN A 275 -2.34 -17.66 2.41
CA GLN A 275 -2.19 -17.44 3.84
C GLN A 275 -1.01 -18.23 4.38
N ASP A 276 -0.70 -19.39 3.78
CA ASP A 276 0.54 -20.08 4.11
C ASP A 276 1.74 -19.18 3.88
N VAL A 277 1.84 -18.55 2.70
CA VAL A 277 2.97 -17.69 2.39
C VAL A 277 3.04 -16.48 3.34
N PHE A 278 1.89 -15.87 3.61
CA PHE A 278 1.88 -14.71 4.51
C PHE A 278 2.35 -15.10 5.90
N LEU A 279 1.83 -16.21 6.43
CA LEU A 279 2.10 -16.59 7.81
C LEU A 279 3.51 -17.14 7.99
N ASP A 280 3.98 -17.94 7.03
CA ASP A 280 5.38 -18.37 7.06
C ASP A 280 6.31 -17.17 7.00
N LEU A 281 5.92 -16.12 6.28
CA LEU A 281 6.74 -14.93 6.21
C LEU A 281 6.87 -14.27 7.59
N ILE A 282 5.75 -14.04 8.28
CA ILE A 282 5.81 -13.34 9.57
C ILE A 282 6.51 -14.20 10.61
N TYR A 283 6.13 -15.47 10.68
CA TYR A 283 6.68 -16.35 11.72
C TYR A 283 8.12 -16.74 11.40
N GLY A 284 8.42 -17.01 10.14
CA GLY A 284 9.80 -17.26 9.75
C GLY A 284 10.71 -16.09 10.05
N ASN A 285 10.23 -14.86 9.84
CA ASN A 285 11.04 -13.71 10.18
C ASN A 285 11.37 -13.68 11.67
N PHE A 286 10.40 -14.07 12.50
CA PHE A 286 10.64 -14.14 13.94
C PHE A 286 11.69 -15.22 14.26
N VAL A 287 11.56 -16.39 13.65
CA VAL A 287 12.52 -17.47 13.93
C VAL A 287 13.93 -17.04 13.52
N TRP A 288 14.04 -16.42 12.34
CA TRP A 288 15.33 -15.95 11.85
C TRP A 288 15.90 -14.84 12.73
N THR A 289 15.06 -13.84 13.06
CA THR A 289 15.50 -12.72 13.89
C THR A 289 16.08 -13.19 15.23
N THR A 290 15.41 -14.14 15.88
CA THR A 290 15.90 -14.64 17.16
C THR A 290 17.11 -15.57 17.04
N SER A 291 17.36 -16.15 15.87
CA SER A 291 18.58 -16.91 15.59
C SER A 291 19.78 -16.00 15.41
N ASN A 292 19.59 -14.89 14.73
CA ASN A 292 20.62 -14.20 13.96
C ASN A 292 21.43 -13.26 14.83
N LYS A 293 22.76 -13.36 14.73
CA LYS A 293 23.69 -12.49 15.43
C LYS A 293 23.47 -11.02 15.10
N ARG A 294 22.92 -10.74 13.92
CA ARG A 294 22.56 -9.37 13.57
C ARG A 294 21.66 -8.73 14.63
N TYR A 295 20.80 -9.53 15.27
CA TYR A 295 19.80 -8.96 16.17
C TYR A 295 20.13 -9.25 17.63
N LYS A 296 21.41 -9.33 17.97
CA LYS A 296 21.85 -9.65 19.32
C LYS A 296 22.67 -8.52 19.93
N THR A 297 24.00 -8.55 19.82
CA THR A 297 24.78 -7.38 20.19
C THR A 297 24.45 -6.23 19.24
N ALA A 298 24.90 -5.03 19.62
CA ALA A 298 24.79 -3.88 18.72
C ALA A 298 25.94 -3.85 17.72
N VAL A 299 27.18 -3.80 18.19
CA VAL A 299 28.31 -3.71 17.26
C VAL A 299 28.79 -5.12 16.97
N ASN A 300 28.55 -5.61 15.77
CA ASN A 300 29.07 -6.93 15.43
C ASN A 300 29.25 -7.03 13.93
N ASP A 301 30.14 -7.94 13.52
CA ASP A 301 30.63 -8.05 12.15
C ASP A 301 29.52 -8.35 11.14
N VAL A 302 28.29 -8.60 11.59
CA VAL A 302 27.18 -8.78 10.68
C VAL A 302 26.05 -7.77 10.90
N ASN A 303 26.34 -6.61 11.49
CA ASN A 303 25.40 -5.50 11.48
C ASN A 303 26.06 -4.13 11.61
N SER A 304 27.39 -4.06 11.54
CA SER A 304 28.07 -2.78 11.68
C SER A 304 27.87 -1.95 10.42
N ARG A 305 27.75 -0.64 10.59
CA ARG A 305 27.48 0.23 9.47
C ARG A 305 28.63 0.19 8.48
N ILE A 306 28.29 0.09 7.19
CA ILE A 306 29.26 0.24 6.11
C ILE A 306 29.30 1.74 5.77
N GLN A 307 29.82 2.54 6.70
CA GLN A 307 29.87 4.01 6.63
C GLN A 307 30.69 4.59 5.47
N GLY B 9 -35.24 -6.55 4.07
CA GLY B 9 -35.20 -5.44 3.11
C GLY B 9 -35.54 -4.11 3.74
N ALA B 10 -36.78 -3.97 4.18
CA ALA B 10 -37.15 -2.88 5.07
C ALA B 10 -36.70 -3.15 6.50
N GLN B 11 -35.49 -3.71 6.69
CA GLN B 11 -35.03 -4.01 8.04
C GLN B 11 -33.68 -3.39 8.36
N ASP B 12 -33.41 -3.33 9.66
CA ASP B 12 -32.75 -2.22 10.33
C ASP B 12 -32.68 -1.00 9.41
N ILE B 13 -33.86 -0.44 9.12
CA ILE B 13 -33.91 0.80 8.36
C ILE B 13 -33.27 1.93 9.15
N GLY B 14 -33.10 1.75 10.46
CA GLY B 14 -32.43 2.76 11.26
C GLY B 14 -30.95 2.89 10.96
N ARG B 15 -30.28 1.77 10.68
CA ARG B 15 -28.87 1.79 10.33
C ARG B 15 -28.62 1.90 8.83
N SER B 16 -29.66 2.01 8.01
CA SER B 16 -29.47 2.03 6.58
C SER B 16 -29.43 3.44 5.98
N SER B 17 -29.26 4.48 6.79
CA SER B 17 -29.20 5.83 6.25
C SER B 17 -28.44 6.77 7.18
N VAL B 18 -27.49 7.51 6.62
CA VAL B 18 -26.84 8.59 7.38
C VAL B 18 -27.56 9.92 7.16
N ARG B 19 -28.74 9.89 6.53
CA ARG B 19 -29.57 11.08 6.36
C ARG B 19 -29.64 11.99 7.57
N PRO B 20 -29.93 11.52 8.78
CA PRO B 20 -30.08 12.46 9.92
C PRO B 20 -28.81 13.25 10.23
N TYR B 21 -27.65 12.83 9.73
CA TYR B 21 -26.39 13.46 10.05
C TYR B 21 -25.84 14.29 8.91
N LEU B 22 -26.55 14.36 7.79
CA LEU B 22 -26.00 14.91 6.57
C LEU B 22 -25.53 16.35 6.77
N GLU B 23 -26.36 17.21 7.33
CA GLU B 23 -25.99 18.61 7.44
C GLU B 23 -24.83 18.81 8.41
N GLU B 24 -24.91 18.22 9.59
CA GLU B 24 -23.87 18.48 10.57
C GLU B 24 -22.54 17.85 10.16
N CYS B 25 -22.57 16.65 9.55
CA CYS B 25 -21.32 16.06 9.11
C CYS B 25 -20.70 16.85 7.96
N THR B 26 -21.52 17.33 7.02
CA THR B 26 -21.00 18.15 5.95
C THR B 26 -20.31 19.39 6.52
N ARG B 27 -20.98 20.06 7.43
CA ARG B 27 -20.43 21.22 8.09
C ARG B 27 -19.12 20.90 8.79
N ARG B 28 -19.06 19.76 9.48
CA ARG B 28 -17.86 19.41 10.24
C ARG B 28 -16.69 19.07 9.30
N PHE B 29 -16.95 18.31 8.24
CA PHE B 29 -15.92 18.10 7.21
C PHE B 29 -15.35 19.43 6.73
N GLN B 30 -16.23 20.35 6.33
CA GLN B 30 -15.76 21.64 5.83
C GLN B 30 -14.97 22.40 6.89
N GLU B 31 -15.44 22.39 8.14
CA GLU B 31 -14.70 23.06 9.20
C GLU B 31 -13.31 22.48 9.31
N MET B 32 -13.22 21.16 9.22
CA MET B 32 -11.92 20.49 9.32
C MET B 32 -10.99 20.97 8.21
N PHE B 33 -11.45 20.89 6.95
CA PHE B 33 -10.63 21.36 5.84
C PHE B 33 -10.21 22.82 6.01
N ASP B 34 -11.11 23.67 6.53
CA ASP B 34 -10.77 25.08 6.67
C ASP B 34 -9.72 25.29 7.74
N ARG B 35 -9.71 24.46 8.78
CA ARG B 35 -8.71 24.65 9.80
C ARG B 35 -7.38 24.00 9.44
N HIS B 36 -7.39 22.90 8.70
CA HIS B 36 -6.15 22.17 8.49
C HIS B 36 -5.59 22.25 7.08
N VAL B 37 -6.43 22.29 6.04
CA VAL B 37 -5.96 22.47 4.68
C VAL B 37 -5.85 23.93 4.30
N VAL B 38 -6.95 24.67 4.44
CA VAL B 38 -7.06 26.12 4.34
C VAL B 38 -7.44 26.50 2.91
N THR B 39 -6.58 26.22 1.93
CA THR B 39 -6.79 26.77 0.61
C THR B 39 -7.56 25.79 -0.28
N ARG B 40 -8.62 26.31 -0.92
CA ARG B 40 -9.60 25.50 -1.61
C ARG B 40 -8.98 24.76 -2.79
N PRO B 41 -9.58 23.66 -3.23
CA PRO B 41 -9.20 23.10 -4.53
C PRO B 41 -9.64 24.02 -5.65
N THR B 42 -9.11 23.75 -6.83
CA THR B 42 -9.44 24.49 -8.05
C THR B 42 -10.03 23.50 -9.05
N LYS B 43 -10.97 23.95 -9.86
CA LYS B 43 -11.57 23.11 -10.88
C LYS B 43 -10.88 23.33 -12.22
N VAL B 44 -10.32 22.27 -12.79
CA VAL B 44 -9.62 22.38 -14.07
C VAL B 44 -10.62 22.68 -15.17
N GLU B 45 -10.23 23.58 -16.09
CA GLU B 45 -11.09 24.05 -17.16
C GLU B 45 -10.71 23.36 -18.46
N LEU B 46 -11.54 22.44 -18.91
CA LEU B 46 -11.37 21.85 -20.23
C LEU B 46 -12.23 22.59 -21.25
N THR B 47 -11.65 22.85 -22.42
CA THR B 47 -12.47 23.41 -23.49
C THR B 47 -13.49 22.39 -23.94
N ASP B 48 -14.58 22.89 -24.53
CA ASP B 48 -15.61 22.02 -25.06
C ASP B 48 -15.02 20.91 -25.93
N ALA B 49 -14.09 21.26 -26.82
CA ALA B 49 -13.40 20.26 -27.61
C ALA B 49 -12.77 19.20 -26.72
N GLU B 50 -11.93 19.63 -25.77
CA GLU B 50 -11.20 18.70 -24.90
C GLU B 50 -12.16 17.74 -24.20
N LEU B 51 -13.28 18.25 -23.69
CA LEU B 51 -14.19 17.39 -22.92
C LEU B 51 -14.87 16.36 -23.79
N ARG B 52 -15.38 16.77 -24.96
CA ARG B 52 -15.92 15.81 -25.90
C ARG B 52 -14.85 14.81 -26.35
N GLU B 53 -13.59 15.24 -26.45
CA GLU B 53 -12.52 14.31 -26.81
C GLU B 53 -12.28 13.29 -25.71
N VAL B 54 -12.44 13.71 -24.45
CA VAL B 54 -12.33 12.75 -23.35
C VAL B 54 -13.47 11.74 -23.42
N ILE B 55 -14.70 12.22 -23.67
CA ILE B 55 -15.85 11.34 -23.67
C ILE B 55 -15.82 10.41 -24.89
N ASP B 56 -15.28 10.88 -26.02
CA ASP B 56 -15.05 9.98 -27.15
C ASP B 56 -14.16 8.80 -26.76
N ASP B 57 -13.02 9.07 -26.09
CA ASP B 57 -12.16 7.99 -25.65
C ASP B 57 -12.90 7.07 -24.66
N CYS B 58 -13.74 7.65 -23.80
CA CYS B 58 -14.51 6.85 -22.85
C CYS B 58 -15.47 5.89 -23.54
N ASN B 59 -16.26 6.41 -24.48
CA ASN B 59 -17.25 5.57 -25.15
C ASN B 59 -16.59 4.47 -25.95
N ALA B 60 -15.48 4.79 -26.62
CA ALA B 60 -14.75 3.77 -27.39
C ALA B 60 -14.26 2.67 -26.46
N ALA B 61 -13.83 3.04 -25.26
CA ALA B 61 -13.24 2.07 -24.34
C ALA B 61 -14.26 1.08 -23.81
N VAL B 62 -15.47 1.54 -23.50
CA VAL B 62 -16.48 0.67 -22.91
C VAL B 62 -17.41 0.09 -23.95
N ALA B 63 -17.31 0.51 -25.21
CA ALA B 63 -18.11 -0.09 -26.28
C ALA B 63 -17.93 -1.60 -26.42
N PRO B 64 -16.73 -2.18 -26.29
CA PRO B 64 -16.63 -3.65 -26.37
C PRO B 64 -17.28 -4.38 -25.21
N LEU B 65 -17.75 -3.68 -24.18
CA LEU B 65 -18.52 -4.32 -23.13
C LEU B 65 -20.02 -4.18 -23.33
N GLY B 66 -20.46 -3.38 -24.30
CA GLY B 66 -21.84 -3.37 -24.75
C GLY B 66 -22.81 -2.57 -23.91
N LYS B 67 -22.33 -1.71 -23.02
CA LYS B 67 -23.19 -0.88 -22.19
C LYS B 67 -22.98 0.57 -22.59
N THR B 68 -24.04 1.24 -23.03
CA THR B 68 -23.92 2.63 -23.43
C THR B 68 -24.14 3.52 -22.22
N VAL B 69 -23.40 4.63 -22.18
CA VAL B 69 -23.32 5.49 -21.00
C VAL B 69 -23.61 6.92 -21.43
N SER B 70 -24.55 7.58 -20.75
CA SER B 70 -24.96 8.92 -21.14
C SER B 70 -23.86 9.95 -20.81
N ASP B 71 -23.87 11.05 -21.54
CA ASP B 71 -22.96 12.15 -21.22
C ASP B 71 -23.16 12.62 -19.78
N GLU B 72 -24.41 12.70 -19.33
CA GLU B 72 -24.65 13.13 -17.95
C GLU B 72 -23.93 12.20 -16.97
N ARG B 73 -23.93 10.89 -17.24
CA ARG B 73 -23.24 9.96 -16.36
C ARG B 73 -21.73 10.14 -16.46
N TRP B 74 -21.20 10.30 -17.68
CA TRP B 74 -19.77 10.53 -17.83
C TRP B 74 -19.31 11.77 -17.06
N ILE B 75 -20.10 12.84 -17.13
CA ILE B 75 -19.68 14.07 -16.48
C ILE B 75 -19.69 13.92 -14.96
N SER B 76 -20.59 13.08 -14.45
CA SER B 76 -20.57 12.79 -13.02
C SER B 76 -19.29 12.05 -12.63
N TYR B 77 -18.89 11.05 -13.43
CA TYR B 77 -17.63 10.36 -13.16
C TYR B 77 -16.44 11.30 -13.26
N VAL B 78 -16.41 12.14 -14.29
CA VAL B 78 -15.18 12.87 -14.61
C VAL B 78 -14.91 14.01 -13.65
N GLY B 79 -15.95 14.51 -12.96
CA GLY B 79 -15.78 15.65 -12.08
C GLY B 79 -14.72 15.47 -11.02
N VAL B 80 -14.51 14.22 -10.54
CA VAL B 80 -13.50 14.01 -9.50
C VAL B 80 -12.13 14.39 -10.03
N VAL B 81 -11.85 14.10 -11.30
CA VAL B 81 -10.55 14.48 -11.85
C VAL B 81 -10.47 15.99 -12.02
N LEU B 82 -11.55 16.62 -12.47
CA LEU B 82 -11.55 18.07 -12.68
C LEU B 82 -11.31 18.83 -11.37
N TRP B 83 -11.85 18.31 -10.26
CA TRP B 83 -11.76 19.00 -8.98
C TRP B 83 -10.57 18.57 -8.12
N SER B 84 -10.02 17.39 -8.32
CA SER B 84 -9.12 16.82 -7.32
C SER B 84 -7.68 16.66 -7.80
N GLN B 85 -7.34 17.18 -8.97
CA GLN B 85 -5.94 17.30 -9.35
C GLN B 85 -5.45 18.66 -8.84
N SER B 86 -4.25 19.10 -9.23
CA SER B 86 -3.62 20.29 -8.67
C SER B 86 -3.30 21.25 -9.81
N PRO B 87 -4.27 22.08 -10.22
CA PRO B 87 -4.12 22.82 -11.50
C PRO B 87 -2.88 23.68 -11.59
N ARG B 88 -2.43 24.25 -10.47
CA ARG B 88 -1.28 25.14 -10.54
C ARG B 88 -0.03 24.39 -10.97
N HIS B 89 0.02 23.07 -10.75
CA HIS B 89 1.20 22.24 -10.96
C HIS B 89 1.16 21.46 -12.25
N ILE B 90 0.07 21.54 -13.02
CA ILE B 90 -0.06 20.67 -14.19
C ILE B 90 0.94 21.10 -15.26
N LYS B 91 1.70 20.14 -15.78
CA LYS B 91 2.54 20.41 -16.93
C LYS B 91 2.21 19.54 -18.14
N ASP B 92 1.78 18.30 -17.96
CA ASP B 92 1.43 17.43 -19.08
C ASP B 92 -0.09 17.37 -19.18
N MET B 93 -0.66 18.03 -20.20
CA MET B 93 -2.11 18.04 -20.30
C MET B 93 -2.68 16.77 -20.92
N GLU B 94 -1.93 16.05 -21.74
CA GLU B 94 -2.50 14.82 -22.29
C GLU B 94 -2.48 13.69 -21.25
N ALA B 95 -1.56 13.74 -20.27
CA ALA B 95 -1.66 12.82 -19.15
C ALA B 95 -2.91 13.11 -18.32
N PHE B 96 -3.25 14.40 -18.16
CA PHE B 96 -4.46 14.75 -17.43
C PHE B 96 -5.69 14.17 -18.12
N LYS B 97 -5.73 14.23 -19.46
CA LYS B 97 -6.84 13.64 -20.20
C LYS B 97 -6.87 12.13 -20.07
N ALA B 98 -5.69 11.47 -20.09
CA ALA B 98 -5.65 10.04 -19.81
C ALA B 98 -6.33 9.73 -18.48
N VAL B 99 -6.05 10.53 -17.44
CA VAL B 99 -6.63 10.24 -16.13
C VAL B 99 -8.14 10.45 -16.16
N CYS B 100 -8.63 11.48 -16.87
CA CYS B 100 -10.07 11.61 -17.07
C CYS B 100 -10.66 10.35 -17.66
N VAL B 101 -10.07 9.87 -18.76
CA VAL B 101 -10.63 8.69 -19.41
C VAL B 101 -10.52 7.46 -18.51
N LEU B 102 -9.32 7.22 -17.96
CA LEU B 102 -9.10 6.02 -17.17
C LEU B 102 -9.96 6.01 -15.91
N ASN B 103 -10.06 7.16 -15.23
CA ASN B 103 -10.98 7.27 -14.11
C ASN B 103 -12.39 6.87 -14.51
N CYS B 104 -12.89 7.44 -15.62
CA CYS B 104 -14.30 7.25 -15.96
C CYS B 104 -14.63 5.81 -16.33
N VAL B 105 -13.81 5.18 -17.18
CA VAL B 105 -14.19 3.86 -17.64
C VAL B 105 -14.04 2.83 -16.53
N THR B 106 -13.11 3.02 -15.59
CA THR B 106 -13.05 2.11 -14.45
C THR B 106 -14.15 2.40 -13.44
N PHE B 107 -14.70 3.62 -13.44
CA PHE B 107 -15.90 3.88 -12.64
C PHE B 107 -17.08 3.08 -13.17
N VAL B 108 -17.24 3.00 -14.49
CA VAL B 108 -18.28 2.16 -15.07
C VAL B 108 -18.11 0.71 -14.61
N TRP B 109 -16.88 0.22 -14.68
CA TRP B 109 -16.58 -1.14 -14.23
C TRP B 109 -16.99 -1.35 -12.78
N ASP B 110 -16.68 -0.36 -11.92
CA ASP B 110 -17.11 -0.36 -10.53
C ASP B 110 -18.62 -0.53 -10.38
N ASP B 111 -19.40 0.09 -11.26
CA ASP B 111 -20.85 0.12 -11.15
C ASP B 111 -21.53 -1.08 -11.81
N MET B 112 -20.82 -1.83 -12.64
CA MET B 112 -21.41 -2.95 -13.35
C MET B 112 -21.38 -4.19 -12.47
N ASP B 113 -22.37 -5.03 -12.59
CA ASP B 113 -22.21 -6.23 -11.80
C ASP B 113 -21.32 -7.20 -12.60
N PRO B 114 -20.81 -8.27 -12.00
CA PRO B 114 -19.58 -8.90 -12.54
C PRO B 114 -19.80 -9.80 -13.76
N ALA B 115 -21.03 -10.23 -14.05
CA ALA B 115 -21.28 -10.94 -15.30
C ALA B 115 -21.04 -10.07 -16.53
N LEU B 116 -20.94 -8.76 -16.35
CA LEU B 116 -20.58 -7.83 -17.41
C LEU B 116 -19.07 -7.66 -17.55
N HIS B 117 -18.30 -8.08 -16.55
CA HIS B 117 -16.85 -7.93 -16.56
C HIS B 117 -16.27 -8.95 -17.52
N ASP B 118 -15.79 -8.48 -18.67
CA ASP B 118 -15.17 -9.34 -19.67
C ASP B 118 -13.77 -8.79 -19.92
N PHE B 119 -12.78 -9.41 -19.26
CA PHE B 119 -11.41 -8.90 -19.30
C PHE B 119 -10.84 -8.95 -20.70
N GLY B 120 -11.16 -10.01 -21.45
CA GLY B 120 -10.65 -10.11 -22.81
C GLY B 120 -11.16 -8.99 -23.71
N LEU B 121 -12.33 -8.45 -23.38
CA LEU B 121 -12.89 -7.36 -24.18
C LEU B 121 -12.45 -6.00 -23.69
N PHE B 122 -12.14 -5.88 -22.40
CA PHE B 122 -11.91 -4.55 -21.83
C PHE B 122 -10.43 -4.25 -21.62
N LEU B 123 -9.62 -5.22 -21.21
CA LEU B 123 -8.19 -4.96 -21.05
C LEU B 123 -7.53 -4.39 -22.32
N PRO B 124 -7.81 -4.89 -23.53
CA PRO B 124 -7.21 -4.27 -24.72
C PRO B 124 -7.58 -2.79 -24.92
N GLN B 125 -8.78 -2.38 -24.50
CA GLN B 125 -9.15 -0.96 -24.60
C GLN B 125 -8.38 -0.11 -23.60
N LEU B 126 -8.25 -0.58 -22.36
CA LEU B 126 -7.43 0.16 -21.39
C LEU B 126 -6.01 0.32 -21.89
N ARG B 127 -5.50 -0.71 -22.55
CA ARG B 127 -4.18 -0.61 -23.18
C ARG B 127 -4.18 0.41 -24.32
N LYS B 128 -5.26 0.48 -25.10
CA LYS B 128 -5.31 1.49 -26.16
C LYS B 128 -5.23 2.90 -25.58
N ILE B 129 -5.97 3.19 -24.51
CA ILE B 129 -5.96 4.53 -23.92
C ILE B 129 -4.57 4.85 -23.38
N CYS B 130 -3.95 3.89 -22.70
CA CYS B 130 -2.62 4.12 -22.15
C CYS B 130 -1.60 4.35 -23.25
N GLU B 131 -1.59 3.47 -24.27
CA GLU B 131 -0.56 3.56 -25.30
C GLU B 131 -0.69 4.83 -26.13
N LYS B 132 -1.79 5.59 -25.97
CA LYS B 132 -2.05 6.76 -26.80
C LYS B 132 -1.78 8.07 -26.07
N TYR B 133 -1.82 8.07 -24.73
CA TYR B 133 -1.60 9.29 -23.95
C TYR B 133 -0.27 9.30 -23.21
N TYR B 134 0.31 8.14 -22.92
CA TYR B 134 1.61 8.06 -22.29
C TYR B 134 2.61 7.44 -23.25
N GLY B 135 3.90 7.58 -22.92
CA GLY B 135 4.95 6.91 -23.64
C GLY B 135 5.05 5.46 -23.19
N PRO B 136 6.01 4.72 -23.77
CA PRO B 136 6.10 3.28 -23.45
C PRO B 136 6.10 2.96 -21.96
N GLU B 137 7.06 3.48 -21.18
CA GLU B 137 7.14 3.16 -19.76
C GLU B 137 5.86 3.56 -19.01
N ASP B 138 5.45 4.83 -19.12
CA ASP B 138 4.34 5.30 -18.29
C ASP B 138 3.04 4.57 -18.63
N ALA B 139 2.91 4.17 -19.90
CA ALA B 139 1.78 3.35 -20.31
C ALA B 139 1.77 2.00 -19.60
N GLU B 140 2.95 1.36 -19.45
CA GLU B 140 2.93 0.07 -18.75
C GLU B 140 2.63 0.26 -17.27
N VAL B 141 3.06 1.38 -16.67
CA VAL B 141 2.70 1.66 -15.27
C VAL B 141 1.21 1.93 -15.15
N ALA B 142 0.68 2.82 -15.99
CA ALA B 142 -0.73 3.18 -15.87
C ALA B 142 -1.64 2.01 -16.23
N TYR B 143 -1.26 1.23 -17.26
CA TYR B 143 -2.02 0.02 -17.57
C TYR B 143 -1.98 -0.99 -16.42
N GLU B 144 -0.79 -1.30 -15.89
CA GLU B 144 -0.71 -2.26 -14.77
C GLU B 144 -1.56 -1.80 -13.59
N ALA B 145 -1.54 -0.50 -13.30
CA ALA B 145 -2.39 0.01 -12.22
C ALA B 145 -3.87 -0.15 -12.56
N ALA B 146 -4.26 0.15 -13.82
CA ALA B 146 -5.66 0.02 -14.21
C ALA B 146 -6.11 -1.44 -14.20
N ARG B 147 -5.29 -2.33 -14.75
CA ARG B 147 -5.60 -3.76 -14.75
C ARG B 147 -5.73 -4.29 -13.33
N ALA B 148 -4.79 -3.93 -12.45
CA ALA B 148 -4.84 -4.42 -11.08
C ALA B 148 -6.08 -3.88 -10.36
N PHE B 149 -6.46 -2.62 -10.62
CA PHE B 149 -7.70 -2.15 -10.01
C PHE B 149 -8.91 -2.93 -10.52
N VAL B 150 -9.06 -3.05 -11.85
CA VAL B 150 -10.28 -3.71 -12.31
C VAL B 150 -10.27 -5.18 -11.93
N THR B 151 -9.09 -5.80 -11.90
CA THR B 151 -9.00 -7.18 -11.41
C THR B 151 -9.35 -7.27 -9.92
N SER B 152 -8.92 -6.28 -9.12
CA SER B 152 -9.28 -6.23 -7.71
C SER B 152 -10.78 -6.05 -7.54
N ASP B 153 -11.37 -5.05 -8.21
CA ASP B 153 -12.80 -4.85 -8.05
C ASP B 153 -13.56 -6.11 -8.41
N HIS B 154 -13.14 -6.82 -9.47
CA HIS B 154 -13.76 -8.08 -9.83
C HIS B 154 -13.51 -9.18 -8.81
N MET B 155 -12.24 -9.37 -8.40
CA MET B 155 -11.95 -10.58 -7.63
C MET B 155 -12.46 -10.48 -6.19
N PHE B 156 -12.88 -9.29 -5.75
CA PHE B 156 -13.47 -9.22 -4.42
C PHE B 156 -14.99 -9.05 -4.43
N ARG B 157 -15.62 -9.18 -5.59
CA ARG B 157 -16.91 -8.52 -5.85
C ARG B 157 -17.93 -8.73 -4.77
N ASP B 158 -17.96 -9.95 -4.25
CA ASP B 158 -18.93 -10.37 -3.26
C ASP B 158 -18.42 -11.63 -2.54
N SER B 159 -17.07 -11.64 -2.18
CA SER B 159 -15.88 -12.43 -1.80
C SER B 159 -15.57 -12.42 -0.29
N PRO B 160 -14.90 -13.47 0.22
CA PRO B 160 -14.72 -13.61 1.69
C PRO B 160 -13.54 -12.83 2.26
N ILE B 161 -12.47 -12.56 1.49
CA ILE B 161 -11.45 -11.64 1.98
C ILE B 161 -12.07 -10.27 2.25
N LYS B 162 -12.88 -9.80 1.33
CA LYS B 162 -13.48 -8.48 1.53
C LYS B 162 -14.38 -8.47 2.76
N ALA B 163 -15.11 -9.57 2.98
CA ALA B 163 -15.93 -9.67 4.17
C ALA B 163 -15.10 -9.50 5.43
N ALA B 164 -13.95 -10.18 5.50
CA ALA B 164 -13.13 -10.09 6.70
C ALA B 164 -12.55 -8.68 6.88
N LEU B 165 -12.00 -8.10 5.81
CA LEU B 165 -11.35 -6.80 5.97
C LEU B 165 -12.37 -5.68 6.23
N CYS B 166 -13.60 -5.83 5.75
CA CYS B 166 -14.62 -4.79 5.94
C CYS B 166 -15.48 -4.97 7.19
N THR B 167 -15.31 -6.07 7.91
CA THR B 167 -16.12 -6.28 9.10
C THR B 167 -15.30 -6.41 10.38
N THR B 168 -14.01 -6.06 10.35
CA THR B 168 -13.14 -6.24 11.52
C THR B 168 -12.83 -4.91 12.22
N SER B 169 -11.98 -4.07 11.61
CA SER B 169 -11.53 -2.85 12.26
C SER B 169 -11.35 -1.77 11.19
N PRO B 170 -11.29 -0.50 11.59
CA PRO B 170 -11.06 0.55 10.56
C PRO B 170 -9.75 0.36 9.81
N GLU B 171 -8.68 -0.06 10.47
CA GLU B 171 -7.40 -0.16 9.79
C GLU B 171 -7.34 -1.38 8.86
N GLN B 172 -8.03 -2.48 9.19
CA GLN B 172 -8.15 -3.54 8.17
C GLN B 172 -8.91 -3.01 6.95
N TYR B 173 -9.98 -2.27 7.22
CA TYR B 173 -10.80 -1.75 6.13
C TYR B 173 -10.02 -0.79 5.26
N PHE B 174 -9.35 0.20 5.87
CA PHE B 174 -8.63 1.18 5.07
C PHE B 174 -7.48 0.53 4.31
N ARG B 175 -6.91 -0.53 4.88
CA ARG B 175 -5.90 -1.30 4.15
C ARG B 175 -6.47 -1.87 2.85
N PHE B 176 -7.70 -2.36 2.87
CA PHE B 176 -8.36 -2.81 1.65
C PHE B 176 -8.56 -1.66 0.65
N ARG B 177 -8.89 -0.48 1.16
CA ARG B 177 -9.27 0.62 0.29
C ARG B 177 -8.08 1.31 -0.36
N VAL B 178 -6.85 1.06 0.10
CA VAL B 178 -5.70 1.65 -0.59
C VAL B 178 -5.78 1.30 -2.08
N THR B 179 -6.18 0.06 -2.38
CA THR B 179 -6.41 -0.36 -3.75
C THR B 179 -7.86 -0.16 -4.18
N ASP B 180 -8.81 -0.57 -3.34
CA ASP B 180 -10.18 -0.66 -3.80
C ASP B 180 -10.83 0.69 -4.08
N ILE B 181 -10.49 1.76 -3.34
CA ILE B 181 -11.07 3.04 -3.74
C ILE B 181 -10.38 3.59 -4.96
N GLY B 182 -9.34 2.93 -5.47
CA GLY B 182 -8.66 3.31 -6.68
C GLY B 182 -7.58 4.36 -6.55
N VAL B 183 -7.20 4.74 -5.32
CA VAL B 183 -6.27 5.85 -5.16
C VAL B 183 -4.85 5.46 -5.55
N ASP B 184 -4.43 4.22 -5.30
CA ASP B 184 -3.11 3.82 -5.78
C ASP B 184 -3.05 3.91 -7.29
N PHE B 185 -4.09 3.41 -7.96
CA PHE B 185 -4.25 3.57 -9.39
C PHE B 185 -4.14 5.04 -9.78
N TRP B 186 -4.92 5.89 -9.11
CA TRP B 186 -4.92 7.32 -9.37
C TRP B 186 -3.53 7.92 -9.33
N MET B 187 -2.76 7.61 -8.29
CA MET B 187 -1.42 8.17 -8.17
C MET B 187 -0.52 7.70 -9.30
N LYS B 188 -0.60 6.40 -9.64
CA LYS B 188 0.31 5.84 -10.63
C LYS B 188 -0.06 6.26 -12.06
N MET B 189 -1.27 6.78 -12.28
CA MET B 189 -1.58 7.34 -13.59
C MET B 189 -1.54 8.85 -13.62
N SER B 190 -1.51 9.51 -12.45
CA SER B 190 -1.45 10.97 -12.37
C SER B 190 -0.04 11.54 -12.30
N TYR B 191 0.97 10.76 -11.89
CA TYR B 191 2.30 11.37 -11.80
C TYR B 191 2.80 11.92 -13.12
N PRO B 192 2.52 11.35 -14.30
CA PRO B 192 2.98 12.02 -15.53
C PRO B 192 2.32 13.39 -15.75
N ILE B 193 1.26 13.73 -15.03
CA ILE B 193 0.67 15.07 -15.14
C ILE B 193 1.66 16.13 -14.67
N TYR B 194 2.42 15.82 -13.62
CA TYR B 194 3.24 16.78 -12.90
C TYR B 194 4.72 16.70 -13.26
N ARG B 195 5.23 15.53 -13.67
CA ARG B 195 6.67 15.31 -13.95
C ARG B 195 7.53 15.86 -12.81
N HIS B 196 7.12 15.58 -11.58
CA HIS B 196 7.82 16.00 -10.38
C HIS B 196 8.41 14.75 -9.74
N PRO B 197 9.71 14.45 -9.92
CA PRO B 197 10.18 13.09 -9.60
C PRO B 197 9.99 12.68 -8.14
N GLU B 198 9.92 13.61 -7.20
CA GLU B 198 9.60 13.25 -5.82
C GLU B 198 8.17 12.73 -5.70
N PHE B 199 7.22 13.40 -6.38
CA PHE B 199 5.86 12.89 -6.41
C PHE B 199 5.80 11.55 -7.13
N THR B 200 6.53 11.42 -8.23
CA THR B 200 6.59 10.18 -8.98
C THR B 200 7.05 9.03 -8.08
N GLU B 201 8.05 9.26 -7.23
CA GLU B 201 8.51 8.18 -6.35
C GLU B 201 7.45 7.84 -5.31
N HIS B 202 6.82 8.85 -4.70
CA HIS B 202 5.77 8.57 -3.72
C HIS B 202 4.61 7.83 -4.38
N ALA B 203 4.35 8.12 -5.65
CA ALA B 203 3.33 7.38 -6.39
C ALA B 203 3.76 5.92 -6.57
N LYS B 204 5.00 5.70 -6.99
CA LYS B 204 5.39 4.34 -7.33
C LYS B 204 5.63 3.46 -6.10
N THR B 205 5.98 4.03 -4.95
CA THR B 205 6.04 3.25 -3.72
C THR B 205 4.66 3.02 -3.09
N SER B 206 3.63 3.73 -3.56
CA SER B 206 2.28 3.74 -3.00
C SER B 206 2.19 4.49 -1.66
N LEU B 207 3.29 5.10 -1.19
CA LEU B 207 3.17 5.98 -0.03
C LEU B 207 2.19 7.13 -0.28
N ALA B 208 2.13 7.60 -1.52
CA ALA B 208 1.16 8.63 -1.89
C ALA B 208 -0.26 8.13 -1.64
N ALA B 209 -0.56 6.93 -2.12
CA ALA B 209 -1.87 6.34 -1.89
C ALA B 209 -2.13 6.12 -0.40
N ARG B 210 -1.13 5.62 0.32
CA ARG B 210 -1.34 5.35 1.74
C ARG B 210 -1.60 6.64 2.53
N MET B 211 -1.02 7.77 2.11
CA MET B 211 -1.25 9.03 2.84
C MET B 211 -2.67 9.56 2.63
N THR B 212 -3.28 9.26 1.50
CA THR B 212 -4.53 9.92 1.10
C THR B 212 -5.74 9.01 1.20
N THR B 213 -5.53 7.71 1.47
CA THR B 213 -6.64 6.76 1.45
C THR B 213 -7.74 7.14 2.44
N ARG B 214 -7.39 7.47 3.68
CA ARG B 214 -8.44 7.70 4.67
C ARG B 214 -9.24 8.96 4.35
N GLY B 215 -8.57 10.03 3.95
CA GLY B 215 -9.27 11.26 3.61
C GLY B 215 -10.26 11.07 2.48
N LEU B 216 -9.85 10.33 1.43
CA LEU B 216 -10.76 10.05 0.33
C LEU B 216 -11.89 9.14 0.78
N THR B 217 -11.55 8.07 1.49
CA THR B 217 -12.49 7.00 1.76
C THR B 217 -13.56 7.43 2.75
N ILE B 218 -13.16 8.12 3.82
CA ILE B 218 -14.13 8.50 4.84
C ILE B 218 -15.20 9.40 4.21
N VAL B 219 -14.77 10.33 3.37
CA VAL B 219 -15.70 11.21 2.67
C VAL B 219 -16.58 10.42 1.70
N ASN B 220 -15.96 9.58 0.86
CA ASN B 220 -16.77 8.78 -0.06
C ASN B 220 -17.77 7.93 0.69
N ASP B 221 -17.31 7.25 1.75
CA ASP B 221 -18.20 6.34 2.48
C ASP B 221 -19.39 7.08 3.07
N PHE B 222 -19.16 8.26 3.62
CA PHE B 222 -20.28 8.95 4.27
C PHE B 222 -21.38 9.23 3.25
N TYR B 223 -21.00 9.75 2.10
CA TYR B 223 -21.98 10.21 1.13
C TYR B 223 -22.48 9.10 0.20
N SER B 224 -21.83 7.92 0.16
CA SER B 224 -22.34 6.81 -0.64
C SER B 224 -22.95 5.71 0.23
N TYR B 225 -22.98 5.92 1.55
CA TYR B 225 -23.54 4.93 2.47
C TYR B 225 -24.95 4.49 2.07
N ASP B 226 -25.85 5.44 1.85
CA ASP B 226 -27.25 5.09 1.63
C ASP B 226 -27.40 4.19 0.40
N ARG B 227 -26.72 4.54 -0.69
CA ARG B 227 -26.81 3.73 -1.89
C ARG B 227 -26.20 2.35 -1.65
N GLU B 228 -25.02 2.30 -1.04
CA GLU B 228 -24.32 1.04 -0.90
C GLU B 228 -25.08 0.08 0.02
N VAL B 229 -25.66 0.59 1.09
CA VAL B 229 -26.42 -0.30 1.96
C VAL B 229 -27.69 -0.80 1.25
N SER B 230 -28.35 0.06 0.47
CA SER B 230 -29.54 -0.44 -0.23
C SER B 230 -29.17 -1.50 -1.28
N LEU B 231 -27.95 -1.47 -1.81
CA LEU B 231 -27.51 -2.45 -2.79
C LEU B 231 -26.78 -3.64 -2.18
N GLY B 232 -26.80 -3.79 -0.85
CA GLY B 232 -26.13 -4.89 -0.19
C GLY B 232 -24.61 -4.79 -0.13
N GLN B 233 -24.02 -3.68 -0.58
CA GLN B 233 -22.58 -3.56 -0.63
C GLN B 233 -21.98 -3.34 0.76
N ILE B 234 -20.84 -3.98 1.02
CA ILE B 234 -20.24 -4.01 2.36
C ILE B 234 -19.07 -3.06 2.51
N THR B 235 -18.57 -2.50 1.42
CA THR B 235 -17.31 -1.77 1.47
C THR B 235 -17.56 -0.31 1.85
N ASN B 236 -17.71 -0.08 3.17
CA ASN B 236 -18.05 1.23 3.72
C ASN B 236 -17.77 1.25 5.21
N CYS B 237 -16.91 2.16 5.69
CA CYS B 237 -16.52 2.10 7.09
C CYS B 237 -17.65 2.41 8.05
N PHE B 238 -18.69 3.15 7.63
CA PHE B 238 -19.75 3.41 8.60
C PHE B 238 -20.62 2.19 8.88
N ARG B 239 -20.47 1.10 8.10
CA ARG B 239 -21.06 -0.17 8.52
C ARG B 239 -20.38 -0.73 9.76
N LEU B 240 -19.24 -0.18 10.16
CA LEU B 240 -18.55 -0.62 11.37
C LEU B 240 -19.08 0.01 12.64
N CYS B 241 -19.96 1.01 12.57
CA CYS B 241 -20.63 1.49 13.77
C CYS B 241 -22.13 1.36 13.58
N ASP B 242 -22.85 1.62 14.66
CA ASP B 242 -24.30 1.58 14.69
C ASP B 242 -24.80 2.98 14.31
N VAL B 243 -25.00 3.21 13.00
CA VAL B 243 -25.42 4.54 12.58
C VAL B 243 -26.84 4.87 13.06
N SER B 244 -27.63 3.89 13.50
CA SER B 244 -28.94 4.23 14.06
C SER B 244 -28.86 4.78 15.48
N ASP B 245 -27.69 4.80 16.10
CA ASP B 245 -27.52 5.29 17.46
C ASP B 245 -26.65 6.53 17.38
N GLU B 246 -27.28 7.70 17.55
CA GLU B 246 -26.57 8.96 17.30
C GLU B 246 -25.29 9.06 18.11
N THR B 247 -25.31 8.58 19.35
CA THR B 247 -24.12 8.76 20.20
C THR B 247 -22.99 7.85 19.73
N ALA B 248 -23.31 6.64 19.30
CA ALA B 248 -22.28 5.77 18.73
C ALA B 248 -21.78 6.32 17.39
N PHE B 249 -22.69 6.75 16.53
CA PHE B 249 -22.27 7.35 15.27
C PHE B 249 -21.36 8.55 15.53
N LYS B 250 -21.73 9.38 16.52
CA LYS B 250 -20.92 10.57 16.80
C LYS B 250 -19.49 10.21 17.17
N GLU B 251 -19.31 9.26 18.09
CA GLU B 251 -17.97 8.85 18.49
C GLU B 251 -17.17 8.33 17.31
N PHE B 252 -17.80 7.51 16.47
CA PHE B 252 -17.12 6.95 15.31
C PHE B 252 -16.74 8.05 14.33
N PHE B 253 -17.68 8.96 14.05
CA PHE B 253 -17.40 10.01 13.09
C PHE B 253 -16.24 10.88 13.57
N GLN B 254 -16.23 11.23 14.86
CA GLN B 254 -15.08 11.94 15.43
C GLN B 254 -13.79 11.16 15.25
N ALA B 255 -13.80 9.87 15.53
CA ALA B 255 -12.59 9.08 15.31
C ALA B 255 -12.12 9.20 13.86
N ARG B 256 -13.07 9.23 12.92
CA ARG B 256 -12.69 9.32 11.51
C ARG B 256 -12.17 10.72 11.16
N LEU B 257 -12.79 11.78 11.70
CA LEU B 257 -12.21 13.12 11.56
C LEU B 257 -10.78 13.15 12.09
N ASP B 258 -10.58 12.57 13.28
CA ASP B 258 -9.25 12.34 13.83
C ASP B 258 -8.30 11.74 12.78
N ASP B 259 -8.71 10.63 12.16
CA ASP B 259 -7.90 10.00 11.11
C ASP B 259 -7.48 11.02 10.05
N MET B 260 -8.45 11.77 9.54
CA MET B 260 -8.18 12.71 8.46
C MET B 260 -7.18 13.77 8.91
N ILE B 261 -7.37 14.31 10.11
CA ILE B 261 -6.54 15.40 10.60
C ILE B 261 -5.09 14.95 10.72
N GLU B 262 -4.88 13.75 11.25
CA GLU B 262 -3.51 13.29 11.43
C GLU B 262 -2.83 13.07 10.07
N ASP B 263 -3.53 12.46 9.11
CA ASP B 263 -2.99 12.32 7.77
C ASP B 263 -2.63 13.67 7.18
N ILE B 264 -3.52 14.65 7.32
CA ILE B 264 -3.27 15.96 6.72
C ILE B 264 -2.05 16.63 7.35
N GLU B 265 -1.93 16.56 8.67
CA GLU B 265 -0.78 17.21 9.30
C GLU B 265 0.53 16.47 8.99
N CYS B 266 0.50 15.15 8.80
CA CYS B 266 1.69 14.47 8.29
C CYS B 266 1.95 14.79 6.83
N ILE B 267 0.90 14.92 6.01
CA ILE B 267 1.11 15.30 4.62
C ILE B 267 1.90 16.61 4.52
N LYS B 268 1.74 17.51 5.48
CA LYS B 268 2.43 18.80 5.41
C LYS B 268 3.95 18.68 5.61
N ALA B 269 4.43 17.53 6.08
CA ALA B 269 5.86 17.25 6.12
C ALA B 269 6.44 17.01 4.73
N PHE B 270 5.63 16.59 3.75
CA PHE B 270 6.14 16.32 2.42
C PHE B 270 6.58 17.63 1.75
N ASP B 271 7.18 17.50 0.57
CA ASP B 271 7.68 18.67 -0.14
C ASP B 271 6.49 19.51 -0.59
N GLN B 272 6.80 20.71 -1.07
CA GLN B 272 5.75 21.67 -1.36
C GLN B 272 4.81 21.20 -2.45
N LEU B 273 5.33 20.76 -3.59
CA LEU B 273 4.47 20.36 -4.69
C LEU B 273 3.63 19.15 -4.31
N THR B 274 4.26 18.18 -3.66
CA THR B 274 3.56 16.93 -3.33
C THR B 274 2.40 17.18 -2.37
N GLN B 275 2.62 17.97 -1.31
CA GLN B 275 1.50 18.17 -0.38
C GLN B 275 0.40 18.99 -1.03
N ASP B 276 0.77 19.92 -1.90
CA ASP B 276 -0.19 20.54 -2.82
C ASP B 276 -1.09 19.49 -3.43
N VAL B 277 -0.50 18.52 -4.14
CA VAL B 277 -1.26 17.50 -4.85
C VAL B 277 -2.09 16.66 -3.88
N PHE B 278 -1.47 16.19 -2.79
CA PHE B 278 -2.20 15.31 -1.86
C PHE B 278 -3.43 16.03 -1.30
N LEU B 279 -3.25 17.27 -0.84
CA LEU B 279 -4.34 17.94 -0.13
C LEU B 279 -5.45 18.35 -1.11
N ASP B 280 -5.08 18.70 -2.34
CA ASP B 280 -6.11 19.04 -3.31
C ASP B 280 -6.87 17.79 -3.73
N LEU B 281 -6.22 16.63 -3.69
CA LEU B 281 -6.94 15.39 -3.93
C LEU B 281 -8.00 15.16 -2.86
N ILE B 282 -7.61 15.27 -1.59
CA ILE B 282 -8.53 14.99 -0.50
C ILE B 282 -9.65 16.04 -0.46
N TYR B 283 -9.27 17.30 -0.52
CA TYR B 283 -10.26 18.35 -0.37
C TYR B 283 -11.09 18.49 -1.65
N GLY B 284 -10.46 18.36 -2.82
CA GLY B 284 -11.21 18.34 -4.06
C GLY B 284 -12.21 17.21 -4.14
N ASN B 285 -11.85 16.02 -3.63
CA ASN B 285 -12.82 14.94 -3.65
C ASN B 285 -14.03 15.29 -2.81
N PHE B 286 -13.84 16.01 -1.71
CA PHE B 286 -14.97 16.38 -0.87
C PHE B 286 -15.86 17.41 -1.57
N VAL B 287 -15.25 18.37 -2.28
CA VAL B 287 -16.07 19.35 -3.02
C VAL B 287 -16.89 18.66 -4.10
N TRP B 288 -16.22 17.81 -4.89
CA TRP B 288 -16.90 17.06 -5.94
C TRP B 288 -17.99 16.18 -5.36
N THR B 289 -17.67 15.41 -4.30
CA THR B 289 -18.65 14.48 -3.74
C THR B 289 -19.91 15.19 -3.29
N THR B 290 -19.77 16.41 -2.74
CA THR B 290 -20.92 17.15 -2.26
C THR B 290 -21.65 17.91 -3.36
N SER B 291 -21.05 18.05 -4.56
CA SER B 291 -21.65 18.70 -5.72
C SER B 291 -22.44 17.76 -6.61
N ASN B 292 -22.24 16.46 -6.47
CA ASN B 292 -22.43 15.51 -7.55
C ASN B 292 -23.70 14.71 -7.31
N LYS B 293 -24.57 14.65 -8.31
CA LYS B 293 -25.83 13.93 -8.14
C LYS B 293 -25.59 12.46 -7.81
N ARG B 294 -24.45 11.91 -8.21
CA ARG B 294 -24.09 10.54 -7.88
C ARG B 294 -24.29 10.24 -6.41
N TYR B 295 -24.03 11.21 -5.55
CA TYR B 295 -24.04 11.00 -4.11
C TYR B 295 -25.24 11.65 -3.41
N LYS B 296 -26.30 11.97 -4.15
CA LYS B 296 -27.21 13.05 -3.78
C LYS B 296 -28.69 12.69 -3.61
N THR B 297 -29.13 11.46 -3.88
CA THR B 297 -30.57 11.21 -3.84
C THR B 297 -30.90 9.84 -3.26
N ALA B 298 -32.15 9.43 -3.43
CA ALA B 298 -32.49 8.03 -3.22
C ALA B 298 -31.89 7.20 -4.34
N VAL B 299 -32.66 7.03 -5.41
CA VAL B 299 -32.21 6.50 -6.70
C VAL B 299 -32.11 7.67 -7.68
N ASN B 300 -31.09 7.68 -8.54
CA ASN B 300 -31.04 8.69 -9.61
C ASN B 300 -30.43 8.09 -10.88
N ASP B 301 -30.00 8.95 -11.81
CA ASP B 301 -29.74 8.46 -13.15
C ASP B 301 -28.28 8.12 -13.40
N VAL B 302 -27.41 8.35 -12.43
CA VAL B 302 -25.99 8.07 -12.62
C VAL B 302 -25.45 7.11 -11.57
N ASN B 303 -26.27 6.60 -10.65
CA ASN B 303 -25.86 5.47 -9.83
C ASN B 303 -26.85 4.30 -9.86
N SER B 304 -28.08 4.49 -10.38
CA SER B 304 -29.22 3.67 -9.97
C SER B 304 -29.11 2.21 -10.38
N ARG B 305 -29.28 1.35 -9.37
CA ARG B 305 -29.15 -0.08 -9.57
C ARG B 305 -30.48 -0.66 -10.01
N ILE B 306 -30.40 -1.75 -10.75
CA ILE B 306 -31.56 -2.50 -11.21
C ILE B 306 -31.59 -3.83 -10.45
N GLN B 307 -32.59 -3.98 -9.58
CA GLN B 307 -32.97 -5.23 -8.92
C GLN B 307 -34.45 -5.47 -9.11
N ALA B 308 -34.80 -6.45 -9.94
CA ALA B 308 -36.20 -6.69 -10.30
C ALA B 308 -36.76 -7.97 -9.69
N GLY A 14 18.83 4.53 29.56
CA GLY A 14 17.48 4.30 30.06
C GLY A 14 16.52 3.85 28.96
N ARG A 15 16.30 4.72 27.98
CA ARG A 15 15.68 4.35 26.71
C ARG A 15 16.73 3.91 25.68
N SER A 16 17.95 3.65 26.10
CA SER A 16 18.97 3.20 25.15
C SER A 16 18.88 1.71 24.85
N SER A 17 17.92 0.98 25.41
CA SER A 17 17.87 -0.47 25.23
C SER A 17 16.52 -1.00 25.68
N VAL A 18 16.08 -2.09 25.06
CA VAL A 18 14.92 -2.85 25.52
C VAL A 18 15.33 -4.20 26.10
N ARG A 19 16.62 -4.38 26.41
CA ARG A 19 17.13 -5.60 27.04
C ARG A 19 16.35 -6.06 28.27
N PRO A 20 15.90 -5.20 29.18
CA PRO A 20 15.18 -5.71 30.36
C PRO A 20 14.00 -6.61 30.03
N TYR A 21 13.45 -6.51 28.82
CA TYR A 21 12.25 -7.25 28.43
C TYR A 21 12.54 -8.36 27.42
N LEU A 22 13.81 -8.65 27.17
CA LEU A 22 14.15 -9.52 26.05
C LEU A 22 13.56 -10.92 26.18
N GLU A 23 13.71 -11.53 27.36
CA GLU A 23 13.21 -12.89 27.54
C GLU A 23 11.69 -12.94 27.55
N GLU A 24 11.06 -12.06 28.34
CA GLU A 24 9.60 -12.00 28.42
C GLU A 24 8.98 -11.74 27.05
N CYS A 25 9.51 -10.77 26.31
CA CYS A 25 8.94 -10.46 24.99
C CYS A 25 9.16 -11.61 24.00
N THR A 26 10.35 -12.22 24.02
CA THR A 26 10.59 -13.35 23.13
C THR A 26 9.57 -14.46 23.39
N ARG A 27 9.39 -14.80 24.66
CA ARG A 27 8.43 -15.83 25.02
C ARG A 27 7.01 -15.44 24.61
N ARG A 28 6.67 -14.16 24.74
CA ARG A 28 5.34 -13.70 24.38
C ARG A 28 5.08 -13.81 22.87
N PHE A 29 6.03 -13.33 22.06
CA PHE A 29 5.95 -13.53 20.61
C PHE A 29 5.71 -15.00 20.26
N GLN A 30 6.53 -15.88 20.82
CA GLN A 30 6.40 -17.30 20.46
C GLN A 30 5.04 -17.85 20.87
N GLU A 31 4.56 -17.51 22.07
CA GLU A 31 3.24 -17.96 22.50
C GLU A 31 2.18 -17.52 21.52
N MET A 32 2.25 -16.25 21.11
CA MET A 32 1.28 -15.71 20.16
C MET A 32 1.27 -16.53 18.88
N PHE A 33 2.46 -16.81 18.31
CA PHE A 33 2.53 -17.62 17.10
C PHE A 33 1.96 -19.01 17.30
N ASP A 34 2.23 -19.63 18.45
CA ASP A 34 1.73 -21.00 18.67
C ASP A 34 0.22 -21.03 18.79
N ARG A 35 -0.38 -19.96 19.31
CA ARG A 35 -1.83 -19.94 19.45
C ARG A 35 -2.52 -19.69 18.12
N HIS A 36 -1.97 -18.79 17.30
CA HIS A 36 -2.70 -18.28 16.13
C HIS A 36 -2.19 -18.83 14.80
N VAL A 37 -0.93 -19.28 14.73
CA VAL A 37 -0.39 -19.93 13.55
C VAL A 37 -0.13 -21.42 13.81
N VAL A 38 0.31 -21.77 15.02
CA VAL A 38 0.54 -23.15 15.47
C VAL A 38 1.75 -23.76 14.77
N THR A 39 1.69 -23.89 13.44
CA THR A 39 2.69 -24.65 12.73
C THR A 39 3.95 -23.80 12.45
N ARG A 40 5.11 -24.40 12.74
CA ARG A 40 6.42 -23.77 12.54
C ARG A 40 6.66 -23.48 11.06
N PRO A 41 7.33 -22.38 10.75
CA PRO A 41 7.86 -22.18 9.40
C PRO A 41 9.01 -23.15 9.15
N THR A 42 9.30 -23.40 7.87
CA THR A 42 10.32 -24.37 7.49
C THR A 42 11.46 -23.69 6.74
N LYS A 43 12.69 -24.00 7.14
CA LYS A 43 13.86 -23.46 6.46
C LYS A 43 14.05 -24.21 5.15
N VAL A 44 14.67 -23.57 4.18
CA VAL A 44 14.78 -24.09 2.82
C VAL A 44 16.03 -24.96 2.68
N GLU A 45 16.11 -25.69 1.57
CA GLU A 45 17.21 -26.60 1.27
C GLU A 45 17.99 -26.08 0.05
N LEU A 46 18.98 -25.23 0.29
CA LEU A 46 19.97 -24.89 -0.73
C LEU A 46 21.09 -25.94 -0.75
N THR A 47 21.43 -26.41 -1.94
CA THR A 47 22.61 -27.25 -2.00
C THR A 47 23.86 -26.38 -1.95
N ASP A 48 25.01 -27.05 -1.91
CA ASP A 48 26.30 -26.36 -2.00
C ASP A 48 26.33 -25.43 -3.20
N ALA A 49 26.06 -25.97 -4.40
CA ALA A 49 26.16 -25.19 -5.63
C ALA A 49 25.16 -24.03 -5.63
N GLU A 50 23.97 -24.24 -5.09
CA GLU A 50 22.99 -23.17 -5.05
C GLU A 50 23.44 -22.05 -4.13
N LEU A 51 23.89 -22.41 -2.91
CA LEU A 51 24.29 -21.38 -1.97
C LEU A 51 25.49 -20.61 -2.48
N ARG A 52 26.48 -21.33 -2.99
CA ARG A 52 27.68 -20.71 -3.52
C ARG A 52 27.37 -19.84 -4.73
N GLU A 53 26.43 -20.26 -5.59
CA GLU A 53 25.98 -19.37 -6.65
C GLU A 53 25.41 -18.09 -6.08
N VAL A 54 24.62 -18.21 -4.99
CA VAL A 54 23.98 -17.04 -4.40
C VAL A 54 25.03 -16.03 -3.91
N ILE A 55 25.96 -16.51 -3.07
CA ILE A 55 27.00 -15.63 -2.55
C ILE A 55 27.74 -14.95 -3.69
N ASP A 56 28.11 -15.71 -4.72
CA ASP A 56 28.96 -15.16 -5.76
C ASP A 56 28.25 -14.07 -6.54
N ASP A 57 26.93 -14.22 -6.78
CA ASP A 57 26.19 -13.17 -7.46
C ASP A 57 25.99 -11.94 -6.57
N CYS A 58 25.84 -12.14 -5.26
CA CYS A 58 25.79 -11.01 -4.34
C CYS A 58 27.09 -10.20 -4.40
N ASN A 59 28.24 -10.89 -4.37
CA ASN A 59 29.51 -10.17 -4.41
C ASN A 59 29.67 -9.41 -5.72
N ALA A 60 29.26 -10.01 -6.84
CA ALA A 60 29.36 -9.32 -8.12
C ALA A 60 28.47 -8.08 -8.14
N ALA A 61 27.31 -8.15 -7.48
CA ALA A 61 26.37 -7.03 -7.54
C ALA A 61 26.87 -5.83 -6.75
N VAL A 62 27.46 -6.06 -5.58
CA VAL A 62 27.89 -4.94 -4.74
C VAL A 62 29.35 -4.57 -4.96
N ALA A 63 30.11 -5.39 -5.69
CA ALA A 63 31.51 -5.08 -5.93
C ALA A 63 31.73 -3.66 -6.42
N PRO A 64 30.92 -3.10 -7.34
CA PRO A 64 31.22 -1.74 -7.83
C PRO A 64 31.00 -0.65 -6.79
N LEU A 65 30.37 -0.96 -5.66
CA LEU A 65 30.19 0.04 -4.61
C LEU A 65 31.43 0.18 -3.72
N GLY A 66 32.33 -0.79 -3.72
CA GLY A 66 33.63 -0.61 -3.10
C GLY A 66 33.87 -1.29 -1.76
N LYS A 67 32.87 -1.95 -1.18
CA LYS A 67 33.01 -2.53 0.14
C LYS A 67 32.88 -4.05 0.09
N THR A 68 33.81 -4.74 0.75
CA THR A 68 33.77 -6.19 0.86
C THR A 68 32.72 -6.61 1.86
N VAL A 69 31.96 -7.65 1.51
CA VAL A 69 31.00 -8.27 2.41
C VAL A 69 31.46 -9.71 2.65
N SER A 70 31.55 -10.11 3.90
CA SER A 70 31.99 -11.45 4.25
C SER A 70 30.88 -12.46 3.98
N ASP A 71 31.29 -13.71 3.71
CA ASP A 71 30.33 -14.79 3.52
C ASP A 71 29.39 -14.92 4.72
N GLU A 72 29.89 -14.70 5.94
CA GLU A 72 28.97 -14.88 7.05
C GLU A 72 28.02 -13.70 7.21
N ARG A 73 28.43 -12.50 6.78
CA ARG A 73 27.46 -11.41 6.70
C ARG A 73 26.41 -11.70 5.63
N TRP A 74 26.83 -12.24 4.48
CA TRP A 74 25.84 -12.65 3.48
C TRP A 74 24.85 -13.64 4.07
N ILE A 75 25.36 -14.62 4.81
CA ILE A 75 24.50 -15.68 5.32
C ILE A 75 23.56 -15.14 6.38
N SER A 76 24.02 -14.16 7.16
CA SER A 76 23.12 -13.49 8.09
C SER A 76 21.98 -12.79 7.36
N TYR A 77 22.29 -12.16 6.22
CA TYR A 77 21.23 -11.50 5.45
C TYR A 77 20.30 -12.53 4.81
N VAL A 78 20.87 -13.61 4.25
CA VAL A 78 20.09 -14.54 3.45
C VAL A 78 19.16 -15.39 4.30
N GLY A 79 19.44 -15.52 5.60
CA GLY A 79 18.63 -16.38 6.44
C GLY A 79 17.16 -16.05 6.42
N VAL A 80 16.80 -14.76 6.26
CA VAL A 80 15.38 -14.41 6.27
C VAL A 80 14.69 -15.07 5.09
N VAL A 81 15.35 -15.15 3.93
CA VAL A 81 14.74 -15.81 2.79
C VAL A 81 14.63 -17.31 3.04
N LEU A 82 15.66 -17.91 3.65
CA LEU A 82 15.66 -19.34 3.86
C LEU A 82 14.55 -19.77 4.80
N TRP A 83 14.24 -18.92 5.78
CA TRP A 83 13.32 -19.23 6.86
C TRP A 83 11.91 -18.70 6.65
N SER A 84 11.71 -17.73 5.77
CA SER A 84 10.45 -16.99 5.75
C SER A 84 9.69 -17.14 4.44
N GLN A 85 10.20 -17.89 3.47
CA GLN A 85 9.39 -18.29 2.33
C GLN A 85 8.51 -19.45 2.76
N SER A 86 7.96 -20.19 1.83
CA SER A 86 6.97 -21.22 2.12
C SER A 86 7.36 -22.45 1.31
N PRO A 87 8.32 -23.24 1.82
CA PRO A 87 8.97 -24.24 0.97
C PRO A 87 8.04 -25.25 0.33
N ARG A 88 6.96 -25.65 1.00
CA ARG A 88 6.15 -26.71 0.39
C ARG A 88 5.36 -26.20 -0.80
N HIS A 89 5.24 -24.88 -0.96
CA HIS A 89 4.58 -24.28 -2.11
C HIS A 89 5.54 -23.85 -3.21
N ILE A 90 6.85 -24.03 -3.05
CA ILE A 90 7.79 -23.48 -4.04
C ILE A 90 7.63 -24.21 -5.37
N LYS A 91 7.64 -23.45 -6.47
CA LYS A 91 7.52 -23.97 -7.82
C LYS A 91 8.58 -23.44 -8.79
N ASP A 92 9.50 -22.59 -8.35
CA ASP A 92 10.49 -21.97 -9.23
C ASP A 92 11.69 -21.60 -8.36
N MET A 93 12.71 -22.48 -8.30
CA MET A 93 13.88 -22.21 -7.47
C MET A 93 14.81 -21.17 -8.07
N GLU A 94 14.67 -20.86 -9.36
CA GLU A 94 15.43 -19.73 -9.91
C GLU A 94 14.91 -18.42 -9.33
N ALA A 95 13.60 -18.25 -9.29
CA ALA A 95 12.99 -17.11 -8.59
C ALA A 95 13.40 -17.09 -7.12
N PHE A 96 13.47 -18.27 -6.47
CA PHE A 96 13.92 -18.30 -5.07
C PHE A 96 15.34 -17.78 -4.95
N LYS A 97 16.26 -18.27 -5.78
CA LYS A 97 17.63 -17.77 -5.75
C LYS A 97 17.67 -16.26 -6.01
N ALA A 98 16.80 -15.78 -6.91
CA ALA A 98 16.73 -14.34 -7.16
C ALA A 98 16.36 -13.57 -5.88
N VAL A 99 15.37 -14.06 -5.15
CA VAL A 99 14.97 -13.38 -3.91
C VAL A 99 16.11 -13.41 -2.90
N CYS A 100 16.86 -14.51 -2.84
CA CYS A 100 18.05 -14.54 -1.99
C CYS A 100 19.01 -13.40 -2.34
N VAL A 101 19.38 -13.31 -3.62
CA VAL A 101 20.38 -12.33 -4.03
C VAL A 101 19.85 -10.91 -3.82
N LEU A 102 18.64 -10.65 -4.30
CA LEU A 102 18.06 -9.30 -4.20
C LEU A 102 17.89 -8.87 -2.75
N ASN A 103 17.36 -9.77 -1.91
CA ASN A 103 17.25 -9.47 -0.49
C ASN A 103 18.60 -9.10 0.12
N CYS A 104 19.64 -9.85 -0.23
CA CYS A 104 20.95 -9.64 0.38
C CYS A 104 21.59 -8.35 -0.07
N VAL A 105 21.56 -8.07 -1.38
CA VAL A 105 22.33 -6.91 -1.83
C VAL A 105 21.64 -5.61 -1.42
N THR A 106 20.32 -5.61 -1.29
CA THR A 106 19.66 -4.41 -0.78
C THR A 106 19.74 -4.32 0.74
N PHE A 107 20.00 -5.43 1.41
CA PHE A 107 20.36 -5.38 2.82
C PHE A 107 21.67 -4.61 3.00
N VAL A 108 22.66 -4.88 2.13
CA VAL A 108 23.91 -4.12 2.19
C VAL A 108 23.62 -2.62 2.03
N TRP A 109 22.79 -2.28 1.05
CA TRP A 109 22.38 -0.90 0.83
C TRP A 109 21.77 -0.30 2.10
N ASP A 110 20.90 -1.07 2.77
CA ASP A 110 20.29 -0.63 4.03
C ASP A 110 21.36 -0.34 5.08
N ASP A 111 22.40 -1.17 5.13
CA ASP A 111 23.50 -1.03 6.08
C ASP A 111 24.59 -0.09 5.59
N MET A 112 24.33 0.71 4.55
CA MET A 112 25.35 1.48 3.88
C MET A 112 25.23 2.99 4.10
N ASP A 113 26.38 3.61 4.30
CA ASP A 113 26.55 5.05 4.13
C ASP A 113 25.92 5.52 2.82
N PRO A 114 25.15 6.61 2.84
CA PRO A 114 24.60 7.13 1.58
C PRO A 114 25.66 7.59 0.62
N ALA A 115 26.86 7.93 1.10
CA ALA A 115 27.95 8.26 0.19
C ALA A 115 28.35 7.06 -0.67
N LEU A 116 28.16 5.84 -0.17
CA LEU A 116 28.39 4.64 -0.97
C LEU A 116 27.26 4.34 -1.96
N HIS A 117 26.15 5.07 -1.89
CA HIS A 117 24.94 4.74 -2.64
C HIS A 117 25.04 5.25 -4.07
N ASP A 118 25.60 4.44 -4.95
CA ASP A 118 25.85 4.85 -6.33
C ASP A 118 24.84 4.17 -7.25
N PHE A 119 23.79 4.93 -7.62
CA PHE A 119 22.69 4.37 -8.38
C PHE A 119 23.14 3.91 -9.77
N GLY A 120 24.05 4.66 -10.41
CA GLY A 120 24.45 4.32 -11.77
C GLY A 120 25.26 3.04 -11.87
N LEU A 121 25.93 2.65 -10.79
CA LEU A 121 26.63 1.38 -10.74
C LEU A 121 25.76 0.24 -10.22
N PHE A 122 24.86 0.53 -9.28
CA PHE A 122 24.07 -0.51 -8.64
C PHE A 122 22.81 -0.87 -9.42
N LEU A 123 22.10 0.11 -9.97
CA LEU A 123 20.84 -0.22 -10.65
C LEU A 123 21.04 -1.20 -11.80
N PRO A 124 22.03 -1.05 -12.70
CA PRO A 124 22.25 -2.11 -13.70
C PRO A 124 22.59 -3.46 -13.08
N GLN A 125 23.23 -3.49 -11.92
CA GLN A 125 23.44 -4.75 -11.22
C GLN A 125 22.12 -5.41 -10.86
N LEU A 126 21.18 -4.64 -10.30
CA LEU A 126 19.87 -5.20 -9.97
C LEU A 126 19.15 -5.69 -11.22
N ARG A 127 19.15 -4.89 -12.30
CA ARG A 127 18.41 -5.30 -13.48
C ARG A 127 18.96 -6.60 -14.06
N LYS A 128 20.28 -6.77 -14.02
CA LYS A 128 20.87 -7.98 -14.59
C LYS A 128 20.59 -9.19 -13.72
N ILE A 129 20.52 -9.01 -12.39
CA ILE A 129 20.04 -10.09 -11.52
C ILE A 129 18.61 -10.45 -11.89
N CYS A 130 17.74 -9.45 -12.01
CA CYS A 130 16.35 -9.73 -12.32
C CYS A 130 16.20 -10.43 -13.68
N GLU A 131 16.96 -10.02 -14.68
CA GLU A 131 16.77 -10.62 -16.00
C GLU A 131 17.39 -12.02 -16.06
N LYS A 132 18.42 -12.30 -15.24
CA LYS A 132 18.99 -13.64 -15.23
C LYS A 132 17.99 -14.67 -14.70
N TYR A 133 17.30 -14.35 -13.60
CA TYR A 133 16.58 -15.37 -12.85
C TYR A 133 15.08 -15.42 -13.15
N TYR A 134 14.51 -14.36 -13.70
CA TYR A 134 13.09 -14.28 -13.96
C TYR A 134 12.82 -14.28 -15.47
N GLY A 135 11.59 -14.64 -15.83
CA GLY A 135 11.14 -14.47 -17.18
C GLY A 135 11.00 -13.00 -17.54
N PRO A 136 10.53 -12.72 -18.76
CA PRO A 136 10.49 -11.32 -19.24
C PRO A 136 9.54 -10.43 -18.45
N GLU A 137 8.36 -10.92 -18.07
CA GLU A 137 7.42 -10.04 -17.35
C GLU A 137 7.82 -9.86 -15.89
N ASP A 138 8.14 -10.97 -15.22
CA ASP A 138 8.48 -10.91 -13.81
C ASP A 138 9.73 -10.06 -13.58
N ALA A 139 10.67 -10.06 -14.54
CA ALA A 139 11.89 -9.28 -14.37
C ALA A 139 11.58 -7.78 -14.27
N GLU A 140 10.59 -7.30 -15.04
CA GLU A 140 10.18 -5.90 -14.91
C GLU A 140 9.67 -5.60 -13.51
N VAL A 141 8.78 -6.45 -13.01
CA VAL A 141 8.15 -6.21 -11.71
C VAL A 141 9.19 -6.27 -10.60
N ALA A 142 10.05 -7.28 -10.62
CA ALA A 142 11.06 -7.39 -9.58
C ALA A 142 12.02 -6.21 -9.61
N TYR A 143 12.46 -5.80 -10.80
CA TYR A 143 13.41 -4.69 -10.88
C TYR A 143 12.79 -3.38 -10.39
N GLU A 144 11.57 -3.07 -10.83
CA GLU A 144 10.92 -1.85 -10.35
C GLU A 144 10.83 -1.84 -8.82
N ALA A 145 10.43 -2.97 -8.24
CA ALA A 145 10.31 -3.03 -6.79
C ALA A 145 11.66 -2.85 -6.10
N ALA A 146 12.73 -3.47 -6.63
CA ALA A 146 14.06 -3.26 -6.06
C ALA A 146 14.49 -1.80 -6.20
N ARG A 147 14.33 -1.23 -7.39
CA ARG A 147 14.62 0.18 -7.63
C ARG A 147 13.86 1.08 -6.65
N ALA A 148 12.55 0.87 -6.53
CA ALA A 148 11.76 1.69 -5.62
C ALA A 148 12.25 1.55 -4.18
N PHE A 149 12.67 0.34 -3.78
CA PHE A 149 13.14 0.18 -2.41
C PHE A 149 14.44 0.94 -2.16
N VAL A 150 15.47 0.70 -2.99
CA VAL A 150 16.75 1.35 -2.72
C VAL A 150 16.62 2.86 -2.81
N THR A 151 15.79 3.34 -3.73
CA THR A 151 15.56 4.78 -3.84
C THR A 151 14.92 5.33 -2.58
N SER A 152 13.94 4.61 -2.04
CA SER A 152 13.29 5.04 -0.80
C SER A 152 14.28 5.06 0.36
N ASP A 153 15.03 3.96 0.54
CA ASP A 153 16.02 3.93 1.62
C ASP A 153 16.94 5.15 1.52
N HIS A 154 17.35 5.52 0.31
CA HIS A 154 18.27 6.63 0.16
C HIS A 154 17.59 7.97 0.44
N MET A 155 16.50 8.26 -0.28
CA MET A 155 15.94 9.60 -0.19
C MET A 155 15.40 9.86 1.20
N PHE A 156 15.13 8.82 1.98
CA PHE A 156 14.55 9.08 3.29
C PHE A 156 15.57 9.18 4.42
N ARG A 157 16.86 9.00 4.15
CA ARG A 157 17.86 9.23 5.21
C ARG A 157 17.76 10.68 5.67
N ASP A 158 17.85 10.89 6.99
CA ASP A 158 17.62 12.21 7.63
C ASP A 158 16.55 13.10 6.95
N SER A 159 15.44 12.52 6.46
CA SER A 159 14.57 13.53 5.83
C SER A 159 13.31 13.83 6.67
N PRO A 160 12.66 15.00 6.45
CA PRO A 160 11.50 15.36 7.30
C PRO A 160 10.30 14.42 7.21
N ILE A 161 10.03 13.84 6.04
CA ILE A 161 8.90 12.91 5.92
C ILE A 161 9.07 11.76 6.89
N LYS A 162 10.25 11.13 6.85
CA LYS A 162 10.52 10.03 7.78
C LYS A 162 10.33 10.49 9.22
N ALA A 163 10.88 11.66 9.56
CA ALA A 163 10.69 12.19 10.91
C ALA A 163 9.22 12.19 11.30
N ALA A 164 8.37 12.86 10.51
CA ALA A 164 6.96 12.96 10.87
C ALA A 164 6.28 11.59 10.93
N LEU A 165 6.62 10.70 10.00
CA LEU A 165 5.93 9.41 9.95
C LEU A 165 6.41 8.46 11.06
N CYS A 166 7.61 8.65 11.59
CA CYS A 166 8.12 7.82 12.69
C CYS A 166 8.01 8.50 14.04
N THR A 167 7.30 9.62 14.14
CA THR A 167 7.15 10.26 15.43
C THR A 167 5.70 10.55 15.78
N THR A 168 4.76 10.32 14.86
CA THR A 168 3.38 10.76 15.09
C THR A 168 2.53 9.72 15.80
N SER A 169 2.42 8.52 15.22
CA SER A 169 1.57 7.47 15.74
C SER A 169 2.04 6.15 15.17
N PRO A 170 1.68 5.02 15.80
CA PRO A 170 2.00 3.72 15.18
C PRO A 170 1.42 3.59 13.77
N GLU A 171 0.26 4.18 13.50
CA GLU A 171 -0.38 3.99 12.19
C GLU A 171 0.36 4.75 11.10
N GLN A 172 0.83 5.98 11.38
CA GLN A 172 1.71 6.66 10.43
C GLN A 172 2.99 5.89 10.20
N TYR A 173 3.54 5.33 11.28
CA TYR A 173 4.81 4.62 11.20
C TYR A 173 4.69 3.36 10.33
N PHE A 174 3.67 2.54 10.58
CA PHE A 174 3.55 1.31 9.81
C PHE A 174 3.27 1.58 8.34
N ARG A 175 2.62 2.72 8.05
CA ARG A 175 2.40 3.13 6.67
C ARG A 175 3.71 3.39 5.94
N PHE A 176 4.67 4.04 6.61
CA PHE A 176 6.01 4.21 6.04
C PHE A 176 6.71 2.86 5.83
N ARG A 177 6.51 1.94 6.77
CA ARG A 177 7.26 0.69 6.74
C ARG A 177 6.78 -0.30 5.67
N VAL A 178 5.57 -0.12 5.12
CA VAL A 178 5.14 -0.98 4.01
C VAL A 178 6.21 -1.01 2.93
N THR A 179 6.79 0.15 2.61
CA THR A 179 7.92 0.18 1.70
C THR A 179 9.25 0.05 2.44
N ASP A 180 9.43 0.78 3.54
CA ASP A 180 10.76 0.88 4.14
C ASP A 180 11.30 -0.44 4.72
N ILE A 181 10.44 -1.32 5.23
CA ILE A 181 10.96 -2.62 5.67
C ILE A 181 11.16 -3.55 4.49
N GLY A 182 10.86 -3.12 3.27
CA GLY A 182 11.13 -3.94 2.11
C GLY A 182 10.10 -4.99 1.80
N VAL A 183 8.98 -5.05 2.53
CA VAL A 183 8.03 -6.14 2.33
C VAL A 183 7.27 -6.01 1.01
N ASP A 184 6.92 -4.78 0.58
CA ASP A 184 6.29 -4.69 -0.74
C ASP A 184 7.22 -5.23 -1.82
N PHE A 185 8.49 -4.84 -1.75
CA PHE A 185 9.53 -5.37 -2.63
C PHE A 185 9.55 -6.90 -2.56
N TRP A 186 9.57 -7.45 -1.34
CA TRP A 186 9.64 -8.90 -1.15
C TRP A 186 8.49 -9.63 -1.87
N MET A 187 7.25 -9.15 -1.67
CA MET A 187 6.11 -9.78 -2.31
C MET A 187 6.25 -9.77 -3.84
N LYS A 188 6.64 -8.62 -4.40
CA LYS A 188 6.70 -8.46 -5.83
C LYS A 188 7.85 -9.24 -6.46
N MET A 189 8.89 -9.57 -5.70
CA MET A 189 9.91 -10.45 -6.26
C MET A 189 9.69 -11.92 -5.91
N SER A 190 8.79 -12.21 -4.98
CA SER A 190 8.55 -13.58 -4.54
C SER A 190 7.39 -14.27 -5.25
N TYR A 191 6.44 -13.53 -5.82
CA TYR A 191 5.33 -14.23 -6.45
C TYR A 191 5.77 -15.19 -7.55
N PRO A 192 6.85 -14.96 -8.33
CA PRO A 192 7.24 -15.98 -9.31
C PRO A 192 7.69 -17.29 -8.66
N ILE A 193 8.07 -17.27 -7.38
CA ILE A 193 8.44 -18.50 -6.71
C ILE A 193 7.27 -19.48 -6.70
N TYR A 194 6.05 -18.95 -6.53
CA TYR A 194 4.88 -19.78 -6.25
C TYR A 194 3.98 -20.02 -7.46
N ARG A 195 4.01 -19.18 -8.48
CA ARG A 195 3.18 -19.40 -9.67
C ARG A 195 1.70 -19.51 -9.30
N HIS A 196 1.27 -18.74 -8.29
CA HIS A 196 -0.09 -18.85 -7.76
C HIS A 196 -0.86 -17.58 -8.10
N PRO A 197 -1.76 -17.63 -9.08
CA PRO A 197 -2.39 -16.38 -9.56
C PRO A 197 -3.02 -15.53 -8.46
N GLU A 198 -3.68 -16.15 -7.48
CA GLU A 198 -4.28 -15.37 -6.40
C GLU A 198 -3.20 -14.59 -5.64
N PHE A 199 -2.07 -15.25 -5.32
CA PHE A 199 -1.00 -14.55 -4.61
C PHE A 199 -0.36 -13.46 -5.46
N THR A 200 -0.19 -13.73 -6.75
CA THR A 200 0.42 -12.75 -7.63
C THR A 200 -0.39 -11.46 -7.66
N GLU A 201 -1.72 -11.57 -7.68
CA GLU A 201 -2.56 -10.37 -7.64
C GLU A 201 -2.38 -9.61 -6.32
N HIS A 202 -2.37 -10.31 -5.19
CA HIS A 202 -2.21 -9.60 -3.91
C HIS A 202 -0.83 -8.97 -3.79
N ALA A 203 0.19 -9.63 -4.35
CA ALA A 203 1.52 -9.03 -4.39
C ALA A 203 1.50 -7.75 -5.20
N LYS A 204 0.82 -7.76 -6.34
CA LYS A 204 0.85 -6.64 -7.27
C LYS A 204 0.04 -5.45 -6.78
N THR A 205 -1.07 -5.69 -6.06
CA THR A 205 -1.83 -4.61 -5.43
C THR A 205 -1.18 -4.09 -4.16
N SER A 206 -0.17 -4.81 -3.64
CA SER A 206 0.48 -4.57 -2.35
C SER A 206 -0.43 -4.86 -1.16
N LEU A 207 -1.64 -5.40 -1.38
CA LEU A 207 -2.40 -5.91 -0.25
C LEU A 207 -1.60 -6.96 0.53
N ALA A 208 -0.86 -7.83 -0.17
CA ALA A 208 0.02 -8.80 0.48
C ALA A 208 0.99 -8.10 1.43
N ALA A 209 1.63 -7.02 0.96
CA ALA A 209 2.53 -6.30 1.84
C ALA A 209 1.78 -5.63 2.98
N ARG A 210 0.63 -5.02 2.69
CA ARG A 210 -0.09 -4.31 3.75
C ARG A 210 -0.53 -5.25 4.85
N MET A 211 -0.79 -6.52 4.50
CA MET A 211 -1.23 -7.52 5.47
C MET A 211 -0.10 -7.97 6.40
N THR A 212 1.15 -7.95 5.93
CA THR A 212 2.26 -8.56 6.67
C THR A 212 3.19 -7.53 7.30
N THR A 213 3.00 -6.23 7.03
CA THR A 213 3.92 -5.20 7.48
C THR A 213 4.05 -5.17 9.00
N ARG A 214 2.92 -5.16 9.72
CA ARG A 214 3.02 -5.01 11.17
C ARG A 214 3.71 -6.23 11.80
N GLY A 215 3.40 -7.42 11.32
CA GLY A 215 3.99 -8.60 11.92
C GLY A 215 5.50 -8.65 11.75
N LEU A 216 5.97 -8.27 10.56
CA LEU A 216 7.42 -8.20 10.33
C LEU A 216 8.04 -7.06 11.12
N THR A 217 7.40 -5.88 11.11
CA THR A 217 8.03 -4.69 11.64
C THR A 217 8.13 -4.73 13.16
N ILE A 218 7.07 -5.18 13.84
CA ILE A 218 7.09 -5.17 15.30
C ILE A 218 8.20 -6.07 15.80
N VAL A 219 8.36 -7.24 15.17
CA VAL A 219 9.43 -8.17 15.54
C VAL A 219 10.80 -7.56 15.23
N ASN A 220 10.98 -7.04 14.01
CA ASN A 220 12.27 -6.45 13.68
C ASN A 220 12.61 -5.31 14.63
N ASP A 221 11.64 -4.43 14.90
CA ASP A 221 11.88 -3.27 15.75
C ASP A 221 12.26 -3.68 17.16
N PHE A 222 11.62 -4.70 17.72
CA PHE A 222 11.98 -5.07 19.08
C PHE A 222 13.46 -5.46 19.15
N TYR A 223 13.89 -6.34 18.26
CA TYR A 223 15.22 -6.91 18.36
C TYR A 223 16.32 -6.04 17.75
N SER A 224 15.97 -5.04 16.93
CA SER A 224 16.98 -4.14 16.39
C SER A 224 16.99 -2.80 17.11
N TYR A 225 16.14 -2.64 18.13
CA TYR A 225 16.03 -1.38 18.84
C TYR A 225 17.37 -0.92 19.39
N ASP A 226 18.09 -1.80 20.09
CA ASP A 226 19.36 -1.40 20.69
C ASP A 226 20.31 -0.85 19.64
N ARG A 227 20.48 -1.57 18.52
CA ARG A 227 21.40 -1.14 17.47
C ARG A 227 20.95 0.19 16.86
N GLU A 228 19.66 0.29 16.55
CA GLU A 228 19.20 1.49 15.87
C GLU A 228 19.29 2.70 16.77
N VAL A 229 18.93 2.53 18.05
CA VAL A 229 18.95 3.63 19.01
C VAL A 229 20.36 4.20 19.16
N SER A 230 21.34 3.33 19.45
CA SER A 230 22.67 3.84 19.73
C SER A 230 23.25 4.61 18.54
N LEU A 231 22.68 4.43 17.35
CA LEU A 231 23.19 4.98 16.12
C LEU A 231 22.35 6.13 15.56
N GLY A 232 21.28 6.52 16.22
CA GLY A 232 20.47 7.62 15.77
C GLY A 232 19.47 7.30 14.67
N GLN A 233 19.14 6.03 14.46
CA GLN A 233 18.10 5.64 13.51
C GLN A 233 16.71 5.72 14.17
N ILE A 234 15.82 6.49 13.56
CA ILE A 234 14.52 6.78 14.17
C ILE A 234 13.43 5.80 13.78
N THR A 235 13.70 4.91 12.83
CA THR A 235 12.64 4.09 12.23
C THR A 235 12.43 2.83 13.08
N ASN A 236 11.67 3.01 14.16
CA ASN A 236 11.47 1.93 15.15
C ASN A 236 10.27 2.28 16.01
N CYS A 237 9.23 1.44 15.99
CA CYS A 237 8.01 1.82 16.69
C CYS A 237 8.18 1.89 18.21
N PHE A 238 9.15 1.19 18.79
CA PHE A 238 9.31 1.28 20.24
C PHE A 238 9.86 2.65 20.69
N ARG A 239 10.33 3.48 19.76
CA ARG A 239 10.63 4.86 20.09
C ARG A 239 9.38 5.65 20.47
N LEU A 240 8.19 5.17 20.11
CA LEU A 240 6.96 5.87 20.42
C LEU A 240 6.61 5.79 21.89
N CYS A 241 7.25 4.90 22.64
CA CYS A 241 6.78 4.56 23.97
C CYS A 241 7.90 4.78 24.97
N ASP A 242 7.48 4.94 26.21
CA ASP A 242 8.39 5.05 27.35
C ASP A 242 8.94 3.68 27.72
N VAL A 243 10.01 3.26 27.04
CA VAL A 243 10.62 1.95 27.30
C VAL A 243 11.24 1.90 28.69
N SER A 244 11.62 3.04 29.26
CA SER A 244 12.15 3.10 30.62
C SER A 244 11.08 2.83 31.68
N ASP A 245 9.82 2.72 31.28
CA ASP A 245 8.70 2.63 32.20
C ASP A 245 8.03 1.30 31.90
N GLU A 246 8.22 0.34 32.82
CA GLU A 246 7.77 -1.02 32.56
C GLU A 246 6.28 -1.07 32.23
N THR A 247 5.46 -0.35 33.00
CA THR A 247 4.03 -0.33 32.73
C THR A 247 3.73 0.22 31.35
N ALA A 248 4.32 1.37 31.00
CA ALA A 248 4.08 1.92 29.67
C ALA A 248 4.57 0.98 28.58
N PHE A 249 5.77 0.41 28.75
CA PHE A 249 6.24 -0.56 27.76
C PHE A 249 5.26 -1.70 27.60
N LYS A 250 4.76 -2.22 28.73
CA LYS A 250 3.84 -3.36 28.72
C LYS A 250 2.60 -3.08 27.89
N GLU A 251 1.96 -1.94 28.14
CA GLU A 251 0.75 -1.62 27.40
C GLU A 251 1.05 -1.46 25.91
N PHE A 252 2.19 -0.85 25.59
CA PHE A 252 2.53 -0.63 24.19
C PHE A 252 2.82 -1.96 23.50
N PHE A 253 3.59 -2.82 24.17
CA PHE A 253 3.91 -4.12 23.61
C PHE A 253 2.66 -4.95 23.43
N GLN A 254 1.72 -4.88 24.40
CA GLN A 254 0.46 -5.61 24.27
C GLN A 254 -0.38 -5.08 23.11
N ALA A 255 -0.41 -3.76 22.93
CA ALA A 255 -1.13 -3.21 21.77
C ALA A 255 -0.51 -3.69 20.47
N ARG A 256 0.81 -3.86 20.44
CA ARG A 256 1.46 -4.31 19.21
C ARG A 256 1.17 -5.80 18.97
N LEU A 257 1.14 -6.61 20.04
CA LEU A 257 0.72 -8.00 19.88
C LEU A 257 -0.68 -8.08 19.34
N ASP A 258 -1.59 -7.26 19.88
CA ASP A 258 -2.96 -7.29 19.39
C ASP A 258 -3.01 -6.95 17.90
N ASP A 259 -2.18 -6.00 17.47
CA ASP A 259 -2.08 -5.68 16.04
C ASP A 259 -1.69 -6.92 15.24
N MET A 260 -0.63 -7.62 15.71
CA MET A 260 -0.18 -8.80 15.01
C MET A 260 -1.27 -9.85 14.93
N ILE A 261 -1.96 -10.06 16.05
CA ILE A 261 -3.00 -11.10 16.10
C ILE A 261 -4.11 -10.78 15.13
N GLU A 262 -4.58 -9.53 15.12
CA GLU A 262 -5.71 -9.21 14.26
C GLU A 262 -5.32 -9.33 12.79
N ASP A 263 -4.10 -8.92 12.42
CA ASP A 263 -3.63 -9.18 11.07
C ASP A 263 -3.64 -10.68 10.76
N ILE A 264 -3.13 -11.49 11.68
CA ILE A 264 -3.02 -12.93 11.42
C ILE A 264 -4.38 -13.56 11.22
N GLU A 265 -5.34 -13.22 12.07
CA GLU A 265 -6.66 -13.84 11.91
C GLU A 265 -7.32 -13.34 10.62
N CYS A 266 -7.05 -12.11 10.20
CA CYS A 266 -7.57 -11.65 8.91
C CYS A 266 -6.88 -12.36 7.74
N ILE A 267 -5.59 -12.66 7.88
CA ILE A 267 -4.89 -13.39 6.83
C ILE A 267 -5.52 -14.77 6.60
N LYS A 268 -6.15 -15.35 7.63
CA LYS A 268 -6.79 -16.65 7.46
C LYS A 268 -8.02 -16.60 6.56
N ALA A 269 -8.47 -15.41 6.17
CA ALA A 269 -9.50 -15.25 5.16
C ALA A 269 -8.99 -15.50 3.76
N PHE A 270 -7.68 -15.36 3.54
CA PHE A 270 -7.15 -15.54 2.20
C PHE A 270 -7.16 -17.02 1.84
N ASP A 271 -6.90 -17.31 0.57
CA ASP A 271 -6.91 -18.69 0.10
C ASP A 271 -5.80 -19.48 0.79
N GLN A 272 -5.95 -20.82 0.76
CA GLN A 272 -5.07 -21.76 1.47
C GLN A 272 -3.59 -21.52 1.22
N LEU A 273 -3.19 -21.26 -0.02
CA LEU A 273 -1.78 -21.14 -0.32
C LEU A 273 -1.25 -19.76 0.06
N THR A 274 -2.01 -18.72 -0.27
CA THR A 274 -1.57 -17.37 0.03
C THR A 274 -1.41 -17.19 1.54
N GLN A 275 -2.35 -17.71 2.32
CA GLN A 275 -2.25 -17.51 3.75
C GLN A 275 -1.06 -18.27 4.35
N ASP A 276 -0.73 -19.44 3.80
CA ASP A 276 0.50 -20.11 4.21
C ASP A 276 1.71 -19.23 3.96
N VAL A 277 1.78 -18.60 2.78
CA VAL A 277 2.91 -17.74 2.43
C VAL A 277 2.97 -16.52 3.35
N PHE A 278 1.84 -15.86 3.60
CA PHE A 278 1.84 -14.70 4.50
C PHE A 278 2.32 -15.10 5.89
N LEU A 279 1.81 -16.20 6.42
CA LEU A 279 2.09 -16.58 7.80
C LEU A 279 3.50 -17.14 7.97
N ASP A 280 3.97 -17.93 7.01
CA ASP A 280 5.38 -18.35 7.04
C ASP A 280 6.31 -17.15 7.01
N LEU A 281 5.92 -16.09 6.30
CA LEU A 281 6.76 -14.91 6.23
C LEU A 281 6.88 -14.26 7.61
N ILE A 282 5.76 -14.04 8.30
CA ILE A 282 5.81 -13.35 9.58
C ILE A 282 6.49 -14.22 10.63
N TYR A 283 6.10 -15.48 10.69
CA TYR A 283 6.65 -16.38 11.72
C TYR A 283 8.10 -16.76 11.41
N GLY A 284 8.39 -16.99 10.13
CA GLY A 284 9.78 -17.25 9.75
C GLY A 284 10.70 -16.08 10.05
N ASN A 285 10.22 -14.85 9.83
CA ASN A 285 11.05 -13.70 10.18
C ASN A 285 11.37 -13.69 11.66
N PHE A 286 10.40 -14.08 12.49
CA PHE A 286 10.64 -14.14 13.93
C PHE A 286 11.69 -15.22 14.27
N VAL A 287 11.55 -16.39 13.66
CA VAL A 287 12.51 -17.47 13.94
C VAL A 287 13.91 -17.03 13.53
N TRP A 288 14.02 -16.44 12.34
CA TRP A 288 15.30 -15.97 11.85
C TRP A 288 15.87 -14.85 12.73
N THR A 289 15.03 -13.87 13.09
CA THR A 289 15.47 -12.73 13.89
C THR A 289 16.04 -13.18 15.24
N THR A 290 15.39 -14.14 15.90
CA THR A 290 15.89 -14.60 17.20
C THR A 290 17.08 -15.54 17.10
N SER A 291 17.41 -16.00 15.89
CA SER A 291 18.50 -16.95 15.65
C SER A 291 19.76 -16.27 15.12
N ASN A 292 19.73 -14.96 14.91
CA ASN A 292 20.72 -14.28 14.07
C ASN A 292 21.49 -13.24 14.87
N LYS A 293 22.82 -13.34 14.80
CA LYS A 293 23.72 -12.42 15.49
C LYS A 293 23.45 -10.97 15.12
N ARG A 294 22.89 -10.74 13.93
CA ARG A 294 22.50 -9.39 13.55
C ARG A 294 21.61 -8.74 14.61
N TYR A 295 20.79 -9.52 15.30
CA TYR A 295 19.78 -8.95 16.18
C TYR A 295 20.06 -9.17 17.67
N LYS A 296 21.30 -9.42 18.02
CA LYS A 296 21.69 -9.34 19.42
C LYS A 296 22.25 -7.96 19.76
N THR A 297 23.57 -7.77 19.67
CA THR A 297 24.13 -6.51 20.13
C THR A 297 24.05 -5.41 19.06
N ALA A 298 24.28 -4.19 19.53
CA ALA A 298 24.09 -3.00 18.71
C ALA A 298 25.06 -2.94 17.54
N VAL A 299 26.32 -3.34 17.75
CA VAL A 299 27.35 -3.27 16.72
C VAL A 299 28.16 -4.57 16.79
N ASN A 300 28.19 -5.33 15.69
CA ASN A 300 29.05 -6.49 15.57
C ASN A 300 29.41 -6.67 14.10
N ASP A 301 30.08 -7.78 13.78
CA ASP A 301 30.67 -7.86 12.46
C ASP A 301 29.66 -8.06 11.34
N VAL A 302 28.42 -8.43 11.65
CA VAL A 302 27.40 -8.56 10.61
C VAL A 302 26.42 -7.41 10.60
N ASN A 303 26.40 -6.53 11.61
CA ASN A 303 25.41 -5.46 11.62
C ASN A 303 25.97 -4.06 11.84
N SER A 304 27.29 -3.91 11.93
CA SER A 304 27.86 -2.58 12.07
C SER A 304 27.73 -1.84 10.75
N ARG A 305 27.67 -0.51 10.86
CA ARG A 305 27.58 0.34 9.68
C ARG A 305 28.68 0.01 8.68
N ILE A 306 28.31 -0.02 7.40
CA ILE A 306 29.28 -0.17 6.32
C ILE A 306 29.65 1.25 5.88
N GLN A 307 30.89 1.66 6.18
CA GLN A 307 31.24 3.06 5.98
C GLN A 307 32.49 3.19 5.12
N GLY B 9 -33.66 -6.46 3.00
CA GLY B 9 -32.99 -5.31 2.42
C GLY B 9 -33.53 -3.98 2.93
N ALA B 10 -34.82 -3.75 2.68
CA ALA B 10 -35.47 -2.55 3.17
C ALA B 10 -35.72 -2.57 4.68
N GLN B 11 -35.11 -3.51 5.44
CA GLN B 11 -35.18 -3.49 6.90
C GLN B 11 -33.94 -2.83 7.49
N ASP B 12 -33.67 -3.19 8.77
CA ASP B 12 -33.12 -2.31 9.81
C ASP B 12 -32.94 -0.91 9.24
N ILE B 13 -34.08 -0.23 9.12
CA ILE B 13 -34.15 1.10 8.50
C ILE B 13 -33.25 2.07 9.24
N GLY B 14 -33.21 2.01 10.57
CA GLY B 14 -32.39 2.95 11.34
C GLY B 14 -30.91 2.91 10.99
N ARG B 15 -30.45 1.79 10.43
CA ARG B 15 -29.09 1.65 9.96
C ARG B 15 -28.99 1.80 8.43
N SER B 16 -30.11 1.95 7.73
CA SER B 16 -30.04 2.02 6.27
C SER B 16 -29.70 3.41 5.74
N SER B 17 -29.48 4.41 6.60
CA SER B 17 -29.22 5.77 6.11
C SER B 17 -28.22 6.46 7.01
N VAL B 18 -27.61 7.54 6.48
CA VAL B 18 -26.98 8.55 7.31
C VAL B 18 -27.65 9.91 7.12
N ARG B 19 -28.83 9.95 6.50
CA ARG B 19 -29.61 11.18 6.36
C ARG B 19 -29.66 12.05 7.60
N PRO B 20 -29.94 11.52 8.80
CA PRO B 20 -30.04 12.41 9.97
C PRO B 20 -28.82 13.27 10.20
N TYR B 21 -27.64 12.82 9.78
CA TYR B 21 -26.37 13.46 10.09
C TYR B 21 -25.82 14.29 8.93
N LEU B 22 -26.54 14.38 7.82
CA LEU B 22 -25.97 14.94 6.60
C LEU B 22 -25.51 16.38 6.81
N GLU B 23 -26.35 17.23 7.37
CA GLU B 23 -25.97 18.64 7.47
C GLU B 23 -24.80 18.83 8.44
N GLU B 24 -24.90 18.25 9.63
CA GLU B 24 -23.85 18.49 10.62
C GLU B 24 -22.52 17.86 10.19
N CYS B 25 -22.55 16.66 9.57
CA CYS B 25 -21.30 16.07 9.10
C CYS B 25 -20.69 16.87 7.97
N THR B 26 -21.52 17.39 7.06
CA THR B 26 -20.98 18.22 5.99
C THR B 26 -20.30 19.46 6.56
N ARG B 27 -20.99 20.15 7.45
CA ARG B 27 -20.43 21.32 8.14
C ARG B 27 -19.09 20.97 8.78
N ARG B 28 -19.04 19.82 9.45
CA ARG B 28 -17.85 19.48 10.23
C ARG B 28 -16.68 19.10 9.32
N PHE B 29 -16.95 18.36 8.24
CA PHE B 29 -15.92 18.12 7.22
C PHE B 29 -15.33 19.44 6.74
N GLN B 30 -16.21 20.37 6.32
CA GLN B 30 -15.74 21.64 5.80
C GLN B 30 -14.94 22.41 6.84
N GLU B 31 -15.40 22.43 8.09
CA GLU B 31 -14.66 23.11 9.14
C GLU B 31 -13.27 22.53 9.27
N MET B 32 -13.17 21.21 9.18
CA MET B 32 -11.89 20.54 9.28
C MET B 32 -10.95 21.01 8.18
N PHE B 33 -11.40 20.95 6.92
CA PHE B 33 -10.58 21.42 5.80
C PHE B 33 -10.18 22.88 5.96
N ASP B 34 -11.11 23.74 6.41
CA ASP B 34 -10.79 25.15 6.58
C ASP B 34 -9.68 25.33 7.62
N ARG B 35 -9.70 24.53 8.68
CA ARG B 35 -8.73 24.63 9.75
C ARG B 35 -7.38 23.97 9.40
N HIS B 36 -7.36 23.00 8.49
CA HIS B 36 -6.15 22.21 8.29
C HIS B 36 -5.58 22.27 6.88
N VAL B 37 -6.41 22.41 5.84
CA VAL B 37 -5.93 22.50 4.47
C VAL B 37 -5.85 23.95 3.98
N VAL B 38 -6.95 24.70 4.12
CA VAL B 38 -7.01 26.13 3.86
C VAL B 38 -7.09 26.36 2.36
N THR B 39 -6.10 25.87 1.61
CA THR B 39 -6.09 26.01 0.16
C THR B 39 -7.39 25.49 -0.42
N ARG B 40 -7.90 26.18 -1.42
CA ARG B 40 -9.18 25.80 -2.00
C ARG B 40 -8.96 25.11 -3.34
N PRO B 41 -9.44 23.88 -3.48
CA PRO B 41 -9.26 23.15 -4.74
C PRO B 41 -9.69 23.99 -5.92
N THR B 42 -9.00 23.78 -7.05
CA THR B 42 -9.27 24.49 -8.31
C THR B 42 -9.96 23.52 -9.25
N LYS B 43 -10.84 24.02 -10.10
CA LYS B 43 -11.48 23.15 -11.09
C LYS B 43 -10.88 23.36 -12.47
N VAL B 44 -10.13 22.36 -12.96
CA VAL B 44 -9.70 22.34 -14.36
C VAL B 44 -10.93 22.40 -15.25
N GLU B 45 -10.96 23.37 -16.17
CA GLU B 45 -12.08 23.51 -17.10
C GLU B 45 -11.67 23.03 -18.48
N LEU B 46 -11.83 21.74 -18.75
CA LEU B 46 -11.57 21.16 -20.06
C LEU B 46 -12.38 21.88 -21.12
N THR B 47 -11.71 22.19 -22.24
CA THR B 47 -12.43 22.58 -23.44
C THR B 47 -13.55 21.58 -23.73
N ASP B 48 -14.68 22.13 -24.17
CA ASP B 48 -15.84 21.29 -24.47
C ASP B 48 -15.50 20.20 -25.49
N ALA B 49 -14.34 20.32 -26.16
CA ALA B 49 -13.91 19.28 -27.09
C ALA B 49 -13.05 18.24 -26.41
N GLU B 50 -12.17 18.68 -25.49
CA GLU B 50 -11.44 17.70 -24.69
C GLU B 50 -12.40 16.82 -23.91
N LEU B 51 -13.54 17.38 -23.47
CA LEU B 51 -14.52 16.61 -22.71
C LEU B 51 -15.27 15.63 -23.61
N ARG B 52 -15.69 16.05 -24.81
CA ARG B 52 -16.40 15.15 -25.72
C ARG B 52 -15.45 14.13 -26.33
N GLU B 53 -14.18 14.50 -26.52
CA GLU B 53 -13.16 13.54 -26.94
C GLU B 53 -12.84 12.56 -25.82
N VAL B 54 -12.81 13.02 -24.57
CA VAL B 54 -12.68 12.08 -23.46
C VAL B 54 -13.89 11.14 -23.45
N ILE B 55 -15.10 11.71 -23.63
CA ILE B 55 -16.31 10.90 -23.54
C ILE B 55 -16.34 9.84 -24.65
N ASP B 56 -15.85 10.17 -25.84
CA ASP B 56 -15.96 9.22 -26.95
C ASP B 56 -14.90 8.11 -26.85
N ASP B 57 -13.68 8.44 -26.40
CA ASP B 57 -12.76 7.40 -25.95
C ASP B 57 -13.39 6.55 -24.84
N CYS B 58 -14.11 7.19 -23.90
CA CYS B 58 -14.82 6.45 -22.86
C CYS B 58 -15.86 5.50 -23.46
N ASN B 59 -16.65 5.99 -24.42
CA ASN B 59 -17.68 5.15 -25.02
C ASN B 59 -17.07 3.96 -25.76
N ALA B 60 -16.05 4.22 -26.59
CA ALA B 60 -15.42 3.12 -27.33
C ALA B 60 -14.89 2.07 -26.37
N ALA B 61 -14.43 2.49 -25.20
CA ALA B 61 -13.77 1.58 -24.27
C ALA B 61 -14.77 0.71 -23.54
N VAL B 62 -16.04 1.13 -23.45
CA VAL B 62 -17.02 0.33 -22.73
C VAL B 62 -18.04 -0.32 -23.66
N ALA B 63 -18.12 0.11 -24.91
CA ALA B 63 -19.08 -0.49 -25.85
C ALA B 63 -18.99 -2.02 -25.94
N PRO B 64 -17.81 -2.65 -25.99
CA PRO B 64 -17.79 -4.12 -26.06
C PRO B 64 -18.42 -4.81 -24.85
N LEU B 65 -18.67 -4.12 -23.74
CA LEU B 65 -19.39 -4.74 -22.62
C LEU B 65 -20.90 -4.56 -22.71
N GLY B 66 -21.40 -3.76 -23.66
CA GLY B 66 -22.81 -3.78 -24.05
C GLY B 66 -23.71 -2.67 -23.50
N LYS B 67 -23.21 -1.79 -22.64
CA LYS B 67 -24.08 -0.85 -21.94
C LYS B 67 -23.78 0.58 -22.37
N THR B 68 -24.84 1.32 -22.71
CA THR B 68 -24.72 2.75 -23.04
C THR B 68 -24.56 3.58 -21.78
N VAL B 69 -23.64 4.55 -21.84
CA VAL B 69 -23.41 5.50 -20.77
C VAL B 69 -23.71 6.90 -21.31
N SER B 70 -24.59 7.62 -20.64
CA SER B 70 -24.98 8.95 -21.08
C SER B 70 -23.87 9.98 -20.80
N ASP B 71 -23.91 11.09 -21.53
CA ASP B 71 -22.98 12.18 -21.26
C ASP B 71 -23.11 12.68 -19.82
N GLU B 72 -24.35 12.80 -19.32
CA GLU B 72 -24.56 13.26 -17.94
C GLU B 72 -23.80 12.35 -16.98
N ARG B 73 -23.79 11.06 -17.29
CA ARG B 73 -23.18 10.07 -16.44
C ARG B 73 -21.68 10.18 -16.50
N TRP B 74 -21.10 10.22 -17.70
CA TRP B 74 -19.66 10.47 -17.84
C TRP B 74 -19.26 11.74 -17.08
N ILE B 75 -20.11 12.78 -17.13
CA ILE B 75 -19.77 14.04 -16.49
C ILE B 75 -19.69 13.89 -14.98
N SER B 76 -20.61 13.10 -14.40
CA SER B 76 -20.47 12.75 -12.99
C SER B 76 -19.10 12.16 -12.73
N TYR B 77 -18.82 11.00 -13.33
CA TYR B 77 -17.54 10.32 -13.13
C TYR B 77 -16.37 11.28 -13.26
N VAL B 78 -16.36 12.11 -14.30
CA VAL B 78 -15.14 12.86 -14.60
C VAL B 78 -14.89 13.98 -13.62
N GLY B 79 -15.93 14.43 -12.90
CA GLY B 79 -15.78 15.59 -12.02
C GLY B 79 -14.68 15.46 -10.99
N VAL B 80 -14.42 14.25 -10.48
CA VAL B 80 -13.39 14.12 -9.45
C VAL B 80 -12.03 14.46 -10.02
N VAL B 81 -11.79 14.11 -11.28
CA VAL B 81 -10.52 14.48 -11.89
C VAL B 81 -10.45 16.00 -12.07
N LEU B 82 -11.56 16.62 -12.49
CA LEU B 82 -11.54 18.06 -12.72
C LEU B 82 -11.31 18.83 -11.42
N TRP B 83 -11.84 18.33 -10.29
CA TRP B 83 -11.74 19.02 -9.01
C TRP B 83 -10.56 18.59 -8.15
N SER B 84 -10.00 17.40 -8.35
CA SER B 84 -9.10 16.83 -7.35
C SER B 84 -7.67 16.67 -7.83
N GLN B 85 -7.35 17.13 -9.04
CA GLN B 85 -5.96 17.27 -9.45
C GLN B 85 -5.48 18.67 -9.02
N SER B 86 -4.22 19.00 -9.29
CA SER B 86 -3.67 20.30 -8.94
C SER B 86 -3.39 21.06 -10.23
N PRO B 87 -4.33 21.91 -10.69
CA PRO B 87 -4.13 22.55 -12.00
C PRO B 87 -2.95 23.50 -12.03
N ARG B 88 -2.55 24.05 -10.88
CA ARG B 88 -1.38 24.92 -10.86
C ARG B 88 -0.09 24.18 -11.23
N HIS B 89 -0.05 22.87 -11.00
CA HIS B 89 1.14 22.05 -11.21
C HIS B 89 1.09 21.24 -12.50
N ILE B 90 0.01 21.33 -13.29
CA ILE B 90 -0.10 20.50 -14.49
C ILE B 90 1.00 20.88 -15.48
N LYS B 91 1.67 19.87 -16.04
CA LYS B 91 2.60 20.06 -17.15
C LYS B 91 2.26 19.22 -18.38
N ASP B 92 1.58 18.09 -18.21
CA ASP B 92 1.28 17.19 -19.33
C ASP B 92 -0.24 17.10 -19.40
N MET B 93 -0.83 17.79 -20.38
CA MET B 93 -2.27 17.74 -20.53
C MET B 93 -2.76 16.46 -21.18
N GLU B 94 -1.89 15.76 -21.93
CA GLU B 94 -2.24 14.43 -22.43
C GLU B 94 -2.48 13.45 -21.29
N ALA B 95 -1.53 13.34 -20.36
CA ALA B 95 -1.74 12.54 -19.15
C ALA B 95 -3.03 12.92 -18.44
N PHE B 96 -3.28 14.22 -18.29
CA PHE B 96 -4.49 14.64 -17.61
C PHE B 96 -5.72 14.06 -18.29
N LYS B 97 -5.75 14.08 -19.64
CA LYS B 97 -6.81 13.44 -20.40
C LYS B 97 -6.88 11.95 -20.12
N ALA B 98 -5.74 11.25 -20.16
CA ALA B 98 -5.72 9.83 -19.82
C ALA B 98 -6.40 9.59 -18.48
N VAL B 99 -6.08 10.40 -17.47
CA VAL B 99 -6.65 10.18 -16.15
C VAL B 99 -8.16 10.39 -16.16
N CYS B 100 -8.64 11.43 -16.88
CA CYS B 100 -10.08 11.58 -17.08
C CYS B 100 -10.69 10.32 -17.67
N VAL B 101 -10.11 9.82 -18.77
CA VAL B 101 -10.67 8.63 -19.40
C VAL B 101 -10.57 7.42 -18.47
N LEU B 102 -9.36 7.15 -17.96
CA LEU B 102 -9.13 5.95 -17.17
C LEU B 102 -9.99 5.95 -15.90
N ASN B 103 -10.06 7.10 -15.22
CA ASN B 103 -10.99 7.22 -14.11
C ASN B 103 -12.41 6.86 -14.52
N CYS B 104 -12.89 7.43 -15.63
CA CYS B 104 -14.30 7.25 -15.97
C CYS B 104 -14.62 5.81 -16.35
N VAL B 105 -13.78 5.18 -17.18
CA VAL B 105 -14.18 3.85 -17.66
C VAL B 105 -14.05 2.81 -16.55
N THR B 106 -13.12 3.00 -15.61
CA THR B 106 -13.09 2.05 -14.50
C THR B 106 -14.16 2.38 -13.45
N PHE B 107 -14.68 3.61 -13.44
CA PHE B 107 -15.88 3.89 -12.66
C PHE B 107 -17.08 3.10 -13.18
N VAL B 108 -17.21 3.01 -14.51
CA VAL B 108 -18.25 2.17 -15.11
C VAL B 108 -18.11 0.73 -14.62
N TRP B 109 -16.88 0.21 -14.66
CA TRP B 109 -16.59 -1.14 -14.19
C TRP B 109 -17.02 -1.32 -12.73
N ASP B 110 -16.79 -0.29 -11.91
CA ASP B 110 -17.19 -0.29 -10.50
C ASP B 110 -18.70 -0.37 -10.35
N ASP B 111 -19.44 0.29 -11.24
CA ASP B 111 -20.90 0.27 -11.22
C ASP B 111 -21.51 -0.90 -11.98
N MET B 112 -20.71 -1.78 -12.57
CA MET B 112 -21.19 -2.87 -13.38
C MET B 112 -21.36 -4.10 -12.50
N ASP B 113 -22.52 -4.72 -12.54
CA ASP B 113 -22.49 -6.02 -11.93
C ASP B 113 -21.77 -7.01 -12.86
N PRO B 114 -21.25 -8.11 -12.32
CA PRO B 114 -20.04 -8.71 -12.92
C PRO B 114 -20.28 -9.48 -14.19
N ALA B 115 -21.53 -9.60 -14.66
CA ALA B 115 -21.78 -10.35 -15.89
C ALA B 115 -21.42 -9.56 -17.15
N LEU B 116 -21.18 -8.27 -17.03
CA LEU B 116 -20.69 -7.52 -18.17
C LEU B 116 -19.18 -7.29 -18.10
N HIS B 117 -18.52 -7.67 -17.01
CA HIS B 117 -17.07 -7.62 -16.95
C HIS B 117 -16.52 -8.59 -18.00
N ASP B 118 -15.82 -8.08 -18.99
CA ASP B 118 -15.13 -8.92 -19.98
C ASP B 118 -13.66 -8.47 -20.06
N PHE B 119 -12.78 -9.18 -19.36
CA PHE B 119 -11.37 -8.80 -19.35
C PHE B 119 -10.78 -8.86 -20.75
N GLY B 120 -11.11 -9.89 -21.51
CA GLY B 120 -10.50 -10.07 -22.82
C GLY B 120 -10.78 -8.92 -23.78
N LEU B 121 -11.91 -8.24 -23.58
CA LEU B 121 -12.25 -7.12 -24.45
C LEU B 121 -11.85 -5.78 -23.83
N PHE B 122 -11.96 -5.67 -22.51
CA PHE B 122 -11.74 -4.38 -21.86
C PHE B 122 -10.25 -4.07 -21.64
N LEU B 123 -9.44 -5.05 -21.24
CA LEU B 123 -8.01 -4.77 -21.06
C LEU B 123 -7.33 -4.18 -22.29
N PRO B 124 -7.56 -4.67 -23.52
CA PRO B 124 -6.93 -4.03 -24.69
C PRO B 124 -7.28 -2.56 -24.85
N GLN B 125 -8.49 -2.16 -24.48
CA GLN B 125 -8.88 -0.74 -24.51
C GLN B 125 -8.08 0.07 -23.50
N LEU B 126 -7.84 -0.49 -22.31
CA LEU B 126 -7.02 0.22 -21.33
C LEU B 126 -5.60 0.42 -21.86
N ARG B 127 -5.06 -0.56 -22.59
CA ARG B 127 -3.73 -0.38 -23.16
C ARG B 127 -3.77 0.57 -24.36
N LYS B 128 -4.85 0.55 -25.15
CA LYS B 128 -4.98 1.53 -26.23
C LYS B 128 -5.06 2.96 -25.67
N ILE B 129 -5.56 3.12 -24.44
CA ILE B 129 -5.66 4.46 -23.86
C ILE B 129 -4.31 4.91 -23.31
N CYS B 130 -3.65 4.02 -22.57
CA CYS B 130 -2.39 4.39 -21.95
C CYS B 130 -1.33 4.72 -22.99
N GLU B 131 -1.45 4.16 -24.20
CA GLU B 131 -0.47 4.41 -25.24
C GLU B 131 -0.68 5.75 -25.93
N LYS B 132 -1.93 6.14 -26.13
CA LYS B 132 -2.22 7.42 -26.75
C LYS B 132 -1.63 8.59 -25.98
N TYR B 133 -1.70 8.54 -24.64
CA TYR B 133 -1.46 9.72 -23.82
C TYR B 133 -0.18 9.70 -23.00
N TYR B 134 0.48 8.54 -22.84
CA TYR B 134 1.64 8.43 -21.96
C TYR B 134 2.92 8.05 -22.71
N GLY B 135 4.04 8.58 -22.21
CA GLY B 135 5.35 8.10 -22.58
C GLY B 135 5.48 6.61 -22.36
N PRO B 136 6.36 5.98 -23.12
CA PRO B 136 6.34 4.50 -23.17
C PRO B 136 6.48 3.81 -21.83
N GLU B 137 7.32 4.35 -20.93
CA GLU B 137 7.51 3.75 -19.61
C GLU B 137 6.31 4.03 -18.69
N ASP B 138 5.85 5.28 -18.64
CA ASP B 138 4.68 5.59 -17.80
C ASP B 138 3.42 4.91 -18.31
N ALA B 139 3.35 4.65 -19.62
CA ALA B 139 2.21 3.92 -20.17
C ALA B 139 2.11 2.52 -19.59
N GLU B 140 3.25 1.91 -19.28
CA GLU B 140 3.17 0.56 -18.74
C GLU B 140 2.83 0.59 -17.26
N VAL B 141 3.30 1.62 -16.54
CA VAL B 141 2.89 1.80 -15.15
C VAL B 141 1.39 2.10 -15.06
N ALA B 142 0.91 3.07 -15.82
CA ALA B 142 -0.52 3.40 -15.77
C ALA B 142 -1.38 2.21 -16.17
N TYR B 143 -0.93 1.42 -17.15
CA TYR B 143 -1.70 0.26 -17.55
C TYR B 143 -1.77 -0.80 -16.45
N GLU B 144 -0.63 -1.14 -15.83
CA GLU B 144 -0.65 -2.15 -14.76
C GLU B 144 -1.54 -1.69 -13.61
N ALA B 145 -1.48 -0.42 -13.25
CA ALA B 145 -2.35 0.08 -12.18
C ALA B 145 -3.82 -0.07 -12.54
N ALA B 146 -4.21 0.25 -13.79
CA ALA B 146 -5.60 0.09 -14.19
C ALA B 146 -6.01 -1.38 -14.18
N ARG B 147 -5.15 -2.25 -14.73
CA ARG B 147 -5.39 -3.68 -14.71
C ARG B 147 -5.56 -4.19 -13.27
N ALA B 148 -4.63 -3.84 -12.40
CA ALA B 148 -4.72 -4.30 -11.00
C ALA B 148 -6.01 -3.79 -10.35
N PHE B 149 -6.41 -2.55 -10.62
CA PHE B 149 -7.67 -2.08 -10.05
C PHE B 149 -8.86 -2.89 -10.58
N VAL B 150 -8.98 -3.06 -11.90
CA VAL B 150 -10.19 -3.70 -12.39
C VAL B 150 -10.18 -5.18 -12.02
N THR B 151 -9.01 -5.78 -11.86
CA THR B 151 -8.95 -7.15 -11.39
C THR B 151 -9.35 -7.25 -9.92
N SER B 152 -8.91 -6.28 -9.10
CA SER B 152 -9.31 -6.25 -7.70
C SER B 152 -10.82 -6.08 -7.55
N ASP B 153 -11.41 -5.09 -8.26
CA ASP B 153 -12.84 -4.88 -8.10
C ASP B 153 -13.62 -6.15 -8.45
N HIS B 154 -13.19 -6.84 -9.51
CA HIS B 154 -13.88 -8.07 -9.93
C HIS B 154 -13.64 -9.20 -8.93
N MET B 155 -12.37 -9.52 -8.63
CA MET B 155 -12.11 -10.71 -7.83
C MET B 155 -12.66 -10.56 -6.42
N PHE B 156 -12.83 -9.33 -5.92
CA PHE B 156 -13.31 -9.16 -4.56
C PHE B 156 -14.83 -9.06 -4.44
N ARG B 157 -15.59 -9.20 -5.53
CA ARG B 157 -17.04 -9.12 -5.44
C ARG B 157 -17.61 -10.20 -4.52
N ASP B 158 -17.10 -11.42 -4.65
CA ASP B 158 -17.60 -12.48 -3.77
C ASP B 158 -16.54 -12.98 -2.78
N SER B 159 -15.56 -12.12 -2.45
CA SER B 159 -14.52 -12.72 -1.60
C SER B 159 -14.88 -12.63 -0.12
N PRO B 160 -14.77 -13.76 0.57
CA PRO B 160 -14.72 -13.71 2.04
C PRO B 160 -13.59 -12.83 2.55
N ILE B 161 -12.57 -12.58 1.74
CA ILE B 161 -11.51 -11.67 2.19
C ILE B 161 -12.08 -10.27 2.38
N LYS B 162 -12.90 -9.82 1.43
CA LYS B 162 -13.52 -8.51 1.58
C LYS B 162 -14.39 -8.45 2.82
N ALA B 163 -15.18 -9.51 3.05
CA ALA B 163 -15.96 -9.56 4.29
C ALA B 163 -15.07 -9.46 5.51
N ALA B 164 -13.96 -10.19 5.54
CA ALA B 164 -13.07 -10.10 6.69
C ALA B 164 -12.53 -8.67 6.85
N LEU B 165 -11.98 -8.10 5.78
CA LEU B 165 -11.32 -6.79 5.90
C LEU B 165 -12.33 -5.67 6.17
N CYS B 166 -13.57 -5.81 5.70
CA CYS B 166 -14.55 -4.75 5.87
C CYS B 166 -15.45 -4.92 7.10
N THR B 167 -15.28 -6.00 7.85
CA THR B 167 -16.12 -6.22 9.03
C THR B 167 -15.31 -6.52 10.29
N THR B 168 -14.08 -5.99 10.42
CA THR B 168 -13.21 -6.28 11.57
C THR B 168 -12.70 -5.03 12.28
N SER B 169 -12.02 -4.13 11.59
CA SER B 169 -11.52 -2.90 12.20
C SER B 169 -11.41 -1.83 11.13
N PRO B 170 -11.42 -0.54 11.51
CA PRO B 170 -11.18 0.51 10.50
C PRO B 170 -9.84 0.33 9.80
N GLU B 171 -8.85 -0.18 10.51
CA GLU B 171 -7.51 -0.24 9.95
C GLU B 171 -7.31 -1.49 9.08
N GLN B 172 -8.12 -2.53 9.27
CA GLN B 172 -8.18 -3.56 8.21
C GLN B 172 -8.90 -3.01 6.99
N TYR B 173 -9.97 -2.26 7.24
CA TYR B 173 -10.80 -1.76 6.14
C TYR B 173 -10.02 -0.80 5.26
N PHE B 174 -9.36 0.19 5.86
CA PHE B 174 -8.62 1.16 5.06
C PHE B 174 -7.48 0.49 4.30
N ARG B 175 -6.93 -0.58 4.88
CA ARG B 175 -5.96 -1.39 4.15
C ARG B 175 -6.52 -1.90 2.83
N PHE B 176 -7.75 -2.41 2.86
CA PHE B 176 -8.40 -2.85 1.61
C PHE B 176 -8.57 -1.69 0.63
N ARG B 177 -8.90 -0.50 1.16
CA ARG B 177 -9.29 0.60 0.29
C ARG B 177 -8.12 1.30 -0.36
N VAL B 178 -6.88 1.07 0.12
CA VAL B 178 -5.73 1.65 -0.60
C VAL B 178 -5.80 1.29 -2.07
N THR B 179 -6.19 0.05 -2.36
CA THR B 179 -6.42 -0.40 -3.73
C THR B 179 -7.87 -0.17 -4.18
N ASP B 180 -8.82 -0.58 -3.35
CA ASP B 180 -10.19 -0.68 -3.82
C ASP B 180 -10.83 0.69 -4.09
N ILE B 181 -10.45 1.74 -3.36
CA ILE B 181 -10.99 3.03 -3.76
C ILE B 181 -10.24 3.61 -4.94
N GLY B 182 -9.30 2.88 -5.53
CA GLY B 182 -8.63 3.31 -6.73
C GLY B 182 -7.57 4.39 -6.56
N VAL B 183 -7.20 4.74 -5.32
CA VAL B 183 -6.26 5.83 -5.14
C VAL B 183 -4.84 5.43 -5.54
N ASP B 184 -4.44 4.19 -5.30
CA ASP B 184 -3.12 3.80 -5.77
C ASP B 184 -3.04 3.92 -7.29
N PHE B 185 -4.07 3.47 -7.97
CA PHE B 185 -4.11 3.53 -9.43
C PHE B 185 -4.14 5.00 -9.88
N TRP B 186 -4.91 5.82 -9.18
CA TRP B 186 -4.93 7.26 -9.41
C TRP B 186 -3.54 7.87 -9.37
N MET B 187 -2.77 7.57 -8.32
CA MET B 187 -1.44 8.14 -8.20
C MET B 187 -0.54 7.66 -9.34
N LYS B 188 -0.63 6.36 -9.67
CA LYS B 188 0.28 5.80 -10.66
C LYS B 188 -0.10 6.20 -12.08
N MET B 189 -1.28 6.79 -12.29
CA MET B 189 -1.60 7.36 -13.59
C MET B 189 -1.51 8.89 -13.60
N SER B 190 -1.49 9.54 -12.44
CA SER B 190 -1.43 10.99 -12.33
C SER B 190 -0.02 11.55 -12.28
N TYR B 191 1.00 10.78 -11.89
CA TYR B 191 2.32 11.37 -11.80
C TYR B 191 2.82 11.92 -13.15
N PRO B 192 2.51 11.34 -14.31
CA PRO B 192 2.94 12.01 -15.55
C PRO B 192 2.29 13.38 -15.76
N ILE B 193 1.18 13.68 -15.09
CA ILE B 193 0.60 15.02 -15.19
C ILE B 193 1.61 16.08 -14.72
N TYR B 194 2.32 15.78 -13.63
CA TYR B 194 3.14 16.75 -12.92
C TYR B 194 4.63 16.68 -13.28
N ARG B 195 5.16 15.50 -13.57
CA ARG B 195 6.57 15.30 -13.92
C ARG B 195 7.47 15.89 -12.83
N HIS B 196 7.13 15.56 -11.60
CA HIS B 196 7.82 16.04 -10.41
C HIS B 196 8.50 14.85 -9.74
N PRO B 197 9.83 14.83 -9.64
CA PRO B 197 10.52 13.59 -9.25
C PRO B 197 10.05 12.97 -7.95
N GLU B 198 10.02 13.73 -6.85
CA GLU B 198 9.59 13.17 -5.57
C GLU B 198 8.16 12.66 -5.63
N PHE B 199 7.26 13.38 -6.29
CA PHE B 199 5.89 12.86 -6.33
C PHE B 199 5.80 11.58 -7.13
N THR B 200 6.60 11.48 -8.20
CA THR B 200 6.67 10.24 -8.95
C THR B 200 7.13 9.08 -8.06
N GLU B 201 8.13 9.30 -7.20
CA GLU B 201 8.55 8.20 -6.32
C GLU B 201 7.46 7.86 -5.30
N HIS B 202 6.84 8.88 -4.67
CA HIS B 202 5.79 8.59 -3.71
C HIS B 202 4.63 7.86 -4.36
N ALA B 203 4.38 8.15 -5.64
CA ALA B 203 3.35 7.43 -6.38
C ALA B 203 3.75 5.96 -6.56
N LYS B 204 4.98 5.71 -6.99
CA LYS B 204 5.35 4.34 -7.32
C LYS B 204 5.61 3.47 -6.10
N THR B 205 5.97 4.04 -4.95
CA THR B 205 6.02 3.27 -3.71
C THR B 205 4.64 3.05 -3.10
N SER B 206 3.62 3.78 -3.57
CA SER B 206 2.26 3.78 -3.02
C SER B 206 2.17 4.52 -1.68
N LEU B 207 3.27 5.12 -1.19
CA LEU B 207 3.15 5.99 -0.01
C LEU B 207 2.18 7.14 -0.28
N ALA B 208 2.17 7.64 -1.51
CA ALA B 208 1.18 8.66 -1.87
C ALA B 208 -0.23 8.16 -1.63
N ALA B 209 -0.53 6.96 -2.11
CA ALA B 209 -1.85 6.38 -1.89
C ALA B 209 -2.11 6.14 -0.40
N ARG B 210 -1.11 5.63 0.32
CA ARG B 210 -1.35 5.33 1.73
C ARG B 210 -1.62 6.60 2.54
N MET B 211 -1.05 7.74 2.14
CA MET B 211 -1.29 8.97 2.92
C MET B 211 -2.67 9.55 2.66
N THR B 212 -3.27 9.28 1.50
CA THR B 212 -4.52 9.93 1.10
C THR B 212 -5.73 9.03 1.20
N THR B 213 -5.53 7.74 1.49
CA THR B 213 -6.64 6.76 1.47
C THR B 213 -7.74 7.14 2.45
N ARG B 214 -7.38 7.46 3.69
CA ARG B 214 -8.45 7.70 4.67
C ARG B 214 -9.25 8.96 4.34
N GLY B 215 -8.57 10.02 3.92
CA GLY B 215 -9.27 11.25 3.59
C GLY B 215 -10.26 11.06 2.46
N LEU B 216 -9.85 10.31 1.42
CA LEU B 216 -10.78 10.04 0.33
C LEU B 216 -11.91 9.13 0.78
N THR B 217 -11.56 8.06 1.50
CA THR B 217 -12.50 7.00 1.76
C THR B 217 -13.57 7.43 2.76
N ILE B 218 -13.17 8.12 3.82
CA ILE B 218 -14.13 8.50 4.84
C ILE B 218 -15.21 9.40 4.23
N VAL B 219 -14.78 10.34 3.39
CA VAL B 219 -15.73 11.22 2.69
C VAL B 219 -16.58 10.41 1.72
N ASN B 220 -15.96 9.58 0.88
CA ASN B 220 -16.76 8.79 -0.05
C ASN B 220 -17.76 7.92 0.70
N ASP B 221 -17.30 7.23 1.75
CA ASP B 221 -18.18 6.33 2.48
C ASP B 221 -19.37 7.07 3.06
N PHE B 222 -19.16 8.26 3.61
CA PHE B 222 -20.27 8.95 4.26
C PHE B 222 -21.37 9.23 3.25
N TYR B 223 -21.01 9.76 2.09
CA TYR B 223 -22.00 10.20 1.13
C TYR B 223 -22.49 9.07 0.21
N SER B 224 -21.83 7.91 0.16
CA SER B 224 -22.34 6.80 -0.64
C SER B 224 -22.97 5.71 0.22
N TYR B 225 -23.03 5.91 1.54
CA TYR B 225 -23.57 4.92 2.46
C TYR B 225 -24.98 4.47 2.07
N ASP B 226 -25.87 5.42 1.80
CA ASP B 226 -27.26 5.04 1.57
C ASP B 226 -27.41 4.16 0.34
N ARG B 227 -26.73 4.53 -0.75
CA ARG B 227 -26.81 3.71 -1.95
C ARG B 227 -26.21 2.33 -1.70
N GLU B 228 -25.03 2.30 -1.10
CA GLU B 228 -24.33 1.02 -0.94
C GLU B 228 -25.09 0.06 -0.04
N VAL B 229 -25.69 0.57 1.04
CA VAL B 229 -26.39 -0.36 1.92
C VAL B 229 -27.70 -0.83 1.28
N SER B 230 -28.36 0.02 0.47
CA SER B 230 -29.55 -0.47 -0.22
C SER B 230 -29.20 -1.48 -1.32
N LEU B 231 -27.93 -1.57 -1.70
CA LEU B 231 -27.47 -2.56 -2.67
C LEU B 231 -26.83 -3.79 -2.02
N GLY B 232 -26.79 -3.87 -0.70
CA GLY B 232 -26.09 -4.95 -0.02
C GLY B 232 -24.59 -4.86 -0.10
N GLN B 233 -24.04 -3.74 -0.56
CA GLN B 233 -22.60 -3.57 -0.65
C GLN B 233 -22.02 -3.31 0.74
N ILE B 234 -20.88 -3.95 1.05
CA ILE B 234 -20.34 -3.93 2.41
C ILE B 234 -19.09 -3.06 2.52
N THR B 235 -18.58 -2.50 1.43
CA THR B 235 -17.32 -1.76 1.47
C THR B 235 -17.59 -0.30 1.86
N ASN B 236 -17.72 -0.08 3.16
CA ASN B 236 -18.06 1.24 3.70
C ASN B 236 -17.76 1.27 5.19
N CYS B 237 -16.90 2.19 5.64
CA CYS B 237 -16.46 2.14 7.03
C CYS B 237 -17.59 2.45 8.02
N PHE B 238 -18.65 3.13 7.59
CA PHE B 238 -19.71 3.40 8.55
C PHE B 238 -20.57 2.17 8.85
N ARG B 239 -20.41 1.06 8.11
CA ARG B 239 -21.00 -0.20 8.56
C ARG B 239 -20.32 -0.73 9.82
N LEU B 240 -19.14 -0.24 10.17
CA LEU B 240 -18.47 -0.67 11.38
C LEU B 240 -19.16 -0.18 12.65
N CYS B 241 -19.86 0.96 12.60
CA CYS B 241 -20.48 1.52 13.78
C CYS B 241 -21.98 1.35 13.66
N ASP B 242 -22.69 1.65 14.75
CA ASP B 242 -24.15 1.56 14.75
C ASP B 242 -24.69 2.93 14.39
N VAL B 243 -24.93 3.15 13.09
CA VAL B 243 -25.41 4.46 12.65
C VAL B 243 -26.77 4.81 13.24
N SER B 244 -27.60 3.81 13.59
CA SER B 244 -28.87 4.10 14.24
C SER B 244 -28.72 4.54 15.69
N ASP B 245 -27.50 4.59 16.21
CA ASP B 245 -27.21 5.02 17.57
C ASP B 245 -26.50 6.35 17.46
N GLU B 246 -27.17 7.43 17.88
CA GLU B 246 -26.60 8.75 17.67
C GLU B 246 -25.26 8.91 18.38
N THR B 247 -25.18 8.54 19.65
CA THR B 247 -23.93 8.66 20.40
C THR B 247 -22.83 7.84 19.73
N ALA B 248 -23.12 6.59 19.38
CA ALA B 248 -22.12 5.75 18.75
C ALA B 248 -21.68 6.32 17.41
N PHE B 249 -22.64 6.78 16.60
CA PHE B 249 -22.29 7.31 15.28
C PHE B 249 -21.31 8.46 15.40
N LYS B 250 -21.66 9.48 16.20
CA LYS B 250 -20.86 10.68 16.17
C LYS B 250 -19.53 10.46 16.91
N GLU B 251 -19.46 9.47 17.79
CA GLU B 251 -18.16 9.10 18.36
C GLU B 251 -17.26 8.47 17.30
N PHE B 252 -17.81 7.55 16.50
CA PHE B 252 -17.09 6.99 15.37
C PHE B 252 -16.72 8.08 14.37
N PHE B 253 -17.66 8.99 14.09
CA PHE B 253 -17.38 10.03 13.10
C PHE B 253 -16.23 10.91 13.55
N GLN B 254 -16.19 11.27 14.84
CA GLN B 254 -15.06 12.04 15.35
C GLN B 254 -13.76 11.25 15.25
N ALA B 255 -13.80 9.96 15.55
CA ALA B 255 -12.62 9.13 15.34
C ALA B 255 -12.13 9.25 13.89
N ARG B 256 -13.07 9.23 12.92
CA ARG B 256 -12.66 9.31 11.52
C ARG B 256 -12.13 10.71 11.18
N LEU B 257 -12.74 11.77 11.73
CA LEU B 257 -12.18 13.11 11.57
C LEU B 257 -10.76 13.18 12.08
N ASP B 258 -10.50 12.66 13.28
CA ASP B 258 -9.14 12.65 13.82
C ASP B 258 -8.20 11.92 12.88
N ASP B 259 -8.64 10.80 12.30
CA ASP B 259 -7.85 10.11 11.29
C ASP B 259 -7.46 11.05 10.15
N MET B 260 -8.44 11.78 9.63
CA MET B 260 -8.18 12.69 8.52
C MET B 260 -7.19 13.77 8.92
N ILE B 261 -7.39 14.35 10.11
CA ILE B 261 -6.52 15.42 10.58
C ILE B 261 -5.10 14.93 10.74
N GLU B 262 -4.93 13.76 11.35
CA GLU B 262 -3.60 13.22 11.52
C GLU B 262 -2.89 13.02 10.17
N ASP B 263 -3.59 12.47 9.17
CA ASP B 263 -3.01 12.31 7.84
C ASP B 263 -2.63 13.66 7.24
N ILE B 264 -3.56 14.62 7.32
CA ILE B 264 -3.29 15.92 6.71
C ILE B 264 -2.09 16.60 7.35
N GLU B 265 -1.98 16.53 8.68
CA GLU B 265 -0.86 17.19 9.34
C GLU B 265 0.46 16.48 9.03
N CYS B 266 0.44 15.16 8.82
CA CYS B 266 1.65 14.48 8.34
C CYS B 266 1.93 14.79 6.87
N ILE B 267 0.90 14.93 6.05
CA ILE B 267 1.11 15.27 4.64
C ILE B 267 1.90 16.58 4.50
N LYS B 268 1.78 17.48 5.47
CA LYS B 268 2.51 18.74 5.36
C LYS B 268 4.04 18.57 5.47
N ALA B 269 4.51 17.41 5.93
CA ALA B 269 5.96 17.18 5.94
C ALA B 269 6.52 16.91 4.54
N PHE B 270 5.68 16.62 3.54
CA PHE B 270 6.20 16.38 2.21
C PHE B 270 6.58 17.71 1.55
N ASP B 271 7.24 17.66 0.38
CA ASP B 271 7.56 18.88 -0.36
C ASP B 271 6.26 19.57 -0.77
N GLN B 272 6.37 20.84 -1.16
CA GLN B 272 5.16 21.64 -1.36
C GLN B 272 4.35 21.16 -2.56
N LEU B 273 5.02 20.86 -3.68
CA LEU B 273 4.27 20.34 -4.84
C LEU B 273 3.51 19.09 -4.45
N THR B 274 4.22 18.09 -3.91
CA THR B 274 3.56 16.85 -3.49
C THR B 274 2.44 17.13 -2.49
N GLN B 275 2.68 17.98 -1.49
CA GLN B 275 1.70 18.16 -0.43
C GLN B 275 0.44 18.86 -0.95
N ASP B 276 0.57 19.82 -1.86
CA ASP B 276 -0.64 20.47 -2.35
C ASP B 276 -1.35 19.57 -3.37
N VAL B 277 -0.62 18.65 -4.01
CA VAL B 277 -1.29 17.61 -4.81
C VAL B 277 -2.10 16.67 -3.90
N PHE B 278 -1.47 16.18 -2.83
CA PHE B 278 -2.19 15.32 -1.89
C PHE B 278 -3.43 16.03 -1.33
N LEU B 279 -3.25 17.28 -0.90
CA LEU B 279 -4.34 17.96 -0.21
C LEU B 279 -5.45 18.37 -1.18
N ASP B 280 -5.09 18.74 -2.43
CA ASP B 280 -6.13 19.03 -3.42
C ASP B 280 -6.91 17.76 -3.74
N LEU B 281 -6.27 16.61 -3.72
CA LEU B 281 -6.98 15.36 -3.94
C LEU B 281 -8.04 15.14 -2.87
N ILE B 282 -7.65 15.24 -1.59
CA ILE B 282 -8.59 14.96 -0.52
C ILE B 282 -9.69 16.02 -0.48
N TYR B 283 -9.29 17.28 -0.50
CA TYR B 283 -10.28 18.34 -0.37
C TYR B 283 -11.12 18.47 -1.65
N GLY B 284 -10.48 18.33 -2.81
CA GLY B 284 -11.23 18.34 -4.05
C GLY B 284 -12.22 17.20 -4.14
N ASN B 285 -11.87 16.01 -3.64
CA ASN B 285 -12.83 14.92 -3.65
C ASN B 285 -14.05 15.27 -2.81
N PHE B 286 -13.85 16.00 -1.72
CA PHE B 286 -14.97 16.38 -0.87
C PHE B 286 -15.87 17.39 -1.58
N VAL B 287 -15.28 18.36 -2.28
CA VAL B 287 -16.10 19.33 -3.01
C VAL B 287 -16.91 18.64 -4.10
N TRP B 288 -16.23 17.80 -4.90
CA TRP B 288 -16.90 17.02 -5.93
C TRP B 288 -18.00 16.15 -5.36
N THR B 289 -17.69 15.41 -4.28
CA THR B 289 -18.65 14.46 -3.72
C THR B 289 -19.92 15.18 -3.26
N THR B 290 -19.79 16.38 -2.68
CA THR B 290 -20.94 17.06 -2.13
C THR B 290 -21.75 17.81 -3.18
N SER B 291 -21.25 17.93 -4.41
CA SER B 291 -22.02 18.62 -5.44
C SER B 291 -22.42 17.72 -6.60
N ASN B 292 -22.21 16.41 -6.51
CA ASN B 292 -22.50 15.48 -7.60
C ASN B 292 -23.75 14.69 -7.26
N LYS B 293 -24.68 14.61 -8.20
CA LYS B 293 -25.95 13.95 -7.93
C LYS B 293 -25.76 12.45 -7.71
N ARG B 294 -24.60 11.90 -8.11
CA ARG B 294 -24.23 10.55 -7.73
C ARG B 294 -24.33 10.33 -6.23
N TYR B 295 -23.94 11.32 -5.44
CA TYR B 295 -23.94 11.15 -3.99
C TYR B 295 -25.13 11.84 -3.33
N LYS B 296 -26.22 12.07 -4.07
CA LYS B 296 -27.39 12.82 -3.61
C LYS B 296 -28.74 12.26 -4.05
N THR B 297 -28.97 10.95 -4.05
CA THR B 297 -30.29 10.48 -4.47
C THR B 297 -30.63 9.07 -4.00
N ALA B 298 -31.93 8.86 -3.78
CA ALA B 298 -32.42 7.49 -3.67
C ALA B 298 -32.85 6.97 -5.05
N VAL B 299 -32.24 7.51 -6.13
CA VAL B 299 -32.17 6.97 -7.48
C VAL B 299 -31.53 8.02 -8.38
N ASN B 300 -30.48 7.64 -9.12
CA ASN B 300 -30.09 8.57 -10.17
C ASN B 300 -29.75 7.79 -11.43
N ASP B 301 -29.92 8.45 -12.56
CA ASP B 301 -29.59 7.94 -13.87
C ASP B 301 -28.08 7.82 -14.08
N VAL B 302 -27.28 8.04 -13.04
CA VAL B 302 -25.83 8.03 -13.19
C VAL B 302 -25.10 7.16 -12.17
N ASN B 303 -25.80 6.33 -11.37
CA ASN B 303 -25.14 5.45 -10.41
C ASN B 303 -25.99 4.25 -10.00
N SER B 304 -27.18 4.05 -10.59
CA SER B 304 -28.11 3.05 -10.09
C SER B 304 -28.46 1.97 -11.12
N ARG B 305 -29.45 1.14 -10.77
CA ARG B 305 -29.24 -0.29 -10.94
C ARG B 305 -30.17 -1.00 -11.93
N ILE B 306 -29.59 -1.88 -12.74
CA ILE B 306 -30.33 -2.92 -13.46
C ILE B 306 -29.93 -4.25 -12.79
N GLN B 307 -30.91 -5.06 -12.37
CA GLN B 307 -30.74 -5.93 -11.22
C GLN B 307 -32.07 -6.38 -10.63
N ALA B 308 -33.13 -6.32 -11.42
CA ALA B 308 -34.47 -6.43 -10.79
C ALA B 308 -34.81 -7.85 -10.27
N GLY A 14 17.72 5.05 30.57
CA GLY A 14 16.50 4.26 30.64
C GLY A 14 15.97 3.77 29.31
N ARG A 15 15.69 4.68 28.38
CA ARG A 15 15.26 4.30 27.04
C ARG A 15 16.42 3.93 26.13
N SER A 16 17.59 3.73 26.69
CA SER A 16 18.76 3.27 25.98
C SER A 16 18.57 1.88 25.35
N SER A 17 17.64 1.07 25.83
CA SER A 17 17.68 -0.35 25.50
C SER A 17 16.36 -1.03 25.84
N VAL A 18 16.09 -2.15 25.17
CA VAL A 18 14.98 -3.01 25.54
C VAL A 18 15.46 -4.36 26.05
N ARG A 19 16.78 -4.54 26.16
CA ARG A 19 17.36 -5.80 26.65
C ARG A 19 16.72 -6.33 27.94
N PRO A 20 16.34 -5.52 28.93
CA PRO A 20 15.68 -6.11 30.10
C PRO A 20 14.37 -6.82 29.82
N TYR A 21 13.70 -6.54 28.70
CA TYR A 21 12.46 -7.22 28.35
C TYR A 21 12.67 -8.38 27.39
N LEU A 22 13.91 -8.70 27.07
CA LEU A 22 14.18 -9.62 25.96
C LEU A 22 13.50 -10.97 26.18
N GLU A 23 13.69 -11.56 27.36
CA GLU A 23 13.19 -12.91 27.58
C GLU A 23 11.67 -12.97 27.56
N GLU A 24 11.00 -12.10 28.31
CA GLU A 24 9.55 -12.16 28.35
C GLU A 24 8.93 -11.81 26.99
N CYS A 25 9.49 -10.82 26.28
CA CYS A 25 8.94 -10.47 24.97
C CYS A 25 9.15 -11.59 23.96
N THR A 26 10.35 -12.18 23.93
CA THR A 26 10.57 -13.38 23.11
C THR A 26 9.55 -14.48 23.44
N ARG A 27 9.38 -14.81 24.72
CA ARG A 27 8.38 -15.81 25.11
C ARG A 27 6.98 -15.44 24.61
N ARG A 28 6.61 -14.18 24.74
CA ARG A 28 5.26 -13.79 24.39
C ARG A 28 5.03 -13.83 22.88
N PHE A 29 6.01 -13.37 22.09
CA PHE A 29 5.94 -13.54 20.64
C PHE A 29 5.71 -15.02 20.27
N GLN A 30 6.51 -15.91 20.84
CA GLN A 30 6.38 -17.31 20.47
C GLN A 30 5.02 -17.87 20.88
N GLU A 31 4.54 -17.53 22.08
CA GLU A 31 3.23 -18.01 22.49
C GLU A 31 2.15 -17.55 21.52
N MET A 32 2.22 -16.28 21.13
CA MET A 32 1.24 -15.75 20.19
C MET A 32 1.25 -16.57 18.90
N PHE A 33 2.43 -16.81 18.35
CA PHE A 33 2.51 -17.63 17.13
C PHE A 33 1.94 -19.04 17.31
N ASP A 34 2.20 -19.65 18.48
CA ASP A 34 1.74 -21.04 18.66
C ASP A 34 0.23 -21.11 18.75
N ARG A 35 -0.41 -20.07 19.27
CA ARG A 35 -1.84 -20.07 19.44
C ARG A 35 -2.57 -19.71 18.15
N HIS A 36 -1.96 -18.91 17.30
CA HIS A 36 -2.65 -18.36 16.14
C HIS A 36 -2.13 -18.85 14.80
N VAL A 37 -1.06 -19.65 14.77
CA VAL A 37 -0.49 -20.16 13.53
C VAL A 37 -0.15 -21.65 13.63
N VAL A 38 0.51 -22.08 14.71
CA VAL A 38 0.82 -23.48 15.02
C VAL A 38 1.95 -24.06 14.16
N THR A 39 1.65 -24.49 12.93
CA THR A 39 2.67 -25.07 12.03
C THR A 39 3.97 -24.26 12.09
N ARG A 40 5.09 -24.94 12.43
CA ARG A 40 6.40 -24.29 12.46
C ARG A 40 6.75 -23.74 11.08
N PRO A 41 7.49 -22.63 11.00
CA PRO A 41 8.20 -22.34 9.75
C PRO A 41 9.35 -23.32 9.57
N THR A 42 9.61 -23.65 8.32
CA THR A 42 10.62 -24.63 7.98
C THR A 42 11.70 -23.98 7.14
N LYS A 43 12.93 -24.43 7.33
CA LYS A 43 14.04 -23.85 6.61
C LYS A 43 14.13 -24.47 5.22
N VAL A 44 14.54 -23.65 4.24
CA VAL A 44 15.02 -24.17 2.96
C VAL A 44 16.50 -24.51 3.07
N GLU A 45 16.85 -25.73 2.65
CA GLU A 45 18.17 -26.34 2.76
C GLU A 45 18.90 -26.29 1.40
N LEU A 46 19.73 -25.26 1.23
CA LEU A 46 20.47 -25.03 -0.02
C LEU A 46 21.68 -25.94 -0.14
N THR A 47 21.87 -26.49 -1.34
CA THR A 47 23.14 -27.15 -1.60
C THR A 47 24.24 -26.11 -1.67
N ASP A 48 25.48 -26.56 -1.44
CA ASP A 48 26.61 -25.63 -1.48
C ASP A 48 26.73 -24.98 -2.85
N ALA A 49 26.52 -25.76 -3.92
CA ALA A 49 26.51 -25.17 -5.27
C ALA A 49 25.49 -24.05 -5.40
N GLU A 50 24.31 -24.22 -4.81
CA GLU A 50 23.29 -23.17 -4.89
C GLU A 50 23.68 -21.99 -4.02
N LEU A 51 24.23 -22.25 -2.83
CA LEU A 51 24.62 -21.15 -1.96
C LEU A 51 25.77 -20.36 -2.58
N ARG A 52 26.75 -21.05 -3.17
CA ARG A 52 27.87 -20.35 -3.77
C ARG A 52 27.43 -19.55 -4.98
N GLU A 53 26.48 -20.07 -5.75
CA GLU A 53 25.91 -19.25 -6.83
C GLU A 53 25.26 -18.00 -6.26
N VAL A 54 24.67 -18.12 -5.06
CA VAL A 54 24.01 -16.97 -4.44
C VAL A 54 25.05 -15.96 -3.96
N ILE A 55 26.02 -16.41 -3.17
CA ILE A 55 27.10 -15.54 -2.70
C ILE A 55 27.79 -14.88 -3.88
N ASP A 56 28.13 -15.66 -4.92
CA ASP A 56 28.89 -15.11 -6.04
C ASP A 56 28.13 -13.95 -6.69
N ASP A 57 26.83 -14.12 -6.94
CA ASP A 57 26.04 -13.04 -7.54
C ASP A 57 25.91 -11.85 -6.60
N CYS A 58 25.80 -12.09 -5.30
CA CYS A 58 25.79 -11.00 -4.33
C CYS A 58 27.09 -10.20 -4.38
N ASN A 59 28.24 -10.90 -4.36
CA ASN A 59 29.52 -10.19 -4.39
C ASN A 59 29.68 -9.41 -5.70
N ALA A 60 29.27 -10.01 -6.82
CA ALA A 60 29.37 -9.31 -8.10
C ALA A 60 28.50 -8.06 -8.12
N ALA A 61 27.32 -8.12 -7.51
CA ALA A 61 26.40 -6.98 -7.58
C ALA A 61 26.95 -5.78 -6.81
N VAL A 62 27.54 -6.01 -5.63
CA VAL A 62 27.95 -4.89 -4.78
C VAL A 62 29.41 -4.52 -4.98
N ALA A 63 30.20 -5.35 -5.65
CA ALA A 63 31.61 -5.04 -5.84
C ALA A 63 31.86 -3.62 -6.34
N PRO A 64 31.13 -3.09 -7.33
CA PRO A 64 31.43 -1.73 -7.81
C PRO A 64 31.11 -0.66 -6.79
N LEU A 65 30.54 -1.00 -5.63
CA LEU A 65 30.32 -0.04 -4.58
C LEU A 65 31.50 0.06 -3.61
N GLY A 66 32.48 -0.83 -3.73
CA GLY A 66 33.74 -0.64 -3.03
C GLY A 66 33.88 -1.32 -1.68
N LYS A 67 32.81 -1.87 -1.10
CA LYS A 67 32.88 -2.44 0.25
C LYS A 67 32.80 -3.96 0.17
N THR A 68 33.76 -4.63 0.79
CA THR A 68 33.77 -6.09 0.87
C THR A 68 32.73 -6.57 1.87
N VAL A 69 32.06 -7.65 1.54
CA VAL A 69 31.06 -8.26 2.41
C VAL A 69 31.46 -9.71 2.65
N SER A 70 31.56 -10.10 3.92
CA SER A 70 32.03 -11.44 4.27
C SER A 70 30.94 -12.48 4.05
N ASP A 71 31.39 -13.73 3.84
CA ASP A 71 30.48 -14.88 3.82
C ASP A 71 29.46 -14.83 4.94
N GLU A 72 29.93 -14.69 6.18
CA GLU A 72 28.96 -14.84 7.27
C GLU A 72 28.02 -13.63 7.34
N ARG A 73 28.43 -12.47 6.84
CA ARG A 73 27.48 -11.37 6.72
C ARG A 73 26.43 -11.67 5.65
N TRP A 74 26.84 -12.22 4.50
CA TRP A 74 25.86 -12.62 3.49
C TRP A 74 24.86 -13.63 4.06
N ILE A 75 25.37 -14.63 4.78
CA ILE A 75 24.48 -15.68 5.26
C ILE A 75 23.58 -15.15 6.36
N SER A 76 24.06 -14.17 7.12
CA SER A 76 23.18 -13.49 8.05
C SER A 76 22.00 -12.85 7.31
N TYR A 77 22.29 -12.14 6.22
CA TYR A 77 21.23 -11.49 5.44
C TYR A 77 20.30 -12.52 4.80
N VAL A 78 20.86 -13.60 4.24
CA VAL A 78 20.07 -14.52 3.44
C VAL A 78 19.15 -15.38 4.29
N GLY A 79 19.44 -15.50 5.58
CA GLY A 79 18.64 -16.35 6.44
C GLY A 79 17.16 -16.03 6.41
N VAL A 80 16.80 -14.74 6.26
CA VAL A 80 15.39 -14.39 6.26
C VAL A 80 14.68 -15.05 5.08
N VAL A 81 15.34 -15.14 3.93
CA VAL A 81 14.72 -15.81 2.79
C VAL A 81 14.62 -17.30 3.04
N LEU A 82 15.65 -17.88 3.66
CA LEU A 82 15.68 -19.33 3.87
C LEU A 82 14.58 -19.75 4.83
N TRP A 83 14.27 -18.91 5.82
CA TRP A 83 13.34 -19.22 6.89
C TRP A 83 11.92 -18.69 6.65
N SER A 84 11.75 -17.69 5.79
CA SER A 84 10.50 -16.95 5.75
C SER A 84 9.76 -17.07 4.42
N GLN A 85 10.20 -17.96 3.53
CA GLN A 85 9.40 -18.35 2.38
C GLN A 85 8.60 -19.58 2.79
N SER A 86 7.89 -20.20 1.86
CA SER A 86 6.99 -21.32 2.15
C SER A 86 7.41 -22.50 1.30
N PRO A 87 8.39 -23.28 1.77
CA PRO A 87 9.04 -24.28 0.89
C PRO A 87 8.09 -25.30 0.31
N ARG A 88 6.99 -25.63 0.98
CA ARG A 88 6.10 -26.66 0.45
C ARG A 88 5.38 -26.19 -0.80
N HIS A 89 5.34 -24.89 -1.03
CA HIS A 89 4.66 -24.31 -2.17
C HIS A 89 5.62 -23.84 -3.26
N ILE A 90 6.92 -23.95 -3.05
CA ILE A 90 7.87 -23.43 -4.04
C ILE A 90 7.73 -24.21 -5.35
N LYS A 91 7.58 -23.47 -6.44
CA LYS A 91 7.60 -24.07 -7.77
C LYS A 91 8.85 -23.72 -8.56
N ASP A 92 9.40 -22.52 -8.40
CA ASP A 92 10.52 -22.05 -9.22
C ASP A 92 11.68 -21.66 -8.31
N MET A 93 12.73 -22.49 -8.29
CA MET A 93 13.92 -22.24 -7.48
C MET A 93 14.84 -21.17 -8.06
N GLU A 94 14.72 -20.87 -9.36
CA GLU A 94 15.46 -19.75 -9.91
C GLU A 94 14.93 -18.42 -9.36
N ALA A 95 13.61 -18.30 -9.27
CA ALA A 95 13.01 -17.15 -8.59
C ALA A 95 13.42 -17.10 -7.12
N PHE A 96 13.44 -18.25 -6.45
CA PHE A 96 13.90 -18.29 -5.06
C PHE A 96 15.32 -17.75 -4.94
N LYS A 97 16.24 -18.23 -5.78
CA LYS A 97 17.62 -17.74 -5.68
C LYS A 97 17.68 -16.24 -5.97
N ALA A 98 16.85 -15.76 -6.88
CA ALA A 98 16.75 -14.32 -7.15
C ALA A 98 16.37 -13.55 -5.89
N VAL A 99 15.38 -14.05 -5.14
CA VAL A 99 15.00 -13.38 -3.91
C VAL A 99 16.14 -13.40 -2.90
N CYS A 100 16.89 -14.51 -2.83
CA CYS A 100 18.08 -14.53 -1.98
C CYS A 100 19.04 -13.39 -2.33
N VAL A 101 19.40 -13.29 -3.61
CA VAL A 101 20.40 -12.30 -4.03
C VAL A 101 19.88 -10.88 -3.80
N LEU A 102 18.68 -10.60 -4.32
CA LEU A 102 18.11 -9.25 -4.19
C LEU A 102 17.91 -8.85 -2.74
N ASN A 103 17.40 -9.77 -1.91
CA ASN A 103 17.29 -9.50 -0.49
C ASN A 103 18.62 -9.11 0.12
N CYS A 104 19.67 -9.85 -0.21
CA CYS A 104 20.97 -9.63 0.42
C CYS A 104 21.59 -8.33 -0.04
N VAL A 105 21.58 -8.05 -1.35
CA VAL A 105 22.33 -6.89 -1.83
C VAL A 105 21.64 -5.59 -1.41
N THR A 106 20.31 -5.59 -1.30
CA THR A 106 19.64 -4.40 -0.77
C THR A 106 19.74 -4.30 0.73
N PHE A 107 20.00 -5.42 1.42
CA PHE A 107 20.37 -5.35 2.82
C PHE A 107 21.69 -4.60 3.00
N VAL A 108 22.67 -4.88 2.14
CA VAL A 108 23.91 -4.12 2.17
C VAL A 108 23.63 -2.62 1.99
N TRP A 109 22.82 -2.28 1.00
CA TRP A 109 22.39 -0.91 0.80
C TRP A 109 21.79 -0.30 2.08
N ASP A 110 20.93 -1.08 2.76
CA ASP A 110 20.30 -0.63 4.00
C ASP A 110 21.35 -0.32 5.07
N ASP A 111 22.41 -1.12 5.15
CA ASP A 111 23.44 -0.95 6.14
C ASP A 111 24.47 0.10 5.73
N MET A 112 24.40 0.60 4.49
CA MET A 112 25.41 1.50 3.96
C MET A 112 25.21 2.95 4.36
N ASP A 113 26.31 3.58 4.78
CA ASP A 113 26.42 5.04 4.80
C ASP A 113 26.11 5.56 3.40
N PRO A 114 25.29 6.61 3.27
CA PRO A 114 24.76 6.99 1.94
C PRO A 114 25.77 7.59 0.95
N ALA A 115 26.96 8.02 1.38
CA ALA A 115 27.96 8.42 0.42
C ALA A 115 28.41 7.24 -0.44
N LEU A 116 28.23 6.03 0.06
CA LEU A 116 28.53 4.82 -0.69
C LEU A 116 27.48 4.49 -1.74
N HIS A 117 26.27 5.04 -1.62
CA HIS A 117 25.21 4.75 -2.58
C HIS A 117 25.62 5.35 -3.92
N ASP A 118 25.58 4.55 -4.97
CA ASP A 118 25.73 5.08 -6.32
C ASP A 118 24.72 4.38 -7.21
N PHE A 119 23.65 5.11 -7.56
CA PHE A 119 22.58 4.54 -8.35
C PHE A 119 23.05 4.16 -9.74
N GLY A 120 23.83 5.04 -10.39
CA GLY A 120 24.29 4.75 -11.75
C GLY A 120 25.05 3.45 -11.88
N LEU A 121 25.70 3.00 -10.80
CA LEU A 121 26.51 1.79 -10.80
C LEU A 121 25.78 0.60 -10.18
N PHE A 122 24.87 0.84 -9.26
CA PHE A 122 24.18 -0.27 -8.61
C PHE A 122 22.92 -0.71 -9.34
N LEU A 123 22.16 0.24 -9.90
CA LEU A 123 20.90 -0.14 -10.53
C LEU A 123 21.08 -1.08 -11.71
N PRO A 124 22.06 -0.90 -12.61
CA PRO A 124 22.28 -1.93 -13.65
C PRO A 124 22.61 -3.31 -13.08
N GLN A 125 23.22 -3.39 -11.90
CA GLN A 125 23.48 -4.69 -11.29
C GLN A 125 22.17 -5.36 -10.90
N LEU A 126 21.25 -4.61 -10.29
CA LEU A 126 19.92 -5.15 -10.00
C LEU A 126 19.25 -5.61 -11.29
N ARG A 127 19.35 -4.80 -12.36
CA ARG A 127 18.89 -5.23 -13.68
C ARG A 127 19.48 -6.57 -14.08
N LYS A 128 20.80 -6.72 -13.95
CA LYS A 128 21.45 -8.00 -14.22
C LYS A 128 20.74 -9.14 -13.50
N ILE A 129 20.63 -9.03 -12.18
CA ILE A 129 20.05 -10.10 -11.37
C ILE A 129 18.65 -10.43 -11.84
N CYS A 130 17.83 -9.41 -12.07
CA CYS A 130 16.44 -9.66 -12.41
C CYS A 130 16.30 -10.36 -13.76
N GLU A 131 17.09 -9.95 -14.75
CA GLU A 131 17.03 -10.61 -16.05
C GLU A 131 17.47 -12.07 -15.95
N LYS A 132 18.55 -12.34 -15.23
CA LYS A 132 19.06 -13.69 -15.13
C LYS A 132 17.99 -14.67 -14.66
N TYR A 133 17.34 -14.38 -13.51
CA TYR A 133 16.58 -15.39 -12.79
C TYR A 133 15.08 -15.39 -13.09
N TYR A 134 14.55 -14.34 -13.73
CA TYR A 134 13.14 -14.21 -14.02
C TYR A 134 12.89 -14.16 -15.54
N GLY A 135 11.65 -14.46 -15.93
CA GLY A 135 11.20 -14.20 -17.27
C GLY A 135 11.04 -12.71 -17.51
N PRO A 136 10.73 -12.33 -18.76
CA PRO A 136 10.77 -10.89 -19.13
C PRO A 136 9.84 -9.97 -18.34
N GLU A 137 8.59 -10.35 -18.06
CA GLU A 137 7.71 -9.44 -17.33
C GLU A 137 7.97 -9.48 -15.82
N ASP A 138 8.07 -10.68 -15.24
CA ASP A 138 8.45 -10.79 -13.84
C ASP A 138 9.73 -10.00 -13.56
N ALA A 139 10.69 -10.01 -14.49
CA ALA A 139 11.93 -9.28 -14.26
C ALA A 139 11.70 -7.79 -14.13
N GLU A 140 10.81 -7.22 -14.95
CA GLU A 140 10.56 -5.78 -14.82
C GLU A 140 9.82 -5.47 -13.52
N VAL A 141 8.92 -6.37 -13.10
CA VAL A 141 8.22 -6.16 -11.82
C VAL A 141 9.21 -6.24 -10.66
N ALA A 142 10.08 -7.26 -10.67
CA ALA A 142 11.06 -7.36 -9.60
C ALA A 142 12.02 -6.17 -9.62
N TYR A 143 12.50 -5.78 -10.80
CA TYR A 143 13.45 -4.66 -10.86
C TYR A 143 12.82 -3.36 -10.36
N GLU A 144 11.59 -3.06 -10.77
CA GLU A 144 10.96 -1.82 -10.31
C GLU A 144 10.82 -1.82 -8.78
N ALA A 145 10.42 -2.95 -8.21
CA ALA A 145 10.29 -3.02 -6.76
C ALA A 145 11.64 -2.84 -6.07
N ALA A 146 12.71 -3.47 -6.59
CA ALA A 146 14.05 -3.27 -6.04
C ALA A 146 14.50 -1.81 -6.18
N ARG A 147 14.30 -1.24 -7.37
CA ARG A 147 14.64 0.16 -7.61
C ARG A 147 13.88 1.09 -6.67
N ALA A 148 12.56 0.89 -6.54
CA ALA A 148 11.78 1.72 -5.63
C ALA A 148 12.28 1.58 -4.20
N PHE A 149 12.68 0.37 -3.79
CA PHE A 149 13.15 0.23 -2.42
C PHE A 149 14.46 0.98 -2.18
N VAL A 150 15.49 0.73 -3.00
CA VAL A 150 16.78 1.37 -2.73
C VAL A 150 16.65 2.88 -2.82
N THR A 151 15.82 3.36 -3.75
CA THR A 151 15.57 4.79 -3.85
C THR A 151 14.91 5.31 -2.59
N SER A 152 13.95 4.55 -2.06
CA SER A 152 13.25 4.96 -0.84
C SER A 152 14.22 5.02 0.33
N ASP A 153 15.02 3.96 0.54
CA ASP A 153 15.95 3.98 1.66
C ASP A 153 16.90 5.16 1.54
N HIS A 154 17.31 5.50 0.32
CA HIS A 154 18.21 6.63 0.15
C HIS A 154 17.52 7.95 0.44
N MET A 155 16.42 8.22 -0.27
CA MET A 155 15.76 9.52 -0.18
C MET A 155 15.34 9.85 1.25
N PHE A 156 15.03 8.86 2.06
CA PHE A 156 14.49 9.17 3.37
C PHE A 156 15.54 9.24 4.46
N ARG A 157 16.81 8.99 4.15
CA ARG A 157 17.85 9.09 5.18
C ARG A 157 17.73 10.44 5.89
N ASP A 158 17.57 10.38 7.20
CA ASP A 158 17.17 11.49 8.09
C ASP A 158 16.41 12.66 7.41
N SER A 159 15.32 12.33 6.59
CA SER A 159 14.34 13.21 5.88
C SER A 159 13.19 13.68 6.78
N PRO A 160 12.63 14.90 6.56
CA PRO A 160 11.49 15.33 7.39
C PRO A 160 10.26 14.45 7.28
N ILE A 161 10.00 13.85 6.11
CA ILE A 161 8.88 12.92 6.00
C ILE A 161 9.07 11.76 6.98
N LYS A 162 10.28 11.21 7.01
CA LYS A 162 10.54 10.10 7.94
C LYS A 162 10.30 10.53 9.37
N ALA A 163 10.79 11.72 9.75
CA ALA A 163 10.60 12.21 11.12
C ALA A 163 9.13 12.34 11.47
N ALA A 164 8.31 12.87 10.55
CA ALA A 164 6.89 12.99 10.84
C ALA A 164 6.24 11.63 11.04
N LEU A 165 6.42 10.72 10.07
CA LEU A 165 5.72 9.44 10.11
C LEU A 165 6.21 8.55 11.26
N CYS A 166 7.47 8.68 11.69
CA CYS A 166 8.00 7.82 12.74
C CYS A 166 7.81 8.38 14.14
N THR A 167 7.30 9.61 14.28
CA THR A 167 7.13 10.19 15.60
C THR A 167 5.74 10.74 15.83
N THR A 168 4.72 10.26 15.09
CA THR A 168 3.34 10.68 15.31
C THR A 168 2.52 9.60 16.01
N SER A 169 2.20 8.52 15.31
CA SER A 169 1.43 7.41 15.86
C SER A 169 2.01 6.12 15.31
N PRO A 170 1.63 4.98 15.88
CA PRO A 170 1.96 3.71 15.19
C PRO A 170 1.34 3.63 13.80
N GLU A 171 0.21 4.32 13.57
CA GLU A 171 -0.44 4.34 12.26
C GLU A 171 0.49 4.87 11.18
N GLN A 172 0.93 6.14 11.32
CA GLN A 172 1.80 6.72 10.31
C GLN A 172 3.07 5.90 10.15
N TYR A 173 3.60 5.39 11.25
CA TYR A 173 4.85 4.64 11.22
C TYR A 173 4.72 3.40 10.35
N PHE A 174 3.71 2.57 10.60
CA PHE A 174 3.56 1.34 9.84
C PHE A 174 3.28 1.62 8.37
N ARG A 175 2.60 2.75 8.11
CA ARG A 175 2.38 3.16 6.73
C ARG A 175 3.71 3.43 6.00
N PHE A 176 4.67 4.05 6.68
CA PHE A 176 6.01 4.21 6.14
C PHE A 176 6.69 2.86 5.90
N ARG A 177 6.51 1.93 6.83
CA ARG A 177 7.26 0.68 6.77
C ARG A 177 6.77 -0.29 5.70
N VAL A 178 5.54 -0.11 5.16
CA VAL A 178 5.11 -0.97 4.05
C VAL A 178 6.18 -1.00 2.96
N THR A 179 6.77 0.14 2.64
CA THR A 179 7.88 0.19 1.71
C THR A 179 9.22 0.04 2.44
N ASP A 180 9.40 0.77 3.54
CA ASP A 180 10.74 0.87 4.14
C ASP A 180 11.24 -0.46 4.72
N ILE A 181 10.38 -1.33 5.23
CA ILE A 181 10.90 -2.63 5.66
C ILE A 181 11.10 -3.57 4.49
N GLY A 182 10.86 -3.12 3.26
CA GLY A 182 11.15 -3.92 2.10
C GLY A 182 10.13 -5.00 1.79
N VAL A 183 9.02 -5.06 2.54
CA VAL A 183 8.07 -6.15 2.32
C VAL A 183 7.30 -6.02 1.01
N ASP A 184 6.95 -4.78 0.59
CA ASP A 184 6.31 -4.67 -0.72
C ASP A 184 7.24 -5.21 -1.81
N PHE A 185 8.51 -4.80 -1.75
CA PHE A 185 9.56 -5.34 -2.62
C PHE A 185 9.58 -6.87 -2.55
N TRP A 186 9.57 -7.41 -1.34
CA TRP A 186 9.62 -8.87 -1.14
C TRP A 186 8.49 -9.60 -1.85
N MET A 187 7.26 -9.11 -1.68
CA MET A 187 6.11 -9.77 -2.31
C MET A 187 6.25 -9.76 -3.83
N LYS A 188 6.65 -8.60 -4.38
CA LYS A 188 6.72 -8.44 -5.83
C LYS A 188 7.89 -9.18 -6.44
N MET A 189 8.89 -9.56 -5.66
CA MET A 189 9.92 -10.43 -6.23
C MET A 189 9.71 -11.90 -5.89
N SER A 190 8.79 -12.22 -4.99
CA SER A 190 8.55 -13.58 -4.54
C SER A 190 7.40 -14.27 -5.27
N TYR A 191 6.42 -13.54 -5.82
CA TYR A 191 5.32 -14.25 -6.44
C TYR A 191 5.76 -15.21 -7.55
N PRO A 192 6.83 -14.96 -8.32
CA PRO A 192 7.23 -15.98 -9.31
C PRO A 192 7.69 -17.28 -8.68
N ILE A 193 8.07 -17.27 -7.39
CA ILE A 193 8.44 -18.50 -6.71
C ILE A 193 7.28 -19.48 -6.69
N TYR A 194 6.07 -18.96 -6.48
CA TYR A 194 4.88 -19.77 -6.25
C TYR A 194 4.02 -19.97 -7.49
N ARG A 195 4.08 -19.04 -8.43
CA ARG A 195 3.29 -19.10 -9.67
C ARG A 195 1.83 -19.42 -9.39
N HIS A 196 1.27 -18.73 -8.39
CA HIS A 196 -0.13 -18.91 -7.99
C HIS A 196 -0.89 -17.61 -8.23
N PRO A 197 -1.76 -17.54 -9.25
CA PRO A 197 -2.36 -16.25 -9.64
C PRO A 197 -2.97 -15.43 -8.51
N GLU A 198 -3.65 -16.04 -7.53
CA GLU A 198 -4.22 -15.24 -6.44
C GLU A 198 -3.12 -14.47 -5.71
N PHE A 199 -2.05 -15.17 -5.32
CA PHE A 199 -0.95 -14.52 -4.62
C PHE A 199 -0.31 -13.44 -5.48
N THR A 200 -0.20 -13.68 -6.77
CA THR A 200 0.43 -12.72 -7.65
C THR A 200 -0.34 -11.39 -7.69
N GLU A 201 -1.67 -11.45 -7.74
CA GLU A 201 -2.46 -10.22 -7.68
C GLU A 201 -2.31 -9.51 -6.34
N HIS A 202 -2.36 -10.26 -5.22
CA HIS A 202 -2.22 -9.60 -3.92
C HIS A 202 -0.84 -8.97 -3.79
N ALA A 203 0.18 -9.61 -4.34
CA ALA A 203 1.51 -9.02 -4.41
C ALA A 203 1.49 -7.73 -5.22
N LYS A 204 0.82 -7.74 -6.37
CA LYS A 204 0.94 -6.59 -7.25
C LYS A 204 0.06 -5.42 -6.81
N THR A 205 -1.03 -5.67 -6.08
CA THR A 205 -1.79 -4.58 -5.45
C THR A 205 -1.15 -4.07 -4.17
N SER A 206 -0.15 -4.79 -3.65
CA SER A 206 0.50 -4.53 -2.36
C SER A 206 -0.40 -4.85 -1.17
N LEU A 207 -1.60 -5.39 -1.39
CA LEU A 207 -2.37 -5.89 -0.25
C LEU A 207 -1.56 -6.93 0.54
N ALA A 208 -0.83 -7.80 -0.16
CA ALA A 208 0.04 -8.77 0.50
C ALA A 208 1.01 -8.09 1.47
N ALA A 209 1.67 -7.02 1.00
CA ALA A 209 2.56 -6.29 1.88
C ALA A 209 1.80 -5.60 3.01
N ARG A 210 0.65 -5.00 2.70
CA ARG A 210 -0.07 -4.27 3.75
C ARG A 210 -0.52 -5.21 4.86
N MET A 211 -0.78 -6.49 4.54
CA MET A 211 -1.24 -7.45 5.52
C MET A 211 -0.12 -7.98 6.40
N THR A 212 1.13 -7.93 5.95
CA THR A 212 2.26 -8.54 6.66
C THR A 212 3.19 -7.52 7.30
N THR A 213 2.99 -6.22 7.02
CA THR A 213 3.92 -5.19 7.48
C THR A 213 4.05 -5.17 9.00
N ARG A 214 2.93 -5.14 9.72
CA ARG A 214 3.03 -4.99 11.17
C ARG A 214 3.71 -6.20 11.81
N GLY A 215 3.39 -7.40 11.35
CA GLY A 215 4.00 -8.58 11.94
C GLY A 215 5.50 -8.60 11.76
N LEU A 216 5.98 -8.26 10.57
CA LEU A 216 7.41 -8.19 10.34
C LEU A 216 8.04 -7.05 11.13
N THR A 217 7.39 -5.87 11.11
CA THR A 217 8.03 -4.68 11.64
C THR A 217 8.12 -4.72 13.16
N ILE A 218 7.07 -5.17 13.84
CA ILE A 218 7.08 -5.15 15.29
C ILE A 218 8.21 -6.05 15.81
N VAL A 219 8.37 -7.22 15.18
CA VAL A 219 9.44 -8.13 15.56
C VAL A 219 10.80 -7.52 15.25
N ASN A 220 10.98 -7.01 14.03
CA ASN A 220 12.27 -6.44 13.68
C ASN A 220 12.63 -5.29 14.62
N ASP A 221 11.66 -4.40 14.88
CA ASP A 221 11.90 -3.25 15.74
C ASP A 221 12.30 -3.67 17.16
N PHE A 222 11.64 -4.68 17.71
CA PHE A 222 11.99 -5.04 19.08
C PHE A 222 13.46 -5.45 19.16
N TYR A 223 13.90 -6.32 18.26
CA TYR A 223 15.24 -6.87 18.38
C TYR A 223 16.33 -6.00 17.76
N SER A 224 15.99 -5.00 16.94
CA SER A 224 17.00 -4.10 16.40
C SER A 224 17.02 -2.76 17.12
N TYR A 225 16.20 -2.60 18.16
CA TYR A 225 16.06 -1.33 18.86
C TYR A 225 17.40 -0.85 19.40
N ASP A 226 18.09 -1.71 20.17
CA ASP A 226 19.32 -1.30 20.82
C ASP A 226 20.33 -0.77 19.81
N ARG A 227 20.51 -1.49 18.70
CA ARG A 227 21.41 -1.00 17.64
C ARG A 227 20.93 0.34 17.10
N GLU A 228 19.68 0.39 16.63
CA GLU A 228 19.21 1.58 15.93
C GLU A 228 19.29 2.82 16.80
N VAL A 229 18.84 2.71 18.06
CA VAL A 229 18.90 3.85 18.98
C VAL A 229 20.33 4.34 19.13
N SER A 230 21.28 3.42 19.36
CA SER A 230 22.66 3.83 19.56
C SER A 230 23.19 4.60 18.35
N LEU A 231 22.76 4.24 17.14
CA LEU A 231 23.16 4.90 15.91
C LEU A 231 22.42 6.22 15.69
N GLY A 232 21.32 6.44 16.40
CA GLY A 232 20.48 7.61 16.18
C GLY A 232 19.27 7.36 15.31
N GLN A 233 19.16 6.16 14.72
CA GLN A 233 18.11 5.84 13.77
C GLN A 233 16.73 5.88 14.45
N ILE A 234 15.75 6.52 13.80
CA ILE A 234 14.44 6.74 14.41
C ILE A 234 13.37 5.80 13.86
N THR A 235 13.70 4.95 12.90
CA THR A 235 12.68 4.11 12.28
C THR A 235 12.47 2.85 13.12
N ASN A 236 11.69 3.01 14.18
CA ASN A 236 11.48 1.94 15.16
C ASN A 236 10.26 2.30 16.01
N CYS A 237 9.22 1.45 15.98
CA CYS A 237 7.99 1.83 16.68
C CYS A 237 8.16 1.90 18.20
N PHE A 238 9.12 1.16 18.78
CA PHE A 238 9.23 1.24 20.24
C PHE A 238 9.78 2.57 20.71
N ARG A 239 10.30 3.41 19.81
CA ARG A 239 10.64 4.78 20.16
C ARG A 239 9.41 5.61 20.50
N LEU A 240 8.24 5.18 20.06
CA LEU A 240 7.01 5.91 20.38
C LEU A 240 6.63 5.75 21.85
N CYS A 241 7.13 4.71 22.52
CA CYS A 241 6.78 4.46 23.89
C CYS A 241 7.98 4.73 24.77
N ASP A 242 7.71 4.87 26.06
CA ASP A 242 8.75 5.09 27.06
C ASP A 242 9.27 3.72 27.53
N VAL A 243 10.30 3.18 26.84
CA VAL A 243 10.77 1.84 27.20
C VAL A 243 11.49 1.83 28.54
N SER A 244 11.88 3.00 29.07
CA SER A 244 12.44 3.09 30.41
C SER A 244 11.40 2.87 31.49
N ASP A 245 10.13 2.82 31.13
CA ASP A 245 9.05 2.70 32.09
C ASP A 245 8.34 1.37 31.85
N GLU A 246 8.63 0.40 32.72
CA GLU A 246 8.15 -0.96 32.53
C GLU A 246 6.65 -1.00 32.30
N THR A 247 5.90 -0.15 33.00
CA THR A 247 4.45 -0.15 32.85
C THR A 247 4.03 0.33 31.47
N ALA A 248 4.53 1.49 31.03
CA ALA A 248 4.18 1.98 29.70
C ALA A 248 4.63 1.02 28.61
N PHE A 249 5.82 0.43 28.76
CA PHE A 249 6.30 -0.51 27.75
C PHE A 249 5.36 -1.69 27.65
N LYS A 250 4.86 -2.16 28.79
CA LYS A 250 3.96 -3.31 28.82
C LYS A 250 2.72 -3.06 27.99
N GLU A 251 2.08 -1.93 28.20
CA GLU A 251 0.81 -1.72 27.53
C GLU A 251 1.03 -1.44 26.04
N PHE A 252 2.17 -0.83 25.69
CA PHE A 252 2.48 -0.62 24.28
C PHE A 252 2.79 -1.94 23.60
N PHE A 253 3.55 -2.81 24.27
CA PHE A 253 3.87 -4.09 23.70
C PHE A 253 2.62 -4.93 23.50
N GLN A 254 1.69 -4.89 24.48
CA GLN A 254 0.42 -5.60 24.32
C GLN A 254 -0.35 -5.10 23.11
N ALA A 255 -0.44 -3.77 22.94
CA ALA A 255 -1.16 -3.23 21.79
C ALA A 255 -0.52 -3.71 20.48
N ARG A 256 0.81 -3.85 20.46
CA ARG A 256 1.48 -4.30 19.24
C ARG A 256 1.21 -5.80 19.00
N LEU A 257 1.24 -6.61 20.07
CA LEU A 257 0.80 -8.00 19.93
C LEU A 257 -0.61 -8.07 19.37
N ASP A 258 -1.51 -7.23 19.88
CA ASP A 258 -2.89 -7.24 19.40
C ASP A 258 -2.95 -6.92 17.92
N ASP A 259 -2.12 -5.98 17.46
CA ASP A 259 -2.04 -5.65 16.03
C ASP A 259 -1.64 -6.89 15.23
N MET A 260 -0.59 -7.58 15.68
CA MET A 260 -0.15 -8.79 14.98
C MET A 260 -1.26 -9.81 14.93
N ILE A 261 -1.95 -10.01 16.05
CA ILE A 261 -2.98 -11.04 16.12
C ILE A 261 -4.10 -10.71 15.14
N GLU A 262 -4.54 -9.45 15.14
CA GLU A 262 -5.63 -9.08 14.25
C GLU A 262 -5.25 -9.28 12.78
N ASP A 263 -4.04 -8.89 12.40
CA ASP A 263 -3.57 -9.15 11.04
C ASP A 263 -3.58 -10.65 10.74
N ILE A 264 -3.08 -11.47 11.66
CA ILE A 264 -2.95 -12.90 11.40
C ILE A 264 -4.33 -13.54 11.22
N GLU A 265 -5.29 -13.19 12.07
CA GLU A 265 -6.60 -13.79 11.94
C GLU A 265 -7.29 -13.35 10.65
N CYS A 266 -7.05 -12.10 10.22
CA CYS A 266 -7.58 -11.66 8.93
C CYS A 266 -6.88 -12.35 7.75
N ILE A 267 -5.57 -12.58 7.87
CA ILE A 267 -4.86 -13.33 6.84
C ILE A 267 -5.49 -14.71 6.63
N LYS A 268 -6.12 -15.27 7.66
CA LYS A 268 -6.74 -16.58 7.58
C LYS A 268 -8.01 -16.61 6.74
N ALA A 269 -8.50 -15.44 6.30
CA ALA A 269 -9.56 -15.38 5.30
C ALA A 269 -9.05 -15.56 3.88
N PHE A 270 -7.75 -15.40 3.66
CA PHE A 270 -7.22 -15.56 2.33
C PHE A 270 -7.22 -17.06 1.96
N ASP A 271 -7.02 -17.33 0.67
CA ASP A 271 -6.99 -18.72 0.23
C ASP A 271 -5.84 -19.46 0.92
N GLN A 272 -5.97 -20.79 0.99
CA GLN A 272 -5.11 -21.58 1.87
C GLN A 272 -3.62 -21.52 1.46
N LEU A 273 -3.33 -21.37 0.18
CA LEU A 273 -1.93 -21.25 -0.22
C LEU A 273 -1.39 -19.87 0.13
N THR A 274 -2.10 -18.82 -0.25
CA THR A 274 -1.63 -17.47 0.03
C THR A 274 -1.46 -17.26 1.52
N GLN A 275 -2.42 -17.76 2.31
CA GLN A 275 -2.33 -17.61 3.74
C GLN A 275 -1.08 -18.29 4.27
N ASP A 276 -0.68 -19.42 3.66
CA ASP A 276 0.57 -20.07 4.05
C ASP A 276 1.75 -19.14 3.85
N VAL A 277 1.85 -18.55 2.65
CA VAL A 277 2.98 -17.68 2.35
C VAL A 277 3.02 -16.49 3.31
N PHE A 278 1.87 -15.87 3.58
CA PHE A 278 1.85 -14.72 4.50
C PHE A 278 2.33 -15.13 5.91
N LEU A 279 1.77 -16.20 6.44
CA LEU A 279 2.07 -16.58 7.83
C LEU A 279 3.49 -17.13 7.97
N ASP A 280 3.95 -17.94 7.01
CA ASP A 280 5.34 -18.39 7.05
C ASP A 280 6.29 -17.19 6.99
N LEU A 281 5.89 -16.13 6.29
CA LEU A 281 6.73 -14.94 6.22
C LEU A 281 6.86 -14.27 7.59
N ILE A 282 5.73 -14.04 8.27
CA ILE A 282 5.80 -13.36 9.56
C ILE A 282 6.48 -14.24 10.61
N TYR A 283 6.09 -15.51 10.67
CA TYR A 283 6.63 -16.41 11.68
C TYR A 283 8.09 -16.76 11.38
N GLY A 284 8.39 -17.02 10.11
CA GLY A 284 9.79 -17.27 9.73
C GLY A 284 10.70 -16.10 10.04
N ASN A 285 10.21 -14.87 9.83
CA ASN A 285 11.03 -13.71 10.17
C ASN A 285 11.33 -13.69 11.66
N PHE A 286 10.36 -14.08 12.49
CA PHE A 286 10.60 -14.15 13.93
C PHE A 286 11.64 -15.22 14.26
N VAL A 287 11.51 -16.40 13.67
CA VAL A 287 12.47 -17.48 13.95
C VAL A 287 13.88 -17.03 13.54
N TRP A 288 13.99 -16.46 12.34
CA TRP A 288 15.29 -15.99 11.85
C TRP A 288 15.85 -14.87 12.71
N THR A 289 15.01 -13.89 13.07
CA THR A 289 15.46 -12.74 13.86
C THR A 289 16.06 -13.19 15.19
N THR A 290 15.47 -14.18 15.84
CA THR A 290 15.99 -14.62 17.12
C THR A 290 17.13 -15.61 17.02
N SER A 291 17.51 -16.03 15.82
CA SER A 291 18.65 -16.92 15.63
C SER A 291 19.88 -16.18 15.11
N ASN A 292 19.73 -14.90 14.79
CA ASN A 292 20.71 -14.16 14.00
C ASN A 292 21.49 -13.20 14.89
N LYS A 293 22.82 -13.33 14.87
CA LYS A 293 23.72 -12.41 15.57
C LYS A 293 23.41 -10.96 15.28
N ARG A 294 22.90 -10.67 14.08
CA ARG A 294 22.51 -9.32 13.72
C ARG A 294 21.60 -8.70 14.79
N TYR A 295 20.80 -9.52 15.47
CA TYR A 295 19.83 -9.03 16.44
C TYR A 295 20.10 -9.52 17.87
N LYS A 296 21.37 -9.48 18.34
CA LYS A 296 21.81 -10.10 19.59
C LYS A 296 22.66 -9.19 20.47
N THR A 297 23.84 -8.82 20.04
CA THR A 297 24.54 -7.68 20.61
C THR A 297 24.22 -6.49 19.72
N ALA A 298 24.29 -5.28 20.32
CA ALA A 298 23.78 -4.10 19.62
C ALA A 298 24.71 -3.67 18.50
N VAL A 299 26.00 -3.98 18.60
CA VAL A 299 26.94 -3.62 17.55
C VAL A 299 27.97 -4.74 17.44
N ASN A 300 27.98 -5.47 16.32
CA ASN A 300 28.90 -6.59 16.17
C ASN A 300 29.36 -6.68 14.73
N ASP A 301 30.06 -7.78 14.41
CA ASP A 301 30.67 -7.92 13.10
C ASP A 301 29.72 -8.43 12.02
N VAL A 302 28.40 -8.28 12.15
CA VAL A 302 27.50 -8.48 11.01
C VAL A 302 26.43 -7.40 10.90
N ASN A 303 26.14 -6.64 11.98
CA ASN A 303 25.17 -5.54 11.90
C ASN A 303 25.83 -4.16 11.95
N SER A 304 27.14 -4.09 11.81
CA SER A 304 27.83 -2.81 11.90
C SER A 304 27.55 -1.99 10.66
N ARG A 305 27.19 -0.72 10.87
CA ARG A 305 27.08 0.23 9.78
C ARG A 305 28.30 0.13 8.86
N ILE A 306 28.05 0.18 7.55
CA ILE A 306 29.10 0.03 6.54
C ILE A 306 29.46 1.44 6.05
N GLN A 307 30.76 1.74 6.02
CA GLN A 307 31.17 3.10 5.68
C GLN A 307 32.55 3.14 5.05
N GLY B 9 -30.86 -5.58 1.62
CA GLY B 9 -30.48 -4.19 1.59
C GLY B 9 -31.32 -3.26 2.47
N ALA B 10 -32.62 -3.19 2.21
CA ALA B 10 -33.49 -2.27 2.92
C ALA B 10 -33.34 -2.34 4.44
N GLN B 11 -33.26 -3.53 5.05
CA GLN B 11 -33.81 -3.72 6.41
C GLN B 11 -32.79 -3.75 7.54
N ASP B 12 -33.30 -3.54 8.78
CA ASP B 12 -32.79 -2.64 9.83
C ASP B 12 -32.79 -1.21 9.26
N ILE B 13 -34.00 -0.65 9.18
CA ILE B 13 -34.22 0.60 8.45
C ILE B 13 -33.54 1.77 9.15
N GLY B 14 -33.42 1.71 10.49
CA GLY B 14 -32.69 2.75 11.20
C GLY B 14 -31.24 2.88 10.77
N ARG B 15 -30.51 1.77 10.73
CA ARG B 15 -29.15 1.73 10.21
C ARG B 15 -29.08 1.83 8.69
N SER B 16 -30.19 2.05 8.00
CA SER B 16 -30.14 2.07 6.54
C SER B 16 -29.70 3.41 5.96
N SER B 17 -29.41 4.43 6.78
CA SER B 17 -29.21 5.77 6.24
C SER B 17 -28.43 6.65 7.20
N VAL B 18 -27.50 7.44 6.65
CA VAL B 18 -26.86 8.50 7.43
C VAL B 18 -27.50 9.85 7.16
N ARG B 19 -28.64 9.86 6.47
CA ARG B 19 -29.33 11.12 6.16
C ARG B 19 -29.63 11.97 7.39
N PRO B 20 -29.97 11.43 8.56
CA PRO B 20 -30.12 12.29 9.75
C PRO B 20 -28.91 13.16 10.07
N TYR B 21 -27.71 12.74 9.69
CA TYR B 21 -26.46 13.43 10.05
C TYR B 21 -25.88 14.26 8.92
N LEU B 22 -26.60 14.38 7.81
CA LEU B 22 -26.04 14.93 6.58
C LEU B 22 -25.53 16.36 6.77
N GLU B 23 -26.39 17.25 7.27
CA GLU B 23 -25.98 18.64 7.37
C GLU B 23 -24.83 18.82 8.36
N GLU B 24 -24.93 18.18 9.52
CA GLU B 24 -23.89 18.39 10.53
C GLU B 24 -22.55 17.80 10.10
N CYS B 25 -22.55 16.61 9.50
CA CYS B 25 -21.28 16.05 9.07
C CYS B 25 -20.67 16.84 7.93
N THR B 26 -21.49 17.31 6.99
CA THR B 26 -20.98 18.15 5.93
C THR B 26 -20.30 19.39 6.50
N ARG B 27 -20.98 20.05 7.44
CA ARG B 27 -20.44 21.23 8.08
C ARG B 27 -19.10 20.92 8.76
N ARG B 28 -19.05 19.80 9.48
CA ARG B 28 -17.84 19.52 10.25
C ARG B 28 -16.68 19.10 9.34
N PHE B 29 -16.97 18.33 8.28
CA PHE B 29 -15.96 18.12 7.25
C PHE B 29 -15.38 19.44 6.77
N GLN B 30 -16.27 20.37 6.38
CA GLN B 30 -15.79 21.64 5.84
C GLN B 30 -14.98 22.41 6.86
N GLU B 31 -15.41 22.42 8.12
CA GLU B 31 -14.63 23.16 9.12
C GLU B 31 -13.25 22.53 9.27
N MET B 32 -13.19 21.20 9.19
CA MET B 32 -11.91 20.51 9.29
C MET B 32 -10.98 20.96 8.18
N PHE B 33 -11.46 20.92 6.92
CA PHE B 33 -10.65 21.38 5.80
C PHE B 33 -10.24 22.84 5.96
N ASP B 34 -11.16 23.70 6.44
CA ASP B 34 -10.85 25.12 6.57
C ASP B 34 -9.74 25.34 7.59
N ARG B 35 -9.75 24.56 8.67
CA ARG B 35 -8.76 24.73 9.72
C ARG B 35 -7.41 24.09 9.34
N HIS B 36 -7.41 22.95 8.65
CA HIS B 36 -6.19 22.19 8.42
C HIS B 36 -5.65 22.25 7.00
N VAL B 37 -6.49 22.24 5.96
CA VAL B 37 -6.04 22.36 4.58
C VAL B 37 -5.94 23.81 4.13
N VAL B 38 -7.01 24.59 4.35
CA VAL B 38 -7.03 26.05 4.36
C VAL B 38 -7.39 26.58 2.98
N THR B 39 -6.61 26.22 1.95
CA THR B 39 -6.87 26.71 0.62
C THR B 39 -7.76 25.76 -0.14
N ARG B 40 -8.75 26.32 -0.84
CA ARG B 40 -9.70 25.57 -1.64
C ARG B 40 -8.96 24.70 -2.67
N PRO B 41 -9.60 23.64 -3.15
CA PRO B 41 -9.16 23.07 -4.42
C PRO B 41 -9.63 23.96 -5.56
N THR B 42 -9.11 23.72 -6.75
CA THR B 42 -9.40 24.55 -7.91
C THR B 42 -9.84 23.66 -9.06
N LYS B 43 -10.98 23.98 -9.67
CA LYS B 43 -11.50 23.14 -10.74
C LYS B 43 -10.69 23.36 -12.00
N VAL B 44 -10.16 22.28 -12.57
CA VAL B 44 -9.45 22.35 -13.84
C VAL B 44 -10.43 22.71 -14.95
N GLU B 45 -10.11 23.77 -15.68
CA GLU B 45 -10.81 24.15 -16.90
C GLU B 45 -10.23 23.38 -18.09
N LEU B 46 -11.08 22.58 -18.74
CA LEU B 46 -10.78 22.04 -20.04
C LEU B 46 -11.44 22.92 -21.09
N THR B 47 -10.75 23.15 -22.20
CA THR B 47 -11.44 23.73 -23.34
C THR B 47 -12.26 22.66 -24.02
N ASP B 48 -13.18 23.13 -24.87
CA ASP B 48 -14.05 22.24 -25.62
C ASP B 48 -13.30 21.06 -26.21
N ALA B 49 -12.18 21.30 -26.90
CA ALA B 49 -11.50 20.24 -27.61
C ALA B 49 -11.06 19.14 -26.65
N GLU B 50 -10.60 19.53 -25.46
CA GLU B 50 -10.09 18.56 -24.52
C GLU B 50 -11.24 17.75 -23.90
N LEU B 51 -12.29 18.44 -23.47
CA LEU B 51 -13.49 17.74 -22.99
C LEU B 51 -14.02 16.75 -24.03
N ARG B 52 -14.29 17.23 -25.24
CA ARG B 52 -14.84 16.36 -26.28
C ARG B 52 -13.91 15.19 -26.57
N GLU B 53 -12.61 15.44 -26.61
CA GLU B 53 -11.65 14.34 -26.75
C GLU B 53 -11.81 13.33 -25.63
N VAL B 54 -12.01 13.79 -24.40
CA VAL B 54 -12.09 12.87 -23.28
C VAL B 54 -13.28 11.94 -23.43
N ILE B 55 -14.47 12.50 -23.66
CA ILE B 55 -15.68 11.69 -23.62
C ILE B 55 -15.77 10.77 -24.83
N ASP B 56 -15.38 11.26 -26.02
CA ASP B 56 -15.30 10.38 -27.18
C ASP B 56 -14.44 9.15 -26.87
N ASP B 57 -13.43 9.31 -26.02
CA ASP B 57 -12.51 8.22 -25.80
C ASP B 57 -12.95 7.32 -24.65
N CYS B 58 -13.72 7.86 -23.70
CA CYS B 58 -14.44 7.01 -22.76
C CYS B 58 -15.42 6.11 -23.48
N ASN B 59 -16.18 6.68 -24.42
CA ASN B 59 -17.15 5.90 -25.15
C ASN B 59 -16.46 4.83 -26.00
N ALA B 60 -15.36 5.18 -26.65
CA ALA B 60 -14.64 4.17 -27.42
C ALA B 60 -14.24 3.00 -26.53
N ALA B 61 -13.76 3.31 -25.31
CA ALA B 61 -13.22 2.31 -24.41
C ALA B 61 -14.26 1.29 -23.96
N VAL B 62 -15.43 1.76 -23.53
CA VAL B 62 -16.42 0.85 -22.96
C VAL B 62 -17.40 0.34 -24.00
N ALA B 63 -17.35 0.88 -25.22
CA ALA B 63 -18.24 0.41 -26.29
C ALA B 63 -18.14 -1.08 -26.54
N PRO B 64 -16.96 -1.70 -26.59
CA PRO B 64 -16.94 -3.17 -26.75
C PRO B 64 -17.76 -3.87 -25.67
N LEU B 65 -17.86 -3.29 -24.47
CA LEU B 65 -18.68 -3.91 -23.43
C LEU B 65 -20.16 -3.82 -23.72
N GLY B 66 -20.55 -3.04 -24.74
CA GLY B 66 -21.89 -3.08 -25.28
C GLY B 66 -22.85 -2.08 -24.67
N LYS B 67 -22.51 -1.48 -23.54
CA LYS B 67 -23.46 -0.70 -22.75
C LYS B 67 -23.26 0.80 -22.94
N THR B 68 -24.38 1.50 -23.12
CA THR B 68 -24.41 2.93 -23.32
C THR B 68 -24.31 3.66 -22.00
N VAL B 69 -23.44 4.68 -21.95
CA VAL B 69 -23.36 5.57 -20.81
C VAL B 69 -23.66 6.98 -21.32
N SER B 70 -24.60 7.66 -20.68
CA SER B 70 -25.00 9.00 -21.09
C SER B 70 -23.91 10.01 -20.76
N ASP B 71 -23.92 11.13 -21.48
CA ASP B 71 -23.00 12.21 -21.14
C ASP B 71 -23.19 12.67 -19.70
N GLU B 72 -24.44 12.77 -19.24
CA GLU B 72 -24.66 13.17 -17.86
C GLU B 72 -23.91 12.25 -16.90
N ARG B 73 -23.98 10.93 -17.14
CA ARG B 73 -23.28 9.98 -16.27
C ARG B 73 -21.78 10.17 -16.40
N TRP B 74 -21.25 10.25 -17.63
CA TRP B 74 -19.83 10.50 -17.80
C TRP B 74 -19.38 11.73 -17.03
N ILE B 75 -20.17 12.81 -17.11
CA ILE B 75 -19.79 14.02 -16.39
C ILE B 75 -19.82 13.79 -14.89
N SER B 76 -20.75 12.97 -14.41
CA SER B 76 -20.76 12.59 -13.00
C SER B 76 -19.44 11.91 -12.61
N TYR B 77 -18.92 11.03 -13.46
CA TYR B 77 -17.67 10.35 -13.15
C TYR B 77 -16.47 11.28 -13.25
N VAL B 78 -16.44 12.13 -14.27
CA VAL B 78 -15.20 12.84 -14.58
C VAL B 78 -14.93 13.98 -13.62
N GLY B 79 -15.96 14.50 -12.94
CA GLY B 79 -15.77 15.65 -12.08
C GLY B 79 -14.71 15.47 -11.01
N VAL B 80 -14.53 14.23 -10.52
CA VAL B 80 -13.52 14.03 -9.48
C VAL B 80 -12.14 14.38 -10.01
N VAL B 81 -11.86 14.07 -11.28
CA VAL B 81 -10.56 14.45 -11.83
C VAL B 81 -10.49 15.96 -12.01
N LEU B 82 -11.57 16.58 -12.48
CA LEU B 82 -11.56 18.02 -12.70
C LEU B 82 -11.32 18.78 -11.40
N TRP B 83 -11.86 18.27 -10.28
CA TRP B 83 -11.77 18.97 -9.01
C TRP B 83 -10.60 18.57 -8.13
N SER B 84 -10.01 17.38 -8.33
CA SER B 84 -9.12 16.83 -7.32
C SER B 84 -7.69 16.63 -7.81
N GLN B 85 -7.32 17.17 -8.98
CA GLN B 85 -5.93 17.30 -9.34
C GLN B 85 -5.44 18.65 -8.79
N SER B 86 -4.28 19.14 -9.21
CA SER B 86 -3.72 20.38 -8.67
C SER B 86 -3.37 21.29 -9.85
N PRO B 87 -4.30 22.17 -10.26
CA PRO B 87 -4.10 22.94 -11.50
C PRO B 87 -2.82 23.76 -11.54
N ARG B 88 -2.42 24.36 -10.42
CA ARG B 88 -1.28 25.28 -10.52
C ARG B 88 0.01 24.53 -10.85
N HIS B 89 0.06 23.22 -10.57
CA HIS B 89 1.24 22.42 -10.82
C HIS B 89 1.14 21.58 -12.07
N ILE B 90 0.07 21.71 -12.85
CA ILE B 90 -0.07 20.89 -14.04
C ILE B 90 0.99 21.32 -15.05
N LYS B 91 1.66 20.34 -15.66
CA LYS B 91 2.48 20.62 -16.81
C LYS B 91 2.48 19.50 -17.85
N ASP B 92 1.57 18.55 -17.77
CA ASP B 92 1.31 17.64 -18.89
C ASP B 92 -0.20 17.45 -19.01
N MET B 93 -0.84 18.27 -19.87
CA MET B 93 -2.28 18.17 -20.08
C MET B 93 -2.70 16.91 -20.80
N GLU B 94 -1.81 16.29 -21.57
CA GLU B 94 -2.12 15.00 -22.17
C GLU B 94 -2.25 13.90 -21.11
N ALA B 95 -1.37 13.91 -20.11
CA ALA B 95 -1.51 12.98 -19.00
C ALA B 95 -2.78 13.27 -18.21
N PHE B 96 -3.16 14.54 -18.11
CA PHE B 96 -4.40 14.86 -17.41
C PHE B 96 -5.59 14.24 -18.11
N LYS B 97 -5.64 14.33 -19.45
CA LYS B 97 -6.74 13.75 -20.20
C LYS B 97 -6.77 12.23 -20.09
N ALA B 98 -5.60 11.58 -20.07
CA ALA B 98 -5.58 10.14 -19.80
C ALA B 98 -6.25 9.81 -18.48
N VAL B 99 -5.97 10.59 -17.44
CA VAL B 99 -6.57 10.29 -16.13
C VAL B 99 -8.07 10.49 -16.17
N CYS B 100 -8.55 11.51 -16.89
CA CYS B 100 -9.99 11.66 -17.09
C CYS B 100 -10.58 10.39 -17.68
N VAL B 101 -9.99 9.89 -18.76
CA VAL B 101 -10.54 8.71 -19.41
C VAL B 101 -10.45 7.49 -18.51
N LEU B 102 -9.26 7.24 -17.95
CA LEU B 102 -9.06 6.02 -17.16
C LEU B 102 -9.94 6.03 -15.92
N ASN B 103 -10.04 7.17 -15.24
CA ASN B 103 -10.96 7.28 -14.12
C ASN B 103 -12.38 6.89 -14.52
N CYS B 104 -12.89 7.45 -15.62
CA CYS B 104 -14.29 7.27 -15.96
C CYS B 104 -14.62 5.84 -16.34
N VAL B 105 -13.80 5.19 -17.17
CA VAL B 105 -14.17 3.87 -17.63
C VAL B 105 -14.03 2.84 -16.52
N THR B 106 -13.09 3.04 -15.59
CA THR B 106 -13.04 2.12 -14.45
C THR B 106 -14.15 2.42 -13.43
N PHE B 107 -14.70 3.63 -13.45
CA PHE B 107 -15.89 3.90 -12.66
C PHE B 107 -17.09 3.11 -13.18
N VAL B 108 -17.24 3.05 -14.51
CA VAL B 108 -18.26 2.18 -15.12
C VAL B 108 -18.10 0.75 -14.63
N TRP B 109 -16.86 0.25 -14.68
CA TRP B 109 -16.54 -1.10 -14.22
C TRP B 109 -16.96 -1.29 -12.76
N ASP B 110 -16.71 -0.27 -11.92
CA ASP B 110 -17.11 -0.30 -10.52
C ASP B 110 -18.63 -0.48 -10.35
N ASP B 111 -19.42 0.12 -11.24
CA ASP B 111 -20.87 0.11 -11.12
C ASP B 111 -21.51 -1.11 -11.77
N MET B 112 -20.74 -1.92 -12.46
CA MET B 112 -21.26 -2.95 -13.34
C MET B 112 -21.52 -4.25 -12.60
N ASP B 113 -22.57 -4.93 -13.01
CA ASP B 113 -22.67 -6.35 -12.73
C ASP B 113 -21.35 -7.03 -13.11
N PRO B 114 -20.85 -7.93 -12.28
CA PRO B 114 -19.58 -8.61 -12.60
C PRO B 114 -19.69 -9.54 -13.80
N ALA B 115 -20.89 -10.02 -14.14
CA ALA B 115 -21.08 -10.81 -15.36
C ALA B 115 -20.76 -10.02 -16.63
N LEU B 116 -20.61 -8.71 -16.52
CA LEU B 116 -20.24 -7.88 -17.67
C LEU B 116 -18.75 -7.65 -17.77
N HIS B 117 -17.98 -8.08 -16.77
CA HIS B 117 -16.54 -7.83 -16.71
C HIS B 117 -15.80 -8.73 -17.68
N ASP B 118 -15.70 -8.32 -18.95
CA ASP B 118 -14.96 -9.07 -19.97
C ASP B 118 -13.54 -8.51 -20.02
N PHE B 119 -12.61 -9.17 -19.33
CA PHE B 119 -11.22 -8.75 -19.37
C PHE B 119 -10.66 -8.81 -20.78
N GLY B 120 -11.15 -9.76 -21.59
CA GLY B 120 -10.64 -9.89 -22.96
C GLY B 120 -10.96 -8.68 -23.82
N LEU B 121 -12.19 -8.18 -23.73
CA LEU B 121 -12.55 -6.96 -24.44
C LEU B 121 -11.96 -5.73 -23.76
N PHE B 122 -11.90 -5.72 -22.43
CA PHE B 122 -11.63 -4.48 -21.71
C PHE B 122 -10.15 -4.14 -21.59
N LEU B 123 -9.30 -5.09 -21.19
CA LEU B 123 -7.88 -4.76 -21.03
C LEU B 123 -7.25 -4.17 -22.29
N PRO B 124 -7.49 -4.70 -23.50
CA PRO B 124 -6.96 -4.03 -24.71
C PRO B 124 -7.33 -2.56 -24.83
N GLN B 125 -8.57 -2.19 -24.49
CA GLN B 125 -8.98 -0.78 -24.52
C GLN B 125 -8.19 0.05 -23.51
N LEU B 126 -8.01 -0.47 -22.28
CA LEU B 126 -7.20 0.25 -21.31
C LEU B 126 -5.77 0.43 -21.81
N ARG B 127 -5.20 -0.63 -22.39
CA ARG B 127 -3.83 -0.58 -22.88
C ARG B 127 -3.67 0.49 -23.94
N LYS B 128 -4.64 0.60 -24.85
CA LYS B 128 -4.53 1.54 -25.96
C LYS B 128 -4.86 2.97 -25.53
N ILE B 129 -5.63 3.13 -24.45
CA ILE B 129 -5.78 4.45 -23.86
C ILE B 129 -4.44 4.91 -23.31
N CYS B 130 -3.78 4.05 -22.53
CA CYS B 130 -2.47 4.41 -22.00
C CYS B 130 -1.48 4.64 -23.13
N GLU B 131 -1.60 3.87 -24.22
CA GLU B 131 -0.65 3.99 -25.32
C GLU B 131 -0.94 5.22 -26.18
N LYS B 132 -2.17 5.76 -26.15
CA LYS B 132 -2.46 6.98 -26.90
C LYS B 132 -1.99 8.23 -26.17
N TYR B 133 -2.17 8.29 -24.85
CA TYR B 133 -1.93 9.50 -24.10
C TYR B 133 -0.59 9.56 -23.36
N TYR B 134 0.05 8.41 -23.11
CA TYR B 134 1.33 8.36 -22.39
C TYR B 134 2.46 7.84 -23.29
N GLY B 135 3.66 8.35 -23.03
CA GLY B 135 4.86 7.79 -23.62
C GLY B 135 5.06 6.35 -23.24
N PRO B 136 6.08 5.70 -23.81
CA PRO B 136 6.16 4.24 -23.73
C PRO B 136 6.23 3.68 -22.32
N GLU B 137 7.07 4.26 -21.45
CA GLU B 137 7.22 3.68 -20.12
C GLU B 137 6.03 4.02 -19.23
N ASP B 138 5.63 5.30 -19.21
CA ASP B 138 4.51 5.70 -18.37
C ASP B 138 3.26 4.92 -18.71
N ALA B 139 3.06 4.63 -19.99
CA ALA B 139 1.95 3.81 -20.42
C ALA B 139 1.99 2.44 -19.74
N GLU B 140 3.17 1.91 -19.50
CA GLU B 140 3.23 0.62 -18.81
C GLU B 140 2.83 0.76 -17.35
N VAL B 141 3.29 1.82 -16.67
CA VAL B 141 2.94 1.99 -15.26
C VAL B 141 1.46 2.29 -15.11
N ALA B 142 0.89 3.13 -15.98
CA ALA B 142 -0.53 3.44 -15.88
C ALA B 142 -1.38 2.22 -16.19
N TYR B 143 -1.01 1.45 -17.23
CA TYR B 143 -1.77 0.25 -17.57
C TYR B 143 -1.75 -0.78 -16.43
N GLU B 144 -0.58 -1.03 -15.85
CA GLU B 144 -0.48 -2.00 -14.74
C GLU B 144 -1.41 -1.61 -13.60
N ALA B 145 -1.47 -0.33 -13.28
CA ALA B 145 -2.34 0.09 -12.18
C ALA B 145 -3.82 -0.07 -12.55
N ALA B 146 -4.19 0.24 -13.82
CA ALA B 146 -5.59 0.08 -14.21
C ALA B 146 -5.99 -1.39 -14.21
N ARG B 147 -5.13 -2.24 -14.77
CA ARG B 147 -5.30 -3.69 -14.66
C ARG B 147 -5.43 -4.12 -13.21
N ALA B 148 -4.50 -3.69 -12.36
CA ALA B 148 -4.51 -4.11 -10.96
C ALA B 148 -5.77 -3.61 -10.24
N PHE B 149 -6.37 -2.51 -10.70
CA PHE B 149 -7.61 -2.08 -10.06
C PHE B 149 -8.81 -2.88 -10.58
N VAL B 150 -8.93 -3.04 -11.91
CA VAL B 150 -10.15 -3.70 -12.40
C VAL B 150 -10.15 -5.17 -12.01
N THR B 151 -8.99 -5.78 -11.88
CA THR B 151 -8.93 -7.16 -11.40
C THR B 151 -9.36 -7.25 -9.94
N SER B 152 -8.91 -6.29 -9.12
CA SER B 152 -9.29 -6.26 -7.70
C SER B 152 -10.80 -6.06 -7.54
N ASP B 153 -11.36 -5.05 -8.21
CA ASP B 153 -12.79 -4.80 -8.07
C ASP B 153 -13.59 -6.04 -8.45
N HIS B 154 -13.11 -6.79 -9.45
CA HIS B 154 -13.79 -8.01 -9.87
C HIS B 154 -13.58 -9.15 -8.89
N MET B 155 -12.30 -9.48 -8.60
CA MET B 155 -12.00 -10.65 -7.77
C MET B 155 -12.69 -10.56 -6.42
N PHE B 156 -12.84 -9.35 -5.87
CA PHE B 156 -13.37 -9.25 -4.52
C PHE B 156 -14.89 -9.06 -4.45
N ARG B 157 -15.62 -9.24 -5.55
CA ARG B 157 -17.07 -9.16 -5.48
C ARG B 157 -17.64 -10.29 -4.63
N ASP B 158 -17.21 -11.52 -4.88
CA ASP B 158 -17.69 -12.60 -4.00
C ASP B 158 -16.58 -13.07 -3.07
N SER B 159 -16.05 -12.13 -2.26
CA SER B 159 -14.85 -12.62 -1.57
C SER B 159 -15.01 -12.58 -0.05
N PRO B 160 -14.68 -13.71 0.56
CA PRO B 160 -14.54 -13.72 2.02
C PRO B 160 -13.45 -12.80 2.52
N ILE B 161 -12.43 -12.52 1.71
CA ILE B 161 -11.40 -11.57 2.15
C ILE B 161 -12.03 -10.20 2.34
N LYS B 162 -12.85 -9.78 1.38
CA LYS B 162 -13.53 -8.50 1.55
C LYS B 162 -14.38 -8.51 2.81
N ALA B 163 -15.16 -9.57 3.03
CA ALA B 163 -15.96 -9.67 4.24
C ALA B 163 -15.10 -9.50 5.48
N ALA B 164 -13.96 -10.19 5.54
CA ALA B 164 -13.11 -10.09 6.72
C ALA B 164 -12.53 -8.68 6.85
N LEU B 165 -11.96 -8.13 5.77
CA LEU B 165 -11.33 -6.83 5.87
C LEU B 165 -12.34 -5.71 6.14
N CYS B 166 -13.60 -5.90 5.75
CA CYS B 166 -14.61 -4.86 5.91
C CYS B 166 -15.47 -5.01 7.15
N THR B 167 -15.23 -6.02 7.96
CA THR B 167 -16.03 -6.23 9.17
C THR B 167 -15.18 -6.36 10.44
N THR B 168 -13.88 -6.09 10.40
CA THR B 168 -13.04 -6.37 11.57
C THR B 168 -12.51 -5.12 12.29
N SER B 169 -12.07 -4.10 11.55
CA SER B 169 -11.56 -2.89 12.20
C SER B 169 -11.38 -1.81 11.13
N PRO B 170 -11.37 -0.53 11.54
CA PRO B 170 -11.03 0.53 10.55
C PRO B 170 -9.66 0.33 9.93
N GLU B 171 -8.66 -0.11 10.70
CA GLU B 171 -7.35 -0.42 10.15
C GLU B 171 -7.43 -1.44 9.01
N GLN B 172 -8.10 -2.58 9.24
CA GLN B 172 -8.19 -3.58 8.17
C GLN B 172 -8.91 -3.00 6.96
N TYR B 173 -9.98 -2.24 7.23
CA TYR B 173 -10.81 -1.73 6.15
C TYR B 173 -10.03 -0.76 5.26
N PHE B 174 -9.35 0.22 5.86
CA PHE B 174 -8.62 1.19 5.05
C PHE B 174 -7.47 0.53 4.31
N ARG B 175 -6.88 -0.51 4.90
CA ARG B 175 -5.91 -1.32 4.18
C ARG B 175 -6.48 -1.86 2.88
N PHE B 176 -7.71 -2.36 2.90
CA PHE B 176 -8.36 -2.82 1.67
C PHE B 176 -8.54 -1.66 0.68
N ARG B 177 -8.90 -0.49 1.19
CA ARG B 177 -9.29 0.61 0.31
C ARG B 177 -8.10 1.28 -0.37
N VAL B 178 -6.87 1.04 0.09
CA VAL B 178 -5.73 1.63 -0.62
C VAL B 178 -5.81 1.30 -2.09
N THR B 179 -6.18 0.05 -2.41
CA THR B 179 -6.41 -0.37 -3.78
C THR B 179 -7.86 -0.17 -4.20
N ASP B 180 -8.80 -0.57 -3.35
CA ASP B 180 -10.19 -0.68 -3.80
C ASP B 180 -10.82 0.68 -4.06
N ILE B 181 -10.48 1.71 -3.27
CA ILE B 181 -11.05 3.01 -3.61
C ILE B 181 -10.45 3.53 -4.89
N GLY B 182 -9.34 2.95 -5.38
CA GLY B 182 -8.71 3.36 -6.63
C GLY B 182 -7.60 4.38 -6.50
N VAL B 183 -7.20 4.75 -5.28
CA VAL B 183 -6.25 5.85 -5.13
C VAL B 183 -4.84 5.45 -5.55
N ASP B 184 -4.42 4.22 -5.29
CA ASP B 184 -3.10 3.83 -5.77
C ASP B 184 -3.04 3.92 -7.29
N PHE B 185 -4.09 3.43 -7.95
CA PHE B 185 -4.25 3.57 -9.39
C PHE B 185 -4.16 5.05 -9.79
N TRP B 186 -4.93 5.89 -9.10
CA TRP B 186 -4.92 7.32 -9.35
C TRP B 186 -3.52 7.91 -9.34
N MET B 187 -2.75 7.60 -8.30
CA MET B 187 -1.42 8.18 -8.20
C MET B 187 -0.52 7.68 -9.33
N LYS B 188 -0.62 6.39 -9.66
CA LYS B 188 0.28 5.81 -10.65
C LYS B 188 -0.09 6.21 -12.07
N MET B 189 -1.26 6.82 -12.27
CA MET B 189 -1.56 7.40 -13.58
C MET B 189 -1.48 8.93 -13.58
N SER B 190 -1.47 9.56 -12.41
CA SER B 190 -1.40 11.01 -12.30
C SER B 190 0.01 11.58 -12.25
N TYR B 191 1.03 10.79 -11.85
CA TYR B 191 2.35 11.39 -11.75
C TYR B 191 2.86 11.96 -13.08
N PRO B 192 2.59 11.40 -14.25
CA PRO B 192 3.03 12.07 -15.49
C PRO B 192 2.39 13.46 -15.69
N ILE B 193 1.31 13.78 -14.98
CA ILE B 193 0.72 15.11 -15.10
C ILE B 193 1.68 16.18 -14.62
N TYR B 194 2.46 15.86 -13.59
CA TYR B 194 3.24 16.85 -12.85
C TYR B 194 4.73 16.84 -13.15
N ARG B 195 5.26 15.72 -13.67
CA ARG B 195 6.69 15.55 -13.98
C ARG B 195 7.56 16.02 -12.80
N HIS B 196 7.15 15.63 -11.59
CA HIS B 196 7.82 16.05 -10.37
C HIS B 196 8.49 14.85 -9.73
N PRO B 197 9.83 14.80 -9.67
CA PRO B 197 10.52 13.58 -9.24
C PRO B 197 10.01 12.98 -7.94
N GLU B 198 9.99 13.77 -6.87
CA GLU B 198 9.56 13.26 -5.56
C GLU B 198 8.14 12.72 -5.61
N PHE B 199 7.24 13.39 -6.33
CA PHE B 199 5.86 12.92 -6.41
C PHE B 199 5.78 11.59 -7.14
N THR B 200 6.58 11.45 -8.21
CA THR B 200 6.63 10.20 -8.95
C THR B 200 7.11 9.05 -8.07
N GLU B 201 8.10 9.30 -7.21
CA GLU B 201 8.55 8.22 -6.32
C GLU B 201 7.48 7.86 -5.29
N HIS B 202 6.85 8.88 -4.66
CA HIS B 202 5.80 8.58 -3.69
C HIS B 202 4.63 7.85 -4.35
N ALA B 203 4.39 8.15 -5.64
CA ALA B 203 3.38 7.41 -6.38
C ALA B 203 3.80 5.95 -6.56
N LYS B 204 5.04 5.72 -6.97
CA LYS B 204 5.42 4.37 -7.32
C LYS B 204 5.65 3.47 -6.10
N THR B 205 5.99 4.04 -4.95
CA THR B 205 6.05 3.25 -3.71
C THR B 205 4.67 3.02 -3.10
N SER B 206 3.65 3.75 -3.57
CA SER B 206 2.30 3.76 -3.01
C SER B 206 2.19 4.50 -1.69
N LEU B 207 3.28 5.11 -1.20
CA LEU B 207 3.15 5.97 -0.01
C LEU B 207 2.18 7.12 -0.27
N ALA B 208 2.18 7.64 -1.50
CA ALA B 208 1.22 8.68 -1.86
C ALA B 208 -0.21 8.20 -1.63
N ALA B 209 -0.52 7.00 -2.11
CA ALA B 209 -1.85 6.44 -1.90
C ALA B 209 -2.11 6.16 -0.42
N ARG B 210 -1.12 5.63 0.29
CA ARG B 210 -1.36 5.32 1.70
C ARG B 210 -1.63 6.60 2.52
N MET B 211 -1.07 7.75 2.10
CA MET B 211 -1.29 8.97 2.87
C MET B 211 -2.69 9.55 2.63
N THR B 212 -3.29 9.27 1.48
CA THR B 212 -4.53 9.92 1.10
C THR B 212 -5.75 9.02 1.19
N THR B 213 -5.54 7.72 1.47
CA THR B 213 -6.64 6.76 1.45
C THR B 213 -7.75 7.13 2.44
N ARG B 214 -7.39 7.46 3.68
CA ARG B 214 -8.45 7.67 4.66
C ARG B 214 -9.26 8.93 4.34
N GLY B 215 -8.58 10.00 3.92
CA GLY B 215 -9.30 11.23 3.61
C GLY B 215 -10.27 11.05 2.46
N LEU B 216 -9.88 10.31 1.43
CA LEU B 216 -10.79 10.04 0.32
C LEU B 216 -11.91 9.13 0.77
N THR B 217 -11.56 8.05 1.48
CA THR B 217 -12.51 6.99 1.76
C THR B 217 -13.57 7.43 2.76
N ILE B 218 -13.17 8.11 3.81
CA ILE B 218 -14.13 8.50 4.84
C ILE B 218 -15.20 9.40 4.23
N VAL B 219 -14.77 10.34 3.39
CA VAL B 219 -15.71 11.21 2.69
C VAL B 219 -16.58 10.41 1.73
N ASN B 220 -15.96 9.58 0.88
CA ASN B 220 -16.76 8.79 -0.04
C ASN B 220 -17.77 7.92 0.70
N ASP B 221 -17.32 7.24 1.78
CA ASP B 221 -18.19 6.34 2.49
C ASP B 221 -19.38 7.08 3.09
N PHE B 222 -19.17 8.27 3.62
CA PHE B 222 -20.28 8.95 4.27
C PHE B 222 -21.38 9.23 3.26
N TYR B 223 -21.01 9.75 2.10
CA TYR B 223 -22.00 10.19 1.13
C TYR B 223 -22.49 9.08 0.22
N SER B 224 -21.83 7.90 0.18
CA SER B 224 -22.35 6.79 -0.62
C SER B 224 -22.97 5.70 0.25
N TYR B 225 -23.03 5.92 1.57
CA TYR B 225 -23.58 4.92 2.49
C TYR B 225 -24.99 4.48 2.11
N ASP B 226 -25.88 5.44 1.84
CA ASP B 226 -27.28 5.06 1.60
C ASP B 226 -27.40 4.17 0.38
N ARG B 227 -26.72 4.52 -0.71
CA ARG B 227 -26.77 3.71 -1.91
C ARG B 227 -26.18 2.32 -1.65
N GLU B 228 -25.00 2.27 -1.05
CA GLU B 228 -24.32 1.00 -0.90
C GLU B 228 -25.10 0.05 0.01
N VAL B 229 -25.73 0.58 1.05
CA VAL B 229 -26.54 -0.26 1.91
C VAL B 229 -27.73 -0.85 1.15
N SER B 230 -28.43 -0.03 0.36
CA SER B 230 -29.59 -0.54 -0.39
C SER B 230 -29.20 -1.67 -1.34
N LEU B 231 -27.93 -1.77 -1.69
CA LEU B 231 -27.44 -2.81 -2.57
C LEU B 231 -26.84 -4.00 -1.84
N GLY B 232 -26.74 -3.94 -0.50
CA GLY B 232 -26.03 -4.97 0.21
C GLY B 232 -24.52 -4.88 0.11
N GLN B 233 -23.98 -3.83 -0.51
CA GLN B 233 -22.54 -3.66 -0.59
C GLN B 233 -21.98 -3.34 0.79
N ILE B 234 -20.86 -4.00 1.14
CA ILE B 234 -20.34 -3.92 2.50
C ILE B 234 -19.10 -3.05 2.60
N THR B 235 -18.59 -2.53 1.47
CA THR B 235 -17.34 -1.79 1.49
C THR B 235 -17.60 -0.33 1.88
N ASN B 236 -17.70 -0.09 3.19
CA ASN B 236 -18.04 1.23 3.73
C ASN B 236 -17.75 1.27 5.23
N CYS B 237 -16.89 2.17 5.68
CA CYS B 237 -16.47 2.12 7.09
C CYS B 237 -17.61 2.42 8.05
N PHE B 238 -18.66 3.15 7.62
CA PHE B 238 -19.73 3.40 8.59
C PHE B 238 -20.58 2.17 8.89
N ARG B 239 -20.43 1.07 8.13
CA ARG B 239 -21.03 -0.19 8.54
C ARG B 239 -20.36 -0.76 9.79
N LEU B 240 -19.18 -0.26 10.14
CA LEU B 240 -18.53 -0.68 11.37
C LEU B 240 -19.19 -0.11 12.61
N CYS B 241 -20.01 0.93 12.50
CA CYS B 241 -20.66 1.46 13.67
C CYS B 241 -22.17 1.39 13.49
N ASP B 242 -22.87 1.48 14.61
CA ASP B 242 -24.32 1.48 14.62
C ASP B 242 -24.77 2.90 14.28
N VAL B 243 -25.02 3.14 12.99
CA VAL B 243 -25.44 4.49 12.60
C VAL B 243 -26.82 4.83 13.11
N SER B 244 -27.61 3.84 13.57
CA SER B 244 -28.91 4.17 14.17
C SER B 244 -28.80 4.56 15.64
N ASP B 245 -27.60 4.69 16.17
CA ASP B 245 -27.37 5.11 17.55
C ASP B 245 -26.57 6.41 17.45
N GLU B 246 -27.24 7.53 17.73
CA GLU B 246 -26.59 8.84 17.59
C GLU B 246 -25.30 8.90 18.40
N THR B 247 -25.33 8.35 19.62
CA THR B 247 -24.13 8.30 20.46
C THR B 247 -22.98 7.62 19.73
N ALA B 248 -23.20 6.38 19.30
CA ALA B 248 -22.13 5.60 18.70
C ALA B 248 -21.67 6.24 17.39
N PHE B 249 -22.63 6.69 16.56
CA PHE B 249 -22.25 7.32 15.29
C PHE B 249 -21.32 8.49 15.53
N LYS B 250 -21.61 9.33 16.51
CA LYS B 250 -20.83 10.54 16.70
C LYS B 250 -19.42 10.24 17.17
N GLU B 251 -19.27 9.28 18.09
CA GLU B 251 -17.95 8.85 18.50
C GLU B 251 -17.14 8.37 17.29
N PHE B 252 -17.75 7.52 16.48
CA PHE B 252 -17.08 6.97 15.30
C PHE B 252 -16.71 8.08 14.33
N PHE B 253 -17.66 8.98 14.04
CA PHE B 253 -17.39 10.04 13.08
C PHE B 253 -16.24 10.92 13.55
N GLN B 254 -16.25 11.30 14.84
CA GLN B 254 -15.13 12.03 15.41
C GLN B 254 -13.82 11.25 15.27
N ALA B 255 -13.87 9.94 15.49
CA ALA B 255 -12.66 9.13 15.28
C ALA B 255 -12.16 9.24 13.84
N ARG B 256 -13.08 9.25 12.88
CA ARG B 256 -12.66 9.33 11.48
C ARG B 256 -12.13 10.73 11.14
N LEU B 257 -12.74 11.78 11.70
CA LEU B 257 -12.19 13.12 11.55
C LEU B 257 -10.76 13.19 12.06
N ASP B 258 -10.51 12.66 13.26
CA ASP B 258 -9.16 12.64 13.79
C ASP B 258 -8.20 11.92 12.85
N ASP B 259 -8.64 10.80 12.26
CA ASP B 259 -7.84 10.11 11.24
C ASP B 259 -7.45 11.07 10.12
N MET B 260 -8.43 11.80 9.59
CA MET B 260 -8.16 12.71 8.49
C MET B 260 -7.16 13.78 8.91
N ILE B 261 -7.35 14.34 10.10
CA ILE B 261 -6.51 15.43 10.57
C ILE B 261 -5.07 14.96 10.73
N GLU B 262 -4.88 13.79 11.33
CA GLU B 262 -3.51 13.31 11.48
C GLU B 262 -2.84 13.09 10.13
N ASP B 263 -3.56 12.51 9.16
CA ASP B 263 -2.99 12.33 7.83
C ASP B 263 -2.63 13.67 7.20
N ILE B 264 -3.55 14.63 7.26
CA ILE B 264 -3.30 15.91 6.60
C ILE B 264 -2.08 16.60 7.20
N GLU B 265 -1.95 16.56 8.52
CA GLU B 265 -0.81 17.25 9.13
C GLU B 265 0.51 16.51 8.90
N CYS B 266 0.47 15.18 8.74
CA CYS B 266 1.67 14.50 8.28
C CYS B 266 1.95 14.78 6.80
N ILE B 267 0.90 15.00 6.00
CA ILE B 267 1.12 15.37 4.59
C ILE B 267 1.96 16.66 4.48
N LYS B 268 1.87 17.55 5.47
CA LYS B 268 2.62 18.80 5.40
C LYS B 268 4.13 18.62 5.49
N ALA B 269 4.61 17.42 5.84
CA ALA B 269 6.05 17.16 5.81
C ALA B 269 6.57 16.87 4.41
N PHE B 270 5.70 16.57 3.45
CA PHE B 270 6.20 16.28 2.11
C PHE B 270 6.63 17.59 1.44
N ASP B 271 7.27 17.48 0.27
CA ASP B 271 7.70 18.65 -0.47
C ASP B 271 6.47 19.44 -0.90
N GLN B 272 6.71 20.68 -1.34
CA GLN B 272 5.62 21.62 -1.49
C GLN B 272 4.66 21.21 -2.61
N LEU B 273 5.20 20.82 -3.76
CA LEU B 273 4.35 20.35 -4.86
C LEU B 273 3.57 19.11 -4.44
N THR B 274 4.28 18.11 -3.89
CA THR B 274 3.62 16.88 -3.48
C THR B 274 2.49 17.18 -2.48
N GLN B 275 2.77 18.02 -1.49
CA GLN B 275 1.77 18.37 -0.48
C GLN B 275 0.54 19.02 -1.10
N ASP B 276 0.74 19.98 -2.00
CA ASP B 276 -0.40 20.60 -2.68
C ASP B 276 -1.23 19.55 -3.40
N VAL B 277 -0.58 18.61 -4.08
CA VAL B 277 -1.30 17.59 -4.83
C VAL B 277 -2.11 16.70 -3.88
N PHE B 278 -1.48 16.21 -2.82
CA PHE B 278 -2.19 15.33 -1.88
C PHE B 278 -3.41 16.04 -1.29
N LEU B 279 -3.25 17.29 -0.88
CA LEU B 279 -4.35 17.97 -0.21
C LEU B 279 -5.44 18.37 -1.19
N ASP B 280 -5.07 18.79 -2.41
CA ASP B 280 -6.09 19.07 -3.42
C ASP B 280 -6.87 17.82 -3.75
N LEU B 281 -6.24 16.65 -3.69
CA LEU B 281 -6.96 15.41 -3.94
C LEU B 281 -8.02 15.17 -2.87
N ILE B 282 -7.63 15.26 -1.60
CA ILE B 282 -8.58 14.97 -0.52
C ILE B 282 -9.67 16.03 -0.46
N TYR B 283 -9.29 17.29 -0.54
CA TYR B 283 -10.27 18.36 -0.40
C TYR B 283 -11.11 18.48 -1.68
N GLY B 284 -10.49 18.34 -2.84
CA GLY B 284 -11.26 18.33 -4.08
C GLY B 284 -12.27 17.21 -4.15
N ASN B 285 -11.89 16.03 -3.66
CA ASN B 285 -12.85 14.93 -3.67
C ASN B 285 -14.06 15.27 -2.82
N PHE B 286 -13.87 16.00 -1.73
CA PHE B 286 -14.99 16.37 -0.88
C PHE B 286 -15.89 17.39 -1.58
N VAL B 287 -15.29 18.37 -2.24
CA VAL B 287 -16.09 19.35 -2.98
C VAL B 287 -16.91 18.66 -4.06
N TRP B 288 -16.25 17.81 -4.85
CA TRP B 288 -16.92 17.07 -5.92
C TRP B 288 -18.01 16.16 -5.36
N THR B 289 -17.71 15.42 -4.29
CA THR B 289 -18.68 14.48 -3.73
C THR B 289 -19.95 15.18 -3.30
N THR B 290 -19.82 16.37 -2.70
CA THR B 290 -20.96 17.05 -2.13
C THR B 290 -21.78 17.83 -3.18
N SER B 291 -21.32 17.94 -4.42
CA SER B 291 -22.13 18.60 -5.43
C SER B 291 -22.51 17.69 -6.59
N ASN B 292 -22.38 16.38 -6.44
CA ASN B 292 -22.58 15.42 -7.52
C ASN B 292 -23.84 14.61 -7.22
N LYS B 293 -24.78 14.57 -8.16
CA LYS B 293 -26.01 13.83 -7.96
C LYS B 293 -25.76 12.36 -7.64
N ARG B 294 -24.63 11.82 -8.12
CA ARG B 294 -24.27 10.44 -7.82
C ARG B 294 -24.38 10.12 -6.34
N TYR B 295 -24.15 11.10 -5.47
CA TYR B 295 -23.97 10.86 -4.04
C TYR B 295 -25.11 11.39 -3.17
N LYS B 296 -26.24 11.77 -3.76
CA LYS B 296 -27.40 12.24 -3.01
C LYS B 296 -28.54 11.24 -2.93
N THR B 297 -28.60 10.28 -3.85
CA THR B 297 -29.68 9.32 -3.97
C THR B 297 -29.08 8.03 -4.51
N ALA B 298 -29.70 6.88 -4.19
CA ALA B 298 -29.55 5.74 -5.09
C ALA B 298 -30.80 5.55 -5.94
N VAL B 299 -30.64 5.56 -7.27
CA VAL B 299 -31.64 5.27 -8.32
C VAL B 299 -31.76 6.50 -9.23
N ASN B 300 -30.74 6.73 -10.06
CA ASN B 300 -30.90 7.68 -11.16
C ASN B 300 -30.12 7.16 -12.36
N ASP B 301 -30.37 7.74 -13.52
CA ASP B 301 -29.77 7.25 -14.76
C ASP B 301 -28.25 7.30 -14.70
N VAL B 302 -27.73 8.01 -13.71
CA VAL B 302 -26.31 8.29 -13.56
C VAL B 302 -25.62 7.47 -12.49
N ASN B 303 -26.35 6.82 -11.55
CA ASN B 303 -25.71 6.19 -10.41
C ASN B 303 -26.05 4.71 -10.22
N SER B 304 -26.67 4.09 -11.21
CA SER B 304 -27.56 2.96 -11.00
C SER B 304 -26.90 1.60 -11.25
N ARG B 305 -27.10 1.08 -12.46
CA ARG B 305 -27.10 -0.35 -12.77
C ARG B 305 -28.13 -0.52 -13.86
N ILE B 306 -28.30 -1.75 -14.33
CA ILE B 306 -29.48 -2.14 -15.10
C ILE B 306 -29.77 -3.59 -14.73
N GLN B 307 -30.85 -3.82 -13.96
CA GLN B 307 -31.13 -5.10 -13.32
C GLN B 307 -32.20 -5.90 -14.05
N ALA B 308 -31.85 -7.11 -14.48
CA ALA B 308 -32.78 -8.01 -15.18
C ALA B 308 -33.05 -9.27 -14.38
N GLY A 14 16.88 4.65 31.17
CA GLY A 14 16.73 3.36 30.51
C GLY A 14 15.86 3.38 29.26
N ARG A 15 16.26 4.15 28.26
CA ARG A 15 15.54 4.18 26.99
C ARG A 15 16.44 3.86 25.80
N SER A 16 17.68 3.48 26.02
CA SER A 16 18.57 3.07 24.94
C SER A 16 18.55 1.57 24.66
N SER A 17 17.77 0.77 25.41
CA SER A 17 17.85 -0.68 25.21
C SER A 17 16.66 -1.38 25.84
N VAL A 18 16.01 -2.26 25.07
CA VAL A 18 14.92 -3.07 25.57
C VAL A 18 15.44 -4.36 26.22
N ARG A 19 16.73 -4.41 26.53
CA ARG A 19 17.32 -5.58 27.21
C ARG A 19 16.50 -6.11 28.39
N PRO A 20 16.00 -5.31 29.31
CA PRO A 20 15.24 -5.88 30.44
C PRO A 20 14.08 -6.78 30.02
N TYR A 21 13.49 -6.56 28.85
CA TYR A 21 12.29 -7.26 28.40
C TYR A 21 12.58 -8.38 27.40
N LEU A 22 13.85 -8.64 27.10
CA LEU A 22 14.19 -9.53 26.00
C LEU A 22 13.56 -10.92 26.16
N GLU A 23 13.62 -11.49 27.38
CA GLU A 23 13.14 -12.86 27.57
C GLU A 23 11.62 -12.94 27.58
N GLU A 24 10.95 -12.07 28.35
CA GLU A 24 9.48 -12.05 28.35
C GLU A 24 8.92 -11.82 26.96
N CYS A 25 9.45 -10.81 26.24
CA CYS A 25 8.91 -10.48 24.94
C CYS A 25 9.14 -11.60 23.94
N THR A 26 10.33 -12.22 23.96
CA THR A 26 10.56 -13.37 23.09
C THR A 26 9.54 -14.45 23.35
N ARG A 27 9.36 -14.78 24.63
CA ARG A 27 8.44 -15.83 25.03
C ARG A 27 7.02 -15.50 24.59
N ARG A 28 6.61 -14.24 24.73
CA ARG A 28 5.23 -13.90 24.38
C ARG A 28 4.99 -13.86 22.86
N PHE A 29 5.96 -13.37 22.09
CA PHE A 29 5.92 -13.54 20.63
C PHE A 29 5.69 -15.02 20.27
N GLN A 30 6.51 -15.91 20.81
CA GLN A 30 6.39 -17.31 20.43
C GLN A 30 5.04 -17.89 20.83
N GLU A 31 4.55 -17.56 22.04
CA GLU A 31 3.26 -18.06 22.46
C GLU A 31 2.15 -17.59 21.52
N MET A 32 2.24 -16.33 21.08
CA MET A 32 1.27 -15.78 20.14
C MET A 32 1.28 -16.58 18.84
N PHE A 33 2.48 -16.84 18.29
CA PHE A 33 2.57 -17.64 17.08
C PHE A 33 1.99 -19.05 17.29
N ASP A 34 2.29 -19.68 18.42
CA ASP A 34 1.85 -21.06 18.63
C ASP A 34 0.33 -21.15 18.68
N ARG A 35 -0.31 -20.19 19.32
CA ARG A 35 -1.76 -20.17 19.44
C ARG A 35 -2.43 -19.84 18.10
N HIS A 36 -1.91 -18.86 17.36
CA HIS A 36 -2.62 -18.29 16.22
C HIS A 36 -2.10 -18.72 14.86
N VAL A 37 -0.93 -19.37 14.77
CA VAL A 37 -0.44 -19.94 13.53
C VAL A 37 -0.19 -21.44 13.67
N VAL A 38 0.34 -21.87 14.81
CA VAL A 38 0.54 -23.27 15.19
C VAL A 38 1.61 -23.97 14.34
N THR A 39 1.38 -24.09 13.03
CA THR A 39 2.36 -24.74 12.16
C THR A 39 3.68 -23.95 12.16
N ARG A 40 4.79 -24.69 12.08
CA ARG A 40 6.13 -24.10 12.18
C ARG A 40 6.65 -23.72 10.79
N PRO A 41 7.34 -22.58 10.67
CA PRO A 41 8.05 -22.27 9.43
C PRO A 41 9.06 -23.35 9.06
N THR A 42 9.32 -23.49 7.76
CA THR A 42 10.30 -24.44 7.25
C THR A 42 11.43 -23.68 6.58
N LYS A 43 12.67 -24.06 6.90
CA LYS A 43 13.85 -23.46 6.27
C LYS A 43 14.19 -24.20 4.99
N VAL A 44 14.54 -23.45 3.94
CA VAL A 44 14.99 -24.03 2.68
C VAL A 44 16.46 -24.42 2.80
N GLU A 45 16.83 -25.56 2.23
CA GLU A 45 18.22 -26.00 2.18
C GLU A 45 18.68 -26.06 0.74
N LEU A 46 19.28 -24.97 0.28
CA LEU A 46 19.99 -24.91 -0.99
C LEU A 46 21.08 -25.98 -1.08
N THR A 47 21.39 -26.40 -2.31
CA THR A 47 22.63 -27.11 -2.49
C THR A 47 23.79 -26.15 -2.29
N ASP A 48 25.00 -26.71 -2.24
CA ASP A 48 26.16 -25.82 -2.21
C ASP A 48 26.29 -25.08 -3.54
N ALA A 49 26.09 -25.78 -4.66
CA ALA A 49 26.12 -25.12 -5.97
C ALA A 49 25.17 -23.93 -6.01
N GLU A 50 23.95 -24.12 -5.54
CA GLU A 50 23.02 -22.99 -5.44
C GLU A 50 23.54 -21.94 -4.47
N LEU A 51 24.20 -22.38 -3.38
CA LEU A 51 24.73 -21.40 -2.43
C LEU A 51 25.81 -20.53 -3.06
N ARG A 52 26.73 -21.13 -3.82
CA ARG A 52 27.79 -20.32 -4.42
C ARG A 52 27.22 -19.41 -5.50
N GLU A 53 26.21 -19.88 -6.24
CA GLU A 53 25.62 -19.03 -7.25
C GLU A 53 25.05 -17.76 -6.64
N VAL A 54 24.37 -17.87 -5.49
CA VAL A 54 23.79 -16.70 -4.84
C VAL A 54 24.87 -15.75 -4.34
N ILE A 55 25.81 -16.27 -3.55
CA ILE A 55 26.82 -15.42 -2.95
C ILE A 55 27.74 -14.84 -4.02
N ASP A 56 28.07 -15.62 -5.06
CA ASP A 56 28.79 -15.07 -6.19
C ASP A 56 28.08 -13.84 -6.75
N ASP A 57 26.79 -13.98 -7.06
CA ASP A 57 26.06 -12.86 -7.67
C ASP A 57 25.91 -11.70 -6.71
N CYS A 58 25.79 -11.97 -5.41
CA CYS A 58 25.79 -10.90 -4.42
C CYS A 58 27.09 -10.11 -4.46
N ASN A 59 28.23 -10.80 -4.44
CA ASN A 59 29.53 -10.10 -4.45
C ASN A 59 29.72 -9.31 -5.73
N ALA A 60 29.35 -9.90 -6.87
CA ALA A 60 29.42 -9.18 -8.14
C ALA A 60 28.50 -7.96 -8.13
N ALA A 61 27.35 -8.07 -7.46
CA ALA A 61 26.39 -6.97 -7.47
C ALA A 61 26.92 -5.77 -6.73
N VAL A 62 27.55 -5.97 -5.57
CA VAL A 62 27.95 -4.85 -4.74
C VAL A 62 29.40 -4.44 -4.97
N ALA A 63 30.17 -5.23 -5.71
CA ALA A 63 31.55 -4.85 -5.98
C ALA A 63 31.71 -3.46 -6.59
N PRO A 64 30.85 -2.99 -7.50
CA PRO A 64 31.04 -1.62 -8.01
C PRO A 64 30.95 -0.56 -6.93
N LEU A 65 30.37 -0.88 -5.76
CA LEU A 65 30.25 0.05 -4.65
C LEU A 65 31.48 0.10 -3.77
N GLY A 66 32.39 -0.86 -3.87
CA GLY A 66 33.66 -0.76 -3.20
C GLY A 66 33.82 -1.54 -1.89
N LYS A 67 32.75 -1.98 -1.25
CA LYS A 67 32.85 -2.50 0.11
C LYS A 67 32.69 -4.01 0.16
N THR A 68 33.71 -4.68 0.71
CA THR A 68 33.72 -6.13 0.84
C THR A 68 32.69 -6.59 1.86
N VAL A 69 31.96 -7.65 1.51
CA VAL A 69 30.99 -8.27 2.40
C VAL A 69 31.41 -9.72 2.63
N SER A 70 31.56 -10.10 3.89
CA SER A 70 32.01 -11.44 4.23
C SER A 70 30.90 -12.48 3.99
N ASP A 71 31.32 -13.72 3.75
CA ASP A 71 30.39 -14.85 3.68
C ASP A 71 29.41 -14.85 4.83
N GLU A 72 29.89 -14.70 6.07
CA GLU A 72 28.95 -14.88 7.16
C GLU A 72 28.03 -13.68 7.32
N ARG A 73 28.43 -12.50 6.83
CA ARG A 73 27.47 -11.40 6.74
C ARG A 73 26.41 -11.69 5.67
N TRP A 74 26.83 -12.26 4.52
CA TRP A 74 25.85 -12.68 3.52
C TRP A 74 24.87 -13.70 4.11
N ILE A 75 25.39 -14.65 4.88
CA ILE A 75 24.53 -15.68 5.44
C ILE A 75 23.56 -15.07 6.44
N SER A 76 24.03 -14.10 7.21
CA SER A 76 23.14 -13.39 8.12
C SER A 76 21.99 -12.73 7.35
N TYR A 77 22.29 -12.12 6.21
CA TYR A 77 21.24 -11.48 5.42
C TYR A 77 20.30 -12.51 4.80
N VAL A 78 20.86 -13.57 4.22
CA VAL A 78 20.06 -14.51 3.43
C VAL A 78 19.14 -15.36 4.29
N GLY A 79 19.42 -15.46 5.60
CA GLY A 79 18.63 -16.35 6.43
C GLY A 79 17.15 -16.04 6.42
N VAL A 80 16.78 -14.76 6.24
CA VAL A 80 15.36 -14.43 6.24
C VAL A 80 14.67 -15.08 5.06
N VAL A 81 15.34 -15.18 3.91
CA VAL A 81 14.74 -15.85 2.77
C VAL A 81 14.63 -17.35 3.03
N LEU A 82 15.66 -17.93 3.65
CA LEU A 82 15.68 -19.37 3.87
C LEU A 82 14.56 -19.79 4.80
N TRP A 83 14.23 -18.93 5.78
CA TRP A 83 13.28 -19.24 6.85
C TRP A 83 11.87 -18.73 6.59
N SER A 84 11.72 -17.69 5.78
CA SER A 84 10.47 -16.94 5.74
C SER A 84 9.73 -17.05 4.41
N GLN A 85 10.21 -17.87 3.48
CA GLN A 85 9.39 -18.25 2.34
C GLN A 85 8.47 -19.39 2.77
N SER A 86 8.04 -20.22 1.84
CA SER A 86 7.01 -21.24 2.10
C SER A 86 7.39 -22.47 1.30
N PRO A 87 8.33 -23.29 1.78
CA PRO A 87 8.95 -24.31 0.92
C PRO A 87 7.97 -25.34 0.40
N ARG A 88 6.88 -25.60 1.13
CA ARG A 88 5.78 -26.44 0.65
C ARG A 88 5.36 -26.09 -0.76
N HIS A 89 5.25 -24.79 -1.04
CA HIS A 89 4.60 -24.26 -2.22
C HIS A 89 5.56 -23.79 -3.29
N ILE A 90 6.88 -23.92 -3.07
CA ILE A 90 7.83 -23.45 -4.06
C ILE A 90 7.65 -24.21 -5.37
N LYS A 91 7.58 -23.47 -6.47
CA LYS A 91 7.61 -24.06 -7.80
C LYS A 91 8.84 -23.69 -8.59
N ASP A 92 9.39 -22.51 -8.41
CA ASP A 92 10.48 -21.98 -9.24
C ASP A 92 11.66 -21.64 -8.32
N MET A 93 12.66 -22.54 -8.26
CA MET A 93 13.86 -22.28 -7.46
C MET A 93 14.76 -21.21 -8.08
N GLU A 94 14.63 -20.93 -9.37
CA GLU A 94 15.36 -19.81 -9.92
C GLU A 94 14.84 -18.49 -9.37
N ALA A 95 13.53 -18.34 -9.24
CA ALA A 95 12.99 -17.17 -8.57
C ALA A 95 13.41 -17.12 -7.10
N PHE A 96 13.46 -18.27 -6.43
CA PHE A 96 13.92 -18.30 -5.04
C PHE A 96 15.34 -17.77 -4.93
N LYS A 97 16.25 -18.27 -5.77
CA LYS A 97 17.63 -17.77 -5.75
C LYS A 97 17.67 -16.27 -6.00
N ALA A 98 16.81 -15.78 -6.89
CA ALA A 98 16.75 -14.34 -7.15
C ALA A 98 16.38 -13.57 -5.87
N VAL A 99 15.39 -14.07 -5.14
CA VAL A 99 15.00 -13.38 -3.91
C VAL A 99 16.13 -13.40 -2.90
N CYS A 100 16.87 -14.52 -2.83
CA CYS A 100 18.07 -14.55 -1.98
C CYS A 100 19.02 -13.41 -2.35
N VAL A 101 19.37 -13.31 -3.63
CA VAL A 101 20.36 -12.32 -4.06
C VAL A 101 19.85 -10.91 -3.81
N LEU A 102 18.66 -10.61 -4.31
CA LEU A 102 18.10 -9.25 -4.19
C LEU A 102 17.91 -8.85 -2.73
N ASN A 103 17.39 -9.76 -1.91
CA ASN A 103 17.27 -9.47 -0.48
C ASN A 103 18.62 -9.09 0.12
N CYS A 104 19.66 -9.84 -0.20
CA CYS A 104 20.96 -9.62 0.43
C CYS A 104 21.59 -8.32 -0.04
N VAL A 105 21.57 -8.05 -1.35
CA VAL A 105 22.31 -6.89 -1.82
C VAL A 105 21.61 -5.59 -1.41
N THR A 106 20.28 -5.60 -1.32
CA THR A 106 19.61 -4.40 -0.79
C THR A 106 19.72 -4.31 0.73
N PHE A 107 19.96 -5.44 1.41
CA PHE A 107 20.34 -5.40 2.81
C PHE A 107 21.66 -4.65 3.00
N VAL A 108 22.65 -4.92 2.15
CA VAL A 108 23.90 -4.15 2.17
C VAL A 108 23.60 -2.65 2.01
N TRP A 109 22.77 -2.32 1.02
CA TRP A 109 22.36 -0.93 0.81
C TRP A 109 21.76 -0.33 2.08
N ASP A 110 20.90 -1.10 2.76
CA ASP A 110 20.29 -0.65 4.02
C ASP A 110 21.35 -0.31 5.06
N ASP A 111 22.43 -1.09 5.10
CA ASP A 111 23.48 -0.96 6.08
C ASP A 111 24.57 0.04 5.70
N MET A 112 24.48 0.71 4.54
CA MET A 112 25.51 1.65 4.09
C MET A 112 25.12 3.10 4.40
N ASP A 113 26.13 3.95 4.55
CA ASP A 113 25.89 5.38 4.52
C ASP A 113 25.53 5.80 3.10
N PRO A 114 24.58 6.72 2.92
CA PRO A 114 24.17 7.06 1.54
C PRO A 114 25.30 7.65 0.72
N ALA A 115 26.39 8.06 1.36
CA ALA A 115 27.61 8.42 0.64
C ALA A 115 28.08 7.32 -0.31
N LEU A 116 27.74 6.06 0.00
CA LEU A 116 28.13 4.92 -0.81
C LEU A 116 27.10 4.54 -1.88
N HIS A 117 25.93 5.19 -1.86
CA HIS A 117 24.78 4.80 -2.66
C HIS A 117 24.93 5.32 -4.09
N ASP A 118 25.62 4.55 -4.94
CA ASP A 118 25.85 4.95 -6.33
C ASP A 118 24.79 4.29 -7.21
N PHE A 119 23.76 5.07 -7.54
CA PHE A 119 22.65 4.52 -8.32
C PHE A 119 23.11 4.09 -9.71
N GLY A 120 23.97 4.90 -10.35
CA GLY A 120 24.44 4.55 -11.68
C GLY A 120 25.14 3.21 -11.76
N LEU A 121 25.89 2.85 -10.71
CA LEU A 121 26.59 1.57 -10.68
C LEU A 121 25.71 0.43 -10.17
N PHE A 122 24.79 0.70 -9.25
CA PHE A 122 24.07 -0.39 -8.62
C PHE A 122 22.82 -0.79 -9.39
N LEU A 123 22.07 0.16 -9.94
CA LEU A 123 20.84 -0.22 -10.64
C LEU A 123 21.08 -1.18 -11.80
N PRO A 124 22.07 -0.98 -12.68
CA PRO A 124 22.36 -2.02 -13.70
C PRO A 124 22.66 -3.38 -13.10
N GLN A 125 23.24 -3.42 -11.89
CA GLN A 125 23.45 -4.70 -11.23
C GLN A 125 22.12 -5.37 -10.88
N LEU A 126 21.18 -4.60 -10.32
CA LEU A 126 19.88 -5.16 -9.99
C LEU A 126 19.15 -5.64 -11.24
N ARG A 127 19.19 -4.83 -12.31
CA ARG A 127 18.59 -5.22 -13.58
C ARG A 127 19.13 -6.56 -14.06
N LYS A 128 20.45 -6.74 -14.00
CA LYS A 128 21.07 -7.97 -14.46
C LYS A 128 20.62 -9.18 -13.65
N ILE A 129 20.57 -9.03 -12.31
CA ILE A 129 20.05 -10.10 -11.48
C ILE A 129 18.63 -10.45 -11.88
N CYS A 130 17.80 -9.43 -12.07
CA CYS A 130 16.39 -9.68 -12.35
C CYS A 130 16.20 -10.38 -13.69
N GLU A 131 16.87 -9.95 -14.74
CA GLU A 131 16.64 -10.58 -16.04
C GLU A 131 17.17 -12.01 -16.06
N LYS A 132 18.27 -12.27 -15.36
CA LYS A 132 18.85 -13.61 -15.36
C LYS A 132 17.89 -14.64 -14.78
N TYR A 133 17.26 -14.32 -13.63
CA TYR A 133 16.51 -15.34 -12.89
C TYR A 133 15.02 -15.37 -13.21
N TYR A 134 14.46 -14.28 -13.73
CA TYR A 134 13.04 -14.18 -14.03
C TYR A 134 12.80 -14.12 -15.54
N GLY A 135 11.52 -14.26 -15.92
CA GLY A 135 11.11 -13.98 -17.27
C GLY A 135 10.92 -12.49 -17.50
N PRO A 136 10.48 -12.13 -18.72
CA PRO A 136 10.52 -10.70 -19.13
C PRO A 136 9.69 -9.73 -18.27
N GLU A 137 8.41 -10.01 -18.07
CA GLU A 137 7.62 -9.11 -17.24
C GLU A 137 7.94 -9.26 -15.76
N ASP A 138 8.04 -10.50 -15.25
CA ASP A 138 8.44 -10.65 -13.84
C ASP A 138 9.75 -9.92 -13.54
N ALA A 139 10.71 -9.97 -14.47
CA ALA A 139 11.95 -9.24 -14.25
C ALA A 139 11.69 -7.75 -14.17
N GLU A 140 10.76 -7.24 -14.97
CA GLU A 140 10.41 -5.82 -14.86
C GLU A 140 9.77 -5.52 -13.51
N VAL A 141 8.86 -6.38 -13.05
CA VAL A 141 8.19 -6.15 -11.77
C VAL A 141 9.19 -6.22 -10.63
N ALA A 142 10.08 -7.21 -10.66
CA ALA A 142 11.06 -7.34 -9.59
C ALA A 142 12.05 -6.17 -9.60
N TYR A 143 12.53 -5.77 -10.78
CA TYR A 143 13.47 -4.66 -10.82
C TYR A 143 12.84 -3.35 -10.33
N GLU A 144 11.62 -3.06 -10.78
CA GLU A 144 10.97 -1.83 -10.30
C GLU A 144 10.86 -1.82 -8.78
N ALA A 145 10.42 -2.92 -8.19
CA ALA A 145 10.29 -2.96 -6.74
C ALA A 145 11.65 -2.80 -6.04
N ALA A 146 12.71 -3.43 -6.57
CA ALA A 146 14.05 -3.23 -6.01
C ALA A 146 14.50 -1.78 -6.15
N ARG A 147 14.36 -1.22 -7.35
CA ARG A 147 14.65 0.19 -7.60
C ARG A 147 13.90 1.09 -6.62
N ALA A 148 12.59 0.88 -6.48
CA ALA A 148 11.80 1.73 -5.58
C ALA A 148 12.28 1.60 -4.14
N PHE A 149 12.69 0.39 -3.73
CA PHE A 149 13.17 0.25 -2.36
C PHE A 149 14.47 1.00 -2.13
N VAL A 150 15.49 0.75 -2.96
CA VAL A 150 16.79 1.38 -2.71
C VAL A 150 16.65 2.91 -2.81
N THR A 151 15.80 3.37 -3.71
CA THR A 151 15.56 4.81 -3.80
C THR A 151 14.92 5.34 -2.54
N SER A 152 13.97 4.60 -1.97
CA SER A 152 13.30 5.05 -0.76
C SER A 152 14.26 5.06 0.42
N ASP A 153 15.01 3.96 0.62
CA ASP A 153 15.98 3.92 1.70
C ASP A 153 16.93 5.11 1.60
N HIS A 154 17.33 5.46 0.38
CA HIS A 154 18.25 6.57 0.20
C HIS A 154 17.58 7.90 0.50
N MET A 155 16.46 8.17 -0.16
CA MET A 155 15.91 9.53 -0.10
C MET A 155 15.31 9.82 1.27
N PHE A 156 15.00 8.81 2.09
CA PHE A 156 14.48 9.15 3.40
C PHE A 156 15.55 9.23 4.48
N ARG A 157 16.82 9.05 4.14
CA ARG A 157 17.86 9.44 5.09
C ARG A 157 17.77 10.95 5.28
N ASP A 158 17.54 11.38 6.51
CA ASP A 158 17.33 12.81 6.81
C ASP A 158 16.17 13.42 6.02
N SER A 159 15.08 12.67 5.87
CA SER A 159 13.89 13.36 5.37
C SER A 159 12.98 13.77 6.52
N PRO A 160 12.54 15.04 6.57
CA PRO A 160 11.50 15.40 7.56
C PRO A 160 10.27 14.52 7.49
N ILE A 161 9.99 13.91 6.34
CA ILE A 161 8.82 13.03 6.26
C ILE A 161 9.01 11.83 7.18
N LYS A 162 10.23 11.31 7.25
CA LYS A 162 10.45 10.13 8.10
C LYS A 162 10.18 10.47 9.57
N ALA A 163 10.71 11.61 10.04
CA ALA A 163 10.49 12.02 11.42
C ALA A 163 9.01 12.28 11.70
N ALA A 164 8.27 12.78 10.70
CA ALA A 164 6.84 12.96 10.86
C ALA A 164 6.15 11.61 11.08
N LEU A 165 6.34 10.67 10.14
CA LEU A 165 5.63 9.39 10.20
C LEU A 165 6.09 8.54 11.39
N CYS A 166 7.36 8.65 11.76
CA CYS A 166 7.92 7.80 12.82
C CYS A 166 7.63 8.30 14.22
N THR A 167 7.12 9.52 14.38
CA THR A 167 6.83 10.01 15.73
C THR A 167 5.36 10.28 15.99
N THR A 168 4.48 10.18 14.99
CA THR A 168 3.08 10.52 15.22
C THR A 168 2.29 9.39 15.89
N SER A 169 1.89 8.37 15.14
CA SER A 169 1.15 7.25 15.72
C SER A 169 1.67 5.97 15.10
N PRO A 170 1.32 4.81 15.68
CA PRO A 170 1.75 3.55 15.04
C PRO A 170 1.28 3.42 13.60
N GLU A 171 0.11 3.96 13.27
CA GLU A 171 -0.43 3.81 11.92
C GLU A 171 0.31 4.69 10.92
N GLN A 172 0.79 5.88 11.34
CA GLN A 172 1.68 6.64 10.48
C GLN A 172 2.99 5.88 10.25
N TYR A 173 3.56 5.36 11.33
CA TYR A 173 4.82 4.64 11.25
C TYR A 173 4.70 3.40 10.35
N PHE A 174 3.69 2.56 10.58
CA PHE A 174 3.57 1.32 9.81
C PHE A 174 3.28 1.62 8.35
N ARG A 175 2.60 2.72 8.08
CA ARG A 175 2.39 3.16 6.71
C ARG A 175 3.72 3.43 5.99
N PHE A 176 4.68 4.04 6.70
CA PHE A 176 6.02 4.23 6.15
C PHE A 176 6.71 2.89 5.90
N ARG A 177 6.49 1.92 6.79
CA ARG A 177 7.25 0.67 6.73
C ARG A 177 6.75 -0.31 5.68
N VAL A 178 5.54 -0.14 5.13
CA VAL A 178 5.11 -0.98 4.01
C VAL A 178 6.20 -1.01 2.93
N THR A 179 6.77 0.15 2.62
CA THR A 179 7.89 0.20 1.71
C THR A 179 9.22 0.05 2.43
N ASP A 180 9.40 0.79 3.53
CA ASP A 180 10.74 0.90 4.11
C ASP A 180 11.26 -0.42 4.69
N ILE A 181 10.39 -1.29 5.23
CA ILE A 181 10.92 -2.59 5.68
C ILE A 181 11.15 -3.53 4.51
N GLY A 182 10.86 -3.10 3.28
CA GLY A 182 11.14 -3.93 2.13
C GLY A 182 10.12 -5.01 1.84
N VAL A 183 9.00 -5.04 2.55
CA VAL A 183 8.05 -6.14 2.34
C VAL A 183 7.29 -6.01 1.02
N ASP A 184 6.95 -4.78 0.59
CA ASP A 184 6.33 -4.67 -0.72
C ASP A 184 7.25 -5.20 -1.81
N PHE A 185 8.52 -4.80 -1.75
CA PHE A 185 9.57 -5.33 -2.61
C PHE A 185 9.59 -6.85 -2.55
N TRP A 186 9.60 -7.41 -1.34
CA TRP A 186 9.66 -8.86 -1.13
C TRP A 186 8.52 -9.59 -1.84
N MET A 187 7.28 -9.10 -1.67
CA MET A 187 6.14 -9.76 -2.27
C MET A 187 6.26 -9.78 -3.79
N LYS A 188 6.62 -8.64 -4.37
CA LYS A 188 6.67 -8.50 -5.82
C LYS A 188 7.79 -9.34 -6.42
N MET A 189 8.90 -9.56 -5.70
CA MET A 189 9.92 -10.45 -6.25
C MET A 189 9.69 -11.91 -5.90
N SER A 190 8.77 -12.21 -4.99
CA SER A 190 8.53 -13.57 -4.54
C SER A 190 7.38 -14.27 -5.26
N TYR A 191 6.41 -13.54 -5.80
CA TYR A 191 5.29 -14.24 -6.42
C TYR A 191 5.74 -15.19 -7.55
N PRO A 192 6.82 -14.96 -8.30
CA PRO A 192 7.22 -15.97 -9.30
C PRO A 192 7.69 -17.28 -8.66
N ILE A 193 8.09 -17.26 -7.40
CA ILE A 193 8.45 -18.50 -6.71
C ILE A 193 7.27 -19.46 -6.69
N TYR A 194 6.06 -18.92 -6.52
CA TYR A 194 4.88 -19.73 -6.25
C TYR A 194 3.99 -19.95 -7.47
N ARG A 195 3.99 -19.02 -8.44
CA ARG A 195 3.15 -19.16 -9.64
C ARG A 195 1.69 -19.43 -9.27
N HIS A 196 1.22 -18.74 -8.24
CA HIS A 196 -0.15 -18.88 -7.71
C HIS A 196 -0.93 -17.62 -8.05
N PRO A 197 -1.82 -17.65 -9.04
CA PRO A 197 -2.43 -16.39 -9.55
C PRO A 197 -3.00 -15.47 -8.49
N GLU A 198 -3.65 -16.00 -7.45
CA GLU A 198 -4.19 -15.13 -6.42
C GLU A 198 -3.08 -14.40 -5.67
N PHE A 199 -2.04 -15.15 -5.24
CA PHE A 199 -0.94 -14.48 -4.56
C PHE A 199 -0.30 -13.42 -5.44
N THR A 200 -0.18 -13.70 -6.74
CA THR A 200 0.41 -12.75 -7.65
C THR A 200 -0.39 -11.44 -7.68
N GLU A 201 -1.72 -11.52 -7.66
CA GLU A 201 -2.52 -10.30 -7.59
C GLU A 201 -2.30 -9.56 -6.27
N HIS A 202 -2.38 -10.26 -5.14
CA HIS A 202 -2.23 -9.58 -3.86
C HIS A 202 -0.84 -8.94 -3.75
N ALA A 203 0.17 -9.59 -4.32
CA ALA A 203 1.50 -9.00 -4.38
C ALA A 203 1.49 -7.73 -5.19
N LYS A 204 0.83 -7.73 -6.33
CA LYS A 204 0.94 -6.59 -7.23
C LYS A 204 0.04 -5.43 -6.83
N THR A 205 -1.03 -5.68 -6.07
CA THR A 205 -1.81 -4.61 -5.44
C THR A 205 -1.16 -4.08 -4.16
N SER A 206 -0.14 -4.78 -3.65
CA SER A 206 0.51 -4.52 -2.36
C SER A 206 -0.39 -4.85 -1.17
N LEU A 207 -1.59 -5.40 -1.39
CA LEU A 207 -2.36 -5.89 -0.25
C LEU A 207 -1.56 -6.94 0.54
N ALA A 208 -0.84 -7.82 -0.16
CA ALA A 208 0.04 -8.80 0.51
C ALA A 208 1.00 -8.09 1.47
N ALA A 209 1.66 -7.05 1.01
CA ALA A 209 2.57 -6.31 1.89
C ALA A 209 1.81 -5.62 3.02
N ARG A 210 0.67 -4.99 2.71
CA ARG A 210 -0.06 -4.29 3.75
C ARG A 210 -0.52 -5.24 4.85
N MET A 211 -0.78 -6.50 4.49
CA MET A 211 -1.22 -7.50 5.47
C MET A 211 -0.10 -7.94 6.41
N THR A 212 1.16 -7.93 5.95
CA THR A 212 2.26 -8.55 6.68
C THR A 212 3.21 -7.54 7.31
N THR A 213 3.01 -6.24 7.03
CA THR A 213 3.94 -5.21 7.50
C THR A 213 4.07 -5.18 9.01
N ARG A 214 2.95 -5.17 9.73
CA ARG A 214 3.04 -5.01 11.18
C ARG A 214 3.73 -6.21 11.83
N GLY A 215 3.41 -7.42 11.37
CA GLY A 215 4.02 -8.59 11.97
C GLY A 215 5.52 -8.62 11.79
N LEU A 216 5.99 -8.29 10.59
CA LEU A 216 7.43 -8.20 10.35
C LEU A 216 8.05 -7.07 11.15
N THR A 217 7.42 -5.89 11.12
CA THR A 217 8.05 -4.70 11.65
C THR A 217 8.14 -4.73 13.18
N ILE A 218 7.07 -5.16 13.85
CA ILE A 218 7.09 -5.16 15.31
C ILE A 218 8.20 -6.06 15.81
N VAL A 219 8.37 -7.22 15.18
CA VAL A 219 9.43 -8.15 15.56
C VAL A 219 10.80 -7.54 15.26
N ASN A 220 10.97 -7.03 14.04
CA ASN A 220 12.26 -6.44 13.68
C ASN A 220 12.62 -5.30 14.63
N ASP A 221 11.65 -4.40 14.89
CA ASP A 221 11.91 -3.26 15.75
C ASP A 221 12.29 -3.67 17.17
N PHE A 222 11.63 -4.67 17.72
CA PHE A 222 11.99 -5.04 19.09
C PHE A 222 13.45 -5.46 19.17
N TYR A 223 13.88 -6.33 18.26
CA TYR A 223 15.21 -6.90 18.37
C TYR A 223 16.31 -6.04 17.75
N SER A 224 15.97 -5.02 16.94
CA SER A 224 16.98 -4.14 16.40
C SER A 224 17.00 -2.78 17.12
N TYR A 225 16.18 -2.63 18.16
CA TYR A 225 16.06 -1.37 18.88
C TYR A 225 17.42 -0.88 19.37
N ASP A 226 18.16 -1.75 20.09
CA ASP A 226 19.43 -1.33 20.68
C ASP A 226 20.38 -0.80 19.62
N ARG A 227 20.54 -1.53 18.51
CA ARG A 227 21.44 -1.09 17.45
C ARG A 227 20.96 0.23 16.84
N GLU A 228 19.67 0.35 16.60
CA GLU A 228 19.19 1.54 15.91
C GLU A 228 19.29 2.77 16.81
N VAL A 229 18.96 2.62 18.10
CA VAL A 229 19.16 3.69 19.07
C VAL A 229 20.61 4.17 19.06
N SER A 230 21.56 3.24 18.97
CA SER A 230 22.96 3.63 19.05
C SER A 230 23.39 4.48 17.85
N LEU A 231 22.81 4.24 16.67
CA LEU A 231 23.17 4.99 15.47
C LEU A 231 22.31 6.23 15.27
N GLY A 232 21.52 6.62 16.27
CA GLY A 232 20.55 7.69 16.09
C GLY A 232 19.44 7.38 15.12
N GLN A 233 19.27 6.11 14.72
CA GLN A 233 18.18 5.69 13.84
C GLN A 233 16.84 5.86 14.56
N ILE A 234 15.84 6.39 13.85
CA ILE A 234 14.54 6.66 14.45
C ILE A 234 13.43 5.78 13.88
N THR A 235 13.72 4.97 12.87
CA THR A 235 12.68 4.13 12.26
C THR A 235 12.48 2.87 13.11
N ASN A 236 11.73 3.03 14.18
CA ASN A 236 11.51 1.95 15.15
C ASN A 236 10.30 2.29 16.00
N CYS A 237 9.26 1.45 15.98
CA CYS A 237 8.03 1.81 16.67
C CYS A 237 8.19 1.86 18.19
N PHE A 238 9.18 1.18 18.78
CA PHE A 238 9.32 1.27 20.23
C PHE A 238 9.86 2.62 20.68
N ARG A 239 10.36 3.44 19.77
CA ARG A 239 10.66 4.83 20.11
C ARG A 239 9.37 5.61 20.37
N LEU A 240 8.23 5.12 19.90
CA LEU A 240 6.96 5.79 20.15
C LEU A 240 6.52 5.67 21.60
N CYS A 241 7.07 4.72 22.34
CA CYS A 241 6.60 4.41 23.66
C CYS A 241 7.72 4.67 24.66
N ASP A 242 7.35 4.77 25.93
CA ASP A 242 8.32 5.03 27.00
C ASP A 242 8.90 3.71 27.51
N VAL A 243 10.00 3.25 26.91
CA VAL A 243 10.53 1.93 27.29
C VAL A 243 11.15 1.94 28.68
N SER A 244 11.45 3.11 29.25
CA SER A 244 11.96 3.25 30.62
C SER A 244 10.93 2.87 31.66
N ASP A 245 9.71 2.64 31.25
CA ASP A 245 8.54 2.64 32.11
C ASP A 245 7.88 1.30 31.86
N GLU A 246 7.91 0.42 32.88
CA GLU A 246 7.50 -0.97 32.67
C GLU A 246 6.01 -1.05 32.37
N THR A 247 5.21 -0.23 33.05
CA THR A 247 3.79 -0.15 32.72
C THR A 247 3.60 0.31 31.28
N ALA A 248 4.21 1.44 30.93
CA ALA A 248 4.07 1.98 29.57
C ALA A 248 4.60 1.00 28.54
N PHE A 249 5.73 0.33 28.81
CA PHE A 249 6.26 -0.59 27.82
C PHE A 249 5.34 -1.78 27.63
N LYS A 250 4.90 -2.37 28.74
CA LYS A 250 3.98 -3.51 28.68
C LYS A 250 2.69 -3.13 27.98
N GLU A 251 2.20 -1.93 28.29
CA GLU A 251 1.07 -1.37 27.58
C GLU A 251 1.29 -1.41 26.08
N PHE A 252 2.35 -0.75 25.62
CA PHE A 252 2.58 -0.62 24.19
C PHE A 252 2.83 -1.98 23.54
N PHE A 253 3.57 -2.83 24.24
CA PHE A 253 3.89 -4.12 23.66
C PHE A 253 2.65 -4.97 23.46
N GLN A 254 1.71 -4.93 24.41
CA GLN A 254 0.47 -5.68 24.23
C GLN A 254 -0.36 -5.10 23.09
N ALA A 255 -0.39 -3.77 22.95
CA ALA A 255 -1.09 -3.17 21.82
C ALA A 255 -0.49 -3.66 20.50
N ARG A 256 0.84 -3.82 20.46
CA ARG A 256 1.48 -4.30 19.24
C ARG A 256 1.21 -5.78 19.02
N LEU A 257 1.21 -6.58 20.10
CA LEU A 257 0.82 -7.98 19.95
C LEU A 257 -0.60 -8.09 19.37
N ASP A 258 -1.53 -7.30 19.90
CA ASP A 258 -2.91 -7.37 19.39
C ASP A 258 -2.96 -7.01 17.91
N ASP A 259 -2.14 -6.05 17.48
CA ASP A 259 -2.07 -5.70 16.06
C ASP A 259 -1.67 -6.92 15.23
N MET A 260 -0.62 -7.62 15.67
CA MET A 260 -0.18 -8.81 14.95
C MET A 260 -1.29 -9.85 14.90
N ILE A 261 -1.98 -10.04 16.03
CA ILE A 261 -3.03 -11.05 16.10
C ILE A 261 -4.15 -10.71 15.13
N GLU A 262 -4.59 -9.44 15.14
CA GLU A 262 -5.66 -9.04 14.23
C GLU A 262 -5.27 -9.30 12.77
N ASP A 263 -4.06 -8.91 12.37
CA ASP A 263 -3.61 -9.17 11.01
C ASP A 263 -3.61 -10.67 10.71
N ILE A 264 -3.10 -11.48 11.63
CA ILE A 264 -3.00 -12.92 11.38
C ILE A 264 -4.37 -13.54 11.22
N GLU A 265 -5.31 -13.18 12.09
CA GLU A 265 -6.64 -13.76 11.97
C GLU A 265 -7.32 -13.30 10.67
N CYS A 266 -7.07 -12.06 10.23
CA CYS A 266 -7.58 -11.63 8.92
C CYS A 266 -6.90 -12.38 7.77
N ILE A 267 -5.61 -12.64 7.88
CA ILE A 267 -4.89 -13.38 6.85
C ILE A 267 -5.51 -14.76 6.59
N LYS A 268 -6.16 -15.35 7.60
CA LYS A 268 -6.78 -16.65 7.43
C LYS A 268 -7.99 -16.61 6.49
N ALA A 269 -8.52 -15.42 6.18
CA ALA A 269 -9.54 -15.27 5.16
C ALA A 269 -9.01 -15.50 3.75
N PHE A 270 -7.71 -15.34 3.53
CA PHE A 270 -7.17 -15.50 2.20
C PHE A 270 -7.16 -17.00 1.82
N ASP A 271 -6.95 -17.28 0.54
CA ASP A 271 -6.89 -18.66 0.09
C ASP A 271 -5.74 -19.38 0.82
N GLN A 272 -5.88 -20.72 0.96
CA GLN A 272 -4.95 -21.48 1.80
C GLN A 272 -3.49 -21.29 1.41
N LEU A 273 -3.20 -21.26 0.11
CA LEU A 273 -1.81 -21.10 -0.31
C LEU A 273 -1.27 -19.74 0.09
N THR A 274 -2.00 -18.68 -0.26
CA THR A 274 -1.55 -17.34 0.04
C THR A 274 -1.38 -17.14 1.53
N GLN A 275 -2.32 -17.67 2.32
CA GLN A 275 -2.22 -17.47 3.76
C GLN A 275 -1.03 -18.24 4.32
N ASP A 276 -0.70 -19.38 3.72
CA ASP A 276 0.53 -20.08 4.08
C ASP A 276 1.74 -19.18 3.89
N VAL A 277 1.84 -18.55 2.73
CA VAL A 277 3.00 -17.70 2.42
C VAL A 277 3.05 -16.48 3.34
N PHE A 278 1.89 -15.85 3.59
CA PHE A 278 1.87 -14.71 4.50
C PHE A 278 2.35 -15.11 5.88
N LEU A 279 1.79 -16.19 6.44
CA LEU A 279 2.09 -16.55 7.82
C LEU A 279 3.52 -17.10 7.95
N ASP A 280 3.98 -17.87 6.97
CA ASP A 280 5.38 -18.31 6.99
C ASP A 280 6.34 -17.12 6.97
N LEU A 281 5.97 -16.05 6.25
CA LEU A 281 6.81 -14.87 6.23
C LEU A 281 6.91 -14.23 7.60
N ILE A 282 5.79 -14.05 8.29
CA ILE A 282 5.82 -13.38 9.58
C ILE A 282 6.50 -14.26 10.63
N TYR A 283 6.11 -15.52 10.69
CA TYR A 283 6.64 -16.43 11.68
C TYR A 283 8.10 -16.78 11.39
N GLY A 284 8.42 -17.01 10.12
CA GLY A 284 9.80 -17.27 9.76
C GLY A 284 10.72 -16.10 10.06
N ASN A 285 10.23 -14.88 9.84
CA ASN A 285 11.04 -13.71 10.18
C ASN A 285 11.36 -13.68 11.67
N PHE A 286 10.40 -14.08 12.50
CA PHE A 286 10.64 -14.13 13.94
C PHE A 286 11.70 -15.18 14.28
N VAL A 287 11.59 -16.36 13.67
CA VAL A 287 12.56 -17.43 13.96
C VAL A 287 13.96 -17.00 13.56
N TRP A 288 14.08 -16.42 12.37
CA TRP A 288 15.37 -15.95 11.88
C TRP A 288 15.94 -14.83 12.75
N THR A 289 15.08 -13.85 13.09
CA THR A 289 15.52 -12.71 13.89
C THR A 289 16.10 -13.15 15.23
N THR A 290 15.45 -14.10 15.90
CA THR A 290 15.90 -14.52 17.22
C THR A 290 17.10 -15.48 17.17
N SER A 291 17.46 -15.98 16.00
CA SER A 291 18.62 -16.87 15.89
C SER A 291 19.74 -16.25 15.06
N ASN A 292 19.77 -14.92 14.94
CA ASN A 292 20.73 -14.21 14.11
C ASN A 292 21.49 -13.18 14.95
N LYS A 293 22.82 -13.28 14.92
CA LYS A 293 23.72 -12.36 15.61
C LYS A 293 23.45 -10.90 15.26
N ARG A 294 22.96 -10.64 14.04
CA ARG A 294 22.62 -9.30 13.62
C ARG A 294 21.75 -8.59 14.66
N TYR A 295 20.88 -9.32 15.34
CA TYR A 295 19.94 -8.71 16.26
C TYR A 295 20.32 -8.94 17.72
N LYS A 296 21.61 -8.77 18.04
CA LYS A 296 22.21 -9.34 19.26
C LYS A 296 23.29 -8.46 19.88
N THR A 297 24.56 -8.83 19.77
CA THR A 297 25.66 -8.08 20.38
C THR A 297 25.78 -6.71 19.74
N ALA A 298 25.75 -5.68 20.58
CA ALA A 298 25.30 -4.34 20.17
C ALA A 298 26.34 -3.58 19.33
N VAL A 299 27.08 -4.31 18.51
CA VAL A 299 27.85 -3.84 17.36
C VAL A 299 28.67 -5.06 16.99
N ASN A 300 28.55 -5.50 15.75
CA ASN A 300 29.19 -6.77 15.43
C ASN A 300 29.45 -6.84 13.94
N ASP A 301 30.08 -7.93 13.55
CA ASP A 301 30.63 -7.97 12.21
C ASP A 301 29.61 -8.35 11.16
N VAL A 302 28.32 -8.43 11.49
CA VAL A 302 27.28 -8.58 10.48
C VAL A 302 26.23 -7.48 10.54
N ASN A 303 26.42 -6.43 11.37
CA ASN A 303 25.43 -5.35 11.38
C ASN A 303 25.99 -3.94 11.56
N SER A 304 27.29 -3.74 11.45
CA SER A 304 27.84 -2.38 11.59
C SER A 304 27.36 -1.49 10.45
N ARG A 305 27.53 -0.17 10.62
CA ARG A 305 27.36 0.73 9.48
C ARG A 305 28.54 0.56 8.53
N ILE A 306 28.27 0.33 7.25
CA ILE A 306 29.31 0.16 6.24
C ILE A 306 29.70 1.54 5.72
N GLN A 307 30.99 1.86 5.82
CA GLN A 307 31.51 3.13 5.29
C GLN A 307 32.95 3.02 4.80
N GLY B 9 -29.67 -5.73 1.04
CA GLY B 9 -29.23 -5.33 2.36
C GLY B 9 -30.44 -4.97 3.20
N ALA B 10 -31.61 -5.06 2.56
CA ALA B 10 -32.91 -4.90 3.21
C ALA B 10 -32.88 -4.09 4.50
N GLN B 11 -33.36 -4.65 5.62
CA GLN B 11 -33.90 -3.83 6.70
C GLN B 11 -33.16 -4.02 8.04
N ASP B 12 -33.79 -3.46 9.09
CA ASP B 12 -33.22 -2.52 10.08
C ASP B 12 -33.12 -1.14 9.41
N ILE B 13 -34.30 -0.53 9.24
CA ILE B 13 -34.38 0.72 8.50
C ILE B 13 -33.66 1.84 9.25
N GLY B 14 -33.79 1.88 10.59
CA GLY B 14 -33.23 2.99 11.34
C GLY B 14 -31.73 3.11 11.20
N ARG B 15 -31.05 1.98 10.94
CA ARG B 15 -29.61 1.89 10.70
C ARG B 15 -29.25 2.03 9.23
N SER B 16 -30.22 2.21 8.34
CA SER B 16 -29.93 2.08 6.92
C SER B 16 -29.59 3.41 6.24
N SER B 17 -29.40 4.49 6.98
CA SER B 17 -29.26 5.80 6.34
C SER B 17 -28.46 6.76 7.22
N VAL B 18 -27.58 7.55 6.60
CA VAL B 18 -26.92 8.61 7.34
C VAL B 18 -27.62 9.95 7.15
N ARG B 19 -28.80 9.96 6.54
CA ARG B 19 -29.56 11.20 6.33
C ARG B 19 -29.66 12.08 7.57
N PRO B 20 -30.02 11.58 8.75
CA PRO B 20 -30.11 12.45 9.94
C PRO B 20 -28.84 13.25 10.23
N TYR B 21 -27.68 12.82 9.75
CA TYR B 21 -26.41 13.45 10.07
C TYR B 21 -25.85 14.30 8.95
N LEU B 22 -26.59 14.39 7.84
CA LEU B 22 -26.03 14.93 6.61
C LEU B 22 -25.55 16.37 6.78
N GLU B 23 -26.38 17.24 7.35
CA GLU B 23 -25.98 18.64 7.45
C GLU B 23 -24.82 18.81 8.42
N GLU B 24 -24.92 18.22 9.61
CA GLU B 24 -23.87 18.45 10.60
C GLU B 24 -22.54 17.84 10.15
N CYS B 25 -22.57 16.65 9.54
CA CYS B 25 -21.32 16.05 9.08
C CYS B 25 -20.70 16.85 7.94
N THR B 26 -21.53 17.33 7.00
CA THR B 26 -20.99 18.14 5.92
C THR B 26 -20.29 19.37 6.49
N ARG B 27 -20.94 20.04 7.42
CA ARG B 27 -20.37 21.24 8.02
C ARG B 27 -19.10 20.90 8.80
N ARG B 28 -19.08 19.76 9.49
CA ARG B 28 -17.89 19.35 10.24
C ARG B 28 -16.72 19.06 9.30
N PHE B 29 -16.96 18.31 8.22
CA PHE B 29 -15.93 18.09 7.20
C PHE B 29 -15.34 19.42 6.74
N GLN B 30 -16.21 20.34 6.32
CA GLN B 30 -15.74 21.62 5.80
C GLN B 30 -14.95 22.39 6.84
N GLU B 31 -15.42 22.39 8.09
CA GLU B 31 -14.68 23.08 9.14
C GLU B 31 -13.29 22.50 9.27
N MET B 32 -13.20 21.16 9.20
CA MET B 32 -11.90 20.50 9.29
C MET B 32 -11.00 20.97 8.17
N PHE B 33 -11.49 20.92 6.92
CA PHE B 33 -10.67 21.37 5.80
C PHE B 33 -10.24 22.81 5.95
N ASP B 34 -11.14 23.67 6.48
CA ASP B 34 -10.80 25.08 6.63
C ASP B 34 -9.72 25.29 7.68
N ARG B 35 -9.72 24.45 8.73
CA ARG B 35 -8.73 24.59 9.78
C ARG B 35 -7.38 23.93 9.42
N HIS B 36 -7.38 22.91 8.56
CA HIS B 36 -6.14 22.17 8.32
C HIS B 36 -5.61 22.26 6.89
N VAL B 37 -6.45 22.24 5.87
CA VAL B 37 -5.99 22.36 4.49
C VAL B 37 -5.90 23.81 4.04
N VAL B 38 -7.00 24.56 4.19
CA VAL B 38 -7.07 26.02 4.07
C VAL B 38 -7.40 26.40 2.63
N THR B 39 -6.47 26.18 1.70
CA THR B 39 -6.71 26.59 0.33
C THR B 39 -7.60 25.56 -0.36
N ARG B 40 -8.54 26.08 -1.16
CA ARG B 40 -9.57 25.29 -1.82
C ARG B 40 -8.97 24.36 -2.85
N PRO B 41 -9.75 23.41 -3.37
CA PRO B 41 -9.41 22.78 -4.65
C PRO B 41 -9.80 23.68 -5.81
N THR B 42 -9.19 23.41 -6.97
CA THR B 42 -9.42 24.17 -8.20
C THR B 42 -9.93 23.24 -9.27
N LYS B 43 -10.99 23.66 -9.95
CA LYS B 43 -11.58 22.87 -11.01
C LYS B 43 -10.87 23.14 -12.32
N VAL B 44 -10.40 22.08 -12.99
CA VAL B 44 -10.04 22.21 -14.39
C VAL B 44 -11.33 22.29 -15.21
N GLU B 45 -11.53 23.42 -15.87
CA GLU B 45 -12.67 23.63 -16.75
C GLU B 45 -12.28 23.28 -18.18
N LEU B 46 -12.62 22.07 -18.62
CA LEU B 46 -12.39 21.61 -19.99
C LEU B 46 -13.34 22.32 -20.95
N THR B 47 -12.94 22.44 -22.22
CA THR B 47 -13.83 23.05 -23.21
C THR B 47 -14.88 22.07 -23.70
N ASP B 48 -15.80 22.58 -24.52
CA ASP B 48 -16.85 21.75 -25.08
C ASP B 48 -16.27 20.62 -25.92
N ALA B 49 -15.16 20.89 -26.62
CA ALA B 49 -14.55 19.87 -27.48
C ALA B 49 -13.66 18.94 -26.67
N GLU B 50 -13.04 19.46 -25.61
CA GLU B 50 -12.20 18.62 -24.75
C GLU B 50 -13.05 17.58 -24.01
N LEU B 51 -14.17 18.00 -23.44
CA LEU B 51 -15.01 17.05 -22.72
C LEU B 51 -15.61 16.02 -23.69
N ARG B 52 -16.04 16.47 -24.87
CA ARG B 52 -16.59 15.56 -25.87
C ARG B 52 -15.55 14.55 -26.33
N GLU B 53 -14.30 14.99 -26.54
CA GLU B 53 -13.24 14.04 -26.90
C GLU B 53 -13.07 12.99 -25.83
N VAL B 54 -13.01 13.42 -24.56
CA VAL B 54 -12.91 12.47 -23.46
C VAL B 54 -14.07 11.47 -23.49
N ILE B 55 -15.29 11.98 -23.70
CA ILE B 55 -16.46 11.10 -23.70
C ILE B 55 -16.41 10.10 -24.86
N ASP B 56 -15.98 10.55 -26.05
CA ASP B 56 -15.84 9.62 -27.18
C ASP B 56 -14.85 8.50 -26.85
N ASP B 57 -13.68 8.84 -26.30
CA ASP B 57 -12.72 7.83 -25.82
C ASP B 57 -13.37 6.88 -24.80
N CYS B 58 -14.15 7.43 -23.85
CA CYS B 58 -14.80 6.59 -22.84
C CYS B 58 -15.81 5.63 -23.47
N ASN B 59 -16.62 6.12 -24.41
CA ASN B 59 -17.61 5.26 -25.03
C ASN B 59 -16.94 4.15 -25.84
N ALA B 60 -15.86 4.47 -26.53
CA ALA B 60 -15.16 3.46 -27.31
C ALA B 60 -14.65 2.35 -26.39
N ALA B 61 -14.21 2.73 -25.19
CA ALA B 61 -13.59 1.76 -24.28
C ALA B 61 -14.63 0.80 -23.69
N VAL B 62 -15.87 1.25 -23.51
CA VAL B 62 -16.85 0.40 -22.84
C VAL B 62 -17.89 -0.17 -23.80
N ALA B 63 -17.97 0.34 -25.04
CA ALA B 63 -18.96 -0.16 -25.99
C ALA B 63 -18.98 -1.67 -26.12
N PRO B 64 -17.85 -2.38 -26.24
CA PRO B 64 -17.92 -3.84 -26.37
C PRO B 64 -18.50 -4.54 -25.14
N LEU B 65 -18.60 -3.87 -23.99
CA LEU B 65 -19.30 -4.48 -22.87
C LEU B 65 -20.82 -4.47 -23.04
N GLY B 66 -21.35 -3.61 -23.90
CA GLY B 66 -22.76 -3.67 -24.28
C GLY B 66 -23.69 -2.70 -23.60
N LYS B 67 -23.17 -1.81 -22.76
CA LYS B 67 -24.03 -0.95 -21.95
C LYS B 67 -23.79 0.51 -22.34
N THR B 68 -24.88 1.26 -22.50
CA THR B 68 -24.78 2.67 -22.86
C THR B 68 -24.56 3.52 -21.61
N VAL B 69 -23.71 4.54 -21.75
CA VAL B 69 -23.45 5.50 -20.70
C VAL B 69 -23.73 6.91 -21.26
N SER B 70 -24.62 7.64 -20.62
CA SER B 70 -25.01 8.97 -21.05
C SER B 70 -23.89 9.98 -20.75
N ASP B 71 -23.91 11.11 -21.46
CA ASP B 71 -22.96 12.17 -21.10
C ASP B 71 -23.20 12.64 -19.67
N GLU B 72 -24.47 12.74 -19.25
CA GLU B 72 -24.80 12.98 -17.85
C GLU B 72 -23.95 12.10 -16.93
N ARG B 73 -23.93 10.79 -17.20
CA ARG B 73 -23.23 9.87 -16.32
C ARG B 73 -21.73 10.02 -16.43
N TRP B 74 -21.21 10.19 -17.66
CA TRP B 74 -19.78 10.46 -17.80
C TRP B 74 -19.37 11.69 -17.01
N ILE B 75 -20.16 12.77 -17.09
CA ILE B 75 -19.85 13.97 -16.31
C ILE B 75 -19.90 13.66 -14.83
N SER B 76 -20.85 12.82 -14.41
CA SER B 76 -20.96 12.39 -13.02
C SER B 76 -19.69 11.69 -12.55
N TYR B 77 -18.98 11.04 -13.48
CA TYR B 77 -17.73 10.34 -13.13
C TYR B 77 -16.53 11.27 -13.23
N VAL B 78 -16.48 12.12 -14.25
CA VAL B 78 -15.24 12.81 -14.58
C VAL B 78 -14.95 13.95 -13.62
N GLY B 79 -15.96 14.45 -12.92
CA GLY B 79 -15.76 15.62 -12.06
C GLY B 79 -14.69 15.42 -11.01
N VAL B 80 -14.51 14.19 -10.51
CA VAL B 80 -13.49 14.02 -9.47
C VAL B 80 -12.12 14.37 -10.01
N VAL B 81 -11.86 14.06 -11.29
CA VAL B 81 -10.57 14.44 -11.86
C VAL B 81 -10.49 15.95 -12.03
N LEU B 82 -11.56 16.58 -12.52
CA LEU B 82 -11.53 18.03 -12.73
C LEU B 82 -11.32 18.78 -11.43
N TRP B 83 -11.88 18.26 -10.32
CA TRP B 83 -11.81 18.94 -9.03
C TRP B 83 -10.62 18.54 -8.16
N SER B 84 -10.06 17.34 -8.34
CA SER B 84 -9.14 16.80 -7.34
C SER B 84 -7.72 16.62 -7.82
N GLN B 85 -7.39 17.11 -9.01
CA GLN B 85 -5.99 17.24 -9.38
C GLN B 85 -5.49 18.59 -8.87
N SER B 86 -4.31 19.01 -9.33
CA SER B 86 -3.70 20.25 -8.86
C SER B 86 -3.38 21.12 -10.05
N PRO B 87 -4.36 21.89 -10.56
CA PRO B 87 -4.18 22.54 -11.88
C PRO B 87 -3.00 23.49 -11.96
N ARG B 88 -2.58 24.09 -10.85
CA ARG B 88 -1.43 24.98 -10.91
C ARG B 88 -0.15 24.22 -11.31
N HIS B 89 -0.11 22.89 -11.08
CA HIS B 89 1.07 22.07 -11.33
C HIS B 89 0.96 21.20 -12.59
N ILE B 90 -0.07 21.37 -13.43
CA ILE B 90 -0.23 20.49 -14.59
C ILE B 90 0.83 20.78 -15.64
N LYS B 91 1.75 19.84 -15.84
CA LYS B 91 2.65 19.93 -16.98
C LYS B 91 2.09 19.29 -18.25
N ASP B 92 1.63 18.04 -18.20
CA ASP B 92 1.27 17.27 -19.39
C ASP B 92 -0.25 17.14 -19.44
N MET B 93 -0.90 17.80 -20.42
CA MET B 93 -2.34 17.71 -20.53
C MET B 93 -2.82 16.43 -21.19
N GLU B 94 -1.97 15.75 -21.96
CA GLU B 94 -2.34 14.42 -22.45
C GLU B 94 -2.51 13.43 -21.28
N ALA B 95 -1.59 13.47 -20.32
CA ALA B 95 -1.70 12.62 -19.13
C ALA B 95 -2.97 12.95 -18.34
N PHE B 96 -3.27 14.25 -18.17
CA PHE B 96 -4.48 14.61 -17.45
C PHE B 96 -5.72 14.04 -18.13
N LYS B 97 -5.78 14.13 -19.48
CA LYS B 97 -6.88 13.55 -20.24
C LYS B 97 -6.94 12.03 -20.06
N ALA B 98 -5.80 11.36 -20.16
CA ALA B 98 -5.74 9.93 -19.84
C ALA B 98 -6.38 9.65 -18.49
N VAL B 99 -6.10 10.48 -17.49
CA VAL B 99 -6.67 10.24 -16.17
C VAL B 99 -8.18 10.41 -16.18
N CYS B 100 -8.68 11.43 -16.92
CA CYS B 100 -10.12 11.55 -17.09
C CYS B 100 -10.73 10.28 -17.67
N VAL B 101 -10.14 9.79 -18.77
CA VAL B 101 -10.70 8.60 -19.40
C VAL B 101 -10.58 7.39 -18.47
N LEU B 102 -9.37 7.12 -17.97
CA LEU B 102 -9.15 5.93 -17.15
C LEU B 102 -10.00 5.96 -15.90
N ASN B 103 -10.06 7.11 -15.22
CA ASN B 103 -11.00 7.29 -14.11
C ASN B 103 -12.41 6.88 -14.49
N CYS B 104 -12.92 7.42 -15.62
CA CYS B 104 -14.34 7.23 -15.94
C CYS B 104 -14.67 5.79 -16.33
N VAL B 105 -13.85 5.16 -17.15
CA VAL B 105 -14.25 3.84 -17.63
C VAL B 105 -14.10 2.79 -16.54
N THR B 106 -13.18 2.98 -15.59
CA THR B 106 -13.12 2.05 -14.46
C THR B 106 -14.20 2.36 -13.43
N PHE B 107 -14.75 3.59 -13.43
CA PHE B 107 -15.94 3.86 -12.64
C PHE B 107 -17.14 3.09 -13.17
N VAL B 108 -17.27 3.00 -14.50
CA VAL B 108 -18.30 2.15 -15.10
C VAL B 108 -18.14 0.72 -14.62
N TRP B 109 -16.90 0.22 -14.68
CA TRP B 109 -16.59 -1.14 -14.21
C TRP B 109 -17.02 -1.33 -12.77
N ASP B 110 -16.79 -0.32 -11.93
CA ASP B 110 -17.17 -0.32 -10.52
C ASP B 110 -18.69 -0.44 -10.33
N ASP B 111 -19.47 0.16 -11.22
CA ASP B 111 -20.92 0.14 -11.15
C ASP B 111 -21.55 -1.06 -11.84
N MET B 112 -20.77 -1.91 -12.50
CA MET B 112 -21.32 -2.97 -13.32
C MET B 112 -21.58 -4.27 -12.57
N ASP B 113 -22.82 -4.84 -12.81
CA ASP B 113 -23.04 -6.29 -12.77
C ASP B 113 -21.75 -7.00 -13.07
N PRO B 114 -21.26 -7.86 -12.17
CA PRO B 114 -19.96 -8.52 -12.42
C PRO B 114 -20.02 -9.66 -13.41
N ALA B 115 -21.21 -9.99 -13.92
CA ALA B 115 -21.32 -10.81 -15.12
C ALA B 115 -21.14 -9.99 -16.38
N LEU B 116 -21.05 -8.67 -16.24
CA LEU B 116 -20.71 -7.79 -17.35
C LEU B 116 -19.22 -7.63 -17.55
N HIS B 117 -18.41 -8.02 -16.57
CA HIS B 117 -16.97 -7.89 -16.61
C HIS B 117 -16.43 -8.93 -17.59
N ASP B 118 -15.87 -8.48 -18.70
CA ASP B 118 -15.15 -9.38 -19.59
C ASP B 118 -13.76 -8.80 -19.81
N PHE B 119 -12.78 -9.36 -19.10
CA PHE B 119 -11.41 -8.88 -19.20
C PHE B 119 -10.88 -9.02 -20.62
N GLY B 120 -11.23 -10.09 -21.31
CA GLY B 120 -10.72 -10.31 -22.65
C GLY B 120 -11.12 -9.21 -23.62
N LEU B 121 -12.21 -8.50 -23.31
CA LEU B 121 -12.63 -7.42 -24.19
C LEU B 121 -12.23 -6.05 -23.65
N PHE B 122 -12.23 -5.88 -22.33
CA PHE B 122 -11.97 -4.56 -21.75
C PHE B 122 -10.48 -4.27 -21.56
N LEU B 123 -9.67 -5.26 -21.19
CA LEU B 123 -8.24 -4.99 -21.00
C LEU B 123 -7.56 -4.44 -22.25
N PRO B 124 -7.79 -4.96 -23.47
CA PRO B 124 -7.16 -4.33 -24.66
C PRO B 124 -7.56 -2.88 -24.88
N GLN B 125 -8.76 -2.48 -24.48
CA GLN B 125 -9.15 -1.07 -24.55
C GLN B 125 -8.36 -0.22 -23.57
N LEU B 126 -8.13 -0.73 -22.36
CA LEU B 126 -7.39 0.06 -21.37
C LEU B 126 -5.98 0.36 -21.85
N ARG B 127 -5.31 -0.63 -22.45
CA ARG B 127 -3.97 -0.35 -22.97
C ARG B 127 -4.03 0.54 -24.22
N LYS B 128 -5.06 0.39 -25.06
CA LYS B 128 -5.23 1.37 -26.15
C LYS B 128 -5.22 2.79 -25.60
N ILE B 129 -6.00 3.04 -24.54
CA ILE B 129 -6.02 4.36 -23.92
C ILE B 129 -4.63 4.75 -23.43
N CYS B 130 -3.97 3.83 -22.71
CA CYS B 130 -2.65 4.14 -22.18
C CYS B 130 -1.65 4.40 -23.31
N GLU B 131 -1.54 3.45 -24.24
CA GLU B 131 -0.50 3.49 -25.25
C GLU B 131 -0.69 4.65 -26.23
N LYS B 132 -1.85 5.29 -26.18
CA LYS B 132 -1.94 6.65 -26.66
C LYS B 132 -1.30 7.62 -25.68
N TYR B 133 -2.11 8.20 -24.78
CA TYR B 133 -1.88 9.47 -24.09
C TYR B 133 -0.54 9.60 -23.36
N TYR B 134 0.13 8.49 -23.05
CA TYR B 134 1.41 8.50 -22.37
C TYR B 134 2.53 8.03 -23.30
N GLY B 135 3.74 8.57 -23.08
CA GLY B 135 4.93 8.01 -23.68
C GLY B 135 5.11 6.56 -23.26
N PRO B 136 6.22 5.94 -23.68
CA PRO B 136 6.34 4.48 -23.52
C PRO B 136 6.35 3.99 -22.09
N GLU B 137 7.23 4.56 -21.26
CA GLU B 137 7.38 4.08 -19.89
C GLU B 137 6.19 4.51 -19.02
N ASP B 138 5.49 5.57 -19.42
CA ASP B 138 4.32 5.98 -18.66
C ASP B 138 3.12 5.10 -18.97
N ALA B 139 2.97 4.73 -20.25
CA ALA B 139 1.87 3.88 -20.66
C ALA B 139 1.88 2.54 -19.92
N GLU B 140 3.05 1.93 -19.78
CA GLU B 140 3.10 0.62 -19.14
C GLU B 140 2.72 0.71 -17.66
N VAL B 141 3.16 1.76 -16.95
CA VAL B 141 2.84 1.86 -15.54
C VAL B 141 1.36 2.11 -15.31
N ALA B 142 0.80 3.10 -16.00
CA ALA B 142 -0.62 3.39 -15.83
C ALA B 142 -1.47 2.19 -16.19
N TYR B 143 -1.07 1.46 -17.23
CA TYR B 143 -1.78 0.22 -17.59
C TYR B 143 -1.75 -0.80 -16.45
N GLU B 144 -0.58 -1.05 -15.88
CA GLU B 144 -0.48 -2.00 -14.75
C GLU B 144 -1.43 -1.62 -13.63
N ALA B 145 -1.46 -0.34 -13.28
CA ALA B 145 -2.33 0.08 -12.17
C ALA B 145 -3.80 -0.07 -12.55
N ALA B 146 -4.17 0.22 -13.80
CA ALA B 146 -5.57 0.09 -14.20
C ALA B 146 -6.00 -1.37 -14.20
N ARG B 147 -5.19 -2.25 -14.78
CA ARG B 147 -5.46 -3.68 -14.70
C ARG B 147 -5.51 -4.15 -13.26
N ALA B 148 -4.55 -3.72 -12.43
CA ALA B 148 -4.55 -4.13 -11.04
C ALA B 148 -5.84 -3.70 -10.34
N PHE B 149 -6.37 -2.52 -10.72
CA PHE B 149 -7.61 -2.08 -10.11
C PHE B 149 -8.82 -2.88 -10.61
N VAL B 150 -8.98 -3.04 -11.93
CA VAL B 150 -10.21 -3.68 -12.38
C VAL B 150 -10.22 -5.15 -11.99
N THR B 151 -9.05 -5.78 -11.94
CA THR B 151 -8.98 -7.16 -11.44
C THR B 151 -9.35 -7.22 -9.97
N SER B 152 -8.92 -6.24 -9.18
CA SER B 152 -9.29 -6.18 -7.76
C SER B 152 -10.80 -6.03 -7.59
N ASP B 153 -11.39 -5.03 -8.25
CA ASP B 153 -12.82 -4.83 -8.09
C ASP B 153 -13.60 -6.09 -8.45
N HIS B 154 -13.17 -6.79 -9.51
CA HIS B 154 -13.81 -8.04 -9.90
C HIS B 154 -13.60 -9.11 -8.85
N MET B 155 -12.34 -9.33 -8.49
CA MET B 155 -11.88 -10.41 -7.62
C MET B 155 -12.58 -10.39 -6.28
N PHE B 156 -12.86 -9.20 -5.74
CA PHE B 156 -13.39 -9.10 -4.40
C PHE B 156 -14.91 -9.05 -4.33
N ARG B 157 -15.62 -9.22 -5.45
CA ARG B 157 -17.07 -9.33 -5.39
C ARG B 157 -17.48 -10.55 -4.59
N ASP B 158 -16.85 -11.69 -4.89
CA ASP B 158 -17.10 -12.94 -4.14
C ASP B 158 -16.01 -13.23 -3.15
N SER B 159 -15.89 -12.42 -2.10
CA SER B 159 -14.66 -12.76 -1.40
C SER B 159 -14.81 -12.74 0.13
N PRO B 160 -14.22 -13.75 0.78
CA PRO B 160 -14.08 -13.67 2.22
C PRO B 160 -13.05 -12.65 2.64
N ILE B 161 -12.06 -12.39 1.80
CA ILE B 161 -11.08 -11.36 2.13
C ILE B 161 -11.80 -10.04 2.33
N LYS B 162 -12.70 -9.68 1.41
CA LYS B 162 -13.43 -8.43 1.57
C LYS B 162 -14.32 -8.47 2.80
N ALA B 163 -15.04 -9.57 3.01
CA ALA B 163 -15.88 -9.71 4.20
C ALA B 163 -15.07 -9.48 5.47
N ALA B 164 -13.91 -10.12 5.59
CA ALA B 164 -13.14 -9.99 6.81
C ALA B 164 -12.52 -8.59 6.93
N LEU B 165 -11.97 -8.06 5.83
CA LEU B 165 -11.29 -6.77 5.90
C LEU B 165 -12.25 -5.60 6.05
N CYS B 166 -13.54 -5.83 5.80
CA CYS B 166 -14.55 -4.78 5.93
C CYS B 166 -15.31 -4.84 7.24
N THR B 167 -15.33 -6.00 7.90
CA THR B 167 -16.14 -6.19 9.08
C THR B 167 -15.31 -6.22 10.35
N THR B 168 -13.97 -6.17 10.25
CA THR B 168 -13.16 -5.99 11.44
C THR B 168 -12.88 -4.49 11.64
N SER B 169 -11.63 -4.10 11.83
CA SER B 169 -11.32 -2.79 12.39
C SER B 169 -11.37 -1.75 11.27
N PRO B 170 -11.35 -0.46 11.62
CA PRO B 170 -11.08 0.55 10.59
C PRO B 170 -9.74 0.33 9.90
N GLU B 171 -8.74 -0.18 10.63
CA GLU B 171 -7.43 -0.36 10.01
C GLU B 171 -7.45 -1.52 9.00
N GLN B 172 -8.14 -2.62 9.27
CA GLN B 172 -8.26 -3.61 8.20
C GLN B 172 -8.96 -3.01 6.99
N TYR B 173 -10.01 -2.24 7.24
CA TYR B 173 -10.83 -1.69 6.16
C TYR B 173 -10.01 -0.75 5.27
N PHE B 174 -9.33 0.22 5.86
CA PHE B 174 -8.58 1.18 5.05
C PHE B 174 -7.44 0.48 4.29
N ARG B 175 -6.88 -0.59 4.86
CA ARG B 175 -5.98 -1.46 4.10
C ARG B 175 -6.55 -1.89 2.77
N PHE B 176 -7.78 -2.40 2.80
CA PHE B 176 -8.43 -2.84 1.58
C PHE B 176 -8.60 -1.68 0.61
N ARG B 177 -8.93 -0.50 1.15
CA ARG B 177 -9.30 0.62 0.30
C ARG B 177 -8.11 1.30 -0.37
N VAL B 178 -6.89 1.08 0.11
CA VAL B 178 -5.74 1.63 -0.60
C VAL B 178 -5.82 1.28 -2.07
N THR B 179 -6.21 0.04 -2.37
CA THR B 179 -6.44 -0.39 -3.74
C THR B 179 -7.89 -0.18 -4.18
N ASP B 180 -8.84 -0.56 -3.34
CA ASP B 180 -10.22 -0.68 -3.80
C ASP B 180 -10.87 0.65 -4.12
N ILE B 181 -10.53 1.74 -3.41
CA ILE B 181 -11.10 3.02 -3.82
C ILE B 181 -10.41 3.58 -5.05
N GLY B 182 -9.32 2.95 -5.50
CA GLY B 182 -8.65 3.36 -6.71
C GLY B 182 -7.56 4.40 -6.55
N VAL B 183 -7.15 4.72 -5.31
CA VAL B 183 -6.21 5.82 -5.12
C VAL B 183 -4.81 5.43 -5.54
N ASP B 184 -4.39 4.18 -5.29
CA ASP B 184 -3.09 3.78 -5.78
C ASP B 184 -3.03 3.92 -7.29
N PHE B 185 -4.07 3.47 -7.98
CA PHE B 185 -4.13 3.58 -9.43
C PHE B 185 -4.11 5.06 -9.83
N TRP B 186 -4.90 5.87 -9.15
CA TRP B 186 -4.92 7.31 -9.39
C TRP B 186 -3.52 7.89 -9.36
N MET B 187 -2.75 7.60 -8.30
CA MET B 187 -1.42 8.17 -8.18
C MET B 187 -0.51 7.70 -9.31
N LYS B 188 -0.60 6.40 -9.66
CA LYS B 188 0.31 5.86 -10.64
C LYS B 188 -0.02 6.32 -12.06
N MET B 189 -1.26 6.77 -12.32
CA MET B 189 -1.57 7.35 -13.61
C MET B 189 -1.51 8.87 -13.62
N SER B 190 -1.48 9.53 -12.45
CA SER B 190 -1.43 10.97 -12.35
C SER B 190 -0.03 11.54 -12.27
N TYR B 191 0.98 10.77 -11.86
CA TYR B 191 2.31 11.36 -11.76
C TYR B 191 2.83 11.92 -13.09
N PRO B 192 2.54 11.35 -14.27
CA PRO B 192 2.99 12.01 -15.51
C PRO B 192 2.35 13.38 -15.74
N ILE B 193 1.30 13.74 -14.99
CA ILE B 193 0.73 15.08 -15.12
C ILE B 193 1.72 16.13 -14.66
N TYR B 194 2.51 15.82 -13.63
CA TYR B 194 3.27 16.79 -12.87
C TYR B 194 4.78 16.76 -13.14
N ARG B 195 5.34 15.60 -13.50
CA ARG B 195 6.79 15.43 -13.74
C ARG B 195 7.62 16.01 -12.59
N HIS B 196 7.15 15.78 -11.38
CA HIS B 196 7.83 16.18 -10.16
C HIS B 196 8.43 14.90 -9.55
N PRO B 197 9.72 14.61 -9.76
CA PRO B 197 10.20 13.25 -9.44
C PRO B 197 10.00 12.82 -7.99
N GLU B 198 9.98 13.75 -7.03
CA GLU B 198 9.59 13.39 -5.66
C GLU B 198 8.19 12.79 -5.63
N PHE B 199 7.22 13.44 -6.28
CA PHE B 199 5.86 12.91 -6.30
C PHE B 199 5.79 11.62 -7.10
N THR B 200 6.58 11.52 -8.17
CA THR B 200 6.68 10.29 -8.93
C THR B 200 7.13 9.14 -8.04
N GLU B 201 8.09 9.38 -7.15
CA GLU B 201 8.53 8.30 -6.27
C GLU B 201 7.46 7.93 -5.25
N HIS B 202 6.82 8.92 -4.62
CA HIS B 202 5.78 8.59 -3.65
C HIS B 202 4.63 7.86 -4.32
N ALA B 203 4.37 8.17 -5.59
CA ALA B 203 3.38 7.43 -6.35
C ALA B 203 3.81 5.98 -6.55
N LYS B 204 5.06 5.78 -6.96
CA LYS B 204 5.50 4.43 -7.29
C LYS B 204 5.66 3.53 -6.06
N THR B 205 6.02 4.08 -4.91
CA THR B 205 6.07 3.30 -3.68
C THR B 205 4.69 3.05 -3.08
N SER B 206 3.67 3.78 -3.56
CA SER B 206 2.32 3.79 -3.02
C SER B 206 2.21 4.53 -1.69
N LEU B 207 3.30 5.13 -1.20
CA LEU B 207 3.18 5.99 -0.02
C LEU B 207 2.20 7.13 -0.28
N ALA B 208 2.17 7.63 -1.51
CA ALA B 208 1.19 8.65 -1.88
C ALA B 208 -0.23 8.16 -1.62
N ALA B 209 -0.54 6.96 -2.10
CA ALA B 209 -1.86 6.38 -1.88
C ALA B 209 -2.12 6.13 -0.40
N ARG B 210 -1.12 5.61 0.32
CA ARG B 210 -1.35 5.31 1.73
C ARG B 210 -1.63 6.58 2.54
N MET B 211 -1.06 7.73 2.14
CA MET B 211 -1.30 8.95 2.92
C MET B 211 -2.67 9.55 2.66
N THR B 212 -3.29 9.25 1.52
CA THR B 212 -4.52 9.92 1.11
C THR B 212 -5.75 9.02 1.19
N THR B 213 -5.54 7.72 1.47
CA THR B 213 -6.64 6.76 1.45
C THR B 213 -7.75 7.14 2.44
N ARG B 214 -7.40 7.45 3.68
CA ARG B 214 -8.45 7.68 4.66
C ARG B 214 -9.25 8.94 4.33
N GLY B 215 -8.58 10.01 3.90
CA GLY B 215 -9.29 11.23 3.58
C GLY B 215 -10.28 11.04 2.45
N LEU B 216 -9.87 10.33 1.39
CA LEU B 216 -10.79 10.03 0.29
C LEU B 216 -11.91 9.12 0.74
N THR B 217 -11.55 8.05 1.47
CA THR B 217 -12.52 6.99 1.75
C THR B 217 -13.56 7.42 2.76
N ILE B 218 -13.15 8.12 3.82
CA ILE B 218 -14.11 8.50 4.84
C ILE B 218 -15.18 9.40 4.24
N VAL B 219 -14.77 10.33 3.38
CA VAL B 219 -15.71 11.20 2.69
C VAL B 219 -16.58 10.40 1.72
N ASN B 220 -15.97 9.56 0.88
CA ASN B 220 -16.77 8.77 -0.05
C ASN B 220 -17.78 7.91 0.70
N ASP B 221 -17.32 7.23 1.77
CA ASP B 221 -18.19 6.33 2.49
C ASP B 221 -19.40 7.06 3.08
N PHE B 222 -19.17 8.25 3.63
CA PHE B 222 -20.28 8.94 4.28
C PHE B 222 -21.39 9.22 3.26
N TYR B 223 -21.00 9.74 2.11
CA TYR B 223 -21.99 10.18 1.14
C TYR B 223 -22.48 9.07 0.21
N SER B 224 -21.82 7.91 0.17
CA SER B 224 -22.34 6.79 -0.62
C SER B 224 -22.96 5.70 0.24
N TYR B 225 -23.00 5.91 1.57
CA TYR B 225 -23.56 4.92 2.50
C TYR B 225 -24.97 4.48 2.10
N ASP B 226 -25.86 5.43 1.84
CA ASP B 226 -27.26 5.06 1.60
C ASP B 226 -27.40 4.16 0.39
N ARG B 227 -26.74 4.51 -0.71
CA ARG B 227 -26.81 3.70 -1.91
C ARG B 227 -26.20 2.32 -1.67
N GLU B 228 -25.02 2.29 -1.05
CA GLU B 228 -24.33 1.01 -0.91
C GLU B 228 -25.09 0.06 0.01
N VAL B 229 -25.69 0.56 1.07
CA VAL B 229 -26.41 -0.36 1.95
C VAL B 229 -27.69 -0.86 1.28
N SER B 230 -28.34 -0.03 0.46
CA SER B 230 -29.53 -0.49 -0.24
C SER B 230 -29.22 -1.53 -1.31
N LEU B 231 -27.96 -1.63 -1.71
CA LEU B 231 -27.55 -2.61 -2.70
C LEU B 231 -26.77 -3.78 -2.09
N GLY B 232 -26.69 -3.86 -0.76
CA GLY B 232 -25.96 -4.92 -0.09
C GLY B 232 -24.45 -4.86 -0.20
N GLN B 233 -23.89 -3.70 -0.53
CA GLN B 233 -22.44 -3.56 -0.61
C GLN B 233 -21.88 -3.26 0.78
N ILE B 234 -20.83 -3.99 1.17
CA ILE B 234 -20.30 -3.87 2.54
C ILE B 234 -19.05 -3.03 2.61
N THR B 235 -18.55 -2.53 1.48
CA THR B 235 -17.30 -1.78 1.49
C THR B 235 -17.57 -0.31 1.88
N ASN B 236 -17.73 -0.09 3.18
CA ASN B 236 -18.06 1.22 3.73
C ASN B 236 -17.78 1.25 5.22
N CYS B 237 -16.93 2.17 5.68
CA CYS B 237 -16.50 2.12 7.07
C CYS B 237 -17.63 2.43 8.05
N PHE B 238 -18.67 3.17 7.64
CA PHE B 238 -19.73 3.41 8.61
C PHE B 238 -20.59 2.18 8.88
N ARG B 239 -20.44 1.10 8.12
CA ARG B 239 -21.03 -0.17 8.52
C ARG B 239 -20.34 -0.74 9.77
N LEU B 240 -19.22 -0.16 10.17
CA LEU B 240 -18.52 -0.57 11.38
C LEU B 240 -19.08 0.05 12.66
N CYS B 241 -19.95 1.06 12.57
CA CYS B 241 -20.57 1.56 13.79
C CYS B 241 -22.07 1.41 13.66
N ASP B 242 -22.76 1.72 14.75
CA ASP B 242 -24.22 1.63 14.81
C ASP B 242 -24.77 2.99 14.39
N VAL B 243 -25.01 3.17 13.09
CA VAL B 243 -25.44 4.48 12.63
C VAL B 243 -26.83 4.85 13.14
N SER B 244 -27.64 3.88 13.59
CA SER B 244 -28.95 4.26 14.14
C SER B 244 -28.84 4.86 15.53
N ASP B 245 -27.67 4.81 16.15
CA ASP B 245 -27.45 5.35 17.49
C ASP B 245 -26.58 6.59 17.35
N GLU B 246 -27.16 7.76 17.63
CA GLU B 246 -26.45 9.01 17.38
C GLU B 246 -25.14 9.09 18.17
N THR B 247 -25.15 8.65 19.43
CA THR B 247 -23.94 8.80 20.24
C THR B 247 -22.82 7.87 19.72
N ALA B 248 -23.16 6.64 19.35
CA ALA B 248 -22.17 5.78 18.74
C ALA B 248 -21.71 6.33 17.40
N PHE B 249 -22.66 6.82 16.58
CA PHE B 249 -22.29 7.36 15.28
C PHE B 249 -21.34 8.54 15.41
N LYS B 250 -21.70 9.51 16.27
CA LYS B 250 -20.88 10.72 16.32
C LYS B 250 -19.53 10.44 16.95
N GLU B 251 -19.43 9.41 17.79
CA GLU B 251 -18.13 9.03 18.32
C GLU B 251 -17.25 8.40 17.24
N PHE B 252 -17.85 7.50 16.44
CA PHE B 252 -17.14 6.94 15.29
C PHE B 252 -16.75 8.04 14.32
N PHE B 253 -17.69 8.95 14.03
CA PHE B 253 -17.41 10.00 13.08
C PHE B 253 -16.26 10.88 13.55
N GLN B 254 -16.24 11.24 14.83
CA GLN B 254 -15.12 11.98 15.38
C GLN B 254 -13.80 11.20 15.24
N ALA B 255 -13.83 9.90 15.54
CA ALA B 255 -12.63 9.10 15.33
C ALA B 255 -12.15 9.21 13.87
N ARG B 256 -13.09 9.23 12.92
CA ARG B 256 -12.72 9.32 11.52
C ARG B 256 -12.19 10.71 11.16
N LEU B 257 -12.79 11.77 11.72
CA LEU B 257 -12.21 13.11 11.55
C LEU B 257 -10.78 13.16 12.08
N ASP B 258 -10.55 12.60 13.28
CA ASP B 258 -9.20 12.58 13.83
C ASP B 258 -8.22 11.89 12.88
N ASP B 259 -8.63 10.78 12.26
CA ASP B 259 -7.79 10.11 11.27
C ASP B 259 -7.41 11.07 10.14
N MET B 260 -8.41 11.76 9.61
CA MET B 260 -8.16 12.69 8.51
C MET B 260 -7.18 13.77 8.91
N ILE B 261 -7.38 14.35 10.10
CA ILE B 261 -6.52 15.41 10.60
C ILE B 261 -5.09 14.90 10.74
N GLU B 262 -4.93 13.73 11.33
CA GLU B 262 -3.59 13.17 11.47
C GLU B 262 -2.90 13.03 10.11
N ASP B 263 -3.58 12.43 9.12
CA ASP B 263 -2.98 12.29 7.80
C ASP B 263 -2.63 13.65 7.20
N ILE B 264 -3.54 14.60 7.33
CA ILE B 264 -3.31 15.90 6.69
C ILE B 264 -2.10 16.59 7.29
N GLU B 265 -1.96 16.57 8.61
CA GLU B 265 -0.84 17.26 9.23
C GLU B 265 0.49 16.51 9.00
N CYS B 266 0.45 15.19 8.77
CA CYS B 266 1.66 14.52 8.31
C CYS B 266 1.92 14.73 6.82
N ILE B 267 0.87 14.95 6.02
CA ILE B 267 1.11 15.33 4.63
C ILE B 267 1.89 16.65 4.55
N LYS B 268 1.75 17.50 5.57
CA LYS B 268 2.45 18.79 5.61
C LYS B 268 3.95 18.67 5.74
N ALA B 269 4.47 17.48 6.09
CA ALA B 269 5.91 17.28 6.10
C ALA B 269 6.48 16.98 4.72
N PHE B 270 5.65 16.59 3.75
CA PHE B 270 6.14 16.44 2.39
C PHE B 270 6.44 17.83 1.83
N ASP B 271 7.21 17.90 0.75
CA ASP B 271 7.50 19.22 0.23
C ASP B 271 6.26 19.82 -0.40
N GLN B 272 6.30 21.13 -0.68
CA GLN B 272 5.06 21.85 -0.94
C GLN B 272 4.34 21.32 -2.17
N LEU B 273 5.07 20.97 -3.23
CA LEU B 273 4.36 20.58 -4.45
C LEU B 273 3.64 19.25 -4.24
N THR B 274 4.33 18.29 -3.62
CA THR B 274 3.67 17.02 -3.32
C THR B 274 2.49 17.23 -2.38
N GLN B 275 2.68 18.01 -1.30
CA GLN B 275 1.57 18.20 -0.37
C GLN B 275 0.40 18.94 -1.03
N ASP B 276 0.71 19.83 -1.98
CA ASP B 276 -0.36 20.48 -2.74
C ASP B 276 -1.23 19.45 -3.42
N VAL B 277 -0.58 18.52 -4.14
CA VAL B 277 -1.31 17.50 -4.88
C VAL B 277 -2.11 16.61 -3.92
N PHE B 278 -1.47 16.16 -2.83
CA PHE B 278 -2.18 15.32 -1.86
C PHE B 278 -3.42 16.04 -1.31
N LEU B 279 -3.26 17.29 -0.87
CA LEU B 279 -4.36 17.97 -0.20
C LEU B 279 -5.47 18.38 -1.18
N ASP B 280 -5.10 18.76 -2.41
CA ASP B 280 -6.13 19.05 -3.40
C ASP B 280 -6.90 17.78 -3.75
N LEU B 281 -6.24 16.63 -3.70
CA LEU B 281 -6.94 15.38 -3.93
C LEU B 281 -8.01 15.15 -2.86
N ILE B 282 -7.63 15.26 -1.58
CA ILE B 282 -8.57 14.98 -0.51
C ILE B 282 -9.67 16.03 -0.48
N TYR B 283 -9.30 17.29 -0.54
CA TYR B 283 -10.28 18.35 -0.40
C TYR B 283 -11.14 18.46 -1.68
N GLY B 284 -10.52 18.32 -2.84
CA GLY B 284 -11.29 18.30 -4.07
C GLY B 284 -12.30 17.18 -4.15
N ASN B 285 -11.90 15.99 -3.67
CA ASN B 285 -12.86 14.90 -3.68
C ASN B 285 -14.07 15.24 -2.82
N PHE B 286 -13.86 15.96 -1.73
CA PHE B 286 -14.97 16.36 -0.88
C PHE B 286 -15.88 17.37 -1.60
N VAL B 287 -15.30 18.35 -2.27
CA VAL B 287 -16.12 19.33 -3.00
C VAL B 287 -16.92 18.64 -4.10
N TRP B 288 -16.25 17.79 -4.88
CA TRP B 288 -16.92 17.04 -5.94
C TRP B 288 -18.02 16.14 -5.39
N THR B 289 -17.71 15.40 -4.31
CA THR B 289 -18.66 14.45 -3.76
C THR B 289 -19.95 15.16 -3.32
N THR B 290 -19.83 16.31 -2.68
CA THR B 290 -20.98 17.01 -2.17
C THR B 290 -21.73 17.79 -3.27
N SER B 291 -21.15 17.88 -4.48
CA SER B 291 -21.74 18.62 -5.58
C SER B 291 -22.30 17.75 -6.69
N ASN B 292 -22.46 16.45 -6.46
CA ASN B 292 -22.62 15.47 -7.53
C ASN B 292 -23.84 14.61 -7.25
N LYS B 293 -24.75 14.54 -8.24
CA LYS B 293 -25.98 13.78 -8.08
C LYS B 293 -25.71 12.32 -7.73
N ARG B 294 -24.52 11.82 -8.10
CA ARG B 294 -24.12 10.48 -7.73
C ARG B 294 -24.25 10.21 -6.25
N TYR B 295 -24.06 11.24 -5.42
CA TYR B 295 -24.02 11.05 -3.98
C TYR B 295 -25.21 11.69 -3.27
N LYS B 296 -26.24 12.08 -4.02
CA LYS B 296 -27.45 12.73 -3.49
C LYS B 296 -28.57 11.78 -3.12
N THR B 297 -28.79 10.75 -3.91
CA THR B 297 -29.88 9.81 -3.71
C THR B 297 -29.33 8.39 -3.71
N ALA B 298 -29.90 7.55 -2.85
CA ALA B 298 -29.74 6.11 -3.00
C ALA B 298 -30.56 5.61 -4.18
N VAL B 299 -29.96 5.64 -5.37
CA VAL B 299 -30.43 5.09 -6.63
C VAL B 299 -30.99 6.20 -7.51
N ASN B 300 -30.26 6.52 -8.57
CA ASN B 300 -30.72 7.46 -9.56
C ASN B 300 -30.04 7.10 -10.87
N ASP B 301 -30.38 7.84 -11.92
CA ASP B 301 -29.81 7.76 -13.25
C ASP B 301 -28.37 8.29 -13.34
N VAL B 302 -27.64 8.40 -12.23
CA VAL B 302 -26.18 8.49 -12.28
C VAL B 302 -25.50 7.69 -11.18
N ASN B 303 -26.15 6.65 -10.62
CA ASN B 303 -25.45 5.67 -9.78
C ASN B 303 -26.12 4.30 -9.73
N SER B 304 -26.82 3.91 -10.81
CA SER B 304 -27.95 2.99 -10.75
C SER B 304 -27.58 1.50 -10.59
N ARG B 305 -26.36 1.13 -10.99
CA ARG B 305 -26.01 -0.25 -11.32
C ARG B 305 -26.66 -0.63 -12.65
N ILE B 306 -27.95 -0.98 -12.58
CA ILE B 306 -28.93 -1.14 -13.67
C ILE B 306 -29.39 -2.60 -13.67
N GLN B 307 -30.66 -2.86 -14.04
CA GLN B 307 -31.29 -4.15 -13.84
C GLN B 307 -31.56 -4.90 -15.15
N ALA B 308 -31.20 -6.18 -15.16
CA ALA B 308 -31.45 -7.09 -16.27
C ALA B 308 -32.14 -8.37 -15.76
N GLY A 14 16.86 3.10 31.90
CA GLY A 14 17.51 3.54 30.68
C GLY A 14 16.81 3.36 29.33
N ARG A 15 16.36 4.49 28.77
CA ARG A 15 15.52 4.48 27.57
C ARG A 15 16.25 4.05 26.30
N SER A 16 17.54 3.71 26.39
CA SER A 16 18.32 3.32 25.24
C SER A 16 18.34 1.81 24.99
N SER A 17 17.55 1.02 25.72
CA SER A 17 17.64 -0.42 25.47
C SER A 17 16.36 -1.13 25.91
N VAL A 18 16.01 -2.20 25.20
CA VAL A 18 14.91 -3.06 25.61
C VAL A 18 15.41 -4.32 26.29
N ARG A 19 16.68 -4.34 26.74
CA ARG A 19 17.25 -5.52 27.40
C ARG A 19 16.41 -6.07 28.55
N PRO A 20 15.86 -5.27 29.47
CA PRO A 20 15.10 -5.86 30.59
C PRO A 20 13.95 -6.76 30.15
N TYR A 21 13.46 -6.61 28.93
CA TYR A 21 12.26 -7.30 28.46
C TYR A 21 12.55 -8.39 27.44
N LEU A 22 13.81 -8.66 27.15
CA LEU A 22 14.13 -9.53 26.03
C LEU A 22 13.53 -10.93 26.19
N GLU A 23 13.68 -11.54 27.37
CA GLU A 23 13.17 -12.88 27.57
C GLU A 23 11.65 -12.92 27.59
N GLU A 24 11.03 -12.01 28.36
CA GLU A 24 9.57 -11.93 28.39
C GLU A 24 8.99 -11.75 27.00
N CYS A 25 9.49 -10.76 26.25
CA CYS A 25 8.92 -10.47 24.95
C CYS A 25 9.14 -11.62 23.97
N THR A 26 10.32 -12.23 24.00
CA THR A 26 10.56 -13.39 23.14
C THR A 26 9.52 -14.46 23.41
N ARG A 27 9.31 -14.77 24.70
CA ARG A 27 8.34 -15.79 25.06
C ARG A 27 6.92 -15.39 24.65
N ARG A 28 6.57 -14.11 24.83
CA ARG A 28 5.25 -13.63 24.39
C ARG A 28 5.05 -13.81 22.88
N PHE A 29 6.01 -13.35 22.07
CA PHE A 29 5.95 -13.53 20.63
C PHE A 29 5.70 -15.00 20.27
N GLN A 30 6.50 -15.91 20.83
CA GLN A 30 6.38 -17.31 20.45
C GLN A 30 5.01 -17.87 20.87
N GLU A 31 4.55 -17.54 22.07
CA GLU A 31 3.23 -17.98 22.51
C GLU A 31 2.15 -17.54 21.53
N MET A 32 2.24 -16.29 21.08
CA MET A 32 1.27 -15.75 20.14
C MET A 32 1.26 -16.55 18.84
N PHE A 33 2.43 -16.83 18.27
CA PHE A 33 2.50 -17.66 17.08
C PHE A 33 1.92 -19.05 17.31
N ASP A 34 2.21 -19.65 18.47
CA ASP A 34 1.76 -21.02 18.71
C ASP A 34 0.23 -21.09 18.79
N ARG A 35 -0.40 -20.03 19.24
CA ARG A 35 -1.82 -20.13 19.47
C ARG A 35 -2.63 -19.67 18.27
N HIS A 36 -2.03 -18.90 17.36
CA HIS A 36 -2.76 -18.36 16.23
C HIS A 36 -2.30 -18.91 14.89
N VAL A 37 -1.08 -19.44 14.79
CA VAL A 37 -0.57 -20.01 13.56
C VAL A 37 -0.39 -21.52 13.67
N VAL A 38 0.28 -21.97 14.73
CA VAL A 38 0.64 -23.37 14.98
C VAL A 38 1.66 -23.84 13.93
N THR A 39 1.36 -23.64 12.64
CA THR A 39 2.29 -24.05 11.59
C THR A 39 3.67 -23.43 11.78
N ARG A 40 4.66 -24.30 11.99
CA ARG A 40 6.04 -23.89 12.19
C ARG A 40 6.64 -23.46 10.85
N PRO A 41 7.47 -22.41 10.83
CA PRO A 41 8.24 -22.12 9.62
C PRO A 41 9.15 -23.29 9.27
N THR A 42 9.46 -23.42 7.98
CA THR A 42 10.37 -24.47 7.51
C THR A 42 11.59 -23.85 6.84
N LYS A 43 12.79 -24.30 7.22
CA LYS A 43 14.02 -23.75 6.67
C LYS A 43 14.35 -24.44 5.34
N VAL A 44 14.40 -23.66 4.26
CA VAL A 44 14.83 -24.18 2.97
C VAL A 44 16.26 -24.69 3.10
N GLU A 45 16.58 -25.75 2.37
CA GLU A 45 17.94 -26.25 2.31
C GLU A 45 18.57 -25.80 0.99
N LEU A 46 19.66 -25.06 1.07
CA LEU A 46 20.51 -24.82 -0.09
C LEU A 46 21.77 -25.64 0.05
N THR A 47 22.10 -26.41 -0.99
CA THR A 47 23.40 -27.07 -1.05
C THR A 47 24.50 -26.01 -1.08
N ASP A 48 25.74 -26.45 -0.94
CA ASP A 48 26.85 -25.54 -1.18
C ASP A 48 26.72 -24.90 -2.55
N ALA A 49 26.48 -25.72 -3.59
CA ALA A 49 26.40 -25.21 -4.96
C ALA A 49 25.43 -24.03 -5.08
N GLU A 50 24.18 -24.22 -4.65
CA GLU A 50 23.17 -23.18 -4.81
C GLU A 50 23.51 -21.95 -3.96
N LEU A 51 24.03 -22.18 -2.75
CA LEU A 51 24.36 -21.06 -1.88
C LEU A 51 25.60 -20.32 -2.36
N ARG A 52 26.54 -21.03 -2.97
CA ARG A 52 27.73 -20.33 -3.47
C ARG A 52 27.44 -19.60 -4.76
N GLU A 53 26.49 -20.09 -5.56
CA GLU A 53 26.01 -19.26 -6.68
C GLU A 53 25.37 -17.98 -6.15
N VAL A 54 24.58 -18.10 -5.08
CA VAL A 54 23.91 -16.92 -4.52
C VAL A 54 24.94 -15.90 -4.05
N ILE A 55 25.90 -16.35 -3.24
CA ILE A 55 26.89 -15.44 -2.68
C ILE A 55 27.72 -14.79 -3.80
N ASP A 56 28.09 -15.58 -4.80
CA ASP A 56 28.95 -15.04 -5.85
C ASP A 56 28.21 -13.99 -6.69
N ASP A 57 26.90 -14.15 -6.86
CA ASP A 57 26.11 -13.09 -7.51
C ASP A 57 25.98 -11.86 -6.61
N CYS A 58 25.84 -12.07 -5.30
CA CYS A 58 25.81 -10.95 -4.36
C CYS A 58 27.10 -10.14 -4.43
N ASN A 59 28.25 -10.83 -4.36
CA ASN A 59 29.53 -10.13 -4.37
C ASN A 59 29.71 -9.35 -5.67
N ALA A 60 29.32 -9.95 -6.80
CA ALA A 60 29.44 -9.25 -8.07
C ALA A 60 28.54 -8.02 -8.12
N ALA A 61 27.38 -8.09 -7.45
CA ALA A 61 26.43 -6.98 -7.52
C ALA A 61 26.95 -5.77 -6.76
N VAL A 62 27.53 -5.98 -5.57
CA VAL A 62 27.94 -4.84 -4.74
C VAL A 62 29.38 -4.44 -4.97
N ALA A 63 30.17 -5.26 -5.67
CA ALA A 63 31.56 -4.88 -5.93
C ALA A 63 31.71 -3.48 -6.52
N PRO A 64 30.84 -3.00 -7.41
CA PRO A 64 31.01 -1.62 -7.91
C PRO A 64 30.90 -0.57 -6.83
N LEU A 65 30.24 -0.86 -5.71
CA LEU A 65 30.10 0.10 -4.62
C LEU A 65 31.39 0.25 -3.80
N GLY A 66 32.21 -0.79 -3.72
CA GLY A 66 33.52 -0.66 -3.12
C GLY A 66 33.76 -1.40 -1.81
N LYS A 67 32.73 -1.94 -1.17
CA LYS A 67 32.89 -2.48 0.18
C LYS A 67 32.79 -4.00 0.17
N THR A 68 33.75 -4.64 0.85
CA THR A 68 33.77 -6.10 0.97
C THR A 68 32.71 -6.58 1.94
N VAL A 69 31.99 -7.63 1.54
CA VAL A 69 31.00 -8.27 2.40
C VAL A 69 31.44 -9.70 2.61
N SER A 70 31.55 -10.12 3.87
CA SER A 70 32.01 -11.47 4.18
C SER A 70 30.87 -12.48 3.96
N ASP A 71 31.26 -13.72 3.65
CA ASP A 71 30.31 -14.82 3.57
C ASP A 71 29.44 -14.86 4.82
N GLU A 72 30.04 -14.68 5.98
CA GLU A 72 29.31 -14.64 7.25
C GLU A 72 28.20 -13.58 7.25
N ARG A 73 28.51 -12.38 6.77
CA ARG A 73 27.49 -11.34 6.69
C ARG A 73 26.43 -11.68 5.64
N TRP A 74 26.83 -12.24 4.49
CA TRP A 74 25.83 -12.67 3.52
C TRP A 74 24.87 -13.68 4.11
N ILE A 75 25.40 -14.64 4.90
CA ILE A 75 24.55 -15.68 5.45
C ILE A 75 23.59 -15.08 6.46
N SER A 76 24.06 -14.10 7.22
CA SER A 76 23.19 -13.35 8.12
C SER A 76 22.00 -12.76 7.35
N TYR A 77 22.29 -12.12 6.22
CA TYR A 77 21.24 -11.48 5.43
C TYR A 77 20.31 -12.51 4.79
N VAL A 78 20.87 -13.58 4.21
CA VAL A 78 20.08 -14.49 3.40
C VAL A 78 19.15 -15.35 4.26
N GLY A 79 19.43 -15.48 5.56
CA GLY A 79 18.64 -16.36 6.39
C GLY A 79 17.16 -16.02 6.39
N VAL A 80 16.80 -14.75 6.23
CA VAL A 80 15.38 -14.41 6.25
C VAL A 80 14.68 -15.06 5.06
N VAL A 81 15.36 -15.17 3.92
CA VAL A 81 14.74 -15.83 2.78
C VAL A 81 14.63 -17.33 3.02
N LEU A 82 15.68 -17.91 3.60
CA LEU A 82 15.69 -19.36 3.85
C LEU A 82 14.59 -19.75 4.82
N TRP A 83 14.28 -18.87 5.79
CA TRP A 83 13.34 -19.17 6.87
C TRP A 83 11.93 -18.68 6.62
N SER A 84 11.74 -17.71 5.74
CA SER A 84 10.48 -16.97 5.71
C SER A 84 9.71 -17.13 4.41
N GLN A 85 10.14 -18.01 3.51
CA GLN A 85 9.32 -18.34 2.36
C GLN A 85 8.41 -19.50 2.79
N SER A 86 7.91 -20.28 1.84
CA SER A 86 6.92 -21.32 2.13
C SER A 86 7.33 -22.57 1.34
N PRO A 87 8.27 -23.35 1.87
CA PRO A 87 8.98 -24.35 1.04
C PRO A 87 8.10 -25.40 0.40
N ARG A 88 7.12 -25.98 1.12
CA ARG A 88 6.26 -27.02 0.53
C ARG A 88 5.50 -26.51 -0.69
N HIS A 89 5.46 -25.21 -0.91
CA HIS A 89 4.72 -24.61 -2.01
C HIS A 89 5.60 -23.99 -3.08
N ILE A 90 6.93 -24.05 -2.95
CA ILE A 90 7.81 -23.50 -3.97
C ILE A 90 7.65 -24.26 -5.30
N LYS A 91 7.61 -23.50 -6.39
CA LYS A 91 7.60 -24.06 -7.74
C LYS A 91 8.84 -23.73 -8.55
N ASP A 92 9.40 -22.54 -8.38
CA ASP A 92 10.50 -22.07 -9.22
C ASP A 92 11.69 -21.69 -8.36
N MET A 93 12.72 -22.55 -8.35
CA MET A 93 13.95 -22.29 -7.59
C MET A 93 14.80 -21.18 -8.20
N GLU A 94 14.63 -20.87 -9.48
CA GLU A 94 15.30 -19.69 -10.04
C GLU A 94 14.82 -18.43 -9.34
N ALA A 95 13.50 -18.26 -9.27
CA ALA A 95 12.94 -17.11 -8.55
C ALA A 95 13.38 -17.09 -7.08
N PHE A 96 13.45 -18.27 -6.45
CA PHE A 96 13.92 -18.32 -5.07
C PHE A 96 15.34 -17.77 -4.95
N LYS A 97 16.27 -18.28 -5.78
CA LYS A 97 17.63 -17.77 -5.75
C LYS A 97 17.66 -16.27 -6.00
N ALA A 98 16.81 -15.78 -6.89
CA ALA A 98 16.74 -14.34 -7.15
C ALA A 98 16.36 -13.58 -5.88
N VAL A 99 15.36 -14.07 -5.15
CA VAL A 99 14.98 -13.37 -3.93
C VAL A 99 16.10 -13.41 -2.91
N CYS A 100 16.84 -14.54 -2.84
CA CYS A 100 18.03 -14.58 -2.00
C CYS A 100 19.00 -13.44 -2.36
N VAL A 101 19.35 -13.33 -3.65
CA VAL A 101 20.35 -12.34 -4.06
C VAL A 101 19.83 -10.92 -3.83
N LEU A 102 18.63 -10.65 -4.35
CA LEU A 102 18.04 -9.31 -4.23
C LEU A 102 17.87 -8.90 -2.77
N ASN A 103 17.38 -9.81 -1.94
CA ASN A 103 17.29 -9.53 -0.51
C ASN A 103 18.64 -9.13 0.07
N CYS A 104 19.68 -9.87 -0.27
CA CYS A 104 20.98 -9.65 0.36
C CYS A 104 21.59 -8.34 -0.08
N VAL A 105 21.58 -8.06 -1.39
CA VAL A 105 22.33 -6.90 -1.85
C VAL A 105 21.64 -5.61 -1.42
N THR A 106 20.31 -5.60 -1.29
CA THR A 106 19.66 -4.39 -0.79
C THR A 106 19.73 -4.31 0.73
N PHE A 107 19.97 -5.43 1.41
CA PHE A 107 20.34 -5.38 2.82
C PHE A 107 21.65 -4.62 3.00
N VAL A 108 22.65 -4.91 2.16
CA VAL A 108 23.89 -4.13 2.18
C VAL A 108 23.59 -2.63 2.02
N TRP A 109 22.75 -2.29 1.04
CA TRP A 109 22.33 -0.91 0.85
C TRP A 109 21.74 -0.32 2.12
N ASP A 110 20.87 -1.09 2.80
CA ASP A 110 20.27 -0.65 4.06
C ASP A 110 21.34 -0.30 5.10
N ASP A 111 22.41 -1.09 5.14
CA ASP A 111 23.47 -0.91 6.12
C ASP A 111 24.53 0.11 5.69
N MET A 112 24.41 0.70 4.50
CA MET A 112 25.45 1.56 3.94
C MET A 112 25.23 3.04 4.24
N ASP A 113 26.32 3.73 4.54
CA ASP A 113 26.42 5.19 4.45
C ASP A 113 25.83 5.66 3.12
N PRO A 114 24.96 6.67 3.14
CA PRO A 114 24.34 7.12 1.88
C PRO A 114 25.33 7.70 0.90
N ALA A 115 26.53 8.08 1.37
CA ALA A 115 27.60 8.46 0.47
C ALA A 115 28.04 7.31 -0.42
N LEU A 116 27.88 6.06 0.05
CA LEU A 116 28.23 4.89 -0.75
C LEU A 116 27.18 4.54 -1.80
N HIS A 117 26.00 5.16 -1.76
CA HIS A 117 24.88 4.79 -2.60
C HIS A 117 25.07 5.31 -4.02
N ASP A 118 25.57 4.48 -4.91
CA ASP A 118 25.83 4.87 -6.30
C ASP A 118 24.76 4.24 -7.19
N PHE A 119 23.75 5.03 -7.54
CA PHE A 119 22.65 4.51 -8.34
C PHE A 119 23.10 4.07 -9.73
N GLY A 120 23.96 4.87 -10.37
CA GLY A 120 24.43 4.54 -11.71
C GLY A 120 25.18 3.22 -11.78
N LEU A 121 25.86 2.83 -10.70
CA LEU A 121 26.58 1.57 -10.63
C LEU A 121 25.70 0.42 -10.14
N PHE A 122 24.83 0.68 -9.16
CA PHE A 122 24.08 -0.40 -8.53
C PHE A 122 22.84 -0.80 -9.32
N LEU A 123 22.12 0.16 -9.89
CA LEU A 123 20.89 -0.19 -10.59
C LEU A 123 21.12 -1.14 -11.75
N PRO A 124 22.14 -0.98 -12.60
CA PRO A 124 22.42 -2.03 -13.60
C PRO A 124 22.69 -3.40 -13.00
N GLN A 125 23.32 -3.46 -11.83
CA GLN A 125 23.55 -4.75 -11.17
C GLN A 125 22.23 -5.42 -10.81
N LEU A 126 21.28 -4.66 -10.23
CA LEU A 126 19.96 -5.22 -9.96
C LEU A 126 19.32 -5.74 -11.24
N ARG A 127 19.27 -4.88 -12.26
CA ARG A 127 18.73 -5.27 -13.56
C ARG A 127 19.36 -6.58 -14.06
N LYS A 128 20.68 -6.68 -13.99
CA LYS A 128 21.39 -7.94 -14.23
C LYS A 128 20.71 -9.10 -13.53
N ILE A 129 20.59 -9.01 -12.21
CA ILE A 129 20.06 -10.11 -11.41
C ILE A 129 18.65 -10.45 -11.85
N CYS A 130 17.81 -9.42 -12.03
CA CYS A 130 16.42 -9.66 -12.38
C CYS A 130 16.29 -10.37 -13.72
N GLU A 131 17.12 -10.01 -14.70
CA GLU A 131 17.02 -10.65 -16.01
C GLU A 131 17.58 -12.08 -15.98
N LYS A 132 18.59 -12.34 -15.16
CA LYS A 132 19.14 -13.69 -15.10
C LYS A 132 18.08 -14.69 -14.66
N TYR A 133 17.35 -14.39 -13.59
CA TYR A 133 16.56 -15.41 -12.88
C TYR A 133 15.08 -15.41 -13.24
N TYR A 134 14.54 -14.31 -13.75
CA TYR A 134 13.12 -14.19 -14.06
C TYR A 134 12.89 -14.14 -15.57
N GLY A 135 11.63 -14.38 -15.97
CA GLY A 135 11.21 -14.15 -17.32
C GLY A 135 11.12 -12.66 -17.60
N PRO A 136 10.67 -12.29 -18.80
CA PRO A 136 10.70 -10.86 -19.20
C PRO A 136 9.74 -9.96 -18.41
N GLU A 137 8.50 -10.38 -18.19
CA GLU A 137 7.58 -9.54 -17.42
C GLU A 137 7.94 -9.55 -15.93
N ASP A 138 8.16 -10.74 -15.35
CA ASP A 138 8.51 -10.83 -13.93
C ASP A 138 9.78 -10.03 -13.62
N ALA A 139 10.76 -10.03 -14.53
CA ALA A 139 11.99 -9.28 -14.28
C ALA A 139 11.71 -7.79 -14.14
N GLU A 140 10.78 -7.26 -14.94
CA GLU A 140 10.47 -5.84 -14.81
C GLU A 140 9.81 -5.55 -13.47
N VAL A 141 8.86 -6.38 -13.06
CA VAL A 141 8.18 -6.14 -11.78
C VAL A 141 9.19 -6.21 -10.63
N ALA A 142 10.07 -7.22 -10.65
CA ALA A 142 11.04 -7.35 -9.57
C ALA A 142 12.03 -6.17 -9.58
N TYR A 143 12.52 -5.77 -10.75
CA TYR A 143 13.46 -4.65 -10.80
C TYR A 143 12.82 -3.35 -10.35
N GLU A 144 11.60 -3.07 -10.79
CA GLU A 144 10.95 -1.84 -10.33
C GLU A 144 10.86 -1.80 -8.82
N ALA A 145 10.46 -2.91 -8.20
CA ALA A 145 10.33 -2.95 -6.75
C ALA A 145 11.68 -2.79 -6.04
N ALA A 146 12.75 -3.42 -6.59
CA ALA A 146 14.08 -3.23 -6.02
C ALA A 146 14.54 -1.78 -6.16
N ARG A 147 14.40 -1.22 -7.36
CA ARG A 147 14.70 0.19 -7.60
C ARG A 147 13.95 1.10 -6.64
N ALA A 148 12.63 0.91 -6.51
CA ALA A 148 11.86 1.76 -5.62
C ALA A 148 12.32 1.63 -4.16
N PHE A 149 12.69 0.40 -3.75
CA PHE A 149 13.15 0.25 -2.37
C PHE A 149 14.45 1.01 -2.12
N VAL A 150 15.49 0.76 -2.93
CA VAL A 150 16.78 1.39 -2.66
C VAL A 150 16.66 2.91 -2.78
N THR A 151 15.83 3.37 -3.71
CA THR A 151 15.59 4.80 -3.82
C THR A 151 14.94 5.36 -2.55
N SER A 152 13.98 4.62 -1.99
CA SER A 152 13.30 5.07 -0.79
C SER A 152 14.25 5.08 0.40
N ASP A 153 15.02 3.99 0.59
CA ASP A 153 15.95 3.97 1.70
C ASP A 153 16.91 5.16 1.64
N HIS A 154 17.35 5.51 0.43
CA HIS A 154 18.28 6.62 0.29
C HIS A 154 17.58 7.95 0.55
N MET A 155 16.44 8.17 -0.10
CA MET A 155 15.85 9.51 -0.07
C MET A 155 15.31 9.84 1.31
N PHE A 156 14.98 8.85 2.12
CA PHE A 156 14.46 9.15 3.46
C PHE A 156 15.53 9.25 4.54
N ARG A 157 16.82 9.10 4.22
CA ARG A 157 17.85 9.32 5.23
C ARG A 157 17.80 10.78 5.70
N ASP A 158 17.77 11.00 7.01
CA ASP A 158 17.51 12.32 7.62
C ASP A 158 16.46 13.20 6.86
N SER A 159 15.42 12.57 6.30
CA SER A 159 14.32 13.37 5.70
C SER A 159 13.28 13.78 6.75
N PRO A 160 12.82 15.04 6.74
CA PRO A 160 11.73 15.43 7.66
C PRO A 160 10.48 14.57 7.52
N ILE A 161 10.24 13.97 6.34
CA ILE A 161 9.05 13.15 6.18
C ILE A 161 9.17 11.88 7.03
N LYS A 162 10.35 11.27 7.03
CA LYS A 162 10.55 10.10 7.88
C LYS A 162 10.32 10.45 9.35
N ALA A 163 10.92 11.53 9.83
CA ALA A 163 10.70 11.96 11.21
C ALA A 163 9.22 12.19 11.51
N ALA A 164 8.48 12.77 10.56
CA ALA A 164 7.04 12.94 10.76
C ALA A 164 6.33 11.60 10.89
N LEU A 165 6.59 10.68 9.95
CA LEU A 165 5.86 9.42 9.97
C LEU A 165 6.27 8.53 11.13
N CYS A 166 7.48 8.68 11.65
CA CYS A 166 7.99 7.80 12.71
C CYS A 166 7.70 8.29 14.11
N THR A 167 7.36 9.56 14.29
CA THR A 167 7.09 10.08 15.63
C THR A 167 5.61 10.22 15.96
N THR A 168 4.73 10.31 14.95
CA THR A 168 3.37 10.77 15.21
C THR A 168 2.44 9.70 15.76
N SER A 169 2.32 8.54 15.11
CA SER A 169 1.42 7.50 15.59
C SER A 169 1.91 6.15 15.07
N PRO A 170 1.46 5.04 15.67
CA PRO A 170 1.81 3.74 15.08
C PRO A 170 1.31 3.59 13.66
N GLU A 171 0.12 4.10 13.35
CA GLU A 171 -0.41 3.96 12.00
C GLU A 171 0.39 4.76 10.97
N GLN A 172 0.84 5.97 11.33
CA GLN A 172 1.71 6.69 10.41
C GLN A 172 3.01 5.93 10.19
N TYR A 173 3.54 5.35 11.27
CA TYR A 173 4.82 4.65 11.19
C TYR A 173 4.71 3.40 10.33
N PHE A 174 3.69 2.56 10.58
CA PHE A 174 3.57 1.32 9.82
C PHE A 174 3.27 1.60 8.36
N ARG A 175 2.62 2.74 8.08
CA ARG A 175 2.40 3.17 6.70
C ARG A 175 3.71 3.43 5.98
N PHE A 176 4.68 4.05 6.66
CA PHE A 176 6.01 4.22 6.09
C PHE A 176 6.71 2.87 5.86
N ARG A 177 6.50 1.93 6.78
CA ARG A 177 7.26 0.68 6.75
C ARG A 177 6.77 -0.30 5.69
N VAL A 178 5.54 -0.12 5.15
CA VAL A 178 5.11 -0.97 4.03
C VAL A 178 6.18 -1.00 2.95
N THR A 179 6.78 0.15 2.65
CA THR A 179 7.89 0.18 1.72
C THR A 179 9.23 0.04 2.43
N ASP A 180 9.40 0.76 3.54
CA ASP A 180 10.74 0.88 4.11
C ASP A 180 11.26 -0.44 4.69
N ILE A 181 10.43 -1.31 5.27
CA ILE A 181 11.00 -2.60 5.69
C ILE A 181 11.23 -3.52 4.50
N GLY A 182 10.86 -3.10 3.29
CA GLY A 182 11.14 -3.91 2.12
C GLY A 182 10.11 -4.96 1.80
N VAL A 183 9.01 -5.04 2.55
CA VAL A 183 8.06 -6.13 2.35
C VAL A 183 7.30 -6.01 1.03
N ASP A 184 6.95 -4.78 0.60
CA ASP A 184 6.30 -4.70 -0.71
C ASP A 184 7.23 -5.21 -1.81
N PHE A 185 8.50 -4.82 -1.75
CA PHE A 185 9.54 -5.34 -2.63
C PHE A 185 9.58 -6.87 -2.57
N TRP A 186 9.57 -7.42 -1.36
CA TRP A 186 9.65 -8.86 -1.16
C TRP A 186 8.51 -9.60 -1.86
N MET A 187 7.27 -9.12 -1.68
CA MET A 187 6.13 -9.77 -2.31
C MET A 187 6.27 -9.77 -3.82
N LYS A 188 6.67 -8.62 -4.38
CA LYS A 188 6.72 -8.45 -5.83
C LYS A 188 7.87 -9.21 -6.47
N MET A 189 8.90 -9.57 -5.70
CA MET A 189 9.92 -10.45 -6.26
C MET A 189 9.69 -11.91 -5.93
N SER A 190 8.78 -12.22 -5.02
CA SER A 190 8.54 -13.58 -4.54
C SER A 190 7.39 -14.28 -5.24
N TYR A 191 6.41 -13.58 -5.80
CA TYR A 191 5.29 -14.30 -6.40
C TYR A 191 5.73 -15.24 -7.52
N PRO A 192 6.80 -14.99 -8.30
CA PRO A 192 7.20 -16.00 -9.30
C PRO A 192 7.68 -17.30 -8.66
N ILE A 193 8.05 -17.29 -7.38
CA ILE A 193 8.43 -18.52 -6.70
C ILE A 193 7.26 -19.50 -6.70
N TYR A 194 6.03 -18.98 -6.62
CA TYR A 194 4.85 -19.77 -6.32
C TYR A 194 3.92 -19.99 -7.51
N ARG A 195 3.98 -19.15 -8.54
CA ARG A 195 3.13 -19.29 -9.74
C ARG A 195 1.67 -19.46 -9.35
N HIS A 196 1.22 -18.66 -8.37
CA HIS A 196 -0.09 -18.84 -7.78
C HIS A 196 -0.96 -17.63 -8.10
N PRO A 197 -2.00 -17.78 -8.91
CA PRO A 197 -2.74 -16.60 -9.41
C PRO A 197 -3.19 -15.62 -8.33
N GLU A 198 -3.84 -16.09 -7.26
CA GLU A 198 -4.30 -15.15 -6.25
C GLU A 198 -3.14 -14.41 -5.60
N PHE A 199 -2.09 -15.16 -5.22
CA PHE A 199 -0.96 -14.52 -4.57
C PHE A 199 -0.33 -13.45 -5.45
N THR A 200 -0.22 -13.75 -6.75
CA THR A 200 0.37 -12.79 -7.66
C THR A 200 -0.42 -11.48 -7.69
N GLU A 201 -1.76 -11.56 -7.67
CA GLU A 201 -2.55 -10.32 -7.61
C GLU A 201 -2.34 -9.58 -6.29
N HIS A 202 -2.38 -10.29 -5.15
CA HIS A 202 -2.22 -9.61 -3.87
C HIS A 202 -0.85 -8.98 -3.74
N ALA A 203 0.18 -9.63 -4.30
CA ALA A 203 1.50 -9.03 -4.37
C ALA A 203 1.47 -7.76 -5.19
N LYS A 204 0.76 -7.80 -6.32
CA LYS A 204 0.72 -6.71 -7.28
C LYS A 204 -0.03 -5.49 -6.77
N THR A 205 -1.12 -5.69 -6.03
CA THR A 205 -1.86 -4.59 -5.41
C THR A 205 -1.19 -4.06 -4.15
N SER A 206 -0.19 -4.78 -3.63
CA SER A 206 0.46 -4.53 -2.35
C SER A 206 -0.43 -4.87 -1.15
N LEU A 207 -1.63 -5.40 -1.37
CA LEU A 207 -2.40 -5.91 -0.24
C LEU A 207 -1.59 -6.96 0.55
N ALA A 208 -0.84 -7.81 -0.16
CA ALA A 208 0.02 -8.80 0.50
C ALA A 208 0.99 -8.11 1.47
N ALA A 209 1.67 -7.07 1.00
CA ALA A 209 2.58 -6.34 1.87
C ALA A 209 1.83 -5.64 3.01
N ARG A 210 0.70 -5.01 2.70
CA ARG A 210 -0.02 -4.28 3.75
C ARG A 210 -0.48 -5.23 4.84
N MET A 211 -0.78 -6.49 4.49
CA MET A 211 -1.22 -7.47 5.47
C MET A 211 -0.10 -7.96 6.40
N THR A 212 1.16 -7.94 5.94
CA THR A 212 2.26 -8.56 6.67
C THR A 212 3.20 -7.54 7.31
N THR A 213 3.00 -6.24 7.03
CA THR A 213 3.92 -5.21 7.49
C THR A 213 4.04 -5.18 9.01
N ARG A 214 2.92 -5.18 9.73
CA ARG A 214 3.01 -5.04 11.18
C ARG A 214 3.71 -6.24 11.83
N GLY A 215 3.38 -7.45 11.38
CA GLY A 215 3.98 -8.62 11.99
C GLY A 215 5.48 -8.65 11.79
N LEU A 216 5.95 -8.28 10.59
CA LEU A 216 7.38 -8.22 10.34
C LEU A 216 8.03 -7.07 11.11
N THR A 217 7.36 -5.90 11.11
CA THR A 217 8.01 -4.70 11.64
C THR A 217 8.11 -4.74 13.16
N ILE A 218 7.05 -5.17 13.84
CA ILE A 218 7.08 -5.16 15.30
C ILE A 218 8.19 -6.07 15.80
N VAL A 219 8.36 -7.22 15.16
CA VAL A 219 9.42 -8.16 15.55
C VAL A 219 10.78 -7.55 15.24
N ASN A 220 10.96 -7.03 14.02
CA ASN A 220 12.25 -6.45 13.68
C ASN A 220 12.59 -5.31 14.62
N ASP A 221 11.62 -4.43 14.89
CA ASP A 221 11.86 -3.27 15.74
C ASP A 221 12.26 -3.68 17.16
N PHE A 222 11.61 -4.68 17.72
CA PHE A 222 11.98 -5.05 19.09
C PHE A 222 13.45 -5.47 19.15
N TYR A 223 13.87 -6.34 18.24
CA TYR A 223 15.21 -6.91 18.35
C TYR A 223 16.30 -6.05 17.74
N SER A 224 15.96 -5.04 16.93
CA SER A 224 16.97 -4.13 16.40
C SER A 224 17.01 -2.81 17.14
N TYR A 225 16.19 -2.66 18.19
CA TYR A 225 16.06 -1.37 18.88
C TYR A 225 17.39 -0.89 19.41
N ASP A 226 18.13 -1.77 20.10
CA ASP A 226 19.37 -1.34 20.73
C ASP A 226 20.36 -0.82 19.69
N ARG A 227 20.52 -1.53 18.57
CA ARG A 227 21.44 -1.07 17.51
C ARG A 227 20.96 0.26 16.93
N GLU A 228 19.67 0.38 16.66
CA GLU A 228 19.18 1.57 15.98
C GLU A 228 19.25 2.79 16.90
N VAL A 229 18.95 2.60 18.19
CA VAL A 229 18.91 3.71 19.14
C VAL A 229 20.31 4.20 19.48
N SER A 230 21.33 3.38 19.22
CA SER A 230 22.69 3.88 19.43
C SER A 230 23.34 4.31 18.11
N LEU A 231 22.63 4.24 17.00
CA LEU A 231 23.17 4.61 15.70
C LEU A 231 22.46 5.81 15.09
N GLY A 232 21.62 6.49 15.85
CA GLY A 232 20.88 7.63 15.36
C GLY A 232 19.59 7.32 14.65
N GLN A 233 19.27 6.04 14.42
CA GLN A 233 18.09 5.66 13.64
C GLN A 233 16.80 5.90 14.44
N ILE A 234 15.79 6.46 13.77
CA ILE A 234 14.51 6.73 14.40
C ILE A 234 13.42 5.81 13.88
N THR A 235 13.71 4.98 12.88
CA THR A 235 12.69 4.14 12.25
C THR A 235 12.50 2.88 13.09
N ASN A 236 11.72 3.02 14.17
CA ASN A 236 11.51 1.94 15.13
C ASN A 236 10.32 2.28 16.00
N CYS A 237 9.27 1.45 15.95
CA CYS A 237 8.03 1.80 16.64
C CYS A 237 8.18 1.86 18.17
N PHE A 238 9.17 1.18 18.76
CA PHE A 238 9.28 1.24 20.21
C PHE A 238 9.79 2.60 20.70
N ARG A 239 10.31 3.45 19.81
CA ARG A 239 10.54 4.84 20.16
C ARG A 239 9.23 5.58 20.42
N LEU A 240 8.10 5.04 19.99
CA LEU A 240 6.80 5.68 20.19
C LEU A 240 6.24 5.45 21.59
N CYS A 241 6.92 4.65 22.41
CA CYS A 241 6.50 4.45 23.78
C CYS A 241 7.70 4.73 24.69
N ASP A 242 7.43 4.84 25.98
CA ASP A 242 8.49 5.10 26.96
C ASP A 242 9.08 3.77 27.44
N VAL A 243 10.18 3.34 26.82
CA VAL A 243 10.72 2.02 27.12
C VAL A 243 11.30 1.93 28.54
N SER A 244 11.84 3.01 29.10
CA SER A 244 12.34 2.90 30.47
C SER A 244 11.22 2.91 31.51
N ASP A 245 9.97 2.89 31.08
CA ASP A 245 8.80 2.86 31.95
C ASP A 245 8.16 1.50 31.70
N GLU A 246 8.30 0.58 32.66
CA GLU A 246 7.86 -0.78 32.45
C GLU A 246 6.35 -0.84 32.20
N THR A 247 5.59 -0.01 32.91
CA THR A 247 4.15 0.03 32.71
C THR A 247 3.80 0.50 31.31
N ALA A 248 4.37 1.62 30.88
CA ALA A 248 4.12 2.09 29.52
C ALA A 248 4.58 1.07 28.49
N PHE A 249 5.76 0.45 28.70
CA PHE A 249 6.25 -0.51 27.71
C PHE A 249 5.29 -1.67 27.55
N LYS A 250 4.81 -2.23 28.69
CA LYS A 250 3.93 -3.39 28.64
C LYS A 250 2.64 -3.07 27.90
N GLU A 251 2.06 -1.92 28.20
CA GLU A 251 0.86 -1.48 27.49
C GLU A 251 1.11 -1.41 25.99
N PHE A 252 2.21 -0.81 25.59
CA PHE A 252 2.48 -0.62 24.16
C PHE A 252 2.77 -1.96 23.50
N PHE A 253 3.57 -2.80 24.17
CA PHE A 253 3.89 -4.09 23.60
C PHE A 253 2.66 -4.96 23.44
N GLN A 254 1.74 -4.92 24.41
CA GLN A 254 0.50 -5.68 24.26
C GLN A 254 -0.35 -5.11 23.13
N ALA A 255 -0.33 -3.80 22.96
CA ALA A 255 -1.05 -3.19 21.85
C ALA A 255 -0.48 -3.69 20.52
N ARG A 256 0.85 -3.84 20.44
CA ARG A 256 1.48 -4.32 19.22
C ARG A 256 1.18 -5.79 19.00
N LEU A 257 1.15 -6.59 20.07
CA LEU A 257 0.75 -7.99 19.92
C LEU A 257 -0.66 -8.10 19.35
N ASP A 258 -1.59 -7.29 19.86
CA ASP A 258 -2.96 -7.32 19.35
C ASP A 258 -3.00 -6.97 17.87
N ASP A 259 -2.16 -6.01 17.45
CA ASP A 259 -2.05 -5.67 16.03
C ASP A 259 -1.67 -6.90 15.22
N MET A 260 -0.63 -7.61 15.68
CA MET A 260 -0.18 -8.81 14.96
C MET A 260 -1.27 -9.85 14.90
N ILE A 261 -1.99 -10.04 16.01
CA ILE A 261 -3.04 -11.04 16.07
C ILE A 261 -4.15 -10.68 15.11
N GLU A 262 -4.57 -9.41 15.13
CA GLU A 262 -5.61 -8.95 14.22
C GLU A 262 -5.25 -9.25 12.76
N ASP A 263 -4.04 -8.91 12.36
CA ASP A 263 -3.59 -9.19 10.99
C ASP A 263 -3.61 -10.69 10.69
N ILE A 264 -3.06 -11.49 11.60
CA ILE A 264 -2.98 -12.94 11.36
C ILE A 264 -4.36 -13.54 11.21
N GLU A 265 -5.30 -13.15 12.08
CA GLU A 265 -6.64 -13.70 11.96
C GLU A 265 -7.30 -13.26 10.65
N CYS A 266 -7.07 -12.01 10.21
CA CYS A 266 -7.60 -11.62 8.91
C CYS A 266 -6.91 -12.36 7.76
N ILE A 267 -5.62 -12.66 7.92
CA ILE A 267 -4.90 -13.40 6.87
C ILE A 267 -5.52 -14.77 6.62
N LYS A 268 -6.16 -15.36 7.64
CA LYS A 268 -6.80 -16.66 7.49
C LYS A 268 -8.09 -16.61 6.67
N ALA A 269 -8.49 -15.42 6.22
CA ALA A 269 -9.55 -15.30 5.22
C ALA A 269 -9.03 -15.47 3.80
N PHE A 270 -7.73 -15.38 3.59
CA PHE A 270 -7.20 -15.55 2.25
C PHE A 270 -7.19 -17.05 1.89
N ASP A 271 -6.97 -17.34 0.61
CA ASP A 271 -6.89 -18.73 0.17
C ASP A 271 -5.73 -19.43 0.89
N GLN A 272 -5.82 -20.76 1.03
CA GLN A 272 -4.88 -21.44 1.94
C GLN A 272 -3.41 -21.32 1.51
N LEU A 273 -3.13 -21.24 0.22
CA LEU A 273 -1.73 -21.13 -0.19
C LEU A 273 -1.20 -19.73 0.12
N THR A 274 -1.97 -18.70 -0.24
CA THR A 274 -1.56 -17.34 0.08
C THR A 274 -1.39 -17.16 1.57
N GLN A 275 -2.34 -17.67 2.35
CA GLN A 275 -2.25 -17.55 3.79
C GLN A 275 -1.02 -18.26 4.33
N ASP A 276 -0.61 -19.37 3.70
CA ASP A 276 0.64 -20.02 4.08
C ASP A 276 1.83 -19.11 3.85
N VAL A 277 1.91 -18.52 2.65
CA VAL A 277 3.02 -17.61 2.35
C VAL A 277 3.06 -16.44 3.34
N PHE A 278 1.91 -15.82 3.60
CA PHE A 278 1.89 -14.68 4.52
C PHE A 278 2.36 -15.08 5.92
N LEU A 279 1.81 -16.16 6.45
CA LEU A 279 2.10 -16.54 7.83
C LEU A 279 3.52 -17.09 7.98
N ASP A 280 3.99 -17.87 7.00
CA ASP A 280 5.38 -18.32 7.03
C ASP A 280 6.33 -17.14 6.99
N LEU A 281 5.94 -16.08 6.28
CA LEU A 281 6.78 -14.89 6.24
C LEU A 281 6.90 -14.25 7.62
N ILE A 282 5.77 -14.04 8.30
CA ILE A 282 5.81 -13.37 9.59
C ILE A 282 6.48 -14.25 10.64
N TYR A 283 6.10 -15.53 10.69
CA TYR A 283 6.63 -16.43 11.69
C TYR A 283 8.09 -16.77 11.39
N GLY A 284 8.41 -17.00 10.13
CA GLY A 284 9.80 -17.27 9.76
C GLY A 284 10.71 -16.09 10.07
N ASN A 285 10.23 -14.86 9.84
CA ASN A 285 11.05 -13.71 10.19
C ASN A 285 11.36 -13.70 11.68
N PHE A 286 10.39 -14.07 12.51
CA PHE A 286 10.61 -14.14 13.95
C PHE A 286 11.67 -15.21 14.27
N VAL A 287 11.53 -16.40 13.68
CA VAL A 287 12.49 -17.47 13.97
C VAL A 287 13.90 -17.04 13.57
N TRP A 288 14.01 -16.44 12.39
CA TRP A 288 15.31 -16.00 11.89
C TRP A 288 15.88 -14.87 12.74
N THR A 289 15.03 -13.88 13.07
CA THR A 289 15.48 -12.74 13.87
C THR A 289 16.06 -13.19 15.22
N THR A 290 15.41 -14.15 15.88
CA THR A 290 15.85 -14.60 17.20
C THR A 290 17.05 -15.54 17.17
N SER A 291 17.48 -16.02 16.00
CA SER A 291 18.65 -16.88 15.96
C SER A 291 19.75 -16.31 15.07
N ASN A 292 19.72 -15.00 14.83
CA ASN A 292 20.70 -14.31 13.99
C ASN A 292 21.46 -13.30 14.82
N LYS A 293 22.80 -13.43 14.79
CA LYS A 293 23.70 -12.51 15.48
C LYS A 293 23.39 -11.05 15.19
N ARG A 294 22.93 -10.74 13.97
CA ARG A 294 22.61 -9.38 13.59
C ARG A 294 21.79 -8.67 14.67
N TYR A 295 20.90 -9.39 15.32
CA TYR A 295 19.96 -8.79 16.25
C TYR A 295 20.33 -9.06 17.70
N LYS A 296 21.63 -9.09 17.99
CA LYS A 296 22.23 -9.36 19.31
C LYS A 296 23.58 -8.66 19.51
N THR A 297 24.70 -9.40 19.70
CA THR A 297 25.96 -8.87 20.24
C THR A 297 26.30 -7.48 19.71
N ALA A 298 26.39 -6.51 20.64
CA ALA A 298 26.41 -5.07 20.33
C ALA A 298 26.99 -4.75 18.96
N VAL A 299 28.28 -4.40 18.88
CA VAL A 299 28.89 -4.10 17.59
C VAL A 299 29.40 -5.40 17.03
N ASN A 300 28.74 -5.91 15.99
CA ASN A 300 29.18 -7.20 15.53
C ASN A 300 29.42 -7.14 14.04
N ASP A 301 30.21 -8.10 13.59
CA ASP A 301 30.78 -8.16 12.25
C ASP A 301 29.77 -8.52 11.18
N VAL A 302 28.47 -8.47 11.50
CA VAL A 302 27.42 -8.56 10.48
C VAL A 302 26.49 -7.37 10.50
N ASN A 303 26.32 -6.69 11.64
CA ASN A 303 25.33 -5.62 11.69
C ASN A 303 25.95 -4.22 11.61
N SER A 304 27.27 -4.12 11.61
CA SER A 304 27.94 -2.84 11.68
C SER A 304 27.61 -2.01 10.45
N ARG A 305 27.45 -0.71 10.65
CA ARG A 305 27.18 0.17 9.53
C ARG A 305 28.39 0.19 8.59
N ILE A 306 28.12 0.38 7.29
CA ILE A 306 29.14 0.36 6.26
C ILE A 306 29.39 1.80 5.80
N GLN A 307 30.38 2.46 6.41
CA GLN A 307 30.65 3.89 6.10
C GLN A 307 31.60 4.11 4.92
N GLY B 9 -31.09 -5.97 2.22
CA GLY B 9 -31.12 -7.31 2.78
C GLY B 9 -31.65 -7.29 4.19
N ALA B 10 -32.56 -8.21 4.52
CA ALA B 10 -33.27 -8.17 5.81
C ALA B 10 -33.77 -6.76 6.13
N GLN B 11 -33.82 -6.33 7.41
CA GLN B 11 -34.12 -4.93 7.70
C GLN B 11 -33.46 -4.42 8.99
N ASP B 12 -33.81 -3.17 9.32
CA ASP B 12 -33.21 -2.23 10.28
C ASP B 12 -33.14 -0.88 9.55
N ILE B 13 -34.30 -0.23 9.47
CA ILE B 13 -34.41 0.99 8.68
C ILE B 13 -33.64 2.13 9.34
N GLY B 14 -33.47 2.09 10.67
CA GLY B 14 -32.70 3.15 11.32
C GLY B 14 -31.24 3.15 10.92
N ARG B 15 -30.68 1.97 10.71
CA ARG B 15 -29.30 1.81 10.29
C ARG B 15 -29.13 1.91 8.77
N SER B 16 -30.21 2.15 8.04
CA SER B 16 -30.13 2.14 6.58
C SER B 16 -29.61 3.45 6.00
N SER B 17 -29.42 4.50 6.81
CA SER B 17 -29.23 5.84 6.25
C SER B 17 -28.41 6.72 7.19
N VAL B 18 -27.53 7.54 6.61
CA VAL B 18 -26.86 8.57 7.38
C VAL B 18 -27.51 9.94 7.17
N ARG B 19 -28.66 9.97 6.51
CA ARG B 19 -29.31 11.24 6.17
C ARG B 19 -29.59 12.14 7.37
N PRO B 20 -30.05 11.65 8.52
CA PRO B 20 -30.21 12.55 9.68
C PRO B 20 -28.91 13.18 10.21
N TYR B 21 -27.74 12.82 9.67
CA TYR B 21 -26.48 13.46 10.05
C TYR B 21 -25.89 14.30 8.92
N LEU B 22 -26.58 14.38 7.78
CA LEU B 22 -26.00 14.93 6.58
C LEU B 22 -25.51 16.36 6.78
N GLU B 23 -26.38 17.23 7.29
CA GLU B 23 -25.99 18.64 7.41
C GLU B 23 -24.83 18.81 8.38
N GLU B 24 -24.92 18.19 9.56
CA GLU B 24 -23.90 18.45 10.57
C GLU B 24 -22.55 17.83 10.16
N CYS B 25 -22.56 16.64 9.56
CA CYS B 25 -21.30 16.06 9.11
C CYS B 25 -20.69 16.86 7.97
N THR B 26 -21.53 17.36 7.06
CA THR B 26 -21.01 18.18 5.97
C THR B 26 -20.28 19.40 6.53
N ARG B 27 -20.92 20.12 7.44
CA ARG B 27 -20.28 21.32 7.96
C ARG B 27 -19.05 20.96 8.79
N ARG B 28 -19.07 19.81 9.46
CA ARG B 28 -17.90 19.39 10.22
C ARG B 28 -16.73 19.07 9.30
N PHE B 29 -16.97 18.30 8.23
CA PHE B 29 -15.93 18.09 7.22
C PHE B 29 -15.35 19.41 6.75
N GLN B 30 -16.23 20.34 6.33
CA GLN B 30 -15.76 21.61 5.79
C GLN B 30 -14.95 22.39 6.83
N GLU B 31 -15.41 22.41 8.08
CA GLU B 31 -14.65 23.13 9.11
C GLU B 31 -13.27 22.54 9.25
N MET B 32 -13.18 21.21 9.17
CA MET B 32 -11.89 20.54 9.26
C MET B 32 -10.98 20.99 8.12
N PHE B 33 -11.47 20.93 6.88
CA PHE B 33 -10.67 21.38 5.74
C PHE B 33 -10.25 22.83 5.90
N ASP B 34 -11.13 23.68 6.43
CA ASP B 34 -10.81 25.10 6.61
C ASP B 34 -9.71 25.29 7.64
N ARG B 35 -9.73 24.47 8.71
CA ARG B 35 -8.72 24.57 9.76
C ARG B 35 -7.38 23.96 9.35
N HIS B 36 -7.38 22.95 8.47
CA HIS B 36 -6.15 22.21 8.20
C HIS B 36 -5.64 22.31 6.77
N VAL B 37 -6.50 22.58 5.78
CA VAL B 37 -6.06 22.75 4.40
C VAL B 37 -6.21 24.20 3.93
N VAL B 38 -7.21 24.91 4.45
CA VAL B 38 -7.45 26.33 4.20
C VAL B 38 -7.90 26.55 2.77
N THR B 39 -6.94 26.62 1.84
CA THR B 39 -7.21 27.12 0.51
C THR B 39 -7.93 26.06 -0.32
N ARG B 40 -8.93 26.51 -1.07
CA ARG B 40 -9.84 25.59 -1.73
C ARG B 40 -9.16 24.89 -2.90
N PRO B 41 -9.66 23.71 -3.31
CA PRO B 41 -9.24 23.14 -4.59
C PRO B 41 -9.77 23.98 -5.76
N THR B 42 -9.05 23.92 -6.87
CA THR B 42 -9.37 24.68 -8.08
C THR B 42 -9.71 23.71 -9.20
N LYS B 43 -10.79 23.99 -9.94
CA LYS B 43 -11.27 23.04 -10.91
C LYS B 43 -10.63 23.27 -12.27
N VAL B 44 -9.76 22.35 -12.68
CA VAL B 44 -9.26 22.27 -14.06
C VAL B 44 -10.44 22.42 -15.02
N GLU B 45 -10.40 23.43 -15.87
CA GLU B 45 -11.43 23.54 -16.91
C GLU B 45 -10.89 22.92 -18.20
N LEU B 46 -11.66 22.03 -18.78
CA LEU B 46 -11.48 21.58 -20.15
C LEU B 46 -12.62 22.16 -20.97
N THR B 47 -12.35 22.48 -22.23
CA THR B 47 -13.50 22.83 -23.05
C THR B 47 -14.32 21.59 -23.37
N ASP B 48 -15.54 21.83 -23.85
CA ASP B 48 -16.44 20.76 -24.31
C ASP B 48 -15.85 19.99 -25.50
N ALA B 49 -14.53 20.12 -25.73
CA ALA B 49 -13.87 19.59 -26.91
C ALA B 49 -12.62 18.78 -26.53
N GLU B 50 -11.77 19.32 -25.67
CA GLU B 50 -10.92 18.42 -24.89
C GLU B 50 -11.79 17.38 -24.20
N LEU B 51 -12.94 17.83 -23.68
CA LEU B 51 -13.92 16.93 -23.08
C LEU B 51 -14.55 16.02 -24.13
N ARG B 52 -14.72 16.51 -25.37
CA ARG B 52 -15.19 15.64 -26.44
C ARG B 52 -14.17 14.56 -26.73
N GLU B 53 -12.88 14.91 -26.76
CA GLU B 53 -11.85 13.89 -26.92
C GLU B 53 -11.93 12.86 -25.79
N VAL B 54 -12.11 13.32 -24.56
CA VAL B 54 -12.10 12.39 -23.43
C VAL B 54 -13.30 11.46 -23.49
N ILE B 55 -14.48 12.02 -23.78
CA ILE B 55 -15.71 11.23 -23.72
C ILE B 55 -15.80 10.23 -24.88
N ASP B 56 -15.27 10.57 -26.04
CA ASP B 56 -15.29 9.59 -27.12
C ASP B 56 -14.29 8.46 -26.86
N ASP B 57 -13.16 8.74 -26.22
CA ASP B 57 -12.30 7.66 -25.74
C ASP B 57 -13.03 6.81 -24.69
N CYS B 58 -13.78 7.46 -23.78
CA CYS B 58 -14.60 6.72 -22.82
C CYS B 58 -15.60 5.81 -23.52
N ASN B 59 -16.32 6.34 -24.51
CA ASN B 59 -17.34 5.54 -25.17
C ASN B 59 -16.71 4.41 -25.96
N ALA B 60 -15.60 4.68 -26.64
CA ALA B 60 -14.93 3.62 -27.39
C ALA B 60 -14.45 2.51 -26.46
N ALA B 61 -14.08 2.86 -25.23
CA ALA B 61 -13.47 1.88 -24.33
C ALA B 61 -14.51 0.94 -23.75
N VAL B 62 -15.72 1.43 -23.47
CA VAL B 62 -16.72 0.58 -22.85
C VAL B 62 -17.71 0.01 -23.85
N ALA B 63 -17.70 0.50 -25.10
CA ALA B 63 -18.54 -0.07 -26.14
C ALA B 63 -18.48 -1.58 -26.23
N PRO B 64 -17.31 -2.25 -26.26
CA PRO B 64 -17.32 -3.71 -26.36
C PRO B 64 -18.04 -4.40 -25.22
N LEU B 65 -18.29 -3.71 -24.09
CA LEU B 65 -18.99 -4.36 -23.00
C LEU B 65 -20.51 -4.32 -23.14
N GLY B 66 -21.06 -3.44 -23.98
CA GLY B 66 -22.45 -3.52 -24.37
C GLY B 66 -23.39 -2.53 -23.71
N LYS B 67 -22.91 -1.71 -22.78
CA LYS B 67 -23.77 -0.80 -22.04
C LYS B 67 -23.49 0.65 -22.45
N THR B 68 -24.54 1.37 -22.82
CA THR B 68 -24.42 2.76 -23.23
C THR B 68 -24.38 3.68 -22.02
N VAL B 69 -23.47 4.65 -22.04
CA VAL B 69 -23.29 5.58 -20.94
C VAL B 69 -23.60 6.98 -21.45
N SER B 70 -24.49 7.69 -20.74
CA SER B 70 -24.88 9.03 -21.15
C SER B 70 -23.79 10.04 -20.81
N ASP B 71 -23.77 11.15 -21.55
CA ASP B 71 -22.84 12.23 -21.25
C ASP B 71 -23.01 12.73 -19.83
N GLU B 72 -24.25 12.80 -19.35
CA GLU B 72 -24.49 13.23 -17.98
C GLU B 72 -23.81 12.29 -16.99
N ARG B 73 -23.84 10.97 -17.26
CA ARG B 73 -23.17 10.03 -16.37
C ARG B 73 -21.66 10.18 -16.46
N TRP B 74 -21.12 10.28 -17.68
CA TRP B 74 -19.68 10.51 -17.83
C TRP B 74 -19.23 11.75 -17.05
N ILE B 75 -19.95 12.85 -17.21
CA ILE B 75 -19.50 14.10 -16.59
C ILE B 75 -19.59 13.99 -15.07
N SER B 76 -20.51 13.17 -14.57
CA SER B 76 -20.53 12.89 -13.15
C SER B 76 -19.28 12.13 -12.70
N TYR B 77 -18.90 11.09 -13.44
CA TYR B 77 -17.65 10.39 -13.13
C TYR B 77 -16.45 11.32 -13.24
N VAL B 78 -16.41 12.18 -14.27
CA VAL B 78 -15.18 12.89 -14.58
C VAL B 78 -14.90 14.03 -13.62
N GLY B 79 -15.94 14.56 -12.94
CA GLY B 79 -15.73 15.68 -12.05
C GLY B 79 -14.67 15.45 -10.99
N VAL B 80 -14.52 14.21 -10.53
CA VAL B 80 -13.50 13.96 -9.49
C VAL B 80 -12.13 14.34 -10.02
N VAL B 81 -11.84 14.07 -11.30
CA VAL B 81 -10.55 14.46 -11.84
C VAL B 81 -10.47 15.97 -12.01
N LEU B 82 -11.56 16.60 -12.45
CA LEU B 82 -11.52 18.04 -12.70
C LEU B 82 -11.32 18.81 -11.41
N TRP B 83 -11.84 18.30 -10.28
CA TRP B 83 -11.74 18.99 -9.00
C TRP B 83 -10.56 18.56 -8.13
N SER B 84 -10.02 17.37 -8.32
CA SER B 84 -9.12 16.80 -7.30
C SER B 84 -7.69 16.62 -7.79
N GLN B 85 -7.35 17.07 -8.99
CA GLN B 85 -5.95 17.22 -9.35
C GLN B 85 -5.48 18.56 -8.79
N SER B 86 -4.39 19.11 -9.33
CA SER B 86 -3.81 20.36 -8.81
C SER B 86 -3.45 21.23 -10.00
N PRO B 87 -4.36 22.10 -10.45
CA PRO B 87 -4.17 22.80 -11.74
C PRO B 87 -2.92 23.64 -11.83
N ARG B 88 -2.51 24.30 -10.76
CA ARG B 88 -1.39 25.23 -10.92
C ARG B 88 -0.07 24.49 -11.10
N HIS B 89 -0.05 23.19 -10.86
CA HIS B 89 1.16 22.41 -11.01
C HIS B 89 1.11 21.47 -12.21
N ILE B 90 0.06 21.54 -13.03
CA ILE B 90 -0.01 20.68 -14.20
C ILE B 90 1.15 21.00 -15.14
N LYS B 91 1.83 19.96 -15.64
CA LYS B 91 2.81 20.12 -16.70
C LYS B 91 2.51 19.29 -17.92
N ASP B 92 1.58 18.34 -17.86
CA ASP B 92 1.29 17.48 -19.00
C ASP B 92 -0.23 17.34 -19.13
N MET B 93 -0.81 18.11 -20.06
CA MET B 93 -2.26 18.09 -20.21
C MET B 93 -2.77 16.83 -20.91
N GLU B 94 -1.93 16.14 -21.69
CA GLU B 94 -2.39 14.88 -22.27
C GLU B 94 -2.46 13.77 -21.21
N ALA B 95 -1.51 13.74 -20.27
CA ALA B 95 -1.63 12.82 -19.15
C ALA B 95 -2.88 13.14 -18.31
N PHE B 96 -3.21 14.42 -18.17
CA PHE B 96 -4.42 14.77 -17.45
C PHE B 96 -5.64 14.16 -18.13
N LYS B 97 -5.69 14.21 -19.48
CA LYS B 97 -6.80 13.64 -20.22
C LYS B 97 -6.85 12.12 -20.08
N ALA B 98 -5.68 11.45 -20.09
CA ALA B 98 -5.65 10.02 -19.82
C ALA B 98 -6.31 9.70 -18.49
N VAL B 99 -6.03 10.49 -17.45
CA VAL B 99 -6.61 10.19 -16.15
C VAL B 99 -8.11 10.42 -16.17
N CYS B 100 -8.58 11.46 -16.88
CA CYS B 100 -10.02 11.62 -17.08
C CYS B 100 -10.63 10.37 -17.67
N VAL B 101 -10.04 9.86 -18.75
CA VAL B 101 -10.61 8.68 -19.39
C VAL B 101 -10.49 7.47 -18.47
N LEU B 102 -9.29 7.23 -17.93
CA LEU B 102 -9.07 6.01 -17.15
C LEU B 102 -9.92 6.00 -15.88
N ASN B 103 -9.99 7.13 -15.17
CA ASN B 103 -10.92 7.25 -14.06
C ASN B 103 -12.35 6.88 -14.48
N CYS B 104 -12.81 7.46 -15.61
CA CYS B 104 -14.21 7.29 -15.98
C CYS B 104 -14.56 5.86 -16.35
N VAL B 105 -13.74 5.21 -17.19
CA VAL B 105 -14.15 3.88 -17.63
C VAL B 105 -13.99 2.86 -16.52
N THR B 106 -13.04 3.05 -15.59
CA THR B 106 -12.99 2.14 -14.46
C THR B 106 -14.09 2.44 -13.45
N PHE B 107 -14.65 3.66 -13.47
CA PHE B 107 -15.85 3.93 -12.68
C PHE B 107 -17.03 3.11 -13.19
N VAL B 108 -17.20 3.04 -14.52
CA VAL B 108 -18.22 2.18 -15.12
C VAL B 108 -18.04 0.75 -14.65
N TRP B 109 -16.79 0.26 -14.69
CA TRP B 109 -16.48 -1.08 -14.20
C TRP B 109 -16.93 -1.27 -12.76
N ASP B 110 -16.68 -0.26 -11.91
CA ASP B 110 -17.13 -0.26 -10.53
C ASP B 110 -18.66 -0.36 -10.44
N ASP B 111 -19.36 0.29 -11.38
CA ASP B 111 -20.82 0.29 -11.52
C ASP B 111 -21.34 -0.72 -12.52
N MET B 112 -20.65 -1.85 -12.69
CA MET B 112 -21.16 -2.92 -13.52
C MET B 112 -21.33 -4.20 -12.70
N ASP B 113 -22.46 -4.87 -12.92
CA ASP B 113 -22.62 -6.20 -12.39
C ASP B 113 -21.54 -7.09 -13.00
N PRO B 114 -20.87 -7.92 -12.19
CA PRO B 114 -19.61 -8.55 -12.64
C PRO B 114 -19.73 -9.38 -13.91
N ALA B 115 -20.94 -9.76 -14.33
CA ALA B 115 -21.13 -10.55 -15.53
C ALA B 115 -20.63 -9.84 -16.78
N LEU B 116 -20.52 -8.52 -16.74
CA LEU B 116 -20.05 -7.72 -17.87
C LEU B 116 -18.54 -7.52 -17.87
N HIS B 117 -17.84 -8.04 -16.86
CA HIS B 117 -16.42 -7.76 -16.70
C HIS B 117 -15.62 -8.64 -17.64
N ASP B 118 -15.52 -8.25 -18.90
CA ASP B 118 -14.81 -9.00 -19.94
C ASP B 118 -13.39 -8.45 -20.01
N PHE B 119 -12.46 -9.13 -19.33
CA PHE B 119 -11.07 -8.71 -19.34
C PHE B 119 -10.50 -8.75 -20.76
N GLY B 120 -10.93 -9.73 -21.56
CA GLY B 120 -10.37 -9.87 -22.90
C GLY B 120 -10.67 -8.68 -23.79
N LEU B 121 -11.86 -8.11 -23.67
CA LEU B 121 -12.23 -6.94 -24.47
C LEU B 121 -11.79 -5.64 -23.79
N PHE B 122 -11.79 -5.59 -22.46
CA PHE B 122 -11.56 -4.32 -21.78
C PHE B 122 -10.08 -4.00 -21.56
N LEU B 123 -9.24 -4.96 -21.18
CA LEU B 123 -7.82 -4.63 -21.02
C LEU B 123 -7.18 -4.04 -22.26
N PRO B 124 -7.41 -4.56 -23.48
CA PRO B 124 -6.82 -3.91 -24.67
C PRO B 124 -7.19 -2.43 -24.81
N GLN B 125 -8.43 -2.07 -24.48
CA GLN B 125 -8.86 -0.68 -24.53
C GLN B 125 -8.14 0.17 -23.48
N LEU B 126 -8.03 -0.35 -22.25
CA LEU B 126 -7.19 0.32 -21.26
C LEU B 126 -5.78 0.53 -21.80
N ARG B 127 -5.18 -0.53 -22.36
CA ARG B 127 -3.83 -0.41 -22.90
C ARG B 127 -3.75 0.66 -23.98
N LYS B 128 -4.72 0.70 -24.89
CA LYS B 128 -4.69 1.69 -25.96
C LYS B 128 -4.79 3.11 -25.43
N ILE B 129 -5.60 3.32 -24.39
CA ILE B 129 -5.68 4.65 -23.79
C ILE B 129 -4.31 5.08 -23.29
N CYS B 130 -3.64 4.18 -22.55
CA CYS B 130 -2.35 4.53 -21.99
C CYS B 130 -1.32 4.83 -23.09
N GLU B 131 -1.46 4.20 -24.25
CA GLU B 131 -0.53 4.42 -25.36
C GLU B 131 -0.85 5.70 -26.12
N LYS B 132 -2.11 6.09 -26.17
CA LYS B 132 -2.48 7.34 -26.84
C LYS B 132 -1.91 8.55 -26.11
N TYR B 133 -1.87 8.52 -24.77
CA TYR B 133 -1.60 9.71 -23.96
C TYR B 133 -0.27 9.70 -23.22
N TYR B 134 0.33 8.53 -22.99
CA TYR B 134 1.58 8.43 -22.23
C TYR B 134 2.72 7.94 -23.14
N GLY B 135 3.95 8.04 -22.64
CA GLY B 135 5.10 7.40 -23.26
C GLY B 135 5.17 5.92 -22.92
N PRO B 136 6.09 5.20 -23.56
CA PRO B 136 6.18 3.74 -23.31
C PRO B 136 6.24 3.34 -21.83
N GLU B 137 7.16 3.92 -21.05
CA GLU B 137 7.29 3.58 -19.63
C GLU B 137 6.05 3.95 -18.83
N ASP B 138 5.64 5.23 -18.87
CA ASP B 138 4.46 5.70 -18.14
C ASP B 138 3.22 4.91 -18.52
N ALA B 139 3.08 4.58 -19.81
CA ALA B 139 1.93 3.79 -20.25
C ALA B 139 1.90 2.44 -19.56
N GLU B 140 3.06 1.85 -19.27
CA GLU B 140 3.00 0.52 -18.69
C GLU B 140 2.76 0.59 -17.19
N VAL B 141 3.18 1.68 -16.53
CA VAL B 141 2.81 1.86 -15.12
C VAL B 141 1.33 2.17 -14.98
N ALA B 142 0.78 2.99 -15.89
CA ALA B 142 -0.64 3.31 -15.82
C ALA B 142 -1.48 2.10 -16.18
N TYR B 143 -1.07 1.33 -17.21
CA TYR B 143 -1.81 0.12 -17.57
C TYR B 143 -1.83 -0.90 -16.42
N GLU B 144 -0.67 -1.20 -15.83
CA GLU B 144 -0.66 -2.18 -14.73
C GLU B 144 -1.54 -1.72 -13.57
N ALA B 145 -1.52 -0.44 -13.26
CA ALA B 145 -2.38 0.07 -12.19
C ALA B 145 -3.85 -0.08 -12.56
N ALA B 146 -4.23 0.23 -13.81
CA ALA B 146 -5.62 0.07 -14.22
C ALA B 146 -6.02 -1.40 -14.20
N ARG B 147 -5.17 -2.27 -14.75
CA ARG B 147 -5.43 -3.71 -14.72
C ARG B 147 -5.60 -4.21 -13.29
N ALA B 148 -4.64 -3.87 -12.42
CA ALA B 148 -4.73 -4.29 -11.03
C ALA B 148 -6.04 -3.81 -10.39
N PHE B 149 -6.45 -2.55 -10.66
CA PHE B 149 -7.69 -2.09 -10.06
C PHE B 149 -8.89 -2.88 -10.58
N VAL B 150 -9.04 -3.03 -11.90
CA VAL B 150 -10.26 -3.69 -12.37
C VAL B 150 -10.24 -5.17 -11.98
N THR B 151 -9.06 -5.77 -11.87
CA THR B 151 -8.98 -7.15 -11.38
C THR B 151 -9.38 -7.24 -9.91
N SER B 152 -8.93 -6.28 -9.10
CA SER B 152 -9.32 -6.20 -7.69
C SER B 152 -10.84 -6.05 -7.54
N ASP B 153 -11.42 -5.05 -8.21
CA ASP B 153 -12.85 -4.85 -8.08
C ASP B 153 -13.62 -6.12 -8.44
N HIS B 154 -13.16 -6.83 -9.48
CA HIS B 154 -13.81 -8.09 -9.87
C HIS B 154 -13.55 -9.19 -8.84
N MET B 155 -12.27 -9.44 -8.52
CA MET B 155 -11.88 -10.50 -7.59
C MET B 155 -12.64 -10.43 -6.29
N PHE B 156 -12.88 -9.22 -5.79
CA PHE B 156 -13.27 -9.06 -4.41
C PHE B 156 -14.77 -8.96 -4.21
N ARG B 157 -15.57 -9.06 -5.26
CA ARG B 157 -17.01 -8.85 -5.11
C ARG B 157 -17.56 -9.68 -3.94
N ASP B 158 -18.02 -10.88 -4.22
CA ASP B 158 -18.64 -11.73 -3.19
C ASP B 158 -17.58 -12.38 -2.29
N SER B 159 -16.67 -11.58 -1.71
CA SER B 159 -15.49 -12.37 -1.32
C SER B 159 -15.29 -12.40 0.20
N PRO B 160 -14.93 -13.56 0.73
CA PRO B 160 -14.63 -13.64 2.17
C PRO B 160 -13.46 -12.76 2.60
N ILE B 161 -12.48 -12.52 1.73
CA ILE B 161 -11.44 -11.58 2.09
C ILE B 161 -12.04 -10.19 2.28
N LYS B 162 -12.99 -9.82 1.43
CA LYS B 162 -13.67 -8.54 1.62
C LYS B 162 -14.40 -8.48 2.94
N ALA B 163 -15.21 -9.50 3.23
CA ALA B 163 -15.99 -9.50 4.47
C ALA B 163 -15.08 -9.39 5.70
N ALA B 164 -13.93 -10.08 5.68
CA ALA B 164 -13.04 -10.00 6.83
C ALA B 164 -12.44 -8.59 6.97
N LEU B 165 -11.88 -8.05 5.88
CA LEU B 165 -11.18 -6.77 6.00
C LEU B 165 -12.13 -5.61 6.28
N CYS B 166 -13.34 -5.67 5.74
CA CYS B 166 -14.28 -4.56 5.91
C CYS B 166 -14.95 -4.53 7.27
N THR B 167 -15.16 -5.70 7.91
CA THR B 167 -15.92 -5.79 9.16
C THR B 167 -15.05 -5.98 10.40
N THR B 168 -13.72 -6.04 10.28
CA THR B 168 -12.91 -6.30 11.47
C THR B 168 -12.58 -5.02 12.24
N SER B 169 -12.06 -4.00 11.55
CA SER B 169 -11.66 -2.77 12.23
C SER B 169 -11.43 -1.69 11.18
N PRO B 170 -11.35 -0.41 11.59
CA PRO B 170 -10.97 0.62 10.59
C PRO B 170 -9.64 0.34 9.95
N GLU B 171 -8.70 -0.20 10.72
CA GLU B 171 -7.35 -0.45 10.22
C GLU B 171 -7.31 -1.53 9.14
N GLN B 172 -8.11 -2.60 9.27
CA GLN B 172 -8.14 -3.57 8.19
C GLN B 172 -8.88 -3.00 6.97
N TYR B 173 -9.95 -2.27 7.24
CA TYR B 173 -10.78 -1.74 6.15
C TYR B 173 -9.99 -0.77 5.28
N PHE B 174 -9.31 0.21 5.89
CA PHE B 174 -8.58 1.18 5.08
C PHE B 174 -7.44 0.53 4.33
N ARG B 175 -6.86 -0.54 4.89
CA ARG B 175 -5.87 -1.31 4.15
C ARG B 175 -6.44 -1.84 2.84
N PHE B 176 -7.67 -2.36 2.88
CA PHE B 176 -8.32 -2.81 1.65
C PHE B 176 -8.52 -1.65 0.66
N ARG B 177 -8.87 -0.48 1.18
CA ARG B 177 -9.27 0.62 0.30
C ARG B 177 -8.10 1.30 -0.38
N VAL B 178 -6.87 1.09 0.10
CA VAL B 178 -5.72 1.66 -0.62
C VAL B 178 -5.81 1.32 -2.09
N THR B 179 -6.19 0.07 -2.39
CA THR B 179 -6.42 -0.38 -3.75
C THR B 179 -7.87 -0.17 -4.19
N ASP B 180 -8.82 -0.58 -3.35
CA ASP B 180 -10.20 -0.67 -3.82
C ASP B 180 -10.83 0.70 -4.06
N ILE B 181 -10.43 1.74 -3.32
CA ILE B 181 -10.98 3.04 -3.70
C ILE B 181 -10.26 3.61 -4.90
N GLY B 182 -9.29 2.90 -5.48
CA GLY B 182 -8.66 3.34 -6.71
C GLY B 182 -7.59 4.41 -6.57
N VAL B 183 -7.23 4.79 -5.35
CA VAL B 183 -6.29 5.91 -5.21
C VAL B 183 -4.86 5.49 -5.56
N ASP B 184 -4.47 4.24 -5.30
CA ASP B 184 -3.15 3.83 -5.75
C ASP B 184 -3.07 3.92 -7.27
N PHE B 185 -4.10 3.43 -7.95
CA PHE B 185 -4.22 3.56 -9.39
C PHE B 185 -4.15 5.03 -9.80
N TRP B 186 -4.96 5.87 -9.15
CA TRP B 186 -4.94 7.31 -9.37
C TRP B 186 -3.54 7.88 -9.35
N MET B 187 -2.77 7.56 -8.30
CA MET B 187 -1.43 8.14 -8.19
C MET B 187 -0.53 7.68 -9.32
N LYS B 188 -0.62 6.38 -9.68
CA LYS B 188 0.31 5.84 -10.65
C LYS B 188 -0.06 6.25 -12.08
N MET B 189 -1.28 6.76 -12.31
CA MET B 189 -1.56 7.35 -13.62
C MET B 189 -1.49 8.87 -13.63
N SER B 190 -1.47 9.52 -12.46
CA SER B 190 -1.42 10.97 -12.38
C SER B 190 -0.01 11.54 -12.28
N TYR B 191 1.00 10.77 -11.88
CA TYR B 191 2.33 11.37 -11.75
C TYR B 191 2.87 11.96 -13.06
N PRO B 192 2.60 11.41 -14.25
CA PRO B 192 3.06 12.10 -15.47
C PRO B 192 2.48 13.50 -15.62
N ILE B 193 1.39 13.82 -14.93
CA ILE B 193 0.79 15.16 -15.05
C ILE B 193 1.74 16.22 -14.51
N TYR B 194 2.50 15.88 -13.46
CA TYR B 194 3.23 16.85 -12.65
C TYR B 194 4.73 16.88 -12.93
N ARG B 195 5.29 15.81 -13.52
CA ARG B 195 6.72 15.75 -13.85
C ARG B 195 7.57 16.09 -12.63
N HIS B 196 7.11 15.67 -11.47
CA HIS B 196 7.72 16.11 -10.23
C HIS B 196 8.43 14.94 -9.56
N PRO B 197 9.73 15.06 -9.29
CA PRO B 197 10.53 13.86 -8.97
C PRO B 197 10.05 13.13 -7.73
N GLU B 198 9.91 13.81 -6.60
CA GLU B 198 9.43 13.13 -5.40
C GLU B 198 8.02 12.59 -5.58
N PHE B 199 7.15 13.30 -6.29
CA PHE B 199 5.79 12.80 -6.40
C PHE B 199 5.76 11.51 -7.19
N THR B 200 6.60 11.41 -8.21
CA THR B 200 6.72 10.17 -8.95
C THR B 200 7.19 9.03 -8.04
N GLU B 201 8.17 9.28 -7.18
CA GLU B 201 8.58 8.19 -6.28
C GLU B 201 7.48 7.85 -5.29
N HIS B 202 6.87 8.86 -4.65
CA HIS B 202 5.81 8.57 -3.68
C HIS B 202 4.64 7.83 -4.33
N ALA B 203 4.36 8.15 -5.60
CA ALA B 203 3.33 7.40 -6.32
C ALA B 203 3.77 5.96 -6.54
N LYS B 204 5.01 5.75 -6.94
CA LYS B 204 5.42 4.41 -7.31
C LYS B 204 5.65 3.51 -6.10
N THR B 205 5.97 4.06 -4.94
CA THR B 205 6.03 3.26 -3.72
C THR B 205 4.64 3.03 -3.10
N SER B 206 3.63 3.76 -3.56
CA SER B 206 2.28 3.79 -3.01
C SER B 206 2.20 4.52 -1.66
N LEU B 207 3.29 5.13 -1.20
CA LEU B 207 3.18 5.99 -0.02
C LEU B 207 2.19 7.14 -0.27
N ALA B 208 2.17 7.65 -1.51
CA ALA B 208 1.20 8.68 -1.86
C ALA B 208 -0.22 8.20 -1.61
N ALA B 209 -0.54 6.99 -2.09
CA ALA B 209 -1.86 6.42 -1.87
C ALA B 209 -2.12 6.15 -0.39
N ARG B 210 -1.12 5.63 0.33
CA ARG B 210 -1.34 5.34 1.73
C ARG B 210 -1.62 6.62 2.53
N MET B 211 -1.04 7.75 2.14
CA MET B 211 -1.27 8.99 2.88
C MET B 211 -2.67 9.56 2.64
N THR B 212 -3.29 9.24 1.51
CA THR B 212 -4.52 9.92 1.11
C THR B 212 -5.75 9.02 1.19
N THR B 213 -5.55 7.72 1.47
CA THR B 213 -6.65 6.76 1.45
C THR B 213 -7.75 7.12 2.44
N ARG B 214 -7.39 7.46 3.68
CA ARG B 214 -8.45 7.69 4.66
C ARG B 214 -9.25 8.96 4.34
N GLY B 215 -8.57 10.01 3.91
CA GLY B 215 -9.28 11.24 3.59
C GLY B 215 -10.26 11.07 2.45
N LEU B 216 -9.86 10.33 1.42
CA LEU B 216 -10.78 10.04 0.31
C LEU B 216 -11.91 9.13 0.77
N THR B 217 -11.57 8.05 1.48
CA THR B 217 -12.52 6.99 1.76
C THR B 217 -13.57 7.43 2.77
N ILE B 218 -13.16 8.13 3.83
CA ILE B 218 -14.12 8.52 4.85
C ILE B 218 -15.19 9.41 4.23
N VAL B 219 -14.77 10.33 3.37
CA VAL B 219 -15.72 11.21 2.68
C VAL B 219 -16.58 10.41 1.71
N ASN B 220 -15.96 9.58 0.87
CA ASN B 220 -16.76 8.80 -0.06
C ASN B 220 -17.76 7.92 0.71
N ASP B 221 -17.31 7.26 1.77
CA ASP B 221 -18.17 6.34 2.49
C ASP B 221 -19.38 7.07 3.08
N PHE B 222 -19.16 8.26 3.62
CA PHE B 222 -20.28 8.95 4.27
C PHE B 222 -21.38 9.23 3.25
N TYR B 223 -20.99 9.77 2.10
CA TYR B 223 -21.98 10.21 1.13
C TYR B 223 -22.46 9.10 0.20
N SER B 224 -21.81 7.93 0.17
CA SER B 224 -22.32 6.81 -0.62
C SER B 224 -22.95 5.73 0.24
N TYR B 225 -23.02 5.94 1.56
CA TYR B 225 -23.55 4.93 2.48
C TYR B 225 -24.95 4.47 2.09
N ASP B 226 -25.87 5.41 1.86
CA ASP B 226 -27.25 5.03 1.63
C ASP B 226 -27.40 4.15 0.40
N ARG B 227 -26.75 4.52 -0.69
CA ARG B 227 -26.82 3.72 -1.91
C ARG B 227 -26.22 2.34 -1.67
N GLU B 228 -25.03 2.30 -1.08
CA GLU B 228 -24.32 1.03 -0.93
C GLU B 228 -25.09 0.08 -0.02
N VAL B 229 -25.65 0.58 1.08
CA VAL B 229 -26.41 -0.32 1.92
C VAL B 229 -27.72 -0.72 1.22
N SER B 230 -28.31 0.20 0.43
CA SER B 230 -29.46 -0.15 -0.41
C SER B 230 -29.14 -1.26 -1.40
N LEU B 231 -27.85 -1.48 -1.66
CA LEU B 231 -27.42 -2.42 -2.68
C LEU B 231 -26.74 -3.66 -2.09
N GLY B 232 -26.65 -3.77 -0.76
CA GLY B 232 -25.93 -4.87 -0.15
C GLY B 232 -24.43 -4.83 -0.32
N GLN B 233 -23.85 -3.68 -0.63
CA GLN B 233 -22.40 -3.57 -0.71
C GLN B 233 -21.84 -3.27 0.67
N ILE B 234 -20.77 -3.97 1.06
CA ILE B 234 -20.28 -3.87 2.45
C ILE B 234 -19.03 -3.02 2.56
N THR B 235 -18.50 -2.51 1.45
CA THR B 235 -17.24 -1.76 1.49
C THR B 235 -17.54 -0.30 1.87
N ASN B 236 -17.72 -0.08 3.19
CA ASN B 236 -18.07 1.23 3.73
C ASN B 236 -17.79 1.25 5.22
N CYS B 237 -16.93 2.17 5.68
CA CYS B 237 -16.50 2.12 7.07
C CYS B 237 -17.62 2.44 8.05
N PHE B 238 -18.68 3.16 7.63
CA PHE B 238 -19.74 3.41 8.60
C PHE B 238 -20.59 2.18 8.89
N ARG B 239 -20.39 1.07 8.17
CA ARG B 239 -20.86 -0.23 8.63
C ARG B 239 -20.19 -0.67 9.93
N LEU B 240 -19.00 -0.17 10.21
CA LEU B 240 -18.31 -0.56 11.44
C LEU B 240 -18.96 0.00 12.69
N CYS B 241 -19.81 1.02 12.60
CA CYS B 241 -20.50 1.51 13.79
C CYS B 241 -21.98 1.31 13.62
N ASP B 242 -22.73 1.65 14.68
CA ASP B 242 -24.18 1.54 14.65
C ASP B 242 -24.72 2.94 14.30
N VAL B 243 -24.95 3.18 13.01
CA VAL B 243 -25.39 4.52 12.62
C VAL B 243 -26.77 4.85 13.18
N SER B 244 -27.58 3.84 13.55
CA SER B 244 -28.87 4.14 14.16
C SER B 244 -28.77 4.48 15.64
N ASP B 245 -27.56 4.61 16.17
CA ASP B 245 -27.31 5.02 17.54
C ASP B 245 -26.53 6.32 17.47
N GLU B 246 -27.20 7.42 17.85
CA GLU B 246 -26.60 8.73 17.69
C GLU B 246 -25.27 8.83 18.43
N THR B 247 -25.25 8.38 19.68
CA THR B 247 -24.01 8.31 20.46
C THR B 247 -22.90 7.60 19.72
N ALA B 248 -23.17 6.37 19.28
CA ALA B 248 -22.13 5.57 18.64
C ALA B 248 -21.69 6.23 17.34
N PHE B 249 -22.64 6.69 16.53
CA PHE B 249 -22.27 7.32 15.26
C PHE B 249 -21.34 8.50 15.50
N LYS B 250 -21.70 9.35 16.47
CA LYS B 250 -20.92 10.55 16.75
C LYS B 250 -19.47 10.24 17.10
N GLU B 251 -19.28 9.31 18.03
CA GLU B 251 -17.92 8.98 18.45
C GLU B 251 -17.12 8.39 17.29
N PHE B 252 -17.76 7.55 16.49
CA PHE B 252 -17.09 6.96 15.33
C PHE B 252 -16.74 8.04 14.32
N PHE B 253 -17.67 8.95 14.05
CA PHE B 253 -17.41 10.01 13.09
C PHE B 253 -16.24 10.88 13.55
N GLN B 254 -16.21 11.24 14.83
CA GLN B 254 -15.09 12.00 15.38
C GLN B 254 -13.78 11.23 15.25
N ALA B 255 -13.79 9.93 15.51
CA ALA B 255 -12.56 9.15 15.33
C ALA B 255 -12.08 9.24 13.88
N ARG B 256 -13.02 9.22 12.92
CA ARG B 256 -12.65 9.31 11.52
C ARG B 256 -12.12 10.71 11.18
N LEU B 257 -12.74 11.76 11.75
CA LEU B 257 -12.20 13.11 11.59
C LEU B 257 -10.76 13.19 12.09
N ASP B 258 -10.49 12.70 13.30
CA ASP B 258 -9.13 12.71 13.84
C ASP B 258 -8.15 12.01 12.89
N ASP B 259 -8.57 10.89 12.30
CA ASP B 259 -7.70 10.18 11.36
C ASP B 259 -7.37 11.07 10.15
N MET B 260 -8.39 11.72 9.60
CA MET B 260 -8.18 12.65 8.49
C MET B 260 -7.21 13.75 8.89
N ILE B 261 -7.40 14.28 10.09
CA ILE B 261 -6.56 15.36 10.60
C ILE B 261 -5.11 14.90 10.74
N GLU B 262 -4.89 13.74 11.36
CA GLU B 262 -3.51 13.31 11.52
C GLU B 262 -2.85 13.06 10.16
N ASP B 263 -3.59 12.53 9.18
CA ASP B 263 -3.02 12.33 7.84
C ASP B 263 -2.65 13.67 7.20
N ILE B 264 -3.56 14.64 7.28
CA ILE B 264 -3.28 15.93 6.66
C ILE B 264 -2.08 16.60 7.31
N GLU B 265 -1.98 16.53 8.63
CA GLU B 265 -0.85 17.16 9.31
C GLU B 265 0.47 16.45 8.99
N CYS B 266 0.47 15.12 8.91
CA CYS B 266 1.65 14.45 8.40
C CYS B 266 1.92 14.78 6.94
N ILE B 267 0.88 14.93 6.12
CA ILE B 267 1.09 15.29 4.72
C ILE B 267 1.86 16.61 4.60
N LYS B 268 1.69 17.51 5.56
CA LYS B 268 2.37 18.80 5.51
C LYS B 268 3.88 18.70 5.71
N ALA B 269 4.40 17.50 5.99
CA ALA B 269 5.84 17.31 6.03
C ALA B 269 6.43 17.00 4.66
N PHE B 270 5.62 16.62 3.66
CA PHE B 270 6.13 16.35 2.33
C PHE B 270 6.54 17.66 1.66
N ASP B 271 7.19 17.56 0.49
CA ASP B 271 7.66 18.76 -0.17
C ASP B 271 6.46 19.59 -0.61
N GLN B 272 6.72 20.89 -0.80
CA GLN B 272 5.67 21.87 -1.04
C GLN B 272 4.75 21.45 -2.18
N LEU B 273 5.31 20.95 -3.29
CA LEU B 273 4.45 20.61 -4.42
C LEU B 273 3.69 19.32 -4.15
N THR B 274 4.36 18.36 -3.51
CA THR B 274 3.69 17.09 -3.23
C THR B 274 2.53 17.29 -2.26
N GLN B 275 2.72 18.15 -1.24
CA GLN B 275 1.64 18.32 -0.27
C GLN B 275 0.47 19.07 -0.88
N ASP B 276 0.71 20.09 -1.71
CA ASP B 276 -0.41 20.74 -2.40
C ASP B 276 -1.18 19.70 -3.22
N VAL B 277 -0.47 18.77 -3.86
CA VAL B 277 -1.13 17.74 -4.68
C VAL B 277 -1.99 16.82 -3.81
N PHE B 278 -1.40 16.24 -2.75
CA PHE B 278 -2.16 15.36 -1.87
C PHE B 278 -3.40 16.06 -1.30
N LEU B 279 -3.24 17.32 -0.89
CA LEU B 279 -4.34 17.99 -0.21
C LEU B 279 -5.44 18.40 -1.19
N ASP B 280 -5.08 18.85 -2.39
CA ASP B 280 -6.09 19.10 -3.42
C ASP B 280 -6.87 17.83 -3.73
N LEU B 281 -6.20 16.67 -3.67
CA LEU B 281 -6.91 15.42 -3.91
C LEU B 281 -7.97 15.19 -2.84
N ILE B 282 -7.58 15.26 -1.57
CA ILE B 282 -8.54 14.99 -0.50
C ILE B 282 -9.65 16.03 -0.47
N TYR B 283 -9.26 17.30 -0.53
CA TYR B 283 -10.25 18.36 -0.39
C TYR B 283 -11.10 18.48 -1.66
N GLY B 284 -10.49 18.33 -2.83
CA GLY B 284 -11.27 18.33 -4.07
C GLY B 284 -12.28 17.19 -4.13
N ASN B 285 -11.88 16.01 -3.65
CA ASN B 285 -12.84 14.91 -3.65
C ASN B 285 -14.05 15.26 -2.80
N PHE B 286 -13.84 15.97 -1.70
CA PHE B 286 -14.97 16.38 -0.86
C PHE B 286 -15.87 17.38 -1.58
N VAL B 287 -15.29 18.37 -2.25
CA VAL B 287 -16.10 19.35 -2.99
C VAL B 287 -16.90 18.66 -4.08
N TRP B 288 -16.23 17.81 -4.86
CA TRP B 288 -16.89 17.04 -5.92
C TRP B 288 -17.99 16.17 -5.37
N THR B 289 -17.68 15.41 -4.30
CA THR B 289 -18.64 14.48 -3.74
C THR B 289 -19.91 15.19 -3.28
N THR B 290 -19.77 16.37 -2.67
CA THR B 290 -20.93 17.07 -2.15
C THR B 290 -21.67 17.84 -3.24
N SER B 291 -21.11 17.94 -4.44
CA SER B 291 -21.72 18.67 -5.54
C SER B 291 -22.33 17.77 -6.59
N ASN B 292 -22.26 16.45 -6.43
CA ASN B 292 -22.55 15.51 -7.50
C ASN B 292 -23.79 14.72 -7.12
N LYS B 293 -24.73 14.62 -8.05
CA LYS B 293 -25.99 13.89 -7.80
C LYS B 293 -25.74 12.41 -7.55
N ARG B 294 -24.59 11.91 -7.99
CA ARG B 294 -24.18 10.57 -7.64
C ARG B 294 -24.24 10.33 -6.14
N TYR B 295 -23.90 11.33 -5.33
CA TYR B 295 -23.61 11.13 -3.91
C TYR B 295 -24.68 11.67 -2.98
N LYS B 296 -25.94 11.53 -3.33
CA LYS B 296 -27.04 11.90 -2.46
C LYS B 296 -28.09 10.80 -2.36
N THR B 297 -28.32 10.10 -3.48
CA THR B 297 -29.51 9.32 -3.71
C THR B 297 -29.17 7.84 -3.80
N ALA B 298 -30.11 7.02 -3.33
CA ALA B 298 -30.05 5.61 -3.65
C ALA B 298 -30.76 5.34 -4.98
N VAL B 299 -29.99 5.24 -6.05
CA VAL B 299 -30.42 4.98 -7.43
C VAL B 299 -30.89 6.29 -8.07
N ASN B 300 -30.28 6.61 -9.20
CA ASN B 300 -30.76 7.69 -10.07
C ASN B 300 -30.11 7.52 -11.44
N ASP B 301 -30.21 8.57 -12.25
CA ASP B 301 -29.81 8.45 -13.65
C ASP B 301 -28.31 8.41 -13.84
N VAL B 302 -27.52 8.54 -12.78
CA VAL B 302 -26.07 8.47 -12.91
C VAL B 302 -25.44 7.38 -12.06
N ASN B 303 -26.04 6.95 -10.95
CA ASN B 303 -25.36 5.99 -10.09
C ASN B 303 -26.02 4.61 -10.04
N SER B 304 -26.83 4.25 -11.03
CA SER B 304 -27.71 3.10 -10.95
C SER B 304 -26.99 1.75 -11.06
N ARG B 305 -25.93 1.70 -11.86
CA ARG B 305 -25.13 0.46 -11.99
C ARG B 305 -25.82 -0.54 -12.92
N ILE B 306 -27.16 -0.65 -12.82
CA ILE B 306 -27.98 -1.42 -13.74
C ILE B 306 -27.97 -2.90 -13.33
N GLN B 307 -29.13 -3.37 -12.90
CA GLN B 307 -29.37 -4.70 -12.35
C GLN B 307 -29.91 -5.61 -13.44
N ALA B 308 -30.35 -6.82 -13.03
CA ALA B 308 -30.96 -7.77 -13.97
C ALA B 308 -32.49 -7.56 -14.04
N GLY A 14 15.65 1.75 31.15
CA GLY A 14 16.32 1.88 29.86
C GLY A 14 15.67 2.77 28.81
N ARG A 15 16.40 3.77 28.31
CA ARG A 15 16.05 4.36 27.03
C ARG A 15 17.01 3.91 25.94
N SER A 16 18.22 3.53 26.32
CA SER A 16 19.19 3.05 25.35
C SER A 16 18.93 1.62 24.89
N SER A 17 18.01 0.88 25.51
CA SER A 17 17.95 -0.55 25.22
C SER A 17 16.64 -1.18 25.70
N VAL A 18 16.23 -2.26 25.03
CA VAL A 18 15.11 -3.07 25.49
C VAL A 18 15.56 -4.39 26.10
N ARG A 19 16.87 -4.59 26.24
CA ARG A 19 17.43 -5.80 26.86
C ARG A 19 16.72 -6.24 28.14
N PRO A 20 16.26 -5.37 29.04
CA PRO A 20 15.52 -5.85 30.22
C PRO A 20 14.26 -6.66 29.93
N TYR A 21 13.65 -6.53 28.75
CA TYR A 21 12.42 -7.25 28.41
C TYR A 21 12.65 -8.38 27.44
N LEU A 22 13.91 -8.70 27.15
CA LEU A 22 14.23 -9.57 26.03
C LEU A 22 13.59 -10.95 26.19
N GLU A 23 13.72 -11.55 27.37
CA GLU A 23 13.23 -12.91 27.54
C GLU A 23 11.70 -12.97 27.54
N GLU A 24 11.04 -12.10 28.32
CA GLU A 24 9.57 -12.12 28.37
C GLU A 24 8.98 -11.82 26.99
N CYS A 25 9.49 -10.80 26.31
CA CYS A 25 8.95 -10.47 25.00
C CYS A 25 9.17 -11.61 24.02
N THR A 26 10.35 -12.24 24.05
CA THR A 26 10.58 -13.38 23.16
C THR A 26 9.56 -14.47 23.43
N ARG A 27 9.39 -14.83 24.70
CA ARG A 27 8.42 -15.86 25.05
C ARG A 27 7.00 -15.48 24.64
N ARG A 28 6.64 -14.20 24.75
CA ARG A 28 5.28 -13.78 24.39
C ARG A 28 5.05 -13.84 22.88
N PHE A 29 6.00 -13.35 22.08
CA PHE A 29 5.94 -13.53 20.63
C PHE A 29 5.70 -15.01 20.28
N GLN A 30 6.54 -15.89 20.81
CA GLN A 30 6.43 -17.29 20.42
C GLN A 30 5.07 -17.87 20.79
N GLU A 31 4.58 -17.56 22.00
CA GLU A 31 3.28 -18.09 22.40
C GLU A 31 2.20 -17.60 21.46
N MET A 32 2.30 -16.33 21.05
CA MET A 32 1.32 -15.77 20.12
C MET A 32 1.32 -16.56 18.81
N PHE A 33 2.50 -16.83 18.26
CA PHE A 33 2.58 -17.63 17.05
C PHE A 33 2.00 -19.03 17.25
N ASP A 34 2.32 -19.68 18.38
CA ASP A 34 1.89 -21.06 18.56
C ASP A 34 0.37 -21.17 18.58
N ARG A 35 -0.29 -20.17 19.17
CA ARG A 35 -1.74 -20.18 19.31
C ARG A 35 -2.44 -19.86 18.00
N HIS A 36 -1.88 -19.00 17.16
CA HIS A 36 -2.57 -18.46 15.99
C HIS A 36 -2.08 -19.00 14.65
N VAL A 37 -0.80 -19.28 14.50
CA VAL A 37 -0.22 -19.73 13.24
C VAL A 37 0.00 -21.24 13.23
N VAL A 38 0.65 -21.76 14.28
CA VAL A 38 0.61 -23.15 14.72
C VAL A 38 1.76 -24.00 14.16
N THR A 39 2.00 -23.96 12.85
CA THR A 39 2.97 -24.90 12.26
C THR A 39 4.27 -24.18 11.93
N ARG A 40 5.39 -24.81 12.34
CA ARG A 40 6.67 -24.12 12.31
C ARG A 40 6.99 -23.62 10.90
N PRO A 41 7.63 -22.46 10.77
CA PRO A 41 8.27 -22.14 9.50
C PRO A 41 9.23 -23.25 9.13
N THR A 42 9.47 -23.39 7.83
CA THR A 42 10.34 -24.43 7.32
C THR A 42 11.61 -23.78 6.78
N LYS A 43 12.75 -24.47 6.90
CA LYS A 43 13.99 -23.90 6.41
C LYS A 43 14.45 -24.61 5.15
N VAL A 44 14.58 -23.84 4.07
CA VAL A 44 15.15 -24.38 2.83
C VAL A 44 16.59 -24.80 3.08
N GLU A 45 16.98 -25.93 2.49
CA GLU A 45 18.33 -26.48 2.63
C GLU A 45 19.07 -26.39 1.30
N LEU A 46 19.39 -25.18 0.85
CA LEU A 46 20.10 -24.99 -0.42
C LEU A 46 21.28 -25.95 -0.57
N THR A 47 21.47 -26.46 -1.78
CA THR A 47 22.68 -27.20 -2.09
C THR A 47 23.89 -26.29 -1.95
N ASP A 48 25.08 -26.90 -1.96
CA ASP A 48 26.30 -26.09 -2.08
C ASP A 48 26.27 -25.26 -3.36
N ALA A 49 26.07 -25.92 -4.51
CA ALA A 49 26.07 -25.20 -5.80
C ALA A 49 25.09 -24.03 -5.79
N GLU A 50 23.84 -24.26 -5.39
CA GLU A 50 22.86 -23.16 -5.39
C GLU A 50 23.33 -22.02 -4.49
N LEU A 51 23.90 -22.36 -3.32
CA LEU A 51 24.33 -21.31 -2.40
C LEU A 51 25.50 -20.52 -2.96
N ARG A 52 26.37 -21.18 -3.73
CA ARG A 52 27.49 -20.48 -4.34
C ARG A 52 27.02 -19.56 -5.45
N GLU A 53 26.04 -20.00 -6.25
CA GLU A 53 25.51 -19.13 -7.29
C GLU A 53 24.97 -17.83 -6.70
N VAL A 54 24.27 -17.93 -5.56
CA VAL A 54 23.70 -16.76 -4.90
C VAL A 54 24.80 -15.85 -4.38
N ILE A 55 25.73 -16.41 -3.62
CA ILE A 55 26.79 -15.58 -3.03
C ILE A 55 27.66 -14.96 -4.11
N ASP A 56 27.94 -15.73 -5.18
CA ASP A 56 28.65 -15.15 -6.33
C ASP A 56 27.96 -13.90 -6.84
N ASP A 57 26.66 -14.01 -7.14
CA ASP A 57 25.93 -12.86 -7.68
C ASP A 57 25.87 -11.71 -6.68
N CYS A 58 25.77 -12.03 -5.37
CA CYS A 58 25.80 -10.98 -4.36
C CYS A 58 27.10 -10.19 -4.40
N ASN A 59 28.25 -10.89 -4.40
CA ASN A 59 29.53 -10.20 -4.41
C ASN A 59 29.70 -9.38 -5.68
N ALA A 60 29.32 -9.94 -6.83
CA ALA A 60 29.44 -9.21 -8.08
C ALA A 60 28.56 -7.96 -8.09
N ALA A 61 27.40 -8.03 -7.42
CA ALA A 61 26.45 -6.93 -7.51
C ALA A 61 26.88 -5.75 -6.65
N VAL A 62 27.58 -6.00 -5.54
CA VAL A 62 27.93 -4.91 -4.65
C VAL A 62 29.39 -4.48 -4.78
N ALA A 63 30.23 -5.31 -5.38
CA ALA A 63 31.64 -4.95 -5.53
C ALA A 63 31.86 -3.53 -6.07
N PRO A 64 31.12 -3.04 -7.06
CA PRO A 64 31.39 -1.67 -7.56
C PRO A 64 31.12 -0.59 -6.53
N LEU A 65 30.36 -0.88 -5.48
CA LEU A 65 30.19 0.06 -4.38
C LEU A 65 31.42 0.14 -3.48
N GLY A 66 32.32 -0.84 -3.55
CA GLY A 66 33.61 -0.71 -2.92
C GLY A 66 33.77 -1.34 -1.54
N LYS A 67 32.73 -1.92 -0.96
CA LYS A 67 32.82 -2.44 0.40
C LYS A 67 32.71 -3.97 0.39
N THR A 68 33.72 -4.63 0.95
CA THR A 68 33.74 -6.08 1.05
C THR A 68 32.70 -6.59 2.03
N VAL A 69 32.00 -7.64 1.62
CA VAL A 69 31.02 -8.30 2.46
C VAL A 69 31.48 -9.74 2.65
N SER A 70 31.55 -10.17 3.90
CA SER A 70 32.01 -11.52 4.21
C SER A 70 30.91 -12.54 4.00
N ASP A 71 31.31 -13.80 3.79
CA ASP A 71 30.36 -14.92 3.79
C ASP A 71 29.44 -14.84 5.00
N GLU A 72 30.02 -14.67 6.18
CA GLU A 72 29.26 -14.58 7.42
C GLU A 72 28.14 -13.56 7.32
N ARG A 73 28.45 -12.38 6.81
CA ARG A 73 27.44 -11.33 6.68
C ARG A 73 26.40 -11.69 5.64
N TRP A 74 26.81 -12.23 4.49
CA TRP A 74 25.84 -12.67 3.50
C TRP A 74 24.87 -13.69 4.08
N ILE A 75 25.40 -14.64 4.86
CA ILE A 75 24.55 -15.68 5.41
C ILE A 75 23.58 -15.09 6.43
N SER A 76 24.04 -14.10 7.20
CA SER A 76 23.14 -13.40 8.10
C SER A 76 21.98 -12.76 7.33
N TYR A 77 22.28 -12.13 6.21
CA TYR A 77 21.24 -11.49 5.41
C TYR A 77 20.30 -12.52 4.78
N VAL A 78 20.86 -13.59 4.22
CA VAL A 78 20.08 -14.52 3.43
C VAL A 78 19.15 -15.38 4.28
N GLY A 79 19.44 -15.50 5.58
CA GLY A 79 18.64 -16.37 6.43
C GLY A 79 17.15 -16.04 6.41
N VAL A 80 16.79 -14.76 6.25
CA VAL A 80 15.38 -14.42 6.26
C VAL A 80 14.67 -15.07 5.08
N VAL A 81 15.35 -15.17 3.92
CA VAL A 81 14.72 -15.83 2.78
C VAL A 81 14.61 -17.32 3.02
N LEU A 82 15.63 -17.91 3.63
CA LEU A 82 15.65 -19.35 3.83
C LEU A 82 14.56 -19.77 4.80
N TRP A 83 14.23 -18.91 5.77
CA TRP A 83 13.30 -19.24 6.85
C TRP A 83 11.89 -18.71 6.63
N SER A 84 11.70 -17.73 5.76
CA SER A 84 10.43 -17.01 5.73
C SER A 84 9.68 -17.14 4.42
N GLN A 85 10.16 -17.96 3.49
CA GLN A 85 9.34 -18.38 2.35
C GLN A 85 8.53 -19.60 2.80
N SER A 86 7.79 -20.24 1.89
CA SER A 86 6.99 -21.43 2.22
C SER A 86 7.42 -22.57 1.33
N PRO A 87 8.40 -23.36 1.76
CA PRO A 87 9.01 -24.34 0.84
C PRO A 87 8.05 -25.34 0.25
N ARG A 88 6.98 -25.71 0.95
CA ARG A 88 6.13 -26.76 0.40
C ARG A 88 5.34 -26.24 -0.80
N HIS A 89 5.28 -24.93 -0.99
CA HIS A 89 4.64 -24.32 -2.15
C HIS A 89 5.62 -23.82 -3.19
N ILE A 90 6.93 -24.02 -3.02
CA ILE A 90 7.89 -23.55 -4.02
C ILE A 90 7.67 -24.27 -5.34
N LYS A 91 7.66 -23.50 -6.44
CA LYS A 91 7.65 -24.04 -7.79
C LYS A 91 8.88 -23.69 -8.60
N ASP A 92 9.46 -22.51 -8.41
CA ASP A 92 10.55 -22.01 -9.24
C ASP A 92 11.72 -21.67 -8.34
N MET A 93 12.75 -22.54 -8.31
CA MET A 93 13.95 -22.28 -7.51
C MET A 93 14.83 -21.19 -8.10
N GLU A 94 14.71 -20.91 -9.40
CA GLU A 94 15.41 -19.76 -9.95
C GLU A 94 14.90 -18.47 -9.35
N ALA A 95 13.58 -18.33 -9.23
CA ALA A 95 13.01 -17.16 -8.57
C ALA A 95 13.39 -17.10 -7.09
N PHE A 96 13.43 -18.26 -6.42
CA PHE A 96 13.89 -18.29 -5.03
C PHE A 96 15.32 -17.77 -4.92
N LYS A 97 16.23 -18.26 -5.76
CA LYS A 97 17.61 -17.77 -5.72
C LYS A 97 17.66 -16.27 -6.00
N ALA A 98 16.80 -15.79 -6.90
CA ALA A 98 16.73 -14.36 -7.16
C ALA A 98 16.36 -13.58 -5.89
N VAL A 99 15.38 -14.08 -5.14
CA VAL A 99 14.99 -13.37 -3.91
C VAL A 99 16.12 -13.40 -2.91
N CYS A 100 16.86 -14.52 -2.82
CA CYS A 100 18.05 -14.55 -1.98
C CYS A 100 19.00 -13.41 -2.34
N VAL A 101 19.35 -13.30 -3.63
CA VAL A 101 20.35 -12.31 -4.06
C VAL A 101 19.83 -10.89 -3.82
N LEU A 102 18.65 -10.60 -4.34
CA LEU A 102 18.08 -9.26 -4.22
C LEU A 102 17.87 -8.86 -2.75
N ASN A 103 17.39 -9.80 -1.94
CA ASN A 103 17.29 -9.51 -0.51
C ASN A 103 18.63 -9.12 0.08
N CYS A 104 19.67 -9.87 -0.25
CA CYS A 104 20.97 -9.66 0.38
C CYS A 104 21.60 -8.34 -0.07
N VAL A 105 21.57 -8.06 -1.37
CA VAL A 105 22.32 -6.89 -1.83
C VAL A 105 21.61 -5.59 -1.41
N THR A 106 20.29 -5.60 -1.27
CA THR A 106 19.62 -4.39 -0.77
C THR A 106 19.71 -4.28 0.73
N PHE A 107 19.96 -5.39 1.41
CA PHE A 107 20.33 -5.34 2.81
C PHE A 107 21.66 -4.60 3.01
N VAL A 108 22.65 -4.89 2.15
CA VAL A 108 23.90 -4.12 2.18
C VAL A 108 23.61 -2.62 2.02
N TRP A 109 22.79 -2.29 1.04
CA TRP A 109 22.36 -0.90 0.84
C TRP A 109 21.76 -0.31 2.12
N ASP A 110 20.89 -1.08 2.80
CA ASP A 110 20.29 -0.63 4.05
C ASP A 110 21.35 -0.29 5.09
N ASP A 111 22.43 -1.08 5.15
CA ASP A 111 23.48 -0.89 6.13
C ASP A 111 24.53 0.12 5.69
N MET A 112 24.42 0.68 4.47
CA MET A 112 25.45 1.54 3.90
C MET A 112 25.25 3.02 4.24
N ASP A 113 26.33 3.62 4.72
CA ASP A 113 26.55 5.06 4.59
C ASP A 113 26.00 5.57 3.26
N PRO A 114 25.14 6.59 3.25
CA PRO A 114 24.51 7.02 2.00
C PRO A 114 25.50 7.63 1.03
N ALA A 115 26.68 8.03 1.51
CA ALA A 115 27.77 8.42 0.62
C ALA A 115 28.16 7.28 -0.31
N LEU A 116 28.00 6.04 0.13
CA LEU A 116 28.33 4.89 -0.71
C LEU A 116 27.26 4.57 -1.75
N HIS A 117 26.08 5.18 -1.66
CA HIS A 117 24.96 4.85 -2.54
C HIS A 117 25.23 5.41 -3.92
N ASP A 118 25.42 4.52 -4.89
CA ASP A 118 25.82 4.86 -6.25
C ASP A 118 24.81 4.22 -7.21
N PHE A 119 23.80 5.02 -7.58
CA PHE A 119 22.69 4.49 -8.36
C PHE A 119 23.14 4.08 -9.77
N GLY A 120 24.03 4.87 -10.38
CA GLY A 120 24.52 4.53 -11.71
C GLY A 120 25.24 3.20 -11.77
N LEU A 121 25.91 2.80 -10.69
CA LEU A 121 26.60 1.51 -10.62
C LEU A 121 25.70 0.38 -10.15
N PHE A 122 24.87 0.64 -9.14
CA PHE A 122 24.10 -0.43 -8.51
C PHE A 122 22.86 -0.82 -9.31
N LEU A 123 22.16 0.15 -9.88
CA LEU A 123 20.94 -0.20 -10.61
C LEU A 123 21.20 -1.15 -11.77
N PRO A 124 22.25 -0.99 -12.60
CA PRO A 124 22.54 -2.03 -13.61
C PRO A 124 22.69 -3.43 -13.02
N GLN A 125 23.31 -3.54 -11.84
CA GLN A 125 23.49 -4.85 -11.22
C GLN A 125 22.15 -5.48 -10.89
N LEU A 126 21.22 -4.69 -10.35
CA LEU A 126 19.90 -5.22 -10.05
C LEU A 126 19.18 -5.68 -11.31
N ARG A 127 19.22 -4.84 -12.35
CA ARG A 127 18.58 -5.19 -13.62
C ARG A 127 19.05 -6.55 -14.13
N LYS A 128 20.35 -6.80 -14.05
CA LYS A 128 20.88 -8.04 -14.63
C LYS A 128 20.61 -9.24 -13.72
N ILE A 129 20.56 -9.02 -12.41
CA ILE A 129 20.07 -10.07 -11.51
C ILE A 129 18.65 -10.45 -11.89
N CYS A 130 17.78 -9.44 -12.02
CA CYS A 130 16.37 -9.72 -12.26
C CYS A 130 16.15 -10.44 -13.60
N GLU A 131 16.78 -9.96 -14.65
CA GLU A 131 16.46 -10.57 -15.94
C GLU A 131 17.05 -11.98 -16.04
N LYS A 132 18.22 -12.22 -15.42
CA LYS A 132 18.82 -13.55 -15.45
C LYS A 132 17.89 -14.61 -14.85
N TYR A 133 17.22 -14.28 -13.73
CA TYR A 133 16.47 -15.29 -12.99
C TYR A 133 14.99 -15.36 -13.35
N TYR A 134 14.39 -14.24 -13.75
CA TYR A 134 12.96 -14.18 -14.06
C TYR A 134 12.73 -14.11 -15.56
N GLY A 135 11.45 -14.29 -15.95
CA GLY A 135 11.02 -14.03 -17.30
C GLY A 135 10.67 -12.58 -17.50
N PRO A 136 10.19 -12.24 -18.71
CA PRO A 136 10.11 -10.80 -19.10
C PRO A 136 9.17 -9.92 -18.28
N GLU A 137 7.97 -10.37 -17.93
CA GLU A 137 7.16 -9.51 -17.07
C GLU A 137 7.65 -9.53 -15.63
N ASP A 138 7.88 -10.72 -15.08
CA ASP A 138 8.35 -10.84 -13.70
C ASP A 138 9.64 -10.04 -13.47
N ALA A 139 10.58 -10.09 -14.41
CA ALA A 139 11.81 -9.33 -14.26
C ALA A 139 11.53 -7.83 -14.10
N GLU A 140 10.59 -7.30 -14.90
CA GLU A 140 10.27 -5.87 -14.81
C GLU A 140 9.70 -5.53 -13.45
N VAL A 141 8.72 -6.31 -12.98
CA VAL A 141 8.13 -6.10 -11.67
C VAL A 141 9.19 -6.16 -10.58
N ALA A 142 10.07 -7.16 -10.65
CA ALA A 142 11.07 -7.32 -9.60
C ALA A 142 12.07 -6.16 -9.60
N TYR A 143 12.53 -5.74 -10.78
CA TYR A 143 13.49 -4.63 -10.84
C TYR A 143 12.88 -3.33 -10.34
N GLU A 144 11.65 -3.04 -10.76
CA GLU A 144 11.03 -1.79 -10.30
C GLU A 144 10.89 -1.77 -8.79
N ALA A 145 10.45 -2.88 -8.20
CA ALA A 145 10.32 -2.93 -6.73
C ALA A 145 11.68 -2.77 -6.05
N ALA A 146 12.73 -3.41 -6.57
CA ALA A 146 14.08 -3.22 -6.03
C ALA A 146 14.52 -1.77 -6.17
N ARG A 147 14.32 -1.20 -7.36
CA ARG A 147 14.61 0.21 -7.62
C ARG A 147 13.85 1.12 -6.66
N ALA A 148 12.55 0.90 -6.50
CA ALA A 148 11.76 1.72 -5.59
C ALA A 148 12.29 1.60 -4.15
N PHE A 149 12.69 0.39 -3.75
CA PHE A 149 13.16 0.24 -2.38
C PHE A 149 14.47 0.99 -2.13
N VAL A 150 15.50 0.75 -2.95
CA VAL A 150 16.79 1.38 -2.67
C VAL A 150 16.66 2.89 -2.75
N THR A 151 15.84 3.38 -3.67
CA THR A 151 15.62 4.81 -3.78
C THR A 151 14.94 5.36 -2.53
N SER A 152 13.96 4.63 -2.02
CA SER A 152 13.27 5.05 -0.80
C SER A 152 14.23 5.06 0.39
N ASP A 153 15.01 3.98 0.56
CA ASP A 153 16.00 3.97 1.64
C ASP A 153 16.90 5.18 1.52
N HIS A 154 17.30 5.54 0.31
CA HIS A 154 18.18 6.69 0.13
C HIS A 154 17.48 7.99 0.46
N MET A 155 16.35 8.27 -0.19
CA MET A 155 15.81 9.61 -0.08
C MET A 155 15.26 9.88 1.32
N PHE A 156 14.93 8.84 2.08
CA PHE A 156 14.39 9.11 3.42
C PHE A 156 15.45 9.19 4.51
N ARG A 157 16.72 8.93 4.22
CA ARG A 157 17.75 9.47 5.11
C ARG A 157 17.67 10.98 4.95
N ASP A 158 17.90 11.72 6.04
CA ASP A 158 17.79 13.19 6.00
C ASP A 158 16.37 13.66 5.68
N SER A 159 15.37 12.79 5.84
CA SER A 159 14.12 13.39 5.38
C SER A 159 13.23 13.82 6.56
N PRO A 160 12.56 14.96 6.39
CA PRO A 160 11.47 15.32 7.32
C PRO A 160 10.26 14.41 7.21
N ILE A 161 10.00 13.80 6.06
CA ILE A 161 8.87 12.88 5.95
C ILE A 161 9.05 11.73 6.93
N LYS A 162 10.21 11.06 6.87
CA LYS A 162 10.48 10.03 7.86
C LYS A 162 10.33 10.60 9.26
N ALA A 163 10.77 11.85 9.46
CA ALA A 163 10.58 12.50 10.76
C ALA A 163 9.14 12.36 11.22
N ALA A 164 8.21 13.03 10.54
CA ALA A 164 6.83 13.06 11.01
C ALA A 164 6.22 11.66 11.10
N LEU A 165 6.49 10.79 10.12
CA LEU A 165 5.79 9.51 10.09
C LEU A 165 6.23 8.57 11.22
N CYS A 166 7.48 8.62 11.62
CA CYS A 166 7.97 7.73 12.69
C CYS A 166 7.79 8.31 14.07
N THR A 167 7.38 9.58 14.20
CA THR A 167 7.25 10.19 15.50
C THR A 167 5.80 10.46 15.93
N THR A 168 4.81 10.22 15.07
CA THR A 168 3.48 10.74 15.39
C THR A 168 2.49 9.69 15.88
N SER A 169 2.41 8.51 15.24
CA SER A 169 1.50 7.48 15.70
C SER A 169 1.95 6.14 15.12
N PRO A 170 1.53 5.02 15.73
CA PRO A 170 1.84 3.72 15.10
C PRO A 170 1.20 3.57 13.73
N GLU A 171 -0.02 4.11 13.53
CA GLU A 171 -0.65 4.04 12.21
C GLU A 171 0.24 4.66 11.15
N GLN A 172 0.74 5.88 11.39
CA GLN A 172 1.61 6.56 10.41
C GLN A 172 2.92 5.82 10.23
N TYR A 173 3.50 5.34 11.33
CA TYR A 173 4.79 4.64 11.25
C TYR A 173 4.69 3.42 10.35
N PHE A 174 3.68 2.57 10.57
CA PHE A 174 3.57 1.33 9.81
C PHE A 174 3.28 1.60 8.34
N ARG A 175 2.57 2.71 8.06
CA ARG A 175 2.36 3.15 6.68
C ARG A 175 3.69 3.37 5.94
N PHE A 176 4.65 4.02 6.62
CA PHE A 176 5.98 4.18 6.07
C PHE A 176 6.67 2.82 5.86
N ARG A 177 6.50 1.92 6.80
CA ARG A 177 7.24 0.67 6.77
C ARG A 177 6.76 -0.30 5.70
N VAL A 178 5.55 -0.13 5.14
CA VAL A 178 5.13 -0.98 4.02
C VAL A 178 6.20 -1.01 2.94
N THR A 179 6.78 0.15 2.65
CA THR A 179 7.89 0.18 1.72
C THR A 179 9.23 0.05 2.44
N ASP A 180 9.39 0.77 3.55
CA ASP A 180 10.74 0.89 4.13
C ASP A 180 11.27 -0.43 4.70
N ILE A 181 10.43 -1.32 5.24
CA ILE A 181 10.98 -2.60 5.67
C ILE A 181 11.19 -3.55 4.50
N GLY A 182 10.85 -3.15 3.28
CA GLY A 182 11.14 -3.98 2.14
C GLY A 182 10.10 -5.04 1.82
N VAL A 183 8.97 -5.07 2.54
CA VAL A 183 8.02 -6.16 2.34
C VAL A 183 7.26 -6.04 1.01
N ASP A 184 6.93 -4.81 0.57
CA ASP A 184 6.30 -4.71 -0.74
C ASP A 184 7.24 -5.22 -1.83
N PHE A 185 8.51 -4.82 -1.75
CA PHE A 185 9.56 -5.34 -2.62
C PHE A 185 9.60 -6.86 -2.54
N TRP A 186 9.60 -7.40 -1.33
CA TRP A 186 9.64 -8.85 -1.12
C TRP A 186 8.52 -9.58 -1.85
N MET A 187 7.27 -9.12 -1.67
CA MET A 187 6.13 -9.78 -2.30
C MET A 187 6.27 -9.77 -3.82
N LYS A 188 6.67 -8.62 -4.38
CA LYS A 188 6.71 -8.46 -5.82
C LYS A 188 7.84 -9.26 -6.45
N MET A 189 8.91 -9.53 -5.71
CA MET A 189 9.91 -10.42 -6.28
C MET A 189 9.69 -11.89 -5.93
N SER A 190 8.81 -12.18 -4.99
CA SER A 190 8.56 -13.55 -4.53
C SER A 190 7.41 -14.24 -5.23
N TYR A 191 6.45 -13.51 -5.81
CA TYR A 191 5.32 -14.22 -6.40
C TYR A 191 5.74 -15.19 -7.50
N PRO A 192 6.79 -14.96 -8.30
CA PRO A 192 7.17 -15.99 -9.29
C PRO A 192 7.64 -17.29 -8.66
N ILE A 193 8.03 -17.27 -7.38
CA ILE A 193 8.41 -18.50 -6.70
C ILE A 193 7.24 -19.48 -6.69
N TYR A 194 6.03 -18.96 -6.55
CA TYR A 194 4.84 -19.76 -6.30
C TYR A 194 3.95 -19.94 -7.52
N ARG A 195 3.98 -19.01 -8.47
CA ARG A 195 3.11 -19.04 -9.66
C ARG A 195 1.67 -19.37 -9.26
N HIS A 196 1.19 -18.72 -8.21
CA HIS A 196 -0.16 -18.91 -7.69
C HIS A 196 -0.98 -17.67 -8.02
N PRO A 197 -1.91 -17.75 -8.98
CA PRO A 197 -2.56 -16.53 -9.50
C PRO A 197 -3.09 -15.59 -8.42
N GLU A 198 -3.74 -16.13 -7.39
CA GLU A 198 -4.28 -15.25 -6.36
C GLU A 198 -3.17 -14.49 -5.64
N PHE A 199 -2.10 -15.20 -5.23
CA PHE A 199 -1.00 -14.52 -4.55
C PHE A 199 -0.37 -13.45 -5.45
N THR A 200 -0.31 -13.72 -6.75
CA THR A 200 0.30 -12.78 -7.67
C THR A 200 -0.48 -11.46 -7.71
N GLU A 201 -1.81 -11.52 -7.69
CA GLU A 201 -2.62 -10.30 -7.59
C GLU A 201 -2.35 -9.56 -6.28
N HIS A 202 -2.39 -10.26 -5.15
CA HIS A 202 -2.22 -9.58 -3.86
C HIS A 202 -0.84 -8.96 -3.76
N ALA A 203 0.16 -9.60 -4.35
CA ALA A 203 1.50 -9.03 -4.41
C ALA A 203 1.49 -7.74 -5.22
N LYS A 204 0.82 -7.75 -6.38
CA LYS A 204 0.90 -6.60 -7.27
C LYS A 204 0.02 -5.44 -6.82
N THR A 205 -1.06 -5.70 -6.07
CA THR A 205 -1.85 -4.62 -5.45
C THR A 205 -1.19 -4.08 -4.17
N SER A 206 -0.18 -4.80 -3.64
CA SER A 206 0.46 -4.51 -2.37
C SER A 206 -0.42 -4.84 -1.17
N LEU A 207 -1.63 -5.37 -1.39
CA LEU A 207 -2.39 -5.90 -0.27
C LEU A 207 -1.58 -6.95 0.53
N ALA A 208 -0.84 -7.81 -0.19
CA ALA A 208 0.03 -8.79 0.48
C ALA A 208 0.98 -8.10 1.45
N ALA A 209 1.64 -7.03 0.99
CA ALA A 209 2.54 -6.31 1.85
C ALA A 209 1.81 -5.62 2.99
N ARG A 210 0.66 -5.01 2.71
CA ARG A 210 -0.06 -4.28 3.77
C ARG A 210 -0.52 -5.23 4.86
N MET A 211 -0.79 -6.49 4.51
CA MET A 211 -1.24 -7.48 5.50
C MET A 211 -0.12 -7.95 6.41
N THR A 212 1.14 -7.91 5.95
CA THR A 212 2.26 -8.53 6.66
C THR A 212 3.21 -7.53 7.29
N THR A 213 3.01 -6.22 7.04
CA THR A 213 3.94 -5.20 7.50
C THR A 213 4.07 -5.18 9.02
N ARG A 214 2.94 -5.16 9.74
CA ARG A 214 3.04 -5.01 11.19
C ARG A 214 3.72 -6.21 11.83
N GLY A 215 3.38 -7.42 11.38
CA GLY A 215 3.99 -8.61 11.98
C GLY A 215 5.49 -8.63 11.79
N LEU A 216 5.96 -8.29 10.59
CA LEU A 216 7.40 -8.22 10.35
C LEU A 216 8.03 -7.08 11.12
N THR A 217 7.39 -5.90 11.11
CA THR A 217 8.02 -4.71 11.64
C THR A 217 8.12 -4.74 13.16
N ILE A 218 7.06 -5.17 13.84
CA ILE A 218 7.08 -5.17 15.29
C ILE A 218 8.20 -6.08 15.80
N VAL A 219 8.36 -7.23 15.17
CA VAL A 219 9.42 -8.16 15.55
C VAL A 219 10.79 -7.56 15.24
N ASN A 220 10.96 -7.04 14.02
CA ASN A 220 12.25 -6.45 13.67
C ASN A 220 12.61 -5.31 14.61
N ASP A 221 11.63 -4.43 14.89
CA ASP A 221 11.86 -3.27 15.74
C ASP A 221 12.26 -3.68 17.15
N PHE A 222 11.61 -4.70 17.72
CA PHE A 222 11.98 -5.05 19.09
C PHE A 222 13.45 -5.47 19.15
N TYR A 223 13.87 -6.34 18.25
CA TYR A 223 15.20 -6.92 18.37
C TYR A 223 16.30 -6.05 17.76
N SER A 224 15.96 -5.04 16.95
CA SER A 224 16.98 -4.15 16.41
C SER A 224 17.00 -2.80 17.13
N TYR A 225 16.18 -2.64 18.18
CA TYR A 225 16.06 -1.37 18.88
C TYR A 225 17.40 -0.88 19.39
N ASP A 226 18.13 -1.74 20.12
CA ASP A 226 19.41 -1.33 20.68
C ASP A 226 20.34 -0.82 19.59
N ARG A 227 20.50 -1.59 18.50
CA ARG A 227 21.39 -1.16 17.42
C ARG A 227 20.94 0.18 16.83
N GLU A 228 19.63 0.31 16.58
CA GLU A 228 19.17 1.49 15.86
C GLU A 228 19.28 2.74 16.71
N VAL A 229 18.90 2.64 17.99
CA VAL A 229 19.15 3.73 18.93
C VAL A 229 20.63 4.11 18.96
N SER A 230 21.51 3.13 19.13
CA SER A 230 22.94 3.45 19.17
C SER A 230 23.39 4.19 17.91
N LEU A 231 22.78 3.91 16.77
CA LEU A 231 23.22 4.46 15.49
C LEU A 231 22.53 5.77 15.13
N GLY A 232 21.36 6.05 15.70
CA GLY A 232 20.60 7.20 15.32
C GLY A 232 19.52 6.93 14.29
N GLN A 233 19.06 5.69 14.16
CA GLN A 233 17.93 5.35 13.30
C GLN A 233 16.61 5.56 14.05
N ILE A 234 15.79 6.47 13.53
CA ILE A 234 14.52 6.78 14.15
C ILE A 234 13.42 5.80 13.77
N THR A 235 13.68 4.90 12.82
CA THR A 235 12.63 4.08 12.23
C THR A 235 12.42 2.83 13.08
N ASN A 236 11.69 3.01 14.17
CA ASN A 236 11.47 1.93 15.15
C ASN A 236 10.26 2.27 16.00
N CYS A 237 9.23 1.43 15.96
CA CYS A 237 8.00 1.80 16.64
C CYS A 237 8.16 1.86 18.17
N PHE A 238 9.16 1.20 18.75
CA PHE A 238 9.30 1.28 20.21
C PHE A 238 9.82 2.64 20.68
N ARG A 239 10.32 3.47 19.77
CA ARG A 239 10.53 4.89 20.07
C ARG A 239 9.22 5.63 20.32
N LEU A 240 8.08 5.02 20.00
CA LEU A 240 6.77 5.63 20.21
C LEU A 240 6.21 5.37 21.60
N CYS A 241 6.99 4.70 22.46
CA CYS A 241 6.61 4.57 23.86
C CYS A 241 7.85 4.83 24.70
N ASP A 242 7.66 4.94 26.01
CA ASP A 242 8.80 5.15 26.91
C ASP A 242 9.29 3.77 27.38
N VAL A 243 10.33 3.24 26.73
CA VAL A 243 10.78 1.89 27.08
C VAL A 243 11.43 1.86 28.47
N SER A 244 11.72 3.01 29.06
CA SER A 244 12.32 3.08 30.39
C SER A 244 11.32 2.83 31.50
N ASP A 245 10.03 2.74 31.18
CA ASP A 245 8.94 2.59 32.14
C ASP A 245 8.20 1.30 31.78
N GLU A 246 8.31 0.29 32.63
CA GLU A 246 7.80 -1.04 32.28
C GLU A 246 6.29 -1.03 32.12
N THR A 247 5.58 -0.20 32.89
CA THR A 247 4.15 -0.12 32.71
C THR A 247 3.80 0.40 31.33
N ALA A 248 4.41 1.51 30.91
CA ALA A 248 4.18 2.00 29.56
C ALA A 248 4.66 1.01 28.51
N PHE A 249 5.75 0.31 28.80
CA PHE A 249 6.26 -0.62 27.79
C PHE A 249 5.33 -1.80 27.62
N LYS A 250 4.92 -2.45 28.72
CA LYS A 250 4.06 -3.62 28.59
C LYS A 250 2.73 -3.24 27.97
N GLU A 251 2.27 -2.03 28.24
CA GLU A 251 1.07 -1.52 27.60
C GLU A 251 1.26 -1.39 26.09
N PHE A 252 2.36 -0.75 25.68
CA PHE A 252 2.62 -0.58 24.25
C PHE A 252 2.83 -1.93 23.58
N PHE A 253 3.58 -2.82 24.25
CA PHE A 253 3.90 -4.10 23.64
C PHE A 253 2.65 -4.95 23.45
N GLN A 254 1.74 -4.92 24.42
CA GLN A 254 0.46 -5.64 24.26
C GLN A 254 -0.34 -5.09 23.09
N ALA A 255 -0.40 -3.77 22.95
CA ALA A 255 -1.09 -3.18 21.80
C ALA A 255 -0.47 -3.69 20.50
N ARG A 256 0.85 -3.84 20.46
CA ARG A 256 1.49 -4.31 19.23
C ARG A 256 1.21 -5.79 19.01
N LEU A 257 1.17 -6.60 20.07
CA LEU A 257 0.72 -7.98 19.93
C LEU A 257 -0.69 -8.03 19.37
N ASP A 258 -1.57 -7.18 19.89
CA ASP A 258 -2.94 -7.11 19.38
C ASP A 258 -2.95 -6.86 17.87
N ASP A 259 -2.11 -5.92 17.40
CA ASP A 259 -2.03 -5.63 15.97
C ASP A 259 -1.63 -6.90 15.19
N MET A 260 -0.62 -7.60 15.69
CA MET A 260 -0.16 -8.81 15.00
C MET A 260 -1.26 -9.85 14.92
N ILE A 261 -1.96 -10.06 16.04
CA ILE A 261 -3.01 -11.07 16.09
C ILE A 261 -4.13 -10.72 15.11
N GLU A 262 -4.54 -9.45 15.10
CA GLU A 262 -5.62 -9.08 14.21
C GLU A 262 -5.23 -9.29 12.74
N ASP A 263 -4.01 -8.89 12.36
CA ASP A 263 -3.54 -9.16 11.00
C ASP A 263 -3.56 -10.66 10.69
N ILE A 264 -3.06 -11.48 11.62
CA ILE A 264 -2.97 -12.92 11.37
C ILE A 264 -4.35 -13.53 11.19
N GLU A 265 -5.29 -13.16 12.05
CA GLU A 265 -6.64 -13.71 11.92
C GLU A 265 -7.30 -13.28 10.61
N CYS A 266 -7.08 -12.04 10.17
CA CYS A 266 -7.60 -11.61 8.86
C CYS A 266 -6.90 -12.35 7.71
N ILE A 267 -5.61 -12.63 7.86
CA ILE A 267 -4.87 -13.36 6.82
C ILE A 267 -5.50 -14.73 6.54
N LYS A 268 -6.21 -15.32 7.51
CA LYS A 268 -6.82 -16.62 7.28
C LYS A 268 -7.99 -16.59 6.32
N ALA A 269 -8.49 -15.40 6.01
CA ALA A 269 -9.50 -15.21 4.96
C ALA A 269 -8.94 -15.46 3.56
N PHE A 270 -7.64 -15.29 3.37
CA PHE A 270 -7.08 -15.46 2.05
C PHE A 270 -7.10 -16.94 1.68
N ASP A 271 -6.87 -17.22 0.39
CA ASP A 271 -6.86 -18.58 -0.09
C ASP A 271 -5.81 -19.40 0.68
N GLN A 272 -5.97 -20.72 0.67
CA GLN A 272 -5.13 -21.57 1.50
C GLN A 272 -3.63 -21.42 1.18
N LEU A 273 -3.26 -21.27 -0.08
CA LEU A 273 -1.84 -21.10 -0.40
C LEU A 273 -1.33 -19.75 0.07
N THR A 274 -2.04 -18.69 -0.29
CA THR A 274 -1.58 -17.34 0.04
C THR A 274 -1.44 -17.18 1.53
N GLN A 275 -2.39 -17.72 2.29
CA GLN A 275 -2.32 -17.57 3.73
C GLN A 275 -1.12 -18.33 4.30
N ASP A 276 -0.72 -19.44 3.67
CA ASP A 276 0.52 -20.10 4.07
C ASP A 276 1.72 -19.18 3.87
N VAL A 277 1.82 -18.54 2.70
CA VAL A 277 2.96 -17.68 2.40
C VAL A 277 3.03 -16.49 3.36
N PHE A 278 1.88 -15.84 3.60
CA PHE A 278 1.88 -14.70 4.53
C PHE A 278 2.35 -15.11 5.92
N LEU A 279 1.81 -16.22 6.43
CA LEU A 279 2.09 -16.62 7.81
C LEU A 279 3.51 -17.16 7.97
N ASP A 280 3.96 -17.97 7.01
CA ASP A 280 5.37 -18.40 7.03
C ASP A 280 6.30 -17.20 6.98
N LEU A 281 5.88 -16.12 6.30
CA LEU A 281 6.71 -14.94 6.24
C LEU A 281 6.85 -14.28 7.60
N ILE A 282 5.72 -14.05 8.29
CA ILE A 282 5.79 -13.38 9.58
C ILE A 282 6.49 -14.25 10.62
N TYR A 283 6.10 -15.51 10.68
CA TYR A 283 6.64 -16.41 11.69
C TYR A 283 8.09 -16.77 11.39
N GLY A 284 8.41 -17.01 10.12
CA GLY A 284 9.80 -17.27 9.76
C GLY A 284 10.71 -16.09 10.06
N ASN A 285 10.22 -14.87 9.85
CA ASN A 285 11.03 -13.71 10.19
C ASN A 285 11.36 -13.70 11.67
N PHE A 286 10.40 -14.07 12.50
CA PHE A 286 10.64 -14.12 13.94
C PHE A 286 11.69 -15.19 14.28
N VAL A 287 11.55 -16.38 13.70
CA VAL A 287 12.52 -17.44 13.99
C VAL A 287 13.92 -17.01 13.59
N TRP A 288 14.04 -16.45 12.39
CA TRP A 288 15.32 -15.99 11.89
C TRP A 288 15.89 -14.85 12.73
N THR A 289 15.05 -13.87 13.07
CA THR A 289 15.48 -12.71 13.85
C THR A 289 16.07 -13.13 15.19
N THR A 290 15.45 -14.10 15.87
CA THR A 290 15.95 -14.54 17.16
C THR A 290 17.12 -15.51 17.06
N SER A 291 17.42 -16.01 15.86
CA SER A 291 18.55 -16.91 15.69
C SER A 291 19.81 -16.18 15.26
N ASN A 292 19.69 -14.93 14.81
CA ASN A 292 20.71 -14.28 13.98
C ASN A 292 21.57 -13.31 14.77
N LYS A 293 22.89 -13.44 14.62
CA LYS A 293 23.84 -12.57 15.30
C LYS A 293 23.58 -11.11 15.03
N ARG A 294 22.97 -10.79 13.89
CA ARG A 294 22.63 -9.41 13.56
C ARG A 294 21.84 -8.76 14.69
N TYR A 295 20.98 -9.52 15.35
CA TYR A 295 20.05 -8.93 16.30
C TYR A 295 20.38 -9.28 17.75
N LYS A 296 21.61 -9.75 18.04
CA LYS A 296 21.98 -10.28 19.36
C LYS A 296 22.70 -9.28 20.25
N THR A 297 23.64 -8.50 19.75
CA THR A 297 24.33 -7.56 20.64
C THR A 297 25.17 -6.56 19.89
N ALA A 298 24.54 -5.41 19.59
CA ALA A 298 25.28 -4.19 19.29
C ALA A 298 26.07 -4.32 18.01
N VAL A 299 26.74 -3.24 17.61
CA VAL A 299 27.67 -3.24 16.50
C VAL A 299 28.42 -4.56 16.55
N ASN A 300 28.35 -5.33 15.48
CA ASN A 300 29.12 -6.56 15.35
C ASN A 300 29.40 -6.77 13.86
N ASP A 301 29.92 -7.94 13.52
CA ASP A 301 30.48 -8.06 12.19
C ASP A 301 29.45 -8.38 11.13
N VAL A 302 28.20 -8.66 11.50
CA VAL A 302 27.14 -8.82 10.51
C VAL A 302 26.13 -7.68 10.54
N ASN A 303 26.31 -6.68 11.42
CA ASN A 303 25.41 -5.52 11.42
C ASN A 303 26.14 -4.19 11.53
N SER A 304 27.46 -4.15 11.39
CA SER A 304 28.15 -2.88 11.55
C SER A 304 27.92 -2.01 10.31
N ARG A 305 27.65 -0.73 10.53
CA ARG A 305 27.55 0.20 9.42
C ARG A 305 28.79 0.07 8.55
N ILE A 306 28.61 0.25 7.25
CA ILE A 306 29.70 0.27 6.29
C ILE A 306 29.81 1.71 5.79
N GLN A 307 30.77 2.46 6.32
CA GLN A 307 30.69 3.93 6.29
C GLN A 307 31.74 4.60 5.42
N GLY B 9 -33.47 -9.00 2.63
CA GLY B 9 -34.33 -7.84 2.53
C GLY B 9 -34.98 -7.49 3.86
N ALA B 10 -36.11 -8.14 4.15
CA ALA B 10 -36.87 -7.88 5.37
C ALA B 10 -36.87 -6.39 5.74
N GLN B 11 -36.58 -6.03 7.00
CA GLN B 11 -36.39 -4.62 7.33
C GLN B 11 -35.17 -4.39 8.23
N ASP B 12 -35.20 -3.26 8.97
CA ASP B 12 -34.10 -2.64 9.74
C ASP B 12 -33.79 -1.25 9.16
N ILE B 13 -34.77 -0.36 9.26
CA ILE B 13 -34.66 0.92 8.60
C ILE B 13 -33.64 1.82 9.29
N GLY B 14 -33.70 1.89 10.63
CA GLY B 14 -32.96 2.93 11.34
C GLY B 14 -31.47 2.92 11.05
N ARG B 15 -30.95 1.77 10.67
CA ARG B 15 -29.55 1.61 10.35
C ARG B 15 -29.25 1.78 8.86
N SER B 16 -30.25 2.05 8.05
CA SER B 16 -30.11 2.00 6.60
C SER B 16 -29.70 3.34 5.99
N SER B 17 -29.47 4.38 6.80
CA SER B 17 -29.29 5.73 6.25
C SER B 17 -28.36 6.54 7.14
N VAL B 18 -27.67 7.51 6.55
CA VAL B 18 -27.00 8.54 7.34
C VAL B 18 -27.61 9.91 7.10
N ARG B 19 -28.73 9.97 6.37
CA ARG B 19 -29.43 11.22 6.11
C ARG B 19 -29.71 12.06 7.35
N PRO B 20 -30.08 11.49 8.50
CA PRO B 20 -30.20 12.32 9.72
C PRO B 20 -28.95 13.14 10.09
N TYR B 21 -27.77 12.74 9.65
CA TYR B 21 -26.52 13.40 10.02
C TYR B 21 -25.95 14.26 8.91
N LEU B 22 -26.65 14.38 7.80
CA LEU B 22 -26.06 14.93 6.58
C LEU B 22 -25.57 16.37 6.78
N GLU B 23 -26.41 17.24 7.32
CA GLU B 23 -26.01 18.64 7.43
C GLU B 23 -24.85 18.81 8.39
N GLU B 24 -24.93 18.21 9.57
CA GLU B 24 -23.92 18.46 10.58
C GLU B 24 -22.57 17.84 10.16
N CYS B 25 -22.61 16.65 9.55
CA CYS B 25 -21.35 16.05 9.10
C CYS B 25 -20.74 16.85 7.95
N THR B 26 -21.57 17.35 7.03
CA THR B 26 -21.02 18.13 5.92
C THR B 26 -20.28 19.35 6.45
N ARG B 27 -20.87 20.06 7.38
CA ARG B 27 -20.20 21.27 7.82
C ARG B 27 -19.04 20.94 8.75
N ARG B 28 -19.09 19.80 9.45
CA ARG B 28 -17.92 19.38 10.22
C ARG B 28 -16.74 19.05 9.30
N PHE B 29 -16.98 18.30 8.23
CA PHE B 29 -15.95 18.09 7.21
C PHE B 29 -15.36 19.41 6.74
N GLN B 30 -16.24 20.33 6.33
CA GLN B 30 -15.77 21.61 5.80
C GLN B 30 -14.96 22.37 6.83
N GLU B 31 -15.40 22.39 8.09
CA GLU B 31 -14.63 23.12 9.10
C GLU B 31 -13.25 22.50 9.24
N MET B 32 -13.19 21.17 9.21
CA MET B 32 -11.91 20.48 9.30
C MET B 32 -10.99 20.92 8.18
N PHE B 33 -11.47 20.90 6.93
CA PHE B 33 -10.64 21.34 5.81
C PHE B 33 -10.22 22.80 5.98
N ASP B 34 -11.09 23.64 6.55
CA ASP B 34 -10.76 25.06 6.70
C ASP B 34 -9.67 25.27 7.75
N ARG B 35 -9.69 24.49 8.84
CA ARG B 35 -8.62 24.57 9.83
C ARG B 35 -7.31 23.98 9.30
N HIS B 36 -7.35 22.84 8.62
CA HIS B 36 -6.14 22.04 8.39
C HIS B 36 -5.60 22.07 6.97
N VAL B 37 -6.40 21.71 5.97
CA VAL B 37 -6.00 21.84 4.58
C VAL B 37 -5.75 23.30 4.21
N VAL B 38 -6.77 24.14 4.40
CA VAL B 38 -6.75 25.60 4.47
C VAL B 38 -7.07 26.20 3.11
N THR B 39 -6.23 26.00 2.10
CA THR B 39 -6.55 26.60 0.82
C THR B 39 -7.36 25.64 -0.03
N ARG B 40 -8.14 26.20 -0.95
CA ARG B 40 -9.27 25.47 -1.48
C ARG B 40 -9.04 25.00 -2.90
N PRO B 41 -9.36 23.74 -3.18
CA PRO B 41 -9.04 23.15 -4.48
C PRO B 41 -9.60 23.98 -5.62
N THR B 42 -8.96 23.85 -6.77
CA THR B 42 -9.33 24.58 -7.96
C THR B 42 -10.09 23.63 -8.87
N LYS B 43 -10.75 24.16 -9.88
CA LYS B 43 -11.32 23.31 -10.91
C LYS B 43 -10.46 23.40 -12.17
N VAL B 44 -10.07 22.24 -12.71
CA VAL B 44 -9.45 22.20 -14.03
C VAL B 44 -10.52 22.52 -15.06
N GLU B 45 -10.22 23.45 -15.97
CA GLU B 45 -11.20 23.93 -16.95
C GLU B 45 -10.93 23.28 -18.30
N LEU B 46 -11.84 22.42 -18.73
CA LEU B 46 -11.72 21.79 -20.04
C LEU B 46 -12.41 22.63 -21.11
N THR B 47 -11.77 22.71 -22.28
CA THR B 47 -12.41 23.26 -23.46
C THR B 47 -13.48 22.32 -23.96
N ASP B 48 -14.54 22.92 -24.52
CA ASP B 48 -15.51 22.19 -25.32
C ASP B 48 -14.88 21.01 -26.05
N ALA B 49 -13.82 21.27 -26.82
CA ALA B 49 -13.14 20.22 -27.56
C ALA B 49 -12.55 19.17 -26.63
N GLU B 50 -11.76 19.62 -25.65
CA GLU B 50 -11.11 18.69 -24.74
C GLU B 50 -12.11 17.75 -24.08
N LEU B 51 -13.25 18.28 -23.62
CA LEU B 51 -14.23 17.43 -22.94
C LEU B 51 -14.89 16.45 -23.91
N ARG B 52 -15.29 16.95 -25.09
CA ARG B 52 -15.76 16.08 -26.17
C ARG B 52 -14.77 14.94 -26.45
N GLU B 53 -13.48 15.27 -26.61
CA GLU B 53 -12.47 14.25 -26.84
C GLU B 53 -12.51 13.19 -25.74
N VAL B 54 -12.56 13.64 -24.49
CA VAL B 54 -12.55 12.73 -23.35
C VAL B 54 -13.74 11.76 -23.43
N ILE B 55 -14.94 12.29 -23.60
CA ILE B 55 -16.11 11.43 -23.58
C ILE B 55 -16.12 10.49 -24.78
N ASP B 56 -15.75 10.99 -25.97
CA ASP B 56 -15.65 10.13 -27.15
C ASP B 56 -14.73 8.93 -26.87
N ASP B 57 -13.65 9.15 -26.09
CA ASP B 57 -12.73 8.06 -25.75
C ASP B 57 -13.31 7.10 -24.73
N CYS B 58 -14.02 7.63 -23.71
CA CYS B 58 -14.68 6.76 -22.75
C CYS B 58 -15.67 5.84 -23.44
N ASN B 59 -16.48 6.39 -24.35
CA ASN B 59 -17.45 5.57 -25.06
C ASN B 59 -16.77 4.47 -25.85
N ALA B 60 -15.65 4.79 -26.51
CA ALA B 60 -14.96 3.78 -27.30
C ALA B 60 -14.50 2.63 -26.41
N ALA B 61 -13.98 2.96 -25.22
CA ALA B 61 -13.40 1.95 -24.35
C ALA B 61 -14.45 0.96 -23.84
N VAL B 62 -15.63 1.44 -23.48
CA VAL B 62 -16.65 0.57 -22.90
C VAL B 62 -17.66 0.09 -23.93
N ALA B 63 -17.59 0.58 -25.16
CA ALA B 63 -18.56 0.22 -26.20
C ALA B 63 -18.73 -1.28 -26.40
N PRO B 64 -17.69 -2.12 -26.37
CA PRO B 64 -17.94 -3.56 -26.56
C PRO B 64 -18.56 -4.25 -25.37
N LEU B 65 -18.52 -3.66 -24.16
CA LEU B 65 -19.11 -4.34 -23.03
C LEU B 65 -20.64 -4.32 -23.03
N GLY B 66 -21.27 -3.65 -24.00
CA GLY B 66 -22.70 -3.76 -24.21
C GLY B 66 -23.57 -2.84 -23.38
N LYS B 67 -23.02 -1.78 -22.80
CA LYS B 67 -23.79 -0.87 -21.97
C LYS B 67 -23.50 0.56 -22.40
N THR B 68 -24.55 1.29 -22.78
CA THR B 68 -24.41 2.69 -23.18
C THR B 68 -24.40 3.58 -21.95
N VAL B 69 -23.50 4.57 -21.96
CA VAL B 69 -23.34 5.51 -20.86
C VAL B 69 -23.64 6.91 -21.39
N SER B 70 -24.51 7.64 -20.70
CA SER B 70 -24.89 8.97 -21.12
C SER B 70 -23.79 9.98 -20.80
N ASP B 71 -23.78 11.10 -21.55
CA ASP B 71 -22.87 12.18 -21.23
C ASP B 71 -23.07 12.67 -19.80
N GLU B 72 -24.31 12.71 -19.31
CA GLU B 72 -24.57 13.10 -17.93
C GLU B 72 -23.82 12.19 -16.95
N ARG B 73 -23.84 10.88 -17.19
CA ARG B 73 -23.13 9.95 -16.33
C ARG B 73 -21.63 10.15 -16.43
N TRP B 74 -21.08 10.22 -17.65
CA TRP B 74 -19.66 10.48 -17.83
C TRP B 74 -19.24 11.74 -17.09
N ILE B 75 -20.04 12.81 -17.18
CA ILE B 75 -19.65 14.06 -16.56
C ILE B 75 -19.69 13.93 -15.04
N SER B 76 -20.60 13.11 -14.53
CA SER B 76 -20.56 12.78 -13.11
C SER B 76 -19.24 12.12 -12.74
N TYR B 77 -18.88 11.04 -13.43
CA TYR B 77 -17.62 10.35 -13.16
C TYR B 77 -16.43 11.30 -13.26
N VAL B 78 -16.40 12.16 -14.29
CA VAL B 78 -15.19 12.87 -14.62
C VAL B 78 -14.90 14.01 -13.65
N GLY B 79 -15.94 14.53 -12.96
CA GLY B 79 -15.75 15.69 -12.08
C GLY B 79 -14.69 15.49 -11.02
N VAL B 80 -14.48 14.26 -10.55
CA VAL B 80 -13.48 14.04 -9.50
C VAL B 80 -12.10 14.39 -10.02
N VAL B 81 -11.83 14.10 -11.29
CA VAL B 81 -10.53 14.47 -11.84
C VAL B 81 -10.45 15.99 -12.00
N LEU B 82 -11.54 16.62 -12.45
CA LEU B 82 -11.52 18.07 -12.67
C LEU B 82 -11.31 18.83 -11.36
N TRP B 83 -11.87 18.33 -10.25
CA TRP B 83 -11.75 19.02 -8.96
C TRP B 83 -10.56 18.58 -8.12
N SER B 84 -10.04 17.38 -8.30
CA SER B 84 -9.13 16.82 -7.30
C SER B 84 -7.70 16.70 -7.78
N GLN B 85 -7.38 17.17 -8.97
CA GLN B 85 -5.98 17.31 -9.36
C GLN B 85 -5.48 18.66 -8.84
N SER B 86 -4.31 19.09 -9.29
CA SER B 86 -3.69 20.33 -8.82
C SER B 86 -3.38 21.21 -10.02
N PRO B 87 -4.32 22.06 -10.45
CA PRO B 87 -4.14 22.78 -11.72
C PRO B 87 -2.89 23.63 -11.77
N ARG B 88 -2.47 24.22 -10.65
CA ARG B 88 -1.32 25.10 -10.73
C ARG B 88 -0.07 24.33 -11.13
N HIS B 89 0.03 23.04 -10.77
CA HIS B 89 1.20 22.22 -10.99
C HIS B 89 1.12 21.39 -12.27
N ILE B 90 0.02 21.46 -13.02
CA ILE B 90 -0.08 20.64 -14.22
C ILE B 90 1.04 21.03 -15.17
N LYS B 91 1.72 20.02 -15.71
CA LYS B 91 2.70 20.24 -16.77
C LYS B 91 2.35 19.50 -18.05
N ASP B 92 1.44 18.54 -18.02
CA ASP B 92 1.15 17.70 -19.18
C ASP B 92 -0.35 17.43 -19.24
N MET B 93 -1.02 18.00 -20.25
CA MET B 93 -2.47 17.83 -20.39
C MET B 93 -2.85 16.54 -21.10
N GLU B 94 -1.96 15.91 -21.85
CA GLU B 94 -2.25 14.57 -22.36
C GLU B 94 -2.42 13.57 -21.23
N ALA B 95 -1.48 13.55 -20.28
CA ALA B 95 -1.63 12.72 -19.09
C ALA B 95 -2.88 13.09 -18.31
N PHE B 96 -3.18 14.39 -18.21
CA PHE B 96 -4.39 14.79 -17.50
C PHE B 96 -5.62 14.19 -18.18
N LYS B 97 -5.69 14.29 -19.51
CA LYS B 97 -6.78 13.67 -20.26
C LYS B 97 -6.83 12.16 -20.06
N ALA B 98 -5.67 11.49 -20.08
CA ALA B 98 -5.63 10.06 -19.79
C ALA B 98 -6.31 9.75 -18.46
N VAL B 99 -6.02 10.54 -17.43
CA VAL B 99 -6.60 10.25 -16.12
C VAL B 99 -8.12 10.46 -16.16
N CYS B 100 -8.59 11.47 -16.89
CA CYS B 100 -10.03 11.63 -17.09
C CYS B 100 -10.64 10.36 -17.69
N VAL B 101 -10.05 9.86 -18.77
CA VAL B 101 -10.62 8.67 -19.40
C VAL B 101 -10.52 7.46 -18.48
N LEU B 102 -9.32 7.22 -17.94
CA LEU B 102 -9.09 6.01 -17.16
C LEU B 102 -9.95 5.99 -15.90
N ASN B 103 -10.03 7.13 -15.21
CA ASN B 103 -10.97 7.26 -14.09
C ASN B 103 -12.37 6.87 -14.51
N CYS B 104 -12.87 7.41 -15.64
CA CYS B 104 -14.28 7.25 -15.98
C CYS B 104 -14.61 5.81 -16.35
N VAL B 105 -13.80 5.16 -17.17
CA VAL B 105 -14.20 3.85 -17.65
C VAL B 105 -14.09 2.79 -16.55
N THR B 106 -13.15 2.97 -15.61
CA THR B 106 -13.10 2.03 -14.50
C THR B 106 -14.17 2.35 -13.45
N PHE B 107 -14.66 3.59 -13.42
CA PHE B 107 -15.86 3.89 -12.65
C PHE B 107 -17.06 3.09 -13.17
N VAL B 108 -17.21 3.02 -14.50
CA VAL B 108 -18.24 2.17 -15.10
C VAL B 108 -18.09 0.73 -14.62
N TRP B 109 -16.86 0.21 -14.70
CA TRP B 109 -16.56 -1.14 -14.21
C TRP B 109 -16.99 -1.32 -12.76
N ASP B 110 -16.75 -0.29 -11.94
CA ASP B 110 -17.13 -0.31 -10.52
C ASP B 110 -18.64 -0.48 -10.34
N ASP B 111 -19.44 0.14 -11.21
CA ASP B 111 -20.90 0.13 -11.10
C ASP B 111 -21.55 -1.08 -11.78
N MET B 112 -20.78 -1.87 -12.52
CA MET B 112 -21.35 -2.93 -13.36
C MET B 112 -21.55 -4.24 -12.59
N ASP B 113 -22.59 -4.96 -13.01
CA ASP B 113 -22.72 -6.38 -12.71
C ASP B 113 -21.38 -7.10 -12.88
N PRO B 114 -21.01 -8.01 -11.98
CA PRO B 114 -19.76 -8.74 -12.20
C PRO B 114 -19.84 -9.77 -13.32
N ALA B 115 -21.03 -10.28 -13.65
CA ALA B 115 -21.18 -11.05 -14.89
C ALA B 115 -20.99 -10.17 -16.12
N LEU B 116 -21.20 -8.87 -16.01
CA LEU B 116 -20.98 -7.95 -17.13
C LEU B 116 -19.52 -7.72 -17.42
N HIS B 117 -18.64 -8.08 -16.49
CA HIS B 117 -17.20 -7.87 -16.61
C HIS B 117 -16.68 -8.84 -17.65
N ASP B 118 -16.01 -8.33 -18.67
CA ASP B 118 -15.36 -9.19 -19.65
C ASP B 118 -13.91 -8.73 -19.83
N PHE B 119 -13.00 -9.40 -19.13
CA PHE B 119 -11.59 -9.00 -19.17
C PHE B 119 -11.03 -9.09 -20.59
N GLY B 120 -11.43 -10.12 -21.33
CA GLY B 120 -10.95 -10.24 -22.71
C GLY B 120 -11.43 -9.12 -23.60
N LEU B 121 -12.58 -8.53 -23.26
CA LEU B 121 -13.07 -7.42 -24.09
C LEU B 121 -12.64 -6.06 -23.54
N PHE B 122 -12.34 -5.96 -22.25
CA PHE B 122 -12.06 -4.66 -21.66
C PHE B 122 -10.57 -4.35 -21.54
N LEU B 123 -9.75 -5.32 -21.10
CA LEU B 123 -8.33 -5.03 -20.93
C LEU B 123 -7.64 -4.49 -22.17
N PRO B 124 -7.89 -4.99 -23.40
CA PRO B 124 -7.29 -4.34 -24.58
C PRO B 124 -7.72 -2.90 -24.78
N GLN B 125 -8.94 -2.53 -24.40
CA GLN B 125 -9.37 -1.12 -24.48
C GLN B 125 -8.54 -0.26 -23.54
N LEU B 126 -8.36 -0.72 -22.29
CA LEU B 126 -7.56 0.04 -21.33
C LEU B 126 -6.13 0.17 -21.83
N ARG B 127 -5.62 -0.85 -22.51
CA ARG B 127 -4.26 -0.78 -23.00
C ARG B 127 -4.14 0.23 -24.15
N LYS B 128 -5.10 0.24 -25.07
CA LYS B 128 -5.03 1.20 -26.16
C LYS B 128 -5.14 2.63 -25.63
N ILE B 129 -5.87 2.84 -24.53
CA ILE B 129 -5.94 4.18 -23.93
C ILE B 129 -4.57 4.61 -23.42
N CYS B 130 -3.93 3.75 -22.62
CA CYS B 130 -2.63 4.10 -22.05
C CYS B 130 -1.61 4.37 -23.15
N GLU B 131 -1.60 3.52 -24.17
CA GLU B 131 -0.57 3.67 -25.20
C GLU B 131 -0.81 4.91 -26.05
N LYS B 132 -2.00 5.52 -25.96
CA LYS B 132 -2.31 6.69 -26.78
C LYS B 132 -1.89 8.00 -26.09
N TYR B 133 -1.83 8.02 -24.75
CA TYR B 133 -1.57 9.26 -24.02
C TYR B 133 -0.28 9.26 -23.21
N TYR B 134 0.33 8.10 -22.97
CA TYR B 134 1.58 8.02 -22.24
C TYR B 134 2.69 7.46 -23.14
N GLY B 135 3.94 7.57 -22.67
CA GLY B 135 5.05 6.95 -23.35
C GLY B 135 5.22 5.51 -22.94
N PRO B 136 6.33 4.89 -23.33
CA PRO B 136 6.64 3.53 -22.81
C PRO B 136 6.62 3.41 -21.30
N GLU B 137 7.48 4.14 -20.59
CA GLU B 137 7.56 3.99 -19.14
C GLU B 137 6.26 4.43 -18.45
N ASP B 138 5.67 5.53 -18.90
CA ASP B 138 4.44 6.00 -18.24
C ASP B 138 3.25 5.10 -18.55
N ALA B 139 3.17 4.57 -19.78
CA ALA B 139 2.02 3.72 -20.14
C ALA B 139 2.08 2.36 -19.45
N GLU B 140 3.28 1.79 -19.32
CA GLU B 140 3.38 0.50 -18.65
C GLU B 140 2.98 0.61 -17.19
N VAL B 141 3.22 1.76 -16.56
CA VAL B 141 2.87 1.91 -15.15
C VAL B 141 1.38 2.18 -15.01
N ALA B 142 0.79 2.92 -15.95
CA ALA B 142 -0.62 3.27 -15.84
C ALA B 142 -1.50 2.08 -16.21
N TYR B 143 -1.14 1.32 -17.26
CA TYR B 143 -1.89 0.12 -17.58
C TYR B 143 -1.85 -0.90 -16.44
N GLU B 144 -0.66 -1.14 -15.86
CA GLU B 144 -0.60 -2.08 -14.73
C GLU B 144 -1.52 -1.65 -13.59
N ALA B 145 -1.50 -0.37 -13.26
CA ALA B 145 -2.35 0.10 -12.16
C ALA B 145 -3.82 -0.04 -12.52
N ALA B 146 -4.21 0.28 -13.77
CA ALA B 146 -5.60 0.12 -14.17
C ALA B 146 -5.99 -1.36 -14.20
N ARG B 147 -5.14 -2.19 -14.78
CA ARG B 147 -5.32 -3.65 -14.78
C ARG B 147 -5.53 -4.16 -13.37
N ALA B 148 -4.63 -3.81 -12.45
CA ALA B 148 -4.75 -4.30 -11.07
C ALA B 148 -6.03 -3.80 -10.42
N PHE B 149 -6.44 -2.55 -10.70
CA PHE B 149 -7.68 -2.08 -10.09
C PHE B 149 -8.88 -2.86 -10.62
N VAL B 150 -9.01 -3.03 -11.94
CA VAL B 150 -10.22 -3.69 -12.41
C VAL B 150 -10.20 -5.17 -12.04
N THR B 151 -9.02 -5.75 -11.89
CA THR B 151 -8.94 -7.13 -11.41
C THR B 151 -9.36 -7.23 -9.94
N SER B 152 -8.94 -6.26 -9.11
CA SER B 152 -9.30 -6.26 -7.71
C SER B 152 -10.81 -6.05 -7.53
N ASP B 153 -11.36 -5.03 -8.20
CA ASP B 153 -12.80 -4.77 -8.05
C ASP B 153 -13.60 -6.02 -8.42
N HIS B 154 -13.11 -6.80 -9.39
CA HIS B 154 -13.79 -8.04 -9.77
C HIS B 154 -13.50 -9.17 -8.81
N MET B 155 -12.22 -9.40 -8.50
CA MET B 155 -11.79 -10.52 -7.65
C MET B 155 -12.41 -10.46 -6.27
N PHE B 156 -12.81 -9.27 -5.81
CA PHE B 156 -13.32 -9.14 -4.46
C PHE B 156 -14.84 -9.14 -4.37
N ARG B 157 -15.56 -9.17 -5.48
CA ARG B 157 -17.02 -9.08 -5.42
C ARG B 157 -17.62 -10.20 -4.58
N ASP B 158 -17.00 -11.38 -4.61
CA ASP B 158 -17.50 -12.42 -3.70
C ASP B 158 -16.40 -13.13 -2.93
N SER B 159 -15.53 -12.33 -2.29
CA SER B 159 -14.52 -12.87 -1.41
C SER B 159 -14.90 -12.73 0.07
N PRO B 160 -14.78 -13.81 0.81
CA PRO B 160 -14.69 -13.69 2.28
C PRO B 160 -13.53 -12.80 2.71
N ILE B 161 -12.53 -12.57 1.86
CA ILE B 161 -11.48 -11.62 2.21
C ILE B 161 -12.08 -10.24 2.38
N LYS B 162 -12.97 -9.86 1.47
CA LYS B 162 -13.63 -8.56 1.61
C LYS B 162 -14.41 -8.45 2.90
N ALA B 163 -15.22 -9.45 3.20
CA ALA B 163 -16.00 -9.44 4.45
C ALA B 163 -15.08 -9.34 5.66
N ALA B 164 -13.99 -10.13 5.67
CA ALA B 164 -13.09 -10.08 6.81
C ALA B 164 -12.50 -8.69 7.00
N LEU B 165 -11.90 -8.12 5.95
CA LEU B 165 -11.29 -6.81 6.11
C LEU B 165 -12.36 -5.74 6.45
N CYS B 166 -13.50 -5.78 5.77
CA CYS B 166 -14.53 -4.76 5.95
C CYS B 166 -15.34 -4.90 7.24
N THR B 167 -15.16 -5.97 8.00
CA THR B 167 -15.95 -6.09 9.21
C THR B 167 -15.11 -6.15 10.49
N THR B 168 -13.77 -6.11 10.38
CA THR B 168 -12.92 -6.31 11.56
C THR B 168 -12.60 -5.01 12.28
N SER B 169 -11.87 -4.09 11.64
CA SER B 169 -11.47 -2.84 12.28
C SER B 169 -11.36 -1.75 11.22
N PRO B 170 -11.30 -0.48 11.62
CA PRO B 170 -10.99 0.56 10.62
C PRO B 170 -9.66 0.33 9.93
N GLU B 171 -8.66 -0.16 10.65
CA GLU B 171 -7.34 -0.39 10.09
C GLU B 171 -7.35 -1.49 9.02
N GLN B 172 -8.10 -2.58 9.24
CA GLN B 172 -8.18 -3.59 8.17
C GLN B 172 -8.92 -3.03 6.97
N TYR B 173 -9.99 -2.29 7.23
CA TYR B 173 -10.81 -1.75 6.15
C TYR B 173 -10.01 -0.79 5.27
N PHE B 174 -9.33 0.18 5.88
CA PHE B 174 -8.61 1.17 5.09
C PHE B 174 -7.46 0.52 4.32
N ARG B 175 -6.89 -0.55 4.88
CA ARG B 175 -5.90 -1.32 4.15
C ARG B 175 -6.48 -1.86 2.84
N PHE B 176 -7.71 -2.37 2.87
CA PHE B 176 -8.37 -2.82 1.64
C PHE B 176 -8.56 -1.66 0.66
N ARG B 177 -8.90 -0.47 1.18
CA ARG B 177 -9.30 0.62 0.31
C ARG B 177 -8.11 1.31 -0.36
N VAL B 178 -6.89 1.09 0.11
CA VAL B 178 -5.73 1.66 -0.60
C VAL B 178 -5.81 1.31 -2.07
N THR B 179 -6.22 0.07 -2.36
CA THR B 179 -6.43 -0.38 -3.73
C THR B 179 -7.88 -0.18 -4.17
N ASP B 180 -8.83 -0.60 -3.34
CA ASP B 180 -10.20 -0.71 -3.80
C ASP B 180 -10.84 0.64 -4.10
N ILE B 181 -10.47 1.71 -3.40
CA ILE B 181 -11.02 3.01 -3.79
C ILE B 181 -10.26 3.62 -4.95
N GLY B 182 -9.31 2.90 -5.55
CA GLY B 182 -8.66 3.36 -6.76
C GLY B 182 -7.58 4.41 -6.57
N VAL B 183 -7.22 4.75 -5.33
CA VAL B 183 -6.27 5.85 -5.15
C VAL B 183 -4.85 5.44 -5.54
N ASP B 184 -4.45 4.19 -5.30
CA ASP B 184 -3.12 3.79 -5.77
C ASP B 184 -3.04 3.91 -7.27
N PHE B 185 -4.07 3.42 -7.96
CA PHE B 185 -4.20 3.55 -9.41
C PHE B 185 -4.13 5.02 -9.81
N TRP B 186 -4.92 5.86 -9.16
CA TRP B 186 -4.92 7.29 -9.38
C TRP B 186 -3.52 7.89 -9.37
N MET B 187 -2.75 7.59 -8.31
CA MET B 187 -1.42 8.17 -8.20
C MET B 187 -0.52 7.69 -9.33
N LYS B 188 -0.62 6.40 -9.68
CA LYS B 188 0.29 5.83 -10.66
C LYS B 188 -0.07 6.26 -12.08
N MET B 189 -1.26 6.79 -12.31
CA MET B 189 -1.56 7.37 -13.61
C MET B 189 -1.49 8.90 -13.64
N SER B 190 -1.44 9.55 -12.47
CA SER B 190 -1.40 11.00 -12.37
C SER B 190 0.01 11.58 -12.28
N TYR B 191 1.01 10.81 -11.85
CA TYR B 191 2.33 11.43 -11.72
C TYR B 191 2.87 11.99 -13.05
N PRO B 192 2.59 11.42 -14.22
CA PRO B 192 3.05 12.10 -15.45
C PRO B 192 2.43 13.49 -15.66
N ILE B 193 1.34 13.81 -14.96
CA ILE B 193 0.75 15.14 -15.08
C ILE B 193 1.71 16.20 -14.57
N TYR B 194 2.44 15.87 -13.50
CA TYR B 194 3.22 16.84 -12.73
C TYR B 194 4.72 16.76 -13.02
N ARG B 195 5.21 15.60 -13.45
CA ARG B 195 6.63 15.38 -13.75
C ARG B 195 7.51 15.99 -12.66
N HIS B 196 7.17 15.65 -11.42
CA HIS B 196 7.86 16.14 -10.24
C HIS B 196 8.51 14.94 -9.57
N PRO B 197 9.84 14.83 -9.57
CA PRO B 197 10.49 13.57 -9.18
C PRO B 197 10.05 13.02 -7.84
N GLU B 198 10.03 13.84 -6.78
CA GLU B 198 9.57 13.35 -5.47
C GLU B 198 8.15 12.79 -5.54
N PHE B 199 7.25 13.48 -6.23
CA PHE B 199 5.88 12.98 -6.33
C PHE B 199 5.83 11.68 -7.09
N THR B 200 6.61 11.58 -8.16
CA THR B 200 6.70 10.34 -8.92
C THR B 200 7.16 9.19 -8.03
N GLU B 201 8.14 9.43 -7.15
CA GLU B 201 8.59 8.33 -6.30
C GLU B 201 7.50 7.95 -5.29
N HIS B 202 6.85 8.92 -4.66
CA HIS B 202 5.80 8.60 -3.68
C HIS B 202 4.64 7.86 -4.35
N ALA B 203 4.38 8.15 -5.63
CA ALA B 203 3.37 7.40 -6.36
C ALA B 203 3.83 5.96 -6.57
N LYS B 204 5.08 5.77 -6.97
CA LYS B 204 5.54 4.43 -7.30
C LYS B 204 5.71 3.54 -6.08
N THR B 205 6.03 4.10 -4.92
CA THR B 205 6.07 3.30 -3.69
C THR B 205 4.69 3.07 -3.09
N SER B 206 3.68 3.80 -3.56
CA SER B 206 2.32 3.83 -3.02
C SER B 206 2.22 4.54 -1.68
N LEU B 207 3.32 5.13 -1.17
CA LEU B 207 3.20 5.98 0.00
C LEU B 207 2.21 7.14 -0.25
N ALA B 208 2.19 7.63 -1.49
CA ALA B 208 1.22 8.68 -1.85
C ALA B 208 -0.20 8.20 -1.61
N ALA B 209 -0.52 7.01 -2.10
CA ALA B 209 -1.84 6.44 -1.88
C ALA B 209 -2.10 6.17 -0.41
N ARG B 210 -1.11 5.65 0.30
CA ARG B 210 -1.35 5.33 1.72
C ARG B 210 -1.61 6.60 2.53
N MET B 211 -1.02 7.74 2.14
CA MET B 211 -1.26 8.98 2.88
C MET B 211 -2.67 9.54 2.65
N THR B 212 -3.27 9.25 1.50
CA THR B 212 -4.52 9.91 1.11
C THR B 212 -5.74 9.01 1.20
N THR B 213 -5.54 7.72 1.48
CA THR B 213 -6.64 6.76 1.46
C THR B 213 -7.75 7.13 2.44
N ARG B 214 -7.39 7.46 3.69
CA ARG B 214 -8.44 7.68 4.67
C ARG B 214 -9.26 8.93 4.35
N GLY B 215 -8.59 10.00 3.95
CA GLY B 215 -9.31 11.23 3.62
C GLY B 215 -10.26 11.05 2.48
N LEU B 216 -9.85 10.32 1.44
CA LEU B 216 -10.75 10.03 0.33
C LEU B 216 -11.89 9.13 0.77
N THR B 217 -11.54 8.05 1.48
CA THR B 217 -12.51 6.99 1.75
C THR B 217 -13.57 7.43 2.76
N ILE B 218 -13.15 8.12 3.82
CA ILE B 218 -14.12 8.51 4.84
C ILE B 218 -15.19 9.39 4.21
N VAL B 219 -14.77 10.33 3.37
CA VAL B 219 -15.71 11.21 2.67
C VAL B 219 -16.58 10.40 1.71
N ASN B 220 -15.97 9.56 0.87
CA ASN B 220 -16.77 8.77 -0.06
C ASN B 220 -17.77 7.91 0.69
N ASP B 221 -17.32 7.25 1.76
CA ASP B 221 -18.19 6.34 2.49
C ASP B 221 -19.40 7.06 3.08
N PHE B 222 -19.17 8.25 3.64
CA PHE B 222 -20.29 8.93 4.28
C PHE B 222 -21.38 9.23 3.25
N TYR B 223 -20.99 9.75 2.11
CA TYR B 223 -21.96 10.21 1.15
C TYR B 223 -22.48 9.11 0.22
N SER B 224 -21.82 7.93 0.18
CA SER B 224 -22.33 6.82 -0.62
C SER B 224 -22.97 5.74 0.24
N TYR B 225 -23.06 5.95 1.55
CA TYR B 225 -23.58 4.93 2.47
C TYR B 225 -24.99 4.48 2.10
N ASP B 226 -25.89 5.43 1.85
CA ASP B 226 -27.28 5.04 1.61
C ASP B 226 -27.40 4.17 0.38
N ARG B 227 -26.71 4.52 -0.70
CA ARG B 227 -26.77 3.73 -1.92
C ARG B 227 -26.17 2.34 -1.69
N GLU B 228 -24.99 2.29 -1.08
CA GLU B 228 -24.30 1.01 -0.94
C GLU B 228 -25.06 0.05 -0.04
N VAL B 229 -25.65 0.57 1.03
CA VAL B 229 -26.44 -0.30 1.90
C VAL B 229 -27.68 -0.83 1.17
N SER B 230 -28.30 -0.01 0.30
CA SER B 230 -29.46 -0.52 -0.43
C SER B 230 -29.07 -1.50 -1.52
N LEU B 231 -27.78 -1.71 -1.75
CA LEU B 231 -27.30 -2.66 -2.75
C LEU B 231 -26.59 -3.87 -2.15
N GLY B 232 -26.48 -3.96 -0.83
CA GLY B 232 -25.63 -4.99 -0.25
C GLY B 232 -24.16 -4.81 -0.56
N GLN B 233 -23.64 -3.59 -0.50
CA GLN B 233 -22.23 -3.36 -0.72
C GLN B 233 -21.54 -3.11 0.62
N ILE B 234 -20.64 -4.01 0.99
CA ILE B 234 -20.10 -4.01 2.34
C ILE B 234 -18.95 -3.04 2.51
N THR B 235 -18.46 -2.45 1.42
CA THR B 235 -17.20 -1.71 1.46
C THR B 235 -17.48 -0.25 1.86
N ASN B 236 -17.69 -0.06 3.17
CA ASN B 236 -18.04 1.25 3.72
C ASN B 236 -17.77 1.28 5.22
N CYS B 237 -16.90 2.18 5.68
CA CYS B 237 -16.47 2.14 7.08
C CYS B 237 -17.59 2.45 8.06
N PHE B 238 -18.64 3.18 7.65
CA PHE B 238 -19.69 3.46 8.61
C PHE B 238 -20.55 2.25 8.93
N ARG B 239 -20.39 1.15 8.20
CA ARG B 239 -20.96 -0.11 8.63
C ARG B 239 -20.25 -0.68 9.85
N LEU B 240 -19.07 -0.16 10.20
CA LEU B 240 -18.40 -0.59 11.42
C LEU B 240 -19.00 -0.01 12.70
N CYS B 241 -19.85 1.02 12.59
CA CYS B 241 -20.52 1.55 13.77
C CYS B 241 -22.01 1.33 13.61
N ASP B 242 -22.74 1.65 14.67
CA ASP B 242 -24.20 1.56 14.66
C ASP B 242 -24.73 2.94 14.30
N VAL B 243 -24.98 3.17 13.01
CA VAL B 243 -25.44 4.48 12.58
C VAL B 243 -26.82 4.83 13.11
N SER B 244 -27.58 3.86 13.62
CA SER B 244 -28.89 4.19 14.19
C SER B 244 -28.79 4.77 15.59
N ASP B 245 -27.62 4.72 16.21
CA ASP B 245 -27.39 5.19 17.56
C ASP B 245 -26.54 6.44 17.43
N GLU B 246 -27.17 7.62 17.65
CA GLU B 246 -26.50 8.89 17.38
C GLU B 246 -25.20 9.01 18.18
N THR B 247 -25.20 8.57 19.43
CA THR B 247 -23.99 8.69 20.25
C THR B 247 -22.88 7.78 19.73
N ALA B 248 -23.21 6.55 19.34
CA ALA B 248 -22.19 5.71 18.74
C ALA B 248 -21.70 6.29 17.42
N PHE B 249 -22.62 6.82 16.61
CA PHE B 249 -22.23 7.40 15.33
C PHE B 249 -21.31 8.59 15.52
N LYS B 250 -21.66 9.52 16.41
CA LYS B 250 -20.84 10.72 16.54
C LYS B 250 -19.45 10.39 17.09
N GLU B 251 -19.35 9.40 17.98
CA GLU B 251 -18.02 8.99 18.44
C GLU B 251 -17.20 8.43 17.28
N PHE B 252 -17.80 7.56 16.49
CA PHE B 252 -17.12 6.98 15.34
C PHE B 252 -16.74 8.06 14.33
N PHE B 253 -17.67 8.98 14.08
CA PHE B 253 -17.38 10.03 13.12
C PHE B 253 -16.23 10.91 13.60
N GLN B 254 -16.21 11.28 14.88
CA GLN B 254 -15.10 12.07 15.40
C GLN B 254 -13.78 11.29 15.29
N ALA B 255 -13.80 9.99 15.53
CA ALA B 255 -12.59 9.21 15.33
C ALA B 255 -12.13 9.28 13.86
N ARG B 256 -13.08 9.23 12.92
CA ARG B 256 -12.72 9.32 11.51
C ARG B 256 -12.19 10.72 11.16
N LEU B 257 -12.81 11.78 11.70
CA LEU B 257 -12.26 13.12 11.54
C LEU B 257 -10.81 13.19 12.03
N ASP B 258 -10.56 12.68 13.24
CA ASP B 258 -9.21 12.78 13.79
C ASP B 258 -8.23 11.96 12.94
N ASP B 259 -8.70 10.86 12.34
CA ASP B 259 -7.90 10.16 11.33
C ASP B 259 -7.48 11.10 10.20
N MET B 260 -8.47 11.82 9.65
CA MET B 260 -8.20 12.70 8.53
C MET B 260 -7.21 13.78 8.93
N ILE B 261 -7.41 14.36 10.11
CA ILE B 261 -6.55 15.44 10.60
C ILE B 261 -5.11 14.94 10.74
N GLU B 262 -4.95 13.76 11.34
CA GLU B 262 -3.59 13.25 11.50
C GLU B 262 -2.91 13.06 10.15
N ASP B 263 -3.62 12.49 9.17
CA ASP B 263 -3.05 12.33 7.83
C ASP B 263 -2.65 13.68 7.22
N ILE B 264 -3.54 14.66 7.32
CA ILE B 264 -3.25 15.97 6.74
C ILE B 264 -2.01 16.59 7.39
N GLU B 265 -1.84 16.39 8.70
CA GLU B 265 -0.68 17.01 9.37
C GLU B 265 0.63 16.35 8.97
N CYS B 266 0.65 15.04 8.80
CA CYS B 266 1.85 14.39 8.29
C CYS B 266 2.04 14.65 6.79
N ILE B 267 0.95 14.88 6.04
CA ILE B 267 1.12 15.28 4.64
C ILE B 267 1.88 16.60 4.55
N LYS B 268 1.73 17.49 5.55
CA LYS B 268 2.42 18.77 5.53
C LYS B 268 3.92 18.67 5.79
N ALA B 269 4.43 17.48 6.15
CA ALA B 269 5.87 17.26 6.16
C ALA B 269 6.46 17.04 4.76
N PHE B 270 5.63 16.65 3.78
CA PHE B 270 6.13 16.36 2.44
C PHE B 270 6.55 17.66 1.75
N ASP B 271 7.21 17.53 0.61
CA ASP B 271 7.69 18.71 -0.10
C ASP B 271 6.50 19.53 -0.58
N GLN B 272 6.80 20.68 -1.17
CA GLN B 272 5.77 21.68 -1.37
C GLN B 272 4.80 21.29 -2.48
N LEU B 273 5.30 20.80 -3.61
CA LEU B 273 4.41 20.38 -4.69
C LEU B 273 3.61 19.16 -4.27
N THR B 274 4.31 18.17 -3.70
CA THR B 274 3.64 16.94 -3.30
C THR B 274 2.51 17.22 -2.32
N GLN B 275 2.80 18.03 -1.30
CA GLN B 275 1.81 18.50 -0.34
C GLN B 275 0.56 19.04 -1.04
N ASP B 276 0.74 19.90 -2.04
CA ASP B 276 -0.39 20.53 -2.74
C ASP B 276 -1.25 19.48 -3.43
N VAL B 277 -0.60 18.53 -4.13
CA VAL B 277 -1.35 17.50 -4.85
C VAL B 277 -2.16 16.66 -3.86
N PHE B 278 -1.50 16.16 -2.80
CA PHE B 278 -2.21 15.32 -1.83
C PHE B 278 -3.42 16.03 -1.25
N LEU B 279 -3.26 17.29 -0.84
CA LEU B 279 -4.34 17.99 -0.16
C LEU B 279 -5.43 18.41 -1.15
N ASP B 280 -5.05 18.80 -2.36
CA ASP B 280 -6.07 19.10 -3.37
C ASP B 280 -6.86 17.84 -3.72
N LEU B 281 -6.21 16.67 -3.65
CA LEU B 281 -6.92 15.43 -3.92
C LEU B 281 -7.98 15.17 -2.86
N ILE B 282 -7.61 15.27 -1.59
CA ILE B 282 -8.56 14.98 -0.52
C ILE B 282 -9.67 16.02 -0.49
N TYR B 283 -9.30 17.29 -0.53
CA TYR B 283 -10.30 18.32 -0.37
C TYR B 283 -11.12 18.48 -1.66
N GLY B 284 -10.48 18.34 -2.82
CA GLY B 284 -11.24 18.32 -4.07
C GLY B 284 -12.24 17.19 -4.14
N ASN B 285 -11.87 16.01 -3.65
CA ASN B 285 -12.83 14.91 -3.65
C ASN B 285 -14.05 15.26 -2.82
N PHE B 286 -13.85 15.99 -1.73
CA PHE B 286 -14.97 16.39 -0.88
C PHE B 286 -15.88 17.39 -1.60
N VAL B 287 -15.27 18.36 -2.28
CA VAL B 287 -16.08 19.34 -3.01
C VAL B 287 -16.90 18.65 -4.10
N TRP B 288 -16.24 17.79 -4.89
CA TRP B 288 -16.92 17.04 -5.94
C TRP B 288 -18.01 16.15 -5.38
N THR B 289 -17.70 15.40 -4.31
CA THR B 289 -18.67 14.46 -3.75
C THR B 289 -19.93 15.19 -3.29
N THR B 290 -19.78 16.39 -2.75
CA THR B 290 -20.95 17.08 -2.21
C THR B 290 -21.78 17.79 -3.28
N SER B 291 -21.28 17.94 -4.52
CA SER B 291 -22.07 18.57 -5.59
C SER B 291 -22.66 17.61 -6.59
N ASN B 292 -22.40 16.32 -6.46
CA ASN B 292 -22.59 15.38 -7.55
C ASN B 292 -23.87 14.59 -7.31
N LYS B 293 -24.76 14.53 -8.31
CA LYS B 293 -25.99 13.74 -8.18
C LYS B 293 -25.68 12.31 -7.76
N ARG B 294 -24.54 11.79 -8.19
CA ARG B 294 -24.15 10.44 -7.84
C ARG B 294 -24.37 10.16 -6.37
N TYR B 295 -24.10 11.15 -5.51
CA TYR B 295 -24.09 10.95 -4.07
C TYR B 295 -25.31 11.56 -3.37
N LYS B 296 -26.14 12.32 -4.07
CA LYS B 296 -27.27 12.99 -3.44
C LYS B 296 -28.43 12.06 -3.12
N THR B 297 -28.74 11.10 -3.98
CA THR B 297 -29.69 10.06 -3.68
C THR B 297 -28.99 8.72 -3.69
N ALA B 298 -29.26 7.90 -2.66
CA ALA B 298 -29.21 6.45 -2.86
C ALA B 298 -30.08 6.07 -4.04
N VAL B 299 -29.58 5.18 -4.91
CA VAL B 299 -30.27 4.72 -6.11
C VAL B 299 -30.95 5.88 -6.84
N ASN B 300 -30.26 6.45 -7.82
CA ASN B 300 -30.89 7.34 -8.77
C ASN B 300 -30.38 6.97 -10.16
N ASP B 301 -30.97 7.56 -11.20
CA ASP B 301 -30.62 7.20 -12.57
C ASP B 301 -29.11 7.22 -12.83
N VAL B 302 -28.36 8.14 -12.22
CA VAL B 302 -26.95 8.35 -12.56
C VAL B 302 -26.00 7.47 -11.77
N ASN B 303 -26.41 6.86 -10.64
CA ASN B 303 -25.59 5.84 -9.98
C ASN B 303 -26.24 4.47 -10.07
N SER B 304 -27.21 4.30 -10.98
CA SER B 304 -28.24 3.27 -10.90
C SER B 304 -27.70 1.85 -10.80
N ARG B 305 -26.57 1.58 -11.50
CA ARG B 305 -25.86 0.29 -11.48
C ARG B 305 -26.10 -0.50 -12.77
N ILE B 306 -27.35 -0.57 -13.23
CA ILE B 306 -27.74 -1.25 -14.47
C ILE B 306 -27.18 -2.69 -14.48
N GLN B 307 -28.06 -3.65 -14.18
CA GLN B 307 -27.78 -4.72 -13.22
C GLN B 307 -28.41 -6.04 -13.60
N ALA B 308 -28.87 -6.77 -12.57
CA ALA B 308 -29.78 -7.92 -12.71
C ALA B 308 -31.12 -7.49 -13.32
N GLY A 14 18.86 2.11 31.08
CA GLY A 14 19.28 2.20 29.69
C GLY A 14 18.24 2.65 28.69
N ARG A 15 18.26 3.94 28.34
CA ARG A 15 17.33 4.56 27.40
C ARG A 15 17.52 4.07 25.95
N SER A 16 18.74 3.85 25.52
CA SER A 16 18.97 3.15 24.26
C SER A 16 18.87 1.62 24.41
N SER A 17 17.99 1.10 25.27
CA SER A 17 17.92 -0.36 25.35
C SER A 17 16.52 -0.87 25.70
N VAL A 18 16.20 -2.05 25.18
CA VAL A 18 15.05 -2.83 25.60
C VAL A 18 15.48 -4.14 26.26
N ARG A 19 16.71 -4.19 26.78
CA ARG A 19 17.23 -5.37 27.48
C ARG A 19 16.35 -5.87 28.62
N PRO A 20 15.70 -5.04 29.42
CA PRO A 20 14.92 -5.62 30.54
C PRO A 20 13.84 -6.58 30.08
N TYR A 21 13.38 -6.47 28.84
CA TYR A 21 12.20 -7.18 28.34
C TYR A 21 12.53 -8.35 27.42
N LEU A 22 13.80 -8.62 27.17
CA LEU A 22 14.17 -9.48 26.05
C LEU A 22 13.57 -10.89 26.20
N GLU A 23 13.73 -11.50 27.37
CA GLU A 23 13.23 -12.86 27.56
C GLU A 23 11.71 -12.90 27.55
N GLU A 24 11.05 -12.02 28.31
CA GLU A 24 9.58 -12.03 28.37
C GLU A 24 8.97 -11.78 26.99
N CYS A 25 9.47 -10.78 26.27
CA CYS A 25 8.90 -10.48 24.96
C CYS A 25 9.15 -11.61 23.97
N THR A 26 10.34 -12.23 24.01
CA THR A 26 10.57 -13.38 23.14
C THR A 26 9.55 -14.47 23.42
N ARG A 27 9.38 -14.80 24.72
CA ARG A 27 8.34 -15.73 25.14
C ARG A 27 6.96 -15.33 24.60
N ARG A 28 6.61 -14.05 24.75
CA ARG A 28 5.31 -13.54 24.32
C ARG A 28 5.09 -13.77 22.82
N PHE A 29 6.03 -13.33 21.99
CA PHE A 29 5.95 -13.54 20.54
C PHE A 29 5.71 -15.02 20.22
N GLN A 30 6.52 -15.91 20.78
CA GLN A 30 6.39 -17.32 20.45
C GLN A 30 5.03 -17.87 20.87
N GLU A 31 4.58 -17.51 22.08
CA GLU A 31 3.25 -17.93 22.53
C GLU A 31 2.18 -17.52 21.52
N MET A 32 2.29 -16.30 21.03
CA MET A 32 1.30 -15.77 20.10
C MET A 32 1.30 -16.58 18.80
N PHE A 33 2.49 -16.86 18.26
CA PHE A 33 2.56 -17.68 17.05
C PHE A 33 1.98 -19.08 17.27
N ASP A 34 2.25 -19.68 18.44
CA ASP A 34 1.78 -21.05 18.67
C ASP A 34 0.26 -21.10 18.79
N ARG A 35 -0.34 -20.03 19.30
CA ARG A 35 -1.78 -20.04 19.49
C ARG A 35 -2.53 -19.74 18.19
N HIS A 36 -1.96 -18.91 17.33
CA HIS A 36 -2.69 -18.42 16.17
C HIS A 36 -2.23 -19.04 14.86
N VAL A 37 -0.96 -19.41 14.75
CA VAL A 37 -0.40 -20.03 13.55
C VAL A 37 -0.08 -21.51 13.74
N VAL A 38 0.37 -21.89 14.94
CA VAL A 38 0.45 -23.28 15.39
C VAL A 38 1.54 -24.07 14.66
N THR A 39 1.29 -24.54 13.43
CA THR A 39 2.30 -25.27 12.68
C THR A 39 3.58 -24.45 12.52
N ARG A 40 4.72 -25.13 12.33
CA ARG A 40 6.05 -24.51 12.29
C ARG A 40 6.38 -23.97 10.89
N PRO A 41 7.20 -22.91 10.81
CA PRO A 41 7.81 -22.57 9.52
C PRO A 41 9.01 -23.47 9.26
N THR A 42 9.46 -23.51 8.01
CA THR A 42 10.42 -24.51 7.55
C THR A 42 11.61 -23.86 6.85
N LYS A 43 12.82 -24.34 7.12
CA LYS A 43 14.03 -23.76 6.58
C LYS A 43 14.39 -24.40 5.24
N VAL A 44 14.44 -23.60 4.18
CA VAL A 44 14.92 -24.08 2.88
C VAL A 44 16.38 -24.52 3.05
N GLU A 45 16.74 -25.61 2.37
CA GLU A 45 18.12 -26.11 2.41
C GLU A 45 18.74 -25.97 1.03
N LEU A 46 19.63 -25.01 0.88
CA LEU A 46 20.42 -24.84 -0.33
C LEU A 46 21.69 -25.69 -0.26
N THR A 47 22.03 -26.34 -1.37
CA THR A 47 23.33 -26.99 -1.48
C THR A 47 24.43 -25.93 -1.41
N ASP A 48 25.64 -26.35 -1.04
CA ASP A 48 26.74 -25.38 -1.00
C ASP A 48 26.99 -24.78 -2.38
N ALA A 49 26.61 -25.49 -3.45
CA ALA A 49 26.69 -24.91 -4.79
C ALA A 49 25.61 -23.86 -5.01
N GLU A 50 24.46 -24.03 -4.36
CA GLU A 50 23.43 -22.98 -4.40
C GLU A 50 23.88 -21.77 -3.59
N LEU A 51 24.49 -22.00 -2.42
CA LEU A 51 24.87 -20.89 -1.57
C LEU A 51 26.07 -20.15 -2.13
N ARG A 52 26.86 -20.83 -2.98
CA ARG A 52 27.98 -20.16 -3.61
C ARG A 52 27.55 -19.42 -4.86
N GLU A 53 26.54 -19.92 -5.58
CA GLU A 53 26.05 -19.17 -6.73
C GLU A 53 25.34 -17.88 -6.29
N VAL A 54 24.48 -17.97 -5.27
CA VAL A 54 23.82 -16.78 -4.75
C VAL A 54 24.87 -15.77 -4.27
N ILE A 55 25.83 -16.25 -3.47
CA ILE A 55 26.80 -15.35 -2.86
C ILE A 55 27.76 -14.80 -3.92
N ASP A 56 28.12 -15.60 -4.93
CA ASP A 56 28.87 -15.07 -6.05
C ASP A 56 28.16 -13.86 -6.67
N ASP A 57 26.86 -14.02 -6.95
CA ASP A 57 26.09 -12.93 -7.56
C ASP A 57 25.95 -11.72 -6.63
N CYS A 58 25.82 -11.97 -5.32
CA CYS A 58 25.81 -10.86 -4.37
C CYS A 58 27.12 -10.08 -4.41
N ASN A 59 28.25 -10.79 -4.39
CA ASN A 59 29.55 -10.12 -4.40
C ASN A 59 29.74 -9.33 -5.69
N ALA A 60 29.36 -9.93 -6.83
CA ALA A 60 29.45 -9.20 -8.09
C ALA A 60 28.56 -7.96 -8.08
N ALA A 61 27.40 -8.05 -7.41
CA ALA A 61 26.45 -6.94 -7.44
C ALA A 61 26.96 -5.74 -6.65
N VAL A 62 27.57 -5.98 -5.48
CA VAL A 62 27.99 -4.85 -4.65
C VAL A 62 29.45 -4.50 -4.86
N ALA A 63 30.21 -5.31 -5.59
CA ALA A 63 31.61 -4.99 -5.84
C ALA A 63 31.81 -3.57 -6.35
N PRO A 64 31.03 -3.05 -7.30
CA PRO A 64 31.28 -1.68 -7.77
C PRO A 64 31.16 -0.66 -6.67
N LEU A 65 30.32 -0.90 -5.66
CA LEU A 65 30.20 0.03 -4.54
C LEU A 65 31.44 0.07 -3.66
N GLY A 66 32.38 -0.87 -3.83
CA GLY A 66 33.70 -0.75 -3.27
C GLY A 66 33.91 -1.31 -1.86
N LYS A 67 32.99 -2.09 -1.32
CA LYS A 67 33.12 -2.58 0.05
C LYS A 67 33.00 -4.09 0.13
N THR A 68 33.87 -4.69 0.93
CA THR A 68 33.88 -6.13 1.16
C THR A 68 32.73 -6.56 2.03
N VAL A 69 32.05 -7.63 1.63
CA VAL A 69 31.04 -8.27 2.46
C VAL A 69 31.47 -9.71 2.67
N SER A 70 31.54 -10.12 3.94
CA SER A 70 32.02 -11.47 4.28
C SER A 70 30.95 -12.51 4.02
N ASP A 71 31.41 -13.76 3.85
CA ASP A 71 30.52 -14.94 3.82
C ASP A 71 29.45 -14.87 4.89
N GLU A 72 29.86 -14.70 6.16
CA GLU A 72 28.90 -14.86 7.24
C GLU A 72 28.00 -13.64 7.34
N ARG A 73 28.41 -12.49 6.82
CA ARG A 73 27.46 -11.38 6.71
C ARG A 73 26.43 -11.68 5.63
N TRP A 74 26.84 -12.24 4.49
CA TRP A 74 25.87 -12.68 3.49
C TRP A 74 24.91 -13.71 4.08
N ILE A 75 25.42 -14.65 4.88
CA ILE A 75 24.58 -15.69 5.44
C ILE A 75 23.61 -15.08 6.45
N SER A 76 24.07 -14.09 7.21
CA SER A 76 23.19 -13.39 8.13
C SER A 76 22.03 -12.70 7.40
N TYR A 77 22.32 -12.15 6.22
CA TYR A 77 21.27 -11.50 5.44
C TYR A 77 20.33 -12.52 4.83
N VAL A 78 20.87 -13.60 4.27
CA VAL A 78 20.08 -14.52 3.46
C VAL A 78 19.15 -15.38 4.31
N GLY A 79 19.43 -15.52 5.61
CA GLY A 79 18.62 -16.39 6.44
C GLY A 79 17.14 -16.05 6.43
N VAL A 80 16.80 -14.76 6.24
CA VAL A 80 15.38 -14.41 6.24
C VAL A 80 14.67 -15.08 5.06
N VAL A 81 15.34 -15.18 3.91
CA VAL A 81 14.70 -15.84 2.77
C VAL A 81 14.61 -17.33 3.01
N LEU A 82 15.64 -17.91 3.65
CA LEU A 82 15.67 -19.36 3.84
C LEU A 82 14.57 -19.80 4.80
N TRP A 83 14.22 -18.93 5.76
CA TRP A 83 13.29 -19.26 6.83
C TRP A 83 11.87 -18.72 6.61
N SER A 84 11.70 -17.72 5.76
CA SER A 84 10.44 -16.98 5.75
C SER A 84 9.67 -17.11 4.45
N GLN A 85 10.19 -17.86 3.48
CA GLN A 85 9.39 -18.29 2.33
C GLN A 85 8.57 -19.51 2.78
N SER A 86 7.88 -20.16 1.85
CA SER A 86 6.96 -21.26 2.18
C SER A 86 7.37 -22.48 1.35
N PRO A 87 8.34 -23.25 1.84
CA PRO A 87 9.00 -24.25 0.97
C PRO A 87 8.06 -25.24 0.33
N ARG A 88 6.96 -25.62 0.99
CA ARG A 88 6.10 -26.64 0.40
C ARG A 88 5.44 -26.14 -0.87
N HIS A 89 5.21 -24.83 -0.98
CA HIS A 89 4.55 -24.26 -2.13
C HIS A 89 5.51 -23.78 -3.21
N ILE A 90 6.83 -23.95 -3.04
CA ILE A 90 7.76 -23.43 -4.04
C ILE A 90 7.61 -24.20 -5.34
N LYS A 91 7.45 -23.45 -6.42
CA LYS A 91 7.43 -23.98 -7.78
C LYS A 91 8.70 -23.67 -8.56
N ASP A 92 9.31 -22.51 -8.34
CA ASP A 92 10.39 -22.02 -9.19
C ASP A 92 11.57 -21.64 -8.32
N MET A 93 12.60 -22.50 -8.31
CA MET A 93 13.78 -22.21 -7.49
C MET A 93 14.71 -21.19 -8.13
N GLU A 94 14.59 -20.91 -9.43
CA GLU A 94 15.31 -19.77 -10.00
C GLU A 94 14.84 -18.47 -9.35
N ALA A 95 13.53 -18.30 -9.25
CA ALA A 95 12.98 -17.12 -8.56
C ALA A 95 13.39 -17.10 -7.09
N PHE A 96 13.43 -18.25 -6.43
CA PHE A 96 13.89 -18.28 -5.04
C PHE A 96 15.32 -17.77 -4.92
N LYS A 97 16.23 -18.27 -5.78
CA LYS A 97 17.61 -17.77 -5.75
C LYS A 97 17.65 -16.27 -6.00
N ALA A 98 16.78 -15.78 -6.90
CA ALA A 98 16.71 -14.35 -7.16
C ALA A 98 16.35 -13.57 -5.90
N VAL A 99 15.38 -14.07 -5.13
CA VAL A 99 14.98 -13.37 -3.91
C VAL A 99 16.12 -13.41 -2.90
N CYS A 100 16.87 -14.52 -2.82
CA CYS A 100 18.06 -14.54 -1.97
C CYS A 100 19.01 -13.41 -2.33
N VAL A 101 19.37 -13.29 -3.62
CA VAL A 101 20.36 -12.31 -4.03
C VAL A 101 19.86 -10.89 -3.80
N LEU A 102 18.65 -10.59 -4.30
CA LEU A 102 18.10 -9.25 -4.17
C LEU A 102 17.88 -8.84 -2.71
N ASN A 103 17.38 -9.77 -1.89
CA ASN A 103 17.27 -9.50 -0.47
C ASN A 103 18.60 -9.11 0.14
N CYS A 104 19.65 -9.86 -0.20
CA CYS A 104 20.95 -9.64 0.42
C CYS A 104 21.57 -8.33 -0.03
N VAL A 105 21.55 -8.05 -1.34
CA VAL A 105 22.30 -6.89 -1.79
C VAL A 105 21.60 -5.58 -1.38
N THR A 106 20.27 -5.58 -1.27
CA THR A 106 19.60 -4.39 -0.76
C THR A 106 19.70 -4.30 0.77
N PHE A 107 19.94 -5.43 1.44
CA PHE A 107 20.33 -5.38 2.84
C PHE A 107 21.65 -4.62 3.01
N VAL A 108 22.63 -4.87 2.14
CA VAL A 108 23.88 -4.12 2.16
C VAL A 108 23.61 -2.62 2.00
N TRP A 109 22.78 -2.28 1.02
CA TRP A 109 22.35 -0.89 0.83
C TRP A 109 21.76 -0.31 2.12
N ASP A 110 20.88 -1.08 2.79
CA ASP A 110 20.28 -0.64 4.04
C ASP A 110 21.34 -0.32 5.09
N ASP A 111 22.43 -1.10 5.11
CA ASP A 111 23.47 -0.96 6.10
C ASP A 111 24.54 0.08 5.73
N MET A 112 24.44 0.73 4.56
CA MET A 112 25.48 1.62 4.07
C MET A 112 25.24 3.09 4.39
N ASP A 113 26.34 3.82 4.57
CA ASP A 113 26.38 5.26 4.36
C ASP A 113 25.69 5.64 3.05
N PRO A 114 24.83 6.66 3.05
CA PRO A 114 24.22 7.08 1.78
C PRO A 114 25.23 7.70 0.83
N ALA A 115 26.36 8.18 1.35
CA ALA A 115 27.48 8.58 0.50
C ALA A 115 28.01 7.42 -0.33
N LEU A 116 27.78 6.18 0.10
CA LEU A 116 28.18 5.01 -0.65
C LEU A 116 27.19 4.64 -1.76
N HIS A 117 25.98 5.19 -1.71
CA HIS A 117 24.89 4.79 -2.61
C HIS A 117 25.11 5.39 -3.99
N ASP A 118 25.58 4.58 -4.93
CA ASP A 118 25.80 5.03 -6.30
C ASP A 118 24.82 4.30 -7.22
N PHE A 119 23.78 5.04 -7.63
CA PHE A 119 22.71 4.43 -8.40
C PHE A 119 23.19 3.99 -9.78
N GLY A 120 24.17 4.70 -10.37
CA GLY A 120 24.65 4.35 -11.69
C GLY A 120 25.52 3.11 -11.72
N LEU A 121 26.10 2.74 -10.58
CA LEU A 121 26.81 1.48 -10.51
C LEU A 121 25.92 0.34 -10.05
N PHE A 122 24.97 0.61 -9.15
CA PHE A 122 24.18 -0.44 -8.54
C PHE A 122 22.93 -0.82 -9.33
N LEU A 123 22.20 0.15 -9.87
CA LEU A 123 20.95 -0.19 -10.54
C LEU A 123 21.16 -1.11 -11.73
N PRO A 124 22.17 -0.93 -12.60
CA PRO A 124 22.44 -1.97 -13.62
C PRO A 124 22.69 -3.35 -13.03
N GLN A 125 23.28 -3.44 -11.83
CA GLN A 125 23.45 -4.73 -11.18
C GLN A 125 22.11 -5.38 -10.86
N LEU A 126 21.19 -4.60 -10.27
CA LEU A 126 19.86 -5.13 -9.98
C LEU A 126 19.12 -5.53 -11.24
N ARG A 127 19.35 -4.80 -12.34
CA ARG A 127 18.74 -5.17 -13.62
C ARG A 127 19.26 -6.51 -14.10
N LYS A 128 20.58 -6.74 -13.97
CA LYS A 128 21.18 -7.99 -14.42
C LYS A 128 20.67 -9.17 -13.62
N ILE A 129 20.59 -9.02 -12.30
CA ILE A 129 20.05 -10.08 -11.45
C ILE A 129 18.65 -10.43 -11.88
N CYS A 130 17.79 -9.41 -12.06
CA CYS A 130 16.40 -9.67 -12.38
C CYS A 130 16.25 -10.37 -13.73
N GLU A 131 16.95 -9.89 -14.75
CA GLU A 131 16.78 -10.51 -16.06
C GLU A 131 17.24 -11.97 -16.06
N LYS A 132 18.36 -12.26 -15.37
CA LYS A 132 18.87 -13.63 -15.33
C LYS A 132 17.83 -14.60 -14.78
N TYR A 133 17.24 -14.29 -13.62
CA TYR A 133 16.49 -15.30 -12.88
C TYR A 133 14.99 -15.32 -13.21
N TYR A 134 14.45 -14.27 -13.81
CA TYR A 134 13.03 -14.16 -14.09
C TYR A 134 12.77 -14.12 -15.59
N GLY A 135 11.48 -14.22 -15.94
CA GLY A 135 11.03 -13.96 -17.29
C GLY A 135 10.88 -12.47 -17.53
N PRO A 136 10.33 -12.09 -18.70
CA PRO A 136 10.33 -10.66 -19.08
C PRO A 136 9.38 -9.77 -18.29
N GLU A 137 8.11 -10.17 -18.12
CA GLU A 137 7.22 -9.42 -17.24
C GLU A 137 7.71 -9.48 -15.79
N ASP A 138 8.01 -10.67 -15.28
CA ASP A 138 8.43 -10.80 -13.88
C ASP A 138 9.71 -10.01 -13.59
N ALA A 139 10.67 -10.00 -14.53
CA ALA A 139 11.90 -9.24 -14.29
C ALA A 139 11.61 -7.75 -14.17
N GLU A 140 10.71 -7.22 -14.99
CA GLU A 140 10.30 -5.83 -14.86
C GLU A 140 9.74 -5.54 -13.47
N VAL A 141 8.83 -6.39 -13.02
CA VAL A 141 8.16 -6.17 -11.74
C VAL A 141 9.18 -6.22 -10.60
N ALA A 142 10.08 -7.21 -10.64
CA ALA A 142 11.08 -7.32 -9.58
C ALA A 142 12.05 -6.14 -9.60
N TYR A 143 12.52 -5.73 -10.78
CA TYR A 143 13.46 -4.63 -10.85
C TYR A 143 12.84 -3.33 -10.36
N GLU A 144 11.60 -3.03 -10.78
CA GLU A 144 10.95 -1.81 -10.30
C GLU A 144 10.82 -1.82 -8.78
N ALA A 145 10.43 -2.96 -8.20
CA ALA A 145 10.32 -3.04 -6.75
C ALA A 145 11.67 -2.82 -6.07
N ALA A 146 12.75 -3.44 -6.59
CA ALA A 146 14.08 -3.24 -6.03
C ALA A 146 14.51 -1.77 -6.17
N ARG A 147 14.36 -1.22 -7.37
CA ARG A 147 14.69 0.19 -7.63
C ARG A 147 13.95 1.11 -6.65
N ALA A 148 12.64 0.91 -6.49
CA ALA A 148 11.87 1.76 -5.58
C ALA A 148 12.34 1.59 -4.14
N PHE A 149 12.72 0.37 -3.75
CA PHE A 149 13.20 0.20 -2.39
C PHE A 149 14.50 0.96 -2.13
N VAL A 150 15.53 0.73 -2.96
CA VAL A 150 16.81 1.39 -2.69
C VAL A 150 16.66 2.90 -2.80
N THR A 151 15.84 3.36 -3.73
CA THR A 151 15.59 4.80 -3.84
C THR A 151 14.89 5.33 -2.59
N SER A 152 13.95 4.56 -2.05
CA SER A 152 13.27 5.00 -0.84
C SER A 152 14.23 5.02 0.34
N ASP A 153 15.01 3.94 0.53
CA ASP A 153 15.93 3.95 1.66
C ASP A 153 16.88 5.13 1.58
N HIS A 154 17.40 5.41 0.37
CA HIS A 154 18.26 6.57 0.20
C HIS A 154 17.48 7.86 0.47
N MET A 155 16.30 8.00 -0.16
CA MET A 155 15.56 9.25 -0.10
C MET A 155 15.25 9.66 1.32
N PHE A 156 15.01 8.72 2.21
CA PHE A 156 14.48 9.11 3.50
C PHE A 156 15.53 9.21 4.59
N ARG A 157 16.81 9.03 4.27
CA ARG A 157 17.85 9.22 5.27
C ARG A 157 17.77 10.68 5.74
N ASP A 158 17.35 10.88 6.99
CA ASP A 158 17.05 12.24 7.49
C ASP A 158 16.04 13.01 6.62
N SER A 159 14.93 12.36 6.23
CA SER A 159 13.94 13.19 5.53
C SER A 159 12.88 13.72 6.51
N PRO A 160 12.26 14.88 6.21
CA PRO A 160 11.13 15.31 7.06
C PRO A 160 9.98 14.33 7.05
N ILE A 161 9.69 13.72 5.90
CA ILE A 161 8.63 12.71 5.82
C ILE A 161 8.88 11.61 6.84
N LYS A 162 10.08 11.03 6.82
CA LYS A 162 10.41 10.00 7.80
C LYS A 162 10.24 10.54 9.22
N ALA A 163 10.77 11.74 9.50
CA ALA A 163 10.59 12.35 10.81
C ALA A 163 9.12 12.34 11.22
N ALA A 164 8.25 12.90 10.38
CA ALA A 164 6.84 12.98 10.74
C ALA A 164 6.24 11.58 10.93
N LEU A 165 6.46 10.68 9.98
CA LEU A 165 5.75 9.40 10.02
C LEU A 165 6.21 8.50 11.16
N CYS A 166 7.44 8.66 11.63
CA CYS A 166 7.96 7.80 12.69
C CYS A 166 7.72 8.35 14.08
N THR A 167 7.23 9.58 14.22
CA THR A 167 6.98 10.14 15.53
C THR A 167 5.50 10.35 15.83
N THR A 168 4.63 10.28 14.83
CA THR A 168 3.25 10.77 14.99
C THR A 168 2.31 9.77 15.63
N SER A 169 2.36 8.50 15.21
CA SER A 169 1.48 7.45 15.73
C SER A 169 1.96 6.12 15.19
N PRO A 170 1.58 5.00 15.83
CA PRO A 170 1.95 3.71 15.24
C PRO A 170 1.45 3.55 13.81
N GLU A 171 0.23 3.97 13.49
CA GLU A 171 -0.29 3.60 12.19
C GLU A 171 0.27 4.50 11.07
N GLN A 172 0.71 5.72 11.41
CA GLN A 172 1.55 6.48 10.47
C GLN A 172 2.89 5.79 10.26
N TYR A 173 3.49 5.32 11.35
CA TYR A 173 4.78 4.63 11.26
C TYR A 173 4.69 3.39 10.37
N PHE A 174 3.68 2.54 10.60
CA PHE A 174 3.58 1.30 9.82
C PHE A 174 3.29 1.59 8.36
N ARG A 175 2.63 2.72 8.09
CA ARG A 175 2.39 3.15 6.71
C ARG A 175 3.70 3.41 5.97
N PHE A 176 4.66 4.04 6.64
CA PHE A 176 6.01 4.21 6.07
C PHE A 176 6.70 2.87 5.86
N ARG A 177 6.50 1.93 6.79
CA ARG A 177 7.24 0.68 6.75
C ARG A 177 6.75 -0.30 5.69
N VAL A 178 5.55 -0.12 5.13
CA VAL A 178 5.12 -0.98 4.02
C VAL A 178 6.18 -1.02 2.94
N THR A 179 6.79 0.13 2.64
CA THR A 179 7.90 0.17 1.70
C THR A 179 9.23 0.02 2.42
N ASP A 180 9.45 0.78 3.50
CA ASP A 180 10.81 0.91 4.05
C ASP A 180 11.34 -0.39 4.64
N ILE A 181 10.49 -1.26 5.19
CA ILE A 181 11.04 -2.55 5.63
C ILE A 181 11.17 -3.53 4.48
N GLY A 182 10.85 -3.11 3.25
CA GLY A 182 11.13 -3.93 2.09
C GLY A 182 10.10 -5.00 1.80
N VAL A 183 8.99 -5.06 2.54
CA VAL A 183 8.05 -6.15 2.32
C VAL A 183 7.28 -6.00 1.00
N ASP A 184 6.95 -4.77 0.57
CA ASP A 184 6.31 -4.67 -0.74
C ASP A 184 7.23 -5.22 -1.82
N PHE A 185 8.52 -4.84 -1.76
CA PHE A 185 9.54 -5.37 -2.65
C PHE A 185 9.59 -6.89 -2.58
N TRP A 186 9.59 -7.43 -1.36
CA TRP A 186 9.65 -8.89 -1.15
C TRP A 186 8.51 -9.61 -1.85
N MET A 187 7.28 -9.13 -1.66
CA MET A 187 6.13 -9.77 -2.31
C MET A 187 6.27 -9.74 -3.82
N LYS A 188 6.67 -8.59 -4.38
CA LYS A 188 6.73 -8.41 -5.81
C LYS A 188 7.90 -9.17 -6.45
N MET A 189 8.91 -9.55 -5.69
CA MET A 189 9.93 -10.43 -6.25
C MET A 189 9.72 -11.91 -5.91
N SER A 190 8.79 -12.20 -4.99
CA SER A 190 8.58 -13.57 -4.54
C SER A 190 7.42 -14.26 -5.23
N TYR A 191 6.44 -13.54 -5.79
CA TYR A 191 5.32 -14.26 -6.39
C TYR A 191 5.76 -15.22 -7.51
N PRO A 192 6.81 -14.97 -8.31
CA PRO A 192 7.20 -15.98 -9.30
C PRO A 192 7.67 -17.29 -8.68
N ILE A 193 8.09 -17.27 -7.41
CA ILE A 193 8.46 -18.51 -6.73
C ILE A 193 7.29 -19.49 -6.71
N TYR A 194 6.07 -18.96 -6.55
CA TYR A 194 4.90 -19.78 -6.28
C TYR A 194 4.00 -19.98 -7.49
N ARG A 195 4.07 -19.10 -8.49
CA ARG A 195 3.24 -19.23 -9.69
C ARG A 195 1.77 -19.44 -9.33
N HIS A 196 1.30 -18.68 -8.34
CA HIS A 196 -0.05 -18.85 -7.80
C HIS A 196 -0.89 -17.61 -8.10
N PRO A 197 -1.85 -17.69 -9.03
CA PRO A 197 -2.56 -16.48 -9.49
C PRO A 197 -3.10 -15.57 -8.39
N GLU A 198 -3.76 -16.09 -7.36
CA GLU A 198 -4.26 -15.23 -6.29
C GLU A 198 -3.11 -14.46 -5.65
N PHE A 199 -2.05 -15.18 -5.25
CA PHE A 199 -0.94 -14.53 -4.57
C PHE A 199 -0.30 -13.45 -5.44
N THR A 200 -0.17 -13.73 -6.73
CA THR A 200 0.42 -12.76 -7.64
C THR A 200 -0.39 -11.46 -7.67
N GLU A 201 -1.71 -11.57 -7.62
CA GLU A 201 -2.56 -10.38 -7.53
C GLU A 201 -2.31 -9.59 -6.25
N HIS A 202 -2.37 -10.26 -5.09
CA HIS A 202 -2.20 -9.54 -3.84
C HIS A 202 -0.81 -8.92 -3.74
N ALA A 203 0.19 -9.59 -4.31
CA ALA A 203 1.52 -9.00 -4.38
C ALA A 203 1.52 -7.73 -5.22
N LYS A 204 0.85 -7.76 -6.37
CA LYS A 204 0.90 -6.64 -7.29
C LYS A 204 0.07 -5.45 -6.80
N THR A 205 -1.02 -5.71 -6.06
CA THR A 205 -1.80 -4.62 -5.45
C THR A 205 -1.16 -4.09 -4.17
N SER A 206 -0.15 -4.79 -3.64
CA SER A 206 0.48 -4.52 -2.36
C SER A 206 -0.41 -4.85 -1.17
N LEU A 207 -1.61 -5.39 -1.40
CA LEU A 207 -2.38 -5.91 -0.26
C LEU A 207 -1.57 -6.96 0.52
N ALA A 208 -0.81 -7.80 -0.19
CA ALA A 208 0.05 -8.79 0.48
C ALA A 208 1.01 -8.10 1.45
N ALA A 209 1.67 -7.05 0.98
CA ALA A 209 2.57 -6.32 1.86
C ALA A 209 1.82 -5.63 3.00
N ARG A 210 0.66 -5.04 2.70
CA ARG A 210 -0.04 -4.30 3.74
C ARG A 210 -0.51 -5.21 4.86
N MET A 211 -0.79 -6.49 4.53
CA MET A 211 -1.25 -7.45 5.53
C MET A 211 -0.12 -7.94 6.44
N THR A 212 1.13 -7.92 5.97
CA THR A 212 2.24 -8.54 6.68
C THR A 212 3.19 -7.53 7.32
N THR A 213 2.99 -6.23 7.03
CA THR A 213 3.92 -5.20 7.49
C THR A 213 4.05 -5.17 9.01
N ARG A 214 2.93 -5.17 9.72
CA ARG A 214 3.03 -5.02 11.18
C ARG A 214 3.72 -6.23 11.81
N GLY A 215 3.40 -7.43 11.34
CA GLY A 215 4.01 -8.61 11.93
C GLY A 215 5.51 -8.61 11.77
N LEU A 216 5.99 -8.28 10.57
CA LEU A 216 7.43 -8.20 10.36
C LEU A 216 8.04 -7.06 11.16
N THR A 217 7.40 -5.89 11.14
CA THR A 217 8.02 -4.69 11.65
C THR A 217 8.12 -4.72 13.17
N ILE A 218 7.07 -5.15 13.85
CA ILE A 218 7.09 -5.15 15.31
C ILE A 218 8.22 -6.05 15.81
N VAL A 219 8.37 -7.21 15.16
CA VAL A 219 9.43 -8.15 15.54
C VAL A 219 10.80 -7.55 15.24
N ASN A 220 10.99 -7.05 14.01
CA ASN A 220 12.27 -6.46 13.67
C ASN A 220 12.62 -5.32 14.62
N ASP A 221 11.63 -4.44 14.89
CA ASP A 221 11.87 -3.28 15.74
C ASP A 221 12.27 -3.69 17.16
N PHE A 222 11.62 -4.71 17.71
CA PHE A 222 11.98 -5.07 19.08
C PHE A 222 13.45 -5.47 19.15
N TYR A 223 13.89 -6.34 18.26
CA TYR A 223 15.22 -6.89 18.37
C TYR A 223 16.32 -6.04 17.74
N SER A 224 15.97 -5.02 16.94
CA SER A 224 16.99 -4.12 16.40
C SER A 224 17.01 -2.79 17.12
N TYR A 225 16.20 -2.63 18.17
CA TYR A 225 16.07 -1.35 18.86
C TYR A 225 17.40 -0.87 19.39
N ASP A 226 18.13 -1.73 20.10
CA ASP A 226 19.37 -1.29 20.72
C ASP A 226 20.36 -0.78 19.69
N ARG A 227 20.51 -1.51 18.57
CA ARG A 227 21.41 -1.07 17.50
C ARG A 227 20.95 0.28 16.92
N GLU A 228 19.67 0.36 16.61
CA GLU A 228 19.19 1.55 15.91
C GLU A 228 19.24 2.78 16.82
N VAL A 229 18.84 2.62 18.09
CA VAL A 229 18.77 3.76 18.99
C VAL A 229 20.16 4.22 19.40
N SER A 230 21.06 3.28 19.69
CA SER A 230 22.42 3.68 20.05
C SER A 230 23.07 4.49 18.93
N LEU A 231 22.45 4.53 17.76
CA LEU A 231 22.97 5.24 16.60
C LEU A 231 22.12 6.42 16.15
N GLY A 232 20.91 6.56 16.67
CA GLY A 232 20.03 7.58 16.15
C GLY A 232 19.36 7.26 14.84
N GLN A 233 19.06 5.98 14.54
CA GLN A 233 18.06 5.64 13.53
C GLN A 233 16.68 5.73 14.19
N ILE A 234 15.78 6.55 13.63
CA ILE A 234 14.49 6.78 14.26
C ILE A 234 13.42 5.81 13.80
N THR A 235 13.71 4.95 12.83
CA THR A 235 12.68 4.10 12.23
C THR A 235 12.47 2.84 13.08
N ASN A 236 11.71 3.01 14.16
CA ASN A 236 11.48 1.92 15.14
C ASN A 236 10.29 2.27 16.00
N CYS A 237 9.25 1.45 15.98
CA CYS A 237 8.02 1.82 16.68
C CYS A 237 8.19 1.88 18.20
N PHE A 238 9.17 1.19 18.78
CA PHE A 238 9.32 1.30 20.23
C PHE A 238 9.89 2.65 20.66
N ARG A 239 10.35 3.49 19.72
CA ARG A 239 10.62 4.88 20.03
C ARG A 239 9.34 5.64 20.39
N LEU A 240 8.17 5.09 20.07
CA LEU A 240 6.90 5.73 20.34
C LEU A 240 6.39 5.48 21.76
N CYS A 241 7.16 4.79 22.59
CA CYS A 241 6.81 4.62 23.99
C CYS A 241 8.05 4.85 24.83
N ASP A 242 7.85 5.04 26.14
CA ASP A 242 8.99 5.17 27.06
C ASP A 242 9.39 3.76 27.48
N VAL A 243 10.43 3.21 26.85
CA VAL A 243 10.79 1.83 27.16
C VAL A 243 11.35 1.71 28.58
N SER A 244 11.87 2.78 29.17
CA SER A 244 12.36 2.61 30.53
C SER A 244 11.26 2.76 31.57
N ASP A 245 10.00 2.58 31.19
CA ASP A 245 8.88 2.54 32.11
C ASP A 245 8.11 1.25 31.84
N GLU A 246 8.13 0.33 32.80
CA GLU A 246 7.72 -1.03 32.52
C GLU A 246 6.22 -1.12 32.22
N THR A 247 5.40 -0.40 32.97
CA THR A 247 3.96 -0.43 32.74
C THR A 247 3.62 0.13 31.35
N ALA A 248 4.19 1.27 30.98
CA ALA A 248 3.92 1.83 29.66
C ALA A 248 4.49 0.94 28.56
N PHE A 249 5.66 0.33 28.78
CA PHE A 249 6.18 -0.59 27.78
C PHE A 249 5.25 -1.77 27.61
N LYS A 250 4.79 -2.36 28.73
CA LYS A 250 3.90 -3.50 28.66
C LYS A 250 2.61 -3.15 27.94
N GLU A 251 2.08 -1.97 28.21
CA GLU A 251 0.89 -1.52 27.50
C GLU A 251 1.14 -1.45 26.00
N PHE A 252 2.23 -0.79 25.61
CA PHE A 252 2.55 -0.61 24.19
C PHE A 252 2.79 -1.95 23.53
N PHE A 253 3.55 -2.82 24.21
CA PHE A 253 3.88 -4.11 23.63
C PHE A 253 2.63 -4.96 23.45
N GLN A 254 1.73 -4.96 24.44
CA GLN A 254 0.46 -5.66 24.26
C GLN A 254 -0.34 -5.09 23.09
N ALA A 255 -0.37 -3.76 22.97
CA ALA A 255 -1.04 -3.15 21.81
C ALA A 255 -0.47 -3.69 20.51
N ARG A 256 0.85 -3.88 20.45
CA ARG A 256 1.48 -4.33 19.21
C ARG A 256 1.18 -5.81 18.97
N LEU A 257 1.16 -6.62 20.04
CA LEU A 257 0.73 -8.01 19.90
C LEU A 257 -0.69 -8.09 19.35
N ASP A 258 -1.60 -7.27 19.89
CA ASP A 258 -2.97 -7.27 19.38
C ASP A 258 -3.02 -6.95 17.89
N ASP A 259 -2.17 -6.01 17.44
CA ASP A 259 -2.09 -5.70 16.01
C ASP A 259 -1.69 -6.94 15.21
N MET A 260 -0.64 -7.64 15.70
CA MET A 260 -0.18 -8.83 15.00
C MET A 260 -1.28 -9.88 14.93
N ILE A 261 -1.97 -10.11 16.04
CA ILE A 261 -3.01 -11.13 16.10
C ILE A 261 -4.14 -10.76 15.13
N GLU A 262 -4.56 -9.51 15.16
CA GLU A 262 -5.62 -9.07 14.27
C GLU A 262 -5.26 -9.30 12.81
N ASP A 263 -4.05 -8.92 12.41
CA ASP A 263 -3.59 -9.19 11.04
C ASP A 263 -3.61 -10.70 10.73
N ILE A 264 -3.10 -11.51 11.66
CA ILE A 264 -3.02 -12.95 11.40
C ILE A 264 -4.40 -13.55 11.23
N GLU A 265 -5.33 -13.16 12.10
CA GLU A 265 -6.70 -13.64 11.95
C GLU A 265 -7.31 -13.22 10.61
N CYS A 266 -7.02 -11.99 10.16
CA CYS A 266 -7.55 -11.59 8.85
C CYS A 266 -6.84 -12.31 7.70
N ILE A 267 -5.56 -12.66 7.88
CA ILE A 267 -4.87 -13.41 6.85
C ILE A 267 -5.53 -14.77 6.61
N LYS A 268 -6.16 -15.36 7.64
CA LYS A 268 -6.77 -16.68 7.41
C LYS A 268 -8.02 -16.63 6.54
N ALA A 269 -8.53 -15.44 6.24
CA ALA A 269 -9.56 -15.28 5.23
C ALA A 269 -9.05 -15.50 3.82
N PHE A 270 -7.74 -15.36 3.59
CA PHE A 270 -7.20 -15.51 2.25
C PHE A 270 -7.19 -16.99 1.84
N ASP A 271 -6.95 -17.22 0.56
CA ASP A 271 -6.93 -18.60 0.06
C ASP A 271 -5.83 -19.40 0.78
N GLN A 272 -6.04 -20.72 0.84
CA GLN A 272 -5.20 -21.56 1.71
C GLN A 272 -3.72 -21.47 1.36
N LEU A 273 -3.37 -21.26 0.09
CA LEU A 273 -1.96 -21.20 -0.25
C LEU A 273 -1.37 -19.83 0.08
N THR A 274 -2.10 -18.77 -0.25
CA THR A 274 -1.61 -17.43 0.05
C THR A 274 -1.45 -17.21 1.55
N GLN A 275 -2.38 -17.75 2.34
CA GLN A 275 -2.25 -17.52 3.77
C GLN A 275 -1.06 -18.27 4.34
N ASP A 276 -0.73 -19.44 3.80
CA ASP A 276 0.49 -20.12 4.19
C ASP A 276 1.71 -19.23 3.95
N VAL A 277 1.78 -18.61 2.76
CA VAL A 277 2.92 -17.76 2.41
C VAL A 277 3.01 -16.56 3.36
N PHE A 278 1.87 -15.89 3.62
CA PHE A 278 1.88 -14.73 4.51
C PHE A 278 2.36 -15.12 5.90
N LEU A 279 1.80 -16.18 6.45
CA LEU A 279 2.09 -16.57 7.83
C LEU A 279 3.51 -17.10 7.98
N ASP A 280 3.98 -17.90 7.01
CA ASP A 280 5.37 -18.35 7.04
C ASP A 280 6.32 -17.17 6.97
N LEU A 281 5.92 -16.09 6.27
CA LEU A 281 6.76 -14.91 6.22
C LEU A 281 6.88 -14.27 7.60
N ILE A 282 5.75 -14.06 8.28
CA ILE A 282 5.79 -13.36 9.57
C ILE A 282 6.48 -14.24 10.63
N TYR A 283 6.10 -15.50 10.69
CA TYR A 283 6.65 -16.38 11.72
C TYR A 283 8.09 -16.77 11.40
N GLY A 284 8.39 -16.99 10.13
CA GLY A 284 9.76 -17.24 9.74
C GLY A 284 10.69 -16.08 10.07
N ASN A 285 10.22 -14.85 9.84
CA ASN A 285 11.05 -13.70 10.18
C ASN A 285 11.37 -13.68 11.66
N PHE A 286 10.41 -14.06 12.49
CA PHE A 286 10.66 -14.13 13.94
C PHE A 286 11.70 -15.20 14.26
N VAL A 287 11.58 -16.37 13.67
CA VAL A 287 12.55 -17.44 13.95
C VAL A 287 13.95 -17.01 13.55
N TRP A 288 14.06 -16.41 12.36
CA TRP A 288 15.35 -15.95 11.87
C TRP A 288 15.92 -14.83 12.74
N THR A 289 15.07 -13.85 13.09
CA THR A 289 15.51 -12.71 13.88
C THR A 289 16.08 -13.15 15.23
N THR A 290 15.44 -14.13 15.88
CA THR A 290 15.90 -14.55 17.20
C THR A 290 17.08 -15.52 17.16
N SER A 291 17.53 -15.93 15.99
CA SER A 291 18.67 -16.82 15.85
C SER A 291 19.86 -16.13 15.21
N ASN A 292 19.72 -14.87 14.84
CA ASN A 292 20.67 -14.18 13.99
C ASN A 292 21.51 -13.22 14.82
N LYS A 293 22.82 -13.36 14.73
CA LYS A 293 23.75 -12.48 15.44
C LYS A 293 23.50 -11.03 15.11
N ARG A 294 22.97 -10.75 13.92
CA ARG A 294 22.60 -9.39 13.53
C ARG A 294 21.74 -8.72 14.59
N TYR A 295 20.86 -9.48 15.24
CA TYR A 295 19.85 -8.91 16.12
C TYR A 295 20.13 -9.20 17.57
N LYS A 296 21.35 -9.56 17.90
CA LYS A 296 21.63 -9.89 19.28
C LYS A 296 21.91 -8.62 20.08
N THR A 297 23.13 -8.09 20.08
CA THR A 297 23.40 -7.08 21.10
C THR A 297 24.70 -6.33 20.85
N ALA A 298 24.74 -5.12 21.41
CA ALA A 298 25.67 -4.11 20.92
C ALA A 298 25.59 -3.95 19.41
N VAL A 299 26.68 -3.43 18.83
CA VAL A 299 27.06 -3.47 17.42
C VAL A 299 27.99 -4.66 17.27
N ASN A 300 28.01 -5.29 16.09
CA ASN A 300 28.92 -6.43 15.90
C ASN A 300 29.32 -6.55 14.44
N ASP A 301 30.09 -7.60 14.13
CA ASP A 301 30.77 -7.70 12.85
C ASP A 301 29.84 -8.03 11.68
N VAL A 302 28.56 -8.29 11.90
CA VAL A 302 27.65 -8.48 10.77
C VAL A 302 26.65 -7.34 10.62
N ASN A 303 26.45 -6.50 11.65
CA ASN A 303 25.48 -5.40 11.53
C ASN A 303 26.10 -4.02 11.66
N SER A 304 27.41 -3.90 11.80
CA SER A 304 28.02 -2.59 11.97
C SER A 304 27.88 -1.79 10.69
N ARG A 305 27.52 -0.51 10.84
CA ARG A 305 27.33 0.37 9.68
C ARG A 305 28.50 0.26 8.71
N ILE A 306 28.20 0.25 7.42
CA ILE A 306 29.21 0.02 6.38
C ILE A 306 29.79 1.37 6.00
N GLN A 307 31.09 1.54 6.20
CA GLN A 307 31.83 2.73 5.79
C GLN A 307 32.57 2.51 4.49
N GLY B 9 -35.53 -7.08 4.08
CA GLY B 9 -35.77 -8.26 4.89
C GLY B 9 -36.20 -7.82 6.27
N ALA B 10 -37.51 -7.85 6.54
CA ALA B 10 -38.05 -7.13 7.68
C ALA B 10 -37.49 -5.72 7.77
N GLN B 11 -36.78 -5.37 8.85
CA GLN B 11 -36.52 -3.97 9.14
C GLN B 11 -35.09 -3.78 9.65
N ASP B 12 -34.74 -2.50 9.88
CA ASP B 12 -33.47 -1.98 10.43
C ASP B 12 -33.21 -0.69 9.65
N ILE B 13 -34.33 -0.03 9.38
CA ILE B 13 -34.33 1.22 8.62
C ILE B 13 -33.58 2.29 9.39
N GLY B 14 -33.26 2.04 10.67
CA GLY B 14 -32.48 2.99 11.44
C GLY B 14 -31.00 2.97 11.11
N ARG B 15 -30.52 1.90 10.45
CA ARG B 15 -29.18 1.87 9.90
C ARG B 15 -29.18 1.88 8.39
N SER B 16 -30.34 1.98 7.75
CA SER B 16 -30.38 2.07 6.31
C SER B 16 -29.93 3.44 5.78
N SER B 17 -29.59 4.39 6.66
CA SER B 17 -29.34 5.74 6.15
C SER B 17 -28.46 6.56 7.09
N VAL B 18 -27.66 7.45 6.50
CA VAL B 18 -27.02 8.50 7.30
C VAL B 18 -27.71 9.84 7.12
N ARG B 19 -28.94 9.84 6.60
CA ARG B 19 -29.72 11.08 6.46
C ARG B 19 -29.73 11.98 7.68
N PRO B 20 -30.00 11.49 8.90
CA PRO B 20 -30.07 12.41 10.06
C PRO B 20 -28.79 13.14 10.36
N TYR B 21 -27.69 12.80 9.68
CA TYR B 21 -26.39 13.35 9.98
C TYR B 21 -25.85 14.24 8.87
N LEU B 22 -26.59 14.34 7.76
CA LEU B 22 -26.04 14.92 6.54
C LEU B 22 -25.55 16.36 6.76
N GLU B 23 -26.39 17.22 7.32
CA GLU B 23 -26.00 18.62 7.44
C GLU B 23 -24.85 18.79 8.42
N GLU B 24 -24.97 18.16 9.59
CA GLU B 24 -23.97 18.30 10.63
C GLU B 24 -22.61 17.77 10.16
N CYS B 25 -22.59 16.59 9.53
CA CYS B 25 -21.33 16.02 9.09
C CYS B 25 -20.72 16.83 7.94
N THR B 26 -21.54 17.30 7.01
CA THR B 26 -21.01 18.14 5.94
C THR B 26 -20.33 19.37 6.52
N ARG B 27 -21.00 20.00 7.47
CA ARG B 27 -20.45 21.16 8.16
C ARG B 27 -19.12 20.82 8.85
N ARG B 28 -19.08 19.67 9.54
CA ARG B 28 -17.86 19.30 10.26
C ARG B 28 -16.70 19.05 9.30
N PHE B 29 -16.94 18.28 8.22
CA PHE B 29 -15.92 18.08 7.20
C PHE B 29 -15.36 19.41 6.73
N GLN B 30 -16.24 20.34 6.35
CA GLN B 30 -15.79 21.61 5.80
C GLN B 30 -14.98 22.38 6.82
N GLU B 31 -15.42 22.39 8.09
CA GLU B 31 -14.68 23.09 9.13
C GLU B 31 -13.28 22.51 9.25
N MET B 32 -13.19 21.18 9.17
CA MET B 32 -11.90 20.51 9.27
C MET B 32 -10.99 20.95 8.14
N PHE B 33 -11.49 20.93 6.90
CA PHE B 33 -10.68 21.36 5.77
C PHE B 33 -10.25 22.82 5.89
N ASP B 34 -11.15 23.69 6.39
CA ASP B 34 -10.84 25.11 6.50
C ASP B 34 -9.73 25.34 7.52
N ARG B 35 -9.72 24.56 8.60
CA ARG B 35 -8.74 24.78 9.64
C ARG B 35 -7.41 24.09 9.32
N HIS B 36 -7.41 23.01 8.54
CA HIS B 36 -6.17 22.28 8.28
C HIS B 36 -5.62 22.43 6.87
N VAL B 37 -6.47 22.46 5.84
CA VAL B 37 -6.02 22.54 4.46
C VAL B 37 -6.03 23.97 3.94
N VAL B 38 -7.08 24.72 4.25
CA VAL B 38 -7.20 26.16 4.04
C VAL B 38 -7.58 26.47 2.60
N THR B 39 -6.68 26.23 1.64
CA THR B 39 -6.98 26.67 0.29
C THR B 39 -8.01 25.76 -0.34
N ARG B 40 -8.90 26.37 -1.13
CA ARG B 40 -9.86 25.63 -1.92
C ARG B 40 -9.12 24.66 -2.85
N PRO B 41 -9.78 23.61 -3.33
CA PRO B 41 -9.31 22.95 -4.54
C PRO B 41 -9.83 23.66 -5.79
N THR B 42 -9.15 23.42 -6.92
CA THR B 42 -9.44 24.07 -8.21
C THR B 42 -10.06 23.07 -9.17
N LYS B 43 -10.92 23.57 -10.05
CA LYS B 43 -11.51 22.73 -11.09
C LYS B 43 -10.87 23.02 -12.45
N VAL B 44 -10.24 21.99 -13.02
CA VAL B 44 -9.82 22.05 -14.42
C VAL B 44 -11.04 22.19 -15.31
N GLU B 45 -10.97 23.09 -16.27
CA GLU B 45 -12.13 23.46 -17.07
C GLU B 45 -11.87 23.15 -18.54
N LEU B 46 -11.85 21.86 -18.88
CA LEU B 46 -11.61 21.36 -20.23
C LEU B 46 -12.42 22.11 -21.28
N THR B 47 -11.88 22.18 -22.50
CA THR B 47 -12.65 22.63 -23.65
C THR B 47 -13.65 21.57 -24.07
N ASP B 48 -14.59 22.01 -24.92
CA ASP B 48 -15.52 21.07 -25.54
C ASP B 48 -14.76 19.98 -26.29
N ALA B 49 -13.55 20.31 -26.79
CA ALA B 49 -12.80 19.37 -27.60
C ALA B 49 -12.09 18.34 -26.73
N GLU B 50 -11.65 18.74 -25.55
CA GLU B 50 -11.07 17.78 -24.61
C GLU B 50 -12.14 16.90 -24.00
N LEU B 51 -13.28 17.50 -23.63
CA LEU B 51 -14.33 16.71 -23.00
C LEU B 51 -14.94 15.71 -23.97
N ARG B 52 -15.23 16.14 -25.20
CA ARG B 52 -15.78 15.21 -26.19
C ARG B 52 -14.71 14.23 -26.67
N GLU B 53 -13.44 14.65 -26.72
CA GLU B 53 -12.37 13.68 -26.97
C GLU B 53 -12.27 12.66 -25.83
N VAL B 54 -12.38 13.13 -24.59
CA VAL B 54 -12.33 12.21 -23.45
C VAL B 54 -13.54 11.29 -23.47
N ILE B 55 -14.72 11.85 -23.72
CA ILE B 55 -15.96 11.06 -23.67
C ILE B 55 -15.99 10.05 -24.80
N ASP B 56 -15.40 10.37 -25.96
CA ASP B 56 -15.44 9.40 -27.06
C ASP B 56 -14.48 8.24 -26.82
N ASP B 57 -13.29 8.50 -26.26
CA ASP B 57 -12.44 7.40 -25.79
C ASP B 57 -13.16 6.57 -24.71
N CYS B 58 -13.86 7.24 -23.79
CA CYS B 58 -14.68 6.52 -22.82
C CYS B 58 -15.69 5.60 -23.49
N ASN B 59 -16.45 6.14 -24.46
CA ASN B 59 -17.46 5.34 -25.13
C ASN B 59 -16.83 4.20 -25.92
N ALA B 60 -15.74 4.47 -26.62
CA ALA B 60 -15.09 3.42 -27.39
C ALA B 60 -14.55 2.32 -26.49
N ALA B 61 -14.16 2.70 -25.26
CA ALA B 61 -13.56 1.72 -24.36
C ALA B 61 -14.62 0.78 -23.79
N VAL B 62 -15.80 1.29 -23.48
CA VAL B 62 -16.82 0.44 -22.86
C VAL B 62 -17.82 -0.11 -23.88
N ALA B 63 -17.81 0.38 -25.12
CA ALA B 63 -18.67 -0.16 -26.16
C ALA B 63 -18.56 -1.68 -26.31
N PRO B 64 -17.37 -2.30 -26.31
CA PRO B 64 -17.35 -3.77 -26.35
C PRO B 64 -18.19 -4.42 -25.25
N LEU B 65 -18.23 -3.86 -24.04
CA LEU B 65 -19.06 -4.44 -23.00
C LEU B 65 -20.56 -4.24 -23.25
N GLY B 66 -20.93 -3.39 -24.20
CA GLY B 66 -22.27 -3.37 -24.76
C GLY B 66 -23.22 -2.34 -24.18
N LYS B 67 -22.89 -1.73 -23.04
CA LYS B 67 -23.83 -0.90 -22.30
C LYS B 67 -23.56 0.57 -22.58
N THR B 68 -24.61 1.30 -22.95
CA THR B 68 -24.51 2.72 -23.27
C THR B 68 -24.46 3.57 -22.02
N VAL B 69 -23.57 4.56 -22.00
CA VAL B 69 -23.44 5.47 -20.86
C VAL B 69 -23.73 6.89 -21.34
N SER B 70 -24.63 7.59 -20.65
CA SER B 70 -25.03 8.93 -21.04
C SER B 70 -23.92 9.95 -20.74
N ASP B 71 -23.94 11.06 -21.49
CA ASP B 71 -23.01 12.14 -21.20
C ASP B 71 -23.17 12.63 -19.78
N GLU B 72 -24.39 12.69 -19.26
CA GLU B 72 -24.60 13.07 -17.88
C GLU B 72 -23.83 12.15 -16.93
N ARG B 73 -23.87 10.84 -17.19
CA ARG B 73 -23.20 9.89 -16.32
C ARG B 73 -21.68 10.03 -16.44
N TRP B 74 -21.17 10.20 -17.66
CA TRP B 74 -19.74 10.48 -17.82
C TRP B 74 -19.34 11.72 -17.05
N ILE B 75 -20.17 12.77 -17.11
CA ILE B 75 -19.85 14.01 -16.41
C ILE B 75 -19.77 13.77 -14.91
N SER B 76 -20.69 12.96 -14.38
CA SER B 76 -20.66 12.61 -12.97
C SER B 76 -19.37 11.91 -12.59
N TYR B 77 -18.90 11.00 -13.45
CA TYR B 77 -17.66 10.30 -13.17
C TYR B 77 -16.46 11.24 -13.28
N VAL B 78 -16.44 12.12 -14.28
CA VAL B 78 -15.23 12.84 -14.61
C VAL B 78 -14.96 13.98 -13.63
N GLY B 79 -16.01 14.47 -12.93
CA GLY B 79 -15.83 15.62 -12.06
C GLY B 79 -14.76 15.45 -11.01
N VAL B 80 -14.53 14.21 -10.54
CA VAL B 80 -13.52 14.01 -9.51
C VAL B 80 -12.14 14.37 -10.03
N VAL B 81 -11.87 14.07 -11.31
CA VAL B 81 -10.57 14.45 -11.87
C VAL B 81 -10.49 15.96 -12.03
N LEU B 82 -11.58 16.59 -12.46
CA LEU B 82 -11.56 18.03 -12.69
C LEU B 82 -11.32 18.79 -11.39
N TRP B 83 -11.89 18.31 -10.28
CA TRP B 83 -11.76 19.00 -9.00
C TRP B 83 -10.57 18.56 -8.15
N SER B 84 -10.08 17.33 -8.33
CA SER B 84 -9.18 16.77 -7.33
C SER B 84 -7.76 16.58 -7.85
N GLN B 85 -7.43 17.13 -9.00
CA GLN B 85 -6.03 17.24 -9.40
C GLN B 85 -5.51 18.58 -8.89
N SER B 86 -4.33 19.00 -9.33
CA SER B 86 -3.68 20.20 -8.80
C SER B 86 -3.34 21.07 -10.01
N PRO B 87 -4.28 21.90 -10.47
CA PRO B 87 -4.13 22.52 -11.81
C PRO B 87 -2.97 23.50 -11.92
N ARG B 88 -2.56 24.12 -10.82
CA ARG B 88 -1.41 25.01 -10.91
C ARG B 88 -0.14 24.25 -11.30
N HIS B 89 -0.08 22.95 -11.01
CA HIS B 89 1.10 22.14 -11.24
C HIS B 89 1.02 21.30 -12.52
N ILE B 90 -0.05 21.42 -13.30
CA ILE B 90 -0.21 20.56 -14.47
C ILE B 90 0.92 20.83 -15.47
N LYS B 91 1.59 19.78 -15.93
CA LYS B 91 2.59 19.85 -16.98
C LYS B 91 2.19 19.13 -18.25
N ASP B 92 1.55 17.97 -18.15
CA ASP B 92 1.25 17.15 -19.33
C ASP B 92 -0.26 17.09 -19.42
N MET B 93 -0.83 17.76 -20.43
CA MET B 93 -2.28 17.79 -20.51
C MET B 93 -2.85 16.54 -21.14
N GLU B 94 -2.07 15.82 -21.93
CA GLU B 94 -2.56 14.55 -22.47
C GLU B 94 -2.63 13.47 -21.37
N ALA B 95 -1.69 13.49 -20.43
CA ALA B 95 -1.78 12.59 -19.28
C ALA B 95 -3.01 12.92 -18.43
N PHE B 96 -3.33 14.21 -18.29
CA PHE B 96 -4.51 14.58 -17.52
C PHE B 96 -5.77 14.03 -18.19
N LYS B 97 -5.82 14.07 -19.53
CA LYS B 97 -6.92 13.48 -20.28
C LYS B 97 -6.96 11.97 -20.13
N ALA B 98 -5.80 11.30 -20.14
CA ALA B 98 -5.76 9.88 -19.83
C ALA B 98 -6.42 9.59 -18.48
N VAL B 99 -6.11 10.41 -17.47
CA VAL B 99 -6.68 10.16 -16.15
C VAL B 99 -8.19 10.39 -16.16
N CYS B 100 -8.67 11.40 -16.90
CA CYS B 100 -10.12 11.54 -17.08
C CYS B 100 -10.71 10.28 -17.67
N VAL B 101 -10.12 9.78 -18.76
CA VAL B 101 -10.66 8.60 -19.41
C VAL B 101 -10.54 7.38 -18.49
N LEU B 102 -9.35 7.13 -17.95
CA LEU B 102 -9.14 5.92 -17.16
C LEU B 102 -9.99 5.92 -15.89
N ASN B 103 -10.04 7.06 -15.20
CA ASN B 103 -10.97 7.21 -14.07
C ASN B 103 -12.39 6.84 -14.48
N CYS B 104 -12.88 7.39 -15.60
CA CYS B 104 -14.29 7.24 -15.95
C CYS B 104 -14.64 5.80 -16.33
N VAL B 105 -13.81 5.15 -17.16
CA VAL B 105 -14.22 3.84 -17.63
C VAL B 105 -14.08 2.80 -16.53
N THR B 106 -13.14 2.97 -15.60
CA THR B 106 -13.09 2.05 -14.47
C THR B 106 -14.18 2.37 -13.45
N PHE B 107 -14.70 3.59 -13.44
CA PHE B 107 -15.90 3.88 -12.65
C PHE B 107 -17.09 3.09 -13.17
N VAL B 108 -17.26 3.04 -14.50
CA VAL B 108 -18.27 2.18 -15.10
C VAL B 108 -18.11 0.74 -14.62
N TRP B 109 -16.87 0.25 -14.69
CA TRP B 109 -16.56 -1.10 -14.22
C TRP B 109 -16.98 -1.30 -12.78
N ASP B 110 -16.74 -0.29 -11.93
CA ASP B 110 -17.16 -0.30 -10.53
C ASP B 110 -18.67 -0.43 -10.39
N ASP B 111 -19.44 0.12 -11.35
CA ASP B 111 -20.89 0.13 -11.29
C ASP B 111 -21.55 -1.03 -12.06
N MET B 112 -20.78 -1.96 -12.60
CA MET B 112 -21.31 -3.07 -13.38
C MET B 112 -21.41 -4.36 -12.56
N ASP B 113 -22.25 -5.28 -13.03
CA ASP B 113 -22.20 -6.64 -12.48
C ASP B 113 -21.02 -7.41 -13.07
N PRO B 114 -20.34 -8.25 -12.29
CA PRO B 114 -19.22 -9.03 -12.85
C PRO B 114 -19.56 -9.80 -14.10
N ALA B 115 -20.84 -10.11 -14.36
CA ALA B 115 -21.20 -10.79 -15.59
C ALA B 115 -20.79 -9.99 -16.83
N LEU B 116 -20.59 -8.68 -16.67
CA LEU B 116 -20.24 -7.76 -17.76
C LEU B 116 -18.73 -7.55 -17.88
N HIS B 117 -17.94 -7.96 -16.89
CA HIS B 117 -16.51 -7.69 -16.85
C HIS B 117 -15.76 -8.58 -17.84
N ASP B 118 -15.72 -8.20 -19.11
CA ASP B 118 -14.95 -8.94 -20.13
C ASP B 118 -13.52 -8.41 -20.13
N PHE B 119 -12.62 -9.13 -19.43
CA PHE B 119 -11.21 -8.73 -19.42
C PHE B 119 -10.63 -8.76 -20.83
N GLY B 120 -11.05 -9.73 -21.65
CA GLY B 120 -10.47 -9.86 -22.99
C GLY B 120 -10.76 -8.67 -23.89
N LEU B 121 -11.94 -8.08 -23.75
CA LEU B 121 -12.29 -6.91 -24.54
C LEU B 121 -11.81 -5.62 -23.88
N PHE B 122 -11.86 -5.57 -22.54
CA PHE B 122 -11.61 -4.30 -21.87
C PHE B 122 -10.12 -4.01 -21.65
N LEU B 123 -9.32 -4.99 -21.22
CA LEU B 123 -7.89 -4.72 -21.06
C LEU B 123 -7.23 -4.12 -22.29
N PRO B 124 -7.47 -4.60 -23.53
CA PRO B 124 -6.87 -3.94 -24.70
C PRO B 124 -7.20 -2.45 -24.79
N GLN B 125 -8.44 -2.06 -24.51
CA GLN B 125 -8.79 -0.63 -24.54
C GLN B 125 -8.03 0.14 -23.47
N LEU B 126 -7.82 -0.45 -22.31
CA LEU B 126 -7.02 0.22 -21.29
C LEU B 126 -5.58 0.42 -21.77
N ARG B 127 -4.94 -0.63 -22.29
CA ARG B 127 -3.54 -0.50 -22.70
C ARG B 127 -3.41 0.46 -23.87
N LYS B 128 -4.43 0.53 -24.75
CA LYS B 128 -4.45 1.52 -25.82
C LYS B 128 -4.50 2.95 -25.28
N ILE B 129 -5.45 3.24 -24.37
CA ILE B 129 -5.54 4.58 -23.79
C ILE B 129 -4.19 5.01 -23.24
N CYS B 130 -3.54 4.13 -22.50
CA CYS B 130 -2.26 4.46 -21.89
C CYS B 130 -1.21 4.73 -22.95
N GLU B 131 -1.31 4.07 -24.11
CA GLU B 131 -0.29 4.25 -25.12
C GLU B 131 -0.54 5.49 -25.97
N LYS B 132 -1.81 5.89 -26.14
CA LYS B 132 -2.13 7.15 -26.81
C LYS B 132 -1.52 8.35 -26.08
N TYR B 133 -1.51 8.33 -24.74
CA TYR B 133 -1.30 9.56 -23.98
C TYR B 133 -0.14 9.52 -22.99
N TYR B 134 0.50 8.36 -22.79
CA TYR B 134 1.68 8.31 -21.95
C TYR B 134 2.90 7.88 -22.76
N GLY B 135 4.05 8.41 -22.35
CA GLY B 135 5.32 7.89 -22.80
C GLY B 135 5.39 6.40 -22.52
N PRO B 136 6.29 5.71 -23.22
CA PRO B 136 6.32 4.23 -23.17
C PRO B 136 6.45 3.61 -21.77
N GLU B 137 7.27 4.21 -20.91
CA GLU B 137 7.43 3.76 -19.53
C GLU B 137 6.20 4.08 -18.66
N ASP B 138 5.88 5.37 -18.50
CA ASP B 138 4.68 5.76 -17.75
C ASP B 138 3.44 4.98 -18.20
N ALA B 139 3.40 4.60 -19.48
CA ALA B 139 2.27 3.83 -19.97
C ALA B 139 2.20 2.45 -19.36
N GLU B 140 3.36 1.81 -19.11
CA GLU B 140 3.27 0.50 -18.49
C GLU B 140 2.95 0.63 -17.00
N VAL B 141 3.35 1.75 -16.38
CA VAL B 141 2.99 1.99 -14.98
C VAL B 141 1.50 2.28 -14.83
N ALA B 142 0.94 3.08 -15.75
CA ALA B 142 -0.49 3.40 -15.67
C ALA B 142 -1.34 2.21 -16.05
N TYR B 143 -0.97 1.51 -17.13
CA TYR B 143 -1.73 0.31 -17.53
C TYR B 143 -1.74 -0.75 -16.42
N GLU B 144 -0.56 -1.05 -15.85
CA GLU B 144 -0.50 -2.01 -14.74
C GLU B 144 -1.42 -1.63 -13.60
N ALA B 145 -1.46 -0.34 -13.26
CA ALA B 145 -2.31 0.09 -12.16
C ALA B 145 -3.79 -0.05 -12.52
N ALA B 146 -4.16 0.25 -13.78
CA ALA B 146 -5.54 0.09 -14.19
C ALA B 146 -5.96 -1.37 -14.19
N ARG B 147 -5.12 -2.24 -14.77
CA ARG B 147 -5.36 -3.68 -14.69
C ARG B 147 -5.53 -4.14 -13.25
N ALA B 148 -4.59 -3.77 -12.38
CA ALA B 148 -4.67 -4.23 -10.99
C ALA B 148 -5.96 -3.74 -10.33
N PHE B 149 -6.42 -2.54 -10.69
CA PHE B 149 -7.68 -2.06 -10.10
C PHE B 149 -8.88 -2.88 -10.60
N VAL B 150 -9.03 -3.04 -11.92
CA VAL B 150 -10.24 -3.72 -12.36
C VAL B 150 -10.24 -5.18 -11.95
N THR B 151 -9.06 -5.80 -11.88
CA THR B 151 -8.97 -7.18 -11.39
C THR B 151 -9.38 -7.28 -9.92
N SER B 152 -8.90 -6.36 -9.10
CA SER B 152 -9.30 -6.31 -7.69
C SER B 152 -10.80 -6.08 -7.54
N ASP B 153 -11.34 -5.06 -8.23
CA ASP B 153 -12.77 -4.82 -8.09
C ASP B 153 -13.56 -6.08 -8.47
N HIS B 154 -13.10 -6.81 -9.50
CA HIS B 154 -13.78 -8.02 -9.94
C HIS B 154 -13.65 -9.14 -8.92
N MET B 155 -12.40 -9.48 -8.53
CA MET B 155 -12.19 -10.68 -7.73
C MET B 155 -12.70 -10.52 -6.31
N PHE B 156 -12.87 -9.28 -5.85
CA PHE B 156 -13.31 -9.09 -4.47
C PHE B 156 -14.81 -8.97 -4.30
N ARG B 157 -15.60 -9.08 -5.38
CA ARG B 157 -17.04 -8.84 -5.27
C ARG B 157 -17.65 -9.59 -4.10
N ASP B 158 -17.84 -10.90 -4.25
CA ASP B 158 -18.60 -11.72 -3.29
C ASP B 158 -17.74 -12.14 -2.09
N SER B 159 -16.40 -12.18 -2.29
CA SER B 159 -15.20 -12.61 -1.57
C SER B 159 -15.39 -12.52 -0.06
N PRO B 160 -15.15 -13.65 0.63
CA PRO B 160 -15.07 -13.61 2.10
C PRO B 160 -13.87 -12.82 2.60
N ILE B 161 -12.85 -12.62 1.77
CA ILE B 161 -11.72 -11.78 2.17
C ILE B 161 -12.17 -10.34 2.37
N LYS B 162 -12.87 -9.80 1.39
CA LYS B 162 -13.42 -8.46 1.56
C LYS B 162 -14.31 -8.37 2.79
N ALA B 163 -15.03 -9.45 3.08
CA ALA B 163 -15.88 -9.48 4.27
C ALA B 163 -15.04 -9.38 5.54
N ALA B 164 -13.89 -10.05 5.57
CA ALA B 164 -13.07 -9.99 6.77
C ALA B 164 -12.44 -8.60 6.94
N LEU B 165 -11.87 -8.04 5.85
CA LEU B 165 -11.19 -6.74 6.00
C LEU B 165 -12.18 -5.62 6.25
N CYS B 166 -13.42 -5.75 5.79
CA CYS B 166 -14.36 -4.64 5.93
C CYS B 166 -15.09 -4.62 7.25
N THR B 167 -15.16 -5.76 7.95
CA THR B 167 -15.94 -5.88 9.18
C THR B 167 -15.09 -5.99 10.44
N THR B 168 -13.76 -6.05 10.34
CA THR B 168 -12.90 -6.26 11.50
C THR B 168 -12.62 -4.97 12.26
N SER B 169 -11.90 -4.03 11.64
CA SER B 169 -11.53 -2.78 12.31
C SER B 169 -11.39 -1.70 11.25
N PRO B 170 -11.26 -0.43 11.65
CA PRO B 170 -10.94 0.60 10.65
C PRO B 170 -9.60 0.37 9.97
N GLU B 171 -8.60 -0.06 10.76
CA GLU B 171 -7.30 -0.48 10.25
C GLU B 171 -7.43 -1.42 9.05
N GLN B 172 -8.06 -2.60 9.24
CA GLN B 172 -8.15 -3.57 8.15
C GLN B 172 -8.90 -2.99 6.95
N TYR B 173 -9.98 -2.26 7.24
CA TYR B 173 -10.80 -1.73 6.16
C TYR B 173 -10.00 -0.77 5.29
N PHE B 174 -9.35 0.22 5.88
CA PHE B 174 -8.62 1.19 5.08
C PHE B 174 -7.48 0.52 4.32
N ARG B 175 -6.94 -0.56 4.86
CA ARG B 175 -5.94 -1.34 4.13
C ARG B 175 -6.50 -1.89 2.83
N PHE B 176 -7.74 -2.39 2.86
CA PHE B 176 -8.39 -2.83 1.63
C PHE B 176 -8.58 -1.66 0.65
N ARG B 177 -8.90 -0.47 1.17
CA ARG B 177 -9.29 0.63 0.30
C ARG B 177 -8.10 1.32 -0.37
N VAL B 178 -6.89 1.10 0.11
CA VAL B 178 -5.73 1.66 -0.61
C VAL B 178 -5.82 1.28 -2.08
N THR B 179 -6.21 0.04 -2.37
CA THR B 179 -6.44 -0.39 -3.75
C THR B 179 -7.88 -0.19 -4.19
N ASP B 180 -8.83 -0.59 -3.35
CA ASP B 180 -10.21 -0.69 -3.82
C ASP B 180 -10.85 0.66 -4.11
N ILE B 181 -10.50 1.71 -3.39
CA ILE B 181 -11.05 3.00 -3.78
C ILE B 181 -10.32 3.59 -4.96
N GLY B 182 -9.33 2.90 -5.53
CA GLY B 182 -8.67 3.35 -6.74
C GLY B 182 -7.59 4.40 -6.57
N VAL B 183 -7.21 4.76 -5.33
CA VAL B 183 -6.26 5.85 -5.17
C VAL B 183 -4.84 5.45 -5.55
N ASP B 184 -4.42 4.22 -5.29
CA ASP B 184 -3.10 3.82 -5.76
C ASP B 184 -3.02 3.93 -7.28
N PHE B 185 -4.05 3.44 -7.96
CA PHE B 185 -4.17 3.55 -9.41
C PHE B 185 -4.13 5.02 -9.83
N TRP B 186 -4.94 5.85 -9.16
CA TRP B 186 -4.96 7.29 -9.40
C TRP B 186 -3.56 7.87 -9.38
N MET B 187 -2.79 7.57 -8.33
CA MET B 187 -1.45 8.14 -8.21
C MET B 187 -0.55 7.66 -9.33
N LYS B 188 -0.65 6.37 -9.68
CA LYS B 188 0.27 5.80 -10.65
C LYS B 188 -0.07 6.22 -12.07
N MET B 189 -1.27 6.77 -12.31
CA MET B 189 -1.58 7.33 -13.61
C MET B 189 -1.52 8.86 -13.62
N SER B 190 -1.48 9.51 -12.46
CA SER B 190 -1.43 10.96 -12.36
C SER B 190 -0.02 11.53 -12.30
N TYR B 191 0.99 10.76 -11.89
CA TYR B 191 2.32 11.36 -11.82
C TYR B 191 2.81 11.89 -13.17
N PRO B 192 2.49 11.32 -14.33
CA PRO B 192 2.92 11.97 -15.58
C PRO B 192 2.28 13.33 -15.80
N ILE B 193 1.18 13.65 -15.11
CA ILE B 193 0.60 14.98 -15.22
C ILE B 193 1.60 16.03 -14.74
N TYR B 194 2.31 15.74 -13.65
CA TYR B 194 3.08 16.73 -12.92
C TYR B 194 4.58 16.70 -13.22
N ARG B 195 5.13 15.56 -13.65
CA ARG B 195 6.55 15.46 -14.05
C ARG B 195 7.47 15.91 -12.92
N HIS B 196 7.13 15.49 -11.71
CA HIS B 196 7.83 15.91 -10.50
C HIS B 196 8.42 14.66 -9.84
N PRO B 197 9.74 14.43 -9.92
CA PRO B 197 10.26 13.11 -9.50
C PRO B 197 9.96 12.72 -8.06
N GLU B 198 9.92 13.67 -7.13
CA GLU B 198 9.51 13.33 -5.75
C GLU B 198 8.11 12.74 -5.71
N PHE B 199 7.14 13.41 -6.36
CA PHE B 199 5.79 12.87 -6.39
C PHE B 199 5.75 11.55 -7.14
N THR B 200 6.50 11.47 -8.24
CA THR B 200 6.63 10.22 -8.99
C THR B 200 7.11 9.08 -8.09
N GLU B 201 8.11 9.31 -7.23
CA GLU B 201 8.55 8.21 -6.37
C GLU B 201 7.49 7.88 -5.31
N HIS B 202 6.87 8.90 -4.70
CA HIS B 202 5.83 8.58 -3.73
C HIS B 202 4.67 7.85 -4.38
N ALA B 203 4.42 8.13 -5.66
CA ALA B 203 3.37 7.42 -6.38
C ALA B 203 3.75 5.96 -6.57
N LYS B 204 4.98 5.71 -7.00
CA LYS B 204 5.32 4.34 -7.34
C LYS B 204 5.62 3.48 -6.11
N THR B 205 5.97 4.07 -4.97
CA THR B 205 6.04 3.28 -3.74
C THR B 205 4.67 3.03 -3.13
N SER B 206 3.65 3.75 -3.58
CA SER B 206 2.29 3.78 -3.02
C SER B 206 2.20 4.51 -1.69
N LEU B 207 3.30 5.11 -1.21
CA LEU B 207 3.19 5.98 -0.03
C LEU B 207 2.21 7.12 -0.28
N ALA B 208 2.17 7.62 -1.51
CA ALA B 208 1.20 8.67 -1.87
C ALA B 208 -0.23 8.19 -1.62
N ALA B 209 -0.55 7.01 -2.12
CA ALA B 209 -1.86 6.43 -1.90
C ALA B 209 -2.11 6.16 -0.41
N ARG B 210 -1.11 5.64 0.29
CA ARG B 210 -1.35 5.34 1.71
C ARG B 210 -1.61 6.60 2.52
N MET B 211 -1.04 7.74 2.13
CA MET B 211 -1.27 8.97 2.88
C MET B 211 -2.67 9.54 2.65
N THR B 212 -3.27 9.25 1.49
CA THR B 212 -4.52 9.92 1.10
C THR B 212 -5.73 9.01 1.19
N THR B 213 -5.54 7.72 1.48
CA THR B 213 -6.64 6.76 1.45
C THR B 213 -7.75 7.13 2.44
N ARG B 214 -7.39 7.47 3.68
CA ARG B 214 -8.46 7.69 4.66
C ARG B 214 -9.25 8.94 4.33
N GLY B 215 -8.58 10.01 3.90
CA GLY B 215 -9.29 11.24 3.59
C GLY B 215 -10.27 11.06 2.45
N LEU B 216 -9.87 10.32 1.41
CA LEU B 216 -10.78 10.04 0.32
C LEU B 216 -11.91 9.12 0.77
N THR B 217 -11.56 8.05 1.48
CA THR B 217 -12.51 6.99 1.75
C THR B 217 -13.57 7.43 2.76
N ILE B 218 -13.16 8.12 3.82
CA ILE B 218 -14.12 8.51 4.83
C ILE B 218 -15.19 9.40 4.21
N VAL B 219 -14.77 10.35 3.37
CA VAL B 219 -15.72 11.22 2.67
C VAL B 219 -16.59 10.41 1.72
N ASN B 220 -15.97 9.56 0.87
CA ASN B 220 -16.78 8.78 -0.05
C ASN B 220 -17.77 7.91 0.70
N ASP B 221 -17.30 7.23 1.76
CA ASP B 221 -18.18 6.32 2.48
C ASP B 221 -19.38 7.05 3.06
N PHE B 222 -19.16 8.25 3.61
CA PHE B 222 -20.26 8.93 4.26
C PHE B 222 -21.37 9.22 3.26
N TYR B 223 -20.99 9.78 2.12
CA TYR B 223 -21.98 10.22 1.14
C TYR B 223 -22.49 9.11 0.23
N SER B 224 -21.83 7.94 0.20
CA SER B 224 -22.33 6.83 -0.61
C SER B 224 -22.95 5.73 0.24
N TYR B 225 -23.04 5.94 1.56
CA TYR B 225 -23.58 4.94 2.48
C TYR B 225 -24.99 4.50 2.09
N ASP B 226 -25.89 5.45 1.86
CA ASP B 226 -27.28 5.06 1.60
C ASP B 226 -27.39 4.17 0.38
N ARG B 227 -26.72 4.54 -0.71
CA ARG B 227 -26.78 3.73 -1.91
C ARG B 227 -26.17 2.35 -1.66
N GLU B 228 -25.00 2.30 -1.06
CA GLU B 228 -24.30 1.03 -0.92
C GLU B 228 -25.05 0.07 -0.01
N VAL B 229 -25.62 0.58 1.08
CA VAL B 229 -26.38 -0.31 1.95
C VAL B 229 -27.65 -0.79 1.25
N SER B 230 -28.24 0.05 0.39
CA SER B 230 -29.41 -0.42 -0.37
C SER B 230 -28.99 -1.34 -1.51
N LEU B 231 -27.70 -1.42 -1.83
CA LEU B 231 -27.23 -2.31 -2.89
C LEU B 231 -26.38 -3.46 -2.38
N GLY B 232 -26.44 -3.78 -1.09
CA GLY B 232 -25.70 -4.91 -0.55
C GLY B 232 -24.19 -4.79 -0.61
N GLN B 233 -23.66 -3.60 -0.81
CA GLN B 233 -22.22 -3.41 -0.78
C GLN B 233 -21.76 -3.19 0.66
N ILE B 234 -20.75 -3.96 1.07
CA ILE B 234 -20.24 -3.90 2.44
C ILE B 234 -19.04 -3.00 2.57
N THR B 235 -18.53 -2.47 1.47
CA THR B 235 -17.27 -1.75 1.49
C THR B 235 -17.51 -0.28 1.87
N ASN B 236 -17.67 -0.06 3.18
CA ASN B 236 -18.01 1.26 3.73
C ASN B 236 -17.76 1.29 5.22
N CYS B 237 -16.91 2.21 5.69
CA CYS B 237 -16.50 2.15 7.09
C CYS B 237 -17.64 2.45 8.06
N PHE B 238 -18.68 3.18 7.65
CA PHE B 238 -19.74 3.42 8.61
C PHE B 238 -20.60 2.18 8.89
N ARG B 239 -20.44 1.10 8.12
CA ARG B 239 -20.98 -0.19 8.57
C ARG B 239 -20.29 -0.69 9.84
N LEU B 240 -19.13 -0.14 10.19
CA LEU B 240 -18.44 -0.56 11.40
C LEU B 240 -19.04 -0.03 12.69
N CYS B 241 -19.84 1.04 12.64
CA CYS B 241 -20.51 1.50 13.85
C CYS B 241 -22.01 1.41 13.66
N ASP B 242 -22.72 1.61 14.75
CA ASP B 242 -24.18 1.52 14.72
C ASP B 242 -24.69 2.91 14.35
N VAL B 243 -24.95 3.12 13.06
CA VAL B 243 -25.40 4.45 12.65
C VAL B 243 -26.79 4.76 13.20
N SER B 244 -27.55 3.76 13.68
CA SER B 244 -28.82 4.08 14.33
C SER B 244 -28.66 4.58 15.75
N ASP B 245 -27.44 4.62 16.27
CA ASP B 245 -27.17 5.03 17.63
C ASP B 245 -26.47 6.38 17.54
N GLU B 246 -27.18 7.45 17.90
CA GLU B 246 -26.62 8.78 17.70
C GLU B 246 -25.30 8.95 18.42
N THR B 247 -25.24 8.55 19.70
CA THR B 247 -23.99 8.65 20.45
C THR B 247 -22.88 7.87 19.77
N ALA B 248 -23.15 6.62 19.39
CA ALA B 248 -22.12 5.78 18.80
C ALA B 248 -21.67 6.34 17.44
N PHE B 249 -22.63 6.80 16.64
CA PHE B 249 -22.26 7.38 15.35
C PHE B 249 -21.31 8.56 15.54
N LYS B 250 -21.61 9.45 16.49
CA LYS B 250 -20.79 10.66 16.61
C LYS B 250 -19.39 10.34 17.09
N GLU B 251 -19.24 9.37 17.99
CA GLU B 251 -17.91 8.97 18.44
C GLU B 251 -17.10 8.41 17.30
N PHE B 252 -17.72 7.54 16.49
CA PHE B 252 -17.06 6.98 15.32
C PHE B 252 -16.72 8.07 14.31
N PHE B 253 -17.65 8.99 14.08
CA PHE B 253 -17.37 10.05 13.10
C PHE B 253 -16.22 10.93 13.58
N GLN B 254 -16.20 11.29 14.87
CA GLN B 254 -15.08 12.03 15.42
C GLN B 254 -13.77 11.26 15.24
N ALA B 255 -13.78 9.95 15.49
CA ALA B 255 -12.56 9.16 15.30
C ALA B 255 -12.09 9.23 13.85
N ARG B 256 -13.04 9.23 12.90
CA ARG B 256 -12.65 9.31 11.49
C ARG B 256 -12.14 10.71 11.14
N LEU B 257 -12.76 11.76 11.67
CA LEU B 257 -12.21 13.11 11.53
C LEU B 257 -10.78 13.17 12.06
N ASP B 258 -10.55 12.61 13.24
CA ASP B 258 -9.20 12.58 13.81
C ASP B 258 -8.23 11.88 12.86
N ASP B 259 -8.66 10.80 12.24
CA ASP B 259 -7.82 10.11 11.25
C ASP B 259 -7.43 11.06 10.12
N MET B 260 -8.42 11.80 9.60
CA MET B 260 -8.17 12.70 8.49
C MET B 260 -7.18 13.79 8.90
N ILE B 261 -7.35 14.33 10.10
CA ILE B 261 -6.47 15.41 10.58
C ILE B 261 -5.05 14.87 10.77
N GLU B 262 -4.94 13.68 11.36
CA GLU B 262 -3.65 13.00 11.45
C GLU B 262 -2.94 12.96 10.11
N ASP B 263 -3.61 12.44 9.08
CA ASP B 263 -2.99 12.30 7.77
C ASP B 263 -2.62 13.67 7.18
N ILE B 264 -3.51 14.65 7.32
CA ILE B 264 -3.26 15.95 6.71
C ILE B 264 -2.04 16.62 7.33
N GLU B 265 -1.94 16.59 8.66
CA GLU B 265 -0.79 17.23 9.32
C GLU B 265 0.52 16.49 9.03
N CYS B 266 0.46 15.18 8.76
CA CYS B 266 1.65 14.50 8.26
C CYS B 266 1.93 14.78 6.80
N ILE B 267 0.89 14.97 5.99
CA ILE B 267 1.12 15.32 4.59
C ILE B 267 1.91 16.62 4.45
N LYS B 268 1.76 17.56 5.40
CA LYS B 268 2.48 18.83 5.22
C LYS B 268 3.99 18.72 5.48
N ALA B 269 4.48 17.54 5.89
CA ALA B 269 5.92 17.28 5.92
C ALA B 269 6.50 16.97 4.54
N PHE B 270 5.68 16.60 3.56
CA PHE B 270 6.18 16.34 2.23
C PHE B 270 6.62 17.68 1.58
N ASP B 271 7.20 17.62 0.38
CA ASP B 271 7.56 18.87 -0.27
C ASP B 271 6.28 19.58 -0.73
N GLN B 272 6.41 20.86 -1.11
CA GLN B 272 5.25 21.70 -1.35
C GLN B 272 4.43 21.21 -2.53
N LEU B 273 5.06 20.87 -3.66
CA LEU B 273 4.31 20.35 -4.79
C LEU B 273 3.56 19.10 -4.39
N THR B 274 4.24 18.17 -3.73
CA THR B 274 3.61 16.91 -3.38
C THR B 274 2.42 17.12 -2.42
N GLN B 275 2.61 17.92 -1.36
CA GLN B 275 1.51 18.11 -0.43
C GLN B 275 0.36 18.87 -1.09
N ASP B 276 0.68 19.79 -2.00
CA ASP B 276 -0.35 20.44 -2.81
C ASP B 276 -1.23 19.40 -3.49
N VAL B 277 -0.59 18.49 -4.23
CA VAL B 277 -1.33 17.44 -4.94
C VAL B 277 -2.14 16.59 -3.95
N PHE B 278 -1.51 16.18 -2.85
CA PHE B 278 -2.22 15.32 -1.88
C PHE B 278 -3.45 16.03 -1.32
N LEU B 279 -3.29 17.29 -0.91
CA LEU B 279 -4.38 18.01 -0.26
C LEU B 279 -5.47 18.40 -1.26
N ASP B 280 -5.09 18.84 -2.47
CA ASP B 280 -6.08 19.06 -3.54
C ASP B 280 -6.91 17.80 -3.77
N LEU B 281 -6.26 16.63 -3.71
CA LEU B 281 -6.97 15.39 -3.94
C LEU B 281 -8.03 15.16 -2.86
N ILE B 282 -7.63 15.26 -1.58
CA ILE B 282 -8.57 14.98 -0.51
C ILE B 282 -9.67 16.04 -0.46
N TYR B 283 -9.28 17.30 -0.57
CA TYR B 283 -10.26 18.36 -0.44
C TYR B 283 -11.12 18.47 -1.70
N GLY B 284 -10.51 18.33 -2.88
CA GLY B 284 -11.28 18.29 -4.11
C GLY B 284 -12.30 17.15 -4.14
N ASN B 285 -11.90 15.97 -3.66
CA ASN B 285 -12.86 14.88 -3.65
C ASN B 285 -14.08 15.24 -2.80
N PHE B 286 -13.86 15.97 -1.71
CA PHE B 286 -14.98 16.38 -0.86
C PHE B 286 -15.88 17.39 -1.59
N VAL B 287 -15.28 18.37 -2.26
CA VAL B 287 -16.10 19.36 -2.98
C VAL B 287 -16.91 18.67 -4.07
N TRP B 288 -16.26 17.80 -4.85
CA TRP B 288 -16.94 17.08 -5.91
C TRP B 288 -18.03 16.16 -5.37
N THR B 289 -17.71 15.42 -4.29
CA THR B 289 -18.67 14.47 -3.74
C THR B 289 -19.94 15.16 -3.28
N THR B 290 -19.81 16.35 -2.70
CA THR B 290 -20.98 17.03 -2.15
C THR B 290 -21.77 17.79 -3.20
N SER B 291 -21.25 17.91 -4.42
CA SER B 291 -21.97 18.58 -5.49
C SER B 291 -22.61 17.60 -6.48
N ASN B 292 -22.34 16.32 -6.33
CA ASN B 292 -22.55 15.34 -7.37
C ASN B 292 -23.86 14.57 -7.11
N LYS B 293 -24.72 14.53 -8.13
CA LYS B 293 -25.96 13.75 -8.06
C LYS B 293 -25.69 12.28 -7.72
N ARG B 294 -24.51 11.78 -8.12
CA ARG B 294 -24.10 10.42 -7.78
C ARG B 294 -24.32 10.10 -6.32
N TYR B 295 -24.03 11.07 -5.44
CA TYR B 295 -24.11 10.86 -4.01
C TYR B 295 -25.37 11.48 -3.40
N LYS B 296 -26.49 11.49 -4.14
CA LYS B 296 -27.69 12.17 -3.67
C LYS B 296 -28.99 11.38 -3.81
N THR B 297 -29.04 10.29 -4.57
CA THR B 297 -30.25 9.48 -4.59
C THR B 297 -29.92 8.00 -4.68
N ALA B 298 -30.50 7.26 -3.73
CA ALA B 298 -30.57 5.80 -3.84
C ALA B 298 -31.03 5.36 -5.23
N VAL B 299 -30.11 5.30 -6.16
CA VAL B 299 -30.26 4.84 -7.54
C VAL B 299 -30.73 6.02 -8.38
N ASN B 300 -30.08 6.23 -9.53
CA ASN B 300 -30.35 7.31 -10.47
C ASN B 300 -29.51 7.07 -11.73
N ASP B 301 -29.61 8.01 -12.69
CA ASP B 301 -28.97 7.82 -13.99
C ASP B 301 -27.44 7.89 -13.93
N VAL B 302 -26.85 8.20 -12.79
CA VAL B 302 -25.40 8.29 -12.68
C VAL B 302 -24.82 7.47 -11.53
N ASN B 303 -25.35 6.27 -11.22
CA ASN B 303 -24.86 5.42 -10.11
C ASN B 303 -25.68 4.17 -9.80
N SER B 304 -26.50 3.64 -10.71
CA SER B 304 -27.41 2.54 -10.41
C SER B 304 -26.74 1.17 -10.49
N ARG B 305 -27.21 0.32 -11.40
CA ARG B 305 -26.45 -0.86 -11.78
C ARG B 305 -26.76 -1.24 -13.23
N ILE B 306 -28.05 -1.46 -13.51
CA ILE B 306 -28.53 -2.02 -14.79
C ILE B 306 -27.62 -3.19 -15.15
N GLN B 307 -28.02 -4.38 -14.73
CA GLN B 307 -27.13 -5.32 -14.06
C GLN B 307 -27.03 -6.66 -14.77
N ALA B 308 -26.93 -7.71 -13.94
CA ALA B 308 -27.24 -9.09 -14.31
C ALA B 308 -28.75 -9.23 -14.24
N GLY A 14 20.67 3.75 31.56
CA GLY A 14 19.32 3.39 31.96
C GLY A 14 18.26 4.05 31.10
N ARG A 15 18.51 4.12 29.79
CA ARG A 15 17.62 4.88 28.94
C ARG A 15 17.45 4.27 27.56
N SER A 16 18.43 3.47 27.13
CA SER A 16 18.73 3.25 25.72
C SER A 16 18.46 1.83 25.27
N SER A 17 17.50 1.13 25.87
CA SER A 17 17.49 -0.31 25.66
C SER A 17 16.13 -0.94 25.98
N VAL A 18 15.85 -2.05 25.29
CA VAL A 18 14.77 -2.96 25.65
C VAL A 18 15.33 -4.29 26.15
N ARG A 19 16.65 -4.39 26.32
CA ARG A 19 17.28 -5.60 26.85
C ARG A 19 16.61 -6.13 28.12
N PRO A 20 16.17 -5.30 29.08
CA PRO A 20 15.48 -5.88 30.24
C PRO A 20 14.27 -6.74 29.91
N TYR A 21 13.60 -6.50 28.78
CA TYR A 21 12.39 -7.23 28.41
C TYR A 21 12.65 -8.37 27.43
N LEU A 22 13.91 -8.67 27.14
CA LEU A 22 14.22 -9.54 26.01
C LEU A 22 13.58 -10.93 26.18
N GLU A 23 13.76 -11.54 27.34
CA GLU A 23 13.26 -12.90 27.52
C GLU A 23 11.74 -12.95 27.50
N GLU A 24 11.09 -12.05 28.25
CA GLU A 24 9.64 -12.09 28.35
C GLU A 24 8.98 -11.78 27.01
N CYS A 25 9.48 -10.77 26.29
CA CYS A 25 8.92 -10.48 24.97
C CYS A 25 9.15 -11.63 24.00
N THR A 26 10.34 -12.22 24.00
CA THR A 26 10.59 -13.38 23.14
C THR A 26 9.59 -14.48 23.44
N ARG A 27 9.42 -14.80 24.72
CA ARG A 27 8.40 -15.74 25.18
C ARG A 27 7.01 -15.39 24.63
N ARG A 28 6.61 -14.13 24.76
CA ARG A 28 5.26 -13.73 24.37
C ARG A 28 5.03 -13.84 22.86
N PHE A 29 5.98 -13.36 22.06
CA PHE A 29 5.92 -13.55 20.61
C PHE A 29 5.67 -15.02 20.27
N GLN A 30 6.51 -15.90 20.80
CA GLN A 30 6.38 -17.31 20.45
C GLN A 30 5.02 -17.88 20.86
N GLU A 31 4.54 -17.53 22.05
CA GLU A 31 3.23 -18.01 22.49
C GLU A 31 2.14 -17.56 21.52
N MET A 32 2.20 -16.29 21.13
CA MET A 32 1.24 -15.75 20.19
C MET A 32 1.22 -16.57 18.89
N PHE A 33 2.41 -16.79 18.31
CA PHE A 33 2.50 -17.60 17.09
C PHE A 33 1.93 -19.01 17.30
N ASP A 34 2.19 -19.62 18.46
CA ASP A 34 1.74 -21.00 18.69
C ASP A 34 0.22 -21.07 18.80
N ARG A 35 -0.40 -20.00 19.25
CA ARG A 35 -1.83 -20.06 19.50
C ARG A 35 -2.66 -19.45 18.37
N HIS A 36 -2.01 -18.88 17.35
CA HIS A 36 -2.73 -18.27 16.24
C HIS A 36 -2.28 -18.76 14.87
N VAL A 37 -1.03 -19.21 14.73
CA VAL A 37 -0.53 -19.79 13.50
C VAL A 37 -0.40 -21.31 13.62
N VAL A 38 0.23 -21.78 14.69
CA VAL A 38 0.36 -23.18 15.07
C VAL A 38 1.43 -23.88 14.22
N THR A 39 1.19 -24.04 12.91
CA THR A 39 2.20 -24.63 12.04
C THR A 39 3.47 -23.79 12.02
N ARG A 40 4.61 -24.47 11.96
CA ARG A 40 5.89 -23.82 12.15
C ARG A 40 6.59 -23.55 10.81
N PRO A 41 7.40 -22.50 10.73
CA PRO A 41 8.19 -22.29 9.51
C PRO A 41 9.24 -23.38 9.34
N THR A 42 9.72 -23.54 8.11
CA THR A 42 10.76 -24.52 7.78
C THR A 42 11.80 -23.85 6.89
N LYS A 43 13.07 -24.20 7.12
CA LYS A 43 14.18 -23.52 6.44
C LYS A 43 14.42 -24.19 5.09
N VAL A 44 14.27 -23.43 4.01
CA VAL A 44 14.64 -23.89 2.68
C VAL A 44 16.07 -24.43 2.74
N GLU A 45 16.35 -25.49 2.00
CA GLU A 45 17.69 -26.06 1.99
C GLU A 45 18.24 -26.06 0.57
N LEU A 46 18.92 -24.97 0.21
CA LEU A 46 19.68 -24.86 -1.03
C LEU A 46 20.72 -25.98 -1.17
N THR A 47 21.12 -26.24 -2.41
CA THR A 47 22.28 -27.10 -2.55
C THR A 47 23.54 -26.36 -2.12
N ASP A 48 24.67 -27.06 -2.14
CA ASP A 48 25.94 -26.35 -2.07
C ASP A 48 26.09 -25.44 -3.29
N ALA A 49 25.96 -26.00 -4.50
CA ALA A 49 26.11 -25.24 -5.74
C ALA A 49 25.22 -23.99 -5.75
N GLU A 50 23.92 -24.17 -5.48
CA GLU A 50 23.01 -23.04 -5.48
C GLU A 50 23.45 -21.96 -4.50
N LEU A 51 23.92 -22.38 -3.31
CA LEU A 51 24.41 -21.41 -2.34
C LEU A 51 25.58 -20.63 -2.90
N ARG A 52 26.53 -21.35 -3.51
CA ARG A 52 27.65 -20.73 -4.20
C ARG A 52 27.19 -19.70 -5.20
N GLU A 53 26.22 -20.07 -6.06
CA GLU A 53 25.77 -19.11 -7.07
C GLU A 53 25.19 -17.86 -6.42
N VAL A 54 24.56 -18.02 -5.25
CA VAL A 54 23.91 -16.86 -4.60
C VAL A 54 24.97 -15.87 -4.12
N ILE A 55 25.93 -16.34 -3.33
CA ILE A 55 26.95 -15.46 -2.79
C ILE A 55 27.82 -14.90 -3.92
N ASP A 56 28.24 -15.77 -4.87
CA ASP A 56 28.83 -15.33 -6.13
C ASP A 56 28.14 -14.06 -6.65
N ASP A 57 26.83 -14.15 -6.90
CA ASP A 57 26.07 -13.04 -7.52
C ASP A 57 25.96 -11.83 -6.60
N CYS A 58 25.81 -12.06 -5.29
CA CYS A 58 25.79 -10.94 -4.34
C CYS A 58 27.09 -10.15 -4.40
N ASN A 59 28.22 -10.86 -4.41
CA ASN A 59 29.51 -10.17 -4.45
C ASN A 59 29.67 -9.38 -5.75
N ALA A 60 29.23 -9.97 -6.87
CA ALA A 60 29.29 -9.26 -8.15
C ALA A 60 28.43 -8.00 -8.11
N ALA A 61 27.27 -8.07 -7.46
CA ALA A 61 26.33 -6.95 -7.48
C ALA A 61 26.89 -5.75 -6.72
N VAL A 62 27.44 -5.96 -5.54
CA VAL A 62 27.91 -4.83 -4.74
C VAL A 62 29.37 -4.49 -5.04
N ALA A 63 30.06 -5.31 -5.83
CA ALA A 63 31.44 -4.97 -6.18
C ALA A 63 31.60 -3.56 -6.72
N PRO A 64 30.73 -3.04 -7.61
CA PRO A 64 30.95 -1.66 -8.10
C PRO A 64 30.99 -0.62 -7.00
N LEU A 65 30.33 -0.86 -5.86
CA LEU A 65 30.32 0.06 -4.74
C LEU A 65 31.65 0.12 -3.99
N GLY A 66 32.51 -0.88 -4.14
CA GLY A 66 33.83 -0.82 -3.56
C GLY A 66 33.98 -1.36 -2.14
N LYS A 67 32.99 -2.08 -1.62
CA LYS A 67 33.05 -2.59 -0.26
C LYS A 67 33.01 -4.10 -0.29
N THR A 68 33.76 -4.74 0.59
CA THR A 68 33.72 -6.19 0.69
C THR A 68 32.74 -6.61 1.77
N VAL A 69 32.02 -7.69 1.50
CA VAL A 69 31.04 -8.26 2.41
C VAL A 69 31.44 -9.70 2.66
N SER A 70 31.61 -10.07 3.93
CA SER A 70 32.03 -11.42 4.28
C SER A 70 30.91 -12.43 4.01
N ASP A 71 31.32 -13.66 3.67
CA ASP A 71 30.36 -14.74 3.50
C ASP A 71 29.42 -14.87 4.69
N GLU A 72 29.94 -14.71 5.91
CA GLU A 72 29.04 -14.87 7.06
C GLU A 72 28.08 -13.69 7.20
N ARG A 73 28.49 -12.49 6.78
CA ARG A 73 27.52 -11.39 6.72
C ARG A 73 26.45 -11.68 5.66
N TRP A 74 26.85 -12.24 4.51
CA TRP A 74 25.85 -12.63 3.51
C TRP A 74 24.87 -13.65 4.09
N ILE A 75 25.38 -14.63 4.83
CA ILE A 75 24.50 -15.66 5.36
C ILE A 75 23.60 -15.08 6.44
N SER A 76 24.08 -14.07 7.17
CA SER A 76 23.23 -13.34 8.09
C SER A 76 22.07 -12.66 7.36
N TYR A 77 22.33 -12.11 6.19
CA TYR A 77 21.26 -11.49 5.42
C TYR A 77 20.32 -12.53 4.81
N VAL A 78 20.88 -13.59 4.22
CA VAL A 78 20.10 -14.53 3.42
C VAL A 78 19.15 -15.36 4.26
N GLY A 79 19.43 -15.51 5.56
CA GLY A 79 18.63 -16.40 6.38
C GLY A 79 17.14 -16.06 6.41
N VAL A 80 16.80 -14.77 6.26
CA VAL A 80 15.39 -14.41 6.26
C VAL A 80 14.68 -15.06 5.09
N VAL A 81 15.35 -15.16 3.93
CA VAL A 81 14.72 -15.82 2.79
C VAL A 81 14.61 -17.32 3.04
N LEU A 82 15.64 -17.90 3.67
CA LEU A 82 15.65 -19.35 3.86
C LEU A 82 14.56 -19.76 4.83
N TRP A 83 14.24 -18.91 5.81
CA TRP A 83 13.30 -19.22 6.88
C TRP A 83 11.89 -18.69 6.63
N SER A 84 11.71 -17.69 5.79
CA SER A 84 10.46 -16.95 5.75
C SER A 84 9.74 -17.06 4.41
N GLN A 85 10.18 -17.92 3.52
CA GLN A 85 9.39 -18.33 2.36
C GLN A 85 8.58 -19.57 2.76
N SER A 86 7.90 -20.19 1.81
CA SER A 86 6.97 -21.29 2.10
C SER A 86 7.42 -22.48 1.26
N PRO A 87 8.34 -23.29 1.80
CA PRO A 87 9.04 -24.28 0.97
C PRO A 87 8.15 -25.32 0.32
N ARG A 88 7.02 -25.67 0.93
CA ARG A 88 6.26 -26.75 0.32
C ARG A 88 5.45 -26.25 -0.88
N HIS A 89 5.22 -24.93 -0.96
CA HIS A 89 4.55 -24.30 -2.09
C HIS A 89 5.50 -23.88 -3.21
N ILE A 90 6.82 -23.99 -3.03
CA ILE A 90 7.73 -23.42 -4.03
C ILE A 90 7.63 -24.20 -5.34
N LYS A 91 7.54 -23.45 -6.45
CA LYS A 91 7.55 -24.00 -7.79
C LYS A 91 8.79 -23.65 -8.59
N ASP A 92 9.35 -22.44 -8.43
CA ASP A 92 10.45 -21.97 -9.28
C ASP A 92 11.64 -21.62 -8.40
N MET A 93 12.67 -22.47 -8.43
CA MET A 93 13.83 -22.29 -7.57
C MET A 93 14.80 -21.21 -8.05
N GLU A 94 14.77 -20.83 -9.33
CA GLU A 94 15.61 -19.70 -9.72
C GLU A 94 14.99 -18.38 -9.25
N ALA A 95 13.67 -18.28 -9.27
CA ALA A 95 13.01 -17.15 -8.60
C ALA A 95 13.40 -17.11 -7.12
N PHE A 96 13.45 -18.26 -6.46
CA PHE A 96 13.91 -18.30 -5.08
C PHE A 96 15.33 -17.77 -4.95
N LYS A 97 16.25 -18.28 -5.78
CA LYS A 97 17.62 -17.78 -5.76
C LYS A 97 17.66 -16.26 -6.01
N ALA A 98 16.79 -15.78 -6.89
CA ALA A 98 16.73 -14.35 -7.15
C ALA A 98 16.35 -13.57 -5.90
N VAL A 99 15.39 -14.07 -5.14
CA VAL A 99 14.99 -13.37 -3.91
C VAL A 99 16.12 -13.41 -2.90
N CYS A 100 16.85 -14.53 -2.81
CA CYS A 100 18.05 -14.56 -1.97
C CYS A 100 19.00 -13.43 -2.32
N VAL A 101 19.36 -13.32 -3.61
CA VAL A 101 20.37 -12.35 -4.03
C VAL A 101 19.86 -10.92 -3.80
N LEU A 102 18.67 -10.62 -4.33
CA LEU A 102 18.11 -9.27 -4.22
C LEU A 102 17.89 -8.88 -2.75
N ASN A 103 17.41 -9.81 -1.93
CA ASN A 103 17.29 -9.52 -0.51
C ASN A 103 18.63 -9.11 0.09
N CYS A 104 19.68 -9.86 -0.22
CA CYS A 104 20.98 -9.64 0.40
C CYS A 104 21.61 -8.35 -0.05
N VAL A 105 21.58 -8.06 -1.36
CA VAL A 105 22.33 -6.89 -1.82
C VAL A 105 21.62 -5.60 -1.40
N THR A 106 20.29 -5.60 -1.31
CA THR A 106 19.63 -4.39 -0.80
C THR A 106 19.72 -4.29 0.72
N PHE A 107 19.99 -5.41 1.39
CA PHE A 107 20.35 -5.35 2.80
C PHE A 107 21.67 -4.59 2.99
N VAL A 108 22.66 -4.85 2.13
CA VAL A 108 23.91 -4.09 2.16
C VAL A 108 23.61 -2.59 2.00
N TRP A 109 22.81 -2.25 1.00
CA TRP A 109 22.39 -0.86 0.81
C TRP A 109 21.77 -0.28 2.08
N ASP A 110 20.91 -1.06 2.75
CA ASP A 110 20.30 -0.63 4.00
C ASP A 110 21.37 -0.30 5.05
N ASP A 111 22.44 -1.08 5.08
CA ASP A 111 23.51 -0.95 6.06
C ASP A 111 24.59 0.05 5.66
N MET A 112 24.47 0.71 4.50
CA MET A 112 25.52 1.59 3.99
C MET A 112 25.27 3.05 4.34
N ASP A 113 26.36 3.76 4.59
CA ASP A 113 26.32 5.22 4.59
C ASP A 113 25.91 5.72 3.21
N PRO A 114 25.11 6.78 3.13
CA PRO A 114 24.54 7.19 1.84
C PRO A 114 25.57 7.66 0.84
N ALA A 115 26.80 7.96 1.27
CA ALA A 115 27.86 8.29 0.34
C ALA A 115 28.17 7.15 -0.62
N LEU A 116 28.03 5.90 -0.17
CA LEU A 116 28.29 4.74 -1.02
C LEU A 116 27.19 4.42 -2.01
N HIS A 117 26.06 5.13 -1.96
CA HIS A 117 24.85 4.80 -2.70
C HIS A 117 24.88 5.36 -4.12
N ASP A 118 25.54 4.68 -5.06
CA ASP A 118 25.57 5.14 -6.44
C ASP A 118 24.58 4.33 -7.28
N PHE A 119 23.49 5.00 -7.68
CA PHE A 119 22.43 4.36 -8.45
C PHE A 119 22.93 3.96 -9.84
N GLY A 120 23.74 4.82 -10.47
CA GLY A 120 24.27 4.51 -11.79
C GLY A 120 25.05 3.21 -11.86
N LEU A 121 25.75 2.85 -10.79
CA LEU A 121 26.54 1.62 -10.78
C LEU A 121 25.76 0.43 -10.25
N PHE A 122 24.78 0.66 -9.39
CA PHE A 122 24.08 -0.43 -8.73
C PHE A 122 22.81 -0.86 -9.46
N LEU A 123 22.02 0.09 -9.94
CA LEU A 123 20.77 -0.29 -10.61
C LEU A 123 21.01 -1.21 -11.79
N PRO A 124 21.99 -0.99 -12.68
CA PRO A 124 22.30 -2.01 -13.70
C PRO A 124 22.61 -3.40 -13.13
N GLN A 125 23.24 -3.48 -11.96
CA GLN A 125 23.49 -4.78 -11.34
C GLN A 125 22.19 -5.45 -10.91
N LEU A 126 21.24 -4.66 -10.37
CA LEU A 126 19.92 -5.20 -10.06
C LEU A 126 19.23 -5.69 -11.32
N ARG A 127 19.21 -4.86 -12.37
CA ARG A 127 18.66 -5.26 -13.66
C ARG A 127 19.24 -6.59 -14.11
N LYS A 128 20.56 -6.74 -14.02
CA LYS A 128 21.22 -8.00 -14.37
C LYS A 128 20.63 -9.17 -13.60
N ILE A 129 20.59 -9.06 -12.27
CA ILE A 129 20.05 -10.13 -11.44
C ILE A 129 18.62 -10.46 -11.86
N CYS A 130 17.79 -9.43 -12.02
CA CYS A 130 16.39 -9.67 -12.35
C CYS A 130 16.23 -10.39 -13.69
N GLU A 131 16.93 -9.92 -14.72
CA GLU A 131 16.83 -10.57 -16.02
C GLU A 131 17.25 -12.04 -15.95
N LYS A 132 18.39 -12.33 -15.31
CA LYS A 132 18.92 -13.68 -15.27
C LYS A 132 17.90 -14.68 -14.73
N TYR A 133 17.26 -14.37 -13.59
CA TYR A 133 16.52 -15.38 -12.85
C TYR A 133 15.03 -15.41 -13.16
N TYR A 134 14.48 -14.34 -13.74
CA TYR A 134 13.05 -14.23 -14.04
C TYR A 134 12.82 -14.20 -15.54
N GLY A 135 11.57 -14.46 -15.94
CA GLY A 135 11.13 -14.19 -17.29
C GLY A 135 10.92 -12.70 -17.50
N PRO A 136 10.58 -12.31 -18.73
CA PRO A 136 10.67 -10.88 -19.10
C PRO A 136 9.71 -9.95 -18.36
N GLU A 137 8.46 -10.38 -18.11
CA GLU A 137 7.53 -9.53 -17.36
C GLU A 137 7.89 -9.51 -15.88
N ASP A 138 8.05 -10.68 -15.27
CA ASP A 138 8.41 -10.74 -13.85
C ASP A 138 9.72 -10.01 -13.57
N ALA A 139 10.66 -10.03 -14.53
CA ALA A 139 11.92 -9.29 -14.35
C ALA A 139 11.66 -7.79 -14.21
N GLU A 140 10.76 -7.25 -15.03
CA GLU A 140 10.46 -5.83 -14.92
C GLU A 140 9.79 -5.52 -13.58
N VAL A 141 8.92 -6.41 -13.11
CA VAL A 141 8.23 -6.17 -11.84
C VAL A 141 9.22 -6.24 -10.68
N ALA A 142 10.12 -7.22 -10.71
CA ALA A 142 11.09 -7.34 -9.62
C ALA A 142 12.07 -6.17 -9.62
N TYR A 143 12.52 -5.75 -10.80
CA TYR A 143 13.47 -4.64 -10.87
C TYR A 143 12.85 -3.33 -10.36
N GLU A 144 11.62 -3.04 -10.77
CA GLU A 144 10.99 -1.81 -10.31
C GLU A 144 10.85 -1.80 -8.79
N ALA A 145 10.42 -2.92 -8.20
CA ALA A 145 10.28 -2.96 -6.74
C ALA A 145 11.64 -2.80 -6.05
N ALA A 146 12.70 -3.43 -6.59
CA ALA A 146 14.05 -3.25 -6.03
C ALA A 146 14.51 -1.81 -6.17
N ARG A 147 14.39 -1.25 -7.37
CA ARG A 147 14.68 0.16 -7.62
C ARG A 147 13.91 1.07 -6.66
N ALA A 148 12.60 0.85 -6.52
CA ALA A 148 11.80 1.68 -5.63
C ALA A 148 12.28 1.56 -4.18
N PHE A 149 12.72 0.36 -3.77
CA PHE A 149 13.21 0.21 -2.41
C PHE A 149 14.49 0.99 -2.16
N VAL A 150 15.54 0.75 -2.97
CA VAL A 150 16.82 1.40 -2.68
C VAL A 150 16.68 2.91 -2.80
N THR A 151 15.83 3.37 -3.73
CA THR A 151 15.57 4.80 -3.83
C THR A 151 14.89 5.33 -2.57
N SER A 152 13.91 4.59 -2.05
CA SER A 152 13.24 5.01 -0.82
C SER A 152 14.21 5.07 0.35
N ASP A 153 15.00 4.00 0.55
CA ASP A 153 15.93 4.03 1.68
C ASP A 153 16.88 5.21 1.56
N HIS A 154 17.31 5.55 0.34
CA HIS A 154 18.23 6.66 0.18
C HIS A 154 17.53 7.99 0.43
N MET A 155 16.45 8.25 -0.32
CA MET A 155 15.74 9.53 -0.22
C MET A 155 15.32 9.84 1.21
N PHE A 156 15.05 8.82 2.02
CA PHE A 156 14.47 9.12 3.31
C PHE A 156 15.48 9.17 4.44
N ARG A 157 16.77 9.00 4.17
CA ARG A 157 17.76 9.19 5.23
C ARG A 157 17.62 10.60 5.79
N ASP A 158 17.70 10.73 7.11
CA ASP A 158 17.70 12.05 7.79
C ASP A 158 16.31 12.73 7.90
N SER A 159 15.53 12.80 6.78
CA SER A 159 14.25 13.23 6.17
C SER A 159 13.23 13.80 7.18
N PRO A 160 12.59 14.94 6.89
CA PRO A 160 11.42 15.32 7.70
C PRO A 160 10.20 14.44 7.48
N ILE A 161 9.97 13.90 6.28
CA ILE A 161 8.84 12.98 6.10
C ILE A 161 8.99 11.78 7.02
N LYS A 162 10.20 11.20 7.04
CA LYS A 162 10.43 10.04 7.90
C LYS A 162 10.20 10.39 9.37
N ALA A 163 10.79 11.51 9.83
CA ALA A 163 10.64 11.89 11.23
C ALA A 163 9.17 12.17 11.58
N ALA A 164 8.41 12.74 10.63
CA ALA A 164 6.99 12.94 10.90
C ALA A 164 6.26 11.60 11.00
N LEU A 165 6.49 10.70 10.05
CA LEU A 165 5.74 9.45 10.03
C LEU A 165 6.14 8.53 11.19
N CYS A 166 7.38 8.59 11.65
CA CYS A 166 7.85 7.66 12.67
C CYS A 166 7.60 8.13 14.09
N THR A 167 7.26 9.40 14.32
CA THR A 167 7.06 9.87 15.68
C THR A 167 5.61 10.20 16.00
N THR A 168 4.72 10.24 15.01
CA THR A 168 3.37 10.73 15.27
C THR A 168 2.42 9.67 15.83
N SER A 169 2.33 8.49 15.22
CA SER A 169 1.48 7.44 15.74
C SER A 169 1.96 6.10 15.20
N PRO A 170 1.57 4.98 15.84
CA PRO A 170 1.87 3.68 15.21
C PRO A 170 1.25 3.56 13.82
N GLU A 171 0.07 4.17 13.59
CA GLU A 171 -0.56 4.11 12.27
C GLU A 171 0.32 4.70 11.19
N GLN A 172 0.81 5.93 11.40
CA GLN A 172 1.63 6.59 10.38
C GLN A 172 2.95 5.87 10.20
N TYR A 173 3.51 5.34 11.30
CA TYR A 173 4.78 4.65 11.22
C TYR A 173 4.69 3.40 10.34
N PHE A 174 3.69 2.56 10.60
CA PHE A 174 3.56 1.32 9.84
C PHE A 174 3.27 1.61 8.37
N ARG A 175 2.58 2.73 8.08
CA ARG A 175 2.38 3.16 6.70
C ARG A 175 3.71 3.38 5.97
N PHE A 176 4.66 4.04 6.65
CA PHE A 176 6.01 4.20 6.11
C PHE A 176 6.69 2.85 5.89
N ARG A 177 6.48 1.91 6.82
CA ARG A 177 7.22 0.66 6.78
C ARG A 177 6.75 -0.31 5.69
N VAL A 178 5.53 -0.12 5.15
CA VAL A 178 5.10 -0.97 4.02
C VAL A 178 6.17 -1.01 2.93
N THR A 179 6.77 0.13 2.64
CA THR A 179 7.89 0.18 1.71
C THR A 179 9.22 0.02 2.45
N ASP A 180 9.41 0.74 3.55
CA ASP A 180 10.75 0.86 4.12
C ASP A 180 11.28 -0.46 4.71
N ILE A 181 10.41 -1.35 5.24
CA ILE A 181 10.94 -2.64 5.66
C ILE A 181 11.09 -3.61 4.49
N GLY A 182 10.86 -3.15 3.26
CA GLY A 182 11.13 -3.97 2.11
C GLY A 182 10.10 -5.03 1.79
N VAL A 183 8.99 -5.10 2.53
CA VAL A 183 8.04 -6.18 2.31
C VAL A 183 7.27 -6.02 1.00
N ASP A 184 6.96 -4.78 0.58
CA ASP A 184 6.33 -4.64 -0.74
C ASP A 184 7.25 -5.19 -1.82
N PHE A 185 8.52 -4.81 -1.76
CA PHE A 185 9.56 -5.35 -2.64
C PHE A 185 9.59 -6.88 -2.57
N TRP A 186 9.56 -7.42 -1.34
CA TRP A 186 9.63 -8.87 -1.15
C TRP A 186 8.50 -9.60 -1.86
N MET A 187 7.25 -9.13 -1.68
CA MET A 187 6.12 -9.77 -2.33
C MET A 187 6.27 -9.75 -3.84
N LYS A 188 6.66 -8.59 -4.39
CA LYS A 188 6.73 -8.42 -5.84
C LYS A 188 7.91 -9.16 -6.46
N MET A 189 8.90 -9.54 -5.68
CA MET A 189 9.93 -10.42 -6.24
C MET A 189 9.71 -11.90 -5.90
N SER A 190 8.78 -12.21 -5.01
CA SER A 190 8.56 -13.57 -4.55
C SER A 190 7.40 -14.27 -5.23
N TYR A 191 6.42 -13.56 -5.81
CA TYR A 191 5.30 -14.29 -6.39
C TYR A 191 5.71 -15.25 -7.52
N PRO A 192 6.76 -15.01 -8.31
CA PRO A 192 7.15 -16.04 -9.29
C PRO A 192 7.63 -17.33 -8.65
N ILE A 193 8.08 -17.28 -7.39
CA ILE A 193 8.44 -18.51 -6.68
C ILE A 193 7.27 -19.47 -6.68
N TYR A 194 6.06 -18.95 -6.52
CA TYR A 194 4.87 -19.76 -6.28
C TYR A 194 3.98 -19.91 -7.51
N ARG A 195 4.05 -18.97 -8.46
CA ARG A 195 3.22 -18.98 -9.68
C ARG A 195 1.77 -19.33 -9.34
N HIS A 196 1.22 -18.67 -8.31
CA HIS A 196 -0.15 -18.90 -7.86
C HIS A 196 -1.01 -17.67 -8.15
N PRO A 197 -2.15 -17.85 -8.82
CA PRO A 197 -2.91 -16.68 -9.31
C PRO A 197 -3.25 -15.66 -8.23
N GLU A 198 -3.85 -16.11 -7.13
CA GLU A 198 -4.20 -15.19 -6.06
C GLU A 198 -3.02 -14.40 -5.59
N PHE A 199 -1.96 -15.11 -5.16
CA PHE A 199 -0.86 -14.44 -4.51
C PHE A 199 -0.27 -13.37 -5.43
N THR A 200 -0.20 -13.66 -6.71
CA THR A 200 0.37 -12.72 -7.65
C THR A 200 -0.43 -11.41 -7.71
N GLU A 201 -1.76 -11.49 -7.71
CA GLU A 201 -2.56 -10.27 -7.61
C GLU A 201 -2.30 -9.53 -6.30
N HIS A 202 -2.35 -10.24 -5.17
CA HIS A 202 -2.20 -9.57 -3.89
C HIS A 202 -0.82 -8.92 -3.77
N ALA A 203 0.18 -9.57 -4.36
CA ALA A 203 1.52 -9.00 -4.40
C ALA A 203 1.53 -7.72 -5.22
N LYS A 204 0.86 -7.73 -6.38
CA LYS A 204 0.95 -6.57 -7.27
C LYS A 204 0.07 -5.41 -6.80
N THR A 205 -1.01 -5.69 -6.08
CA THR A 205 -1.80 -4.61 -5.45
C THR A 205 -1.18 -4.09 -4.17
N SER A 206 -0.17 -4.79 -3.63
CA SER A 206 0.46 -4.51 -2.34
C SER A 206 -0.45 -4.84 -1.15
N LEU A 207 -1.65 -5.37 -1.38
CA LEU A 207 -2.41 -5.90 -0.25
C LEU A 207 -1.57 -6.93 0.53
N ALA A 208 -0.85 -7.80 -0.18
CA ALA A 208 0.01 -8.79 0.47
C ALA A 208 0.99 -8.10 1.44
N ALA A 209 1.65 -7.04 0.97
CA ALA A 209 2.55 -6.32 1.85
C ALA A 209 1.80 -5.63 2.98
N ARG A 210 0.64 -5.03 2.69
CA ARG A 210 -0.07 -4.30 3.73
C ARG A 210 -0.52 -5.22 4.83
N MET A 211 -0.76 -6.50 4.51
CA MET A 211 -1.22 -7.49 5.48
C MET A 211 -0.09 -7.96 6.41
N THR A 212 1.16 -7.93 5.94
CA THR A 212 2.27 -8.56 6.66
C THR A 212 3.21 -7.53 7.31
N THR A 213 3.00 -6.24 7.03
CA THR A 213 3.93 -5.21 7.48
C THR A 213 4.06 -5.18 9.00
N ARG A 214 2.93 -5.17 9.73
CA ARG A 214 3.05 -5.01 11.17
C ARG A 214 3.72 -6.21 11.82
N GLY A 215 3.38 -7.42 11.39
CA GLY A 215 3.97 -8.59 12.01
C GLY A 215 5.47 -8.63 11.83
N LEU A 216 5.94 -8.25 10.64
CA LEU A 216 7.38 -8.21 10.39
C LEU A 216 8.04 -7.06 11.13
N THR A 217 7.39 -5.89 11.11
CA THR A 217 8.03 -4.69 11.65
C THR A 217 8.12 -4.72 13.17
N ILE A 218 7.06 -5.16 13.85
CA ILE A 218 7.10 -5.15 15.30
C ILE A 218 8.21 -6.07 15.81
N VAL A 219 8.35 -7.24 15.19
CA VAL A 219 9.42 -8.16 15.57
C VAL A 219 10.78 -7.55 15.26
N ASN A 220 10.96 -7.04 14.03
CA ASN A 220 12.24 -6.45 13.68
C ASN A 220 12.60 -5.30 14.61
N ASP A 221 11.63 -4.44 14.90
CA ASP A 221 11.88 -3.27 15.74
C ASP A 221 12.29 -3.68 17.15
N PHE A 222 11.63 -4.69 17.72
CA PHE A 222 11.99 -5.05 19.08
C PHE A 222 13.46 -5.45 19.16
N TYR A 223 13.89 -6.33 18.27
CA TYR A 223 15.24 -6.88 18.40
C TYR A 223 16.32 -6.02 17.75
N SER A 224 15.98 -5.03 16.93
CA SER A 224 17.00 -4.15 16.39
C SER A 224 17.02 -2.80 17.09
N TYR A 225 16.19 -2.63 18.13
CA TYR A 225 16.07 -1.35 18.82
C TYR A 225 17.40 -0.88 19.38
N ASP A 226 18.11 -1.76 20.10
CA ASP A 226 19.33 -1.32 20.75
C ASP A 226 20.34 -0.80 19.74
N ARG A 227 20.51 -1.51 18.61
CA ARG A 227 21.41 -1.06 17.55
C ARG A 227 20.95 0.28 16.97
N GLU A 228 19.66 0.38 16.68
CA GLU A 228 19.17 1.59 16.02
C GLU A 228 19.27 2.79 16.95
N VAL A 229 18.94 2.62 18.23
CA VAL A 229 19.19 3.66 19.24
C VAL A 229 20.66 4.07 19.25
N SER A 230 21.57 3.10 19.20
CA SER A 230 22.99 3.44 19.28
C SER A 230 23.51 4.09 18.00
N LEU A 231 22.64 4.31 17.02
CA LEU A 231 23.05 4.83 15.71
C LEU A 231 22.36 6.14 15.34
N GLY A 232 21.58 6.74 16.24
CA GLY A 232 20.73 7.86 15.87
C GLY A 232 19.66 7.50 14.85
N GLN A 233 19.11 6.28 14.93
CA GLN A 233 18.11 5.80 14.00
C GLN A 233 16.72 5.90 14.60
N ILE A 234 15.77 6.50 13.88
CA ILE A 234 14.44 6.74 14.43
C ILE A 234 13.38 5.81 13.87
N THR A 235 13.70 4.96 12.89
CA THR A 235 12.69 4.12 12.27
C THR A 235 12.49 2.86 13.11
N ASN A 236 11.68 3.01 14.17
CA ASN A 236 11.46 1.94 15.14
C ASN A 236 10.25 2.29 15.99
N CYS A 237 9.22 1.45 15.99
CA CYS A 237 8.00 1.82 16.68
C CYS A 237 8.16 1.90 18.20
N PHE A 238 9.14 1.22 18.79
CA PHE A 238 9.27 1.30 20.24
C PHE A 238 9.81 2.64 20.71
N ARG A 239 10.32 3.47 19.80
CA ARG A 239 10.64 4.86 20.14
C ARG A 239 9.39 5.69 20.41
N LEU A 240 8.22 5.17 20.07
CA LEU A 240 6.96 5.87 20.31
C LEU A 240 6.48 5.73 21.75
N CYS A 241 7.13 4.89 22.56
CA CYS A 241 6.72 4.71 23.94
C CYS A 241 7.94 4.81 24.83
N ASP A 242 7.71 5.04 26.12
CA ASP A 242 8.80 5.18 27.09
C ASP A 242 9.28 3.79 27.54
N VAL A 243 10.31 3.26 26.87
CA VAL A 243 10.76 1.91 27.21
C VAL A 243 11.44 1.86 28.57
N SER A 244 11.97 2.98 29.06
CA SER A 244 12.55 3.10 30.40
C SER A 244 11.55 2.77 31.50
N ASP A 245 10.26 2.78 31.18
CA ASP A 245 9.18 2.63 32.15
C ASP A 245 8.46 1.34 31.83
N GLU A 246 8.62 0.33 32.69
CA GLU A 246 8.15 -1.01 32.39
C GLU A 246 6.65 -1.02 32.13
N THR A 247 5.87 -0.26 32.91
CA THR A 247 4.42 -0.37 32.78
C THR A 247 3.92 0.25 31.47
N ALA A 248 4.49 1.38 31.06
CA ALA A 248 4.14 1.93 29.75
C ALA A 248 4.62 1.00 28.63
N PHE A 249 5.80 0.42 28.79
CA PHE A 249 6.27 -0.51 27.75
C PHE A 249 5.32 -1.68 27.62
N LYS A 250 4.80 -2.18 28.75
CA LYS A 250 3.92 -3.34 28.71
C LYS A 250 2.67 -3.05 27.89
N GLU A 251 2.02 -1.93 28.16
CA GLU A 251 0.79 -1.60 27.45
C GLU A 251 1.05 -1.43 25.96
N PHE A 252 2.18 -0.80 25.61
CA PHE A 252 2.50 -0.60 24.21
C PHE A 252 2.80 -1.93 23.54
N PHE A 253 3.62 -2.77 24.18
CA PHE A 253 3.94 -4.07 23.60
C PHE A 253 2.69 -4.91 23.42
N GLN A 254 1.76 -4.86 24.38
CA GLN A 254 0.52 -5.62 24.23
C GLN A 254 -0.34 -5.09 23.09
N ALA A 255 -0.38 -3.76 22.92
CA ALA A 255 -1.11 -3.21 21.77
C ALA A 255 -0.49 -3.70 20.47
N ARG A 256 0.84 -3.84 20.45
CA ARG A 256 1.51 -4.31 19.24
C ARG A 256 1.22 -5.80 19.02
N LEU A 257 1.24 -6.61 20.08
CA LEU A 257 0.79 -8.00 19.94
C LEU A 257 -0.61 -8.05 19.37
N ASP A 258 -1.51 -7.23 19.91
CA ASP A 258 -2.88 -7.23 19.42
C ASP A 258 -2.93 -6.93 17.92
N ASP A 259 -2.10 -5.98 17.45
CA ASP A 259 -2.04 -5.67 16.02
C ASP A 259 -1.65 -6.91 15.21
N MET A 260 -0.60 -7.60 15.67
CA MET A 260 -0.15 -8.79 14.96
C MET A 260 -1.25 -9.83 14.92
N ILE A 261 -1.94 -10.04 16.05
CA ILE A 261 -3.00 -11.04 16.11
C ILE A 261 -4.11 -10.68 15.14
N GLU A 262 -4.52 -9.41 15.15
CA GLU A 262 -5.58 -9.00 14.26
C GLU A 262 -5.21 -9.29 12.80
N ASP A 263 -4.00 -8.90 12.39
CA ASP A 263 -3.56 -9.18 11.02
C ASP A 263 -3.57 -10.68 10.72
N ILE A 264 -3.03 -11.49 11.63
CA ILE A 264 -2.95 -12.94 11.39
C ILE A 264 -4.34 -13.53 11.22
N GLU A 265 -5.28 -13.14 12.08
CA GLU A 265 -6.62 -13.69 11.97
C GLU A 265 -7.29 -13.24 10.66
N CYS A 266 -7.07 -11.99 10.21
CA CYS A 266 -7.56 -11.58 8.88
C CYS A 266 -6.88 -12.36 7.75
N ILE A 267 -5.59 -12.64 7.90
CA ILE A 267 -4.87 -13.36 6.86
C ILE A 267 -5.50 -14.73 6.61
N LYS A 268 -6.14 -15.32 7.62
CA LYS A 268 -6.80 -16.60 7.44
C LYS A 268 -7.97 -16.56 6.47
N ALA A 269 -8.51 -15.35 6.21
CA ALA A 269 -9.53 -15.16 5.19
C ALA A 269 -9.00 -15.39 3.78
N PHE A 270 -7.69 -15.32 3.58
CA PHE A 270 -7.17 -15.51 2.25
C PHE A 270 -7.17 -17.00 1.90
N ASP A 271 -6.99 -17.28 0.61
CA ASP A 271 -6.87 -18.66 0.15
C ASP A 271 -5.73 -19.35 0.88
N GLN A 272 -5.85 -20.67 1.03
CA GLN A 272 -4.91 -21.40 1.88
C GLN A 272 -3.46 -21.30 1.40
N LEU A 273 -3.22 -21.24 0.09
CA LEU A 273 -1.85 -21.05 -0.38
C LEU A 273 -1.31 -19.71 0.08
N THR A 274 -2.04 -18.64 -0.22
CA THR A 274 -1.56 -17.30 0.07
C THR A 274 -1.40 -17.12 1.58
N GLN A 275 -2.36 -17.62 2.36
CA GLN A 275 -2.24 -17.48 3.80
C GLN A 275 -1.02 -18.22 4.33
N ASP A 276 -0.69 -19.38 3.73
CA ASP A 276 0.54 -20.07 4.10
C ASP A 276 1.76 -19.17 3.87
N VAL A 277 1.83 -18.54 2.69
CA VAL A 277 2.96 -17.67 2.38
C VAL A 277 3.04 -16.49 3.34
N PHE A 278 1.90 -15.83 3.59
CA PHE A 278 1.90 -14.68 4.51
C PHE A 278 2.38 -15.09 5.90
N LEU A 279 1.85 -16.19 6.42
CA LEU A 279 2.11 -16.58 7.80
C LEU A 279 3.52 -17.14 7.97
N ASP A 280 3.97 -17.95 7.01
CA ASP A 280 5.37 -18.37 7.02
C ASP A 280 6.31 -17.17 6.98
N LEU A 281 5.90 -16.10 6.28
CA LEU A 281 6.74 -14.92 6.23
C LEU A 281 6.87 -14.27 7.60
N ILE A 282 5.75 -14.05 8.29
CA ILE A 282 5.81 -13.37 9.58
C ILE A 282 6.49 -14.25 10.62
N TYR A 283 6.09 -15.51 10.68
CA TYR A 283 6.63 -16.42 11.70
C TYR A 283 8.09 -16.77 11.38
N GLY A 284 8.39 -17.04 10.11
CA GLY A 284 9.78 -17.26 9.74
C GLY A 284 10.69 -16.10 10.06
N ASN A 285 10.22 -14.87 9.85
CA ASN A 285 11.05 -13.72 10.18
C ASN A 285 11.36 -13.70 11.67
N PHE A 286 10.40 -14.08 12.50
CA PHE A 286 10.64 -14.13 13.94
C PHE A 286 11.68 -15.20 14.29
N VAL A 287 11.55 -16.38 13.69
CA VAL A 287 12.51 -17.45 13.99
C VAL A 287 13.92 -17.03 13.57
N TRP A 288 14.03 -16.46 12.37
CA TRP A 288 15.33 -16.01 11.87
C TRP A 288 15.89 -14.86 12.71
N THR A 289 15.04 -13.87 13.02
CA THR A 289 15.46 -12.73 13.84
C THR A 289 16.02 -13.20 15.19
N THR A 290 15.38 -14.18 15.82
CA THR A 290 15.85 -14.65 17.12
C THR A 290 17.04 -15.61 17.02
N SER A 291 17.42 -16.03 15.81
CA SER A 291 18.54 -16.95 15.61
C SER A 291 19.73 -16.29 14.94
N ASN A 292 19.77 -14.96 14.91
CA ASN A 292 20.67 -14.19 14.06
C ASN A 292 21.47 -13.21 14.89
N LYS A 293 22.80 -13.32 14.82
CA LYS A 293 23.72 -12.43 15.52
C LYS A 293 23.47 -10.97 15.20
N ARG A 294 22.89 -10.71 14.03
CA ARG A 294 22.51 -9.35 13.67
C ARG A 294 21.60 -8.74 14.73
N TYR A 295 20.76 -9.54 15.39
CA TYR A 295 19.65 -9.02 16.19
C TYR A 295 19.76 -9.35 17.68
N LYS A 296 20.88 -9.01 18.29
CA LYS A 296 21.01 -9.17 19.74
C LYS A 296 21.27 -7.83 20.39
N THR A 297 22.07 -7.00 19.75
CA THR A 297 22.74 -5.87 20.38
C THR A 297 23.54 -5.10 19.35
N ALA A 298 24.15 -4.03 19.83
CA ALA A 298 24.25 -2.79 19.10
C ALA A 298 25.12 -2.91 17.85
N VAL A 299 26.36 -3.33 18.02
CA VAL A 299 27.36 -3.22 16.96
C VAL A 299 28.25 -4.46 17.04
N ASN A 300 28.11 -5.36 16.08
CA ASN A 300 28.93 -6.57 16.00
C ASN A 300 29.30 -6.76 14.54
N ASP A 301 30.03 -7.84 14.26
CA ASP A 301 30.58 -8.03 12.93
C ASP A 301 29.60 -8.65 11.94
N VAL A 302 28.29 -8.42 12.08
CA VAL A 302 27.35 -8.61 10.98
C VAL A 302 26.29 -7.51 10.91
N ASN A 303 26.14 -6.67 11.95
CA ASN A 303 25.19 -5.55 11.84
C ASN A 303 25.85 -4.18 11.89
N SER A 304 27.19 -4.12 11.87
CA SER A 304 27.86 -2.83 11.90
C SER A 304 27.58 -2.10 10.59
N ARG A 305 27.66 -0.77 10.63
CA ARG A 305 27.44 -0.02 9.42
C ARG A 305 28.52 -0.34 8.42
N ILE A 306 28.29 0.08 7.17
CA ILE A 306 29.32 0.08 6.14
C ILE A 306 29.48 1.53 5.72
N GLN A 307 30.61 2.15 6.07
CA GLN A 307 30.84 3.56 5.71
C GLN A 307 31.89 3.65 4.62
N GLY B 9 -33.79 -8.68 5.11
CA GLY B 9 -34.83 -9.09 6.02
C GLY B 9 -34.78 -8.29 7.32
N ALA B 10 -35.93 -8.22 8.00
CA ALA B 10 -36.09 -7.38 9.18
C ALA B 10 -35.64 -5.94 8.94
N GLN B 11 -35.69 -5.06 9.93
CA GLN B 11 -35.46 -3.67 9.57
C GLN B 11 -33.97 -3.33 9.63
N ASP B 12 -33.55 -2.79 10.78
CA ASP B 12 -32.36 -1.95 10.87
C ASP B 12 -32.46 -0.86 9.80
N ILE B 13 -33.72 -0.51 9.47
CA ILE B 13 -33.99 0.64 8.61
C ILE B 13 -33.49 1.91 9.27
N GLY B 14 -33.54 1.98 10.60
CA GLY B 14 -32.99 3.13 11.30
C GLY B 14 -31.49 3.31 11.11
N ARG B 15 -30.72 2.22 11.17
CA ARG B 15 -29.29 2.21 10.91
C ARG B 15 -28.96 2.24 9.42
N SER B 16 -29.97 2.29 8.55
CA SER B 16 -29.69 2.17 7.13
C SER B 16 -29.45 3.51 6.43
N SER B 17 -29.46 4.62 7.15
CA SER B 17 -29.27 5.92 6.50
C SER B 17 -28.42 6.82 7.37
N VAL B 18 -27.49 7.54 6.75
CA VAL B 18 -26.79 8.61 7.44
C VAL B 18 -27.45 9.96 7.17
N ARG B 19 -28.55 9.97 6.44
CA ARG B 19 -29.20 11.23 6.05
C ARG B 19 -29.60 12.10 7.23
N PRO B 20 -30.08 11.58 8.37
CA PRO B 20 -30.25 12.46 9.54
C PRO B 20 -29.02 13.32 9.87
N TYR B 21 -27.80 12.79 9.72
CA TYR B 21 -26.55 13.49 10.05
C TYR B 21 -25.96 14.30 8.90
N LEU B 22 -26.66 14.39 7.77
CA LEU B 22 -26.07 14.93 6.56
C LEU B 22 -25.56 16.37 6.75
N GLU B 23 -26.41 17.24 7.27
CA GLU B 23 -26.02 18.65 7.38
C GLU B 23 -24.86 18.82 8.35
N GLU B 24 -24.94 18.20 9.52
CA GLU B 24 -23.93 18.48 10.53
C GLU B 24 -22.58 17.85 10.16
N CYS B 25 -22.58 16.65 9.55
CA CYS B 25 -21.32 16.06 9.12
C CYS B 25 -20.70 16.87 7.97
N THR B 26 -21.52 17.34 7.03
CA THR B 26 -20.99 18.15 5.94
C THR B 26 -20.32 19.38 6.50
N ARG B 27 -20.98 20.05 7.44
CA ARG B 27 -20.43 21.20 8.11
C ARG B 27 -19.12 20.86 8.83
N ARG B 28 -19.10 19.72 9.54
CA ARG B 28 -17.89 19.33 10.26
C ARG B 28 -16.72 19.08 9.31
N PHE B 29 -16.96 18.31 8.25
CA PHE B 29 -15.92 18.09 7.22
C PHE B 29 -15.35 19.41 6.75
N GLN B 30 -16.24 20.33 6.34
CA GLN B 30 -15.78 21.61 5.82
C GLN B 30 -14.99 22.38 6.87
N GLU B 31 -15.44 22.38 8.12
CA GLU B 31 -14.70 23.06 9.18
C GLU B 31 -13.30 22.50 9.29
N MET B 32 -13.21 21.17 9.20
CA MET B 32 -11.91 20.50 9.30
C MET B 32 -10.99 20.96 8.18
N PHE B 33 -11.47 20.90 6.94
CA PHE B 33 -10.65 21.36 5.82
C PHE B 33 -10.22 22.82 6.00
N ASP B 34 -11.12 23.66 6.53
CA ASP B 34 -10.81 25.08 6.68
C ASP B 34 -9.71 25.31 7.73
N ARG B 35 -9.70 24.52 8.81
CA ARG B 35 -8.61 24.61 9.76
C ARG B 35 -7.31 24.04 9.19
N HIS B 36 -7.34 22.80 8.72
CA HIS B 36 -6.11 22.06 8.47
C HIS B 36 -5.59 22.14 7.06
N VAL B 37 -6.41 22.48 6.08
CA VAL B 37 -5.96 22.66 4.71
C VAL B 37 -5.95 24.13 4.32
N VAL B 38 -7.00 24.88 4.71
CA VAL B 38 -7.27 26.27 4.36
C VAL B 38 -7.57 26.42 2.88
N THR B 39 -6.64 26.01 2.02
CA THR B 39 -6.68 26.42 0.62
C THR B 39 -7.64 25.54 -0.18
N ARG B 40 -8.37 26.19 -1.08
CA ARG B 40 -9.48 25.61 -1.79
C ARG B 40 -8.98 24.89 -3.04
N PRO B 41 -9.41 23.65 -3.25
CA PRO B 41 -9.11 23.00 -4.53
C PRO B 41 -9.74 23.74 -5.70
N THR B 42 -9.05 23.68 -6.83
CA THR B 42 -9.35 24.45 -8.02
C THR B 42 -9.82 23.50 -9.11
N LYS B 43 -10.90 23.85 -9.78
CA LYS B 43 -11.41 23.01 -10.85
C LYS B 43 -10.64 23.30 -12.14
N VAL B 44 -9.78 22.34 -12.54
CA VAL B 44 -9.07 22.41 -13.81
C VAL B 44 -10.07 22.70 -14.92
N GLU B 45 -9.69 23.56 -15.86
CA GLU B 45 -10.60 23.99 -16.91
C GLU B 45 -10.24 23.28 -18.21
N LEU B 46 -11.18 22.49 -18.72
CA LEU B 46 -11.06 21.92 -20.04
C LEU B 46 -11.68 22.86 -21.07
N THR B 47 -10.98 23.03 -22.19
CA THR B 47 -11.59 23.62 -23.36
C THR B 47 -12.70 22.70 -23.84
N ASP B 48 -13.68 23.29 -24.54
CA ASP B 48 -14.70 22.50 -25.23
C ASP B 48 -14.09 21.29 -25.93
N ALA B 49 -13.08 21.53 -26.76
CA ALA B 49 -12.40 20.44 -27.46
C ALA B 49 -11.94 19.37 -26.48
N GLU B 50 -10.98 19.71 -25.61
CA GLU B 50 -10.41 18.72 -24.70
C GLU B 50 -11.51 17.90 -24.01
N LEU B 51 -12.62 18.56 -23.64
CA LEU B 51 -13.75 17.86 -23.04
C LEU B 51 -14.33 16.81 -23.98
N ARG B 52 -14.74 17.21 -25.18
CA ARG B 52 -15.32 16.25 -26.12
C ARG B 52 -14.36 15.10 -26.39
N GLU B 53 -13.07 15.41 -26.52
CA GLU B 53 -12.07 14.36 -26.72
C GLU B 53 -12.13 13.33 -25.59
N VAL B 54 -12.52 13.77 -24.39
CA VAL B 54 -12.59 12.86 -23.26
C VAL B 54 -13.76 11.90 -23.42
N ILE B 55 -14.96 12.44 -23.63
CA ILE B 55 -16.13 11.58 -23.78
C ILE B 55 -15.94 10.61 -24.94
N ASP B 56 -15.47 11.10 -26.10
CA ASP B 56 -15.13 10.22 -27.21
C ASP B 56 -14.27 9.03 -26.75
N ASP B 57 -13.18 9.30 -26.01
CA ASP B 57 -12.30 8.24 -25.55
C ASP B 57 -13.02 7.25 -24.63
N CYS B 58 -13.87 7.77 -23.73
CA CYS B 58 -14.58 6.90 -22.79
C CYS B 58 -15.55 5.98 -23.50
N ASN B 59 -16.32 6.53 -24.44
CA ASN B 59 -17.29 5.71 -25.15
C ASN B 59 -16.59 4.65 -25.99
N ALA B 60 -15.48 5.00 -26.63
CA ALA B 60 -14.73 4.02 -27.40
C ALA B 60 -14.27 2.88 -26.51
N ALA B 61 -13.80 3.22 -25.31
CA ALA B 61 -13.27 2.21 -24.39
C ALA B 61 -14.33 1.20 -23.98
N VAL B 62 -15.51 1.66 -23.56
CA VAL B 62 -16.50 0.73 -23.02
C VAL B 62 -17.45 0.20 -24.08
N ALA B 63 -17.32 0.66 -25.32
CA ALA B 63 -18.15 0.17 -26.43
C ALA B 63 -18.11 -1.34 -26.60
N PRO B 64 -16.98 -2.04 -26.45
CA PRO B 64 -17.03 -3.50 -26.54
C PRO B 64 -17.95 -4.14 -25.51
N LEU B 65 -18.11 -3.53 -24.34
CA LEU B 65 -18.85 -4.17 -23.26
C LEU B 65 -20.34 -4.30 -23.52
N GLY B 66 -20.95 -3.37 -24.27
CA GLY B 66 -22.34 -3.48 -24.65
C GLY B 66 -23.29 -2.57 -23.90
N LYS B 67 -22.77 -1.63 -23.12
CA LYS B 67 -23.62 -0.76 -22.32
C LYS B 67 -23.36 0.70 -22.70
N THR B 68 -24.42 1.38 -23.14
CA THR B 68 -24.40 2.82 -23.37
C THR B 68 -24.15 3.55 -22.07
N VAL B 69 -23.45 4.67 -22.15
CA VAL B 69 -23.22 5.55 -20.99
C VAL B 69 -23.56 6.98 -21.43
N SER B 70 -24.52 7.60 -20.74
CA SER B 70 -24.94 8.95 -21.12
C SER B 70 -23.86 9.98 -20.79
N ASP B 71 -23.91 11.11 -21.49
CA ASP B 71 -22.98 12.20 -21.18
C ASP B 71 -23.16 12.69 -19.74
N GLU B 72 -24.40 12.77 -19.24
CA GLU B 72 -24.57 13.16 -17.83
C GLU B 72 -23.82 12.20 -16.92
N ARG B 73 -23.88 10.91 -17.21
CA ARG B 73 -23.19 9.93 -16.39
C ARG B 73 -21.68 10.13 -16.47
N TRP B 74 -21.13 10.25 -17.69
CA TRP B 74 -19.70 10.51 -17.84
C TRP B 74 -19.28 11.76 -17.08
N ILE B 75 -20.09 12.82 -17.14
CA ILE B 75 -19.70 14.05 -16.46
C ILE B 75 -19.71 13.85 -14.95
N SER B 76 -20.64 13.02 -14.45
CA SER B 76 -20.64 12.65 -13.04
C SER B 76 -19.33 11.94 -12.65
N TYR B 77 -18.84 11.02 -13.48
CA TYR B 77 -17.58 10.34 -13.18
C TYR B 77 -16.41 11.30 -13.30
N VAL B 78 -16.39 12.16 -14.31
CA VAL B 78 -15.16 12.88 -14.63
C VAL B 78 -14.89 14.02 -13.65
N GLY B 79 -15.95 14.53 -12.98
CA GLY B 79 -15.78 15.66 -12.08
C GLY B 79 -14.70 15.46 -11.02
N VAL B 80 -14.51 14.22 -10.55
CA VAL B 80 -13.51 14.01 -9.50
C VAL B 80 -12.12 14.39 -10.02
N VAL B 81 -11.84 14.11 -11.29
CA VAL B 81 -10.53 14.51 -11.83
C VAL B 81 -10.46 16.02 -11.99
N LEU B 82 -11.55 16.64 -12.45
CA LEU B 82 -11.53 18.09 -12.66
C LEU B 82 -11.33 18.84 -11.36
N TRP B 83 -11.87 18.34 -10.25
CA TRP B 83 -11.76 19.01 -8.97
C TRP B 83 -10.56 18.58 -8.12
N SER B 84 -10.06 17.37 -8.29
CA SER B 84 -9.16 16.80 -7.30
C SER B 84 -7.73 16.62 -7.79
N GLN B 85 -7.37 17.16 -8.94
CA GLN B 85 -5.97 17.31 -9.30
C GLN B 85 -5.50 18.66 -8.75
N SER B 86 -4.36 19.16 -9.22
CA SER B 86 -3.73 20.34 -8.62
C SER B 86 -3.35 21.32 -9.72
N PRO B 87 -4.26 22.24 -10.10
CA PRO B 87 -3.99 23.08 -11.29
C PRO B 87 -2.71 23.87 -11.23
N ARG B 88 -2.29 24.36 -10.06
CA ARG B 88 -1.12 25.23 -10.06
C ARG B 88 0.13 24.49 -10.52
N HIS B 89 0.17 23.18 -10.34
CA HIS B 89 1.35 22.36 -10.60
C HIS B 89 1.29 21.64 -11.94
N ILE B 90 0.22 21.79 -12.72
CA ILE B 90 0.05 20.94 -13.89
C ILE B 90 1.01 21.38 -14.98
N LYS B 91 1.82 20.43 -15.48
CA LYS B 91 2.62 20.66 -16.69
C LYS B 91 2.10 19.89 -17.90
N ASP B 92 1.67 18.64 -17.73
CA ASP B 92 1.37 17.77 -18.86
C ASP B 92 -0.15 17.57 -18.96
N MET B 93 -0.79 18.29 -19.91
CA MET B 93 -2.24 18.20 -20.05
C MET B 93 -2.70 16.93 -20.75
N GLU B 94 -1.84 16.28 -21.54
CA GLU B 94 -2.21 15.01 -22.14
C GLU B 94 -2.29 13.89 -21.10
N ALA B 95 -1.40 13.91 -20.11
CA ALA B 95 -1.53 12.96 -19.01
C ALA B 95 -2.78 13.24 -18.19
N PHE B 96 -3.17 14.52 -18.09
CA PHE B 96 -4.39 14.85 -17.37
C PHE B 96 -5.60 14.23 -18.07
N LYS B 97 -5.64 14.33 -19.40
CA LYS B 97 -6.77 13.78 -20.16
C LYS B 97 -6.81 12.26 -20.09
N ALA B 98 -5.65 11.60 -20.06
CA ALA B 98 -5.63 10.16 -19.83
C ALA B 98 -6.29 9.81 -18.48
N VAL B 99 -6.01 10.60 -17.45
CA VAL B 99 -6.59 10.29 -16.14
C VAL B 99 -8.11 10.47 -16.16
N CYS B 100 -8.60 11.50 -16.88
CA CYS B 100 -10.05 11.64 -17.07
C CYS B 100 -10.64 10.37 -17.66
N VAL B 101 -10.05 9.87 -18.75
CA VAL B 101 -10.60 8.69 -19.41
C VAL B 101 -10.47 7.46 -18.51
N LEU B 102 -9.26 7.22 -17.98
CA LEU B 102 -9.04 6.03 -17.18
C LEU B 102 -9.91 6.04 -15.92
N ASN B 103 -10.03 7.20 -15.29
CA ASN B 103 -10.96 7.33 -14.16
C ASN B 103 -12.37 6.91 -14.55
N CYS B 104 -12.89 7.45 -15.66
CA CYS B 104 -14.31 7.26 -15.97
C CYS B 104 -14.64 5.82 -16.34
N VAL B 105 -13.81 5.18 -17.17
CA VAL B 105 -14.20 3.87 -17.65
C VAL B 105 -14.09 2.82 -16.55
N THR B 106 -13.16 2.99 -15.61
CA THR B 106 -13.13 2.06 -14.48
C THR B 106 -14.19 2.40 -13.43
N PHE B 107 -14.71 3.64 -13.42
CA PHE B 107 -15.91 3.90 -12.64
C PHE B 107 -17.09 3.09 -13.16
N VAL B 108 -17.25 3.01 -14.49
CA VAL B 108 -18.26 2.16 -15.09
C VAL B 108 -18.10 0.72 -14.60
N TRP B 109 -16.86 0.22 -14.67
CA TRP B 109 -16.54 -1.12 -14.20
C TRP B 109 -16.96 -1.31 -12.75
N ASP B 110 -16.71 -0.29 -11.91
CA ASP B 110 -17.12 -0.29 -10.51
C ASP B 110 -18.64 -0.39 -10.35
N ASP B 111 -19.41 0.18 -11.29
CA ASP B 111 -20.86 0.18 -11.22
C ASP B 111 -21.51 -1.02 -11.90
N MET B 112 -20.72 -1.87 -12.55
CA MET B 112 -21.24 -2.98 -13.33
C MET B 112 -21.48 -4.23 -12.48
N ASP B 113 -22.61 -4.89 -12.76
CA ASP B 113 -22.77 -6.26 -12.29
C ASP B 113 -21.60 -7.10 -12.79
N PRO B 114 -21.06 -8.01 -11.95
CA PRO B 114 -19.79 -8.67 -12.32
C PRO B 114 -19.89 -9.55 -13.55
N ALA B 115 -21.08 -10.06 -13.89
CA ALA B 115 -21.25 -10.81 -15.12
C ALA B 115 -20.99 -9.95 -16.35
N LEU B 116 -21.18 -8.64 -16.26
CA LEU B 116 -20.88 -7.74 -17.38
C LEU B 116 -19.39 -7.59 -17.63
N HIS B 117 -18.55 -7.85 -16.62
CA HIS B 117 -17.11 -7.69 -16.76
C HIS B 117 -16.62 -8.64 -17.84
N ASP B 118 -15.87 -8.16 -18.81
CA ASP B 118 -15.17 -9.07 -19.73
C ASP B 118 -13.74 -8.58 -19.90
N PHE B 119 -12.82 -9.25 -19.20
CA PHE B 119 -11.41 -8.88 -19.28
C PHE B 119 -10.88 -9.01 -20.70
N GLY B 120 -11.29 -10.06 -21.40
CA GLY B 120 -10.83 -10.24 -22.78
C GLY B 120 -11.28 -9.11 -23.69
N LEU B 121 -12.42 -8.49 -23.38
CA LEU B 121 -12.89 -7.38 -24.20
C LEU B 121 -12.40 -6.04 -23.70
N PHE B 122 -12.26 -5.87 -22.37
CA PHE B 122 -11.98 -4.55 -21.81
C PHE B 122 -10.49 -4.29 -21.59
N LEU B 123 -9.72 -5.28 -21.16
CA LEU B 123 -8.28 -5.04 -21.02
C LEU B 123 -7.62 -4.49 -22.29
N PRO B 124 -7.94 -4.99 -23.49
CA PRO B 124 -7.35 -4.35 -24.70
C PRO B 124 -7.76 -2.90 -24.89
N GLN B 125 -8.93 -2.48 -24.40
CA GLN B 125 -9.31 -1.07 -24.46
C GLN B 125 -8.44 -0.23 -23.52
N LEU B 126 -8.24 -0.69 -22.29
CA LEU B 126 -7.41 0.06 -21.36
C LEU B 126 -6.00 0.21 -21.89
N ARG B 127 -5.52 -0.82 -22.60
CA ARG B 127 -4.23 -0.75 -23.27
C ARG B 127 -4.23 0.31 -24.36
N LYS B 128 -5.29 0.36 -25.18
CA LYS B 128 -5.35 1.37 -26.23
C LYS B 128 -5.35 2.78 -25.64
N ILE B 129 -6.01 2.96 -24.49
CA ILE B 129 -6.08 4.28 -23.86
C ILE B 129 -4.71 4.70 -23.37
N CYS B 130 -4.03 3.82 -22.63
CA CYS B 130 -2.71 4.16 -22.10
C CYS B 130 -1.72 4.44 -23.23
N GLU B 131 -1.80 3.66 -24.31
CA GLU B 131 -0.87 3.86 -25.42
C GLU B 131 -1.18 5.14 -26.20
N LYS B 132 -2.42 5.62 -26.17
CA LYS B 132 -2.76 6.81 -26.97
C LYS B 132 -2.40 8.09 -26.24
N TYR B 133 -2.48 8.12 -24.91
CA TYR B 133 -2.27 9.38 -24.21
C TYR B 133 -0.97 9.43 -23.40
N TYR B 134 -0.28 8.29 -23.19
CA TYR B 134 1.00 8.29 -22.47
C TYR B 134 2.17 7.91 -23.38
N GLY B 135 3.36 8.38 -23.00
CA GLY B 135 4.60 7.85 -23.51
C GLY B 135 4.75 6.37 -23.18
N PRO B 136 5.76 5.71 -23.74
CA PRO B 136 5.74 4.24 -23.75
C PRO B 136 6.00 3.61 -22.39
N GLU B 137 6.91 4.18 -21.61
CA GLU B 137 7.17 3.68 -20.27
C GLU B 137 6.00 4.00 -19.35
N ASP B 138 5.52 5.24 -19.38
CA ASP B 138 4.38 5.65 -18.57
C ASP B 138 3.14 4.82 -18.86
N ALA B 139 2.87 4.57 -20.15
CA ALA B 139 1.71 3.77 -20.51
C ALA B 139 1.73 2.41 -19.82
N GLU B 140 2.92 1.85 -19.65
CA GLU B 140 3.05 0.54 -19.05
C GLU B 140 2.83 0.59 -17.53
N VAL B 141 3.16 1.71 -16.88
CA VAL B 141 2.85 1.86 -15.46
C VAL B 141 1.36 2.15 -15.24
N ALA B 142 0.79 3.06 -16.05
CA ALA B 142 -0.62 3.38 -15.90
C ALA B 142 -1.49 2.18 -16.23
N TYR B 143 -1.08 1.38 -17.22
CA TYR B 143 -1.84 0.18 -17.56
C TYR B 143 -1.82 -0.84 -16.41
N GLU B 144 -0.63 -1.12 -15.85
CA GLU B 144 -0.54 -2.08 -14.73
C GLU B 144 -1.47 -1.67 -13.59
N ALA B 145 -1.49 -0.39 -13.27
CA ALA B 145 -2.36 0.06 -12.18
C ALA B 145 -3.84 -0.09 -12.54
N ALA B 146 -4.22 0.26 -13.79
CA ALA B 146 -5.62 0.10 -14.19
C ALA B 146 -6.03 -1.37 -14.22
N ARG B 147 -5.18 -2.22 -14.82
CA ARG B 147 -5.40 -3.66 -14.77
C ARG B 147 -5.56 -4.15 -13.34
N ALA B 148 -4.64 -3.77 -12.45
CA ALA B 148 -4.71 -4.27 -11.07
C ALA B 148 -5.95 -3.73 -10.36
N PHE B 149 -6.40 -2.51 -10.68
CA PHE B 149 -7.63 -2.05 -10.06
C PHE B 149 -8.84 -2.86 -10.56
N VAL B 150 -9.00 -2.99 -11.89
CA VAL B 150 -10.21 -3.67 -12.35
C VAL B 150 -10.19 -5.14 -11.97
N THR B 151 -9.00 -5.74 -11.87
CA THR B 151 -8.90 -7.11 -11.37
C THR B 151 -9.33 -7.20 -9.92
N SER B 152 -8.91 -6.23 -9.10
CA SER B 152 -9.30 -6.21 -7.68
C SER B 152 -10.81 -6.05 -7.53
N ASP B 153 -11.40 -5.06 -8.20
CA ASP B 153 -12.83 -4.86 -8.03
C ASP B 153 -13.60 -6.12 -8.41
N HIS B 154 -13.18 -6.81 -9.48
CA HIS B 154 -13.88 -8.02 -9.89
C HIS B 154 -13.67 -9.16 -8.90
N MET B 155 -12.41 -9.48 -8.59
CA MET B 155 -12.16 -10.69 -7.80
C MET B 155 -12.70 -10.56 -6.38
N PHE B 156 -12.81 -9.33 -5.87
CA PHE B 156 -13.28 -9.17 -4.51
C PHE B 156 -14.80 -9.07 -4.39
N ARG B 157 -15.56 -9.19 -5.49
CA ARG B 157 -17.02 -9.11 -5.40
C ARG B 157 -17.61 -10.19 -4.49
N ASP B 158 -17.01 -11.38 -4.48
CA ASP B 158 -17.56 -12.41 -3.58
C ASP B 158 -16.49 -13.05 -2.70
N SER B 159 -15.44 -12.30 -2.38
CA SER B 159 -14.35 -12.81 -1.56
C SER B 159 -14.69 -12.73 -0.08
N PRO B 160 -14.43 -13.79 0.69
CA PRO B 160 -14.49 -13.63 2.16
C PRO B 160 -13.40 -12.71 2.67
N ILE B 161 -12.34 -12.48 1.88
CA ILE B 161 -11.33 -11.51 2.30
C ILE B 161 -11.95 -10.13 2.43
N LYS B 162 -12.83 -9.77 1.50
CA LYS B 162 -13.48 -8.46 1.62
C LYS B 162 -14.35 -8.40 2.87
N ALA B 163 -15.15 -9.44 3.11
CA ALA B 163 -15.94 -9.49 4.34
C ALA B 163 -15.03 -9.34 5.56
N ALA B 164 -13.90 -10.04 5.58
CA ALA B 164 -13.05 -9.97 6.76
C ALA B 164 -12.40 -8.59 6.90
N LEU B 165 -11.89 -8.01 5.80
CA LEU B 165 -11.21 -6.73 5.91
C LEU B 165 -12.18 -5.57 6.12
N CYS B 166 -13.44 -5.77 5.76
CA CYS B 166 -14.44 -4.70 5.90
C CYS B 166 -15.23 -4.77 7.20
N THR B 167 -15.19 -5.90 7.90
CA THR B 167 -15.97 -6.08 9.12
C THR B 167 -15.11 -6.13 10.39
N THR B 168 -13.79 -6.23 10.26
CA THR B 168 -12.94 -6.28 11.46
C THR B 168 -12.85 -4.91 12.12
N SER B 169 -11.99 -4.05 11.60
CA SER B 169 -11.63 -2.79 12.27
C SER B 169 -11.46 -1.73 11.21
N PRO B 170 -11.35 -0.45 11.61
CA PRO B 170 -11.02 0.57 10.60
C PRO B 170 -9.66 0.34 9.94
N GLU B 171 -8.67 -0.17 10.69
CA GLU B 171 -7.35 -0.40 10.11
C GLU B 171 -7.35 -1.49 9.02
N GLN B 172 -8.07 -2.60 9.24
CA GLN B 172 -8.18 -3.59 8.16
C GLN B 172 -8.92 -3.01 6.96
N TYR B 173 -9.96 -2.25 7.23
CA TYR B 173 -10.78 -1.72 6.16
C TYR B 173 -9.99 -0.77 5.27
N PHE B 174 -9.31 0.21 5.88
CA PHE B 174 -8.58 1.19 5.07
C PHE B 174 -7.44 0.53 4.32
N ARG B 175 -6.87 -0.55 4.87
CA ARG B 175 -5.88 -1.31 4.15
C ARG B 175 -6.45 -1.86 2.84
N PHE B 176 -7.69 -2.36 2.87
CA PHE B 176 -8.34 -2.81 1.63
C PHE B 176 -8.55 -1.65 0.66
N ARG B 177 -8.87 -0.47 1.19
CA ARG B 177 -9.25 0.63 0.32
C ARG B 177 -8.07 1.32 -0.34
N VAL B 178 -6.85 1.12 0.13
CA VAL B 178 -5.70 1.67 -0.60
C VAL B 178 -5.80 1.29 -2.07
N THR B 179 -6.17 0.03 -2.34
CA THR B 179 -6.40 -0.38 -3.72
C THR B 179 -7.84 -0.16 -4.16
N ASP B 180 -8.79 -0.54 -3.32
CA ASP B 180 -10.17 -0.62 -3.79
C ASP B 180 -10.80 0.76 -4.05
N ILE B 181 -10.45 1.80 -3.29
CA ILE B 181 -10.98 3.12 -3.64
C ILE B 181 -10.32 3.66 -4.89
N GLY B 182 -9.33 2.96 -5.45
CA GLY B 182 -8.66 3.36 -6.67
C GLY B 182 -7.54 4.37 -6.52
N VAL B 183 -7.17 4.71 -5.29
CA VAL B 183 -6.21 5.80 -5.10
C VAL B 183 -4.80 5.42 -5.53
N ASP B 184 -4.37 4.18 -5.28
CA ASP B 184 -3.06 3.80 -5.78
C ASP B 184 -2.99 3.92 -7.29
N PHE B 185 -4.02 3.46 -7.97
CA PHE B 185 -4.06 3.53 -9.42
C PHE B 185 -4.10 4.99 -9.88
N TRP B 186 -4.88 5.82 -9.17
CA TRP B 186 -4.91 7.25 -9.42
C TRP B 186 -3.52 7.87 -9.38
N MET B 187 -2.76 7.56 -8.32
CA MET B 187 -1.43 8.14 -8.20
C MET B 187 -0.52 7.67 -9.32
N LYS B 188 -0.61 6.37 -9.66
CA LYS B 188 0.30 5.81 -10.65
C LYS B 188 -0.07 6.20 -12.07
N MET B 189 -1.25 6.80 -12.28
CA MET B 189 -1.56 7.35 -13.59
C MET B 189 -1.51 8.88 -13.62
N SER B 190 -1.44 9.53 -12.45
CA SER B 190 -1.41 10.97 -12.35
C SER B 190 -0.01 11.56 -12.26
N TYR B 191 1.01 10.79 -11.87
CA TYR B 191 2.33 11.41 -11.74
C TYR B 191 2.86 11.99 -13.04
N PRO B 192 2.60 11.46 -14.23
CA PRO B 192 3.09 12.14 -15.44
C PRO B 192 2.45 13.52 -15.65
N ILE B 193 1.34 13.82 -14.97
CA ILE B 193 0.74 15.15 -15.07
C ILE B 193 1.70 16.21 -14.57
N TYR B 194 2.47 15.88 -13.52
CA TYR B 194 3.28 16.83 -12.77
C TYR B 194 4.76 16.77 -13.10
N ARG B 195 5.26 15.62 -13.57
CA ARG B 195 6.70 15.39 -13.80
C ARG B 195 7.53 15.96 -12.66
N HIS B 196 7.13 15.62 -11.44
CA HIS B 196 7.79 16.12 -10.24
C HIS B 196 8.48 14.94 -9.56
N PRO B 197 9.78 15.00 -9.33
CA PRO B 197 10.52 13.77 -9.04
C PRO B 197 10.09 13.10 -7.74
N GLU B 198 9.94 13.85 -6.65
CA GLU B 198 9.44 13.25 -5.41
C GLU B 198 8.05 12.67 -5.58
N PHE B 199 7.15 13.41 -6.23
CA PHE B 199 5.79 12.91 -6.36
C PHE B 199 5.78 11.58 -7.09
N THR B 200 6.53 11.50 -8.19
CA THR B 200 6.66 10.26 -8.95
C THR B 200 7.13 9.11 -8.07
N GLU B 201 8.11 9.36 -7.18
CA GLU B 201 8.56 8.27 -6.31
C GLU B 201 7.50 7.90 -5.27
N HIS B 202 6.86 8.90 -4.66
CA HIS B 202 5.81 8.58 -3.69
C HIS B 202 4.66 7.85 -4.34
N ALA B 203 4.39 8.15 -5.61
CA ALA B 203 3.37 7.41 -6.33
C ALA B 203 3.80 5.96 -6.55
N LYS B 204 5.04 5.76 -6.93
CA LYS B 204 5.47 4.41 -7.28
C LYS B 204 5.67 3.51 -6.07
N THR B 205 6.04 4.04 -4.92
CA THR B 205 6.08 3.25 -3.68
C THR B 205 4.70 3.01 -3.09
N SER B 206 3.69 3.78 -3.54
CA SER B 206 2.33 3.81 -3.01
C SER B 206 2.23 4.53 -1.68
N LEU B 207 3.31 5.13 -1.18
CA LEU B 207 3.19 6.00 -0.01
C LEU B 207 2.20 7.14 -0.26
N ALA B 208 2.17 7.65 -1.49
CA ALA B 208 1.20 8.68 -1.85
C ALA B 208 -0.22 8.20 -1.61
N ALA B 209 -0.54 7.01 -2.12
CA ALA B 209 -1.85 6.42 -1.89
C ALA B 209 -2.10 6.17 -0.41
N ARG B 210 -1.11 5.62 0.31
CA ARG B 210 -1.34 5.34 1.71
C ARG B 210 -1.60 6.60 2.52
N MET B 211 -1.02 7.74 2.11
CA MET B 211 -1.26 8.99 2.85
C MET B 211 -2.67 9.53 2.63
N THR B 212 -3.28 9.23 1.49
CA THR B 212 -4.52 9.91 1.10
C THR B 212 -5.74 9.01 1.20
N THR B 213 -5.55 7.72 1.50
CA THR B 213 -6.66 6.76 1.46
C THR B 213 -7.76 7.12 2.45
N ARG B 214 -7.40 7.46 3.68
CA ARG B 214 -8.46 7.69 4.66
C ARG B 214 -9.26 8.95 4.34
N GLY B 215 -8.57 10.01 3.93
CA GLY B 215 -9.27 11.24 3.59
C GLY B 215 -10.26 11.04 2.46
N LEU B 216 -9.86 10.31 1.41
CA LEU B 216 -10.77 10.03 0.32
C LEU B 216 -11.90 9.12 0.78
N THR B 217 -11.56 8.06 1.50
CA THR B 217 -12.51 7.00 1.77
C THR B 217 -13.56 7.44 2.77
N ILE B 218 -13.16 8.13 3.82
CA ILE B 218 -14.12 8.52 4.84
C ILE B 218 -15.19 9.42 4.22
N VAL B 219 -14.76 10.35 3.37
CA VAL B 219 -15.70 11.23 2.68
C VAL B 219 -16.57 10.43 1.71
N ASN B 220 -15.95 9.59 0.87
CA ASN B 220 -16.77 8.81 -0.06
C ASN B 220 -17.75 7.94 0.70
N ASP B 221 -17.30 7.28 1.78
CA ASP B 221 -18.16 6.36 2.49
C ASP B 221 -19.37 7.08 3.08
N PHE B 222 -19.16 8.28 3.62
CA PHE B 222 -20.28 8.96 4.26
C PHE B 222 -21.37 9.24 3.24
N TYR B 223 -20.99 9.77 2.09
CA TYR B 223 -21.98 10.21 1.13
C TYR B 223 -22.49 9.09 0.22
N SER B 224 -21.81 7.93 0.17
CA SER B 224 -22.32 6.81 -0.63
C SER B 224 -22.94 5.72 0.23
N TYR B 225 -23.00 5.91 1.55
CA TYR B 225 -23.57 4.92 2.46
C TYR B 225 -24.97 4.48 2.07
N ASP B 226 -25.86 5.44 1.82
CA ASP B 226 -27.26 5.07 1.57
C ASP B 226 -27.39 4.18 0.35
N ARG B 227 -26.72 4.54 -0.74
CA ARG B 227 -26.78 3.71 -1.93
C ARG B 227 -26.18 2.32 -1.66
N GLU B 228 -24.99 2.30 -1.06
CA GLU B 228 -24.29 1.02 -0.91
C GLU B 228 -25.05 0.06 -0.01
N VAL B 229 -25.62 0.56 1.08
CA VAL B 229 -26.37 -0.34 1.95
C VAL B 229 -27.65 -0.80 1.26
N SER B 230 -28.26 0.04 0.42
CA SER B 230 -29.40 -0.44 -0.36
C SER B 230 -28.97 -1.50 -1.38
N LEU B 231 -27.74 -1.44 -1.87
CA LEU B 231 -27.24 -2.36 -2.89
C LEU B 231 -26.54 -3.58 -2.31
N GLY B 232 -26.49 -3.73 -0.99
CA GLY B 232 -25.75 -4.83 -0.39
C GLY B 232 -24.25 -4.79 -0.60
N GLN B 233 -23.66 -3.61 -0.70
CA GLN B 233 -22.21 -3.48 -0.75
C GLN B 233 -21.68 -3.21 0.66
N ILE B 234 -20.69 -4.00 1.08
CA ILE B 234 -20.19 -3.95 2.45
C ILE B 234 -19.00 -3.02 2.58
N THR B 235 -18.49 -2.48 1.48
CA THR B 235 -17.23 -1.75 1.50
C THR B 235 -17.49 -0.28 1.88
N ASN B 236 -17.70 -0.06 3.18
CA ASN B 236 -18.03 1.25 3.73
C ASN B 236 -17.76 1.28 5.22
N CYS B 237 -16.91 2.19 5.69
CA CYS B 237 -16.50 2.12 7.09
C CYS B 237 -17.65 2.42 8.05
N PHE B 238 -18.69 3.14 7.62
CA PHE B 238 -19.78 3.39 8.55
C PHE B 238 -20.65 2.16 8.82
N ARG B 239 -20.44 1.05 8.10
CA ARG B 239 -21.04 -0.21 8.53
C ARG B 239 -20.38 -0.77 9.79
N LEU B 240 -19.19 -0.29 10.13
CA LEU B 240 -18.52 -0.74 11.34
C LEU B 240 -19.15 -0.19 12.62
N CYS B 241 -19.86 0.93 12.56
CA CYS B 241 -20.49 1.50 13.74
C CYS B 241 -22.00 1.33 13.61
N ASP B 242 -22.71 1.67 14.68
CA ASP B 242 -24.16 1.59 14.69
C ASP B 242 -24.70 2.98 14.37
N VAL B 243 -24.94 3.24 13.07
CA VAL B 243 -25.39 4.59 12.71
C VAL B 243 -26.81 4.87 13.22
N SER B 244 -27.58 3.83 13.60
CA SER B 244 -28.90 4.10 14.18
C SER B 244 -28.82 4.74 15.55
N ASP B 245 -27.68 4.70 16.20
CA ASP B 245 -27.50 5.24 17.54
C ASP B 245 -26.65 6.49 17.42
N GLU B 246 -27.25 7.65 17.67
CA GLU B 246 -26.58 8.93 17.45
C GLU B 246 -25.25 9.01 18.19
N THR B 247 -25.22 8.59 19.45
CA THR B 247 -23.99 8.79 20.23
C THR B 247 -22.89 7.85 19.76
N ALA B 248 -23.23 6.63 19.38
CA ALA B 248 -22.23 5.75 18.77
C ALA B 248 -21.74 6.33 17.45
N PHE B 249 -22.67 6.79 16.61
CA PHE B 249 -22.28 7.33 15.31
C PHE B 249 -21.30 8.49 15.49
N LYS B 250 -21.59 9.40 16.40
CA LYS B 250 -20.77 10.61 16.44
C LYS B 250 -19.41 10.33 17.09
N GLU B 251 -19.32 9.34 17.99
CA GLU B 251 -17.99 8.90 18.44
C GLU B 251 -17.17 8.36 17.27
N PHE B 252 -17.79 7.50 16.46
CA PHE B 252 -17.12 6.93 15.30
C PHE B 252 -16.75 8.03 14.31
N PHE B 253 -17.68 8.95 14.05
CA PHE B 253 -17.40 10.00 13.09
C PHE B 253 -16.25 10.88 13.56
N GLN B 254 -16.25 11.25 14.84
CA GLN B 254 -15.13 12.01 15.39
C GLN B 254 -13.81 11.24 15.26
N ALA B 255 -13.84 9.93 15.50
CA ALA B 255 -12.63 9.14 15.31
C ALA B 255 -12.15 9.23 13.86
N ARG B 256 -13.08 9.24 12.91
CA ARG B 256 -12.69 9.31 11.50
C ARG B 256 -12.17 10.72 11.14
N LEU B 257 -12.78 11.76 11.70
CA LEU B 257 -12.21 13.11 11.55
C LEU B 257 -10.79 13.18 12.07
N ASP B 258 -10.55 12.62 13.26
CA ASP B 258 -9.20 12.58 13.81
C ASP B 258 -8.25 11.88 12.84
N ASP B 259 -8.71 10.80 12.20
CA ASP B 259 -7.91 10.12 11.19
C ASP B 259 -7.48 11.08 10.08
N MET B 260 -8.45 11.82 9.54
CA MET B 260 -8.15 12.75 8.45
C MET B 260 -7.16 13.81 8.90
N ILE B 261 -7.35 14.33 10.11
CA ILE B 261 -6.52 15.42 10.60
C ILE B 261 -5.06 14.98 10.74
N GLU B 262 -4.85 13.84 11.38
CA GLU B 262 -3.46 13.40 11.56
C GLU B 262 -2.81 13.12 10.20
N ASP B 263 -3.56 12.53 9.25
CA ASP B 263 -3.05 12.32 7.90
C ASP B 263 -2.66 13.65 7.26
N ILE B 264 -3.56 14.63 7.34
CA ILE B 264 -3.30 15.91 6.69
C ILE B 264 -2.10 16.60 7.32
N GLU B 265 -2.01 16.57 8.65
CA GLU B 265 -0.85 17.19 9.31
C GLU B 265 0.45 16.46 8.96
N CYS B 266 0.43 15.13 8.89
CA CYS B 266 1.61 14.43 8.38
C CYS B 266 1.93 14.82 6.96
N ILE B 267 0.91 14.91 6.09
CA ILE B 267 1.11 15.28 4.69
C ILE B 267 1.90 16.60 4.58
N LYS B 268 1.72 17.51 5.55
CA LYS B 268 2.41 18.79 5.48
C LYS B 268 3.93 18.69 5.65
N ALA B 269 4.46 17.51 5.96
CA ALA B 269 5.91 17.31 5.96
C ALA B 269 6.47 16.95 4.60
N PHE B 270 5.63 16.60 3.63
CA PHE B 270 6.15 16.34 2.30
C PHE B 270 6.55 17.67 1.66
N ASP B 271 7.25 17.58 0.52
CA ASP B 271 7.66 18.80 -0.16
C ASP B 271 6.40 19.55 -0.61
N GLN B 272 6.57 20.86 -0.80
CA GLN B 272 5.42 21.73 -0.99
C GLN B 272 4.59 21.33 -2.21
N LEU B 273 5.23 20.92 -3.31
CA LEU B 273 4.46 20.53 -4.48
C LEU B 273 3.66 19.26 -4.18
N THR B 274 4.33 18.27 -3.61
CA THR B 274 3.65 17.01 -3.31
C THR B 274 2.48 17.22 -2.35
N GLN B 275 2.66 18.04 -1.31
CA GLN B 275 1.58 18.18 -0.34
C GLN B 275 0.37 18.87 -0.95
N ASP B 276 0.57 19.79 -1.87
CA ASP B 276 -0.59 20.43 -2.50
C ASP B 276 -1.32 19.43 -3.38
N VAL B 277 -0.59 18.57 -4.08
CA VAL B 277 -1.25 17.53 -4.84
C VAL B 277 -2.07 16.62 -3.91
N PHE B 278 -1.48 16.18 -2.80
CA PHE B 278 -2.20 15.32 -1.86
C PHE B 278 -3.43 16.03 -1.30
N LEU B 279 -3.25 17.28 -0.85
CA LEU B 279 -4.33 17.96 -0.13
C LEU B 279 -5.45 18.38 -1.08
N ASP B 280 -5.12 18.72 -2.32
CA ASP B 280 -6.19 19.07 -3.24
C ASP B 280 -6.91 17.81 -3.72
N LEU B 281 -6.23 16.67 -3.70
CA LEU B 281 -6.93 15.41 -3.93
C LEU B 281 -7.99 15.17 -2.86
N ILE B 282 -7.60 15.27 -1.58
CA ILE B 282 -8.56 15.00 -0.51
C ILE B 282 -9.65 16.05 -0.48
N TYR B 283 -9.27 17.32 -0.57
CA TYR B 283 -10.25 18.38 -0.44
C TYR B 283 -11.12 18.49 -1.69
N GLY B 284 -10.51 18.34 -2.87
CA GLY B 284 -11.29 18.32 -4.10
C GLY B 284 -12.29 17.18 -4.15
N ASN B 285 -11.90 16.00 -3.68
CA ASN B 285 -12.85 14.90 -3.67
C ASN B 285 -14.06 15.26 -2.82
N PHE B 286 -13.85 15.99 -1.73
CA PHE B 286 -14.97 16.37 -0.88
C PHE B 286 -15.88 17.39 -1.59
N VAL B 287 -15.29 18.35 -2.29
CA VAL B 287 -16.10 19.32 -3.02
C VAL B 287 -16.91 18.62 -4.11
N TRP B 288 -16.23 17.79 -4.91
CA TRP B 288 -16.91 17.03 -5.96
C TRP B 288 -18.00 16.15 -5.38
N THR B 289 -17.68 15.39 -4.32
CA THR B 289 -18.64 14.47 -3.74
C THR B 289 -19.91 15.20 -3.30
N THR B 290 -19.77 16.39 -2.73
CA THR B 290 -20.93 17.08 -2.20
C THR B 290 -21.76 17.80 -3.27
N SER B 291 -21.22 18.03 -4.49
CA SER B 291 -22.03 18.65 -5.53
C SER B 291 -22.44 17.72 -6.65
N ASN B 292 -22.44 16.41 -6.42
CA ASN B 292 -22.63 15.44 -7.48
C ASN B 292 -23.84 14.59 -7.13
N LYS B 293 -24.83 14.54 -8.04
CA LYS B 293 -26.05 13.80 -7.78
C LYS B 293 -25.76 12.33 -7.47
N ARG B 294 -24.60 11.84 -7.90
CA ARG B 294 -24.16 10.51 -7.52
C ARG B 294 -24.22 10.27 -6.01
N TYR B 295 -23.89 11.27 -5.21
CA TYR B 295 -23.65 11.05 -3.79
C TYR B 295 -24.75 11.60 -2.90
N LYS B 296 -26.01 11.56 -3.36
CA LYS B 296 -27.11 12.11 -2.57
C LYS B 296 -28.22 11.11 -2.32
N THR B 297 -28.78 10.51 -3.36
CA THR B 297 -29.87 9.56 -3.24
C THR B 297 -29.40 8.16 -3.60
N ALA B 298 -29.87 7.18 -2.83
CA ALA B 298 -29.71 5.79 -3.25
C ALA B 298 -30.45 5.55 -4.56
N VAL B 299 -29.73 5.24 -5.62
CA VAL B 299 -30.28 4.92 -6.94
C VAL B 299 -30.89 6.16 -7.58
N ASN B 300 -30.12 6.81 -8.42
CA ASN B 300 -30.67 7.75 -9.38
C ASN B 300 -29.99 7.49 -10.73
N ASP B 301 -30.22 8.42 -11.68
CA ASP B 301 -29.69 8.39 -13.02
C ASP B 301 -28.17 8.29 -13.06
N VAL B 302 -27.48 8.82 -12.04
CA VAL B 302 -26.03 8.77 -11.98
C VAL B 302 -25.51 8.11 -10.72
N ASN B 303 -26.00 6.92 -10.34
CA ASN B 303 -25.24 6.04 -9.46
C ASN B 303 -25.75 4.60 -9.48
N SER B 304 -26.72 4.29 -10.32
CA SER B 304 -27.39 2.99 -10.29
C SER B 304 -26.53 1.92 -10.94
N ARG B 305 -26.65 0.68 -10.41
CA ARG B 305 -25.91 -0.44 -10.96
C ARG B 305 -26.29 -0.64 -12.42
N ILE B 306 -27.55 -0.31 -12.73
CA ILE B 306 -28.16 -0.60 -14.03
C ILE B 306 -27.73 -2.00 -14.46
N GLN B 307 -28.32 -3.02 -13.82
CA GLN B 307 -27.79 -4.38 -13.85
C GLN B 307 -28.15 -5.10 -15.14
N ALA B 308 -27.35 -6.11 -15.49
CA ALA B 308 -27.73 -7.17 -16.44
C ALA B 308 -28.02 -8.47 -15.70
N GLY A 14 22.35 4.12 29.97
CA GLY A 14 21.68 2.84 29.91
C GLY A 14 20.16 2.94 29.81
N ARG A 15 19.69 4.17 29.58
CA ARG A 15 18.28 4.52 29.61
C ARG A 15 17.60 4.29 28.26
N SER A 16 18.10 3.32 27.49
CA SER A 16 18.01 3.28 26.04
C SER A 16 18.07 1.86 25.49
N SER A 17 17.39 0.93 26.13
CA SER A 17 17.54 -0.47 25.78
C SER A 17 16.22 -1.15 26.04
N VAL A 18 16.00 -2.24 25.31
CA VAL A 18 14.90 -3.12 25.64
C VAL A 18 15.41 -4.43 26.22
N ARG A 19 16.72 -4.52 26.51
CA ARG A 19 17.28 -5.72 27.13
C ARG A 19 16.52 -6.24 28.33
N PRO A 20 16.07 -5.42 29.29
CA PRO A 20 15.32 -5.98 30.43
C PRO A 20 14.13 -6.82 30.05
N TYR A 21 13.55 -6.61 28.87
CA TYR A 21 12.34 -7.28 28.42
C TYR A 21 12.61 -8.40 27.41
N LEU A 22 13.86 -8.68 27.11
CA LEU A 22 14.19 -9.56 25.99
C LEU A 22 13.56 -10.95 26.14
N GLU A 23 13.76 -11.59 27.29
CA GLU A 23 13.25 -12.94 27.47
C GLU A 23 11.71 -12.97 27.51
N GLU A 24 11.10 -12.07 28.29
CA GLU A 24 9.65 -11.95 28.33
C GLU A 24 9.05 -11.78 26.96
N CYS A 25 9.53 -10.79 26.21
CA CYS A 25 8.90 -10.49 24.94
C CYS A 25 9.10 -11.63 23.95
N THR A 26 10.29 -12.23 23.98
CA THR A 26 10.56 -13.36 23.09
C THR A 26 9.54 -14.46 23.35
N ARG A 27 9.40 -14.84 24.61
CA ARG A 27 8.45 -15.88 24.96
C ARG A 27 7.02 -15.47 24.59
N ARG A 28 6.72 -14.17 24.72
CA ARG A 28 5.40 -13.66 24.36
C ARG A 28 5.13 -13.81 22.86
N PHE A 29 6.04 -13.33 22.02
CA PHE A 29 5.96 -13.52 20.58
C PHE A 29 5.71 -15.00 20.24
N GLN A 30 6.52 -15.90 20.79
CA GLN A 30 6.39 -17.30 20.42
C GLN A 30 5.03 -17.87 20.84
N GLU A 31 4.56 -17.52 22.04
CA GLU A 31 3.26 -18.01 22.47
C GLU A 31 2.16 -17.55 21.51
N MET A 32 2.26 -16.29 21.08
CA MET A 32 1.28 -15.74 20.14
C MET A 32 1.27 -16.56 18.85
N PHE A 33 2.46 -16.84 18.30
CA PHE A 33 2.53 -17.64 17.08
C PHE A 33 1.95 -19.03 17.28
N ASP A 34 2.27 -19.69 18.40
CA ASP A 34 1.79 -21.05 18.61
C ASP A 34 0.28 -21.10 18.71
N ARG A 35 -0.33 -20.04 19.23
CA ARG A 35 -1.77 -20.12 19.45
C ARG A 35 -2.56 -19.73 18.21
N HIS A 36 -1.99 -18.89 17.35
CA HIS A 36 -2.73 -18.36 16.20
C HIS A 36 -2.26 -18.91 14.85
N VAL A 37 -0.95 -19.14 14.68
CA VAL A 37 -0.40 -19.76 13.48
C VAL A 37 -0.21 -21.27 13.67
N VAL A 38 0.33 -21.66 14.83
CA VAL A 38 0.36 -23.03 15.34
C VAL A 38 1.45 -23.87 14.67
N THR A 39 1.67 -23.68 13.37
CA THR A 39 2.63 -24.49 12.66
C THR A 39 3.92 -23.71 12.37
N ARG A 40 5.07 -24.35 12.66
CA ARG A 40 6.40 -23.80 12.43
C ARG A 40 6.57 -23.33 10.98
N PRO A 41 7.38 -22.29 10.77
CA PRO A 41 7.89 -22.04 9.41
C PRO A 41 8.94 -23.09 9.01
N THR A 42 9.55 -22.89 7.83
CA THR A 42 10.31 -23.95 7.15
C THR A 42 11.51 -23.40 6.39
N LYS A 43 12.71 -23.94 6.66
CA LYS A 43 13.92 -23.38 6.06
C LYS A 43 14.35 -24.10 4.78
N VAL A 44 14.30 -23.38 3.66
CA VAL A 44 14.89 -23.83 2.39
C VAL A 44 16.39 -24.03 2.59
N GLU A 45 16.83 -25.27 2.61
CA GLU A 45 18.25 -25.49 2.73
C GLU A 45 18.83 -25.47 1.32
N LEU A 46 19.82 -24.63 1.12
CA LEU A 46 20.52 -24.54 -0.16
C LEU A 46 21.74 -25.44 -0.14
N THR A 47 22.07 -26.02 -1.29
CA THR A 47 23.34 -26.72 -1.36
C THR A 47 24.48 -25.71 -1.28
N ASP A 48 25.70 -26.23 -1.09
CA ASP A 48 26.86 -25.34 -1.17
C ASP A 48 26.93 -24.68 -2.55
N ALA A 49 26.46 -25.37 -3.60
CA ALA A 49 26.53 -24.79 -4.96
C ALA A 49 25.40 -23.80 -5.22
N GLU A 50 24.26 -23.97 -4.56
CA GLU A 50 23.23 -22.94 -4.59
C GLU A 50 23.69 -21.70 -3.86
N LEU A 51 24.25 -21.89 -2.66
CA LEU A 51 24.70 -20.78 -1.84
C LEU A 51 25.85 -20.04 -2.49
N ARG A 52 26.79 -20.78 -3.07
CA ARG A 52 27.93 -20.13 -3.69
C ARG A 52 27.51 -19.39 -4.96
N GLU A 53 26.54 -19.92 -5.71
CA GLU A 53 25.99 -19.15 -6.83
C GLU A 53 25.34 -17.85 -6.35
N VAL A 54 24.62 -17.92 -5.22
CA VAL A 54 23.96 -16.73 -4.69
C VAL A 54 25.00 -15.72 -4.20
N ILE A 55 25.96 -16.20 -3.41
CA ILE A 55 26.97 -15.30 -2.84
C ILE A 55 27.82 -14.67 -3.94
N ASP A 56 28.16 -15.43 -4.97
CA ASP A 56 28.97 -14.87 -6.05
C ASP A 56 28.21 -13.77 -6.78
N ASP A 57 26.90 -13.95 -6.96
CA ASP A 57 26.09 -12.90 -7.57
C ASP A 57 25.94 -11.69 -6.64
N CYS A 58 25.79 -11.93 -5.34
CA CYS A 58 25.81 -10.84 -4.36
C CYS A 58 27.11 -10.05 -4.44
N ASN A 59 28.25 -10.76 -4.44
CA ASN A 59 29.54 -10.07 -4.45
C ASN A 59 29.74 -9.29 -5.73
N ALA A 60 29.31 -9.85 -6.87
CA ALA A 60 29.42 -9.15 -8.14
C ALA A 60 28.53 -7.91 -8.16
N ALA A 61 27.38 -7.98 -7.50
CA ALA A 61 26.43 -6.87 -7.54
C ALA A 61 26.94 -5.66 -6.76
N VAL A 62 27.54 -5.89 -5.58
CA VAL A 62 27.96 -4.77 -4.74
C VAL A 62 29.42 -4.40 -4.96
N ALA A 63 30.19 -5.22 -5.66
CA ALA A 63 31.58 -4.87 -5.94
C ALA A 63 31.75 -3.46 -6.51
N PRO A 64 30.91 -2.97 -7.43
CA PRO A 64 31.11 -1.59 -7.94
C PRO A 64 30.93 -0.53 -6.88
N LEU A 65 30.34 -0.86 -5.72
CA LEU A 65 30.26 0.06 -4.61
C LEU A 65 31.53 0.08 -3.76
N GLY A 66 32.42 -0.89 -3.93
CA GLY A 66 33.74 -0.79 -3.35
C GLY A 66 33.95 -1.45 -2.00
N LYS A 67 32.93 -2.00 -1.35
CA LYS A 67 33.10 -2.50 0.01
C LYS A 67 32.90 -4.01 0.09
N THR A 68 33.85 -4.68 0.75
CA THR A 68 33.82 -6.11 0.95
C THR A 68 32.69 -6.51 1.88
N VAL A 69 31.99 -7.59 1.53
CA VAL A 69 30.99 -8.21 2.39
C VAL A 69 31.43 -9.65 2.64
N SER A 70 31.59 -10.01 3.91
CA SER A 70 32.06 -11.33 4.29
C SER A 70 30.99 -12.39 4.07
N ASP A 71 31.45 -13.63 3.96
CA ASP A 71 30.55 -14.77 3.85
C ASP A 71 29.52 -14.81 4.96
N GLU A 72 29.94 -14.70 6.22
CA GLU A 72 28.97 -14.85 7.29
C GLU A 72 28.02 -13.66 7.36
N ARG A 73 28.42 -12.49 6.83
CA ARG A 73 27.46 -11.40 6.72
C ARG A 73 26.41 -11.70 5.65
N TRP A 74 26.84 -12.23 4.49
CA TRP A 74 25.85 -12.68 3.51
C TRP A 74 24.89 -13.70 4.12
N ILE A 75 25.42 -14.63 4.92
CA ILE A 75 24.59 -15.65 5.56
C ILE A 75 23.58 -15.00 6.48
N SER A 76 24.01 -14.01 7.26
CA SER A 76 23.10 -13.34 8.17
C SER A 76 21.96 -12.67 7.40
N TYR A 77 22.27 -12.10 6.24
CA TYR A 77 21.23 -11.46 5.44
C TYR A 77 20.30 -12.49 4.81
N VAL A 78 20.85 -13.56 4.22
CA VAL A 78 20.07 -14.49 3.43
C VAL A 78 19.14 -15.34 4.28
N GLY A 79 19.42 -15.46 5.59
CA GLY A 79 18.63 -16.35 6.41
C GLY A 79 17.15 -16.03 6.42
N VAL A 80 16.79 -14.74 6.25
CA VAL A 80 15.37 -14.41 6.26
C VAL A 80 14.67 -15.06 5.09
N VAL A 81 15.35 -15.16 3.93
CA VAL A 81 14.71 -15.80 2.79
C VAL A 81 14.64 -17.30 3.01
N LEU A 82 15.66 -17.87 3.66
CA LEU A 82 15.68 -19.31 3.85
C LEU A 82 14.58 -19.75 4.80
N TRP A 83 14.26 -18.92 5.79
CA TRP A 83 13.31 -19.25 6.85
C TRP A 83 11.90 -18.70 6.63
N SER A 84 11.75 -17.67 5.81
CA SER A 84 10.50 -16.93 5.76
C SER A 84 9.82 -16.99 4.40
N GLN A 85 10.19 -17.96 3.54
CA GLN A 85 9.36 -18.34 2.41
C GLN A 85 8.51 -19.54 2.84
N SER A 86 7.88 -20.24 1.91
CA SER A 86 7.03 -21.40 2.24
C SER A 86 7.41 -22.55 1.31
N PRO A 87 8.44 -23.33 1.68
CA PRO A 87 9.01 -24.30 0.73
C PRO A 87 8.02 -25.33 0.21
N ARG A 88 6.93 -25.62 0.94
CA ARG A 88 6.04 -26.66 0.44
C ARG A 88 5.19 -26.17 -0.70
N HIS A 89 5.24 -24.88 -1.01
CA HIS A 89 4.57 -24.30 -2.15
C HIS A 89 5.54 -23.84 -3.22
N ILE A 90 6.86 -24.01 -3.03
CA ILE A 90 7.81 -23.48 -4.00
C ILE A 90 7.72 -24.26 -5.31
N LYS A 91 7.64 -23.53 -6.41
CA LYS A 91 7.66 -24.11 -7.74
C LYS A 91 8.88 -23.70 -8.54
N ASP A 92 9.38 -22.49 -8.37
CA ASP A 92 10.45 -21.94 -9.19
C ASP A 92 11.64 -21.62 -8.28
N MET A 93 12.60 -22.56 -8.20
CA MET A 93 13.82 -22.29 -7.44
C MET A 93 14.71 -21.22 -8.09
N GLU A 94 14.53 -20.92 -9.37
CA GLU A 94 15.28 -19.81 -9.92
C GLU A 94 14.79 -18.47 -9.35
N ALA A 95 13.47 -18.28 -9.28
CA ALA A 95 12.94 -17.11 -8.59
C ALA A 95 13.38 -17.08 -7.13
N PHE A 96 13.44 -18.25 -6.48
CA PHE A 96 13.89 -18.29 -5.09
C PHE A 96 15.32 -17.76 -4.95
N LYS A 97 16.24 -18.27 -5.77
CA LYS A 97 17.62 -17.78 -5.71
C LYS A 97 17.69 -16.28 -5.99
N ALA A 98 16.81 -15.77 -6.87
CA ALA A 98 16.78 -14.35 -7.14
C ALA A 98 16.38 -13.56 -5.90
N VAL A 99 15.39 -14.05 -5.15
CA VAL A 99 14.99 -13.35 -3.93
C VAL A 99 16.12 -13.40 -2.91
N CYS A 100 16.86 -14.51 -2.84
CA CYS A 100 18.05 -14.55 -1.99
C CYS A 100 19.00 -13.42 -2.35
N VAL A 101 19.35 -13.30 -3.63
CA VAL A 101 20.35 -12.33 -4.06
C VAL A 101 19.85 -10.90 -3.83
N LEU A 102 18.66 -10.60 -4.33
CA LEU A 102 18.08 -9.27 -4.21
C LEU A 102 17.89 -8.87 -2.75
N ASN A 103 17.39 -9.79 -1.91
CA ASN A 103 17.28 -9.49 -0.49
C ASN A 103 18.62 -9.09 0.10
N CYS A 104 19.66 -9.85 -0.22
CA CYS A 104 20.96 -9.64 0.41
C CYS A 104 21.62 -8.35 -0.06
N VAL A 105 21.57 -8.06 -1.36
CA VAL A 105 22.31 -6.89 -1.81
C VAL A 105 21.61 -5.59 -1.40
N THR A 106 20.28 -5.61 -1.29
CA THR A 106 19.58 -4.43 -0.76
C THR A 106 19.73 -4.32 0.74
N PHE A 107 20.00 -5.43 1.42
CA PHE A 107 20.37 -5.36 2.82
C PHE A 107 21.69 -4.60 3.00
N VAL A 108 22.68 -4.86 2.15
CA VAL A 108 23.91 -4.10 2.18
C VAL A 108 23.63 -2.61 2.01
N TRP A 109 22.80 -2.26 1.02
CA TRP A 109 22.40 -0.88 0.80
C TRP A 109 21.78 -0.27 2.06
N ASP A 110 20.91 -1.03 2.74
CA ASP A 110 20.29 -0.58 3.99
C ASP A 110 21.35 -0.26 5.05
N ASP A 111 22.40 -1.06 5.10
CA ASP A 111 23.46 -0.90 6.10
C ASP A 111 24.53 0.12 5.70
N MET A 112 24.42 0.74 4.52
CA MET A 112 25.46 1.64 4.02
C MET A 112 25.21 3.10 4.38
N ASP A 113 26.30 3.85 4.46
CA ASP A 113 26.24 5.31 4.43
C ASP A 113 25.75 5.76 3.05
N PRO A 114 24.88 6.76 2.98
CA PRO A 114 24.40 7.22 1.67
C PRO A 114 25.51 7.71 0.76
N ALA A 115 26.67 8.09 1.31
CA ALA A 115 27.81 8.44 0.48
C ALA A 115 28.23 7.27 -0.41
N LEU A 116 28.17 6.05 0.10
CA LEU A 116 28.50 4.86 -0.69
C LEU A 116 27.45 4.52 -1.74
N HIS A 117 26.24 5.06 -1.64
CA HIS A 117 25.16 4.74 -2.56
C HIS A 117 25.53 5.28 -3.93
N ASP A 118 25.43 4.45 -4.97
CA ASP A 118 25.74 4.86 -6.34
C ASP A 118 24.72 4.21 -7.25
N PHE A 119 23.70 4.98 -7.62
CA PHE A 119 22.60 4.45 -8.42
C PHE A 119 23.06 4.07 -9.81
N GLY A 120 23.95 4.86 -10.41
CA GLY A 120 24.45 4.54 -11.75
C GLY A 120 25.20 3.23 -11.82
N LEU A 121 25.88 2.84 -10.75
CA LEU A 121 26.60 1.58 -10.71
C LEU A 121 25.73 0.43 -10.20
N PHE A 122 24.90 0.66 -9.19
CA PHE A 122 24.15 -0.42 -8.55
C PHE A 122 22.90 -0.79 -9.32
N LEU A 123 22.16 0.18 -9.86
CA LEU A 123 20.91 -0.16 -10.53
C LEU A 123 21.12 -1.12 -11.70
N PRO A 124 22.08 -0.92 -12.62
CA PRO A 124 22.32 -1.96 -13.65
C PRO A 124 22.65 -3.35 -13.06
N GLN A 125 23.23 -3.41 -11.86
CA GLN A 125 23.47 -4.71 -11.24
C GLN A 125 22.16 -5.39 -10.85
N LEU A 126 21.23 -4.63 -10.25
CA LEU A 126 19.93 -5.19 -9.93
C LEU A 126 19.23 -5.67 -11.18
N ARG A 127 19.26 -4.85 -12.24
CA ARG A 127 18.62 -5.23 -13.50
C ARG A 127 19.15 -6.56 -14.02
N LYS A 128 20.45 -6.77 -13.94
CA LYS A 128 21.04 -8.00 -14.45
C LYS A 128 20.61 -9.21 -13.62
N ILE A 129 20.60 -9.06 -12.29
CA ILE A 129 20.05 -10.12 -11.45
C ILE A 129 18.63 -10.44 -11.86
N CYS A 130 17.81 -9.41 -12.04
CA CYS A 130 16.41 -9.65 -12.33
C CYS A 130 16.19 -10.33 -13.68
N GLU A 131 16.94 -9.93 -14.69
CA GLU A 131 16.70 -10.53 -16.00
C GLU A 131 17.29 -11.94 -16.08
N LYS A 132 18.33 -12.24 -15.29
CA LYS A 132 18.89 -13.59 -15.28
C LYS A 132 17.89 -14.61 -14.75
N TYR A 133 17.29 -14.35 -13.59
CA TYR A 133 16.56 -15.39 -12.87
C TYR A 133 15.07 -15.41 -13.16
N TYR A 134 14.50 -14.33 -13.67
CA TYR A 134 13.08 -14.22 -13.96
C TYR A 134 12.84 -14.21 -15.46
N GLY A 135 11.60 -14.53 -15.84
CA GLY A 135 11.15 -14.33 -17.19
C GLY A 135 11.02 -12.85 -17.52
N PRO A 136 10.64 -12.54 -18.76
CA PRO A 136 10.73 -11.15 -19.23
C PRO A 136 9.84 -10.16 -18.47
N GLU A 137 8.60 -10.53 -18.16
CA GLU A 137 7.73 -9.55 -17.51
C GLU A 137 8.01 -9.50 -16.00
N ASP A 138 8.13 -10.67 -15.36
CA ASP A 138 8.42 -10.70 -13.93
C ASP A 138 9.75 -10.00 -13.60
N ALA A 139 10.71 -10.02 -14.53
CA ALA A 139 11.95 -9.29 -14.30
C ALA A 139 11.69 -7.79 -14.18
N GLU A 140 10.77 -7.27 -14.99
CA GLU A 140 10.41 -5.85 -14.88
C GLU A 140 9.81 -5.53 -13.53
N VAL A 141 8.92 -6.41 -13.05
CA VAL A 141 8.25 -6.16 -11.77
C VAL A 141 9.25 -6.22 -10.62
N ALA A 142 10.11 -7.24 -10.64
CA ALA A 142 11.10 -7.36 -9.57
C ALA A 142 12.08 -6.18 -9.59
N TYR A 143 12.53 -5.77 -10.78
CA TYR A 143 13.47 -4.65 -10.84
C TYR A 143 12.84 -3.35 -10.34
N GLU A 144 11.63 -3.03 -10.80
CA GLU A 144 11.00 -1.79 -10.33
C GLU A 144 10.85 -1.79 -8.81
N ALA A 145 10.46 -2.93 -8.24
CA ALA A 145 10.33 -3.02 -6.79
C ALA A 145 11.68 -2.82 -6.09
N ALA A 146 12.75 -3.46 -6.60
CA ALA A 146 14.09 -3.25 -6.04
C ALA A 146 14.51 -1.79 -6.17
N ARG A 147 14.41 -1.23 -7.37
CA ARG A 147 14.69 0.18 -7.60
C ARG A 147 13.92 1.08 -6.63
N ALA A 148 12.62 0.87 -6.49
CA ALA A 148 11.82 1.69 -5.59
C ALA A 148 12.30 1.56 -4.14
N PHE A 149 12.71 0.35 -3.73
CA PHE A 149 13.19 0.19 -2.37
C PHE A 149 14.47 0.97 -2.12
N VAL A 150 15.51 0.76 -2.95
CA VAL A 150 16.79 1.39 -2.63
C VAL A 150 16.68 2.90 -2.77
N THR A 151 15.86 3.37 -3.69
CA THR A 151 15.62 4.81 -3.82
C THR A 151 14.96 5.37 -2.57
N SER A 152 13.97 4.65 -2.02
CA SER A 152 13.31 5.11 -0.80
C SER A 152 14.27 5.12 0.38
N ASP A 153 15.01 4.02 0.58
CA ASP A 153 15.98 4.01 1.67
C ASP A 153 16.94 5.18 1.56
N HIS A 154 17.38 5.52 0.35
CA HIS A 154 18.31 6.64 0.19
C HIS A 154 17.62 7.97 0.43
N MET A 155 16.55 8.25 -0.32
CA MET A 155 15.98 9.60 -0.27
C MET A 155 15.37 9.89 1.10
N PHE A 156 15.09 8.88 1.91
CA PHE A 156 14.56 9.19 3.23
C PHE A 156 15.63 9.27 4.31
N ARG A 157 16.91 9.04 4.00
CA ARG A 157 17.94 9.46 4.93
C ARG A 157 17.95 11.00 4.98
N ASP A 158 17.68 11.56 6.16
CA ASP A 158 17.65 13.00 6.42
C ASP A 158 16.32 13.63 5.96
N SER A 159 15.26 12.81 5.84
CA SER A 159 13.99 13.38 5.37
C SER A 159 13.09 13.80 6.53
N PRO A 160 12.56 15.04 6.50
CA PRO A 160 11.48 15.39 7.45
C PRO A 160 10.28 14.46 7.36
N ILE A 161 10.01 13.86 6.19
CA ILE A 161 8.88 12.95 6.08
C ILE A 161 9.06 11.78 7.02
N LYS A 162 10.26 11.19 7.02
CA LYS A 162 10.51 10.05 7.92
C LYS A 162 10.25 10.43 9.38
N ALA A 163 10.78 11.58 9.81
CA ALA A 163 10.54 12.04 11.17
C ALA A 163 9.04 12.20 11.44
N ALA A 164 8.30 12.80 10.50
CA ALA A 164 6.87 12.94 10.73
C ALA A 164 6.20 11.57 10.86
N LEU A 165 6.52 10.65 9.96
CA LEU A 165 5.79 9.38 9.97
C LEU A 165 6.22 8.46 11.12
N CYS A 166 7.43 8.64 11.64
CA CYS A 166 7.92 7.75 12.70
C CYS A 166 7.72 8.32 14.10
N THR A 167 7.37 9.59 14.24
CA THR A 167 7.21 10.20 15.56
C THR A 167 5.82 10.74 15.82
N THR A 168 4.78 10.19 15.18
CA THR A 168 3.42 10.69 15.35
C THR A 168 2.44 9.66 15.91
N SER A 169 2.38 8.48 15.31
CA SER A 169 1.48 7.42 15.79
C SER A 169 1.91 6.10 15.17
N PRO A 170 1.55 4.97 15.80
CA PRO A 170 1.80 3.68 15.12
C PRO A 170 1.13 3.62 13.74
N GLU A 171 0.00 4.33 13.57
CA GLU A 171 -0.65 4.50 12.27
C GLU A 171 0.32 4.92 11.19
N GLN A 172 0.89 6.12 11.34
CA GLN A 172 1.73 6.68 10.28
C GLN A 172 3.01 5.89 10.14
N TYR A 173 3.50 5.33 11.24
CA TYR A 173 4.77 4.61 11.21
C TYR A 173 4.65 3.36 10.33
N PHE A 174 3.64 2.54 10.56
CA PHE A 174 3.51 1.31 9.79
C PHE A 174 3.23 1.61 8.32
N ARG A 175 2.61 2.77 8.04
CA ARG A 175 2.43 3.22 6.66
C ARG A 175 3.74 3.45 5.95
N PHE A 176 4.71 4.07 6.63
CA PHE A 176 6.06 4.22 6.10
C PHE A 176 6.72 2.87 5.87
N ARG A 177 6.54 1.94 6.80
CA ARG A 177 7.26 0.68 6.77
C ARG A 177 6.77 -0.28 5.69
N VAL A 178 5.55 -0.12 5.15
CA VAL A 178 5.10 -0.96 4.04
C VAL A 178 6.16 -1.01 2.95
N THR A 179 6.77 0.13 2.66
CA THR A 179 7.89 0.19 1.72
C THR A 179 9.24 0.08 2.43
N ASP A 180 9.41 0.80 3.54
CA ASP A 180 10.75 0.92 4.13
C ASP A 180 11.29 -0.40 4.69
N ILE A 181 10.45 -1.29 5.23
CA ILE A 181 11.02 -2.57 5.67
C ILE A 181 11.21 -3.53 4.50
N GLY A 182 10.85 -3.12 3.29
CA GLY A 182 11.14 -3.94 2.13
C GLY A 182 10.11 -5.00 1.80
N VAL A 183 8.98 -5.04 2.52
CA VAL A 183 8.05 -6.14 2.31
C VAL A 183 7.28 -6.01 1.01
N ASP A 184 6.95 -4.79 0.57
CA ASP A 184 6.31 -4.69 -0.75
C ASP A 184 7.24 -5.22 -1.83
N PHE A 185 8.51 -4.81 -1.77
CA PHE A 185 9.57 -5.36 -2.63
C PHE A 185 9.58 -6.89 -2.55
N TRP A 186 9.57 -7.42 -1.34
CA TRP A 186 9.65 -8.87 -1.13
C TRP A 186 8.52 -9.60 -1.84
N MET A 187 7.27 -9.13 -1.66
CA MET A 187 6.13 -9.77 -2.29
C MET A 187 6.27 -9.76 -3.81
N LYS A 188 6.66 -8.61 -4.37
CA LYS A 188 6.72 -8.46 -5.82
C LYS A 188 7.85 -9.26 -6.44
N MET A 189 8.90 -9.55 -5.68
CA MET A 189 9.91 -10.45 -6.24
C MET A 189 9.69 -11.91 -5.89
N SER A 190 8.76 -12.21 -4.99
CA SER A 190 8.53 -13.57 -4.54
C SER A 190 7.39 -14.28 -5.25
N TYR A 191 6.41 -13.55 -5.82
CA TYR A 191 5.30 -14.27 -6.42
C TYR A 191 5.73 -15.22 -7.54
N PRO A 192 6.78 -14.97 -8.33
CA PRO A 192 7.18 -16.00 -9.32
C PRO A 192 7.65 -17.30 -8.68
N ILE A 193 8.01 -17.30 -7.39
CA ILE A 193 8.37 -18.53 -6.71
C ILE A 193 7.19 -19.49 -6.69
N TYR A 194 5.98 -18.97 -6.55
CA TYR A 194 4.79 -19.75 -6.22
C TYR A 194 3.84 -19.99 -7.39
N ARG A 195 3.92 -19.19 -8.45
CA ARG A 195 3.07 -19.36 -9.63
C ARG A 195 1.60 -19.52 -9.25
N HIS A 196 1.16 -18.80 -8.21
CA HIS A 196 -0.20 -18.90 -7.71
C HIS A 196 -0.94 -17.60 -8.05
N PRO A 197 -1.85 -17.61 -9.02
CA PRO A 197 -2.46 -16.35 -9.50
C PRO A 197 -3.01 -15.44 -8.41
N GLU A 198 -3.69 -15.97 -7.39
CA GLU A 198 -4.25 -15.09 -6.36
C GLU A 198 -3.15 -14.36 -5.61
N PHE A 199 -2.08 -15.09 -5.25
CA PHE A 199 -0.97 -14.45 -4.56
C PHE A 199 -0.32 -13.39 -5.43
N THR A 200 -0.19 -13.68 -6.73
CA THR A 200 0.42 -12.71 -7.64
C THR A 200 -0.36 -11.40 -7.68
N GLU A 201 -1.70 -11.45 -7.69
CA GLU A 201 -2.46 -10.19 -7.63
C GLU A 201 -2.29 -9.49 -6.29
N HIS A 202 -2.35 -10.24 -5.18
CA HIS A 202 -2.20 -9.59 -3.87
C HIS A 202 -0.84 -8.95 -3.75
N ALA A 203 0.19 -9.60 -4.32
CA ALA A 203 1.51 -9.00 -4.40
C ALA A 203 1.49 -7.72 -5.19
N LYS A 204 0.85 -7.74 -6.36
CA LYS A 204 0.95 -6.59 -7.25
C LYS A 204 0.07 -5.42 -6.81
N THR A 205 -1.02 -5.68 -6.08
CA THR A 205 -1.80 -4.59 -5.45
C THR A 205 -1.17 -4.06 -4.17
N SER A 206 -0.17 -4.75 -3.64
CA SER A 206 0.47 -4.47 -2.36
C SER A 206 -0.42 -4.81 -1.16
N LEU A 207 -1.61 -5.36 -1.38
CA LEU A 207 -2.38 -5.88 -0.24
C LEU A 207 -1.56 -6.92 0.54
N ALA A 208 -0.83 -7.78 -0.16
CA ALA A 208 0.04 -8.77 0.49
C ALA A 208 1.00 -8.09 1.45
N ALA A 209 1.67 -7.02 1.00
CA ALA A 209 2.57 -6.30 1.87
C ALA A 209 1.81 -5.61 3.01
N ARG A 210 0.66 -5.02 2.70
CA ARG A 210 -0.05 -4.27 3.73
C ARG A 210 -0.49 -5.18 4.88
N MET A 211 -0.77 -6.46 4.57
CA MET A 211 -1.26 -7.40 5.57
C MET A 211 -0.14 -7.96 6.46
N THR A 212 1.11 -7.93 5.99
CA THR A 212 2.24 -8.55 6.69
C THR A 212 3.19 -7.54 7.31
N THR A 213 3.00 -6.24 7.02
CA THR A 213 3.92 -5.20 7.48
C THR A 213 4.04 -5.17 9.01
N ARG A 214 2.92 -5.16 9.72
CA ARG A 214 3.02 -5.02 11.16
C ARG A 214 3.71 -6.23 11.79
N GLY A 215 3.40 -7.43 11.30
CA GLY A 215 4.02 -8.62 11.87
C GLY A 215 5.52 -8.61 11.73
N LEU A 216 6.01 -8.27 10.53
CA LEU A 216 7.45 -8.18 10.32
C LEU A 216 8.06 -7.06 11.14
N THR A 217 7.42 -5.89 11.13
CA THR A 217 8.05 -4.69 11.65
C THR A 217 8.13 -4.72 13.17
N ILE A 218 7.07 -5.14 13.84
CA ILE A 218 7.09 -5.16 15.30
C ILE A 218 8.21 -6.08 15.79
N VAL A 219 8.36 -7.23 15.16
CA VAL A 219 9.42 -8.17 15.54
C VAL A 219 10.78 -7.56 15.24
N ASN A 220 10.96 -7.03 14.02
CA ASN A 220 12.25 -6.46 13.67
C ASN A 220 12.61 -5.31 14.60
N ASP A 221 11.63 -4.44 14.89
CA ASP A 221 11.87 -3.28 15.74
C ASP A 221 12.27 -3.69 17.15
N PHE A 222 11.62 -4.69 17.71
CA PHE A 222 11.99 -5.05 19.08
C PHE A 222 13.45 -5.45 19.16
N TYR A 223 13.88 -6.33 18.28
CA TYR A 223 15.21 -6.90 18.40
C TYR A 223 16.31 -6.04 17.77
N SER A 224 15.96 -5.04 16.96
CA SER A 224 16.98 -4.14 16.42
C SER A 224 16.98 -2.79 17.13
N TYR A 225 16.16 -2.62 18.17
CA TYR A 225 16.04 -1.36 18.88
C TYR A 225 17.39 -0.89 19.39
N ASP A 226 18.10 -1.74 20.13
CA ASP A 226 19.35 -1.32 20.76
C ASP A 226 20.34 -0.81 19.72
N ARG A 227 20.50 -1.52 18.60
CA ARG A 227 21.40 -1.07 17.54
C ARG A 227 20.94 0.27 16.96
N GLU A 228 19.64 0.37 16.64
CA GLU A 228 19.16 1.58 15.98
C GLU A 228 19.24 2.78 16.93
N VAL A 229 18.98 2.57 18.21
CA VAL A 229 19.14 3.62 19.21
C VAL A 229 20.61 4.03 19.35
N SER A 230 21.52 3.08 19.24
CA SER A 230 22.93 3.45 19.31
C SER A 230 23.34 4.35 18.14
N LEU A 231 22.78 4.10 16.95
CA LEU A 231 23.20 4.79 15.73
C LEU A 231 22.38 6.05 15.42
N GLY A 232 21.46 6.45 16.30
CA GLY A 232 20.62 7.61 16.06
C GLY A 232 19.43 7.37 15.17
N GLN A 233 19.25 6.13 14.66
CA GLN A 233 18.20 5.78 13.72
C GLN A 233 16.83 5.85 14.40
N ILE A 234 15.84 6.43 13.72
CA ILE A 234 14.56 6.70 14.35
C ILE A 234 13.45 5.80 13.84
N THR A 235 13.70 4.94 12.86
CA THR A 235 12.66 4.13 12.25
C THR A 235 12.47 2.86 13.10
N ASN A 236 11.68 3.02 14.18
CA ASN A 236 11.48 1.95 15.15
C ASN A 236 10.29 2.31 16.03
N CYS A 237 9.25 1.48 16.00
CA CYS A 237 8.02 1.84 16.70
C CYS A 237 8.18 1.90 18.22
N PHE A 238 9.15 1.19 18.80
CA PHE A 238 9.27 1.27 20.26
C PHE A 238 9.80 2.63 20.74
N ARG A 239 10.28 3.47 19.83
CA ARG A 239 10.58 4.84 20.23
C ARG A 239 9.31 5.64 20.50
N LEU A 240 8.13 5.13 20.10
CA LEU A 240 6.86 5.82 20.28
C LEU A 240 6.26 5.61 21.65
N CYS A 241 6.83 4.70 22.45
CA CYS A 241 6.38 4.48 23.82
C CYS A 241 7.57 4.75 24.74
N ASP A 242 7.27 4.82 26.02
CA ASP A 242 8.26 5.08 27.07
C ASP A 242 8.82 3.75 27.58
N VAL A 243 10.02 3.37 27.08
CA VAL A 243 10.56 2.05 27.35
C VAL A 243 11.14 1.91 28.76
N SER A 244 11.53 3.02 29.40
CA SER A 244 12.01 2.96 30.78
C SER A 244 10.89 2.87 31.80
N ASP A 245 9.65 2.94 31.34
CA ASP A 245 8.47 2.80 32.18
C ASP A 245 7.95 1.40 31.89
N GLU A 246 8.14 0.49 32.84
CA GLU A 246 7.81 -0.92 32.61
C GLU A 246 6.33 -1.08 32.28
N THR A 247 5.45 -0.47 33.08
CA THR A 247 4.03 -0.59 32.83
C THR A 247 3.64 -0.01 31.48
N ALA A 248 4.22 1.15 31.11
CA ALA A 248 3.94 1.72 29.80
C ALA A 248 4.49 0.86 28.69
N PHE A 249 5.67 0.25 28.90
CA PHE A 249 6.18 -0.64 27.86
C PHE A 249 5.24 -1.81 27.64
N LYS A 250 4.69 -2.35 28.74
CA LYS A 250 3.78 -3.50 28.66
C LYS A 250 2.54 -3.17 27.86
N GLU A 251 1.89 -2.05 28.18
CA GLU A 251 0.66 -1.68 27.48
C GLU A 251 0.93 -1.48 25.99
N PHE A 252 2.08 -0.91 25.64
CA PHE A 252 2.41 -0.68 24.24
C PHE A 252 2.74 -2.00 23.55
N PHE A 253 3.49 -2.85 24.23
CA PHE A 253 3.84 -4.14 23.65
C PHE A 253 2.59 -4.98 23.43
N GLN A 254 1.65 -4.98 24.39
CA GLN A 254 0.39 -5.70 24.18
C GLN A 254 -0.41 -5.11 23.04
N ALA A 255 -0.43 -3.78 22.90
CA ALA A 255 -1.12 -3.18 21.75
C ALA A 255 -0.50 -3.68 20.45
N ARG A 256 0.84 -3.82 20.43
CA ARG A 256 1.49 -4.30 19.21
C ARG A 256 1.20 -5.78 18.98
N LEU A 257 1.17 -6.58 20.06
CA LEU A 257 0.77 -7.97 19.91
C LEU A 257 -0.64 -8.07 19.33
N ASP A 258 -1.56 -7.26 19.82
CA ASP A 258 -2.92 -7.33 19.31
C ASP A 258 -2.99 -6.96 17.84
N ASP A 259 -2.15 -6.00 17.43
CA ASP A 259 -2.05 -5.67 16.00
C ASP A 259 -1.63 -6.89 15.19
N MET A 260 -0.61 -7.60 15.67
CA MET A 260 -0.16 -8.79 14.97
C MET A 260 -1.25 -9.83 14.92
N ILE A 261 -1.95 -10.03 16.03
CA ILE A 261 -3.01 -11.04 16.09
C ILE A 261 -4.13 -10.69 15.12
N GLU A 262 -4.52 -9.41 15.10
CA GLU A 262 -5.59 -8.98 14.20
C GLU A 262 -5.22 -9.25 12.74
N ASP A 263 -4.00 -8.88 12.33
CA ASP A 263 -3.56 -9.16 10.97
C ASP A 263 -3.57 -10.67 10.69
N ILE A 264 -3.02 -11.47 11.59
CA ILE A 264 -2.97 -12.92 11.38
C ILE A 264 -4.39 -13.47 11.27
N GLU A 265 -5.30 -12.99 12.11
CA GLU A 265 -6.68 -13.46 11.99
C GLU A 265 -7.26 -13.08 10.62
N CYS A 266 -6.96 -11.88 10.11
CA CYS A 266 -7.48 -11.54 8.80
C CYS A 266 -6.80 -12.32 7.67
N ILE A 267 -5.51 -12.63 7.82
CA ILE A 267 -4.80 -13.40 6.81
C ILE A 267 -5.45 -14.77 6.59
N LYS A 268 -6.10 -15.34 7.60
CA LYS A 268 -6.74 -16.64 7.44
C LYS A 268 -7.95 -16.61 6.50
N ALA A 269 -8.52 -15.42 6.24
CA ALA A 269 -9.54 -15.29 5.20
C ALA A 269 -9.00 -15.58 3.82
N PHE A 270 -7.71 -15.35 3.58
CA PHE A 270 -7.17 -15.50 2.24
C PHE A 270 -7.16 -16.99 1.85
N ASP A 271 -6.91 -17.24 0.56
CA ASP A 271 -6.92 -18.61 0.07
C ASP A 271 -5.83 -19.42 0.78
N GLN A 272 -6.07 -20.74 0.87
CA GLN A 272 -5.21 -21.67 1.59
C GLN A 272 -3.73 -21.46 1.30
N LEU A 273 -3.35 -21.20 0.06
CA LEU A 273 -1.93 -21.12 -0.26
C LEU A 273 -1.34 -19.76 0.11
N THR A 274 -2.03 -18.69 -0.27
CA THR A 274 -1.53 -17.35 0.03
C THR A 274 -1.41 -17.14 1.53
N GLN A 275 -2.39 -17.62 2.29
CA GLN A 275 -2.30 -17.47 3.74
C GLN A 275 -1.10 -18.24 4.30
N ASP A 276 -0.74 -19.37 3.70
CA ASP A 276 0.48 -20.05 4.12
C ASP A 276 1.72 -19.18 3.88
N VAL A 277 1.80 -18.56 2.70
CA VAL A 277 2.95 -17.70 2.39
C VAL A 277 3.02 -16.52 3.34
N PHE A 278 1.89 -15.85 3.59
CA PHE A 278 1.88 -14.70 4.49
C PHE A 278 2.36 -15.09 5.88
N LEU A 279 1.81 -16.18 6.42
CA LEU A 279 2.08 -16.56 7.81
C LEU A 279 3.50 -17.10 7.97
N ASP A 280 3.97 -17.90 7.01
CA ASP A 280 5.36 -18.36 7.05
C ASP A 280 6.31 -17.18 6.98
N LEU A 281 5.92 -16.12 6.26
CA LEU A 281 6.74 -14.93 6.21
C LEU A 281 6.86 -14.29 7.59
N ILE A 282 5.74 -14.07 8.27
CA ILE A 282 5.79 -13.39 9.56
C ILE A 282 6.48 -14.27 10.60
N TYR A 283 6.08 -15.53 10.68
CA TYR A 283 6.63 -16.45 11.68
C TYR A 283 8.10 -16.78 11.39
N GLY A 284 8.42 -17.01 10.11
CA GLY A 284 9.81 -17.25 9.75
C GLY A 284 10.71 -16.09 10.05
N ASN A 285 10.23 -14.86 9.82
CA ASN A 285 11.04 -13.69 10.17
C ASN A 285 11.36 -13.68 11.66
N PHE A 286 10.39 -14.08 12.49
CA PHE A 286 10.61 -14.15 13.93
C PHE A 286 11.66 -15.22 14.26
N VAL A 287 11.53 -16.41 13.66
CA VAL A 287 12.49 -17.48 13.95
C VAL A 287 13.90 -17.04 13.55
N TRP A 288 14.03 -16.47 12.35
CA TRP A 288 15.32 -16.00 11.87
C TRP A 288 15.88 -14.87 12.73
N THR A 289 15.05 -13.88 13.07
CA THR A 289 15.48 -12.74 13.87
C THR A 289 16.09 -13.19 15.21
N THR A 290 15.45 -14.16 15.88
CA THR A 290 15.91 -14.55 17.20
C THR A 290 17.11 -15.49 17.18
N SER A 291 17.50 -16.01 16.03
CA SER A 291 18.67 -16.87 15.96
C SER A 291 19.81 -16.22 15.19
N ASN A 292 19.71 -14.92 14.91
CA ASN A 292 20.64 -14.20 14.07
C ASN A 292 21.44 -13.22 14.91
N LYS A 293 22.78 -13.30 14.83
CA LYS A 293 23.66 -12.38 15.53
C LYS A 293 23.38 -10.93 15.16
N ARG A 294 22.84 -10.72 13.97
CA ARG A 294 22.46 -9.36 13.56
C ARG A 294 21.55 -8.70 14.59
N TYR A 295 20.75 -9.48 15.31
CA TYR A 295 19.77 -8.92 16.22
C TYR A 295 20.08 -9.21 17.68
N LYS A 296 21.38 -9.21 18.04
CA LYS A 296 21.83 -9.64 19.35
C LYS A 296 22.78 -8.65 20.02
N THR A 297 23.57 -7.90 19.27
CA THR A 297 24.21 -6.75 19.89
C THR A 297 24.13 -5.55 18.95
N ALA A 298 24.36 -4.37 19.51
CA ALA A 298 24.06 -3.13 18.80
C ALA A 298 24.96 -2.94 17.59
N VAL A 299 26.20 -3.42 17.67
CA VAL A 299 27.16 -3.34 16.60
C VAL A 299 27.97 -4.62 16.65
N ASN A 300 28.00 -5.34 15.54
CA ASN A 300 28.82 -6.55 15.43
C ASN A 300 29.18 -6.71 13.96
N ASP A 301 29.90 -7.78 13.66
CA ASP A 301 30.51 -7.87 12.34
C ASP A 301 29.50 -8.15 11.23
N VAL A 302 28.24 -8.43 11.55
CA VAL A 302 27.23 -8.62 10.50
C VAL A 302 26.15 -7.55 10.52
N ASN A 303 26.20 -6.56 11.43
CA ASN A 303 25.28 -5.42 11.34
C ASN A 303 25.97 -4.07 11.46
N SER A 304 27.29 -4.01 11.28
CA SER A 304 28.02 -2.78 11.46
C SER A 304 27.88 -1.87 10.24
N ARG A 305 27.49 -0.62 10.49
CA ARG A 305 27.38 0.38 9.43
C ARG A 305 28.56 0.26 8.47
N ILE A 306 28.25 -0.04 7.22
CA ILE A 306 29.26 -0.07 6.17
C ILE A 306 29.60 1.40 5.90
N GLN A 307 30.74 1.83 6.43
CA GLN A 307 30.93 3.23 6.83
C GLN A 307 31.14 4.21 5.66
N GLY B 9 -33.96 -9.01 5.65
CA GLY B 9 -35.34 -9.19 6.07
C GLY B 9 -35.92 -7.94 6.70
N ALA B 10 -37.00 -7.43 6.10
CA ALA B 10 -37.77 -6.30 6.65
C ALA B 10 -36.89 -5.11 7.05
N GLN B 11 -36.98 -4.63 8.30
CA GLN B 11 -36.52 -3.28 8.59
C GLN B 11 -35.17 -3.24 9.28
N ASP B 12 -35.10 -2.42 10.33
CA ASP B 12 -33.90 -1.64 10.69
C ASP B 12 -33.59 -0.71 9.53
N ILE B 13 -34.64 -0.03 9.10
CA ILE B 13 -34.48 1.23 8.40
C ILE B 13 -33.65 2.21 9.26
N GLY B 14 -33.56 1.96 10.57
CA GLY B 14 -32.76 2.85 11.42
C GLY B 14 -31.29 2.84 11.08
N ARG B 15 -30.79 1.71 10.59
CA ARG B 15 -29.42 1.60 10.10
C ARG B 15 -29.34 1.84 8.60
N SER B 16 -30.46 2.14 7.96
CA SER B 16 -30.55 2.27 6.52
C SER B 16 -29.82 3.50 5.98
N SER B 17 -29.55 4.52 6.81
CA SER B 17 -29.29 5.84 6.25
C SER B 17 -28.55 6.76 7.21
N VAL B 18 -27.59 7.50 6.67
CA VAL B 18 -26.95 8.58 7.42
C VAL B 18 -27.62 9.92 7.15
N ARG B 19 -28.81 9.93 6.52
CA ARG B 19 -29.49 11.18 6.18
C ARG B 19 -29.69 12.11 7.37
N PRO B 20 -30.13 11.67 8.54
CA PRO B 20 -30.20 12.60 9.68
C PRO B 20 -28.92 13.40 9.93
N TYR B 21 -27.74 12.82 9.76
CA TYR B 21 -26.46 13.45 10.07
C TYR B 21 -25.88 14.28 8.92
N LEU B 22 -26.60 14.38 7.82
CA LEU B 22 -26.05 14.94 6.59
C LEU B 22 -25.54 16.36 6.78
N GLU B 23 -26.38 17.25 7.32
CA GLU B 23 -25.98 18.65 7.44
C GLU B 23 -24.82 18.82 8.42
N GLU B 24 -24.92 18.20 9.60
CA GLU B 24 -23.90 18.42 10.61
C GLU B 24 -22.55 17.82 10.18
N CYS B 25 -22.56 16.64 9.56
CA CYS B 25 -21.30 16.05 9.10
C CYS B 25 -20.70 16.86 7.95
N THR B 26 -21.52 17.31 7.00
CA THR B 26 -20.99 18.12 5.91
C THR B 26 -20.29 19.35 6.47
N ARG B 27 -20.96 20.02 7.40
CA ARG B 27 -20.41 21.22 8.01
C ARG B 27 -19.11 20.93 8.74
N ARG B 28 -19.06 19.81 9.46
CA ARG B 28 -17.86 19.52 10.25
C ARG B 28 -16.70 19.12 9.35
N PHE B 29 -16.96 18.36 8.28
CA PHE B 29 -15.95 18.12 7.25
C PHE B 29 -15.35 19.42 6.74
N GLN B 30 -16.22 20.34 6.31
CA GLN B 30 -15.74 21.61 5.77
C GLN B 30 -14.95 22.39 6.80
N GLU B 31 -15.42 22.40 8.06
CA GLU B 31 -14.68 23.12 9.08
C GLU B 31 -13.29 22.52 9.25
N MET B 32 -13.21 21.21 9.16
CA MET B 32 -11.92 20.53 9.29
C MET B 32 -10.98 21.00 8.18
N PHE B 33 -11.45 20.95 6.92
CA PHE B 33 -10.62 21.41 5.81
C PHE B 33 -10.19 22.86 5.97
N ASP B 34 -11.10 23.71 6.46
CA ASP B 34 -10.77 25.13 6.64
C ASP B 34 -9.71 25.33 7.70
N ARG B 35 -9.75 24.52 8.78
CA ARG B 35 -8.76 24.64 9.83
C ARG B 35 -7.41 24.06 9.41
N HIS B 36 -7.38 23.02 8.56
CA HIS B 36 -6.14 22.28 8.34
C HIS B 36 -5.59 22.36 6.92
N VAL B 37 -6.33 22.91 5.95
CA VAL B 37 -5.86 23.03 4.58
C VAL B 37 -5.99 24.46 4.06
N VAL B 38 -7.10 25.12 4.41
CA VAL B 38 -7.23 26.57 4.36
C VAL B 38 -7.56 27.02 2.94
N THR B 39 -6.77 26.59 1.94
CA THR B 39 -6.92 27.09 0.58
C THR B 39 -7.77 26.15 -0.27
N ARG B 40 -8.67 26.75 -1.06
CA ARG B 40 -9.63 25.94 -1.82
C ARG B 40 -8.93 25.14 -2.92
N PRO B 41 -9.43 23.94 -3.23
CA PRO B 41 -9.11 23.33 -4.53
C PRO B 41 -9.78 24.13 -5.64
N THR B 42 -9.51 23.76 -6.89
CA THR B 42 -10.00 24.54 -8.03
C THR B 42 -10.21 23.64 -9.24
N LYS B 43 -11.29 23.88 -9.97
CA LYS B 43 -11.72 22.94 -11.00
C LYS B 43 -11.22 23.36 -12.38
N VAL B 44 -10.72 22.37 -13.13
CA VAL B 44 -10.16 22.60 -14.45
C VAL B 44 -11.23 23.14 -15.41
N GLU B 45 -10.80 23.80 -16.48
CA GLU B 45 -11.68 24.25 -17.56
C GLU B 45 -11.54 23.34 -18.78
N LEU B 46 -12.31 22.25 -18.82
CA LEU B 46 -12.38 21.48 -20.06
C LEU B 46 -13.36 22.14 -21.03
N THR B 47 -12.90 22.34 -22.27
CA THR B 47 -13.82 22.84 -23.29
C THR B 47 -14.80 21.75 -23.68
N ASP B 48 -15.96 22.19 -24.15
CA ASP B 48 -17.00 21.25 -24.58
C ASP B 48 -16.51 20.34 -25.69
N ALA B 49 -15.41 20.72 -26.37
CA ALA B 49 -14.79 19.81 -27.33
C ALA B 49 -13.82 18.86 -26.64
N GLU B 50 -13.11 19.37 -25.63
CA GLU B 50 -12.23 18.51 -24.84
C GLU B 50 -13.03 17.46 -24.08
N LEU B 51 -14.15 17.86 -23.50
CA LEU B 51 -15.02 16.91 -22.81
C LEU B 51 -15.54 15.85 -23.77
N ARG B 52 -15.89 16.25 -25.00
CA ARG B 52 -16.42 15.31 -25.98
C ARG B 52 -15.39 14.27 -26.39
N GLU B 53 -14.13 14.69 -26.59
CA GLU B 53 -13.07 13.74 -26.94
C GLU B 53 -12.82 12.76 -25.79
N VAL B 54 -12.92 13.25 -24.55
CA VAL B 54 -12.82 12.35 -23.41
C VAL B 54 -13.95 11.33 -23.43
N ILE B 55 -15.18 11.82 -23.62
CA ILE B 55 -16.35 10.96 -23.59
C ILE B 55 -16.33 9.92 -24.72
N ASP B 56 -15.82 10.29 -25.89
CA ASP B 56 -15.82 9.34 -26.99
C ASP B 56 -14.74 8.27 -26.80
N ASP B 57 -13.56 8.64 -26.29
CA ASP B 57 -12.62 7.63 -25.81
C ASP B 57 -13.25 6.72 -24.75
N CYS B 58 -14.04 7.31 -23.85
CA CYS B 58 -14.75 6.52 -22.84
C CYS B 58 -15.76 5.56 -23.47
N ASN B 59 -16.62 6.07 -24.37
CA ASN B 59 -17.61 5.20 -24.99
C ASN B 59 -16.95 4.10 -25.80
N ALA B 60 -15.90 4.43 -26.54
CA ALA B 60 -15.22 3.41 -27.34
C ALA B 60 -14.70 2.29 -26.44
N ALA B 61 -14.27 2.63 -25.24
CA ALA B 61 -13.63 1.65 -24.37
C ALA B 61 -14.65 0.73 -23.71
N VAL B 62 -15.85 1.21 -23.46
CA VAL B 62 -16.85 0.36 -22.82
C VAL B 62 -17.87 -0.19 -23.80
N ALA B 63 -17.89 0.29 -25.04
CA ALA B 63 -18.83 -0.20 -26.04
C ALA B 63 -18.90 -1.73 -26.10
N PRO B 64 -17.78 -2.46 -26.14
CA PRO B 64 -17.91 -3.92 -26.29
C PRO B 64 -18.45 -4.62 -25.03
N LEU B 65 -18.65 -3.90 -23.92
CA LEU B 65 -19.36 -4.49 -22.80
C LEU B 65 -20.87 -4.34 -22.89
N GLY B 66 -21.37 -3.68 -23.93
CA GLY B 66 -22.78 -3.69 -24.27
C GLY B 66 -23.63 -2.58 -23.69
N LYS B 67 -23.13 -1.84 -22.70
CA LYS B 67 -23.94 -0.87 -21.98
C LYS B 67 -23.66 0.53 -22.50
N THR B 68 -24.73 1.25 -22.82
CA THR B 68 -24.63 2.65 -23.20
C THR B 68 -24.64 3.54 -21.96
N VAL B 69 -23.76 4.55 -21.95
CA VAL B 69 -23.60 5.46 -20.82
C VAL B 69 -23.80 6.90 -21.31
N SER B 70 -24.70 7.63 -20.67
CA SER B 70 -25.03 8.98 -21.12
C SER B 70 -23.91 9.97 -20.77
N ASP B 71 -23.90 11.11 -21.47
CA ASP B 71 -22.93 12.14 -21.13
C ASP B 71 -23.19 12.68 -19.72
N GLU B 72 -24.45 12.76 -19.30
CA GLU B 72 -24.77 13.08 -17.91
C GLU B 72 -23.99 12.19 -16.96
N ARG B 73 -23.96 10.88 -17.23
CA ARG B 73 -23.27 9.94 -16.36
C ARG B 73 -21.74 10.09 -16.46
N TRP B 74 -21.21 10.19 -17.68
CA TRP B 74 -19.77 10.46 -17.82
C TRP B 74 -19.38 11.71 -17.05
N ILE B 75 -20.21 12.75 -17.13
CA ILE B 75 -19.91 13.99 -16.42
C ILE B 75 -19.85 13.74 -14.92
N SER B 76 -20.77 12.91 -14.40
CA SER B 76 -20.77 12.61 -12.98
C SER B 76 -19.50 11.88 -12.56
N TYR B 77 -18.95 11.04 -13.45
CA TYR B 77 -17.70 10.36 -13.14
C TYR B 77 -16.51 11.30 -13.25
N VAL B 78 -16.48 12.15 -14.27
CA VAL B 78 -15.24 12.86 -14.60
C VAL B 78 -14.96 13.99 -13.63
N GLY B 79 -15.99 14.52 -12.94
CA GLY B 79 -15.79 15.65 -12.06
C GLY B 79 -14.71 15.47 -11.01
N VAL B 80 -14.51 14.23 -10.52
CA VAL B 80 -13.49 14.06 -9.48
C VAL B 80 -12.12 14.40 -10.03
N VAL B 81 -11.86 14.08 -11.29
CA VAL B 81 -10.57 14.44 -11.88
C VAL B 81 -10.49 15.96 -12.04
N LEU B 82 -11.57 16.58 -12.51
CA LEU B 82 -11.57 18.02 -12.71
C LEU B 82 -11.35 18.78 -11.42
N TRP B 83 -11.88 18.26 -10.29
CA TRP B 83 -11.79 18.94 -9.01
C TRP B 83 -10.58 18.54 -8.15
N SER B 84 -10.04 17.35 -8.35
CA SER B 84 -9.14 16.79 -7.34
C SER B 84 -7.70 16.63 -7.81
N GLN B 85 -7.36 17.12 -9.00
CA GLN B 85 -5.97 17.24 -9.37
C GLN B 85 -5.45 18.58 -8.85
N SER B 86 -4.25 18.99 -9.27
CA SER B 86 -3.64 20.23 -8.81
C SER B 86 -3.37 21.12 -10.01
N PRO B 87 -4.34 21.94 -10.43
CA PRO B 87 -4.17 22.70 -11.68
C PRO B 87 -2.96 23.62 -11.66
N ARG B 88 -2.54 24.10 -10.49
CA ARG B 88 -1.35 24.94 -10.48
C ARG B 88 -0.11 24.18 -10.98
N HIS B 89 -0.08 22.86 -10.86
CA HIS B 89 1.11 22.08 -11.16
C HIS B 89 1.01 21.25 -12.44
N ILE B 90 -0.06 21.36 -13.21
CA ILE B 90 -0.20 20.52 -14.40
C ILE B 90 0.87 20.88 -15.43
N LYS B 91 1.43 19.87 -16.09
CA LYS B 91 2.40 20.03 -17.18
C LYS B 91 2.11 19.14 -18.39
N ASP B 92 1.37 18.07 -18.21
CA ASP B 92 1.05 17.17 -19.32
C ASP B 92 -0.48 17.11 -19.37
N MET B 93 -1.09 17.84 -20.31
CA MET B 93 -2.54 17.75 -20.43
C MET B 93 -2.98 16.46 -21.11
N GLU B 94 -2.12 15.82 -21.90
CA GLU B 94 -2.44 14.49 -22.41
C GLU B 94 -2.54 13.48 -21.27
N ALA B 95 -1.59 13.51 -20.34
CA ALA B 95 -1.71 12.70 -19.13
C ALA B 95 -2.96 13.05 -18.33
N PHE B 96 -3.29 14.33 -18.25
CA PHE B 96 -4.49 14.72 -17.51
C PHE B 96 -5.74 14.12 -18.14
N LYS B 97 -5.78 14.10 -19.49
CA LYS B 97 -6.94 13.53 -20.17
C LYS B 97 -6.98 12.01 -20.06
N ALA B 98 -5.80 11.36 -20.15
CA ALA B 98 -5.73 9.94 -19.84
C ALA B 98 -6.39 9.64 -18.49
N VAL B 99 -6.07 10.44 -17.47
CA VAL B 99 -6.64 10.20 -16.15
C VAL B 99 -8.15 10.41 -16.17
N CYS B 100 -8.63 11.43 -16.90
CA CYS B 100 -10.08 11.58 -17.08
C CYS B 100 -10.69 10.31 -17.66
N VAL B 101 -10.11 9.80 -18.74
CA VAL B 101 -10.68 8.62 -19.38
C VAL B 101 -10.56 7.40 -18.47
N LEU B 102 -9.37 7.13 -17.94
CA LEU B 102 -9.16 5.92 -17.15
C LEU B 102 -10.00 5.94 -15.88
N ASN B 103 -10.06 7.09 -15.21
CA ASN B 103 -10.98 7.26 -14.09
C ASN B 103 -12.41 6.89 -14.48
N CYS B 104 -12.90 7.42 -15.60
CA CYS B 104 -14.31 7.25 -15.94
C CYS B 104 -14.64 5.81 -16.31
N VAL B 105 -13.83 5.18 -17.16
CA VAL B 105 -14.21 3.84 -17.61
C VAL B 105 -14.06 2.82 -16.50
N THR B 106 -13.11 3.03 -15.57
CA THR B 106 -13.05 2.13 -14.41
C THR B 106 -14.18 2.41 -13.42
N PHE B 107 -14.74 3.63 -13.43
CA PHE B 107 -15.94 3.88 -12.64
C PHE B 107 -17.13 3.09 -13.19
N VAL B 108 -17.25 3.01 -14.51
CA VAL B 108 -18.28 2.16 -15.12
C VAL B 108 -18.12 0.73 -14.62
N TRP B 109 -16.89 0.22 -14.67
CA TRP B 109 -16.59 -1.14 -14.20
C TRP B 109 -17.00 -1.33 -12.75
N ASP B 110 -16.73 -0.31 -11.91
CA ASP B 110 -17.15 -0.32 -10.52
C ASP B 110 -18.66 -0.46 -10.37
N ASP B 111 -19.44 0.12 -11.29
CA ASP B 111 -20.89 0.12 -11.23
C ASP B 111 -21.52 -1.07 -11.95
N MET B 112 -20.73 -1.96 -12.51
CA MET B 112 -21.26 -3.01 -13.38
C MET B 112 -21.55 -4.30 -12.62
N ASP B 113 -22.68 -4.91 -12.97
CA ASP B 113 -22.85 -6.33 -12.76
C ASP B 113 -21.58 -7.06 -13.22
N PRO B 114 -21.02 -7.94 -12.40
CA PRO B 114 -19.79 -8.66 -12.81
C PRO B 114 -19.92 -9.36 -14.15
N ALA B 115 -21.16 -9.58 -14.64
CA ALA B 115 -21.38 -10.33 -15.86
C ALA B 115 -20.79 -9.64 -17.09
N LEU B 116 -20.82 -8.30 -17.12
CA LEU B 116 -20.29 -7.54 -18.25
C LEU B 116 -18.78 -7.32 -18.18
N HIS B 117 -18.11 -7.83 -17.14
CA HIS B 117 -16.67 -7.61 -16.99
C HIS B 117 -15.90 -8.46 -17.98
N ASP B 118 -15.74 -7.99 -19.22
CA ASP B 118 -14.98 -8.73 -20.25
C ASP B 118 -13.52 -8.30 -20.22
N PHE B 119 -12.67 -9.08 -19.55
CA PHE B 119 -11.25 -8.75 -19.51
C PHE B 119 -10.64 -8.79 -20.91
N GLY B 120 -11.07 -9.73 -21.75
CA GLY B 120 -10.48 -9.85 -23.07
C GLY B 120 -10.72 -8.64 -23.96
N LEU B 121 -11.89 -8.02 -23.83
CA LEU B 121 -12.19 -6.83 -24.63
C LEU B 121 -11.75 -5.55 -23.92
N PHE B 122 -11.82 -5.53 -22.58
CA PHE B 122 -11.57 -4.28 -21.87
C PHE B 122 -10.08 -3.99 -21.66
N LEU B 123 -9.27 -4.98 -21.29
CA LEU B 123 -7.84 -4.69 -21.15
C LEU B 123 -7.21 -4.08 -22.40
N PRO B 124 -7.47 -4.55 -23.63
CA PRO B 124 -6.85 -3.90 -24.80
C PRO B 124 -7.23 -2.42 -24.95
N GLN B 125 -8.47 -2.06 -24.63
CA GLN B 125 -8.87 -0.65 -24.59
C GLN B 125 -8.08 0.14 -23.56
N LEU B 126 -7.91 -0.41 -22.36
CA LEU B 126 -7.08 0.27 -21.37
C LEU B 126 -5.68 0.51 -21.90
N ARG B 127 -5.10 -0.50 -22.57
CA ARG B 127 -3.81 -0.34 -23.23
C ARG B 127 -3.85 0.74 -24.30
N LYS B 128 -4.85 0.71 -25.17
CA LYS B 128 -4.91 1.68 -26.27
C LYS B 128 -5.07 3.09 -25.74
N ILE B 129 -5.65 3.26 -24.55
CA ILE B 129 -5.75 4.58 -23.95
C ILE B 129 -4.41 4.99 -23.35
N CYS B 130 -3.73 4.04 -22.69
CA CYS B 130 -2.45 4.34 -22.07
C CYS B 130 -1.41 4.73 -23.11
N GLU B 131 -1.47 4.13 -24.31
CA GLU B 131 -0.48 4.43 -25.35
C GLU B 131 -0.77 5.74 -26.07
N LYS B 132 -2.05 6.10 -26.21
CA LYS B 132 -2.37 7.36 -26.89
C LYS B 132 -1.90 8.58 -26.11
N TYR B 133 -1.95 8.52 -24.77
CA TYR B 133 -1.70 9.69 -23.94
C TYR B 133 -0.34 9.69 -23.23
N TYR B 134 0.31 8.54 -23.02
CA TYR B 134 1.53 8.48 -22.23
C TYR B 134 2.75 8.05 -23.07
N GLY B 135 3.90 8.59 -22.70
CA GLY B 135 5.18 8.04 -23.12
C GLY B 135 5.30 6.57 -22.78
N PRO B 136 6.36 5.91 -23.25
CA PRO B 136 6.40 4.44 -23.17
C PRO B 136 6.41 3.85 -21.77
N GLU B 137 7.23 4.39 -20.85
CA GLU B 137 7.26 3.86 -19.48
C GLU B 137 6.03 4.31 -18.69
N ASP B 138 5.61 5.57 -18.85
CA ASP B 138 4.38 6.00 -18.20
C ASP B 138 3.21 5.10 -18.61
N ALA B 139 3.10 4.84 -19.91
CA ALA B 139 1.98 4.03 -20.42
C ALA B 139 1.95 2.66 -19.76
N GLU B 140 3.12 2.07 -19.50
CA GLU B 140 3.11 0.72 -18.94
C GLU B 140 2.74 0.73 -17.46
N VAL B 141 3.16 1.76 -16.71
CA VAL B 141 2.78 1.85 -15.30
C VAL B 141 1.29 2.13 -15.16
N ALA B 142 0.75 3.05 -15.98
CA ALA B 142 -0.67 3.36 -15.89
C ALA B 142 -1.52 2.15 -16.24
N TYR B 143 -1.11 1.39 -17.25
CA TYR B 143 -1.83 0.16 -17.59
C TYR B 143 -1.82 -0.84 -16.43
N GLU B 144 -0.65 -1.09 -15.83
CA GLU B 144 -0.58 -2.05 -14.72
C GLU B 144 -1.51 -1.67 -13.59
N ALA B 145 -1.51 -0.39 -13.22
CA ALA B 145 -2.40 0.05 -12.15
C ALA B 145 -3.87 -0.10 -12.55
N ALA B 146 -4.23 0.25 -13.79
CA ALA B 146 -5.63 0.11 -14.22
C ALA B 146 -6.05 -1.37 -14.24
N ARG B 147 -5.18 -2.23 -14.77
CA ARG B 147 -5.40 -3.66 -14.73
C ARG B 147 -5.54 -4.16 -13.30
N ALA B 148 -4.61 -3.76 -12.43
CA ALA B 148 -4.67 -4.19 -11.03
C ALA B 148 -5.98 -3.76 -10.38
N PHE B 149 -6.44 -2.52 -10.65
CA PHE B 149 -7.70 -2.10 -10.04
C PHE B 149 -8.89 -2.91 -10.57
N VAL B 150 -9.04 -3.04 -11.89
CA VAL B 150 -10.26 -3.69 -12.36
C VAL B 150 -10.27 -5.17 -11.97
N THR B 151 -9.10 -5.81 -11.93
CA THR B 151 -9.03 -7.19 -11.45
C THR B 151 -9.41 -7.28 -9.97
N SER B 152 -8.92 -6.36 -9.16
CA SER B 152 -9.29 -6.30 -7.74
C SER B 152 -10.80 -6.08 -7.56
N ASP B 153 -11.35 -5.07 -8.26
CA ASP B 153 -12.78 -4.81 -8.07
C ASP B 153 -13.60 -6.03 -8.43
N HIS B 154 -13.18 -6.79 -9.45
CA HIS B 154 -13.95 -7.94 -9.88
C HIS B 154 -13.81 -9.11 -8.92
N MET B 155 -12.56 -9.47 -8.56
CA MET B 155 -12.38 -10.71 -7.82
C MET B 155 -12.92 -10.61 -6.40
N PHE B 156 -12.91 -9.41 -5.81
CA PHE B 156 -13.40 -9.25 -4.46
C PHE B 156 -14.91 -9.05 -4.37
N ARG B 157 -15.66 -9.18 -5.47
CA ARG B 157 -17.05 -8.73 -5.50
C ARG B 157 -17.94 -9.31 -4.41
N ASP B 158 -17.65 -10.54 -4.00
CA ASP B 158 -18.52 -11.32 -3.11
C ASP B 158 -17.71 -12.00 -1.99
N SER B 159 -16.36 -11.95 -2.09
CA SER B 159 -15.10 -12.53 -1.56
C SER B 159 -15.04 -12.51 -0.03
N PRO B 160 -14.58 -13.62 0.55
CA PRO B 160 -14.38 -13.66 2.01
C PRO B 160 -13.31 -12.72 2.51
N ILE B 161 -12.26 -12.46 1.73
CA ILE B 161 -11.26 -11.50 2.17
C ILE B 161 -11.92 -10.14 2.38
N LYS B 162 -12.83 -9.77 1.49
CA LYS B 162 -13.50 -8.47 1.65
C LYS B 162 -14.38 -8.44 2.89
N ALA B 163 -15.15 -9.50 3.12
CA ALA B 163 -15.93 -9.60 4.35
C ALA B 163 -15.03 -9.46 5.57
N ALA B 164 -13.88 -10.12 5.58
CA ALA B 164 -13.02 -10.02 6.75
C ALA B 164 -12.42 -8.61 6.88
N LEU B 165 -11.92 -8.04 5.78
CA LEU B 165 -11.19 -6.77 5.88
C LEU B 165 -12.13 -5.59 6.11
N CYS B 166 -13.40 -5.74 5.80
CA CYS B 166 -14.33 -4.62 5.96
C CYS B 166 -14.99 -4.59 7.32
N THR B 167 -15.07 -5.73 8.00
CA THR B 167 -15.84 -5.88 9.23
C THR B 167 -14.99 -5.98 10.50
N THR B 168 -13.67 -5.98 10.41
CA THR B 168 -12.81 -6.31 11.57
C THR B 168 -12.35 -5.07 12.34
N SER B 169 -12.00 -4.00 11.64
CA SER B 169 -11.54 -2.78 12.29
C SER B 169 -11.38 -1.70 11.23
N PRO B 170 -11.31 -0.43 11.63
CA PRO B 170 -10.92 0.59 10.64
C PRO B 170 -9.54 0.34 10.04
N GLU B 171 -8.58 -0.18 10.84
CA GLU B 171 -7.25 -0.52 10.33
C GLU B 171 -7.31 -1.53 9.17
N GLN B 172 -8.13 -2.57 9.29
CA GLN B 172 -8.18 -3.56 8.20
C GLN B 172 -8.91 -2.98 6.98
N TYR B 173 -9.96 -2.22 7.25
CA TYR B 173 -10.78 -1.70 6.17
C TYR B 173 -9.99 -0.74 5.27
N PHE B 174 -9.30 0.22 5.88
CA PHE B 174 -8.57 1.19 5.06
C PHE B 174 -7.43 0.52 4.31
N ARG B 175 -6.87 -0.56 4.86
CA ARG B 175 -5.89 -1.34 4.11
C ARG B 175 -6.46 -1.88 2.81
N PHE B 176 -7.70 -2.37 2.84
CA PHE B 176 -8.36 -2.81 1.62
C PHE B 176 -8.56 -1.65 0.66
N ARG B 177 -8.87 -0.47 1.19
CA ARG B 177 -9.27 0.62 0.32
C ARG B 177 -8.09 1.32 -0.34
N VAL B 178 -6.86 1.09 0.12
CA VAL B 178 -5.72 1.67 -0.59
C VAL B 178 -5.80 1.32 -2.06
N THR B 179 -6.20 0.08 -2.37
CA THR B 179 -6.42 -0.36 -3.73
C THR B 179 -7.87 -0.17 -4.17
N ASP B 180 -8.82 -0.59 -3.34
CA ASP B 180 -10.19 -0.72 -3.82
C ASP B 180 -10.84 0.62 -4.12
N ILE B 181 -10.49 1.69 -3.41
CA ILE B 181 -11.07 2.98 -3.82
C ILE B 181 -10.33 3.56 -5.01
N GLY B 182 -9.30 2.89 -5.53
CA GLY B 182 -8.63 3.32 -6.74
C GLY B 182 -7.57 4.40 -6.58
N VAL B 183 -7.21 4.76 -5.34
CA VAL B 183 -6.26 5.86 -5.18
C VAL B 183 -4.84 5.46 -5.56
N ASP B 184 -4.45 4.21 -5.30
CA ASP B 184 -3.12 3.82 -5.77
C ASP B 184 -3.03 3.91 -7.28
N PHE B 185 -4.05 3.43 -7.97
CA PHE B 185 -4.15 3.56 -9.42
C PHE B 185 -4.09 5.04 -9.80
N TRP B 186 -4.92 5.86 -9.15
CA TRP B 186 -4.93 7.30 -9.37
C TRP B 186 -3.53 7.89 -9.35
N MET B 187 -2.75 7.59 -8.31
CA MET B 187 -1.42 8.16 -8.20
C MET B 187 -0.52 7.69 -9.32
N LYS B 188 -0.60 6.40 -9.67
CA LYS B 188 0.31 5.83 -10.66
C LYS B 188 -0.05 6.27 -12.08
N MET B 189 -1.26 6.79 -12.31
CA MET B 189 -1.58 7.36 -13.61
C MET B 189 -1.51 8.88 -13.62
N SER B 190 -1.48 9.53 -12.45
CA SER B 190 -1.44 10.98 -12.35
C SER B 190 -0.04 11.55 -12.26
N TYR B 191 0.97 10.76 -11.86
CA TYR B 191 2.31 11.35 -11.76
C TYR B 191 2.83 11.91 -13.08
N PRO B 192 2.52 11.36 -14.25
CA PRO B 192 2.98 12.03 -15.48
C PRO B 192 2.36 13.41 -15.69
N ILE B 193 1.32 13.77 -14.94
CA ILE B 193 0.72 15.09 -15.08
C ILE B 193 1.70 16.16 -14.59
N TYR B 194 2.45 15.85 -13.54
CA TYR B 194 3.25 16.82 -12.81
C TYR B 194 4.74 16.72 -13.11
N ARG B 195 5.21 15.54 -13.57
CA ARG B 195 6.64 15.25 -13.76
C ARG B 195 7.49 15.89 -12.67
N HIS B 196 7.14 15.58 -11.45
CA HIS B 196 7.85 16.02 -10.26
C HIS B 196 8.47 14.78 -9.64
N PRO B 197 9.78 14.55 -9.82
CA PRO B 197 10.34 13.23 -9.49
C PRO B 197 10.05 12.74 -8.08
N GLU B 198 9.95 13.63 -7.09
CA GLU B 198 9.59 13.19 -5.74
C GLU B 198 8.16 12.66 -5.68
N PHE B 199 7.23 13.31 -6.38
CA PHE B 199 5.87 12.79 -6.37
C PHE B 199 5.79 11.48 -7.15
N THR B 200 6.56 11.38 -8.23
CA THR B 200 6.65 10.13 -8.98
C THR B 200 7.11 8.99 -8.07
N GLU B 201 8.08 9.25 -7.18
CA GLU B 201 8.53 8.18 -6.28
C GLU B 201 7.44 7.82 -5.27
N HIS B 202 6.81 8.83 -4.65
CA HIS B 202 5.76 8.53 -3.68
C HIS B 202 4.59 7.81 -4.34
N ALA B 203 4.34 8.11 -5.62
CA ALA B 203 3.31 7.39 -6.35
C ALA B 203 3.74 5.94 -6.56
N LYS B 204 4.98 5.72 -6.97
CA LYS B 204 5.36 4.36 -7.32
C LYS B 204 5.63 3.47 -6.11
N THR B 205 5.96 4.03 -4.94
CA THR B 205 6.02 3.24 -3.71
C THR B 205 4.64 3.00 -3.09
N SER B 206 3.62 3.71 -3.55
CA SER B 206 2.27 3.72 -3.00
C SER B 206 2.16 4.48 -1.67
N LEU B 207 3.25 5.11 -1.21
CA LEU B 207 3.16 5.97 -0.03
C LEU B 207 2.18 7.13 -0.26
N ALA B 208 2.16 7.64 -1.50
CA ALA B 208 1.20 8.68 -1.84
C ALA B 208 -0.23 8.19 -1.60
N ALA B 209 -0.54 6.99 -2.11
CA ALA B 209 -1.86 6.41 -1.89
C ALA B 209 -2.12 6.14 -0.41
N ARG B 210 -1.12 5.62 0.30
CA ARG B 210 -1.34 5.32 1.71
C ARG B 210 -1.63 6.60 2.52
N MET B 211 -1.04 7.74 2.14
CA MET B 211 -1.29 8.97 2.89
C MET B 211 -2.70 9.52 2.64
N THR B 212 -3.29 9.24 1.50
CA THR B 212 -4.53 9.92 1.11
C THR B 212 -5.77 9.02 1.20
N THR B 213 -5.56 7.72 1.47
CA THR B 213 -6.67 6.76 1.44
C THR B 213 -7.75 7.12 2.44
N ARG B 214 -7.40 7.45 3.68
CA ARG B 214 -8.44 7.68 4.67
C ARG B 214 -9.25 8.94 4.35
N GLY B 215 -8.57 10.00 3.94
CA GLY B 215 -9.27 11.23 3.61
C GLY B 215 -10.26 11.03 2.48
N LEU B 216 -9.86 10.33 1.42
CA LEU B 216 -10.79 10.05 0.33
C LEU B 216 -11.91 9.13 0.79
N THR B 217 -11.55 8.07 1.50
CA THR B 217 -12.50 7.00 1.78
C THR B 217 -13.56 7.44 2.77
N ILE B 218 -13.17 8.12 3.83
CA ILE B 218 -14.14 8.51 4.85
C ILE B 218 -15.21 9.41 4.23
N VAL B 219 -14.78 10.34 3.39
CA VAL B 219 -15.73 11.22 2.70
C VAL B 219 -16.59 10.42 1.72
N ASN B 220 -15.96 9.59 0.87
CA ASN B 220 -16.77 8.81 -0.05
C ASN B 220 -17.77 7.93 0.69
N ASP B 221 -17.31 7.27 1.76
CA ASP B 221 -18.18 6.35 2.49
C ASP B 221 -19.38 7.07 3.07
N PHE B 222 -19.17 8.26 3.62
CA PHE B 222 -20.28 8.95 4.26
C PHE B 222 -21.38 9.23 3.24
N TYR B 223 -21.00 9.75 2.09
CA TYR B 223 -21.98 10.19 1.12
C TYR B 223 -22.48 9.08 0.20
N SER B 224 -21.82 7.91 0.15
CA SER B 224 -22.34 6.80 -0.64
C SER B 224 -22.96 5.71 0.23
N TYR B 225 -23.04 5.93 1.54
CA TYR B 225 -23.59 4.94 2.47
C TYR B 225 -24.99 4.48 2.09
N ASP B 226 -25.92 5.41 1.85
CA ASP B 226 -27.30 5.01 1.61
C ASP B 226 -27.40 4.13 0.36
N ARG B 227 -26.72 4.52 -0.71
CA ARG B 227 -26.75 3.71 -1.92
C ARG B 227 -26.15 2.32 -1.66
N GLU B 228 -24.98 2.28 -1.05
CA GLU B 228 -24.29 1.01 -0.90
C GLU B 228 -25.07 0.07 0.00
N VAL B 229 -25.69 0.59 1.05
CA VAL B 229 -26.45 -0.28 1.93
C VAL B 229 -27.69 -0.85 1.22
N SER B 230 -28.41 -0.04 0.44
CA SER B 230 -29.55 -0.62 -0.26
C SER B 230 -29.12 -1.77 -1.18
N LEU B 231 -27.97 -1.63 -1.84
CA LEU B 231 -27.45 -2.62 -2.76
C LEU B 231 -26.78 -3.82 -2.08
N GLY B 232 -26.57 -3.77 -0.76
CA GLY B 232 -25.80 -4.82 -0.13
C GLY B 232 -24.32 -4.79 -0.45
N GLN B 233 -23.72 -3.61 -0.52
CA GLN B 233 -22.28 -3.50 -0.67
C GLN B 233 -21.66 -3.17 0.69
N ILE B 234 -20.76 -4.03 1.17
CA ILE B 234 -20.25 -3.91 2.53
C ILE B 234 -19.02 -3.03 2.61
N THR B 235 -18.55 -2.50 1.50
CA THR B 235 -17.29 -1.76 1.51
C THR B 235 -17.56 -0.29 1.88
N ASN B 236 -17.72 -0.07 3.18
CA ASN B 236 -18.06 1.24 3.73
C ASN B 236 -17.77 1.28 5.23
N CYS B 237 -16.92 2.20 5.68
CA CYS B 237 -16.49 2.13 7.09
C CYS B 237 -17.63 2.43 8.05
N PHE B 238 -18.68 3.14 7.63
CA PHE B 238 -19.75 3.39 8.59
C PHE B 238 -20.61 2.16 8.88
N ARG B 239 -20.43 1.05 8.14
CA ARG B 239 -21.01 -0.21 8.60
C ARG B 239 -20.33 -0.72 9.86
N LEU B 240 -19.15 -0.20 10.19
CA LEU B 240 -18.46 -0.60 11.41
C LEU B 240 -19.12 -0.08 12.68
N CYS B 241 -19.82 1.05 12.64
CA CYS B 241 -20.51 1.55 13.81
C CYS B 241 -22.00 1.38 13.62
N ASP B 242 -22.75 1.62 14.68
CA ASP B 242 -24.21 1.52 14.65
C ASP B 242 -24.76 2.91 14.29
N VAL B 243 -25.04 3.13 13.00
CA VAL B 243 -25.48 4.45 12.58
C VAL B 243 -26.89 4.78 13.08
N SER B 244 -27.63 3.81 13.63
CA SER B 244 -28.95 4.11 14.19
C SER B 244 -28.87 4.75 15.57
N ASP B 245 -27.72 4.65 16.22
CA ASP B 245 -27.48 5.16 17.57
C ASP B 245 -26.65 6.41 17.41
N GLU B 246 -27.29 7.58 17.59
CA GLU B 246 -26.60 8.84 17.33
C GLU B 246 -25.31 8.95 18.13
N THR B 247 -25.35 8.55 19.40
CA THR B 247 -24.16 8.65 20.25
C THR B 247 -23.00 7.83 19.68
N ALA B 248 -23.26 6.60 19.29
CA ALA B 248 -22.19 5.77 18.73
C ALA B 248 -21.75 6.30 17.37
N PHE B 249 -22.71 6.67 16.51
CA PHE B 249 -22.31 7.27 15.24
C PHE B 249 -21.42 8.46 15.49
N LYS B 250 -21.83 9.32 16.42
CA LYS B 250 -21.06 10.51 16.78
C LYS B 250 -19.61 10.18 17.09
N GLU B 251 -19.39 9.28 18.04
CA GLU B 251 -18.03 8.95 18.45
C GLU B 251 -17.23 8.40 17.28
N PHE B 252 -17.85 7.54 16.48
CA PHE B 252 -17.16 6.97 15.32
C PHE B 252 -16.78 8.05 14.33
N PHE B 253 -17.70 8.99 14.10
CA PHE B 253 -17.43 10.04 13.11
C PHE B 253 -16.23 10.89 13.53
N GLN B 254 -16.13 11.28 14.79
CA GLN B 254 -14.98 12.11 15.14
C GLN B 254 -13.70 11.29 15.20
N ALA B 255 -13.79 9.99 15.48
CA ALA B 255 -12.59 9.16 15.31
C ALA B 255 -12.11 9.22 13.85
N ARG B 256 -13.05 9.24 12.91
CA ARG B 256 -12.67 9.31 11.50
C ARG B 256 -12.15 10.70 11.13
N LEU B 257 -12.76 11.77 11.69
CA LEU B 257 -12.20 13.10 11.51
C LEU B 257 -10.78 13.17 12.05
N ASP B 258 -10.54 12.56 13.21
CA ASP B 258 -9.19 12.49 13.74
C ASP B 258 -8.23 11.80 12.77
N ASP B 259 -8.66 10.68 12.18
CA ASP B 259 -7.88 10.02 11.13
C ASP B 259 -7.45 11.02 10.06
N MET B 260 -8.42 11.78 9.56
CA MET B 260 -8.15 12.71 8.47
C MET B 260 -7.17 13.78 8.90
N ILE B 261 -7.37 14.33 10.10
CA ILE B 261 -6.53 15.42 10.58
C ILE B 261 -5.09 14.94 10.73
N GLU B 262 -4.91 13.78 11.36
CA GLU B 262 -3.55 13.29 11.54
C GLU B 262 -2.88 13.06 10.18
N ASP B 263 -3.61 12.51 9.21
CA ASP B 263 -3.06 12.34 7.86
C ASP B 263 -2.67 13.68 7.26
N ILE B 264 -3.56 14.65 7.35
CA ILE B 264 -3.29 15.94 6.73
C ILE B 264 -2.08 16.61 7.36
N GLU B 265 -1.98 16.58 8.68
CA GLU B 265 -0.84 17.21 9.34
C GLU B 265 0.48 16.49 9.03
N CYS B 266 0.45 15.16 8.82
CA CYS B 266 1.67 14.49 8.36
C CYS B 266 1.91 14.72 6.87
N ILE B 267 0.86 14.89 6.07
CA ILE B 267 1.05 15.29 4.68
C ILE B 267 1.83 16.60 4.60
N LYS B 268 1.66 17.49 5.59
CA LYS B 268 2.33 18.78 5.53
C LYS B 268 3.82 18.70 5.87
N ALA B 269 4.37 17.51 6.08
CA ALA B 269 5.82 17.34 6.12
C ALA B 269 6.40 17.02 4.75
N PHE B 270 5.58 16.63 3.77
CA PHE B 270 6.09 16.36 2.44
C PHE B 270 6.51 17.67 1.77
N ASP B 271 7.22 17.56 0.65
CA ASP B 271 7.70 18.75 -0.03
C ASP B 271 6.51 19.52 -0.58
N GLN B 272 6.75 20.81 -0.85
CA GLN B 272 5.65 21.74 -1.08
C GLN B 272 4.78 21.34 -2.25
N LEU B 273 5.36 20.86 -3.35
CA LEU B 273 4.53 20.44 -4.48
C LEU B 273 3.70 19.22 -4.09
N THR B 274 4.37 18.18 -3.61
CA THR B 274 3.69 16.95 -3.24
C THR B 274 2.50 17.23 -2.32
N GLN B 275 2.68 18.09 -1.31
CA GLN B 275 1.56 18.31 -0.39
C GLN B 275 0.42 19.07 -1.07
N ASP B 276 0.74 20.05 -1.92
CA ASP B 276 -0.23 20.60 -2.88
C ASP B 276 -1.11 19.50 -3.43
N VAL B 277 -0.49 18.53 -4.10
CA VAL B 277 -1.22 17.49 -4.83
C VAL B 277 -2.06 16.64 -3.87
N PHE B 278 -1.44 16.17 -2.79
CA PHE B 278 -2.18 15.33 -1.83
C PHE B 278 -3.41 16.05 -1.28
N LEU B 279 -3.23 17.30 -0.87
CA LEU B 279 -4.34 18.01 -0.20
C LEU B 279 -5.43 18.40 -1.18
N ASP B 280 -5.06 18.80 -2.41
CA ASP B 280 -6.08 19.06 -3.43
C ASP B 280 -6.87 17.81 -3.73
N LEU B 281 -6.22 16.65 -3.68
CA LEU B 281 -6.93 15.39 -3.93
C LEU B 281 -7.98 15.15 -2.86
N ILE B 282 -7.60 15.26 -1.58
CA ILE B 282 -8.54 14.97 -0.51
C ILE B 282 -9.64 16.03 -0.46
N TYR B 283 -9.26 17.29 -0.49
CA TYR B 283 -10.25 18.35 -0.36
C TYR B 283 -11.08 18.49 -1.63
N GLY B 284 -10.45 18.33 -2.79
CA GLY B 284 -11.20 18.34 -4.04
C GLY B 284 -12.22 17.21 -4.12
N ASN B 285 -11.84 16.02 -3.64
CA ASN B 285 -12.81 14.93 -3.65
C ASN B 285 -14.04 15.28 -2.82
N PHE B 286 -13.84 16.00 -1.71
CA PHE B 286 -14.95 16.38 -0.86
C PHE B 286 -15.86 17.40 -1.57
N VAL B 287 -15.27 18.39 -2.23
CA VAL B 287 -16.09 19.37 -2.97
C VAL B 287 -16.88 18.67 -4.06
N TRP B 288 -16.21 17.83 -4.86
CA TRP B 288 -16.89 17.07 -5.91
C TRP B 288 -17.98 16.19 -5.34
N THR B 289 -17.67 15.42 -4.29
CA THR B 289 -18.64 14.49 -3.73
C THR B 289 -19.92 15.19 -3.31
N THR B 290 -19.80 16.39 -2.73
CA THR B 290 -20.98 17.08 -2.21
C THR B 290 -21.75 17.83 -3.28
N SER B 291 -21.18 17.99 -4.49
CA SER B 291 -21.85 18.69 -5.58
C SER B 291 -22.41 17.75 -6.63
N ASN B 292 -22.24 16.45 -6.46
CA ASN B 292 -22.39 15.51 -7.56
C ASN B 292 -23.64 14.69 -7.33
N LYS B 293 -24.50 14.66 -8.36
CA LYS B 293 -25.73 13.87 -8.31
C LYS B 293 -25.50 12.45 -7.84
N ARG B 294 -24.34 11.88 -8.19
CA ARG B 294 -23.98 10.53 -7.78
C ARG B 294 -24.16 10.28 -6.28
N TYR B 295 -24.02 11.30 -5.45
CA TYR B 295 -24.06 11.08 -4.00
C TYR B 295 -25.31 11.66 -3.35
N LYS B 296 -26.15 12.37 -4.11
CA LYS B 296 -27.34 13.06 -3.62
C LYS B 296 -28.54 12.16 -3.36
N THR B 297 -28.77 11.13 -4.18
CA THR B 297 -29.86 10.20 -3.96
C THR B 297 -29.27 8.85 -3.62
N ALA B 298 -30.08 8.00 -2.98
CA ALA B 298 -29.74 6.57 -2.97
C ALA B 298 -29.51 6.07 -4.38
N VAL B 299 -30.50 6.25 -5.26
CA VAL B 299 -30.49 5.57 -6.54
C VAL B 299 -30.96 6.50 -7.65
N ASN B 300 -30.17 6.57 -8.70
CA ASN B 300 -30.60 7.30 -9.88
C ASN B 300 -29.84 6.79 -11.09
N ASP B 301 -30.20 7.36 -12.23
CA ASP B 301 -29.73 7.11 -13.59
C ASP B 301 -28.23 7.31 -13.81
N VAL B 302 -27.49 7.89 -12.86
CA VAL B 302 -26.06 8.07 -13.04
C VAL B 302 -25.23 7.20 -12.13
N ASN B 303 -25.83 6.55 -11.12
CA ASN B 303 -25.05 5.72 -10.22
C ASN B 303 -25.63 4.34 -10.00
N SER B 304 -26.77 4.01 -10.61
CA SER B 304 -27.41 2.74 -10.29
C SER B 304 -26.71 1.59 -11.01
N ARG B 305 -26.90 0.38 -10.48
CA ARG B 305 -26.00 -0.72 -10.77
C ARG B 305 -26.19 -1.26 -12.18
N ILE B 306 -27.45 -1.51 -12.54
CA ILE B 306 -27.85 -2.05 -13.85
C ILE B 306 -27.52 -3.55 -13.91
N GLN B 307 -27.86 -4.29 -12.84
CA GLN B 307 -27.71 -5.75 -12.78
C GLN B 307 -28.44 -6.44 -13.93
N ALA B 308 -27.67 -7.10 -14.80
CA ALA B 308 -28.11 -7.55 -16.14
C ALA B 308 -29.01 -8.78 -16.13
N GLY A 14 23.04 2.67 30.05
CA GLY A 14 22.01 1.87 30.69
C GLY A 14 20.59 2.42 30.59
N ARG A 15 20.34 3.17 29.49
CA ARG A 15 19.02 3.65 29.04
C ARG A 15 18.82 3.45 27.54
N SER A 16 19.74 2.75 26.91
CA SER A 16 19.75 2.68 25.46
C SER A 16 19.01 1.46 24.91
N SER A 17 18.03 0.92 25.64
CA SER A 17 17.91 -0.54 25.57
C SER A 17 16.51 -1.06 25.84
N VAL A 18 16.19 -2.17 25.19
CA VAL A 18 15.06 -3.00 25.59
C VAL A 18 15.53 -4.32 26.20
N ARG A 19 16.83 -4.43 26.55
CA ARG A 19 17.37 -5.62 27.21
C ARG A 19 16.56 -6.13 28.39
N PRO A 20 16.10 -5.30 29.33
CA PRO A 20 15.32 -5.86 30.46
C PRO A 20 14.15 -6.73 30.02
N TYR A 21 13.61 -6.52 28.82
CA TYR A 21 12.39 -7.19 28.37
C TYR A 21 12.65 -8.35 27.40
N LEU A 22 13.92 -8.64 27.12
CA LEU A 22 14.24 -9.56 26.02
C LEU A 22 13.58 -10.93 26.20
N GLU A 23 13.70 -11.51 27.40
CA GLU A 23 13.20 -12.88 27.59
C GLU A 23 11.67 -12.94 27.57
N GLU A 24 11.01 -12.08 28.36
CA GLU A 24 9.55 -12.10 28.41
C GLU A 24 8.95 -11.80 27.04
N CYS A 25 9.49 -10.81 26.31
CA CYS A 25 8.93 -10.49 25.00
C CYS A 25 9.14 -11.62 24.00
N THR A 26 10.33 -12.22 23.98
CA THR A 26 10.58 -13.36 23.11
C THR A 26 9.56 -14.46 23.40
N ARG A 27 9.37 -14.77 24.67
CA ARG A 27 8.42 -15.80 25.04
C ARG A 27 6.99 -15.44 24.63
N ARG A 28 6.61 -14.17 24.77
CA ARG A 28 5.26 -13.77 24.40
C ARG A 28 5.03 -13.84 22.89
N PHE A 29 5.99 -13.36 22.10
CA PHE A 29 5.94 -13.52 20.65
C PHE A 29 5.69 -14.99 20.28
N GLN A 30 6.50 -15.88 20.83
CA GLN A 30 6.37 -17.28 20.46
C GLN A 30 5.02 -17.86 20.86
N GLU A 31 4.55 -17.56 22.07
CA GLU A 31 3.23 -18.01 22.50
C GLU A 31 2.16 -17.55 21.51
N MET A 32 2.27 -16.31 21.06
CA MET A 32 1.29 -15.75 20.13
C MET A 32 1.28 -16.55 18.84
N PHE A 33 2.47 -16.83 18.29
CA PHE A 33 2.55 -17.65 17.08
C PHE A 33 1.97 -19.04 17.30
N ASP A 34 2.27 -19.67 18.45
CA ASP A 34 1.81 -21.04 18.67
C ASP A 34 0.30 -21.11 18.75
N ARG A 35 -0.33 -20.07 19.29
CA ARG A 35 -1.77 -20.11 19.49
C ARG A 35 -2.53 -19.76 18.22
N HIS A 36 -1.95 -18.93 17.36
CA HIS A 36 -2.65 -18.35 16.22
C HIS A 36 -2.13 -18.81 14.87
N VAL A 37 -1.11 -19.67 14.82
CA VAL A 37 -0.51 -20.12 13.57
C VAL A 37 -0.21 -21.62 13.60
N VAL A 38 0.34 -22.13 14.70
CA VAL A 38 0.69 -23.55 14.91
C VAL A 38 1.88 -24.00 14.07
N THR A 39 1.66 -24.17 12.76
CA THR A 39 2.70 -24.57 11.81
C THR A 39 4.02 -23.89 12.13
N ARG A 40 5.08 -24.69 12.35
CA ARG A 40 6.42 -24.14 12.34
C ARG A 40 6.76 -23.63 10.94
N PRO A 41 7.48 -22.51 10.82
CA PRO A 41 8.12 -22.20 9.53
C PRO A 41 9.16 -23.26 9.21
N THR A 42 9.50 -23.37 7.93
CA THR A 42 10.39 -24.43 7.43
C THR A 42 11.57 -23.81 6.71
N LYS A 43 12.79 -24.20 7.08
CA LYS A 43 13.94 -23.63 6.41
C LYS A 43 14.02 -24.22 5.00
N VAL A 44 14.45 -23.40 4.04
CA VAL A 44 14.73 -23.85 2.68
C VAL A 44 16.14 -24.42 2.67
N GLU A 45 16.38 -25.45 1.87
CA GLU A 45 17.65 -26.19 1.96
C GLU A 45 18.42 -26.17 0.66
N LEU A 46 18.90 -24.99 0.25
CA LEU A 46 19.78 -24.83 -0.91
C LEU A 46 20.92 -25.84 -0.89
N THR A 47 21.23 -26.40 -2.06
CA THR A 47 22.43 -27.21 -2.15
C THR A 47 23.66 -26.32 -2.02
N ASP A 48 24.83 -26.96 -2.00
CA ASP A 48 26.08 -26.21 -2.06
C ASP A 48 26.13 -25.34 -3.31
N ALA A 49 25.93 -25.94 -4.49
CA ALA A 49 26.00 -25.18 -5.74
C ALA A 49 25.03 -24.00 -5.73
N GLU A 50 23.82 -24.20 -5.20
CA GLU A 50 22.85 -23.12 -5.16
C GLU A 50 23.30 -22.00 -4.24
N LEU A 51 23.95 -22.34 -3.13
CA LEU A 51 24.30 -21.33 -2.14
C LEU A 51 25.52 -20.53 -2.57
N ARG A 52 26.46 -21.16 -3.27
CA ARG A 52 27.63 -20.41 -3.74
C ARG A 52 27.32 -19.62 -5.00
N GLU A 53 26.33 -20.05 -5.79
CA GLU A 53 25.89 -19.19 -6.89
C GLU A 53 25.31 -17.90 -6.34
N VAL A 54 24.52 -17.98 -5.26
CA VAL A 54 23.88 -16.79 -4.71
C VAL A 54 24.94 -15.85 -4.14
N ILE A 55 25.86 -16.38 -3.35
CA ILE A 55 26.89 -15.53 -2.76
C ILE A 55 27.75 -14.90 -3.84
N ASP A 56 28.09 -15.67 -4.89
CA ASP A 56 28.90 -15.11 -5.97
C ASP A 56 28.15 -13.98 -6.68
N ASP A 57 26.84 -14.13 -6.89
CA ASP A 57 26.06 -13.05 -7.48
C ASP A 57 25.98 -11.82 -6.57
N CYS A 58 25.81 -12.05 -5.26
CA CYS A 58 25.81 -10.94 -4.32
C CYS A 58 27.11 -10.15 -4.38
N ASN A 59 28.24 -10.87 -4.45
CA ASN A 59 29.53 -10.17 -4.46
C ASN A 59 29.71 -9.38 -5.76
N ALA A 60 29.31 -9.96 -6.89
CA ALA A 60 29.40 -9.25 -8.16
C ALA A 60 28.54 -7.98 -8.15
N ALA A 61 27.39 -8.03 -7.47
CA ALA A 61 26.44 -6.92 -7.55
C ALA A 61 26.92 -5.71 -6.74
N VAL A 62 27.52 -5.95 -5.57
CA VAL A 62 27.94 -4.83 -4.73
C VAL A 62 29.40 -4.43 -4.95
N ALA A 63 30.18 -5.26 -5.63
CA ALA A 63 31.58 -4.93 -5.86
C ALA A 63 31.79 -3.51 -6.39
N PRO A 64 31.01 -3.00 -7.34
CA PRO A 64 31.27 -1.63 -7.83
C PRO A 64 31.08 -0.56 -6.78
N LEU A 65 30.46 -0.88 -5.64
CA LEU A 65 30.32 0.06 -4.55
C LEU A 65 31.56 0.12 -3.66
N GLY A 66 32.47 -0.84 -3.77
CA GLY A 66 33.75 -0.69 -3.12
C GLY A 66 34.00 -1.50 -1.87
N LYS A 67 32.96 -1.88 -1.11
CA LYS A 67 33.15 -2.50 0.20
C LYS A 67 32.99 -4.02 0.10
N THR A 68 33.93 -4.75 0.70
CA THR A 68 33.81 -6.20 0.80
C THR A 68 32.72 -6.57 1.78
N VAL A 69 32.02 -7.66 1.48
CA VAL A 69 31.03 -8.24 2.38
C VAL A 69 31.45 -9.69 2.61
N SER A 70 31.61 -10.08 3.87
CA SER A 70 32.03 -11.44 4.19
C SER A 70 30.90 -12.44 3.92
N ASP A 71 31.26 -13.65 3.52
CA ASP A 71 30.28 -14.72 3.38
C ASP A 71 29.42 -14.85 4.64
N GLU A 72 30.04 -14.65 5.80
CA GLU A 72 29.33 -14.70 7.07
C GLU A 72 28.24 -13.63 7.15
N ARG A 73 28.55 -12.40 6.74
CA ARG A 73 27.54 -11.36 6.70
C ARG A 73 26.47 -11.66 5.64
N TRP A 74 26.87 -12.20 4.48
CA TRP A 74 25.87 -12.63 3.50
C TRP A 74 24.89 -13.62 4.10
N ILE A 75 25.39 -14.60 4.86
CA ILE A 75 24.52 -15.64 5.37
C ILE A 75 23.62 -15.06 6.46
N SER A 76 24.10 -14.07 7.20
CA SER A 76 23.26 -13.33 8.11
C SER A 76 22.07 -12.69 7.38
N TYR A 77 22.33 -12.13 6.20
CA TYR A 77 21.25 -11.48 5.43
C TYR A 77 20.32 -12.52 4.81
N VAL A 78 20.87 -13.59 4.24
CA VAL A 78 20.10 -14.54 3.45
C VAL A 78 19.16 -15.39 4.31
N GLY A 79 19.44 -15.51 5.61
CA GLY A 79 18.62 -16.37 6.44
C GLY A 79 17.14 -16.04 6.42
N VAL A 80 16.79 -14.75 6.23
CA VAL A 80 15.37 -14.40 6.23
C VAL A 80 14.67 -15.07 5.07
N VAL A 81 15.34 -15.17 3.91
CA VAL A 81 14.71 -15.84 2.77
C VAL A 81 14.62 -17.33 3.01
N LEU A 82 15.64 -17.90 3.65
CA LEU A 82 15.67 -19.34 3.87
C LEU A 82 14.56 -19.76 4.82
N TRP A 83 14.23 -18.90 5.80
CA TRP A 83 13.28 -19.25 6.86
C TRP A 83 11.88 -18.72 6.64
N SER A 84 11.71 -17.72 5.79
CA SER A 84 10.45 -16.97 5.76
C SER A 84 9.73 -17.07 4.41
N GLN A 85 10.20 -17.90 3.49
CA GLN A 85 9.39 -18.29 2.34
C GLN A 85 8.51 -19.45 2.79
N SER A 86 7.97 -20.24 1.87
CA SER A 86 6.96 -21.25 2.20
C SER A 86 7.28 -22.53 1.44
N PRO A 87 8.33 -23.26 1.86
CA PRO A 87 8.95 -24.27 0.98
C PRO A 87 8.01 -25.28 0.37
N ARG A 88 6.95 -25.69 1.05
CA ARG A 88 6.09 -26.72 0.46
C ARG A 88 5.45 -26.24 -0.83
N HIS A 89 5.27 -24.93 -0.98
CA HIS A 89 4.60 -24.32 -2.11
C HIS A 89 5.54 -23.85 -3.20
N ILE A 90 6.87 -23.98 -3.03
CA ILE A 90 7.79 -23.47 -4.03
C ILE A 90 7.60 -24.22 -5.35
N LYS A 91 7.50 -23.48 -6.45
CA LYS A 91 7.52 -24.03 -7.79
C LYS A 91 8.79 -23.69 -8.56
N ASP A 92 9.33 -22.48 -8.38
CA ASP A 92 10.39 -21.95 -9.25
C ASP A 92 11.59 -21.61 -8.38
N MET A 93 12.62 -22.47 -8.38
CA MET A 93 13.81 -22.24 -7.57
C MET A 93 14.74 -21.18 -8.15
N GLU A 94 14.65 -20.91 -9.45
CA GLU A 94 15.39 -19.77 -9.97
C GLU A 94 14.87 -18.46 -9.37
N ALA A 95 13.55 -18.31 -9.30
CA ALA A 95 12.97 -17.15 -8.61
C ALA A 95 13.38 -17.11 -7.13
N PHE A 96 13.43 -18.28 -6.47
CA PHE A 96 13.88 -18.31 -5.08
C PHE A 96 15.31 -17.78 -4.94
N LYS A 97 16.23 -18.28 -5.77
CA LYS A 97 17.61 -17.80 -5.72
C LYS A 97 17.67 -16.29 -6.00
N ALA A 98 16.79 -15.80 -6.88
CA ALA A 98 16.75 -14.36 -7.14
C ALA A 98 16.36 -13.58 -5.89
N VAL A 99 15.37 -14.07 -5.15
CA VAL A 99 14.97 -13.39 -3.93
C VAL A 99 16.10 -13.41 -2.91
N CYS A 100 16.85 -14.53 -2.85
CA CYS A 100 18.03 -14.56 -1.99
C CYS A 100 19.00 -13.44 -2.34
N VAL A 101 19.33 -13.30 -3.63
CA VAL A 101 20.34 -12.33 -4.05
C VAL A 101 19.84 -10.90 -3.82
N LEU A 102 18.64 -10.60 -4.33
CA LEU A 102 18.10 -9.24 -4.20
C LEU A 102 17.90 -8.85 -2.75
N ASN A 103 17.39 -9.77 -1.93
CA ASN A 103 17.28 -9.53 -0.49
C ASN A 103 18.62 -9.12 0.11
N CYS A 104 19.68 -9.86 -0.21
CA CYS A 104 20.97 -9.63 0.41
C CYS A 104 21.61 -8.34 -0.07
N VAL A 105 21.56 -8.06 -1.37
CA VAL A 105 22.30 -6.90 -1.85
C VAL A 105 21.61 -5.60 -1.44
N THR A 106 20.28 -5.62 -1.27
CA THR A 106 19.61 -4.43 -0.76
C THR A 106 19.73 -4.32 0.76
N PHE A 107 19.98 -5.44 1.43
CA PHE A 107 20.36 -5.37 2.84
C PHE A 107 21.68 -4.62 3.01
N VAL A 108 22.66 -4.88 2.15
CA VAL A 108 23.90 -4.11 2.17
C VAL A 108 23.60 -2.62 2.01
N TRP A 109 22.78 -2.29 1.02
CA TRP A 109 22.35 -0.90 0.81
C TRP A 109 21.76 -0.30 2.09
N ASP A 110 20.89 -1.07 2.77
CA ASP A 110 20.28 -0.62 4.02
C ASP A 110 21.34 -0.29 5.06
N ASP A 111 22.40 -1.09 5.13
CA ASP A 111 23.45 -0.91 6.11
C ASP A 111 24.51 0.11 5.69
N MET A 112 24.43 0.71 4.51
CA MET A 112 25.48 1.58 3.98
C MET A 112 25.23 3.06 4.27
N ASP A 113 26.32 3.77 4.57
CA ASP A 113 26.40 5.23 4.46
C ASP A 113 25.79 5.68 3.13
N PRO A 114 24.97 6.74 3.13
CA PRO A 114 24.44 7.22 1.85
C PRO A 114 25.51 7.72 0.90
N ALA A 115 26.73 7.95 1.40
CA ALA A 115 27.84 8.30 0.51
C ALA A 115 28.17 7.15 -0.44
N LEU A 116 28.04 5.89 0.00
CA LEU A 116 28.33 4.75 -0.86
C LEU A 116 27.25 4.46 -1.90
N HIS A 117 26.14 5.19 -1.90
CA HIS A 117 24.92 4.81 -2.63
C HIS A 117 24.95 5.29 -4.08
N ASP A 118 25.61 4.57 -4.96
CA ASP A 118 25.75 5.00 -6.35
C ASP A 118 24.72 4.29 -7.21
N PHE A 119 23.68 5.03 -7.60
CA PHE A 119 22.60 4.47 -8.39
C PHE A 119 23.08 4.05 -9.78
N GLY A 120 23.94 4.86 -10.40
CA GLY A 120 24.43 4.55 -11.74
C GLY A 120 25.20 3.24 -11.82
N LEU A 121 25.86 2.86 -10.74
CA LEU A 121 26.62 1.62 -10.69
C LEU A 121 25.79 0.44 -10.21
N PHE A 122 24.91 0.68 -9.23
CA PHE A 122 24.19 -0.41 -8.59
C PHE A 122 22.92 -0.79 -9.33
N LEU A 123 22.17 0.17 -9.86
CA LEU A 123 20.93 -0.19 -10.54
C LEU A 123 21.14 -1.15 -11.70
N PRO A 124 22.15 -0.98 -12.58
CA PRO A 124 22.38 -2.02 -13.61
C PRO A 124 22.67 -3.41 -13.02
N GLN A 125 23.31 -3.49 -11.85
CA GLN A 125 23.50 -4.78 -11.22
C GLN A 125 22.18 -5.43 -10.84
N LEU A 126 21.27 -4.66 -10.23
CA LEU A 126 19.94 -5.19 -9.93
C LEU A 126 19.25 -5.67 -11.19
N ARG A 127 19.32 -4.86 -12.25
CA ARG A 127 18.71 -5.24 -13.52
C ARG A 127 19.28 -6.56 -14.04
N LYS A 128 20.59 -6.75 -13.96
CA LYS A 128 21.19 -7.99 -14.42
C LYS A 128 20.66 -9.18 -13.62
N ILE A 129 20.60 -9.02 -12.29
CA ILE A 129 20.07 -10.09 -11.44
C ILE A 129 18.64 -10.44 -11.85
N CYS A 130 17.81 -9.42 -12.07
CA CYS A 130 16.42 -9.67 -12.39
C CYS A 130 16.26 -10.38 -13.73
N GLU A 131 16.97 -9.95 -14.76
CA GLU A 131 16.80 -10.59 -16.07
C GLU A 131 17.36 -12.01 -16.07
N LYS A 132 18.39 -12.30 -15.26
CA LYS A 132 18.95 -13.64 -15.23
C LYS A 132 17.94 -14.67 -14.71
N TYR A 133 17.27 -14.36 -13.60
CA TYR A 133 16.50 -15.38 -12.88
C TYR A 133 15.02 -15.40 -13.21
N TYR A 134 14.47 -14.30 -13.71
CA TYR A 134 13.05 -14.19 -14.01
C TYR A 134 12.81 -14.20 -15.51
N GLY A 135 11.55 -14.42 -15.91
CA GLY A 135 11.14 -14.21 -17.26
C GLY A 135 10.88 -12.72 -17.53
N PRO A 136 10.61 -12.37 -18.79
CA PRO A 136 10.58 -10.94 -19.17
C PRO A 136 9.60 -10.08 -18.39
N GLU A 137 8.37 -10.54 -18.11
CA GLU A 137 7.46 -9.70 -17.35
C GLU A 137 7.89 -9.62 -15.87
N ASP A 138 8.14 -10.77 -15.26
CA ASP A 138 8.49 -10.80 -13.84
C ASP A 138 9.78 -10.02 -13.57
N ALA A 139 10.73 -10.05 -14.52
CA ALA A 139 11.95 -9.26 -14.36
C ALA A 139 11.63 -7.78 -14.24
N GLU A 140 10.63 -7.30 -14.99
CA GLU A 140 10.23 -5.91 -14.87
C GLU A 140 9.68 -5.60 -13.49
N VAL A 141 8.77 -6.43 -12.99
CA VAL A 141 8.13 -6.18 -11.71
C VAL A 141 9.16 -6.24 -10.58
N ALA A 142 10.03 -7.26 -10.60
CA ALA A 142 11.04 -7.37 -9.56
C ALA A 142 12.00 -6.18 -9.59
N TYR A 143 12.47 -5.79 -10.78
CA TYR A 143 13.42 -4.68 -10.85
C TYR A 143 12.81 -3.38 -10.35
N GLU A 144 11.59 -3.07 -10.78
CA GLU A 144 10.96 -1.84 -10.31
C GLU A 144 10.83 -1.82 -8.79
N ALA A 145 10.42 -2.94 -8.20
CA ALA A 145 10.31 -3.02 -6.75
C ALA A 145 11.66 -2.81 -6.07
N ALA A 146 12.73 -3.45 -6.59
CA ALA A 146 14.06 -3.25 -6.02
C ALA A 146 14.52 -1.80 -6.17
N ARG A 147 14.35 -1.24 -7.37
CA ARG A 147 14.67 0.17 -7.62
C ARG A 147 13.91 1.09 -6.66
N ALA A 148 12.60 0.89 -6.53
CA ALA A 148 11.82 1.72 -5.63
C ALA A 148 12.28 1.57 -4.17
N PHE A 149 12.67 0.35 -3.77
CA PHE A 149 13.15 0.20 -2.41
C PHE A 149 14.45 0.98 -2.17
N VAL A 150 15.48 0.75 -2.99
CA VAL A 150 16.77 1.37 -2.70
C VAL A 150 16.65 2.89 -2.80
N THR A 151 15.83 3.37 -3.73
CA THR A 151 15.58 4.80 -3.84
C THR A 151 14.91 5.34 -2.58
N SER A 152 13.93 4.61 -2.05
CA SER A 152 13.25 5.04 -0.84
C SER A 152 14.22 5.05 0.35
N ASP A 153 14.98 3.96 0.55
CA ASP A 153 15.94 3.96 1.64
C ASP A 153 16.90 5.15 1.54
N HIS A 154 17.33 5.48 0.32
CA HIS A 154 18.26 6.60 0.16
C HIS A 154 17.56 7.92 0.44
N MET A 155 16.45 8.18 -0.25
CA MET A 155 15.93 9.54 -0.19
C MET A 155 15.34 9.85 1.18
N PHE A 156 15.11 8.85 2.03
CA PHE A 156 14.56 9.14 3.34
C PHE A 156 15.59 9.21 4.45
N ARG A 157 16.86 8.97 4.18
CA ARG A 157 17.88 9.27 5.18
C ARG A 157 17.82 10.77 5.51
N ASP A 158 17.53 11.11 6.76
CA ASP A 158 17.32 12.53 7.15
C ASP A 158 16.20 13.24 6.36
N SER A 159 15.16 12.49 5.98
CA SER A 159 14.00 13.22 5.45
C SER A 159 13.09 13.71 6.59
N PRO A 160 12.70 14.99 6.65
CA PRO A 160 11.65 15.36 7.62
C PRO A 160 10.39 14.53 7.50
N ILE A 161 10.12 13.93 6.34
CA ILE A 161 8.91 13.13 6.21
C ILE A 161 9.07 11.84 7.01
N LYS A 162 10.26 11.24 6.95
CA LYS A 162 10.54 10.12 7.86
C LYS A 162 10.31 10.54 9.30
N ALA A 163 10.87 11.68 9.70
CA ALA A 163 10.63 12.21 11.04
C ALA A 163 9.14 12.22 11.36
N ALA A 164 8.32 12.86 10.52
CA ALA A 164 6.90 12.97 10.83
C ALA A 164 6.24 11.59 10.93
N LEU A 165 6.52 10.70 9.98
CA LEU A 165 5.79 9.43 9.96
C LEU A 165 6.22 8.51 11.10
N CYS A 166 7.46 8.59 11.55
CA CYS A 166 7.93 7.70 12.61
C CYS A 166 7.90 8.34 13.99
N THR A 167 7.37 9.56 14.13
CA THR A 167 7.22 10.17 15.44
C THR A 167 5.76 10.39 15.83
N THR A 168 4.81 10.28 14.91
CA THR A 168 3.46 10.79 15.17
C THR A 168 2.53 9.76 15.81
N SER A 169 2.56 8.52 15.33
CA SER A 169 1.64 7.48 15.81
C SER A 169 2.05 6.16 15.19
N PRO A 170 1.55 5.03 15.73
CA PRO A 170 1.86 3.74 15.08
C PRO A 170 1.28 3.60 13.69
N GLU A 171 0.06 4.11 13.44
CA GLU A 171 -0.52 4.07 12.09
C GLU A 171 0.42 4.67 11.06
N GLN A 172 0.82 5.93 11.28
CA GLN A 172 1.68 6.62 10.32
C GLN A 172 2.99 5.87 10.14
N TYR A 173 3.54 5.35 11.25
CA TYR A 173 4.82 4.67 11.19
C TYR A 173 4.72 3.39 10.33
N PHE A 174 3.72 2.56 10.58
CA PHE A 174 3.57 1.33 9.81
C PHE A 174 3.29 1.62 8.35
N ARG A 175 2.60 2.74 8.08
CA ARG A 175 2.39 3.20 6.71
C ARG A 175 3.72 3.42 5.97
N PHE A 176 4.69 4.04 6.65
CA PHE A 176 6.02 4.21 6.08
C PHE A 176 6.70 2.85 5.85
N ARG A 177 6.52 1.93 6.79
CA ARG A 177 7.26 0.67 6.75
C ARG A 177 6.75 -0.30 5.70
N VAL A 178 5.54 -0.13 5.15
CA VAL A 178 5.11 -0.97 4.03
C VAL A 178 6.18 -1.01 2.95
N THR A 179 6.77 0.13 2.64
CA THR A 179 7.88 0.20 1.71
C THR A 179 9.22 0.05 2.44
N ASP A 180 9.39 0.77 3.55
CA ASP A 180 10.73 0.88 4.12
C ASP A 180 11.25 -0.44 4.72
N ILE A 181 10.40 -1.33 5.22
CA ILE A 181 10.93 -2.61 5.66
C ILE A 181 11.09 -3.59 4.51
N GLY A 182 10.83 -3.16 3.27
CA GLY A 182 11.13 -3.98 2.12
C GLY A 182 10.12 -5.06 1.81
N VAL A 183 9.00 -5.12 2.55
CA VAL A 183 8.05 -6.20 2.33
C VAL A 183 7.29 -6.03 1.01
N ASP A 184 6.97 -4.80 0.58
CA ASP A 184 6.33 -4.68 -0.72
C ASP A 184 7.24 -5.23 -1.82
N PHE A 185 8.52 -4.83 -1.78
CA PHE A 185 9.55 -5.37 -2.66
C PHE A 185 9.59 -6.90 -2.57
N TRP A 186 9.58 -7.43 -1.35
CA TRP A 186 9.64 -8.88 -1.12
C TRP A 186 8.51 -9.61 -1.85
N MET A 187 7.27 -9.14 -1.67
CA MET A 187 6.13 -9.79 -2.31
C MET A 187 6.28 -9.78 -3.83
N LYS A 188 6.68 -8.63 -4.39
CA LYS A 188 6.74 -8.45 -5.83
C LYS A 188 7.90 -9.20 -6.47
N MET A 189 8.91 -9.59 -5.71
CA MET A 189 9.92 -10.48 -6.27
C MET A 189 9.68 -11.95 -5.94
N SER A 190 8.80 -12.24 -4.99
CA SER A 190 8.55 -13.59 -4.52
C SER A 190 7.41 -14.30 -5.24
N TYR A 191 6.42 -13.58 -5.79
CA TYR A 191 5.31 -14.30 -6.40
C TYR A 191 5.75 -15.24 -7.53
N PRO A 192 6.81 -14.99 -8.32
CA PRO A 192 7.21 -15.99 -9.30
C PRO A 192 7.68 -17.30 -8.68
N ILE A 193 8.11 -17.28 -7.42
CA ILE A 193 8.48 -18.53 -6.73
C ILE A 193 7.30 -19.50 -6.73
N TYR A 194 6.10 -18.97 -6.48
CA TYR A 194 4.91 -19.78 -6.25
C TYR A 194 4.03 -19.94 -7.48
N ARG A 195 4.08 -18.98 -8.41
CA ARG A 195 3.26 -19.02 -9.64
C ARG A 195 1.81 -19.38 -9.35
N HIS A 196 1.25 -18.73 -8.32
CA HIS A 196 -0.11 -18.94 -7.82
C HIS A 196 -0.95 -17.70 -8.12
N PRO A 197 -2.01 -17.82 -8.92
CA PRO A 197 -2.70 -16.63 -9.43
C PRO A 197 -3.12 -15.62 -8.36
N GLU A 198 -3.77 -16.08 -7.30
CA GLU A 198 -4.26 -15.16 -6.27
C GLU A 198 -3.11 -14.43 -5.60
N PHE A 199 -2.08 -15.18 -5.18
CA PHE A 199 -0.93 -14.56 -4.51
C PHE A 199 -0.33 -13.47 -5.38
N THR A 200 -0.24 -13.73 -6.67
CA THR A 200 0.38 -12.77 -7.59
C THR A 200 -0.42 -11.46 -7.66
N GLU A 201 -1.75 -11.52 -7.66
CA GLU A 201 -2.53 -10.29 -7.62
C GLU A 201 -2.35 -9.55 -6.29
N HIS A 202 -2.38 -10.29 -5.17
CA HIS A 202 -2.23 -9.62 -3.89
C HIS A 202 -0.85 -8.98 -3.78
N ALA A 203 0.16 -9.61 -4.37
CA ALA A 203 1.49 -9.01 -4.42
C ALA A 203 1.48 -7.75 -5.24
N LYS A 204 0.81 -7.79 -6.40
CA LYS A 204 0.87 -6.67 -7.33
C LYS A 204 0.03 -5.48 -6.87
N THR A 205 -1.04 -5.71 -6.09
CA THR A 205 -1.81 -4.61 -5.49
C THR A 205 -1.18 -4.09 -4.20
N SER A 206 -0.20 -4.81 -3.66
CA SER A 206 0.44 -4.55 -2.37
C SER A 206 -0.44 -4.88 -1.18
N LEU A 207 -1.64 -5.42 -1.40
CA LEU A 207 -2.40 -5.93 -0.26
C LEU A 207 -1.59 -6.97 0.52
N ALA A 208 -0.85 -7.83 -0.18
CA ALA A 208 0.02 -8.81 0.48
C ALA A 208 0.99 -8.12 1.44
N ALA A 209 1.62 -7.04 0.98
CA ALA A 209 2.53 -6.31 1.85
C ALA A 209 1.80 -5.62 2.99
N ARG A 210 0.64 -5.02 2.70
CA ARG A 210 -0.07 -4.30 3.75
C ARG A 210 -0.52 -5.23 4.86
N MET A 211 -0.79 -6.50 4.52
CA MET A 211 -1.26 -7.47 5.50
C MET A 211 -0.13 -7.97 6.43
N THR A 212 1.12 -7.93 5.96
CA THR A 212 2.24 -8.54 6.68
C THR A 212 3.18 -7.53 7.33
N THR A 213 2.99 -6.23 7.04
CA THR A 213 3.91 -5.20 7.50
C THR A 213 4.04 -5.16 9.03
N ARG A 214 2.92 -5.15 9.74
CA ARG A 214 3.02 -5.01 11.19
C ARG A 214 3.71 -6.20 11.82
N GLY A 215 3.41 -7.41 11.36
CA GLY A 215 4.01 -8.59 11.96
C GLY A 215 5.51 -8.63 11.77
N LEU A 216 5.98 -8.28 10.56
CA LEU A 216 7.42 -8.21 10.33
C LEU A 216 8.04 -7.07 11.14
N THR A 217 7.40 -5.91 11.12
CA THR A 217 8.04 -4.70 11.65
C THR A 217 8.13 -4.74 13.18
N ILE A 218 7.07 -5.17 13.85
CA ILE A 218 7.09 -5.18 15.31
C ILE A 218 8.22 -6.08 15.81
N VAL A 219 8.37 -7.24 15.18
CA VAL A 219 9.44 -8.16 15.56
C VAL A 219 10.80 -7.57 15.24
N ASN A 220 10.97 -7.03 14.02
CA ASN A 220 12.26 -6.45 13.69
C ASN A 220 12.61 -5.31 14.63
N ASP A 221 11.63 -4.42 14.90
CA ASP A 221 11.86 -3.27 15.76
C ASP A 221 12.26 -3.68 17.16
N PHE A 222 11.63 -4.70 17.71
CA PHE A 222 11.99 -5.06 19.08
C PHE A 222 13.46 -5.46 19.15
N TYR A 223 13.89 -6.34 18.26
CA TYR A 223 15.23 -6.89 18.39
C TYR A 223 16.32 -6.03 17.76
N SER A 224 15.96 -5.02 16.95
CA SER A 224 16.96 -4.12 16.40
C SER A 224 16.98 -2.78 17.11
N TYR A 225 16.15 -2.61 18.14
CA TYR A 225 16.02 -1.34 18.83
C TYR A 225 17.36 -0.86 19.37
N ASP A 226 18.06 -1.73 20.09
CA ASP A 226 19.30 -1.30 20.75
C ASP A 226 20.32 -0.82 19.74
N ARG A 227 20.48 -1.53 18.61
CA ARG A 227 21.42 -1.09 17.58
C ARG A 227 20.96 0.23 16.95
N GLU A 228 19.68 0.33 16.61
CA GLU A 228 19.21 1.53 15.91
C GLU A 228 19.29 2.75 16.81
N VAL A 229 18.94 2.61 18.09
CA VAL A 229 18.96 3.74 19.02
C VAL A 229 20.39 4.22 19.26
N SER A 230 21.36 3.29 19.33
CA SER A 230 22.75 3.75 19.47
C SER A 230 23.30 4.30 18.15
N LEU A 231 22.66 4.03 17.01
CA LEU A 231 23.15 4.51 15.72
C LEU A 231 22.34 5.68 15.16
N GLY A 232 21.71 6.48 16.04
CA GLY A 232 20.90 7.62 15.64
C GLY A 232 19.66 7.34 14.82
N GLN A 233 19.32 6.07 14.59
CA GLN A 233 18.23 5.72 13.69
C GLN A 233 16.87 5.83 14.41
N ILE A 234 15.88 6.44 13.75
CA ILE A 234 14.58 6.71 14.37
C ILE A 234 13.47 5.80 13.87
N THR A 235 13.74 4.96 12.88
CA THR A 235 12.70 4.15 12.26
C THR A 235 12.48 2.88 13.10
N ASN A 236 11.69 3.03 14.17
CA ASN A 236 11.49 1.94 15.13
C ASN A 236 10.28 2.28 15.99
N CYS A 237 9.24 1.43 15.95
CA CYS A 237 8.01 1.80 16.65
C CYS A 237 8.17 1.85 18.17
N PHE A 238 9.15 1.15 18.74
CA PHE A 238 9.29 1.24 20.19
C PHE A 238 9.81 2.61 20.64
N ARG A 239 10.29 3.44 19.73
CA ARG A 239 10.56 4.84 20.08
C ARG A 239 9.27 5.62 20.31
N LEU A 240 8.11 5.04 20.06
CA LEU A 240 6.82 5.70 20.25
C LEU A 240 6.24 5.48 21.64
N CYS A 241 6.95 4.76 22.51
CA CYS A 241 6.54 4.55 23.88
C CYS A 241 7.75 4.83 24.75
N ASP A 242 7.52 4.98 26.05
CA ASP A 242 8.63 5.17 26.99
C ASP A 242 9.14 3.79 27.42
N VAL A 243 10.15 3.27 26.72
CA VAL A 243 10.61 1.90 26.97
C VAL A 243 11.14 1.73 28.39
N SER A 244 11.81 2.72 28.93
CA SER A 244 12.41 2.48 30.23
C SER A 244 11.46 2.82 31.38
N ASP A 245 10.16 2.85 31.12
CA ASP A 245 9.12 2.73 32.14
C ASP A 245 8.41 1.42 31.86
N GLU A 246 8.48 0.50 32.81
CA GLU A 246 7.95 -0.83 32.61
C GLU A 246 6.48 -0.80 32.25
N THR A 247 5.68 -0.05 33.02
CA THR A 247 4.24 -0.05 32.78
C THR A 247 3.90 0.45 31.39
N ALA A 248 4.48 1.58 30.98
CA ALA A 248 4.30 2.08 29.63
C ALA A 248 4.72 1.05 28.59
N PHE A 249 5.88 0.41 28.80
CA PHE A 249 6.35 -0.56 27.81
C PHE A 249 5.37 -1.70 27.63
N LYS A 250 4.92 -2.30 28.76
CA LYS A 250 4.04 -3.46 28.67
C LYS A 250 2.72 -3.11 28.03
N GLU A 251 2.27 -1.88 28.25
CA GLU A 251 1.06 -1.41 27.59
C GLU A 251 1.27 -1.35 26.09
N PHE A 252 2.37 -0.74 25.66
CA PHE A 252 2.60 -0.56 24.23
C PHE A 252 2.87 -1.90 23.57
N PHE A 253 3.66 -2.75 24.23
CA PHE A 253 3.99 -4.04 23.66
C PHE A 253 2.75 -4.89 23.45
N GLN A 254 1.81 -4.87 24.41
CA GLN A 254 0.58 -5.64 24.22
C GLN A 254 -0.29 -5.05 23.11
N ALA A 255 -0.28 -3.72 22.95
CA ALA A 255 -0.97 -3.14 21.81
C ALA A 255 -0.41 -3.68 20.49
N ARG A 256 0.91 -3.85 20.44
CA ARG A 256 1.53 -4.34 19.21
C ARG A 256 1.23 -5.82 19.00
N LEU A 257 1.22 -6.61 20.08
CA LEU A 257 0.77 -7.99 19.95
C LEU A 257 -0.63 -8.06 19.37
N ASP A 258 -1.54 -7.24 19.87
CA ASP A 258 -2.90 -7.28 19.38
C ASP A 258 -2.96 -6.92 17.90
N ASP A 259 -2.12 -5.97 17.47
CA ASP A 259 -1.99 -5.64 16.04
C ASP A 259 -1.63 -6.89 15.23
N MET A 260 -0.59 -7.60 15.66
CA MET A 260 -0.16 -8.80 14.95
C MET A 260 -1.27 -9.84 14.90
N ILE A 261 -1.98 -10.00 16.01
CA ILE A 261 -3.03 -11.02 16.07
C ILE A 261 -4.15 -10.68 15.11
N GLU A 262 -4.59 -9.43 15.09
CA GLU A 262 -5.68 -9.06 14.19
C GLU A 262 -5.27 -9.27 12.74
N ASP A 263 -4.05 -8.88 12.38
CA ASP A 263 -3.56 -9.14 11.02
C ASP A 263 -3.56 -10.65 10.71
N ILE A 264 -3.05 -11.46 11.64
CA ILE A 264 -2.95 -12.90 11.39
C ILE A 264 -4.34 -13.52 11.25
N GLU A 265 -5.27 -13.13 12.12
CA GLU A 265 -6.64 -13.60 12.00
C GLU A 265 -7.25 -13.22 10.65
N CYS A 266 -7.06 -11.98 10.19
CA CYS A 266 -7.59 -11.60 8.89
C CYS A 266 -6.87 -12.30 7.74
N ILE A 267 -5.56 -12.55 7.89
CA ILE A 267 -4.85 -13.32 6.86
C ILE A 267 -5.50 -14.68 6.65
N LYS A 268 -6.12 -15.22 7.70
CA LYS A 268 -6.80 -16.51 7.57
C LYS A 268 -8.11 -16.44 6.80
N ALA A 269 -8.37 -15.33 6.10
CA ALA A 269 -9.45 -15.24 5.10
C ALA A 269 -8.94 -15.49 3.70
N PHE A 270 -7.63 -15.34 3.49
CA PHE A 270 -7.12 -15.53 2.16
C PHE A 270 -7.12 -17.03 1.83
N ASP A 271 -6.93 -17.35 0.56
CA ASP A 271 -6.90 -18.74 0.13
C ASP A 271 -5.76 -19.47 0.84
N GLN A 272 -5.90 -20.79 0.95
CA GLN A 272 -5.04 -21.54 1.88
C GLN A 272 -3.60 -21.62 1.40
N LEU A 273 -3.34 -21.24 0.15
CA LEU A 273 -1.96 -21.11 -0.27
C LEU A 273 -1.40 -19.76 0.15
N THR A 274 -2.07 -18.68 -0.26
CA THR A 274 -1.58 -17.33 0.06
C THR A 274 -1.44 -17.16 1.56
N GLN A 275 -2.41 -17.69 2.31
CA GLN A 275 -2.34 -17.61 3.77
C GLN A 275 -1.09 -18.30 4.30
N ASP A 276 -0.69 -19.42 3.70
CA ASP A 276 0.53 -20.08 4.14
C ASP A 276 1.74 -19.18 3.91
N VAL A 277 1.82 -18.56 2.73
CA VAL A 277 2.96 -17.70 2.44
C VAL A 277 3.03 -16.51 3.40
N PHE A 278 1.90 -15.82 3.61
CA PHE A 278 1.90 -14.66 4.52
C PHE A 278 2.38 -15.07 5.91
N LEU A 279 1.83 -16.16 6.44
CA LEU A 279 2.11 -16.57 7.81
C LEU A 279 3.55 -17.08 7.97
N ASP A 280 4.00 -17.92 7.04
CA ASP A 280 5.41 -18.33 7.02
C ASP A 280 6.33 -17.13 7.00
N LEU A 281 5.96 -16.07 6.27
CA LEU A 281 6.78 -14.89 6.23
C LEU A 281 6.90 -14.24 7.61
N ILE A 282 5.76 -14.04 8.28
CA ILE A 282 5.80 -13.36 9.57
C ILE A 282 6.50 -14.23 10.62
N TYR A 283 6.10 -15.49 10.70
CA TYR A 283 6.65 -16.40 11.72
C TYR A 283 8.11 -16.75 11.41
N GLY A 284 8.42 -16.98 10.14
CA GLY A 284 9.81 -17.25 9.77
C GLY A 284 10.73 -16.07 10.06
N ASN A 285 10.24 -14.84 9.82
CA ASN A 285 11.05 -13.69 10.17
C ASN A 285 11.38 -13.67 11.65
N PHE A 286 10.41 -14.07 12.48
CA PHE A 286 10.66 -14.12 13.92
C PHE A 286 11.70 -15.19 14.26
N VAL A 287 11.56 -16.37 13.67
CA VAL A 287 12.52 -17.45 13.96
C VAL A 287 13.93 -17.02 13.56
N TRP A 288 14.04 -16.41 12.38
CA TRP A 288 15.34 -15.96 11.89
C TRP A 288 15.91 -14.82 12.75
N THR A 289 15.07 -13.83 13.08
CA THR A 289 15.51 -12.69 13.87
C THR A 289 16.11 -13.11 15.22
N THR A 290 15.46 -14.06 15.89
CA THR A 290 15.95 -14.51 17.18
C THR A 290 17.12 -15.49 17.08
N SER A 291 17.40 -16.02 15.89
CA SER A 291 18.56 -16.89 15.71
C SER A 291 19.80 -16.09 15.38
N ASN A 292 19.65 -14.87 14.89
CA ASN A 292 20.70 -14.20 14.14
C ASN A 292 21.44 -13.17 14.97
N LYS A 293 22.78 -13.29 14.95
CA LYS A 293 23.68 -12.38 15.65
C LYS A 293 23.43 -10.93 15.30
N ARG A 294 22.96 -10.67 14.08
CA ARG A 294 22.62 -9.31 13.69
C ARG A 294 21.72 -8.65 14.73
N TYR A 295 20.82 -9.41 15.34
CA TYR A 295 19.82 -8.86 16.24
C TYR A 295 20.07 -9.21 17.70
N LYS A 296 21.34 -9.22 18.13
CA LYS A 296 21.68 -9.46 19.53
C LYS A 296 22.58 -8.36 20.08
N THR A 297 23.87 -8.38 19.73
CA THR A 297 24.84 -7.38 20.18
C THR A 297 24.84 -6.18 19.23
N ALA A 298 24.50 -5.02 19.79
CA ALA A 298 24.25 -3.81 19.00
C ALA A 298 25.37 -3.55 17.99
N VAL A 299 26.62 -3.77 18.37
CA VAL A 299 27.72 -3.53 17.43
C VAL A 299 28.51 -4.83 17.30
N ASN A 300 28.45 -5.44 16.11
CA ASN A 300 29.22 -6.65 15.84
C ASN A 300 29.62 -6.66 14.36
N ASP A 301 30.22 -7.75 13.91
CA ASP A 301 30.86 -7.74 12.61
C ASP A 301 29.88 -7.93 11.45
N VAL A 302 28.65 -8.38 11.70
CA VAL A 302 27.67 -8.54 10.63
C VAL A 302 26.70 -7.36 10.54
N ASN A 303 26.56 -6.55 11.60
CA ASN A 303 25.57 -5.48 11.58
C ASN A 303 26.18 -4.09 11.64
N SER A 304 27.51 -3.98 11.77
CA SER A 304 28.13 -2.67 11.90
C SER A 304 28.07 -1.93 10.57
N ARG A 305 27.89 -0.62 10.65
CA ARG A 305 27.61 0.20 9.47
C ARG A 305 28.71 0.07 8.43
N ILE A 306 28.31 -0.01 7.16
CA ILE A 306 29.26 -0.19 6.05
C ILE A 306 29.67 1.20 5.59
N GLN A 307 30.85 1.65 6.04
CA GLN A 307 31.20 3.07 6.00
C GLN A 307 32.55 3.30 5.31
N GLY B 9 -35.97 -8.41 2.98
CA GLY B 9 -35.24 -7.22 3.36
C GLY B 9 -36.03 -6.22 4.20
N ALA B 10 -37.09 -5.63 3.63
CA ALA B 10 -38.06 -4.90 4.42
C ALA B 10 -37.50 -3.65 5.10
N GLN B 11 -37.28 -3.73 6.41
CA GLN B 11 -36.61 -2.65 7.14
C GLN B 11 -35.21 -3.08 7.56
N ASP B 12 -34.97 -3.01 8.89
CA ASP B 12 -33.65 -2.76 9.50
C ASP B 12 -33.25 -1.31 9.21
N ILE B 13 -34.28 -0.47 9.17
CA ILE B 13 -34.21 0.79 8.46
C ILE B 13 -33.41 1.83 9.25
N GLY B 14 -33.35 1.70 10.57
CA GLY B 14 -32.59 2.66 11.36
C GLY B 14 -31.11 2.73 10.97
N ARG B 15 -30.55 1.62 10.51
CA ARG B 15 -29.21 1.61 9.97
C ARG B 15 -29.18 1.76 8.46
N SER B 16 -30.30 2.07 7.83
CA SER B 16 -30.35 2.14 6.37
C SER B 16 -29.78 3.44 5.83
N SER B 17 -29.49 4.43 6.69
CA SER B 17 -29.27 5.78 6.18
C SER B 17 -28.37 6.58 7.11
N VAL B 18 -27.62 7.52 6.53
CA VAL B 18 -26.97 8.56 7.32
C VAL B 18 -27.64 9.93 7.11
N ARG B 19 -28.80 9.96 6.45
CA ARG B 19 -29.51 11.22 6.21
C ARG B 19 -29.72 12.07 7.44
N PRO B 20 -30.04 11.55 8.63
CA PRO B 20 -30.15 12.43 9.81
C PRO B 20 -28.91 13.26 10.09
N TYR B 21 -27.73 12.78 9.72
CA TYR B 21 -26.46 13.42 10.04
C TYR B 21 -25.91 14.26 8.90
N LEU B 22 -26.64 14.35 7.80
CA LEU B 22 -26.10 14.91 6.57
C LEU B 22 -25.58 16.34 6.77
N GLU B 23 -26.41 17.22 7.32
CA GLU B 23 -26.00 18.61 7.42
C GLU B 23 -24.84 18.81 8.39
N GLU B 24 -24.94 18.22 9.57
CA GLU B 24 -23.92 18.49 10.58
C GLU B 24 -22.58 17.85 10.19
N CYS B 25 -22.60 16.67 9.56
CA CYS B 25 -21.34 16.06 9.12
C CYS B 25 -20.72 16.86 7.97
N THR B 26 -21.55 17.32 7.02
CA THR B 26 -21.01 18.16 5.95
C THR B 26 -20.32 19.38 6.52
N ARG B 27 -21.01 20.05 7.45
CA ARG B 27 -20.46 21.20 8.13
C ARG B 27 -19.15 20.85 8.85
N ARG B 28 -19.11 19.70 9.54
CA ARG B 28 -17.90 19.28 10.25
C ARG B 28 -16.73 19.06 9.28
N PHE B 29 -16.96 18.29 8.22
CA PHE B 29 -15.94 18.08 7.18
C PHE B 29 -15.36 19.41 6.71
N GLN B 30 -16.25 20.33 6.30
CA GLN B 30 -15.79 21.60 5.75
C GLN B 30 -14.98 22.38 6.79
N GLU B 31 -15.44 22.38 8.04
CA GLU B 31 -14.70 23.08 9.09
C GLU B 31 -13.30 22.50 9.23
N MET B 32 -13.21 21.17 9.14
CA MET B 32 -11.92 20.51 9.27
C MET B 32 -10.99 20.98 8.17
N PHE B 33 -11.45 20.96 6.91
CA PHE B 33 -10.62 21.41 5.80
C PHE B 33 -10.22 22.87 5.97
N ASP B 34 -11.14 23.71 6.44
CA ASP B 34 -10.83 25.13 6.59
C ASP B 34 -9.74 25.33 7.64
N ARG B 35 -9.73 24.50 8.67
CA ARG B 35 -8.78 24.70 9.75
C ARG B 35 -7.45 24.01 9.49
N HIS B 36 -7.42 23.01 8.62
CA HIS B 36 -6.16 22.28 8.40
C HIS B 36 -5.59 22.43 7.00
N VAL B 37 -6.41 22.59 5.96
CA VAL B 37 -5.91 22.73 4.60
C VAL B 37 -5.91 24.20 4.16
N VAL B 38 -7.03 24.88 4.37
CA VAL B 38 -7.21 26.33 4.27
C VAL B 38 -7.54 26.72 2.84
N THR B 39 -6.74 26.26 1.86
CA THR B 39 -6.86 26.74 0.49
C THR B 39 -7.85 25.90 -0.31
N ARG B 40 -8.68 26.59 -1.09
CA ARG B 40 -9.70 25.93 -1.90
C ARG B 40 -9.05 25.15 -3.06
N PRO B 41 -9.51 23.93 -3.30
CA PRO B 41 -9.22 23.27 -4.59
C PRO B 41 -9.70 24.16 -5.74
N THR B 42 -9.16 23.89 -6.93
CA THR B 42 -9.55 24.63 -8.11
C THR B 42 -9.99 23.65 -9.19
N LYS B 43 -11.10 23.95 -9.86
CA LYS B 43 -11.59 23.06 -10.90
C LYS B 43 -10.81 23.32 -12.18
N VAL B 44 -10.33 22.24 -12.81
CA VAL B 44 -9.82 22.32 -14.17
C VAL B 44 -10.99 22.42 -15.12
N GLU B 45 -11.03 23.50 -15.90
CA GLU B 45 -11.99 23.60 -16.98
C GLU B 45 -11.35 23.00 -18.23
N LEU B 46 -12.13 22.28 -19.01
CA LEU B 46 -11.66 21.83 -20.32
C LEU B 46 -12.35 22.62 -21.43
N THR B 47 -11.71 22.67 -22.59
CA THR B 47 -12.38 23.17 -23.77
C THR B 47 -13.30 22.09 -24.31
N ASP B 48 -14.28 22.51 -25.13
CA ASP B 48 -15.15 21.52 -25.76
C ASP B 48 -14.34 20.44 -26.48
N ALA B 49 -13.22 20.83 -27.09
CA ALA B 49 -12.39 19.87 -27.84
C ALA B 49 -11.82 18.80 -26.92
N GLU B 50 -11.19 19.20 -25.82
CA GLU B 50 -10.60 18.19 -24.93
C GLU B 50 -11.68 17.35 -24.28
N LEU B 51 -12.83 17.97 -23.96
CA LEU B 51 -13.94 17.24 -23.37
C LEU B 51 -14.53 16.24 -24.36
N ARG B 52 -14.77 16.67 -25.59
CA ARG B 52 -15.30 15.74 -26.58
C ARG B 52 -14.31 14.61 -26.83
N GLU B 53 -13.01 14.92 -26.81
CA GLU B 53 -11.99 13.88 -26.99
C GLU B 53 -11.95 12.91 -25.82
N VAL B 54 -12.06 13.41 -24.59
CA VAL B 54 -12.05 12.52 -23.45
C VAL B 54 -13.25 11.58 -23.49
N ILE B 55 -14.42 12.12 -23.84
CA ILE B 55 -15.66 11.36 -23.77
C ILE B 55 -15.78 10.38 -24.94
N ASP B 56 -15.37 10.79 -26.15
CA ASP B 56 -15.33 9.81 -27.24
C ASP B 56 -14.43 8.63 -26.88
N ASP B 57 -13.29 8.90 -26.24
CA ASP B 57 -12.41 7.82 -25.79
C ASP B 57 -13.10 6.95 -24.73
N CYS B 58 -13.86 7.57 -23.82
CA CYS B 58 -14.59 6.78 -22.83
C CYS B 58 -15.61 5.87 -23.49
N ASN B 59 -16.35 6.40 -24.47
CA ASN B 59 -17.37 5.60 -25.14
C ASN B 59 -16.74 4.48 -25.94
N ALA B 60 -15.63 4.76 -26.63
CA ALA B 60 -14.98 3.72 -27.40
C ALA B 60 -14.49 2.61 -26.49
N ALA B 61 -13.98 2.98 -25.32
CA ALA B 61 -13.37 2.00 -24.41
C ALA B 61 -14.39 1.02 -23.85
N VAL B 62 -15.61 1.49 -23.55
CA VAL B 62 -16.59 0.63 -22.92
C VAL B 62 -17.58 0.04 -23.91
N ALA B 63 -17.59 0.52 -25.15
CA ALA B 63 -18.49 -0.04 -26.17
C ALA B 63 -18.45 -1.56 -26.27
N PRO B 64 -17.29 -2.22 -26.32
CA PRO B 64 -17.31 -3.69 -26.37
C PRO B 64 -18.02 -4.35 -25.18
N LEU B 65 -18.15 -3.68 -24.04
CA LEU B 65 -18.85 -4.31 -22.93
C LEU B 65 -20.37 -4.21 -23.02
N GLY B 66 -20.90 -3.65 -24.11
CA GLY B 66 -22.31 -3.76 -24.45
C GLY B 66 -23.23 -2.73 -23.86
N LYS B 67 -22.72 -1.71 -23.19
CA LYS B 67 -23.58 -0.78 -22.48
C LYS B 67 -23.33 0.65 -22.94
N THR B 68 -24.42 1.42 -23.04
CA THR B 68 -24.38 2.85 -23.32
C THR B 68 -24.25 3.62 -22.02
N VAL B 69 -23.42 4.66 -22.02
CA VAL B 69 -23.30 5.58 -20.90
C VAL B 69 -23.62 6.98 -21.39
N SER B 70 -24.52 7.66 -20.70
CA SER B 70 -24.91 9.01 -21.11
C SER B 70 -23.79 10.01 -20.81
N ASP B 71 -23.77 11.10 -21.56
CA ASP B 71 -22.82 12.16 -21.26
C ASP B 71 -23.03 12.70 -19.85
N GLU B 72 -24.28 12.75 -19.39
CA GLU B 72 -24.55 13.17 -18.02
C GLU B 72 -23.81 12.26 -17.04
N ARG B 73 -23.84 10.95 -17.29
CA ARG B 73 -23.17 10.01 -16.39
C ARG B 73 -21.66 10.15 -16.46
N TRP B 74 -21.11 10.24 -17.69
CA TRP B 74 -19.68 10.48 -17.84
C TRP B 74 -19.25 11.72 -17.06
N ILE B 75 -20.04 12.80 -17.15
CA ILE B 75 -19.61 14.05 -16.55
C ILE B 75 -19.61 13.94 -15.03
N SER B 76 -20.53 13.13 -14.48
CA SER B 76 -20.48 12.90 -13.05
C SER B 76 -19.22 12.14 -12.65
N TYR B 77 -18.88 11.08 -13.39
CA TYR B 77 -17.62 10.38 -13.13
C TYR B 77 -16.43 11.31 -13.24
N VAL B 78 -16.40 12.17 -14.27
CA VAL B 78 -15.17 12.88 -14.60
C VAL B 78 -14.88 14.01 -13.63
N GLY B 79 -15.93 14.53 -12.95
CA GLY B 79 -15.75 15.67 -12.06
C GLY B 79 -14.68 15.47 -11.00
N VAL B 80 -14.49 14.24 -10.53
CA VAL B 80 -13.47 14.02 -9.50
C VAL B 80 -12.10 14.40 -10.03
N VAL B 81 -11.83 14.10 -11.30
CA VAL B 81 -10.53 14.47 -11.86
C VAL B 81 -10.45 15.99 -12.03
N LEU B 82 -11.54 16.60 -12.50
CA LEU B 82 -11.54 18.04 -12.69
C LEU B 82 -11.32 18.79 -11.39
N TRP B 83 -11.87 18.28 -10.28
CA TRP B 83 -11.77 18.97 -9.00
C TRP B 83 -10.58 18.55 -8.13
N SER B 84 -10.04 17.35 -8.33
CA SER B 84 -9.14 16.79 -7.33
C SER B 84 -7.71 16.63 -7.82
N GLN B 85 -7.39 17.15 -9.01
CA GLN B 85 -6.00 17.27 -9.40
C GLN B 85 -5.50 18.61 -8.88
N SER B 86 -4.31 19.04 -9.31
CA SER B 86 -3.70 20.26 -8.79
C SER B 86 -3.39 21.14 -10.00
N PRO B 87 -4.34 22.02 -10.38
CA PRO B 87 -4.22 22.73 -11.68
C PRO B 87 -2.95 23.55 -11.86
N ARG B 88 -2.49 24.26 -10.82
CA ARG B 88 -1.33 25.11 -11.03
C ARG B 88 -0.08 24.30 -11.40
N HIS B 89 -0.02 23.03 -10.99
CA HIS B 89 1.15 22.18 -11.20
C HIS B 89 1.06 21.33 -12.44
N ILE B 90 0.00 21.44 -13.24
CA ILE B 90 -0.13 20.58 -14.41
C ILE B 90 0.97 20.91 -15.42
N LYS B 91 1.63 19.87 -15.94
CA LYS B 91 2.57 20.04 -17.02
C LYS B 91 2.23 19.23 -18.26
N ASP B 92 1.63 18.05 -18.11
CA ASP B 92 1.27 17.23 -19.26
C ASP B 92 -0.26 17.16 -19.31
N MET B 93 -0.87 17.87 -20.27
CA MET B 93 -2.31 17.83 -20.39
C MET B 93 -2.82 16.56 -21.06
N GLU B 94 -1.98 15.89 -21.86
CA GLU B 94 -2.35 14.58 -22.39
C GLU B 94 -2.52 13.55 -21.27
N ALA B 95 -1.57 13.51 -20.33
CA ALA B 95 -1.73 12.67 -19.15
C ALA B 95 -3.00 13.03 -18.38
N PHE B 96 -3.30 14.33 -18.25
CA PHE B 96 -4.51 14.70 -17.54
C PHE B 96 -5.74 14.09 -18.19
N LYS B 97 -5.81 14.17 -19.53
CA LYS B 97 -6.92 13.55 -20.28
C LYS B 97 -6.93 12.04 -20.10
N ALA B 98 -5.76 11.40 -20.10
CA ALA B 98 -5.70 9.96 -19.81
C ALA B 98 -6.36 9.65 -18.47
N VAL B 99 -6.04 10.43 -17.44
CA VAL B 99 -6.64 10.18 -16.13
C VAL B 99 -8.15 10.40 -16.18
N CYS B 100 -8.61 11.42 -16.91
CA CYS B 100 -10.05 11.59 -17.10
C CYS B 100 -10.67 10.32 -17.69
N VAL B 101 -10.10 9.81 -18.79
CA VAL B 101 -10.67 8.63 -19.41
C VAL B 101 -10.55 7.41 -18.49
N LEU B 102 -9.36 7.17 -17.94
CA LEU B 102 -9.14 5.96 -17.14
C LEU B 102 -9.98 5.97 -15.88
N ASN B 103 -10.09 7.11 -15.21
CA ASN B 103 -11.03 7.23 -14.09
C ASN B 103 -12.44 6.85 -14.50
N CYS B 104 -12.93 7.42 -15.62
CA CYS B 104 -14.34 7.24 -15.97
C CYS B 104 -14.66 5.81 -16.36
N VAL B 105 -13.82 5.18 -17.19
CA VAL B 105 -14.19 3.86 -17.66
C VAL B 105 -14.05 2.82 -16.54
N THR B 106 -13.12 3.04 -15.60
CA THR B 106 -13.08 2.12 -14.46
C THR B 106 -14.17 2.40 -13.44
N PHE B 107 -14.75 3.60 -13.46
CA PHE B 107 -15.94 3.86 -12.67
C PHE B 107 -17.13 3.06 -13.19
N VAL B 108 -17.28 3.00 -14.51
CA VAL B 108 -18.30 2.14 -15.11
C VAL B 108 -18.14 0.71 -14.61
N TRP B 109 -16.91 0.20 -14.67
CA TRP B 109 -16.59 -1.14 -14.20
C TRP B 109 -16.99 -1.34 -12.75
N ASP B 110 -16.75 -0.32 -11.91
CA ASP B 110 -17.15 -0.32 -10.50
C ASP B 110 -18.66 -0.49 -10.34
N ASP B 111 -19.44 0.15 -11.21
CA ASP B 111 -20.90 0.15 -11.12
C ASP B 111 -21.55 -1.03 -11.82
N MET B 112 -20.78 -1.81 -12.58
CA MET B 112 -21.33 -2.90 -13.35
C MET B 112 -21.48 -4.16 -12.54
N ASP B 113 -22.59 -4.85 -12.78
CA ASP B 113 -22.68 -6.27 -12.50
C ASP B 113 -21.40 -6.98 -12.91
N PRO B 114 -20.97 -8.01 -12.17
CA PRO B 114 -19.72 -8.72 -12.54
C PRO B 114 -19.87 -9.62 -13.76
N ALA B 115 -21.05 -10.20 -13.99
CA ALA B 115 -21.28 -10.94 -15.23
C ALA B 115 -21.09 -10.07 -16.45
N LEU B 116 -21.19 -8.75 -16.29
CA LEU B 116 -21.00 -7.81 -17.37
C LEU B 116 -19.54 -7.54 -17.68
N HIS B 117 -18.64 -7.79 -16.71
CA HIS B 117 -17.20 -7.64 -16.91
C HIS B 117 -16.79 -8.63 -17.99
N ASP B 118 -15.88 -8.20 -18.86
CA ASP B 118 -15.17 -9.13 -19.74
C ASP B 118 -13.74 -8.61 -19.91
N PHE B 119 -12.80 -9.30 -19.26
CA PHE B 119 -11.42 -8.86 -19.30
C PHE B 119 -10.86 -8.93 -20.72
N GLY B 120 -11.31 -9.92 -21.51
CA GLY B 120 -10.83 -10.04 -22.87
C GLY B 120 -11.34 -8.92 -23.77
N LEU B 121 -12.50 -8.36 -23.45
CA LEU B 121 -13.00 -7.25 -24.24
C LEU B 121 -12.54 -5.90 -23.70
N PHE B 122 -12.24 -5.83 -22.40
CA PHE B 122 -11.95 -4.53 -21.80
C PHE B 122 -10.45 -4.25 -21.62
N LEU B 123 -9.66 -5.22 -21.17
CA LEU B 123 -8.23 -4.93 -20.98
C LEU B 123 -7.55 -4.38 -22.23
N PRO B 124 -7.81 -4.87 -23.44
CA PRO B 124 -7.21 -4.23 -24.62
C PRO B 124 -7.57 -2.74 -24.79
N GLN B 125 -8.78 -2.34 -24.41
CA GLN B 125 -9.15 -0.92 -24.50
C GLN B 125 -8.35 -0.07 -23.51
N LEU B 126 -8.15 -0.55 -22.28
CA LEU B 126 -7.31 0.17 -21.35
C LEU B 126 -5.91 0.37 -21.92
N ARG B 127 -5.41 -0.63 -22.64
CA ARG B 127 -4.10 -0.51 -23.27
C ARG B 127 -4.13 0.52 -24.40
N LYS B 128 -5.18 0.53 -25.21
CA LYS B 128 -5.28 1.56 -26.25
C LYS B 128 -5.21 2.95 -25.64
N ILE B 129 -5.90 3.17 -24.51
CA ILE B 129 -5.91 4.47 -23.87
C ILE B 129 -4.52 4.83 -23.37
N CYS B 130 -3.88 3.89 -22.66
CA CYS B 130 -2.55 4.17 -22.11
C CYS B 130 -1.54 4.39 -23.23
N GLU B 131 -1.44 3.45 -24.18
CA GLU B 131 -0.43 3.57 -25.22
C GLU B 131 -0.64 4.82 -26.08
N LYS B 132 -1.76 5.55 -25.89
CA LYS B 132 -2.05 6.73 -26.69
C LYS B 132 -1.68 8.05 -25.99
N TYR B 133 -1.89 8.16 -24.67
CA TYR B 133 -1.67 9.43 -23.99
C TYR B 133 -0.32 9.53 -23.28
N TYR B 134 0.33 8.41 -22.98
CA TYR B 134 1.64 8.41 -22.37
C TYR B 134 2.67 7.84 -23.36
N GLY B 135 3.95 7.91 -22.99
CA GLY B 135 4.99 7.16 -23.68
C GLY B 135 4.97 5.70 -23.24
N PRO B 136 5.86 4.88 -23.80
CA PRO B 136 5.87 3.45 -23.41
C PRO B 136 5.95 3.20 -21.91
N GLU B 137 6.98 3.72 -21.22
CA GLU B 137 7.16 3.48 -19.80
C GLU B 137 5.92 3.87 -18.97
N ASP B 138 5.54 5.16 -18.98
CA ASP B 138 4.40 5.59 -18.16
C ASP B 138 3.12 4.87 -18.56
N ALA B 139 3.04 4.43 -19.82
CA ALA B 139 1.86 3.67 -20.24
C ALA B 139 1.84 2.29 -19.60
N GLU B 140 2.99 1.63 -19.47
CA GLU B 140 2.97 0.33 -18.82
C GLU B 140 2.58 0.46 -17.36
N VAL B 141 3.04 1.50 -16.67
CA VAL B 141 2.65 1.71 -15.28
C VAL B 141 1.16 2.00 -15.17
N ALA B 142 0.65 2.90 -16.02
CA ALA B 142 -0.76 3.25 -15.94
C ALA B 142 -1.64 2.05 -16.26
N TYR B 143 -1.27 1.27 -17.29
CA TYR B 143 -2.01 0.05 -17.59
C TYR B 143 -1.99 -0.94 -16.41
N GLU B 144 -0.81 -1.21 -15.85
CA GLU B 144 -0.74 -2.19 -14.75
C GLU B 144 -1.62 -1.77 -13.58
N ALA B 145 -1.58 -0.49 -13.22
CA ALA B 145 -2.45 -0.01 -12.14
C ALA B 145 -3.92 -0.15 -12.52
N ALA B 146 -4.29 0.16 -13.78
CA ALA B 146 -5.68 0.03 -14.20
C ALA B 146 -6.11 -1.44 -14.17
N ARG B 147 -5.29 -2.32 -14.74
CA ARG B 147 -5.56 -3.75 -14.71
C ARG B 147 -5.70 -4.25 -13.28
N ALA B 148 -4.76 -3.88 -12.41
CA ALA B 148 -4.82 -4.36 -11.03
C ALA B 148 -6.07 -3.86 -10.33
N PHE B 149 -6.50 -2.62 -10.63
CA PHE B 149 -7.73 -2.15 -10.01
C PHE B 149 -8.95 -2.93 -10.50
N VAL B 150 -9.11 -3.07 -11.83
CA VAL B 150 -10.34 -3.72 -12.29
C VAL B 150 -10.35 -5.21 -11.89
N THR B 151 -9.20 -5.85 -11.89
CA THR B 151 -9.13 -7.24 -11.42
C THR B 151 -9.50 -7.33 -9.93
N SER B 152 -9.02 -6.39 -9.13
CA SER B 152 -9.39 -6.35 -7.71
C SER B 152 -10.89 -6.15 -7.53
N ASP B 153 -11.47 -5.14 -8.21
CA ASP B 153 -12.90 -4.90 -8.05
C ASP B 153 -13.71 -6.14 -8.41
N HIS B 154 -13.27 -6.87 -9.44
CA HIS B 154 -14.02 -8.04 -9.90
C HIS B 154 -13.93 -9.19 -8.92
N MET B 155 -12.70 -9.56 -8.53
CA MET B 155 -12.55 -10.80 -7.78
C MET B 155 -12.96 -10.63 -6.32
N PHE B 156 -13.10 -9.38 -5.85
CA PHE B 156 -13.47 -9.21 -4.46
C PHE B 156 -14.98 -9.08 -4.23
N ARG B 157 -15.83 -9.25 -5.24
CA ARG B 157 -17.25 -9.01 -5.04
C ARG B 157 -17.81 -9.82 -3.85
N ASP B 158 -18.31 -11.02 -4.10
CA ASP B 158 -18.79 -11.87 -3.00
C ASP B 158 -17.63 -12.63 -2.36
N SER B 159 -16.68 -11.91 -1.72
CA SER B 159 -15.44 -12.54 -1.27
C SER B 159 -15.30 -12.52 0.25
N PRO B 160 -14.97 -13.67 0.85
CA PRO B 160 -14.68 -13.68 2.29
C PRO B 160 -13.53 -12.77 2.69
N ILE B 161 -12.55 -12.56 1.81
CA ILE B 161 -11.47 -11.63 2.13
C ILE B 161 -12.03 -10.23 2.29
N LYS B 162 -12.92 -9.84 1.40
CA LYS B 162 -13.53 -8.52 1.53
C LYS B 162 -14.34 -8.41 2.82
N ALA B 163 -15.15 -9.41 3.12
CA ALA B 163 -15.94 -9.39 4.35
C ALA B 163 -15.05 -9.35 5.57
N ALA B 164 -13.93 -10.09 5.56
CA ALA B 164 -13.02 -10.03 6.68
C ALA B 164 -12.42 -8.62 6.79
N LEU B 165 -11.93 -8.06 5.69
CA LEU B 165 -11.26 -6.77 5.76
C LEU B 165 -12.24 -5.62 6.00
N CYS B 166 -13.53 -5.83 5.74
CA CYS B 166 -14.51 -4.76 5.88
C CYS B 166 -15.37 -4.86 7.13
N THR B 167 -15.23 -5.93 7.92
CA THR B 167 -15.97 -6.06 9.17
C THR B 167 -15.08 -6.01 10.39
N THR B 168 -13.75 -6.17 10.23
CA THR B 168 -12.86 -6.34 11.38
C THR B 168 -12.67 -5.05 12.16
N SER B 169 -12.07 -4.03 11.54
CA SER B 169 -11.66 -2.82 12.23
C SER B 169 -11.44 -1.73 11.21
N PRO B 170 -11.23 -0.48 11.65
CA PRO B 170 -10.85 0.57 10.68
C PRO B 170 -9.52 0.29 10.00
N GLU B 171 -8.53 -0.23 10.73
CA GLU B 171 -7.23 -0.59 10.15
C GLU B 171 -7.37 -1.55 8.97
N GLN B 172 -8.06 -2.68 9.16
CA GLN B 172 -8.15 -3.65 8.07
C GLN B 172 -8.92 -3.05 6.89
N TYR B 173 -9.95 -2.26 7.21
CA TYR B 173 -10.78 -1.69 6.16
C TYR B 173 -9.98 -0.75 5.27
N PHE B 174 -9.31 0.25 5.86
CA PHE B 174 -8.58 1.21 5.03
C PHE B 174 -7.43 0.53 4.30
N ARG B 175 -6.86 -0.52 4.89
CA ARG B 175 -5.89 -1.33 4.16
C ARG B 175 -6.47 -1.87 2.86
N PHE B 176 -7.71 -2.36 2.89
CA PHE B 176 -8.37 -2.81 1.67
C PHE B 176 -8.56 -1.65 0.68
N ARG B 177 -8.89 -0.47 1.20
CA ARG B 177 -9.28 0.63 0.32
C ARG B 177 -8.11 1.30 -0.36
N VAL B 178 -6.88 1.09 0.12
CA VAL B 178 -5.73 1.66 -0.58
C VAL B 178 -5.80 1.31 -2.06
N THR B 179 -6.18 0.06 -2.37
CA THR B 179 -6.41 -0.36 -3.75
C THR B 179 -7.86 -0.16 -4.18
N ASP B 180 -8.81 -0.58 -3.34
CA ASP B 180 -10.19 -0.70 -3.83
C ASP B 180 -10.84 0.65 -4.11
N ILE B 181 -10.49 1.71 -3.35
CA ILE B 181 -11.08 2.99 -3.74
C ILE B 181 -10.40 3.54 -4.97
N GLY B 182 -9.32 2.92 -5.46
CA GLY B 182 -8.67 3.33 -6.68
C GLY B 182 -7.58 4.38 -6.54
N VAL B 183 -7.21 4.74 -5.32
CA VAL B 183 -6.27 5.85 -5.16
C VAL B 183 -4.84 5.45 -5.53
N ASP B 184 -4.44 4.19 -5.30
CA ASP B 184 -3.12 3.80 -5.78
C ASP B 184 -3.05 3.91 -7.29
N PHE B 185 -4.09 3.42 -7.96
CA PHE B 185 -4.23 3.55 -9.41
C PHE B 185 -4.14 5.03 -9.82
N TRP B 186 -4.93 5.87 -9.15
CA TRP B 186 -4.93 7.30 -9.41
C TRP B 186 -3.52 7.89 -9.36
N MET B 187 -2.76 7.58 -8.31
CA MET B 187 -1.43 8.14 -8.18
C MET B 187 -0.53 7.68 -9.32
N LYS B 188 -0.61 6.38 -9.67
CA LYS B 188 0.29 5.82 -10.65
C LYS B 188 -0.06 6.24 -12.08
N MET B 189 -1.24 6.83 -12.29
CA MET B 189 -1.53 7.40 -13.60
C MET B 189 -1.46 8.92 -13.62
N SER B 190 -1.43 9.57 -12.45
CA SER B 190 -1.39 11.01 -12.34
C SER B 190 0.02 11.59 -12.27
N TYR B 191 1.04 10.82 -11.87
CA TYR B 191 2.36 11.43 -11.77
C TYR B 191 2.88 11.97 -13.10
N PRO B 192 2.59 11.39 -14.26
CA PRO B 192 3.02 12.07 -15.50
C PRO B 192 2.37 13.44 -15.70
N ILE B 193 1.25 13.72 -15.04
CA ILE B 193 0.66 15.05 -15.16
C ILE B 193 1.65 16.11 -14.69
N TYR B 194 2.32 15.85 -13.57
CA TYR B 194 3.15 16.81 -12.88
C TYR B 194 4.64 16.73 -13.24
N ARG B 195 5.16 15.55 -13.62
CA ARG B 195 6.58 15.41 -13.95
C ARG B 195 7.46 15.94 -12.83
N HIS B 196 7.14 15.53 -11.62
CA HIS B 196 7.83 16.00 -10.44
C HIS B 196 8.50 14.80 -9.75
N PRO B 197 9.82 14.65 -9.86
CA PRO B 197 10.46 13.38 -9.48
C PRO B 197 10.05 12.80 -8.13
N GLU B 198 10.02 13.57 -7.05
CA GLU B 198 9.69 12.93 -5.77
C GLU B 198 8.20 12.60 -5.67
N PHE B 199 7.33 13.33 -6.38
CA PHE B 199 5.94 12.91 -6.41
C PHE B 199 5.81 11.58 -7.14
N THR B 200 6.52 11.45 -8.25
CA THR B 200 6.59 10.18 -8.98
C THR B 200 7.08 9.06 -8.07
N GLU B 201 8.07 9.33 -7.22
CA GLU B 201 8.52 8.28 -6.30
C GLU B 201 7.43 7.90 -5.30
N HIS B 202 6.83 8.88 -4.61
CA HIS B 202 5.78 8.55 -3.65
C HIS B 202 4.62 7.82 -4.33
N ALA B 203 4.37 8.12 -5.60
CA ALA B 203 3.34 7.40 -6.34
C ALA B 203 3.76 5.95 -6.56
N LYS B 204 4.99 5.73 -6.99
CA LYS B 204 5.38 4.37 -7.33
C LYS B 204 5.63 3.50 -6.10
N THR B 205 5.97 4.07 -4.95
CA THR B 205 6.03 3.28 -3.72
C THR B 205 4.66 3.05 -3.10
N SER B 206 3.63 3.76 -3.56
CA SER B 206 2.28 3.79 -3.01
C SER B 206 2.20 4.52 -1.67
N LEU B 207 3.29 5.13 -1.19
CA LEU B 207 3.18 5.98 -0.01
C LEU B 207 2.20 7.13 -0.27
N ALA B 208 2.17 7.64 -1.49
CA ALA B 208 1.19 8.66 -1.86
C ALA B 208 -0.22 8.16 -1.59
N ALA B 209 -0.53 6.96 -2.08
CA ALA B 209 -1.85 6.38 -1.87
C ALA B 209 -2.12 6.13 -0.39
N ARG B 210 -1.14 5.59 0.33
CA ARG B 210 -1.37 5.32 1.75
C ARG B 210 -1.65 6.59 2.54
N MET B 211 -1.05 7.73 2.16
CA MET B 211 -1.29 8.95 2.92
C MET B 211 -2.68 9.53 2.67
N THR B 212 -3.27 9.26 1.50
CA THR B 212 -4.52 9.93 1.11
C THR B 212 -5.74 9.04 1.21
N THR B 213 -5.54 7.73 1.46
CA THR B 213 -6.65 6.77 1.44
C THR B 213 -7.75 7.14 2.43
N ARG B 214 -7.38 7.47 3.67
CA ARG B 214 -8.44 7.68 4.65
C ARG B 214 -9.25 8.95 4.35
N GLY B 215 -8.57 10.01 3.93
CA GLY B 215 -9.27 11.25 3.63
C GLY B 215 -10.24 11.08 2.48
N LEU B 216 -9.83 10.35 1.44
CA LEU B 216 -10.75 10.06 0.34
C LEU B 216 -11.88 9.15 0.78
N THR B 217 -11.53 8.08 1.50
CA THR B 217 -12.49 7.02 1.77
C THR B 217 -13.56 7.45 2.76
N ILE B 218 -13.16 8.13 3.83
CA ILE B 218 -14.12 8.52 4.84
C ILE B 218 -15.18 9.43 4.23
N VAL B 219 -14.75 10.35 3.37
CA VAL B 219 -15.69 11.22 2.68
C VAL B 219 -16.55 10.43 1.71
N ASN B 220 -15.92 9.59 0.87
CA ASN B 220 -16.73 8.81 -0.05
C ASN B 220 -17.74 7.93 0.69
N ASP B 221 -17.29 7.27 1.77
CA ASP B 221 -18.17 6.35 2.49
C ASP B 221 -19.37 7.08 3.08
N PHE B 222 -19.16 8.27 3.64
CA PHE B 222 -20.28 8.95 4.27
C PHE B 222 -21.37 9.24 3.24
N TYR B 223 -20.98 9.77 2.10
CA TYR B 223 -21.97 10.21 1.13
C TYR B 223 -22.47 9.09 0.21
N SER B 224 -21.82 7.91 0.19
CA SER B 224 -22.34 6.80 -0.62
C SER B 224 -22.94 5.70 0.24
N TYR B 225 -23.00 5.90 1.55
CA TYR B 225 -23.54 4.90 2.48
C TYR B 225 -24.97 4.46 2.09
N ASP B 226 -25.87 5.43 1.86
CA ASP B 226 -27.26 5.05 1.63
C ASP B 226 -27.39 4.19 0.38
N ARG B 227 -26.70 4.55 -0.70
CA ARG B 227 -26.75 3.72 -1.90
C ARG B 227 -26.17 2.34 -1.63
N GLU B 228 -25.01 2.29 -1.01
CA GLU B 228 -24.33 1.01 -0.84
C GLU B 228 -25.11 0.07 0.06
N VAL B 229 -25.71 0.59 1.14
CA VAL B 229 -26.61 -0.24 1.94
C VAL B 229 -27.76 -0.78 1.09
N SER B 230 -28.39 0.07 0.27
CA SER B 230 -29.53 -0.40 -0.53
C SER B 230 -29.12 -1.49 -1.52
N LEU B 231 -27.85 -1.51 -1.93
CA LEU B 231 -27.35 -2.47 -2.90
C LEU B 231 -26.65 -3.67 -2.27
N GLY B 232 -26.65 -3.78 -0.94
CA GLY B 232 -25.93 -4.87 -0.30
C GLY B 232 -24.42 -4.82 -0.46
N GLN B 233 -23.85 -3.63 -0.59
CA GLN B 233 -22.41 -3.51 -0.69
C GLN B 233 -21.84 -3.20 0.70
N ILE B 234 -20.81 -3.95 1.10
CA ILE B 234 -20.32 -3.84 2.47
C ILE B 234 -19.06 -3.00 2.57
N THR B 235 -18.53 -2.50 1.46
CA THR B 235 -17.27 -1.78 1.48
C THR B 235 -17.53 -0.31 1.86
N ASN B 236 -17.71 -0.08 3.17
CA ASN B 236 -18.04 1.23 3.72
C ASN B 236 -17.77 1.27 5.22
N CYS B 237 -16.92 2.18 5.68
CA CYS B 237 -16.50 2.12 7.07
C CYS B 237 -17.62 2.42 8.06
N PHE B 238 -18.67 3.15 7.65
CA PHE B 238 -19.74 3.40 8.60
C PHE B 238 -20.61 2.17 8.86
N ARG B 239 -20.42 1.08 8.12
CA ARG B 239 -21.09 -0.16 8.50
C ARG B 239 -20.42 -0.82 9.70
N LEU B 240 -19.22 -0.36 10.07
CA LEU B 240 -18.62 -0.80 11.32
C LEU B 240 -19.36 -0.28 12.55
N CYS B 241 -19.99 0.88 12.49
CA CYS B 241 -20.68 1.44 13.64
C CYS B 241 -22.16 1.16 13.53
N ASP B 242 -22.90 1.54 14.58
CA ASP B 242 -24.35 1.48 14.56
C ASP B 242 -24.84 2.88 14.22
N VAL B 243 -25.07 3.14 12.93
CA VAL B 243 -25.53 4.47 12.55
C VAL B 243 -26.93 4.77 13.10
N SER B 244 -27.69 3.76 13.53
CA SER B 244 -28.98 4.06 14.18
C SER B 244 -28.81 4.54 15.61
N ASP B 245 -27.59 4.63 16.11
CA ASP B 245 -27.30 5.05 17.48
C ASP B 245 -26.55 6.37 17.39
N GLU B 246 -27.25 7.47 17.72
CA GLU B 246 -26.65 8.80 17.62
C GLU B 246 -25.32 8.89 18.36
N THR B 247 -25.29 8.42 19.61
CA THR B 247 -24.06 8.45 20.40
C THR B 247 -22.94 7.69 19.70
N ALA B 248 -23.21 6.45 19.32
CA ALA B 248 -22.17 5.64 18.70
C ALA B 248 -21.70 6.28 17.41
N PHE B 249 -22.64 6.81 16.62
CA PHE B 249 -22.26 7.37 15.33
C PHE B 249 -21.31 8.53 15.50
N LYS B 250 -21.68 9.51 16.33
CA LYS B 250 -20.85 10.70 16.44
C LYS B 250 -19.49 10.41 17.04
N GLU B 251 -19.38 9.38 17.89
CA GLU B 251 -18.07 8.99 18.39
C GLU B 251 -17.23 8.37 17.27
N PHE B 252 -17.84 7.49 16.47
CA PHE B 252 -17.15 6.93 15.31
C PHE B 252 -16.76 8.03 14.32
N PHE B 253 -17.71 8.92 14.04
CA PHE B 253 -17.42 9.99 13.10
C PHE B 253 -16.26 10.87 13.58
N GLN B 254 -16.25 11.23 14.87
CA GLN B 254 -15.11 12.01 15.38
C GLN B 254 -13.80 11.22 15.25
N ALA B 255 -13.83 9.92 15.56
CA ALA B 255 -12.63 9.12 15.36
C ALA B 255 -12.15 9.22 13.90
N ARG B 256 -13.09 9.25 12.95
CA ARG B 256 -12.70 9.31 11.55
C ARG B 256 -12.16 10.71 11.18
N LEU B 257 -12.79 11.77 11.72
CA LEU B 257 -12.24 13.13 11.55
C LEU B 257 -10.80 13.21 12.02
N ASP B 258 -10.52 12.74 13.24
CA ASP B 258 -9.18 12.85 13.76
C ASP B 258 -8.19 12.02 12.92
N ASP B 259 -8.67 10.90 12.35
CA ASP B 259 -7.84 10.17 11.39
C ASP B 259 -7.49 11.05 10.19
N MET B 260 -8.47 11.78 9.67
CA MET B 260 -8.21 12.67 8.55
C MET B 260 -7.22 13.75 8.92
N ILE B 261 -7.40 14.35 10.11
CA ILE B 261 -6.53 15.43 10.56
C ILE B 261 -5.10 14.94 10.70
N GLU B 262 -4.95 13.78 11.35
CA GLU B 262 -3.62 13.19 11.50
C GLU B 262 -2.92 13.04 10.14
N ASP B 263 -3.63 12.49 9.14
CA ASP B 263 -3.03 12.31 7.82
C ASP B 263 -2.65 13.66 7.20
N ILE B 264 -3.56 14.62 7.28
CA ILE B 264 -3.30 15.90 6.62
C ILE B 264 -2.07 16.58 7.21
N GLU B 265 -1.94 16.56 8.53
CA GLU B 265 -0.81 17.27 9.13
C GLU B 265 0.51 16.51 8.93
N CYS B 266 0.47 15.18 8.77
CA CYS B 266 1.66 14.49 8.30
C CYS B 266 1.92 14.77 6.82
N ILE B 267 0.88 14.92 6.01
CA ILE B 267 1.10 15.29 4.61
C ILE B 267 1.84 16.63 4.51
N LYS B 268 1.70 17.50 5.51
CA LYS B 268 2.41 18.77 5.45
C LYS B 268 3.91 18.64 5.64
N ALA B 269 4.43 17.43 5.92
CA ALA B 269 5.88 17.24 5.94
C ALA B 269 6.46 16.95 4.56
N PHE B 270 5.64 16.60 3.56
CA PHE B 270 6.16 16.33 2.23
C PHE B 270 6.60 17.65 1.57
N ASP B 271 7.24 17.53 0.40
CA ASP B 271 7.65 18.70 -0.36
C ASP B 271 6.40 19.43 -0.86
N GLN B 272 6.60 20.64 -1.39
CA GLN B 272 5.46 21.52 -1.61
C GLN B 272 4.58 21.06 -2.76
N LEU B 273 5.15 20.71 -3.90
CA LEU B 273 4.30 20.22 -4.98
C LEU B 273 3.52 19.00 -4.52
N THR B 274 4.21 18.00 -3.97
CA THR B 274 3.55 16.78 -3.49
C THR B 274 2.45 17.12 -2.48
N GLN B 275 2.76 17.97 -1.51
CA GLN B 275 1.77 18.37 -0.52
C GLN B 275 0.53 18.98 -1.15
N ASP B 276 0.71 19.89 -2.12
CA ASP B 276 -0.45 20.49 -2.78
C ASP B 276 -1.28 19.43 -3.48
N VAL B 277 -0.61 18.49 -4.16
CA VAL B 277 -1.33 17.45 -4.87
C VAL B 277 -2.15 16.59 -3.90
N PHE B 278 -1.52 16.11 -2.82
CA PHE B 278 -2.24 15.28 -1.85
C PHE B 278 -3.46 16.01 -1.29
N LEU B 279 -3.26 17.26 -0.87
CA LEU B 279 -4.35 17.97 -0.19
C LEU B 279 -5.46 18.36 -1.17
N ASP B 280 -5.09 18.73 -2.40
CA ASP B 280 -6.12 19.02 -3.40
C ASP B 280 -6.91 17.75 -3.74
N LEU B 281 -6.25 16.60 -3.71
CA LEU B 281 -6.97 15.35 -3.95
C LEU B 281 -8.03 15.13 -2.88
N ILE B 282 -7.63 15.25 -1.59
CA ILE B 282 -8.57 14.98 -0.51
C ILE B 282 -9.67 16.03 -0.48
N TYR B 283 -9.28 17.30 -0.54
CA TYR B 283 -10.28 18.36 -0.39
C TYR B 283 -11.11 18.48 -1.67
N GLY B 284 -10.50 18.33 -2.83
CA GLY B 284 -11.25 18.32 -4.07
C GLY B 284 -12.26 17.17 -4.15
N ASN B 285 -11.87 16.00 -3.66
CA ASN B 285 -12.84 14.90 -3.65
C ASN B 285 -14.06 15.27 -2.82
N PHE B 286 -13.85 15.99 -1.73
CA PHE B 286 -14.98 16.37 -0.88
C PHE B 286 -15.88 17.38 -1.60
N VAL B 287 -15.28 18.37 -2.26
CA VAL B 287 -16.09 19.34 -3.01
C VAL B 287 -16.89 18.65 -4.11
N TRP B 288 -16.22 17.79 -4.88
CA TRP B 288 -16.90 17.05 -5.95
C TRP B 288 -17.99 16.16 -5.39
N THR B 289 -17.67 15.40 -4.32
CA THR B 289 -18.65 14.47 -3.75
C THR B 289 -19.91 15.19 -3.32
N THR B 290 -19.78 16.36 -2.70
CA THR B 290 -20.94 17.07 -2.21
C THR B 290 -21.68 17.82 -3.33
N SER B 291 -21.07 17.95 -4.50
CA SER B 291 -21.69 18.55 -5.68
C SER B 291 -22.58 17.58 -6.45
N ASN B 292 -22.17 16.32 -6.53
CA ASN B 292 -22.58 15.42 -7.60
C ASN B 292 -23.81 14.63 -7.20
N LYS B 293 -24.79 14.56 -8.10
CA LYS B 293 -26.03 13.84 -7.80
C LYS B 293 -25.79 12.35 -7.54
N ARG B 294 -24.66 11.82 -8.02
CA ARG B 294 -24.26 10.47 -7.65
C ARG B 294 -24.34 10.24 -6.15
N TYR B 295 -24.01 11.25 -5.35
CA TYR B 295 -23.94 11.09 -3.91
C TYR B 295 -25.08 11.76 -3.17
N LYS B 296 -26.24 11.91 -3.81
CA LYS B 296 -27.39 12.53 -3.18
C LYS B 296 -28.62 11.63 -3.07
N THR B 297 -28.60 10.43 -3.63
CA THR B 297 -29.63 9.44 -3.36
C THR B 297 -29.03 8.05 -3.46
N ALA B 298 -29.67 7.10 -2.78
CA ALA B 298 -29.34 5.69 -3.00
C ALA B 298 -29.30 5.36 -4.49
N VAL B 299 -30.43 5.54 -5.19
CA VAL B 299 -30.54 5.09 -6.57
C VAL B 299 -31.14 6.19 -7.44
N ASN B 300 -30.28 6.85 -8.20
CA ASN B 300 -30.71 7.73 -9.28
C ASN B 300 -30.09 7.22 -10.58
N ASP B 301 -30.23 7.98 -11.66
CA ASP B 301 -29.82 7.56 -13.00
C ASP B 301 -28.35 7.78 -13.29
N VAL B 302 -27.53 8.18 -12.31
CA VAL B 302 -26.09 8.19 -12.50
C VAL B 302 -25.36 7.23 -11.57
N ASN B 303 -25.98 6.79 -10.44
CA ASN B 303 -25.32 5.80 -9.59
C ASN B 303 -26.00 4.43 -9.65
N SER B 304 -26.76 4.14 -10.71
CA SER B 304 -27.56 2.92 -10.75
C SER B 304 -26.72 1.71 -11.09
N ARG B 305 -27.12 0.55 -10.53
CA ARG B 305 -26.82 -0.73 -11.16
C ARG B 305 -27.51 -0.76 -12.53
N ILE B 306 -28.67 -1.42 -12.59
CA ILE B 306 -29.33 -2.06 -13.75
C ILE B 306 -28.93 -3.55 -13.73
N GLN B 307 -29.55 -4.32 -12.82
CA GLN B 307 -29.63 -5.79 -12.86
C GLN B 307 -29.82 -6.32 -14.27
N ALA B 308 -29.75 -7.64 -14.43
CA ALA B 308 -29.92 -8.25 -15.75
C ALA B 308 -30.83 -9.48 -15.73
N GLY A 14 23.46 2.58 27.53
CA GLY A 14 22.51 3.17 26.60
C GLY A 14 21.02 2.95 26.84
N ARG A 15 20.34 4.00 27.33
CA ARG A 15 18.88 3.98 27.44
C ARG A 15 18.21 3.79 26.08
N SER A 16 19.00 3.55 25.03
CA SER A 16 18.63 2.72 23.91
C SER A 16 18.48 1.27 24.31
N SER A 17 17.64 0.94 25.30
CA SER A 17 17.64 -0.49 25.63
C SER A 17 16.26 -1.05 25.92
N VAL A 18 15.93 -2.12 25.19
CA VAL A 18 14.81 -2.99 25.52
C VAL A 18 15.32 -4.33 26.02
N ARG A 19 16.63 -4.50 26.14
CA ARG A 19 17.19 -5.73 26.69
C ARG A 19 16.58 -6.14 28.04
N PRO A 20 16.18 -5.24 28.93
CA PRO A 20 15.46 -5.70 30.13
C PRO A 20 14.29 -6.62 29.85
N TYR A 21 13.61 -6.47 28.72
CA TYR A 21 12.40 -7.24 28.40
C TYR A 21 12.67 -8.38 27.43
N LEU A 22 13.93 -8.67 27.11
CA LEU A 22 14.23 -9.57 26.01
C LEU A 22 13.58 -10.94 26.18
N GLU A 23 13.72 -11.55 27.36
CA GLU A 23 13.21 -12.90 27.55
C GLU A 23 11.69 -12.94 27.56
N GLU A 24 11.06 -12.06 28.32
CA GLU A 24 9.60 -12.06 28.42
C GLU A 24 8.95 -11.77 27.07
N CYS A 25 9.47 -10.77 26.34
CA CYS A 25 8.92 -10.48 25.02
C CYS A 25 9.16 -11.62 24.04
N THR A 26 10.32 -12.25 24.08
CA THR A 26 10.58 -13.38 23.19
C THR A 26 9.57 -14.49 23.46
N ARG A 27 9.38 -14.85 24.73
CA ARG A 27 8.41 -15.90 25.06
C ARG A 27 7.01 -15.53 24.58
N ARG A 28 6.64 -14.26 24.71
CA ARG A 28 5.24 -13.93 24.40
C ARG A 28 5.00 -13.86 22.89
N PHE A 29 5.97 -13.36 22.12
CA PHE A 29 5.94 -13.51 20.67
C PHE A 29 5.69 -14.98 20.29
N GLN A 30 6.51 -15.88 20.84
CA GLN A 30 6.39 -17.28 20.45
C GLN A 30 5.03 -17.86 20.86
N GLU A 31 4.54 -17.53 22.07
CA GLU A 31 3.24 -18.02 22.47
C GLU A 31 2.16 -17.56 21.50
N MET A 32 2.25 -16.30 21.07
CA MET A 32 1.28 -15.76 20.13
C MET A 32 1.27 -16.56 18.84
N PHE A 33 2.46 -16.83 18.28
CA PHE A 33 2.54 -17.64 17.06
C PHE A 33 1.97 -19.04 17.26
N ASP A 34 2.28 -19.68 18.39
CA ASP A 34 1.82 -21.05 18.59
C ASP A 34 0.30 -21.11 18.68
N ARG A 35 -0.31 -20.08 19.28
CA ARG A 35 -1.75 -20.06 19.44
C ARG A 35 -2.46 -19.80 18.12
N HIS A 36 -1.96 -18.85 17.33
CA HIS A 36 -2.73 -18.30 16.22
C HIS A 36 -2.29 -18.83 14.86
N VAL A 37 -1.03 -19.20 14.70
CA VAL A 37 -0.52 -19.77 13.46
C VAL A 37 -0.33 -21.27 13.56
N VAL A 38 0.31 -21.72 14.64
CA VAL A 38 0.61 -23.12 14.96
C VAL A 38 1.70 -23.66 14.02
N THR A 39 1.48 -23.61 12.71
CA THR A 39 2.42 -24.24 11.79
C THR A 39 3.75 -23.47 11.78
N ARG A 40 4.84 -24.22 11.83
CA ARG A 40 6.15 -23.62 12.03
C ARG A 40 6.80 -23.28 10.69
N PRO A 41 7.71 -22.31 10.68
CA PRO A 41 8.52 -22.06 9.47
C PRO A 41 9.40 -23.27 9.15
N THR A 42 9.82 -23.34 7.88
CA THR A 42 10.72 -24.40 7.41
C THR A 42 11.86 -23.79 6.59
N LYS A 43 13.10 -24.18 6.90
CA LYS A 43 14.26 -23.54 6.29
C LYS A 43 14.63 -24.24 4.98
N VAL A 44 14.81 -23.46 3.91
CA VAL A 44 15.20 -23.95 2.59
C VAL A 44 16.70 -24.23 2.58
N GLU A 45 17.09 -25.49 2.32
CA GLU A 45 18.49 -25.92 2.45
C GLU A 45 19.22 -25.90 1.12
N LEU A 46 19.72 -24.74 0.72
CA LEU A 46 20.49 -24.59 -0.51
C LEU A 46 21.65 -25.57 -0.62
N THR A 47 21.90 -26.03 -1.84
CA THR A 47 23.12 -26.75 -2.12
C THR A 47 24.31 -25.81 -2.02
N ASP A 48 25.51 -26.40 -1.89
CA ASP A 48 26.73 -25.61 -2.02
C ASP A 48 26.74 -24.83 -3.34
N ALA A 49 26.52 -25.54 -4.46
CA ALA A 49 26.47 -24.84 -5.76
C ALA A 49 25.44 -23.71 -5.78
N GLU A 50 24.34 -23.86 -5.04
CA GLU A 50 23.32 -22.82 -5.04
C GLU A 50 23.73 -21.66 -4.16
N LEU A 51 24.27 -21.95 -2.97
CA LEU A 51 24.82 -20.91 -2.12
C LEU A 51 25.92 -20.15 -2.82
N ARG A 52 26.73 -20.86 -3.61
CA ARG A 52 27.80 -20.22 -4.36
C ARG A 52 27.24 -19.31 -5.44
N GLU A 53 26.26 -19.80 -6.21
CA GLU A 53 25.66 -18.95 -7.24
C GLU A 53 25.07 -17.67 -6.66
N VAL A 54 24.35 -17.78 -5.52
CA VAL A 54 23.79 -16.58 -4.87
C VAL A 54 24.91 -15.66 -4.40
N ILE A 55 25.85 -16.18 -3.62
CA ILE A 55 26.87 -15.30 -3.04
C ILE A 55 27.76 -14.71 -4.13
N ASP A 56 28.05 -15.50 -5.18
CA ASP A 56 28.73 -14.96 -6.36
C ASP A 56 27.99 -13.75 -6.93
N ASP A 57 26.67 -13.88 -7.09
CA ASP A 57 25.87 -12.77 -7.60
C ASP A 57 25.88 -11.59 -6.63
N CYS A 58 25.77 -11.87 -5.33
CA CYS A 58 25.82 -10.82 -4.32
C CYS A 58 27.15 -10.06 -4.36
N ASN A 59 28.27 -10.79 -4.42
CA ASN A 59 29.57 -10.12 -4.44
C ASN A 59 29.74 -9.30 -5.71
N ALA A 60 29.33 -9.86 -6.85
CA ALA A 60 29.43 -9.13 -8.12
C ALA A 60 28.53 -7.90 -8.12
N ALA A 61 27.39 -7.96 -7.42
CA ALA A 61 26.44 -6.86 -7.44
C ALA A 61 26.96 -5.66 -6.67
N VAL A 62 27.55 -5.87 -5.49
CA VAL A 62 28.02 -4.76 -4.68
C VAL A 62 29.48 -4.43 -4.95
N ALA A 63 30.19 -5.25 -5.71
CA ALA A 63 31.57 -4.91 -6.06
C ALA A 63 31.72 -3.49 -6.60
N PRO A 64 30.85 -2.98 -7.48
CA PRO A 64 31.05 -1.60 -7.97
C PRO A 64 30.92 -0.55 -6.89
N LEU A 65 30.44 -0.92 -5.70
CA LEU A 65 30.28 0.02 -4.59
C LEU A 65 31.49 0.08 -3.67
N GLY A 66 32.42 -0.87 -3.78
CA GLY A 66 33.71 -0.72 -3.14
C GLY A 66 33.91 -1.39 -1.79
N LYS A 67 32.87 -1.96 -1.17
CA LYS A 67 32.97 -2.47 0.19
C LYS A 67 32.84 -3.99 0.20
N THR A 68 33.86 -4.67 0.73
CA THR A 68 33.83 -6.11 0.95
C THR A 68 32.70 -6.51 1.86
N VAL A 69 32.06 -7.64 1.54
CA VAL A 69 31.07 -8.26 2.40
C VAL A 69 31.50 -9.70 2.63
N SER A 70 31.57 -10.11 3.90
CA SER A 70 32.02 -11.45 4.26
C SER A 70 30.93 -12.48 4.03
N ASP A 71 31.36 -13.74 3.82
CA ASP A 71 30.44 -14.87 3.78
C ASP A 71 29.44 -14.85 4.92
N GLU A 72 29.94 -14.68 6.15
CA GLU A 72 29.06 -14.77 7.31
C GLU A 72 28.05 -13.64 7.34
N ARG A 73 28.42 -12.47 6.82
CA ARG A 73 27.45 -11.39 6.70
C ARG A 73 26.40 -11.72 5.63
N TRP A 74 26.82 -12.25 4.48
CA TRP A 74 25.83 -12.66 3.47
C TRP A 74 24.83 -13.66 4.05
N ILE A 75 25.33 -14.62 4.84
CA ILE A 75 24.45 -15.64 5.40
C ILE A 75 23.55 -15.05 6.48
N SER A 76 24.04 -14.06 7.21
CA SER A 76 23.17 -13.35 8.14
C SER A 76 22.01 -12.67 7.42
N TYR A 77 22.28 -12.10 6.24
CA TYR A 77 21.22 -11.47 5.47
C TYR A 77 20.29 -12.51 4.84
N VAL A 78 20.85 -13.58 4.27
CA VAL A 78 20.07 -14.51 3.47
C VAL A 78 19.15 -15.37 4.32
N GLY A 79 19.43 -15.51 5.62
CA GLY A 79 18.61 -16.37 6.46
C GLY A 79 17.13 -16.02 6.43
N VAL A 80 16.80 -14.73 6.25
CA VAL A 80 15.38 -14.38 6.25
C VAL A 80 14.68 -15.05 5.08
N VAL A 81 15.35 -15.16 3.92
CA VAL A 81 14.73 -15.82 2.78
C VAL A 81 14.62 -17.32 3.03
N LEU A 82 15.64 -17.90 3.66
CA LEU A 82 15.66 -19.34 3.86
C LEU A 82 14.58 -19.77 4.83
N TRP A 83 14.25 -18.90 5.80
CA TRP A 83 13.32 -19.20 6.89
C TRP A 83 11.90 -18.70 6.64
N SER A 84 11.73 -17.69 5.80
CA SER A 84 10.48 -16.96 5.76
C SER A 84 9.78 -17.05 4.40
N GLN A 85 10.23 -17.93 3.49
CA GLN A 85 9.43 -18.27 2.33
C GLN A 85 8.51 -19.42 2.76
N SER A 86 8.02 -20.20 1.81
CA SER A 86 7.03 -21.24 2.09
C SER A 86 7.43 -22.46 1.27
N PRO A 87 8.39 -23.26 1.75
CA PRO A 87 9.04 -24.25 0.87
C PRO A 87 8.09 -25.25 0.25
N ARG A 88 6.99 -25.59 0.94
CA ARG A 88 6.13 -26.63 0.38
C ARG A 88 5.27 -26.11 -0.75
N HIS A 89 5.24 -24.80 -0.96
CA HIS A 89 4.58 -24.19 -2.10
C HIS A 89 5.54 -23.79 -3.22
N ILE A 90 6.85 -23.97 -3.05
CA ILE A 90 7.78 -23.46 -4.05
C ILE A 90 7.66 -24.25 -5.35
N LYS A 91 7.49 -23.53 -6.47
CA LYS A 91 7.60 -24.14 -7.78
C LYS A 91 8.88 -23.77 -8.51
N ASP A 92 9.31 -22.51 -8.45
CA ASP A 92 10.41 -22.01 -9.28
C ASP A 92 11.60 -21.67 -8.39
N MET A 93 12.61 -22.55 -8.37
CA MET A 93 13.81 -22.30 -7.56
C MET A 93 14.72 -21.24 -8.18
N GLU A 94 14.58 -20.93 -9.46
CA GLU A 94 15.32 -19.80 -9.99
C GLU A 94 14.82 -18.48 -9.39
N ALA A 95 13.50 -18.33 -9.30
CA ALA A 95 12.94 -17.17 -8.60
C ALA A 95 13.40 -17.12 -7.14
N PHE A 96 13.45 -18.28 -6.46
CA PHE A 96 13.90 -18.30 -5.08
C PHE A 96 15.33 -17.76 -4.96
N LYS A 97 16.23 -18.26 -5.80
CA LYS A 97 17.61 -17.78 -5.77
C LYS A 97 17.67 -16.27 -6.02
N ALA A 98 16.81 -15.77 -6.92
CA ALA A 98 16.76 -14.33 -7.17
C ALA A 98 16.36 -13.56 -5.91
N VAL A 99 15.38 -14.07 -5.16
CA VAL A 99 14.97 -13.38 -3.94
C VAL A 99 16.10 -13.42 -2.93
N CYS A 100 16.85 -14.53 -2.86
CA CYS A 100 18.04 -14.55 -2.00
C CYS A 100 18.99 -13.42 -2.36
N VAL A 101 19.34 -13.30 -3.65
CA VAL A 101 20.35 -12.32 -4.06
C VAL A 101 19.84 -10.89 -3.83
N LEU A 102 18.65 -10.59 -4.33
CA LEU A 102 18.10 -9.24 -4.20
C LEU A 102 17.89 -8.85 -2.74
N ASN A 103 17.38 -9.76 -1.92
CA ASN A 103 17.27 -9.49 -0.50
C ASN A 103 18.61 -9.10 0.10
N CYS A 104 19.65 -9.85 -0.23
CA CYS A 104 20.95 -9.64 0.40
C CYS A 104 21.60 -8.34 -0.07
N VAL A 105 21.57 -8.07 -1.37
CA VAL A 105 22.31 -6.91 -1.84
C VAL A 105 21.62 -5.61 -1.42
N THR A 106 20.29 -5.61 -1.29
CA THR A 106 19.62 -4.41 -0.78
C THR A 106 19.72 -4.31 0.74
N PHE A 107 19.99 -5.42 1.41
CA PHE A 107 20.35 -5.36 2.82
C PHE A 107 21.67 -4.61 3.01
N VAL A 108 22.65 -4.88 2.14
CA VAL A 108 23.90 -4.11 2.17
C VAL A 108 23.62 -2.62 2.01
N TRP A 109 22.79 -2.28 1.01
CA TRP A 109 22.38 -0.89 0.80
C TRP A 109 21.80 -0.29 2.08
N ASP A 110 20.93 -1.04 2.77
CA ASP A 110 20.35 -0.60 4.04
C ASP A 110 21.43 -0.29 5.07
N ASP A 111 22.47 -1.11 5.12
CA ASP A 111 23.56 -1.00 6.09
C ASP A 111 24.66 -0.02 5.66
N MET A 112 24.53 0.68 4.53
CA MET A 112 25.56 1.59 4.05
C MET A 112 25.22 3.04 4.41
N ASP A 113 26.25 3.83 4.67
CA ASP A 113 26.06 5.27 4.72
C ASP A 113 25.70 5.77 3.31
N PRO A 114 24.81 6.76 3.18
CA PRO A 114 24.31 7.14 1.85
C PRO A 114 25.37 7.67 0.92
N ALA A 115 26.55 8.05 1.41
CA ALA A 115 27.63 8.45 0.52
C ALA A 115 28.05 7.30 -0.39
N LEU A 116 28.11 6.08 0.15
CA LEU A 116 28.43 4.90 -0.64
C LEU A 116 27.35 4.55 -1.67
N HIS A 117 26.16 5.11 -1.56
CA HIS A 117 25.09 4.82 -2.51
C HIS A 117 25.47 5.46 -3.84
N ASP A 118 25.52 4.63 -4.90
CA ASP A 118 25.77 5.12 -6.26
C ASP A 118 24.84 4.36 -7.20
N PHE A 119 23.75 5.04 -7.57
CA PHE A 119 22.67 4.44 -8.35
C PHE A 119 23.17 4.01 -9.74
N GLY A 120 24.03 4.82 -10.35
CA GLY A 120 24.55 4.47 -11.67
C GLY A 120 25.29 3.16 -11.70
N LEU A 121 25.94 2.79 -10.59
CA LEU A 121 26.67 1.52 -10.50
C LEU A 121 25.78 0.38 -10.01
N PHE A 122 24.95 0.62 -9.00
CA PHE A 122 24.13 -0.44 -8.42
C PHE A 122 22.91 -0.81 -9.26
N LEU A 123 22.21 0.17 -9.84
CA LEU A 123 20.99 -0.17 -10.55
C LEU A 123 21.22 -1.14 -11.70
N PRO A 124 22.23 -0.97 -12.58
CA PRO A 124 22.48 -2.00 -13.61
C PRO A 124 22.70 -3.39 -13.01
N GLN A 125 23.32 -3.48 -11.84
CA GLN A 125 23.51 -4.77 -11.20
C GLN A 125 22.18 -5.39 -10.80
N LEU A 126 21.24 -4.59 -10.25
CA LEU A 126 19.90 -5.10 -9.99
C LEU A 126 19.23 -5.58 -11.26
N ARG A 127 19.35 -4.80 -12.34
CA ARG A 127 18.72 -5.20 -13.59
C ARG A 127 19.30 -6.51 -14.11
N LYS A 128 20.62 -6.69 -13.98
CA LYS A 128 21.26 -7.94 -14.40
C LYS A 128 20.71 -9.13 -13.62
N ILE A 129 20.60 -8.99 -12.30
CA ILE A 129 20.08 -10.07 -11.46
C ILE A 129 18.66 -10.42 -11.86
N CYS A 130 17.80 -9.41 -12.00
CA CYS A 130 16.41 -9.69 -12.34
C CYS A 130 16.29 -10.37 -13.69
N GLU A 131 16.99 -9.85 -14.70
CA GLU A 131 16.93 -10.45 -16.03
C GLU A 131 17.43 -11.90 -16.02
N LYS A 132 18.49 -12.19 -15.26
CA LYS A 132 19.06 -13.53 -15.28
C LYS A 132 18.08 -14.57 -14.74
N TYR A 133 17.40 -14.25 -13.63
CA TYR A 133 16.64 -15.26 -12.89
C TYR A 133 15.16 -15.31 -13.23
N TYR A 134 14.58 -14.23 -13.73
CA TYR A 134 13.16 -14.18 -14.00
C TYR A 134 12.92 -14.20 -15.49
N GLY A 135 11.71 -14.60 -15.88
CA GLY A 135 11.30 -14.41 -17.25
C GLY A 135 11.15 -12.93 -17.57
N PRO A 136 11.04 -12.61 -18.87
CA PRO A 136 11.03 -11.20 -19.29
C PRO A 136 10.03 -10.31 -18.59
N GLU A 137 8.89 -10.82 -18.16
CA GLU A 137 7.91 -9.90 -17.59
C GLU A 137 8.04 -9.79 -16.07
N ASP A 138 8.27 -10.91 -15.39
CA ASP A 138 8.50 -10.84 -13.94
C ASP A 138 9.76 -10.06 -13.61
N ALA A 139 10.75 -10.07 -14.52
CA ALA A 139 11.98 -9.31 -14.31
C ALA A 139 11.70 -7.82 -14.18
N GLU A 140 10.75 -7.31 -14.97
CA GLU A 140 10.40 -5.89 -14.86
C GLU A 140 9.77 -5.57 -13.52
N VAL A 141 8.89 -6.45 -13.04
CA VAL A 141 8.20 -6.21 -11.77
C VAL A 141 9.21 -6.26 -10.63
N ALA A 142 10.09 -7.26 -10.63
CA ALA A 142 11.08 -7.37 -9.56
C ALA A 142 12.06 -6.19 -9.59
N TYR A 143 12.49 -5.77 -10.77
CA TYR A 143 13.45 -4.66 -10.83
C TYR A 143 12.82 -3.36 -10.35
N GLU A 144 11.60 -3.08 -10.82
CA GLU A 144 10.91 -1.86 -10.36
C GLU A 144 10.81 -1.82 -8.83
N ALA A 145 10.41 -2.95 -8.23
CA ALA A 145 10.28 -3.00 -6.77
C ALA A 145 11.63 -2.82 -6.08
N ALA A 146 12.70 -3.46 -6.60
CA ALA A 146 14.04 -3.24 -6.05
C ALA A 146 14.47 -1.79 -6.20
N ARG A 147 14.23 -1.21 -7.38
CA ARG A 147 14.52 0.20 -7.63
C ARG A 147 13.78 1.11 -6.65
N ALA A 148 12.48 0.89 -6.48
CA ALA A 148 11.72 1.71 -5.52
C ALA A 148 12.29 1.59 -4.12
N PHE A 149 12.68 0.37 -3.70
CA PHE A 149 13.18 0.20 -2.34
C PHE A 149 14.47 0.97 -2.12
N VAL A 150 15.52 0.74 -2.93
CA VAL A 150 16.80 1.38 -2.65
C VAL A 150 16.67 2.90 -2.77
N THR A 151 15.84 3.36 -3.70
CA THR A 151 15.61 4.80 -3.82
C THR A 151 14.93 5.35 -2.56
N SER A 152 13.95 4.63 -2.05
CA SER A 152 13.26 5.08 -0.84
C SER A 152 14.22 5.09 0.35
N ASP A 153 14.97 3.99 0.53
CA ASP A 153 15.92 4.01 1.64
C ASP A 153 16.88 5.17 1.53
N HIS A 154 17.32 5.49 0.30
CA HIS A 154 18.30 6.56 0.14
C HIS A 154 17.70 7.91 0.48
N MET A 155 16.61 8.26 -0.22
CA MET A 155 16.10 9.63 -0.12
C MET A 155 15.38 9.87 1.19
N PHE A 156 15.31 8.89 2.09
CA PHE A 156 14.73 9.17 3.40
C PHE A 156 15.76 9.22 4.53
N ARG A 157 17.05 9.02 4.23
CA ARG A 157 18.10 9.00 5.26
C ARG A 157 18.21 10.35 5.94
N ASP A 158 17.91 10.40 7.23
CA ASP A 158 17.38 11.64 7.80
C ASP A 158 16.30 12.20 6.87
N SER A 159 15.05 12.12 7.31
CA SER A 159 14.16 12.89 6.44
C SER A 159 13.09 13.59 7.26
N PRO A 160 12.67 14.82 6.93
CA PRO A 160 11.46 15.35 7.55
C PRO A 160 10.26 14.45 7.38
N ILE A 161 10.08 13.84 6.20
CA ILE A 161 8.95 12.92 6.02
C ILE A 161 9.09 11.73 6.97
N LYS A 162 10.25 11.08 6.94
CA LYS A 162 10.48 9.95 7.85
C LYS A 162 10.23 10.35 9.29
N ALA A 163 10.75 11.51 9.69
CA ALA A 163 10.54 12.01 11.05
C ALA A 163 9.05 12.11 11.37
N ALA A 164 8.28 12.80 10.51
CA ALA A 164 6.86 12.94 10.80
C ALA A 164 6.20 11.57 10.96
N LEU A 165 6.45 10.66 10.02
CA LEU A 165 5.73 9.39 10.02
C LEU A 165 6.15 8.50 11.20
N CYS A 166 7.39 8.64 11.66
CA CYS A 166 7.92 7.82 12.75
C CYS A 166 7.50 8.30 14.13
N THR A 167 7.23 9.60 14.28
CA THR A 167 6.97 10.20 15.59
C THR A 167 5.50 10.29 15.94
N THR A 168 4.60 10.17 14.98
CA THR A 168 3.18 10.31 15.27
C THR A 168 2.58 9.01 15.84
N SER A 169 1.62 8.42 15.14
CA SER A 169 0.89 7.26 15.64
C SER A 169 1.58 6.00 15.13
N PRO A 170 1.22 4.84 15.69
CA PRO A 170 1.65 3.60 15.03
C PRO A 170 1.18 3.52 13.59
N GLU A 171 0.02 4.13 13.27
CA GLU A 171 -0.51 4.10 11.90
C GLU A 171 0.38 4.84 10.92
N GLN A 172 0.86 6.03 11.28
CA GLN A 172 1.76 6.74 10.35
C GLN A 172 3.05 5.95 10.15
N TYR A 173 3.58 5.39 11.25
CA TYR A 173 4.85 4.67 11.18
C TYR A 173 4.72 3.41 10.32
N PHE A 174 3.72 2.59 10.57
CA PHE A 174 3.58 1.35 9.80
C PHE A 174 3.30 1.63 8.33
N ARG A 175 2.62 2.75 8.06
CA ARG A 175 2.41 3.19 6.68
C ARG A 175 3.74 3.44 5.96
N PHE A 176 4.70 4.06 6.65
CA PHE A 176 6.04 4.23 6.09
C PHE A 176 6.73 2.90 5.87
N ARG A 177 6.51 1.94 6.77
CA ARG A 177 7.26 0.69 6.74
C ARG A 177 6.76 -0.29 5.68
N VAL A 178 5.56 -0.10 5.12
CA VAL A 178 5.13 -0.96 4.00
C VAL A 178 6.21 -1.02 2.93
N THR A 179 6.80 0.13 2.61
CA THR A 179 7.92 0.18 1.68
C THR A 179 9.25 0.03 2.40
N ASP A 180 9.44 0.79 3.49
CA ASP A 180 10.78 0.90 4.06
C ASP A 180 11.29 -0.41 4.67
N ILE A 181 10.43 -1.27 5.21
CA ILE A 181 10.95 -2.57 5.66
C ILE A 181 11.14 -3.54 4.49
N GLY A 182 10.86 -3.11 3.26
CA GLY A 182 11.16 -3.96 2.12
C GLY A 182 10.14 -5.02 1.81
N VAL A 183 9.02 -5.08 2.53
CA VAL A 183 8.06 -6.16 2.32
C VAL A 183 7.29 -6.02 1.00
N ASP A 184 6.95 -4.80 0.55
CA ASP A 184 6.32 -4.70 -0.76
C ASP A 184 7.26 -5.22 -1.85
N PHE A 185 8.53 -4.81 -1.77
CA PHE A 185 9.57 -5.35 -2.64
C PHE A 185 9.59 -6.88 -2.58
N TRP A 186 9.58 -7.43 -1.37
CA TRP A 186 9.66 -8.88 -1.18
C TRP A 186 8.51 -9.61 -1.88
N MET A 187 7.27 -9.13 -1.69
CA MET A 187 6.13 -9.76 -2.32
C MET A 187 6.27 -9.76 -3.83
N LYS A 188 6.68 -8.62 -4.40
CA LYS A 188 6.73 -8.45 -5.84
C LYS A 188 7.89 -9.20 -6.48
N MET A 189 8.91 -9.57 -5.72
CA MET A 189 9.93 -10.45 -6.28
C MET A 189 9.70 -11.93 -5.95
N SER A 190 8.80 -12.22 -5.01
CA SER A 190 8.56 -13.57 -4.55
C SER A 190 7.40 -14.27 -5.26
N TYR A 191 6.44 -13.55 -5.83
CA TYR A 191 5.31 -14.26 -6.44
C TYR A 191 5.75 -15.21 -7.55
N PRO A 192 6.82 -14.97 -8.33
CA PRO A 192 7.22 -15.99 -9.31
C PRO A 192 7.69 -17.29 -8.66
N ILE A 193 8.03 -17.29 -7.37
CA ILE A 193 8.40 -18.52 -6.71
C ILE A 193 7.23 -19.50 -6.70
N TYR A 194 6.01 -18.97 -6.56
CA TYR A 194 4.82 -19.78 -6.29
C TYR A 194 3.92 -19.97 -7.51
N ARG A 195 3.91 -19.01 -8.44
CA ARG A 195 3.04 -19.08 -9.62
C ARG A 195 1.60 -19.41 -9.22
N HIS A 196 1.14 -18.80 -8.13
CA HIS A 196 -0.22 -18.97 -7.65
C HIS A 196 -1.01 -17.70 -8.00
N PRO A 197 -2.05 -17.82 -8.83
CA PRO A 197 -2.68 -16.62 -9.39
C PRO A 197 -3.15 -15.59 -8.37
N GLU A 198 -3.80 -16.04 -7.29
CA GLU A 198 -4.30 -15.08 -6.32
C GLU A 198 -3.15 -14.38 -5.60
N PHE A 199 -2.13 -15.15 -5.19
CA PHE A 199 -0.98 -14.54 -4.53
C PHE A 199 -0.35 -13.46 -5.40
N THR A 200 -0.23 -13.72 -6.69
CA THR A 200 0.37 -12.77 -7.61
C THR A 200 -0.41 -11.45 -7.64
N GLU A 201 -1.75 -11.51 -7.66
CA GLU A 201 -2.52 -10.27 -7.61
C GLU A 201 -2.32 -9.54 -6.29
N HIS A 202 -2.34 -10.26 -5.16
CA HIS A 202 -2.20 -9.59 -3.87
C HIS A 202 -0.83 -8.96 -3.76
N ALA A 203 0.18 -9.60 -4.34
CA ALA A 203 1.52 -9.01 -4.40
C ALA A 203 1.51 -7.72 -5.20
N LYS A 204 0.86 -7.74 -6.36
CA LYS A 204 0.95 -6.59 -7.24
C LYS A 204 0.06 -5.42 -6.81
N THR A 205 -1.03 -5.69 -6.07
CA THR A 205 -1.81 -4.60 -5.45
C THR A 205 -1.18 -4.06 -4.18
N SER A 206 -0.17 -4.76 -3.64
CA SER A 206 0.48 -4.49 -2.37
C SER A 206 -0.39 -4.84 -1.16
N LEU A 207 -1.61 -5.37 -1.39
CA LEU A 207 -2.37 -5.89 -0.26
C LEU A 207 -1.57 -6.94 0.52
N ALA A 208 -0.83 -7.81 -0.18
CA ALA A 208 0.04 -8.79 0.50
C ALA A 208 0.98 -8.10 1.47
N ALA A 209 1.65 -7.04 1.01
CA ALA A 209 2.56 -6.31 1.88
C ALA A 209 1.80 -5.60 3.01
N ARG A 210 0.66 -4.99 2.70
CA ARG A 210 -0.06 -4.26 3.73
C ARG A 210 -0.51 -5.19 4.84
N MET A 211 -0.77 -6.45 4.52
CA MET A 211 -1.24 -7.42 5.51
C MET A 211 -0.11 -7.92 6.43
N THR A 212 1.14 -7.91 5.96
CA THR A 212 2.25 -8.53 6.70
C THR A 212 3.20 -7.53 7.31
N THR A 213 3.01 -6.22 7.03
CA THR A 213 3.94 -5.20 7.49
C THR A 213 4.06 -5.17 9.02
N ARG A 214 2.95 -5.17 9.73
CA ARG A 214 3.05 -5.01 11.18
C ARG A 214 3.75 -6.21 11.82
N GLY A 215 3.43 -7.41 11.36
CA GLY A 215 4.04 -8.60 11.95
C GLY A 215 5.54 -8.63 11.77
N LEU A 216 6.02 -8.26 10.58
CA LEU A 216 7.45 -8.19 10.34
C LEU A 216 8.08 -7.05 11.14
N THR A 217 7.42 -5.89 11.13
CA THR A 217 8.06 -4.69 11.65
C THR A 217 8.14 -4.71 13.17
N ILE A 218 7.07 -5.15 13.84
CA ILE A 218 7.10 -5.15 15.30
C ILE A 218 8.22 -6.06 15.80
N VAL A 219 8.38 -7.21 15.17
CA VAL A 219 9.45 -8.14 15.56
C VAL A 219 10.81 -7.55 15.25
N ASN A 220 10.99 -7.03 14.03
CA ASN A 220 12.28 -6.44 13.68
C ASN A 220 12.62 -5.30 14.62
N ASP A 221 11.64 -4.43 14.90
CA ASP A 221 11.87 -3.27 15.76
C ASP A 221 12.27 -3.68 17.17
N PHE A 222 11.62 -4.70 17.72
CA PHE A 222 12.00 -5.07 19.08
C PHE A 222 13.46 -5.47 19.16
N TYR A 223 13.90 -6.34 18.26
CA TYR A 223 15.24 -6.89 18.38
C TYR A 223 16.32 -6.03 17.74
N SER A 224 15.97 -5.02 16.94
CA SER A 224 16.97 -4.12 16.40
C SER A 224 16.98 -2.77 17.12
N TYR A 225 16.15 -2.62 18.18
CA TYR A 225 16.04 -1.35 18.88
C TYR A 225 17.37 -0.86 19.39
N ASP A 226 18.07 -1.68 20.18
CA ASP A 226 19.29 -1.21 20.82
C ASP A 226 20.32 -0.77 19.80
N ARG A 227 20.43 -1.48 18.67
CA ARG A 227 21.36 -1.07 17.62
C ARG A 227 20.91 0.25 17.00
N GLU A 228 19.63 0.34 16.65
CA GLU A 228 19.17 1.51 15.90
C GLU A 228 19.29 2.79 16.72
N VAL A 229 18.87 2.77 17.99
CA VAL A 229 18.95 4.02 18.74
C VAL A 229 20.39 4.36 19.07
N SER A 230 21.25 3.36 19.25
CA SER A 230 22.68 3.62 19.38
C SER A 230 23.22 4.50 18.26
N LEU A 231 22.74 4.28 17.03
CA LEU A 231 23.28 4.90 15.84
C LEU A 231 22.63 6.23 15.50
N GLY A 232 21.33 6.35 15.71
CA GLY A 232 20.60 7.55 15.38
C GLY A 232 19.40 7.28 14.50
N GLN A 233 19.07 6.01 14.28
CA GLN A 233 18.01 5.62 13.37
C GLN A 233 16.66 5.68 14.11
N ILE A 234 15.74 6.50 13.61
CA ILE A 234 14.48 6.72 14.29
C ILE A 234 13.39 5.79 13.81
N THR A 235 13.69 4.92 12.86
CA THR A 235 12.65 4.08 12.24
C THR A 235 12.47 2.82 13.10
N ASN A 236 11.69 2.99 14.18
CA ASN A 236 11.49 1.92 15.16
C ASN A 236 10.29 2.28 16.02
N CYS A 237 9.24 1.46 15.98
CA CYS A 237 8.02 1.82 16.69
C CYS A 237 8.18 1.87 18.20
N PHE A 238 9.19 1.20 18.78
CA PHE A 238 9.29 1.29 20.24
C PHE A 238 9.83 2.63 20.70
N ARG A 239 10.33 3.46 19.79
CA ARG A 239 10.59 4.85 20.14
C ARG A 239 9.29 5.63 20.40
N LEU A 240 8.13 5.03 20.14
CA LEU A 240 6.84 5.66 20.38
C LEU A 240 6.36 5.48 21.82
N CYS A 241 7.05 4.66 22.62
CA CYS A 241 6.66 4.51 24.00
C CYS A 241 7.88 4.79 24.86
N ASP A 242 7.65 5.03 26.15
CA ASP A 242 8.76 5.20 27.08
C ASP A 242 9.22 3.81 27.56
N VAL A 243 10.32 3.31 26.99
CA VAL A 243 10.80 2.00 27.41
C VAL A 243 11.44 2.04 28.80
N SER A 244 11.56 3.23 29.41
CA SER A 244 11.93 3.42 30.81
C SER A 244 10.94 2.82 31.77
N ASP A 245 9.70 2.72 31.34
CA ASP A 245 8.54 2.67 32.21
C ASP A 245 7.89 1.33 31.93
N GLU A 246 7.95 0.46 32.92
CA GLU A 246 7.50 -0.91 32.77
C GLU A 246 6.05 -0.99 32.36
N THR A 247 5.17 -0.28 33.08
CA THR A 247 3.76 -0.20 32.71
C THR A 247 3.59 0.27 31.28
N ALA A 248 4.22 1.40 30.93
CA ALA A 248 4.05 1.95 29.59
C ALA A 248 4.58 0.99 28.54
N PHE A 249 5.74 0.37 28.79
CA PHE A 249 6.24 -0.59 27.81
C PHE A 249 5.27 -1.75 27.63
N LYS A 250 4.75 -2.27 28.75
CA LYS A 250 3.89 -3.45 28.69
C LYS A 250 2.60 -3.16 27.95
N GLU A 251 2.02 -1.98 28.17
CA GLU A 251 0.78 -1.65 27.48
C GLU A 251 1.05 -1.44 26.00
N PHE A 252 2.18 -0.82 25.65
CA PHE A 252 2.49 -0.62 24.24
C PHE A 252 2.77 -1.96 23.56
N PHE A 253 3.53 -2.84 24.25
CA PHE A 253 3.85 -4.12 23.65
C PHE A 253 2.62 -4.96 23.44
N GLN A 254 1.67 -4.94 24.39
CA GLN A 254 0.43 -5.70 24.20
C GLN A 254 -0.41 -5.12 23.06
N ALA A 255 -0.43 -3.79 22.90
CA ALA A 255 -1.14 -3.22 21.75
C ALA A 255 -0.52 -3.71 20.45
N ARG A 256 0.81 -3.84 20.42
CA ARG A 256 1.46 -4.33 19.20
C ARG A 256 1.18 -5.82 18.99
N LEU A 257 1.17 -6.61 20.07
CA LEU A 257 0.74 -8.01 19.93
C LEU A 257 -0.68 -8.07 19.38
N ASP A 258 -1.57 -7.23 19.90
CA ASP A 258 -2.95 -7.22 19.43
C ASP A 258 -3.00 -6.91 17.93
N ASP A 259 -2.17 -5.96 17.48
CA ASP A 259 -2.04 -5.66 16.05
C ASP A 259 -1.67 -6.91 15.26
N MET A 260 -0.63 -7.61 15.72
CA MET A 260 -0.18 -8.80 15.02
C MET A 260 -1.28 -9.84 14.93
N ILE A 261 -1.99 -10.05 16.04
CA ILE A 261 -3.04 -11.06 16.08
C ILE A 261 -4.15 -10.70 15.11
N GLU A 262 -4.58 -9.44 15.13
CA GLU A 262 -5.63 -9.00 14.23
C GLU A 262 -5.25 -9.25 12.77
N ASP A 263 -4.03 -8.89 12.38
CA ASP A 263 -3.59 -9.15 11.01
C ASP A 263 -3.59 -10.65 10.70
N ILE A 264 -3.06 -11.47 11.62
CA ILE A 264 -2.98 -12.92 11.36
C ILE A 264 -4.37 -13.52 11.22
N GLU A 265 -5.30 -13.13 12.09
CA GLU A 265 -6.65 -13.64 11.99
C GLU A 265 -7.30 -13.27 10.67
N CYS A 266 -7.08 -12.03 10.18
CA CYS A 266 -7.60 -11.65 8.87
C CYS A 266 -6.88 -12.37 7.72
N ILE A 267 -5.58 -12.62 7.88
CA ILE A 267 -4.85 -13.35 6.84
C ILE A 267 -5.46 -14.73 6.59
N LYS A 268 -6.10 -15.32 7.60
CA LYS A 268 -6.73 -16.63 7.43
C LYS A 268 -7.93 -16.59 6.49
N ALA A 269 -8.52 -15.42 6.26
CA ALA A 269 -9.55 -15.27 5.24
C ALA A 269 -9.01 -15.47 3.83
N PHE A 270 -7.71 -15.34 3.63
CA PHE A 270 -7.19 -15.55 2.29
C PHE A 270 -7.22 -17.06 1.98
N ASP A 271 -7.06 -17.39 0.71
CA ASP A 271 -7.05 -18.79 0.31
C ASP A 271 -5.86 -19.50 0.97
N GLN A 272 -5.92 -20.84 1.00
CA GLN A 272 -4.97 -21.60 1.81
C GLN A 272 -3.51 -21.48 1.34
N LEU A 273 -3.27 -21.27 0.05
CA LEU A 273 -1.88 -21.12 -0.38
C LEU A 273 -1.34 -19.76 0.06
N THR A 274 -2.04 -18.70 -0.31
CA THR A 274 -1.58 -17.36 0.03
C THR A 274 -1.43 -17.18 1.53
N GLN A 275 -2.35 -17.75 2.30
CA GLN A 275 -2.28 -17.56 3.75
C GLN A 275 -1.07 -18.28 4.32
N ASP A 276 -0.66 -19.41 3.73
CA ASP A 276 0.58 -20.06 4.13
C ASP A 276 1.78 -19.15 3.89
N VAL A 277 1.86 -18.55 2.69
CA VAL A 277 2.99 -17.67 2.38
C VAL A 277 3.04 -16.49 3.34
N PHE A 278 1.89 -15.85 3.60
CA PHE A 278 1.88 -14.71 4.52
C PHE A 278 2.35 -15.11 5.91
N LEU A 279 1.80 -16.20 6.44
CA LEU A 279 2.09 -16.59 7.82
C LEU A 279 3.50 -17.14 7.98
N ASP A 280 3.97 -17.95 7.03
CA ASP A 280 5.37 -18.36 7.02
C ASP A 280 6.31 -17.17 7.00
N LEU A 281 5.92 -16.11 6.27
CA LEU A 281 6.74 -14.91 6.21
C LEU A 281 6.88 -14.26 7.59
N ILE A 282 5.75 -14.05 8.28
CA ILE A 282 5.80 -13.37 9.58
C ILE A 282 6.50 -14.26 10.61
N TYR A 283 6.10 -15.51 10.69
CA TYR A 283 6.64 -16.41 11.70
C TYR A 283 8.10 -16.76 11.40
N GLY A 284 8.42 -17.03 10.13
CA GLY A 284 9.80 -17.26 9.75
C GLY A 284 10.71 -16.08 10.06
N ASN A 285 10.23 -14.86 9.83
CA ASN A 285 11.04 -13.69 10.17
C ASN A 285 11.35 -13.68 11.67
N PHE A 286 10.38 -14.07 12.50
CA PHE A 286 10.63 -14.13 13.94
C PHE A 286 11.68 -15.20 14.26
N VAL A 287 11.56 -16.38 13.66
CA VAL A 287 12.53 -17.44 13.94
C VAL A 287 13.92 -17.00 13.53
N TRP A 288 14.05 -16.44 12.32
CA TRP A 288 15.33 -15.97 11.84
C TRP A 288 15.90 -14.85 12.72
N THR A 289 15.05 -13.85 13.07
CA THR A 289 15.49 -12.72 13.87
C THR A 289 16.04 -13.18 15.23
N THR A 290 15.40 -14.17 15.86
CA THR A 290 15.84 -14.64 17.16
C THR A 290 17.03 -15.59 17.10
N SER A 291 17.41 -16.05 15.91
CA SER A 291 18.57 -16.91 15.76
C SER A 291 19.77 -16.15 15.20
N ASN A 292 19.56 -14.93 14.72
CA ASN A 292 20.53 -14.21 13.89
C ASN A 292 21.39 -13.29 14.74
N LYS A 293 22.72 -13.42 14.61
CA LYS A 293 23.64 -12.58 15.36
C LYS A 293 23.44 -11.10 15.06
N ARG A 294 22.97 -10.79 13.86
CA ARG A 294 22.63 -9.41 13.51
C ARG A 294 21.82 -8.74 14.62
N TYR A 295 20.91 -9.48 15.25
CA TYR A 295 20.03 -8.91 16.26
C TYR A 295 20.46 -9.26 17.68
N LYS A 296 21.67 -9.81 17.85
CA LYS A 296 22.16 -10.27 19.16
C LYS A 296 22.95 -9.20 19.90
N THR A 297 23.78 -8.40 19.23
CA THR A 297 24.42 -7.28 19.91
C THR A 297 24.22 -5.98 19.13
N ALA A 298 24.09 -4.88 19.88
CA ALA A 298 23.94 -3.56 19.27
C ALA A 298 24.93 -3.36 18.13
N VAL A 299 26.22 -3.56 18.38
CA VAL A 299 27.22 -3.39 17.34
C VAL A 299 28.10 -4.64 17.32
N ASN A 300 28.13 -5.35 16.19
CA ASN A 300 28.98 -6.51 16.04
C ASN A 300 29.41 -6.62 14.58
N ASP A 301 30.11 -7.72 14.28
CA ASP A 301 30.71 -7.90 12.96
C ASP A 301 29.78 -8.50 11.92
N VAL A 302 28.46 -8.38 12.08
CA VAL A 302 27.51 -8.61 10.99
C VAL A 302 26.40 -7.58 10.96
N ASN A 303 26.41 -6.58 11.85
CA ASN A 303 25.47 -5.47 11.74
C ASN A 303 26.16 -4.11 11.84
N SER A 304 27.48 -4.07 11.87
CA SER A 304 28.19 -2.80 11.97
C SER A 304 27.91 -1.97 10.73
N ARG A 305 27.62 -0.70 10.95
CA ARG A 305 27.45 0.24 9.85
C ARG A 305 28.62 0.14 8.88
N ILE A 306 28.34 0.32 7.60
CA ILE A 306 29.33 0.23 6.54
C ILE A 306 29.59 1.65 6.04
N GLN A 307 30.76 2.20 6.34
CA GLN A 307 30.97 3.64 6.07
C GLN A 307 31.98 3.88 4.96
N GLY B 9 -34.02 -6.23 1.09
CA GLY B 9 -33.48 -5.82 2.39
C GLY B 9 -34.46 -5.98 3.53
N ALA B 10 -35.53 -5.19 3.48
CA ALA B 10 -36.75 -5.46 4.24
C ALA B 10 -36.63 -5.21 5.74
N GLN B 11 -35.48 -4.74 6.26
CA GLN B 11 -35.32 -4.42 7.68
C GLN B 11 -33.94 -3.82 7.94
N ASP B 12 -33.64 -3.53 9.21
CA ASP B 12 -32.47 -2.74 9.67
C ASP B 12 -32.59 -1.27 9.23
N ILE B 13 -33.84 -0.78 9.21
CA ILE B 13 -34.11 0.49 8.51
C ILE B 13 -33.44 1.68 9.22
N GLY B 14 -33.42 1.68 10.56
CA GLY B 14 -32.77 2.79 11.26
C GLY B 14 -31.27 2.83 11.05
N ARG B 15 -30.68 1.74 10.62
CA ARG B 15 -29.26 1.72 10.35
C ARG B 15 -28.98 1.87 8.85
N SER B 16 -30.01 2.04 8.04
CA SER B 16 -29.89 2.05 6.59
C SER B 16 -29.52 3.41 6.01
N SER B 17 -29.39 4.47 6.83
CA SER B 17 -29.24 5.79 6.24
C SER B 17 -28.48 6.73 7.17
N VAL B 18 -27.56 7.50 6.59
CA VAL B 18 -26.93 8.57 7.35
C VAL B 18 -27.64 9.90 7.11
N ARG B 19 -28.82 9.89 6.50
CA ARG B 19 -29.61 11.11 6.31
C ARG B 19 -29.71 11.98 7.56
N PRO B 20 -29.96 11.45 8.76
CA PRO B 20 -30.08 12.32 9.95
C PRO B 20 -28.82 13.08 10.29
N TYR B 21 -27.70 12.82 9.63
CA TYR B 21 -26.43 13.42 9.98
C TYR B 21 -25.88 14.28 8.86
N LEU B 22 -26.59 14.38 7.74
CA LEU B 22 -26.03 14.94 6.52
C LEU B 22 -25.52 16.37 6.75
N GLU B 23 -26.37 17.24 7.28
CA GLU B 23 -25.98 18.64 7.37
C GLU B 23 -24.83 18.84 8.35
N GLU B 24 -24.90 18.22 9.52
CA GLU B 24 -23.89 18.46 10.54
C GLU B 24 -22.55 17.85 10.15
N CYS B 25 -22.55 16.64 9.55
CA CYS B 25 -21.29 16.06 9.10
C CYS B 25 -20.68 16.86 7.96
N THR B 26 -21.51 17.33 7.01
CA THR B 26 -20.99 18.13 5.92
C THR B 26 -20.28 19.37 6.46
N ARG B 27 -20.95 20.05 7.40
CA ARG B 27 -20.38 21.24 8.02
C ARG B 27 -19.09 20.92 8.76
N ARG B 28 -19.07 19.78 9.47
CA ARG B 28 -17.86 19.44 10.23
C ARG B 28 -16.70 19.06 9.31
N PHE B 29 -16.97 18.31 8.24
CA PHE B 29 -15.95 18.09 7.21
C PHE B 29 -15.37 19.42 6.75
N GLN B 30 -16.25 20.35 6.33
CA GLN B 30 -15.76 21.62 5.79
C GLN B 30 -14.96 22.40 6.83
N GLU B 31 -15.42 22.40 8.09
CA GLU B 31 -14.69 23.09 9.15
C GLU B 31 -13.29 22.51 9.28
N MET B 32 -13.21 21.19 9.18
CA MET B 32 -11.92 20.52 9.29
C MET B 32 -11.00 20.96 8.16
N PHE B 33 -11.49 20.94 6.92
CA PHE B 33 -10.66 21.38 5.80
C PHE B 33 -10.23 22.83 5.96
N ASP B 34 -11.15 23.69 6.43
CA ASP B 34 -10.83 25.11 6.57
C ASP B 34 -9.73 25.33 7.60
N ARG B 35 -9.71 24.52 8.65
CA ARG B 35 -8.71 24.65 9.69
C ARG B 35 -7.37 24.02 9.30
N HIS B 36 -7.38 22.89 8.57
CA HIS B 36 -6.17 22.09 8.39
C HIS B 36 -5.62 22.09 6.97
N VAL B 37 -6.37 22.59 6.00
CA VAL B 37 -5.89 22.69 4.62
C VAL B 37 -5.88 24.14 4.16
N VAL B 38 -6.97 24.87 4.41
CA VAL B 38 -7.10 26.30 4.20
C VAL B 38 -7.30 26.54 2.71
N THR B 39 -6.27 26.24 1.90
CA THR B 39 -6.35 26.51 0.47
C THR B 39 -7.40 25.58 -0.16
N ARG B 40 -8.16 26.15 -1.10
CA ARG B 40 -9.31 25.45 -1.67
C ARG B 40 -8.88 24.66 -2.90
N PRO B 41 -9.64 23.63 -3.26
CA PRO B 41 -9.47 23.02 -4.58
C PRO B 41 -9.74 24.05 -5.67
N THR B 42 -9.20 23.76 -6.86
CA THR B 42 -9.42 24.56 -8.06
C THR B 42 -9.86 23.63 -9.18
N LYS B 43 -10.93 23.99 -9.89
CA LYS B 43 -11.40 23.14 -10.95
C LYS B 43 -10.54 23.31 -12.18
N VAL B 44 -10.02 22.21 -12.73
CA VAL B 44 -9.38 22.21 -14.03
C VAL B 44 -10.43 22.50 -15.10
N GLU B 45 -10.09 23.33 -16.07
CA GLU B 45 -11.03 23.65 -17.14
C GLU B 45 -10.63 22.88 -18.39
N LEU B 46 -11.58 22.10 -18.92
CA LEU B 46 -11.44 21.48 -20.22
C LEU B 46 -12.20 22.31 -21.26
N THR B 47 -11.60 22.47 -22.44
CA THR B 47 -12.35 22.98 -23.57
C THR B 47 -13.44 21.98 -23.95
N ASP B 48 -14.50 22.48 -24.58
CA ASP B 48 -15.55 21.58 -25.07
C ASP B 48 -14.99 20.57 -26.05
N ALA B 49 -14.17 21.02 -27.01
CA ALA B 49 -13.38 20.10 -27.82
C ALA B 49 -12.79 18.99 -26.96
N GLU B 50 -11.97 19.36 -25.97
CA GLU B 50 -11.20 18.36 -25.23
C GLU B 50 -12.11 17.49 -24.35
N LEU B 51 -13.20 18.07 -23.84
CA LEU B 51 -14.15 17.26 -23.07
C LEU B 51 -14.89 16.27 -23.97
N ARG B 52 -15.27 16.71 -25.16
CA ARG B 52 -15.84 15.79 -26.14
C ARG B 52 -14.85 14.69 -26.50
N GLU B 53 -13.56 15.02 -26.65
CA GLU B 53 -12.56 13.99 -26.93
C GLU B 53 -12.50 12.96 -25.80
N VAL B 54 -12.62 13.43 -24.55
CA VAL B 54 -12.56 12.51 -23.42
C VAL B 54 -13.74 11.55 -23.46
N ILE B 55 -14.94 12.08 -23.70
CA ILE B 55 -16.14 11.24 -23.68
C ILE B 55 -16.13 10.25 -24.85
N ASP B 56 -15.65 10.65 -26.03
CA ASP B 56 -15.55 9.71 -27.15
C ASP B 56 -14.60 8.55 -26.82
N ASP B 57 -13.46 8.83 -26.19
CA ASP B 57 -12.56 7.77 -25.73
C ASP B 57 -13.23 6.86 -24.72
N CYS B 58 -13.95 7.44 -23.74
CA CYS B 58 -14.68 6.62 -22.76
C CYS B 58 -15.68 5.69 -23.44
N ASN B 59 -16.41 6.20 -24.42
CA ASN B 59 -17.42 5.38 -25.08
C ASN B 59 -16.80 4.24 -25.85
N ALA B 60 -15.71 4.52 -26.57
CA ALA B 60 -15.05 3.45 -27.33
C ALA B 60 -14.51 2.38 -26.39
N ALA B 61 -14.13 2.77 -25.19
CA ALA B 61 -13.49 1.83 -24.28
C ALA B 61 -14.50 0.88 -23.66
N VAL B 62 -15.72 1.35 -23.37
CA VAL B 62 -16.71 0.50 -22.71
C VAL B 62 -17.69 -0.10 -23.69
N ALA B 63 -17.67 0.30 -24.96
CA ALA B 63 -18.46 -0.34 -26.00
C ALA B 63 -18.37 -1.86 -26.01
N PRO B 64 -17.19 -2.49 -25.91
CA PRO B 64 -17.16 -3.96 -25.97
C PRO B 64 -17.94 -4.65 -24.85
N LEU B 65 -18.22 -3.98 -23.72
CA LEU B 65 -19.01 -4.61 -22.66
C LEU B 65 -20.51 -4.41 -22.83
N GLY B 66 -20.94 -3.74 -23.89
CA GLY B 66 -22.31 -3.82 -24.38
C GLY B 66 -23.28 -2.77 -23.87
N LYS B 67 -22.84 -1.75 -23.16
CA LYS B 67 -23.76 -0.83 -22.52
C LYS B 67 -23.48 0.60 -22.95
N THR B 68 -24.55 1.39 -23.05
CA THR B 68 -24.46 2.81 -23.33
C THR B 68 -24.30 3.57 -22.02
N VAL B 69 -23.48 4.61 -22.05
CA VAL B 69 -23.30 5.51 -20.92
C VAL B 69 -23.60 6.92 -21.41
N SER B 70 -24.53 7.61 -20.74
CA SER B 70 -24.93 8.95 -21.14
C SER B 70 -23.83 9.96 -20.83
N ASP B 71 -23.83 11.08 -21.55
CA ASP B 71 -22.90 12.15 -21.23
C ASP B 71 -23.11 12.65 -19.80
N GLU B 72 -24.36 12.67 -19.33
CA GLU B 72 -24.62 13.05 -17.94
C GLU B 72 -23.87 12.13 -16.98
N ARG B 73 -23.91 10.81 -17.22
CA ARG B 73 -23.20 9.87 -16.37
C ARG B 73 -21.69 10.04 -16.47
N TRP B 74 -21.16 10.22 -17.70
CA TRP B 74 -19.74 10.48 -17.83
C TRP B 74 -19.33 11.73 -17.04
N ILE B 75 -20.17 12.77 -17.09
CA ILE B 75 -19.87 13.99 -16.35
C ILE B 75 -19.88 13.72 -14.85
N SER B 76 -20.85 12.91 -14.38
CA SER B 76 -20.84 12.42 -13.00
C SER B 76 -19.46 11.89 -12.62
N TYR B 77 -18.90 11.02 -13.46
CA TYR B 77 -17.64 10.35 -13.16
C TYR B 77 -16.45 11.31 -13.25
N VAL B 78 -16.42 12.15 -14.29
CA VAL B 78 -15.19 12.87 -14.60
C VAL B 78 -14.90 14.00 -13.62
N GLY B 79 -15.94 14.52 -12.94
CA GLY B 79 -15.75 15.66 -12.08
C GLY B 79 -14.70 15.47 -11.00
N VAL B 80 -14.52 14.23 -10.52
CA VAL B 80 -13.53 14.01 -9.48
C VAL B 80 -12.14 14.36 -10.00
N VAL B 81 -11.86 14.06 -11.27
CA VAL B 81 -10.56 14.44 -11.84
C VAL B 81 -10.47 15.95 -11.99
N LEU B 82 -11.56 16.58 -12.46
CA LEU B 82 -11.53 18.03 -12.69
C LEU B 82 -11.34 18.79 -11.39
N TRP B 83 -11.88 18.28 -10.28
CA TRP B 83 -11.80 18.97 -9.00
C TRP B 83 -10.62 18.56 -8.13
N SER B 84 -10.06 17.37 -8.32
CA SER B 84 -9.16 16.83 -7.31
C SER B 84 -7.73 16.63 -7.80
N GLN B 85 -7.36 17.18 -8.96
CA GLN B 85 -5.96 17.30 -9.33
C GLN B 85 -5.46 18.64 -8.78
N SER B 86 -4.27 19.07 -9.17
CA SER B 86 -3.71 20.33 -8.65
C SER B 86 -3.35 21.26 -9.80
N PRO B 87 -4.26 22.16 -10.18
CA PRO B 87 -4.01 22.99 -11.37
C PRO B 87 -2.76 23.84 -11.26
N ARG B 88 -2.40 24.30 -10.05
CA ARG B 88 -1.19 25.10 -9.88
C ARG B 88 0.05 24.41 -10.47
N HIS B 89 0.05 23.08 -10.51
CA HIS B 89 1.24 22.31 -10.83
C HIS B 89 1.13 21.52 -12.12
N ILE B 90 0.02 21.65 -12.85
CA ILE B 90 -0.17 20.80 -14.02
C ILE B 90 0.80 21.24 -15.11
N LYS B 91 1.67 20.32 -15.53
CA LYS B 91 2.47 20.54 -16.73
C LYS B 91 1.87 19.87 -17.96
N ASP B 92 1.44 18.61 -17.82
CA ASP B 92 1.14 17.76 -18.96
C ASP B 92 -0.36 17.51 -19.06
N MET B 93 -1.05 18.32 -19.89
CA MET B 93 -2.50 18.15 -20.05
C MET B 93 -2.88 16.88 -20.79
N GLU B 94 -1.96 16.27 -21.53
CA GLU B 94 -2.29 15.00 -22.16
C GLU B 94 -2.37 13.87 -21.13
N ALA B 95 -1.48 13.87 -20.15
CA ALA B 95 -1.60 12.92 -19.04
C ALA B 95 -2.88 13.20 -18.25
N PHE B 96 -3.23 14.48 -18.10
CA PHE B 96 -4.46 14.81 -17.38
C PHE B 96 -5.67 14.21 -18.08
N LYS B 97 -5.71 14.31 -19.42
CA LYS B 97 -6.79 13.71 -20.19
C LYS B 97 -6.81 12.19 -20.06
N ALA B 98 -5.64 11.55 -20.06
CA ALA B 98 -5.58 10.12 -19.79
C ALA B 98 -6.28 9.78 -18.49
N VAL B 99 -5.99 10.54 -17.43
CA VAL B 99 -6.58 10.24 -16.13
C VAL B 99 -8.09 10.45 -16.16
N CYS B 100 -8.55 11.47 -16.89
CA CYS B 100 -10.00 11.64 -17.08
C CYS B 100 -10.61 10.38 -17.68
N VAL B 101 -10.03 9.88 -18.76
CA VAL B 101 -10.59 8.70 -19.41
C VAL B 101 -10.48 7.48 -18.49
N LEU B 102 -9.28 7.21 -17.96
CA LEU B 102 -9.07 6.00 -17.16
C LEU B 102 -9.94 6.02 -15.91
N ASN B 103 -10.03 7.17 -15.24
CA ASN B 103 -10.96 7.30 -14.13
C ASN B 103 -12.38 6.91 -14.52
N CYS B 104 -12.86 7.45 -15.64
CA CYS B 104 -14.27 7.27 -15.97
C CYS B 104 -14.58 5.83 -16.36
N VAL B 105 -13.76 5.21 -17.20
CA VAL B 105 -14.14 3.89 -17.68
C VAL B 105 -14.04 2.85 -16.56
N THR B 106 -13.12 3.03 -15.62
CA THR B 106 -13.10 2.10 -14.49
C THR B 106 -14.15 2.45 -13.44
N PHE B 107 -14.67 3.68 -13.43
CA PHE B 107 -15.88 3.95 -12.65
C PHE B 107 -17.06 3.13 -13.19
N VAL B 108 -17.19 3.06 -14.52
CA VAL B 108 -18.22 2.20 -15.12
C VAL B 108 -18.05 0.77 -14.65
N TRP B 109 -16.83 0.27 -14.68
CA TRP B 109 -16.53 -1.08 -14.21
C TRP B 109 -16.95 -1.27 -12.76
N ASP B 110 -16.69 -0.26 -11.92
CA ASP B 110 -17.07 -0.28 -10.51
C ASP B 110 -18.57 -0.42 -10.33
N ASP B 111 -19.37 0.18 -11.21
CA ASP B 111 -20.82 0.19 -11.10
C ASP B 111 -21.46 -1.03 -11.75
N MET B 112 -20.70 -1.79 -12.55
CA MET B 112 -21.26 -2.87 -13.32
C MET B 112 -21.42 -4.14 -12.51
N ASP B 113 -22.55 -4.81 -12.73
CA ASP B 113 -22.68 -6.20 -12.35
C ASP B 113 -21.50 -7.00 -12.90
N PRO B 114 -20.90 -7.88 -12.11
CA PRO B 114 -19.66 -8.56 -12.55
C PRO B 114 -19.84 -9.44 -13.78
N ALA B 115 -21.08 -9.67 -14.22
CA ALA B 115 -21.30 -10.44 -15.43
C ALA B 115 -20.90 -9.69 -16.70
N LEU B 116 -20.91 -8.36 -16.67
CA LEU B 116 -20.48 -7.57 -17.83
C LEU B 116 -18.97 -7.44 -17.93
N HIS B 117 -18.21 -7.92 -16.94
CA HIS B 117 -16.77 -7.69 -16.86
C HIS B 117 -16.01 -8.55 -17.86
N ASP B 118 -15.91 -8.10 -19.12
CA ASP B 118 -15.17 -8.83 -20.16
C ASP B 118 -13.70 -8.41 -20.11
N PHE B 119 -12.88 -9.18 -19.40
CA PHE B 119 -11.45 -8.88 -19.34
C PHE B 119 -10.82 -8.92 -20.73
N GLY B 120 -11.20 -9.89 -21.54
CA GLY B 120 -10.58 -10.04 -22.86
C GLY B 120 -10.85 -8.87 -23.78
N LEU B 121 -11.97 -8.19 -23.57
CA LEU B 121 -12.31 -7.06 -24.45
C LEU B 121 -11.91 -5.73 -23.84
N PHE B 122 -11.96 -5.61 -22.51
CA PHE B 122 -11.72 -4.32 -21.88
C PHE B 122 -10.25 -4.04 -21.59
N LEU B 123 -9.45 -5.04 -21.18
CA LEU B 123 -8.03 -4.78 -21.00
C LEU B 123 -7.36 -4.18 -22.23
N PRO B 124 -7.60 -4.65 -23.46
CA PRO B 124 -6.98 -4.00 -24.63
C PRO B 124 -7.32 -2.52 -24.78
N GLN B 125 -8.55 -2.10 -24.44
CA GLN B 125 -8.91 -0.69 -24.50
C GLN B 125 -8.13 0.13 -23.48
N LEU B 126 -8.03 -0.37 -22.25
CA LEU B 126 -7.22 0.30 -21.24
C LEU B 126 -5.78 0.45 -21.71
N ARG B 127 -5.21 -0.62 -22.26
CA ARG B 127 -3.85 -0.56 -22.76
C ARG B 127 -3.69 0.51 -23.83
N LYS B 128 -4.67 0.61 -24.76
CA LYS B 128 -4.60 1.57 -25.86
C LYS B 128 -4.71 3.01 -25.35
N ILE B 129 -5.55 3.24 -24.33
CA ILE B 129 -5.64 4.57 -23.74
C ILE B 129 -4.27 4.98 -23.21
N CYS B 130 -3.61 4.06 -22.50
CA CYS B 130 -2.32 4.37 -21.90
C CYS B 130 -1.25 4.60 -22.96
N GLU B 131 -1.31 3.83 -24.05
CA GLU B 131 -0.36 4.00 -25.14
C GLU B 131 -0.43 5.38 -25.77
N LYS B 132 -1.64 5.90 -25.95
CA LYS B 132 -1.82 7.24 -26.52
C LYS B 132 -1.14 8.32 -25.68
N TYR B 133 -1.61 8.51 -24.44
CA TYR B 133 -1.29 9.71 -23.70
C TYR B 133 0.02 9.64 -22.91
N TYR B 134 0.58 8.45 -22.70
CA TYR B 134 1.71 8.32 -21.80
C TYR B 134 3.00 8.01 -22.53
N GLY B 135 4.09 8.58 -21.99
CA GLY B 135 5.43 8.20 -22.37
C GLY B 135 5.61 6.72 -22.18
N PRO B 136 6.30 6.11 -23.13
CA PRO B 136 6.33 4.63 -23.20
C PRO B 136 6.55 3.90 -21.87
N GLU B 137 7.41 4.39 -20.96
CA GLU B 137 7.53 3.72 -19.65
C GLU B 137 6.31 3.98 -18.77
N ASP B 138 5.92 5.25 -18.59
CA ASP B 138 4.78 5.59 -17.73
C ASP B 138 3.50 4.88 -18.16
N ALA B 139 3.41 4.52 -19.44
CA ALA B 139 2.24 3.78 -19.90
C ALA B 139 2.21 2.39 -19.32
N GLU B 140 3.36 1.73 -19.21
CA GLU B 140 3.33 0.40 -18.61
C GLU B 140 2.93 0.50 -17.13
N VAL B 141 3.27 1.60 -16.46
CA VAL B 141 2.84 1.78 -15.08
C VAL B 141 1.34 2.03 -15.00
N ALA B 142 0.84 3.00 -15.78
CA ALA B 142 -0.59 3.33 -15.72
C ALA B 142 -1.43 2.14 -16.12
N TYR B 143 -1.00 1.40 -17.15
CA TYR B 143 -1.74 0.20 -17.54
C TYR B 143 -1.77 -0.85 -16.42
N GLU B 144 -0.63 -1.18 -15.84
CA GLU B 144 -0.63 -2.17 -14.76
C GLU B 144 -1.54 -1.73 -13.61
N ALA B 145 -1.50 -0.46 -13.26
CA ALA B 145 -2.35 0.01 -12.17
C ALA B 145 -3.83 -0.12 -12.53
N ALA B 146 -4.21 0.19 -13.78
CA ALA B 146 -5.61 0.07 -14.16
C ALA B 146 -6.03 -1.40 -14.19
N ARG B 147 -5.21 -2.26 -14.78
CA ARG B 147 -5.44 -3.70 -14.77
C ARG B 147 -5.61 -4.21 -13.34
N ALA B 148 -4.69 -3.83 -12.45
CA ALA B 148 -4.79 -4.33 -11.07
C ALA B 148 -6.10 -3.84 -10.42
N PHE B 149 -6.49 -2.58 -10.67
CA PHE B 149 -7.73 -2.13 -10.06
C PHE B 149 -8.93 -2.91 -10.57
N VAL B 150 -9.08 -3.05 -11.89
CA VAL B 150 -10.29 -3.71 -12.37
C VAL B 150 -10.28 -5.19 -11.99
N THR B 151 -9.10 -5.81 -11.93
CA THR B 151 -9.00 -7.17 -11.45
C THR B 151 -9.38 -7.28 -9.97
N SER B 152 -8.96 -6.29 -9.16
CA SER B 152 -9.33 -6.24 -7.75
C SER B 152 -10.83 -6.07 -7.57
N ASP B 153 -11.43 -5.07 -8.23
CA ASP B 153 -12.85 -4.85 -8.04
C ASP B 153 -13.64 -6.10 -8.39
N HIS B 154 -13.21 -6.82 -9.43
CA HIS B 154 -13.90 -8.04 -9.85
C HIS B 154 -13.73 -9.16 -8.84
N MET B 155 -12.47 -9.48 -8.48
CA MET B 155 -12.26 -10.68 -7.68
C MET B 155 -12.89 -10.57 -6.30
N PHE B 156 -12.97 -9.36 -5.74
CA PHE B 156 -13.48 -9.24 -4.39
C PHE B 156 -15.01 -9.09 -4.34
N ARG B 157 -15.70 -9.10 -5.47
CA ARG B 157 -17.17 -9.04 -5.44
C ARG B 157 -17.73 -10.18 -4.61
N ASP B 158 -17.28 -11.39 -4.91
CA ASP B 158 -17.54 -12.53 -4.08
C ASP B 158 -16.27 -12.99 -3.41
N SER B 159 -16.06 -12.53 -2.19
CA SER B 159 -14.89 -12.79 -1.38
C SER B 159 -15.23 -12.76 0.10
N PRO B 160 -14.83 -13.81 0.80
CA PRO B 160 -14.76 -13.71 2.25
C PRO B 160 -13.64 -12.78 2.70
N ILE B 161 -12.63 -12.58 1.86
CA ILE B 161 -11.55 -11.65 2.23
C ILE B 161 -12.12 -10.25 2.42
N LYS B 162 -12.86 -9.76 1.43
CA LYS B 162 -13.50 -8.46 1.61
C LYS B 162 -14.34 -8.42 2.88
N ALA B 163 -15.13 -9.47 3.10
CA ALA B 163 -15.90 -9.58 4.33
C ALA B 163 -15.02 -9.44 5.56
N ALA B 164 -13.87 -10.13 5.60
CA ALA B 164 -13.02 -10.04 6.78
C ALA B 164 -12.44 -8.65 6.96
N LEU B 165 -11.91 -8.05 5.88
CA LEU B 165 -11.26 -6.75 6.04
C LEU B 165 -12.28 -5.66 6.34
N CYS B 166 -13.47 -5.74 5.77
CA CYS B 166 -14.46 -4.68 5.92
C CYS B 166 -15.28 -4.78 7.20
N THR B 167 -15.13 -5.87 7.97
CA THR B 167 -15.92 -6.06 9.19
C THR B 167 -15.08 -6.06 10.47
N THR B 168 -13.75 -6.07 10.40
CA THR B 168 -12.93 -6.29 11.59
C THR B 168 -12.61 -5.01 12.35
N SER B 169 -12.05 -4.01 11.68
CA SER B 169 -11.63 -2.77 12.33
C SER B 169 -11.45 -1.70 11.27
N PRO B 170 -11.30 -0.43 11.66
CA PRO B 170 -11.00 0.59 10.65
C PRO B 170 -9.68 0.34 9.94
N GLU B 171 -8.66 -0.14 10.65
CA GLU B 171 -7.35 -0.30 10.02
C GLU B 171 -7.33 -1.46 9.02
N GLN B 172 -8.08 -2.54 9.25
CA GLN B 172 -8.16 -3.57 8.21
C GLN B 172 -8.90 -3.01 6.99
N TYR B 173 -9.97 -2.27 7.23
CA TYR B 173 -10.78 -1.72 6.16
C TYR B 173 -9.98 -0.76 5.28
N PHE B 174 -9.31 0.21 5.89
CA PHE B 174 -8.59 1.19 5.07
C PHE B 174 -7.45 0.54 4.33
N ARG B 175 -6.88 -0.52 4.89
CA ARG B 175 -5.89 -1.31 4.17
C ARG B 175 -6.46 -1.86 2.86
N PHE B 176 -7.69 -2.37 2.90
CA PHE B 176 -8.35 -2.81 1.67
C PHE B 176 -8.53 -1.65 0.69
N ARG B 177 -8.85 -0.47 1.21
CA ARG B 177 -9.26 0.62 0.34
C ARG B 177 -8.08 1.30 -0.34
N VAL B 178 -6.85 1.10 0.14
CA VAL B 178 -5.71 1.66 -0.60
C VAL B 178 -5.80 1.29 -2.07
N THR B 179 -6.19 0.05 -2.36
CA THR B 179 -6.43 -0.39 -3.73
C THR B 179 -7.87 -0.16 -4.17
N ASP B 180 -8.83 -0.54 -3.33
CA ASP B 180 -10.19 -0.66 -3.81
C ASP B 180 -10.84 0.70 -4.08
N ILE B 181 -10.46 1.75 -3.36
CA ILE B 181 -10.99 3.06 -3.75
C ILE B 181 -10.24 3.65 -4.93
N GLY B 182 -9.31 2.91 -5.53
CA GLY B 182 -8.66 3.37 -6.74
C GLY B 182 -7.57 4.41 -6.56
N VAL B 183 -7.22 4.75 -5.31
CA VAL B 183 -6.26 5.86 -5.15
C VAL B 183 -4.84 5.45 -5.53
N ASP B 184 -4.44 4.19 -5.28
CA ASP B 184 -3.12 3.79 -5.77
C ASP B 184 -3.07 3.90 -7.29
N PHE B 185 -4.11 3.43 -7.96
CA PHE B 185 -4.23 3.55 -9.41
C PHE B 185 -4.17 5.02 -9.83
N TRP B 186 -4.94 5.86 -9.14
CA TRP B 186 -4.94 7.31 -9.38
C TRP B 186 -3.54 7.88 -9.35
N MET B 187 -2.78 7.59 -8.30
CA MET B 187 -1.43 8.16 -8.19
C MET B 187 -0.54 7.68 -9.33
N LYS B 188 -0.63 6.38 -9.67
CA LYS B 188 0.28 5.81 -10.65
C LYS B 188 -0.09 6.24 -12.08
N MET B 189 -1.28 6.79 -12.30
CA MET B 189 -1.59 7.35 -13.60
C MET B 189 -1.53 8.88 -13.62
N SER B 190 -1.46 9.53 -12.45
CA SER B 190 -1.42 10.98 -12.36
C SER B 190 -0.01 11.56 -12.30
N TYR B 191 1.01 10.80 -11.89
CA TYR B 191 2.34 11.40 -11.81
C TYR B 191 2.85 11.94 -13.14
N PRO B 192 2.54 11.36 -14.31
CA PRO B 192 2.99 12.02 -15.56
C PRO B 192 2.34 13.38 -15.78
N ILE B 193 1.29 13.73 -15.04
CA ILE B 193 0.70 15.06 -15.16
C ILE B 193 1.69 16.12 -14.69
N TYR B 194 2.39 15.84 -13.59
CA TYR B 194 3.21 16.79 -12.85
C TYR B 194 4.69 16.71 -13.18
N ARG B 195 5.19 15.55 -13.59
CA ARG B 195 6.60 15.35 -13.96
C ARG B 195 7.53 15.88 -12.86
N HIS B 196 7.16 15.57 -11.63
CA HIS B 196 7.91 15.99 -10.46
C HIS B 196 8.49 14.74 -9.80
N PRO B 197 9.82 14.56 -9.79
CA PRO B 197 10.37 13.25 -9.39
C PRO B 197 10.03 12.80 -7.97
N GLU B 198 9.94 13.72 -7.01
CA GLU B 198 9.56 13.36 -5.65
C GLU B 198 8.15 12.76 -5.61
N PHE B 199 7.19 13.39 -6.31
CA PHE B 199 5.84 12.84 -6.34
C PHE B 199 5.82 11.53 -7.10
N THR B 200 6.58 11.44 -8.19
CA THR B 200 6.66 10.22 -8.96
C THR B 200 7.12 9.05 -8.09
N GLU B 201 8.11 9.25 -7.22
CA GLU B 201 8.54 8.12 -6.39
C GLU B 201 7.53 7.82 -5.28
N HIS B 202 6.90 8.86 -4.71
CA HIS B 202 5.85 8.58 -3.74
C HIS B 202 4.69 7.84 -4.38
N ALA B 203 4.40 8.15 -5.65
CA ALA B 203 3.38 7.40 -6.37
C ALA B 203 3.81 5.95 -6.57
N LYS B 204 5.05 5.74 -7.00
CA LYS B 204 5.49 4.39 -7.33
C LYS B 204 5.66 3.50 -6.10
N THR B 205 6.01 4.08 -4.94
CA THR B 205 6.06 3.29 -3.71
C THR B 205 4.69 3.05 -3.11
N SER B 206 3.66 3.76 -3.59
CA SER B 206 2.31 3.77 -3.03
C SER B 206 2.22 4.53 -1.70
N LEU B 207 3.31 5.12 -1.22
CA LEU B 207 3.19 5.97 -0.04
C LEU B 207 2.20 7.12 -0.30
N ALA B 208 2.18 7.63 -1.53
CA ALA B 208 1.22 8.66 -1.89
C ALA B 208 -0.20 8.17 -1.64
N ALA B 209 -0.53 6.97 -2.14
CA ALA B 209 -1.84 6.40 -1.92
C ALA B 209 -2.10 6.16 -0.44
N ARG B 210 -1.11 5.64 0.28
CA ARG B 210 -1.34 5.34 1.69
C ARG B 210 -1.60 6.62 2.50
N MET B 211 -1.02 7.75 2.09
CA MET B 211 -1.25 8.99 2.83
C MET B 211 -2.67 9.53 2.62
N THR B 212 -3.27 9.26 1.47
CA THR B 212 -4.52 9.93 1.08
C THR B 212 -5.74 9.02 1.20
N THR B 213 -5.54 7.72 1.46
CA THR B 213 -6.64 6.77 1.45
C THR B 213 -7.74 7.13 2.44
N ARG B 214 -7.39 7.47 3.68
CA ARG B 214 -8.45 7.68 4.66
C ARG B 214 -9.25 8.94 4.34
N GLY B 215 -8.57 10.01 3.93
CA GLY B 215 -9.28 11.24 3.61
C GLY B 215 -10.26 11.06 2.47
N LEU B 216 -9.86 10.32 1.44
CA LEU B 216 -10.77 10.02 0.33
C LEU B 216 -11.90 9.12 0.79
N THR B 217 -11.55 8.05 1.50
CA THR B 217 -12.51 7.00 1.77
C THR B 217 -13.57 7.43 2.77
N ILE B 218 -13.17 8.11 3.84
CA ILE B 218 -14.13 8.51 4.85
C ILE B 218 -15.19 9.42 4.22
N VAL B 219 -14.76 10.35 3.38
CA VAL B 219 -15.71 11.21 2.69
C VAL B 219 -16.57 10.42 1.72
N ASN B 220 -15.94 9.58 0.87
CA ASN B 220 -16.75 8.79 -0.06
C ASN B 220 -17.75 7.91 0.69
N ASP B 221 -17.30 7.26 1.77
CA ASP B 221 -18.17 6.35 2.49
C ASP B 221 -19.37 7.08 3.08
N PHE B 222 -19.16 8.26 3.65
CA PHE B 222 -20.28 8.95 4.28
C PHE B 222 -21.37 9.23 3.27
N TYR B 223 -20.98 9.74 2.11
CA TYR B 223 -21.97 10.19 1.13
C TYR B 223 -22.46 9.08 0.21
N SER B 224 -21.81 7.90 0.19
CA SER B 224 -22.34 6.80 -0.63
C SER B 224 -22.95 5.70 0.24
N TYR B 225 -23.01 5.90 1.55
CA TYR B 225 -23.56 4.91 2.48
C TYR B 225 -24.97 4.47 2.08
N ASP B 226 -25.88 5.43 1.84
CA ASP B 226 -27.26 5.05 1.60
C ASP B 226 -27.39 4.17 0.37
N ARG B 227 -26.70 4.52 -0.71
CA ARG B 227 -26.74 3.70 -1.92
C ARG B 227 -26.15 2.32 -1.65
N GLU B 228 -24.98 2.29 -1.02
CA GLU B 228 -24.28 1.02 -0.86
C GLU B 228 -25.07 0.06 0.03
N VAL B 229 -25.68 0.55 1.10
CA VAL B 229 -26.40 -0.39 1.95
C VAL B 229 -27.72 -0.82 1.30
N SER B 230 -28.31 0.02 0.44
CA SER B 230 -29.49 -0.43 -0.29
C SER B 230 -29.13 -1.48 -1.34
N LEU B 231 -27.86 -1.57 -1.73
CA LEU B 231 -27.41 -2.53 -2.72
C LEU B 231 -26.70 -3.75 -2.10
N GLY B 232 -26.64 -3.83 -0.77
CA GLY B 232 -25.93 -4.92 -0.12
C GLY B 232 -24.42 -4.86 -0.27
N GLN B 233 -23.86 -3.68 -0.54
CA GLN B 233 -22.42 -3.55 -0.65
C GLN B 233 -21.83 -3.26 0.72
N ILE B 234 -20.77 -3.99 1.10
CA ILE B 234 -20.25 -3.91 2.46
C ILE B 234 -19.03 -3.02 2.57
N THR B 235 -18.52 -2.50 1.46
CA THR B 235 -17.26 -1.75 1.49
C THR B 235 -17.54 -0.29 1.88
N ASN B 236 -17.69 -0.07 3.20
CA ASN B 236 -18.04 1.25 3.73
C ASN B 236 -17.77 1.28 5.23
N CYS B 237 -16.93 2.20 5.70
CA CYS B 237 -16.52 2.13 7.10
C CYS B 237 -17.66 2.41 8.06
N PHE B 238 -18.69 3.16 7.64
CA PHE B 238 -19.76 3.40 8.60
C PHE B 238 -20.61 2.17 8.87
N ARG B 239 -20.43 1.07 8.12
CA ARG B 239 -21.03 -0.20 8.53
C ARG B 239 -20.36 -0.76 9.78
N LEU B 240 -19.22 -0.22 10.18
CA LEU B 240 -18.56 -0.65 11.40
C LEU B 240 -19.22 -0.13 12.67
N CYS B 241 -19.85 1.04 12.63
CA CYS B 241 -20.54 1.54 13.81
C CYS B 241 -22.02 1.31 13.64
N ASP B 242 -22.77 1.60 14.70
CA ASP B 242 -24.22 1.52 14.70
C ASP B 242 -24.74 2.91 14.33
N VAL B 243 -24.97 3.14 13.04
CA VAL B 243 -25.42 4.47 12.64
C VAL B 243 -26.81 4.80 13.17
N SER B 244 -27.60 3.79 13.57
CA SER B 244 -28.91 4.09 14.16
C SER B 244 -28.81 4.61 15.58
N ASP B 245 -27.61 4.65 16.16
CA ASP B 245 -27.42 5.09 17.53
C ASP B 245 -26.60 6.37 17.49
N GLU B 246 -27.22 7.46 17.94
CA GLU B 246 -26.65 8.78 17.74
C GLU B 246 -25.26 8.92 18.33
N THR B 247 -25.14 8.65 19.63
CA THR B 247 -23.86 8.90 20.30
C THR B 247 -22.79 7.95 19.78
N ALA B 248 -23.16 6.73 19.41
CA ALA B 248 -22.18 5.82 18.82
C ALA B 248 -21.73 6.36 17.46
N PHE B 249 -22.66 6.87 16.66
CA PHE B 249 -22.27 7.41 15.35
C PHE B 249 -21.34 8.59 15.51
N LYS B 250 -21.68 9.54 16.39
CA LYS B 250 -20.84 10.74 16.48
C LYS B 250 -19.47 10.41 17.06
N GLU B 251 -19.38 9.41 17.95
CA GLU B 251 -18.07 8.91 18.41
C GLU B 251 -17.24 8.40 17.24
N PHE B 252 -17.84 7.53 16.43
CA PHE B 252 -17.14 6.96 15.29
C PHE B 252 -16.74 8.04 14.31
N PHE B 253 -17.68 8.95 14.02
CA PHE B 253 -17.40 10.01 13.06
C PHE B 253 -16.24 10.88 13.55
N GLN B 254 -16.23 11.21 14.84
CA GLN B 254 -15.12 11.98 15.40
C GLN B 254 -13.79 11.23 15.27
N ALA B 255 -13.79 9.94 15.56
CA ALA B 255 -12.56 9.16 15.36
C ALA B 255 -12.09 9.25 13.90
N ARG B 256 -13.03 9.22 12.96
CA ARG B 256 -12.67 9.32 11.55
C ARG B 256 -12.14 10.71 11.19
N LEU B 257 -12.77 11.77 11.74
CA LEU B 257 -12.21 13.11 11.56
C LEU B 257 -10.77 13.18 12.08
N ASP B 258 -10.54 12.62 13.27
CA ASP B 258 -9.19 12.60 13.84
C ASP B 258 -8.21 11.92 12.90
N ASP B 259 -8.64 10.81 12.27
CA ASP B 259 -7.81 10.14 11.26
C ASP B 259 -7.43 11.11 10.14
N MET B 260 -8.43 11.80 9.60
CA MET B 260 -8.18 12.72 8.51
C MET B 260 -7.20 13.80 8.91
N ILE B 261 -7.38 14.35 10.10
CA ILE B 261 -6.52 15.43 10.56
C ILE B 261 -5.08 14.95 10.70
N GLU B 262 -4.88 13.80 11.34
CA GLU B 262 -3.52 13.35 11.53
C GLU B 262 -2.83 13.09 10.19
N ASP B 263 -3.57 12.51 9.22
CA ASP B 263 -3.00 12.33 7.89
C ASP B 263 -2.60 13.68 7.27
N ILE B 264 -3.48 14.67 7.41
CA ILE B 264 -3.25 15.94 6.74
C ILE B 264 -2.03 16.65 7.30
N GLU B 265 -1.87 16.67 8.63
CA GLU B 265 -0.70 17.35 9.17
C GLU B 265 0.59 16.59 8.86
N CYS B 266 0.55 15.26 8.79
CA CYS B 266 1.70 14.51 8.29
C CYS B 266 1.98 14.82 6.83
N ILE B 267 0.95 14.94 5.99
CA ILE B 267 1.15 15.33 4.60
C ILE B 267 1.92 16.66 4.49
N LYS B 268 1.81 17.53 5.49
CA LYS B 268 2.54 18.81 5.44
C LYS B 268 4.05 18.66 5.60
N ALA B 269 4.55 17.47 5.98
CA ALA B 269 5.99 17.23 5.96
C ALA B 269 6.53 16.93 4.57
N PHE B 270 5.68 16.58 3.61
CA PHE B 270 6.16 16.34 2.26
C PHE B 270 6.56 17.69 1.64
N ASP B 271 7.29 17.64 0.52
CA ASP B 271 7.69 18.89 -0.09
C ASP B 271 6.44 19.60 -0.62
N GLN B 272 6.59 20.91 -0.83
CA GLN B 272 5.42 21.76 -0.98
C GLN B 272 4.60 21.38 -2.21
N LEU B 273 5.23 20.90 -3.28
CA LEU B 273 4.46 20.52 -4.47
C LEU B 273 3.71 19.21 -4.21
N THR B 274 4.36 18.28 -3.53
CA THR B 274 3.72 17.00 -3.24
C THR B 274 2.49 17.20 -2.34
N GLN B 275 2.63 17.95 -1.25
CA GLN B 275 1.49 18.13 -0.36
C GLN B 275 0.35 18.87 -1.06
N ASP B 276 0.68 19.80 -1.94
CA ASP B 276 -0.38 20.48 -2.70
C ASP B 276 -1.18 19.46 -3.48
N VAL B 277 -0.50 18.53 -4.16
CA VAL B 277 -1.21 17.48 -4.88
C VAL B 277 -2.05 16.65 -3.92
N PHE B 278 -1.45 16.20 -2.81
CA PHE B 278 -2.15 15.35 -1.87
C PHE B 278 -3.40 16.04 -1.30
N LEU B 279 -3.24 17.28 -0.83
CA LEU B 279 -4.33 17.94 -0.13
C LEU B 279 -5.44 18.34 -1.09
N ASP B 280 -5.11 18.70 -2.33
CA ASP B 280 -6.15 19.04 -3.29
C ASP B 280 -6.90 17.80 -3.73
N LEU B 281 -6.25 16.64 -3.69
CA LEU B 281 -6.95 15.39 -3.94
C LEU B 281 -8.01 15.14 -2.86
N ILE B 282 -7.61 15.25 -1.59
CA ILE B 282 -8.55 15.00 -0.50
C ILE B 282 -9.65 16.06 -0.48
N TYR B 283 -9.25 17.32 -0.56
CA TYR B 283 -10.25 18.38 -0.44
C TYR B 283 -11.10 18.47 -1.71
N GLY B 284 -10.50 18.35 -2.88
CA GLY B 284 -11.27 18.33 -4.10
C GLY B 284 -12.28 17.19 -4.15
N ASN B 285 -11.88 16.01 -3.66
CA ASN B 285 -12.84 14.92 -3.64
C ASN B 285 -14.06 15.27 -2.80
N PHE B 286 -13.85 16.00 -1.71
CA PHE B 286 -14.97 16.39 -0.86
C PHE B 286 -15.87 17.41 -1.58
N VAL B 287 -15.27 18.37 -2.26
CA VAL B 287 -16.08 19.34 -3.00
C VAL B 287 -16.88 18.66 -4.10
N TRP B 288 -16.22 17.81 -4.88
CA TRP B 288 -16.89 17.07 -5.95
C TRP B 288 -17.99 16.19 -5.38
N THR B 289 -17.69 15.45 -4.30
CA THR B 289 -18.64 14.50 -3.74
C THR B 289 -19.93 15.18 -3.30
N THR B 290 -19.81 16.36 -2.69
CA THR B 290 -20.98 17.04 -2.16
C THR B 290 -21.73 17.78 -3.26
N SER B 291 -21.11 17.93 -4.44
CA SER B 291 -21.68 18.64 -5.57
C SER B 291 -22.45 17.73 -6.51
N ASN B 292 -22.47 16.43 -6.29
CA ASN B 292 -22.75 15.51 -7.38
C ASN B 292 -23.97 14.64 -7.12
N LYS B 293 -24.85 14.57 -8.13
CA LYS B 293 -26.07 13.75 -8.06
C LYS B 293 -25.75 12.31 -7.70
N ARG B 294 -24.56 11.83 -8.08
CA ARG B 294 -24.15 10.48 -7.71
C ARG B 294 -24.25 10.24 -6.22
N TYR B 295 -23.97 11.25 -5.40
CA TYR B 295 -23.87 11.06 -3.97
C TYR B 295 -25.05 11.66 -3.21
N LYS B 296 -25.96 12.35 -3.88
CA LYS B 296 -27.19 12.82 -3.24
C LYS B 296 -28.10 11.67 -2.86
N THR B 297 -29.17 11.50 -3.61
CA THR B 297 -30.00 10.30 -3.60
C THR B 297 -29.16 9.09 -3.95
N ALA B 298 -29.74 7.90 -3.74
CA ALA B 298 -28.95 6.67 -3.81
C ALA B 298 -29.34 5.83 -5.01
N VAL B 299 -30.58 5.93 -5.43
CA VAL B 299 -31.13 5.26 -6.59
C VAL B 299 -31.50 6.35 -7.59
N ASN B 300 -30.58 6.68 -8.48
CA ASN B 300 -30.88 7.71 -9.46
C ASN B 300 -30.25 7.32 -10.80
N ASP B 301 -30.30 8.26 -11.72
CA ASP B 301 -30.00 8.12 -13.14
C ASP B 301 -28.52 8.05 -13.44
N VAL B 302 -27.66 8.49 -12.52
CA VAL B 302 -26.23 8.49 -12.77
C VAL B 302 -25.48 7.41 -12.00
N ASN B 303 -26.00 6.96 -10.85
CA ASN B 303 -25.22 6.10 -9.96
C ASN B 303 -25.74 4.68 -9.89
N SER B 304 -26.69 4.28 -10.73
CA SER B 304 -27.33 3.01 -10.47
C SER B 304 -26.45 1.86 -10.92
N ARG B 305 -26.42 0.83 -10.06
CA ARG B 305 -25.94 -0.48 -10.45
C ARG B 305 -26.58 -0.84 -11.77
N ILE B 306 -27.90 -0.71 -11.80
CA ILE B 306 -28.78 -1.47 -12.67
C ILE B 306 -28.41 -2.94 -12.47
N GLN B 307 -29.39 -3.74 -12.09
CA GLN B 307 -29.19 -5.17 -11.84
C GLN B 307 -28.58 -5.85 -13.06
N ALA B 308 -28.45 -7.18 -12.97
CA ALA B 308 -27.95 -7.95 -14.10
C ALA B 308 -28.75 -7.67 -15.39
#